data_7MUV
#
_entry.id   7MUV
#
_cell.length_a   1.00
_cell.length_b   1.00
_cell.length_c   1.00
_cell.angle_alpha   90.00
_cell.angle_beta   90.00
_cell.angle_gamma   90.00
#
_symmetry.space_group_name_H-M   'P 1'
#
loop_
_entity.id
_entity.type
_entity.pdbx_description
1 polymer 'IcmE protein'
2 polymer 'Type IV secretion protein IcmK'
3 polymer 'Inner membrane lipoprotein YiaD'
4 polymer 'Outer membrane protein, OmpA family protein'
5 polymer 'Neurogenic locus notch'
6 polymer 'Unknown protein fragment'
7 polymer 'Unknown protein fragment'
8 polymer DotD
9 polymer DotF
10 polymer DotC
11 polymer 'DUF2807 domain-containing protein'
#
loop_
_entity_poly.entity_id
_entity_poly.type
_entity_poly.pdbx_seq_one_letter_code
_entity_poly.pdbx_strand_id
1 'polypeptide(L)'
;MASKKENLKSLFSNTRTRVIIIFTAALLIIAVVIGFFKIRGATTGSIAAAEVSTVPGGIQSIPGVLDPTAQYAKLQEEQN
ITQAQVAEKTGGSAIPTIIRTQALGEGVGVIGSQSGVGFAALAQEELGGPQRSLWIQELQDGSCSKSVITKVVNQGAQLT
DLKAACSCVQLKDSGYGLQELEQVCECKELKSAGYNARQLKEAGYSAGRLRNCGFDACELRNAGFTAQEMKDGGFSDGEL
KGAGFSDAEIAKASGLPDGITADDVRKAGCGAAALAKLRQAGVSASAIRKISGCTAEQLKAAGYTAKELKDAGFSAADLR
RAGFSAAELKDAGFTARDLLNAGFTPADLAKAGFSDAQIKAAQAELPPGITPQDVKNAGCDVEALKKEREAGVSAALIRQ
YAGCSAQALKAAGFTDADLANAGFTPAQISAATPLSDAEIKAAGCDPDKLKKLFSAGVSAKRIKELNGCSAEALKAAGYD
AQSLLAAGFTPQELLAAGFTPKQLEDAGLNPVSIIADGRVADCSVESLKKARAAGVSALTIKQTLGCSAAALKAAGYTAK
ELKDAGFTAAELKAAGFSAKELKDAGFTAKELRDAGFSAQELKDVGFSAKDLKDAGFSAAELKAAGFTAAQLKAAGFSAK
DLKDAGFSAAELKAAGFSAKELKDAGFSASDLKNAGFSAKELKDAGFSASDLKSAGFSASELKNAGYSADELKKAGYTSA
ELRNAGFSPQESAVAGLQGPDLQQLDSSITGIPSIPGATPRPTTSDAASSAEQLQAILQKQNEQLAEQKYQQEIQQRTSD
MLTAATQLVQDWKQVETQVYTEGTEETKTSGGESAVPGTGTGTGSNNQPVDQGAVSAQNQAIIKTGDIMFAVLDTSVNSD
EPGPILATIVTGKLKGSKLIGSFNLPSNADKMVITFNTMSIPGAEKTISISAYAIDPNTARTALASRTNHHYLMRYGSLF
ASSFLQGFGNAFQSANTTITIGGTGGGNNITVANGVGRSTLENAVIGLATVGKAWSQQAQQLFNTPTTVEVYSGTGLGIL
FTQDVTTI
;
AG,Fg,Gg,BG,Hg,Bg,Ig,CG,Jg,Kg,DG,Lg,Mg,EG,VG,WG,XG,YG,ZG,FG,Cg,GG,Dg,HG,IG,JG,KG,LG,MG,NG,OG,PG,Ag,Eg
2 'polypeptide(L)'
;MMKKYDQLCKYCLVIGLTFSMSCSIYAADQSDDAQQALQQLRMLQQKLSQNPSPDAQSGAGDGGDNAASDSTQQPNQSGQ
ANAPAANQTATAGGDGQIISQDDAEVIDKKAFKDMTRNLYPLNPEQVVKLKQIYETSEYAKAATPGTPPKPTATSQFVNL
SPGSTPPVIRLSQGFVSSLVFLDSTGAPWPIAAYDLGDPSSFNIQWDKTSNTLMIQATKLYNYGNLAVRLRGLNTPVMLT
LIPGQKAVDYRVDLRVQGYGPNAKSMPTEEGIPPSANDLLLHVLEGVPPPGSRRLVVSGGDARAWLSNEKMYVRTNLTIL
SPGWLASMTSADGTHAYEMQKSPVLLVSWHGKVMQLKVEGL
;
EH,FH,GH,HH,IH,JH,AH,KH,LH,MH,VH,WH,XH,YH,ZH,BH,CH,DH
3 'polypeptide(L)'
;MRSLRTNYIYVLFKTTGLLFLLLLSACNRSGYIPENEVPKLPCRVDGACDATIIKMMTDLNKKGIKVASVGQNYLISIPA
SALFADQSPRLNWASYSLLNEIAAFLKQFRKIAITVTSYSSKYVSVKRERALTLARSRVVSEYLWSQGVDSRIIFTQGLG
SDKPITSYTLGGDRSPNARVEITFRRAVA
;
EK,FK,GK,HK,IK,JK,KK,LK,AK,MK,BK,CK,DK
4 'polypeptide(L)'
;MRNLMRCLIMIKSLIKGVDMSRKLAKTRILGYGLMICFLAGCFHPPYNNFQPDRRAVKRVGVDTGIGAVAGAIASGTASG
TLIGAAAGGTVGLVASIYRDSKRKIIRDLQKQDIQYVEYGDTRTLIIPTDKYFMFSSPRLNEICYPGLNNVIRLLNFYPQ
STIYVAGFTDNVGSRSHKRKLSQAQAETMMTFLWANGIAAKRLKAEGYGDKNAISDNAIIHGSAQNRRIEIQWFTSPAQP
PQPQMAYVK
;
EL,FL,GL,HL,IL,JL,KL,LL,ML,AL,BL,CL,DL
5 'polypeptide(L)'
;MLFLKIKTNQRTTMNILKPKAFLLASVFVLSISPAFAADGCCSKMGGINYCDSSAGRLVCNNGFYSTCYCTRHAVMDLQF
LMGCCLWHGGVYPQLNSSGLVVCNDGYVSEECSLQKPVEQISVY
;
EN,FN,GN,HN,IN,JN,KN,LN,MN,AN,BN,CN,DN
6 'polypeptide(L)' (UNK)(UNK)(UNK)(UNK)(UNK)(UNK)(UNK)(UNK)(UNK) EU,FU,GU,HU,IU,JU,KU,LU,MU,AU,BU,CU,DU
7 'polypeptide(L)'
;(UNK)(UNK)(UNK)(UNK)(UNK)(UNK)(UNK)(UNK)(UNK)(UNK)(UNK)(UNK)(UNK)(UNK)(UNK)(UNK)
(UNK)(UNK)(UNK)(UNK)(UNK)(UNK)(UNK)(UNK)(UNK)(UNK)(UNK)(UNK)(UNK)(UNK)(UNK)(UNK)
(UNK)(UNK)(UNK)(UNK)(UNK)(UNK)(UNK)(UNK)(UNK)(UNK)(UNK)(UNK)(UNK)(UNK)(UNK)(UNK)
;
EX,FX,GX,HX,IX,JX,KX,LX,MX,VX,WX,XX,YX,ZX,AX,BX,CX,DX
8 'polypeptide(L)'
;MNNNKIVIMFIFSALLAGCAGTMKFKKPPINNPSDDATIKLAEAAVSVSDSMLEMAKVEKVITPPSKDNTLTIPNAYNLQ
ARASVDWSGPIEELTARIAKAAHFRFRVLGKSPSVPVLISISTKDESLAEILRDIDYQAGKKASIHVYPNSQVVELRYAK
IYS
;
Ed,FD,Fd,GD,Gd,HD,Hd,ID,Id,JD,Jd,KD,Kd,LD,CD,Ld,MD,Md,Ad,BD,Bd,Cd,DD,Dd,AD,ED
9 'polypeptide(L)'
;MMAEHDQNNDEYKFAELDSYDMDQAGESDLDSEASYQSGKEGLTKKKDIKRNALIAIGAVVFIMVMYKIIGWMFFSDKSS
QVTSKPAIPPVTQVATPQPVQTIPTTTPIQQVQPTTIIEDDPDLKKKVSAIEMTQQSLRSEVNALSEQINAVNNNIKNLN
AQIVNLNQIIGNMSNQIARQSEVINVLMARTTPKKVVKVSRPIVQARIIYYIQAVIPGRAWLIGSNGSTLTVREGSKIPG
YGMVKLIDSLQGRILTSSGQVIKFSQEDS
;
Ef,FF,Ff,AF,GF,Gf,HF,Hf,IF,If,JF,Jf,KF,Kf,LF,Lf,MF,Mf,VF,CF,WF,XF,YF,ZF,Af,BF,Bf,Cf,DF,Df,EF
10 'polypeptide(L)'
;MRKFILSLSILLSALLVACSSRNHYGDTGSLAGLQAMADSKYTRAQKKQKMGKIREMALKETALSVGAQAGLAWRAKIID
EQLNKQARNLDAIYDFNSLVLEHNILPPVLLEGRNTLNLADAQSIRISDRTYKVAKQAHFITTPPTWRQYLWMDYVKPEA
PNVTLLPKTKAEKEIWCIYTERGWKNGIDQANTILEENIARIKEDFGGMILYRKLLAMNMVSPPYVSHTDLGVTGDGSEI
HIDDRVLRITALPELNVNSAEWRAAVAKDENALERFKNMEKLANQAKIVITNKSWQPIIAPVS
;
BC,CC,DC,EC,FC,GC,HC,IC,JC,KC,LC,MC,AC
11 'polypeptide(L)'
;MLKRCYLLILLMFVLASCAHHKPQTPPAEVKKQGTSSTRQFRQVSSFNQIVVQGRLNVNLHTGYNKPEVMLRGDPRDLVQ
VRTIVKQNTLYVSLGQGYPDYGAVTVDIKTKFLNRFRYEGAGVVTGNNLRTSYLDLYLANEGTTRLAGNIGLQKLEAVGN
GVTQINGVSSRNLQIVLKGDPKVLISGFVNLRQLDMYGKGTLSLYWIKSDTLTIRAKKAAKIQLAGIVNRLDVELWDFAQ
FKGKYLRAQRSFVKTHDKSVAEISAVNHQSSLATDASDIYYYNLSKTRADFMAFNGSVLDMREWGQSDLKDFDRYNKQFP
;
HM,IM,KM,LM,MM,AM,BM,EM,FM,GM,JM,CM,DM
#
# COMPACT_ATOMS: atom_id res chain seq x y z
N ILE A 862 20.00 -49.76 -41.36
CA ILE A 862 20.42 -48.53 -42.01
C ILE A 862 19.97 -48.53 -43.48
N ILE A 863 19.30 -47.45 -43.88
CA ILE A 863 18.81 -47.30 -45.24
C ILE A 863 19.18 -45.92 -45.75
N LYS A 864 19.75 -45.87 -46.95
CA LYS A 864 20.13 -44.60 -47.55
C LYS A 864 18.90 -43.75 -47.85
N THR A 865 19.07 -42.43 -47.78
CA THR A 865 17.96 -41.51 -47.97
C THR A 865 17.49 -41.53 -49.42
N GLY A 866 16.39 -42.22 -49.67
CA GLY A 866 15.74 -42.15 -50.96
C GLY A 866 16.14 -43.18 -52.01
N ASP A 867 16.37 -44.41 -51.59
CA ASP A 867 16.60 -45.50 -52.54
C ASP A 867 15.26 -46.11 -52.95
N ILE A 868 15.33 -47.18 -53.72
CA ILE A 868 14.16 -47.81 -54.33
C ILE A 868 14.03 -49.22 -53.79
N MET A 869 12.81 -49.60 -53.41
CA MET A 869 12.48 -50.96 -53.01
C MET A 869 11.25 -51.39 -53.81
N PHE A 870 11.01 -52.70 -53.85
CA PHE A 870 9.90 -53.25 -54.62
C PHE A 870 8.98 -54.06 -53.71
N ALA A 871 7.68 -53.91 -53.91
CA ALA A 871 6.70 -54.61 -53.09
C ALA A 871 5.47 -54.91 -53.95
N VAL A 872 4.46 -55.51 -53.31
CA VAL A 872 3.23 -55.90 -53.99
C VAL A 872 2.06 -55.35 -53.20
N LEU A 873 1.11 -54.73 -53.90
CA LEU A 873 -0.12 -54.25 -53.28
C LEU A 873 -1.23 -55.27 -53.50
N ASP A 874 -1.90 -55.63 -52.41
CA ASP A 874 -2.89 -56.70 -52.45
C ASP A 874 -4.29 -56.15 -52.28
N THR A 875 -4.49 -55.28 -51.30
CA THR A 875 -5.82 -54.75 -51.01
C THR A 875 -6.06 -53.51 -51.85
N SER A 876 -7.00 -53.61 -52.80
CA SER A 876 -7.38 -52.47 -53.61
C SER A 876 -8.46 -51.66 -52.89
N VAL A 877 -8.62 -50.40 -53.30
CA VAL A 877 -9.60 -49.51 -52.70
C VAL A 877 -9.89 -48.40 -53.69
N ASN A 878 -11.15 -47.95 -53.70
CA ASN A 878 -11.57 -46.79 -54.47
C ASN A 878 -10.99 -45.52 -53.83
N SER A 879 -10.78 -44.51 -54.67
CA SER A 879 -10.30 -43.22 -54.19
C SER A 879 -11.47 -42.42 -53.63
N ASP A 880 -12.23 -43.02 -52.72
CA ASP A 880 -13.41 -42.39 -52.16
C ASP A 880 -13.36 -42.26 -50.65
N GLU A 881 -12.90 -43.29 -49.94
CA GLU A 881 -12.90 -43.30 -48.48
C GLU A 881 -11.51 -43.66 -47.99
N PRO A 882 -10.83 -42.75 -47.29
CA PRO A 882 -9.52 -43.09 -46.72
C PRO A 882 -9.60 -44.26 -45.77
N GLY A 883 -8.58 -45.11 -45.82
CA GLY A 883 -8.48 -46.25 -44.95
C GLY A 883 -7.12 -46.90 -45.04
N PRO A 884 -6.80 -47.76 -44.07
CA PRO A 884 -5.51 -48.44 -44.08
C PRO A 884 -5.33 -49.34 -45.29
N ILE A 885 -4.18 -49.23 -45.95
CA ILE A 885 -3.81 -50.09 -47.06
C ILE A 885 -2.41 -50.63 -46.80
N LEU A 886 -2.24 -51.94 -46.93
CA LEU A 886 -0.99 -52.60 -46.59
C LEU A 886 -0.35 -53.20 -47.84
N ALA A 887 0.97 -53.14 -47.89
CA ALA A 887 1.78 -53.79 -48.91
C ALA A 887 2.85 -54.62 -48.22
N THR A 888 3.43 -55.56 -48.98
CA THR A 888 4.41 -56.49 -48.41
C THR A 888 5.70 -56.40 -49.22
N ILE A 889 6.79 -56.06 -48.55
CA ILE A 889 8.08 -56.01 -49.22
C ILE A 889 8.51 -57.43 -49.58
N VAL A 890 8.74 -57.67 -50.87
CA VAL A 890 9.07 -59.00 -51.35
C VAL A 890 10.55 -59.13 -51.70
N THR A 891 11.31 -58.05 -51.71
CA THR A 891 12.73 -58.11 -52.02
C THR A 891 13.55 -57.31 -51.02
N GLY A 892 14.84 -57.11 -51.32
CA GLY A 892 15.68 -56.30 -50.47
C GLY A 892 16.09 -57.01 -49.20
N LYS A 893 16.81 -56.28 -48.35
CA LYS A 893 17.27 -56.84 -47.09
C LYS A 893 16.12 -57.20 -46.16
N LEU A 894 15.12 -56.32 -46.06
CA LEU A 894 13.95 -56.60 -45.23
C LEU A 894 13.08 -57.64 -45.92
N LYS A 895 12.78 -58.72 -45.20
CA LYS A 895 11.95 -59.80 -45.71
C LYS A 895 10.81 -60.07 -44.74
N GLY A 896 9.63 -60.35 -45.29
CA GLY A 896 8.46 -60.51 -44.45
C GLY A 896 7.92 -59.21 -43.89
N SER A 897 8.54 -58.09 -44.24
CA SER A 897 8.10 -56.80 -43.72
C SER A 897 6.88 -56.32 -44.48
N LYS A 898 5.99 -55.63 -43.76
CA LYS A 898 4.79 -55.06 -44.36
C LYS A 898 4.71 -53.58 -44.04
N LEU A 899 3.76 -52.90 -44.69
CA LEU A 899 3.70 -51.45 -44.62
C LEU A 899 2.24 -51.00 -44.74
N ILE A 900 1.76 -50.29 -43.73
CA ILE A 900 0.42 -49.69 -43.73
C ILE A 900 0.56 -48.22 -44.10
N GLY A 901 -0.43 -47.73 -44.84
CA GLY A 901 -0.51 -46.32 -45.18
C GLY A 901 -1.89 -45.94 -45.65
N SER A 902 -2.02 -44.77 -46.27
CA SER A 902 -3.30 -44.29 -46.74
C SER A 902 -3.10 -43.65 -48.11
N PHE A 903 -4.10 -42.93 -48.59
CA PHE A 903 -4.03 -42.22 -49.86
C PHE A 903 -4.47 -40.77 -49.67
N ASN A 904 -4.37 -40.01 -50.77
CA ASN A 904 -4.87 -38.66 -50.83
C ASN A 904 -5.76 -38.52 -52.06
N LEU A 905 -6.39 -37.37 -52.19
CA LEU A 905 -7.17 -37.10 -53.38
C LEU A 905 -6.66 -35.84 -54.06
N PRO A 906 -6.32 -35.91 -55.34
CA PRO A 906 -5.87 -34.72 -56.06
C PRO A 906 -7.04 -33.90 -56.60
N SER A 907 -6.73 -32.64 -56.92
CA SER A 907 -7.74 -31.76 -57.51
C SER A 907 -8.14 -32.23 -58.90
N ASN A 908 -7.22 -32.85 -59.63
CA ASN A 908 -7.49 -33.40 -60.95
C ASN A 908 -7.21 -34.90 -60.95
N ALA A 909 -8.01 -35.65 -61.70
CA ALA A 909 -7.93 -37.10 -61.71
C ALA A 909 -6.90 -37.62 -62.69
N ASP A 910 -5.91 -36.81 -63.04
CA ASP A 910 -4.85 -37.20 -63.96
C ASP A 910 -3.79 -38.07 -63.30
N LYS A 911 -3.81 -38.19 -61.98
CA LYS A 911 -2.82 -38.99 -61.28
C LYS A 911 -3.39 -39.39 -59.93
N MET A 912 -2.72 -40.34 -59.29
CA MET A 912 -3.12 -40.81 -57.96
C MET A 912 -1.89 -41.36 -57.26
N VAL A 913 -1.73 -41.00 -55.98
CA VAL A 913 -0.56 -41.39 -55.21
C VAL A 913 -1.01 -41.96 -53.87
N ILE A 914 -0.11 -42.71 -53.24
CA ILE A 914 -0.39 -43.45 -52.02
C ILE A 914 0.61 -43.04 -50.96
N THR A 915 0.12 -42.78 -49.75
CA THR A 915 0.97 -42.44 -48.62
C THR A 915 1.22 -43.69 -47.79
N PHE A 916 2.49 -43.98 -47.52
CA PHE A 916 2.89 -45.15 -46.74
C PHE A 916 3.80 -44.70 -45.61
N ASN A 917 3.38 -44.95 -44.38
CA ASN A 917 4.12 -44.43 -43.24
C ASN A 917 4.46 -45.48 -42.20
N THR A 918 3.59 -46.44 -41.95
CA THR A 918 3.76 -47.34 -40.79
C THR A 918 4.37 -48.66 -41.26
N MET A 919 5.67 -48.79 -41.11
CA MET A 919 6.39 -49.98 -41.54
C MET A 919 6.49 -50.95 -40.35
N SER A 920 6.05 -52.18 -40.55
CA SER A 920 6.13 -53.23 -39.56
C SER A 920 7.12 -54.29 -40.03
N ILE A 921 8.15 -54.53 -39.23
CA ILE A 921 9.22 -55.47 -39.54
C ILE A 921 9.15 -56.62 -38.55
N PRO A 922 9.26 -57.87 -38.99
CA PRO A 922 9.30 -58.98 -38.03
C PRO A 922 10.64 -59.06 -37.32
N GLY A 923 10.81 -60.07 -36.46
CA GLY A 923 12.02 -60.21 -35.68
C GLY A 923 11.91 -59.65 -34.28
N ALA A 924 11.71 -58.34 -34.17
CA ALA A 924 11.54 -57.70 -32.88
C ALA A 924 10.24 -56.91 -32.85
N GLU A 925 9.66 -56.81 -31.66
CA GLU A 925 8.40 -56.09 -31.46
C GLU A 925 8.67 -54.59 -31.55
N LYS A 926 8.85 -54.13 -32.79
CA LYS A 926 9.16 -52.74 -33.08
C LYS A 926 8.16 -52.21 -34.09
N THR A 927 8.00 -50.89 -34.11
CA THR A 927 7.11 -50.25 -35.07
C THR A 927 7.78 -48.96 -35.54
N ILE A 928 8.54 -49.05 -36.62
CA ILE A 928 9.17 -47.89 -37.21
C ILE A 928 8.14 -47.12 -38.03
N SER A 929 8.42 -45.85 -38.30
CA SER A 929 7.45 -45.01 -38.98
C SER A 929 8.07 -44.28 -40.17
N ILE A 930 8.80 -45.01 -41.00
CA ILE A 930 9.38 -44.42 -42.21
C ILE A 930 8.24 -44.12 -43.18
N SER A 931 8.13 -42.86 -43.58
CA SER A 931 7.09 -42.41 -44.49
C SER A 931 7.65 -42.38 -45.91
N ALA A 932 6.94 -42.98 -46.85
CA ALA A 932 7.42 -43.10 -48.21
C ALA A 932 6.21 -43.13 -49.15
N TYR A 933 6.48 -42.96 -50.44
CA TYR A 933 5.45 -42.93 -51.48
C TYR A 933 5.78 -43.99 -52.53
N ALA A 934 4.99 -44.00 -53.61
CA ALA A 934 5.06 -45.03 -54.61
C ALA A 934 5.37 -44.46 -55.98
N ILE A 935 6.12 -45.23 -56.77
CA ILE A 935 6.41 -44.92 -58.16
C ILE A 935 6.10 -46.15 -58.99
N ASP A 936 5.38 -45.96 -60.09
CA ASP A 936 4.87 -47.10 -60.86
C ASP A 936 6.02 -47.82 -61.55
N PRO A 937 6.23 -49.11 -61.28
CA PRO A 937 7.20 -49.88 -62.05
C PRO A 937 6.76 -50.04 -63.50
N ASN A 938 7.75 -50.19 -64.37
CA ASN A 938 7.60 -50.36 -65.81
C ASN A 938 7.03 -49.12 -66.49
N THR A 939 6.67 -48.08 -65.73
CA THR A 939 6.16 -46.86 -66.33
C THR A 939 6.93 -45.65 -65.80
N ALA A 940 7.40 -45.75 -64.56
CA ALA A 940 8.15 -44.69 -63.89
C ALA A 940 7.37 -43.38 -63.90
N ARG A 941 6.07 -43.49 -63.61
CA ARG A 941 5.19 -42.34 -63.55
C ARG A 941 4.36 -42.41 -62.27
N THR A 942 3.93 -41.25 -61.81
CA THR A 942 3.24 -41.12 -60.53
C THR A 942 1.73 -41.38 -60.63
N ALA A 943 1.20 -41.56 -61.83
CA ALA A 943 -0.23 -41.83 -61.98
C ALA A 943 -0.56 -43.25 -61.54
N LEU A 944 -1.85 -43.53 -61.43
CA LEU A 944 -2.34 -44.84 -61.06
C LEU A 944 -3.13 -45.46 -62.21
N ALA A 945 -2.90 -46.75 -62.44
CA ALA A 945 -3.53 -47.46 -63.55
C ALA A 945 -4.99 -47.76 -63.19
N SER A 946 -5.88 -46.99 -63.80
CA SER A 946 -7.31 -47.16 -63.60
C SER A 946 -8.04 -46.46 -64.74
N ARG A 947 -9.35 -46.31 -64.59
CA ARG A 947 -10.18 -45.59 -65.53
C ARG A 947 -10.60 -44.25 -64.94
N THR A 948 -10.61 -43.22 -65.78
CA THR A 948 -10.86 -41.86 -65.32
C THR A 948 -12.07 -41.19 -65.96
N ASN A 949 -12.77 -41.86 -66.86
CA ASN A 949 -13.96 -41.32 -67.51
C ASN A 949 -15.24 -41.87 -66.89
N HIS A 950 -15.25 -42.04 -65.57
CA HIS A 950 -16.33 -42.78 -64.92
C HIS A 950 -17.68 -42.07 -65.01
N HIS A 951 -17.71 -40.76 -64.79
CA HIS A 951 -18.97 -40.06 -64.59
C HIS A 951 -19.04 -38.77 -65.39
N TYR A 952 -18.76 -38.87 -66.69
CA TYR A 952 -19.02 -37.78 -67.61
C TYR A 952 -20.33 -37.94 -68.37
N LEU A 953 -20.52 -39.13 -68.97
CA LEU A 953 -21.66 -39.36 -69.85
C LEU A 953 -22.98 -39.27 -69.11
N MET A 954 -23.06 -39.82 -67.89
CA MET A 954 -24.33 -39.83 -67.17
C MET A 954 -24.81 -38.42 -66.89
N ARG A 955 -23.94 -37.58 -66.33
CA ARG A 955 -24.34 -36.21 -66.02
C ARG A 955 -24.60 -35.40 -67.30
N TYR A 956 -23.78 -35.58 -68.34
CA TYR A 956 -24.04 -34.86 -69.59
C TYR A 956 -25.41 -35.22 -70.15
N GLY A 957 -25.73 -36.51 -70.18
CA GLY A 957 -27.01 -36.93 -70.70
C GLY A 957 -28.18 -36.42 -69.87
N SER A 958 -28.05 -36.49 -68.54
CA SER A 958 -29.12 -35.99 -67.69
C SER A 958 -29.37 -34.51 -67.93
N LEU A 959 -28.31 -33.71 -67.94
CA LEU A 959 -28.45 -32.28 -68.18
C LEU A 959 -29.11 -32.01 -69.53
N PHE A 960 -28.58 -32.64 -70.58
CA PHE A 960 -29.08 -32.36 -71.92
C PHE A 960 -30.53 -32.80 -72.08
N ALA A 961 -30.89 -33.95 -71.52
CA ALA A 961 -32.27 -34.40 -71.62
C ALA A 961 -33.23 -33.47 -70.88
N SER A 962 -32.84 -33.04 -69.66
CA SER A 962 -33.71 -32.12 -68.94
C SER A 962 -33.90 -30.81 -69.70
N SER A 963 -32.82 -30.26 -70.25
CA SER A 963 -32.94 -29.05 -71.03
C SER A 963 -33.81 -29.25 -72.26
N PHE A 964 -33.62 -30.37 -72.97
CA PHE A 964 -34.42 -30.64 -74.16
C PHE A 964 -35.90 -30.72 -73.81
N LEU A 965 -36.23 -31.35 -72.69
CA LEU A 965 -37.61 -31.41 -72.24
C LEU A 965 -38.16 -30.01 -72.01
N GLN A 966 -37.42 -29.19 -71.26
CA GLN A 966 -37.85 -27.82 -71.00
C GLN A 966 -38.16 -27.10 -72.31
N GLY A 967 -37.20 -27.13 -73.24
CA GLY A 967 -37.36 -26.41 -74.48
C GLY A 967 -38.52 -26.93 -75.31
N PHE A 968 -38.67 -28.24 -75.38
CA PHE A 968 -39.71 -28.79 -76.24
C PHE A 968 -41.07 -28.40 -75.72
N GLY A 969 -41.30 -28.61 -74.42
CA GLY A 969 -42.57 -28.19 -73.86
C GLY A 969 -42.86 -26.73 -74.11
N ASN A 970 -41.92 -25.85 -73.73
CA ASN A 970 -42.24 -24.43 -73.81
C ASN A 970 -42.42 -23.95 -75.26
N ALA A 971 -41.52 -24.33 -76.16
CA ALA A 971 -41.59 -23.82 -77.53
C ALA A 971 -42.78 -24.40 -78.27
N PHE A 972 -43.04 -25.70 -78.15
CA PHE A 972 -44.18 -26.27 -78.84
C PHE A 972 -45.50 -25.87 -78.20
N GLN A 973 -45.50 -25.40 -76.95
CA GLN A 973 -46.68 -24.74 -76.42
C GLN A 973 -46.86 -23.36 -77.02
N SER A 974 -45.76 -22.61 -77.14
CA SER A 974 -45.82 -21.24 -77.66
C SER A 974 -46.25 -21.22 -79.12
N ALA A 975 -45.82 -22.21 -79.91
CA ALA A 975 -46.05 -22.22 -81.35
C ALA A 975 -47.47 -22.61 -81.72
N ASN A 976 -48.39 -22.66 -80.76
CA ASN A 976 -49.78 -23.00 -81.07
C ASN A 976 -50.48 -21.89 -81.84
N THR A 977 -49.97 -20.66 -81.78
CA THR A 977 -50.64 -19.55 -82.46
C THR A 977 -50.65 -19.72 -83.97
N THR A 978 -49.52 -20.15 -84.54
CA THR A 978 -49.43 -20.29 -85.99
C THR A 978 -49.52 -21.74 -86.44
N SER A 999 -54.49 -33.17 -79.28
CA SER A 999 -54.42 -33.37 -77.83
C SER A 999 -53.09 -33.98 -77.44
N THR A 1000 -52.66 -35.00 -78.19
CA THR A 1000 -51.42 -35.70 -77.87
C THR A 1000 -50.21 -34.78 -77.94
N LEU A 1001 -50.18 -33.86 -78.91
CA LEU A 1001 -49.10 -32.88 -78.97
C LEU A 1001 -49.08 -32.02 -77.72
N GLU A 1002 -50.27 -31.61 -77.26
CA GLU A 1002 -50.35 -30.83 -76.03
C GLU A 1002 -49.85 -31.64 -74.84
N ASN A 1003 -50.16 -32.93 -74.79
CA ASN A 1003 -49.70 -33.77 -73.69
C ASN A 1003 -48.19 -33.94 -73.71
N ALA A 1004 -47.60 -34.08 -74.91
CA ALA A 1004 -46.15 -34.11 -75.02
C ALA A 1004 -45.53 -32.81 -74.53
N VAL A 1005 -46.11 -31.67 -74.94
CA VAL A 1005 -45.68 -30.37 -74.44
C VAL A 1005 -45.74 -30.36 -72.92
N ILE A 1006 -46.86 -30.83 -72.38
CA ILE A 1006 -47.06 -30.92 -70.94
C ILE A 1006 -45.87 -31.61 -70.28
N GLY A 1007 -45.64 -32.86 -70.68
CA GLY A 1007 -44.62 -33.64 -70.02
C GLY A 1007 -43.25 -33.00 -70.13
N LEU A 1008 -42.86 -32.62 -71.34
CA LEU A 1008 -41.55 -32.05 -71.55
C LEU A 1008 -41.36 -30.79 -70.72
N ALA A 1009 -42.28 -29.82 -70.88
CA ALA A 1009 -42.15 -28.53 -70.23
C ALA A 1009 -42.12 -28.66 -68.72
N THR A 1010 -42.97 -29.51 -68.15
CA THR A 1010 -43.09 -29.50 -66.71
C THR A 1010 -42.10 -30.40 -66.00
N VAL A 1011 -41.66 -31.50 -66.63
CA VAL A 1011 -40.67 -32.34 -65.98
C VAL A 1011 -39.24 -31.96 -66.37
N GLY A 1012 -39.05 -31.04 -67.30
CA GLY A 1012 -37.70 -30.58 -67.59
C GLY A 1012 -37.08 -29.80 -66.44
N LYS A 1013 -37.89 -29.00 -65.73
CA LYS A 1013 -37.35 -27.98 -64.84
C LYS A 1013 -36.73 -28.57 -63.58
N ALA A 1014 -37.49 -29.39 -62.85
CA ALA A 1014 -36.96 -29.98 -61.63
C ALA A 1014 -35.79 -30.89 -61.95
N TRP A 1015 -35.90 -31.66 -63.03
CA TRP A 1015 -34.78 -32.50 -63.46
C TRP A 1015 -33.55 -31.67 -63.78
N SER A 1016 -33.73 -30.53 -64.45
CA SER A 1016 -32.58 -29.70 -64.83
C SER A 1016 -31.91 -29.10 -63.60
N GLN A 1017 -32.70 -28.62 -62.64
CA GLN A 1017 -32.08 -28.04 -61.45
C GLN A 1017 -31.40 -29.11 -60.62
N GLN A 1018 -31.98 -30.31 -60.52
CA GLN A 1018 -31.29 -31.39 -59.82
C GLN A 1018 -30.02 -31.80 -60.54
N ALA A 1019 -30.04 -31.81 -61.87
CA ALA A 1019 -28.84 -32.13 -62.63
C ALA A 1019 -27.76 -31.10 -62.42
N GLN A 1020 -28.11 -29.82 -62.37
CA GLN A 1020 -27.13 -28.79 -62.04
C GLN A 1020 -26.61 -28.98 -60.62
N GLN A 1021 -27.46 -29.45 -59.71
CA GLN A 1021 -27.03 -29.74 -58.36
C GLN A 1021 -25.99 -30.85 -58.34
N LEU A 1022 -26.22 -31.92 -59.09
CA LEU A 1022 -25.38 -33.12 -59.02
C LEU A 1022 -24.27 -33.14 -60.06
N PHE A 1023 -24.18 -32.12 -60.92
CA PHE A 1023 -23.28 -32.18 -62.06
C PHE A 1023 -21.82 -32.14 -61.63
N ASN A 1024 -21.53 -31.57 -60.46
CA ASN A 1024 -20.16 -31.42 -59.99
C ASN A 1024 -19.63 -32.66 -59.28
N THR A 1025 -20.26 -33.82 -59.46
CA THR A 1025 -19.76 -35.04 -58.84
C THR A 1025 -18.47 -35.48 -59.52
N PRO A 1026 -17.38 -35.66 -58.78
CA PRO A 1026 -16.11 -36.04 -59.39
C PRO A 1026 -16.16 -37.45 -59.97
N THR A 1027 -15.36 -37.67 -61.01
CA THR A 1027 -15.16 -38.99 -61.59
C THR A 1027 -14.05 -39.69 -60.82
N THR A 1028 -14.36 -40.85 -60.26
CA THR A 1028 -13.45 -41.49 -59.33
C THR A 1028 -12.51 -42.46 -60.04
N VAL A 1029 -11.48 -42.88 -59.31
CA VAL A 1029 -10.55 -43.91 -59.75
C VAL A 1029 -10.38 -44.91 -58.62
N GLU A 1030 -9.94 -46.11 -58.98
CA GLU A 1030 -9.73 -47.16 -58.00
C GLU A 1030 -8.46 -47.95 -58.34
N VAL A 1031 -7.63 -48.18 -57.33
CA VAL A 1031 -6.42 -48.96 -57.53
C VAL A 1031 -6.77 -50.43 -57.73
N TYR A 1032 -5.79 -51.20 -58.18
CA TYR A 1032 -5.98 -52.61 -58.47
C TYR A 1032 -5.48 -53.48 -57.33
N SER A 1033 -6.07 -54.66 -57.20
CA SER A 1033 -5.78 -55.57 -56.10
C SER A 1033 -4.69 -56.59 -56.42
N GLY A 1034 -4.17 -56.57 -57.64
CA GLY A 1034 -3.15 -57.54 -58.01
C GLY A 1034 -1.99 -56.91 -58.74
N THR A 1035 -1.66 -55.67 -58.38
CA THR A 1035 -0.58 -54.93 -59.02
C THR A 1035 0.54 -54.69 -58.03
N GLY A 1036 1.77 -54.94 -58.46
CA GLY A 1036 2.93 -54.62 -57.66
C GLY A 1036 3.25 -53.13 -57.76
N LEU A 1037 4.28 -52.73 -57.04
CA LEU A 1037 4.65 -51.32 -56.98
C LEU A 1037 6.08 -51.17 -56.51
N GLY A 1038 6.62 -49.97 -56.74
CA GLY A 1038 7.91 -49.58 -56.23
C GLY A 1038 7.77 -48.43 -55.25
N ILE A 1039 8.63 -48.45 -54.23
CA ILE A 1039 8.60 -47.47 -53.16
C ILE A 1039 9.92 -46.73 -53.13
N LEU A 1040 9.86 -45.40 -53.15
CA LEU A 1040 11.04 -44.58 -52.97
C LEU A 1040 11.09 -44.07 -51.54
N PHE A 1041 12.28 -44.08 -50.96
CA PHE A 1041 12.45 -43.69 -49.57
C PHE A 1041 12.52 -42.16 -49.43
N THR A 1042 12.26 -41.70 -48.21
CA THR A 1042 12.32 -40.27 -47.88
C THR A 1042 13.34 -39.96 -46.81
N GLN A 1043 13.35 -40.70 -45.70
CA GLN A 1043 14.31 -40.51 -44.62
C GLN A 1043 14.97 -41.85 -44.31
N ASP A 1044 15.89 -41.82 -43.34
CA ASP A 1044 16.61 -43.01 -42.95
C ASP A 1044 15.91 -43.73 -41.79
N VAL A 1045 16.47 -44.85 -41.37
CA VAL A 1045 16.00 -45.61 -40.23
C VAL A 1045 17.20 -46.00 -39.38
N THR A 1046 16.94 -46.77 -38.33
CA THR A 1046 18.01 -47.23 -37.45
C THR A 1046 17.99 -48.75 -37.30
N ALA B 104 101.85 38.17 51.60
CA ALA B 104 100.55 38.85 51.54
C ALA B 104 99.92 38.67 50.16
N GLU B 105 100.72 38.79 49.12
CA GLU B 105 100.27 38.60 47.75
C GLU B 105 101.12 37.61 46.97
N VAL B 106 102.41 37.49 47.29
CA VAL B 106 103.21 36.43 46.68
C VAL B 106 102.67 35.07 47.05
N ILE B 107 102.17 34.93 48.28
CA ILE B 107 101.50 33.70 48.68
C ILE B 107 100.23 33.49 47.87
N ASP B 108 99.52 34.58 47.56
CA ASP B 108 98.33 34.47 46.73
C ASP B 108 98.67 33.96 45.34
N LYS B 109 99.76 34.49 44.75
CA LYS B 109 100.21 33.99 43.46
C LYS B 109 100.63 32.54 43.53
N LYS B 110 101.32 32.15 44.60
CA LYS B 110 101.71 30.75 44.77
C LYS B 110 100.49 29.86 44.85
N ALA B 111 99.46 30.29 45.58
CA ALA B 111 98.22 29.52 45.65
C ALA B 111 97.55 29.44 44.29
N PHE B 112 97.61 30.53 43.51
CA PHE B 112 97.02 30.53 42.18
C PHE B 112 97.69 29.49 41.28
N LYS B 113 99.02 29.49 41.24
CA LYS B 113 99.71 28.50 40.41
C LYS B 113 99.53 27.10 40.96
N ASP B 114 99.44 26.96 42.30
CA ASP B 114 99.22 25.64 42.88
C ASP B 114 97.85 25.08 42.49
N MET B 115 96.82 25.92 42.55
CA MET B 115 95.49 25.44 42.16
C MET B 115 95.42 25.18 40.66
N THR B 116 96.14 25.96 39.86
CA THR B 116 96.23 25.65 38.43
C THR B 116 96.84 24.27 38.22
N ARG B 117 97.95 24.00 38.91
CA ARG B 117 98.60 22.70 38.79
C ARG B 117 97.68 21.57 39.24
N ASN B 118 96.97 21.77 40.35
CA ASN B 118 96.08 20.74 40.85
C ASN B 118 94.91 20.50 39.90
N LEU B 119 94.35 21.57 39.34
CA LEU B 119 93.26 21.43 38.40
C LEU B 119 93.71 20.73 37.13
N TYR B 120 94.95 20.98 36.69
CA TYR B 120 95.49 20.34 35.49
C TYR B 120 96.80 19.68 35.86
N PRO B 121 96.75 18.50 36.49
CA PRO B 121 97.98 17.81 36.91
C PRO B 121 98.85 17.33 35.75
N LEU B 122 98.41 17.49 34.51
CA LEU B 122 99.13 17.00 33.36
C LEU B 122 99.48 18.15 32.43
N ASN B 123 100.65 18.05 31.79
CA ASN B 123 101.18 19.00 30.84
C ASN B 123 100.83 18.58 29.41
N PRO B 124 100.76 19.54 28.48
CA PRO B 124 100.38 19.18 27.09
C PRO B 124 101.30 18.16 26.46
N GLU B 125 102.60 18.21 26.74
CA GLU B 125 103.51 17.20 26.24
C GLU B 125 103.16 15.83 26.80
N GLN B 126 102.82 15.78 28.09
CA GLN B 126 102.36 14.53 28.68
C GLN B 126 101.07 14.04 28.03
N VAL B 127 100.19 14.98 27.67
CA VAL B 127 98.96 14.62 26.95
C VAL B 127 99.31 13.96 25.63
N VAL B 128 100.25 14.56 24.90
CA VAL B 128 100.66 13.99 23.61
C VAL B 128 101.26 12.61 23.82
N LYS B 129 102.09 12.45 24.85
CA LYS B 129 102.73 11.15 25.09
C LYS B 129 101.71 10.09 25.43
N LEU B 130 100.75 10.41 26.29
CA LEU B 130 99.74 9.42 26.66
C LEU B 130 98.84 9.08 25.47
N LYS B 131 98.50 10.08 24.66
CA LYS B 131 97.71 9.80 23.48
C LYS B 131 98.46 8.88 22.53
N GLN B 132 99.77 9.13 22.34
CA GLN B 132 100.55 8.30 21.44
C GLN B 132 100.70 6.88 21.98
N ILE B 133 100.91 6.72 23.29
CA ILE B 133 101.04 5.37 23.82
C ILE B 133 99.71 4.63 23.75
N TYR B 134 98.59 5.34 23.95
CA TYR B 134 97.29 4.72 23.74
C TYR B 134 97.12 4.27 22.29
N GLU B 135 97.55 5.11 21.35
CA GLU B 135 97.47 4.74 19.94
C GLU B 135 98.33 3.51 19.66
N THR B 136 99.52 3.45 20.25
CA THR B 136 100.38 2.28 20.09
C THR B 136 99.71 1.02 20.66
N SER B 137 99.10 1.16 21.84
CA SER B 137 98.44 0.01 22.45
C SER B 137 97.30 -0.49 21.60
N GLU B 138 96.46 0.41 21.09
CA GLU B 138 95.35 -0.03 20.26
C GLU B 138 95.82 -0.56 18.91
N TYR B 139 96.94 -0.03 18.40
CA TYR B 139 97.54 -0.60 17.20
C TYR B 139 97.99 -2.03 17.44
N ALA B 140 98.62 -2.27 18.60
CA ALA B 140 99.00 -3.63 18.95
C ALA B 140 97.79 -4.54 19.07
N LYS B 141 96.72 -4.04 19.68
CA LYS B 141 95.49 -4.82 19.80
C LYS B 141 94.93 -5.18 18.44
N ALA B 142 94.78 -4.18 17.56
CA ALA B 142 94.22 -4.42 16.25
C ALA B 142 95.19 -5.16 15.33
N ALA B 143 96.44 -5.34 15.74
CA ALA B 143 97.42 -6.03 14.92
C ALA B 143 97.06 -7.50 14.76
N THR B 144 97.57 -8.09 13.67
CA THR B 144 97.35 -9.49 13.37
C THR B 144 98.69 -10.18 13.18
N PRO B 145 98.84 -11.40 13.68
CA PRO B 145 100.14 -12.08 13.65
C PRO B 145 100.32 -12.95 12.42
N GLY B 146 101.52 -13.49 12.30
CA GLY B 146 101.84 -14.37 11.18
C GLY B 146 101.67 -13.65 9.85
N THR B 147 100.99 -14.32 8.92
CA THR B 147 100.73 -13.74 7.62
C THR B 147 99.25 -13.88 7.29
N PRO B 148 98.55 -12.80 6.98
CA PRO B 148 97.16 -12.92 6.56
C PRO B 148 97.05 -13.70 5.27
N PRO B 149 95.95 -14.41 5.07
CA PRO B 149 95.80 -15.19 3.85
C PRO B 149 95.76 -14.31 2.61
N LYS B 150 96.26 -14.84 1.51
CA LYS B 150 96.34 -14.09 0.27
C LYS B 150 94.95 -13.96 -0.34
N PRO B 151 94.45 -12.75 -0.56
CA PRO B 151 93.13 -12.60 -1.19
C PRO B 151 93.17 -13.03 -2.65
N THR B 152 92.54 -14.16 -2.96
CA THR B 152 92.63 -14.75 -4.28
C THR B 152 91.23 -15.05 -4.80
N ALA B 153 91.19 -15.53 -6.04
CA ALA B 153 89.97 -15.97 -6.70
C ALA B 153 90.25 -17.31 -7.35
N THR B 154 89.20 -18.10 -7.58
CA THR B 154 89.42 -19.42 -8.14
C THR B 154 88.19 -19.85 -8.92
N SER B 155 88.42 -20.58 -10.01
CA SER B 155 87.38 -21.26 -10.74
C SER B 155 87.76 -22.73 -10.85
N GLN B 156 86.85 -23.61 -10.47
CA GLN B 156 87.10 -25.05 -10.48
C GLN B 156 85.87 -25.76 -11.01
N PHE B 157 86.12 -26.88 -11.70
CA PHE B 157 85.05 -27.68 -12.28
C PHE B 157 84.66 -28.77 -11.28
N VAL B 158 83.40 -28.75 -10.85
CA VAL B 158 82.89 -29.73 -9.90
C VAL B 158 82.62 -31.02 -10.66
N ASN B 159 83.21 -32.12 -10.19
CA ASN B 159 82.99 -33.44 -10.77
C ASN B 159 82.11 -34.26 -9.82
N LEU B 160 81.01 -34.79 -10.37
CA LEU B 160 80.06 -35.57 -9.59
C LEU B 160 80.27 -37.07 -9.71
N SER B 161 81.37 -37.50 -10.34
CA SER B 161 81.62 -38.92 -10.48
C SER B 161 81.85 -39.55 -9.11
N PRO B 162 81.52 -40.83 -8.93
CA PRO B 162 81.80 -41.49 -7.65
C PRO B 162 83.26 -41.49 -7.29
N GLY B 163 84.16 -41.55 -8.27
CA GLY B 163 85.57 -41.47 -8.00
C GLY B 163 86.13 -40.07 -7.91
N SER B 164 85.28 -39.05 -7.94
CA SER B 164 85.73 -37.67 -7.97
C SER B 164 86.19 -37.25 -6.57
N THR B 165 86.45 -35.95 -6.41
CA THR B 165 86.89 -35.38 -5.15
C THR B 165 86.02 -34.19 -4.78
N PRO B 166 85.86 -33.92 -3.49
CA PRO B 166 84.99 -32.82 -3.07
C PRO B 166 85.71 -31.49 -3.19
N PRO B 167 85.03 -30.45 -3.68
CA PRO B 167 85.65 -29.12 -3.73
C PRO B 167 85.92 -28.58 -2.34
N VAL B 168 87.14 -28.10 -2.13
CA VAL B 168 87.59 -27.59 -0.85
C VAL B 168 87.71 -26.07 -0.95
N ILE B 169 87.14 -25.37 0.02
CA ILE B 169 87.12 -23.90 0.02
C ILE B 169 87.85 -23.39 1.25
N ARG B 170 88.83 -22.53 1.03
CA ARG B 170 89.57 -21.91 2.13
C ARG B 170 88.77 -20.74 2.70
N LEU B 171 88.76 -20.62 4.03
CA LEU B 171 87.95 -19.63 4.70
C LEU B 171 88.80 -18.80 5.65
N SER B 172 88.37 -17.57 5.88
CA SER B 172 88.98 -16.67 6.84
C SER B 172 87.95 -16.24 7.88
N GLN B 173 88.42 -16.11 9.12
CA GLN B 173 87.53 -15.73 10.21
C GLN B 173 87.15 -14.26 10.09
N GLY B 174 85.85 -13.98 10.25
CA GLY B 174 85.36 -12.63 10.15
C GLY B 174 85.49 -12.03 8.78
N PHE B 175 85.29 -12.82 7.73
CA PHE B 175 85.39 -12.33 6.36
C PHE B 175 84.43 -13.10 5.47
N VAL B 176 84.20 -12.55 4.29
CA VAL B 176 83.16 -13.01 3.38
C VAL B 176 83.78 -13.86 2.28
N SER B 177 83.18 -15.01 2.02
CA SER B 177 83.54 -15.86 0.89
C SER B 177 82.34 -15.98 -0.03
N SER B 178 82.58 -15.81 -1.33
CA SER B 178 81.52 -15.75 -2.33
C SER B 178 81.61 -16.97 -3.25
N LEU B 179 80.46 -17.61 -3.46
CA LEU B 179 80.35 -18.75 -4.35
C LEU B 179 79.41 -18.40 -5.49
N VAL B 180 79.87 -18.61 -6.72
CA VAL B 180 79.07 -18.38 -7.92
C VAL B 180 79.11 -19.66 -8.75
N PHE B 181 77.96 -20.06 -9.26
CA PHE B 181 77.79 -21.35 -9.93
C PHE B 181 77.51 -21.12 -11.40
N LEU B 182 78.30 -21.75 -12.26
CA LEU B 182 78.13 -21.66 -13.71
C LEU B 182 77.99 -23.07 -14.27
N ASP B 183 77.03 -23.25 -15.17
CA ASP B 183 76.82 -24.55 -15.78
C ASP B 183 77.83 -24.78 -16.90
N SER B 184 77.62 -25.80 -17.72
CA SER B 184 78.55 -26.10 -18.81
C SER B 184 78.63 -24.95 -19.80
N THR B 185 77.52 -24.25 -20.04
CA THR B 185 77.51 -23.13 -20.97
C THR B 185 78.03 -21.84 -20.34
N GLY B 186 78.39 -21.85 -19.05
CA GLY B 186 78.88 -20.67 -18.39
C GLY B 186 77.81 -19.77 -17.81
N ALA B 187 76.54 -20.07 -18.05
CA ALA B 187 75.46 -19.26 -17.50
C ALA B 187 75.30 -19.54 -16.01
N PRO B 188 74.91 -18.52 -15.24
CA PRO B 188 74.62 -18.75 -13.82
C PRO B 188 73.45 -19.71 -13.66
N TRP B 189 73.54 -20.57 -12.65
CA TRP B 189 72.51 -21.57 -12.40
C TRP B 189 71.89 -21.32 -11.04
N PRO B 190 70.70 -20.72 -10.98
CA PRO B 190 70.10 -20.37 -9.68
C PRO B 190 69.87 -21.59 -8.81
N ILE B 191 69.98 -21.38 -7.50
CA ILE B 191 69.95 -22.45 -6.52
C ILE B 191 68.51 -22.76 -6.15
N ALA B 192 68.23 -24.04 -5.91
CA ALA B 192 66.94 -24.45 -5.36
C ALA B 192 66.97 -24.42 -3.83
N ALA B 193 67.92 -25.14 -3.23
CA ALA B 193 68.03 -25.19 -1.78
C ALA B 193 69.40 -25.73 -1.40
N TYR B 194 69.61 -25.92 -0.10
CA TYR B 194 70.86 -26.44 0.41
C TYR B 194 70.66 -26.91 1.84
N ASP B 195 71.66 -27.62 2.35
CA ASP B 195 71.71 -28.02 3.75
C ASP B 195 73.14 -27.86 4.25
N LEU B 196 73.29 -27.12 5.34
CA LEU B 196 74.58 -26.79 5.90
C LEU B 196 74.75 -27.44 7.27
N GLY B 197 75.97 -27.91 7.54
CA GLY B 197 76.32 -28.40 8.85
C GLY B 197 77.09 -27.34 9.63
N ASP B 198 76.94 -27.38 10.96
CA ASP B 198 77.59 -26.46 11.88
C ASP B 198 77.32 -25.00 11.50
N PRO B 199 76.11 -24.49 11.71
CA PRO B 199 75.89 -23.05 11.57
C PRO B 199 76.73 -22.22 12.53
N SER B 200 77.17 -22.80 13.64
CA SER B 200 77.93 -22.04 14.64
C SER B 200 79.27 -21.56 14.12
N SER B 201 79.82 -22.22 13.10
CA SER B 201 81.12 -21.85 12.58
C SER B 201 81.06 -20.96 11.35
N PHE B 202 79.92 -20.89 10.67
CA PHE B 202 79.82 -20.14 9.43
C PHE B 202 78.46 -19.47 9.38
N ASN B 203 78.44 -18.14 9.30
CA ASN B 203 77.20 -17.43 9.04
C ASN B 203 76.85 -17.54 7.57
N ILE B 204 75.55 -17.61 7.28
CA ILE B 204 75.06 -17.78 5.92
C ILE B 204 74.01 -16.74 5.61
N GLN B 205 74.12 -16.12 4.44
CA GLN B 205 73.05 -15.30 3.88
C GLN B 205 72.81 -15.77 2.46
N TRP B 206 71.53 -15.86 2.08
CA TRP B 206 71.19 -16.40 0.76
C TRP B 206 69.80 -15.92 0.39
N ASP B 207 69.72 -15.09 -0.66
CA ASP B 207 68.42 -14.80 -1.24
C ASP B 207 67.87 -16.05 -1.91
N LYS B 208 66.55 -16.20 -1.89
CA LYS B 208 65.92 -17.39 -2.44
C LYS B 208 66.19 -17.53 -3.94
N THR B 209 66.45 -16.42 -4.64
CA THR B 209 66.45 -16.41 -6.10
C THR B 209 67.81 -16.65 -6.72
N SER B 210 68.81 -15.83 -6.38
CA SER B 210 70.05 -15.80 -7.14
C SER B 210 70.86 -17.07 -6.89
N ASN B 211 72.01 -17.14 -7.55
CA ASN B 211 72.93 -18.27 -7.43
C ASN B 211 74.24 -17.86 -6.77
N THR B 212 74.26 -16.73 -6.07
CA THR B 212 75.45 -16.26 -5.39
C THR B 212 75.28 -16.46 -3.89
N LEU B 213 76.28 -17.08 -3.26
CA LEU B 213 76.21 -17.42 -1.85
C LEU B 213 77.35 -16.77 -1.10
N MET B 214 77.05 -16.26 0.10
CA MET B 214 78.04 -15.61 0.95
C MET B 214 78.15 -16.36 2.27
N ILE B 215 79.39 -16.68 2.66
CA ILE B 215 79.66 -17.44 3.87
C ILE B 215 80.67 -16.68 4.71
N GLN B 216 80.43 -16.64 6.02
CA GLN B 216 81.29 -15.89 6.94
C GLN B 216 81.71 -16.82 8.07
N ALA B 217 82.98 -17.22 8.05
CA ALA B 217 83.49 -18.12 9.08
C ALA B 217 83.46 -17.46 10.44
N THR B 218 83.13 -18.25 11.47
CA THR B 218 83.03 -17.74 12.83
C THR B 218 84.27 -18.06 13.66
N LYS B 219 84.63 -19.33 13.76
CA LYS B 219 85.78 -19.74 14.56
C LYS B 219 87.02 -19.82 13.67
N LEU B 220 88.08 -20.45 14.19
CA LEU B 220 89.38 -20.37 13.53
C LEU B 220 89.61 -21.50 12.54
N TYR B 221 89.57 -22.75 13.01
CA TYR B 221 90.06 -23.86 12.21
C TYR B 221 89.06 -25.00 12.01
N ASN B 222 87.91 -24.98 12.67
CA ASN B 222 86.99 -26.09 12.57
C ASN B 222 86.35 -26.12 11.19
N TYR B 223 86.59 -27.21 10.45
CA TYR B 223 86.09 -27.33 9.10
C TYR B 223 84.64 -27.80 9.09
N GLY B 224 84.03 -27.75 7.91
CA GLY B 224 82.64 -28.12 7.77
C GLY B 224 82.34 -28.69 6.40
N ASN B 225 81.12 -29.21 6.26
CA ASN B 225 80.65 -29.80 5.01
C ASN B 225 79.30 -29.20 4.66
N LEU B 226 78.98 -29.22 3.37
CA LEU B 226 77.79 -28.55 2.87
C LEU B 226 77.23 -29.33 1.68
N ALA B 227 75.90 -29.30 1.54
CA ALA B 227 75.23 -29.89 0.38
C ALA B 227 74.39 -28.82 -0.30
N VAL B 228 74.43 -28.79 -1.62
CA VAL B 228 73.68 -27.81 -2.42
C VAL B 228 72.88 -28.55 -3.46
N ARG B 229 71.60 -28.19 -3.60
CA ARG B 229 70.68 -28.83 -4.52
C ARG B 229 70.15 -27.76 -5.47
N LEU B 230 70.46 -27.90 -6.75
CA LEU B 230 70.03 -26.92 -7.74
C LEU B 230 68.63 -27.25 -8.25
N ARG B 231 68.17 -26.48 -9.22
CA ARG B 231 66.81 -26.62 -9.73
C ARG B 231 66.64 -27.93 -10.48
N GLY B 232 67.38 -28.11 -11.57
CA GLY B 232 67.32 -29.34 -12.32
C GLY B 232 68.29 -30.41 -11.84
N LEU B 233 69.07 -30.13 -10.81
CA LEU B 233 70.08 -31.06 -10.32
C LEU B 233 69.40 -32.24 -9.64
N ASN B 234 69.38 -33.38 -10.33
CA ASN B 234 68.86 -34.60 -9.72
C ASN B 234 69.81 -35.16 -8.67
N THR B 235 71.04 -34.64 -8.58
CA THR B 235 72.00 -35.09 -7.58
C THR B 235 72.58 -33.87 -6.88
N PRO B 236 72.61 -33.85 -5.55
CA PRO B 236 73.20 -32.72 -4.84
C PRO B 236 74.71 -32.72 -4.95
N VAL B 237 75.30 -31.57 -4.60
CA VAL B 237 76.73 -31.36 -4.67
C VAL B 237 77.26 -31.12 -3.26
N MET B 238 78.30 -31.86 -2.90
CA MET B 238 78.88 -31.80 -1.57
C MET B 238 80.20 -31.02 -1.61
N LEU B 239 80.38 -30.14 -0.64
CA LEU B 239 81.54 -29.26 -0.57
C LEU B 239 82.13 -29.35 0.83
N THR B 240 83.45 -29.20 0.91
CA THR B 240 84.14 -29.12 2.19
C THR B 240 84.78 -27.74 2.32
N LEU B 241 84.70 -27.17 3.53
CA LEU B 241 85.15 -25.82 3.78
C LEU B 241 86.07 -25.82 4.98
N ILE B 242 87.32 -25.41 4.78
CA ILE B 242 88.35 -25.41 5.80
C ILE B 242 88.73 -23.96 6.11
N PRO B 243 88.57 -23.50 7.34
CA PRO B 243 88.97 -22.13 7.69
C PRO B 243 90.39 -22.07 8.23
N GLY B 244 90.90 -20.84 8.31
CA GLY B 244 92.19 -20.59 8.90
C GLY B 244 93.38 -21.14 8.14
N GLN B 245 93.39 -20.96 6.82
CA GLN B 245 94.52 -21.39 6.01
C GLN B 245 95.35 -20.19 5.56
N LYS B 246 96.53 -20.48 5.01
CA LYS B 246 97.47 -19.45 4.59
C LYS B 246 96.97 -18.65 3.40
N ALA B 247 95.92 -19.10 2.73
CA ALA B 247 95.36 -18.39 1.59
C ALA B 247 93.84 -18.41 1.69
N VAL B 248 93.21 -17.40 1.11
CA VAL B 248 91.75 -17.27 1.12
C VAL B 248 91.29 -16.95 -0.29
N ASP B 249 90.20 -17.59 -0.72
CA ASP B 249 89.61 -17.34 -2.02
C ASP B 249 88.32 -16.56 -1.84
N TYR B 250 88.26 -15.36 -2.42
CA TYR B 250 87.03 -14.58 -2.35
C TYR B 250 85.93 -15.24 -3.16
N ARG B 251 86.12 -15.38 -4.46
CA ARG B 251 85.12 -15.96 -5.34
C ARG B 251 85.55 -17.36 -5.75
N VAL B 252 84.61 -18.28 -5.70
CA VAL B 252 84.79 -19.63 -6.21
C VAL B 252 83.75 -19.85 -7.29
N ASP B 253 84.23 -20.11 -8.51
CA ASP B 253 83.37 -20.31 -9.66
C ASP B 253 83.26 -21.82 -9.89
N LEU B 254 82.09 -22.37 -9.58
CA LEU B 254 81.87 -23.81 -9.65
C LEU B 254 81.29 -24.14 -11.01
N ARG B 255 82.06 -24.85 -11.84
CA ARG B 255 81.63 -25.20 -13.19
C ARG B 255 80.96 -26.56 -13.16
N VAL B 256 79.76 -26.64 -13.74
CA VAL B 256 78.90 -27.80 -13.62
C VAL B 256 78.91 -28.58 -14.93
N GLN B 257 79.01 -29.91 -14.81
CA GLN B 257 78.94 -30.76 -16.00
C GLN B 257 77.58 -30.65 -16.68
N GLY B 258 76.53 -30.36 -15.91
CA GLY B 258 75.19 -30.30 -16.44
C GLY B 258 74.87 -28.97 -17.09
N TYR B 259 73.62 -28.83 -17.50
CA TYR B 259 73.12 -27.63 -18.17
C TYR B 259 72.17 -26.88 -17.25
N GLY B 260 72.39 -25.57 -17.14
CA GLY B 260 71.59 -24.75 -16.26
C GLY B 260 70.35 -24.21 -16.94
N PRO B 261 69.86 -23.05 -16.48
CA PRO B 261 68.67 -22.47 -17.10
C PRO B 261 68.93 -21.95 -18.51
N ASN B 262 70.08 -21.35 -18.75
CA ASN B 262 70.46 -20.81 -20.06
C ASN B 262 71.51 -21.74 -20.63
N ALA B 263 71.10 -22.63 -21.51
CA ALA B 263 71.98 -23.68 -22.00
C ALA B 263 71.60 -23.98 -23.45
N LYS B 264 72.07 -25.13 -23.95
CA LYS B 264 71.89 -25.54 -25.34
C LYS B 264 72.48 -24.51 -26.31
N SER B 265 73.54 -23.84 -25.88
CA SER B 265 74.25 -22.89 -26.72
C SER B 265 75.59 -23.43 -27.21
N MET B 266 75.92 -24.69 -26.89
CA MET B 266 77.19 -25.25 -27.33
C MET B 266 77.19 -25.39 -28.85
N PRO B 267 78.33 -25.17 -29.49
CA PRO B 267 78.39 -25.31 -30.96
C PRO B 267 78.11 -26.73 -31.40
N THR B 268 77.51 -26.86 -32.58
CA THR B 268 77.23 -28.18 -33.13
C THR B 268 78.54 -28.86 -33.52
N GLU B 269 78.70 -30.10 -33.09
CA GLU B 269 79.93 -30.84 -33.37
C GLU B 269 79.88 -31.43 -34.77
N GLU B 270 81.03 -31.96 -35.21
CA GLU B 270 81.12 -32.56 -36.53
C GLU B 270 80.24 -33.79 -36.62
N GLY B 271 79.71 -34.03 -37.82
CA GLY B 271 78.87 -35.19 -38.06
C GLY B 271 79.10 -35.79 -39.43
N ILE B 272 79.31 -37.10 -39.47
CA ILE B 272 79.52 -37.77 -40.76
C ILE B 272 78.25 -37.68 -41.59
N PRO B 273 78.32 -37.24 -42.84
CA PRO B 273 77.13 -37.15 -43.68
C PRO B 273 76.49 -38.51 -43.86
N PRO B 274 75.17 -38.58 -43.90
CA PRO B 274 74.50 -39.86 -44.13
C PRO B 274 74.80 -40.40 -45.51
N SER B 275 74.74 -41.73 -45.61
CA SER B 275 74.98 -42.39 -46.89
C SER B 275 73.83 -42.14 -47.85
N ALA B 276 73.92 -42.75 -49.03
CA ALA B 276 72.89 -42.61 -50.03
C ALA B 276 71.57 -43.21 -49.52
N ASN B 277 70.47 -42.59 -49.95
CA ASN B 277 69.15 -43.07 -49.54
C ASN B 277 68.91 -44.47 -50.08
N ASP B 278 68.34 -45.32 -49.23
CA ASP B 278 68.23 -46.73 -49.54
C ASP B 278 67.16 -47.05 -50.56
N LEU B 279 66.23 -46.13 -50.83
CA LEU B 279 65.24 -46.38 -51.87
C LEU B 279 65.86 -46.48 -53.25
N LEU B 280 67.09 -45.98 -53.41
CA LEU B 280 67.79 -46.09 -54.69
C LEU B 280 67.91 -47.54 -55.12
N LEU B 281 68.10 -48.45 -54.16
CA LEU B 281 68.23 -49.86 -54.51
C LEU B 281 66.97 -50.36 -55.20
N HIS B 282 65.82 -50.10 -54.60
CA HIS B 282 64.56 -50.53 -55.19
C HIS B 282 64.32 -49.84 -56.52
N VAL B 283 64.64 -48.55 -56.61
CA VAL B 283 64.44 -47.83 -57.86
C VAL B 283 65.28 -48.45 -58.97
N LEU B 284 66.55 -48.73 -58.68
CA LEU B 284 67.43 -49.33 -59.67
C LEU B 284 66.93 -50.71 -60.07
N GLU B 285 66.47 -51.49 -59.10
CA GLU B 285 65.95 -52.80 -59.43
C GLU B 285 64.70 -52.71 -60.30
N GLY B 286 63.91 -51.65 -60.13
CA GLY B 286 62.71 -51.44 -60.91
C GLY B 286 61.44 -51.32 -60.10
N VAL B 287 61.45 -51.66 -58.83
CA VAL B 287 60.26 -51.53 -57.98
C VAL B 287 60.15 -50.08 -57.52
N PRO B 288 59.04 -49.40 -57.80
CA PRO B 288 58.88 -48.04 -57.31
C PRO B 288 58.78 -48.03 -55.79
N PRO B 289 59.20 -46.95 -55.15
CA PRO B 289 59.11 -46.89 -53.69
C PRO B 289 57.67 -46.84 -53.26
N PRO B 290 57.36 -47.34 -52.06
CA PRO B 290 55.97 -47.28 -51.58
C PRO B 290 55.53 -45.84 -51.38
N GLY B 291 54.23 -45.62 -51.55
CA GLY B 291 53.69 -44.29 -51.37
C GLY B 291 54.09 -43.30 -52.44
N SER B 292 54.45 -43.78 -53.63
CA SER B 292 54.82 -42.93 -54.75
C SER B 292 53.82 -43.09 -55.88
N ARG B 293 54.01 -42.31 -56.94
CA ARG B 293 53.16 -42.41 -58.11
C ARG B 293 54.02 -42.28 -59.36
N ARG B 294 53.49 -42.82 -60.47
CA ARG B 294 54.25 -42.89 -61.70
C ARG B 294 54.34 -41.52 -62.36
N LEU B 295 55.22 -41.44 -63.36
CA LEU B 295 55.43 -40.24 -64.15
C LEU B 295 55.49 -40.62 -65.62
N VAL B 296 55.16 -39.66 -66.48
CA VAL B 296 55.15 -39.86 -67.93
C VAL B 296 56.32 -39.10 -68.54
N VAL B 297 57.16 -39.83 -69.27
CA VAL B 297 58.35 -39.25 -69.91
C VAL B 297 58.48 -39.85 -71.30
N SER B 298 58.76 -39.00 -72.29
CA SER B 298 58.98 -39.42 -73.66
C SER B 298 60.37 -39.01 -74.11
N GLY B 299 60.72 -39.40 -75.33
CA GLY B 299 61.99 -39.06 -75.93
C GLY B 299 63.06 -40.12 -75.83
N GLY B 300 62.85 -41.16 -75.03
CA GLY B 300 63.88 -42.18 -74.88
C GLY B 300 63.38 -43.31 -74.02
N ASP B 301 64.34 -44.04 -73.44
CA ASP B 301 64.05 -45.20 -72.59
C ASP B 301 64.46 -44.87 -71.16
N ALA B 302 63.49 -44.46 -70.36
CA ALA B 302 63.73 -44.16 -68.96
C ALA B 302 62.42 -44.24 -68.21
N ARG B 303 62.52 -44.44 -66.89
CA ARG B 303 61.35 -44.51 -66.03
C ARG B 303 61.54 -43.55 -64.88
N ALA B 304 60.43 -43.09 -64.31
CA ALA B 304 60.50 -42.06 -63.27
C ALA B 304 59.36 -42.25 -62.28
N TRP B 305 59.57 -41.69 -61.10
CA TRP B 305 58.58 -41.72 -60.04
C TRP B 305 58.71 -40.48 -59.18
N LEU B 306 57.63 -40.15 -58.49
CA LEU B 306 57.59 -39.01 -57.57
C LEU B 306 57.00 -39.48 -56.25
N SER B 307 57.78 -39.38 -55.18
CA SER B 307 57.34 -39.81 -53.86
C SER B 307 57.34 -38.67 -52.85
N ASN B 308 58.45 -37.96 -52.70
CA ASN B 308 58.64 -36.96 -51.65
C ASN B 308 59.05 -35.64 -52.25
N GLU B 309 58.26 -35.18 -53.23
CA GLU B 309 58.59 -34.04 -54.08
C GLU B 309 60.02 -34.14 -54.57
N LYS B 310 60.47 -35.36 -54.81
CA LYS B 310 61.77 -35.64 -55.39
C LYS B 310 61.56 -36.62 -56.53
N MET B 311 62.09 -36.29 -57.71
CA MET B 311 61.96 -37.18 -58.84
C MET B 311 63.06 -38.24 -58.79
N TYR B 312 62.66 -39.49 -59.01
CA TYR B 312 63.58 -40.61 -59.11
C TYR B 312 63.52 -41.14 -60.53
N VAL B 313 64.68 -41.31 -61.14
CA VAL B 313 64.78 -41.68 -62.55
C VAL B 313 65.73 -42.87 -62.70
N ARG B 314 65.29 -43.87 -63.44
CA ARG B 314 66.12 -45.01 -63.80
C ARG B 314 66.26 -45.08 -65.31
N THR B 315 67.50 -45.23 -65.77
CA THR B 315 67.76 -45.33 -67.20
C THR B 315 69.11 -46.00 -67.40
N ASN B 316 69.64 -45.91 -68.61
CA ASN B 316 71.00 -46.32 -68.92
C ASN B 316 71.76 -45.23 -69.66
N LEU B 317 71.24 -44.01 -69.63
CA LEU B 317 71.87 -42.87 -70.29
C LEU B 317 72.79 -42.18 -69.28
N THR B 318 73.24 -40.97 -69.62
CA THR B 318 74.10 -40.18 -68.73
C THR B 318 73.51 -38.78 -68.62
N ILE B 319 72.95 -38.47 -67.46
CA ILE B 319 72.29 -37.19 -67.25
C ILE B 319 73.33 -36.10 -67.05
N LEU B 320 73.10 -34.94 -67.64
CA LEU B 320 74.09 -33.86 -67.63
C LEU B 320 73.55 -32.55 -67.10
N SER B 321 72.32 -32.19 -67.45
CA SER B 321 71.86 -30.82 -67.25
C SER B 321 71.65 -30.43 -65.79
N PRO B 322 70.69 -31.00 -65.07
CA PRO B 322 70.19 -30.37 -63.85
C PRO B 322 70.96 -30.72 -62.59
N GLY B 323 71.96 -31.59 -62.67
CA GLY B 323 72.58 -32.10 -61.47
C GLY B 323 71.65 -33.05 -60.75
N TRP B 324 72.07 -33.48 -59.57
CA TRP B 324 71.28 -34.40 -58.76
C TRP B 324 71.89 -34.46 -57.37
N LEU B 325 71.25 -35.24 -56.51
CA LEU B 325 71.76 -35.50 -55.16
C LEU B 325 72.12 -36.96 -54.96
N ALA B 326 71.21 -37.87 -55.27
CA ALA B 326 71.43 -39.30 -55.07
C ALA B 326 71.75 -39.96 -56.40
N SER B 327 72.87 -40.67 -56.46
CA SER B 327 73.28 -41.34 -57.69
C SER B 327 73.80 -42.73 -57.37
N MET B 328 73.36 -43.71 -58.16
CA MET B 328 73.86 -45.07 -58.01
C MET B 328 73.82 -45.75 -59.37
N THR B 329 74.63 -46.80 -59.51
CA THR B 329 74.71 -47.54 -60.76
C THR B 329 74.80 -49.03 -60.46
N SER B 330 74.10 -49.82 -61.26
CA SER B 330 74.14 -51.26 -61.13
C SER B 330 75.42 -51.81 -61.72
N ALA B 331 75.59 -53.13 -61.60
CA ALA B 331 76.72 -53.78 -62.23
C ALA B 331 76.59 -53.84 -63.75
N ASP B 332 75.41 -53.56 -64.28
CA ASP B 332 75.17 -53.57 -65.72
C ASP B 332 75.11 -52.16 -66.31
N GLY B 333 75.53 -51.16 -65.55
CA GLY B 333 75.55 -49.80 -66.07
C GLY B 333 74.25 -49.04 -65.98
N THR B 334 73.20 -49.65 -65.43
CA THR B 334 71.94 -48.94 -65.24
C THR B 334 72.11 -47.87 -64.17
N HIS B 335 71.70 -46.65 -64.50
CA HIS B 335 71.90 -45.48 -63.65
C HIS B 335 70.58 -45.09 -63.01
N ALA B 336 70.60 -44.89 -61.69
CA ALA B 336 69.46 -44.43 -60.92
C ALA B 336 69.82 -43.14 -60.21
N TYR B 337 68.96 -42.14 -60.32
CA TYR B 337 69.20 -40.84 -59.73
C TYR B 337 67.96 -40.40 -58.96
N GLU B 338 68.19 -39.58 -57.94
CA GLU B 338 67.15 -38.91 -57.19
C GLU B 338 67.54 -37.45 -57.06
N MET B 339 66.61 -36.56 -57.40
CA MET B 339 66.92 -35.14 -57.48
C MET B 339 65.63 -34.33 -57.42
N GLN B 340 65.77 -33.02 -57.61
CA GLN B 340 64.63 -32.11 -57.60
C GLN B 340 63.82 -32.25 -58.89
N LYS B 341 62.54 -31.96 -58.79
CA LYS B 341 61.66 -32.05 -59.95
C LYS B 341 62.08 -31.04 -61.02
N SER B 342 61.91 -31.43 -62.27
CA SER B 342 62.25 -30.59 -63.41
C SER B 342 61.50 -31.09 -64.63
N PRO B 343 60.87 -30.22 -65.40
CA PRO B 343 60.04 -30.69 -66.51
C PRO B 343 60.86 -31.15 -67.71
N VAL B 344 62.18 -31.29 -67.55
CA VAL B 344 63.04 -31.63 -68.67
C VAL B 344 64.30 -32.31 -68.16
N LEU B 345 65.01 -32.95 -69.09
CA LEU B 345 66.35 -33.47 -68.84
C LEU B 345 67.17 -33.34 -70.11
N LEU B 346 68.49 -33.42 -69.97
CA LEU B 346 69.38 -33.35 -71.12
C LEU B 346 70.51 -34.34 -70.92
N VAL B 347 70.73 -35.20 -71.92
CA VAL B 347 71.70 -36.28 -71.83
C VAL B 347 72.52 -36.32 -73.10
N SER B 348 73.53 -37.18 -73.09
CA SER B 348 74.34 -37.49 -74.27
C SER B 348 74.22 -38.97 -74.58
N TRP B 349 73.99 -39.30 -75.84
CA TRP B 349 73.70 -40.69 -76.20
C TRP B 349 74.96 -41.43 -76.64
N HIS B 350 75.55 -41.02 -77.75
CA HIS B 350 76.80 -41.58 -78.24
C HIS B 350 77.68 -40.47 -78.80
N GLY B 351 77.74 -39.35 -78.10
CA GLY B 351 78.33 -38.16 -78.65
C GLY B 351 77.34 -37.19 -79.27
N LYS B 352 76.05 -37.43 -79.08
CA LYS B 352 75.01 -36.53 -79.52
C LYS B 352 74.19 -36.10 -78.31
N VAL B 353 74.00 -34.80 -78.17
CA VAL B 353 73.23 -34.25 -77.06
C VAL B 353 71.76 -34.30 -77.42
N MET B 354 70.95 -34.83 -76.52
CA MET B 354 69.51 -34.93 -76.74
C MET B 354 68.77 -34.50 -75.49
N GLN B 355 67.52 -34.12 -75.68
CA GLN B 355 66.68 -33.58 -74.63
C GLN B 355 65.47 -34.47 -74.43
N LEU B 356 65.11 -34.67 -73.15
CA LEU B 356 64.01 -35.53 -72.76
C LEU B 356 62.94 -34.69 -72.09
N LYS B 357 61.70 -34.85 -72.53
CA LYS B 357 60.58 -34.10 -72.00
C LYS B 357 59.95 -34.87 -70.84
N VAL B 358 59.79 -34.20 -69.70
CA VAL B 358 59.19 -34.79 -68.50
C VAL B 358 57.82 -34.19 -68.33
N GLU B 359 56.81 -35.03 -68.21
CA GLU B 359 55.43 -34.60 -68.06
C GLU B 359 54.85 -35.18 -66.77
N GLY B 360 53.55 -34.95 -66.57
CA GLY B 360 52.86 -35.45 -65.41
C GLY B 360 52.98 -34.61 -64.16
N LEU B 361 53.71 -33.51 -64.21
CA LEU B 361 53.84 -32.63 -63.05
C LEU B 361 52.58 -31.80 -62.86
N VAL C 38 26.11 -72.30 -67.34
CA VAL C 38 26.51 -73.09 -68.51
C VAL C 38 27.64 -72.41 -69.31
N PRO C 39 27.49 -71.13 -69.68
CA PRO C 39 28.61 -70.47 -70.40
C PRO C 39 29.88 -70.37 -69.58
N LYS C 40 29.78 -70.44 -68.25
CA LYS C 40 30.96 -70.37 -67.40
C LYS C 40 31.57 -71.75 -67.15
N LEU C 41 30.79 -72.66 -66.60
CA LEU C 41 31.29 -74.00 -66.31
C LEU C 41 31.18 -74.87 -67.57
N PRO C 42 32.27 -75.50 -68.01
CA PRO C 42 32.21 -76.34 -69.21
C PRO C 42 31.26 -77.52 -69.01
N CYS C 43 30.21 -77.57 -69.84
CA CYS C 43 29.25 -78.66 -69.72
C CYS C 43 29.85 -80.00 -70.13
N ARG C 44 30.79 -79.99 -71.06
CA ARG C 44 31.47 -81.20 -71.49
C ARG C 44 32.93 -80.89 -71.73
N VAL C 45 33.75 -81.95 -71.78
CA VAL C 45 35.16 -81.78 -72.10
C VAL C 45 35.30 -81.21 -73.52
N ASP C 46 36.30 -80.36 -73.69
CA ASP C 46 36.43 -79.57 -74.91
C ASP C 46 36.62 -80.45 -76.14
N GLY C 47 35.87 -80.15 -77.19
CA GLY C 47 36.06 -80.79 -78.48
C GLY C 47 35.89 -82.30 -78.46
N ALA C 48 34.87 -82.79 -77.77
CA ALA C 48 34.63 -84.22 -77.65
C ALA C 48 33.24 -84.56 -78.18
N CYS C 49 33.13 -85.72 -78.82
CA CYS C 49 31.85 -86.19 -79.35
C CYS C 49 31.95 -87.70 -79.51
N ASP C 50 31.17 -88.43 -78.71
CA ASP C 50 31.21 -89.88 -78.77
C ASP C 50 30.83 -90.40 -80.15
N ALA C 51 29.95 -89.68 -80.84
CA ALA C 51 29.62 -90.06 -82.22
C ALA C 51 30.86 -89.99 -83.10
N THR C 52 31.64 -88.93 -82.97
CA THR C 52 32.89 -88.84 -83.71
C THR C 52 33.85 -89.97 -83.31
N ILE C 53 33.88 -90.28 -82.02
CA ILE C 53 34.77 -91.33 -81.53
C ILE C 53 34.44 -92.65 -82.19
N ILE C 54 33.16 -93.03 -82.17
CA ILE C 54 32.78 -94.31 -82.77
C ILE C 54 32.96 -94.26 -84.28
N LYS C 55 32.72 -93.10 -84.90
CA LYS C 55 32.91 -92.98 -86.34
C LYS C 55 34.35 -93.27 -86.72
N MET C 56 35.30 -92.61 -86.03
CA MET C 56 36.71 -92.83 -86.37
C MET C 56 37.16 -94.23 -86.00
N MET C 57 36.62 -94.81 -84.92
CA MET C 57 36.94 -96.20 -84.62
C MET C 57 36.50 -97.13 -85.73
N THR C 58 35.28 -96.92 -86.24
CA THR C 58 34.79 -97.74 -87.35
C THR C 58 35.63 -97.54 -88.59
N ASP C 59 36.03 -96.30 -88.87
CA ASP C 59 36.86 -96.03 -90.03
C ASP C 59 38.21 -96.73 -89.92
N LEU C 60 38.80 -96.71 -88.73
CA LEU C 60 40.07 -97.43 -88.53
C LEU C 60 39.88 -98.93 -88.73
N ASN C 61 38.81 -99.48 -88.17
CA ASN C 61 38.57 -100.91 -88.29
C ASN C 61 38.37 -101.32 -89.74
N LYS C 62 37.62 -100.52 -90.51
CA LYS C 62 37.43 -100.85 -91.91
C LYS C 62 38.68 -100.58 -92.73
N LYS C 63 39.55 -99.67 -92.29
CA LYS C 63 40.86 -99.55 -92.91
C LYS C 63 41.71 -100.78 -92.64
N GLY C 64 41.47 -101.45 -91.52
CA GLY C 64 42.14 -102.70 -91.20
C GLY C 64 43.06 -102.64 -90.01
N ILE C 65 43.39 -101.44 -89.51
CA ILE C 65 44.20 -101.34 -88.31
C ILE C 65 43.37 -101.74 -87.11
N LYS C 66 43.91 -102.64 -86.29
CA LYS C 66 43.10 -103.23 -85.23
C LYS C 66 42.92 -102.23 -84.09
N VAL C 67 41.69 -102.07 -83.66
CA VAL C 67 41.34 -101.19 -82.54
C VAL C 67 40.45 -101.97 -81.60
N ALA C 68 40.74 -101.93 -80.31
CA ALA C 68 39.90 -102.65 -79.36
C ALA C 68 40.02 -102.02 -77.99
N SER C 69 39.04 -102.32 -77.14
CA SER C 69 39.05 -101.82 -75.78
C SER C 69 38.17 -102.71 -74.91
N VAL C 70 38.58 -102.88 -73.66
CA VAL C 70 37.82 -103.62 -72.66
C VAL C 70 37.89 -102.85 -71.36
N GLY C 71 36.75 -102.72 -70.68
CA GLY C 71 36.69 -101.88 -69.50
C GLY C 71 36.93 -100.43 -69.84
N GLN C 72 38.09 -99.91 -69.46
CA GLN C 72 38.51 -98.57 -69.86
C GLN C 72 39.97 -98.59 -70.30
N ASN C 73 40.38 -99.67 -70.97
CA ASN C 73 41.73 -99.81 -71.48
C ASN C 73 41.66 -99.98 -73.00
N TYR C 74 42.43 -99.18 -73.72
CA TYR C 74 42.39 -99.15 -75.17
C TYR C 74 43.71 -99.64 -75.73
N LEU C 75 43.63 -100.50 -76.75
CA LEU C 75 44.79 -101.06 -77.42
C LEU C 75 44.57 -101.02 -78.92
N ILE C 76 45.57 -100.53 -79.65
CA ILE C 76 45.52 -100.40 -81.10
C ILE C 76 46.77 -101.01 -81.70
N SER C 77 46.59 -101.86 -82.70
CA SER C 77 47.69 -102.54 -83.39
C SER C 77 47.72 -102.12 -84.85
N ILE C 78 48.93 -101.91 -85.36
CA ILE C 78 49.13 -101.49 -86.75
C ILE C 78 50.18 -102.39 -87.39
N PRO C 79 49.89 -102.96 -88.56
CA PRO C 79 50.91 -103.76 -89.26
C PRO C 79 52.11 -102.91 -89.62
N ALA C 80 53.29 -103.53 -89.55
CA ALA C 80 54.52 -102.81 -89.84
C ALA C 80 54.67 -102.49 -91.32
N SER C 81 54.16 -103.36 -92.20
CA SER C 81 54.35 -103.16 -93.63
C SER C 81 53.68 -101.88 -94.10
N ALA C 82 52.47 -101.61 -93.63
CA ALA C 82 51.73 -100.43 -94.07
C ALA C 82 52.31 -99.14 -93.53
N LEU C 83 53.26 -99.20 -92.58
CA LEU C 83 53.82 -98.02 -91.98
C LEU C 83 55.26 -97.76 -92.40
N PHE C 84 56.14 -98.74 -92.23
CA PHE C 84 57.56 -98.55 -92.53
C PHE C 84 57.89 -99.11 -93.91
N ALA C 85 59.09 -98.78 -94.36
CA ALA C 85 59.65 -99.45 -95.53
C ALA C 85 60.27 -100.78 -95.12
N ASP C 86 60.66 -101.56 -96.12
CA ASP C 86 61.09 -102.93 -95.88
C ASP C 86 62.38 -102.97 -95.07
N GLN C 87 62.31 -103.61 -93.90
CA GLN C 87 63.47 -103.89 -93.06
C GLN C 87 64.25 -102.63 -92.70
N SER C 88 63.58 -101.48 -92.66
CA SER C 88 64.25 -100.22 -92.40
C SER C 88 63.46 -99.42 -91.36
N PRO C 89 64.16 -98.66 -90.52
CA PRO C 89 63.47 -97.80 -89.55
C PRO C 89 63.14 -96.42 -90.14
N ARG C 90 62.37 -96.43 -91.21
CA ARG C 90 61.99 -95.21 -91.90
C ARG C 90 60.49 -95.20 -92.13
N LEU C 91 59.91 -94.01 -92.11
CA LEU C 91 58.47 -93.82 -92.26
C LEU C 91 58.14 -93.50 -93.71
N ASN C 92 57.19 -94.24 -94.28
CA ASN C 92 56.72 -93.93 -95.62
C ASN C 92 56.01 -92.58 -95.61
N TRP C 93 56.18 -91.83 -96.70
CA TRP C 93 55.67 -90.45 -96.72
C TRP C 93 54.16 -90.42 -96.57
N ALA C 94 53.45 -91.29 -97.27
CA ALA C 94 51.99 -91.29 -97.20
C ALA C 94 51.49 -91.63 -95.81
N SER C 95 52.30 -92.32 -95.00
CA SER C 95 51.86 -92.71 -93.67
C SER C 95 51.64 -91.52 -92.75
N TYR C 96 52.13 -90.34 -93.13
CA TYR C 96 51.94 -89.18 -92.27
C TYR C 96 50.48 -88.82 -92.10
N SER C 97 49.67 -89.00 -93.14
CA SER C 97 48.23 -88.75 -93.00
C SER C 97 47.61 -89.69 -91.98
N LEU C 98 47.97 -90.97 -92.04
CA LEU C 98 47.44 -91.94 -91.08
C LEU C 98 47.88 -91.58 -89.67
N LEU C 99 49.14 -91.19 -89.51
CA LEU C 99 49.61 -90.77 -88.19
C LEU C 99 48.85 -89.54 -87.70
N ASN C 100 48.60 -88.59 -88.60
CA ASN C 100 47.85 -87.40 -88.23
C ASN C 100 46.46 -87.76 -87.73
N GLU C 101 45.76 -88.63 -88.46
CA GLU C 101 44.40 -88.95 -88.05
C GLU C 101 44.38 -89.82 -86.80
N ILE C 102 45.38 -90.68 -86.60
CA ILE C 102 45.42 -91.46 -85.38
C ILE C 102 45.69 -90.57 -84.18
N ALA C 103 46.53 -89.55 -84.36
CA ALA C 103 46.72 -88.56 -83.30
C ALA C 103 45.44 -87.79 -83.03
N ALA C 104 44.70 -87.46 -84.09
CA ALA C 104 43.43 -86.76 -83.92
C ALA C 104 42.46 -87.61 -83.10
N PHE C 105 42.39 -88.91 -83.40
CA PHE C 105 41.56 -89.80 -82.60
C PHE C 105 42.03 -89.83 -81.15
N LEU C 106 43.34 -89.96 -80.94
CA LEU C 106 43.87 -90.02 -79.58
C LEU C 106 43.55 -88.74 -78.82
N LYS C 107 43.41 -87.62 -79.53
CA LYS C 107 43.12 -86.35 -78.87
C LYS C 107 41.75 -86.36 -78.21
N GLN C 108 40.89 -87.34 -78.51
CA GLN C 108 39.56 -87.42 -77.93
C GLN C 108 39.52 -88.22 -76.64
N PHE C 109 40.61 -88.20 -75.87
CA PHE C 109 40.69 -88.99 -74.66
C PHE C 109 41.52 -88.24 -73.62
N ARG C 110 41.29 -88.62 -72.36
CA ARG C 110 42.12 -88.16 -71.24
C ARG C 110 42.86 -89.35 -70.66
N LYS C 111 44.18 -89.22 -70.56
CA LYS C 111 45.02 -90.33 -70.17
C LYS C 111 46.24 -89.79 -69.42
N ILE C 112 47.08 -90.71 -68.95
CA ILE C 112 48.29 -90.32 -68.22
C ILE C 112 49.50 -90.98 -68.85
N ALA C 113 49.45 -92.30 -69.01
CA ALA C 113 50.58 -93.08 -69.51
C ALA C 113 50.19 -93.79 -70.79
N ILE C 114 51.06 -93.72 -71.79
CA ILE C 114 50.85 -94.41 -73.06
C ILE C 114 52.09 -95.25 -73.37
N THR C 115 51.90 -96.52 -73.68
CA THR C 115 53.00 -97.43 -73.95
C THR C 115 52.96 -97.87 -75.40
N VAL C 116 54.12 -97.87 -76.05
CA VAL C 116 54.26 -98.26 -77.44
C VAL C 116 55.31 -99.36 -77.53
N THR C 117 54.99 -100.41 -78.27
CA THR C 117 55.87 -101.56 -78.46
C THR C 117 55.99 -101.87 -79.94
N SER C 118 57.16 -102.35 -80.32
CA SER C 118 57.47 -102.67 -81.71
C SER C 118 57.94 -104.12 -81.81
N TYR C 119 57.23 -104.93 -82.61
CA TYR C 119 57.56 -106.32 -82.79
C TYR C 119 57.75 -106.60 -84.29
N SER C 120 58.69 -107.49 -84.60
CA SER C 120 59.10 -107.74 -85.97
C SER C 120 59.28 -109.23 -86.17
N SER C 121 59.94 -109.59 -87.27
CA SER C 121 60.20 -110.97 -87.62
C SER C 121 61.69 -111.27 -87.56
N LYS C 122 62.01 -112.53 -87.29
CA LYS C 122 63.40 -112.97 -87.27
C LYS C 122 63.99 -112.83 -88.68
N TYR C 123 64.97 -111.95 -88.82
CA TYR C 123 65.53 -111.62 -90.12
C TYR C 123 66.99 -112.03 -90.26
N VAL C 124 67.87 -111.55 -89.39
CA VAL C 124 69.28 -111.92 -89.45
C VAL C 124 69.75 -112.42 -88.10
N SER C 125 69.50 -111.62 -87.07
CA SER C 125 70.02 -111.89 -85.73
C SER C 125 68.92 -111.56 -84.73
N VAL C 126 69.29 -111.39 -83.47
CA VAL C 126 68.39 -110.86 -82.47
C VAL C 126 68.70 -109.40 -82.17
N LYS C 127 69.99 -109.05 -82.08
CA LYS C 127 70.38 -107.70 -81.72
C LYS C 127 69.94 -106.70 -82.78
N ARG C 128 70.15 -107.03 -84.05
CA ARG C 128 69.77 -106.12 -85.13
C ARG C 128 68.26 -105.88 -85.13
N GLU C 129 67.49 -106.94 -84.94
CA GLU C 129 66.03 -106.80 -84.93
C GLU C 129 65.57 -105.98 -83.74
N ARG C 130 66.19 -106.21 -82.57
CA ARG C 130 65.86 -105.40 -81.41
C ARG C 130 66.16 -103.93 -81.65
N ALA C 131 67.30 -103.64 -82.28
CA ALA C 131 67.65 -102.26 -82.58
C ALA C 131 66.66 -101.65 -83.55
N LEU C 132 66.26 -102.40 -84.57
CA LEU C 132 65.30 -101.88 -85.54
C LEU C 132 63.98 -101.55 -84.86
N THR C 133 63.48 -102.47 -84.03
CA THR C 133 62.22 -102.21 -83.33
C THR C 133 62.35 -101.00 -82.40
N LEU C 134 63.47 -100.90 -81.70
CA LEU C 134 63.67 -99.78 -80.79
C LEU C 134 63.66 -98.46 -81.54
N ALA C 135 64.37 -98.41 -82.67
CA ALA C 135 64.41 -97.17 -83.44
C ALA C 135 63.02 -96.81 -83.96
N ARG C 136 62.28 -97.80 -84.47
CA ARG C 136 60.94 -97.54 -84.96
C ARG C 136 60.05 -96.96 -83.85
N SER C 137 60.10 -97.60 -82.68
CA SER C 137 59.29 -97.14 -81.56
C SER C 137 59.69 -95.72 -81.15
N ARG C 138 60.98 -95.45 -81.10
CA ARG C 138 61.43 -94.11 -80.73
C ARG C 138 60.94 -93.06 -81.71
N VAL C 139 61.01 -93.37 -83.01
CA VAL C 139 60.59 -92.40 -84.01
C VAL C 139 59.10 -92.12 -83.90
N VAL C 140 58.29 -93.18 -83.81
CA VAL C 140 56.85 -92.95 -83.75
C VAL C 140 56.47 -92.22 -82.48
N SER C 141 57.09 -92.58 -81.35
CA SER C 141 56.81 -91.90 -80.10
C SER C 141 57.19 -90.43 -80.19
N GLU C 142 58.34 -90.13 -80.79
CA GLU C 142 58.77 -88.75 -80.94
C GLU C 142 57.75 -87.95 -81.74
N TYR C 143 57.30 -88.50 -82.88
CA TYR C 143 56.36 -87.74 -83.68
C TYR C 143 55.03 -87.56 -82.96
N LEU C 144 54.58 -88.59 -82.23
CA LEU C 144 53.34 -88.45 -81.48
C LEU C 144 53.46 -87.35 -80.43
N TRP C 145 54.57 -87.35 -79.69
CA TRP C 145 54.77 -86.31 -78.68
C TRP C 145 54.82 -84.94 -79.32
N SER C 146 55.49 -84.83 -80.48
CA SER C 146 55.55 -83.56 -81.18
C SER C 146 54.16 -83.08 -81.56
N GLN C 147 53.32 -83.99 -82.05
CA GLN C 147 51.94 -83.63 -82.32
C GLN C 147 51.21 -83.34 -81.02
N GLY C 148 50.04 -82.72 -81.14
CA GLY C 148 49.30 -82.26 -79.98
C GLY C 148 48.59 -83.35 -79.21
N VAL C 149 49.32 -84.35 -78.75
CA VAL C 149 48.76 -85.36 -77.88
C VAL C 149 48.86 -84.88 -76.44
N ASP C 150 48.09 -85.51 -75.56
CA ASP C 150 48.03 -85.12 -74.15
C ASP C 150 48.37 -86.34 -73.31
N SER C 151 49.59 -86.36 -72.78
CA SER C 151 50.00 -87.43 -71.89
C SER C 151 51.06 -86.91 -70.94
N ARG C 152 51.21 -87.61 -69.82
CA ARG C 152 52.28 -87.31 -68.88
C ARG C 152 53.48 -88.22 -69.06
N ILE C 153 53.26 -89.47 -69.42
CA ILE C 153 54.33 -90.45 -69.60
C ILE C 153 54.14 -91.14 -70.94
N ILE C 154 55.22 -91.19 -71.73
CA ILE C 154 55.26 -91.98 -72.95
C ILE C 154 56.39 -92.99 -72.81
N PHE C 155 56.04 -94.27 -72.86
CA PHE C 155 57.00 -95.36 -72.82
C PHE C 155 57.11 -95.97 -74.20
N THR C 156 58.33 -96.32 -74.60
CA THR C 156 58.55 -96.93 -75.90
C THR C 156 59.56 -98.06 -75.76
N GLN C 157 59.28 -99.17 -76.45
CA GLN C 157 60.20 -100.29 -76.43
C GLN C 157 59.95 -101.19 -77.64
N GLY C 158 61.01 -101.86 -78.06
CA GLY C 158 60.92 -102.80 -79.16
C GLY C 158 61.58 -104.12 -78.80
N LEU C 159 61.03 -105.19 -79.33
CA LEU C 159 61.54 -106.51 -79.01
C LEU C 159 61.95 -107.30 -80.24
N GLY C 160 61.18 -107.23 -81.33
CA GLY C 160 61.51 -107.98 -82.52
C GLY C 160 60.60 -109.17 -82.73
N SER C 161 61.19 -110.37 -82.81
CA SER C 161 60.41 -111.58 -82.99
C SER C 161 60.52 -112.46 -81.76
N ASP C 162 60.48 -111.84 -80.59
CA ASP C 162 60.62 -112.55 -79.32
C ASP C 162 59.36 -113.30 -78.94
N LYS C 163 58.18 -112.79 -79.31
CA LYS C 163 56.91 -113.43 -78.99
C LYS C 163 55.92 -113.19 -80.13
N PRO C 164 55.77 -114.16 -81.02
CA PRO C 164 54.78 -114.03 -82.09
C PRO C 164 53.37 -114.21 -81.55
N ILE C 165 52.39 -113.91 -82.40
CA ILE C 165 50.99 -114.05 -82.03
C ILE C 165 50.25 -114.84 -83.09
N THR C 166 51.00 -115.62 -83.87
CA THR C 166 50.41 -116.44 -84.92
C THR C 166 51.40 -117.53 -85.31
N SER C 167 50.91 -118.77 -85.40
CA SER C 167 51.77 -119.88 -85.78
C SER C 167 52.29 -119.74 -87.20
N TYR C 168 51.56 -119.05 -88.08
CA TYR C 168 51.99 -118.87 -89.46
C TYR C 168 53.19 -117.94 -89.50
N THR C 169 54.34 -118.46 -89.93
CA THR C 169 55.59 -117.71 -89.93
C THR C 169 56.28 -117.83 -91.28
N LEU C 170 55.54 -117.72 -92.36
CA LEU C 170 56.15 -117.80 -93.69
C LEU C 170 56.79 -116.49 -94.08
N GLY C 171 56.00 -115.43 -94.18
CA GLY C 171 56.50 -114.16 -94.67
C GLY C 171 57.38 -113.45 -93.66
N GLY C 172 58.07 -112.42 -94.17
CA GLY C 172 58.91 -111.59 -93.33
C GLY C 172 58.18 -110.32 -92.90
N ASP C 173 58.53 -109.19 -93.50
CA ASP C 173 57.82 -107.95 -93.20
C ASP C 173 56.35 -108.02 -93.60
N ARG C 174 56.01 -108.91 -94.54
CA ARG C 174 54.62 -109.07 -94.95
C ARG C 174 53.79 -109.81 -93.91
N SER C 175 54.43 -110.59 -93.04
CA SER C 175 53.68 -111.36 -92.06
C SER C 175 52.92 -110.43 -91.12
N PRO C 176 51.68 -110.78 -90.76
CA PRO C 176 50.90 -109.88 -89.90
C PRO C 176 51.49 -109.66 -88.53
N ASN C 177 52.36 -110.56 -88.05
CA ASN C 177 52.90 -110.39 -86.71
C ASN C 177 53.87 -109.22 -86.62
N ALA C 178 54.39 -108.74 -87.74
CA ALA C 178 55.21 -107.53 -87.75
C ALA C 178 54.31 -106.35 -87.45
N ARG C 179 54.37 -105.85 -86.22
CA ARG C 179 53.33 -104.97 -85.72
C ARG C 179 53.91 -103.90 -84.81
N VAL C 180 53.12 -102.85 -84.62
CA VAL C 180 53.36 -101.83 -83.61
C VAL C 180 52.10 -101.67 -82.79
N GLU C 181 52.26 -101.68 -81.47
CA GLU C 181 51.12 -101.69 -80.55
C GLU C 181 51.17 -100.48 -79.65
N ILE C 182 50.02 -99.84 -79.47
CA ILE C 182 49.87 -98.72 -78.54
C ILE C 182 48.78 -99.09 -77.53
N THR C 183 49.11 -98.96 -76.25
CA THR C 183 48.22 -99.33 -75.17
C THR C 183 48.14 -98.22 -74.14
N PHE C 184 46.95 -98.04 -73.57
CA PHE C 184 46.79 -97.09 -72.47
C PHE C 184 45.47 -97.37 -71.77
N ARG C 185 45.24 -96.65 -70.68
CA ARG C 185 44.01 -96.73 -69.91
C ARG C 185 43.41 -95.35 -69.77
N ARG C 186 42.14 -95.22 -70.13
CA ARG C 186 41.40 -93.99 -69.93
C ARG C 186 40.85 -93.97 -68.50
N ALA C 187 41.26 -92.99 -67.72
CA ALA C 187 40.91 -92.91 -66.31
C ALA C 187 39.97 -91.73 -66.08
N VAL C 188 38.80 -92.02 -65.52
CA VAL C 188 37.82 -91.02 -65.16
C VAL C 188 37.47 -90.13 -66.35
N CYS D 42 55.98 -89.70 -109.56
CA CYS D 42 56.78 -88.85 -110.43
C CYS D 42 57.94 -88.23 -109.69
N PHE D 43 57.77 -88.04 -108.38
CA PHE D 43 58.80 -87.43 -107.55
C PHE D 43 58.51 -87.74 -106.09
N HIS D 44 59.49 -88.36 -105.43
CA HIS D 44 59.35 -88.56 -103.99
C HIS D 44 59.61 -87.26 -103.26
N PRO D 45 58.71 -86.84 -102.37
CA PRO D 45 58.91 -85.60 -101.63
C PRO D 45 60.23 -85.57 -100.87
N PRO D 46 60.67 -86.70 -100.28
CA PRO D 46 62.02 -86.60 -99.67
C PRO D 46 63.15 -86.73 -100.67
N TYR D 47 63.49 -85.59 -101.28
CA TYR D 47 64.65 -85.44 -102.16
C TYR D 47 64.68 -86.48 -103.29
N ASN D 48 63.52 -87.07 -103.58
CA ASN D 48 63.42 -88.16 -104.56
C ASN D 48 64.50 -89.20 -104.34
N ASN D 49 64.81 -89.47 -103.06
CA ASN D 49 65.81 -90.47 -102.68
C ASN D 49 67.16 -90.21 -103.33
N PHE D 50 67.58 -88.94 -103.35
CA PHE D 50 68.93 -88.55 -103.75
C PHE D 50 69.24 -89.00 -105.18
N GLN D 51 68.48 -88.48 -106.12
CA GLN D 51 68.77 -88.76 -107.52
C GLN D 51 68.65 -87.49 -108.35
N PRO D 52 69.42 -87.38 -109.42
CA PRO D 52 69.24 -86.25 -110.34
C PRO D 52 67.94 -86.37 -111.10
N ASP D 53 66.95 -85.57 -110.75
CA ASP D 53 65.64 -85.70 -111.37
C ASP D 53 65.60 -84.99 -112.71
N ARG D 54 64.61 -85.38 -113.51
CA ARG D 54 64.26 -84.66 -114.74
C ARG D 54 62.95 -83.93 -114.49
N ARG D 55 62.97 -82.62 -114.66
CA ARG D 55 61.78 -81.80 -114.43
C ARG D 55 61.11 -81.36 -115.72
N ALA D 56 61.89 -81.00 -116.74
CA ALA D 56 61.32 -80.55 -118.00
C ALA D 56 60.54 -81.65 -118.71
N VAL D 57 60.74 -82.91 -118.33
CA VAL D 57 59.96 -83.99 -118.92
C VAL D 57 58.48 -83.80 -118.62
N LYS D 58 58.16 -83.46 -117.37
CA LYS D 58 56.76 -83.22 -117.02
C LYS D 58 56.20 -82.04 -117.80
N ARG D 59 56.99 -80.97 -117.93
CA ARG D 59 56.55 -79.79 -118.65
C ARG D 59 56.24 -80.12 -120.11
N VAL D 60 57.15 -80.81 -120.78
CA VAL D 60 56.95 -81.13 -122.18
C VAL D 60 55.79 -82.10 -122.34
N GLY D 61 55.63 -83.04 -121.41
CA GLY D 61 54.51 -83.96 -121.48
C GLY D 61 53.17 -83.27 -121.36
N VAL D 62 53.04 -82.39 -120.37
CA VAL D 62 51.77 -81.69 -120.19
C VAL D 62 51.52 -80.72 -121.34
N ASP D 63 52.57 -80.10 -121.89
CA ASP D 63 52.39 -79.23 -123.04
C ASP D 63 51.93 -80.00 -124.26
N THR D 64 52.49 -81.19 -124.48
CA THR D 64 52.01 -82.03 -125.56
C THR D 64 50.57 -82.47 -125.33
N GLY D 65 50.21 -82.77 -124.09
CA GLY D 65 48.86 -83.19 -123.77
C GLY D 65 47.83 -82.09 -123.94
N GLY D 88 53.08 -79.34 -129.01
CA GLY D 88 53.61 -78.13 -128.42
C GLY D 88 55.07 -78.24 -128.05
N GLY D 89 55.89 -78.73 -129.00
CA GLY D 89 57.31 -78.89 -128.72
C GLY D 89 58.01 -77.57 -128.44
N THR D 90 57.68 -76.54 -129.23
CA THR D 90 58.34 -75.25 -129.07
C THR D 90 57.99 -74.60 -127.74
N VAL D 91 56.70 -74.59 -127.39
CA VAL D 91 56.30 -74.01 -126.11
C VAL D 91 56.87 -74.84 -124.97
N GLY D 92 56.96 -76.16 -125.12
CA GLY D 92 57.59 -76.97 -124.10
C GLY D 92 59.04 -76.62 -123.91
N LEU D 93 59.78 -76.44 -125.01
CA LEU D 93 61.19 -76.10 -124.92
C LEU D 93 61.39 -74.74 -124.27
N VAL D 94 60.60 -73.75 -124.66
CA VAL D 94 60.77 -72.41 -124.09
C VAL D 94 60.38 -72.41 -122.61
N ALA D 95 59.34 -73.16 -122.24
CA ALA D 95 58.99 -73.28 -120.83
C ALA D 95 60.12 -73.97 -120.05
N SER D 96 60.75 -74.97 -120.66
CA SER D 96 61.85 -75.66 -120.00
C SER D 96 63.02 -74.71 -119.76
N ILE D 97 63.39 -73.92 -120.78
CA ILE D 97 64.53 -73.02 -120.59
C ILE D 97 64.18 -71.92 -119.59
N TYR D 98 62.93 -71.44 -119.59
CA TYR D 98 62.51 -70.49 -118.58
C TYR D 98 62.62 -71.09 -117.18
N ARG D 99 62.21 -72.35 -117.04
CA ARG D 99 62.29 -73.02 -115.75
C ARG D 99 63.72 -73.18 -115.29
N ASP D 100 64.62 -73.57 -116.18
CA ASP D 100 66.00 -73.81 -115.79
C ASP D 100 66.85 -72.55 -115.78
N SER D 101 66.29 -71.40 -116.16
CA SER D 101 67.04 -70.15 -116.13
C SER D 101 67.53 -69.85 -114.72
N LYS D 102 68.81 -69.50 -114.60
CA LYS D 102 69.41 -69.25 -113.29
C LYS D 102 68.73 -68.09 -112.58
N ARG D 103 68.44 -67.01 -113.30
CA ARG D 103 67.87 -65.83 -112.66
C ARG D 103 66.51 -66.15 -112.04
N LYS D 104 65.71 -66.97 -112.72
CA LYS D 104 64.43 -67.37 -112.13
C LYS D 104 64.65 -68.20 -110.87
N ILE D 105 65.70 -69.02 -110.85
CA ILE D 105 66.05 -69.77 -109.64
C ILE D 105 66.37 -68.81 -108.51
N ILE D 106 67.16 -67.78 -108.79
CA ILE D 106 67.52 -66.81 -107.78
C ILE D 106 66.28 -66.08 -107.29
N ARG D 107 65.36 -65.75 -108.20
CA ARG D 107 64.13 -65.08 -107.80
C ARG D 107 63.29 -65.98 -106.92
N ASP D 108 63.24 -67.28 -107.21
CA ASP D 108 62.53 -68.21 -106.36
C ASP D 108 63.16 -68.28 -104.98
N LEU D 109 64.50 -68.28 -104.92
CA LEU D 109 65.19 -68.29 -103.64
C LEU D 109 64.86 -67.02 -102.85
N GLN D 110 64.79 -65.89 -103.54
CA GLN D 110 64.37 -64.65 -102.89
C GLN D 110 62.94 -64.74 -102.38
N LYS D 111 62.07 -65.39 -103.15
CA LYS D 111 60.70 -65.60 -102.70
C LYS D 111 60.67 -66.41 -101.42
N GLN D 112 61.49 -67.44 -101.34
CA GLN D 112 61.70 -68.12 -100.06
C GLN D 112 62.57 -67.26 -99.16
N ASP D 113 62.65 -67.64 -97.90
CA ASP D 113 63.41 -66.87 -96.91
C ASP D 113 64.89 -67.28 -96.93
N ILE D 114 65.50 -67.16 -98.11
CA ILE D 114 66.91 -67.48 -98.31
C ILE D 114 67.55 -66.30 -99.02
N GLN D 115 68.73 -65.89 -98.57
CA GLN D 115 69.39 -64.72 -99.14
C GLN D 115 70.67 -65.14 -99.86
N TYR D 116 70.97 -64.45 -100.96
CA TYR D 116 72.16 -64.74 -101.75
C TYR D 116 72.84 -63.43 -102.13
N VAL D 117 74.17 -63.44 -102.08
CA VAL D 117 74.98 -62.27 -102.43
C VAL D 117 76.13 -62.72 -103.32
N GLU D 118 76.36 -61.97 -104.40
CA GLU D 118 77.50 -62.19 -105.28
C GLU D 118 78.23 -60.87 -105.46
N TYR D 119 79.53 -60.89 -105.19
CA TYR D 119 80.33 -59.67 -105.22
C TYR D 119 81.78 -60.06 -105.48
N GLY D 120 82.28 -59.70 -106.66
CA GLY D 120 83.62 -60.11 -107.03
C GLY D 120 83.68 -61.60 -107.31
N ASP D 121 84.78 -62.23 -106.89
CA ASP D 121 84.95 -63.66 -107.07
C ASP D 121 84.32 -64.48 -105.96
N THR D 122 83.70 -63.84 -104.98
CA THR D 122 83.12 -64.53 -103.84
C THR D 122 81.60 -64.59 -103.98
N ARG D 123 81.02 -65.72 -103.60
CA ARG D 123 79.58 -65.88 -103.59
C ARG D 123 79.15 -66.48 -102.25
N THR D 124 78.13 -65.88 -101.63
CA THR D 124 77.71 -66.26 -100.29
C THR D 124 76.20 -66.46 -100.25
N LEU D 125 75.79 -67.40 -99.41
CA LEU D 125 74.40 -67.75 -99.18
C LEU D 125 74.11 -67.68 -97.69
N ILE D 126 72.93 -67.16 -97.34
CA ILE D 126 72.51 -67.00 -95.96
C ILE D 126 71.18 -67.72 -95.76
N ILE D 127 71.14 -68.58 -94.75
CA ILE D 127 69.99 -69.42 -94.44
C ILE D 127 69.59 -69.26 -92.98
N PRO D 128 68.29 -69.11 -92.69
CA PRO D 128 67.83 -68.91 -91.31
C PRO D 128 67.71 -70.24 -90.57
N THR D 129 68.49 -70.37 -89.50
CA THR D 129 68.45 -71.60 -88.70
C THR D 129 67.07 -71.83 -88.11
N ASP D 130 66.45 -70.76 -87.61
CA ASP D 130 65.19 -70.90 -86.89
C ASP D 130 64.05 -71.37 -87.77
N LYS D 131 64.18 -71.25 -89.09
CA LYS D 131 63.14 -71.71 -90.00
C LYS D 131 63.57 -72.90 -90.85
N TYR D 132 64.86 -73.23 -90.88
CA TYR D 132 65.32 -74.41 -91.62
C TYR D 132 65.98 -75.44 -90.71
N PHE D 133 65.71 -75.38 -89.41
CA PHE D 133 66.24 -76.34 -88.46
C PHE D 133 65.17 -76.66 -87.43
N MET D 134 65.28 -77.84 -86.83
CA MET D 134 64.47 -78.13 -85.66
C MET D 134 65.00 -77.36 -84.46
N PHE D 135 64.09 -76.74 -83.73
CA PHE D 135 64.50 -75.85 -82.64
C PHE D 135 65.31 -76.60 -81.59
N SER D 136 66.40 -75.97 -81.16
CA SER D 136 67.22 -76.47 -80.06
C SER D 136 67.67 -77.91 -80.28
N SER D 137 68.17 -78.19 -81.48
CA SER D 137 68.65 -79.52 -81.84
C SER D 137 69.37 -79.42 -83.17
N PRO D 138 70.33 -80.31 -83.43
CA PRO D 138 70.96 -80.35 -84.75
C PRO D 138 70.05 -80.87 -85.84
N ARG D 139 68.83 -81.27 -85.51
CA ARG D 139 67.87 -81.70 -86.51
C ARG D 139 67.45 -80.51 -87.38
N LEU D 140 67.28 -80.76 -88.66
CA LEU D 140 66.84 -79.75 -89.60
C LEU D 140 65.42 -80.07 -90.05
N ASN D 141 64.66 -79.03 -90.36
CA ASN D 141 63.28 -79.23 -90.80
C ASN D 141 63.25 -79.94 -92.15
N GLU D 142 62.11 -80.57 -92.44
CA GLU D 142 61.89 -81.22 -93.72
C GLU D 142 60.73 -80.63 -94.51
N ILE D 143 59.91 -79.79 -93.88
CA ILE D 143 58.80 -79.16 -94.61
C ILE D 143 59.33 -78.24 -95.69
N CYS D 144 60.45 -77.58 -95.42
CA CYS D 144 61.02 -76.60 -96.34
C CYS D 144 61.99 -77.22 -97.33
N TYR D 145 61.76 -78.48 -97.71
CA TYR D 145 62.65 -79.18 -98.64
C TYR D 145 62.87 -78.49 -99.99
N PRO D 146 61.88 -77.84 -100.62
CA PRO D 146 62.16 -77.24 -101.94
C PRO D 146 63.28 -76.23 -101.91
N GLY D 147 63.46 -75.53 -100.79
CA GLY D 147 64.59 -74.63 -100.68
C GLY D 147 65.92 -75.35 -100.84
N LEU D 148 66.09 -76.47 -100.14
CA LEU D 148 67.33 -77.22 -100.26
C LEU D 148 67.48 -77.82 -101.64
N ASN D 149 66.36 -78.27 -102.25
CA ASN D 149 66.43 -78.80 -103.60
C ASN D 149 66.93 -77.76 -104.58
N ASN D 150 66.37 -76.55 -104.51
CA ASN D 150 66.83 -75.47 -105.37
C ASN D 150 68.25 -75.06 -105.03
N VAL D 151 68.64 -75.20 -103.77
CA VAL D 151 70.03 -74.91 -103.39
C VAL D 151 70.99 -75.85 -104.10
N ILE D 152 70.67 -77.14 -104.10
CA ILE D 152 71.51 -78.10 -104.80
C ILE D 152 71.50 -77.83 -106.30
N ARG D 153 70.33 -77.51 -106.84
CA ARG D 153 70.24 -77.17 -108.26
C ARG D 153 71.17 -76.00 -108.59
N LEU D 154 71.17 -74.97 -107.74
CA LEU D 154 72.04 -73.83 -107.96
C LEU D 154 73.51 -74.22 -107.89
N LEU D 155 73.90 -74.90 -106.81
CA LEU D 155 75.29 -75.25 -106.61
C LEU D 155 75.81 -76.22 -107.65
N ASN D 156 74.92 -76.88 -108.40
CA ASN D 156 75.38 -77.75 -109.47
C ASN D 156 76.17 -77.00 -110.54
N PHE D 157 76.02 -75.68 -110.62
CA PHE D 157 76.67 -74.91 -111.67
C PHE D 157 78.15 -74.65 -111.41
N TYR D 158 78.67 -75.00 -110.23
CA TYR D 158 80.04 -74.66 -109.83
C TYR D 158 80.78 -75.92 -109.45
N PRO D 159 81.17 -76.73 -110.45
CA PRO D 159 81.74 -78.05 -110.16
C PRO D 159 83.20 -78.07 -109.75
N GLN D 160 83.82 -76.92 -109.45
CA GLN D 160 85.20 -76.93 -108.99
C GLN D 160 85.47 -76.05 -107.79
N SER D 161 84.58 -75.12 -107.44
CA SER D 161 84.86 -74.21 -106.34
C SER D 161 84.88 -74.94 -105.01
N THR D 162 85.86 -74.58 -104.17
CA THR D 162 85.89 -75.06 -102.80
C THR D 162 84.81 -74.34 -101.99
N ILE D 163 84.35 -75.01 -100.93
CA ILE D 163 83.19 -74.56 -100.17
C ILE D 163 83.60 -74.34 -98.72
N TYR D 164 83.22 -73.19 -98.17
CA TYR D 164 83.22 -72.96 -96.73
C TYR D 164 81.78 -72.90 -96.26
N VAL D 165 81.46 -73.64 -95.21
CA VAL D 165 80.14 -73.57 -94.59
C VAL D 165 80.32 -73.27 -93.11
N ALA D 166 79.61 -72.26 -92.61
CA ALA D 166 79.79 -71.83 -91.24
C ALA D 166 78.44 -71.62 -90.58
N GLY D 167 78.44 -71.79 -89.27
CA GLY D 167 77.24 -71.60 -88.48
C GLY D 167 77.46 -70.60 -87.37
N PHE D 168 76.38 -69.87 -87.05
CA PHE D 168 76.47 -68.83 -86.03
C PHE D 168 75.19 -68.78 -85.21
N THR D 169 75.32 -68.34 -83.96
CA THR D 169 74.22 -68.25 -83.03
C THR D 169 74.33 -66.95 -82.24
N ASP D 170 73.41 -66.76 -81.29
CA ASP D 170 73.33 -65.54 -80.52
C ASP D 170 74.19 -65.64 -79.26
N ASN D 171 74.00 -64.71 -78.32
CA ASN D 171 74.92 -64.48 -77.22
C ASN D 171 74.32 -64.84 -75.86
N VAL D 172 73.60 -65.95 -75.79
CA VAL D 172 72.98 -66.39 -74.55
C VAL D 172 73.33 -67.85 -74.31
N GLY D 173 73.79 -68.17 -73.11
CA GLY D 173 74.13 -69.52 -72.73
C GLY D 173 75.64 -69.68 -72.58
N SER D 174 76.03 -70.91 -72.28
CA SER D 174 77.44 -71.25 -72.23
C SER D 174 78.07 -71.11 -73.61
N ARG D 175 79.24 -70.48 -73.66
CA ARG D 175 79.96 -70.39 -74.92
C ARG D 175 80.25 -71.76 -75.49
N SER D 176 80.55 -72.73 -74.63
CA SER D 176 80.71 -74.10 -75.07
C SER D 176 79.43 -74.63 -75.68
N HIS D 177 78.29 -74.32 -75.06
CA HIS D 177 77.00 -74.74 -75.61
C HIS D 177 76.77 -74.16 -77.00
N LYS D 178 77.07 -72.86 -77.16
CA LYS D 178 76.91 -72.23 -78.46
C LYS D 178 77.81 -72.88 -79.50
N ARG D 179 79.07 -73.11 -79.13
CA ARG D 179 80.01 -73.72 -80.06
C ARG D 179 79.53 -75.11 -80.48
N LYS D 180 79.09 -75.90 -79.52
CA LYS D 180 78.63 -77.25 -79.83
C LYS D 180 77.43 -77.21 -80.78
N LEU D 181 76.45 -76.35 -80.48
CA LEU D 181 75.27 -76.29 -81.33
C LEU D 181 75.63 -75.85 -82.74
N SER D 182 76.47 -74.82 -82.85
CA SER D 182 76.86 -74.33 -84.17
C SER D 182 77.59 -75.40 -84.95
N GLN D 183 78.54 -76.08 -84.31
CA GLN D 183 79.29 -77.13 -84.98
C GLN D 183 78.37 -78.25 -85.45
N ALA D 184 77.42 -78.65 -84.59
CA ALA D 184 76.50 -79.69 -84.97
C ALA D 184 75.70 -79.29 -86.20
N GLN D 185 75.13 -78.09 -86.19
CA GLN D 185 74.31 -77.66 -87.32
C GLN D 185 75.14 -77.59 -88.60
N ALA D 186 76.32 -77.00 -88.51
CA ALA D 186 77.16 -76.84 -89.69
C ALA D 186 77.57 -78.19 -90.25
N GLU D 187 77.97 -79.12 -89.38
CA GLU D 187 78.39 -80.43 -89.86
C GLU D 187 77.21 -81.21 -90.42
N THR D 188 76.01 -81.04 -89.87
CA THR D 188 74.84 -81.69 -90.45
C THR D 188 74.59 -81.19 -91.86
N MET D 189 74.66 -79.87 -92.05
CA MET D 189 74.45 -79.34 -93.40
C MET D 189 75.55 -79.80 -94.35
N MET D 190 76.79 -79.89 -93.86
CA MET D 190 77.89 -80.39 -94.67
C MET D 190 77.64 -81.82 -95.09
N THR D 191 77.18 -82.66 -94.16
CA THR D 191 76.87 -84.04 -94.50
C THR D 191 75.74 -84.12 -95.51
N PHE D 192 74.73 -83.25 -95.37
CA PHE D 192 73.66 -83.23 -96.36
C PHE D 192 74.21 -82.90 -97.74
N LEU D 193 75.13 -81.92 -97.81
CA LEU D 193 75.75 -81.60 -99.09
C LEU D 193 76.52 -82.79 -99.64
N TRP D 194 77.25 -83.49 -98.77
CA TRP D 194 78.02 -84.65 -99.22
C TRP D 194 77.10 -85.73 -99.78
N ALA D 195 75.96 -85.95 -99.10
CA ALA D 195 74.97 -86.87 -99.63
C ALA D 195 74.44 -86.39 -100.97
N ASN D 196 74.26 -85.08 -101.13
CA ASN D 196 73.91 -84.54 -102.43
C ASN D 196 75.02 -84.76 -103.46
N GLY D 197 76.23 -85.09 -103.02
CA GLY D 197 77.21 -85.62 -103.94
C GLY D 197 78.36 -84.73 -104.38
N ILE D 198 78.98 -84.04 -103.43
CA ILE D 198 80.21 -83.29 -103.68
C ILE D 198 81.34 -83.96 -102.92
N ALA D 199 82.47 -84.15 -103.59
CA ALA D 199 83.61 -84.83 -102.98
C ALA D 199 84.10 -84.06 -101.77
N ALA D 200 84.48 -84.80 -100.72
CA ALA D 200 84.83 -84.19 -99.45
C ALA D 200 86.05 -83.28 -99.56
N LYS D 201 86.85 -83.42 -100.61
CA LYS D 201 87.97 -82.52 -100.81
C LYS D 201 87.53 -81.09 -101.06
N ARG D 202 86.27 -80.88 -101.41
CA ARG D 202 85.75 -79.56 -101.74
C ARG D 202 84.95 -78.93 -100.61
N LEU D 203 85.03 -79.47 -99.40
CA LEU D 203 84.20 -79.01 -98.30
C LEU D 203 85.04 -78.63 -97.09
N LYS D 204 84.54 -77.65 -96.35
CA LYS D 204 85.17 -77.21 -95.10
C LYS D 204 84.10 -76.58 -94.23
N ALA D 205 83.92 -77.11 -93.02
CA ALA D 205 82.83 -76.72 -92.15
C ALA D 205 83.37 -76.12 -90.85
N GLU D 206 82.61 -75.17 -90.30
CA GLU D 206 83.01 -74.52 -89.06
C GLU D 206 81.79 -73.90 -88.39
N GLY D 207 81.62 -74.18 -87.10
CA GLY D 207 80.57 -73.53 -86.34
C GLY D 207 81.16 -72.60 -85.29
N TYR D 208 81.04 -71.30 -85.50
CA TYR D 208 81.64 -70.34 -84.60
C TYR D 208 80.68 -70.06 -83.45
N GLY D 209 80.97 -69.03 -82.66
CA GLY D 209 80.06 -68.63 -81.61
C GLY D 209 79.19 -67.47 -82.04
N ASP D 210 79.49 -66.29 -81.50
CA ASP D 210 78.70 -65.11 -81.81
C ASP D 210 79.57 -63.86 -82.01
N LYS D 211 80.89 -64.01 -82.02
CA LYS D 211 81.75 -62.83 -82.01
C LYS D 211 81.54 -61.95 -83.23
N ASN D 212 81.56 -62.54 -84.42
CA ASN D 212 81.31 -61.78 -85.64
C ASN D 212 79.82 -61.55 -85.76
N ALA D 213 79.35 -60.43 -85.22
CA ALA D 213 77.94 -60.10 -85.20
C ALA D 213 77.61 -59.22 -86.40
N ILE D 214 76.69 -59.68 -87.25
CA ILE D 214 76.25 -58.91 -88.39
C ILE D 214 74.97 -58.18 -88.02
N SER D 215 74.63 -58.22 -86.74
CA SER D 215 73.41 -57.61 -86.23
C SER D 215 73.66 -57.17 -84.81
N ASP D 216 72.59 -56.89 -84.08
CA ASP D 216 72.66 -56.56 -82.66
C ASP D 216 71.83 -57.57 -81.87
N ASN D 217 72.36 -58.03 -80.75
CA ASN D 217 71.66 -58.97 -79.89
C ASN D 217 70.95 -58.32 -78.73
N ALA D 218 71.05 -56.99 -78.59
CA ALA D 218 70.31 -56.27 -77.57
C ALA D 218 68.89 -55.93 -77.99
N ILE D 219 68.55 -56.18 -79.26
CA ILE D 219 67.19 -55.97 -79.76
C ILE D 219 66.70 -57.29 -80.32
N ILE D 220 65.39 -57.52 -80.16
CA ILE D 220 64.83 -58.84 -80.44
C ILE D 220 64.98 -59.21 -81.90
N HIS D 221 64.62 -58.30 -82.80
CA HIS D 221 64.66 -58.64 -84.22
C HIS D 221 66.10 -58.90 -84.68
N GLY D 222 67.04 -58.06 -84.25
CA GLY D 222 68.43 -58.28 -84.61
C GLY D 222 68.97 -59.59 -84.05
N SER D 223 68.61 -59.90 -82.80
CA SER D 223 69.05 -61.15 -82.21
C SER D 223 68.47 -62.34 -82.96
N ALA D 224 67.23 -62.22 -83.41
CA ALA D 224 66.64 -63.28 -84.23
C ALA D 224 67.40 -63.44 -85.54
N GLN D 225 67.78 -62.32 -86.16
CA GLN D 225 68.55 -62.38 -87.40
C GLN D 225 69.96 -62.91 -87.17
N ASN D 226 70.48 -62.79 -85.95
CA ASN D 226 71.90 -63.06 -85.72
C ASN D 226 72.25 -64.51 -86.02
N ARG D 227 71.53 -65.45 -85.43
CA ARG D 227 71.82 -66.85 -85.67
C ARG D 227 71.52 -67.21 -87.13
N ARG D 228 72.44 -67.93 -87.75
CA ARG D 228 72.41 -68.02 -89.21
C ARG D 228 73.30 -69.15 -89.67
N ILE D 229 73.15 -69.50 -90.95
CA ILE D 229 74.06 -70.39 -91.66
C ILE D 229 74.58 -69.64 -92.88
N GLU D 230 75.90 -69.65 -93.06
CA GLU D 230 76.51 -68.97 -94.19
C GLU D 230 77.29 -69.95 -95.04
N ILE D 231 77.30 -69.69 -96.35
CA ILE D 231 78.02 -70.50 -97.32
C ILE D 231 78.85 -69.56 -98.18
N GLN D 232 80.16 -69.76 -98.18
CA GLN D 232 81.08 -68.97 -98.98
C GLN D 232 81.74 -69.87 -100.02
N TRP D 233 81.92 -69.36 -101.23
CA TRP D 233 82.77 -70.07 -102.18
C TRP D 233 83.36 -69.11 -103.19
N PHE D 234 84.60 -69.40 -103.58
CA PHE D 234 85.35 -68.61 -104.54
C PHE D 234 84.91 -68.97 -105.95
N THR D 235 85.70 -68.56 -106.94
CA THR D 235 85.43 -68.88 -108.34
C THR D 235 86.46 -69.83 -108.93
N SER D 236 87.74 -69.54 -108.75
CA SER D 236 88.81 -70.39 -109.27
C SER D 236 89.82 -70.74 -108.19
N ASP E 39 23.27 -82.14 -79.86
CA ASP E 39 23.66 -81.87 -78.49
C ASP E 39 23.57 -83.13 -77.64
N GLY E 40 23.32 -84.26 -78.31
CA GLY E 40 23.23 -85.53 -77.61
C GLY E 40 24.58 -86.02 -77.12
N CYS E 41 24.73 -86.10 -75.79
CA CYS E 41 25.99 -86.58 -75.23
C CYS E 41 26.26 -88.02 -75.65
N CYS E 42 25.25 -88.88 -75.57
CA CYS E 42 25.37 -90.23 -76.10
C CYS E 42 24.86 -90.32 -77.53
N SER E 43 25.36 -89.44 -78.39
CA SER E 43 24.93 -89.42 -79.77
C SER E 43 25.41 -90.66 -80.51
N LYS E 44 24.58 -91.15 -81.43
CA LYS E 44 24.86 -92.37 -82.19
C LYS E 44 25.12 -93.55 -81.26
N MET E 45 24.61 -93.46 -80.04
CA MET E 45 24.74 -94.53 -79.05
C MET E 45 23.36 -94.87 -78.52
N GLY E 46 23.33 -95.76 -77.52
CA GLY E 46 22.06 -96.16 -76.94
C GLY E 46 21.31 -95.03 -76.27
N GLY E 47 22.02 -94.06 -75.72
CA GLY E 47 21.42 -92.96 -75.00
C GLY E 47 21.82 -92.95 -73.54
N ILE E 48 21.35 -91.91 -72.84
CA ILE E 48 21.73 -91.72 -71.45
C ILE E 48 21.10 -92.81 -70.59
N ASN E 49 21.92 -93.43 -69.74
CA ASN E 49 21.41 -94.39 -68.77
C ASN E 49 21.19 -93.73 -67.41
N TYR E 50 22.23 -93.19 -66.81
CA TYR E 50 22.16 -92.46 -65.56
C TYR E 50 23.46 -91.69 -65.37
N CYS E 51 23.66 -91.14 -64.19
CA CYS E 51 24.85 -90.34 -63.88
C CYS E 51 25.58 -90.95 -62.69
N ASP E 52 26.79 -91.44 -62.91
CA ASP E 52 27.64 -91.90 -61.83
C ASP E 52 28.28 -90.68 -61.19
N SER E 53 27.95 -90.45 -59.91
CA SER E 53 28.48 -89.30 -59.18
C SER E 53 29.93 -89.49 -58.79
N SER E 54 30.31 -90.71 -58.38
CA SER E 54 31.71 -90.97 -58.05
C SER E 54 32.60 -90.66 -59.24
N ALA E 55 32.10 -90.85 -60.45
CA ALA E 55 32.78 -90.43 -61.66
C ALA E 55 32.31 -89.06 -62.14
N GLY E 56 31.18 -88.57 -61.65
CA GLY E 56 30.67 -87.30 -62.12
C GLY E 56 30.35 -87.29 -63.59
N ARG E 57 30.01 -88.44 -64.16
CA ARG E 57 29.83 -88.58 -65.59
C ARG E 57 28.55 -89.34 -65.89
N LEU E 58 27.99 -89.05 -67.07
CA LEU E 58 26.88 -89.85 -67.56
C LEU E 58 27.39 -91.18 -68.08
N VAL E 59 26.51 -92.18 -68.05
CA VAL E 59 26.77 -93.48 -68.65
C VAL E 59 25.78 -93.70 -69.78
N CYS E 60 26.30 -94.01 -70.96
CA CYS E 60 25.43 -94.29 -72.09
C CYS E 60 24.78 -95.66 -71.90
N ASN E 61 23.73 -95.91 -72.69
CA ASN E 61 23.06 -97.21 -72.63
C ASN E 61 24.01 -98.33 -73.05
N ASN E 62 24.80 -98.09 -74.08
CA ASN E 62 25.93 -98.97 -74.34
C ASN E 62 27.03 -98.69 -73.32
N GLY E 63 27.89 -99.68 -73.10
CA GLY E 63 28.79 -99.66 -71.98
C GLY E 63 29.95 -98.68 -72.09
N PHE E 64 29.65 -97.39 -72.02
CA PHE E 64 30.71 -96.38 -72.04
C PHE E 64 30.30 -95.17 -71.21
N TYR E 65 31.30 -94.45 -70.73
CA TYR E 65 31.09 -93.17 -70.08
C TYR E 65 31.02 -92.07 -71.12
N SER E 66 29.99 -91.25 -71.04
CA SER E 66 29.88 -90.13 -71.97
C SER E 66 30.94 -89.08 -71.66
N THR E 67 31.21 -88.24 -72.65
CA THR E 67 32.14 -87.14 -72.50
C THR E 67 31.49 -85.89 -71.92
N CYS E 68 30.39 -86.05 -71.20
CA CYS E 68 29.72 -84.95 -70.54
C CYS E 68 29.72 -85.18 -69.03
N TYR E 69 29.73 -84.08 -68.28
CA TYR E 69 29.66 -84.15 -66.84
C TYR E 69 28.21 -84.04 -66.37
N CYS E 70 27.97 -84.48 -65.15
CA CYS E 70 26.65 -84.28 -64.54
C CYS E 70 26.78 -83.63 -63.17
N THR E 71 27.82 -83.98 -62.43
CA THR E 71 28.04 -83.44 -61.10
C THR E 71 29.18 -82.42 -61.16
N ARG E 72 29.00 -81.33 -60.41
CA ARG E 72 30.05 -80.33 -60.35
C ARG E 72 31.29 -80.80 -59.61
N HIS E 73 31.19 -81.90 -58.87
CA HIS E 73 32.33 -82.43 -58.11
C HIS E 73 33.07 -83.48 -58.93
N ALA E 74 33.46 -83.09 -60.14
CA ALA E 74 34.24 -83.94 -61.02
C ALA E 74 35.57 -83.26 -61.32
N VAL E 75 36.36 -83.88 -62.18
CA VAL E 75 37.66 -83.36 -62.56
C VAL E 75 37.51 -82.67 -63.92
N MET E 76 37.46 -81.34 -63.89
CA MET E 76 37.45 -80.53 -65.10
C MET E 76 38.78 -79.80 -65.20
N ASP E 77 39.43 -79.90 -66.37
CA ASP E 77 40.76 -79.33 -66.57
C ASP E 77 40.60 -77.91 -67.09
N LEU E 78 40.46 -76.97 -66.17
CA LEU E 78 40.41 -75.56 -66.50
C LEU E 78 41.55 -74.83 -65.80
N GLN E 79 42.30 -74.02 -66.57
CA GLN E 79 43.43 -73.28 -66.05
C GLN E 79 43.28 -71.78 -66.30
N PHE E 80 42.07 -71.31 -66.56
CA PHE E 80 41.81 -69.89 -66.80
C PHE E 80 40.46 -69.53 -66.20
N LEU E 81 40.40 -68.37 -65.57
CA LEU E 81 39.18 -67.94 -64.87
C LEU E 81 39.24 -66.42 -64.68
N MET E 82 38.29 -65.90 -63.90
CA MET E 82 38.17 -64.46 -63.68
C MET E 82 38.13 -64.15 -62.20
N GLY E 83 37.85 -62.88 -61.85
CA GLY E 83 37.68 -62.50 -60.47
C GLY E 83 38.55 -61.35 -60.01
N CYS E 84 37.93 -60.30 -59.47
CA CYS E 84 38.67 -59.19 -58.91
C CYS E 84 39.23 -59.57 -57.53
N CYS E 85 40.31 -58.89 -57.14
CA CYS E 85 41.03 -59.18 -55.89
C CYS E 85 41.47 -60.64 -55.84
N LEU E 86 41.70 -61.23 -57.01
CA LEU E 86 42.00 -62.65 -57.10
C LEU E 86 43.35 -62.97 -56.47
N TRP E 87 43.49 -64.21 -56.02
CA TRP E 87 44.74 -64.71 -55.45
C TRP E 87 45.20 -63.86 -54.28
N HIS E 88 44.24 -63.34 -53.52
CA HIS E 88 44.50 -62.61 -52.30
C HIS E 88 43.33 -62.91 -51.36
N GLY E 89 43.16 -62.08 -50.34
CA GLY E 89 42.06 -62.28 -49.41
C GLY E 89 40.69 -62.11 -50.02
N GLY E 90 40.63 -61.94 -51.34
CA GLY E 90 39.38 -61.72 -52.02
C GLY E 90 38.93 -60.27 -51.90
N VAL E 91 37.75 -60.01 -52.46
CA VAL E 91 37.21 -58.67 -52.47
C VAL E 91 36.78 -58.30 -51.07
N TYR E 92 37.33 -57.22 -50.54
CA TYR E 92 36.96 -56.77 -49.21
C TYR E 92 35.54 -56.21 -49.23
N PRO E 93 34.72 -56.53 -48.22
CA PRO E 93 33.30 -56.15 -48.25
C PRO E 93 33.04 -54.68 -47.95
N GLN E 94 34.05 -53.83 -47.87
CA GLN E 94 33.81 -52.43 -47.59
C GLN E 94 33.19 -51.75 -48.81
N LEU E 95 32.63 -50.56 -48.58
CA LEU E 95 32.10 -49.73 -49.63
C LEU E 95 32.75 -48.35 -49.54
N ASN E 96 33.09 -47.79 -50.70
CA ASN E 96 33.82 -46.53 -50.77
C ASN E 96 33.08 -45.56 -51.67
N SER E 97 33.05 -44.29 -51.26
CA SER E 97 32.43 -43.26 -52.08
C SER E 97 33.13 -43.14 -53.43
N SER E 98 34.46 -43.17 -53.41
CA SER E 98 35.22 -43.23 -54.65
C SER E 98 35.33 -44.68 -55.12
N GLY E 99 36.05 -44.89 -56.21
CA GLY E 99 36.21 -46.23 -56.75
C GLY E 99 37.31 -47.05 -56.11
N LEU E 100 37.96 -46.54 -55.07
CA LEU E 100 39.06 -47.26 -54.44
C LEU E 100 38.56 -48.57 -53.84
N VAL E 101 39.16 -49.67 -54.26
CA VAL E 101 38.80 -51.00 -53.80
C VAL E 101 40.07 -51.71 -53.33
N VAL E 102 39.95 -52.47 -52.25
CA VAL E 102 41.08 -53.16 -51.65
C VAL E 102 40.69 -54.62 -51.40
N CYS E 103 41.70 -55.45 -51.18
CA CYS E 103 41.51 -56.85 -50.87
C CYS E 103 41.91 -57.11 -49.41
N ASN E 104 41.46 -58.26 -48.90
CA ASN E 104 41.67 -58.58 -47.49
C ASN E 104 43.16 -58.72 -47.15
N ASP E 105 44.03 -58.90 -48.14
CA ASP E 105 45.45 -58.85 -47.89
C ASP E 105 45.97 -57.42 -47.76
N GLY E 106 45.14 -56.43 -48.03
CA GLY E 106 45.54 -55.04 -47.94
C GLY E 106 46.04 -54.44 -49.23
N TYR E 107 46.26 -55.24 -50.26
CA TYR E 107 46.69 -54.72 -51.55
C TYR E 107 45.50 -54.19 -52.33
N VAL E 108 45.76 -53.17 -53.15
CA VAL E 108 44.72 -52.54 -53.93
C VAL E 108 44.82 -53.02 -55.38
N SER E 109 43.80 -52.73 -56.17
CA SER E 109 43.73 -53.18 -57.56
C SER E 109 43.17 -52.06 -58.42
N GLU E 110 44.03 -51.46 -59.24
CA GLU E 110 43.56 -50.43 -60.17
C GLU E 110 42.59 -51.00 -61.18
N GLU E 111 42.87 -52.21 -61.68
CA GLU E 111 41.98 -52.84 -62.65
C GLU E 111 40.59 -53.03 -62.08
N CYS E 112 40.50 -53.48 -60.82
CA CYS E 112 39.20 -53.62 -60.19
C CYS E 112 38.57 -52.26 -59.90
N SER E 113 39.39 -51.26 -59.61
CA SER E 113 38.88 -49.92 -59.36
C SER E 113 38.65 -49.20 -60.68
N LEU E 114 38.18 -47.96 -60.58
CA LEU E 114 37.99 -47.09 -61.74
C LEU E 114 39.12 -46.08 -61.81
N GLN E 115 39.01 -45.14 -62.75
CA GLN E 115 39.97 -44.08 -62.94
C GLN E 115 39.30 -42.73 -62.72
N LYS E 116 40.06 -41.66 -62.98
CA LYS E 116 39.54 -40.31 -62.83
C LYS E 116 40.35 -39.32 -63.66
N UNK F 1 49.44 -101.01 -67.90
CA UNK F 1 48.74 -101.74 -68.95
C UNK F 1 49.69 -102.69 -69.68
N UNK F 2 50.18 -102.26 -70.84
CA UNK F 2 51.17 -102.95 -71.65
C UNK F 2 50.66 -104.25 -72.27
N UNK F 3 49.40 -104.61 -72.06
CA UNK F 3 48.87 -105.84 -72.64
C UNK F 3 47.35 -105.80 -72.60
N UNK F 4 46.73 -106.48 -73.56
CA UNK F 4 45.28 -106.61 -73.61
C UNK F 4 44.79 -107.89 -72.96
N UNK F 5 45.24 -109.03 -73.48
CA UNK F 5 44.75 -110.34 -73.04
C UNK F 5 45.73 -110.93 -72.05
N UNK F 6 45.28 -111.14 -70.82
CA UNK F 6 46.09 -111.83 -69.82
C UNK F 6 46.06 -113.32 -70.09
N UNK F 7 46.88 -113.79 -71.02
CA UNK F 7 46.92 -115.20 -71.36
C UNK F 7 47.34 -116.02 -70.15
N UNK F 8 46.61 -117.12 -69.92
CA UNK F 8 46.86 -117.99 -68.78
C UNK F 8 47.52 -119.27 -69.26
N UNK F 9 48.75 -119.51 -68.81
CA UNK F 9 49.51 -120.70 -69.14
C UNK F 9 49.62 -120.93 -70.64
N UNK G 1 117.14 5.04 16.02
CA UNK G 1 115.92 4.55 16.65
C UNK G 1 115.52 3.20 16.06
N UNK G 2 115.28 3.18 14.75
CA UNK G 2 114.88 1.98 14.04
C UNK G 2 116.01 1.54 13.12
N UNK G 3 116.51 0.33 13.34
CA UNK G 3 117.59 -0.23 12.53
C UNK G 3 117.25 -1.68 12.21
N UNK G 4 117.35 -2.03 10.93
CA UNK G 4 117.01 -3.37 10.48
C UNK G 4 118.02 -4.42 10.92
N UNK G 5 119.20 -4.00 11.42
CA UNK G 5 120.21 -4.97 11.84
C UNK G 5 119.73 -5.81 13.00
N UNK G 6 119.10 -5.17 14.00
CA UNK G 6 118.59 -5.91 15.14
C UNK G 6 117.50 -6.88 14.72
N UNK G 7 116.61 -6.45 13.82
CA UNK G 7 115.54 -7.33 13.35
C UNK G 7 116.10 -8.52 12.60
N UNK G 8 117.09 -8.29 11.72
CA UNK G 8 117.69 -9.39 10.98
C UNK G 8 118.40 -10.36 11.91
N UNK G 9 119.12 -9.83 12.92
CA UNK G 9 119.80 -10.69 13.88
C UNK G 9 118.79 -11.52 14.68
N UNK G 10 117.68 -10.89 15.08
CA UNK G 10 116.64 -11.62 15.80
C UNK G 10 116.03 -12.72 14.95
N UNK G 11 115.77 -12.42 13.67
CA UNK G 11 115.24 -13.44 12.77
C UNK G 11 116.22 -14.60 12.62
N UNK G 12 117.50 -14.29 12.47
CA UNK G 12 118.51 -15.35 12.36
C UNK G 12 118.57 -16.20 13.62
N UNK G 13 118.56 -15.54 14.79
CA UNK G 13 118.62 -16.28 16.04
C UNK G 13 117.38 -17.17 16.23
N UNK G 14 116.20 -16.65 15.91
CA UNK G 14 114.99 -17.44 16.03
C UNK G 14 115.00 -18.61 15.04
N UNK G 15 115.48 -18.39 13.83
CA UNK G 15 115.59 -19.47 12.86
C UNK G 15 116.56 -20.55 13.34
N UNK G 16 117.68 -20.13 13.92
CA UNK G 16 118.65 -21.08 14.47
C UNK G 16 118.25 -21.47 15.90
N UNK G 17 117.04 -22.04 16.01
CA UNK G 17 116.57 -22.52 17.29
C UNK G 17 117.43 -23.66 17.81
N UNK G 18 117.81 -24.58 16.92
CA UNK G 18 118.69 -25.71 17.21
C UNK G 18 118.16 -26.60 18.33
N UNK G 19 116.89 -26.49 18.68
CA UNK G 19 116.32 -27.30 19.75
C UNK G 19 114.82 -27.47 19.46
N UNK G 20 114.45 -28.65 19.01
CA UNK G 20 113.05 -29.00 18.77
C UNK G 20 112.75 -30.31 19.49
N UNK G 21 111.80 -30.28 20.41
CA UNK G 21 111.42 -31.44 21.19
C UNK G 21 109.98 -31.80 20.87
N UNK G 22 109.77 -32.99 20.30
CA UNK G 22 108.44 -33.46 19.94
C UNK G 22 108.24 -34.87 20.49
N UNK G 23 106.98 -35.20 20.78
CA UNK G 23 106.62 -36.50 21.31
C UNK G 23 105.50 -37.11 20.47
N UNK G 24 105.49 -38.43 20.41
CA UNK G 24 104.50 -39.16 19.64
C UNK G 24 103.45 -39.76 20.56
N UNK G 25 102.28 -40.05 19.98
CA UNK G 25 101.16 -40.61 20.71
C UNK G 25 100.83 -42.00 20.19
N UNK G 26 100.10 -42.75 21.00
CA UNK G 26 99.66 -44.10 20.66
C UNK G 26 98.16 -44.21 20.84
N UNK G 27 97.63 -45.39 20.52
CA UNK G 27 96.20 -45.63 20.68
C UNK G 27 95.78 -45.50 22.14
N UNK G 28 96.57 -46.05 23.06
CA UNK G 28 96.35 -45.88 24.48
C UNK G 28 96.94 -44.59 25.02
N UNK G 29 97.25 -43.64 24.14
CA UNK G 29 97.82 -42.34 24.51
C UNK G 29 99.12 -42.51 25.28
N UNK G 30 99.93 -43.48 24.88
CA UNK G 30 101.25 -43.68 25.48
C UNK G 30 102.21 -42.66 24.89
N UNK G 31 102.35 -41.52 25.56
CA UNK G 31 103.14 -40.39 25.06
C UNK G 31 104.62 -40.77 25.11
N UNK G 32 105.20 -41.09 23.95
CA UNK G 32 106.60 -41.44 23.84
C UNK G 32 107.39 -40.19 23.50
N UNK G 33 108.25 -39.77 24.42
CA UNK G 33 109.11 -38.62 24.18
C UNK G 33 110.35 -39.04 23.41
N UNK G 34 111.14 -38.04 23.01
CA UNK G 34 112.37 -38.27 22.27
C UNK G 34 113.37 -37.16 22.59
N UNK G 35 114.61 -37.38 22.20
CA UNK G 35 115.65 -36.38 22.39
C UNK G 35 115.44 -35.22 21.43
N UNK G 36 115.98 -34.05 21.81
CA UNK G 36 115.83 -32.86 21.00
C UNK G 36 116.55 -33.03 19.67
N UNK G 37 115.98 -32.42 18.63
CA UNK G 37 116.51 -32.49 17.28
C UNK G 37 117.31 -31.23 16.96
N UNK G 38 117.86 -31.20 15.75
CA UNK G 38 118.65 -30.08 15.25
C UNK G 38 119.79 -29.72 16.20
N UNK G 39 96.79 -38.93 17.88
CA UNK G 39 96.90 -40.30 18.37
C UNK G 39 98.10 -41.00 17.75
N UNK G 40 98.65 -40.41 16.68
CA UNK G 40 99.83 -40.95 16.00
C UNK G 40 101.00 -39.99 16.02
N UNK G 41 100.79 -38.72 15.70
CA UNK G 41 101.86 -37.73 15.69
C UNK G 41 101.25 -36.37 15.99
N UNK G 42 101.62 -35.79 17.12
CA UNK G 42 101.07 -34.50 17.53
C UNK G 42 101.78 -33.38 16.79
N UNK G 43 101.01 -32.60 16.02
CA UNK G 43 101.59 -31.49 15.27
C UNK G 43 102.19 -30.45 16.20
N UNK G 44 101.49 -30.13 17.29
CA UNK G 44 102.03 -29.24 18.30
C UNK G 44 103.05 -29.90 19.20
N UNK G 45 103.45 -31.14 18.88
CA UNK G 45 104.41 -31.85 19.71
C UNK G 45 105.75 -31.12 19.77
N UNK G 46 106.20 -30.55 18.66
CA UNK G 46 107.51 -29.92 18.57
C UNK G 46 107.51 -28.64 19.40
N UNK G 47 108.09 -28.71 20.60
CA UNK G 47 108.21 -27.57 21.49
C UNK G 47 109.68 -27.15 21.57
N UNK G 48 109.94 -25.88 21.28
CA UNK G 48 111.30 -25.37 21.29
C UNK G 48 111.59 -24.59 22.56
N LYS H 24 51.63 -87.88 -97.42
CA LYS H 24 51.22 -86.65 -98.06
C LYS H 24 51.40 -85.44 -97.15
N PHE H 25 50.35 -85.09 -96.42
CA PHE H 25 50.37 -83.92 -95.57
C PHE H 25 51.27 -84.15 -94.36
N LYS H 26 51.91 -83.07 -93.91
CA LYS H 26 52.73 -83.07 -92.71
C LYS H 26 52.42 -81.80 -91.92
N LYS H 27 52.18 -81.97 -90.63
CA LYS H 27 51.90 -80.83 -89.77
C LYS H 27 53.02 -80.64 -88.77
N PRO H 28 53.61 -79.45 -88.68
CA PRO H 28 54.66 -79.22 -87.71
C PRO H 28 54.07 -79.26 -86.30
N PRO H 29 54.89 -79.49 -85.28
CA PRO H 29 54.39 -79.56 -83.91
C PRO H 29 53.65 -78.28 -83.53
N ILE H 30 52.59 -78.45 -82.73
CA ILE H 30 51.70 -77.34 -82.43
C ILE H 30 52.44 -76.25 -81.68
N ASN H 31 53.15 -76.62 -80.62
CA ASN H 31 53.84 -75.63 -79.80
C ASN H 31 55.27 -75.41 -80.26
N ASN H 32 55.41 -75.15 -81.55
CA ASN H 32 56.72 -74.78 -82.08
C ASN H 32 57.01 -73.33 -81.77
N PRO H 33 58.17 -73.01 -81.23
CA PRO H 33 58.53 -71.61 -81.05
C PRO H 33 58.74 -70.92 -82.38
N SER H 34 57.66 -70.55 -83.05
CA SER H 34 57.73 -69.91 -84.36
C SER H 34 57.88 -68.41 -84.27
N ASP H 35 58.31 -67.89 -83.12
CA ASP H 35 58.47 -66.47 -82.92
C ASP H 35 59.78 -66.21 -82.19
N ASP H 36 60.34 -65.02 -82.43
CA ASP H 36 61.61 -64.66 -81.80
C ASP H 36 61.50 -64.65 -80.29
N ALA H 37 60.42 -64.05 -79.76
CA ALA H 37 60.23 -64.06 -78.31
C ALA H 37 60.11 -65.48 -77.79
N THR H 38 59.37 -66.34 -78.49
CA THR H 38 59.20 -67.72 -78.06
C THR H 38 60.54 -68.45 -78.02
N ILE H 39 61.33 -68.32 -79.08
CA ILE H 39 62.61 -69.04 -79.12
C ILE H 39 63.53 -68.52 -78.03
N LYS H 40 63.53 -67.21 -77.80
CA LYS H 40 64.38 -66.65 -76.75
C LYS H 40 63.98 -67.20 -75.39
N LEU H 41 62.67 -67.22 -75.11
CA LEU H 41 62.19 -67.74 -73.84
C LEU H 41 62.58 -69.20 -73.67
N ALA H 42 62.36 -70.00 -74.72
CA ALA H 42 62.62 -71.43 -74.61
C ALA H 42 64.09 -71.71 -74.40
N GLU H 43 64.97 -71.02 -75.14
CA GLU H 43 66.39 -71.27 -74.94
C GLU H 43 66.85 -70.77 -73.57
N ALA H 44 66.26 -69.67 -73.08
CA ALA H 44 66.59 -69.24 -71.73
C ALA H 44 66.19 -70.28 -70.71
N ALA H 45 65.02 -70.90 -70.90
CA ALA H 45 64.58 -71.97 -70.03
C ALA H 45 65.56 -73.13 -70.07
N VAL H 46 65.99 -73.51 -71.26
CA VAL H 46 66.96 -74.59 -71.40
C VAL H 46 68.23 -74.26 -70.61
N SER H 47 68.71 -73.03 -70.78
CA SER H 47 69.96 -72.62 -70.12
C SER H 47 69.83 -72.69 -68.61
N VAL H 48 68.77 -72.08 -68.08
CA VAL H 48 68.63 -72.03 -66.62
C VAL H 48 68.42 -73.44 -66.06
N SER H 49 67.66 -74.27 -66.76
CA SER H 49 67.48 -75.65 -66.30
C SER H 49 68.81 -76.38 -66.25
N ASP H 50 69.62 -76.22 -67.30
CA ASP H 50 70.92 -76.88 -67.32
C ASP H 50 71.80 -76.40 -66.18
N SER H 51 71.82 -75.09 -65.95
CA SER H 51 72.65 -74.54 -64.89
C SER H 51 72.23 -75.06 -63.53
N MET H 52 70.93 -75.07 -63.26
CA MET H 52 70.45 -75.56 -61.97
C MET H 52 70.75 -77.04 -61.81
N LEU H 53 70.59 -77.82 -62.88
CA LEU H 53 70.91 -79.24 -62.81
C LEU H 53 72.38 -79.44 -62.49
N GLU H 54 73.27 -78.68 -63.12
CA GLU H 54 74.69 -78.81 -62.82
C GLU H 54 75.00 -78.43 -61.39
N MET H 55 74.38 -77.36 -60.89
CA MET H 55 74.62 -76.97 -59.50
C MET H 55 74.15 -78.06 -58.55
N ALA H 56 72.99 -78.64 -58.81
CA ALA H 56 72.50 -79.73 -57.95
C ALA H 56 73.43 -80.93 -58.01
N LYS H 57 73.91 -81.28 -59.20
CA LYS H 57 74.80 -82.42 -59.34
C LYS H 57 76.09 -82.21 -58.56
N VAL H 58 76.66 -81.01 -58.65
CA VAL H 58 77.91 -80.76 -57.94
C VAL H 58 77.68 -80.62 -56.45
N GLU H 59 76.47 -80.25 -56.02
CA GLU H 59 76.22 -80.05 -54.61
C GLU H 59 75.85 -81.33 -53.88
N LYS H 60 75.11 -82.23 -54.53
CA LYS H 60 74.56 -83.39 -53.85
C LYS H 60 75.66 -84.26 -53.25
N VAL H 61 75.45 -84.70 -52.01
CA VAL H 61 76.39 -85.54 -51.29
C VAL H 61 75.93 -86.99 -51.40
N ILE H 62 76.86 -87.89 -51.71
CA ILE H 62 76.56 -89.30 -51.91
C ILE H 62 77.62 -90.14 -51.22
N THR H 63 77.30 -91.41 -51.01
CA THR H 63 78.24 -92.38 -50.45
C THR H 63 78.18 -93.67 -51.24
N PRO H 64 79.32 -94.34 -51.44
CA PRO H 64 79.31 -95.58 -52.20
C PRO H 64 78.65 -96.69 -51.39
N PRO H 65 78.09 -97.71 -52.06
CA PRO H 65 77.54 -98.86 -51.32
C PRO H 65 78.60 -99.69 -50.64
N SER H 66 79.87 -99.46 -50.91
CA SER H 66 80.94 -100.21 -50.26
C SER H 66 80.99 -99.93 -48.76
N LYS H 67 80.53 -98.76 -48.33
CA LYS H 67 80.60 -98.35 -46.94
C LYS H 67 79.31 -97.69 -46.49
N ASP H 68 78.18 -98.24 -46.91
CA ASP H 68 76.88 -97.73 -46.47
C ASP H 68 76.52 -98.31 -45.11
N ASN H 69 76.07 -97.45 -44.20
CA ASN H 69 75.71 -97.87 -42.84
C ASN H 69 74.30 -98.45 -42.87
N THR H 70 74.22 -99.72 -43.23
CA THR H 70 72.94 -100.41 -43.32
C THR H 70 73.16 -101.91 -43.14
N LEU H 71 72.09 -102.61 -42.82
CA LEU H 71 72.12 -104.05 -42.62
C LEU H 71 71.65 -104.74 -43.90
N THR H 72 72.44 -105.70 -44.38
CA THR H 72 72.06 -106.45 -45.56
C THR H 72 71.02 -107.51 -45.20
N ILE H 73 70.46 -108.12 -46.23
CA ILE H 73 69.40 -109.12 -46.05
C ILE H 73 70.00 -110.40 -45.50
N PRO H 74 69.53 -110.88 -44.34
CA PRO H 74 70.03 -112.16 -43.83
C PRO H 74 69.74 -113.33 -44.76
N ASN H 75 68.61 -113.28 -45.45
CA ASN H 75 68.19 -114.33 -46.40
C ASN H 75 68.14 -115.70 -45.72
N ALA H 76 67.56 -115.73 -44.54
CA ALA H 76 67.25 -116.99 -43.86
C ALA H 76 65.82 -117.39 -44.15
N TYR H 77 65.63 -118.66 -44.49
CA TYR H 77 64.41 -119.12 -45.14
C TYR H 77 63.16 -118.70 -44.37
N ASN H 78 63.23 -118.71 -43.04
CA ASN H 78 62.08 -118.32 -42.24
C ASN H 78 61.69 -116.86 -42.44
N LEU H 79 62.60 -116.03 -42.95
CA LEU H 79 62.35 -114.60 -43.09
C LEU H 79 61.64 -114.23 -44.37
N GLN H 80 61.33 -115.19 -45.24
CA GLN H 80 60.64 -114.90 -46.50
C GLN H 80 59.13 -115.03 -46.36
N ALA H 81 58.61 -114.83 -45.16
CA ALA H 81 57.17 -114.84 -44.96
C ALA H 81 56.57 -113.49 -45.36
N ARG H 82 55.26 -113.48 -45.57
CA ARG H 82 54.53 -112.29 -46.00
C ARG H 82 53.44 -111.98 -44.98
N ALA H 83 53.36 -110.73 -44.57
CA ALA H 83 52.44 -110.32 -43.52
C ALA H 83 52.24 -108.81 -43.58
N SER H 84 51.44 -108.30 -42.65
CA SER H 84 51.16 -106.88 -42.52
C SER H 84 51.40 -106.45 -41.09
N VAL H 85 51.89 -105.23 -40.92
CA VAL H 85 52.17 -104.70 -39.58
C VAL H 85 51.91 -103.20 -39.59
N ASP H 86 51.17 -102.73 -38.60
CA ASP H 86 51.02 -101.31 -38.32
C ASP H 86 51.38 -101.06 -36.87
N TRP H 87 52.22 -100.07 -36.63
CA TRP H 87 52.71 -99.81 -35.28
C TRP H 87 53.38 -98.44 -35.26
N SER H 88 53.41 -97.84 -34.07
CA SER H 88 54.13 -96.59 -33.87
C SER H 88 54.48 -96.51 -32.38
N GLY H 89 55.72 -96.83 -32.05
CA GLY H 89 56.14 -96.78 -30.67
C GLY H 89 57.48 -97.44 -30.43
N PRO H 90 57.63 -98.06 -29.25
CA PRO H 90 58.91 -98.68 -28.90
C PRO H 90 59.31 -99.75 -29.89
N ILE H 91 60.63 -99.84 -30.10
CA ILE H 91 61.19 -100.72 -31.12
C ILE H 91 61.43 -102.13 -30.59
N GLU H 92 61.88 -102.23 -29.34
CA GLU H 92 62.26 -103.53 -28.79
C GLU H 92 61.06 -104.46 -28.72
N GLU H 93 59.89 -103.94 -28.34
CA GLU H 93 58.69 -104.76 -28.27
C GLU H 93 58.37 -105.37 -29.63
N LEU H 94 58.33 -104.54 -30.67
CA LEU H 94 58.01 -105.03 -32.00
C LEU H 94 59.06 -106.02 -32.48
N THR H 95 60.34 -105.73 -32.23
CA THR H 95 61.39 -106.63 -32.67
C THR H 95 61.28 -107.98 -31.97
N ALA H 96 60.97 -107.98 -30.68
CA ALA H 96 60.77 -109.24 -29.96
C ALA H 96 59.59 -109.99 -30.54
N ARG H 97 58.51 -109.29 -30.86
CA ARG H 97 57.36 -109.95 -31.47
C ARG H 97 57.73 -110.57 -32.81
N ILE H 98 58.50 -109.85 -33.62
CA ILE H 98 58.91 -110.37 -34.92
C ILE H 98 59.79 -111.61 -34.74
N ALA H 99 60.71 -111.56 -33.79
CA ALA H 99 61.58 -112.70 -33.54
C ALA H 99 60.78 -113.90 -33.07
N LYS H 100 59.79 -113.67 -32.21
CA LYS H 100 58.92 -114.76 -31.77
C LYS H 100 58.15 -115.35 -32.94
N ALA H 101 57.67 -114.50 -33.85
CA ALA H 101 56.98 -115.01 -35.03
C ALA H 101 57.90 -115.84 -35.89
N ALA H 102 59.16 -115.41 -36.05
CA ALA H 102 60.10 -116.11 -36.91
C ALA H 102 60.78 -117.29 -36.23
N HIS H 103 60.54 -117.48 -34.93
CA HIS H 103 61.17 -118.56 -34.16
C HIS H 103 62.68 -118.36 -34.06
N PHE H 104 63.07 -117.16 -33.65
CA PHE H 104 64.47 -116.83 -33.39
C PHE H 104 64.60 -116.28 -31.98
N ARG H 105 65.71 -116.60 -31.32
CA ARG H 105 65.97 -116.04 -30.00
C ARG H 105 66.19 -114.54 -30.12
N PHE H 106 65.83 -113.82 -29.06
CA PHE H 106 65.87 -112.37 -29.02
C PHE H 106 66.71 -111.92 -27.85
N ARG H 107 67.64 -110.98 -28.09
CA ARG H 107 68.43 -110.46 -26.98
C ARG H 107 68.85 -109.03 -27.28
N VAL H 108 69.19 -108.32 -26.21
CA VAL H 108 69.55 -106.91 -26.29
C VAL H 108 70.81 -106.65 -25.47
N LEU H 109 71.65 -105.75 -25.96
CA LEU H 109 72.81 -105.27 -25.23
C LEU H 109 72.78 -103.76 -25.17
N GLY H 110 73.13 -103.22 -24.01
CA GLY H 110 73.11 -101.80 -23.77
C GLY H 110 72.07 -101.42 -22.73
N LYS H 111 72.11 -100.15 -22.34
CA LYS H 111 71.18 -99.60 -21.37
C LYS H 111 70.14 -98.77 -22.11
N SER H 112 68.87 -99.09 -21.90
CA SER H 112 67.81 -98.40 -22.61
C SER H 112 67.74 -96.95 -22.15
N PRO H 113 67.80 -95.99 -23.06
CA PRO H 113 67.69 -94.58 -22.67
C PRO H 113 66.33 -94.29 -22.05
N SER H 114 66.31 -93.28 -21.17
CA SER H 114 65.07 -92.89 -20.54
C SER H 114 64.02 -92.50 -21.56
N VAL H 115 64.41 -91.73 -22.57
CA VAL H 115 63.55 -91.43 -23.70
C VAL H 115 63.67 -92.56 -24.71
N PRO H 116 62.60 -93.29 -24.99
CA PRO H 116 62.70 -94.44 -25.89
C PRO H 116 62.76 -94.01 -27.34
N VAL H 117 63.46 -94.81 -28.13
CA VAL H 117 63.50 -94.60 -29.58
C VAL H 117 62.21 -95.16 -30.17
N LEU H 118 61.48 -94.33 -30.90
CA LEU H 118 60.16 -94.68 -31.40
C LEU H 118 60.14 -94.63 -32.91
N ILE H 119 59.57 -95.66 -33.53
CA ILE H 119 59.46 -95.76 -34.97
C ILE H 119 58.04 -96.18 -35.33
N SER H 120 57.58 -95.73 -36.49
CA SER H 120 56.29 -96.10 -37.02
C SER H 120 56.48 -96.88 -38.32
N ILE H 121 55.76 -97.98 -38.46
CA ILE H 121 55.76 -98.75 -39.70
C ILE H 121 54.31 -99.13 -40.00
N SER H 122 53.89 -98.89 -41.24
CA SER H 122 52.54 -99.25 -41.69
C SER H 122 52.69 -99.90 -43.06
N THR H 123 52.73 -101.23 -43.09
CA THR H 123 52.90 -101.96 -44.33
C THR H 123 51.92 -103.13 -44.37
N LYS H 124 51.59 -103.54 -45.59
CA LYS H 124 50.59 -104.56 -45.84
C LYS H 124 51.16 -105.91 -46.26
N ASP H 125 52.20 -105.91 -47.10
CA ASP H 125 52.73 -107.18 -47.59
C ASP H 125 54.17 -106.95 -48.03
N GLU H 126 55.11 -107.56 -47.33
CA GLU H 126 56.52 -107.47 -47.66
C GLU H 126 57.27 -108.52 -46.86
N SER H 127 58.60 -108.46 -46.89
CA SER H 127 59.43 -109.44 -46.21
C SER H 127 59.96 -108.89 -44.89
N LEU H 128 59.99 -109.77 -43.89
CA LEU H 128 60.54 -109.39 -42.59
C LEU H 128 61.97 -108.90 -42.72
N ALA H 129 62.70 -109.35 -43.73
CA ALA H 129 64.03 -108.81 -43.99
C ALA H 129 63.95 -107.32 -44.30
N GLU H 130 63.04 -106.93 -45.18
CA GLU H 130 62.85 -105.51 -45.46
C GLU H 130 62.37 -104.76 -44.24
N ILE H 131 61.52 -105.39 -43.43
CA ILE H 131 61.05 -104.74 -42.21
C ILE H 131 62.22 -104.44 -41.29
N LEU H 132 63.12 -105.41 -41.12
CA LEU H 132 64.27 -105.20 -40.25
C LEU H 132 65.23 -104.18 -40.83
N ARG H 133 65.38 -104.17 -42.16
CA ARG H 133 66.21 -103.16 -42.81
C ARG H 133 65.67 -101.76 -42.52
N ASP H 134 64.35 -101.60 -42.66
CA ASP H 134 63.74 -100.31 -42.36
C ASP H 134 63.90 -99.98 -40.88
N ILE H 135 63.80 -100.99 -40.01
CA ILE H 135 63.98 -100.78 -38.58
C ILE H 135 65.36 -100.20 -38.31
N ASP H 136 66.39 -100.82 -38.87
CA ASP H 136 67.75 -100.33 -38.67
C ASP H 136 67.93 -98.93 -39.25
N TYR H 137 67.37 -98.70 -40.44
CA TYR H 137 67.50 -97.40 -41.07
C TYR H 137 66.89 -96.30 -40.20
N GLN H 138 65.73 -96.56 -39.63
CA GLN H 138 65.11 -95.57 -38.76
C GLN H 138 65.85 -95.44 -37.44
N ALA H 139 66.42 -96.53 -36.92
CA ALA H 139 67.17 -96.46 -35.68
C ALA H 139 68.41 -95.60 -35.84
N GLY H 140 69.13 -95.74 -36.95
CA GLY H 140 70.28 -94.90 -37.19
C GLY H 140 71.33 -95.03 -36.09
N LYS H 141 71.82 -93.87 -35.64
CA LYS H 141 72.90 -93.82 -34.67
C LYS H 141 72.47 -94.27 -33.27
N LYS H 142 71.16 -94.30 -32.99
CA LYS H 142 70.70 -94.64 -31.66
C LYS H 142 71.03 -96.09 -31.30
N ALA H 143 70.83 -96.99 -32.24
CA ALA H 143 71.08 -98.41 -32.00
C ALA H 143 71.18 -99.11 -33.35
N SER H 144 71.45 -100.41 -33.29
CA SER H 144 71.56 -101.22 -34.49
C SER H 144 71.12 -102.63 -34.16
N ILE H 145 71.05 -103.46 -35.21
CA ILE H 145 70.53 -104.81 -35.09
C ILE H 145 71.46 -105.77 -35.81
N HIS H 146 71.77 -106.89 -35.17
CA HIS H 146 72.57 -107.93 -35.78
C HIS H 146 71.79 -109.24 -35.80
N VAL H 147 72.00 -110.00 -36.85
CA VAL H 147 71.26 -111.24 -37.10
C VAL H 147 72.25 -112.38 -37.27
N TYR H 148 72.07 -113.45 -36.50
CA TYR H 148 72.87 -114.66 -36.65
C TYR H 148 71.96 -115.78 -37.13
N PRO H 149 72.11 -116.23 -38.37
CA PRO H 149 71.27 -117.33 -38.87
C PRO H 149 71.83 -118.70 -38.53
N ASN H 150 73.16 -118.80 -38.40
CA ASN H 150 73.77 -120.05 -37.99
C ASN H 150 73.32 -120.43 -36.58
N SER H 151 73.33 -119.47 -35.68
CA SER H 151 72.73 -119.60 -34.35
C SER H 151 71.55 -118.64 -34.35
N GLN H 152 70.33 -119.21 -34.43
CA GLN H 152 69.16 -118.46 -34.88
C GLN H 152 68.77 -117.42 -33.83
N VAL H 153 69.53 -116.33 -33.84
CA VAL H 153 69.36 -115.29 -32.82
C VAL H 153 69.38 -113.91 -33.47
N VAL H 154 68.76 -112.95 -32.79
CA VAL H 154 68.80 -111.55 -33.18
C VAL H 154 69.17 -110.73 -31.96
N GLU H 155 70.04 -109.74 -32.15
CA GLU H 155 70.55 -108.90 -31.09
C GLU H 155 70.29 -107.45 -31.42
N LEU H 156 69.85 -106.70 -30.41
CA LEU H 156 69.65 -105.26 -30.52
C LEU H 156 70.72 -104.57 -29.69
N ARG H 157 71.63 -103.86 -30.35
CA ARG H 157 72.78 -103.24 -29.70
C ARG H 157 72.55 -101.74 -29.61
N TYR H 158 72.53 -101.21 -28.39
CA TYR H 158 72.32 -99.78 -28.21
C TYR H 158 73.57 -99.00 -28.63
N ALA H 159 73.49 -97.68 -28.51
CA ALA H 159 74.65 -96.83 -28.65
C ALA H 159 75.36 -96.71 -27.31
N LYS H 160 76.35 -95.83 -27.20
CA LYS H 160 77.12 -95.68 -25.98
C LYS H 160 77.03 -94.25 -25.43
N ILE I 208 103.25 -92.63 -62.83
CA ILE I 208 102.87 -92.43 -64.22
C ILE I 208 101.59 -93.22 -64.51
N ILE I 209 100.82 -92.75 -65.49
CA ILE I 209 99.53 -93.33 -65.83
C ILE I 209 99.54 -93.71 -67.30
N TYR I 210 99.01 -94.89 -67.61
CA TYR I 210 98.89 -95.39 -68.97
C TYR I 210 97.44 -95.30 -69.43
N TYR I 211 97.25 -95.40 -70.74
CA TYR I 211 95.92 -95.30 -71.32
C TYR I 211 95.82 -96.20 -72.55
N ILE I 212 94.63 -96.78 -72.74
CA ILE I 212 94.38 -97.62 -73.91
C ILE I 212 94.33 -96.75 -75.16
N GLN I 213 94.90 -97.26 -76.25
CA GLN I 213 94.82 -96.59 -77.53
C GLN I 213 94.11 -97.44 -78.57
N ALA I 214 94.47 -98.71 -78.69
CA ALA I 214 93.79 -99.63 -79.59
C ALA I 214 93.87 -101.03 -79.00
N VAL I 215 92.89 -101.87 -79.34
CA VAL I 215 92.73 -103.17 -78.71
C VAL I 215 92.41 -104.21 -79.77
N ILE I 216 93.04 -105.38 -79.65
CA ILE I 216 92.76 -106.53 -80.51
C ILE I 216 92.68 -107.76 -79.62
N PRO I 217 91.97 -108.80 -80.07
CA PRO I 217 92.02 -110.07 -79.32
C PRO I 217 93.42 -110.64 -79.29
N GLY I 218 94.05 -110.61 -78.12
CA GLY I 218 95.40 -111.12 -77.97
C GLY I 218 96.42 -110.07 -77.59
N ARG I 219 96.34 -108.89 -78.20
CA ARG I 219 97.30 -107.82 -77.95
C ARG I 219 96.58 -106.49 -77.89
N ALA I 220 97.21 -105.51 -77.26
CA ALA I 220 96.63 -104.19 -77.13
C ALA I 220 97.72 -103.13 -77.21
N TRP I 221 97.29 -101.90 -77.48
CA TRP I 221 98.18 -100.76 -77.64
C TRP I 221 97.98 -99.80 -76.47
N LEU I 222 99.08 -99.42 -75.82
CA LEU I 222 99.05 -98.56 -74.66
C LEU I 222 99.92 -97.33 -74.89
N ILE I 223 99.52 -96.22 -74.29
CA ILE I 223 100.26 -94.97 -74.35
C ILE I 223 100.44 -94.44 -72.94
N GLY I 224 101.69 -94.18 -72.55
CA GLY I 224 101.97 -93.66 -71.22
C GLY I 224 101.68 -92.18 -71.12
N SER I 225 101.75 -91.68 -69.88
CA SER I 225 101.57 -90.26 -69.64
C SER I 225 102.62 -89.43 -70.38
N ASN I 226 103.83 -89.97 -70.51
CA ASN I 226 104.87 -89.34 -71.28
C ASN I 226 104.67 -89.49 -72.79
N GLY I 227 103.63 -90.23 -73.20
CA GLY I 227 103.41 -90.49 -74.61
C GLY I 227 104.17 -91.66 -75.17
N SER I 228 104.86 -92.42 -74.33
CA SER I 228 105.58 -93.60 -74.80
C SER I 228 104.60 -94.69 -75.24
N THR I 229 104.85 -95.27 -76.41
CA THR I 229 104.00 -96.34 -76.91
C THR I 229 104.40 -97.67 -76.28
N LEU I 230 103.45 -98.61 -76.30
CA LEU I 230 103.70 -99.94 -75.77
C LEU I 230 102.74 -100.92 -76.41
N THR I 231 103.20 -102.13 -76.64
CA THR I 231 102.37 -103.23 -77.10
C THR I 231 102.33 -104.28 -76.00
N VAL I 232 101.12 -104.65 -75.57
CA VAL I 232 100.93 -105.50 -74.41
C VAL I 232 100.25 -106.79 -74.84
N ARG I 233 100.78 -107.92 -74.38
CA ARG I 233 100.20 -109.23 -74.64
C ARG I 233 99.13 -109.54 -73.60
N GLU I 234 98.53 -110.73 -73.73
CA GLU I 234 97.57 -111.18 -72.73
C GLU I 234 98.23 -111.36 -71.37
N GLY I 235 99.44 -111.92 -71.35
CA GLY I 235 100.21 -111.98 -70.13
C GLY I 235 101.40 -111.06 -70.20
N SER I 236 101.34 -109.95 -69.47
CA SER I 236 102.40 -108.94 -69.54
C SER I 236 102.45 -108.18 -68.23
N LYS I 237 103.57 -107.49 -68.01
CA LYS I 237 103.81 -106.74 -66.79
C LYS I 237 104.03 -105.28 -67.15
N ILE I 238 103.37 -104.38 -66.43
CA ILE I 238 103.52 -102.95 -66.65
C ILE I 238 103.64 -102.23 -65.31
N PRO I 239 104.53 -101.25 -65.19
CA PRO I 239 104.65 -100.50 -63.94
C PRO I 239 103.38 -99.72 -63.63
N GLY I 240 103.08 -99.60 -62.34
CA GLY I 240 101.89 -98.92 -61.89
C GLY I 240 100.62 -99.72 -62.02
N TYR I 241 100.66 -100.89 -62.66
CA TYR I 241 99.48 -101.74 -62.81
C TYR I 241 99.75 -103.21 -62.54
N GLY I 242 100.99 -103.65 -62.46
CA GLY I 242 101.27 -105.06 -62.22
C GLY I 242 101.10 -105.92 -63.45
N MET I 243 100.52 -107.10 -63.28
CA MET I 243 100.38 -108.08 -64.36
C MET I 243 98.97 -108.04 -64.93
N VAL I 244 98.87 -108.27 -66.24
CA VAL I 244 97.59 -108.32 -66.93
C VAL I 244 97.21 -109.77 -67.14
N LYS I 245 95.92 -110.08 -66.96
CA LYS I 245 95.44 -111.45 -67.03
C LYS I 245 94.31 -111.65 -68.04
N LEU I 246 93.57 -110.60 -68.39
CA LEU I 246 92.45 -110.76 -69.32
C LEU I 246 92.24 -109.45 -70.06
N ILE I 247 91.88 -109.56 -71.34
CA ILE I 247 91.58 -108.41 -72.18
C ILE I 247 90.22 -108.63 -72.82
N ASP I 248 89.46 -107.55 -72.92
CA ASP I 248 88.15 -107.56 -73.57
C ASP I 248 88.27 -106.86 -74.91
N SER I 249 88.07 -107.62 -75.99
CA SER I 249 88.07 -107.02 -77.31
C SER I 249 86.80 -106.26 -77.62
N LEU I 250 85.65 -106.77 -77.18
CA LEU I 250 84.38 -106.11 -77.48
C LEU I 250 84.22 -104.83 -76.67
N GLN I 251 84.70 -104.83 -75.43
CA GLN I 251 84.55 -103.71 -74.53
C GLN I 251 85.92 -103.19 -74.12
N GLY I 252 86.12 -101.89 -74.20
CA GLY I 252 87.41 -101.30 -73.91
C GLY I 252 87.75 -101.28 -72.45
N ARG I 253 87.85 -102.47 -71.84
CA ARG I 253 88.15 -102.59 -70.42
C ARG I 253 89.13 -103.73 -70.22
N ILE I 254 90.30 -103.42 -69.67
CA ILE I 254 91.32 -104.42 -69.37
C ILE I 254 91.70 -104.29 -67.91
N LEU I 255 91.49 -105.37 -67.15
CA LEU I 255 91.80 -105.34 -65.73
C LEU I 255 93.29 -105.55 -65.50
N THR I 256 93.75 -105.11 -64.33
CA THR I 256 95.14 -105.24 -63.93
C THR I 256 95.22 -105.96 -62.59
N SER I 257 96.38 -106.57 -62.34
CA SER I 257 96.61 -107.20 -61.03
C SER I 257 96.65 -106.17 -59.92
N SER I 258 96.89 -104.90 -60.24
CA SER I 258 96.87 -103.84 -59.23
C SER I 258 95.46 -103.48 -58.79
N GLY I 259 94.43 -103.95 -59.49
CA GLY I 259 93.06 -103.75 -59.08
C GLY I 259 92.29 -102.70 -59.85
N GLN I 260 92.93 -101.94 -60.73
CA GLN I 260 92.25 -100.94 -61.52
C GLN I 260 92.20 -101.38 -62.99
N VAL I 261 91.19 -100.89 -63.70
CA VAL I 261 90.94 -101.27 -65.08
C VAL I 261 91.22 -100.07 -65.97
N ILE I 262 92.07 -100.27 -66.97
CA ILE I 262 92.39 -99.21 -67.92
C ILE I 262 91.26 -99.11 -68.94
N LYS I 263 90.97 -97.87 -69.37
CA LYS I 263 89.95 -97.63 -70.38
C LYS I 263 90.48 -96.71 -71.47
N PHE I 264 89.62 -96.34 -72.41
CA PHE I 264 89.99 -95.31 -73.37
C PHE I 264 89.93 -93.94 -72.72
N SER I 265 90.99 -93.16 -72.89
CA SER I 265 91.00 -91.82 -72.33
C SER I 265 90.06 -90.90 -73.12
N GLN I 266 89.56 -89.87 -72.44
CA GLN I 266 88.69 -88.89 -73.07
C GLN I 266 89.27 -87.49 -72.99
N MET J 23 28.41 -103.99 -86.15
CA MET J 23 29.75 -103.49 -85.85
C MET J 23 29.73 -102.62 -84.62
N LYS J 24 28.63 -102.68 -83.87
CA LYS J 24 28.48 -101.85 -82.68
C LYS J 24 29.39 -102.37 -81.56
N PHE J 25 29.53 -101.55 -80.53
CA PHE J 25 30.40 -101.86 -79.40
C PHE J 25 29.61 -101.79 -78.11
N LYS J 26 29.81 -102.77 -77.24
CA LYS J 26 29.13 -102.82 -75.95
C LYS J 26 29.97 -103.59 -74.95
N LYS J 27 30.36 -102.92 -73.87
CA LYS J 27 30.93 -103.62 -72.74
C LYS J 27 29.84 -104.47 -72.07
N PRO J 28 30.21 -105.58 -71.44
CA PRO J 28 29.22 -106.54 -70.95
C PRO J 28 28.22 -105.92 -69.98
N PRO J 29 28.66 -105.38 -68.84
CA PRO J 29 27.68 -105.14 -67.75
C PRO J 29 26.75 -103.97 -68.05
N ILE J 30 25.50 -104.28 -68.37
CA ILE J 30 24.45 -103.29 -68.57
C ILE J 30 23.35 -103.57 -67.56
N ASN J 31 23.00 -102.57 -66.75
CA ASN J 31 22.08 -102.79 -65.64
C ASN J 31 20.99 -101.74 -65.58
N ASN J 32 20.14 -101.83 -64.56
CA ASN J 32 19.14 -100.83 -64.31
C ASN J 32 19.78 -99.56 -63.78
N PRO J 33 19.10 -98.42 -63.90
CA PRO J 33 19.65 -97.18 -63.33
C PRO J 33 19.85 -97.30 -61.84
N SER J 34 20.90 -96.64 -61.35
CA SER J 34 21.28 -96.69 -59.95
C SER J 34 20.84 -95.42 -59.24
N ASP J 35 21.24 -95.28 -57.96
CA ASP J 35 20.93 -94.11 -57.16
C ASP J 35 22.19 -93.60 -56.49
N ASP J 36 22.36 -92.27 -56.53
CA ASP J 36 23.55 -91.65 -55.95
C ASP J 36 23.63 -91.90 -54.46
N ALA J 37 22.49 -91.86 -53.76
CA ALA J 37 22.51 -92.10 -52.32
C ALA J 37 23.01 -93.51 -52.02
N THR J 38 22.51 -94.51 -52.75
CA THR J 38 23.01 -95.86 -52.57
C THR J 38 24.48 -95.96 -52.92
N ILE J 39 24.91 -95.19 -53.93
CA ILE J 39 26.32 -95.17 -54.29
C ILE J 39 27.15 -94.72 -53.09
N LYS J 40 26.74 -93.62 -52.47
CA LYS J 40 27.49 -93.11 -51.32
C LYS J 40 27.44 -94.09 -50.17
N LEU J 41 26.28 -94.75 -49.98
CA LEU J 41 26.16 -95.75 -48.92
C LEU J 41 27.17 -96.87 -49.12
N ALA J 42 27.26 -97.40 -50.34
CA ALA J 42 28.22 -98.46 -50.62
C ALA J 42 29.65 -97.97 -50.45
N GLU J 43 29.90 -96.72 -50.85
CA GLU J 43 31.24 -96.16 -50.72
C GLU J 43 31.68 -96.13 -49.27
N ALA J 44 30.76 -95.73 -48.38
CA ALA J 44 31.09 -95.78 -46.95
C ALA J 44 31.19 -97.21 -46.46
N ALA J 45 30.30 -98.08 -46.95
CA ALA J 45 30.19 -99.43 -46.42
C ALA J 45 31.43 -100.26 -46.71
N VAL J 46 32.01 -100.09 -47.90
CA VAL J 46 33.21 -100.86 -48.23
C VAL J 46 34.35 -100.50 -47.29
N SER J 47 34.50 -99.20 -47.00
CA SER J 47 35.53 -98.79 -46.04
C SER J 47 35.24 -99.34 -44.65
N VAL J 48 33.97 -99.34 -44.25
CA VAL J 48 33.62 -99.89 -42.94
C VAL J 48 33.99 -101.37 -42.89
N SER J 49 33.70 -102.10 -43.96
CA SER J 49 34.05 -103.52 -44.03
C SER J 49 35.55 -103.70 -43.96
N ASP J 50 36.30 -102.84 -44.63
CA ASP J 50 37.77 -102.94 -44.57
C ASP J 50 38.25 -102.78 -43.13
N SER J 51 37.72 -101.78 -42.43
CA SER J 51 38.11 -101.56 -41.04
C SER J 51 37.76 -102.77 -40.19
N MET J 52 36.57 -103.32 -40.38
CA MET J 52 36.17 -104.49 -39.62
C MET J 52 37.10 -105.66 -39.90
N LEU J 53 37.47 -105.85 -41.18
CA LEU J 53 38.32 -106.98 -41.53
C LEU J 53 39.69 -106.85 -40.87
N GLU J 54 40.28 -105.66 -40.91
CA GLU J 54 41.60 -105.51 -40.29
C GLU J 54 41.52 -105.65 -38.78
N MET J 55 40.44 -105.16 -38.17
CA MET J 55 40.26 -105.36 -36.73
C MET J 55 40.17 -106.84 -36.40
N ALA J 56 39.41 -107.59 -37.19
CA ALA J 56 39.32 -109.02 -36.96
C ALA J 56 40.68 -109.69 -37.11
N LYS J 57 41.44 -109.29 -38.11
CA LYS J 57 42.77 -109.86 -38.30
C LYS J 57 43.65 -109.63 -37.08
N VAL J 58 43.71 -108.40 -36.60
CA VAL J 58 44.59 -108.11 -35.48
C VAL J 58 44.10 -108.79 -34.21
N GLU J 59 42.77 -108.85 -34.02
CA GLU J 59 42.25 -109.53 -32.84
C GLU J 59 42.59 -111.01 -32.85
N LYS J 60 42.44 -111.65 -34.02
CA LYS J 60 42.79 -113.05 -34.14
C LYS J 60 44.26 -113.28 -33.87
N VAL J 61 45.12 -112.43 -34.44
CA VAL J 61 46.55 -112.63 -34.28
C VAL J 61 47.00 -112.37 -32.85
N ILE J 62 46.29 -111.52 -32.10
CA ILE J 62 46.73 -111.24 -30.75
C ILE J 62 46.16 -112.23 -29.73
N THR J 63 44.95 -112.75 -29.97
CA THR J 63 44.35 -113.66 -29.02
C THR J 63 44.20 -115.05 -29.63
N PRO J 64 44.75 -116.08 -29.01
CA PRO J 64 44.63 -117.43 -29.56
C PRO J 64 43.32 -118.07 -29.19
N PRO J 65 42.48 -118.41 -30.17
CA PRO J 65 41.27 -119.17 -29.86
C PRO J 65 41.61 -120.58 -29.39
N SER J 66 40.73 -121.15 -28.59
CA SER J 66 41.08 -122.42 -27.98
C SER J 66 40.05 -123.52 -28.18
N LYS J 67 38.75 -123.19 -28.12
CA LYS J 67 37.72 -124.21 -28.06
C LYS J 67 36.61 -123.92 -29.06
N ASP J 68 35.83 -124.95 -29.36
CA ASP J 68 34.67 -124.85 -30.22
C ASP J 68 33.44 -125.36 -29.48
N ASN J 69 32.29 -124.75 -29.79
CA ASN J 69 31.04 -125.10 -29.12
C ASN J 69 30.50 -126.46 -29.56
N THR J 70 31.12 -127.09 -30.57
CA THR J 70 30.70 -128.44 -30.94
C THR J 70 30.83 -129.40 -29.77
N LEU J 71 31.90 -129.27 -28.99
CA LEU J 71 32.10 -130.15 -27.85
C LEU J 71 30.98 -130.00 -26.83
N THR J 72 30.59 -128.77 -26.53
CA THR J 72 29.55 -128.58 -25.53
C THR J 72 28.15 -128.81 -26.09
N ILE J 73 27.99 -128.82 -27.41
CA ILE J 73 26.70 -129.15 -28.01
C ILE J 73 26.93 -129.70 -29.42
N PRO J 74 26.91 -131.01 -29.60
CA PRO J 74 26.96 -131.58 -30.96
C PRO J 74 25.57 -131.74 -31.53
N ASN J 75 25.47 -132.31 -32.73
CA ASN J 75 24.17 -132.60 -33.33
C ASN J 75 23.88 -134.09 -33.22
N ALA J 76 22.69 -134.47 -33.67
CA ALA J 76 22.26 -135.87 -33.66
C ALA J 76 21.16 -136.03 -34.69
N TYR J 77 20.45 -137.15 -34.64
CA TYR J 77 19.37 -137.40 -35.57
C TYR J 77 18.20 -136.47 -35.27
N ASN J 78 17.17 -136.54 -36.12
CA ASN J 78 15.98 -135.70 -36.07
C ASN J 78 16.35 -134.24 -35.85
N LEU J 79 17.53 -133.86 -36.33
CA LEU J 79 18.05 -132.51 -36.17
C LEU J 79 18.57 -131.92 -37.46
N GLN J 80 18.86 -132.73 -38.47
CA GLN J 80 19.34 -132.23 -39.75
C GLN J 80 18.25 -131.56 -40.57
N ALA J 81 16.99 -131.59 -40.12
CA ALA J 81 15.96 -130.80 -40.76
C ALA J 81 16.43 -129.37 -40.89
N ARG J 82 15.94 -128.68 -41.91
CA ARG J 82 16.58 -127.43 -42.29
C ARG J 82 15.62 -126.26 -42.12
N ALA J 83 16.19 -125.06 -42.05
CA ALA J 83 15.40 -123.87 -41.74
C ALA J 83 16.05 -122.65 -42.35
N SER J 84 15.21 -121.70 -42.73
CA SER J 84 15.65 -120.38 -43.18
C SER J 84 14.79 -119.34 -42.47
N VAL J 85 15.42 -118.45 -41.71
CA VAL J 85 14.70 -117.55 -40.82
C VAL J 85 15.24 -116.14 -40.95
N ASP J 86 14.41 -115.19 -40.51
CA ASP J 86 14.80 -113.79 -40.42
C ASP J 86 14.16 -113.23 -39.16
N TRP J 87 14.98 -112.94 -38.15
CA TRP J 87 14.49 -112.56 -36.84
C TRP J 87 15.18 -111.28 -36.37
N SER J 88 14.41 -110.44 -35.70
CA SER J 88 14.92 -109.16 -35.19
C SER J 88 14.37 -108.89 -33.79
N GLY J 89 14.36 -109.90 -32.94
CA GLY J 89 13.78 -109.75 -31.62
C GLY J 89 14.50 -110.54 -30.55
N PRO J 90 13.81 -110.81 -29.44
CA PRO J 90 14.40 -111.60 -28.36
C PRO J 90 14.63 -113.04 -28.81
N ILE J 91 15.27 -113.80 -27.93
CA ILE J 91 15.81 -115.10 -28.33
C ILE J 91 14.99 -116.25 -27.74
N GLU J 92 14.31 -116.00 -26.63
CA GLU J 92 13.68 -117.09 -25.90
C GLU J 92 12.56 -117.72 -26.72
N GLU J 93 11.66 -116.91 -27.27
CA GLU J 93 10.55 -117.45 -28.05
C GLU J 93 11.04 -118.12 -29.32
N LEU J 94 12.08 -117.54 -29.94
CA LEU J 94 12.64 -118.16 -31.14
C LEU J 94 13.19 -119.53 -30.84
N THR J 95 13.97 -119.65 -29.76
CA THR J 95 14.51 -120.95 -29.37
C THR J 95 13.40 -121.91 -28.99
N ALA J 96 12.34 -121.40 -28.36
CA ALA J 96 11.21 -122.26 -28.02
C ALA J 96 10.56 -122.83 -29.27
N ARG J 97 10.37 -121.99 -30.30
CA ARG J 97 9.83 -122.48 -31.55
C ARG J 97 10.77 -123.49 -32.19
N ILE J 98 12.07 -123.26 -32.08
CA ILE J 98 13.04 -124.20 -32.62
C ILE J 98 12.89 -125.56 -31.94
N ALA J 99 12.82 -125.56 -30.61
CA ALA J 99 12.67 -126.82 -29.89
C ALA J 99 11.35 -127.49 -30.20
N LYS J 100 10.28 -126.69 -30.37
CA LYS J 100 8.99 -127.26 -30.72
C LYS J 100 9.04 -127.95 -32.08
N ALA J 101 9.74 -127.34 -33.04
CA ALA J 101 9.94 -127.99 -34.32
C ALA J 101 10.77 -129.26 -34.18
N ALA J 102 11.77 -129.23 -33.30
CA ALA J 102 12.69 -130.35 -33.15
C ALA J 102 12.17 -131.42 -32.20
N HIS J 103 10.98 -131.24 -31.64
CA HIS J 103 10.38 -132.22 -30.71
C HIS J 103 11.25 -132.42 -29.47
N PHE J 104 11.92 -131.38 -29.01
CA PHE J 104 12.79 -131.47 -27.85
C PHE J 104 12.29 -130.56 -26.74
N ARG J 105 12.56 -130.98 -25.51
CA ARG J 105 12.15 -130.19 -24.35
C ARG J 105 12.96 -128.89 -24.28
N PHE J 106 12.35 -127.88 -23.67
CA PHE J 106 12.95 -126.55 -23.55
C PHE J 106 13.16 -126.24 -22.07
N ARG J 107 14.36 -125.79 -21.72
CA ARG J 107 14.71 -125.53 -20.33
C ARG J 107 15.38 -124.17 -20.20
N VAL J 108 15.06 -123.48 -19.11
CA VAL J 108 15.58 -122.14 -18.83
C VAL J 108 16.35 -122.19 -17.52
N LEU J 109 17.47 -121.47 -17.48
CA LEU J 109 18.30 -121.41 -16.29
C LEU J 109 18.65 -119.96 -15.99
N GLY J 110 18.55 -119.59 -14.72
CA GLY J 110 18.73 -118.22 -14.33
C GLY J 110 17.50 -117.39 -14.61
N LYS J 111 17.63 -116.08 -14.44
CA LYS J 111 16.56 -115.14 -14.69
C LYS J 111 17.00 -114.14 -15.77
N SER J 112 16.09 -113.85 -16.69
CA SER J 112 16.37 -112.86 -17.70
C SER J 112 16.62 -111.50 -17.04
N PRO J 113 17.61 -110.74 -17.50
CA PRO J 113 17.87 -109.43 -16.90
C PRO J 113 16.79 -108.43 -17.30
N SER J 114 16.83 -107.28 -16.63
CA SER J 114 15.87 -106.23 -16.94
C SER J 114 16.04 -105.74 -18.37
N VAL J 115 17.28 -105.57 -18.81
CA VAL J 115 17.54 -105.23 -20.19
C VAL J 115 17.20 -106.43 -21.06
N PRO J 116 16.31 -106.27 -22.04
CA PRO J 116 16.04 -107.38 -22.97
C PRO J 116 17.27 -107.68 -23.81
N VAL J 117 17.41 -108.96 -24.16
CA VAL J 117 18.52 -109.42 -24.99
C VAL J 117 17.97 -109.68 -26.39
N LEU J 118 18.46 -108.92 -27.36
CA LEU J 118 17.96 -108.99 -28.73
C LEU J 118 19.07 -109.44 -29.65
N ILE J 119 18.71 -110.28 -30.62
CA ILE J 119 19.64 -110.75 -31.64
C ILE J 119 18.97 -110.64 -32.99
N SER J 120 19.63 -109.97 -33.92
CA SER J 120 19.18 -109.90 -35.31
C SER J 120 20.05 -110.86 -36.11
N ILE J 121 19.43 -111.90 -36.67
CA ILE J 121 20.13 -112.90 -37.45
C ILE J 121 19.34 -113.17 -38.72
N SER J 122 20.01 -113.11 -39.87
CA SER J 122 19.42 -113.42 -41.15
C SER J 122 20.34 -114.37 -41.90
N THR J 123 19.82 -115.54 -42.25
CA THR J 123 20.58 -116.56 -42.95
C THR J 123 19.63 -117.30 -43.87
N LYS J 124 20.06 -118.45 -44.40
CA LYS J 124 19.21 -119.22 -45.31
C LYS J 124 19.71 -120.66 -45.38
N ASP J 125 18.88 -121.59 -44.91
CA ASP J 125 19.02 -123.03 -45.16
C ASP J 125 20.38 -123.56 -44.69
N GLU J 126 20.58 -123.49 -43.38
CA GLU J 126 21.69 -124.20 -42.76
C GLU J 126 21.12 -125.24 -41.80
N SER J 127 22.02 -125.95 -41.13
CA SER J 127 21.61 -126.94 -40.15
C SER J 127 20.98 -126.26 -38.93
N LEU J 128 20.05 -126.96 -38.30
CA LEU J 128 19.53 -126.48 -37.03
C LEU J 128 20.63 -126.43 -35.98
N ALA J 129 21.54 -127.40 -36.01
CA ALA J 129 22.67 -127.38 -35.09
C ALA J 129 23.53 -126.15 -35.30
N GLU J 130 23.81 -125.81 -36.56
CA GLU J 130 24.58 -124.61 -36.83
C GLU J 130 23.81 -123.36 -36.48
N ILE J 131 22.48 -123.38 -36.63
CA ILE J 131 21.66 -122.26 -36.17
C ILE J 131 21.88 -122.04 -34.69
N LEU J 132 21.81 -123.12 -33.90
CA LEU J 132 22.05 -123.02 -32.48
C LEU J 132 23.46 -122.52 -32.20
N ARG J 133 24.44 -123.02 -32.93
CA ARG J 133 25.81 -122.60 -32.71
C ARG J 133 25.98 -121.10 -32.94
N ASP J 134 25.42 -120.60 -34.04
CA ASP J 134 25.61 -119.19 -34.36
C ASP J 134 24.83 -118.30 -33.42
N ILE J 135 23.62 -118.71 -33.01
CA ILE J 135 22.89 -117.88 -32.07
C ILE J 135 23.62 -117.84 -30.73
N ASP J 136 24.18 -118.97 -30.29
CA ASP J 136 24.95 -118.97 -29.06
C ASP J 136 26.18 -118.08 -29.17
N TYR J 137 26.88 -118.15 -30.31
CA TYR J 137 28.05 -117.29 -30.51
C TYR J 137 27.65 -115.82 -30.47
N GLN J 138 26.57 -115.47 -31.16
CA GLN J 138 26.16 -114.07 -31.22
C GLN J 138 25.68 -113.56 -29.87
N ALA J 139 25.04 -114.42 -29.08
CA ALA J 139 24.71 -114.05 -27.71
C ALA J 139 25.97 -113.82 -26.91
N GLY J 140 26.96 -114.68 -27.06
CA GLY J 140 28.24 -114.48 -26.41
C GLY J 140 28.16 -114.53 -24.89
N LYS J 141 28.42 -113.38 -24.26
CA LYS J 141 28.58 -113.35 -22.81
C LYS J 141 27.25 -113.50 -22.10
N LYS J 142 26.19 -112.89 -22.61
CA LYS J 142 24.94 -112.80 -21.86
C LYS J 142 24.24 -114.15 -21.73
N ALA J 143 24.28 -114.97 -22.77
CA ALA J 143 23.54 -116.22 -22.78
C ALA J 143 24.46 -117.39 -23.13
N SER J 144 24.03 -118.58 -22.73
CA SER J 144 24.72 -119.80 -23.11
C SER J 144 23.70 -120.88 -23.42
N ILE J 145 24.07 -121.79 -24.32
CA ILE J 145 23.16 -122.84 -24.80
C ILE J 145 23.83 -124.19 -24.60
N HIS J 146 23.05 -125.19 -24.22
CA HIS J 146 23.52 -126.55 -24.11
C HIS J 146 22.42 -127.49 -24.57
N VAL J 147 22.81 -128.65 -25.07
CA VAL J 147 21.88 -129.65 -25.57
C VAL J 147 22.27 -131.01 -25.03
N TYR J 148 21.30 -131.71 -24.45
CA TYR J 148 21.50 -133.09 -24.04
C TYR J 148 20.67 -133.97 -24.95
N PRO J 149 21.28 -134.66 -25.91
CA PRO J 149 20.49 -135.49 -26.84
C PRO J 149 19.90 -136.71 -26.17
N ASN J 150 20.63 -137.32 -25.24
CA ASN J 150 20.10 -138.48 -24.52
C ASN J 150 18.78 -138.14 -23.83
N SER J 151 18.69 -136.94 -23.28
CA SER J 151 17.44 -136.48 -22.70
C SER J 151 16.58 -135.68 -23.66
N GLN J 152 17.09 -135.42 -24.88
CA GLN J 152 16.35 -134.68 -25.90
C GLN J 152 15.91 -133.31 -25.37
N VAL J 153 16.84 -132.62 -24.71
CA VAL J 153 16.51 -131.35 -24.07
C VAL J 153 17.49 -130.28 -24.55
N VAL J 154 16.97 -129.06 -24.68
CA VAL J 154 17.77 -127.89 -25.02
C VAL J 154 17.59 -126.88 -23.90
N GLU J 155 18.69 -126.52 -23.26
CA GLU J 155 18.66 -125.64 -22.10
C GLU J 155 19.45 -124.37 -22.41
N LEU J 156 18.85 -123.22 -22.14
CA LEU J 156 19.55 -121.95 -22.25
C LEU J 156 19.67 -121.32 -20.87
N ARG J 157 20.83 -120.75 -20.59
CA ARG J 157 21.11 -120.18 -19.29
C ARG J 157 21.56 -118.74 -19.43
N TYR J 158 21.01 -117.88 -18.59
CA TYR J 158 21.47 -116.50 -18.51
C TYR J 158 22.71 -116.40 -17.64
N ALA J 159 23.57 -115.45 -17.95
CA ALA J 159 24.78 -115.26 -17.18
C ALA J 159 24.46 -114.65 -15.82
N LYS J 160 25.26 -115.03 -14.82
CA LYS J 160 25.19 -114.43 -13.50
C LYS J 160 26.29 -113.38 -13.41
N ILE J 161 25.90 -112.11 -13.43
CA ILE J 161 26.83 -110.99 -13.52
C ILE J 161 26.46 -109.98 -12.45
N TYR J 162 27.31 -108.95 -12.33
CA TYR J 162 27.16 -107.89 -11.33
C TYR J 162 27.36 -108.44 -9.92
N ARG K 207 93.44 -64.23 -7.71
CA ARG K 207 92.43 -64.71 -6.77
C ARG K 207 91.65 -63.53 -6.18
N ILE K 208 90.41 -63.79 -5.78
CA ILE K 208 89.57 -62.75 -5.20
C ILE K 208 90.20 -62.25 -3.90
N ILE K 209 90.30 -60.93 -3.77
CA ILE K 209 90.88 -60.30 -2.60
C ILE K 209 89.79 -59.48 -1.91
N TYR K 210 89.59 -59.74 -0.62
CA TYR K 210 88.61 -59.03 0.18
C TYR K 210 89.26 -57.83 0.85
N TYR K 211 88.49 -56.76 1.02
CA TYR K 211 88.97 -55.53 1.62
C TYR K 211 88.08 -55.18 2.80
N ILE K 212 88.68 -54.64 3.85
CA ILE K 212 87.91 -54.25 5.04
C ILE K 212 87.08 -53.02 4.69
N GLN K 213 85.77 -53.11 4.90
CA GLN K 213 84.84 -52.02 4.64
C GLN K 213 84.35 -51.37 5.91
N ALA K 214 83.84 -52.16 6.86
CA ALA K 214 83.45 -51.67 8.17
C ALA K 214 84.03 -52.61 9.22
N VAL K 215 84.73 -52.04 10.20
CA VAL K 215 85.41 -52.83 11.22
C VAL K 215 84.99 -52.32 12.59
N ILE K 216 84.36 -53.19 13.38
CA ILE K 216 84.03 -52.92 14.77
C ILE K 216 84.37 -54.17 15.57
N PRO K 217 84.52 -54.05 16.88
CA PRO K 217 84.77 -55.25 17.69
C PRO K 217 83.66 -56.28 17.48
N GLY K 218 84.08 -57.54 17.32
CA GLY K 218 83.15 -58.61 17.06
C GLY K 218 82.91 -58.89 15.59
N ARG K 219 82.22 -58.00 14.90
CA ARG K 219 81.87 -58.18 13.50
C ARG K 219 82.75 -57.30 12.62
N ALA K 220 83.27 -57.89 11.54
CA ALA K 220 84.10 -57.17 10.58
C ALA K 220 83.49 -57.32 9.19
N TRP K 221 83.34 -56.21 8.48
CA TRP K 221 82.76 -56.21 7.16
C TRP K 221 83.86 -56.28 6.11
N LEU K 222 83.71 -57.21 5.17
CA LEU K 222 84.68 -57.40 4.10
C LEU K 222 83.98 -57.36 2.76
N ILE K 223 84.53 -56.56 1.83
CA ILE K 223 84.05 -56.51 0.46
C ILE K 223 85.12 -57.15 -0.42
N GLY K 224 84.72 -58.15 -1.20
CA GLY K 224 85.65 -58.88 -2.04
C GLY K 224 86.05 -58.13 -3.28
N SER K 225 86.92 -58.76 -4.07
CA SER K 225 87.34 -58.16 -5.33
C SER K 225 86.17 -57.98 -6.27
N ASN K 226 85.28 -58.97 -6.34
CA ASN K 226 84.06 -58.84 -7.14
C ASN K 226 83.10 -57.82 -6.55
N GLY K 227 83.30 -57.40 -5.31
CA GLY K 227 82.44 -56.44 -4.67
C GLY K 227 81.43 -57.03 -3.70
N SER K 228 81.45 -58.35 -3.49
CA SER K 228 80.53 -58.95 -2.54
C SER K 228 80.90 -58.55 -1.12
N THR K 229 79.92 -58.07 -0.37
CA THR K 229 80.13 -57.59 0.99
C THR K 229 79.49 -58.57 1.97
N LEU K 230 80.23 -58.91 3.03
CA LEU K 230 79.77 -59.82 4.06
C LEU K 230 80.29 -59.35 5.40
N THR K 231 79.82 -60.01 6.46
CA THR K 231 80.30 -59.76 7.81
C THR K 231 80.79 -61.06 8.42
N VAL K 232 81.84 -60.94 9.24
CA VAL K 232 82.50 -62.11 9.82
C VAL K 232 82.73 -61.86 11.31
N ARG K 233 82.96 -62.96 12.03
CA ARG K 233 83.28 -62.96 13.44
C ARG K 233 84.75 -63.36 13.62
N GLU K 234 85.15 -63.52 14.88
CA GLU K 234 86.52 -63.94 15.17
C GLU K 234 86.74 -65.39 14.73
N GLY K 235 85.98 -66.32 15.30
CA GLY K 235 86.09 -67.71 14.89
C GLY K 235 85.20 -68.02 13.72
N SER K 236 85.77 -68.02 12.51
CA SER K 236 85.00 -68.23 11.31
C SER K 236 85.94 -68.67 10.19
N LYS K 237 85.35 -69.21 9.13
CA LYS K 237 86.09 -69.66 7.96
C LYS K 237 85.92 -68.65 6.84
N ILE K 238 87.02 -68.25 6.23
CA ILE K 238 87.02 -67.27 5.14
C ILE K 238 87.43 -67.99 3.86
N PRO K 239 86.57 -68.06 2.85
CA PRO K 239 86.95 -68.71 1.59
C PRO K 239 88.09 -67.96 0.91
N GLY K 240 88.93 -68.73 0.21
CA GLY K 240 90.10 -68.18 -0.44
C GLY K 240 91.23 -67.80 0.49
N TYR K 241 90.98 -67.73 1.78
CA TYR K 241 91.99 -67.41 2.77
C TYR K 241 92.15 -68.48 3.83
N GLY K 242 91.05 -69.10 4.26
CA GLY K 242 91.11 -70.12 5.28
C GLY K 242 90.22 -69.83 6.47
N MET K 243 90.83 -69.65 7.64
CA MET K 243 90.11 -69.34 8.87
C MET K 243 90.65 -68.05 9.48
N VAL K 244 89.74 -67.23 10.01
CA VAL K 244 90.13 -66.01 10.69
C VAL K 244 90.73 -66.39 12.05
N LYS K 245 92.05 -66.31 12.17
CA LYS K 245 92.71 -66.67 13.40
C LYS K 245 92.87 -65.49 14.36
N LEU K 246 92.58 -64.28 13.92
CA LEU K 246 92.71 -63.10 14.77
C LEU K 246 92.03 -61.92 14.11
N ILE K 247 91.32 -61.13 14.91
CA ILE K 247 90.73 -59.87 14.47
C ILE K 247 91.29 -58.77 15.35
N ASP K 248 91.77 -57.70 14.73
CA ASP K 248 92.28 -56.53 15.43
C ASP K 248 91.42 -55.33 15.03
N SER K 249 90.41 -55.02 15.85
CA SER K 249 89.55 -53.88 15.55
C SER K 249 90.35 -52.58 15.53
N LEU K 250 91.26 -52.41 16.48
CA LEU K 250 92.19 -51.30 16.44
C LEU K 250 93.13 -51.45 15.25
N GLN K 251 93.40 -50.34 14.58
CA GLN K 251 94.34 -50.24 13.46
C GLN K 251 93.88 -51.01 12.23
N GLY K 252 92.71 -51.67 12.27
CA GLY K 252 92.12 -52.25 11.09
C GLY K 252 92.93 -53.33 10.40
N ARG K 253 93.44 -54.30 11.15
CA ARG K 253 94.18 -55.42 10.60
C ARG K 253 93.46 -56.72 10.91
N ILE K 254 93.33 -57.57 9.90
CA ILE K 254 92.69 -58.88 10.03
C ILE K 254 93.70 -59.95 9.63
N LEU K 255 93.75 -61.02 10.40
CA LEU K 255 94.74 -62.08 10.21
C LEU K 255 94.02 -63.40 9.93
N THR K 256 94.61 -64.21 9.06
CA THR K 256 94.04 -65.48 8.64
C THR K 256 94.94 -66.63 9.10
N SER K 257 94.30 -67.78 9.38
CA SER K 257 95.04 -68.95 9.82
C SER K 257 96.09 -69.40 8.81
N SER K 258 95.92 -69.02 7.55
CA SER K 258 96.94 -69.27 6.53
C SER K 258 98.05 -68.24 6.54
N GLY K 259 97.95 -67.21 7.38
CA GLY K 259 99.00 -66.22 7.52
C GLY K 259 98.79 -64.95 6.73
N GLN K 260 97.77 -64.89 5.87
CA GLN K 260 97.51 -63.68 5.11
C GLN K 260 97.08 -62.55 6.03
N VAL K 261 97.36 -61.32 5.59
CA VAL K 261 96.98 -60.11 6.31
C VAL K 261 95.96 -59.36 5.45
N ILE K 262 94.84 -58.97 6.07
CA ILE K 262 93.74 -58.32 5.37
C ILE K 262 93.64 -56.89 5.89
N LYS K 263 93.63 -55.93 4.96
CA LYS K 263 93.59 -54.51 5.28
C LYS K 263 92.48 -53.86 4.48
N PHE K 264 92.40 -52.53 4.58
CA PHE K 264 91.47 -51.76 3.78
C PHE K 264 92.01 -51.57 2.37
N SER K 265 91.19 -50.96 1.51
CA SER K 265 91.69 -50.50 0.23
C SER K 265 92.65 -49.33 0.46
N GLN K 266 93.88 -49.47 -0.02
CA GLN K 266 94.89 -48.45 0.24
C GLN K 266 94.49 -47.11 -0.36
N GLU K 267 94.05 -47.12 -1.61
CA GLU K 267 93.59 -45.88 -2.23
C GLU K 267 92.32 -45.37 -1.56
N ASP K 268 91.32 -46.24 -1.40
CA ASP K 268 90.06 -45.86 -0.78
C ASP K 268 90.24 -45.94 0.73
N SER K 269 90.88 -44.92 1.28
CA SER K 269 91.13 -44.84 2.72
C SER K 269 91.57 -43.43 3.11
N GLN L 791 105.85 -28.87 47.67
CA GLN L 791 105.20 -30.17 47.75
C GLN L 791 103.68 -30.03 47.60
N GLN L 792 103.06 -29.27 48.51
CA GLN L 792 101.62 -29.06 48.48
C GLN L 792 101.18 -28.23 47.28
N GLU L 793 102.11 -27.59 46.57
CA GLU L 793 101.76 -26.74 45.43
C GLU L 793 101.08 -27.51 44.32
N ILE L 794 101.19 -28.84 44.32
CA ILE L 794 100.57 -29.65 43.27
C ILE L 794 99.06 -29.43 43.25
N GLN L 795 98.43 -29.35 44.42
CA GLN L 795 96.97 -29.34 44.51
C GLN L 795 96.38 -28.16 43.75
N GLN L 796 96.85 -26.95 44.05
CA GLN L 796 96.36 -25.78 43.33
C GLN L 796 96.74 -25.85 41.86
N ARG L 797 97.96 -26.30 41.56
CA ARG L 797 98.37 -26.47 40.17
C ARG L 797 97.62 -27.60 39.49
N THR L 798 96.93 -28.45 40.25
CA THR L 798 96.08 -29.48 39.68
C THR L 798 94.60 -29.10 39.68
N SER L 799 94.14 -28.41 40.73
CA SER L 799 92.73 -28.04 40.80
C SER L 799 92.36 -27.09 39.67
N ASP L 800 93.23 -26.13 39.37
CA ASP L 800 92.92 -25.14 38.33
C ASP L 800 92.73 -25.82 36.97
N MET L 801 93.68 -26.65 36.56
CA MET L 801 93.56 -27.33 35.28
C MET L 801 92.36 -28.26 35.26
N LEU L 802 91.97 -28.79 36.42
CA LEU L 802 90.77 -29.60 36.50
C LEU L 802 89.55 -28.80 36.08
N THR L 803 89.44 -27.56 36.54
CA THR L 803 88.33 -26.71 36.15
C THR L 803 88.30 -26.50 34.65
N ALA L 804 89.45 -26.13 34.07
CA ALA L 804 89.52 -25.98 32.63
C ALA L 804 89.25 -27.29 31.92
N ALA L 805 89.68 -28.40 32.52
CA ALA L 805 89.43 -29.71 31.93
C ALA L 805 87.94 -29.99 31.81
N THR L 806 87.18 -29.65 32.85
CA THR L 806 85.74 -29.80 32.79
C THR L 806 85.16 -28.98 31.64
N GLN L 807 85.71 -27.78 31.42
CA GLN L 807 85.28 -26.96 30.31
C GLN L 807 85.50 -27.66 28.98
N LEU L 808 86.71 -28.14 28.74
CA LEU L 808 87.08 -28.64 27.41
C LEU L 808 86.25 -29.84 27.01
N VAL L 809 86.07 -30.81 27.91
CA VAL L 809 85.25 -31.97 27.58
C VAL L 809 83.82 -31.54 27.30
N GLN L 810 83.32 -30.57 28.06
CA GLN L 810 82.02 -29.98 27.74
C GLN L 810 82.06 -29.26 26.40
N ASP L 811 83.16 -28.58 26.11
CA ASP L 811 83.27 -27.86 24.84
C ASP L 811 83.11 -28.80 23.66
N TRP L 812 83.76 -29.96 23.71
CA TRP L 812 83.63 -30.94 22.64
C TRP L 812 82.32 -31.70 22.73
N LYS L 813 81.61 -31.58 23.86
CA LYS L 813 80.44 -32.43 24.09
C LYS L 813 79.30 -32.06 23.16
N GLN L 814 78.97 -30.78 23.05
CA GLN L 814 77.78 -30.36 22.34
C GLN L 814 78.03 -30.30 20.84
N VAL L 815 77.02 -30.71 20.08
CA VAL L 815 77.04 -30.61 18.62
C VAL L 815 75.66 -30.15 18.17
N GLU L 816 75.62 -29.13 17.31
CA GLU L 816 74.37 -28.59 16.81
C GLU L 816 73.79 -29.53 15.74
N THR L 817 72.73 -29.07 15.09
CA THR L 817 72.07 -29.84 14.05
C THR L 817 71.99 -29.03 12.76
N GLN L 818 71.89 -29.77 11.66
CA GLN L 818 71.84 -29.16 10.34
C GLN L 818 70.48 -28.49 10.11
N VAL L 819 70.47 -27.52 9.19
CA VAL L 819 69.28 -26.75 8.86
C VAL L 819 68.76 -27.21 7.51
N TYR L 820 67.48 -27.59 7.47
CA TYR L 820 66.85 -28.07 6.24
C TYR L 820 66.35 -26.87 5.43
N THR L 821 67.32 -26.06 4.99
CA THR L 821 67.00 -24.84 4.27
C THR L 821 66.39 -25.17 2.92
N GLU L 822 65.27 -24.53 2.59
CA GLU L 822 64.57 -24.76 1.35
C GLU L 822 64.20 -23.42 0.72
N GLY L 823 64.00 -23.44 -0.60
CA GLY L 823 63.62 -22.24 -1.32
C GLY L 823 62.34 -22.43 -2.10
N THR L 824 62.24 -21.75 -3.25
CA THR L 824 61.05 -21.85 -4.09
C THR L 824 61.42 -21.73 -5.57
N ALA M 104 111.19 19.17 41.84
CA ALA M 104 109.86 19.68 41.50
C ALA M 104 109.46 19.25 40.10
N GLU M 105 110.34 18.52 39.44
CA GLU M 105 110.11 18.01 38.09
C GLU M 105 110.36 16.51 38.00
N VAL M 106 111.34 15.99 38.74
CA VAL M 106 111.51 14.53 38.81
C VAL M 106 110.30 13.90 39.45
N ILE M 107 109.66 14.59 40.39
CA ILE M 107 108.40 14.12 40.96
C ILE M 107 107.36 13.97 39.86
N ASP M 108 107.27 14.98 38.98
CA ASP M 108 106.31 14.92 37.88
C ASP M 108 106.64 13.79 36.92
N LYS M 109 107.93 13.57 36.68
CA LYS M 109 108.35 12.48 35.78
C LYS M 109 107.94 11.12 36.34
N LYS M 110 108.23 10.90 37.62
CA LYS M 110 107.81 9.66 38.27
C LYS M 110 106.28 9.53 38.22
N ALA M 111 105.59 10.64 38.46
CA ALA M 111 104.14 10.64 38.39
C ALA M 111 103.65 10.16 37.03
N PHE M 112 104.17 10.76 35.97
CA PHE M 112 103.71 10.41 34.62
C PHE M 112 104.04 8.96 34.27
N LYS M 113 105.25 8.50 34.61
CA LYS M 113 105.60 7.14 34.26
C LYS M 113 104.76 6.12 35.03
N ASP M 114 104.48 6.40 36.31
CA ASP M 114 103.62 5.50 37.07
C ASP M 114 102.19 5.52 36.52
N MET M 115 101.72 6.69 36.11
CA MET M 115 100.39 6.77 35.50
C MET M 115 100.33 5.92 34.23
N THR M 116 101.36 6.03 33.39
CA THR M 116 101.40 5.22 32.17
C THR M 116 101.45 3.74 32.50
N ARG M 117 102.23 3.36 33.50
CA ARG M 117 102.31 1.96 33.90
C ARG M 117 100.96 1.44 34.35
N ASN M 118 100.25 2.22 35.17
CA ASN M 118 98.92 1.81 35.62
C ASN M 118 97.95 1.73 34.46
N LEU M 119 98.02 2.69 33.53
CA LEU M 119 97.11 2.70 32.39
C LEU M 119 97.32 1.46 31.54
N TYR M 120 98.57 1.10 31.26
CA TYR M 120 98.90 -0.04 30.43
C TYR M 120 99.87 -0.93 31.21
N PRO M 121 99.36 -1.76 32.11
CA PRO M 121 100.23 -2.64 32.89
C PRO M 121 100.98 -3.68 32.08
N LEU M 122 100.79 -3.72 30.76
CA LEU M 122 101.45 -4.69 29.91
C LEU M 122 102.07 -3.99 28.71
N ASN M 123 103.12 -4.59 28.17
CA ASN M 123 103.87 -4.09 27.04
C ASN M 123 103.30 -4.63 25.72
N PRO M 124 103.50 -3.90 24.62
CA PRO M 124 102.96 -4.36 23.34
C PRO M 124 103.46 -5.74 22.93
N GLU M 125 104.74 -6.04 23.16
CA GLU M 125 105.25 -7.36 22.81
C GLU M 125 104.66 -8.43 23.71
N GLN M 126 104.41 -8.08 24.98
CA GLN M 126 103.70 -9.01 25.86
C GLN M 126 102.30 -9.29 25.33
N VAL M 127 101.63 -8.25 24.84
CA VAL M 127 100.31 -8.43 24.24
C VAL M 127 100.40 -9.38 23.05
N VAL M 128 101.40 -9.15 22.19
CA VAL M 128 101.55 -9.96 20.99
C VAL M 128 101.79 -11.42 21.36
N LYS M 129 102.68 -11.66 22.31
CA LYS M 129 103.03 -13.04 22.65
C LYS M 129 101.89 -13.74 23.38
N LEU M 130 101.11 -13.03 24.20
CA LEU M 130 99.95 -13.67 24.81
C LEU M 130 98.89 -13.96 23.77
N LYS M 131 98.75 -13.09 22.76
CA LYS M 131 97.88 -13.42 21.64
C LYS M 131 98.36 -14.68 20.93
N GLN M 132 99.68 -14.81 20.77
CA GLN M 132 100.24 -15.99 20.11
C GLN M 132 99.93 -17.26 20.90
N ILE M 133 100.11 -17.21 22.23
CA ILE M 133 99.86 -18.40 23.02
C ILE M 133 98.38 -18.73 23.07
N TYR M 134 97.52 -17.71 23.07
CA TYR M 134 96.09 -17.95 22.99
C TYR M 134 95.72 -18.62 21.67
N GLU M 135 96.30 -18.16 20.57
CA GLU M 135 96.04 -18.79 19.27
C GLU M 135 96.58 -20.21 19.23
N THR M 136 97.72 -20.45 19.88
CA THR M 136 98.25 -21.81 19.97
C THR M 136 97.30 -22.71 20.74
N SER M 137 96.75 -22.21 21.84
CA SER M 137 95.77 -22.97 22.60
C SER M 137 94.53 -23.25 21.75
N GLU M 138 94.07 -22.25 21.00
CA GLU M 138 92.92 -22.45 20.14
C GLU M 138 93.19 -23.50 19.07
N TYR M 139 94.39 -23.47 18.49
CA TYR M 139 94.76 -24.48 17.51
C TYR M 139 94.80 -25.87 18.14
N ALA M 140 95.35 -25.98 19.34
CA ALA M 140 95.37 -27.27 20.02
C ALA M 140 93.97 -27.78 20.28
N LYS M 141 93.06 -26.89 20.70
CA LYS M 141 91.67 -27.29 20.91
C LYS M 141 91.03 -27.75 19.61
N ALA M 142 91.22 -26.98 18.54
CA ALA M 142 90.62 -27.32 17.25
C ALA M 142 91.23 -28.58 16.65
N ALA M 143 92.42 -28.97 17.08
CA ALA M 143 93.07 -30.14 16.51
C ALA M 143 92.29 -31.41 16.85
N THR M 144 92.23 -32.32 15.88
CA THR M 144 91.56 -33.60 16.07
C THR M 144 92.60 -34.69 16.21
N PRO M 145 92.73 -35.32 17.38
CA PRO M 145 93.70 -36.39 17.54
C PRO M 145 93.43 -37.54 16.56
N GLY M 146 94.51 -38.15 16.10
CA GLY M 146 94.40 -39.20 15.11
C GLY M 146 94.28 -38.65 13.71
N THR M 147 94.16 -39.56 12.76
CA THR M 147 94.11 -39.01 11.42
C THR M 147 92.67 -38.81 10.98
N PRO M 148 92.37 -37.70 10.30
CA PRO M 148 91.02 -37.47 9.80
C PRO M 148 90.66 -38.46 8.71
N PRO M 149 89.38 -38.70 8.50
CA PRO M 149 88.94 -39.64 7.46
C PRO M 149 89.08 -39.05 6.07
N LYS M 150 88.60 -39.79 5.08
CA LYS M 150 88.73 -39.41 3.68
C LYS M 150 87.35 -39.24 3.06
N PRO M 151 87.02 -38.06 2.53
CA PRO M 151 85.76 -37.92 1.79
C PRO M 151 85.77 -38.76 0.53
N THR M 152 84.60 -39.29 0.19
CA THR M 152 84.47 -40.20 -0.96
C THR M 152 83.00 -40.27 -1.36
N ALA M 153 82.75 -41.00 -2.44
CA ALA M 153 81.40 -41.29 -2.91
C ALA M 153 81.39 -42.67 -3.53
N THR M 154 80.33 -43.43 -3.27
CA THR M 154 80.27 -44.82 -3.73
C THR M 154 78.86 -45.16 -4.19
N SER M 155 78.77 -46.19 -5.03
CA SER M 155 77.52 -46.75 -5.50
C SER M 155 77.58 -48.26 -5.36
N GLN M 156 76.42 -48.87 -5.21
CA GLN M 156 76.37 -50.31 -4.94
C GLN M 156 74.98 -50.84 -5.29
N PHE M 157 74.94 -52.08 -5.77
CA PHE M 157 73.68 -52.74 -6.10
C PHE M 157 73.18 -53.51 -4.89
N VAL M 158 71.89 -53.32 -4.57
CA VAL M 158 71.27 -53.94 -3.43
C VAL M 158 70.43 -55.11 -3.89
N ASN M 159 70.66 -56.28 -3.30
CA ASN M 159 69.89 -57.49 -3.58
C ASN M 159 69.11 -57.87 -2.33
N LEU M 160 67.83 -58.17 -2.49
CA LEU M 160 66.94 -58.45 -1.38
C LEU M 160 66.82 -59.93 -1.06
N SER M 161 67.68 -60.76 -1.64
CA SER M 161 67.63 -62.18 -1.33
C SER M 161 67.94 -62.40 0.15
N PRO M 162 67.36 -63.44 0.75
CA PRO M 162 67.57 -63.65 2.19
C PRO M 162 69.03 -63.82 2.58
N GLY M 163 69.84 -64.42 1.72
CA GLY M 163 71.25 -64.60 2.03
C GLY M 163 72.11 -63.38 1.79
N SER M 164 71.57 -62.33 1.18
CA SER M 164 72.35 -61.13 0.90
C SER M 164 72.64 -60.37 2.19
N THR M 165 73.30 -59.23 2.04
CA THR M 165 73.67 -58.44 3.20
C THR M 165 73.11 -57.02 3.08
N PRO M 166 72.74 -56.40 4.20
CA PRO M 166 72.22 -55.04 4.14
C PRO M 166 73.28 -54.05 3.70
N PRO M 167 72.91 -52.98 3.01
CA PRO M 167 73.89 -51.96 2.65
C PRO M 167 74.42 -51.22 3.88
N VAL M 168 75.74 -51.03 3.89
CA VAL M 168 76.45 -50.37 4.99
C VAL M 168 76.86 -48.98 4.52
N ILE M 169 76.58 -47.99 5.35
CA ILE M 169 76.85 -46.59 5.02
C ILE M 169 77.75 -46.00 6.10
N ARG M 170 78.85 -45.37 5.68
CA ARG M 170 79.81 -44.79 6.60
C ARG M 170 79.44 -43.34 6.90
N LEU M 171 79.63 -42.94 8.16
CA LEU M 171 79.18 -41.65 8.65
C LEU M 171 80.26 -40.95 9.45
N SER M 172 80.00 -39.70 9.80
CA SER M 172 80.85 -38.93 10.69
C SER M 172 79.98 -37.93 11.45
N GLN M 173 80.33 -37.73 12.71
CA GLN M 173 79.60 -36.79 13.56
C GLN M 173 79.73 -35.38 13.00
N GLY M 174 78.59 -34.69 12.92
CA GLY M 174 78.58 -33.34 12.39
C GLY M 174 78.72 -33.25 10.89
N PHE M 175 78.69 -34.38 10.18
CA PHE M 175 78.84 -34.39 8.73
C PHE M 175 77.58 -34.97 8.10
N VAL M 176 77.26 -34.46 6.92
CA VAL M 176 76.05 -34.84 6.21
C VAL M 176 76.34 -36.05 5.35
N SER M 177 75.48 -37.06 5.46
CA SER M 177 75.50 -38.23 4.59
C SER M 177 74.25 -38.21 3.71
N SER M 178 74.45 -38.36 2.41
CA SER M 178 73.37 -38.21 1.44
C SER M 178 73.02 -39.55 0.82
N LEU M 179 71.74 -39.76 0.56
CA LEU M 179 71.27 -40.97 -0.10
C LEU M 179 70.05 -40.63 -0.95
N VAL M 180 70.21 -40.71 -2.27
CA VAL M 180 69.11 -40.48 -3.21
C VAL M 180 68.80 -41.82 -3.88
N PHE M 181 67.52 -42.16 -3.93
CA PHE M 181 67.11 -43.49 -4.37
C PHE M 181 66.97 -43.56 -5.88
N LEU M 182 67.68 -44.52 -6.48
CA LEU M 182 67.59 -44.79 -7.91
C LEU M 182 67.27 -46.26 -8.10
N ASP M 183 66.56 -46.56 -9.18
CA ASP M 183 66.11 -47.93 -9.43
C ASP M 183 67.25 -48.77 -9.99
N SER M 184 66.92 -49.97 -10.46
CA SER M 184 67.93 -50.84 -11.06
C SER M 184 68.53 -50.20 -12.30
N THR M 185 67.69 -49.56 -13.12
CA THR M 185 68.18 -48.84 -14.29
C THR M 185 68.96 -47.58 -13.91
N GLY M 186 68.93 -47.18 -12.65
CA GLY M 186 69.55 -45.95 -12.23
C GLY M 186 68.66 -44.73 -12.30
N ALA M 187 67.45 -44.86 -12.84
CA ALA M 187 66.53 -43.75 -12.89
C ALA M 187 66.03 -43.42 -11.48
N PRO M 188 65.63 -42.17 -11.24
CA PRO M 188 65.15 -41.80 -9.90
C PRO M 188 63.89 -42.55 -9.52
N TRP M 189 63.71 -42.76 -8.22
CA TRP M 189 62.56 -43.48 -7.70
C TRP M 189 62.10 -42.83 -6.40
N PRO M 190 60.90 -42.23 -6.38
CA PRO M 190 60.44 -41.52 -5.17
C PRO M 190 60.26 -42.46 -3.99
N ILE M 191 60.36 -41.90 -2.79
CA ILE M 191 60.31 -42.64 -1.53
C ILE M 191 58.95 -42.44 -0.89
N ALA M 192 58.37 -43.54 -0.38
CA ALA M 192 57.09 -43.43 0.31
C ALA M 192 57.28 -42.84 1.71
N ALA M 193 58.06 -43.51 2.56
CA ALA M 193 58.19 -43.07 3.95
C ALA M 193 59.43 -43.75 4.55
N TYR M 194 59.63 -43.58 5.86
CA TYR M 194 60.73 -44.27 6.52
C TYR M 194 60.47 -44.36 8.01
N ASP M 195 61.38 -45.05 8.69
CA ASP M 195 61.33 -45.22 10.14
C ASP M 195 62.75 -45.32 10.66
N LEU M 196 63.07 -44.52 11.67
CA LEU M 196 64.41 -44.43 12.22
C LEU M 196 64.42 -44.90 13.66
N GLY M 197 65.33 -45.83 13.98
CA GLY M 197 65.52 -46.26 15.34
C GLY M 197 66.56 -45.41 16.04
N ASP M 198 66.26 -45.02 17.27
CA ASP M 198 67.15 -44.23 18.13
C ASP M 198 67.64 -42.96 17.42
N PRO M 199 66.78 -41.96 17.24
CA PRO M 199 67.26 -40.66 16.73
C PRO M 199 68.18 -39.92 17.69
N SER M 200 68.45 -40.50 18.87
CA SER M 200 69.37 -39.86 19.80
C SER M 200 70.80 -39.85 19.26
N SER M 201 71.09 -40.66 18.24
CA SER M 201 72.41 -40.70 17.65
C SER M 201 72.45 -40.21 16.21
N PHE M 202 71.30 -39.91 15.61
CA PHE M 202 71.24 -39.53 14.21
C PHE M 202 70.15 -38.49 14.00
N ASN M 203 70.35 -37.63 13.01
CA ASN M 203 69.39 -36.59 12.67
C ASN M 203 69.02 -36.71 11.20
N ILE M 204 67.74 -36.55 10.90
CA ILE M 204 67.22 -36.77 9.56
C ILE M 204 66.47 -35.52 9.10
N GLN M 205 66.59 -35.22 7.81
CA GLN M 205 65.80 -34.18 7.17
C GLN M 205 65.25 -34.74 5.87
N TRP M 206 63.92 -34.65 5.70
CA TRP M 206 63.27 -35.21 4.52
C TRP M 206 62.11 -34.32 4.11
N ASP M 207 61.85 -34.30 2.82
CA ASP M 207 60.65 -33.66 2.27
C ASP M 207 59.54 -34.71 2.18
N LYS M 208 58.47 -34.37 1.48
CA LYS M 208 57.35 -35.29 1.27
C LYS M 208 57.23 -35.75 -0.18
N THR M 209 58.11 -35.30 -1.06
CA THR M 209 57.98 -35.63 -2.48
C THR M 209 59.25 -36.22 -3.09
N SER M 210 60.42 -35.74 -2.68
CA SER M 210 61.67 -36.13 -3.32
C SER M 210 62.05 -37.55 -2.88
N ASN M 211 63.25 -37.97 -3.28
CA ASN M 211 63.75 -39.30 -2.96
C ASN M 211 65.16 -39.22 -2.38
N THR M 212 65.50 -38.11 -1.76
CA THR M 212 66.84 -37.88 -1.23
C THR M 212 66.76 -37.61 0.27
N LEU M 213 67.69 -38.20 1.02
CA LEU M 213 67.76 -38.10 2.47
C LEU M 213 69.13 -37.61 2.89
N MET M 214 69.15 -36.64 3.80
CA MET M 214 70.38 -36.14 4.41
C MET M 214 70.36 -36.50 5.88
N ILE M 215 71.47 -37.05 6.37
CA ILE M 215 71.56 -37.57 7.72
C ILE M 215 72.77 -36.94 8.41
N GLN M 216 72.59 -36.54 9.66
CA GLN M 216 73.66 -35.98 10.47
C GLN M 216 73.93 -36.89 11.66
N ALA M 217 75.18 -37.31 11.82
CA ALA M 217 75.55 -38.21 12.91
C ALA M 217 75.79 -37.41 14.19
N THR M 218 75.34 -37.96 15.31
CA THR M 218 75.45 -37.27 16.59
C THR M 218 76.66 -37.68 17.40
N LYS M 219 77.10 -38.94 17.28
CA LYS M 219 78.23 -39.41 18.06
C LYS M 219 79.27 -40.09 17.17
N LEU M 220 80.26 -40.75 17.78
CA LEU M 220 81.40 -41.29 17.07
C LEU M 220 81.27 -42.77 16.76
N TYR M 221 80.83 -43.58 17.73
CA TYR M 221 80.78 -45.02 17.58
C TYR M 221 79.40 -45.59 17.89
N ASN M 222 78.35 -44.81 17.67
CA ASN M 222 76.99 -45.24 17.90
C ASN M 222 76.39 -45.62 16.55
N TYR M 223 76.56 -46.89 16.17
CA TYR M 223 76.00 -47.37 14.92
C TYR M 223 74.49 -47.47 15.01
N GLY M 224 73.84 -47.55 13.85
CA GLY M 224 72.40 -47.58 13.82
C GLY M 224 71.86 -48.30 12.60
N ASN M 225 70.53 -48.41 12.56
CA ASN M 225 69.83 -49.03 11.44
C ASN M 225 68.61 -48.19 11.09
N LEU M 226 68.26 -48.20 9.80
CA LEU M 226 67.17 -47.39 9.29
C LEU M 226 66.32 -48.22 8.34
N ALA M 227 65.02 -47.95 8.31
CA ALA M 227 64.12 -48.61 7.38
C ALA M 227 63.50 -47.58 6.46
N VAL M 228 63.47 -47.88 5.16
CA VAL M 228 62.94 -46.97 4.16
C VAL M 228 61.94 -47.71 3.29
N ARG M 229 60.76 -47.12 3.08
CA ARG M 229 59.73 -47.69 2.23
C ARG M 229 59.66 -46.86 0.95
N LEU M 230 59.95 -47.51 -0.18
CA LEU M 230 59.87 -46.86 -1.48
C LEU M 230 58.42 -46.65 -1.88
N ARG M 231 58.22 -45.79 -2.87
CA ARG M 231 56.87 -45.46 -3.32
C ARG M 231 56.19 -46.67 -3.93
N GLY M 232 56.76 -47.22 -5.00
CA GLY M 232 56.17 -48.35 -5.68
C GLY M 232 56.64 -49.72 -5.23
N LEU M 233 57.49 -49.79 -4.22
CA LEU M 233 58.06 -51.06 -3.77
C LEU M 233 57.39 -51.50 -2.48
N ASN M 234 56.87 -52.72 -2.48
CA ASN M 234 56.25 -53.27 -1.27
C ASN M 234 57.28 -53.53 -0.18
N THR M 235 58.41 -54.11 -0.56
CA THR M 235 59.40 -54.52 0.44
C THR M 235 60.20 -53.33 0.93
N PRO M 236 60.19 -53.03 2.23
CA PRO M 236 61.06 -51.98 2.75
C PRO M 236 62.52 -52.43 2.73
N VAL M 237 63.41 -51.44 2.83
CA VAL M 237 64.84 -51.68 2.78
C VAL M 237 65.45 -51.28 4.12
N MET M 238 66.28 -52.17 4.67
CA MET M 238 66.98 -51.94 5.92
C MET M 238 68.43 -51.60 5.61
N LEU M 239 68.90 -50.48 6.15
CA LEU M 239 70.24 -49.99 5.89
C LEU M 239 70.97 -49.81 7.21
N THR M 240 72.19 -50.35 7.29
CA THR M 240 73.00 -50.19 8.49
C THR M 240 73.99 -49.06 8.30
N LEU M 241 74.24 -48.30 9.36
CA LEU M 241 75.04 -47.09 9.28
C LEU M 241 76.05 -47.09 10.43
N ILE M 242 77.33 -46.96 10.06
CA ILE M 242 78.41 -46.97 11.03
C ILE M 242 79.10 -45.60 11.02
N PRO M 243 79.09 -44.87 12.12
CA PRO M 243 79.74 -43.55 12.15
C PRO M 243 81.19 -43.63 12.59
N GLY M 244 81.94 -42.59 12.20
CA GLY M 244 83.29 -42.40 12.72
C GLY M 244 84.28 -43.50 12.38
N GLN M 245 84.32 -43.92 11.12
CA GLN M 245 85.31 -44.88 10.67
C GLN M 245 86.47 -44.14 10.00
N LYS M 246 87.39 -44.90 9.38
CA LYS M 246 88.59 -44.30 8.82
C LYS M 246 88.31 -43.48 7.57
N ALA M 247 87.11 -43.55 7.01
CA ALA M 247 86.74 -42.78 5.84
C ALA M 247 85.35 -42.18 6.06
N VAL M 248 84.93 -41.34 5.13
CA VAL M 248 83.59 -40.77 5.16
C VAL M 248 83.02 -40.81 3.74
N ASP M 249 81.80 -41.32 3.61
CA ASP M 249 81.13 -41.47 2.32
C ASP M 249 80.10 -40.37 2.20
N TYR M 250 80.45 -39.30 1.48
CA TYR M 250 79.51 -38.20 1.29
C TYR M 250 78.29 -38.64 0.50
N ARG M 251 78.49 -39.43 -0.54
CA ARG M 251 77.40 -39.91 -1.39
C ARG M 251 77.35 -41.43 -1.36
N VAL M 252 76.17 -41.96 -1.09
CA VAL M 252 75.90 -43.39 -1.21
C VAL M 252 74.78 -43.54 -2.22
N ASP M 253 75.01 -44.35 -3.24
CA ASP M 253 74.04 -44.55 -4.32
C ASP M 253 73.64 -46.02 -4.34
N LEU M 254 72.33 -46.25 -4.42
CA LEU M 254 71.79 -47.60 -4.33
C LEU M 254 71.12 -47.96 -5.65
N ARG M 255 71.57 -49.04 -6.27
CA ARG M 255 70.89 -49.65 -7.40
C ARG M 255 70.02 -50.76 -6.83
N VAL M 256 68.76 -50.43 -6.54
CA VAL M 256 67.86 -51.42 -5.96
C VAL M 256 67.56 -52.50 -7.00
N GLN M 257 67.35 -53.73 -6.53
CA GLN M 257 66.95 -54.78 -7.44
C GLN M 257 65.55 -54.56 -8.00
N GLY M 258 64.79 -53.62 -7.43
CA GLY M 258 63.48 -53.26 -7.95
C GLY M 258 63.59 -52.18 -9.02
N TYR M 259 62.42 -51.67 -9.40
CA TYR M 259 62.32 -50.72 -10.50
C TYR M 259 61.35 -49.60 -10.15
N GLY M 260 61.74 -48.37 -10.50
CA GLY M 260 60.94 -47.21 -10.21
C GLY M 260 60.04 -46.83 -11.37
N PRO M 261 59.25 -45.77 -11.19
CA PRO M 261 58.39 -45.31 -12.30
C PRO M 261 59.16 -44.88 -13.52
N ASN M 262 60.37 -44.35 -13.34
CA ASN M 262 61.19 -43.89 -14.45
C ASN M 262 62.09 -44.98 -15.02
N ALA M 263 62.12 -46.16 -14.41
CA ALA M 263 62.90 -47.26 -14.95
C ALA M 263 62.28 -47.79 -16.23
N LYS M 264 63.10 -48.49 -17.01
CA LYS M 264 62.61 -49.05 -18.27
C LYS M 264 61.77 -50.29 -18.01
N SER M 265 62.40 -51.34 -17.47
CA SER M 265 61.72 -52.53 -16.95
C SER M 265 60.68 -53.08 -17.93
N MET M 266 61.18 -53.55 -19.07
CA MET M 266 60.34 -54.07 -20.15
C MET M 266 60.82 -55.45 -20.58
N PRO M 267 60.50 -56.48 -19.81
CA PRO M 267 60.84 -57.84 -20.21
C PRO M 267 59.74 -58.47 -21.05
N THR M 268 60.05 -59.65 -21.60
CA THR M 268 59.12 -60.40 -22.43
C THR M 268 59.16 -61.87 -22.05
N GLU M 269 58.06 -62.57 -22.30
CA GLU M 269 57.92 -63.98 -21.94
C GLU M 269 57.47 -64.77 -23.16
N GLU M 270 57.95 -66.01 -23.28
CA GLU M 270 57.60 -66.89 -24.39
C GLU M 270 57.24 -68.26 -23.88
N GLY M 271 56.33 -68.94 -24.58
CA GLY M 271 55.86 -70.26 -24.21
C GLY M 271 56.12 -71.30 -25.29
N ILE M 272 55.90 -72.55 -24.91
CA ILE M 272 56.08 -73.67 -25.84
C ILE M 272 55.00 -73.60 -26.91
N PRO M 273 55.34 -73.75 -28.18
CA PRO M 273 54.34 -73.61 -29.23
C PRO M 273 53.27 -74.67 -29.10
N PRO M 274 52.03 -74.35 -29.47
CA PRO M 274 50.95 -75.33 -29.41
C PRO M 274 50.98 -76.25 -30.63
N SER M 275 50.28 -77.37 -30.49
CA SER M 275 50.14 -78.32 -31.60
C SER M 275 49.05 -77.82 -32.54
N ALA M 276 48.67 -78.65 -33.50
CA ALA M 276 47.62 -78.28 -34.44
C ALA M 276 46.25 -78.40 -33.79
N ASN M 277 45.26 -77.77 -34.42
CA ASN M 277 43.91 -77.78 -33.89
C ASN M 277 43.29 -79.18 -34.03
N ASP M 278 42.64 -79.62 -32.96
CA ASP M 278 41.90 -80.87 -33.00
C ASP M 278 40.61 -80.75 -33.81
N LEU M 279 40.20 -79.53 -34.16
CA LEU M 279 39.07 -79.37 -35.06
C LEU M 279 39.35 -80.03 -36.40
N LEU M 280 40.62 -80.02 -36.83
CA LEU M 280 40.98 -80.69 -38.06
C LEU M 280 40.70 -82.19 -37.99
N LEU M 281 40.69 -82.76 -36.79
CA LEU M 281 40.33 -84.18 -36.67
C LEU M 281 38.88 -84.40 -37.07
N HIS M 282 37.98 -83.53 -36.60
CA HIS M 282 36.60 -83.60 -37.04
C HIS M 282 36.49 -83.35 -38.54
N VAL M 283 37.27 -82.41 -39.04
CA VAL M 283 37.28 -82.15 -40.49
C VAL M 283 37.65 -83.42 -41.25
N LEU M 284 38.73 -84.08 -40.83
CA LEU M 284 39.21 -85.26 -41.52
C LEU M 284 38.19 -86.38 -41.46
N GLU M 285 37.61 -86.61 -40.28
CA GLU M 285 36.59 -87.64 -40.19
C GLU M 285 35.33 -87.28 -40.96
N GLY M 286 35.16 -86.00 -41.33
CA GLY M 286 34.13 -85.59 -42.25
C GLY M 286 33.03 -84.74 -41.64
N VAL M 287 32.91 -84.71 -40.32
CA VAL M 287 31.86 -83.88 -39.72
C VAL M 287 32.27 -82.41 -39.81
N PRO M 288 31.41 -81.53 -40.31
CA PRO M 288 31.74 -80.12 -40.33
C PRO M 288 31.87 -79.59 -38.90
N PRO M 289 32.74 -78.60 -38.69
CA PRO M 289 32.88 -78.06 -37.35
C PRO M 289 31.61 -77.36 -36.92
N PRO M 290 31.29 -77.40 -35.63
CA PRO M 290 30.04 -76.76 -35.16
C PRO M 290 30.07 -75.27 -35.36
N GLY M 291 28.91 -74.70 -35.70
CA GLY M 291 28.75 -73.28 -35.82
C GLY M 291 29.22 -72.68 -37.13
N SER M 292 29.90 -73.44 -37.97
CA SER M 292 30.40 -72.93 -39.23
C SER M 292 29.29 -72.95 -40.28
N ARG M 293 29.65 -72.69 -41.53
CA ARG M 293 28.72 -72.82 -42.64
C ARG M 293 29.42 -73.52 -43.80
N ARG M 294 28.63 -74.17 -44.63
CA ARG M 294 29.17 -74.89 -45.78
C ARG M 294 29.55 -73.93 -46.90
N LEU M 295 30.57 -74.33 -47.65
CA LEU M 295 31.06 -73.55 -48.78
C LEU M 295 30.84 -74.32 -50.07
N VAL M 296 30.91 -73.61 -51.18
CA VAL M 296 30.72 -74.20 -52.50
C VAL M 296 32.08 -74.40 -53.14
N VAL M 297 32.33 -75.64 -53.58
CA VAL M 297 33.58 -76.02 -54.22
C VAL M 297 33.27 -76.49 -55.63
N SER M 298 34.00 -75.98 -56.61
CA SER M 298 33.73 -76.28 -58.01
C SER M 298 34.98 -76.79 -58.70
N GLY M 299 34.80 -77.76 -59.59
CA GLY M 299 35.84 -78.23 -60.48
C GLY M 299 36.66 -79.41 -59.98
N GLY M 300 36.45 -79.85 -58.74
CA GLY M 300 37.25 -80.94 -58.22
C GLY M 300 36.56 -81.80 -57.18
N ASP M 301 37.34 -82.52 -56.40
CA ASP M 301 36.82 -83.40 -55.34
C ASP M 301 37.35 -82.86 -54.01
N ALA M 302 36.54 -82.02 -53.36
CA ALA M 302 36.94 -81.43 -52.09
C ALA M 302 35.70 -80.88 -51.40
N ARG M 303 35.83 -80.66 -50.10
CA ARG M 303 34.80 -80.04 -49.30
C ARG M 303 35.42 -78.93 -48.47
N ALA M 304 34.67 -77.85 -48.28
CA ALA M 304 35.18 -76.66 -47.64
C ALA M 304 34.21 -76.16 -46.58
N TRP M 305 34.77 -75.49 -45.57
CA TRP M 305 33.97 -74.86 -44.54
C TRP M 305 34.66 -73.60 -44.06
N LEU M 306 33.87 -72.64 -43.60
CA LEU M 306 34.37 -71.40 -43.03
C LEU M 306 33.72 -71.20 -41.67
N SER M 307 34.54 -71.08 -40.64
CA SER M 307 34.06 -70.93 -39.27
C SER M 307 34.44 -69.59 -38.66
N ASN M 308 35.74 -69.27 -38.63
CA ASN M 308 36.26 -68.11 -37.91
C ASN M 308 37.21 -67.34 -38.81
N GLU M 309 36.75 -67.05 -40.03
CA GLU M 309 37.57 -66.42 -41.06
C GLU M 309 38.76 -67.29 -41.42
N LYS M 310 38.65 -68.58 -41.12
CA LYS M 310 39.68 -69.56 -41.47
C LYS M 310 39.00 -70.69 -42.22
N MET M 311 39.51 -70.99 -43.41
CA MET M 311 38.91 -72.04 -44.22
C MET M 311 39.51 -73.39 -43.88
N TYR M 312 38.65 -74.40 -43.81
CA TYR M 312 39.05 -75.78 -43.60
C TYR M 312 38.63 -76.57 -44.83
N VAL M 313 39.56 -77.33 -45.39
CA VAL M 313 39.33 -78.07 -46.61
C VAL M 313 39.71 -79.53 -46.41
N ARG M 314 38.79 -80.43 -46.75
CA ARG M 314 39.04 -81.86 -46.71
C ARG M 314 38.97 -82.41 -48.13
N THR M 315 39.99 -83.17 -48.52
CA THR M 315 40.04 -83.74 -49.86
C THR M 315 41.03 -84.89 -49.89
N ASN M 316 41.37 -85.34 -51.09
CA ASN M 316 42.42 -86.33 -51.27
C ASN M 316 43.45 -85.87 -52.30
N LEU M 317 43.43 -84.61 -52.70
CA LEU M 317 44.38 -84.06 -53.64
C LEU M 317 45.54 -83.42 -52.89
N THR M 318 46.35 -82.63 -53.60
CA THR M 318 47.53 -81.99 -53.03
C THR M 318 47.53 -80.51 -53.40
N ILE M 319 47.18 -79.67 -52.45
CA ILE M 319 47.10 -78.22 -52.68
C ILE M 319 48.50 -77.64 -52.77
N LEU M 320 48.67 -76.64 -53.62
CA LEU M 320 49.98 -76.07 -53.88
C LEU M 320 50.10 -74.60 -53.51
N SER M 321 49.27 -73.73 -54.06
CA SER M 321 49.61 -72.31 -54.10
C SER M 321 49.56 -71.60 -52.77
N PRO M 322 48.41 -71.44 -52.12
CA PRO M 322 48.25 -70.37 -51.13
C PRO M 322 48.89 -70.65 -49.79
N GLY M 323 49.49 -71.82 -49.59
CA GLY M 323 50.05 -72.14 -48.29
C GLY M 323 48.97 -72.52 -47.32
N TRP M 324 49.36 -73.05 -46.16
CA TRP M 324 48.37 -73.47 -45.18
C TRP M 324 49.01 -73.45 -43.80
N LEU M 325 48.15 -73.48 -42.78
CA LEU M 325 48.59 -73.36 -41.40
C LEU M 325 48.55 -74.67 -40.64
N ALA M 326 47.65 -75.59 -40.98
CA ALA M 326 47.59 -76.85 -40.25
C ALA M 326 47.29 -77.98 -41.23
N SER M 327 48.07 -79.05 -41.14
CA SER M 327 47.94 -80.20 -42.04
C SER M 327 47.73 -81.48 -41.24
N MET M 328 46.68 -82.22 -41.59
CA MET M 328 46.36 -83.50 -40.99
C MET M 328 46.15 -84.53 -42.07
N THR M 329 46.56 -85.77 -41.80
CA THR M 329 46.47 -86.85 -42.77
C THR M 329 45.84 -88.07 -42.14
N SER M 330 44.96 -88.73 -42.90
CA SER M 330 44.34 -89.97 -42.48
C SER M 330 45.32 -91.12 -42.70
N ALA M 331 44.83 -92.34 -42.52
CA ALA M 331 45.59 -93.53 -42.89
C ALA M 331 45.29 -93.99 -44.31
N ASP M 332 44.43 -93.28 -45.03
CA ASP M 332 44.00 -93.66 -46.37
C ASP M 332 44.33 -92.58 -47.39
N GLY M 333 45.31 -91.73 -47.10
CA GLY M 333 45.70 -90.68 -48.00
C GLY M 333 44.82 -89.45 -47.98
N THR M 334 43.74 -89.46 -47.22
CA THR M 334 42.89 -88.29 -47.10
C THR M 334 43.64 -87.18 -46.38
N HIS M 335 43.42 -85.95 -46.81
CA HIS M 335 44.12 -84.80 -46.26
C HIS M 335 43.13 -83.73 -45.82
N ALA M 336 43.45 -83.08 -44.71
CA ALA M 336 42.66 -81.97 -44.19
C ALA M 336 43.60 -80.81 -43.90
N TYR M 337 43.17 -79.61 -44.26
CA TYR M 337 43.99 -78.41 -44.12
C TYR M 337 43.19 -77.28 -43.51
N GLU M 338 43.87 -76.48 -42.69
CA GLU M 338 43.34 -75.24 -42.13
C GLU M 338 44.23 -74.10 -42.58
N MET M 339 43.64 -73.09 -43.22
CA MET M 339 44.41 -71.98 -43.77
C MET M 339 43.53 -70.74 -43.86
N GLN M 340 44.11 -69.66 -44.40
CA GLN M 340 43.35 -68.44 -44.66
C GLN M 340 42.44 -68.62 -45.87
N LYS M 341 41.34 -67.89 -45.87
CA LYS M 341 40.39 -67.97 -46.97
C LYS M 341 41.01 -67.42 -48.24
N SER M 342 40.55 -67.96 -49.37
CA SER M 342 40.97 -67.51 -50.69
C SER M 342 40.04 -68.09 -51.74
N PRO M 343 39.69 -67.32 -52.78
CA PRO M 343 38.75 -67.83 -53.78
C PRO M 343 39.32 -68.87 -54.73
N VAL M 344 40.63 -69.11 -54.73
CA VAL M 344 41.24 -70.00 -55.70
C VAL M 344 42.19 -70.96 -55.01
N LEU M 345 42.44 -72.08 -55.68
CA LEU M 345 43.35 -73.11 -55.19
C LEU M 345 44.13 -73.69 -56.36
N LEU M 346 45.34 -74.15 -56.09
CA LEU M 346 46.18 -74.80 -57.08
C LEU M 346 46.57 -76.18 -56.59
N VAL M 347 46.36 -77.19 -57.43
CA VAL M 347 46.56 -78.58 -57.02
C VAL M 347 47.24 -79.35 -58.14
N SER M 348 48.20 -80.20 -57.78
CA SER M 348 48.74 -81.17 -58.71
C SER M 348 47.93 -82.45 -58.64
N TRP M 349 47.55 -82.96 -59.82
CA TRP M 349 46.72 -84.15 -59.90
C TRP M 349 47.55 -85.42 -60.08
N HIS M 350 48.26 -85.52 -61.20
CA HIS M 350 49.18 -86.63 -61.45
C HIS M 350 50.46 -86.08 -62.08
N GLY M 351 50.97 -84.99 -61.52
CA GLY M 351 52.01 -84.22 -62.16
C GLY M 351 51.49 -83.11 -63.04
N LYS M 352 50.17 -82.95 -63.15
CA LYS M 352 49.54 -81.91 -63.94
C LYS M 352 48.91 -80.87 -63.02
N VAL M 353 49.14 -79.61 -63.34
CA VAL M 353 48.62 -78.52 -62.53
C VAL M 353 47.14 -78.33 -62.81
N MET M 354 46.42 -77.83 -61.80
CA MET M 354 44.99 -77.65 -61.90
C MET M 354 44.56 -76.51 -61.00
N GLN M 355 43.57 -75.75 -61.47
CA GLN M 355 43.00 -74.63 -60.73
C GLN M 355 41.61 -75.00 -60.22
N LEU M 356 41.32 -74.59 -58.99
CA LEU M 356 40.03 -74.84 -58.36
C LEU M 356 39.42 -73.52 -57.91
N LYS M 357 38.16 -73.32 -58.26
CA LYS M 357 37.43 -72.08 -57.97
C LYS M 357 36.44 -72.33 -56.84
N VAL M 358 36.50 -71.51 -55.81
CA VAL M 358 35.58 -71.58 -54.68
C VAL M 358 35.05 -70.17 -54.42
N GLU M 359 33.73 -70.04 -54.34
CA GLU M 359 33.06 -68.77 -54.09
C GLU M 359 32.28 -68.87 -52.79
N GLY M 360 31.49 -67.84 -52.51
CA GLY M 360 30.72 -67.79 -51.29
C GLY M 360 31.47 -67.27 -50.08
N LEU M 361 32.72 -66.87 -50.24
CA LEU M 361 33.48 -66.28 -49.14
C LEU M 361 32.91 -64.93 -48.74
N VAL N 38 -7.60 -91.19 -40.25
CA VAL N 38 -8.03 -92.45 -40.83
C VAL N 38 -7.50 -92.65 -42.27
N PRO N 39 -7.63 -91.66 -43.15
CA PRO N 39 -7.04 -91.83 -44.49
C PRO N 39 -5.54 -92.07 -44.46
N LYS N 40 -4.84 -91.46 -43.51
CA LYS N 40 -3.42 -91.78 -43.35
C LYS N 40 -3.22 -93.16 -42.76
N LEU N 41 -4.17 -93.62 -41.95
CA LEU N 41 -4.13 -94.97 -41.42
C LEU N 41 -4.40 -95.96 -42.56
N PRO N 42 -3.84 -97.18 -42.47
CA PRO N 42 -4.12 -98.18 -43.49
C PRO N 42 -5.58 -98.61 -43.46
N CYS N 43 -6.24 -98.50 -44.62
CA CYS N 43 -7.63 -98.94 -44.71
C CYS N 43 -7.72 -100.46 -44.64
N ARG N 44 -6.83 -101.16 -45.32
CA ARG N 44 -6.86 -102.61 -45.38
C ARG N 44 -5.44 -103.11 -45.59
N VAL N 45 -5.26 -104.42 -45.40
CA VAL N 45 -3.97 -105.03 -45.68
C VAL N 45 -3.63 -104.83 -47.16
N ASP N 46 -2.34 -104.59 -47.42
CA ASP N 46 -1.92 -104.30 -48.79
C ASP N 46 -2.19 -105.48 -49.71
N GLY N 47 -2.84 -105.20 -50.83
CA GLY N 47 -3.13 -106.22 -51.83
C GLY N 47 -3.96 -107.37 -51.29
N ALA N 48 -5.02 -107.05 -50.56
CA ALA N 48 -5.89 -108.05 -49.97
C ALA N 48 -7.28 -107.96 -50.57
N CYS N 49 -7.83 -109.11 -50.96
CA CYS N 49 -9.19 -109.17 -51.49
C CYS N 49 -9.70 -110.58 -51.27
N ASP N 50 -10.61 -110.74 -50.30
CA ASP N 50 -11.11 -112.06 -49.95
C ASP N 50 -11.75 -112.76 -51.14
N ALA N 51 -12.39 -112.00 -52.03
CA ALA N 51 -12.96 -112.60 -53.22
C ALA N 51 -11.87 -113.25 -54.06
N THR N 52 -10.76 -112.54 -54.27
CA THR N 52 -9.65 -113.11 -55.01
C THR N 52 -9.09 -114.33 -54.28
N ILE N 53 -9.00 -114.26 -52.95
CA ILE N 53 -8.45 -115.36 -52.18
C ILE N 53 -9.28 -116.62 -52.38
N ILE N 54 -10.59 -116.50 -52.23
CA ILE N 54 -11.45 -117.68 -52.36
C ILE N 54 -11.44 -118.17 -53.80
N LYS N 55 -11.40 -117.25 -54.76
CA LYS N 55 -11.36 -117.66 -56.16
C LYS N 55 -10.11 -118.47 -56.45
N MET N 56 -8.95 -118.00 -56.00
CA MET N 56 -7.71 -118.70 -56.31
C MET N 56 -7.64 -120.03 -55.58
N MET N 57 -8.08 -120.09 -54.33
CA MET N 57 -8.05 -121.38 -53.63
C MET N 57 -9.02 -122.37 -54.27
N THR N 58 -10.18 -121.89 -54.72
CA THR N 58 -11.10 -122.75 -55.43
C THR N 58 -10.49 -123.25 -56.72
N ASP N 59 -9.75 -122.39 -57.42
CA ASP N 59 -9.06 -122.81 -58.63
C ASP N 59 -8.04 -123.90 -58.32
N LEU N 60 -7.29 -123.74 -57.23
CA LEU N 60 -6.35 -124.79 -56.84
C LEU N 60 -7.07 -126.11 -56.60
N ASN N 61 -8.18 -126.06 -55.86
CA ASN N 61 -8.90 -127.28 -55.55
C ASN N 61 -9.46 -127.93 -56.81
N LYS N 62 -9.98 -127.13 -57.73
CA LYS N 62 -10.53 -127.71 -58.96
C LYS N 62 -9.42 -128.24 -59.85
N LYS N 63 -8.24 -127.64 -59.82
CA LYS N 63 -7.10 -128.22 -60.53
C LYS N 63 -6.68 -129.53 -59.89
N GLY N 64 -6.88 -129.68 -58.59
CA GLY N 64 -6.62 -130.95 -57.94
C GLY N 64 -5.69 -130.87 -56.76
N ILE N 65 -5.16 -129.68 -56.49
CA ILE N 65 -4.30 -129.48 -55.34
C ILE N 65 -5.18 -129.40 -54.10
N LYS N 66 -4.84 -130.18 -53.08
CA LYS N 66 -5.72 -130.29 -51.93
C LYS N 66 -5.51 -129.10 -51.02
N VAL N 67 -6.58 -128.35 -50.74
CA VAL N 67 -6.55 -127.21 -49.85
C VAL N 67 -7.51 -127.48 -48.71
N ALA N 68 -7.02 -127.40 -47.47
CA ALA N 68 -7.84 -127.66 -46.30
C ALA N 68 -7.66 -126.53 -45.30
N SER N 69 -8.77 -126.00 -44.82
CA SER N 69 -8.79 -124.94 -43.82
C SER N 69 -9.59 -125.41 -42.62
N VAL N 70 -8.94 -125.46 -41.45
CA VAL N 70 -9.59 -125.83 -40.21
C VAL N 70 -9.12 -124.86 -39.12
N GLY N 71 -10.07 -124.29 -38.40
CA GLY N 71 -9.74 -123.24 -37.45
C GLY N 71 -9.12 -122.07 -38.19
N GLN N 72 -7.81 -121.87 -38.00
CA GLN N 72 -7.05 -120.93 -38.82
C GLN N 72 -5.75 -121.54 -39.30
N ASN N 73 -5.55 -122.84 -39.13
CA ASN N 73 -4.39 -123.54 -39.65
C ASN N 73 -4.73 -124.14 -40.99
N TYR N 74 -3.92 -123.86 -42.00
CA TYR N 74 -4.18 -124.27 -43.37
C TYR N 74 -3.14 -125.28 -43.83
N LEU N 75 -3.62 -126.29 -44.57
CA LEU N 75 -2.79 -127.34 -45.13
C LEU N 75 -3.00 -127.38 -46.64
N ILE N 76 -1.91 -127.52 -47.38
CA ILE N 76 -1.97 -127.65 -48.84
C ILE N 76 -1.11 -128.83 -49.26
N SER N 77 -1.69 -129.73 -50.04
CA SER N 77 -1.03 -130.95 -50.47
C SER N 77 -0.97 -131.02 -51.99
N ILE N 78 0.18 -131.46 -52.50
CA ILE N 78 0.43 -131.57 -53.93
C ILE N 78 0.98 -132.95 -54.26
N PRO N 79 0.45 -133.62 -55.28
CA PRO N 79 1.01 -134.91 -55.68
C PRO N 79 2.39 -134.76 -56.29
N ALA N 80 3.24 -135.75 -56.01
CA ALA N 80 4.60 -135.72 -56.56
C ALA N 80 4.60 -135.85 -58.07
N SER N 81 3.73 -136.70 -58.62
CA SER N 81 3.72 -136.94 -60.05
C SER N 81 3.43 -135.68 -60.85
N ALA N 82 2.77 -134.70 -60.25
CA ALA N 82 2.50 -133.44 -60.92
C ALA N 82 3.59 -132.41 -60.67
N LEU N 83 4.63 -132.76 -59.92
CA LEU N 83 5.67 -131.79 -59.54
C LEU N 83 7.05 -132.18 -60.04
N PHE N 84 7.46 -133.43 -59.83
CA PHE N 84 8.80 -133.87 -60.16
C PHE N 84 8.75 -134.98 -61.21
N ALA N 85 9.94 -135.44 -61.61
CA ALA N 85 10.07 -136.65 -62.39
C ALA N 85 10.21 -137.85 -61.47
N ASP N 86 10.18 -139.04 -62.06
CA ASP N 86 10.08 -140.28 -61.30
C ASP N 86 11.21 -140.44 -60.29
N GLN N 87 10.88 -140.32 -59.01
CA GLN N 87 11.82 -140.56 -57.92
C GLN N 87 13.12 -139.80 -58.11
N SER N 88 13.02 -138.54 -58.53
CA SER N 88 14.19 -137.76 -58.82
C SER N 88 14.05 -136.35 -58.25
N PRO N 89 15.13 -135.77 -57.76
CA PRO N 89 15.07 -134.37 -57.32
C PRO N 89 15.28 -133.41 -58.48
N ARG N 90 14.59 -133.64 -59.59
CA ARG N 90 14.62 -132.75 -60.74
C ARG N 90 13.23 -132.14 -60.91
N LEU N 91 13.20 -130.87 -61.32
CA LEU N 91 11.97 -130.10 -61.37
C LEU N 91 11.43 -130.06 -62.79
N ASN N 92 10.14 -130.33 -62.93
CA ASN N 92 9.49 -130.16 -64.22
C ASN N 92 9.39 -128.68 -64.56
N TRP N 93 9.75 -128.33 -65.78
CA TRP N 93 9.79 -126.92 -66.16
C TRP N 93 8.43 -126.27 -66.07
N ALA N 94 7.38 -126.95 -66.55
CA ALA N 94 6.06 -126.37 -66.55
C ALA N 94 5.51 -126.17 -65.14
N SER N 95 6.04 -126.89 -64.15
CA SER N 95 5.53 -126.77 -62.78
C SER N 95 5.79 -125.40 -62.18
N TYR N 96 6.66 -124.61 -62.81
CA TYR N 96 6.91 -123.27 -62.30
C TYR N 96 5.65 -122.42 -62.28
N SER N 97 4.73 -122.65 -63.22
CA SER N 97 3.47 -121.93 -63.20
C SER N 97 2.69 -122.23 -61.93
N LEU N 98 2.56 -123.51 -61.58
CA LEU N 98 1.85 -123.87 -60.36
C LEU N 98 2.57 -123.33 -59.13
N LEU N 99 3.90 -123.38 -59.13
CA LEU N 99 4.64 -122.84 -57.99
C LEU N 99 4.38 -121.35 -57.83
N ASN N 100 4.39 -120.62 -58.95
CA ASN N 100 4.12 -119.19 -58.90
C ASN N 100 2.71 -118.91 -58.41
N GLU N 101 1.73 -119.70 -58.87
CA GLU N 101 0.37 -119.50 -58.41
C GLU N 101 0.25 -119.75 -56.91
N ILE N 102 0.90 -120.80 -56.42
CA ILE N 102 0.89 -121.09 -54.99
C ILE N 102 1.52 -119.95 -54.21
N ALA N 103 2.64 -119.43 -54.71
CA ALA N 103 3.30 -118.32 -54.04
C ALA N 103 2.39 -117.09 -54.01
N ALA N 104 1.71 -116.81 -55.12
CA ALA N 104 0.80 -115.67 -55.16
C ALA N 104 -0.32 -115.84 -54.16
N PHE N 105 -0.90 -117.04 -54.08
CA PHE N 105 -1.94 -117.29 -53.10
C PHE N 105 -1.42 -117.11 -51.67
N LEU N 106 -0.23 -117.63 -51.40
CA LEU N 106 0.36 -117.50 -50.08
C LEU N 106 0.61 -116.04 -49.72
N LYS N 107 0.96 -115.23 -50.70
CA LYS N 107 1.23 -113.82 -50.45
C LYS N 107 0.02 -113.11 -49.85
N GLN N 108 -1.19 -113.61 -50.12
CA GLN N 108 -2.40 -112.97 -49.61
C GLN N 108 -2.56 -113.11 -48.11
N PHE N 109 -1.77 -113.95 -47.45
CA PHE N 109 -1.95 -114.19 -46.03
C PHE N 109 -0.77 -113.66 -45.23
N ARG N 110 -1.00 -113.48 -43.93
CA ARG N 110 0.01 -113.04 -42.98
C ARG N 110 0.29 -114.20 -42.03
N LYS N 111 1.57 -114.53 -41.85
CA LYS N 111 1.95 -115.71 -41.09
C LYS N 111 3.20 -115.40 -40.27
N ILE N 112 3.77 -116.45 -39.68
CA ILE N 112 5.04 -116.37 -38.99
C ILE N 112 5.98 -117.43 -39.55
N ALA N 113 5.55 -118.68 -39.52
CA ALA N 113 6.36 -119.81 -39.95
C ALA N 113 5.56 -120.70 -40.89
N ILE N 114 6.27 -121.24 -41.89
CA ILE N 114 5.69 -122.18 -42.84
C ILE N 114 6.49 -123.45 -42.79
N THR N 115 5.81 -124.58 -42.66
CA THR N 115 6.48 -125.88 -42.54
C THR N 115 6.21 -126.69 -43.80
N VAL N 116 7.26 -127.29 -44.34
CA VAL N 116 7.20 -128.07 -45.57
C VAL N 116 7.70 -129.47 -45.28
N THR N 117 6.89 -130.46 -45.65
CA THR N 117 7.24 -131.87 -45.46
C THR N 117 7.09 -132.58 -46.80
N SER N 118 7.97 -133.55 -47.03
CA SER N 118 7.91 -134.36 -48.24
C SER N 118 7.74 -135.82 -47.88
N TYR N 119 6.98 -136.56 -48.70
CA TYR N 119 6.74 -137.98 -48.48
C TYR N 119 6.77 -138.70 -49.81
N SER N 120 7.28 -139.92 -49.80
CA SER N 120 7.46 -140.69 -51.02
C SER N 120 6.96 -142.11 -50.77
N SER N 121 7.25 -142.99 -51.72
CA SER N 121 6.94 -144.41 -51.62
C SER N 121 8.22 -145.22 -51.56
N LYS N 122 8.11 -146.42 -50.99
CA LYS N 122 9.28 -147.28 -50.82
C LYS N 122 9.80 -147.73 -52.16
N TYR N 123 11.05 -147.36 -52.48
CA TYR N 123 11.66 -147.71 -53.75
C TYR N 123 12.94 -148.51 -53.60
N VAL N 124 13.87 -148.05 -52.76
CA VAL N 124 15.18 -148.69 -52.65
C VAL N 124 15.47 -149.06 -51.21
N SER N 125 15.39 -148.07 -50.32
CA SER N 125 15.79 -148.22 -48.93
C SER N 125 14.90 -147.31 -48.10
N VAL N 126 15.36 -146.98 -46.90
CA VAL N 126 14.80 -145.84 -46.19
C VAL N 126 15.63 -144.59 -46.43
N LYS N 127 16.95 -144.76 -46.51
CA LYS N 127 17.86 -143.62 -46.58
C LYS N 127 17.69 -142.88 -47.90
N ARG N 128 17.62 -143.60 -49.01
CA ARG N 128 17.47 -142.96 -50.31
C ARG N 128 16.18 -142.16 -50.37
N GLU N 129 15.08 -142.74 -49.88
CA GLU N 129 13.80 -142.07 -49.91
C GLU N 129 13.80 -140.83 -49.03
N ARG N 130 14.38 -140.94 -47.84
CA ARG N 130 14.43 -139.78 -46.95
C ARG N 130 15.26 -138.66 -47.56
N ALA N 131 16.39 -139.01 -48.16
CA ALA N 131 17.22 -138.00 -48.81
C ALA N 131 16.48 -137.33 -49.96
N LEU N 132 15.76 -138.12 -50.76
CA LEU N 132 15.01 -137.56 -51.87
C LEU N 132 13.94 -136.59 -51.39
N THR N 133 13.20 -136.99 -50.34
CA THR N 133 12.18 -136.12 -49.80
C THR N 133 12.80 -134.83 -49.28
N LEU N 134 13.92 -134.93 -48.56
CA LEU N 134 14.57 -133.74 -48.05
C LEU N 134 15.02 -132.83 -49.17
N ALA N 135 15.56 -133.40 -50.24
CA ALA N 135 16.01 -132.59 -51.37
C ALA N 135 14.85 -131.86 -52.03
N ARG N 136 13.72 -132.55 -52.21
CA ARG N 136 12.56 -131.89 -52.79
C ARG N 136 12.09 -130.75 -51.91
N SER N 137 12.05 -130.99 -50.60
CA SER N 137 11.67 -129.92 -49.68
C SER N 137 12.65 -128.74 -49.80
N ARG N 138 13.94 -129.04 -49.89
CA ARG N 138 14.94 -127.97 -49.96
C ARG N 138 14.73 -127.13 -51.21
N VAL N 139 14.54 -127.78 -52.36
CA VAL N 139 14.43 -127.01 -53.60
C VAL N 139 13.16 -126.17 -53.60
N VAL N 140 12.03 -126.75 -53.18
CA VAL N 140 10.80 -125.98 -53.18
C VAL N 140 10.89 -124.81 -52.20
N SER N 141 11.47 -125.05 -51.02
CA SER N 141 11.60 -124.00 -50.03
C SER N 141 12.52 -122.90 -50.53
N GLU N 142 13.62 -123.28 -51.20
CA GLU N 142 14.54 -122.28 -51.73
C GLU N 142 13.85 -121.41 -52.76
N TYR N 143 13.08 -122.01 -53.66
CA TYR N 143 12.38 -121.21 -54.64
C TYR N 143 11.36 -120.30 -53.98
N LEU N 144 10.65 -120.80 -52.98
CA LEU N 144 9.67 -119.97 -52.29
C LEU N 144 10.33 -118.77 -51.62
N TRP N 145 11.44 -119.01 -50.91
CA TRP N 145 12.13 -117.92 -50.24
C TRP N 145 12.67 -116.92 -51.24
N SER N 146 13.18 -117.40 -52.38
CA SER N 146 13.61 -116.49 -53.44
C SER N 146 12.45 -115.64 -53.92
N GLN N 147 11.29 -116.25 -54.09
CA GLN N 147 10.10 -115.48 -54.41
C GLN N 147 9.74 -114.55 -53.26
N GLY N 148 8.92 -113.56 -53.56
CA GLY N 148 8.56 -112.57 -52.57
C GLY N 148 7.65 -113.10 -51.49
N VAL N 149 8.09 -114.16 -50.80
CA VAL N 149 7.27 -114.74 -49.74
C VAL N 149 7.32 -113.83 -48.52
N ASP N 150 6.16 -113.57 -47.93
CA ASP N 150 6.05 -112.72 -46.74
C ASP N 150 6.21 -113.53 -45.47
N SER N 151 7.30 -114.29 -45.39
CA SER N 151 7.52 -115.20 -44.28
C SER N 151 8.57 -114.65 -43.32
N ARG N 152 8.60 -115.27 -42.14
CA ARG N 152 9.65 -115.05 -41.16
C ARG N 152 10.47 -116.31 -40.89
N ILE N 153 9.84 -117.47 -40.93
CA ILE N 153 10.52 -118.75 -40.69
C ILE N 153 10.03 -119.76 -41.71
N ILE N 154 10.95 -120.53 -42.29
CA ILE N 154 10.61 -121.64 -43.16
C ILE N 154 11.32 -122.89 -42.65
N PHE N 155 10.55 -123.93 -42.36
CA PHE N 155 11.07 -125.23 -41.94
C PHE N 155 10.89 -126.23 -43.07
N THR N 156 11.89 -127.09 -43.25
CA THR N 156 11.89 -128.09 -44.31
C THR N 156 12.29 -129.43 -43.75
N GLN N 157 11.55 -130.47 -44.13
CA GLN N 157 11.93 -131.83 -43.79
C GLN N 157 11.24 -132.83 -44.72
N GLY N 158 11.85 -134.00 -44.83
CA GLY N 158 11.27 -135.09 -45.57
C GLY N 158 11.28 -136.36 -44.74
N LEU N 159 10.31 -137.23 -45.02
CA LEU N 159 10.14 -138.44 -44.25
C LEU N 159 10.13 -139.71 -45.10
N GLY N 160 10.46 -139.62 -46.38
CA GLY N 160 10.50 -140.80 -47.22
C GLY N 160 9.14 -141.46 -47.39
N SER N 161 9.07 -142.73 -47.00
CA SER N 161 7.85 -143.53 -47.12
C SER N 161 7.48 -144.13 -45.77
N ASP N 162 7.53 -143.32 -44.71
CA ASP N 162 7.25 -143.80 -43.37
C ASP N 162 5.81 -143.56 -42.94
N LYS N 163 5.20 -142.46 -43.35
CA LYS N 163 3.83 -142.14 -42.96
C LYS N 163 2.92 -142.16 -44.18
N PRO N 164 2.17 -143.23 -44.40
CA PRO N 164 1.24 -143.25 -45.52
C PRO N 164 -0.01 -142.43 -45.22
N ILE N 165 -0.96 -142.43 -46.15
CA ILE N 165 -2.23 -141.74 -45.94
C ILE N 165 -3.37 -142.67 -46.33
N THR N 166 -3.04 -143.76 -47.03
CA THR N 166 -4.04 -144.69 -47.51
C THR N 166 -3.36 -146.00 -47.86
N SER N 167 -3.95 -147.12 -47.43
CA SER N 167 -3.35 -148.42 -47.68
C SER N 167 -3.28 -148.76 -49.16
N TYR N 168 -4.08 -148.10 -49.99
CA TYR N 168 -4.06 -148.35 -51.44
C TYR N 168 -2.75 -147.83 -52.01
N THR N 169 -1.86 -148.76 -52.38
CA THR N 169 -0.54 -148.39 -52.89
C THR N 169 -0.17 -149.25 -54.09
N LEU N 170 -1.13 -149.47 -54.98
CA LEU N 170 -0.86 -150.26 -56.18
C LEU N 170 0.18 -149.58 -57.06
N GLY N 171 0.01 -148.28 -57.32
CA GLY N 171 0.98 -147.54 -58.09
C GLY N 171 2.18 -147.16 -57.25
N GLY N 172 3.17 -146.58 -57.92
CA GLY N 172 4.36 -146.11 -57.25
C GLY N 172 4.35 -144.61 -57.07
N ASP N 173 5.15 -143.90 -57.87
CA ASP N 173 5.10 -142.44 -57.86
C ASP N 173 3.74 -141.92 -58.30
N ARG N 174 2.97 -142.73 -59.00
CA ARG N 174 1.60 -142.37 -59.35
C ARG N 174 0.65 -142.48 -58.18
N SER N 175 1.00 -143.26 -57.15
CA SER N 175 0.11 -143.42 -56.01
C SER N 175 0.00 -142.10 -55.24
N PRO N 176 -1.20 -141.73 -54.78
CA PRO N 176 -1.37 -140.42 -54.13
C PRO N 176 -0.60 -140.29 -52.83
N ASN N 177 -0.18 -141.40 -52.22
CA ASN N 177 0.47 -141.31 -50.91
C ASN N 177 1.74 -140.48 -50.99
N ALA N 178 2.54 -140.67 -52.04
CA ALA N 178 3.66 -139.77 -52.28
C ALA N 178 3.14 -138.36 -52.51
N ARG N 179 3.69 -137.40 -51.79
CA ARG N 179 3.07 -136.09 -51.72
C ARG N 179 4.07 -135.07 -51.18
N VAL N 180 3.71 -133.80 -51.32
CA VAL N 180 4.40 -132.71 -50.64
C VAL N 180 3.35 -131.87 -49.94
N GLU N 181 3.59 -131.59 -48.65
CA GLU N 181 2.62 -130.91 -47.80
C GLU N 181 3.23 -129.63 -47.24
N ILE N 182 2.42 -128.56 -47.23
CA ILE N 182 2.80 -127.31 -46.61
C ILE N 182 1.74 -126.93 -45.59
N THR N 183 2.15 -126.67 -44.36
CA THR N 183 1.26 -126.31 -43.27
C THR N 183 1.66 -124.96 -42.71
N PHE N 184 0.66 -124.14 -42.40
CA PHE N 184 0.97 -122.86 -41.78
C PHE N 184 -0.25 -122.35 -41.01
N ARG N 185 0.02 -121.56 -39.98
CA ARG N 185 -1.03 -120.95 -39.17
C ARG N 185 -1.14 -119.48 -39.53
N ARG N 186 -2.36 -119.03 -39.82
CA ARG N 186 -2.57 -117.63 -40.12
C ARG N 186 -2.29 -116.77 -38.89
N ALA N 187 -1.53 -115.70 -39.09
CA ALA N 187 -1.13 -114.85 -37.99
C ALA N 187 -2.31 -114.01 -37.50
N VAL N 188 -2.51 -113.99 -36.18
CA VAL N 188 -3.57 -113.20 -35.56
C VAL N 188 -4.93 -113.56 -36.15
N CYS O 42 10.10 -129.13 -81.97
CA CYS O 42 9.91 -128.93 -80.54
C CYS O 42 11.24 -128.62 -79.85
N PHE O 43 11.17 -128.25 -78.58
CA PHE O 43 12.36 -127.88 -77.83
C PHE O 43 12.03 -127.86 -76.34
N HIS O 44 13.07 -128.04 -75.52
CA HIS O 44 12.94 -127.97 -74.07
C HIS O 44 13.86 -126.87 -73.53
N PRO O 45 13.33 -125.91 -72.80
CA PRO O 45 14.14 -124.78 -72.33
C PRO O 45 15.34 -125.21 -71.51
N PRO O 46 15.21 -126.20 -70.60
CA PRO O 46 16.43 -126.51 -69.82
C PRO O 46 17.45 -127.31 -70.64
N TYR O 47 18.20 -126.59 -71.47
CA TYR O 47 19.31 -127.11 -72.25
C TYR O 47 18.91 -128.26 -73.18
N ASN O 48 17.62 -128.52 -73.33
CA ASN O 48 17.12 -129.60 -74.18
C ASN O 48 17.75 -130.93 -73.81
N ASN O 49 17.99 -131.12 -72.50
CA ASN O 49 18.61 -132.33 -71.97
C ASN O 49 19.95 -132.61 -72.65
N PHE O 50 20.71 -131.55 -72.89
CA PHE O 50 22.09 -131.65 -73.39
C PHE O 50 22.17 -132.35 -74.75
N GLN O 51 21.16 -132.16 -75.58
CA GLN O 51 21.15 -132.75 -76.91
C GLN O 51 21.07 -131.64 -77.95
N PRO O 52 21.99 -131.62 -78.92
CA PRO O 52 21.88 -130.63 -80.00
C PRO O 52 20.56 -130.80 -80.74
N ASP O 53 19.85 -129.68 -80.91
CA ASP O 53 18.54 -129.73 -81.53
C ASP O 53 18.65 -129.80 -83.04
N ARG O 54 17.52 -130.07 -83.69
CA ARG O 54 17.43 -130.04 -85.14
C ARG O 54 16.85 -128.69 -85.54
N ARG O 55 17.74 -127.69 -85.56
CA ARG O 55 17.32 -126.33 -85.87
C ARG O 55 16.80 -126.22 -87.31
N ALA O 56 17.27 -127.08 -88.20
CA ALA O 56 16.88 -127.00 -89.60
C ALA O 56 15.48 -127.53 -89.86
N VAL O 57 15.03 -128.53 -89.09
CA VAL O 57 13.79 -129.21 -89.44
C VAL O 57 12.58 -128.30 -89.22
N LYS O 58 12.58 -127.52 -88.12
CA LYS O 58 11.46 -126.61 -87.89
C LYS O 58 11.41 -125.51 -88.95
N ARG O 59 12.58 -125.01 -89.34
CA ARG O 59 12.64 -123.99 -90.38
C ARG O 59 12.12 -124.53 -91.70
N VAL O 60 12.55 -125.74 -92.09
CA VAL O 60 12.10 -126.27 -93.36
C VAL O 60 10.61 -126.62 -93.30
N GLY O 61 10.12 -127.06 -92.15
CA GLY O 61 8.70 -127.33 -92.02
C GLY O 61 7.86 -126.08 -92.18
N VAL O 62 8.24 -124.99 -91.49
CA VAL O 62 7.46 -123.77 -91.60
C VAL O 62 7.60 -123.16 -93.00
N ASP O 63 8.73 -123.38 -93.67
CA ASP O 63 8.87 -122.90 -95.04
C ASP O 63 7.99 -123.69 -95.99
N THR O 64 7.97 -125.01 -95.87
CA THR O 64 7.12 -125.84 -96.71
C THR O 64 5.64 -125.60 -96.44
N GLY O 65 5.28 -125.19 -95.22
CA GLY O 65 3.90 -124.89 -94.89
C GLY O 65 3.41 -123.60 -95.50
N GLY O 88 9.07 -122.80 -98.91
CA GLY O 88 9.79 -123.62 -99.86
C GLY O 88 11.08 -124.19 -99.32
N GLY O 89 11.53 -125.30 -99.91
CA GLY O 89 12.75 -125.92 -99.45
C GLY O 89 13.97 -125.05 -99.66
N THR O 90 14.03 -124.36 -100.80
CA THR O 90 15.19 -123.53 -101.10
C THR O 90 15.28 -122.34 -100.14
N VAL O 91 14.16 -121.64 -99.94
CA VAL O 91 14.17 -120.50 -99.02
C VAL O 91 14.43 -120.97 -97.60
N GLY O 92 13.90 -122.15 -97.24
CA GLY O 92 14.22 -122.70 -95.94
C GLY O 92 15.70 -122.97 -95.76
N LEU O 93 16.32 -123.58 -96.77
CA LEU O 93 17.74 -123.88 -96.69
C LEU O 93 18.57 -122.61 -96.56
N VAL O 94 18.27 -121.61 -97.39
CA VAL O 94 19.09 -120.39 -97.37
C VAL O 94 18.88 -119.64 -96.06
N ALA O 95 17.64 -119.59 -95.55
CA ALA O 95 17.40 -118.94 -94.26
C ALA O 95 18.13 -119.67 -93.15
N SER O 96 18.11 -121.00 -93.16
CA SER O 96 18.78 -121.78 -92.13
C SER O 96 20.28 -121.53 -92.14
N ILE O 97 20.88 -121.57 -93.34
CA ILE O 97 22.34 -121.40 -93.40
C ILE O 97 22.71 -119.97 -93.02
N TYR O 98 21.91 -118.99 -93.44
CA TYR O 98 22.20 -117.61 -93.06
C TYR O 98 22.14 -117.42 -91.55
N ARG O 99 21.06 -117.88 -90.92
CA ARG O 99 20.91 -117.70 -89.49
C ARG O 99 21.78 -118.64 -88.68
N ASP O 100 22.42 -119.62 -89.31
CA ASP O 100 23.41 -120.45 -88.65
C ASP O 100 24.84 -120.06 -89.00
N SER O 101 25.02 -119.02 -89.82
CA SER O 101 26.36 -118.52 -90.09
C SER O 101 26.99 -117.96 -88.82
N LYS O 102 28.32 -118.07 -88.75
CA LYS O 102 29.04 -117.61 -87.56
C LYS O 102 28.82 -116.12 -87.31
N ARG O 103 28.69 -115.34 -88.38
CA ARG O 103 28.48 -113.91 -88.22
C ARG O 103 27.18 -113.62 -87.47
N LYS O 104 26.11 -114.34 -87.81
CA LYS O 104 24.86 -114.16 -87.08
C LYS O 104 25.01 -114.60 -85.62
N ILE O 105 25.80 -115.64 -85.38
CA ILE O 105 26.07 -116.07 -84.01
C ILE O 105 26.69 -114.93 -83.22
N ILE O 106 27.73 -114.31 -83.77
CA ILE O 106 28.41 -113.23 -83.07
C ILE O 106 27.49 -112.03 -82.89
N ARG O 107 26.70 -111.72 -83.91
CA ARG O 107 25.79 -110.59 -83.81
C ARG O 107 24.76 -110.82 -82.72
N ASP O 108 24.21 -112.03 -82.63
CA ASP O 108 23.24 -112.31 -81.58
C ASP O 108 23.92 -112.32 -80.21
N LEU O 109 25.18 -112.73 -80.14
CA LEU O 109 25.91 -112.62 -78.89
C LEU O 109 26.02 -111.17 -78.45
N GLN O 110 26.38 -110.29 -79.39
CA GLN O 110 26.49 -108.87 -79.07
C GLN O 110 25.13 -108.31 -78.66
N LYS O 111 24.06 -108.78 -79.30
CA LYS O 111 22.72 -108.41 -78.87
C LYS O 111 22.49 -108.83 -77.43
N GLN O 112 22.88 -110.05 -77.08
CA GLN O 112 22.88 -110.50 -75.71
C GLN O 112 24.04 -109.84 -74.95
N ASP O 113 24.19 -110.22 -73.68
CA ASP O 113 25.23 -109.64 -72.84
C ASP O 113 26.49 -110.50 -72.92
N ILE O 114 27.11 -110.49 -74.10
CA ILE O 114 28.28 -111.29 -74.40
C ILE O 114 29.33 -110.39 -75.02
N GLN O 115 30.60 -110.59 -74.66
CA GLN O 115 31.70 -109.89 -75.30
C GLN O 115 32.55 -110.89 -76.07
N TYR O 116 32.76 -110.64 -77.36
CA TYR O 116 33.54 -111.51 -78.22
C TYR O 116 34.76 -110.76 -78.73
N VAL O 117 35.92 -111.40 -78.66
CA VAL O 117 37.17 -110.81 -79.15
C VAL O 117 37.91 -111.85 -79.96
N GLU O 118 38.36 -111.45 -81.14
CA GLU O 118 39.23 -112.29 -81.98
C GLU O 118 40.38 -111.43 -82.46
N TYR O 119 41.61 -111.93 -82.28
CA TYR O 119 42.79 -111.17 -82.63
C TYR O 119 43.97 -112.11 -82.76
N GLY O 120 44.83 -111.84 -83.73
CA GLY O 120 45.94 -112.73 -84.01
C GLY O 120 45.44 -114.10 -84.39
N ASP O 121 45.62 -115.07 -83.49
CA ASP O 121 45.03 -116.39 -83.64
C ASP O 121 44.18 -116.82 -82.46
N THR O 122 44.48 -116.37 -81.25
CA THR O 122 43.69 -116.72 -80.08
C THR O 122 42.36 -116.00 -80.11
N ARG O 123 41.34 -116.62 -79.53
CA ARG O 123 40.00 -116.05 -79.44
C ARG O 123 39.53 -116.09 -77.99
N THR O 124 38.83 -115.03 -77.57
CA THR O 124 38.44 -114.87 -76.18
C THR O 124 36.99 -114.42 -76.08
N LEU O 125 36.36 -114.85 -74.99
CA LEU O 125 34.99 -114.53 -74.65
C LEU O 125 34.93 -113.97 -73.24
N ILE O 126 34.08 -112.96 -73.05
CA ILE O 126 33.90 -112.31 -71.77
C ILE O 126 32.43 -112.38 -71.40
N ILE O 127 32.14 -112.85 -70.18
CA ILE O 127 30.79 -113.08 -69.71
C ILE O 127 30.61 -112.34 -68.39
N PRO O 128 29.53 -111.60 -68.19
CA PRO O 128 29.26 -110.96 -66.90
C PRO O 128 28.76 -112.00 -65.88
N THR O 129 29.60 -112.29 -64.90
CA THR O 129 29.24 -113.25 -63.87
C THR O 129 28.01 -112.81 -63.10
N ASP O 130 27.94 -111.52 -62.77
CA ASP O 130 26.79 -110.99 -62.04
C ASP O 130 25.49 -111.22 -62.82
N LYS O 131 25.52 -110.97 -64.13
CA LYS O 131 24.32 -111.16 -64.92
C LYS O 131 23.96 -112.63 -65.06
N TYR O 132 24.95 -113.49 -65.33
CA TYR O 132 24.68 -114.90 -65.59
C TYR O 132 24.92 -115.78 -64.36
N PHE O 133 24.73 -115.23 -63.17
CA PHE O 133 24.84 -116.06 -61.97
C PHE O 133 23.86 -115.58 -60.91
N MET O 134 23.47 -116.49 -60.04
CA MET O 134 22.75 -116.11 -58.84
C MET O 134 23.70 -115.36 -57.91
N PHE O 135 23.25 -114.21 -57.40
CA PHE O 135 24.14 -113.28 -56.75
C PHE O 135 24.86 -113.91 -55.56
N SER O 136 26.16 -113.63 -55.47
CA SER O 136 26.99 -114.02 -54.32
C SER O 136 26.87 -115.50 -54.02
N SER O 137 26.90 -116.31 -55.07
CA SER O 137 26.71 -117.75 -54.89
C SER O 137 27.31 -118.48 -56.08
N PRO O 138 27.85 -119.68 -55.89
CA PRO O 138 28.26 -120.48 -57.03
C PRO O 138 27.06 -120.97 -57.84
N ARG O 139 25.86 -120.66 -57.37
CA ARG O 139 24.65 -121.00 -58.09
C ARG O 139 24.61 -120.26 -59.43
N LEU O 140 24.03 -120.93 -60.43
CA LEU O 140 24.03 -120.45 -61.80
C LEU O 140 22.62 -120.06 -62.21
N ASN O 141 22.49 -118.89 -62.83
CA ASN O 141 21.20 -118.45 -63.34
C ASN O 141 20.75 -119.37 -64.47
N GLU O 142 19.43 -119.49 -64.61
CA GLU O 142 18.84 -120.29 -65.66
C GLU O 142 18.03 -119.48 -66.66
N ILE O 143 17.57 -118.28 -66.30
CA ILE O 143 16.72 -117.49 -67.16
C ILE O 143 17.41 -117.15 -68.47
N CYS O 144 18.74 -117.00 -68.44
CA CYS O 144 19.49 -116.57 -69.61
C CYS O 144 20.02 -117.74 -70.44
N TYR O 145 19.27 -118.83 -70.50
CA TYR O 145 19.71 -120.02 -71.24
C TYR O 145 20.10 -119.77 -72.70
N PRO O 146 19.42 -118.92 -73.48
CA PRO O 146 19.84 -118.77 -74.89
C PRO O 146 21.28 -118.35 -75.06
N GLY O 147 21.80 -117.57 -74.10
CA GLY O 147 23.21 -117.22 -74.17
C GLY O 147 24.10 -118.45 -74.15
N LEU O 148 23.84 -119.37 -73.23
CA LEU O 148 24.62 -120.60 -73.16
C LEU O 148 24.42 -121.46 -74.40
N ASN O 149 23.18 -121.51 -74.90
CA ASN O 149 22.91 -122.28 -76.10
C ASN O 149 23.72 -121.78 -77.28
N ASN O 150 23.71 -120.47 -77.49
CA ASN O 150 24.52 -119.88 -78.56
C ASN O 150 26.00 -120.08 -78.31
N VAL O 151 26.43 -120.04 -77.04
CA VAL O 151 27.82 -120.29 -76.70
C VAL O 151 28.23 -121.68 -77.19
N ILE O 152 27.40 -122.67 -76.90
CA ILE O 152 27.70 -124.03 -77.34
C ILE O 152 27.71 -124.11 -78.86
N ARG O 153 26.73 -123.48 -79.50
CA ARG O 153 26.65 -123.54 -80.95
C ARG O 153 27.91 -122.95 -81.59
N LEU O 154 28.41 -121.84 -81.05
CA LEU O 154 29.63 -121.26 -81.58
C LEU O 154 30.83 -122.15 -81.29
N LEU O 155 30.95 -122.62 -80.04
CA LEU O 155 32.12 -123.40 -79.65
C LEU O 155 32.22 -124.72 -80.40
N ASN O 156 31.11 -125.20 -80.96
CA ASN O 156 31.17 -126.42 -81.76
C ASN O 156 32.06 -126.26 -82.99
N PHE O 157 32.37 -125.03 -83.40
CA PHE O 157 33.17 -124.80 -84.59
C PHE O 157 34.65 -125.15 -84.41
N TYR O 158 35.12 -125.30 -83.18
CA TYR O 158 36.55 -125.51 -82.90
C TYR O 158 36.73 -126.75 -82.04
N PRO O 159 36.59 -127.92 -82.64
CA PRO O 159 36.63 -129.16 -81.84
C PRO O 159 38.04 -129.65 -81.53
N GLN O 160 39.05 -128.81 -81.68
CA GLN O 160 40.42 -129.21 -81.37
C GLN O 160 41.18 -128.27 -80.45
N SER O 161 40.78 -127.00 -80.36
CA SER O 161 41.56 -126.04 -79.59
C SER O 161 41.50 -126.34 -78.10
N THR O 162 42.64 -126.20 -77.43
CA THR O 162 42.66 -126.26 -75.98
C THR O 162 41.99 -125.03 -75.40
N ILE O 163 41.37 -125.21 -74.23
CA ILE O 163 40.52 -124.18 -73.63
C ILE O 163 41.08 -123.78 -72.28
N TYR O 164 41.02 -122.49 -71.98
CA TYR O 164 41.32 -121.96 -70.66
C TYR O 164 40.15 -121.09 -70.21
N VAL O 165 39.78 -121.22 -68.95
CA VAL O 165 38.68 -120.44 -68.38
C VAL O 165 39.12 -119.89 -67.03
N ALA O 166 38.83 -118.61 -66.80
CA ALA O 166 39.26 -117.93 -65.60
C ALA O 166 38.13 -117.06 -65.06
N GLY O 167 38.17 -116.85 -63.75
CA GLY O 167 37.19 -116.02 -63.07
C GLY O 167 37.83 -114.80 -62.46
N PHE O 168 37.04 -113.73 -62.32
CA PHE O 168 37.53 -112.49 -61.74
C PHE O 168 36.43 -111.85 -60.91
N THR O 169 36.81 -111.33 -59.74
CA THR O 169 35.89 -110.67 -58.84
C THR O 169 36.49 -109.33 -58.39
N ASP O 170 35.70 -108.59 -57.61
CA ASP O 170 36.07 -107.25 -57.20
C ASP O 170 37.08 -107.29 -56.05
N ASN O 171 37.37 -106.14 -55.47
CA ASN O 171 38.45 -106.00 -54.50
C ASN O 171 37.96 -105.89 -53.07
N VAL O 172 36.69 -106.17 -52.80
CA VAL O 172 36.11 -106.00 -51.49
C VAL O 172 35.88 -107.38 -50.87
N GLY O 173 36.37 -107.57 -49.65
CA GLY O 173 36.18 -108.80 -48.91
C GLY O 173 37.50 -109.46 -48.57
N SER O 174 37.40 -110.64 -47.97
CA SER O 174 38.60 -111.41 -47.66
C SER O 174 39.27 -111.90 -48.94
N ARG O 175 40.60 -111.84 -48.96
CA ARG O 175 41.34 -112.30 -50.12
C ARG O 175 41.08 -113.78 -50.36
N SER O 176 41.10 -114.58 -49.28
CA SER O 176 40.81 -116.00 -49.41
C SER O 176 39.39 -116.21 -49.90
N HIS O 177 38.45 -115.41 -49.40
CA HIS O 177 37.07 -115.52 -49.86
C HIS O 177 36.96 -115.26 -51.36
N LYS O 178 37.60 -114.20 -51.84
CA LYS O 178 37.56 -113.89 -53.26
C LYS O 178 38.18 -115.01 -54.09
N ARG O 179 39.33 -115.52 -53.64
CA ARG O 179 39.98 -116.58 -54.39
C ARG O 179 39.11 -117.82 -54.44
N LYS O 180 38.50 -118.19 -53.31
CA LYS O 180 37.64 -119.36 -53.30
C LYS O 180 36.44 -119.17 -54.21
N LEU O 181 35.83 -118.00 -54.19
CA LEU O 181 34.67 -117.77 -55.05
C LEU O 181 35.06 -117.84 -56.52
N SER O 182 36.20 -117.26 -56.87
CA SER O 182 36.67 -117.32 -58.25
C SER O 182 36.89 -118.77 -58.67
N GLN O 183 37.54 -119.54 -57.80
CA GLN O 183 37.81 -120.93 -58.12
C GLN O 183 36.51 -121.72 -58.28
N ALA O 184 35.54 -121.45 -57.41
CA ALA O 184 34.26 -122.15 -57.50
C ALA O 184 33.54 -121.83 -58.79
N GLN O 185 33.54 -120.54 -59.18
CA GLN O 185 32.88 -120.16 -60.43
C GLN O 185 33.57 -120.84 -61.61
N ALA O 186 34.91 -120.86 -61.61
CA ALA O 186 35.63 -121.51 -62.70
C ALA O 186 35.31 -122.99 -62.75
N GLU O 187 35.27 -123.64 -61.59
CA GLU O 187 34.95 -125.07 -61.54
C GLU O 187 33.57 -125.33 -62.12
N THR O 188 32.59 -124.53 -61.71
CA THR O 188 31.23 -124.73 -62.20
C THR O 188 31.15 -124.55 -63.71
N MET O 189 31.78 -123.49 -64.22
CA MET O 189 31.73 -123.23 -65.64
C MET O 189 32.39 -124.36 -66.43
N MET O 190 33.56 -124.80 -65.99
CA MET O 190 34.24 -125.87 -66.70
C MET O 190 33.48 -127.17 -66.60
N THR O 191 32.78 -127.41 -65.48
CA THR O 191 31.94 -128.58 -65.38
C THR O 191 30.80 -128.54 -66.39
N PHE O 192 30.17 -127.37 -66.54
CA PHE O 192 29.13 -127.24 -67.55
C PHE O 192 29.69 -127.48 -68.94
N LEU O 193 30.87 -126.93 -69.23
CA LEU O 193 31.49 -127.14 -70.53
C LEU O 193 31.75 -128.62 -70.77
N TRP O 194 32.25 -129.32 -69.74
CA TRP O 194 32.50 -130.75 -69.87
C TRP O 194 31.21 -131.51 -70.14
N ALA O 195 30.15 -131.16 -69.41
CA ALA O 195 28.85 -131.79 -69.66
C ALA O 195 28.29 -131.45 -71.03
N ASN O 196 28.78 -130.39 -71.66
CA ASN O 196 28.36 -130.03 -73.00
C ASN O 196 29.02 -130.88 -74.07
N GLY O 197 29.64 -132.00 -73.68
CA GLY O 197 30.18 -132.95 -74.62
C GLY O 197 31.66 -132.81 -74.93
N ILE O 198 32.37 -131.94 -74.25
CA ILE O 198 33.79 -131.74 -74.52
C ILE O 198 34.61 -132.65 -73.62
N ALA O 199 35.57 -133.36 -74.21
CA ALA O 199 36.44 -134.24 -73.44
C ALA O 199 37.23 -133.43 -72.42
N ALA O 200 37.33 -133.98 -71.20
CA ALA O 200 37.95 -133.25 -70.10
C ALA O 200 39.41 -132.93 -70.35
N LYS O 201 40.06 -133.64 -71.28
CA LYS O 201 41.45 -133.33 -71.60
C LYS O 201 41.62 -131.92 -72.15
N ARG O 202 40.55 -131.31 -72.65
CA ARG O 202 40.63 -130.02 -73.32
C ARG O 202 40.31 -128.84 -72.42
N LEU O 203 40.20 -129.05 -71.10
CA LEU O 203 39.74 -128.00 -70.21
C LEU O 203 40.72 -127.77 -69.08
N LYS O 204 40.80 -126.52 -68.64
CA LYS O 204 41.62 -126.12 -67.50
C LYS O 204 41.06 -124.83 -66.94
N ALA O 205 40.82 -124.81 -65.63
CA ALA O 205 40.11 -123.72 -64.98
C ALA O 205 40.97 -123.01 -63.96
N GLU O 206 40.68 -121.74 -63.73
CA GLU O 206 41.41 -120.96 -62.75
C GLU O 206 40.60 -119.72 -62.37
N GLY O 207 40.83 -119.22 -61.16
CA GLY O 207 40.16 -118.01 -60.72
C GLY O 207 41.08 -117.08 -59.95
N TYR O 208 40.96 -115.78 -60.20
CA TYR O 208 41.70 -114.76 -59.50
C TYR O 208 40.74 -113.73 -58.91
N GLY O 209 41.23 -112.97 -57.95
CA GLY O 209 40.45 -111.93 -57.34
C GLY O 209 40.77 -110.58 -57.92
N ASP O 210 41.54 -109.77 -57.20
CA ASP O 210 42.01 -108.47 -57.66
C ASP O 210 43.46 -108.54 -58.15
N LYS O 211 43.85 -109.66 -58.73
CA LYS O 211 45.23 -109.82 -59.17
C LYS O 211 45.53 -108.97 -60.40
N ASN O 212 44.57 -108.81 -61.30
CA ASN O 212 44.78 -107.96 -62.48
C ASN O 212 43.41 -107.49 -62.96
N ALA O 213 43.14 -106.20 -62.80
CA ALA O 213 41.84 -105.62 -63.12
C ALA O 213 41.98 -104.74 -64.34
N ILE O 214 41.10 -104.92 -65.32
CA ILE O 214 41.09 -104.09 -66.50
C ILE O 214 40.36 -102.80 -66.18
N SER O 215 39.77 -102.73 -64.99
CA SER O 215 39.03 -101.55 -64.58
C SER O 215 39.28 -101.30 -63.11
N ASP O 216 39.24 -100.02 -62.72
CA ASP O 216 39.46 -99.64 -61.34
C ASP O 216 38.26 -99.99 -60.48
N ASN O 217 38.51 -100.16 -59.19
CA ASN O 217 37.46 -100.43 -58.23
C ASN O 217 36.91 -99.18 -57.56
N ALA O 218 37.66 -98.08 -57.57
CA ALA O 218 37.20 -96.86 -56.92
C ALA O 218 36.01 -96.23 -57.63
N ILE O 219 35.71 -96.65 -58.85
CA ILE O 219 34.56 -96.17 -59.60
C ILE O 219 33.50 -97.26 -59.58
N ILE O 220 32.25 -96.86 -59.39
CA ILE O 220 31.17 -97.84 -59.23
C ILE O 220 31.04 -98.70 -60.47
N HIS O 221 30.89 -98.05 -61.63
CA HIS O 221 30.65 -98.80 -62.86
C HIS O 221 31.91 -99.57 -63.29
N GLY O 222 33.08 -99.00 -63.05
CA GLY O 222 34.31 -99.71 -63.36
C GLY O 222 34.46 -100.97 -62.52
N SER O 223 34.19 -100.86 -61.22
CA SER O 223 34.21 -102.04 -60.35
C SER O 223 33.18 -103.06 -60.80
N ALA O 224 32.01 -102.58 -61.24
CA ALA O 224 31.01 -103.49 -61.79
C ALA O 224 31.55 -104.25 -62.99
N GLN O 225 32.24 -103.55 -63.88
CA GLN O 225 32.84 -104.21 -65.03
C GLN O 225 33.97 -105.14 -64.64
N ASN O 226 34.62 -104.89 -63.50
CA ASN O 226 35.82 -105.65 -63.14
C ASN O 226 35.54 -107.14 -63.02
N ARG O 227 34.52 -107.52 -62.26
CA ARG O 227 34.22 -108.94 -62.09
C ARG O 227 33.69 -109.53 -63.39
N ARG O 228 34.20 -110.68 -63.78
CA ARG O 228 33.86 -111.25 -65.09
C ARG O 228 34.30 -112.70 -65.16
N ILE O 229 33.93 -113.33 -66.27
CA ILE O 229 34.40 -114.66 -66.64
C ILE O 229 35.12 -114.54 -67.98
N GLU O 230 36.33 -115.09 -68.05
CA GLU O 230 37.20 -115.01 -69.21
C GLU O 230 37.37 -116.40 -69.80
N ILE O 231 37.31 -116.50 -71.13
CA ILE O 231 37.55 -117.75 -71.83
C ILE O 231 38.53 -117.48 -72.96
N GLN O 232 39.66 -118.17 -72.94
CA GLN O 232 40.64 -118.11 -74.01
C GLN O 232 40.74 -119.46 -74.70
N TRP O 233 41.00 -119.43 -76.01
CA TRP O 233 41.38 -120.66 -76.68
C TRP O 233 42.18 -120.33 -77.93
N PHE O 234 43.19 -121.16 -78.19
CA PHE O 234 44.10 -120.99 -79.32
C PHE O 234 43.44 -121.55 -80.58
N THR O 235 44.23 -121.73 -81.63
CA THR O 235 43.76 -122.37 -82.84
C THR O 235 44.48 -123.68 -83.14
N SER O 236 45.78 -123.77 -82.83
CA SER O 236 46.53 -125.00 -83.06
C SER O 236 47.43 -125.32 -81.87
N ASP P 39 -13.87 -100.61 -50.30
CA ASP P 39 -15.18 -100.61 -49.66
C ASP P 39 -15.61 -102.05 -49.33
N GLY P 40 -15.82 -102.85 -50.37
CA GLY P 40 -16.23 -104.22 -50.18
C GLY P 40 -15.23 -105.04 -49.40
N CYS P 41 -15.56 -105.39 -48.17
CA CYS P 41 -14.67 -106.17 -47.32
C CYS P 41 -14.98 -107.66 -47.41
N CYS P 42 -16.20 -108.06 -47.09
CA CYS P 42 -16.62 -109.45 -47.20
C CYS P 42 -17.25 -109.74 -48.56
N SER P 43 -16.55 -109.34 -49.62
CA SER P 43 -17.03 -109.59 -50.97
C SER P 43 -17.04 -111.08 -51.26
N LYS P 44 -18.04 -111.52 -52.01
CA LYS P 44 -18.24 -112.94 -52.31
C LYS P 44 -18.35 -113.77 -51.03
N MET P 45 -18.78 -113.14 -49.95
CA MET P 45 -18.97 -113.80 -48.66
C MET P 45 -20.35 -113.45 -48.13
N GLY P 46 -20.70 -114.03 -46.98
CA GLY P 46 -22.00 -113.79 -46.40
C GLY P 46 -22.23 -112.35 -45.98
N GLY P 47 -21.17 -111.57 -45.84
CA GLY P 47 -21.27 -110.18 -45.43
C GLY P 47 -20.74 -109.96 -44.04
N ILE P 48 -20.83 -108.69 -43.60
CA ILE P 48 -20.28 -108.29 -42.32
C ILE P 48 -21.10 -108.91 -41.19
N ASN P 49 -20.41 -109.50 -40.22
CA ASN P 49 -21.04 -109.91 -38.97
C ASN P 49 -20.88 -108.84 -37.90
N TYR P 50 -19.65 -108.51 -37.55
CA TYR P 50 -19.35 -107.43 -36.61
C TYR P 50 -17.86 -107.14 -36.68
N CYS P 51 -17.39 -106.28 -35.78
CA CYS P 51 -15.99 -105.87 -35.69
C CYS P 51 -15.47 -106.24 -34.31
N ASP P 52 -14.72 -107.32 -34.23
CA ASP P 52 -14.15 -107.74 -32.95
C ASP P 52 -12.95 -106.88 -32.61
N SER P 53 -12.99 -106.24 -31.45
CA SER P 53 -11.89 -105.41 -30.98
C SER P 53 -10.71 -106.24 -30.49
N SER P 54 -10.88 -107.55 -30.33
CA SER P 54 -9.77 -108.38 -29.89
C SER P 54 -8.63 -108.31 -30.90
N ALA P 55 -8.95 -108.37 -32.19
CA ALA P 55 -7.97 -108.16 -33.24
C ALA P 55 -8.20 -106.86 -34.00
N GLY P 56 -9.20 -106.07 -33.61
CA GLY P 56 -9.56 -104.90 -34.39
C GLY P 56 -9.95 -105.25 -35.80
N ARG P 57 -10.65 -106.37 -35.98
CA ARG P 57 -10.87 -106.95 -37.29
C ARG P 57 -12.33 -107.27 -37.51
N LEU P 58 -12.77 -107.11 -38.75
CA LEU P 58 -14.11 -107.50 -39.15
C LEU P 58 -14.19 -109.01 -39.27
N VAL P 59 -15.30 -109.57 -38.80
CA VAL P 59 -15.61 -110.98 -39.00
C VAL P 59 -16.75 -111.05 -40.00
N CYS P 60 -16.55 -111.79 -41.08
CA CYS P 60 -17.59 -111.92 -42.08
C CYS P 60 -18.68 -112.87 -41.58
N ASN P 61 -19.80 -112.88 -42.29
CA ASN P 61 -20.82 -113.86 -41.99
C ASN P 61 -20.37 -115.27 -42.30
N ASN P 62 -19.28 -115.43 -43.05
CA ASN P 62 -18.56 -116.68 -43.12
C ASN P 62 -17.60 -116.78 -41.94
N GLY P 63 -17.27 -118.01 -41.56
CA GLY P 63 -16.40 -118.21 -40.43
C GLY P 63 -14.96 -117.83 -40.70
N PHE P 64 -14.71 -116.58 -41.08
CA PHE P 64 -13.37 -116.15 -41.40
C PHE P 64 -13.19 -114.68 -41.02
N TYR P 65 -11.93 -114.29 -40.88
CA TYR P 65 -11.59 -112.92 -40.53
C TYR P 65 -11.41 -112.09 -41.79
N SER P 66 -12.17 -111.01 -41.89
CA SER P 66 -11.99 -110.08 -42.99
C SER P 66 -10.63 -109.40 -42.89
N THR P 67 -10.01 -109.18 -44.04
CA THR P 67 -8.73 -108.49 -44.08
C THR P 67 -8.87 -106.99 -43.87
N CYS P 68 -10.09 -106.46 -43.86
CA CYS P 68 -10.29 -105.06 -43.55
C CYS P 68 -9.97 -104.78 -42.09
N TYR P 69 -9.54 -103.55 -41.82
CA TYR P 69 -9.29 -103.09 -40.47
C TYR P 69 -10.51 -102.34 -39.96
N CYS P 70 -10.77 -102.47 -38.65
CA CYS P 70 -11.91 -101.77 -38.07
C CYS P 70 -11.62 -101.19 -36.69
N THR P 71 -10.35 -101.05 -36.32
CA THR P 71 -9.99 -100.44 -35.05
C THR P 71 -8.54 -99.99 -35.12
N ARG P 72 -8.29 -98.74 -34.73
CA ARG P 72 -6.92 -98.25 -34.73
C ARG P 72 -6.05 -98.94 -33.69
N HIS P 73 -6.66 -99.62 -32.71
CA HIS P 73 -5.90 -100.43 -31.76
C HIS P 73 -5.68 -101.84 -32.30
N ALA P 74 -5.17 -101.93 -33.53
CA ALA P 74 -4.97 -103.22 -34.18
C ALA P 74 -3.60 -103.24 -34.85
N VAL P 75 -3.10 -104.44 -35.09
CA VAL P 75 -1.75 -104.61 -35.60
C VAL P 75 -1.69 -104.21 -37.07
N MET P 76 -1.22 -103.00 -37.33
CA MET P 76 -0.98 -102.55 -38.70
C MET P 76 0.42 -102.96 -39.12
N ASP P 77 0.79 -102.57 -40.33
CA ASP P 77 2.15 -102.76 -40.84
C ASP P 77 2.59 -101.39 -41.36
N LEU P 78 3.12 -100.57 -40.46
CA LEU P 78 3.51 -99.21 -40.78
C LEU P 78 5.01 -99.15 -40.97
N GLN P 79 5.44 -98.68 -42.14
CA GLN P 79 6.87 -98.62 -42.46
C GLN P 79 7.33 -97.25 -42.93
N PHE P 80 6.43 -96.30 -43.14
CA PHE P 80 6.81 -94.97 -43.58
C PHE P 80 5.76 -93.98 -43.08
N LEU P 81 6.23 -92.87 -42.50
CA LEU P 81 5.34 -91.90 -41.88
C LEU P 81 5.77 -90.50 -42.29
N MET P 82 4.96 -89.52 -41.89
CA MET P 82 5.14 -88.12 -42.25
C MET P 82 5.72 -87.34 -41.08
N GLY P 83 5.78 -86.02 -41.22
CA GLY P 83 6.22 -85.14 -40.17
C GLY P 83 7.70 -84.84 -40.22
N CYS P 84 8.13 -83.95 -39.33
CA CYS P 84 9.54 -83.59 -39.19
C CYS P 84 9.88 -83.55 -37.71
N CYS P 85 11.18 -83.40 -37.43
CA CYS P 85 11.73 -83.49 -36.08
C CYS P 85 11.46 -84.86 -35.46
N LEU P 86 11.37 -85.88 -36.30
CA LEU P 86 11.24 -87.25 -35.82
C LEU P 86 12.53 -87.68 -35.13
N TRP P 87 12.40 -88.73 -34.31
CA TRP P 87 13.51 -89.24 -33.51
C TRP P 87 14.10 -88.16 -32.62
N HIS P 88 13.28 -87.19 -32.23
CA HIS P 88 13.74 -86.05 -31.45
C HIS P 88 12.60 -85.61 -30.55
N GLY P 89 12.72 -84.41 -30.00
CA GLY P 89 11.69 -83.86 -29.15
C GLY P 89 10.53 -83.30 -29.93
N GLY P 90 10.52 -83.54 -31.24
CA GLY P 90 9.49 -83.00 -32.09
C GLY P 90 9.65 -81.51 -32.30
N VAL P 91 8.74 -80.94 -33.08
CA VAL P 91 8.78 -79.51 -33.37
C VAL P 91 8.51 -78.74 -32.09
N TYR P 92 9.36 -77.77 -31.79
CA TYR P 92 9.21 -77.00 -30.57
C TYR P 92 7.92 -76.19 -30.63
N PRO P 93 7.12 -76.21 -29.56
CA PRO P 93 5.81 -75.53 -29.62
C PRO P 93 5.90 -74.04 -29.87
N GLN P 94 6.90 -73.36 -29.34
CA GLN P 94 6.97 -71.92 -29.48
C GLN P 94 7.24 -71.54 -30.93
N LEU P 95 6.78 -70.35 -31.31
CA LEU P 95 6.89 -69.85 -32.67
C LEU P 95 8.04 -68.85 -32.74
N ASN P 96 9.03 -69.15 -33.57
CA ASN P 96 10.15 -68.24 -33.79
C ASN P 96 9.77 -67.18 -34.80
N SER P 97 10.45 -66.03 -34.72
CA SER P 97 10.21 -64.96 -35.68
C SER P 97 10.55 -65.39 -37.09
N SER P 98 11.67 -66.11 -37.25
CA SER P 98 12.11 -66.58 -38.55
C SER P 98 11.58 -67.99 -38.81
N GLY P 99 11.69 -68.41 -40.06
CA GLY P 99 11.28 -69.75 -40.47
C GLY P 99 12.17 -70.86 -39.99
N LEU P 100 13.30 -70.53 -39.37
CA LEU P 100 14.15 -71.55 -38.78
C LEU P 100 13.41 -72.26 -37.65
N VAL P 101 13.56 -73.59 -37.60
CA VAL P 101 12.86 -74.42 -36.62
C VAL P 101 13.87 -75.36 -35.98
N VAL P 102 13.81 -75.49 -34.67
CA VAL P 102 14.69 -76.36 -33.90
C VAL P 102 13.83 -77.32 -33.09
N CYS P 103 14.16 -78.61 -33.14
CA CYS P 103 13.42 -79.60 -32.39
C CYS P 103 13.67 -79.45 -30.90
N ASN P 104 12.73 -79.96 -30.09
CA ASN P 104 12.80 -79.78 -28.65
C ASN P 104 14.09 -80.33 -28.07
N ASP P 105 14.64 -81.40 -28.65
CA ASP P 105 15.90 -81.94 -28.18
C ASP P 105 17.08 -81.05 -28.52
N GLY P 106 16.86 -79.90 -29.16
CA GLY P 106 17.92 -79.03 -29.58
C GLY P 106 18.39 -79.27 -31.00
N TYR P 107 18.07 -80.41 -31.59
CA TYR P 107 18.40 -80.66 -32.98
C TYR P 107 17.66 -79.69 -33.88
N VAL P 108 18.30 -79.28 -34.96
CA VAL P 108 17.74 -78.32 -35.91
C VAL P 108 17.56 -79.02 -37.24
N SER P 109 16.36 -78.91 -37.81
CA SER P 109 16.03 -79.53 -39.09
C SER P 109 15.88 -78.41 -40.11
N GLU P 110 16.98 -78.06 -40.75
CA GLU P 110 16.92 -77.09 -41.85
C GLU P 110 15.99 -77.55 -42.95
N GLU P 111 15.83 -78.88 -43.09
CA GLU P 111 14.87 -79.40 -44.06
C GLU P 111 13.46 -78.97 -43.73
N CYS P 112 13.06 -79.10 -42.47
CA CYS P 112 11.75 -78.60 -42.06
C CYS P 112 11.67 -77.09 -42.15
N SER P 113 12.78 -76.40 -41.84
CA SER P 113 12.82 -74.96 -41.98
C SER P 113 12.80 -74.57 -43.46
N LEU P 114 12.40 -73.33 -43.72
CA LEU P 114 12.38 -72.80 -45.07
C LEU P 114 13.74 -72.21 -45.42
N GLN P 115 13.89 -71.82 -46.68
CA GLN P 115 15.13 -71.25 -47.17
C GLN P 115 15.03 -69.74 -47.26
N LYS P 116 16.08 -69.12 -47.81
CA LYS P 116 16.12 -67.67 -47.96
C LYS P 116 15.94 -67.26 -49.42
N UNK Q 1 2.87 -126.56 -35.62
CA UNK Q 1 1.82 -127.09 -36.47
C UNK Q 1 2.13 -128.50 -36.92
N UNK Q 2 2.80 -128.61 -38.07
CA UNK Q 2 3.28 -129.84 -38.68
C UNK Q 2 2.16 -130.75 -39.18
N UNK Q 3 0.91 -130.47 -38.83
CA UNK Q 3 -0.26 -131.21 -39.28
C UNK Q 3 -1.49 -130.55 -38.66
N UNK Q 4 -2.65 -130.85 -39.23
CA UNK Q 4 -3.89 -130.39 -38.60
C UNK Q 4 -4.88 -131.52 -38.36
N UNK Q 5 -4.94 -132.50 -39.26
CA UNK Q 5 -5.80 -133.65 -39.05
C UNK Q 5 -5.15 -134.60 -38.05
N UNK Q 6 -5.08 -134.18 -36.80
CA UNK Q 6 -4.43 -134.99 -35.76
C UNK Q 6 -5.24 -136.26 -35.54
N UNK Q 7 -4.61 -137.41 -35.79
CA UNK Q 7 -5.27 -138.69 -35.63
C UNK Q 7 -5.32 -139.03 -34.15
N UNK Q 8 -6.49 -138.85 -33.54
CA UNK Q 8 -6.66 -139.12 -32.11
C UNK Q 8 -6.73 -140.64 -31.89
N UNK Q 9 -5.57 -141.26 -32.04
CA UNK Q 9 -5.42 -142.71 -31.89
C UNK Q 9 -6.36 -143.47 -32.81
N UNK R 1 111.92 -23.28 13.28
CA UNK R 1 112.43 -23.47 14.62
C UNK R 1 112.22 -24.91 15.08
N UNK R 2 111.90 -25.78 14.14
CA UNK R 2 111.61 -27.18 14.43
C UNK R 2 112.36 -28.09 13.46
N UNK R 3 112.64 -29.30 13.91
CA UNK R 3 113.29 -30.32 13.10
C UNK R 3 112.58 -31.65 13.28
N UNK R 4 112.69 -32.51 12.28
CA UNK R 4 111.91 -33.74 12.22
C UNK R 4 112.59 -34.93 12.89
N UNK R 5 113.85 -34.80 13.30
CA UNK R 5 114.54 -35.93 13.91
C UNK R 5 113.89 -36.35 15.22
N UNK R 6 113.52 -35.37 16.06
CA UNK R 6 112.87 -35.69 17.32
C UNK R 6 111.52 -36.35 17.09
N UNK R 7 110.76 -35.85 16.11
CA UNK R 7 109.47 -36.46 15.79
C UNK R 7 109.63 -37.89 15.31
N UNK R 8 110.62 -38.13 14.44
CA UNK R 8 110.86 -39.48 13.96
C UNK R 8 111.27 -40.41 15.09
N UNK R 9 112.14 -39.93 15.98
CA UNK R 9 112.57 -40.76 17.10
C UNK R 9 111.40 -41.08 18.03
N UNK R 10 110.56 -40.08 18.32
CA UNK R 10 109.40 -40.32 19.16
C UNK R 10 108.43 -41.30 18.51
N UNK R 11 108.21 -41.17 17.21
CA UNK R 11 107.33 -42.10 16.52
C UNK R 11 107.89 -43.51 16.55
N UNK R 12 109.20 -43.66 16.33
CA UNK R 12 109.81 -44.99 16.39
C UNK R 12 109.68 -45.58 17.79
N UNK R 13 109.92 -44.77 18.82
CA UNK R 13 109.81 -45.26 20.19
C UNK R 13 108.39 -45.68 20.52
N UNK R 14 107.41 -44.87 20.09
CA UNK R 14 106.01 -45.21 20.32
C UNK R 14 105.63 -46.50 19.62
N UNK R 15 106.08 -46.67 18.36
CA UNK R 15 105.78 -47.89 17.63
C UNK R 15 106.41 -49.11 18.29
N UNK R 16 107.68 -48.99 18.69
CA UNK R 16 108.40 -50.08 19.33
C UNK R 16 108.41 -49.84 20.84
N UNK R 17 107.28 -50.14 21.47
CA UNK R 17 107.17 -50.05 22.92
C UNK R 17 107.55 -51.34 23.63
N UNK R 18 107.42 -52.49 22.96
CA UNK R 18 107.78 -53.79 23.52
C UNK R 18 107.05 -54.06 24.84
N UNK R 19 105.87 -53.45 25.01
CA UNK R 19 105.06 -53.61 26.21
C UNK R 19 103.61 -53.75 25.75
N UNK R 20 103.17 -54.99 25.52
CA UNK R 20 101.82 -55.27 25.08
C UNK R 20 101.27 -56.43 25.89
N UNK R 21 100.08 -56.24 26.46
CA UNK R 21 99.40 -57.28 27.21
C UNK R 21 97.90 -57.14 27.00
N UNK R 22 97.17 -58.24 27.21
CA UNK R 22 95.73 -58.25 27.03
C UNK R 22 95.08 -58.94 28.23
N UNK R 23 93.88 -58.47 28.56
CA UNK R 23 93.08 -59.05 29.64
C UNK R 23 91.77 -59.55 29.08
N UNK R 24 91.43 -60.80 29.37
CA UNK R 24 90.19 -61.41 28.92
C UNK R 24 89.23 -61.57 30.09
N UNK R 25 88.01 -61.10 29.91
CA UNK R 25 86.96 -61.27 30.91
C UNK R 25 86.01 -62.36 30.44
N UNK R 26 85.91 -63.44 31.22
CA UNK R 26 85.08 -64.56 30.86
C UNK R 26 83.60 -64.21 31.07
N UNK R 27 82.73 -65.19 30.87
CA UNK R 27 81.30 -64.97 31.06
C UNK R 27 80.99 -64.60 32.51
N UNK R 28 81.64 -65.27 33.46
CA UNK R 28 81.53 -64.95 34.87
C UNK R 28 82.51 -63.89 35.32
N UNK R 29 82.99 -63.06 34.39
CA UNK R 29 83.97 -62.00 34.65
C UNK R 29 85.27 -62.53 35.23
N UNK R 30 85.57 -63.80 35.00
CA UNK R 30 86.87 -64.34 35.38
C UNK R 30 87.97 -63.62 34.61
N UNK R 31 89.04 -63.26 35.32
CA UNK R 31 90.12 -62.48 34.73
C UNK R 31 91.21 -63.39 34.20
N UNK R 32 91.61 -63.15 32.96
CA UNK R 32 92.72 -63.87 32.33
C UNK R 32 93.67 -62.79 31.80
N UNK R 33 94.64 -62.41 32.63
CA UNK R 33 95.66 -61.45 32.24
C UNK R 33 96.95 -62.22 31.91
N UNK R 34 97.36 -62.14 30.64
CA UNK R 34 98.54 -62.86 30.19
C UNK R 34 99.80 -62.02 30.37
N UNK R 35 100.94 -62.70 30.30
CA UNK R 35 102.23 -62.03 30.43
C UNK R 35 102.43 -61.04 29.30
N UNK R 36 103.09 -59.92 29.60
CA UNK R 36 103.32 -58.87 28.62
C UNK R 36 104.26 -59.40 27.54
N UNK R 37 103.70 -59.71 26.38
CA UNK R 37 104.48 -60.22 25.28
C UNK R 37 105.21 -59.09 24.56
N UNK R 38 105.99 -59.44 23.54
CA UNK R 38 106.75 -58.49 22.75
C UNK R 38 107.67 -57.63 23.62
N UNK R 39 83.79 -58.80 24.55
CA UNK R 39 84.13 -59.38 25.84
C UNK R 39 85.38 -60.25 25.72
N UNK R 40 85.33 -61.23 24.82
CA UNK R 40 86.47 -62.13 24.64
C UNK R 40 87.67 -61.39 24.04
N UNK R 41 87.43 -60.36 23.23
CA UNK R 41 88.52 -59.64 22.59
C UNK R 41 88.04 -58.22 22.28
N UNK R 42 88.61 -57.24 22.97
CA UNK R 42 88.31 -55.85 22.73
C UNK R 42 89.61 -55.04 22.67
N UNK R 43 89.57 -53.93 21.95
CA UNK R 43 90.75 -53.09 21.82
C UNK R 43 91.17 -52.53 23.18
N UNK R 44 90.20 -52.33 24.08
CA UNK R 44 90.52 -51.81 25.41
C UNK R 44 91.36 -52.79 26.22
N UNK R 45 91.34 -54.07 25.87
CA UNK R 45 92.14 -55.06 26.60
C UNK R 45 93.63 -54.80 26.44
N UNK R 46 94.04 -54.06 25.40
CA UNK R 46 95.44 -53.75 25.21
C UNK R 46 95.95 -52.87 26.34
N UNK R 47 97.14 -53.19 26.84
CA UNK R 47 97.78 -52.42 27.90
C UNK R 47 99.27 -52.48 27.73
N UNK R 48 99.96 -51.46 28.23
CA UNK R 48 101.40 -51.36 28.09
C UNK R 48 102.08 -51.27 29.46
N LYS S 24 7.05 -123.01 -68.18
CA LYS S 24 7.03 -121.97 -69.21
C LYS S 24 7.19 -120.59 -68.59
N PHE S 25 6.55 -120.38 -67.45
CA PHE S 25 6.59 -119.11 -66.74
C PHE S 25 7.51 -119.27 -65.53
N LYS S 26 8.78 -118.91 -65.71
CA LYS S 26 9.75 -118.89 -64.63
C LYS S 26 10.00 -117.46 -64.20
N LYS S 27 10.06 -117.24 -62.89
CA LYS S 27 10.20 -115.88 -62.41
C LYS S 27 11.61 -115.63 -61.89
N PRO S 28 12.07 -114.38 -61.95
CA PRO S 28 13.33 -114.03 -61.31
C PRO S 28 13.09 -113.67 -59.86
N PRO S 29 14.14 -113.62 -59.05
CA PRO S 29 13.98 -113.12 -57.68
C PRO S 29 13.46 -111.70 -57.69
N ILE S 30 12.61 -111.38 -56.71
CA ILE S 30 11.96 -110.08 -56.68
C ILE S 30 12.85 -109.08 -55.95
N ASN S 31 13.11 -109.34 -54.67
CA ASN S 31 13.95 -108.45 -53.87
C ASN S 31 15.40 -108.95 -53.94
N ASN S 32 16.00 -108.72 -55.10
CA ASN S 32 17.34 -109.17 -55.40
C ASN S 32 18.19 -108.02 -55.91
N PRO S 33 19.51 -108.09 -55.72
CA PRO S 33 20.37 -106.97 -56.12
C PRO S 33 20.59 -106.89 -57.62
N SER S 34 19.69 -106.23 -58.32
CA SER S 34 19.80 -106.06 -59.77
C SER S 34 20.66 -104.88 -60.18
N ASP S 35 21.21 -104.13 -59.22
CA ASP S 35 22.01 -102.95 -59.51
C ASP S 35 23.38 -103.07 -58.86
N ASP S 36 24.36 -102.42 -59.46
CA ASP S 36 25.74 -102.51 -58.97
C ASP S 36 25.85 -101.96 -57.55
N ALA S 37 25.19 -100.84 -57.26
CA ALA S 37 25.20 -100.32 -55.91
C ALA S 37 24.61 -101.34 -54.95
N THR S 38 23.51 -101.98 -55.35
CA THR S 38 22.88 -102.98 -54.49
C THR S 38 23.81 -104.15 -54.23
N ILE S 39 24.50 -104.63 -55.26
CA ILE S 39 25.35 -105.80 -55.07
C ILE S 39 26.55 -105.43 -54.20
N LYS S 40 27.09 -104.22 -54.37
CA LYS S 40 28.19 -103.81 -53.51
C LYS S 40 27.74 -103.71 -52.06
N LEU S 41 26.55 -103.14 -51.84
CA LEU S 41 26.00 -103.06 -50.49
C LEU S 41 25.87 -104.44 -49.87
N ALA S 42 25.26 -105.37 -50.60
CA ALA S 42 25.02 -106.70 -50.07
C ALA S 42 26.33 -107.43 -49.81
N GLU S 43 27.30 -107.27 -50.70
CA GLU S 43 28.60 -107.89 -50.49
C GLU S 43 29.26 -107.35 -49.23
N ALA S 44 29.22 -106.04 -49.04
CA ALA S 44 29.79 -105.46 -47.82
C ALA S 44 29.06 -105.97 -46.60
N ALA S 45 27.74 -106.12 -46.69
CA ALA S 45 26.98 -106.67 -45.56
C ALA S 45 27.42 -108.08 -45.23
N VAL S 46 27.61 -108.90 -46.25
CA VAL S 46 28.08 -110.26 -46.03
C VAL S 46 29.45 -110.24 -45.36
N SER S 47 30.33 -109.38 -45.84
CA SER S 47 31.68 -109.30 -45.29
C SER S 47 31.64 -108.93 -43.81
N VAL S 48 30.91 -107.87 -43.47
CA VAL S 48 30.89 -107.42 -42.08
C VAL S 48 30.20 -108.45 -41.20
N SER S 49 29.17 -109.12 -41.72
CA SER S 49 28.51 -110.17 -40.95
C SER S 49 29.48 -111.28 -40.61
N ASP S 50 30.23 -111.76 -41.60
CA ASP S 50 31.19 -112.83 -41.34
C ASP S 50 32.28 -112.37 -40.37
N SER S 51 32.77 -111.14 -40.55
CA SER S 51 33.81 -110.62 -39.67
C SER S 51 33.34 -110.58 -38.23
N MET S 52 32.13 -110.05 -38.00
CA MET S 52 31.61 -109.99 -36.64
C MET S 52 31.34 -111.38 -36.09
N LEU S 53 30.88 -112.31 -36.93
CA LEU S 53 30.67 -113.67 -36.48
C LEU S 53 31.96 -114.27 -35.94
N GLU S 54 33.04 -114.19 -36.71
CA GLU S 54 34.28 -114.78 -36.22
C GLU S 54 34.87 -113.99 -35.06
N MET S 55 34.63 -112.67 -35.02
CA MET S 55 35.04 -111.89 -33.86
C MET S 55 34.38 -112.41 -32.60
N ALA S 56 33.07 -112.65 -32.66
CA ALA S 56 32.37 -113.20 -31.51
C ALA S 56 32.87 -114.60 -31.17
N LYS S 57 33.15 -115.41 -32.19
CA LYS S 57 33.67 -116.75 -31.94
C LYS S 57 34.99 -116.69 -31.18
N VAL S 58 35.87 -115.77 -31.57
CA VAL S 58 37.11 -115.57 -30.82
C VAL S 58 36.79 -115.13 -29.40
N GLU S 59 35.86 -114.18 -29.26
CA GLU S 59 35.57 -113.60 -27.96
C GLU S 59 35.05 -114.64 -26.98
N LYS S 60 34.18 -115.53 -27.43
CA LYS S 60 33.40 -116.37 -26.54
C LYS S 60 34.29 -117.36 -25.79
N VAL S 61 33.85 -117.73 -24.60
CA VAL S 61 34.52 -118.70 -23.75
C VAL S 61 33.52 -119.79 -23.38
N ILE S 62 33.95 -121.05 -23.50
CA ILE S 62 33.11 -122.20 -23.24
C ILE S 62 33.87 -123.18 -22.37
N THR S 63 33.13 -124.12 -21.77
CA THR S 63 33.70 -125.11 -20.88
C THR S 63 33.18 -126.50 -21.24
N PRO S 64 34.03 -127.52 -21.15
CA PRO S 64 33.56 -128.88 -21.42
C PRO S 64 32.70 -129.39 -20.29
N PRO S 65 31.83 -130.36 -20.55
CA PRO S 65 31.00 -130.92 -19.47
C PRO S 65 31.79 -131.61 -18.38
N SER S 66 33.03 -132.04 -18.67
CA SER S 66 33.82 -132.74 -17.67
C SER S 66 34.09 -131.87 -16.46
N LYS S 67 34.45 -130.61 -16.68
CA LYS S 67 34.69 -129.67 -15.59
C LYS S 67 33.49 -128.79 -15.30
N ASP S 68 32.36 -129.01 -15.98
CA ASP S 68 31.17 -128.23 -15.73
C ASP S 68 30.55 -128.61 -14.38
N ASN S 69 30.92 -127.88 -13.33
CA ASN S 69 30.48 -128.20 -11.98
C ASN S 69 29.03 -127.74 -11.82
N THR S 70 28.10 -128.61 -12.22
CA THR S 70 26.68 -128.34 -12.09
C THR S 70 26.01 -129.59 -11.55
N LEU S 71 25.05 -129.39 -10.64
CA LEU S 71 24.32 -130.52 -10.08
C LEU S 71 23.55 -131.24 -11.17
N THR S 72 23.84 -132.53 -11.34
CA THR S 72 23.20 -133.33 -12.37
C THR S 72 21.84 -133.81 -11.87
N ILE S 73 21.23 -134.73 -12.62
CA ILE S 73 19.91 -135.26 -12.30
C ILE S 73 20.08 -136.40 -11.30
N PRO S 74 19.47 -136.33 -10.11
CA PRO S 74 19.58 -137.45 -9.16
C PRO S 74 18.88 -138.72 -9.64
N ASN S 75 18.06 -138.64 -10.69
CA ASN S 75 17.41 -139.81 -11.31
C ASN S 75 16.72 -140.70 -10.28
N ALA S 76 16.01 -140.08 -9.34
CA ALA S 76 15.26 -140.81 -8.33
C ALA S 76 13.78 -140.70 -8.64
N TYR S 77 13.08 -141.84 -8.61
CA TYR S 77 11.68 -141.87 -8.99
C TYR S 77 10.83 -141.00 -8.07
N ASN S 78 11.10 -141.04 -6.76
CA ASN S 78 10.30 -140.26 -5.82
C ASN S 78 10.44 -138.77 -6.06
N LEU S 79 11.47 -138.34 -6.78
CA LEU S 79 11.68 -136.94 -7.12
C LEU S 79 11.10 -136.57 -8.47
N GLN S 80 10.41 -137.49 -9.14
CA GLN S 80 9.83 -137.22 -10.45
C GLN S 80 8.40 -136.71 -10.37
N ALA S 81 8.04 -136.07 -9.26
CA ALA S 81 6.68 -135.60 -9.06
C ALA S 81 6.43 -134.35 -9.90
N ARG S 82 5.22 -133.80 -9.77
CA ARG S 82 4.80 -132.64 -10.54
C ARG S 82 4.20 -131.60 -9.60
N ALA S 83 4.66 -130.35 -9.73
CA ALA S 83 4.19 -129.24 -8.93
C ALA S 83 4.30 -127.96 -9.73
N SER S 84 3.54 -126.95 -9.33
CA SER S 84 3.61 -125.61 -9.91
C SER S 84 3.88 -124.64 -8.77
N VAL S 85 5.04 -123.97 -8.82
CA VAL S 85 5.51 -123.20 -7.68
C VAL S 85 6.06 -121.86 -8.16
N ASP S 86 5.74 -120.81 -7.42
CA ASP S 86 6.35 -119.51 -7.58
C ASP S 86 6.87 -119.03 -6.24
N TRP S 87 8.05 -118.42 -6.24
CA TRP S 87 8.67 -118.00 -4.99
C TRP S 87 9.71 -116.93 -5.27
N SER S 88 9.96 -116.11 -4.26
CA SER S 88 11.11 -115.22 -4.24
C SER S 88 11.58 -115.09 -2.80
N GLY S 89 12.88 -115.02 -2.60
CA GLY S 89 13.44 -114.82 -1.29
C GLY S 89 14.53 -115.80 -0.94
N PRO S 90 14.62 -116.16 0.34
CA PRO S 90 15.67 -117.09 0.80
C PRO S 90 15.54 -118.45 0.13
N ILE S 91 16.53 -119.30 0.40
CA ILE S 91 16.71 -120.55 -0.31
C ILE S 91 16.55 -121.75 0.61
N GLU S 92 17.08 -121.67 1.83
CA GLU S 92 17.08 -122.83 2.71
C GLU S 92 15.67 -123.27 3.07
N GLU S 93 14.80 -122.31 3.39
CA GLU S 93 13.41 -122.66 3.73
C GLU S 93 12.70 -123.32 2.55
N LEU S 94 12.90 -122.77 1.35
CA LEU S 94 12.28 -123.35 0.17
C LEU S 94 12.78 -124.77 -0.06
N THR S 95 14.10 -124.98 0.10
CA THR S 95 14.65 -126.32 -0.08
C THR S 95 14.09 -127.28 0.96
N ALA S 96 13.93 -126.83 2.20
CA ALA S 96 13.35 -127.68 3.23
C ALA S 96 11.93 -128.07 2.88
N ARG S 97 11.14 -127.10 2.39
CA ARG S 97 9.78 -127.43 1.98
C ARG S 97 9.77 -128.43 0.83
N ILE S 98 10.66 -128.25 -0.14
CA ILE S 98 10.72 -129.17 -1.27
C ILE S 98 11.07 -130.57 -0.80
N ALA S 99 12.07 -130.68 0.09
CA ALA S 99 12.46 -131.98 0.60
C ALA S 99 11.33 -132.64 1.37
N LYS S 100 10.61 -131.85 2.18
CA LYS S 100 9.49 -132.41 2.92
C LYS S 100 8.41 -132.92 1.97
N ALA S 101 8.12 -132.16 0.92
CA ALA S 101 7.18 -132.64 -0.09
C ALA S 101 7.69 -133.90 -0.77
N ALA S 102 9.00 -134.03 -0.92
CA ALA S 102 9.62 -135.19 -1.55
C ALA S 102 9.81 -136.35 -0.58
N HIS S 103 9.44 -136.17 0.68
CA HIS S 103 9.60 -137.21 1.70
C HIS S 103 11.07 -137.57 1.90
N PHE S 104 11.93 -136.56 1.85
CA PHE S 104 13.36 -136.73 2.07
C PHE S 104 13.80 -135.87 3.24
N ARG S 105 14.75 -136.38 4.00
CA ARG S 105 15.34 -135.59 5.07
C ARG S 105 16.17 -134.45 4.50
N PHE S 106 16.26 -133.37 5.26
CA PHE S 106 16.92 -132.15 4.81
C PHE S 106 17.88 -131.67 5.89
N ARG S 107 19.08 -131.29 5.48
CA ARG S 107 20.05 -130.79 6.46
C ARG S 107 20.91 -129.70 5.83
N VAL S 108 21.49 -128.88 6.69
CA VAL S 108 22.33 -127.76 6.28
C VAL S 108 23.67 -127.87 6.97
N LEU S 109 24.73 -127.48 6.27
CA LEU S 109 26.08 -127.48 6.81
C LEU S 109 26.72 -126.13 6.48
N GLY S 110 26.95 -125.33 7.52
CA GLY S 110 27.57 -124.03 7.37
C GLY S 110 26.90 -123.04 8.31
N LYS S 111 27.10 -121.76 8.02
CA LYS S 111 26.50 -120.67 8.78
C LYS S 111 25.68 -119.80 7.85
N SER S 112 24.76 -119.04 8.44
CA SER S 112 23.92 -118.14 7.68
C SER S 112 24.58 -116.77 7.59
N PRO S 113 24.95 -116.30 6.40
CA PRO S 113 25.49 -114.94 6.30
C PRO S 113 24.46 -113.91 6.73
N SER S 114 24.95 -112.80 7.30
CA SER S 114 24.06 -111.74 7.75
C SER S 114 23.16 -111.27 6.61
N VAL S 115 23.77 -110.96 5.46
CA VAL S 115 23.00 -110.75 4.25
C VAL S 115 22.69 -112.13 3.67
N PRO S 116 21.44 -112.52 3.56
CA PRO S 116 21.09 -113.87 3.12
C PRO S 116 21.30 -114.01 1.61
N VAL S 117 21.05 -115.22 1.13
CA VAL S 117 21.11 -115.53 -0.30
C VAL S 117 19.69 -115.60 -0.81
N LEU S 118 19.35 -114.72 -1.74
CA LEU S 118 17.99 -114.59 -2.23
C LEU S 118 17.91 -115.01 -3.69
N ILE S 119 16.80 -115.66 -4.04
CA ILE S 119 16.56 -116.15 -5.38
C ILE S 119 15.05 -116.10 -5.65
N SER S 120 14.68 -116.27 -6.91
CA SER S 120 13.29 -116.25 -7.31
C SER S 120 13.09 -117.17 -8.49
N ILE S 121 11.94 -117.84 -8.53
CA ILE S 121 11.61 -118.75 -9.62
C ILE S 121 10.10 -118.97 -9.67
N SER S 122 9.53 -118.90 -10.86
CA SER S 122 8.12 -119.21 -11.07
C SER S 122 8.03 -120.22 -12.20
N THR S 123 7.27 -121.29 -11.98
CA THR S 123 7.13 -122.32 -13.00
C THR S 123 5.88 -123.14 -12.72
N LYS S 124 5.41 -123.84 -13.75
CA LYS S 124 4.23 -124.69 -13.67
C LYS S 124 4.54 -126.17 -13.85
N ASP S 125 5.36 -126.53 -14.82
CA ASP S 125 5.71 -127.92 -15.08
C ASP S 125 7.23 -128.04 -15.14
N GLU S 126 7.83 -128.40 -14.02
CA GLU S 126 9.28 -128.57 -13.92
C GLU S 126 9.53 -129.48 -12.72
N SER S 127 9.99 -130.70 -12.99
CA SER S 127 10.06 -131.69 -11.92
C SER S 127 11.10 -131.29 -10.87
N LEU S 128 11.08 -132.03 -9.77
CA LEU S 128 11.82 -131.63 -8.57
C LEU S 128 13.33 -131.60 -8.84
N ALA S 129 13.84 -132.56 -9.60
CA ALA S 129 15.27 -132.63 -9.83
C ALA S 129 15.78 -131.39 -10.56
N GLU S 130 15.15 -131.05 -11.68
CA GLU S 130 15.55 -129.86 -12.41
C GLU S 130 15.23 -128.60 -11.63
N ILE S 131 14.21 -128.64 -10.78
CA ILE S 131 13.96 -127.51 -9.88
C ILE S 131 15.16 -127.28 -8.99
N LEU S 132 15.69 -128.35 -8.39
CA LEU S 132 16.86 -128.23 -7.53
C LEU S 132 18.07 -127.79 -8.33
N ARG S 133 18.22 -128.29 -9.55
CA ARG S 133 19.34 -127.88 -10.39
C ARG S 133 19.28 -126.38 -10.66
N ASP S 134 18.10 -125.87 -10.99
CA ASP S 134 17.93 -124.44 -11.18
C ASP S 134 18.22 -123.67 -9.91
N ILE S 135 17.79 -124.22 -8.76
CA ILE S 135 18.06 -123.58 -7.49
C ILE S 135 19.56 -123.43 -7.29
N ASP S 136 20.32 -124.50 -7.53
CA ASP S 136 21.76 -124.44 -7.35
C ASP S 136 22.40 -123.46 -8.32
N TYR S 137 21.95 -123.48 -9.57
CA TYR S 137 22.52 -122.57 -10.56
C TYR S 137 22.31 -121.12 -10.17
N GLN S 138 21.10 -120.78 -9.75
CA GLN S 138 20.83 -119.43 -9.30
C GLN S 138 21.55 -119.09 -8.01
N ALA S 139 21.78 -120.07 -7.14
CA ALA S 139 22.56 -119.84 -5.93
C ALA S 139 24.02 -119.60 -6.25
N GLY S 140 24.50 -120.10 -7.39
CA GLY S 140 25.87 -119.83 -7.75
C GLY S 140 26.86 -120.48 -6.81
N LYS S 141 27.97 -119.80 -6.59
CA LYS S 141 29.11 -120.38 -5.90
C LYS S 141 29.09 -120.17 -4.40
N LYS S 142 28.11 -119.41 -3.88
CA LYS S 142 28.05 -119.18 -2.44
C LYS S 142 27.58 -120.41 -1.69
N ALA S 143 26.94 -121.36 -2.37
CA ALA S 143 26.49 -122.57 -1.73
C ALA S 143 26.30 -123.65 -2.80
N SER S 144 26.21 -124.89 -2.32
CA SER S 144 25.99 -126.04 -3.18
C SER S 144 24.94 -126.92 -2.52
N ILE S 145 24.35 -127.80 -3.33
CA ILE S 145 23.37 -128.75 -2.83
C ILE S 145 23.74 -130.14 -3.33
N HIS S 146 23.56 -131.12 -2.46
CA HIS S 146 23.91 -132.49 -2.78
C HIS S 146 22.77 -133.41 -2.39
N VAL S 147 22.60 -134.47 -3.17
CA VAL S 147 21.51 -135.40 -3.00
C VAL S 147 22.08 -136.75 -2.58
N TYR S 148 21.27 -137.51 -1.85
CA TYR S 148 21.66 -138.86 -1.47
C TYR S 148 20.44 -139.77 -1.56
N PRO S 149 20.41 -140.68 -2.53
CA PRO S 149 19.34 -141.67 -2.60
C PRO S 149 19.60 -142.94 -1.82
N ASN S 150 20.84 -143.17 -1.37
CA ASN S 150 21.08 -144.28 -0.46
C ASN S 150 20.29 -144.09 0.83
N SER S 151 20.60 -143.02 1.56
CA SER S 151 19.75 -142.51 2.63
C SER S 151 19.09 -141.25 2.11
N GLN S 152 17.76 -141.24 2.07
CA GLN S 152 17.00 -140.29 1.26
C GLN S 152 17.12 -138.90 1.88
N VAL S 153 18.22 -138.22 1.54
CA VAL S 153 18.55 -136.96 2.19
C VAL S 153 19.03 -135.94 1.17
N VAL S 154 18.94 -134.67 1.56
CA VAL S 154 19.49 -133.56 0.80
C VAL S 154 20.31 -132.70 1.74
N GLU S 155 21.48 -132.25 1.28
CA GLU S 155 22.40 -131.45 2.07
C GLU S 155 22.62 -130.12 1.37
N LEU S 156 22.49 -129.03 2.13
CA LEU S 156 22.79 -127.69 1.64
C LEU S 156 24.09 -127.24 2.29
N ARG S 157 25.14 -127.13 1.50
CA ARG S 157 26.47 -126.77 2.00
C ARG S 157 26.75 -125.31 1.68
N TYR S 158 27.10 -124.53 2.70
CA TYR S 158 27.45 -123.14 2.48
C TYR S 158 28.85 -123.05 1.85
N ALA S 159 29.30 -121.81 1.64
CA ALA S 159 30.66 -121.57 1.19
C ALA S 159 31.42 -120.76 2.25
N LYS S 160 32.73 -120.90 2.25
CA LYS S 160 33.59 -120.20 3.20
C LYS S 160 34.54 -119.23 2.51
N ILE T 208 55.10 -138.00 -32.74
CA ILE T 208 54.78 -137.69 -34.13
C ILE T 208 53.29 -137.90 -34.38
N ILE T 209 52.68 -136.93 -35.06
CA ILE T 209 51.24 -136.98 -35.31
C ILE T 209 50.98 -137.84 -36.55
N TYR T 210 49.82 -138.50 -36.56
CA TYR T 210 49.43 -139.38 -37.65
C TYR T 210 47.99 -139.11 -38.05
N TYR T 211 47.70 -139.32 -39.33
CA TYR T 211 46.37 -139.12 -39.87
C TYR T 211 46.06 -140.23 -40.87
N ILE T 212 44.82 -140.73 -40.80
CA ILE T 212 44.45 -141.86 -41.66
C ILE T 212 44.41 -141.43 -43.12
N GLN T 213 44.48 -142.41 -44.00
CA GLN T 213 44.40 -142.20 -45.44
C GLN T 213 43.22 -142.90 -46.08
N ALA T 214 43.03 -144.19 -45.81
CA ALA T 214 41.93 -144.95 -46.37
C ALA T 214 41.57 -146.06 -45.40
N VAL T 215 40.34 -146.53 -45.50
CA VAL T 215 39.79 -147.48 -44.54
C VAL T 215 39.23 -148.68 -45.29
N ILE T 216 39.55 -149.87 -44.81
CA ILE T 216 38.90 -151.09 -45.25
C ILE T 216 38.42 -151.81 -44.00
N PRO T 217 37.38 -152.64 -44.11
CA PRO T 217 36.90 -153.35 -42.92
C PRO T 217 37.94 -154.29 -42.34
N GLY T 218 38.44 -153.97 -41.15
CA GLY T 218 39.41 -154.82 -40.48
C GLY T 218 40.79 -154.22 -40.31
N ARG T 219 41.28 -153.57 -41.37
CA ARG T 219 42.62 -152.99 -41.36
C ARG T 219 42.64 -151.80 -42.30
N ALA T 220 43.71 -151.01 -42.21
CA ALA T 220 43.75 -149.77 -42.99
C ALA T 220 45.19 -149.38 -43.27
N TRP T 221 45.35 -148.26 -43.97
CA TRP T 221 46.63 -147.73 -44.40
C TRP T 221 46.76 -146.30 -43.90
N LEU T 222 47.89 -145.99 -43.28
CA LEU T 222 48.03 -144.80 -42.45
C LEU T 222 49.32 -144.07 -42.80
N ILE T 223 49.31 -142.75 -42.58
CA ILE T 223 50.46 -141.89 -42.80
C ILE T 223 50.69 -141.04 -41.57
N GLY T 224 51.92 -140.58 -41.41
CA GLY T 224 52.28 -139.74 -40.29
C GLY T 224 52.84 -138.39 -40.69
N SER T 225 53.34 -137.64 -39.70
CA SER T 225 53.89 -136.32 -39.99
C SER T 225 55.18 -136.42 -40.80
N ASN T 226 55.92 -137.50 -40.66
CA ASN T 226 57.18 -137.68 -41.35
C ASN T 226 57.03 -138.31 -42.72
N GLY T 227 55.81 -138.60 -43.15
CA GLY T 227 55.60 -139.23 -44.43
C GLY T 227 55.91 -140.71 -44.47
N SER T 228 55.95 -141.37 -43.32
CA SER T 228 56.20 -142.81 -43.26
C SER T 228 54.87 -143.55 -43.32
N THR T 229 54.71 -144.38 -44.35
CA THR T 229 53.49 -145.15 -44.50
C THR T 229 53.46 -146.30 -43.49
N LEU T 230 52.26 -146.80 -43.23
CA LEU T 230 52.09 -147.88 -42.28
C LEU T 230 50.80 -148.64 -42.60
N THR T 231 50.79 -149.92 -42.26
CA THR T 231 49.61 -150.75 -42.38
C THR T 231 49.14 -151.14 -40.98
N VAL T 232 47.88 -150.82 -40.67
CA VAL T 232 47.37 -150.97 -39.31
C VAL T 232 46.34 -152.09 -39.30
N ARG T 233 46.61 -153.11 -38.48
CA ARG T 233 45.73 -154.23 -38.21
C ARG T 233 44.65 -153.80 -37.21
N GLU T 234 43.58 -154.60 -37.12
CA GLU T 234 42.58 -154.37 -36.10
C GLU T 234 43.21 -154.39 -34.71
N GLY T 235 44.08 -155.35 -34.45
CA GLY T 235 44.89 -155.34 -33.25
C GLY T 235 46.36 -155.21 -33.60
N SER T 236 46.95 -154.05 -33.30
CA SER T 236 48.35 -153.80 -33.61
C SER T 236 48.81 -152.60 -32.79
N LYS T 237 50.14 -152.48 -32.67
CA LYS T 237 50.75 -151.37 -31.94
C LYS T 237 50.99 -150.22 -32.90
N ILE T 238 50.58 -149.03 -32.49
CA ILE T 238 50.79 -147.80 -33.25
C ILE T 238 51.75 -146.92 -32.46
N PRO T 239 52.88 -146.51 -33.03
CA PRO T 239 53.85 -145.71 -32.26
C PRO T 239 53.27 -144.37 -31.86
N GLY T 240 53.54 -143.98 -30.62
CA GLY T 240 53.04 -142.72 -30.09
C GLY T 240 51.57 -142.68 -29.79
N TYR T 241 50.85 -143.78 -29.99
CA TYR T 241 49.42 -143.82 -29.72
C TYR T 241 49.06 -145.05 -28.91
N GLY T 242 49.86 -146.11 -29.04
CA GLY T 242 49.63 -147.32 -28.28
C GLY T 242 49.21 -148.50 -29.14
N MET T 243 48.03 -149.04 -28.86
CA MET T 243 47.50 -150.20 -29.58
C MET T 243 46.07 -149.92 -30.00
N VAL T 244 45.74 -150.29 -31.22
CA VAL T 244 44.40 -150.05 -31.75
C VAL T 244 43.43 -151.06 -31.14
N LYS T 245 42.34 -150.56 -30.57
CA LYS T 245 41.31 -151.41 -29.98
C LYS T 245 40.10 -151.59 -30.88
N LEU T 246 39.84 -150.66 -31.78
CA LEU T 246 38.67 -150.74 -32.65
C LEU T 246 38.81 -149.74 -33.78
N ILE T 247 38.39 -150.14 -34.97
CA ILE T 247 38.34 -149.26 -36.13
C ILE T 247 36.88 -149.13 -36.56
N ASP T 248 36.62 -148.13 -37.41
CA ASP T 248 35.30 -147.90 -37.96
C ASP T 248 35.43 -147.67 -39.45
N SER T 249 34.44 -148.15 -40.20
CA SER T 249 34.41 -147.96 -41.65
C SER T 249 33.40 -146.91 -42.08
N LEU T 250 32.18 -146.96 -41.54
CA LEU T 250 31.21 -145.92 -41.85
C LEU T 250 31.63 -144.58 -41.28
N GLN T 251 32.38 -144.58 -40.19
CA GLN T 251 32.96 -143.37 -39.63
C GLN T 251 34.48 -143.51 -39.64
N GLY T 252 35.16 -142.38 -39.76
CA GLY T 252 36.61 -142.39 -39.83
C GLY T 252 37.32 -142.54 -38.51
N ARG T 253 36.57 -142.61 -37.41
CA ARG T 253 37.21 -142.73 -36.10
C ARG T 253 37.87 -144.08 -35.95
N ILE T 254 39.08 -144.08 -35.39
CA ILE T 254 39.75 -145.31 -34.96
C ILE T 254 40.31 -145.07 -33.56
N LEU T 255 40.22 -146.09 -32.72
CA LEU T 255 40.48 -145.95 -31.29
C LEU T 255 41.80 -146.60 -30.91
N THR T 256 42.55 -145.95 -30.02
CA THR T 256 43.82 -146.44 -29.54
C THR T 256 43.70 -146.95 -28.11
N SER T 257 44.72 -147.69 -27.68
CA SER T 257 44.76 -148.16 -26.30
C SER T 257 44.81 -146.99 -25.33
N SER T 258 45.58 -145.95 -25.65
CA SER T 258 45.68 -144.77 -24.81
C SER T 258 44.40 -143.93 -24.79
N GLY T 259 43.34 -144.39 -25.46
CA GLY T 259 42.09 -143.66 -25.51
C GLY T 259 42.01 -142.61 -26.60
N GLN T 260 43.10 -142.38 -27.32
CA GLN T 260 43.08 -141.38 -28.38
C GLN T 260 42.27 -141.90 -29.57
N VAL T 261 41.76 -140.95 -30.37
CA VAL T 261 40.98 -141.26 -31.56
C VAL T 261 41.62 -140.58 -32.75
N ILE T 262 41.75 -141.31 -33.85
CA ILE T 262 42.31 -140.78 -35.08
C ILE T 262 41.20 -140.67 -36.12
N LYS T 263 41.25 -139.59 -36.91
CA LYS T 263 40.27 -139.30 -37.94
C LYS T 263 40.97 -139.00 -39.26
N PHE T 264 40.23 -138.54 -40.27
CA PHE T 264 40.84 -138.14 -41.52
C PHE T 264 41.58 -136.81 -41.36
N SER T 265 42.60 -136.62 -42.19
CA SER T 265 43.33 -135.36 -42.18
C SER T 265 42.50 -134.26 -42.82
N GLN T 266 42.59 -133.06 -42.24
CA GLN T 266 41.87 -131.91 -42.78
C GLN T 266 42.46 -131.46 -44.10
N GLY U 26 -0.88 -81.36 -58.12
CA GLY U 26 0.10 -81.36 -59.19
C GLY U 26 1.47 -80.91 -58.73
N ASP U 27 1.70 -80.97 -57.43
CA ASP U 27 2.97 -80.55 -56.84
C ASP U 27 4.02 -81.66 -56.84
N THR U 28 3.69 -82.83 -57.37
CA THR U 28 4.66 -83.92 -57.52
C THR U 28 5.49 -83.72 -58.78
N GLY U 29 4.83 -83.67 -59.94
CA GLY U 29 5.48 -83.24 -61.15
C GLY U 29 5.63 -81.74 -61.09
N SER U 30 6.56 -81.30 -60.24
CA SER U 30 6.61 -79.88 -59.86
C SER U 30 6.72 -78.97 -61.06
N LEU U 31 7.43 -79.38 -62.10
CA LEU U 31 7.52 -78.57 -63.31
C LEU U 31 6.14 -78.38 -63.92
N ALA U 32 5.38 -79.46 -64.08
CA ALA U 32 4.04 -79.35 -64.64
C ALA U 32 3.13 -78.53 -63.75
N GLY U 33 3.21 -78.75 -62.44
CA GLY U 33 2.38 -77.99 -61.52
C GLY U 33 2.67 -76.51 -61.56
N LEU U 34 3.95 -76.15 -61.63
CA LEU U 34 4.32 -74.75 -61.68
C LEU U 34 3.97 -74.13 -63.03
N GLN U 35 4.06 -74.89 -64.12
CA GLN U 35 3.61 -74.36 -65.40
C GLN U 35 2.09 -74.14 -65.39
N ALA U 36 1.35 -75.03 -64.74
CA ALA U 36 -0.08 -74.79 -64.56
C ALA U 36 -0.33 -73.54 -63.73
N MET U 37 0.47 -73.33 -62.69
CA MET U 37 0.36 -72.10 -61.90
C MET U 37 0.65 -70.87 -62.74
N ALA U 38 1.67 -70.95 -63.61
CA ALA U 38 1.99 -69.84 -64.50
C ALA U 38 0.86 -69.59 -65.49
N ASP U 39 0.13 -70.64 -65.87
CA ASP U 39 -1.05 -70.46 -66.71
C ASP U 39 -2.04 -69.54 -66.01
N SER U 40 -2.55 -68.55 -66.74
CA SER U 40 -3.33 -67.49 -66.12
C SER U 40 -4.68 -67.98 -65.62
N LYS U 41 -5.36 -68.84 -66.39
CA LYS U 41 -6.71 -69.24 -66.04
C LYS U 41 -6.76 -70.00 -64.72
N TYR U 42 -5.70 -70.73 -64.37
CA TYR U 42 -5.68 -71.43 -63.10
C TYR U 42 -5.58 -70.45 -61.94
N THR U 43 -4.85 -69.35 -62.12
CA THR U 43 -4.76 -68.34 -61.07
C THR U 43 -6.12 -67.74 -60.77
N ARG U 44 -6.90 -67.42 -61.81
CA ARG U 44 -8.23 -66.87 -61.57
C ARG U 44 -9.19 -67.94 -61.05
N ALA U 45 -9.02 -69.19 -61.47
CA ALA U 45 -9.82 -70.27 -60.94
C ALA U 45 -9.54 -70.52 -59.47
N GLN U 46 -8.35 -70.14 -58.99
CA GLN U 46 -8.05 -70.25 -57.57
C GLN U 46 -8.99 -69.41 -56.72
N LYS U 47 -9.33 -68.21 -57.20
CA LYS U 47 -10.10 -67.27 -56.39
C LYS U 47 -11.53 -67.78 -56.15
N LYS U 48 -12.17 -68.35 -57.16
CA LYS U 48 -13.54 -68.79 -57.00
C LYS U 48 -13.66 -69.89 -55.95
N GLN U 49 -12.67 -70.80 -55.90
CA GLN U 49 -12.69 -71.84 -54.87
C GLN U 49 -12.26 -71.30 -53.51
N LYS U 50 -11.34 -70.33 -53.49
CA LYS U 50 -10.99 -69.70 -52.22
C LYS U 50 -12.18 -69.00 -51.60
N MET U 51 -13.10 -68.52 -52.45
CA MET U 51 -14.35 -67.92 -51.97
C MET U 51 -15.07 -68.85 -51.00
N GLY U 52 -15.24 -70.11 -51.39
CA GLY U 52 -15.86 -71.07 -50.49
C GLY U 52 -14.93 -71.58 -49.41
N LYS U 53 -13.63 -71.63 -49.69
CA LYS U 53 -12.68 -72.16 -48.72
C LYS U 53 -12.55 -71.25 -47.49
N ILE U 54 -12.76 -69.94 -47.66
CA ILE U 54 -12.57 -69.05 -46.52
C ILE U 54 -13.67 -69.21 -45.47
N ARG U 55 -14.88 -69.58 -45.87
CA ARG U 55 -16.05 -69.46 -45.00
C ARG U 55 -16.46 -70.76 -44.32
N GLU U 56 -16.49 -71.87 -45.05
CA GLU U 56 -17.19 -73.08 -44.59
C GLU U 56 -16.68 -73.65 -43.28
N MET U 57 -15.59 -73.08 -42.72
CA MET U 57 -14.93 -73.69 -41.57
C MET U 57 -15.87 -73.94 -40.41
N ALA U 58 -16.71 -72.96 -40.06
CA ALA U 58 -17.53 -73.07 -38.85
C ALA U 58 -18.51 -74.23 -38.96
N LEU U 59 -19.00 -74.51 -40.17
CA LEU U 59 -19.97 -75.58 -40.35
C LEU U 59 -19.39 -76.92 -39.94
N LYS U 60 -18.13 -77.19 -40.31
CA LYS U 60 -17.53 -78.47 -39.95
C LYS U 60 -17.37 -78.57 -38.44
N GLU U 61 -17.00 -77.48 -37.77
CA GLU U 61 -16.87 -77.50 -36.32
C GLU U 61 -18.20 -77.81 -35.67
N THR U 62 -19.26 -77.13 -36.12
CA THR U 62 -20.58 -77.36 -35.55
C THR U 62 -21.03 -78.80 -35.76
N ALA U 63 -20.84 -79.31 -36.97
CA ALA U 63 -21.26 -80.67 -37.28
C ALA U 63 -20.51 -81.67 -36.41
N LEU U 64 -19.19 -81.48 -36.28
CA LEU U 64 -18.41 -82.40 -35.45
C LEU U 64 -18.86 -82.35 -34.01
N SER U 65 -19.11 -81.15 -33.48
CA SER U 65 -19.50 -81.04 -32.07
C SER U 65 -20.84 -81.71 -31.83
N VAL U 66 -21.83 -81.43 -32.67
CA VAL U 66 -23.15 -82.01 -32.44
C VAL U 66 -23.11 -83.52 -32.65
N GLY U 67 -22.34 -84.00 -33.62
CA GLY U 67 -22.20 -85.44 -33.79
C GLY U 67 -21.56 -86.09 -32.60
N ALA U 68 -20.54 -85.44 -32.03
CA ALA U 68 -19.91 -85.96 -30.82
C ALA U 68 -20.92 -86.06 -29.69
N GLN U 69 -21.73 -85.02 -29.50
CA GLN U 69 -22.71 -85.05 -28.42
C GLN U 69 -23.71 -86.19 -28.63
N ALA U 70 -24.28 -86.28 -29.83
CA ALA U 70 -25.29 -87.31 -30.10
C ALA U 70 -24.70 -88.70 -29.92
N GLY U 71 -23.52 -88.94 -30.49
CA GLY U 71 -22.91 -90.24 -30.37
C GLY U 71 -22.59 -90.61 -28.93
N LEU U 72 -22.02 -89.67 -28.19
CA LEU U 72 -21.70 -89.94 -26.79
C LEU U 72 -22.95 -90.32 -26.01
N ALA U 73 -24.00 -89.52 -26.15
CA ALA U 73 -25.22 -89.80 -25.38
C ALA U 73 -25.81 -91.15 -25.77
N TRP U 74 -25.95 -91.40 -27.07
CA TRP U 74 -26.59 -92.64 -27.51
C TRP U 74 -25.79 -93.86 -27.09
N ARG U 75 -24.47 -93.80 -27.27
CA ARG U 75 -23.63 -94.93 -26.89
C ARG U 75 -23.67 -95.14 -25.39
N ALA U 76 -23.68 -94.06 -24.60
CA ALA U 76 -23.77 -94.21 -23.16
C ALA U 76 -25.06 -94.91 -22.76
N LYS U 77 -26.17 -94.50 -23.36
CA LYS U 77 -27.44 -95.15 -23.04
C LYS U 77 -27.40 -96.63 -23.39
N ILE U 78 -26.90 -96.95 -24.59
CA ILE U 78 -26.89 -98.33 -25.04
C ILE U 78 -26.00 -99.18 -24.13
N ILE U 79 -24.82 -98.67 -23.80
CA ILE U 79 -23.89 -99.45 -23.00
C ILE U 79 -24.42 -99.62 -21.58
N ASP U 80 -25.08 -98.59 -21.03
CA ASP U 80 -25.68 -98.74 -19.71
C ASP U 80 -26.73 -99.84 -19.71
N GLU U 81 -27.61 -99.83 -20.73
CA GLU U 81 -28.63 -100.87 -20.81
C GLU U 81 -27.99 -102.24 -20.94
N GLN U 82 -27.00 -102.37 -21.81
CA GLN U 82 -26.37 -103.67 -22.04
C GLN U 82 -25.70 -104.17 -20.78
N LEU U 83 -24.98 -103.29 -20.08
CA LEU U 83 -24.32 -103.67 -18.83
C LEU U 83 -25.34 -104.11 -17.79
N ASN U 84 -26.44 -103.36 -17.67
CA ASN U 84 -27.46 -103.74 -16.71
C ASN U 84 -28.06 -105.10 -17.04
N LYS U 85 -28.16 -105.43 -18.33
CA LYS U 85 -28.84 -106.66 -18.73
C LYS U 85 -28.18 -107.92 -18.18
N GLN U 86 -26.91 -107.86 -17.77
CA GLN U 86 -26.17 -109.03 -17.33
C GLN U 86 -25.61 -108.83 -15.93
N ALA U 87 -26.43 -108.29 -15.04
CA ALA U 87 -25.93 -107.91 -13.71
C ALA U 87 -25.45 -109.12 -12.92
N ARG U 88 -26.22 -110.22 -12.96
CA ARG U 88 -25.98 -111.35 -12.06
C ARG U 88 -24.54 -111.82 -12.11
N ASN U 89 -23.97 -111.90 -13.30
CA ASN U 89 -22.59 -112.36 -13.43
C ASN U 89 -21.63 -111.42 -12.73
N LEU U 90 -21.84 -110.11 -12.88
CA LEU U 90 -20.97 -109.14 -12.23
C LEU U 90 -21.05 -109.27 -10.72
N ASP U 91 -22.28 -109.41 -10.20
CA ASP U 91 -22.45 -109.56 -8.76
C ASP U 91 -21.75 -110.81 -8.27
N ALA U 92 -21.88 -111.92 -9.00
CA ALA U 92 -21.24 -113.15 -8.59
C ALA U 92 -19.73 -113.01 -8.58
N ILE U 93 -19.16 -112.39 -9.62
CA ILE U 93 -17.71 -112.34 -9.71
C ILE U 93 -17.13 -111.39 -8.67
N TYR U 94 -17.77 -110.25 -8.45
CA TYR U 94 -17.22 -109.24 -7.53
C TYR U 94 -17.89 -109.35 -6.16
N ASP U 95 -17.78 -110.52 -5.55
CA ASP U 95 -18.38 -110.77 -4.24
C ASP U 95 -17.44 -110.23 -3.17
N PHE U 96 -17.52 -108.92 -2.97
CA PHE U 96 -16.79 -108.30 -1.87
C PHE U 96 -17.16 -108.92 -0.54
N ASN U 97 -18.44 -109.26 -0.37
CA ASN U 97 -18.91 -109.87 0.87
C ASN U 97 -18.15 -111.15 1.17
N SER U 98 -17.79 -111.91 0.14
CA SER U 98 -16.97 -113.10 0.35
C SER U 98 -15.57 -112.75 0.81
N LEU U 99 -15.17 -111.49 0.71
CA LEU U 99 -13.80 -111.09 1.05
C LEU U 99 -13.72 -110.28 2.33
N VAL U 100 -14.83 -109.71 2.80
CA VAL U 100 -14.79 -108.90 4.01
C VAL U 100 -14.24 -109.71 5.18
N LEU U 101 -13.64 -109.01 6.13
CA LEU U 101 -13.06 -109.64 7.31
C LEU U 101 -14.08 -109.74 8.43
N GLU U 102 -13.73 -110.54 9.45
CA GLU U 102 -14.68 -110.87 10.51
C GLU U 102 -15.11 -109.65 11.32
N HIS U 103 -14.38 -108.55 11.26
CA HIS U 103 -14.78 -107.33 11.95
C HIS U 103 -15.37 -106.29 11.00
N ASN U 104 -15.91 -106.73 9.85
CA ASN U 104 -16.52 -105.83 8.87
C ASN U 104 -15.54 -104.76 8.42
N ILE U 105 -14.30 -105.18 8.18
CA ILE U 105 -13.24 -104.29 7.73
C ILE U 105 -12.75 -104.78 6.38
N LEU U 106 -12.75 -103.89 5.39
CA LEU U 106 -12.25 -104.23 4.08
C LEU U 106 -10.75 -104.48 4.14
N PRO U 107 -10.26 -105.57 3.55
CA PRO U 107 -8.81 -105.77 3.53
C PRO U 107 -8.13 -104.70 2.73
N PRO U 108 -6.86 -104.39 3.04
CA PRO U 108 -6.18 -103.29 2.36
C PRO U 108 -5.87 -103.60 0.91
N VAL U 109 -5.19 -102.68 0.23
CA VAL U 109 -4.88 -102.80 -1.19
C VAL U 109 -3.37 -102.91 -1.35
N LEU U 110 -2.93 -103.91 -2.09
CA LEU U 110 -1.51 -104.15 -2.31
C LEU U 110 -1.22 -104.16 -3.80
N LEU U 111 -0.08 -103.58 -4.18
CA LEU U 111 0.36 -103.53 -5.56
C LEU U 111 1.74 -104.15 -5.67
N GLU U 112 1.95 -104.91 -6.75
CA GLU U 112 3.16 -105.66 -6.97
C GLU U 112 4.01 -105.00 -8.05
N GLY U 113 5.28 -105.36 -8.07
CA GLY U 113 6.17 -104.96 -9.14
C GLY U 113 7.28 -105.97 -9.33
N ARG U 114 7.51 -106.40 -10.57
CA ARG U 114 8.48 -107.44 -10.87
C ARG U 114 9.57 -106.89 -11.77
N ASN U 115 10.83 -107.16 -11.38
CA ASN U 115 12.00 -106.78 -12.15
C ASN U 115 12.05 -105.27 -12.36
N THR U 116 12.17 -104.56 -11.25
CA THR U 116 12.29 -103.11 -11.28
C THR U 116 13.67 -102.70 -11.75
N LEU U 117 13.72 -101.78 -12.73
CA LEU U 117 14.96 -101.23 -13.23
C LEU U 117 14.83 -99.72 -13.36
N ASN U 118 15.82 -99.00 -12.86
CA ASN U 118 15.87 -97.55 -12.94
C ASN U 118 17.27 -97.10 -13.32
N LEU U 119 17.39 -96.41 -14.43
CA LEU U 119 18.61 -95.72 -14.81
C LEU U 119 18.45 -94.28 -14.34
N ALA U 120 19.09 -93.95 -13.22
CA ALA U 120 18.97 -92.58 -12.72
C ALA U 120 19.69 -91.61 -13.64
N ASP U 121 20.91 -91.95 -14.01
CA ASP U 121 21.72 -91.22 -14.99
C ASP U 121 22.94 -92.08 -15.25
N ALA U 122 23.92 -91.55 -15.96
CA ALA U 122 25.19 -92.24 -16.11
C ALA U 122 25.78 -92.51 -14.73
N GLN U 123 26.38 -93.70 -14.59
CA GLN U 123 26.98 -94.15 -13.33
C GLN U 123 25.94 -94.39 -12.25
N SER U 124 24.69 -94.66 -12.64
CA SER U 124 23.64 -94.87 -11.64
C SER U 124 22.58 -95.81 -12.21
N ILE U 125 22.72 -97.10 -11.90
CA ILE U 125 21.75 -98.13 -12.28
C ILE U 125 21.28 -98.82 -11.00
N ARG U 126 19.97 -99.04 -10.91
CA ARG U 126 19.38 -99.69 -9.75
C ARG U 126 18.39 -100.73 -10.22
N ILE U 127 18.49 -101.94 -9.67
CA ILE U 127 17.59 -103.02 -10.03
C ILE U 127 17.08 -103.70 -8.77
N SER U 128 15.94 -104.37 -8.91
CA SER U 128 15.37 -105.15 -7.83
C SER U 128 14.51 -106.25 -8.44
N ASP U 129 14.53 -107.43 -7.80
CA ASP U 129 13.75 -108.54 -8.31
C ASP U 129 12.26 -108.24 -8.22
N ARG U 130 11.79 -107.84 -7.04
CA ARG U 130 10.37 -107.52 -6.86
C ARG U 130 10.23 -106.46 -5.79
N THR U 131 9.04 -105.87 -5.75
CA THR U 131 8.72 -104.86 -4.75
C THR U 131 7.22 -104.84 -4.53
N TYR U 132 6.83 -104.34 -3.36
CA TYR U 132 5.44 -104.34 -2.94
C TYR U 132 5.09 -103.00 -2.30
N LYS U 133 3.92 -102.47 -2.65
CA LYS U 133 3.46 -101.17 -2.20
C LYS U 133 2.06 -101.29 -1.60
N VAL U 134 1.83 -100.58 -0.50
CA VAL U 134 0.49 -100.45 0.04
C VAL U 134 -0.19 -99.27 -0.63
N ALA U 135 -1.39 -99.49 -1.17
CA ALA U 135 -2.12 -98.42 -1.84
C ALA U 135 -3.08 -97.71 -0.90
N LYS U 136 -4.04 -98.45 -0.34
CA LYS U 136 -5.04 -97.89 0.56
C LYS U 136 -5.06 -98.72 1.83
N GLN U 137 -4.88 -98.05 2.97
CA GLN U 137 -4.90 -98.74 4.25
C GLN U 137 -6.28 -99.30 4.54
N ALA U 138 -6.30 -100.52 5.09
CA ALA U 138 -7.57 -101.15 5.44
C ALA U 138 -8.30 -100.32 6.49
N HIS U 139 -9.63 -100.31 6.39
CA HIS U 139 -10.44 -99.52 7.30
C HIS U 139 -11.83 -100.13 7.37
N PHE U 140 -12.59 -99.71 8.37
CA PHE U 140 -13.96 -100.17 8.54
C PHE U 140 -14.84 -99.69 7.39
N ILE U 141 -15.94 -100.40 7.19
CA ILE U 141 -16.96 -100.04 6.23
C ILE U 141 -18.33 -100.30 6.85
N THR U 142 -19.37 -99.98 6.11
CA THR U 142 -20.75 -100.31 6.48
C THR U 142 -21.32 -101.42 5.62
N THR U 143 -21.23 -101.30 4.31
CA THR U 143 -21.74 -102.28 3.38
C THR U 143 -20.67 -102.60 2.34
N PRO U 144 -20.70 -103.81 1.78
CA PRO U 144 -19.74 -104.16 0.74
C PRO U 144 -19.96 -103.33 -0.51
N PRO U 145 -18.90 -102.77 -1.09
CA PRO U 145 -19.06 -102.01 -2.33
C PRO U 145 -19.54 -102.90 -3.45
N THR U 146 -20.30 -102.31 -4.37
CA THR U 146 -20.85 -103.03 -5.50
C THR U 146 -20.26 -102.51 -6.80
N TRP U 147 -20.36 -103.34 -7.84
CA TRP U 147 -19.84 -102.97 -9.15
C TRP U 147 -20.52 -101.74 -9.71
N ARG U 148 -21.74 -101.44 -9.26
CA ARG U 148 -22.43 -100.25 -9.74
C ARG U 148 -21.68 -98.98 -9.36
N GLN U 149 -21.08 -98.96 -8.18
CA GLN U 149 -20.32 -97.81 -7.73
C GLN U 149 -19.08 -97.56 -8.59
N TYR U 150 -18.67 -98.53 -9.40
CA TYR U 150 -17.47 -98.39 -10.21
C TYR U 150 -17.72 -98.48 -11.71
N LEU U 151 -18.91 -98.88 -12.14
CA LEU U 151 -19.12 -99.17 -13.55
C LEU U 151 -20.29 -98.44 -14.18
N TRP U 152 -21.20 -97.87 -13.40
CA TRP U 152 -22.36 -97.24 -14.01
C TRP U 152 -21.94 -95.98 -14.76
N MET U 153 -22.19 -95.97 -16.06
CA MET U 153 -21.94 -94.78 -16.85
C MET U 153 -23.05 -93.76 -16.61
N ASP U 154 -22.66 -92.53 -16.30
CA ASP U 154 -23.65 -91.47 -16.14
C ASP U 154 -24.34 -91.19 -17.47
N TYR U 155 -25.65 -91.00 -17.42
CA TYR U 155 -26.42 -90.74 -18.62
C TYR U 155 -27.52 -89.73 -18.34
N VAL U 156 -27.52 -88.64 -19.10
CA VAL U 156 -28.61 -87.68 -19.11
C VAL U 156 -28.98 -87.41 -20.55
N LYS U 157 -30.26 -87.51 -20.87
CA LYS U 157 -30.70 -87.31 -22.25
C LYS U 157 -30.74 -85.82 -22.57
N PRO U 158 -29.96 -85.35 -23.54
CA PRO U 158 -30.10 -83.96 -23.98
C PRO U 158 -31.02 -83.86 -25.18
N GLU U 159 -31.86 -82.83 -25.21
CA GLU U 159 -32.78 -82.59 -26.32
C GLU U 159 -32.74 -81.13 -26.73
N ALA U 160 -31.55 -80.54 -26.75
CA ALA U 160 -31.36 -79.12 -27.08
C ALA U 160 -30.33 -79.02 -28.19
N PRO U 161 -30.74 -79.16 -29.45
CA PRO U 161 -29.78 -79.02 -30.55
C PRO U 161 -29.47 -77.57 -30.86
N ASN U 162 -28.28 -77.11 -30.48
CA ASN U 162 -27.87 -75.73 -30.66
C ASN U 162 -27.16 -75.62 -32.01
N VAL U 163 -27.78 -74.91 -32.95
CA VAL U 163 -27.21 -74.67 -34.26
C VAL U 163 -27.04 -73.16 -34.45
N THR U 164 -25.82 -72.74 -34.77
CA THR U 164 -25.56 -71.33 -35.01
C THR U 164 -25.90 -70.96 -36.46
N LEU U 165 -25.29 -71.66 -37.41
CA LEU U 165 -25.50 -71.41 -38.83
C LEU U 165 -25.92 -72.70 -39.51
N LEU U 166 -26.74 -72.58 -40.53
CA LEU U 166 -27.25 -73.74 -41.24
C LEU U 166 -26.60 -73.85 -42.61
N PRO U 167 -26.45 -75.07 -43.13
CA PRO U 167 -25.91 -75.23 -44.49
C PRO U 167 -26.86 -74.63 -45.52
N LYS U 168 -26.26 -74.16 -46.62
CA LYS U 168 -27.01 -73.46 -47.66
C LYS U 168 -27.25 -74.34 -48.89
N THR U 169 -26.20 -74.91 -49.47
CA THR U 169 -26.32 -75.69 -50.69
C THR U 169 -25.89 -77.13 -50.44
N LYS U 170 -25.85 -77.89 -51.54
CA LYS U 170 -25.64 -79.34 -51.46
C LYS U 170 -24.25 -79.67 -50.90
N ALA U 171 -23.23 -78.93 -51.30
CA ALA U 171 -21.87 -79.24 -50.85
C ALA U 171 -21.75 -79.09 -49.34
N GLU U 172 -22.19 -77.95 -48.81
CA GLU U 172 -22.11 -77.76 -47.37
C GLU U 172 -23.02 -78.73 -46.63
N LYS U 173 -24.19 -79.05 -47.19
CA LYS U 173 -25.06 -80.03 -46.56
C LYS U 173 -24.37 -81.39 -46.46
N GLU U 174 -23.72 -81.82 -47.54
CA GLU U 174 -23.07 -83.12 -47.53
C GLU U 174 -21.88 -83.14 -46.57
N ILE U 175 -21.08 -82.09 -46.57
CA ILE U 175 -19.95 -82.08 -45.64
C ILE U 175 -20.45 -82.02 -44.20
N TRP U 176 -21.56 -81.31 -43.97
CA TRP U 176 -22.17 -81.32 -42.64
C TRP U 176 -22.59 -82.72 -42.25
N CYS U 177 -23.17 -83.47 -43.18
CA CYS U 177 -23.57 -84.85 -42.88
C CYS U 177 -22.35 -85.70 -42.52
N ILE U 178 -21.29 -85.62 -43.33
CA ILE U 178 -20.14 -86.49 -43.12
C ILE U 178 -19.44 -86.14 -41.82
N TYR U 179 -19.37 -84.84 -41.49
CA TYR U 179 -18.73 -84.45 -40.24
C TYR U 179 -19.59 -84.78 -39.03
N THR U 180 -20.92 -84.76 -39.19
CA THR U 180 -21.79 -85.25 -38.13
C THR U 180 -21.52 -86.72 -37.87
N GLU U 181 -21.36 -87.50 -38.93
CA GLU U 181 -21.03 -88.92 -38.78
C GLU U 181 -19.67 -89.09 -38.08
N ARG U 182 -18.69 -88.29 -38.48
CA ARG U 182 -17.38 -88.36 -37.85
C ARG U 182 -17.47 -88.07 -36.36
N GLY U 183 -18.21 -87.03 -35.99
CA GLY U 183 -18.39 -86.73 -34.58
C GLY U 183 -19.09 -87.83 -33.83
N TRP U 184 -20.09 -88.46 -34.47
CA TRP U 184 -20.73 -89.61 -33.88
C TRP U 184 -19.69 -90.67 -33.53
N LYS U 185 -18.82 -90.99 -34.48
CA LYS U 185 -17.80 -92.00 -34.25
C LYS U 185 -16.87 -91.60 -33.11
N ASN U 186 -16.45 -90.32 -33.11
CA ASN U 186 -15.53 -89.87 -32.08
C ASN U 186 -16.14 -89.96 -30.68
N GLY U 187 -17.41 -89.58 -30.56
CA GLY U 187 -18.08 -89.70 -29.28
C GLY U 187 -18.19 -91.15 -28.83
N ILE U 188 -18.50 -92.04 -29.77
CA ILE U 188 -18.54 -93.46 -29.45
C ILE U 188 -17.20 -93.90 -28.89
N ASP U 189 -16.12 -93.50 -29.56
CA ASP U 189 -14.79 -93.92 -29.13
C ASP U 189 -14.47 -93.39 -27.74
N GLN U 190 -14.80 -92.13 -27.47
CA GLN U 190 -14.53 -91.57 -26.15
C GLN U 190 -15.30 -92.31 -25.07
N ALA U 191 -16.57 -92.62 -25.35
CA ALA U 191 -17.36 -93.38 -24.37
C ALA U 191 -16.73 -94.72 -24.07
N ASN U 192 -16.29 -95.42 -25.12
CA ASN U 192 -15.64 -96.71 -24.91
C ASN U 192 -14.38 -96.56 -24.09
N THR U 193 -13.62 -95.49 -24.34
CA THR U 193 -12.39 -95.25 -23.58
C THR U 193 -12.70 -95.07 -22.10
N ILE U 194 -13.73 -94.28 -21.80
CA ILE U 194 -14.08 -94.04 -20.39
C ILE U 194 -14.49 -95.34 -19.72
N LEU U 195 -15.32 -96.13 -20.42
CA LEU U 195 -15.73 -97.42 -19.88
C LEU U 195 -14.53 -98.28 -19.56
N GLU U 196 -13.58 -98.34 -20.51
CA GLU U 196 -12.41 -99.18 -20.31
C GLU U 196 -11.57 -98.70 -19.12
N GLU U 197 -11.44 -97.38 -18.96
CA GLU U 197 -10.69 -96.87 -17.81
C GLU U 197 -11.36 -97.26 -16.50
N ASN U 198 -12.69 -97.14 -16.43
CA ASN U 198 -13.38 -97.54 -15.21
C ASN U 198 -13.20 -99.03 -14.93
N ILE U 199 -13.29 -99.85 -15.96
CA ILE U 199 -13.08 -101.30 -15.80
C ILE U 199 -11.69 -101.56 -15.25
N ALA U 200 -10.69 -100.89 -15.81
CA ALA U 200 -9.32 -101.09 -15.34
C ALA U 200 -9.21 -100.71 -13.87
N ARG U 201 -9.84 -99.60 -13.47
CA ARG U 201 -9.74 -99.16 -12.09
C ARG U 201 -10.33 -100.19 -11.13
N ILE U 202 -11.55 -100.64 -11.41
CA ILE U 202 -12.19 -101.58 -10.49
C ILE U 202 -11.44 -102.90 -10.46
N LYS U 203 -10.96 -103.36 -11.63
CA LYS U 203 -10.17 -104.57 -11.66
C LYS U 203 -8.91 -104.41 -10.83
N GLU U 204 -8.28 -103.24 -10.89
CA GLU U 204 -7.09 -102.99 -10.09
C GLU U 204 -7.40 -103.10 -8.61
N ASP U 205 -8.53 -102.54 -8.18
CA ASP U 205 -8.85 -102.61 -6.75
C ASP U 205 -9.09 -104.05 -6.32
N PHE U 206 -9.86 -104.80 -7.11
CA PHE U 206 -10.13 -106.20 -6.76
C PHE U 206 -8.85 -107.01 -6.74
N GLY U 207 -7.96 -106.77 -7.71
CA GLY U 207 -6.70 -107.46 -7.73
C GLY U 207 -5.85 -107.14 -6.52
N GLY U 208 -5.85 -105.89 -6.09
CA GLY U 208 -5.13 -105.54 -4.88
C GLY U 208 -5.66 -106.29 -3.66
N MET U 209 -6.98 -106.38 -3.54
CA MET U 209 -7.56 -107.10 -2.41
C MET U 209 -7.16 -108.58 -2.43
N ILE U 210 -7.30 -109.22 -3.59
CA ILE U 210 -7.01 -110.64 -3.65
C ILE U 210 -5.52 -110.89 -3.44
N LEU U 211 -4.68 -109.96 -3.92
CA LEU U 211 -3.26 -110.04 -3.68
C LEU U 211 -2.95 -109.98 -2.20
N TYR U 212 -3.63 -109.09 -1.47
CA TYR U 212 -3.43 -109.06 -0.02
C TYR U 212 -3.81 -110.38 0.61
N ARG U 213 -4.94 -110.95 0.17
CA ARG U 213 -5.34 -112.24 0.73
C ARG U 213 -4.25 -113.29 0.50
N LYS U 214 -3.74 -113.35 -0.72
CA LYS U 214 -2.70 -114.33 -1.04
C LYS U 214 -1.45 -114.09 -0.19
N LEU U 215 -1.07 -112.84 -0.01
CA LEU U 215 0.12 -112.55 0.78
C LEU U 215 -0.06 -112.92 2.24
N LEU U 216 -1.24 -112.64 2.79
CA LEU U 216 -1.51 -113.04 4.17
C LEU U 216 -1.44 -114.55 4.31
N ALA U 217 -1.92 -115.27 3.30
CA ALA U 217 -1.70 -116.71 3.29
C ALA U 217 -0.20 -117.03 3.27
N MET U 218 0.56 -116.27 2.49
CA MET U 218 2.00 -116.49 2.39
C MET U 218 2.71 -116.17 3.71
N ASN U 219 2.03 -115.49 4.63
CA ASN U 219 2.60 -115.07 5.90
C ASN U 219 3.80 -114.14 5.67
N MET U 220 3.49 -112.99 5.07
CA MET U 220 4.47 -111.92 4.89
C MET U 220 3.91 -110.57 5.31
N VAL U 221 2.72 -110.54 5.93
CA VAL U 221 2.10 -109.30 6.37
C VAL U 221 1.47 -109.55 7.73
N SER U 222 1.60 -108.57 8.62
CA SER U 222 0.96 -108.67 9.92
C SER U 222 -0.55 -108.54 9.77
N PRO U 223 -1.34 -109.48 10.30
CA PRO U 223 -2.78 -109.33 10.22
C PRO U 223 -3.25 -108.16 11.07
N PRO U 224 -4.37 -107.53 10.72
CA PRO U 224 -4.87 -106.42 11.53
C PRO U 224 -5.28 -106.90 12.91
N TYR U 225 -5.17 -105.99 13.88
CA TYR U 225 -5.54 -106.29 15.25
C TYR U 225 -6.45 -105.18 15.78
N VAL U 226 -7.56 -105.57 16.40
CA VAL U 226 -8.53 -104.63 16.93
C VAL U 226 -8.98 -105.10 18.30
N SER U 227 -8.89 -104.23 19.29
CA SER U 227 -9.37 -104.52 20.64
C SER U 227 -10.78 -103.99 20.81
N HIS U 228 -11.50 -104.60 21.76
CA HIS U 228 -12.84 -104.19 22.09
C HIS U 228 -13.02 -104.18 23.60
N THR U 229 -13.59 -103.10 24.11
CA THR U 229 -13.92 -102.95 25.52
C THR U 229 -15.43 -102.85 25.68
N ASP U 230 -15.90 -103.22 26.86
CA ASP U 230 -17.32 -103.29 27.13
C ASP U 230 -17.65 -102.54 28.41
N LEU U 231 -18.82 -101.89 28.40
CA LEU U 231 -19.34 -101.21 29.57
C LEU U 231 -20.80 -101.62 29.76
N GLY U 232 -21.21 -101.77 31.02
CA GLY U 232 -22.57 -102.13 31.31
C GLY U 232 -23.48 -100.94 31.25
N VAL U 233 -24.33 -100.79 32.27
CA VAL U 233 -25.19 -99.61 32.34
C VAL U 233 -24.32 -98.36 32.43
N THR U 234 -24.80 -97.29 31.81
CA THR U 234 -24.06 -96.03 31.81
C THR U 234 -25.02 -94.90 31.48
N GLY U 235 -24.69 -93.71 31.95
CA GLY U 235 -25.48 -92.53 31.74
C GLY U 235 -26.08 -92.00 33.03
N ASP U 236 -26.65 -90.80 32.92
CA ASP U 236 -27.26 -90.13 34.05
C ASP U 236 -28.60 -90.78 34.37
N GLY U 237 -29.35 -90.18 35.29
CA GLY U 237 -30.67 -90.66 35.61
C GLY U 237 -31.75 -90.33 34.59
N SER U 238 -31.39 -89.65 33.51
CA SER U 238 -32.33 -89.30 32.45
C SER U 238 -32.05 -90.04 31.16
N GLU U 239 -30.79 -90.29 30.83
CA GLU U 239 -30.41 -91.04 29.64
C GLU U 239 -29.63 -92.26 30.06
N ILE U 240 -30.06 -93.45 29.62
CA ILE U 240 -29.42 -94.67 30.06
C ILE U 240 -29.07 -95.52 28.85
N HIS U 241 -28.04 -96.36 29.03
CA HIS U 241 -27.65 -97.37 28.07
C HIS U 241 -27.48 -98.68 28.82
N ILE U 242 -27.75 -99.79 28.13
CA ILE U 242 -27.68 -101.09 28.78
C ILE U 242 -26.32 -101.71 28.55
N ASP U 243 -25.98 -101.95 27.29
CA ASP U 243 -24.72 -102.56 26.92
C ASP U 243 -24.02 -101.68 25.90
N ASP U 244 -22.81 -101.24 26.22
CA ASP U 244 -21.99 -100.42 25.34
C ASP U 244 -20.75 -101.19 24.96
N ARG U 245 -20.42 -101.21 23.67
CA ARG U 245 -19.22 -101.84 23.19
C ARG U 245 -18.44 -100.84 22.35
N VAL U 246 -17.14 -100.72 22.63
CA VAL U 246 -16.27 -99.79 21.93
C VAL U 246 -15.12 -100.58 21.33
N LEU U 247 -14.99 -100.54 20.02
CA LEU U 247 -13.96 -101.29 19.30
C LEU U 247 -13.00 -100.32 18.65
N ARG U 248 -11.73 -100.38 19.06
CA ARG U 248 -10.66 -99.60 18.46
C ARG U 248 -9.66 -100.54 17.86
N ILE U 249 -9.28 -100.30 16.61
CA ILE U 249 -8.25 -101.11 15.97
C ILE U 249 -6.90 -100.44 16.21
N THR U 250 -5.89 -101.25 16.55
CA THR U 250 -4.59 -100.74 16.95
C THR U 250 -3.49 -101.05 15.96
N ALA U 251 -3.43 -102.27 15.45
CA ALA U 251 -2.34 -102.72 14.59
C ALA U 251 -2.81 -102.72 13.15
N LEU U 252 -2.44 -101.68 12.40
CA LEU U 252 -2.72 -101.68 10.98
C LEU U 252 -1.82 -102.70 10.28
N PRO U 253 -2.37 -103.47 9.34
CA PRO U 253 -1.54 -104.42 8.60
C PRO U 253 -0.44 -103.68 7.85
N GLU U 254 0.72 -104.33 7.75
CA GLU U 254 1.85 -103.74 7.05
C GLU U 254 2.82 -104.86 6.69
N LEU U 255 3.76 -104.53 5.82
CA LEU U 255 4.77 -105.48 5.39
C LEU U 255 5.76 -105.75 6.53
N ASN U 256 6.44 -106.89 6.44
CA ASN U 256 7.49 -107.24 7.38
C ASN U 256 8.84 -107.23 6.67
N VAL U 257 9.90 -107.20 7.46
CA VAL U 257 11.25 -107.10 6.90
C VAL U 257 12.02 -108.38 7.20
N ASN U 258 11.62 -109.10 8.24
CA ASN U 258 12.28 -110.35 8.58
C ASN U 258 11.91 -111.42 7.56
N SER U 259 12.74 -111.55 6.52
CA SER U 259 12.41 -112.42 5.41
C SER U 259 12.35 -113.88 5.83
N ALA U 260 13.27 -114.32 6.69
CA ALA U 260 13.42 -115.74 6.99
C ALA U 260 12.16 -116.36 7.57
N GLU U 261 11.26 -115.55 8.15
CA GLU U 261 10.04 -116.08 8.74
C GLU U 261 8.97 -116.41 7.71
N TRP U 262 9.15 -116.00 6.47
CA TRP U 262 8.14 -116.24 5.44
C TRP U 262 8.06 -117.73 5.13
N ARG U 263 6.84 -118.23 4.95
CA ARG U 263 6.59 -119.62 4.62
C ARG U 263 6.30 -119.74 3.14
N ALA U 264 7.13 -120.51 2.43
CA ALA U 264 6.89 -120.76 1.03
C ALA U 264 5.77 -121.80 0.87
N ALA U 265 5.25 -121.89 -0.35
CA ALA U 265 4.20 -122.85 -0.68
C ALA U 265 4.59 -123.60 -1.94
N VAL U 266 4.32 -124.91 -1.94
CA VAL U 266 4.57 -125.76 -3.09
C VAL U 266 3.30 -126.56 -3.36
N ALA U 267 2.82 -126.50 -4.60
CA ALA U 267 1.59 -127.17 -4.98
C ALA U 267 1.89 -128.59 -5.46
N LYS U 268 0.91 -129.23 -6.06
CA LYS U 268 1.09 -130.57 -6.64
C LYS U 268 0.27 -130.72 -7.91
N ARG V 207 45.79 95.80 40.07
CA ARG V 207 46.75 94.70 39.99
C ARG V 207 46.03 93.36 40.15
N ILE V 208 46.66 92.29 39.66
CA ILE V 208 46.09 90.95 39.71
C ILE V 208 46.51 90.31 41.03
N ILE V 209 45.53 89.81 41.78
CA ILE V 209 45.78 89.17 43.06
C ILE V 209 45.57 87.68 42.88
N TYR V 210 46.64 86.91 43.06
CA TYR V 210 46.54 85.47 42.92
C TYR V 210 45.94 84.85 44.18
N TYR V 211 45.25 83.73 43.98
CA TYR V 211 44.73 82.91 45.06
C TYR V 211 45.37 81.54 44.98
N ILE V 212 45.88 81.05 46.12
CA ILE V 212 46.44 79.71 46.16
C ILE V 212 45.32 78.70 45.95
N GLN V 213 45.56 77.73 45.08
CA GLN V 213 44.60 76.70 44.76
C GLN V 213 45.03 75.31 45.18
N ALA V 214 46.28 74.95 44.92
CA ALA V 214 46.85 73.69 45.38
C ALA V 214 48.21 73.97 46.02
N VAL V 215 48.43 73.43 47.21
CA VAL V 215 49.66 73.66 47.96
C VAL V 215 50.19 72.33 48.45
N ILE V 216 51.42 72.01 48.08
CA ILE V 216 52.12 70.84 48.59
C ILE V 216 53.52 71.28 49.03
N PRO V 217 54.19 70.49 49.86
CA PRO V 217 55.59 70.79 50.18
C PRO V 217 56.42 70.97 48.91
N GLY V 218 57.00 72.16 48.76
CA GLY V 218 57.77 72.49 47.59
C GLY V 218 56.99 73.20 46.49
N ARG V 219 55.99 72.55 45.91
CA ARG V 219 55.27 73.08 44.78
C ARG V 219 53.96 73.75 45.19
N ALA V 220 53.59 74.80 44.47
CA ALA V 220 52.37 75.55 44.75
C ALA V 220 51.64 75.79 43.44
N TRP V 221 50.33 76.04 43.56
CA TRP V 221 49.49 76.33 42.42
C TRP V 221 48.69 77.60 42.68
N LEU V 222 48.66 78.50 41.71
CA LEU V 222 48.07 79.82 41.89
C LEU V 222 47.13 80.13 40.73
N ILE V 223 45.96 80.67 41.06
CA ILE V 223 45.01 81.16 40.06
C ILE V 223 44.88 82.66 40.23
N GLY V 224 45.23 83.40 39.20
CA GLY V 224 45.12 84.85 39.25
C GLY V 224 43.68 85.31 39.28
N SER V 225 43.48 86.52 39.78
CA SER V 225 42.16 87.12 39.80
C SER V 225 41.58 87.27 38.40
N ASN V 226 42.45 87.32 37.38
CA ASN V 226 42.01 87.38 35.99
C ASN V 226 41.51 86.03 35.47
N GLY V 227 41.69 84.96 36.24
CA GLY V 227 41.24 83.64 35.83
C GLY V 227 42.31 82.74 35.27
N SER V 228 43.54 83.23 35.14
CA SER V 228 44.64 82.38 34.67
C SER V 228 45.04 81.39 35.75
N THR V 229 45.51 80.23 35.34
CA THR V 229 45.98 79.19 36.25
C THR V 229 47.45 78.88 35.95
N LEU V 230 48.24 78.68 37.01
CA LEU V 230 49.65 78.39 36.82
C LEU V 230 50.17 77.64 38.05
N THR V 231 51.36 77.07 37.90
CA THR V 231 52.05 76.38 38.97
C THR V 231 53.44 76.97 39.14
N VAL V 232 53.90 77.01 40.40
CA VAL V 232 55.18 77.59 40.75
C VAL V 232 55.93 76.62 41.66
N ARG V 233 57.25 76.76 41.68
CA ARG V 233 58.14 75.95 42.49
C ARG V 233 58.89 76.84 43.47
N GLU V 234 59.88 76.25 44.14
CA GLU V 234 60.69 77.01 45.08
C GLU V 234 61.40 78.16 44.38
N GLY V 235 62.11 77.86 43.30
CA GLY V 235 62.74 78.90 42.52
C GLY V 235 61.94 79.26 41.28
N SER V 236 61.19 80.36 41.35
CA SER V 236 60.37 80.77 40.23
C SER V 236 60.00 82.24 40.38
N LYS V 237 60.08 82.98 39.28
CA LYS V 237 59.72 84.39 39.28
C LYS V 237 58.21 84.55 39.21
N ILE V 238 57.68 85.46 40.01
CA ILE V 238 56.25 85.69 40.11
C ILE V 238 55.93 87.00 39.40
N PRO V 239 55.11 87.00 38.35
CA PRO V 239 54.79 88.26 37.66
C PRO V 239 54.01 89.19 38.58
N GLY V 240 54.55 90.39 38.77
CA GLY V 240 53.96 91.36 39.66
C GLY V 240 54.24 91.13 41.13
N TYR V 241 55.03 90.11 41.47
CA TYR V 241 55.33 89.80 42.86
C TYR V 241 56.82 89.60 43.07
N GLY V 242 57.52 89.21 42.01
CA GLY V 242 58.96 89.01 42.10
C GLY V 242 59.37 87.56 42.21
N MET V 243 60.04 87.21 43.31
CA MET V 243 60.63 85.89 43.48
C MET V 243 60.00 85.17 44.67
N VAL V 244 59.90 83.85 44.55
CA VAL V 244 59.38 83.03 45.64
C VAL V 244 60.37 83.04 46.79
N LYS V 245 59.88 83.33 48.00
CA LYS V 245 60.69 83.31 49.20
C LYS V 245 60.57 82.00 49.96
N LEU V 246 59.36 81.64 50.36
CA LEU V 246 59.14 80.45 51.18
C LEU V 246 57.74 79.92 50.93
N ILE V 247 57.66 78.71 50.39
CA ILE V 247 56.40 78.01 50.18
C ILE V 247 56.22 77.07 51.36
N ASP V 248 55.54 77.55 52.40
CA ASP V 248 55.26 76.72 53.57
C ASP V 248 54.32 75.59 53.19
N SER V 249 54.58 74.40 53.72
CA SER V 249 53.72 73.26 53.41
C SER V 249 52.30 73.48 53.92
N LEU V 250 52.16 74.04 55.12
CA LEU V 250 50.86 74.31 55.71
C LEU V 250 50.63 75.81 55.85
N GLN V 251 49.51 76.14 56.48
CA GLN V 251 49.09 77.51 56.79
C GLN V 251 48.63 78.27 55.54
N GLY V 252 48.80 77.67 54.37
CA GLY V 252 48.33 78.27 53.13
C GLY V 252 48.92 79.64 52.84
N ARG V 253 50.20 79.84 53.18
CA ARG V 253 50.86 81.13 53.06
C ARG V 253 52.18 80.97 52.33
N ILE V 254 52.49 81.90 51.44
CA ILE V 254 53.73 81.92 50.71
C ILE V 254 54.35 83.31 50.84
N LEU V 255 55.62 83.37 51.19
CA LEU V 255 56.33 84.64 51.30
C LEU V 255 56.82 85.07 49.92
N THR V 256 56.85 86.38 49.69
CA THR V 256 57.19 86.93 48.38
C THR V 256 58.41 87.84 48.50
N SER V 257 59.23 87.83 47.43
CA SER V 257 60.38 88.72 47.39
C SER V 257 59.98 90.18 47.55
N SER V 258 58.80 90.54 47.08
CA SER V 258 58.27 91.88 47.28
C SER V 258 57.71 92.08 48.69
N GLY V 259 57.97 91.15 49.60
CA GLY V 259 57.47 91.26 50.96
C GLY V 259 56.02 90.87 51.13
N GLN V 260 55.35 90.43 50.06
CA GLN V 260 53.94 90.09 50.14
C GLN V 260 53.75 88.71 50.76
N VAL V 261 52.52 88.46 51.20
CA VAL V 261 52.14 87.18 51.79
C VAL V 261 50.97 86.66 50.97
N ILE V 262 51.24 85.83 49.98
CA ILE V 262 50.19 85.24 49.16
C ILE V 262 49.50 84.16 49.97
N LYS V 263 48.21 84.34 50.25
CA LYS V 263 47.47 83.44 51.10
C LYS V 263 46.37 82.77 50.31
N PHE V 264 46.01 81.56 50.73
CA PHE V 264 44.92 80.83 50.11
C PHE V 264 43.64 81.67 50.16
N SER V 265 42.81 81.51 49.13
CA SER V 265 41.60 82.32 49.02
C SER V 265 40.70 82.12 50.23
N GLN V 266 40.15 83.23 50.72
CA GLN V 266 39.24 83.16 51.86
C GLN V 266 37.95 82.44 51.51
N GLU V 267 37.39 82.72 50.33
CA GLU V 267 36.10 82.18 49.95
C GLU V 267 36.14 80.69 49.61
N ASP V 268 37.33 80.13 49.38
CA ASP V 268 37.49 78.70 49.12
C ASP V 268 38.57 78.20 50.06
N SER V 269 38.18 77.86 51.28
CA SER V 269 39.13 77.43 52.30
C SER V 269 38.42 76.76 53.49
N MET W 23 -19.91 -126.14 -53.06
CA MET W 23 -18.50 -125.84 -52.84
C MET W 23 -18.34 -124.68 -51.87
N LYS W 24 -19.45 -124.27 -51.24
CA LYS W 24 -19.41 -123.20 -50.27
C LYS W 24 -18.60 -123.64 -49.05
N PHE W 25 -17.83 -122.70 -48.49
CA PHE W 25 -16.96 -122.98 -47.37
C PHE W 25 -17.39 -122.18 -46.15
N LYS W 26 -17.15 -122.77 -44.97
CA LYS W 26 -17.64 -122.18 -43.73
C LYS W 26 -16.84 -122.75 -42.57
N LYS W 27 -17.08 -122.19 -41.39
CA LYS W 27 -16.52 -122.67 -40.15
C LYS W 27 -17.63 -122.87 -39.12
N PRO W 28 -17.45 -123.78 -38.16
CA PRO W 28 -18.57 -124.24 -37.34
C PRO W 28 -19.24 -123.11 -36.57
N PRO W 29 -18.52 -122.38 -35.70
CA PRO W 29 -19.23 -121.50 -34.76
C PRO W 29 -19.69 -120.22 -35.44
N ILE W 30 -20.99 -120.13 -35.69
CA ILE W 30 -21.61 -118.91 -36.20
C ILE W 30 -22.67 -118.48 -35.20
N ASN W 31 -22.61 -117.24 -34.76
CA ASN W 31 -23.39 -116.81 -33.61
C ASN W 31 -23.96 -115.41 -33.86
N ASN W 32 -24.78 -114.96 -32.93
CA ASN W 32 -25.36 -113.64 -32.96
C ASN W 32 -24.28 -112.58 -32.77
N PRO W 33 -24.55 -111.33 -33.17
CA PRO W 33 -23.55 -110.27 -33.00
C PRO W 33 -23.13 -110.10 -31.55
N SER W 34 -21.99 -109.43 -31.36
CA SER W 34 -21.36 -109.28 -30.06
C SER W 34 -21.27 -107.80 -29.70
N ASP W 35 -20.65 -107.53 -28.55
CA ASP W 35 -20.45 -106.17 -28.07
C ASP W 35 -19.05 -106.03 -27.47
N ASP W 36 -18.41 -104.90 -27.77
CA ASP W 36 -17.06 -104.66 -27.29
C ASP W 36 -17.02 -104.62 -25.77
N ALA W 37 -18.05 -104.06 -25.14
CA ALA W 37 -18.09 -104.01 -23.70
C ALA W 37 -18.14 -105.40 -23.10
N THR W 38 -18.94 -106.29 -23.69
CA THR W 38 -18.95 -107.68 -23.25
C THR W 38 -17.59 -108.33 -23.46
N ILE W 39 -16.95 -108.02 -24.60
CA ILE W 39 -15.62 -108.57 -24.86
C ILE W 39 -14.66 -108.17 -23.74
N LYS W 40 -14.63 -106.89 -23.41
CA LYS W 40 -13.72 -106.40 -22.39
C LYS W 40 -14.06 -106.99 -21.03
N LEU W 41 -15.35 -107.10 -20.71
CA LEU W 41 -15.76 -107.70 -19.45
C LEU W 41 -15.26 -109.13 -19.33
N ALA W 42 -15.46 -109.93 -20.37
CA ALA W 42 -15.00 -111.32 -20.33
C ALA W 42 -13.48 -111.38 -20.24
N GLU W 43 -12.80 -110.49 -20.97
CA GLU W 43 -11.34 -110.49 -20.93
C GLU W 43 -10.84 -110.23 -19.52
N ALA W 44 -11.39 -109.23 -18.85
CA ALA W 44 -10.99 -108.96 -17.47
C ALA W 44 -11.36 -110.14 -16.56
N ALA W 45 -12.54 -110.71 -16.78
CA ALA W 45 -13.00 -111.81 -15.94
C ALA W 45 -12.09 -113.02 -16.04
N VAL W 46 -11.50 -113.26 -17.21
CA VAL W 46 -10.58 -114.39 -17.35
C VAL W 46 -9.40 -114.22 -16.40
N SER W 47 -8.81 -113.02 -16.40
CA SER W 47 -7.69 -112.75 -15.50
C SER W 47 -8.12 -112.90 -14.05
N VAL W 48 -9.28 -112.35 -13.71
CA VAL W 48 -9.76 -112.45 -12.33
C VAL W 48 -9.92 -113.92 -11.94
N SER W 49 -10.49 -114.72 -12.85
CA SER W 49 -10.73 -116.13 -12.56
C SER W 49 -9.44 -116.88 -12.33
N ASP W 50 -8.45 -116.68 -13.21
CA ASP W 50 -7.21 -117.42 -13.03
C ASP W 50 -6.48 -117.00 -11.76
N SER W 51 -6.52 -115.71 -11.44
CA SER W 51 -5.90 -115.26 -10.20
C SER W 51 -6.59 -115.90 -8.99
N MET W 52 -7.91 -115.94 -8.99
CA MET W 52 -8.63 -116.58 -7.90
C MET W 52 -8.27 -118.06 -7.82
N LEU W 53 -8.18 -118.73 -8.97
CA LEU W 53 -7.86 -120.15 -8.97
C LEU W 53 -6.47 -120.40 -8.37
N GLU W 54 -5.48 -119.61 -8.78
CA GLU W 54 -4.13 -119.84 -8.27
C GLU W 54 -4.04 -119.53 -6.79
N MET W 55 -4.70 -118.47 -6.32
CA MET W 55 -4.65 -118.19 -4.90
C MET W 55 -5.35 -119.28 -4.09
N ALA W 56 -6.44 -119.83 -4.62
CA ALA W 56 -7.09 -120.95 -3.96
C ALA W 56 -6.15 -122.15 -3.89
N LYS W 57 -5.42 -122.42 -4.97
CA LYS W 57 -4.46 -123.51 -4.96
C LYS W 57 -3.43 -123.30 -3.85
N VAL W 58 -2.89 -122.08 -3.76
CA VAL W 58 -1.87 -121.80 -2.77
C VAL W 58 -2.44 -122.00 -1.36
N GLU W 59 -3.64 -121.48 -1.12
CA GLU W 59 -4.26 -121.62 0.19
C GLU W 59 -4.46 -123.09 0.54
N LYS W 60 -4.96 -123.87 -0.43
CA LYS W 60 -5.20 -125.29 -0.18
C LYS W 60 -3.91 -126.01 0.16
N VAL W 61 -2.85 -125.78 -0.62
CA VAL W 61 -1.61 -126.50 -0.39
C VAL W 61 -0.84 -126.01 0.81
N ILE W 62 -1.15 -124.82 1.32
CA ILE W 62 -0.40 -124.30 2.46
C ILE W 62 -1.16 -124.54 3.76
N THR W 63 -2.47 -124.73 3.67
CA THR W 63 -3.29 -124.90 4.86
C THR W 63 -3.86 -126.30 4.89
N PRO W 64 -3.73 -127.02 6.00
CA PRO W 64 -4.18 -128.41 6.05
C PRO W 64 -5.65 -128.50 6.40
N PRO W 65 -6.49 -128.97 5.48
CA PRO W 65 -7.90 -129.23 5.82
C PRO W 65 -8.05 -130.59 6.48
N SER W 66 -8.91 -130.66 7.49
CA SER W 66 -9.06 -131.89 8.27
C SER W 66 -10.49 -132.22 8.66
N LYS W 67 -11.50 -131.49 8.18
CA LYS W 67 -12.84 -131.74 8.67
C LYS W 67 -13.85 -131.28 7.63
N ASP W 68 -14.97 -132.00 7.56
CA ASP W 68 -16.07 -131.70 6.65
C ASP W 68 -17.33 -131.43 7.45
N ASN W 69 -18.11 -130.45 6.99
CA ASN W 69 -19.28 -130.00 7.75
C ASN W 69 -20.41 -131.03 7.76
N THR W 70 -20.37 -132.02 6.88
CA THR W 70 -21.42 -133.03 6.86
C THR W 70 -21.51 -133.77 8.19
N LEU W 71 -20.41 -133.84 8.93
CA LEU W 71 -20.46 -134.40 10.28
C LEU W 71 -21.42 -133.60 11.15
N THR W 72 -21.27 -132.27 11.16
CA THR W 72 -22.19 -131.43 11.93
C THR W 72 -23.60 -131.51 11.39
N ILE W 73 -23.75 -131.49 10.08
CA ILE W 73 -25.08 -131.52 9.47
C ILE W 73 -25.25 -132.80 8.67
N PRO W 74 -25.88 -133.82 9.25
CA PRO W 74 -26.25 -135.01 8.47
C PRO W 74 -27.56 -134.75 7.75
N ASN W 75 -28.06 -135.79 7.09
CA ASN W 75 -29.34 -135.75 6.40
C ASN W 75 -30.27 -136.78 7.01
N ALA W 76 -31.47 -136.86 6.46
CA ALA W 76 -32.47 -137.83 6.90
C ALA W 76 -33.53 -137.93 5.81
N TYR W 77 -34.64 -138.60 6.12
CA TYR W 77 -35.74 -138.66 5.18
C TYR W 77 -36.31 -137.27 4.96
N ASN W 78 -37.09 -137.13 3.89
CA ASN W 78 -37.69 -135.87 3.47
C ASN W 78 -36.66 -134.75 3.43
N LEU W 79 -35.41 -135.09 3.16
CA LEU W 79 -34.37 -134.13 2.87
C LEU W 79 -33.98 -134.11 1.41
N GLN W 80 -34.63 -134.93 0.59
CA GLN W 80 -34.26 -135.07 -0.81
C GLN W 80 -35.12 -134.23 -1.74
N ALA W 81 -36.02 -133.41 -1.20
CA ALA W 81 -36.83 -132.54 -2.03
C ALA W 81 -35.93 -131.56 -2.78
N ARG W 82 -36.35 -131.21 -3.99
CA ARG W 82 -35.48 -130.40 -4.84
C ARG W 82 -35.84 -128.93 -4.71
N ALA W 83 -34.85 -128.08 -4.94
CA ALA W 83 -35.04 -126.64 -4.81
C ALA W 83 -34.12 -125.90 -5.77
N SER W 84 -34.53 -124.68 -6.12
CA SER W 84 -33.71 -123.80 -6.94
C SER W 84 -34.02 -122.36 -6.54
N VAL W 85 -32.97 -121.59 -6.26
CA VAL W 85 -33.11 -120.34 -5.53
C VAL W 85 -32.22 -119.26 -6.13
N ASP W 86 -32.77 -118.04 -6.23
CA ASP W 86 -32.01 -116.82 -6.52
C ASP W 86 -32.34 -115.84 -5.40
N TRP W 87 -31.36 -115.56 -4.54
CA TRP W 87 -31.59 -114.80 -3.33
C TRP W 87 -30.34 -114.02 -2.96
N SER W 88 -30.52 -112.75 -2.60
CA SER W 88 -29.42 -111.89 -2.22
C SER W 88 -29.82 -111.00 -1.04
N GLY W 89 -30.47 -111.58 -0.05
CA GLY W 89 -30.91 -110.83 1.11
C GLY W 89 -30.37 -111.36 2.42
N PRO W 90 -30.97 -110.96 3.53
CA PRO W 90 -30.60 -111.52 4.83
C PRO W 90 -30.92 -113.01 4.89
N ILE W 91 -30.15 -113.72 5.72
CA ILE W 91 -30.24 -115.17 5.73
C ILE W 91 -31.45 -115.68 6.49
N GLU W 92 -32.00 -114.90 7.42
CA GLU W 92 -33.05 -115.39 8.29
C GLU W 92 -34.30 -115.77 7.50
N GLU W 93 -34.73 -114.90 6.58
CA GLU W 93 -35.95 -115.18 5.85
C GLU W 93 -35.79 -116.39 4.96
N LEU W 94 -34.64 -116.51 4.29
CA LEU W 94 -34.39 -117.65 3.41
C LEU W 94 -34.38 -118.94 4.20
N THR W 95 -33.66 -118.96 5.33
CA THR W 95 -33.58 -120.20 6.10
C THR W 95 -34.91 -120.54 6.74
N ALA W 96 -35.71 -119.54 7.13
CA ALA W 96 -37.02 -119.84 7.67
C ALA W 96 -37.95 -120.39 6.59
N ARG W 97 -37.83 -119.88 5.36
CA ARG W 97 -38.59 -120.45 4.26
C ARG W 97 -38.21 -121.90 4.03
N ILE W 98 -36.91 -122.19 4.08
CA ILE W 98 -36.46 -123.57 3.90
C ILE W 98 -36.99 -124.45 5.03
N ALA W 99 -36.97 -123.95 6.27
CA ALA W 99 -37.47 -124.72 7.40
C ALA W 99 -38.95 -125.00 7.24
N LYS W 100 -39.73 -124.01 6.79
CA LYS W 100 -41.15 -124.23 6.54
C LYS W 100 -41.35 -125.30 5.48
N ALA W 101 -40.54 -125.27 4.41
CA ALA W 101 -40.63 -126.30 3.40
C ALA W 101 -40.29 -127.67 3.97
N ALA W 102 -39.34 -127.74 4.88
CA ALA W 102 -38.90 -129.01 5.45
C ALA W 102 -39.76 -129.45 6.62
N HIS W 103 -40.75 -128.67 7.02
CA HIS W 103 -41.68 -129.00 8.10
C HIS W 103 -41.00 -129.05 9.47
N PHE W 104 -39.72 -128.67 9.54
CA PHE W 104 -38.98 -128.73 10.78
C PHE W 104 -39.17 -127.45 11.59
N ARG W 105 -38.82 -127.54 12.87
CA ARG W 105 -39.01 -126.41 13.78
C ARG W 105 -37.76 -125.54 13.77
N PHE W 106 -37.97 -124.23 13.71
CA PHE W 106 -36.91 -123.26 13.57
C PHE W 106 -36.37 -122.85 14.93
N ARG W 107 -35.05 -122.63 15.01
CA ARG W 107 -34.45 -122.16 16.26
C ARG W 107 -33.32 -121.20 15.96
N VAL W 108 -33.25 -120.13 16.76
CA VAL W 108 -32.30 -119.05 16.58
C VAL W 108 -31.53 -118.86 17.89
N LEU W 109 -30.20 -118.81 17.78
CA LEU W 109 -29.31 -118.69 18.93
C LEU W 109 -28.45 -117.45 18.77
N GLY W 110 -28.41 -116.63 19.81
CA GLY W 110 -27.55 -115.47 19.85
C GLY W 110 -28.21 -114.20 19.36
N LYS W 111 -27.61 -113.08 19.74
CA LYS W 111 -28.11 -111.77 19.33
C LYS W 111 -27.89 -111.55 17.85
N SER W 112 -28.85 -110.91 17.20
CA SER W 112 -28.67 -110.51 15.82
C SER W 112 -27.57 -109.46 15.73
N PRO W 113 -26.62 -109.61 14.82
CA PRO W 113 -25.56 -108.61 14.71
C PRO W 113 -26.10 -107.28 14.20
N SER W 114 -25.46 -106.20 14.64
CA SER W 114 -25.85 -104.89 14.15
C SER W 114 -25.62 -104.76 12.66
N VAL W 115 -24.48 -105.25 12.18
CA VAL W 115 -24.21 -105.31 10.74
C VAL W 115 -25.01 -106.46 10.15
N PRO W 116 -25.85 -106.21 9.15
CA PRO W 116 -26.65 -107.29 8.55
C PRO W 116 -25.75 -108.32 7.89
N VAL W 117 -26.16 -109.58 7.96
CA VAL W 117 -25.43 -110.67 7.32
C VAL W 117 -26.13 -110.98 6.00
N LEU W 118 -25.37 -110.91 4.90
CA LEU W 118 -25.94 -111.07 3.58
C LEU W 118 -25.13 -112.08 2.78
N ILE W 119 -25.81 -112.76 1.86
CA ILE W 119 -25.21 -113.76 0.99
C ILE W 119 -25.87 -113.68 -0.37
N SER W 120 -25.41 -114.52 -1.29
CA SER W 120 -26.00 -114.62 -2.62
C SER W 120 -25.85 -116.05 -3.10
N ILE W 121 -26.93 -116.61 -3.65
CA ILE W 121 -26.98 -118.02 -4.00
C ILE W 121 -27.55 -118.16 -5.41
N SER W 122 -26.92 -119.02 -6.21
CA SER W 122 -27.41 -119.36 -7.54
C SER W 122 -27.15 -120.85 -7.74
N THR W 123 -28.20 -121.65 -7.56
CA THR W 123 -28.09 -123.10 -7.62
C THR W 123 -29.21 -123.64 -8.52
N LYS W 124 -29.22 -124.96 -8.70
CA LYS W 124 -30.15 -125.57 -9.65
C LYS W 124 -30.42 -127.02 -9.24
N ASP W 125 -31.56 -127.25 -8.59
CA ASP W 125 -32.14 -128.59 -8.44
C ASP W 125 -31.16 -129.56 -7.77
N GLU W 126 -30.85 -129.27 -6.51
CA GLU W 126 -29.94 -130.11 -5.76
C GLU W 126 -30.54 -130.38 -4.39
N SER W 127 -29.74 -130.98 -3.51
CA SER W 127 -30.23 -131.46 -2.23
C SER W 127 -30.45 -130.32 -1.25
N LEU W 128 -31.44 -130.50 -0.37
CA LEU W 128 -31.62 -129.58 0.74
C LEU W 128 -30.38 -129.57 1.63
N ALA W 129 -29.82 -130.75 1.89
CA ALA W 129 -28.60 -130.83 2.67
C ALA W 129 -27.47 -130.07 1.99
N GLU W 130 -27.33 -130.22 0.67
CA GLU W 130 -26.28 -129.49 -0.04
C GLU W 130 -26.51 -127.99 0.04
N ILE W 131 -27.76 -127.56 -0.11
CA ILE W 131 -28.05 -126.13 -0.02
C ILE W 131 -27.68 -125.60 1.35
N LEU W 132 -28.06 -126.32 2.40
CA LEU W 132 -27.76 -125.87 3.76
C LEU W 132 -26.27 -125.84 4.00
N ARG W 133 -25.54 -126.85 3.53
CA ARG W 133 -24.10 -126.87 3.71
C ARG W 133 -23.44 -125.71 2.97
N ASP W 134 -23.92 -125.42 1.76
CA ASP W 134 -23.40 -124.28 1.02
C ASP W 134 -23.66 -122.97 1.77
N ILE W 135 -24.86 -122.82 2.32
CA ILE W 135 -25.18 -121.61 3.08
C ILE W 135 -24.26 -121.49 4.28
N ASP W 136 -24.08 -122.58 5.01
CA ASP W 136 -23.23 -122.56 6.19
C ASP W 136 -21.79 -122.23 5.83
N TYR W 137 -21.29 -122.78 4.73
CA TYR W 137 -19.93 -122.48 4.30
C TYR W 137 -19.79 -121.01 3.93
N GLN W 138 -20.72 -120.48 3.14
CA GLN W 138 -20.63 -119.09 2.74
C GLN W 138 -20.83 -118.15 3.92
N ALA W 139 -21.47 -118.63 4.99
CA ALA W 139 -21.62 -117.81 6.18
C ALA W 139 -20.27 -117.43 6.77
N GLY W 140 -19.26 -118.28 6.59
CA GLY W 140 -17.96 -117.99 7.14
C GLY W 140 -17.98 -118.01 8.66
N LYS W 141 -17.29 -117.05 9.26
CA LYS W 141 -17.19 -116.97 10.71
C LYS W 141 -18.39 -116.29 11.37
N LYS W 142 -19.37 -115.85 10.57
CA LYS W 142 -20.47 -115.07 11.13
C LYS W 142 -21.46 -115.94 11.88
N ALA W 143 -21.70 -117.17 11.42
CA ALA W 143 -22.75 -117.98 12.01
C ALA W 143 -22.46 -119.45 11.74
N SER W 144 -23.32 -120.31 12.26
CA SER W 144 -23.20 -121.75 12.06
C SER W 144 -24.59 -122.37 12.06
N ILE W 145 -24.69 -123.55 11.48
CA ILE W 145 -25.96 -124.24 11.28
C ILE W 145 -25.87 -125.63 11.89
N HIS W 146 -26.98 -126.07 12.49
CA HIS W 146 -27.07 -127.41 13.07
C HIS W 146 -28.43 -127.99 12.78
N VAL W 147 -28.46 -129.31 12.64
CA VAL W 147 -29.68 -130.05 12.32
C VAL W 147 -29.81 -131.21 13.28
N TYR W 148 -30.99 -131.36 13.87
CA TYR W 148 -31.31 -132.52 14.71
C TYR W 148 -32.50 -133.22 14.10
N PRO W 149 -32.28 -134.22 13.25
CA PRO W 149 -33.43 -134.92 12.64
C PRO W 149 -34.25 -135.68 13.66
N ASN W 150 -33.61 -136.26 14.68
CA ASN W 150 -34.35 -136.90 15.76
C ASN W 150 -35.29 -135.91 16.43
N SER W 151 -34.86 -134.65 16.54
CA SER W 151 -35.70 -133.59 17.07
C SER W 151 -36.41 -132.79 15.98
N GLN W 152 -36.12 -133.06 14.71
CA GLN W 152 -36.74 -132.34 13.60
C GLN W 152 -36.55 -130.84 13.75
N VAL W 153 -35.34 -130.46 14.16
CA VAL W 153 -35.04 -129.08 14.54
C VAL W 153 -33.93 -128.55 13.66
N VAL W 154 -34.16 -127.39 13.06
CA VAL W 154 -33.14 -126.67 12.31
C VAL W 154 -32.75 -125.44 13.12
N GLU W 155 -31.50 -125.36 13.53
CA GLU W 155 -31.02 -124.30 14.40
C GLU W 155 -29.91 -123.54 13.71
N LEU W 156 -29.94 -122.21 13.83
CA LEU W 156 -28.84 -121.37 13.42
C LEU W 156 -28.33 -120.60 14.62
N ARG W 157 -27.03 -120.40 14.69
CA ARG W 157 -26.41 -119.69 15.81
C ARG W 157 -25.50 -118.60 15.27
N TYR W 158 -25.67 -117.38 15.78
CA TYR W 158 -24.73 -116.32 15.47
C TYR W 158 -23.41 -116.55 16.19
N ALA W 159 -22.37 -115.87 15.74
CA ALA W 159 -21.08 -115.97 16.39
C ALA W 159 -21.05 -115.09 17.63
N LYS W 160 -20.47 -115.61 18.71
CA LYS W 160 -20.31 -114.87 19.95
C LYS W 160 -18.95 -114.18 19.90
N ILE W 161 -18.95 -112.94 19.38
CA ILE W 161 -17.75 -112.14 19.28
C ILE W 161 -18.07 -110.76 19.84
N TYR W 162 -17.02 -109.98 20.10
CA TYR W 162 -17.14 -108.63 20.66
C TYR W 162 -17.70 -108.69 22.07
N ARG X 207 46.21 -102.02 25.11
CA ARG X 207 45.03 -101.53 25.83
C ARG X 207 44.95 -100.00 25.75
N ILE X 208 44.02 -99.42 26.51
CA ILE X 208 43.78 -97.98 26.47
C ILE X 208 44.63 -97.30 27.53
N ILE X 209 45.32 -96.23 27.13
CA ILE X 209 46.18 -95.46 28.02
C ILE X 209 45.61 -94.04 28.12
N TYR X 210 45.53 -93.52 29.33
CA TYR X 210 44.99 -92.20 29.59
C TYR X 210 46.13 -91.25 29.90
N TYR X 211 46.14 -90.09 29.25
CA TYR X 211 47.21 -89.12 29.39
C TYR X 211 46.69 -87.87 30.09
N ILE X 212 47.52 -87.31 30.97
CA ILE X 212 47.11 -86.16 31.75
C ILE X 212 46.94 -84.95 30.84
N GLN X 213 45.90 -84.16 31.09
CA GLN X 213 45.66 -82.92 30.37
C GLN X 213 45.80 -81.70 31.28
N ALA X 214 45.04 -81.64 32.37
CA ALA X 214 45.15 -80.57 33.35
C ALA X 214 45.39 -81.20 34.72
N VAL X 215 46.31 -80.62 35.47
CA VAL X 215 46.72 -81.17 36.75
C VAL X 215 46.76 -80.06 37.80
N ILE X 216 46.09 -80.29 38.92
CA ILE X 216 46.16 -79.41 40.08
C ILE X 216 46.15 -80.27 41.34
N PRO X 217 46.55 -79.71 42.47
CA PRO X 217 46.42 -80.45 43.74
C PRO X 217 44.99 -80.93 43.95
N GLY X 218 44.84 -82.24 44.08
CA GLY X 218 43.52 -82.83 44.21
C GLY X 218 42.90 -83.33 42.92
N ARG X 219 42.65 -82.42 41.98
CA ARG X 219 41.96 -82.75 40.74
C ARG X 219 42.95 -82.97 39.61
N ALA X 220 42.65 -83.94 38.76
CA ALA X 220 43.51 -84.24 37.62
C ALA X 220 42.66 -84.56 36.41
N TRP X 221 42.99 -83.97 35.27
CA TRP X 221 42.27 -84.19 34.02
C TRP X 221 43.10 -85.10 33.13
N LEU X 222 42.51 -86.23 32.74
CA LEU X 222 43.20 -87.24 31.94
C LEU X 222 42.40 -87.53 30.69
N ILE X 223 43.10 -87.64 29.56
CA ILE X 223 42.48 -87.98 28.28
C ILE X 223 42.99 -89.35 27.86
N GLY X 224 42.06 -90.23 27.47
CA GLY X 224 42.43 -91.57 27.08
C GLY X 224 43.03 -91.64 25.69
N SER X 225 43.46 -92.85 25.34
CA SER X 225 44.06 -93.07 24.02
C SER X 225 43.07 -92.88 22.89
N ASN X 226 41.77 -92.91 23.18
CA ASN X 226 40.74 -92.76 22.16
C ASN X 226 40.31 -91.31 21.96
N GLY X 227 40.96 -90.37 22.62
CA GLY X 227 40.63 -88.96 22.47
C GLY X 227 39.60 -88.44 23.45
N SER X 228 38.97 -89.30 24.24
CA SER X 228 38.02 -88.85 25.25
C SER X 228 38.74 -88.53 26.54
N THR X 229 38.29 -87.46 27.20
CA THR X 229 38.90 -87.00 28.44
C THR X 229 37.89 -86.97 29.57
N LEU X 230 38.40 -86.87 30.79
CA LEU X 230 37.58 -86.84 31.99
C LEU X 230 38.43 -86.28 33.12
N THR X 231 37.82 -86.14 34.29
CA THR X 231 38.48 -85.61 35.47
C THR X 231 38.32 -86.57 36.63
N VAL X 232 39.32 -86.59 37.51
CA VAL X 232 39.36 -87.48 38.65
C VAL X 232 39.87 -86.72 39.87
N ARG X 233 39.54 -87.25 41.04
CA ARG X 233 40.06 -86.79 42.32
C ARG X 233 40.85 -87.93 42.95
N GLU X 234 41.28 -87.72 44.20
CA GLU X 234 42.10 -88.73 44.87
C GLU X 234 41.35 -90.05 45.01
N GLY X 235 40.08 -89.98 45.42
CA GLY X 235 39.27 -91.18 45.47
C GLY X 235 38.36 -91.30 44.28
N SER X 236 38.75 -92.12 43.30
CA SER X 236 37.95 -92.29 42.10
C SER X 236 38.38 -93.57 41.41
N LYS X 237 37.48 -94.10 40.57
CA LYS X 237 37.69 -95.35 39.87
C LYS X 237 37.89 -95.04 38.39
N ILE X 238 39.03 -95.45 37.84
CA ILE X 238 39.37 -95.21 36.45
C ILE X 238 39.20 -96.53 35.69
N PRO X 239 38.24 -96.65 34.78
CA PRO X 239 38.08 -97.88 34.02
C PRO X 239 39.34 -98.17 33.19
N GLY X 240 39.66 -99.45 33.09
CA GLY X 240 40.87 -99.86 32.39
C GLY X 240 42.09 -99.82 33.28
N TYR X 241 42.26 -98.74 34.04
CA TYR X 241 43.38 -98.61 34.95
C TYR X 241 43.04 -99.00 36.38
N GLY X 242 41.77 -98.93 36.77
CA GLY X 242 41.36 -99.34 38.10
C GLY X 242 40.87 -98.21 38.97
N MET X 243 41.61 -97.91 40.04
CA MET X 243 41.22 -96.91 41.01
C MET X 243 42.37 -95.94 41.23
N VAL X 244 42.02 -94.70 41.53
CA VAL X 244 43.01 -93.66 41.80
C VAL X 244 43.54 -93.86 43.22
N LYS X 245 44.86 -94.08 43.33
CA LYS X 245 45.49 -94.30 44.63
C LYS X 245 46.44 -93.20 45.05
N LEU X 246 46.97 -92.42 44.11
CA LEU X 246 47.89 -91.35 44.47
C LEU X 246 47.91 -90.31 43.36
N ILE X 247 47.77 -89.04 43.74
CA ILE X 247 47.86 -87.91 42.82
C ILE X 247 48.89 -86.94 43.36
N ASP X 248 49.84 -86.55 42.52
CA ASP X 248 50.89 -85.60 42.90
C ASP X 248 51.03 -84.59 41.77
N SER X 249 50.65 -83.34 42.02
CA SER X 249 50.68 -82.32 40.98
C SER X 249 52.10 -82.08 40.48
N LEU X 250 53.07 -82.03 41.39
CA LEU X 250 54.46 -81.89 40.98
C LEU X 250 54.90 -83.15 40.24
N GLN X 251 55.76 -82.96 39.22
CA GLN X 251 56.33 -84.03 38.41
C GLN X 251 55.28 -84.69 37.53
N GLY X 252 54.01 -84.31 37.69
CA GLY X 252 52.95 -84.76 36.81
C GLY X 252 52.78 -86.26 36.71
N ARG X 253 52.79 -86.95 37.84
CA ARG X 253 52.65 -88.41 37.87
C ARG X 253 51.45 -88.80 38.70
N ILE X 254 50.78 -89.88 38.30
CA ILE X 254 49.65 -90.42 39.03
C ILE X 254 49.88 -91.93 39.22
N LEU X 255 49.71 -92.40 40.45
CA LEU X 255 49.76 -93.83 40.71
C LEU X 255 48.35 -94.42 40.68
N THR X 256 48.22 -95.59 40.07
CA THR X 256 46.93 -96.25 39.93
C THR X 256 46.83 -97.45 40.85
N SER X 257 45.60 -97.87 41.12
CA SER X 257 45.38 -99.07 41.93
C SER X 257 46.01 -100.29 41.30
N SER X 258 46.07 -100.33 39.97
CA SER X 258 46.73 -101.42 39.27
C SER X 258 48.25 -101.28 39.26
N GLY X 259 48.79 -100.37 40.06
CA GLY X 259 50.22 -100.13 40.06
C GLY X 259 50.75 -99.43 38.83
N GLN X 260 49.87 -98.88 38.00
CA GLN X 260 50.30 -98.23 36.78
C GLN X 260 50.67 -96.77 37.05
N VAL X 261 51.58 -96.26 36.21
CA VAL X 261 52.03 -94.87 36.27
C VAL X 261 51.36 -94.11 35.13
N ILE X 262 50.66 -93.04 35.48
CA ILE X 262 49.95 -92.20 34.52
C ILE X 262 50.72 -90.90 34.39
N LYS X 263 51.11 -90.57 33.16
CA LYS X 263 51.85 -89.37 32.84
C LYS X 263 51.14 -88.64 31.71
N PHE X 264 51.71 -87.51 31.31
CA PHE X 264 51.22 -86.79 30.14
C PHE X 264 51.66 -87.49 28.87
N SER X 265 51.29 -86.92 27.72
CA SER X 265 51.85 -87.38 26.46
C SER X 265 53.33 -87.00 26.39
N GLN X 266 54.10 -87.80 25.65
CA GLN X 266 55.53 -87.58 25.57
C GLN X 266 55.84 -86.22 24.95
N GLU X 267 55.24 -85.94 23.79
CA GLU X 267 55.39 -84.64 23.15
C GLU X 267 54.42 -83.59 23.67
N ASP X 268 53.42 -84.00 24.45
CA ASP X 268 52.44 -83.08 25.03
C ASP X 268 52.50 -83.28 26.55
N SER X 269 53.40 -82.56 27.19
CA SER X 269 53.59 -82.68 28.64
C SER X 269 53.95 -81.33 29.25
N GLN Y 791 82.31 -60.38 62.88
CA GLN Y 791 80.92 -60.79 63.06
C GLN Y 791 79.96 -59.63 62.79
N GLN Y 792 80.51 -58.41 62.80
CA GLN Y 792 79.71 -57.24 62.47
C GLN Y 792 79.39 -57.15 60.99
N GLU Y 793 80.00 -57.99 60.16
CA GLU Y 793 79.74 -57.95 58.72
C GLU Y 793 78.30 -58.29 58.39
N ILE Y 794 77.58 -58.95 59.29
CA ILE Y 794 76.17 -59.24 59.05
C ILE Y 794 75.39 -57.95 58.92
N GLN Y 795 75.72 -56.93 59.72
CA GLN Y 795 75.00 -55.67 59.70
C GLN Y 795 75.06 -55.04 58.31
N GLN Y 796 76.26 -54.88 57.76
CA GLN Y 796 76.36 -54.40 56.39
C GLN Y 796 75.79 -55.42 55.42
N ARG Y 797 75.95 -56.71 55.72
CA ARG Y 797 75.28 -57.74 54.92
C ARG Y 797 73.77 -57.62 55.02
N THR Y 798 73.26 -57.27 56.20
CA THR Y 798 71.84 -57.02 56.33
C THR Y 798 71.42 -55.83 55.50
N SER Y 799 72.19 -54.75 55.56
CA SER Y 799 71.79 -53.50 54.90
C SER Y 799 71.76 -53.66 53.38
N ASP Y 800 72.87 -54.12 52.79
CA ASP Y 800 72.96 -54.12 51.34
C ASP Y 800 71.98 -55.12 50.71
N MET Y 801 71.91 -56.33 51.26
CA MET Y 801 71.01 -57.34 50.70
C MET Y 801 69.56 -56.92 50.84
N LEU Y 802 69.22 -56.24 51.95
CA LEU Y 802 67.85 -55.81 52.17
C LEU Y 802 67.38 -54.87 51.07
N THR Y 803 68.22 -53.90 50.71
CA THR Y 803 67.85 -52.94 49.68
C THR Y 803 67.60 -53.62 48.34
N ALA Y 804 68.49 -54.54 47.96
CA ALA Y 804 68.30 -55.26 46.70
C ALA Y 804 67.05 -56.12 46.74
N ALA Y 805 66.92 -56.95 47.78
CA ALA Y 805 65.83 -57.90 47.84
C ALA Y 805 64.47 -57.21 47.87
N THR Y 806 64.33 -56.17 48.71
CA THR Y 806 63.07 -55.44 48.75
C THR Y 806 62.76 -54.82 47.41
N GLN Y 807 63.77 -54.28 46.75
CA GLN Y 807 63.59 -53.84 45.36
C GLN Y 807 63.33 -55.03 44.45
N LEU Y 808 64.05 -56.14 44.67
CA LEU Y 808 63.99 -57.26 43.72
C LEU Y 808 62.63 -57.91 43.68
N VAL Y 809 61.98 -58.07 44.84
CA VAL Y 809 60.78 -58.89 44.92
C VAL Y 809 59.68 -58.34 44.01
N GLN Y 810 59.42 -57.03 44.11
CA GLN Y 810 58.36 -56.44 43.31
C GLN Y 810 58.69 -56.41 41.83
N ASP Y 811 59.96 -56.55 41.47
CA ASP Y 811 60.35 -56.51 40.06
C ASP Y 811 59.68 -57.62 39.28
N TRP Y 812 59.61 -58.83 39.85
CA TRP Y 812 58.86 -59.89 39.21
C TRP Y 812 57.36 -59.76 39.43
N LYS Y 813 56.96 -58.92 40.39
CA LYS Y 813 55.54 -58.84 40.75
C LYS Y 813 54.73 -58.10 39.70
N GLN Y 814 55.10 -56.86 39.41
CA GLN Y 814 54.29 -56.03 38.54
C GLN Y 814 54.28 -56.57 37.11
N VAL Y 815 53.10 -56.59 36.51
CA VAL Y 815 52.90 -57.13 35.16
C VAL Y 815 51.95 -56.22 34.41
N GLU Y 816 52.29 -55.89 33.16
CA GLU Y 816 51.45 -55.05 32.34
C GLU Y 816 50.36 -55.89 31.67
N THR Y 817 49.47 -55.22 30.95
CA THR Y 817 48.32 -55.85 30.32
C THR Y 817 48.45 -55.80 28.80
N GLN Y 818 47.40 -56.27 28.12
CA GLN Y 818 47.39 -56.37 26.67
C GLN Y 818 47.18 -55.00 26.03
N VAL Y 819 47.25 -54.99 24.70
CA VAL Y 819 46.90 -53.82 23.90
C VAL Y 819 46.31 -54.26 22.58
N TYR Y 820 45.09 -53.84 22.30
CA TYR Y 820 44.37 -54.24 21.10
C TYR Y 820 44.40 -53.09 20.10
N THR Y 821 44.84 -53.39 18.87
CA THR Y 821 44.92 -52.38 17.81
C THR Y 821 44.01 -52.80 16.66
N GLU Y 822 43.08 -51.92 16.30
CA GLU Y 822 42.16 -52.16 15.20
C GLU Y 822 42.55 -51.29 14.02
N GLY Y 823 42.51 -51.88 12.82
CA GLY Y 823 42.87 -51.19 11.60
C GLY Y 823 41.76 -51.27 10.57
N THR Y 824 41.47 -50.13 9.94
CA THR Y 824 40.46 -50.07 8.90
C THR Y 824 40.93 -49.20 7.74
N ALA Z 104 108.90 -26.93 39.51
CA ALA Z 104 107.92 -26.77 38.45
C ALA Z 104 108.17 -27.75 37.31
N GLU Z 105 109.15 -28.64 37.52
CA GLU Z 105 109.52 -29.61 36.51
C GLU Z 105 108.65 -30.86 36.58
N VAL Z 106 108.69 -31.58 37.70
CA VAL Z 106 107.78 -32.70 37.90
C VAL Z 106 106.38 -32.24 38.26
N ILE Z 107 106.21 -30.95 38.55
CA ILE Z 107 104.91 -30.43 38.97
C ILE Z 107 103.89 -30.62 37.86
N ASP Z 108 104.27 -30.31 36.63
CA ASP Z 108 103.34 -30.42 35.51
C ASP Z 108 102.91 -31.87 35.31
N LYS Z 109 103.87 -32.80 35.34
CA LYS Z 109 103.53 -34.20 35.15
C LYS Z 109 102.64 -34.72 36.27
N LYS Z 110 102.97 -34.38 37.52
CA LYS Z 110 102.16 -34.82 38.64
C LYS Z 110 100.74 -34.27 38.54
N ALA Z 111 100.61 -32.99 38.19
CA ALA Z 111 99.29 -32.39 38.06
C ALA Z 111 98.49 -33.04 36.95
N PHE Z 112 99.13 -33.32 35.81
CA PHE Z 112 98.42 -33.98 34.72
C PHE Z 112 97.98 -35.38 35.13
N LYS Z 113 98.85 -36.10 35.85
CA LYS Z 113 98.49 -37.43 36.34
C LYS Z 113 97.28 -37.38 37.25
N ASP Z 114 97.30 -36.46 38.23
CA ASP Z 114 96.20 -36.35 39.17
C ASP Z 114 94.91 -35.97 38.47
N MET Z 115 94.99 -35.00 37.54
CA MET Z 115 93.80 -34.60 36.81
C MET Z 115 93.24 -35.76 36.01
N THR Z 116 94.10 -36.52 35.34
CA THR Z 116 93.63 -37.64 34.54
C THR Z 116 92.98 -38.70 35.41
N ARG Z 117 93.61 -39.04 36.55
CA ARG Z 117 93.07 -40.09 37.39
C ARG Z 117 91.77 -39.66 38.06
N ASN Z 118 91.63 -38.38 38.36
CA ASN Z 118 90.36 -37.91 38.93
C ASN Z 118 89.27 -37.81 37.88
N LEU Z 119 89.62 -37.44 36.65
CA LEU Z 119 88.62 -37.32 35.59
C LEU Z 119 88.12 -38.68 35.15
N TYR Z 120 89.00 -39.67 35.06
CA TYR Z 120 88.64 -41.02 34.65
C TYR Z 120 89.20 -42.03 35.64
N PRO Z 121 88.60 -42.12 36.83
CA PRO Z 121 89.05 -43.16 37.78
C PRO Z 121 88.91 -44.57 37.23
N LEU Z 122 87.86 -44.83 36.45
CA LEU Z 122 87.61 -46.16 35.92
C LEU Z 122 88.29 -46.31 34.57
N ASN Z 123 89.21 -47.26 34.46
CA ASN Z 123 89.89 -47.53 33.22
C ASN Z 123 88.94 -48.22 32.24
N PRO Z 124 89.26 -48.19 30.93
CA PRO Z 124 88.40 -48.87 29.96
C PRO Z 124 88.19 -50.34 30.25
N GLU Z 125 89.22 -51.03 30.75
CA GLU Z 125 89.06 -52.43 31.13
C GLU Z 125 88.05 -52.57 32.26
N GLN Z 126 88.12 -51.69 33.26
CA GLN Z 126 87.13 -51.70 34.33
C GLN Z 126 85.75 -51.42 33.78
N VAL Z 127 85.64 -50.53 32.80
CA VAL Z 127 84.35 -50.25 32.17
C VAL Z 127 83.80 -51.50 31.52
N VAL Z 128 84.64 -52.23 30.81
CA VAL Z 128 84.21 -53.47 30.17
C VAL Z 128 83.76 -54.48 31.22
N LYS Z 129 84.52 -54.59 32.31
CA LYS Z 129 84.14 -55.52 33.37
C LYS Z 129 82.80 -55.15 33.98
N LEU Z 130 82.57 -53.85 34.21
CA LEU Z 130 81.30 -53.40 34.76
C LEU Z 130 80.15 -53.69 33.80
N LYS Z 131 80.38 -53.45 32.51
CA LYS Z 131 79.35 -53.76 31.52
C LYS Z 131 79.01 -55.23 31.52
N GLN Z 132 80.04 -56.08 31.60
CA GLN Z 132 79.81 -57.53 31.66
C GLN Z 132 79.03 -57.90 32.91
N ILE Z 133 79.37 -57.29 34.05
CA ILE Z 133 78.68 -57.59 35.29
C ILE Z 133 77.22 -57.20 35.19
N TYR Z 134 76.95 -56.01 34.63
CA TYR Z 134 75.56 -55.56 34.48
C TYR Z 134 74.77 -56.47 33.55
N GLU Z 135 75.40 -56.87 32.43
CA GLU Z 135 74.73 -57.77 31.51
C GLU Z 135 74.44 -59.11 32.16
N THR Z 136 75.39 -59.62 32.94
CA THR Z 136 75.16 -60.87 33.67
C THR Z 136 74.02 -60.72 34.66
N SER Z 137 73.97 -59.58 35.35
CA SER Z 137 72.91 -59.35 36.33
C SER Z 137 71.54 -59.34 35.67
N GLU Z 138 71.40 -58.61 34.56
CA GLU Z 138 70.11 -58.56 33.89
C GLU Z 138 69.77 -59.90 33.25
N TYR Z 139 70.78 -60.64 32.79
CA TYR Z 139 70.53 -61.98 32.28
C TYR Z 139 69.99 -62.90 33.37
N ALA Z 140 70.57 -62.82 34.57
CA ALA Z 140 70.07 -63.60 35.69
C ALA Z 140 68.66 -63.18 36.05
N LYS Z 141 68.38 -61.88 36.02
CA LYS Z 141 67.03 -61.39 36.30
C LYS Z 141 66.03 -61.97 35.29
N ALA Z 142 66.40 -61.96 34.01
CA ALA Z 142 65.53 -62.51 32.98
C ALA Z 142 65.44 -64.02 33.03
N ALA Z 143 66.38 -64.70 33.68
CA ALA Z 143 66.35 -66.16 33.76
C ALA Z 143 65.13 -66.60 34.56
N THR Z 144 64.45 -67.65 34.05
CA THR Z 144 63.23 -68.14 34.67
C THR Z 144 63.43 -69.56 35.19
N PRO Z 145 62.84 -69.89 36.35
CA PRO Z 145 62.97 -71.25 36.88
C PRO Z 145 62.21 -72.26 36.02
N GLY Z 146 62.64 -73.51 36.11
CA GLY Z 146 61.99 -74.56 35.35
C GLY Z 146 62.15 -74.36 33.86
N THR Z 147 61.10 -74.68 33.11
CA THR Z 147 61.11 -74.51 31.68
C THR Z 147 59.84 -73.81 31.22
N PRO Z 148 59.92 -72.96 30.20
CA PRO Z 148 58.73 -72.29 29.69
C PRO Z 148 57.78 -73.27 29.06
N PRO Z 149 56.48 -72.95 29.02
CA PRO Z 149 55.50 -73.87 28.44
C PRO Z 149 55.71 -74.05 26.95
N LYS Z 150 55.26 -75.20 26.46
CA LYS Z 150 55.41 -75.52 25.05
C LYS Z 150 54.33 -74.80 24.23
N PRO Z 151 54.71 -73.95 23.28
CA PRO Z 151 53.71 -73.25 22.47
C PRO Z 151 53.15 -74.14 21.37
N THR Z 152 51.85 -74.40 21.44
CA THR Z 152 51.18 -75.25 20.46
C THR Z 152 49.74 -74.79 20.30
N ALA Z 153 49.13 -75.20 19.19
CA ALA Z 153 47.73 -74.95 18.92
C ALA Z 153 46.93 -76.23 19.12
N THR Z 154 45.65 -76.07 19.47
CA THR Z 154 44.79 -77.20 19.76
C THR Z 154 43.43 -77.00 19.11
N SER Z 155 42.75 -78.12 18.86
CA SER Z 155 41.39 -78.11 18.31
C SER Z 155 40.58 -79.14 19.08
N GLN Z 156 39.63 -78.67 19.89
CA GLN Z 156 38.83 -79.54 20.73
C GLN Z 156 37.37 -79.46 20.34
N PHE Z 157 36.70 -80.60 20.36
CA PHE Z 157 35.27 -80.69 20.14
C PHE Z 157 34.52 -80.43 21.44
N VAL Z 158 33.31 -79.91 21.32
CA VAL Z 158 32.51 -79.49 22.46
C VAL Z 158 31.27 -80.37 22.54
N ASN Z 159 31.02 -80.94 23.72
CA ASN Z 159 29.86 -81.79 23.95
C ASN Z 159 28.99 -81.15 25.03
N LEU Z 160 27.69 -81.10 24.78
CA LEU Z 160 26.72 -80.54 25.72
C LEU Z 160 25.93 -81.63 26.44
N SER Z 161 26.58 -82.75 26.74
CA SER Z 161 25.92 -83.77 27.54
C SER Z 161 25.75 -83.27 28.98
N PRO Z 162 24.67 -83.65 29.65
CA PRO Z 162 24.50 -83.24 31.06
C PRO Z 162 25.62 -83.75 31.95
N GLY Z 163 26.22 -84.90 31.63
CA GLY Z 163 27.32 -85.43 32.39
C GLY Z 163 28.70 -85.25 31.77
N SER Z 164 28.82 -84.46 30.70
CA SER Z 164 30.10 -84.29 30.04
C SER Z 164 31.04 -83.45 30.92
N THR Z 165 32.33 -83.53 30.59
CA THR Z 165 33.35 -82.82 31.34
C THR Z 165 33.57 -81.43 30.75
N PRO Z 166 33.90 -80.44 31.58
CA PRO Z 166 34.10 -79.09 31.06
C PRO Z 166 35.35 -79.02 30.21
N PRO Z 167 35.36 -78.16 29.18
CA PRO Z 167 36.58 -77.94 28.41
C PRO Z 167 37.59 -77.12 29.20
N VAL Z 168 38.80 -77.65 29.34
CA VAL Z 168 39.84 -77.05 30.16
C VAL Z 168 40.91 -76.48 29.24
N ILE Z 169 41.28 -75.22 29.49
CA ILE Z 169 42.25 -74.51 28.67
C ILE Z 169 43.39 -74.04 29.55
N ARG Z 170 44.62 -74.41 29.18
CA ARG Z 170 45.81 -73.94 29.89
C ARG Z 170 46.18 -72.55 29.41
N LEU Z 171 46.78 -71.77 30.31
CA LEU Z 171 47.05 -70.37 30.07
C LEU Z 171 48.50 -70.05 30.42
N SER Z 172 49.00 -68.95 29.88
CA SER Z 172 50.34 -68.45 30.16
C SER Z 172 50.25 -67.05 30.76
N GLN Z 173 51.00 -66.84 31.83
CA GLN Z 173 51.01 -65.54 32.48
C GLN Z 173 51.57 -64.47 31.54
N GLY Z 174 50.84 -63.36 31.41
CA GLY Z 174 51.31 -62.28 30.58
C GLY Z 174 51.40 -62.59 29.10
N PHE Z 175 50.75 -63.65 28.66
CA PHE Z 175 50.73 -64.02 27.25
C PHE Z 175 49.29 -64.18 26.79
N VAL Z 176 49.04 -63.81 25.53
CA VAL Z 176 47.71 -63.74 24.98
C VAL Z 176 47.40 -65.05 24.26
N SER Z 177 46.26 -65.65 24.61
CA SER Z 177 45.75 -66.83 23.94
C SER Z 177 44.51 -66.46 23.14
N SER Z 178 44.24 -67.25 22.09
CA SER Z 178 43.14 -66.96 21.19
C SER Z 178 42.21 -68.17 21.10
N LEU Z 179 40.90 -67.90 21.12
CA LEU Z 179 39.89 -68.93 20.95
C LEU Z 179 39.04 -68.58 19.74
N VAL Z 180 38.85 -69.54 18.84
CA VAL Z 180 38.03 -69.34 17.64
C VAL Z 180 36.97 -70.43 17.61
N PHE Z 181 35.71 -70.02 17.46
CA PHE Z 181 34.58 -70.94 17.55
C PHE Z 181 34.07 -71.28 16.15
N LEU Z 182 34.05 -72.57 15.82
CA LEU Z 182 33.51 -73.06 14.57
C LEU Z 182 32.45 -74.12 14.87
N ASP Z 183 31.40 -74.13 14.08
CA ASP Z 183 30.30 -75.06 14.31
C ASP Z 183 30.72 -76.47 13.90
N SER Z 184 29.75 -77.40 13.89
CA SER Z 184 30.06 -78.77 13.50
C SER Z 184 30.60 -78.83 12.07
N THR Z 185 30.00 -78.05 11.17
CA THR Z 185 30.51 -77.97 9.80
C THR Z 185 31.83 -77.23 9.71
N GLY Z 186 32.28 -76.61 10.79
CA GLY Z 186 33.47 -75.79 10.76
C GLY Z 186 33.24 -74.33 10.43
N ALA Z 187 32.01 -73.96 10.10
CA ALA Z 187 31.71 -72.56 9.86
C ALA Z 187 31.86 -71.77 11.16
N PRO Z 188 32.36 -70.54 11.11
CA PRO Z 188 32.54 -69.77 12.35
C PRO Z 188 31.21 -69.53 13.05
N TRP Z 189 31.28 -69.43 14.38
CA TRP Z 189 30.11 -69.21 15.21
C TRP Z 189 30.28 -67.87 15.92
N PRO Z 190 29.76 -66.78 15.34
CA PRO Z 190 29.94 -65.46 15.95
C PRO Z 190 29.37 -65.41 17.36
N ILE Z 191 30.05 -64.66 18.22
CA ILE Z 191 29.73 -64.58 19.63
C ILE Z 191 28.62 -63.55 19.83
N ALA Z 192 27.77 -63.80 20.83
CA ALA Z 192 26.75 -62.84 21.23
C ALA Z 192 27.17 -62.05 22.46
N ALA Z 193 27.60 -62.73 23.52
CA ALA Z 193 28.03 -62.05 24.73
C ALA Z 193 28.95 -62.98 25.52
N TYR Z 194 29.68 -62.39 26.47
CA TYR Z 194 30.56 -63.15 27.33
C TYR Z 194 30.35 -62.70 28.77
N ASP Z 195 30.55 -63.64 29.69
CA ASP Z 195 30.44 -63.37 31.12
C ASP Z 195 31.68 -63.92 31.80
N LEU Z 196 32.34 -63.07 32.58
CA LEU Z 196 33.64 -63.36 33.17
C LEU Z 196 33.60 -63.11 34.66
N GLY Z 197 34.08 -64.08 35.43
CA GLY Z 197 34.41 -63.83 36.82
C GLY Z 197 35.90 -63.60 37.00
N ASP Z 198 36.25 -63.04 38.14
CA ASP Z 198 37.64 -62.77 38.50
C ASP Z 198 38.33 -61.90 37.46
N PRO Z 199 37.99 -60.61 37.38
CA PRO Z 199 38.67 -59.74 36.41
C PRO Z 199 40.17 -59.66 36.59
N SER Z 200 40.66 -59.74 37.83
CA SER Z 200 42.09 -59.59 38.08
C SER Z 200 42.89 -60.70 37.40
N SER Z 201 42.47 -61.95 37.59
CA SER Z 201 43.23 -63.08 37.07
C SER Z 201 43.26 -63.07 35.54
N PHE Z 202 42.14 -62.76 34.90
CA PHE Z 202 42.00 -62.91 33.46
C PHE Z 202 41.49 -61.62 32.84
N ASN Z 203 42.16 -61.18 31.78
CA ASN Z 203 41.73 -60.07 30.96
C ASN Z 203 41.18 -60.60 29.65
N ILE Z 204 40.19 -59.88 29.11
CA ILE Z 204 39.44 -60.32 27.94
C ILE Z 204 39.53 -59.23 26.87
N GLN Z 205 39.77 -59.66 25.63
CA GLN Z 205 39.65 -58.79 24.47
C GLN Z 205 38.68 -59.43 23.50
N TRP Z 206 37.71 -58.64 23.02
CA TRP Z 206 36.64 -59.19 22.20
C TRP Z 206 36.07 -58.07 21.35
N ASP Z 207 36.31 -58.12 20.05
CA ASP Z 207 35.54 -57.30 19.13
C ASP Z 207 34.10 -57.79 19.12
N LYS Z 208 33.19 -56.91 18.75
CA LYS Z 208 31.77 -57.22 18.84
C LYS Z 208 31.29 -58.22 17.79
N THR Z 209 32.12 -58.60 16.84
CA THR Z 209 31.61 -59.39 15.73
C THR Z 209 32.27 -60.75 15.57
N SER Z 210 33.59 -60.84 15.73
CA SER Z 210 34.29 -62.06 15.36
C SER Z 210 33.99 -63.19 16.35
N ASN Z 211 34.15 -64.42 15.87
CA ASN Z 211 34.04 -65.62 16.68
C ASN Z 211 35.35 -65.95 17.40
N THR Z 212 36.22 -64.97 17.56
CA THR Z 212 37.52 -65.16 18.17
C THR Z 212 37.70 -64.17 19.31
N LEU Z 213 38.25 -64.67 20.41
CA LEU Z 213 38.43 -63.87 21.62
C LEU Z 213 39.85 -64.07 22.13
N MET Z 214 40.37 -63.05 22.83
CA MET Z 214 41.72 -63.05 23.35
C MET Z 214 41.67 -63.07 24.88
N ILE Z 215 42.49 -63.93 25.48
CA ILE Z 215 42.54 -64.11 26.92
C ILE Z 215 43.95 -63.84 27.40
N GLN Z 216 44.07 -63.09 28.50
CA GLN Z 216 45.35 -62.73 29.07
C GLN Z 216 45.37 -63.13 30.54
N ALA Z 217 46.47 -63.71 30.98
CA ALA Z 217 46.61 -64.17 32.36
C ALA Z 217 47.54 -63.24 33.13
N THR Z 218 47.12 -62.87 34.35
CA THR Z 218 47.90 -61.97 35.19
C THR Z 218 48.69 -62.73 36.25
N LYS Z 219 48.02 -63.51 37.08
CA LYS Z 219 48.67 -64.27 38.13
C LYS Z 219 49.19 -65.59 37.55
N LEU Z 220 49.61 -66.51 38.42
CA LEU Z 220 50.28 -67.72 37.99
C LEU Z 220 49.44 -68.98 38.13
N TYR Z 221 48.74 -69.15 39.26
CA TYR Z 221 48.00 -70.37 39.52
C TYR Z 221 46.60 -70.05 40.02
N ASN Z 222 45.92 -69.13 39.35
CA ASN Z 222 44.56 -68.73 39.69
C ASN Z 222 43.66 -69.12 38.53
N TYR Z 223 42.77 -70.08 38.77
CA TYR Z 223 41.89 -70.58 37.73
C TYR Z 223 40.54 -69.87 37.77
N GLY Z 224 39.77 -70.06 36.71
CA GLY Z 224 38.47 -69.43 36.62
C GLY Z 224 37.58 -70.12 35.62
N ASN Z 225 36.37 -69.58 35.47
CA ASN Z 225 35.38 -70.11 34.55
C ASN Z 225 34.82 -68.98 33.70
N LEU Z 226 34.69 -69.23 32.41
CA LEU Z 226 34.21 -68.24 31.46
C LEU Z 226 32.96 -68.76 30.76
N ALA Z 227 31.92 -67.92 30.70
CA ALA Z 227 30.67 -68.29 30.07
C ALA Z 227 30.52 -67.52 28.77
N VAL Z 228 30.06 -68.20 27.73
CA VAL Z 228 29.89 -67.60 26.41
C VAL Z 228 28.47 -67.88 25.93
N ARG Z 229 27.78 -66.82 25.52
CA ARG Z 229 26.49 -66.94 24.86
C ARG Z 229 26.67 -66.61 23.39
N LEU Z 230 26.19 -67.50 22.52
CA LEU Z 230 26.31 -67.33 21.08
C LEU Z 230 24.97 -66.87 20.51
N ARG Z 231 25.05 -66.15 19.39
CA ARG Z 231 23.86 -65.52 18.83
C ARG Z 231 22.79 -66.55 18.48
N GLY Z 232 23.19 -67.64 17.84
CA GLY Z 232 22.24 -68.67 17.47
C GLY Z 232 22.03 -69.76 18.50
N LEU Z 233 22.78 -69.75 19.59
CA LEU Z 233 22.73 -70.82 20.58
C LEU Z 233 21.88 -70.36 21.77
N ASN Z 234 20.82 -71.12 22.06
CA ASN Z 234 20.04 -70.84 23.26
C ASN Z 234 20.83 -71.17 24.51
N THR Z 235 21.43 -72.35 24.55
CA THR Z 235 22.13 -72.80 25.75
C THR Z 235 23.51 -72.16 25.82
N PRO Z 236 23.84 -71.47 26.92
CA PRO Z 236 25.18 -70.93 27.06
C PRO Z 236 26.21 -72.04 27.24
N VAL Z 237 27.45 -71.74 26.87
CA VAL Z 237 28.55 -72.68 27.04
C VAL Z 237 29.47 -72.14 28.13
N MET Z 238 30.23 -73.04 28.74
CA MET Z 238 31.13 -72.67 29.81
C MET Z 238 32.45 -73.41 29.63
N LEU Z 239 33.55 -72.76 30.01
CA LEU Z 239 34.86 -73.36 29.92
C LEU Z 239 35.65 -73.01 31.19
N THR Z 240 36.61 -73.86 31.51
CA THR Z 240 37.49 -73.67 32.66
C THR Z 240 38.87 -73.28 32.18
N LEU Z 241 39.44 -72.26 32.80
CA LEU Z 241 40.73 -71.70 32.41
C LEU Z 241 41.69 -71.85 33.58
N ILE Z 242 42.87 -72.42 33.32
CA ILE Z 242 43.87 -72.64 34.35
C ILE Z 242 45.24 -72.21 33.81
N PRO Z 243 45.94 -71.30 34.47
CA PRO Z 243 47.27 -70.91 33.99
C PRO Z 243 48.37 -71.78 34.58
N GLY Z 244 49.62 -71.45 34.25
CA GLY Z 244 50.76 -72.11 34.85
C GLY Z 244 50.91 -73.58 34.54
N GLN Z 245 50.78 -73.95 33.28
CA GLN Z 245 50.93 -75.34 32.85
C GLN Z 245 52.22 -75.50 32.06
N LYS Z 246 52.65 -76.75 31.93
CA LYS Z 246 53.86 -77.08 31.20
C LYS Z 246 53.75 -76.82 29.70
N ALA Z 247 52.53 -76.57 29.21
CA ALA Z 247 52.30 -76.17 27.83
C ALA Z 247 51.40 -74.94 27.84
N VAL Z 248 51.32 -74.28 26.69
CA VAL Z 248 50.49 -73.09 26.53
C VAL Z 248 49.62 -73.29 25.30
N ASP Z 249 48.31 -73.20 25.47
CA ASP Z 249 47.37 -73.24 24.35
C ASP Z 249 47.47 -71.93 23.58
N TYR Z 250 48.12 -71.96 22.42
CA TYR Z 250 48.29 -70.74 21.66
C TYR Z 250 46.96 -70.34 21.01
N ARG Z 251 46.47 -71.16 20.10
CA ARG Z 251 45.17 -70.93 19.46
C ARG Z 251 44.34 -72.19 19.61
N VAL Z 252 43.11 -72.03 20.06
CA VAL Z 252 42.22 -73.16 20.34
C VAL Z 252 40.99 -73.04 19.45
N ASP Z 253 40.72 -74.10 18.69
CA ASP Z 253 39.59 -74.18 17.80
C ASP Z 253 38.48 -74.97 18.49
N LEU Z 254 37.35 -74.31 18.73
CA LEU Z 254 36.22 -74.92 19.44
C LEU Z 254 35.25 -75.46 18.41
N ARG Z 255 35.23 -76.78 18.24
CA ARG Z 255 34.33 -77.45 17.31
C ARG Z 255 33.03 -77.72 18.06
N VAL Z 256 32.07 -76.81 17.92
CA VAL Z 256 30.83 -76.91 18.67
C VAL Z 256 29.97 -78.04 18.10
N GLN Z 257 29.27 -78.74 19.00
CA GLN Z 257 28.38 -79.81 18.56
C GLN Z 257 27.22 -79.27 17.74
N GLY Z 258 26.83 -78.02 17.98
CA GLY Z 258 25.71 -77.42 17.29
C GLY Z 258 26.11 -76.70 16.02
N TYR Z 259 25.22 -75.85 15.54
CA TYR Z 259 25.43 -75.08 14.33
C TYR Z 259 25.09 -73.62 14.60
N GLY Z 260 25.98 -72.72 14.19
CA GLY Z 260 25.80 -71.31 14.43
C GLY Z 260 24.85 -70.67 13.44
N PRO Z 261 24.50 -69.41 13.72
CA PRO Z 261 23.77 -68.63 12.71
C PRO Z 261 24.52 -68.52 11.40
N ASN Z 262 25.84 -68.46 11.46
CA ASN Z 262 26.67 -68.64 10.27
C ASN Z 262 26.71 -70.12 9.93
N ALA Z 263 25.74 -70.56 9.12
CA ALA Z 263 25.56 -71.97 8.82
C ALA Z 263 25.60 -72.19 7.32
N LYS Z 264 26.64 -71.66 6.68
CA LYS Z 264 26.78 -71.59 5.22
C LYS Z 264 26.35 -72.86 4.49
N SER Z 265 27.03 -73.98 4.76
CA SER Z 265 26.78 -75.19 4.00
C SER Z 265 26.92 -76.41 4.89
N MET Z 266 25.98 -77.35 4.74
CA MET Z 266 26.11 -78.68 5.30
C MET Z 266 26.97 -79.52 4.37
N PRO Z 267 27.57 -80.61 4.88
CA PRO Z 267 28.38 -81.47 4.03
C PRO Z 267 27.54 -82.12 2.93
N THR Z 268 28.17 -82.34 1.77
CA THR Z 268 27.52 -82.96 0.64
C THR Z 268 27.96 -84.42 0.55
N GLU Z 269 27.01 -85.33 0.71
CA GLU Z 269 27.27 -86.76 0.76
C GLU Z 269 27.09 -87.38 -0.62
N GLU Z 270 27.10 -88.71 -0.67
CA GLU Z 270 26.91 -89.46 -1.89
C GLU Z 270 25.46 -89.91 -1.97
N GLY Z 271 24.79 -89.58 -3.08
CA GLY Z 271 23.37 -89.84 -3.20
C GLY Z 271 23.09 -91.25 -3.68
N ILE Z 272 22.16 -91.92 -2.99
CA ILE Z 272 21.65 -93.20 -3.46
C ILE Z 272 20.60 -92.92 -4.54
N PRO Z 273 20.75 -93.50 -5.73
CA PRO Z 273 19.79 -93.20 -6.79
C PRO Z 273 18.41 -93.67 -6.40
N PRO Z 274 17.37 -92.98 -6.89
CA PRO Z 274 16.00 -93.38 -6.55
C PRO Z 274 15.68 -94.78 -7.05
N SER Z 275 14.82 -95.46 -6.29
CA SER Z 275 14.47 -96.84 -6.63
C SER Z 275 13.70 -96.93 -7.93
N ALA Z 276 12.52 -96.32 -7.97
CA ALA Z 276 11.68 -96.32 -9.16
C ALA Z 276 10.51 -95.38 -8.91
N ASN Z 277 9.97 -94.85 -10.01
CA ASN Z 277 8.76 -94.03 -9.92
C ASN Z 277 7.57 -94.94 -9.67
N ASP Z 278 6.93 -94.77 -8.51
CA ASP Z 278 5.82 -95.64 -8.13
C ASP Z 278 4.63 -95.50 -9.06
N LEU Z 279 4.54 -94.41 -9.81
CA LEU Z 279 3.45 -94.27 -10.78
C LEU Z 279 3.47 -95.41 -11.79
N LEU Z 280 4.65 -95.99 -12.03
CA LEU Z 280 4.76 -97.11 -12.94
C LEU Z 280 3.90 -98.28 -12.49
N LEU Z 281 3.68 -98.42 -11.18
CA LEU Z 281 2.84 -99.50 -10.70
C LEU Z 281 1.40 -99.33 -11.16
N HIS Z 282 0.85 -98.13 -10.98
CA HIS Z 282 -0.49 -97.85 -11.46
C HIS Z 282 -0.58 -97.98 -12.97
N VAL Z 283 0.45 -97.51 -13.68
CA VAL Z 283 0.43 -97.62 -15.13
C VAL Z 283 0.44 -99.08 -15.55
N LEU Z 284 1.28 -99.90 -14.92
CA LEU Z 284 1.36 -101.32 -15.24
C LEU Z 284 0.02 -102.00 -15.00
N GLU Z 285 -0.64 -101.67 -13.89
CA GLU Z 285 -1.96 -102.24 -13.66
C GLU Z 285 -2.94 -101.77 -14.72
N GLY Z 286 -2.84 -100.51 -15.14
CA GLY Z 286 -3.73 -99.98 -16.14
C GLY Z 286 -4.47 -98.75 -15.67
N VAL Z 287 -4.08 -98.23 -14.52
CA VAL Z 287 -4.72 -97.06 -13.92
C VAL Z 287 -3.94 -95.82 -14.35
N PRO Z 288 -4.54 -94.91 -15.11
CA PRO Z 288 -3.83 -93.69 -15.47
C PRO Z 288 -3.53 -92.87 -14.24
N PRO Z 289 -2.38 -92.22 -14.19
CA PRO Z 289 -2.03 -91.42 -13.02
C PRO Z 289 -2.85 -90.15 -12.97
N PRO Z 290 -3.00 -89.54 -11.80
CA PRO Z 290 -3.82 -88.33 -11.70
C PRO Z 290 -3.20 -87.17 -12.47
N GLY Z 291 -4.07 -86.27 -12.93
CA GLY Z 291 -3.62 -85.09 -13.65
C GLY Z 291 -2.91 -85.41 -14.94
N SER Z 292 -3.48 -86.31 -15.74
CA SER Z 292 -2.86 -86.78 -16.96
C SER Z 292 -3.73 -86.43 -18.15
N ARG Z 293 -3.19 -86.66 -19.35
CA ARG Z 293 -3.91 -86.44 -20.58
C ARG Z 293 -3.79 -87.66 -21.47
N ARG Z 294 -4.85 -87.93 -22.22
CA ARG Z 294 -4.90 -89.10 -23.08
C ARG Z 294 -4.10 -88.87 -24.35
N LEU Z 295 -3.54 -89.94 -24.89
CA LEU Z 295 -2.71 -89.89 -26.07
C LEU Z 295 -3.25 -90.86 -27.12
N VAL Z 296 -3.42 -90.37 -28.34
CA VAL Z 296 -3.97 -91.18 -29.43
C VAL Z 296 -2.83 -91.92 -30.10
N VAL Z 297 -2.88 -93.25 -30.05
CA VAL Z 297 -1.83 -94.10 -30.58
C VAL Z 297 -2.44 -95.05 -31.60
N SER Z 298 -1.82 -95.16 -32.77
CA SER Z 298 -2.20 -96.11 -33.78
C SER Z 298 -1.00 -96.99 -34.12
N GLY Z 299 -1.25 -98.29 -34.28
CA GLY Z 299 -0.18 -99.21 -34.61
C GLY Z 299 -0.26 -100.57 -33.93
N GLY Z 300 -1.25 -100.76 -33.09
CA GLY Z 300 -1.41 -102.04 -32.44
C GLY Z 300 -2.01 -101.86 -31.05
N ASP Z 301 -1.59 -102.72 -30.13
CA ASP Z 301 -2.06 -102.69 -28.76
C ASP Z 301 -1.05 -101.93 -27.91
N ALA Z 302 -1.45 -100.76 -27.42
CA ALA Z 302 -0.61 -99.93 -26.58
C ALA Z 302 -1.44 -98.79 -26.03
N ARG Z 303 -1.13 -98.38 -24.80
CA ARG Z 303 -1.78 -97.23 -24.20
C ARG Z 303 -0.71 -96.28 -23.68
N ALA Z 304 -1.05 -94.99 -23.67
CA ALA Z 304 -0.07 -93.99 -23.31
C ALA Z 304 -0.74 -92.86 -22.54
N TRP Z 305 0.07 -92.15 -21.75
CA TRP Z 305 -0.38 -90.99 -21.01
C TRP Z 305 0.77 -90.01 -20.85
N LEU Z 306 0.40 -88.75 -20.66
CA LEU Z 306 1.34 -87.67 -20.40
C LEU Z 306 0.93 -86.96 -19.12
N SER Z 307 1.84 -86.90 -18.16
CA SER Z 307 1.59 -86.24 -16.88
C SER Z 307 2.54 -85.09 -16.61
N ASN Z 308 3.85 -85.34 -16.71
CA ASN Z 308 4.88 -84.41 -16.24
C ASN Z 308 5.94 -84.27 -17.33
N GLU Z 309 5.48 -83.92 -18.54
CA GLU Z 309 6.29 -83.90 -19.77
C GLU Z 309 7.12 -85.18 -19.89
N LYS Z 310 6.57 -86.29 -19.43
CA LYS Z 310 7.18 -87.60 -19.55
C LYS Z 310 6.12 -88.59 -20.01
N MET Z 311 6.45 -89.39 -21.01
CA MET Z 311 5.52 -90.38 -21.50
C MET Z 311 5.49 -91.59 -20.58
N TYR Z 312 4.29 -92.09 -20.32
CA TYR Z 312 4.11 -93.33 -19.57
C TYR Z 312 3.26 -94.24 -20.44
N VAL Z 313 3.83 -95.36 -20.87
CA VAL Z 313 3.21 -96.20 -21.89
C VAL Z 313 3.18 -97.64 -21.41
N ARG Z 314 2.02 -98.27 -21.53
CA ARG Z 314 1.82 -99.67 -21.17
C ARG Z 314 1.50 -100.48 -22.40
N THR Z 315 2.17 -101.61 -22.54
CA THR Z 315 1.94 -102.50 -23.68
C THR Z 315 2.50 -103.87 -23.33
N ASN Z 316 2.63 -104.74 -24.33
CA ASN Z 316 3.30 -106.02 -24.17
C ASN Z 316 4.36 -106.23 -25.25
N LEU Z 317 4.75 -105.17 -25.96
CA LEU Z 317 5.73 -105.26 -27.02
C LEU Z 317 7.12 -104.95 -26.46
N THR Z 318 8.09 -104.74 -27.34
CA THR Z 318 9.47 -104.47 -26.97
C THR Z 318 9.90 -103.17 -27.64
N ILE Z 319 9.76 -102.06 -26.90
CA ILE Z 319 10.08 -100.75 -27.45
C ILE Z 319 11.59 -100.64 -27.66
N LEU Z 320 11.99 -100.07 -28.79
CA LEU Z 320 13.40 -100.05 -29.16
C LEU Z 320 13.95 -98.65 -29.45
N SER Z 321 13.22 -97.80 -30.15
CA SER Z 321 13.85 -96.60 -30.72
C SER Z 321 14.32 -95.60 -29.68
N PRO Z 322 13.44 -94.96 -28.90
CA PRO Z 322 13.87 -93.78 -28.14
C PRO Z 322 14.64 -94.12 -26.87
N GLY Z 323 14.51 -95.33 -26.34
CA GLY Z 323 15.13 -95.66 -25.08
C GLY Z 323 14.33 -95.10 -23.93
N TRP Z 324 14.12 -95.90 -22.89
CA TRP Z 324 13.29 -95.48 -21.78
C TRP Z 324 14.13 -95.31 -20.52
N LEU Z 325 13.51 -94.69 -19.51
CA LEU Z 325 14.17 -94.42 -18.24
C LEU Z 325 13.74 -95.38 -17.14
N ALA Z 326 12.46 -95.73 -17.08
CA ALA Z 326 11.98 -96.65 -16.05
C ALA Z 326 11.19 -97.76 -16.72
N SER Z 327 11.40 -98.99 -16.24
CA SER Z 327 10.74 -100.15 -16.80
C SER Z 327 10.20 -101.03 -15.69
N MET Z 328 9.01 -101.58 -15.91
CA MET Z 328 8.40 -102.51 -14.95
C MET Z 328 7.66 -103.60 -15.72
N THR Z 329 7.55 -104.76 -15.09
CA THR Z 329 6.94 -105.92 -15.72
C THR Z 329 5.89 -106.52 -14.79
N SER Z 330 4.77 -106.93 -15.37
CA SER Z 330 3.67 -107.52 -14.61
C SER Z 330 3.98 -108.99 -14.31
N ALA Z 331 2.96 -109.69 -13.82
CA ALA Z 331 3.11 -111.11 -13.52
C ALA Z 331 2.87 -111.98 -14.74
N ASP Z 332 2.33 -111.42 -15.82
CA ASP Z 332 1.93 -112.20 -16.98
C ASP Z 332 2.28 -111.52 -18.30
N GLY Z 333 3.51 -111.01 -18.40
CA GLY Z 333 3.99 -110.49 -19.67
C GLY Z 333 3.37 -109.18 -20.10
N THR Z 334 3.53 -108.14 -19.29
CA THR Z 334 3.07 -106.80 -19.63
C THR Z 334 4.12 -105.81 -19.18
N HIS Z 335 4.59 -104.97 -20.10
CA HIS Z 335 5.67 -104.04 -19.83
C HIS Z 335 5.14 -102.62 -19.78
N ALA Z 336 5.52 -101.91 -18.72
CA ALA Z 336 5.20 -100.49 -18.55
C ALA Z 336 6.50 -99.70 -18.55
N TYR Z 337 6.49 -98.57 -19.23
CA TYR Z 337 7.69 -97.75 -19.40
C TYR Z 337 7.39 -96.30 -19.09
N GLU Z 338 8.35 -95.67 -18.43
CA GLU Z 338 8.42 -94.21 -18.28
C GLU Z 338 9.61 -93.72 -19.08
N MET Z 339 9.38 -92.75 -19.96
CA MET Z 339 10.41 -92.35 -20.90
C MET Z 339 10.23 -90.90 -21.30
N GLN Z 340 11.23 -90.37 -21.99
CA GLN Z 340 11.11 -89.08 -22.64
C GLN Z 340 10.08 -89.15 -23.76
N LYS Z 341 9.37 -88.04 -23.99
CA LYS Z 341 8.36 -88.02 -25.02
C LYS Z 341 8.99 -88.10 -26.41
N SER Z 342 8.26 -88.71 -27.33
CA SER Z 342 8.73 -88.88 -28.70
C SER Z 342 7.54 -89.05 -29.62
N PRO Z 343 7.63 -88.57 -30.86
CA PRO Z 343 6.51 -88.78 -31.79
C PRO Z 343 6.46 -90.18 -32.38
N VAL Z 344 7.56 -90.94 -32.32
CA VAL Z 344 7.61 -92.24 -32.93
C VAL Z 344 8.16 -93.27 -31.94
N LEU Z 345 7.82 -94.52 -32.18
CA LEU Z 345 8.31 -95.66 -31.41
C LEU Z 345 8.72 -96.76 -32.37
N LEU Z 346 9.64 -97.62 -31.92
CA LEU Z 346 10.04 -98.79 -32.68
C LEU Z 346 9.92 -100.02 -31.80
N VAL Z 347 9.27 -101.06 -32.32
CA VAL Z 347 9.07 -102.30 -31.59
C VAL Z 347 9.40 -103.47 -32.50
N SER Z 348 9.64 -104.63 -31.88
CA SER Z 348 9.78 -105.89 -32.59
C SER Z 348 8.62 -106.77 -32.17
N TRP Z 349 7.78 -107.13 -33.15
CA TRP Z 349 6.51 -107.77 -32.81
C TRP Z 349 6.65 -109.28 -32.67
N HIS Z 350 7.03 -109.96 -33.75
CA HIS Z 350 7.26 -111.40 -33.72
C HIS Z 350 8.47 -111.73 -34.57
N GLY Z 351 9.54 -110.96 -34.40
CA GLY Z 351 10.71 -111.07 -35.24
C GLY Z 351 10.77 -110.05 -36.36
N LYS Z 352 9.67 -109.33 -36.60
CA LYS Z 352 9.62 -108.27 -37.59
C LYS Z 352 9.49 -106.92 -36.88
N VAL Z 353 10.19 -105.93 -37.41
CA VAL Z 353 10.23 -104.61 -36.79
C VAL Z 353 9.01 -103.82 -37.24
N MET Z 354 8.66 -102.80 -36.45
CA MET Z 354 7.48 -101.99 -36.73
C MET Z 354 7.63 -100.63 -36.07
N GLN Z 355 7.26 -99.58 -36.81
CA GLN Z 355 7.28 -98.23 -36.30
C GLN Z 355 5.86 -97.77 -35.99
N LEU Z 356 5.69 -97.11 -34.85
CA LEU Z 356 4.39 -96.69 -34.34
C LEU Z 356 4.38 -95.18 -34.18
N LYS Z 357 3.34 -94.55 -34.74
CA LYS Z 357 3.18 -93.10 -34.66
C LYS Z 357 2.31 -92.75 -33.45
N VAL Z 358 2.81 -91.85 -32.60
CA VAL Z 358 2.06 -91.34 -31.46
C VAL Z 358 1.83 -89.87 -31.69
N GLU Z 359 0.57 -89.47 -31.81
CA GLU Z 359 0.20 -88.10 -32.09
C GLU Z 359 -0.65 -87.55 -30.95
N GLY Z 360 -1.18 -86.34 -31.16
CA GLY Z 360 -1.97 -85.67 -30.15
C GLY Z 360 -1.17 -84.95 -29.09
N LEU Z 361 0.14 -84.84 -29.24
CA LEU Z 361 0.98 -84.15 -28.26
C LEU Z 361 0.68 -82.66 -28.26
N VAL AA 38 -45.43 -89.62 -14.97
CA VAL AA 38 -45.91 -90.67 -15.87
C VAL AA 38 -44.82 -91.17 -16.84
N PRO AA 39 -44.13 -90.27 -17.57
CA PRO AA 39 -43.09 -90.75 -18.48
C PRO AA 39 -41.95 -91.45 -17.78
N LYS AA 40 -41.71 -91.14 -16.51
CA LYS AA 40 -40.68 -91.81 -15.73
C LYS AA 40 -41.25 -92.84 -14.77
N LEU AA 41 -42.22 -92.45 -13.96
CA LEU AA 41 -42.83 -93.39 -13.02
C LEU AA 41 -43.68 -94.39 -13.78
N PRO AA 42 -43.41 -95.68 -13.67
CA PRO AA 42 -44.27 -96.67 -14.33
C PRO AA 42 -45.68 -96.63 -13.75
N CYS AA 43 -46.67 -96.80 -14.62
CA CYS AA 43 -48.06 -96.81 -14.21
C CYS AA 43 -48.64 -98.22 -14.12
N ARG AA 44 -48.10 -99.17 -14.87
CA ARG AA 44 -48.51 -100.56 -14.80
C ARG AA 44 -47.29 -101.44 -14.71
N VAL AA 45 -47.46 -102.63 -14.12
CA VAL AA 45 -46.39 -103.62 -14.15
C VAL AA 45 -46.28 -104.19 -15.55
N ASP AA 46 -45.04 -104.35 -16.02
CA ASP AA 46 -44.79 -104.69 -17.42
C ASP AA 46 -45.48 -106.00 -17.80
N GLY AA 47 -46.13 -105.97 -18.96
CA GLY AA 47 -46.81 -107.15 -19.47
C GLY AA 47 -47.97 -107.62 -18.62
N ALA AA 48 -48.80 -106.68 -18.15
CA ALA AA 48 -49.95 -107.02 -17.32
C ALA AA 48 -51.23 -106.59 -18.01
N CYS AA 49 -52.21 -107.49 -18.04
CA CYS AA 49 -53.53 -107.18 -18.59
C CYS AA 49 -54.53 -108.14 -17.97
N ASP AA 50 -55.39 -107.61 -17.09
CA ASP AA 50 -56.38 -108.43 -16.42
C ASP AA 50 -57.30 -109.12 -17.41
N ALA AA 51 -57.58 -108.47 -18.55
CA ALA AA 51 -58.39 -109.11 -19.59
C ALA AA 51 -57.70 -110.37 -20.10
N THR AA 52 -56.39 -110.28 -20.36
CA THR AA 52 -55.65 -111.46 -20.79
C THR AA 52 -55.65 -112.52 -19.69
N ILE AA 53 -55.50 -112.09 -18.44
CA ILE AA 53 -55.49 -113.05 -17.33
C ILE AA 53 -56.79 -113.84 -17.30
N ILE AA 54 -57.92 -113.13 -17.38
CA ILE AA 54 -59.22 -113.79 -17.36
C ILE AA 54 -59.37 -114.69 -18.58
N LYS AA 55 -58.95 -114.20 -19.74
CA LYS AA 55 -59.06 -115.00 -20.96
C LYS AA 55 -58.33 -116.32 -20.82
N MET AA 56 -57.08 -116.28 -20.37
CA MET AA 56 -56.32 -117.51 -20.31
C MET AA 56 -56.78 -118.40 -19.17
N MET AA 57 -57.28 -117.83 -18.07
CA MET AA 57 -57.88 -118.66 -17.04
C MET AA 57 -59.07 -119.44 -17.60
N THR AA 58 -59.96 -118.75 -18.31
CA THR AA 58 -61.12 -119.40 -18.90
C THR AA 58 -60.69 -120.45 -19.91
N ASP AA 59 -59.69 -120.14 -20.73
CA ASP AA 59 -59.23 -121.10 -21.73
C ASP AA 59 -58.64 -122.34 -21.07
N LEU AA 60 -57.88 -122.16 -19.99
CA LEU AA 60 -57.31 -123.30 -19.28
C LEU AA 60 -58.41 -124.17 -18.70
N ASN AA 61 -59.39 -123.55 -18.05
CA ASN AA 61 -60.45 -124.35 -17.45
C ASN AA 61 -61.29 -125.04 -18.51
N LYS AA 62 -61.46 -124.43 -19.67
CA LYS AA 62 -62.13 -125.12 -20.77
C LYS AA 62 -61.30 -126.29 -21.28
N LYS AA 63 -59.97 -126.12 -21.33
CA LYS AA 63 -59.09 -127.22 -21.67
C LYS AA 63 -59.12 -128.32 -20.62
N GLY AA 64 -59.63 -128.02 -19.43
CA GLY AA 64 -59.85 -129.00 -18.40
C GLY AA 64 -58.81 -129.02 -17.30
N ILE AA 65 -57.65 -128.41 -17.52
CA ILE AA 65 -56.70 -128.26 -16.43
C ILE AA 65 -57.29 -127.32 -15.39
N LYS AA 66 -57.18 -127.70 -14.13
CA LYS AA 66 -57.90 -127.03 -13.07
C LYS AA 66 -57.12 -125.83 -12.56
N VAL AA 67 -57.79 -124.68 -12.49
CA VAL AA 67 -57.22 -123.46 -11.92
C VAL AA 67 -58.10 -123.02 -10.77
N ALA AA 68 -57.50 -122.80 -9.61
CA ALA AA 68 -58.25 -122.41 -8.42
C ALA AA 68 -57.54 -121.27 -7.71
N SER AA 69 -58.33 -120.33 -7.20
CA SER AA 69 -57.80 -119.17 -6.51
C SER AA 69 -58.62 -118.91 -5.26
N VAL AA 70 -57.96 -118.88 -4.11
CA VAL AA 70 -58.61 -118.54 -2.84
C VAL AA 70 -57.72 -117.55 -2.11
N GLY AA 71 -58.26 -116.39 -1.78
CA GLY AA 71 -57.47 -115.38 -1.12
C GLY AA 71 -56.29 -114.96 -1.98
N GLN AA 72 -55.09 -115.00 -1.39
CA GLN AA 72 -53.86 -114.67 -2.09
C GLN AA 72 -53.11 -115.93 -2.54
N ASN AA 73 -53.83 -116.98 -2.91
CA ASN AA 73 -53.21 -118.24 -3.27
C ASN AA 73 -53.81 -118.77 -4.57
N TYR AA 74 -52.97 -119.44 -5.36
CA TYR AA 74 -53.37 -120.00 -6.63
C TYR AA 74 -52.80 -121.41 -6.75
N LEU AA 75 -53.66 -122.34 -7.17
CA LEU AA 75 -53.29 -123.74 -7.36
C LEU AA 75 -53.75 -124.21 -8.73
N ILE AA 76 -52.83 -124.81 -9.48
CA ILE AA 76 -53.12 -125.33 -10.81
C ILE AA 76 -52.82 -126.82 -10.80
N SER AA 77 -53.76 -127.61 -11.33
CA SER AA 77 -53.65 -129.06 -11.39
C SER AA 77 -53.75 -129.52 -12.83
N ILE AA 78 -52.84 -130.39 -13.23
CA ILE AA 78 -52.77 -130.94 -14.58
C ILE AA 78 -52.85 -132.45 -14.47
N PRO AA 79 -53.72 -133.11 -15.22
CA PRO AA 79 -53.75 -134.58 -15.19
C PRO AA 79 -52.46 -135.15 -15.76
N ALA AA 80 -52.02 -136.26 -15.17
CA ALA AA 80 -50.78 -136.89 -15.61
C ALA AA 80 -50.92 -137.46 -17.01
N SER AA 81 -52.10 -137.98 -17.35
CA SER AA 81 -52.28 -138.64 -18.64
C SER AA 81 -52.04 -137.68 -19.80
N ALA AA 82 -52.46 -136.43 -19.66
CA ALA AA 82 -52.32 -135.47 -20.76
C ALA AA 82 -50.91 -134.91 -20.86
N LEU AA 83 -50.03 -135.19 -19.91
CA LEU AA 83 -48.69 -134.64 -19.93
C LEU AA 83 -47.61 -135.69 -20.12
N PHE AA 84 -47.56 -136.70 -19.26
CA PHE AA 84 -46.46 -137.65 -19.26
C PHE AA 84 -46.84 -138.93 -19.98
N ALA AA 85 -45.80 -139.70 -20.33
CA ALA AA 85 -46.02 -141.03 -20.88
C ALA AA 85 -46.51 -141.98 -19.79
N ASP AA 86 -47.12 -143.07 -20.22
CA ASP AA 86 -47.75 -144.01 -19.29
C ASP AA 86 -46.71 -144.65 -18.40
N GLN AA 87 -46.77 -144.34 -17.10
CA GLN AA 87 -45.90 -144.94 -16.09
C GLN AA 87 -44.43 -144.73 -16.41
N SER AA 88 -44.10 -143.55 -16.94
CA SER AA 88 -42.72 -143.25 -17.30
C SER AA 88 -42.55 -141.74 -17.38
N PRO AA 89 -41.38 -141.23 -17.05
CA PRO AA 89 -41.13 -139.77 -17.11
C PRO AA 89 -40.62 -139.32 -18.47
N ARG AA 90 -41.51 -139.25 -19.44
CA ARG AA 90 -41.19 -138.75 -20.76
C ARG AA 90 -42.17 -137.65 -21.15
N LEU AA 91 -41.80 -136.87 -22.15
CA LEU AA 91 -42.55 -135.69 -22.55
C LEU AA 91 -42.97 -135.80 -24.01
N ASN AA 92 -44.25 -135.67 -24.26
CA ASN AA 92 -44.75 -135.61 -25.63
C ASN AA 92 -44.45 -134.24 -26.22
N TRP AA 93 -44.08 -134.22 -27.50
CA TRP AA 93 -43.73 -132.95 -28.14
C TRP AA 93 -44.94 -132.01 -28.18
N ALA AA 94 -46.15 -132.55 -28.23
CA ALA AA 94 -47.33 -131.70 -28.21
C ALA AA 94 -47.49 -131.01 -26.86
N SER AA 95 -47.07 -131.66 -25.77
CA SER AA 95 -47.25 -131.11 -24.45
C SER AA 95 -46.55 -129.77 -24.27
N TYR AA 96 -45.53 -129.48 -25.07
CA TYR AA 96 -44.80 -128.24 -24.88
C TYR AA 96 -45.63 -127.02 -25.27
N SER AA 97 -46.65 -127.18 -26.10
CA SER AA 97 -47.57 -126.07 -26.34
C SER AA 97 -48.29 -125.67 -25.06
N LEU AA 98 -48.83 -126.66 -24.35
CA LEU AA 98 -49.49 -126.39 -23.07
C LEU AA 98 -48.48 -125.85 -22.06
N LEU AA 99 -47.26 -126.38 -22.07
CA LEU AA 99 -46.24 -125.84 -21.17
C LEU AA 99 -45.96 -124.38 -21.46
N ASN AA 100 -45.88 -124.02 -22.74
CA ASN AA 100 -45.67 -122.63 -23.10
C ASN AA 100 -46.84 -121.77 -22.64
N GLU AA 101 -48.07 -122.27 -22.80
CA GLU AA 101 -49.23 -121.53 -22.36
C GLU AA 101 -49.19 -121.26 -20.87
N ILE AA 102 -48.91 -122.30 -20.08
CA ILE AA 102 -48.91 -122.14 -18.63
C ILE AA 102 -47.75 -121.26 -18.20
N ALA AA 103 -46.62 -121.34 -18.89
CA ALA AA 103 -45.50 -120.45 -18.59
C ALA AA 103 -45.88 -118.99 -18.84
N ALA AA 104 -46.52 -118.73 -19.98
CA ALA AA 104 -46.95 -117.36 -20.29
C ALA AA 104 -47.96 -116.87 -19.26
N PHE AA 105 -48.86 -117.74 -18.82
CA PHE AA 105 -49.79 -117.37 -17.76
C PHE AA 105 -49.05 -116.99 -16.49
N LEU AA 106 -48.23 -117.91 -15.98
CA LEU AA 106 -47.57 -117.70 -14.70
C LEU AA 106 -46.59 -116.53 -14.74
N LYS AA 107 -46.12 -116.15 -15.93
CA LYS AA 107 -45.26 -114.99 -16.05
C LYS AA 107 -45.95 -113.71 -15.64
N GLN AA 108 -47.27 -113.70 -15.58
CA GLN AA 108 -48.03 -112.48 -15.35
C GLN AA 108 -47.96 -111.98 -13.91
N PHE AA 109 -47.60 -112.83 -12.95
CA PHE AA 109 -47.73 -112.48 -11.54
C PHE AA 109 -46.37 -112.33 -10.90
N ARG AA 110 -46.37 -111.66 -9.74
CA ARG AA 110 -45.16 -111.41 -8.96
C ARG AA 110 -45.23 -112.23 -7.68
N LYS AA 111 -44.23 -113.07 -7.46
CA LYS AA 111 -44.27 -114.05 -6.39
C LYS AA 111 -42.98 -114.08 -5.58
N ILE AA 112 -42.86 -115.05 -4.68
CA ILE AA 112 -41.60 -115.30 -4.00
C ILE AA 112 -41.18 -116.74 -4.24
N ALA AA 113 -42.10 -117.67 -4.02
CA ALA AA 113 -41.81 -119.09 -4.11
C ALA AA 113 -42.98 -119.84 -4.74
N ILE AA 114 -42.65 -120.88 -5.51
CA ILE AA 114 -43.64 -121.75 -6.10
C ILE AA 114 -43.31 -123.18 -5.72
N THR AA 115 -44.34 -123.95 -5.36
CA THR AA 115 -44.17 -125.34 -4.98
C THR AA 115 -44.81 -126.24 -6.03
N VAL AA 116 -44.13 -127.32 -6.38
CA VAL AA 116 -44.61 -128.29 -7.35
C VAL AA 116 -44.66 -129.64 -6.67
N THR AA 117 -45.79 -130.33 -6.81
CA THR AA 117 -45.98 -131.65 -6.26
C THR AA 117 -46.48 -132.59 -7.35
N SER AA 118 -46.02 -133.84 -7.29
CA SER AA 118 -46.43 -134.84 -8.26
C SER AA 118 -47.11 -136.02 -7.55
N TYR AA 119 -48.20 -136.49 -8.14
CA TYR AA 119 -48.95 -137.63 -7.62
C TYR AA 119 -49.24 -138.59 -8.75
N SER AA 120 -49.34 -139.87 -8.42
CA SER AA 120 -49.57 -140.90 -9.43
C SER AA 120 -50.41 -142.00 -8.79
N SER AA 121 -50.46 -143.17 -9.45
CA SER AA 121 -51.17 -144.32 -8.94
C SER AA 121 -50.20 -145.26 -8.23
N LYS AA 122 -50.71 -146.41 -7.80
CA LYS AA 122 -49.89 -147.45 -7.19
C LYS AA 122 -49.65 -148.54 -8.22
N TYR AA 123 -48.37 -148.76 -8.57
CA TYR AA 123 -48.04 -149.62 -9.70
C TYR AA 123 -47.28 -150.88 -9.30
N VAL AA 124 -46.14 -150.75 -8.64
CA VAL AA 124 -45.34 -151.92 -8.27
C VAL AA 124 -44.99 -151.88 -6.79
N SER AA 125 -44.41 -150.77 -6.36
CA SER AA 125 -43.85 -150.63 -5.02
C SER AA 125 -44.23 -149.26 -4.51
N VAL AA 126 -43.51 -148.78 -3.50
CA VAL AA 126 -43.64 -147.41 -3.03
C VAL AA 126 -42.54 -146.52 -3.60
N LYS AA 127 -41.29 -146.97 -3.50
CA LYS AA 127 -40.17 -146.20 -4.03
C LYS AA 127 -40.32 -145.98 -5.52
N ARG AA 128 -40.98 -146.90 -6.22
CA ARG AA 128 -41.18 -146.78 -7.66
C ARG AA 128 -41.87 -145.47 -7.99
N GLU AA 129 -43.11 -145.30 -7.52
CA GLU AA 129 -43.82 -144.09 -7.85
C GLU AA 129 -43.25 -142.88 -7.12
N ARG AA 130 -42.60 -143.08 -5.97
CA ARG AA 130 -41.94 -141.95 -5.33
C ARG AA 130 -40.89 -141.36 -6.27
N ALA AA 131 -40.00 -142.21 -6.78
CA ALA AA 131 -38.98 -141.74 -7.70
C ALA AA 131 -39.59 -141.20 -8.99
N LEU AA 132 -40.64 -141.85 -9.49
CA LEU AA 132 -41.28 -141.37 -10.71
C LEU AA 132 -41.82 -139.96 -10.53
N THR AA 133 -42.53 -139.73 -9.43
CA THR AA 133 -43.04 -138.41 -9.12
C THR AA 133 -41.90 -137.41 -8.97
N LEU AA 134 -40.83 -137.81 -8.30
CA LEU AA 134 -39.70 -136.92 -8.10
C LEU AA 134 -39.10 -136.50 -9.44
N ALA AA 135 -38.92 -137.46 -10.33
CA ALA AA 135 -38.33 -137.16 -11.64
C ALA AA 135 -39.25 -136.26 -12.45
N ARG AA 136 -40.55 -136.53 -12.41
CA ARG AA 136 -41.49 -135.70 -13.17
C ARG AA 136 -41.48 -134.26 -12.66
N SER AA 137 -41.49 -134.10 -11.34
CA SER AA 137 -41.41 -132.77 -10.76
C SER AA 137 -40.10 -132.10 -11.13
N ARG AA 138 -39.00 -132.86 -11.10
CA ARG AA 138 -37.71 -132.31 -11.51
C ARG AA 138 -37.76 -131.78 -12.93
N VAL AA 139 -38.33 -132.56 -13.85
CA VAL AA 139 -38.33 -132.17 -15.25
C VAL AA 139 -39.18 -130.92 -15.46
N VAL AA 140 -40.38 -130.91 -14.89
CA VAL AA 140 -41.25 -129.75 -15.10
C VAL AA 140 -40.64 -128.51 -14.47
N SER AA 141 -40.06 -128.64 -13.28
CA SER AA 141 -39.43 -127.50 -12.63
C SER AA 141 -38.25 -127.00 -13.44
N GLU AA 142 -37.45 -127.92 -13.99
CA GLU AA 142 -36.31 -127.52 -14.79
C GLU AA 142 -36.75 -126.72 -16.02
N TYR AA 143 -37.78 -127.21 -16.71
CA TYR AA 143 -38.22 -126.48 -17.90
C TYR AA 143 -38.80 -125.12 -17.52
N LEU AA 144 -39.59 -125.07 -16.44
CA LEU AA 144 -40.15 -123.80 -16.02
C LEU AA 144 -39.05 -122.80 -15.67
N TRP AA 145 -38.02 -123.26 -14.95
CA TRP AA 145 -36.92 -122.37 -14.58
C TRP AA 145 -36.16 -121.93 -15.82
N SER AA 146 -35.97 -122.83 -16.78
CA SER AA 146 -35.37 -122.44 -18.05
C SER AA 146 -36.15 -121.30 -18.68
N GLN AA 147 -37.48 -121.43 -18.68
CA GLN AA 147 -38.31 -120.30 -19.07
C GLN AA 147 -38.10 -119.15 -18.08
N GLY AA 148 -38.18 -117.94 -18.60
CA GLY AA 148 -37.81 -116.77 -17.81
C GLY AA 148 -38.81 -116.41 -16.73
N VAL AA 149 -39.17 -117.38 -15.90
CA VAL AA 149 -40.15 -117.16 -14.84
C VAL AA 149 -39.56 -116.20 -13.80
N ASP AA 150 -40.31 -115.15 -13.47
CA ASP AA 150 -39.88 -114.22 -12.43
C ASP AA 150 -40.22 -114.85 -11.10
N SER AA 151 -39.27 -115.58 -10.55
CA SER AA 151 -39.46 -116.28 -9.29
C SER AA 151 -38.15 -116.34 -8.52
N ARG AA 152 -38.25 -116.37 -7.20
CA ARG AA 152 -37.08 -116.49 -6.36
C ARG AA 152 -36.80 -117.91 -5.92
N ILE AA 153 -37.82 -118.66 -5.54
CA ILE AA 153 -37.63 -120.01 -5.02
C ILE AA 153 -38.58 -120.97 -5.72
N ILE AA 154 -38.05 -122.12 -6.12
CA ILE AA 154 -38.84 -123.21 -6.68
C ILE AA 154 -38.59 -124.45 -5.83
N PHE AA 155 -39.66 -125.04 -5.32
CA PHE AA 155 -39.61 -126.28 -4.56
C PHE AA 155 -40.28 -127.38 -5.36
N THR AA 156 -39.71 -128.58 -5.31
CA THR AA 156 -40.21 -129.73 -6.07
C THR AA 156 -40.28 -130.94 -5.16
N GLN AA 157 -41.42 -131.64 -5.20
CA GLN AA 157 -41.65 -132.82 -4.38
C GLN AA 157 -42.62 -133.76 -5.09
N GLY AA 158 -42.48 -135.04 -4.77
CA GLY AA 158 -43.38 -136.05 -5.30
C GLY AA 158 -43.76 -137.03 -4.22
N LEU AA 159 -44.97 -137.58 -4.36
CA LEU AA 159 -45.49 -138.46 -3.32
C LEU AA 159 -46.02 -139.77 -3.89
N GLY AA 160 -46.54 -139.75 -5.11
CA GLY AA 160 -47.06 -140.95 -5.72
C GLY AA 160 -48.56 -141.11 -5.54
N SER AA 161 -48.97 -142.06 -4.71
CA SER AA 161 -50.38 -142.39 -4.51
C SER AA 161 -50.68 -142.47 -3.01
N ASP AA 162 -50.24 -141.47 -2.26
CA ASP AA 162 -50.40 -141.49 -0.81
C ASP AA 162 -51.64 -140.73 -0.34
N LYS AA 163 -52.06 -139.68 -1.06
CA LYS AA 163 -53.25 -138.91 -0.70
C LYS AA 163 -54.13 -138.75 -1.92
N PRO AA 164 -54.74 -139.82 -2.40
CA PRO AA 164 -55.63 -139.72 -3.55
C PRO AA 164 -56.88 -138.92 -3.21
N ILE AA 165 -57.46 -138.31 -4.25
CA ILE AA 165 -58.65 -137.49 -4.06
C ILE AA 165 -59.95 -138.27 -4.11
N THR AA 166 -59.91 -139.53 -4.57
CA THR AA 166 -61.13 -140.31 -4.70
C THR AA 166 -60.84 -141.75 -4.36
N SER AA 167 -61.79 -142.39 -3.67
CA SER AA 167 -61.67 -143.81 -3.37
C SER AA 167 -61.67 -144.64 -4.65
N TYR AA 168 -62.47 -144.26 -5.64
CA TYR AA 168 -62.52 -144.98 -6.90
C TYR AA 168 -61.16 -144.86 -7.61
N THR AA 169 -60.48 -145.98 -7.78
CA THR AA 169 -59.14 -146.03 -8.35
C THR AA 169 -59.03 -147.16 -9.36
N LEU AA 170 -60.03 -147.30 -10.23
CA LEU AA 170 -59.93 -148.31 -11.27
C LEU AA 170 -58.86 -147.96 -12.28
N GLY AA 171 -58.84 -146.72 -12.74
CA GLY AA 171 -57.85 -146.30 -13.71
C GLY AA 171 -56.45 -146.27 -13.14
N GLY AA 172 -55.47 -146.38 -14.03
CA GLY AA 172 -54.09 -146.29 -13.64
C GLY AA 172 -53.56 -144.87 -13.82
N ASP AA 173 -52.69 -144.66 -14.81
CA ASP AA 173 -52.31 -143.30 -15.15
C ASP AA 173 -53.50 -142.52 -15.70
N ARG AA 174 -54.54 -143.21 -16.16
CA ARG AA 174 -55.77 -142.54 -16.57
C ARG AA 174 -56.61 -142.09 -15.40
N SER AA 175 -56.34 -142.59 -14.20
CA SER AA 175 -57.12 -142.17 -13.04
C SER AA 175 -56.87 -140.69 -12.76
N PRO AA 176 -57.92 -139.93 -12.44
CA PRO AA 176 -57.73 -138.48 -12.25
C PRO AA 176 -56.79 -138.12 -11.11
N ASN AA 177 -56.65 -139.01 -10.12
CA ASN AA 177 -55.78 -138.69 -8.99
C ASN AA 177 -54.34 -138.46 -9.42
N ALA AA 178 -53.86 -139.23 -10.39
CA ALA AA 178 -52.54 -139.00 -10.95
C ALA AA 178 -52.51 -137.62 -11.60
N ARG AA 179 -51.60 -136.77 -11.13
CA ARG AA 179 -51.67 -135.35 -11.46
C ARG AA 179 -50.37 -134.67 -11.08
N VAL AA 180 -50.26 -133.41 -11.48
CA VAL AA 180 -49.21 -132.52 -11.01
C VAL AA 180 -49.87 -131.21 -10.56
N GLU AA 181 -49.37 -130.67 -9.45
CA GLU AA 181 -49.94 -129.48 -8.85
C GLU AA 181 -48.86 -128.43 -8.67
N ILE AA 182 -49.20 -127.18 -8.95
CA ILE AA 182 -48.34 -126.04 -8.66
C ILE AA 182 -49.12 -125.07 -7.78
N THR AA 183 -48.49 -124.65 -6.69
CA THR AA 183 -49.09 -123.75 -5.72
C THR AA 183 -48.20 -122.53 -5.55
N PHE AA 184 -48.82 -121.35 -5.48
CA PHE AA 184 -48.05 -120.15 -5.21
C PHE AA 184 -48.97 -119.07 -4.67
N ARG AA 185 -48.36 -117.97 -4.24
CA ARG AA 185 -49.08 -116.85 -3.65
C ARG AA 185 -48.74 -115.56 -4.40
N ARG AA 186 -49.76 -114.85 -4.83
CA ARG AA 186 -49.56 -113.52 -5.42
C ARG AA 186 -49.24 -112.53 -4.31
N ALA AA 187 -48.00 -112.08 -4.24
CA ALA AA 187 -47.50 -111.28 -3.14
C ALA AA 187 -47.55 -109.81 -3.50
N VAL AA 188 -48.34 -109.05 -2.74
CA VAL AA 188 -48.46 -107.60 -2.91
C VAL AA 188 -48.76 -107.23 -4.36
N ILE BA 862 1.79 -61.09 -28.55
CA ILE BA 862 2.27 -60.06 -29.47
C ILE BA 862 1.77 -60.32 -30.87
N ILE BA 863 1.07 -59.34 -31.44
CA ILE BA 863 0.57 -59.42 -32.80
C ILE BA 863 1.26 -58.36 -33.63
N LYS BA 864 1.84 -58.77 -34.76
CA LYS BA 864 2.60 -57.85 -35.60
C LYS BA 864 1.71 -56.73 -36.10
N THR BA 865 2.29 -55.55 -36.24
CA THR BA 865 1.54 -54.35 -36.62
C THR BA 865 0.97 -54.53 -38.01
N GLY BA 866 -0.36 -54.67 -38.09
CA GLY BA 866 -1.06 -54.70 -39.36
C GLY BA 866 -1.02 -56.00 -40.12
N ASP BA 867 -1.02 -57.12 -39.42
CA ASP BA 867 -1.08 -58.43 -40.05
C ASP BA 867 -2.55 -58.77 -40.38
N ILE BA 868 -2.74 -59.93 -40.99
CA ILE BA 868 -4.03 -60.34 -41.54
C ILE BA 868 -4.60 -61.45 -40.68
N MET BA 869 -5.87 -61.34 -40.32
CA MET BA 869 -6.60 -62.36 -39.60
C MET BA 869 -7.89 -62.67 -40.35
N PHE BA 870 -8.49 -63.80 -40.05
CA PHE BA 870 -9.70 -64.25 -40.74
C PHE BA 870 -10.80 -64.50 -39.72
N ALA BA 871 -12.02 -64.06 -40.06
CA ALA BA 871 -13.16 -64.25 -39.19
C ALA BA 871 -14.41 -64.40 -40.05
N VAL BA 872 -15.53 -64.70 -39.40
CA VAL BA 872 -16.80 -64.89 -40.08
C VAL BA 872 -17.82 -63.95 -39.43
N LEU BA 873 -18.59 -63.25 -40.26
CA LEU BA 873 -19.59 -62.31 -39.79
C LEU BA 873 -20.96 -62.98 -39.80
N ASP BA 874 -21.71 -62.78 -38.71
CA ASP BA 874 -22.96 -63.48 -38.51
C ASP BA 874 -24.13 -62.53 -38.32
N THR BA 875 -23.89 -61.40 -37.66
CA THR BA 875 -24.95 -60.45 -37.37
C THR BA 875 -25.03 -59.42 -38.49
N SER BA 876 -26.13 -59.43 -39.23
CA SER BA 876 -26.35 -58.49 -40.32
C SER BA 876 -27.17 -57.30 -39.84
N VAL BA 877 -26.97 -56.15 -40.49
CA VAL BA 877 -27.65 -54.91 -40.12
C VAL BA 877 -27.63 -53.97 -41.32
N ASN BA 878 -28.69 -53.18 -41.42
CA ASN BA 878 -28.80 -52.14 -42.44
C ASN BA 878 -27.93 -50.95 -42.06
N SER BA 879 -27.48 -50.21 -43.08
CA SER BA 879 -26.67 -49.03 -42.86
C SER BA 879 -27.54 -47.84 -42.48
N ASP BA 880 -28.32 -47.98 -41.43
CA ASP BA 880 -29.21 -46.92 -40.98
C ASP BA 880 -28.98 -46.52 -39.53
N GLU BA 881 -28.74 -47.47 -38.64
CA GLU BA 881 -28.52 -47.19 -37.22
C GLU BA 881 -27.27 -47.94 -36.78
N PRO BA 882 -26.26 -47.24 -36.26
CA PRO BA 882 -25.07 -47.94 -35.78
C PRO BA 882 -25.40 -48.84 -34.60
N GLY BA 883 -24.65 -49.93 -34.49
CA GLY BA 883 -24.85 -50.88 -33.43
C GLY BA 883 -23.68 -51.83 -33.26
N PRO BA 884 -23.56 -52.43 -32.08
CA PRO BA 884 -22.50 -53.42 -31.87
C PRO BA 884 -22.66 -54.63 -32.75
N ILE BA 885 -21.72 -54.82 -33.67
CA ILE BA 885 -21.70 -55.96 -34.57
C ILE BA 885 -20.52 -56.84 -34.17
N LEU BA 886 -20.77 -58.15 -34.07
CA LEU BA 886 -19.77 -59.10 -33.57
C LEU BA 886 -19.31 -60.02 -34.69
N ALA BA 887 -18.02 -60.25 -34.75
CA ALA BA 887 -17.39 -61.21 -35.64
C ALA BA 887 -16.64 -62.25 -34.81
N THR BA 888 -16.45 -63.44 -35.38
CA THR BA 888 -15.90 -64.57 -34.64
C THR BA 888 -14.62 -65.03 -35.32
N ILE BA 889 -13.49 -64.88 -34.62
CA ILE BA 889 -12.23 -65.42 -35.13
C ILE BA 889 -12.32 -66.94 -35.12
N VAL BA 890 -12.03 -67.55 -36.27
CA VAL BA 890 -12.24 -68.98 -36.43
C VAL BA 890 -10.94 -69.76 -36.61
N THR BA 891 -9.86 -69.11 -37.02
CA THR BA 891 -8.60 -69.81 -37.23
C THR BA 891 -7.43 -69.01 -36.66
N GLY BA 892 -6.21 -69.42 -36.98
CA GLY BA 892 -5.04 -68.69 -36.55
C GLY BA 892 -4.75 -68.87 -35.07
N LYS BA 893 -3.94 -67.94 -34.54
CA LYS BA 893 -3.55 -68.01 -33.13
C LYS BA 893 -4.75 -67.87 -32.21
N LEU BA 894 -5.65 -66.95 -32.51
CA LEU BA 894 -6.83 -66.75 -31.66
C LEU BA 894 -7.92 -67.73 -32.05
N LYS BA 895 -8.26 -68.62 -31.12
CA LYS BA 895 -9.30 -69.62 -31.33
C LYS BA 895 -10.45 -69.34 -30.37
N GLY BA 896 -11.66 -69.26 -30.92
CA GLY BA 896 -12.82 -68.96 -30.10
C GLY BA 896 -12.94 -67.51 -29.69
N SER BA 897 -12.05 -66.65 -30.18
CA SER BA 897 -12.11 -65.24 -29.85
C SER BA 897 -13.17 -64.53 -30.69
N LYS BA 898 -13.59 -63.36 -30.25
CA LYS BA 898 -14.57 -62.57 -30.99
C LYS BA 898 -14.26 -61.08 -30.87
N LEU BA 899 -14.96 -60.30 -31.69
CA LEU BA 899 -14.63 -58.88 -31.81
C LEU BA 899 -15.90 -58.10 -32.11
N ILE BA 900 -16.21 -57.12 -31.26
CA ILE BA 900 -17.36 -56.24 -31.42
C ILE BA 900 -16.89 -54.90 -31.95
N GLY BA 901 -17.71 -54.30 -32.81
CA GLY BA 901 -17.42 -52.99 -33.36
C GLY BA 901 -18.63 -52.37 -34.03
N SER BA 902 -18.39 -51.48 -34.99
CA SER BA 902 -19.48 -50.75 -35.63
C SER BA 902 -19.10 -50.50 -37.08
N PHE BA 903 -19.80 -49.57 -37.72
CA PHE BA 903 -19.51 -49.18 -39.09
C PHE BA 903 -19.45 -47.66 -39.19
N ASN BA 904 -19.31 -47.18 -40.42
CA ASN BA 904 -19.41 -45.76 -40.74
C ASN BA 904 -20.27 -45.62 -41.98
N LEU BA 905 -20.57 -44.37 -42.33
CA LEU BA 905 -21.35 -44.12 -43.53
C LEU BA 905 -20.59 -43.19 -44.44
N PRO BA 906 -20.36 -43.56 -45.70
CA PRO BA 906 -19.68 -42.68 -46.65
C PRO BA 906 -20.68 -41.79 -47.39
N SER BA 907 -20.15 -40.67 -47.90
CA SER BA 907 -20.96 -39.76 -48.70
C SER BA 907 -21.43 -40.43 -49.98
N ASN BA 908 -20.57 -41.19 -50.65
CA ASN BA 908 -20.92 -41.99 -51.80
C ASN BA 908 -20.94 -43.45 -51.39
N ALA BA 909 -21.97 -44.18 -51.86
CA ALA BA 909 -22.24 -45.54 -51.39
C ALA BA 909 -21.55 -46.60 -52.23
N ASP BA 910 -20.42 -46.27 -52.86
CA ASP BA 910 -19.69 -47.23 -53.67
C ASP BA 910 -18.97 -48.28 -52.83
N LYS BA 911 -18.94 -48.13 -51.51
CA LYS BA 911 -18.32 -49.12 -50.64
C LYS BA 911 -18.85 -48.93 -49.23
N MET BA 912 -18.40 -49.80 -48.33
CA MET BA 912 -18.83 -49.77 -46.94
C MET BA 912 -17.78 -50.49 -46.10
N VAL BA 913 -17.29 -49.81 -45.07
CA VAL BA 913 -16.22 -50.34 -44.23
C VAL BA 913 -16.76 -50.55 -42.81
N ILE BA 914 -16.10 -51.45 -42.09
CA ILE BA 914 -16.54 -51.90 -40.77
C ILE BA 914 -15.46 -51.60 -39.76
N THR BA 915 -15.83 -50.94 -38.67
CA THR BA 915 -14.89 -50.60 -37.60
C THR BA 915 -15.01 -51.65 -36.49
N PHE BA 916 -13.87 -52.19 -36.08
CA PHE BA 916 -13.83 -53.23 -35.05
C PHE BA 916 -12.80 -52.84 -34.00
N ASN BA 917 -13.26 -52.68 -32.76
CA ASN BA 917 -12.40 -52.15 -31.71
C ASN BA 917 -12.34 -53.01 -30.46
N THR BA 918 -13.44 -53.63 -30.06
CA THR BA 918 -13.51 -54.31 -28.75
C THR BA 918 -13.27 -55.81 -28.96
N MET BA 919 -12.05 -56.25 -28.70
CA MET BA 919 -11.63 -57.62 -28.94
C MET BA 919 -11.67 -58.41 -27.63
N SER BA 920 -12.27 -59.59 -27.66
CA SER BA 920 -12.35 -60.47 -26.51
C SER BA 920 -11.75 -61.83 -26.86
N ILE BA 921 -10.86 -62.31 -26.01
CA ILE BA 921 -10.19 -63.60 -26.18
C ILE BA 921 -10.64 -64.52 -25.04
N PRO BA 922 -10.92 -65.79 -25.31
CA PRO BA 922 -11.28 -66.70 -24.21
C PRO BA 922 -10.07 -67.11 -23.39
N GLY BA 923 -10.30 -68.00 -22.41
CA GLY BA 923 -9.23 -68.46 -21.55
C GLY BA 923 -9.09 -67.64 -20.28
N ALA BA 924 -8.78 -66.37 -20.40
CA ALA BA 924 -8.58 -65.49 -19.26
C ALA BA 924 -9.54 -64.31 -19.32
N GLU BA 925 -9.81 -63.74 -18.14
CA GLU BA 925 -10.68 -62.58 -18.02
C GLU BA 925 -9.92 -61.33 -18.46
N LYS BA 926 -9.88 -61.13 -19.77
CA LYS BA 926 -9.20 -59.99 -20.36
C LYS BA 926 -10.09 -59.36 -21.42
N THR BA 927 -9.84 -58.09 -21.70
CA THR BA 927 -10.60 -57.36 -22.73
C THR BA 927 -9.65 -56.36 -23.37
N ILE BA 928 -9.07 -56.75 -24.50
CA ILE BA 928 -8.17 -55.86 -25.25
C ILE BA 928 -9.00 -54.95 -26.15
N SER BA 929 -8.38 -53.90 -26.67
CA SER BA 929 -9.11 -52.91 -27.45
C SER BA 929 -8.41 -52.58 -28.76
N ILE BA 930 -7.92 -53.61 -29.46
CA ILE BA 930 -7.30 -53.41 -30.76
C ILE BA 930 -8.37 -52.94 -31.74
N SER BA 931 -8.12 -51.82 -32.40
CA SER BA 931 -9.03 -51.26 -33.38
C SER BA 931 -8.54 -51.65 -34.77
N ALA BA 932 -9.43 -52.23 -35.57
CA ALA BA 932 -9.05 -52.72 -36.88
C ALA BA 932 -10.26 -52.66 -37.81
N TYR BA 933 -10.01 -52.77 -39.11
CA TYR BA 933 -11.03 -52.74 -40.15
C TYR BA 933 -11.10 -54.10 -40.83
N ALA BA 934 -11.93 -54.18 -41.87
CA ALA BA 934 -12.18 -55.43 -42.57
C ALA BA 934 -11.98 -55.25 -44.08
N ILE BA 935 -11.56 -56.33 -44.74
CA ILE BA 935 -11.39 -56.36 -46.18
C ILE BA 935 -12.13 -57.58 -46.72
N ASP BA 936 -12.82 -57.39 -47.84
CA ASP BA 936 -13.60 -58.47 -48.42
C ASP BA 936 -12.67 -59.53 -49.00
N PRO BA 937 -12.75 -60.77 -48.54
CA PRO BA 937 -11.94 -61.83 -49.16
C PRO BA 937 -12.36 -62.07 -50.60
N ASN BA 938 -11.37 -62.48 -51.41
CA ASN BA 938 -11.52 -62.77 -52.83
C ASN BA 938 -11.93 -61.56 -53.65
N THR BA 939 -11.98 -60.38 -53.06
CA THR BA 939 -12.18 -59.13 -53.80
C THR BA 939 -11.00 -58.22 -53.51
N ALA BA 940 -10.40 -58.40 -52.35
CA ALA BA 940 -9.25 -57.62 -51.89
C ALA BA 940 -9.56 -56.13 -51.95
N ARG BA 941 -10.80 -55.80 -51.58
CA ARG BA 941 -11.28 -54.43 -51.54
C ARG BA 941 -12.15 -54.25 -50.31
N THR BA 942 -12.29 -52.99 -49.89
CA THR BA 942 -13.02 -52.66 -48.68
C THR BA 942 -14.52 -52.52 -48.90
N ALA BA 943 -15.00 -52.81 -50.10
CA ALA BA 943 -16.43 -52.69 -50.39
C ALA BA 943 -17.23 -53.77 -49.67
N LEU BA 944 -18.53 -53.56 -49.60
CA LEU BA 944 -19.43 -54.49 -48.92
C LEU BA 944 -20.39 -55.11 -49.93
N ALA BA 945 -20.70 -56.39 -49.75
CA ALA BA 945 -21.68 -57.09 -50.57
C ALA BA 945 -23.08 -56.64 -50.15
N SER BA 946 -23.63 -55.71 -50.93
CA SER BA 946 -24.95 -55.17 -50.68
C SER BA 946 -25.46 -54.54 -51.96
N ARG BA 947 -26.57 -53.81 -51.85
CA ARG BA 947 -27.20 -53.17 -52.99
C ARG BA 947 -27.22 -51.66 -52.81
N THR BA 948 -27.14 -50.94 -53.93
CA THR BA 948 -27.08 -49.49 -53.90
C THR BA 948 -28.11 -48.82 -54.80
N ASN BA 949 -28.98 -49.57 -55.46
CA ASN BA 949 -30.03 -49.01 -56.32
C ASN BA 949 -31.38 -48.99 -55.62
N HIS BA 950 -31.37 -48.72 -54.31
CA HIS BA 950 -32.57 -48.89 -53.50
C HIS BA 950 -33.67 -47.90 -53.86
N HIS BA 951 -33.37 -46.61 -53.92
CA HIS BA 951 -34.40 -45.58 -53.98
C HIS BA 951 -34.07 -44.53 -55.03
N TYR BA 952 -33.70 -44.98 -56.23
CA TYR BA 952 -33.60 -44.08 -57.37
C TYR BA 952 -34.93 -43.92 -58.09
N LEU BA 953 -35.50 -45.05 -58.53
CA LEU BA 953 -36.70 -45.02 -59.35
C LEU BA 953 -37.90 -44.44 -58.61
N MET BA 954 -38.04 -44.74 -57.32
CA MET BA 954 -39.20 -44.25 -56.58
C MET BA 954 -39.27 -42.73 -56.60
N ARG BA 955 -38.19 -42.06 -56.22
CA ARG BA 955 -38.21 -40.61 -56.20
C ARG BA 955 -38.21 -40.02 -57.61
N TYR BA 956 -37.47 -40.63 -58.55
CA TYR BA 956 -37.52 -40.13 -59.92
C TYR BA 956 -38.94 -40.14 -60.46
N GLY BA 957 -39.64 -41.27 -60.30
CA GLY BA 957 -41.00 -41.36 -60.78
C GLY BA 957 -41.95 -40.43 -60.05
N SER BA 958 -41.78 -40.29 -58.73
CA SER BA 958 -42.65 -39.38 -57.99
C SER BA 958 -42.52 -37.95 -58.52
N LEU BA 959 -41.28 -37.47 -58.65
CA LEU BA 959 -41.07 -36.11 -59.14
C LEU BA 959 -41.60 -35.95 -60.56
N PHE BA 960 -41.29 -36.91 -61.44
CA PHE BA 960 -41.73 -36.81 -62.82
C PHE BA 960 -43.25 -36.80 -62.93
N ALA BA 961 -43.92 -37.67 -62.18
CA ALA BA 961 -45.37 -37.71 -62.22
C ALA BA 961 -45.99 -36.43 -61.68
N SER BA 962 -45.45 -35.90 -60.59
CA SER BA 962 -45.99 -34.66 -60.05
C SER BA 962 -45.86 -33.52 -61.05
N SER BA 963 -44.67 -33.38 -61.64
CA SER BA 963 -44.48 -32.33 -62.65
C SER BA 963 -45.41 -32.54 -63.84
N PHE BA 964 -45.53 -33.78 -64.31
CA PHE BA 964 -46.38 -34.06 -65.47
C PHE BA 964 -47.82 -33.71 -65.17
N LEU BA 965 -48.29 -33.99 -63.96
CA LEU BA 965 -49.65 -33.61 -63.57
C LEU BA 965 -49.83 -32.10 -63.60
N GLN BA 966 -48.88 -31.37 -62.98
CA GLN BA 966 -48.94 -29.91 -63.02
C GLN BA 966 -49.09 -29.42 -64.45
N GLY BA 967 -48.21 -29.89 -65.32
CA GLY BA 967 -48.22 -29.43 -66.70
C GLY BA 967 -49.50 -29.79 -67.42
N PHE BA 968 -50.01 -31.00 -67.19
CA PHE BA 968 -51.19 -31.43 -67.90
C PHE BA 968 -52.37 -30.55 -67.55
N GLY BA 969 -52.61 -30.36 -66.24
CA GLY BA 969 -53.69 -29.51 -65.84
C GLY BA 969 -53.56 -28.11 -66.39
N ASN BA 970 -52.39 -27.47 -66.17
CA ASN BA 970 -52.28 -26.07 -66.55
C ASN BA 970 -52.35 -25.88 -68.05
N ALA BA 971 -51.68 -26.73 -68.83
CA ALA BA 971 -51.65 -26.53 -70.27
C ALA BA 971 -53.01 -26.84 -70.90
N PHE BA 972 -53.69 -27.90 -70.45
CA PHE BA 972 -55.02 -28.13 -70.99
C PHE BA 972 -56.02 -27.07 -70.57
N GLN BA 973 -55.84 -26.45 -69.40
CA GLN BA 973 -56.66 -25.29 -69.07
C GLN BA 973 -56.36 -24.13 -70.00
N SER BA 974 -55.08 -23.88 -70.28
CA SER BA 974 -54.71 -22.77 -71.15
C SER BA 974 -55.23 -22.94 -72.57
N ALA BA 975 -55.17 -24.16 -73.10
CA ALA BA 975 -55.54 -24.41 -74.48
C ALA BA 975 -57.03 -24.57 -74.69
N ASN BA 976 -57.85 -24.23 -73.69
CA ASN BA 976 -59.30 -24.33 -73.85
C ASN BA 976 -59.83 -23.38 -74.91
N THR BA 977 -59.19 -22.22 -75.09
CA THR BA 977 -59.66 -21.27 -76.08
C THR BA 977 -59.44 -21.78 -77.50
N THR BA 978 -58.24 -22.30 -77.79
CA THR BA 978 -57.89 -22.73 -79.14
C THR BA 978 -57.97 -24.24 -79.27
N SER BA 999 -66.75 -31.77 -70.29
CA SER BA 999 -66.59 -31.34 -68.91
C SER BA 999 -65.56 -32.21 -68.19
N THR BA 1000 -65.57 -33.50 -68.52
CA THR BA 1000 -64.61 -34.42 -67.91
C THR BA 1000 -63.18 -34.03 -68.24
N LEU BA 1001 -62.96 -33.43 -69.41
CA LEU BA 1001 -61.64 -32.89 -69.72
C LEU BA 1001 -61.27 -31.78 -68.75
N GLU BA 1002 -62.23 -30.91 -68.42
CA GLU BA 1002 -61.98 -29.86 -67.45
C GLU BA 1002 -61.71 -30.44 -66.08
N ASN BA 1003 -62.39 -31.55 -65.73
CA ASN BA 1003 -62.14 -32.19 -64.44
C ASN BA 1003 -60.75 -32.80 -64.38
N ALA BA 1004 -60.29 -33.39 -65.48
CA ALA BA 1004 -58.92 -33.86 -65.55
C ALA BA 1004 -57.93 -32.71 -65.40
N VAL BA 1005 -58.21 -31.58 -66.06
CA VAL BA 1005 -57.42 -30.37 -65.88
C VAL BA 1005 -57.35 -30.02 -64.40
N ILE BA 1006 -58.51 -30.01 -63.76
CA ILE BA 1006 -58.61 -29.73 -62.33
C ILE BA 1006 -57.63 -30.60 -61.55
N GLY BA 1007 -57.81 -31.93 -61.65
CA GLY BA 1007 -57.02 -32.82 -60.83
C GLY BA 1007 -55.54 -32.66 -61.07
N LEU BA 1008 -55.12 -32.72 -62.33
CA LEU BA 1008 -53.71 -32.61 -62.66
C LEU BA 1008 -53.13 -31.29 -62.16
N ALA BA 1009 -53.70 -30.17 -62.60
CA ALA BA 1009 -53.15 -28.86 -62.31
C ALA BA 1009 -53.07 -28.59 -60.83
N THR BA 1010 -54.05 -29.03 -60.05
CA THR BA 1010 -54.00 -28.69 -58.64
C THR BA 1010 -53.17 -29.66 -57.82
N VAL BA 1011 -53.36 -30.98 -57.98
CA VAL BA 1011 -52.62 -31.91 -57.14
C VAL BA 1011 -51.16 -32.03 -57.55
N GLY BA 1012 -50.76 -31.47 -58.69
CA GLY BA 1012 -49.36 -31.55 -59.06
C GLY BA 1012 -48.42 -30.79 -58.13
N LYS BA 1013 -48.83 -29.61 -57.68
CA LYS BA 1013 -47.87 -28.68 -57.06
C LYS BA 1013 -47.40 -29.16 -55.70
N ALA BA 1014 -48.33 -29.45 -54.79
CA ALA BA 1014 -47.94 -29.89 -53.46
C ALA BA 1014 -47.18 -31.20 -53.53
N TRP BA 1015 -47.61 -32.11 -54.40
CA TRP BA 1015 -46.89 -33.35 -54.60
C TRP BA 1015 -45.47 -33.09 -55.09
N SER BA 1016 -45.30 -32.15 -56.02
CA SER BA 1016 -43.98 -31.87 -56.55
C SER BA 1016 -43.07 -31.28 -55.49
N GLN BA 1017 -43.58 -30.35 -54.68
CA GLN BA 1017 -42.73 -29.77 -53.66
C GLN BA 1017 -42.37 -30.79 -52.58
N GLN BA 1018 -43.31 -31.67 -52.20
CA GLN BA 1018 -42.97 -32.72 -51.26
C GLN BA 1018 -41.95 -33.69 -51.85
N ALA BA 1019 -42.08 -33.99 -53.15
CA ALA BA 1019 -41.12 -34.87 -53.80
C ALA BA 1019 -39.73 -34.23 -53.82
N GLN BA 1020 -39.65 -32.93 -54.07
CA GLN BA 1020 -38.38 -32.24 -53.98
C GLN BA 1020 -37.83 -32.29 -52.56
N GLN BA 1021 -38.72 -32.18 -51.57
CA GLN BA 1021 -38.30 -32.27 -50.17
C GLN BA 1021 -37.68 -33.63 -49.87
N LEU BA 1022 -38.29 -34.71 -50.37
CA LEU BA 1022 -37.84 -36.06 -50.04
C LEU BA 1022 -36.85 -36.62 -51.05
N PHE BA 1023 -36.48 -35.85 -52.07
CA PHE BA 1023 -35.66 -36.38 -53.16
C PHE BA 1023 -34.24 -36.68 -52.70
N ASN BA 1024 -33.79 -36.08 -51.60
CA ASN BA 1024 -32.41 -36.17 -51.18
C ASN BA 1024 -32.12 -37.38 -50.31
N THR BA 1025 -33.10 -38.25 -50.07
CA THR BA 1025 -32.87 -39.44 -49.26
C THR BA 1025 -31.93 -40.38 -49.99
N PRO BA 1026 -30.83 -40.81 -49.37
CA PRO BA 1026 -29.86 -41.66 -50.06
C PRO BA 1026 -30.37 -43.08 -50.22
N THR BA 1027 -29.75 -43.81 -51.15
CA THR BA 1027 -30.01 -45.23 -51.36
C THR BA 1027 -29.16 -46.01 -50.38
N THR BA 1028 -29.80 -46.81 -49.53
CA THR BA 1028 -29.10 -47.45 -48.44
C THR BA 1028 -28.38 -48.71 -48.90
N VAL BA 1029 -27.62 -49.31 -47.99
CA VAL BA 1029 -27.01 -50.61 -48.17
C VAL BA 1029 -27.23 -51.41 -46.90
N GLU BA 1030 -27.10 -52.73 -47.00
CA GLU BA 1030 -27.32 -53.60 -45.86
C GLU BA 1030 -26.35 -54.78 -45.94
N VAL BA 1031 -25.57 -54.98 -44.88
CA VAL BA 1031 -24.65 -56.09 -44.83
C VAL BA 1031 -25.42 -57.40 -44.72
N TYR BA 1032 -24.70 -58.50 -44.94
CA TYR BA 1032 -25.33 -59.83 -44.93
C TYR BA 1032 -24.81 -60.66 -43.77
N SER BA 1033 -25.65 -61.60 -43.33
CA SER BA 1033 -25.44 -62.34 -42.10
C SER BA 1033 -24.59 -63.60 -42.27
N GLY BA 1034 -24.15 -63.91 -43.48
CA GLY BA 1034 -23.42 -65.14 -43.69
C GLY BA 1034 -22.17 -64.99 -44.54
N THR BA 1035 -21.52 -63.82 -44.45
CA THR BA 1035 -20.34 -63.53 -45.25
C THR BA 1035 -19.11 -63.52 -44.35
N GLY BA 1036 -18.09 -64.26 -44.74
CA GLY BA 1036 -16.81 -64.23 -44.07
C GLY BA 1036 -16.06 -62.95 -44.40
N LEU BA 1037 -14.95 -62.75 -43.69
CA LEU BA 1037 -14.21 -61.51 -43.83
C LEU BA 1037 -12.78 -61.70 -43.35
N GLY BA 1038 -11.91 -60.81 -43.86
CA GLY BA 1038 -10.55 -60.69 -43.37
C GLY BA 1038 -10.36 -59.34 -42.72
N ILE BA 1039 -9.53 -59.32 -41.68
CA ILE BA 1039 -9.29 -58.14 -40.87
C ILE BA 1039 -7.80 -57.82 -40.89
N LEU BA 1040 -7.46 -56.61 -41.33
CA LEU BA 1040 -6.12 -56.11 -41.23
C LEU BA 1040 -5.98 -55.34 -39.92
N PHE BA 1041 -4.91 -55.62 -39.19
CA PHE BA 1041 -4.69 -54.98 -37.90
C PHE BA 1041 -4.14 -53.57 -38.08
N THR BA 1042 -4.16 -52.81 -36.99
CA THR BA 1042 -3.58 -51.48 -36.95
C THR BA 1042 -2.45 -51.37 -35.94
N GLN BA 1043 -2.69 -51.78 -34.69
CA GLN BA 1043 -1.68 -51.77 -33.65
C GLN BA 1043 -1.49 -53.19 -33.13
N ASP BA 1044 -0.52 -53.35 -32.24
CA ASP BA 1044 -0.20 -54.65 -31.66
C ASP BA 1044 -1.03 -54.88 -30.40
N VAL BA 1045 -0.92 -56.09 -29.86
CA VAL BA 1045 -1.55 -56.45 -28.59
C VAL BA 1045 -0.53 -57.26 -27.78
N THR BA 1046 -0.93 -57.63 -26.57
CA THR BA 1046 -0.07 -58.43 -25.69
C THR BA 1046 -0.90 -59.29 -24.75
N CYS CA 42 -46.67 -140.41 -38.45
CA CYS CA 42 -45.56 -139.87 -39.23
C CYS CA 42 -44.24 -140.05 -38.49
N PHE CA 43 -43.48 -138.95 -38.39
CA PHE CA 43 -42.15 -138.97 -37.79
C PHE CA 43 -42.15 -138.08 -36.55
N HIS CA 44 -41.83 -138.67 -35.41
CA HIS CA 44 -41.77 -137.88 -34.19
C HIS CA 44 -40.51 -137.02 -34.16
N PRO CA 45 -40.62 -135.78 -33.71
CA PRO CA 45 -39.43 -134.92 -33.58
C PRO CA 45 -38.35 -135.55 -32.71
N PRO CA 46 -38.71 -136.22 -31.60
CA PRO CA 46 -37.58 -136.78 -30.82
C PRO CA 46 -37.12 -138.13 -31.36
N TYR CA 47 -36.39 -138.08 -32.47
CA TYR CA 47 -35.65 -139.21 -33.02
C TYR CA 47 -36.53 -140.38 -33.40
N ASN CA 48 -37.85 -140.22 -33.39
CA ASN CA 48 -38.80 -141.25 -33.81
C ASN CA 48 -38.52 -142.56 -33.08
N ASN CA 49 -38.29 -142.47 -31.78
CA ASN CA 49 -38.03 -143.63 -30.93
C ASN CA 49 -36.82 -144.42 -31.41
N PHE CA 50 -35.84 -143.72 -31.97
CA PHE CA 50 -34.60 -144.33 -32.47
C PHE CA 50 -34.87 -145.37 -33.54
N GLN CA 51 -36.04 -145.33 -34.13
CA GLN CA 51 -36.32 -146.21 -35.25
C GLN CA 51 -35.88 -145.53 -36.53
N PRO CA 52 -35.15 -146.22 -37.42
CA PRO CA 52 -34.62 -145.56 -38.61
C PRO CA 52 -35.71 -144.89 -39.43
N ASP CA 53 -35.40 -143.69 -39.93
CA ASP CA 53 -36.41 -142.87 -40.58
C ASP CA 53 -36.90 -143.51 -41.87
N ARG CA 54 -38.12 -143.15 -42.26
CA ARG CA 54 -38.74 -143.62 -43.49
C ARG CA 54 -39.16 -142.41 -44.30
N ARG CA 55 -38.23 -141.90 -45.12
CA ARG CA 55 -38.50 -140.71 -45.92
C ARG CA 55 -39.16 -141.07 -47.25
N ALA CA 56 -38.75 -142.18 -47.85
CA ALA CA 56 -39.19 -142.52 -49.20
C ALA CA 56 -40.69 -142.75 -49.27
N VAL CA 57 -41.29 -143.31 -48.22
CA VAL CA 57 -42.73 -143.54 -48.23
C VAL CA 57 -43.47 -142.21 -48.32
N LYS CA 58 -43.09 -141.25 -47.48
CA LYS CA 58 -43.72 -139.93 -47.53
C LYS CA 58 -43.48 -139.27 -48.88
N ARG CA 59 -42.26 -139.38 -49.40
CA ARG CA 59 -41.94 -138.73 -50.67
C ARG CA 59 -42.78 -139.30 -51.80
N VAL CA 60 -42.87 -140.62 -51.89
CA VAL CA 60 -43.65 -141.22 -52.99
C VAL CA 60 -45.13 -140.92 -52.81
N GLY CA 61 -45.62 -140.90 -51.57
CA GLY CA 61 -47.02 -140.58 -51.35
C GLY CA 61 -47.36 -139.17 -51.78
N VAL CA 62 -46.53 -138.20 -51.37
CA VAL CA 62 -46.80 -136.82 -51.72
C VAL CA 62 -46.63 -136.58 -53.21
N ASP CA 63 -45.66 -137.27 -53.84
CA ASP CA 63 -45.45 -137.06 -55.27
C ASP CA 63 -46.57 -137.70 -56.09
N THR CA 64 -47.07 -138.85 -55.66
CA THR CA 64 -48.25 -139.43 -56.32
C THR CA 64 -49.47 -138.54 -56.13
N GLY CA 65 -49.61 -137.96 -54.94
CA GLY CA 65 -50.72 -137.05 -54.66
C GLY CA 65 -50.63 -135.75 -55.45
N GLY CA 88 -46.16 -138.06 -59.31
CA GLY CA 88 -45.78 -139.11 -60.22
C GLY CA 88 -44.71 -140.04 -59.66
N GLY CA 89 -44.76 -141.30 -60.07
CA GLY CA 89 -43.79 -142.26 -59.57
C GLY CA 89 -42.37 -141.93 -59.97
N THR CA 90 -42.18 -141.53 -61.23
CA THR CA 90 -40.83 -141.24 -61.72
C THR CA 90 -40.24 -140.02 -61.03
N VAL CA 91 -41.02 -138.94 -60.92
CA VAL CA 91 -40.53 -137.75 -60.26
C VAL CA 91 -40.28 -138.02 -58.78
N GLY CA 92 -41.15 -138.82 -58.16
CA GLY CA 92 -40.90 -139.20 -56.77
C GLY CA 92 -39.60 -139.96 -56.61
N LEU CA 93 -39.36 -140.93 -57.50
CA LEU CA 93 -38.14 -141.73 -57.40
C LEU CA 93 -36.90 -140.87 -57.62
N VAL CA 94 -36.92 -139.98 -58.61
CA VAL CA 94 -35.74 -139.18 -58.88
C VAL CA 94 -35.49 -138.19 -57.75
N ALA CA 95 -36.56 -137.60 -57.20
CA ALA CA 95 -36.40 -136.72 -56.05
C ALA CA 95 -35.82 -137.48 -54.86
N SER CA 96 -36.31 -138.70 -54.61
CA SER CA 96 -35.82 -139.47 -53.48
C SER CA 96 -34.35 -139.85 -53.66
N ILE CA 97 -33.96 -140.27 -54.86
CA ILE CA 97 -32.57 -140.69 -55.06
C ILE CA 97 -31.65 -139.48 -54.98
N TYR CA 98 -32.09 -138.33 -55.49
CA TYR CA 98 -31.26 -137.13 -55.37
C TYR CA 98 -31.16 -136.68 -53.91
N ARG CA 99 -32.24 -136.87 -53.14
CA ARG CA 99 -32.17 -136.59 -51.71
C ARG CA 99 -31.17 -137.51 -51.02
N ASP CA 100 -31.19 -138.79 -51.37
CA ASP CA 100 -30.29 -139.76 -50.76
C ASP CA 100 -28.87 -139.67 -51.30
N SER CA 101 -28.65 -138.90 -52.36
CA SER CA 101 -27.30 -138.71 -52.87
C SER CA 101 -26.40 -138.11 -51.78
N LYS CA 102 -25.20 -138.67 -51.64
CA LYS CA 102 -24.29 -138.24 -50.59
C LYS CA 102 -23.93 -136.77 -50.73
N ARG CA 103 -23.87 -136.26 -51.95
CA ARG CA 103 -23.62 -134.83 -52.16
C ARG CA 103 -24.71 -133.98 -51.55
N LYS CA 104 -25.97 -134.41 -51.70
CA LYS CA 104 -27.07 -133.69 -51.08
C LYS CA 104 -26.93 -133.66 -49.57
N ILE CA 105 -26.54 -134.80 -48.99
CA ILE CA 105 -26.34 -134.86 -47.54
C ILE CA 105 -25.23 -133.91 -47.12
N ILE CA 106 -24.14 -133.89 -47.89
CA ILE CA 106 -23.03 -132.99 -47.56
C ILE CA 106 -23.48 -131.54 -47.64
N ARG CA 107 -24.27 -131.21 -48.66
CA ARG CA 107 -24.78 -129.84 -48.77
C ARG CA 107 -25.65 -129.49 -47.58
N ASP CA 108 -26.50 -130.42 -47.15
CA ASP CA 108 -27.34 -130.16 -45.97
C ASP CA 108 -26.46 -129.96 -44.73
N LEU CA 109 -25.44 -130.79 -44.57
CA LEU CA 109 -24.55 -130.65 -43.42
C LEU CA 109 -23.85 -129.30 -43.43
N GLN CA 110 -23.38 -128.87 -44.60
CA GLN CA 110 -22.72 -127.57 -44.70
C GLN CA 110 -23.70 -126.42 -44.48
N LYS CA 111 -24.96 -126.61 -44.87
CA LYS CA 111 -25.99 -125.64 -44.51
C LYS CA 111 -26.12 -125.56 -43.00
N GLN CA 112 -26.11 -126.70 -42.32
CA GLN CA 112 -25.94 -126.72 -40.89
C GLN CA 112 -24.53 -126.26 -40.53
N ASP CA 113 -24.34 -125.95 -39.24
CA ASP CA 113 -23.04 -125.50 -38.76
C ASP CA 113 -22.15 -126.69 -38.41
N ILE CA 114 -21.87 -127.51 -39.42
CA ILE CA 114 -21.09 -128.73 -39.26
C ILE CA 114 -19.92 -128.67 -40.23
N GLN CA 115 -18.77 -129.17 -39.81
CA GLN CA 115 -17.58 -129.19 -40.64
C GLN CA 115 -17.27 -130.62 -41.06
N TYR CA 116 -17.25 -130.87 -42.36
CA TYR CA 116 -16.94 -132.19 -42.91
C TYR CA 116 -15.62 -132.12 -43.65
N VAL CA 117 -14.67 -132.95 -43.25
CA VAL CA 117 -13.34 -132.98 -43.86
C VAL CA 117 -13.10 -134.37 -44.44
N GLU CA 118 -12.79 -134.41 -45.73
CA GLU CA 118 -12.56 -135.65 -46.45
C GLU CA 118 -11.18 -135.57 -47.09
N TYR CA 119 -10.31 -136.51 -46.72
CA TYR CA 119 -8.92 -136.45 -47.16
C TYR CA 119 -8.31 -137.84 -47.08
N GLY CA 120 -7.53 -138.19 -48.09
CA GLY CA 120 -6.89 -139.49 -48.11
C GLY CA 120 -7.93 -140.60 -48.11
N ASP CA 121 -8.03 -141.31 -46.99
CA ASP CA 121 -9.02 -142.35 -46.81
C ASP CA 121 -9.98 -142.07 -45.65
N THR CA 122 -9.46 -141.65 -44.51
CA THR CA 122 -10.30 -141.38 -43.36
C THR CA 122 -11.03 -140.05 -43.53
N ARG CA 123 -12.09 -139.87 -42.74
CA ARG CA 123 -12.86 -138.64 -42.77
C ARG CA 123 -13.16 -138.19 -41.35
N THR CA 124 -13.42 -136.90 -41.21
CA THR CA 124 -13.64 -136.30 -39.90
C THR CA 124 -14.81 -135.32 -39.94
N LEU CA 125 -15.48 -135.21 -38.79
CA LEU CA 125 -16.59 -134.30 -38.59
C LEU CA 125 -16.32 -133.44 -37.35
N ILE CA 126 -16.67 -132.16 -37.46
CA ILE CA 126 -16.46 -131.20 -36.39
C ILE CA 126 -17.80 -130.54 -36.08
N ILE CA 127 -18.14 -130.50 -34.80
CA ILE CA 127 -19.42 -129.94 -34.36
C ILE CA 127 -19.20 -128.97 -33.21
N PRO CA 128 -19.76 -127.76 -33.28
CA PRO CA 128 -19.64 -126.78 -32.19
C PRO CA 128 -20.60 -127.08 -31.06
N THR CA 129 -20.04 -127.44 -29.90
CA THR CA 129 -20.87 -127.78 -28.75
C THR CA 129 -21.70 -126.59 -28.31
N ASP CA 130 -21.26 -125.36 -28.58
CA ASP CA 130 -21.99 -124.19 -28.14
C ASP CA 130 -23.38 -124.16 -28.74
N LYS CA 131 -23.50 -124.43 -30.04
CA LYS CA 131 -24.80 -124.46 -30.68
C LYS CA 131 -25.48 -125.81 -30.62
N TYR CA 132 -24.72 -126.90 -30.48
CA TYR CA 132 -25.32 -128.23 -30.51
C TYR CA 132 -25.39 -128.89 -29.13
N PHE CA 133 -25.31 -128.10 -28.07
CA PHE CA 133 -25.34 -128.66 -26.72
C PHE CA 133 -25.96 -127.64 -25.78
N MET CA 134 -26.38 -128.14 -24.61
CA MET CA 134 -26.86 -127.25 -23.56
C MET CA 134 -25.67 -126.63 -22.84
N PHE CA 135 -25.80 -125.35 -22.52
CA PHE CA 135 -24.67 -124.59 -22.01
C PHE CA 135 -24.16 -125.14 -20.69
N SER CA 136 -22.85 -125.35 -20.61
CA SER CA 136 -22.15 -125.72 -19.38
C SER CA 136 -22.69 -127.01 -18.77
N SER CA 137 -23.24 -127.89 -19.58
CA SER CA 137 -23.79 -129.14 -19.07
C SER CA 137 -23.54 -130.24 -20.09
N PRO CA 138 -23.41 -131.49 -19.65
CA PRO CA 138 -23.38 -132.61 -20.60
C PRO CA 138 -24.67 -132.74 -21.39
N ARG CA 139 -25.74 -132.09 -20.97
CA ARG CA 139 -26.98 -132.09 -21.74
C ARG CA 139 -26.76 -131.41 -23.08
N LEU CA 140 -27.52 -131.83 -24.08
CA LEU CA 140 -27.40 -131.35 -25.44
C LEU CA 140 -28.68 -130.67 -25.88
N ASN CA 141 -28.56 -129.82 -26.90
CA ASN CA 141 -29.72 -129.12 -27.44
C ASN CA 141 -30.64 -130.11 -28.13
N GLU CA 142 -31.92 -130.04 -27.80
CA GLU CA 142 -32.92 -130.86 -28.48
C GLU CA 142 -33.34 -130.27 -29.81
N ILE CA 143 -33.28 -128.95 -29.94
CA ILE CA 143 -33.89 -128.28 -31.08
C ILE CA 143 -33.24 -128.71 -32.38
N CYS CA 144 -31.91 -128.83 -32.40
CA CYS CA 144 -31.17 -129.04 -33.64
C CYS CA 144 -31.08 -130.50 -34.03
N TYR CA 145 -32.07 -131.32 -33.64
CA TYR CA 145 -32.05 -132.72 -33.99
C TYR CA 145 -32.04 -133.03 -35.49
N PRO CA 146 -32.53 -132.18 -36.41
CA PRO CA 146 -32.37 -132.50 -37.84
C PRO CA 146 -30.93 -132.74 -38.23
N GLY CA 147 -30.01 -131.96 -37.66
CA GLY CA 147 -28.60 -132.18 -37.95
C GLY CA 147 -28.13 -133.55 -37.52
N LEU CA 148 -28.54 -134.00 -36.34
CA LEU CA 148 -28.15 -135.33 -35.88
C LEU CA 148 -28.78 -136.41 -36.72
N ASN CA 149 -30.00 -136.20 -37.18
CA ASN CA 149 -30.64 -137.17 -38.07
C ASN CA 149 -29.86 -137.30 -39.38
N ASN CA 150 -29.46 -136.16 -39.95
CA ASN CA 150 -28.61 -136.19 -41.13
C ASN CA 150 -27.28 -136.87 -40.82
N VAL CA 151 -26.75 -136.64 -39.62
CA VAL CA 151 -25.50 -137.26 -39.22
C VAL CA 151 -25.61 -138.77 -39.25
N ILE CA 152 -26.69 -139.29 -38.67
CA ILE CA 152 -26.88 -140.74 -38.66
C ILE CA 152 -27.08 -141.27 -40.07
N ARG CA 153 -27.87 -140.56 -40.88
CA ARG CA 153 -28.10 -141.00 -42.25
C ARG CA 153 -26.79 -141.09 -43.02
N LEU CA 154 -25.94 -140.08 -42.87
CA LEU CA 154 -24.62 -140.12 -43.51
C LEU CA 154 -23.76 -141.26 -42.95
N LEU CA 155 -23.78 -141.42 -41.63
CA LEU CA 155 -22.95 -142.43 -40.99
C LEU CA 155 -23.33 -143.83 -41.41
N ASN CA 156 -24.56 -144.03 -41.87
CA ASN CA 156 -24.98 -145.37 -42.29
C ASN CA 156 -24.08 -145.95 -43.39
N PHE CA 157 -23.38 -145.12 -44.15
CA PHE CA 157 -22.66 -145.56 -45.32
C PHE CA 157 -21.35 -146.27 -45.02
N TYR CA 158 -20.89 -146.31 -43.76
CA TYR CA 158 -19.61 -146.90 -43.41
C TYR CA 158 -19.83 -147.91 -42.28
N PRO CA 159 -20.45 -149.05 -42.59
CA PRO CA 159 -20.89 -149.95 -41.52
C PRO CA 159 -19.81 -150.92 -41.03
N GLN CA 160 -18.55 -150.69 -41.34
CA GLN CA 160 -17.49 -151.56 -40.85
C GLN CA 160 -16.30 -150.84 -40.24
N SER CA 161 -16.04 -149.58 -40.61
CA SER CA 161 -14.84 -148.90 -40.14
C SER CA 161 -14.94 -148.56 -38.66
N THR CA 162 -13.77 -148.42 -38.04
CA THR CA 162 -13.69 -148.05 -36.63
C THR CA 162 -14.03 -146.57 -36.46
N ILE CA 163 -14.43 -146.21 -35.24
CA ILE CA 163 -14.87 -144.87 -34.92
C ILE CA 163 -14.06 -144.34 -33.73
N TYR CA 164 -13.61 -143.10 -33.84
CA TYR CA 164 -13.03 -142.39 -32.71
C TYR CA 164 -13.77 -141.08 -32.53
N VAL CA 165 -14.06 -140.73 -31.28
CA VAL CA 165 -14.73 -139.49 -30.95
C VAL CA 165 -13.98 -138.81 -29.82
N ALA CA 166 -13.79 -137.50 -29.95
CA ALA CA 166 -13.04 -136.74 -28.95
C ALA CA 166 -13.69 -135.37 -28.76
N GLY CA 167 -13.42 -134.81 -27.59
CA GLY CA 167 -13.97 -133.51 -27.24
C GLY CA 167 -12.90 -132.52 -26.84
N PHE CA 168 -13.18 -131.23 -27.01
CA PHE CA 168 -12.21 -130.19 -26.68
C PHE CA 168 -12.94 -128.97 -26.15
N THR CA 169 -12.21 -128.17 -25.37
CA THR CA 169 -12.74 -126.95 -24.78
C THR CA 169 -11.65 -125.89 -24.80
N ASP CA 170 -11.94 -124.75 -24.16
CA ASP CA 170 -11.04 -123.61 -24.13
C ASP CA 170 -10.12 -123.69 -22.91
N ASN CA 171 -9.43 -122.59 -22.63
CA ASN CA 171 -8.31 -122.57 -21.68
C ASN CA 171 -8.62 -121.74 -20.43
N VAL CA 172 -9.81 -121.89 -19.87
CA VAL CA 172 -10.19 -121.18 -18.66
C VAL CA 172 -10.80 -122.16 -17.67
N GLY CA 173 -10.36 -122.09 -16.42
CA GLY CA 173 -10.87 -122.94 -15.37
C GLY CA 173 -9.84 -123.97 -14.94
N SER CA 174 -10.26 -124.84 -14.03
CA SER CA 174 -9.40 -125.91 -13.56
C SER CA 174 -9.11 -126.89 -14.69
N ARG CA 175 -7.87 -127.35 -14.74
CA ARG CA 175 -7.51 -128.40 -15.69
C ARG CA 175 -8.39 -129.63 -15.49
N SER CA 176 -8.59 -130.02 -14.22
CA SER CA 176 -9.49 -131.13 -13.92
C SER CA 176 -10.90 -130.84 -14.40
N HIS CA 177 -11.36 -129.60 -14.22
CA HIS CA 177 -12.70 -129.24 -14.66
C HIS CA 177 -12.83 -129.41 -16.17
N LYS CA 178 -11.87 -128.90 -16.93
CA LYS CA 178 -11.91 -129.04 -18.37
C LYS CA 178 -11.90 -130.50 -18.78
N ARG CA 179 -11.03 -131.29 -18.14
CA ARG CA 179 -10.93 -132.70 -18.49
C ARG CA 179 -12.23 -133.44 -18.22
N LYS CA 180 -12.84 -133.18 -17.06
CA LYS CA 180 -14.09 -133.86 -16.73
C LYS CA 180 -15.20 -133.45 -17.69
N LEU CA 181 -15.29 -132.15 -18.01
CA LEU CA 181 -16.34 -131.71 -18.91
C LEU CA 181 -16.16 -132.34 -20.29
N SER CA 182 -14.93 -132.38 -20.78
CA SER CA 182 -14.68 -133.00 -22.08
C SER CA 182 -15.03 -134.48 -22.06
N GLN CA 183 -14.69 -135.17 -20.97
CA GLN CA 183 -15.03 -136.58 -20.85
C GLN CA 183 -16.54 -136.77 -20.87
N ALA CA 184 -17.27 -135.89 -20.18
CA ALA CA 184 -18.73 -135.99 -20.18
C ALA CA 184 -19.29 -135.78 -21.57
N GLN CA 185 -18.78 -134.78 -22.29
CA GLN CA 185 -19.25 -134.51 -23.65
C GLN CA 185 -19.02 -135.73 -24.54
N ALA CA 186 -17.80 -136.28 -24.50
CA ALA CA 186 -17.49 -137.44 -25.33
C ALA CA 186 -18.37 -138.62 -24.96
N GLU CA 187 -18.57 -138.83 -23.66
CA GLU CA 187 -19.40 -139.94 -23.20
C GLU CA 187 -20.82 -139.79 -23.73
N THR CA 188 -21.38 -138.58 -23.66
CA THR CA 188 -22.74 -138.36 -24.12
C THR CA 188 -22.85 -138.64 -25.62
N MET CA 189 -21.89 -138.14 -26.40
CA MET CA 189 -21.93 -138.38 -27.83
C MET CA 189 -21.82 -139.86 -28.14
N MET CA 190 -20.92 -140.56 -27.44
CA MET CA 190 -20.77 -141.99 -27.66
C MET CA 190 -22.05 -142.74 -27.33
N THR CA 191 -22.70 -142.36 -26.24
CA THR CA 191 -23.95 -143.01 -25.85
C THR CA 191 -25.01 -142.80 -26.92
N PHE CA 192 -25.14 -141.57 -27.41
CA PHE CA 192 -26.13 -141.31 -28.45
C PHE CA 192 -25.84 -142.14 -29.69
N LEU CA 193 -24.57 -142.22 -30.08
CA LEU CA 193 -24.22 -143.01 -31.26
C LEU CA 193 -24.55 -144.49 -31.05
N TRP CA 194 -24.21 -145.03 -29.89
CA TRP CA 194 -24.51 -146.43 -29.59
C TRP CA 194 -26.01 -146.67 -29.60
N ALA CA 195 -26.79 -145.66 -29.24
CA ALA CA 195 -28.24 -145.79 -29.30
C ALA CA 195 -28.78 -145.94 -30.71
N ASN CA 196 -27.92 -145.96 -31.72
CA ASN CA 196 -28.42 -145.94 -33.09
C ASN CA 196 -27.81 -147.04 -33.96
N GLY CA 197 -27.78 -148.26 -33.45
CA GLY CA 197 -27.56 -149.42 -34.29
C GLY CA 197 -26.14 -149.90 -34.44
N ILE CA 198 -25.21 -149.42 -33.62
CA ILE CA 198 -23.81 -149.85 -33.69
C ILE CA 198 -23.39 -150.33 -32.30
N ALA CA 199 -22.78 -151.51 -32.26
CA ALA CA 199 -22.35 -152.11 -31.00
C ALA CA 199 -21.06 -151.47 -30.51
N ALA CA 200 -20.70 -151.82 -29.26
CA ALA CA 200 -19.55 -151.21 -28.59
C ALA CA 200 -18.22 -151.62 -29.19
N LYS CA 201 -18.20 -152.62 -30.08
CA LYS CA 201 -16.93 -153.08 -30.64
C LYS CA 201 -16.28 -152.06 -31.57
N ARG CA 202 -16.98 -150.98 -31.93
CA ARG CA 202 -16.44 -150.01 -32.87
C ARG CA 202 -16.39 -148.60 -32.29
N LEU CA 203 -16.59 -148.44 -30.98
CA LEU CA 203 -16.67 -147.12 -30.38
C LEU CA 203 -15.62 -146.95 -29.30
N LYS CA 204 -15.15 -145.72 -29.16
CA LYS CA 204 -14.23 -145.35 -28.08
C LYS CA 204 -14.22 -143.83 -27.99
N ALA CA 205 -14.46 -143.30 -26.79
CA ALA CA 205 -14.59 -141.86 -26.60
C ALA CA 205 -13.41 -141.32 -25.80
N GLU CA 206 -13.11 -140.05 -26.04
CA GLU CA 206 -12.04 -139.39 -25.31
C GLU CA 206 -12.29 -137.89 -25.28
N GLY CA 207 -12.08 -137.27 -24.13
CA GLY CA 207 -12.20 -135.83 -24.04
C GLY CA 207 -10.96 -135.14 -23.54
N TYR CA 208 -10.30 -134.38 -24.41
CA TYR CA 208 -9.18 -133.56 -23.98
C TYR CA 208 -9.68 -132.16 -23.65
N GLY CA 209 -8.90 -131.45 -22.83
CA GLY CA 209 -9.27 -130.10 -22.49
C GLY CA 209 -8.70 -129.11 -23.48
N ASP CA 210 -7.84 -128.22 -23.00
CA ASP CA 210 -7.10 -127.32 -23.86
C ASP CA 210 -5.74 -127.87 -24.25
N LYS CA 211 -5.62 -129.18 -24.38
CA LYS CA 211 -4.30 -129.80 -24.60
C LYS CA 211 -3.67 -129.33 -25.90
N ASN CA 212 -4.45 -129.29 -26.98
CA ASN CA 212 -3.92 -128.86 -28.27
C ASN CA 212 -5.08 -128.32 -29.10
N ALA CA 213 -5.23 -127.00 -29.12
CA ALA CA 213 -6.31 -126.39 -29.88
C ALA CA 213 -5.89 -126.16 -31.32
N ILE CA 214 -6.89 -125.99 -32.18
CA ILE CA 214 -6.66 -125.69 -33.58
C ILE CA 214 -6.83 -124.20 -33.78
N SER CA 215 -6.93 -123.46 -32.68
CA SER CA 215 -7.13 -122.02 -32.74
C SER CA 215 -6.54 -121.39 -31.49
N ASP CA 216 -6.22 -120.11 -31.60
CA ASP CA 216 -5.72 -119.36 -30.45
C ASP CA 216 -6.86 -119.12 -29.47
N ASN CA 217 -6.48 -118.75 -28.24
CA ASN CA 217 -7.45 -118.45 -27.21
C ASN CA 217 -7.42 -117.01 -26.74
N ALA CA 218 -6.39 -116.25 -27.08
CA ALA CA 218 -6.36 -114.83 -26.73
C ALA CA 218 -7.33 -114.01 -27.55
N ILE CA 219 -7.94 -114.59 -28.58
CA ILE CA 219 -8.91 -113.90 -29.42
C ILE CA 219 -10.25 -114.58 -29.25
N ILE CA 220 -11.31 -113.76 -29.26
CA ILE CA 220 -12.64 -114.26 -28.91
C ILE CA 220 -13.09 -115.32 -29.90
N HIS CA 221 -12.89 -115.09 -31.20
CA HIS CA 221 -13.36 -116.03 -32.19
C HIS CA 221 -12.64 -117.37 -32.06
N GLY CA 222 -11.32 -117.35 -31.89
CA GLY CA 222 -10.60 -118.59 -31.73
C GLY CA 222 -10.96 -119.32 -30.44
N SER CA 223 -11.20 -118.55 -29.37
CA SER CA 223 -11.63 -119.16 -28.12
C SER CA 223 -12.97 -119.86 -28.28
N ALA CA 224 -13.88 -119.25 -29.05
CA ALA CA 224 -15.13 -119.91 -29.36
C ALA CA 224 -14.89 -121.16 -30.20
N GLN CA 225 -13.96 -121.08 -31.15
CA GLN CA 225 -13.76 -122.18 -32.09
C GLN CA 225 -13.13 -123.40 -31.42
N ASN CA 226 -12.27 -123.20 -30.43
CA ASN CA 226 -11.50 -124.32 -29.89
C ASN CA 226 -12.41 -125.38 -29.27
N ARG CA 227 -13.42 -124.96 -28.51
CA ARG CA 227 -14.34 -125.91 -27.89
C ARG CA 227 -15.19 -126.56 -28.96
N ARG CA 228 -15.14 -127.89 -29.05
CA ARG CA 228 -15.73 -128.57 -30.20
C ARG CA 228 -15.81 -130.07 -29.89
N ILE CA 229 -16.44 -130.80 -30.82
CA ILE CA 229 -16.45 -132.25 -30.82
C ILE CA 229 -15.94 -132.73 -32.17
N GLU CA 230 -14.95 -133.61 -32.15
CA GLU CA 230 -14.39 -134.19 -33.36
C GLU CA 230 -14.74 -135.67 -33.44
N ILE CA 231 -14.94 -136.14 -34.66
CA ILE CA 231 -15.18 -137.54 -34.95
C ILE CA 231 -14.29 -137.94 -36.11
N GLN CA 232 -13.42 -138.92 -35.89
CA GLN CA 232 -12.56 -139.46 -36.93
C GLN CA 232 -12.99 -140.88 -37.24
N TRP CA 233 -12.96 -141.26 -38.52
CA TRP CA 233 -13.23 -142.65 -38.83
C TRP CA 233 -12.61 -143.04 -40.17
N PHE CA 234 -12.03 -144.24 -40.19
CA PHE CA 234 -11.34 -144.81 -41.33
C PHE CA 234 -12.32 -145.40 -42.33
N THR CA 235 -11.82 -146.23 -43.25
CA THR CA 235 -12.66 -147.06 -44.09
C THR CA 235 -12.44 -148.54 -43.83
N SER CA 236 -11.19 -148.98 -43.77
CA SER CA 236 -10.87 -150.38 -43.52
C SER CA 236 -9.86 -150.51 -42.38
N ASP DA 39 -55.85 -95.66 -18.44
CA ASP DA 39 -57.29 -95.90 -18.54
C ASP DA 39 -57.79 -96.74 -17.37
N GLY DA 40 -58.83 -97.52 -17.62
CA GLY DA 40 -59.34 -98.42 -16.61
C GLY DA 40 -58.63 -99.76 -16.62
N CYS DA 41 -57.74 -99.97 -15.66
CA CYS DA 41 -56.98 -101.22 -15.63
C CYS DA 41 -57.87 -102.41 -15.29
N CYS DA 42 -58.92 -102.18 -14.49
CA CYS DA 42 -59.83 -103.25 -14.08
C CYS DA 42 -60.81 -103.59 -15.20
N SER DA 43 -60.29 -103.88 -16.39
CA SER DA 43 -61.15 -104.23 -17.51
C SER DA 43 -61.63 -105.67 -17.39
N LYS DA 44 -62.67 -105.98 -18.17
CA LYS DA 44 -63.31 -107.29 -18.15
C LYS DA 44 -63.75 -107.69 -16.76
N MET DA 45 -63.93 -106.70 -15.88
CA MET DA 45 -64.41 -106.90 -14.52
C MET DA 45 -65.30 -105.71 -14.18
N GLY DA 46 -65.74 -105.66 -12.93
CA GLY DA 46 -66.63 -104.60 -12.50
C GLY DA 46 -66.06 -103.21 -12.67
N GLY DA 47 -64.75 -103.08 -12.62
CA GLY DA 47 -64.10 -101.79 -12.75
C GLY DA 47 -63.40 -101.38 -11.46
N ILE DA 48 -63.03 -100.10 -11.42
CA ILE DA 48 -62.29 -99.58 -10.27
C ILE DA 48 -63.22 -99.46 -9.08
N ASN DA 49 -62.78 -99.99 -7.94
CA ASN DA 49 -63.54 -99.86 -6.70
C ASN DA 49 -62.95 -98.77 -5.80
N TYR DA 50 -61.69 -98.90 -5.42
CA TYR DA 50 -61.01 -97.92 -4.58
C TYR DA 50 -59.54 -98.28 -4.51
N CYS DA 51 -58.73 -97.32 -4.08
CA CYS DA 51 -57.27 -97.48 -4.03
C CYS DA 51 -56.85 -97.79 -2.60
N ASP DA 52 -56.40 -99.02 -2.38
CA ASP DA 52 -55.77 -99.37 -1.12
C ASP DA 52 -54.42 -98.65 -1.05
N SER DA 53 -54.35 -97.61 -0.22
CA SER DA 53 -53.12 -96.86 -0.09
C SER DA 53 -52.04 -97.67 0.60
N SER DA 54 -52.43 -98.49 1.58
CA SER DA 54 -51.44 -99.31 2.28
C SER DA 54 -50.75 -100.26 1.33
N ALA DA 55 -51.51 -100.89 0.44
CA ALA DA 55 -50.92 -101.71 -0.61
C ALA DA 55 -50.47 -100.88 -1.80
N GLY DA 56 -50.87 -99.62 -1.89
CA GLY DA 56 -50.55 -98.81 -3.05
C GLY DA 56 -51.11 -99.37 -4.34
N ARG DA 57 -52.28 -99.99 -4.27
CA ARG DA 57 -52.82 -100.70 -5.42
C ARG DA 57 -54.31 -100.40 -5.57
N LEU DA 58 -54.76 -100.37 -6.82
CA LEU DA 58 -56.19 -100.31 -7.07
C LEU DA 58 -56.83 -101.65 -6.77
N VAL DA 59 -58.10 -101.62 -6.37
CA VAL DA 59 -58.88 -102.81 -6.14
C VAL DA 59 -60.05 -102.80 -7.11
N CYS DA 60 -60.18 -103.85 -7.90
CA CYS DA 60 -61.28 -103.91 -8.85
C CYS DA 60 -62.60 -104.18 -8.12
N ASN DA 61 -63.70 -103.86 -8.80
CA ASN DA 61 -65.01 -104.24 -8.28
C ASN DA 61 -65.13 -105.75 -8.18
N ASN DA 62 -64.59 -106.47 -9.16
CA ASN DA 62 -64.34 -107.89 -8.98
C ASN DA 62 -63.34 -108.08 -7.85
N GLY DA 63 -63.50 -109.15 -7.08
CA GLY DA 63 -62.68 -109.35 -5.91
C GLY DA 63 -61.25 -109.76 -6.21
N PHE DA 64 -60.47 -108.87 -6.81
CA PHE DA 64 -59.07 -109.16 -7.10
C PHE DA 64 -58.27 -107.87 -7.08
N TYR DA 65 -56.95 -108.02 -6.94
CA TYR DA 65 -56.06 -106.87 -6.94
C TYR DA 65 -55.70 -106.50 -8.37
N SER DA 66 -55.84 -105.21 -8.68
CA SER DA 66 -55.46 -104.72 -9.99
C SER DA 66 -53.95 -104.70 -10.14
N THR DA 67 -53.50 -104.58 -11.39
CA THR DA 67 -52.08 -104.57 -11.68
C THR DA 67 -51.49 -103.17 -11.74
N CYS DA 68 -52.32 -102.14 -11.81
CA CYS DA 68 -51.84 -100.77 -11.87
C CYS DA 68 -51.53 -100.26 -10.46
N TYR DA 69 -51.27 -98.96 -10.33
CA TYR DA 69 -50.93 -98.37 -9.05
C TYR DA 69 -51.69 -97.06 -8.88
N CYS DA 70 -51.72 -96.57 -7.65
CA CYS DA 70 -52.27 -95.26 -7.35
C CYS DA 70 -51.34 -94.38 -6.54
N THR DA 71 -50.44 -94.95 -5.75
CA THR DA 71 -49.51 -94.18 -4.94
C THR DA 71 -48.08 -94.59 -5.27
N ARG DA 72 -47.16 -93.64 -5.16
CA ARG DA 72 -45.76 -93.90 -5.48
C ARG DA 72 -45.10 -94.84 -4.49
N HIS DA 73 -45.69 -95.03 -3.31
CA HIS DA 73 -45.06 -95.88 -2.30
C HIS DA 73 -45.36 -97.35 -2.55
N ALA DA 74 -45.06 -97.84 -3.74
CA ALA DA 74 -45.32 -99.23 -4.10
C ALA DA 74 -44.05 -99.84 -4.68
N VAL DA 75 -44.04 -101.17 -4.75
CA VAL DA 75 -42.87 -101.93 -5.17
C VAL DA 75 -42.97 -102.13 -6.67
N MET DA 76 -42.27 -101.28 -7.41
CA MET DA 76 -42.03 -101.48 -8.83
C MET DA 76 -40.53 -101.71 -9.03
N ASP DA 77 -40.18 -102.73 -9.80
CA ASP DA 77 -38.78 -103.12 -9.94
C ASP DA 77 -38.10 -102.23 -10.98
N LEU DA 78 -38.01 -100.94 -10.64
CA LEU DA 78 -37.26 -100.01 -11.47
C LEU DA 78 -35.77 -100.35 -11.40
N GLN DA 79 -35.14 -100.45 -12.57
CA GLN DA 79 -33.72 -100.82 -12.62
C GLN DA 79 -32.91 -99.97 -13.59
N PHE DA 80 -33.46 -98.85 -14.06
CA PHE DA 80 -32.72 -97.97 -14.95
C PHE DA 80 -33.27 -96.55 -14.79
N LEU DA 81 -32.37 -95.58 -14.75
CA LEU DA 81 -32.77 -94.19 -14.59
C LEU DA 81 -31.62 -93.30 -15.04
N MET DA 82 -31.95 -92.02 -15.26
CA MET DA 82 -30.99 -91.02 -15.68
C MET DA 82 -30.59 -90.16 -14.48
N GLY DA 83 -29.83 -89.10 -14.76
CA GLY DA 83 -29.36 -88.21 -13.72
C GLY DA 83 -27.90 -88.42 -13.40
N CYS DA 84 -27.03 -87.55 -13.90
CA CYS DA 84 -25.60 -87.78 -13.80
C CYS DA 84 -25.09 -87.36 -12.43
N CYS DA 85 -23.76 -87.49 -12.25
CA CYS DA 85 -23.14 -87.38 -10.93
C CYS DA 85 -23.77 -88.37 -9.96
N LEU DA 86 -24.17 -89.52 -10.48
CA LEU DA 86 -24.84 -90.53 -9.67
C LEU DA 86 -23.82 -91.31 -8.85
N TRP DA 87 -24.32 -91.97 -7.81
CA TRP DA 87 -23.50 -92.80 -6.92
C TRP DA 87 -22.38 -91.98 -6.29
N HIS DA 88 -22.62 -90.69 -6.13
CA HIS DA 88 -21.65 -89.78 -5.54
C HIS DA 88 -22.44 -88.68 -4.83
N GLY DA 89 -21.77 -87.58 -4.53
CA GLY DA 89 -22.43 -86.47 -3.85
C GLY DA 89 -23.53 -85.82 -4.65
N GLY DA 90 -23.81 -86.35 -5.84
CA GLY DA 90 -24.79 -85.75 -6.71
C GLY DA 90 -24.23 -84.56 -7.46
N VAL DA 91 -25.11 -83.89 -8.19
CA VAL DA 91 -24.72 -82.74 -8.99
C VAL DA 91 -24.51 -81.56 -8.05
N TYR DA 92 -23.33 -80.96 -8.12
CA TYR DA 92 -23.04 -79.80 -7.28
C TYR DA 92 -23.89 -78.62 -7.72
N PRO DA 93 -24.62 -77.98 -6.80
CA PRO DA 93 -25.48 -76.85 -7.19
C PRO DA 93 -24.72 -75.60 -7.60
N GLN DA 94 -23.39 -75.60 -7.54
CA GLN DA 94 -22.64 -74.41 -7.93
C GLN DA 94 -22.76 -74.17 -9.43
N LEU DA 95 -22.78 -72.90 -9.82
CA LEU DA 95 -22.71 -72.51 -11.22
C LEU DA 95 -21.28 -72.14 -11.55
N ASN DA 96 -20.76 -72.68 -12.64
CA ASN DA 96 -19.37 -72.48 -13.02
C ASN DA 96 -19.30 -71.95 -14.44
N SER DA 97 -18.27 -71.13 -14.69
CA SER DA 97 -18.03 -70.63 -16.03
C SER DA 97 -17.70 -71.78 -16.99
N SER DA 98 -16.84 -72.69 -16.56
CA SER DA 98 -16.46 -73.81 -17.40
C SER DA 98 -17.62 -74.80 -17.54
N GLY DA 99 -17.63 -75.50 -18.66
CA GLY DA 99 -18.64 -76.49 -18.92
C GLY DA 99 -18.49 -77.78 -18.16
N LEU DA 100 -17.37 -77.98 -17.48
CA LEU DA 100 -17.19 -79.17 -16.66
C LEU DA 100 -18.04 -79.08 -15.40
N VAL DA 101 -18.61 -80.21 -15.00
CA VAL DA 101 -19.45 -80.30 -13.80
C VAL DA 101 -18.80 -81.28 -12.85
N VAL DA 102 -18.63 -80.86 -11.60
CA VAL DA 102 -18.02 -81.69 -10.58
C VAL DA 102 -19.10 -82.13 -9.60
N CYS DA 103 -19.04 -83.40 -9.21
CA CYS DA 103 -19.99 -83.89 -8.23
C CYS DA 103 -19.58 -83.47 -6.83
N ASN DA 104 -20.57 -83.46 -5.92
CA ASN DA 104 -20.34 -82.97 -4.58
C ASN DA 104 -19.34 -83.79 -3.79
N ASP DA 105 -19.02 -85.00 -4.23
CA ASP DA 105 -17.97 -85.80 -3.61
C ASP DA 105 -16.59 -85.38 -4.06
N GLY DA 106 -16.49 -84.49 -5.05
CA GLY DA 106 -15.23 -84.10 -5.63
C GLY DA 106 -14.92 -84.77 -6.95
N TYR DA 107 -15.58 -85.88 -7.25
CA TYR DA 107 -15.41 -86.54 -8.54
C TYR DA 107 -16.07 -85.72 -9.64
N VAL DA 108 -15.56 -85.87 -10.86
CA VAL DA 108 -16.00 -85.08 -12.00
C VAL DA 108 -16.60 -86.02 -13.04
N SER DA 109 -17.68 -85.58 -13.68
CA SER DA 109 -18.36 -86.35 -14.72
C SER DA 109 -18.21 -85.59 -16.03
N GLU DA 110 -17.09 -85.83 -16.72
CA GLU DA 110 -16.83 -85.15 -17.98
C GLU DA 110 -17.82 -85.59 -19.05
N GLU DA 111 -18.22 -86.87 -19.02
CA GLU DA 111 -19.20 -87.35 -20.00
C GLU DA 111 -20.53 -86.60 -19.85
N CYS DA 112 -20.96 -86.36 -18.61
CA CYS DA 112 -22.09 -85.47 -18.39
C CYS DA 112 -21.78 -84.07 -18.88
N SER DA 113 -20.56 -83.60 -18.63
CA SER DA 113 -20.14 -82.30 -19.10
C SER DA 113 -20.03 -82.27 -20.62
N LEU DA 114 -19.73 -81.10 -21.15
CA LEU DA 114 -19.61 -80.92 -22.58
C LEU DA 114 -18.28 -81.48 -23.08
N GLN DA 115 -18.09 -81.41 -24.40
CA GLN DA 115 -16.88 -81.90 -25.05
C GLN DA 115 -16.10 -80.72 -25.63
N LYS DA 116 -14.92 -81.04 -26.16
CA LYS DA 116 -14.08 -80.05 -26.84
C LYS DA 116 -12.99 -80.73 -27.64
N UNK EA 1 -47.07 -123.02 1.45
CA UNK EA 1 -48.48 -123.25 1.12
C UNK EA 1 -48.73 -124.73 0.88
N UNK EA 2 -48.41 -125.19 -0.33
CA UNK EA 2 -48.46 -126.61 -0.70
C UNK EA 2 -49.86 -127.19 -0.70
N UNK EA 3 -50.86 -126.37 -0.39
CA UNK EA 3 -52.25 -126.85 -0.38
C UNK EA 3 -53.17 -125.65 -0.27
N UNK EA 4 -54.28 -125.68 -1.02
CA UNK EA 4 -55.31 -124.66 -0.89
C UNK EA 4 -56.44 -125.16 0.00
N UNK EA 5 -57.02 -126.30 -0.36
CA UNK EA 5 -58.13 -126.87 0.39
C UNK EA 5 -57.60 -127.52 1.65
N UNK EA 6 -57.41 -126.69 2.69
CA UNK EA 6 -56.96 -127.20 3.97
C UNK EA 6 -58.04 -128.07 4.59
N UNK EA 7 -57.81 -129.38 4.64
CA UNK EA 7 -58.81 -130.33 5.10
C UNK EA 7 -58.98 -130.18 6.60
N UNK EA 8 -60.04 -129.49 7.02
CA UNK EA 8 -60.34 -129.29 8.43
C UNK EA 8 -60.95 -130.57 8.97
N UNK EA 9 -60.06 -131.54 9.22
CA UNK EA 9 -60.44 -132.86 9.75
C UNK EA 9 -61.48 -133.54 8.87
N UNK FA 1 85.97 -72.06 31.43
CA UNK FA 1 85.65 -71.51 32.74
C UNK FA 1 84.78 -72.49 33.53
N UNK FA 2 83.81 -73.10 32.85
CA UNK FA 2 82.90 -74.05 33.47
C UNK FA 2 83.35 -75.47 33.18
N UNK FA 3 82.61 -76.43 33.74
CA UNK FA 3 82.94 -77.84 33.60
C UNK FA 3 81.66 -78.66 33.42
N UNK FA 4 81.60 -79.39 32.30
CA UNK FA 4 80.50 -80.34 32.11
C UNK FA 4 80.53 -81.42 33.17
N UNK FA 5 81.73 -81.84 33.59
CA UNK FA 5 81.85 -82.80 34.67
C UNK FA 5 81.29 -82.23 35.97
N UNK FA 6 81.58 -80.96 36.26
CA UNK FA 6 81.01 -80.33 37.45
C UNK FA 6 79.49 -80.25 37.36
N UNK FA 7 78.97 -79.92 36.18
CA UNK FA 7 77.52 -79.87 36.01
C UNK FA 7 76.89 -81.24 36.23
N UNK FA 8 77.50 -82.29 35.68
CA UNK FA 8 76.97 -83.63 35.87
C UNK FA 8 77.04 -84.05 37.33
N UNK FA 9 78.12 -83.70 38.02
CA UNK FA 9 78.23 -84.02 39.45
C UNK FA 9 77.16 -83.29 40.25
N UNK FA 10 76.90 -82.02 39.92
CA UNK FA 10 75.85 -81.28 40.59
C UNK FA 10 74.48 -81.91 40.34
N UNK FA 11 74.23 -82.35 39.10
CA UNK FA 11 72.97 -83.01 38.80
C UNK FA 11 72.82 -84.30 39.59
N UNK FA 12 73.91 -85.07 39.69
CA UNK FA 12 73.87 -86.31 40.48
C UNK FA 12 73.62 -86.01 41.94
N UNK FA 13 74.25 -84.97 42.49
CA UNK FA 13 74.02 -84.60 43.87
C UNK FA 13 72.57 -84.19 44.10
N UNK FA 14 72.00 -83.43 43.16
CA UNK FA 14 70.59 -83.05 43.26
C UNK FA 14 69.68 -84.26 43.22
N UNK FA 15 69.99 -85.22 42.33
CA UNK FA 15 69.19 -86.43 42.25
C UNK FA 15 69.27 -87.24 43.54
N UNK FA 16 70.48 -87.33 44.12
CA UNK FA 16 70.67 -88.07 45.38
C UNK FA 16 70.24 -87.21 46.56
N UNK FA 17 68.94 -86.92 46.61
CA UNK FA 17 68.40 -86.11 47.70
C UNK FA 17 68.58 -86.79 49.04
N UNK FA 18 68.27 -88.10 49.11
CA UNK FA 18 68.44 -88.89 50.34
C UNK FA 18 67.69 -88.27 51.51
N UNK FA 19 66.58 -87.58 51.23
CA UNK FA 19 65.80 -86.92 52.27
C UNK FA 19 64.39 -86.72 51.73
N UNK FA 20 63.42 -87.38 52.36
CA UNK FA 20 62.00 -87.24 52.01
C UNK FA 20 61.23 -86.97 53.30
N UNK FA 21 60.80 -85.72 53.49
CA UNK FA 21 60.03 -85.32 54.65
C UNK FA 21 58.80 -84.55 54.19
N UNK FA 22 57.69 -84.72 54.91
CA UNK FA 22 56.45 -84.06 54.55
C UNK FA 22 55.56 -83.95 55.78
N UNK FA 23 54.49 -83.17 55.64
CA UNK FA 23 53.51 -82.98 56.68
C UNK FA 23 52.11 -83.09 56.11
N UNK FA 24 51.25 -83.83 56.79
CA UNK FA 24 49.84 -83.93 56.45
C UNK FA 24 49.01 -83.11 57.43
N UNK FA 25 47.94 -82.50 56.92
CA UNK FA 25 47.11 -81.63 57.72
C UNK FA 25 45.67 -82.09 57.68
N UNK FA 26 44.97 -81.88 58.78
CA UNK FA 26 43.55 -82.19 58.88
C UNK FA 26 42.78 -80.93 59.25
N UNK FA 27 41.48 -80.95 58.98
CA UNK FA 27 40.63 -79.79 59.25
C UNK FA 27 40.45 -79.53 60.73
N UNK FA 28 40.81 -80.48 61.60
CA UNK FA 28 40.65 -80.34 63.04
C UNK FA 28 41.94 -79.86 63.71
N UNK FA 29 42.72 -79.02 63.02
CA UNK FA 29 43.98 -78.49 63.54
C UNK FA 29 44.93 -79.61 63.93
N UNK FA 30 45.00 -80.65 63.12
CA UNK FA 30 45.86 -81.80 63.36
C UNK FA 30 46.96 -81.83 62.31
N UNK FA 31 48.20 -81.97 62.77
CA UNK FA 31 49.36 -82.07 61.89
C UNK FA 31 50.07 -83.39 62.15
N UNK FA 32 50.31 -84.15 61.09
CA UNK FA 32 51.01 -85.44 61.17
C UNK FA 32 52.30 -85.33 60.38
N UNK FA 33 53.43 -85.45 61.07
CA UNK FA 33 54.72 -85.41 60.42
C UNK FA 33 55.02 -86.72 59.71
N UNK FA 34 55.99 -86.69 58.79
CA UNK FA 34 56.46 -87.88 58.13
C UNK FA 34 57.95 -88.05 58.39
N UNK FA 35 58.36 -89.29 58.64
CA UNK FA 35 59.75 -89.57 58.93
C UNK FA 35 60.60 -89.37 57.67
N UNK FA 36 61.90 -89.17 57.89
CA UNK FA 36 62.83 -88.99 56.79
C UNK FA 36 62.91 -90.27 55.96
N UNK FA 37 62.53 -90.18 54.70
CA UNK FA 37 62.50 -91.32 53.79
C UNK FA 37 63.47 -91.06 52.64
N UNK FA 38 63.44 -91.96 51.66
CA UNK FA 38 64.32 -91.88 50.49
C UNK FA 38 65.79 -91.84 50.91
N UNK FA 39 44.12 -80.10 51.37
CA UNK FA 39 44.98 -79.83 52.51
C UNK FA 39 45.24 -81.10 53.30
N UNK FA 40 44.73 -82.23 52.77
CA UNK FA 40 44.94 -83.52 53.44
C UNK FA 40 46.43 -83.86 53.51
N UNK FA 41 47.16 -83.64 52.42
CA UNK FA 41 48.59 -83.91 52.38
C UNK FA 41 49.23 -82.86 51.49
N UNK FA 42 50.15 -82.08 52.05
CA UNK FA 42 50.77 -80.99 51.31
C UNK FA 42 51.84 -81.55 50.36
N UNK FA 43 51.61 -81.37 49.06
CA UNK FA 43 52.62 -81.75 48.08
C UNK FA 43 53.88 -80.90 48.24
N UNK FA 44 53.70 -79.60 48.51
CA UNK FA 44 54.85 -78.71 48.70
C UNK FA 44 55.67 -79.08 49.93
N UNK FA 45 55.09 -79.82 50.86
CA UNK FA 45 55.86 -80.27 52.03
C UNK FA 45 57.00 -81.19 51.62
N UNK FA 46 56.86 -81.86 50.47
CA UNK FA 46 57.90 -82.76 49.99
C UNK FA 46 59.11 -81.95 49.51
N UNK FA 47 60.29 -82.30 50.00
CA UNK FA 47 61.51 -81.59 49.65
C UNK FA 47 62.68 -82.57 49.66
N UNK FA 48 63.76 -82.16 49.01
CA UNK FA 48 64.98 -82.96 48.96
C UNK FA 48 65.61 -83.07 50.34
N LYS GA 24 -45.05 -129.00 -30.55
CA LYS GA 24 -45.01 -128.29 -31.82
C LYS GA 24 -43.87 -127.27 -31.84
N PHE GA 25 -43.48 -126.82 -30.66
CA PHE GA 25 -42.40 -125.84 -30.53
C PHE GA 25 -41.71 -126.03 -29.20
N LYS GA 26 -40.40 -125.78 -29.20
CA LYS GA 26 -39.56 -125.90 -28.01
C LYS GA 26 -38.84 -124.58 -27.82
N LYS GA 27 -39.47 -123.64 -27.15
CA LYS GA 27 -38.87 -122.34 -26.95
C LYS GA 27 -37.64 -122.48 -26.05
N PRO GA 28 -36.47 -122.06 -26.49
CA PRO GA 28 -35.28 -122.17 -25.64
C PRO GA 28 -35.36 -121.20 -24.48
N PRO GA 29 -34.50 -121.38 -23.47
CA PRO GA 29 -34.55 -120.48 -22.31
C PRO GA 29 -34.38 -119.02 -22.71
N ILE GA 30 -35.04 -118.15 -21.95
CA ILE GA 30 -35.11 -116.74 -22.31
C ILE GA 30 -33.73 -116.09 -22.25
N ASN GA 31 -33.02 -116.28 -21.15
CA ASN GA 31 -31.69 -115.70 -20.99
C ASN GA 31 -30.60 -116.67 -21.42
N ASN GA 32 -30.72 -117.21 -22.62
CA ASN GA 32 -29.69 -118.09 -23.14
C ASN GA 32 -28.43 -117.29 -23.45
N PRO GA 33 -27.25 -117.79 -23.12
CA PRO GA 33 -26.03 -117.09 -23.49
C PRO GA 33 -25.71 -117.32 -24.96
N SER GA 34 -26.36 -116.56 -25.84
CA SER GA 34 -26.19 -116.73 -27.28
C SER GA 34 -25.08 -115.83 -27.83
N ASP GA 35 -23.97 -115.72 -27.11
CA ASP GA 35 -22.82 -114.98 -27.58
C ASP GA 35 -21.55 -115.57 -26.99
N ASP GA 36 -20.46 -115.46 -27.75
CA ASP GA 36 -19.18 -115.99 -27.30
C ASP GA 36 -18.69 -115.28 -26.05
N ALA GA 37 -18.74 -113.94 -26.06
CA ALA GA 37 -18.35 -113.21 -24.87
C ALA GA 37 -19.24 -113.57 -23.70
N THR GA 38 -20.53 -113.73 -23.95
CA THR GA 38 -21.47 -114.07 -22.89
C THR GA 38 -21.12 -115.42 -22.26
N ILE GA 39 -20.88 -116.43 -23.10
CA ILE GA 39 -20.60 -117.76 -22.55
C ILE GA 39 -19.26 -117.75 -21.83
N LYS GA 40 -18.27 -117.04 -22.36
CA LYS GA 40 -16.99 -116.96 -21.66
C LYS GA 40 -17.16 -116.31 -20.30
N LEU GA 41 -17.92 -115.21 -20.24
CA LEU GA 41 -18.12 -114.52 -18.97
C LEU GA 41 -18.86 -115.41 -17.98
N ALA GA 42 -19.91 -116.08 -18.43
CA ALA GA 42 -20.66 -116.95 -17.54
C ALA GA 42 -19.81 -118.09 -17.02
N GLU GA 43 -19.02 -118.70 -17.90
CA GLU GA 43 -18.15 -119.78 -17.47
C GLU GA 43 -17.12 -119.29 -16.46
N ALA GA 44 -16.55 -118.12 -16.72
CA ALA GA 44 -15.60 -117.55 -15.76
C ALA GA 44 -16.25 -117.30 -14.42
N ALA GA 45 -17.50 -116.81 -14.44
CA ALA GA 45 -18.22 -116.60 -13.20
C ALA GA 45 -18.42 -117.90 -12.45
N VAL GA 46 -18.80 -118.96 -13.16
CA VAL GA 46 -18.98 -120.26 -12.53
C VAL GA 46 -17.67 -120.71 -11.89
N SER GA 47 -16.57 -120.57 -12.64
CA SER GA 47 -15.27 -121.02 -12.15
C SER GA 47 -14.86 -120.26 -10.89
N VAL GA 48 -14.97 -118.93 -10.92
CA VAL GA 48 -14.53 -118.13 -9.78
C VAL GA 48 -15.43 -118.40 -8.58
N SER GA 49 -16.73 -118.58 -8.81
CA SER GA 49 -17.63 -118.92 -7.72
C SER GA 49 -17.20 -120.23 -7.06
N ASP GA 50 -16.92 -121.24 -7.88
CA ASP GA 50 -16.48 -122.53 -7.34
C ASP GA 50 -15.18 -122.37 -6.57
N SER GA 51 -14.23 -121.61 -7.11
CA SER GA 51 -12.94 -121.48 -6.46
C SER GA 51 -13.06 -120.80 -5.10
N MET GA 52 -13.79 -119.69 -5.05
CA MET GA 52 -13.94 -119.00 -3.77
C MET GA 52 -14.76 -119.82 -2.79
N LEU GA 53 -15.72 -120.62 -3.29
CA LEU GA 53 -16.44 -121.53 -2.42
C LEU GA 53 -15.49 -122.53 -1.79
N GLU GA 54 -14.57 -123.09 -2.60
CA GLU GA 54 -13.59 -124.02 -2.06
C GLU GA 54 -12.70 -123.34 -1.01
N MET GA 55 -12.30 -122.09 -1.30
CA MET GA 55 -11.46 -121.36 -0.35
C MET GA 55 -12.17 -121.18 0.98
N ALA GA 56 -13.43 -120.73 0.94
CA ALA GA 56 -14.19 -120.56 2.17
C ALA GA 56 -14.36 -121.89 2.88
N LYS GA 57 -14.64 -122.95 2.13
CA LYS GA 57 -14.86 -124.26 2.73
C LYS GA 57 -13.64 -124.74 3.48
N VAL GA 58 -12.47 -124.63 2.87
CA VAL GA 58 -11.27 -125.06 3.56
C VAL GA 58 -10.96 -124.13 4.73
N GLU GA 59 -11.26 -122.84 4.60
CA GLU GA 59 -10.94 -121.91 5.67
C GLU GA 59 -11.80 -122.16 6.90
N LYS GA 60 -13.06 -122.53 6.71
CA LYS GA 60 -14.00 -122.54 7.84
C LYS GA 60 -13.60 -123.59 8.88
N VAL GA 61 -13.89 -123.27 10.13
CA VAL GA 61 -13.57 -124.12 11.28
C VAL GA 61 -14.86 -124.43 12.02
N ILE GA 62 -15.05 -125.69 12.38
CA ILE GA 62 -16.22 -126.13 13.12
C ILE GA 62 -15.86 -127.33 13.98
N THR GA 63 -16.13 -127.24 15.28
CA THR GA 63 -15.90 -128.35 16.18
C THR GA 63 -16.91 -129.46 15.91
N PRO GA 64 -16.52 -130.72 16.14
CA PRO GA 64 -17.47 -131.81 15.95
C PRO GA 64 -18.61 -131.70 16.94
N PRO GA 65 -19.80 -132.19 16.58
CA PRO GA 65 -20.95 -132.12 17.50
C PRO GA 65 -20.80 -132.97 18.74
N SER GA 66 -19.74 -133.77 18.84
CA SER GA 66 -19.51 -134.52 20.07
C SER GA 66 -19.18 -133.59 21.23
N LYS GA 67 -18.41 -132.54 20.96
CA LYS GA 67 -17.84 -131.70 22.00
C LYS GA 67 -18.45 -130.30 22.06
N ASP GA 68 -19.60 -130.09 21.40
CA ASP GA 68 -20.22 -128.78 21.44
C ASP GA 68 -20.81 -128.53 22.82
N ASN GA 69 -20.02 -127.93 23.71
CA ASN GA 69 -20.42 -127.78 25.12
C ASN GA 69 -21.50 -126.71 25.21
N THR GA 70 -22.71 -127.10 24.83
CA THR GA 70 -23.89 -126.27 24.98
C THR GA 70 -24.79 -126.83 26.05
N LEU GA 71 -25.96 -126.23 26.21
CA LEU GA 71 -26.96 -126.73 27.15
C LEU GA 71 -27.90 -127.68 26.43
N THR GA 72 -27.85 -128.96 26.79
CA THR GA 72 -28.72 -129.95 26.19
C THR GA 72 -30.12 -129.84 26.79
N ILE GA 73 -31.08 -130.46 26.11
CA ILE GA 73 -32.49 -130.41 26.52
C ILE GA 73 -32.71 -131.38 27.67
N PRO GA 74 -33.15 -130.91 28.84
CA PRO GA 74 -33.42 -131.85 29.95
C PRO GA 74 -34.73 -132.60 29.81
N ASN GA 75 -35.62 -132.15 28.90
CA ASN GA 75 -36.91 -132.77 28.62
C ASN GA 75 -37.70 -133.13 29.87
N ALA GA 76 -37.50 -132.40 30.97
CA ALA GA 76 -38.35 -132.57 32.13
C ALA GA 76 -39.73 -131.99 31.83
N TYR GA 77 -40.77 -132.64 32.35
CA TYR GA 77 -42.13 -132.29 31.98
C TYR GA 77 -42.47 -130.86 32.39
N ASN GA 78 -42.03 -130.45 33.59
CA ASN GA 78 -42.28 -129.08 34.02
C ASN GA 78 -41.58 -128.05 33.15
N LEU GA 79 -40.57 -128.45 32.39
CA LEU GA 79 -39.84 -127.54 31.52
C LEU GA 79 -40.45 -127.46 30.13
N GLN GA 80 -41.57 -128.13 29.89
CA GLN GA 80 -42.22 -128.13 28.59
C GLN GA 80 -43.32 -127.07 28.50
N ALA GA 81 -43.20 -125.99 29.26
CA ALA GA 81 -44.22 -124.95 29.26
C ALA GA 81 -43.90 -123.89 28.21
N ARG GA 82 -44.93 -123.11 27.87
CA ARG GA 82 -44.82 -122.01 26.93
C ARG GA 82 -44.76 -120.69 27.68
N ALA GA 83 -43.91 -119.79 27.23
CA ALA GA 83 -43.78 -118.49 27.87
C ALA GA 83 -43.34 -117.44 26.85
N SER GA 84 -43.62 -116.19 27.19
CA SER GA 84 -43.21 -115.04 26.39
C SER GA 84 -42.41 -114.11 27.27
N VAL GA 85 -41.19 -113.78 26.86
CA VAL GA 85 -40.27 -113.00 27.67
C VAL GA 85 -39.59 -111.95 26.82
N ASP GA 86 -39.52 -110.72 27.33
CA ASP GA 86 -38.74 -109.65 26.73
C ASP GA 86 -37.89 -109.04 27.84
N TRP GA 87 -36.67 -109.55 27.99
CA TRP GA 87 -35.77 -109.11 29.04
C TRP GA 87 -34.50 -108.55 28.42
N SER GA 88 -33.88 -107.62 29.14
CA SER GA 88 -32.60 -107.06 28.71
C SER GA 88 -31.87 -106.59 29.97
N GLY GA 89 -30.91 -107.38 30.43
CA GLY GA 89 -30.14 -107.03 31.60
C GLY GA 89 -29.42 -108.22 32.21
N PRO GA 90 -29.13 -108.12 33.52
CA PRO GA 90 -28.37 -109.17 34.18
C PRO GA 90 -29.09 -110.52 34.12
N ILE GA 91 -28.29 -111.57 34.29
CA ILE GA 91 -28.74 -112.92 34.04
C ILE GA 91 -29.27 -113.59 35.31
N GLU GA 92 -28.69 -113.26 36.47
CA GLU GA 92 -28.97 -114.01 37.69
C GLU GA 92 -30.43 -113.87 38.11
N GLU GA 93 -30.91 -112.63 38.19
CA GLU GA 93 -32.29 -112.41 38.61
C GLU GA 93 -33.26 -113.04 37.62
N LEU GA 94 -32.97 -112.93 36.33
CA LEU GA 94 -33.84 -113.50 35.32
C LEU GA 94 -33.94 -115.02 35.48
N THR GA 95 -32.79 -115.69 35.66
CA THR GA 95 -32.84 -117.14 35.76
C THR GA 95 -33.45 -117.58 37.07
N ALA GA 96 -33.27 -116.80 38.14
CA ALA GA 96 -33.98 -117.11 39.39
C ALA GA 96 -35.48 -117.02 39.19
N ARG GA 97 -35.93 -115.98 38.49
CA ARG GA 97 -37.36 -115.86 38.20
C ARG GA 97 -37.85 -117.04 37.37
N ILE GA 98 -37.04 -117.47 36.39
CA ILE GA 98 -37.43 -118.62 35.57
C ILE GA 98 -37.56 -119.87 36.43
N ALA GA 99 -36.60 -120.07 37.34
CA ALA GA 99 -36.67 -121.23 38.23
C ALA GA 99 -37.91 -121.19 39.10
N LYS GA 100 -38.23 -120.01 39.63
CA LYS GA 100 -39.44 -119.88 40.44
C LYS GA 100 -40.69 -120.18 39.63
N ALA GA 101 -40.72 -119.72 38.37
CA ALA GA 101 -41.85 -120.02 37.50
C ALA GA 101 -41.95 -121.51 37.23
N ALA GA 102 -40.81 -122.19 37.09
CA ALA GA 102 -40.77 -123.61 36.81
C ALA GA 102 -40.88 -124.47 38.07
N HIS GA 103 -40.98 -123.84 39.24
CA HIS GA 103 -41.11 -124.56 40.51
C HIS GA 103 -39.88 -125.41 40.80
N PHE GA 104 -38.71 -124.86 40.53
CA PHE GA 104 -37.45 -125.52 40.81
C PHE GA 104 -36.62 -124.67 41.75
N ARG GA 105 -35.85 -125.32 42.62
CA ARG GA 105 -34.94 -124.59 43.49
C ARG GA 105 -33.82 -123.98 42.65
N PHE GA 106 -33.29 -122.87 43.15
CA PHE GA 106 -32.32 -122.09 42.42
C PHE GA 106 -31.14 -121.76 43.32
N ARG GA 107 -29.93 -121.99 42.84
CA ARG GA 107 -28.75 -121.61 43.60
C ARG GA 107 -27.62 -121.21 42.66
N VAL GA 108 -26.69 -120.43 43.20
CA VAL GA 108 -25.58 -119.89 42.44
C VAL GA 108 -24.29 -120.15 43.19
N LEU GA 109 -23.29 -120.68 42.50
CA LEU GA 109 -21.97 -120.88 43.05
C LEU GA 109 -20.94 -120.10 42.26
N GLY GA 110 -20.02 -119.44 42.96
CA GLY GA 110 -19.01 -118.60 42.36
C GLY GA 110 -19.05 -117.22 43.00
N LYS GA 111 -18.48 -116.25 42.30
CA LYS GA 111 -18.45 -114.88 42.76
C LYS GA 111 -18.96 -113.95 41.67
N SER GA 112 -19.76 -112.97 42.07
CA SER GA 112 -20.31 -112.02 41.12
C SER GA 112 -19.22 -111.04 40.68
N PRO GA 113 -18.90 -110.96 39.39
CA PRO GA 113 -17.89 -110.00 38.94
C PRO GA 113 -18.40 -108.57 39.08
N SER GA 114 -17.43 -107.65 39.16
CA SER GA 114 -17.78 -106.23 39.19
C SER GA 114 -18.52 -105.82 37.93
N VAL GA 115 -18.04 -106.27 36.78
CA VAL GA 115 -18.75 -106.06 35.52
C VAL GA 115 -19.94 -107.00 35.50
N PRO GA 116 -21.16 -106.49 35.38
CA PRO GA 116 -22.33 -107.37 35.33
C PRO GA 116 -22.32 -108.23 34.08
N VAL GA 117 -22.81 -109.45 34.23
CA VAL GA 117 -23.01 -110.36 33.11
C VAL GA 117 -24.45 -110.16 32.65
N LEU GA 118 -24.62 -109.42 31.55
CA LEU GA 118 -25.93 -109.01 31.10
C LEU GA 118 -26.21 -109.55 29.71
N ILE GA 119 -27.46 -109.93 29.47
CA ILE GA 119 -27.92 -110.47 28.21
C ILE GA 119 -29.35 -110.01 27.98
N SER GA 120 -29.92 -110.41 26.86
CA SER GA 120 -31.30 -110.07 26.55
C SER GA 120 -31.93 -111.18 25.73
N ILE GA 121 -33.25 -111.29 25.81
CA ILE GA 121 -34.01 -112.30 25.09
C ILE GA 121 -35.40 -111.74 24.82
N SER GA 122 -35.84 -111.81 23.57
CA SER GA 122 -37.16 -111.33 23.18
C SER GA 122 -37.83 -112.42 22.34
N THR GA 123 -38.85 -113.05 22.92
CA THR GA 123 -39.61 -114.07 22.20
C THR GA 123 -41.00 -114.17 22.80
N LYS GA 124 -41.91 -114.76 22.03
CA LYS GA 124 -43.31 -114.82 22.40
C LYS GA 124 -43.79 -116.21 22.77
N ASP GA 125 -43.10 -117.27 22.34
CA ASP GA 125 -43.52 -118.63 22.67
C ASP GA 125 -42.34 -119.56 22.45
N GLU GA 126 -41.91 -120.25 23.50
CA GLU GA 126 -40.82 -121.22 23.38
C GLU GA 126 -40.77 -122.04 24.66
N SER GA 127 -39.96 -123.10 24.62
CA SER GA 127 -39.75 -123.95 25.77
C SER GA 127 -38.73 -123.33 26.71
N LEU GA 128 -38.96 -123.50 28.01
CA LEU GA 128 -38.02 -122.99 29.01
C LEU GA 128 -36.65 -123.62 28.83
N ALA GA 129 -36.60 -124.87 28.37
CA ALA GA 129 -35.31 -125.49 28.09
C ALA GA 129 -34.58 -124.75 26.99
N GLU GA 130 -35.28 -124.37 25.92
CA GLU GA 130 -34.64 -123.58 24.87
C GLU GA 130 -34.21 -122.23 25.40
N ILE GA 131 -35.02 -121.63 26.26
CA ILE GA 131 -34.66 -120.33 26.84
C ILE GA 131 -33.36 -120.44 27.62
N LEU GA 132 -33.26 -121.47 28.46
CA LEU GA 132 -32.04 -121.66 29.24
C LEU GA 132 -30.85 -121.98 28.36
N ARG GA 133 -31.08 -122.77 27.29
CA ARG GA 133 -29.99 -123.08 26.37
C ARG GA 133 -29.45 -121.82 25.71
N ASP GA 134 -30.36 -120.93 25.28
CA ASP GA 134 -29.92 -119.66 24.70
C ASP GA 134 -29.22 -118.81 25.74
N ILE GA 135 -29.70 -118.84 26.98
CA ILE GA 135 -29.03 -118.11 28.05
C ILE GA 135 -27.59 -118.58 28.19
N ASP GA 136 -27.40 -119.90 28.24
CA ASP GA 136 -26.05 -120.44 28.36
C ASP GA 136 -25.19 -120.07 27.17
N TYR GA 137 -25.75 -120.16 25.97
CA TYR GA 137 -24.98 -119.84 24.77
C TYR GA 137 -24.53 -118.38 24.77
N GLN GA 138 -25.42 -117.47 25.14
CA GLN GA 138 -25.03 -116.07 25.23
C GLN GA 138 -24.04 -115.85 26.35
N ALA GA 139 -24.14 -116.62 27.44
CA ALA GA 139 -23.17 -116.49 28.52
C ALA GA 139 -21.80 -116.99 28.09
N GLY GA 140 -21.75 -117.88 27.11
CA GLY GA 140 -20.46 -118.36 26.63
C GLY GA 140 -19.72 -119.19 27.64
N LYS GA 141 -18.64 -118.63 28.20
CA LYS GA 141 -17.78 -119.36 29.12
C LYS GA 141 -17.68 -118.73 30.50
N LYS GA 142 -18.03 -117.46 30.67
CA LYS GA 142 -17.96 -116.85 31.99
C LYS GA 142 -19.02 -117.39 32.94
N ALA GA 143 -20.08 -118.01 32.41
CA ALA GA 143 -21.14 -118.55 33.23
C ALA GA 143 -21.51 -119.94 32.73
N SER GA 144 -22.04 -120.75 33.64
CA SER GA 144 -22.43 -122.11 33.32
C SER GA 144 -23.79 -122.41 33.95
N ILE GA 145 -24.56 -123.24 33.27
CA ILE GA 145 -25.90 -123.63 33.70
C ILE GA 145 -25.91 -125.12 33.94
N HIS GA 146 -26.33 -125.54 35.13
CA HIS GA 146 -26.50 -126.94 35.45
C HIS GA 146 -27.92 -127.17 35.91
N VAL GA 147 -28.58 -128.18 35.34
CA VAL GA 147 -29.95 -128.53 35.69
C VAL GA 147 -29.96 -129.94 36.23
N TYR GA 148 -30.46 -130.11 37.45
CA TYR GA 148 -30.58 -131.43 38.06
C TYR GA 148 -32.06 -131.75 38.19
N PRO GA 149 -32.56 -132.77 37.50
CA PRO GA 149 -34.00 -133.08 37.55
C PRO GA 149 -34.35 -133.98 38.72
N ASN GA 150 -33.40 -134.80 39.18
CA ASN GA 150 -33.63 -135.64 40.34
C ASN GA 150 -33.96 -134.79 41.55
N SER GA 151 -32.99 -133.98 41.97
CA SER GA 151 -33.25 -132.89 42.90
C SER GA 151 -33.51 -131.65 42.07
N GLN GA 152 -34.77 -131.22 42.01
CA GLN GA 152 -35.26 -130.32 40.97
C GLN GA 152 -34.65 -128.95 41.21
N VAL GA 153 -33.39 -128.80 40.78
CA VAL GA 153 -32.62 -127.62 41.09
C VAL GA 153 -31.88 -127.12 39.84
N VAL GA 154 -31.58 -125.84 39.85
CA VAL GA 154 -30.76 -125.21 38.81
C VAL GA 154 -29.64 -124.44 39.49
N GLU GA 155 -28.41 -124.68 39.02
CA GLU GA 155 -27.22 -124.05 39.56
C GLU GA 155 -26.60 -123.15 38.49
N LEU GA 156 -26.33 -121.91 38.88
CA LEU GA 156 -25.62 -120.96 38.04
C LEU GA 156 -24.19 -120.83 38.55
N ARG GA 157 -23.23 -121.14 37.68
CA ARG GA 157 -21.83 -121.25 38.08
C ARG GA 157 -21.03 -120.11 37.45
N TYR GA 158 -20.36 -119.34 38.28
CA TYR GA 158 -19.49 -118.28 37.81
C TYR GA 158 -18.17 -118.86 37.30
N ALA GA 159 -17.43 -118.04 36.55
CA ALA GA 159 -16.10 -118.41 36.12
C ALA GA 159 -15.09 -118.11 37.23
N LYS GA 160 -13.80 -118.18 36.91
CA LYS GA 160 -12.75 -117.92 37.89
C LYS GA 160 -11.74 -116.91 37.34
N ILE HA 208 -2.81 -150.95 8.28
CA ILE HA 208 -3.31 -150.74 6.92
C ILE HA 208 -4.82 -150.56 6.95
N ILE HA 209 -5.42 -150.51 5.75
CA ILE HA 209 -6.85 -150.33 5.60
C ILE HA 209 -7.37 -151.38 4.63
N TYR HA 210 -8.68 -151.59 4.68
CA TYR HA 210 -9.35 -152.57 3.83
C TYR HA 210 -10.57 -151.94 3.18
N TYR HA 211 -10.99 -152.54 2.08
CA TYR HA 211 -12.12 -152.04 1.31
C TYR HA 211 -12.92 -153.21 0.75
N ILE HA 212 -14.15 -152.91 0.38
CA ILE HA 212 -15.09 -153.91 -0.12
C ILE HA 212 -14.96 -154.03 -1.63
N GLN HA 213 -15.07 -155.25 -2.13
CA GLN HA 213 -15.10 -155.49 -3.57
C GLN HA 213 -16.50 -155.92 -4.02
N ALA HA 214 -17.04 -156.97 -3.41
CA ALA HA 214 -18.38 -157.43 -3.67
C ALA HA 214 -19.10 -157.67 -2.36
N VAL HA 215 -20.43 -157.63 -2.41
CA VAL HA 215 -21.26 -157.68 -1.22
C VAL HA 215 -22.33 -158.75 -1.43
N ILE HA 216 -22.70 -159.43 -0.35
CA ILE HA 216 -23.77 -160.42 -0.37
C ILE HA 216 -24.31 -160.51 1.05
N PRO HA 217 -25.57 -160.90 1.24
CA PRO HA 217 -26.05 -161.11 2.61
C PRO HA 217 -25.38 -162.30 3.27
N GLY HA 218 -24.52 -162.02 4.25
CA GLY HA 218 -23.86 -163.07 4.99
C GLY HA 218 -22.34 -163.10 4.84
N ARG HA 219 -21.84 -162.86 3.63
CA ARG HA 219 -20.42 -162.92 3.34
C ARG HA 219 -19.99 -161.64 2.63
N ALA HA 220 -18.69 -161.42 2.58
CA ALA HA 220 -18.15 -160.23 1.92
C ALA HA 220 -16.75 -160.52 1.40
N TRP HA 221 -16.36 -159.75 0.39
CA TRP HA 221 -15.05 -159.84 -0.22
C TRP HA 221 -14.28 -158.54 0.06
N LEU HA 222 -13.09 -158.68 0.62
CA LEU HA 222 -12.32 -157.54 1.07
C LEU HA 222 -10.92 -157.56 0.50
N ILE HA 223 -10.37 -156.37 0.28
CA ILE HA 223 -9.01 -156.19 -0.20
C ILE HA 223 -8.32 -155.15 0.68
N GLY HA 224 -7.14 -155.49 1.19
CA GLY HA 224 -6.35 -154.57 1.97
C GLY HA 224 -5.39 -153.78 1.10
N SER HA 225 -4.66 -152.88 1.77
CA SER HA 225 -3.63 -152.11 1.06
C SER HA 225 -2.57 -153.04 0.46
N ASN HA 226 -2.30 -154.17 1.12
CA ASN HA 226 -1.41 -155.17 0.56
C ASN HA 226 -1.99 -155.85 -0.68
N GLY HA 227 -3.29 -155.71 -0.90
CA GLY HA 227 -3.94 -156.43 -1.98
C GLY HA 227 -4.33 -157.85 -1.65
N SER HA 228 -4.26 -158.24 -0.38
CA SER HA 228 -4.60 -159.61 0.00
C SER HA 228 -6.11 -159.79 -0.05
N THR HA 229 -6.57 -160.72 -0.89
CA THR HA 229 -7.99 -161.03 -0.96
C THR HA 229 -8.44 -161.74 0.31
N LEU HA 230 -9.64 -161.42 0.76
CA LEU HA 230 -10.19 -162.02 1.96
C LEU HA 230 -11.68 -162.26 1.80
N THR HA 231 -12.15 -163.41 2.27
CA THR HA 231 -13.57 -163.73 2.31
C THR HA 231 -13.99 -163.77 3.77
N VAL HA 232 -14.96 -162.93 4.13
CA VAL HA 232 -15.32 -162.72 5.53
C VAL HA 232 -16.78 -163.11 5.72
N ARG HA 233 -17.01 -163.99 6.70
CA ARG HA 233 -18.35 -164.40 7.10
C ARG HA 233 -18.89 -163.35 8.07
N GLU HA 234 -20.05 -163.62 8.68
CA GLU HA 234 -20.60 -162.68 9.65
C GLU HA 234 -19.69 -162.50 10.85
N GLY HA 235 -19.10 -163.59 11.34
CA GLY HA 235 -18.21 -163.52 12.48
C GLY HA 235 -16.83 -164.06 12.18
N SER HA 236 -15.82 -163.19 12.25
CA SER HA 236 -14.44 -163.59 12.00
C SER HA 236 -13.52 -162.51 12.55
N LYS HA 237 -12.34 -162.93 12.99
CA LYS HA 237 -11.35 -162.05 13.59
C LYS HA 237 -10.39 -161.58 12.50
N ILE HA 238 -10.71 -160.44 11.90
CA ILE HA 238 -9.83 -159.84 10.88
C ILE HA 238 -8.85 -158.91 11.58
N PRO HA 239 -7.57 -158.95 11.22
CA PRO HA 239 -6.60 -158.06 11.86
C PRO HA 239 -6.88 -156.60 11.54
N GLY HA 240 -6.52 -155.73 12.48
CA GLY HA 240 -6.68 -154.31 12.31
C GLY HA 240 -8.06 -153.77 12.64
N TYR HA 241 -9.06 -154.64 12.78
CA TYR HA 241 -10.40 -154.20 13.14
C TYR HA 241 -10.96 -155.05 14.27
N GLY HA 242 -10.49 -156.29 14.36
CA GLY HA 242 -11.00 -157.21 15.37
C GLY HA 242 -12.06 -158.14 14.83
N MET HA 243 -13.07 -158.46 15.64
CA MET HA 243 -14.12 -159.39 15.25
C MET HA 243 -15.23 -158.64 14.54
N VAL HA 244 -15.57 -159.09 13.33
CA VAL HA 244 -16.72 -158.53 12.63
C VAL HA 244 -17.99 -159.10 13.26
N LYS HA 245 -18.93 -158.22 13.59
CA LYS HA 245 -20.16 -158.64 14.24
C LYS HA 245 -21.41 -158.03 13.63
N LEU HA 246 -21.28 -157.23 12.57
CA LEU HA 246 -22.46 -156.70 11.88
C LEU HA 246 -22.06 -156.26 10.48
N ILE HA 247 -22.62 -156.92 9.48
CA ILE HA 247 -22.42 -156.53 8.09
C ILE HA 247 -23.73 -155.98 7.55
N ASP HA 248 -23.68 -155.47 6.32
CA ASP HA 248 -24.86 -154.92 5.67
C ASP HA 248 -24.69 -155.10 4.17
N SER HA 249 -25.48 -155.99 3.58
CA SER HA 249 -25.41 -156.17 2.14
C SER HA 249 -26.03 -154.99 1.39
N LEU HA 250 -27.10 -154.42 1.93
CA LEU HA 250 -27.79 -153.33 1.24
C LEU HA 250 -27.02 -152.02 1.36
N GLN HA 251 -26.34 -151.79 2.47
CA GLN HA 251 -25.60 -150.57 2.72
C GLN HA 251 -24.12 -150.90 2.91
N GLY HA 252 -23.26 -150.23 2.15
CA GLY HA 252 -21.85 -150.57 2.17
C GLY HA 252 -21.15 -150.15 3.45
N ARG HA 253 -21.53 -150.78 4.56
CA ARG HA 253 -20.93 -150.50 5.86
C ARG HA 253 -20.71 -151.81 6.59
N ILE HA 254 -19.51 -151.97 7.15
CA ILE HA 254 -19.15 -153.18 7.90
C ILE HA 254 -18.73 -152.77 9.31
N LEU HA 255 -19.29 -153.45 10.31
CA LEU HA 255 -19.04 -153.13 11.71
C LEU HA 255 -18.18 -154.22 12.34
N THR HA 256 -17.14 -153.80 13.06
CA THR HA 256 -16.22 -154.71 13.71
C THR HA 256 -16.34 -154.59 15.23
N SER HA 257 -15.59 -155.45 15.91
CA SER HA 257 -15.60 -155.45 17.38
C SER HA 257 -15.04 -154.15 17.94
N SER HA 258 -13.99 -153.61 17.31
CA SER HA 258 -13.35 -152.40 17.81
C SER HA 258 -14.15 -151.14 17.52
N GLY HA 259 -15.42 -151.28 17.10
CA GLY HA 259 -16.26 -150.11 16.91
C GLY HA 259 -15.89 -149.26 15.72
N GLN HA 260 -15.24 -149.84 14.72
CA GLN HA 260 -14.85 -149.11 13.52
C GLN HA 260 -15.67 -149.60 12.34
N VAL HA 261 -16.08 -148.67 11.49
CA VAL HA 261 -16.91 -148.97 10.32
C VAL HA 261 -16.03 -148.92 9.08
N ILE HA 262 -16.08 -149.99 8.29
CA ILE HA 262 -15.37 -150.08 7.03
C ILE HA 262 -16.34 -149.78 5.91
N LYS HA 263 -15.93 -148.94 4.97
CA LYS HA 263 -16.75 -148.48 3.87
C LYS HA 263 -16.26 -149.11 2.56
N PHE HA 264 -16.94 -148.75 1.47
CA PHE HA 264 -16.54 -149.22 0.15
C PHE HA 264 -15.34 -148.42 -0.36
N SER HA 265 -14.87 -148.78 -1.55
CA SER HA 265 -13.74 -148.08 -2.13
C SER HA 265 -14.14 -146.68 -2.57
N GLN HA 266 -13.15 -145.78 -2.57
CA GLN HA 266 -13.37 -144.41 -3.00
C GLN HA 266 -12.05 -143.70 -3.25
N MET IA 23 -69.19 -117.14 -16.69
CA MET IA 23 -68.41 -117.98 -15.80
C MET IA 23 -67.33 -117.16 -15.10
N LYS IA 24 -67.72 -116.02 -14.55
CA LYS IA 24 -66.78 -115.14 -13.90
C LYS IA 24 -66.31 -115.70 -12.56
N PHE IA 25 -65.30 -115.06 -11.99
CA PHE IA 25 -64.74 -115.45 -10.71
C PHE IA 25 -64.72 -114.24 -9.79
N LYS IA 26 -64.85 -114.50 -8.49
CA LYS IA 26 -64.97 -113.41 -7.53
C LYS IA 26 -64.63 -113.90 -6.14
N LYS IA 27 -63.72 -113.21 -5.47
CA LYS IA 27 -63.49 -113.47 -4.06
C LYS IA 27 -64.64 -112.92 -3.24
N PRO IA 28 -64.94 -113.54 -2.10
CA PRO IA 28 -66.18 -113.20 -1.37
C PRO IA 28 -66.20 -111.76 -0.89
N PRO IA 29 -65.22 -111.28 -0.10
CA PRO IA 29 -65.42 -109.99 0.56
C PRO IA 29 -65.50 -108.81 -0.39
N ILE IA 30 -66.67 -108.18 -0.46
CA ILE IA 30 -66.89 -107.00 -1.28
C ILE IA 30 -67.62 -105.99 -0.41
N ASN IA 31 -66.88 -105.02 0.11
CA ASN IA 31 -67.43 -104.02 1.01
C ASN IA 31 -67.58 -102.68 0.27
N ASN IA 32 -68.08 -101.68 0.99
CA ASN IA 32 -68.16 -100.35 0.45
C ASN IA 32 -66.77 -99.75 0.30
N PRO IA 33 -66.62 -98.76 -0.58
CA PRO IA 33 -65.29 -98.16 -0.77
C PRO IA 33 -64.75 -97.56 0.53
N SER IA 34 -63.43 -97.63 0.68
CA SER IA 34 -62.76 -97.26 1.90
C SER IA 34 -62.16 -95.86 1.78
N ASP IA 35 -61.42 -95.46 2.81
CA ASP IA 35 -60.78 -94.15 2.83
C ASP IA 35 -59.37 -94.28 3.40
N ASP IA 36 -58.43 -93.55 2.79
CA ASP IA 36 -57.03 -93.66 3.19
C ASP IA 36 -56.82 -93.23 4.63
N ALA IA 37 -57.50 -92.17 5.07
CA ALA IA 37 -57.35 -91.73 6.45
C ALA IA 37 -57.79 -92.82 7.42
N THR IA 38 -58.93 -93.44 7.14
CA THR IA 38 -59.38 -94.56 7.96
C THR IA 38 -58.37 -95.69 7.94
N ILE IA 39 -57.80 -95.97 6.77
CA ILE IA 39 -56.79 -97.01 6.66
C ILE IA 39 -55.64 -96.74 7.61
N LYS IA 40 -55.10 -95.52 7.55
CA LYS IA 40 -53.96 -95.17 8.39
C LYS IA 40 -54.33 -95.21 9.86
N LEU IA 41 -55.53 -94.74 10.21
CA LEU IA 41 -55.96 -94.76 11.60
C LEU IA 41 -56.01 -96.19 12.13
N ALA IA 42 -56.60 -97.10 11.36
CA ALA IA 42 -56.67 -98.49 11.80
C ALA IA 42 -55.28 -99.10 11.90
N GLU IA 43 -54.40 -98.78 10.94
CA GLU IA 43 -53.06 -99.33 10.96
C GLU IA 43 -52.31 -98.90 12.21
N ALA IA 44 -52.48 -97.64 12.62
CA ALA IA 44 -51.90 -97.21 13.89
C ALA IA 44 -52.56 -97.92 15.06
N ALA IA 45 -53.89 -98.04 15.01
CA ALA IA 45 -54.65 -98.52 16.16
C ALA IA 45 -54.29 -99.96 16.49
N VAL IA 46 -54.10 -100.81 15.47
CA VAL IA 46 -53.81 -102.21 15.75
C VAL IA 46 -52.50 -102.32 16.53
N SER IA 47 -51.47 -101.60 16.09
CA SER IA 47 -50.19 -101.63 16.79
C SER IA 47 -50.32 -101.10 18.22
N VAL IA 48 -51.05 -100.00 18.38
CA VAL IA 48 -51.21 -99.43 19.72
C VAL IA 48 -51.89 -100.43 20.64
N SER IA 49 -52.96 -101.05 20.14
CA SER IA 49 -53.71 -102.02 20.93
C SER IA 49 -52.83 -103.20 21.31
N ASP IA 50 -52.06 -103.71 20.36
CA ASP IA 50 -51.20 -104.86 20.66
C ASP IA 50 -50.18 -104.50 21.73
N SER IA 51 -49.56 -103.33 21.61
CA SER IA 51 -48.55 -102.92 22.59
C SER IA 51 -49.16 -102.80 23.98
N MET IA 52 -50.29 -102.11 24.08
CA MET IA 52 -50.92 -101.96 25.39
C MET IA 52 -51.40 -103.29 25.93
N LEU IA 53 -51.84 -104.19 25.05
CA LEU IA 53 -52.28 -105.51 25.49
C LEU IA 53 -51.15 -106.29 26.11
N GLU IA 54 -49.99 -106.32 25.46
CA GLU IA 54 -48.88 -107.05 26.05
C GLU IA 54 -48.38 -106.36 27.33
N MET IA 55 -48.45 -105.03 27.39
CA MET IA 55 -48.12 -104.34 28.62
C MET IA 55 -49.02 -104.79 29.77
N ALA IA 56 -50.32 -104.85 29.49
CA ALA IA 56 -51.28 -105.29 30.50
C ALA IA 56 -51.01 -106.73 30.92
N LYS IA 57 -50.68 -107.59 29.96
CA LYS IA 57 -50.33 -108.97 30.29
C LYS IA 57 -49.14 -109.00 31.24
N VAL IA 58 -48.11 -108.20 30.95
CA VAL IA 58 -46.91 -108.20 31.77
C VAL IA 58 -47.24 -107.73 33.19
N GLU IA 59 -48.00 -106.65 33.31
CA GLU IA 59 -48.29 -106.14 34.65
C GLU IA 59 -49.20 -107.08 35.41
N LYS IA 60 -50.14 -107.74 34.74
CA LYS IA 60 -50.94 -108.76 35.39
C LYS IA 60 -50.07 -109.90 35.90
N VAL IA 61 -49.09 -110.32 35.11
CA VAL IA 61 -48.19 -111.38 35.53
C VAL IA 61 -47.41 -110.94 36.77
N ILE IA 62 -46.88 -109.72 36.75
CA ILE IA 62 -46.02 -109.28 37.86
C ILE IA 62 -46.79 -108.90 39.11
N THR IA 63 -48.09 -108.64 39.00
CA THR IA 63 -48.86 -108.31 40.19
C THR IA 63 -50.00 -109.29 40.39
N PRO IA 64 -50.09 -109.94 41.55
CA PRO IA 64 -51.14 -110.94 41.76
C PRO IA 64 -52.44 -110.30 42.18
N PRO IA 65 -53.55 -110.68 41.55
CA PRO IA 65 -54.86 -110.18 41.99
C PRO IA 65 -55.32 -110.90 43.24
N SER IA 66 -55.98 -110.15 44.12
CA SER IA 66 -56.41 -110.69 45.42
C SER IA 66 -57.90 -110.67 45.63
N LYS IA 67 -58.57 -109.55 45.35
CA LYS IA 67 -59.97 -109.39 45.69
C LYS IA 67 -60.76 -108.88 44.50
N ASP IA 68 -62.06 -109.19 44.49
CA ASP IA 68 -62.97 -108.75 43.45
C ASP IA 68 -64.00 -107.79 44.04
N ASN IA 69 -64.28 -106.71 43.30
CA ASN IA 69 -65.20 -105.69 43.77
C ASN IA 69 -66.61 -106.22 43.93
N THR IA 70 -66.92 -107.39 43.38
CA THR IA 70 -68.22 -108.01 43.60
C THR IA 70 -68.46 -108.25 45.09
N LEU IA 71 -67.42 -108.60 45.83
CA LEU IA 71 -67.57 -108.76 47.28
C LEU IA 71 -68.03 -107.47 47.92
N THR IA 72 -67.42 -106.35 47.55
CA THR IA 72 -67.84 -105.06 48.11
C THR IA 72 -69.25 -104.70 47.69
N ILE IA 73 -69.59 -104.92 46.42
CA ILE IA 73 -70.92 -104.60 45.94
C ILE IA 73 -71.55 -105.86 45.35
N PRO IA 74 -72.29 -106.62 46.15
CA PRO IA 74 -73.01 -107.78 45.61
C PRO IA 74 -74.32 -107.33 44.97
N ASN IA 75 -74.92 -108.27 44.23
CA ASN IA 75 -76.20 -107.99 43.59
C ASN IA 75 -77.36 -108.42 44.48
N ALA IA 76 -78.55 -107.95 44.13
CA ALA IA 76 -79.76 -108.29 44.86
C ALA IA 76 -80.95 -108.18 43.91
N TYR IA 77 -82.14 -108.45 44.44
CA TYR IA 77 -83.33 -108.42 43.62
C TYR IA 77 -83.63 -107.00 43.14
N ASN IA 78 -84.41 -106.91 42.06
CA ASN IA 78 -84.85 -105.70 41.40
C ASN IA 78 -83.70 -104.94 40.75
N LEU IA 79 -82.46 -105.42 40.90
CA LEU IA 79 -81.32 -104.83 40.22
C LEU IA 79 -81.10 -105.42 38.84
N GLN IA 80 -82.12 -106.03 38.27
CA GLN IA 80 -81.98 -106.79 37.04
C GLN IA 80 -82.59 -106.11 35.82
N ALA IA 81 -83.34 -105.02 36.01
CA ALA IA 81 -83.83 -104.26 34.87
C ALA IA 81 -82.64 -103.80 34.05
N ARG IA 82 -82.68 -104.08 32.75
CA ARG IA 82 -81.48 -103.91 31.95
C ARG IA 82 -81.33 -102.47 31.50
N ALA IA 83 -80.11 -102.13 31.10
CA ALA IA 83 -79.80 -100.76 30.71
C ALA IA 83 -78.76 -100.77 29.60
N SER IA 84 -78.95 -99.89 28.63
CA SER IA 84 -77.97 -99.62 27.59
C SER IA 84 -77.60 -98.15 27.68
N VAL IA 85 -76.30 -97.87 27.77
CA VAL IA 85 -75.83 -96.53 28.14
C VAL IA 85 -74.77 -96.06 27.17
N ASP IA 86 -74.63 -94.73 27.11
CA ASP IA 86 -73.51 -94.10 26.42
C ASP IA 86 -73.31 -92.74 27.08
N TRP IA 87 -72.33 -92.65 27.96
CA TRP IA 87 -72.08 -91.45 28.75
C TRP IA 87 -70.62 -91.08 28.67
N SER IA 88 -70.35 -89.79 28.50
CA SER IA 88 -68.98 -89.29 28.38
C SER IA 88 -68.83 -88.01 29.18
N GLY IA 89 -69.36 -87.99 30.39
CA GLY IA 89 -69.28 -86.82 31.23
C GLY IA 89 -68.87 -87.13 32.65
N PRO IA 90 -69.22 -86.24 33.58
CA PRO IA 90 -68.93 -86.49 35.00
C PRO IA 90 -69.76 -87.63 35.56
N ILE IA 91 -69.60 -87.90 36.85
CA ILE IA 91 -70.12 -89.12 37.45
C ILE IA 91 -71.50 -88.91 38.08
N GLU IA 92 -71.70 -87.74 38.69
CA GLU IA 92 -72.83 -87.54 39.59
C GLU IA 92 -74.17 -87.70 38.86
N GLU IA 93 -74.30 -87.11 37.68
CA GLU IA 93 -75.56 -87.23 36.95
C GLU IA 93 -75.87 -88.69 36.64
N LEU IA 94 -74.85 -89.43 36.20
CA LEU IA 94 -75.06 -90.83 35.84
C LEU IA 94 -75.49 -91.65 37.05
N THR IA 95 -74.77 -91.50 38.17
CA THR IA 95 -75.11 -92.30 39.34
C THR IA 95 -76.46 -91.90 39.92
N ALA IA 96 -76.80 -90.61 39.84
CA ALA IA 96 -78.12 -90.18 40.29
C ALA IA 96 -79.22 -90.79 39.44
N ARG IA 97 -79.03 -90.81 38.12
CA ARG IA 97 -80.02 -91.45 37.26
C ARG IA 97 -80.15 -92.93 37.59
N ILE IA 98 -79.03 -93.59 37.84
CA ILE IA 98 -79.07 -95.02 38.15
C ILE IA 98 -79.83 -95.26 39.45
N ALA IA 99 -79.55 -94.44 40.47
CA ALA IA 99 -80.24 -94.59 41.75
C ALA IA 99 -81.73 -94.33 41.60
N LYS IA 100 -82.09 -93.31 40.81
CA LYS IA 100 -83.50 -93.01 40.57
C LYS IA 100 -84.19 -94.19 39.90
N ALA IA 101 -83.53 -94.82 38.93
CA ALA IA 101 -84.12 -95.99 38.29
C ALA IA 101 -84.25 -97.15 39.27
N ALA IA 102 -83.25 -97.34 40.13
CA ALA IA 102 -83.22 -98.50 41.02
C ALA IA 102 -84.03 -98.30 42.30
N HIS IA 103 -84.57 -97.11 42.52
CA HIS IA 103 -85.37 -96.82 43.72
C HIS IA 103 -84.55 -96.93 44.99
N PHE IA 104 -83.24 -96.81 44.90
CA PHE IA 104 -82.39 -96.87 46.08
C PHE IA 104 -81.97 -95.48 46.51
N ARG IA 105 -81.77 -95.32 47.80
CA ARG IA 105 -81.44 -94.01 48.34
C ARG IA 105 -80.00 -93.65 48.03
N PHE IA 106 -79.81 -92.49 47.40
CA PHE IA 106 -78.48 -91.98 47.11
C PHE IA 106 -77.86 -91.39 48.36
N ARG IA 107 -76.60 -91.75 48.63
CA ARG IA 107 -75.86 -91.13 49.72
C ARG IA 107 -74.45 -90.80 49.23
N VAL IA 108 -73.94 -89.66 49.67
CA VAL IA 108 -72.63 -89.17 49.25
C VAL IA 108 -71.76 -88.98 50.49
N LEU IA 109 -70.50 -89.39 50.38
CA LEU IA 109 -69.53 -89.22 51.45
C LEU IA 109 -68.26 -88.61 50.89
N GLY IA 110 -67.71 -87.63 51.61
CA GLY IA 110 -66.57 -86.90 51.14
C GLY IA 110 -66.97 -85.77 50.21
N LYS IA 111 -65.96 -85.04 49.75
CA LYS IA 111 -66.17 -83.91 48.86
C LYS IA 111 -65.29 -84.05 47.64
N SER IA 112 -65.86 -83.76 46.47
CA SER IA 112 -65.11 -83.85 45.24
C SER IA 112 -64.01 -82.80 45.22
N PRO IA 113 -62.85 -83.11 44.65
CA PRO IA 113 -61.80 -82.09 44.54
C PRO IA 113 -62.15 -81.06 43.48
N SER IA 114 -61.25 -80.09 43.27
CA SER IA 114 -61.47 -79.08 42.25
C SER IA 114 -61.55 -79.70 40.87
N VAL IA 115 -60.65 -80.63 40.58
CA VAL IA 115 -60.65 -81.31 39.28
C VAL IA 115 -61.79 -82.32 39.27
N PRO IA 116 -62.69 -82.24 38.29
CA PRO IA 116 -63.76 -83.25 38.20
C PRO IA 116 -63.20 -84.60 37.83
N VAL IA 117 -63.93 -85.64 38.22
CA VAL IA 117 -63.63 -87.01 37.82
C VAL IA 117 -64.52 -87.37 36.65
N LEU IA 118 -63.91 -87.68 35.50
CA LEU IA 118 -64.63 -87.86 34.26
C LEU IA 118 -64.67 -89.32 33.88
N ILE IA 119 -65.83 -89.78 33.40
CA ILE IA 119 -66.04 -91.16 33.02
C ILE IA 119 -66.57 -91.20 31.59
N SER IA 120 -66.01 -92.08 30.78
CA SER IA 120 -66.50 -92.33 29.43
C SER IA 120 -66.81 -93.81 29.31
N ILE IA 121 -68.06 -94.14 29.00
CA ILE IA 121 -68.53 -95.52 28.93
C ILE IA 121 -69.29 -95.71 27.63
N SER IA 122 -68.93 -96.74 26.89
CA SER IA 122 -69.62 -97.14 25.66
C SER IA 122 -69.96 -98.61 25.77
N THR IA 123 -71.13 -98.91 26.32
CA THR IA 123 -71.57 -100.28 26.53
C THR IA 123 -73.02 -100.40 26.05
N LYS IA 124 -73.59 -101.59 26.19
CA LYS IA 124 -74.95 -101.82 25.72
C LYS IA 124 -75.57 -103.09 26.29
N ASP IA 125 -76.74 -102.96 26.92
CA ASP IA 125 -77.59 -104.09 27.30
C ASP IA 125 -76.84 -105.06 28.22
N GLU IA 126 -76.51 -104.57 29.41
CA GLU IA 126 -75.88 -105.41 30.42
C GLU IA 126 -76.57 -105.16 31.76
N SER IA 127 -76.00 -105.73 32.81
CA SER IA 127 -76.61 -105.74 34.13
C SER IA 127 -76.22 -104.51 34.94
N LEU IA 128 -77.12 -104.11 35.84
CA LEU IA 128 -76.88 -102.94 36.66
C LEU IA 128 -75.68 -103.14 37.58
N ALA IA 129 -75.58 -104.31 38.19
CA ALA IA 129 -74.50 -104.57 39.14
C ALA IA 129 -73.15 -104.50 38.45
N GLU IA 130 -73.04 -105.16 37.29
CA GLU IA 130 -71.78 -105.12 36.55
C GLU IA 130 -71.51 -103.73 36.00
N ILE IA 131 -72.54 -102.98 35.62
CA ILE IA 131 -72.34 -101.61 35.18
C ILE IA 131 -71.72 -100.79 36.30
N LEU IA 132 -72.27 -100.90 37.51
CA LEU IA 132 -71.74 -100.14 38.64
C LEU IA 132 -70.32 -100.59 38.98
N ARG IA 133 -70.06 -101.89 38.90
CA ARG IA 133 -68.72 -102.39 39.18
C ARG IA 133 -67.72 -101.86 38.16
N ASP IA 134 -68.11 -101.82 36.90
CA ASP IA 134 -67.23 -101.26 35.86
C ASP IA 134 -67.00 -99.78 36.10
N ILE IA 135 -68.04 -99.06 36.52
CA ILE IA 135 -67.88 -97.64 36.83
C ILE IA 135 -66.87 -97.47 37.96
N ASP IA 136 -66.99 -98.29 39.00
CA ASP IA 136 -66.04 -98.21 40.10
C ASP IA 136 -64.63 -98.52 39.63
N TYR IA 137 -64.48 -99.52 38.76
CA TYR IA 137 -63.16 -99.88 38.27
C TYR IA 137 -62.54 -98.73 37.48
N GLN IA 138 -63.32 -98.10 36.61
CA GLN IA 138 -62.78 -96.97 35.85
C GLN IA 138 -62.47 -95.79 36.76
N ALA IA 139 -63.27 -95.60 37.81
CA ALA IA 139 -62.97 -94.53 38.77
C ALA IA 139 -61.65 -94.80 39.48
N GLY IA 140 -61.40 -96.06 39.83
CA GLY IA 140 -60.12 -96.42 40.40
C GLY IA 140 -59.88 -95.78 41.75
N LYS IA 141 -58.69 -95.23 41.92
CA LYS IA 141 -58.20 -94.78 43.22
C LYS IA 141 -58.70 -93.40 43.61
N LYS IA 142 -59.76 -92.90 42.99
CA LYS IA 142 -60.30 -91.60 43.35
C LYS IA 142 -61.64 -91.68 44.06
N ALA IA 143 -62.44 -92.70 43.78
CA ALA IA 143 -63.74 -92.86 44.42
C ALA IA 143 -64.08 -94.33 44.53
N SER IA 144 -65.12 -94.62 45.29
CA SER IA 144 -65.58 -95.99 45.46
C SER IA 144 -67.09 -96.00 45.62
N ILE IA 145 -67.67 -97.15 45.29
CA ILE IA 145 -69.12 -97.35 45.33
C ILE IA 145 -69.41 -98.52 46.25
N HIS IA 146 -70.37 -98.33 47.16
CA HIS IA 146 -70.80 -99.39 48.04
C HIS IA 146 -72.33 -99.49 47.98
N VAL IA 147 -72.83 -100.66 48.33
CA VAL IA 147 -74.26 -100.93 48.27
C VAL IA 147 -74.69 -101.53 49.60
N TYR IA 148 -75.95 -101.28 49.97
CA TYR IA 148 -76.56 -101.94 51.11
C TYR IA 148 -77.97 -102.32 50.69
N PRO IA 149 -78.19 -103.58 50.30
CA PRO IA 149 -79.51 -103.97 49.80
C PRO IA 149 -80.57 -103.99 50.88
N ASN IA 150 -80.25 -104.56 52.05
CA ASN IA 150 -81.18 -104.52 53.17
C ASN IA 150 -81.54 -103.08 53.52
N SER IA 151 -80.60 -102.15 53.35
CA SER IA 151 -80.86 -100.74 53.52
C SER IA 151 -81.27 -100.06 52.23
N GLN IA 152 -81.30 -100.79 51.11
CA GLN IA 152 -81.62 -100.28 49.78
C GLN IA 152 -81.02 -98.89 49.55
N VAL IA 153 -79.73 -98.78 49.84
CA VAL IA 153 -79.02 -97.53 49.66
C VAL IA 153 -77.76 -97.77 48.82
N VAL IA 154 -77.38 -96.74 48.07
CA VAL IA 154 -76.16 -96.74 47.29
C VAL IA 154 -75.29 -95.59 47.80
N GLU IA 155 -74.09 -95.93 48.25
CA GLU IA 155 -73.17 -94.98 48.84
C GLU IA 155 -72.04 -94.70 47.85
N LEU IA 156 -71.80 -93.42 47.59
CA LEU IA 156 -70.71 -92.96 46.73
C LEU IA 156 -69.71 -92.23 47.61
N ARG IA 157 -68.54 -92.81 47.79
CA ARG IA 157 -67.51 -92.21 48.65
C ARG IA 157 -66.37 -91.69 47.79
N TYR IA 158 -65.92 -90.48 48.09
CA TYR IA 158 -64.76 -89.93 47.43
C TYR IA 158 -63.49 -90.39 48.15
N ALA IA 159 -62.34 -89.95 47.64
CA ALA IA 159 -61.07 -90.22 48.31
C ALA IA 159 -60.54 -88.95 48.96
N LYS IA 160 -60.13 -89.07 50.21
CA LYS IA 160 -59.45 -87.99 50.91
C LYS IA 160 -57.97 -88.10 50.61
N ILE IA 161 -57.44 -87.13 49.86
CA ILE IA 161 -56.07 -87.19 49.37
C ILE IA 161 -55.45 -85.80 49.45
N TYR IA 162 -54.13 -85.75 49.30
CA TYR IA 162 -53.35 -84.52 49.33
C TYR IA 162 -53.36 -83.91 50.72
N ARG JA 207 17.41 -103.17 45.37
CA ARG JA 207 16.44 -102.35 46.09
C ARG JA 207 16.66 -100.86 45.80
N ILE JA 208 15.87 -100.02 46.46
CA ILE JA 208 15.96 -98.58 46.24
C ILE JA 208 17.26 -98.05 46.84
N ILE JA 209 17.91 -97.13 46.13
CA ILE JA 209 19.20 -96.60 46.51
C ILE JA 209 19.10 -95.09 46.65
N TYR JA 210 19.79 -94.54 47.65
CA TYR JA 210 19.81 -93.11 47.91
C TYR JA 210 21.24 -92.57 47.81
N TYR JA 211 21.35 -91.29 47.49
CA TYR JA 211 22.61 -90.59 47.40
C TYR JA 211 22.44 -89.20 47.99
N ILE JA 212 23.53 -88.60 48.43
CA ILE JA 212 23.45 -87.26 49.01
C ILE JA 212 23.57 -86.23 47.90
N GLN JA 213 22.88 -85.10 48.09
CA GLN JA 213 22.95 -83.96 47.18
C GLN JA 213 23.45 -82.70 47.87
N ALA JA 214 23.05 -82.48 49.12
CA ALA JA 214 23.54 -81.37 49.92
C ALA JA 214 23.91 -81.88 51.30
N VAL JA 215 25.09 -81.48 51.78
CA VAL JA 215 25.60 -81.89 53.09
C VAL JA 215 25.76 -80.65 53.94
N ILE JA 216 25.08 -80.62 55.09
CA ILE JA 216 25.09 -79.48 56.00
C ILE JA 216 24.79 -79.98 57.41
N PRO JA 217 25.17 -79.25 58.45
CA PRO JA 217 24.74 -79.64 59.80
C PRO JA 217 23.25 -79.40 59.97
N GLY JA 218 22.57 -80.38 60.55
CA GLY JA 218 21.14 -80.25 60.78
C GLY JA 218 20.27 -80.81 59.68
N ARG JA 219 20.58 -80.47 58.44
CA ARG JA 219 19.79 -80.89 57.29
C ARG JA 219 20.63 -81.77 56.36
N ALA JA 220 19.94 -82.55 55.54
CA ALA JA 220 20.61 -83.37 54.55
C ALA JA 220 19.66 -83.66 53.41
N TRP JA 221 20.09 -83.39 52.18
CA TRP JA 221 19.27 -83.59 51.00
C TRP JA 221 19.63 -84.92 50.34
N LEU JA 222 18.62 -85.72 50.04
CA LEU JA 222 18.79 -87.06 49.48
C LEU JA 222 18.09 -87.15 48.13
N ILE JA 223 18.79 -87.71 47.16
CA ILE JA 223 18.23 -88.02 45.85
C ILE JA 223 18.25 -89.53 45.70
N GLY JA 224 17.08 -90.12 45.50
CA GLY JA 224 16.99 -91.56 45.37
C GLY JA 224 17.48 -92.02 44.02
N SER JA 225 17.62 -93.35 43.90
CA SER JA 225 17.96 -93.95 42.62
C SER JA 225 16.85 -93.77 41.60
N ASN JA 226 15.66 -93.37 42.04
CA ASN JA 226 14.50 -93.22 41.17
C ASN JA 226 14.16 -91.76 40.89
N GLY JA 227 15.08 -90.84 41.16
CA GLY JA 227 14.84 -89.43 40.94
C GLY JA 227 14.09 -88.73 42.05
N SER JA 228 13.73 -89.42 43.12
CA SER JA 228 13.03 -88.79 44.24
C SER JA 228 13.96 -87.81 44.96
N THR JA 229 13.37 -86.74 45.46
CA THR JA 229 14.10 -85.71 46.20
C THR JA 229 13.48 -85.55 47.58
N LEU JA 230 14.31 -85.54 48.62
CA LEU JA 230 13.81 -85.43 49.98
C LEU JA 230 14.84 -84.71 50.84
N THR JA 231 14.37 -84.23 52.00
CA THR JA 231 15.22 -83.56 52.97
C THR JA 231 14.98 -84.17 54.34
N VAL JA 232 16.07 -84.41 55.07
CA VAL JA 232 16.01 -85.10 56.36
C VAL JA 232 16.78 -84.31 57.40
N ARG JA 233 16.50 -84.61 58.66
CA ARG JA 233 17.13 -84.01 59.83
C ARG JA 233 17.84 -85.12 60.61
N GLU JA 234 18.30 -84.76 61.82
CA GLU JA 234 18.95 -85.75 62.67
C GLU JA 234 18.02 -86.91 62.98
N GLY JA 235 16.80 -86.63 63.39
CA GLY JA 235 15.83 -87.67 63.64
C GLY JA 235 14.81 -87.79 62.54
N SER JA 236 14.98 -88.79 61.67
CA SER JA 236 14.07 -88.98 60.55
C SER JA 236 14.08 -90.44 60.13
N LYS JA 237 13.00 -90.86 59.49
CA LYS JA 237 12.84 -92.23 59.03
C LYS JA 237 13.14 -92.31 57.54
N ILE JA 238 14.10 -93.15 57.19
CA ILE JA 238 14.48 -93.38 55.79
C ILE JA 238 13.93 -94.75 55.38
N PRO JA 239 12.97 -94.82 54.46
CA PRO JA 239 12.42 -96.12 54.07
C PRO JA 239 13.50 -97.02 53.46
N GLY JA 240 13.40 -98.31 53.75
CA GLY JA 240 14.40 -99.26 53.34
C GLY JA 240 15.72 -99.17 54.08
N TYR JA 241 15.93 -98.12 54.84
CA TYR JA 241 17.13 -97.93 55.63
C TYR JA 241 16.86 -97.82 57.11
N GLY JA 242 15.77 -97.15 57.50
CA GLY JA 242 15.40 -97.09 58.90
C GLY JA 242 15.42 -95.70 59.50
N MET JA 243 16.23 -95.51 60.53
CA MET JA 243 16.28 -94.26 61.28
C MET JA 243 17.64 -93.61 61.09
N VAL JA 244 17.64 -92.28 60.99
CA VAL JA 244 18.87 -91.51 60.82
C VAL JA 244 19.65 -91.52 62.13
N LYS JA 245 20.70 -92.33 62.19
CA LYS JA 245 21.49 -92.40 63.42
C LYS JA 245 22.37 -91.17 63.57
N LEU JA 246 22.99 -90.70 62.49
CA LEU JA 246 23.92 -89.59 62.58
C LEU JA 246 24.05 -88.93 61.21
N ILE JA 247 24.19 -87.61 61.21
CA ILE JA 247 24.49 -86.84 60.01
C ILE JA 247 25.81 -86.13 60.24
N ASP JA 248 26.76 -86.33 59.33
CA ASP JA 248 28.09 -85.72 59.41
C ASP JA 248 28.19 -84.65 58.34
N SER JA 249 28.52 -83.42 58.76
CA SER JA 249 28.62 -82.32 57.82
C SER JA 249 29.89 -82.40 56.97
N LEU JA 250 30.84 -83.24 57.34
CA LEU JA 250 32.07 -83.42 56.57
C LEU JA 250 32.19 -84.86 56.10
N GLN JA 251 32.84 -85.02 54.95
CA GLN JA 251 33.16 -86.32 54.36
C GLN JA 251 31.91 -87.05 53.86
N GLY JA 252 30.74 -86.48 54.11
CA GLY JA 252 29.50 -87.04 53.60
C GLY JA 252 29.20 -88.47 54.00
N ARG JA 253 29.38 -88.79 55.28
CA ARG JA 253 29.06 -90.11 55.80
C ARG JA 253 27.85 -90.00 56.71
N ILE JA 254 26.86 -90.87 56.49
CA ILE JA 254 25.64 -90.89 57.29
C ILE JA 254 25.49 -92.28 57.92
N LEU JA 255 25.23 -92.31 59.22
CA LEU JA 255 25.00 -93.57 59.93
C LEU JA 255 23.52 -93.90 59.90
N THR JA 256 23.21 -95.17 59.64
CA THR JA 256 21.84 -95.64 59.50
C THR JA 256 21.50 -96.61 60.63
N SER JA 257 20.23 -96.62 61.02
CA SER JA 257 19.78 -97.55 62.06
C SER JA 257 19.98 -99.00 61.64
N SER JA 258 19.99 -99.27 60.33
CA SER JA 258 20.20 -100.62 59.83
C SER JA 258 21.68 -100.95 59.62
N GLY JA 259 22.57 -100.27 60.32
CA GLY JA 259 24.00 -100.54 60.17
C GLY JA 259 24.57 -100.15 58.83
N GLN JA 260 23.90 -99.27 58.10
CA GLN JA 260 24.34 -98.87 56.77
C GLN JA 260 25.02 -97.50 56.82
N VAL JA 261 25.85 -97.24 55.83
CA VAL JA 261 26.55 -95.97 55.68
C VAL JA 261 26.09 -95.33 54.38
N ILE JA 262 25.54 -94.14 54.48
CA ILE JA 262 25.01 -93.41 53.33
C ILE JA 262 26.05 -92.40 52.87
N LYS JA 263 26.23 -92.31 51.55
CA LYS JA 263 27.22 -91.46 50.92
C LYS JA 263 26.62 -90.84 49.67
N PHE JA 264 27.33 -89.87 49.11
CA PHE JA 264 26.96 -89.28 47.83
C PHE JA 264 27.05 -90.32 46.72
N SER JA 265 26.66 -89.92 45.51
CA SER JA 265 26.91 -90.74 44.34
C SER JA 265 28.41 -90.90 44.13
N GLN JA 266 28.84 -92.13 43.84
CA GLN JA 266 30.27 -92.40 43.74
C GLN JA 266 30.90 -91.60 42.61
N GLU JA 267 30.33 -91.70 41.41
CA GLU JA 267 30.85 -90.96 40.27
C GLU JA 267 30.43 -89.49 40.29
N ASP JA 268 29.46 -89.12 41.12
CA ASP JA 268 29.00 -87.74 41.22
C ASP JA 268 29.18 -87.29 42.67
N SER JA 269 30.38 -86.81 42.98
CA SER JA 269 30.70 -86.33 44.32
C SER JA 269 31.94 -85.43 44.30
N GLN KA 791 66.68 -65.59 75.25
CA GLN KA 791 65.39 -66.24 75.10
C GLN KA 791 64.39 -65.29 74.46
N GLN KA 792 64.80 -64.03 74.31
CA GLN KA 792 63.97 -63.00 73.71
C GLN KA 792 63.80 -63.17 72.20
N GLU KA 793 64.56 -64.09 71.59
CA GLU KA 793 64.49 -64.28 70.14
C GLU KA 793 63.11 -64.75 69.69
N ILE KA 794 62.34 -65.39 70.58
CA ILE KA 794 60.99 -65.80 70.22
C ILE KA 794 60.12 -64.58 69.94
N GLN KA 795 60.25 -63.54 70.78
CA GLN KA 795 59.39 -62.37 70.65
C GLN KA 795 59.65 -61.64 69.34
N GLN KA 796 60.92 -61.40 69.02
CA GLN KA 796 61.23 -60.71 67.76
C GLN KA 796 60.81 -61.55 66.56
N ARG KA 797 61.03 -62.88 66.63
CA ARG KA 797 60.59 -63.75 65.55
C ARG KA 797 59.07 -63.79 65.47
N THR KA 798 58.38 -63.58 66.59
CA THR KA 798 56.93 -63.51 66.57
C THR KA 798 56.45 -62.29 65.79
N SER KA 799 57.16 -61.17 65.91
CA SER KA 799 56.68 -59.91 65.34
C SER KA 799 56.46 -60.01 63.84
N ASP KA 800 57.47 -60.51 63.11
CA ASP KA 800 57.32 -60.64 61.66
C ASP KA 800 56.23 -61.63 61.30
N MET KA 801 55.98 -62.63 62.14
CA MET KA 801 54.88 -63.54 61.89
C MET KA 801 53.55 -62.81 61.95
N LEU KA 802 53.41 -61.87 62.89
CA LEU KA 802 52.16 -61.14 63.04
C LEU KA 802 51.84 -60.33 61.79
N THR KA 803 52.79 -59.52 61.34
CA THR KA 803 52.54 -58.70 60.16
C THR KA 803 52.35 -59.55 58.92
N ALA KA 804 53.08 -60.66 58.81
CA ALA KA 804 52.85 -61.58 57.71
C ALA KA 804 51.44 -62.15 57.78
N ALA KA 805 50.99 -62.54 58.97
CA ALA KA 805 49.64 -63.08 59.12
C ALA KA 805 48.60 -62.02 58.80
N THR KA 806 48.72 -60.84 59.40
CA THR KA 806 47.74 -59.79 59.16
C THR KA 806 47.68 -59.42 57.68
N GLN KA 807 48.82 -59.44 57.00
CA GLN KA 807 48.82 -59.31 55.55
C GLN KA 807 48.06 -60.46 54.90
N LEU KA 808 48.33 -61.68 55.35
CA LEU KA 808 47.80 -62.86 54.67
C LEU KA 808 46.29 -62.96 54.80
N VAL KA 809 45.74 -62.66 55.98
CA VAL KA 809 44.31 -62.85 56.20
C VAL KA 809 43.50 -61.97 55.25
N GLN KA 810 43.85 -60.68 55.19
CA GLN KA 810 43.18 -59.80 54.24
C GLN KA 810 43.58 -60.13 52.82
N ASP KA 811 44.76 -60.74 52.63
CA ASP KA 811 45.17 -61.18 51.31
C ASP KA 811 44.22 -62.22 50.75
N TRP KA 812 43.50 -62.93 51.62
CA TRP KA 812 42.54 -63.93 51.19
C TRP KA 812 41.10 -63.47 51.33
N LYS KA 813 40.84 -62.42 52.12
CA LYS KA 813 39.47 -61.97 52.33
C LYS KA 813 38.87 -61.37 51.06
N GLN KA 814 39.65 -60.55 50.36
CA GLN KA 814 39.11 -59.80 49.23
C GLN KA 814 38.68 -60.74 48.11
N VAL KA 815 37.55 -60.41 47.49
CA VAL KA 815 36.99 -61.18 46.38
C VAL KA 815 36.42 -60.21 45.36
N GLU KA 816 36.78 -60.39 44.10
CA GLU KA 816 36.22 -59.59 43.03
C GLU KA 816 34.93 -60.22 42.51
N THR KA 817 34.02 -59.36 42.05
CA THR KA 817 32.71 -59.79 41.60
C THR KA 817 32.72 -60.05 40.10
N GLN KA 818 31.67 -60.76 39.65
CA GLN KA 818 31.53 -61.05 38.24
C GLN KA 818 31.22 -59.78 37.45
N VAL KA 819 31.72 -59.75 36.22
CA VAL KA 819 31.52 -58.61 35.33
C VAL KA 819 30.80 -59.12 34.08
N TYR KA 820 29.68 -58.49 33.74
CA TYR KA 820 28.88 -58.90 32.60
C TYR KA 820 29.07 -57.90 31.46
N THR KA 821 28.95 -58.40 30.23
CA THR KA 821 29.14 -57.59 29.05
C THR KA 821 28.07 -57.92 28.03
N GLU KA 822 27.76 -56.95 27.16
CA GLU KA 822 26.76 -57.12 26.12
C GLU KA 822 27.43 -57.22 24.76
N GLY KA 823 26.63 -57.50 23.74
CA GLY KA 823 27.13 -57.57 22.39
C GLY KA 823 26.02 -57.38 21.38
N THR KA 824 26.33 -56.65 20.33
CA THR KA 824 25.40 -56.43 19.21
C THR KA 824 26.13 -55.86 18.00
N ALA LA 104 101.12 -49.84 45.41
CA ALA LA 104 99.92 -49.09 45.79
C ALA LA 104 98.86 -49.20 44.70
N GLU LA 105 99.27 -49.67 43.52
CA GLU LA 105 98.33 -49.82 42.42
C GLU LA 105 97.30 -50.90 42.73
N VAL LA 106 97.72 -51.97 43.41
CA VAL LA 106 96.82 -53.06 43.77
C VAL LA 106 95.70 -52.58 44.68
N ILE LA 107 95.91 -51.48 45.40
CA ILE LA 107 94.83 -50.88 46.18
C ILE LA 107 93.68 -50.51 45.26
N ASP LA 108 93.99 -50.00 44.07
CA ASP LA 108 92.94 -49.66 43.11
C ASP LA 108 92.12 -50.89 42.73
N LYS LA 109 92.78 -52.01 42.47
CA LYS LA 109 92.05 -53.22 42.11
C LYS LA 109 91.21 -53.74 43.27
N LYS LA 110 91.76 -53.73 44.48
CA LYS LA 110 91.01 -54.19 45.65
C LYS LA 110 89.76 -53.32 45.86
N ALA LA 111 89.94 -52.01 45.75
CA ALA LA 111 88.81 -51.11 45.93
C ALA LA 111 87.81 -51.24 44.80
N PHE LA 112 88.27 -51.53 43.57
CA PHE LA 112 87.34 -51.82 42.49
C PHE LA 112 86.52 -53.06 42.82
N LYS LA 113 87.17 -54.08 43.35
CA LYS LA 113 86.46 -55.32 43.69
C LYS LA 113 85.38 -55.07 44.75
N ASP LA 114 85.75 -54.38 45.84
CA ASP LA 114 84.77 -54.16 46.89
C ASP LA 114 83.69 -53.16 46.45
N MET LA 115 84.04 -52.21 45.59
CA MET LA 115 83.04 -51.29 45.05
C MET LA 115 82.03 -52.05 44.17
N THR LA 116 82.52 -52.99 43.36
CA THR LA 116 81.61 -53.82 42.59
C THR LA 116 80.74 -54.67 43.50
N ARG LA 117 81.32 -55.16 44.60
CA ARG LA 117 80.53 -55.91 45.57
C ARG LA 117 79.40 -55.05 46.13
N ASN LA 118 79.71 -53.80 46.48
CA ASN LA 118 78.67 -52.89 46.96
C ASN LA 118 77.62 -52.64 45.89
N LEU LA 119 78.06 -52.45 44.64
CA LEU LA 119 77.14 -52.14 43.56
C LEU LA 119 76.17 -53.30 43.33
N TYR LA 120 76.68 -54.52 43.34
CA TYR LA 120 75.86 -55.72 43.14
C TYR LA 120 76.08 -56.64 44.33
N PRO LA 121 75.36 -56.41 45.43
CA PRO LA 121 75.55 -57.25 46.62
C PRO LA 121 75.07 -58.68 46.45
N LEU LA 122 74.39 -59.02 45.36
CA LEU LA 122 73.83 -60.35 45.17
C LEU LA 122 74.35 -60.96 43.89
N ASN LA 123 74.63 -62.26 43.94
CA ASN LA 123 75.12 -63.01 42.80
C ASN LA 123 73.98 -63.46 41.91
N PRO LA 124 74.27 -63.76 40.64
CA PRO LA 124 73.22 -64.30 39.76
C PRO LA 124 72.61 -65.59 40.29
N GLU LA 125 73.42 -66.46 40.90
CA GLU LA 125 72.88 -67.68 41.50
C GLU LA 125 71.93 -67.35 42.64
N GLN LA 126 72.28 -66.34 43.44
CA GLN LA 126 71.38 -65.89 44.50
C GLN LA 126 70.11 -65.30 43.92
N VAL LA 127 70.21 -64.63 42.77
CA VAL LA 127 69.01 -64.13 42.08
C VAL LA 127 68.11 -65.30 41.69
N VAL LA 128 68.71 -66.36 41.15
CA VAL LA 128 67.93 -67.53 40.75
C VAL LA 128 67.28 -68.17 41.96
N LYS LA 129 68.02 -68.28 43.08
CA LYS LA 129 67.46 -68.86 44.29
C LYS LA 129 66.31 -68.01 44.83
N LEU LA 130 66.46 -66.69 44.78
CA LEU LA 130 65.39 -65.80 45.20
C LEU LA 130 64.16 -65.96 44.32
N LYS LA 131 64.36 -66.11 43.00
CA LYS LA 131 63.23 -66.34 42.12
C LYS LA 131 62.55 -67.66 42.45
N GLN LA 132 63.34 -68.69 42.74
CA GLN LA 132 62.78 -70.00 43.11
C GLN LA 132 61.95 -69.89 44.38
N ILE LA 133 62.47 -69.19 45.39
CA ILE LA 133 61.73 -69.10 46.65
C ILE LA 133 60.49 -68.24 46.47
N TYR LA 134 60.55 -67.23 45.60
CA TYR LA 134 59.35 -66.46 45.29
C TYR LA 134 58.31 -67.33 44.61
N GLU LA 135 58.74 -68.18 43.67
CA GLU LA 135 57.82 -69.11 43.03
C GLU LA 135 57.18 -70.03 44.05
N THR LA 136 57.98 -70.55 44.97
CA THR LA 136 57.46 -71.44 46.01
C THR LA 136 56.42 -70.72 46.87
N SER LA 137 56.74 -69.49 47.29
CA SER LA 137 55.83 -68.75 48.16
C SER LA 137 54.51 -68.45 47.46
N GLU LA 138 54.58 -67.98 46.22
CA GLU LA 138 53.34 -67.63 45.54
C GLU LA 138 52.53 -68.85 45.15
N TYR LA 139 53.20 -69.98 44.87
CA TYR LA 139 52.45 -71.22 44.65
C TYR LA 139 51.78 -71.68 45.93
N ALA LA 140 52.44 -71.52 47.07
CA ALA LA 140 51.81 -71.82 48.35
C ALA LA 140 50.59 -70.94 48.56
N LYS LA 141 50.70 -69.66 48.24
CA LYS LA 141 49.56 -68.75 48.38
C LYS LA 141 48.41 -69.19 47.47
N ALA LA 142 48.72 -69.53 46.22
CA ALA LA 142 47.69 -69.97 45.28
C ALA LA 142 47.09 -71.31 45.68
N ALA LA 143 47.82 -72.12 46.45
CA ALA LA 143 47.30 -73.40 46.90
C ALA LA 143 46.12 -73.20 47.83
N THR LA 144 45.05 -73.98 47.61
CA THR LA 144 43.83 -73.86 48.40
C THR LA 144 43.69 -75.05 49.35
N PRO LA 145 43.11 -74.83 50.53
CA PRO LA 145 42.86 -75.96 51.44
C PRO LA 145 41.83 -76.90 50.87
N GLY LA 146 41.91 -78.16 51.28
CA GLY LA 146 40.99 -79.16 50.80
C GLY LA 146 41.24 -79.49 49.34
N THR LA 147 40.19 -79.95 48.67
CA THR LA 147 40.26 -80.31 47.27
C THR LA 147 39.12 -79.62 46.51
N PRO LA 148 39.36 -79.25 45.26
CA PRO LA 148 38.33 -78.56 44.48
C PRO LA 148 37.15 -79.48 44.19
N PRO LA 149 35.97 -78.92 43.97
CA PRO LA 149 34.78 -79.75 43.72
C PRO LA 149 34.74 -80.29 42.30
N LYS LA 150 33.64 -80.96 41.95
CA LYS LA 150 33.47 -81.49 40.59
C LYS LA 150 32.71 -80.48 39.75
N PRO LA 151 33.33 -79.88 38.74
CA PRO LA 151 32.60 -79.00 37.81
C PRO LA 151 31.80 -79.84 36.83
N THR LA 152 30.50 -79.90 37.05
CA THR LA 152 29.62 -80.77 36.27
C THR LA 152 28.30 -80.07 36.01
N ALA LA 153 27.63 -80.48 34.94
CA ALA LA 153 26.31 -79.99 34.59
C ALA LA 153 25.24 -80.92 35.15
N THR LA 154 24.03 -80.38 35.26
CA THR LA 154 22.90 -81.12 35.80
C THR LA 154 21.64 -80.76 35.02
N SER LA 155 20.74 -81.74 34.91
CA SER LA 155 19.45 -81.54 34.26
C SER LA 155 18.38 -82.13 35.16
N GLN LA 156 17.55 -81.27 35.74
CA GLN LA 156 16.53 -81.69 36.69
C GLN LA 156 15.18 -81.12 36.28
N PHE LA 157 14.15 -81.55 37.01
CA PHE LA 157 12.79 -81.09 36.79
C PHE LA 157 12.20 -80.67 38.13
N VAL LA 158 11.29 -79.69 38.09
CA VAL LA 158 10.69 -79.12 39.28
C VAL LA 158 9.23 -79.51 39.31
N ASN LA 159 8.82 -80.18 40.38
CA ASN LA 159 7.44 -80.58 40.59
C ASN LA 159 6.76 -79.58 41.51
N LEU LA 160 5.57 -79.12 41.12
CA LEU LA 160 4.85 -78.08 41.83
C LEU LA 160 3.80 -78.64 42.79
N SER LA 161 4.05 -79.82 43.37
CA SER LA 161 3.15 -80.35 44.36
C SER LA 161 3.18 -79.49 45.62
N PRO LA 162 2.07 -79.42 46.37
CA PRO LA 162 2.08 -78.68 47.63
C PRO LA 162 2.98 -79.28 48.69
N GLY LA 163 3.66 -80.39 48.41
CA GLY LA 163 4.56 -80.99 49.35
C GLY LA 163 5.89 -81.40 48.74
N SER LA 164 6.08 -81.07 47.46
CA SER LA 164 7.31 -81.42 46.77
C SER LA 164 8.50 -80.69 47.39
N THR LA 165 9.61 -81.40 47.54
CA THR LA 165 10.81 -80.81 48.11
C THR LA 165 11.41 -79.79 47.14
N PRO LA 166 11.92 -78.67 47.63
CA PRO LA 166 12.43 -77.65 46.72
C PRO LA 166 13.77 -78.05 46.13
N PRO LA 167 14.10 -77.53 44.95
CA PRO LA 167 15.42 -77.82 44.37
C PRO LA 167 16.51 -76.97 45.01
N VAL LA 168 17.69 -77.59 45.12
CA VAL LA 168 18.86 -76.99 45.74
C VAL LA 168 19.98 -76.90 44.71
N ILE LA 169 20.70 -75.79 44.71
CA ILE LA 169 21.76 -75.52 43.75
C ILE LA 169 23.08 -75.39 44.50
N ARG LA 170 24.05 -76.23 44.13
CA ARG LA 170 25.35 -76.27 44.79
C ARG LA 170 26.32 -75.39 44.02
N LEU LA 171 26.93 -74.42 44.69
CA LEU LA 171 27.80 -73.45 44.05
C LEU LA 171 29.08 -73.26 44.87
N SER LA 172 29.98 -72.44 44.34
CA SER LA 172 31.25 -72.12 44.98
C SER LA 172 31.51 -70.64 44.90
N GLN LA 173 32.28 -70.13 45.86
CA GLN LA 173 32.49 -68.69 45.99
C GLN LA 173 33.29 -68.14 44.82
N GLY LA 174 32.76 -67.10 44.19
CA GLY LA 174 33.47 -66.43 43.12
C GLY LA 174 33.50 -67.16 41.80
N PHE LA 175 32.47 -67.96 41.51
CA PHE LA 175 32.38 -68.67 40.24
C PHE LA 175 31.01 -68.47 39.64
N VAL LA 176 30.97 -68.22 38.33
CA VAL LA 176 29.73 -67.93 37.63
C VAL LA 176 29.16 -69.23 37.10
N SER LA 177 27.86 -69.45 37.33
CA SER LA 177 27.16 -70.63 36.88
C SER LA 177 25.90 -70.21 36.13
N SER LA 178 25.45 -71.09 35.24
CA SER LA 178 24.32 -70.82 34.36
C SER LA 178 23.12 -71.67 34.77
N LEU LA 179 21.96 -71.03 34.85
CA LEU LA 179 20.68 -71.71 35.07
C LEU LA 179 19.78 -71.41 33.88
N VAL LA 180 19.34 -72.46 33.19
CA VAL LA 180 18.47 -72.32 32.03
C VAL LA 180 17.15 -73.03 32.34
N PHE LA 181 16.04 -72.31 32.15
CA PHE LA 181 14.72 -72.80 32.48
C PHE LA 181 14.00 -73.19 31.19
N LEU LA 182 13.50 -74.42 31.15
CA LEU LA 182 12.74 -74.93 30.03
C LEU LA 182 11.42 -75.49 30.54
N ASP LA 183 10.42 -75.52 29.67
CA ASP LA 183 9.13 -76.07 30.05
C ASP LA 183 9.19 -77.59 29.98
N SER LA 184 8.03 -78.24 30.09
CA SER LA 184 7.98 -79.69 29.95
C SER LA 184 8.46 -80.14 28.56
N THR LA 185 8.16 -79.34 27.54
CA THR LA 185 8.61 -79.66 26.19
C THR LA 185 10.05 -79.21 25.93
N GLY LA 186 10.67 -78.54 26.87
CA GLY LA 186 12.03 -78.06 26.69
C GLY LA 186 12.15 -76.67 26.11
N ALA LA 187 11.04 -76.02 25.78
CA ALA LA 187 11.10 -74.66 25.26
C ALA LA 187 11.52 -73.70 26.37
N PRO LA 188 12.45 -72.78 26.09
CA PRO LA 188 12.87 -71.83 27.13
C PRO LA 188 11.77 -70.84 27.46
N TRP LA 189 11.46 -70.72 28.74
CA TRP LA 189 10.42 -69.80 29.17
C TRP LA 189 11.02 -68.42 29.43
N PRO LA 190 10.51 -67.37 28.80
CA PRO LA 190 11.00 -66.02 29.11
C PRO LA 190 10.76 -65.66 30.57
N ILE LA 191 11.73 -64.96 31.16
CA ILE LA 191 11.70 -64.63 32.58
C ILE LA 191 11.03 -63.28 32.77
N ALA LA 192 10.08 -63.21 33.69
CA ALA LA 192 9.38 -61.96 33.98
C ALA LA 192 10.07 -61.17 35.09
N ALA LA 193 10.22 -61.77 36.27
CA ALA LA 193 10.80 -61.05 37.40
C ALA LA 193 11.42 -62.07 38.34
N TYR LA 194 12.25 -61.56 39.27
CA TYR LA 194 12.93 -62.44 40.21
C TYR LA 194 13.31 -61.67 41.46
N ASP LA 195 13.30 -62.37 42.59
CA ASP LA 195 13.74 -61.84 43.86
C ASP LA 195 14.77 -62.79 44.47
N LEU LA 196 15.75 -62.22 45.14
CA LEU LA 196 16.82 -62.98 45.77
C LEU LA 196 16.97 -62.55 47.21
N GLY LA 197 16.99 -63.51 48.13
CA GLY LA 197 17.23 -63.21 49.52
C GLY LA 197 18.72 -63.10 49.81
N ASP LA 198 19.08 -62.17 50.68
CA ASP LA 198 20.45 -61.85 51.02
C ASP LA 198 21.28 -61.61 49.76
N PRO LA 199 21.09 -60.48 49.07
CA PRO LA 199 21.92 -60.18 47.90
C PRO LA 199 23.41 -60.05 48.20
N SER LA 200 23.79 -59.95 49.47
CA SER LA 200 25.21 -59.82 49.80
C SER LA 200 25.99 -61.09 49.47
N SER LA 201 25.32 -62.24 49.37
CA SER LA 201 26.02 -63.50 49.13
C SER LA 201 26.10 -63.88 47.66
N PHE LA 202 25.20 -63.36 46.83
CA PHE LA 202 25.20 -63.72 45.41
C PHE LA 202 24.77 -62.51 44.60
N ASN LA 203 25.17 -62.51 43.33
CA ASN LA 203 24.73 -61.52 42.37
C ASN LA 203 24.27 -62.23 41.11
N ILE LA 204 23.32 -61.62 40.41
CA ILE LA 204 22.68 -62.22 39.26
C ILE LA 204 22.96 -61.35 38.04
N GLN LA 205 23.48 -61.96 36.98
CA GLN LA 205 23.62 -61.31 35.69
C GLN LA 205 22.44 -61.73 34.82
N TRP LA 206 21.69 -60.75 34.33
CA TRP LA 206 20.43 -61.05 33.64
C TRP LA 206 20.03 -59.84 32.80
N ASP LA 207 19.88 -60.04 31.51
CA ASP LA 207 19.41 -58.98 30.63
C ASP LA 207 17.89 -58.86 30.72
N LYS LA 208 17.38 -57.72 30.25
CA LYS LA 208 15.95 -57.44 30.39
C LYS LA 208 15.10 -58.55 29.80
N THR LA 209 15.47 -59.04 28.62
CA THR LA 209 14.75 -60.12 27.98
C THR LA 209 15.42 -61.48 28.16
N SER LA 210 16.54 -61.53 28.88
CA SER LA 210 17.26 -62.80 29.05
C SER LA 210 16.45 -63.76 29.90
N ASN LA 211 16.32 -65.00 29.43
CA ASN LA 211 15.64 -66.05 30.15
C ASN LA 211 16.61 -67.01 30.83
N THR LA 212 17.90 -66.70 30.83
CA THR LA 212 18.92 -67.56 31.43
C THR LA 212 19.72 -66.75 32.43
N LEU LA 213 20.00 -67.36 33.59
CA LEU LA 213 20.56 -66.67 34.73
C LEU LA 213 22.03 -67.03 34.91
N MET LA 214 22.84 -66.03 35.27
CA MET LA 214 24.23 -66.22 35.64
C MET LA 214 24.42 -65.78 37.09
N ILE LA 215 24.96 -66.67 37.92
CA ILE LA 215 25.04 -66.45 39.36
C ILE LA 215 26.45 -66.72 39.84
N GLN LA 216 26.98 -65.82 40.65
CA GLN LA 216 28.25 -66.04 41.34
C GLN LA 216 28.02 -66.01 42.85
N ALA LA 217 28.89 -66.68 43.59
CA ALA LA 217 28.81 -66.72 45.04
C ALA LA 217 29.84 -65.81 45.64
N THR LA 218 29.44 -65.04 46.65
CA THR LA 218 30.30 -64.06 47.29
C THR LA 218 30.90 -64.54 48.60
N LYS LA 219 30.22 -65.43 49.31
CA LYS LA 219 30.66 -65.91 50.61
C LYS LA 219 30.92 -67.42 50.53
N LEU LA 220 31.20 -68.02 51.68
CA LEU LA 220 31.61 -69.42 51.74
C LEU LA 220 30.48 -70.36 52.17
N TYR LA 221 29.87 -70.09 53.32
CA TYR LA 221 28.88 -71.01 53.89
C TYR LA 221 27.64 -70.26 54.35
N ASN LA 222 27.13 -69.38 53.50
CA ASN LA 222 25.92 -68.61 53.81
C ASN LA 222 24.88 -68.95 52.74
N TYR LA 223 24.14 -70.03 52.98
CA TYR LA 223 23.14 -70.49 52.04
C TYR LA 223 22.00 -69.47 51.93
N GLY LA 224 21.35 -69.45 50.76
CA GLY LA 224 20.28 -68.52 50.52
C GLY LA 224 19.16 -69.09 49.68
N ASN LA 225 18.25 -68.24 49.23
CA ASN LA 225 17.10 -68.68 48.45
C ASN LA 225 16.65 -67.58 47.52
N LEU LA 226 15.82 -67.95 46.55
CA LEU LA 226 15.30 -66.98 45.60
C LEU LA 226 13.96 -67.47 45.06
N ALA LA 227 13.22 -66.53 44.49
CA ALA LA 227 11.95 -66.80 43.83
C ALA LA 227 11.98 -66.19 42.44
N VAL LA 228 11.32 -66.85 41.50
CA VAL LA 228 11.29 -66.43 40.10
C VAL LA 228 9.84 -66.50 39.61
N ARG LA 229 9.41 -65.46 38.91
CA ARG LA 229 8.13 -65.44 38.23
C ARG LA 229 8.38 -65.34 36.73
N LEU LA 230 7.72 -66.19 35.96
CA LEU LA 230 7.90 -66.24 34.52
C LEU LA 230 6.73 -65.58 33.81
N ARG LA 231 6.74 -65.65 32.48
CA ARG LA 231 5.78 -64.89 31.69
C ARG LA 231 4.35 -65.35 31.97
N GLY LA 232 4.10 -66.65 31.89
CA GLY LA 232 2.75 -67.16 32.09
C GLY LA 232 2.60 -67.98 33.36
N LEU LA 233 3.71 -68.19 34.07
CA LEU LA 233 3.68 -68.97 35.31
C LEU LA 233 3.14 -68.12 36.42
N ASN LA 234 1.84 -68.23 36.70
CA ASN LA 234 1.24 -67.53 37.82
C ASN LA 234 1.84 -67.97 39.14
N THR LA 235 2.41 -69.18 39.20
CA THR LA 235 2.98 -69.70 40.43
C THR LA 235 4.46 -69.35 40.49
N PRO LA 236 4.93 -68.65 41.52
CA PRO LA 236 6.36 -68.41 41.66
C PRO LA 236 7.10 -69.70 41.96
N VAL LA 237 8.35 -69.75 41.50
CA VAL LA 237 9.22 -70.90 41.69
C VAL LA 237 10.31 -70.53 42.67
N MET LA 238 10.44 -71.33 43.73
CA MET LA 238 11.38 -71.06 44.81
C MET LA 238 12.53 -72.05 44.76
N LEU LA 239 13.76 -71.53 44.78
CA LEU LA 239 14.95 -72.35 44.68
C LEU LA 239 15.92 -72.01 45.80
N THR LA 240 16.51 -73.03 46.41
CA THR LA 240 17.49 -72.82 47.46
C THR LA 240 18.90 -73.00 46.89
N LEU LA 241 19.86 -72.32 47.49
CA LEU LA 241 21.23 -72.37 47.01
C LEU LA 241 22.19 -72.48 48.17
N ILE LA 242 23.20 -73.33 48.01
CA ILE LA 242 24.23 -73.55 49.02
C ILE LA 242 25.60 -73.33 48.37
N PRO LA 243 26.42 -72.43 48.87
CA PRO LA 243 27.77 -72.29 48.36
C PRO LA 243 28.73 -73.28 49.01
N GLY LA 244 29.81 -73.57 48.29
CA GLY LA 244 30.88 -74.40 48.81
C GLY LA 244 30.49 -75.83 49.14
N GLN LA 245 29.79 -76.48 48.23
CA GLN LA 245 29.45 -77.89 48.39
C GLN LA 245 30.63 -78.76 47.95
N LYS LA 246 30.46 -80.07 48.09
CA LYS LA 246 31.49 -81.00 47.65
C LYS LA 246 31.62 -81.02 46.14
N ALA LA 247 30.54 -80.69 45.42
CA ALA LA 247 30.55 -80.59 43.98
C ALA LA 247 29.82 -79.31 43.57
N VAL LA 248 30.20 -78.77 42.41
CA VAL LA 248 29.69 -77.49 41.94
C VAL LA 248 28.85 -77.74 40.69
N ASP LA 249 27.63 -77.22 40.68
CA ASP LA 249 26.74 -77.31 39.53
C ASP LA 249 27.17 -76.28 38.49
N TYR LA 250 27.73 -76.75 37.38
CA TYR LA 250 28.23 -75.83 36.36
C TYR LA 250 27.07 -75.21 35.59
N ARG LA 251 26.29 -76.03 34.89
CA ARG LA 251 25.14 -75.57 34.12
C ARG LA 251 23.94 -76.41 34.51
N VAL LA 252 22.88 -75.75 34.96
CA VAL LA 252 21.69 -76.45 35.47
C VAL LA 252 20.53 -76.17 34.53
N ASP LA 253 19.95 -77.24 33.99
CA ASP LA 253 18.80 -77.15 33.09
C ASP LA 253 17.57 -77.64 33.85
N LEU LA 254 16.66 -76.72 34.16
CA LEU LA 254 15.52 -77.01 35.01
C LEU LA 254 14.25 -77.01 34.17
N ARG LA 255 13.54 -78.15 34.20
CA ARG LA 255 12.28 -78.30 33.50
C ARG LA 255 11.11 -77.95 34.42
N VAL LA 256 10.06 -77.40 33.84
CA VAL LA 256 8.89 -76.96 34.59
C VAL LA 256 7.69 -77.81 34.17
N GLN LA 257 6.71 -77.90 35.08
CA GLN LA 257 5.53 -78.70 34.83
C GLN LA 257 4.76 -78.20 33.61
N GLY LA 258 4.58 -76.89 33.50
CA GLY LA 258 3.72 -76.32 32.48
C GLY LA 258 4.39 -76.25 31.12
N TYR LA 259 3.66 -75.69 30.17
CA TYR LA 259 4.13 -75.47 28.81
C TYR LA 259 4.41 -74.00 28.61
N GLY LA 260 5.58 -73.70 28.03
CA GLY LA 260 5.99 -72.33 27.82
C GLY LA 260 5.20 -71.64 26.73
N PRO LA 261 5.26 -70.32 26.70
CA PRO LA 261 4.63 -69.58 25.60
C PRO LA 261 5.21 -69.93 24.24
N ASN LA 262 6.49 -70.28 24.18
CA ASN LA 262 7.13 -70.71 22.95
C ASN LA 262 7.09 -72.22 22.78
N ALA LA 263 6.48 -72.94 23.72
CA ALA LA 263 6.36 -74.40 23.62
C ALA LA 263 5.30 -74.73 22.59
N LYS LA 264 5.73 -74.95 21.35
CA LYS LA 264 4.78 -75.19 20.27
C LYS LA 264 4.19 -76.60 20.32
N SER LA 265 4.91 -77.56 20.87
CA SER LA 265 4.42 -78.92 20.93
C SER LA 265 3.28 -79.04 21.93
N MET LA 266 2.18 -79.65 21.50
CA MET LA 266 1.02 -79.87 22.36
C MET LA 266 0.56 -81.31 22.15
N PRO LA 267 0.54 -82.14 23.19
CA PRO LA 267 0.06 -83.51 23.01
C PRO LA 267 -1.40 -83.54 22.57
N THR LA 268 -1.72 -84.49 21.71
CA THR LA 268 -3.06 -84.60 21.15
C THR LA 268 -3.97 -85.39 22.09
N GLU LA 269 -5.27 -85.18 21.94
CA GLU LA 269 -6.27 -85.77 22.82
C GLU LA 269 -7.06 -86.84 22.08
N GLU LA 270 -7.69 -87.70 22.87
CA GLU LA 270 -8.61 -88.71 22.36
C GLU LA 270 -9.54 -89.11 23.49
N GLY LA 271 -10.62 -89.80 23.14
CA GLY LA 271 -11.59 -90.21 24.15
C GLY LA 271 -12.59 -91.17 23.57
N ILE LA 272 -13.65 -91.39 24.34
CA ILE LA 272 -14.69 -92.32 23.92
C ILE LA 272 -15.43 -91.75 22.71
N PRO LA 273 -15.55 -92.51 21.63
CA PRO LA 273 -16.29 -92.00 20.47
C PRO LA 273 -17.75 -91.77 20.84
N PRO LA 274 -18.41 -90.84 20.16
CA PRO LA 274 -19.82 -90.56 20.49
C PRO LA 274 -20.70 -91.77 20.25
N SER LA 275 -21.75 -91.88 21.07
CA SER LA 275 -22.61 -93.06 21.01
C SER LA 275 -23.45 -93.07 19.73
N ALA LA 276 -24.35 -92.11 19.60
CA ALA LA 276 -25.25 -92.03 18.45
C ALA LA 276 -26.04 -90.73 18.56
N ASN LA 277 -26.50 -90.25 17.42
CA ASN LA 277 -27.33 -89.05 17.43
C ASN LA 277 -28.65 -89.32 18.13
N ASP LA 278 -29.14 -88.31 18.86
CA ASP LA 278 -30.38 -88.46 19.59
C ASP LA 278 -31.59 -88.44 18.67
N LEU LA 279 -31.54 -87.65 17.59
CA LEU LA 279 -32.71 -87.46 16.74
C LEU LA 279 -33.18 -88.77 16.11
N LEU LA 280 -32.30 -89.77 16.05
CA LEU LA 280 -32.69 -91.04 15.44
C LEU LA 280 -33.87 -91.69 16.15
N LEU LA 281 -34.09 -91.38 17.43
CA LEU LA 281 -35.25 -91.91 18.12
C LEU LA 281 -36.53 -91.36 17.53
N HIS LA 282 -36.59 -90.03 17.35
CA HIS LA 282 -37.74 -89.43 16.69
C HIS LA 282 -37.88 -89.95 15.26
N VAL LA 283 -36.75 -90.19 14.60
CA VAL LA 283 -36.78 -90.76 13.26
C VAL LA 283 -37.48 -92.12 13.28
N LEU LA 284 -37.10 -92.96 14.26
CA LEU LA 284 -37.73 -94.26 14.40
C LEU LA 284 -39.23 -94.11 14.65
N GLU LA 285 -39.60 -93.17 15.52
CA GLU LA 285 -41.00 -92.95 15.82
C GLU LA 285 -41.79 -92.57 14.58
N GLY LA 286 -41.22 -91.69 13.75
CA GLY LA 286 -41.92 -91.12 12.62
C GLY LA 286 -42.12 -89.63 12.70
N VAL LA 287 -41.72 -88.99 13.80
CA VAL LA 287 -41.77 -87.53 13.91
C VAL LA 287 -40.64 -86.93 13.10
N PRO LA 288 -40.93 -86.08 12.13
CA PRO LA 288 -39.86 -85.36 11.42
C PRO LA 288 -39.06 -84.51 12.39
N PRO LA 289 -37.75 -84.47 12.25
CA PRO LA 289 -36.93 -83.69 13.17
C PRO LA 289 -37.18 -82.21 12.98
N PRO LA 290 -37.00 -81.41 14.03
CA PRO LA 290 -37.24 -79.97 13.90
C PRO LA 290 -36.26 -79.34 12.91
N GLY LA 291 -36.75 -78.34 12.18
CA GLY LA 291 -35.94 -77.62 11.23
C GLY LA 291 -35.68 -78.34 9.93
N SER LA 292 -36.25 -79.52 9.73
CA SER LA 292 -36.04 -80.27 8.50
C SER LA 292 -37.14 -79.97 7.49
N ARG LA 293 -36.95 -80.47 6.28
CA ARG LA 293 -37.94 -80.33 5.21
C ARG LA 293 -38.17 -81.69 4.57
N ARG LA 294 -39.38 -81.88 4.06
CA ARG LA 294 -39.77 -83.18 3.52
C ARG LA 294 -39.02 -83.45 2.22
N LEU LA 295 -38.89 -84.74 1.92
CA LEU LA 295 -38.28 -85.23 0.69
C LEU LA 295 -39.28 -86.09 -0.06
N VAL LA 296 -38.82 -86.69 -1.15
CA VAL LA 296 -39.65 -87.57 -1.97
C VAL LA 296 -38.93 -88.90 -2.12
N VAL LA 297 -39.70 -89.99 -2.12
CA VAL LA 297 -39.16 -91.34 -2.21
C VAL LA 297 -39.85 -92.04 -3.37
N SER LA 298 -39.06 -92.76 -4.17
CA SER LA 298 -39.58 -93.55 -5.28
C SER LA 298 -39.08 -94.97 -5.17
N GLY LA 299 -40.00 -95.94 -5.17
CA GLY LA 299 -39.62 -97.33 -5.17
C GLY LA 299 -40.39 -98.22 -4.22
N GLY LA 300 -41.08 -97.64 -3.25
CA GLY LA 300 -41.81 -98.45 -2.29
C GLY LA 300 -42.05 -97.69 -1.00
N ASP LA 301 -42.07 -98.45 0.09
CA ASP LA 301 -42.36 -97.91 1.41
C ASP LA 301 -41.09 -97.38 2.05
N ALA LA 302 -40.99 -96.06 2.18
CA ALA LA 302 -39.85 -95.41 2.80
C ALA LA 302 -40.16 -93.92 2.95
N ARG LA 303 -39.58 -93.31 3.97
CA ARG LA 303 -39.71 -91.88 4.20
C ARG LA 303 -38.33 -91.28 4.41
N ALA LA 304 -38.17 -90.02 4.03
CA ALA LA 304 -36.86 -89.39 4.04
C ALA LA 304 -36.96 -87.99 4.63
N TRP LA 305 -35.84 -87.52 5.16
CA TRP LA 305 -35.74 -86.18 5.71
C TRP LA 305 -34.30 -85.68 5.60
N LEU LA 306 -34.17 -84.36 5.60
CA LEU LA 306 -32.88 -83.67 5.52
C LEU LA 306 -32.85 -82.55 6.53
N SER LA 307 -31.89 -82.58 7.44
CA SER LA 307 -31.74 -81.53 8.44
C SER LA 307 -30.39 -80.83 8.37
N ASN LA 308 -29.29 -81.57 8.42
CA ASN LA 308 -27.95 -81.01 8.47
C ASN LA 308 -27.08 -81.61 7.37
N GLU LA 309 -27.60 -81.60 6.15
CA GLU LA 309 -26.94 -82.18 4.99
C GLU LA 309 -26.69 -83.67 5.17
N LYS LA 310 -27.42 -84.29 6.09
CA LYS LA 310 -27.36 -85.72 6.33
C LYS LA 310 -28.75 -86.29 6.13
N MET LA 311 -28.84 -87.32 5.29
CA MET LA 311 -30.13 -87.89 4.96
C MET LA 311 -30.55 -88.90 6.03
N TYR LA 312 -31.80 -88.77 6.47
CA TYR LA 312 -32.40 -89.72 7.38
C TYR LA 312 -33.51 -90.46 6.63
N VAL LA 313 -33.57 -91.77 6.81
CA VAL LA 313 -34.56 -92.59 6.11
C VAL LA 313 -35.17 -93.59 7.07
N ARG LA 314 -36.50 -93.66 7.07
CA ARG LA 314 -37.25 -94.60 7.89
C ARG LA 314 -38.00 -95.55 6.99
N THR LA 315 -37.77 -96.84 7.16
CA THR LA 315 -38.39 -97.85 6.29
C THR LA 315 -38.38 -99.19 7.02
N ASN LA 316 -38.62 -100.26 6.26
CA ASN LA 316 -38.44 -101.61 6.77
C ASN LA 316 -37.75 -102.50 5.74
N LEU LA 317 -37.01 -101.89 4.82
CA LEU LA 317 -36.16 -102.62 3.89
C LEU LA 317 -34.74 -102.69 4.44
N THR LA 318 -33.78 -103.07 3.60
CA THR LA 318 -32.37 -103.08 3.97
C THR LA 318 -31.58 -102.44 2.84
N ILE LA 319 -30.77 -101.45 3.17
CA ILE LA 319 -30.08 -100.64 2.18
C ILE LA 319 -28.75 -101.27 1.83
N LEU LA 320 -28.32 -101.08 0.58
CA LEU LA 320 -27.08 -101.67 0.09
C LEU LA 320 -26.08 -100.63 -0.38
N SER LA 321 -26.47 -99.72 -1.27
CA SER LA 321 -25.50 -99.04 -2.12
C SER LA 321 -24.55 -98.10 -1.39
N PRO LA 322 -25.00 -97.01 -0.78
CA PRO LA 322 -24.07 -95.95 -0.41
C PRO LA 322 -23.50 -96.04 1.00
N GLY LA 323 -23.95 -97.00 1.82
CA GLY LA 323 -23.47 -97.08 3.18
C GLY LA 323 -24.12 -96.06 4.09
N TRP LA 324 -24.33 -96.40 5.35
CA TRP LA 324 -24.99 -95.50 6.29
C TRP LA 324 -24.11 -95.30 7.52
N LEU LA 325 -24.31 -94.16 8.18
CA LEU LA 325 -23.52 -93.81 9.34
C LEU LA 325 -24.11 -94.32 10.65
N ALA LA 326 -25.41 -94.50 10.73
CA ALA LA 326 -26.00 -95.01 11.95
C ALA LA 326 -27.33 -95.68 11.65
N SER LA 327 -27.64 -96.72 12.41
CA SER LA 327 -28.85 -97.50 12.22
C SER LA 327 -29.54 -97.76 13.55
N MET LA 328 -30.87 -97.62 13.53
CA MET LA 328 -31.71 -97.84 14.70
C MET LA 328 -32.80 -98.84 14.36
N THR LA 329 -33.09 -99.73 15.30
CA THR LA 329 -34.04 -100.80 15.10
C THR LA 329 -35.16 -100.69 16.12
N SER LA 330 -36.40 -100.81 15.64
CA SER LA 330 -37.55 -100.80 16.52
C SER LA 330 -37.79 -102.19 17.09
N ALA LA 331 -38.74 -102.28 18.03
CA ALA LA 331 -39.17 -103.58 18.52
C ALA LA 331 -39.80 -104.40 17.41
N ASP LA 332 -40.42 -103.74 16.43
CA ASP LA 332 -41.08 -104.43 15.33
C ASP LA 332 -40.19 -104.60 14.12
N GLY LA 333 -38.91 -104.23 14.21
CA GLY LA 333 -38.00 -104.35 13.09
C GLY LA 333 -37.98 -103.17 12.14
N THR LA 334 -38.78 -102.14 12.39
CA THR LA 334 -38.68 -100.93 11.58
C THR LA 334 -37.29 -100.32 11.72
N HIS LA 335 -36.69 -99.98 10.59
CA HIS LA 335 -35.32 -99.51 10.56
C HIS LA 335 -35.26 -98.03 10.26
N ALA LA 336 -34.33 -97.34 10.92
CA ALA LA 336 -34.02 -95.95 10.65
C ALA LA 336 -32.53 -95.82 10.38
N TYR LA 337 -32.18 -95.02 9.38
CA TYR LA 337 -30.79 -94.87 8.96
C TYR LA 337 -30.44 -93.39 8.85
N GLU LA 338 -29.27 -93.04 9.36
CA GLU LA 338 -28.66 -91.74 9.12
C GLU LA 338 -27.41 -91.94 8.28
N MET LA 339 -27.31 -91.20 7.19
CA MET LA 339 -26.23 -91.43 6.23
C MET LA 339 -25.95 -90.14 5.47
N GLN LA 340 -24.93 -90.20 4.61
CA GLN LA 340 -24.61 -89.11 3.72
C GLN LA 340 -25.72 -88.92 2.68
N LYS LA 341 -25.82 -87.72 2.14
CA LYS LA 341 -26.82 -87.43 1.14
C LYS LA 341 -26.55 -88.23 -0.13
N SER LA 342 -27.62 -88.75 -0.72
CA SER LA 342 -27.50 -89.56 -1.94
C SER LA 342 -28.81 -89.56 -2.71
N PRO LA 343 -28.80 -89.17 -3.98
CA PRO LA 343 -30.03 -89.17 -4.77
C PRO LA 343 -30.61 -90.55 -5.01
N VAL LA 344 -29.82 -91.61 -4.85
CA VAL LA 344 -30.27 -92.96 -5.17
C VAL LA 344 -29.94 -93.90 -4.02
N LEU LA 345 -30.64 -95.04 -4.01
CA LEU LA 345 -30.43 -96.08 -3.01
C LEU LA 345 -30.63 -97.44 -3.65
N LEU LA 346 -30.09 -98.46 -3.01
CA LEU LA 346 -30.26 -99.83 -3.47
C LEU LA 346 -30.64 -100.70 -2.28
N VAL LA 347 -31.68 -101.51 -2.44
CA VAL LA 347 -32.21 -102.31 -1.34
C VAL LA 347 -32.45 -103.73 -1.80
N SER LA 348 -32.60 -104.62 -0.82
CA SER LA 348 -33.03 -105.98 -1.06
C SER LA 348 -34.43 -106.15 -0.49
N TRP LA 349 -35.33 -106.70 -1.30
CA TRP LA 349 -36.73 -106.81 -0.90
C TRP LA 349 -37.01 -108.15 -0.25
N HIS LA 350 -36.84 -109.23 -1.00
CA HIS LA 350 -36.98 -110.59 -0.48
C HIS LA 350 -35.89 -111.46 -1.08
N GLY LA 351 -34.66 -110.95 -1.06
CA GLY LA 351 -33.57 -111.53 -1.80
C GLY LA 351 -33.46 -111.03 -3.22
N LYS LA 352 -34.31 -110.08 -3.62
CA LYS LA 352 -34.31 -109.51 -4.96
C LYS LA 352 -33.91 -108.04 -4.86
N VAL LA 353 -33.12 -107.59 -5.81
CA VAL LA 353 -32.52 -106.25 -5.76
C VAL LA 353 -33.51 -105.24 -6.32
N MET LA 354 -33.51 -104.04 -5.72
CA MET LA 354 -34.44 -102.99 -6.09
C MET LA 354 -33.74 -101.64 -5.98
N GLN LA 355 -34.05 -100.75 -6.91
CA GLN LA 355 -33.53 -99.38 -6.91
C GLN LA 355 -34.49 -98.45 -6.20
N LEU LA 356 -33.96 -97.32 -5.74
CA LEU LA 356 -34.75 -96.28 -5.08
C LEU LA 356 -34.29 -94.92 -5.57
N LYS LA 357 -35.23 -94.12 -6.06
CA LYS LA 357 -34.95 -92.78 -6.55
C LYS LA 357 -35.41 -91.76 -5.53
N VAL LA 358 -34.53 -90.82 -5.19
CA VAL LA 358 -34.79 -89.80 -4.18
C VAL LA 358 -34.75 -88.44 -4.85
N GLU LA 359 -35.67 -87.56 -4.46
CA GLU LA 359 -35.85 -86.27 -5.10
C GLU LA 359 -35.83 -85.17 -4.06
N GLY LA 360 -35.53 -83.96 -4.51
CA GLY LA 360 -35.49 -82.81 -3.63
C GLY LA 360 -34.18 -82.63 -2.88
N LEU LA 361 -33.14 -83.37 -3.22
CA LEU LA 361 -31.86 -83.21 -2.57
C LEU LA 361 -31.15 -81.98 -3.12
N VAL MA 38 -73.60 -66.24 12.96
CA VAL MA 38 -75.05 -66.21 12.86
C VAL MA 38 -75.56 -66.84 11.54
N PRO MA 39 -75.11 -66.33 10.38
CA PRO MA 39 -75.68 -66.86 9.12
C PRO MA 39 -75.47 -68.34 8.93
N LYS MA 40 -74.33 -68.87 9.35
CA LYS MA 40 -74.06 -70.30 9.22
C LYS MA 40 -74.52 -71.09 10.44
N LEU MA 41 -74.91 -70.43 11.52
CA LEU MA 41 -75.47 -71.14 12.66
C LEU MA 41 -76.81 -71.74 12.27
N PRO MA 42 -77.09 -72.98 12.68
CA PRO MA 42 -78.34 -73.62 12.28
C PRO MA 42 -79.55 -72.84 12.77
N CYS MA 43 -80.56 -72.74 11.90
CA CYS MA 43 -81.79 -72.05 12.26
C CYS MA 43 -82.58 -72.85 13.30
N ARG MA 44 -82.70 -74.15 13.08
CA ARG MA 44 -83.44 -75.03 13.99
C ARG MA 44 -82.62 -76.29 14.21
N VAL MA 45 -83.11 -77.16 15.10
CA VAL MA 45 -82.46 -78.44 15.30
C VAL MA 45 -82.73 -79.33 14.09
N ASP MA 46 -81.66 -79.92 13.55
CA ASP MA 46 -81.76 -80.66 12.31
C ASP MA 46 -82.65 -81.89 12.49
N GLY MA 47 -83.26 -82.31 11.39
CA GLY MA 47 -84.16 -83.45 11.43
C GLY MA 47 -85.35 -83.24 12.35
N ALA MA 48 -85.97 -82.06 12.28
CA ALA MA 48 -87.11 -81.77 13.13
C ALA MA 48 -88.06 -80.83 12.41
N CYS MA 49 -89.34 -81.19 12.38
CA CYS MA 49 -90.38 -80.36 11.79
C CYS MA 49 -91.63 -80.53 12.62
N ASP MA 50 -92.14 -79.42 13.17
CA ASP MA 50 -93.30 -79.48 14.05
C ASP MA 50 -94.53 -80.00 13.31
N ALA MA 51 -94.70 -79.58 12.07
CA ALA MA 51 -95.83 -80.09 11.28
C ALA MA 51 -95.72 -81.59 11.10
N THR MA 52 -94.53 -82.09 10.81
CA THR MA 52 -94.31 -83.52 10.71
C THR MA 52 -94.65 -84.21 12.02
N ILE MA 53 -94.21 -83.62 13.14
CA ILE MA 53 -94.46 -84.20 14.45
C ILE MA 53 -95.96 -84.35 14.68
N ILE MA 54 -96.71 -83.28 14.46
CA ILE MA 54 -98.15 -83.31 14.69
C ILE MA 54 -98.81 -84.30 13.75
N LYS MA 55 -98.41 -84.29 12.47
CA LYS MA 55 -99.02 -85.19 11.50
C LYS MA 55 -98.83 -86.65 11.90
N MET MA 56 -97.60 -87.02 12.23
CA MET MA 56 -97.33 -88.42 12.55
C MET MA 56 -97.96 -88.81 13.89
N MET MA 57 -98.03 -87.86 14.84
CA MET MA 57 -98.73 -88.16 16.09
C MET MA 57 -100.21 -88.46 15.82
N THR MA 58 -100.84 -87.65 14.97
CA THR MA 58 -102.23 -87.90 14.60
C THR MA 58 -102.35 -89.25 13.91
N ASP MA 59 -101.41 -89.57 13.03
CA ASP MA 59 -101.47 -90.85 12.32
C ASP MA 59 -101.40 -92.02 13.29
N LEU MA 60 -100.47 -91.95 14.25
CA LEU MA 60 -100.35 -93.03 15.23
C LEU MA 60 -101.61 -93.13 16.07
N ASN MA 61 -102.14 -92.00 16.52
CA ASN MA 61 -103.33 -92.05 17.37
C ASN MA 61 -104.51 -92.62 16.61
N LYS MA 62 -104.70 -92.23 15.35
CA LYS MA 62 -105.79 -92.78 14.57
C LYS MA 62 -105.55 -94.24 14.20
N LYS MA 63 -104.30 -94.68 14.15
CA LYS MA 63 -104.01 -96.09 13.96
C LYS MA 63 -104.16 -96.88 15.25
N GLY MA 64 -104.31 -96.20 16.39
CA GLY MA 64 -104.65 -96.84 17.64
C GLY MA 64 -103.54 -96.92 18.65
N ILE MA 65 -102.29 -96.72 18.23
CA ILE MA 65 -101.19 -96.68 19.18
C ILE MA 65 -101.33 -95.44 20.05
N LYS MA 66 -101.29 -95.64 21.37
CA LYS MA 66 -101.62 -94.55 22.28
C LYS MA 66 -100.44 -93.61 22.45
N VAL MA 67 -100.69 -92.32 22.27
CA VAL MA 67 -99.71 -91.27 22.52
C VAL MA 67 -100.30 -90.32 23.55
N ALA MA 68 -99.54 -90.02 24.60
CA ALA MA 68 -100.00 -89.16 25.67
C ALA MA 68 -98.92 -88.14 26.00
N SER MA 69 -99.36 -86.90 26.19
CA SER MA 69 -98.46 -85.77 26.45
C SER MA 69 -98.97 -84.96 27.63
N VAL MA 70 -98.05 -84.54 28.48
CA VAL MA 70 -98.34 -83.65 29.60
C VAL MA 70 -97.05 -82.96 30.00
N GLY MA 71 -97.10 -81.64 30.16
CA GLY MA 71 -95.88 -80.88 30.38
C GLY MA 71 -94.90 -81.07 29.25
N GLN MA 72 -93.83 -81.82 29.52
CA GLN MA 72 -92.93 -82.29 28.47
C GLN MA 72 -92.64 -83.77 28.61
N ASN MA 73 -93.44 -84.49 29.37
CA ASN MA 73 -93.27 -85.94 29.54
C ASN MA 73 -94.21 -86.66 28.59
N TYR MA 74 -93.64 -87.51 27.75
CA TYR MA 74 -94.40 -88.21 26.72
C TYR MA 74 -94.40 -89.71 27.01
N LEU MA 75 -95.56 -90.32 26.78
CA LEU MA 75 -95.76 -91.76 26.97
C LEU MA 75 -96.42 -92.35 25.73
N ILE MA 76 -95.98 -93.55 25.36
CA ILE MA 76 -96.52 -94.27 24.21
C ILE MA 76 -96.88 -95.69 24.64
N SER MA 77 -98.04 -96.15 24.22
CA SER MA 77 -98.53 -97.48 24.56
C SER MA 77 -98.87 -98.25 23.29
N ILE MA 78 -98.47 -99.52 23.27
CA ILE MA 78 -98.71 -100.40 22.12
C ILE MA 78 -99.21 -101.75 22.61
N PRO MA 79 -100.36 -102.21 22.14
CA PRO MA 79 -100.82 -103.56 22.52
C PRO MA 79 -99.87 -104.63 22.03
N ALA MA 80 -99.60 -105.61 22.90
CA ALA MA 80 -98.66 -106.68 22.57
C ALA MA 80 -99.15 -107.57 21.45
N SER MA 81 -100.47 -107.60 21.21
CA SER MA 81 -101.01 -108.43 20.13
C SER MA 81 -100.49 -107.98 18.78
N ALA MA 82 -100.40 -106.68 18.54
CA ALA MA 82 -99.91 -106.17 17.27
C ALA MA 82 -98.39 -106.30 17.14
N LEU MA 83 -97.71 -106.85 18.13
CA LEU MA 83 -96.26 -106.96 18.10
C LEU MA 83 -95.77 -108.40 18.11
N PHE MA 84 -96.17 -109.20 19.07
CA PHE MA 84 -95.57 -110.50 19.29
C PHE MA 84 -96.52 -111.62 18.89
N ALA MA 85 -96.00 -112.84 19.00
CA ALA MA 85 -96.80 -114.04 18.75
C ALA MA 85 -97.62 -114.35 20.00
N ASP MA 86 -98.20 -115.55 20.04
CA ASP MA 86 -99.03 -115.95 21.17
C ASP MA 86 -98.14 -116.20 22.39
N GLN MA 87 -97.96 -115.17 23.21
CA GLN MA 87 -97.13 -115.24 24.41
C GLN MA 87 -95.70 -115.63 24.10
N SER MA 88 -95.21 -115.25 22.92
CA SER MA 88 -93.86 -115.60 22.52
C SER MA 88 -93.01 -114.35 22.31
N PRO MA 89 -91.75 -114.38 22.72
CA PRO MA 89 -90.84 -113.25 22.51
C PRO MA 89 -90.19 -113.25 21.13
N ARG MA 90 -91.01 -113.44 20.10
CA ARG MA 90 -90.54 -113.43 18.72
C ARG MA 90 -91.42 -112.46 17.94
N LEU MA 91 -90.90 -111.27 17.68
CA LEU MA 91 -91.68 -110.24 17.02
C LEU MA 91 -92.11 -110.69 15.63
N ASN MA 92 -93.33 -110.31 15.26
CA ASN MA 92 -93.84 -110.62 13.93
C ASN MA 92 -93.10 -109.80 12.88
N TRP MA 93 -92.93 -110.41 11.70
CA TRP MA 93 -92.15 -109.77 10.65
C TRP MA 93 -92.76 -108.45 10.21
N ALA MA 94 -94.09 -108.40 10.07
CA ALA MA 94 -94.74 -107.21 9.58
C ALA MA 94 -94.60 -106.02 10.51
N SER MA 95 -94.33 -106.25 11.80
CA SER MA 95 -94.23 -105.17 12.77
C SER MA 95 -93.01 -104.28 12.57
N TYR MA 96 -92.08 -104.67 11.69
CA TYR MA 96 -90.89 -103.87 11.49
C TYR MA 96 -91.23 -102.51 10.90
N SER MA 97 -92.27 -102.43 10.08
CA SER MA 97 -92.71 -101.13 9.58
C SER MA 97 -93.16 -100.23 10.73
N LEU MA 98 -93.93 -100.80 11.67
CA LEU MA 98 -94.37 -100.03 12.82
C LEU MA 98 -93.18 -99.57 13.66
N LEU MA 99 -92.20 -100.45 13.84
CA LEU MA 99 -91.01 -100.06 14.59
C LEU MA 99 -90.26 -98.94 13.88
N ASN MA 100 -90.15 -99.03 12.55
CA ASN MA 100 -89.53 -97.97 11.79
C ASN MA 100 -90.25 -96.65 12.00
N GLU MA 101 -91.59 -96.69 11.94
CA GLU MA 101 -92.37 -95.46 12.11
C GLU MA 101 -92.18 -94.86 13.49
N ILE MA 102 -92.20 -95.70 14.53
CA ILE MA 102 -92.10 -95.17 15.87
C ILE MA 102 -90.71 -94.61 16.12
N ALA MA 103 -89.67 -95.26 15.60
CA ALA MA 103 -88.33 -94.72 15.73
C ALA MA 103 -88.20 -93.40 14.96
N ALA MA 104 -88.83 -93.32 13.78
CA ALA MA 104 -88.80 -92.09 13.01
C ALA MA 104 -89.44 -90.96 13.79
N PHE MA 105 -90.56 -91.24 14.47
CA PHE MA 105 -91.14 -90.23 15.35
C PHE MA 105 -90.19 -89.86 16.48
N LEU MA 106 -89.56 -90.87 17.09
CA LEU MA 106 -88.69 -90.60 18.24
C LEU MA 106 -87.51 -89.72 17.87
N LYS MA 107 -87.08 -89.78 16.61
CA LYS MA 107 -85.85 -89.07 16.24
C LYS MA 107 -85.96 -87.55 16.32
N GLN MA 108 -87.15 -86.97 16.46
CA GLN MA 108 -87.25 -85.53 16.46
C GLN MA 108 -87.00 -84.89 17.82
N PHE MA 109 -86.76 -85.66 18.86
CA PHE MA 109 -86.68 -85.13 20.21
C PHE MA 109 -85.29 -85.30 20.78
N ARG MA 110 -84.69 -84.20 21.20
CA ARG MA 110 -83.45 -84.26 21.97
C ARG MA 110 -83.75 -84.77 23.36
N LYS MA 111 -83.22 -85.94 23.69
CA LYS MA 111 -83.62 -86.65 24.90
C LYS MA 111 -82.37 -87.09 25.66
N ILE MA 112 -82.59 -87.60 26.86
CA ILE MA 112 -81.50 -88.07 27.70
C ILE MA 112 -81.72 -89.53 28.08
N ALA MA 113 -82.84 -89.80 28.76
CA ALA MA 113 -83.15 -91.12 29.25
C ALA MA 113 -84.50 -91.57 28.70
N ILE MA 114 -84.59 -92.85 28.36
CA ILE MA 114 -85.82 -93.45 27.83
C ILE MA 114 -86.07 -94.75 28.58
N THR MA 115 -87.30 -94.95 29.03
CA THR MA 115 -87.67 -96.16 29.73
C THR MA 115 -88.68 -96.94 28.91
N VAL MA 116 -88.46 -98.25 28.79
CA VAL MA 116 -89.39 -99.14 28.10
C VAL MA 116 -89.75 -100.27 29.06
N THR MA 117 -91.04 -100.43 29.32
CA THR MA 117 -91.51 -101.48 30.20
C THR MA 117 -92.62 -102.27 29.51
N SER MA 118 -92.84 -103.48 30.01
CA SER MA 118 -93.81 -104.38 29.44
C SER MA 118 -94.77 -104.89 30.50
N TYR MA 119 -96.01 -105.08 30.09
CA TYR MA 119 -97.05 -105.67 30.92
C TYR MA 119 -97.67 -106.83 30.16
N SER MA 120 -98.17 -107.82 30.90
CA SER MA 120 -98.70 -109.03 30.28
C SER MA 120 -99.92 -109.48 31.06
N SER MA 121 -100.36 -110.71 30.80
CA SER MA 121 -101.42 -111.37 31.53
C SER MA 121 -100.86 -112.57 32.29
N LYS MA 122 -101.61 -113.00 33.29
CA LYS MA 122 -101.22 -114.16 34.09
C LYS MA 122 -101.50 -115.43 33.32
N TYR MA 123 -100.45 -116.19 33.02
CA TYR MA 123 -100.58 -117.35 32.14
C TYR MA 123 -100.29 -118.67 32.84
N VAL MA 124 -99.11 -118.85 33.43
CA VAL MA 124 -98.79 -120.12 34.07
C VAL MA 124 -98.31 -119.87 35.50
N SER MA 125 -97.33 -119.00 35.64
CA SER MA 125 -96.74 -118.67 36.94
C SER MA 125 -96.57 -117.16 36.95
N VAL MA 126 -95.71 -116.66 37.84
CA VAL MA 126 -95.30 -115.27 37.77
C VAL MA 126 -94.00 -115.12 37.01
N LYS MA 127 -93.04 -116.00 37.28
CA LYS MA 127 -91.72 -115.89 36.68
C LYS MA 127 -91.77 -116.08 35.17
N ARG MA 128 -92.68 -116.93 34.70
CA ARG MA 128 -92.81 -117.18 33.27
C ARG MA 128 -93.04 -115.88 32.52
N GLU MA 129 -94.16 -115.22 32.80
CA GLU MA 129 -94.48 -114.00 32.05
C GLU MA 129 -93.57 -112.86 32.44
N ARG MA 130 -93.00 -112.87 33.65
CA ARG MA 130 -92.01 -111.83 33.97
C ARG MA 130 -90.80 -111.94 33.05
N ALA MA 131 -90.28 -113.15 32.87
CA ALA MA 131 -89.18 -113.36 31.95
C ALA MA 131 -89.59 -113.04 30.52
N LEU MA 132 -90.81 -113.42 30.14
CA LEU MA 132 -91.30 -113.11 28.80
C LEU MA 132 -91.29 -111.61 28.54
N THR MA 133 -91.85 -110.85 29.48
CA THR MA 133 -91.86 -109.39 29.34
C THR MA 133 -90.45 -108.84 29.31
N LEU MA 134 -89.56 -109.36 30.15
CA LEU MA 134 -88.19 -108.89 30.15
C LEU MA 134 -87.52 -109.12 28.81
N ALA MA 135 -87.71 -110.30 28.24
CA ALA MA 135 -87.12 -110.61 26.94
C ALA MA 135 -87.69 -109.70 25.85
N ARG MA 136 -89.00 -109.49 25.86
CA ARG MA 136 -89.62 -108.63 24.86
C ARG MA 136 -89.07 -107.22 24.94
N SER MA 137 -88.98 -106.70 26.16
CA SER MA 137 -88.43 -105.36 26.36
C SER MA 137 -86.97 -105.30 25.91
N ARG MA 138 -86.21 -106.35 26.20
CA ARG MA 138 -84.82 -106.38 25.76
C ARG MA 138 -84.72 -106.31 24.25
N VAL MA 139 -85.55 -107.08 23.55
CA VAL MA 139 -85.49 -107.12 22.10
C VAL MA 139 -85.85 -105.77 21.50
N VAL MA 140 -86.94 -105.17 21.98
CA VAL MA 140 -87.35 -103.89 21.42
C VAL MA 140 -86.31 -102.81 21.74
N SER MA 141 -85.74 -102.85 22.95
CA SER MA 141 -84.69 -101.90 23.30
C SER MA 141 -83.48 -102.06 22.40
N GLU MA 142 -83.10 -103.30 22.12
CA GLU MA 142 -81.95 -103.55 21.25
C GLU MA 142 -82.21 -102.99 19.86
N TYR MA 143 -83.40 -103.22 19.32
CA TYR MA 143 -83.70 -102.71 17.98
C TYR MA 143 -83.67 -101.19 17.98
N LEU MA 144 -84.24 -100.56 19.01
CA LEU MA 144 -84.21 -99.10 19.07
C LEU MA 144 -82.79 -98.59 19.17
N TRP MA 145 -81.95 -99.23 19.98
CA TRP MA 145 -80.57 -98.81 20.12
C TRP MA 145 -79.83 -98.94 18.79
N SER MA 146 -80.13 -100.00 18.04
CA SER MA 146 -79.60 -100.12 16.69
C SER MA 146 -80.06 -98.94 15.84
N GLN MA 147 -81.33 -98.55 15.98
CA GLN MA 147 -81.81 -97.38 15.27
C GLN MA 147 -81.18 -96.12 15.85
N GLY MA 148 -81.12 -95.08 15.03
CA GLY MA 148 -80.47 -93.85 15.42
C GLY MA 148 -81.32 -92.93 16.26
N VAL MA 149 -81.56 -93.31 17.52
CA VAL MA 149 -82.29 -92.47 18.46
C VAL MA 149 -81.26 -91.98 19.49
N ASP MA 150 -80.85 -90.72 19.33
CA ASP MA 150 -79.79 -90.19 20.19
C ASP MA 150 -80.29 -89.98 21.60
N SER MA 151 -79.95 -90.91 22.50
CA SER MA 151 -80.16 -90.73 23.92
C SER MA 151 -78.85 -90.98 24.64
N ARG MA 152 -78.90 -90.91 25.97
CA ARG MA 152 -77.79 -91.31 26.81
C ARG MA 152 -78.06 -92.61 27.55
N ILE MA 153 -79.27 -92.80 28.05
CA ILE MA 153 -79.61 -93.95 28.87
C ILE MA 153 -80.92 -94.56 28.36
N ILE MA 154 -80.96 -95.89 28.29
CA ILE MA 154 -82.20 -96.59 28.03
C ILE MA 154 -82.35 -97.69 29.08
N PHE MA 155 -83.42 -97.60 29.85
CA PHE MA 155 -83.78 -98.62 30.81
C PHE MA 155 -84.89 -99.49 30.23
N THR MA 156 -84.85 -100.78 30.56
CA THR MA 156 -85.82 -101.72 30.03
C THR MA 156 -86.20 -102.73 31.10
N GLN MA 157 -87.50 -103.00 31.19
CA GLN MA 157 -87.99 -103.98 32.16
C GLN MA 157 -89.40 -104.42 31.79
N GLY MA 158 -89.80 -105.54 32.38
CA GLY MA 158 -91.14 -106.07 32.16
C GLY MA 158 -91.68 -106.75 33.40
N LEU MA 159 -92.90 -106.40 33.81
CA LEU MA 159 -93.44 -106.83 35.09
C LEU MA 159 -94.68 -107.71 34.94
N GLY MA 160 -94.83 -108.39 33.81
CA GLY MA 160 -95.90 -109.36 33.67
C GLY MA 160 -97.28 -108.74 33.83
N SER MA 161 -98.08 -109.31 34.73
CA SER MA 161 -99.44 -108.86 34.99
C SER MA 161 -99.58 -108.30 36.40
N ASP MA 162 -98.59 -107.52 36.83
CA ASP MA 162 -98.56 -106.97 38.17
C ASP MA 162 -99.02 -105.53 38.26
N LYS MA 163 -99.43 -104.93 37.15
CA LYS MA 163 -99.98 -103.57 37.13
C LYS MA 163 -101.25 -103.54 36.29
N PRO MA 164 -102.31 -104.19 36.75
CA PRO MA 164 -103.56 -104.18 35.99
C PRO MA 164 -104.15 -102.79 35.89
N ILE MA 165 -104.84 -102.54 34.77
CA ILE MA 165 -105.51 -101.27 34.55
C ILE MA 165 -106.98 -101.44 34.18
N THR MA 166 -107.47 -102.67 34.07
CA THR MA 166 -108.86 -102.90 33.71
C THR MA 166 -109.34 -104.20 34.33
N SER MA 167 -110.58 -104.19 34.83
CA SER MA 167 -111.15 -105.39 35.42
C SER MA 167 -111.30 -106.51 34.40
N TYR MA 168 -111.59 -106.16 33.15
CA TYR MA 168 -111.76 -107.16 32.10
C TYR MA 168 -110.45 -107.89 31.86
N THR MA 169 -110.41 -109.17 32.19
CA THR MA 169 -109.24 -110.01 31.97
C THR MA 169 -109.60 -111.29 31.23
N LEU MA 170 -110.68 -111.23 30.44
CA LEU MA 170 -111.16 -112.44 29.76
C LEU MA 170 -110.15 -112.92 28.72
N GLY MA 171 -109.70 -112.03 27.85
CA GLY MA 171 -108.78 -112.41 26.81
C GLY MA 171 -107.39 -112.67 27.33
N GLY MA 172 -106.57 -113.25 26.46
CA GLY MA 172 -105.18 -113.51 26.80
C GLY MA 172 -104.27 -112.42 26.30
N ASP MA 173 -103.52 -112.69 25.23
CA ASP MA 173 -102.70 -111.66 24.62
C ASP MA 173 -103.53 -110.55 23.99
N ARG MA 174 -104.84 -110.76 23.82
CA ARG MA 174 -105.70 -109.73 23.27
C ARG MA 174 -106.14 -108.72 24.31
N SER MA 175 -105.93 -109.01 25.59
CA SER MA 175 -106.35 -108.09 26.64
C SER MA 175 -105.56 -106.78 26.56
N PRO MA 176 -106.23 -105.64 26.72
CA PRO MA 176 -105.52 -104.36 26.55
C PRO MA 176 -104.37 -104.15 27.51
N ASN MA 177 -104.48 -104.67 28.74
CA ASN MA 177 -103.42 -104.44 29.72
C ASN MA 177 -102.10 -105.08 29.29
N ALA MA 178 -102.16 -106.23 28.64
CA ALA MA 178 -100.96 -106.85 28.09
C ALA MA 178 -100.46 -106.00 26.92
N ARG MA 179 -99.35 -105.31 27.13
CA ARG MA 179 -98.91 -104.29 26.19
C ARG MA 179 -97.46 -103.92 26.50
N VAL MA 180 -96.95 -102.93 25.78
CA VAL MA 180 -95.65 -102.33 26.05
C VAL MA 180 -95.83 -100.83 26.11
N GLU MA 181 -94.93 -100.17 26.83
CA GLU MA 181 -95.03 -98.73 27.01
C GLU MA 181 -93.65 -98.11 27.09
N ILE MA 182 -93.56 -96.89 26.56
CA ILE MA 182 -92.32 -96.12 26.51
C ILE MA 182 -92.58 -94.77 27.18
N THR MA 183 -91.70 -94.39 28.08
CA THR MA 183 -91.77 -93.12 28.77
C THR MA 183 -90.50 -92.33 28.55
N PHE MA 184 -90.63 -91.02 28.36
CA PHE MA 184 -89.45 -90.17 28.35
C PHE MA 184 -89.87 -88.74 28.66
N ARG MA 185 -88.88 -87.91 28.95
CA ARG MA 185 -89.08 -86.50 29.23
C ARG MA 185 -88.22 -85.67 28.29
N ARG MA 186 -88.84 -84.72 27.60
CA ARG MA 186 -88.12 -83.83 26.70
C ARG MA 186 -87.19 -82.93 27.50
N ALA MA 187 -86.02 -82.67 26.93
CA ALA MA 187 -85.00 -81.86 27.57
C ALA MA 187 -84.98 -80.47 26.94
N VAL MA 188 -84.94 -79.45 27.78
CA VAL MA 188 -84.89 -78.06 27.34
C VAL MA 188 -86.06 -77.73 26.42
N CYS NA 42 -97.98 -117.77 1.80
CA CYS NA 42 -97.09 -117.81 0.63
C CYS NA 42 -95.67 -118.18 1.05
N PHE NA 43 -95.08 -117.34 1.90
CA PHE NA 43 -93.71 -117.52 2.34
C PHE NA 43 -93.45 -116.59 3.51
N HIS NA 44 -92.51 -116.99 4.37
CA HIS NA 44 -92.09 -116.17 5.48
C HIS NA 44 -90.61 -115.84 5.33
N PRO NA 45 -90.26 -114.57 5.24
CA PRO NA 45 -88.84 -114.19 5.15
C PRO NA 45 -88.02 -114.74 6.30
N PRO NA 46 -88.57 -114.79 7.54
CA PRO NA 46 -87.76 -115.47 8.56
C PRO NA 46 -87.81 -117.00 8.44
N TYR NA 47 -87.06 -117.51 7.46
CA TYR NA 47 -86.77 -118.94 7.30
C TYR NA 47 -88.02 -119.77 7.02
N ASN NA 48 -89.12 -119.12 6.66
CA ASN NA 48 -90.36 -119.82 6.31
C ASN NA 48 -90.77 -120.80 7.40
N ASN NA 49 -90.51 -120.42 8.65
CA ASN NA 49 -90.88 -121.23 9.82
C ASN NA 49 -90.30 -122.63 9.73
N PHE NA 50 -89.08 -122.73 9.19
CA PHE NA 50 -88.38 -124.00 9.05
C PHE NA 50 -89.19 -125.01 8.24
N GLN NA 51 -89.91 -124.54 7.23
CA GLN NA 51 -90.67 -125.47 6.44
C GLN NA 51 -90.10 -125.56 5.03
N PRO NA 52 -90.17 -126.73 4.40
CA PRO NA 52 -89.61 -126.88 3.05
C PRO NA 52 -90.27 -125.92 2.07
N ASP NA 53 -89.47 -125.36 1.17
CA ASP NA 53 -89.94 -124.38 0.22
C ASP NA 53 -90.88 -125.02 -0.81
N ARG NA 54 -91.96 -124.31 -1.12
CA ARG NA 54 -92.85 -124.68 -2.21
C ARG NA 54 -92.95 -123.46 -3.14
N ARG NA 55 -92.02 -123.40 -4.08
CA ARG NA 55 -91.90 -122.32 -5.04
C ARG NA 55 -92.35 -122.72 -6.44
N ALA NA 56 -92.17 -123.99 -6.79
CA ALA NA 56 -92.59 -124.49 -8.09
C ALA NA 56 -94.11 -124.39 -8.24
N VAL NA 57 -94.86 -124.73 -7.20
CA VAL NA 57 -96.32 -124.62 -7.28
C VAL NA 57 -96.74 -123.17 -7.50
N LYS NA 58 -96.10 -122.25 -6.77
CA LYS NA 58 -96.40 -120.83 -6.95
C LYS NA 58 -96.15 -120.40 -8.39
N ARG NA 59 -94.99 -120.78 -8.94
CA ARG NA 59 -94.67 -120.35 -10.29
C ARG NA 59 -95.59 -120.95 -11.32
N VAL NA 60 -95.91 -122.25 -11.19
CA VAL NA 60 -96.79 -122.86 -12.17
C VAL NA 60 -98.20 -122.28 -12.07
N GLY NA 61 -98.64 -121.94 -10.86
CA GLY NA 61 -99.94 -121.30 -10.73
C GLY NA 61 -99.98 -119.93 -11.38
N VAL NA 62 -98.95 -119.11 -11.10
CA VAL NA 62 -98.96 -117.76 -11.66
C VAL NA 62 -98.71 -117.77 -13.16
N ASP NA 63 -98.13 -118.83 -13.70
CA ASP NA 63 -97.95 -118.94 -15.14
C ASP NA 63 -99.18 -119.48 -15.84
N THR NA 64 -99.90 -120.43 -15.22
CA THR NA 64 -101.16 -120.87 -15.78
C THR NA 64 -102.19 -119.75 -15.75
N GLY NA 65 -102.21 -118.97 -14.67
CA GLY NA 65 -103.14 -117.85 -14.56
C GLY NA 65 -102.89 -116.75 -15.58
N GLY NA 88 -98.49 -120.42 -18.82
CA GLY NA 88 -98.91 -121.77 -19.13
C GLY NA 88 -98.25 -122.82 -18.25
N GLY NA 89 -98.90 -123.98 -18.14
CA GLY NA 89 -98.34 -125.05 -17.33
C GLY NA 89 -97.00 -125.55 -17.84
N THR NA 90 -96.89 -125.69 -19.17
CA THR NA 90 -95.65 -126.19 -19.75
C THR NA 90 -94.49 -125.24 -19.49
N VAL NA 91 -94.69 -123.95 -19.77
CA VAL NA 91 -93.63 -122.99 -19.55
C VAL NA 91 -93.31 -122.85 -18.07
N GLY NA 92 -94.33 -122.93 -17.21
CA GLY NA 92 -94.07 -122.90 -15.78
C GLY NA 92 -93.20 -124.05 -15.33
N LEU NA 93 -93.53 -125.27 -15.79
CA LEU NA 93 -92.74 -126.43 -15.41
C LEU NA 93 -91.31 -126.34 -15.93
N VAL NA 94 -91.15 -125.90 -17.17
CA VAL NA 94 -89.80 -125.85 -17.73
C VAL NA 94 -88.98 -124.78 -17.04
N ALA NA 95 -89.59 -123.64 -16.72
CA ALA NA 95 -88.87 -122.61 -15.98
C ALA NA 95 -88.49 -123.09 -14.59
N SER NA 96 -89.41 -123.81 -13.93
CA SER NA 96 -89.12 -124.31 -12.59
C SER NA 96 -87.97 -125.30 -12.61
N ILE NA 97 -87.98 -126.23 -13.56
CA ILE NA 97 -86.88 -127.20 -13.60
C ILE NA 97 -85.58 -126.52 -14.00
N TYR NA 98 -85.65 -125.52 -14.88
CA TYR NA 98 -84.45 -124.78 -15.25
C TYR NA 98 -83.84 -124.08 -14.04
N ARG NA 99 -84.69 -123.47 -13.20
CA ARG NA 99 -84.15 -122.74 -12.06
C ARG NA 99 -83.71 -123.68 -10.94
N ASP NA 100 -84.39 -124.82 -10.76
CA ASP NA 100 -83.95 -125.76 -9.73
C ASP NA 100 -82.79 -126.63 -10.19
N SER NA 101 -82.42 -126.57 -11.47
CA SER NA 101 -81.21 -127.23 -11.93
C SER NA 101 -80.01 -126.72 -11.14
N LYS NA 102 -79.13 -127.65 -10.75
CA LYS NA 102 -78.01 -127.30 -9.89
C LYS NA 102 -77.13 -126.21 -10.51
N ARG NA 103 -77.04 -126.17 -11.84
CA ARG NA 103 -76.30 -125.10 -12.50
C ARG NA 103 -76.87 -123.74 -12.16
N LYS NA 104 -78.19 -123.62 -12.16
CA LYS NA 104 -78.82 -122.34 -11.85
C LYS NA 104 -78.59 -121.96 -10.39
N ILE NA 105 -78.63 -122.93 -9.48
CA ILE NA 105 -78.34 -122.65 -8.08
C ILE NA 105 -76.91 -122.18 -7.91
N ILE NA 106 -75.97 -122.81 -8.61
CA ILE NA 106 -74.58 -122.40 -8.53
C ILE NA 106 -74.42 -120.97 -9.06
N ARG NA 107 -75.09 -120.66 -10.17
CA ARG NA 107 -75.02 -119.31 -10.71
C ARG NA 107 -75.62 -118.30 -9.74
N ASP NA 108 -76.71 -118.66 -9.08
CA ASP NA 108 -77.30 -117.77 -8.08
C ASP NA 108 -76.35 -117.54 -6.91
N LEU NA 109 -75.69 -118.59 -6.45
CA LEU NA 109 -74.72 -118.43 -5.38
C LEU NA 109 -73.56 -117.55 -5.81
N GLN NA 110 -73.11 -117.70 -7.06
CA GLN NA 110 -72.06 -116.84 -7.58
C GLN NA 110 -72.53 -115.39 -7.64
N LYS NA 111 -73.79 -115.18 -8.03
CA LYS NA 111 -74.35 -113.83 -7.99
C LYS NA 111 -74.32 -113.27 -6.58
N GLN NA 112 -74.67 -114.09 -5.60
CA GLN NA 112 -74.46 -113.71 -4.21
C GLN NA 112 -72.98 -113.72 -3.89
N ASP NA 113 -72.64 -113.07 -2.78
CA ASP NA 113 -71.25 -113.02 -2.33
C ASP NA 113 -70.94 -114.26 -1.50
N ILE NA 114 -70.88 -115.39 -2.21
CA ILE NA 114 -70.65 -116.70 -1.61
C ILE NA 114 -69.81 -117.51 -2.58
N GLN NA 115 -68.80 -118.23 -2.06
CA GLN NA 115 -67.87 -118.93 -2.92
C GLN NA 115 -68.06 -120.44 -2.80
N TYR NA 116 -67.99 -121.13 -3.93
CA TYR NA 116 -68.15 -122.58 -3.99
C TYR NA 116 -67.00 -123.19 -4.76
N VAL NA 117 -66.35 -124.19 -4.17
CA VAL NA 117 -65.19 -124.84 -4.76
C VAL NA 117 -65.48 -126.33 -4.85
N GLU NA 118 -65.23 -126.91 -6.03
CA GLU NA 118 -65.37 -128.33 -6.26
C GLU NA 118 -64.03 -128.89 -6.71
N TYR NA 119 -63.55 -129.92 -6.02
CA TYR NA 119 -62.29 -130.57 -6.35
C TYR NA 119 -62.50 -132.07 -6.25
N GLY NA 120 -62.57 -132.74 -7.39
CA GLY NA 120 -62.88 -134.15 -7.41
C GLY NA 120 -64.23 -134.43 -6.78
N ASP NA 121 -64.23 -135.09 -5.63
CA ASP NA 121 -65.45 -135.33 -4.88
C ASP NA 121 -65.60 -134.40 -3.68
N THR NA 122 -64.50 -134.13 -2.96
CA THR NA 122 -64.55 -133.22 -1.84
C THR NA 122 -64.97 -131.84 -2.32
N ARG NA 123 -65.94 -131.23 -1.62
CA ARG NA 123 -66.47 -129.94 -2.04
C ARG NA 123 -66.56 -129.00 -0.84
N THR NA 124 -66.29 -127.72 -1.09
CA THR NA 124 -66.16 -126.74 -0.02
C THR NA 124 -66.94 -125.48 -0.35
N LEU NA 125 -67.32 -124.78 0.71
CA LEU NA 125 -68.09 -123.55 0.66
C LEU NA 125 -67.39 -122.48 1.50
N ILE NA 126 -67.40 -121.25 1.01
CA ILE NA 126 -66.75 -120.13 1.67
C ILE NA 126 -67.76 -119.01 1.84
N ILE NA 127 -67.87 -118.51 3.07
CA ILE NA 127 -68.87 -117.52 3.44
C ILE NA 127 -68.15 -116.32 4.05
N PRO NA 128 -68.42 -115.10 3.59
CA PRO NA 128 -67.90 -113.90 4.25
C PRO NA 128 -68.67 -113.60 5.52
N THR NA 129 -67.96 -113.58 6.64
CA THR NA 129 -68.60 -113.40 7.93
C THR NA 129 -69.30 -112.06 8.04
N ASP NA 130 -68.67 -111.00 7.55
CA ASP NA 130 -69.25 -109.68 7.66
C ASP NA 130 -70.54 -109.54 6.86
N LYS NA 131 -70.66 -110.27 5.76
CA LYS NA 131 -71.86 -110.17 4.94
C LYS NA 131 -72.96 -111.11 5.38
N TYR NA 132 -72.60 -112.26 5.97
CA TYR NA 132 -73.64 -113.16 6.45
C TYR NA 132 -73.51 -113.38 7.95
N PHE NA 133 -73.28 -112.30 8.69
CA PHE NA 133 -73.19 -112.37 10.14
C PHE NA 133 -73.51 -110.99 10.70
N MET NA 134 -73.77 -110.96 12.01
CA MET NA 134 -73.88 -109.69 12.71
C MET NA 134 -72.50 -109.29 13.23
N PHE NA 135 -72.25 -107.99 13.23
CA PHE NA 135 -70.90 -107.50 13.49
C PHE NA 135 -70.44 -107.85 14.89
N SER NA 136 -69.30 -108.55 14.97
CA SER NA 136 -68.62 -108.83 16.23
C SER NA 136 -69.55 -109.45 17.26
N SER NA 137 -70.43 -110.35 16.81
CA SER NA 137 -71.39 -110.97 17.69
C SER NA 137 -71.86 -112.27 17.07
N PRO NA 138 -72.28 -113.25 17.88
CA PRO NA 138 -72.80 -114.50 17.32
C PRO NA 138 -74.12 -114.35 16.59
N ARG NA 139 -74.73 -113.18 16.60
CA ARG NA 139 -75.98 -113.00 15.88
C ARG NA 139 -75.73 -113.02 14.37
N LEU NA 140 -76.82 -113.13 13.62
CA LEU NA 140 -76.76 -113.23 12.16
C LEU NA 140 -77.52 -112.07 11.53
N ASN NA 141 -77.11 -111.70 10.33
CA ASN NA 141 -77.90 -110.76 9.55
C ASN NA 141 -79.23 -111.40 9.18
N GLU NA 142 -80.27 -110.58 9.13
CA GLU NA 142 -81.60 -111.06 8.77
C GLU NA 142 -82.06 -110.56 7.42
N ILE NA 143 -81.14 -110.06 6.60
CA ILE NA 143 -81.48 -109.55 5.28
C ILE NA 143 -81.01 -110.49 4.19
N CYS NA 144 -79.82 -111.08 4.33
CA CYS NA 144 -79.27 -111.96 3.31
C CYS NA 144 -79.72 -113.41 3.47
N TYR NA 145 -80.89 -113.62 4.08
CA TYR NA 145 -81.42 -114.97 4.23
C TYR NA 145 -81.67 -115.72 2.92
N PRO NA 146 -81.89 -115.08 1.76
CA PRO NA 146 -81.99 -115.88 0.53
C PRO NA 146 -80.76 -116.74 0.28
N GLY NA 147 -79.58 -116.23 0.61
CA GLY NA 147 -78.38 -117.04 0.48
C GLY NA 147 -78.43 -118.28 1.33
N LEU NA 148 -78.91 -118.15 2.57
CA LEU NA 148 -79.00 -119.30 3.46
C LEU NA 148 -80.04 -120.29 2.95
N ASN NA 149 -81.15 -119.79 2.41
CA ASN NA 149 -82.16 -120.68 1.82
C ASN NA 149 -81.57 -121.46 0.67
N ASN NA 150 -80.81 -120.79 -0.19
CA ASN NA 150 -80.14 -121.48 -1.29
C ASN NA 150 -79.13 -122.48 -0.76
N VAL NA 151 -78.45 -122.15 0.33
CA VAL NA 151 -77.51 -123.07 0.95
C VAL NA 151 -78.21 -124.35 1.35
N ILE NA 152 -79.36 -124.22 2.01
CA ILE NA 152 -80.10 -125.40 2.44
C ILE NA 152 -80.58 -126.20 1.24
N ARG NA 153 -81.10 -125.50 0.22
CA ARG NA 153 -81.59 -126.19 -0.97
C ARG NA 153 -80.48 -126.98 -1.64
N LEU NA 154 -79.29 -126.39 -1.75
CA LEU NA 154 -78.16 -127.09 -2.34
C LEU NA 154 -77.75 -128.28 -1.49
N LEU NA 155 -77.62 -128.07 -0.17
CA LEU NA 155 -77.16 -129.14 0.70
C LEU NA 155 -78.14 -130.30 0.73
N ASN NA 156 -79.41 -130.07 0.38
CA ASN NA 156 -80.34 -131.18 0.26
C ASN NA 156 -79.87 -132.23 -0.75
N PHE NA 157 -79.06 -131.84 -1.73
CA PHE NA 157 -78.66 -132.76 -2.78
C PHE NA 157 -77.78 -133.90 -2.29
N TYR NA 158 -77.10 -133.75 -1.15
CA TYR NA 158 -76.14 -134.73 -0.66
C TYR NA 158 -76.56 -135.17 0.74
N PRO NA 159 -77.61 -135.98 0.84
CA PRO NA 159 -78.20 -136.24 2.16
C PRO NA 159 -77.51 -137.35 2.94
N GLN NA 160 -76.29 -137.74 2.58
CA GLN NA 160 -75.60 -138.79 3.31
C GLN NA 160 -74.18 -138.44 3.74
N SER NA 161 -73.55 -137.44 3.13
CA SER NA 161 -72.16 -137.13 3.46
C SER NA 161 -72.07 -136.32 4.75
N THR NA 162 -71.04 -136.63 5.55
CA THR NA 162 -70.78 -135.86 6.76
C THR NA 162 -70.27 -134.47 6.41
N ILE NA 163 -70.32 -133.57 7.39
CA ILE NA 163 -70.01 -132.17 7.19
C ILE NA 163 -69.01 -131.72 8.24
N TYR NA 164 -67.97 -131.02 7.80
CA TYR NA 164 -67.08 -130.29 8.69
C TYR NA 164 -67.28 -128.80 8.44
N VAL NA 165 -67.33 -128.02 9.51
CA VAL NA 165 -67.48 -126.57 9.39
C VAL NA 165 -66.53 -125.90 10.36
N ALA NA 166 -65.93 -124.80 9.92
CA ALA NA 166 -64.98 -124.08 10.73
C ALA NA 166 -65.15 -122.58 10.53
N GLY NA 167 -64.75 -121.84 11.56
CA GLY NA 167 -64.79 -120.39 11.53
C GLY NA 167 -63.39 -119.83 11.66
N PHE NA 168 -63.17 -118.65 11.05
CA PHE NA 168 -61.85 -118.05 11.04
C PHE NA 168 -61.95 -116.54 11.17
N THR NA 169 -61.03 -115.97 11.94
CA THR NA 169 -60.93 -114.54 12.19
C THR NA 169 -59.59 -114.03 11.70
N ASP NA 170 -59.31 -112.76 12.00
CA ASP NA 170 -58.07 -112.13 11.62
C ASP NA 170 -57.04 -112.32 12.74
N ASN NA 171 -55.93 -111.59 12.67
CA ASN NA 171 -54.83 -111.76 13.61
C ASN NA 171 -54.97 -110.92 14.87
N VAL NA 172 -55.54 -109.74 14.76
CA VAL NA 172 -55.49 -108.77 15.85
C VAL NA 172 -56.45 -109.19 16.97
N GLY NA 173 -55.99 -109.06 18.20
CA GLY NA 173 -56.78 -109.35 19.38
C GLY NA 173 -56.12 -110.39 20.27
N SER NA 174 -56.75 -110.62 21.41
CA SER NA 174 -56.29 -111.66 22.31
C SER NA 174 -56.46 -113.02 21.66
N ARG NA 175 -55.46 -113.89 21.86
CA ARG NA 175 -55.53 -115.24 21.30
C ARG NA 175 -56.75 -115.98 21.81
N SER NA 176 -56.94 -115.97 23.14
CA SER NA 176 -58.10 -116.64 23.73
C SER NA 176 -59.39 -116.03 23.22
N HIS NA 177 -59.44 -114.69 23.14
CA HIS NA 177 -60.64 -114.02 22.65
C HIS NA 177 -60.98 -114.47 21.24
N LYS NA 178 -59.98 -114.47 20.35
CA LYS NA 178 -60.23 -114.84 18.97
C LYS NA 178 -60.67 -116.28 18.85
N ARG NA 179 -60.02 -117.18 19.60
CA ARG NA 179 -60.41 -118.58 19.54
C ARG NA 179 -61.83 -118.77 20.02
N LYS NA 180 -62.20 -118.10 21.12
CA LYS NA 180 -63.56 -118.22 21.63
C LYS NA 180 -64.57 -117.70 20.63
N LEU NA 181 -64.28 -116.55 20.00
CA LEU NA 181 -65.21 -116.00 19.03
C LEU NA 181 -65.38 -116.90 17.83
N SER NA 182 -64.27 -117.48 17.35
CA SER NA 182 -64.35 -118.39 16.22
C SER NA 182 -65.20 -119.61 16.57
N GLN NA 183 -64.98 -120.18 17.76
CA GLN NA 183 -65.77 -121.33 18.16
C GLN NA 183 -67.24 -120.97 18.28
N ALA NA 184 -67.54 -119.80 18.83
CA ALA NA 184 -68.93 -119.39 18.98
C ALA NA 184 -69.60 -119.26 17.62
N GLN NA 185 -68.94 -118.60 16.67
CA GLN NA 185 -69.55 -118.41 15.36
C GLN NA 185 -69.75 -119.75 14.67
N ALA NA 186 -68.76 -120.64 14.73
CA ALA NA 186 -68.91 -121.95 14.11
C ALA NA 186 -70.05 -122.73 14.74
N GLU NA 187 -70.16 -122.67 16.07
CA GLU NA 187 -71.24 -123.37 16.75
C GLU NA 187 -72.60 -122.83 16.34
N THR NA 188 -72.71 -121.51 16.22
CA THR NA 188 -73.98 -120.92 15.79
C THR NA 188 -74.34 -121.39 14.39
N MET NA 189 -73.35 -121.40 13.48
CA MET NA 189 -73.62 -121.83 12.12
C MET NA 189 -74.09 -123.29 12.08
N MET NA 190 -73.38 -124.18 12.78
CA MET NA 190 -73.75 -125.58 12.76
C MET NA 190 -75.11 -125.79 13.40
N THR NA 191 -75.40 -125.04 14.46
CA THR NA 191 -76.70 -125.14 15.10
C THR NA 191 -77.81 -124.75 14.14
N PHE NA 192 -77.61 -123.67 13.39
CA PHE NA 192 -78.62 -123.28 12.40
C PHE NA 192 -78.79 -124.36 11.34
N LEU NA 193 -77.67 -124.93 10.89
CA LEU NA 193 -77.75 -125.98 9.88
C LEU NA 193 -78.54 -127.17 10.40
N TRP NA 194 -78.28 -127.58 11.64
CA TRP NA 194 -79.00 -128.70 12.22
C TRP NA 194 -80.49 -128.38 12.37
N ALA NA 195 -80.80 -127.17 12.82
CA ALA NA 195 -82.20 -126.78 12.98
C ALA NA 195 -82.92 -126.76 11.65
N ASN NA 196 -82.18 -126.50 10.56
CA ASN NA 196 -82.80 -126.56 9.25
C ASN NA 196 -83.35 -127.95 8.93
N GLY NA 197 -82.84 -129.00 9.60
CA GLY NA 197 -83.39 -130.33 9.41
C GLY NA 197 -82.36 -131.41 9.12
N ILE NA 198 -81.09 -131.10 9.35
CA ILE NA 198 -80.03 -132.05 9.07
C ILE NA 198 -79.80 -132.94 10.29
N ALA NA 199 -79.49 -134.21 10.03
CA ALA NA 199 -79.25 -135.16 11.12
C ALA NA 199 -78.05 -134.73 11.95
N ALA NA 200 -78.20 -134.78 13.27
CA ALA NA 200 -77.16 -134.28 14.16
C ALA NA 200 -75.86 -135.07 14.08
N LYS NA 201 -75.93 -136.36 13.77
CA LYS NA 201 -74.74 -137.20 13.80
C LYS NA 201 -73.78 -136.92 12.65
N ARG NA 202 -74.14 -136.08 11.70
CA ARG NA 202 -73.32 -135.83 10.53
C ARG NA 202 -72.62 -134.47 10.56
N LEU NA 203 -72.43 -133.89 11.75
CA LEU NA 203 -71.88 -132.55 11.85
C LEU NA 203 -70.66 -132.54 12.76
N LYS NA 204 -69.64 -131.79 12.34
CA LYS NA 204 -68.52 -131.44 13.20
C LYS NA 204 -68.20 -129.96 12.99
N ALA NA 205 -67.98 -129.25 14.10
CA ALA NA 205 -67.77 -127.81 14.05
C ALA NA 205 -66.52 -127.43 14.82
N GLU NA 206 -65.82 -126.40 14.34
CA GLU NA 206 -64.60 -125.94 14.99
C GLU NA 206 -64.37 -124.47 14.64
N GLY NA 207 -63.75 -123.76 15.57
CA GLY NA 207 -63.41 -122.37 15.35
C GLY NA 207 -61.94 -122.10 15.60
N TYR NA 208 -61.21 -121.71 14.56
CA TYR NA 208 -59.80 -121.38 14.66
C TYR NA 208 -59.63 -119.88 14.52
N GLY NA 209 -58.60 -119.35 15.17
CA GLY NA 209 -58.32 -117.94 15.10
C GLY NA 209 -57.44 -117.62 13.91
N ASP NA 210 -56.28 -117.02 14.17
CA ASP NA 210 -55.28 -116.77 13.14
C ASP NA 210 -54.30 -117.93 13.01
N LYS NA 211 -54.73 -119.14 13.33
CA LYS NA 211 -53.81 -120.27 13.36
C LYS NA 211 -53.25 -120.56 11.98
N ASN NA 212 -54.07 -120.47 10.94
CA ASN NA 212 -53.61 -120.71 9.57
C ASN NA 212 -54.50 -119.90 8.64
N ALA NA 213 -54.00 -118.75 8.19
CA ALA NA 213 -54.78 -117.88 7.32
C ALA NA 213 -54.70 -118.37 5.88
N ILE NA 214 -55.40 -117.67 4.99
CA ILE NA 214 -55.33 -117.90 3.56
C ILE NA 214 -54.68 -116.75 2.83
N SER NA 215 -54.36 -115.67 3.53
CA SER NA 215 -53.81 -114.48 2.90
C SER NA 215 -53.09 -113.66 3.98
N ASP NA 216 -52.63 -112.48 3.60
CA ASP NA 216 -51.86 -111.64 4.51
C ASP NA 216 -52.77 -110.89 5.47
N ASN NA 217 -52.30 -110.70 6.71
CA ASN NA 217 -53.00 -109.91 7.70
C ASN NA 217 -52.41 -108.52 7.88
N ALA NA 218 -51.36 -108.18 7.13
CA ALA NA 218 -50.72 -106.88 7.22
C ALA NA 218 -51.22 -105.89 6.17
N ILE NA 219 -52.25 -106.26 5.41
CA ILE NA 219 -52.85 -105.36 4.45
C ILE NA 219 -54.36 -105.38 4.64
N ILE NA 220 -55.00 -104.28 4.24
CA ILE NA 220 -56.40 -104.07 4.58
C ILE NA 220 -57.28 -105.13 3.91
N HIS NA 221 -57.25 -105.19 2.59
CA HIS NA 221 -58.11 -106.13 1.89
C HIS NA 221 -57.75 -107.56 2.22
N GLY NA 222 -56.48 -107.83 2.51
CA GLY NA 222 -56.08 -109.17 2.92
C GLY NA 222 -56.71 -109.57 4.24
N SER NA 223 -56.67 -108.66 5.22
CA SER NA 223 -57.36 -108.93 6.48
C SER NA 223 -58.85 -109.09 6.27
N ALA NA 224 -59.41 -108.31 5.32
CA ALA NA 224 -60.83 -108.45 5.01
C ALA NA 224 -61.14 -109.85 4.49
N GLN NA 225 -60.31 -110.36 3.60
CA GLN NA 225 -60.50 -111.72 3.09
C GLN NA 225 -60.21 -112.77 4.15
N ASN NA 226 -59.41 -112.43 5.16
CA ASN NA 226 -58.94 -113.45 6.10
C ASN NA 226 -60.09 -114.08 6.87
N ARG NA 227 -60.94 -113.26 7.49
CA ARG NA 227 -62.03 -113.80 8.30
C ARG NA 227 -63.07 -114.44 7.39
N ARG NA 228 -63.51 -115.65 7.74
CA ARG NA 228 -64.30 -116.42 6.82
C ARG NA 228 -65.00 -117.56 7.55
N ILE NA 229 -65.91 -118.21 6.82
CA ILE NA 229 -66.56 -119.44 7.25
C ILE NA 229 -66.30 -120.50 6.20
N GLU NA 230 -65.76 -121.65 6.63
CA GLU NA 230 -65.36 -122.73 5.75
C GLU NA 230 -66.25 -123.94 5.98
N ILE NA 231 -66.71 -124.55 4.89
CA ILE NA 231 -67.50 -125.78 4.94
C ILE NA 231 -66.88 -126.80 4.02
N GLN NA 232 -66.68 -128.02 4.53
CA GLN NA 232 -66.10 -129.10 3.76
C GLN NA 232 -67.02 -130.32 3.86
N TRP NA 233 -67.17 -131.04 2.75
CA TRP NA 233 -67.89 -132.29 2.80
C TRP NA 233 -67.41 -133.24 1.71
N PHE NA 234 -67.39 -134.52 2.05
CA PHE NA 234 -67.05 -135.60 1.14
C PHE NA 234 -68.32 -136.04 0.41
N THR NA 235 -68.25 -137.21 -0.23
CA THR NA 235 -69.42 -137.83 -0.82
C THR NA 235 -69.75 -139.18 -0.18
N SER NA 236 -68.73 -139.99 0.09
CA SER NA 236 -68.94 -141.29 0.73
C SER NA 236 -68.13 -141.40 2.01
N LEU OA 113 -81.37 -168.00 38.13
CA LEU OA 113 -81.32 -166.70 38.81
C LEU OA 113 -80.84 -165.62 37.87
N ASN OA 114 -81.25 -165.69 36.60
CA ASN OA 114 -80.82 -164.74 35.59
C ASN OA 114 -81.94 -164.18 34.73
N ARG OA 115 -83.11 -164.81 34.68
CA ARG OA 115 -84.23 -164.31 33.90
C ARG OA 115 -85.49 -164.42 34.75
N PHE OA 116 -86.21 -163.31 34.90
CA PHE OA 116 -87.40 -163.26 35.73
C PHE OA 116 -88.54 -162.64 34.93
N ARG OA 117 -89.62 -163.39 34.75
CA ARG OA 117 -90.81 -162.92 34.06
C ARG OA 117 -92.02 -163.16 34.95
N TYR OA 118 -92.65 -162.08 35.42
CA TYR OA 118 -93.82 -162.19 36.27
C TYR OA 118 -95.00 -161.45 35.68
N GLU OA 119 -96.18 -162.05 35.87
CA GLU OA 119 -97.46 -161.46 35.50
C GLU OA 119 -98.49 -161.84 36.55
N GLY OA 120 -99.57 -161.07 36.62
CA GLY OA 120 -100.72 -161.47 37.39
C GLY OA 120 -100.86 -160.93 38.81
N ALA OA 121 -100.83 -159.61 38.97
CA ALA OA 121 -101.29 -158.93 40.19
C ALA OA 121 -100.56 -159.44 41.43
N GLY OA 122 -99.24 -159.21 41.43
CA GLY OA 122 -98.38 -159.82 42.41
C GLY OA 122 -97.58 -158.79 43.17
N VAL OA 123 -97.05 -159.23 44.31
CA VAL OA 123 -96.14 -158.44 45.13
C VAL OA 123 -94.94 -159.31 45.48
N VAL OA 124 -93.75 -158.86 45.14
CA VAL OA 124 -92.51 -159.60 45.36
C VAL OA 124 -91.49 -158.69 46.00
N THR OA 125 -90.72 -159.24 46.94
CA THR OA 125 -89.67 -158.50 47.63
C THR OA 125 -88.37 -159.31 47.60
N GLY OA 126 -87.26 -158.60 47.49
CA GLY OA 126 -85.96 -159.23 47.46
C GLY OA 126 -84.87 -158.24 47.78
N ASN OA 127 -83.74 -158.76 48.28
CA ASN OA 127 -82.61 -157.92 48.61
C ASN OA 127 -81.34 -158.75 48.60
N ASN OA 128 -80.20 -158.05 48.45
CA ASN OA 128 -78.88 -158.66 48.50
C ASN OA 128 -78.70 -159.69 47.38
N LEU OA 129 -78.85 -159.24 46.14
CA LEU OA 129 -78.64 -160.09 44.96
C LEU OA 129 -77.43 -159.56 44.20
N ARG OA 130 -76.28 -160.21 44.40
CA ARG OA 130 -75.08 -159.86 43.65
C ARG OA 130 -75.17 -160.47 42.26
N THR OA 131 -75.32 -159.63 41.24
CA THR OA 131 -75.49 -160.10 39.88
C THR OA 131 -74.82 -159.14 38.92
N SER OA 132 -74.40 -159.68 37.76
CA SER OA 132 -73.80 -158.87 36.71
C SER OA 132 -74.85 -158.39 35.71
N TYR OA 133 -75.54 -159.33 35.07
CA TYR OA 133 -76.65 -158.99 34.19
C TYR OA 133 -77.80 -159.97 34.44
N LEU OA 134 -79.02 -159.48 34.27
CA LEU OA 134 -80.20 -160.31 34.31
C LEU OA 134 -81.30 -159.65 33.48
N ASP OA 135 -82.28 -160.45 33.08
CA ASP OA 135 -83.38 -159.99 32.25
C ASP OA 135 -84.67 -159.97 33.06
N LEU OA 136 -85.45 -158.91 32.90
CA LEU OA 136 -86.67 -158.70 33.67
C LEU OA 136 -87.83 -158.39 32.73
N TYR OA 137 -88.93 -159.11 32.92
CA TYR OA 137 -90.19 -158.83 32.24
C TYR OA 137 -91.30 -158.83 33.29
N LEU OA 138 -92.06 -157.74 33.35
CA LEU OA 138 -93.04 -157.56 34.41
C LEU OA 138 -94.35 -157.06 33.82
N ALA OA 139 -95.45 -157.62 34.34
CA ALA OA 139 -96.78 -157.23 33.88
C ALA OA 139 -97.75 -157.32 35.03
N ASN OA 140 -98.88 -156.63 34.87
CA ASN OA 140 -100.06 -156.80 35.72
C ASN OA 140 -99.73 -156.55 37.19
N GLU OA 141 -99.42 -155.27 37.48
CA GLU OA 141 -99.15 -154.78 38.83
C GLU OA 141 -98.26 -155.72 39.62
N GLY OA 142 -96.99 -155.81 39.21
CA GLY OA 142 -95.99 -156.45 40.02
C GLY OA 142 -95.33 -155.45 40.94
N THR OA 143 -95.78 -155.40 42.19
CA THR OA 143 -95.19 -154.54 43.20
C THR OA 143 -93.85 -155.14 43.60
N THR OA 144 -92.77 -154.67 42.97
CA THR OA 144 -91.45 -155.23 43.16
C THR OA 144 -90.65 -154.31 44.09
N ARG OA 145 -90.22 -154.86 45.21
CA ARG OA 145 -89.38 -154.14 46.17
C ARG OA 145 -88.04 -154.85 46.26
N LEU OA 146 -87.05 -154.34 45.53
CA LEU OA 146 -85.73 -154.94 45.46
C LEU OA 146 -84.70 -153.96 45.99
N ALA OA 147 -83.89 -154.43 46.93
CA ALA OA 147 -82.89 -153.62 47.62
C ALA OA 147 -81.50 -154.26 47.52
N GLY OA 148 -81.15 -154.72 46.31
CA GLY OA 148 -79.86 -155.33 46.10
C GLY OA 148 -79.10 -154.63 44.98
N ASN OA 149 -77.81 -154.93 44.91
CA ASN OA 149 -76.92 -154.39 43.88
C ASN OA 149 -77.16 -155.18 42.61
N ILE OA 150 -78.13 -154.74 41.82
CA ILE OA 150 -78.65 -155.49 40.67
C ILE OA 150 -78.14 -154.82 39.41
N GLY OA 151 -77.40 -155.57 38.59
CA GLY OA 151 -76.90 -155.09 37.31
C GLY OA 151 -77.71 -155.70 36.18
N LEU OA 152 -77.96 -154.90 35.15
CA LEU OA 152 -78.77 -155.33 34.02
C LEU OA 152 -78.55 -154.37 32.87
N GLN OA 153 -79.11 -154.73 31.71
CA GLN OA 153 -79.05 -153.88 30.53
C GLN OA 153 -80.44 -153.77 29.91
N LYS OA 154 -81.26 -154.78 30.12
CA LYS OA 154 -82.61 -154.82 29.56
C LYS OA 154 -83.64 -154.96 30.65
N LEU OA 155 -84.82 -154.40 30.42
CA LEU OA 155 -85.91 -154.43 31.36
C LEU OA 155 -87.21 -154.04 30.67
N GLU OA 156 -88.26 -154.84 30.82
CA GLU OA 156 -89.54 -154.57 30.18
C GLU OA 156 -90.63 -154.59 31.24
N ALA OA 157 -91.46 -153.54 31.25
CA ALA OA 157 -92.59 -153.43 32.16
C ALA OA 157 -93.82 -153.00 31.37
N VAL OA 158 -94.96 -153.63 31.66
CA VAL OA 158 -96.18 -153.32 30.94
C VAL OA 158 -96.71 -151.96 31.37
N GLY OA 159 -97.03 -151.81 32.64
CA GLY OA 159 -97.54 -150.55 33.15
C GLY OA 159 -98.60 -150.79 34.20
N ASN OA 160 -99.22 -149.68 34.62
CA ASN OA 160 -100.25 -149.69 35.67
C ASN OA 160 -99.72 -150.29 36.96
N GLY OA 161 -98.44 -150.04 37.25
CA GLY OA 161 -97.83 -150.53 38.45
C GLY OA 161 -96.60 -149.72 38.80
N VAL OA 162 -96.11 -149.92 40.01
CA VAL OA 162 -94.97 -149.17 40.53
C VAL OA 162 -93.82 -150.11 40.78
N THR OA 163 -92.61 -149.57 40.70
CA THR OA 163 -91.39 -150.34 40.88
C THR OA 163 -90.33 -149.48 41.53
N GLN OA 164 -89.58 -150.08 42.46
CA GLN OA 164 -88.48 -149.41 43.16
C GLN OA 164 -87.25 -150.30 43.06
N ILE OA 165 -86.42 -150.07 42.06
CA ILE OA 165 -85.20 -150.84 41.86
C ILE OA 165 -84.08 -150.08 42.57
N ASN OA 166 -83.84 -150.45 43.82
CA ASN OA 166 -82.87 -149.75 44.66
C ASN OA 166 -81.50 -150.40 44.48
N GLY OA 167 -80.59 -149.70 43.81
CA GLY OA 167 -79.21 -150.13 43.71
C GLY OA 167 -78.86 -150.81 42.41
N VAL OA 168 -78.28 -150.07 41.47
CA VAL OA 168 -77.90 -150.61 40.17
C VAL OA 168 -76.50 -150.12 39.83
N SER OA 169 -75.67 -151.03 39.32
CA SER OA 169 -74.33 -150.71 38.83
C SER OA 169 -74.21 -151.33 37.45
N SER OA 170 -74.63 -150.60 36.43
CA SER OA 170 -74.71 -151.11 35.06
C SER OA 170 -73.85 -150.26 34.14
N ARG OA 171 -73.07 -150.95 33.30
CA ARG OA 171 -72.28 -150.25 32.28
C ARG OA 171 -73.11 -149.89 31.06
N ASN OA 172 -74.30 -150.47 30.93
CA ASN OA 172 -75.21 -150.11 29.85
C ASN OA 172 -76.61 -150.53 30.24
N LEU OA 173 -77.61 -149.89 29.62
CA LEU OA 173 -79.00 -150.17 29.94
C LEU OA 173 -79.87 -149.69 28.78
N GLN OA 174 -80.95 -150.42 28.55
CA GLN OA 174 -81.92 -150.05 27.53
C GLN OA 174 -83.30 -150.49 27.99
N ILE OA 175 -84.23 -149.54 28.08
CA ILE OA 175 -85.58 -149.80 28.56
C ILE OA 175 -86.57 -149.21 27.58
N VAL OA 176 -87.76 -149.79 27.55
CA VAL OA 176 -88.87 -149.29 26.74
C VAL OA 176 -90.18 -149.79 27.33
N LEU OA 177 -91.15 -148.89 27.47
CA LEU OA 177 -92.41 -149.19 28.11
C LEU OA 177 -93.57 -148.73 27.23
N LYS OA 178 -94.74 -149.29 27.49
CA LYS OA 178 -95.92 -149.05 26.66
C LYS OA 178 -97.08 -148.42 27.42
N GLY OA 179 -97.42 -148.94 28.60
CA GLY OA 179 -98.61 -148.50 29.29
C GLY OA 179 -98.41 -147.26 30.15
N ASP OA 180 -98.78 -147.36 31.42
CA ASP OA 180 -98.70 -146.26 32.38
C ASP OA 180 -98.00 -146.73 33.64
N PRO OA 181 -96.68 -146.94 33.58
CA PRO OA 181 -95.97 -147.40 34.77
C PRO OA 181 -95.36 -146.26 35.58
N LYS OA 182 -94.93 -146.57 36.79
CA LYS OA 182 -94.26 -145.61 37.67
C LYS OA 182 -93.03 -146.31 38.27
N VAL OA 183 -91.84 -145.89 37.86
CA VAL OA 183 -90.62 -146.61 38.20
C VAL OA 183 -89.60 -145.62 38.77
N LEU OA 184 -88.96 -146.01 39.87
CA LEU OA 184 -87.84 -145.27 40.43
C LEU OA 184 -86.66 -146.23 40.57
N ILE OA 185 -85.46 -145.75 40.25
CA ILE OA 185 -84.27 -146.56 40.27
C ILE OA 185 -83.14 -145.80 40.94
N SER OA 186 -82.37 -146.50 41.77
CA SER OA 186 -81.22 -145.93 42.46
C SER OA 186 -79.96 -146.68 42.08
N GLY OA 187 -78.83 -145.98 42.20
CA GLY OA 187 -77.54 -146.56 41.86
C GLY OA 187 -76.76 -145.75 40.86
N PHE OA 188 -76.00 -146.42 40.00
CA PHE OA 188 -75.24 -145.77 38.94
C PHE OA 188 -75.50 -146.51 37.64
N VAL OA 189 -75.90 -145.78 36.60
CA VAL OA 189 -76.29 -146.37 35.33
C VAL OA 189 -75.63 -145.60 34.20
N ASN OA 190 -75.05 -146.33 33.25
CA ASN OA 190 -74.56 -145.75 32.01
C ASN OA 190 -75.61 -146.02 30.93
N LEU OA 191 -76.62 -145.16 30.90
CA LEU OA 191 -77.75 -145.35 30.01
C LEU OA 191 -77.33 -145.18 28.55
N ARG OA 192 -78.19 -145.66 27.64
CA ARG OA 192 -77.93 -145.56 26.22
C ARG OA 192 -78.99 -144.76 25.48
N GLN OA 193 -80.26 -145.12 25.59
CA GLN OA 193 -81.32 -144.51 24.79
C GLN OA 193 -82.67 -144.86 25.38
N LEU OA 194 -83.62 -143.93 25.30
CA LEU OA 194 -84.95 -144.14 25.83
C LEU OA 194 -86.01 -143.56 24.90
N ASP OA 195 -87.06 -144.33 24.69
CA ASP OA 195 -88.20 -143.93 23.88
C ASP OA 195 -89.48 -144.28 24.62
N MET OA 196 -90.39 -143.31 24.72
CA MET OA 196 -91.63 -143.51 25.45
C MET OA 196 -92.82 -143.03 24.64
N TYR OA 197 -93.90 -143.81 24.71
CA TYR OA 197 -95.11 -143.57 23.94
C TYR OA 197 -96.39 -143.66 24.74
N GLY OA 198 -96.33 -144.07 26.01
CA GLY OA 198 -97.52 -144.21 26.82
C GLY OA 198 -97.75 -143.05 27.76
N LYS OA 199 -97.96 -143.36 29.05
CA LYS OA 199 -98.20 -142.39 30.10
C LYS OA 199 -97.30 -142.67 31.29
N GLY OA 200 -96.01 -142.81 31.03
CA GLY OA 200 -95.08 -143.35 32.00
C GLY OA 200 -94.37 -142.30 32.83
N THR OA 201 -94.00 -142.71 34.05
CA THR OA 201 -93.19 -141.88 34.94
C THR OA 201 -91.95 -142.67 35.34
N LEU OA 202 -90.79 -142.05 35.14
CA LEU OA 202 -89.50 -142.69 35.40
C LEU OA 202 -88.61 -141.71 36.15
N SER OA 203 -87.95 -142.22 37.19
CA SER OA 203 -87.03 -141.40 37.97
C SER OA 203 -85.76 -142.18 38.23
N LEU OA 204 -84.62 -141.54 38.03
CA LEU OA 204 -83.32 -142.15 38.26
C LEU OA 204 -82.51 -141.32 39.24
N TYR OA 205 -81.79 -142.00 40.12
CA TYR OA 205 -80.98 -141.29 41.10
C TYR OA 205 -79.78 -140.62 40.43
N TRP OA 206 -79.00 -141.39 39.67
CA TRP OA 206 -77.82 -140.86 39.00
C TRP OA 206 -77.65 -141.55 37.67
N ILE OA 207 -77.00 -140.85 36.74
CA ILE OA 207 -76.68 -141.38 35.42
C ILE OA 207 -75.29 -140.89 35.04
N LYS OA 208 -74.47 -141.79 34.49
CA LYS OA 208 -73.12 -141.46 34.03
C LYS OA 208 -72.98 -142.02 32.61
N SER OA 209 -73.27 -141.17 31.63
CA SER OA 209 -73.20 -141.56 30.23
C SER OA 209 -72.59 -140.40 29.45
N ASP OA 210 -72.52 -140.56 28.15
CA ASP OA 210 -72.01 -139.52 27.27
C ASP OA 210 -72.95 -139.20 26.12
N THR OA 211 -73.61 -140.21 25.55
CA THR OA 211 -74.50 -140.03 24.41
C THR OA 211 -75.86 -140.63 24.76
N LEU OA 212 -76.88 -139.78 24.83
CA LEU OA 212 -78.22 -140.22 25.17
C LEU OA 212 -79.22 -139.63 24.20
N THR OA 213 -80.18 -140.46 23.77
CA THR OA 213 -81.24 -140.04 22.86
C THR OA 213 -82.57 -140.33 23.52
N ILE OA 214 -83.40 -139.30 23.65
CA ILE OA 214 -84.68 -139.39 24.34
C ILE OA 214 -85.78 -139.01 23.37
N ARG OA 215 -86.77 -139.90 23.22
CA ARG OA 215 -87.94 -139.64 22.39
C ARG OA 215 -89.19 -139.70 23.26
N ALA OA 216 -90.02 -138.66 23.20
CA ALA OA 216 -91.23 -138.59 24.00
C ALA OA 216 -92.42 -138.35 23.08
N LYS OA 217 -93.42 -139.23 23.16
CA LYS OA 217 -94.56 -139.19 22.27
C LYS OA 217 -95.83 -138.68 22.94
N LYS OA 218 -96.29 -139.34 24.01
CA LYS OA 218 -97.61 -139.06 24.57
C LYS OA 218 -97.56 -138.46 25.96
N ALA OA 219 -96.93 -139.13 26.94
CA ALA OA 219 -96.88 -138.59 28.28
C ALA OA 219 -95.69 -139.23 29.00
N ALA OA 220 -94.65 -138.45 29.21
CA ALA OA 220 -93.44 -138.92 29.91
C ALA OA 220 -93.15 -137.97 31.05
N LYS OA 221 -92.91 -138.53 32.23
CA LYS OA 221 -92.57 -137.74 33.41
C LYS OA 221 -91.26 -138.30 33.93
N ILE OA 222 -90.14 -137.72 33.50
CA ILE OA 222 -88.81 -138.26 33.76
C ILE OA 222 -88.05 -137.29 34.65
N GLN OA 223 -87.53 -137.80 35.76
CA GLN OA 223 -86.69 -137.04 36.67
C GLN OA 223 -85.30 -137.67 36.68
N LEU OA 224 -84.34 -136.98 36.05
CA LEU OA 224 -83.00 -137.49 35.85
C LEU OA 224 -81.98 -136.49 36.38
N ALA OA 225 -80.79 -137.00 36.68
CA ALA OA 225 -79.70 -136.18 37.18
C ALA OA 225 -78.40 -136.92 36.98
N GLY OA 226 -77.41 -136.23 36.40
CA GLY OA 226 -76.13 -136.87 36.16
C GLY OA 226 -75.29 -136.06 35.19
N ILE OA 227 -74.34 -136.74 34.55
CA ILE OA 227 -73.42 -136.13 33.61
C ILE OA 227 -73.56 -136.86 32.28
N VAL OA 228 -73.90 -136.12 31.23
CA VAL OA 228 -74.01 -136.68 29.88
C VAL OA 228 -73.33 -135.73 28.91
N ASN OA 229 -72.42 -136.25 28.09
CA ASN OA 229 -71.72 -135.41 27.14
C ASN OA 229 -72.67 -134.89 26.06
N ARG OA 230 -73.44 -135.78 25.45
CA ARG OA 230 -74.28 -135.43 24.31
C ARG OA 230 -75.71 -135.87 24.59
N LEU OA 231 -76.64 -134.92 24.46
CA LEU OA 231 -78.06 -135.17 24.71
C LEU OA 231 -78.86 -134.77 23.48
N ASP OA 232 -79.68 -135.69 22.99
CA ASP OA 232 -80.65 -135.40 21.95
C ASP OA 232 -82.04 -135.63 22.52
N VAL OA 233 -82.91 -134.65 22.37
CA VAL OA 233 -84.25 -134.69 22.92
C VAL OA 233 -85.25 -134.39 21.82
N GLU OA 234 -86.23 -135.27 21.63
CA GLU OA 234 -87.34 -135.05 20.72
C GLU OA 234 -88.63 -135.16 21.52
N LEU OA 235 -89.44 -134.10 21.46
CA LEU OA 235 -90.74 -134.08 22.14
C LEU OA 235 -91.84 -133.83 21.11
N TRP OA 236 -92.86 -134.68 21.13
CA TRP OA 236 -93.91 -134.57 20.11
C TRP OA 236 -95.12 -133.77 20.59
N ASP OA 237 -95.78 -134.22 21.64
CA ASP OA 237 -96.99 -133.56 22.10
C ASP OA 237 -97.33 -134.02 23.51
N PHE OA 238 -97.75 -133.07 24.34
CA PHE OA 238 -98.06 -133.35 25.74
C PHE OA 238 -96.88 -134.01 26.43
N ALA OA 239 -95.69 -133.50 26.12
CA ALA OA 239 -94.44 -134.09 26.58
C ALA OA 239 -93.81 -133.21 27.66
N GLN OA 240 -93.26 -133.86 28.69
CA GLN OA 240 -92.59 -133.17 29.77
C GLN OA 240 -91.23 -133.82 30.00
N PHE OA 241 -90.17 -133.01 30.09
CA PHE OA 241 -88.84 -133.49 30.40
C PHE OA 241 -88.16 -132.47 31.31
N LYS OA 242 -88.15 -132.76 32.61
CA LYS OA 242 -87.58 -131.86 33.60
C LYS OA 242 -86.16 -132.28 33.96
N GLY OA 243 -85.24 -132.19 32.99
CA GLY OA 243 -83.90 -132.65 33.24
C GLY OA 243 -83.08 -131.65 34.04
N LYS OA 244 -83.72 -131.00 35.01
CA LYS OA 244 -83.00 -130.18 35.97
C LYS OA 244 -82.12 -131.06 36.85
N TYR OA 245 -81.05 -130.47 37.39
CA TYR OA 245 -80.05 -131.17 38.17
C TYR OA 245 -79.27 -132.18 37.32
N LEU OA 246 -79.44 -132.12 36.01
CA LEU OA 246 -78.72 -132.98 35.07
C LEU OA 246 -77.86 -132.07 34.20
N ARG OA 247 -76.55 -132.10 34.43
CA ARG OA 247 -75.64 -131.22 33.71
C ARG OA 247 -75.14 -131.93 32.45
N ALA OA 248 -75.13 -131.20 31.34
CA ALA OA 248 -74.73 -131.76 30.05
C ALA OA 248 -73.85 -130.77 29.30
N GLN OA 249 -73.06 -131.30 28.37
CA GLN OA 249 -72.15 -130.50 27.57
C GLN OA 249 -72.81 -130.06 26.26
N ARG OA 250 -73.30 -131.03 25.49
CA ARG OA 250 -73.95 -130.77 24.21
C ARG OA 250 -75.43 -131.08 24.34
N SER OA 251 -76.28 -130.11 23.99
CA SER OA 251 -77.72 -130.30 24.04
C SER OA 251 -78.34 -129.98 22.68
N PHE OA 252 -79.19 -130.87 22.19
CA PHE OA 252 -79.94 -130.66 20.96
C PHE OA 252 -81.40 -130.98 21.24
N VAL OA 253 -82.22 -129.94 21.34
CA VAL OA 253 -83.61 -130.05 21.77
C VAL OA 253 -84.52 -129.69 20.62
N LYS OA 254 -85.48 -130.57 20.32
CA LYS OA 254 -86.47 -130.33 19.27
C LYS OA 254 -87.86 -130.61 19.83
N THR OA 255 -88.67 -129.56 19.95
CA THR OA 255 -89.98 -129.65 20.57
C THR OA 255 -91.06 -129.26 19.56
N HIS OA 256 -92.07 -130.11 19.44
CA HIS OA 256 -93.28 -129.77 18.70
C HIS OA 256 -94.29 -129.16 19.66
N ASP OA 257 -95.55 -129.10 19.22
CA ASP OA 257 -96.62 -128.53 20.04
C ASP OA 257 -96.75 -129.27 21.37
N LYS OA 258 -96.99 -128.51 22.43
CA LYS OA 258 -97.28 -129.05 23.77
C LYS OA 258 -96.11 -129.87 24.30
N SER OA 259 -94.97 -129.19 24.43
CA SER OA 259 -93.75 -129.81 24.93
C SER OA 259 -93.08 -128.87 25.92
N VAL OA 260 -92.57 -129.45 26.99
CA VAL OA 260 -91.92 -128.69 28.07
C VAL OA 260 -90.56 -129.31 28.34
N ALA OA 261 -89.53 -128.49 28.33
CA ALA OA 261 -88.16 -128.94 28.57
C ALA OA 261 -87.50 -128.07 29.63
N GLU OA 262 -86.80 -128.72 30.56
CA GLU OA 262 -86.03 -128.05 31.59
C GLU OA 262 -84.61 -128.56 31.52
N ILE OA 263 -83.66 -127.65 31.30
CA ILE OA 263 -82.29 -127.98 30.91
C ILE OA 263 -81.32 -127.39 31.93
N SER OA 264 -80.16 -128.02 32.04
CA SER OA 264 -79.05 -127.53 32.87
C SER OA 264 -77.73 -127.71 32.15
N ALA OA 265 -77.69 -127.38 30.86
CA ALA OA 265 -76.47 -127.53 30.08
C ALA OA 265 -75.48 -126.41 30.40
N VAL OA 266 -74.23 -126.60 29.97
CA VAL OA 266 -73.15 -125.69 30.29
C VAL OA 266 -72.45 -125.19 29.03
N ASN OA 267 -71.95 -126.10 28.20
CA ASN OA 267 -71.10 -125.68 27.09
C ASN OA 267 -71.90 -125.21 25.88
N HIS OA 268 -72.67 -126.11 25.28
CA HIS OA 268 -73.25 -125.88 23.96
C HIS OA 268 -74.72 -126.28 23.97
N GLN OA 269 -75.58 -125.32 23.69
CA GLN OA 269 -77.03 -125.54 23.70
C GLN OA 269 -77.63 -125.15 22.36
N SER OA 270 -78.43 -126.06 21.79
CA SER OA 270 -79.19 -125.81 20.58
C SER OA 270 -80.65 -126.16 20.85
N SER OA 271 -81.53 -125.18 20.66
CA SER OA 271 -82.93 -125.34 21.00
C SER OA 271 -83.82 -124.94 19.82
N LEU OA 272 -84.76 -125.80 19.47
CA LEU OA 272 -85.71 -125.53 18.39
C LEU OA 272 -87.11 -125.86 18.90
N ALA OA 273 -88.00 -124.88 18.81
CA ALA OA 273 -89.38 -125.03 19.24
C ALA OA 273 -90.31 -124.67 18.09
N THR OA 274 -91.31 -125.51 17.83
CA THR OA 274 -92.25 -125.20 16.74
C THR OA 274 -93.30 -124.20 17.20
N ASP OA 275 -94.10 -124.57 18.19
CA ASP OA 275 -95.19 -123.74 18.69
C ASP OA 275 -95.74 -124.40 19.94
N ALA OA 276 -96.33 -123.58 20.81
CA ALA OA 276 -96.98 -124.07 22.02
C ALA OA 276 -96.03 -124.94 22.85
N SER OA 277 -94.76 -124.55 22.90
CA SER OA 277 -93.75 -125.30 23.62
C SER OA 277 -92.86 -124.35 24.40
N ASP OA 278 -92.38 -124.82 25.55
CA ASP OA 278 -91.57 -124.01 26.44
C ASP OA 278 -90.29 -124.75 26.78
N ILE OA 279 -89.17 -124.06 26.64
CA ILE OA 279 -87.87 -124.57 27.04
C ILE OA 279 -87.26 -123.60 28.03
N TYR OA 280 -87.07 -124.06 29.27
CA TYR OA 280 -86.45 -123.27 30.31
C TYR OA 280 -85.15 -123.94 30.71
N TYR OA 281 -84.17 -123.12 31.08
CA TYR OA 281 -82.91 -123.64 31.59
C TYR OA 281 -82.68 -123.12 33.00
N TYR OA 282 -81.72 -123.73 33.68
CA TYR OA 282 -81.39 -123.34 35.04
C TYR OA 282 -79.95 -122.91 35.20
N ASN OA 283 -79.10 -123.14 34.22
CA ASN OA 283 -77.73 -122.63 34.23
C ASN OA 283 -77.46 -121.92 32.91
N LEU OA 284 -76.75 -120.80 33.00
CA LEU OA 284 -76.41 -120.04 31.80
C LEU OA 284 -75.28 -120.75 31.06
N SER OA 285 -75.54 -121.10 29.81
CA SER OA 285 -74.56 -121.86 29.04
C SER OA 285 -73.44 -120.94 28.55
N LYS OA 286 -72.33 -121.55 28.16
CA LYS OA 286 -71.26 -120.80 27.53
C LYS OA 286 -71.56 -120.45 26.08
N THR OA 287 -72.45 -121.19 25.44
CA THR OA 287 -72.93 -120.82 24.11
C THR OA 287 -74.31 -121.40 23.89
N ARG OA 288 -75.23 -120.56 23.43
CA ARG OA 288 -76.64 -120.93 23.29
C ARG OA 288 -77.18 -120.40 21.98
N ALA OA 289 -77.95 -121.23 21.29
CA ALA OA 289 -78.66 -120.81 20.09
C ALA OA 289 -80.08 -121.34 20.14
N ASP OA 290 -81.04 -120.47 19.84
CA ASP OA 290 -82.46 -120.78 20.01
C ASP OA 290 -83.22 -120.39 18.76
N PHE OA 291 -84.30 -121.12 18.49
CA PHE OA 291 -85.15 -120.81 17.35
C PHE OA 291 -86.58 -121.18 17.63
N MET OA 292 -87.50 -120.31 17.21
CA MET OA 292 -88.94 -120.51 17.38
C MET OA 292 -89.61 -120.43 16.01
N ALA OA 293 -90.57 -121.31 15.77
CA ALA OA 293 -91.26 -121.34 14.49
C ALA OA 293 -92.53 -120.51 14.50
N PHE OA 294 -93.47 -120.86 15.37
CA PHE OA 294 -94.73 -120.11 15.47
C PHE OA 294 -94.93 -119.49 16.84
N ASN OA 295 -94.95 -120.30 17.90
CA ASN OA 295 -95.24 -119.80 19.24
C ASN OA 295 -94.31 -120.32 20.32
N GLY OA 296 -93.48 -121.33 20.04
CA GLY OA 296 -92.59 -121.85 21.06
C GLY OA 296 -91.62 -120.81 21.54
N SER OA 297 -91.11 -121.04 22.75
CA SER OA 297 -90.27 -120.04 23.39
C SER OA 297 -89.22 -120.70 24.27
N VAL OA 298 -88.09 -120.01 24.42
CA VAL OA 298 -87.01 -120.41 25.30
C VAL OA 298 -86.74 -119.26 26.25
N LEU OA 299 -86.71 -119.55 27.55
CA LEU OA 299 -86.66 -118.49 28.54
C LEU OA 299 -85.58 -118.80 29.57
N ASP OA 300 -85.11 -117.72 30.22
CA ASP OA 300 -84.07 -117.86 31.24
C ASP OA 300 -84.57 -118.67 32.43
N MET OA 301 -85.72 -118.27 32.98
CA MET OA 301 -86.33 -118.97 34.12
C MET OA 301 -85.34 -119.09 35.29
N ARG OA 302 -84.80 -117.96 35.72
CA ARG OA 302 -83.98 -117.90 36.91
C ARG OA 302 -84.54 -116.86 37.87
N GLU OA 303 -84.33 -117.11 39.16
CA GLU OA 303 -85.01 -116.39 40.22
C GLU OA 303 -84.40 -115.03 40.53
N TRP OA 304 -83.25 -114.71 39.95
CA TRP OA 304 -82.54 -113.46 40.19
C TRP OA 304 -82.12 -113.29 41.65
N GLY OA 305 -82.31 -114.31 42.47
CA GLY OA 305 -82.07 -114.18 43.90
C GLY OA 305 -80.65 -114.54 44.31
N GLN OA 306 -79.88 -115.09 43.37
CA GLN OA 306 -78.50 -115.42 43.66
C GLN OA 306 -77.71 -114.17 44.01
N SER OA 307 -76.93 -114.26 45.08
CA SER OA 307 -76.01 -113.18 45.43
C SER OA 307 -74.70 -113.28 44.67
N ASP OA 308 -74.53 -114.31 43.83
CA ASP OA 308 -73.29 -114.48 43.09
C ASP OA 308 -73.55 -114.91 41.64
N LEU OA 309 -74.73 -114.64 41.10
CA LEU OA 309 -75.02 -115.02 39.72
C LEU OA 309 -74.15 -114.23 38.76
N LYS OA 310 -73.54 -114.93 37.81
CA LYS OA 310 -72.73 -114.28 36.80
C LYS OA 310 -73.61 -113.60 35.75
N ASP OA 311 -72.99 -112.79 34.92
CA ASP OA 311 -73.67 -112.03 33.89
C ASP OA 311 -73.25 -112.53 32.51
N PHE OA 312 -73.89 -111.99 31.48
CA PHE OA 312 -73.56 -112.35 30.10
C PHE OA 312 -72.15 -111.90 29.76
N ASP OA 313 -71.56 -112.59 28.78
CA ASP OA 313 -70.27 -112.22 28.23
C ASP OA 313 -70.43 -111.84 26.76
N ARG OA 314 -69.33 -111.43 26.14
CA ARG OA 314 -69.38 -110.97 24.75
C ARG OA 314 -69.90 -112.05 23.81
N TYR OA 315 -69.67 -113.31 24.14
CA TYR OA 315 -69.91 -114.40 23.21
C TYR OA 315 -71.25 -115.09 23.38
N ASN OA 316 -71.84 -115.04 24.57
CA ASN OA 316 -73.13 -115.66 24.82
C ASN OA 316 -74.28 -114.67 24.84
N LYS OA 317 -74.03 -113.43 24.40
CA LYS OA 317 -75.08 -112.41 24.38
C LYS OA 317 -75.99 -112.60 23.16
N GLN OA 318 -76.54 -113.80 23.04
CA GLN OA 318 -77.48 -114.10 21.98
C GLN OA 318 -78.81 -113.42 22.29
N PHE OA 319 -79.38 -112.75 21.29
CA PHE OA 319 -80.62 -112.01 21.48
C PHE OA 319 -81.79 -112.85 21.02
N PRO OA 320 -82.70 -113.25 21.92
CA PRO OA 320 -83.90 -114.01 21.56
C PRO OA 320 -84.93 -113.16 20.84
N ASP PA 39 -90.96 -71.89 6.41
CA ASP PA 39 -90.14 -71.21 7.40
C ASP PA 39 -90.91 -71.05 8.71
N GLY PA 40 -92.21 -71.37 8.66
CA GLY PA 40 -93.04 -71.29 9.84
C GLY PA 40 -92.58 -72.19 10.95
N CYS PA 41 -92.03 -71.60 12.02
CA CYS PA 41 -91.53 -72.40 13.13
C CYS PA 41 -92.66 -73.11 13.85
N CYS PA 42 -93.72 -72.37 14.20
CA CYS PA 42 -94.93 -72.98 14.74
C CYS PA 42 -95.96 -73.25 13.64
N SER PA 43 -95.52 -73.93 12.57
CA SER PA 43 -96.41 -74.20 11.46
C SER PA 43 -97.39 -75.31 11.82
N LYS PA 44 -98.60 -75.19 11.30
CA LYS PA 44 -99.68 -76.13 11.60
C LYS PA 44 -99.87 -76.28 13.10
N MET PA 45 -99.72 -75.16 13.81
CA MET PA 45 -99.87 -75.12 15.25
C MET PA 45 -100.60 -73.83 15.60
N GLY PA 46 -100.65 -73.51 16.90
CA GLY PA 46 -101.27 -72.28 17.33
C GLY PA 46 -100.60 -71.03 16.82
N GLY PA 47 -99.35 -71.13 16.37
CA GLY PA 47 -98.61 -69.98 15.89
C GLY PA 47 -97.61 -69.48 16.92
N ILE PA 48 -96.80 -68.52 16.49
CA ILE PA 48 -95.73 -68.01 17.33
C ILE PA 48 -96.33 -67.26 18.51
N ASN PA 49 -95.87 -67.58 19.71
CA ASN PA 49 -96.32 -66.89 20.92
C ASN PA 49 -95.29 -65.86 21.39
N TYR PA 50 -94.07 -66.31 21.70
CA TYR PA 50 -92.97 -65.43 22.10
C TYR PA 50 -91.72 -66.27 22.26
N CYS PA 51 -90.58 -65.60 22.35
CA CYS PA 51 -89.29 -66.25 22.49
C CYS PA 51 -88.84 -66.18 23.94
N ASP PA 52 -88.77 -67.34 24.59
CA ASP PA 52 -88.24 -67.42 25.95
C ASP PA 52 -86.73 -67.47 25.86
N SER PA 53 -86.07 -66.43 26.36
CA SER PA 53 -84.62 -66.39 26.35
C SER PA 53 -84.01 -67.36 27.36
N SER PA 54 -84.60 -67.45 28.55
CA SER PA 54 -84.12 -68.42 29.53
C SER PA 54 -84.18 -69.83 28.98
N ALA PA 55 -85.14 -70.10 28.09
CA ALA PA 55 -85.17 -71.35 27.37
C ALA PA 55 -84.46 -71.26 26.03
N GLY PA 56 -84.24 -70.06 25.51
CA GLY PA 56 -83.64 -69.91 24.20
C GLY PA 56 -84.46 -70.52 23.10
N ARG PA 57 -85.78 -70.49 23.23
CA ARG PA 57 -86.64 -71.22 22.32
C ARG PA 57 -87.92 -70.42 22.06
N LEU PA 58 -88.52 -70.68 20.90
CA LEU PA 58 -89.82 -70.10 20.58
C LEU PA 58 -90.92 -70.87 21.28
N VAL PA 59 -92.08 -70.22 21.41
CA VAL PA 59 -93.26 -70.81 22.02
C VAL PA 59 -94.40 -70.77 21.02
N CYS PA 60 -95.04 -71.91 20.81
CA CYS PA 60 -96.23 -71.95 19.99
C CYS PA 60 -97.45 -71.68 20.86
N ASN PA 61 -98.51 -71.16 20.23
CA ASN PA 61 -99.70 -70.78 20.98
C ASN PA 61 -100.30 -71.97 21.69
N ASN PA 62 -100.41 -73.10 21.00
CA ASN PA 62 -100.61 -74.37 21.71
C ASN PA 62 -99.36 -74.67 22.51
N GLY PA 63 -99.54 -75.05 23.77
CA GLY PA 63 -98.43 -75.07 24.70
C GLY PA 63 -97.41 -76.16 24.45
N PHE PA 64 -96.83 -76.16 23.25
CA PHE PA 64 -95.78 -77.10 22.88
C PHE PA 64 -94.55 -76.35 22.42
N TYR PA 65 -93.39 -76.75 22.93
CA TYR PA 65 -92.15 -76.08 22.57
C TYR PA 65 -91.86 -76.25 21.09
N SER PA 66 -91.36 -75.18 20.47
CA SER PA 66 -91.15 -75.15 19.03
C SER PA 66 -89.83 -75.85 18.67
N THR PA 67 -89.46 -75.77 17.40
CA THR PA 67 -88.25 -76.37 16.88
C THR PA 67 -87.13 -75.36 16.68
N CYS PA 68 -87.46 -74.14 16.25
CA CYS PA 68 -86.45 -73.15 15.95
C CYS PA 68 -85.79 -72.64 17.23
N TYR PA 69 -84.73 -71.84 17.04
CA TYR PA 69 -84.10 -71.09 18.11
C TYR PA 69 -84.38 -69.61 17.93
N CYS PA 70 -84.11 -68.83 18.97
CA CYS PA 70 -84.24 -67.39 18.86
C CYS PA 70 -83.09 -66.62 19.50
N THR PA 71 -82.09 -67.28 20.08
CA THR PA 71 -80.94 -66.59 20.60
C THR PA 71 -79.74 -67.53 20.57
N ARG PA 72 -78.54 -66.94 20.52
CA ARG PA 72 -77.33 -67.73 20.54
C ARG PA 72 -77.17 -68.49 21.86
N HIS PA 73 -77.84 -68.05 22.92
CA HIS PA 73 -77.73 -68.69 24.22
C HIS PA 73 -78.70 -69.87 24.31
N ALA PA 74 -78.53 -70.81 23.38
CA ALA PA 74 -79.35 -72.02 23.36
C ALA PA 74 -78.47 -73.26 23.21
N VAL PA 75 -79.09 -74.42 23.07
CA VAL PA 75 -78.37 -75.68 23.00
C VAL PA 75 -78.41 -76.16 21.56
N MET PA 76 -77.33 -75.92 20.83
CA MET PA 76 -77.17 -76.40 19.46
C MET PA 76 -76.04 -77.42 19.41
N ASP PA 77 -76.23 -78.45 18.59
CA ASP PA 77 -75.22 -79.50 18.43
C ASP PA 77 -74.15 -78.98 17.47
N LEU PA 78 -72.99 -78.64 18.02
CA LEU PA 78 -71.93 -77.98 17.26
C LEU PA 78 -70.75 -78.93 17.12
N GLN PA 79 -70.45 -79.33 15.89
CA GLN PA 79 -69.34 -80.24 15.60
C GLN PA 79 -68.36 -79.67 14.59
N PHE PA 80 -68.85 -79.02 13.54
CA PHE PA 80 -68.00 -78.52 12.47
C PHE PA 80 -67.75 -77.03 12.68
N LEU PA 81 -66.50 -76.62 12.55
CA LEU PA 81 -66.10 -75.22 12.75
C LEU PA 81 -65.18 -74.79 11.62
N MET PA 82 -65.17 -73.48 11.37
CA MET PA 82 -64.35 -72.89 10.33
C MET PA 82 -63.10 -72.27 10.96
N GLY PA 83 -62.35 -71.53 10.14
CA GLY PA 83 -61.15 -70.87 10.61
C GLY PA 83 -59.97 -71.80 10.72
N CYS PA 84 -58.82 -71.23 11.08
CA CYS PA 84 -57.60 -72.00 11.25
C CYS PA 84 -56.96 -71.61 12.58
N CYS PA 85 -55.80 -72.21 12.85
CA CYS PA 85 -55.11 -72.09 14.14
C CYS PA 85 -56.00 -72.57 15.28
N LEU PA 86 -56.90 -73.51 14.99
CA LEU PA 86 -57.75 -74.08 16.01
C LEU PA 86 -56.91 -74.90 16.99
N TRP PA 87 -57.42 -74.99 18.23
CA TRP PA 87 -56.72 -75.68 19.30
C TRP PA 87 -55.31 -75.10 19.48
N HIS PA 88 -55.21 -73.78 19.30
CA HIS PA 88 -53.96 -73.07 19.50
C HIS PA 88 -54.30 -71.67 20.01
N GLY PA 89 -53.32 -70.78 19.99
CA GLY PA 89 -53.55 -69.42 20.44
C GLY PA 89 -54.35 -68.60 19.46
N GLY PA 90 -54.99 -69.24 18.51
CA GLY PA 90 -55.72 -68.54 17.49
C GLY PA 90 -54.79 -67.94 16.44
N VAL PA 91 -55.38 -67.12 15.58
CA VAL PA 91 -54.63 -66.46 14.52
C VAL PA 91 -53.93 -65.24 15.10
N TYR PA 92 -52.64 -65.15 14.88
CA TYR PA 92 -51.89 -64.00 15.37
C TYR PA 92 -52.32 -62.75 14.63
N PRO PA 93 -52.74 -61.69 15.33
CA PRO PA 93 -53.22 -60.48 14.63
C PRO PA 93 -52.16 -59.81 13.77
N GLN PA 94 -50.90 -59.88 14.17
CA GLN PA 94 -49.85 -59.22 13.40
C GLN PA 94 -49.58 -60.00 12.11
N LEU PA 95 -49.38 -59.28 11.02
CA LEU PA 95 -49.16 -59.87 9.71
C LEU PA 95 -47.70 -59.72 9.30
N ASN PA 96 -47.21 -60.69 8.54
CA ASN PA 96 -45.84 -60.72 8.08
C ASN PA 96 -45.78 -60.50 6.58
N SER PA 97 -44.63 -60.02 6.11
CA SER PA 97 -44.42 -59.86 4.67
C SER PA 97 -44.55 -61.20 3.97
N SER PA 98 -43.95 -62.24 4.53
CA SER PA 98 -44.18 -63.59 4.03
C SER PA 98 -45.62 -64.00 4.29
N GLY PA 99 -46.15 -64.84 3.42
CA GLY PA 99 -47.54 -65.24 3.53
C GLY PA 99 -47.84 -66.27 4.58
N LEU PA 100 -46.83 -66.75 5.30
CA LEU PA 100 -47.06 -67.72 6.36
C LEU PA 100 -47.86 -67.10 7.49
N VAL PA 101 -48.68 -67.92 8.14
CA VAL PA 101 -49.43 -67.51 9.32
C VAL PA 101 -49.08 -68.46 10.46
N VAL PA 102 -48.75 -67.89 11.61
CA VAL PA 102 -48.32 -68.65 12.78
C VAL PA 102 -49.28 -68.35 13.93
N CYS PA 103 -49.71 -69.40 14.62
CA CYS PA 103 -50.64 -69.22 15.72
C CYS PA 103 -49.95 -68.57 16.91
N ASN PA 104 -50.76 -67.96 17.77
CA ASN PA 104 -50.22 -67.16 18.86
C ASN PA 104 -49.44 -67.99 19.87
N ASP PA 105 -49.64 -69.31 19.90
CA ASP PA 105 -48.84 -70.16 20.76
C ASP PA 105 -47.51 -70.54 20.11
N GLY PA 106 -47.22 -70.04 18.92
CA GLY PA 106 -45.97 -70.31 18.24
C GLY PA 106 -46.05 -71.31 17.11
N TYR PA 107 -47.12 -72.10 17.04
CA TYR PA 107 -47.24 -73.09 15.98
C TYR PA 107 -47.64 -72.43 14.67
N VAL PA 108 -47.09 -72.95 13.57
CA VAL PA 108 -47.34 -72.43 12.24
C VAL PA 108 -48.28 -73.38 11.51
N SER PA 109 -49.27 -72.82 10.82
CA SER PA 109 -50.27 -73.58 10.09
C SER PA 109 -49.98 -73.48 8.59
N GLU PA 110 -49.35 -74.52 8.05
CA GLU PA 110 -49.09 -74.54 6.62
C GLU PA 110 -50.39 -74.56 5.83
N GLU PA 111 -51.37 -75.34 6.28
CA GLU PA 111 -52.65 -75.45 5.59
C GLU PA 111 -53.40 -74.11 5.58
N CYS PA 112 -53.14 -73.24 6.56
CA CYS PA 112 -53.72 -71.91 6.52
C CYS PA 112 -52.90 -70.95 5.68
N SER PA 113 -51.58 -71.07 5.74
CA SER PA 113 -50.71 -70.25 4.91
C SER PA 113 -50.85 -70.64 3.44
N LEU PA 114 -50.82 -69.64 2.57
CA LEU PA 114 -50.81 -69.93 1.14
C LEU PA 114 -49.44 -70.48 0.74
N GLN PA 115 -49.45 -71.37 -0.25
CA GLN PA 115 -48.26 -72.11 -0.64
C GLN PA 115 -47.64 -71.52 -1.89
N LYS PA 116 -46.34 -71.77 -2.05
CA LYS PA 116 -45.61 -71.37 -3.25
C LYS PA 116 -46.20 -72.06 -4.48
N UNK QA 1 -88.99 -91.40 35.01
CA UNK QA 1 -90.42 -91.18 35.10
C UNK QA 1 -91.17 -92.48 35.33
N UNK QA 2 -91.36 -93.24 34.24
CA UNK QA 2 -91.98 -94.56 34.26
C UNK QA 2 -93.43 -94.53 34.70
N UNK QA 3 -94.07 -93.37 34.67
CA UNK QA 3 -95.48 -93.27 35.05
C UNK QA 3 -96.04 -91.98 34.43
N UNK QA 4 -96.92 -92.14 33.43
CA UNK QA 4 -97.50 -90.97 32.80
C UNK QA 4 -98.40 -90.21 33.75
N UNK QA 5 -99.23 -90.92 34.50
CA UNK QA 5 -100.18 -90.32 35.44
C UNK QA 5 -99.86 -90.82 36.83
N UNK QA 6 -99.56 -89.88 37.74
CA UNK QA 6 -99.28 -90.23 39.12
C UNK QA 6 -100.58 -90.66 39.81
N UNK QA 7 -100.66 -91.93 40.17
CA UNK QA 7 -101.87 -92.46 40.79
C UNK QA 7 -102.05 -91.85 42.18
N UNK QA 8 -102.99 -90.92 42.29
CA UNK QA 8 -103.28 -90.28 43.57
C UNK QA 8 -104.31 -91.12 44.33
N UNK QA 9 -103.85 -92.29 44.75
CA UNK QA 9 -104.66 -93.26 45.49
C UNK QA 9 -105.95 -93.59 44.73
N UNK RA 1 63.15 -85.68 44.26
CA UNK RA 1 63.49 -85.11 45.56
C UNK RA 1 62.50 -85.56 46.63
N UNK RA 2 61.65 -86.52 46.28
CA UNK RA 2 60.63 -87.02 47.18
C UNK RA 2 60.38 -88.50 46.90
N UNK RA 3 59.82 -89.18 47.90
CA UNK RA 3 59.50 -90.60 47.80
C UNK RA 3 58.15 -90.86 48.42
N UNK RA 4 57.52 -91.96 48.00
CA UNK RA 4 56.20 -92.30 48.50
C UNK RA 4 56.22 -92.87 49.91
N UNK RA 5 57.40 -93.23 50.44
CA UNK RA 5 57.46 -93.75 51.80
C UNK RA 5 57.04 -92.71 52.83
N UNK RA 6 57.53 -91.48 52.69
CA UNK RA 6 57.14 -90.41 53.60
C UNK RA 6 55.65 -90.11 53.47
N UNK RA 7 55.13 -90.13 52.24
CA UNK RA 7 53.70 -89.90 52.04
C UNK RA 7 52.87 -90.99 52.71
N UNK RA 8 53.30 -92.25 52.58
CA UNK RA 8 52.58 -93.35 53.22
C UNK RA 8 52.64 -93.24 54.74
N UNK RA 9 53.80 -92.88 55.29
CA UNK RA 9 53.90 -92.70 56.73
C UNK RA 9 53.00 -91.57 57.21
N UNK RA 10 52.97 -90.46 56.48
CA UNK RA 10 52.08 -89.35 56.85
C UNK RA 10 50.63 -89.77 56.76
N UNK RA 11 50.26 -90.52 55.72
CA UNK RA 11 48.88 -90.99 55.61
C UNK RA 11 48.50 -91.92 56.75
N UNK RA 12 49.40 -92.83 57.12
CA UNK RA 12 49.14 -93.71 58.25
C UNK RA 12 49.00 -92.94 59.54
N UNK RA 13 49.84 -91.93 59.75
CA UNK RA 13 49.75 -91.10 60.95
C UNK RA 13 48.41 -90.35 60.97
N UNK RA 14 48.01 -89.80 59.83
CA UNK RA 14 46.73 -89.09 59.76
C UNK RA 14 45.56 -90.02 60.05
N UNK RA 15 45.61 -91.23 59.50
CA UNK RA 15 44.56 -92.21 59.79
C UNK RA 15 44.54 -92.56 61.28
N UNK RA 16 45.71 -92.75 61.88
CA UNK RA 16 45.82 -92.98 63.31
C UNK RA 16 45.74 -91.63 64.03
N UNK RA 17 44.51 -91.09 64.06
CA UNK RA 17 44.29 -89.76 64.62
C UNK RA 17 44.67 -89.72 66.10
N UNK RA 18 44.32 -90.77 66.85
CA UNK RA 18 44.61 -90.89 68.27
C UNK RA 18 44.08 -89.72 69.08
N UNK RA 19 43.04 -89.06 68.57
CA UNK RA 19 42.46 -87.91 69.26
C UNK RA 19 41.04 -87.71 68.75
N UNK RA 20 40.06 -87.87 69.64
CA UNK RA 20 38.66 -87.55 69.32
C UNK RA 20 38.00 -87.12 70.62
N UNK RA 21 37.98 -85.81 70.87
CA UNK RA 21 37.38 -85.23 72.06
C UNK RA 21 36.04 -84.65 71.69
N UNK RA 22 34.96 -85.33 72.11
CA UNK RA 22 33.60 -84.92 71.78
C UNK RA 22 32.92 -84.37 73.02
N UNK RA 23 32.57 -83.09 72.97
CA UNK RA 23 31.83 -82.42 74.04
C UNK RA 23 30.49 -81.97 73.48
N UNK RA 24 29.42 -82.56 73.98
CA UNK RA 24 28.08 -82.20 73.54
C UNK RA 24 27.63 -80.90 74.18
N UNK RA 25 26.97 -80.06 73.40
CA UNK RA 25 26.42 -78.79 73.86
C UNK RA 25 24.90 -78.89 73.86
N UNK RA 26 24.30 -78.66 75.02
CA UNK RA 26 22.85 -78.72 75.17
C UNK RA 26 22.22 -77.44 74.65
N UNK RA 27 20.89 -77.37 74.73
CA UNK RA 27 20.18 -76.16 74.33
C UNK RA 27 20.61 -74.97 75.17
N UNK RA 28 20.83 -75.19 76.47
CA UNK RA 28 21.34 -74.16 77.36
C UNK RA 28 22.85 -74.02 77.28
N UNK RA 29 23.46 -74.52 76.21
CA UNK RA 29 24.90 -74.44 75.96
C UNK RA 29 25.71 -75.12 77.05
N UNK RA 30 25.09 -76.00 77.83
CA UNK RA 30 25.83 -76.79 78.80
C UNK RA 30 26.73 -77.78 78.06
N UNK RA 31 27.98 -77.87 78.50
CA UNK RA 31 28.99 -78.68 77.84
C UNK RA 31 29.24 -79.96 78.63
N UNK RA 32 29.22 -81.09 77.92
CA UNK RA 32 29.51 -82.39 78.53
C UNK RA 32 30.50 -83.10 77.62
N UNK RA 33 31.76 -83.13 78.02
CA UNK RA 33 32.81 -83.80 77.25
C UNK RA 33 32.88 -85.25 77.68
N UNK RA 34 32.73 -86.16 76.72
CA UNK RA 34 32.69 -87.59 77.01
C UNK RA 34 34.10 -88.16 77.09
N UNK RA 35 34.19 -89.45 77.39
CA UNK RA 35 35.47 -90.14 77.43
C UNK RA 35 36.06 -90.25 76.03
N UNK RA 36 37.39 -90.20 75.98
CA UNK RA 36 38.08 -90.25 74.69
C UNK RA 36 37.81 -91.58 73.99
N UNK RA 37 37.47 -91.49 72.71
CA UNK RA 37 37.19 -92.67 71.88
C UNK RA 37 38.18 -92.71 70.73
N UNK RA 38 38.82 -93.86 70.55
CA UNK RA 38 39.84 -94.05 69.52
C UNK RA 38 40.95 -93.01 69.62
N UNK RA 39 23.51 -78.29 67.15
CA UNK RA 39 24.70 -77.86 67.87
C UNK RA 39 25.04 -78.85 68.99
N UNK RA 40 24.32 -79.96 69.04
CA UNK RA 40 24.58 -80.96 70.08
C UNK RA 40 25.93 -81.63 69.86
N UNK RA 41 26.10 -82.30 68.72
CA UNK RA 41 27.36 -82.96 68.37
C UNK RA 41 27.63 -82.69 66.89
N UNK RA 42 28.34 -81.61 66.62
CA UNK RA 42 28.68 -81.23 65.25
C UNK RA 42 30.12 -81.59 64.94
N UNK RA 43 30.51 -81.30 63.68
CA UNK RA 43 31.89 -81.53 63.27
C UNK RA 43 32.87 -80.70 64.09
N UNK RA 44 32.53 -79.44 64.35
CA UNK RA 44 33.34 -78.60 65.21
C UNK RA 44 33.35 -79.12 66.64
N UNK RA 45 32.23 -79.65 67.11
CA UNK RA 45 32.19 -80.21 68.46
C UNK RA 45 33.13 -81.41 68.58
N UNK RA 46 33.16 -82.26 67.56
CA UNK RA 46 34.06 -83.41 67.55
C UNK RA 46 35.43 -82.95 67.08
N UNK RA 47 36.28 -82.57 68.03
CA UNK RA 47 37.61 -82.06 67.74
C UNK RA 47 38.63 -83.20 67.84
N UNK RA 48 39.46 -83.32 66.81
CA UNK RA 48 40.48 -84.36 66.77
C UNK RA 48 41.81 -83.84 67.27
N LYS SA 24 -92.08 -106.10 7.14
CA LYS SA 24 -91.67 -105.95 5.75
C LYS SA 24 -90.24 -105.46 5.64
N PHE SA 25 -89.99 -104.25 6.12
CA PHE SA 25 -88.68 -103.61 6.03
C PHE SA 25 -88.05 -103.56 7.41
N LYS SA 26 -86.96 -104.30 7.57
CA LYS SA 26 -86.15 -104.26 8.78
C LYS SA 26 -84.83 -103.60 8.40
N LYS SA 27 -84.74 -102.30 8.59
CA LYS SA 27 -83.57 -101.56 8.13
C LYS SA 27 -82.33 -101.98 8.91
N PRO SA 28 -81.16 -101.94 8.27
CA PRO SA 28 -79.92 -102.34 8.95
C PRO SA 28 -79.48 -101.26 9.91
N PRO SA 29 -78.49 -101.55 10.75
CA PRO SA 29 -77.93 -100.49 11.61
C PRO SA 29 -77.44 -99.32 10.77
N ILE SA 30 -77.72 -98.11 11.25
CA ILE SA 30 -77.45 -96.92 10.46
C ILE SA 30 -75.95 -96.69 10.36
N ASN SA 31 -75.29 -96.47 11.49
CA ASN SA 31 -73.85 -96.25 11.51
C ASN SA 31 -73.10 -97.56 11.73
N ASN SA 32 -73.43 -98.56 10.93
CA ASN SA 32 -72.77 -99.84 11.04
C ASN SA 32 -71.40 -99.78 10.35
N PRO SA 33 -70.42 -100.53 10.85
CA PRO SA 33 -69.11 -100.57 10.19
C PRO SA 33 -69.15 -101.35 8.90
N SER SA 34 -69.53 -100.70 7.79
CA SER SA 34 -69.59 -101.34 6.49
C SER SA 34 -68.28 -101.19 5.71
N ASP SA 35 -67.17 -100.94 6.40
CA ASP SA 35 -65.87 -100.76 5.75
C ASP SA 35 -64.82 -101.57 6.50
N ASP SA 36 -63.80 -102.00 5.75
CA ASP SA 36 -62.72 -102.80 6.34
C ASP SA 36 -62.00 -102.02 7.43
N ALA SA 37 -61.61 -100.78 7.13
CA ALA SA 37 -60.94 -99.97 8.15
C ALA SA 37 -61.85 -99.75 9.34
N THR SA 38 -63.14 -99.52 9.10
CA THR SA 38 -64.06 -99.30 10.20
C THR SA 38 -64.16 -100.52 11.09
N ILE SA 39 -64.30 -101.71 10.51
CA ILE SA 39 -64.43 -102.91 11.33
C ILE SA 39 -63.15 -103.17 12.10
N LYS SA 40 -62.00 -102.97 11.45
CA LYS SA 40 -60.74 -103.17 12.15
C LYS SA 40 -60.60 -102.18 13.29
N LEU SA 41 -61.01 -100.93 13.06
CA LEU SA 41 -60.94 -99.92 14.10
C LEU SA 41 -61.83 -100.27 15.28
N ALA SA 42 -63.06 -100.74 14.98
CA ALA SA 42 -63.97 -101.12 16.05
C ALA SA 42 -63.42 -102.29 16.85
N GLU SA 43 -62.84 -103.27 16.16
CA GLU SA 43 -62.23 -104.40 16.85
C GLU SA 43 -61.08 -103.93 17.74
N ALA SA 44 -60.27 -103.01 17.24
CA ALA SA 44 -59.18 -102.46 18.05
C ALA SA 44 -59.74 -101.74 19.27
N ALA SA 45 -60.86 -101.03 19.09
CA ALA SA 45 -61.49 -100.35 20.22
C ALA SA 45 -61.94 -101.36 21.27
N VAL SA 46 -62.52 -102.47 20.83
CA VAL SA 46 -62.92 -103.52 21.76
C VAL SA 46 -61.69 -104.04 22.51
N SER SA 47 -60.60 -104.27 21.79
CA SER SA 47 -59.40 -104.81 22.41
C SER SA 47 -58.84 -103.85 23.46
N VAL SA 48 -58.74 -102.57 23.11
CA VAL SA 48 -58.18 -101.61 24.05
C VAL SA 48 -59.09 -101.43 25.25
N SER SA 49 -60.40 -101.47 25.03
CA SER SA 49 -61.33 -101.40 26.15
C SER SA 49 -61.10 -102.57 27.11
N ASP SA 50 -61.00 -103.78 26.57
CA ASP SA 50 -60.79 -104.95 27.43
C ASP SA 50 -59.47 -104.85 28.18
N SER SA 51 -58.40 -104.43 27.49
CA SER SA 51 -57.10 -104.36 28.13
C SER SA 51 -57.08 -103.32 29.25
N MET SA 52 -57.66 -102.15 29.00
CA MET SA 52 -57.68 -101.14 30.04
C MET SA 52 -58.58 -101.56 31.20
N LEU SA 53 -59.66 -102.28 30.90
CA LEU SA 53 -60.49 -102.82 31.97
C LEU SA 53 -59.68 -103.77 32.84
N GLU SA 54 -58.88 -104.64 32.21
CA GLU SA 54 -58.04 -105.56 32.96
C GLU SA 54 -57.02 -104.80 33.80
N MET SA 55 -56.44 -103.74 33.23
CA MET SA 55 -55.47 -102.93 33.96
C MET SA 55 -56.10 -102.32 35.19
N ALA SA 56 -57.29 -101.75 35.05
CA ALA SA 56 -58.00 -101.19 36.20
C ALA SA 56 -58.30 -102.28 37.23
N LYS SA 57 -58.72 -103.45 36.76
CA LYS SA 57 -59.01 -104.56 37.66
C LYS SA 57 -57.80 -104.92 38.50
N VAL SA 58 -56.66 -105.12 37.85
CA VAL SA 58 -55.48 -105.60 38.57
C VAL SA 58 -54.95 -104.51 39.51
N GLU SA 59 -54.90 -103.27 39.03
CA GLU SA 59 -54.31 -102.22 39.86
C GLU SA 59 -55.24 -101.72 40.94
N LYS SA 60 -56.54 -102.00 40.86
CA LYS SA 60 -57.47 -101.50 41.86
C LYS SA 60 -57.30 -102.26 43.17
N VAL SA 61 -57.43 -101.54 44.28
CA VAL SA 61 -57.33 -102.11 45.61
C VAL SA 61 -58.62 -101.80 46.36
N ILE SA 62 -59.16 -102.80 47.06
CA ILE SA 62 -60.39 -102.66 47.80
C ILE SA 62 -60.21 -103.25 49.19
N THR SA 63 -61.14 -102.91 50.07
CA THR SA 63 -61.17 -103.44 51.42
C THR SA 63 -62.45 -104.24 51.62
N PRO SA 64 -62.39 -105.37 52.32
CA PRO SA 64 -63.58 -106.18 52.50
C PRO SA 64 -64.61 -105.46 53.34
N PRO SA 65 -65.91 -105.70 53.11
CA PRO SA 65 -66.94 -105.08 53.95
C PRO SA 65 -66.94 -105.59 55.38
N SER SA 66 -66.15 -106.61 55.69
CA SER SA 66 -66.03 -107.08 57.06
C SER SA 66 -65.14 -106.17 57.90
N LYS SA 67 -64.12 -105.57 57.30
CA LYS SA 67 -63.14 -104.77 58.02
C LYS SA 67 -63.05 -103.36 57.46
N ASP SA 68 -64.20 -102.79 57.08
CA ASP SA 68 -64.27 -101.39 56.68
C ASP SA 68 -64.57 -100.56 57.93
N ASN SA 69 -63.51 -100.07 58.57
CA ASN SA 69 -63.62 -99.44 59.88
C ASN SA 69 -64.23 -98.05 59.70
N THR SA 70 -65.55 -98.03 59.52
CA THR SA 70 -66.33 -96.81 59.50
C THR SA 70 -67.46 -96.91 60.51
N LEU SA 71 -67.91 -95.77 61.00
CA LEU SA 71 -69.00 -95.74 61.95
C LEU SA 71 -70.29 -96.28 61.32
N THR SA 72 -70.98 -97.13 62.06
CA THR SA 72 -72.26 -97.65 61.60
C THR SA 72 -73.40 -96.76 62.08
N ILE SA 73 -74.59 -97.03 61.56
CA ILE SA 73 -75.77 -96.24 61.90
C ILE SA 73 -76.23 -96.64 63.29
N PRO SA 74 -76.33 -95.70 64.23
CA PRO SA 74 -76.77 -96.03 65.59
C PRO SA 74 -78.22 -96.48 65.68
N ASN SA 75 -79.02 -96.24 64.64
CA ASN SA 75 -80.43 -96.64 64.56
C ASN SA 75 -81.21 -96.28 65.82
N ALA SA 76 -80.86 -95.15 66.44
CA ALA SA 76 -81.61 -94.66 67.58
C ALA SA 76 -82.71 -93.71 67.12
N TYR SA 77 -83.90 -93.86 67.72
CA TYR SA 77 -85.06 -93.09 67.28
C TYR SA 77 -84.83 -91.59 67.39
N ASN SA 78 -83.98 -91.16 68.33
CA ASN SA 78 -83.75 -89.74 68.54
C ASN SA 78 -82.87 -89.12 67.46
N LEU SA 79 -82.46 -89.89 66.45
CA LEU SA 79 -81.56 -89.40 65.42
C LEU SA 79 -82.18 -89.45 64.03
N GLN SA 80 -83.51 -89.49 63.95
CA GLN SA 80 -84.22 -89.61 62.68
C GLN SA 80 -84.71 -88.28 62.15
N ALA SA 81 -84.39 -87.17 62.81
CA ALA SA 81 -84.85 -85.88 62.35
C ALA SA 81 -84.10 -85.45 61.09
N ARG SA 82 -84.53 -84.31 60.54
CA ARG SA 82 -83.93 -83.75 59.34
C ARG SA 82 -83.58 -82.29 59.59
N ALA SA 83 -82.57 -81.82 58.86
CA ALA SA 83 -82.11 -80.45 58.98
C ALA SA 83 -81.30 -80.09 57.74
N SER SA 84 -80.62 -78.95 57.80
CA SER SA 84 -79.74 -78.50 56.72
C SER SA 84 -78.66 -77.62 57.34
N VAL SA 85 -77.40 -78.05 57.23
CA VAL SA 85 -76.29 -77.37 57.88
C VAL SA 85 -75.15 -77.24 56.88
N ASP SA 86 -74.57 -76.04 56.80
CA ASP SA 86 -73.37 -75.80 56.00
C ASP SA 86 -72.31 -75.22 56.92
N TRP SA 87 -71.38 -76.07 57.37
CA TRP SA 87 -70.36 -75.65 58.30
C TRP SA 87 -68.99 -75.96 57.72
N SER SA 88 -68.03 -75.08 57.99
CA SER SA 88 -66.65 -75.26 57.55
C SER SA 88 -65.74 -74.74 58.66
N GLY SA 89 -65.31 -75.64 59.53
CA GLY SA 89 -64.43 -75.28 60.61
C GLY SA 89 -64.15 -76.43 61.54
N PRO SA 90 -63.91 -76.13 62.82
CA PRO SA 90 -63.67 -77.17 63.81
C PRO SA 90 -64.85 -78.12 63.94
N ILE SA 91 -64.61 -79.21 64.65
CA ILE SA 91 -65.58 -80.29 64.76
C ILE SA 91 -66.30 -80.21 66.10
N GLU SA 92 -65.63 -79.60 67.09
CA GLU SA 92 -66.16 -79.62 68.46
C GLU SA 92 -67.49 -78.89 68.55
N GLU SA 93 -67.56 -77.66 68.04
CA GLU SA 93 -68.79 -76.89 68.12
C GLU SA 93 -69.91 -77.58 67.35
N LEU SA 94 -69.61 -78.07 66.15
CA LEU SA 94 -70.62 -78.71 65.33
C LEU SA 94 -71.19 -79.95 66.02
N THR SA 95 -70.32 -80.81 66.53
CA THR SA 95 -70.78 -82.02 67.20
C THR SA 95 -71.53 -81.70 68.47
N ALA SA 96 -71.08 -80.70 69.23
CA ALA SA 96 -71.80 -80.32 70.44
C ALA SA 96 -73.19 -79.81 70.11
N ARG SA 97 -73.32 -79.01 69.06
CA ARG SA 97 -74.64 -78.52 68.66
C ARG SA 97 -75.53 -79.66 68.19
N ILE SA 98 -74.95 -80.63 67.48
CA ILE SA 98 -75.73 -81.78 67.05
C ILE SA 98 -76.22 -82.57 68.26
N ALA SA 99 -75.36 -82.75 69.25
CA ALA SA 99 -75.76 -83.45 70.48
C ALA SA 99 -76.87 -82.68 71.19
N LYS SA 100 -76.76 -81.35 71.21
CA LYS SA 100 -77.80 -80.54 71.83
C LYS SA 100 -79.13 -80.72 71.11
N ALA SA 101 -79.11 -80.75 69.79
CA ALA SA 101 -80.33 -80.97 69.03
C ALA SA 101 -80.91 -82.35 69.31
N ALA SA 102 -80.05 -83.35 69.42
CA ALA SA 102 -80.48 -84.72 69.62
C ALA SA 102 -80.76 -85.06 71.08
N HIS SA 103 -80.57 -84.11 71.99
CA HIS SA 103 -80.81 -84.32 73.43
C HIS SA 103 -79.90 -85.41 73.98
N PHE SA 104 -78.61 -85.30 73.68
CA PHE SA 104 -77.60 -86.24 74.12
C PHE SA 104 -76.47 -85.50 74.80
N ARG SA 105 -75.91 -86.10 75.85
CA ARG SA 105 -74.70 -85.54 76.44
C ARG SA 105 -73.53 -85.76 75.50
N PHE SA 106 -72.55 -84.87 75.59
CA PHE SA 106 -71.43 -84.87 74.64
C PHE SA 106 -70.12 -84.68 75.39
N ARG SA 107 -69.13 -85.52 75.10
CA ARG SA 107 -67.84 -85.39 75.76
C ARG SA 107 -66.73 -85.80 74.80
N VAL SA 108 -65.49 -85.54 75.22
CA VAL SA 108 -64.32 -85.77 74.41
C VAL SA 108 -63.38 -86.71 75.15
N LEU SA 109 -62.42 -87.24 74.40
CA LEU SA 109 -61.39 -88.13 74.94
C LEU SA 109 -60.13 -87.93 74.13
N GLY SA 110 -59.08 -87.42 74.77
CA GLY SA 110 -57.84 -87.07 74.12
C GLY SA 110 -57.49 -85.61 74.36
N LYS SA 111 -57.07 -84.94 73.29
CA LYS SA 111 -56.69 -83.54 73.38
C LYS SA 111 -56.61 -82.96 71.98
N SER SA 112 -57.13 -81.75 71.82
CA SER SA 112 -57.12 -81.12 70.51
C SER SA 112 -55.69 -80.76 70.11
N PRO SA 113 -55.35 -80.89 68.83
CA PRO SA 113 -54.02 -80.46 68.39
C PRO SA 113 -53.91 -78.94 68.33
N SER SA 114 -52.78 -78.44 67.83
CA SER SA 114 -52.62 -77.01 67.66
C SER SA 114 -53.53 -76.50 66.57
N VAL SA 115 -53.33 -76.99 65.34
CA VAL SA 115 -54.20 -76.64 64.23
C VAL SA 115 -55.45 -77.50 64.31
N PRO SA 116 -56.64 -76.91 64.34
CA PRO SA 116 -57.85 -77.71 64.48
C PRO SA 116 -58.14 -78.53 63.25
N VAL SA 117 -58.98 -79.54 63.44
CA VAL SA 117 -59.43 -80.37 62.33
C VAL SA 117 -60.60 -79.65 61.64
N LEU SA 118 -60.51 -79.49 60.33
CA LEU SA 118 -61.47 -78.71 59.57
C LEU SA 118 -62.32 -79.64 58.72
N ILE SA 119 -63.64 -79.45 58.77
CA ILE SA 119 -64.58 -80.28 58.05
C ILE SA 119 -65.61 -79.36 57.39
N SER SA 120 -65.91 -79.61 56.12
CA SER SA 120 -66.89 -78.84 55.38
C SER SA 120 -67.92 -79.80 54.82
N ILE SA 121 -69.12 -79.76 55.38
CA ILE SA 121 -70.24 -80.58 54.91
C ILE SA 121 -71.43 -79.69 54.66
N SER SA 122 -72.09 -79.89 53.54
CA SER SA 122 -73.25 -79.09 53.15
C SER SA 122 -74.38 -80.01 52.74
N THR SA 123 -75.60 -79.70 53.17
CA THR SA 123 -76.75 -80.49 52.82
C THR SA 123 -78.01 -79.64 52.95
N LYS SA 124 -79.00 -79.93 52.11
CA LYS SA 124 -80.31 -79.31 52.21
C LYS SA 124 -81.29 -80.12 53.02
N ASP SA 125 -81.19 -81.46 52.96
CA ASP SA 125 -82.03 -82.33 53.76
C ASP SA 125 -81.24 -83.59 54.07
N GLU SA 126 -81.04 -83.86 55.35
CA GLU SA 126 -80.26 -85.02 55.77
C GLU SA 126 -80.63 -85.37 57.19
N SER SA 127 -80.33 -86.60 57.59
CA SER SA 127 -80.64 -87.05 58.94
C SER SA 127 -79.36 -87.21 59.75
N LEU SA 128 -79.53 -87.17 61.08
CA LEU SA 128 -78.41 -87.08 61.99
C LEU SA 128 -77.49 -88.31 61.89
N ALA SA 129 -78.06 -89.48 61.63
CA ALA SA 129 -77.24 -90.70 61.54
C ALA SA 129 -76.20 -90.55 60.45
N GLU SA 130 -76.63 -90.37 59.21
CA GLU SA 130 -75.69 -90.22 58.11
C GLU SA 130 -74.85 -88.96 58.26
N ILE SA 131 -75.38 -87.93 58.93
CA ILE SA 131 -74.57 -86.75 59.20
C ILE SA 131 -73.35 -87.13 60.03
N LEU SA 132 -73.57 -87.86 61.13
CA LEU SA 132 -72.46 -88.29 61.97
C LEU SA 132 -71.53 -89.22 61.21
N ARG SA 133 -72.09 -90.12 60.41
CA ARG SA 133 -71.25 -91.03 59.64
C ARG SA 133 -70.34 -90.26 58.69
N ASP SA 134 -70.88 -89.27 58.00
CA ASP SA 134 -70.07 -88.45 57.11
C ASP SA 134 -69.02 -87.67 57.88
N ILE SA 135 -69.39 -87.19 59.07
CA ILE SA 135 -68.41 -86.49 59.92
C ILE SA 135 -67.24 -87.41 60.23
N ASP SA 136 -67.53 -88.64 60.63
CA ASP SA 136 -66.46 -89.58 60.95
C ASP SA 136 -65.62 -89.89 59.73
N TYR SA 137 -66.27 -90.09 58.58
CA TYR SA 137 -65.52 -90.40 57.37
C TYR SA 137 -64.59 -89.26 56.98
N GLN SA 138 -65.06 -88.02 57.10
CA GLN SA 138 -64.19 -86.88 56.88
C GLN SA 138 -63.05 -86.86 57.89
N ALA SA 139 -63.35 -87.18 59.15
CA ALA SA 139 -62.32 -87.14 60.19
C ALA SA 139 -61.20 -88.11 59.89
N GLY SA 140 -61.55 -89.33 59.46
CA GLY SA 140 -60.52 -90.29 59.13
C GLY SA 140 -59.69 -90.67 60.33
N LYS SA 141 -58.37 -90.79 60.11
CA LYS SA 141 -57.48 -91.30 61.14
C LYS SA 141 -57.30 -90.34 62.30
N LYS SA 142 -57.54 -89.05 62.09
CA LYS SA 142 -57.24 -88.08 63.14
C LYS SA 142 -58.22 -88.16 64.30
N ALA SA 143 -59.48 -88.52 64.04
CA ALA SA 143 -60.46 -88.54 65.11
C ALA SA 143 -61.53 -89.58 64.80
N SER SA 144 -62.25 -89.97 65.85
CA SER SA 144 -63.33 -90.93 65.75
C SER SA 144 -64.48 -90.48 66.64
N ILE SA 145 -65.65 -91.10 66.44
CA ILE SA 145 -66.84 -90.78 67.21
C ILE SA 145 -67.49 -92.08 67.67
N HIS SA 146 -67.81 -92.16 68.95
CA HIS SA 146 -68.56 -93.28 69.51
C HIS SA 146 -69.89 -92.78 70.04
N VAL SA 147 -70.90 -93.65 69.96
CA VAL SA 147 -72.25 -93.34 70.41
C VAL SA 147 -72.68 -94.39 71.41
N TYR SA 148 -73.10 -93.95 72.59
CA TYR SA 148 -73.72 -94.83 73.56
C TYR SA 148 -75.21 -94.51 73.62
N PRO SA 149 -76.07 -95.40 73.13
CA PRO SA 149 -77.51 -95.13 73.19
C PRO SA 149 -78.13 -95.55 74.51
N ASN SA 150 -77.51 -96.55 75.16
CA ASN SA 150 -77.98 -96.97 76.48
C ASN SA 150 -77.85 -95.84 77.48
N SER SA 151 -76.73 -95.15 77.47
CA SER SA 151 -76.53 -93.90 78.19
C SER SA 151 -76.29 -92.82 77.15
N GLN SA 152 -77.26 -91.92 76.99
CA GLN SA 152 -77.42 -91.16 75.76
C GLN SA 152 -76.27 -90.17 75.64
N VAL SA 153 -75.13 -90.67 75.16
CA VAL SA 153 -73.92 -89.85 75.09
C VAL SA 153 -73.23 -90.05 73.74
N VAL SA 154 -72.51 -89.01 73.33
CA VAL SA 154 -71.66 -89.04 72.14
C VAL SA 154 -70.27 -88.60 72.55
N GLU SA 155 -69.26 -89.38 72.18
CA GLU SA 155 -67.90 -89.15 72.64
C GLU SA 155 -66.99 -89.03 71.43
N LEU SA 156 -66.31 -87.89 71.33
CA LEU SA 156 -65.25 -87.70 70.34
C LEU SA 156 -63.96 -88.29 70.88
N ARG SA 157 -63.13 -88.79 69.98
CA ARG SA 157 -61.90 -89.48 70.37
C ARG SA 157 -60.78 -89.01 69.46
N TYR SA 158 -59.84 -88.25 70.01
CA TYR SA 158 -58.69 -87.82 69.24
C TYR SA 158 -57.72 -88.98 69.02
N ALA SA 159 -56.82 -88.79 68.05
CA ALA SA 159 -55.74 -89.74 67.87
C ALA SA 159 -54.61 -89.47 68.86
N LYS SA 160 -53.96 -90.54 69.29
CA LYS SA 160 -52.84 -90.41 70.22
C LYS SA 160 -51.51 -90.40 69.47
N ILE TA 208 -57.43 -130.93 51.05
CA ILE TA 208 -58.05 -131.27 49.76
C ILE TA 208 -59.33 -130.46 49.60
N ILE TA 209 -59.74 -130.26 48.35
CA ILE TA 209 -60.92 -129.47 48.02
C ILE TA 209 -61.86 -130.33 47.20
N TYR TA 210 -63.14 -130.33 47.57
CA TYR TA 210 -64.16 -131.11 46.89
C TYR TA 210 -64.97 -130.23 45.95
N TYR TA 211 -65.78 -130.88 45.12
CA TYR TA 211 -66.66 -130.18 44.20
C TYR TA 211 -67.92 -130.99 44.00
N ILE TA 212 -68.96 -130.33 43.53
CA ILE TA 212 -70.26 -130.94 43.34
C ILE TA 212 -70.37 -131.48 41.93
N GLN TA 213 -71.22 -132.49 41.76
CA GLN TA 213 -71.61 -132.96 40.43
C GLN TA 213 -73.11 -132.77 40.19
N ALA TA 214 -73.96 -133.25 41.09
CA ALA TA 214 -75.39 -133.07 40.96
C ALA TA 214 -76.00 -133.07 42.35
N VAL TA 215 -77.20 -132.47 42.46
CA VAL TA 215 -77.86 -132.29 43.73
C VAL TA 215 -79.34 -132.65 43.59
N ILE TA 216 -79.88 -133.24 44.65
CA ILE TA 216 -81.30 -133.52 44.77
C ILE TA 216 -81.68 -133.19 46.21
N PRO TA 217 -82.95 -132.91 46.50
CA PRO TA 217 -83.31 -132.70 47.92
C PRO TA 217 -83.00 -133.92 48.76
N GLY TA 218 -82.05 -133.78 49.67
CA GLY TA 218 -81.67 -134.87 50.55
C GLY TA 218 -80.33 -135.49 50.23
N ARG TA 219 -80.03 -135.69 48.95
CA ARG TA 219 -78.81 -136.35 48.52
C ARG TA 219 -78.15 -135.53 47.42
N ALA TA 220 -76.83 -135.66 47.31
CA ALA TA 220 -76.10 -134.93 46.29
C ALA TA 220 -74.86 -135.72 45.90
N TRP TA 221 -74.30 -135.36 44.75
CA TRP TA 221 -73.08 -135.99 44.25
C TRP TA 221 -71.92 -135.04 44.44
N LEU TA 222 -70.85 -135.54 45.05
CA LEU TA 222 -69.63 -134.78 45.28
C LEU TA 222 -68.47 -135.46 44.59
N ILE TA 223 -67.53 -134.66 44.09
CA ILE TA 223 -66.31 -135.14 43.46
C ILE TA 223 -65.13 -134.47 44.12
N GLY TA 224 -64.14 -135.26 44.52
CA GLY TA 224 -62.96 -134.72 45.16
C GLY TA 224 -61.88 -134.30 44.17
N SER TA 225 -60.83 -133.69 44.71
CA SER TA 225 -59.73 -133.25 43.87
C SER TA 225 -59.00 -134.44 43.25
N ASN TA 226 -58.75 -135.47 44.05
CA ASN TA 226 -58.03 -136.65 43.58
C ASN TA 226 -58.94 -137.68 42.92
N GLY TA 227 -60.24 -137.43 42.87
CA GLY TA 227 -61.19 -138.37 42.30
C GLY TA 227 -62.06 -139.08 43.31
N SER TA 228 -62.12 -138.60 44.55
CA SER TA 228 -62.92 -139.24 45.59
C SER TA 228 -64.39 -138.91 45.34
N THR TA 229 -65.01 -139.67 44.44
CA THR TA 229 -66.45 -139.52 44.20
C THR TA 229 -67.23 -140.00 45.41
N LEU TA 230 -68.36 -139.35 45.66
CA LEU TA 230 -69.13 -139.63 46.86
C LEU TA 230 -70.58 -139.22 46.66
N THR TA 231 -71.47 -139.90 47.36
CA THR TA 231 -72.86 -139.49 47.49
C THR TA 231 -73.10 -139.03 48.92
N VAL TA 232 -73.60 -137.82 49.08
CA VAL TA 232 -73.67 -137.18 50.38
C VAL TA 232 -75.13 -136.90 50.74
N ARG TA 233 -75.36 -136.73 52.03
CA ARG TA 233 -76.67 -136.57 52.63
C ARG TA 233 -76.68 -135.31 53.48
N GLU TA 234 -77.88 -134.76 53.70
CA GLU TA 234 -78.01 -133.61 54.59
C GLU TA 234 -77.43 -133.90 55.96
N GLY TA 235 -77.72 -135.08 56.51
CA GLY TA 235 -77.06 -135.52 57.72
C GLY TA 235 -75.87 -136.40 57.41
N SER TA 236 -74.67 -135.83 57.40
CA SER TA 236 -73.47 -136.59 57.08
C SER TA 236 -72.24 -135.80 57.49
N LYS TA 237 -71.24 -136.51 58.01
CA LYS TA 237 -69.99 -135.89 58.42
C LYS TA 237 -68.99 -135.96 57.28
N ILE TA 238 -68.48 -134.79 56.87
CA ILE TA 238 -67.57 -134.68 55.74
C ILE TA 238 -66.17 -134.48 56.30
N PRO TA 239 -65.25 -135.44 56.13
CA PRO TA 239 -63.87 -135.23 56.59
C PRO TA 239 -63.24 -134.03 55.92
N GLY TA 240 -62.49 -133.25 56.69
CA GLY TA 240 -61.89 -132.04 56.21
C GLY TA 240 -62.79 -130.83 56.19
N TYR TA 241 -64.10 -131.02 56.32
CA TYR TA 241 -65.05 -129.92 56.37
C TYR TA 241 -65.98 -129.99 57.56
N GLY TA 242 -66.39 -131.19 57.98
CA GLY TA 242 -67.26 -131.33 59.12
C GLY TA 242 -68.65 -131.81 58.77
N MET TA 243 -69.65 -131.34 59.49
CA MET TA 243 -71.03 -131.74 59.28
C MET TA 243 -71.72 -130.74 58.35
N VAL TA 244 -72.25 -131.24 57.24
CA VAL TA 244 -72.97 -130.38 56.32
C VAL TA 244 -74.19 -129.81 57.01
N LYS TA 245 -74.22 -128.49 57.18
CA LYS TA 245 -75.29 -127.86 57.93
C LYS TA 245 -76.58 -127.78 57.13
N LEU TA 246 -76.48 -127.62 55.81
CA LEU TA 246 -77.66 -127.51 54.96
C LEU TA 246 -77.24 -127.71 53.51
N ILE TA 247 -78.09 -128.42 52.76
CA ILE TA 247 -77.90 -128.61 51.33
C ILE TA 247 -79.00 -127.85 50.60
N ASP TA 248 -78.61 -127.10 49.57
CA ASP TA 248 -79.55 -126.35 48.76
C ASP TA 248 -79.66 -127.02 47.41
N SER TA 249 -80.84 -127.57 47.10
CA SER TA 249 -81.05 -128.19 45.79
C SER TA 249 -81.02 -127.14 44.69
N LEU TA 250 -81.61 -125.96 44.95
CA LEU TA 250 -81.64 -124.92 43.93
C LEU TA 250 -80.28 -124.26 43.76
N GLN TA 251 -79.57 -124.00 44.85
CA GLN TA 251 -78.32 -123.26 44.82
C GLN TA 251 -77.16 -124.22 45.11
N GLY TA 252 -76.21 -124.28 44.18
CA GLY TA 252 -75.06 -125.14 44.37
C GLY TA 252 -74.11 -124.57 45.40
N ARG TA 253 -74.59 -124.43 46.62
CA ARG TA 253 -73.85 -123.78 47.71
C ARG TA 253 -74.10 -124.61 48.96
N ILE TA 254 -73.15 -125.47 49.32
CA ILE TA 254 -73.32 -126.39 50.43
C ILE TA 254 -72.35 -126.00 51.53
N LEU TA 255 -72.87 -125.70 52.72
CA LEU TA 255 -72.05 -125.30 53.84
C LEU TA 255 -71.92 -126.44 54.84
N THR TA 256 -70.80 -126.44 55.55
CA THR TA 256 -70.51 -127.46 56.54
C THR TA 256 -70.50 -126.86 57.94
N SER TA 257 -70.25 -127.72 58.94
CA SER TA 257 -70.23 -127.29 60.32
C SER TA 257 -69.10 -126.32 60.62
N SER TA 258 -68.03 -126.34 59.81
CA SER TA 258 -66.95 -125.38 59.95
C SER TA 258 -67.23 -124.09 59.20
N GLY TA 259 -68.41 -123.96 58.59
CA GLY TA 259 -68.76 -122.80 57.81
C GLY TA 259 -68.23 -122.80 56.41
N GLN TA 260 -67.37 -123.76 56.05
CA GLN TA 260 -66.83 -123.81 54.71
C GLN TA 260 -67.92 -124.15 53.71
N VAL TA 261 -67.80 -123.56 52.51
CA VAL TA 261 -68.82 -123.64 51.48
C VAL TA 261 -68.21 -124.27 50.25
N ILE TA 262 -68.94 -125.22 49.65
CA ILE TA 262 -68.51 -125.90 48.43
C ILE TA 262 -69.53 -125.62 47.34
N LYS TA 263 -69.02 -125.42 46.12
CA LYS TA 263 -69.83 -125.13 44.94
C LYS TA 263 -69.38 -125.97 43.75
N PHE TA 264 -69.85 -125.63 42.56
CA PHE TA 264 -69.45 -126.35 41.36
C PHE TA 264 -68.09 -125.87 40.86
N SER TA 265 -67.47 -126.69 40.02
CA SER TA 265 -66.18 -126.34 39.43
C SER TA 265 -66.36 -125.31 38.33
N GLN TA 266 -65.30 -124.53 38.11
CA GLN TA 266 -65.33 -123.49 37.09
C GLN TA 266 -64.18 -123.67 36.11
N GLN UA 791 72.58 55.04 77.65
CA GLN UA 791 73.90 54.51 77.31
C GLN UA 791 73.76 53.20 76.54
N GLN UA 792 73.77 52.08 77.26
CA GLN UA 792 73.63 50.77 76.66
C GLN UA 792 72.18 50.40 76.37
N GLU UA 793 71.28 51.37 76.32
CA GLU UA 793 69.89 51.16 75.97
C GLU UA 793 69.64 51.34 74.48
N ILE UA 794 70.68 51.61 73.70
CA ILE UA 794 70.51 51.87 72.27
C ILE UA 794 70.01 50.63 71.55
N GLN UA 795 70.59 49.47 71.86
CA GLN UA 795 70.31 48.26 71.08
C GLN UA 795 68.84 47.88 71.15
N GLN UA 796 68.25 47.92 72.34
CA GLN UA 796 66.83 47.63 72.45
C GLN UA 796 66.01 48.69 71.72
N ARG UA 797 66.44 49.94 71.78
CA ARG UA 797 65.79 50.98 70.98
C ARG UA 797 66.05 50.79 69.50
N THR UA 798 67.23 50.27 69.14
CA THR UA 798 67.53 50.02 67.74
C THR UA 798 66.60 48.96 67.15
N SER UA 799 66.13 48.04 67.98
CA SER UA 799 65.31 46.93 67.49
C SER UA 799 63.98 47.43 66.93
N ASP UA 800 63.31 48.32 67.65
CA ASP UA 800 61.98 48.76 67.24
C ASP UA 800 62.04 49.55 65.94
N MET UA 801 62.94 50.53 65.86
CA MET UA 801 63.09 51.29 64.62
C MET UA 801 63.54 50.39 63.47
N LEU UA 802 64.29 49.34 63.78
CA LEU UA 802 64.64 48.36 62.75
C LEU UA 802 63.39 47.75 62.15
N THR UA 803 62.42 47.38 63.00
CA THR UA 803 61.18 46.81 62.52
C THR UA 803 60.43 47.81 61.64
N ALA UA 804 60.33 49.06 62.10
CA ALA UA 804 59.64 50.08 61.33
C ALA UA 804 60.32 50.33 59.99
N ALA UA 805 61.66 50.39 60.00
CA ALA UA 805 62.38 50.62 58.77
C ALA UA 805 62.12 49.52 57.76
N THR UA 806 62.11 48.26 58.21
CA THR UA 806 61.81 47.15 57.32
C THR UA 806 60.44 47.33 56.67
N GLN UA 807 59.48 47.85 57.43
CA GLN UA 807 58.17 48.14 56.84
C GLN UA 807 58.27 49.27 55.83
N LEU UA 808 58.91 50.37 56.22
CA LEU UA 808 58.85 51.60 55.43
C LEU UA 808 59.47 51.39 54.04
N VAL UA 809 60.55 50.62 53.96
CA VAL UA 809 61.20 50.41 52.66
C VAL UA 809 60.26 49.69 51.71
N GLN UA 810 59.65 48.59 52.15
CA GLN UA 810 58.71 47.89 51.31
C GLN UA 810 57.39 48.64 51.17
N ASP UA 811 57.13 49.62 52.04
CA ASP UA 811 55.94 50.45 51.90
C ASP UA 811 55.98 51.35 50.69
N TRP UA 812 57.14 51.47 50.04
CA TRP UA 812 57.29 52.32 48.86
C TRP UA 812 57.59 51.54 47.59
N LYS UA 813 58.09 50.31 47.71
CA LYS UA 813 58.43 49.53 46.51
C LYS UA 813 57.20 49.26 45.67
N GLN UA 814 56.08 48.93 46.31
CA GLN UA 814 54.87 48.56 45.60
C GLN UA 814 54.32 49.73 44.80
N VAL UA 815 53.80 49.42 43.62
CA VAL UA 815 53.08 50.39 42.81
C VAL UA 815 52.05 49.65 41.98
N GLU UA 816 50.77 49.98 42.18
CA GLU UA 816 49.72 49.36 41.40
C GLU UA 816 49.69 49.97 40.01
N THR UA 817 49.41 49.13 39.01
CA THR UA 817 49.46 49.58 37.64
C THR UA 817 48.24 50.42 37.29
N GLN UA 818 48.28 51.02 36.11
CA GLN UA 818 47.16 51.78 35.60
C GLN UA 818 46.01 50.85 35.22
N VAL UA 819 44.80 51.42 35.15
CA VAL UA 819 43.61 50.68 34.80
C VAL UA 819 43.00 51.32 33.56
N TYR UA 820 42.91 50.54 32.49
CA TYR UA 820 42.36 51.01 31.23
C TYR UA 820 40.97 50.41 31.03
N THR UA 821 40.00 51.26 30.71
CA THR UA 821 38.62 50.84 30.54
C THR UA 821 38.07 51.42 29.25
N GLU UA 822 37.26 50.65 28.55
CA GLU UA 822 36.62 51.07 27.31
C GLU UA 822 35.12 51.23 27.50
N GLY UA 823 34.57 52.25 26.87
CA GLY UA 823 33.15 52.53 26.96
C GLY UA 823 32.36 51.85 25.86
N THR UA 824 31.04 52.04 25.91
CA THR UA 824 30.14 51.48 24.91
C THR UA 824 28.80 52.22 24.90
N MET VA 23 -108.92 -82.51 16.22
CA MET VA 23 -108.31 -83.18 17.37
C MET VA 23 -106.99 -82.52 17.74
N LYS VA 24 -107.00 -81.20 17.87
CA LYS VA 24 -105.79 -80.46 18.21
C LYS VA 24 -105.42 -80.71 19.67
N PHE VA 25 -104.18 -80.32 20.02
CA PHE VA 25 -103.65 -80.55 21.35
C PHE VA 25 -103.01 -79.28 21.87
N LYS VA 26 -103.03 -79.13 23.19
CA LYS VA 26 -102.45 -77.96 23.83
C LYS VA 26 -102.33 -78.22 25.33
N LYS VA 27 -101.67 -77.31 26.02
CA LYS VA 27 -101.51 -77.35 27.46
C LYS VA 27 -102.29 -76.21 28.11
N PRO VA 28 -102.66 -76.34 29.38
CA PRO VA 28 -103.56 -75.36 30.00
C PRO VA 28 -103.02 -73.93 29.94
N PRO VA 29 -101.79 -73.66 30.43
CA PRO VA 29 -101.40 -72.26 30.56
C PRO VA 29 -101.15 -71.61 29.21
N ILE VA 30 -102.07 -70.75 28.78
CA ILE VA 30 -101.98 -70.01 27.54
C ILE VA 30 -102.19 -68.54 27.90
N ASN VA 31 -101.10 -67.83 28.17
CA ASN VA 31 -101.16 -66.48 28.69
C ASN VA 31 -100.65 -65.49 27.65
N ASN VA 32 -100.61 -64.22 28.04
CA ASN VA 32 -100.10 -63.18 27.17
C ASN VA 32 -98.59 -63.34 27.00
N PRO VA 33 -98.04 -62.80 25.91
CA PRO VA 33 -96.60 -62.95 25.67
C PRO VA 33 -95.78 -62.31 26.77
N SER VA 34 -94.60 -62.87 27.00
CA SER VA 34 -93.72 -62.45 28.07
C SER VA 34 -92.62 -61.54 27.54
N ASP VA 35 -91.69 -61.17 28.41
CA ASP VA 35 -90.58 -60.30 28.05
C ASP VA 35 -89.31 -60.80 28.71
N ASP VA 36 -88.22 -60.83 27.94
CA ASP VA 36 -86.95 -61.37 28.43
C ASP VA 36 -86.45 -60.56 29.63
N ALA VA 37 -86.69 -59.25 29.63
CA ALA VA 37 -86.27 -58.43 30.75
C ALA VA 37 -86.91 -58.92 32.04
N THR VA 38 -88.24 -59.06 32.04
CA THR VA 38 -88.93 -59.60 33.21
C THR VA 38 -88.46 -61.01 33.52
N ILE VA 39 -88.14 -61.79 32.49
CA ILE VA 39 -87.64 -63.15 32.72
C ILE VA 39 -86.38 -63.10 33.56
N LYS VA 40 -85.43 -62.28 33.16
CA LYS VA 40 -84.18 -62.16 33.91
C LYS VA 40 -84.41 -61.57 35.29
N LEU VA 41 -85.35 -60.64 35.40
CA LEU VA 41 -85.69 -60.09 36.71
C LEU VA 41 -86.14 -61.18 37.65
N ALA VA 42 -87.08 -62.02 37.21
CA ALA VA 42 -87.54 -63.12 38.04
C ALA VA 42 -86.42 -64.11 38.32
N GLU VA 43 -85.54 -64.31 37.35
CA GLU VA 43 -84.41 -65.22 37.54
C GLU VA 43 -83.53 -64.75 38.69
N ALA VA 44 -83.25 -63.45 38.75
CA ALA VA 44 -82.53 -62.92 39.90
C ALA VA 44 -83.37 -63.03 41.17
N ALA VA 45 -84.66 -62.74 41.05
CA ALA VA 45 -85.52 -62.62 42.23
C ALA VA 45 -85.64 -63.94 42.97
N VAL VA 46 -85.77 -65.05 42.24
CA VAL VA 46 -85.93 -66.34 42.90
C VAL VA 46 -84.71 -66.66 43.76
N SER VA 47 -83.52 -66.42 43.21
CA SER VA 47 -82.29 -66.64 43.97
C SER VA 47 -82.23 -65.73 45.17
N VAL VA 48 -82.61 -64.46 45.00
CA VAL VA 48 -82.60 -63.54 46.13
C VAL VA 48 -83.51 -64.03 47.23
N SER VA 49 -84.71 -64.50 46.85
CA SER VA 49 -85.65 -65.03 47.81
C SER VA 49 -85.09 -66.24 48.53
N ASP VA 50 -84.43 -67.14 47.79
CA ASP VA 50 -83.86 -68.32 48.41
C ASP VA 50 -82.82 -67.94 49.45
N SER VA 51 -81.94 -67.00 49.10
CA SER VA 51 -80.91 -66.58 50.04
C SER VA 51 -81.52 -65.93 51.28
N MET VA 52 -82.52 -65.08 51.07
CA MET VA 52 -83.19 -64.43 52.20
C MET VA 52 -83.85 -65.46 53.10
N LEU VA 53 -84.49 -66.47 52.50
CA LEU VA 53 -85.11 -67.53 53.30
C LEU VA 53 -84.08 -68.28 54.11
N GLU VA 54 -82.93 -68.59 53.50
CA GLU VA 54 -81.86 -69.26 54.24
C GLU VA 54 -81.41 -68.44 55.44
N MET VA 55 -81.17 -67.16 55.22
CA MET VA 55 -80.70 -66.30 56.31
C MET VA 55 -81.74 -66.19 57.40
N ALA VA 56 -83.01 -66.02 57.02
CA ALA VA 56 -84.06 -65.92 58.02
C ALA VA 56 -84.16 -67.19 58.84
N LYS VA 57 -84.06 -68.36 58.18
CA LYS VA 57 -84.17 -69.62 58.90
C LYS VA 57 -83.04 -69.77 59.90
N VAL VA 58 -81.80 -69.48 59.48
CA VAL VA 58 -80.68 -69.66 60.39
C VAL VA 58 -80.77 -68.66 61.54
N GLU VA 59 -81.13 -67.41 61.25
CA GLU VA 59 -81.26 -66.42 62.31
C GLU VA 59 -82.34 -66.82 63.31
N LYS VA 60 -83.48 -67.31 62.81
CA LYS VA 60 -84.56 -67.74 63.69
C LYS VA 60 -84.12 -68.89 64.58
N VAL VA 61 -83.52 -69.92 63.97
CA VAL VA 61 -83.13 -71.08 64.76
C VAL VA 61 -82.01 -70.74 65.74
N ILE VA 62 -81.24 -69.67 65.48
CA ILE VA 62 -80.20 -69.29 66.42
C ILE VA 62 -80.77 -68.49 67.58
N THR VA 63 -81.53 -67.44 67.27
CA THR VA 63 -82.02 -66.54 68.31
C THR VA 63 -83.31 -67.08 68.90
N PRO VA 64 -83.37 -67.33 70.21
CA PRO VA 64 -84.61 -67.80 70.82
C PRO VA 64 -85.54 -66.65 71.13
N PRO VA 65 -86.76 -66.67 70.59
CA PRO VA 65 -87.74 -65.64 70.95
C PRO VA 65 -88.15 -65.76 72.41
N SER VA 66 -88.58 -64.64 72.99
CA SER VA 66 -88.91 -64.62 74.40
C SER VA 66 -90.27 -63.97 74.67
N LYS VA 67 -90.72 -63.08 73.80
CA LYS VA 67 -91.92 -62.31 74.07
C LYS VA 67 -92.58 -61.89 72.78
N ASP VA 68 -93.90 -61.72 72.82
CA ASP VA 68 -94.69 -61.22 71.70
C ASP VA 68 -95.13 -59.79 71.98
N ASN VA 69 -95.25 -59.01 70.90
CA ASN VA 69 -95.65 -57.62 71.01
C ASN VA 69 -97.11 -57.46 71.40
N THR VA 70 -97.93 -58.49 71.20
CA THR VA 70 -99.35 -58.41 71.56
C THR VA 70 -99.52 -58.09 73.04
N LEU VA 71 -98.55 -58.49 73.87
CA LEU VA 71 -98.59 -58.12 75.28
C LEU VA 71 -98.55 -56.61 75.45
N THR VA 72 -97.71 -55.92 74.68
CA THR VA 72 -97.67 -54.47 74.73
C THR VA 72 -98.92 -53.87 74.11
N ILE VA 73 -99.34 -54.40 72.96
CA ILE VA 73 -100.47 -53.84 72.24
C ILE VA 73 -101.64 -54.81 72.27
N PRO VA 74 -102.64 -54.57 73.12
CA PRO VA 74 -103.85 -55.39 73.07
C PRO VA 74 -104.86 -54.81 72.09
N ASN VA 75 -106.04 -55.41 71.99
CA ASN VA 75 -107.10 -54.89 71.15
C ASN VA 75 -108.40 -54.82 71.94
N ALA VA 76 -109.28 -53.90 71.52
CA ALA VA 76 -110.60 -53.75 72.11
C ALA VA 76 -111.60 -53.57 70.98
N TYR VA 77 -112.83 -53.21 71.33
CA TYR VA 77 -113.86 -53.00 70.34
C TYR VA 77 -113.53 -51.72 69.56
N ASN VA 78 -114.42 -51.36 68.62
CA ASN VA 78 -114.24 -50.21 67.73
C ASN VA 78 -112.84 -50.16 67.14
N LEU VA 79 -112.24 -51.34 66.96
CA LEU VA 79 -110.90 -51.45 66.42
C LEU VA 79 -110.80 -52.44 65.27
N GLN VA 80 -111.91 -53.03 64.85
CA GLN VA 80 -111.89 -54.09 63.85
C GLN VA 80 -112.38 -53.62 62.49
N ALA VA 81 -112.44 -52.31 62.28
CA ALA VA 81 -112.78 -51.80 60.95
C ALA VA 81 -111.71 -52.24 59.96
N ARG VA 82 -112.14 -52.43 58.71
CA ARG VA 82 -111.22 -52.96 57.71
C ARG VA 82 -110.42 -51.82 57.07
N ALA VA 83 -109.20 -52.14 56.66
CA ALA VA 83 -108.32 -51.16 56.05
C ALA VA 83 -107.58 -51.79 54.88
N SER VA 84 -107.30 -50.97 53.88
CA SER VA 84 -106.48 -51.37 52.74
C SER VA 84 -105.55 -50.22 52.41
N VAL VA 85 -104.24 -50.48 52.47
CA VAL VA 85 -103.26 -49.41 52.51
C VAL VA 85 -102.20 -49.61 51.45
N ASP VA 86 -101.56 -48.49 51.08
CA ASP VA 86 -100.36 -48.49 50.27
C ASP VA 86 -99.63 -47.18 50.57
N TRP VA 87 -98.53 -47.27 51.32
CA TRP VA 87 -97.84 -46.09 51.81
C TRP VA 87 -96.34 -46.27 51.67
N SER VA 88 -95.66 -45.21 51.24
CA SER VA 88 -94.22 -45.24 51.01
C SER VA 88 -93.57 -43.96 51.52
N GLY VA 89 -93.96 -43.52 52.72
CA GLY VA 89 -93.42 -42.30 53.28
C GLY VA 89 -93.13 -42.40 54.76
N PRO VA 90 -92.96 -41.26 55.41
CA PRO VA 90 -92.72 -41.25 56.85
C PRO VA 90 -93.93 -41.76 57.62
N ILE VA 91 -93.73 -42.02 58.91
CA ILE VA 91 -94.72 -42.73 59.70
C ILE VA 91 -95.70 -41.79 60.39
N GLU VA 92 -95.34 -40.53 60.59
CA GLU VA 92 -96.13 -39.67 61.44
C GLU VA 92 -97.48 -39.35 60.82
N GLU VA 93 -97.50 -38.97 59.54
CA GLU VA 93 -98.77 -38.65 58.91
C GLU VA 93 -99.68 -39.88 58.87
N LEU VA 94 -99.12 -41.04 58.55
CA LEU VA 94 -99.90 -42.26 58.50
C LEU VA 94 -100.52 -42.58 59.86
N THR VA 95 -99.72 -42.52 60.92
CA THR VA 95 -100.25 -42.89 62.23
C THR VA 95 -101.26 -41.86 62.71
N ALA VA 96 -101.05 -40.57 62.40
CA ALA VA 96 -102.02 -39.57 62.78
C ALA VA 96 -103.35 -39.82 62.07
N ARG VA 97 -103.30 -40.12 60.77
CA ARG VA 97 -104.52 -40.38 60.03
C ARG VA 97 -105.25 -41.61 60.57
N ILE VA 98 -104.51 -42.67 60.88
CA ILE VA 98 -105.17 -43.87 61.36
C ILE VA 98 -105.73 -43.65 62.76
N ALA VA 99 -105.06 -42.86 63.60
CA ALA VA 99 -105.61 -42.54 64.91
C ALA VA 99 -106.89 -41.73 64.78
N LYS VA 100 -106.90 -40.76 63.87
CA LYS VA 100 -108.11 -39.98 63.64
C LYS VA 100 -109.24 -40.87 63.16
N ALA VA 101 -108.93 -41.84 62.31
CA ALA VA 101 -109.95 -42.81 61.91
C ALA VA 101 -110.44 -43.61 63.11
N ALA VA 102 -109.54 -44.00 64.00
CA ALA VA 102 -109.88 -44.83 65.14
C ALA VA 102 -110.57 -44.06 66.26
N HIS VA 103 -110.64 -42.73 66.17
CA HIS VA 103 -111.24 -41.88 67.20
C HIS VA 103 -110.48 -41.99 68.52
N PHE VA 104 -109.17 -42.13 68.43
CA PHE VA 104 -108.32 -42.20 69.62
C PHE VA 104 -107.43 -40.97 69.70
N ARG VA 105 -107.05 -40.62 70.93
CA ARG VA 105 -106.17 -39.49 71.11
C ARG VA 105 -104.75 -39.85 70.68
N PHE VA 106 -103.97 -38.83 70.34
CA PHE VA 106 -102.64 -39.00 69.77
C PHE VA 106 -101.61 -38.38 70.70
N ARG VA 107 -100.44 -39.01 70.80
CA ARG VA 107 -99.39 -38.46 71.63
C ARG VA 107 -98.03 -38.96 71.14
N VAL VA 108 -97.02 -38.10 71.27
CA VAL VA 108 -95.67 -38.43 70.85
C VAL VA 108 -94.74 -38.31 72.04
N LEU VA 109 -93.69 -39.13 72.03
CA LEU VA 109 -92.70 -39.17 73.09
C LEU VA 109 -91.31 -39.22 72.47
N GLY VA 110 -90.40 -38.44 73.03
CA GLY VA 110 -89.09 -38.31 72.44
C GLY VA 110 -89.10 -37.35 71.27
N LYS VA 111 -88.07 -37.44 70.44
CA LYS VA 111 -87.95 -36.56 69.28
C LYS VA 111 -87.47 -37.36 68.08
N SER VA 112 -88.09 -37.10 66.94
CA SER VA 112 -87.63 -37.71 65.70
C SER VA 112 -86.24 -37.18 65.36
N PRO VA 113 -85.30 -38.05 65.01
CA PRO VA 113 -84.00 -37.57 64.58
C PRO VA 113 -84.09 -36.88 63.23
N SER VA 114 -83.08 -36.05 62.95
CA SER VA 114 -83.02 -35.36 61.67
C SER VA 114 -83.02 -36.34 60.51
N VAL VA 115 -82.39 -37.50 60.68
CA VAL VA 115 -82.56 -38.54 59.67
C VAL VA 115 -84.01 -39.00 59.70
N PRO VA 116 -84.70 -39.01 58.56
CA PRO VA 116 -86.11 -39.42 58.56
C PRO VA 116 -86.26 -40.90 58.85
N VAL VA 117 -87.43 -41.24 59.38
CA VAL VA 117 -87.80 -42.62 59.64
C VAL VA 117 -88.84 -43.03 58.61
N LEU VA 118 -88.51 -44.03 57.81
CA LEU VA 118 -89.31 -44.40 56.65
C LEU VA 118 -89.92 -45.78 56.84
N ILE VA 119 -91.12 -45.95 56.29
CA ILE VA 119 -91.82 -47.22 56.33
C ILE VA 119 -92.46 -47.47 54.97
N SER VA 120 -92.26 -48.66 54.43
CA SER VA 120 -92.87 -49.09 53.17
C SER VA 120 -93.77 -50.26 53.47
N ILE VA 121 -95.09 -50.02 53.43
CA ILE VA 121 -96.07 -51.05 53.72
C ILE VA 121 -97.09 -51.09 52.59
N SER VA 122 -97.31 -52.28 52.05
CA SER VA 122 -98.31 -52.50 51.00
C SER VA 122 -98.98 -53.83 51.29
N THR VA 123 -100.15 -53.78 51.91
CA THR VA 123 -100.89 -54.97 52.28
C THR VA 123 -102.35 -54.77 51.94
N LYS VA 124 -103.21 -55.68 52.40
CA LYS VA 124 -104.62 -55.66 51.99
C LYS VA 124 -105.49 -56.33 53.03
N ASP VA 125 -106.48 -55.60 53.53
CA ASP VA 125 -107.66 -56.18 54.19
C ASP VA 125 -107.28 -57.02 55.41
N GLU VA 126 -106.79 -56.34 56.43
CA GLU VA 126 -106.57 -56.98 57.73
C GLU VA 126 -107.01 -56.01 58.83
N SER VA 127 -106.70 -56.36 60.07
CA SER VA 127 -107.17 -55.61 61.21
C SER VA 127 -106.31 -54.38 61.47
N LEU VA 128 -106.93 -53.37 62.08
CA LEU VA 128 -106.20 -52.17 62.46
C LEU VA 128 -105.11 -52.49 63.47
N ALA VA 129 -105.43 -53.34 64.46
CA ALA VA 129 -104.46 -53.67 65.50
C ALA VA 129 -103.26 -54.39 64.90
N GLU VA 130 -103.51 -55.36 64.03
CA GLU VA 130 -102.40 -56.06 63.42
C GLU VA 130 -101.64 -55.17 62.44
N ILE VA 131 -102.33 -54.22 61.81
CA ILE VA 131 -101.63 -53.23 60.99
C ILE VA 131 -100.65 -52.45 61.85
N LEU VA 132 -101.10 -52.00 63.02
CA LEU VA 132 -100.22 -51.27 63.92
C LEU VA 132 -99.05 -52.13 64.35
N ARG VA 133 -99.32 -53.39 64.67
CA ARG VA 133 -98.25 -54.28 65.11
C ARG VA 133 -97.21 -54.48 64.01
N ASP VA 134 -97.67 -54.71 62.77
CA ASP VA 134 -96.75 -54.83 61.65
C ASP VA 134 -95.96 -53.54 61.43
N ILE VA 135 -96.61 -52.40 61.60
CA ILE VA 135 -95.93 -51.12 61.43
C ILE VA 135 -94.80 -51.01 62.44
N ASP VA 136 -95.09 -51.33 63.70
CA ASP VA 136 -94.05 -51.25 64.73
C ASP VA 136 -92.93 -52.24 64.44
N TYR VA 137 -93.28 -53.46 64.01
CA TYR VA 137 -92.25 -54.44 63.68
C TYR VA 137 -91.33 -53.94 62.59
N GLN VA 138 -91.91 -53.46 61.48
CA GLN VA 138 -91.09 -52.96 60.39
C GLN VA 138 -90.29 -51.73 60.81
N ALA VA 139 -90.82 -50.92 61.71
CA ALA VA 139 -90.04 -49.82 62.26
C ALA VA 139 -88.82 -50.34 63.03
N GLY VA 140 -88.97 -51.40 63.80
CA GLY VA 140 -87.82 -52.03 64.40
C GLY VA 140 -87.30 -51.27 65.61
N LYS VA 141 -85.99 -51.13 65.68
CA LYS VA 141 -85.30 -50.67 66.87
C LYS VA 141 -85.27 -49.14 67.00
N LYS VA 142 -85.94 -48.42 66.10
CA LYS VA 142 -85.90 -46.97 66.16
C LYS VA 142 -87.14 -46.34 66.75
N ALA VA 143 -88.29 -47.00 66.69
CA ALA VA 143 -89.52 -46.45 67.24
C ALA VA 143 -90.34 -47.56 67.86
N SER VA 144 -91.32 -47.16 68.66
CA SER VA 144 -92.26 -48.11 69.25
C SER VA 144 -93.64 -47.48 69.31
N ILE VA 145 -94.65 -48.33 69.23
CA ILE VA 145 -96.06 -47.93 69.23
C ILE VA 145 -96.72 -48.56 70.43
N HIS VA 146 -97.47 -47.77 71.20
CA HIS VA 146 -98.22 -48.28 72.33
C HIS VA 146 -99.64 -47.74 72.27
N VAL VA 147 -100.59 -48.57 72.66
CA VAL VA 147 -101.99 -48.18 72.69
C VAL VA 147 -102.52 -48.43 74.10
N TYR VA 148 -103.08 -47.39 74.70
CA TYR VA 148 -103.77 -47.55 75.98
C TYR VA 148 -105.26 -47.44 75.73
N PRO VA 149 -105.99 -48.55 75.64
CA PRO VA 149 -107.42 -48.48 75.39
C PRO VA 149 -108.22 -48.05 76.59
N ASN VA 150 -107.64 -48.12 77.79
CA ASN VA 150 -108.31 -47.60 78.98
C ASN VA 150 -108.61 -46.11 78.81
N SER VA 151 -107.71 -45.39 78.14
CA SER VA 151 -107.93 -43.99 77.80
C SER VA 151 -108.00 -43.76 76.29
N GLN VA 152 -108.08 -44.84 75.51
CA GLN VA 152 -108.10 -44.81 74.05
C GLN VA 152 -107.12 -43.77 73.50
N VAL VA 153 -105.86 -43.97 73.83
CA VAL VA 153 -104.78 -43.10 73.38
C VAL VA 153 -103.73 -43.94 72.68
N VAL VA 154 -102.99 -43.29 71.79
CA VAL VA 154 -101.91 -43.92 71.03
C VAL VA 154 -100.64 -43.12 71.24
N GLU VA 155 -99.63 -43.76 71.82
CA GLU VA 155 -98.32 -43.16 72.05
C GLU VA 155 -97.35 -43.66 71.00
N LEU VA 156 -96.70 -42.73 70.32
CA LEU VA 156 -95.59 -43.03 69.43
C LEU VA 156 -94.31 -42.57 70.12
N ARG VA 157 -93.45 -43.51 70.48
CA ARG VA 157 -92.23 -43.18 71.20
C ARG VA 157 -91.02 -43.42 70.30
N TYR VA 158 -90.11 -42.46 70.28
CA TYR VA 158 -88.85 -42.62 69.55
C TYR VA 158 -87.82 -43.31 70.42
N ALA VA 159 -86.74 -43.74 69.79
CA ALA VA 159 -85.65 -44.38 70.51
C ALA VA 159 -84.63 -43.33 70.95
N LYS VA 160 -84.41 -43.25 72.26
CA LYS VA 160 -83.41 -42.34 72.80
C LYS VA 160 -82.04 -42.95 72.53
N ILE VA 161 -81.47 -42.59 71.39
CA ILE VA 161 -80.19 -43.13 70.94
C ILE VA 161 -79.26 -41.96 70.63
N TYR VA 162 -77.98 -42.29 70.44
CA TYR VA 162 -76.93 -41.33 70.13
C TYR VA 162 -76.58 -40.45 71.33
N ARG WA 207 -31.69 -70.87 82.65
CA ARG WA 207 -31.63 -69.42 82.74
C ARG WA 207 -30.57 -68.85 81.80
N ILE WA 208 -30.10 -67.64 82.10
CA ILE WA 208 -29.08 -66.96 81.31
C ILE WA 208 -27.83 -66.84 82.14
N ILE WA 209 -26.70 -67.24 81.56
CA ILE WA 209 -25.40 -67.18 82.23
C ILE WA 209 -24.56 -66.11 81.55
N TYR WA 210 -23.98 -65.22 82.35
CA TYR WA 210 -23.23 -64.09 81.83
C TYR WA 210 -21.74 -64.42 81.80
N TYR WA 211 -21.03 -63.77 80.89
CA TYR WA 211 -19.60 -63.95 80.73
C TYR WA 211 -18.94 -62.58 80.68
N ILE WA 212 -17.77 -62.46 81.32
CA ILE WA 212 -17.06 -61.20 81.35
C ILE WA 212 -16.54 -60.87 79.96
N GLN WA 213 -16.75 -59.63 79.53
CA GLN WA 213 -16.20 -59.14 78.27
C GLN WA 213 -14.95 -58.28 78.51
N ALA WA 214 -15.09 -57.22 79.29
CA ALA WA 214 -13.99 -56.32 79.60
C ALA WA 214 -13.82 -56.23 81.10
N VAL WA 215 -12.61 -56.48 81.58
CA VAL WA 215 -12.28 -56.42 83.00
C VAL WA 215 -11.25 -55.33 83.22
N ILE WA 216 -11.63 -54.30 83.97
CA ILE WA 216 -10.71 -53.24 84.38
C ILE WA 216 -10.97 -52.89 85.82
N PRO WA 217 -9.93 -52.46 86.54
CA PRO WA 217 -10.13 -52.06 87.94
C PRO WA 217 -11.12 -50.92 88.07
N GLY WA 218 -12.27 -51.21 88.69
CA GLY WA 218 -13.32 -50.23 88.91
C GLY WA 218 -14.58 -50.48 88.10
N ARG WA 219 -14.50 -51.29 87.05
CA ARG WA 219 -15.65 -51.61 86.22
C ARG WA 219 -15.81 -53.11 86.11
N ALA WA 220 -16.93 -53.52 85.51
CA ALA WA 220 -17.19 -54.93 85.23
C ALA WA 220 -18.09 -55.00 84.01
N TRP WA 221 -17.51 -55.32 82.86
CA TRP WA 221 -18.23 -55.37 81.60
C TRP WA 221 -18.43 -56.83 81.21
N LEU WA 222 -19.69 -57.23 81.03
CA LEU WA 222 -20.07 -58.62 80.88
C LEU WA 222 -21.02 -58.78 79.69
N ILE WA 223 -21.06 -60.01 79.18
CA ILE WA 223 -22.00 -60.38 78.13
C ILE WA 223 -22.74 -61.63 78.57
N GLY WA 224 -24.07 -61.60 78.46
CA GLY WA 224 -24.89 -62.71 78.87
C GLY WA 224 -24.95 -63.82 77.83
N SER WA 225 -25.77 -64.82 78.13
CA SER WA 225 -25.94 -65.93 77.20
C SER WA 225 -26.55 -65.47 75.88
N ASN WA 226 -27.55 -64.60 75.95
CA ASN WA 226 -28.19 -64.08 74.75
C ASN WA 226 -27.38 -63.01 74.05
N GLY WA 227 -26.29 -62.56 74.65
CA GLY WA 227 -25.43 -61.56 74.05
C GLY WA 227 -25.64 -60.13 74.51
N SER WA 228 -26.44 -59.92 75.55
CA SER WA 228 -26.65 -58.58 76.06
C SER WA 228 -25.38 -58.04 76.71
N THR WA 229 -25.14 -56.75 76.55
CA THR WA 229 -23.95 -56.09 77.08
C THR WA 229 -24.32 -55.37 78.37
N LEU WA 230 -23.61 -55.66 79.45
CA LEU WA 230 -23.88 -55.07 80.75
C LEU WA 230 -22.61 -54.47 81.33
N THR WA 231 -22.77 -53.35 82.03
CA THR WA 231 -21.68 -52.73 82.76
C THR WA 231 -22.13 -52.50 84.19
N VAL WA 232 -21.39 -53.07 85.14
CA VAL WA 232 -21.74 -52.98 86.55
C VAL WA 232 -20.51 -52.56 87.35
N ARG WA 233 -20.77 -51.98 88.52
CA ARG WA 233 -19.72 -51.44 89.37
C ARG WA 233 -19.33 -52.47 90.42
N GLU WA 234 -18.55 -52.05 91.41
CA GLU WA 234 -18.18 -52.96 92.50
C GLU WA 234 -19.42 -53.39 93.28
N GLY WA 235 -20.09 -52.46 93.93
CA GLY WA 235 -21.32 -52.76 94.63
C GLY WA 235 -22.53 -52.57 93.72
N SER WA 236 -23.05 -53.66 93.19
CA SER WA 236 -24.14 -53.58 92.23
C SER WA 236 -24.96 -54.86 92.27
N LYS WA 237 -26.10 -54.81 91.61
CA LYS WA 237 -27.01 -55.94 91.55
C LYS WA 237 -26.84 -56.68 90.23
N ILE WA 238 -26.70 -58.00 90.29
CA ILE WA 238 -26.61 -58.85 89.11
C ILE WA 238 -27.78 -59.83 89.16
N PRO WA 239 -28.68 -59.82 88.18
CA PRO WA 239 -29.85 -60.70 88.23
C PRO WA 239 -29.45 -62.16 88.27
N GLY WA 240 -30.18 -62.94 89.07
CA GLY WA 240 -29.92 -64.35 89.23
C GLY WA 240 -28.68 -64.70 90.02
N TYR WA 241 -27.74 -63.77 90.17
CA TYR WA 241 -26.51 -64.02 90.90
C TYR WA 241 -26.42 -63.26 92.22
N GLY WA 242 -27.27 -62.25 92.44
CA GLY WA 242 -27.27 -61.54 93.70
C GLY WA 242 -26.54 -60.22 93.67
N MET WA 243 -25.55 -60.07 94.54
CA MET WA 243 -24.83 -58.82 94.71
C MET WA 243 -23.37 -59.00 94.32
N VAL WA 244 -22.89 -58.14 93.43
CA VAL WA 244 -21.46 -58.10 93.12
C VAL WA 244 -20.72 -57.56 94.34
N LYS WA 245 -19.76 -58.33 94.84
CA LYS WA 245 -19.06 -57.94 96.05
C LYS WA 245 -17.55 -58.14 96.00
N LEU WA 246 -16.99 -58.66 94.91
CA LEU WA 246 -15.55 -58.79 94.80
C LEU WA 246 -15.17 -58.77 93.33
N ILE WA 247 -14.45 -57.72 92.92
CA ILE WA 247 -13.95 -57.58 91.56
C ILE WA 247 -12.44 -57.65 91.61
N ASP WA 248 -11.86 -58.61 90.89
CA ASP WA 248 -10.42 -58.78 90.81
C ASP WA 248 -10.00 -58.57 89.36
N SER WA 249 -9.18 -57.55 89.12
CA SER WA 249 -8.75 -57.24 87.76
C SER WA 249 -7.96 -58.40 87.15
N LEU WA 250 -7.04 -58.99 87.92
CA LEU WA 250 -6.30 -60.13 87.44
C LEU WA 250 -7.16 -61.39 87.51
N GLN WA 251 -6.85 -62.33 86.61
CA GLN WA 251 -7.49 -63.64 86.48
C GLN WA 251 -8.92 -63.56 85.96
N GLY WA 252 -9.48 -62.37 85.80
CA GLY WA 252 -10.78 -62.22 85.16
C GLY WA 252 -11.91 -62.99 85.79
N ARG WA 253 -11.97 -63.02 87.12
CA ARG WA 253 -13.02 -63.73 87.84
C ARG WA 253 -13.59 -62.81 88.91
N ILE WA 254 -14.92 -62.82 89.03
CA ILE WA 254 -15.63 -61.98 89.98
C ILE WA 254 -16.40 -62.89 90.93
N LEU WA 255 -16.25 -62.65 92.24
CA LEU WA 255 -16.96 -63.40 93.25
C LEU WA 255 -18.29 -62.72 93.57
N THR WA 256 -19.37 -63.48 93.54
CA THR WA 256 -20.71 -62.93 93.74
C THR WA 256 -21.20 -63.21 95.16
N SER WA 257 -22.29 -62.55 95.53
CA SER WA 257 -22.89 -62.77 96.83
C SER WA 257 -23.40 -64.19 96.97
N SER WA 258 -23.93 -64.77 95.90
CA SER WA 258 -24.44 -66.13 95.91
C SER WA 258 -23.33 -67.18 95.86
N GLY WA 259 -22.08 -66.78 96.05
CA GLY WA 259 -20.96 -67.70 95.97
C GLY WA 259 -20.59 -68.13 94.58
N GLN WA 260 -21.17 -67.51 93.55
CA GLN WA 260 -20.85 -67.86 92.17
C GLN WA 260 -19.61 -67.10 91.71
N VAL WA 261 -19.04 -67.58 90.60
CA VAL WA 261 -17.88 -66.95 89.98
C VAL WA 261 -18.27 -66.57 88.56
N ILE WA 262 -18.09 -65.30 88.22
CA ILE WA 262 -18.32 -64.82 86.86
C ILE WA 262 -16.97 -64.74 86.16
N LYS WA 263 -16.90 -65.30 84.96
CA LYS WA 263 -15.63 -65.46 84.26
C LYS WA 263 -15.90 -65.53 82.76
N PHE WA 264 -14.85 -65.33 81.98
CA PHE WA 264 -14.92 -65.40 80.53
C PHE WA 264 -15.38 -66.79 80.08
N SER WA 265 -15.63 -66.90 78.77
CA SER WA 265 -15.99 -68.20 78.21
C SER WA 265 -14.79 -69.14 78.24
N GLN WA 266 -15.08 -70.44 78.17
CA GLN WA 266 -14.03 -71.44 78.26
C GLN WA 266 -13.16 -71.43 77.01
N GLU WA 267 -13.75 -71.69 75.84
CA GLU WA 267 -12.98 -71.73 74.61
C GLU WA 267 -12.42 -70.36 74.24
N ASP WA 268 -13.05 -69.28 74.70
CA ASP WA 268 -12.58 -67.93 74.44
C ASP WA 268 -12.53 -67.19 75.77
N SER WA 269 -11.37 -67.19 76.40
CA SER WA 269 -11.18 -66.52 77.68
C SER WA 269 -10.21 -65.35 77.55
N GLN XA 791 33.24 -58.97 99.08
CA GLN XA 791 32.12 -58.22 99.65
C GLN XA 791 31.87 -56.93 98.86
N GLN XA 792 32.95 -56.34 98.37
CA GLN XA 792 32.87 -55.11 97.59
C GLN XA 792 32.67 -55.36 96.10
N GLU XA 793 32.72 -56.61 95.65
CA GLU XA 793 32.55 -56.93 94.25
C GLU XA 793 31.13 -56.69 93.75
N ILE XA 794 30.19 -56.43 94.65
CA ILE XA 794 28.78 -56.30 94.26
C ILE XA 794 28.59 -55.12 93.32
N GLN XA 795 29.19 -53.97 93.63
CA GLN XA 795 28.89 -52.74 92.91
C GLN XA 795 29.28 -52.85 91.44
N GLN XA 796 30.47 -53.36 91.15
CA GLN XA 796 30.87 -53.53 89.75
C GLN XA 796 30.01 -54.59 89.06
N ARG XA 797 29.68 -55.66 89.77
CA ARG XA 797 28.73 -56.63 89.24
C ARG XA 797 27.36 -56.00 89.00
N THR XA 798 26.96 -55.09 89.89
CA THR XA 798 25.71 -54.36 89.69
C THR XA 798 25.82 -53.38 88.53
N SER XA 799 26.98 -52.72 88.40
CA SER XA 799 27.09 -51.57 87.50
C SER XA 799 26.88 -51.96 86.05
N ASP XA 800 27.61 -52.97 85.58
CA ASP XA 800 27.57 -53.30 84.16
C ASP XA 800 26.18 -53.74 83.72
N MET XA 801 25.54 -54.62 84.49
CA MET XA 801 24.18 -55.04 84.14
C MET XA 801 23.19 -53.89 84.30
N LEU XA 802 23.46 -52.98 85.25
CA LEU XA 802 22.64 -51.78 85.36
C LEU XA 802 22.62 -51.02 84.04
N THR XA 803 23.79 -50.86 83.43
CA THR XA 803 23.85 -50.24 82.12
C THR XA 803 23.08 -51.07 81.10
N ALA XA 804 23.25 -52.39 81.14
CA ALA XA 804 22.53 -53.26 80.21
C ALA XA 804 21.03 -53.18 80.44
N ALA XA 805 20.60 -53.30 81.69
CA ALA XA 805 19.17 -53.29 81.99
C ALA XA 805 18.55 -51.94 81.63
N THR XA 806 19.19 -50.84 82.01
CA THR XA 806 18.72 -49.54 81.61
C THR XA 806 18.70 -49.40 80.09
N GLN XA 807 19.65 -50.03 79.42
CA GLN XA 807 19.57 -50.14 77.97
C GLN XA 807 18.49 -51.15 77.56
N LEU XA 808 18.28 -52.18 78.38
CA LEU XA 808 17.32 -53.21 78.02
C LEU XA 808 15.89 -52.71 78.12
N VAL XA 809 15.58 -51.89 79.13
CA VAL XA 809 14.19 -51.50 79.36
C VAL XA 809 13.64 -50.71 78.19
N GLN XA 810 14.43 -49.76 77.67
CA GLN XA 810 13.98 -48.98 76.53
C GLN XA 810 13.80 -49.85 75.29
N ASP XA 811 14.50 -50.99 75.22
CA ASP XA 811 14.31 -51.90 74.11
C ASP XA 811 12.88 -52.43 74.06
N TRP XA 812 12.33 -52.77 75.23
CA TRP XA 812 10.90 -53.11 75.28
C TRP XA 812 10.05 -51.87 75.00
N LYS XA 813 10.56 -50.69 75.36
CA LYS XA 813 9.73 -49.50 75.34
C LYS XA 813 9.32 -49.10 73.93
N GLN XA 814 10.28 -49.01 73.02
CA GLN XA 814 10.00 -48.42 71.72
C GLN XA 814 9.20 -49.37 70.85
N VAL XA 815 8.39 -48.79 69.96
CA VAL XA 815 7.61 -49.53 68.99
C VAL XA 815 7.22 -48.59 67.86
N GLU XA 816 7.39 -49.03 66.62
CA GLU XA 816 7.07 -48.21 65.46
C GLU XA 816 5.66 -48.49 64.97
N THR XA 817 5.20 -47.66 64.04
CA THR XA 817 3.80 -47.62 63.65
C THR XA 817 3.58 -48.35 62.33
N GLN XA 818 2.30 -48.65 62.08
CA GLN XA 818 1.88 -49.34 60.87
C GLN XA 818 2.01 -48.41 59.66
N VAL XA 819 1.65 -48.93 58.50
CA VAL XA 819 1.67 -48.16 57.26
C VAL XA 819 0.58 -48.64 56.31
N TYR XA 820 -0.30 -47.73 55.90
CA TYR XA 820 -1.26 -48.04 54.87
C TYR XA 820 -0.57 -48.14 53.52
N THR XA 821 -0.96 -49.14 52.72
CA THR XA 821 -0.37 -49.35 51.42
C THR XA 821 -1.47 -49.52 50.39
N GLU XA 822 -1.30 -48.90 49.23
CA GLU XA 822 -2.30 -48.89 48.17
C GLU XA 822 -1.66 -49.22 46.84
N GLY XA 823 -2.46 -49.81 45.95
CA GLY XA 823 -2.01 -50.10 44.60
C GLY XA 823 -3.04 -49.71 43.56
N THR XA 824 -2.98 -50.35 42.39
CA THR XA 824 -3.96 -50.11 41.34
C THR XA 824 -4.02 -51.30 40.39
N ALA YA 104 66.68 -73.23 67.39
CA ALA YA 104 66.88 -72.72 66.04
C ALA YA 104 65.60 -72.84 65.23
N GLU YA 105 64.93 -73.96 65.36
CA GLU YA 105 63.70 -74.24 64.63
C GLU YA 105 62.52 -74.52 65.56
N VAL YA 106 62.77 -75.14 66.71
CA VAL YA 106 61.69 -75.31 67.69
C VAL YA 106 61.21 -73.95 68.17
N ILE YA 107 62.11 -72.97 68.24
CA ILE YA 107 61.70 -71.61 68.57
C ILE YA 107 60.76 -71.06 67.50
N ASP YA 108 61.07 -71.33 66.23
CA ASP YA 108 60.18 -70.89 65.15
C ASP YA 108 58.82 -71.57 65.25
N LYS YA 109 58.82 -72.86 65.58
CA LYS YA 109 57.55 -73.57 65.74
C LYS YA 109 56.72 -72.99 66.88
N LYS YA 110 57.38 -72.69 68.01
CA LYS YA 110 56.67 -72.08 69.13
C LYS YA 110 56.13 -70.71 68.74
N ALA YA 111 56.91 -69.93 68.00
CA ALA YA 111 56.45 -68.63 67.53
C ALA YA 111 55.23 -68.79 66.64
N PHE YA 112 55.25 -69.78 65.74
CA PHE YA 112 54.10 -70.03 64.90
C PHE YA 112 52.88 -70.39 65.73
N LYS YA 113 53.07 -71.25 66.73
CA LYS YA 113 51.94 -71.67 67.56
C LYS YA 113 51.34 -70.49 68.30
N ASP YA 114 52.19 -69.64 68.89
CA ASP YA 114 51.64 -68.53 69.67
C ASP YA 114 51.04 -67.46 68.79
N MET YA 115 51.61 -67.21 67.61
CA MET YA 115 50.99 -66.23 66.71
C MET YA 115 49.66 -66.74 66.18
N THR YA 116 49.55 -68.04 65.92
CA THR YA 116 48.26 -68.60 65.55
C THR YA 116 47.26 -68.46 66.69
N ARG YA 117 47.70 -68.71 67.92
CA ARG YA 117 46.85 -68.52 69.09
C ARG YA 117 46.32 -67.09 69.15
N ASN YA 118 47.22 -66.11 69.00
CA ASN YA 118 46.81 -64.72 69.10
C ASN YA 118 45.92 -64.31 67.92
N LEU YA 119 46.18 -64.86 66.74
CA LEU YA 119 45.35 -64.57 65.58
C LEU YA 119 43.93 -65.09 65.78
N TYR YA 120 43.79 -66.31 66.29
CA TYR YA 120 42.49 -66.93 66.50
C TYR YA 120 42.40 -67.41 67.94
N PRO YA 121 42.28 -66.49 68.89
CA PRO YA 121 42.13 -66.89 70.29
C PRO YA 121 40.83 -67.63 70.55
N LEU YA 122 39.86 -67.52 69.67
CA LEU YA 122 38.53 -68.06 69.88
C LEU YA 122 38.42 -69.44 69.24
N ASN YA 123 37.98 -70.41 70.03
CA ASN YA 123 37.78 -71.76 69.54
C ASN YA 123 36.48 -71.86 68.74
N PRO YA 124 36.42 -72.74 67.74
CA PRO YA 124 35.15 -72.92 67.00
C PRO YA 124 34.00 -73.32 67.91
N GLU YA 125 34.25 -74.20 68.87
CA GLU YA 125 33.21 -74.57 69.83
C GLU YA 125 32.79 -73.38 70.67
N GLN YA 126 33.75 -72.54 71.05
CA GLN YA 126 33.42 -71.33 71.78
C GLN YA 126 32.53 -70.42 70.95
N VAL YA 127 32.82 -70.31 69.66
CA VAL YA 127 31.97 -69.52 68.76
C VAL YA 127 30.56 -70.10 68.71
N VAL YA 128 30.46 -71.42 68.59
CA VAL YA 128 29.15 -72.06 68.50
C VAL YA 128 28.35 -71.80 69.77
N LYS YA 129 28.98 -71.95 70.93
CA LYS YA 129 28.25 -71.75 72.18
C LYS YA 129 27.94 -70.28 72.41
N LEU YA 130 28.79 -69.38 71.92
CA LEU YA 130 28.45 -67.96 71.96
C LEU YA 130 27.21 -67.67 71.13
N LYS YA 131 27.14 -68.26 69.93
CA LYS YA 131 25.94 -68.12 69.12
C LYS YA 131 24.72 -68.67 69.85
N GLN YA 132 24.90 -69.82 70.51
CA GLN YA 132 23.78 -70.45 71.23
C GLN YA 132 23.29 -69.55 72.36
N ILE YA 133 24.21 -68.99 73.15
CA ILE YA 133 23.78 -68.14 74.26
C ILE YA 133 23.19 -66.84 73.75
N TYR YA 134 23.69 -66.33 72.62
CA TYR YA 134 23.07 -65.16 72.02
C TYR YA 134 21.62 -65.46 71.60
N GLU YA 135 21.40 -66.62 71.00
CA GLU YA 135 20.05 -67.02 70.63
C GLU YA 135 19.17 -67.17 71.87
N THR YA 136 19.72 -67.73 72.94
CA THR YA 136 18.98 -67.85 74.19
C THR YA 136 18.58 -66.48 74.71
N SER YA 137 19.52 -65.53 74.69
CA SER YA 137 19.25 -64.19 75.19
C SER YA 137 18.17 -63.50 74.36
N GLU YA 138 18.27 -63.61 73.03
CA GLU YA 138 17.26 -62.97 72.19
C GLU YA 138 15.90 -63.64 72.36
N TYR YA 139 15.87 -64.95 72.56
CA TYR YA 139 14.61 -65.64 72.80
C TYR YA 139 13.98 -65.18 74.11
N ALA YA 140 14.79 -65.05 75.17
CA ALA YA 140 14.27 -64.54 76.43
C ALA YA 140 13.76 -63.12 76.27
N LYS YA 141 14.48 -62.29 75.51
CA LYS YA 141 14.04 -60.92 75.28
C LYS YA 141 12.70 -60.89 74.54
N ALA YA 142 12.53 -61.75 73.54
CA ALA YA 142 11.33 -61.75 72.72
C ALA YA 142 10.19 -62.54 73.34
N ALA YA 143 10.41 -63.22 74.46
CA ALA YA 143 9.34 -63.97 75.11
C ALA YA 143 8.24 -63.02 75.57
N THR YA 144 7.14 -63.60 76.03
CA THR YA 144 5.96 -62.85 76.43
C THR YA 144 5.57 -63.17 77.87
N PRO YA 145 4.90 -62.24 78.55
CA PRO YA 145 4.47 -62.50 79.93
C PRO YA 145 3.27 -63.43 79.95
N GLY YA 146 3.32 -64.42 80.84
CA GLY YA 146 2.22 -65.36 80.98
C GLY YA 146 1.91 -66.12 79.71
N THR YA 147 0.77 -65.81 79.10
CA THR YA 147 0.39 -66.39 77.82
C THR YA 147 -0.15 -65.30 76.91
N PRO YA 148 0.13 -65.37 75.62
CA PRO YA 148 -0.36 -64.37 74.68
C PRO YA 148 -1.87 -64.47 74.53
N PRO YA 149 -2.52 -63.37 74.14
CA PRO YA 149 -3.97 -63.42 73.93
C PRO YA 149 -4.35 -64.23 72.70
N LYS YA 150 -5.62 -64.61 72.65
CA LYS YA 150 -6.13 -65.45 71.56
C LYS YA 150 -6.72 -64.57 70.47
N PRO YA 151 -6.27 -64.69 69.23
CA PRO YA 151 -6.85 -63.88 68.14
C PRO YA 151 -8.24 -64.37 67.78
N THR YA 152 -9.20 -63.45 67.80
CA THR YA 152 -10.58 -63.76 67.50
C THR YA 152 -11.16 -62.72 66.54
N ALA YA 153 -11.96 -63.19 65.59
CA ALA YA 153 -12.67 -62.32 64.65
C ALA YA 153 -14.15 -62.70 64.69
N THR YA 154 -14.97 -61.76 65.17
CA THR YA 154 -16.38 -62.06 65.45
C THR YA 154 -17.26 -60.93 64.91
N SER YA 155 -18.54 -61.01 65.21
CA SER YA 155 -19.52 -60.01 64.82
C SER YA 155 -20.45 -59.73 65.98
N GLN YA 156 -20.94 -58.49 66.04
CA GLN YA 156 -21.89 -58.07 67.05
C GLN YA 156 -22.89 -57.12 66.44
N PHE YA 157 -23.94 -56.80 67.19
CA PHE YA 157 -24.96 -55.87 66.77
C PHE YA 157 -24.90 -54.61 67.64
N VAL YA 158 -25.09 -53.47 67.00
CA VAL YA 158 -25.07 -52.18 67.69
C VAL YA 158 -26.46 -51.58 67.63
N ASN YA 159 -27.00 -51.24 68.79
CA ASN YA 159 -28.33 -50.65 68.90
C ASN YA 159 -28.23 -49.14 69.03
N LEU YA 160 -29.06 -48.43 68.28
CA LEU YA 160 -29.06 -46.97 68.28
C LEU YA 160 -29.93 -46.37 69.38
N SER YA 161 -30.70 -47.18 70.10
CA SER YA 161 -31.53 -46.66 71.16
C SER YA 161 -30.65 -46.21 72.34
N PRO YA 162 -30.95 -45.07 72.95
CA PRO YA 162 -30.12 -44.58 74.06
C PRO YA 162 -30.10 -45.50 75.27
N GLY YA 163 -31.08 -46.39 75.40
CA GLY YA 163 -31.12 -47.26 76.57
C GLY YA 163 -30.02 -48.29 76.62
N SER YA 164 -29.44 -48.64 75.48
CA SER YA 164 -28.38 -49.65 75.45
C SER YA 164 -27.05 -49.00 75.86
N THR YA 165 -25.96 -49.73 75.66
CA THR YA 165 -24.64 -49.27 76.05
C THR YA 165 -23.68 -49.38 74.88
N PRO YA 166 -22.71 -48.47 74.78
CA PRO YA 166 -21.74 -48.52 73.68
C PRO YA 166 -20.92 -49.80 73.73
N PRO YA 167 -20.58 -50.37 72.58
CA PRO YA 167 -19.81 -51.61 72.57
C PRO YA 167 -18.36 -51.39 72.96
N VAL YA 168 -17.75 -52.49 73.41
CA VAL YA 168 -16.38 -52.53 73.88
C VAL YA 168 -15.53 -53.30 72.87
N ILE YA 169 -14.39 -52.73 72.50
CA ILE YA 169 -13.46 -53.37 71.57
C ILE YA 169 -12.14 -53.55 72.29
N ARG YA 170 -11.67 -54.80 72.35
CA ARG YA 170 -10.40 -55.11 72.98
C ARG YA 170 -9.28 -55.02 71.95
N LEU YA 171 -8.10 -54.60 72.43
CA LEU YA 171 -6.98 -54.27 71.56
C LEU YA 171 -5.70 -54.92 72.07
N SER YA 172 -4.79 -55.20 71.16
CA SER YA 172 -3.46 -55.71 71.49
C SER YA 172 -2.42 -54.84 70.82
N GLN YA 173 -1.42 -54.42 71.60
CA GLN YA 173 -0.37 -53.57 71.07
C GLN YA 173 0.44 -54.29 70.00
N GLY YA 174 0.77 -53.58 68.93
CA GLY YA 174 1.52 -54.17 67.84
C GLY YA 174 0.71 -55.03 66.90
N PHE YA 175 -0.61 -55.02 67.01
CA PHE YA 175 -1.47 -55.76 66.11
C PHE YA 175 -2.66 -54.87 65.75
N VAL YA 176 -3.04 -54.90 64.48
CA VAL YA 176 -4.03 -53.98 63.93
C VAL YA 176 -5.35 -54.71 63.83
N SER YA 177 -6.39 -54.15 64.46
CA SER YA 177 -7.73 -54.69 64.37
C SER YA 177 -8.45 -54.09 63.17
N SER YA 178 -9.39 -54.85 62.63
CA SER YA 178 -10.16 -54.44 61.45
C SER YA 178 -11.63 -54.35 61.83
N LEU YA 179 -12.17 -53.14 61.81
CA LEU YA 179 -13.57 -52.89 62.15
C LEU YA 179 -14.35 -52.64 60.87
N VAL YA 180 -15.39 -53.43 60.65
CA VAL YA 180 -16.24 -53.29 59.47
C VAL YA 180 -17.67 -53.08 59.95
N PHE YA 181 -18.30 -52.01 59.48
CA PHE YA 181 -19.65 -51.65 59.86
C PHE YA 181 -20.62 -52.03 58.75
N LEU YA 182 -21.72 -52.68 59.12
CA LEU YA 182 -22.72 -53.14 58.17
C LEU YA 182 -24.10 -52.75 58.69
N ASP YA 183 -24.97 -52.33 57.79
CA ASP YA 183 -26.35 -52.10 58.15
C ASP YA 183 -27.03 -53.40 58.53
N SER YA 184 -28.22 -53.30 59.12
CA SER YA 184 -28.96 -54.49 59.51
C SER YA 184 -29.22 -55.40 58.33
N THR YA 185 -29.33 -54.84 57.13
CA THR YA 185 -29.41 -55.65 55.92
C THR YA 185 -28.09 -56.32 55.59
N GLY YA 186 -27.00 -55.93 56.24
CA GLY YA 186 -25.70 -56.54 56.04
C GLY YA 186 -24.78 -55.78 55.11
N ALA YA 187 -25.28 -54.81 54.37
CA ALA YA 187 -24.44 -54.09 53.43
C ALA YA 187 -23.51 -53.14 54.16
N PRO YA 188 -22.29 -52.91 53.66
CA PRO YA 188 -21.39 -51.96 54.30
C PRO YA 188 -21.92 -50.54 54.21
N TRP YA 189 -21.57 -49.74 55.20
CA TRP YA 189 -22.03 -48.36 55.30
C TRP YA 189 -20.83 -47.41 55.28
N PRO YA 190 -20.75 -46.49 54.31
CA PRO YA 190 -19.60 -45.57 54.26
C PRO YA 190 -19.54 -44.68 55.50
N ILE YA 191 -18.33 -44.30 55.86
CA ILE YA 191 -18.06 -43.50 57.05
C ILE YA 191 -17.94 -42.05 56.64
N ALA YA 192 -18.80 -41.19 57.18
CA ALA YA 192 -18.69 -39.76 56.91
C ALA YA 192 -17.50 -39.14 57.64
N ALA YA 193 -17.34 -39.47 58.92
CA ALA YA 193 -16.27 -38.87 59.71
C ALA YA 193 -16.05 -39.68 60.98
N TYR YA 194 -14.94 -39.40 61.64
CA TYR YA 194 -14.61 -40.08 62.90
C TYR YA 194 -13.71 -39.19 63.73
N ASP YA 195 -13.64 -39.51 65.02
CA ASP YA 195 -12.79 -38.80 65.97
C ASP YA 195 -12.46 -39.72 67.13
N LEU YA 196 -11.18 -39.82 67.45
CA LEU YA 196 -10.72 -40.69 68.52
C LEU YA 196 -10.14 -39.87 69.67
N GLY YA 197 -10.53 -40.22 70.89
CA GLY YA 197 -9.91 -39.61 72.05
C GLY YA 197 -8.50 -40.13 72.23
N ASP YA 198 -7.60 -39.24 72.66
CA ASP YA 198 -6.19 -39.53 72.85
C ASP YA 198 -5.59 -40.17 71.61
N PRO YA 199 -5.37 -39.41 70.53
CA PRO YA 199 -4.71 -39.97 69.35
C PRO YA 199 -3.30 -40.46 69.62
N SER YA 200 -2.67 -40.02 70.71
CA SER YA 200 -1.35 -40.51 71.06
C SER YA 200 -1.36 -41.99 71.43
N SER YA 201 -2.51 -42.53 71.84
CA SER YA 201 -2.60 -43.91 72.28
C SER YA 201 -3.05 -44.86 71.18
N PHE YA 202 -3.40 -44.35 70.01
CA PHE YA 202 -3.98 -45.21 68.97
C PHE YA 202 -3.55 -44.72 67.60
N ASN YA 203 -3.62 -45.61 66.62
CA ASN YA 203 -3.27 -45.29 65.24
C ASN YA 203 -4.44 -45.60 64.33
N ILE YA 204 -4.69 -44.72 63.36
CA ILE YA 204 -5.81 -44.84 62.45
C ILE YA 204 -5.29 -44.86 61.02
N GLN YA 205 -5.81 -45.78 60.22
CA GLN YA 205 -5.54 -45.82 58.78
C GLN YA 205 -6.87 -45.95 58.05
N TRP YA 206 -7.13 -45.04 57.12
CA TRP YA 206 -8.42 -45.04 56.42
C TRP YA 206 -8.32 -44.18 55.18
N ASP YA 207 -8.61 -44.77 54.02
CA ASP YA 207 -8.81 -43.98 52.82
C ASP YA 207 -10.20 -43.35 52.83
N LYS YA 208 -10.32 -42.22 52.14
CA LYS YA 208 -11.44 -41.30 52.35
C LYS YA 208 -12.80 -41.89 52.01
N THR YA 209 -12.87 -43.02 51.30
CA THR YA 209 -14.14 -43.60 50.90
C THR YA 209 -14.38 -45.01 51.42
N SER YA 210 -13.39 -45.64 52.04
CA SER YA 210 -13.58 -46.98 52.55
C SER YA 210 -14.39 -46.96 53.85
N ASN YA 211 -15.12 -48.05 54.10
CA ASN YA 211 -15.92 -48.18 55.30
C ASN YA 211 -15.27 -49.04 56.37
N THR YA 212 -14.20 -49.75 56.04
CA THR YA 212 -13.52 -50.64 56.98
C THR YA 212 -12.26 -49.95 57.49
N LEU YA 213 -12.05 -50.03 58.80
CA LEU YA 213 -10.96 -49.31 59.45
C LEU YA 213 -9.93 -50.27 60.02
N MET YA 214 -8.66 -49.92 59.84
CA MET YA 214 -7.53 -50.65 60.42
C MET YA 214 -6.94 -49.80 61.53
N ILE YA 215 -7.08 -50.26 62.76
CA ILE YA 215 -6.76 -49.45 63.94
C ILE YA 215 -5.74 -50.17 64.78
N GLN YA 216 -4.70 -49.44 65.22
CA GLN YA 216 -3.65 -49.96 66.06
C GLN YA 216 -3.51 -49.09 67.30
N ALA YA 217 -3.60 -49.71 68.47
CA ALA YA 217 -3.34 -48.99 69.71
C ALA YA 217 -1.85 -48.80 69.92
N THR YA 218 -1.49 -47.74 70.64
CA THR YA 218 -0.08 -47.43 70.85
C THR YA 218 0.43 -47.99 72.18
N LYS YA 219 -0.19 -47.59 73.29
CA LYS YA 219 0.31 -47.94 74.61
C LYS YA 219 -0.24 -49.31 75.03
N LEU YA 220 -0.07 -49.65 76.30
CA LEU YA 220 -0.37 -50.99 76.80
C LEU YA 220 -1.73 -51.10 77.48
N TYR YA 221 -2.04 -50.19 78.41
CA TYR YA 221 -3.25 -50.30 79.20
C TYR YA 221 -4.18 -49.11 79.11
N ASN YA 222 -3.71 -47.96 78.67
CA ASN YA 222 -4.57 -46.78 78.58
C ASN YA 222 -5.67 -47.03 77.56
N TYR YA 223 -6.91 -46.77 77.96
CA TYR YA 223 -8.06 -47.05 77.12
C TYR YA 223 -8.74 -45.75 76.72
N GLY YA 224 -9.33 -45.75 75.52
CA GLY YA 224 -9.97 -44.56 75.00
C GLY YA 224 -11.32 -44.82 74.36
N ASN YA 225 -11.81 -43.86 73.59
CA ASN YA 225 -13.08 -44.01 72.89
C ASN YA 225 -12.93 -43.52 71.46
N LEU YA 226 -13.76 -44.07 70.58
CA LEU YA 226 -13.81 -43.66 69.19
C LEU YA 226 -15.26 -43.36 68.82
N ALA YA 227 -15.52 -42.16 68.33
CA ALA YA 227 -16.83 -41.75 67.87
C ALA YA 227 -16.83 -41.72 66.34
N VAL YA 228 -17.85 -42.32 65.74
CA VAL YA 228 -17.96 -42.46 64.30
C VAL YA 228 -19.30 -41.92 63.86
N ARG YA 229 -19.31 -41.14 62.78
CA ARG YA 229 -20.53 -40.70 62.12
C ARG YA 229 -20.53 -41.28 60.72
N LEU YA 230 -21.48 -42.16 60.44
CA LEU YA 230 -21.53 -42.84 59.15
C LEU YA 230 -22.16 -41.93 58.09
N ARG YA 231 -22.36 -42.49 56.90
CA ARG YA 231 -22.83 -41.67 55.77
C ARG YA 231 -24.20 -41.07 56.05
N GLY YA 232 -25.11 -41.86 56.61
CA GLY YA 232 -26.44 -41.36 56.89
C GLY YA 232 -26.78 -41.32 58.36
N LEU YA 233 -25.88 -41.80 59.20
CA LEU YA 233 -26.12 -41.90 60.63
C LEU YA 233 -26.16 -40.51 61.23
N ASN YA 234 -27.36 -40.02 61.54
CA ASN YA 234 -27.47 -38.78 62.30
C ASN YA 234 -26.95 -38.97 63.72
N THR YA 235 -27.05 -40.18 64.25
CA THR YA 235 -26.60 -40.50 65.59
C THR YA 235 -25.18 -41.04 65.58
N PRO YA 236 -24.25 -40.42 66.31
CA PRO YA 236 -22.90 -40.94 66.38
C PRO YA 236 -22.85 -42.25 67.15
N VAL YA 237 -21.80 -43.02 66.90
CA VAL YA 237 -21.61 -44.33 67.53
C VAL YA 237 -20.27 -44.32 68.26
N MET YA 238 -20.28 -44.73 69.52
CA MET YA 238 -19.06 -44.81 70.31
C MET YA 238 -18.65 -46.27 70.47
N LEU YA 239 -17.37 -46.54 70.23
CA LEU YA 239 -16.75 -47.81 70.57
C LEU YA 239 -15.66 -47.52 71.58
N THR YA 240 -15.74 -48.14 72.76
CA THR YA 240 -14.74 -47.92 73.79
C THR YA 240 -13.62 -48.94 73.61
N LEU YA 241 -12.41 -48.45 73.38
CA LEU YA 241 -11.28 -49.27 73.03
C LEU YA 241 -10.42 -49.50 74.27
N ILE YA 242 -10.25 -50.76 74.65
CA ILE YA 242 -9.52 -51.14 75.84
C ILE YA 242 -8.39 -52.09 75.43
N PRO YA 243 -7.13 -51.76 75.69
CA PRO YA 243 -6.05 -52.68 75.39
C PRO YA 243 -5.67 -53.54 76.60
N GLY YA 244 -4.87 -54.56 76.34
CA GLY YA 244 -4.29 -55.36 77.40
C GLY YA 244 -5.27 -56.23 78.15
N GLN YA 245 -5.79 -57.26 77.51
CA GLN YA 245 -6.71 -58.20 78.15
C GLN YA 245 -6.43 -59.61 77.65
N LYS YA 246 -7.28 -60.55 78.07
CA LYS YA 246 -7.05 -61.97 77.81
C LYS YA 246 -7.08 -62.32 76.33
N ALA YA 247 -7.77 -61.55 75.50
CA ALA YA 247 -7.93 -61.89 74.09
C ALA YA 247 -7.61 -60.68 73.23
N VAL YA 248 -7.39 -60.94 71.94
CA VAL YA 248 -7.15 -59.89 70.96
C VAL YA 248 -8.19 -60.05 69.86
N ASP YA 249 -8.99 -59.01 69.65
CA ASP YA 249 -10.00 -59.02 68.60
C ASP YA 249 -9.32 -58.79 67.25
N TYR YA 250 -9.45 -59.76 66.34
CA TYR YA 250 -8.85 -59.60 65.03
C TYR YA 250 -9.74 -58.75 64.13
N ARG YA 251 -10.95 -59.23 63.85
CA ARG YA 251 -11.90 -58.49 63.04
C ARG YA 251 -13.22 -58.38 63.80
N VAL YA 252 -13.87 -57.23 63.67
CA VAL YA 252 -15.15 -56.99 64.33
C VAL YA 252 -16.14 -56.53 63.27
N ASP YA 253 -17.20 -57.32 63.08
CA ASP YA 253 -18.27 -56.98 62.15
C ASP YA 253 -19.43 -56.44 62.96
N LEU YA 254 -19.58 -55.12 62.98
CA LEU YA 254 -20.66 -54.52 63.74
C LEU YA 254 -21.88 -54.30 62.86
N ARG YA 255 -23.05 -54.44 63.47
CA ARG YA 255 -24.33 -54.30 62.78
C ARG YA 255 -24.97 -52.97 63.13
N VAL YA 256 -25.56 -52.33 62.13
CA VAL YA 256 -26.23 -51.04 62.28
C VAL YA 256 -27.74 -51.25 62.21
N GLN YA 257 -28.47 -50.60 63.12
CA GLN YA 257 -29.93 -50.75 63.13
C GLN YA 257 -30.56 -50.29 61.83
N GLY YA 258 -30.11 -49.14 61.31
CA GLY YA 258 -30.67 -48.59 60.10
C GLY YA 258 -30.19 -49.29 58.85
N TYR YA 259 -30.62 -48.77 57.72
CA TYR YA 259 -30.26 -49.29 56.40
C TYR YA 259 -29.36 -48.30 55.69
N GLY YA 260 -28.23 -48.79 55.19
CA GLY YA 260 -27.28 -47.94 54.53
C GLY YA 260 -27.75 -47.54 53.14
N PRO YA 261 -26.90 -46.79 52.44
CA PRO YA 261 -27.24 -46.42 51.05
C PRO YA 261 -27.47 -47.62 50.16
N ASN YA 262 -26.70 -48.69 50.34
CA ASN YA 262 -26.94 -49.96 49.67
C ASN YA 262 -27.90 -50.83 50.48
N ALA YA 263 -29.07 -50.25 50.82
CA ALA YA 263 -30.00 -50.90 51.71
C ALA YA 263 -30.54 -52.20 51.13
N LYS YA 264 -30.81 -52.21 49.82
CA LYS YA 264 -31.52 -53.34 49.22
C LYS YA 264 -30.62 -54.56 49.13
N SER YA 265 -30.38 -55.20 50.28
CA SER YA 265 -29.63 -56.44 50.33
C SER YA 265 -30.58 -57.60 50.01
N MET YA 266 -30.14 -58.82 50.31
CA MET YA 266 -30.97 -59.99 50.05
C MET YA 266 -32.23 -59.95 50.89
N PRO YA 267 -33.42 -59.92 50.30
CA PRO YA 267 -34.64 -59.90 51.10
C PRO YA 267 -35.15 -61.30 51.42
N THR YA 268 -36.29 -61.39 52.10
CA THR YA 268 -36.92 -62.68 52.35
C THR YA 268 -37.66 -63.14 51.10
N GLU YA 269 -37.37 -64.35 50.64
CA GLU YA 269 -37.98 -64.88 49.43
C GLU YA 269 -38.43 -66.32 49.61
N GLU YA 270 -38.78 -66.97 48.50
CA GLU YA 270 -39.27 -68.35 48.50
C GLU YA 270 -40.53 -68.48 49.36
N GLY YA 271 -41.58 -67.78 48.92
CA GLY YA 271 -42.86 -67.81 49.62
C GLY YA 271 -43.82 -68.83 49.04
N ILE YA 272 -44.99 -68.88 49.66
CA ILE YA 272 -46.05 -69.78 49.17
C ILE YA 272 -46.52 -69.30 47.81
N PRO YA 273 -46.77 -70.19 46.86
CA PRO YA 273 -47.35 -69.78 45.59
C PRO YA 273 -48.68 -69.10 45.80
N PRO YA 274 -49.00 -68.09 45.00
CA PRO YA 274 -50.22 -67.31 45.25
C PRO YA 274 -51.48 -68.14 45.04
N SER YA 275 -52.52 -67.78 45.77
CA SER YA 275 -53.81 -68.43 45.63
C SER YA 275 -54.55 -67.88 44.42
N ALA YA 276 -55.83 -68.24 44.28
CA ALA YA 276 -56.60 -67.82 43.11
C ALA YA 276 -56.75 -66.31 43.07
N ASN YA 277 -56.88 -65.79 41.85
CA ASN YA 277 -57.02 -64.36 41.64
C ASN YA 277 -58.33 -63.84 42.23
N ASP YA 278 -58.33 -62.57 42.62
CA ASP YA 278 -59.47 -61.99 43.30
C ASP YA 278 -60.60 -61.59 42.35
N LEU YA 279 -60.32 -61.48 41.05
CA LEU YA 279 -61.40 -61.23 40.10
C LEU YA 279 -62.33 -62.43 39.97
N LEU YA 280 -61.94 -63.57 40.54
CA LEU YA 280 -62.76 -64.77 40.46
C LEU YA 280 -64.12 -64.54 41.10
N LEU YA 281 -64.15 -63.87 42.24
CA LEU YA 281 -65.43 -63.62 42.90
C LEU YA 281 -66.33 -62.75 42.05
N HIS YA 282 -65.77 -61.67 41.49
CA HIS YA 282 -66.57 -60.79 40.65
C HIS YA 282 -67.12 -61.53 39.45
N VAL YA 283 -66.27 -62.29 38.76
CA VAL YA 283 -66.75 -62.98 37.56
C VAL YA 283 -67.75 -64.06 37.93
N LEU YA 284 -67.56 -64.72 39.08
CA LEU YA 284 -68.51 -65.73 39.53
C LEU YA 284 -69.86 -65.11 39.80
N GLU YA 285 -69.88 -63.92 40.40
CA GLU YA 285 -71.16 -63.27 40.64
C GLU YA 285 -71.70 -62.57 39.39
N GLY YA 286 -70.90 -62.47 38.34
CA GLY YA 286 -71.37 -61.91 37.09
C GLY YA 286 -70.99 -60.46 36.83
N VAL YA 287 -70.17 -59.87 37.69
CA VAL YA 287 -69.70 -58.50 37.46
C VAL YA 287 -68.47 -58.56 36.56
N PRO YA 288 -68.55 -58.01 35.35
CA PRO YA 288 -67.37 -57.99 34.48
C PRO YA 288 -66.25 -57.20 35.12
N PRO YA 289 -65.00 -57.65 34.99
CA PRO YA 289 -63.90 -56.95 35.63
C PRO YA 289 -63.69 -55.60 34.97
N PRO YA 290 -63.26 -54.60 35.75
CA PRO YA 290 -63.02 -53.28 35.16
C PRO YA 290 -61.89 -53.33 34.13
N GLY YA 291 -62.04 -52.53 33.09
CA GLY YA 291 -61.05 -52.48 32.04
C GLY YA 291 -61.15 -53.59 31.01
N SER YA 292 -62.09 -54.51 31.17
CA SER YA 292 -62.25 -55.60 30.22
C SER YA 292 -63.26 -55.22 29.15
N ARG YA 293 -63.33 -56.04 28.10
CA ARG YA 293 -64.29 -55.86 27.03
C ARG YA 293 -65.00 -57.18 26.76
N ARG YA 294 -66.25 -57.07 26.31
CA ARG YA 294 -67.10 -58.23 26.16
C ARG YA 294 -66.65 -59.11 24.99
N LEU YA 295 -67.06 -60.36 25.04
CA LEU YA 295 -66.77 -61.35 24.02
C LEU YA 295 -68.09 -61.91 23.49
N VAL YA 296 -68.00 -62.93 22.64
CA VAL YA 296 -69.17 -63.56 22.04
C VAL YA 296 -69.19 -65.03 22.45
N VAL YA 297 -70.32 -65.48 22.97
CA VAL YA 297 -70.52 -66.86 23.37
C VAL YA 297 -71.64 -67.43 22.51
N SER YA 298 -71.36 -68.53 21.82
CA SER YA 298 -72.32 -69.14 20.92
C SER YA 298 -72.39 -70.63 21.19
N GLY YA 299 -73.62 -71.16 21.18
CA GLY YA 299 -73.84 -72.58 21.35
C GLY YA 299 -74.21 -73.03 22.74
N GLY YA 300 -74.45 -72.12 23.67
CA GLY YA 300 -74.78 -72.53 25.01
C GLY YA 300 -75.05 -71.32 25.90
N ASP YA 301 -75.11 -71.58 27.19
CA ASP YA 301 -75.35 -70.55 28.20
C ASP YA 301 -74.05 -70.30 28.93
N ALA YA 302 -73.36 -69.23 28.54
CA ALA YA 302 -72.10 -68.88 29.18
C ALA YA 302 -71.79 -67.42 28.89
N ARG YA 303 -70.86 -66.87 29.67
CA ARG YA 303 -70.44 -65.50 29.51
C ARG YA 303 -68.92 -65.44 29.47
N ALA YA 304 -68.39 -64.49 28.71
CA ALA YA 304 -66.96 -64.40 28.49
C ALA YA 304 -66.50 -62.96 28.60
N TRP YA 305 -65.25 -62.80 29.03
CA TRP YA 305 -64.64 -61.48 29.13
C TRP YA 305 -63.14 -61.59 28.92
N LEU YA 306 -62.57 -60.49 28.41
CA LEU YA 306 -61.16 -60.41 28.09
C LEU YA 306 -60.59 -59.13 28.70
N SER YA 307 -59.63 -59.28 29.61
CA SER YA 307 -59.04 -58.14 30.29
C SER YA 307 -57.55 -57.98 29.97
N ASN YA 308 -56.74 -59.01 30.23
CA ASN YA 308 -55.30 -58.94 30.14
C ASN YA 308 -54.76 -60.13 29.38
N GLU YA 309 -55.32 -60.36 28.19
CA GLU YA 309 -55.16 -61.59 27.40
C GLU YA 309 -55.21 -62.81 28.30
N LYS YA 310 -56.14 -62.80 29.24
CA LYS YA 310 -56.43 -63.93 30.12
C LYS YA 310 -57.95 -64.04 30.16
N MET YA 311 -58.50 -64.94 29.36
CA MET YA 311 -59.95 -64.98 29.18
C MET YA 311 -60.61 -65.56 30.42
N TYR YA 312 -61.69 -64.91 30.84
CA TYR YA 312 -62.51 -65.40 31.95
C TYR YA 312 -63.87 -65.80 31.39
N VAL YA 313 -64.42 -66.92 31.90
CA VAL YA 313 -65.72 -67.39 31.49
C VAL YA 313 -66.54 -67.73 32.74
N ARG YA 314 -67.85 -67.70 32.57
CA ARG YA 314 -68.80 -67.95 33.65
C ARG YA 314 -69.93 -68.80 33.10
N THR YA 315 -70.15 -69.97 33.71
CA THR YA 315 -71.20 -70.87 33.23
C THR YA 315 -71.56 -71.83 34.35
N ASN YA 316 -72.28 -72.89 33.99
CA ASN YA 316 -72.55 -74.01 34.89
C ASN YA 316 -72.20 -75.34 34.24
N LEU YA 317 -71.49 -75.32 33.13
CA LEU YA 317 -71.13 -76.51 32.39
C LEU YA 317 -69.72 -76.95 32.77
N THR YA 318 -69.16 -77.88 32.01
CA THR YA 318 -67.85 -78.46 32.30
C THR YA 318 -66.94 -78.30 31.10
N ILE YA 319 -66.04 -77.31 31.17
CA ILE YA 319 -65.10 -77.06 30.08
C ILE YA 319 -64.07 -78.19 30.03
N LEU YA 320 -63.70 -78.61 28.83
CA LEU YA 320 -62.80 -79.74 28.67
C LEU YA 320 -61.51 -79.41 27.94
N SER YA 321 -61.57 -78.82 26.75
CA SER YA 321 -60.43 -78.85 25.85
C SER YA 321 -59.24 -77.99 26.27
N PRO YA 322 -59.35 -76.66 26.29
CA PRO YA 322 -58.13 -75.84 26.31
C PRO YA 322 -57.27 -76.02 27.54
N GLY YA 323 -57.88 -76.26 28.70
CA GLY YA 323 -57.11 -76.37 29.92
C GLY YA 323 -57.10 -75.07 30.69
N TRP YA 324 -57.92 -75.00 31.73
CA TRP YA 324 -58.09 -73.76 32.48
C TRP YA 324 -57.01 -73.62 33.54
N LEU YA 325 -56.49 -72.40 33.69
CA LEU YA 325 -55.48 -72.15 34.70
C LEU YA 325 -56.09 -72.07 36.09
N ALA YA 326 -57.30 -71.54 36.23
CA ALA YA 326 -57.92 -71.50 37.54
C ALA YA 326 -59.43 -71.65 37.40
N SER YA 327 -60.05 -72.13 38.47
CA SER YA 327 -61.49 -72.34 38.47
C SER YA 327 -62.04 -72.09 39.88
N MET YA 328 -63.23 -71.51 39.93
CA MET YA 328 -63.92 -71.22 41.18
C MET YA 328 -65.33 -71.76 41.11
N THR YA 329 -65.80 -72.32 42.22
CA THR YA 329 -67.13 -72.89 42.31
C THR YA 329 -67.96 -72.13 43.33
N SER YA 330 -69.16 -71.75 42.94
CA SER YA 330 -70.07 -71.04 43.83
C SER YA 330 -70.74 -72.05 44.77
N ALA YA 331 -71.71 -71.58 45.54
CA ALA YA 331 -72.50 -72.48 46.38
C ALA YA 331 -73.64 -73.14 45.63
N ASP YA 332 -73.82 -72.80 44.35
CA ASP YA 332 -74.94 -73.33 43.56
C ASP YA 332 -74.45 -74.10 42.33
N GLY YA 333 -73.20 -74.53 42.32
CA GLY YA 333 -72.65 -75.25 41.20
C GLY YA 333 -72.21 -74.41 40.03
N THR YA 334 -72.33 -73.09 40.12
CA THR YA 334 -71.83 -72.22 39.06
C THR YA 334 -70.31 -72.22 39.06
N HIS YA 335 -69.72 -72.28 37.87
CA HIS YA 335 -68.28 -72.30 37.71
C HIS YA 335 -67.80 -71.04 36.99
N ALA YA 336 -66.71 -70.48 37.50
CA ALA YA 336 -66.02 -69.37 36.86
C ALA YA 336 -64.60 -69.82 36.55
N TYR YA 337 -64.28 -69.85 35.26
CA TYR YA 337 -62.99 -70.34 34.79
C TYR YA 337 -62.12 -69.19 34.29
N GLU YA 338 -60.82 -69.35 34.46
CA GLU YA 338 -59.83 -68.44 33.91
C GLU YA 338 -58.79 -69.26 33.16
N MET YA 339 -58.52 -68.87 31.91
CA MET YA 339 -57.60 -69.64 31.07
C MET YA 339 -57.01 -68.72 30.02
N GLN YA 340 -56.19 -69.31 29.14
CA GLN YA 340 -55.56 -68.58 28.05
C GLN YA 340 -56.53 -68.42 26.89
N LYS YA 341 -56.25 -67.44 26.04
CA LYS YA 341 -57.13 -67.14 24.92
C LYS YA 341 -57.20 -68.31 23.96
N SER YA 342 -58.41 -68.58 23.46
CA SER YA 342 -58.65 -69.60 22.45
C SER YA 342 -60.04 -69.39 21.87
N PRO YA 343 -60.22 -69.56 20.56
CA PRO YA 343 -61.50 -69.26 19.94
C PRO YA 343 -62.54 -70.37 20.05
N VAL YA 344 -62.30 -71.42 20.83
CA VAL YA 344 -63.21 -72.56 20.87
C VAL YA 344 -63.13 -73.22 22.24
N LEU YA 345 -64.26 -73.70 22.71
CA LEU YA 345 -64.35 -74.41 23.99
C LEU YA 345 -65.00 -75.77 23.77
N LEU YA 346 -64.77 -76.68 24.71
CA LEU YA 346 -65.33 -78.02 24.63
C LEU YA 346 -65.96 -78.38 25.97
N VAL YA 347 -67.20 -78.85 25.94
CA VAL YA 347 -67.96 -79.14 27.15
C VAL YA 347 -68.69 -80.46 26.99
N SER YA 348 -68.58 -81.33 27.99
CA SER YA 348 -69.46 -82.48 28.11
C SER YA 348 -70.67 -82.06 28.93
N TRP YA 349 -71.79 -81.80 28.25
CA TRP YA 349 -72.93 -81.16 28.88
C TRP YA 349 -73.74 -82.12 29.74
N HIS YA 350 -74.32 -83.14 29.11
CA HIS YA 350 -75.16 -84.11 29.80
C HIS YA 350 -74.76 -85.52 29.39
N GLY YA 351 -73.47 -85.80 29.42
CA GLY YA 351 -72.95 -87.01 28.83
C GLY YA 351 -72.75 -86.93 27.34
N LYS YA 352 -73.03 -85.78 26.73
CA LYS YA 352 -72.88 -85.55 25.31
C LYS YA 352 -71.82 -84.48 25.10
N VAL YA 353 -70.86 -84.76 24.23
CA VAL YA 353 -69.81 -83.79 23.93
C VAL YA 353 -70.43 -82.64 23.12
N MET YA 354 -69.86 -81.45 23.28
CA MET YA 354 -70.37 -80.27 22.61
C MET YA 354 -69.25 -79.26 22.47
N GLN YA 355 -69.35 -78.43 21.44
CA GLN YA 355 -68.38 -77.39 21.16
C GLN YA 355 -69.01 -76.03 21.30
N LEU YA 356 -68.21 -75.06 21.75
CA LEU YA 356 -68.65 -73.69 21.95
C LEU YA 356 -67.80 -72.78 21.09
N LYS YA 357 -68.46 -71.90 20.33
CA LYS YA 357 -67.79 -71.00 19.40
C LYS YA 357 -67.51 -69.67 20.11
N VAL YA 358 -66.29 -69.18 19.94
CA VAL YA 358 -65.87 -67.92 20.53
C VAL YA 358 -65.33 -67.03 19.43
N GLU YA 359 -65.90 -65.84 19.29
CA GLU YA 359 -65.48 -64.88 18.27
C GLU YA 359 -64.96 -63.62 18.95
N GLY YA 360 -64.47 -62.70 18.12
CA GLY YA 360 -64.01 -61.43 18.63
C GLY YA 360 -62.71 -61.45 19.40
N LEU YA 361 -61.99 -62.57 19.37
CA LEU YA 361 -60.71 -62.65 20.06
C LEU YA 361 -59.65 -61.87 19.28
N VAL ZA 38 -93.31 -27.90 26.30
CA VAL ZA 38 -94.69 -28.28 26.04
C VAL ZA 38 -94.88 -29.80 25.90
N PRO ZA 39 -94.11 -30.48 25.04
CA PRO ZA 39 -94.32 -31.94 24.90
C PRO ZA 39 -94.01 -32.71 26.15
N LYS ZA 40 -93.24 -32.15 27.08
CA LYS ZA 40 -92.87 -32.85 28.31
C LYS ZA 40 -93.83 -32.60 29.46
N LEU ZA 41 -94.44 -31.42 29.53
CA LEU ZA 41 -95.32 -31.09 30.64
C LEU ZA 41 -96.76 -31.14 30.17
N PRO ZA 42 -97.55 -32.13 30.59
CA PRO ZA 42 -98.95 -32.18 30.17
C PRO ZA 42 -99.73 -30.99 30.69
N CYS ZA 43 -100.71 -30.55 29.89
CA CYS ZA 43 -101.53 -29.42 30.30
C CYS ZA 43 -102.46 -29.79 31.45
N ARG ZA 44 -102.93 -31.03 31.50
CA ARG ZA 44 -103.90 -31.46 32.49
C ARG ZA 44 -103.56 -32.87 32.94
N VAL ZA 45 -104.18 -33.30 34.04
CA VAL ZA 45 -104.04 -34.68 34.48
C VAL ZA 45 -104.69 -35.60 33.46
N ASP ZA 46 -104.05 -36.73 33.21
CA ASP ZA 46 -104.50 -37.64 32.16
C ASP ZA 46 -105.89 -38.18 32.44
N GLY ZA 47 -106.65 -38.37 31.37
CA GLY ZA 47 -108.00 -38.91 31.48
C GLY ZA 47 -108.95 -38.05 32.29
N ALA ZA 48 -108.86 -36.74 32.14
CA ALA ZA 48 -109.69 -35.81 32.90
C ALA ZA 48 -110.43 -34.88 31.96
N CYS ZA 49 -111.75 -34.80 32.14
CA CYS ZA 49 -112.58 -33.85 31.39
C CYS ZA 49 -113.72 -33.43 32.31
N ASP ZA 50 -113.72 -32.16 32.71
CA ASP ZA 50 -114.77 -31.66 33.59
C ASP ZA 50 -116.14 -31.87 32.97
N ALA ZA 51 -116.23 -31.82 31.64
CA ALA ZA 51 -117.48 -32.15 30.98
C ALA ZA 51 -117.91 -33.57 31.30
N THR ZA 52 -116.97 -34.52 31.24
CA THR ZA 52 -117.29 -35.89 31.60
C THR ZA 52 -117.72 -35.97 33.06
N ILE ZA 53 -117.03 -35.25 33.95
CA ILE ZA 53 -117.36 -35.30 35.36
C ILE ZA 53 -118.79 -34.85 35.59
N ILE ZA 54 -119.14 -33.67 35.05
CA ILE ZA 54 -120.47 -33.12 35.29
C ILE ZA 54 -121.52 -33.99 34.63
N LYS ZA 55 -121.25 -34.50 33.42
CA LYS ZA 55 -122.22 -35.34 32.74
C LYS ZA 55 -122.51 -36.60 33.54
N MET ZA 56 -121.45 -37.28 34.00
CA MET ZA 56 -121.69 -38.52 34.73
C MET ZA 56 -122.29 -38.28 36.10
N MET ZA 57 -121.97 -37.15 36.74
CA MET ZA 57 -122.63 -36.80 37.99
C MET ZA 57 -124.12 -36.62 37.76
N THR ZA 58 -124.49 -35.91 36.70
CA THR ZA 58 -125.90 -35.73 36.37
C THR ZA 58 -126.56 -37.06 36.08
N ASP ZA 59 -125.86 -37.94 35.36
CA ASP ZA 59 -126.42 -39.24 35.03
C ASP ZA 59 -126.70 -40.06 36.29
N LEU ZA 60 -125.75 -40.08 37.22
CA LEU ZA 60 -125.97 -40.80 38.47
C LEU ZA 60 -127.14 -40.20 39.24
N ASN ZA 61 -127.20 -38.86 39.30
CA ASN ZA 61 -128.28 -38.23 40.05
C ASN ZA 61 -129.64 -38.55 39.46
N LYS ZA 62 -129.75 -38.54 38.12
CA LYS ZA 62 -131.03 -38.86 37.50
C LYS ZA 62 -131.34 -40.35 37.61
N LYS ZA 63 -130.31 -41.20 37.68
CA LYS ZA 63 -130.57 -42.61 37.93
C LYS ZA 63 -131.09 -42.82 39.34
N GLY ZA 64 -130.68 -41.99 40.29
CA GLY ZA 64 -131.23 -42.01 41.63
C GLY ZA 64 -130.22 -42.20 42.74
N ILE ZA 65 -128.99 -42.61 42.45
CA ILE ZA 65 -127.98 -42.72 43.49
C ILE ZA 65 -127.63 -41.33 43.98
N LYS ZA 66 -127.71 -41.14 45.30
CA LYS ZA 66 -127.55 -39.81 45.85
C LYS ZA 66 -126.09 -39.38 45.74
N VAL ZA 67 -125.85 -38.23 45.12
CA VAL ZA 67 -124.50 -37.69 44.96
C VAL ZA 67 -124.51 -36.28 45.52
N ALA ZA 68 -123.51 -35.96 46.34
CA ALA ZA 68 -123.44 -34.63 46.93
C ALA ZA 68 -121.99 -34.20 47.07
N SER ZA 69 -121.73 -32.93 46.84
CA SER ZA 69 -120.39 -32.37 46.89
C SER ZA 69 -120.47 -30.95 47.44
N VAL ZA 70 -119.73 -30.70 48.51
CA VAL ZA 70 -119.64 -29.37 49.09
C VAL ZA 70 -118.27 -29.23 49.74
N GLY ZA 71 -117.65 -28.07 49.55
CA GLY ZA 71 -116.30 -27.88 50.05
C GLY ZA 71 -115.36 -28.88 49.43
N GLN ZA 72 -114.64 -29.61 50.28
CA GLN ZA 72 -113.73 -30.66 49.81
C GLN ZA 72 -114.29 -32.05 49.96
N ASN ZA 73 -115.29 -32.24 50.82
CA ASN ZA 73 -115.83 -33.56 51.09
C ASN ZA 73 -116.94 -33.92 50.10
N TYR ZA 74 -116.86 -35.13 49.57
CA TYR ZA 74 -117.81 -35.65 48.60
C TYR ZA 74 -118.43 -36.92 49.16
N LEU ZA 75 -119.76 -37.05 49.02
CA LEU ZA 75 -120.51 -38.19 49.49
C LEU ZA 75 -121.31 -38.80 48.35
N ILE ZA 76 -121.38 -40.13 48.34
CA ILE ZA 76 -122.24 -40.86 47.42
C ILE ZA 76 -122.94 -41.97 48.21
N SER ZA 77 -124.26 -41.98 48.16
CA SER ZA 77 -125.06 -42.93 48.91
C SER ZA 77 -125.92 -43.74 47.96
N ILE ZA 78 -125.98 -45.05 48.21
CA ILE ZA 78 -126.72 -45.97 47.36
C ILE ZA 78 -127.64 -46.83 48.24
N PRO ZA 79 -128.85 -47.11 47.80
CA PRO ZA 79 -129.73 -48.01 48.55
C PRO ZA 79 -129.19 -49.42 48.60
N ALA ZA 80 -129.47 -50.12 49.70
CA ALA ZA 80 -129.02 -51.49 49.85
C ALA ZA 80 -129.66 -52.40 48.82
N SER ZA 81 -130.97 -52.25 48.61
CA SER ZA 81 -131.69 -53.14 47.69
C SER ZA 81 -131.15 -53.02 46.27
N ALA ZA 82 -130.57 -51.87 45.92
CA ALA ZA 82 -129.99 -51.71 44.59
C ALA ZA 82 -128.81 -52.64 44.37
N LEU ZA 83 -128.21 -53.15 45.44
CA LEU ZA 83 -127.04 -54.00 45.31
C LEU ZA 83 -127.27 -55.42 45.82
N PHE ZA 84 -127.74 -55.57 47.05
CA PHE ZA 84 -127.78 -56.88 47.68
C PHE ZA 84 -129.18 -57.47 47.58
N ALA ZA 85 -129.31 -58.69 48.07
CA ALA ZA 85 -130.60 -59.36 48.14
C ALA ZA 85 -131.22 -59.09 49.51
N ASP ZA 86 -132.28 -59.84 49.84
CA ASP ZA 86 -133.02 -59.60 51.07
C ASP ZA 86 -132.15 -59.96 52.26
N GLN ZA 87 -131.65 -58.94 52.96
CA GLN ZA 87 -130.91 -59.11 54.22
C GLN ZA 87 -129.71 -60.04 54.06
N SER ZA 88 -129.12 -60.07 52.87
CA SER ZA 88 -128.06 -61.03 52.62
C SER ZA 88 -126.89 -60.37 51.90
N PRO ZA 89 -125.66 -60.78 52.21
CA PRO ZA 89 -124.47 -60.21 51.56
C PRO ZA 89 -124.12 -60.91 50.26
N ARG ZA 90 -124.92 -60.66 49.23
CA ARG ZA 90 -124.64 -61.16 47.90
C ARG ZA 90 -124.91 -60.04 46.90
N LEU ZA 91 -124.28 -60.13 45.74
CA LEU ZA 91 -124.37 -59.08 44.73
C LEU ZA 91 -124.96 -59.67 43.45
N ASN ZA 92 -125.96 -58.99 42.90
CA ASN ZA 92 -126.54 -59.40 41.63
C ASN ZA 92 -125.51 -59.26 40.52
N TRP ZA 93 -125.53 -60.20 39.58
CA TRP ZA 93 -124.55 -60.19 38.52
C TRP ZA 93 -124.63 -58.91 37.67
N ALA ZA 94 -125.81 -58.31 37.57
CA ALA ZA 94 -125.95 -57.07 36.83
C ALA ZA 94 -125.40 -55.86 37.59
N SER ZA 95 -125.21 -55.99 38.90
CA SER ZA 95 -124.73 -54.87 39.70
C SER ZA 95 -123.32 -54.46 39.33
N TYR ZA 96 -122.57 -55.33 38.66
CA TYR ZA 96 -121.20 -54.98 38.30
C TYR ZA 96 -121.15 -53.84 37.30
N SER ZA 97 -122.18 -53.64 36.50
CA SER ZA 97 -122.21 -52.47 35.62
C SER ZA 97 -122.24 -51.18 36.42
N LEU ZA 98 -123.11 -51.13 37.43
CA LEU ZA 98 -123.16 -49.98 38.31
C LEU ZA 98 -121.84 -49.79 39.03
N LEU ZA 99 -121.25 -50.88 39.51
CA LEU ZA 99 -119.97 -50.79 40.20
C LEU ZA 99 -118.88 -50.25 39.28
N ASN ZA 100 -118.85 -50.72 38.03
CA ASN ZA 100 -117.83 -50.27 37.10
C ASN ZA 100 -117.99 -48.80 36.76
N GLU ZA 101 -119.23 -48.34 36.54
CA GLU ZA 101 -119.41 -46.93 36.20
C GLU ZA 101 -119.10 -46.02 37.40
N ILE ZA 102 -119.49 -46.43 38.60
CA ILE ZA 102 -119.17 -45.60 39.76
C ILE ZA 102 -117.66 -45.59 40.01
N ALA ZA 103 -116.99 -46.71 39.76
CA ALA ZA 103 -115.53 -46.73 39.87
C ALA ZA 103 -114.89 -45.84 38.83
N ALA ZA 104 -115.45 -45.82 37.62
CA ALA ZA 104 -114.93 -44.93 36.58
C ALA ZA 104 -115.08 -43.48 37.01
N PHE ZA 105 -116.21 -43.13 37.61
CA PHE ZA 105 -116.38 -41.77 38.12
C PHE ZA 105 -115.35 -41.47 39.21
N LEU ZA 106 -115.15 -42.42 40.13
CA LEU ZA 106 -114.25 -42.19 41.25
C LEU ZA 106 -112.82 -42.00 40.77
N LYS ZA 107 -112.39 -42.79 39.79
CA LYS ZA 107 -111.02 -42.70 39.30
C LYS ZA 107 -110.71 -41.36 38.67
N GLN ZA 108 -111.73 -40.56 38.34
CA GLN ZA 108 -111.49 -39.26 37.73
C GLN ZA 108 -110.79 -38.31 38.68
N PHE ZA 109 -110.92 -38.52 39.99
CA PHE ZA 109 -110.37 -37.61 40.97
C PHE ZA 109 -109.13 -38.20 41.63
N ARG ZA 110 -108.24 -37.30 42.07
CA ARG ZA 110 -107.01 -37.69 42.76
C ARG ZA 110 -107.24 -37.54 44.26
N LYS ZA 111 -107.20 -38.66 44.98
CA LYS ZA 111 -107.55 -38.69 46.40
C LYS ZA 111 -106.37 -39.21 47.21
N ILE ZA 112 -106.59 -39.31 48.52
CA ILE ZA 112 -105.62 -39.91 49.43
C ILE ZA 112 -106.30 -40.99 50.24
N ALA ZA 113 -107.44 -40.66 50.85
CA ALA ZA 113 -108.15 -41.54 51.75
C ALA ZA 113 -109.61 -41.68 51.32
N ILE ZA 114 -110.16 -42.87 51.54
CA ILE ZA 114 -111.54 -43.20 51.20
C ILE ZA 114 -112.18 -43.82 52.42
N THR ZA 115 -113.46 -43.52 52.65
CA THR ZA 115 -114.20 -44.13 53.75
C THR ZA 115 -115.50 -44.75 53.22
N VAL ZA 116 -115.82 -45.94 53.70
CA VAL ZA 116 -117.03 -46.65 53.32
C VAL ZA 116 -117.78 -47.07 54.57
N THR ZA 117 -119.07 -46.75 54.61
CA THR ZA 117 -119.91 -47.07 55.76
C THR ZA 117 -121.18 -47.77 55.28
N SER ZA 118 -121.57 -48.82 56.02
CA SER ZA 118 -122.77 -49.59 55.69
C SER ZA 118 -123.78 -49.51 56.82
N TYR ZA 119 -125.00 -49.07 56.51
CA TYR ZA 119 -126.07 -48.96 57.47
C TYR ZA 119 -127.23 -49.84 57.05
N SER ZA 120 -127.87 -50.47 58.02
CA SER ZA 120 -129.00 -51.35 57.74
C SER ZA 120 -130.20 -51.02 58.63
N SER ZA 121 -131.23 -51.85 58.56
CA SER ZA 121 -132.37 -51.72 59.47
C SER ZA 121 -132.13 -52.60 60.70
N LYS ZA 122 -133.15 -52.76 61.53
CA LYS ZA 122 -133.11 -53.69 62.65
C LYS ZA 122 -133.89 -54.94 62.26
N TYR ZA 123 -133.19 -56.07 62.15
CA TYR ZA 123 -133.81 -57.28 61.64
C TYR ZA 123 -133.84 -58.42 62.65
N VAL ZA 124 -132.69 -58.77 63.24
CA VAL ZA 124 -132.64 -59.91 64.14
C VAL ZA 124 -132.06 -59.51 65.49
N SER ZA 125 -130.86 -58.93 65.47
CA SER ZA 125 -130.14 -58.62 66.69
C SER ZA 125 -129.30 -57.37 66.43
N VAL ZA 126 -128.29 -57.14 67.25
CA VAL ZA 126 -127.30 -56.12 66.99
C VAL ZA 126 -126.07 -56.69 66.30
N LYS ZA 127 -125.60 -57.84 66.80
CA LYS ZA 127 -124.42 -58.47 66.23
C LYS ZA 127 -124.65 -58.87 64.78
N ARG ZA 128 -125.85 -59.41 64.49
CA ARG ZA 128 -126.15 -59.83 63.13
C ARG ZA 128 -126.08 -58.66 62.16
N GLU ZA 129 -126.71 -57.54 62.52
CA GLU ZA 129 -126.70 -56.37 61.66
C GLU ZA 129 -125.29 -55.82 61.48
N ARG ZA 130 -124.54 -55.74 62.58
CA ARG ZA 130 -123.17 -55.23 62.47
C ARG ZA 130 -122.32 -56.11 61.57
N ALA ZA 131 -122.43 -57.44 61.73
CA ALA ZA 131 -121.66 -58.34 60.89
C ALA ZA 131 -122.06 -58.22 59.43
N LEU ZA 132 -123.36 -58.11 59.15
CA LEU ZA 132 -123.81 -57.99 57.78
C LEU ZA 132 -123.26 -56.72 57.13
N THR ZA 133 -123.35 -55.59 57.85
CA THR ZA 133 -122.84 -54.35 57.30
C THR ZA 133 -121.33 -54.43 57.08
N LEU ZA 134 -120.61 -55.01 58.02
CA LEU ZA 134 -119.17 -55.14 57.88
C LEU ZA 134 -118.81 -55.98 56.66
N ALA ZA 135 -119.51 -57.11 56.48
CA ALA ZA 135 -119.21 -57.97 55.34
C ALA ZA 135 -119.48 -57.26 54.02
N ARG ZA 136 -120.61 -56.57 53.93
CA ARG ZA 136 -120.93 -55.86 52.70
C ARG ZA 136 -119.89 -54.78 52.41
N SER ZA 137 -119.47 -54.05 53.44
CA SER ZA 137 -118.44 -53.04 53.27
C SER ZA 137 -117.14 -53.67 52.78
N ARG ZA 138 -116.75 -54.81 53.37
CA ARG ZA 138 -115.53 -55.47 52.94
C ARG ZA 138 -115.61 -55.88 51.48
N VAL ZA 139 -116.75 -56.44 51.07
CA VAL ZA 139 -116.88 -56.90 49.69
C VAL ZA 139 -116.76 -55.72 48.72
N VAL ZA 140 -117.51 -54.66 48.99
CA VAL ZA 140 -117.48 -53.53 48.05
C VAL ZA 140 -116.09 -52.90 48.02
N SER ZA 141 -115.44 -52.81 49.18
CA SER ZA 141 -114.11 -52.21 49.24
C SER ZA 141 -113.10 -53.04 48.47
N GLU ZA 142 -113.15 -54.36 48.64
CA GLU ZA 142 -112.16 -55.20 47.97
C GLU ZA 142 -112.38 -55.18 46.46
N TYR ZA 143 -113.64 -55.16 46.01
CA TYR ZA 143 -113.87 -55.03 44.57
C TYR ZA 143 -113.37 -53.70 44.05
N LEU ZA 144 -113.60 -52.62 44.81
CA LEU ZA 144 -113.13 -51.31 44.38
C LEU ZA 144 -111.61 -51.29 44.25
N TRP ZA 145 -110.91 -51.81 45.26
CA TRP ZA 145 -109.46 -51.84 45.20
C TRP ZA 145 -108.99 -52.69 44.03
N SER ZA 146 -109.67 -53.81 43.77
CA SER ZA 146 -109.34 -54.62 42.60
C SER ZA 146 -109.46 -53.78 41.33
N GLN ZA 147 -110.52 -52.99 41.23
CA GLN ZA 147 -110.63 -52.06 40.12
C GLN ZA 147 -109.57 -50.98 40.23
N GLY ZA 148 -109.23 -50.40 39.09
CA GLY ZA 148 -108.09 -49.50 39.00
C GLY ZA 148 -108.28 -48.14 39.63
N VAL ZA 149 -108.65 -48.12 40.90
CA VAL ZA 149 -108.75 -46.86 41.64
C VAL ZA 149 -107.36 -46.37 41.98
N ASP ZA 150 -107.27 -45.13 42.41
CA ASP ZA 150 -106.01 -44.53 42.84
C ASP ZA 150 -106.21 -43.97 44.25
N SER ZA 151 -106.01 -44.82 45.25
CA SER ZA 151 -106.14 -44.43 46.63
C SER ZA 151 -104.94 -44.90 47.43
N ARG ZA 152 -104.62 -44.15 48.48
CA ARG ZA 152 -103.54 -44.53 49.38
C ARG ZA 152 -104.06 -45.31 50.59
N ILE ZA 153 -105.16 -44.88 51.19
CA ILE ZA 153 -105.74 -45.59 52.32
C ILE ZA 153 -107.25 -45.66 52.15
N ILE ZA 154 -107.82 -46.84 52.41
CA ILE ZA 154 -109.26 -47.03 52.35
C ILE ZA 154 -109.71 -47.69 53.64
N PHE ZA 155 -110.71 -47.10 54.29
CA PHE ZA 155 -111.29 -47.60 55.52
C PHE ZA 155 -112.71 -48.06 55.26
N THR ZA 156 -113.11 -49.15 55.92
CA THR ZA 156 -114.42 -49.76 55.74
C THR ZA 156 -115.02 -50.11 57.09
N GLN ZA 157 -116.31 -49.84 57.24
CA GLN ZA 157 -117.00 -50.14 58.49
C GLN ZA 157 -118.49 -50.18 58.26
N GLY ZA 158 -119.18 -50.82 59.19
CA GLY ZA 158 -120.63 -50.87 59.17
C GLY ZA 158 -121.17 -50.74 60.58
N LEU ZA 159 -122.38 -50.17 60.67
CA LEU ZA 159 -123.00 -49.94 61.96
C LEU ZA 159 -124.43 -50.44 62.06
N GLY ZA 160 -125.01 -50.95 60.98
CA GLY ZA 160 -126.36 -51.47 61.05
C GLY ZA 160 -127.40 -50.38 61.14
N SER ZA 161 -128.04 -50.25 62.29
CA SER ZA 161 -129.17 -49.34 62.48
C SER ZA 161 -128.91 -48.40 63.64
N ASP ZA 162 -127.71 -47.81 63.67
CA ASP ZA 162 -127.35 -46.90 64.74
C ASP ZA 162 -127.51 -45.43 64.37
N LYS ZA 163 -127.55 -45.09 63.09
CA LYS ZA 163 -127.71 -43.72 62.63
C LYS ZA 163 -128.83 -43.64 61.61
N PRO ZA 164 -130.07 -43.75 62.05
CA PRO ZA 164 -131.20 -43.60 61.12
C PRO ZA 164 -131.30 -42.17 60.62
N ILE ZA 165 -131.86 -42.04 59.41
CA ILE ZA 165 -131.98 -40.74 58.76
C ILE ZA 165 -133.42 -40.42 58.40
N THR ZA 166 -134.39 -41.12 58.99
CA THR ZA 166 -135.80 -40.87 58.71
C THR ZA 166 -136.63 -41.56 59.79
N SER ZA 167 -137.62 -40.84 60.31
CA SER ZA 167 -138.52 -41.42 61.29
C SER ZA 167 -139.30 -42.58 60.72
N TYR ZA 168 -139.78 -42.45 59.47
CA TYR ZA 168 -140.53 -43.50 58.82
C TYR ZA 168 -139.65 -44.73 58.62
N THR ZA 169 -140.00 -45.85 59.27
CA THR ZA 169 -139.21 -47.07 59.21
C THR ZA 169 -140.11 -48.28 59.02
N LEU ZA 170 -141.26 -48.09 58.38
CA LEU ZA 170 -142.17 -49.21 58.14
C LEU ZA 170 -141.58 -50.22 57.18
N GLY ZA 171 -141.01 -49.74 56.08
CA GLY ZA 171 -140.51 -50.64 55.05
C GLY ZA 171 -139.30 -51.41 55.49
N GLY ZA 172 -138.99 -52.46 54.72
CA GLY ZA 172 -137.84 -53.30 55.00
C GLY ZA 172 -136.55 -52.69 54.47
N ASP ZA 173 -135.72 -53.51 53.82
CA ASP ZA 173 -134.49 -53.00 53.25
C ASP ZA 173 -134.75 -51.94 52.19
N ARG ZA 174 -135.95 -51.89 51.63
CA ARG ZA 174 -136.28 -50.85 50.65
C ARG ZA 174 -136.25 -49.47 51.29
N SER ZA 175 -136.40 -49.40 52.60
CA SER ZA 175 -136.43 -48.12 53.29
C SER ZA 175 -135.09 -47.40 53.10
N PRO ZA 176 -135.10 -46.10 52.79
CA PRO ZA 176 -133.84 -45.40 52.49
C PRO ZA 176 -132.88 -45.35 53.66
N ASN ZA 177 -133.35 -45.56 54.89
CA ASN ZA 177 -132.45 -45.51 56.04
C ASN ZA 177 -131.33 -46.51 55.91
N ALA ZA 178 -131.65 -47.74 55.51
CA ALA ZA 178 -130.61 -48.71 55.15
C ALA ZA 178 -129.98 -48.30 53.83
N ARG ZA 179 -128.66 -48.29 53.79
CA ARG ZA 179 -127.93 -47.73 52.66
C ARG ZA 179 -126.45 -48.05 52.81
N VAL ZA 180 -125.68 -47.63 51.81
CA VAL ZA 180 -124.23 -47.67 51.89
C VAL ZA 180 -123.68 -46.37 51.34
N GLU ZA 181 -122.71 -45.79 52.04
CA GLU ZA 181 -122.22 -44.47 51.71
C GLU ZA 181 -120.70 -44.48 51.58
N ILE ZA 182 -120.21 -43.82 50.55
CA ILE ZA 182 -118.79 -43.65 50.30
C ILE ZA 182 -118.47 -42.16 50.41
N THR ZA 183 -117.46 -41.84 51.19
CA THR ZA 183 -117.07 -40.45 51.43
C THR ZA 183 -115.58 -40.28 51.21
N PHE ZA 184 -115.20 -39.09 50.75
CA PHE ZA 184 -113.79 -38.78 50.63
C PHE ZA 184 -113.61 -37.27 50.63
N ARG ZA 185 -112.35 -36.84 50.67
CA ARG ZA 185 -111.98 -35.44 50.51
C ARG ZA 185 -110.97 -35.33 49.40
N ARG ZA 186 -111.25 -34.47 48.42
CA ARG ZA 186 -110.33 -34.30 47.30
C ARG ZA 186 -109.01 -33.73 47.79
N ALA ZA 187 -107.92 -34.15 47.14
CA ALA ZA 187 -106.58 -33.71 47.49
C ALA ZA 187 -106.16 -32.61 46.55
N VAL ZA 188 -105.93 -31.42 47.11
CA VAL ZA 188 -105.50 -30.26 46.34
C VAL ZA 188 -106.38 -30.02 45.12
N CYS AB 42 -134.88 -69.83 31.63
CA CYS AB 42 -133.75 -69.03 31.20
C CYS AB 42 -132.46 -69.51 31.88
N PHE AB 43 -131.55 -68.58 32.14
CA PHE AB 43 -130.29 -68.91 32.79
C PHE AB 43 -129.84 -67.74 33.67
N HIS AB 44 -129.02 -68.04 34.67
CA HIS AB 44 -128.45 -67.03 35.53
C HIS AB 44 -126.93 -67.22 35.60
N PRO AB 45 -126.16 -66.17 35.33
CA PRO AB 45 -124.70 -66.28 35.33
C PRO AB 45 -124.14 -66.79 36.65
N PRO AB 46 -124.73 -66.45 37.82
CA PRO AB 46 -124.19 -67.03 39.07
C PRO AB 46 -124.47 -68.51 39.18
N TYR AB 47 -123.87 -69.30 38.28
CA TYR AB 47 -123.94 -70.77 38.32
C TYR AB 47 -125.38 -71.27 38.28
N ASN AB 48 -126.29 -70.43 37.78
CA ASN AB 48 -127.72 -70.75 37.76
C ASN AB 48 -128.23 -71.16 39.14
N ASN AB 49 -127.62 -70.59 40.17
CA ASN AB 49 -128.05 -70.80 41.56
C ASN AB 49 -128.06 -72.29 41.92
N PHE AB 50 -127.04 -73.01 41.47
CA PHE AB 50 -126.84 -74.41 41.83
C PHE AB 50 -128.06 -75.26 41.47
N GLN AB 51 -128.54 -75.10 40.25
CA GLN AB 51 -129.71 -75.83 39.79
C GLN AB 51 -129.46 -76.39 38.41
N PRO AB 52 -130.00 -77.58 38.11
CA PRO AB 52 -129.89 -78.12 36.75
C PRO AB 52 -130.55 -77.20 35.74
N ASP AB 53 -129.96 -77.13 34.55
CA ASP AB 53 -130.40 -76.17 33.55
C ASP AB 53 -131.34 -76.81 32.54
N ARG AB 54 -132.35 -76.04 32.14
CA ARG AB 54 -133.23 -76.42 31.03
C ARG AB 54 -132.67 -75.77 29.76
N ARG AB 55 -132.12 -76.59 28.87
CA ARG AB 55 -131.34 -76.10 27.74
C ARG AB 55 -132.09 -76.21 26.42
N ALA AB 56 -132.57 -77.41 26.09
CA ALA AB 56 -133.09 -77.66 24.75
C ALA AB 56 -134.40 -76.94 24.48
N VAL AB 57 -135.12 -76.51 25.52
CA VAL AB 57 -136.40 -75.83 25.29
C VAL AB 57 -136.16 -74.50 24.58
N LYS AB 58 -135.19 -73.73 25.02
CA LYS AB 58 -134.87 -72.47 24.34
C LYS AB 58 -134.45 -72.73 22.91
N ARG AB 59 -133.64 -73.77 22.69
CA ARG AB 59 -133.15 -74.07 21.36
C ARG AB 59 -134.31 -74.42 20.42
N VAL AB 60 -135.19 -75.32 20.86
CA VAL AB 60 -136.31 -75.70 20.00
C VAL AB 60 -137.25 -74.53 19.79
N GLY AB 61 -137.44 -73.69 20.80
CA GLY AB 61 -138.29 -72.52 20.63
C GLY AB 61 -137.75 -71.56 19.60
N VAL AB 62 -136.46 -71.24 19.67
CA VAL AB 62 -135.88 -70.32 18.70
C VAL AB 62 -135.76 -70.95 17.33
N ASP AB 63 -135.68 -72.28 17.24
CA ASP AB 63 -135.70 -72.93 15.94
C ASP AB 63 -137.10 -72.89 15.33
N THR AB 64 -138.13 -73.09 16.14
CA THR AB 64 -139.50 -73.03 15.66
C THR AB 64 -139.96 -71.59 15.38
N GLY AB 65 -139.29 -70.61 15.97
CA GLY AB 65 -139.65 -69.22 15.73
C GLY AB 65 -139.36 -68.73 14.33
N GLY AB 88 -137.99 -75.94 13.46
CA GLY AB 88 -138.74 -77.17 13.56
C GLY AB 88 -138.41 -77.99 14.79
N GLY AB 89 -139.37 -78.79 15.25
CA GLY AB 89 -139.13 -79.62 16.41
C GLY AB 89 -138.04 -80.66 16.16
N THR AB 90 -138.06 -81.28 14.99
CA THR AB 90 -137.06 -82.30 14.68
C THR AB 90 -135.66 -81.71 14.61
N VAL AB 91 -135.51 -80.56 13.95
CA VAL AB 91 -134.19 -79.95 13.85
C VAL AB 91 -133.73 -79.45 15.23
N GLY AB 92 -134.67 -78.94 16.04
CA GLY AB 92 -134.31 -78.58 17.40
C GLY AB 92 -133.82 -79.77 18.20
N LEU AB 93 -134.50 -80.90 18.08
CA LEU AB 93 -134.08 -82.10 18.80
C LEU AB 93 -132.73 -82.60 18.32
N VAL AB 94 -132.48 -82.57 17.01
CA VAL AB 94 -131.20 -83.06 16.51
C VAL AB 94 -130.08 -82.12 16.92
N ALA AB 95 -130.33 -80.81 16.94
CA ALA AB 95 -129.33 -79.88 17.45
C ALA AB 95 -129.07 -80.12 18.92
N SER AB 96 -130.11 -80.39 19.70
CA SER AB 96 -129.95 -80.66 21.12
C SER AB 96 -129.09 -81.90 21.35
N ILE AB 97 -129.39 -82.98 20.63
CA ILE AB 97 -128.62 -84.21 20.80
C ILE AB 97 -127.21 -84.04 20.26
N TYR AB 98 -127.01 -83.15 19.29
CA TYR AB 98 -125.65 -82.87 18.82
C TYR AB 98 -124.85 -82.13 19.88
N ARG AB 99 -125.47 -81.14 20.52
CA ARG AB 99 -124.73 -80.32 21.48
C ARG AB 99 -124.54 -81.03 22.82
N ASP AB 100 -125.44 -81.94 23.20
CA ASP AB 100 -125.30 -82.63 24.47
C ASP AB 100 -124.40 -83.86 24.38
N SER AB 101 -123.88 -84.16 23.20
CA SER AB 101 -122.99 -85.30 23.03
C SER AB 101 -121.72 -85.13 23.86
N LYS AB 102 -121.20 -86.25 24.34
CA LYS AB 102 -120.01 -86.21 25.20
C LYS AB 102 -118.83 -85.61 24.47
N ARG AB 103 -118.61 -86.02 23.22
CA ARG AB 103 -117.50 -85.47 22.45
C ARG AB 103 -117.64 -83.97 22.26
N LYS AB 104 -118.86 -83.46 22.14
CA LYS AB 104 -119.05 -82.02 22.06
C LYS AB 104 -118.56 -81.34 23.34
N ILE AB 105 -118.86 -81.94 24.49
CA ILE AB 105 -118.39 -81.38 25.76
C ILE AB 105 -116.87 -81.41 25.81
N ILE AB 106 -116.27 -82.52 25.37
CA ILE AB 106 -114.81 -82.62 25.41
C ILE AB 106 -114.18 -81.58 24.49
N ARG AB 107 -114.77 -81.38 23.31
CA ARG AB 107 -114.26 -80.37 22.40
C ARG AB 107 -114.38 -78.97 22.99
N ASP AB 108 -115.49 -78.71 23.69
CA ASP AB 108 -115.63 -77.42 24.36
C ASP AB 108 -114.57 -77.25 25.45
N LEU AB 109 -114.29 -78.31 26.20
CA LEU AB 109 -113.26 -78.24 27.22
C LEU AB 109 -111.90 -77.97 26.61
N GLN AB 110 -111.61 -78.61 25.47
CA GLN AB 110 -110.36 -78.35 24.77
C GLN AB 110 -110.29 -76.93 24.24
N LYS AB 111 -111.42 -76.39 23.78
CA LYS AB 111 -111.47 -74.97 23.44
C LYS AB 111 -111.13 -74.11 24.64
N GLN AB 112 -111.65 -74.49 25.80
CA GLN AB 112 -111.27 -73.86 27.04
C GLN AB 112 -109.89 -74.36 27.48
N ASP AB 113 -109.39 -73.77 28.56
CA ASP AB 113 -108.06 -74.09 29.05
C ASP AB 113 -108.09 -75.25 30.03
N ILE AB 114 -108.73 -76.35 29.65
CA ILE AB 114 -108.84 -77.53 30.51
C ILE AB 114 -108.56 -78.76 29.66
N GLN AB 115 -107.75 -79.67 30.18
CA GLN AB 115 -107.36 -80.87 29.45
C GLN AB 115 -107.95 -82.11 30.12
N TYR AB 116 -108.50 -83.00 29.28
CA TYR AB 116 -109.10 -84.25 29.72
C TYR AB 116 -108.30 -85.41 29.18
N VAL AB 117 -107.99 -86.38 30.04
CA VAL AB 117 -107.17 -87.52 29.70
C VAL AB 117 -107.92 -88.80 30.07
N GLU AB 118 -107.97 -89.75 29.15
CA GLU AB 118 -108.57 -91.05 29.39
C GLU AB 118 -107.56 -92.13 29.05
N TYR AB 119 -107.38 -93.08 29.96
CA TYR AB 119 -106.46 -94.18 29.74
C TYR AB 119 -106.86 -95.33 30.66
N GLY AB 120 -106.76 -96.55 30.15
CA GLY AB 120 -107.27 -97.69 30.87
C GLY AB 120 -108.75 -97.54 31.14
N ASP AB 121 -109.10 -97.29 32.40
CA ASP AB 121 -110.49 -96.99 32.76
C ASP AB 121 -110.56 -95.69 33.54
N THR AB 122 -109.55 -95.42 34.35
CA THR AB 122 -109.50 -94.20 35.13
C THR AB 122 -109.32 -92.99 34.21
N ARG AB 123 -109.97 -91.88 34.56
CA ARG AB 123 -109.91 -90.67 33.76
C ARG AB 123 -109.53 -89.48 34.63
N THR AB 124 -108.83 -88.52 34.02
CA THR AB 124 -108.23 -87.41 34.75
C THR AB 124 -108.51 -86.08 34.03
N LEU AB 125 -108.46 -85.01 34.81
CA LEU AB 125 -108.70 -83.66 34.34
C LEU AB 125 -107.64 -82.73 34.91
N ILE AB 126 -107.30 -81.70 34.14
CA ILE AB 126 -106.24 -80.77 34.51
C ILE AB 126 -106.77 -79.34 34.47
N ILE AB 127 -106.45 -78.57 35.50
CA ILE AB 127 -106.93 -77.19 35.64
C ILE AB 127 -105.77 -76.25 35.92
N PRO AB 128 -105.66 -75.13 35.21
CA PRO AB 128 -104.64 -74.13 35.51
C PRO AB 128 -105.08 -73.20 36.64
N THR AB 129 -104.39 -73.28 37.77
CA THR AB 129 -104.74 -72.46 38.93
C THR AB 129 -104.60 -70.99 38.60
N ASP AB 130 -103.49 -70.62 37.95
CA ASP AB 130 -103.18 -69.24 37.63
C ASP AB 130 -104.19 -68.61 36.69
N LYS AB 131 -104.98 -69.41 36.00
CA LYS AB 131 -106.02 -68.90 35.12
C LYS AB 131 -107.42 -69.03 35.70
N TYR AB 132 -107.63 -69.97 36.63
CA TYR AB 132 -108.96 -70.20 37.18
C TYR AB 132 -109.06 -69.85 38.66
N PHE AB 133 -108.16 -69.02 39.18
CA PHE AB 133 -108.32 -68.50 40.52
C PHE AB 133 -107.84 -67.06 40.59
N MET AB 134 -108.40 -66.31 41.54
CA MET AB 134 -107.81 -65.03 41.88
C MET AB 134 -106.40 -65.27 42.42
N PHE AB 135 -105.47 -64.46 41.96
CA PHE AB 135 -104.05 -64.75 42.17
C PHE AB 135 -103.71 -64.88 43.65
N SER AB 136 -102.98 -65.95 43.98
CA SER AB 136 -102.45 -66.17 45.33
C SER AB 136 -103.56 -66.11 46.38
N SER AB 137 -104.69 -66.75 46.10
CA SER AB 137 -105.81 -66.74 47.02
C SER AB 137 -106.67 -67.95 46.76
N PRO AB 138 -107.29 -68.53 47.80
CA PRO AB 138 -108.20 -69.66 47.58
C PRO AB 138 -109.50 -69.28 46.90
N ARG AB 139 -109.75 -67.99 46.65
CA ARG AB 139 -110.95 -67.59 45.96
C ARG AB 139 -110.95 -68.15 44.54
N LEU AB 140 -112.15 -68.43 44.04
CA LEU AB 140 -112.31 -68.96 42.69
C LEU AB 140 -112.63 -67.84 41.72
N ASN AB 141 -111.87 -67.78 40.62
CA ASN AB 141 -112.12 -66.79 39.59
C ASN AB 141 -113.39 -67.19 38.85
N GLU AB 142 -114.50 -66.54 39.19
CA GLU AB 142 -115.79 -66.93 38.65
C GLU AB 142 -116.00 -66.47 37.21
N ILE AB 143 -115.08 -65.68 36.67
CA ILE AB 143 -115.30 -65.07 35.36
C ILE AB 143 -115.48 -66.14 34.29
N CYS AB 144 -114.75 -67.26 34.40
CA CYS AB 144 -114.81 -68.32 33.41
C CYS AB 144 -115.76 -69.44 33.80
N TYR AB 145 -116.88 -69.10 34.44
CA TYR AB 145 -117.90 -70.04 34.89
C TYR AB 145 -118.41 -71.02 33.82
N PRO AB 146 -118.39 -70.69 32.52
CA PRO AB 146 -118.79 -71.72 31.54
C PRO AB 146 -117.95 -72.99 31.64
N GLY AB 147 -116.66 -72.85 31.88
CA GLY AB 147 -115.83 -74.04 32.04
C GLY AB 147 -116.26 -74.88 33.22
N LEU AB 148 -116.57 -74.24 34.33
CA LEU AB 148 -117.00 -74.98 35.52
C LEU AB 148 -118.33 -75.69 35.25
N ASN AB 149 -119.26 -75.02 34.58
CA ASN AB 149 -120.52 -75.66 34.25
C ASN AB 149 -120.31 -76.87 33.34
N ASN AB 150 -119.44 -76.73 32.34
CA ASN AB 150 -119.12 -77.85 31.47
C ASN AB 150 -118.51 -79.00 32.28
N VAL AB 151 -117.63 -78.66 33.21
CA VAL AB 151 -117.01 -79.69 34.06
C VAL AB 151 -118.07 -80.44 34.84
N ILE AB 152 -119.02 -79.71 35.42
CA ILE AB 152 -120.07 -80.35 36.20
C ILE AB 152 -120.90 -81.27 35.31
N ARG AB 153 -121.31 -80.77 34.14
CA ARG AB 153 -122.13 -81.59 33.25
C ARG AB 153 -121.39 -82.84 32.81
N LEU AB 154 -120.10 -82.71 32.47
CA LEU AB 154 -119.32 -83.87 32.06
C LEU AB 154 -119.19 -84.87 33.20
N LEU AB 155 -118.84 -84.39 34.39
CA LEU AB 155 -118.68 -85.26 35.54
C LEU AB 155 -119.98 -85.96 35.91
N ASN AB 156 -121.12 -85.38 35.55
CA ASN AB 156 -122.40 -86.01 35.82
C ASN AB 156 -122.54 -87.36 35.11
N PHE AB 157 -121.71 -87.61 34.08
CA PHE AB 157 -121.82 -88.87 33.35
C PHE AB 157 -121.48 -90.07 34.21
N TYR AB 158 -120.56 -89.92 35.16
CA TYR AB 158 -120.10 -91.06 35.96
C TYR AB 158 -120.58 -90.91 37.40
N PRO AB 159 -121.76 -91.42 37.73
CA PRO AB 159 -122.33 -91.19 39.06
C PRO AB 159 -121.87 -92.16 40.14
N GLN AB 160 -120.83 -92.96 39.89
CA GLN AB 160 -120.49 -94.03 40.81
C GLN AB 160 -119.11 -93.89 41.43
N SER AB 161 -118.06 -93.73 40.62
CA SER AB 161 -116.70 -93.85 41.12
C SER AB 161 -116.35 -92.69 42.05
N THR AB 162 -115.37 -92.94 42.91
CA THR AB 162 -114.89 -91.92 43.81
C THR AB 162 -114.04 -90.90 43.05
N ILE AB 163 -113.72 -89.80 43.72
CA ILE AB 163 -112.99 -88.69 43.12
C ILE AB 163 -111.80 -88.36 44.00
N TYR AB 164 -110.63 -88.21 43.37
CA TYR AB 164 -109.46 -87.65 44.02
C TYR AB 164 -109.13 -86.33 43.34
N VAL AB 165 -108.86 -85.30 44.14
CA VAL AB 165 -108.44 -84.01 43.62
C VAL AB 165 -107.17 -83.58 44.33
N ALA AB 166 -106.16 -83.19 43.57
CA ALA AB 166 -104.87 -82.84 44.11
C ALA AB 166 -104.41 -81.51 43.56
N GLY AB 167 -103.66 -80.78 44.37
CA GLY AB 167 -103.16 -79.46 44.02
C GLY AB 167 -101.64 -79.46 43.96
N PHE AB 168 -101.10 -78.69 43.01
CA PHE AB 168 -99.67 -78.63 42.78
C PHE AB 168 -99.24 -77.20 42.54
N THR AB 169 -98.11 -76.82 43.14
CA THR AB 169 -97.56 -75.48 43.05
C THR AB 169 -96.18 -75.52 42.39
N ASP AB 170 -95.50 -74.38 42.41
CA ASP AB 170 -94.14 -74.27 41.89
C ASP AB 170 -93.15 -74.56 43.02
N ASN AB 171 -91.89 -74.24 42.80
CA ASN AB 171 -90.83 -74.58 43.75
C ASN AB 171 -90.34 -73.40 44.58
N VAL AB 172 -90.79 -72.19 44.30
CA VAL AB 172 -90.26 -71.00 44.96
C VAL AB 172 -91.16 -70.62 46.13
N GLY AB 173 -90.57 -70.51 47.31
CA GLY AB 173 -91.28 -70.14 48.51
C GLY AB 173 -91.07 -71.13 49.63
N SER AB 174 -91.73 -70.85 50.75
CA SER AB 174 -91.68 -71.75 51.90
C SER AB 174 -92.42 -73.05 51.58
N ARG AB 175 -91.85 -74.17 52.01
CA ARG AB 175 -92.51 -75.45 51.82
C ARG AB 175 -93.85 -75.49 52.53
N SER AB 176 -93.89 -75.01 53.77
CA SER AB 176 -95.14 -74.96 54.52
C SER AB 176 -96.16 -74.08 53.81
N HIS AB 177 -95.70 -72.92 53.31
CA HIS AB 177 -96.60 -72.04 52.60
C HIS AB 177 -97.17 -72.71 51.36
N LYS AB 178 -96.32 -73.38 50.59
CA LYS AB 178 -96.78 -74.05 49.38
C LYS AB 178 -97.81 -75.13 49.72
N ARG AB 179 -97.51 -75.96 50.72
CA ARG AB 179 -98.42 -77.04 51.04
C ARG AB 179 -99.75 -76.50 51.56
N LYS AB 180 -99.71 -75.43 52.36
CA LYS AB 180 -100.95 -74.84 52.84
C LYS AB 180 -101.77 -74.28 51.69
N LEU AB 181 -101.13 -73.59 50.76
CA LEU AB 181 -101.86 -73.04 49.62
C LEU AB 181 -102.48 -74.14 48.79
N SER AB 182 -101.73 -75.23 48.56
CA SER AB 182 -102.26 -76.34 47.79
C SER AB 182 -103.45 -76.97 48.50
N GLN AB 183 -103.34 -77.16 49.81
CA GLN AB 183 -104.46 -77.69 50.59
C GLN AB 183 -105.68 -76.81 50.44
N ALA AB 184 -105.50 -75.49 50.56
CA ALA AB 184 -106.63 -74.57 50.46
C ALA AB 184 -107.27 -74.65 49.09
N GLN AB 185 -106.46 -74.68 48.03
CA GLN AB 185 -107.00 -74.71 46.68
C GLN AB 185 -107.79 -75.99 46.45
N ALA AB 186 -107.21 -77.13 46.85
CA ALA AB 186 -107.89 -78.41 46.66
C ALA AB 186 -109.19 -78.44 47.47
N GLU AB 187 -109.15 -77.92 48.70
CA GLU AB 187 -110.35 -77.88 49.52
C GLU AB 187 -111.45 -77.06 48.85
N THR AB 188 -111.08 -75.89 48.32
CA THR AB 188 -112.07 -75.05 47.65
C THR AB 188 -112.67 -75.75 46.45
N MET AB 189 -111.83 -76.40 45.64
CA MET AB 189 -112.33 -77.05 44.44
C MET AB 189 -113.27 -78.19 44.79
N MET AB 190 -112.86 -79.05 45.73
CA MET AB 190 -113.71 -80.16 46.11
C MET AB 190 -114.98 -79.68 46.79
N THR AB 191 -114.91 -78.55 47.51
CA THR AB 191 -116.11 -77.97 48.09
C THR AB 191 -117.08 -77.53 47.00
N PHE AB 192 -116.55 -76.89 45.95
CA PHE AB 192 -117.43 -76.51 44.85
C PHE AB 192 -118.06 -77.73 44.22
N LEU AB 193 -117.29 -78.80 44.07
CA LEU AB 193 -117.85 -80.04 43.54
C LEU AB 193 -118.97 -80.56 44.43
N TRP AB 194 -118.72 -80.62 45.73
CA TRP AB 194 -119.72 -81.10 46.69
C TRP AB 194 -120.96 -80.22 46.69
N ALA AB 195 -120.81 -78.94 46.35
CA ALA AB 195 -121.94 -78.05 46.26
C ALA AB 195 -122.86 -78.36 45.09
N ASN AB 196 -122.62 -79.47 44.38
CA ASN AB 196 -123.43 -79.85 43.23
C ASN AB 196 -124.06 -81.22 43.43
N GLY AB 197 -124.46 -81.54 44.66
CA GLY AB 197 -125.20 -82.75 44.94
C GLY AB 197 -124.37 -84.01 45.04
N ILE AB 198 -123.04 -83.91 45.07
CA ILE AB 198 -122.22 -85.10 45.19
C ILE AB 198 -122.23 -85.59 46.63
N ALA AB 199 -122.50 -86.88 46.81
CA ALA AB 199 -122.49 -87.46 48.14
C ALA AB 199 -121.10 -87.37 48.75
N ALA AB 200 -121.04 -86.94 50.01
CA ALA AB 200 -119.75 -86.62 50.64
C ALA AB 200 -118.81 -87.80 50.68
N LYS AB 201 -119.32 -89.04 50.65
CA LYS AB 201 -118.47 -90.21 50.70
C LYS AB 201 -117.64 -90.40 49.43
N ARG AB 202 -117.91 -89.65 48.38
CA ARG AB 202 -117.29 -89.88 47.09
C ARG AB 202 -116.10 -88.97 46.82
N LEU AB 203 -115.60 -88.25 47.83
CA LEU AB 203 -114.60 -87.21 47.59
C LEU AB 203 -113.35 -87.43 48.44
N LYS AB 204 -112.21 -87.05 47.87
CA LYS AB 204 -110.95 -87.01 48.60
C LYS AB 204 -110.09 -85.90 48.02
N ALA AB 205 -109.47 -85.10 48.89
CA ALA AB 205 -108.70 -83.94 48.48
C ALA AB 205 -107.30 -84.00 49.07
N GLU AB 206 -106.34 -83.42 48.35
CA GLU AB 206 -104.95 -83.46 48.76
C GLU AB 206 -104.18 -82.37 48.03
N GLY AB 207 -103.28 -81.70 48.77
CA GLY AB 207 -102.46 -80.68 48.16
C GLY AB 207 -100.98 -80.91 48.42
N TYR AB 208 -100.22 -81.18 47.36
CA TYR AB 208 -98.79 -81.35 47.49
C TYR AB 208 -98.08 -80.04 47.22
N GLY AB 209 -96.77 -80.04 47.47
CA GLY AB 209 -95.96 -78.88 47.14
C GLY AB 209 -95.37 -79.03 45.75
N ASP AB 210 -94.05 -79.19 45.68
CA ASP AB 210 -93.35 -79.46 44.44
C ASP AB 210 -92.73 -80.85 44.44
N LYS AB 211 -93.34 -81.78 45.18
CA LYS AB 211 -92.72 -83.09 45.39
C LYS AB 211 -92.56 -83.84 44.07
N ASN AB 212 -93.63 -83.96 43.31
CA ASN AB 212 -93.62 -84.73 42.05
C ASN AB 212 -94.11 -83.79 40.95
N ALA AB 213 -93.17 -83.04 40.38
CA ALA AB 213 -93.49 -82.11 39.32
C ALA AB 213 -93.72 -82.86 38.01
N ILE AB 214 -94.33 -82.16 37.06
CA ILE AB 214 -94.50 -82.66 35.70
C ILE AB 214 -93.62 -81.92 34.71
N SER AB 215 -92.81 -80.99 35.17
CA SER AB 215 -91.97 -80.19 34.30
C SER AB 215 -90.78 -79.68 35.12
N ASP AB 216 -90.04 -78.73 34.57
CA ASP AB 216 -88.90 -78.14 35.25
C ASP AB 216 -89.23 -76.74 35.75
N ASN AB 217 -88.67 -76.38 36.90
CA ASN AB 217 -88.83 -75.05 37.44
C ASN AB 217 -87.81 -74.06 36.90
N ALA AB 218 -86.62 -74.54 36.52
CA ALA AB 218 -85.58 -73.63 36.04
C ALA AB 218 -85.97 -72.93 34.74
N ILE AB 219 -86.93 -73.48 33.99
CA ILE AB 219 -87.41 -72.87 32.76
C ILE AB 219 -88.77 -72.24 33.04
N ILE AB 220 -88.96 -71.02 32.55
CA ILE AB 220 -90.12 -70.22 32.94
C ILE AB 220 -91.41 -70.89 32.49
N HIS AB 221 -91.49 -71.27 31.22
CA HIS AB 221 -92.73 -71.82 30.70
C HIS AB 221 -93.06 -73.16 31.35
N GLY AB 222 -92.06 -74.02 31.51
CA GLY AB 222 -92.30 -75.29 32.18
C GLY AB 222 -92.73 -75.13 33.62
N SER AB 223 -92.09 -74.21 34.34
CA SER AB 223 -92.49 -73.94 35.72
C SER AB 223 -93.91 -73.43 35.79
N ALA AB 224 -94.29 -72.54 34.88
CA ALA AB 224 -95.66 -72.05 34.85
C ALA AB 224 -96.64 -73.18 34.57
N GLN AB 225 -96.29 -74.07 33.64
CA GLN AB 225 -97.19 -75.17 33.30
C GLN AB 225 -97.29 -76.19 34.43
N ASN AB 226 -96.26 -76.28 35.26
CA ASN AB 226 -96.21 -77.37 36.23
C ASN AB 226 -97.32 -77.28 37.27
N ARG AB 227 -97.49 -76.12 37.89
CA ARG AB 227 -98.51 -75.98 38.92
C ARG AB 227 -99.90 -76.16 38.31
N ARG AB 228 -100.79 -76.83 39.04
CA ARG AB 228 -102.01 -77.30 38.42
C ARG AB 228 -102.96 -77.85 39.48
N ILE AB 229 -104.15 -78.21 39.03
CA ILE AB 229 -105.10 -79.00 39.80
C ILE AB 229 -105.40 -80.25 38.99
N GLU AB 230 -105.20 -81.41 39.59
CA GLU AB 230 -105.49 -82.67 38.93
C GLU AB 230 -106.71 -83.33 39.56
N ILE AB 231 -107.50 -84.00 38.72
CA ILE AB 231 -108.66 -84.75 39.15
C ILE AB 231 -108.57 -86.15 38.57
N GLN AB 232 -108.69 -87.17 39.42
CA GLN AB 232 -108.69 -88.56 39.01
C GLN AB 232 -109.98 -89.21 39.46
N TRP AB 233 -110.57 -90.04 38.60
CA TRP AB 233 -111.73 -90.81 39.02
C TRP AB 233 -111.79 -92.11 38.24
N PHE AB 234 -112.19 -93.17 38.95
CA PHE AB 234 -112.21 -94.52 38.42
C PHE AB 234 -113.48 -94.72 37.57
N THR AB 235 -113.77 -95.98 37.26
CA THR AB 235 -115.01 -96.35 36.59
C THR AB 235 -115.82 -97.35 37.38
N SER AB 236 -115.16 -98.30 38.05
CA SER AB 236 -115.86 -99.29 38.86
C SER AB 236 -116.10 -98.78 40.27
N LEU BB 113 -134.70 -106.73 82.50
CA LEU BB 113 -133.44 -106.00 82.64
C LEU BB 113 -132.75 -105.87 81.28
N ASN BB 114 -133.47 -106.19 80.21
CA ASN BB 114 -132.90 -106.16 78.87
C ASN BB 114 -133.77 -105.35 77.93
N ARG BB 115 -135.08 -105.36 78.16
CA ARG BB 115 -136.01 -104.59 77.34
C ARG BB 115 -137.09 -104.00 78.23
N PHE BB 116 -137.30 -102.69 78.11
CA PHE BB 116 -138.37 -102.00 78.82
C PHE BB 116 -139.20 -101.26 77.78
N ARG BB 117 -140.51 -101.54 77.75
CA ARG BB 117 -141.42 -100.89 76.82
C ARG BB 117 -142.69 -100.54 77.58
N TYR BB 118 -142.86 -99.25 77.89
CA TYR BB 118 -144.02 -98.78 78.62
C TYR BB 118 -144.83 -97.80 77.79
N GLU BB 119 -146.14 -97.98 77.82
CA GLU BB 119 -147.09 -97.07 77.17
C GLU BB 119 -148.17 -96.70 78.19
N GLY BB 120 -148.55 -95.43 78.21
CA GLY BB 120 -149.64 -95.00 79.06
C GLY BB 120 -149.27 -94.32 80.36
N ALA BB 121 -148.37 -93.34 80.29
CA ALA BB 121 -148.13 -92.37 81.37
C ALA BB 121 -147.72 -93.07 82.67
N GLY BB 122 -146.55 -93.69 82.61
CA GLY BB 122 -145.93 -94.31 83.77
C GLY BB 122 -144.88 -93.38 84.37
N VAL BB 123 -144.98 -93.16 85.68
CA VAL BB 123 -144.03 -92.34 86.41
C VAL BB 123 -143.12 -93.30 87.16
N VAL BB 124 -141.98 -93.64 86.55
CA VAL BB 124 -141.03 -94.59 87.09
C VAL BB 124 -139.72 -93.88 87.36
N THR BB 125 -139.19 -94.06 88.56
CA THR BB 125 -137.93 -93.45 88.97
C THR BB 125 -136.98 -94.52 89.48
N GLY BB 126 -135.69 -94.35 89.20
CA GLY BB 126 -134.70 -95.31 89.65
C GLY BB 126 -133.32 -94.73 89.50
N ASN BB 127 -132.34 -95.47 90.04
CA ASN BB 127 -130.94 -95.07 90.00
C ASN BB 127 -130.09 -96.28 90.36
N ASN BB 128 -128.77 -96.11 90.24
CA ASN BB 128 -127.79 -97.12 90.62
C ASN BB 128 -128.00 -98.43 89.86
N LEU BB 129 -128.39 -98.31 88.59
CA LEU BB 129 -128.57 -99.48 87.73
C LEU BB 129 -127.38 -99.60 86.78
N ARG BB 130 -126.94 -100.82 86.56
CA ARG BB 130 -125.81 -101.11 85.69
C ARG BB 130 -126.23 -102.09 84.60
N THR BB 131 -125.75 -101.85 83.38
CA THR BB 131 -126.07 -102.72 82.27
C THR BB 131 -125.03 -102.51 81.18
N SER BB 132 -124.94 -103.50 80.29
CA SER BB 132 -124.14 -103.37 79.08
C SER BB 132 -124.95 -102.76 77.96
N TYR BB 133 -126.05 -103.40 77.58
CA TYR BB 133 -126.98 -102.84 76.61
C TYR BB 133 -128.39 -103.30 76.95
N LEU BB 134 -129.34 -102.39 76.79
CA LEU BB 134 -130.75 -102.73 76.89
C LEU BB 134 -131.55 -101.75 76.05
N ASP BB 135 -132.75 -102.16 75.66
CA ASP BB 135 -133.60 -101.38 74.78
C ASP BB 135 -134.70 -100.70 75.59
N LEU BB 136 -134.97 -99.44 75.27
CA LEU BB 136 -135.94 -98.62 75.98
C LEU BB 136 -136.97 -98.08 75.00
N TYR BB 137 -138.24 -98.12 75.41
CA TYR BB 137 -139.34 -97.64 74.59
C TYR BB 137 -140.40 -97.03 75.49
N LEU BB 138 -140.73 -95.77 75.23
CA LEU BB 138 -141.69 -95.04 76.04
C LEU BB 138 -142.75 -94.41 75.16
N ALA BB 139 -143.98 -94.37 75.69
CA ALA BB 139 -145.08 -93.72 75.00
C ALA BB 139 -145.96 -93.02 76.04
N ASN BB 140 -146.70 -92.01 75.56
CA ASN BB 140 -147.70 -91.31 76.35
C ASN BB 140 -147.09 -90.66 77.59
N GLU BB 141 -146.19 -89.71 77.34
CA GLU BB 141 -145.55 -88.87 78.37
C GLU BB 141 -145.19 -89.67 79.62
N GLY BB 142 -144.32 -90.65 79.43
CA GLY BB 142 -143.83 -91.39 80.56
C GLY BB 142 -142.71 -90.62 81.23
N THR BB 143 -143.06 -89.94 82.32
CA THR BB 143 -142.12 -89.03 82.99
C THR BB 143 -141.09 -89.84 83.75
N THR BB 144 -139.84 -89.77 83.32
CA THR BB 144 -138.76 -90.53 83.90
C THR BB 144 -137.60 -89.61 84.28
N ARG BB 145 -137.10 -89.77 85.49
CA ARG BB 145 -135.86 -89.15 85.94
C ARG BB 145 -134.89 -90.28 86.26
N LEU BB 146 -134.19 -90.76 85.23
CA LEU BB 146 -133.29 -91.88 85.39
C LEU BB 146 -131.93 -91.38 85.85
N ALA BB 147 -131.41 -91.96 86.92
CA ALA BB 147 -130.14 -91.56 87.51
C ALA BB 147 -129.21 -92.76 87.64
N GLY BB 148 -129.11 -93.56 86.59
CA GLY BB 148 -128.24 -94.72 86.60
C GLY BB 148 -127.30 -94.71 85.41
N ASN BB 149 -126.13 -95.30 85.60
CA ASN BB 149 -125.13 -95.42 84.56
C ASN BB 149 -125.49 -96.62 83.68
N ILE BB 150 -126.09 -96.35 82.53
CA ILE BB 150 -126.64 -97.37 81.66
C ILE BB 150 -125.99 -97.28 80.29
N GLY BB 151 -125.56 -98.42 79.77
CA GLY BB 151 -125.13 -98.50 78.39
C GLY BB 151 -126.27 -99.00 77.52
N LEU BB 152 -126.35 -98.44 76.31
CA LEU BB 152 -127.44 -98.78 75.40
C LEU BB 152 -127.06 -98.34 73.99
N GLN BB 153 -127.84 -98.81 73.02
CA GLN BB 153 -127.66 -98.42 71.63
C GLN BB 153 -129.00 -98.00 71.03
N LYS BB 154 -130.09 -98.52 71.58
CA LYS BB 154 -131.44 -98.26 71.09
C LYS BB 154 -132.26 -97.59 72.17
N LEU BB 155 -132.96 -96.52 71.79
CA LEU BB 155 -133.88 -95.85 72.69
C LEU BB 155 -134.96 -95.18 71.83
N GLU BB 156 -136.21 -95.29 72.27
CA GLU BB 156 -137.33 -94.77 71.51
C GLU BB 156 -138.35 -94.12 72.42
N ALA BB 157 -138.80 -92.92 72.04
CA ALA BB 157 -139.89 -92.24 72.71
C ALA BB 157 -140.87 -91.76 71.65
N VAL BB 158 -142.15 -92.09 71.83
CA VAL BB 158 -143.14 -91.74 70.81
C VAL BB 158 -143.24 -90.23 70.66
N GLY BB 159 -143.28 -89.50 71.78
CA GLY BB 159 -143.35 -88.06 71.74
C GLY BB 159 -144.27 -87.47 72.79
N ASN BB 160 -144.28 -86.15 72.89
CA ASN BB 160 -145.12 -85.43 73.86
C ASN BB 160 -144.87 -85.92 75.28
N GLY BB 161 -143.61 -86.08 75.64
CA GLY BB 161 -143.25 -86.55 76.96
C GLY BB 161 -141.94 -85.95 77.41
N VAL BB 162 -141.77 -85.90 78.73
CA VAL BB 162 -140.57 -85.37 79.36
C VAL BB 162 -139.79 -86.52 79.97
N THR BB 163 -138.50 -86.60 79.68
CA THR BB 163 -137.64 -87.66 80.19
C THR BB 163 -136.22 -87.12 80.31
N GLN BB 164 -135.63 -87.31 81.49
CA GLN BB 164 -134.27 -86.86 81.75
C GLN BB 164 -133.46 -88.05 82.25
N ILE BB 165 -132.36 -88.35 81.54
CA ILE BB 165 -131.51 -89.49 81.84
C ILE BB 165 -130.10 -88.98 82.13
N ASN BB 166 -129.53 -89.43 83.24
CA ASN BB 166 -128.20 -89.02 83.67
C ASN BB 166 -127.29 -90.23 83.68
N GLY BB 167 -126.21 -90.16 82.90
CA GLY BB 167 -125.19 -91.21 82.92
C GLY BB 167 -125.38 -92.23 81.83
N VAL BB 168 -124.58 -92.15 80.78
CA VAL BB 168 -124.61 -93.12 79.69
C VAL BB 168 -123.17 -93.47 79.31
N SER BB 169 -122.88 -94.76 79.23
CA SER BB 169 -121.59 -95.26 78.76
C SER BB 169 -121.88 -96.17 77.57
N SER BB 170 -121.94 -95.59 76.39
CA SER BB 170 -122.31 -96.31 75.18
C SER BB 170 -121.25 -96.11 74.11
N ARG BB 171 -120.71 -97.21 73.60
CA ARG BB 171 -119.79 -97.18 72.47
C ARG BB 171 -120.51 -97.00 71.14
N ASN BB 172 -121.82 -97.10 71.12
CA ASN BB 172 -122.60 -96.92 69.91
C ASN BB 172 -124.05 -96.63 70.31
N LEU BB 173 -124.74 -95.88 69.47
CA LEU BB 173 -126.12 -95.51 69.74
C LEU BB 173 -126.80 -95.11 68.43
N GLN BB 174 -128.13 -95.20 68.44
CA GLN BB 174 -128.92 -94.78 67.28
C GLN BB 174 -130.35 -94.57 67.74
N ILE BB 175 -130.87 -93.37 67.51
CA ILE BB 175 -132.19 -92.97 67.99
C ILE BB 175 -133.02 -92.48 66.81
N VAL BB 176 -134.34 -92.67 66.92
CA VAL BB 176 -135.29 -92.04 66.02
C VAL BB 176 -136.47 -91.54 66.84
N LEU BB 177 -137.19 -90.57 66.28
CA LEU BB 177 -138.36 -89.99 66.93
C LEU BB 177 -139.47 -89.80 65.91
N LYS BB 178 -140.69 -89.67 66.42
CA LYS BB 178 -141.85 -89.63 65.54
C LYS BB 178 -142.77 -88.46 65.87
N GLY BB 179 -142.75 -87.98 67.10
CA GLY BB 179 -143.70 -86.97 67.51
C GLY BB 179 -143.09 -85.65 67.95
N ASP BB 180 -143.46 -85.21 69.15
CA ASP BB 180 -143.01 -83.93 69.70
C ASP BB 180 -142.50 -84.15 71.12
N PRO BB 181 -141.40 -84.87 71.28
CA PRO BB 181 -140.88 -85.11 72.63
C PRO BB 181 -139.97 -83.99 73.09
N LYS BB 182 -139.59 -84.02 74.37
CA LYS BB 182 -138.68 -83.04 74.95
C LYS BB 182 -137.73 -83.82 75.86
N VAL BB 183 -136.54 -84.13 75.38
CA VAL BB 183 -135.65 -85.03 76.09
C VAL BB 183 -134.24 -84.45 76.16
N LEU BB 184 -133.47 -84.98 77.10
CA LEU BB 184 -132.08 -84.58 77.30
C LEU BB 184 -131.30 -85.77 77.80
N ILE BB 185 -130.06 -85.92 77.33
CA ILE BB 185 -129.25 -87.10 77.65
C ILE BB 185 -127.89 -86.62 78.16
N SER BB 186 -127.46 -87.20 79.28
CA SER BB 186 -126.18 -86.88 79.88
C SER BB 186 -125.33 -88.15 80.01
N GLY BB 187 -124.05 -88.01 79.71
CA GLY BB 187 -123.12 -89.13 79.80
C GLY BB 187 -122.04 -89.12 78.74
N PHE BB 188 -121.79 -90.29 78.14
CA PHE BB 188 -120.81 -90.42 77.07
C PHE BB 188 -121.45 -91.23 75.95
N VAL BB 189 -121.60 -90.61 74.78
CA VAL BB 189 -122.34 -91.19 73.67
C VAL BB 189 -121.47 -91.17 72.42
N ASN BB 190 -121.36 -92.33 71.76
CA ASN BB 190 -120.75 -92.41 70.44
C ASN BB 190 -121.88 -92.48 69.40
N LEU BB 191 -122.50 -91.32 69.17
CA LEU BB 191 -123.63 -91.26 68.26
C LEU BB 191 -123.18 -91.42 66.82
N ARG BB 192 -124.11 -91.90 65.98
CA ARG BB 192 -123.83 -92.11 64.57
C ARG BB 192 -124.71 -91.23 63.67
N GLN BB 193 -126.03 -91.33 63.80
CA GLN BB 193 -126.93 -90.80 62.79
C GLN BB 193 -128.27 -90.48 63.43
N LEU BB 194 -128.86 -89.37 63.02
CA LEU BB 194 -130.14 -88.95 63.58
C LEU BB 194 -130.95 -88.20 62.53
N ASP BB 195 -132.22 -88.59 62.39
CA ASP BB 195 -133.16 -87.92 61.50
C ASP BB 195 -134.36 -87.46 62.31
N MET BB 196 -134.72 -86.18 62.15
CA MET BB 196 -135.83 -85.58 62.87
C MET BB 196 -136.92 -85.18 61.89
N TYR BB 197 -138.16 -85.57 62.20
CA TYR BB 197 -139.30 -85.29 61.33
C TYR BB 197 -140.44 -84.56 62.01
N GLY BB 198 -140.46 -84.49 63.34
CA GLY BB 198 -141.58 -83.88 64.03
C GLY BB 198 -141.25 -82.56 64.68
N LYS BB 199 -141.35 -82.52 66.02
CA LYS BB 199 -141.09 -81.32 66.82
C LYS BB 199 -140.12 -81.65 67.95
N GLY BB 200 -139.01 -82.27 67.59
CA GLY BB 200 -138.10 -82.78 68.60
C GLY BB 200 -137.25 -81.70 69.26
N THR BB 201 -136.91 -81.94 70.52
CA THR BB 201 -136.04 -81.06 71.29
C THR BB 201 -135.11 -81.95 72.12
N LEU BB 202 -133.81 -81.86 71.83
CA LEU BB 202 -132.83 -82.75 72.44
C LEU BB 202 -131.56 -81.98 72.77
N SER BB 203 -130.88 -82.43 73.84
CA SER BB 203 -129.64 -81.80 74.28
C SER BB 203 -128.72 -82.86 74.85
N LEU BB 204 -127.47 -82.85 74.40
CA LEU BB 204 -126.47 -83.83 74.81
C LEU BB 204 -125.28 -83.13 75.45
N TYR BB 205 -124.73 -83.77 76.48
CA TYR BB 205 -123.59 -83.19 77.19
C TYR BB 205 -122.28 -83.43 76.44
N TRP BB 206 -121.90 -84.69 76.27
CA TRP BB 206 -120.64 -85.04 75.64
C TRP BB 206 -120.87 -86.13 74.61
N ILE BB 207 -120.26 -85.97 73.44
CA ILE BB 207 -120.32 -86.96 72.36
C ILE BB 207 -118.92 -87.22 71.87
N LYS BB 208 -118.49 -88.48 71.93
CA LYS BB 208 -117.17 -88.90 71.48
C LYS BB 208 -117.35 -89.73 70.22
N SER BB 209 -117.37 -89.06 69.08
CA SER BB 209 -117.55 -89.74 67.81
C SER BB 209 -116.81 -88.98 66.72
N ASP BB 210 -116.49 -89.70 65.65
CA ASP BB 210 -115.79 -89.12 64.51
C ASP BB 210 -116.73 -88.79 63.36
N THR BB 211 -117.71 -89.65 63.08
CA THR BB 211 -118.64 -89.48 61.97
C THR BB 211 -120.03 -89.25 62.51
N LEU BB 212 -120.70 -88.21 62.01
CA LEU BB 212 -122.04 -87.87 62.46
C LEU BB 212 -122.89 -87.48 61.26
N THR BB 213 -124.12 -88.01 61.21
CA THR BB 213 -125.07 -87.67 60.18
C THR BB 213 -126.32 -87.06 60.81
N ILE BB 214 -126.75 -85.91 60.30
CA ILE BB 214 -127.90 -85.21 60.85
C ILE BB 214 -128.84 -84.84 59.71
N ARG BB 215 -130.11 -85.19 59.86
CA ARG BB 215 -131.17 -84.75 58.96
C ARG BB 215 -132.27 -84.08 59.76
N ALA BB 216 -132.69 -82.90 59.33
CA ALA BB 216 -133.78 -82.18 60.01
C ALA BB 216 -134.82 -81.78 58.98
N LYS BB 217 -136.08 -82.18 59.22
CA LYS BB 217 -137.16 -81.99 58.26
C LYS BB 217 -138.13 -80.89 58.66
N LYS BB 218 -138.78 -81.01 59.82
CA LYS BB 218 -139.86 -80.09 60.17
C LYS BB 218 -139.53 -79.21 61.36
N ALA BB 219 -139.16 -79.78 62.52
CA ALA BB 219 -138.85 -78.96 63.69
C ALA BB 219 -137.93 -79.77 64.59
N ALA BB 220 -136.67 -79.34 64.65
CA ALA BB 220 -135.70 -79.95 65.55
C ALA BB 220 -134.96 -78.83 66.28
N LYS BB 221 -134.78 -79.02 67.58
CA LYS BB 221 -133.98 -78.11 68.42
C LYS BB 221 -132.89 -78.97 69.03
N ILE BB 222 -131.71 -78.96 68.44
CA ILE BB 222 -130.67 -79.91 68.80
C ILE BB 222 -129.51 -79.13 69.40
N GLN BB 223 -129.27 -79.33 70.70
CA GLN BB 223 -128.15 -78.71 71.40
C GLN BB 223 -127.11 -79.79 71.67
N LEU BB 224 -125.88 -79.56 71.22
CA LEU BB 224 -124.84 -80.57 71.26
C LEU BB 224 -123.53 -79.96 71.72
N ALA BB 225 -122.67 -80.83 72.25
CA ALA BB 225 -121.32 -80.44 72.67
C ALA BB 225 -120.47 -81.70 72.74
N GLY BB 226 -119.26 -81.62 72.20
CA GLY BB 226 -118.39 -82.78 72.24
C GLY BB 226 -117.29 -82.68 71.18
N ILE BB 227 -116.81 -83.85 70.76
CA ILE BB 227 -115.71 -83.98 69.82
C ILE BB 227 -116.24 -84.69 68.58
N VAL BB 228 -116.01 -84.10 67.41
CA VAL BB 228 -116.44 -84.65 66.13
C VAL BB 228 -115.29 -84.55 65.15
N ASN BB 229 -115.06 -85.61 64.38
CA ASN BB 229 -114.03 -85.57 63.35
C ASN BB 229 -114.61 -85.30 61.97
N ARG BB 230 -115.84 -85.73 61.71
CA ARG BB 230 -116.48 -85.50 60.42
C ARG BB 230 -117.98 -85.44 60.63
N LEU BB 231 -118.56 -84.27 60.37
CA LEU BB 231 -119.98 -84.03 60.60
C LEU BB 231 -120.65 -83.63 59.29
N ASP BB 232 -121.80 -84.21 59.01
CA ASP BB 232 -122.63 -83.85 57.87
C ASP BB 232 -124.01 -83.51 58.38
N VAL BB 233 -124.49 -82.31 58.05
CA VAL BB 233 -125.77 -81.82 58.53
C VAL BB 233 -126.58 -81.32 57.34
N GLU BB 234 -127.83 -81.77 57.26
CA GLU BB 234 -128.77 -81.30 56.25
C GLU BB 234 -130.04 -80.81 56.94
N LEU BB 235 -130.45 -79.59 56.60
CA LEU BB 235 -131.65 -78.98 57.16
C LEU BB 235 -132.59 -78.57 56.04
N TRP BB 236 -133.88 -78.86 56.21
CA TRP BB 236 -134.87 -78.54 55.19
C TRP BB 236 -135.63 -77.26 55.51
N ASP BB 237 -136.29 -77.19 56.67
CA ASP BB 237 -137.03 -76.00 57.03
C ASP BB 237 -137.27 -75.99 58.53
N PHE BB 238 -137.07 -74.83 59.15
CA PHE BB 238 -137.39 -74.60 60.56
C PHE BB 238 -136.66 -75.59 61.47
N ALA BB 239 -135.34 -75.51 61.41
CA ALA BB 239 -134.45 -76.32 62.24
C ALA BB 239 -133.50 -75.41 63.00
N GLN BB 240 -133.18 -75.80 64.23
CA GLN BB 240 -132.28 -75.04 65.09
C GLN BB 240 -131.16 -75.95 65.55
N PHE BB 241 -129.94 -75.61 65.16
CA PHE BB 241 -128.75 -76.41 65.40
C PHE BB 241 -127.81 -75.60 66.27
N LYS BB 242 -127.70 -75.96 67.55
CA LYS BB 242 -126.85 -75.23 68.50
C LYS BB 242 -125.47 -75.88 68.56
N GLY BB 243 -124.80 -75.91 67.40
CA GLY BB 243 -123.51 -76.54 67.31
C GLY BB 243 -122.39 -75.83 68.04
N LYS BB 244 -122.65 -74.63 68.55
CA LYS BB 244 -121.69 -73.99 69.44
C LYS BB 244 -121.43 -74.88 70.64
N TYR BB 245 -120.21 -74.76 71.19
CA TYR BB 245 -119.67 -75.62 72.23
C TYR BB 245 -119.37 -77.02 71.71
N LEU BB 246 -119.61 -77.29 70.44
CA LEU BB 246 -119.30 -78.56 69.80
C LEU BB 246 -118.35 -78.29 68.65
N ARG BB 247 -117.19 -78.91 68.67
CA ARG BB 247 -116.11 -78.63 67.73
C ARG BB 247 -115.90 -79.83 66.83
N ALA BB 248 -115.78 -79.58 65.52
CA ALA BB 248 -115.65 -80.63 64.53
C ALA BB 248 -114.45 -80.36 63.64
N GLN BB 249 -113.74 -81.42 63.27
CA GLN BB 249 -112.61 -81.28 62.35
C GLN BB 249 -113.10 -80.97 60.94
N ARG BB 250 -113.88 -81.86 60.36
CA ARG BB 250 -114.49 -81.65 59.06
C ARG BB 250 -115.97 -81.34 59.27
N SER BB 251 -116.43 -80.22 58.73
CA SER BB 251 -117.82 -79.83 58.86
C SER BB 251 -118.43 -79.63 57.48
N PHE BB 252 -119.59 -80.23 57.24
CA PHE BB 252 -120.34 -80.05 56.01
C PHE BB 252 -121.77 -79.69 56.37
N VAL BB 253 -122.23 -78.54 55.85
CA VAL BB 253 -123.56 -78.04 56.18
C VAL BB 253 -124.30 -77.76 54.89
N LYS BB 254 -125.54 -78.26 54.79
CA LYS BB 254 -126.40 -77.99 53.65
C LYS BB 254 -127.76 -77.56 54.17
N THR BB 255 -128.10 -76.29 53.97
CA THR BB 255 -129.30 -75.70 54.56
C THR BB 255 -130.23 -75.18 53.48
N HIS BB 256 -131.50 -75.55 53.57
CA HIS BB 256 -132.54 -75.01 52.72
C HIS BB 256 -133.25 -73.88 53.44
N ASP BB 257 -134.39 -73.46 52.88
CA ASP BB 257 -135.07 -72.26 53.36
C ASP BB 257 -135.42 -72.36 54.84
N LYS BB 258 -135.13 -71.28 55.58
CA LYS BB 258 -135.53 -71.12 56.97
C LYS BB 258 -134.96 -72.22 57.85
N SER BB 259 -133.64 -72.21 57.92
CA SER BB 259 -132.88 -73.06 58.83
C SER BB 259 -131.80 -72.23 59.50
N VAL BB 260 -131.48 -72.59 60.75
CA VAL BB 260 -130.50 -71.85 61.54
C VAL BB 260 -129.51 -72.82 62.13
N ALA BB 261 -128.22 -72.63 61.86
CA ALA BB 261 -127.18 -73.49 62.38
C ALA BB 261 -126.03 -72.64 62.90
N GLU BB 262 -125.52 -73.00 64.07
CA GLU BB 262 -124.36 -72.38 64.67
C GLU BB 262 -123.22 -73.40 64.61
N ILE BB 263 -122.08 -73.00 64.05
CA ILE BB 263 -121.00 -73.92 63.76
C ILE BB 263 -119.75 -73.50 64.51
N SER BB 264 -118.95 -74.48 64.90
CA SER BB 264 -117.68 -74.27 65.57
C SER BB 264 -116.61 -75.14 64.91
N ALA BB 265 -116.55 -75.10 63.58
CA ALA BB 265 -115.53 -75.84 62.85
C ALA BB 265 -114.14 -75.34 63.22
N VAL BB 266 -113.18 -76.27 63.24
CA VAL BB 266 -111.82 -75.98 63.69
C VAL BB 266 -110.80 -76.10 62.58
N ASN BB 267 -110.97 -77.10 61.70
CA ASN BB 267 -109.97 -77.39 60.68
C ASN BB 267 -110.47 -77.10 59.27
N HIS BB 268 -111.58 -77.72 58.86
CA HIS BB 268 -112.08 -77.59 57.50
C HIS BB 268 -113.59 -77.46 57.51
N GLN BB 269 -114.09 -76.46 56.80
CA GLN BB 269 -115.51 -76.13 56.84
C GLN BB 269 -116.05 -75.90 55.44
N SER BB 270 -117.16 -76.56 55.12
CA SER BB 270 -117.88 -76.34 53.87
C SER BB 270 -119.34 -76.10 54.20
N SER BB 271 -119.87 -74.98 53.72
CA SER BB 271 -121.24 -74.58 54.04
C SER BB 271 -121.95 -74.14 52.77
N LEU BB 272 -123.19 -74.59 52.61
CA LEU BB 272 -124.02 -74.22 51.47
C LEU BB 272 -125.41 -73.87 51.97
N ALA BB 273 -125.90 -72.69 51.57
CA ALA BB 273 -127.23 -72.23 51.96
C ALA BB 273 -128.03 -71.86 50.72
N THR BB 274 -129.31 -72.23 50.70
CA THR BB 274 -130.14 -71.91 49.55
C THR BB 274 -130.66 -70.48 49.61
N ASP BB 275 -131.46 -70.18 50.65
CA ASP BB 275 -132.10 -68.89 50.78
C ASP BB 275 -132.72 -68.80 52.16
N ALA BB 276 -132.67 -67.61 52.76
CA ALA BB 276 -133.24 -67.37 54.08
C ALA BB 276 -132.71 -68.39 55.09
N SER BB 277 -131.42 -68.68 55.00
CA SER BB 277 -130.76 -69.64 55.88
C SER BB 277 -129.61 -68.95 56.59
N ASP BB 278 -129.38 -69.33 57.83
CA ASP BB 278 -128.37 -68.69 58.66
C ASP BB 278 -127.33 -69.70 59.11
N ILE BB 279 -126.07 -69.39 58.84
CA ILE BB 279 -124.93 -70.17 59.31
C ILE BB 279 -124.03 -69.24 60.10
N TYR BB 280 -123.93 -69.46 61.39
CA TYR BB 280 -123.18 -68.57 62.28
C TYR BB 280 -121.94 -69.30 62.76
N TYR BB 281 -120.79 -68.97 62.19
CA TYR BB 281 -119.54 -69.62 62.56
C TYR BB 281 -118.88 -68.85 63.70
N TYR BB 282 -118.44 -69.59 64.71
CA TYR BB 282 -117.85 -68.97 65.89
C TYR BB 282 -116.38 -69.31 66.07
N ASN BB 283 -115.80 -70.12 65.19
CA ASN BB 283 -114.37 -70.38 65.21
C ASN BB 283 -113.86 -70.34 63.78
N LEU BB 284 -112.69 -69.72 63.59
CA LEU BB 284 -112.11 -69.59 62.26
C LEU BB 284 -111.27 -70.83 61.97
N SER BB 285 -111.84 -71.74 61.18
CA SER BB 285 -111.08 -72.91 60.75
C SER BB 285 -109.99 -72.49 59.77
N LYS BB 286 -108.92 -73.28 59.74
CA LYS BB 286 -107.85 -73.01 58.79
C LYS BB 286 -108.29 -73.19 57.34
N THR BB 287 -109.44 -73.82 57.11
CA THR BB 287 -109.99 -73.98 55.77
C THR BB 287 -111.47 -73.64 55.81
N ARG BB 288 -111.88 -72.67 55.01
CA ARG BB 288 -113.26 -72.21 55.00
C ARG BB 288 -113.75 -72.09 53.57
N ALA BB 289 -114.98 -72.54 53.34
CA ALA BB 289 -115.62 -72.34 52.04
C ALA BB 289 -117.13 -72.26 52.25
N ASP BB 290 -117.73 -71.16 51.80
CA ASP BB 290 -119.13 -70.89 52.01
C ASP BB 290 -119.78 -70.47 50.70
N PHE BB 291 -121.03 -70.89 50.51
CA PHE BB 291 -121.74 -70.56 49.28
C PHE BB 291 -123.20 -70.29 49.57
N MET BB 292 -123.73 -69.25 48.92
CA MET BB 292 -125.13 -68.87 49.01
C MET BB 292 -125.77 -68.99 47.64
N ALA BB 293 -127.05 -69.38 47.62
CA ALA BB 293 -127.79 -69.49 46.37
C ALA BB 293 -128.67 -68.28 46.11
N PHE BB 294 -129.65 -68.03 46.98
CA PHE BB 294 -130.54 -66.89 46.78
C PHE BB 294 -130.44 -65.88 47.91
N ASN BB 295 -130.61 -66.33 49.15
CA ASN BB 295 -130.65 -65.40 50.28
C ASN BB 295 -129.91 -65.95 51.50
N GLY BB 296 -129.05 -66.96 51.32
CA GLY BB 296 -128.31 -67.50 52.45
C GLY BB 296 -127.40 -66.46 53.06
N SER BB 297 -127.03 -66.70 54.31
CA SER BB 297 -126.19 -65.75 55.04
C SER BB 297 -125.32 -66.52 56.02
N VAL BB 298 -124.00 -66.29 55.91
CA VAL BB 298 -123.03 -66.93 56.78
C VAL BB 298 -122.21 -65.84 57.44
N LEU BB 299 -122.29 -65.75 58.76
CA LEU BB 299 -121.71 -64.63 59.48
C LEU BB 299 -120.96 -65.11 60.72
N ASP BB 300 -120.18 -64.20 61.29
CA ASP BB 300 -119.23 -64.49 62.35
C ASP BB 300 -119.83 -64.38 63.75
N MET BB 301 -120.51 -63.27 64.02
CA MET BB 301 -121.02 -62.92 65.36
C MET BB 301 -120.02 -63.33 66.45
N ARG BB 302 -118.82 -62.77 66.35
CA ARG BB 302 -117.83 -62.90 67.40
C ARG BB 302 -117.95 -61.71 68.36
N GLU BB 303 -116.96 -61.53 69.21
CA GLU BB 303 -117.06 -60.52 70.27
C GLU BB 303 -116.21 -59.28 70.02
N TRP BB 304 -115.08 -59.42 69.31
CA TRP BB 304 -114.25 -58.31 68.85
C TRP BB 304 -113.49 -57.61 69.97
N GLY BB 305 -113.75 -57.97 71.22
CA GLY BB 305 -113.11 -57.29 72.33
C GLY BB 305 -112.24 -58.20 73.18
N GLN BB 306 -112.26 -59.49 72.86
CA GLN BB 306 -111.44 -60.46 73.57
C GLN BB 306 -109.96 -60.14 73.39
N SER BB 307 -109.18 -60.56 74.38
CA SER BB 307 -107.78 -60.14 74.46
C SER BB 307 -106.96 -60.68 73.29
N ASP BB 308 -107.16 -61.94 72.93
CA ASP BB 308 -106.21 -62.65 72.07
C ASP BB 308 -106.91 -63.28 70.87
N LEU BB 309 -107.70 -62.49 70.16
CA LEU BB 309 -108.30 -62.93 68.91
C LEU BB 309 -107.34 -62.66 67.76
N LYS BB 310 -107.14 -63.67 66.92
CA LYS BB 310 -106.27 -63.55 65.75
C LYS BB 310 -107.12 -63.50 64.48
N ASP BB 311 -106.69 -62.65 63.54
CA ASP BB 311 -107.44 -62.45 62.31
C ASP BB 311 -107.18 -63.60 61.35
N PHE BB 312 -107.73 -63.54 60.15
CA PHE BB 312 -107.54 -64.61 59.19
C PHE BB 312 -106.17 -64.50 58.52
N ASP BB 313 -105.83 -65.51 57.74
CA ASP BB 313 -104.56 -65.59 57.03
C ASP BB 313 -104.81 -65.62 55.53
N ARG BB 314 -103.72 -65.74 54.78
CA ARG BB 314 -103.77 -65.65 53.32
C ARG BB 314 -104.71 -66.67 52.70
N TYR BB 315 -104.93 -67.81 53.36
CA TYR BB 315 -105.76 -68.86 52.82
C TYR BB 315 -107.20 -68.79 53.31
N ASN BB 316 -107.55 -67.79 54.11
CA ASN BB 316 -108.90 -67.66 54.64
C ASN BB 316 -109.62 -66.41 54.15
N LYS BB 317 -108.98 -65.59 53.32
CA LYS BB 317 -109.56 -64.32 52.91
C LYS BB 317 -110.64 -64.50 51.86
N GLN BB 318 -111.69 -65.22 52.19
CA GLN BB 318 -112.82 -65.41 51.30
C GLN BB 318 -113.85 -64.34 51.55
N PHE BB 319 -114.31 -63.69 50.49
CA PHE BB 319 -115.27 -62.60 50.60
C PHE BB 319 -116.63 -63.04 50.08
N PRO BB 320 -117.60 -63.31 50.95
CA PRO BB 320 -118.95 -63.74 50.58
C PRO BB 320 -119.72 -62.66 49.82
N ILE CB 862 -19.05 -63.77 -13.76
CA ILE CB 862 -18.15 -63.69 -14.91
C ILE CB 862 -18.89 -64.08 -16.18
N ILE CB 863 -19.07 -63.11 -17.08
CA ILE CB 863 -19.73 -63.32 -18.36
C ILE CB 863 -18.78 -62.89 -19.47
N LYS CB 864 -18.61 -63.75 -20.47
CA LYS CB 864 -17.72 -63.46 -21.58
C LYS CB 864 -18.18 -62.22 -22.32
N THR CB 865 -17.23 -61.44 -22.83
CA THR CB 865 -17.55 -60.23 -23.56
C THR CB 865 -18.22 -60.60 -24.88
N GLY CB 866 -19.34 -59.95 -25.19
CA GLY CB 866 -19.98 -60.08 -26.48
C GLY CB 866 -20.48 -61.47 -26.82
N ASP CB 867 -20.93 -62.23 -25.83
CA ASP CB 867 -21.48 -63.56 -26.07
C ASP CB 867 -22.99 -63.45 -26.29
N ILE CB 868 -23.60 -64.57 -26.65
CA ILE CB 868 -24.99 -64.63 -27.10
C ILE CB 868 -25.82 -65.36 -26.05
N MET CB 869 -27.01 -64.82 -25.77
CA MET CB 869 -27.96 -65.44 -24.85
C MET CB 869 -29.35 -65.37 -25.48
N PHE CB 870 -30.26 -66.21 -25.00
CA PHE CB 870 -31.61 -66.25 -25.53
C PHE CB 870 -32.61 -65.83 -24.45
N ALA CB 871 -33.68 -65.19 -24.90
CA ALA CB 871 -34.74 -64.75 -24.01
C ALA CB 871 -36.04 -64.71 -24.80
N VAL CB 872 -37.12 -64.34 -24.12
CA VAL CB 872 -38.42 -64.19 -24.76
C VAL CB 872 -39.00 -62.85 -24.32
N LEU CB 873 -39.52 -62.10 -25.29
CA LEU CB 873 -40.19 -60.83 -25.03
C LEU CB 873 -41.68 -61.07 -24.89
N ASP CB 874 -42.29 -60.39 -23.92
CA ASP CB 874 -43.67 -60.65 -23.56
C ASP CB 874 -44.51 -59.38 -23.58
N THR CB 875 -43.89 -58.24 -23.35
CA THR CB 875 -44.62 -56.98 -23.27
C THR CB 875 -44.42 -56.19 -24.56
N SER CB 876 -45.46 -56.11 -25.38
CA SER CB 876 -45.41 -55.35 -26.62
C SER CB 876 -45.45 -53.85 -26.32
N VAL CB 877 -44.92 -53.06 -27.24
CA VAL CB 877 -44.92 -51.62 -27.14
C VAL CB 877 -44.68 -51.02 -28.51
N ASN CB 878 -45.33 -49.90 -28.78
CA ASN CB 878 -45.17 -49.15 -30.02
C ASN CB 878 -44.01 -48.17 -29.89
N SER CB 879 -43.39 -47.87 -31.03
CA SER CB 879 -42.36 -46.85 -31.07
C SER CB 879 -43.00 -45.47 -31.07
N ASP CB 880 -43.80 -45.19 -30.06
CA ASP CB 880 -44.49 -43.91 -29.93
C ASP CB 880 -44.17 -43.21 -28.63
N GLU CB 881 -44.08 -43.94 -27.51
CA GLU CB 881 -43.83 -43.35 -26.20
C GLU CB 881 -42.76 -44.18 -25.51
N PRO CB 882 -41.64 -43.59 -25.09
CA PRO CB 882 -40.62 -44.36 -24.38
C PRO CB 882 -41.15 -44.89 -23.06
N GLY CB 883 -40.63 -46.06 -22.67
CA GLY CB 883 -41.00 -46.67 -21.42
C GLY CB 883 -40.23 -47.94 -21.15
N PRO CB 884 -40.35 -48.46 -19.93
CA PRO CB 884 -39.66 -49.72 -19.59
C PRO CB 884 -40.21 -50.91 -20.36
N ILE CB 885 -39.32 -51.79 -20.80
CA ILE CB 885 -39.68 -53.04 -21.46
C ILE CB 885 -38.85 -54.16 -20.85
N LEU CB 886 -39.51 -55.28 -20.56
CA LEU CB 886 -38.87 -56.39 -19.86
C LEU CB 886 -38.90 -57.65 -20.73
N ALA CB 887 -37.83 -58.43 -20.65
CA ALA CB 887 -37.72 -59.76 -21.22
C ALA CB 887 -37.19 -60.72 -20.16
N THR CB 888 -37.20 -62.01 -20.48
CA THR CB 888 -36.78 -63.02 -19.52
C THR CB 888 -35.91 -64.05 -20.23
N ILE CB 889 -34.68 -64.23 -19.73
CA ILE CB 889 -33.79 -65.23 -20.28
C ILE CB 889 -34.37 -66.61 -20.03
N VAL CB 890 -34.43 -67.44 -21.08
CA VAL CB 890 -35.09 -68.73 -21.00
C VAL CB 890 -34.12 -69.89 -20.86
N THR CB 891 -32.89 -69.77 -21.37
CA THR CB 891 -31.94 -70.87 -21.28
C THR CB 891 -30.57 -70.38 -20.81
N GLY CB 892 -29.56 -71.22 -20.93
CA GLY CB 892 -28.22 -70.84 -20.53
C GLY CB 892 -28.05 -70.84 -19.02
N LYS CB 893 -26.95 -70.24 -18.56
CA LYS CB 893 -26.65 -70.19 -17.15
C LYS CB 893 -27.73 -69.45 -16.37
N LEU CB 894 -28.17 -68.29 -16.88
CA LEU CB 894 -29.20 -67.52 -16.20
C LEU CB 894 -30.57 -68.12 -16.50
N LYS CB 895 -31.24 -68.58 -15.45
CA LYS CB 895 -32.57 -69.15 -15.56
C LYS CB 895 -33.51 -68.34 -14.68
N GLY CB 896 -34.64 -67.91 -15.26
CA GLY CB 896 -35.54 -67.04 -14.53
C GLY CB 896 -35.04 -65.63 -14.36
N SER CB 897 -33.90 -65.30 -14.97
CA SER CB 897 -33.40 -63.93 -14.91
C SER CB 897 -34.20 -63.04 -15.85
N LYS CB 898 -34.44 -61.80 -15.43
CA LYS CB 898 -35.22 -60.86 -16.21
C LYS CB 898 -34.41 -59.60 -16.49
N LEU CB 899 -34.86 -58.83 -17.46
CA LEU CB 899 -34.08 -57.69 -17.95
C LEU CB 899 -35.04 -56.58 -18.37
N ILE CB 900 -34.87 -55.40 -17.79
CA ILE CB 900 -35.65 -54.21 -18.13
C ILE CB 900 -34.75 -53.20 -18.79
N GLY CB 901 -35.26 -52.57 -19.86
CA GLY CB 901 -34.56 -51.54 -20.59
C GLY CB 901 -35.53 -50.69 -21.37
N SER CB 902 -35.08 -50.08 -22.46
CA SER CB 902 -35.92 -49.19 -23.24
C SER CB 902 -35.59 -49.37 -24.72
N PHE CB 903 -36.33 -48.70 -25.58
CA PHE CB 903 -36.12 -48.73 -27.02
C PHE CB 903 -35.54 -47.40 -27.48
N ASN CB 904 -35.21 -47.35 -28.77
CA ASN CB 904 -34.69 -46.14 -29.39
C ASN CB 904 -35.58 -45.76 -30.57
N LEU CB 905 -35.58 -44.47 -30.90
CA LEU CB 905 -36.25 -44.00 -32.09
C LEU CB 905 -35.27 -43.93 -33.24
N PRO CB 906 -35.45 -44.70 -34.29
CA PRO CB 906 -34.55 -44.65 -35.43
C PRO CB 906 -34.88 -43.50 -36.37
N SER CB 907 -33.84 -42.96 -37.00
CA SER CB 907 -34.04 -41.94 -38.01
C SER CB 907 -34.84 -42.47 -39.19
N ASN CB 908 -34.57 -43.70 -39.60
CA ASN CB 908 -35.39 -44.41 -40.57
C ASN CB 908 -35.95 -45.65 -39.91
N ALA CB 909 -37.26 -45.86 -40.09
CA ALA CB 909 -38.01 -46.89 -39.36
C ALA CB 909 -37.95 -48.25 -40.02
N ASP CB 910 -36.96 -48.51 -40.88
CA ASP CB 910 -36.83 -49.80 -41.52
C ASP CB 910 -36.43 -50.90 -40.54
N LYS CB 911 -36.02 -50.54 -39.33
CA LYS CB 911 -35.67 -51.53 -38.31
C LYS CB 911 -35.84 -50.89 -36.95
N MET CB 912 -35.62 -51.69 -35.90
CA MET CB 912 -35.82 -51.22 -34.54
C MET CB 912 -34.92 -52.03 -33.60
N VAL CB 913 -34.22 -51.32 -32.71
CA VAL CB 913 -33.30 -51.95 -31.77
C VAL CB 913 -33.72 -51.59 -30.35
N ILE CB 914 -33.24 -52.39 -29.40
CA ILE CB 914 -33.64 -52.29 -28.01
C ILE CB 914 -32.38 -52.10 -27.15
N THR CB 915 -32.43 -51.13 -26.24
CA THR CB 915 -31.36 -50.91 -25.28
C THR CB 915 -31.77 -51.53 -23.96
N PHE CB 916 -30.98 -52.50 -23.48
CA PHE CB 916 -31.26 -53.22 -22.25
C PHE CB 916 -30.11 -52.98 -21.28
N ASN CB 917 -30.42 -52.46 -20.11
CA ASN CB 917 -29.35 -52.14 -19.18
C ASN CB 917 -29.57 -52.67 -17.77
N THR CB 918 -30.81 -52.89 -17.35
CA THR CB 918 -31.07 -53.26 -15.96
C THR CB 918 -31.41 -54.74 -15.88
N MET CB 919 -30.43 -55.55 -15.48
CA MET CB 919 -30.57 -57.00 -15.42
C MET CB 919 -30.76 -57.41 -13.96
N SER CB 920 -31.74 -58.28 -13.71
CA SER CB 920 -31.98 -58.81 -12.38
C SER CB 920 -31.95 -60.33 -12.44
N ILE CB 921 -31.10 -60.94 -11.61
CA ILE CB 921 -30.94 -62.38 -11.53
C ILE CB 921 -31.69 -62.86 -10.29
N PRO CB 922 -32.44 -63.97 -10.38
CA PRO CB 922 -33.21 -64.41 -9.21
C PRO CB 922 -32.34 -64.90 -8.07
N GLY CB 923 -32.95 -65.14 -6.91
CA GLY CB 923 -32.25 -65.60 -5.74
C GLY CB 923 -31.74 -64.50 -4.83
N ALA CB 924 -30.72 -63.77 -5.27
CA ALA CB 924 -30.08 -62.76 -4.45
C ALA CB 924 -30.59 -61.37 -4.83
N GLU CB 925 -30.66 -60.49 -3.83
CA GLU CB 925 -31.13 -59.13 -4.02
C GLU CB 925 -29.96 -58.26 -4.49
N LYS CB 926 -29.60 -58.43 -5.76
CA LYS CB 926 -28.57 -57.63 -6.39
C LYS CB 926 -29.12 -57.02 -7.67
N THR CB 927 -28.54 -55.91 -8.08
CA THR CB 927 -29.00 -55.20 -9.28
C THR CB 927 -27.77 -54.86 -10.12
N ILE CB 928 -27.43 -55.75 -11.05
CA ILE CB 928 -26.33 -55.48 -11.99
C ILE CB 928 -26.85 -54.53 -13.06
N SER CB 929 -25.95 -53.94 -13.83
CA SER CB 929 -26.35 -52.95 -14.82
C SER CB 929 -25.67 -53.19 -16.16
N ILE CB 930 -25.65 -54.45 -16.62
CA ILE CB 930 -25.06 -54.79 -17.90
C ILE CB 930 -25.91 -54.18 -19.01
N SER CB 931 -25.28 -53.43 -19.91
CA SER CB 931 -25.94 -52.85 -21.06
C SER CB 931 -25.72 -53.74 -22.26
N ALA CB 932 -26.79 -54.07 -22.97
CA ALA CB 932 -26.70 -54.99 -24.10
C ALA CB 932 -27.82 -54.65 -25.09
N TYR CB 933 -27.67 -55.14 -26.32
CA TYR CB 933 -28.65 -54.98 -27.38
C TYR CB 933 -29.20 -56.36 -27.76
N ALA CB 934 -30.12 -56.37 -28.73
CA ALA CB 934 -30.79 -57.58 -29.15
C ALA CB 934 -30.78 -57.69 -30.67
N ILE CB 935 -30.82 -58.93 -31.16
CA ILE CB 935 -30.88 -59.23 -32.58
C ILE CB 935 -32.04 -60.17 -32.83
N ASP CB 936 -32.72 -60.00 -33.96
CA ASP CB 936 -33.92 -60.77 -34.24
C ASP CB 936 -33.57 -62.23 -34.47
N PRO CB 937 -34.13 -63.14 -33.69
CA PRO CB 937 -33.94 -64.57 -33.97
C PRO CB 937 -34.59 -64.95 -35.29
N ASN CB 938 -34.01 -65.95 -35.94
CA ASN CB 938 -34.39 -66.45 -37.26
C ASN CB 938 -34.23 -65.39 -38.35
N THR CB 939 -33.54 -64.29 -38.07
CA THR CB 939 -33.32 -63.25 -39.06
C THR CB 939 -31.85 -62.89 -39.12
N ALA CB 940 -31.15 -63.09 -37.99
CA ALA CB 940 -29.75 -62.72 -37.84
C ALA CB 940 -29.54 -61.25 -38.16
N ARG CB 941 -30.54 -60.46 -37.75
CA ARG CB 941 -30.53 -59.02 -38.00
C ARG CB 941 -31.16 -58.31 -36.82
N THR CB 942 -30.99 -56.99 -36.79
CA THR CB 942 -31.47 -56.15 -35.69
C THR CB 942 -32.82 -55.52 -35.98
N ALA CB 943 -33.56 -56.02 -36.96
CA ALA CB 943 -34.82 -55.40 -37.35
C ALA CB 943 -35.94 -55.79 -36.40
N LEU CB 944 -37.13 -55.21 -36.65
CA LEU CB 944 -38.33 -55.53 -35.90
C LEU CB 944 -39.41 -56.02 -36.86
N ALA CB 945 -40.15 -57.04 -36.41
CA ALA CB 945 -41.20 -57.67 -37.23
C ALA CB 945 -42.53 -57.01 -36.94
N SER CB 946 -42.88 -56.04 -37.78
CA SER CB 946 -44.16 -55.35 -37.69
C SER CB 946 -44.42 -54.63 -39.00
N ARG CB 947 -45.48 -53.83 -39.02
CA ARG CB 947 -45.88 -53.08 -40.20
C ARG CB 947 -45.35 -51.65 -40.11
N THR CB 948 -44.83 -51.17 -41.25
CA THR CB 948 -44.29 -49.82 -41.33
C THR CB 948 -44.98 -48.96 -42.38
N ASN CB 949 -46.04 -49.45 -43.01
CA ASN CB 949 -46.78 -48.72 -44.03
C ASN CB 949 -48.03 -48.06 -43.44
N HIS CB 950 -47.93 -47.58 -42.20
CA HIS CB 950 -49.11 -47.17 -41.45
C HIS CB 950 -49.71 -45.87 -41.99
N HIS CB 951 -48.88 -44.85 -42.24
CA HIS CB 951 -49.39 -43.48 -42.36
C HIS CB 951 -48.81 -42.80 -43.60
N TYR CB 952 -48.87 -43.49 -44.74
CA TYR CB 952 -48.60 -42.87 -46.03
C TYR CB 952 -49.87 -42.53 -46.78
N LEU CB 953 -50.75 -43.52 -46.97
CA LEU CB 953 -51.91 -43.36 -47.82
C LEU CB 953 -52.90 -42.35 -47.26
N MET CB 954 -53.07 -42.31 -45.94
CA MET CB 954 -54.02 -41.38 -45.34
C MET CB 954 -53.66 -39.94 -45.67
N ARG CB 955 -52.42 -39.54 -45.41
CA ARG CB 955 -52.02 -38.17 -45.70
C ARG CB 955 -51.96 -37.90 -47.19
N TYR CB 956 -51.51 -38.87 -48.00
CA TYR CB 956 -51.52 -38.67 -49.44
C TYR CB 956 -52.93 -38.39 -49.95
N GLY CB 957 -53.91 -39.18 -49.51
CA GLY CB 957 -55.28 -38.98 -49.94
C GLY CB 957 -55.86 -37.67 -49.44
N SER CB 958 -55.57 -37.31 -48.19
CA SER CB 958 -56.06 -36.03 -47.68
C SER CB 958 -55.54 -34.86 -48.53
N LEU CB 959 -54.23 -34.85 -48.78
CA LEU CB 959 -53.65 -33.79 -49.61
C LEU CB 959 -54.26 -33.77 -51.00
N PHE CB 960 -54.37 -34.95 -51.63
CA PHE CB 960 -54.87 -35.00 -52.99
C PHE CB 960 -56.33 -34.54 -53.06
N ALA CB 961 -57.14 -34.93 -52.08
CA ALA CB 961 -58.53 -34.49 -52.08
C ALA CB 961 -58.64 -32.98 -51.87
N SER CB 962 -57.85 -32.41 -50.96
CA SER CB 962 -57.89 -30.97 -50.77
C SER CB 962 -57.50 -30.23 -52.04
N SER CB 963 -56.42 -30.67 -52.69
CA SER CB 963 -55.98 -30.02 -53.92
C SER CB 963 -57.02 -30.18 -55.02
N PHE CB 964 -57.62 -31.36 -55.15
CA PHE CB 964 -58.63 -31.57 -56.17
C PHE CB 964 -59.84 -30.67 -55.94
N LEU CB 965 -60.23 -30.49 -54.68
CA LEU CB 965 -61.30 -29.56 -54.37
C LEU CB 965 -60.97 -28.16 -54.84
N GLN CB 966 -59.78 -27.67 -54.46
CA GLN CB 966 -59.36 -26.34 -54.91
C GLN CB 966 -59.47 -26.22 -56.42
N GLY CB 967 -58.89 -27.19 -57.13
CA GLY CB 967 -58.85 -27.12 -58.58
C GLY CB 967 -60.24 -27.15 -59.20
N PHE CB 968 -61.11 -28.03 -58.68
CA PHE CB 968 -62.42 -28.15 -59.30
C PHE CB 968 -63.21 -26.88 -59.14
N GLY CB 969 -63.24 -26.35 -57.91
CA GLY CB 969 -63.95 -25.10 -57.71
C GLY CB 969 -63.42 -23.99 -58.62
N ASN CB 970 -62.11 -23.75 -58.59
CA ASN CB 970 -61.60 -22.61 -59.34
C ASN CB 970 -61.77 -22.80 -60.85
N ALA CB 971 -61.50 -24.00 -61.38
CA ALA CB 971 -61.54 -24.18 -62.82
C ALA CB 971 -62.96 -24.18 -63.35
N PHE CB 972 -63.89 -24.83 -62.66
CA PHE CB 972 -65.27 -24.78 -63.13
C PHE CB 972 -65.92 -23.43 -62.87
N GLN CB 973 -65.34 -22.60 -61.99
CA GLN CB 973 -65.77 -21.21 -61.96
C GLN CB 973 -65.22 -20.44 -63.15
N SER CB 974 -63.95 -20.66 -63.49
CA SER CB 974 -63.32 -19.93 -64.58
C SER CB 974 -63.96 -20.25 -65.91
N ALA CB 975 -64.34 -21.51 -66.13
CA ALA CB 975 -64.87 -21.95 -67.41
C ALA CB 975 -66.33 -21.55 -67.62
N ASN CB 976 -66.85 -20.60 -66.85
CA ASN CB 976 -68.23 -20.19 -67.00
C ASN CB 976 -68.45 -19.36 -68.26
N THR CB 977 -67.53 -18.45 -68.60
CA THR CB 977 -67.76 -17.56 -69.72
C THR CB 977 -67.71 -18.29 -71.06
N THR CB 978 -66.68 -19.12 -71.25
CA THR CB 978 -66.52 -19.84 -72.52
C THR CB 978 -67.03 -21.27 -72.39
N SER CB 999 -77.10 -23.73 -61.88
CA SER CB 999 -77.02 -23.37 -60.47
C SER CB 999 -76.20 -24.39 -59.70
N THR CB 1000 -76.56 -25.67 -59.85
CA THR CB 1000 -75.87 -26.73 -59.14
C THR CB 1000 -74.39 -26.80 -59.51
N LEU CB 1001 -74.06 -26.50 -60.76
CA LEU CB 1001 -72.65 -26.44 -61.15
C LEU CB 1001 -71.92 -25.37 -60.36
N GLU CB 1002 -72.54 -24.20 -60.19
CA GLU CB 1002 -71.94 -23.14 -59.40
C GLU CB 1002 -71.83 -23.55 -57.94
N ASN CB 1003 -72.81 -24.31 -57.44
CA ASN CB 1003 -72.75 -24.77 -56.05
C ASN CB 1003 -71.59 -25.75 -55.84
N ALA CB 1004 -71.38 -26.64 -56.81
CA ALA CB 1004 -70.21 -27.52 -56.75
C ALA CB 1004 -68.91 -26.73 -56.80
N VAL CB 1005 -68.85 -25.73 -57.68
CA VAL CB 1005 -67.72 -24.81 -57.70
C VAL CB 1005 -67.50 -24.23 -56.31
N ILE CB 1006 -68.57 -23.76 -55.70
CA ILE CB 1006 -68.53 -23.19 -54.36
C ILE CB 1006 -67.86 -24.14 -53.40
N GLY CB 1007 -68.45 -25.33 -53.24
CA GLY CB 1007 -67.95 -26.26 -52.25
C GLY CB 1007 -66.49 -26.60 -52.48
N LEU CB 1008 -66.15 -27.03 -53.70
CA LEU CB 1008 -64.79 -27.46 -53.97
C LEU CB 1008 -63.79 -26.33 -53.77
N ALA CB 1009 -64.05 -25.18 -54.42
CA ALA CB 1009 -63.11 -24.07 -54.37
C ALA CB 1009 -62.88 -23.57 -52.96
N THR CB 1010 -63.93 -23.50 -52.14
CA THR CB 1010 -63.73 -22.88 -50.85
C THR CB 1010 -63.28 -23.86 -49.77
N VAL CB 1011 -63.62 -25.15 -49.88
CA VAL CB 1011 -63.17 -26.08 -48.85
C VAL CB 1011 -61.86 -26.77 -49.21
N GLY CB 1012 -61.34 -26.57 -50.43
CA GLY CB 1012 -60.04 -27.14 -50.74
C GLY CB 1012 -58.91 -26.51 -49.95
N LYS CB 1013 -58.94 -25.19 -49.77
CA LYS CB 1013 -57.77 -24.46 -49.29
C LYS CB 1013 -57.46 -24.76 -47.83
N ALA CB 1014 -58.48 -24.71 -46.97
CA ALA CB 1014 -58.26 -24.97 -45.55
C ALA CB 1014 -57.76 -26.39 -45.34
N TRP CB 1015 -58.37 -27.34 -46.04
CA TRP CB 1015 -57.89 -28.72 -45.96
C TRP CB 1015 -56.46 -28.84 -46.49
N SER CB 1016 -56.12 -28.10 -47.54
CA SER CB 1016 -54.77 -28.15 -48.07
C SER CB 1016 -53.74 -27.65 -47.06
N GLN CB 1017 -54.03 -26.52 -46.43
CA GLN CB 1017 -53.08 -25.99 -45.45
C GLN CB 1017 -52.98 -26.89 -44.22
N GLN CB 1018 -54.11 -27.45 -43.77
CA GLN CB 1018 -54.05 -28.39 -42.65
C GLN CB 1018 -53.26 -29.65 -43.02
N ALA CB 1019 -53.42 -30.14 -44.25
CA ALA CB 1019 -52.67 -31.30 -44.69
C ALA CB 1019 -51.17 -31.00 -44.78
N GLN CB 1020 -50.81 -29.80 -45.27
CA GLN CB 1020 -49.42 -29.40 -45.23
C GLN CB 1020 -48.90 -29.36 -43.80
N GLN CB 1021 -49.75 -28.94 -42.86
CA GLN CB 1021 -49.36 -28.93 -41.45
C GLN CB 1021 -49.09 -30.34 -40.94
N LEU CB 1022 -49.99 -31.28 -41.23
CA LEU CB 1022 -49.95 -32.61 -40.60
C LEU CB 1022 -49.25 -33.66 -41.45
N PHE CB 1023 -48.68 -33.27 -42.60
CA PHE CB 1023 -48.20 -34.27 -43.55
C PHE CB 1023 -46.89 -34.90 -43.10
N ASN CB 1024 -46.20 -34.30 -42.15
CA ASN CB 1024 -44.84 -34.69 -41.81
C ASN CB 1024 -44.76 -35.79 -40.76
N THR CB 1025 -45.88 -36.32 -40.30
CA THR CB 1025 -45.84 -37.37 -39.28
C THR CB 1025 -45.28 -38.66 -39.87
N PRO CB 1026 -44.29 -39.28 -39.23
CA PRO CB 1026 -43.69 -40.51 -39.77
C PRO CB 1026 -44.61 -41.71 -39.54
N THR CB 1027 -44.16 -42.86 -39.99
CA THR CB 1027 -44.86 -44.13 -39.80
C THR CB 1027 -44.14 -44.91 -38.70
N THR CB 1028 -44.88 -45.24 -37.63
CA THR CB 1028 -44.29 -45.85 -36.45
C THR CB 1028 -44.18 -47.37 -36.63
N VAL CB 1029 -43.46 -47.99 -35.68
CA VAL CB 1029 -43.32 -49.44 -35.60
C VAL CB 1029 -43.70 -49.86 -34.19
N GLU CB 1030 -44.02 -51.14 -34.04
CA GLU CB 1030 -44.44 -51.67 -32.74
C GLU CB 1030 -43.93 -53.09 -32.57
N VAL CB 1031 -43.32 -53.35 -31.41
CA VAL CB 1031 -42.81 -54.69 -31.14
C VAL CB 1031 -43.95 -55.61 -30.72
N TYR CB 1032 -43.66 -56.91 -30.68
CA TYR CB 1032 -44.65 -57.93 -30.38
C TYR CB 1032 -44.69 -58.23 -28.88
N SER CB 1033 -45.76 -58.89 -28.46
CA SER CB 1033 -45.91 -59.34 -27.08
C SER CB 1033 -45.70 -60.85 -26.92
N GLY CB 1034 -45.39 -61.56 -27.99
CA GLY CB 1034 -45.23 -63.00 -27.89
C GLY CB 1034 -44.08 -63.56 -28.71
N THR CB 1035 -43.03 -62.76 -28.89
CA THR CB 1035 -41.89 -63.15 -29.72
C THR CB 1035 -40.64 -63.22 -28.86
N GLY CB 1036 -39.82 -64.24 -29.09
CA GLY CB 1036 -38.55 -64.37 -28.42
C GLY CB 1036 -37.50 -63.48 -29.06
N LEU CB 1037 -36.32 -63.48 -28.44
CA LEU CB 1037 -35.23 -62.63 -28.89
C LEU CB 1037 -33.90 -63.23 -28.46
N GLY CB 1038 -32.83 -62.75 -29.12
CA GLY CB 1038 -31.48 -63.05 -28.71
C GLY CB 1038 -30.75 -61.77 -28.34
N ILE CB 1039 -29.90 -61.88 -27.33
CA ILE CB 1039 -29.21 -60.72 -26.76
C ILE CB 1039 -27.71 -60.98 -26.82
N LEU CB 1040 -26.99 -60.05 -27.47
CA LEU CB 1040 -25.53 -60.05 -27.44
C LEU CB 1040 -25.07 -59.11 -26.33
N PHE CB 1041 -24.03 -59.53 -25.62
CA PHE CB 1041 -23.51 -58.75 -24.50
C PHE CB 1041 -22.50 -57.73 -25.01
N THR CB 1042 -22.20 -56.75 -24.15
CA THR CB 1042 -21.26 -55.69 -24.49
C THR CB 1042 -20.06 -55.64 -23.56
N GLN CB 1043 -20.28 -55.64 -22.25
CA GLN CB 1043 -19.22 -55.64 -21.26
C GLN CB 1043 -19.32 -56.89 -20.39
N ASP CB 1044 -18.51 -56.93 -19.34
CA ASP CB 1044 -18.46 -58.09 -18.47
C ASP CB 1044 -19.03 -57.74 -17.10
N VAL CB 1045 -19.51 -58.77 -16.39
CA VAL CB 1045 -20.06 -58.63 -15.05
C VAL CB 1045 -19.44 -59.71 -14.16
N THR CB 1046 -19.89 -59.77 -12.92
CA THR CB 1046 -19.40 -60.76 -11.97
C THR CB 1046 -20.45 -61.06 -10.90
N ASP DB 39 -108.03 -27.90 24.77
CA ASP DB 39 -107.65 -26.80 25.65
C ASP DB 39 -108.77 -26.49 26.65
N GLY DB 40 -109.94 -27.08 26.43
CA GLY DB 40 -111.08 -26.86 27.29
C GLY DB 40 -110.84 -27.35 28.70
N CYS DB 41 -110.68 -26.42 29.64
CA CYS DB 41 -110.45 -26.76 31.04
C CYS DB 41 -111.74 -26.66 31.85
N CYS DB 42 -112.39 -25.51 31.85
CA CYS DB 42 -113.72 -25.37 32.44
C CYS DB 42 -114.79 -25.61 31.39
N SER DB 43 -114.66 -26.72 30.67
CA SER DB 43 -115.62 -27.09 29.65
C SER DB 43 -116.92 -27.58 30.30
N LYS DB 44 -118.04 -27.20 29.70
CA LYS DB 44 -119.36 -27.50 30.26
C LYS DB 44 -119.44 -27.03 31.71
N MET DB 45 -118.86 -25.86 31.96
CA MET DB 45 -118.86 -25.24 33.27
C MET DB 45 -119.08 -23.74 33.08
N GLY DB 46 -118.83 -22.98 34.13
CA GLY DB 46 -119.00 -21.54 34.05
C GLY DB 46 -117.92 -20.82 33.28
N GLY DB 47 -116.82 -21.49 32.95
CA GLY DB 47 -115.69 -20.87 32.31
C GLY DB 47 -114.56 -20.61 33.29
N ILE DB 48 -113.41 -20.28 32.73
CA ILE DB 48 -112.20 -20.10 33.53
C ILE DB 48 -112.23 -18.75 34.22
N ASN DB 49 -111.91 -18.74 35.51
CA ASN DB 49 -111.86 -17.48 36.26
C ASN DB 49 -110.44 -16.92 36.32
N TYR DB 50 -109.52 -17.66 36.92
CA TYR DB 50 -108.14 -17.21 37.09
C TYR DB 50 -107.30 -18.36 37.62
N CYS DB 51 -105.99 -18.19 37.55
CA CYS DB 51 -105.05 -19.22 37.94
C CYS DB 51 -104.49 -18.92 39.33
N ASP DB 52 -104.75 -19.82 40.28
CA ASP DB 52 -104.13 -19.73 41.59
C ASP DB 52 -102.75 -20.36 41.52
N SER DB 53 -101.72 -19.54 41.78
CA SER DB 53 -100.35 -20.02 41.75
C SER DB 53 -100.03 -20.91 42.95
N SER DB 54 -100.50 -20.53 44.13
CA SER DB 54 -100.28 -21.36 45.31
C SER DB 54 -100.91 -22.73 45.12
N ALA DB 55 -102.14 -22.77 44.59
CA ALA DB 55 -102.75 -24.03 44.20
C ALA DB 55 -102.14 -24.59 42.94
N GLY DB 56 -101.53 -23.75 42.10
CA GLY DB 56 -101.06 -24.22 40.81
C GLY DB 56 -102.16 -24.75 39.93
N ARG DB 57 -103.35 -24.15 40.01
CA ARG DB 57 -104.54 -24.70 39.36
C ARG DB 57 -105.44 -23.59 38.86
N LEU DB 58 -106.23 -23.92 37.84
CA LEU DB 58 -107.22 -22.98 37.36
C LEU DB 58 -108.44 -22.98 38.29
N VAL DB 59 -109.21 -21.91 38.21
CA VAL DB 59 -110.47 -21.79 38.94
C VAL DB 59 -111.57 -21.54 37.93
N CYS DB 60 -112.62 -22.33 37.99
CA CYS DB 60 -113.73 -22.13 37.08
C CYS DB 60 -114.70 -21.11 37.66
N ASN DB 61 -115.53 -20.55 36.78
CA ASN DB 61 -116.53 -19.58 37.24
C ASN DB 61 -117.51 -20.24 38.20
N ASN DB 62 -117.94 -21.46 37.90
CA ASN DB 62 -118.58 -22.28 38.91
C ASN DB 62 -117.55 -22.76 39.91
N GLY DB 63 -118.00 -23.05 41.12
CA GLY DB 63 -117.09 -23.35 42.20
C GLY DB 63 -116.42 -24.70 42.11
N PHE DB 64 -115.51 -24.88 41.16
CA PHE DB 64 -114.78 -26.13 41.04
C PHE DB 64 -113.36 -25.88 40.57
N TYR DB 65 -112.44 -26.73 41.03
CA TYR DB 65 -111.06 -26.68 40.57
C TYR DB 65 -110.93 -27.42 39.25
N SER DB 66 -110.35 -26.75 38.26
CA SER DB 66 -110.14 -27.39 36.96
C SER DB 66 -109.08 -28.47 37.07
N THR DB 67 -109.13 -29.40 36.13
CA THR DB 67 -108.15 -30.47 36.07
C THR DB 67 -106.93 -30.10 35.24
N CYS DB 68 -106.86 -28.87 34.74
CA CYS DB 68 -105.71 -28.43 33.97
C CYS DB 68 -104.58 -27.99 34.88
N TYR DB 69 -103.51 -27.50 34.28
CA TYR DB 69 -102.34 -26.99 35.00
C TYR DB 69 -102.03 -25.59 34.50
N CYS DB 70 -101.64 -24.71 35.42
CA CYS DB 70 -101.29 -23.35 35.03
C CYS DB 70 -100.06 -22.82 35.77
N THR DB 71 -99.25 -23.70 36.35
CA THR DB 71 -98.03 -23.30 37.02
C THR DB 71 -97.18 -24.54 37.26
N ARG DB 72 -95.89 -24.45 36.92
CA ARG DB 72 -94.99 -25.57 37.13
C ARG DB 72 -94.81 -25.90 38.60
N HIS DB 73 -95.05 -24.94 39.49
CA HIS DB 73 -94.93 -25.19 40.93
C HIS DB 73 -96.21 -25.78 41.50
N ALA DB 74 -96.68 -26.86 40.90
CA ALA DB 74 -97.90 -27.54 41.34
C ALA DB 74 -97.62 -29.03 41.44
N VAL DB 75 -98.64 -29.79 41.82
CA VAL DB 75 -98.50 -31.23 42.04
C VAL DB 75 -99.01 -31.92 40.78
N MET DB 76 -98.10 -32.23 39.88
CA MET DB 76 -98.37 -33.08 38.73
C MET DB 76 -97.65 -34.41 38.94
N ASP DB 77 -98.36 -35.51 38.68
CA ASP DB 77 -97.78 -36.83 38.91
C ASP DB 77 -96.87 -37.19 37.74
N LEU DB 78 -95.57 -37.30 38.02
CA LEU DB 78 -94.58 -37.66 37.02
C LEU DB 78 -93.76 -38.83 37.53
N GLN DB 79 -93.72 -39.90 36.74
CA GLN DB 79 -92.92 -41.08 37.08
C GLN DB 79 -91.99 -41.50 35.96
N PHE DB 80 -91.81 -40.67 34.94
CA PHE DB 80 -90.95 -41.01 33.81
C PHE DB 80 -90.59 -39.73 33.06
N LEU DB 81 -89.39 -39.72 32.50
CA LEU DB 81 -88.91 -38.59 31.72
C LEU DB 81 -87.75 -39.06 30.84
N MET DB 82 -87.20 -38.12 30.08
CA MET DB 82 -86.08 -38.37 29.19
C MET DB 82 -84.79 -37.84 29.81
N GLY DB 83 -83.71 -37.88 29.03
CA GLY DB 83 -82.43 -37.36 29.47
C GLY DB 83 -81.33 -38.42 29.39
N CYS DB 84 -80.15 -38.01 29.84
CA CYS DB 84 -78.99 -38.89 29.86
C CYS DB 84 -78.19 -38.64 31.13
N CYS DB 85 -77.41 -39.65 31.51
CA CYS DB 85 -76.62 -39.62 32.76
C CYS DB 85 -77.53 -39.37 33.96
N LEU DB 86 -78.72 -39.98 33.94
CA LEU DB 86 -79.63 -39.84 35.06
C LEU DB 86 -79.07 -40.51 36.30
N TRP DB 87 -79.39 -39.93 37.46
CA TRP DB 87 -78.88 -40.39 38.74
C TRP DB 87 -77.36 -40.48 38.72
N HIS DB 88 -76.74 -39.47 38.10
CA HIS DB 88 -75.30 -39.30 38.06
C HIS DB 88 -75.01 -37.81 38.02
N GLY DB 89 -73.80 -37.46 37.63
CA GLY DB 89 -73.43 -36.05 37.57
C GLY DB 89 -74.01 -35.35 36.36
N GLY DB 90 -74.82 -36.05 35.58
CA GLY DB 90 -75.36 -35.50 34.36
C GLY DB 90 -74.31 -35.45 33.27
N VAL DB 91 -74.71 -34.89 32.13
CA VAL DB 91 -73.81 -34.80 31.00
C VAL DB 91 -72.70 -33.80 31.30
N TYR DB 92 -71.45 -34.24 31.14
CA TYR DB 92 -70.32 -33.37 31.39
C TYR DB 92 -70.28 -32.27 30.34
N PRO DB 93 -70.07 -31.01 30.75
CA PRO DB 93 -70.07 -29.92 29.77
C PRO DB 93 -68.90 -29.96 28.78
N GLN DB 94 -67.85 -30.72 29.07
CA GLN DB 94 -66.70 -30.73 28.17
C GLN DB 94 -67.03 -31.42 26.86
N LEU DB 95 -66.21 -31.16 25.85
CA LEU DB 95 -66.38 -31.74 24.53
C LEU DB 95 -65.26 -32.72 24.25
N ASN DB 96 -65.63 -33.95 23.89
CA ASN DB 96 -64.68 -34.98 23.52
C ASN DB 96 -64.61 -35.12 22.01
N SER DB 97 -63.39 -35.32 21.51
CA SER DB 97 -63.21 -35.47 20.07
C SER DB 97 -63.94 -36.70 19.54
N SER DB 98 -63.86 -37.81 20.26
CA SER DB 98 -64.56 -39.02 19.86
C SER DB 98 -66.03 -38.92 20.26
N GLY DB 99 -66.76 -40.02 20.08
CA GLY DB 99 -68.16 -40.07 20.43
C GLY DB 99 -68.46 -40.41 21.87
N LEU DB 100 -67.42 -40.54 22.71
CA LEU DB 100 -67.64 -40.90 24.10
C LEU DB 100 -68.23 -39.73 24.89
N VAL DB 101 -69.05 -40.07 25.87
CA VAL DB 101 -69.55 -39.12 26.85
C VAL DB 101 -69.32 -39.71 28.23
N VAL DB 102 -69.18 -38.84 29.22
CA VAL DB 102 -68.91 -39.26 30.59
C VAL DB 102 -69.77 -38.41 31.52
N CYS DB 103 -70.45 -39.07 32.46
CA CYS DB 103 -71.21 -38.34 33.46
C CYS DB 103 -70.25 -37.61 34.39
N ASN DB 104 -70.71 -36.48 34.92
CA ASN DB 104 -69.83 -35.60 35.69
C ASN DB 104 -69.24 -36.30 36.90
N ASP DB 105 -69.86 -37.37 37.39
CA ASP DB 105 -69.26 -38.17 38.45
C ASP DB 105 -68.27 -39.19 37.92
N GLY DB 106 -67.79 -39.01 36.68
CA GLY DB 106 -66.75 -39.85 36.13
C GLY DB 106 -67.21 -41.15 35.50
N TYR DB 107 -68.51 -41.41 35.47
CA TYR DB 107 -69.00 -42.66 34.92
C TYR DB 107 -69.25 -42.53 33.43
N VAL DB 108 -69.17 -43.66 32.74
CA VAL DB 108 -69.27 -43.72 31.28
C VAL DB 108 -70.61 -44.36 30.92
N SER DB 109 -71.34 -43.72 30.01
CA SER DB 109 -72.61 -44.25 29.51
C SER DB 109 -72.49 -44.42 28.00
N GLU DB 110 -72.26 -45.66 27.58
CA GLU DB 110 -72.14 -45.95 26.15
C GLU DB 110 -73.44 -45.67 25.41
N GLU DB 111 -74.57 -45.98 26.05
CA GLU DB 111 -75.87 -45.72 25.42
C GLU DB 111 -76.05 -44.25 25.12
N CYS DB 112 -75.69 -43.39 26.07
CA CYS DB 112 -75.71 -41.95 25.82
C CYS DB 112 -74.68 -41.58 24.76
N SER DB 113 -73.53 -42.24 24.75
CA SER DB 113 -72.56 -42.07 23.69
C SER DB 113 -73.03 -42.78 22.42
N LEU DB 114 -72.18 -42.79 21.40
CA LEU DB 114 -72.47 -43.50 20.18
C LEU DB 114 -71.70 -44.82 20.14
N GLN DB 115 -71.85 -45.57 19.07
CA GLN DB 115 -71.28 -46.91 18.96
C GLN DB 115 -70.33 -46.97 17.78
N LYS DB 116 -69.11 -47.42 18.05
CA LYS DB 116 -68.11 -47.64 17.01
C LYS DB 116 -66.90 -48.39 17.54
N UNK EB 1 -112.22 -37.44 57.16
CA UNK EB 1 -113.60 -37.09 56.88
C UNK EB 1 -114.56 -38.08 57.52
N UNK EB 2 -115.10 -38.98 56.70
CA UNK EB 2 -115.95 -40.09 57.13
C UNK EB 2 -117.31 -39.62 57.65
N UNK EB 3 -117.52 -38.30 57.70
CA UNK EB 3 -118.82 -37.75 58.06
C UNK EB 3 -118.89 -36.34 57.49
N UNK EB 4 -119.60 -36.19 56.37
CA UNK EB 4 -119.68 -34.92 55.66
C UNK EB 4 -121.08 -34.33 55.73
N UNK EB 5 -121.75 -34.50 56.86
CA UNK EB 5 -122.98 -33.79 57.19
C UNK EB 5 -122.87 -33.42 58.66
N UNK EB 6 -122.30 -32.24 58.92
CA UNK EB 6 -121.99 -31.82 60.28
C UNK EB 6 -123.24 -31.28 60.94
N UNK EB 7 -123.90 -32.10 61.75
CA UNK EB 7 -125.04 -31.64 62.51
C UNK EB 7 -124.59 -30.65 63.58
N UNK EB 8 -125.57 -30.05 64.26
CA UNK EB 8 -125.32 -29.11 65.34
C UNK EB 8 -126.30 -29.39 66.47
N UNK EB 9 -125.96 -30.38 67.30
CA UNK EB 9 -126.77 -30.75 68.47
C UNK EB 9 -128.21 -31.08 68.10
N UNK FB 1 19.23 -81.88 82.88
CA UNK FB 1 19.01 -81.13 81.66
C UNK FB 1 17.58 -80.61 81.58
N UNK FB 2 16.67 -81.47 81.13
CA UNK FB 2 15.25 -81.16 81.04
C UNK FB 2 14.46 -82.23 81.76
N UNK FB 3 13.54 -81.81 82.64
CA UNK FB 3 12.79 -82.74 83.46
C UNK FB 3 11.37 -82.23 83.64
N UNK FB 4 10.40 -82.98 83.11
CA UNK FB 4 9.00 -82.66 83.37
C UNK FB 4 8.67 -82.77 84.84
N UNK FB 5 9.32 -83.69 85.56
CA UNK FB 5 9.13 -83.78 87.00
C UNK FB 5 9.60 -82.51 87.70
N UNK FB 6 10.76 -81.99 87.30
CA UNK FB 6 11.24 -80.73 87.87
C UNK FB 6 10.31 -79.58 87.54
N UNK FB 7 9.80 -79.54 86.30
CA UNK FB 7 8.87 -78.48 85.92
C UNK FB 7 7.59 -78.55 86.75
N UNK FB 8 7.06 -79.76 86.95
CA UNK FB 8 5.87 -79.92 87.76
C UNK FB 8 6.13 -79.54 89.21
N UNK FB 9 7.30 -79.88 89.73
CA UNK FB 9 7.65 -79.50 91.09
C UNK FB 9 7.71 -77.99 91.25
N UNK FB 10 8.33 -77.31 90.27
CA UNK FB 10 8.38 -75.85 90.30
C UNK FB 10 6.98 -75.25 90.21
N UNK FB 11 6.13 -75.81 89.35
CA UNK FB 11 4.76 -75.31 89.23
C UNK FB 11 4.00 -75.47 90.53
N UNK FB 12 4.14 -76.63 91.18
CA UNK FB 12 3.47 -76.86 92.45
C UNK FB 12 4.00 -75.92 93.53
N UNK FB 13 5.31 -75.70 93.56
CA UNK FB 13 5.89 -74.79 94.54
C UNK FB 13 5.36 -73.37 94.33
N UNK FB 14 5.26 -72.93 93.07
CA UNK FB 14 4.72 -71.61 92.79
C UNK FB 14 3.25 -71.51 93.17
N UNK FB 15 2.48 -72.56 92.89
CA UNK FB 15 1.05 -72.52 93.18
C UNK FB 15 0.78 -72.52 94.68
N UNK FB 16 1.41 -73.42 95.43
CA UNK FB 16 1.21 -73.53 96.87
C UNK FB 16 2.32 -72.73 97.56
N UNK FB 17 2.26 -71.41 97.40
CA UNK FB 17 3.23 -70.52 98.00
C UNK FB 17 2.73 -69.84 99.27
N UNK FB 18 1.42 -69.61 99.39
CA UNK FB 18 0.81 -68.99 100.56
C UNK FB 18 1.48 -67.64 100.87
N UNK FB 19 1.39 -66.74 99.89
CA UNK FB 19 2.01 -65.42 100.01
C UNK FB 19 1.01 -64.37 99.56
N UNK FB 20 0.52 -63.58 100.51
CA UNK FB 20 -0.42 -62.51 100.22
C UNK FB 20 -0.49 -61.58 101.42
N UNK FB 21 -0.33 -60.28 101.17
CA UNK FB 21 -0.39 -59.28 102.24
C UNK FB 21 -0.73 -57.94 101.62
N UNK FB 22 -1.87 -57.38 101.98
CA UNK FB 22 -2.34 -56.13 101.40
C UNK FB 22 -2.75 -55.16 102.50
N UNK FB 23 -2.60 -53.87 102.23
CA UNK FB 23 -3.04 -52.81 103.11
C UNK FB 23 -4.13 -52.02 102.40
N UNK FB 24 -5.26 -51.85 103.07
CA UNK FB 24 -6.38 -51.13 102.48
C UNK FB 24 -6.17 -49.63 102.61
N UNK FB 25 -6.51 -48.89 101.55
CA UNK FB 25 -6.32 -47.46 101.48
C UNK FB 25 -7.63 -46.77 101.13
N UNK FB 26 -7.82 -45.58 101.69
CA UNK FB 26 -8.99 -44.76 101.43
C UNK FB 26 -8.59 -43.52 100.64
N UNK FB 27 -9.60 -42.75 100.24
CA UNK FB 27 -9.37 -41.54 99.47
C UNK FB 27 -8.65 -40.47 100.27
N UNK FB 28 -8.69 -40.54 101.60
CA UNK FB 28 -8.05 -39.57 102.48
C UNK FB 28 -6.74 -40.09 103.06
N UNK FB 29 -6.04 -40.95 102.32
CA UNK FB 29 -4.76 -41.51 102.75
C UNK FB 29 -4.87 -42.29 104.05
N UNK FB 30 -6.07 -42.74 104.38
CA UNK FB 30 -6.29 -43.58 105.55
C UNK FB 30 -5.93 -45.02 105.21
N UNK FB 31 -5.11 -45.63 106.05
CA UNK FB 31 -4.57 -46.95 105.79
C UNK FB 31 -4.98 -47.92 106.89
N UNK FB 32 -5.17 -49.17 106.50
CA UNK FB 32 -5.49 -50.24 107.45
C UNK FB 32 -4.69 -51.48 107.07
N UNK FB 33 -4.17 -52.17 108.08
CA UNK FB 33 -3.34 -53.35 107.90
C UNK FB 33 -4.11 -54.59 108.35
N UNK FB 34 -4.04 -55.65 107.53
CA UNK FB 34 -4.71 -56.91 107.81
C UNK FB 34 -3.67 -57.99 108.08
N UNK FB 35 -4.06 -58.97 108.89
CA UNK FB 35 -3.16 -60.07 109.22
C UNK FB 35 -2.94 -60.97 108.01
N UNK FB 36 -1.86 -61.74 108.07
CA UNK FB 36 -1.50 -62.62 106.96
C UNK FB 36 -2.46 -63.80 106.88
N UNK FB 37 -2.92 -64.12 105.67
CA UNK FB 37 -3.81 -65.25 105.44
C UNK FB 37 -3.63 -65.73 104.01
N UNK FB 38 -2.86 -66.81 103.84
CA UNK FB 38 -2.61 -67.41 102.53
C UNK FB 38 -2.07 -66.39 101.54
N UNK FB 39 -9.64 -47.11 93.86
CA UNK FB 39 -8.51 -46.95 94.77
C UNK FB 39 -8.82 -47.52 96.15
N UNK FB 40 -9.79 -48.43 96.18
CA UNK FB 40 -10.19 -49.10 97.42
C UNK FB 40 -9.61 -50.50 97.57
N UNK FB 41 -9.56 -51.27 96.48
CA UNK FB 41 -8.99 -52.62 96.49
C UNK FB 41 -8.05 -52.74 95.29
N UNK FB 42 -6.75 -52.74 95.56
CA UNK FB 42 -5.75 -52.82 94.49
C UNK FB 42 -5.26 -54.25 94.35
N UNK FB 43 -5.23 -54.73 93.11
CA UNK FB 43 -4.72 -56.07 92.84
C UNK FB 43 -3.26 -56.20 93.27
N UNK FB 44 -2.46 -55.17 93.02
CA UNK FB 44 -1.07 -55.16 93.46
C UNK FB 44 -0.94 -54.89 94.95
N UNK FB 45 -2.04 -54.59 95.65
CA UNK FB 45 -1.96 -54.34 97.08
C UNK FB 45 -1.44 -55.56 97.82
N UNK FB 46 -1.88 -56.74 97.41
CA UNK FB 46 -1.35 -57.97 98.00
C UNK FB 46 0.12 -58.14 97.66
N UNK FB 47 0.91 -58.53 98.65
CA UNK FB 47 2.35 -58.73 98.49
C UNK FB 47 2.66 -60.22 98.58
N UNK FB 48 3.33 -60.73 97.55
CA UNK FB 48 3.68 -62.14 97.50
C UNK FB 48 5.17 -62.33 97.25
N LYS GB 24 -123.96 -58.66 34.09
CA LYS GB 24 -123.44 -58.49 32.74
C LYS GB 24 -121.92 -58.48 32.73
N PHE GB 25 -121.35 -57.28 32.67
CA PHE GB 25 -119.90 -57.11 32.55
C PHE GB 25 -119.31 -56.91 33.94
N LYS GB 26 -118.37 -57.78 34.31
CA LYS GB 26 -117.56 -57.60 35.50
C LYS GB 26 -116.10 -57.67 35.06
N LYS GB 27 -115.47 -56.52 34.90
CA LYS GB 27 -114.13 -56.47 34.35
C LYS GB 27 -113.13 -57.10 35.32
N PRO GB 28 -112.08 -57.73 34.79
CA PRO GB 28 -111.08 -58.36 35.64
C PRO GB 28 -110.17 -57.31 36.26
N PRO GB 29 -109.36 -57.69 37.25
CA PRO GB 29 -108.41 -56.73 37.82
C PRO GB 29 -107.47 -56.17 36.76
N ILE GB 30 -107.19 -54.88 36.86
CA ILE GB 30 -106.42 -54.20 35.82
C ILE GB 30 -104.95 -54.55 35.92
N ASN GB 31 -104.32 -54.22 37.05
CA ASN GB 31 -102.92 -54.52 37.24
C ASN GB 31 -102.75 -55.97 37.69
N ASN GB 32 -103.31 -56.89 36.95
CA ASN GB 32 -103.22 -58.29 37.34
C ASN GB 32 -102.02 -58.96 36.66
N PRO GB 33 -101.38 -59.88 37.35
CA PRO GB 33 -100.28 -60.62 36.72
C PRO GB 33 -100.79 -61.63 35.73
N SER GB 34 -101.04 -61.19 34.49
CA SER GB 34 -101.52 -62.06 33.44
C SER GB 34 -100.42 -62.85 32.75
N ASP GB 35 -99.17 -62.64 33.14
CA ASP GB 35 -98.04 -63.31 32.52
C ASP GB 35 -97.34 -64.21 33.52
N ASP GB 36 -96.73 -65.28 33.02
CA ASP GB 36 -96.06 -66.24 33.88
C ASP GB 36 -94.89 -65.58 34.63
N ALA GB 37 -94.11 -64.76 33.94
CA ALA GB 37 -93.04 -64.05 34.61
C ALA GB 37 -93.60 -63.15 35.71
N THR GB 38 -94.70 -62.47 35.43
CA THR GB 38 -95.31 -61.60 36.43
C THR GB 38 -95.74 -62.39 37.65
N ILE GB 39 -96.39 -63.54 37.44
CA ILE GB 39 -96.88 -64.30 38.59
C ILE GB 39 -95.72 -64.86 39.39
N LYS GB 40 -94.66 -65.32 38.71
CA LYS GB 40 -93.51 -65.82 39.44
C LYS GB 40 -92.86 -64.70 40.25
N LEU GB 41 -92.74 -63.51 39.66
CA LEU GB 41 -92.15 -62.40 40.37
C LEU GB 41 -92.99 -62.01 41.58
N ALA GB 42 -94.31 -62.00 41.42
CA ALA GB 42 -95.19 -61.64 42.52
C ALA GB 42 -95.09 -62.67 43.65
N GLU GB 43 -95.04 -63.95 43.30
CA GLU GB 43 -94.88 -64.98 44.31
C GLU GB 43 -93.56 -64.81 45.05
N ALA GB 44 -92.48 -64.52 44.32
CA ALA GB 44 -91.20 -64.28 44.95
C ALA GB 44 -91.28 -63.08 45.89
N ALA GB 45 -91.96 -62.03 45.46
CA ALA GB 45 -92.10 -60.84 46.29
C ALA GB 45 -92.84 -61.16 47.57
N VAL GB 46 -93.92 -61.94 47.48
CA VAL GB 46 -94.66 -62.32 48.68
C VAL GB 46 -93.77 -63.12 49.62
N SER GB 47 -93.02 -64.07 49.06
CA SER GB 47 -92.16 -64.92 49.89
C SER GB 47 -91.10 -64.09 50.60
N VAL GB 48 -90.44 -63.19 49.85
CA VAL GB 48 -89.37 -62.41 50.46
C VAL GB 48 -89.93 -61.43 51.48
N SER GB 49 -91.13 -60.90 51.22
CA SER GB 49 -91.77 -60.03 52.21
C SER GB 49 -92.03 -60.78 53.49
N ASP GB 50 -92.54 -62.01 53.39
CA ASP GB 50 -92.79 -62.80 54.59
C ASP GB 50 -91.50 -63.09 55.33
N SER GB 51 -90.44 -63.44 54.60
CA SER GB 51 -89.16 -63.72 55.23
C SER GB 51 -88.62 -62.50 55.94
N MET GB 52 -88.72 -61.33 55.30
CA MET GB 52 -88.29 -60.08 55.93
C MET GB 52 -89.09 -59.80 57.19
N LEU GB 53 -90.40 -60.04 57.14
CA LEU GB 53 -91.23 -59.84 58.33
C LEU GB 53 -90.80 -60.75 59.45
N GLU GB 54 -90.48 -62.00 59.15
CA GLU GB 54 -90.01 -62.92 60.18
C GLU GB 54 -88.67 -62.45 60.75
N MET GB 55 -87.78 -61.95 59.88
CA MET GB 55 -86.51 -61.43 60.37
C MET GB 55 -86.74 -60.28 61.34
N ALA GB 56 -87.64 -59.36 60.99
CA ALA GB 56 -87.97 -58.26 61.89
C ALA GB 56 -88.58 -58.79 63.18
N LYS GB 57 -89.42 -59.81 63.08
CA LYS GB 57 -90.04 -60.40 64.26
C LYS GB 57 -88.99 -60.90 65.24
N VAL GB 58 -88.04 -61.68 64.75
CA VAL GB 58 -87.00 -62.19 65.64
C VAL GB 58 -86.04 -61.10 66.07
N GLU GB 59 -85.94 -60.01 65.31
CA GLU GB 59 -85.03 -58.94 65.68
C GLU GB 59 -85.60 -58.07 66.80
N LYS GB 60 -86.91 -57.83 66.78
CA LYS GB 60 -87.50 -56.81 67.64
C LYS GB 60 -87.35 -57.17 69.11
N VAL GB 61 -87.10 -56.15 69.93
CA VAL GB 61 -87.00 -56.29 71.37
C VAL GB 61 -88.07 -55.41 72.01
N ILE GB 62 -88.75 -55.95 73.01
CA ILE GB 62 -89.88 -55.27 73.63
C ILE GB 62 -89.76 -55.37 75.15
N THR GB 63 -90.45 -54.46 75.84
CA THR GB 63 -90.52 -54.46 77.28
C THR GB 63 -91.95 -54.73 77.74
N PRO GB 64 -92.13 -55.48 78.83
CA PRO GB 64 -93.48 -55.78 79.30
C PRO GB 64 -94.18 -54.52 79.79
N PRO GB 65 -95.51 -54.48 79.72
CA PRO GB 65 -96.25 -53.28 80.17
C PRO GB 65 -96.22 -53.08 81.67
N SER GB 66 -95.69 -54.04 82.44
CA SER GB 66 -95.57 -53.91 83.88
C SER GB 66 -94.22 -53.35 84.31
N LYS GB 67 -93.14 -53.75 83.65
CA LYS GB 67 -91.80 -53.35 84.03
C LYS GB 67 -91.32 -52.08 83.34
N ASP GB 68 -92.16 -51.46 82.52
CA ASP GB 68 -91.79 -50.22 81.86
C ASP GB 68 -91.79 -49.07 82.87
N ASN GB 69 -90.72 -48.28 82.86
CA ASN GB 69 -90.57 -47.18 83.82
C ASN GB 69 -91.08 -45.90 83.17
N THR GB 70 -92.39 -45.73 83.20
CA THR GB 70 -93.03 -44.53 82.69
C THR GB 70 -93.99 -43.99 83.75
N LEU GB 71 -93.84 -42.71 84.07
CA LEU GB 71 -94.71 -42.09 85.06
C LEU GB 71 -96.15 -42.03 84.54
N THR GB 72 -97.09 -42.37 85.40
CA THR GB 72 -98.50 -42.29 85.05
C THR GB 72 -99.11 -40.99 85.57
N ILE GB 73 -100.20 -40.59 84.94
CA ILE GB 73 -100.90 -39.36 85.31
C ILE GB 73 -101.63 -39.57 86.62
N PRO GB 74 -101.40 -38.73 87.63
CA PRO GB 74 -102.07 -38.93 88.93
C PRO GB 74 -103.47 -38.33 88.96
N ASN GB 75 -104.00 -37.98 87.79
CA ASN GB 75 -105.36 -37.46 87.61
C ASN GB 75 -105.70 -36.38 88.64
N ALA GB 76 -104.76 -35.49 88.91
CA ALA GB 76 -105.02 -34.34 89.75
C ALA GB 76 -105.63 -33.22 88.91
N TYR GB 77 -106.51 -32.43 89.55
CA TYR GB 77 -107.26 -31.42 88.81
C TYR GB 77 -106.34 -30.36 88.21
N ASN GB 78 -105.34 -29.92 88.96
CA ASN GB 78 -104.43 -28.90 88.44
C ASN GB 78 -103.66 -29.40 87.23
N LEU GB 79 -103.47 -30.72 87.10
CA LEU GB 79 -102.78 -31.27 85.95
C LEU GB 79 -103.63 -31.27 84.68
N GLN GB 80 -104.91 -30.95 84.79
CA GLN GB 80 -105.82 -30.99 83.65
C GLN GB 80 -105.83 -29.72 82.84
N ALA GB 81 -105.00 -28.75 83.18
CA ALA GB 81 -104.99 -27.49 82.46
C ALA GB 81 -104.36 -27.67 81.07
N ARG GB 82 -104.50 -26.64 80.25
CA ARG GB 82 -103.99 -26.64 78.89
C ARG GB 82 -103.05 -25.46 78.70
N ALA GB 83 -101.99 -25.68 77.91
CA ALA GB 83 -101.01 -24.64 77.70
C ALA GB 83 -100.24 -24.91 76.42
N SER GB 84 -99.66 -23.85 75.87
CA SER GB 84 -98.73 -23.93 74.74
C SER GB 84 -97.33 -23.69 75.28
N VAL GB 85 -96.43 -24.64 75.08
CA VAL GB 85 -95.13 -24.58 75.72
C VAL GB 85 -94.04 -24.92 74.72
N ASP GB 86 -93.02 -24.07 74.65
CA ASP GB 86 -91.82 -24.34 73.88
C ASP GB 86 -90.60 -24.06 74.74
N TRP GB 87 -89.61 -24.96 74.69
CA TRP GB 87 -88.41 -24.82 75.48
C TRP GB 87 -87.33 -25.73 74.93
N SER GB 88 -86.09 -25.31 75.13
CA SER GB 88 -84.93 -26.15 74.84
C SER GB 88 -83.77 -25.64 75.71
N GLY GB 89 -83.49 -26.35 76.79
CA GLY GB 89 -82.42 -25.96 77.69
C GLY GB 89 -82.43 -26.74 78.98
N PRO GB 90 -81.98 -26.10 80.06
CA PRO GB 90 -81.96 -26.77 81.37
C PRO GB 90 -83.35 -27.20 81.80
N ILE GB 91 -83.40 -28.29 82.56
CA ILE GB 91 -84.65 -28.95 82.88
C ILE GB 91 -85.18 -28.54 84.24
N GLU GB 92 -84.28 -28.24 85.19
CA GLU GB 92 -84.72 -27.85 86.53
C GLU GB 92 -85.52 -26.57 86.49
N GLU GB 93 -85.05 -25.58 85.73
CA GLU GB 93 -85.78 -24.33 85.60
C GLU GB 93 -87.16 -24.56 84.99
N LEU GB 94 -87.22 -25.39 83.95
CA LEU GB 94 -88.49 -25.65 83.29
C LEU GB 94 -89.48 -26.31 84.25
N THR GB 95 -89.02 -27.33 84.98
CA THR GB 95 -89.95 -28.04 85.85
C THR GB 95 -90.37 -27.18 87.03
N ALA GB 96 -89.47 -26.33 87.53
CA ALA GB 96 -89.86 -25.40 88.58
C ALA GB 96 -90.91 -24.42 88.07
N ARG GB 97 -90.73 -23.93 86.84
CA ARG GB 97 -91.73 -23.04 86.24
C ARG GB 97 -93.08 -23.74 86.11
N ILE GB 98 -93.06 -25.00 85.67
CA ILE GB 98 -94.32 -25.73 85.52
C ILE GB 98 -94.99 -25.93 86.86
N ALA GB 99 -94.22 -26.29 87.89
CA ALA GB 99 -94.80 -26.45 89.22
C ALA GB 99 -95.39 -25.14 89.72
N LYS GB 100 -94.70 -24.03 89.48
CA LYS GB 100 -95.23 -22.73 89.86
C LYS GB 100 -96.55 -22.45 89.15
N ALA GB 101 -96.61 -22.76 87.86
CA ALA GB 101 -97.86 -22.58 87.13
C ALA GB 101 -98.96 -23.48 87.66
N ALA GB 102 -98.60 -24.66 88.13
CA ALA GB 102 -99.57 -25.63 88.62
C ALA GB 102 -99.89 -25.49 90.09
N HIS GB 103 -99.30 -24.49 90.76
CA HIS GB 103 -99.52 -24.27 92.20
C HIS GB 103 -99.05 -25.46 93.02
N PHE GB 104 -97.95 -26.06 92.60
CA PHE GB 104 -97.34 -27.18 93.29
C PHE GB 104 -95.91 -26.82 93.67
N ARG GB 105 -95.47 -27.30 94.84
CA ARG GB 105 -94.10 -27.05 95.24
C ARG GB 105 -93.16 -28.07 94.61
N PHE GB 106 -91.87 -27.74 94.62
CA PHE GB 106 -90.85 -28.56 94.00
C PHE GB 106 -89.68 -28.74 94.94
N ARG GB 107 -89.11 -29.95 94.96
CA ARG GB 107 -87.90 -30.22 95.70
C ARG GB 107 -86.96 -31.05 94.84
N VAL GB 108 -85.67 -30.94 95.12
CA VAL GB 108 -84.63 -31.56 94.33
C VAL GB 108 -83.74 -32.40 95.25
N LEU GB 109 -83.48 -33.65 94.84
CA LEU GB 109 -82.54 -34.53 95.53
C LEU GB 109 -81.43 -34.91 94.56
N GLY GB 110 -80.20 -34.86 95.04
CA GLY GB 110 -79.04 -35.15 94.25
C GLY GB 110 -78.21 -33.91 93.97
N LYS GB 111 -77.23 -34.07 93.09
CA LYS GB 111 -76.32 -33.01 92.70
C LYS GB 111 -76.47 -32.73 91.22
N SER GB 112 -76.49 -31.45 90.85
CA SER GB 112 -76.62 -31.08 89.46
C SER GB 112 -75.33 -31.38 88.72
N PRO GB 113 -75.36 -32.17 87.64
CA PRO GB 113 -74.14 -32.48 86.90
C PRO GB 113 -73.55 -31.22 86.27
N SER GB 114 -72.23 -31.25 86.06
CA SER GB 114 -71.55 -30.13 85.43
C SER GB 114 -72.14 -29.83 84.06
N VAL GB 115 -72.27 -30.85 83.23
CA VAL GB 115 -72.91 -30.69 81.92
C VAL GB 115 -74.42 -30.61 82.15
N PRO GB 116 -75.07 -29.54 81.72
CA PRO GB 116 -76.51 -29.42 81.93
C PRO GB 116 -77.28 -30.45 81.13
N VAL GB 117 -78.42 -30.87 81.69
CA VAL GB 117 -79.34 -31.75 80.98
C VAL GB 117 -80.10 -30.93 79.97
N LEU GB 118 -80.16 -31.40 78.73
CA LEU GB 118 -80.81 -30.67 77.65
C LEU GB 118 -82.06 -31.42 77.20
N ILE GB 119 -83.12 -30.65 76.97
CA ILE GB 119 -84.41 -31.19 76.55
C ILE GB 119 -84.92 -30.33 75.41
N SER GB 120 -85.88 -30.88 74.67
CA SER GB 120 -86.49 -30.19 73.54
C SER GB 120 -87.99 -30.45 73.57
N ILE GB 121 -88.78 -29.42 73.84
CA ILE GB 121 -90.23 -29.53 73.91
C ILE GB 121 -90.84 -28.41 73.09
N SER GB 122 -91.84 -28.74 72.28
CA SER GB 122 -92.56 -27.72 71.53
C SER GB 122 -93.95 -28.25 71.25
N THR GB 123 -94.95 -27.72 71.94
CA THR GB 123 -96.32 -28.20 71.81
C THR GB 123 -97.28 -27.03 71.80
N LYS GB 124 -98.22 -27.07 70.86
CA LYS GB 124 -99.25 -26.04 70.76
C LYS GB 124 -100.25 -26.15 71.90
N ASP GB 125 -100.57 -27.36 72.33
CA ASP GB 125 -101.54 -27.55 73.41
C ASP GB 125 -101.37 -28.96 73.96
N GLU GB 126 -101.34 -29.06 75.29
CA GLU GB 126 -101.19 -30.36 75.94
C GLU GB 126 -101.51 -30.18 77.42
N SER GB 127 -101.61 -31.30 78.12
CA SER GB 127 -101.84 -31.30 79.56
C SER GB 127 -100.55 -31.59 80.30
N LEU GB 128 -100.40 -30.94 81.46
CA LEU GB 128 -99.14 -30.98 82.18
C LEU GB 128 -98.72 -32.39 82.56
N ALA GB 129 -99.70 -33.29 82.73
CA ALA GB 129 -99.36 -34.66 83.10
C ALA GB 129 -98.48 -35.32 82.05
N GLU GB 130 -99.00 -35.49 80.84
CA GLU GB 130 -98.19 -36.06 79.77
C GLU GB 130 -97.03 -35.17 79.41
N ILE GB 131 -97.15 -33.86 79.66
CA ILE GB 131 -96.01 -32.98 79.46
C ILE GB 131 -94.84 -33.45 80.32
N LEU GB 132 -95.08 -33.67 81.61
CA LEU GB 132 -94.03 -34.14 82.50
C LEU GB 132 -93.62 -35.58 82.18
N ARG GB 133 -94.56 -36.39 81.70
CA ARG GB 133 -94.21 -37.73 81.26
C ARG GB 133 -93.17 -37.68 80.16
N ASP GB 134 -93.41 -36.86 79.14
CA ASP GB 134 -92.42 -36.69 78.08
C ASP GB 134 -91.16 -36.04 78.60
N ILE GB 135 -91.28 -35.18 79.61
CA ILE GB 135 -90.09 -34.60 80.24
C ILE GB 135 -89.18 -35.70 80.75
N ASP GB 136 -89.76 -36.63 81.52
CA ASP GB 136 -88.96 -37.72 82.05
C ASP GB 136 -88.44 -38.63 80.94
N TYR GB 137 -89.27 -38.87 79.93
CA TYR GB 137 -88.85 -39.72 78.82
C TYR GB 137 -87.61 -39.14 78.13
N GLN GB 138 -87.62 -37.83 77.88
CA GLN GB 138 -86.45 -37.17 77.31
C GLN GB 138 -85.29 -37.18 78.30
N ALA GB 139 -85.56 -37.02 79.58
CA ALA GB 139 -84.50 -37.04 80.58
C ALA GB 139 -83.85 -38.41 80.70
N GLY GB 140 -84.52 -39.45 80.22
CA GLY GB 140 -83.92 -40.78 80.30
C GLY GB 140 -83.78 -41.22 81.73
N LYS GB 141 -82.66 -41.89 82.03
CA LYS GB 141 -82.45 -42.48 83.35
C LYS GB 141 -81.39 -41.74 84.16
N LYS GB 142 -80.90 -40.61 83.67
CA LYS GB 142 -80.02 -39.78 84.48
C LYS GB 142 -80.78 -38.99 85.52
N ALA GB 143 -82.08 -38.79 85.32
CA ALA GB 143 -82.91 -38.09 86.28
C ALA GB 143 -84.31 -38.69 86.24
N SER GB 144 -85.08 -38.41 87.30
CA SER GB 144 -86.44 -38.91 87.41
C SER GB 144 -87.30 -37.86 88.09
N ILE GB 145 -88.60 -37.96 87.87
CA ILE GB 145 -89.58 -37.05 88.44
C ILE GB 145 -90.59 -37.86 89.23
N HIS GB 146 -90.85 -37.45 90.47
CA HIS GB 146 -91.83 -38.10 91.32
C HIS GB 146 -92.88 -37.09 91.74
N VAL GB 147 -94.11 -37.55 91.90
CA VAL GB 147 -95.26 -36.70 92.15
C VAL GB 147 -95.90 -37.11 93.47
N TYR GB 148 -96.43 -36.12 94.18
CA TYR GB 148 -97.23 -36.36 95.39
C TYR GB 148 -98.45 -35.45 95.30
N PRO GB 149 -99.64 -36.01 95.10
CA PRO GB 149 -100.85 -35.19 95.04
C PRO GB 149 -101.46 -34.96 96.41
N ASN GB 150 -101.15 -35.84 97.37
CA ASN GB 150 -101.63 -35.64 98.73
C ASN GB 150 -101.08 -34.34 99.31
N SER GB 151 -99.76 -34.17 99.24
CA SER GB 151 -99.12 -32.88 99.49
C SER GB 151 -98.58 -32.41 98.14
N GLN GB 152 -99.12 -31.29 97.66
CA GLN GB 152 -99.05 -30.95 96.23
C GLN GB 152 -97.60 -30.60 95.89
N VAL GB 153 -96.79 -31.65 95.71
CA VAL GB 153 -95.36 -31.46 95.54
C VAL GB 153 -94.84 -32.39 94.45
N VAL GB 154 -93.70 -32.01 93.87
CA VAL GB 154 -92.99 -32.83 92.91
C VAL GB 154 -91.51 -32.80 93.27
N GLU GB 155 -90.79 -33.81 92.80
CA GLU GB 155 -89.40 -34.00 93.17
C GLU GB 155 -88.59 -34.40 91.96
N LEU GB 156 -87.45 -33.73 91.77
CA LEU GB 156 -86.46 -34.09 90.76
C LEU GB 156 -85.34 -34.87 91.42
N ARG GB 157 -85.18 -36.12 91.03
CA ARG GB 157 -84.19 -37.01 91.62
C ARG GB 157 -83.08 -37.24 90.61
N TYR GB 158 -81.85 -36.86 90.97
CA TYR GB 158 -80.71 -37.12 90.11
C TYR GB 158 -80.31 -38.59 90.22
N ALA GB 159 -79.43 -39.01 89.31
CA ALA GB 159 -78.82 -40.32 89.42
C ALA GB 159 -77.60 -40.24 90.34
N LYS GB 160 -76.88 -41.35 90.44
CA LYS GB 160 -75.69 -41.42 91.26
C LYS GB 160 -74.43 -41.44 90.41
N ILE HB 208 -97.51 -80.62 84.65
CA ILE HB 208 -98.20 -81.14 83.48
C ILE HB 208 -99.22 -80.12 82.99
N ILE HB 209 -99.26 -79.93 81.67
CA ILE HB 209 -100.16 -78.96 81.07
C ILE HB 209 -101.45 -79.66 80.67
N TYR HB 210 -102.51 -78.86 80.51
CA TYR HB 210 -103.82 -79.37 80.17
C TYR HB 210 -104.43 -78.50 79.07
N TYR HB 211 -105.42 -79.06 78.38
CA TYR HB 211 -106.13 -78.35 77.33
C TYR HB 211 -107.63 -78.62 77.47
N ILE HB 212 -108.43 -77.59 77.22
CA ILE HB 212 -109.88 -77.74 77.30
C ILE HB 212 -110.39 -78.34 76.00
N GLN HB 213 -111.51 -79.06 76.10
CA GLN HB 213 -112.13 -79.66 74.94
C GLN HB 213 -113.52 -79.10 74.66
N ALA HB 214 -114.40 -79.10 75.65
CA ALA HB 214 -115.76 -78.59 75.48
C ALA HB 214 -116.07 -77.67 76.64
N VAL HB 215 -116.99 -76.73 76.40
CA VAL HB 215 -117.36 -75.71 77.37
C VAL HB 215 -118.87 -75.73 77.56
N ILE HB 216 -119.28 -75.86 78.82
CA ILE HB 216 -120.68 -75.69 79.20
C ILE HB 216 -120.68 -74.80 80.43
N PRO HB 217 -121.74 -74.02 80.67
CA PRO HB 217 -121.76 -73.21 81.89
C PRO HB 217 -121.86 -74.08 83.14
N GLY HB 218 -120.76 -74.16 83.89
CA GLY HB 218 -120.74 -74.94 85.12
C GLY HB 218 -119.74 -76.08 85.11
N ARG HB 219 -119.59 -76.74 83.97
CA ARG HB 219 -118.70 -77.89 83.85
C ARG HB 219 -117.92 -77.79 82.54
N ALA HB 220 -116.81 -78.51 82.49
CA ALA HB 220 -115.98 -78.50 81.28
C ALA HB 220 -115.21 -79.80 81.17
N TRP HB 221 -114.64 -80.01 80.00
CA TRP HB 221 -113.82 -81.18 79.70
C TRP HB 221 -112.36 -80.76 79.60
N LEU HB 222 -111.50 -81.43 80.36
CA LEU HB 222 -110.07 -81.16 80.31
C LEU HB 222 -109.33 -82.44 79.94
N ILE HB 223 -108.27 -82.29 79.17
CA ILE HB 223 -107.41 -83.40 78.79
C ILE HB 223 -105.96 -83.03 79.08
N GLY HB 224 -105.24 -83.93 79.75
CA GLY HB 224 -103.85 -83.72 80.06
C GLY HB 224 -102.93 -84.32 79.00
N SER HB 225 -101.65 -83.96 79.11
CA SER HB 225 -100.64 -84.52 78.23
C SER HB 225 -100.44 -86.01 78.45
N ASN HB 226 -100.86 -86.52 79.60
CA ASN HB 226 -100.77 -87.95 79.90
C ASN HB 226 -101.97 -88.73 79.41
N GLY HB 227 -102.85 -88.11 78.61
CA GLY HB 227 -104.04 -88.79 78.16
C GLY HB 227 -105.11 -88.97 79.20
N SER HB 228 -105.11 -88.14 80.24
CA SER HB 228 -106.08 -88.22 81.32
C SER HB 228 -107.18 -87.20 81.10
N THR HB 229 -108.42 -87.67 81.05
CA THR HB 229 -109.56 -86.79 80.94
C THR HB 229 -110.05 -86.35 82.31
N LEU HB 230 -110.87 -85.30 82.33
CA LEU HB 230 -111.43 -84.81 83.57
C LEU HB 230 -112.68 -84.00 83.27
N THR HB 231 -113.76 -84.33 83.96
CA THR HB 231 -114.99 -83.54 83.93
C THR HB 231 -114.95 -82.62 85.14
N VAL HB 232 -114.78 -81.32 84.89
CA VAL HB 232 -114.44 -80.35 85.92
C VAL HB 232 -115.68 -79.51 86.25
N ARG HB 233 -115.97 -79.37 87.54
CA ARG HB 233 -117.03 -78.54 88.05
C ARG HB 233 -116.57 -77.09 88.15
N GLU HB 234 -117.52 -76.17 88.12
CA GLU HB 234 -117.21 -74.76 88.39
C GLU HB 234 -116.51 -74.60 89.73
N GLY HB 235 -116.96 -75.34 90.74
CA GLY HB 235 -116.24 -75.42 91.99
C GLY HB 235 -115.51 -76.74 92.12
N SER HB 236 -114.19 -76.72 91.89
CA SER HB 236 -113.41 -77.95 91.94
C SER HB 236 -111.93 -77.58 92.03
N LYS HB 237 -111.12 -78.58 92.37
CA LYS HB 237 -109.70 -78.40 92.60
C LYS HB 237 -108.91 -79.22 91.58
N ILE HB 238 -107.89 -78.60 90.99
CA ILE HB 238 -106.98 -79.26 90.07
C ILE HB 238 -105.57 -79.14 90.64
N PRO HB 239 -104.85 -80.24 90.83
CA PRO HB 239 -103.48 -80.14 91.33
C PRO HB 239 -102.59 -79.37 90.37
N GLY HB 240 -101.63 -78.64 90.94
CA GLY HB 240 -100.73 -77.82 90.16
C GLY HB 240 -101.31 -76.50 89.68
N TYR HB 241 -102.62 -76.34 89.75
CA TYR HB 241 -103.28 -75.11 89.32
C TYR HB 241 -104.21 -74.56 90.38
N GLY HB 242 -104.89 -75.42 91.14
CA GLY HB 242 -105.66 -74.96 92.27
C GLY HB 242 -107.17 -75.12 92.14
N MET HB 243 -107.91 -74.14 92.65
CA MET HB 243 -109.36 -74.16 92.68
C MET HB 243 -109.90 -73.21 91.63
N VAL HB 244 -110.77 -73.71 90.76
CA VAL HB 244 -111.36 -72.88 89.70
C VAL HB 244 -112.40 -71.95 90.32
N LYS HB 245 -112.24 -70.66 90.08
CA LYS HB 245 -113.20 -69.68 90.59
C LYS HB 245 -114.22 -69.24 89.55
N LEU HB 246 -113.93 -69.40 88.27
CA LEU HB 246 -114.83 -68.95 87.23
C LEU HB 246 -114.55 -69.70 85.94
N ILE HB 247 -115.61 -70.14 85.28
CA ILE HB 247 -115.55 -70.73 83.95
C ILE HB 247 -116.26 -69.79 83.00
N ASP HB 248 -115.51 -69.23 82.05
CA ASP HB 248 -116.08 -68.32 81.06
C ASP HB 248 -116.59 -69.13 79.88
N SER HB 249 -117.85 -68.90 79.51
CA SER HB 249 -118.50 -69.68 78.47
C SER HB 249 -118.36 -69.04 77.09
N LEU HB 250 -118.68 -67.75 76.98
CA LEU HB 250 -118.60 -67.07 75.69
C LEU HB 250 -117.18 -67.07 75.16
N GLN HB 251 -116.22 -66.78 76.03
CA GLN HB 251 -114.81 -66.85 75.68
C GLN HB 251 -114.20 -68.06 76.37
N GLY HB 252 -113.53 -68.91 75.59
CA GLY HB 252 -113.07 -70.18 76.09
C GLY HB 252 -111.90 -70.07 77.05
N ARG HB 253 -112.15 -69.50 78.23
CA ARG HB 253 -111.12 -69.33 79.23
C ARG HB 253 -111.66 -69.76 80.59
N ILE HB 254 -110.80 -70.42 81.37
CA ILE HB 254 -111.14 -70.86 82.72
C ILE HB 254 -110.00 -70.45 83.64
N LEU HB 255 -110.35 -69.87 84.79
CA LEU HB 255 -109.37 -69.37 85.74
C LEU HB 255 -109.42 -70.20 87.02
N THR HB 256 -108.24 -70.52 87.55
CA THR HB 256 -108.09 -71.30 88.76
C THR HB 256 -107.60 -70.39 89.89
N SER HB 257 -107.31 -71.01 91.04
CA SER HB 257 -106.84 -70.25 92.19
C SER HB 257 -105.52 -69.54 91.87
N SER HB 258 -104.59 -70.24 91.21
CA SER HB 258 -103.35 -69.61 90.79
C SER HB 258 -103.57 -68.59 89.68
N GLY HB 259 -104.72 -68.61 89.01
CA GLY HB 259 -105.05 -67.63 88.00
C GLY HB 259 -104.71 -68.01 86.58
N GLN HB 260 -103.89 -69.03 86.37
CA GLN HB 260 -103.55 -69.44 85.01
C GLN HB 260 -104.77 -69.98 84.29
N VAL HB 261 -104.84 -69.73 82.99
CA VAL HB 261 -106.01 -70.01 82.18
C VAL HB 261 -105.71 -71.19 81.26
N ILE HB 262 -106.68 -72.10 81.14
CA ILE HB 262 -106.58 -73.24 80.25
C ILE HB 262 -107.50 -72.99 79.05
N LYS HB 263 -107.01 -73.32 77.87
CA LYS HB 263 -107.71 -73.02 76.62
C LYS HB 263 -107.57 -74.22 75.69
N PHE HB 264 -107.85 -74.02 74.41
CA PHE HB 264 -107.74 -75.07 73.41
C PHE HB 264 -106.30 -75.17 72.90
N SER HB 265 -106.04 -76.23 72.15
CA SER HB 265 -104.72 -76.49 71.61
C SER HB 265 -104.49 -75.70 70.33
N GLN HB 266 -103.29 -75.85 69.76
CA GLN HB 266 -102.96 -75.20 68.50
C GLN HB 266 -102.19 -76.14 67.58
N MET IB 23 -129.32 -27.22 35.92
CA MET IB 23 -129.07 -27.99 37.13
C MET IB 23 -127.57 -28.08 37.41
N LYS IB 24 -126.87 -26.98 37.14
CA LYS IB 24 -125.43 -26.92 37.36
C LYS IB 24 -125.13 -26.89 38.86
N PHE IB 25 -123.86 -27.05 39.18
CA PHE IB 25 -123.38 -27.08 40.56
C PHE IB 25 -122.42 -25.93 40.79
N LYS IB 26 -122.58 -25.24 41.91
CA LYS IB 26 -121.75 -24.09 42.25
C LYS IB 26 -121.49 -24.06 43.74
N LYS IB 27 -120.38 -23.44 44.12
CA LYS IB 27 -119.98 -23.21 45.48
C LYS IB 27 -120.25 -21.76 45.88
N PRO IB 28 -120.41 -21.47 47.17
CA PRO IB 28 -120.86 -20.14 47.60
C PRO IB 28 -119.96 -19.02 47.12
N PRO IB 29 -118.66 -19.01 47.46
CA PRO IB 29 -117.88 -17.77 47.29
C PRO IB 29 -117.48 -17.57 45.84
N ILE IB 30 -118.12 -16.60 45.19
CA ILE IB 30 -117.87 -16.28 43.80
C ILE IB 30 -117.62 -14.78 43.72
N ASN IB 31 -116.35 -14.39 43.60
CA ASN IB 31 -116.01 -12.97 43.51
C ASN IB 31 -115.07 -12.72 42.35
N ASN IB 32 -114.52 -11.50 42.27
CA ASN IB 32 -113.66 -11.13 41.17
C ASN IB 32 -112.38 -11.95 41.19
N PRO IB 33 -111.77 -12.18 40.02
CA PRO IB 33 -110.54 -12.97 39.97
C PRO IB 33 -109.41 -12.29 40.74
N SER IB 34 -108.49 -13.11 41.23
CA SER IB 34 -107.44 -12.65 42.12
C SER IB 34 -106.13 -12.44 41.35
N ASP IB 35 -105.07 -12.12 42.08
CA ASP IB 35 -103.75 -11.88 41.50
C ASP IB 35 -102.69 -12.62 42.29
N ASP IB 36 -101.71 -13.17 41.57
CA ASP IB 36 -100.69 -13.99 42.21
C ASP IB 36 -99.86 -13.19 43.20
N ALA IB 37 -99.53 -11.95 42.85
CA ALA IB 37 -98.75 -11.12 43.77
C ALA IB 37 -99.49 -10.90 45.07
N THR IB 38 -100.79 -10.59 44.97
CA THR IB 38 -101.61 -10.47 46.18
C THR IB 38 -101.63 -11.77 46.95
N ILE IB 39 -101.67 -12.91 46.24
CA ILE IB 39 -101.64 -14.21 46.92
C ILE IB 39 -100.37 -14.35 47.73
N LYS IB 40 -99.23 -13.99 47.12
CA LYS IB 40 -97.95 -14.08 47.81
C LYS IB 40 -97.94 -13.19 49.04
N LEU IB 41 -98.45 -11.97 48.89
CA LEU IB 41 -98.51 -11.05 50.01
C LEU IB 41 -99.34 -11.62 51.14
N ALA IB 42 -100.49 -12.21 50.82
CA ALA IB 42 -101.37 -12.75 51.84
C ALA IB 42 -100.71 -13.92 52.56
N GLU IB 43 -100.10 -14.84 51.82
CA GLU IB 43 -99.52 -16.00 52.47
C GLU IB 43 -98.33 -15.60 53.34
N ALA IB 44 -97.56 -14.60 52.90
CA ALA IB 44 -96.50 -14.09 53.75
C ALA IB 44 -97.08 -13.45 55.02
N ALA IB 45 -98.14 -12.66 54.86
CA ALA IB 45 -98.71 -11.95 55.98
C ALA IB 45 -99.28 -12.90 57.01
N VAL IB 46 -99.80 -14.04 56.58
CA VAL IB 46 -100.34 -14.99 57.55
C VAL IB 46 -99.24 -15.47 58.49
N SER IB 47 -98.10 -15.85 57.93
CA SER IB 47 -96.98 -16.30 58.76
C SER IB 47 -96.49 -15.17 59.66
N VAL IB 48 -96.38 -13.96 59.11
CA VAL IB 48 -95.92 -12.83 59.92
C VAL IB 48 -96.85 -12.62 61.10
N SER IB 49 -98.16 -12.67 60.84
CA SER IB 49 -99.15 -12.46 61.89
C SER IB 49 -99.06 -13.55 62.95
N ASP IB 50 -98.93 -14.81 62.53
CA ASP IB 50 -98.85 -15.90 63.51
C ASP IB 50 -97.63 -15.75 64.39
N SER IB 51 -96.49 -15.41 63.79
CA SER IB 51 -95.27 -15.23 64.59
C SER IB 51 -95.44 -14.08 65.56
N MET IB 52 -96.01 -12.97 65.10
CA MET IB 52 -96.21 -11.82 65.97
C MET IB 52 -97.14 -12.17 67.13
N LEU IB 53 -98.22 -12.89 66.84
CA LEU IB 53 -99.16 -13.29 67.88
C LEU IB 53 -98.47 -14.17 68.91
N GLU IB 54 -97.67 -15.13 68.46
CA GLU IB 54 -96.97 -16.01 69.39
C GLU IB 54 -96.04 -15.20 70.29
N MET IB 55 -95.26 -14.29 69.71
CA MET IB 55 -94.33 -13.50 70.51
C MET IB 55 -95.08 -12.63 71.51
N ALA IB 56 -96.17 -12.00 71.08
CA ALA IB 56 -96.96 -11.18 71.99
C ALA IB 56 -97.53 -12.02 73.13
N LYS IB 57 -98.01 -13.22 72.81
CA LYS IB 57 -98.59 -14.08 73.84
C LYS IB 57 -97.55 -14.44 74.88
N VAL IB 58 -96.35 -14.85 74.44
CA VAL IB 58 -95.35 -15.26 75.43
C VAL IB 58 -94.87 -14.06 76.23
N GLU IB 59 -94.79 -12.89 75.59
CA GLU IB 59 -94.42 -11.68 76.31
C GLU IB 59 -95.45 -11.36 77.39
N LYS IB 60 -96.73 -11.47 77.04
CA LYS IB 60 -97.80 -11.23 78.02
C LYS IB 60 -97.71 -12.23 79.15
N VAL IB 61 -97.39 -13.49 78.83
CA VAL IB 61 -97.27 -14.51 79.86
C VAL IB 61 -96.18 -14.14 80.85
N ILE IB 62 -95.00 -13.79 80.36
CA ILE IB 62 -93.89 -13.55 81.27
C ILE IB 62 -94.09 -12.27 82.05
N THR IB 63 -94.58 -11.21 81.40
CA THR IB 63 -94.68 -9.91 82.06
C THR IB 63 -96.04 -9.76 82.73
N PRO IB 64 -96.09 -9.49 84.03
CA PRO IB 64 -97.37 -9.28 84.70
C PRO IB 64 -97.83 -7.84 84.54
N PRO IB 65 -98.93 -7.61 83.82
CA PRO IB 65 -99.45 -6.24 83.69
C PRO IB 65 -100.03 -5.74 85.01
N SER IB 66 -99.90 -4.44 85.23
CA SER IB 66 -100.29 -3.89 86.53
C SER IB 66 -101.23 -2.69 86.43
N LYS IB 67 -101.07 -1.82 85.44
CA LYS IB 67 -101.69 -0.51 85.46
C LYS IB 67 -102.67 -0.37 84.29
N ASP IB 68 -103.21 0.85 84.15
CA ASP IB 68 -104.10 1.18 83.06
C ASP IB 68 -104.19 2.69 82.95
N ASN IB 69 -104.00 3.22 81.74
CA ASN IB 69 -104.00 4.67 81.53
C ASN IB 69 -105.40 5.27 81.60
N THR IB 70 -106.45 4.46 81.73
CA THR IB 70 -107.77 5.00 81.96
C THR IB 70 -107.79 5.85 83.23
N LEU IB 71 -107.10 5.40 84.27
CA LEU IB 71 -106.96 6.21 85.47
C LEU IB 71 -106.25 7.52 85.18
N THR IB 72 -105.19 7.47 84.37
CA THR IB 72 -104.45 8.68 84.05
C THR IB 72 -105.33 9.69 83.33
N ILE IB 73 -106.13 9.24 82.39
CA ILE IB 73 -106.95 10.16 81.61
C ILE IB 73 -108.41 9.70 81.64
N PRO IB 74 -109.11 9.91 82.74
CA PRO IB 74 -110.55 9.62 82.76
C PRO IB 74 -111.31 10.60 81.89
N ASN IB 75 -112.45 10.15 81.36
CA ASN IB 75 -113.25 10.95 80.47
C ASN IB 75 -114.33 11.70 81.24
N ALA IB 76 -115.02 12.59 80.53
CA ALA IB 76 -116.08 13.41 81.10
C ALA IB 76 -116.95 13.88 79.93
N TYR IB 77 -117.79 14.88 80.17
CA TYR IB 77 -118.64 15.42 79.13
C TYR IB 77 -117.79 16.06 78.04
N ASN IB 78 -118.47 16.54 77.00
CA ASN IB 78 -117.87 17.12 75.80
C ASN IB 78 -116.69 16.29 75.30
N LEU IB 79 -116.81 14.97 75.44
CA LEU IB 79 -115.82 14.04 74.92
C LEU IB 79 -116.43 12.93 74.08
N GLN IB 80 -117.74 12.74 74.15
CA GLN IB 80 -118.39 11.64 73.44
C GLN IB 80 -118.52 11.91 71.95
N ALA IB 81 -118.16 13.10 71.49
CA ALA IB 81 -118.14 13.36 70.06
C ALA IB 81 -117.22 12.36 69.38
N ARG IB 82 -117.64 11.88 68.22
CA ARG IB 82 -116.97 10.74 67.63
C ARG IB 82 -116.05 11.18 66.50
N ALA IB 83 -115.06 10.33 66.21
CA ALA IB 83 -114.05 10.64 65.23
C ALA IB 83 -113.67 9.39 64.46
N SER IB 84 -113.33 9.58 63.19
CA SER IB 84 -112.71 8.55 62.37
C SER IB 84 -111.47 9.14 61.73
N VAL IB 85 -110.34 8.46 61.88
CA VAL IB 85 -109.05 9.04 61.54
C VAL IB 85 -108.28 8.12 60.60
N ASP IB 86 -107.47 8.77 59.75
CA ASP IB 86 -106.50 8.09 58.89
C ASP IB 86 -105.30 9.03 58.81
N TRP IB 87 -104.32 8.79 59.68
CA TRP IB 87 -103.22 9.71 59.89
C TRP IB 87 -101.91 8.94 59.94
N SER IB 88 -100.89 9.49 59.30
CA SER IB 88 -99.57 8.84 59.26
C SER IB 88 -98.47 9.89 59.43
N GLY IB 89 -98.66 10.83 60.34
CA GLY IB 89 -97.72 11.90 60.51
C GLY IB 89 -97.17 12.01 61.92
N PRO IB 90 -96.64 13.19 62.26
CA PRO IB 90 -96.14 13.41 63.62
C PRO IB 90 -97.27 13.57 64.63
N ILE IB 91 -96.91 13.90 65.87
CA ILE IB 91 -97.83 13.83 67.00
C ILE IB 91 -98.49 15.18 67.29
N GLU IB 92 -97.69 16.25 67.26
CA GLU IB 92 -98.14 17.52 67.83
C GLU IB 92 -99.33 18.10 67.08
N GLU IB 93 -99.31 18.07 65.74
CA GLU IB 93 -100.41 18.65 64.99
C GLU IB 93 -101.70 17.91 65.24
N LEU IB 94 -101.65 16.58 65.25
CA LEU IB 94 -102.84 15.78 65.52
C LEU IB 94 -103.36 16.05 66.92
N THR IB 95 -102.46 16.14 67.91
CA THR IB 95 -102.89 16.40 69.26
C THR IB 95 -103.53 17.77 69.40
N ALA IB 96 -102.95 18.78 68.72
CA ALA IB 96 -103.53 20.11 68.74
C ALA IB 96 -104.91 20.11 68.10
N ARG IB 97 -105.08 19.35 67.01
CA ARG IB 97 -106.39 19.23 66.40
C ARG IB 97 -107.40 18.64 67.38
N ILE IB 98 -106.98 17.58 68.09
CA ILE IB 98 -107.88 16.94 69.05
C ILE IB 98 -108.24 17.91 70.17
N ALA IB 99 -107.26 18.65 70.67
CA ALA IB 99 -107.53 19.61 71.74
C ALA IB 99 -108.48 20.70 71.27
N LYS IB 100 -108.29 21.18 70.05
CA LYS IB 100 -109.19 22.20 69.51
C LYS IB 100 -110.60 21.67 69.40
N ALA IB 101 -110.75 20.42 68.93
CA ALA IB 101 -112.08 19.82 68.88
C ALA IB 101 -112.67 19.65 70.27
N ALA IB 102 -111.83 19.42 71.27
CA ALA IB 102 -112.28 19.22 72.64
C ALA IB 102 -112.47 20.52 73.41
N HIS IB 103 -112.11 21.65 72.82
CA HIS IB 103 -112.21 22.96 73.48
C HIS IB 103 -111.38 22.99 74.77
N PHE IB 104 -110.25 22.31 74.79
CA PHE IB 104 -109.38 22.27 75.95
C PHE IB 104 -108.05 22.94 75.62
N ARG IB 105 -107.44 23.51 76.66
CA ARG IB 105 -106.12 24.11 76.50
C ARG IB 105 -105.10 23.04 76.15
N PHE IB 106 -104.07 23.44 75.41
CA PHE IB 106 -102.99 22.56 75.00
C PHE IB 106 -101.73 22.91 75.79
N ARG IB 107 -101.09 21.90 76.37
CA ARG IB 107 -99.93 22.12 77.22
C ARG IB 107 -98.79 21.24 76.78
N VAL IB 108 -97.58 21.82 76.75
CA VAL IB 108 -96.38 21.15 76.27
C VAL IB 108 -95.35 21.13 77.39
N LEU IB 109 -94.76 19.97 77.63
CA LEU IB 109 -93.72 19.82 78.64
C LEU IB 109 -92.50 19.17 78.03
N GLY IB 110 -91.36 19.82 78.16
CA GLY IB 110 -90.09 19.27 77.71
C GLY IB 110 -89.76 19.67 76.29
N LYS IB 111 -88.46 19.63 75.99
CA LYS IB 111 -87.98 19.90 74.65
C LYS IB 111 -88.40 18.80 73.69
N SER IB 112 -88.64 19.19 72.45
CA SER IB 112 -88.92 18.19 71.42
C SER IB 112 -87.61 17.62 70.90
N PRO IB 113 -87.43 16.30 70.94
CA PRO IB 113 -86.20 15.71 70.42
C PRO IB 113 -86.09 15.91 68.92
N SER IB 114 -84.85 15.91 68.43
CA SER IB 114 -84.59 16.19 67.03
C SER IB 114 -85.32 15.20 66.12
N VAL IB 115 -85.13 13.91 66.36
CA VAL IB 115 -85.78 12.90 65.54
C VAL IB 115 -87.28 12.98 65.78
N PRO IB 116 -88.08 13.19 64.75
CA PRO IB 116 -89.53 13.30 64.96
C PRO IB 116 -90.13 11.97 65.40
N VAL IB 117 -91.19 12.07 66.20
CA VAL IB 117 -91.91 10.91 66.68
C VAL IB 117 -93.14 10.74 65.81
N LEU IB 118 -93.19 9.64 65.07
CA LEU IB 118 -94.23 9.43 64.07
C LEU IB 118 -95.27 8.46 64.58
N ILE IB 119 -96.54 8.78 64.32
CA ILE IB 119 -97.67 7.95 64.72
C ILE IB 119 -98.56 7.74 63.50
N SER IB 120 -98.99 6.51 63.29
CA SER IB 120 -99.93 6.18 62.22
C SER IB 120 -101.11 5.44 62.83
N ILE IB 121 -102.29 6.02 62.69
CA ILE IB 121 -103.53 5.43 63.18
C ILE IB 121 -104.57 5.51 62.08
N SER IB 122 -105.22 4.38 61.81
CA SER IB 122 -106.30 4.30 60.83
C SER IB 122 -107.44 3.52 61.46
N THR IB 123 -108.54 4.18 61.78
CA THR IB 123 -109.65 3.52 62.47
C THR IB 123 -110.95 4.21 62.07
N LYS IB 124 -112.02 3.94 62.82
CA LYS IB 124 -113.34 4.43 62.45
C LYS IB 124 -114.27 4.41 63.65
N ASP IB 125 -114.78 5.58 64.04
CA ASP IB 125 -115.83 5.73 65.06
C ASP IB 125 -115.40 5.15 66.40
N GLU IB 126 -114.41 5.81 67.00
CA GLU IB 126 -113.99 5.51 68.37
C GLU IB 126 -114.15 6.74 69.25
N SER IB 127 -114.17 6.50 70.55
CA SER IB 127 -114.20 7.59 71.52
C SER IB 127 -112.88 8.35 71.50
N LEU IB 128 -112.96 9.64 71.81
CA LEU IB 128 -111.76 10.45 71.87
C LEU IB 128 -110.82 9.97 72.95
N ALA IB 129 -111.36 9.53 74.09
CA ALA IB 129 -110.52 9.03 75.17
C ALA IB 129 -109.74 7.81 74.72
N GLU IB 130 -110.41 6.88 74.04
CA GLU IB 130 -109.71 5.69 73.56
C GLU IB 130 -108.72 6.04 72.46
N ILE IB 131 -109.05 7.04 71.63
CA ILE IB 131 -108.09 7.52 70.64
C ILE IB 131 -106.83 7.99 71.33
N LEU IB 132 -106.99 8.80 72.37
CA LEU IB 132 -105.83 9.33 73.09
C LEU IB 132 -105.05 8.20 73.75
N ARG IB 133 -105.75 7.21 74.32
CA ARG IB 133 -105.06 6.10 74.96
C ARG IB 133 -104.26 5.30 73.94
N ASP IB 134 -104.83 5.08 72.76
CA ASP IB 134 -104.09 4.39 71.70
C ASP IB 134 -102.87 5.20 71.27
N ILE IB 135 -103.03 6.52 71.18
CA ILE IB 135 -101.89 7.38 70.82
C ILE IB 135 -100.80 7.24 71.86
N ASP IB 136 -101.17 7.27 73.13
CA ASP IB 136 -100.20 7.17 74.21
C ASP IB 136 -99.47 5.84 74.16
N TYR IB 137 -100.23 4.75 73.97
CA TYR IB 137 -99.61 3.43 73.91
C TYR IB 137 -98.66 3.32 72.72
N GLN IB 138 -99.06 3.84 71.56
CA GLN IB 138 -98.17 3.80 70.41
C GLN IB 138 -96.96 4.69 70.62
N ALA IB 139 -97.10 5.75 71.42
CA ALA IB 139 -95.94 6.55 71.81
C ALA IB 139 -94.99 5.73 72.67
N GLY IB 140 -95.53 4.94 73.58
CA GLY IB 140 -94.69 4.08 74.39
C GLY IB 140 -93.78 4.88 75.31
N LYS IB 141 -92.47 4.69 75.15
CA LYS IB 141 -91.47 5.27 76.04
C LYS IB 141 -90.87 6.55 75.49
N LYS IB 142 -91.66 7.37 74.79
CA LYS IB 142 -91.17 8.63 74.28
C LYS IB 142 -91.99 9.83 74.71
N ALA IB 143 -93.28 9.65 75.01
CA ALA IB 143 -94.11 10.77 75.42
C ALA IB 143 -95.24 10.23 76.30
N SER IB 144 -95.89 11.15 76.99
CA SER IB 144 -97.02 10.80 77.85
C SER IB 144 -98.08 11.88 77.76
N ILE IB 145 -99.32 11.47 78.03
CA ILE IB 145 -100.48 12.34 77.90
C ILE IB 145 -101.21 12.39 79.24
N HIS IB 146 -101.63 13.59 79.64
CA HIS IB 146 -102.41 13.76 80.84
C HIS IB 146 -103.55 14.73 80.57
N VAL IB 147 -104.65 14.55 81.30
CA VAL IB 147 -105.85 15.36 81.12
C VAL IB 147 -106.36 15.80 82.48
N TYR IB 148 -106.62 17.08 82.62
CA TYR IB 148 -107.30 17.62 83.80
C TYR IB 148 -108.62 18.20 83.33
N PRO IB 149 -109.74 17.50 83.53
CA PRO IB 149 -111.02 17.94 82.98
C PRO IB 149 -111.58 19.14 83.72
N ASN IB 150 -111.49 19.11 85.04
CA ASN IB 150 -111.95 20.24 85.83
C ASN IB 150 -111.19 21.51 85.46
N SER IB 151 -109.95 21.37 85.01
CA SER IB 151 -109.18 22.48 84.48
C SER IB 151 -109.22 22.57 82.96
N GLN IB 152 -109.87 21.60 82.29
CA GLN IB 152 -110.07 21.62 80.84
C GLN IB 152 -108.75 21.77 80.10
N VAL IB 153 -107.73 21.05 80.55
CA VAL IB 153 -106.39 21.17 79.98
C VAL IB 153 -105.87 19.79 79.61
N VAL IB 154 -105.32 19.66 78.40
CA VAL IB 154 -104.69 18.44 77.93
C VAL IB 154 -103.20 18.74 77.74
N GLU IB 155 -102.35 17.97 78.40
CA GLU IB 155 -100.92 18.18 78.36
C GLU IB 155 -100.22 16.96 77.81
N LEU IB 156 -99.15 17.19 77.07
CA LEU IB 156 -98.24 16.14 76.66
C LEU IB 156 -96.86 16.46 77.19
N ARG IB 157 -96.12 15.42 77.55
CA ARG IB 157 -94.80 15.57 78.15
C ARG IB 157 -93.82 14.64 77.44
N TYR IB 158 -92.66 15.17 77.08
CA TYR IB 158 -91.65 14.39 76.40
C TYR IB 158 -90.91 13.48 77.38
N ALA IB 159 -90.14 12.55 76.83
CA ALA IB 159 -89.32 11.67 77.64
C ALA IB 159 -88.14 12.45 78.23
N LYS IB 160 -87.87 12.22 79.50
CA LYS IB 160 -86.75 12.87 80.18
C LYS IB 160 -85.49 12.03 79.98
N ILE IB 161 -84.97 12.10 78.75
CA ILE IB 161 -83.77 11.39 78.35
C ILE IB 161 -83.08 12.20 77.26
N TYR IB 162 -81.82 11.85 77.01
CA TYR IB 162 -80.98 12.51 76.00
C TYR IB 162 -80.72 13.96 76.37
N ARG JB 207 -44.59 -42.44 96.48
CA ARG JB 207 -44.29 -41.01 96.41
C ARG JB 207 -43.18 -40.74 95.39
N ILE JB 208 -42.87 -39.45 95.19
CA ILE JB 208 -41.84 -39.07 94.24
C ILE JB 208 -40.47 -39.35 94.85
N ILE JB 209 -39.61 -40.00 94.08
CA ILE JB 209 -38.26 -40.35 94.51
C ILE JB 209 -37.27 -39.53 93.70
N TYR JB 210 -36.34 -38.87 94.40
CA TYR JB 210 -35.34 -38.04 93.77
C TYR JB 210 -34.02 -38.81 93.63
N TYR JB 211 -33.46 -38.78 92.44
CA TYR JB 211 -32.12 -39.32 92.17
C TYR JB 211 -31.18 -38.15 91.93
N ILE JB 212 -30.04 -38.17 92.63
CA ILE JB 212 -29.00 -37.20 92.34
C ILE JB 212 -28.53 -37.40 90.91
N GLN JB 213 -28.40 -36.30 90.18
CA GLN JB 213 -27.98 -36.35 88.78
C GLN JB 213 -26.70 -35.56 88.53
N ALA JB 214 -26.55 -34.40 89.13
CA ALA JB 214 -25.30 -33.63 89.08
C ALA JB 214 -24.96 -33.20 90.49
N VAL JB 215 -23.88 -33.75 91.03
CA VAL JB 215 -23.48 -33.51 92.41
C VAL JB 215 -22.11 -32.82 92.41
N ILE JB 216 -22.04 -31.66 93.06
CA ILE JB 216 -20.80 -30.93 93.25
C ILE JB 216 -20.89 -30.15 94.55
N PRO JB 217 -19.74 -29.78 95.13
CA PRO JB 217 -19.77 -29.02 96.38
C PRO JB 217 -20.57 -27.72 96.22
N GLY JB 218 -21.34 -27.41 97.25
CA GLY JB 218 -22.21 -26.25 97.21
C GLY JB 218 -23.57 -26.54 96.61
N ARG JB 219 -23.62 -26.73 95.30
CA ARG JB 219 -24.86 -26.97 94.58
C ARG JB 219 -24.89 -28.40 94.06
N ALA JB 220 -26.00 -29.09 94.31
CA ALA JB 220 -26.19 -30.46 93.83
C ALA JB 220 -27.54 -30.55 93.11
N TRP JB 221 -27.55 -31.24 91.98
CA TRP JB 221 -28.73 -31.34 91.14
C TRP JB 221 -29.43 -32.68 91.35
N LEU JB 222 -30.76 -32.64 91.42
CA LEU JB 222 -31.59 -33.81 91.59
C LEU JB 222 -32.63 -33.85 90.49
N ILE JB 223 -33.11 -35.06 90.20
CA ILE JB 223 -34.23 -35.27 89.29
C ILE JB 223 -35.21 -36.23 89.98
N GLY JB 224 -36.44 -35.79 90.14
CA GLY JB 224 -37.44 -36.63 90.76
C GLY JB 224 -37.83 -37.79 89.88
N SER JB 225 -38.56 -38.74 90.47
CA SER JB 225 -39.09 -39.86 89.71
C SER JB 225 -40.02 -39.38 88.59
N ASN JB 226 -40.66 -38.23 88.79
CA ASN JB 226 -41.48 -37.63 87.73
C ASN JB 226 -40.64 -37.10 86.59
N GLY JB 227 -39.32 -37.00 86.75
CA GLY JB 227 -38.45 -36.44 85.74
C GLY JB 227 -38.16 -34.96 85.91
N SER JB 228 -38.86 -34.27 86.82
CA SER JB 228 -38.60 -32.86 87.05
C SER JB 228 -37.24 -32.68 87.70
N THR JB 229 -36.44 -31.76 87.16
CA THR JB 229 -35.07 -31.55 87.60
C THR JB 229 -34.95 -30.23 88.33
N LEU JB 230 -34.11 -30.20 89.35
CA LEU JB 230 -33.89 -29.00 90.16
C LEU JB 230 -32.48 -29.09 90.75
N THR JB 231 -32.08 -28.02 91.43
CA THR JB 231 -30.81 -27.98 92.13
C THR JB 231 -30.99 -27.35 93.50
N VAL JB 232 -30.22 -27.84 94.47
CA VAL JB 232 -30.31 -27.37 95.84
C VAL JB 232 -28.91 -27.03 96.34
N ARG JB 233 -28.87 -26.27 97.43
CA ARG JB 233 -27.64 -25.88 98.09
C ARG JB 233 -27.58 -26.53 99.47
N GLU JB 234 -26.52 -26.26 100.20
CA GLU JB 234 -26.37 -26.81 101.55
C GLU JB 234 -27.50 -26.32 102.45
N GLY JB 235 -27.79 -25.03 102.42
CA GLY JB 235 -28.98 -24.52 103.07
C GLY JB 235 -30.14 -24.41 102.09
N SER JB 236 -30.99 -25.43 102.04
CA SER JB 236 -32.04 -25.48 101.05
C SER JB 236 -33.17 -26.37 101.56
N LYS JB 237 -34.33 -26.23 100.92
CA LYS JB 237 -35.54 -26.94 101.32
C LYS JB 237 -35.94 -27.91 100.22
N ILE JB 238 -36.28 -29.13 100.60
CA ILE JB 238 -36.60 -30.20 99.66
C ILE JB 238 -37.99 -30.73 99.99
N PRO JB 239 -38.95 -30.65 99.06
CA PRO JB 239 -40.26 -31.27 99.31
C PRO JB 239 -40.13 -32.78 99.46
N GLY JB 240 -40.99 -33.34 100.32
CA GLY JB 240 -40.93 -34.76 100.62
C GLY JB 240 -39.77 -35.18 101.49
N TYR JB 241 -38.79 -34.30 101.71
CA TYR JB 241 -37.66 -34.60 102.57
C TYR JB 241 -37.33 -33.48 103.54
N GLY JB 242 -38.12 -32.42 103.57
CA GLY JB 242 -37.92 -31.33 104.52
C GLY JB 242 -36.93 -30.29 103.99
N MET JB 243 -35.74 -30.25 104.59
CA MET JB 243 -34.70 -29.31 104.21
C MET JB 243 -33.42 -30.07 103.89
N VAL JB 244 -32.65 -29.54 102.95
CA VAL JB 244 -31.33 -30.07 102.64
C VAL JB 244 -30.42 -29.81 103.82
N LYS JB 245 -29.72 -30.84 104.28
CA LYS JB 245 -28.96 -30.75 105.52
C LYS JB 245 -27.48 -31.10 105.39
N LEU JB 246 -27.09 -31.93 104.42
CA LEU JB 246 -25.68 -32.25 104.24
C LEU JB 246 -25.47 -32.78 102.84
N ILE JB 247 -24.67 -32.06 102.05
CA ILE JB 247 -24.34 -32.46 100.68
C ILE JB 247 -22.86 -32.81 100.65
N ASP JB 248 -22.56 -34.06 100.38
CA ASP JB 248 -21.18 -34.53 100.26
C ASP JB 248 -20.92 -34.90 98.81
N SER JB 249 -19.93 -34.25 98.20
CA SER JB 249 -19.54 -34.60 96.83
C SER JB 249 -18.98 -36.01 96.77
N LEU JB 250 -18.58 -36.58 97.90
CA LEU JB 250 -18.10 -37.95 97.95
C LEU JB 250 -19.25 -38.91 98.20
N GLN JB 251 -19.24 -40.05 97.50
CA GLN JB 251 -20.17 -41.15 97.71
C GLN JB 251 -21.59 -40.81 97.25
N GLY JB 252 -21.83 -39.57 96.86
CA GLY JB 252 -23.12 -39.18 96.32
C GLY JB 252 -24.29 -39.42 97.25
N ARG JB 253 -24.12 -39.14 98.54
CA ARG JB 253 -25.17 -39.33 99.54
C ARG JB 253 -25.48 -38.02 100.21
N ILE JB 254 -26.78 -37.75 100.42
CA ILE JB 254 -27.24 -36.51 101.01
C ILE JB 254 -28.20 -36.86 102.14
N LEU JB 255 -28.04 -36.18 103.28
CA LEU JB 255 -28.89 -36.39 104.45
C LEU JB 255 -29.85 -35.21 104.55
N THR JB 256 -31.14 -35.53 104.64
CA THR JB 256 -32.18 -34.50 104.66
C THR JB 256 -32.61 -34.19 106.10
N SER JB 257 -33.29 -33.06 106.25
CA SER JB 257 -33.79 -32.67 107.57
C SER JB 257 -34.87 -33.63 108.07
N SER JB 258 -35.51 -34.37 107.17
CA SER JB 258 -36.51 -35.36 107.55
C SER JB 258 -35.89 -36.68 107.99
N GLY JB 259 -34.57 -36.72 108.20
CA GLY JB 259 -33.93 -37.96 108.57
C GLY JB 259 -33.91 -39.02 107.49
N GLN JB 260 -33.79 -38.61 106.23
CA GLN JB 260 -33.75 -39.53 105.11
C GLN JB 260 -32.48 -39.35 104.29
N VAL JB 261 -32.22 -40.33 103.43
CA VAL JB 261 -31.02 -40.37 102.60
C VAL JB 261 -31.44 -40.29 101.14
N ILE JB 262 -30.81 -39.40 100.38
CA ILE JB 262 -31.00 -39.28 98.94
C ILE JB 262 -29.67 -39.62 98.26
N LYS JB 263 -29.72 -40.53 97.31
CA LYS JB 263 -28.51 -41.04 96.68
C LYS JB 263 -28.75 -41.24 95.19
N PHE JB 264 -27.66 -41.28 94.44
CA PHE JB 264 -27.72 -41.56 93.02
C PHE JB 264 -28.46 -42.87 92.75
N SER JB 265 -29.00 -42.99 91.55
CA SER JB 265 -29.56 -44.27 91.13
C SER JB 265 -28.44 -45.30 91.05
N GLN JB 266 -28.68 -46.48 91.63
CA GLN JB 266 -27.65 -47.51 91.65
C GLN JB 266 -27.30 -47.94 90.23
N GLU JB 267 -28.31 -48.21 89.41
CA GLU JB 267 -28.05 -48.58 88.02
C GLU JB 267 -27.54 -47.39 87.22
N ASP JB 268 -28.09 -46.21 87.47
CA ASP JB 268 -27.72 -45.00 86.74
C ASP JB 268 -26.86 -44.13 87.64
N SER JB 269 -25.54 -44.38 87.62
CA SER JB 269 -24.59 -43.60 88.40
C SER JB 269 -23.24 -43.53 87.70
N GLN KB 791 20.55 -44.49 109.26
CA GLN KB 791 20.41 -43.08 109.61
C GLN KB 791 20.58 -42.19 108.37
N GLN KB 792 21.81 -42.17 107.86
CA GLN KB 792 22.11 -41.39 106.66
C GLN KB 792 21.48 -41.96 105.40
N GLU KB 793 21.00 -43.21 105.45
CA GLU KB 793 20.50 -43.89 104.27
C GLU KB 793 19.23 -43.27 103.72
N ILE KB 794 18.56 -42.40 104.49
CA ILE KB 794 17.27 -41.86 104.05
C ILE KB 794 17.44 -41.01 102.80
N GLN KB 795 18.46 -40.14 102.78
CA GLN KB 795 18.59 -39.15 101.72
C GLN KB 795 18.71 -39.80 100.36
N GLN KB 796 19.63 -40.75 100.22
CA GLN KB 796 19.73 -41.50 98.97
C GLN KB 796 18.44 -42.28 98.70
N ARG KB 797 17.86 -42.88 99.74
CA ARG KB 797 16.56 -43.51 99.59
C ARG KB 797 15.48 -42.51 99.23
N THR KB 798 15.69 -41.22 99.50
CA THR KB 798 14.71 -40.19 99.20
C THR KB 798 14.99 -39.47 97.88
N SER KB 799 16.26 -39.32 97.51
CA SER KB 799 16.59 -38.58 96.30
C SER KB 799 16.06 -39.29 95.05
N ASP KB 800 16.21 -40.61 94.98
CA ASP KB 800 15.79 -41.34 93.79
C ASP KB 800 14.29 -41.25 93.60
N MET KB 801 13.51 -41.54 94.64
CA MET KB 801 12.07 -41.44 94.53
C MET KB 801 11.62 -40.03 94.23
N LEU KB 802 12.38 -39.04 94.69
CA LEU KB 802 12.11 -37.66 94.31
C LEU KB 802 12.14 -37.49 92.80
N THR KB 803 13.21 -37.97 92.18
CA THR KB 803 13.32 -37.93 90.72
C THR KB 803 12.21 -38.75 90.08
N ALA KB 804 11.95 -39.94 90.60
CA ALA KB 804 10.90 -40.78 90.04
C ALA KB 804 9.54 -40.12 90.17
N ALA KB 805 9.25 -39.55 91.33
CA ALA KB 805 7.95 -38.90 91.51
C ALA KB 805 7.85 -37.62 90.70
N THR KB 806 8.88 -36.77 90.74
CA THR KB 806 8.86 -35.58 89.90
C THR KB 806 8.82 -35.94 88.43
N GLN KB 807 9.24 -37.16 88.07
CA GLN KB 807 8.99 -37.66 86.73
C GLN KB 807 7.51 -37.94 86.53
N LEU KB 808 6.89 -38.61 87.50
CA LEU KB 808 5.53 -39.10 87.31
C LEU KB 808 4.49 -37.98 87.37
N VAL KB 809 4.78 -36.91 88.10
CA VAL KB 809 3.76 -35.87 88.31
C VAL KB 809 3.37 -35.24 86.97
N GLN KB 810 4.37 -34.89 86.15
CA GLN KB 810 4.07 -34.38 84.83
C GLN KB 810 3.53 -35.49 83.93
N ASP KB 811 3.90 -36.74 84.20
CA ASP KB 811 3.42 -37.85 83.40
C ASP KB 811 1.90 -37.94 83.45
N TRP KB 812 1.32 -37.78 84.64
CA TRP KB 812 -0.14 -37.72 84.73
C TRP KB 812 -0.67 -36.37 84.28
N LYS KB 813 0.12 -35.31 84.44
CA LYS KB 813 -0.38 -33.96 84.20
C LYS KB 813 -0.71 -33.73 82.73
N GLN KB 814 0.23 -34.06 81.84
CA GLN KB 814 0.07 -33.67 80.44
C GLN KB 814 -1.02 -34.50 79.77
N VAL KB 815 -1.71 -33.88 78.81
CA VAL KB 815 -2.71 -34.54 78.01
C VAL KB 815 -2.90 -33.76 76.72
N GLU KB 816 -2.91 -34.46 75.59
CA GLU KB 816 -3.02 -33.82 74.29
C GLU KB 816 -4.48 -33.77 73.85
N THR KB 817 -4.68 -33.36 72.60
CA THR KB 817 -6.02 -33.13 72.06
C THR KB 817 -6.36 -34.16 70.99
N GLN KB 818 -7.66 -34.39 70.82
CA GLN KB 818 -8.16 -35.30 69.81
C GLN KB 818 -7.99 -34.69 68.42
N VAL KB 819 -8.17 -35.54 67.40
CA VAL KB 819 -8.08 -35.12 66.01
C VAL KB 819 -9.40 -35.50 65.32
N TYR KB 820 -9.96 -34.55 64.58
CA TYR KB 820 -11.19 -34.77 63.83
C TYR KB 820 -10.87 -34.89 62.34
N THR KB 821 -11.41 -35.93 61.71
CA THR KB 821 -11.13 -36.25 60.32
C THR KB 821 -12.42 -36.20 59.52
N GLU KB 822 -12.35 -35.59 58.34
CA GLU KB 822 -13.49 -35.53 57.44
C GLU KB 822 -13.44 -36.67 56.44
N GLY KB 823 -14.48 -36.77 55.63
CA GLY KB 823 -14.58 -37.83 54.63
C GLY KB 823 -15.51 -37.50 53.48
N THR KB 824 -15.02 -37.68 52.26
CA THR KB 824 -15.83 -37.43 51.08
C THR KB 824 -15.35 -38.29 49.90
N ALA LB 104 47.20 -76.12 81.84
CA ALA LB 104 47.58 -75.08 80.91
C ALA LB 104 46.46 -74.80 79.92
N GLU LB 105 45.30 -75.39 80.17
CA GLU LB 105 44.14 -75.25 79.30
C GLU LB 105 42.92 -74.71 80.00
N VAL LB 106 42.74 -75.03 81.28
CA VAL LB 106 41.60 -74.53 82.04
C VAL LB 106 41.61 -73.01 82.13
N ILE LB 107 42.78 -72.39 81.97
CA ILE LB 107 42.86 -70.94 81.93
C ILE LB 107 42.01 -70.39 80.79
N ASP LB 108 42.05 -71.05 79.64
CA ASP LB 108 41.26 -70.60 78.49
C ASP LB 108 39.77 -70.64 78.79
N LYS LB 109 39.31 -71.72 79.43
CA LYS LB 109 37.88 -71.83 79.72
C LYS LB 109 37.48 -70.86 80.83
N LYS LB 110 38.36 -70.61 81.80
CA LYS LB 110 38.07 -69.58 82.80
C LYS LB 110 37.96 -68.21 82.15
N ALA LB 111 38.85 -67.91 81.19
CA ALA LB 111 38.76 -66.66 80.45
C ALA LB 111 37.44 -66.58 79.68
N PHE LB 112 37.04 -67.69 79.07
CA PHE LB 112 35.76 -67.71 78.36
C PHE LB 112 34.60 -67.45 79.31
N LYS LB 113 34.64 -68.07 80.48
CA LYS LB 113 33.58 -67.86 81.47
C LYS LB 113 33.53 -66.39 81.89
N ASP LB 114 34.69 -65.80 82.15
CA ASP LB 114 34.73 -64.41 82.59
C ASP LB 114 34.22 -63.48 81.51
N MET LB 115 34.63 -63.69 80.26
CA MET LB 115 34.15 -62.80 79.19
C MET LB 115 32.66 -63.02 78.92
N THR LB 116 32.17 -64.25 79.06
CA THR LB 116 30.73 -64.48 78.95
C THR LB 116 29.98 -63.75 80.04
N ARG LB 117 30.51 -63.76 81.26
CA ARG LB 117 29.90 -63.02 82.35
C ARG LB 117 29.89 -61.54 82.05
N ASN LB 118 30.99 -61.01 81.50
CA ASN LB 118 31.04 -59.61 81.12
C ASN LB 118 30.01 -59.28 80.05
N LEU LB 119 29.86 -60.16 79.06
CA LEU LB 119 28.89 -59.95 78.00
C LEU LB 119 27.47 -59.92 78.55
N TYR LB 120 27.12 -60.92 79.36
CA TYR LB 120 25.76 -61.09 79.87
C TYR LB 120 25.81 -61.23 81.39
N PRO LB 121 25.94 -60.13 82.12
CA PRO LB 121 25.78 -60.20 83.58
C PRO LB 121 24.39 -60.59 84.01
N LEU LB 122 23.39 -60.49 83.14
CA LEU LB 122 22.02 -60.85 83.45
C LEU LB 122 21.66 -62.14 82.73
N ASN LB 123 21.12 -63.09 83.48
CA ASN LB 123 20.71 -64.35 82.89
C ASN LB 123 19.32 -64.22 82.27
N PRO LB 124 18.97 -65.10 81.32
CA PRO LB 124 17.68 -64.96 80.63
C PRO LB 124 16.47 -64.95 81.55
N GLU LB 125 16.47 -65.78 82.59
CA GLU LB 125 15.33 -65.76 83.51
C GLU LB 125 15.29 -64.45 84.29
N GLN LB 126 16.45 -63.89 84.60
CA GLN LB 126 16.50 -62.57 85.22
C GLN LB 126 15.93 -61.52 84.29
N VAL LB 127 16.22 -61.64 82.99
CA VAL LB 127 15.64 -60.74 82.00
C VAL LB 127 14.13 -60.86 82.00
N VAL LB 128 13.64 -62.10 82.04
CA VAL LB 128 12.19 -62.32 82.06
C VAL LB 128 11.56 -61.69 83.30
N LYS LB 129 12.21 -61.87 84.45
CA LYS LB 129 11.69 -61.29 85.69
C LYS LB 129 11.69 -59.77 85.62
N LEU LB 130 12.73 -59.17 85.05
CA LEU LB 130 12.76 -57.74 84.86
C LEU LB 130 11.63 -57.27 83.96
N LYS LB 131 11.38 -58.02 82.88
CA LYS LB 131 10.25 -57.69 82.02
C LYS LB 131 8.94 -57.75 82.80
N GLN LB 132 8.78 -58.78 83.61
CA GLN LB 132 7.54 -58.95 84.37
C GLN LB 132 7.33 -57.79 85.35
N ILE LB 133 8.37 -57.42 86.09
CA ILE LB 133 8.22 -56.33 87.04
C ILE LB 133 7.99 -55.01 86.31
N TYR LB 134 8.60 -54.84 85.15
CA TYR LB 134 8.34 -53.67 84.32
C TYR LB 134 6.88 -53.60 83.91
N GLU LB 135 6.31 -54.73 83.49
CA GLU LB 135 4.91 -54.75 83.11
C GLU LB 135 4.00 -54.47 84.30
N THR LB 136 4.31 -55.04 85.46
CA THR LB 136 3.52 -54.76 86.65
C THR LB 136 3.58 -53.28 87.01
N SER LB 137 4.77 -52.69 86.93
CA SER LB 137 4.93 -51.28 87.26
C SER LB 137 4.10 -50.40 86.32
N GLU LB 138 4.16 -50.68 85.03
CA GLU LB 138 3.39 -49.85 84.10
C GLU LB 138 1.90 -50.08 84.24
N TYR LB 139 1.48 -51.31 84.58
CA TYR LB 139 0.08 -51.55 84.85
C TYR LB 139 -0.40 -50.75 86.05
N ALA LB 140 0.40 -50.75 87.13
CA ALA LB 140 0.05 -49.96 88.30
C ALA LB 140 0.02 -48.48 87.97
N LYS LB 141 0.93 -48.03 87.11
CA LYS LB 141 0.89 -46.65 86.65
C LYS LB 141 -0.42 -46.36 85.92
N ALA LB 142 -0.83 -47.26 85.04
CA ALA LB 142 -2.06 -47.08 84.28
C ALA LB 142 -3.32 -47.27 85.10
N ALA LB 143 -3.19 -47.80 86.32
CA ALA LB 143 -4.36 -47.99 87.18
C ALA LB 143 -5.05 -46.65 87.47
N THR LB 144 -6.40 -46.68 87.55
CA THR LB 144 -7.20 -45.48 87.69
C THR LB 144 -7.69 -45.31 89.12
N PRO LB 145 -7.85 -44.07 89.57
CA PRO LB 145 -8.38 -43.84 90.92
C PRO LB 145 -9.87 -44.15 91.00
N GLY LB 146 -10.28 -44.71 92.13
CA GLY LB 146 -11.68 -45.03 92.33
C GLY LB 146 -12.19 -46.00 91.28
N THR LB 147 -13.29 -45.64 90.64
CA THR LB 147 -13.85 -46.43 89.55
C THR LB 147 -14.19 -45.52 88.38
N PRO LB 148 -14.04 -46.02 87.16
CA PRO LB 148 -14.42 -45.22 85.99
C PRO LB 148 -15.91 -44.97 85.98
N PRO LB 149 -16.35 -43.83 85.45
CA PRO LB 149 -17.78 -43.55 85.37
C PRO LB 149 -18.47 -44.38 84.31
N LYS LB 150 -19.80 -44.26 84.28
CA LYS LB 150 -20.61 -45.06 83.36
C LYS LB 150 -20.93 -44.24 82.12
N PRO LB 151 -20.41 -44.62 80.96
CA PRO LB 151 -20.84 -43.96 79.72
C PRO LB 151 -22.29 -44.30 79.41
N THR LB 152 -22.98 -43.35 78.77
CA THR LB 152 -24.39 -43.53 78.51
C THR LB 152 -24.84 -42.64 77.35
N ALA LB 153 -26.04 -42.95 76.86
CA ALA LB 153 -26.75 -42.13 75.89
C ALA LB 153 -28.10 -41.78 76.49
N THR LB 154 -28.39 -40.48 76.55
CA THR LB 154 -29.64 -39.98 77.13
C THR LB 154 -30.26 -38.95 76.20
N SER LB 155 -31.58 -38.87 76.24
CA SER LB 155 -32.33 -37.91 75.44
C SER LB 155 -33.15 -37.03 76.39
N GLN LB 156 -32.84 -35.75 76.40
CA GLN LB 156 -33.47 -34.79 77.29
C GLN LB 156 -34.19 -33.72 76.48
N PHE LB 157 -35.41 -33.39 76.89
CA PHE LB 157 -36.15 -32.28 76.31
C PHE LB 157 -35.96 -31.07 77.21
N VAL LB 158 -35.53 -29.95 76.62
CA VAL LB 158 -35.21 -28.75 77.38
C VAL LB 158 -36.33 -27.74 77.20
N ASN LB 159 -36.81 -27.19 78.30
CA ASN LB 159 -37.86 -26.18 78.31
C ASN LB 159 -37.24 -24.81 78.49
N LEU LB 160 -37.75 -23.83 77.75
CA LEU LB 160 -37.18 -22.49 77.71
C LEU LB 160 -37.77 -21.54 78.74
N SER LB 161 -38.59 -22.04 79.65
CA SER LB 161 -39.14 -21.17 80.69
C SER LB 161 -38.02 -20.64 81.56
N PRO LB 162 -38.12 -19.40 82.04
CA PRO LB 162 -37.05 -18.85 82.89
C PRO LB 162 -36.83 -19.61 84.17
N GLY LB 163 -37.84 -20.32 84.68
CA GLY LB 163 -37.66 -21.08 85.91
C GLY LB 163 -37.02 -22.43 85.72
N SER LB 164 -36.98 -22.94 84.49
CA SER LB 164 -36.40 -24.24 84.24
C SER LB 164 -34.90 -24.24 84.52
N THR LB 165 -34.42 -25.32 85.13
CA THR LB 165 -33.00 -25.44 85.39
C THR LB 165 -32.24 -25.72 84.10
N PRO LB 166 -31.03 -25.17 83.95
CA PRO LB 166 -30.29 -25.37 82.71
C PRO LB 166 -29.84 -26.81 82.56
N PRO LB 167 -29.67 -27.28 81.33
CA PRO LB 167 -29.15 -28.64 81.13
C PRO LB 167 -27.72 -28.77 81.62
N VAL LB 168 -27.51 -29.74 82.53
CA VAL LB 168 -26.22 -30.01 83.12
C VAL LB 168 -25.63 -31.24 82.45
N ILE LB 169 -24.42 -31.12 81.91
CA ILE LB 169 -23.78 -32.17 81.13
C ILE LB 169 -22.55 -32.64 81.87
N ARG LB 170 -22.54 -33.92 82.25
CA ARG LB 170 -21.39 -34.51 82.92
C ARG LB 170 -20.30 -34.85 81.91
N LEU LB 171 -19.05 -34.59 82.28
CA LEU LB 171 -17.91 -34.75 81.39
C LEU LB 171 -16.85 -35.60 82.04
N SER LB 172 -15.96 -36.13 81.22
CA SER LB 172 -14.85 -36.95 81.69
C SER LB 172 -13.57 -36.51 80.98
N GLN LB 173 -12.44 -36.70 81.65
CA GLN LB 173 -11.16 -36.25 81.12
C GLN LB 173 -10.69 -37.19 80.02
N GLY LB 174 -10.28 -36.61 78.89
CA GLY LB 174 -9.68 -37.37 77.83
C GLY LB 174 -10.64 -38.13 76.95
N PHE LB 175 -11.94 -37.98 77.15
CA PHE LB 175 -12.93 -38.70 76.36
C PHE LB 175 -13.85 -37.72 75.65
N VAL LB 176 -14.69 -38.27 74.77
CA VAL LB 176 -15.49 -37.47 73.84
C VAL LB 176 -16.96 -37.61 74.21
N SER LB 177 -17.62 -36.48 74.41
CA SER LB 177 -19.06 -36.43 74.61
C SER LB 177 -19.70 -35.85 73.35
N SER LB 178 -20.70 -36.53 72.83
CA SER LB 178 -21.39 -36.12 71.60
C SER LB 178 -22.80 -35.66 71.94
N LEU LB 179 -23.13 -34.44 71.51
CA LEU LB 179 -24.45 -33.89 71.73
C LEU LB 179 -25.07 -33.51 70.39
N VAL LB 180 -26.35 -33.82 70.24
CA VAL LB 180 -27.07 -33.56 69.00
C VAL LB 180 -28.37 -32.82 69.32
N PHE LB 181 -28.65 -31.78 68.54
CA PHE LB 181 -29.84 -30.96 68.73
C PHE LB 181 -30.95 -31.44 67.80
N LEU LB 182 -32.12 -31.67 68.37
CA LEU LB 182 -33.32 -32.04 67.64
C LEU LB 182 -34.47 -31.16 68.11
N ASP LB 183 -35.50 -31.04 67.27
CA ASP LB 183 -36.66 -30.23 67.62
C ASP LB 183 -37.54 -31.01 68.59
N SER LB 184 -38.76 -30.51 68.81
CA SER LB 184 -39.71 -31.23 69.63
C SER LB 184 -40.00 -32.61 69.05
N THR LB 185 -40.12 -32.69 67.72
CA THR LB 185 -40.41 -33.95 67.05
C THR LB 185 -39.17 -34.77 66.75
N GLY LB 186 -37.98 -34.31 67.14
CA GLY LB 186 -36.75 -35.01 66.87
C GLY LB 186 -36.05 -34.63 65.59
N ALA LB 187 -36.61 -33.69 64.83
CA ALA LB 187 -35.95 -33.23 63.61
C ALA LB 187 -34.73 -32.38 63.99
N PRO LB 188 -33.54 -32.70 63.48
CA PRO LB 188 -32.35 -31.94 63.86
C PRO LB 188 -32.43 -30.48 63.43
N TRP LB 189 -31.94 -29.60 64.29
CA TRP LB 189 -31.86 -28.18 63.99
C TRP LB 189 -30.39 -27.76 63.94
N PRO LB 190 -29.83 -27.51 62.75
CA PRO LB 190 -28.41 -27.16 62.66
C PRO LB 190 -28.07 -25.89 63.44
N ILE LB 191 -26.83 -25.85 63.92
CA ILE LB 191 -26.37 -24.80 64.82
C ILE LB 191 -25.78 -23.67 63.98
N ALA LB 192 -26.32 -22.46 64.15
CA ALA LB 192 -25.74 -21.31 63.47
C ALA LB 192 -24.38 -20.97 64.03
N ALA LB 193 -24.27 -20.89 65.36
CA ALA LB 193 -23.01 -20.53 65.99
C ALA LB 193 -23.03 -20.95 67.45
N TYR LB 194 -21.87 -20.82 68.10
CA TYR LB 194 -21.74 -21.18 69.50
C TYR LB 194 -20.69 -20.30 70.15
N ASP LB 195 -20.76 -20.25 71.48
CA ASP LB 195 -19.78 -19.54 72.30
C ASP LB 195 -19.50 -20.38 73.54
N LEU LB 196 -18.23 -20.47 73.92
CA LEU LB 196 -17.78 -21.35 74.99
C LEU LB 196 -17.04 -20.55 76.05
N GLY LB 197 -17.25 -20.90 77.32
CA GLY LB 197 -16.43 -20.40 78.39
C GLY LB 197 -15.27 -21.34 78.70
N ASP LB 198 -14.15 -20.75 79.11
CA ASP LB 198 -12.93 -21.49 79.45
C ASP LB 198 -12.51 -22.44 78.33
N PRO LB 199 -11.99 -21.94 77.23
CA PRO LB 199 -11.44 -22.84 76.20
C PRO LB 199 -10.34 -23.75 76.70
N SER LB 200 -9.57 -23.31 77.71
CA SER LB 200 -8.46 -24.11 78.20
C SER LB 200 -8.90 -25.44 78.80
N SER LB 201 -10.15 -25.54 79.23
CA SER LB 201 -10.65 -26.74 79.88
C SER LB 201 -11.44 -27.66 78.96
N PHE LB 202 -11.79 -27.21 77.75
CA PHE LB 202 -12.64 -28.01 76.88
C PHE LB 202 -12.19 -27.83 75.44
N ASN LB 203 -12.16 -28.94 74.70
CA ASN LB 203 -11.88 -28.93 73.27
C ASN LB 203 -13.11 -29.35 72.51
N ILE LB 204 -13.43 -28.61 71.45
CA ILE LB 204 -14.62 -28.87 70.64
C ILE LB 204 -14.19 -29.06 69.19
N GLN LB 205 -14.63 -30.16 68.59
CA GLN LB 205 -14.48 -30.41 67.16
C GLN LB 205 -15.85 -30.32 66.52
N TRP LB 206 -16.00 -29.42 65.56
CA TRP LB 206 -17.28 -29.26 64.87
C TRP LB 206 -17.05 -28.67 63.51
N ASP LB 207 -17.27 -29.47 62.46
CA ASP LB 207 -17.35 -28.92 61.11
C ASP LB 207 -18.53 -27.97 61.03
N LYS LB 208 -18.34 -26.85 60.33
CA LYS LB 208 -19.34 -25.79 60.32
C LYS LB 208 -20.68 -26.25 59.78
N THR LB 209 -20.69 -27.27 58.94
CA THR LB 209 -21.89 -27.70 58.25
C THR LB 209 -22.76 -28.65 59.06
N SER LB 210 -22.28 -29.15 60.19
CA SER LB 210 -23.01 -30.15 60.96
C SER LB 210 -23.64 -29.52 62.19
N ASN LB 211 -24.47 -30.31 62.88
CA ASN LB 211 -25.07 -29.90 64.14
C ASN LB 211 -24.53 -30.67 65.34
N THR LB 212 -24.06 -31.90 65.14
CA THR LB 212 -23.57 -32.71 66.23
C THR LB 212 -22.22 -32.17 66.71
N LEU LB 213 -22.08 -32.03 68.03
CA LEU LB 213 -20.89 -31.47 68.62
C LEU LB 213 -20.18 -32.53 69.45
N MET LB 214 -18.91 -32.74 69.16
CA MET LB 214 -18.05 -33.67 69.89
C MET LB 214 -17.08 -32.85 70.71
N ILE LB 215 -17.14 -33.02 72.04
CA ILE LB 215 -16.39 -32.19 72.97
C ILE LB 215 -15.50 -33.10 73.81
N GLN LB 216 -14.25 -32.70 73.99
CA GLN LB 216 -13.31 -33.40 74.86
C GLN LB 216 -12.88 -32.48 75.98
N ALA LB 217 -13.05 -32.94 77.21
CA ALA LB 217 -12.69 -32.13 78.38
C ALA LB 217 -11.17 -32.12 78.54
N THR LB 218 -10.62 -30.92 78.73
CA THR LB 218 -9.18 -30.75 78.91
C THR LB 218 -8.76 -30.71 80.37
N LYS LB 219 -9.65 -30.26 81.26
CA LYS LB 219 -9.37 -30.20 82.68
C LYS LB 219 -10.14 -31.30 83.41
N LEU LB 220 -10.07 -31.25 84.74
CA LEU LB 220 -10.62 -32.32 85.57
C LEU LB 220 -11.92 -31.94 86.26
N TYR LB 221 -11.94 -30.85 87.00
CA TYR LB 221 -13.11 -30.49 87.82
C TYR LB 221 -13.42 -28.99 87.67
N ASN LB 222 -13.47 -28.52 86.43
CA ASN LB 222 -13.78 -27.11 86.16
C ASN LB 222 -14.95 -27.05 85.20
N TYR LB 223 -16.03 -26.41 85.63
CA TYR LB 223 -17.26 -26.35 84.86
C TYR LB 223 -17.42 -25.01 84.17
N GLY LB 224 -18.05 -25.04 83.00
CA GLY LB 224 -18.19 -23.86 82.17
C GLY LB 224 -19.59 -23.77 81.58
N ASN LB 225 -19.80 -22.69 80.83
CA ASN LB 225 -21.09 -22.40 80.21
C ASN LB 225 -20.93 -22.33 78.69
N LEU LB 226 -21.96 -22.81 77.99
CA LEU LB 226 -21.98 -22.86 76.54
C LEU LB 226 -23.27 -22.25 76.03
N ALA LB 227 -23.16 -21.36 75.05
CA ALA LB 227 -24.30 -20.76 74.39
C ALA LB 227 -24.34 -21.22 72.93
N VAL LB 228 -25.54 -21.48 72.44
CA VAL LB 228 -25.75 -21.97 71.08
C VAL LB 228 -26.85 -21.15 70.43
N ARG LB 229 -26.60 -20.70 69.21
CA ARG LB 229 -27.61 -20.05 68.38
C ARG LB 229 -27.87 -20.92 67.16
N LEU LB 230 -29.15 -21.17 66.89
CA LEU LB 230 -29.55 -22.04 65.81
C LEU LB 230 -29.89 -21.22 64.57
N ARG LB 231 -30.37 -21.90 63.53
CA ARG LB 231 -30.63 -21.23 62.25
C ARG LB 231 -31.77 -20.22 62.38
N GLY LB 232 -32.96 -20.69 62.73
CA GLY LB 232 -34.12 -19.84 62.88
C GLY LB 232 -34.44 -19.45 64.31
N LEU LB 233 -33.55 -19.69 65.26
CA LEU LB 233 -33.81 -19.43 66.66
C LEU LB 233 -33.19 -18.09 67.06
N ASN LB 234 -34.01 -17.22 67.67
CA ASN LB 234 -33.51 -15.97 68.22
C ASN LB 234 -33.08 -16.09 69.67
N THR LB 235 -33.72 -16.97 70.43
CA THR LB 235 -33.36 -17.17 71.82
C THR LB 235 -32.16 -18.10 71.94
N PRO LB 236 -31.10 -17.68 72.62
CA PRO LB 236 -29.92 -18.55 72.75
C PRO LB 236 -30.20 -19.74 73.66
N VAL LB 237 -29.34 -20.74 73.56
CA VAL LB 237 -29.43 -21.96 74.36
C VAL LB 237 -28.24 -21.99 75.30
N MET LB 238 -28.50 -22.05 76.59
CA MET LB 238 -27.48 -22.05 77.63
C MET LB 238 -27.38 -23.43 78.24
N LEU LB 239 -26.16 -23.95 78.33
CA LEU LB 239 -25.91 -25.28 78.90
C LEU LB 239 -24.72 -25.20 79.82
N THR LB 240 -24.79 -25.89 80.96
CA THR LB 240 -23.69 -25.92 81.91
C THR LB 240 -23.00 -27.29 81.82
N LEU LB 241 -21.69 -27.27 81.65
CA LEU LB 241 -20.91 -28.48 81.44
C LEU LB 241 -19.92 -28.63 82.58
N ILE LB 242 -19.99 -29.75 83.29
CA ILE LB 242 -19.14 -30.00 84.46
C ILE LB 242 -18.49 -31.36 84.33
N PRO LB 243 -17.18 -31.47 84.45
CA PRO LB 243 -16.51 -32.77 84.40
C PRO LB 243 -16.36 -33.38 85.79
N GLY LB 244 -15.96 -34.66 85.79
CA GLY LB 244 -15.62 -35.34 87.02
C GLY LB 244 -16.80 -35.79 87.87
N GLN LB 245 -17.60 -36.71 87.34
CA GLN LB 245 -18.68 -37.32 88.10
C GLN LB 245 -18.76 -38.79 87.74
N LYS LB 246 -19.35 -39.57 88.66
CA LYS LB 246 -19.41 -41.02 88.50
C LYS LB 246 -20.31 -41.46 87.35
N ALA LB 247 -21.09 -40.56 86.77
CA ALA LB 247 -21.83 -40.82 85.55
C ALA LB 247 -21.32 -39.89 84.46
N VAL LB 248 -20.98 -40.45 83.30
CA VAL LB 248 -20.48 -39.68 82.17
C VAL LB 248 -21.43 -39.87 81.00
N ASP LB 249 -21.90 -38.77 80.43
CA ASP LB 249 -22.87 -38.79 79.34
C ASP LB 249 -22.11 -38.77 78.02
N TYR LB 250 -21.96 -39.94 77.39
CA TYR LB 250 -21.36 -39.97 76.07
C TYR LB 250 -22.24 -39.25 75.05
N ARG LB 251 -23.51 -39.61 75.00
CA ARG LB 251 -24.41 -39.06 73.99
C ARG LB 251 -25.56 -38.35 74.68
N VAL LB 252 -25.83 -37.12 74.26
CA VAL LB 252 -26.95 -36.34 74.78
C VAL LB 252 -27.73 -35.79 73.59
N ASP LB 253 -29.03 -36.11 73.55
CA ASP LB 253 -29.92 -35.66 72.48
C ASP LB 253 -30.88 -34.64 73.06
N LEU LB 254 -30.71 -33.38 72.68
CA LEU LB 254 -31.47 -32.28 73.27
C LEU LB 254 -32.62 -31.90 72.36
N ARG LB 255 -33.83 -31.98 72.89
CA ARG LB 255 -35.05 -31.63 72.17
C ARG LB 255 -35.47 -30.21 72.54
N VAL LB 256 -35.77 -29.43 71.50
CA VAL LB 256 -36.15 -28.03 71.66
C VAL LB 256 -37.66 -27.90 71.53
N GLN LB 257 -38.22 -27.01 72.34
CA GLN LB 257 -39.67 -26.79 72.31
C GLN LB 257 -40.15 -26.27 70.95
N GLY LB 258 -39.27 -25.69 70.15
CA GLY LB 258 -39.62 -25.23 68.83
C GLY LB 258 -39.46 -26.31 67.78
N TYR LB 259 -39.70 -25.93 66.54
CA TYR LB 259 -39.59 -26.83 65.40
C TYR LB 259 -38.26 -26.63 64.70
N GLY LB 260 -37.81 -27.68 64.01
CA GLY LB 260 -36.57 -27.64 63.28
C GLY LB 260 -36.77 -27.13 61.87
N PRO LB 261 -35.67 -27.02 61.11
CA PRO LB 261 -35.80 -26.62 59.70
C PRO LB 261 -36.66 -27.59 58.90
N ASN LB 262 -36.57 -28.89 59.20
CA ASN LB 262 -37.44 -29.85 58.53
C ASN LB 262 -38.89 -29.62 58.93
N ALA LB 263 -39.16 -29.46 60.22
CA ALA LB 263 -40.45 -29.03 60.75
C ALA LB 263 -41.57 -29.98 60.31
N LYS LB 264 -41.49 -31.21 60.81
CA LYS LB 264 -42.51 -32.22 60.57
C LYS LB 264 -43.46 -32.27 61.75
N SER LB 265 -44.75 -32.20 61.46
CA SER LB 265 -45.80 -32.26 62.48
C SER LB 265 -46.73 -33.43 62.18
N MET LB 266 -47.25 -34.05 63.24
CA MET LB 266 -48.10 -35.21 63.09
C MET LB 266 -49.58 -34.82 63.05
N PRO LB 267 -50.37 -35.49 62.23
CA PRO LB 267 -51.82 -35.22 62.19
C PRO LB 267 -52.60 -36.05 63.21
N THR LB 268 -51.92 -36.55 64.24
CA THR LB 268 -52.52 -37.50 65.18
C THR LB 268 -53.84 -37.01 65.77
N GLU LB 269 -54.07 -35.71 65.82
CA GLU LB 269 -55.34 -35.16 66.26
C GLU LB 269 -56.03 -34.46 65.11
N GLU LB 270 -57.33 -34.71 64.95
CA GLU LB 270 -58.11 -34.15 63.86
C GLU LB 270 -58.95 -32.96 64.28
N GLY LB 271 -59.80 -33.15 65.28
CA GLY LB 271 -60.68 -32.10 65.75
C GLY LB 271 -62.13 -32.36 65.38
N ILE LB 272 -63.01 -31.59 66.01
CA ILE LB 272 -64.45 -31.76 65.79
C ILE LB 272 -64.81 -31.29 64.40
N PRO LB 273 -65.58 -32.05 63.62
CA PRO LB 273 -66.01 -31.58 62.32
C PRO LB 273 -66.88 -30.34 62.47
N PRO LB 274 -66.84 -29.45 61.48
CA PRO LB 274 -67.70 -28.27 61.53
C PRO LB 274 -69.17 -28.66 61.57
N SER LB 275 -69.97 -27.85 62.25
CA SER LB 275 -71.38 -28.17 62.47
C SER LB 275 -72.19 -28.09 61.18
N ALA LB 276 -72.22 -26.93 60.55
CA ALA LB 276 -73.08 -26.73 59.39
C ALA LB 276 -72.69 -25.43 58.70
N ASN LB 277 -73.10 -25.31 57.44
CA ASN LB 277 -72.87 -24.08 56.69
C ASN LB 277 -73.93 -23.05 57.06
N ASP LB 278 -73.47 -21.86 57.43
CA ASP LB 278 -74.37 -20.79 57.82
C ASP LB 278 -75.25 -20.32 56.67
N LEU LB 279 -74.85 -20.61 55.43
CA LEU LB 279 -75.70 -20.27 54.29
C LEU LB 279 -77.06 -20.95 54.38
N LEU LB 280 -77.10 -22.11 55.02
CA LEU LB 280 -78.35 -22.85 55.15
C LEU LB 280 -79.42 -22.07 55.91
N LEU LB 281 -79.01 -21.14 56.78
CA LEU LB 281 -80.01 -20.32 57.47
C LEU LB 281 -80.77 -19.45 56.49
N HIS LB 282 -80.04 -18.71 55.66
CA HIS LB 282 -80.68 -17.93 54.61
C HIS LB 282 -81.46 -18.83 53.65
N VAL LB 283 -80.94 -20.02 53.39
CA VAL LB 283 -81.64 -20.95 52.51
C VAL LB 283 -82.99 -21.31 53.09
N LEU LB 284 -83.01 -21.74 54.36
CA LEU LB 284 -84.26 -22.13 55.00
C LEU LB 284 -85.22 -20.96 55.05
N GLU LB 285 -84.72 -19.76 55.30
CA GLU LB 285 -85.59 -18.60 55.29
C GLU LB 285 -86.19 -18.37 53.91
N GLY LB 286 -85.39 -18.58 52.86
CA GLY LB 286 -85.79 -18.26 51.50
C GLY LB 286 -84.94 -17.20 50.84
N VAL LB 287 -83.90 -16.71 51.51
CA VAL LB 287 -83.00 -15.73 50.91
C VAL LB 287 -82.02 -16.46 50.00
N PRO LB 288 -81.99 -16.12 48.71
CA PRO LB 288 -81.03 -16.75 47.80
C PRO LB 288 -79.61 -16.42 48.24
N PRO LB 289 -78.68 -17.37 48.11
CA PRO LB 289 -77.31 -17.11 48.51
C PRO LB 289 -76.68 -16.07 47.61
N PRO LB 290 -75.79 -15.23 48.14
CA PRO LB 290 -75.10 -14.26 47.29
C PRO LB 290 -74.18 -14.93 46.30
N GLY LB 291 -74.08 -14.34 45.11
CA GLY LB 291 -73.19 -14.86 44.09
C GLY LB 291 -73.67 -16.10 43.38
N SER LB 292 -74.91 -16.53 43.64
CA SER LB 292 -75.47 -17.71 43.01
C SER LB 292 -76.53 -17.30 41.99
N ARG LB 293 -77.08 -18.30 41.31
CA ARG LB 293 -78.10 -18.08 40.30
C ARG LB 293 -79.23 -19.08 40.49
N ARG LB 294 -80.42 -18.70 40.02
CA ARG LB 294 -81.60 -19.54 40.20
C ARG LB 294 -81.53 -20.75 39.27
N LEU LB 295 -82.42 -21.70 39.55
CA LEU LB 295 -82.52 -22.93 38.76
C LEU LB 295 -83.96 -23.15 38.32
N VAL LB 296 -84.25 -24.34 37.79
CA VAL LB 296 -85.59 -24.67 37.32
C VAL LB 296 -86.07 -25.91 38.07
N VAL LB 297 -87.26 -25.82 38.65
CA VAL LB 297 -87.87 -26.91 39.39
C VAL LB 297 -89.30 -27.08 38.90
N SER LB 298 -89.68 -28.31 38.60
CA SER LB 298 -91.04 -28.61 38.17
C SER LB 298 -91.50 -29.90 38.84
N GLY LB 299 -92.82 -30.02 38.98
CA GLY LB 299 -93.42 -31.18 39.61
C GLY LB 299 -93.91 -30.97 41.02
N GLY LB 300 -93.55 -29.86 41.65
CA GLY LB 300 -93.98 -29.63 43.02
C GLY LB 300 -93.63 -28.23 43.48
N ASP LB 301 -93.65 -28.05 44.80
CA ASP LB 301 -93.32 -26.76 45.41
C ASP LB 301 -91.93 -26.86 46.02
N ALA LB 302 -90.93 -26.34 45.31
CA ALA LB 302 -89.56 -26.35 45.79
C ALA LB 302 -88.78 -25.30 45.04
N ARG LB 303 -87.69 -24.85 45.66
CA ARG LB 303 -86.81 -23.88 45.05
C ARG LB 303 -85.38 -24.37 45.15
N ALA LB 304 -84.56 -24.00 44.18
CA ALA LB 304 -83.20 -24.50 44.08
C ALA LB 304 -82.24 -23.39 43.71
N TRP LB 305 -80.98 -23.56 44.09
CA TRP LB 305 -79.92 -22.63 43.76
C TRP LB 305 -78.62 -23.38 43.59
N LEU LB 306 -77.72 -22.80 42.81
CA LEU LB 306 -76.38 -23.35 42.58
C LEU LB 306 -75.37 -22.23 42.81
N SER LB 307 -74.44 -22.45 43.72
CA SER LB 307 -73.43 -21.46 44.04
C SER LB 307 -72.02 -21.92 43.77
N ASN LB 308 -71.62 -23.08 44.31
CA ASN LB 308 -70.25 -23.56 44.25
C ASN LB 308 -70.24 -25.04 43.85
N GLU LB 309 -70.95 -25.35 42.78
CA GLU LB 309 -71.10 -26.71 42.28
C GLU LB 309 -71.81 -27.61 43.29
N LYS LB 310 -72.53 -27.01 44.23
CA LYS LB 310 -73.36 -27.73 45.19
C LYS LB 310 -74.77 -27.18 45.11
N MET LB 311 -75.74 -28.07 45.02
CA MET LB 311 -77.13 -27.65 44.93
C MET LB 311 -77.69 -27.38 46.32
N TYR LB 312 -78.53 -26.35 46.41
CA TYR LB 312 -79.24 -26.01 47.62
C TYR LB 312 -80.73 -25.99 47.31
N VAL LB 313 -81.52 -26.67 48.13
CA VAL LB 313 -82.94 -26.86 47.86
C VAL LB 313 -83.73 -26.49 49.11
N ARG LB 314 -84.82 -25.76 48.91
CA ARG LB 314 -85.74 -25.38 49.98
C ARG LB 314 -87.13 -25.84 49.60
N THR LB 315 -87.78 -26.57 50.50
CA THR LB 315 -89.14 -27.05 50.26
C THR LB 315 -89.76 -27.45 51.59
N ASN LB 316 -90.91 -28.12 51.52
CA ASN LB 316 -91.50 -28.76 52.69
C ASN LB 316 -91.76 -30.24 52.45
N LEU LB 317 -91.34 -30.76 51.31
CA LEU LB 317 -91.47 -32.18 51.00
C LEU LB 317 -90.23 -32.92 51.53
N THR LB 318 -90.06 -34.18 51.12
CA THR LB 318 -88.95 -35.00 51.60
C THR LB 318 -88.21 -35.58 50.41
N ILE LB 319 -86.88 -35.46 50.42
CA ILE LB 319 -86.04 -35.92 49.33
C ILE LB 319 -85.57 -37.33 49.60
N LEU LB 320 -85.55 -38.16 48.57
CA LEU LB 320 -85.28 -39.59 48.72
C LEU LB 320 -84.04 -40.05 47.98
N SER LB 321 -83.93 -39.76 46.68
CA SER LB 321 -83.01 -40.49 45.82
C SER LB 321 -81.53 -40.22 46.11
N PRO LB 322 -81.00 -39.02 45.89
CA PRO LB 322 -79.54 -38.88 45.80
C PRO LB 322 -78.85 -38.78 47.14
N GLY LB 323 -79.56 -38.50 48.22
CA GLY LB 323 -78.91 -38.33 49.50
C GLY LB 323 -78.32 -36.95 49.64
N TRP LB 324 -78.57 -36.30 50.78
CA TRP LB 324 -78.11 -34.94 50.98
C TRP LB 324 -76.90 -34.91 51.90
N LEU LB 325 -76.23 -33.76 51.91
CA LEU LB 325 -75.03 -33.58 52.71
C LEU LB 325 -75.34 -32.90 54.04
N ALA LB 326 -76.02 -31.75 53.99
CA ALA LB 326 -76.38 -31.04 55.20
C ALA LB 326 -77.87 -30.73 55.18
N SER LB 327 -78.52 -30.89 56.32
CA SER LB 327 -79.97 -30.73 56.40
C SER LB 327 -80.35 -29.83 57.56
N MET LB 328 -81.34 -28.97 57.29
CA MET LB 328 -81.88 -28.03 58.25
C MET LB 328 -83.39 -28.14 58.29
N THR LB 329 -83.94 -28.14 59.49
CA THR LB 329 -85.38 -28.16 59.70
C THR LB 329 -85.82 -26.84 60.30
N SER LB 330 -87.02 -26.39 59.92
CA SER LB 330 -87.59 -25.18 60.48
C SER LB 330 -88.42 -25.53 61.70
N ALA LB 331 -89.17 -24.55 62.20
CA ALA LB 331 -90.20 -24.79 63.21
C ALA LB 331 -91.57 -24.96 62.58
N ASP LB 332 -91.66 -24.93 61.24
CA ASP LB 332 -92.93 -25.03 60.53
C ASP LB 332 -92.86 -26.06 59.42
N GLY LB 333 -92.09 -27.13 59.62
CA GLY LB 333 -92.05 -28.21 58.66
C GLY LB 333 -91.30 -27.91 57.38
N THR LB 334 -90.53 -26.84 57.32
CA THR LB 334 -89.77 -26.49 56.13
C THR LB 334 -88.40 -27.13 56.19
N HIS LB 335 -88.04 -27.87 55.14
CA HIS LB 335 -86.79 -28.58 55.06
C HIS LB 335 -85.88 -27.92 54.03
N ALA LB 336 -84.63 -27.69 54.41
CA ALA LB 336 -83.62 -27.16 53.51
C ALA LB 336 -82.44 -28.11 53.46
N TYR LB 337 -81.89 -28.31 52.27
CA TYR LB 337 -80.80 -29.25 52.09
C TYR LB 337 -79.71 -28.65 51.22
N GLU LB 338 -78.47 -28.98 51.56
CA GLU LB 338 -77.31 -28.70 50.72
C GLU LB 338 -76.66 -30.03 50.36
N MET LB 339 -76.45 -30.27 49.07
CA MET LB 339 -75.88 -31.54 48.65
C MET LB 339 -75.28 -31.41 47.26
N GLN LB 340 -74.90 -32.54 46.68
CA GLN LB 340 -74.26 -32.60 45.39
C GLN LB 340 -75.27 -32.35 44.27
N LYS LB 341 -74.77 -31.81 43.15
CA LYS LB 341 -75.63 -31.53 42.01
C LYS LB 341 -76.18 -32.81 41.41
N SER LB 342 -77.35 -32.68 40.79
CA SER LB 342 -78.05 -33.79 40.16
C SER LB 342 -79.22 -33.27 39.35
N PRO LB 343 -79.59 -33.93 38.26
CA PRO LB 343 -80.69 -33.41 37.43
C PRO LB 343 -82.07 -33.77 37.92
N VAL LB 344 -82.21 -34.89 38.63
CA VAL LB 344 -83.51 -35.40 39.02
C VAL LB 344 -83.51 -35.75 40.51
N LEU LB 345 -84.71 -35.80 41.08
CA LEU LB 345 -84.90 -36.05 42.50
C LEU LB 345 -86.08 -36.97 42.71
N LEU LB 346 -86.11 -37.61 43.88
CA LEU LB 346 -87.23 -38.47 44.28
C LEU LB 346 -87.81 -37.94 45.57
N VAL LB 347 -89.14 -37.88 45.63
CA VAL LB 347 -89.86 -37.25 46.74
C VAL LB 347 -91.01 -38.15 47.17
N SER LB 348 -91.26 -38.21 48.47
CA SER LB 348 -92.44 -38.86 49.02
C SER LB 348 -93.45 -37.78 49.40
N TRP LB 349 -94.65 -37.86 48.84
CA TRP LB 349 -95.62 -36.79 49.04
C TRP LB 349 -96.55 -37.09 50.20
N HIS LB 350 -97.34 -38.15 50.08
CA HIS LB 350 -98.29 -38.55 51.11
C HIS LB 350 -98.27 -40.07 51.24
N GLY LB 351 -97.07 -40.63 51.30
CA GLY LB 351 -96.89 -42.06 51.13
C GLY LB 351 -96.81 -42.50 49.69
N LYS LB 352 -96.86 -41.57 48.74
CA LYS LB 352 -96.79 -41.85 47.33
C LYS LB 352 -95.51 -41.25 46.75
N VAL LB 353 -94.88 -41.99 45.84
CA VAL LB 353 -93.60 -41.58 45.29
C VAL LB 353 -93.82 -40.58 44.17
N MET LB 354 -92.79 -39.78 43.89
CA MET LB 354 -92.87 -38.76 42.86
C MET LB 354 -91.47 -38.41 42.39
N GLN LB 355 -91.37 -38.05 41.12
CA GLN LB 355 -90.10 -37.66 40.52
C GLN LB 355 -90.11 -36.16 40.24
N LEU LB 356 -88.94 -35.54 40.41
CA LEU LB 356 -88.78 -34.10 40.23
C LEU LB 356 -87.68 -33.85 39.21
N LYS LB 357 -87.98 -32.99 38.24
CA LYS LB 357 -87.07 -32.68 37.14
C LYS LB 357 -86.45 -31.30 37.36
N VAL LB 358 -85.13 -31.23 37.30
CA VAL LB 358 -84.39 -30.00 37.51
C VAL LB 358 -83.53 -29.72 36.28
N GLU LB 359 -83.65 -28.51 35.74
CA GLU LB 359 -82.93 -28.09 34.56
C GLU LB 359 -81.87 -27.05 34.95
N GLY LB 360 -81.19 -26.52 33.93
CA GLY LB 360 -80.24 -25.45 34.14
C GLY LB 360 -78.91 -25.88 34.72
N LEU LB 361 -78.73 -27.16 35.03
CA LEU LB 361 -77.48 -27.63 35.59
C LEU LB 361 -76.43 -27.74 34.50
N VAL MB 38 -92.50 18.32 32.67
CA VAL MB 38 -93.81 18.94 32.61
C VAL MB 38 -94.93 17.94 32.26
N PRO MB 39 -94.81 17.19 31.15
CA PRO MB 39 -95.91 16.27 30.79
C PRO MB 39 -96.19 15.23 31.84
N LYS MB 40 -95.17 14.78 32.58
CA LYS MB 40 -95.38 13.86 33.69
C LYS MB 40 -96.11 14.52 34.85
N LEU MB 41 -96.24 15.84 34.83
CA LEU MB 41 -96.95 16.56 35.88
C LEU MB 41 -98.31 16.97 35.35
N PRO MB 42 -99.40 16.43 35.90
CA PRO MB 42 -100.73 16.81 35.41
C PRO MB 42 -101.01 18.29 35.64
N CYS MB 43 -101.76 18.88 34.72
CA CYS MB 43 -102.10 20.29 34.82
C CYS MB 43 -103.16 20.57 35.86
N ARG MB 44 -103.84 19.56 36.38
CA ARG MB 44 -104.91 19.75 37.34
C ARG MB 44 -105.03 18.52 38.21
N VAL MB 45 -105.70 18.67 39.35
CA VAL MB 45 -106.00 17.52 40.18
C VAL MB 45 -106.97 16.60 39.42
N ASP MB 46 -106.94 15.32 39.77
CA ASP MB 46 -107.70 14.32 39.04
C ASP MB 46 -109.19 14.59 39.12
N GLY MB 47 -109.87 14.52 37.97
CA GLY MB 47 -111.31 14.65 37.92
C GLY MB 47 -111.82 15.96 38.45
N ALA MB 48 -111.22 17.07 38.03
CA ALA MB 48 -111.57 18.39 38.52
C ALA MB 48 -112.13 19.24 37.39
N CYS MB 49 -113.30 19.82 37.61
CA CYS MB 49 -113.90 20.80 36.69
C CYS MB 49 -114.71 21.77 37.54
N ASP MB 50 -114.16 22.97 37.75
CA ASP MB 50 -114.83 23.95 38.58
C ASP MB 50 -116.19 24.31 38.01
N ALA MB 51 -116.35 24.25 36.69
CA ALA MB 51 -117.65 24.46 36.08
C ALA MB 51 -118.65 23.43 36.58
N THR MB 52 -118.24 22.16 36.60
CA THR MB 52 -119.11 21.13 37.15
C THR MB 52 -119.40 21.38 38.61
N ILE MB 53 -118.39 21.84 39.36
CA ILE MB 53 -118.57 22.10 40.78
C ILE MB 53 -119.65 23.15 40.99
N ILE MB 54 -119.54 24.28 40.28
CA ILE MB 54 -120.49 25.36 40.47
C ILE MB 54 -121.87 24.96 39.97
N LYS MB 55 -121.93 24.20 38.87
CA LYS MB 55 -123.24 23.83 38.34
C LYS MB 55 -123.95 22.86 39.28
N MET MB 56 -123.22 21.91 39.88
CA MET MB 56 -123.88 21.01 40.82
C MET MB 56 -124.23 21.73 42.13
N MET MB 57 -123.43 22.73 42.52
CA MET MB 57 -123.83 23.56 43.64
C MET MB 57 -125.14 24.27 43.35
N THR MB 58 -125.27 24.81 42.14
CA THR MB 58 -126.51 25.47 41.74
C THR MB 58 -127.68 24.49 41.73
N ASP MB 59 -127.45 23.28 41.23
CA ASP MB 59 -128.50 22.27 41.21
C ASP MB 59 -128.96 21.93 42.62
N LEU MB 60 -128.01 21.74 43.54
CA LEU MB 60 -128.39 21.43 44.91
C LEU MB 60 -129.14 22.59 45.56
N ASN MB 61 -128.69 23.82 45.31
CA ASN MB 61 -129.37 24.97 45.88
C ASN MB 61 -130.78 25.09 45.35
N LYS MB 62 -130.97 24.89 44.04
CA LYS MB 62 -132.32 24.96 43.49
C LYS MB 62 -133.17 23.78 43.95
N LYS MB 63 -132.53 22.65 44.31
CA LYS MB 63 -133.26 21.56 44.94
C LYS MB 63 -133.64 21.90 46.37
N GLY MB 64 -132.93 22.82 47.01
CA GLY MB 64 -133.32 23.30 48.32
C GLY MB 64 -132.36 22.97 49.44
N ILE MB 65 -131.17 22.48 49.16
CA ILE MB 65 -130.19 22.20 50.19
C ILE MB 65 -129.26 23.40 50.32
N LYS MB 66 -129.07 23.88 51.54
CA LYS MB 66 -128.33 25.11 51.73
C LYS MB 66 -126.84 24.88 51.51
N VAL MB 67 -126.25 25.69 50.63
CA VAL MB 67 -124.81 25.64 50.38
C VAL MB 67 -124.27 27.05 50.53
N ALA MB 68 -123.21 27.20 51.33
CA ALA MB 68 -122.67 28.51 51.63
C ALA MB 68 -121.15 28.49 51.50
N SER MB 69 -120.63 29.41 50.72
CA SER MB 69 -119.19 29.60 50.52
C SER MB 69 -118.77 30.94 51.10
N VAL MB 70 -117.77 30.91 51.97
CA VAL MB 70 -117.27 32.14 52.58
C VAL MB 70 -115.78 31.97 52.88
N GLY MB 71 -114.96 32.85 52.31
CA GLY MB 71 -113.52 32.76 52.52
C GLY MB 71 -113.01 31.42 52.04
N GLN MB 72 -112.29 30.74 52.94
CA GLN MB 72 -111.81 29.38 52.68
C GLN MB 72 -112.64 28.33 53.39
N ASN MB 73 -113.80 28.71 53.91
CA ASN MB 73 -114.67 27.79 54.64
C ASN MB 73 -115.96 27.57 53.87
N TYR MB 74 -116.49 26.35 53.96
CA TYR MB 74 -117.73 26.00 53.29
C TYR MB 74 -118.64 25.25 54.24
N LEU MB 75 -119.93 25.56 54.16
CA LEU MB 75 -120.95 25.00 55.04
C LEU MB 75 -122.14 24.53 54.23
N ILE MB 76 -122.61 23.32 54.50
CA ILE MB 76 -123.75 22.75 53.81
C ILE MB 76 -124.76 22.29 54.85
N SER MB 77 -126.03 22.62 54.63
CA SER MB 77 -127.10 22.30 55.57
C SER MB 77 -128.24 21.58 54.85
N ILE MB 78 -128.79 20.58 55.52
CA ILE MB 78 -129.88 19.78 55.00
C ILE MB 78 -130.97 19.68 56.05
N PRO MB 79 -132.23 19.93 55.69
CA PRO MB 79 -133.32 19.76 56.65
C PRO MB 79 -133.46 18.30 57.08
N ALA MB 80 -133.82 18.12 58.35
CA ALA MB 80 -133.92 16.78 58.91
C ALA MB 80 -135.06 15.98 58.28
N SER MB 81 -136.21 16.62 58.09
CA SER MB 81 -137.37 15.90 57.56
C SER MB 81 -137.09 15.32 56.18
N ALA MB 82 -136.25 15.97 55.40
CA ALA MB 82 -135.90 15.45 54.08
C ALA MB 82 -135.03 14.22 54.15
N LEU MB 83 -134.43 13.92 55.31
CA LEU MB 83 -133.47 12.83 55.40
C LEU MB 83 -133.94 11.70 56.32
N PHE MB 84 -134.27 11.99 57.56
CA PHE MB 84 -134.57 10.96 58.54
C PHE MB 84 -136.07 10.79 58.70
N ALA MB 85 -136.44 9.94 59.67
CA ALA MB 85 -137.83 9.65 59.96
C ALA MB 85 -138.32 10.60 61.05
N ASP MB 86 -139.49 10.29 61.63
CA ASP MB 86 -140.07 11.12 62.68
C ASP MB 86 -139.32 10.94 63.99
N GLN MB 87 -138.27 11.72 64.18
CA GLN MB 87 -137.41 11.61 65.36
C GLN MB 87 -136.88 10.20 65.52
N SER MB 88 -136.49 9.59 64.41
CA SER MB 88 -136.02 8.22 64.41
C SER MB 88 -134.76 8.11 63.56
N PRO MB 89 -133.81 7.28 63.98
CA PRO MB 89 -132.57 7.10 63.22
C PRO MB 89 -132.70 6.05 62.12
N ARG MB 90 -133.32 6.45 61.01
CA ARG MB 90 -133.44 5.59 59.86
C ARG MB 90 -133.53 6.46 58.61
N LEU MB 91 -133.19 5.88 57.47
CA LEU MB 91 -133.07 6.61 56.23
C LEU MB 91 -133.96 5.99 55.16
N ASN MB 92 -134.62 6.86 54.39
CA ASN MB 92 -135.36 6.39 53.24
C ASN MB 92 -134.42 6.00 52.11
N TRP MB 93 -134.88 5.07 51.27
CA TRP MB 93 -134.03 4.58 50.18
C TRP MB 93 -133.70 5.70 49.21
N ALA MB 94 -134.69 6.54 48.88
CA ALA MB 94 -134.46 7.61 47.92
C ALA MB 94 -133.41 8.60 48.42
N SER MB 95 -133.32 8.80 49.75
CA SER MB 95 -132.35 9.72 50.31
C SER MB 95 -130.91 9.30 50.00
N TYR MB 96 -130.69 8.01 49.71
CA TYR MB 96 -129.35 7.56 49.40
C TYR MB 96 -128.82 8.24 48.13
N SER MB 97 -129.70 8.47 47.16
CA SER MB 97 -129.27 9.16 45.95
C SER MB 97 -128.75 10.56 46.27
N LEU MB 98 -129.51 11.31 47.05
CA LEU MB 98 -129.08 12.67 47.40
C LEU MB 98 -127.81 12.65 48.23
N LEU MB 99 -127.70 11.70 49.15
CA LEU MB 99 -126.48 11.60 49.94
C LEU MB 99 -125.28 11.28 49.06
N ASN MB 100 -125.46 10.41 48.06
CA ASN MB 100 -124.38 10.12 47.13
C ASN MB 100 -124.03 11.34 46.30
N GLU MB 101 -125.03 12.16 45.96
CA GLU MB 101 -124.74 13.40 45.25
C GLU MB 101 -123.89 14.33 46.12
N ILE MB 102 -124.22 14.41 47.41
CA ILE MB 102 -123.41 15.21 48.33
C ILE MB 102 -121.99 14.68 48.37
N ALA MB 103 -121.83 13.36 48.45
CA ALA MB 103 -120.50 12.77 48.44
C ALA MB 103 -119.76 13.10 47.16
N ALA MB 104 -120.46 13.04 46.02
CA ALA MB 104 -119.84 13.34 44.74
C ALA MB 104 -119.34 14.77 44.70
N PHE MB 105 -120.14 15.71 45.22
CA PHE MB 105 -119.66 17.09 45.32
C PHE MB 105 -118.43 17.17 46.20
N LEU MB 106 -118.45 16.48 47.33
CA LEU MB 106 -117.32 16.52 48.25
C LEU MB 106 -116.07 15.92 47.63
N LYS MB 107 -116.24 15.03 46.65
CA LYS MB 107 -115.09 14.39 46.01
C LYS MB 107 -114.15 15.42 45.38
N GLN MB 108 -114.67 16.56 44.97
CA GLN MB 108 -113.96 17.47 44.08
C GLN MB 108 -112.95 18.36 44.79
N PHE MB 109 -112.53 18.02 46.00
CA PHE MB 109 -111.64 18.91 46.74
C PHE MB 109 -110.66 18.11 47.57
N ARG MB 110 -109.70 18.82 48.16
CA ARG MB 110 -108.72 18.26 49.08
C ARG MB 110 -108.82 19.01 50.39
N LYS MB 111 -108.87 18.26 51.50
CA LYS MB 111 -109.18 18.86 52.79
C LYS MB 111 -108.38 18.14 53.86
N ILE MB 112 -108.72 18.43 55.12
CA ILE MB 112 -108.04 17.85 56.27
C ILE MB 112 -109.07 17.13 57.14
N ALA MB 113 -110.07 17.88 57.61
CA ALA MB 113 -111.08 17.36 58.50
C ALA MB 113 -112.45 17.85 58.07
N ILE MB 114 -113.46 17.02 58.28
CA ILE MB 114 -114.85 17.36 58.00
C ILE MB 114 -115.64 17.26 59.29
N THR MB 115 -116.37 18.31 59.63
CA THR MB 115 -117.14 18.34 60.86
C THR MB 115 -118.62 18.24 60.52
N VAL MB 116 -119.33 17.37 61.24
CA VAL MB 116 -120.76 17.17 61.03
C VAL MB 116 -121.48 17.40 62.36
N THR MB 117 -122.58 18.15 62.30
CA THR MB 117 -123.39 18.44 63.47
C THR MB 117 -124.84 18.08 63.19
N SER MB 118 -125.52 17.55 64.21
CA SER MB 118 -126.92 17.19 64.11
C SER MB 118 -127.73 18.00 65.12
N TYR MB 119 -128.73 18.73 64.63
CA TYR MB 119 -129.62 19.51 65.48
C TYR MB 119 -131.03 18.97 65.35
N SER MB 120 -131.81 19.07 66.44
CA SER MB 120 -133.16 18.54 66.46
C SER MB 120 -134.05 19.49 67.25
N SER MB 121 -135.30 19.06 67.46
CA SER MB 121 -136.29 19.84 68.18
C SER MB 121 -136.67 19.13 69.48
N LYS MB 122 -136.95 19.92 70.51
CA LYS MB 122 -137.28 19.35 71.82
C LYS MB 122 -138.55 18.51 71.73
N TYR MB 123 -138.44 17.26 72.17
CA TYR MB 123 -139.56 16.32 72.11
C TYR MB 123 -139.98 15.80 73.47
N VAL MB 124 -139.06 15.24 74.25
CA VAL MB 124 -139.40 14.68 75.56
C VAL MB 124 -138.50 15.24 76.64
N SER MB 125 -137.20 15.11 76.45
CA SER MB 125 -136.21 15.49 77.46
C SER MB 125 -134.97 15.97 76.73
N VAL MB 126 -133.85 16.02 77.45
CA VAL MB 126 -132.57 16.38 76.85
C VAL MB 126 -131.87 15.16 76.28
N LYS MB 127 -131.83 14.08 77.06
CA LYS MB 127 -131.06 12.91 76.69
C LYS MB 127 -131.58 12.30 75.39
N ARG MB 128 -132.90 12.25 75.23
CA ARG MB 128 -133.47 11.65 74.02
C ARG MB 128 -133.01 12.40 72.78
N GLU MB 129 -133.10 13.72 72.81
CA GLU MB 129 -132.67 14.52 71.66
C GLU MB 129 -131.17 14.37 71.41
N ARG MB 130 -130.37 14.38 72.48
CA ARG MB 130 -128.94 14.25 72.30
C ARG MB 130 -128.59 12.92 71.66
N ALA MB 131 -129.21 11.84 72.15
CA ALA MB 131 -128.94 10.52 71.58
C ALA MB 131 -129.39 10.44 70.13
N LEU MB 132 -130.56 11.01 69.81
CA LEU MB 132 -131.03 10.98 68.43
C LEU MB 132 -130.06 11.69 67.50
N THR MB 133 -129.63 12.89 67.89
CA THR MB 133 -128.71 13.64 67.05
C THR MB 133 -127.38 12.91 66.91
N LEU MB 134 -126.88 12.34 68.01
CA LEU MB 134 -125.62 11.61 67.94
C LEU MB 134 -125.73 10.41 67.01
N ALA MB 135 -126.83 9.67 67.09
CA ALA MB 135 -127.00 8.52 66.23
C ALA MB 135 -127.09 8.92 64.76
N ARG MB 136 -127.83 10.00 64.47
CA ARG MB 136 -127.96 10.46 63.09
C ARG MB 136 -126.59 10.85 62.54
N SER MB 137 -125.83 11.64 63.31
CA SER MB 137 -124.51 12.06 62.87
C SER MB 137 -123.60 10.85 62.68
N ARG MB 138 -123.66 9.89 63.59
CA ARG MB 138 -122.83 8.70 63.47
C ARG MB 138 -123.15 7.94 62.19
N VAL MB 139 -124.44 7.78 61.89
CA VAL MB 139 -124.83 7.01 60.70
C VAL MB 139 -124.36 7.72 59.43
N VAL MB 140 -124.63 9.01 59.33
CA VAL MB 140 -124.25 9.72 58.11
C VAL MB 140 -122.74 9.75 57.96
N SER MB 141 -122.01 9.90 59.07
CA SER MB 141 -120.57 9.89 59.00
C SER MB 141 -120.06 8.54 58.55
N GLU MB 142 -120.64 7.46 59.06
CA GLU MB 142 -120.20 6.13 58.65
C GLU MB 142 -120.43 5.92 57.16
N TYR MB 143 -121.60 6.32 56.66
CA TYR MB 143 -121.84 6.14 55.23
C TYR MB 143 -120.87 6.97 54.40
N LEU MB 144 -120.61 8.21 54.82
CA LEU MB 144 -119.68 9.04 54.07
C LEU MB 144 -118.30 8.42 54.06
N TRP MB 145 -117.84 7.92 55.20
CA TRP MB 145 -116.52 7.29 55.26
C TRP MB 145 -116.47 6.06 54.37
N SER MB 146 -117.55 5.27 54.35
CA SER MB 146 -117.62 4.14 53.44
C SER MB 146 -117.50 4.61 51.99
N GLN MB 147 -118.09 5.75 51.69
CA GLN MB 147 -117.93 6.33 50.36
C GLN MB 147 -116.51 6.90 50.23
N GLY MB 148 -116.15 7.22 48.99
CA GLY MB 148 -114.79 7.60 48.68
C GLY MB 148 -114.41 9.02 49.05
N VAL MB 149 -114.79 9.46 50.25
CA VAL MB 149 -114.47 10.81 50.69
C VAL MB 149 -112.97 10.92 50.92
N ASP MB 150 -112.37 11.98 50.39
CA ASP MB 150 -110.95 12.24 50.60
C ASP MB 150 -110.82 13.08 51.86
N SER MB 151 -110.39 12.45 52.96
CA SER MB 151 -110.26 13.12 54.23
C SER MB 151 -109.20 12.45 55.08
N ARG MB 152 -108.74 13.18 56.09
CA ARG MB 152 -107.92 12.63 57.15
C ARG MB 152 -108.67 12.45 58.46
N ILE MB 153 -109.51 13.42 58.81
CA ILE MB 153 -110.25 13.40 60.07
C ILE MB 153 -111.72 13.63 59.78
N ILE MB 154 -112.59 12.82 60.38
CA ILE MB 154 -114.03 13.06 60.36
C ILE MB 154 -114.50 13.18 61.79
N PHE MB 155 -115.13 14.32 62.11
CA PHE MB 155 -115.68 14.59 63.43
C PHE MB 155 -117.20 14.62 63.32
N THR MB 156 -117.86 13.91 64.24
CA THR MB 156 -119.32 13.89 64.30
C THR MB 156 -119.78 14.33 65.68
N GLN MB 157 -120.79 15.19 65.70
CA GLN MB 157 -121.28 15.79 66.93
C GLN MB 157 -122.78 16.03 66.80
N GLY MB 158 -123.48 15.88 67.92
CA GLY MB 158 -124.91 16.14 67.95
C GLY MB 158 -125.33 16.96 69.15
N LEU MB 159 -126.15 17.98 68.93
CA LEU MB 159 -126.60 18.83 70.02
C LEU MB 159 -128.10 18.75 70.24
N GLY MB 160 -128.90 18.92 69.19
CA GLY MB 160 -130.34 18.82 69.31
C GLY MB 160 -131.04 20.16 69.30
N SER MB 161 -131.80 20.44 70.36
CA SER MB 161 -132.50 21.70 70.50
C SER MB 161 -131.70 22.71 71.32
N ASP MB 162 -130.37 22.58 71.34
CA ASP MB 162 -129.52 23.44 72.14
C ASP MB 162 -129.19 24.74 71.43
N LYS MB 163 -129.14 24.75 70.10
CA LYS MB 163 -128.84 25.94 69.33
C LYS MB 163 -129.94 26.19 68.31
N PRO MB 164 -130.94 27.00 68.64
CA PRO MB 164 -132.01 27.30 67.69
C PRO MB 164 -131.53 28.25 66.62
N ILE MB 165 -132.32 28.32 65.55
CA ILE MB 165 -132.08 29.28 64.48
C ILE MB 165 -133.27 30.16 64.19
N THR MB 166 -134.48 29.77 64.59
CA THR MB 166 -135.67 30.58 64.40
C THR MB 166 -136.62 30.28 65.54
N SER MB 167 -136.88 31.29 66.39
CA SER MB 167 -137.72 31.06 67.56
C SER MB 167 -139.12 30.60 67.19
N TYR MB 168 -139.56 30.86 65.96
CA TYR MB 168 -140.82 30.32 65.46
C TYR MB 168 -140.67 28.82 65.31
N THR MB 169 -141.30 28.06 66.21
CA THR MB 169 -141.16 26.62 66.29
C THR MB 169 -142.51 25.93 66.33
N LEU MB 170 -143.43 26.35 65.46
CA LEU MB 170 -144.75 25.73 65.44
C LEU MB 170 -144.66 24.28 65.02
N GLY MB 171 -143.90 23.99 63.97
CA GLY MB 171 -143.77 22.63 63.48
C GLY MB 171 -142.94 21.76 64.40
N GLY MB 172 -142.92 20.47 64.08
CA GLY MB 172 -142.12 19.53 64.81
C GLY MB 172 -140.81 19.22 64.11
N ASP MB 173 -140.74 18.06 63.47
CA ASP MB 173 -139.57 17.75 62.66
C ASP MB 173 -139.48 18.58 61.39
N ARG MB 174 -140.55 19.28 61.04
CA ARG MB 174 -140.52 20.19 59.90
C ARG MB 174 -139.87 21.53 60.25
N SER MB 175 -139.64 21.80 61.53
CA SER MB 175 -139.06 23.07 61.92
C SER MB 175 -137.63 23.17 61.37
N PRO MB 176 -137.20 24.36 60.95
CA PRO MB 176 -135.89 24.48 60.31
C PRO MB 176 -134.72 24.07 61.18
N ASN MB 177 -134.81 24.30 62.49
CA ASN MB 177 -133.64 24.05 63.34
C ASN MB 177 -133.24 22.59 63.33
N ALA MB 178 -134.21 21.69 63.34
CA ALA MB 178 -133.92 20.27 63.18
C ALA MB 178 -133.33 20.03 61.80
N ARG MB 179 -132.05 19.68 61.75
CA ARG MB 179 -131.32 19.62 60.49
C ARG MB 179 -129.96 18.96 60.74
N VAL MB 180 -129.17 18.89 59.67
CA VAL MB 180 -127.81 18.40 59.74
C VAL MB 180 -126.90 19.38 58.99
N GLU MB 181 -125.73 19.63 59.55
CA GLU MB 181 -124.76 20.55 58.96
C GLU MB 181 -123.42 19.86 58.78
N ILE MB 182 -122.73 20.21 57.71
CA ILE MB 182 -121.36 19.77 57.48
C ILE MB 182 -120.52 21.00 57.15
N THR MB 183 -119.35 21.08 57.76
CA THR MB 183 -118.46 22.21 57.61
C THR MB 183 -117.05 21.72 57.29
N PHE MB 184 -116.36 22.47 56.45
CA PHE MB 184 -114.96 22.15 56.17
C PHE MB 184 -114.24 23.42 55.73
N ARG MB 185 -112.91 23.33 55.74
CA ARG MB 185 -112.04 24.40 55.26
C ARG MB 185 -111.17 23.86 54.14
N ARG MB 186 -111.14 24.58 53.02
CA ARG MB 186 -110.33 24.20 51.88
C ARG MB 186 -108.95 24.82 52.02
N ALA MB 187 -107.92 23.99 52.01
CA ALA MB 187 -106.54 24.42 52.23
C ALA MB 187 -105.73 24.20 50.97
N VAL MB 188 -105.02 25.24 50.54
CA VAL MB 188 -104.15 25.18 49.37
C VAL MB 188 -104.91 24.68 48.15
N CYS NB 42 -146.68 -0.57 46.64
CA CYS NB 42 -145.64 -1.31 45.93
C CYS NB 42 -144.82 -2.16 46.90
N PHE NB 43 -143.50 -2.07 46.80
CA PHE NB 43 -142.60 -2.86 47.63
C PHE NB 43 -141.43 -2.01 48.07
N HIS NB 44 -141.21 -1.93 49.38
CA HIS NB 44 -140.05 -1.23 49.91
C HIS NB 44 -138.82 -2.12 49.81
N PRO NB 45 -137.74 -1.66 49.19
CA PRO NB 45 -136.53 -2.48 49.10
C PRO NB 45 -136.04 -2.93 50.47
N PRO NB 46 -136.12 -2.09 51.51
CA PRO NB 46 -135.74 -2.67 52.81
C PRO NB 46 -136.80 -3.61 53.37
N TYR NB 47 -136.79 -4.84 52.85
CA TYR NB 47 -137.61 -5.95 53.34
C TYR NB 47 -139.10 -5.61 53.37
N ASN NB 48 -139.52 -4.62 52.59
CA ASN NB 48 -140.90 -4.15 52.59
C ASN NB 48 -141.37 -3.83 53.99
N ASN NB 49 -140.47 -3.24 54.78
CA ASN NB 49 -140.79 -2.76 56.14
C ASN NB 49 -141.29 -3.89 57.02
N PHE NB 50 -140.66 -5.06 56.91
CA PHE NB 50 -140.99 -6.22 57.75
C PHE NB 50 -142.47 -6.59 57.65
N GLN NB 51 -142.99 -6.56 56.43
CA GLN NB 51 -144.38 -6.85 56.18
C GLN NB 51 -144.51 -8.04 55.23
N PRO NB 52 -145.47 -8.94 55.47
CA PRO NB 52 -145.59 -10.12 54.62
C PRO NB 52 -145.79 -9.76 53.15
N ASP NB 53 -145.16 -10.54 52.28
CA ASP NB 53 -145.08 -10.19 50.87
C ASP NB 53 -146.46 -10.22 50.22
N ARG NB 54 -146.68 -9.27 49.31
CA ARG NB 54 -147.88 -9.21 48.48
C ARG NB 54 -147.40 -9.24 47.04
N ARG NB 55 -147.22 -10.46 46.51
CA ARG NB 55 -146.60 -10.67 45.20
C ARG NB 55 -147.63 -11.09 44.15
N ALA NB 56 -148.49 -12.04 44.50
CA ALA NB 56 -149.52 -12.49 43.57
C ALA NB 56 -150.48 -11.37 43.18
N VAL NB 57 -150.80 -10.48 44.12
CA VAL NB 57 -151.68 -9.35 43.79
C VAL NB 57 -151.03 -8.46 42.75
N LYS NB 58 -149.73 -8.15 42.93
CA LYS NB 58 -149.03 -7.35 41.95
C LYS NB 58 -148.98 -8.05 40.60
N ARG NB 59 -148.73 -9.36 40.61
CA ARG NB 59 -148.67 -10.11 39.35
C ARG NB 59 -150.01 -10.07 38.62
N VAL NB 60 -151.10 -10.36 39.33
CA VAL NB 60 -152.41 -10.38 38.67
C VAL NB 60 -152.79 -8.99 38.21
N GLY NB 61 -152.44 -7.95 38.96
CA GLY NB 61 -152.73 -6.60 38.53
C GLY NB 61 -151.99 -6.23 37.25
N VAL NB 62 -150.68 -6.50 37.22
CA VAL NB 62 -149.91 -6.13 36.04
C VAL NB 62 -150.27 -7.01 34.84
N ASP NB 63 -150.80 -8.21 35.07
CA ASP NB 63 -151.20 -9.05 33.96
C ASP NB 63 -152.61 -8.75 33.46
N THR NB 64 -153.49 -8.27 34.34
CA THR NB 64 -154.80 -7.81 33.89
C THR NB 64 -154.74 -6.40 33.31
N GLY NB 65 -153.68 -5.65 33.58
CA GLY NB 65 -153.51 -4.33 33.01
C GLY NB 65 -152.83 -4.37 31.65
N GLY NB 88 -153.69 -10.97 31.49
CA GLY NB 88 -154.93 -11.56 31.93
C GLY NB 88 -154.83 -12.22 33.30
N GLY NB 89 -155.99 -12.43 33.93
CA GLY NB 89 -156.00 -13.09 35.22
C GLY NB 89 -155.52 -14.52 35.16
N THR NB 90 -155.86 -15.23 34.07
CA THR NB 90 -155.44 -16.62 33.94
C THR NB 90 -153.93 -16.73 33.80
N VAL NB 91 -153.34 -15.94 32.91
CA VAL NB 91 -151.90 -15.98 32.73
C VAL NB 91 -151.20 -15.48 33.99
N GLY NB 92 -151.79 -14.50 34.68
CA GLY NB 92 -151.23 -14.07 35.95
C GLY NB 92 -151.21 -15.18 36.98
N LEU NB 93 -152.32 -15.93 37.09
CA LEU NB 93 -152.37 -17.02 38.04
C LEU NB 93 -151.37 -18.10 37.71
N VAL NB 94 -151.24 -18.46 36.42
CA VAL NB 94 -150.31 -19.52 36.07
C VAL NB 94 -148.87 -19.06 36.29
N ALA NB 95 -148.56 -17.80 35.98
CA ALA NB 95 -147.22 -17.29 36.24
C ALA NB 95 -146.92 -17.29 37.74
N SER NB 96 -147.90 -16.90 38.55
CA SER NB 96 -147.70 -16.88 40.00
C SER NB 96 -147.49 -18.28 40.54
N ILE NB 97 -148.28 -19.26 40.09
CA ILE NB 97 -148.14 -20.61 40.62
C ILE NB 97 -146.86 -21.27 40.11
N TYR NB 98 -146.33 -20.82 38.97
CA TYR NB 98 -145.02 -21.30 38.55
C TYR NB 98 -143.90 -20.64 39.34
N ARG NB 99 -144.04 -19.35 39.65
CA ARG NB 99 -142.99 -18.64 40.36
C ARG NB 99 -142.88 -19.10 41.81
N ASP NB 100 -144.01 -19.16 42.51
CA ASP NB 100 -143.98 -19.52 43.92
C ASP NB 100 -143.67 -20.99 44.15
N SER NB 101 -143.62 -21.79 43.09
CA SER NB 101 -143.28 -23.20 43.23
C SER NB 101 -141.93 -23.37 43.89
N LYS NB 102 -141.86 -24.30 44.84
CA LYS NB 102 -140.63 -24.53 45.59
C LYS NB 102 -139.44 -24.80 44.66
N ARG NB 103 -139.69 -25.51 43.55
CA ARG NB 103 -138.62 -25.78 42.60
C ARG NB 103 -138.07 -24.48 42.02
N LYS NB 104 -138.95 -23.56 41.64
CA LYS NB 104 -138.49 -22.29 41.09
C LYS NB 104 -137.74 -21.48 42.13
N ILE NB 105 -138.18 -21.54 43.39
CA ILE NB 105 -137.47 -20.85 44.46
C ILE NB 105 -136.08 -21.42 44.62
N ILE NB 106 -135.95 -22.74 44.56
CA ILE NB 106 -134.64 -23.36 44.68
C ILE NB 106 -133.75 -22.97 43.51
N ARG NB 107 -134.31 -22.95 42.29
CA ARG NB 107 -133.52 -22.54 41.13
C ARG NB 107 -133.06 -21.09 41.26
N ASP NB 108 -133.94 -20.21 41.75
CA ASP NB 108 -133.56 -18.82 41.94
C ASP NB 108 -132.47 -18.69 42.99
N LEU NB 109 -132.57 -19.46 44.08
CA LEU NB 109 -131.52 -19.41 45.09
C LEU NB 109 -130.20 -19.97 44.55
N GLN NB 110 -130.27 -20.96 43.66
CA GLN NB 110 -129.08 -21.46 42.99
C GLN NB 110 -128.46 -20.38 42.11
N LYS NB 111 -129.31 -19.60 41.42
CA LYS NB 111 -128.82 -18.43 40.71
C LYS NB 111 -128.12 -17.48 41.68
N GLN NB 112 -128.70 -17.31 42.86
CA GLN NB 112 -128.02 -16.60 43.93
C GLN NB 112 -126.88 -17.47 44.48
N ASP NB 113 -126.06 -16.86 45.33
CA ASP NB 113 -124.84 -17.52 45.81
C ASP NB 113 -125.07 -18.24 47.13
N ILE NB 114 -126.08 -19.11 47.19
CA ILE NB 114 -126.43 -19.83 48.41
C ILE NB 114 -126.52 -21.32 48.09
N GLN NB 115 -125.92 -22.15 48.94
CA GLN NB 115 -125.90 -23.59 48.72
C GLN NB 115 -127.04 -24.26 49.49
N TYR NB 116 -127.82 -25.09 48.80
CA TYR NB 116 -128.93 -25.79 49.41
C TYR NB 116 -128.74 -27.30 49.30
N VAL NB 117 -128.89 -28.00 50.41
CA VAL NB 117 -128.73 -29.44 50.45
C VAL NB 117 -129.91 -30.06 51.18
N GLU NB 118 -130.42 -31.16 50.64
CA GLU NB 118 -131.45 -31.94 51.31
C GLU NB 118 -131.06 -33.41 51.28
N TYR NB 119 -131.10 -34.06 52.43
CA TYR NB 119 -130.73 -35.45 52.54
C TYR NB 119 -131.51 -36.10 53.68
N GLY NB 120 -131.88 -37.36 53.50
CA GLY NB 120 -132.65 -38.06 54.49
C GLY NB 120 -133.97 -37.35 54.77
N ASP NB 121 -134.07 -36.73 55.94
CA ASP NB 121 -135.23 -35.96 56.32
C ASP NB 121 -134.90 -34.53 56.71
N THR NB 122 -133.63 -34.15 56.68
CA THR NB 122 -133.18 -32.84 57.11
C THR NB 122 -132.79 -31.98 55.92
N ARG NB 123 -132.76 -30.66 56.15
CA ARG NB 123 -132.39 -29.73 55.11
C ARG NB 123 -131.42 -28.70 55.66
N THR NB 124 -130.42 -28.34 54.84
CA THR NB 124 -129.37 -27.43 55.25
C THR NB 124 -129.13 -26.38 54.18
N LEU NB 125 -128.76 -25.19 54.64
CA LEU NB 125 -128.45 -24.05 53.80
C LEU NB 125 -127.09 -23.49 54.21
N ILE NB 126 -126.29 -23.11 53.22
CA ILE NB 126 -124.95 -22.59 53.44
C ILE NB 126 -124.87 -21.21 52.78
N ILE NB 127 -124.40 -20.23 53.53
CA ILE NB 127 -124.39 -18.84 53.09
C ILE NB 127 -122.98 -18.26 53.25
N PRO NB 128 -122.40 -17.70 52.19
CA PRO NB 128 -121.07 -17.08 52.30
C PRO NB 128 -121.15 -15.72 52.97
N THR NB 129 -120.37 -15.54 54.02
CA THR NB 129 -120.35 -14.27 54.74
C THR NB 129 -119.89 -13.15 53.83
N ASP NB 130 -118.87 -13.41 53.00
CA ASP NB 130 -118.28 -12.37 52.18
C ASP NB 130 -119.28 -11.75 51.21
N LYS NB 131 -120.34 -12.47 50.87
CA LYS NB 131 -121.39 -11.93 50.02
C LYS NB 131 -122.63 -11.50 50.79
N TYR NB 132 -122.93 -12.17 51.90
CA TYR NB 132 -124.15 -11.84 52.62
C TYR NB 132 -123.84 -11.32 54.02
N PHE NB 133 -122.84 -10.44 54.12
CA PHE NB 133 -122.47 -9.86 55.39
C PHE NB 133 -121.79 -8.52 55.13
N MET NB 134 -121.29 -7.92 56.19
CA MET NB 134 -120.40 -6.77 56.09
C MET NB 134 -119.06 -7.16 56.71
N PHE NB 135 -117.98 -6.77 56.04
CA PHE NB 135 -116.67 -7.33 56.33
C PHE NB 135 -116.26 -7.12 57.78
N SER NB 136 -115.84 -8.20 58.42
CA SER NB 136 -115.24 -8.16 59.76
C SER NB 136 -116.11 -7.43 60.78
N SER NB 137 -117.43 -7.57 60.66
CA SER NB 137 -118.34 -6.87 61.55
C SER NB 137 -119.67 -7.61 61.54
N PRO NB 138 -120.42 -7.59 62.63
CA PRO NB 138 -121.74 -8.24 62.65
C PRO NB 138 -122.78 -7.54 61.79
N ARG NB 139 -122.37 -6.47 61.10
CA ARG NB 139 -123.29 -5.77 60.23
C ARG NB 139 -123.66 -6.63 59.02
N LEU NB 140 -124.85 -6.40 58.49
CA LEU NB 140 -125.38 -7.16 57.38
C LEU NB 140 -125.52 -6.28 56.16
N ASN NB 141 -125.05 -6.78 55.01
CA ASN NB 141 -125.21 -6.03 53.77
C ASN NB 141 -126.68 -5.90 53.42
N GLU NB 142 -127.10 -4.69 53.05
CA GLU NB 142 -128.48 -4.48 52.66
C GLU NB 142 -128.77 -4.98 51.25
N ILE NB 143 -127.75 -5.02 50.38
CA ILE NB 143 -127.96 -5.29 48.97
C ILE NB 143 -128.55 -6.67 48.74
N CYS NB 144 -128.24 -7.63 49.60
CA CYS NB 144 -128.67 -9.01 49.40
C CYS NB 144 -130.12 -9.24 49.86
N TYR NB 145 -130.92 -8.18 49.95
CA TYR NB 145 -132.31 -8.33 50.32
C TYR NB 145 -133.10 -9.30 49.43
N PRO NB 146 -132.90 -9.36 48.10
CA PRO NB 146 -133.63 -10.40 47.35
C PRO NB 146 -133.34 -11.79 47.85
N GLY NB 147 -132.07 -12.10 48.10
CA GLY NB 147 -131.72 -13.40 48.63
C GLY NB 147 -132.32 -13.65 50.01
N LEU NB 148 -132.30 -12.62 50.87
CA LEU NB 148 -132.89 -12.77 52.19
C LEU NB 148 -134.38 -13.08 52.09
N ASN NB 149 -135.09 -12.37 51.22
CA ASN NB 149 -136.51 -12.61 51.05
C ASN NB 149 -136.77 -14.01 50.49
N ASN NB 150 -135.93 -14.46 49.56
CA ASN NB 150 -136.08 -15.81 49.06
C ASN NB 150 -135.91 -16.83 50.18
N VAL NB 151 -134.91 -16.60 51.05
CA VAL NB 151 -134.68 -17.51 52.18
C VAL NB 151 -135.89 -17.54 53.09
N ILE NB 152 -136.46 -16.38 53.39
CA ILE NB 152 -137.61 -16.34 54.28
C ILE NB 152 -138.80 -17.06 53.64
N ARG NB 153 -139.05 -16.81 52.36
CA ARG NB 153 -140.16 -17.47 51.70
C ARG NB 153 -139.98 -18.98 51.70
N LEU NB 154 -138.76 -19.45 51.45
CA LEU NB 154 -138.48 -20.87 51.52
C LEU NB 154 -138.76 -21.42 52.92
N LEU NB 155 -138.27 -20.72 53.94
CA LEU NB 155 -138.42 -21.21 55.30
C LEU NB 155 -139.86 -21.15 55.79
N ASN NB 156 -140.71 -20.39 55.12
CA ASN NB 156 -142.11 -20.31 55.54
C ASN NB 156 -142.83 -21.65 55.48
N PHE NB 157 -142.29 -22.63 54.76
CA PHE NB 157 -142.99 -23.89 54.52
C PHE NB 157 -142.64 -24.98 55.52
N TYR NB 158 -141.87 -24.66 56.56
CA TYR NB 158 -141.55 -25.61 57.63
C TYR NB 158 -141.81 -24.96 58.97
N PRO NB 159 -143.08 -24.69 59.30
CA PRO NB 159 -143.40 -23.92 60.51
C PRO NB 159 -143.43 -24.74 61.78
N GLN NB 160 -142.89 -25.96 61.80
CA GLN NB 160 -142.97 -26.78 63.01
C GLN NB 160 -141.59 -27.28 63.42
N SER NB 161 -140.71 -27.50 62.45
CA SER NB 161 -139.41 -28.08 62.73
C SER NB 161 -138.52 -27.11 63.51
N THR NB 162 -137.71 -27.65 64.41
CA THR NB 162 -136.73 -26.85 65.10
C THR NB 162 -135.60 -26.47 64.15
N ILE NB 163 -134.93 -25.36 64.47
CA ILE NB 163 -133.90 -24.80 63.60
C ILE NB 163 -132.60 -24.68 64.38
N TYR NB 164 -131.49 -24.98 63.72
CA TYR NB 164 -130.16 -24.78 64.27
C TYR NB 164 -129.36 -23.92 63.29
N VAL NB 165 -128.58 -22.99 63.84
CA VAL NB 165 -127.79 -22.09 63.02
C VAL NB 165 -126.40 -22.00 63.61
N ALA NB 166 -125.38 -22.11 62.76
CA ALA NB 166 -123.99 -22.10 63.20
C ALA NB 166 -123.17 -21.25 62.25
N GLY NB 167 -122.04 -20.78 62.76
CA GLY NB 167 -121.13 -19.94 62.00
C GLY NB 167 -119.74 -20.52 61.97
N PHE NB 168 -119.03 -20.28 60.87
CA PHE NB 168 -117.66 -20.77 60.71
C PHE NB 168 -116.82 -19.71 60.02
N THR NB 169 -115.52 -19.73 60.32
CA THR NB 169 -114.56 -18.81 59.72
C THR NB 169 -113.25 -19.55 59.48
N ASP NB 170 -112.26 -18.83 58.98
CA ASP NB 170 -110.95 -19.41 58.67
C ASP NB 170 -110.12 -19.52 59.95
N ASN NB 171 -108.84 -19.83 59.79
CA ASN NB 171 -107.97 -20.09 60.93
C ASN NB 171 -107.15 -18.87 61.35
N VAL NB 172 -106.97 -17.88 60.48
CA VAL NB 172 -106.11 -16.76 60.79
C VAL NB 172 -106.74 -15.92 61.88
N GLY NB 173 -105.96 -15.62 62.91
CA GLY NB 173 -106.40 -14.78 64.01
C GLY NB 173 -106.39 -15.52 65.33
N SER NB 174 -106.73 -14.78 66.38
CA SER NB 174 -106.80 -15.37 67.71
C SER NB 174 -107.97 -16.34 67.82
N ARG NB 175 -107.77 -17.39 68.61
CA ARG NB 175 -108.83 -18.34 68.89
C ARG NB 175 -110.05 -17.63 69.46
N SER NB 176 -109.83 -16.85 70.52
CA SER NB 176 -110.93 -16.13 71.16
C SER NB 176 -111.58 -15.16 70.19
N HIS NB 177 -110.77 -14.45 69.41
CA HIS NB 177 -111.31 -13.47 68.47
C HIS NB 177 -112.22 -14.14 67.45
N LYS NB 178 -111.76 -15.24 66.86
CA LYS NB 178 -112.55 -15.93 65.85
C LYS NB 178 -113.82 -16.50 66.45
N ARG NB 179 -113.73 -17.10 67.64
CA ARG NB 179 -114.92 -17.66 68.27
C ARG NB 179 -115.94 -16.57 68.58
N LYS NB 180 -115.47 -15.44 69.10
CA LYS NB 180 -116.40 -14.34 69.40
C LYS NB 180 -117.06 -13.83 68.14
N LEU NB 181 -116.30 -13.66 67.06
CA LEU NB 181 -116.88 -13.17 65.82
C LEU NB 181 -117.92 -14.14 65.28
N SER NB 182 -117.60 -15.44 65.31
CA SER NB 182 -118.55 -16.43 64.82
C SER NB 182 -119.84 -16.41 65.64
N GLN NB 183 -119.70 -16.31 66.97
CA GLN NB 183 -120.89 -16.23 67.81
C GLN NB 183 -121.71 -14.99 67.51
N ALA NB 184 -121.03 -13.86 67.29
CA ALA NB 184 -121.73 -12.63 66.96
C ALA NB 184 -122.53 -12.80 65.67
N GLN NB 185 -121.90 -13.37 64.65
CA GLN NB 185 -122.59 -13.56 63.38
C GLN NB 185 -123.79 -14.48 63.53
N ALA NB 186 -123.62 -15.58 64.27
CA ALA NB 186 -124.73 -16.50 64.47
C ALA NB 186 -125.87 -15.81 65.21
N GLU NB 187 -125.55 -15.03 66.23
CA GLU NB 187 -126.60 -14.32 66.96
C GLU NB 187 -127.31 -13.33 66.06
N THR NB 188 -126.57 -12.64 65.19
CA THR NB 188 -127.20 -11.71 64.26
C THR NB 188 -128.18 -12.43 63.35
N MET NB 189 -127.76 -13.56 62.79
CA MET NB 189 -128.64 -14.30 61.88
C MET NB 189 -129.89 -14.77 62.60
N MET NB 190 -129.72 -15.35 63.78
CA MET NB 190 -130.89 -15.86 64.50
C MET NB 190 -131.80 -14.73 64.96
N THR NB 191 -131.22 -13.56 65.28
CA THR NB 191 -132.04 -12.41 65.61
C THR NB 191 -132.88 -11.97 64.43
N PHE NB 192 -132.27 -11.94 63.24
CA PHE NB 192 -133.05 -11.61 62.05
C PHE NB 192 -134.18 -12.61 61.84
N LEU NB 193 -133.88 -13.89 62.02
CA LEU NB 193 -134.92 -14.91 61.86
C LEU NB 193 -136.05 -14.69 62.86
N TRP NB 194 -135.70 -14.39 64.12
CA TRP NB 194 -136.72 -14.12 65.13
C TRP NB 194 -137.56 -12.91 64.77
N ALA NB 195 -136.93 -11.86 64.27
CA ALA NB 195 -137.68 -10.68 63.84
C ALA NB 195 -138.60 -11.01 62.68
N ASN NB 196 -138.22 -11.98 61.85
CA ASN NB 196 -139.05 -12.36 60.72
C ASN NB 196 -140.41 -12.92 61.12
N GLY NB 197 -140.60 -13.30 62.39
CA GLY NB 197 -141.89 -13.79 62.82
C GLY NB 197 -141.91 -15.21 63.34
N ILE NB 198 -140.83 -15.65 63.99
CA ILE NB 198 -140.74 -16.99 64.56
C ILE NB 198 -140.50 -16.85 66.06
N ALA NB 199 -141.27 -17.60 66.85
CA ALA NB 199 -141.13 -17.56 68.30
C ALA NB 199 -139.73 -18.00 68.72
N ALA NB 200 -139.16 -17.27 69.68
CA ALA NB 200 -137.77 -17.50 70.07
C ALA NB 200 -137.54 -18.87 70.70
N LYS NB 201 -138.61 -19.55 71.12
CA LYS NB 201 -138.45 -20.86 71.74
C LYS NB 201 -137.94 -21.92 70.77
N ARG NB 202 -137.98 -21.67 69.46
CA ARG NB 202 -137.60 -22.64 68.47
C ARG NB 202 -136.21 -22.38 67.88
N LEU NB 203 -135.42 -21.50 68.49
CA LEU NB 203 -134.14 -21.12 67.91
C LEU NB 203 -133.01 -21.24 68.92
N LYS NB 204 -131.82 -21.52 68.40
CA LYS NB 204 -130.58 -21.42 69.16
C LYS NB 204 -129.44 -21.35 68.14
N ALA NB 205 -128.39 -20.62 68.50
CA ALA NB 205 -127.31 -20.33 67.57
C ALA NB 205 -125.96 -20.66 68.20
N GLU NB 206 -125.01 -21.03 67.35
CA GLU NB 206 -123.67 -21.34 67.81
C GLU NB 206 -122.65 -20.93 66.75
N GLY NB 207 -121.51 -20.44 67.20
CA GLY NB 207 -120.48 -20.01 66.29
C GLY NB 207 -119.11 -20.56 66.63
N TYR NB 208 -118.54 -21.35 65.73
CA TYR NB 208 -117.22 -21.92 65.92
C TYR NB 208 -116.25 -21.29 64.93
N GLY NB 209 -114.97 -21.47 65.22
CA GLY NB 209 -113.92 -20.94 64.34
C GLY NB 209 -113.49 -21.98 63.33
N ASP NB 210 -112.27 -22.49 63.50
CA ASP NB 210 -111.73 -23.55 62.66
C ASP NB 210 -111.88 -24.92 63.29
N LYS NB 211 -112.94 -25.12 64.07
CA LYS NB 211 -113.11 -26.39 64.78
C LYS NB 211 -113.30 -27.56 63.82
N ASN NB 212 -113.95 -27.32 62.68
CA ASN NB 212 -114.09 -28.37 61.67
C ASN NB 212 -114.39 -27.69 60.35
N ALA NB 213 -113.44 -27.74 59.42
CA ALA NB 213 -113.55 -27.00 58.18
C ALA NB 213 -114.19 -27.86 57.11
N ILE NB 214 -114.31 -27.29 55.90
CA ILE NB 214 -114.83 -28.00 54.76
C ILE NB 214 -113.82 -28.10 53.62
N SER NB 215 -112.72 -27.38 53.69
CA SER NB 215 -111.65 -27.48 52.70
C SER NB 215 -110.33 -27.35 53.46
N ASP NB 216 -109.25 -27.11 52.72
CA ASP NB 216 -107.95 -26.88 53.32
C ASP NB 216 -107.72 -25.39 53.52
N ASN NB 217 -107.29 -25.03 54.72
CA ASN NB 217 -107.08 -23.62 55.05
C ASN NB 217 -105.82 -23.06 54.41
N ALA NB 218 -104.84 -23.88 54.07
CA ALA NB 218 -103.61 -23.42 53.46
C ALA NB 218 -103.77 -23.10 51.98
N ILE NB 219 -105.00 -23.07 51.48
CA ILE NB 219 -105.29 -22.74 50.08
C ILE NB 219 -106.21 -21.53 50.08
N ILE NB 220 -105.94 -20.59 49.19
CA ILE NB 220 -106.68 -19.33 49.19
C ILE NB 220 -108.17 -19.58 48.94
N HIS NB 221 -108.48 -20.33 47.89
CA HIS NB 221 -109.87 -20.57 47.54
C HIS NB 221 -110.56 -21.42 48.60
N GLY NB 222 -109.85 -22.42 49.14
CA GLY NB 222 -110.43 -23.22 50.20
C GLY NB 222 -110.74 -22.41 51.44
N SER NB 223 -109.84 -21.52 51.82
CA SER NB 223 -110.08 -20.64 52.96
C SER NB 223 -111.26 -19.74 52.69
N ALA NB 224 -111.37 -19.24 51.46
CA ALA NB 224 -112.54 -18.43 51.10
C ALA NB 224 -113.83 -19.23 51.28
N GLN NB 225 -113.82 -20.49 50.83
CA GLN NB 225 -115.00 -21.33 51.00
C GLN NB 225 -115.29 -21.64 52.46
N ASN NB 226 -114.25 -21.67 53.29
CA ASN NB 226 -114.40 -22.15 54.65
C ASN NB 226 -115.37 -21.29 55.45
N ARG NB 227 -115.14 -19.98 55.47
CA ARG NB 227 -116.00 -19.10 56.26
C ARG NB 227 -117.41 -19.09 55.67
N ARG NB 228 -118.40 -19.27 56.53
CA ARG NB 228 -119.77 -19.49 56.04
C ARG NB 228 -120.72 -19.48 57.23
N ILE NB 229 -122.01 -19.58 56.92
CA ILE NB 229 -123.05 -19.78 57.91
C ILE NB 229 -123.87 -21.00 57.49
N GLU NB 230 -124.08 -21.92 58.41
CA GLU NB 230 -124.84 -23.13 58.16
C GLU NB 230 -126.18 -23.08 58.89
N ILE NB 231 -127.22 -23.59 58.24
CA ILE NB 231 -128.56 -23.66 58.78
C ILE NB 231 -129.06 -25.09 58.60
N GLN NB 232 -129.47 -25.72 59.69
CA GLN NB 232 -129.98 -27.08 59.67
C GLN NB 232 -131.40 -27.08 60.23
N TRP NB 233 -132.27 -27.90 59.63
CA TRP NB 233 -133.57 -28.11 60.26
C TRP NB 233 -134.13 -29.47 59.87
N PHE NB 234 -134.84 -30.07 60.83
CA PHE NB 234 -135.39 -31.40 60.70
C PHE NB 234 -136.75 -31.34 60.01
N THR NB 235 -137.49 -32.45 60.07
CA THR NB 235 -138.85 -32.50 59.54
C THR NB 235 -139.87 -32.60 60.66
N SER NB 236 -139.73 -33.58 61.55
CA SER NB 236 -140.66 -33.78 62.65
C SER NB 236 -139.97 -33.58 64.00
N ASP OB 39 -108.40 22.32 28.34
CA ASP OB 39 -107.42 23.27 28.85
C ASP OB 39 -108.12 24.49 29.43
N GLY OB 40 -109.44 24.41 29.56
CA GLY OB 40 -110.19 25.50 30.14
C GLY OB 40 -110.30 25.39 31.65
N CYS OB 41 -109.48 26.16 32.36
CA CYS OB 41 -109.44 26.06 33.82
C CYS OB 41 -110.55 26.88 34.46
N CYS OB 42 -110.52 28.20 34.27
CA CYS OB 42 -111.55 29.06 34.84
C CYS OB 42 -112.77 29.14 33.92
N SER OB 43 -113.26 27.98 33.52
CA SER OB 43 -114.48 27.93 32.72
C SER OB 43 -115.68 28.26 33.60
N LYS OB 44 -116.63 28.99 33.02
CA LYS OB 44 -117.83 29.42 33.73
C LYS OB 44 -117.50 30.30 34.93
N MET OB 45 -116.31 30.90 34.92
CA MET OB 45 -115.99 31.95 35.88
C MET OB 45 -115.50 33.18 35.12
N GLY OB 46 -114.98 34.17 35.84
CA GLY OB 46 -114.53 35.38 35.20
C GLY OB 46 -113.28 35.23 34.36
N GLY OB 47 -112.65 34.06 34.39
CA GLY OB 47 -111.41 33.85 33.66
C GLY OB 47 -110.20 34.09 34.52
N ILE OB 48 -109.04 33.79 33.95
CA ILE OB 48 -107.79 33.87 34.69
C ILE OB 48 -107.53 35.29 35.15
N ASN OB 49 -107.20 35.46 36.42
CA ASN OB 49 -106.72 36.75 36.91
C ASN OB 49 -105.19 36.79 36.90
N TYR OB 50 -104.56 35.85 37.60
CA TYR OB 50 -103.10 35.68 37.57
C TYR OB 50 -102.79 34.34 38.21
N CYS OB 51 -101.49 34.11 38.46
CA CYS OB 51 -101.01 32.90 39.12
C CYS OB 51 -100.31 33.29 40.40
N ASP OB 52 -100.89 32.90 41.54
CA ASP OB 52 -100.24 33.09 42.83
C ASP OB 52 -99.17 32.02 42.98
N SER OB 53 -97.92 32.46 43.06
CA SER OB 53 -96.80 31.53 43.17
C SER OB 53 -96.58 31.04 44.60
N SER OB 54 -97.18 31.70 45.60
CA SER OB 54 -97.04 31.23 46.96
C SER OB 54 -97.65 29.85 47.12
N ALA OB 55 -98.80 29.63 46.51
CA ALA OB 55 -99.42 28.30 46.47
C ALA OB 55 -99.31 27.65 45.10
N GLY OB 56 -98.76 28.35 44.12
CA GLY OB 56 -98.64 27.78 42.79
C GLY OB 56 -99.97 27.50 42.13
N ARG OB 57 -100.94 28.39 42.31
CA ARG OB 57 -102.30 28.17 41.84
C ARG OB 57 -102.80 29.37 41.08
N LEU OB 58 -103.60 29.11 40.05
CA LEU OB 58 -104.25 30.18 39.34
C LEU OB 58 -105.40 30.75 40.17
N VAL OB 59 -105.74 32.00 39.90
CA VAL OB 59 -106.91 32.63 40.51
C VAL OB 59 -107.80 33.13 39.38
N CYS OB 60 -109.05 32.68 39.40
CA CYS OB 60 -110.01 33.19 38.43
C CYS OB 60 -110.36 34.63 38.74
N ASN OB 61 -110.93 35.32 37.76
CA ASN OB 61 -111.51 36.63 38.04
C ASN OB 61 -112.65 36.52 39.03
N ASN OB 62 -113.29 35.37 39.09
CA ASN OB 62 -114.14 35.03 40.21
C ASN OB 62 -113.28 34.67 41.42
N GLY OB 63 -113.76 35.03 42.61
CA GLY OB 63 -112.98 34.87 43.81
C GLY OB 63 -112.86 33.43 44.28
N PHE OB 64 -112.16 32.62 43.51
CA PHE OB 64 -111.96 31.22 43.88
C PHE OB 64 -110.61 30.74 43.36
N TYR OB 65 -110.09 29.71 44.01
CA TYR OB 65 -108.85 29.07 43.61
C TYR OB 65 -109.15 28.01 42.55
N SER OB 66 -108.75 28.29 41.31
CA SER OB 66 -108.93 27.31 40.25
C SER OB 66 -108.06 26.09 40.50
N THR OB 67 -108.55 24.93 40.07
CA THR OB 67 -107.87 23.68 40.34
C THR OB 67 -106.54 23.56 39.61
N CYS OB 68 -106.39 24.22 38.47
CA CYS OB 68 -105.14 24.13 37.71
C CYS OB 68 -104.00 24.83 38.46
N TYR OB 69 -102.85 24.19 38.48
CA TYR OB 69 -101.65 24.82 39.01
C TYR OB 69 -100.94 25.59 37.90
N CYS OB 70 -99.92 26.35 38.31
CA CYS OB 70 -99.13 27.11 37.35
C CYS OB 70 -97.62 26.95 37.53
N THR OB 71 -97.18 26.12 38.47
CA THR OB 71 -95.76 25.86 38.63
C THR OB 71 -95.56 24.51 39.30
N ARG OB 72 -94.35 23.97 39.16
CA ARG OB 72 -94.05 22.69 39.77
C ARG OB 72 -94.10 22.72 41.29
N HIS OB 73 -94.01 23.91 41.89
CA HIS OB 73 -94.07 24.03 43.35
C HIS OB 73 -95.53 24.08 43.78
N ALA OB 74 -96.07 22.90 44.11
CA ALA OB 74 -97.43 22.78 44.60
C ALA OB 74 -97.55 21.48 45.38
N VAL OB 75 -98.64 21.38 46.15
CA VAL OB 75 -98.94 20.16 46.88
C VAL OB 75 -99.49 19.17 45.85
N MET OB 76 -98.62 18.28 45.37
CA MET OB 76 -98.97 17.32 44.35
C MET OB 76 -99.01 15.93 44.95
N ASP OB 77 -100.08 15.18 44.64
CA ASP OB 77 -100.26 13.85 45.20
C ASP OB 77 -99.45 12.82 44.44
N LEU OB 78 -98.16 13.06 44.28
CA LEU OB 78 -97.28 12.15 43.55
C LEU OB 78 -96.97 10.95 44.42
N GLN OB 79 -97.52 9.78 44.08
CA GLN OB 79 -97.26 8.55 44.79
C GLN OB 79 -96.71 7.43 43.92
N PHE OB 80 -96.64 7.63 42.61
CA PHE OB 80 -96.12 6.62 41.70
C PHE OB 80 -95.47 7.32 40.51
N LEU OB 81 -94.33 6.81 40.09
CA LEU OB 81 -93.58 7.41 38.98
C LEU OB 81 -92.77 6.32 38.30
N MET OB 82 -91.85 6.73 37.43
CA MET OB 82 -91.06 5.83 36.63
C MET OB 82 -89.58 6.17 36.79
N GLY OB 83 -88.74 5.42 36.08
CA GLY OB 83 -87.30 5.56 36.15
C GLY OB 83 -86.65 4.36 36.81
N CYS OB 84 -85.37 4.16 36.48
CA CYS OB 84 -84.61 3.02 36.98
C CYS OB 84 -83.72 3.44 38.14
N CYS OB 85 -83.32 2.44 38.93
CA CYS OB 85 -82.53 2.65 40.15
C CYS OB 85 -83.25 3.59 41.13
N LEU OB 86 -84.57 3.65 41.05
CA LEU OB 86 -85.33 4.46 41.99
C LEU OB 86 -85.23 3.87 43.38
N TRP OB 87 -85.44 4.73 44.38
CA TRP OB 87 -85.35 4.34 45.78
C TRP OB 87 -84.01 3.68 46.09
N HIS OB 88 -82.96 4.18 45.45
CA HIS OB 88 -81.60 3.70 45.64
C HIS OB 88 -80.64 4.84 45.38
N GLY OB 89 -79.36 4.51 45.23
CA GLY OB 89 -78.35 5.53 45.04
C GLY OB 89 -78.31 6.12 43.64
N GLY OB 90 -79.39 5.99 42.88
CA GLY OB 90 -79.43 6.53 41.54
C GLY OB 90 -78.57 5.75 40.56
N VAL OB 91 -78.83 5.92 39.27
CA VAL OB 91 -78.06 5.22 38.25
C VAL OB 91 -76.61 5.70 38.30
N TYR OB 92 -75.69 4.74 38.31
CA TYR OB 92 -74.28 5.09 38.27
C TYR OB 92 -73.95 5.73 36.92
N PRO OB 93 -73.27 6.87 36.90
CA PRO OB 93 -73.02 7.57 35.63
C PRO OB 93 -72.23 6.76 34.62
N GLN OB 94 -71.31 5.89 35.05
CA GLN OB 94 -70.48 5.16 34.11
C GLN OB 94 -71.30 4.11 33.37
N LEU OB 95 -70.81 3.72 32.20
CA LEU OB 95 -71.44 2.72 31.36
C LEU OB 95 -70.61 1.45 31.38
N ASN OB 96 -71.22 0.34 31.74
CA ASN OB 96 -70.50 -0.91 31.85
C ASN OB 96 -70.10 -1.45 30.48
N SER OB 97 -69.10 -2.32 30.48
CA SER OB 97 -68.71 -2.99 29.25
C SER OB 97 -69.86 -3.84 28.71
N SER OB 98 -70.54 -4.56 29.59
CA SER OB 98 -71.71 -5.35 29.21
C SER OB 98 -72.97 -4.51 29.39
N GLY OB 99 -74.12 -5.17 29.26
CA GLY OB 99 -75.40 -4.52 29.46
C GLY OB 99 -75.80 -4.35 30.90
N LEU OB 100 -74.98 -4.83 31.84
CA LEU OB 100 -75.31 -4.69 33.25
C LEU OB 100 -75.31 -3.23 33.66
N VAL OB 101 -76.27 -2.88 34.52
CA VAL OB 101 -76.32 -1.55 35.11
C VAL OB 101 -76.49 -1.71 36.62
N VAL OB 102 -75.69 -0.99 37.39
CA VAL OB 102 -75.69 -1.09 38.84
C VAL OB 102 -75.76 0.33 39.40
N CYS OB 103 -76.68 0.55 40.34
CA CYS OB 103 -76.83 1.87 40.94
C CYS OB 103 -75.59 2.20 41.78
N ASN OB 104 -75.52 3.46 42.21
CA ASN OB 104 -74.34 3.93 42.94
C ASN OB 104 -74.20 3.26 44.30
N ASP OB 105 -75.27 2.70 44.85
CA ASP OB 105 -75.17 1.98 46.12
C ASP OB 105 -74.58 0.59 45.95
N GLY OB 106 -74.37 0.13 44.73
CA GLY OB 106 -73.87 -1.20 44.48
C GLY OB 106 -74.93 -2.25 44.23
N TYR OB 107 -76.19 -1.93 44.47
CA TYR OB 107 -77.27 -2.87 44.18
C TYR OB 107 -77.48 -3.02 42.68
N VAL OB 108 -77.78 -4.25 42.26
CA VAL OB 108 -77.95 -4.58 40.85
C VAL OB 108 -79.43 -4.59 40.51
N SER OB 109 -79.76 -4.27 39.27
CA SER OB 109 -81.14 -4.25 38.80
C SER OB 109 -81.20 -5.00 37.47
N GLU OB 110 -81.54 -6.29 37.54
CA GLU OB 110 -81.55 -7.12 36.34
C GLU OB 110 -82.57 -6.62 35.33
N GLU OB 111 -83.79 -6.36 35.79
CA GLU OB 111 -84.86 -5.93 34.88
C GLU OB 111 -84.51 -4.60 34.23
N CYS OB 112 -83.95 -3.67 35.00
CA CYS OB 112 -83.49 -2.42 34.39
C CYS OB 112 -82.40 -2.67 33.37
N SER OB 113 -81.50 -3.61 33.66
CA SER OB 113 -80.49 -4.01 32.69
C SER OB 113 -81.13 -4.97 31.66
N LEU OB 114 -80.29 -5.49 30.77
CA LEU OB 114 -80.74 -6.48 29.81
C LEU OB 114 -80.38 -7.88 30.30
N GLN OB 115 -80.98 -8.87 29.68
CA GLN OB 115 -80.89 -10.26 30.10
C GLN OB 115 -80.26 -11.11 29.00
N LYS OB 116 -80.11 -12.40 29.30
CA LYS OB 116 -79.59 -13.35 28.32
C LYS OB 116 -80.13 -14.75 28.59
N UNK PB 1 -113.24 24.36 62.69
CA UNK PB 1 -114.40 24.82 61.93
C UNK PB 1 -115.64 24.88 62.81
N UNK PB 2 -116.69 24.17 62.38
CA UNK PB 2 -117.94 24.06 63.12
C UNK PB 2 -118.57 25.43 63.40
N UNK PB 3 -118.42 26.36 62.46
CA UNK PB 3 -118.97 27.71 62.62
C UNK PB 3 -118.96 28.45 61.30
N UNK PB 4 -120.05 29.16 60.99
CA UNK PB 4 -120.13 29.95 59.77
C UNK PB 4 -120.70 31.34 60.05
N UNK PB 5 -120.55 31.85 61.26
CA UNK PB 5 -121.09 33.15 61.60
C UNK PB 5 -120.37 33.69 62.84
N UNK PB 6 -119.72 34.84 62.69
CA UNK PB 6 -119.09 35.52 63.81
C UNK PB 6 -120.15 36.34 64.55
N UNK PB 7 -121.12 35.62 65.11
CA UNK PB 7 -122.23 36.25 65.81
C UNK PB 7 -121.72 37.01 67.02
N UNK PB 8 -122.08 38.29 67.12
CA UNK PB 8 -121.67 39.13 68.23
C UNK PB 8 -122.83 39.25 69.22
N UNK PB 9 -122.55 38.93 70.48
CA UNK PB 9 -123.52 39.01 71.57
C UNK PB 9 -124.83 38.29 71.26
N UNK QB 1 -1.28 -67.64 93.75
CA UNK QB 1 -1.42 -66.31 93.17
C UNK QB 1 -1.71 -65.27 94.25
N UNK QB 2 -2.95 -65.27 94.73
CA UNK QB 2 -3.35 -64.34 95.77
C UNK QB 2 -4.53 -64.94 96.54
N UNK QB 3 -4.78 -64.38 97.73
CA UNK QB 3 -5.87 -64.80 98.58
C UNK QB 3 -6.72 -63.60 98.93
N UNK QB 4 -8.04 -63.73 98.77
CA UNK QB 4 -8.96 -62.62 99.02
C UNK QB 4 -9.21 -62.38 100.50
N UNK QB 5 -8.77 -63.29 101.38
CA UNK QB 5 -9.03 -63.13 102.81
C UNK QB 5 -8.31 -61.90 103.36
N UNK QB 6 -7.04 -61.71 102.98
CA UNK QB 6 -6.29 -60.55 103.45
C UNK QB 6 -6.92 -59.26 102.96
N UNK QB 7 -7.34 -59.23 101.69
CA UNK QB 7 -7.97 -58.03 101.14
C UNK QB 7 -9.28 -57.73 101.84
N UNK QB 8 -10.09 -58.77 102.10
CA UNK QB 8 -11.36 -58.55 102.79
C UNK QB 8 -11.14 -58.04 104.20
N UNK QB 9 -10.16 -58.61 104.91
CA UNK QB 9 -9.87 -58.15 106.27
C UNK QB 9 -9.38 -56.71 106.27
N UNK QB 10 -8.51 -56.37 105.30
CA UNK QB 10 -8.03 -55.00 105.21
C UNK QB 10 -9.17 -54.03 104.92
N UNK QB 11 -10.06 -54.40 104.00
CA UNK QB 11 -11.20 -53.55 103.68
C UNK QB 11 -12.11 -53.37 104.88
N UNK QB 12 -12.36 -54.46 105.62
CA UNK QB 12 -13.19 -54.36 106.82
C UNK QB 12 -12.54 -53.44 107.86
N UNK QB 13 -11.23 -53.54 108.03
CA UNK QB 13 -10.53 -52.67 108.96
C UNK QB 13 -10.61 -51.22 108.52
N UNK QB 14 -10.44 -50.96 107.21
CA UNK QB 14 -10.43 -49.59 106.71
C UNK QB 14 -11.82 -48.97 106.66
N UNK QB 15 -12.87 -49.79 106.61
CA UNK QB 15 -14.23 -49.24 106.57
C UNK QB 15 -14.53 -48.39 107.80
N UNK QB 16 -13.91 -48.71 108.94
CA UNK QB 16 -14.06 -47.94 110.17
C UNK QB 16 -12.66 -47.51 110.61
N UNK QB 17 -12.24 -46.33 110.16
CA UNK QB 17 -10.92 -45.82 110.53
C UNK QB 17 -10.81 -45.56 112.03
N UNK QB 18 -11.93 -45.34 112.71
CA UNK QB 18 -11.94 -45.09 114.15
C UNK QB 18 -11.07 -43.90 114.53
N UNK QB 19 -11.01 -42.92 113.63
CA UNK QB 19 -10.23 -41.71 113.87
C UNK QB 19 -10.74 -40.62 112.93
N UNK QB 20 -11.27 -39.54 113.50
CA UNK QB 20 -11.80 -38.42 112.72
C UNK QB 20 -11.23 -37.12 113.25
N UNK QB 21 -10.72 -36.29 112.33
CA UNK QB 21 -10.22 -34.96 112.68
C UNK QB 21 -10.68 -34.01 111.59
N UNK QB 22 -11.60 -33.11 111.93
CA UNK QB 22 -12.19 -32.20 110.95
C UNK QB 22 -12.02 -30.77 111.42
N UNK QB 23 -11.99 -29.86 110.45
CA UNK QB 23 -11.90 -28.43 110.71
C UNK QB 23 -12.96 -27.70 109.89
N UNK QB 24 -13.61 -26.73 110.51
CA UNK QB 24 -14.59 -25.89 109.85
C UNK QB 24 -14.04 -24.47 109.78
N UNK QB 25 -13.94 -23.93 108.57
CA UNK QB 25 -13.45 -22.58 108.35
C UNK QB 25 -14.60 -21.64 108.05
N UNK QB 26 -14.62 -20.52 108.78
CA UNK QB 26 -15.65 -19.51 108.62
C UNK QB 26 -15.25 -18.54 107.51
N UNK QB 27 -16.12 -17.57 107.24
CA UNK QB 27 -15.82 -16.56 106.22
C UNK QB 27 -14.61 -15.73 106.60
N UNK QB 28 -14.37 -15.55 107.89
CA UNK QB 28 -13.22 -14.79 108.40
C UNK QB 28 -11.98 -15.65 108.54
N UNK QB 29 -11.91 -16.79 107.84
CA UNK QB 29 -10.77 -17.69 107.89
C UNK QB 29 -10.48 -18.17 109.32
N UNK QB 30 -11.51 -18.29 110.13
CA UNK QB 30 -11.38 -18.81 111.48
C UNK QB 30 -11.67 -20.30 111.46
N UNK QB 31 -10.77 -21.08 112.05
CA UNK QB 31 -10.88 -22.53 112.06
C UNK QB 31 -11.40 -23.04 113.39
N UNK QB 32 -12.31 -24.00 113.33
CA UNK QB 32 -12.87 -24.64 114.52
C UNK QB 32 -12.69 -26.14 114.38
N UNK QB 33 -12.14 -26.77 115.42
CA UNK QB 33 -11.88 -28.20 115.39
C UNK QB 33 -13.18 -28.98 115.58
N UNK QB 34 -13.12 -30.27 115.24
CA UNK QB 34 -14.26 -31.17 115.38
C UNK QB 34 -14.10 -32.04 116.61
N UNK QB 35 -15.22 -32.39 117.23
CA UNK QB 35 -15.20 -33.31 118.36
C UNK QB 35 -14.76 -34.69 117.91
N UNK QB 36 -13.98 -35.36 118.76
CA UNK QB 36 -13.42 -36.67 118.42
C UNK QB 36 -14.51 -37.73 118.55
N UNK QB 37 -14.86 -38.37 117.44
CA UNK QB 37 -15.84 -39.44 117.43
C UNK QB 37 -15.64 -40.29 116.20
N UNK QB 38 -16.13 -41.52 116.27
CA UNK QB 38 -16.05 -42.48 115.17
C UNK QB 38 -14.61 -42.66 114.68
N UNK QB 39 -17.91 -22.68 102.07
CA UNK QB 39 -16.64 -22.40 102.74
C UNK QB 39 -16.64 -22.98 104.15
N UNK QB 40 -17.83 -23.12 104.73
CA UNK QB 40 -17.97 -23.65 106.08
C UNK QB 40 -17.55 -25.11 106.17
N UNK QB 41 -17.82 -25.90 105.13
CA UNK QB 41 -17.47 -27.31 105.14
C UNK QB 41 -17.27 -27.75 103.68
N UNK QB 42 -16.02 -27.94 103.29
CA UNK QB 42 -15.70 -28.40 101.95
C UNK QB 42 -15.79 -29.91 101.85
N UNK QB 43 -15.37 -30.44 100.70
CA UNK QB 43 -15.40 -31.88 100.51
C UNK QB 43 -14.44 -32.61 101.45
N UNK QB 44 -13.25 -32.05 101.66
CA UNK QB 44 -12.23 -32.68 102.49
C UNK QB 44 -11.96 -31.90 103.78
N UNK QB 45 -13.00 -31.32 104.38
CA UNK QB 45 -12.82 -30.60 105.64
C UNK QB 45 -12.40 -31.54 106.75
N UNK QB 46 -12.57 -32.85 106.56
CA UNK QB 46 -12.21 -33.84 107.55
C UNK QB 46 -11.07 -34.72 107.04
N UNK QB 47 -10.49 -35.49 107.96
CA UNK QB 47 -9.46 -36.46 107.64
C UNK QB 47 -9.55 -37.61 108.63
N UNK QB 48 -9.00 -38.76 108.24
CA UNK QB 48 -9.03 -39.95 109.08
C UNK QB 48 -7.63 -40.53 109.26
N LYS RB 24 -131.72 5.62 45.15
CA LYS RB 24 -132.16 4.37 44.53
C LYS RB 24 -131.03 3.35 44.49
N PHE RB 25 -129.81 3.80 44.74
CA PHE RB 25 -128.65 2.92 44.74
C PHE RB 25 -127.75 3.31 45.90
N LYS RB 26 -127.71 2.46 46.92
CA LYS RB 26 -126.72 2.60 48.00
C LYS RB 26 -125.47 1.89 47.52
N LYS RB 27 -124.58 2.65 46.88
CA LYS RB 27 -123.43 2.05 46.24
C LYS RB 27 -122.54 1.38 47.28
N PRO RB 28 -121.94 0.24 46.95
CA PRO RB 28 -121.08 -0.45 47.90
C PRO RB 28 -119.81 0.33 48.16
N PRO RB 29 -119.11 0.05 49.25
CA PRO RB 29 -117.84 0.75 49.50
C PRO RB 29 -116.88 0.60 48.34
N ILE RB 30 -116.28 1.72 47.94
CA ILE RB 30 -115.44 1.73 46.76
C ILE RB 30 -114.20 0.87 46.97
N ASN RB 31 -113.50 1.09 48.08
CA ASN RB 31 -112.32 0.30 48.40
C ASN RB 31 -112.67 -0.88 49.30
N ASN RB 32 -113.66 -1.65 48.88
CA ASN RB 32 -114.04 -2.84 49.61
C ASN RB 32 -113.11 -3.99 49.24
N PRO RB 33 -112.76 -4.85 50.19
CA PRO RB 33 -111.99 -6.04 49.85
C PRO RB 33 -112.85 -7.09 49.19
N SER RB 34 -113.07 -6.97 47.89
CA SER RB 34 -113.92 -7.89 47.14
C SER RB 34 -113.14 -9.07 46.59
N ASP RB 35 -112.03 -9.46 47.22
CA ASP RB 35 -111.23 -10.58 46.77
C ASP RB 35 -110.74 -11.36 47.99
N ASP RB 36 -110.53 -12.66 47.79
CA ASP RB 36 -110.06 -13.51 48.88
C ASP RB 36 -108.71 -13.06 49.39
N ALA RB 37 -107.79 -12.73 48.49
CA ALA RB 37 -106.49 -12.23 48.92
C ALA RB 37 -106.66 -10.94 49.72
N THR RB 38 -107.53 -10.05 49.26
CA THR RB 38 -107.75 -8.79 49.95
C THR RB 38 -108.29 -9.03 51.36
N ILE RB 39 -109.26 -9.92 51.49
CA ILE RB 39 -109.86 -10.13 52.80
C ILE RB 39 -108.86 -10.81 53.73
N LYS RB 40 -108.05 -11.72 53.21
CA LYS RB 40 -107.02 -12.34 54.04
C LYS RB 40 -106.01 -11.29 54.51
N LEU RB 41 -105.60 -10.40 53.62
CA LEU RB 41 -104.66 -9.37 53.99
C LEU RB 41 -105.25 -8.44 55.04
N ALA RB 42 -106.53 -8.08 54.89
CA ALA RB 42 -107.18 -7.24 55.89
C ALA RB 42 -107.25 -7.94 57.24
N GLU RB 43 -107.58 -9.24 57.23
CA GLU RB 43 -107.61 -9.99 58.48
C GLU RB 43 -106.25 -10.00 59.14
N ALA RB 44 -105.19 -10.23 58.36
CA ALA RB 44 -103.84 -10.23 58.92
C ALA RB 44 -103.49 -8.87 59.48
N ALA RB 45 -103.88 -7.80 58.78
CA ALA RB 45 -103.60 -6.45 59.26
C ALA RB 45 -104.29 -6.21 60.59
N VAL RB 46 -105.55 -6.62 60.71
CA VAL RB 46 -106.27 -6.46 61.97
C VAL RB 46 -105.57 -7.23 63.07
N SER RB 47 -105.17 -8.47 62.78
CA SER RB 47 -104.51 -9.29 63.79
C SER RB 47 -103.23 -8.65 64.28
N VAL RB 48 -102.39 -8.20 63.35
CA VAL RB 48 -101.10 -7.64 63.74
C VAL RB 48 -101.28 -6.33 64.48
N SER RB 49 -102.26 -5.53 64.07
CA SER RB 49 -102.54 -4.28 64.78
C SER RB 49 -102.93 -4.58 66.22
N ASP RB 50 -103.81 -5.55 66.42
CA ASP RB 50 -104.23 -5.90 67.77
C ASP RB 50 -103.04 -6.41 68.58
N SER RB 51 -102.21 -7.25 67.97
CA SER RB 51 -101.07 -7.81 68.69
C SER RB 51 -100.10 -6.70 69.11
N MET RB 52 -99.82 -5.76 68.20
CA MET RB 52 -98.95 -4.65 68.54
C MET RB 52 -99.54 -3.81 69.65
N LEU RB 53 -100.86 -3.58 69.61
CA LEU RB 53 -101.51 -2.82 70.66
C LEU RB 53 -101.34 -3.51 72.00
N GLU RB 54 -101.54 -4.83 72.03
CA GLU RB 54 -101.37 -5.56 73.28
C GLU RB 54 -99.94 -5.47 73.79
N MET RB 55 -98.97 -5.63 72.89
CA MET RB 55 -97.57 -5.59 73.30
C MET RB 55 -97.21 -4.23 73.87
N ALA RB 56 -97.65 -3.16 73.21
CA ALA RB 56 -97.38 -1.82 73.72
C ALA RB 56 -98.06 -1.61 75.06
N LYS RB 57 -99.31 -2.09 75.20
CA LYS RB 57 -100.03 -1.95 76.45
C LYS RB 57 -99.26 -2.60 77.60
N VAL RB 58 -98.84 -3.85 77.42
CA VAL RB 58 -98.11 -4.52 78.49
C VAL RB 58 -96.73 -3.91 78.70
N GLU RB 59 -96.15 -3.33 77.65
CA GLU RB 59 -94.81 -2.77 77.76
C GLU RB 59 -94.79 -1.47 78.56
N LYS RB 60 -95.73 -0.58 78.28
CA LYS RB 60 -95.66 0.76 78.84
C LYS RB 60 -95.86 0.75 80.35
N VAL RB 61 -95.22 1.70 81.02
CA VAL RB 61 -95.30 1.86 82.47
C VAL RB 61 -95.75 3.28 82.77
N ILE RB 62 -96.74 3.41 83.64
CA ILE RB 62 -97.29 4.71 83.98
C ILE RB 62 -97.20 4.93 85.48
N THR RB 63 -97.69 6.07 85.95
CA THR RB 63 -97.70 6.39 87.37
C THR RB 63 -98.99 7.12 87.70
N PRO RB 64 -99.67 6.74 88.79
CA PRO RB 64 -100.90 7.44 89.16
C PRO RB 64 -100.61 8.85 89.59
N PRO RB 65 -101.58 9.76 89.48
CA PRO RB 65 -101.35 11.15 89.90
C PRO RB 65 -101.18 11.32 91.40
N SER RB 66 -101.27 10.25 92.19
CA SER RB 66 -101.10 10.37 93.63
C SER RB 66 -99.66 10.66 94.00
N LYS RB 67 -98.71 10.00 93.33
CA LYS RB 67 -97.32 10.04 93.75
C LYS RB 67 -96.39 10.68 92.74
N ASP RB 68 -96.87 11.11 91.58
CA ASP RB 68 -96.01 11.75 90.61
C ASP RB 68 -95.54 13.10 91.13
N ASN RB 69 -94.24 13.33 91.08
CA ASN RB 69 -93.65 14.54 91.67
C ASN RB 69 -93.65 15.71 90.67
N THR RB 70 -94.83 16.02 90.14
CA THR RB 70 -95.02 17.13 89.22
C THR RB 70 -95.75 18.23 89.99
N LEU RB 71 -95.03 19.31 90.30
CA LEU RB 71 -95.61 20.39 91.09
C LEU RB 71 -96.79 21.01 90.37
N THR RB 72 -97.87 21.23 91.10
CA THR RB 72 -99.07 21.85 90.54
C THR RB 72 -98.99 23.37 90.68
N ILE RB 73 -100.05 24.04 90.25
CA ILE RB 73 -100.11 25.49 90.25
C ILE RB 73 -100.52 25.98 91.64
N PRO RB 74 -99.71 26.81 92.29
CA PRO RB 74 -100.10 27.34 93.61
C PRO RB 74 -101.30 28.26 93.59
N ASN RB 75 -101.75 28.69 92.40
CA ASN RB 75 -102.95 29.52 92.25
C ASN RB 75 -102.82 30.83 93.02
N ALA RB 76 -101.88 31.65 92.55
CA ALA RB 76 -101.67 32.99 93.07
C ALA RB 76 -102.07 34.00 92.00
N TYR RB 77 -102.86 35.00 92.41
CA TYR RB 77 -103.34 36.00 91.47
C TYR RB 77 -102.19 36.72 90.77
N ASN RB 78 -101.09 36.94 91.50
CA ASN RB 78 -99.94 37.59 90.89
C ASN RB 78 -99.37 36.79 89.72
N LEU RB 79 -99.60 35.49 89.69
CA LEU RB 79 -99.00 34.62 88.69
C LEU RB 79 -99.90 34.40 87.47
N GLN RB 80 -101.03 35.07 87.41
CA GLN RB 80 -101.99 34.84 86.33
C GLN RB 80 -101.68 35.66 85.08
N ALA RB 81 -100.66 36.50 85.12
CA ALA RB 81 -100.34 37.35 83.97
C ALA RB 81 -99.78 36.52 82.82
N ARG RB 82 -99.67 37.16 81.66
CA ARG RB 82 -99.13 36.54 80.47
C ARG RB 82 -97.75 37.10 80.17
N ALA RB 83 -96.97 36.35 79.39
CA ALA RB 83 -95.60 36.73 79.11
C ALA RB 83 -95.17 36.12 77.78
N SER RB 84 -93.94 36.44 77.37
CA SER RB 84 -93.33 35.90 76.16
C SER RB 84 -91.85 35.80 76.41
N VAL RB 85 -91.32 34.58 76.44
CA VAL RB 85 -89.95 34.33 76.84
C VAL RB 85 -89.28 33.42 75.82
N ASP RB 86 -88.07 33.80 75.41
CA ASP RB 86 -87.25 33.01 74.50
C ASP RB 86 -85.86 32.92 75.13
N TRP RB 87 -85.65 31.92 75.96
CA TRP RB 87 -84.40 31.78 76.70
C TRP RB 87 -83.85 30.38 76.52
N SER RB 88 -82.54 30.27 76.59
CA SER RB 88 -81.88 28.96 76.64
C SER RB 88 -80.53 29.15 77.32
N GLY RB 89 -80.40 28.62 78.53
CA GLY RB 89 -79.16 28.75 79.28
C GLY RB 89 -79.35 28.48 80.76
N PRO RB 90 -78.57 29.17 81.59
CA PRO RB 90 -78.67 28.95 83.03
C PRO RB 90 -80.07 29.22 83.56
N ILE RB 91 -80.45 28.46 84.59
CA ILE RB 91 -81.82 28.42 85.07
C ILE RB 91 -82.05 29.40 86.21
N GLU RB 92 -81.05 29.55 87.09
CA GLU RB 92 -81.22 30.34 88.29
C GLU RB 92 -81.52 31.81 87.96
N GLU RB 93 -80.79 32.38 87.01
CA GLU RB 93 -81.04 33.76 86.65
C GLU RB 93 -82.42 33.93 86.03
N LEU RB 94 -82.83 32.98 85.20
CA LEU RB 94 -84.14 33.06 84.58
C LEU RB 94 -85.25 33.04 85.62
N THR RB 95 -85.17 32.12 86.57
CA THR RB 95 -86.23 32.03 87.57
C THR RB 95 -86.19 33.22 88.52
N ALA RB 96 -84.99 33.73 88.83
CA ALA RB 96 -84.91 34.93 89.65
C ALA RB 96 -85.57 36.12 88.95
N ARG RB 97 -85.33 36.28 87.64
CA ARG RB 97 -85.97 37.35 86.89
C ARG RB 97 -87.48 37.16 86.86
N ILE RB 98 -87.93 35.91 86.72
CA ILE RB 98 -89.37 35.66 86.73
C ILE RB 98 -89.97 36.06 88.07
N ALA RB 99 -89.28 35.72 89.17
CA ALA RB 99 -89.77 36.11 90.49
C ALA RB 99 -89.82 37.62 90.64
N LYS RB 100 -88.78 38.31 90.15
CA LYS RB 100 -88.77 39.77 90.24
C LYS RB 100 -89.91 40.38 89.45
N ALA RB 101 -90.22 39.80 88.27
CA ALA RB 101 -91.37 40.26 87.51
C ALA RB 101 -92.66 39.99 88.27
N ALA RB 102 -92.74 38.87 88.96
CA ALA RB 102 -93.94 38.48 89.68
C ALA RB 102 -94.06 39.14 91.05
N HIS RB 103 -93.07 39.96 91.44
CA HIS RB 103 -93.08 40.67 92.72
C HIS RB 103 -92.96 39.71 93.90
N PHE RB 104 -92.25 38.61 93.72
CA PHE RB 104 -91.98 37.66 94.79
C PHE RB 104 -90.49 37.59 95.04
N ARG RB 105 -90.11 37.55 96.31
CA ARG RB 105 -88.70 37.42 96.65
C ARG RB 105 -88.16 36.08 96.19
N PHE RB 106 -86.87 36.05 95.89
CA PHE RB 106 -86.21 34.85 95.39
C PHE RB 106 -85.24 34.33 96.45
N ARG RB 107 -85.15 33.01 96.56
CA ARG RB 107 -84.23 32.43 97.53
C ARG RB 107 -83.74 31.08 97.01
N VAL RB 108 -82.49 30.77 97.33
CA VAL RB 108 -81.82 29.57 96.84
C VAL RB 108 -81.27 28.80 98.02
N LEU RB 109 -81.51 27.49 98.04
CA LEU RB 109 -81.02 26.60 99.09
C LEU RB 109 -80.12 25.54 98.49
N GLY RB 110 -79.01 25.27 99.15
CA GLY RB 110 -78.04 24.31 98.69
C GLY RB 110 -76.83 24.95 98.04
N LYS RB 111 -76.09 24.12 97.30
CA LYS RB 111 -74.91 24.56 96.59
C LYS RB 111 -75.11 24.37 95.09
N SER RB 112 -74.66 25.35 94.32
CA SER RB 112 -74.78 25.26 92.87
C SER RB 112 -73.67 24.39 92.31
N PRO RB 113 -73.99 23.32 91.59
CA PRO RB 113 -72.93 22.48 91.00
C PRO RB 113 -72.09 23.26 90.01
N SER RB 114 -70.81 22.91 89.95
CA SER RB 114 -69.90 23.57 89.02
C SER RB 114 -70.37 23.41 87.58
N VAL RB 115 -70.72 22.20 87.19
CA VAL RB 115 -71.34 22.02 85.87
C VAL RB 115 -72.69 22.72 85.85
N PRO RB 116 -72.98 23.56 84.87
CA PRO RB 116 -74.20 24.36 84.90
C PRO RB 116 -75.43 23.52 84.55
N VAL RB 117 -76.59 24.08 84.84
CA VAL RB 117 -77.88 23.48 84.55
C VAL RB 117 -78.57 24.34 83.50
N LEU RB 118 -78.93 23.73 82.37
CA LEU RB 118 -79.37 24.47 81.21
C LEU RB 118 -80.69 23.92 80.70
N ILE RB 119 -81.46 24.80 80.05
CA ILE RB 119 -82.77 24.47 79.51
C ILE RB 119 -82.98 25.21 78.20
N SER RB 120 -84.14 25.02 77.58
CA SER RB 120 -84.47 25.70 76.33
C SER RB 120 -85.97 25.90 76.29
N ILE RB 121 -86.41 27.16 76.34
CA ILE RB 121 -87.82 27.52 76.36
C ILE RB 121 -88.05 28.65 75.36
N SER RB 122 -89.12 28.54 74.58
CA SER RB 122 -89.50 29.59 73.66
C SER RB 122 -91.03 29.58 73.56
N THR RB 123 -91.67 30.52 74.24
CA THR RB 123 -93.12 30.65 74.22
C THR RB 123 -93.47 32.13 74.06
N LYS RB 124 -94.66 32.37 73.51
CA LYS RB 124 -95.07 33.72 73.17
C LYS RB 124 -96.24 34.24 74.00
N ASP RB 125 -97.17 33.38 74.40
CA ASP RB 125 -98.34 33.83 75.16
C ASP RB 125 -98.72 32.71 76.13
N GLU RB 126 -98.25 32.84 77.37
CA GLU RB 126 -98.55 31.85 78.39
C GLU RB 126 -98.36 32.50 79.76
N SER RB 127 -98.77 31.78 80.79
CA SER RB 127 -98.75 32.33 82.15
C SER RB 127 -97.58 31.74 82.95
N LEU RB 128 -97.12 32.54 83.92
CA LEU RB 128 -95.93 32.19 84.67
C LEU RB 128 -96.11 30.93 85.49
N ALA RB 129 -97.35 30.59 85.85
CA ALA RB 129 -97.59 29.36 86.62
C ALA RB 129 -97.14 28.14 85.83
N GLU RB 130 -97.72 27.93 84.64
CA GLU RB 130 -97.31 26.79 83.84
C GLU RB 130 -95.88 26.97 83.33
N ILE RB 131 -95.42 28.22 83.18
CA ILE RB 131 -94.01 28.44 82.86
C ILE RB 131 -93.13 27.80 83.92
N LEU RB 132 -93.40 28.09 85.19
CA LEU RB 132 -92.64 27.51 86.28
C LEU RB 132 -92.81 26.00 86.34
N ARG RB 133 -94.01 25.51 86.03
CA ARG RB 133 -94.22 24.07 86.04
C ARG RB 133 -93.34 23.39 85.00
N ASP RB 134 -93.26 23.97 83.80
CA ASP RB 134 -92.39 23.43 82.76
C ASP RB 134 -90.93 23.52 83.19
N ILE RB 135 -90.55 24.62 83.84
CA ILE RB 135 -89.19 24.76 84.34
C ILE RB 135 -88.88 23.61 85.30
N ASP RB 136 -89.78 23.37 86.24
CA ASP RB 136 -89.55 22.31 87.23
C ASP RB 136 -89.48 20.95 86.57
N TYR RB 137 -90.35 20.70 85.58
CA TYR RB 137 -90.33 19.41 84.90
C TYR RB 137 -89.01 19.20 84.17
N GLN RB 138 -88.52 20.23 83.48
CA GLN RB 138 -87.25 20.09 82.77
C GLN RB 138 -86.08 20.00 83.74
N ALA RB 139 -86.23 20.55 84.94
CA ALA RB 139 -85.13 20.54 85.90
C ALA RB 139 -84.74 19.13 86.33
N GLY RB 140 -85.59 18.14 86.07
CA GLY RB 140 -85.28 16.78 86.46
C GLY RB 140 -85.18 16.67 87.97
N LYS RB 141 -84.15 15.94 88.42
CA LYS RB 141 -83.96 15.69 89.84
C LYS RB 141 -82.79 16.46 90.44
N LYS RB 142 -82.14 17.32 89.66
CA LYS RB 142 -81.01 18.07 90.18
C LYS RB 142 -81.45 19.16 91.15
N ALA RB 143 -82.60 19.79 90.89
CA ALA RB 143 -83.11 20.81 91.78
C ALA RB 143 -84.62 20.88 91.62
N SER RB 144 -85.27 21.44 92.63
CA SER RB 144 -86.72 21.61 92.66
C SER RB 144 -87.05 23.05 93.02
N ILE RB 145 -88.32 23.40 92.87
CA ILE RB 145 -88.80 24.73 93.17
C ILE RB 145 -90.01 24.64 94.08
N HIS RB 146 -90.21 25.69 94.86
CA HIS RB 146 -91.36 25.78 95.75
C HIS RB 146 -91.85 27.23 95.78
N VAL RB 147 -93.13 27.38 96.04
CA VAL RB 147 -93.79 28.69 96.07
C VAL RB 147 -94.47 28.84 97.42
N TYR RB 148 -94.33 30.00 98.03
CA TYR RB 148 -94.96 30.28 99.32
C TYR RB 148 -95.67 31.63 99.25
N PRO RB 149 -97.00 31.66 99.40
CA PRO RB 149 -97.73 32.92 99.38
C PRO RB 149 -97.95 33.54 100.74
N ASN RB 150 -97.70 32.82 101.83
CA ASN RB 150 -97.74 33.41 103.16
C ASN RB 150 -96.74 34.54 103.23
N SER RB 151 -95.46 34.21 103.04
CA SER RB 151 -94.43 35.19 102.74
C SER RB 151 -94.10 35.03 101.27
N GLN RB 152 -94.27 36.10 100.49
CA GLN RB 152 -94.33 36.00 99.04
C GLN RB 152 -92.94 35.66 98.51
N VAL RB 153 -92.62 34.36 98.54
CA VAL RB 153 -91.27 33.92 98.25
C VAL RB 153 -91.30 32.72 97.31
N VAL RB 154 -90.23 32.56 96.55
CA VAL RB 154 -89.99 31.40 95.72
C VAL RB 154 -88.64 30.82 96.10
N GLU RB 155 -88.55 29.49 96.11
CA GLU RB 155 -87.36 28.80 96.58
C GLU RB 155 -86.87 27.83 95.52
N LEU RB 156 -85.57 27.88 95.26
CA LEU RB 156 -84.90 26.93 94.37
C LEU RB 156 -83.96 26.10 95.22
N ARG RB 157 -84.29 24.82 95.38
CA ARG RB 157 -83.59 23.93 96.30
C ARG RB 157 -82.80 22.90 95.50
N TYR RB 158 -81.49 22.85 95.72
CA TYR RB 158 -80.67 21.88 95.00
C TYR RB 158 -80.82 20.50 95.63
N ALA RB 159 -80.18 19.52 94.99
CA ALA RB 159 -80.08 18.17 95.54
C ALA RB 159 -78.63 17.90 95.96
N LYS RB 160 -78.37 16.68 96.39
CA LYS RB 160 -77.03 16.28 96.82
C LYS RB 160 -76.47 15.16 95.95
N ILE SB 208 -112.79 -11.74 101.15
CA ILE SB 208 -113.56 -12.19 99.99
C ILE SB 208 -114.28 -11.01 99.35
N ILE SB 209 -113.99 -10.78 98.07
CA ILE SB 209 -114.57 -9.66 97.33
C ILE SB 209 -116.03 -9.95 97.05
N TYR SB 210 -116.83 -8.90 96.97
CA TYR SB 210 -118.26 -9.00 96.74
C TYR SB 210 -118.66 -8.19 95.52
N TYR SB 211 -119.73 -8.63 94.86
CA TYR SB 211 -120.28 -7.94 93.69
C TYR SB 211 -121.70 -7.50 93.99
N ILE SB 212 -122.35 -6.94 92.98
CA ILE SB 212 -123.70 -6.42 93.08
C ILE SB 212 -124.57 -7.12 92.05
N GLN SB 213 -125.85 -7.29 92.38
CA GLN SB 213 -126.82 -7.89 91.48
C GLN SB 213 -127.85 -6.89 90.98
N ALA SB 214 -128.54 -6.22 91.89
CA ALA SB 214 -129.52 -5.20 91.54
C ALA SB 214 -129.68 -4.28 92.73
N VAL SB 215 -129.86 -2.99 92.44
CA VAL SB 215 -129.98 -1.97 93.47
C VAL SB 215 -131.20 -1.11 93.19
N ILE SB 216 -132.15 -1.13 94.11
CA ILE SB 216 -133.24 -0.16 94.12
C ILE SB 216 -132.70 1.07 94.83
N PRO SB 217 -133.22 2.26 94.58
CA PRO SB 217 -132.83 3.40 95.43
C PRO SB 217 -133.12 3.10 96.89
N GLY SB 218 -132.06 2.97 97.68
CA GLY SB 218 -132.23 2.69 99.09
C GLY SB 218 -131.75 1.30 99.51
N ARG SB 219 -132.01 0.30 98.68
CA ARG SB 219 -131.72 -1.09 99.01
C ARG SB 219 -130.95 -1.74 97.87
N ALA SB 220 -130.04 -2.64 98.22
CA ALA SB 220 -129.15 -3.23 97.23
C ALA SB 220 -128.98 -4.72 97.49
N TRP SB 221 -128.58 -5.43 96.44
CA TRP SB 221 -128.31 -6.85 96.50
C TRP SB 221 -126.82 -7.10 96.33
N LEU SB 222 -126.30 -8.06 97.09
CA LEU SB 222 -124.87 -8.36 97.09
C LEU SB 222 -124.68 -9.87 96.98
N ILE SB 223 -123.55 -10.26 96.38
CA ILE SB 223 -123.18 -11.66 96.23
C ILE SB 223 -121.77 -11.85 96.77
N GLY SB 224 -121.46 -13.09 97.13
CA GLY SB 224 -120.14 -13.45 97.58
C GLY SB 224 -119.57 -14.59 96.76
N SER SB 225 -118.23 -14.65 96.69
CA SER SB 225 -117.57 -15.76 96.03
C SER SB 225 -117.89 -17.08 96.71
N ASN SB 226 -118.26 -17.05 97.98
CA ASN SB 226 -118.73 -18.23 98.68
C ASN SB 226 -120.16 -18.60 98.30
N GLY SB 227 -120.84 -17.77 97.52
CA GLY SB 227 -122.20 -18.06 97.11
C GLY SB 227 -123.28 -17.50 98.03
N SER SB 228 -122.95 -16.53 98.87
CA SER SB 228 -123.91 -15.98 99.82
C SER SB 228 -124.61 -14.77 99.20
N THR SB 229 -125.94 -14.84 99.13
CA THR SB 229 -126.74 -13.71 98.69
C THR SB 229 -127.13 -12.86 99.90
N LEU SB 230 -126.97 -11.55 99.76
CA LEU SB 230 -127.22 -10.64 100.88
C LEU SB 230 -128.04 -9.46 100.40
N THR SB 231 -128.82 -8.91 101.33
CA THR SB 231 -129.57 -7.68 101.11
C THR SB 231 -129.01 -6.60 102.02
N VAL SB 232 -128.59 -5.48 101.44
CA VAL SB 232 -127.89 -4.44 102.17
C VAL SB 232 -128.66 -3.14 102.04
N ARG SB 233 -128.93 -2.49 103.16
CA ARG SB 233 -129.59 -1.21 103.20
C ARG SB 233 -128.55 -0.09 103.31
N GLU SB 234 -129.03 1.15 103.30
CA GLU SB 234 -128.12 2.29 103.44
C GLU SB 234 -127.43 2.27 104.80
N GLY SB 235 -128.19 2.04 105.87
CA GLY SB 235 -127.59 1.86 107.17
C GLY SB 235 -127.39 0.39 107.48
N SER SB 236 -126.18 -0.10 107.27
CA SER SB 236 -125.89 -1.52 107.45
C SER SB 236 -124.38 -1.72 107.47
N LYS SB 237 -123.98 -2.93 107.86
CA LYS SB 237 -122.57 -3.29 107.99
C LYS SB 237 -122.30 -4.56 107.21
N ILE SB 238 -121.16 -4.58 106.52
CA ILE SB 238 -120.68 -5.78 105.84
C ILE SB 238 -119.30 -6.12 106.37
N PRO SB 239 -119.02 -7.39 106.65
CA PRO SB 239 -117.74 -7.76 107.28
C PRO SB 239 -116.56 -7.48 106.36
N GLY SB 240 -115.52 -6.86 106.92
CA GLY SB 240 -114.33 -6.54 106.18
C GLY SB 240 -114.39 -5.24 105.40
N TYR SB 241 -115.53 -4.58 105.37
CA TYR SB 241 -115.66 -3.31 104.65
C TYR SB 241 -116.22 -2.24 105.56
N GLY SB 242 -117.05 -2.64 106.53
CA GLY SB 242 -117.55 -1.72 107.52
C GLY SB 242 -118.95 -1.21 107.27
N MET SB 243 -119.27 -0.06 107.86
CA MET SB 243 -120.59 0.54 107.74
C MET SB 243 -120.81 1.05 106.31
N VAL SB 244 -122.02 0.81 105.80
CA VAL SB 244 -122.39 1.30 104.48
C VAL SB 244 -122.53 2.81 104.54
N LYS SB 245 -121.67 3.50 103.80
CA LYS SB 245 -121.63 4.96 103.88
C LYS SB 245 -122.61 5.63 102.92
N LEU SB 246 -122.66 5.17 101.67
CA LEU SB 246 -123.58 5.76 100.69
C LEU SB 246 -123.71 4.79 99.52
N ILE SB 247 -124.75 5.01 98.72
CA ILE SB 247 -125.05 4.14 97.58
C ILE SB 247 -125.32 4.99 96.36
N ASP SB 248 -125.19 4.36 95.20
CA ASP SB 248 -125.53 4.96 93.91
C ASP SB 248 -126.50 4.02 93.20
N SER SB 249 -127.69 4.51 92.88
CA SER SB 249 -128.67 3.69 92.19
C SER SB 249 -128.56 3.80 90.67
N LEU SB 250 -128.29 5.00 90.17
CA LEU SB 250 -128.16 5.16 88.72
C LEU SB 250 -126.88 4.53 88.20
N GLN SB 251 -125.82 4.54 89.01
CA GLN SB 251 -124.54 3.95 88.65
C GLN SB 251 -124.25 2.78 89.58
N GLY SB 252 -123.85 1.66 89.01
CA GLY SB 252 -123.63 0.45 89.80
C GLY SB 252 -122.39 0.53 90.66
N ARG SB 253 -122.42 1.40 91.66
CA ARG SB 253 -121.26 1.62 92.52
C ARG SB 253 -121.73 1.90 93.94
N ILE SB 254 -121.09 1.26 94.91
CA ILE SB 254 -121.41 1.42 96.31
C ILE SB 254 -120.13 1.79 97.07
N LEU SB 255 -120.21 2.81 97.91
CA LEU SB 255 -119.07 3.29 98.66
C LEU SB 255 -119.20 2.86 100.12
N THR SB 256 -118.14 2.26 100.65
CA THR SB 256 -118.10 1.74 102.01
C THR SB 256 -117.14 2.57 102.86
N SER SB 257 -117.08 2.22 104.15
CA SER SB 257 -116.13 2.89 105.05
C SER SB 257 -114.70 2.67 104.61
N SER SB 258 -114.39 1.50 104.07
CA SER SB 258 -113.06 1.22 103.57
C SER SB 258 -112.71 2.06 102.33
N GLY SB 259 -113.69 2.72 101.73
CA GLY SB 259 -113.47 3.52 100.55
C GLY SB 259 -113.44 2.76 99.26
N GLN SB 260 -113.42 1.43 99.30
CA GLN SB 260 -113.47 0.62 98.10
C GLN SB 260 -114.90 0.56 97.57
N VAL SB 261 -115.01 0.28 96.28
CA VAL SB 261 -116.29 0.28 95.58
C VAL SB 261 -116.56 -1.12 95.06
N ILE SB 262 -117.79 -1.59 95.25
CA ILE SB 262 -118.22 -2.92 94.82
C ILE SB 262 -119.14 -2.76 93.63
N LYS SB 263 -118.82 -3.43 92.53
CA LYS SB 263 -119.54 -3.28 91.29
C LYS SB 263 -119.93 -4.63 90.71
N PHE SB 264 -120.39 -4.66 89.47
CA PHE SB 264 -120.68 -5.90 88.79
C PHE SB 264 -119.39 -6.63 88.44
N SER SB 265 -119.52 -7.92 88.16
CA SER SB 265 -118.38 -8.75 87.81
C SER SB 265 -118.12 -8.70 86.31
N GLN SB 266 -117.00 -9.30 85.91
CA GLN SB 266 -116.61 -9.34 84.50
C GLN SB 266 -116.24 -10.75 84.08
N ALA TB 104 15.65 37.37 114.68
CA ALA TB 104 16.15 36.35 113.77
C ALA TB 104 15.87 36.73 112.32
N GLU TB 105 14.76 37.42 112.10
CA GLU TB 105 14.39 37.84 110.75
C GLU TB 105 15.37 38.86 110.18
N VAL TB 106 16.16 39.52 111.03
CA VAL TB 106 17.17 40.44 110.54
C VAL TB 106 18.18 39.69 109.67
N ILE TB 107 18.42 38.41 109.96
CA ILE TB 107 19.29 37.60 109.12
C ILE TB 107 18.75 37.55 107.70
N ASP TB 108 17.46 37.22 107.56
CA ASP TB 108 16.85 37.19 106.24
C ASP TB 108 16.87 38.56 105.58
N LYS TB 109 16.65 39.61 106.39
CA LYS TB 109 16.62 40.96 105.84
C LYS TB 109 17.97 41.34 105.23
N LYS TB 110 19.06 41.13 105.97
CA LYS TB 110 20.36 41.50 105.43
C LYS TB 110 20.81 40.57 104.32
N ALA TB 111 20.41 39.30 104.38
CA ALA TB 111 20.67 38.40 103.25
C ALA TB 111 19.98 38.93 101.99
N PHE TB 112 18.72 39.34 102.13
CA PHE TB 112 18.00 39.92 100.99
C PHE TB 112 18.69 41.17 100.48
N LYS TB 113 19.12 42.04 101.39
CA LYS TB 113 19.74 43.30 100.96
C LYS TB 113 21.04 43.05 100.20
N ASP TB 114 21.92 42.21 100.76
CA ASP TB 114 23.20 42.00 100.08
C ASP TB 114 23.03 41.18 98.81
N MET TB 115 22.02 40.29 98.76
CA MET TB 115 21.73 39.59 97.51
C MET TB 115 21.27 40.55 96.43
N THR TB 116 20.42 41.52 96.81
CA THR TB 116 20.02 42.54 95.86
C THR TB 116 21.21 43.36 95.38
N ARG TB 117 22.12 43.69 96.31
CA ARG TB 117 23.32 44.42 95.94
C ARG TB 117 24.16 43.64 94.94
N ASN TB 118 24.33 42.34 95.17
CA ASN TB 118 25.09 41.51 94.24
C ASN TB 118 24.39 41.42 92.90
N LEU TB 119 23.06 41.30 92.90
CA LEU TB 119 22.32 41.22 91.65
C LEU TB 119 22.49 42.50 90.83
N TYR TB 120 22.47 43.65 91.50
CA TYR TB 120 22.62 44.94 90.84
C TYR TB 120 23.78 45.69 91.49
N PRO TB 121 25.02 45.32 91.17
CA PRO TB 121 26.17 46.03 91.73
C PRO TB 121 26.26 47.47 91.29
N LEU TB 122 25.57 47.87 90.23
CA LEU TB 122 25.67 49.20 89.69
C LEU TB 122 24.49 50.05 90.13
N ASN TB 123 24.71 51.35 90.22
CA ASN TB 123 23.56 52.20 90.47
C ASN TB 123 23.14 52.89 89.18
N PRO TB 124 21.84 53.17 89.01
CA PRO TB 124 21.39 53.79 87.76
C PRO TB 124 22.07 55.12 87.45
N GLU TB 125 22.32 55.94 88.45
CA GLU TB 125 23.04 57.18 88.23
C GLU TB 125 24.46 56.91 87.73
N GLN TB 126 25.12 55.90 88.29
CA GLN TB 126 26.43 55.51 87.80
C GLN TB 126 26.36 55.03 86.36
N VAL TB 127 25.29 54.32 86.02
CA VAL TB 127 25.08 53.86 84.65
C VAL TB 127 24.97 55.05 83.71
N VAL TB 128 24.21 56.05 84.11
CA VAL TB 128 24.07 57.24 83.28
C VAL TB 128 25.41 57.96 83.14
N LYS TB 129 26.17 58.04 84.23
CA LYS TB 129 27.47 58.70 84.18
C LYS TB 129 28.42 57.98 83.23
N LEU TB 130 28.48 56.66 83.31
CA LEU TB 130 29.36 55.93 82.39
C LEU TB 130 28.85 56.00 80.97
N LYS TB 131 27.53 56.12 80.77
CA LYS TB 131 27.02 56.38 79.43
C LYS TB 131 27.51 57.71 78.91
N GLN TB 132 27.52 58.74 79.76
CA GLN TB 132 28.07 60.02 79.36
C GLN TB 132 29.54 59.90 78.99
N ILE TB 133 30.29 59.13 79.79
CA ILE TB 133 31.71 58.94 79.52
C ILE TB 133 31.92 58.27 78.17
N TYR TB 134 31.14 57.23 77.89
CA TYR TB 134 31.25 56.52 76.62
C TYR TB 134 30.90 57.41 75.45
N GLU TB 135 29.84 58.21 75.59
CA GLU TB 135 29.46 59.13 74.52
C GLU TB 135 30.54 60.17 74.29
N THR TB 136 31.15 60.67 75.37
CA THR TB 136 32.24 61.62 75.24
C THR TB 136 33.42 60.99 74.52
N SER TB 137 33.76 59.75 74.87
CA SER TB 137 34.85 59.06 74.19
C SER TB 137 34.55 58.88 72.72
N GLU TB 138 33.32 58.51 72.39
CA GLU TB 138 32.95 58.32 70.99
C GLU TB 138 33.02 59.64 70.23
N TYR TB 139 32.57 60.73 70.85
CA TYR TB 139 32.63 62.03 70.19
C TYR TB 139 34.08 62.45 69.97
N ALA TB 140 34.95 62.21 70.95
CA ALA TB 140 36.36 62.53 70.78
C ALA TB 140 36.97 61.71 69.66
N LYS TB 141 36.60 60.43 69.56
CA LYS TB 141 37.09 59.60 68.46
C LYS TB 141 36.61 60.11 67.12
N ALA TB 142 35.33 60.54 67.04
CA ALA TB 142 34.75 60.97 65.78
C ALA TB 142 35.19 62.36 65.38
N ALA TB 143 35.68 63.17 66.31
CA ALA TB 143 36.10 64.53 65.98
C ALA TB 143 37.29 64.52 65.03
N THR TB 144 37.40 65.58 64.23
CA THR TB 144 38.45 65.68 63.24
C THR TB 144 39.40 66.82 63.58
N PRO TB 145 40.71 66.59 63.56
CA PRO TB 145 41.66 67.67 63.87
C PRO TB 145 41.60 68.78 62.85
N GLY TB 146 41.91 69.99 63.31
CA GLY TB 146 41.89 71.13 62.42
C GLY TB 146 40.47 71.46 61.96
N THR TB 147 40.39 72.07 60.79
CA THR TB 147 39.08 72.39 60.24
C THR TB 147 38.76 71.51 59.05
N PRO TB 148 37.53 70.99 58.97
CA PRO TB 148 37.13 70.20 57.80
C PRO TB 148 37.12 71.07 56.56
N PRO TB 149 37.30 70.48 55.38
CA PRO TB 149 37.36 71.27 54.15
C PRO TB 149 36.06 72.02 53.90
N LYS TB 150 36.19 73.17 53.26
CA LYS TB 150 35.04 74.03 53.01
C LYS TB 150 34.15 73.39 51.95
N PRO TB 151 32.89 73.08 52.27
CA PRO TB 151 32.01 72.48 51.27
C PRO TB 151 31.59 73.46 50.19
N THR TB 152 32.10 73.26 48.98
CA THR TB 152 31.87 74.19 47.89
C THR TB 152 31.90 73.44 46.56
N ALA TB 153 31.38 74.10 45.53
CA ALA TB 153 31.46 73.61 44.17
C ALA TB 153 32.37 74.51 43.34
N THR TB 154 32.85 73.97 42.22
CA THR TB 154 33.77 74.69 41.36
C THR TB 154 33.45 74.40 39.90
N SER TB 155 33.71 75.39 39.05
CA SER TB 155 33.57 75.26 37.61
C SER TB 155 34.76 75.91 36.95
N GLN TB 156 35.49 75.16 36.13
CA GLN TB 156 36.70 75.66 35.50
C GLN TB 156 36.72 75.30 34.03
N PHE TB 157 37.35 76.15 33.25
CA PHE TB 157 37.55 75.92 31.82
C PHE TB 157 38.96 75.42 31.59
N VAL TB 158 39.09 74.37 30.79
CA VAL TB 158 40.36 73.70 30.56
C VAL TB 158 40.87 74.04 29.18
N ASN TB 159 42.12 74.49 29.10
CA ASN TB 159 42.77 74.81 27.84
C ASN TB 159 43.61 73.63 27.39
N LEU TB 160 43.47 73.27 26.11
CA LEU TB 160 44.18 72.13 25.55
C LEU TB 160 45.58 72.47 25.05
N SER TB 161 46.01 73.71 25.20
CA SER TB 161 47.34 74.09 24.74
C SER TB 161 48.40 73.32 25.51
N PRO TB 162 49.47 72.89 24.83
CA PRO TB 162 50.53 72.17 25.56
C PRO TB 162 51.14 72.99 26.68
N GLY TB 163 51.31 74.29 26.49
CA GLY TB 163 51.83 75.14 27.54
C GLY TB 163 50.85 75.47 28.64
N SER TB 164 49.56 75.17 28.43
CA SER TB 164 48.58 75.41 29.47
C SER TB 164 48.83 74.50 30.67
N THR TB 165 48.83 75.08 31.86
CA THR TB 165 49.11 74.31 33.06
C THR TB 165 48.01 73.28 33.29
N PRO TB 166 48.34 72.10 33.80
CA PRO TB 166 47.34 71.05 33.96
C PRO TB 166 46.35 71.39 35.06
N PRO TB 167 45.05 71.34 34.78
CA PRO TB 167 44.06 71.61 35.81
C PRO TB 167 44.08 70.58 36.93
N VAL TB 168 43.83 71.06 38.14
CA VAL TB 168 43.85 70.26 39.36
C VAL TB 168 42.45 70.26 39.96
N ILE TB 169 42.19 69.23 40.76
CA ILE TB 169 40.91 69.05 41.44
C ILE TB 169 41.17 68.77 42.91
N ARG TB 170 40.66 69.63 43.78
CA ARG TB 170 40.73 69.38 45.21
C ARG TB 170 39.85 68.19 45.57
N LEU TB 171 40.34 67.36 46.49
CA LEU TB 171 39.60 66.18 46.91
C LEU TB 171 39.70 66.01 48.42
N SER TB 172 38.70 65.36 48.98
CA SER TB 172 38.65 65.03 50.40
C SER TB 172 38.36 63.54 50.58
N GLN TB 173 39.07 62.92 51.52
CA GLN TB 173 38.93 61.49 51.72
C GLN TB 173 37.53 61.16 52.26
N GLY TB 174 37.01 60.02 51.82
CA GLY TB 174 35.73 59.54 52.30
C GLY TB 174 34.51 60.17 51.65
N PHE TB 175 34.69 61.09 50.71
CA PHE TB 175 33.58 61.76 50.07
C PHE TB 175 33.74 61.70 48.55
N VAL TB 176 32.61 61.76 47.86
CA VAL TB 176 32.56 61.59 46.41
C VAL TB 176 32.36 62.95 45.75
N SER TB 177 33.29 63.31 44.88
CA SER TB 177 33.15 64.48 44.03
C SER TB 177 32.45 64.07 42.74
N SER TB 178 31.51 64.91 42.31
CA SER TB 178 30.76 64.69 41.08
C SER TB 178 31.35 65.57 39.98
N LEU TB 179 31.88 64.92 38.95
CA LEU TB 179 32.51 65.61 37.83
C LEU TB 179 31.57 65.58 36.63
N VAL TB 180 31.29 66.76 36.08
CA VAL TB 180 30.40 66.93 34.93
C VAL TB 180 31.16 67.68 33.85
N PHE TB 181 31.10 67.15 32.63
CA PHE TB 181 31.85 67.70 31.49
C PHE TB 181 30.89 68.40 30.55
N LEU TB 182 31.15 69.68 30.29
CA LEU TB 182 30.43 70.45 29.29
C LEU TB 182 31.46 71.10 28.36
N ASP TB 183 31.06 71.34 27.12
CA ASP TB 183 31.99 71.93 26.16
C ASP TB 183 32.07 73.44 26.39
N SER TB 184 32.71 74.16 25.47
CA SER TB 184 32.77 75.61 25.59
C SER TB 184 31.39 76.24 25.53
N THR TB 185 30.47 75.65 24.77
CA THR TB 185 29.09 76.11 24.74
C THR TB 185 28.24 75.51 25.85
N GLY TB 186 28.82 74.66 26.69
CA GLY TB 186 28.08 74.03 27.77
C GLY TB 186 27.43 72.72 27.41
N ALA TB 187 27.54 72.27 26.16
CA ALA TB 187 26.96 70.99 25.78
C ALA TB 187 27.71 69.85 26.46
N PRO TB 188 27.01 68.94 27.14
CA PRO TB 188 27.70 67.82 27.78
C PRO TB 188 28.38 66.93 26.75
N TRP TB 189 29.49 66.34 27.16
CA TRP TB 189 30.33 65.55 26.24
C TRP TB 189 30.51 64.15 26.80
N PRO TB 190 29.89 63.14 26.22
CA PRO TB 190 30.09 61.76 26.69
C PRO TB 190 31.55 61.35 26.60
N ILE TB 191 31.96 60.52 27.56
CA ILE TB 191 33.35 60.12 27.74
C ILE TB 191 33.57 58.77 27.06
N ALA TB 192 34.52 58.72 26.15
CA ALA TB 192 34.83 57.47 25.46
C ALA TB 192 35.51 56.47 26.39
N ALA TB 193 36.53 56.92 27.13
CA ALA TB 193 37.31 56.02 27.96
C ALA TB 193 38.08 56.84 28.99
N TYR TB 194 38.62 56.14 29.98
CA TYR TB 194 39.39 56.78 31.04
C TYR TB 194 40.53 55.88 31.44
N ASP TB 195 41.53 56.48 32.08
CA ASP TB 195 42.60 55.73 32.73
C ASP TB 195 43.05 56.51 33.96
N LEU TB 196 43.17 55.81 35.08
CA LEU TB 196 43.43 56.42 36.37
C LEU TB 196 44.69 55.83 36.97
N GLY TB 197 45.55 56.68 37.51
CA GLY TB 197 46.69 56.21 38.28
C GLY TB 197 46.35 56.00 39.74
N ASP TB 198 47.05 55.05 40.36
CA ASP TB 198 46.89 54.72 41.77
C ASP TB 198 45.43 54.44 42.12
N PRO TB 199 44.88 53.30 41.72
CA PRO TB 199 43.51 52.96 42.13
C PRO TB 199 43.30 52.93 43.63
N SER TB 200 44.30 52.50 44.40
CA SER TB 200 44.12 52.43 45.85
C SER TB 200 43.92 53.79 46.50
N SER TB 201 44.25 54.88 45.80
CA SER TB 201 44.01 56.22 46.31
C SER TB 201 42.75 56.84 45.78
N PHE TB 202 42.36 56.54 44.54
CA PHE TB 202 41.17 57.10 43.92
C PHE TB 202 40.32 55.97 43.35
N ASN TB 203 39.04 55.97 43.67
CA ASN TB 203 38.09 55.05 43.06
C ASN TB 203 37.08 55.87 42.25
N ILE TB 204 36.99 55.55 40.96
CA ILE TB 204 36.07 56.24 40.08
C ILE TB 204 34.91 55.32 39.75
N GLN TB 205 33.74 55.93 39.59
CA GLN TB 205 32.54 55.22 39.15
C GLN TB 205 31.94 56.00 38.00
N TRP TB 206 31.64 55.27 36.92
CA TRP TB 206 31.18 55.89 35.67
C TRP TB 206 30.45 54.83 34.86
N ASP TB 207 29.16 55.05 34.66
CA ASP TB 207 28.38 54.12 33.85
C ASP TB 207 28.96 54.03 32.45
N LYS TB 208 28.61 52.94 31.76
CA LYS TB 208 29.19 52.67 30.45
C LYS TB 208 28.89 53.77 29.44
N THR TB 209 27.85 54.56 29.64
CA THR TB 209 27.39 55.49 28.61
C THR TB 209 27.54 56.95 29.01
N SER TB 210 26.99 57.37 30.14
CA SER TB 210 26.86 58.78 30.43
C SER TB 210 28.24 59.40 30.72
N ASN TB 211 28.23 60.71 30.98
CA ASN TB 211 29.44 61.49 31.20
C ASN TB 211 29.43 62.14 32.57
N THR TB 212 29.01 61.39 33.58
CA THR TB 212 29.03 61.86 34.96
C THR TB 212 29.97 60.96 35.76
N LEU TB 213 30.91 61.57 36.47
CA LEU TB 213 31.96 60.83 37.16
C LEU TB 213 31.78 60.96 38.67
N MET TB 214 31.89 59.85 39.39
CA MET TB 214 31.82 59.85 40.84
C MET TB 214 33.18 59.41 41.36
N ILE TB 215 33.95 60.35 41.90
CA ILE TB 215 35.34 60.10 42.28
C ILE TB 215 35.45 60.17 43.80
N GLN TB 216 35.89 59.08 44.42
CA GLN TB 216 36.04 59.04 45.87
C GLN TB 216 37.51 58.80 46.22
N ALA TB 217 37.94 59.43 47.30
CA ALA TB 217 39.32 59.35 47.76
C ALA TB 217 39.42 58.30 48.86
N THR TB 218 40.18 57.24 48.59
CA THR TB 218 40.42 56.19 49.57
C THR TB 218 41.61 56.55 50.47
N LYS TB 219 42.75 56.85 49.87
CA LYS TB 219 43.92 57.26 50.64
C LYS TB 219 43.81 58.71 51.05
N LEU TB 220 44.89 59.29 51.55
CA LEU TB 220 44.85 60.63 52.12
C LEU TB 220 45.64 61.66 51.33
N TYR TB 221 46.92 61.42 51.08
CA TYR TB 221 47.82 62.43 50.52
C TYR TB 221 48.66 61.86 49.39
N ASN TB 222 48.01 61.20 48.44
CA ASN TB 222 48.68 60.62 47.27
C ASN TB 222 47.99 61.14 46.02
N TYR TB 223 48.45 62.29 45.51
CA TYR TB 223 47.84 62.88 44.33
C TYR TB 223 48.03 61.99 43.12
N GLY TB 224 47.07 62.07 42.19
CA GLY TB 224 47.01 61.12 41.09
C GLY TB 224 46.72 61.79 39.77
N ASN TB 225 46.86 60.99 38.71
CA ASN TB 225 46.66 61.43 37.34
C ASN TB 225 45.45 60.73 36.73
N LEU TB 226 44.71 61.46 35.90
CA LEU TB 226 43.59 60.90 35.16
C LEU TB 226 43.67 61.35 33.71
N ALA TB 227 43.55 60.39 32.80
CA ALA TB 227 43.48 60.68 31.37
C ALA TB 227 42.07 60.33 30.89
N VAL TB 228 41.43 61.27 30.21
CA VAL TB 228 40.06 61.11 29.76
C VAL TB 228 40.01 61.29 28.25
N ARG TB 229 39.44 60.30 27.56
CA ARG TB 229 39.19 60.39 26.13
C ARG TB 229 37.68 60.50 25.92
N LEU TB 230 37.27 61.47 25.11
CA LEU TB 230 35.86 61.73 24.87
C LEU TB 230 35.42 61.11 23.55
N ARG TB 231 34.11 60.92 23.43
CA ARG TB 231 33.56 60.29 22.24
C ARG TB 231 33.89 61.10 20.99
N GLY TB 232 33.75 62.42 21.07
CA GLY TB 232 34.07 63.28 19.95
C GLY TB 232 35.47 63.83 19.93
N LEU TB 233 36.23 63.64 21.00
CA LEU TB 233 37.56 64.23 21.12
C LEU TB 233 38.61 63.19 20.75
N ASN TB 234 39.41 63.50 19.73
CA ASN TB 234 40.56 62.66 19.42
C ASN TB 234 41.68 62.87 20.41
N THR TB 235 41.80 64.08 20.96
CA THR TB 235 42.89 64.40 21.87
C THR TB 235 42.45 64.15 23.31
N PRO TB 236 43.19 63.37 24.08
CA PRO TB 236 42.81 63.12 25.48
C PRO TB 236 43.05 64.36 26.33
N VAL TB 237 42.55 64.29 27.56
CA VAL TB 237 42.61 65.40 28.51
C VAL TB 237 43.22 64.90 29.81
N MET TB 238 44.16 65.67 30.35
CA MET TB 238 44.77 65.37 31.64
C MET TB 238 44.00 66.03 32.77
N LEU TB 239 44.02 65.38 33.94
CA LEU TB 239 43.45 65.93 35.15
C LEU TB 239 44.32 65.51 36.32
N THR TB 240 44.75 66.47 37.14
CA THR TB 240 45.48 66.16 38.35
C THR TB 240 44.51 66.17 39.52
N LEU TB 241 44.62 65.17 40.39
CA LEU TB 241 43.70 65.00 41.51
C LEU TB 241 44.51 65.11 42.79
N ILE TB 242 44.29 66.19 43.53
CA ILE TB 242 45.04 66.48 44.75
C ILE TB 242 44.11 66.27 45.93
N PRO TB 243 44.25 65.19 46.69
CA PRO TB 243 43.39 64.99 47.85
C PRO TB 243 43.87 65.79 49.05
N GLY TB 244 42.95 65.95 50.01
CA GLY TB 244 43.30 66.57 51.28
C GLY TB 244 43.74 68.01 51.19
N GLN TB 245 43.05 68.82 50.39
CA GLN TB 245 43.37 70.24 50.29
C GLN TB 245 42.64 71.01 51.40
N LYS TB 246 42.72 72.33 51.34
CA LYS TB 246 42.09 73.15 52.38
C LYS TB 246 40.56 73.06 52.30
N ALA TB 247 40.02 72.94 51.09
CA ALA TB 247 38.58 72.92 50.88
C ALA TB 247 38.21 71.75 49.97
N VAL TB 248 36.93 71.37 50.02
CA VAL TB 248 36.42 70.26 49.24
C VAL TB 248 35.55 70.81 48.11
N ASP TB 249 35.88 70.44 46.88
CA ASP TB 249 35.07 70.79 45.71
C ASP TB 249 34.11 69.63 45.47
N TYR TB 250 32.90 69.74 46.02
CA TYR TB 250 31.92 68.68 45.88
C TYR TB 250 31.54 68.47 44.42
N ARG TB 251 31.16 69.54 43.74
CA ARG TB 251 30.87 69.49 42.30
C ARG TB 251 32.04 70.09 41.54
N VAL TB 252 32.42 69.44 40.45
CA VAL TB 252 33.48 69.94 39.58
C VAL TB 252 32.94 69.97 38.15
N ASP TB 253 32.86 71.16 37.57
CA ASP TB 253 32.41 71.35 36.21
C ASP TB 253 33.61 71.64 35.33
N LEU TB 254 33.74 70.90 34.23
CA LEU TB 254 34.88 71.02 33.33
C LEU TB 254 34.39 71.49 31.98
N ARG TB 255 34.87 72.67 31.56
CA ARG TB 255 34.46 73.28 30.30
C ARG TB 255 35.55 73.05 29.26
N VAL TB 256 35.21 72.36 28.21
CA VAL TB 256 36.15 71.94 27.18
C VAL TB 256 36.36 73.07 26.19
N GLN TB 257 37.53 73.08 25.55
CA GLN TB 257 37.83 74.07 24.53
C GLN TB 257 36.90 73.92 23.33
N GLY TB 258 36.64 72.70 22.91
CA GLY TB 258 35.89 72.47 21.68
C GLY TB 258 34.40 72.28 21.85
N TYR TB 259 33.81 71.46 20.99
CA TYR TB 259 32.38 71.21 20.96
C TYR TB 259 32.10 69.75 21.30
N GLY TB 260 31.14 69.54 22.20
CA GLY TB 260 30.62 68.22 22.44
C GLY TB 260 29.73 67.79 21.30
N PRO TB 261 29.33 66.52 21.27
CA PRO TB 261 28.42 66.07 20.21
C PRO TB 261 27.10 66.83 20.21
N ASN TB 262 26.63 67.24 21.38
CA ASN TB 262 25.46 68.11 21.45
C ASN TB 262 25.81 69.49 20.93
N ALA TB 263 24.85 70.13 20.27
CA ALA TB 263 25.03 71.44 19.68
C ALA TB 263 24.32 72.48 20.52
N LYS TB 264 25.07 73.46 21.02
CA LYS TB 264 24.53 74.55 21.82
C LYS TB 264 24.87 75.86 21.11
N SER TB 265 23.84 76.63 20.77
CA SER TB 265 24.02 77.89 20.05
C SER TB 265 23.19 78.97 20.72
N MET TB 266 23.26 80.18 20.17
CA MET TB 266 22.53 81.34 20.68
C MET TB 266 21.74 81.94 19.52
N PRO TB 267 20.59 81.35 19.19
CA PRO TB 267 19.84 81.81 18.00
C PRO TB 267 18.84 82.92 18.30
N THR TB 268 18.96 83.58 19.45
CA THR TB 268 17.95 84.54 19.88
C THR TB 268 17.80 85.70 18.89
N GLU TB 269 18.85 86.52 18.76
CA GLU TB 269 18.86 87.64 17.82
C GLU TB 269 17.65 88.56 18.00
N GLU TB 270 17.12 88.62 19.23
CA GLU TB 270 15.89 89.39 19.46
C GLU TB 270 16.16 90.89 19.46
N GLY TB 271 17.35 91.31 19.90
CA GLY TB 271 17.63 92.72 20.11
C GLY TB 271 17.49 93.59 18.89
N ILE TB 272 17.70 93.02 17.70
CA ILE TB 272 17.73 93.79 16.46
C ILE TB 272 16.60 93.30 15.56
N PRO TB 273 15.50 94.04 15.48
CA PRO TB 273 14.51 93.75 14.45
C PRO TB 273 15.09 93.97 13.07
N PRO TB 274 14.57 93.29 12.05
CA PRO TB 274 15.18 93.38 10.72
C PRO TB 274 15.17 94.81 10.19
N SER TB 275 16.22 95.14 9.44
CA SER TB 275 16.39 96.51 8.98
C SER TB 275 15.43 96.84 7.85
N ALA TB 276 15.57 96.15 6.71
CA ALA TB 276 14.73 96.36 5.55
C ALA TB 276 15.10 95.33 4.49
N ASN TB 277 14.12 94.97 3.67
CA ASN TB 277 14.35 94.12 2.52
C ASN TB 277 14.87 95.01 1.39
N ASP TB 278 15.94 94.59 0.74
CA ASP TB 278 16.67 95.51 -0.14
C ASP TB 278 16.15 95.52 -1.58
N LEU TB 279 15.18 94.66 -1.92
CA LEU TB 279 14.73 94.58 -3.31
C LEU TB 279 14.12 95.90 -3.78
N LEU TB 280 13.63 96.71 -2.85
CA LEU TB 280 13.04 97.99 -3.22
C LEU TB 280 14.06 98.92 -3.87
N LEU TB 281 15.35 98.70 -3.67
CA LEU TB 281 16.34 99.53 -4.34
C LEU TB 281 16.35 99.26 -5.84
N HIS TB 282 16.40 97.98 -6.22
CA HIS TB 282 16.27 97.64 -7.63
C HIS TB 282 14.90 98.05 -8.16
N VAL TB 283 13.88 98.02 -7.29
CA VAL TB 283 12.57 98.51 -7.70
C VAL TB 283 12.65 99.99 -8.08
N LEU TB 284 13.27 100.79 -7.21
CA LEU TB 284 13.47 102.21 -7.50
C LEU TB 284 14.18 102.39 -8.81
N GLU TB 285 15.23 101.60 -9.04
CA GLU TB 285 15.93 101.69 -10.30
C GLU TB 285 15.14 101.11 -11.46
N GLY TB 286 14.00 100.47 -11.18
CA GLY TB 286 13.13 99.95 -12.22
C GLY TB 286 13.38 98.52 -12.61
N VAL TB 287 14.47 97.91 -12.16
CA VAL TB 287 14.74 96.52 -12.47
C VAL TB 287 14.05 95.63 -11.45
N PRO TB 288 13.11 94.79 -11.88
CA PRO TB 288 12.44 93.90 -10.92
C PRO TB 288 13.41 92.87 -10.37
N PRO TB 289 13.19 92.41 -9.14
CA PRO TB 289 14.03 91.35 -8.61
C PRO TB 289 13.81 90.07 -9.37
N PRO TB 290 14.81 89.18 -9.43
CA PRO TB 290 14.67 87.96 -10.21
C PRO TB 290 13.53 87.09 -9.68
N GLY TB 291 12.91 86.35 -10.59
CA GLY TB 291 11.83 85.46 -10.24
C GLY TB 291 10.47 86.11 -10.09
N SER TB 292 10.38 87.42 -10.28
CA SER TB 292 9.11 88.11 -10.19
C SER TB 292 8.38 88.03 -11.53
N ARG TB 293 7.21 88.65 -11.60
CA ARG TB 293 6.43 88.69 -12.82
C ARG TB 293 5.69 90.01 -12.92
N ARG TB 294 5.31 90.36 -14.15
CA ARG TB 294 4.71 91.65 -14.43
C ARG TB 294 3.26 91.69 -13.97
N LEU TB 295 2.85 92.82 -13.41
CA LEU TB 295 1.48 93.05 -12.97
C LEU TB 295 0.98 94.31 -13.67
N VAL TB 296 0.14 94.13 -14.68
CA VAL TB 296 -0.33 95.26 -15.48
C VAL TB 296 -1.19 96.17 -14.61
N VAL TB 297 -0.90 97.46 -14.65
CA VAL TB 297 -1.60 98.46 -13.86
C VAL TB 297 -2.48 99.28 -14.79
N SER TB 298 -3.34 100.11 -14.19
CA SER TB 298 -4.27 100.90 -14.96
C SER TB 298 -4.55 102.23 -14.26
N GLY TB 299 -4.70 103.29 -15.06
CA GLY TB 299 -5.19 104.56 -14.57
C GLY TB 299 -4.16 105.47 -13.94
N GLY TB 300 -2.89 105.13 -13.98
CA GLY TB 300 -1.88 105.96 -13.36
C GLY TB 300 -0.54 105.84 -14.04
N ASP TB 301 0.49 106.30 -13.34
CA ASP TB 301 1.87 106.25 -13.82
C ASP TB 301 2.69 105.50 -12.78
N ALA TB 302 2.71 104.17 -12.88
CA ALA TB 302 3.43 103.35 -11.92
C ALA TB 302 3.70 101.99 -12.54
N ARG TB 303 4.61 101.26 -11.92
CA ARG TB 303 4.92 99.90 -12.35
C ARG TB 303 4.85 98.97 -11.16
N ALA TB 304 4.55 97.69 -11.43
CA ALA TB 304 4.28 96.74 -10.38
C ALA TB 304 4.99 95.43 -10.64
N TRP TB 305 5.26 94.70 -9.56
CA TRP TB 305 5.87 93.38 -9.64
C TRP TB 305 5.38 92.53 -8.48
N LEU TB 306 5.39 91.22 -8.68
CA LEU TB 306 5.02 90.25 -7.65
C LEU TB 306 6.09 89.17 -7.57
N SER TB 307 6.64 88.96 -6.38
CA SER TB 307 7.67 87.94 -6.19
C SER TB 307 7.25 86.87 -5.20
N ASN TB 308 6.86 87.24 -3.99
CA ASN TB 308 6.68 86.32 -2.88
C ASN TB 308 5.34 86.60 -2.19
N GLU TB 309 4.28 86.59 -2.99
CA GLU TB 309 2.94 87.05 -2.59
C GLU TB 309 3.01 88.35 -1.80
N LYS TB 310 3.93 89.22 -2.24
CA LYS TB 310 3.98 90.61 -1.82
C LYS TB 310 4.14 91.46 -3.07
N MET TB 311 3.39 92.54 -3.16
CA MET TB 311 3.40 93.38 -4.34
C MET TB 311 4.32 94.57 -4.12
N TYR TB 312 5.07 94.91 -5.17
CA TYR TB 312 5.99 96.03 -5.15
C TYR TB 312 5.60 96.99 -6.25
N VAL TB 313 5.57 98.28 -5.94
CA VAL TB 313 5.17 99.30 -6.89
C VAL TB 313 6.19 100.43 -6.89
N ARG TB 314 6.52 100.90 -8.08
CA ARG TB 314 7.40 102.04 -8.29
C ARG TB 314 6.56 103.17 -8.86
N THR TB 315 6.58 104.31 -8.17
CA THR TB 315 5.75 105.44 -8.57
C THR TB 315 6.35 106.71 -7.96
N ASN TB 316 5.55 107.79 -7.97
CA ASN TB 316 5.94 109.02 -7.30
C ASN TB 316 4.77 109.66 -6.57
N LEU TB 317 3.65 108.97 -6.44
CA LEU TB 317 2.47 109.50 -5.76
C LEU TB 317 2.53 109.08 -4.29
N THR TB 318 1.44 109.27 -3.55
CA THR TB 318 1.37 108.88 -2.14
C THR TB 318 0.32 107.79 -1.99
N ILE TB 319 0.72 106.69 -1.37
CA ILE TB 319 -0.13 105.50 -1.25
C ILE TB 319 -0.93 105.61 0.04
N LEU TB 320 -2.24 105.40 -0.06
CA LEU TB 320 -3.13 105.64 1.08
C LEU TB 320 -3.92 104.41 1.50
N SER TB 321 -4.54 103.69 0.57
CA SER TB 321 -5.65 102.82 0.90
C SER TB 321 -5.28 101.61 1.77
N PRO TB 322 -4.52 100.63 1.27
CA PRO TB 322 -4.48 99.34 1.98
C PRO TB 322 -3.51 99.29 3.14
N GLY TB 323 -2.65 100.29 3.28
CA GLY TB 323 -1.59 100.20 4.26
C GLY TB 323 -0.43 99.39 3.70
N TRP TB 324 0.78 99.90 3.83
CA TRP TB 324 1.93 99.27 3.22
C TRP TB 324 2.93 98.85 4.29
N LEU TB 325 3.67 97.79 3.99
CA LEU TB 325 4.57 97.17 4.96
C LEU TB 325 5.96 97.81 4.95
N ALA TB 326 6.45 98.23 3.78
CA ALA TB 326 7.76 98.88 3.72
C ALA TB 326 7.78 99.83 2.54
N SER TB 327 8.66 100.82 2.62
CA SER TB 327 8.77 101.79 1.54
C SER TB 327 10.15 102.44 1.54
N MET TB 328 10.50 103.00 0.38
CA MET TB 328 11.75 103.70 0.20
C MET TB 328 11.53 104.87 -0.76
N THR TB 329 12.43 105.83 -0.68
CA THR TB 329 12.36 107.00 -1.55
C THR TB 329 13.75 107.35 -2.05
N SER TB 330 13.85 107.58 -3.36
CA SER TB 330 15.12 107.95 -3.98
C SER TB 330 15.49 109.38 -3.59
N ALA TB 331 16.69 109.78 -3.99
CA ALA TB 331 17.13 111.14 -3.77
C ALA TB 331 16.25 112.12 -4.54
N ASP TB 332 15.86 111.78 -5.76
CA ASP TB 332 15.00 112.66 -6.52
C ASP TB 332 13.60 112.75 -5.92
N GLY TB 333 13.14 111.67 -5.28
CA GLY TB 333 11.83 111.65 -4.66
C GLY TB 333 10.90 110.54 -5.13
N THR TB 334 11.28 109.74 -6.12
CA THR TB 334 10.42 108.63 -6.53
C THR TB 334 10.36 107.59 -5.43
N HIS TB 335 9.17 107.03 -5.23
CA HIS TB 335 8.90 106.11 -4.14
C HIS TB 335 8.75 104.69 -4.64
N ALA TB 336 9.12 103.74 -3.77
CA ALA TB 336 8.91 102.32 -3.98
C ALA TB 336 8.21 101.77 -2.75
N TYR TB 337 7.15 100.98 -2.97
CA TYR TB 337 6.32 100.46 -1.89
C TYR TB 337 6.22 98.96 -1.99
N GLU TB 338 6.47 98.27 -0.87
CA GLU TB 338 6.25 96.84 -0.74
C GLU TB 338 5.12 96.61 0.25
N MET TB 339 4.10 95.86 -0.17
CA MET TB 339 2.91 95.70 0.65
C MET TB 339 2.20 94.41 0.27
N GLN TB 340 1.05 94.18 0.90
CA GLN TB 340 0.22 93.03 0.59
C GLN TB 340 -0.52 93.26 -0.72
N LYS TB 341 -0.91 92.15 -1.36
CA LYS TB 341 -1.56 92.22 -2.65
C LYS TB 341 -2.94 92.86 -2.52
N SER TB 342 -3.36 93.55 -3.59
CA SER TB 342 -4.67 94.15 -3.65
C SER TB 342 -5.06 94.31 -5.11
N PRO TB 343 -6.34 94.15 -5.43
CA PRO TB 343 -6.80 94.44 -6.81
C PRO TB 343 -7.03 95.91 -7.06
N VAL TB 344 -7.12 96.73 -6.01
CA VAL TB 344 -7.49 98.13 -6.15
C VAL TB 344 -6.58 98.97 -5.25
N LEU TB 345 -6.14 100.11 -5.77
CA LEU TB 345 -5.32 101.04 -5.03
C LEU TB 345 -5.95 102.43 -5.05
N LEU TB 346 -5.68 103.20 -4.00
CA LEU TB 346 -6.22 104.54 -3.88
C LEU TB 346 -5.11 105.47 -3.38
N VAL TB 347 -4.92 106.58 -4.09
CA VAL TB 347 -3.85 107.53 -3.82
C VAL TB 347 -4.42 108.94 -3.86
N SER TB 348 -3.54 109.91 -3.60
CA SER TB 348 -3.89 111.33 -3.74
C SER TB 348 -2.86 111.99 -4.64
N TRP TB 349 -3.34 112.72 -5.64
CA TRP TB 349 -2.45 113.33 -6.64
C TRP TB 349 -2.10 114.77 -6.30
N HIS TB 350 -3.11 115.65 -6.27
CA HIS TB 350 -2.90 117.06 -6.02
C HIS TB 350 -3.98 117.57 -5.06
N GLY TB 351 -4.17 116.86 -3.96
CA GLY TB 351 -5.32 117.11 -3.11
C GLY TB 351 -6.60 116.51 -3.63
N LYS TB 352 -6.53 115.71 -4.69
CA LYS TB 352 -7.67 115.01 -5.26
C LYS TB 352 -7.35 113.53 -5.29
N VAL TB 353 -8.33 112.71 -4.93
CA VAL TB 353 -8.11 111.27 -4.82
C VAL TB 353 -8.08 110.66 -6.21
N MET TB 354 -7.35 109.56 -6.33
CA MET TB 354 -7.23 108.81 -7.58
C MET TB 354 -7.33 107.33 -7.26
N GLN TB 355 -7.81 106.57 -8.24
CA GLN TB 355 -8.03 105.14 -8.07
C GLN TB 355 -7.31 104.38 -9.18
N LEU TB 356 -6.85 103.18 -8.83
CA LEU TB 356 -6.06 102.35 -9.73
C LEU TB 356 -6.58 100.92 -9.67
N LYS TB 357 -6.79 100.33 -10.84
CA LYS TB 357 -7.20 98.93 -10.94
C LYS TB 357 -6.01 98.10 -11.40
N VAL TB 358 -5.75 97.00 -10.69
CA VAL TB 358 -4.63 96.13 -11.01
C VAL TB 358 -5.17 94.82 -11.57
N GLU TB 359 -5.32 94.76 -12.89
CA GLU TB 359 -5.76 93.53 -13.52
C GLU TB 359 -4.61 92.55 -13.63
N GLY TB 360 -4.94 91.28 -13.87
CA GLY TB 360 -3.92 90.26 -14.00
C GLY TB 360 -3.08 90.08 -12.75
N LEU TB 361 -3.72 90.06 -11.58
CA LEU TB 361 -3.01 89.85 -10.33
C LEU TB 361 -2.39 88.45 -10.29
N MET UB 23 -126.75 34.70 38.54
CA MET UB 23 -126.52 34.41 39.95
C MET UB 23 -125.12 33.91 40.19
N LYS UB 24 -124.14 34.66 39.71
CA LYS UB 24 -122.74 34.32 39.93
C LYS UB 24 -122.39 34.51 41.41
N PHE UB 25 -121.33 33.82 41.84
CA PHE UB 25 -120.89 33.86 43.22
C PHE UB 25 -119.46 34.38 43.25
N LYS UB 26 -119.23 35.45 43.99
CA LYS UB 26 -117.93 36.11 44.04
C LYS UB 26 -117.50 36.31 45.48
N LYS UB 27 -116.20 36.44 45.67
CA LYS UB 27 -115.66 36.78 46.97
C LYS UB 27 -115.16 38.23 46.97
N PRO UB 28 -115.20 38.90 48.12
CA PRO UB 28 -115.04 40.37 48.13
C PRO UB 28 -113.71 40.82 47.54
N PRO UB 29 -112.55 40.36 48.04
CA PRO UB 29 -111.30 40.96 47.58
C PRO UB 29 -110.99 40.59 46.13
N ILE UB 30 -111.21 41.52 45.22
CA ILE UB 30 -110.89 41.34 43.82
C ILE UB 30 -110.24 42.63 43.32
N ASN UB 31 -109.09 42.51 42.66
CA ASN UB 31 -108.36 43.68 42.21
C ASN UB 31 -107.48 43.29 41.02
N ASN UB 32 -106.64 44.23 40.59
CA ASN UB 32 -105.78 43.99 39.46
C ASN UB 32 -104.75 42.91 39.78
N PRO UB 33 -104.26 42.20 38.75
CA PRO UB 33 -103.32 41.10 39.00
C PRO UB 33 -102.02 41.58 39.61
N SER UB 34 -101.35 40.66 40.30
CA SER UB 34 -100.17 40.95 41.09
C SER UB 34 -98.91 40.54 40.33
N ASP UB 35 -97.77 40.61 41.02
CA ASP UB 35 -96.49 40.18 40.49
C ASP UB 35 -95.84 39.21 41.47
N ASP UB 36 -95.30 38.12 40.92
CA ASP UB 36 -94.66 37.10 41.75
C ASP UB 36 -93.44 37.66 42.49
N ALA UB 37 -92.68 38.53 41.83
CA ALA UB 37 -91.54 39.16 42.51
C ALA UB 37 -92.02 39.98 43.70
N THR UB 38 -93.09 40.76 43.52
CA THR UB 38 -93.67 41.50 44.63
C THR UB 38 -94.13 40.55 45.72
N ILE UB 39 -94.69 39.41 45.33
CA ILE UB 39 -95.14 38.42 46.31
C ILE UB 39 -93.98 37.95 47.17
N LYS UB 40 -92.88 37.58 46.53
CA LYS UB 40 -91.71 37.11 47.28
C LYS UB 40 -91.14 38.20 48.16
N LEU UB 41 -91.09 39.43 47.65
CA LEU UB 41 -90.64 40.56 48.45
C LEU UB 41 -91.49 40.70 49.70
N ALA UB 42 -92.81 40.65 49.55
CA ALA UB 42 -93.70 40.82 50.70
C ALA UB 42 -93.54 39.67 51.69
N GLU UB 43 -93.42 38.45 51.20
CA GLU UB 43 -93.32 37.32 52.11
C GLU UB 43 -91.99 37.34 52.85
N ALA UB 44 -90.95 37.93 52.27
CA ALA UB 44 -89.74 38.15 53.05
C ALA UB 44 -89.91 39.29 54.05
N ALA UB 45 -90.54 40.38 53.60
CA ALA UB 45 -90.64 41.57 54.43
C ALA UB 45 -91.48 41.33 55.66
N VAL UB 46 -92.51 40.49 55.57
CA VAL UB 46 -93.34 40.23 56.74
C VAL UB 46 -92.52 39.57 57.84
N SER UB 47 -91.70 38.58 57.47
CA SER UB 47 -90.82 37.94 58.45
C SER UB 47 -89.82 38.92 59.01
N VAL UB 48 -89.25 39.77 58.15
CA VAL UB 48 -88.30 40.77 58.63
C VAL UB 48 -88.98 41.69 59.65
N SER UB 49 -90.19 42.13 59.34
CA SER UB 49 -90.92 43.01 60.23
C SER UB 49 -91.22 42.35 61.56
N ASP UB 50 -91.62 41.07 61.53
CA ASP UB 50 -91.89 40.37 62.77
C ASP UB 50 -90.63 40.28 63.63
N SER UB 51 -89.50 39.97 63.00
CA SER UB 51 -88.24 39.90 63.74
C SER UB 51 -87.91 41.25 64.37
N MET UB 52 -88.08 42.33 63.60
CA MET UB 52 -87.81 43.65 64.14
C MET UB 52 -88.74 43.96 65.31
N LEU UB 53 -90.02 43.60 65.18
CA LEU UB 53 -90.98 43.86 66.24
C LEU UB 53 -90.59 43.14 67.52
N GLU UB 54 -90.27 41.84 67.42
CA GLU UB 54 -89.94 41.10 68.63
C GLU UB 54 -88.66 41.61 69.27
N MET UB 55 -87.65 41.93 68.46
CA MET UB 55 -86.41 42.43 69.05
C MET UB 55 -86.62 43.79 69.72
N ALA UB 56 -87.45 44.65 69.11
CA ALA UB 56 -87.76 45.93 69.73
C ALA UB 56 -88.49 45.73 71.04
N LYS UB 57 -89.43 44.79 71.08
CA LYS UB 57 -90.12 44.49 72.33
C LYS UB 57 -89.13 44.03 73.40
N VAL UB 58 -88.19 43.17 73.01
CA VAL UB 58 -87.20 42.67 73.96
C VAL UB 58 -86.37 43.84 74.51
N GLU UB 59 -85.94 44.73 73.64
CA GLU UB 59 -85.14 45.87 74.08
C GLU UB 59 -85.94 46.75 75.03
N LYS UB 60 -87.20 47.03 74.67
CA LYS UB 60 -88.04 47.88 75.50
C LYS UB 60 -88.23 47.28 76.89
N VAL UB 61 -88.49 45.98 76.95
CA VAL UB 61 -88.76 45.37 78.24
C VAL UB 61 -87.47 45.26 79.07
N ILE UB 62 -86.33 44.99 78.42
CA ILE UB 62 -85.11 44.81 79.19
C ILE UB 62 -84.64 46.14 79.76
N THR UB 63 -84.77 47.24 79.02
CA THR UB 63 -84.39 48.54 79.53
C THR UB 63 -85.59 49.49 79.42
N PRO UB 64 -86.08 50.04 80.52
CA PRO UB 64 -87.24 50.92 80.47
C PRO UB 64 -86.86 52.30 79.98
N PRO UB 65 -87.81 53.05 79.42
CA PRO UB 65 -87.51 54.43 79.02
C PRO UB 65 -87.14 55.28 80.23
N SER UB 66 -86.23 56.22 80.01
CA SER UB 66 -85.73 57.07 81.07
C SER UB 66 -86.56 58.35 81.21
N LYS UB 67 -86.59 59.16 80.16
CA LYS UB 67 -87.30 60.44 80.19
C LYS UB 67 -87.74 60.79 78.78
N ASP UB 68 -88.14 62.04 78.58
CA ASP UB 68 -88.76 62.48 77.35
C ASP UB 68 -87.98 63.66 76.77
N ASN UB 69 -87.94 63.72 75.44
CA ASN UB 69 -87.28 64.81 74.76
C ASN UB 69 -88.16 66.04 74.61
N THR UB 70 -89.45 65.94 74.96
CA THR UB 70 -90.31 67.11 74.89
C THR UB 70 -89.82 68.21 75.82
N LEU UB 71 -89.06 67.86 76.86
CA LEU UB 71 -88.52 68.87 77.76
C LEU UB 71 -87.59 69.82 77.01
N THR UB 72 -86.62 69.28 76.28
CA THR UB 72 -85.74 70.12 75.48
C THR UB 72 -86.40 70.57 74.19
N ILE UB 73 -87.52 69.97 73.80
CA ILE UB 73 -88.21 70.38 72.59
C ILE UB 73 -89.66 70.69 72.91
N PRO UB 74 -89.96 71.82 73.54
CA PRO UB 74 -91.36 72.22 73.72
C PRO UB 74 -91.94 72.73 72.42
N ASN UB 75 -93.19 73.20 72.49
CA ASN UB 75 -93.84 73.83 71.36
C ASN UB 75 -94.52 75.13 71.81
N ALA UB 76 -94.57 76.09 70.91
CA ALA UB 76 -95.21 77.37 71.16
C ALA UB 76 -96.02 77.74 69.92
N TYR UB 77 -96.48 78.99 69.88
CA TYR UB 77 -97.24 79.45 68.73
C TYR UB 77 -96.31 79.60 67.53
N ASN UB 78 -96.87 80.08 66.41
CA ASN UB 78 -96.18 80.18 65.12
C ASN UB 78 -95.43 78.90 64.78
N LEU UB 79 -95.88 77.78 65.35
CA LEU UB 79 -95.22 76.50 65.17
C LEU UB 79 -96.18 75.38 64.84
N GLN UB 80 -97.46 75.52 65.17
CA GLN UB 80 -98.44 74.48 64.89
C GLN UB 80 -98.80 74.40 63.42
N ALA UB 81 -98.23 75.24 62.57
CA ALA UB 81 -98.30 75.02 61.14
C ALA UB 81 -97.68 73.66 60.83
N ARG UB 82 -98.19 73.02 59.79
CA ARG UB 82 -97.85 71.62 59.58
C ARG UB 82 -97.19 71.46 58.21
N ALA UB 83 -96.77 70.23 57.92
CA ALA UB 83 -96.08 69.98 56.66
C ALA UB 83 -96.14 68.50 56.34
N SER UB 84 -95.91 68.20 55.07
CA SER UB 84 -95.74 66.84 54.58
C SER UB 84 -94.41 66.77 53.84
N VAL UB 85 -93.58 65.81 54.22
CA VAL UB 85 -92.17 65.83 53.84
C VAL UB 85 -91.72 64.44 53.42
N ASP UB 86 -91.06 64.36 52.28
CA ASP UB 86 -90.29 63.20 51.88
C ASP UB 86 -88.88 63.66 51.57
N TRP UB 87 -87.89 63.02 52.20
CA TRP UB 87 -86.51 63.48 52.09
C TRP UB 87 -85.58 62.34 52.49
N SER UB 88 -84.52 62.15 51.72
CA SER UB 88 -83.55 61.09 51.98
C SER UB 88 -82.13 61.58 51.75
N GLY UB 89 -81.83 62.78 52.23
CA GLY UB 89 -80.52 63.36 52.04
C GLY UB 89 -79.88 63.80 53.34
N PRO UB 90 -79.12 64.89 53.29
CA PRO UB 90 -78.53 65.43 54.53
C PRO UB 90 -79.58 66.10 55.39
N ILE UB 91 -79.14 66.71 56.50
CA ILE UB 91 -80.04 67.21 57.52
C ILE UB 91 -80.01 68.73 57.63
N GLU UB 92 -78.86 69.35 57.35
CA GLU UB 92 -78.67 70.75 57.67
C GLU UB 92 -79.59 71.64 56.83
N GLU UB 93 -79.58 71.44 55.51
CA GLU UB 93 -80.44 72.24 54.64
C GLU UB 93 -81.91 72.02 54.97
N LEU UB 94 -82.28 70.80 55.36
CA LEU UB 94 -83.66 70.51 55.68
C LEU UB 94 -84.11 71.26 56.91
N THR UB 95 -83.33 71.17 58.00
CA THR UB 95 -83.71 71.91 59.20
C THR UB 95 -83.63 73.41 58.98
N ALA UB 96 -82.74 73.86 58.08
CA ALA UB 96 -82.71 75.28 57.75
C ALA UB 96 -83.99 75.71 57.04
N ARG UB 97 -84.49 74.90 56.12
CA ARG UB 97 -85.78 75.18 55.51
C ARG UB 97 -86.87 75.25 56.56
N ILE UB 98 -86.84 74.32 57.52
CA ILE UB 98 -87.85 74.31 58.57
C ILE UB 98 -87.78 75.59 59.39
N ALA UB 99 -86.57 76.03 59.74
CA ALA UB 99 -86.41 77.26 60.49
C ALA UB 99 -86.92 78.46 59.71
N LYS UB 100 -86.64 78.49 58.40
CA LYS UB 100 -87.14 79.58 57.57
C LYS UB 100 -88.66 79.60 57.57
N ALA UB 101 -89.28 78.42 57.49
CA ALA UB 101 -90.74 78.37 57.60
C ALA UB 101 -91.21 78.85 58.96
N ALA UB 102 -90.47 78.53 60.01
CA ALA UB 102 -90.86 78.93 61.37
C ALA UB 102 -90.52 80.37 61.68
N HIS UB 103 -89.86 81.08 60.78
CA HIS UB 103 -89.44 82.47 61.00
C HIS UB 103 -88.51 82.59 62.19
N PHE UB 104 -87.66 81.59 62.41
CA PHE UB 104 -86.77 81.56 63.55
C PHE UB 104 -85.32 81.64 63.09
N ARG UB 105 -84.44 81.95 64.05
CA ARG UB 105 -83.02 81.99 63.78
C ARG UB 105 -82.44 80.58 63.82
N PHE UB 106 -81.37 80.36 63.05
CA PHE UB 106 -80.71 79.07 62.96
C PHE UB 106 -79.36 79.15 63.66
N ARG UB 107 -79.06 78.15 64.48
CA ARG UB 107 -77.80 78.08 65.20
C ARG UB 107 -77.14 76.73 64.95
N VAL UB 108 -75.83 76.75 64.75
CA VAL UB 108 -75.05 75.54 64.48
C VAL UB 108 -73.90 75.47 65.47
N LEU UB 109 -73.72 74.30 66.08
CA LEU UB 109 -72.66 74.09 67.06
C LEU UB 109 -71.91 72.81 66.74
N GLY UB 110 -70.59 72.88 66.82
CA GLY UB 110 -69.74 71.75 66.56
C GLY UB 110 -69.34 71.65 65.10
N LYS UB 111 -68.34 70.79 64.86
CA LYS UB 111 -67.80 70.59 63.52
C LYS UB 111 -68.63 69.56 62.77
N SER UB 112 -68.93 69.85 61.52
CA SER UB 112 -69.60 68.86 60.69
C SER UB 112 -68.63 67.72 60.41
N PRO UB 113 -68.97 66.49 60.76
CA PRO UB 113 -68.02 65.39 60.60
C PRO UB 113 -67.78 65.05 59.14
N SER UB 114 -66.64 64.41 58.89
CA SER UB 114 -66.32 63.98 57.53
C SER UB 114 -67.38 63.04 56.99
N VAL UB 115 -67.81 62.08 57.80
CA VAL UB 115 -68.92 61.23 57.42
C VAL UB 115 -70.20 62.06 57.49
N PRO UB 116 -70.92 62.22 56.40
CA PRO UB 116 -72.17 62.98 56.45
C PRO UB 116 -73.24 62.23 57.25
N VAL UB 117 -74.19 63.00 57.76
CA VAL UB 117 -75.33 62.46 58.49
C VAL UB 117 -76.49 62.29 57.52
N LEU UB 118 -77.03 61.09 57.44
CA LEU UB 118 -78.09 60.76 56.50
C LEU UB 118 -79.35 60.41 57.25
N ILE UB 119 -80.48 60.96 56.80
CA ILE UB 119 -81.78 60.67 57.38
C ILE UB 119 -82.80 60.53 56.27
N SER UB 120 -83.73 59.60 56.42
CA SER UB 120 -84.82 59.40 55.48
C SER UB 120 -86.13 59.51 56.22
N ILE UB 121 -87.05 60.32 55.69
CA ILE UB 121 -88.33 60.57 56.33
C ILE UB 121 -89.41 60.52 55.26
N SER UB 122 -90.52 59.82 55.56
CA SER UB 122 -91.68 59.74 54.67
C SER UB 122 -92.92 59.85 55.55
N THR UB 123 -93.52 61.03 55.59
CA THR UB 123 -94.63 61.32 56.47
C THR UB 123 -95.63 62.19 55.75
N LYS UB 124 -96.69 62.59 56.46
CA LYS UB 124 -97.76 63.37 55.84
C LYS UB 124 -98.54 64.11 56.91
N ASP UB 125 -98.53 65.45 56.86
CA ASP UB 125 -99.34 66.30 57.72
C ASP UB 125 -99.02 66.07 59.21
N GLU UB 126 -97.78 66.40 59.56
CA GLU UB 126 -97.36 66.36 60.96
C GLU UB 126 -96.98 67.76 61.43
N SER UB 127 -97.15 67.98 62.73
CA SER UB 127 -96.71 69.23 63.34
C SER UB 127 -95.20 69.34 63.32
N LEU UB 128 -94.70 70.57 63.12
CA LEU UB 128 -93.27 70.77 63.02
C LEU UB 128 -92.55 70.37 64.30
N ALA UB 129 -93.19 70.56 65.45
CA ALA UB 129 -92.56 70.17 66.71
C ALA UB 129 -92.28 68.68 66.75
N GLU UB 130 -93.28 67.86 66.44
CA GLU UB 130 -93.07 66.42 66.42
C GLU UB 130 -92.14 66.01 65.30
N ILE UB 131 -92.16 66.74 64.18
CA ILE UB 131 -91.20 66.49 63.12
C ILE UB 131 -89.79 66.63 63.65
N LEU UB 132 -89.52 67.74 64.35
CA LEU UB 132 -88.21 67.96 64.93
C LEU UB 132 -87.87 66.89 65.95
N ARG UB 133 -88.85 66.49 66.76
CA ARG UB 133 -88.58 65.51 67.80
C ARG UB 133 -88.19 64.16 67.20
N ASP UB 134 -88.92 63.71 66.19
CA ASP UB 134 -88.57 62.45 65.55
C ASP UB 134 -87.27 62.56 64.78
N ILE UB 135 -86.98 63.73 64.21
CA ILE UB 135 -85.69 63.94 63.56
C ILE UB 135 -84.57 63.77 64.57
N ASP UB 136 -84.74 64.36 65.76
CA ASP UB 136 -83.74 64.24 66.81
C ASP UB 136 -83.58 62.79 67.23
N TYR UB 137 -84.68 62.07 67.36
CA TYR UB 137 -84.60 60.66 67.72
C TYR UB 137 -83.84 59.86 66.67
N GLN UB 138 -84.18 60.06 65.39
CA GLN UB 138 -83.50 59.33 64.33
C GLN UB 138 -82.05 59.75 64.20
N ALA UB 139 -81.69 60.93 64.70
CA ALA UB 139 -80.29 61.36 64.68
C ALA UB 139 -79.42 60.48 65.55
N GLY UB 140 -80.02 59.70 66.46
CA GLY UB 140 -79.23 58.82 67.29
C GLY UB 140 -78.28 59.59 68.18
N LYS UB 141 -77.08 59.05 68.32
CA LYS UB 141 -76.08 59.62 69.22
C LYS UB 141 -75.14 60.59 68.51
N LYS UB 142 -75.45 60.98 67.28
CA LYS UB 142 -74.55 61.79 66.48
C LYS UB 142 -74.90 63.27 66.51
N ALA UB 143 -76.19 63.62 66.56
CA ALA UB 143 -76.61 65.01 66.53
C ALA UB 143 -77.71 65.23 67.55
N SER UB 144 -77.86 66.48 67.98
CA SER UB 144 -78.91 66.84 68.91
C SER UB 144 -79.49 68.19 68.52
N ILE UB 145 -80.72 68.42 68.95
CA ILE UB 145 -81.49 69.60 68.58
C ILE UB 145 -82.05 70.24 69.83
N HIS UB 146 -81.95 71.57 69.92
CA HIS UB 146 -82.58 72.31 71.00
C HIS UB 146 -83.38 73.47 70.41
N VAL UB 147 -84.42 73.85 71.14
CA VAL UB 147 -85.31 74.93 70.72
C VAL UB 147 -85.45 75.91 71.87
N TYR UB 148 -85.22 77.19 71.59
CA TYR UB 148 -85.46 78.26 72.55
C TYR UB 148 -86.57 79.13 71.97
N PRO UB 149 -87.82 78.89 72.33
CA PRO UB 149 -88.93 79.63 71.72
C PRO UB 149 -88.96 81.08 72.13
N ASN UB 150 -88.66 81.34 73.40
CA ASN UB 150 -88.54 82.70 73.89
C ASN UB 150 -87.49 83.46 73.09
N SER UB 151 -86.40 82.79 72.73
CA SER UB 151 -85.38 83.38 71.87
C SER UB 151 -85.66 83.15 70.39
N GLN UB 152 -86.67 82.34 70.05
CA GLN UB 152 -87.03 82.05 68.66
C GLN UB 152 -85.83 81.48 67.90
N VAL UB 153 -85.08 80.62 68.55
CA VAL UB 153 -83.84 80.07 68.01
C VAL UB 153 -83.97 78.55 67.93
N VAL UB 154 -83.64 78.00 66.77
CA VAL UB 154 -83.53 76.55 66.60
C VAL UB 154 -82.05 76.23 66.42
N GLU UB 155 -81.51 75.39 67.30
CA GLU UB 155 -80.08 75.14 67.31
C GLU UB 155 -79.80 73.65 67.16
N LEU UB 156 -78.75 73.36 66.40
CA LEU UB 156 -78.26 72.01 66.17
C LEU UB 156 -76.87 71.89 66.78
N ARG UB 157 -76.55 70.71 67.29
CA ARG UB 157 -75.22 70.47 67.84
C ARG UB 157 -74.72 69.10 67.45
N TYR UB 158 -73.48 69.03 67.00
CA TYR UB 158 -72.85 67.76 66.66
C TYR UB 158 -72.36 67.05 67.93
N ALA UB 159 -71.99 65.79 67.76
CA ALA UB 159 -71.43 65.04 68.87
C ALA UB 159 -69.98 65.44 69.12
N LYS UB 160 -69.53 65.22 70.35
CA LYS UB 160 -68.15 65.52 70.76
C LYS UB 160 -67.40 64.20 70.85
N ILE UB 161 -66.78 63.81 69.74
CA ILE UB 161 -65.93 62.63 69.68
C ILE UB 161 -65.10 62.76 68.41
N TYR UB 162 -63.95 62.08 68.39
CA TYR UB 162 -62.94 62.26 67.35
C TYR UB 162 -62.53 63.73 67.26
N LYS VB 60 -51.74 -69.04 -15.39
CA LYS VB 60 -50.92 -70.23 -15.51
C LYS VB 60 -50.54 -70.75 -14.13
N GLU VB 61 -49.40 -70.28 -13.62
CA GLU VB 61 -49.04 -70.59 -12.25
C GLU VB 61 -50.06 -70.04 -11.25
N THR VB 62 -50.78 -68.98 -11.61
CA THR VB 62 -51.89 -68.52 -10.79
C THR VB 62 -52.97 -69.60 -10.69
N ALA VB 63 -53.31 -70.20 -11.82
CA ALA VB 63 -54.26 -71.31 -11.82
C ALA VB 63 -53.71 -72.48 -11.01
N LEU VB 64 -52.41 -72.75 -11.14
CA LEU VB 64 -51.78 -73.79 -10.31
C LEU VB 64 -52.02 -73.53 -8.84
N SER VB 65 -51.73 -72.31 -8.39
CA SER VB 65 -51.82 -71.97 -6.97
C SER VB 65 -53.27 -72.05 -6.49
N VAL VB 66 -54.20 -71.51 -7.27
CA VAL VB 66 -55.60 -71.51 -6.82
C VAL VB 66 -56.15 -72.92 -6.80
N GLY VB 67 -55.76 -73.75 -7.78
CA GLY VB 67 -56.20 -75.13 -7.78
C GLY VB 67 -55.61 -75.91 -6.61
N ALA VB 68 -54.36 -75.63 -6.27
CA ALA VB 68 -53.76 -76.24 -5.09
C ALA VB 68 -54.53 -75.86 -3.83
N GLN VB 69 -54.87 -74.58 -3.71
CA GLN VB 69 -55.64 -74.12 -2.55
C GLN VB 69 -56.98 -74.83 -2.49
N ALA VB 70 -57.68 -74.90 -3.62
CA ALA VB 70 -58.99 -75.53 -3.65
C ALA VB 70 -58.91 -77.00 -3.28
N GLY VB 71 -57.92 -77.71 -3.83
CA GLY VB 71 -57.77 -79.11 -3.51
C GLY VB 71 -57.45 -79.34 -2.05
N LEU VB 72 -56.54 -78.53 -1.50
CA LEU VB 72 -56.18 -78.68 -0.10
C LEU VB 72 -57.40 -78.43 0.79
N ALA VB 73 -58.16 -77.38 0.49
CA ALA VB 73 -59.34 -77.08 1.30
C ALA VB 73 -60.37 -78.19 1.21
N TRP VB 74 -60.61 -78.70 0.00
CA TRP VB 74 -61.61 -79.75 -0.16
C TRP VB 74 -61.20 -81.01 0.57
N ARG VB 75 -59.93 -81.41 0.46
CA ARG VB 75 -59.47 -82.59 1.17
C ARG VB 75 -59.55 -82.39 2.67
N ALA VB 76 -59.20 -81.20 3.14
CA ALA VB 76 -59.29 -80.93 4.58
C ALA VB 76 -60.73 -81.05 5.06
N LYS VB 77 -61.67 -80.49 4.31
CA LYS VB 77 -63.07 -80.59 4.70
C LYS VB 77 -63.53 -82.04 4.70
N ILE VB 78 -63.14 -82.81 3.68
CA ILE VB 78 -63.55 -84.21 3.60
C ILE VB 78 -63.03 -84.99 4.80
N ILE VB 79 -61.74 -84.81 5.10
CA ILE VB 79 -61.14 -85.60 6.18
C ILE VB 79 -61.70 -85.17 7.52
N ASP VB 80 -61.94 -83.88 7.72
CA ASP VB 80 -62.55 -83.43 8.98
C ASP VB 80 -63.95 -83.99 9.13
N GLU VB 81 -64.72 -84.03 8.04
CA GLU VB 81 -66.05 -84.61 8.10
C GLU VB 81 -65.98 -86.08 8.46
N GLN VB 82 -65.04 -86.82 7.86
CA GLN VB 82 -64.89 -88.23 8.19
C GLN VB 82 -64.52 -88.41 9.65
N LEU VB 83 -63.62 -87.56 10.15
CA LEU VB 83 -63.22 -87.65 11.54
C LEU VB 83 -64.40 -87.38 12.47
N ASN VB 84 -65.20 -86.36 12.16
CA ASN VB 84 -66.39 -86.10 12.97
C ASN VB 84 -67.32 -87.29 12.95
N LYS VB 85 -67.53 -87.88 11.76
CA LYS VB 85 -68.46 -89.01 11.66
C LYS VB 85 -67.99 -90.18 12.48
N GLN VB 86 -66.71 -90.50 12.41
CA GLN VB 86 -66.14 -91.59 13.22
C GLN VB 86 -65.40 -90.94 14.38
N ALA VB 87 -66.11 -90.73 15.48
CA ALA VB 87 -65.56 -90.02 16.63
C ALA VB 87 -65.46 -90.90 17.87
N ARG VB 88 -66.56 -91.55 18.27
CA ARG VB 88 -66.65 -92.16 19.59
C ARG VB 88 -65.54 -93.20 19.80
N ASN VB 89 -65.31 -94.06 18.81
CA ASN VB 89 -64.27 -95.06 18.95
C ASN VB 89 -62.90 -94.42 19.14
N LEU VB 90 -62.69 -93.26 18.53
CA LEU VB 90 -61.39 -92.61 18.64
C LEU VB 90 -61.09 -92.19 20.07
N ASP VB 91 -62.02 -91.49 20.71
CA ASP VB 91 -61.81 -91.13 22.11
C ASP VB 91 -61.81 -92.37 22.99
N ALA VB 92 -62.55 -93.40 22.61
CA ALA VB 92 -62.55 -94.64 23.38
C ALA VB 92 -61.16 -95.24 23.43
N ILE VB 93 -60.48 -95.31 22.28
CA ILE VB 93 -59.14 -95.89 22.27
C ILE VB 93 -58.11 -94.94 22.87
N TYR VB 94 -58.20 -93.64 22.60
CA TYR VB 94 -57.19 -92.69 23.07
C TYR VB 94 -57.62 -92.06 24.39
N ASP VB 95 -57.68 -92.89 25.41
CA ASP VB 95 -57.91 -92.39 26.75
C ASP VB 95 -56.64 -91.78 27.33
N PHE VB 96 -56.82 -90.82 28.23
CA PHE VB 96 -55.69 -90.24 28.95
C PHE VB 96 -55.98 -90.21 30.44
N ASN VB 97 -57.26 -90.09 30.78
CA ASN VB 97 -57.66 -90.11 32.19
C ASN VB 97 -57.31 -91.43 32.85
N SER VB 98 -57.50 -92.54 32.13
CA SER VB 98 -57.05 -93.83 32.64
C SER VB 98 -55.53 -93.94 32.72
N LEU VB 99 -54.82 -92.92 32.27
CA LEU VB 99 -53.36 -92.91 32.35
C LEU VB 99 -52.82 -91.89 33.34
N VAL VB 100 -53.61 -90.89 33.74
CA VAL VB 100 -53.11 -89.90 34.68
C VAL VB 100 -52.70 -90.58 35.98
N LEU VB 101 -51.72 -89.99 36.65
CA LEU VB 101 -51.16 -90.58 37.86
C LEU VB 101 -52.05 -90.26 39.05
N GLU VB 102 -51.53 -90.48 40.26
CA GLU VB 102 -52.33 -90.34 41.46
C GLU VB 102 -52.78 -88.90 41.68
N HIS VB 103 -51.86 -87.95 41.59
CA HIS VB 103 -52.11 -86.57 41.99
C HIS VB 103 -52.45 -85.68 40.80
N ASN VB 104 -53.19 -86.20 39.81
CA ASN VB 104 -53.51 -85.45 38.60
C ASN VB 104 -52.25 -84.97 37.91
N ILE VB 105 -51.23 -85.82 37.91
CA ILE VB 105 -49.94 -85.51 37.33
C ILE VB 105 -49.78 -86.36 36.07
N LEU VB 106 -49.54 -85.70 34.96
CA LEU VB 106 -49.40 -86.41 33.68
C LEU VB 106 -48.13 -87.25 33.70
N PRO VB 107 -48.21 -88.55 33.45
CA PRO VB 107 -47.00 -89.36 33.40
C PRO VB 107 -46.09 -88.88 32.29
N PRO VB 108 -44.78 -89.06 32.45
CA PRO VB 108 -43.84 -88.54 31.45
C PRO VB 108 -43.82 -89.37 30.18
N VAL VB 109 -42.88 -89.05 29.28
CA VAL VB 109 -42.77 -89.70 27.98
C VAL VB 109 -41.37 -90.28 27.84
N LEU VB 110 -41.28 -91.53 27.39
CA LEU VB 110 -40.01 -92.22 27.27
C LEU VB 110 -39.86 -92.79 25.87
N LEU VB 111 -38.61 -92.95 25.46
CA LEU VB 111 -38.26 -93.55 24.18
C LEU VB 111 -37.22 -94.63 24.40
N GLU VB 112 -37.36 -95.74 23.67
CA GLU VB 112 -36.45 -96.86 23.76
C GLU VB 112 -35.85 -97.14 22.39
N GLY VB 113 -34.56 -97.40 22.35
CA GLY VB 113 -33.87 -97.75 21.12
C GLY VB 113 -33.17 -99.09 21.27
N ARG VB 114 -33.17 -99.88 20.20
CA ARG VB 114 -32.61 -101.21 20.20
C ARG VB 114 -31.50 -101.32 19.17
N ASN VB 115 -30.36 -101.86 19.58
CA ASN VB 115 -29.32 -102.32 18.66
C ASN VB 115 -28.82 -101.18 17.77
N THR VB 116 -28.22 -100.19 18.41
CA THR VB 116 -27.69 -99.02 17.71
C THR VB 116 -26.22 -99.23 17.36
N LEU VB 117 -25.79 -98.51 16.32
CA LEU VB 117 -24.41 -98.61 15.87
C LEU VB 117 -23.95 -97.26 15.32
N ASN VB 118 -22.70 -96.91 15.59
CA ASN VB 118 -22.11 -95.72 15.01
C ASN VB 118 -20.65 -95.97 14.69
N LEU VB 119 -20.28 -95.69 13.45
CA LEU VB 119 -18.88 -95.72 13.01
C LEU VB 119 -18.34 -94.32 13.16
N ALA VB 120 -17.54 -94.08 14.21
CA ALA VB 120 -17.04 -92.74 14.45
C ALA VB 120 -16.13 -92.30 13.31
N ASP VB 121 -15.17 -93.12 12.98
CA ASP VB 121 -14.29 -92.97 11.82
C ASP VB 121 -13.59 -94.31 11.64
N ALA VB 122 -12.62 -94.36 10.74
CA ALA VB 122 -11.78 -95.55 10.66
C ALA VB 122 -11.14 -95.81 12.01
N GLN VB 123 -11.02 -97.09 12.36
CA GLN VB 123 -10.45 -97.63 13.59
C GLN VB 123 -11.37 -97.52 14.79
N SER VB 124 -12.54 -96.88 14.69
CA SER VB 124 -13.35 -96.53 15.85
C SER VB 124 -14.82 -96.84 15.60
N ILE VB 125 -15.35 -97.84 16.32
CA ILE VB 125 -16.74 -98.25 16.21
C ILE VB 125 -17.35 -98.31 17.60
N ARG VB 126 -18.61 -97.91 17.73
CA ARG VB 126 -19.33 -98.00 18.99
C ARG VB 126 -20.71 -98.57 18.76
N ILE VB 127 -21.00 -99.70 19.39
CA ILE VB 127 -22.29 -100.36 19.29
C ILE VB 127 -22.97 -100.30 20.65
N SER VB 128 -24.30 -100.27 20.63
CA SER VB 128 -25.09 -100.28 21.86
C SER VB 128 -26.24 -101.25 21.70
N ASP VB 129 -26.58 -101.94 22.79
CA ASP VB 129 -27.69 -102.88 22.73
C ASP VB 129 -29.02 -102.17 22.86
N ARG VB 130 -29.25 -101.51 23.98
CA ARG VB 130 -30.50 -100.79 24.20
C ARG VB 130 -30.21 -99.48 24.91
N THR VB 131 -31.02 -98.48 24.59
CA THR VB 131 -30.87 -97.15 25.17
C THR VB 131 -32.25 -96.61 25.51
N TYR VB 132 -32.29 -95.74 26.53
CA TYR VB 132 -33.54 -95.15 26.98
C TYR VB 132 -33.36 -93.65 27.19
N LYS VB 133 -34.36 -92.90 26.72
CA LYS VB 133 -34.36 -91.45 26.74
C LYS VB 133 -35.65 -90.94 27.37
N VAL VB 134 -35.53 -89.90 28.18
CA VAL VB 134 -36.69 -89.20 28.74
C VAL VB 134 -37.03 -88.08 27.75
N ALA VB 135 -38.06 -88.30 26.94
CA ALA VB 135 -38.40 -87.33 25.91
C ALA VB 135 -38.97 -86.06 26.52
N LYS VB 136 -40.07 -86.20 27.26
CA LYS VB 136 -40.75 -85.07 27.86
C LYS VB 136 -40.91 -85.33 29.35
N GLN VB 137 -40.40 -84.42 30.17
CA GLN VB 137 -40.51 -84.57 31.61
C GLN VB 137 -41.96 -84.42 32.06
N ALA VB 138 -42.36 -85.24 33.01
CA ALA VB 138 -43.72 -85.19 33.52
C ALA VB 138 -44.01 -83.83 34.17
N HIS VB 139 -45.28 -83.46 34.16
CA HIS VB 139 -45.71 -82.19 34.74
C HIS VB 139 -47.20 -82.27 35.06
N PHE VB 140 -47.68 -81.27 35.78
CA PHE VB 140 -49.07 -81.25 36.21
C PHE VB 140 -50.00 -81.06 35.01
N ILE VB 141 -51.30 -81.22 35.28
CA ILE VB 141 -52.32 -81.14 34.24
C ILE VB 141 -53.68 -80.97 34.92
N THR VB 142 -54.58 -80.23 34.27
CA THR VB 142 -55.92 -80.00 34.78
C THR VB 142 -56.99 -80.79 34.04
N THR VB 143 -56.82 -81.00 32.74
CA THR VB 143 -57.79 -81.77 31.97
C THR VB 143 -57.05 -82.70 31.02
N PRO VB 144 -57.49 -83.94 30.91
CA PRO VB 144 -56.81 -84.89 30.02
C PRO VB 144 -56.84 -84.42 28.59
N PRO VB 145 -55.75 -84.61 27.85
CA PRO VB 145 -55.74 -84.22 26.43
C PRO VB 145 -56.66 -85.11 25.62
N THR VB 146 -57.10 -84.57 24.49
CA THR VB 146 -57.91 -85.30 23.54
C THR VB 146 -57.15 -85.41 22.21
N TRP VB 147 -57.82 -85.92 21.19
CA TRP VB 147 -57.22 -86.11 19.89
C TRP VB 147 -57.43 -84.94 18.95
N ARG VB 148 -58.25 -83.97 19.32
CA ARG VB 148 -58.51 -82.84 18.44
C ARG VB 148 -57.26 -82.01 18.22
N GLN VB 149 -56.51 -81.73 19.29
CA GLN VB 149 -55.28 -80.96 19.18
C GLN VB 149 -54.13 -81.76 18.62
N TYR VB 150 -54.40 -82.92 18.04
CA TYR VB 150 -53.36 -83.69 17.38
C TYR VB 150 -53.76 -84.04 15.95
N LEU VB 151 -55.06 -84.20 15.71
CA LEU VB 151 -55.53 -84.69 14.41
C LEU VB 151 -56.45 -83.73 13.68
N TRP VB 152 -57.15 -82.84 14.39
CA TRP VB 152 -58.08 -81.95 13.71
C TRP VB 152 -57.33 -81.04 12.75
N MET VB 153 -57.90 -80.84 11.57
CA MET VB 153 -57.29 -80.03 10.53
C MET VB 153 -57.92 -78.65 10.50
N ASP VB 154 -57.11 -77.65 10.15
CA ASP VB 154 -57.63 -76.32 9.93
C ASP VB 154 -58.41 -76.29 8.62
N TYR VB 155 -59.65 -75.82 8.68
CA TYR VB 155 -60.48 -75.70 7.48
C TYR VB 155 -60.95 -74.27 7.31
N VAL VB 156 -60.70 -73.73 6.12
CA VAL VB 156 -61.22 -72.42 5.74
C VAL VB 156 -61.52 -72.45 4.26
N LYS VB 157 -62.79 -72.28 3.89
CA LYS VB 157 -63.15 -72.27 2.49
C LYS VB 157 -62.53 -71.04 1.83
N PRO VB 158 -61.73 -71.21 0.79
CA PRO VB 158 -61.24 -70.05 0.04
C PRO VB 158 -62.26 -69.63 -0.99
N GLU VB 159 -62.92 -68.50 -0.74
CA GLU VB 159 -63.90 -67.95 -1.66
C GLU VB 159 -63.33 -66.77 -2.45
N ALA VB 160 -62.01 -66.65 -2.48
CA ALA VB 160 -61.37 -65.47 -3.06
C ALA VB 160 -61.42 -65.59 -4.58
N PRO VB 161 -62.11 -64.69 -5.28
CA PRO VB 161 -62.10 -64.67 -6.74
C PRO VB 161 -60.93 -63.87 -7.30
N ASN VB 162 -59.74 -64.13 -6.76
CA ASN VB 162 -58.55 -63.40 -7.18
C ASN VB 162 -58.08 -63.94 -8.51
N VAL VB 163 -58.96 -63.97 -9.49
CA VAL VB 163 -58.68 -64.50 -10.81
C VAL VB 163 -58.96 -63.40 -11.82
N THR VB 164 -57.91 -62.95 -12.50
CA THR VB 164 -58.06 -62.01 -13.59
C THR VB 164 -57.45 -62.52 -14.89
N LEU VB 165 -56.77 -63.67 -14.86
CA LEU VB 165 -56.27 -64.32 -16.07
C LEU VB 165 -57.36 -65.24 -16.65
N LEU VB 166 -58.52 -64.62 -16.92
CA LEU VB 166 -59.67 -65.37 -17.40
C LEU VB 166 -59.38 -65.96 -18.78
N PRO VB 167 -59.98 -67.11 -19.10
CA PRO VB 167 -59.66 -67.78 -20.36
C PRO VB 167 -60.09 -66.98 -21.57
N LYS VB 168 -59.32 -67.13 -22.66
CA LYS VB 168 -59.60 -66.47 -23.92
C LYS VB 168 -59.98 -67.46 -25.02
N THR VB 169 -59.28 -68.59 -25.12
CA THR VB 169 -59.49 -69.56 -26.16
C THR VB 169 -59.62 -70.95 -25.55
N LYS VB 170 -59.89 -71.93 -26.41
CA LYS VB 170 -60.00 -73.31 -25.95
C LYS VB 170 -58.68 -73.82 -25.37
N ALA VB 171 -57.56 -73.44 -25.99
CA ALA VB 171 -56.26 -73.86 -25.49
C ALA VB 171 -56.00 -73.30 -24.10
N GLU VB 172 -56.28 -72.01 -23.90
CA GLU VB 172 -56.12 -71.41 -22.58
C GLU VB 172 -57.07 -72.05 -21.58
N LYS VB 173 -58.30 -72.34 -22.01
CA LYS VB 173 -59.26 -72.99 -21.13
C LYS VB 173 -58.76 -74.35 -20.67
N GLU VB 174 -58.20 -75.14 -21.59
CA GLU VB 174 -57.78 -76.48 -21.23
C GLU VB 174 -56.47 -76.49 -20.45
N ILE VB 175 -55.55 -75.56 -20.74
CA ILE VB 175 -54.37 -75.49 -19.90
C ILE VB 175 -54.75 -75.03 -18.50
N TRP VB 176 -55.75 -74.14 -18.40
CA TRP VB 176 -56.31 -73.79 -17.10
C TRP VB 176 -56.89 -75.02 -16.42
N CYS VB 177 -57.59 -75.86 -17.17
CA CYS VB 177 -58.18 -77.07 -16.62
C CYS VB 177 -57.12 -78.02 -16.08
N ILE VB 178 -56.07 -78.26 -16.87
CA ILE VB 178 -55.04 -79.20 -16.44
C ILE VB 178 -54.25 -78.65 -15.27
N TYR VB 179 -54.01 -77.33 -15.26
CA TYR VB 179 -53.36 -76.71 -14.11
C TYR VB 179 -54.21 -76.87 -12.86
N THR VB 180 -55.52 -76.67 -12.99
CA THR VB 180 -56.41 -76.86 -11.85
C THR VB 180 -56.41 -78.31 -11.38
N GLU VB 181 -56.34 -79.25 -12.32
CA GLU VB 181 -56.32 -80.66 -11.95
C GLU VB 181 -55.06 -80.99 -11.15
N ARG VB 182 -53.90 -80.57 -11.63
CA ARG VB 182 -52.69 -80.87 -10.90
C ARG VB 182 -52.66 -80.13 -9.56
N GLY VB 183 -53.25 -78.93 -9.50
CA GLY VB 183 -53.40 -78.28 -8.21
C GLY VB 183 -54.27 -79.07 -7.25
N TRP VB 184 -55.37 -79.63 -7.77
CA TRP VB 184 -56.23 -80.45 -6.94
C TRP VB 184 -55.46 -81.65 -6.38
N LYS VB 185 -54.70 -82.32 -7.24
CA LYS VB 185 -53.92 -83.47 -6.79
C LYS VB 185 -52.85 -83.06 -5.79
N ASN VB 186 -52.21 -81.91 -6.00
CA ASN VB 186 -51.19 -81.44 -5.08
C ASN VB 186 -51.79 -81.14 -3.71
N GLY VB 187 -52.97 -80.51 -3.69
CA GLY VB 187 -53.66 -80.32 -2.43
C GLY VB 187 -53.98 -81.64 -1.76
N ILE VB 188 -54.39 -82.64 -2.54
CA ILE VB 188 -54.69 -83.95 -1.97
C ILE VB 188 -53.47 -84.52 -1.27
N ASP VB 189 -52.33 -84.54 -1.96
CA ASP VB 189 -51.14 -85.14 -1.37
C ASP VB 189 -50.66 -84.34 -0.17
N GLN VB 190 -50.76 -83.01 -0.24
CA GLN VB 190 -50.36 -82.17 0.88
C GLN VB 190 -51.18 -82.51 2.12
N ALA VB 191 -52.50 -82.60 1.96
CA ALA VB 191 -53.35 -82.92 3.09
C ALA VB 191 -53.01 -84.30 3.65
N ASN VB 192 -52.80 -85.28 2.78
CA ASN VB 192 -52.47 -86.61 3.25
C ASN VB 192 -51.16 -86.61 4.03
N THR VB 193 -50.17 -85.86 3.56
CA THR VB 193 -48.89 -85.80 4.26
C THR VB 193 -49.06 -85.16 5.63
N ILE VB 194 -49.84 -84.10 5.71
CA ILE VB 194 -50.07 -83.45 7.01
C ILE VB 194 -50.74 -84.41 7.97
N LEU VB 195 -51.74 -85.15 7.47
CA LEU VB 195 -52.42 -86.13 8.31
C LEU VB 195 -51.45 -87.20 8.79
N GLU VB 196 -50.56 -87.66 7.90
CA GLU VB 196 -49.58 -88.68 8.29
C GLU VB 196 -48.68 -88.16 9.40
N GLU VB 197 -48.20 -86.92 9.26
CA GLU VB 197 -47.36 -86.37 10.31
C GLU VB 197 -48.11 -86.29 11.64
N ASN VB 198 -49.37 -85.84 11.59
CA ASN VB 198 -50.14 -85.70 12.82
C ASN VB 198 -50.34 -87.05 13.51
N ILE VB 199 -50.73 -88.06 12.73
CA ILE VB 199 -51.00 -89.37 13.33
C ILE VB 199 -49.70 -89.96 13.88
N ALA VB 200 -48.59 -89.75 13.17
CA ALA VB 200 -47.31 -90.22 13.68
C ALA VB 200 -46.98 -89.56 15.02
N ARG VB 201 -47.20 -88.25 15.12
CA ARG VB 201 -46.88 -87.54 16.35
C ARG VB 201 -47.72 -88.05 17.51
N ILE VB 202 -49.02 -88.21 17.29
CA ILE VB 202 -49.87 -88.63 18.40
C ILE VB 202 -49.56 -90.07 18.79
N LYS VB 203 -49.27 -90.92 17.81
CA LYS VB 203 -48.85 -92.29 18.12
C LYS VB 203 -47.59 -92.28 18.96
N GLU VB 204 -46.63 -91.43 18.62
CA GLU VB 204 -45.40 -91.35 19.39
C GLU VB 204 -45.68 -90.96 20.83
N ASP VB 205 -46.54 -89.96 21.02
CA ASP VB 205 -46.84 -89.53 22.39
C ASP VB 205 -47.50 -90.64 23.20
N PHE VB 206 -48.49 -91.32 22.60
CA PHE VB 206 -49.14 -92.40 23.32
C PHE VB 206 -48.17 -93.53 23.62
N GLY VB 207 -47.29 -93.85 22.68
CA GLY VB 207 -46.30 -94.87 22.92
C GLY VB 207 -45.36 -94.52 24.05
N GLY VB 208 -44.94 -93.25 24.12
CA GLY VB 208 -44.13 -92.83 25.24
C GLY VB 208 -44.84 -92.99 26.57
N MET VB 209 -46.11 -92.63 26.60
CA MET VB 209 -46.90 -92.79 27.83
C MET VB 209 -46.94 -94.25 28.26
N ILE VB 210 -47.29 -95.14 27.33
CA ILE VB 210 -47.41 -96.55 27.68
C ILE VB 210 -46.05 -97.13 28.04
N LEU VB 211 -44.98 -96.64 27.40
CA LEU VB 211 -43.64 -97.09 27.74
C LEU VB 211 -43.30 -96.74 29.17
N TYR VB 212 -43.62 -95.51 29.58
CA TYR VB 212 -43.37 -95.14 30.97
C TYR VB 212 -44.16 -96.02 31.92
N ARG VB 213 -45.43 -96.28 31.59
CA ARG VB 213 -46.24 -97.16 32.43
C ARG VB 213 -45.57 -98.53 32.58
N LYS VB 214 -45.17 -99.11 31.46
CA LYS VB 214 -44.57 -100.44 31.48
C LYS VB 214 -43.29 -100.46 32.30
N LEU VB 215 -42.44 -99.45 32.12
CA LEU VB 215 -41.17 -99.46 32.83
C LEU VB 215 -41.37 -99.23 34.32
N LEU VB 216 -42.32 -98.36 34.69
CA LEU VB 216 -42.61 -98.18 36.10
C LEU VB 216 -43.13 -99.47 36.72
N ALA VB 217 -43.96 -100.21 35.98
CA ALA VB 217 -44.38 -101.52 36.45
C ALA VB 217 -43.19 -102.45 36.61
N MET VB 218 -42.25 -102.40 35.66
CA MET VB 218 -41.08 -103.25 35.72
C MET VB 218 -40.08 -102.82 36.79
N ASN VB 219 -40.28 -101.64 37.38
CA ASN VB 219 -39.42 -101.13 38.45
C ASN VB 219 -38.00 -100.90 37.93
N MET VB 220 -37.90 -100.07 36.91
CA MET VB 220 -36.63 -99.61 36.38
C MET VB 220 -36.51 -98.10 36.39
N VAL VB 221 -37.53 -97.38 36.83
CA VAL VB 221 -37.50 -95.93 36.92
C VAL VB 221 -38.03 -95.50 38.27
N SER VB 222 -37.63 -94.29 38.68
CA SER VB 222 -38.07 -93.75 39.95
C SER VB 222 -39.45 -93.13 39.80
N PRO VB 223 -40.45 -93.58 40.56
CA PRO VB 223 -41.75 -92.92 40.50
C PRO VB 223 -41.65 -91.51 41.05
N PRO VB 224 -42.44 -90.58 40.54
CA PRO VB 224 -42.42 -89.20 41.07
C PRO VB 224 -42.93 -89.14 42.49
N TYR VB 225 -42.46 -88.13 43.21
CA TYR VB 225 -42.86 -87.91 44.59
C TYR VB 225 -43.25 -86.46 44.81
N VAL VB 226 -44.40 -86.26 45.42
CA VAL VB 226 -44.93 -84.93 45.72
C VAL VB 226 -45.17 -84.83 47.22
N SER VB 227 -44.75 -83.71 47.80
CA SER VB 227 -44.98 -83.42 49.20
C SER VB 227 -46.08 -82.39 49.33
N HIS VB 228 -46.99 -82.61 50.28
CA HIS VB 228 -48.10 -81.72 50.53
C HIS VB 228 -48.07 -81.25 51.98
N THR VB 229 -48.37 -79.96 52.17
CA THR VB 229 -48.39 -79.34 53.48
C THR VB 229 -49.74 -78.66 53.68
N ASP VB 230 -50.18 -78.62 54.93
CA ASP VB 230 -51.50 -78.09 55.27
C ASP VB 230 -51.37 -77.02 56.33
N LEU VB 231 -52.14 -75.95 56.16
CA LEU VB 231 -52.19 -74.84 57.10
C LEU VB 231 -53.64 -74.50 57.38
N GLY VB 232 -53.91 -74.07 58.61
CA GLY VB 232 -55.27 -73.77 59.02
C GLY VB 232 -55.81 -72.49 58.44
N VAL VB 233 -56.70 -71.82 59.19
CA VAL VB 233 -57.25 -70.56 58.72
C VAL VB 233 -56.15 -69.53 58.57
N THR VB 234 -56.20 -68.77 57.49
CA THR VB 234 -55.14 -67.79 57.22
C THR VB 234 -55.75 -66.58 56.53
N GLY VB 235 -55.05 -65.46 56.66
CA GLY VB 235 -55.46 -64.20 56.06
C GLY VB 235 -55.57 -63.09 57.10
N ASP VB 236 -55.92 -61.91 56.60
CA ASP VB 236 -56.07 -60.74 57.44
C ASP VB 236 -57.52 -60.62 57.89
N GLY VB 237 -57.86 -59.47 58.48
CA GLY VB 237 -59.23 -59.22 58.87
C GLY VB 237 -60.19 -59.00 57.72
N SER VB 238 -59.67 -58.75 56.51
CA SER VB 238 -60.50 -58.56 55.33
C SER VB 238 -60.49 -59.74 54.39
N GLU VB 239 -59.43 -60.54 54.37
CA GLU VB 239 -59.33 -61.72 53.53
C GLU VB 239 -59.02 -62.91 54.41
N ILE VB 240 -59.77 -63.99 54.26
CA ILE VB 240 -59.53 -65.21 55.02
C ILE VB 240 -59.63 -66.41 54.11
N HIS VB 241 -58.72 -67.37 54.31
CA HIS VB 241 -58.77 -68.66 53.65
C HIS VB 241 -58.96 -69.73 54.72
N ILE VB 242 -59.75 -70.75 54.40
CA ILE VB 242 -60.11 -71.76 55.39
C ILE VB 242 -58.96 -72.74 55.60
N ASP VB 243 -58.48 -73.35 54.52
CA ASP VB 243 -57.51 -74.45 54.62
C ASP VB 243 -56.50 -74.32 53.48
N ASP VB 244 -55.31 -73.83 53.80
CA ASP VB 244 -54.24 -73.80 52.82
C ASP VB 244 -53.71 -75.21 52.61
N ARG VB 245 -53.64 -75.64 51.35
CA ARG VB 245 -53.10 -76.96 51.03
C ARG VB 245 -52.14 -76.78 49.86
N VAL VB 246 -50.84 -76.88 50.15
CA VAL VB 246 -49.81 -76.57 49.17
C VAL VB 246 -49.12 -77.88 48.81
N LEU VB 247 -49.15 -78.22 47.52
CA LEU VB 247 -48.54 -79.47 47.06
C LEU VB 247 -47.49 -79.15 46.02
N ARG VB 248 -46.28 -79.68 46.21
CA ARG VB 248 -45.20 -79.50 45.25
C ARG VB 248 -44.54 -80.84 44.98
N ILE VB 249 -44.28 -81.10 43.69
CA ILE VB 249 -43.60 -82.33 43.30
C ILE VB 249 -42.12 -82.18 43.59
N THR VB 250 -41.67 -82.79 44.69
CA THR VB 250 -40.27 -82.65 45.08
C THR VB 250 -39.36 -83.47 44.19
N ALA VB 251 -39.75 -84.70 43.89
CA ALA VB 251 -38.89 -85.65 43.18
C ALA VB 251 -39.48 -85.93 41.80
N LEU VB 252 -38.75 -85.52 40.76
CA LEU VB 252 -39.17 -85.79 39.41
C LEU VB 252 -38.95 -87.25 39.05
N PRO VB 253 -39.73 -87.79 38.11
CA PRO VB 253 -39.46 -89.15 37.62
C PRO VB 253 -38.10 -89.22 36.94
N GLU VB 254 -37.45 -90.37 37.09
CA GLU VB 254 -36.15 -90.60 36.47
C GLU VB 254 -35.87 -92.10 36.52
N LEU VB 255 -34.81 -92.49 35.83
CA LEU VB 255 -34.42 -93.89 35.78
C LEU VB 255 -33.37 -94.19 36.86
N ASN VB 256 -33.19 -95.48 37.13
CA ASN VB 256 -32.19 -95.95 38.07
C ASN VB 256 -31.12 -96.70 37.30
N VAL VB 257 -29.88 -96.21 37.40
CA VAL VB 257 -28.76 -96.79 36.66
C VAL VB 257 -28.18 -97.95 37.46
N ASN VB 258 -28.85 -98.31 38.55
CA ASN VB 258 -28.44 -99.45 39.35
C ASN VB 258 -28.94 -100.74 38.73
N SER VB 259 -28.49 -101.87 39.28
CA SER VB 259 -28.74 -103.17 38.67
C SER VB 259 -29.45 -104.17 39.57
N ALA VB 260 -29.19 -104.15 40.87
CA ALA VB 260 -29.81 -105.15 41.75
C ALA VB 260 -31.31 -104.99 41.81
N GLU VB 261 -31.80 -103.78 41.61
CA GLU VB 261 -33.20 -103.40 41.76
C GLU VB 261 -34.06 -103.82 40.61
N TRP VB 262 -33.57 -104.70 39.74
CA TRP VB 262 -34.25 -105.07 38.52
C TRP VB 262 -34.96 -106.40 38.72
N ARG VB 263 -36.27 -106.41 38.52
CA ARG VB 263 -37.08 -107.61 38.63
C ARG VB 263 -37.68 -107.94 37.27
N ALA VB 264 -37.50 -109.17 36.83
CA ALA VB 264 -37.90 -109.60 35.50
C ALA VB 264 -39.33 -110.15 35.51
N ALA VB 265 -39.86 -110.38 34.31
CA ALA VB 265 -41.22 -110.86 34.14
C ALA VB 265 -41.25 -111.99 33.13
N VAL VB 266 -42.10 -112.98 33.37
CA VAL VB 266 -42.27 -114.10 32.46
C VAL VB 266 -43.68 -114.64 32.61
N ALA VB 267 -44.40 -114.74 31.49
CA ALA VB 267 -45.77 -115.20 31.49
C ALA VB 267 -45.81 -116.73 31.35
N LYS VB 268 -47.02 -117.27 31.24
CA LYS VB 268 -47.21 -118.70 31.09
C LYS VB 268 -47.98 -119.02 29.82
N ARG WB 207 -49.76 -7.72 102.25
CA ARG WB 207 -49.05 -6.49 101.90
C ARG WB 207 -48.01 -6.75 100.82
N ILE WB 208 -47.05 -5.84 100.71
CA ILE WB 208 -45.97 -5.94 99.72
C ILE WB 208 -44.69 -6.29 100.47
N ILE WB 209 -44.13 -7.45 100.17
CA ILE WB 209 -42.95 -7.97 100.87
C ILE WB 209 -41.73 -7.72 100.01
N TYR WB 210 -40.69 -7.13 100.61
CA TYR WB 210 -39.45 -6.83 99.92
C TYR WB 210 -38.48 -8.00 100.05
N TYR WB 211 -37.69 -8.23 99.01
CA TYR WB 211 -36.62 -9.23 99.02
C TYR WB 211 -35.40 -8.59 98.39
N ILE WB 212 -34.21 -9.11 98.72
CA ILE WB 212 -33.00 -8.54 98.15
C ILE WB 212 -32.87 -8.99 96.70
N GLN WB 213 -32.28 -8.13 95.88
CA GLN WB 213 -31.96 -8.44 94.49
C GLN WB 213 -30.47 -8.33 94.21
N ALA WB 214 -29.85 -7.22 94.63
CA ALA WB 214 -28.41 -7.03 94.52
C ALA WB 214 -27.90 -6.44 95.82
N VAL WB 215 -26.73 -6.89 96.26
CA VAL WB 215 -26.15 -6.47 97.52
C VAL WB 215 -24.71 -6.04 97.29
N ILE WB 216 -24.39 -4.81 97.66
CA ILE WB 216 -23.00 -4.35 97.74
C ILE WB 216 -22.83 -3.61 99.06
N PRO WB 217 -21.61 -3.47 99.54
CA PRO WB 217 -21.38 -2.60 100.70
C PRO WB 217 -21.83 -1.19 100.38
N GLY WB 218 -22.63 -0.62 101.29
CA GLY WB 218 -23.15 0.72 101.08
C GLY WB 218 -24.53 0.77 100.45
N ARG WB 219 -24.67 0.21 99.25
CA ARG WB 219 -25.91 0.28 98.50
C ARG WB 219 -26.56 -1.10 98.41
N ALA WB 220 -27.89 -1.12 98.49
CA ALA WB 220 -28.64 -2.36 98.39
C ALA WB 220 -29.79 -2.18 97.41
N TRP WB 221 -30.23 -3.28 96.82
CA TRP WB 221 -31.31 -3.27 95.85
C TRP WB 221 -32.40 -4.23 96.30
N LEU WB 222 -33.65 -3.77 96.22
CA LEU WB 222 -34.80 -4.51 96.72
C LEU WB 222 -35.82 -4.70 95.61
N ILE WB 223 -36.30 -5.93 95.47
CA ILE WB 223 -37.41 -6.27 94.59
C ILE WB 223 -38.63 -6.53 95.47
N GLY WB 224 -39.71 -5.81 95.21
CA GLY WB 224 -40.92 -5.94 95.99
C GLY WB 224 -41.69 -7.18 95.62
N SER WB 225 -42.86 -7.30 96.26
CA SER WB 225 -43.77 -8.40 95.91
C SER WB 225 -44.23 -8.28 94.47
N ASN WB 226 -44.52 -7.06 94.01
CA ASN WB 226 -44.90 -6.82 92.63
C ASN WB 226 -43.72 -6.91 91.66
N GLY WB 227 -42.50 -7.00 92.18
CA GLY WB 227 -41.32 -7.03 91.34
C GLY WB 227 -40.66 -5.68 91.12
N SER WB 228 -41.24 -4.59 91.61
CA SER WB 228 -40.63 -3.28 91.46
C SER WB 228 -39.28 -3.24 92.15
N THR WB 229 -38.31 -2.61 91.51
CA THR WB 229 -36.94 -2.55 91.99
C THR WB 229 -36.64 -1.15 92.53
N LEU WB 230 -36.09 -1.10 93.74
CA LEU WB 230 -35.68 0.15 94.37
C LEU WB 230 -34.27 0.01 94.92
N THR WB 231 -33.62 1.14 95.12
CA THR WB 231 -32.28 1.19 95.68
C THR WB 231 -32.32 1.90 97.02
N VAL WB 232 -31.57 1.36 97.99
CA VAL WB 232 -31.57 1.86 99.36
C VAL WB 232 -30.14 1.96 99.85
N ARG WB 233 -29.96 2.78 100.88
CA ARG WB 233 -28.67 2.97 101.53
C ARG WB 233 -28.79 2.71 103.03
N GLU WB 234 -27.75 3.07 103.78
CA GLU WB 234 -27.80 2.89 105.24
C GLU WB 234 -28.96 3.67 105.85
N GLY WB 235 -29.11 4.93 105.45
CA GLY WB 235 -30.19 5.74 105.98
C GLY WB 235 -31.27 6.04 104.96
N SER WB 236 -32.43 5.41 105.09
CA SER WB 236 -33.55 5.65 104.19
C SER WB 236 -34.80 5.02 104.77
N LYS WB 237 -35.95 5.62 104.46
CA LYS WB 237 -37.24 5.10 104.92
C LYS WB 237 -37.71 4.01 103.98
N ILE WB 238 -37.96 2.81 104.52
CA ILE WB 238 -38.47 1.69 103.74
C ILE WB 238 -39.97 1.60 104.00
N PRO WB 239 -40.83 1.83 103.00
CA PRO WB 239 -42.27 1.68 103.22
C PRO WB 239 -42.62 0.23 103.54
N GLY WB 240 -43.57 0.07 104.46
CA GLY WB 240 -44.00 -1.24 104.89
C GLY WB 240 -43.15 -1.88 105.96
N TYR WB 241 -41.96 -1.34 106.23
CA TYR WB 241 -41.11 -1.88 107.28
C TYR WB 241 -40.51 -0.83 108.21
N GLY WB 242 -40.41 0.42 107.80
CA GLY WB 242 -39.92 1.46 108.70
C GLY WB 242 -38.64 2.13 108.23
N MET WB 243 -37.56 1.94 108.99
CA MET WB 243 -36.27 2.56 108.71
C MET WB 243 -35.21 1.46 108.56
N VAL WB 244 -34.39 1.58 107.52
CA VAL WB 244 -33.33 0.61 107.30
C VAL WB 244 -32.27 0.78 108.39
N LYS WB 245 -32.00 -0.28 109.13
CA LYS WB 245 -31.04 -0.19 110.23
C LYS WB 245 -29.61 -0.27 109.72
N LEU WB 246 -29.24 -1.41 109.14
CA LEU WB 246 -27.88 -1.62 108.65
C LEU WB 246 -27.93 -2.55 107.44
N ILE WB 247 -26.85 -2.52 106.67
CA ILE WB 247 -26.70 -3.36 105.47
C ILE WB 247 -25.43 -4.18 105.63
N ASP WB 248 -25.53 -5.48 105.37
CA ASP WB 248 -24.39 -6.39 105.40
C ASP WB 248 -24.11 -6.88 103.99
N SER WB 249 -22.86 -6.75 103.56
CA SER WB 249 -22.48 -7.22 102.23
C SER WB 249 -22.65 -8.74 102.14
N LEU WB 250 -22.29 -9.45 103.21
CA LEU WB 250 -22.42 -10.89 103.23
C LEU WB 250 -23.73 -11.32 103.87
N GLN WB 251 -23.98 -12.63 103.86
CA GLN WB 251 -25.11 -13.27 104.52
C GLN WB 251 -26.44 -12.92 103.87
N GLY WB 252 -26.43 -12.00 102.90
CA GLY WB 252 -27.65 -11.62 102.21
C GLY WB 252 -28.75 -11.13 103.14
N ARG WB 253 -28.41 -10.27 104.09
CA ARG WB 253 -29.35 -9.80 105.09
C ARG WB 253 -29.44 -8.28 105.09
N ILE WB 254 -30.66 -7.77 105.20
CA ILE WB 254 -30.91 -6.34 105.37
C ILE WB 254 -31.75 -6.16 106.62
N LEU WB 255 -31.33 -5.25 107.49
CA LEU WB 255 -31.93 -5.09 108.80
C LEU WB 255 -32.78 -3.82 108.84
N THR WB 256 -33.99 -3.94 109.37
CA THR WB 256 -34.91 -2.82 109.49
C THR WB 256 -35.02 -2.36 110.94
N SER WB 257 -35.40 -1.09 111.11
CA SER WB 257 -35.63 -0.57 112.45
C SER WB 257 -36.72 -1.33 113.17
N SER WB 258 -37.64 -1.95 112.42
CA SER WB 258 -38.70 -2.75 113.00
C SER WB 258 -38.22 -4.13 113.45
N GLY WB 259 -36.92 -4.34 113.52
CA GLY WB 259 -36.38 -5.62 113.94
C GLY WB 259 -36.55 -6.74 112.96
N GLN WB 260 -36.75 -6.43 111.68
CA GLN WB 260 -36.99 -7.44 110.66
C GLN WB 260 -35.79 -7.61 109.75
N VAL WB 261 -35.66 -8.82 109.20
CA VAL WB 261 -34.56 -9.18 108.31
C VAL WB 261 -35.14 -9.51 106.94
N ILE WB 262 -34.58 -8.90 105.89
CA ILE WB 262 -35.00 -9.12 104.53
C ILE WB 262 -33.86 -9.81 103.79
N LYS WB 263 -34.20 -10.87 103.04
CA LYS WB 263 -33.21 -11.63 102.29
C LYS WB 263 -33.81 -12.04 100.95
N PHE WB 264 -33.02 -12.78 100.17
CA PHE WB 264 -33.49 -13.32 98.91
C PHE WB 264 -34.53 -14.41 99.14
N SER WB 265 -35.38 -14.60 98.14
CA SER WB 265 -36.34 -15.69 98.19
C SER WB 265 -35.63 -17.04 98.05
N GLN WB 266 -36.30 -18.10 98.52
CA GLN WB 266 -35.66 -19.41 98.57
C GLN WB 266 -35.28 -19.90 97.18
N GLU WB 267 -36.21 -19.77 96.22
CA GLU WB 267 -35.93 -20.28 94.88
C GLU WB 267 -34.83 -19.49 94.17
N ASP WB 268 -34.56 -18.27 94.61
CA ASP WB 268 -33.52 -17.42 94.01
C ASP WB 268 -32.63 -16.93 95.15
N SER WB 269 -31.66 -17.74 95.54
CA SER WB 269 -30.73 -17.40 96.61
C SER WB 269 -29.56 -18.38 96.65
N GLN XB 791 14.06 -26.52 116.22
CA GLN XB 791 13.70 -25.14 116.52
C GLN XB 791 13.76 -24.27 115.26
N GLN XB 792 14.65 -24.64 114.35
CA GLN XB 792 14.87 -23.89 113.11
C GLN XB 792 14.10 -24.46 111.94
N GLU XB 793 13.27 -25.48 112.15
CA GLU XB 793 12.60 -26.16 111.05
C GLU XB 793 11.42 -25.37 110.50
N ILE XB 794 10.98 -24.33 111.21
CA ILE XB 794 9.82 -23.56 110.77
C ILE XB 794 10.10 -22.91 109.42
N GLN XB 795 11.25 -22.26 109.29
CA GLN XB 795 11.52 -21.46 108.10
C GLN XB 795 11.60 -22.32 106.85
N GLN XB 796 12.32 -23.44 106.92
CA GLN XB 796 12.39 -24.33 105.77
C GLN XB 796 11.02 -24.93 105.47
N ARG XB 797 10.27 -25.30 106.52
CA ARG XB 797 8.91 -25.77 106.32
C ARG XB 797 7.96 -24.63 105.99
N THR XB 798 8.41 -23.38 106.09
CA THR XB 798 7.65 -22.25 105.58
C THR XB 798 8.03 -21.95 104.14
N SER XB 799 9.33 -21.92 103.84
CA SER XB 799 9.78 -21.55 102.51
C SER XB 799 9.29 -22.53 101.46
N ASP XB 800 9.33 -23.83 101.75
CA ASP XB 800 8.97 -24.83 100.76
C ASP XB 800 7.53 -24.64 100.27
N MET XB 801 6.58 -24.56 101.20
CA MET XB 801 5.20 -24.34 100.81
C MET XB 801 4.91 -22.87 100.50
N LEU XB 802 5.82 -21.96 100.86
CA LEU XB 802 5.73 -20.60 100.34
C LEU XB 802 5.89 -20.60 98.84
N THR XB 803 6.82 -21.41 98.32
CA THR XB 803 6.99 -21.52 96.88
C THR XB 803 5.72 -22.04 96.22
N ALA XB 804 5.11 -23.07 96.80
CA ALA XB 804 3.84 -23.56 96.27
C ALA XB 804 2.76 -22.49 96.40
N ALA XB 805 2.74 -21.79 97.54
CA ALA XB 805 1.75 -20.74 97.75
C ALA XB 805 1.90 -19.64 96.71
N THR XB 806 3.12 -19.10 96.55
CA THR XB 806 3.32 -18.06 95.56
C THR XB 806 3.17 -18.60 94.14
N GLN XB 807 3.31 -19.91 93.95
CA GLN XB 807 2.99 -20.50 92.67
C GLN XB 807 1.49 -20.55 92.45
N LEU XB 808 0.75 -20.98 93.47
CA LEU XB 808 -0.69 -21.20 93.30
C LEU XB 808 -1.48 -19.89 93.22
N VAL XB 809 -1.00 -18.83 93.85
CA VAL XB 809 -1.77 -17.59 93.89
C VAL XB 809 -1.94 -17.02 92.48
N GLN XB 810 -0.86 -17.00 91.69
CA GLN XB 810 -0.96 -16.43 90.35
C GLN XB 810 -1.77 -17.33 89.42
N ASP XB 811 -1.84 -18.62 89.71
CA ASP XB 811 -2.63 -19.52 88.88
C ASP XB 811 -4.11 -19.14 88.91
N TRP XB 812 -4.61 -18.77 90.09
CA TRP XB 812 -5.99 -18.32 90.17
C TRP XB 812 -6.15 -16.90 89.63
N LYS XB 813 -5.05 -16.16 89.55
CA LYS XB 813 -5.14 -14.78 89.07
C LYS XB 813 -5.57 -14.71 87.61
N GLN XB 814 -4.92 -15.48 86.75
CA GLN XB 814 -5.17 -15.37 85.32
C GLN XB 814 -6.35 -16.23 84.90
N VAL XB 815 -7.04 -15.79 83.85
CA VAL XB 815 -8.13 -16.54 83.24
C VAL XB 815 -8.34 -15.98 81.84
N GLU XB 816 -8.48 -16.85 80.86
CA GLU XB 816 -8.56 -16.42 79.46
C GLU XB 816 -9.95 -15.89 79.17
N THR XB 817 -10.23 -15.65 77.89
CA THR XB 817 -11.45 -14.99 77.45
C THR XB 817 -12.38 -15.98 76.77
N GLN XB 818 -13.63 -15.55 76.60
CA GLN XB 818 -14.61 -16.31 75.85
C GLN XB 818 -14.19 -16.42 74.37
N VAL XB 819 -14.48 -17.56 73.78
CA VAL XB 819 -14.19 -17.82 72.38
C VAL XB 819 -15.47 -17.59 71.58
N TYR XB 820 -15.38 -16.74 70.56
CA TYR XB 820 -16.53 -16.39 69.73
C TYR XB 820 -16.35 -17.07 68.37
N THR XB 821 -17.08 -18.16 68.15
CA THR XB 821 -17.00 -18.91 66.91
C THR XB 821 -18.35 -18.85 66.20
N GLU XB 822 -18.39 -18.13 65.09
CA GLU XB 822 -19.60 -18.00 64.29
C GLU XB 822 -19.49 -18.90 63.05
N GLY XB 823 -20.44 -18.76 62.14
CA GLY XB 823 -20.40 -19.53 60.92
C GLY XB 823 -21.47 -19.09 59.95
N THR XB 824 -21.60 -19.85 58.87
CA THR XB 824 -22.59 -19.56 57.84
C THR XB 824 -23.40 -20.81 57.49
N ALA YB 104 29.93 -66.61 97.64
CA ALA YB 104 30.61 -66.97 96.40
C ALA YB 104 29.64 -67.04 95.24
N GLU YB 105 28.37 -67.29 95.56
CA GLU YB 105 27.33 -67.39 94.53
C GLU YB 105 26.15 -66.46 94.76
N VAL YB 106 25.77 -66.20 96.01
CA VAL YB 106 24.69 -65.27 96.30
C VAL YB 106 25.04 -63.83 95.95
N ILE YB 107 26.28 -63.58 95.54
CA ILE YB 107 26.69 -62.24 95.13
C ILE YB 107 25.83 -61.77 93.96
N ASP YB 108 25.62 -62.66 93.00
CA ASP YB 108 24.82 -62.31 91.83
C ASP YB 108 23.39 -61.96 92.22
N LYS YB 109 22.79 -62.75 93.11
CA LYS YB 109 21.41 -62.47 93.53
C LYS YB 109 21.31 -61.15 94.29
N LYS YB 110 22.26 -60.90 95.20
CA LYS YB 110 22.25 -59.64 95.93
C LYS YB 110 22.37 -58.46 94.98
N ALA YB 111 23.31 -58.56 94.03
CA ALA YB 111 23.48 -57.47 93.07
C ALA YB 111 22.24 -57.28 92.24
N PHE YB 112 21.61 -58.38 91.81
CA PHE YB 112 20.40 -58.27 91.00
C PHE YB 112 19.28 -57.58 91.78
N LYS YB 113 19.10 -57.94 93.05
CA LYS YB 113 18.06 -57.32 93.85
C LYS YB 113 18.34 -55.84 94.05
N ASP YB 114 19.60 -55.49 94.36
CA ASP YB 114 19.94 -54.09 94.57
C ASP YB 114 19.75 -53.27 93.30
N MET YB 115 20.17 -53.82 92.15
CA MET YB 115 20.01 -53.11 90.89
C MET YB 115 18.54 -52.96 90.53
N THR YB 116 17.74 -53.97 90.85
CA THR YB 116 16.30 -53.87 90.62
C THR YB 116 15.69 -52.77 91.47
N ARG YB 117 16.10 -52.68 92.73
CA ARG YB 117 15.60 -51.63 93.61
C ARG YB 117 16.02 -50.25 93.09
N ASN YB 118 17.26 -50.13 92.63
CA ASN YB 118 17.71 -48.86 92.07
C ASN YB 118 16.94 -48.51 90.80
N LEU YB 119 16.66 -49.50 89.96
CA LEU YB 119 15.89 -49.26 88.76
C LEU YB 119 14.48 -48.79 89.09
N TYR YB 120 13.86 -49.38 90.11
CA TYR YB 120 12.51 -49.02 90.53
C TYR YB 120 12.53 -48.70 92.02
N PRO YB 121 12.94 -47.49 92.39
CA PRO YB 121 12.98 -47.11 93.80
C PRO YB 121 11.61 -46.85 94.42
N LEU YB 122 10.53 -47.01 93.67
CA LEU YB 122 9.19 -46.77 94.17
C LEU YB 122 8.32 -47.99 93.95
N ASN YB 123 7.68 -48.47 95.02
CA ASN YB 123 6.78 -49.59 94.90
C ASN YB 123 5.55 -49.21 94.08
N PRO YB 124 5.03 -50.13 93.26
CA PRO YB 124 3.82 -49.81 92.49
C PRO YB 124 2.64 -49.43 93.37
N GLU YB 125 2.53 -50.04 94.55
CA GLU YB 125 1.47 -49.67 95.48
C GLU YB 125 1.62 -48.21 95.90
N GLN YB 126 2.85 -47.80 96.24
CA GLN YB 126 3.09 -46.40 96.57
C GLN YB 126 2.84 -45.51 95.36
N VAL YB 127 3.08 -46.01 94.15
CA VAL YB 127 2.81 -45.23 92.95
C VAL YB 127 1.32 -44.94 92.83
N VAL YB 128 0.49 -45.96 93.02
CA VAL YB 128 -0.96 -45.76 92.98
C VAL YB 128 -1.38 -44.84 94.12
N LYS YB 129 -0.76 -45.01 95.29
CA LYS YB 129 -1.06 -44.15 96.44
C LYS YB 129 -0.82 -42.68 96.10
N LEU YB 130 0.37 -42.36 95.58
CA LEU YB 130 0.69 -40.98 95.27
C LEU YB 130 -0.15 -40.46 94.12
N LYS YB 131 -0.52 -41.33 93.17
CA LYS YB 131 -1.45 -40.89 92.12
C LYS YB 131 -2.78 -40.47 92.71
N GLN YB 132 -3.31 -41.26 93.65
CA GLN YB 132 -4.55 -40.89 94.30
C GLN YB 132 -4.38 -39.59 95.09
N ILE YB 133 -3.25 -39.42 95.77
CA ILE YB 133 -3.00 -38.22 96.53
C ILE YB 133 -3.00 -37.00 95.62
N TYR YB 134 -2.32 -37.11 94.48
CA TYR YB 134 -2.25 -35.99 93.54
C TYR YB 134 -3.62 -35.70 92.93
N GLU YB 135 -4.40 -36.73 92.65
CA GLU YB 135 -5.75 -36.52 92.15
C GLU YB 135 -6.61 -35.78 93.17
N THR YB 136 -6.50 -36.18 94.44
CA THR YB 136 -7.25 -35.49 95.48
C THR YB 136 -6.81 -34.03 95.62
N SER YB 137 -5.50 -33.79 95.54
CA SER YB 137 -5.00 -32.43 95.61
C SER YB 137 -5.52 -31.59 94.45
N GLU YB 138 -5.52 -32.16 93.25
CA GLU YB 138 -6.04 -31.45 92.09
C GLU YB 138 -7.53 -31.14 92.26
N TYR YB 139 -8.28 -32.10 92.79
CA TYR YB 139 -9.70 -31.86 93.03
C TYR YB 139 -9.90 -30.74 94.05
N ALA YB 140 -9.12 -30.75 95.12
CA ALA YB 140 -9.23 -29.70 96.13
C ALA YB 140 -8.89 -28.34 95.54
N LYS YB 141 -7.84 -28.28 94.73
CA LYS YB 141 -7.48 -27.01 94.09
C LYS YB 141 -8.56 -26.53 93.13
N ALA YB 142 -9.15 -27.47 92.38
CA ALA YB 142 -10.21 -27.10 91.45
C ALA YB 142 -11.46 -26.62 92.20
N ALA YB 143 -11.74 -27.19 93.37
CA ALA YB 143 -12.88 -26.77 94.14
C ALA YB 143 -12.70 -25.34 94.64
N THR YB 144 -13.81 -24.69 94.95
CA THR YB 144 -13.81 -23.30 95.37
C THR YB 144 -14.56 -23.14 96.67
N PRO YB 145 -14.00 -22.40 97.63
CA PRO YB 145 -14.73 -22.12 98.87
C PRO YB 145 -15.94 -21.24 98.63
N GLY YB 146 -16.90 -21.35 99.55
CA GLY YB 146 -18.16 -20.64 99.42
C GLY YB 146 -19.25 -21.51 98.86
N THR YB 147 -20.09 -20.96 97.99
CA THR YB 147 -21.13 -21.73 97.33
C THR YB 147 -21.31 -21.21 95.91
N PRO YB 148 -21.48 -22.11 94.94
CA PRO YB 148 -21.71 -21.68 93.56
C PRO YB 148 -23.04 -20.94 93.44
N PRO YB 149 -23.09 -19.88 92.65
CA PRO YB 149 -24.36 -19.22 92.38
C PRO YB 149 -25.28 -20.11 91.57
N LYS YB 150 -26.58 -19.97 91.82
CA LYS YB 150 -27.58 -20.80 91.16
C LYS YB 150 -27.78 -20.32 89.73
N PRO YB 151 -27.58 -21.16 88.72
CA PRO YB 151 -27.85 -20.74 87.34
C PRO YB 151 -29.35 -20.63 87.09
N THR YB 152 -29.79 -19.43 86.73
CA THR YB 152 -31.21 -19.16 86.54
C THR YB 152 -31.38 -18.21 85.36
N ALA YB 153 -32.59 -18.22 84.80
CA ALA YB 153 -32.99 -17.31 83.74
C ALA YB 153 -34.09 -16.39 84.24
N THR YB 154 -34.04 -15.14 83.81
CA THR YB 154 -34.97 -14.12 84.26
C THR YB 154 -35.49 -13.32 83.07
N SER YB 155 -36.63 -12.68 83.27
CA SER YB 155 -37.22 -11.78 82.28
C SER YB 155 -37.52 -10.46 82.96
N GLN YB 156 -36.98 -9.36 82.40
CA GLN YB 156 -37.13 -8.04 82.99
C GLN YB 156 -37.53 -7.05 81.92
N PHE YB 157 -38.12 -5.95 82.37
CA PHE YB 157 -38.56 -4.87 81.50
C PHE YB 157 -37.71 -3.63 81.74
N VAL YB 158 -37.49 -2.87 80.67
CA VAL YB 158 -36.69 -1.65 80.73
C VAL YB 158 -37.65 -0.47 80.65
N ASN YB 159 -37.56 0.42 81.64
CA ASN YB 159 -38.41 1.59 81.73
C ASN YB 159 -37.58 2.86 81.51
N LEU YB 160 -38.14 3.81 80.78
CA LEU YB 160 -37.47 5.06 80.47
C LEU YB 160 -37.82 6.19 81.44
N SER YB 161 -38.61 5.90 82.47
CA SER YB 161 -38.96 6.95 83.44
C SER YB 161 -37.72 7.40 84.20
N PRO YB 162 -37.56 8.70 84.44
CA PRO YB 162 -36.39 9.17 85.18
C PRO YB 162 -36.28 8.58 86.57
N GLY YB 163 -37.40 8.36 87.25
CA GLY YB 163 -37.38 7.77 88.57
C GLY YB 163 -37.22 6.27 88.61
N SER YB 164 -37.23 5.61 87.46
CA SER YB 164 -37.12 4.16 87.42
C SER YB 164 -35.71 3.73 87.86
N THR YB 165 -35.58 2.45 88.17
CA THR YB 165 -34.30 1.87 88.57
C THR YB 165 -33.77 1.03 87.42
N PRO YB 166 -32.61 1.37 86.84
CA PRO YB 166 -32.08 0.61 85.71
C PRO YB 166 -31.82 -0.83 86.10
N PRO YB 167 -32.06 -1.77 85.19
CA PRO YB 167 -31.86 -3.19 85.51
C PRO YB 167 -30.41 -3.49 85.89
N VAL YB 168 -30.27 -4.39 86.87
CA VAL YB 168 -28.98 -4.84 87.37
C VAL YB 168 -28.88 -6.34 87.11
N ILE YB 169 -27.72 -6.78 86.63
CA ILE YB 169 -27.51 -8.15 86.21
C ILE YB 169 -26.45 -8.79 87.09
N ARG YB 170 -26.77 -9.96 87.64
CA ARG YB 170 -25.84 -10.73 88.45
C ARG YB 170 -24.91 -11.52 87.55
N LEU YB 171 -23.61 -11.50 87.87
CA LEU YB 171 -22.59 -12.08 87.02
C LEU YB 171 -21.75 -13.08 87.81
N SER YB 172 -20.98 -13.88 87.07
CA SER YB 172 -20.03 -14.81 87.65
C SER YB 172 -18.79 -14.84 86.79
N GLN YB 173 -17.62 -14.76 87.42
CA GLN YB 173 -16.37 -14.74 86.68
C GLN YB 173 -16.13 -16.09 86.00
N GLY YB 174 -15.59 -16.05 84.79
CA GLY YB 174 -15.36 -17.25 84.02
C GLY YB 174 -16.57 -17.80 83.31
N PHE YB 175 -17.69 -17.10 83.33
CA PHE YB 175 -18.91 -17.56 82.67
C PHE YB 175 -19.51 -16.43 81.87
N VAL YB 176 -20.45 -16.78 81.00
CA VAL YB 176 -21.04 -15.84 80.04
C VAL YB 176 -22.53 -15.76 80.28
N SER YB 177 -23.03 -14.55 80.46
CA SER YB 177 -24.46 -14.28 80.55
C SER YB 177 -24.97 -13.85 79.19
N SER YB 178 -26.16 -14.31 78.85
CA SER YB 178 -26.79 -14.03 77.56
C SER YB 178 -27.99 -13.12 77.78
N LEU YB 179 -27.94 -11.92 77.20
CA LEU YB 179 -29.03 -10.96 77.27
C LEU YB 179 -29.71 -10.91 75.91
N VAL YB 180 -30.95 -11.42 75.85
CA VAL YB 180 -31.71 -11.45 74.63
C VAL YB 180 -32.69 -10.27 74.65
N PHE YB 181 -32.62 -9.43 73.62
CA PHE YB 181 -33.37 -8.18 73.56
C PHE YB 181 -34.62 -8.38 72.72
N LEU YB 182 -35.79 -8.33 73.37
CA LEU YB 182 -37.06 -8.37 72.68
C LEU YB 182 -37.84 -7.12 73.07
N ASP YB 183 -38.80 -6.74 72.23
CA ASP YB 183 -39.59 -5.56 72.49
C ASP YB 183 -40.61 -5.84 73.59
N SER YB 184 -41.52 -4.89 73.82
CA SER YB 184 -42.58 -5.11 74.79
C SER YB 184 -43.46 -6.29 74.38
N THR YB 185 -43.77 -6.38 73.08
CA THR YB 185 -44.54 -7.52 72.58
C THR YB 185 -43.75 -8.81 72.72
N GLY YB 186 -42.49 -8.80 72.30
CA GLY YB 186 -41.64 -9.98 72.43
C GLY YB 186 -40.87 -10.33 71.17
N ALA YB 187 -41.02 -9.54 70.13
CA ALA YB 187 -40.27 -9.75 68.90
C ALA YB 187 -38.83 -9.24 69.06
N PRO YB 188 -37.90 -9.75 68.27
CA PRO YB 188 -36.50 -9.28 68.39
C PRO YB 188 -36.38 -7.79 68.12
N TRP YB 189 -35.55 -7.14 68.91
CA TRP YB 189 -35.26 -5.72 68.76
C TRP YB 189 -33.78 -5.52 68.48
N PRO YB 190 -33.39 -5.33 67.22
CA PRO YB 190 -31.97 -5.12 66.91
C PRO YB 190 -31.48 -3.80 67.48
N ILE YB 191 -30.18 -3.74 67.75
CA ILE YB 191 -29.54 -2.56 68.30
C ILE YB 191 -28.66 -1.93 67.23
N ALA YB 192 -28.13 -0.75 67.54
CA ALA YB 192 -27.20 -0.06 66.65
C ALA YB 192 -25.75 -0.22 67.10
N ALA YB 193 -25.44 0.19 68.33
CA ALA YB 193 -24.07 0.16 68.82
C ALA YB 193 -24.12 0.13 70.34
N TYR YB 194 -22.95 0.04 70.97
CA TYR YB 194 -22.91 0.01 72.42
C TYR YB 194 -21.59 0.59 72.92
N ASP YB 195 -21.52 0.76 74.23
CA ASP YB 195 -20.40 1.40 74.89
C ASP YB 195 -20.22 0.76 76.25
N LEU YB 196 -18.99 0.39 76.57
CA LEU YB 196 -18.67 -0.29 77.83
C LEU YB 196 -17.56 0.46 78.54
N GLY YB 197 -17.78 0.77 79.81
CA GLY YB 197 -16.71 1.27 80.65
C GLY YB 197 -15.89 0.12 81.22
N ASP YB 198 -14.58 0.31 81.23
CA ASP YB 198 -13.63 -0.69 81.70
C ASP YB 198 -13.85 -2.03 81.01
N PRO YB 199 -13.47 -2.17 79.73
CA PRO YB 199 -13.57 -3.48 79.08
C PRO YB 199 -12.75 -4.56 79.76
N SER YB 200 -11.71 -4.20 80.51
CA SER YB 200 -10.94 -5.22 81.21
C SER YB 200 -11.78 -5.95 82.26
N SER YB 201 -12.89 -5.36 82.67
CA SER YB 201 -13.74 -6.02 83.67
C SER YB 201 -14.66 -7.06 83.06
N PHE YB 202 -15.23 -6.78 81.89
CA PHE YB 202 -16.19 -7.69 81.27
C PHE YB 202 -15.90 -7.79 79.78
N ASN YB 203 -16.14 -8.98 79.23
CA ASN YB 203 -15.89 -9.25 77.83
C ASN YB 203 -17.19 -9.21 77.06
N ILE YB 204 -17.13 -8.75 75.81
CA ILE YB 204 -18.32 -8.58 74.98
C ILE YB 204 -18.11 -9.31 73.66
N GLN YB 205 -19.10 -10.09 73.26
CA GLN YB 205 -19.14 -10.69 71.93
C GLN YB 205 -20.42 -10.21 71.24
N TRP YB 206 -20.27 -9.70 70.01
CA TRP YB 206 -21.42 -9.14 69.31
C TRP YB 206 -21.14 -9.10 67.82
N ASP YB 207 -21.85 -9.90 67.05
CA ASP YB 207 -21.84 -9.74 65.62
C ASP YB 207 -22.66 -8.51 65.23
N LYS YB 208 -22.44 -8.03 64.00
CA LYS YB 208 -23.00 -6.75 63.58
C LYS YB 208 -24.52 -6.75 63.60
N THR YB 209 -25.14 -7.82 63.15
CA THR YB 209 -26.57 -7.82 62.89
C THR YB 209 -27.41 -8.28 64.07
N SER YB 210 -26.91 -9.22 64.87
CA SER YB 210 -27.73 -9.81 65.92
C SER YB 210 -28.07 -8.78 67.00
N ASN YB 211 -28.90 -9.21 67.94
CA ASN YB 211 -29.34 -8.35 69.03
C ASN YB 211 -29.21 -8.99 70.40
N THR YB 212 -28.66 -10.21 70.50
CA THR YB 212 -28.45 -10.88 71.77
C THR YB 212 -26.97 -10.78 72.13
N LEU YB 213 -26.70 -10.34 73.35
CA LEU YB 213 -25.34 -10.04 73.78
C LEU YB 213 -24.83 -11.12 74.72
N MET YB 214 -23.64 -11.64 74.42
CA MET YB 214 -22.97 -12.62 75.25
C MET YB 214 -21.84 -11.91 75.98
N ILE YB 215 -21.96 -11.79 77.30
CA ILE YB 215 -21.04 -11.00 78.10
C ILE YB 215 -20.35 -11.90 79.12
N GLN YB 216 -19.02 -11.90 79.11
CA GLN YB 216 -18.23 -12.69 80.03
C GLN YB 216 -17.56 -11.76 81.03
N ALA YB 217 -17.66 -12.08 82.32
CA ALA YB 217 -17.08 -11.26 83.37
C ALA YB 217 -15.62 -11.65 83.57
N THR YB 218 -14.72 -10.73 83.25
CA THR YB 218 -13.29 -11.02 83.36
C THR YB 218 -12.82 -10.96 84.81
N LYS YB 219 -13.11 -9.86 85.49
CA LYS YB 219 -12.64 -9.67 86.85
C LYS YB 219 -13.56 -10.38 87.83
N LEU YB 220 -13.32 -10.21 89.13
CA LEU YB 220 -13.96 -11.02 90.16
C LEU YB 220 -15.04 -10.27 90.92
N TYR YB 221 -14.71 -9.13 91.53
CA TYR YB 221 -15.60 -8.46 92.46
C TYR YB 221 -15.69 -6.98 92.18
N ASN YB 222 -15.88 -6.62 90.91
CA ASN YB 222 -16.03 -5.23 90.52
C ASN YB 222 -17.26 -5.06 89.65
N TYR YB 223 -18.10 -4.10 89.99
CA TYR YB 223 -19.33 -3.84 89.26
C TYR YB 223 -19.03 -3.00 88.03
N GLY YB 224 -20.08 -2.67 87.29
CA GLY YB 224 -19.92 -1.84 86.11
C GLY YB 224 -21.26 -1.47 85.53
N ASN YB 225 -21.22 -0.62 84.50
CA ASN YB 225 -22.41 -0.18 83.80
C ASN YB 225 -22.11 -0.10 82.31
N LEU YB 226 -23.14 -0.34 81.50
CA LEU YB 226 -22.99 -0.42 80.06
C LEU YB 226 -24.14 0.33 79.40
N ALA YB 227 -23.89 0.86 78.20
CA ALA YB 227 -24.90 1.60 77.46
C ALA YB 227 -25.04 1.04 76.06
N VAL YB 228 -26.24 1.16 75.50
CA VAL YB 228 -26.54 0.67 74.16
C VAL YB 228 -27.38 1.73 73.44
N ARG YB 229 -27.04 2.02 72.20
CA ARG YB 229 -27.87 2.81 71.30
C ARG YB 229 -28.54 1.85 70.31
N LEU YB 230 -29.84 2.05 70.12
CA LEU YB 230 -30.69 1.05 69.49
C LEU YB 230 -30.99 1.41 68.03
N ARG YB 231 -31.64 0.48 67.34
CA ARG YB 231 -31.96 0.68 65.93
C ARG YB 231 -32.93 1.82 65.73
N GLY YB 232 -34.05 1.80 66.46
CA GLY YB 232 -35.08 2.80 66.25
C GLY YB 232 -35.23 3.78 67.39
N LEU YB 233 -35.02 3.31 68.62
CA LEU YB 233 -35.20 4.18 69.78
C LEU YB 233 -34.07 5.19 69.85
N ASN YB 234 -34.44 6.48 69.86
CA ASN YB 234 -33.45 7.53 70.02
C ASN YB 234 -32.86 7.53 71.43
N THR YB 235 -33.64 7.06 72.40
CA THR YB 235 -33.18 7.06 73.80
C THR YB 235 -32.21 5.90 74.02
N PRO YB 236 -31.01 6.17 74.54
CA PRO YB 236 -30.11 5.07 74.88
C PRO YB 236 -30.60 4.30 76.09
N VAL YB 237 -30.19 3.03 76.17
CA VAL YB 237 -30.56 2.15 77.26
C VAL YB 237 -29.29 1.73 77.99
N MET YB 238 -29.23 2.02 79.29
CA MET YB 238 -28.05 1.74 80.09
C MET YB 238 -28.42 0.84 81.26
N LEU YB 239 -27.63 -0.22 81.46
CA LEU YB 239 -27.87 -1.22 82.49
C LEU YB 239 -26.64 -1.32 83.37
N THR YB 240 -26.80 -1.94 84.54
CA THR YB 240 -25.69 -2.15 85.44
C THR YB 240 -25.51 -3.64 85.71
N LEU YB 241 -24.32 -4.01 86.16
CA LEU YB 241 -23.95 -5.42 86.26
C LEU YB 241 -22.95 -5.60 87.40
N ILE YB 242 -23.26 -6.52 88.30
CA ILE YB 242 -22.41 -6.82 89.45
C ILE YB 242 -22.13 -8.32 89.50
N PRO YB 243 -20.88 -8.74 89.65
CA PRO YB 243 -20.60 -10.18 89.74
C PRO YB 243 -20.70 -10.71 91.17
N GLY YB 244 -20.45 -12.00 91.33
CA GLY YB 244 -20.36 -12.61 92.65
C GLY YB 244 -21.60 -12.54 93.50
N GLN YB 245 -22.76 -12.88 92.92
CA GLN YB 245 -24.00 -12.93 93.67
C GLN YB 245 -24.36 -14.38 94.03
N LYS YB 246 -25.33 -14.51 94.94
CA LYS YB 246 -25.75 -15.84 95.38
C LYS YB 246 -26.35 -16.66 94.26
N ALA YB 247 -26.81 -16.02 93.19
CA ALA YB 247 -27.30 -16.70 92.00
C ALA YB 247 -26.72 -16.02 90.77
N VAL YB 248 -26.62 -16.79 89.68
CA VAL YB 248 -26.06 -16.29 88.43
C VAL YB 248 -27.16 -16.31 87.38
N ASP YB 249 -27.37 -15.17 86.73
CA ASP YB 249 -28.38 -15.05 85.68
C ASP YB 249 -27.85 -15.69 84.41
N TYR YB 250 -28.35 -16.89 84.08
CA TYR YB 250 -27.86 -17.59 82.90
C TYR YB 250 -28.34 -16.91 81.63
N ARG YB 251 -29.59 -16.47 81.59
CA ARG YB 251 -30.12 -15.76 80.44
C ARG YB 251 -31.18 -14.77 80.91
N VAL YB 252 -31.11 -13.54 80.41
CA VAL YB 252 -32.05 -12.50 80.77
C VAL YB 252 -32.73 -11.99 79.51
N ASP YB 253 -34.06 -12.01 79.52
CA ASP YB 253 -34.87 -11.48 78.43
C ASP YB 253 -35.25 -10.04 78.77
N LEU YB 254 -34.71 -9.09 78.00
CA LEU YB 254 -34.93 -7.67 78.24
C LEU YB 254 -36.04 -7.18 77.32
N ARG YB 255 -37.10 -6.64 77.94
CA ARG YB 255 -38.26 -6.15 77.20
C ARG YB 255 -38.13 -4.64 77.02
N VAL YB 256 -38.11 -4.20 75.75
CA VAL YB 256 -37.91 -2.81 75.43
C VAL YB 256 -39.11 -1.99 75.90
N GLN YB 257 -38.84 -0.76 76.37
CA GLN YB 257 -39.91 0.14 76.74
C GLN YB 257 -40.83 0.41 75.54
N GLY YB 258 -40.24 0.57 74.37
CA GLY YB 258 -40.98 0.75 73.14
C GLY YB 258 -41.35 -0.57 72.51
N TYR YB 259 -41.26 -0.62 71.18
CA TYR YB 259 -41.60 -1.79 70.41
C TYR YB 259 -40.59 -1.98 69.29
N GLY YB 260 -40.61 -3.16 68.69
CA GLY YB 260 -39.66 -3.53 67.66
C GLY YB 260 -39.85 -2.73 66.38
N PRO YB 261 -38.85 -2.73 65.51
CA PRO YB 261 -39.02 -2.07 64.22
C PRO YB 261 -40.15 -2.66 63.42
N ASN YB 262 -40.37 -3.97 63.56
CA ASN YB 262 -41.53 -4.65 63.01
C ASN YB 262 -41.80 -5.82 63.95
N ALA YB 263 -42.68 -5.63 64.93
CA ALA YB 263 -42.87 -6.62 65.98
C ALA YB 263 -44.22 -7.32 65.87
N LYS YB 264 -45.33 -6.60 66.05
CA LYS YB 264 -46.62 -7.18 65.72
C LYS YB 264 -47.52 -6.20 64.98
N SER YB 265 -47.56 -4.95 65.44
CA SER YB 265 -48.55 -3.98 64.97
C SER YB 265 -48.35 -2.62 65.63
N MET YB 266 -49.19 -1.66 65.28
CA MET YB 266 -49.25 -0.37 65.97
C MET YB 266 -50.68 -0.13 66.44
N PRO YB 267 -50.88 0.35 67.67
CA PRO YB 267 -52.24 0.50 68.19
C PRO YB 267 -52.98 1.68 67.58
N THR YB 268 -54.20 1.88 68.04
CA THR YB 268 -55.12 2.89 67.54
C THR YB 268 -55.56 3.82 68.67
N GLU YB 269 -56.50 4.72 68.34
CA GLU YB 269 -57.01 5.70 69.29
C GLU YB 269 -58.36 6.20 68.81
N GLU YB 270 -59.09 6.87 69.70
CA GLU YB 270 -60.29 7.59 69.29
C GLU YB 270 -60.62 8.65 70.32
N GLY YB 271 -61.34 9.67 69.86
CA GLY YB 271 -61.73 10.78 70.71
C GLY YB 271 -63.15 11.26 70.48
N ILE YB 272 -63.36 12.57 70.53
CA ILE YB 272 -64.69 13.16 70.43
C ILE YB 272 -65.10 13.25 68.97
N PRO YB 273 -66.23 12.66 68.57
CA PRO YB 273 -66.71 12.83 67.21
C PRO YB 273 -67.14 14.28 66.97
N PRO YB 274 -67.04 14.76 65.74
CA PRO YB 274 -67.38 16.15 65.46
C PRO YB 274 -68.88 16.38 65.47
N SER YB 275 -69.24 17.66 65.55
CA SER YB 275 -70.64 18.08 65.56
C SER YB 275 -71.11 18.32 64.12
N ALA YB 276 -72.28 18.91 63.98
CA ALA YB 276 -72.81 19.23 62.66
C ALA YB 276 -71.96 20.29 61.98
N ASN YB 277 -71.88 20.20 60.65
CA ASN YB 277 -71.08 21.12 59.88
C ASN YB 277 -71.70 22.52 59.89
N ASP YB 278 -70.86 23.52 59.67
CA ASP YB 278 -71.34 24.89 59.59
C ASP YB 278 -72.27 25.10 58.41
N LEU YB 279 -72.06 24.35 57.33
CA LEU YB 279 -72.83 24.56 56.10
C LEU YB 279 -74.33 24.45 56.35
N LEU YB 280 -74.73 23.68 57.35
CA LEU YB 280 -76.15 23.53 57.66
C LEU YB 280 -76.79 24.88 57.97
N LEU YB 281 -76.04 25.80 58.59
CA LEU YB 281 -76.59 27.11 58.89
C LEU YB 281 -76.93 27.87 57.61
N HIS YB 282 -76.01 27.89 56.65
CA HIS YB 282 -76.29 28.53 55.38
C HIS YB 282 -77.45 27.85 54.67
N VAL YB 283 -77.50 26.52 54.72
CA VAL YB 283 -78.59 25.80 54.07
C VAL YB 283 -79.93 26.21 54.67
N LEU YB 284 -80.00 26.25 56.00
CA LEU YB 284 -81.24 26.65 56.66
C LEU YB 284 -81.61 28.08 56.30
N GLU YB 285 -80.62 28.97 56.27
CA GLU YB 285 -80.90 30.36 55.97
C GLU YB 285 -81.44 30.53 54.55
N GLY YB 286 -80.87 29.81 53.60
CA GLY YB 286 -81.28 29.93 52.20
C GLY YB 286 -80.19 30.43 51.27
N VAL YB 287 -78.99 30.69 51.77
CA VAL YB 287 -77.87 31.06 50.91
C VAL YB 287 -77.26 29.78 50.36
N PRO YB 288 -77.17 29.62 49.04
CA PRO YB 288 -76.59 28.40 48.49
C PRO YB 288 -75.11 28.31 48.84
N PRO YB 289 -74.60 27.11 49.09
CA PRO YB 289 -73.17 26.95 49.35
C PRO YB 289 -72.36 27.39 48.15
N PRO YB 290 -71.23 28.04 48.37
CA PRO YB 290 -70.39 28.48 47.25
C PRO YB 290 -69.88 27.29 46.46
N GLY YB 291 -69.74 27.48 45.15
CA GLY YB 291 -69.23 26.44 44.28
C GLY YB 291 -70.17 25.29 44.04
N SER YB 292 -71.40 25.35 44.54
CA SER YB 292 -72.37 24.28 44.34
C SER YB 292 -73.12 24.54 43.03
N ARG YB 293 -74.21 23.80 42.82
CA ARG YB 293 -75.03 24.00 41.64
C ARG YB 293 -76.47 23.63 41.97
N ARG YB 294 -77.38 24.13 41.15
CA ARG YB 294 -78.80 24.02 41.43
C ARG YB 294 -79.28 22.58 41.28
N LEU YB 295 -80.48 22.34 41.81
CA LEU YB 295 -81.18 21.07 41.66
C LEU YB 295 -82.63 21.35 41.28
N VAL YB 296 -83.31 20.30 40.80
CA VAL YB 296 -84.69 20.40 40.35
C VAL YB 296 -85.57 19.63 41.33
N VAL YB 297 -86.61 20.29 41.84
CA VAL YB 297 -87.51 19.71 42.83
C VAL YB 297 -88.94 19.89 42.35
N SER YB 298 -89.72 18.82 42.41
CA SER YB 298 -91.11 18.87 41.99
C SER YB 298 -91.96 18.07 42.96
N GLY YB 299 -93.25 18.39 43.00
CA GLY YB 299 -94.22 17.68 43.80
C GLY YB 299 -94.59 18.32 45.12
N GLY YB 300 -93.77 19.23 45.62
CA GLY YB 300 -94.04 19.88 46.88
C GLY YB 300 -93.59 21.32 46.82
N ASP YB 301 -92.97 21.77 47.90
CA ASP YB 301 -92.39 23.11 47.98
C ASP YB 301 -91.11 23.04 48.79
N ALA YB 302 -89.97 23.01 48.10
CA ALA YB 302 -88.69 22.86 48.76
C ALA YB 302 -87.58 23.28 47.79
N ARG YB 303 -86.38 23.42 48.34
CA ARG YB 303 -85.20 23.72 47.54
C ARG YB 303 -84.10 22.72 47.86
N ALA YB 304 -83.19 22.54 46.90
CA ALA YB 304 -82.15 21.54 47.03
C ALA YB 304 -80.88 22.01 46.35
N TRP YB 305 -79.76 21.45 46.80
CA TRP YB 305 -78.45 21.79 46.26
C TRP YB 305 -77.52 20.59 46.34
N LEU YB 306 -76.56 20.57 45.42
CA LEU YB 306 -75.51 19.56 45.37
C LEU YB 306 -74.17 20.27 45.37
N SER YB 307 -73.33 19.96 46.36
CA SER YB 307 -72.02 20.59 46.49
C SER YB 307 -70.87 19.60 46.35
N ASN YB 308 -70.84 18.56 47.17
CA ASN YB 308 -69.72 17.63 47.23
C ASN YB 308 -70.22 16.20 47.26
N GLU YB 309 -71.11 15.88 46.31
CA GLU YB 309 -71.73 14.57 46.18
C GLU YB 309 -72.64 14.24 47.35
N LYS YB 310 -73.02 15.24 48.12
CA LYS YB 310 -73.99 15.07 49.21
C LYS YB 310 -75.12 16.06 49.00
N MET YB 311 -76.35 15.57 49.08
CA MET YB 311 -77.51 16.42 48.83
C MET YB 311 -77.86 17.22 50.06
N TYR YB 312 -78.18 18.50 49.86
CA TYR YB 312 -78.69 19.36 50.89
C TYR YB 312 -80.07 19.84 50.47
N VAL YB 313 -80.98 19.94 51.43
CA VAL YB 313 -82.37 20.26 51.12
C VAL YB 313 -82.94 21.16 52.20
N ARG YB 314 -83.80 22.09 51.78
CA ARG YB 314 -84.50 22.99 52.69
C ARG YB 314 -85.99 22.91 52.40
N THR YB 315 -86.80 22.73 53.44
CA THR YB 315 -88.25 22.69 53.32
C THR YB 315 -88.86 23.00 54.68
N ASN YB 316 -90.15 22.69 54.82
CA ASN YB 316 -90.80 22.69 56.13
C ASN YB 316 -91.63 21.43 56.32
N LEU YB 317 -91.38 20.40 55.52
CA LEU YB 317 -92.10 19.15 55.60
C LEU YB 317 -91.34 18.19 56.51
N THR YB 318 -91.74 16.92 56.52
CA THR YB 318 -91.13 15.89 57.35
C THR YB 318 -90.66 14.76 56.45
N ILE YB 319 -89.35 14.69 56.23
CA ILE YB 319 -88.75 13.68 55.35
C ILE YB 319 -88.60 12.38 56.11
N LEU YB 320 -88.97 11.26 55.49
CA LEU YB 320 -88.99 9.97 56.17
C LEU YB 320 -88.10 8.93 55.53
N SER YB 321 -88.15 8.75 54.21
CA SER YB 321 -87.65 7.51 53.62
C SER YB 321 -86.13 7.37 53.63
N PRO YB 322 -85.39 8.18 52.87
CA PRO YB 322 -84.03 7.76 52.49
C PRO YB 322 -83.02 7.80 53.63
N GLY YB 323 -83.31 8.51 54.71
CA GLY YB 323 -82.35 8.59 55.79
C GLY YB 323 -81.39 9.73 55.59
N TRP YB 324 -81.32 10.65 56.54
CA TRP YB 324 -80.53 11.87 56.40
C TRP YB 324 -79.36 11.83 57.35
N LEU YB 325 -78.22 12.37 56.89
CA LEU YB 325 -77.01 12.35 57.70
C LEU YB 325 -77.03 13.42 58.79
N ALA YB 326 -77.60 14.59 58.50
CA ALA YB 326 -77.68 15.61 59.53
C ALA YB 326 -78.87 16.51 59.28
N SER YB 327 -79.32 17.18 60.35
CA SER YB 327 -80.54 17.97 60.31
C SER YB 327 -80.34 19.28 61.06
N MET YB 328 -81.14 20.27 60.68
CA MET YB 328 -81.10 21.60 61.25
C MET YB 328 -82.48 22.20 61.14
N THR YB 329 -82.83 23.11 62.06
CA THR YB 329 -84.15 23.69 62.04
C THR YB 329 -84.12 25.06 62.69
N SER YB 330 -84.80 26.02 62.06
CA SER YB 330 -84.89 27.37 62.56
C SER YB 330 -85.92 27.45 63.68
N ALA YB 331 -86.28 28.66 64.09
CA ALA YB 331 -87.28 28.87 65.12
C ALA YB 331 -88.67 29.09 64.55
N ASP YB 332 -88.83 29.02 63.23
CA ASP YB 332 -90.13 29.19 62.59
C ASP YB 332 -90.73 27.89 62.10
N GLY YB 333 -90.00 26.78 62.21
CA GLY YB 333 -90.44 25.51 61.70
C GLY YB 333 -89.81 25.11 60.38
N THR YB 334 -88.86 25.89 59.87
CA THR YB 334 -88.19 25.54 58.64
C THR YB 334 -87.07 24.55 58.92
N HIS YB 335 -87.06 23.43 58.21
CA HIS YB 335 -86.10 22.37 58.40
C HIS YB 335 -85.16 22.29 57.20
N ALA YB 336 -83.94 21.82 57.47
CA ALA YB 336 -82.92 21.58 56.46
C ALA YB 336 -82.25 20.25 56.78
N TYR YB 337 -81.93 19.50 55.74
CA TYR YB 337 -81.33 18.19 55.90
C TYR YB 337 -80.17 18.03 54.93
N GLU YB 338 -79.25 17.14 55.30
CA GLU YB 338 -78.16 16.74 54.42
C GLU YB 338 -78.01 15.23 54.49
N MET YB 339 -77.80 14.63 53.32
CA MET YB 339 -77.77 13.18 53.22
C MET YB 339 -77.00 12.78 51.96
N GLN YB 340 -76.93 11.47 51.72
CA GLN YB 340 -76.34 10.96 50.49
C GLN YB 340 -77.29 11.22 49.32
N LYS YB 341 -76.74 11.09 48.12
CA LYS YB 341 -77.51 11.38 46.92
C LYS YB 341 -78.66 10.40 46.76
N SER YB 342 -79.77 10.91 46.24
CA SER YB 342 -80.94 10.11 45.91
C SER YB 342 -81.88 10.94 45.05
N PRO YB 343 -82.36 10.40 43.92
CA PRO YB 343 -83.21 11.19 43.02
C PRO YB 343 -84.64 11.34 43.51
N VAL YB 344 -85.01 10.70 44.62
CA VAL YB 344 -86.39 10.65 45.07
C VAL YB 344 -86.47 10.92 46.56
N LEU YB 345 -87.67 11.27 47.01
CA LEU YB 345 -87.90 11.55 48.43
C LEU YB 345 -89.31 11.11 48.80
N LEU YB 346 -89.51 10.89 50.10
CA LEU YB 346 -90.82 10.61 50.64
C LEU YB 346 -90.98 11.37 51.94
N VAL YB 347 -92.09 12.10 52.07
CA VAL YB 347 -92.33 12.99 53.19
C VAL YB 347 -93.77 12.80 53.67
N SER YB 348 -94.07 13.43 54.80
CA SER YB 348 -95.44 13.56 55.30
C SER YB 348 -95.80 15.03 55.29
N TRP YB 349 -96.93 15.36 54.67
CA TRP YB 349 -97.31 16.76 54.45
C TRP YB 349 -98.20 17.29 55.57
N HIS YB 350 -99.37 16.69 55.74
CA HIS YB 350 -100.27 17.02 56.83
C HIS YB 350 -100.90 15.75 57.39
N GLY YB 351 -100.04 14.76 57.68
CA GLY YB 351 -100.50 13.44 58.03
C GLY YB 351 -100.66 12.51 56.84
N LYS YB 352 -100.54 13.04 55.63
CA LYS YB 352 -100.64 12.26 54.41
C LYS YB 352 -99.25 12.09 53.81
N VAL YB 353 -98.95 10.87 53.39
CA VAL YB 353 -97.64 10.52 52.84
C VAL YB 353 -97.59 10.94 51.39
N MET YB 354 -96.41 11.39 50.95
CA MET YB 354 -96.24 11.91 49.61
C MET YB 354 -94.83 11.60 49.13
N GLN YB 355 -94.64 11.61 47.82
CA GLN YB 355 -93.36 11.38 47.19
C GLN YB 355 -92.93 12.61 46.40
N LEU YB 356 -91.63 12.77 46.24
CA LEU YB 356 -91.03 13.91 45.57
C LEU YB 356 -90.00 13.44 44.57
N LYS YB 357 -90.04 13.99 43.35
CA LYS YB 357 -89.11 13.65 42.30
C LYS YB 357 -88.06 14.74 42.16
N VAL YB 358 -86.79 14.34 42.08
CA VAL YB 358 -85.67 15.27 41.98
C VAL YB 358 -84.87 14.91 40.74
N GLU YB 359 -84.66 15.90 39.86
CA GLU YB 359 -83.85 15.74 38.67
C GLU YB 359 -82.47 16.32 38.91
N GLY YB 360 -81.63 16.22 37.87
CA GLY YB 360 -80.32 16.84 37.90
C GLY YB 360 -79.29 16.15 38.76
N LEU YB 361 -79.63 15.04 39.41
CA LEU YB 361 -78.66 14.32 40.21
C LEU YB 361 -77.72 13.53 39.32
N VAL ZB 38 -76.65 58.91 23.04
CA VAL ZB 38 -77.21 60.25 23.16
C VAL ZB 38 -78.75 60.26 23.09
N PRO ZB 39 -79.36 59.60 22.09
CA PRO ZB 39 -80.84 59.52 22.10
C PRO ZB 39 -81.39 58.83 23.32
N LYS ZB 40 -80.67 57.85 23.87
CA LYS ZB 40 -81.09 57.22 25.12
C LYS ZB 40 -81.15 58.25 26.25
N LEU ZB 41 -80.19 59.17 26.28
CA LEU ZB 41 -80.27 60.29 27.21
C LEU ZB 41 -81.49 61.13 26.86
N PRO ZB 42 -82.22 61.63 27.85
CA PRO ZB 42 -83.45 62.38 27.56
C PRO ZB 42 -83.16 63.68 26.81
N CYS ZB 43 -84.11 64.04 25.95
CA CYS ZB 43 -84.08 65.34 25.28
C CYS ZB 43 -84.75 66.43 26.08
N ARG ZB 44 -85.73 66.07 26.91
CA ARG ZB 44 -86.50 67.03 27.70
C ARG ZB 44 -87.02 66.32 28.93
N VAL ZB 45 -87.44 67.11 29.91
CA VAL ZB 45 -88.01 66.56 31.13
C VAL ZB 45 -89.35 65.92 30.77
N ASP ZB 46 -89.89 65.11 31.69
CA ASP ZB 46 -91.06 64.31 31.39
C ASP ZB 46 -92.28 65.20 31.17
N GLY ZB 47 -93.01 64.95 30.09
CA GLY ZB 47 -94.22 65.68 29.78
C GLY ZB 47 -94.01 67.17 29.65
N ALA ZB 48 -92.98 67.57 28.91
CA ALA ZB 48 -92.59 68.97 28.79
C ALA ZB 48 -93.11 69.55 27.49
N CYS ZB 49 -93.88 70.63 27.59
CA CYS ZB 49 -94.28 71.39 26.41
C CYS ZB 49 -94.62 72.81 26.87
N ASP ZB 50 -93.69 73.74 26.64
CA ASP ZB 50 -93.91 75.12 27.04
C ASP ZB 50 -95.16 75.69 26.38
N ALA ZB 51 -95.50 75.20 25.19
CA ALA ZB 51 -96.75 75.60 24.57
C ALA ZB 51 -97.94 75.20 25.43
N THR ZB 52 -97.94 73.97 25.95
CA THR ZB 52 -98.99 73.56 26.86
C THR ZB 52 -98.98 74.41 28.12
N ILE ZB 53 -97.79 74.74 28.62
CA ILE ZB 53 -97.69 75.52 29.85
C ILE ZB 53 -98.36 76.87 29.67
N ILE ZB 54 -98.00 77.58 28.60
CA ILE ZB 54 -98.57 78.90 28.37
C ILE ZB 54 -100.06 78.79 28.03
N LYS ZB 55 -100.45 77.73 27.33
CA LYS ZB 55 -101.87 77.52 27.04
C LYS ZB 55 -102.68 77.41 28.31
N MET ZB 56 -102.27 76.53 29.23
CA MET ZB 56 -103.03 76.35 30.44
C MET ZB 56 -102.96 77.57 31.33
N MET ZB 57 -101.84 78.28 31.33
CA MET ZB 57 -101.76 79.52 32.09
C MET ZB 57 -102.78 80.54 31.56
N THR ZB 58 -102.86 80.67 30.24
CA THR ZB 58 -103.85 81.57 29.65
C THR ZB 58 -105.27 81.13 29.97
N ASP ZB 59 -105.53 79.83 29.93
CA ASP ZB 59 -106.85 79.32 30.24
C ASP ZB 59 -107.24 79.64 31.67
N LEU ZB 60 -106.31 79.46 32.61
CA LEU ZB 60 -106.60 79.78 34.00
C LEU ZB 60 -106.82 81.27 34.19
N ASN ZB 61 -106.03 82.09 33.50
CA ASN ZB 61 -106.25 83.53 33.55
C ASN ZB 61 -107.65 83.88 33.04
N LYS ZB 62 -108.07 83.24 31.95
CA LYS ZB 62 -109.41 83.47 31.44
C LYS ZB 62 -110.46 83.04 32.45
N LYS ZB 63 -110.26 81.90 33.10
CA LYS ZB 63 -111.18 81.46 34.14
C LYS ZB 63 -111.17 82.41 35.33
N GLY ZB 64 -110.15 83.24 35.48
CA GLY ZB 64 -110.16 84.33 36.42
C GLY ZB 64 -109.34 84.11 37.68
N ILE ZB 65 -108.95 82.87 37.96
CA ILE ZB 65 -108.08 82.63 39.10
C ILE ZB 65 -106.71 83.25 38.82
N LYS ZB 66 -106.20 84.03 39.76
CA LYS ZB 66 -105.03 84.84 39.50
C LYS ZB 66 -103.79 83.97 39.48
N VAL ZB 67 -102.97 84.12 38.44
CA VAL ZB 67 -101.68 83.46 38.33
C VAL ZB 67 -100.62 84.54 38.13
N ALA ZB 68 -99.67 84.59 39.05
CA ALA ZB 68 -98.61 85.59 39.04
C ALA ZB 68 -97.27 84.92 38.79
N SER ZB 69 -96.51 85.47 37.85
CA SER ZB 69 -95.23 84.92 37.45
C SER ZB 69 -94.20 86.04 37.41
N VAL ZB 70 -93.19 85.96 38.26
CA VAL ZB 70 -92.09 86.92 38.27
C VAL ZB 70 -90.84 86.21 38.77
N GLY ZB 71 -89.72 86.44 38.07
CA GLY ZB 71 -88.49 85.76 38.43
C GLY ZB 71 -88.65 84.27 38.32
N GLN ZB 72 -88.13 83.56 39.31
CA GLN ZB 72 -88.28 82.12 39.41
C GLN ZB 72 -89.35 81.71 40.40
N ASN ZB 73 -90.15 82.66 40.87
CA ASN ZB 73 -91.19 82.40 41.85
C ASN ZB 73 -92.57 82.59 41.21
N TYR ZB 74 -93.48 81.70 41.55
CA TYR ZB 74 -94.83 81.73 41.00
C TYR ZB 74 -95.86 81.62 42.11
N LEU ZB 75 -96.98 82.31 41.92
CA LEU ZB 75 -98.07 82.32 42.87
C LEU ZB 75 -99.39 82.09 42.13
N ILE ZB 76 -100.34 81.48 42.82
CA ILE ZB 76 -101.67 81.24 42.27
C ILE ZB 76 -102.69 81.47 43.38
N SER ZB 77 -103.63 82.38 43.16
CA SER ZB 77 -104.65 82.70 44.13
C SER ZB 77 -106.03 82.44 43.54
N ILE ZB 78 -106.92 81.94 44.40
CA ILE ZB 78 -108.25 81.50 44.00
C ILE ZB 78 -109.27 82.02 45.02
N PRO ZB 79 -110.35 82.65 44.58
CA PRO ZB 79 -111.43 83.00 45.50
C PRO ZB 79 -112.06 81.75 46.11
N ALA ZB 80 -112.45 81.86 47.37
CA ALA ZB 80 -113.06 80.73 48.06
C ALA ZB 80 -114.46 80.41 47.54
N SER ZB 81 -115.07 81.33 46.79
CA SER ZB 81 -116.43 81.10 46.31
C SER ZB 81 -116.49 79.87 45.40
N ALA ZB 82 -115.51 79.71 44.53
CA ALA ZB 82 -115.49 78.57 43.62
C ALA ZB 82 -115.00 77.29 44.29
N LEU ZB 83 -114.68 77.34 45.57
CA LEU ZB 83 -114.11 76.17 46.25
C LEU ZB 83 -115.00 75.65 47.36
N PHE ZB 84 -115.40 76.49 48.31
CA PHE ZB 84 -116.13 76.04 49.48
C PHE ZB 84 -117.54 76.61 49.48
N ALA ZB 85 -118.26 76.34 50.56
CA ALA ZB 85 -119.54 76.98 50.81
C ALA ZB 85 -119.32 78.19 51.72
N ASP ZB 86 -120.40 78.81 52.18
CA ASP ZB 86 -120.29 80.03 52.98
C ASP ZB 86 -119.64 79.69 54.31
N GLN ZB 87 -118.36 80.05 54.44
CA GLN ZB 87 -117.60 79.82 55.66
C GLN ZB 87 -117.65 78.35 56.09
N SER ZB 88 -117.58 77.45 55.11
CA SER ZB 88 -117.77 76.03 55.34
C SER ZB 88 -116.52 75.27 54.91
N PRO ZB 89 -115.86 74.55 55.81
CA PRO ZB 89 -114.70 73.73 55.42
C PRO ZB 89 -115.10 72.42 54.76
N ARG ZB 90 -115.83 72.53 53.65
CA ARG ZB 90 -116.22 71.37 52.86
C ARG ZB 90 -116.11 71.72 51.39
N LEU ZB 91 -115.93 70.70 50.56
CA LEU ZB 91 -115.73 70.87 49.13
C LEU ZB 91 -116.99 70.45 48.38
N ASN ZB 92 -117.47 71.32 47.50
CA ASN ZB 92 -118.50 70.91 46.56
C ASN ZB 92 -117.92 69.89 45.58
N TRP ZB 93 -118.79 69.02 45.06
CA TRP ZB 93 -118.32 67.92 44.24
C TRP ZB 93 -117.66 68.42 42.96
N ALA ZB 94 -118.22 69.45 42.34
CA ALA ZB 94 -117.67 69.94 41.07
C ALA ZB 94 -116.28 70.52 41.24
N SER ZB 95 -115.89 70.90 42.45
CA SER ZB 95 -114.59 71.54 42.65
C SER ZB 95 -113.43 70.61 42.29
N TYR ZB 96 -113.67 69.30 42.31
CA TYR ZB 96 -112.60 68.36 42.02
C TYR ZB 96 -112.12 68.48 40.58
N SER ZB 97 -112.97 68.93 39.66
CA SER ZB 97 -112.52 69.15 38.28
C SER ZB 97 -111.45 70.23 38.23
N LEU ZB 98 -111.72 71.39 38.83
CA LEU ZB 98 -110.73 72.45 38.85
C LEU ZB 98 -109.50 72.04 39.65
N LEU ZB 99 -109.70 71.28 40.72
CA LEU ZB 99 -108.57 70.80 41.50
C LEU ZB 99 -107.66 69.90 40.66
N ASN ZB 100 -108.28 69.00 39.90
CA ASN ZB 100 -107.50 68.14 39.01
C ASN ZB 100 -106.77 68.97 37.96
N GLU ZB 101 -107.44 70.00 37.44
CA GLU ZB 101 -106.81 70.86 36.45
C GLU ZB 101 -105.57 71.55 37.01
N ILE ZB 102 -105.70 72.17 38.18
CA ILE ZB 102 -104.57 72.90 38.75
C ILE ZB 102 -103.46 71.93 39.16
N ALA ZB 103 -103.83 70.73 39.63
CA ALA ZB 103 -102.82 69.73 39.92
C ALA ZB 103 -102.07 69.31 38.67
N ALA ZB 104 -102.80 69.16 37.56
CA ALA ZB 104 -102.15 68.81 36.30
C ALA ZB 104 -101.17 69.90 35.88
N PHE ZB 105 -101.56 71.17 36.03
CA PHE ZB 105 -100.64 72.25 35.73
C PHE ZB 105 -99.40 72.18 36.61
N LEU ZB 106 -99.60 72.04 37.92
CA LEU ZB 106 -98.47 72.03 38.85
C LEU ZB 106 -97.57 70.83 38.65
N LYS ZB 107 -98.10 69.76 38.04
CA LYS ZB 107 -97.26 68.60 37.74
C LYS ZB 107 -96.12 68.95 36.78
N GLN ZB 108 -96.25 70.06 36.06
CA GLN ZB 108 -95.36 70.31 34.92
C GLN ZB 108 -93.90 70.50 35.35
N PHE ZB 109 -93.67 71.25 36.42
CA PHE ZB 109 -92.33 71.74 36.70
C PHE ZB 109 -91.58 70.80 37.65
N ARG ZB 110 -90.34 71.17 37.93
CA ARG ZB 110 -89.51 70.54 38.95
C ARG ZB 110 -89.27 71.56 40.05
N LYS ZB 111 -89.59 71.21 41.28
CA LYS ZB 111 -89.52 72.15 42.38
C LYS ZB 111 -89.16 71.40 43.66
N ILE ZB 112 -89.14 72.14 44.76
CA ILE ZB 112 -88.70 71.58 46.03
C ILE ZB 112 -89.83 71.68 47.05
N ALA ZB 113 -90.30 72.90 47.31
CA ALA ZB 113 -91.30 73.13 48.33
C ALA ZB 113 -92.43 74.00 47.76
N ILE ZB 114 -93.60 73.90 48.40
CA ILE ZB 114 -94.76 74.72 48.07
C ILE ZB 114 -95.42 75.12 49.36
N THR ZB 115 -95.97 76.35 49.39
CA THR ZB 115 -96.60 76.87 50.58
C THR ZB 115 -98.03 77.28 50.26
N VAL ZB 116 -98.97 76.82 51.08
CA VAL ZB 116 -100.39 77.16 50.92
C VAL ZB 116 -100.78 78.09 52.04
N THR ZB 117 -101.76 78.95 51.77
CA THR ZB 117 -102.25 79.88 52.78
C THR ZB 117 -103.67 80.30 52.45
N SER ZB 118 -104.55 80.25 53.43
CA SER ZB 118 -105.95 80.61 53.26
C SER ZB 118 -106.27 81.85 54.09
N TYR ZB 119 -107.09 82.73 53.53
CA TYR ZB 119 -107.50 83.95 54.19
C TYR ZB 119 -109.01 84.09 54.10
N SER ZB 120 -109.60 84.70 55.13
CA SER ZB 120 -111.04 84.73 55.29
C SER ZB 120 -111.56 86.14 55.56
N SER ZB 121 -112.83 86.23 55.92
CA SER ZB 121 -113.44 87.47 56.38
C SER ZB 121 -113.79 87.33 57.86
N LYS ZB 122 -113.51 88.36 58.64
CA LYS ZB 122 -113.76 88.32 60.08
C LYS ZB 122 -115.24 88.07 60.33
N TYR ZB 123 -115.55 86.97 61.01
CA TYR ZB 123 -116.93 86.54 61.18
C TYR ZB 123 -117.37 86.57 62.64
N VAL ZB 124 -116.68 85.87 63.53
CA VAL ZB 124 -117.08 85.82 64.93
C VAL ZB 124 -115.91 86.21 65.83
N SER ZB 125 -114.79 85.53 65.65
CA SER ZB 125 -113.64 85.68 66.54
C SER ZB 125 -112.40 85.67 65.65
N VAL ZB 126 -111.25 85.40 66.26
CA VAL ZB 126 -110.05 85.10 65.49
C VAL ZB 126 -109.85 83.59 65.38
N LYS ZB 127 -110.13 82.88 66.47
CA LYS ZB 127 -109.86 81.44 66.53
C LYS ZB 127 -110.67 80.69 65.48
N ARG ZB 128 -111.93 81.07 65.30
CA ARG ZB 128 -112.80 80.31 64.40
C ARG ZB 128 -112.28 80.32 62.98
N GLU ZB 129 -112.00 81.51 62.43
CA GLU ZB 129 -111.53 81.55 61.05
C GLU ZB 129 -110.09 81.09 60.94
N ARG ZB 130 -109.29 81.22 62.00
CA ARG ZB 130 -107.96 80.61 61.96
C ARG ZB 130 -108.07 79.10 61.78
N ALA ZB 131 -108.95 78.47 62.55
CA ALA ZB 131 -109.16 77.04 62.41
C ALA ZB 131 -109.73 76.70 61.04
N LEU ZB 132 -110.65 77.52 60.54
CA LEU ZB 132 -111.23 77.26 59.22
C LEU ZB 132 -110.16 77.28 58.13
N THR ZB 133 -109.33 78.32 58.13
CA THR ZB 133 -108.27 78.40 57.14
C THR ZB 133 -107.28 77.26 57.29
N LEU ZB 134 -106.94 76.90 58.54
CA LEU ZB 134 -106.00 75.81 58.75
C LEU ZB 134 -106.55 74.50 58.19
N ALA ZB 135 -107.82 74.22 58.46
CA ALA ZB 135 -108.41 72.99 57.96
C ALA ZB 135 -108.48 72.97 56.44
N ARG ZB 136 -108.86 74.10 55.84
CA ARG ZB 136 -108.92 74.16 54.39
C ARG ZB 136 -107.55 73.92 53.78
N SER ZB 137 -106.51 74.56 54.34
CA SER ZB 137 -105.16 74.35 53.86
C SER ZB 137 -104.76 72.89 54.00
N ARG ZB 138 -105.07 72.27 55.15
CA ARG ZB 138 -104.69 70.88 55.36
C ARG ZB 138 -105.36 69.97 54.35
N VAL ZB 139 -106.65 70.17 54.09
CA VAL ZB 139 -107.34 69.26 53.18
C VAL ZB 139 -106.85 69.44 51.75
N VAL ZB 140 -106.64 70.68 51.32
CA VAL ZB 140 -106.19 70.88 49.95
C VAL ZB 140 -104.76 70.33 49.79
N SER ZB 141 -103.93 70.51 50.81
CA SER ZB 141 -102.58 69.94 50.76
C SER ZB 141 -102.62 68.42 50.70
N GLU ZB 142 -103.51 67.81 51.48
CA GLU ZB 142 -103.62 66.36 51.46
C GLU ZB 142 -104.05 65.86 50.09
N TYR ZB 143 -105.02 66.53 49.47
CA TYR ZB 143 -105.43 66.10 48.14
C TYR ZB 143 -104.30 66.29 47.13
N LEU ZB 144 -103.57 67.39 47.22
CA LEU ZB 144 -102.44 67.59 46.32
C LEU ZB 144 -101.39 66.50 46.48
N TRP ZB 145 -101.06 66.16 47.72
CA TRP ZB 145 -100.08 65.10 47.96
C TRP ZB 145 -100.60 63.76 47.48
N SER ZB 146 -101.91 63.52 47.62
CA SER ZB 146 -102.49 62.31 47.05
C SER ZB 146 -102.30 62.27 45.55
N GLN ZB 147 -102.45 63.42 44.90
CA GLN ZB 147 -102.08 63.51 43.50
C GLN ZB 147 -100.56 63.42 43.36
N GLY ZB 148 -100.10 63.31 42.11
CA GLY ZB 148 -98.74 62.92 41.85
C GLY ZB 148 -97.73 64.04 41.64
N VAL ZB 149 -98.05 65.25 42.09
CA VAL ZB 149 -97.12 66.36 41.93
C VAL ZB 149 -95.91 66.13 42.83
N ASP ZB 150 -94.71 66.31 42.27
CA ASP ZB 150 -93.48 66.00 42.96
C ASP ZB 150 -93.02 67.22 43.75
N SER ZB 151 -93.00 67.10 45.07
CA SER ZB 151 -92.42 68.11 45.94
C SER ZB 151 -91.87 67.43 47.18
N ARG ZB 152 -90.61 67.73 47.51
CA ARG ZB 152 -90.03 67.16 48.72
C ARG ZB 152 -90.76 67.67 49.96
N ILE ZB 153 -91.12 68.95 49.97
CA ILE ZB 153 -91.74 69.58 51.13
C ILE ZB 153 -93.04 70.24 50.70
N ILE ZB 154 -94.07 70.12 51.54
CA ILE ZB 154 -95.30 70.88 51.36
C ILE ZB 154 -95.66 71.49 52.71
N PHE ZB 155 -95.89 72.81 52.73
CA PHE ZB 155 -96.18 73.54 53.94
C PHE ZB 155 -97.67 73.88 54.02
N THR ZB 156 -98.22 73.81 55.23
CA THR ZB 156 -99.62 74.10 55.49
C THR ZB 156 -99.70 75.11 56.62
N GLN ZB 157 -100.30 76.27 56.34
CA GLN ZB 157 -100.59 77.25 57.37
C GLN ZB 157 -101.67 78.18 56.86
N GLY ZB 158 -102.52 78.64 57.76
CA GLY ZB 158 -103.59 79.54 57.40
C GLY ZB 158 -103.84 80.53 58.52
N LEU ZB 159 -104.24 81.74 58.13
CA LEU ZB 159 -104.45 82.82 59.07
C LEU ZB 159 -105.88 83.35 59.09
N GLY ZB 160 -106.45 83.64 57.92
CA GLY ZB 160 -107.80 84.17 57.87
C GLY ZB 160 -107.84 85.63 57.49
N SER ZB 161 -108.75 86.37 58.11
CA SER ZB 161 -108.87 87.81 57.87
C SER ZB 161 -107.76 88.61 58.53
N ASP ZB 162 -106.73 87.95 59.05
CA ASP ZB 162 -105.66 88.64 59.76
C ASP ZB 162 -104.79 89.48 58.83
N LYS ZB 163 -104.71 89.12 57.55
CA LYS ZB 163 -103.91 89.86 56.57
C LYS ZB 163 -104.74 90.09 55.31
N PRO ZB 164 -105.64 91.06 55.34
CA PRO ZB 164 -106.42 91.38 54.13
C PRO ZB 164 -105.56 92.11 53.12
N ILE ZB 165 -106.13 92.31 51.93
CA ILE ZB 165 -105.45 93.02 50.85
C ILE ZB 165 -106.30 94.11 50.25
N THR ZB 166 -107.51 94.33 50.73
CA THR ZB 166 -108.38 95.36 50.19
C THR ZB 166 -109.33 95.83 51.27
N SER ZB 167 -109.42 97.15 51.45
CA SER ZB 167 -110.30 97.72 52.46
C SER ZB 167 -111.78 97.49 52.14
N TYR ZB 168 -112.10 97.19 50.88
CA TYR ZB 168 -113.48 96.94 50.49
C TYR ZB 168 -113.91 95.57 51.00
N THR ZB 169 -114.78 95.56 52.01
CA THR ZB 169 -115.21 94.34 52.67
C THR ZB 169 -116.72 94.28 52.77
N LEU ZB 170 -117.43 94.74 51.73
CA LEU ZB 170 -118.88 94.65 51.76
C LEU ZB 170 -119.37 93.22 51.58
N GLY ZB 171 -118.78 92.49 50.64
CA GLY ZB 171 -119.15 91.11 50.45
C GLY ZB 171 -118.60 90.21 51.54
N GLY ZB 172 -119.19 89.02 51.64
CA GLY ZB 172 -118.73 88.04 52.60
C GLY ZB 172 -117.66 87.15 52.02
N ASP ZB 173 -117.93 85.85 51.93
CA ASP ZB 173 -117.00 84.95 51.26
C ASP ZB 173 -116.87 85.29 49.77
N ARG ZB 174 -117.88 85.94 49.19
CA ARG ZB 174 -117.78 86.40 47.81
C ARG ZB 174 -116.72 87.46 47.62
N SER ZB 175 -116.35 88.18 48.69
CA SER ZB 175 -115.40 89.26 48.58
C SER ZB 175 -114.01 88.74 48.23
N PRO ZB 176 -113.23 89.48 47.45
CA PRO ZB 176 -111.90 89.02 47.06
C PRO ZB 176 -110.95 88.82 48.23
N ASN ZB 177 -111.21 89.45 49.37
CA ASN ZB 177 -110.30 89.29 50.51
C ASN ZB 177 -110.20 87.84 50.93
N ALA ZB 178 -111.32 87.13 51.01
CA ALA ZB 178 -111.30 85.70 51.26
C ALA ZB 178 -110.74 84.99 50.04
N ARG ZB 179 -109.79 84.09 50.25
CA ARG ZB 179 -109.02 83.53 49.14
C ARG ZB 179 -108.15 82.39 49.66
N VAL ZB 180 -107.52 81.71 48.71
CA VAL ZB 180 -106.47 80.74 49.01
C VAL ZB 180 -105.36 80.92 47.99
N GLU ZB 181 -104.11 80.90 48.47
CA GLU ZB 181 -102.97 81.16 47.60
C GLU ZB 181 -101.90 80.10 47.81
N ILE ZB 182 -101.29 79.69 46.70
CA ILE ZB 182 -100.21 78.71 46.68
C ILE ZB 182 -99.00 79.36 46.04
N THR ZB 183 -97.84 79.21 46.68
CA THR ZB 183 -96.62 79.85 46.21
C THR ZB 183 -95.49 78.86 46.16
N PHE ZB 184 -94.60 79.04 45.18
CA PHE ZB 184 -93.40 78.21 45.10
C PHE ZB 184 -92.35 78.94 44.26
N ARG ZB 185 -91.17 78.34 44.20
CA ARG ZB 185 -90.09 78.81 43.34
C ARG ZB 185 -89.60 77.66 42.47
N ARG ZB 186 -89.44 77.94 41.18
CA ARG ZB 186 -88.91 76.94 40.27
C ARG ZB 186 -87.46 76.63 40.62
N ALA ZB 187 -87.11 75.35 40.58
CA ALA ZB 187 -85.78 74.88 40.95
C ALA ZB 187 -85.01 74.51 39.70
N VAL ZB 188 -84.16 75.43 39.23
CA VAL ZB 188 -83.27 75.20 38.10
C VAL ZB 188 -84.02 74.65 36.89
N CYS AC 42 -130.58 67.07 40.94
CA CYS AC 42 -131.39 65.87 41.08
C CYS AC 42 -130.77 64.91 42.10
N PHE AC 43 -129.44 64.94 42.20
CA PHE AC 43 -128.73 64.07 43.13
C PHE AC 43 -127.33 64.61 43.35
N HIS AC 44 -126.81 64.40 44.55
CA HIS AC 44 -125.47 64.83 44.90
C HIS AC 44 -124.60 63.61 45.18
N PRO AC 45 -123.46 63.47 44.52
CA PRO AC 45 -122.56 62.34 44.78
C PRO AC 45 -122.16 62.25 46.24
N PRO AC 46 -121.95 63.37 46.95
CA PRO AC 46 -121.72 63.26 48.40
C PRO AC 46 -122.98 62.88 49.15
N TYR AC 47 -123.44 61.64 48.96
CA TYR AC 47 -124.53 61.05 49.73
C TYR AC 47 -125.83 61.82 49.59
N ASN AC 48 -125.91 62.72 48.60
CA ASN AC 48 -127.10 63.56 48.39
C ASN AC 48 -127.49 64.30 49.66
N ASN AC 49 -126.48 64.80 50.38
CA ASN AC 49 -126.67 65.61 51.58
C ASN AC 49 -127.49 64.88 52.65
N PHE AC 50 -127.30 63.57 52.74
CA PHE AC 50 -127.91 62.76 53.80
C PHE AC 50 -129.44 62.90 53.80
N GLN AC 51 -130.03 62.97 52.62
CA GLN AC 51 -131.48 63.07 52.52
C GLN AC 51 -132.00 62.02 51.55
N PRO AC 52 -133.15 61.41 51.85
CA PRO AC 52 -133.71 60.43 50.93
C PRO AC 52 -134.20 61.07 49.64
N ASP AC 53 -134.22 60.28 48.58
CA ASP AC 53 -134.62 60.74 47.26
C ASP AC 53 -135.79 59.91 46.75
N ARG AC 54 -136.56 60.52 45.85
CA ARG AC 54 -137.63 59.84 45.13
C ARG AC 54 -137.04 59.27 43.84
N ARG AC 55 -136.40 58.12 43.98
CA ARG AC 55 -135.72 57.49 42.84
C ARG AC 55 -136.68 57.10 41.74
N ALA AC 56 -137.98 56.99 42.03
CA ALA AC 56 -138.95 56.59 41.03
C ALA AC 56 -139.47 57.77 40.21
N VAL AC 57 -139.58 58.96 40.81
CA VAL AC 57 -140.16 60.08 40.10
C VAL AC 57 -139.27 60.52 38.95
N LYS AC 58 -137.95 60.47 39.15
CA LYS AC 58 -137.04 60.82 38.06
C LYS AC 58 -137.17 59.83 36.90
N ARG AC 59 -137.29 58.54 37.22
CA ARG AC 59 -137.41 57.54 36.18
C ARG AC 59 -138.72 57.71 35.41
N VAL AC 60 -139.82 57.93 36.12
CA VAL AC 60 -141.10 58.09 35.43
C VAL AC 60 -141.10 59.37 34.60
N GLY AC 61 -140.46 60.43 35.11
CA GLY AC 61 -140.38 61.65 34.33
C GLY AC 61 -139.58 61.49 33.06
N VAL AC 62 -138.40 60.86 33.15
CA VAL AC 62 -137.57 60.68 31.96
C VAL AC 62 -138.22 59.70 31.00
N ASP AC 63 -139.03 58.76 31.48
CA ASP AC 63 -139.74 57.87 30.58
C ASP AC 63 -140.92 58.56 29.92
N THR AC 64 -141.59 59.47 30.62
CA THR AC 64 -142.71 60.21 30.04
C THR AC 64 -142.27 61.38 29.17
N GLY AC 65 -141.00 61.78 29.24
CA GLY AC 65 -140.50 62.86 28.42
C GLY AC 65 -140.55 62.57 26.93
N GLY AC 88 -146.47 57.02 29.08
CA GLY AC 88 -145.36 56.19 29.51
C GLY AC 88 -145.21 56.14 31.01
N GLY AC 89 -146.17 56.73 31.72
CA GLY AC 89 -146.12 56.73 33.17
C GLY AC 89 -146.19 55.34 33.76
N THR AC 90 -147.08 54.51 33.21
CA THR AC 90 -147.19 53.13 33.69
C THR AC 90 -145.92 52.35 33.41
N VAL AC 91 -145.31 52.57 32.24
CA VAL AC 91 -144.06 51.90 31.92
C VAL AC 91 -142.96 52.32 32.90
N GLY AC 92 -142.88 53.61 33.19
CA GLY AC 92 -141.91 54.07 34.18
C GLY AC 92 -142.17 53.47 35.54
N LEU AC 93 -143.44 53.38 35.94
CA LEU AC 93 -143.78 52.83 37.24
C LEU AC 93 -143.37 51.37 37.34
N VAL AC 94 -143.67 50.58 36.31
CA VAL AC 94 -143.32 49.16 36.36
C VAL AC 94 -141.81 48.98 36.32
N ALA AC 95 -141.11 49.82 35.53
CA ALA AC 95 -139.66 49.75 35.51
C ALA AC 95 -139.08 50.05 36.90
N SER AC 96 -139.63 51.06 37.56
CA SER AC 96 -139.12 51.42 38.89
C SER AC 96 -139.41 50.31 39.89
N ILE AC 97 -140.62 49.76 39.87
CA ILE AC 97 -140.96 48.74 40.84
C ILE AC 97 -140.26 47.42 40.56
N TYR AC 98 -139.74 47.25 39.34
CA TYR AC 98 -138.94 46.07 39.08
C TYR AC 98 -137.47 46.29 39.39
N ARG AC 99 -136.98 47.53 39.26
CA ARG AC 99 -135.59 47.83 39.57
C ARG AC 99 -135.34 48.13 41.03
N ASP AC 100 -136.39 48.38 41.83
CA ASP AC 100 -136.22 48.63 43.25
C ASP AC 100 -136.47 47.40 44.10
N SER AC 101 -136.77 46.26 43.48
CA SER AC 101 -137.07 45.05 44.23
C SER AC 101 -135.85 44.59 45.01
N LYS AC 102 -136.10 43.89 46.11
CA LYS AC 102 -135.02 43.44 46.97
C LYS AC 102 -134.07 42.51 46.22
N ARG AC 103 -134.63 41.61 45.40
CA ARG AC 103 -133.79 40.69 44.64
C ARG AC 103 -132.90 41.44 43.66
N LYS AC 104 -133.45 42.42 42.95
CA LYS AC 104 -132.66 43.13 41.95
C LYS AC 104 -131.60 44.01 42.60
N ILE AC 105 -131.93 44.66 43.72
CA ILE AC 105 -130.93 45.48 44.39
C ILE AC 105 -129.85 44.59 45.01
N ILE AC 106 -130.21 43.40 45.46
CA ILE AC 106 -129.21 42.44 45.91
C ILE AC 106 -128.31 42.04 44.74
N ARG AC 107 -128.90 41.85 43.57
CA ARG AC 107 -128.09 41.55 42.39
C ARG AC 107 -127.12 42.69 42.07
N ASP AC 108 -127.59 43.93 42.18
CA ASP AC 108 -126.72 45.08 41.96
C ASP AC 108 -125.58 45.11 42.97
N LEU AC 109 -125.89 44.83 44.23
CA LEU AC 109 -124.85 44.82 45.25
C LEU AC 109 -123.86 43.68 44.99
N GLN AC 110 -124.34 42.56 44.47
CA GLN AC 110 -123.45 41.47 44.08
C GLN AC 110 -122.56 41.87 42.92
N LYS AC 111 -123.11 42.62 41.97
CA LYS AC 111 -122.30 43.17 40.90
C LYS AC 111 -121.22 44.07 41.48
N GLN AC 112 -121.58 44.89 42.46
CA GLN AC 112 -120.59 45.60 43.24
C GLN AC 112 -119.79 44.60 44.08
N ASP AC 113 -118.68 45.07 44.63
CA ASP AC 113 -117.77 44.18 45.34
C ASP AC 113 -118.23 43.96 46.78
N ILE AC 114 -119.47 43.52 46.95
CA ILE AC 114 -120.09 43.38 48.27
C ILE AC 114 -120.73 42.01 48.36
N GLN AC 115 -120.65 41.38 49.53
CA GLN AC 115 -121.19 40.04 49.72
C GLN AC 115 -122.40 40.08 50.64
N TYR AC 116 -123.46 39.37 50.27
CA TYR AC 116 -124.67 39.26 51.08
C TYR AC 116 -124.92 37.80 51.42
N VAL AC 117 -125.35 37.54 52.66
CA VAL AC 117 -125.60 36.19 53.13
C VAL AC 117 -126.88 36.18 53.96
N GLU AC 118 -127.76 35.22 53.68
CA GLU AC 118 -128.93 34.96 54.49
C GLU AC 118 -128.95 33.50 54.90
N TYR AC 119 -129.21 33.24 56.18
CA TYR AC 119 -129.30 31.87 56.69
C TYR AC 119 -130.30 31.87 57.83
N GLY AC 120 -131.36 31.08 57.68
CA GLY AC 120 -132.44 31.12 58.65
C GLY AC 120 -133.12 32.47 58.63
N ASP AC 121 -132.91 33.26 59.68
CA ASP AC 121 -133.40 34.62 59.73
C ASP AC 121 -132.31 35.65 59.96
N THR AC 122 -131.26 35.30 60.68
CA THR AC 122 -130.12 36.19 60.83
C THR AC 122 -129.47 36.44 59.47
N ARG AC 123 -129.18 37.70 59.18
CA ARG AC 123 -128.61 38.07 57.88
C ARG AC 123 -127.32 38.86 58.09
N THR AC 124 -126.42 38.75 57.11
CA THR AC 124 -125.10 39.33 57.22
C THR AC 124 -124.65 39.95 55.90
N LEU AC 125 -123.81 40.97 56.02
CA LEU AC 125 -123.23 41.71 54.91
C LEU AC 125 -121.72 41.76 55.10
N ILE AC 126 -120.99 41.69 53.99
CA ILE AC 126 -119.53 41.61 54.00
C ILE AC 126 -118.97 42.67 53.07
N ILE AC 127 -118.08 43.50 53.59
CA ILE AC 127 -117.46 44.59 52.86
C ILE AC 127 -115.95 44.40 52.90
N PRO AC 128 -115.26 44.38 51.76
CA PRO AC 128 -113.80 44.32 51.76
C PRO AC 128 -113.21 45.69 52.04
N THR AC 129 -112.46 45.79 53.14
CA THR AC 129 -111.88 47.07 53.53
C THR AC 129 -110.93 47.60 52.46
N ASP AC 130 -110.13 46.71 51.88
CA ASP AC 130 -109.11 47.14 50.93
C ASP AC 130 -109.69 47.81 49.70
N LYS AC 131 -110.96 47.57 49.38
CA LYS AC 131 -111.60 48.25 48.26
C LYS AC 131 -112.53 49.36 48.70
N TYR AC 132 -113.25 49.18 49.81
CA TYR AC 132 -114.20 50.19 50.27
C TYR AC 132 -113.67 50.98 51.47
N PHE AC 133 -112.36 51.21 51.51
CA PHE AC 133 -111.77 51.96 52.60
C PHE AC 133 -110.55 52.71 52.08
N MET AC 134 -110.15 53.75 52.80
CA MET AC 134 -108.91 54.43 52.50
C MET AC 134 -107.77 53.71 53.21
N PHE AC 135 -106.71 53.42 52.46
CA PHE AC 135 -105.66 52.54 52.94
C PHE AC 135 -105.00 53.08 54.20
N SER AC 136 -104.78 52.19 55.17
CA SER AC 136 -104.01 52.48 56.37
C SER AC 136 -104.59 53.65 57.15
N SER AC 137 -105.91 53.82 57.10
CA SER AC 137 -106.56 54.93 57.79
C SER AC 137 -108.04 54.63 57.90
N PRO AC 138 -108.69 55.09 58.98
CA PRO AC 138 -110.14 54.92 59.08
C PRO AC 138 -110.93 55.74 58.07
N ARG AC 139 -110.27 56.49 57.20
CA ARG AC 139 -110.97 57.24 56.18
C ARG AC 139 -111.64 56.31 55.18
N LEU AC 140 -112.53 56.87 54.38
CA LEU AC 140 -113.35 56.11 53.46
C LEU AC 140 -113.01 56.47 52.02
N ASN AC 141 -112.88 55.46 51.17
CA ASN AC 141 -112.81 55.70 49.74
C ASN AC 141 -114.08 56.39 49.26
N GLU AC 142 -113.97 57.15 48.18
CA GLU AC 142 -115.07 57.98 47.72
C GLU AC 142 -115.82 57.40 46.52
N ILE AC 143 -115.09 56.85 45.54
CA ILE AC 143 -115.72 56.39 44.31
C ILE AC 143 -116.74 55.30 44.59
N CYS AC 144 -116.53 54.53 45.65
CA CYS AC 144 -117.41 53.41 45.98
C CYS AC 144 -118.71 53.83 46.64
N TYR AC 145 -119.06 55.12 46.58
CA TYR AC 145 -120.27 55.59 47.24
C TYR AC 145 -121.56 54.89 46.80
N PRO AC 146 -121.78 54.53 45.53
CA PRO AC 146 -123.04 53.85 45.21
C PRO AC 146 -123.24 52.57 45.98
N GLY AC 147 -122.15 51.87 46.32
CA GLY AC 147 -122.28 50.70 47.17
C GLY AC 147 -122.89 51.04 48.50
N LEU AC 148 -122.41 52.11 49.14
CA LEU AC 148 -122.97 52.51 50.42
C LEU AC 148 -124.42 52.97 50.27
N ASN AC 149 -124.72 53.62 49.15
CA ASN AC 149 -126.10 54.04 48.90
C ASN AC 149 -127.03 52.84 48.82
N ASN AC 150 -126.62 51.82 48.07
CA ASN AC 150 -127.42 50.59 47.99
C ASN AC 150 -127.51 49.92 49.35
N VAL AC 151 -126.42 49.98 50.13
CA VAL AC 151 -126.43 49.39 51.47
C VAL AC 151 -127.50 50.05 52.33
N ILE AC 152 -127.54 51.39 52.33
CA ILE AC 152 -128.53 52.11 53.10
C ILE AC 152 -129.93 51.76 52.61
N ARG AC 153 -130.11 51.74 51.29
CA ARG AC 153 -131.44 51.46 50.74
C ARG AC 153 -131.92 50.08 51.15
N LEU AC 154 -131.04 49.08 51.10
CA LEU AC 154 -131.43 47.74 51.50
C LEU AC 154 -131.71 47.66 53.00
N LEU AC 155 -130.81 48.20 53.81
CA LEU AC 155 -130.98 48.11 55.26
C LEU AC 155 -132.14 48.93 55.77
N ASN AC 156 -132.70 49.81 54.94
CA ASN AC 156 -133.88 50.56 55.36
C ASN AC 156 -135.09 49.66 55.59
N PHE AC 157 -135.06 48.41 55.15
CA PHE AC 157 -136.22 47.53 55.21
C PHE AC 157 -136.33 46.77 56.54
N TYR AC 158 -135.40 46.96 57.47
CA TYR AC 158 -135.38 46.22 58.73
C TYR AC 158 -135.33 47.19 59.90
N PRO AC 159 -136.40 47.96 60.11
CA PRO AC 159 -136.32 49.05 61.10
C PRO AC 159 -136.45 48.59 62.55
N GLN AC 160 -136.37 47.29 62.82
CA GLN AC 160 -136.58 46.80 64.18
C GLN AC 160 -135.35 46.16 64.78
N SER AC 161 -134.75 45.17 64.12
CA SER AC 161 -133.70 44.38 64.73
C SER AC 161 -132.46 45.23 65.01
N THR AC 162 -131.72 44.83 66.05
CA THR AC 162 -130.46 45.50 66.36
C THR AC 162 -129.41 45.16 65.31
N ILE AC 163 -128.31 45.89 65.36
CA ILE AC 163 -127.24 45.75 64.38
C ILE AC 163 -125.93 45.51 65.12
N TYR AC 164 -125.17 44.52 64.67
CA TYR AC 164 -123.79 44.31 65.10
C TYR AC 164 -122.88 44.57 63.90
N VAL AC 165 -121.78 45.27 64.14
CA VAL AC 165 -120.78 45.49 63.09
C VAL AC 165 -119.41 45.17 63.68
N ALA AC 166 -118.60 44.44 62.90
CA ALA AC 166 -117.30 44.01 63.37
C ALA AC 166 -116.28 44.17 62.25
N GLY AC 167 -115.03 44.35 62.67
CA GLY AC 167 -113.94 44.52 61.73
C GLY AC 167 -112.82 43.53 62.01
N PHE AC 168 -112.10 43.18 60.94
CA PHE AC 168 -111.04 42.18 61.05
C PHE AC 168 -109.87 42.57 60.15
N THR AC 169 -108.67 42.16 60.56
CA THR AC 169 -107.44 42.47 59.85
C THR AC 169 -106.57 41.24 59.67
N ASP AC 170 -105.34 41.43 59.21
CA ASP AC 170 -104.41 40.32 59.01
C ASP AC 170 -103.52 40.17 60.25
N ASN AC 171 -102.50 39.32 60.13
CA ASN AC 171 -101.68 38.94 61.28
C ASN AC 171 -100.44 39.79 61.46
N VAL AC 172 -100.11 40.66 60.51
CA VAL AC 172 -98.82 41.34 60.49
C VAL AC 172 -98.96 42.69 61.16
N GLY AC 173 -98.14 42.94 62.17
CA GLY AC 173 -98.09 44.21 62.87
C GLY AC 173 -98.28 44.03 64.36
N SER AC 174 -98.25 45.16 65.06
CA SER AC 174 -98.50 45.15 66.49
C SER AC 174 -99.95 44.77 66.78
N ARG AC 175 -100.12 43.91 67.78
CA ARG AC 175 -101.47 43.50 68.17
C ARG AC 175 -102.31 44.70 68.59
N SER AC 176 -101.75 45.57 69.42
CA SER AC 176 -102.46 46.77 69.83
C SER AC 176 -102.78 47.65 68.64
N HIS AC 177 -101.83 47.77 67.71
CA HIS AC 177 -102.05 48.58 66.52
C HIS AC 177 -103.22 48.05 65.69
N LYS AC 178 -103.25 46.73 65.48
CA LYS AC 178 -104.35 46.13 64.74
C LYS AC 178 -105.67 46.36 65.45
N ARG AC 179 -105.69 46.18 66.77
CA ARG AC 179 -106.93 46.37 67.52
C ARG AC 179 -107.42 47.80 67.38
N LYS AC 180 -106.52 48.76 67.53
CA LYS AC 180 -106.91 50.16 67.42
C LYS AC 180 -107.44 50.48 66.04
N LEU AC 181 -106.75 50.02 64.99
CA LEU AC 181 -107.19 50.30 63.64
C LEU AC 181 -108.55 49.68 63.36
N SER AC 182 -108.75 48.44 63.80
CA SER AC 182 -110.03 47.77 63.61
C SER AC 182 -111.15 48.51 64.32
N GLN AC 183 -110.88 48.94 65.55
CA GLN AC 183 -111.89 49.70 66.28
C GLN AC 183 -112.22 51.00 65.57
N ALA AC 184 -111.20 51.68 65.05
CA ALA AC 184 -111.43 52.92 64.33
C ALA AC 184 -112.32 52.69 63.12
N GLN AC 185 -112.01 51.66 62.33
CA GLN AC 185 -112.81 51.38 61.15
C GLN AC 185 -114.24 51.03 61.53
N ALA AC 186 -114.41 50.21 62.57
CA ALA AC 186 -115.74 49.81 63.01
C ALA AC 186 -116.55 51.02 63.45
N GLU AC 187 -115.92 51.92 64.20
CA GLU AC 187 -116.65 53.09 64.67
C GLU AC 187 -116.96 54.04 63.52
N THR AC 188 -116.09 54.12 62.51
CA THR AC 188 -116.42 54.93 61.35
C THR AC 188 -117.66 54.39 60.65
N MET AC 189 -117.73 53.06 60.48
CA MET AC 189 -118.92 52.46 59.88
C MET AC 189 -120.15 52.73 60.74
N MET AC 190 -120.01 52.59 62.06
CA MET AC 190 -121.12 52.84 62.97
C MET AC 190 -121.63 54.27 62.82
N THR AC 191 -120.70 55.23 62.78
CA THR AC 191 -121.09 56.63 62.64
C THR AC 191 -121.75 56.90 61.31
N PHE AC 192 -121.24 56.29 60.24
CA PHE AC 192 -121.87 56.47 58.94
C PHE AC 192 -123.30 55.95 58.95
N LEU AC 193 -123.52 54.79 59.55
CA LEU AC 193 -124.88 54.27 59.64
C LEU AC 193 -125.76 55.17 60.48
N TRP AC 194 -125.23 55.64 61.62
CA TRP AC 194 -125.99 56.54 62.49
C TRP AC 194 -126.32 57.84 61.78
N ALA AC 195 -125.50 58.22 60.81
CA ALA AC 195 -125.72 59.46 60.08
C ALA AC 195 -126.97 59.42 59.21
N ASN AC 196 -127.58 58.25 59.02
CA ASN AC 196 -128.80 58.15 58.24
C ASN AC 196 -130.04 58.07 59.11
N GLY AC 197 -129.90 58.26 60.41
CA GLY AC 197 -131.05 58.39 61.29
C GLY AC 197 -131.34 57.20 62.19
N ILE AC 198 -130.43 56.26 62.33
CA ILE AC 198 -130.68 55.10 63.17
C ILE AC 198 -130.39 55.45 64.62
N ALA AC 199 -131.24 54.95 65.52
CA ALA AC 199 -131.11 55.27 66.93
C ALA AC 199 -129.81 54.70 67.49
N ALA AC 200 -129.28 55.39 68.50
CA ALA AC 200 -127.99 55.01 69.06
C ALA AC 200 -128.03 53.63 69.68
N LYS AC 201 -129.11 53.32 70.41
CA LYS AC 201 -129.21 52.04 71.10
C LYS AC 201 -129.27 50.86 70.12
N ARG AC 202 -129.61 51.10 68.85
CA ARG AC 202 -129.82 50.02 67.91
C ARG AC 202 -128.52 49.31 67.51
N LEU AC 203 -127.38 49.99 67.55
CA LEU AC 203 -126.18 49.48 66.91
C LEU AC 203 -125.06 49.26 67.92
N LYS AC 204 -124.23 48.27 67.63
CA LYS AC 204 -123.05 47.96 68.43
C LYS AC 204 -121.89 47.64 67.52
N ALA AC 205 -120.69 48.11 67.88
CA ALA AC 205 -119.53 48.00 67.03
C ALA AC 205 -118.37 47.34 67.76
N GLU AC 206 -117.54 46.62 67.02
CA GLU AC 206 -116.36 45.99 67.57
C GLU AC 206 -115.34 45.73 66.47
N GLY AC 207 -114.08 46.06 66.74
CA GLY AC 207 -113.02 45.76 65.81
C GLY AC 207 -112.01 44.79 66.40
N TYR AC 208 -111.99 43.56 65.92
CA TYR AC 208 -111.04 42.57 66.39
C TYR AC 208 -109.79 42.60 65.51
N GLY AC 209 -108.78 41.86 65.95
CA GLY AC 209 -107.56 41.73 65.19
C GLY AC 209 -107.59 40.48 64.34
N ASP AC 210 -106.88 39.45 64.79
CA ASP AC 210 -106.91 38.15 64.15
C ASP AC 210 -107.38 37.09 65.14
N LYS AC 211 -108.38 37.44 65.96
CA LYS AC 211 -108.94 36.46 66.90
C LYS AC 211 -109.59 35.30 66.17
N ASN AC 212 -110.07 35.53 64.96
CA ASN AC 212 -110.64 34.46 64.13
C ASN AC 212 -110.73 34.93 62.69
N ALA AC 213 -110.13 34.17 61.77
CA ALA AC 213 -110.10 34.53 60.37
C ALA AC 213 -110.72 33.43 59.54
N ILE AC 214 -111.59 33.82 58.61
CA ILE AC 214 -112.23 32.85 57.70
C ILE AC 214 -111.29 32.34 56.65
N SER AC 215 -110.10 32.92 56.52
CA SER AC 215 -109.15 32.53 55.50
C SER AC 215 -107.76 32.45 56.12
N ASP AC 216 -106.91 31.62 55.52
CA ASP AC 216 -105.56 31.44 56.03
C ASP AC 216 -104.70 32.65 55.72
N ASN AC 217 -103.82 32.99 56.67
CA ASN AC 217 -102.95 34.12 56.51
C ASN AC 217 -101.65 33.79 55.80
N ALA AC 218 -101.37 32.50 55.55
CA ALA AC 218 -100.11 32.12 54.93
C ALA AC 218 -100.05 32.57 53.48
N ILE AC 219 -101.08 32.28 52.71
CA ILE AC 219 -101.08 32.59 51.28
C ILE AC 219 -101.52 34.04 51.08
N ILE AC 220 -101.13 34.59 49.92
CA ILE AC 220 -101.32 36.01 49.68
C ILE AC 220 -102.80 36.34 49.51
N HIS AC 221 -103.51 35.54 48.71
CA HIS AC 221 -104.92 35.82 48.49
C HIS AC 221 -105.73 35.67 49.77
N GLY AC 222 -105.44 34.64 50.56
CA GLY AC 222 -106.12 34.51 51.84
C GLY AC 222 -105.76 35.62 52.80
N SER AC 223 -104.52 36.10 52.74
CA SER AC 223 -104.14 37.26 53.55
C SER AC 223 -104.97 38.48 53.17
N ALA AC 224 -105.18 38.66 51.86
CA ALA AC 224 -106.08 39.73 51.42
C ALA AC 224 -107.49 39.50 51.93
N GLN AC 225 -107.95 38.25 51.90
CA GLN AC 225 -109.30 37.93 52.36
C GLN AC 225 -109.49 38.22 53.84
N ASN AC 226 -108.44 38.07 54.63
CA ASN AC 226 -108.59 38.09 56.10
C ASN AC 226 -109.25 39.37 56.58
N ARG AC 227 -108.72 40.53 56.18
CA ARG AC 227 -109.30 41.79 56.62
C ARG AC 227 -110.66 42.00 55.97
N ARG AC 228 -111.62 42.47 56.77
CA ARG AC 228 -113.01 42.52 56.32
C ARG AC 228 -113.82 43.36 57.28
N ILE AC 229 -115.03 43.73 56.85
CA ILE AC 229 -116.03 44.33 57.72
C ILE AC 229 -117.30 43.50 57.58
N GLU AC 230 -117.86 43.07 58.71
CA GLU AC 230 -119.08 42.28 58.74
C GLU AC 230 -120.18 43.03 59.45
N ILE AC 231 -121.41 42.82 58.97
CA ILE AC 231 -122.61 43.41 59.55
C ILE AC 231 -123.63 42.30 59.75
N GLN AC 232 -124.04 42.07 60.99
CA GLN AC 232 -124.99 41.03 61.31
C GLN AC 232 -126.25 41.65 61.91
N TRP AC 233 -127.39 41.06 61.62
CA TRP AC 233 -128.61 41.50 62.30
C TRP AC 233 -129.66 40.41 62.28
N PHE AC 234 -130.45 40.39 63.35
CA PHE AC 234 -131.55 39.45 63.54
C PHE AC 234 -132.76 39.91 62.74
N THR AC 235 -133.91 39.32 63.04
CA THR AC 235 -135.19 39.78 62.53
C THR AC 235 -136.14 40.23 63.64
N SER AC 236 -136.01 39.69 64.84
CA SER AC 236 -136.86 40.08 65.96
C SER AC 236 -136.16 39.80 67.29
N LEU BC 113 -142.97 66.15 104.90
CA LEU BC 113 -142.79 67.36 104.09
C LEU BC 113 -142.15 67.02 102.76
N ASN BC 114 -142.94 66.46 101.84
CA ASN BC 114 -142.43 65.99 100.57
C ASN BC 114 -143.13 66.59 99.35
N ARG BC 115 -144.03 67.54 99.54
CA ARG BC 115 -144.77 68.12 98.43
C ARG BC 115 -144.81 69.63 98.59
N PHE BC 116 -144.54 70.35 97.49
CA PHE BC 116 -144.61 71.80 97.55
C PHE BC 116 -145.01 72.36 96.20
N ARG BC 117 -145.92 73.33 96.21
CA ARG BC 117 -146.35 74.02 95.01
C ARG BC 117 -146.51 75.49 95.34
N TYR BC 118 -145.76 76.34 94.65
CA TYR BC 118 -145.73 77.77 94.94
C TYR BC 118 -146.14 78.55 93.69
N GLU BC 119 -147.24 79.29 93.80
CA GLU BC 119 -147.75 80.11 92.71
C GLU BC 119 -148.24 81.43 93.29
N GLY BC 120 -148.27 82.45 92.43
CA GLY BC 120 -148.90 83.71 92.80
C GLY BC 120 -147.97 84.86 93.17
N ALA BC 121 -146.86 85.00 92.43
CA ALA BC 121 -145.98 86.16 92.55
C ALA BC 121 -145.47 86.34 93.99
N GLY BC 122 -144.72 85.33 94.43
CA GLY BC 122 -144.14 85.34 95.77
C GLY BC 122 -142.67 84.97 95.73
N VAL BC 123 -142.03 85.14 96.89
CA VAL BC 123 -140.61 84.87 97.06
C VAL BC 123 -140.44 83.97 98.27
N VAL BC 124 -139.60 82.94 98.14
CA VAL BC 124 -139.36 81.97 99.20
C VAL BC 124 -137.86 81.83 99.41
N THR BC 125 -137.43 81.82 100.66
CA THR BC 125 -136.03 81.61 101.02
C THR BC 125 -135.94 80.59 102.14
N GLY BC 126 -135.00 79.67 102.03
CA GLY BC 126 -134.85 78.63 103.02
C GLY BC 126 -133.51 77.94 102.92
N ASN BC 127 -133.17 77.20 103.96
CA ASN BC 127 -131.90 76.48 104.01
C ASN BC 127 -132.03 75.29 104.95
N ASN BC 128 -131.02 74.41 104.88
CA ASN BC 128 -130.91 73.24 105.75
C ASN BC 128 -132.10 72.29 105.58
N LEU BC 129 -132.69 72.28 104.39
CA LEU BC 129 -133.79 71.36 104.09
C LEU BC 129 -133.21 69.96 103.87
N ARG BC 130 -133.74 68.99 104.61
CA ARG BC 130 -133.30 67.60 104.53
C ARG BC 130 -134.49 66.71 104.25
N THR BC 131 -134.36 65.84 103.26
CA THR BC 131 -135.46 64.98 102.86
C THR BC 131 -134.93 63.84 102.01
N SER BC 132 -135.60 62.69 102.12
CA SER BC 132 -135.31 61.58 101.22
C SER BC 132 -135.69 61.94 99.80
N TYR BC 133 -136.86 62.55 99.61
CA TYR BC 133 -137.35 62.94 98.30
C TYR BC 133 -138.52 63.89 98.49
N LEU BC 134 -138.65 64.83 97.55
CA LEU BC 134 -139.82 65.70 97.52
C LEU BC 134 -140.06 66.16 96.09
N ASP BC 135 -141.27 66.66 95.86
CA ASP BC 135 -141.68 67.21 94.57
C ASP BC 135 -141.88 68.71 94.73
N LEU BC 136 -141.32 69.48 93.80
CA LEU BC 136 -141.42 70.92 93.80
C LEU BC 136 -142.05 71.41 92.51
N TYR BC 137 -143.08 72.24 92.64
CA TYR BC 137 -143.73 72.88 91.50
C TYR BC 137 -143.71 74.38 91.72
N LEU BC 138 -143.30 75.12 90.70
CA LEU BC 138 -143.15 76.57 90.79
C LEU BC 138 -143.86 77.23 89.62
N ALA BC 139 -144.53 78.34 89.90
CA ALA BC 139 -145.22 79.09 88.86
C ALA BC 139 -145.41 80.52 89.31
N ASN BC 140 -145.68 81.39 88.33
CA ASN BC 140 -146.04 82.79 88.57
C ASN BC 140 -144.93 83.52 89.33
N GLU BC 141 -143.74 83.53 88.73
CA GLU BC 141 -142.59 84.27 89.26
C GLU BC 141 -142.26 83.83 90.68
N GLY BC 142 -141.88 82.56 90.80
CA GLY BC 142 -141.44 82.04 92.07
C GLY BC 142 -139.96 82.24 92.28
N THR BC 143 -139.59 83.31 93.00
CA THR BC 143 -138.18 83.61 93.28
C THR BC 143 -137.77 82.80 94.50
N THR BC 144 -137.03 81.72 94.28
CA THR BC 144 -136.71 80.76 95.32
C THR BC 144 -135.21 80.74 95.57
N ARG BC 145 -134.83 80.84 96.84
CA ARG BC 145 -133.45 80.66 97.29
C ARG BC 145 -133.43 79.50 98.27
N LEU BC 146 -132.57 78.51 98.00
CA LEU BC 146 -132.48 77.33 98.84
C LEU BC 146 -131.01 77.02 99.10
N ALA BC 147 -130.69 76.80 100.37
CA ALA BC 147 -129.31 76.50 100.80
C ALA BC 147 -129.29 75.25 101.67
N GLY BC 148 -129.98 74.19 101.22
CA GLY BC 148 -129.98 72.93 101.91
C GLY BC 148 -129.73 71.78 100.95
N ASN BC 149 -129.49 70.60 101.52
CA ASN BC 149 -129.26 69.38 100.74
C ASN BC 149 -130.60 68.69 100.52
N ILE BC 150 -131.24 69.01 99.41
CA ILE BC 150 -132.59 68.55 99.12
C ILE BC 150 -132.54 67.24 98.34
N GLY BC 151 -133.27 66.25 98.83
CA GLY BC 151 -133.55 65.05 98.06
C GLY BC 151 -134.84 65.26 97.28
N LEU BC 152 -134.80 64.92 95.99
CA LEU BC 152 -135.93 65.17 95.11
C LEU BC 152 -135.76 64.38 93.84
N GLN BC 153 -136.86 64.29 93.08
CA GLN BC 153 -136.83 63.74 91.74
C GLN BC 153 -137.48 64.72 90.78
N LYS BC 154 -138.51 65.43 91.23
CA LYS BC 154 -139.32 66.30 90.39
C LYS BC 154 -139.16 67.75 90.83
N LEU BC 155 -138.66 68.58 89.93
CA LEU BC 155 -138.58 70.02 90.10
C LEU BC 155 -139.07 70.65 88.81
N GLU BC 156 -140.30 71.16 88.82
CA GLU BC 156 -140.94 71.64 87.60
C GLU BC 156 -141.35 73.10 87.79
N ALA BC 157 -140.70 73.99 87.05
CA ALA BC 157 -141.01 75.41 87.05
C ALA BC 157 -141.66 75.77 85.72
N VAL BC 158 -142.77 76.51 85.78
CA VAL BC 158 -143.47 76.89 84.56
C VAL BC 158 -142.58 77.75 83.68
N GLY BC 159 -141.88 78.70 84.28
CA GLY BC 159 -140.99 79.57 83.53
C GLY BC 159 -141.13 81.02 83.93
N ASN BC 160 -140.32 81.88 83.32
CA ASN BC 160 -140.32 83.33 83.61
C ASN BC 160 -140.08 83.61 85.09
N GLY BC 161 -139.23 82.79 85.71
CA GLY BC 161 -138.87 82.96 87.10
C GLY BC 161 -137.38 82.74 87.30
N VAL BC 162 -136.95 82.88 88.54
CA VAL BC 162 -135.55 82.69 88.92
C VAL BC 162 -135.49 81.77 90.13
N THR BC 163 -134.41 80.99 90.21
CA THR BC 163 -134.26 80.02 91.30
C THR BC 163 -132.79 79.70 91.51
N GLN BC 164 -132.36 79.75 92.76
CA GLN BC 164 -131.02 79.36 93.17
C GLN BC 164 -131.13 78.25 94.21
N ILE BC 165 -130.43 77.14 93.97
CA ILE BC 165 -130.43 76.00 94.86
C ILE BC 165 -129.01 75.52 95.07
N ASN BC 166 -128.58 75.43 96.32
CA ASN BC 166 -127.26 74.94 96.68
C ASN BC 166 -127.41 73.70 97.55
N GLY BC 167 -127.00 72.55 97.02
CA GLY BC 167 -127.05 71.30 97.75
C GLY BC 167 -128.11 70.35 97.25
N VAL BC 168 -127.70 69.36 96.45
CA VAL BC 168 -128.63 68.35 95.93
C VAL BC 168 -127.96 66.99 96.03
N SER BC 169 -128.69 66.02 96.58
CA SER BC 169 -128.28 64.61 96.60
C SER BC 169 -129.47 63.81 96.09
N SER BC 170 -129.59 63.71 94.77
CA SER BC 170 -130.72 63.05 94.12
C SER BC 170 -130.22 61.85 93.34
N ARG BC 171 -130.76 60.67 93.64
CA ARG BC 171 -130.36 59.47 92.92
C ARG BC 171 -131.00 59.42 91.54
N ASN BC 172 -132.22 59.94 91.40
CA ASN BC 172 -132.90 59.97 90.12
C ASN BC 172 -133.60 61.32 89.97
N LEU BC 173 -133.75 61.74 88.71
CA LEU BC 173 -134.38 63.01 88.40
C LEU BC 173 -135.04 62.93 87.04
N GLN BC 174 -135.99 63.84 86.81
CA GLN BC 174 -136.58 64.02 85.48
C GLN BC 174 -137.20 65.41 85.46
N ILE BC 175 -136.67 66.30 84.63
CA ILE BC 175 -137.08 67.70 84.61
C ILE BC 175 -137.50 68.05 83.19
N VAL BC 176 -138.65 68.72 83.08
CA VAL BC 176 -139.15 69.24 81.80
C VAL BC 176 -139.56 70.68 82.01
N LEU BC 177 -139.08 71.56 81.12
CA LEU BC 177 -139.36 72.99 81.21
C LEU BC 177 -140.05 73.46 79.95
N LYS BC 178 -141.08 74.28 80.11
CA LYS BC 178 -141.82 74.84 79.00
C LYS BC 178 -141.63 76.35 78.83
N GLY BC 179 -141.35 77.07 79.90
CA GLY BC 179 -141.12 78.51 79.84
C GLY BC 179 -139.65 78.85 79.74
N ASP BC 180 -139.28 79.98 80.34
CA ASP BC 180 -137.91 80.48 80.32
C ASP BC 180 -137.46 80.79 81.73
N PRO BC 181 -137.22 79.77 82.54
CA PRO BC 181 -136.74 80.00 83.91
C PRO BC 181 -135.23 80.19 83.94
N LYS BC 182 -134.75 80.72 85.05
CA LYS BC 182 -133.33 80.97 85.28
C LYS BC 182 -132.96 80.22 86.55
N VAL BC 183 -132.51 78.98 86.41
CA VAL BC 183 -132.28 78.08 87.52
C VAL BC 183 -130.80 77.75 87.60
N LEU BC 184 -130.23 77.93 88.79
CA LEU BC 184 -128.85 77.54 89.07
C LEU BC 184 -128.87 76.56 90.23
N ILE BC 185 -128.51 75.31 89.97
CA ILE BC 185 -128.64 74.23 90.94
C ILE BC 185 -127.28 73.58 91.13
N SER BC 186 -126.92 73.34 92.38
CA SER BC 186 -125.66 72.69 92.73
C SER BC 186 -125.92 71.38 93.45
N GLY BC 187 -124.97 70.45 93.30
CA GLY BC 187 -125.05 69.16 93.95
C GLY BC 187 -124.50 68.08 93.04
N PHE BC 188 -124.70 66.83 93.45
CA PHE BC 188 -124.28 65.67 92.67
C PHE BC 188 -125.54 65.04 92.09
N VAL BC 189 -125.57 64.88 90.77
CA VAL BC 189 -126.77 64.47 90.07
C VAL BC 189 -126.42 63.46 88.99
N ASN BC 190 -127.25 62.42 88.88
CA ASN BC 190 -127.18 61.47 87.76
C ASN BC 190 -128.45 61.69 86.94
N LEU BC 191 -128.37 62.62 85.99
CA LEU BC 191 -129.53 62.97 85.19
C LEU BC 191 -129.87 61.86 84.19
N ARG BC 192 -131.13 61.85 83.76
CA ARG BC 192 -131.63 60.81 82.88
C ARG BC 192 -132.00 61.34 81.49
N GLN BC 193 -132.86 62.35 81.42
CA GLN BC 193 -133.34 62.84 80.13
C GLN BC 193 -133.76 64.29 80.27
N LEU BC 194 -133.35 65.13 79.31
CA LEU BC 194 -133.69 66.55 79.34
C LEU BC 194 -134.20 66.99 77.98
N ASP BC 195 -135.29 67.77 77.99
CA ASP BC 195 -135.90 68.29 76.78
C ASP BC 195 -136.23 69.76 76.99
N MET BC 196 -136.00 70.56 75.95
CA MET BC 196 -136.23 72.00 76.03
C MET BC 196 -136.88 72.50 74.74
N TYR BC 197 -137.92 73.33 74.90
CA TYR BC 197 -138.68 73.85 73.78
C TYR BC 197 -138.77 75.36 73.73
N GLY BC 198 -138.37 76.07 74.79
CA GLY BC 198 -138.52 77.51 74.83
C GLY BC 198 -137.21 78.27 74.78
N LYS BC 199 -136.86 78.92 75.88
CA LYS BC 199 -135.64 79.70 76.03
C LYS BC 199 -134.96 79.35 77.35
N GLY BC 200 -134.77 78.05 77.56
CA GLY BC 200 -134.33 77.57 78.87
C GLY BC 200 -132.92 77.98 79.22
N THR BC 201 -132.66 78.06 80.52
CA THR BC 201 -131.35 78.42 81.06
C THR BC 201 -131.08 77.53 82.27
N LEU BC 202 -130.10 76.64 82.16
CA LEU BC 202 -129.81 75.67 83.21
C LEU BC 202 -128.30 75.59 83.40
N SER BC 203 -127.92 75.15 84.61
CA SER BC 203 -126.50 75.03 84.94
C SER BC 203 -126.34 74.11 86.13
N LEU BC 204 -125.44 73.14 86.01
CA LEU BC 204 -125.12 72.22 87.09
C LEU BC 204 -123.61 72.15 87.28
N TYR BC 205 -123.20 71.89 88.52
CA TYR BC 205 -121.78 71.85 88.82
C TYR BC 205 -121.15 70.51 88.44
N TRP BC 206 -121.62 69.43 89.06
CA TRP BC 206 -121.08 68.10 88.80
C TRP BC 206 -122.21 67.14 88.52
N ILE BC 207 -121.99 66.25 87.55
CA ILE BC 207 -122.94 65.20 87.23
C ILE BC 207 -122.16 63.92 87.01
N LYS BC 208 -122.12 63.08 88.03
CA LYS BC 208 -121.50 61.76 87.94
C LYS BC 208 -122.58 60.80 87.44
N SER BC 209 -122.88 60.90 86.15
CA SER BC 209 -123.97 60.16 85.54
C SER BC 209 -123.41 59.18 84.52
N ASP BC 210 -124.32 58.39 83.93
CA ASP BC 210 -123.95 57.39 82.94
C ASP BC 210 -124.49 57.71 81.56
N THR BC 211 -125.80 57.91 81.44
CA THR BC 211 -126.44 58.11 80.15
C THR BC 211 -127.23 59.42 80.17
N LEU BC 212 -127.04 60.22 79.12
CA LEU BC 212 -127.73 61.49 78.98
C LEU BC 212 -128.37 61.58 77.61
N THR BC 213 -129.60 62.07 77.56
CA THR BC 213 -130.35 62.23 76.32
C THR BC 213 -130.96 63.63 76.32
N ILE BC 214 -130.46 64.49 75.44
CA ILE BC 214 -130.81 65.91 75.45
C ILE BC 214 -131.45 66.27 74.12
N ARG BC 215 -132.63 66.89 74.20
CA ARG BC 215 -133.33 67.43 73.04
C ARG BC 215 -133.51 68.92 73.21
N ALA BC 216 -133.13 69.69 72.18
CA ALA BC 216 -133.25 71.14 72.19
C ALA BC 216 -133.95 71.61 70.93
N LYS BC 217 -135.00 72.43 71.10
CA LYS BC 217 -135.83 72.84 69.98
C LYS BC 217 -135.63 74.31 69.60
N LYS BC 218 -135.80 75.23 70.54
CA LYS BC 218 -135.83 76.65 70.22
C LYS BC 218 -134.61 77.40 70.77
N ALA BC 219 -134.37 77.32 72.07
CA ALA BC 219 -133.20 77.99 72.65
C ALA BC 219 -132.92 77.44 74.04
N ALA BC 220 -131.67 77.06 74.28
CA ALA BC 220 -131.26 76.55 75.58
C ALA BC 220 -129.83 77.00 75.86
N LYS BC 221 -129.58 77.37 77.10
CA LYS BC 221 -128.26 77.79 77.55
C LYS BC 221 -127.93 76.96 78.79
N ILE BC 222 -127.14 75.91 78.60
CA ILE BC 222 -126.92 74.91 79.65
C ILE BC 222 -125.42 74.83 79.93
N GLN BC 223 -125.07 75.01 81.19
CA GLN BC 223 -123.68 74.96 81.65
C GLN BC 223 -123.50 73.67 82.44
N LEU BC 224 -122.95 72.64 81.79
CA LEU BC 224 -122.82 71.32 82.38
C LEU BC 224 -121.36 70.88 82.36
N ALA BC 225 -121.00 70.06 83.34
CA ALA BC 225 -119.66 69.51 83.45
C ALA BC 225 -119.69 68.34 84.42
N GLY BC 226 -118.85 67.34 84.16
CA GLY BC 226 -118.79 66.17 85.00
C GLY BC 226 -118.44 64.94 84.19
N ILE BC 227 -118.75 63.78 84.75
CA ILE BC 227 -118.39 62.50 84.17
C ILE BC 227 -119.61 61.90 83.50
N VAL BC 228 -119.47 61.52 82.24
CA VAL BC 228 -120.56 60.95 81.45
C VAL BC 228 -120.05 59.70 80.75
N ASN BC 229 -120.79 58.61 80.88
CA ASN BC 229 -120.45 57.38 80.17
C ASN BC 229 -121.04 57.33 78.77
N ARG BC 230 -122.16 58.01 78.54
CA ARG BC 230 -122.82 57.98 77.24
C ARG BC 230 -123.71 59.21 77.12
N LEU BC 231 -123.64 59.88 75.98
CA LEU BC 231 -124.42 61.11 75.80
C LEU BC 231 -124.89 61.20 74.36
N ASP BC 232 -126.17 61.50 74.19
CA ASP BC 232 -126.76 61.78 72.88
C ASP BC 232 -127.46 63.12 72.97
N VAL BC 233 -127.20 63.99 72.02
CA VAL BC 233 -127.73 65.36 72.05
C VAL BC 233 -128.20 65.74 70.65
N GLU BC 234 -129.41 66.31 70.58
CA GLU BC 234 -130.00 66.78 69.34
C GLU BC 234 -130.39 68.24 69.51
N LEU BC 235 -129.98 69.07 68.55
CA LEU BC 235 -130.29 70.49 68.53
C LEU BC 235 -130.99 70.83 67.22
N TRP BC 236 -132.07 71.61 67.32
CA TRP BC 236 -132.87 71.92 66.13
C TRP BC 236 -132.58 73.32 65.56
N ASP BC 237 -132.74 74.36 66.36
CA ASP BC 237 -132.53 75.71 65.86
C ASP BC 237 -132.27 76.66 67.02
N PHE BC 238 -131.40 77.63 66.79
CA PHE BC 238 -131.16 78.73 67.73
C PHE BC 238 -130.81 78.21 69.12
N ALA BC 239 -130.23 77.02 69.18
CA ALA BC 239 -129.82 76.42 70.43
C ALA BC 239 -128.32 76.55 70.60
N GLN BC 240 -127.89 76.82 71.84
CA GLN BC 240 -126.49 77.10 72.16
C GLN BC 240 -126.10 76.26 73.36
N PHE BC 241 -125.56 75.07 73.13
CA PHE BC 241 -125.14 74.19 74.22
C PHE BC 241 -123.62 74.14 74.25
N LYS BC 242 -123.02 74.84 75.20
CA LYS BC 242 -121.58 74.81 75.40
C LYS BC 242 -121.23 73.84 76.52
N GLY BC 243 -121.40 72.55 76.24
CA GLY BC 243 -121.12 71.55 77.25
C GLY BC 243 -119.65 71.33 77.46
N LYS BC 244 -118.88 72.41 77.56
CA LYS BC 244 -117.46 72.31 77.84
C LYS BC 244 -117.26 71.86 79.28
N TYR BC 245 -116.08 71.31 79.54
CA TYR BC 245 -115.71 70.72 80.82
C TYR BC 245 -116.52 69.46 81.14
N LEU BC 246 -117.36 69.02 80.22
CA LEU BC 246 -118.21 67.85 80.42
C LEU BC 246 -117.59 66.70 79.63
N ARG BC 247 -116.90 65.81 80.33
CA ARG BC 247 -116.20 64.70 79.68
C ARG BC 247 -117.16 63.53 79.50
N ALA BC 248 -117.30 63.07 78.25
CA ALA BC 248 -118.21 61.99 77.91
C ALA BC 248 -117.46 60.91 77.15
N GLN BC 249 -117.59 59.67 77.59
CA GLN BC 249 -116.94 58.56 76.91
C GLN BC 249 -117.47 58.40 75.49
N ARG BC 250 -118.79 58.31 75.36
CA ARG BC 250 -119.44 58.21 74.06
C ARG BC 250 -120.23 59.49 73.82
N SER BC 251 -119.97 60.15 72.70
CA SER BC 251 -120.66 61.39 72.38
C SER BC 251 -121.33 61.25 71.02
N PHE BC 252 -122.63 61.55 70.98
CA PHE BC 252 -123.39 61.63 69.74
C PHE BC 252 -124.00 63.03 69.67
N VAL BC 253 -123.71 63.75 68.59
CA VAL BC 253 -124.21 65.11 68.39
C VAL BC 253 -124.90 65.18 67.04
N LYS BC 254 -126.14 65.65 67.04
CA LYS BC 254 -126.86 65.91 65.80
C LYS BC 254 -127.41 67.32 65.85
N THR BC 255 -127.07 68.13 64.85
CA THR BC 255 -127.43 69.54 64.83
C THR BC 255 -128.10 69.87 63.50
N HIS BC 256 -129.26 70.53 63.58
CA HIS BC 256 -129.94 71.03 62.41
C HIS BC 256 -129.51 72.47 62.13
N ASP BC 257 -130.26 73.15 61.27
CA ASP BC 257 -129.92 74.51 60.86
C ASP BC 257 -129.81 75.45 62.06
N LYS BC 258 -128.74 76.25 62.05
CA LYS BC 258 -128.53 77.31 63.04
C LYS BC 258 -128.51 76.75 64.46
N SER BC 259 -127.51 75.92 64.71
CA SER BC 259 -127.29 75.32 66.02
C SER BC 259 -125.83 75.47 66.41
N VAL BC 260 -125.57 75.54 67.72
CA VAL BC 260 -124.23 75.74 68.23
C VAL BC 260 -124.00 74.75 69.36
N ALA BC 261 -122.94 73.95 69.24
CA ALA BC 261 -122.63 72.95 70.24
C ALA BC 261 -121.12 72.92 70.48
N GLU BC 262 -120.74 72.83 71.75
CA GLU BC 262 -119.35 72.66 72.16
C GLU BC 262 -119.27 71.44 73.05
N ILE BC 263 -118.35 70.52 72.72
CA ILE BC 263 -118.28 69.22 73.37
C ILE BC 263 -116.85 68.94 73.82
N SER BC 264 -116.71 67.93 74.68
CA SER BC 264 -115.44 67.54 75.26
C SER BC 264 -115.27 66.02 75.22
N ALA BC 265 -115.53 65.43 74.05
CA ALA BC 265 -115.43 63.98 73.91
C ALA BC 265 -114.01 63.50 74.20
N VAL BC 266 -113.92 62.33 74.82
CA VAL BC 266 -112.64 61.77 75.26
C VAL BC 266 -112.25 60.52 74.47
N ASN BC 267 -113.22 59.65 74.17
CA ASN BC 267 -112.91 58.38 73.53
C ASN BC 267 -113.52 58.24 72.15
N HIS BC 268 -114.83 58.43 72.02
CA HIS BC 268 -115.54 58.17 70.77
C HIS BC 268 -116.53 59.29 70.52
N GLN BC 269 -116.40 59.95 69.37
CA GLN BC 269 -117.20 61.10 69.03
C GLN BC 269 -117.84 60.92 67.66
N SER BC 270 -119.15 61.07 67.59
CA SER BC 270 -119.91 61.06 66.35
C SER BC 270 -120.65 62.39 66.23
N SER BC 271 -120.51 63.05 65.08
CA SER BC 271 -121.04 64.39 64.91
C SER BC 271 -121.70 64.55 63.55
N LEU BC 272 -122.86 65.18 63.54
CA LEU BC 272 -123.60 65.45 62.32
C LEU BC 272 -124.13 66.87 62.35
N ALA BC 273 -123.93 67.61 61.27
CA ALA BC 273 -124.44 68.96 61.12
C ALA BC 273 -125.12 69.11 59.77
N THR BC 274 -126.34 69.66 59.77
CA THR BC 274 -127.07 69.78 58.51
C THR BC 274 -126.58 70.97 57.70
N ASP BC 275 -126.72 72.18 58.25
CA ASP BC 275 -126.39 73.39 57.52
C ASP BC 275 -126.27 74.54 58.51
N ALA BC 276 -125.18 75.31 58.39
CA ALA BC 276 -124.93 76.46 59.27
C ALA BC 276 -124.97 76.05 60.74
N SER BC 277 -124.55 74.83 61.02
CA SER BC 277 -124.52 74.29 62.38
C SER BC 277 -123.07 74.15 62.79
N ASP BC 278 -122.69 74.80 63.88
CA ASP BC 278 -121.31 74.84 64.33
C ASP BC 278 -121.14 73.93 65.53
N ILE BC 279 -120.21 72.99 65.42
CA ILE BC 279 -119.89 72.07 66.50
C ILE BC 279 -118.39 72.14 66.73
N TYR BC 280 -117.99 72.59 67.91
CA TYR BC 280 -116.58 72.72 68.27
C TYR BC 280 -116.30 71.75 69.40
N TYR BC 281 -115.25 70.94 69.24
CA TYR BC 281 -114.86 70.12 70.37
C TYR BC 281 -113.74 70.82 71.13
N TYR BC 282 -113.30 70.20 72.22
CA TYR BC 282 -112.19 70.77 72.97
C TYR BC 282 -111.15 69.72 73.39
N ASN BC 283 -111.22 68.51 72.84
CA ASN BC 283 -110.22 67.51 73.13
C ASN BC 283 -110.15 66.53 71.97
N LEU BC 284 -109.04 65.81 71.88
CA LEU BC 284 -108.77 64.91 70.77
C LEU BC 284 -109.10 63.50 71.20
N SER BC 285 -110.34 63.09 70.96
CA SER BC 285 -110.75 61.73 71.29
C SER BC 285 -110.02 60.74 70.39
N LYS BC 286 -109.83 59.52 70.91
CA LYS BC 286 -109.12 58.50 70.15
C LYS BC 286 -109.91 58.02 68.94
N THR BC 287 -111.18 58.40 68.83
CA THR BC 287 -111.97 58.07 67.65
C THR BC 287 -112.90 59.24 67.35
N ARG BC 288 -112.76 59.82 66.17
CA ARG BC 288 -113.51 61.00 65.77
C ARG BC 288 -114.17 60.74 64.42
N ALA BC 289 -115.45 61.06 64.29
CA ALA BC 289 -116.15 60.93 63.03
C ALA BC 289 -117.17 62.05 62.91
N ASP BC 290 -117.09 62.82 61.83
CA ASP BC 290 -117.90 64.01 61.66
C ASP BC 290 -118.44 64.06 60.25
N PHE BC 291 -119.64 64.64 60.11
CA PHE BC 291 -120.24 64.82 58.80
C PHE BC 291 -121.06 66.11 58.80
N MET BC 292 -121.04 66.79 57.65
CA MET BC 292 -121.80 68.01 57.43
C MET BC 292 -122.47 67.93 56.07
N ALA BC 293 -123.70 68.44 55.98
CA ALA BC 293 -124.54 68.22 54.80
C ALA BC 293 -124.51 69.39 53.83
N PHE BC 294 -124.90 70.58 54.28
CA PHE BC 294 -124.97 71.75 53.41
C PHE BC 294 -123.96 72.81 53.79
N ASN BC 295 -123.98 73.26 55.04
CA ASN BC 295 -123.04 74.27 55.50
C ASN BC 295 -122.54 73.98 56.91
N GLY BC 296 -122.67 72.76 57.39
CA GLY BC 296 -122.23 72.43 58.73
C GLY BC 296 -120.73 72.57 58.89
N SER BC 297 -120.32 72.85 60.11
CA SER BC 297 -118.91 73.06 60.43
C SER BC 297 -118.57 72.34 61.72
N VAL BC 298 -117.46 71.61 61.72
CA VAL BC 298 -116.93 70.96 62.91
C VAL BC 298 -115.50 71.41 63.08
N LEU BC 299 -115.15 71.86 64.29
CA LEU BC 299 -113.88 72.54 64.50
C LEU BC 299 -113.22 72.04 65.78
N ASP BC 300 -111.89 72.22 65.81
CA ASP BC 300 -111.07 71.76 66.93
C ASP BC 300 -111.04 72.80 68.05
N MET BC 301 -110.65 74.03 67.71
CA MET BC 301 -110.69 75.16 68.64
C MET BC 301 -109.88 74.88 69.91
N ARG BC 302 -108.61 74.56 69.71
CA ARG BC 302 -107.68 74.42 70.82
C ARG BC 302 -106.97 75.75 71.05
N GLU BC 303 -105.96 75.74 71.92
CA GLU BC 303 -105.31 76.98 72.33
C GLU BC 303 -104.05 77.31 71.54
N TRP BC 304 -103.40 76.31 70.94
CA TRP BC 304 -102.17 76.47 70.17
C TRP BC 304 -101.03 77.06 71.00
N GLY BC 305 -101.22 77.19 72.31
CA GLY BC 305 -100.19 77.73 73.17
C GLY BC 305 -99.82 76.75 74.26
N GLN BC 306 -100.49 75.61 74.26
CA GLN BC 306 -100.16 74.55 75.21
C GLN BC 306 -98.70 74.13 75.04
N SER BC 307 -98.02 73.97 76.16
CA SER BC 307 -96.62 73.56 76.11
C SER BC 307 -96.46 72.08 75.77
N ASP BC 308 -97.50 71.28 75.96
CA ASP BC 308 -97.41 69.84 75.72
C ASP BC 308 -98.64 69.33 75.00
N LEU BC 309 -99.10 70.06 73.99
CA LEU BC 309 -100.30 69.65 73.26
C LEU BC 309 -100.00 68.45 72.38
N LYS BC 310 -100.81 67.40 72.53
CA LYS BC 310 -100.69 66.23 71.68
C LYS BC 310 -101.40 66.48 70.36
N ASP BC 311 -100.79 66.03 69.27
CA ASP BC 311 -101.29 66.27 67.93
C ASP BC 311 -101.97 65.03 67.38
N PHE BC 312 -102.31 65.06 66.10
CA PHE BC 312 -102.95 63.92 65.45
C PHE BC 312 -102.01 62.73 65.43
N ASP BC 313 -102.59 61.54 65.56
CA ASP BC 313 -101.87 60.28 65.49
C ASP BC 313 -102.34 59.51 64.27
N ARG BC 314 -101.88 58.26 64.16
CA ARG BC 314 -102.20 57.44 63.00
C ARG BC 314 -103.71 57.22 62.87
N TYR BC 315 -104.37 56.93 63.98
CA TYR BC 315 -105.78 56.53 63.91
C TYR BC 315 -106.71 57.74 63.86
N ASN BC 316 -106.51 58.71 64.76
CA ASN BC 316 -107.40 59.85 64.84
C ASN BC 316 -107.25 60.83 63.69
N LYS BC 317 -106.30 60.60 62.78
CA LYS BC 317 -106.00 61.59 61.75
C LYS BC 317 -107.09 61.62 60.68
N GLN BC 318 -108.29 62.02 61.07
CA GLN BC 318 -109.38 62.18 60.12
C GLN BC 318 -109.27 63.56 59.47
N PHE BC 319 -109.40 63.59 58.14
CA PHE BC 319 -109.28 64.83 57.40
C PHE BC 319 -110.67 65.31 57.00
N PRO BC 320 -111.18 66.39 57.60
CA PRO BC 320 -112.50 66.93 57.26
C PRO BC 320 -112.51 67.63 55.91
N ASP CC 39 -90.32 69.07 19.04
CA ASP CC 39 -88.92 69.45 18.85
C ASP CC 39 -88.72 70.93 19.15
N GLY CC 40 -89.75 71.72 18.90
CA GLY CC 40 -89.66 73.15 19.13
C GLY CC 40 -89.70 73.45 20.62
N CYS CC 41 -88.53 73.71 21.19
CA CYS CC 41 -88.45 73.97 22.63
C CYS CC 41 -89.15 75.26 22.99
N CYS CC 42 -88.90 76.32 22.23
CA CYS CC 42 -89.60 77.59 22.44
C CYS CC 42 -90.83 77.68 21.54
N SER CC 43 -91.66 76.63 21.57
CA SER CC 43 -92.84 76.60 20.73
C SER CC 43 -93.88 77.57 21.25
N LYS CC 44 -94.49 78.34 20.35
CA LYS CC 44 -95.44 79.38 20.70
C LYS CC 44 -94.82 80.41 21.65
N MET CC 45 -93.50 80.52 21.61
CA MET CC 45 -92.75 81.45 22.42
C MET CC 45 -91.99 82.42 21.51
N GLY CC 46 -91.12 83.23 22.12
CA GLY CC 46 -90.31 84.15 21.35
C GLY CC 46 -89.29 83.47 20.46
N GLY CC 47 -89.08 82.17 20.61
CA GLY CC 47 -88.06 81.47 19.87
C GLY CC 47 -86.79 81.32 20.69
N ILE CC 48 -85.91 80.42 20.22
CA ILE CC 48 -84.70 80.12 20.94
C ILE CC 48 -83.77 81.33 20.92
N ASN CC 49 -83.27 81.72 22.09
CA ASN CC 49 -82.27 82.78 22.18
C ASN CC 49 -80.86 82.18 22.20
N TYR CC 50 -80.55 81.38 23.22
CA TYR CC 50 -79.23 80.75 23.30
C TYR CC 50 -79.23 79.74 24.45
N CYS CC 51 -78.16 78.94 24.49
CA CYS CC 51 -78.00 77.93 25.53
C CYS CC 51 -77.12 78.46 26.65
N ASP CC 52 -77.59 78.34 27.89
CA ASP CC 52 -76.81 78.70 29.06
C ASP CC 52 -76.22 77.44 29.65
N SER CC 53 -74.89 77.40 29.74
CA SER CC 53 -74.21 76.26 30.32
C SER CC 53 -74.29 76.22 31.84
N SER CC 54 -74.42 77.38 32.49
CA SER CC 54 -74.51 77.39 33.95
C SER CC 54 -75.68 76.56 34.44
N ALA CC 55 -76.72 76.39 33.63
CA ALA CC 55 -77.78 75.46 33.92
C ALA CC 55 -77.87 74.31 32.93
N GLY CC 56 -77.08 74.35 31.85
CA GLY CC 56 -77.23 73.36 30.80
C GLY CC 56 -78.60 73.40 30.15
N ARG CC 57 -79.18 74.58 30.02
CA ARG CC 57 -80.56 74.72 29.59
C ARG CC 57 -80.67 75.74 28.46
N LEU CC 58 -81.66 75.54 27.61
CA LEU CC 58 -81.96 76.54 26.60
C LEU CC 58 -82.64 77.74 27.23
N VAL CC 59 -82.51 78.89 26.58
CA VAL CC 59 -83.13 80.14 26.97
C VAL CC 59 -83.77 80.72 25.73
N CYS CC 60 -85.07 80.97 25.80
CA CYS CC 60 -85.84 81.44 24.67
C CYS CC 60 -85.71 82.94 24.52
N ASN CC 61 -86.16 83.45 23.37
CA ASN CC 61 -86.27 84.89 23.20
C ASN CC 61 -87.29 85.47 24.17
N ASN CC 62 -88.34 84.72 24.48
CA ASN CC 62 -89.19 85.07 25.61
C ASN CC 62 -88.40 84.92 26.90
N GLY CC 63 -88.72 85.79 27.87
CA GLY CC 63 -87.97 85.81 29.11
C GLY CC 63 -88.07 84.55 29.94
N PHE CC 64 -89.05 83.70 29.67
CA PHE CC 64 -89.24 82.50 30.47
C PHE CC 64 -88.13 81.49 30.25
N TYR CC 65 -87.78 80.78 31.30
CA TYR CC 65 -86.79 79.71 31.22
C TYR CC 65 -87.37 78.53 30.43
N SER CC 66 -86.58 77.98 29.51
CA SER CC 66 -87.04 76.87 28.70
C SER CC 66 -86.92 75.56 29.49
N THR CC 67 -87.19 74.45 28.80
CA THR CC 67 -87.19 73.14 29.44
C THR CC 67 -86.29 72.13 28.76
N CYS CC 68 -85.79 72.41 27.56
CA CYS CC 68 -84.93 71.45 26.87
C CYS CC 68 -83.54 71.43 27.51
N TYR CC 69 -82.65 70.66 26.91
CA TYR CC 69 -81.29 70.52 27.39
C TYR CC 69 -80.31 70.96 26.32
N CYS CC 70 -79.11 71.35 26.76
CA CYS CC 70 -78.02 71.57 25.82
C CYS CC 70 -76.67 71.10 26.36
N THR CC 71 -76.62 70.47 27.53
CA THR CC 71 -75.36 70.05 28.10
C THR CC 71 -75.55 68.77 28.89
N ARG CC 72 -74.61 67.84 28.74
CA ARG CC 72 -74.65 66.62 29.53
C ARG CC 72 -74.36 66.88 31.00
N HIS CC 73 -73.77 68.02 31.33
CA HIS CC 73 -73.51 68.37 32.72
C HIS CC 73 -74.71 69.06 33.35
N ALA CC 74 -75.87 68.44 33.25
CA ALA CC 74 -77.12 69.00 33.72
C ALA CC 74 -77.74 68.10 34.79
N VAL CC 75 -78.96 68.39 35.18
CA VAL CC 75 -79.66 67.67 36.25
C VAL CC 75 -80.89 67.02 35.63
N MET CC 76 -80.77 65.76 35.25
CA MET CC 76 -81.90 64.97 34.78
C MET CC 76 -82.21 63.89 35.80
N ASP CC 77 -83.51 63.62 35.99
CA ASP CC 77 -83.93 62.62 36.96
C ASP CC 77 -83.66 61.22 36.41
N LEU CC 78 -82.38 60.89 36.25
CA LEU CC 78 -81.98 59.61 35.68
C LEU CC 78 -82.26 58.50 36.67
N GLN CC 79 -83.17 57.59 36.32
CA GLN CC 79 -83.55 56.49 37.20
C GLN CC 79 -83.57 55.16 36.46
N PHE CC 80 -82.61 54.94 35.57
CA PHE CC 80 -82.54 53.71 34.82
C PHE CC 80 -81.16 53.59 34.20
N LEU CC 81 -80.63 52.36 34.15
CA LEU CC 81 -79.29 52.15 33.64
C LEU CC 81 -79.26 50.90 32.76
N MET CC 82 -78.32 50.89 31.83
CA MET CC 82 -78.08 49.77 30.94
C MET CC 82 -76.83 49.02 31.40
N GLY CC 83 -76.38 48.06 30.59
CA GLY CC 83 -75.15 47.36 30.87
C GLY CC 83 -75.31 46.28 31.92
N CYS CC 84 -74.19 45.63 32.23
CA CYS CC 84 -74.17 44.57 33.23
C CYS CC 84 -72.93 44.75 34.10
N CYS CC 85 -72.81 43.87 35.10
CA CYS CC 85 -71.76 43.99 36.12
C CYS CC 85 -71.84 45.33 36.84
N LEU CC 86 -73.07 45.82 37.01
CA LEU CC 86 -73.28 47.09 37.69
C LEU CC 86 -72.95 46.95 39.17
N TRP CC 87 -72.66 48.09 39.79
CA TRP CC 87 -72.22 48.14 41.18
C TRP CC 87 -71.01 47.24 41.41
N HIS CC 88 -70.17 47.13 40.38
CA HIS CC 88 -68.90 46.43 40.46
C HIS CC 88 -67.91 47.17 39.56
N GLY CC 89 -66.77 46.53 39.29
CA GLY CC 89 -65.80 47.13 38.41
C GLY CC 89 -66.19 47.05 36.95
N GLY CC 90 -67.43 46.70 36.69
CA GLY CC 90 -67.87 46.49 35.32
C GLY CC 90 -67.35 45.17 34.78
N VAL CC 91 -67.36 45.06 33.46
CA VAL CC 91 -66.87 43.86 32.80
C VAL CC 91 -65.36 43.78 32.95
N TYR CC 92 -64.86 42.60 33.29
CA TYR CC 92 -63.42 42.42 33.39
C TYR CC 92 -62.77 42.63 32.02
N PRO CC 93 -61.62 43.30 31.95
CA PRO CC 93 -61.03 43.62 30.64
C PRO CC 93 -60.60 42.40 29.85
N GLN CC 94 -60.41 41.25 30.48
CA GLN CC 94 -59.91 40.09 29.75
C GLN CC 94 -60.95 39.59 28.75
N LEU CC 95 -60.45 38.93 27.70
CA LEU CC 95 -61.30 38.27 26.72
C LEU CC 95 -60.95 36.79 26.69
N ASN CC 96 -61.97 35.95 26.83
CA ASN CC 96 -61.78 34.51 26.83
C ASN CC 96 -62.95 33.85 26.10
N SER CC 97 -62.68 32.66 25.55
CA SER CC 97 -63.73 31.93 24.84
C SER CC 97 -64.82 31.42 25.78
N SER CC 98 -64.59 31.46 27.09
CA SER CC 98 -65.61 31.03 28.05
C SER CC 98 -66.77 32.01 28.03
N GLY CC 99 -67.99 31.47 27.98
CA GLY CC 99 -69.17 32.31 27.95
C GLY CC 99 -69.46 33.03 29.25
N LEU CC 100 -68.86 32.60 30.34
CA LEU CC 100 -69.05 33.28 31.61
C LEU CC 100 -68.40 34.66 31.58
N VAL CC 101 -69.02 35.59 32.31
CA VAL CC 101 -68.49 36.94 32.50
C VAL CC 101 -68.38 37.20 33.98
N VAL CC 102 -67.22 37.70 34.41
CA VAL CC 102 -66.95 37.98 35.82
C VAL CC 102 -66.60 39.44 35.96
N CYS CC 103 -67.21 40.10 36.94
CA CYS CC 103 -66.91 41.50 37.19
C CYS CC 103 -65.55 41.62 37.87
N ASN CC 104 -65.06 42.86 37.96
CA ASN CC 104 -63.72 43.10 38.48
C ASN CC 104 -63.60 42.82 39.98
N ASP CC 105 -64.71 42.65 40.68
CA ASP CC 105 -64.69 42.27 42.08
C ASP CC 105 -64.82 40.76 42.29
N GLY CC 106 -64.82 39.98 41.21
CA GLY CC 106 -65.04 38.56 41.29
C GLY CC 106 -66.48 38.14 41.18
N TYR CC 107 -67.41 39.10 41.16
CA TYR CC 107 -68.83 38.78 41.00
C TYR CC 107 -69.07 38.18 39.62
N VAL CC 108 -69.98 37.21 39.56
CA VAL CC 108 -70.32 36.52 38.32
C VAL CC 108 -71.75 36.89 37.94
N SER CC 109 -71.93 37.33 36.70
CA SER CC 109 -73.23 37.75 36.19
C SER CC 109 -73.71 36.72 35.17
N GLU CC 110 -74.54 35.80 35.63
CA GLU CC 110 -75.09 34.79 34.72
C GLU CC 110 -75.93 35.44 33.62
N GLU CC 111 -76.73 36.44 33.98
CA GLU CC 111 -77.61 37.06 32.99
C GLU CC 111 -76.81 37.69 31.86
N CYS CC 112 -75.71 38.36 32.18
CA CYS CC 112 -74.83 38.86 31.13
C CYS CC 112 -74.16 37.71 30.39
N SER CC 113 -73.82 36.64 31.12
CA SER CC 113 -73.24 35.48 30.47
C SER CC 113 -74.29 34.73 29.66
N LEU CC 114 -73.83 33.69 28.96
CA LEU CC 114 -74.71 32.82 28.19
C LEU CC 114 -74.92 31.50 28.94
N GLN CC 115 -76.04 30.86 28.64
CA GLN CC 115 -76.42 29.62 29.30
C GLN CC 115 -76.04 28.42 28.46
N LYS CC 116 -76.43 27.23 28.92
CA LYS CC 116 -76.14 26.00 28.20
C LYS CC 116 -77.04 24.88 28.72
N ILE DC 862 -39.22 -56.79 0.33
CA ILE DC 862 -38.26 -57.04 -0.73
C ILE DC 862 -38.96 -57.42 -2.03
N ILE DC 863 -38.66 -56.68 -3.09
CA ILE DC 863 -39.25 -56.91 -4.41
C ILE DC 863 -38.13 -56.94 -5.43
N LYS DC 864 -38.16 -57.93 -6.32
CA LYS DC 864 -37.10 -58.08 -7.31
C LYS DC 864 -37.12 -56.90 -8.27
N THR DC 865 -35.97 -56.66 -8.92
CA THR DC 865 -35.77 -55.47 -9.72
C THR DC 865 -36.59 -55.57 -11.01
N GLY DC 866 -37.86 -55.18 -10.93
CA GLY DC 866 -38.69 -55.03 -12.11
C GLY DC 866 -39.58 -56.20 -12.46
N ASP DC 867 -40.19 -56.83 -11.46
CA ASP DC 867 -41.05 -57.98 -11.69
C ASP DC 867 -42.50 -57.52 -11.84
N ILE DC 868 -43.41 -58.49 -11.90
CA ILE DC 868 -44.80 -58.27 -12.27
C ILE DC 868 -45.68 -58.28 -11.03
N MET DC 869 -46.66 -57.40 -11.00
CA MET DC 869 -47.69 -57.35 -9.98
C MET DC 869 -49.02 -57.02 -10.66
N PHE DC 870 -50.13 -57.21 -9.97
CA PHE DC 870 -51.44 -56.92 -10.53
C PHE DC 870 -52.27 -56.11 -9.55
N ALA DC 871 -53.12 -55.23 -10.09
CA ALA DC 871 -53.98 -54.40 -9.28
C ALA DC 871 -55.22 -54.07 -10.08
N VAL DC 872 -56.18 -53.40 -9.44
CA VAL DC 872 -57.40 -52.96 -10.10
C VAL DC 872 -57.65 -51.51 -9.71
N LEU DC 873 -58.00 -50.69 -10.69
CA LEU DC 873 -58.32 -49.29 -10.47
C LEU DC 873 -59.84 -49.13 -10.38
N ASP DC 874 -60.26 -48.07 -9.69
CA ASP DC 874 -61.69 -47.84 -9.46
C ASP DC 874 -62.09 -46.43 -9.89
N THR DC 875 -61.20 -45.47 -9.72
CA THR DC 875 -61.51 -44.08 -10.02
C THR DC 875 -61.25 -43.79 -11.49
N SER DC 876 -62.32 -43.57 -12.25
CA SER DC 876 -62.20 -43.22 -13.66
C SER DC 876 -61.75 -41.77 -13.81
N VAL DC 877 -60.90 -41.51 -14.79
CA VAL DC 877 -60.33 -40.18 -15.01
C VAL DC 877 -60.03 -40.00 -16.49
N ASN DC 878 -60.18 -38.77 -16.95
CA ASN DC 878 -59.83 -38.38 -18.31
C ASN DC 878 -58.44 -37.76 -18.34
N SER DC 879 -57.82 -37.81 -19.52
CA SER DC 879 -56.52 -37.18 -19.70
C SER DC 879 -56.69 -35.68 -19.94
N ASP DC 880 -57.39 -35.02 -19.03
CA ASP DC 880 -57.64 -33.59 -19.16
C ASP DC 880 -56.95 -32.76 -18.10
N GLU DC 881 -57.15 -33.09 -16.82
CA GLU DC 881 -56.51 -32.36 -15.73
C GLU DC 881 -55.86 -33.40 -14.82
N PRO DC 882 -54.53 -33.50 -14.81
CA PRO DC 882 -53.88 -34.55 -14.01
C PRO DC 882 -54.13 -34.36 -12.52
N GLY DC 883 -54.14 -35.48 -11.81
CA GLY DC 883 -54.39 -35.48 -10.38
C GLY DC 883 -54.15 -36.84 -9.76
N PRO DC 884 -54.33 -36.93 -8.45
CA PRO DC 884 -54.16 -38.21 -7.76
C PRO DC 884 -55.14 -39.28 -8.23
N ILE DC 885 -54.61 -40.44 -8.58
CA ILE DC 885 -55.41 -41.60 -8.96
C ILE DC 885 -54.93 -42.79 -8.15
N LEU DC 886 -55.86 -43.61 -7.66
CA LEU DC 886 -55.56 -44.70 -6.74
C LEU DC 886 -55.97 -46.03 -7.36
N ALA DC 887 -55.16 -47.05 -7.12
CA ALA DC 887 -55.46 -48.44 -7.46
C ALA DC 887 -55.17 -49.32 -6.26
N THR DC 888 -55.70 -50.54 -6.29
CA THR DC 888 -55.60 -51.47 -5.17
C THR DC 888 -54.99 -52.77 -5.65
N ILE DC 889 -53.87 -53.17 -5.04
CA ILE DC 889 -53.25 -54.44 -5.37
C ILE DC 889 -54.18 -55.58 -4.95
N VAL DC 890 -54.42 -56.52 -5.87
CA VAL DC 890 -55.38 -57.58 -5.62
C VAL DC 890 -54.71 -58.93 -5.38
N THR DC 891 -53.42 -59.08 -5.71
CA THR DC 891 -52.75 -60.35 -5.51
C THR DC 891 -51.31 -60.17 -5.06
N GLY DC 892 -50.54 -61.26 -5.06
CA GLY DC 892 -49.14 -61.21 -4.71
C GLY DC 892 -48.92 -61.16 -3.20
N LYS DC 893 -47.67 -60.89 -2.83
CA LYS DC 893 -47.32 -60.78 -1.41
C LYS DC 893 -48.02 -59.58 -0.78
N LEU DC 894 -48.23 -58.51 -1.53
CA LEU DC 894 -48.91 -57.33 -1.02
C LEU DC 894 -50.39 -57.41 -1.38
N LYS DC 895 -51.23 -57.52 -0.35
CA LYS DC 895 -52.67 -57.61 -0.52
C LYS DC 895 -53.33 -56.49 0.27
N GLY DC 896 -54.33 -55.85 -0.33
CA GLY DC 896 -54.96 -54.72 0.32
C GLY DC 896 -54.14 -53.45 0.24
N SER DC 897 -52.99 -53.49 -0.44
CA SER DC 897 -52.16 -52.33 -0.58
C SER DC 897 -52.75 -51.35 -1.58
N LYS DC 898 -52.50 -50.06 -1.36
CA LYS DC 898 -53.04 -49.01 -2.20
C LYS DC 898 -51.89 -48.26 -2.87
N LEU DC 899 -52.16 -47.70 -4.05
CA LEU DC 899 -51.12 -47.04 -4.81
C LEU DC 899 -51.73 -45.82 -5.48
N ILE DC 900 -51.29 -44.63 -5.09
CA ILE DC 900 -51.72 -43.38 -5.69
C ILE DC 900 -50.58 -42.80 -6.51
N GLY DC 901 -50.96 -42.19 -7.62
CA GLY DC 901 -50.01 -41.59 -8.56
C GLY DC 901 -50.74 -40.73 -9.56
N SER DC 902 -50.17 -40.60 -10.76
CA SER DC 902 -50.76 -39.72 -11.77
C SER DC 902 -50.47 -40.34 -13.14
N PHE DC 903 -50.78 -39.60 -14.20
CA PHE DC 903 -50.53 -40.01 -15.56
C PHE DC 903 -49.65 -38.98 -16.25
N ASN DC 904 -49.36 -39.24 -17.53
CA ASN DC 904 -48.58 -38.34 -18.36
C ASN DC 904 -49.32 -38.13 -19.68
N LEU DC 905 -49.20 -36.92 -20.21
CA LEU DC 905 -49.86 -36.58 -21.46
C LEU DC 905 -48.91 -36.84 -22.63
N PRO DC 906 -49.20 -37.81 -23.47
CA PRO DC 906 -48.36 -38.05 -24.65
C PRO DC 906 -48.75 -37.14 -25.82
N SER DC 907 -47.79 -36.99 -26.74
CA SER DC 907 -48.05 -36.23 -27.96
C SER DC 907 -49.13 -36.89 -28.80
N ASN DC 908 -49.14 -38.20 -28.89
CA ASN DC 908 -50.16 -38.95 -29.60
C ASN DC 908 -50.99 -39.75 -28.60
N ALA DC 909 -52.31 -39.70 -28.77
CA ALA DC 909 -53.24 -40.32 -27.83
C ALA DC 909 -53.50 -41.78 -28.14
N ASP DC 910 -52.60 -42.45 -28.86
CA ASP DC 910 -52.75 -43.85 -29.20
C ASP DC 910 -52.58 -44.77 -28.00
N LYS DC 911 -52.16 -44.26 -26.86
CA LYS DC 911 -51.94 -45.08 -25.68
C LYS DC 911 -52.03 -44.20 -24.44
N MET DC 912 -51.89 -44.84 -23.28
CA MET DC 912 -51.88 -44.14 -22.01
C MET DC 912 -51.23 -45.02 -20.96
N VAL DC 913 -50.35 -44.43 -20.16
CA VAL DC 913 -49.68 -45.13 -19.08
C VAL DC 913 -49.84 -44.30 -17.80
N ILE DC 914 -49.65 -44.96 -16.67
CA ILE DC 914 -49.91 -44.38 -15.36
C ILE DC 914 -48.61 -44.30 -14.59
N THR DC 915 -48.28 -43.10 -14.12
CA THR DC 915 -47.14 -42.90 -13.23
C THR DC 915 -47.62 -43.19 -11.81
N PHE DC 916 -47.20 -44.33 -11.26
CA PHE DC 916 -47.64 -44.78 -9.95
C PHE DC 916 -46.44 -44.87 -9.03
N ASN DC 917 -46.39 -43.99 -8.05
CA ASN DC 917 -45.21 -43.89 -7.20
C ASN DC 917 -45.51 -44.03 -5.72
N THR DC 918 -46.63 -43.50 -5.24
CA THR DC 918 -46.87 -43.45 -3.80
C THR DC 918 -47.64 -44.68 -3.37
N MET DC 919 -46.93 -45.64 -2.79
CA MET DC 919 -47.49 -46.93 -2.38
C MET DC 919 -47.64 -46.93 -0.86
N SER DC 920 -48.82 -47.33 -0.39
CA SER DC 920 -49.08 -47.52 1.03
C SER DC 920 -49.55 -48.95 1.26
N ILE DC 921 -48.82 -49.69 2.07
CA ILE DC 921 -49.08 -51.10 2.35
C ILE DC 921 -49.72 -51.18 3.73
N PRO DC 922 -50.73 -52.04 3.93
CA PRO DC 922 -51.35 -52.14 5.26
C PRO DC 922 -50.40 -52.70 6.30
N GLY DC 923 -50.87 -52.79 7.55
CA GLY DC 923 -50.05 -53.29 8.63
C GLY DC 923 -49.33 -52.22 9.42
N ALA DC 924 -48.34 -51.56 8.82
CA ALA DC 924 -47.55 -50.56 9.50
C ALA DC 924 -47.71 -49.20 8.82
N GLU DC 925 -47.65 -48.15 9.63
CA GLU DC 925 -47.83 -46.78 9.15
C GLU DC 925 -46.53 -46.33 8.47
N LYS DC 926 -46.43 -46.66 7.19
CA LYS DC 926 -45.27 -46.30 6.38
C LYS DC 926 -45.75 -45.79 5.03
N THR DC 927 -44.85 -45.13 4.31
CA THR DC 927 -45.17 -44.59 2.99
C THR DC 927 -43.94 -44.73 2.11
N ILE DC 928 -43.91 -45.82 1.34
CA ILE DC 928 -42.81 -46.07 0.40
C ILE DC 928 -43.09 -45.31 -0.89
N SER DC 929 -42.07 -45.21 -1.75
CA SER DC 929 -42.21 -44.44 -2.98
C SER DC 929 -41.76 -45.23 -4.20
N ILE DC 930 -42.18 -46.49 -4.30
CA ILE DC 930 -41.86 -47.31 -5.46
C ILE DC 930 -42.62 -46.77 -6.66
N SER DC 931 -41.89 -46.38 -7.70
CA SER DC 931 -42.46 -45.79 -8.89
C SER DC 931 -42.41 -46.82 -10.02
N ALA DC 932 -43.55 -47.03 -10.66
CA ALA DC 932 -43.65 -48.02 -11.73
C ALA DC 932 -44.77 -47.58 -12.68
N TYR DC 933 -44.91 -48.31 -13.79
CA TYR DC 933 -45.91 -48.02 -14.80
C TYR DC 933 -46.83 -49.24 -14.97
N ALA DC 934 -47.77 -49.12 -15.91
CA ALA DC 934 -48.83 -50.10 -16.07
C ALA DC 934 -48.92 -50.59 -17.51
N ILE DC 935 -49.33 -51.85 -17.67
CA ILE DC 935 -49.57 -52.45 -18.96
C ILE DC 935 -50.95 -53.10 -18.93
N ASP DC 936 -51.64 -53.06 -20.06
CA ASP DC 936 -53.00 -53.57 -20.13
C ASP DC 936 -53.01 -55.09 -19.97
N PRO DC 937 -53.72 -55.62 -18.98
CA PRO DC 937 -53.81 -57.07 -18.83
C PRO DC 937 -54.52 -57.71 -20.02
N ASN DC 938 -54.12 -58.95 -20.33
CA ASN DC 938 -54.56 -59.72 -21.48
C ASN DC 938 -54.28 -59.02 -22.79
N THR DC 939 -53.47 -57.96 -22.79
CA THR DC 939 -53.12 -57.25 -24.01
C THR DC 939 -51.61 -57.14 -24.12
N ALA DC 940 -50.93 -57.00 -22.99
CA ALA DC 940 -49.48 -56.91 -22.92
C ALA DC 940 -48.95 -55.78 -23.79
N ARG DC 941 -49.63 -54.63 -23.70
CA ARG DC 941 -49.24 -53.43 -24.42
C ARG DC 941 -49.38 -52.23 -23.49
N THR DC 942 -49.00 -51.06 -24.01
CA THR DC 942 -49.09 -49.81 -23.26
C THR DC 942 -50.29 -48.98 -23.66
N ALA DC 943 -51.18 -49.51 -24.50
CA ALA DC 943 -52.34 -48.75 -24.95
C ALA DC 943 -53.41 -48.69 -23.88
N LEU DC 944 -54.37 -47.78 -24.07
CA LEU DC 944 -55.50 -47.63 -23.17
C LEU DC 944 -56.80 -47.92 -23.92
N ALA DC 945 -57.71 -48.63 -23.25
CA ALA DC 945 -59.01 -48.97 -23.83
C ALA DC 945 -59.96 -47.80 -23.62
N SER DC 946 -60.14 -47.01 -24.67
CA SER DC 946 -61.04 -45.87 -24.64
C SER DC 946 -61.37 -45.50 -26.08
N ARG DC 947 -61.99 -44.33 -26.24
CA ARG DC 947 -62.33 -43.82 -27.56
C ARG DC 947 -61.31 -42.78 -28.01
N THR DC 948 -61.02 -42.81 -29.31
CA THR DC 948 -59.98 -41.95 -29.88
C THR DC 948 -60.48 -40.97 -30.92
N ASN DC 949 -61.75 -41.06 -31.34
CA ASN DC 949 -62.30 -40.20 -32.37
C ASN DC 949 -63.11 -39.05 -31.76
N HIS DC 950 -62.62 -38.51 -30.64
CA HIS DC 950 -63.41 -37.53 -29.89
C HIS DC 950 -63.65 -36.25 -30.68
N HIS DC 951 -62.61 -35.68 -31.28
CA HIS DC 951 -62.70 -34.32 -31.79
C HIS DC 951 -62.03 -34.20 -33.15
N TYR DC 952 -62.42 -35.08 -34.08
CA TYR DC 952 -62.11 -34.89 -35.49
C TYR DC 952 -63.29 -34.31 -36.26
N LEU DC 953 -64.45 -34.97 -36.15
CA LEU DC 953 -65.60 -34.63 -36.98
C LEU DC 953 -66.13 -33.24 -36.68
N MET DC 954 -66.15 -32.83 -35.41
CA MET DC 954 -66.72 -31.53 -35.07
C MET DC 954 -65.96 -30.40 -35.76
N ARG DC 955 -64.63 -30.38 -35.60
CA ARG DC 955 -63.85 -29.34 -36.22
C ARG DC 955 -63.85 -29.45 -37.74
N TYR DC 956 -63.78 -30.68 -38.28
CA TYR DC 956 -63.87 -30.84 -39.72
C TYR DC 956 -65.14 -30.22 -40.27
N GLY DC 957 -66.29 -30.55 -39.67
CA GLY DC 957 -67.55 -30.04 -40.15
C GLY DC 957 -67.67 -28.54 -39.99
N SER DC 958 -67.23 -28.00 -38.85
CA SER DC 958 -67.30 -26.56 -38.66
C SER DC 958 -66.50 -25.82 -39.72
N LEU DC 959 -65.25 -26.23 -39.92
CA LEU DC 959 -64.40 -25.58 -40.91
C LEU DC 959 -64.99 -25.70 -42.31
N PHE DC 960 -65.41 -26.92 -42.68
CA PHE DC 960 -65.93 -27.13 -44.03
C PHE DC 960 -67.20 -26.32 -44.26
N ALA DC 961 -68.09 -26.26 -43.28
CA ALA DC 961 -69.31 -25.48 -43.44
C ALA DC 961 -69.01 -23.99 -43.55
N SER DC 962 -68.09 -23.48 -42.74
CA SER DC 962 -67.74 -22.06 -42.86
C SER DC 962 -67.18 -21.75 -44.24
N SER DC 963 -66.28 -22.60 -44.74
CA SER DC 963 -65.72 -22.39 -46.06
C SER DC 963 -66.80 -22.45 -47.14
N PHE DC 964 -67.70 -23.43 -47.04
CA PHE DC 964 -68.76 -23.55 -48.03
C PHE DC 964 -69.66 -22.33 -48.02
N LEU DC 965 -69.95 -21.79 -46.82
CA LEU DC 965 -70.74 -20.56 -46.74
C LEU DC 965 -70.05 -19.42 -47.48
N GLN DC 966 -68.76 -19.22 -47.20
CA GLN DC 966 -68.02 -18.17 -47.89
C GLN DC 966 -68.11 -18.34 -49.39
N GLY DC 967 -67.83 -19.56 -49.86
CA GLY DC 967 -67.83 -19.81 -51.30
C GLY DC 967 -69.19 -19.58 -51.92
N PHE DC 968 -70.25 -20.02 -51.26
CA PHE DC 968 -71.57 -19.88 -51.86
C PHE DC 968 -71.95 -18.42 -51.99
N GLY DC 969 -71.77 -17.66 -50.90
CA GLY DC 969 -72.08 -16.25 -50.98
C GLY DC 969 -71.30 -15.55 -52.08
N ASN DC 970 -69.98 -15.73 -52.10
CA ASN DC 970 -69.19 -14.97 -53.07
C ASN DC 970 -69.46 -15.40 -54.49
N ALA DC 971 -69.56 -16.70 -54.76
CA ALA DC 971 -69.74 -17.15 -56.14
C ALA DC 971 -71.11 -16.78 -56.67
N PHE DC 972 -72.18 -16.97 -55.88
CA PHE DC 972 -73.48 -16.57 -56.38
C PHE DC 972 -73.63 -15.06 -56.45
N GLN DC 973 -72.86 -14.29 -55.67
CA GLN DC 973 -72.82 -12.85 -55.90
C GLN DC 973 -72.15 -12.52 -57.22
N SER DC 974 -71.02 -13.16 -57.51
CA SER DC 974 -70.26 -12.84 -58.71
C SER DC 974 -71.01 -13.24 -59.97
N ALA DC 975 -71.83 -14.29 -59.89
CA ALA DC 975 -72.53 -14.80 -61.07
C ALA DC 975 -73.76 -13.99 -61.43
N ASN DC 976 -73.88 -12.75 -60.91
CA ASN DC 976 -75.05 -11.93 -61.20
C ASN DC 976 -75.15 -11.55 -62.68
N THR DC 977 -74.05 -11.10 -63.29
CA THR DC 977 -74.12 -10.61 -64.66
C THR DC 977 -74.43 -11.73 -65.64
N THR DC 978 -73.80 -12.89 -65.48
CA THR DC 978 -74.01 -14.01 -66.38
C THR DC 978 -74.85 -15.10 -65.72
N SER DC 999 -84.62 -11.71 -55.16
CA SER DC 999 -84.02 -11.09 -53.99
C SER DC 999 -83.62 -12.14 -52.98
N THR DC 1000 -84.34 -13.26 -52.96
CA THR DC 1000 -84.04 -14.34 -52.03
C THR DC 1000 -82.66 -14.92 -52.28
N LEU DC 1001 -82.29 -15.11 -53.55
CA LEU DC 1001 -80.93 -15.54 -53.86
C LEU DC 1001 -79.91 -14.52 -53.39
N GLU DC 1002 -80.25 -13.23 -53.49
CA GLU DC 1002 -79.37 -12.20 -52.96
C GLU DC 1002 -79.20 -12.35 -51.46
N ASN DC 1003 -80.28 -12.63 -50.74
CA ASN DC 1003 -80.20 -12.80 -49.29
C ASN DC 1003 -79.39 -14.03 -48.92
N ALA DC 1004 -79.52 -15.10 -49.68
CA ALA DC 1004 -78.67 -16.27 -49.47
C ALA DC 1004 -77.20 -15.93 -49.67
N VAL DC 1005 -76.89 -15.22 -50.76
CA VAL DC 1005 -75.54 -14.73 -50.99
C VAL DC 1005 -75.06 -13.95 -49.78
N ILE DC 1006 -75.91 -13.04 -49.29
CA ILE DC 1006 -75.60 -12.22 -48.14
C ILE DC 1006 -75.17 -13.08 -46.97
N GLY DC 1007 -76.08 -13.94 -46.51
CA GLY DC 1007 -75.82 -14.71 -45.30
C GLY DC 1007 -74.58 -15.56 -45.44
N LEU DC 1008 -74.46 -16.27 -46.56
CA LEU DC 1008 -73.32 -17.17 -46.75
C LEU DC 1008 -72.01 -16.38 -46.78
N ALA DC 1009 -71.90 -15.44 -47.74
CA ALA DC 1009 -70.65 -14.72 -47.94
C ALA DC 1009 -70.24 -13.92 -46.72
N THR DC 1010 -71.16 -13.59 -45.82
CA THR DC 1010 -70.73 -12.78 -44.71
C THR DC 1010 -70.56 -13.55 -43.40
N VAL DC 1011 -71.35 -14.58 -43.14
CA VAL DC 1011 -71.17 -15.35 -41.92
C VAL DC 1011 -70.15 -16.46 -42.08
N GLY DC 1012 -69.77 -16.81 -43.31
CA GLY DC 1012 -68.74 -17.83 -43.47
C GLY DC 1012 -67.37 -17.40 -42.98
N LYS DC 1013 -67.04 -16.12 -43.15
CA LYS DC 1013 -65.66 -15.69 -42.98
C LYS DC 1013 -65.22 -15.67 -41.52
N ALA DC 1014 -66.01 -15.00 -40.66
CA ALA DC 1014 -65.67 -14.97 -39.24
C ALA DC 1014 -65.69 -16.37 -38.65
N TRP DC 1015 -66.67 -17.18 -39.05
CA TRP DC 1015 -66.69 -18.57 -38.61
C TRP DC 1015 -65.46 -19.33 -39.08
N SER DC 1016 -64.99 -19.08 -40.30
CA SER DC 1016 -63.83 -19.77 -40.82
C SER DC 1016 -62.58 -19.42 -40.02
N GLN DC 1017 -62.38 -18.12 -39.75
CA GLN DC 1017 -61.19 -17.74 -39.00
C GLN DC 1017 -61.26 -18.26 -37.55
N GLN DC 1018 -62.43 -18.21 -36.93
CA GLN DC 1018 -62.55 -18.77 -35.59
C GLN DC 1018 -62.29 -20.27 -35.58
N ALA DC 1019 -62.82 -20.98 -36.57
CA ALA DC 1019 -62.61 -22.41 -36.66
C ALA DC 1019 -61.14 -22.76 -36.86
N GLN DC 1020 -60.44 -22.00 -37.70
CA GLN DC 1020 -59.01 -22.22 -37.84
C GLN DC 1020 -58.29 -21.93 -36.53
N GLN DC 1021 -58.76 -20.94 -35.77
CA GLN DC 1021 -58.18 -20.66 -34.47
C GLN DC 1021 -58.35 -21.83 -33.52
N LEU DC 1022 -59.52 -22.48 -33.54
CA LEU DC 1022 -59.84 -23.54 -32.59
C LEU DC 1022 -59.62 -24.93 -33.15
N PHE DC 1023 -59.02 -25.05 -34.34
CA PHE DC 1023 -58.97 -26.34 -35.03
C PHE DC 1023 -57.94 -27.29 -34.43
N ASN DC 1024 -57.12 -26.81 -33.49
CA ASN DC 1024 -55.93 -27.53 -33.07
C ASN DC 1024 -56.09 -28.30 -31.75
N THR DC 1025 -57.31 -28.46 -31.24
CA THR DC 1025 -57.49 -29.20 -30.00
C THR DC 1025 -57.32 -30.69 -30.23
N PRO DC 1026 -56.47 -31.37 -29.46
CA PRO DC 1026 -56.24 -32.80 -29.66
C PRO DC 1026 -57.41 -33.64 -29.11
N THR DC 1027 -57.33 -34.94 -29.35
CA THR DC 1027 -58.34 -35.89 -28.90
C THR DC 1027 -57.95 -36.43 -27.53
N THR DC 1028 -58.85 -36.30 -26.57
CA THR DC 1028 -58.61 -36.79 -25.22
C THR DC 1028 -58.82 -38.30 -25.14
N VAL DC 1029 -58.22 -38.90 -24.12
CA VAL DC 1029 -58.43 -40.31 -23.79
C VAL DC 1029 -58.80 -40.39 -22.32
N GLU DC 1030 -59.75 -41.28 -22.02
CA GLU DC 1030 -60.30 -41.37 -20.67
C GLU DC 1030 -60.38 -42.84 -20.24
N VAL DC 1031 -59.75 -43.16 -19.11
CA VAL DC 1031 -59.86 -44.49 -18.55
C VAL DC 1031 -61.26 -44.67 -17.95
N TYR DC 1032 -61.59 -45.93 -17.66
CA TYR DC 1032 -62.88 -46.26 -17.09
C TYR DC 1032 -62.72 -46.70 -15.63
N SER DC 1033 -63.84 -46.79 -14.92
CA SER DC 1033 -63.84 -46.96 -13.49
C SER DC 1033 -63.77 -48.42 -13.04
N GLY DC 1034 -63.74 -49.37 -13.97
CA GLY DC 1034 -63.77 -50.77 -13.58
C GLY DC 1034 -62.79 -51.64 -14.33
N THR DC 1035 -61.62 -51.11 -14.64
CA THR DC 1035 -60.61 -51.83 -15.40
C THR DC 1035 -59.44 -52.20 -14.49
N GLY DC 1036 -58.97 -53.43 -14.62
CA GLY DC 1036 -57.78 -53.86 -13.92
C GLY DC 1036 -56.53 -53.47 -14.69
N LEU DC 1037 -55.39 -53.77 -14.08
CA LEU DC 1037 -54.11 -53.41 -14.69
C LEU DC 1037 -52.99 -54.26 -14.08
N GLY DC 1038 -51.88 -54.32 -14.81
CA GLY DC 1038 -50.67 -54.95 -14.32
C GLY DC 1038 -49.56 -53.91 -14.22
N ILE DC 1039 -48.66 -54.15 -13.27
CA ILE DC 1039 -47.59 -53.21 -12.93
C ILE DC 1039 -46.25 -53.92 -13.03
N LEU DC 1040 -45.36 -53.39 -13.86
CA LEU DC 1040 -43.98 -53.85 -13.88
C LEU DC 1040 -43.13 -52.89 -13.06
N PHE DC 1041 -42.39 -53.44 -12.11
CA PHE DC 1041 -41.62 -52.61 -11.18
C PHE DC 1041 -40.42 -51.99 -11.88
N THR DC 1042 -39.85 -50.98 -11.22
CA THR DC 1042 -38.67 -50.30 -11.74
C THR DC 1042 -37.52 -50.32 -10.74
N GLN DC 1043 -37.80 -50.13 -9.45
CA GLN DC 1043 -36.77 -50.18 -8.42
C GLN DC 1043 -37.22 -51.12 -7.32
N ASP DC 1044 -36.27 -51.50 -6.46
CA ASP DC 1044 -36.55 -52.44 -5.39
C ASP DC 1044 -36.88 -51.70 -4.10
N VAL DC 1045 -37.52 -52.40 -3.16
CA VAL DC 1045 -37.91 -51.85 -1.87
C VAL DC 1045 -37.54 -52.87 -0.79
N THR DC 1046 -37.89 -52.54 0.45
CA THR DC 1046 -37.62 -53.42 1.58
C THR DC 1046 -38.91 -54.02 2.13
N UNK EC 1 -90.38 80.50 50.28
CA UNK EC 1 -91.23 81.42 49.55
C UNK EC 1 -92.10 82.24 50.49
N UNK EC 2 -93.41 82.00 50.45
CA UNK EC 2 -94.38 82.68 51.31
C UNK EC 2 -94.30 84.19 51.17
N UNK EC 3 -94.17 84.66 49.93
CA UNK EC 3 -94.08 86.10 49.68
C UNK EC 3 -94.57 86.39 48.28
N UNK EC 4 -94.98 87.64 48.09
CA UNK EC 4 -95.46 88.12 46.79
C UNK EC 4 -94.76 89.39 46.34
N UNK EC 5 -94.41 90.28 47.26
CA UNK EC 5 -93.80 91.55 46.89
C UNK EC 5 -93.01 92.11 48.06
N UNK EC 6 -92.11 93.05 47.76
CA UNK EC 6 -91.30 93.71 48.76
C UNK EC 6 -92.02 94.97 49.23
N UNK EC 7 -93.08 94.76 50.01
CA UNK EC 7 -93.83 95.87 50.56
C UNK EC 7 -92.93 96.69 51.49
N UNK EC 8 -92.96 98.01 51.33
CA UNK EC 8 -92.15 98.92 52.12
C UNK EC 8 -93.06 99.74 53.03
N UNK EC 9 -92.77 99.72 54.33
CA UNK EC 9 -93.55 100.44 55.33
C UNK EC 9 -95.02 100.06 55.30
N UNK FC 1 -14.18 -43.94 107.76
CA UNK FC 1 -13.18 -42.89 107.66
C UNK FC 1 -13.82 -41.52 107.80
N UNK FC 2 -14.98 -41.34 107.17
CA UNK FC 2 -15.71 -40.08 107.18
C UNK FC 2 -17.03 -40.29 107.91
N UNK FC 3 -17.26 -39.47 108.94
CA UNK FC 3 -18.48 -39.52 109.72
C UNK FC 3 -19.04 -38.11 109.87
N UNK FC 4 -20.35 -37.98 109.71
CA UNK FC 4 -21.00 -36.67 109.77
C UNK FC 4 -21.01 -36.07 111.18
N UNK FC 5 -20.78 -36.88 112.21
CA UNK FC 5 -20.82 -36.37 113.58
C UNK FC 5 -19.71 -35.33 113.80
N UNK FC 6 -18.50 -35.63 113.34
CA UNK FC 6 -17.40 -34.68 113.49
C UNK FC 6 -17.68 -33.39 112.73
N UNK FC 7 -18.20 -33.51 111.50
CA UNK FC 7 -18.51 -32.32 110.72
C UNK FC 7 -19.58 -31.47 111.40
N UNK FC 8 -20.63 -32.12 111.92
CA UNK FC 8 -21.68 -31.36 112.60
C UNK FC 8 -21.15 -30.68 113.84
N UNK FC 9 -20.31 -31.38 114.62
CA UNK FC 9 -19.74 -30.77 115.82
C UNK FC 9 -18.86 -29.58 115.46
N UNK FC 10 -18.03 -29.71 114.43
CA UNK FC 10 -17.18 -28.62 114.01
C UNK FC 10 -18.00 -27.43 113.53
N UNK FC 11 -19.07 -27.69 112.77
CA UNK FC 11 -19.92 -26.61 112.29
C UNK FC 11 -20.60 -25.90 113.46
N UNK FC 12 -21.09 -26.65 114.44
CA UNK FC 12 -21.73 -26.03 115.60
C UNK FC 12 -20.73 -25.21 116.40
N UNK FC 13 -19.51 -25.72 116.58
CA UNK FC 13 -18.50 -24.97 117.30
C UNK FC 13 -18.12 -23.69 116.56
N UNK FC 14 -17.98 -23.77 115.24
CA UNK FC 14 -17.68 -22.58 114.45
C UNK FC 14 -18.81 -21.56 114.54
N UNK FC 15 -20.05 -22.03 114.55
CA UNK FC 15 -21.19 -21.12 114.69
C UNK FC 15 -21.17 -20.44 116.06
N UNK FC 16 -21.06 -21.22 117.12
CA UNK FC 16 -20.95 -20.67 118.47
C UNK FC 16 -19.49 -20.52 118.90
N UNK FC 17 -18.67 -19.96 118.02
CA UNK FC 17 -17.29 -19.66 118.38
C UNK FC 17 -17.20 -18.36 119.17
N UNK FC 18 -18.21 -17.51 119.07
CA UNK FC 18 -18.26 -16.24 119.78
C UNK FC 18 -17.03 -15.39 119.47
N UNK FC 19 -16.74 -15.22 118.19
CA UNK FC 19 -15.59 -14.45 117.75
C UNK FC 19 -16.06 -13.37 116.79
N UNK FC 20 -16.22 -12.14 117.29
CA UNK FC 20 -16.64 -11.02 116.46
C UNK FC 20 -16.24 -9.73 117.17
N UNK FC 21 -15.29 -9.00 116.60
CA UNK FC 21 -14.87 -7.69 117.10
C UNK FC 21 -14.95 -6.68 115.96
N UNK FC 22 -15.32 -5.45 116.30
CA UNK FC 22 -15.59 -4.43 115.29
C UNK FC 22 -14.82 -3.15 115.57
N UNK FC 23 -14.51 -2.43 114.51
CA UNK FC 23 -13.86 -1.13 114.59
C UNK FC 23 -14.25 -0.32 113.36
N UNK FC 24 -14.58 0.94 113.57
CA UNK FC 24 -15.05 1.81 112.51
C UNK FC 24 -14.04 2.94 112.26
N UNK FC 25 -14.06 3.44 111.04
CA UNK FC 25 -13.24 4.58 110.63
C UNK FC 25 -14.15 5.74 110.27
N UNK FC 26 -13.88 6.91 110.83
CA UNK FC 26 -14.70 8.08 110.62
C UNK FC 26 -14.34 8.72 109.28
N UNK FC 27 -14.84 9.94 109.05
CA UNK FC 27 -14.57 10.64 107.79
C UNK FC 27 -13.08 10.90 107.62
N UNK FC 28 -12.39 11.32 108.69
CA UNK FC 28 -10.97 11.56 108.67
C UNK FC 28 -10.16 10.32 109.05
N UNK FC 29 -10.74 9.13 108.83
CA UNK FC 29 -10.09 7.85 109.15
C UNK FC 29 -9.72 7.76 110.62
N UNK FC 30 -10.51 8.40 111.47
CA UNK FC 30 -10.34 8.28 112.91
C UNK FC 30 -10.88 6.92 113.36
N UNK FC 31 -10.08 6.20 114.14
CA UNK FC 31 -10.43 4.84 114.56
C UNK FC 31 -11.27 4.85 115.81
N UNK FC 32 -12.33 4.03 115.81
CA UNK FC 32 -13.18 3.85 116.98
C UNK FC 32 -13.54 2.38 117.06
N UNK FC 33 -12.93 1.65 117.99
CA UNK FC 33 -13.14 0.23 118.13
C UNK FC 33 -14.19 -0.04 119.21
N UNK FC 34 -14.78 -1.23 119.14
CA UNK FC 34 -15.79 -1.66 120.09
C UNK FC 34 -15.22 -2.68 121.07
N UNK FC 35 -15.85 -2.76 122.24
CA UNK FC 35 -15.46 -3.76 123.22
C UNK FC 35 -15.77 -5.16 122.69
N UNK FC 36 -14.96 -6.12 123.13
CA UNK FC 36 -15.14 -7.50 122.70
C UNK FC 36 -16.52 -8.00 123.09
N UNK FC 37 -17.22 -8.61 122.14
CA UNK FC 37 -18.58 -9.09 122.36
C UNK FC 37 -18.79 -10.33 121.51
N UNK FC 38 -20.05 -10.76 121.41
CA UNK FC 38 -20.45 -11.94 120.65
C UNK FC 38 -19.66 -13.17 121.07
N UNK FC 39 -17.97 3.81 104.40
CA UNK FC 39 -16.78 3.80 105.24
C UNK FC 39 -17.17 3.91 106.72
N UNK FC 40 -18.47 4.07 106.98
CA UNK FC 40 -18.93 4.16 108.36
C UNK FC 40 -18.65 2.88 109.13
N UNK FC 41 -18.85 1.73 108.49
CA UNK FC 41 -18.57 0.44 109.13
C UNK FC 41 -18.22 -0.56 108.04
N UNK FC 42 -17.04 -1.17 108.14
CA UNK FC 42 -16.56 -2.05 107.10
C UNK FC 42 -17.11 -3.46 107.27
N UNK FC 43 -17.29 -4.16 106.15
CA UNK FC 43 -17.63 -5.57 106.20
C UNK FC 43 -16.49 -6.38 106.82
N UNK FC 44 -15.25 -6.04 106.47
CA UNK FC 44 -14.09 -6.69 107.07
C UNK FC 44 -13.82 -6.21 108.49
N UNK FC 45 -14.52 -5.16 108.95
CA UNK FC 45 -14.33 -4.70 110.32
C UNK FC 45 -14.71 -5.78 111.32
N UNK FC 46 -15.77 -6.53 111.03
CA UNK FC 46 -16.19 -7.64 111.90
C UNK FC 46 -15.21 -8.79 111.73
N UNK FC 47 -14.22 -8.84 112.61
CA UNK FC 47 -13.16 -9.84 112.54
C UNK FC 47 -13.36 -10.88 113.65
N UNK FC 48 -13.23 -12.15 113.29
CA UNK FC 48 -13.37 -13.23 114.25
C UNK FC 48 -12.07 -13.46 115.01
N LYS GC 24 -116.98 66.95 39.67
CA LYS GC 24 -117.48 65.82 38.89
C LYS GC 24 -116.48 64.68 38.87
N PHE GC 25 -115.39 64.86 38.13
CA PHE GC 25 -114.35 63.83 38.02
C PHE GC 25 -113.45 63.92 39.23
N LYS GC 26 -113.48 62.89 40.08
CA LYS GC 26 -112.63 62.80 41.25
C LYS GC 26 -111.75 61.57 41.10
N LYS GC 27 -110.50 61.80 40.72
CA LYS GC 27 -109.57 60.70 40.53
C LYS GC 27 -109.04 60.20 41.87
N PRO GC 28 -108.63 58.94 41.94
CA PRO GC 28 -107.98 58.43 43.14
C PRO GC 28 -106.53 58.86 43.16
N PRO GC 29 -105.84 58.71 44.30
CA PRO GC 29 -104.40 58.96 44.32
C PRO GC 29 -103.69 58.09 43.30
N ILE GC 30 -102.66 58.66 42.68
CA ILE GC 30 -102.03 58.00 41.53
C ILE GC 30 -101.40 56.68 41.96
N ASN GC 31 -100.59 56.71 43.01
CA ASN GC 31 -99.86 55.52 43.45
C ASN GC 31 -100.62 54.77 44.53
N ASN GC 32 -101.87 54.46 44.27
CA ASN GC 32 -102.65 53.68 45.22
C ASN GC 32 -102.20 52.23 45.18
N PRO GC 33 -101.91 51.62 46.31
CA PRO GC 33 -101.58 50.19 46.32
C PRO GC 33 -102.80 49.35 45.99
N SER GC 34 -103.19 49.35 44.72
CA SER GC 34 -104.39 48.62 44.32
C SER GC 34 -104.22 47.11 44.43
N ASP GC 35 -102.98 46.62 44.51
CA ASP GC 35 -102.72 45.19 44.56
C ASP GC 35 -102.52 44.74 46.00
N ASP GC 36 -102.93 43.49 46.26
CA ASP GC 36 -102.82 42.92 47.60
C ASP GC 36 -101.36 42.85 48.06
N ALA GC 37 -100.47 42.42 47.17
CA ALA GC 37 -99.06 42.34 47.52
C ALA GC 37 -98.51 43.72 47.86
N THR GC 38 -98.89 44.72 47.07
CA THR GC 38 -98.45 46.09 47.35
C THR GC 38 -98.98 46.55 48.71
N ILE GC 39 -100.23 46.23 49.01
CA ILE GC 39 -100.81 46.59 50.31
C ILE GC 39 -100.00 45.96 51.44
N LYS GC 40 -99.71 44.66 51.31
CA LYS GC 40 -98.96 43.98 52.35
C LYS GC 40 -97.57 44.59 52.50
N LEU GC 41 -96.93 44.89 51.38
CA LEU GC 41 -95.60 45.48 51.45
C LEU GC 41 -95.63 46.83 52.15
N ALA GC 42 -96.62 47.66 51.80
CA ALA GC 42 -96.70 48.99 52.41
C ALA GC 42 -96.97 48.91 53.90
N GLU GC 43 -97.87 48.03 54.31
CA GLU GC 43 -98.14 47.92 55.74
C GLU GC 43 -96.94 47.34 56.47
N ALA GC 44 -96.20 46.43 55.85
CA ALA GC 44 -94.98 45.94 56.46
C ALA GC 44 -93.96 47.06 56.63
N ALA GC 45 -93.87 47.93 55.62
CA ALA GC 45 -92.98 49.09 55.74
C ALA GC 45 -93.39 49.98 56.90
N VAL GC 46 -94.69 50.22 57.04
CA VAL GC 46 -95.18 51.01 58.17
C VAL GC 46 -94.78 50.36 59.48
N SER GC 47 -94.96 49.05 59.57
CA SER GC 47 -94.65 48.32 60.80
C SER GC 47 -93.18 48.46 61.16
N VAL GC 48 -92.30 48.21 60.18
CA VAL GC 48 -90.87 48.24 60.46
C VAL GC 48 -90.43 49.66 60.80
N SER GC 49 -91.03 50.67 60.14
CA SER GC 49 -90.72 52.05 60.48
C SER GC 49 -91.09 52.34 61.93
N ASP GC 50 -92.28 51.91 62.35
CA ASP GC 50 -92.69 52.14 63.72
C ASP GC 50 -91.76 51.42 64.70
N SER GC 51 -91.40 50.19 64.39
CA SER GC 51 -90.52 49.44 65.29
C SER GC 51 -89.16 50.11 65.41
N MET GC 52 -88.60 50.58 64.29
CA MET GC 52 -87.34 51.27 64.33
C MET GC 52 -87.44 52.56 65.14
N LEU GC 53 -88.55 53.29 64.98
CA LEU GC 53 -88.74 54.50 65.76
C LEU GC 53 -88.79 54.18 67.26
N GLU GC 54 -89.47 53.10 67.61
CA GLU GC 54 -89.52 52.69 69.02
C GLU GC 54 -88.12 52.37 69.54
N MET GC 55 -87.34 51.65 68.75
CA MET GC 55 -85.97 51.33 69.15
C MET GC 55 -85.17 52.61 69.38
N ALA GC 56 -85.28 53.55 68.45
CA ALA GC 56 -84.51 54.79 68.56
C ALA GC 56 -84.91 55.58 69.80
N LYS GC 57 -86.22 55.67 70.06
CA LYS GC 57 -86.69 56.43 71.21
C LYS GC 57 -86.24 55.77 72.52
N VAL GC 58 -86.38 54.45 72.62
CA VAL GC 58 -86.00 53.79 73.86
C VAL GC 58 -84.49 53.79 74.06
N GLU GC 59 -83.71 53.88 72.99
CA GLU GC 59 -82.26 53.93 73.14
C GLU GC 59 -81.74 55.34 73.40
N LYS GC 60 -82.44 56.36 72.91
CA LYS GC 60 -81.93 57.72 72.95
C LYS GC 60 -81.69 58.19 74.38
N VAL GC 61 -80.58 58.89 74.58
CA VAL GC 61 -80.22 59.48 75.86
C VAL GC 61 -80.55 60.96 75.82
N ILE GC 62 -81.20 61.47 76.87
CA ILE GC 62 -81.67 62.85 76.91
C ILE GC 62 -81.12 63.52 78.14
N THR GC 63 -80.48 64.68 77.94
CA THR GC 63 -80.02 65.50 79.04
C THR GC 63 -80.97 66.67 79.24
N PRO GC 64 -81.63 66.78 80.39
CA PRO GC 64 -82.57 67.88 80.60
C PRO GC 64 -81.87 69.22 80.54
N PRO GC 65 -82.50 70.24 79.95
CA PRO GC 65 -81.87 71.57 79.90
C PRO GC 65 -81.86 72.30 81.24
N SER GC 66 -82.34 71.67 82.31
CA SER GC 66 -82.35 72.33 83.61
C SER GC 66 -80.93 72.59 84.09
N LYS GC 67 -80.08 71.56 84.08
CA LYS GC 67 -78.74 71.66 84.65
C LYS GC 67 -77.66 71.33 83.63
N ASP GC 68 -77.93 71.57 82.35
CA ASP GC 68 -76.90 71.37 81.33
C ASP GC 68 -75.80 72.39 81.51
N ASN GC 69 -74.55 71.91 81.45
CA ASN GC 69 -73.39 72.80 81.64
C ASN GC 69 -73.00 73.49 80.34
N THR GC 70 -73.98 74.11 79.71
CA THR GC 70 -73.77 74.91 78.51
C THR GC 70 -73.86 76.38 78.90
N LEU GC 71 -72.82 77.15 78.60
CA LEU GC 71 -72.81 78.56 78.94
C LEU GC 71 -73.98 79.28 78.30
N THR GC 72 -74.74 80.00 79.11
CA THR GC 72 -75.96 80.66 78.64
C THR GC 72 -75.61 81.98 77.95
N ILE GC 73 -76.62 82.77 77.66
CA ILE GC 73 -76.43 84.04 76.97
C ILE GC 73 -75.78 85.02 77.94
N PRO GC 74 -74.63 85.59 77.60
CA PRO GC 74 -73.97 86.54 78.53
C PRO GC 74 -74.82 87.75 78.86
N ASN GC 75 -75.67 88.21 77.93
CA ASN GC 75 -76.59 89.32 78.15
C ASN GC 75 -75.83 90.59 78.53
N ALA GC 76 -75.04 91.06 77.55
CA ALA GC 76 -74.32 92.32 77.67
C ALA GC 76 -74.47 93.11 76.38
N TYR GC 77 -74.64 94.43 76.51
CA TYR GC 77 -74.89 95.26 75.34
C TYR GC 77 -73.73 95.25 74.37
N ASN GC 78 -72.49 95.32 74.87
CA ASN GC 78 -71.34 95.40 73.99
C ASN GC 78 -71.12 94.12 73.20
N LEU GC 79 -71.68 93.00 73.65
CA LEU GC 79 -71.43 91.71 73.01
C LEU GC 79 -72.36 91.45 71.84
N GLN GC 80 -73.25 92.39 71.50
CA GLN GC 80 -74.21 92.18 70.44
C GLN GC 80 -73.66 92.57 69.07
N ALA GC 81 -72.40 92.98 68.98
CA ALA GC 81 -71.84 93.37 67.71
C ALA GC 81 -71.74 92.18 66.77
N ARG GC 82 -71.75 92.47 65.47
CA ARG GC 82 -71.73 91.46 64.42
C ARG GC 82 -70.42 91.52 63.67
N ALA GC 83 -69.89 90.37 63.29
CA ALA GC 83 -68.61 90.28 62.60
C ALA GC 83 -68.50 88.93 61.93
N SER GC 84 -67.48 88.79 61.07
CA SER GC 84 -67.14 87.53 60.42
C SER GC 84 -65.77 87.11 60.91
N VAL GC 85 -65.65 85.86 61.34
CA VAL GC 85 -64.40 85.37 61.93
C VAL GC 85 -64.10 83.97 61.43
N ASP GC 86 -62.86 83.75 61.02
CA ASP GC 86 -62.38 82.43 60.64
C ASP GC 86 -61.08 82.17 61.38
N TRP GC 87 -60.94 80.97 61.93
CA TRP GC 87 -59.75 80.59 62.68
C TRP GC 87 -59.76 79.08 62.86
N SER GC 88 -58.56 78.51 63.02
CA SER GC 88 -58.43 77.08 63.28
C SER GC 88 -57.11 76.87 64.01
N GLY GC 89 -57.19 76.65 65.31
CA GLY GC 89 -56.00 76.38 66.10
C GLY GC 89 -56.16 76.69 67.57
N PRO GC 90 -55.10 77.22 68.17
CA PRO GC 90 -55.14 77.53 69.61
C PRO GC 90 -56.26 78.50 69.97
N ILE GC 91 -56.47 78.62 71.28
CA ILE GC 91 -57.63 79.31 71.81
C ILE GC 91 -57.28 80.62 72.50
N GLU GC 92 -56.10 80.72 73.13
CA GLU GC 92 -55.78 81.87 73.95
C GLU GC 92 -55.72 83.15 73.12
N GLU GC 93 -55.07 83.11 71.97
CA GLU GC 93 -54.99 84.29 71.13
C GLU GC 93 -56.37 84.73 70.66
N LEU GC 94 -57.21 83.76 70.28
CA LEU GC 94 -58.55 84.10 69.83
C LEU GC 94 -59.35 84.77 70.93
N THR GC 95 -59.32 84.20 72.14
CA THR GC 95 -60.12 84.79 73.21
C THR GC 95 -59.56 86.13 73.67
N ALA GC 96 -58.23 86.30 73.62
CA ALA GC 96 -57.67 87.60 73.94
C ALA GC 96 -58.11 88.65 72.93
N ARG GC 97 -58.12 88.29 71.65
CA ARG GC 97 -58.60 89.22 70.62
C ARG GC 97 -60.07 89.54 70.83
N ILE GC 98 -60.87 88.54 71.21
CA ILE GC 98 -62.29 88.78 71.46
C ILE GC 98 -62.46 89.74 72.63
N ALA GC 99 -61.69 89.54 73.70
CA ALA GC 99 -61.74 90.44 74.84
C ALA GC 99 -61.33 91.86 74.43
N LYS GC 100 -60.31 91.98 73.58
CA LYS GC 100 -59.90 93.28 73.10
C LYS GC 100 -61.03 93.95 72.33
N ALA GC 101 -61.70 93.20 71.45
CA ALA GC 101 -62.81 93.76 70.70
C ALA GC 101 -63.96 94.16 71.60
N ALA GC 102 -64.15 93.42 72.69
CA ALA GC 102 -65.23 93.71 73.62
C ALA GC 102 -64.86 94.74 74.67
N HIS GC 103 -63.61 95.19 74.69
CA HIS GC 103 -63.12 96.13 75.70
C HIS GC 103 -63.27 95.55 77.10
N PHE GC 104 -62.96 94.27 77.23
CA PHE GC 104 -63.01 93.57 78.52
C PHE GC 104 -61.62 93.12 78.92
N ARG GC 105 -61.34 93.19 80.22
CA ARG GC 105 -60.12 92.58 80.73
C ARG GC 105 -60.18 91.07 80.56
N PHE GC 106 -59.02 90.46 80.40
CA PHE GC 106 -58.93 89.04 80.12
C PHE GC 106 -57.94 88.39 81.07
N ARG GC 107 -58.34 87.30 81.72
CA ARG GC 107 -57.46 86.61 82.65
C ARG GC 107 -57.55 85.11 82.45
N VAL GC 108 -56.48 84.42 82.85
CA VAL GC 108 -56.33 82.99 82.67
C VAL GC 108 -56.00 82.37 84.02
N LEU GC 109 -56.79 81.38 84.42
CA LEU GC 109 -56.56 80.61 85.65
C LEU GC 109 -56.27 79.17 85.23
N GLY GC 110 -55.00 78.81 85.20
CA GLY GC 110 -54.57 77.48 84.82
C GLY GC 110 -53.47 77.52 83.79
N LYS GC 111 -52.93 76.33 83.53
CA LYS GC 111 -51.81 76.14 82.61
C LYS GC 111 -52.26 75.27 81.46
N SER GC 112 -51.99 75.70 80.24
CA SER GC 112 -52.28 74.90 79.08
C SER GC 112 -51.38 73.67 79.06
N PRO GC 113 -51.93 72.47 78.86
CA PRO GC 113 -51.09 71.27 78.83
C PRO GC 113 -50.15 71.25 77.63
N SER GC 114 -49.36 70.18 77.51
CA SER GC 114 -48.41 70.08 76.41
C SER GC 114 -49.12 70.17 75.06
N VAL GC 115 -50.20 69.42 74.90
CA VAL GC 115 -51.00 69.50 73.68
C VAL GC 115 -51.96 70.66 73.85
N PRO GC 116 -51.87 71.70 73.02
CA PRO GC 116 -52.77 72.85 73.16
C PRO GC 116 -54.18 72.51 72.72
N VAL GC 117 -55.09 73.45 72.97
CA VAL GC 117 -56.46 73.30 72.54
C VAL GC 117 -56.53 73.44 71.03
N LEU GC 118 -57.14 72.46 70.37
CA LEU GC 118 -57.30 72.45 68.92
C LEU GC 118 -58.76 72.68 68.60
N ILE GC 119 -59.10 73.90 68.21
CA ILE GC 119 -60.47 74.26 67.88
C ILE GC 119 -60.47 75.06 66.58
N SER GC 120 -61.61 75.06 65.91
CA SER GC 120 -61.77 75.80 64.67
C SER GC 120 -63.17 76.35 64.60
N ILE GC 121 -63.31 77.50 63.96
CA ILE GC 121 -64.60 78.13 63.76
C ILE GC 121 -64.51 79.11 62.60
N SER GC 122 -65.46 79.04 61.68
CA SER GC 122 -65.46 79.88 60.49
C SER GC 122 -66.90 80.27 60.20
N THR GC 123 -67.22 81.55 60.37
CA THR GC 123 -68.55 82.06 60.08
C THR GC 123 -68.45 83.46 59.51
N LYS GC 124 -69.46 83.82 58.72
CA LYS GC 124 -69.51 85.10 58.03
C LYS GC 124 -70.33 86.14 58.77
N ASP GC 125 -71.13 85.74 59.76
CA ASP GC 125 -71.95 86.69 60.50
C ASP GC 125 -72.39 86.03 61.80
N GLU GC 126 -72.10 86.67 62.93
CA GLU GC 126 -72.45 86.13 64.24
C GLU GC 126 -72.19 87.21 65.28
N SER GC 127 -72.71 86.99 66.48
CA SER GC 127 -72.47 87.88 67.60
C SER GC 127 -71.54 87.20 68.60
N LEU GC 128 -70.77 88.03 69.31
CA LEU GC 128 -69.72 87.53 70.18
C LEU GC 128 -70.26 86.63 71.27
N ALA GC 129 -71.50 86.85 71.70
CA ALA GC 129 -72.09 86.01 72.74
C ALA GC 129 -72.13 84.55 72.33
N GLU GC 130 -72.88 84.25 71.27
CA GLU GC 130 -72.94 82.86 70.82
C GLU GC 130 -71.63 82.41 70.21
N ILE GC 131 -70.75 83.33 69.79
CA ILE GC 131 -69.41 82.93 69.41
C ILE GC 131 -68.69 82.30 70.58
N LEU GC 132 -68.75 82.96 71.74
CA LEU GC 132 -68.16 82.39 72.95
C LEU GC 132 -68.87 81.12 73.35
N ARG GC 133 -70.19 81.06 73.15
CA ARG GC 133 -70.93 79.84 73.44
C ARG GC 133 -70.39 78.68 72.62
N ASP GC 134 -70.17 78.90 71.33
CA ASP GC 134 -69.62 77.85 70.48
C ASP GC 134 -68.19 77.52 70.88
N ILE GC 135 -67.43 78.52 71.33
CA ILE GC 135 -66.08 78.25 71.82
C ILE GC 135 -66.14 77.30 73.01
N ASP GC 136 -67.04 77.57 73.95
CA ASP GC 136 -67.19 76.70 75.11
C ASP GC 136 -67.64 75.31 74.68
N TYR GC 137 -68.55 75.24 73.71
CA TYR GC 137 -69.03 73.95 73.24
C TYR GC 137 -67.89 73.13 72.64
N GLN GC 138 -67.02 73.77 71.86
CA GLN GC 138 -65.85 73.07 71.35
C GLN GC 138 -64.87 72.73 72.47
N ALA GC 139 -64.88 73.52 73.54
CA ALA GC 139 -63.93 73.32 74.63
C ALA GC 139 -64.15 72.01 75.38
N GLY GC 140 -65.29 71.35 75.18
CA GLY GC 140 -65.53 70.10 75.85
C GLY GC 140 -65.50 70.22 77.36
N LYS GC 141 -64.46 69.67 77.97
CA LYS GC 141 -64.36 69.66 79.43
C LYS GC 141 -63.07 70.25 79.97
N LYS GC 142 -61.98 70.27 79.19
CA LYS GC 142 -60.68 70.67 79.74
C LYS GC 142 -60.66 72.11 80.23
N ALA GC 143 -61.53 72.96 79.70
CA ALA GC 143 -61.53 74.36 80.10
C ALA GC 143 -62.94 74.92 80.01
N SER GC 144 -63.13 76.06 80.68
CA SER GC 144 -64.40 76.75 80.69
C SER GC 144 -64.14 78.25 80.63
N ILE GC 145 -65.19 79.00 80.35
CA ILE GC 145 -65.10 80.46 80.22
C ILE GC 145 -66.17 81.08 81.10
N HIS GC 146 -65.78 82.11 81.85
CA HIS GC 146 -66.71 82.82 82.72
C HIS GC 146 -66.64 84.31 82.41
N VAL GC 147 -67.78 84.97 82.57
CA VAL GC 147 -67.93 86.38 82.25
C VAL GC 147 -68.42 87.12 83.49
N TYR GC 148 -67.89 88.33 83.70
CA TYR GC 148 -68.36 89.21 84.76
C TYR GC 148 -68.65 90.58 84.15
N PRO GC 149 -69.90 91.02 84.16
CA PRO GC 149 -70.24 92.32 83.57
C PRO GC 149 -70.12 93.46 84.56
N ASN GC 150 -70.20 93.17 85.85
CA ASN GC 150 -70.01 94.19 86.88
C ASN GC 150 -68.66 94.86 86.69
N SER GC 151 -67.59 94.09 86.83
CA SER GC 151 -66.27 94.49 86.36
C SER GC 151 -66.03 93.77 85.04
N GLN GC 152 -65.87 94.53 83.96
CA GLN GC 152 -65.98 93.97 82.61
C GLN GC 152 -64.78 93.06 82.36
N VAL GC 153 -64.92 91.80 82.78
CA VAL GC 153 -63.81 90.87 82.71
C VAL GC 153 -64.29 89.52 82.19
N VAL GC 154 -63.36 88.79 81.56
CA VAL GC 154 -63.58 87.43 81.11
C VAL GC 154 -62.42 86.57 81.61
N GLU GC 155 -62.74 85.35 82.01
CA GLU GC 155 -61.76 84.44 82.58
C GLU GC 155 -61.81 83.10 81.84
N LEU GC 156 -60.63 82.58 81.50
CA LEU GC 156 -60.49 81.25 80.94
C LEU GC 156 -59.89 80.35 82.01
N ARG GC 157 -60.61 79.30 82.37
CA ARG GC 157 -60.24 78.44 83.49
C ARG GC 157 -59.94 77.04 82.99
N TYR GC 158 -58.78 76.51 83.35
CA TYR GC 158 -58.44 75.14 83.02
C TYR GC 158 -58.94 74.18 84.10
N ALA GC 159 -58.83 72.89 83.80
CA ALA GC 159 -59.13 71.85 84.77
C ALA GC 159 -57.84 71.18 85.23
N LYS GC 160 -57.92 70.53 86.39
CA LYS GC 160 -56.75 69.88 86.97
C LYS GC 160 -56.32 68.67 86.16
N ILE HC 208 -99.42 58.88 97.55
CA ILE HC 208 -100.73 58.73 96.94
C ILE HC 208 -100.91 59.73 95.81
N ILE HC 209 -101.22 59.23 94.61
CA ILE HC 209 -101.36 60.07 93.44
C ILE HC 209 -102.81 60.52 93.32
N TYR HC 210 -103.00 61.69 92.71
CA TYR HC 210 -104.33 62.27 92.54
C TYR HC 210 -104.50 62.67 91.08
N TYR HC 211 -105.77 62.78 90.67
CA TYR HC 211 -106.11 63.06 89.28
C TYR HC 211 -107.22 64.10 89.23
N ILE HC 212 -107.44 64.64 88.03
CA ILE HC 212 -108.48 65.62 87.79
C ILE HC 212 -109.63 64.94 87.06
N GLN HC 213 -110.84 65.09 87.60
CA GLN HC 213 -112.02 64.47 87.00
C GLN HC 213 -112.96 65.48 86.37
N ALA HC 214 -113.15 66.64 86.99
CA ALA HC 214 -113.96 67.69 86.42
C ALA HC 214 -113.49 69.01 87.00
N VAL HC 215 -113.36 70.03 86.15
CA VAL HC 215 -112.78 71.31 86.54
C VAL HC 215 -113.71 72.43 86.08
N ILE HC 216 -113.97 73.37 86.97
CA ILE HC 216 -114.76 74.56 86.65
C ILE HC 216 -113.97 75.77 87.14
N PRO HC 217 -114.22 76.95 86.57
CA PRO HC 217 -113.60 78.15 87.14
C PRO HC 217 -113.95 78.32 88.61
N GLY HC 218 -112.95 78.16 89.48
CA GLY HC 218 -113.17 78.27 90.90
C GLY HC 218 -113.14 76.95 91.65
N ARG HC 219 -113.70 75.89 91.04
CA ARG HC 219 -113.84 74.61 91.71
C ARG HC 219 -113.42 73.48 90.79
N ALA HC 220 -112.86 72.43 91.39
CA ALA HC 220 -112.38 71.28 90.64
C ALA HC 220 -112.74 70.00 91.37
N TRP HC 221 -112.63 68.89 90.66
CA TRP HC 221 -112.91 67.57 91.20
C TRP HC 221 -111.65 66.71 91.17
N LEU HC 222 -111.29 66.17 92.32
CA LEU HC 222 -110.06 65.42 92.47
C LEU HC 222 -110.36 64.05 93.05
N ILE HC 223 -109.58 63.05 92.64
CA ILE HC 223 -109.67 61.69 93.15
C ILE HC 223 -108.27 61.17 93.43
N GLY HC 224 -108.09 60.54 94.59
CA GLY HC 224 -106.81 59.99 94.98
C GLY HC 224 -106.62 58.55 94.54
N SER HC 225 -105.45 58.01 94.91
CA SER HC 225 -105.14 56.62 94.58
C SER HC 225 -106.12 55.68 95.23
N ASN HC 226 -106.48 55.94 96.49
CA ASN HC 226 -107.46 55.13 97.20
C ASN HC 226 -108.86 55.25 96.64
N GLY HC 227 -109.09 56.21 95.74
CA GLY HC 227 -110.42 56.47 95.24
C GLY HC 227 -111.18 57.53 96.01
N SER HC 228 -110.61 58.06 97.08
CA SER HC 228 -111.25 59.14 97.81
C SER HC 228 -111.42 60.36 96.91
N THR HC 229 -112.62 60.93 96.94
CA THR HC 229 -112.99 62.03 96.06
C THR HC 229 -113.07 63.33 96.85
N LEU HC 230 -112.98 64.44 96.13
CA LEU HC 230 -113.00 65.76 96.76
C LEU HC 230 -113.42 66.80 95.74
N THR HC 231 -114.25 67.74 96.20
CA THR HC 231 -114.60 68.93 95.43
C THR HC 231 -113.90 70.11 96.08
N VAL HC 232 -113.03 70.77 95.33
CA VAL HC 232 -112.05 71.71 95.89
C VAL HC 232 -112.33 73.11 95.37
N ARG HC 233 -112.32 74.08 96.27
CA ARG HC 233 -112.39 75.49 95.92
C ARG HC 233 -111.01 75.96 95.48
N GLU HC 234 -110.83 77.28 95.37
CA GLU HC 234 -109.51 77.80 94.99
C GLU HC 234 -108.51 77.65 96.12
N GLY HC 235 -108.90 78.01 97.34
CA GLY HC 235 -107.97 78.00 98.45
C GLY HC 235 -108.22 76.92 99.47
N SER HC 236 -107.35 75.92 99.51
CA SER HC 236 -107.45 74.83 100.47
C SER HC 236 -106.09 74.12 100.52
N LYS HC 237 -106.06 72.96 101.18
CA LYS HC 237 -104.85 72.16 101.27
C LYS HC 237 -105.21 70.69 101.10
N ILE HC 238 -104.35 69.96 100.40
CA ILE HC 238 -104.51 68.52 100.25
C ILE HC 238 -103.22 67.86 100.70
N PRO HC 239 -103.27 66.65 101.28
CA PRO HC 239 -102.05 66.01 101.77
C PRO HC 239 -101.08 65.71 100.64
N GLY HC 240 -99.79 65.85 100.96
CA GLY HC 240 -98.74 65.56 100.01
C GLY HC 240 -98.53 66.58 98.92
N TYR HC 241 -99.36 67.63 98.87
CA TYR HC 241 -99.22 68.65 97.84
C TYR HC 241 -99.17 70.04 98.44
N GLY HC 242 -99.96 70.28 99.49
CA GLY HC 242 -99.99 71.58 100.13
C GLY HC 242 -101.11 72.48 99.65
N MET HC 243 -100.92 73.79 99.81
CA MET HC 243 -101.95 74.75 99.43
C MET HC 243 -102.12 74.81 97.92
N VAL HC 244 -103.37 75.01 97.50
CA VAL HC 244 -103.73 75.15 96.09
C VAL HC 244 -103.90 76.64 95.80
N LYS HC 245 -103.20 77.14 94.80
CA LYS HC 245 -103.25 78.56 94.45
C LYS HC 245 -103.41 78.84 92.96
N LEU HC 246 -103.06 77.91 92.08
CA LEU HC 246 -103.15 78.11 90.64
C LEU HC 246 -104.24 77.20 90.09
N ILE HC 247 -105.22 77.80 89.42
CA ILE HC 247 -106.32 77.05 88.81
C ILE HC 247 -106.59 77.63 87.43
N ASP HC 248 -106.66 76.76 86.43
CA ASP HC 248 -106.91 77.17 85.06
C ASP HC 248 -107.99 76.29 84.46
N SER HC 249 -109.02 76.91 83.89
CA SER HC 249 -110.04 76.19 83.15
C SER HC 249 -109.70 76.05 81.68
N LEU HC 250 -108.65 76.69 81.20
CA LEU HC 250 -108.21 76.50 79.83
C LEU HC 250 -107.26 75.31 79.73
N GLN HC 251 -106.42 75.11 80.73
CA GLN HC 251 -105.50 73.98 80.79
C GLN HC 251 -105.72 73.25 82.11
N GLY HC 252 -105.94 71.94 82.03
CA GLY HC 252 -106.24 71.16 83.21
C GLY HC 252 -105.02 70.92 84.08
N ARG HC 253 -104.49 71.98 84.68
CA ARG HC 253 -103.32 71.88 85.52
C ARG HC 253 -103.52 72.74 86.77
N ILE HC 254 -103.20 72.17 87.92
CA ILE HC 254 -103.31 72.86 89.21
C ILE HC 254 -101.94 72.81 89.88
N LEU HC 255 -101.44 73.97 90.28
CA LEU HC 255 -100.15 74.07 90.94
C LEU HC 255 -100.34 74.07 92.45
N THR HC 256 -99.58 73.23 93.13
CA THR HC 256 -99.63 73.13 94.58
C THR HC 256 -98.61 74.07 95.21
N SER HC 257 -98.76 74.28 96.52
CA SER HC 257 -97.80 75.09 97.25
C SER HC 257 -96.41 74.47 97.23
N SER HC 258 -96.33 73.15 97.40
CA SER HC 258 -95.04 72.48 97.39
C SER HC 258 -94.35 72.56 96.02
N GLY HC 259 -95.12 72.79 94.95
CA GLY HC 259 -94.52 73.06 93.67
C GLY HC 259 -94.66 71.96 92.63
N GLN HC 260 -95.74 71.19 92.70
CA GLN HC 260 -96.05 70.18 91.71
C GLN HC 260 -97.38 70.50 91.04
N VAL HC 261 -97.68 69.75 89.99
CA VAL HC 261 -98.86 69.99 89.17
C VAL HC 261 -99.63 68.69 89.01
N ILE HC 262 -100.95 68.76 89.14
CA ILE HC 262 -101.84 67.63 88.93
C ILE HC 262 -102.64 67.91 87.67
N LYS HC 263 -102.73 66.90 86.80
CA LYS HC 263 -103.48 67.03 85.55
C LYS HC 263 -104.37 65.82 85.34
N PHE HC 264 -104.96 65.72 84.15
CA PHE HC 264 -105.80 64.57 83.83
C PHE HC 264 -104.96 63.30 83.72
N SER HC 265 -105.60 62.17 84.01
CA SER HC 265 -104.91 60.90 84.11
C SER HC 265 -104.57 60.36 82.72
N GLN HC 266 -104.03 59.14 82.71
CA GLN HC 266 -103.69 58.45 81.48
C GLN HC 266 -103.62 56.94 81.71
N MET IC 23 -101.44 90.03 25.48
CA MET IC 23 -101.62 89.02 26.52
C MET IC 23 -100.39 88.13 26.61
N LYS IC 24 -99.47 88.31 25.67
CA LYS IC 24 -98.26 87.50 25.66
C LYS IC 24 -97.40 87.83 26.87
N PHE IC 25 -96.87 86.80 27.51
CA PHE IC 25 -96.07 86.96 28.71
C PHE IC 25 -94.59 87.08 28.35
N LYS IC 26 -93.84 87.69 29.26
CA LYS IC 26 -92.43 87.97 29.00
C LYS IC 26 -91.75 88.38 30.29
N LYS IC 27 -90.53 87.89 30.49
CA LYS IC 27 -89.76 88.36 31.63
C LYS IC 27 -88.77 89.43 31.19
N PRO IC 28 -88.56 90.45 32.02
CA PRO IC 28 -87.99 91.71 31.53
C PRO IC 28 -86.58 91.54 30.97
N PRO IC 29 -85.59 91.04 31.74
CA PRO IC 29 -84.20 91.19 31.28
C PRO IC 29 -83.89 90.37 30.05
N ILE IC 30 -83.73 91.04 28.91
CA ILE IC 30 -83.38 90.40 27.66
C ILE IC 30 -82.29 91.23 26.99
N ASN IC 31 -81.21 90.56 26.58
CA ASN IC 31 -80.07 91.24 25.98
C ASN IC 31 -79.50 90.33 24.90
N ASN IC 32 -78.30 90.68 24.44
CA ASN IC 32 -77.64 89.88 23.41
C ASN IC 32 -77.30 88.50 23.97
N PRO IC 33 -77.31 87.48 23.11
CA PRO IC 33 -76.96 86.13 23.58
C PRO IC 33 -75.54 86.07 24.11
N SER IC 34 -75.34 85.24 25.13
CA SER IC 34 -74.07 85.15 25.82
C SER IC 34 -73.20 84.07 25.17
N ASP IC 35 -72.09 83.73 25.83
CA ASP IC 35 -71.18 82.72 25.33
C ASP IC 35 -70.61 81.94 26.50
N ASP IC 36 -70.45 80.62 26.30
CA ASP IC 36 -70.06 79.73 27.37
C ASP IC 36 -68.69 80.08 27.94
N ALA IC 37 -67.75 80.45 27.08
CA ALA IC 37 -66.41 80.80 27.56
C ALA IC 37 -66.48 81.98 28.51
N THR IC 38 -67.18 83.03 28.12
CA THR IC 38 -67.37 84.16 29.01
C THR IC 38 -68.11 83.77 30.27
N ILE IC 39 -69.05 82.84 30.16
CA ILE IC 39 -69.77 82.38 31.35
C ILE IC 39 -68.80 81.77 32.35
N LYS IC 40 -67.94 80.87 31.87
CA LYS IC 40 -66.95 80.25 32.75
C LYS IC 40 -66.00 81.28 33.31
N LEU IC 41 -65.58 82.23 32.49
CA LEU IC 41 -64.71 83.30 32.97
C LEU IC 41 -65.35 84.05 34.12
N ALA IC 42 -66.61 84.45 33.96
CA ALA IC 42 -67.32 85.18 35.00
C ALA IC 42 -67.47 84.32 36.26
N GLU IC 43 -67.78 83.03 36.08
CA GLU IC 43 -67.95 82.16 37.22
C GLU IC 43 -66.67 82.06 38.04
N ALA IC 44 -65.53 81.91 37.37
CA ALA IC 44 -64.27 81.88 38.08
C ALA IC 44 -63.97 83.22 38.73
N ALA IC 45 -64.22 84.31 38.00
CA ALA IC 45 -63.90 85.64 38.49
C ALA IC 45 -64.70 85.98 39.73
N VAL IC 46 -65.93 85.50 39.83
CA VAL IC 46 -66.74 85.78 41.01
C VAL IC 46 -66.04 85.26 42.25
N SER IC 47 -65.61 83.99 42.23
CA SER IC 47 -64.94 83.42 43.38
C SER IC 47 -63.62 84.12 43.65
N VAL IC 48 -62.86 84.41 42.60
CA VAL IC 48 -61.56 85.06 42.79
C VAL IC 48 -61.74 86.42 43.45
N SER IC 49 -62.68 87.21 42.93
CA SER IC 49 -62.93 88.54 43.47
C SER IC 49 -63.44 88.47 44.90
N ASP IC 50 -64.34 87.52 45.19
CA ASP IC 50 -64.86 87.39 46.54
C ASP IC 50 -63.74 87.08 47.52
N SER IC 51 -62.89 86.12 47.16
CA SER IC 51 -61.76 85.77 48.03
C SER IC 51 -60.85 86.96 48.24
N MET IC 52 -60.53 87.68 47.15
CA MET IC 52 -59.65 88.83 47.25
C MET IC 52 -60.24 89.89 48.17
N LEU IC 53 -61.53 90.18 48.01
CA LEU IC 53 -62.18 91.21 48.81
C LEU IC 53 -62.16 90.82 50.29
N GLU IC 54 -62.57 89.59 50.60
CA GLU IC 54 -62.61 89.18 51.99
C GLU IC 54 -61.21 89.20 52.62
N MET IC 55 -60.21 88.72 51.88
CA MET IC 55 -58.86 88.68 52.44
C MET IC 55 -58.28 90.07 52.61
N ALA IC 56 -58.58 90.99 51.69
CA ALA IC 56 -58.15 92.37 51.86
C ALA IC 56 -58.79 93.00 53.08
N LYS IC 57 -60.08 92.72 53.31
CA LYS IC 57 -60.74 93.21 54.52
C LYS IC 57 -60.05 92.67 55.76
N VAL IC 58 -59.69 91.38 55.73
CA VAL IC 58 -59.01 90.77 56.86
C VAL IC 58 -57.69 91.48 57.12
N GLU IC 59 -56.93 91.74 56.06
CA GLU IC 59 -55.64 92.42 56.23
C GLU IC 59 -55.82 93.81 56.80
N LYS IC 60 -56.82 94.54 56.31
CA LYS IC 60 -57.07 95.90 56.80
C LYS IC 60 -57.41 95.88 58.29
N VAL IC 61 -58.26 94.94 58.71
CA VAL IC 61 -58.57 94.88 60.13
C VAL IC 61 -57.38 94.38 60.94
N ILE IC 62 -56.49 93.60 60.33
CA ILE IC 62 -55.30 93.14 61.03
C ILE IC 62 -54.40 94.32 61.36
N THR IC 63 -54.11 95.14 60.37
CA THR IC 63 -53.13 96.22 60.52
C THR IC 63 -53.72 97.54 60.06
N PRO IC 64 -54.46 98.22 60.93
CA PRO IC 64 -54.97 99.56 60.59
C PRO IC 64 -53.82 100.52 60.30
N PRO IC 65 -53.99 101.41 59.34
CA PRO IC 65 -52.91 102.32 58.94
C PRO IC 65 -52.83 103.51 59.89
N SER IC 66 -51.84 104.36 59.64
CA SER IC 66 -51.68 105.58 60.43
C SER IC 66 -52.35 106.78 59.75
N LYS IC 67 -51.89 107.12 58.56
CA LYS IC 67 -52.45 108.25 57.81
C LYS IC 67 -52.13 108.07 56.34
N ASP IC 68 -52.85 108.83 55.51
CA ASP IC 68 -52.74 108.71 54.07
C ASP IC 68 -51.73 109.72 53.52
N ASN IC 69 -51.63 109.77 52.19
CA ASN IC 69 -50.62 110.56 51.51
C ASN IC 69 -51.06 111.99 51.23
N THR IC 70 -52.26 112.39 51.65
CA THR IC 70 -52.77 113.70 51.28
C THR IC 70 -51.87 114.83 51.79
N LEU IC 71 -51.39 114.71 53.03
CA LEU IC 71 -50.49 115.74 53.54
C LEU IC 71 -49.17 115.78 52.79
N THR IC 72 -48.70 114.63 52.30
CA THR IC 72 -47.48 114.62 51.49
C THR IC 72 -47.71 115.32 50.16
N ILE IC 73 -48.79 114.94 49.47
CA ILE IC 73 -49.13 115.55 48.18
C ILE IC 73 -50.46 116.28 48.33
N PRO IC 74 -50.44 117.59 48.50
CA PRO IC 74 -51.71 118.33 48.57
C PRO IC 74 -52.20 118.77 47.20
N ASN IC 75 -53.30 119.50 47.17
CA ASN IC 75 -53.82 120.06 45.94
C ASN IC 75 -53.50 121.56 45.87
N ALA IC 76 -53.47 122.08 44.65
CA ALA IC 76 -53.20 123.49 44.42
C ALA IC 76 -54.06 123.96 43.25
N TYR IC 77 -54.00 125.26 42.99
CA TYR IC 77 -54.75 125.80 41.87
C TYR IC 77 -54.11 125.35 40.56
N ASN IC 78 -54.75 125.72 39.45
CA ASN IC 78 -54.40 125.27 38.10
C ASN IC 78 -54.07 123.78 38.09
N LEU IC 79 -54.81 123.02 38.90
CA LEU IC 79 -54.62 121.59 39.04
C LEU IC 79 -55.93 120.84 39.02
N GLN IC 80 -57.05 121.53 38.90
CA GLN IC 80 -58.36 120.91 38.92
C GLN IC 80 -58.85 120.55 37.52
N ALA IC 81 -58.04 120.78 36.51
CA ALA IC 81 -58.40 120.31 35.16
C ALA IC 81 -58.57 118.80 35.18
N ARG IC 82 -59.47 118.31 34.35
CA ARG IC 82 -59.84 116.92 34.43
C ARG IC 82 -59.10 116.10 33.38
N ALA IC 83 -59.13 114.78 33.57
CA ALA IC 83 -58.37 113.92 32.68
C ALA IC 83 -58.98 112.52 32.71
N SER IC 84 -58.64 111.75 31.68
CA SER IC 84 -59.02 110.35 31.58
C SER IC 84 -57.88 109.61 30.92
N VAL IC 85 -57.33 108.60 31.59
CA VAL IC 85 -56.09 107.96 31.18
C VAL IC 85 -56.29 106.44 31.19
N ASP IC 86 -55.90 105.79 30.10
CA ASP IC 86 -55.85 104.34 29.99
C ASP IC 86 -54.40 103.99 29.63
N TRP IC 87 -53.59 103.74 30.66
CA TRP IC 87 -52.16 103.56 30.49
C TRP IC 87 -51.75 102.22 31.08
N SER IC 88 -50.71 101.61 30.49
CA SER IC 88 -50.21 100.34 30.98
C SER IC 88 -48.70 100.21 30.93
N GLY IC 89 -47.97 101.25 30.55
CA GLY IC 89 -46.54 101.15 30.37
C GLY IC 89 -45.76 101.63 31.57
N PRO IC 90 -44.50 102.01 31.35
CA PRO IC 90 -43.68 102.58 32.43
C PRO IC 90 -44.21 103.93 32.90
N ILE IC 91 -43.48 104.57 33.81
CA ILE IC 91 -44.01 105.72 34.55
C ILE IC 91 -43.51 107.04 33.97
N GLU IC 92 -42.31 107.03 33.39
CA GLU IC 92 -41.61 108.27 33.09
C GLU IC 92 -42.37 109.12 32.09
N GLU IC 93 -42.79 108.52 30.98
CA GLU IC 93 -43.50 109.25 29.93
C GLU IC 93 -44.80 109.83 30.46
N LEU IC 94 -45.57 109.03 31.19
CA LEU IC 94 -46.84 109.49 31.72
C LEU IC 94 -46.64 110.64 32.70
N THR IC 95 -45.63 110.53 33.56
CA THR IC 95 -45.37 111.58 34.52
C THR IC 95 -44.94 112.86 33.82
N ALA IC 96 -44.11 112.75 32.78
CA ALA IC 96 -43.73 113.93 32.02
C ALA IC 96 -44.94 114.57 31.36
N ARG IC 97 -45.83 113.75 30.80
CA ARG IC 97 -47.05 114.27 30.18
C ARG IC 97 -47.89 115.03 31.18
N ILE IC 98 -48.10 114.45 32.37
CA ILE IC 98 -48.94 115.11 33.35
C ILE IC 98 -48.28 116.39 33.87
N ALA IC 99 -46.95 116.38 34.00
CA ALA IC 99 -46.25 117.59 34.40
C ALA IC 99 -46.39 118.70 33.37
N LYS IC 100 -46.26 118.34 32.08
CA LYS IC 100 -46.44 119.33 31.03
C LYS IC 100 -47.86 119.87 31.04
N ALA IC 101 -48.85 119.00 31.26
CA ALA IC 101 -50.23 119.46 31.34
C ALA IC 101 -50.42 120.43 32.51
N ALA IC 102 -49.79 120.14 33.64
CA ALA IC 102 -49.90 121.00 34.81
C ALA IC 102 -48.99 122.23 34.72
N HIS IC 103 -48.16 122.32 33.69
CA HIS IC 103 -47.22 123.44 33.53
C HIS IC 103 -46.22 123.48 34.68
N PHE IC 104 -45.93 122.33 35.28
CA PHE IC 104 -45.03 122.25 36.41
C PHE IC 104 -43.73 121.55 36.00
N ARG IC 105 -42.65 121.93 36.66
CA ARG IC 105 -41.37 121.29 36.40
C ARG IC 105 -41.41 119.84 36.89
N PHE IC 106 -40.58 119.01 36.27
CA PHE IC 106 -40.53 117.58 36.55
C PHE IC 106 -39.12 117.19 36.93
N ARG IC 107 -38.96 116.53 38.07
CA ARG IC 107 -37.64 116.19 38.57
C ARG IC 107 -37.61 114.75 39.06
N VAL IC 108 -36.45 114.12 38.95
CA VAL IC 108 -36.25 112.73 39.33
C VAL IC 108 -35.12 112.66 40.35
N LEU IC 109 -35.18 111.65 41.20
CA LEU IC 109 -34.13 111.40 42.18
C LEU IC 109 -33.93 109.90 42.33
N GLY IC 110 -32.67 109.50 42.49
CA GLY IC 110 -32.32 108.09 42.53
C GLY IC 110 -31.96 107.57 41.16
N LYS IC 111 -31.60 106.29 41.14
CA LYS IC 111 -31.17 105.60 39.93
C LYS IC 111 -32.24 104.60 39.54
N SER IC 112 -32.75 104.72 38.32
CA SER IC 112 -33.81 103.83 37.87
C SER IC 112 -33.31 102.40 37.82
N PRO IC 113 -33.97 101.46 38.48
CA PRO IC 113 -33.46 100.08 38.53
C PRO IC 113 -33.57 99.41 37.17
N SER IC 114 -32.79 98.33 37.02
CA SER IC 114 -32.78 97.59 35.77
C SER IC 114 -34.17 97.03 35.45
N VAL IC 115 -34.80 96.39 36.42
CA VAL IC 115 -36.17 95.91 36.22
C VAL IC 115 -37.09 97.12 36.21
N PRO IC 116 -37.81 97.36 35.13
CA PRO IC 116 -38.65 98.56 35.05
C PRO IC 116 -39.86 98.46 35.97
N VAL IC 117 -40.39 99.63 36.31
CA VAL IC 117 -41.62 99.72 37.08
C VAL IC 117 -42.77 99.92 36.10
N LEU IC 118 -43.76 99.04 36.14
CA LEU IC 118 -44.87 99.06 35.21
C LEU IC 118 -46.18 99.22 35.98
N ILE IC 119 -47.02 100.13 35.50
CA ILE IC 119 -48.30 100.41 36.14
C ILE IC 119 -49.38 100.46 35.05
N SER IC 120 -50.53 99.88 35.35
CA SER IC 120 -51.68 99.90 34.45
C SER IC 120 -52.85 100.55 35.17
N ILE IC 121 -53.39 101.61 34.58
CA ILE IC 121 -54.43 102.41 35.21
C ILE IC 121 -55.58 102.60 34.25
N SER IC 122 -56.80 102.35 34.72
CA SER IC 122 -58.03 102.66 33.99
C SER IC 122 -58.87 103.56 34.88
N THR IC 123 -59.16 104.77 34.41
CA THR IC 123 -59.80 105.78 35.24
C THR IC 123 -60.66 106.67 34.34
N LYS IC 124 -61.39 107.61 34.97
CA LYS IC 124 -62.27 108.49 34.22
C LYS IC 124 -62.63 109.70 35.05
N ASP IC 125 -62.20 110.88 34.60
CA ASP IC 125 -62.68 112.18 35.09
C ASP IC 125 -62.48 112.32 36.60
N GLU IC 126 -61.21 112.41 36.99
CA GLU IC 126 -60.86 112.59 38.39
C GLU IC 126 -59.75 113.64 38.48
N SER IC 127 -59.38 113.96 39.72
CA SER IC 127 -58.35 114.97 39.95
C SER IC 127 -56.99 114.48 39.51
N LEU IC 128 -56.19 115.41 38.98
CA LEU IC 128 -54.81 115.10 38.65
C LEU IC 128 -54.04 114.73 39.92
N ALA IC 129 -54.28 115.47 41.01
CA ALA IC 129 -53.61 115.16 42.27
C ALA IC 129 -53.99 113.77 42.76
N GLU IC 130 -55.26 113.41 42.67
CA GLU IC 130 -55.67 112.08 43.10
C GLU IC 130 -55.12 111.01 42.18
N ILE IC 131 -55.00 111.31 40.89
CA ILE IC 131 -54.33 110.38 39.97
C ILE IC 131 -52.90 110.14 40.43
N LEU IC 132 -52.21 111.22 40.79
CA LEU IC 132 -50.83 111.09 41.28
C LEU IC 132 -50.79 110.26 42.56
N ARG IC 133 -51.73 110.49 43.47
CA ARG IC 133 -51.75 109.73 44.72
C ARG IC 133 -51.98 108.25 44.45
N ASP IC 134 -52.88 107.94 43.52
CA ASP IC 134 -53.09 106.55 43.14
C ASP IC 134 -51.84 105.95 42.54
N ILE IC 135 -51.13 106.72 41.71
CA ILE IC 135 -49.89 106.24 41.11
C ILE IC 135 -48.88 105.92 42.21
N ASP IC 136 -48.75 106.81 43.17
CA ASP IC 136 -47.77 106.60 44.24
C ASP IC 136 -48.14 105.38 45.08
N TYR IC 137 -49.42 105.22 45.40
CA TYR IC 137 -49.85 104.05 46.15
C TYR IC 137 -49.56 102.78 45.37
N GLN IC 138 -49.86 102.77 44.08
CA GLN IC 138 -49.63 101.57 43.28
C GLN IC 138 -48.15 101.26 43.14
N ALA IC 139 -47.31 102.30 43.10
CA ALA IC 139 -45.87 102.08 43.15
C ALA IC 139 -45.47 101.45 44.47
N GLY IC 140 -46.02 101.95 45.56
CA GLY IC 140 -45.77 101.33 46.86
C GLY IC 140 -44.31 101.41 47.26
N LYS IC 141 -43.72 100.25 47.54
CA LYS IC 141 -42.39 100.16 48.11
C LYS IC 141 -41.28 100.33 47.07
N LYS IC 142 -41.60 100.83 45.88
CA LYS IC 142 -40.60 101.02 44.85
C LYS IC 142 -40.27 102.48 44.58
N ALA IC 143 -41.23 103.38 44.70
CA ALA IC 143 -40.97 104.78 44.42
C ALA IC 143 -41.93 105.65 45.22
N SER IC 144 -41.54 106.92 45.40
CA SER IC 144 -42.37 107.89 46.07
C SER IC 144 -42.44 109.15 45.22
N ILE IC 145 -43.49 109.94 45.45
CA ILE IC 145 -43.72 111.16 44.68
C ILE IC 145 -44.01 112.30 45.65
N HIS IC 146 -43.56 113.50 45.28
CA HIS IC 146 -43.82 114.68 46.07
C HIS IC 146 -44.12 115.86 45.15
N VAL IC 147 -44.93 116.79 45.64
CA VAL IC 147 -45.31 117.98 44.90
C VAL IC 147 -45.02 119.20 45.74
N TYR IC 148 -44.40 120.20 45.14
CA TYR IC 148 -44.19 121.49 45.78
C TYR IC 148 -44.96 122.53 44.99
N PRO IC 149 -46.12 122.97 45.48
CA PRO IC 149 -46.97 123.89 44.71
C PRO IC 149 -46.35 125.27 44.56
N ASN IC 150 -45.87 125.82 45.68
CA ASN IC 150 -45.21 127.13 45.62
C ASN IC 150 -44.02 127.10 44.68
N SER IC 151 -43.38 125.94 44.55
CA SER IC 151 -42.31 125.76 43.58
C SER IC 151 -42.81 125.27 42.23
N GLN IC 152 -44.07 124.86 42.14
CA GLN IC 152 -44.66 124.36 40.90
C GLN IC 152 -43.84 123.21 40.33
N VAL IC 153 -43.50 122.26 41.18
CA VAL IC 153 -42.61 121.18 40.81
C VAL IC 153 -43.19 119.85 41.28
N VAL IC 154 -43.07 118.82 40.45
CA VAL IC 154 -43.36 117.45 40.83
C VAL IC 154 -42.08 116.65 40.73
N GLU IC 155 -41.75 115.94 41.82
CA GLU IC 155 -40.54 115.13 41.87
C GLU IC 155 -40.90 113.69 42.20
N LEU IC 156 -40.15 112.78 41.60
CA LEU IC 156 -40.23 111.37 41.94
C LEU IC 156 -38.90 110.93 42.53
N ARG IC 157 -38.94 109.87 43.33
CA ARG IC 157 -37.75 109.34 43.96
C ARG IC 157 -37.83 107.81 43.97
N TYR IC 158 -36.79 107.18 43.44
CA TYR IC 158 -36.72 105.72 43.46
C TYR IC 158 -36.40 105.24 44.87
N ALA IC 159 -36.59 103.94 45.10
CA ALA IC 159 -36.29 103.35 46.40
C ALA IC 159 -34.82 102.98 46.47
N LYS IC 160 -34.11 103.58 47.42
CA LYS IC 160 -32.70 103.25 47.64
C LYS IC 160 -32.64 101.92 48.38
N ILE IC 161 -32.37 100.86 47.65
CA ILE IC 161 -32.24 99.52 48.20
C ILE IC 161 -31.18 98.78 47.40
N TYR IC 162 -30.78 97.62 47.91
CA TYR IC 162 -29.75 96.77 47.30
C TYR IC 162 -28.39 97.46 47.36
N ARG JC 207 -30.26 59.06 92.28
CA ARG JC 207 -29.01 59.24 91.55
C ARG JC 207 -28.59 57.96 90.84
N ILE JC 208 -27.29 57.69 90.83
CA ILE JC 208 -26.72 56.52 90.16
C ILE JC 208 -25.88 55.75 91.17
N ILE JC 209 -26.06 54.43 91.19
CA ILE JC 209 -25.37 53.55 92.15
C ILE JC 209 -24.31 52.77 91.39
N TYR JC 210 -23.07 52.85 91.85
CA TYR JC 210 -21.95 52.18 91.19
C TYR JC 210 -21.65 50.85 91.87
N TYR JC 211 -21.21 49.89 91.06
CA TYR JC 211 -20.79 48.58 91.52
C TYR JC 211 -19.59 48.15 90.71
N ILE JC 212 -18.66 47.43 91.35
CA ILE JC 212 -17.44 47.03 90.67
C ILE JC 212 -17.74 45.89 89.70
N GLN JC 213 -17.04 45.89 88.57
CA GLN JC 213 -17.13 44.82 87.58
C GLN JC 213 -15.80 44.12 87.37
N ALA JC 214 -14.71 44.87 87.18
CA ALA JC 214 -13.38 44.32 87.03
C ALA JC 214 -12.46 44.99 88.04
N VAL JC 215 -11.75 44.19 88.82
CA VAL JC 215 -10.90 44.70 89.90
C VAL JC 215 -9.51 44.09 89.76
N ILE JC 216 -8.52 44.94 89.60
CA ILE JC 216 -7.10 44.57 89.68
C ILE JC 216 -6.35 45.70 90.36
N PRO JC 217 -5.19 45.41 90.93
CA PRO JC 217 -4.38 46.48 91.52
C PRO JC 217 -4.05 47.54 90.47
N GLY JC 218 -4.16 48.80 90.89
CA GLY JC 218 -3.94 49.92 89.99
C GLY JC 218 -5.19 50.46 89.34
N ARG JC 219 -5.86 49.67 88.52
CA ARG JC 219 -7.03 50.11 87.77
C ARG JC 219 -8.26 49.31 88.18
N ALA JC 220 -9.38 50.00 88.32
CA ALA JC 220 -10.64 49.36 88.70
C ALA JC 220 -11.73 49.77 87.72
N TRP JC 221 -12.72 48.90 87.57
CA TRP JC 221 -13.82 49.11 86.64
C TRP JC 221 -15.14 49.19 87.40
N LEU JC 222 -15.89 50.26 87.18
CA LEU JC 222 -17.15 50.52 87.85
C LEU JC 222 -18.26 50.66 86.82
N ILE JC 223 -19.46 50.21 87.20
CA ILE JC 223 -20.65 50.34 86.37
C ILE JC 223 -21.78 50.88 87.22
N GLY JC 224 -22.49 51.88 86.71
CA GLY JC 224 -23.60 52.49 87.42
C GLY JC 224 -24.93 51.88 87.03
N SER JC 225 -26.00 52.55 87.49
CA SER JC 225 -27.35 52.11 87.15
C SER JC 225 -27.62 52.23 85.66
N ASN JC 226 -26.96 53.17 84.99
CA ASN JC 226 -27.12 53.34 83.55
C ASN JC 226 -26.63 52.13 82.77
N GLY JC 227 -25.76 51.31 83.36
CA GLY JC 227 -25.18 50.19 82.68
C GLY JC 227 -23.84 50.46 82.02
N SER JC 228 -23.47 51.73 81.85
CA SER JC 228 -22.17 52.06 81.29
C SER JC 228 -21.07 51.81 82.32
N THR JC 229 -19.86 51.59 81.82
CA THR JC 229 -18.72 51.30 82.66
C THR JC 229 -17.65 52.37 82.48
N LEU JC 230 -16.76 52.44 83.48
CA LEU JC 230 -15.68 53.42 83.48
C LEU JC 230 -14.54 52.88 84.34
N THR JC 231 -13.37 53.47 84.16
CA THR JC 231 -12.17 53.04 84.86
C THR JC 231 -11.72 54.12 85.84
N VAL JC 232 -11.34 53.68 87.03
CA VAL JC 232 -10.87 54.57 88.09
C VAL JC 232 -9.53 54.08 88.61
N ARG JC 233 -8.78 54.99 89.21
CA ARG JC 233 -7.46 54.70 89.76
C ARG JC 233 -7.49 54.96 91.27
N GLU JC 234 -6.30 54.92 91.88
CA GLU JC 234 -6.20 55.10 93.32
C GLU JC 234 -6.84 56.40 93.78
N GLY JC 235 -6.65 57.48 93.02
CA GLY JC 235 -7.30 58.74 93.33
C GLY JC 235 -7.89 59.38 92.09
N SER JC 236 -9.20 59.55 92.08
CA SER JC 236 -9.87 60.18 90.95
C SER JC 236 -11.25 60.64 91.39
N LYS JC 237 -11.84 61.54 90.61
CA LYS JC 237 -13.15 62.08 90.91
C LYS JC 237 -14.23 61.17 90.35
N ILE JC 238 -15.21 60.85 91.18
CA ILE JC 238 -16.30 59.94 90.83
C ILE JC 238 -17.61 60.67 91.11
N PRO JC 239 -18.50 60.80 90.12
CA PRO JC 239 -19.75 61.54 90.35
C PRO JC 239 -20.63 60.85 91.39
N GLY JC 240 -21.13 61.64 92.33
CA GLY JC 240 -21.99 61.13 93.37
C GLY JC 240 -21.27 60.37 94.47
N TYR JC 241 -19.96 60.22 94.38
CA TYR JC 241 -19.20 59.55 95.42
C TYR JC 241 -17.99 60.40 95.82
N GLY JC 242 -17.56 61.28 94.91
CA GLY JC 242 -16.52 62.24 95.23
C GLY JC 242 -15.15 61.87 94.72
N MET JC 243 -14.27 61.46 95.63
CA MET JC 243 -12.88 61.17 95.32
C MET JC 243 -12.54 59.75 95.73
N VAL JC 244 -11.76 59.06 94.89
CA VAL JC 244 -11.32 57.72 95.24
C VAL JC 244 -10.20 57.80 96.27
N LYS JC 245 -10.36 57.08 97.37
CA LYS JC 245 -9.38 57.11 98.46
C LYS JC 245 -8.39 55.95 98.36
N LEU JC 246 -8.88 54.72 98.36
CA LEU JC 246 -8.01 53.56 98.34
C LEU JC 246 -8.75 52.39 97.69
N ILE JC 247 -7.99 51.56 96.97
CA ILE JC 247 -8.54 50.41 96.26
C ILE JC 247 -7.93 49.15 96.85
N ASP JC 248 -8.78 48.19 97.23
CA ASP JC 248 -8.36 46.92 97.77
C ASP JC 248 -8.64 45.83 96.75
N SER JC 249 -7.59 45.11 96.34
CA SER JC 249 -7.76 44.04 95.36
C SER JC 249 -8.58 42.89 95.94
N LEU JC 250 -8.20 42.41 97.12
CA LEU JC 250 -8.95 41.36 97.76
C LEU JC 250 -10.23 41.92 98.37
N GLN JC 251 -11.28 41.10 98.36
CA GLN JC 251 -12.60 41.36 98.94
C GLN JC 251 -13.36 42.47 98.21
N GLY JC 252 -12.76 43.12 97.22
CA GLY JC 252 -13.47 44.08 96.39
C GLY JC 252 -14.08 45.26 97.15
N ARG JC 253 -13.34 45.83 98.08
CA ARG JC 253 -13.80 46.98 98.85
C ARG JC 253 -13.02 48.22 98.42
N ILE JC 254 -13.72 49.24 97.96
CA ILE JC 254 -13.10 50.49 97.54
C ILE JC 254 -13.59 51.59 98.47
N LEU JC 255 -12.65 52.31 99.09
CA LEU JC 255 -13.00 53.42 99.95
C LEU JC 255 -13.53 54.58 99.13
N THR JC 256 -14.36 55.41 99.76
CA THR JC 256 -14.97 56.56 99.11
C THR JC 256 -14.74 57.81 99.92
N SER JC 257 -14.55 58.94 99.22
CA SER JC 257 -14.40 60.22 99.90
C SER JC 257 -15.61 60.55 100.75
N SER JC 258 -16.79 60.09 100.34
CA SER JC 258 -17.99 60.24 101.15
C SER JC 258 -18.07 59.22 102.29
N GLY JC 259 -16.97 58.53 102.58
CA GLY JC 259 -16.94 57.54 103.63
C GLY JC 259 -17.58 56.22 103.28
N GLN JC 260 -17.98 56.01 102.04
CA GLN JC 260 -18.66 54.79 101.65
C GLN JC 260 -17.65 53.71 101.28
N VAL JC 261 -18.16 52.48 101.14
CA VAL JC 261 -17.39 51.34 100.69
C VAL JC 261 -18.12 50.71 99.52
N ILE JC 262 -17.47 50.72 98.35
CA ILE JC 262 -18.07 50.20 97.13
C ILE JC 262 -17.58 48.78 96.90
N LYS JC 263 -18.51 47.87 96.63
CA LYS JC 263 -18.24 46.49 96.30
C LYS JC 263 -18.83 46.16 94.94
N PHE JC 264 -18.76 44.90 94.56
CA PHE JC 264 -19.43 44.42 93.36
C PHE JC 264 -20.94 44.48 93.53
N SER JC 265 -21.64 44.40 92.41
CA SER JC 265 -23.07 44.10 92.47
C SER JC 265 -23.24 42.69 93.00
N GLN JC 266 -24.17 42.52 93.94
CA GLN JC 266 -24.24 41.25 94.67
C GLN JC 266 -24.57 40.08 93.74
N GLU JC 267 -25.48 40.30 92.79
CA GLU JC 267 -25.88 39.22 91.89
C GLU JC 267 -24.77 38.85 90.92
N ASP JC 268 -23.81 39.74 90.66
CA ASP JC 268 -22.66 39.44 89.81
C ASP JC 268 -21.42 39.80 90.64
N SER JC 269 -20.98 38.84 91.45
CA SER JC 269 -19.87 39.07 92.36
C SER JC 269 -19.12 37.78 92.66
N GLN KC 791 14.43 16.27 118.31
CA GLN KC 791 15.29 17.39 117.96
C GLN KC 791 16.01 17.14 116.64
N GLN KC 792 16.81 16.08 116.61
CA GLN KC 792 17.60 15.71 115.44
C GLN KC 792 16.76 15.01 114.36
N GLU KC 793 15.44 15.03 114.48
CA GLU KC 793 14.57 14.39 113.51
C GLU KC 793 14.06 15.35 112.44
N ILE KC 794 14.52 16.60 112.46
CA ILE KC 794 14.01 17.58 111.50
C ILE KC 794 14.41 17.20 110.08
N GLN KC 795 15.67 16.83 109.89
CA GLN KC 795 16.23 16.72 108.54
C GLN KC 795 15.52 15.65 107.71
N GLN KC 796 15.41 14.43 108.24
CA GLN KC 796 14.78 13.37 107.46
C GLN KC 796 13.28 13.60 107.35
N ARG KC 797 12.68 14.26 108.33
CA ARG KC 797 11.28 14.65 108.21
C ARG KC 797 11.11 15.84 107.28
N THR KC 798 12.16 16.63 107.09
CA THR KC 798 12.12 17.68 106.07
C THR KC 798 12.27 17.12 104.68
N SER KC 799 13.18 16.14 104.50
CA SER KC 799 13.53 15.67 103.17
C SER KC 799 12.32 15.08 102.45
N ASP KC 800 11.64 14.13 103.09
CA ASP KC 800 10.45 13.53 102.48
C ASP KC 800 9.37 14.58 102.26
N MET KC 801 9.25 15.53 103.18
CA MET KC 801 8.31 16.62 103.00
C MET KC 801 8.67 17.42 101.76
N LEU KC 802 9.95 17.69 101.56
CA LEU KC 802 10.39 18.43 100.37
C LEU KC 802 10.07 17.65 99.10
N THR KC 803 10.27 16.33 99.13
CA THR KC 803 10.04 15.52 97.93
C THR KC 803 8.59 15.62 97.47
N ALA KC 804 7.65 15.40 98.39
CA ALA KC 804 6.24 15.52 98.03
C ALA KC 804 5.90 16.95 97.61
N ALA KC 805 6.42 17.93 98.34
CA ALA KC 805 6.16 19.33 97.99
C ALA KC 805 6.70 19.65 96.61
N THR KC 806 7.95 19.28 96.34
CA THR KC 806 8.50 19.46 95.00
C THR KC 806 7.69 18.71 93.97
N GLN KC 807 7.22 17.52 94.32
CA GLN KC 807 6.34 16.78 93.42
C GLN KC 807 5.03 17.52 93.21
N LEU KC 808 4.40 17.94 94.31
CA LEU KC 808 3.04 18.46 94.22
C LEU KC 808 3.01 19.81 93.51
N VAL KC 809 4.02 20.65 93.72
CA VAL KC 809 3.97 22.01 93.21
C VAL KC 809 3.89 22.01 91.69
N GLN KC 810 4.69 21.16 91.04
CA GLN KC 810 4.62 21.08 89.58
C GLN KC 810 3.35 20.35 89.13
N ASP KC 811 2.78 19.51 89.99
CA ASP KC 811 1.54 18.83 89.64
C ASP KC 811 0.43 19.83 89.38
N TRP KC 812 0.48 20.98 90.05
CA TRP KC 812 -0.48 22.04 89.78
C TRP KC 812 -0.01 22.96 88.66
N LYS KC 813 1.28 22.95 88.35
CA LYS KC 813 1.82 23.87 87.36
C LYS KC 813 1.23 23.61 85.98
N GLN KC 814 1.29 22.37 85.51
CA GLN KC 814 0.83 22.06 84.17
C GLN KC 814 -0.69 22.17 84.08
N VAL KC 815 -1.16 22.67 82.94
CA VAL KC 815 -2.59 22.80 82.65
C VAL KC 815 -2.77 22.51 81.18
N GLU KC 816 -3.30 21.34 80.86
CA GLU KC 816 -3.41 20.90 79.47
C GLU KC 816 -4.39 21.77 78.69
N THR KC 817 -4.18 21.84 77.39
CA THR KC 817 -5.04 22.61 76.50
C THR KC 817 -6.24 21.80 76.07
N GLN KC 818 -7.14 22.45 75.34
CA GLN KC 818 -8.39 21.84 74.91
C GLN KC 818 -8.28 21.38 73.46
N VAL KC 819 -9.35 20.74 72.98
CA VAL KC 819 -9.46 20.31 71.59
C VAL KC 819 -10.87 20.62 71.11
N TYR KC 820 -10.97 21.26 69.95
CA TYR KC 820 -12.25 21.57 69.32
C TYR KC 820 -12.64 20.42 68.42
N THR KC 821 -13.67 19.68 68.80
CA THR KC 821 -14.15 18.53 68.03
C THR KC 821 -15.45 18.88 67.34
N GLU KC 822 -15.53 18.59 66.06
CA GLU KC 822 -16.70 18.89 65.24
C GLU KC 822 -17.14 17.61 64.52
N GLY KC 823 -18.07 17.77 63.59
CA GLY KC 823 -18.55 16.63 62.83
C GLY KC 823 -19.38 17.06 61.65
N THR KC 824 -19.85 16.08 60.90
CA THR KC 824 -20.70 16.33 59.74
C THR KC 824 -21.55 15.09 59.43
N MET LC 23 68.72 62.82 -102.20
CA MET LC 23 68.54 64.00 -101.35
C MET LC 23 68.07 63.60 -99.96
N LYS LC 24 67.86 62.30 -99.77
CA LYS LC 24 67.44 61.79 -98.48
C LYS LC 24 68.63 61.63 -97.55
N PHE LC 25 68.33 61.39 -96.27
CA PHE LC 25 69.34 61.18 -95.25
C PHE LC 25 69.42 59.71 -94.87
N LYS LC 26 70.58 59.30 -94.40
CA LYS LC 26 70.80 57.92 -94.00
C LYS LC 26 72.10 57.83 -93.20
N LYS LC 27 72.15 56.87 -92.29
CA LYS LC 27 73.37 56.64 -91.52
C LYS LC 27 73.85 55.21 -91.71
N PRO LC 28 75.16 54.98 -91.64
CA PRO LC 28 75.74 53.74 -92.18
C PRO LC 28 75.18 52.48 -91.55
N PRO LC 29 75.32 52.27 -90.22
CA PRO LC 29 75.21 50.90 -89.72
C PRO LC 29 73.80 50.36 -89.78
N ILE LC 30 73.54 49.47 -90.72
CA ILE LC 30 72.22 48.85 -90.88
C ILE LC 30 72.42 47.37 -91.15
N ASN LC 31 71.66 46.54 -90.45
CA ASN LC 31 71.72 45.08 -90.65
C ASN LC 31 70.41 44.49 -90.14
N ASN LC 32 70.41 43.17 -89.96
CA ASN LC 32 69.22 42.50 -89.47
C ASN LC 32 68.91 42.93 -88.03
N PRO LC 33 67.65 42.94 -87.64
CA PRO LC 33 67.28 43.39 -86.30
C PRO LC 33 67.85 42.50 -85.21
N SER LC 34 68.05 43.09 -84.04
CA SER LC 34 68.68 42.43 -82.92
C SER LC 34 67.63 41.75 -82.04
N ASP LC 35 68.04 41.32 -80.85
CA ASP LC 35 67.14 40.69 -79.90
C ASP LC 35 67.48 41.11 -78.48
N ASP LC 36 66.43 41.28 -77.68
CA ASP LC 36 66.59 41.79 -76.32
C ASP LC 36 67.43 40.87 -75.45
N ALA LC 37 67.18 39.56 -75.54
CA ALA LC 37 67.93 38.61 -74.73
C ALA LC 37 69.41 38.69 -75.05
N THR LC 38 69.74 38.75 -76.35
CA THR LC 38 71.12 38.93 -76.75
C THR LC 38 71.70 40.23 -76.24
N ILE LC 39 70.89 41.29 -76.24
CA ILE LC 39 71.35 42.58 -75.73
C ILE LC 39 71.74 42.46 -74.26
N LYS LC 40 70.87 41.82 -73.47
CA LYS LC 40 71.15 41.66 -72.05
C LYS LC 40 72.39 40.80 -71.83
N LEU LC 41 72.53 39.74 -72.63
CA LEU LC 41 73.74 38.92 -72.55
C LEU LC 41 74.98 39.75 -72.81
N ALA LC 42 74.93 40.61 -73.83
CA ALA LC 42 76.06 41.46 -74.16
C ALA LC 42 76.38 42.42 -73.01
N GLU LC 43 75.35 43.01 -72.43
CA GLU LC 43 75.60 43.98 -71.35
C GLU LC 43 76.23 43.29 -70.15
N ALA LC 44 75.78 42.07 -69.84
CA ALA LC 44 76.44 41.32 -68.77
C ALA LC 44 77.88 40.99 -69.13
N ALA LC 45 78.10 40.56 -70.38
CA ALA LC 45 79.44 40.18 -70.81
C ALA LC 45 80.41 41.35 -70.75
N VAL LC 46 79.91 42.56 -70.97
CA VAL LC 46 80.80 43.73 -70.87
C VAL LC 46 81.40 43.82 -69.48
N SER LC 47 80.55 43.74 -68.46
CA SER LC 47 81.04 43.82 -67.08
C SER LC 47 81.96 42.64 -66.77
N VAL LC 48 81.58 41.45 -67.21
CA VAL LC 48 82.40 40.28 -66.94
C VAL LC 48 83.78 40.45 -67.55
N SER LC 49 83.83 40.91 -68.80
CA SER LC 49 85.10 41.09 -69.48
C SER LC 49 85.95 42.16 -68.79
N ASP LC 50 85.32 43.26 -68.36
CA ASP LC 50 86.08 44.28 -67.65
C ASP LC 50 86.68 43.73 -66.38
N SER LC 51 85.89 42.98 -65.61
CA SER LC 51 86.39 42.41 -64.36
C SER LC 51 87.54 41.44 -64.63
N MET LC 52 87.39 40.59 -65.64
CA MET LC 52 88.47 39.67 -65.97
C MET LC 52 89.73 40.42 -66.37
N LEU LC 53 89.58 41.49 -67.16
CA LEU LC 53 90.74 42.25 -67.61
C LEU LC 53 91.48 42.88 -66.44
N GLU LC 54 90.73 43.51 -65.53
CA GLU LC 54 91.39 44.15 -64.40
C GLU LC 54 92.03 43.10 -63.48
N MET LC 55 91.37 41.95 -63.30
CA MET LC 55 91.95 40.90 -62.48
C MET LC 55 93.26 40.42 -63.09
N ALA LC 56 93.27 40.21 -64.39
CA ALA LC 56 94.48 39.76 -65.06
C ALA LC 56 95.59 40.79 -64.92
N LYS LC 57 95.25 42.07 -65.06
CA LYS LC 57 96.26 43.11 -64.90
C LYS LC 57 96.86 43.07 -63.50
N VAL LC 58 96.01 42.99 -62.48
CA VAL LC 58 96.49 42.99 -61.10
C VAL LC 58 97.38 41.78 -60.86
N GLU LC 59 96.94 40.61 -61.32
CA GLU LC 59 97.72 39.39 -61.11
C GLU LC 59 99.07 39.48 -61.80
N LYS LC 60 99.08 39.97 -63.04
CA LYS LC 60 100.31 40.08 -63.80
C LYS LC 60 101.29 41.03 -63.11
N VAL LC 61 100.78 42.14 -62.58
CA VAL LC 61 101.65 43.08 -61.90
C VAL LC 61 102.22 42.46 -60.63
N ILE LC 62 101.35 41.86 -59.82
CA ILE LC 62 101.81 41.39 -58.50
C ILE LC 62 102.77 40.22 -58.64
N THR LC 63 102.54 39.34 -59.61
CA THR LC 63 103.39 38.17 -59.75
C THR LC 63 104.19 38.25 -61.04
N PRO LC 64 105.51 38.22 -60.98
CA PRO LC 64 106.32 38.35 -62.20
C PRO LC 64 106.49 37.00 -62.87
N PRO LC 65 106.43 36.97 -64.20
CA PRO LC 65 106.77 35.73 -64.92
C PRO LC 65 108.25 35.43 -64.80
N SER LC 66 108.59 34.15 -64.92
CA SER LC 66 109.96 33.69 -64.80
C SER LC 66 110.53 33.21 -66.14
N LYS LC 67 109.87 32.25 -66.78
CA LYS LC 67 110.34 31.69 -68.03
C LYS LC 67 109.14 31.44 -68.93
N ASP LC 68 109.38 30.68 -70.00
CA ASP LC 68 108.35 30.36 -70.96
C ASP LC 68 108.39 28.88 -71.28
N ASN LC 69 107.22 28.31 -71.57
CA ASN LC 69 107.12 26.90 -71.91
C ASN LC 69 107.77 26.57 -73.25
N THR LC 70 108.15 27.58 -74.04
CA THR LC 70 108.84 27.32 -75.30
C THR LC 70 110.16 26.59 -75.07
N LEU LC 71 110.80 26.83 -73.93
CA LEU LC 71 112.01 26.10 -73.60
C LEU LC 71 111.73 24.61 -73.51
N THR LC 72 110.65 24.23 -72.82
CA THR LC 72 110.30 22.82 -72.71
C THR LC 72 109.82 22.27 -74.05
N ILE LC 73 109.18 23.11 -74.86
CA ILE LC 73 108.57 22.65 -76.11
C ILE LC 73 109.14 23.44 -77.27
N PRO LC 74 110.34 23.12 -77.74
CA PRO LC 74 110.88 23.81 -78.91
C PRO LC 74 110.16 23.40 -80.18
N ASN LC 75 110.23 24.27 -81.17
CA ASN LC 75 109.64 23.99 -82.48
C ASN LC 75 110.63 23.24 -83.35
N ALA LC 76 110.12 22.30 -84.14
CA ALA LC 76 110.94 21.51 -85.02
C ALA LC 76 110.25 21.42 -86.38
N TYR LC 77 110.97 20.88 -87.36
CA TYR LC 77 110.39 20.71 -88.68
C TYR LC 77 109.28 19.66 -88.64
N ASN LC 78 108.41 19.73 -89.63
CA ASN LC 78 107.20 18.92 -89.79
C ASN LC 78 106.15 19.26 -88.73
N LEU LC 79 106.48 20.12 -87.77
CA LEU LC 79 105.51 20.60 -86.80
C LEU LC 79 104.76 21.81 -87.32
N GLN LC 80 105.09 22.30 -88.50
CA GLN LC 80 104.49 23.50 -89.05
C GLN LC 80 103.24 23.20 -89.88
N ALA LC 81 102.86 21.94 -90.02
CA ALA LC 81 101.64 21.60 -90.74
C ALA LC 81 100.46 22.29 -90.06
N ARG LC 82 99.59 22.88 -90.87
CA ARG LC 82 98.61 23.78 -90.30
C ARG LC 82 97.36 23.02 -89.88
N ALA LC 83 96.62 23.60 -88.95
CA ALA LC 83 95.41 22.96 -88.44
C ALA LC 83 94.52 23.99 -87.78
N SER LC 84 93.23 23.66 -87.73
CA SER LC 84 92.26 24.45 -86.99
C SER LC 84 91.24 23.50 -86.39
N VAL LC 85 90.89 23.72 -85.12
CA VAL LC 85 90.19 22.70 -84.36
C VAL LC 85 89.22 23.36 -83.39
N ASP LC 86 88.07 22.71 -83.21
CA ASP LC 86 87.12 23.01 -82.15
C ASP LC 86 86.91 21.75 -81.33
N TRP LC 87 86.93 21.89 -80.01
CA TRP LC 87 86.92 20.72 -79.14
C TRP LC 87 86.51 21.13 -77.73
N SER LC 88 85.65 20.31 -77.11
CA SER LC 88 85.20 20.57 -75.75
C SER LC 88 85.14 19.27 -74.94
N GLY LC 89 86.12 18.41 -75.11
CA GLY LC 89 86.12 17.13 -74.45
C GLY LC 89 87.41 16.80 -73.74
N PRO LC 90 87.58 15.52 -73.41
CA PRO LC 90 88.82 15.09 -72.75
C PRO LC 90 90.02 15.26 -73.67
N ILE LC 91 91.19 15.48 -73.04
CA ILE LC 91 92.38 15.81 -73.80
C ILE LC 91 93.01 14.58 -74.46
N GLU LC 92 92.63 13.38 -74.02
CA GLU LC 92 93.38 12.19 -74.39
C GLU LC 92 93.31 11.93 -75.89
N GLU LC 93 92.10 11.72 -76.41
CA GLU LC 93 91.98 11.37 -77.83
C GLU LC 93 92.39 12.53 -78.73
N LEU LC 94 92.19 13.77 -78.27
CA LEU LC 94 92.67 14.91 -79.04
C LEU LC 94 94.18 14.90 -79.18
N THR LC 95 94.88 14.63 -78.08
CA THR LC 95 96.34 14.53 -78.13
C THR LC 95 96.77 13.38 -79.03
N ALA LC 96 96.07 12.25 -78.93
CA ALA LC 96 96.39 11.13 -79.81
C ALA LC 96 96.23 11.50 -81.28
N ARG LC 97 95.14 12.22 -81.59
CA ARG LC 97 94.90 12.64 -82.96
C ARG LC 97 96.00 13.55 -83.46
N ILE LC 98 96.37 14.56 -82.66
CA ILE LC 98 97.38 15.50 -83.12
C ILE LC 98 98.74 14.81 -83.25
N ALA LC 99 99.03 13.85 -82.37
CA ALA LC 99 100.27 13.08 -82.51
C ALA LC 99 100.27 12.27 -83.79
N LYS LC 100 99.15 11.61 -84.09
CA LYS LC 100 99.06 10.83 -85.31
C LYS LC 100 99.25 11.70 -86.53
N ALA LC 101 98.67 12.90 -86.51
CA ALA LC 101 98.89 13.84 -87.62
C ALA LC 101 100.36 14.24 -87.71
N ALA LC 102 101.01 14.43 -86.56
CA ALA LC 102 102.40 14.85 -86.54
C ALA LC 102 103.37 13.72 -86.83
N HIS LC 103 102.89 12.48 -86.93
CA HIS LC 103 103.72 11.31 -87.22
C HIS LC 103 104.75 11.06 -86.12
N PHE LC 104 104.42 11.40 -84.88
CA PHE LC 104 105.32 11.20 -83.75
C PHE LC 104 104.72 10.20 -82.78
N ARG LC 105 105.58 9.51 -82.05
CA ARG LC 105 105.11 8.52 -81.09
C ARG LC 105 104.49 9.20 -79.88
N PHE LC 106 103.55 8.51 -79.24
CA PHE LC 106 102.74 9.04 -78.16
C PHE LC 106 103.16 8.38 -76.84
N ARG LC 107 103.25 9.18 -75.78
CA ARG LC 107 103.66 8.65 -74.49
C ARG LC 107 102.82 9.28 -73.37
N VAL LC 108 102.44 8.44 -72.41
CA VAL LC 108 101.64 8.86 -71.27
C VAL LC 108 102.33 8.40 -70.00
N LEU LC 109 102.41 9.31 -69.02
CA LEU LC 109 103.00 8.99 -67.73
C LEU LC 109 102.06 9.43 -66.62
N GLY LC 110 102.08 8.69 -65.52
CA GLY LC 110 101.15 8.90 -64.45
C GLY LC 110 99.88 8.09 -64.64
N LYS LC 111 98.94 8.31 -63.73
CA LYS LC 111 97.65 7.64 -63.77
C LYS LC 111 96.54 8.65 -64.01
N SER LC 112 95.60 8.29 -64.85
CA SER LC 112 94.48 9.18 -65.14
C SER LC 112 93.64 9.35 -63.87
N PRO LC 113 93.42 10.57 -63.40
CA PRO LC 113 92.59 10.77 -62.22
C PRO LC 113 91.13 10.45 -62.51
N SER LC 114 90.41 10.12 -61.44
CA SER LC 114 88.99 9.82 -61.58
C SER LC 114 88.22 11.02 -62.12
N VAL LC 115 88.55 12.21 -61.64
CA VAL LC 115 88.01 13.43 -62.24
C VAL LC 115 88.69 13.61 -63.59
N PRO LC 116 87.94 13.67 -64.69
CA PRO LC 116 88.57 13.87 -65.99
C PRO LC 116 89.06 15.30 -66.15
N VAL LC 117 89.94 15.47 -67.14
CA VAL LC 117 90.48 16.77 -67.48
C VAL LC 117 89.77 17.26 -68.74
N LEU LC 118 89.14 18.42 -68.65
CA LEU LC 118 88.35 18.96 -69.74
C LEU LC 118 88.96 20.25 -70.25
N ILE LC 119 88.75 20.53 -71.53
CA ILE LC 119 89.27 21.72 -72.19
C ILE LC 119 88.20 22.30 -73.09
N SER LC 120 88.43 23.54 -73.52
CA SER LC 120 87.56 24.21 -74.48
C SER LC 120 88.46 24.95 -75.47
N ILE LC 121 88.52 24.46 -76.71
CA ILE LC 121 89.44 24.97 -77.71
C ILE LC 121 88.64 25.47 -78.90
N SER LC 122 88.86 26.74 -79.26
CA SER LC 122 88.23 27.32 -80.44
C SER LC 122 89.20 28.35 -81.02
N THR LC 123 90.03 27.91 -81.96
CA THR LC 123 91.03 28.80 -82.55
C THR LC 123 91.02 28.69 -84.06
N LYS LC 124 91.95 29.37 -84.73
CA LYS LC 124 91.96 29.39 -86.19
C LYS LC 124 93.39 29.47 -86.70
N ASP LC 125 93.83 28.40 -87.37
CA ASP LC 125 94.97 28.43 -88.28
C ASP LC 125 96.25 28.89 -87.57
N GLU LC 126 96.69 28.08 -86.62
CA GLU LC 126 97.96 28.32 -85.95
C GLU LC 126 98.76 27.03 -85.90
N SER LC 127 100.03 27.16 -85.54
CA SER LC 127 100.96 26.04 -85.59
C SER LC 127 100.61 24.97 -84.56
N LEU LC 128 101.07 23.76 -84.84
CA LEU LC 128 100.90 22.67 -83.89
C LEU LC 128 101.62 22.96 -82.58
N ALA LC 129 102.79 23.59 -82.66
CA ALA LC 129 103.51 23.95 -81.44
C ALA LC 129 102.69 24.90 -80.58
N GLU LC 130 102.08 25.91 -81.21
CA GLU LC 130 101.25 26.84 -80.45
C GLU LC 130 100.01 26.15 -79.90
N ILE LC 131 99.43 25.24 -80.67
CA ILE LC 131 98.29 24.48 -80.16
C ILE LC 131 98.68 23.70 -78.92
N LEU LC 132 99.83 23.04 -78.96
CA LEU LC 132 100.27 22.24 -77.83
C LEU LC 132 100.59 23.11 -76.62
N ARG LC 133 101.23 24.26 -76.86
CA ARG LC 133 101.53 25.17 -75.75
C ARG LC 133 100.25 25.68 -75.11
N ASP LC 134 99.26 26.03 -75.94
CA ASP LC 134 97.98 26.45 -75.41
C ASP LC 134 97.32 25.34 -74.61
N ILE LC 135 97.42 24.11 -75.10
CA ILE LC 135 96.85 22.97 -74.38
C ILE LC 135 97.50 22.83 -73.02
N ASP LC 136 98.84 22.93 -72.98
CA ASP LC 136 99.54 22.81 -71.72
C ASP LC 136 99.15 23.93 -70.77
N TYR LC 137 99.04 25.15 -71.29
CA TYR LC 137 98.62 26.27 -70.47
C TYR LC 137 97.25 26.03 -69.86
N GLN LC 138 96.30 25.58 -70.68
CA GLN LC 138 94.95 25.36 -70.17
C GLN LC 138 94.91 24.20 -69.17
N ALA LC 139 95.73 23.17 -69.39
CA ALA LC 139 95.81 22.07 -68.44
C ALA LC 139 96.34 22.56 -67.09
N GLY LC 140 97.41 23.34 -67.12
CA GLY LC 140 97.95 23.92 -65.91
C GLY LC 140 98.48 22.92 -64.91
N LYS LC 141 97.94 22.94 -63.70
CA LYS LC 141 98.48 22.16 -62.60
C LYS LC 141 98.21 20.67 -62.73
N LYS LC 142 97.19 20.26 -63.49
CA LYS LC 142 96.80 18.86 -63.52
C LYS LC 142 97.75 18.00 -64.35
N ALA LC 143 98.28 18.54 -65.45
CA ALA LC 143 99.11 17.74 -66.33
C ALA LC 143 100.11 18.64 -67.05
N SER LC 144 101.09 18.02 -67.68
CA SER LC 144 102.14 18.74 -68.39
C SER LC 144 102.47 18.02 -69.69
N ILE LC 145 103.04 18.76 -70.63
CA ILE LC 145 103.38 18.27 -71.96
C ILE LC 145 104.87 18.44 -72.20
N HIS LC 146 105.50 17.41 -72.72
CA HIS LC 146 106.92 17.45 -73.06
C HIS LC 146 107.13 16.86 -74.44
N VAL LC 147 108.20 17.32 -75.09
CA VAL LC 147 108.52 16.95 -76.46
C VAL LC 147 109.97 16.53 -76.54
N TYR LC 148 110.24 15.48 -77.31
CA TYR LC 148 111.61 15.05 -77.61
C TYR LC 148 111.71 14.99 -79.13
N PRO LC 149 112.20 16.05 -79.77
CA PRO LC 149 112.17 16.10 -81.24
C PRO LC 149 113.12 15.10 -81.89
N ASN LC 150 114.34 15.01 -81.39
CA ASN LC 150 115.31 14.08 -81.97
C ASN LC 150 114.84 12.64 -81.89
N SER LC 151 113.90 12.34 -81.00
CA SER LC 151 113.27 11.03 -80.95
C SER LC 151 111.84 11.04 -81.48
N GLN LC 152 111.33 12.21 -81.87
CA GLN LC 152 109.97 12.35 -82.40
C GLN LC 152 108.94 11.77 -81.44
N VAL LC 153 109.02 12.23 -80.19
CA VAL LC 153 108.16 11.71 -79.13
C VAL LC 153 107.39 12.87 -78.52
N VAL LC 154 106.08 12.69 -78.35
CA VAL LC 154 105.24 13.64 -77.64
C VAL LC 154 104.67 12.94 -76.43
N GLU LC 155 104.85 13.52 -75.25
CA GLU LC 155 104.49 12.87 -74.00
C GLU LC 155 103.66 13.83 -73.15
N LEU LC 156 102.71 13.25 -72.43
CA LEU LC 156 101.98 13.96 -71.39
C LEU LC 156 102.22 13.26 -70.06
N ARG LC 157 102.23 14.05 -68.99
CA ARG LC 157 102.42 13.52 -67.65
C ARG LC 157 101.32 14.06 -66.74
N TYR LC 158 100.70 13.16 -65.98
CA TYR LC 158 99.76 13.58 -64.95
C TYR LC 158 100.53 14.17 -63.77
N ALA LC 159 99.80 14.85 -62.89
CA ALA LC 159 100.40 15.44 -61.71
C ALA LC 159 100.31 14.46 -60.54
N LYS LC 160 101.45 14.10 -59.98
CA LYS LC 160 101.50 13.30 -58.76
C LYS LC 160 101.24 14.23 -57.59
N ILE LC 161 100.06 14.11 -56.99
CA ILE LC 161 99.62 15.04 -55.96
C ILE LC 161 98.81 14.26 -54.93
N TYR LC 162 98.32 14.97 -53.90
CA TYR LC 162 97.56 14.37 -52.80
C TYR LC 162 98.44 13.45 -51.98
N ALA MC 104 6.68 -30.97 115.07
CA ALA MC 104 6.08 -32.16 114.46
C ALA MC 104 4.89 -31.78 113.59
N GLU MC 105 3.82 -31.31 114.23
CA GLU MC 105 2.63 -30.85 113.51
C GLU MC 105 2.29 -29.43 113.96
N VAL MC 106 2.48 -29.14 115.25
CA VAL MC 106 2.32 -27.77 115.72
C VAL MC 106 3.35 -26.86 115.07
N ILE MC 107 4.55 -27.38 114.83
CA ILE MC 107 5.55 -26.63 114.08
C ILE MC 107 5.02 -26.30 112.70
N ASP MC 108 4.37 -27.27 112.05
CA ASP MC 108 3.81 -27.04 110.73
C ASP MC 108 2.70 -25.99 110.78
N LYS MC 109 1.86 -26.05 111.82
CA LYS MC 109 0.79 -25.07 111.95
C LYS MC 109 1.36 -23.66 112.12
N LYS MC 110 2.37 -23.51 112.98
CA LYS MC 110 2.99 -22.22 113.18
C LYS MC 110 3.65 -21.73 111.89
N ALA MC 111 4.26 -22.65 111.13
CA ALA MC 111 4.83 -22.30 109.84
C ALA MC 111 3.75 -21.78 108.90
N PHE MC 112 2.58 -22.43 108.90
CA PHE MC 112 1.48 -21.95 108.07
C PHE MC 112 1.08 -20.54 108.48
N LYS MC 113 1.01 -20.30 109.80
CA LYS MC 113 0.62 -18.99 110.29
C LYS MC 113 1.59 -17.90 109.83
N ASP MC 114 2.89 -18.13 110.04
CA ASP MC 114 3.85 -17.10 109.67
C ASP MC 114 3.96 -16.95 108.16
N MET MC 115 3.78 -18.04 107.41
CA MET MC 115 3.74 -17.94 105.96
C MET MC 115 2.57 -17.08 105.52
N THR MC 116 1.41 -17.25 106.15
CA THR MC 116 0.25 -16.42 105.82
C THR MC 116 0.54 -14.96 106.15
N ARG MC 117 1.17 -14.70 107.29
CA ARG MC 117 1.53 -13.33 107.65
C ARG MC 117 2.46 -12.72 106.60
N ASN MC 118 3.47 -13.48 106.18
CA ASN MC 118 4.39 -12.97 105.17
C ASN MC 118 3.68 -12.74 103.83
N LEU MC 119 2.80 -13.67 103.44
CA LEU MC 119 2.09 -13.54 102.18
C LEU MC 119 1.20 -12.31 102.16
N TYR MC 120 0.51 -12.05 103.26
CA TYR MC 120 -0.38 -10.89 103.37
C TYR MC 120 0.05 -10.09 104.60
N PRO MC 121 1.08 -9.26 104.46
CA PRO MC 121 1.55 -8.47 105.61
C PRO MC 121 0.51 -7.49 106.15
N LEU MC 122 -0.48 -7.12 105.36
CA LEU MC 122 -1.47 -6.13 105.76
C LEU MC 122 -2.86 -6.77 105.82
N ASN MC 123 -3.62 -6.40 106.84
CA ASN MC 123 -4.97 -6.91 107.04
C ASN MC 123 -5.97 -6.14 106.19
N PRO MC 124 -7.13 -6.74 105.91
CA PRO MC 124 -8.17 -6.00 105.18
C PRO MC 124 -8.61 -4.73 105.87
N GLU MC 125 -8.60 -4.70 107.21
CA GLU MC 125 -8.90 -3.46 107.92
C GLU MC 125 -7.88 -2.39 107.60
N GLN MC 126 -6.60 -2.77 107.58
CA GLN MC 126 -5.55 -1.83 107.21
C GLN MC 126 -5.73 -1.37 105.77
N VAL MC 127 -6.14 -2.28 104.88
CA VAL MC 127 -6.41 -1.91 103.50
C VAL MC 127 -7.52 -0.87 103.44
N VAL MC 128 -8.59 -1.09 104.21
CA VAL MC 128 -9.70 -0.14 104.22
C VAL MC 128 -9.24 1.22 104.71
N LYS MC 129 -8.47 1.24 105.80
CA LYS MC 129 -8.01 2.51 106.35
C LYS MC 129 -7.10 3.24 105.38
N LEU MC 130 -6.21 2.50 104.70
CA LEU MC 130 -5.30 3.16 103.77
C LEU MC 130 -6.04 3.67 102.53
N LYS MC 131 -7.07 2.94 102.08
CA LYS MC 131 -7.86 3.46 100.98
C LYS MC 131 -8.62 4.71 101.40
N GLN MC 132 -9.12 4.72 102.64
CA GLN MC 132 -9.80 5.90 103.15
C GLN MC 132 -8.87 7.10 103.19
N ILE MC 133 -7.65 6.92 103.73
CA ILE MC 133 -6.73 8.05 103.78
C ILE MC 133 -6.28 8.44 102.37
N TYR MC 134 -6.23 7.48 101.45
CA TYR MC 134 -5.88 7.79 100.07
C TYR MC 134 -6.92 8.70 99.43
N GLU MC 135 -8.20 8.33 99.55
CA GLU MC 135 -9.23 9.18 98.97
C GLU MC 135 -9.31 10.52 99.71
N THR MC 136 -9.00 10.54 101.01
CA THR MC 136 -8.93 11.79 101.73
C THR MC 136 -7.84 12.70 101.15
N SER MC 137 -6.67 12.13 100.90
CA SER MC 137 -5.58 12.91 100.31
C SER MC 137 -5.95 13.38 98.91
N GLU MC 138 -6.62 12.54 98.13
CA GLU MC 138 -7.05 12.95 96.81
C GLU MC 138 -8.03 14.11 96.88
N TYR MC 139 -8.97 14.05 97.83
CA TYR MC 139 -9.92 15.15 97.99
C TYR MC 139 -9.20 16.43 98.42
N ALA MC 140 -8.22 16.30 99.31
CA ALA MC 140 -7.45 17.46 99.74
C ALA MC 140 -6.71 18.07 98.56
N LYS MC 141 -6.12 17.23 97.71
CA LYS MC 141 -5.43 17.73 96.52
C LYS MC 141 -6.40 18.45 95.59
N ALA MC 142 -7.58 17.84 95.37
CA ALA MC 142 -8.55 18.43 94.45
C ALA MC 142 -9.20 19.68 95.03
N ALA MC 143 -9.09 19.90 96.34
CA ALA MC 143 -9.70 21.05 96.96
C ALA MC 143 -9.10 22.34 96.40
N THR MC 144 -9.97 23.30 96.07
CA THR MC 144 -9.53 24.59 95.56
C THR MC 144 -9.75 25.65 96.64
N PRO MC 145 -8.69 26.17 97.25
CA PRO MC 145 -8.87 27.20 98.28
C PRO MC 145 -9.55 28.44 97.71
N GLY MC 146 -10.38 29.05 98.54
CA GLY MC 146 -11.13 30.22 98.11
C GLY MC 146 -12.48 29.88 97.54
N THR MC 147 -13.30 30.91 97.41
CA THR MC 147 -14.61 30.61 96.85
C THR MC 147 -14.52 30.51 95.33
N PRO MC 148 -14.98 29.41 94.77
CA PRO MC 148 -15.02 29.28 93.31
C PRO MC 148 -15.89 30.36 92.70
N PRO MC 149 -15.49 30.91 91.56
CA PRO MC 149 -16.30 31.95 90.92
C PRO MC 149 -17.64 31.42 90.48
N LYS MC 150 -18.65 32.27 90.56
CA LYS MC 150 -20.00 31.90 90.18
C LYS MC 150 -20.13 31.83 88.67
N PRO MC 151 -20.56 30.70 88.11
CA PRO MC 151 -20.80 30.64 86.66
C PRO MC 151 -21.93 31.60 86.28
N THR MC 152 -21.63 32.50 85.34
CA THR MC 152 -22.56 33.55 84.99
C THR MC 152 -22.64 33.69 83.47
N ALA MC 153 -23.75 34.28 83.02
CA ALA MC 153 -23.95 34.64 81.62
C ALA MC 153 -24.21 36.14 81.54
N THR MC 154 -23.62 36.78 80.52
CA THR MC 154 -23.69 38.23 80.39
C THR MC 154 -23.95 38.61 78.95
N SER MC 155 -24.63 39.74 78.76
CA SER MC 155 -24.83 40.34 77.46
C SER MC 155 -24.57 41.83 77.57
N GLN MC 156 -23.83 42.38 76.62
CA GLN MC 156 -23.44 43.78 76.69
C GLN MC 156 -23.29 44.33 75.28
N PHE MC 157 -23.44 45.65 75.16
CA PHE MC 157 -23.42 46.33 73.87
C PHE MC 157 -22.09 47.04 73.68
N VAL MC 158 -21.47 46.80 72.53
CA VAL MC 158 -20.17 47.39 72.21
C VAL MC 158 -20.39 48.76 71.59
N ASN MC 159 -19.49 49.70 71.90
CA ASN MC 159 -19.61 51.07 71.45
C ASN MC 159 -18.40 51.46 70.62
N LEU MC 160 -18.63 52.36 69.65
CA LEU MC 160 -17.59 52.86 68.77
C LEU MC 160 -17.04 54.21 69.21
N SER MC 161 -17.49 54.75 70.34
CA SER MC 161 -17.10 56.08 70.75
C SER MC 161 -15.61 56.12 71.12
N PRO MC 162 -14.95 57.25 70.87
CA PRO MC 162 -13.54 57.37 71.27
C PRO MC 162 -13.37 57.67 72.75
N GLY MC 163 -14.44 57.48 73.52
CA GLY MC 163 -14.36 57.67 74.96
C GLY MC 163 -14.87 56.47 75.71
N SER MC 164 -15.62 55.60 75.04
CA SER MC 164 -16.19 54.43 75.69
C SER MC 164 -15.08 53.48 76.14
N THR MC 165 -15.17 53.04 77.40
CA THR MC 165 -14.19 52.11 77.92
C THR MC 165 -14.32 50.75 77.25
N PRO MC 166 -13.21 50.09 76.94
CA PRO MC 166 -13.30 48.79 76.27
C PRO MC 166 -13.91 47.75 77.19
N PRO MC 167 -14.60 46.76 76.64
CA PRO MC 167 -15.18 45.70 77.47
C PRO MC 167 -14.10 44.83 78.10
N VAL MC 168 -14.44 44.30 79.28
CA VAL MC 168 -13.54 43.45 80.07
C VAL MC 168 -14.22 42.11 80.27
N ILE MC 169 -13.46 41.04 80.09
CA ILE MC 169 -13.96 39.68 80.21
C ILE MC 169 -13.17 38.95 81.29
N ARG MC 170 -13.88 38.40 82.27
CA ARG MC 170 -13.27 37.67 83.36
C ARG MC 170 -13.09 36.21 82.97
N LEU MC 171 -11.93 35.66 83.32
CA LEU MC 171 -11.58 34.30 82.92
C LEU MC 171 -11.01 33.55 84.11
N SER MC 172 -10.94 32.23 83.96
CA SER MC 172 -10.34 31.35 84.96
C SER MC 172 -9.41 30.38 84.26
N GLN MC 173 -8.44 29.87 85.01
CA GLN MC 173 -7.38 29.05 84.44
C GLN MC 173 -7.94 27.72 83.94
N GLY MC 174 -7.78 27.46 82.65
CA GLY MC 174 -8.25 26.21 82.08
C GLY MC 174 -9.74 26.02 82.06
N PHE MC 175 -10.49 27.05 81.67
CA PHE MC 175 -11.94 26.93 81.53
C PHE MC 175 -12.39 27.61 80.25
N VAL MC 176 -13.37 26.99 79.59
CA VAL MC 176 -13.85 27.45 78.30
C VAL MC 176 -14.84 28.60 78.52
N SER MC 177 -14.62 29.70 77.81
CA SER MC 177 -15.53 30.84 77.80
C SER MC 177 -15.98 31.08 76.37
N SER MC 178 -17.28 31.33 76.21
CA SER MC 178 -17.91 31.46 74.90
C SER MC 178 -18.29 32.92 74.65
N LEU MC 179 -17.92 33.43 73.49
CA LEU MC 179 -18.25 34.77 73.04
C LEU MC 179 -19.06 34.67 71.77
N VAL MC 180 -20.23 35.30 71.74
CA VAL MC 180 -21.09 35.29 70.56
C VAL MC 180 -21.40 36.72 70.15
N PHE MC 181 -21.21 37.02 68.87
CA PHE MC 181 -21.33 38.38 68.35
C PHE MC 181 -22.62 38.54 67.57
N LEU MC 182 -23.45 39.51 67.98
CA LEU MC 182 -24.63 39.91 67.24
C LEU MC 182 -24.60 41.42 67.06
N ASP MC 183 -25.22 41.90 65.99
CA ASP MC 183 -25.24 43.32 65.70
C ASP MC 183 -26.25 44.01 66.62
N SER MC 184 -26.53 45.30 66.35
CA SER MC 184 -27.51 46.02 67.15
C SER MC 184 -28.90 45.41 67.01
N THR MC 185 -29.20 44.78 65.87
CA THR MC 185 -30.48 44.15 65.66
C THR MC 185 -30.49 42.68 66.08
N GLY MC 186 -29.37 42.16 66.58
CA GLY MC 186 -29.29 40.78 67.01
C GLY MC 186 -28.85 39.80 65.95
N ALA MC 187 -28.65 40.24 64.72
CA ALA MC 187 -28.20 39.34 63.67
C ALA MC 187 -26.74 38.94 63.91
N PRO MC 188 -26.39 37.66 63.73
CA PRO MC 188 -25.01 37.23 63.93
C PRO MC 188 -24.07 37.91 62.94
N TRP MC 189 -22.85 38.17 63.40
CA TRP MC 189 -21.81 38.79 62.58
C TRP MC 189 -20.59 37.88 62.60
N PRO MC 190 -20.46 37.01 61.60
CA PRO MC 190 -19.32 36.08 61.58
C PRO MC 190 -17.99 36.81 61.57
N ILE MC 191 -17.01 36.19 62.23
CA ILE MC 191 -15.71 36.81 62.44
C ILE MC 191 -14.87 36.65 61.17
N ALA MC 192 -14.35 37.77 60.66
CA ALA MC 192 -13.45 37.69 59.52
C ALA MC 192 -12.06 37.22 59.94
N ALA MC 193 -11.54 37.75 61.05
CA ALA MC 193 -10.19 37.44 61.50
C ALA MC 193 -10.03 37.93 62.93
N TYR MC 194 -8.87 37.63 63.51
CA TYR MC 194 -8.58 38.06 64.88
C TYR MC 194 -7.08 38.20 65.06
N ASP MC 195 -6.71 39.12 65.94
CA ASP MC 195 -5.33 39.29 66.38
C ASP MC 195 -5.27 39.14 67.89
N LEU MC 196 -4.31 38.35 68.37
CA LEU MC 196 -4.13 38.12 69.79
C LEU MC 196 -2.68 38.39 70.16
N GLY MC 197 -2.49 39.27 71.14
CA GLY MC 197 -1.17 39.51 71.69
C GLY MC 197 -0.92 38.58 72.88
N ASP MC 198 0.29 38.03 72.92
CA ASP MC 198 0.67 37.04 73.93
C ASP MC 198 -0.30 35.87 73.96
N PRO MC 199 -0.38 35.06 72.89
CA PRO MC 199 -1.21 33.85 72.95
C PRO MC 199 -0.65 32.76 73.84
N SER MC 200 0.49 33.00 74.51
CA SER MC 200 1.05 31.98 75.40
C SER MC 200 0.16 31.73 76.62
N SER MC 201 -0.81 32.60 76.88
CA SER MC 201 -1.67 32.48 78.03
C SER MC 201 -3.09 32.04 77.69
N PHE MC 202 -3.42 31.91 76.40
CA PHE MC 202 -4.80 31.63 76.02
C PHE MC 202 -4.82 30.69 74.83
N ASN MC 203 -5.95 30.00 74.68
CA ASN MC 203 -6.20 29.15 73.52
C ASN MC 203 -7.49 29.60 72.85
N ILE MC 204 -7.50 29.52 71.52
CA ILE MC 204 -8.64 29.94 70.71
C ILE MC 204 -9.12 28.75 69.89
N GLN MC 205 -10.40 28.42 70.02
CA GLN MC 205 -11.04 27.45 69.13
C GLN MC 205 -12.12 28.19 68.35
N TRP MC 206 -11.97 28.22 67.03
CA TRP MC 206 -12.86 29.06 66.22
C TRP MC 206 -12.85 28.57 64.78
N ASP MC 207 -13.99 28.05 64.32
CA ASP MC 207 -14.17 27.83 62.90
C ASP MC 207 -14.21 29.18 62.18
N LYS MC 208 -13.77 29.18 60.93
CA LYS MC 208 -13.56 30.41 60.20
C LYS MC 208 -14.84 30.98 59.61
N THR MC 209 -16.01 30.57 60.09
CA THR MC 209 -17.27 30.95 59.46
C THR MC 209 -18.30 31.48 60.45
N SER MC 210 -18.13 31.21 61.74
CA SER MC 210 -19.15 31.53 62.72
C SER MC 210 -18.83 32.86 63.41
N ASN MC 211 -19.68 33.25 64.35
CA ASN MC 211 -19.52 34.46 65.14
C ASN MC 211 -19.30 34.12 66.61
N THR MC 212 -18.66 32.99 66.86
CA THR MC 212 -18.50 32.44 68.20
C THR MC 212 -17.04 32.10 68.45
N LEU MC 213 -16.60 32.30 69.69
CA LEU MC 213 -15.24 32.03 70.12
C LEU MC 213 -15.27 31.23 71.41
N MET MC 214 -14.39 30.24 71.50
CA MET MC 214 -14.16 29.48 72.72
C MET MC 214 -12.71 29.71 73.16
N ILE MC 215 -12.55 30.33 74.32
CA ILE MC 215 -11.23 30.74 74.81
C ILE MC 215 -11.01 30.14 76.18
N GLN MC 216 -9.84 29.56 76.40
CA GLN MC 216 -9.45 29.07 77.71
C GLN MC 216 -8.12 29.68 78.13
N ALA MC 217 -7.99 29.97 79.41
CA ALA MC 217 -6.80 30.61 79.96
C ALA MC 217 -5.89 29.57 80.60
N THR MC 218 -4.59 29.84 80.57
CA THR MC 218 -3.59 28.92 81.08
C THR MC 218 -2.88 29.42 82.32
N LYS MC 219 -3.05 30.69 82.68
CA LYS MC 219 -2.36 31.28 83.81
C LYS MC 219 -3.38 31.96 84.71
N LEU MC 220 -3.06 32.00 86.01
CA LEU MC 220 -4.03 32.46 87.00
C LEU MC 220 -4.19 33.98 86.98
N TYR MC 221 -3.09 34.73 86.83
CA TYR MC 221 -3.14 36.18 86.94
C TYR MC 221 -2.32 36.84 85.85
N ASN MC 222 -2.45 36.36 84.62
CA ASN MC 222 -1.80 36.96 83.46
C ASN MC 222 -2.89 37.33 82.45
N TYR MC 223 -3.06 38.62 82.21
CA TYR MC 223 -4.14 39.13 81.39
C TYR MC 223 -3.62 39.60 80.05
N GLY MC 224 -4.52 40.15 79.23
CA GLY MC 224 -4.11 40.66 77.94
C GLY MC 224 -5.26 41.31 77.22
N ASN MC 225 -4.99 41.69 75.98
CA ASN MC 225 -5.99 42.30 75.11
C ASN MC 225 -6.05 41.53 73.81
N LEU MC 226 -7.21 41.58 73.15
CA LEU MC 226 -7.42 40.82 71.94
C LEU MC 226 -8.35 41.58 71.01
N ALA MC 227 -7.98 41.67 69.74
CA ALA MC 227 -8.76 42.39 68.75
C ALA MC 227 -9.40 41.41 67.78
N VAL MC 228 -10.62 41.72 67.35
CA VAL MC 228 -11.36 40.89 66.42
C VAL MC 228 -11.85 41.76 65.28
N ARG MC 229 -11.55 41.36 64.05
CA ARG MC 229 -11.99 42.05 62.84
C ARG MC 229 -13.15 41.28 62.26
N LEU MC 230 -14.29 41.95 62.11
CA LEU MC 230 -15.53 41.27 61.73
C LEU MC 230 -15.69 41.27 60.21
N ARG MC 231 -16.79 40.64 59.76
CA ARG MC 231 -16.98 40.40 58.34
C ARG MC 231 -17.04 41.69 57.55
N GLY MC 232 -17.77 42.68 58.05
CA GLY MC 232 -17.90 43.94 57.34
C GLY MC 232 -17.55 45.13 58.20
N LEU MC 233 -17.03 44.88 59.40
CA LEU MC 233 -16.73 45.95 60.35
C LEU MC 233 -15.42 46.61 59.96
N ASN MC 234 -15.50 47.82 59.43
CA ASN MC 234 -14.29 48.59 59.14
C ASN MC 234 -13.48 48.83 60.40
N THR MC 235 -14.14 48.93 61.55
CA THR MC 235 -13.47 49.14 62.83
C THR MC 235 -13.47 47.84 63.61
N PRO MC 236 -12.32 47.18 63.78
CA PRO MC 236 -12.29 45.98 64.63
C PRO MC 236 -12.50 46.35 66.10
N VAL MC 237 -12.97 45.36 66.84
CA VAL MC 237 -13.35 45.54 68.24
C VAL MC 237 -12.34 44.79 69.11
N MET MC 238 -11.78 45.48 70.10
CA MET MC 238 -10.82 44.88 71.00
C MET MC 238 -11.37 44.83 72.42
N LEU MC 239 -10.97 43.80 73.14
CA LEU MC 239 -11.45 43.53 74.49
C LEU MC 239 -10.28 43.20 75.39
N THR MC 240 -10.47 43.42 76.69
CA THR MC 240 -9.45 43.14 77.69
C THR MC 240 -9.87 41.90 78.47
N LEU MC 241 -9.11 40.82 78.30
CA LEU MC 241 -9.40 39.55 78.96
C LEU MC 241 -8.47 39.40 80.15
N ILE MC 242 -9.05 39.29 81.35
CA ILE MC 242 -8.27 39.21 82.57
C ILE MC 242 -8.68 37.96 83.34
N PRO MC 243 -7.74 37.19 83.88
CA PRO MC 243 -8.09 36.05 84.71
C PRO MC 243 -8.09 36.42 86.19
N GLY MC 244 -8.55 35.48 87.02
CA GLY MC 244 -8.46 35.62 88.45
C GLY MC 244 -9.41 36.62 89.07
N GLN MC 245 -10.71 36.33 89.01
CA GLN MC 245 -11.73 37.11 89.70
C GLN MC 245 -12.67 36.15 90.44
N LYS MC 246 -13.60 36.74 91.20
CA LYS MC 246 -14.54 35.95 91.98
C LYS MC 246 -15.80 35.59 91.21
N ALA MC 247 -15.88 35.95 89.93
CA ALA MC 247 -16.99 35.56 89.08
C ALA MC 247 -16.45 35.11 87.73
N VAL MC 248 -17.14 34.13 87.13
CA VAL MC 248 -16.76 33.60 85.83
C VAL MC 248 -17.96 33.74 84.89
N ASP MC 249 -17.72 34.35 83.73
CA ASP MC 249 -18.76 34.55 82.71
C ASP MC 249 -18.56 33.49 81.63
N TYR MC 250 -19.37 32.43 81.69
CA TYR MC 250 -19.29 31.38 80.68
C TYR MC 250 -19.64 31.92 79.30
N ARG MC 251 -20.79 32.56 79.18
CA ARG MC 251 -21.32 33.03 77.91
C ARG MC 251 -21.41 34.55 77.93
N VAL MC 252 -20.91 35.18 76.87
CA VAL MC 252 -20.99 36.63 76.72
C VAL MC 252 -21.50 36.96 75.33
N ASP MC 253 -22.58 37.73 75.28
CA ASP MC 253 -23.23 38.14 74.04
C ASP MC 253 -22.87 39.59 73.76
N LEU MC 254 -22.05 39.83 72.74
CA LEU MC 254 -21.64 41.17 72.37
C LEU MC 254 -22.59 41.74 71.33
N ARG MC 255 -22.92 43.02 71.50
CA ARG MC 255 -23.84 43.73 70.61
C ARG MC 255 -23.07 44.80 69.86
N VAL MC 256 -23.15 44.76 68.54
CA VAL MC 256 -22.38 45.66 67.69
C VAL MC 256 -23.16 46.96 67.49
N GLN MC 257 -22.42 48.06 67.33
CA GLN MC 257 -23.05 49.34 67.05
C GLN MC 257 -23.80 49.32 65.72
N GLY MC 258 -23.19 48.74 64.69
CA GLY MC 258 -23.74 48.77 63.35
C GLY MC 258 -24.63 47.60 63.03
N TYR MC 259 -24.76 47.33 61.73
CA TYR MC 259 -25.60 46.26 61.21
C TYR MC 259 -24.73 45.10 60.74
N GLY MC 260 -25.12 43.89 61.11
CA GLY MC 260 -24.41 42.70 60.69
C GLY MC 260 -24.65 42.41 59.24
N PRO MC 261 -23.88 41.46 58.68
CA PRO MC 261 -24.02 41.14 57.25
C PRO MC 261 -25.31 40.44 56.90
N ASN MC 262 -26.23 40.27 57.84
CA ASN MC 262 -27.48 39.56 57.59
C ASN MC 262 -28.62 40.26 58.31
N ALA MC 263 -29.82 40.12 57.75
CA ALA MC 263 -31.07 40.52 58.39
C ALA MC 263 -31.01 41.97 58.88
N LYS MC 264 -30.86 42.89 57.93
CA LYS MC 264 -30.78 44.31 58.24
C LYS MC 264 -32.15 44.99 58.26
N SER MC 265 -33.23 44.25 58.04
CA SER MC 265 -34.57 44.81 58.00
C SER MC 265 -35.53 44.10 58.96
N MET MC 266 -34.99 43.45 59.98
CA MET MC 266 -35.85 42.75 60.95
C MET MC 266 -36.84 43.65 61.69
N PRO MC 267 -36.45 44.81 62.22
CA PRO MC 267 -37.40 45.58 63.05
C PRO MC 267 -38.58 46.10 62.23
N THR MC 268 -39.79 45.72 62.66
CA THR MC 268 -41.04 46.24 62.10
C THR MC 268 -41.94 46.68 63.25
N GLU MC 269 -42.62 47.80 63.04
CA GLU MC 269 -43.43 48.38 64.11
C GLU MC 269 -44.87 48.62 63.65
N GLU MC 270 -45.67 49.26 64.50
CA GLU MC 270 -47.04 49.61 64.14
C GLU MC 270 -46.99 50.86 63.26
N GLY MC 271 -47.03 50.66 61.95
CA GLY MC 271 -46.93 51.79 61.03
C GLY MC 271 -48.10 52.73 61.18
N ILE MC 272 -47.81 54.00 61.41
CA ILE MC 272 -48.84 55.03 61.48
C ILE MC 272 -49.47 55.19 60.11
N PRO MC 273 -50.79 55.05 59.98
CA PRO MC 273 -51.43 55.20 58.67
C PRO MC 273 -51.17 56.58 58.12
N PRO MC 274 -50.87 56.68 56.82
CA PRO MC 274 -50.67 57.99 56.20
C PRO MC 274 -51.99 58.73 56.06
N SER MC 275 -51.88 60.05 55.90
CA SER MC 275 -53.06 60.87 55.64
C SER MC 275 -53.50 60.68 54.19
N ALA MC 276 -54.44 61.50 53.74
CA ALA MC 276 -54.93 61.38 52.38
C ALA MC 276 -53.83 61.72 51.36
N ASN MC 277 -53.97 61.17 50.16
CA ASN MC 277 -53.07 61.52 49.07
C ASN MC 277 -53.21 62.99 48.74
N ASP MC 278 -52.11 63.59 48.29
CA ASP MC 278 -52.04 65.03 48.05
C ASP MC 278 -52.27 65.39 46.59
N LEU MC 279 -53.13 64.64 45.89
CA LEU MC 279 -53.52 64.99 44.53
C LEU MC 279 -54.99 65.37 44.43
N LEU MC 280 -55.81 64.89 45.37
CA LEU MC 280 -57.20 65.32 45.39
C LEU MC 280 -57.33 66.82 45.60
N LEU MC 281 -56.31 67.48 46.14
CA LEU MC 281 -56.37 68.93 46.27
C LEU MC 281 -56.26 69.60 44.91
N HIS MC 282 -55.34 69.12 44.05
CA HIS MC 282 -55.32 69.58 42.68
C HIS MC 282 -56.64 69.28 41.99
N VAL MC 283 -57.19 68.10 42.26
CA VAL MC 283 -58.49 67.75 41.70
C VAL MC 283 -59.54 68.77 42.13
N LEU MC 284 -59.56 69.10 43.42
CA LEU MC 284 -60.54 70.04 43.95
C LEU MC 284 -60.40 71.39 43.29
N GLU MC 285 -59.17 71.88 43.16
CA GLU MC 285 -58.96 73.14 42.47
C GLU MC 285 -59.20 73.04 40.98
N GLY MC 286 -59.37 71.83 40.44
CA GLY MC 286 -59.73 71.66 39.06
C GLY MC 286 -58.58 71.26 38.15
N VAL MC 287 -57.35 71.36 38.63
CA VAL MC 287 -56.20 70.94 37.82
C VAL MC 287 -56.23 69.41 37.73
N PRO MC 288 -56.26 68.85 36.52
CA PRO MC 288 -56.20 67.41 36.38
C PRO MC 288 -54.89 66.87 36.91
N PRO MC 289 -54.91 65.70 37.55
CA PRO MC 289 -53.67 65.10 38.03
C PRO MC 289 -52.79 64.67 36.87
N PRO MC 290 -51.48 64.67 37.05
CA PRO MC 290 -50.59 64.26 35.95
C PRO MC 290 -50.83 62.81 35.57
N GLY MC 291 -50.75 62.55 34.26
CA GLY MC 291 -50.92 61.22 33.74
C GLY MC 291 -52.36 60.73 33.70
N SER MC 292 -53.32 61.56 34.06
CA SER MC 292 -54.71 61.13 34.11
C SER MC 292 -55.27 60.97 32.70
N ARG MC 293 -56.51 60.48 32.64
CA ARG MC 293 -57.23 60.30 31.40
C ARG MC 293 -58.61 60.91 31.52
N ARG MC 294 -59.15 61.36 30.39
CA ARG MC 294 -60.42 62.05 30.40
C ARG MC 294 -61.56 61.08 30.73
N LEU MC 295 -62.68 61.64 31.17
CA LEU MC 295 -63.87 60.88 31.51
C LEU MC 295 -65.11 61.67 31.11
N VAL MC 296 -66.20 60.94 30.87
CA VAL MC 296 -67.46 61.54 30.45
C VAL MC 296 -68.50 61.33 31.54
N VAL MC 297 -69.08 62.43 32.01
CA VAL MC 297 -70.07 62.42 33.08
C VAL MC 297 -71.40 62.88 32.50
N SER MC 298 -72.46 62.12 32.76
CA SER MC 298 -73.77 62.42 32.22
C SER MC 298 -74.81 62.40 33.33
N GLY MC 299 -75.73 63.36 33.28
CA GLY MC 299 -76.82 63.44 34.23
C GLY MC 299 -76.54 64.23 35.49
N GLY MC 300 -75.31 64.71 35.68
CA GLY MC 300 -74.97 65.45 36.86
C GLY MC 300 -74.02 66.59 36.54
N ASP MC 301 -73.74 67.40 37.55
CA ASP MC 301 -72.83 68.54 37.41
C ASP MC 301 -71.57 68.22 38.19
N ALA MC 302 -70.62 67.57 37.53
CA ALA MC 302 -69.39 67.15 38.18
C ALA MC 302 -68.35 66.85 37.11
N ARG MC 303 -67.11 66.68 37.56
CA ARG MC 303 -66.03 66.27 36.66
C ARG MC 303 -65.31 65.09 37.28
N ALA MC 304 -64.62 64.31 36.44
CA ALA MC 304 -64.04 63.06 36.86
C ALA MC 304 -62.66 62.89 36.25
N TRP MC 305 -61.89 61.97 36.81
CA TRP MC 305 -60.55 61.67 36.33
C TRP MC 305 -60.18 60.24 36.69
N LEU MC 306 -59.41 59.62 35.80
CA LEU MC 306 -58.84 58.30 36.03
C LEU MC 306 -57.36 58.36 35.67
N SER MC 307 -56.50 58.16 36.67
CA SER MC 307 -55.06 58.26 36.48
C SER MC 307 -54.34 56.97 36.81
N ASN MC 308 -54.63 56.36 37.96
CA ASN MC 308 -53.88 55.24 38.50
C ASN MC 308 -54.83 54.14 38.93
N GLU MC 309 -55.70 53.73 38.00
CA GLU MC 309 -56.81 52.81 38.23
C GLU MC 309 -57.52 53.15 39.52
N LYS MC 310 -57.64 54.43 39.80
CA LYS MC 310 -58.35 54.94 40.98
C LYS MC 310 -59.08 56.19 40.56
N MET MC 311 -60.41 56.18 40.73
CA MET MC 311 -61.22 57.28 40.23
C MET MC 311 -61.19 58.46 41.19
N TYR MC 312 -61.12 59.66 40.62
CA TYR MC 312 -61.27 60.91 41.34
C TYR MC 312 -62.44 61.67 40.75
N VAL MC 313 -63.17 62.39 41.59
CA VAL MC 313 -64.35 63.11 41.13
C VAL MC 313 -64.49 64.41 41.92
N ARG MC 314 -64.68 65.50 41.21
CA ARG MC 314 -64.91 66.81 41.81
C ARG MC 314 -66.37 67.21 41.57
N THR MC 315 -67.05 67.61 42.64
CA THR MC 315 -68.45 68.00 42.55
C THR MC 315 -68.78 68.89 43.74
N ASN MC 316 -70.06 69.09 43.98
CA ASN MC 316 -70.56 69.75 45.18
C ASN MC 316 -71.76 69.00 45.72
N LEU MC 317 -71.79 67.69 45.54
CA LEU MC 317 -72.90 66.83 45.91
C LEU MC 317 -72.43 65.78 46.91
N THR MC 318 -73.30 64.82 47.20
CA THR MC 318 -73.01 63.77 48.15
C THR MC 318 -72.93 62.43 47.43
N ILE MC 319 -71.99 61.60 47.84
CA ILE MC 319 -71.72 60.32 47.20
C ILE MC 319 -72.23 59.20 48.10
N LEU MC 320 -72.99 58.27 47.51
CA LEU MC 320 -73.67 57.25 48.29
C LEU MC 320 -73.26 55.83 47.93
N SER MC 321 -73.35 55.45 46.66
CA SER MC 321 -73.44 54.03 46.32
C SER MC 321 -72.16 53.24 46.62
N PRO MC 322 -71.04 53.49 45.94
CA PRO MC 322 -69.95 52.50 45.98
C PRO MC 322 -69.06 52.59 47.20
N GLY MC 323 -69.19 53.63 48.00
CA GLY MC 323 -68.27 53.83 49.11
C GLY MC 323 -66.95 54.39 48.60
N TRP MC 324 -66.35 55.30 49.37
CA TRP MC 324 -65.11 55.94 48.94
C TRP MC 324 -64.11 55.90 50.08
N LEU MC 325 -62.84 56.07 49.72
CA LEU MC 325 -61.75 56.05 50.68
C LEU MC 325 -61.25 57.44 51.05
N ALA MC 326 -61.11 58.35 50.07
CA ALA MC 326 -60.57 59.67 50.35
C ALA MC 326 -61.59 60.74 49.98
N SER MC 327 -61.69 61.78 50.80
CA SER MC 327 -62.57 62.89 50.49
C SER MC 327 -62.04 64.16 51.13
N MET MC 328 -62.19 65.26 50.39
CA MET MC 328 -61.80 66.58 50.88
C MET MC 328 -62.87 67.59 50.49
N THR MC 329 -62.84 68.73 51.15
CA THR MC 329 -63.81 69.78 50.90
C THR MC 329 -63.13 71.13 51.00
N SER MC 330 -63.44 72.01 50.06
CA SER MC 330 -62.94 73.37 50.07
C SER MC 330 -63.71 74.20 51.10
N ALA MC 331 -63.37 75.48 51.18
CA ALA MC 331 -64.09 76.38 52.07
C ALA MC 331 -65.48 76.73 51.56
N ASP MC 332 -65.81 76.37 50.32
CA ASP MC 332 -67.10 76.67 49.73
C ASP MC 332 -67.99 75.44 49.59
N GLY MC 333 -67.64 74.34 50.25
CA GLY MC 333 -68.42 73.13 50.16
C GLY MC 333 -68.14 72.29 48.93
N THR MC 334 -67.19 72.69 48.09
CA THR MC 334 -66.84 71.89 46.93
C THR MC 334 -66.12 70.61 47.39
N HIS MC 335 -66.68 69.47 47.02
CA HIS MC 335 -66.20 68.18 47.49
C HIS MC 335 -65.37 67.49 46.40
N ALA MC 336 -64.35 66.75 46.85
CA ALA MC 336 -63.50 65.97 45.96
C ALA MC 336 -63.31 64.59 46.56
N TYR MC 337 -63.63 63.56 45.78
CA TYR MC 337 -63.65 62.18 46.24
C TYR MC 337 -62.65 61.35 45.45
N GLU MC 338 -62.10 60.34 46.12
CA GLU MC 338 -61.23 59.36 45.49
C GLU MC 338 -61.61 57.98 45.98
N MET MC 339 -61.80 57.06 45.05
CA MET MC 339 -62.22 55.70 45.37
C MET MC 339 -61.87 54.78 44.21
N GLN MC 340 -62.44 53.59 44.20
CA GLN MC 340 -62.25 52.64 43.11
C GLN MC 340 -63.10 53.02 41.91
N LYS MC 341 -63.22 52.11 40.95
CA LYS MC 341 -63.91 52.37 39.70
C LYS MC 341 -65.22 51.61 39.64
N SER MC 342 -66.26 52.25 39.09
CA SER MC 342 -67.56 51.66 38.91
C SER MC 342 -68.34 52.54 37.95
N PRO MC 343 -69.04 51.95 36.98
CA PRO MC 343 -69.71 52.77 35.95
C PRO MC 343 -70.91 53.56 36.45
N VAL MC 344 -71.34 53.36 37.70
CA VAL MC 344 -72.55 54.00 38.19
C VAL MC 344 -72.24 54.72 39.49
N LEU MC 345 -73.08 55.71 39.80
CA LEU MC 345 -72.97 56.46 41.04
C LEU MC 345 -74.36 56.80 41.55
N LEU MC 346 -74.47 56.97 42.86
CA LEU MC 346 -75.72 57.37 43.48
C LEU MC 346 -75.48 58.62 44.31
N VAL MC 347 -76.34 59.62 44.13
CA VAL MC 347 -76.22 60.88 44.86
C VAL MC 347 -77.57 61.24 45.45
N SER MC 348 -77.53 62.13 46.43
CA SER MC 348 -78.73 62.73 47.01
C SER MC 348 -78.69 64.21 46.66
N TRP MC 349 -79.53 64.62 45.71
CA TRP MC 349 -79.43 65.98 45.19
C TRP MC 349 -79.95 67.00 46.21
N HIS MC 350 -81.24 66.93 46.54
CA HIS MC 350 -81.83 67.74 47.59
C HIS MC 350 -82.73 66.87 48.44
N GLY MC 351 -82.20 65.74 48.90
CA GLY MC 351 -82.98 64.73 49.54
C GLY MC 351 -83.60 63.73 48.60
N LYS MC 352 -83.61 64.02 47.30
CA LYS MC 352 -84.09 63.11 46.28
C LYS MC 352 -82.91 62.36 45.68
N VAL MC 353 -83.03 61.05 45.60
CA VAL MC 353 -81.94 60.21 45.13
C VAL MC 353 -81.86 60.31 43.61
N MET MC 354 -80.65 60.11 43.08
CA MET MC 354 -80.45 60.18 41.64
C MET MC 354 -79.26 59.32 41.25
N GLN MC 355 -79.27 58.90 39.99
CA GLN MC 355 -78.29 57.98 39.43
C GLN MC 355 -77.40 58.68 38.40
N LEU MC 356 -76.12 58.35 38.43
CA LEU MC 356 -75.13 58.93 37.51
C LEU MC 356 -74.47 57.82 36.72
N LYS MC 357 -74.38 58.02 35.40
CA LYS MC 357 -73.79 57.07 34.48
C LYS MC 357 -72.43 57.58 34.03
N VAL MC 358 -71.46 56.67 33.93
CA VAL MC 358 -70.08 57.02 33.62
C VAL MC 358 -69.68 56.40 32.29
N GLU MC 359 -68.95 57.16 31.49
CA GLU MC 359 -68.41 56.66 30.23
C GLU MC 359 -66.89 56.78 30.23
N GLY MC 360 -66.24 55.95 29.43
CA GLY MC 360 -64.81 55.92 29.33
C GLY MC 360 -64.12 54.96 30.27
N LEU MC 361 -64.84 54.47 31.29
CA LEU MC 361 -64.26 53.55 32.25
C LEU MC 361 -64.34 52.11 31.73
N VAL NC 38 -49.13 90.06 2.42
CA VAL NC 38 -50.27 90.96 2.29
C VAL NC 38 -51.54 90.37 2.93
N PRO NC 39 -51.87 89.10 2.67
CA PRO NC 39 -52.99 88.49 3.41
C PRO NC 39 -52.70 88.26 4.87
N LYS NC 40 -51.46 88.49 5.32
CA LYS NC 40 -51.08 88.33 6.71
C LYS NC 40 -50.88 89.66 7.40
N LEU NC 41 -50.05 90.54 6.85
CA LEU NC 41 -49.76 91.82 7.45
C LEU NC 41 -50.62 92.89 6.81
N PRO NC 42 -51.42 93.63 7.58
CA PRO NC 42 -52.24 94.71 6.98
C PRO NC 42 -51.35 95.75 6.31
N CYS NC 43 -51.61 95.97 5.01
CA CYS NC 43 -50.80 96.92 4.26
C CYS NC 43 -50.94 98.34 4.76
N ARG NC 44 -52.13 98.73 5.21
CA ARG NC 44 -52.36 100.04 5.78
C ARG NC 44 -53.18 99.90 7.04
N VAL NC 45 -53.26 101.00 7.81
CA VAL NC 45 -54.04 100.96 9.05
C VAL NC 45 -55.51 100.74 8.70
N ASP NC 46 -56.25 100.22 9.68
CA ASP NC 46 -57.62 99.78 9.44
C ASP NC 46 -58.53 100.97 9.13
N GLY NC 47 -59.40 100.78 8.14
CA GLY NC 47 -60.37 101.80 7.78
C GLY NC 47 -59.75 103.11 7.33
N ALA NC 48 -58.72 103.05 6.51
CA ALA NC 48 -57.96 104.23 6.12
C ALA NC 48 -58.31 104.63 4.70
N CYS NC 49 -58.58 105.92 4.50
CA CYS NC 49 -58.82 106.44 3.16
C CYS NC 49 -58.53 107.93 3.17
N ASP NC 50 -57.42 108.32 2.54
CA ASP NC 50 -57.09 109.73 2.43
C ASP NC 50 -58.17 110.50 1.69
N ALA NC 51 -58.84 109.85 0.74
CA ALA NC 51 -59.95 110.48 0.05
C ALA NC 51 -61.04 110.87 1.04
N THR NC 52 -61.43 109.95 1.92
CA THR NC 52 -62.42 110.26 2.94
C THR NC 52 -61.92 111.35 3.87
N ILE NC 53 -60.63 111.28 4.23
CA ILE NC 53 -60.06 112.28 5.14
C ILE NC 53 -60.22 113.68 4.55
N ILE NC 54 -59.78 113.84 3.30
CA ILE NC 54 -59.88 115.15 2.65
C ILE NC 54 -61.34 115.55 2.47
N LYS NC 55 -62.19 114.59 2.11
CA LYS NC 55 -63.60 114.89 1.89
C LYS NC 55 -64.24 115.47 3.13
N MET NC 56 -64.09 114.80 4.27
CA MET NC 56 -64.76 115.29 5.47
C MET NC 56 -64.06 116.51 6.05
N MET NC 57 -62.75 116.67 5.84
CA MET NC 57 -62.12 117.92 6.23
C MET NC 57 -62.71 119.09 5.45
N THR NC 58 -62.88 118.92 4.14
CA THR NC 58 -63.52 119.95 3.32
C THR NC 58 -64.94 120.19 3.77
N ASP NC 59 -65.67 119.13 4.11
CA ASP NC 59 -67.05 119.28 4.57
C ASP NC 59 -67.11 120.09 5.86
N LEU NC 60 -66.20 119.81 6.80
CA LEU NC 60 -66.18 120.58 8.04
C LEU NC 60 -65.85 122.04 7.79
N ASN NC 61 -64.90 122.30 6.90
CA ASN NC 61 -64.59 123.68 6.55
C ASN NC 61 -65.78 124.37 5.91
N LYS NC 62 -66.52 123.65 5.06
CA LYS NC 62 -67.72 124.20 4.45
C LYS NC 62 -68.76 124.53 5.53
N LYS NC 63 -68.92 123.64 6.50
CA LYS NC 63 -69.86 123.90 7.59
C LYS NC 63 -69.36 125.01 8.51
N GLY NC 64 -68.08 125.34 8.46
CA GLY NC 64 -67.54 126.46 9.20
C GLY NC 64 -66.64 126.10 10.36
N ILE NC 65 -66.41 124.81 10.60
CA ILE NC 65 -65.55 124.41 11.70
C ILE NC 65 -64.10 124.69 11.33
N LYS NC 66 -63.39 125.40 12.19
CA LYS NC 66 -62.02 125.78 11.88
C LYS NC 66 -61.11 124.56 12.01
N VAL NC 67 -60.44 124.18 10.92
CA VAL NC 67 -59.55 123.04 10.90
C VAL NC 67 -58.16 123.54 10.53
N ALA NC 68 -57.18 123.27 11.39
CA ALA NC 68 -55.81 123.68 11.17
C ALA NC 68 -54.89 122.48 11.29
N SER NC 69 -54.01 122.31 10.31
CA SER NC 69 -53.06 121.21 10.28
C SER NC 69 -51.72 121.77 9.82
N VAL NC 70 -50.92 122.22 10.78
CA VAL NC 70 -49.59 122.75 10.53
C VAL NC 70 -48.59 121.84 11.23
N GLY NC 71 -47.59 121.37 10.48
CA GLY NC 71 -46.69 120.38 11.03
C GLY NC 71 -47.45 119.13 11.40
N GLN NC 72 -47.10 118.56 12.56
CA GLN NC 72 -47.78 117.38 13.07
C GLN NC 72 -48.73 117.71 14.21
N ASN NC 73 -49.05 118.98 14.41
CA ASN NC 73 -50.02 119.39 15.42
C ASN NC 73 -51.33 119.76 14.74
N TYR NC 74 -52.42 119.20 15.22
CA TYR NC 74 -53.73 119.37 14.60
C TYR NC 74 -54.69 120.03 15.58
N LEU NC 75 -55.45 120.99 15.07
CA LEU NC 75 -56.41 121.77 15.86
C LEU NC 75 -57.75 121.82 15.14
N ILE NC 76 -58.82 121.69 15.90
CA ILE NC 76 -60.17 121.88 15.39
C ILE NC 76 -60.94 122.74 16.39
N SER NC 77 -61.51 123.84 15.90
CA SER NC 77 -62.20 124.80 16.73
C SER NC 77 -63.64 124.93 16.27
N ILE NC 78 -64.56 124.99 17.24
CA ILE NC 78 -65.99 125.04 16.96
C ILE NC 78 -66.62 126.16 17.78
N PRO NC 79 -67.48 126.98 17.19
CA PRO NC 79 -68.21 127.98 17.98
C PRO NC 79 -69.10 127.32 19.01
N ALA NC 80 -69.18 127.93 20.20
CA ALA NC 80 -69.96 127.35 21.28
C ALA NC 80 -71.45 127.37 20.99
N SER NC 81 -71.91 128.32 20.17
CA SER NC 81 -73.33 128.40 19.87
C SER NC 81 -73.83 127.18 19.09
N ALA NC 82 -72.97 126.53 18.32
CA ALA NC 82 -73.39 125.39 17.53
C ALA NC 82 -73.71 124.18 18.40
N LEU NC 83 -73.21 124.13 19.62
CA LEU NC 83 -73.40 122.96 20.48
C LEU NC 83 -74.18 123.27 21.75
N PHE NC 84 -73.81 124.31 22.48
CA PHE NC 84 -74.46 124.62 23.74
C PHE NC 84 -75.44 125.78 23.58
N ALA NC 85 -76.43 125.81 24.46
CA ALA NC 85 -77.37 126.91 24.51
C ALA NC 85 -76.73 128.10 25.22
N ASP NC 86 -77.55 129.11 25.52
CA ASP NC 86 -77.05 130.36 26.07
C ASP NC 86 -76.38 130.13 27.43
N GLN NC 87 -75.06 130.24 27.46
CA GLN NC 87 -74.22 129.92 28.62
C GLN NC 87 -74.73 128.67 29.34
N SER NC 88 -75.17 127.69 28.55
CA SER NC 88 -75.86 126.54 29.09
C SER NC 88 -75.07 125.27 28.82
N PRO NC 89 -74.64 124.56 29.85
CA PRO NC 89 -73.94 123.29 29.67
C PRO NC 89 -74.89 122.14 29.36
N ARG NC 90 -75.58 122.24 28.22
CA ARG NC 90 -76.51 121.22 27.79
C ARG NC 90 -76.41 121.06 26.28
N LEU NC 91 -76.91 119.94 25.78
CA LEU NC 91 -76.78 119.58 24.37
C LEU NC 91 -78.15 119.44 23.75
N ASN NC 92 -78.39 120.19 22.68
CA ASN NC 92 -79.55 119.91 21.84
C ASN NC 92 -79.33 118.61 21.08
N TRP NC 93 -80.44 118.00 20.67
CA TRP NC 93 -80.35 116.67 20.08
C TRP NC 93 -79.56 116.67 18.77
N ALA NC 94 -79.71 117.72 17.97
CA ALA NC 94 -79.01 117.77 16.69
C ALA NC 94 -77.50 117.76 16.86
N SER NC 95 -77.00 118.33 17.96
CA SER NC 95 -75.56 118.39 18.17
C SER NC 95 -74.93 117.00 18.23
N TYR NC 96 -75.71 115.99 18.60
CA TYR NC 96 -75.17 114.64 18.68
C TYR NC 96 -74.77 114.12 17.31
N SER NC 97 -75.50 114.50 16.26
CA SER NC 97 -75.10 114.10 14.91
C SER NC 97 -73.75 114.71 14.55
N LEU NC 98 -73.56 115.99 14.87
CA LEU NC 98 -72.28 116.64 14.58
C LEU NC 98 -71.16 115.99 15.37
N LEU NC 99 -71.41 115.66 16.64
CA LEU NC 99 -70.40 114.95 17.42
C LEU NC 99 -70.11 113.58 16.83
N ASN NC 100 -71.14 112.92 16.31
CA ASN NC 100 -70.93 111.64 15.63
C ASN NC 100 -69.99 111.82 14.45
N GLU NC 101 -70.22 112.85 13.64
CA GLU NC 101 -69.33 113.12 12.51
C GLU NC 101 -67.91 113.40 12.99
N ILE NC 102 -67.78 114.19 14.06
CA ILE NC 102 -66.46 114.52 14.59
C ILE NC 102 -65.73 113.26 15.03
N ALA NC 103 -66.42 112.39 15.76
CA ALA NC 103 -65.81 111.16 16.23
C ALA NC 103 -65.43 110.27 15.06
N ALA NC 104 -66.28 110.21 14.02
CA ALA NC 104 -65.95 109.42 12.85
C ALA NC 104 -64.69 109.93 12.19
N PHE NC 105 -64.54 111.25 12.08
CA PHE NC 105 -63.31 111.82 11.53
C PHE NC 105 -62.12 111.45 12.41
N LEU NC 106 -62.28 111.57 13.72
CA LEU NC 106 -61.15 111.34 14.63
C LEU NC 106 -60.73 109.89 14.66
N LYS NC 107 -61.65 108.97 14.35
CA LYS NC 107 -61.33 107.54 14.40
C LYS NC 107 -60.16 107.20 13.49
N GLN NC 108 -59.95 107.96 12.42
CA GLN NC 108 -59.00 107.56 11.40
C GLN NC 108 -57.57 107.58 11.92
N PHE NC 109 -57.21 108.58 12.72
CA PHE NC 109 -55.81 108.79 13.04
C PHE NC 109 -55.35 107.88 14.18
N ARG NC 110 -54.05 107.88 14.41
CA ARG NC 110 -53.44 107.29 15.60
C ARG NC 110 -52.93 108.43 16.47
N LYS NC 111 -53.27 108.38 17.76
CA LYS NC 111 -52.97 109.48 18.66
C LYS NC 111 -52.62 108.95 20.03
N ILE NC 112 -52.17 109.85 20.90
CA ILE NC 112 -51.82 109.51 22.27
C ILE NC 112 -52.62 110.37 23.23
N ALA NC 113 -52.45 111.67 23.14
CA ALA NC 113 -53.08 112.62 24.05
C ALA NC 113 -53.97 113.57 23.27
N ILE NC 114 -55.14 113.84 23.83
CA ILE NC 114 -56.10 114.78 23.25
C ILE NC 114 -56.40 115.84 24.30
N THR NC 115 -56.26 117.11 23.92
CA THR NC 115 -56.53 118.21 24.82
C THR NC 115 -57.76 118.96 24.33
N VAL NC 116 -58.68 119.23 25.25
CA VAL NC 116 -59.89 119.99 24.94
C VAL NC 116 -59.95 121.20 25.86
N THR NC 117 -60.15 122.36 25.26
CA THR NC 117 -60.19 123.63 25.98
C THR NC 117 -61.48 124.35 25.65
N SER NC 118 -62.06 124.98 26.67
CA SER NC 118 -63.31 125.72 26.53
C SER NC 118 -63.08 127.18 26.81
N TYR NC 119 -63.59 128.04 25.93
CA TYR NC 119 -63.51 129.49 26.09
C TYR NC 119 -64.92 130.07 26.01
N SER NC 120 -65.22 131.03 26.87
CA SER NC 120 -66.55 131.63 26.89
C SER NC 120 -66.46 133.15 26.83
N SER NC 121 -67.59 133.82 27.01
CA SER NC 121 -67.65 135.27 27.10
C SER NC 121 -67.88 135.69 28.54
N LYS NC 122 -67.51 136.94 28.84
CA LYS NC 122 -67.66 137.46 30.19
C LYS NC 122 -69.13 137.74 30.48
N TYR NC 123 -69.67 137.06 31.49
CA TYR NC 123 -71.11 137.13 31.78
C TYR NC 123 -71.40 137.78 33.13
N VAL NC 124 -70.89 137.22 34.23
CA VAL NC 124 -71.12 137.79 35.55
C VAL NC 124 -69.82 137.93 36.32
N SER NC 125 -69.07 136.83 36.43
CA SER NC 125 -67.89 136.78 37.28
C SER NC 125 -66.78 136.09 36.50
N VAL NC 126 -65.73 135.68 37.21
CA VAL NC 126 -64.70 134.83 36.64
C VAL NC 126 -64.97 133.37 36.95
N LYS NC 127 -65.34 133.07 38.19
CA LYS NC 127 -65.58 131.69 38.60
C LYS NC 127 -66.74 131.08 37.85
N ARG NC 128 -67.80 131.86 37.62
CA ARG NC 128 -68.95 131.34 36.90
C ARG NC 128 -68.57 130.88 35.50
N GLU NC 129 -67.85 131.74 34.76
CA GLU NC 129 -67.42 131.39 33.42
C GLU NC 129 -66.47 130.19 33.44
N ARG NC 130 -65.54 130.18 34.40
CA ARG NC 130 -64.60 129.06 34.46
C ARG NC 130 -65.33 127.75 34.74
N ALA NC 131 -66.30 127.77 35.65
CA ALA NC 131 -67.05 126.57 35.95
C ALA NC 131 -67.87 126.12 34.75
N LEU NC 132 -68.49 127.05 34.03
CA LEU NC 132 -69.26 126.67 32.85
C LEU NC 132 -68.36 126.02 31.81
N THR NC 133 -67.19 126.61 31.57
CA THR NC 133 -66.24 126.04 30.62
C THR NC 133 -65.81 124.65 31.07
N LEU NC 134 -65.51 124.50 32.35
CA LEU NC 134 -65.08 123.20 32.87
C LEU NC 134 -66.16 122.16 32.70
N ALA NC 135 -67.41 122.50 33.01
CA ALA NC 135 -68.49 121.55 32.87
C ALA NC 135 -68.68 121.14 31.41
N ARG NC 136 -68.65 122.12 30.50
CA ARG NC 136 -68.82 121.80 29.09
C ARG NC 136 -67.70 120.88 28.60
N SER NC 137 -66.46 121.19 28.99
CA SER NC 137 -65.34 120.35 28.60
C SER NC 137 -65.49 118.95 29.15
N ARG NC 138 -65.90 118.82 30.41
CA ARG NC 138 -66.08 117.50 30.99
C ARG NC 138 -67.15 116.71 30.24
N VAL NC 139 -68.25 117.36 29.90
CA VAL NC 139 -69.33 116.66 29.21
C VAL NC 139 -68.86 116.17 27.85
N VAL NC 140 -68.25 117.06 27.06
CA VAL NC 140 -67.84 116.66 25.72
C VAL NC 140 -66.76 115.59 25.79
N SER NC 141 -65.84 115.70 26.75
CA SER NC 141 -64.81 114.68 26.90
C SER NC 141 -65.41 113.34 27.26
N GLU NC 142 -66.40 113.33 28.16
CA GLU NC 142 -67.02 112.07 28.56
C GLU NC 142 -67.70 111.41 27.37
N TYR NC 143 -68.44 112.19 26.58
CA TYR NC 143 -69.10 111.59 25.42
C TYR NC 143 -68.07 111.10 24.41
N LEU NC 144 -67.00 111.85 24.20
CA LEU NC 144 -65.97 111.40 23.28
C LEU NC 144 -65.37 110.09 23.74
N TRP NC 145 -65.10 109.97 25.04
CA TRP NC 145 -64.55 108.73 25.56
C TRP NC 145 -65.53 107.59 25.41
N SER NC 146 -66.82 107.86 25.61
CA SER NC 146 -67.84 106.85 25.34
C SER NC 146 -67.73 106.39 23.90
N GLN NC 147 -67.44 107.30 22.99
CA GLN NC 147 -67.11 106.91 21.63
C GLN NC 147 -65.72 106.30 21.59
N GLY NC 148 -65.49 105.48 20.57
CA GLY NC 148 -64.24 104.74 20.48
C GLY NC 148 -63.04 105.59 20.14
N VAL NC 149 -62.74 106.58 20.95
CA VAL NC 149 -61.61 107.46 20.70
C VAL NC 149 -60.32 106.71 20.98
N ASP NC 150 -59.62 106.31 19.94
CA ASP NC 150 -58.41 105.53 20.11
C ASP NC 150 -57.27 106.42 20.58
N SER NC 151 -57.26 106.75 21.87
CA SER NC 151 -56.20 107.55 22.46
C SER NC 151 -55.71 106.87 23.73
N ARG NC 152 -54.88 107.58 24.48
CA ARG NC 152 -54.36 107.10 25.75
C ARG NC 152 -54.64 108.04 26.90
N ILE NC 153 -54.54 109.35 26.68
CA ILE NC 153 -54.83 110.34 27.71
C ILE NC 153 -55.65 111.45 27.11
N ILE NC 154 -56.63 111.93 27.86
CA ILE NC 154 -57.44 113.07 27.47
C ILE NC 154 -57.42 114.08 28.61
N PHE NC 155 -56.98 115.30 28.30
CA PHE NC 155 -57.00 116.41 29.24
C PHE NC 155 -58.12 117.37 28.85
N THR NC 156 -58.82 117.88 29.86
CA THR NC 156 -59.93 118.80 29.65
C THR NC 156 -59.81 119.98 30.59
N GLN NC 157 -60.02 121.18 30.04
CA GLN NC 157 -60.07 122.36 30.90
C GLN NC 157 -60.76 123.50 30.17
N GLY NC 158 -61.18 124.49 30.95
CA GLY NC 158 -61.81 125.68 30.40
C GLY NC 158 -61.36 126.89 31.16
N LEU NC 159 -61.27 128.01 30.44
CA LEU NC 159 -60.70 129.23 31.00
C LEU NC 159 -61.62 130.43 30.86
N GLY NC 160 -62.94 130.21 30.83
CA GLY NC 160 -63.89 131.30 30.73
C GLY NC 160 -63.64 132.22 29.56
N SER NC 161 -63.25 133.46 29.85
CA SER NC 161 -62.94 134.43 28.80
C SER NC 161 -61.54 135.00 28.96
N ASP NC 162 -60.65 134.28 29.63
CA ASP NC 162 -59.33 134.81 29.98
C ASP NC 162 -58.36 134.80 28.80
N LYS NC 163 -58.70 134.16 27.69
CA LYS NC 163 -57.84 134.08 26.52
C LYS NC 163 -58.62 134.52 25.29
N PRO NC 164 -58.85 135.82 25.15
CA PRO NC 164 -59.64 136.32 24.02
C PRO NC 164 -58.92 136.10 22.70
N ILE NC 165 -59.71 136.03 21.63
CA ILE NC 165 -59.18 135.87 20.29
C ILE NC 165 -59.48 137.04 19.39
N THR NC 166 -60.36 137.95 19.79
CA THR NC 166 -60.70 139.11 18.97
C THR NC 166 -61.16 140.23 19.89
N SER NC 167 -60.71 141.45 19.59
CA SER NC 167 -61.08 142.59 20.41
C SER NC 167 -62.58 142.84 20.37
N TYR NC 168 -63.19 142.72 19.19
CA TYR NC 168 -64.62 142.91 19.05
C TYR NC 168 -65.37 141.89 19.89
N THR NC 169 -66.20 142.38 20.81
CA THR NC 169 -66.92 141.52 21.74
C THR NC 169 -68.37 141.98 21.92
N LEU NC 170 -68.95 142.58 20.88
CA LEU NC 170 -70.32 143.08 20.99
C LEU NC 170 -71.31 141.95 21.21
N GLY NC 171 -71.16 140.86 20.48
CA GLY NC 171 -72.07 139.74 20.62
C GLY NC 171 -71.88 139.00 21.93
N GLY NC 172 -72.89 138.21 22.27
CA GLY NC 172 -72.83 137.40 23.47
C GLY NC 172 -72.21 136.05 23.20
N ASP NC 173 -72.96 134.98 23.42
CA ASP NC 173 -72.47 133.66 23.05
C ASP NC 173 -72.34 133.49 21.55
N ARG NC 174 -73.06 134.30 20.77
CA ARG NC 174 -72.92 134.28 19.33
C ARG NC 174 -71.55 134.77 18.87
N SER NC 175 -70.85 135.51 19.71
CA SER NC 175 -69.56 136.05 19.33
C SER NC 175 -68.55 134.92 19.13
N PRO NC 176 -67.66 135.03 18.15
CA PRO NC 176 -66.69 133.95 17.90
C PRO NC 176 -65.71 133.74 19.03
N ASN NC 177 -65.56 134.71 19.93
CA ASN NC 177 -64.61 134.56 21.03
C ASN NC 177 -64.93 133.32 21.87
N ALA NC 178 -66.21 133.09 22.16
CA ALA NC 178 -66.60 131.86 22.82
C ALA NC 178 -66.48 130.71 21.84
N ARG NC 179 -65.87 129.61 22.29
CA ARG NC 179 -65.44 128.55 21.37
C ARG NC 179 -65.00 127.34 22.18
N VAL NC 180 -64.76 126.25 21.46
CA VAL NC 180 -64.16 125.05 22.01
C VAL NC 180 -63.09 124.56 21.05
N GLU NC 181 -61.95 124.14 21.60
CA GLU NC 181 -60.81 123.71 20.81
C GLU NC 181 -60.42 122.30 21.18
N ILE NC 182 -60.14 121.49 20.16
CA ILE NC 182 -59.57 120.16 20.32
C ILE NC 182 -58.21 120.19 19.65
N THR NC 183 -57.17 119.81 20.40
CA THR NC 183 -55.81 119.85 19.90
C THR NC 183 -55.12 118.53 20.20
N PHE NC 184 -54.21 118.14 19.31
CA PHE NC 184 -53.40 116.95 19.53
C PHE NC 184 -52.23 116.97 18.56
N ARG NC 185 -51.41 115.92 18.62
CA ARG NC 185 -50.26 115.76 17.75
C ARG NC 185 -50.33 114.40 17.07
N ARG NC 186 -49.91 114.35 15.82
CA ARG NC 186 -49.86 113.10 15.08
C ARG NC 186 -48.95 112.10 15.79
N ALA NC 187 -49.44 110.88 15.96
CA ALA NC 187 -48.67 109.83 16.63
C ALA NC 187 -48.03 108.91 15.59
N VAL NC 188 -47.07 109.48 14.86
CA VAL NC 188 -46.29 108.72 13.87
C VAL NC 188 -47.19 108.02 12.86
N CYS OC 42 -92.66 120.43 17.87
CA CYS OC 42 -93.30 119.14 17.73
C CYS OC 42 -93.06 118.26 18.96
N PHE OC 43 -91.81 117.81 19.13
CA PHE OC 43 -91.46 116.97 20.25
C PHE OC 43 -89.97 117.10 20.53
N HIS OC 44 -89.60 117.03 21.81
CA HIS OC 44 -88.20 117.05 22.22
C HIS OC 44 -87.86 115.73 22.88
N PRO OC 45 -86.91 114.98 22.35
CA PRO OC 45 -86.51 113.70 22.96
C PRO OC 45 -86.11 113.86 24.42
N PRO OC 46 -85.41 114.95 24.81
CA PRO OC 46 -85.15 115.13 26.25
C PRO OC 46 -86.40 115.51 27.02
N TYR OC 47 -87.28 114.53 27.24
CA TYR OC 47 -88.45 114.65 28.10
C TYR OC 47 -89.34 115.84 27.72
N ASN OC 48 -89.28 116.27 26.46
CA ASN OC 48 -90.03 117.44 26.01
C ASN OC 48 -89.82 118.62 26.94
N ASN OC 49 -88.59 118.78 27.40
CA ASN OC 49 -88.20 119.88 28.29
C ASN OC 49 -89.10 119.96 29.51
N PHE OC 50 -89.49 118.79 30.04
CA PHE OC 50 -90.38 118.71 31.20
C PHE OC 50 -91.67 119.50 30.97
N GLN OC 51 -92.22 119.38 29.78
CA GLN OC 51 -93.49 120.01 29.46
C GLN OC 51 -94.51 118.93 29.11
N PRO OC 52 -95.71 118.97 29.70
CA PRO OC 52 -96.73 117.99 29.34
C PRO OC 52 -97.23 118.20 27.93
N ASP OC 53 -96.89 117.27 27.03
CA ASP OC 53 -97.17 117.48 25.61
C ASP OC 53 -98.66 117.42 25.32
N ARG OC 54 -99.07 118.13 24.28
CA ARG OC 54 -100.41 117.99 23.71
C ARG OC 54 -100.33 116.88 22.68
N ARG OC 55 -100.60 115.66 23.13
CA ARG OC 55 -100.35 114.49 22.29
C ARG OC 55 -101.34 114.41 21.14
N ALA OC 56 -102.63 114.57 21.43
CA ALA OC 56 -103.67 114.23 20.46
C ALA OC 56 -103.89 115.29 19.39
N VAL OC 57 -103.44 116.53 19.60
CA VAL OC 57 -103.66 117.56 18.59
C VAL OC 57 -102.91 117.22 17.31
N LYS OC 58 -101.64 116.82 17.44
CA LYS OC 58 -100.89 116.40 16.26
C LYS OC 58 -101.54 115.21 15.58
N ARG OC 59 -102.02 114.25 16.37
CA ARG OC 59 -102.63 113.05 15.80
C ARG OC 59 -103.87 113.41 15.00
N VAL OC 60 -104.76 114.22 15.57
CA VAL OC 60 -105.99 114.54 14.88
C VAL OC 60 -105.71 115.42 13.66
N GLY OC 61 -104.75 116.32 13.76
CA GLY OC 61 -104.41 117.15 12.61
C GLY OC 61 -103.85 116.33 11.47
N VAL OC 62 -102.92 115.43 11.77
CA VAL OC 62 -102.32 114.61 10.71
C VAL OC 62 -103.33 113.62 10.14
N ASP OC 63 -104.28 113.16 10.96
CA ASP OC 63 -105.29 112.24 10.44
C ASP OC 63 -106.28 112.98 9.54
N THR OC 64 -106.75 114.15 9.97
CA THR OC 64 -107.68 114.91 9.14
C THR OC 64 -107.01 115.51 7.92
N GLY OC 65 -105.69 115.62 7.91
CA GLY OC 65 -104.97 116.12 6.75
C GLY OC 65 -105.05 115.20 5.55
N GLY OC 88 -110.16 111.76 9.21
CA GLY OC 88 -111.42 112.20 9.75
C GLY OC 88 -111.36 112.54 11.23
N GLY OC 89 -112.25 113.42 11.67
CA GLY OC 89 -112.27 113.81 13.08
C GLY OC 89 -112.60 112.64 13.98
N THR OC 90 -113.62 111.87 13.61
CA THR OC 90 -114.04 110.75 14.45
C THR OC 90 -112.96 109.66 14.50
N VAL OC 91 -112.35 109.34 13.36
CA VAL OC 91 -111.31 108.33 13.37
C VAL OC 91 -110.09 108.82 14.14
N GLY OC 92 -109.79 110.11 14.04
CA GLY OC 92 -108.72 110.66 14.87
C GLY OC 92 -109.03 110.55 16.35
N LEU OC 93 -110.27 110.83 16.72
CA LEU OC 93 -110.67 110.73 18.12
C LEU OC 93 -110.58 109.29 18.63
N VAL OC 94 -111.03 108.32 17.82
CA VAL OC 94 -110.97 106.93 18.26
C VAL OC 94 -109.53 106.45 18.33
N ALA OC 95 -108.68 106.91 17.41
CA ALA OC 95 -107.25 106.59 17.50
C ALA OC 95 -106.65 107.19 18.77
N SER OC 96 -107.02 108.42 19.10
CA SER OC 96 -106.50 109.06 20.31
C SER OC 96 -106.93 108.30 21.56
N ILE OC 97 -108.19 107.91 21.63
CA ILE OC 97 -108.65 107.20 22.82
C ILE OC 97 -108.02 105.81 22.89
N TYR OC 98 -107.80 105.17 21.73
CA TYR OC 98 -107.10 103.89 21.74
C TYR OC 98 -105.69 104.05 22.28
N ARG OC 99 -104.96 105.06 21.80
CA ARG OC 99 -103.58 105.23 22.22
C ARG OC 99 -103.46 105.76 23.63
N ASP OC 100 -104.50 106.35 24.18
CA ASP OC 100 -104.50 106.80 25.57
C ASP OC 100 -105.22 105.83 26.49
N SER OC 101 -105.73 104.72 25.97
CA SER OC 101 -106.33 103.70 26.80
C SER OC 101 -105.26 103.01 27.64
N LYS OC 102 -105.66 102.59 28.84
CA LYS OC 102 -104.73 101.93 29.74
C LYS OC 102 -104.22 100.62 29.13
N ARG OC 103 -105.09 99.87 28.46
CA ARG OC 103 -104.69 98.59 27.89
C ARG OC 103 -103.59 98.76 26.86
N LYS OC 104 -103.75 99.74 25.96
CA LYS OC 104 -102.77 99.91 24.89
C LYS OC 104 -101.41 100.32 25.45
N ILE OC 105 -101.40 101.26 26.40
CA ILE OC 105 -100.14 101.72 26.96
C ILE OC 105 -99.47 100.60 27.76
N ILE OC 106 -100.27 99.78 28.44
CA ILE OC 106 -99.71 98.63 29.14
C ILE OC 106 -99.09 97.65 28.15
N ARG OC 107 -99.76 97.42 27.02
CA ARG OC 107 -99.19 96.55 26.00
C ARG OC 107 -97.89 97.14 25.47
N ASP OC 108 -97.81 98.46 25.35
CA ASP OC 108 -96.58 99.11 24.91
C ASP OC 108 -95.47 98.91 25.94
N LEU OC 109 -95.80 98.99 27.22
CA LEU OC 109 -94.81 98.71 28.26
C LEU OC 109 -94.31 97.28 28.15
N GLN OC 110 -95.21 96.34 27.90
CA GLN OC 110 -94.80 94.95 27.72
C GLN OC 110 -93.91 94.81 26.49
N LYS OC 111 -94.24 95.54 25.42
CA LYS OC 111 -93.42 95.51 24.22
C LYS OC 111 -92.01 96.00 24.51
N GLN OC 112 -91.90 97.10 25.27
CA GLN OC 112 -90.61 97.52 25.77
C GLN OC 112 -90.21 96.64 26.95
N ASP OC 113 -89.05 96.93 27.53
CA ASP OC 113 -88.53 96.12 28.63
C ASP OC 113 -89.03 96.68 29.97
N ILE OC 114 -90.34 96.54 30.16
CA ILE OC 114 -91.02 97.01 31.37
C ILE OC 114 -91.92 95.90 31.87
N GLN OC 115 -92.00 95.73 33.19
CA GLN OC 115 -92.90 94.74 33.78
C GLN OC 115 -93.94 95.45 34.63
N TYR OC 116 -95.21 95.09 34.44
CA TYR OC 116 -96.31 95.65 35.22
C TYR OC 116 -97.10 94.53 35.86
N VAL OC 117 -97.36 94.66 37.16
CA VAL OC 117 -98.13 93.67 37.90
C VAL OC 117 -99.24 94.38 38.67
N GLU OC 118 -100.43 93.79 38.65
CA GLU OC 118 -101.57 94.30 39.40
C GLU OC 118 -102.28 93.14 40.07
N TYR OC 119 -102.16 93.06 41.39
CA TYR OC 119 -102.84 92.04 42.18
C TYR OC 119 -103.66 92.71 43.26
N GLY OC 120 -104.86 92.19 43.51
CA GLY OC 120 -105.76 92.79 44.47
C GLY OC 120 -106.09 94.21 44.08
N ASP OC 121 -105.54 95.18 44.82
CA ASP OC 121 -105.68 96.58 44.49
C ASP OC 121 -104.35 97.28 44.28
N THR OC 122 -103.26 96.78 44.85
CA THR OC 122 -101.95 97.37 44.70
C THR OC 122 -101.39 97.09 43.30
N ARG OC 123 -100.51 97.97 42.83
CA ARG OC 123 -99.86 97.82 41.55
C ARG OC 123 -98.36 98.04 41.70
N THR OC 124 -97.59 97.34 40.89
CA THR OC 124 -96.14 97.39 40.95
C THR OC 124 -95.55 97.44 39.54
N LEU OC 125 -94.41 98.12 39.44
CA LEU OC 125 -93.66 98.27 38.21
C LEU OC 125 -92.24 97.76 38.43
N ILE OC 126 -91.69 97.11 37.41
CA ILE OC 126 -90.35 96.52 37.48
C ILE OC 126 -89.56 96.98 36.26
N ILE OC 127 -88.37 97.53 36.51
CA ILE OC 127 -87.51 98.06 35.46
C ILE OC 127 -86.15 97.37 35.55
N PRO OC 128 -85.59 96.91 34.42
CA PRO OC 128 -84.25 96.32 34.45
C PRO OC 128 -83.18 97.40 34.46
N THR OC 129 -82.28 97.31 35.45
CA THR OC 129 -81.24 98.33 35.62
C THR OC 129 -80.34 98.39 34.40
N ASP OC 130 -79.94 97.22 33.88
CA ASP OC 130 -79.01 97.19 32.76
C ASP OC 130 -79.60 97.86 31.53
N LYS OC 131 -80.85 97.56 31.20
CA LYS OC 131 -81.48 98.16 30.03
C LYS OC 131 -81.79 99.63 30.21
N TYR OC 132 -82.26 100.05 31.39
CA TYR OC 132 -82.67 101.44 31.59
C TYR OC 132 -81.71 102.19 32.51
N PHE OC 133 -80.41 101.90 32.39
CA PHE OC 133 -79.44 102.65 33.17
C PHE OC 133 -78.07 102.52 32.52
N MET OC 134 -77.27 103.56 32.66
CA MET OC 134 -75.88 103.49 32.27
C MET OC 134 -75.16 102.47 33.15
N PHE OC 135 -74.19 101.77 32.56
CA PHE OC 135 -73.53 100.68 33.28
C PHE OC 135 -72.81 101.17 34.52
N SER OC 136 -73.08 100.50 35.64
CA SER OC 136 -72.36 100.73 36.90
C SER OC 136 -72.34 102.20 37.28
N SER OC 137 -73.48 102.88 37.08
CA SER OC 137 -73.50 104.31 37.29
C SER OC 137 -74.92 104.78 37.46
N PRO OC 138 -75.18 105.73 38.38
CA PRO OC 138 -76.53 106.29 38.51
C PRO OC 138 -76.97 107.14 37.34
N ARG OC 139 -76.10 107.40 36.37
CA ARG OC 139 -76.50 108.17 35.20
C ARG OC 139 -77.57 107.42 34.41
N LEU OC 140 -78.61 108.14 34.04
CA LEU OC 140 -79.74 107.52 33.34
C LEU OC 140 -79.49 107.51 31.84
N ASN OC 141 -79.58 106.33 31.24
CA ASN OC 141 -79.50 106.23 29.79
C ASN OC 141 -80.67 106.97 29.15
N GLU OC 142 -80.38 107.67 28.05
CA GLU OC 142 -81.38 108.46 27.37
C GLU OC 142 -82.03 107.73 26.20
N ILE OC 143 -81.60 106.51 25.91
CA ILE OC 143 -82.15 105.79 24.76
C ILE OC 143 -83.61 105.44 25.01
N CYS OC 144 -83.92 104.94 26.19
CA CYS OC 144 -85.24 104.37 26.48
C CYS OC 144 -86.22 105.40 27.01
N TYR OC 145 -86.07 106.67 26.63
CA TYR OC 145 -86.98 107.70 27.11
C TYR OC 145 -88.43 107.51 26.69
N PRO OC 146 -88.77 106.84 25.57
CA PRO OC 146 -90.21 106.57 25.34
C PRO OC 146 -90.84 105.78 26.46
N GLY OC 147 -90.12 104.81 27.02
CA GLY OC 147 -90.64 104.08 28.17
C GLY OC 147 -90.88 104.99 29.36
N LEU OC 148 -89.97 105.92 29.60
CA LEU OC 148 -90.12 106.85 30.70
C LEU OC 148 -91.34 107.75 30.50
N ASN OC 149 -91.54 108.22 29.27
CA ASN OC 149 -92.73 109.02 28.97
C ASN OC 149 -94.00 108.21 29.20
N ASN OC 150 -93.99 106.94 28.78
CA ASN OC 150 -95.13 106.08 29.02
C ASN OC 150 -95.39 105.90 30.51
N VAL OC 151 -94.31 105.75 31.28
CA VAL OC 151 -94.44 105.61 32.73
C VAL OC 151 -95.08 106.85 33.32
N ILE OC 152 -94.63 108.03 32.89
CA ILE OC 152 -95.20 109.26 33.41
C ILE OC 152 -96.68 109.35 33.07
N ARG OC 153 -97.03 109.05 31.82
CA ARG OC 153 -98.43 109.11 31.41
C ARG OC 153 -99.28 108.15 32.20
N LEU OC 154 -98.79 106.93 32.44
CA LEU OC 154 -99.55 105.96 33.20
C LEU OC 154 -99.74 106.42 34.64
N LEU OC 155 -98.66 106.83 35.30
CA LEU OC 155 -98.76 107.28 36.68
C LEU OC 155 -99.58 108.55 36.83
N ASN OC 156 -99.81 109.28 35.74
CA ASN OC 156 -100.70 110.42 35.82
C ASN OC 156 -102.14 110.03 36.11
N PHE OC 157 -102.49 108.75 35.98
CA PHE OC 157 -103.87 108.30 36.18
C PHE OC 157 -104.27 108.23 37.65
N TYR OC 158 -103.33 108.31 38.58
CA TYR OC 158 -103.60 108.11 40.00
C TYR OC 158 -103.08 109.32 40.77
N PRO OC 159 -103.79 110.44 40.72
CA PRO OC 159 -103.26 111.68 41.31
C PRO OC 159 -103.35 111.74 42.82
N GLN OC 160 -103.63 110.62 43.48
CA GLN OC 160 -103.69 110.60 44.94
C GLN OC 160 -102.84 109.52 45.58
N SER OC 161 -102.39 108.53 44.83
CA SER OC 161 -101.68 107.41 45.42
C SER OC 161 -100.33 107.82 45.98
N THR OC 162 -99.94 107.15 47.07
CA THR OC 162 -98.59 107.27 47.62
C THR OC 162 -97.71 106.20 46.99
N ILE OC 163 -96.47 106.56 46.71
CA ILE OC 163 -95.58 105.73 45.92
C ILE OC 163 -94.39 105.31 46.76
N TYR OC 164 -93.97 104.05 46.60
CA TYR OC 164 -92.72 103.55 47.14
C TYR OC 164 -91.84 103.09 45.98
N VAL OC 165 -90.54 103.35 46.09
CA VAL OC 165 -89.58 102.91 45.08
C VAL OC 165 -88.39 102.28 45.77
N ALA OC 166 -87.89 101.19 45.21
CA ALA OC 166 -86.81 100.43 45.82
C ALA OC 166 -85.87 99.93 44.74
N GLY OC 167 -84.62 99.75 45.14
CA GLY OC 167 -83.58 99.28 44.24
C GLY OC 167 -83.02 97.94 44.69
N PHE OC 168 -82.71 97.07 43.73
CA PHE OC 168 -82.13 95.76 43.99
C PHE OC 168 -81.03 95.49 42.98
N THR OC 169 -80.04 94.70 43.41
CA THR OC 169 -78.88 94.40 42.58
C THR OC 169 -78.44 92.97 42.85
N ASP OC 170 -77.27 92.62 42.32
CA ASP OC 170 -76.73 91.27 42.45
C ASP OC 170 -76.09 91.05 43.81
N ASN OC 171 -75.32 89.97 43.94
CA ASN OC 171 -74.77 89.55 45.23
C ASN OC 171 -73.28 89.83 45.40
N VAL OC 172 -72.57 90.15 44.33
CA VAL OC 172 -71.11 90.28 44.36
C VAL OC 172 -70.74 91.72 44.66
N GLY OC 173 -69.85 91.92 45.63
CA GLY OC 173 -69.35 93.23 45.99
C GLY OC 173 -69.42 93.45 47.48
N SER OC 174 -68.93 94.63 47.89
CA SER OC 174 -69.01 95.01 49.29
C SER OC 174 -70.44 95.33 49.67
N ARG OC 175 -70.81 94.98 50.90
CA ARG OC 175 -72.15 95.27 51.40
C ARG OC 175 -72.43 96.76 51.34
N SER OC 176 -71.50 97.57 51.83
CA SER OC 176 -71.66 99.02 51.77
C SER OC 176 -71.75 99.50 50.34
N HIS OC 177 -70.96 98.90 49.44
CA HIS OC 177 -71.01 99.28 48.03
C HIS OC 177 -72.39 99.04 47.45
N LYS OC 178 -72.94 97.85 47.66
CA LYS OC 178 -74.27 97.54 47.15
C LYS OC 178 -75.30 98.50 47.72
N ARG OC 179 -75.24 98.75 49.03
CA ARG OC 179 -76.21 99.63 49.66
C ARG OC 179 -76.14 101.02 49.05
N LYS OC 180 -74.94 101.56 48.90
CA LYS OC 180 -74.78 102.90 48.37
C LYS OC 180 -75.29 102.98 46.93
N LEU OC 181 -74.94 102.01 46.10
CA LEU OC 181 -75.37 102.05 44.71
C LEU OC 181 -76.89 101.96 44.60
N SER OC 182 -77.49 101.06 45.38
CA SER OC 182 -78.94 100.91 45.34
C SER OC 182 -79.62 102.20 45.79
N GLN OC 183 -79.13 102.81 46.87
CA GLN OC 183 -79.72 104.06 47.34
C GLN OC 183 -79.58 105.15 46.30
N ALA OC 184 -78.43 105.22 45.64
CA ALA OC 184 -78.22 106.25 44.62
C ALA OC 184 -79.21 106.08 43.47
N GLN OC 185 -79.36 104.86 42.98
CA GLN OC 185 -80.28 104.63 41.86
C GLN OC 185 -81.73 104.93 42.27
N ALA OC 186 -82.11 104.51 43.47
CA ALA OC 186 -83.46 104.77 43.94
C ALA OC 186 -83.72 106.28 44.04
N GLU OC 187 -82.75 107.03 44.57
CA GLU OC 187 -82.91 108.47 44.67
C GLU OC 187 -82.96 109.10 43.29
N THR OC 188 -82.23 108.54 42.33
CA THR OC 188 -82.30 109.04 40.97
C THR OC 188 -83.72 108.90 40.41
N MET OC 189 -84.30 107.72 40.56
CA MET OC 189 -85.67 107.53 40.09
C MET OC 189 -86.63 108.47 40.82
N MET OC 190 -86.44 108.60 42.14
CA MET OC 190 -87.34 109.43 42.93
C MET OC 190 -87.28 110.89 42.50
N THR OC 191 -86.07 111.40 42.28
CA THR OC 191 -85.96 112.80 41.87
C THR OC 191 -86.46 113.01 40.46
N PHE OC 192 -86.31 112.01 39.58
CA PHE OC 192 -86.94 112.12 38.27
C PHE OC 192 -88.45 112.27 38.41
N LEU OC 193 -89.05 111.42 39.22
CA LEU OC 193 -90.49 111.50 39.40
C LEU OC 193 -90.91 112.83 40.00
N TRP OC 194 -90.14 113.32 40.98
CA TRP OC 194 -90.45 114.62 41.58
C TRP OC 194 -90.37 115.74 40.57
N ALA OC 195 -89.31 115.77 39.76
CA ALA OC 195 -89.19 116.78 38.74
C ALA OC 195 -90.24 116.63 37.65
N ASN OC 196 -90.89 115.48 37.56
CA ASN OC 196 -91.96 115.27 36.60
C ASN OC 196 -93.33 115.60 37.21
N GLY OC 197 -93.35 116.53 38.16
CA GLY OC 197 -94.58 117.14 38.62
C GLY OC 197 -95.20 116.53 39.86
N ILE OC 198 -94.59 115.51 40.45
CA ILE OC 198 -95.18 114.85 41.62
C ILE OC 198 -94.70 115.54 42.88
N ALA OC 199 -95.64 115.79 43.80
CA ALA OC 199 -95.30 116.41 45.08
C ALA OC 199 -94.38 115.50 45.89
N ALA OC 200 -93.36 116.10 46.49
CA ALA OC 200 -92.36 115.34 47.23
C ALA OC 200 -92.94 114.65 48.46
N LYS OC 201 -94.02 115.18 49.02
CA LYS OC 201 -94.61 114.57 50.21
C LYS OC 201 -95.14 113.16 49.94
N ARG OC 202 -95.42 112.84 48.68
CA ARG OC 202 -95.99 111.55 48.32
C ARG OC 202 -94.93 110.48 48.04
N LEU OC 203 -93.65 110.80 48.17
CA LEU OC 203 -92.60 109.93 47.68
C LEU OC 203 -91.58 109.62 48.75
N LYS OC 204 -90.99 108.43 48.66
CA LYS OC 204 -89.88 108.02 49.50
C LYS OC 204 -89.20 106.85 48.81
N ALA OC 205 -87.87 106.83 48.87
CA ALA OC 205 -87.07 105.85 48.14
C ALA OC 205 -86.29 104.97 49.12
N GLU OC 206 -85.91 103.79 48.63
CA GLU OC 206 -85.11 102.88 49.43
C GLU OC 206 -84.39 101.90 48.51
N GLY OC 207 -83.25 101.41 48.98
CA GLY OC 207 -82.47 100.49 48.17
C GLY OC 207 -81.71 99.46 48.98
N TYR OC 208 -81.80 98.20 48.57
CA TYR OC 208 -81.09 97.12 49.22
C TYR OC 208 -80.23 96.40 48.19
N GLY OC 209 -79.36 95.54 48.68
CA GLY OC 209 -78.51 94.76 47.80
C GLY OC 209 -79.10 93.38 47.55
N ASP OC 210 -78.54 92.38 48.21
CA ASP OC 210 -78.99 91.00 48.10
C ASP OC 210 -79.76 90.58 49.34
N LYS OC 211 -80.54 91.49 49.92
CA LYS OC 211 -81.29 91.16 51.13
C LYS OC 211 -82.42 90.18 50.83
N ASN OC 212 -83.09 90.35 49.68
CA ASN OC 212 -84.16 89.43 49.31
C ASN OC 212 -84.35 89.50 47.80
N ALA OC 213 -83.92 88.46 47.10
CA ALA OC 213 -84.00 88.42 45.65
C ALA OC 213 -85.21 87.61 45.21
N ILE OC 214 -85.39 87.49 43.89
CA ILE OC 214 -86.43 86.68 43.29
C ILE OC 214 -85.86 85.56 42.43
N SER OC 215 -84.57 85.29 42.55
CA SER OC 215 -83.90 84.28 41.74
C SER OC 215 -82.73 83.73 42.54
N ASP OC 216 -81.83 83.03 41.86
CA ASP OC 216 -80.58 82.58 42.45
C ASP OC 216 -79.45 83.50 42.01
N ASN OC 217 -78.30 83.36 42.66
CA ASN OC 217 -77.12 84.10 42.27
C ASN OC 217 -76.06 83.24 41.60
N ALA OC 218 -76.23 81.92 41.60
CA ALA OC 218 -75.26 81.03 40.96
C ALA OC 218 -75.48 80.89 39.46
N ILE OC 219 -76.65 81.29 38.95
CA ILE OC 219 -76.98 81.14 37.54
C ILE OC 219 -76.94 82.52 36.89
N ILE OC 220 -76.37 82.59 35.69
CA ILE OC 220 -76.20 83.87 35.00
C ILE OC 220 -77.56 84.49 34.71
N HIS OC 221 -78.49 83.70 34.20
CA HIS OC 221 -79.81 84.23 33.87
C HIS OC 221 -80.51 84.77 35.11
N GLY OC 222 -80.44 84.02 36.21
CA GLY OC 222 -81.06 84.49 37.44
C GLY OC 222 -80.40 85.75 37.98
N SER OC 223 -79.08 85.81 37.91
CA SER OC 223 -78.37 87.00 38.36
C SER OC 223 -78.76 88.21 37.53
N ALA OC 224 -78.90 88.03 36.21
CA ALA OC 224 -79.37 89.12 35.37
C ALA OC 224 -80.79 89.53 35.74
N GLN OC 225 -81.64 88.56 36.03
CA GLN OC 225 -83.00 88.88 36.48
C GLN OC 225 -83.00 89.66 37.78
N ASN OC 226 -82.04 89.38 38.65
CA ASN OC 226 -82.12 89.86 40.03
C ASN OC 226 -82.16 91.38 40.12
N ARG OC 227 -81.20 92.05 39.49
CA ARG OC 227 -81.11 93.50 39.63
C ARG OC 227 -82.34 94.17 39.03
N ARG OC 228 -82.91 95.11 39.76
CA ARG OC 228 -84.22 95.63 39.35
C ARG OC 228 -84.50 96.95 40.07
N ILE OC 229 -85.45 97.68 39.50
CA ILE OC 229 -86.07 98.84 40.13
C ILE OC 229 -87.54 98.52 40.32
N GLU OC 230 -88.01 98.63 41.56
CA GLU OC 230 -89.36 98.24 41.94
C GLU OC 230 -90.15 99.46 42.37
N ILE OC 231 -91.40 99.53 41.92
CA ILE OC 231 -92.31 100.62 42.26
C ILE OC 231 -93.61 100.01 42.77
N GLN OC 232 -94.04 100.44 43.95
CA GLN OC 232 -95.27 99.96 44.56
C GLN OC 232 -96.20 101.13 44.83
N TRP OC 233 -97.50 100.91 44.63
CA TRP OC 233 -98.48 101.88 45.11
C TRP OC 233 -99.86 101.26 45.12
N PHE OC 234 -100.63 101.60 46.15
CA PHE OC 234 -102.04 101.26 46.23
C PHE OC 234 -102.87 102.53 46.03
N THR OC 235 -104.19 102.40 46.14
CA THR OC 235 -105.08 103.52 45.84
C THR OC 235 -105.22 104.47 47.02
N SER OC 236 -105.74 103.99 48.14
CA SER OC 236 -105.98 104.86 49.29
C SER OC 236 -104.92 104.66 50.37
N LEU PC 113 -98.55 141.70 77.66
CA LEU PC 113 -97.58 141.27 76.66
C LEU PC 113 -98.15 140.17 75.78
N ASN PC 114 -99.27 140.46 75.13
CA ASN PC 114 -99.93 139.48 74.29
C ASN PC 114 -100.10 139.93 72.84
N ARG PC 115 -100.46 141.18 72.61
CA ARG PC 115 -100.75 141.67 71.27
C ARG PC 115 -100.19 143.08 71.13
N PHE PC 116 -99.38 143.29 70.09
CA PHE PC 116 -98.84 144.62 69.79
C PHE PC 116 -99.08 144.91 68.31
N ARG PC 117 -100.07 145.76 68.04
CA ARG PC 117 -100.41 146.17 66.68
C ARG PC 117 -100.19 147.67 66.55
N TYR PC 118 -99.18 148.07 65.78
CA TYR PC 118 -98.86 149.48 65.63
C TYR PC 118 -98.81 149.88 64.16
N GLU PC 119 -99.30 151.09 63.90
CA GLU PC 119 -99.18 151.75 62.60
C GLU PC 119 -98.84 153.21 62.85
N GLY PC 120 -98.17 153.82 61.87
CA GLY PC 120 -98.00 155.26 61.90
C GLY PC 120 -96.63 155.81 62.31
N ALA PC 121 -95.56 155.20 61.80
CA ALA PC 121 -94.21 155.77 61.84
C ALA PC 121 -93.78 156.07 63.29
N GLY PC 122 -93.68 155.02 64.06
CA GLY PC 122 -93.30 155.13 65.46
C GLY PC 122 -91.96 154.49 65.72
N VAL PC 123 -91.22 155.09 66.66
CA VAL PC 123 -89.95 154.57 67.13
C VAL PC 123 -90.20 153.86 68.45
N VAL PC 124 -90.16 152.53 68.43
CA VAL PC 124 -90.42 151.71 69.60
C VAL PC 124 -89.18 150.88 69.88
N THR PC 125 -88.54 151.13 71.03
CA THR PC 125 -87.35 150.40 71.42
C THR PC 125 -87.62 149.70 72.74
N GLY PC 126 -87.34 148.41 72.81
CA GLY PC 126 -87.55 147.64 74.02
C GLY PC 126 -86.51 146.55 74.21
N ASN PC 127 -86.03 146.40 75.43
CA ASN PC 127 -85.05 145.38 75.76
C ASN PC 127 -85.43 144.73 77.07
N ASN PC 128 -84.89 143.53 77.29
CA ASN PC 128 -85.19 142.73 78.48
C ASN PC 128 -86.68 142.43 78.58
N LEU PC 129 -87.30 142.09 77.46
CA LEU PC 129 -88.69 141.69 77.42
C LEU PC 129 -88.78 140.16 77.43
N ARG PC 130 -89.45 139.62 78.43
CA ARG PC 130 -89.58 138.17 78.61
C ARG PC 130 -91.05 137.80 78.56
N THR PC 131 -91.37 136.83 77.71
CA THR PC 131 -92.75 136.37 77.56
C THR PC 131 -92.76 134.96 77.01
N SER PC 132 -93.88 134.27 77.20
CA SER PC 132 -94.05 132.94 76.63
C SER PC 132 -94.37 133.02 75.15
N TYR PC 133 -95.38 133.83 74.80
CA TYR PC 133 -95.81 133.95 73.41
C TYR PC 133 -96.67 135.19 73.27
N LEU PC 134 -96.53 135.88 72.15
CA LEU PC 134 -97.35 137.03 71.81
C LEU PC 134 -97.41 137.17 70.30
N ASP PC 135 -98.08 138.22 69.83
CA ASP PC 135 -98.21 138.49 68.41
C ASP PC 135 -97.92 139.96 68.14
N LEU PC 136 -97.35 140.21 66.95
CA LEU PC 136 -96.96 141.55 66.54
C LEU PC 136 -97.48 141.82 65.13
N TYR PC 137 -97.93 143.05 64.90
CA TYR PC 137 -98.45 143.48 63.61
C TYR PC 137 -98.01 144.94 63.41
N LEU PC 138 -96.99 145.13 62.57
CA LEU PC 138 -96.38 146.43 62.37
C LEU PC 138 -96.70 146.96 60.97
N ALA PC 139 -96.90 148.27 60.88
CA ALA PC 139 -97.15 148.89 59.57
C ALA PC 139 -96.60 150.31 59.56
N ASN PC 140 -96.31 150.78 58.35
CA ASN PC 140 -96.00 152.18 58.06
C ASN PC 140 -94.80 152.67 58.88
N GLU PC 141 -93.64 152.07 58.56
CA GLU PC 141 -92.35 152.54 59.04
C GLU PC 141 -92.27 152.53 60.57
N GLY PC 142 -92.49 151.36 61.15
CA GLY PC 142 -92.34 151.24 62.57
C GLY PC 142 -90.89 150.95 62.92
N THR PC 143 -90.15 151.99 63.29
CA THR PC 143 -88.73 151.82 63.63
C THR PC 143 -88.66 151.11 64.97
N THR PC 144 -88.52 149.78 64.91
CA THR PC 144 -88.68 148.94 66.09
C THR PC 144 -87.38 148.21 66.40
N ARG PC 145 -86.97 148.28 67.66
CA ARG PC 145 -85.82 147.55 68.18
C ARG PC 145 -86.30 146.63 69.30
N LEU PC 146 -85.95 145.35 69.20
CA LEU PC 146 -86.27 144.36 70.24
C LEU PC 146 -84.96 143.70 70.64
N ALA PC 147 -84.64 143.76 71.92
CA ALA PC 147 -83.37 143.24 72.43
C ALA PC 147 -83.61 142.36 73.66
N GLY PC 148 -84.57 141.44 73.56
CA GLY PC 148 -84.85 140.54 74.65
C GLY PC 148 -85.30 139.19 74.14
N ASN PC 149 -85.16 138.18 75.02
CA ASN PC 149 -85.62 136.84 74.71
C ASN PC 149 -87.15 136.80 74.73
N ILE PC 150 -87.75 136.96 73.56
CA ILE PC 150 -89.19 137.15 73.43
C ILE PC 150 -89.79 135.94 72.73
N GLY PC 151 -90.79 135.33 73.35
CA GLY PC 151 -91.52 134.23 72.76
C GLY PC 151 -92.70 134.73 71.95
N LEU PC 152 -92.96 134.07 70.83
CA LEU PC 152 -94.07 134.43 69.96
C LEU PC 152 -94.32 133.27 69.01
N GLN PC 153 -95.43 133.36 68.27
CA GLN PC 153 -95.77 132.36 67.27
C GLN PC 153 -96.16 133.02 65.96
N LYS PC 154 -96.63 134.26 66.02
CA LYS PC 154 -97.08 134.97 64.84
C LYS PC 154 -96.44 136.34 64.76
N LEU PC 155 -96.26 136.81 63.53
CA LEU PC 155 -95.65 138.12 63.27
C LEU PC 155 -96.06 138.56 61.88
N GLU PC 156 -96.46 139.83 61.75
CA GLU PC 156 -96.88 140.36 60.46
C GLU PC 156 -96.40 141.79 60.30
N ALA PC 157 -95.92 142.11 59.10
CA ALA PC 157 -95.50 143.45 58.74
C ALA PC 157 -96.13 143.82 57.41
N VAL PC 158 -96.61 145.06 57.32
CA VAL PC 158 -97.23 145.52 56.07
C VAL PC 158 -96.18 145.69 54.99
N GLY PC 159 -95.06 146.29 55.32
CA GLY PC 159 -94.02 146.57 54.36
C GLY PC 159 -93.46 147.97 54.54
N ASN PC 160 -92.32 148.21 53.90
CA ASN PC 160 -91.63 149.50 53.99
C ASN PC 160 -91.31 149.86 55.44
N GLY PC 161 -90.96 148.86 56.22
CA GLY PC 161 -90.62 149.08 57.62
C GLY PC 161 -89.34 148.36 57.98
N VAL PC 162 -88.60 148.95 58.91
CA VAL PC 162 -87.33 148.40 59.39
C VAL PC 162 -87.53 147.88 60.80
N THR PC 163 -87.20 146.61 61.01
CA THR PC 163 -87.37 145.96 62.31
C THR PC 163 -86.09 145.23 62.67
N GLN PC 164 -85.58 145.47 63.87
CA GLN PC 164 -84.41 144.79 64.38
C GLN PC 164 -84.82 143.94 65.57
N ILE PC 165 -84.50 142.65 65.53
CA ILE PC 165 -84.80 141.72 66.61
C ILE PC 165 -83.53 140.98 66.97
N ASN PC 166 -83.20 140.95 68.25
CA ASN PC 166 -81.95 140.37 68.74
C ASN PC 166 -82.29 139.28 69.76
N GLY PC 167 -82.45 138.05 69.26
CA GLY PC 167 -82.59 136.90 70.13
C GLY PC 167 -84.02 136.49 70.39
N VAL PC 168 -84.47 135.43 69.73
CA VAL PC 168 -85.79 134.84 69.97
C VAL PC 168 -85.64 133.33 69.99
N SER PC 169 -86.09 132.72 71.08
CA SER PC 169 -86.08 131.26 71.21
C SER PC 169 -87.52 130.80 71.26
N SER PC 170 -88.10 130.61 70.08
CA SER PC 170 -89.50 130.23 69.94
C SER PC 170 -89.60 128.78 69.46
N ARG PC 171 -90.42 127.99 70.15
CA ARG PC 171 -90.62 126.60 69.74
C ARG PC 171 -91.22 126.53 68.34
N ASN PC 172 -92.20 127.37 68.06
CA ASN PC 172 -92.87 127.38 66.77
C ASN PC 172 -93.08 128.82 66.31
N LEU PC 173 -93.17 128.99 65.00
CA LEU PC 173 -93.48 130.29 64.41
C LEU PC 173 -93.92 130.08 62.98
N GLN PC 174 -94.64 131.07 62.45
CA GLN PC 174 -95.11 131.02 61.06
C GLN PC 174 -95.39 132.45 60.63
N ILE PC 175 -94.66 132.92 59.63
CA ILE PC 175 -94.67 134.32 59.25
C ILE PC 175 -94.93 134.44 57.76
N VAL PC 176 -95.75 135.42 57.38
CA VAL PC 176 -95.93 135.79 55.98
C VAL PC 176 -95.81 137.31 55.88
N LEU PC 177 -95.48 137.77 54.68
CA LEU PC 177 -95.28 139.19 54.44
C LEU PC 177 -95.82 139.54 53.05
N LYS PC 178 -96.20 140.80 52.90
CA LYS PC 178 -96.85 141.27 51.68
C LYS PC 178 -96.09 142.38 50.96
N GLY PC 179 -95.65 143.41 51.68
CA GLY PC 179 -95.08 144.58 51.04
C GLY PC 179 -93.60 144.51 50.78
N ASP PC 180 -92.86 145.51 51.27
CA ASP PC 180 -91.40 145.57 51.11
C ASP PC 180 -90.78 145.77 52.49
N PRO PC 181 -90.80 144.75 53.34
CA PRO PC 181 -90.23 144.90 54.68
C PRO PC 181 -88.74 144.62 54.71
N LYS PC 182 -88.12 145.07 55.79
CA LYS PC 182 -86.70 144.86 56.07
C LYS PC 182 -86.61 144.26 57.46
N VAL PC 183 -86.35 142.97 57.55
CA VAL PC 183 -86.39 142.26 58.82
C VAL PC 183 -85.07 141.56 59.07
N LEU PC 184 -84.54 141.72 60.27
CA LEU PC 184 -83.31 141.06 60.70
C LEU PC 184 -83.53 140.53 62.11
N ILE PC 185 -83.46 139.21 62.27
CA ILE PC 185 -83.86 138.56 63.51
C ILE PC 185 -82.76 137.62 63.97
N SER PC 186 -82.47 137.66 65.27
CA SER PC 186 -81.53 136.76 65.91
C SER PC 186 -82.27 135.77 66.80
N GLY PC 187 -81.61 134.66 67.11
CA GLY PC 187 -82.20 133.64 67.95
C GLY PC 187 -82.23 132.27 67.32
N PHE PC 188 -83.01 131.36 67.89
CA PHE PC 188 -83.13 129.98 67.40
C PHE PC 188 -84.61 129.64 67.32
N VAL PC 189 -85.13 129.53 66.10
CA VAL PC 189 -86.56 129.31 65.87
C VAL PC 189 -86.73 128.23 64.82
N ASN PC 190 -87.66 127.31 65.07
CA ASN PC 190 -88.02 126.27 64.10
C ASN PC 190 -89.09 126.85 63.18
N LEU PC 191 -88.66 127.35 62.02
CA LEU PC 191 -89.61 127.82 61.03
C LEU PC 191 -90.30 126.64 60.36
N ARG PC 192 -91.49 126.90 59.82
CA ARG PC 192 -92.28 125.87 59.18
C ARG PC 192 -92.56 126.14 57.71
N GLN PC 193 -93.00 127.35 57.37
CA GLN PC 193 -93.34 127.67 56.00
C GLN PC 193 -93.18 129.17 55.76
N LEU PC 194 -92.69 129.53 54.59
CA LEU PC 194 -92.55 130.93 54.20
C LEU PC 194 -93.14 131.16 52.83
N ASP PC 195 -93.83 132.29 52.68
CA ASP PC 195 -94.44 132.68 51.42
C ASP PC 195 -94.15 134.15 51.18
N MET PC 196 -93.46 134.45 50.07
CA MET PC 196 -93.05 135.81 49.76
C MET PC 196 -93.56 136.19 48.37
N TYR PC 197 -94.19 137.36 48.28
CA TYR PC 197 -94.74 137.85 47.03
C TYR PC 197 -94.45 139.32 46.77
N GLY PC 198 -93.74 140.01 47.66
CA GLY PC 198 -93.49 141.42 47.48
C GLY PC 198 -92.05 141.76 47.15
N LYS PC 199 -91.46 142.68 47.90
CA LYS PC 199 -90.09 143.15 47.70
C LYS PC 199 -89.33 143.08 49.02
N GLY PC 200 -89.40 141.93 49.67
CA GLY PC 200 -88.93 141.82 51.05
C GLY PC 200 -87.45 141.47 51.15
N THR PC 201 -86.85 141.92 52.26
CA THR PC 201 -85.51 141.50 52.64
C THR PC 201 -85.56 140.95 54.05
N LEU PC 202 -84.97 139.77 54.24
CA LEU PC 202 -85.09 139.06 55.50
C LEU PC 202 -83.77 138.37 55.81
N SER PC 203 -83.38 138.44 57.08
CA SER PC 203 -82.19 137.73 57.56
C SER PC 203 -82.49 137.12 58.91
N LEU PC 204 -82.12 135.86 59.09
CA LEU PC 204 -82.28 135.15 60.34
C LEU PC 204 -80.95 134.58 60.78
N TYR PC 205 -80.71 134.59 62.09
CA TYR PC 205 -79.41 134.14 62.58
C TYR PC 205 -79.30 132.62 62.60
N TRP PC 206 -80.13 131.96 63.40
CA TRP PC 206 -80.00 130.51 63.58
C TRP PC 206 -81.36 129.85 63.48
N ILE PC 207 -81.40 128.73 62.76
CA ILE PC 207 -82.62 127.97 62.56
C ILE PC 207 -82.34 126.49 62.71
N LYS PC 208 -82.64 125.93 63.88
CA LYS PC 208 -82.51 124.49 64.13
C LYS PC 208 -83.91 123.90 63.98
N SER PC 209 -84.34 123.75 62.75
CA SER PC 209 -85.70 123.34 62.42
C SER PC 209 -85.70 121.91 61.90
N ASP PC 210 -86.90 121.39 61.65
CA ASP PC 210 -87.09 120.03 61.16
C ASP PC 210 -87.41 119.99 59.67
N THR PC 211 -88.45 120.71 59.25
CA THR PC 211 -88.87 120.72 57.86
C THR PC 211 -89.23 122.14 57.47
N LEU PC 212 -88.80 122.55 56.27
CA LEU PC 212 -89.04 123.91 55.83
C LEU PC 212 -89.46 123.93 54.36
N THR PC 213 -90.47 124.76 54.08
CA THR PC 213 -90.99 124.94 52.72
C THR PC 213 -90.98 126.43 52.41
N ILE PC 214 -90.46 126.78 51.24
CA ILE PC 214 -90.29 128.17 50.85
C ILE PC 214 -90.95 128.39 49.50
N ARG PC 215 -91.78 129.42 49.40
CA ARG PC 215 -92.39 129.86 48.15
C ARG PC 215 -91.99 131.31 47.92
N ALA PC 216 -91.43 131.60 46.75
CA ALA PC 216 -91.02 132.96 46.42
C ALA PC 216 -91.53 133.32 45.03
N LYS PC 217 -92.17 134.48 44.92
CA LYS PC 217 -92.84 134.88 43.68
C LYS PC 217 -92.17 136.05 42.98
N LYS PC 218 -92.03 137.19 43.65
CA LYS PC 218 -91.69 138.43 42.97
C LYS PC 218 -90.31 138.98 43.33
N ALA PC 219 -90.05 139.23 44.61
CA ALA PC 219 -88.79 139.86 45.00
C ALA PC 219 -88.53 139.57 46.46
N ALA PC 220 -87.58 138.68 46.74
CA ALA PC 220 -87.28 138.34 48.11
C ALA PC 220 -85.79 138.08 48.24
N LYS PC 221 -85.18 138.68 49.24
CA LYS PC 221 -83.79 138.42 49.61
C LYS PC 221 -83.81 137.72 50.95
N ILE PC 222 -83.16 136.56 51.03
CA ILE PC 222 -83.25 135.68 52.18
C ILE PC 222 -81.85 135.31 52.63
N GLN PC 223 -81.51 135.64 53.87
CA GLN PC 223 -80.25 135.22 54.48
C GLN PC 223 -80.57 134.30 55.63
N LEU PC 224 -80.05 133.08 55.59
CA LEU PC 224 -80.38 132.06 56.57
C LEU PC 224 -79.12 131.29 56.95
N ALA PC 225 -79.16 130.71 58.15
CA ALA PC 225 -78.06 129.87 58.62
C ALA PC 225 -78.59 128.98 59.73
N GLY PC 226 -78.45 127.67 59.56
CA GLY PC 226 -78.94 126.74 60.55
C GLY PC 226 -78.86 125.32 60.04
N ILE PC 227 -79.49 124.42 60.80
CA ILE PC 227 -79.52 123.00 60.47
C ILE PC 227 -80.98 122.57 60.39
N VAL PC 228 -81.38 122.04 59.24
CA VAL PC 228 -82.72 121.52 59.04
C VAL PC 228 -82.60 120.18 58.33
N ASN PC 229 -83.66 119.38 58.44
CA ASN PC 229 -83.63 118.04 57.88
C ASN PC 229 -84.18 118.00 56.45
N ARG PC 230 -85.39 118.50 56.25
CA ARG PC 230 -86.04 118.48 54.95
C ARG PC 230 -86.24 119.92 54.48
N LEU PC 231 -85.83 120.21 53.25
CA LEU PC 231 -85.90 121.56 52.72
C LEU PC 231 -86.49 121.53 51.32
N ASP PC 232 -87.51 122.36 51.09
CA ASP PC 232 -88.12 122.49 49.77
C ASP PC 232 -88.20 123.95 49.40
N VAL PC 233 -87.78 124.28 48.18
CA VAL PC 233 -87.73 125.66 47.71
C VAL PC 233 -88.39 125.73 46.35
N GLU PC 234 -89.30 126.70 46.19
CA GLU PC 234 -89.90 127.02 44.90
C GLU PC 234 -89.68 128.49 44.62
N LEU PC 235 -89.07 128.80 43.48
CA LEU PC 235 -88.83 130.17 43.06
C LEU PC 235 -89.48 130.40 41.70
N TRP PC 236 -90.17 131.54 41.57
CA TRP PC 236 -90.89 131.84 40.33
C TRP PC 236 -90.13 132.80 39.43
N ASP PC 237 -89.80 133.99 39.92
CA ASP PC 237 -89.12 134.97 39.08
C ASP PC 237 -88.47 136.03 39.95
N PHE PC 238 -87.29 136.48 39.54
CA PHE PC 238 -86.56 137.57 40.19
C PHE PC 238 -86.35 137.29 41.68
N ALA PC 239 -86.13 136.02 41.99
CA ALA PC 239 -85.87 135.59 43.35
C ALA PC 239 -84.38 135.30 43.52
N GLN PC 240 -83.84 135.66 44.67
CA GLN PC 240 -82.44 135.39 45.02
C GLN PC 240 -82.44 134.74 46.40
N PHE PC 241 -82.28 133.43 46.43
CA PHE PC 241 -82.25 132.69 47.68
C PHE PC 241 -80.81 132.37 48.04
N LYS PC 242 -80.36 132.89 49.19
CA LYS PC 242 -79.00 132.65 49.67
C LYS PC 242 -79.01 131.56 50.75
N GLY PC 243 -79.39 130.36 50.35
CA GLY PC 243 -79.46 129.27 51.30
C GLY PC 243 -78.09 128.72 51.66
N LYS PC 244 -77.05 129.48 51.35
CA LYS PC 244 -75.71 129.14 51.81
C LYS PC 244 -75.66 129.25 53.33
N TYR PC 245 -74.69 128.54 53.92
CA TYR PC 245 -74.56 128.42 55.37
C TYR PC 245 -75.78 127.74 56.00
N LEU PC 246 -76.55 127.01 55.20
CA LEU PC 246 -77.76 126.34 55.67
C LEU PC 246 -77.69 124.89 55.18
N ARG PC 247 -77.33 123.99 56.09
CA ARG PC 247 -77.09 122.59 55.75
C ARG PC 247 -78.35 121.77 55.98
N ALA PC 248 -78.75 121.00 54.96
CA ALA PC 248 -79.97 120.21 55.02
C ALA PC 248 -79.71 118.82 54.45
N GLN PC 249 -80.29 117.81 55.10
CA GLN PC 249 -80.09 116.44 54.66
C GLN PC 249 -80.75 116.19 53.30
N ARG PC 250 -82.01 116.57 53.17
CA ARG PC 250 -82.76 116.41 51.93
C ARG PC 250 -83.07 117.80 51.38
N SER PC 251 -82.68 118.03 50.13
CA SER PC 251 -82.90 119.33 49.50
C SER PC 251 -83.63 119.13 48.18
N PHE PC 252 -84.72 119.87 48.00
CA PHE PC 252 -85.45 119.91 46.74
C PHE PC 252 -85.60 121.35 46.29
N VAL PC 253 -85.18 121.65 45.07
CA VAL PC 253 -85.20 123.00 44.55
C VAL PC 253 -85.87 123.00 43.19
N LYS PC 254 -86.87 123.85 43.02
CA LYS PC 254 -87.51 124.08 41.73
C LYS PC 254 -87.49 125.56 41.43
N THR PC 255 -86.84 125.93 40.32
CA THR PC 255 -86.64 127.33 39.95
C THR PC 255 -87.17 127.57 38.55
N HIS PC 256 -88.00 128.60 38.41
CA HIS PC 256 -88.49 129.02 37.12
C HIS PC 256 -87.60 130.11 36.54
N ASP PC 257 -88.09 130.78 35.50
CA ASP PC 257 -87.29 131.74 34.75
C ASP PC 257 -86.73 132.85 35.63
N LYS PC 258 -85.45 133.15 35.43
CA LYS PC 258 -84.77 134.26 36.11
C LYS PC 258 -84.87 134.15 37.62
N SER PC 259 -84.26 133.10 38.15
CA SER PC 259 -84.16 132.88 39.59
C SER PC 259 -82.76 132.43 39.92
N VAL PC 260 -82.35 132.69 41.16
CA VAL PC 260 -81.00 132.41 41.63
C VAL PC 260 -81.10 131.66 42.95
N ALA PC 261 -80.43 130.52 43.02
CA ALA PC 261 -80.39 129.69 44.22
C ALA PC 261 -78.95 129.46 44.64
N GLU PC 262 -78.68 129.57 45.94
CA GLU PC 262 -77.35 129.37 46.50
C GLU PC 262 -77.47 128.30 47.58
N ILE PC 263 -77.24 127.05 47.20
CA ILE PC 263 -77.61 125.90 48.01
C ILE PC 263 -76.38 125.32 48.72
N SER PC 264 -76.64 124.65 49.83
CA SER PC 264 -75.60 124.04 50.66
C SER PC 264 -75.98 122.59 50.98
N ALA PC 265 -76.34 121.84 49.93
CA ALA PC 265 -76.80 120.47 50.10
C ALA PC 265 -75.76 119.62 50.84
N VAL PC 266 -76.25 118.58 51.51
CA VAL PC 266 -75.41 117.80 52.42
C VAL PC 266 -75.36 116.34 52.00
N ASN PC 267 -76.52 115.70 51.91
CA ASN PC 267 -76.58 114.27 51.64
C ASN PC 267 -77.32 113.95 50.34
N HIS PC 268 -78.49 114.54 50.12
CA HIS PC 268 -79.32 114.18 48.97
C HIS PC 268 -79.90 115.46 48.38
N GLN PC 269 -79.59 115.70 47.11
CA GLN PC 269 -79.92 116.95 46.45
C GLN PC 269 -80.68 116.67 45.15
N SER PC 270 -81.83 117.34 44.99
CA SER PC 270 -82.62 117.28 43.78
C SER PC 270 -82.88 118.70 43.30
N SER PC 271 -82.46 119.00 42.08
CA SER PC 271 -82.52 120.37 41.57
C SER PC 271 -83.11 120.40 40.18
N LEU PC 272 -84.02 121.35 39.95
CA LEU PC 272 -84.63 121.53 38.64
C LEU PC 272 -84.70 123.01 38.31
N ALA PC 273 -84.19 123.37 37.14
CA ALA PC 273 -84.20 124.75 36.68
C ALA PC 273 -84.85 124.81 35.29
N THR PC 274 -85.76 125.76 35.10
CA THR PC 274 -86.51 125.80 33.84
C THR PC 274 -85.68 126.47 32.74
N ASP PC 275 -85.39 127.75 32.91
CA ASP PC 275 -84.74 128.53 31.85
C ASP PC 275 -84.20 129.84 32.39
N ALA PC 276 -82.96 130.17 32.03
CA ALA PC 276 -82.31 131.41 32.47
C ALA PC 276 -82.32 131.50 33.99
N SER PC 277 -82.11 130.37 34.65
CA SER PC 277 -82.07 130.30 36.10
C SER PC 277 -80.79 129.59 36.52
N ASP PC 278 -80.25 129.99 37.67
CA ASP PC 278 -78.95 129.52 38.12
C ASP PC 278 -79.08 128.92 39.52
N ILE PC 279 -78.44 127.77 39.72
CA ILE PC 279 -78.42 127.11 41.01
C ILE PC 279 -76.96 126.75 41.31
N TYR PC 280 -76.42 127.30 42.38
CA TYR PC 280 -75.02 127.11 42.73
C TYR PC 280 -74.94 126.30 44.01
N TYR PC 281 -74.51 125.05 43.91
CA TYR PC 281 -74.36 124.20 45.09
C TYR PC 281 -72.97 124.40 45.69
N TYR PC 282 -72.90 124.29 47.02
CA TYR PC 282 -71.62 124.56 47.68
C TYR PC 282 -71.16 123.42 48.56
N ASN PC 283 -71.62 122.21 48.31
CA ASN PC 283 -71.03 121.02 48.92
C ASN PC 283 -71.37 119.83 48.05
N LEU PC 284 -70.56 118.79 48.16
CA LEU PC 284 -70.73 117.57 47.38
C LEU PC 284 -71.49 116.57 48.22
N SER PC 285 -72.79 116.45 47.97
CA SER PC 285 -73.61 115.52 48.72
C SER PC 285 -73.32 114.08 48.29
N LYS PC 286 -73.79 113.14 49.10
CA LYS PC 286 -73.63 111.74 48.77
C LYS PC 286 -74.53 111.31 47.61
N THR PC 287 -75.44 112.18 47.18
CA THR PC 287 -76.23 111.92 45.98
C THR PC 287 -76.76 113.25 45.46
N ARG PC 288 -76.52 113.50 44.18
CA ARG PC 288 -76.91 114.75 43.53
C ARG PC 288 -77.60 114.43 42.22
N ALA PC 289 -78.70 115.12 41.95
CA ALA PC 289 -79.37 114.99 40.66
C ALA PC 289 -79.89 116.34 40.24
N ASP PC 290 -79.57 116.73 39.00
CA ASP PC 290 -79.86 118.06 38.49
C ASP PC 290 -80.50 117.96 37.12
N PHE PC 291 -81.38 118.91 36.82
CA PHE PC 291 -82.05 118.92 35.53
C PHE PC 291 -82.33 120.35 35.09
N MET PC 292 -82.20 120.57 33.78
CA MET PC 292 -82.50 121.85 33.15
C MET PC 292 -83.52 121.64 32.05
N ALA PC 293 -84.43 122.61 31.89
CA ALA PC 293 -85.50 122.49 30.91
C ALA PC 293 -85.15 123.18 29.59
N PHE PC 294 -84.99 124.51 29.60
CA PHE PC 294 -84.60 125.24 28.40
C PHE PC 294 -83.24 125.89 28.56
N ASN PC 295 -83.04 126.68 29.61
CA ASN PC 295 -81.80 127.41 29.79
C ASN PC 295 -81.34 127.42 31.24
N GLY PC 296 -81.73 126.43 32.04
CA GLY PC 296 -81.29 126.37 33.41
C GLY PC 296 -79.83 125.97 33.51
N SER PC 297 -79.27 126.20 34.70
CA SER PC 297 -77.87 125.83 34.93
C SER PC 297 -77.66 125.53 36.40
N VAL PC 298 -76.83 124.52 36.67
CA VAL PC 298 -76.41 124.17 38.01
C VAL PC 298 -74.88 124.10 38.02
N LEU PC 299 -74.26 124.78 38.97
CA LEU PC 299 -72.82 124.92 38.99
C LEU PC 299 -72.28 124.76 40.41
N ASP PC 300 -71.01 124.37 40.48
CA ASP PC 300 -70.33 124.15 41.75
C ASP PC 300 -69.87 125.46 42.38
N MET PC 301 -69.17 126.28 41.61
CA MET PC 301 -68.80 127.64 42.05
C MET PC 301 -67.99 127.62 43.34
N ARG PC 302 -67.08 126.67 43.47
CA ARG PC 302 -66.22 126.65 44.64
C ARG PC 302 -64.91 127.37 44.34
N GLU PC 303 -64.06 127.46 45.36
CA GLU PC 303 -62.85 128.26 45.28
C GLU PC 303 -61.66 127.49 44.75
N TRP PC 304 -61.64 126.17 44.94
CA TRP PC 304 -60.62 125.26 44.40
C TRP PC 304 -59.29 125.40 45.14
N GLY PC 305 -59.19 126.38 46.04
CA GLY PC 305 -57.96 126.61 46.75
C GLY PC 305 -57.84 125.90 48.08
N GLN PC 306 -58.87 125.16 48.46
CA GLN PC 306 -58.83 124.43 49.71
C GLN PC 306 -57.70 123.41 49.69
N SER PC 307 -56.92 123.37 50.78
CA SER PC 307 -55.84 122.41 50.89
C SER PC 307 -56.33 120.97 51.03
N ASP PC 308 -57.63 120.78 51.28
CA ASP PC 308 -58.16 119.46 51.55
C ASP PC 308 -59.46 119.19 50.80
N LEU PC 309 -59.63 119.79 49.64
CA LEU PC 309 -60.85 119.59 48.87
C LEU PC 309 -60.89 118.18 48.32
N LYS PC 310 -62.06 117.55 48.43
CA LYS PC 310 -62.30 116.23 47.86
C LYS PC 310 -62.97 116.36 46.50
N ASP PC 311 -62.81 115.33 45.68
CA ASP PC 311 -63.29 115.34 44.30
C ASP PC 311 -64.50 114.42 44.16
N PHE PC 312 -64.95 114.27 42.91
CA PHE PC 312 -66.14 113.50 42.62
C PHE PC 312 -65.93 112.01 42.92
N ASP PC 313 -67.04 111.30 43.02
CA ASP PC 313 -67.04 109.87 43.31
C ASP PC 313 -67.94 109.15 42.33
N ARG PC 314 -67.64 107.86 42.13
CA ARG PC 314 -68.48 107.05 41.25
C ARG PC 314 -69.94 107.09 41.66
N TYR PC 315 -70.20 107.17 42.95
CA TYR PC 315 -71.57 107.32 43.44
C TYR PC 315 -72.10 108.74 43.26
N ASN PC 316 -71.25 109.69 42.86
CA ASN PC 316 -71.68 111.07 42.66
C ASN PC 316 -71.31 111.62 41.29
N LYS PC 317 -70.78 110.78 40.39
CA LYS PC 317 -70.22 111.26 39.13
C LYS PC 317 -71.33 111.53 38.12
N GLN PC 318 -72.25 112.41 38.50
CA GLN PC 318 -73.34 112.80 37.62
C GLN PC 318 -72.89 113.97 36.75
N PHE PC 319 -72.89 113.76 35.44
CA PHE PC 319 -72.43 114.78 34.50
C PHE PC 319 -73.58 115.68 34.13
N PRO PC 320 -73.52 116.98 34.46
CA PRO PC 320 -74.58 117.93 34.11
C PRO PC 320 -74.64 118.24 32.62
N ASP QC 39 -55.86 100.39 -5.36
CA ASP QC 39 -54.63 100.09 -4.63
C ASP QC 39 -53.90 101.38 -4.27
N GLY QC 40 -54.34 102.49 -4.86
CA GLY QC 40 -53.74 103.78 -4.61
C GLY QC 40 -53.76 104.19 -3.17
N CYS QC 41 -52.62 104.63 -2.65
CA CYS QC 41 -52.53 105.09 -1.27
C CYS QC 41 -52.70 106.60 -1.16
N CYS QC 42 -51.92 107.36 -1.92
CA CYS QC 42 -52.02 108.82 -1.93
C CYS QC 42 -53.06 109.30 -2.93
N SER QC 43 -54.27 108.76 -2.84
CA SER QC 43 -55.32 109.14 -3.76
C SER QC 43 -55.93 110.49 -3.37
N LYS QC 44 -56.63 111.10 -4.33
CA LYS QC 44 -57.23 112.42 -4.14
C LYS QC 44 -56.18 113.45 -3.70
N MET QC 45 -54.95 113.25 -4.14
CA MET QC 45 -53.84 114.15 -3.86
C MET QC 45 -53.05 114.33 -5.13
N GLY QC 46 -51.85 114.90 -5.00
CA GLY QC 46 -50.94 115.00 -6.13
C GLY QC 46 -50.21 113.70 -6.44
N GLY QC 47 -50.45 112.65 -5.67
CA GLY QC 47 -49.74 111.40 -5.80
C GLY QC 47 -48.75 111.20 -4.67
N ILE QC 48 -48.18 110.00 -4.65
CA ILE QC 48 -47.16 109.66 -3.65
C ILE QC 48 -45.88 110.43 -3.98
N ASN QC 49 -44.97 110.50 -3.01
CA ASN QC 49 -43.63 111.00 -3.27
C ASN QC 49 -42.59 109.90 -3.11
N TYR QC 50 -42.53 109.28 -1.93
CA TYR QC 50 -41.58 108.19 -1.72
C TYR QC 50 -41.85 107.55 -0.36
N CYS QC 51 -41.14 106.44 -0.10
CA CYS QC 51 -41.26 105.71 1.15
C CYS QC 51 -40.08 106.05 2.04
N ASP QC 52 -40.37 106.50 3.25
CA ASP QC 52 -39.34 106.75 4.27
C ASP QC 52 -39.27 105.55 5.19
N SER QC 53 -38.06 104.99 5.33
CA SER QC 53 -37.86 103.79 6.13
C SER QC 53 -37.68 104.10 7.61
N SER QC 54 -37.46 105.36 7.98
CA SER QC 54 -37.35 105.70 9.39
C SER QC 54 -38.64 105.36 10.12
N ALA QC 55 -39.77 105.50 9.45
CA ALA QC 55 -41.06 105.13 9.98
C ALA QC 55 -41.78 104.08 9.14
N GLY QC 56 -41.14 103.60 8.07
CA GLY QC 56 -41.79 102.63 7.20
C GLY QC 56 -43.06 103.15 6.59
N ARG QC 57 -43.10 104.43 6.24
CA ARG QC 57 -44.32 105.11 5.88
C ARG QC 57 -44.18 105.81 4.54
N LEU QC 58 -45.30 105.94 3.84
CA LEU QC 58 -45.33 106.62 2.56
C LEU QC 58 -45.55 108.11 2.74
N VAL QC 59 -45.00 108.88 1.80
CA VAL QC 59 -45.12 110.33 1.77
C VAL QC 59 -45.60 110.72 0.39
N CYS QC 60 -46.69 111.49 0.34
CA CYS QC 60 -47.33 111.89 -0.90
C CYS QC 60 -46.71 113.18 -1.42
N ASN QC 61 -47.29 113.70 -2.52
CA ASN QC 61 -46.81 114.97 -3.06
C ASN QC 61 -47.04 116.11 -2.08
N ASN QC 62 -48.22 116.17 -1.47
CA ASN QC 62 -48.44 117.09 -0.38
C ASN QC 62 -47.77 116.57 0.89
N GLY QC 63 -47.44 117.50 1.78
CA GLY QC 63 -46.69 117.14 2.98
C GLY QC 63 -47.51 116.39 4.01
N PHE QC 64 -47.91 115.17 3.69
CA PHE QC 64 -48.69 114.35 4.60
C PHE QC 64 -48.15 112.94 4.61
N TYR QC 65 -48.11 112.33 5.80
CA TYR QC 65 -47.74 110.94 5.93
C TYR QC 65 -48.92 110.06 5.58
N SER QC 66 -48.78 109.25 4.53
CA SER QC 66 -49.88 108.41 4.12
C SER QC 66 -50.11 107.30 5.13
N THR QC 67 -51.36 106.83 5.17
CA THR QC 67 -51.71 105.75 6.09
C THR QC 67 -50.98 104.46 5.75
N CYS QC 68 -50.69 104.24 4.48
CA CYS QC 68 -50.04 103.01 4.07
C CYS QC 68 -48.64 102.90 4.63
N TYR QC 69 -48.19 101.67 4.83
CA TYR QC 69 -46.83 101.38 5.24
C TYR QC 69 -46.03 100.85 4.05
N CYS QC 70 -44.71 100.85 4.19
CA CYS QC 70 -43.89 100.24 3.17
C CYS QC 70 -42.91 99.22 3.71
N THR QC 71 -42.35 99.44 4.89
CA THR QC 71 -41.36 98.53 5.46
C THR QC 71 -41.93 97.84 6.68
N ARG QC 72 -41.52 96.59 6.88
CA ARG QC 72 -41.94 95.83 8.05
C ARG QC 72 -41.49 96.49 9.35
N HIS QC 73 -40.41 97.24 9.32
CA HIS QC 73 -39.90 97.90 10.53
C HIS QC 73 -40.67 99.19 10.79
N ALA QC 74 -41.93 99.02 11.16
CA ALA QC 74 -42.79 100.14 11.51
C ALA QC 74 -43.75 99.70 12.60
N VAL QC 75 -44.29 100.68 13.32
CA VAL QC 75 -45.23 100.39 14.40
C VAL QC 75 -46.51 99.86 13.79
N MET QC 76 -46.73 98.55 13.92
CA MET QC 76 -47.92 97.90 13.40
C MET QC 76 -48.94 97.69 14.51
N ASP QC 77 -49.99 96.96 14.19
CA ASP QC 77 -51.08 96.67 15.13
C ASP QC 77 -51.39 95.18 15.05
N LEU QC 78 -50.68 94.38 15.84
CA LEU QC 78 -50.85 92.93 15.85
C LEU QC 78 -51.63 92.52 17.10
N GLN QC 79 -52.71 91.80 16.90
CA GLN QC 79 -53.50 91.26 18.01
C GLN QC 79 -53.78 89.77 17.91
N PHE QC 80 -53.67 89.17 16.73
CA PHE QC 80 -53.97 87.77 16.53
C PHE QC 80 -52.83 87.12 15.77
N LEU QC 81 -52.38 85.96 16.25
CA LEU QC 81 -51.24 85.27 15.67
C LEU QC 81 -51.61 83.83 15.35
N MET QC 82 -50.99 83.30 14.30
CA MET QC 82 -51.18 81.93 13.87
C MET QC 82 -50.08 81.05 14.44
N GLY QC 83 -50.00 79.82 13.95
CA GLY QC 83 -49.01 78.88 14.44
C GLY QC 83 -49.43 78.29 15.78
N CYS QC 84 -48.57 77.43 16.31
CA CYS QC 84 -48.84 76.82 17.60
C CYS QC 84 -47.59 76.86 18.46
N CYS QC 85 -47.74 76.35 19.69
CA CYS QC 85 -46.71 76.47 20.73
C CYS QC 85 -46.39 77.94 21.02
N LEU QC 86 -47.41 78.79 20.96
CA LEU QC 86 -47.25 80.18 21.35
C LEU QC 86 -47.01 80.28 22.85
N TRP QC 87 -46.19 81.23 23.25
CA TRP QC 87 -45.81 81.42 24.65
C TRP QC 87 -45.26 80.12 25.24
N HIS QC 88 -44.52 79.38 24.43
CA HIS QC 88 -43.86 78.16 24.86
C HIS QC 88 -42.55 78.04 24.09
N GLY QC 89 -41.91 76.88 24.19
CA GLY QC 89 -40.63 76.65 23.54
C GLY QC 89 -40.67 76.61 22.03
N GLY QC 90 -41.84 76.86 21.43
CA GLY QC 90 -41.96 76.77 19.99
C GLY QC 90 -42.15 75.35 19.53
N VAL QC 91 -42.12 75.19 18.21
CA VAL QC 91 -42.33 73.88 17.60
C VAL QC 91 -41.02 73.10 17.66
N TYR QC 92 -41.08 71.90 18.21
CA TYR QC 92 -39.89 71.06 18.30
C TYR QC 92 -39.44 70.66 16.89
N PRO QC 93 -38.14 70.76 16.58
CA PRO QC 93 -37.68 70.54 15.21
C PRO QC 93 -37.90 69.13 14.69
N GLN QC 94 -37.85 68.11 15.54
CA GLN QC 94 -37.83 66.73 15.06
C GLN QC 94 -39.19 66.29 14.55
N LEU QC 95 -39.18 65.60 13.42
CA LEU QC 95 -40.39 65.02 12.84
C LEU QC 95 -40.62 63.66 13.51
N ASN QC 96 -41.60 63.62 14.40
CA ASN QC 96 -41.89 62.39 15.13
C ASN QC 96 -42.89 61.54 14.36
N SER QC 97 -42.78 60.22 14.55
CA SER QC 97 -43.72 59.30 13.91
C SER QC 97 -45.14 59.54 14.41
N SER QC 98 -45.30 59.79 15.71
CA SER QC 98 -46.61 60.03 16.28
C SER QC 98 -47.16 61.37 15.80
N GLY QC 99 -48.48 61.47 15.80
CA GLY QC 99 -49.14 62.69 15.40
C GLY QC 99 -49.19 63.77 16.44
N LEU QC 100 -48.66 63.51 17.63
CA LEU QC 100 -48.62 64.49 18.70
C LEU QC 100 -47.36 65.33 18.59
N VAL QC 101 -47.52 66.64 18.79
CA VAL QC 101 -46.42 67.59 18.75
C VAL QC 101 -46.33 68.27 20.12
N VAL QC 102 -45.12 68.30 20.68
CA VAL QC 102 -44.89 68.86 22.00
C VAL QC 102 -43.92 70.03 21.86
N CYS QC 103 -44.23 71.13 22.53
CA CYS QC 103 -43.38 72.31 22.49
C CYS QC 103 -42.05 72.03 23.19
N ASN QC 104 -41.06 72.85 22.87
CA ASN QC 104 -39.70 72.62 23.33
C ASN QC 104 -39.55 72.75 24.84
N ASP QC 105 -40.54 73.29 25.54
CA ASP QC 105 -40.51 73.37 26.99
C ASP QC 105 -41.05 72.11 27.65
N GLY QC 106 -41.43 71.10 26.87
CA GLY QC 106 -42.03 69.89 27.40
C GLY QC 106 -43.54 69.90 27.44
N TYR QC 107 -44.15 71.08 27.38
CA TYR QC 107 -45.60 71.16 27.30
C TYR QC 107 -46.07 70.74 25.92
N VAL QC 108 -47.08 69.88 25.87
CA VAL QC 108 -47.57 69.34 24.62
C VAL QC 108 -48.71 70.21 24.11
N SER QC 109 -48.96 70.13 22.80
CA SER QC 109 -50.04 70.86 22.16
C SER QC 109 -50.88 69.87 21.38
N GLU QC 110 -51.84 69.25 22.07
CA GLU QC 110 -52.76 68.33 21.42
C GLU QC 110 -53.61 69.06 20.38
N GLU QC 111 -53.90 70.35 20.62
CA GLU QC 111 -54.64 71.14 19.65
C GLU QC 111 -53.88 71.24 18.33
N CYS QC 112 -52.57 71.50 18.39
CA CYS QC 112 -51.77 71.47 17.19
C CYS QC 112 -51.65 70.06 16.64
N SER QC 113 -51.70 69.07 17.52
CA SER QC 113 -51.67 67.67 17.11
C SER QC 113 -53.04 67.24 16.56
N LEU QC 114 -53.04 66.08 15.94
CA LEU QC 114 -54.29 65.45 15.53
C LEU QC 114 -54.68 64.37 16.54
N GLN QC 115 -55.89 63.82 16.35
CA GLN QC 115 -56.46 62.90 17.31
C GLN QC 115 -57.21 61.81 16.57
N LYS QC 116 -57.72 60.84 17.34
CA LYS QC 116 -58.53 59.77 16.82
C LYS QC 116 -59.53 59.27 17.86
N UNK RC 1 -50.61 119.07 23.73
CA UNK RC 1 -49.88 120.23 23.22
C UNK RC 1 -50.52 121.52 23.69
N UNK RC 2 -51.84 121.63 23.51
CA UNK RC 2 -52.62 122.79 23.94
C UNK RC 2 -52.06 124.09 23.36
N UNK RC 3 -51.77 124.07 22.07
CA UNK RC 3 -51.22 125.25 21.40
C UNK RC 3 -51.53 125.17 19.92
N UNK RC 4 -51.74 126.33 19.33
CA UNK RC 4 -52.02 126.43 17.90
C UNK RC 4 -51.10 127.39 17.18
N UNK RC 5 -50.69 128.48 17.84
CA UNK RC 5 -49.78 129.45 17.25
C UNK RC 5 -48.70 129.79 18.26
N UNK RC 6 -47.44 129.69 17.84
CA UNK RC 6 -46.30 130.06 18.69
C UNK RC 6 -46.22 131.58 18.73
N UNK RC 7 -47.09 132.18 19.55
CA UNK RC 7 -47.21 133.62 19.60
C UNK RC 7 -45.90 134.26 20.03
N UNK RC 8 -45.25 134.96 19.10
CA UNK RC 8 -43.95 135.57 19.36
C UNK RC 8 -44.14 137.04 19.69
N UNK RC 9 -44.54 137.30 20.93
CA UNK RC 9 -44.74 138.64 21.45
C UNK RC 9 -45.69 139.46 20.58
N UNK SC 1 -19.21 12.67 113.52
CA UNK SC 1 -18.28 13.22 112.54
C UNK SC 1 -17.30 14.18 113.21
N UNK SC 2 -17.30 15.43 112.77
CA UNK SC 2 -16.43 16.47 113.32
C UNK SC 2 -17.27 17.50 114.06
N UNK SC 3 -16.63 18.18 115.01
CA UNK SC 3 -17.30 19.16 115.85
C UNK SC 3 -17.24 20.52 115.18
N UNK SC 4 -18.41 21.07 114.86
CA UNK SC 4 -18.48 22.40 114.23
C UNK SC 4 -18.21 23.53 115.22
N UNK SC 5 -18.28 23.27 116.52
CA UNK SC 5 -17.97 24.30 117.50
C UNK SC 5 -16.51 24.73 117.38
N UNK SC 6 -15.61 23.77 117.18
CA UNK SC 6 -14.21 24.11 116.96
C UNK SC 6 -14.02 24.92 115.70
N UNK SC 7 -14.75 24.57 114.64
CA UNK SC 7 -14.66 25.34 113.40
C UNK SC 7 -15.15 26.77 113.61
N UNK SC 8 -16.24 26.95 114.34
CA UNK SC 8 -16.74 28.28 114.63
C UNK SC 8 -15.74 29.08 115.46
N UNK SC 9 -15.13 28.44 116.46
CA UNK SC 9 -14.14 29.12 117.27
C UNK SC 9 -12.92 29.52 116.45
N UNK SC 10 -12.47 28.63 115.56
CA UNK SC 10 -11.35 28.96 114.69
C UNK SC 10 -11.68 30.10 113.74
N UNK SC 11 -12.90 30.12 113.20
CA UNK SC 11 -13.32 31.23 112.35
C UNK SC 11 -13.37 32.53 113.13
N UNK SC 12 -13.85 32.48 114.37
CA UNK SC 12 -13.84 33.67 115.20
C UNK SC 12 -12.41 34.16 115.47
N UNK SC 13 -11.49 33.23 115.72
CA UNK SC 13 -10.10 33.60 115.92
C UNK SC 13 -9.51 34.23 114.66
N UNK SC 14 -9.83 33.66 113.50
CA UNK SC 14 -9.36 34.23 112.24
C UNK SC 14 -9.91 35.65 112.03
N UNK SC 15 -11.18 35.86 112.37
CA UNK SC 15 -11.76 37.19 112.29
C UNK SC 15 -11.04 38.14 113.24
N UNK SC 16 -10.86 37.74 114.49
CA UNK SC 16 -10.12 38.53 115.48
C UNK SC 16 -8.66 38.08 115.54
N UNK SC 17 -8.05 38.01 114.35
CA UNK SC 17 -6.63 37.67 114.26
C UNK SC 17 -5.77 38.67 115.05
N UNK SC 18 -6.16 39.94 115.05
CA UNK SC 18 -5.45 40.99 115.78
C UNK SC 18 -3.99 41.09 115.37
N UNK SC 19 -3.74 40.94 114.08
CA UNK SC 19 -2.38 41.06 113.53
C UNK SC 19 -2.47 41.67 112.15
N UNK SC 20 -1.82 42.82 111.97
CA UNK SC 20 -1.86 43.50 110.68
C UNK SC 20 -0.66 44.44 110.60
N UNK SC 21 0.28 44.12 109.72
CA UNK SC 21 1.43 44.97 109.46
C UNK SC 21 1.55 45.21 107.96
N UNK SC 22 1.66 46.47 107.56
CA UNK SC 22 1.67 46.84 106.16
C UNK SC 22 2.79 47.84 105.88
N UNK SC 23 3.22 47.87 104.63
CA UNK SC 23 4.21 48.83 104.17
C UNK SC 23 3.83 49.32 102.79
N UNK SC 24 4.23 50.55 102.49
CA UNK SC 24 3.96 51.19 101.21
C UNK SC 24 5.24 51.21 100.39
N UNK SC 25 5.11 50.83 99.12
CA UNK SC 25 6.23 50.82 98.19
C UNK SC 25 6.15 52.06 97.30
N UNK SC 26 7.16 52.92 97.40
CA UNK SC 26 7.21 54.14 96.61
C UNK SC 26 7.70 53.82 95.20
N UNK SC 27 7.71 54.86 94.35
CA UNK SC 27 8.20 54.69 92.98
C UNK SC 27 9.66 54.27 92.95
N UNK SC 28 10.44 54.68 93.96
CA UNK SC 28 11.84 54.28 94.09
C UNK SC 28 12.00 52.98 94.88
N UNK SC 29 10.96 52.15 94.92
CA UNK SC 29 10.96 50.87 95.63
C UNK SC 29 11.22 51.03 97.12
N UNK SC 30 11.00 52.22 97.66
CA UNK SC 30 11.17 52.44 99.09
C UNK SC 30 10.02 51.81 99.85
N UNK SC 31 10.33 50.87 100.73
CA UNK SC 31 9.33 50.14 101.51
C UNK SC 31 9.25 50.79 102.89
N UNK SC 32 8.27 51.68 103.06
CA UNK SC 32 8.09 52.41 104.32
C UNK SC 32 6.89 51.82 105.04
N UNK SC 33 7.13 51.22 106.20
CA UNK SC 33 6.09 50.66 107.02
C UNK SC 33 5.70 51.66 108.12
N UNK SC 34 4.88 51.22 109.06
CA UNK SC 34 4.45 52.06 110.17
C UNK SC 34 4.21 51.18 111.39
N UNK SC 35 3.77 51.82 112.47
CA UNK SC 35 3.48 51.09 113.70
C UNK SC 35 2.31 50.13 113.50
N UNK SC 36 2.49 48.90 113.96
CA UNK SC 36 1.45 47.89 113.81
C UNK SC 36 0.25 48.21 114.70
N UNK SC 37 -0.94 48.04 114.14
CA UNK SC 37 -2.17 48.28 114.88
C UNK SC 37 -3.28 47.45 114.23
N UNK SC 38 -4.53 47.71 114.62
CA UNK SC 38 -5.70 47.03 114.06
C UNK SC 38 -5.58 45.52 114.15
N UNK SC 39 2.07 50.67 92.88
CA UNK SC 39 2.20 49.63 93.91
C UNK SC 39 2.40 50.25 95.29
N UNK SC 40 1.79 51.42 95.51
CA UNK SC 40 1.88 52.06 96.80
C UNK SC 40 1.17 51.25 97.88
N UNK SC 41 0.14 50.49 97.50
CA UNK SC 41 -0.61 49.65 98.43
C UNK SC 41 -0.80 48.29 97.77
N UNK SC 42 0.14 47.38 97.99
CA UNK SC 42 0.08 46.04 97.41
C UNK SC 42 -0.70 45.11 98.32
N UNK SC 43 -1.35 44.11 97.71
CA UNK SC 43 -2.08 43.12 98.49
C UNK SC 43 -1.14 42.32 99.38
N UNK SC 44 0.03 41.95 98.86
CA UNK SC 44 1.00 41.21 99.65
C UNK SC 44 1.75 42.07 100.64
N UNK SC 45 1.67 43.39 100.51
CA UNK SC 45 2.35 44.27 101.48
C UNK SC 45 1.77 44.09 102.87
N UNK SC 46 0.44 44.00 102.97
CA UNK SC 46 -0.19 43.74 104.27
C UNK SC 46 -0.04 42.28 104.63
N UNK SC 47 0.24 42.02 105.91
CA UNK SC 47 0.42 40.67 106.42
C UNK SC 47 -0.21 40.55 107.79
N UNK SC 48 -0.61 39.34 108.14
CA UNK SC 48 -1.24 39.07 109.42
C UNK SC 48 -0.43 38.07 110.23
N LYS TC 24 -79.15 114.31 16.21
CA LYS TC 24 -80.28 113.53 15.72
C LYS TC 24 -80.27 112.12 16.29
N PHE TC 25 -79.12 111.46 16.18
CA PHE TC 25 -78.93 110.11 16.69
C PHE TC 25 -77.93 110.13 17.83
N LYS TC 26 -78.35 109.62 18.99
CA LYS TC 26 -77.48 109.50 20.16
C LYS TC 26 -77.07 108.03 20.24
N LYS TC 27 -76.00 107.68 19.53
CA LYS TC 27 -75.56 106.30 19.47
C LYS TC 27 -75.09 105.83 20.84
N PRO TC 28 -75.30 104.56 21.17
CA PRO TC 28 -74.83 104.03 22.45
C PRO TC 28 -73.33 103.94 22.46
N PRO TC 29 -72.70 103.88 23.64
CA PRO TC 29 -71.25 103.67 23.70
C PRO TC 29 -70.85 102.41 22.96
N ILE TC 30 -69.78 102.52 22.18
CA ILE TC 30 -69.42 101.46 21.25
C ILE TC 30 -69.03 100.19 22.01
N ASN TC 31 -68.18 100.31 23.02
CA ASN TC 31 -67.78 99.17 23.83
C ASN TC 31 -68.65 99.02 25.07
N ASN TC 32 -69.96 99.03 24.87
CA ASN TC 32 -70.86 98.89 26.01
C ASN TC 32 -70.92 97.44 26.46
N PRO TC 33 -71.07 97.22 27.77
CA PRO TC 33 -71.35 95.85 28.24
C PRO TC 33 -72.79 95.45 27.97
N SER TC 34 -73.05 94.97 26.76
CA SER TC 34 -74.41 94.67 26.33
C SER TC 34 -74.85 93.24 26.67
N ASP TC 35 -74.02 92.47 27.35
CA ASP TC 35 -74.35 91.09 27.68
C ASP TC 35 -74.22 90.87 29.17
N ASP TC 36 -75.01 89.92 29.69
CA ASP TC 36 -75.00 89.64 31.12
C ASP TC 36 -73.63 89.16 31.58
N ALA TC 37 -73.01 88.26 30.81
CA ALA TC 37 -71.67 87.82 31.17
C ALA TC 37 -70.70 88.98 31.15
N THR TC 38 -70.83 89.86 30.16
CA THR TC 38 -69.95 91.02 30.07
C THR TC 38 -70.10 91.92 31.29
N ILE TC 39 -71.34 92.20 31.69
CA ILE TC 39 -71.53 93.10 32.82
C ILE TC 39 -71.04 92.45 34.10
N LYS TC 40 -71.24 91.14 34.24
CA LYS TC 40 -70.70 90.46 35.41
C LYS TC 40 -69.19 90.55 35.46
N LEU TC 41 -68.54 90.32 34.32
CA LEU TC 41 -67.08 90.42 34.25
C LEU TC 41 -66.62 91.82 34.64
N ALA TC 42 -67.23 92.85 34.05
CA ALA TC 42 -66.80 94.22 34.31
C ALA TC 42 -67.02 94.59 35.77
N GLU TC 43 -68.16 94.21 36.33
CA GLU TC 43 -68.44 94.52 37.73
C GLU TC 43 -67.41 93.85 38.63
N ALA TC 44 -67.11 92.58 38.35
CA ALA TC 44 -66.10 91.87 39.16
C ALA TC 44 -64.75 92.55 39.03
N ALA TC 45 -64.40 92.99 37.82
CA ALA TC 45 -63.13 93.68 37.62
C ALA TC 45 -63.06 94.96 38.44
N VAL TC 46 -64.15 95.73 38.43
CA VAL TC 46 -64.19 96.95 39.22
C VAL TC 46 -64.01 96.63 40.70
N SER TC 47 -64.72 95.60 41.17
CA SER TC 47 -64.65 95.23 42.58
C SER TC 47 -63.22 94.86 42.97
N VAL TC 48 -62.59 93.99 42.19
CA VAL TC 48 -61.26 93.52 42.56
C VAL TC 48 -60.25 94.66 42.45
N SER TC 49 -60.41 95.53 41.47
CA SER TC 49 -59.51 96.68 41.35
C SER TC 49 -59.60 97.57 42.57
N ASP TC 50 -60.83 97.88 43.00
CA ASP TC 50 -61.00 98.71 44.18
C ASP TC 50 -60.45 98.04 45.42
N SER TC 51 -60.70 96.74 45.55
CA SER TC 51 -60.20 96.00 46.73
C SER TC 51 -58.68 96.03 46.77
N MET TC 52 -58.03 95.80 45.64
CA MET TC 52 -56.57 95.78 45.63
C MET TC 52 -56.01 97.18 45.84
N LEU TC 53 -56.68 98.22 45.34
CA LEU TC 53 -56.27 99.58 45.64
C LEU TC 53 -56.33 99.85 47.13
N GLU TC 54 -57.41 99.42 47.78
CA GLU TC 54 -57.52 99.60 49.22
C GLU TC 54 -56.42 98.83 49.95
N MET TC 55 -56.14 97.61 49.50
CA MET TC 55 -55.06 96.82 50.09
C MET TC 55 -53.74 97.57 50.00
N ALA TC 56 -53.43 98.08 48.81
CA ALA TC 56 -52.18 98.81 48.64
C ALA TC 56 -52.13 100.05 49.53
N LYS TC 57 -53.25 100.78 49.61
CA LYS TC 57 -53.28 101.97 50.45
C LYS TC 57 -53.03 101.63 51.90
N VAL TC 58 -53.68 100.57 52.41
CA VAL TC 58 -53.54 100.24 53.81
C VAL TC 58 -52.14 99.71 54.11
N GLU TC 59 -51.51 99.04 53.15
CA GLU TC 59 -50.16 98.54 53.39
C GLU TC 59 -49.06 99.49 52.95
N LYS TC 60 -49.42 100.68 52.47
CA LYS TC 60 -48.43 101.65 52.07
C LYS TC 60 -47.76 102.29 53.29
N VAL TC 61 -46.49 102.68 53.12
CA VAL TC 61 -45.72 103.36 54.14
C VAL TC 61 -45.24 104.68 53.58
N ILE TC 62 -45.39 105.75 54.37
CA ILE TC 62 -45.07 107.09 53.91
C ILE TC 62 -44.15 107.79 54.91
N THR TC 63 -43.85 109.06 54.64
CA THR TC 63 -42.92 109.84 55.45
C THR TC 63 -43.53 111.18 55.83
N PRO TC 64 -43.17 111.72 56.99
CA PRO TC 64 -43.70 113.03 57.38
C PRO TC 64 -43.02 114.15 56.61
N PRO TC 65 -43.81 115.07 56.05
CA PRO TC 65 -43.20 116.21 55.35
C PRO TC 65 -42.39 117.11 56.25
N SER TC 66 -42.63 117.07 57.56
CA SER TC 66 -41.86 117.90 58.48
C SER TC 66 -40.47 117.33 58.71
N LYS TC 67 -40.35 116.00 58.78
CA LYS TC 67 -39.09 115.35 59.15
C LYS TC 67 -38.47 114.60 57.98
N ASP TC 68 -38.86 114.91 56.75
CA ASP TC 68 -38.28 114.26 55.58
C ASP TC 68 -36.80 114.61 55.48
N ASN TC 69 -35.96 113.58 55.42
CA ASN TC 69 -34.50 113.76 55.48
C ASN TC 69 -34.00 114.16 54.09
N THR TC 70 -33.91 115.47 53.87
CA THR TC 70 -33.33 115.99 52.63
C THR TC 70 -32.90 117.43 52.89
N LEU TC 71 -31.65 117.75 52.55
CA LEU TC 71 -31.17 119.11 52.70
C LEU TC 71 -31.93 120.03 51.76
N THR TC 72 -32.44 121.14 52.30
CA THR TC 72 -33.24 122.05 51.50
C THR TC 72 -32.36 122.84 50.54
N ILE TC 73 -33.01 123.55 49.63
CA ILE TC 73 -32.32 124.35 48.62
C ILE TC 73 -31.68 125.55 49.30
N PRO TC 74 -30.37 125.74 49.16
CA PRO TC 74 -29.71 126.88 49.80
C PRO TC 74 -30.24 128.23 49.35
N ASN TC 75 -30.66 128.34 48.08
CA ASN TC 75 -31.17 129.59 47.50
C ASN TC 75 -30.12 130.69 47.59
N ALA TC 76 -29.02 130.45 46.88
CA ALA TC 76 -27.93 131.41 46.77
C ALA TC 76 -27.77 131.81 45.31
N TYR TC 77 -27.43 133.09 45.08
CA TYR TC 77 -27.36 133.61 43.72
C TYR TC 77 -26.32 132.88 42.90
N ASN TC 78 -25.15 132.60 43.49
CA ASN TC 78 -24.09 131.91 42.77
C ASN TC 78 -24.44 130.46 42.49
N LEU TC 79 -25.48 129.92 43.12
CA LEU TC 79 -25.87 128.53 42.93
C LEU TC 79 -26.90 128.34 41.84
N GLN TC 80 -27.25 129.40 41.10
CA GLN TC 80 -28.32 129.37 40.13
C GLN TC 80 -27.83 129.12 38.71
N ALA TC 81 -26.57 128.74 38.54
CA ALA TC 81 -26.05 128.43 37.23
C ALA TC 81 -26.57 127.07 36.75
N ARG TC 82 -26.59 126.91 35.44
CA ARG TC 82 -27.02 125.67 34.81
C ARG TC 82 -25.87 125.07 34.01
N ALA TC 83 -25.82 123.75 33.96
CA ALA TC 83 -24.71 123.06 33.32
C ALA TC 83 -25.12 121.62 33.04
N SER TC 84 -24.20 120.87 32.44
CA SER TC 84 -24.37 119.45 32.19
C SER TC 84 -23.20 118.71 32.80
N VAL TC 85 -23.49 117.66 33.55
CA VAL TC 85 -22.45 116.89 34.25
C VAL TC 85 -22.73 115.41 34.07
N ASP TC 86 -21.71 114.65 33.69
CA ASP TC 86 -21.77 113.20 33.62
C ASP TC 86 -20.62 112.64 34.43
N TRP TC 87 -20.93 111.76 35.38
CA TRP TC 87 -19.92 111.19 36.26
C TRP TC 87 -20.55 110.04 37.02
N SER TC 88 -19.73 109.05 37.36
CA SER TC 88 -20.18 107.94 38.20
C SER TC 88 -18.95 107.34 38.89
N GLY TC 89 -18.78 107.66 40.17
CA GLY TC 89 -17.66 107.14 40.92
C GLY TC 89 -17.54 107.73 42.30
N PRO TC 90 -16.32 107.99 42.74
CA PRO TC 90 -16.11 108.55 44.08
C PRO TC 90 -16.81 109.89 44.24
N ILE TC 91 -17.30 110.13 45.45
CA ILE TC 91 -18.13 111.29 45.73
C ILE TC 91 -17.29 112.51 46.11
N GLU TC 92 -16.16 112.29 46.78
CA GLU TC 92 -15.35 113.39 47.28
C GLU TC 92 -14.82 114.24 46.14
N GLU TC 93 -14.27 113.60 45.10
CA GLU TC 93 -13.73 114.36 43.98
C GLU TC 93 -14.82 115.18 43.30
N LEU TC 94 -16.00 114.57 43.10
CA LEU TC 94 -17.09 115.27 42.44
C LEU TC 94 -17.54 116.47 43.25
N THR TC 95 -17.69 116.30 44.56
CA THR TC 95 -18.19 117.41 45.38
C THR TC 95 -17.15 118.53 45.48
N ALA TC 96 -15.87 118.17 45.59
CA ALA TC 96 -14.85 119.21 45.60
C ALA TC 96 -14.83 119.97 44.28
N ARG TC 97 -14.97 119.24 43.17
CA ARG TC 97 -14.94 119.90 41.86
C ARG TC 97 -16.13 120.83 41.69
N ILE TC 98 -17.32 120.41 42.10
CA ILE TC 98 -18.48 121.27 41.94
C ILE TC 98 -18.38 122.47 42.88
N ALA TC 99 -17.84 122.28 44.08
CA ALA TC 99 -17.64 123.41 44.98
C ALA TC 99 -16.67 124.43 44.37
N LYS TC 100 -15.58 123.94 43.76
CA LYS TC 100 -14.66 124.85 43.10
C LYS TC 100 -15.33 125.57 41.94
N ALA TC 101 -16.14 124.86 41.16
CA ALA TC 101 -16.87 125.50 40.08
C ALA TC 101 -17.82 126.57 40.59
N ALA TC 102 -18.39 126.36 41.78
CA ALA TC 102 -19.32 127.31 42.37
C ALA TC 102 -18.65 128.35 43.25
N HIS TC 103 -17.32 128.32 43.35
CA HIS TC 103 -16.54 129.34 44.08
C HIS TC 103 -16.82 129.27 45.58
N PHE TC 104 -16.92 128.05 46.11
CA PHE TC 104 -17.14 127.84 47.53
C PHE TC 104 -16.04 126.96 48.10
N ARG TC 105 -15.55 127.32 49.28
CA ARG TC 105 -14.56 126.49 49.94
C ARG TC 105 -15.18 125.18 50.39
N PHE TC 106 -14.34 124.19 50.64
CA PHE TC 106 -14.79 122.86 51.00
C PHE TC 106 -14.02 122.34 52.20
N ARG TC 107 -14.69 121.52 53.01
CA ARG TC 107 -14.01 120.81 54.08
C ARG TC 107 -14.70 119.47 54.32
N VAL TC 108 -13.98 118.58 54.99
CA VAL TC 108 -14.42 117.21 55.23
C VAL TC 108 -14.32 116.91 56.71
N LEU TC 109 -15.39 116.39 57.29
CA LEU TC 109 -15.40 115.90 58.66
C LEU TC 109 -15.80 114.43 58.64
N GLY TC 110 -14.86 113.56 59.00
CA GLY TC 110 -15.07 112.14 58.97
C GLY TC 110 -13.90 111.45 58.29
N LYS TC 111 -14.09 110.18 57.97
CA LYS TC 111 -13.04 109.36 57.39
C LYS TC 111 -13.57 108.62 56.17
N SER TC 112 -12.68 108.41 55.21
CA SER TC 112 -13.07 107.61 54.05
C SER TC 112 -13.19 106.14 54.44
N PRO TC 113 -14.28 105.48 54.06
CA PRO TC 113 -14.39 104.04 54.33
C PRO TC 113 -13.42 103.25 53.47
N SER TC 114 -13.38 101.94 53.73
CA SER TC 114 -12.51 101.07 52.94
C SER TC 114 -12.92 101.07 51.48
N VAL TC 115 -14.22 100.95 51.21
CA VAL TC 115 -14.76 101.06 49.86
C VAL TC 115 -15.46 102.40 49.74
N PRO TC 116 -14.97 103.32 48.92
CA PRO TC 116 -15.60 104.64 48.82
C PRO TC 116 -17.01 104.54 48.27
N VAL TC 117 -17.86 105.47 48.71
CA VAL TC 117 -19.25 105.49 48.27
C VAL TC 117 -19.31 105.98 46.83
N LEU TC 118 -20.08 105.27 46.01
CA LEU TC 118 -20.18 105.57 44.60
C LEU TC 118 -21.56 106.09 44.25
N ILE TC 119 -21.63 106.87 43.18
CA ILE TC 119 -22.85 107.46 42.69
C ILE TC 119 -22.85 107.42 41.17
N SER TC 120 -23.92 107.93 40.56
CA SER TC 120 -23.98 107.98 39.09
C SER TC 120 -24.98 109.08 38.72
N ILE TC 121 -24.46 110.24 38.32
CA ILE TC 121 -25.26 111.38 37.91
C ILE TC 121 -24.87 111.75 36.49
N SER TC 122 -25.85 111.78 35.59
CA SER TC 122 -25.63 112.17 34.20
C SER TC 122 -26.82 113.03 33.78
N THR TC 123 -26.66 114.34 33.91
CA THR TC 123 -27.72 115.29 33.61
C THR TC 123 -27.21 116.29 32.57
N LYS TC 124 -28.10 116.66 31.65
CA LYS TC 124 -27.76 117.59 30.59
C LYS TC 124 -28.06 119.05 30.94
N ASP TC 125 -28.95 119.28 31.90
CA ASP TC 125 -29.27 120.65 32.32
C ASP TC 125 -29.84 120.59 33.72
N GLU TC 126 -29.09 121.10 34.69
CA GLU TC 126 -29.55 121.15 36.08
C GLU TC 126 -28.76 122.22 36.80
N SER TC 127 -29.29 122.65 37.95
CA SER TC 127 -28.60 123.63 38.76
C SER TC 127 -27.94 122.97 39.96
N LEU TC 128 -26.95 123.67 40.49
CA LEU TC 128 -26.02 123.07 41.45
C LEU TC 128 -26.73 122.66 42.73
N ALA TC 129 -27.69 123.46 43.19
CA ALA TC 129 -28.34 123.16 44.46
C ALA TC 129 -29.08 121.83 44.40
N GLU TC 130 -29.92 121.64 43.40
CA GLU TC 130 -30.63 120.38 43.27
C GLU TC 130 -29.68 119.25 42.93
N ILE TC 131 -28.60 119.53 42.20
CA ILE TC 131 -27.58 118.50 42.01
C ILE TC 131 -27.06 118.02 43.35
N LEU TC 132 -26.75 118.97 44.23
CA LEU TC 132 -26.25 118.63 45.56
C LEU TC 132 -27.26 117.83 46.35
N ARG TC 133 -28.52 118.26 46.30
CA ARG TC 133 -29.57 117.56 47.04
C ARG TC 133 -29.72 116.13 46.54
N ASP TC 134 -29.69 115.94 45.23
CA ASP TC 134 -29.78 114.60 44.67
C ASP TC 134 -28.57 113.76 45.06
N ILE TC 135 -27.39 114.40 45.12
CA ILE TC 135 -26.19 113.68 45.57
C ILE TC 135 -26.39 113.17 46.98
N ASP TC 136 -26.90 114.02 47.87
CA ASP TC 136 -27.13 113.60 49.24
C ASP TC 136 -28.15 112.47 49.31
N TYR TC 137 -29.21 112.58 48.51
CA TYR TC 137 -30.23 111.53 48.50
C TYR TC 137 -29.66 110.20 48.03
N GLN TC 138 -28.82 110.24 47.00
CA GLN TC 138 -28.15 109.01 46.55
C GLN TC 138 -27.24 108.47 47.65
N ALA TC 139 -26.54 109.36 48.35
CA ALA TC 139 -25.63 108.90 49.40
C ALA TC 139 -26.40 108.19 50.51
N GLY TC 140 -27.53 108.75 50.92
CA GLY TC 140 -28.35 108.10 51.92
C GLY TC 140 -27.93 108.40 53.35
N LYS TC 141 -27.24 107.46 53.98
CA LYS TC 141 -26.94 107.56 55.40
C LYS TC 141 -25.45 107.76 55.70
N LYS TC 142 -24.58 106.98 55.08
CA LYS TC 142 -23.15 107.05 55.41
C LYS TC 142 -22.55 108.40 55.11
N ALA TC 143 -23.18 109.20 54.25
CA ALA TC 143 -22.65 110.50 53.85
C ALA TC 143 -23.72 111.57 54.01
N SER TC 144 -23.26 112.78 54.29
CA SER TC 144 -24.15 113.94 54.37
C SER TC 144 -23.38 115.16 53.90
N ILE TC 145 -24.11 116.21 53.56
CA ILE TC 145 -23.50 117.45 53.08
C ILE TC 145 -24.22 118.62 53.72
N HIS TC 146 -23.44 119.66 54.06
CA HIS TC 146 -24.00 120.88 54.61
C HIS TC 146 -23.44 122.08 53.87
N VAL TC 147 -24.29 123.10 53.71
CA VAL TC 147 -23.94 124.30 52.97
C VAL TC 147 -24.05 125.50 53.91
N TYR TC 148 -22.99 126.28 54.00
CA TYR TC 148 -23.00 127.51 54.79
C TYR TC 148 -22.81 128.70 53.87
N PRO TC 149 -23.84 129.53 53.70
CA PRO TC 149 -23.71 130.74 52.87
C PRO TC 149 -23.20 131.95 53.62
N ASN TC 150 -23.03 131.88 54.94
CA ASN TC 150 -22.40 132.97 55.66
C ASN TC 150 -20.92 133.08 55.29
N SER TC 151 -20.15 132.04 55.58
CA SER TC 151 -18.85 131.82 54.98
C SER TC 151 -19.05 130.76 53.91
N GLN TC 152 -18.75 131.13 52.65
CA GLN TC 152 -19.24 130.36 51.50
C GLN TC 152 -18.53 129.03 51.46
N VAL TC 153 -19.05 128.07 52.23
CA VAL TC 153 -18.38 126.80 52.43
C VAL TC 153 -19.36 125.65 52.29
N VAL TC 154 -18.82 124.48 51.98
CA VAL TC 154 -19.54 123.23 51.96
C VAL TC 154 -18.77 122.21 52.76
N GLU TC 155 -19.49 121.36 53.50
CA GLU TC 155 -18.89 120.37 54.36
C GLU TC 155 -19.43 119.00 53.99
N LEU TC 156 -18.52 118.05 53.84
CA LEU TC 156 -18.87 116.65 53.61
C LEU TC 156 -18.69 115.88 54.92
N ARG TC 157 -19.76 115.23 55.36
CA ARG TC 157 -19.84 114.63 56.68
C ARG TC 157 -19.94 113.11 56.53
N TYR TC 158 -18.89 112.40 56.94
CA TYR TC 158 -18.94 110.95 56.96
C TYR TC 158 -19.68 110.44 58.19
N ALA TC 159 -20.04 109.17 58.16
CA ALA TC 159 -20.65 108.50 59.30
C ALA TC 159 -19.59 107.74 60.09
N LYS TC 160 -20.01 107.20 61.23
CA LYS TC 160 -19.10 106.48 62.12
C LYS TC 160 -19.30 104.97 62.00
N ILE UC 208 -62.15 115.46 75.53
CA ILE UC 208 -63.31 116.06 74.89
C ILE UC 208 -62.95 116.50 73.47
N ILE UC 209 -63.96 116.76 72.66
CA ILE UC 209 -63.77 117.16 71.26
C ILE UC 209 -64.95 118.04 70.86
N TYR UC 210 -64.79 118.77 69.76
CA TYR UC 210 -65.81 119.68 69.26
C TYR UC 210 -65.83 119.65 67.74
N TYR UC 211 -66.93 120.14 67.18
CA TYR UC 211 -67.11 120.18 65.74
C TYR UC 211 -67.91 121.41 65.35
N ILE UC 212 -67.79 121.79 64.10
CA ILE UC 212 -68.51 122.93 63.55
C ILE UC 212 -69.91 122.50 63.17
N GLN UC 213 -70.92 123.29 63.56
CA GLN UC 213 -72.29 123.05 63.16
C GLN UC 213 -72.79 124.06 62.15
N ALA UC 214 -72.64 125.35 62.43
CA ALA UC 214 -73.01 126.39 61.49
C ALA UC 214 -72.05 127.55 61.64
N VAL UC 215 -71.70 128.20 60.52
CA VAL UC 215 -70.71 129.25 60.49
C VAL UC 215 -71.28 130.45 59.75
N ILE UC 216 -71.14 131.63 60.37
CA ILE UC 216 -71.37 132.90 59.69
C ILE UC 216 -70.17 133.79 59.97
N PRO UC 217 -69.88 134.75 59.09
CA PRO UC 217 -68.82 135.71 59.39
C PRO UC 217 -69.07 136.41 60.71
N GLY UC 218 -68.22 136.16 61.71
CA GLY UC 218 -68.37 136.79 63.01
C GLY UC 218 -68.71 135.84 64.14
N ARG UC 219 -69.59 134.88 63.88
CA ARG UC 219 -70.02 133.95 64.92
C ARG UC 219 -70.34 132.61 64.29
N ALA UC 220 -70.22 131.55 65.09
CA ALA UC 220 -70.41 130.20 64.57
C ALA UC 220 -70.92 129.31 65.69
N TRP UC 221 -71.22 128.07 65.33
CA TRP UC 221 -71.86 127.12 66.22
C TRP UC 221 -70.94 125.93 66.50
N LEU UC 222 -70.81 125.59 67.78
CA LEU UC 222 -69.94 124.51 68.24
C LEU UC 222 -70.81 123.40 68.81
N ILE UC 223 -70.56 122.17 68.37
CA ILE UC 223 -71.26 121.00 68.87
C ILE UC 223 -70.22 120.00 69.37
N GLY UC 224 -70.34 119.60 70.64
CA GLY UC 224 -69.40 118.69 71.25
C GLY UC 224 -69.81 117.23 71.09
N SER UC 225 -68.91 116.36 71.52
CA SER UC 225 -69.17 114.92 71.47
C SER UC 225 -70.35 114.54 72.36
N ASN UC 226 -70.41 115.11 73.57
CA ASN UC 226 -71.44 114.79 74.54
C ASN UC 226 -72.69 115.65 74.38
N GLY UC 227 -72.94 116.19 73.19
CA GLY UC 227 -74.13 116.97 72.95
C GLY UC 227 -74.09 118.38 73.49
N SER UC 228 -72.90 118.91 73.79
CA SER UC 228 -72.79 120.27 74.28
C SER UC 228 -72.95 121.26 73.12
N THR UC 229 -73.76 122.28 73.33
CA THR UC 229 -73.99 123.32 72.33
C THR UC 229 -73.30 124.60 72.77
N LEU UC 230 -72.72 125.32 71.81
CA LEU UC 230 -72.01 126.54 72.14
C LEU UC 230 -72.05 127.49 70.95
N THR UC 231 -71.92 128.78 71.25
CA THR UC 231 -71.84 129.82 70.22
C THR UC 231 -70.51 130.55 70.40
N VAL UC 232 -69.81 130.77 69.29
CA VAL UC 232 -68.49 131.40 69.32
C VAL UC 232 -68.58 132.74 68.59
N ARG UC 233 -68.03 133.77 69.21
CA ARG UC 233 -67.97 135.10 68.62
C ARG UC 233 -66.66 135.24 67.85
N GLU UC 234 -66.31 136.47 67.47
CA GLU UC 234 -65.09 136.68 66.69
C GLU UC 234 -63.86 136.25 67.48
N GLY UC 235 -63.79 136.61 68.77
CA GLY UC 235 -62.70 136.17 69.61
C GLY UC 235 -63.18 135.71 70.96
N SER UC 236 -62.91 134.47 71.32
CA SER UC 236 -63.39 133.93 72.59
C SER UC 236 -62.42 132.85 73.06
N LYS UC 237 -62.81 132.12 74.11
CA LYS UC 237 -61.96 131.11 74.70
C LYS UC 237 -62.75 129.82 74.87
N ILE UC 238 -62.03 128.70 74.91
CA ILE UC 238 -62.63 127.39 75.11
C ILE UC 238 -61.61 126.46 75.77
N PRO UC 239 -61.99 125.77 76.84
CA PRO UC 239 -61.06 124.81 77.45
C PRO UC 239 -60.73 123.68 76.50
N GLY UC 240 -59.50 123.16 76.63
CA GLY UC 240 -59.00 122.13 75.75
C GLY UC 240 -58.42 122.64 74.45
N TYR UC 241 -58.63 123.90 74.13
CA TYR UC 241 -58.08 124.50 72.90
C TYR UC 241 -57.45 125.86 73.11
N GLY UC 242 -57.80 126.59 74.16
CA GLY UC 242 -57.20 127.88 74.42
C GLY UC 242 -58.07 129.05 74.01
N MET UC 243 -57.57 129.89 73.11
CA MET UC 243 -58.26 131.08 72.65
C MET UC 243 -58.48 131.01 71.16
N VAL UC 244 -59.74 131.06 70.74
CA VAL UC 244 -60.09 131.11 69.32
C VAL UC 244 -60.15 132.58 68.91
N LYS UC 245 -59.42 132.92 67.85
CA LYS UC 245 -59.27 134.31 67.45
C LYS UC 245 -59.63 134.51 65.99
N LEU UC 246 -59.53 133.46 65.18
CA LEU UC 246 -59.75 133.55 63.75
C LEU UC 246 -60.84 132.59 63.33
N ILE UC 247 -61.77 133.08 62.49
CA ILE UC 247 -62.89 132.30 62.00
C ILE UC 247 -63.01 132.52 60.50
N ASP UC 248 -63.26 131.43 59.77
CA ASP UC 248 -63.36 131.48 58.32
C ASP UC 248 -64.78 131.17 57.89
N SER UC 249 -65.20 131.79 56.79
CA SER UC 249 -66.53 131.57 56.21
C SER UC 249 -66.51 130.56 55.07
N LEU UC 250 -65.69 130.81 54.05
CA LEU UC 250 -65.62 129.89 52.92
C LEU UC 250 -65.05 128.54 53.32
N GLN UC 251 -64.04 128.53 54.19
CA GLN UC 251 -63.38 127.31 54.61
C GLN UC 251 -63.85 126.94 56.01
N GLY UC 252 -64.37 125.72 56.16
CA GLY UC 252 -64.86 125.27 57.44
C GLY UC 252 -63.75 124.89 58.41
N ARG UC 253 -62.83 125.82 58.66
CA ARG UC 253 -61.72 125.60 59.56
C ARG UC 253 -61.69 126.71 60.60
N ILE UC 254 -61.57 126.34 61.87
CA ILE UC 254 -61.45 127.28 62.97
C ILE UC 254 -60.17 126.96 63.74
N LEU UC 255 -59.37 127.98 64.00
CA LEU UC 255 -58.09 127.82 64.68
C LEU UC 255 -58.13 128.48 66.04
N THR UC 256 -57.33 127.93 66.95
CA THR UC 256 -57.25 128.37 68.34
C THR UC 256 -55.83 128.83 68.66
N SER UC 257 -55.65 129.30 69.90
CA SER UC 257 -54.32 129.66 70.35
C SER UC 257 -53.40 128.46 70.40
N SER UC 258 -53.93 127.29 70.75
CA SER UC 258 -53.15 126.06 70.68
C SER UC 258 -52.76 125.71 69.25
N GLY UC 259 -53.48 126.25 68.26
CA GLY UC 259 -53.18 126.01 66.87
C GLY UC 259 -53.93 124.87 66.22
N GLN UC 260 -54.52 123.98 67.02
CA GLN UC 260 -55.29 122.88 66.45
C GLN UC 260 -56.54 123.41 65.76
N VAL UC 261 -56.94 122.71 64.70
CA VAL UC 261 -58.03 123.16 63.84
C VAL UC 261 -59.22 122.23 64.02
N ILE UC 262 -60.39 122.73 63.67
CA ILE UC 262 -61.65 121.99 63.77
C ILE UC 262 -62.44 122.20 62.49
N LYS UC 263 -62.98 121.11 61.96
CA LYS UC 263 -63.77 121.12 60.74
C LYS UC 263 -65.13 120.49 61.02
N PHE UC 264 -65.91 120.30 59.96
CA PHE UC 264 -67.16 119.57 60.08
C PHE UC 264 -66.90 118.09 60.31
N SER UC 265 -67.76 117.47 61.10
CA SER UC 265 -67.64 116.05 61.38
C SER UC 265 -68.22 115.24 60.23
N GLN UC 266 -68.10 113.92 60.33
CA GLN UC 266 -68.59 113.03 59.29
C GLN UC 266 -69.59 112.02 59.87
N VAL VC 38 22.83 85.66 -51.85
CA VAL VC 38 22.44 86.98 -52.33
C VAL VC 38 21.47 87.69 -51.38
N PRO VC 39 20.37 87.01 -50.94
CA PRO VC 39 19.47 87.68 -50.00
C PRO VC 39 20.02 87.71 -48.58
N LYS VC 40 21.27 87.30 -48.42
CA LYS VC 40 21.91 87.29 -47.11
C LYS VC 40 23.07 88.26 -47.00
N LEU VC 41 23.77 88.55 -48.09
CA LEU VC 41 24.88 89.49 -48.08
C LEU VC 41 24.73 90.48 -49.22
N PRO VC 42 25.19 91.72 -49.04
CA PRO VC 42 25.14 92.69 -50.13
C PRO VC 42 26.10 92.33 -51.24
N CYS VC 43 25.64 92.45 -52.48
CA CYS VC 43 26.51 92.15 -53.62
C CYS VC 43 27.49 93.28 -53.91
N ARG VC 44 27.24 94.48 -53.40
CA ARG VC 44 28.06 95.64 -53.71
C ARG VC 44 27.93 96.64 -52.56
N VAL VC 45 28.65 97.75 -52.69
CA VAL VC 45 28.46 98.85 -51.76
C VAL VC 45 27.09 99.47 -52.02
N ASP VC 46 26.37 99.75 -50.95
CA ASP VC 46 25.00 100.24 -51.08
C ASP VC 46 24.97 101.57 -51.81
N GLY VC 47 24.08 101.69 -52.78
CA GLY VC 47 23.92 102.92 -53.53
C GLY VC 47 25.06 103.22 -54.47
N ALA VC 48 25.88 102.24 -54.81
CA ALA VC 48 27.04 102.44 -55.66
C ALA VC 48 26.76 101.87 -57.05
N CYS VC 49 26.98 102.68 -58.08
CA CYS VC 49 26.79 102.27 -59.46
C CYS VC 49 27.96 102.81 -60.28
N ASP VC 50 28.80 101.91 -60.78
CA ASP VC 50 29.98 102.34 -61.53
C ASP VC 50 29.59 103.11 -62.79
N ALA VC 51 28.51 102.69 -63.44
CA ALA VC 51 28.03 103.42 -64.62
C ALA VC 51 27.66 104.85 -64.25
N THR VC 52 26.95 105.02 -63.13
CA THR VC 52 26.62 106.36 -62.67
C THR VC 52 27.88 107.16 -62.37
N ILE VC 53 28.86 106.52 -61.73
CA ILE VC 53 30.09 107.20 -61.38
C ILE VC 53 30.79 107.72 -62.62
N ILE VC 54 30.97 106.86 -63.62
CA ILE VC 54 31.70 107.27 -64.81
C ILE VC 54 30.91 108.31 -65.59
N LYS VC 55 29.59 108.17 -65.64
CA LYS VC 55 28.77 109.14 -66.36
C LYS VC 55 28.88 110.52 -65.73
N MET VC 56 28.72 110.59 -64.40
CA MET VC 56 28.81 111.89 -63.74
C MET VC 56 30.23 112.45 -63.80
N MET VC 57 31.25 111.57 -63.81
CA MET VC 57 32.62 112.04 -64.00
C MET VC 57 32.76 112.73 -65.34
N THR VC 58 32.24 112.10 -66.40
CA THR VC 58 32.29 112.71 -67.72
C THR VC 58 31.52 114.02 -67.75
N ASP VC 59 30.34 114.04 -67.13
CA ASP VC 59 29.53 115.26 -67.13
C ASP VC 59 30.24 116.40 -66.43
N LEU VC 60 30.85 116.13 -65.29
CA LEU VC 60 31.57 117.17 -64.56
C LEU VC 60 32.76 117.67 -65.38
N ASN VC 61 33.53 116.75 -65.97
CA ASN VC 61 34.71 117.18 -66.72
C ASN VC 61 34.32 118.02 -67.92
N LYS VC 62 33.26 117.62 -68.64
CA LYS VC 62 32.81 118.42 -69.76
C LYS VC 62 32.14 119.71 -69.31
N LYS VC 63 31.62 119.75 -68.08
CA LYS VC 63 31.11 121.01 -67.54
C LYS VC 63 32.26 121.99 -67.31
N GLY VC 64 33.40 121.49 -66.86
CA GLY VC 64 34.58 122.32 -66.77
C GLY VC 64 35.37 122.17 -65.50
N ILE VC 65 34.78 121.59 -64.48
CA ILE VC 65 35.47 121.34 -63.22
C ILE VC 65 36.47 120.23 -63.43
N LYS VC 66 37.73 120.47 -63.07
CA LYS VC 66 38.77 119.50 -63.35
C LYS VC 66 38.66 118.32 -62.41
N VAL VC 67 38.74 117.11 -62.95
CA VAL VC 67 38.71 115.89 -62.16
C VAL VC 67 39.81 114.96 -62.67
N ALA VC 68 40.63 114.45 -61.74
CA ALA VC 68 41.73 113.58 -62.09
C ALA VC 68 41.75 112.39 -61.14
N SER VC 69 42.00 111.21 -61.69
CA SER VC 69 42.07 109.97 -60.92
C SER VC 69 43.32 109.23 -61.37
N VAL VC 70 44.40 109.38 -60.60
CA VAL VC 70 45.67 108.71 -60.90
C VAL VC 70 45.91 107.69 -59.80
N GLY VC 71 46.06 106.44 -60.20
CA GLY VC 71 46.20 105.37 -59.22
C GLY VC 71 44.97 105.32 -58.33
N GLN VC 72 45.21 105.28 -57.02
CA GLN VC 72 44.14 105.21 -56.04
C GLN VC 72 43.88 106.54 -55.37
N ASN VC 73 44.39 107.63 -55.94
CA ASN VC 73 44.20 108.97 -55.39
C ASN VC 73 43.43 109.82 -56.39
N TYR VC 74 42.45 110.55 -55.87
CA TYR VC 74 41.54 111.37 -56.67
C TYR VC 74 41.65 112.82 -56.25
N LEU VC 75 41.65 113.71 -57.24
CA LEU VC 75 41.74 115.14 -57.04
C LEU VC 75 40.70 115.85 -57.89
N ILE VC 76 40.09 116.89 -57.34
CA ILE VC 76 39.10 117.70 -58.04
C ILE VC 76 39.42 119.16 -57.83
N SER VC 77 39.40 119.94 -58.91
CA SER VC 77 39.75 121.35 -58.89
C SER VC 77 38.60 122.18 -59.44
N ILE VC 78 38.31 123.29 -58.75
CA ILE VC 78 37.24 124.19 -59.15
C ILE VC 78 37.77 125.62 -59.18
N PRO VC 79 37.49 126.38 -60.25
CA PRO VC 79 37.89 127.78 -60.28
C PRO VC 79 37.17 128.61 -59.23
N ALA VC 80 37.83 129.66 -58.77
CA ALA VC 80 37.26 130.50 -57.73
C ALA VC 80 36.02 131.26 -58.21
N SER VC 81 36.09 131.83 -59.41
CA SER VC 81 35.04 132.74 -59.85
C SER VC 81 33.69 132.04 -59.93
N ALA VC 82 33.66 130.81 -60.44
CA ALA VC 82 32.41 130.08 -60.56
C ALA VC 82 31.82 129.69 -59.21
N LEU VC 83 32.49 129.99 -58.11
CA LEU VC 83 32.03 129.57 -56.79
C LEU VC 83 31.77 130.75 -55.86
N PHE VC 84 32.71 131.69 -55.76
CA PHE VC 84 32.62 132.79 -54.81
C PHE VC 84 32.33 134.09 -55.54
N ALA VC 85 32.27 135.16 -54.76
CA ALA VC 85 32.17 136.51 -55.29
C ALA VC 85 33.57 137.06 -55.55
N ASP VC 86 33.65 138.35 -55.85
CA ASP VC 86 34.92 138.97 -56.21
C ASP VC 86 35.77 139.11 -54.96
N GLN VC 87 36.63 138.12 -54.71
CA GLN VC 87 37.51 138.09 -53.54
C GLN VC 87 36.74 138.22 -52.23
N SER VC 88 35.52 137.68 -52.21
CA SER VC 88 34.66 137.83 -51.06
C SER VC 88 34.33 136.46 -50.47
N PRO VC 89 34.54 136.27 -49.18
CA PRO VC 89 34.14 135.01 -48.55
C PRO VC 89 32.63 134.89 -48.46
N ARG VC 90 31.98 134.67 -49.59
CA ARG VC 90 30.54 134.51 -49.63
C ARG VC 90 30.20 133.62 -50.82
N LEU VC 91 29.00 133.04 -50.77
CA LEU VC 91 28.57 132.04 -51.73
C LEU VC 91 27.49 132.61 -52.63
N ASN VC 92 27.69 132.48 -53.94
CA ASN VC 92 26.62 132.74 -54.88
C ASN VC 92 25.57 131.64 -54.74
N TRP VC 93 24.30 132.05 -54.83
CA TRP VC 93 23.22 131.12 -54.51
C TRP VC 93 23.18 129.94 -55.48
N ALA VC 94 23.38 130.20 -56.76
CA ALA VC 94 23.29 129.12 -57.76
C ALA VC 94 24.33 128.04 -57.54
N SER VC 95 25.42 128.35 -56.83
CA SER VC 95 26.48 127.37 -56.62
C SER VC 95 26.04 126.19 -55.78
N TYR VC 96 24.90 126.30 -55.09
CA TYR VC 96 24.43 125.20 -54.27
C TYR VC 96 24.10 123.97 -55.10
N SER VC 97 23.60 124.15 -56.32
CA SER VC 97 23.38 123.00 -57.18
C SER VC 97 24.69 122.28 -57.50
N LEU VC 98 25.74 123.05 -57.79
CA LEU VC 98 27.04 122.45 -58.05
C LEU VC 98 27.56 121.71 -56.81
N LEU VC 99 27.37 122.30 -55.64
CA LEU VC 99 27.75 121.61 -54.41
C LEU VC 99 26.98 120.32 -54.23
N ASN VC 100 25.68 120.33 -54.56
CA ASN VC 100 24.88 119.12 -54.49
C ASN VC 100 25.43 118.05 -55.42
N GLU VC 101 25.81 118.44 -56.64
CA GLU VC 101 26.39 117.47 -57.56
C GLU VC 101 27.69 116.91 -57.02
N ILE VC 102 28.52 117.77 -56.42
CA ILE VC 102 29.77 117.30 -55.82
C ILE VC 102 29.48 116.28 -54.72
N ALA VC 103 28.48 116.58 -53.88
CA ALA VC 103 28.12 115.64 -52.81
C ALA VC 103 27.62 114.32 -53.39
N ALA VC 104 26.84 114.39 -54.46
CA ALA VC 104 26.34 113.18 -55.10
C ALA VC 104 27.50 112.33 -55.60
N PHE VC 105 28.51 112.96 -56.20
CA PHE VC 105 29.67 112.21 -56.62
C PHE VC 105 30.43 111.62 -55.43
N LEU VC 106 30.59 112.41 -54.37
CA LEU VC 106 31.37 111.98 -53.22
C LEU VC 106 30.67 110.87 -52.45
N LYS VC 107 29.37 110.72 -52.61
CA LYS VC 107 28.64 109.68 -51.87
C LYS VC 107 29.16 108.29 -52.22
N GLN VC 108 29.47 108.05 -53.49
CA GLN VC 108 29.71 106.69 -53.96
C GLN VC 108 30.92 106.06 -53.27
N PHE VC 109 32.06 106.75 -53.31
CA PHE VC 109 33.30 106.12 -52.92
C PHE VC 109 33.38 105.89 -51.42
N ARG VC 110 34.12 104.86 -51.03
CA ARG VC 110 34.40 104.60 -49.62
C ARG VC 110 35.69 105.31 -49.27
N LYS VC 111 35.58 106.38 -48.47
CA LYS VC 111 36.71 107.27 -48.22
C LYS VC 111 36.94 107.41 -46.73
N ILE VC 112 38.20 107.63 -46.37
CA ILE VC 112 38.64 107.75 -44.98
C ILE VC 112 39.00 109.19 -44.64
N ALA VC 113 39.93 109.78 -45.40
CA ALA VC 113 40.41 111.12 -45.16
C ALA VC 113 40.16 111.99 -46.37
N ILE VC 114 39.83 113.25 -46.11
CA ILE VC 114 39.51 114.23 -47.13
C ILE VC 114 40.34 115.48 -46.86
N THR VC 115 40.89 116.08 -47.92
CA THR VC 115 41.64 117.33 -47.76
C THR VC 115 41.08 118.38 -48.71
N VAL VC 116 40.85 119.57 -48.19
CA VAL VC 116 40.41 120.70 -49.01
C VAL VC 116 41.39 121.84 -48.82
N THR VC 117 41.83 122.42 -49.93
CA THR VC 117 42.80 123.50 -49.93
C THR VC 117 42.27 124.63 -50.80
N SER VC 118 42.56 125.86 -50.38
CA SER VC 118 42.13 127.05 -51.11
C SER VC 118 43.36 127.84 -51.56
N TYR VC 119 43.29 128.38 -52.78
CA TYR VC 119 44.34 129.25 -53.30
C TYR VC 119 43.70 130.40 -54.05
N SER VC 120 44.42 131.51 -54.10
CA SER VC 120 43.89 132.75 -54.65
C SER VC 120 44.99 133.46 -55.42
N SER VC 121 44.74 134.73 -55.75
CA SER VC 121 45.72 135.61 -56.38
C SER VC 121 46.20 136.62 -55.35
N LYS VC 122 47.21 137.40 -55.75
CA LYS VC 122 47.77 138.43 -54.88
C LYS VC 122 46.97 139.71 -55.05
N TYR VC 123 46.33 140.16 -53.97
CA TYR VC 123 45.44 141.32 -54.04
C TYR VC 123 45.89 142.48 -53.17
N VAL VC 124 46.11 142.27 -51.88
CA VAL VC 124 46.47 143.37 -50.99
C VAL VC 124 47.75 143.06 -50.23
N SER VC 125 47.81 141.87 -49.63
CA SER VC 125 48.91 141.50 -48.75
C SER VC 125 49.11 140.00 -48.86
N VAL VC 126 49.77 139.42 -47.87
CA VAL VC 126 49.81 137.97 -47.71
C VAL VC 126 48.77 137.52 -46.69
N LYS VC 127 48.67 138.23 -45.57
CA LYS VC 127 47.74 137.84 -44.51
C LYS VC 127 46.31 137.89 -44.98
N ARG VC 128 45.95 138.93 -45.73
CA ARG VC 128 44.57 139.08 -46.19
C ARG VC 128 44.18 137.90 -47.08
N GLU VC 129 45.03 137.54 -48.03
CA GLU VC 129 44.74 136.44 -48.94
C GLU VC 129 44.70 135.12 -48.19
N ARG VC 130 45.63 134.90 -47.26
CA ARG VC 130 45.62 133.65 -46.50
C ARG VC 130 44.35 133.53 -45.67
N ALA VC 131 43.92 134.63 -45.05
CA ALA VC 131 42.67 134.61 -44.30
C ALA VC 131 41.49 134.31 -45.21
N LEU VC 132 41.46 134.90 -46.40
CA LEU VC 132 40.38 134.63 -47.34
C LEU VC 132 40.32 133.16 -47.70
N THR VC 133 41.48 132.58 -48.01
CA THR VC 133 41.52 131.16 -48.34
C THR VC 133 41.06 130.31 -47.16
N LEU VC 134 41.49 130.68 -45.95
CA LEU VC 134 41.07 129.95 -44.77
C LEU VC 134 39.56 129.98 -44.60
N ALA VC 135 38.96 131.15 -44.79
CA ALA VC 135 37.50 131.25 -44.66
C ALA VC 135 36.80 130.41 -45.73
N ARG VC 136 37.29 130.47 -46.96
CA ARG VC 136 36.67 129.68 -48.03
C ARG VC 136 36.75 128.19 -47.72
N SER VC 137 37.91 127.73 -47.27
CA SER VC 137 38.05 126.32 -46.91
C SER VC 137 37.13 125.96 -45.77
N ARG VC 138 37.02 126.84 -44.76
CA ARG VC 138 36.15 126.57 -43.63
C ARG VC 138 34.71 126.39 -44.09
N VAL VC 139 34.22 127.31 -44.92
CA VAL VC 139 32.80 127.27 -45.28
C VAL VC 139 32.52 126.06 -46.16
N VAL VC 140 33.39 125.77 -47.13
CA VAL VC 140 33.13 124.63 -48.00
C VAL VC 140 33.20 123.33 -47.20
N SER VC 141 34.15 123.22 -46.28
CA SER VC 141 34.25 122.03 -45.44
C SER VC 141 33.01 121.89 -44.56
N GLU VC 142 32.54 123.00 -43.99
CA GLU VC 142 31.36 122.94 -43.15
C GLU VC 142 30.15 122.45 -43.93
N TYR VC 143 29.93 123.00 -45.12
CA TYR VC 143 28.77 122.56 -45.89
C TYR VC 143 28.91 121.10 -46.31
N LEU VC 144 30.12 120.69 -46.70
CA LEU VC 144 30.32 119.30 -47.09
C LEU VC 144 30.03 118.36 -45.94
N TRP VC 145 30.52 118.69 -44.74
CA TRP VC 145 30.26 117.85 -43.58
C TRP VC 145 28.77 117.83 -43.25
N SER VC 146 28.10 118.97 -43.39
CA SER VC 146 26.65 118.99 -43.21
C SER VC 146 25.99 118.02 -44.17
N GLN VC 147 26.45 118.00 -45.41
CA GLN VC 147 25.98 117.02 -46.36
C GLN VC 147 26.50 115.64 -45.99
N GLY VC 148 25.88 114.61 -46.57
CA GLY VC 148 26.18 113.26 -46.20
C GLY VC 148 27.51 112.74 -46.72
N VAL VC 149 28.60 113.32 -46.25
CA VAL VC 149 29.93 112.84 -46.62
C VAL VC 149 30.30 111.71 -45.68
N ASP VC 150 30.51 110.51 -46.23
CA ASP VC 150 30.84 109.35 -45.41
C ASP VC 150 32.36 109.18 -45.34
N SER VC 151 32.98 110.09 -44.60
CA SER VC 151 34.39 110.00 -44.31
C SER VC 151 34.58 110.02 -42.79
N ARG VC 152 35.82 109.81 -42.37
CA ARG VC 152 36.16 109.90 -40.96
C ARG VC 152 36.93 111.17 -40.63
N ILE VC 153 37.81 111.64 -41.51
CA ILE VC 153 38.65 112.79 -41.23
C ILE VC 153 38.51 113.80 -42.36
N ILE VC 154 38.39 115.08 -41.99
CA ILE VC 154 38.36 116.17 -42.95
C ILE VC 154 39.38 117.22 -42.52
N PHE VC 155 40.29 117.58 -43.42
CA PHE VC 155 41.27 118.63 -43.22
C PHE VC 155 40.96 119.80 -44.15
N THR VC 156 41.15 121.01 -43.63
CA THR VC 156 40.91 122.22 -44.39
C THR VC 156 42.06 123.18 -44.20
N GLN VC 157 42.53 123.77 -45.31
CA GLN VC 157 43.58 124.78 -45.22
C GLN VC 157 43.58 125.63 -46.49
N GLY VC 158 44.23 126.78 -46.38
CA GLY VC 158 44.40 127.68 -47.51
C GLY VC 158 45.81 128.22 -47.53
N LEU VC 159 46.21 128.69 -48.72
CA LEU VC 159 47.58 129.17 -48.87
C LEU VC 159 47.65 130.44 -49.72
N GLY VC 160 46.56 131.18 -49.80
CA GLY VC 160 46.59 132.47 -50.48
C GLY VC 160 46.99 132.33 -51.93
N SER VC 161 48.08 132.99 -52.30
CA SER VC 161 48.60 132.98 -53.66
C SER VC 161 50.06 132.52 -53.70
N ASP VC 162 50.43 131.61 -52.81
CA ASP VC 162 51.83 131.21 -52.66
C ASP VC 162 52.21 130.05 -53.57
N LYS VC 163 51.27 129.44 -54.28
CA LYS VC 163 51.55 128.31 -55.16
C LYS VC 163 50.92 128.57 -56.53
N PRO VC 164 51.53 129.44 -57.33
CA PRO VC 164 51.01 129.68 -58.68
C PRO VC 164 51.18 128.45 -59.55
N ILE VC 165 50.23 128.26 -60.46
CA ILE VC 165 50.24 127.13 -61.38
C ILE VC 165 50.26 127.58 -62.84
N THR VC 166 50.25 128.87 -63.10
CA THR VC 166 50.27 129.38 -64.48
C THR VC 166 50.94 130.73 -64.49
N SER VC 167 51.91 130.90 -65.41
CA SER VC 167 52.57 132.18 -65.55
C SER VC 167 51.61 133.28 -65.99
N TYR VC 168 50.59 132.92 -66.77
CA TYR VC 168 49.62 133.89 -67.27
C TYR VC 168 48.74 134.34 -66.12
N THR VC 169 49.04 135.52 -65.58
CA THR VC 169 48.29 136.10 -64.47
C THR VC 169 47.67 137.43 -64.87
N LEU VC 170 47.21 137.51 -66.12
CA LEU VC 170 46.63 138.76 -66.62
C LEU VC 170 45.37 139.13 -65.85
N GLY VC 171 44.44 138.20 -65.73
CA GLY VC 171 43.17 138.49 -65.09
C GLY VC 171 43.28 138.51 -63.58
N GLY VC 172 42.14 138.78 -62.95
CA GLY VC 172 42.05 138.79 -61.50
C GLY VC 172 41.55 137.49 -60.95
N ASP VC 173 40.33 137.48 -60.41
CA ASP VC 173 39.75 136.25 -59.89
C ASP VC 173 39.48 135.24 -61.00
N ARG VC 174 39.36 135.69 -62.24
CA ARG VC 174 39.14 134.77 -63.36
C ARG VC 174 40.37 133.93 -63.68
N SER VC 175 41.53 134.25 -63.10
CA SER VC 175 42.73 133.49 -63.37
C SER VC 175 42.59 132.06 -62.83
N PRO VC 176 43.11 131.07 -63.54
CA PRO VC 176 42.98 129.68 -63.08
C PRO VC 176 43.63 129.42 -61.73
N ASN VC 177 44.69 130.18 -61.39
CA ASN VC 177 45.41 129.90 -60.15
C ASN VC 177 44.51 130.02 -58.94
N ALA VC 178 43.66 131.04 -58.89
CA ALA VC 178 42.66 131.14 -57.85
C ALA VC 178 41.67 129.99 -58.01
N ARG VC 179 41.64 129.09 -57.03
CA ARG VC 179 40.97 127.81 -57.19
C ARG VC 179 40.78 127.16 -55.82
N VAL VC 180 40.03 126.07 -55.82
CA VAL VC 180 39.86 125.23 -54.64
C VAL VC 180 40.05 123.77 -55.05
N GLU VC 181 40.84 123.04 -54.28
CA GLU VC 181 41.15 121.65 -54.54
C GLU VC 181 40.59 120.78 -53.43
N ILE VC 182 40.08 119.61 -53.82
CA ILE VC 182 39.61 118.60 -52.90
C ILE VC 182 40.24 117.27 -53.30
N THR VC 183 40.96 116.64 -52.38
CA THR VC 183 41.75 115.47 -52.70
C THR VC 183 41.56 114.39 -51.65
N PHE VC 184 41.76 113.14 -52.07
CA PHE VC 184 41.75 112.02 -51.15
C PHE VC 184 42.36 110.81 -51.84
N ARG VC 185 42.55 109.74 -51.06
CA ARG VC 185 42.94 108.44 -51.59
C ARG VC 185 41.87 107.42 -51.29
N ARG VC 186 41.39 106.74 -52.32
CA ARG VC 186 40.42 105.68 -52.11
C ARG VC 186 41.11 104.48 -51.46
N ALA VC 187 40.50 103.93 -50.42
CA ALA VC 187 41.07 102.83 -49.67
C ALA VC 187 40.26 101.57 -49.95
N VAL VC 188 40.93 100.53 -50.43
CA VAL VC 188 40.31 99.24 -50.72
C VAL VC 188 39.14 99.38 -51.67
N MET WC 23 -58.71 124.74 -3.39
CA MET WC 23 -59.20 124.41 -2.05
C MET WC 23 -58.37 123.28 -1.45
N LYS WC 24 -57.41 122.80 -2.22
CA LYS WC 24 -56.54 121.72 -1.76
C LYS WC 24 -55.52 122.26 -0.76
N PHE WC 25 -54.98 121.34 0.04
CA PHE WC 25 -54.07 121.68 1.12
C PHE WC 25 -52.71 121.03 0.90
N LYS WC 26 -51.66 121.77 1.25
CA LYS WC 26 -50.29 121.30 1.09
C LYS WC 26 -49.45 121.83 2.24
N LYS WC 27 -48.29 121.22 2.42
CA LYS WC 27 -47.34 121.68 3.42
C LYS WC 27 -46.07 122.20 2.74
N PRO WC 28 -45.37 123.15 3.36
CA PRO WC 28 -44.33 123.90 2.65
C PRO WC 28 -43.24 123.01 2.08
N PRO WC 29 -42.52 122.23 2.89
CA PRO WC 29 -41.29 121.60 2.38
C PRO WC 29 -41.60 120.39 1.53
N ILE WC 30 -41.44 120.52 0.22
CA ILE WC 30 -41.54 119.41 -0.71
C ILE WC 30 -40.26 119.39 -1.54
N ASN WC 31 -39.56 118.27 -1.50
CA ASN WC 31 -38.25 118.14 -2.13
C ASN WC 31 -38.24 116.96 -3.09
N ASN WC 32 -37.08 116.68 -3.64
CA ASN WC 32 -36.90 115.50 -4.46
C ASN WC 32 -36.96 114.25 -3.59
N PRO WC 33 -37.36 113.12 -4.15
CA PRO WC 33 -37.43 111.88 -3.36
C PRO WC 33 -36.08 111.51 -2.78
N SER WC 34 -36.11 110.95 -1.57
CA SER WC 34 -34.91 110.61 -0.83
C SER WC 34 -34.55 109.15 -1.04
N ASP WC 35 -33.58 108.67 -0.27
CA ASP WC 35 -33.13 107.29 -0.35
C ASP WC 35 -32.87 106.75 1.04
N ASP WC 36 -33.22 105.47 1.24
CA ASP WC 36 -33.10 104.86 2.56
C ASP WC 36 -31.64 104.78 3.00
N ALA WC 37 -30.73 104.53 2.07
CA ALA WC 37 -29.31 104.50 2.43
C ALA WC 37 -28.88 105.84 2.99
N THR WC 38 -29.23 106.94 2.31
CA THR WC 38 -28.92 108.26 2.82
C THR WC 38 -29.62 108.52 4.15
N ILE WC 39 -30.83 107.98 4.31
CA ILE WC 39 -31.55 108.15 5.56
C ILE WC 39 -30.76 107.54 6.71
N LYS WC 40 -30.30 106.31 6.54
CA LYS WC 40 -29.52 105.66 7.58
C LYS WC 40 -28.19 106.37 7.79
N LEU WC 41 -27.60 106.89 6.71
CA LEU WC 41 -26.38 107.68 6.85
C LEU WC 41 -26.61 108.88 7.76
N ALA WC 42 -27.70 109.60 7.53
CA ALA WC 42 -28.02 110.75 8.37
C ALA WC 42 -28.30 110.31 9.81
N GLU WC 43 -28.98 109.18 9.98
CA GLU WC 43 -29.23 108.66 11.31
C GLU WC 43 -27.93 108.46 12.07
N ALA WC 44 -26.95 107.82 11.43
CA ALA WC 44 -25.65 107.65 12.06
C ALA WC 44 -24.98 109.01 12.31
N ALA WC 45 -25.10 109.91 11.33
CA ALA WC 45 -24.37 111.17 11.39
C ALA WC 45 -24.83 112.01 12.56
N VAL WC 46 -26.13 112.04 12.82
CA VAL WC 46 -26.64 112.86 13.93
C VAL WC 46 -26.03 112.40 15.25
N SER WC 47 -26.04 111.09 15.49
CA SER WC 47 -25.52 110.56 16.73
C SER WC 47 -24.02 110.81 16.87
N VAL WC 48 -23.27 110.56 15.80
CA VAL WC 48 -21.83 110.74 15.90
C VAL WC 48 -21.49 112.22 16.07
N SER WC 49 -22.24 113.10 15.43
CA SER WC 49 -22.02 114.53 15.60
C SER WC 49 -22.30 114.97 17.03
N ASP WC 50 -23.39 114.47 17.62
CA ASP WC 50 -23.68 114.81 19.01
C ASP WC 50 -22.58 114.32 19.93
N SER WC 51 -22.09 113.09 19.70
CA SER WC 51 -21.04 112.56 20.53
C SER WC 51 -19.77 113.39 20.43
N MET WC 52 -19.39 113.77 19.20
CA MET WC 52 -18.22 114.61 19.01
C MET WC 52 -18.40 115.96 19.70
N LEU WC 53 -19.60 116.53 19.60
CA LEU WC 53 -19.85 117.83 20.20
C LEU WC 53 -19.67 117.77 21.72
N GLU WC 54 -20.32 116.79 22.36
CA GLU WC 54 -20.21 116.70 23.81
C GLU WC 54 -18.78 116.39 24.23
N MET WC 55 -18.08 115.55 23.47
CA MET WC 55 -16.71 115.21 23.81
C MET WC 55 -15.81 116.45 23.74
N ALA WC 56 -15.94 117.22 22.67
CA ALA WC 56 -15.14 118.44 22.57
C ALA WC 56 -15.48 119.41 23.68
N LYS WC 57 -16.77 119.53 24.01
CA LYS WC 57 -17.18 120.45 25.06
C LYS WC 57 -16.56 120.07 26.40
N VAL WC 58 -16.65 118.79 26.75
CA VAL WC 58 -16.10 118.37 28.04
C VAL WC 58 -14.59 118.49 28.05
N GLU WC 59 -13.94 118.22 26.91
CA GLU WC 59 -12.49 118.38 26.86
C GLU WC 59 -12.09 119.84 27.07
N LYS WC 60 -12.81 120.76 26.44
CA LYS WC 60 -12.53 122.17 26.64
C LYS WC 60 -12.74 122.57 28.10
N VAL WC 61 -13.81 122.07 28.72
CA VAL WC 61 -14.04 122.37 30.13
C VAL WC 61 -12.88 121.86 30.96
N ILE WC 62 -12.38 120.66 30.65
CA ILE WC 62 -11.30 120.07 31.42
C ILE WC 62 -10.03 120.91 31.29
N THR WC 63 -9.69 121.29 30.06
CA THR WC 63 -8.39 121.88 29.81
C THR WC 63 -8.52 123.38 29.60
N PRO WC 64 -7.84 124.20 30.41
CA PRO WC 64 -7.89 125.65 30.22
C PRO WC 64 -7.07 126.07 29.03
N PRO WC 65 -7.56 127.03 28.25
CA PRO WC 65 -6.78 127.52 27.11
C PRO WC 65 -5.57 128.30 27.56
N SER WC 66 -4.56 128.35 26.69
CA SER WC 66 -3.31 129.02 26.99
C SER WC 66 -3.07 130.24 26.11
N LYS WC 67 -3.02 130.06 24.79
CA LYS WC 67 -2.67 131.14 23.88
C LYS WC 67 -2.95 130.70 22.45
N ASP WC 68 -3.51 131.60 21.66
CA ASP WC 68 -3.87 131.30 20.28
C ASP WC 68 -2.71 131.60 19.34
N ASN WC 69 -2.74 130.94 18.17
CA ASN WC 69 -1.64 131.02 17.22
C ASN WC 69 -1.47 132.42 16.63
N THR WC 70 -2.47 133.29 16.79
CA THR WC 70 -2.45 134.59 16.13
C THR WC 70 -1.15 135.35 16.41
N LEU WC 71 -0.58 135.18 17.59
CA LEU WC 71 0.68 135.82 17.90
C LEU WC 71 1.79 135.31 16.98
N THR WC 72 2.08 134.01 17.05
CA THR WC 72 3.21 133.46 16.30
C THR WC 72 2.99 133.55 14.79
N ILE WC 73 1.76 133.69 14.34
CA ILE WC 73 1.53 133.96 12.92
C ILE WC 73 0.76 135.26 12.81
N PRO WC 74 1.45 136.40 12.70
CA PRO WC 74 0.76 137.67 12.50
C PRO WC 74 0.30 137.84 11.06
N ASN WC 75 -0.22 139.01 10.72
CA ASN WC 75 -0.71 139.28 9.38
C ASN WC 75 -0.17 140.62 8.91
N ALA WC 76 0.04 140.73 7.60
CA ALA WC 76 0.52 141.95 6.97
C ALA WC 76 -0.30 142.19 5.72
N TYR WC 77 0.17 143.12 4.89
CA TYR WC 77 -0.53 143.43 3.65
C TYR WC 77 -0.35 142.28 2.66
N ASN WC 78 -0.91 142.47 1.46
CA ASN WC 78 -0.93 141.48 0.37
C ASN WC 78 -1.23 140.09 0.90
N LEU WC 79 -2.10 140.01 1.90
CA LEU WC 79 -2.50 138.73 2.49
C LEU WC 79 -4.01 138.59 2.56
N GLN WC 80 -4.75 139.57 2.06
CA GLN WC 80 -6.21 139.57 2.16
C GLN WC 80 -6.87 138.99 0.91
N ALA WC 81 -6.09 138.53 -0.06
CA ALA WC 81 -6.66 137.99 -1.28
C ALA WC 81 -7.54 136.80 -0.96
N ARG WC 82 -8.63 136.65 -1.69
CA ARG WC 82 -9.60 135.62 -1.39
C ARG WC 82 -9.19 134.31 -2.06
N ALA WC 83 -9.69 133.21 -1.52
CA ALA WC 83 -9.34 131.90 -2.05
C ALA WC 83 -10.40 130.90 -1.65
N SER WC 84 -10.71 130.00 -2.57
CA SER WC 84 -11.59 128.87 -2.29
C SER WC 84 -10.90 127.60 -2.77
N VAL WC 85 -10.81 126.61 -1.88
CA VAL WC 85 -9.97 125.46 -2.12
C VAL WC 85 -10.73 124.18 -1.76
N ASP WC 86 -10.22 123.07 -2.31
CA ASP WC 86 -10.64 121.74 -1.87
C ASP WC 86 -9.41 120.84 -2.06
N TRP WC 87 -8.65 120.67 -0.98
CA TRP WC 87 -7.40 119.93 -1.01
C TRP WC 87 -7.41 118.85 0.05
N SER WC 88 -7.05 117.63 -0.33
CA SER WC 88 -7.00 116.50 0.59
C SER WC 88 -5.75 115.68 0.33
N GLY WC 89 -4.63 116.36 0.10
CA GLY WC 89 -3.37 115.69 -0.15
C GLY WC 89 -2.33 116.04 0.88
N PRO WC 90 -1.06 115.84 0.54
CA PRO WC 90 0.03 116.26 1.43
C PRO WC 90 0.11 117.77 1.57
N ILE WC 91 1.06 118.24 2.37
CA ILE WC 91 1.11 119.64 2.76
C ILE WC 91 2.03 120.48 1.87
N GLU WC 92 3.10 119.88 1.36
CA GLU WC 92 4.16 120.66 0.73
C GLU WC 92 3.67 121.38 -0.52
N GLU WC 93 2.96 120.67 -1.40
CA GLU WC 93 2.51 121.28 -2.64
C GLU WC 93 1.55 122.43 -2.35
N LEU WC 94 0.63 122.23 -1.42
CA LEU WC 94 -0.33 123.28 -1.08
C LEU WC 94 0.37 124.50 -0.50
N THR WC 95 1.35 124.27 0.38
CA THR WC 95 2.06 125.40 0.97
C THR WC 95 2.87 126.14 -0.08
N ALA WC 96 3.50 125.42 -1.00
CA ALA WC 96 4.24 126.08 -2.07
C ALA WC 96 3.30 126.91 -2.94
N ARG WC 97 2.13 126.36 -3.28
CA ARG WC 97 1.17 127.10 -4.08
C ARG WC 97 0.75 128.38 -3.40
N ILE WC 98 0.38 128.30 -2.12
CA ILE WC 98 -0.12 129.48 -1.44
C ILE WC 98 0.98 130.52 -1.27
N ALA WC 99 2.21 130.09 -0.96
CA ALA WC 99 3.30 131.04 -0.83
C ALA WC 99 3.60 131.73 -2.15
N LYS WC 100 3.62 130.96 -3.25
CA LYS WC 100 3.89 131.55 -4.55
C LYS WC 100 2.79 132.53 -4.94
N ALA WC 101 1.54 132.24 -4.56
CA ALA WC 101 0.48 133.22 -4.77
C ALA WC 101 0.72 134.46 -3.93
N ALA WC 102 1.20 134.28 -2.71
CA ALA WC 102 1.37 135.38 -1.78
C ALA WC 102 2.66 136.17 -2.00
N HIS WC 103 3.47 135.78 -2.99
CA HIS WC 103 4.69 136.50 -3.34
C HIS WC 103 5.70 136.50 -2.21
N PHE WC 104 5.69 135.48 -1.37
CA PHE WC 104 6.62 135.35 -0.27
C PHE WC 104 7.58 134.20 -0.53
N ARG WC 105 8.72 134.25 0.15
CA ARG WC 105 9.68 133.16 -0.01
C ARG WC 105 9.32 132.00 0.91
N PHE WC 106 9.87 130.83 0.59
CA PHE WC 106 9.48 129.58 1.22
C PHE WC 106 10.68 128.93 1.89
N ARG WC 107 10.48 128.39 3.09
CA ARG WC 107 11.55 127.71 3.80
C ARG WC 107 11.00 126.51 4.58
N VAL WC 108 11.82 125.47 4.65
CA VAL WC 108 11.48 124.26 5.39
C VAL WC 108 12.60 123.97 6.39
N LEU WC 109 12.22 123.32 7.49
CA LEU WC 109 13.18 122.94 8.52
C LEU WC 109 12.78 121.58 9.08
N GLY WC 110 13.78 120.74 9.31
CA GLY WC 110 13.53 119.41 9.85
C GLY WC 110 13.44 118.37 8.76
N LYS WC 111 13.77 117.14 9.14
CA LYS WC 111 13.67 116.02 8.21
C LYS WC 111 12.19 115.71 7.95
N SER WC 112 11.85 115.56 6.69
CA SER WC 112 10.48 115.16 6.36
C SER WC 112 10.28 113.72 6.80
N PRO WC 113 9.28 113.43 7.62
CA PRO WC 113 9.10 112.06 8.10
C PRO WC 113 8.71 111.14 6.97
N SER WC 114 9.09 109.86 7.12
CA SER WC 114 8.73 108.86 6.13
C SER WC 114 7.22 108.75 5.99
N VAL WC 115 6.51 108.70 7.12
CA VAL WC 115 5.05 108.75 7.08
C VAL WC 115 4.66 110.18 6.70
N PRO WC 116 3.95 110.37 5.60
CA PRO WC 116 3.59 111.72 5.18
C PRO WC 116 2.56 112.33 6.10
N VAL WC 117 2.56 113.66 6.14
CA VAL WC 117 1.54 114.43 6.83
C VAL WC 117 0.48 114.81 5.81
N LEU WC 118 -0.75 114.36 6.04
CA LEU WC 118 -1.85 114.56 5.11
C LEU WC 118 -2.80 115.60 5.66
N ILE WC 119 -3.19 116.56 4.83
CA ILE WC 119 -4.02 117.68 5.24
C ILE WC 119 -5.26 117.71 4.36
N SER WC 120 -6.43 117.88 4.99
CA SER WC 120 -7.70 118.00 4.28
C SER WC 120 -8.40 119.26 4.73
N ILE WC 121 -8.81 120.08 3.78
CA ILE WC 121 -9.44 121.37 4.07
C ILE WC 121 -10.44 121.68 2.97
N SER WC 122 -11.61 122.20 3.36
CA SER WC 122 -12.64 122.58 2.40
C SER WC 122 -13.34 123.82 2.95
N THR WC 123 -12.91 124.99 2.49
CA THR WC 123 -13.51 126.25 2.94
C THR WC 123 -13.99 127.07 1.75
N LYS WC 124 -14.38 128.32 2.00
CA LYS WC 124 -14.95 129.16 0.95
C LYS WC 124 -14.84 130.61 1.39
N ASP WC 125 -14.09 131.42 0.63
CA ASP WC 125 -13.91 132.85 0.91
C ASP WC 125 -13.33 133.07 2.30
N GLU WC 126 -12.08 132.62 2.44
CA GLU WC 126 -11.36 132.68 3.70
C GLU WC 126 -10.05 133.45 3.52
N SER WC 127 -9.67 134.17 4.56
CA SER WC 127 -8.42 134.93 4.53
C SER WC 127 -7.23 133.99 4.52
N LEU WC 128 -6.16 134.40 3.83
CA LEU WC 128 -4.98 133.55 3.71
C LEU WC 128 -4.34 133.28 5.06
N ALA WC 129 -4.22 134.30 5.91
CA ALA WC 129 -3.58 134.11 7.20
C ALA WC 129 -4.34 133.12 8.06
N GLU WC 130 -5.67 133.25 8.12
CA GLU WC 130 -6.45 132.31 8.92
C GLU WC 130 -6.48 130.93 8.27
N ILE WC 131 -6.36 130.87 6.94
CA ILE WC 131 -6.21 129.59 6.28
C ILE WC 131 -4.94 128.90 6.77
N LEU WC 132 -3.85 129.66 6.85
CA LEU WC 132 -2.60 129.10 7.35
C LEU WC 132 -2.74 128.68 8.81
N ARG WC 133 -3.45 129.47 9.61
CA ARG WC 133 -3.66 129.10 11.00
C ARG WC 133 -4.47 127.82 11.12
N ASP WC 134 -5.48 127.66 10.27
CA ASP WC 134 -6.24 126.41 10.24
C ASP WC 134 -5.35 125.25 9.82
N ILE WC 135 -4.45 125.49 8.88
CA ILE WC 135 -3.51 124.45 8.47
C ILE WC 135 -2.64 124.04 9.64
N ASP WC 136 -2.15 125.03 10.40
CA ASP WC 136 -1.35 124.74 11.58
C ASP WC 136 -2.15 123.92 12.59
N TYR WC 137 -3.40 124.30 12.80
CA TYR WC 137 -4.25 123.57 13.75
C TYR WC 137 -4.43 122.13 13.30
N GLN WC 138 -4.72 121.91 12.01
CA GLN WC 138 -4.89 120.56 11.52
C GLN WC 138 -3.61 119.75 11.63
N ALA WC 139 -2.46 120.39 11.37
CA ALA WC 139 -1.19 119.70 11.53
C ALA WC 139 -0.98 119.30 12.98
N GLY WC 140 -1.33 120.17 13.91
CA GLY WC 140 -1.23 119.83 15.32
C GLY WC 140 0.23 119.64 15.74
N LYS WC 141 0.48 118.53 16.42
CA LYS WC 141 1.76 118.34 17.09
C LYS WC 141 2.90 118.15 16.10
N LYS WC 142 2.69 117.35 15.06
CA LYS WC 142 3.81 116.89 14.24
C LYS WC 142 4.46 118.01 13.42
N ALA WC 143 3.78 119.12 13.20
CA ALA WC 143 4.33 120.18 12.37
C ALA WC 143 3.97 121.53 12.96
N SER WC 144 4.75 122.55 12.56
CA SER WC 144 4.47 123.92 12.95
C SER WC 144 4.81 124.84 11.78
N ILE WC 145 4.23 126.02 11.78
CA ILE WC 145 4.40 126.98 10.69
C ILE WC 145 4.56 128.37 11.28
N HIS WC 146 5.49 129.15 10.71
CA HIS WC 146 5.70 130.53 11.12
C HIS WC 146 5.80 131.41 9.88
N VAL WC 147 5.50 132.68 10.06
CA VAL WC 147 5.55 133.68 8.99
C VAL WC 147 6.33 134.89 9.49
N TYR WC 148 7.27 135.36 8.70
CA TYR WC 148 7.99 136.57 9.03
C TYR WC 148 7.64 137.64 8.02
N PRO WC 149 6.92 138.69 8.42
CA PRO WC 149 6.46 139.70 7.46
C PRO WC 149 7.57 140.60 6.98
N ASN WC 150 8.41 141.05 7.93
CA ASN WC 150 9.54 141.89 7.57
C ASN WC 150 10.48 141.16 6.62
N SER WC 151 10.57 139.85 6.75
CA SER WC 151 11.34 139.04 5.81
C SER WC 151 10.51 138.56 4.64
N GLN WC 152 9.19 138.72 4.69
CA GLN WC 152 8.29 138.28 3.62
C GLN WC 152 8.49 136.79 3.32
N VAL WC 153 8.60 136.00 4.37
CA VAL WC 153 8.86 134.57 4.21
C VAL WC 153 7.86 133.77 5.03
N VAL WC 154 7.65 132.53 4.60
CA VAL WC 154 6.89 131.54 5.34
C VAL WC 154 7.77 130.32 5.51
N GLU WC 155 7.90 129.86 6.75
CA GLU WC 155 8.68 128.67 7.05
C GLU WC 155 7.80 127.63 7.72
N LEU WC 156 8.11 126.37 7.46
CA LEU WC 156 7.50 125.27 8.18
C LEU WC 156 8.61 124.50 8.87
N ARG WC 157 8.27 123.90 10.01
CA ARG WC 157 9.23 123.16 10.81
C ARG WC 157 8.59 121.85 11.26
N TYR WC 158 9.25 120.74 10.95
CA TYR WC 158 8.75 119.45 11.41
C TYR WC 158 8.96 119.31 12.92
N ALA WC 159 8.45 118.21 13.48
CA ALA WC 159 8.61 117.94 14.89
C ALA WC 159 9.85 117.09 15.12
N LYS WC 160 10.73 117.56 16.00
CA LYS WC 160 11.94 116.82 16.35
C LYS WC 160 11.59 115.86 17.49
N ILE WC 161 11.29 114.62 17.13
CA ILE WC 161 10.95 113.58 18.09
C ILE WC 161 11.62 112.30 17.62
N TYR WC 162 11.40 111.21 18.34
CA TYR WC 162 12.03 109.91 18.06
C TYR WC 162 13.54 110.00 18.31
N ARG XC 207 -8.46 80.64 78.27
CA ARG XC 207 -7.25 80.39 77.48
C ARG XC 207 -7.06 78.89 77.28
N ILE XC 208 -6.19 78.53 76.33
CA ILE XC 208 -5.95 77.13 76.03
C ILE XC 208 -5.38 76.42 77.25
N ILE XC 209 -5.92 75.24 77.53
CA ILE XC 209 -5.54 74.44 78.68
C ILE XC 209 -4.70 73.26 78.20
N TYR XC 210 -3.55 73.06 78.84
CA TYR XC 210 -2.57 72.08 78.42
C TYR XC 210 -2.58 70.88 79.35
N TYR XC 211 -2.52 69.69 78.76
CA TYR XC 211 -2.29 68.45 79.48
C TYR XC 211 -1.15 67.71 78.82
N ILE XC 212 -0.44 66.90 79.60
CA ILE XC 212 0.68 66.15 79.05
C ILE XC 212 0.13 65.02 78.17
N GLN XC 213 0.64 64.94 76.95
CA GLN XC 213 0.30 63.85 76.04
C GLN XC 213 1.41 62.82 75.93
N ALA XC 214 2.67 63.26 76.03
CA ALA XC 214 3.81 62.36 76.08
C ALA XC 214 4.90 63.05 76.88
N VAL XC 215 5.53 62.30 77.80
CA VAL XC 215 6.56 62.86 78.66
C VAL XC 215 7.71 61.87 78.75
N ILE XC 216 8.93 62.35 78.49
CA ILE XC 216 10.14 61.56 78.65
C ILE XC 216 11.14 62.42 79.41
N PRO XC 217 12.18 61.80 79.97
CA PRO XC 217 13.27 62.60 80.54
C PRO XC 217 13.84 63.55 79.49
N GLY XC 218 13.79 64.84 79.80
CA GLY XC 218 14.19 65.87 78.85
C GLY XC 218 13.06 66.47 78.03
N ARG XC 219 12.38 65.67 77.22
CA ARG XC 219 11.36 66.15 76.30
C ARG XC 219 9.97 65.88 76.84
N ALA XC 220 9.07 66.85 76.66
CA ALA XC 220 7.69 66.70 77.12
C ALA XC 220 6.73 67.19 76.04
N TRP XC 221 5.72 66.39 75.77
CA TRP XC 221 4.67 66.73 74.79
C TRP XC 221 3.39 67.05 75.53
N LEU XC 222 2.84 68.23 75.28
CA LEU XC 222 1.65 68.70 75.96
C LEU XC 222 0.57 69.01 74.92
N ILE XC 223 -0.61 68.45 75.13
CA ILE XC 223 -1.75 68.67 74.24
C ILE XC 223 -2.59 69.80 74.80
N GLY XC 224 -2.86 70.80 73.97
CA GLY XC 224 -3.71 71.90 74.38
C GLY XC 224 -5.18 71.58 74.26
N SER XC 225 -6.01 72.47 74.82
CA SER XC 225 -7.45 72.30 74.74
C SER XC 225 -7.93 72.41 73.30
N ASN XC 226 -7.37 73.33 72.53
CA ASN XC 226 -7.78 73.54 71.14
C ASN XC 226 -7.40 72.37 70.24
N GLY XC 227 -6.53 71.48 70.69
CA GLY XC 227 -6.04 70.39 69.86
C GLY XC 227 -4.60 70.52 69.41
N SER XC 228 -3.87 71.50 69.92
CA SER XC 228 -2.46 71.68 69.56
C SER XC 228 -1.57 71.02 70.61
N THR XC 229 -0.60 70.23 70.14
CA THR XC 229 0.38 69.59 71.00
C THR XC 229 1.75 70.17 70.69
N LEU XC 230 2.48 70.54 71.74
CA LEU XC 230 3.80 71.11 71.62
C LEU XC 230 4.81 70.28 72.40
N THR XC 231 5.98 70.09 71.81
CA THR XC 231 7.09 69.40 72.46
C THR XC 231 8.11 70.41 72.93
N VAL XC 232 8.45 70.35 74.22
CA VAL XC 232 9.33 71.33 74.84
C VAL XC 232 10.39 70.61 75.66
N ARG XC 233 11.45 71.34 75.97
CA ARG XC 233 12.56 70.90 76.79
C ARG XC 233 12.65 71.81 78.01
N GLU XC 234 13.74 71.65 78.77
CA GLU XC 234 13.97 72.54 79.91
C GLU XC 234 14.03 73.99 79.47
N GLY XC 235 14.78 74.28 78.41
CA GLY XC 235 14.84 75.62 77.88
C GLY XC 235 13.85 75.86 76.77
N SER XC 236 12.70 76.45 77.10
CA SER XC 236 11.66 76.71 76.12
C SER XC 236 10.68 77.72 76.67
N LYS XC 237 10.49 78.82 75.96
CA LYS XC 237 9.46 79.79 76.30
C LYS XC 237 8.10 79.23 75.90
N ILE XC 238 7.11 79.42 76.78
CA ILE XC 238 5.79 78.85 76.55
C ILE XC 238 4.72 79.94 76.66
N PRO XC 239 3.72 79.94 75.79
CA PRO XC 239 2.66 80.95 75.88
C PRO XC 239 1.81 80.75 77.12
N GLY XC 240 1.29 81.85 77.65
CA GLY XC 240 0.41 81.83 78.80
C GLY XC 240 1.03 81.33 80.09
N TYR XC 241 2.28 80.83 80.05
CA TYR XC 241 2.93 80.36 81.26
C TYR XC 241 4.35 80.91 81.35
N GLY XC 242 4.90 81.34 80.22
CA GLY XC 242 6.20 81.99 80.23
C GLY XC 242 7.34 81.08 79.84
N MET XC 243 8.09 80.61 80.83
CA MET XC 243 9.31 79.82 80.60
C MET XC 243 9.22 78.51 81.36
N VAL XC 244 9.69 77.43 80.73
CA VAL XC 244 9.71 76.12 81.37
C VAL XC 244 10.78 76.12 82.45
N LYS XC 245 10.35 76.12 83.72
CA LYS XC 245 11.31 76.10 84.82
C LYS XC 245 11.91 74.72 85.02
N LEU XC 246 11.13 73.66 84.85
CA LEU XC 246 11.61 72.30 85.09
C LEU XC 246 10.62 71.31 84.49
N ILE XC 247 11.16 70.30 83.81
CA ILE XC 247 10.38 69.21 83.25
C ILE XC 247 10.75 67.94 84.00
N ASP XC 248 9.75 67.26 84.55
CA ASP XC 248 9.94 66.02 85.28
C ASP XC 248 9.27 64.89 84.53
N SER XC 249 10.03 63.83 84.22
CA SER XC 249 9.45 62.67 83.57
C SER XC 249 8.50 61.94 84.50
N LEU XC 250 8.88 61.76 85.76
CA LEU XC 250 8.04 61.07 86.72
C LEU XC 250 6.98 62.02 87.27
N GLN XC 251 5.76 61.49 87.43
CA GLN XC 251 4.59 62.15 87.99
C GLN XC 251 4.08 63.30 87.14
N GLY XC 252 4.75 63.62 86.03
CA GLY XC 252 4.31 64.71 85.17
C GLY XC 252 4.23 66.06 85.86
N ARG XC 253 5.02 66.26 86.92
CA ARG XC 253 5.01 67.48 87.70
C ARG XC 253 5.93 68.49 87.03
N ILE XC 254 5.34 69.47 86.36
CA ILE XC 254 6.09 70.44 85.56
C ILE XC 254 6.13 71.76 86.33
N LEU XC 255 7.32 72.31 86.48
CA LEU XC 255 7.50 73.60 87.13
C LEU XC 255 7.65 74.68 86.07
N THR XC 256 6.98 75.81 86.27
CA THR XC 256 6.97 76.89 85.31
C THR XC 256 7.62 78.14 85.91
N SER XC 257 8.14 79.01 85.04
CA SER XC 257 8.62 80.30 85.50
C SER XC 257 7.53 81.10 86.18
N SER XC 258 6.27 80.88 85.78
CA SER XC 258 5.13 81.51 86.42
C SER XC 258 4.64 80.76 87.66
N GLY XC 259 5.44 79.82 88.17
CA GLY XC 259 5.09 79.10 89.36
C GLY XC 259 3.90 78.18 89.23
N GLN XC 260 3.45 77.91 88.01
CA GLN XC 260 2.27 77.08 87.80
C GLN XC 260 2.68 75.65 87.49
N VAL XC 261 1.85 74.71 87.94
CA VAL XC 261 2.10 73.28 87.76
C VAL XC 261 1.12 72.73 86.75
N ILE XC 262 1.63 72.03 85.74
CA ILE XC 262 0.82 71.39 84.72
C ILE XC 262 1.20 69.92 84.65
N LYS XC 263 0.20 69.06 84.49
CA LYS XC 263 0.43 67.62 84.46
C LYS XC 263 -0.57 66.99 83.51
N PHE XC 264 -0.70 65.66 83.60
CA PHE XC 264 -1.64 64.93 82.79
C PHE XC 264 -3.08 65.29 83.16
N SER XC 265 -3.97 65.17 82.19
CA SER XC 265 -5.38 65.43 82.42
C SER XC 265 -5.98 64.37 83.33
N GLN XC 266 -7.16 64.67 83.87
CA GLN XC 266 -7.87 63.67 84.66
C GLN XC 266 -8.31 62.50 83.78
N GLU XC 267 -8.80 62.79 82.58
CA GLU XC 267 -9.21 61.72 81.67
C GLU XC 267 -8.00 60.97 81.13
N ASP XC 268 -6.90 61.66 80.87
CA ASP XC 268 -5.66 61.06 80.39
C ASP XC 268 -4.61 61.33 81.46
N SER XC 269 -4.54 60.45 82.46
CA SER XC 269 -3.63 60.64 83.57
C SER XC 269 -2.44 59.70 83.47
N GLN YC 791 24.16 34.39 111.93
CA GLN YC 791 25.30 35.27 111.80
C GLN YC 791 26.15 34.89 110.59
N GLN YC 792 26.72 33.69 110.63
CA GLN YC 792 27.50 33.15 109.52
C GLN YC 792 26.65 32.37 108.53
N GLU YC 793 25.34 32.35 108.72
CA GLU YC 793 24.44 31.61 107.84
C GLU YC 793 23.85 32.48 106.74
N ILE YC 794 24.35 33.71 106.58
CA ILE YC 794 23.76 34.64 105.61
C ILE YC 794 23.94 34.12 104.19
N GLN YC 795 25.15 33.66 103.86
CA GLN YC 795 25.48 33.38 102.46
C GLN YC 795 24.61 32.27 101.89
N GLN YC 796 24.40 31.19 102.64
CA GLN YC 796 23.44 30.20 102.18
C GLN YC 796 22.03 30.75 102.14
N ARG YC 797 21.66 31.54 103.15
CA ARG YC 797 20.41 32.29 103.09
C ARG YC 797 20.44 33.31 101.95
N THR YC 798 21.63 33.72 101.51
CA THR YC 798 21.76 34.56 100.33
C THR YC 798 21.82 33.74 99.05
N SER YC 799 22.40 32.54 99.11
CA SER YC 799 22.59 31.74 97.91
C SER YC 799 21.26 31.37 97.25
N ASP YC 800 20.34 30.81 98.03
CA ASP YC 800 19.05 30.41 97.49
C ASP YC 800 18.31 31.60 96.90
N MET YC 801 18.49 32.78 97.49
CA MET YC 801 17.89 33.99 96.94
C MET YC 801 18.41 34.26 95.54
N LEU YC 802 19.71 34.05 95.33
CA LEU YC 802 20.29 34.27 94.01
C LEU YC 802 19.61 33.39 92.96
N THR YC 803 19.50 32.09 93.24
CA THR YC 803 18.88 31.18 92.28
C THR YC 803 17.43 31.54 92.03
N ALA YC 804 16.69 31.83 93.11
CA ALA YC 804 15.29 32.21 92.95
C ALA YC 804 15.16 33.49 92.15
N ALA YC 805 16.00 34.48 92.43
CA ALA YC 805 15.92 35.75 91.71
C ALA YC 805 16.21 35.57 90.23
N THR YC 806 17.22 34.75 89.90
CA THR YC 806 17.60 34.58 88.50
C THR YC 806 16.44 34.06 87.67
N GLN YC 807 15.72 33.07 88.19
CA GLN YC 807 14.57 32.53 87.47
C GLN YC 807 13.52 33.61 87.24
N LEU YC 808 13.21 34.38 88.28
CA LEU YC 808 12.14 35.37 88.19
C LEU YC 808 12.47 36.43 87.15
N VAL YC 809 13.66 37.02 87.23
CA VAL YC 809 14.03 38.06 86.27
C VAL YC 809 14.12 37.48 84.86
N GLN YC 810 14.61 36.24 84.74
CA GLN YC 810 14.64 35.59 83.44
C GLN YC 810 13.24 35.43 82.87
N ASP YC 811 12.30 35.00 83.70
CA ASP YC 811 10.90 34.93 83.26
C ASP YC 811 10.37 36.31 82.95
N TRP YC 812 10.67 37.29 83.80
CA TRP YC 812 10.25 38.65 83.52
C TRP YC 812 10.96 39.23 82.30
N LYS YC 813 12.11 38.66 81.92
CA LYS YC 813 12.91 39.24 80.85
C LYS YC 813 12.19 39.16 79.51
N GLN YC 814 11.61 38.01 79.19
CA GLN YC 814 11.09 37.78 77.85
C GLN YC 814 9.58 38.00 77.80
N VAL YC 815 9.07 38.14 76.59
CA VAL YC 815 7.66 38.29 76.31
C VAL YC 815 7.38 37.68 74.94
N GLU YC 816 6.40 36.79 74.87
CA GLU YC 816 6.16 36.05 73.63
C GLU YC 816 5.51 36.96 72.59
N THR YC 817 5.44 36.46 71.36
CA THR YC 817 4.98 37.22 70.22
C THR YC 817 3.45 37.20 70.14
N GLN YC 818 2.91 37.58 68.99
CA GLN YC 818 1.49 37.59 68.70
C GLN YC 818 1.19 36.63 67.56
N VAL YC 819 -0.05 36.66 67.08
CA VAL YC 819 -0.47 35.80 65.99
C VAL YC 819 -1.63 36.47 65.27
N TYR YC 820 -1.77 36.19 63.98
CA TYR YC 820 -2.89 36.68 63.19
C TYR YC 820 -3.38 35.55 62.30
N THR YC 821 -4.69 35.34 62.27
CA THR YC 821 -5.28 34.25 61.52
C THR YC 821 -6.39 34.78 60.62
N GLU YC 822 -6.36 34.39 59.35
CA GLU YC 822 -7.36 34.81 58.39
C GLU YC 822 -8.49 33.78 58.33
N GLY YC 823 -9.70 34.27 58.04
CA GLY YC 823 -10.87 33.42 57.97
C GLY YC 823 -11.47 33.42 56.59
N THR YC 824 -12.17 32.33 56.27
CA THR YC 824 -12.84 32.20 54.98
C THR YC 824 -14.01 31.23 55.07
N ALA ZC 104 2.25 -7.35 120.65
CA ALA ZC 104 1.98 -8.10 119.44
C ALA ZC 104 1.35 -7.21 118.36
N GLU ZC 105 0.04 -7.00 118.47
CA GLU ZC 105 -0.67 -6.17 117.51
C GLU ZC 105 -0.23 -4.71 117.57
N VAL ZC 106 0.38 -4.28 118.67
CA VAL ZC 106 0.93 -2.93 118.74
C VAL ZC 106 2.01 -2.75 117.69
N ILE ZC 107 2.76 -3.82 117.40
CA ILE ZC 107 3.76 -3.76 116.34
C ILE ZC 107 3.08 -3.43 115.01
N ASP ZC 108 1.98 -4.12 114.71
CA ASP ZC 108 1.27 -3.87 113.47
C ASP ZC 108 0.73 -2.45 113.42
N LYS ZC 109 0.16 -1.98 114.54
CA LYS ZC 109 -0.41 -0.64 114.57
C LYS ZC 109 0.66 0.42 114.33
N LYS ZC 110 1.79 0.31 115.05
CA LYS ZC 110 2.87 1.27 114.87
C LYS ZC 110 3.43 1.21 113.46
N ALA ZC 111 3.58 0.00 112.90
CA ALA ZC 111 4.08 -0.14 111.55
C ALA ZC 111 3.17 0.55 110.56
N PHE ZC 112 1.86 0.32 110.68
CA PHE ZC 112 0.92 0.98 109.77
C PHE ZC 112 0.98 2.49 109.93
N LYS ZC 113 1.07 2.98 111.17
CA LYS ZC 113 1.09 4.41 111.41
C LYS ZC 113 2.32 5.06 110.77
N ASP ZC 114 3.52 4.52 111.05
CA ASP ZC 114 4.72 5.14 110.51
C ASP ZC 114 4.80 4.96 109.00
N MET ZC 115 4.27 3.85 108.47
CA MET ZC 115 4.21 3.71 107.02
C MET ZC 115 3.32 4.77 106.40
N THR ZC 116 2.18 5.06 107.02
CA THR ZC 116 1.33 6.13 106.53
C THR ZC 116 2.04 7.47 106.59
N ARG ZC 117 2.80 7.70 107.67
CA ARG ZC 117 3.58 8.93 107.79
C ARG ZC 117 4.58 9.05 106.65
N ASN ZC 118 5.32 7.97 106.37
CA ASN ZC 118 6.27 7.99 105.27
C ASN ZC 118 5.59 8.19 103.93
N LEU ZC 119 4.44 7.54 103.74
CA LEU ZC 119 3.70 7.69 102.50
C LEU ZC 119 3.29 9.14 102.27
N TYR ZC 120 2.67 9.76 103.26
CA TYR ZC 120 2.19 11.13 103.17
C TYR ZC 120 2.74 11.92 104.34
N PRO ZC 121 3.98 12.40 104.24
CA PRO ZC 121 4.53 13.24 105.31
C PRO ZC 121 3.74 14.52 105.54
N LEU ZC 122 2.95 14.96 104.57
CA LEU ZC 122 2.14 16.16 104.69
C LEU ZC 122 0.69 15.78 104.88
N ASN ZC 123 0.08 16.34 105.92
CA ASN ZC 123 -1.34 16.12 106.18
C ASN ZC 123 -2.18 16.88 105.15
N PRO ZC 124 -3.46 16.52 105.02
CA PRO ZC 124 -4.32 17.29 104.11
C PRO ZC 124 -4.34 18.78 104.43
N GLU ZC 125 -4.28 19.15 105.71
CA GLU ZC 125 -4.18 20.55 106.08
C GLU ZC 125 -2.90 21.17 105.53
N GLN ZC 126 -1.79 20.43 105.58
CA GLN ZC 126 -0.55 20.93 105.02
C GLN ZC 126 -0.63 21.04 103.50
N VAL ZC 127 -1.37 20.13 102.86
CA VAL ZC 127 -1.59 20.25 101.41
C VAL ZC 127 -2.36 21.52 101.10
N VAL ZC 128 -3.39 21.81 101.89
CA VAL ZC 128 -4.17 23.03 101.69
C VAL ZC 128 -3.29 24.26 101.89
N LYS ZC 129 -2.47 24.25 102.92
CA LYS ZC 129 -1.58 25.38 103.17
C LYS ZC 129 -0.58 25.55 102.03
N LEU ZC 130 -0.06 24.44 101.51
CA LEU ZC 130 0.86 24.51 100.38
C LEU ZC 130 0.19 25.10 99.16
N LYS ZC 131 -1.04 24.69 98.86
CA LYS ZC 131 -1.77 25.25 97.74
C LYS ZC 131 -1.99 26.74 97.93
N GLN ZC 132 -2.35 27.15 99.16
CA GLN ZC 132 -2.58 28.55 99.45
C GLN ZC 132 -1.30 29.37 99.25
N ILE ZC 133 -0.19 28.90 99.81
CA ILE ZC 133 1.04 29.67 99.69
C ILE ZC 133 1.50 29.71 98.24
N TYR ZC 134 1.28 28.63 97.49
CA TYR ZC 134 1.66 28.62 96.08
C TYR ZC 134 0.84 29.62 95.29
N GLU ZC 135 -0.48 29.65 95.50
CA GLU ZC 135 -1.31 30.58 94.73
C GLU ZC 135 -1.00 32.02 95.11
N THR ZC 136 -0.74 32.27 96.40
CA THR ZC 136 -0.34 33.62 96.79
C THR ZC 136 1.00 34.01 96.15
N SER ZC 137 1.95 33.07 96.11
CA SER ZC 137 3.25 33.36 95.53
C SER ZC 137 3.13 33.68 94.05
N GLU ZC 138 2.34 32.89 93.32
CA GLU ZC 138 2.20 33.15 91.89
C GLU ZC 138 1.40 34.42 91.64
N TYR ZC 139 0.45 34.75 92.52
CA TYR ZC 139 -0.25 36.02 92.39
C TYR ZC 139 0.71 37.19 92.55
N ALA ZC 140 1.59 37.10 93.55
CA ALA ZC 140 2.60 38.13 93.74
C ALA ZC 140 3.55 38.19 92.55
N LYS ZC 141 3.89 37.02 91.99
CA LYS ZC 141 4.78 36.98 90.83
C LYS ZC 141 4.15 37.68 89.64
N ALA ZC 142 2.86 37.46 89.42
CA ALA ZC 142 2.16 38.10 88.30
C ALA ZC 142 1.72 39.53 88.61
N ALA ZC 143 1.84 39.97 89.86
CA ALA ZC 143 1.45 41.32 90.22
C ALA ZC 143 2.28 42.35 89.46
N THR ZC 144 1.62 43.42 89.02
CA THR ZC 144 2.28 44.46 88.26
C THR ZC 144 2.55 45.66 89.15
N PRO ZC 145 3.81 45.99 89.42
CA PRO ZC 145 4.10 47.18 90.23
C PRO ZC 145 3.72 48.46 89.51
N GLY ZC 146 3.60 49.52 90.29
CA GLY ZC 146 3.24 50.82 89.72
C GLY ZC 146 1.75 50.90 89.49
N THR ZC 147 1.36 51.16 88.24
CA THR ZC 147 -0.05 51.23 87.87
C THR ZC 147 -0.21 50.91 86.40
N PRO ZC 148 -1.24 50.14 86.03
CA PRO ZC 148 -1.48 49.87 84.62
C PRO ZC 148 -1.96 51.13 83.92
N PRO ZC 149 -1.70 51.24 82.61
CA PRO ZC 149 -2.16 52.41 81.88
C PRO ZC 149 -3.67 52.41 81.69
N LYS ZC 150 -4.21 53.59 81.48
CA LYS ZC 150 -5.65 53.74 81.30
C LYS ZC 150 -6.02 53.45 79.85
N PRO ZC 151 -6.91 52.50 79.58
CA PRO ZC 151 -7.32 52.23 78.20
C PRO ZC 151 -8.05 53.41 77.59
N THR ZC 152 -7.87 53.59 76.28
CA THR ZC 152 -8.46 54.73 75.59
C THR ZC 152 -8.54 54.44 74.10
N ALA ZC 153 -9.36 55.22 73.41
CA ALA ZC 153 -9.46 55.21 71.95
C ALA ZC 153 -9.38 56.65 71.47
N THR ZC 154 -8.81 56.83 70.27
CA THR ZC 154 -8.54 58.18 69.78
C THR ZC 154 -8.78 58.24 68.27
N SER ZC 155 -9.34 59.37 67.83
CA SER ZC 155 -9.54 59.65 66.41
C SER ZC 155 -9.16 61.10 66.16
N GLN ZC 156 -8.02 61.33 65.53
CA GLN ZC 156 -7.53 62.68 65.32
C GLN ZC 156 -7.23 62.94 63.85
N PHE ZC 157 -6.61 64.07 63.55
CA PHE ZC 157 -6.35 64.49 62.19
C PHE ZC 157 -4.89 64.87 62.05
N VAL ZC 158 -4.34 64.64 60.86
CA VAL ZC 158 -2.98 65.05 60.52
C VAL ZC 158 -3.04 66.02 59.35
N ASN ZC 159 -2.38 67.16 59.49
CA ASN ZC 159 -2.34 68.17 58.45
C ASN ZC 159 -1.20 67.86 57.48
N LEU ZC 160 -0.91 68.81 56.60
CA LEU ZC 160 0.18 68.68 55.64
C LEU ZC 160 1.20 69.80 55.75
N SER ZC 161 1.17 70.57 56.84
CA SER ZC 161 2.13 71.65 57.01
C SER ZC 161 3.46 71.10 57.49
N PRO ZC 162 4.55 71.33 56.76
CA PRO ZC 162 5.87 70.84 57.22
C PRO ZC 162 6.30 71.41 58.56
N GLY ZC 163 5.91 72.63 58.90
CA GLY ZC 163 6.24 73.24 60.16
C GLY ZC 163 5.37 72.81 61.31
N SER ZC 164 4.40 71.93 61.08
CA SER ZC 164 3.48 71.50 62.12
C SER ZC 164 4.18 70.51 63.04
N THR ZC 165 3.42 69.89 63.94
CA THR ZC 165 3.98 69.00 64.95
C THR ZC 165 3.71 67.56 64.57
N PRO ZC 166 4.76 66.74 64.39
CA PRO ZC 166 4.54 65.34 64.03
C PRO ZC 166 3.88 64.59 65.18
N PRO ZC 167 3.11 63.55 64.88
CA PRO ZC 167 2.38 62.83 65.93
C PRO ZC 167 3.18 61.76 66.65
N VAL ZC 168 2.92 61.66 67.95
CA VAL ZC 168 3.49 60.64 68.82
C VAL ZC 168 2.37 59.69 69.22
N ILE ZC 169 2.75 58.43 69.44
CA ILE ZC 169 1.80 57.38 69.82
C ILE ZC 169 2.37 56.64 71.03
N ARG ZC 170 1.56 56.53 72.08
CA ARG ZC 170 1.97 55.80 73.28
C ARG ZC 170 1.62 54.32 73.16
N LEU ZC 171 2.54 53.47 73.59
CA LEU ZC 171 2.46 52.05 73.36
C LEU ZC 171 2.53 51.29 74.68
N SER ZC 172 2.19 50.01 74.61
CA SER ZC 172 2.30 49.10 75.75
C SER ZC 172 3.07 47.87 75.36
N GLN ZC 173 3.79 47.31 76.32
CA GLN ZC 173 4.64 46.15 76.08
C GLN ZC 173 3.78 44.93 75.82
N GLY ZC 174 3.80 44.43 74.58
CA GLY ZC 174 3.09 43.22 74.24
C GLY ZC 174 1.60 43.37 74.04
N PHE ZC 175 1.07 44.59 74.07
CA PHE ZC 175 -0.35 44.84 73.92
C PHE ZC 175 -0.65 45.36 72.52
N VAL ZC 176 -1.69 44.81 71.91
CA VAL ZC 176 -2.05 45.14 70.53
C VAL ZC 176 -2.61 46.55 70.48
N SER ZC 177 -2.18 47.31 69.47
CA SER ZC 177 -2.77 48.60 69.17
C SER ZC 177 -3.08 48.65 67.67
N SER ZC 178 -4.31 49.04 67.34
CA SER ZC 178 -4.76 49.06 65.95
C SER ZC 178 -4.85 50.50 65.47
N LEU ZC 179 -4.22 50.78 64.33
CA LEU ZC 179 -4.17 52.12 63.75
C LEU ZC 179 -4.74 52.06 62.34
N VAL ZC 180 -5.66 52.97 62.04
CA VAL ZC 180 -6.35 53.01 60.76
C VAL ZC 180 -6.35 54.44 60.22
N PHE ZC 181 -6.57 54.56 58.92
CA PHE ZC 181 -6.45 55.82 58.20
C PHE ZC 181 -7.72 56.09 57.41
N LEU ZC 182 -8.21 57.32 57.50
CA LEU ZC 182 -9.40 57.77 56.78
C LEU ZC 182 -9.08 59.07 56.06
N ASP ZC 183 -9.85 59.34 55.01
CA ASP ZC 183 -9.64 60.53 54.20
C ASP ZC 183 -10.43 61.69 54.78
N SER ZC 184 -10.52 62.80 54.02
CA SER ZC 184 -11.31 63.94 54.46
C SER ZC 184 -12.78 63.57 54.59
N THR ZC 185 -13.30 62.77 53.67
CA THR ZC 185 -14.67 62.27 53.75
C THR ZC 185 -14.82 61.19 54.81
N GLY ZC 186 -13.73 60.73 55.41
CA GLY ZC 186 -13.77 59.70 56.42
C GLY ZC 186 -13.67 58.28 55.90
N ALA ZC 187 -13.65 58.09 54.58
CA ALA ZC 187 -13.56 56.75 54.04
C ALA ZC 187 -12.17 56.17 54.33
N PRO ZC 188 -12.09 54.88 54.62
CA PRO ZC 188 -10.78 54.27 54.90
C PRO ZC 188 -9.86 54.32 53.69
N TRP ZC 189 -8.57 54.50 53.95
CA TRP ZC 189 -7.58 54.59 52.90
C TRP ZC 189 -6.68 53.36 52.93
N PRO ZC 190 -6.69 52.53 51.87
CA PRO ZC 190 -5.82 51.34 51.86
C PRO ZC 190 -4.35 51.72 51.90
N ILE ZC 191 -3.56 50.89 52.56
CA ILE ZC 191 -2.14 51.16 52.76
C ILE ZC 191 -1.34 50.56 51.61
N ALA ZC 192 -0.45 51.35 51.03
CA ALA ZC 192 0.40 50.85 49.95
C ALA ZC 192 1.68 50.21 50.50
N ALA ZC 193 2.49 51.00 51.21
CA ALA ZC 193 3.75 50.48 51.73
C ALA ZC 193 4.08 51.22 53.01
N TYR ZC 194 5.05 50.69 53.74
CA TYR ZC 194 5.50 51.36 54.97
C TYR ZC 194 6.91 50.90 55.31
N ASP ZC 195 7.49 51.57 56.30
CA ASP ZC 195 8.80 51.22 56.82
C ASP ZC 195 8.83 51.54 58.30
N LEU ZC 196 9.60 50.75 59.03
CA LEU ZC 196 9.74 50.88 60.48
C LEU ZC 196 11.22 50.90 60.84
N GLY ZC 197 11.60 51.84 61.71
CA GLY ZC 197 12.96 51.90 62.20
C GLY ZC 197 13.11 51.07 63.45
N ASP ZC 198 14.18 50.29 63.50
CA ASP ZC 198 14.50 49.42 64.63
C ASP ZC 198 13.32 48.54 65.01
N PRO ZC 199 12.97 47.53 64.22
CA PRO ZC 199 11.90 46.62 64.61
C PRO ZC 199 12.31 45.64 65.71
N SER ZC 200 13.44 45.89 66.36
CA SER ZC 200 13.87 45.04 67.46
C SER ZC 200 12.86 45.05 68.59
N SER ZC 201 12.31 46.22 68.92
CA SER ZC 201 11.40 46.36 70.03
C SER ZC 201 9.94 46.45 69.62
N PHE ZC 202 9.62 46.17 68.36
CA PHE ZC 202 8.26 46.35 67.88
C PHE ZC 202 7.89 45.21 66.94
N ASN ZC 203 6.61 44.86 66.96
CA ASN ZC 203 6.05 43.86 66.07
C ASN ZC 203 4.82 44.42 65.38
N ILE ZC 204 4.70 44.13 64.09
CA ILE ZC 204 3.65 44.70 63.26
C ILE ZC 204 2.96 43.57 62.49
N GLN ZC 205 1.64 43.57 62.49
CA GLN ZC 205 0.84 42.69 61.68
C GLN ZC 205 -0.07 43.53 60.79
N TRP ZC 206 -0.16 43.14 59.51
CA TRP ZC 206 -0.88 43.93 58.52
C TRP ZC 206 -1.10 43.08 57.29
N ASP ZC 207 -2.36 42.88 56.91
CA ASP ZC 207 -2.66 42.19 55.66
C ASP ZC 207 -2.20 43.04 54.48
N LYS ZC 208 -1.72 42.37 53.43
CA LYS ZC 208 -1.16 43.08 52.29
C LYS ZC 208 -2.16 44.04 51.66
N THR ZC 209 -3.42 43.65 51.59
CA THR ZC 209 -4.46 44.48 50.97
C THR ZC 209 -5.32 45.21 51.99
N SER ZC 210 -4.96 45.18 53.26
CA SER ZC 210 -5.75 45.81 54.31
C SER ZC 210 -5.38 47.29 54.41
N ASN ZC 211 -5.88 47.95 55.46
CA ASN ZC 211 -5.58 49.35 55.70
C ASN ZC 211 -5.36 49.64 57.18
N THR ZC 212 -5.01 48.63 57.98
CA THR ZC 212 -4.87 48.78 59.41
C THR ZC 212 -3.58 48.11 59.87
N LEU ZC 213 -2.91 48.74 60.82
CA LEU ZC 213 -1.68 48.21 61.40
C LEU ZC 213 -1.95 47.77 62.83
N MET ZC 214 -1.49 46.57 63.19
CA MET ZC 214 -1.54 46.09 64.56
C MET ZC 214 -0.13 46.05 65.10
N ILE ZC 215 0.13 46.82 66.15
CA ILE ZC 215 1.49 47.06 66.63
C ILE ZC 215 1.58 46.65 68.10
N GLN ZC 216 2.67 45.99 68.45
CA GLN ZC 216 2.92 45.56 69.82
C GLN ZC 216 4.36 45.87 70.20
N ALA ZC 217 4.55 46.31 71.44
CA ALA ZC 217 5.88 46.64 71.94
C ALA ZC 217 6.48 45.44 72.66
N THR ZC 218 7.79 45.28 72.53
CA THR ZC 218 8.53 44.18 73.14
C THR ZC 218 9.35 44.66 74.34
N LYS ZC 219 10.10 45.74 74.18
CA LYS ZC 219 10.84 46.33 75.28
C LYS ZC 219 9.91 47.28 76.03
N LEU ZC 220 10.47 48.06 76.96
CA LEU ZC 220 9.68 48.94 77.82
C LEU ZC 220 9.85 50.41 77.50
N TYR ZC 221 11.08 50.89 77.34
CA TYR ZC 221 11.32 52.31 77.12
C TYR ZC 221 12.32 52.52 75.99
N ASN ZC 222 12.19 51.73 74.93
CA ASN ZC 222 12.99 51.87 73.72
C ASN ZC 222 12.05 52.35 72.61
N TYR ZC 223 12.06 53.66 72.37
CA TYR ZC 223 11.09 54.28 71.48
C TYR ZC 223 11.54 54.22 70.03
N GLY ZC 224 10.57 54.20 69.13
CA GLY ZC 224 10.86 54.04 67.72
C GLY ZC 224 10.10 54.98 66.81
N ASN ZC 225 10.10 54.68 65.50
CA ASN ZC 225 9.43 55.55 64.55
C ASN ZC 225 9.11 54.78 63.28
N LEU ZC 226 8.17 55.31 62.51
CA LEU ZC 226 7.77 54.64 61.28
C LEU ZC 226 7.22 55.65 60.29
N ALA ZC 227 7.16 55.22 59.02
CA ALA ZC 227 6.55 56.00 57.97
C ALA ZC 227 5.66 55.10 57.13
N VAL ZC 228 4.57 55.66 56.62
CA VAL ZC 228 3.60 54.92 55.83
C VAL ZC 228 3.30 55.73 54.58
N ARG ZC 229 3.48 55.12 53.41
CA ARG ZC 229 3.17 55.74 52.14
C ARG ZC 229 1.92 55.09 51.57
N LEU ZC 230 0.92 55.92 51.27
CA LEU ZC 230 -0.35 55.45 50.73
C LEU ZC 230 -0.34 55.52 49.21
N ARG ZC 231 -1.29 54.79 48.61
CA ARG ZC 231 -1.33 54.68 47.16
C ARG ZC 231 -1.54 56.03 46.49
N GLY ZC 232 -2.46 56.84 47.00
CA GLY ZC 232 -2.69 58.15 46.44
C GLY ZC 232 -1.94 59.28 47.09
N LEU ZC 233 -1.30 59.03 48.22
CA LEU ZC 233 -0.63 60.08 48.98
C LEU ZC 233 0.84 60.13 48.57
N ASN ZC 234 1.24 61.23 47.95
CA ASN ZC 234 2.62 61.38 47.49
C ASN ZC 234 3.59 61.40 48.67
N THR ZC 235 3.34 62.28 49.63
CA THR ZC 235 4.26 62.43 50.76
C THR ZC 235 3.85 61.50 51.89
N PRO ZC 236 4.69 60.55 52.28
CA PRO ZC 236 4.29 59.59 53.30
C PRO ZC 236 4.08 60.24 54.66
N VAL ZC 237 3.20 59.64 55.44
CA VAL ZC 237 2.89 60.12 56.79
C VAL ZC 237 3.84 59.46 57.77
N MET ZC 238 4.48 60.27 58.60
CA MET ZC 238 5.41 59.78 59.61
C MET ZC 238 4.74 59.76 60.98
N LEU ZC 239 5.24 58.87 61.83
CA LEU ZC 239 4.80 58.81 63.23
C LEU ZC 239 5.98 58.42 64.09
N THR ZC 240 5.97 58.87 65.34
CA THR ZC 240 6.93 58.41 66.33
C THR ZC 240 6.19 57.70 67.45
N LEU ZC 241 6.84 56.71 68.06
CA LEU ZC 241 6.21 55.83 69.02
C LEU ZC 241 7.02 55.79 70.31
N ILE ZC 242 6.36 56.05 71.43
CA ILE ZC 242 6.97 56.00 72.75
C ILE ZC 242 6.29 54.88 73.53
N PRO ZC 243 7.02 53.90 74.02
CA PRO ZC 243 6.39 52.78 74.74
C PRO ZC 243 6.23 53.05 76.22
N GLY ZC 244 5.23 52.39 76.81
CA GLY ZC 244 5.04 52.38 78.24
C GLY ZC 244 4.73 53.72 78.86
N GLN ZC 245 3.82 54.49 78.25
CA GLN ZC 245 3.40 55.75 78.85
C GLN ZC 245 2.30 55.48 79.88
N LYS ZC 246 1.78 56.55 80.48
CA LYS ZC 246 0.80 56.41 81.54
C LYS ZC 246 -0.57 55.97 81.01
N ALA ZC 247 -0.82 56.11 79.71
CA ALA ZC 247 -2.08 55.69 79.13
C ALA ZC 247 -1.81 55.00 77.80
N VAL ZC 248 -2.76 54.17 77.38
CA VAL ZC 248 -2.64 53.36 76.17
C VAL ZC 248 -3.75 53.75 75.21
N ASP ZC 249 -3.37 54.00 73.95
CA ASP ZC 249 -4.32 54.27 72.88
C ASP ZC 249 -4.64 52.94 72.21
N TYR ZC 250 -5.72 52.29 72.65
CA TYR ZC 250 -6.09 50.99 72.11
C TYR ZC 250 -6.36 51.08 70.62
N ARG ZC 251 -7.23 52.01 70.22
CA ARG ZC 251 -7.55 52.24 68.82
C ARG ZC 251 -7.15 53.65 68.44
N VAL ZC 252 -6.55 53.80 67.26
CA VAL ZC 252 -6.15 55.11 66.76
C VAL ZC 252 -6.63 55.23 65.32
N ASP ZC 253 -7.32 56.33 65.03
CA ASP ZC 253 -7.77 56.63 63.68
C ASP ZC 253 -7.21 57.99 63.29
N LEU ZC 254 -6.73 58.10 62.05
CA LEU ZC 254 -6.14 59.35 61.59
C LEU ZC 254 -6.82 59.82 60.32
N ARG ZC 255 -7.32 61.05 60.34
CA ARG ZC 255 -7.91 61.70 59.17
C ARG ZC 255 -6.83 62.44 58.40
N VAL ZC 256 -6.91 62.36 57.07
CA VAL ZC 256 -5.94 63.03 56.21
C VAL ZC 256 -6.61 64.22 55.55
N GLN ZC 257 -5.80 65.24 55.26
CA GLN ZC 257 -6.31 66.44 54.61
C GLN ZC 257 -6.81 66.15 53.21
N GLY ZC 258 -6.06 65.36 52.46
CA GLY ZC 258 -6.41 65.07 51.09
C GLY ZC 258 -7.56 64.08 50.99
N TYR ZC 259 -7.88 63.73 49.75
CA TYR ZC 259 -8.94 62.78 49.44
C TYR ZC 259 -8.32 61.43 49.09
N GLY ZC 260 -8.70 60.40 49.82
CA GLY ZC 260 -8.23 59.05 49.55
C GLY ZC 260 -8.94 58.45 48.36
N PRO ZC 261 -8.47 57.28 47.92
CA PRO ZC 261 -9.12 56.62 46.78
C PRO ZC 261 -10.54 56.18 47.06
N ASN ZC 262 -10.92 56.04 48.33
CA ASN ZC 262 -12.24 55.57 48.72
C ASN ZC 262 -13.20 56.70 49.01
N ALA ZC 263 -12.79 57.95 48.78
CA ALA ZC 263 -13.65 59.09 49.11
C ALA ZC 263 -14.83 59.17 48.15
N LYS ZC 264 -15.95 58.55 48.54
CA LYS ZC 264 -17.12 58.52 47.68
C LYS ZC 264 -17.81 59.89 47.62
N SER ZC 265 -17.96 60.54 48.77
CA SER ZC 265 -18.61 61.83 48.82
C SER ZC 265 -17.64 62.93 48.42
N MET ZC 266 -18.20 64.07 48.02
CA MET ZC 266 -17.41 65.22 47.61
C MET ZC 266 -18.05 66.49 48.16
N PRO ZC 267 -17.29 67.33 48.86
CA PRO ZC 267 -17.83 68.62 49.30
C PRO ZC 267 -18.02 69.56 48.12
N THR ZC 268 -18.86 70.56 48.31
CA THR ZC 268 -19.22 71.46 47.23
C THR ZC 268 -18.93 72.91 47.62
N GLU ZC 269 -18.75 73.74 46.59
CA GLU ZC 269 -18.41 75.15 46.75
C GLU ZC 269 -19.29 76.01 45.85
N GLU ZC 270 -19.67 77.17 46.36
CA GLU ZC 270 -20.48 78.13 45.63
C GLU ZC 270 -19.85 79.51 45.78
N GLY ZC 271 -19.65 80.20 44.66
CA GLY ZC 271 -18.98 81.48 44.65
C GLY ZC 271 -19.76 82.60 44.00
N ILE ZC 272 -19.08 83.40 43.19
CA ILE ZC 272 -19.66 84.61 42.62
C ILE ZC 272 -20.19 84.28 41.22
N PRO ZC 273 -21.47 84.51 40.93
CA PRO ZC 273 -21.96 84.29 39.58
C PRO ZC 273 -21.36 85.28 38.60
N PRO ZC 274 -21.35 84.97 37.31
CA PRO ZC 274 -20.78 85.91 36.33
C PRO ZC 274 -21.61 87.18 36.23
N SER ZC 275 -20.94 88.25 35.81
CA SER ZC 275 -21.56 89.57 35.77
C SER ZC 275 -22.60 89.67 34.66
N ALA ZC 276 -22.17 89.53 33.41
CA ALA ZC 276 -23.04 89.66 32.25
C ALA ZC 276 -22.24 89.31 31.01
N ASN ZC 277 -22.92 88.76 30.02
CA ASN ZC 277 -22.24 88.33 28.81
C ASN ZC 277 -21.92 89.53 27.93
N ASP ZC 278 -20.64 89.65 27.54
CA ASP ZC 278 -20.19 90.79 26.77
C ASP ZC 278 -20.77 90.83 25.37
N LEU ZC 279 -21.29 89.70 24.87
CA LEU ZC 279 -21.92 89.72 23.55
C LEU ZC 279 -23.09 90.69 23.51
N LEU ZC 280 -23.75 90.89 24.65
CA LEU ZC 280 -24.83 91.86 24.70
C LEU ZC 280 -24.33 93.27 24.37
N LEU ZC 281 -23.06 93.56 24.68
CA LEU ZC 281 -22.50 94.86 24.32
C LEU ZC 281 -22.46 95.04 22.82
N HIS ZC 282 -21.98 94.03 22.10
CA HIS ZC 282 -21.97 94.08 20.65
C HIS ZC 282 -23.39 94.20 20.11
N VAL ZC 283 -24.33 93.44 20.69
CA VAL ZC 283 -25.71 93.50 20.24
C VAL ZC 283 -26.25 94.91 20.40
N LEU ZC 284 -26.01 95.52 21.56
CA LEU ZC 284 -26.46 96.90 21.78
C LEU ZC 284 -25.84 97.84 20.77
N GLU ZC 285 -24.55 97.68 20.50
CA GLU ZC 285 -23.89 98.54 19.54
C GLU ZC 285 -24.31 98.24 18.11
N GLY ZC 286 -25.04 97.15 17.88
CA GLY ZC 286 -25.57 96.82 16.59
C GLY ZC 286 -24.79 95.77 15.82
N VAL ZC 287 -23.54 95.53 16.19
CA VAL ZC 287 -22.74 94.51 15.53
C VAL ZC 287 -23.23 93.14 15.98
N PRO ZC 288 -23.65 92.27 15.05
CA PRO ZC 288 -24.09 90.94 15.46
C PRO ZC 288 -22.91 90.12 15.96
N PRO ZC 289 -23.14 89.19 16.87
CA PRO ZC 289 -22.06 88.34 17.34
C PRO ZC 289 -21.54 87.47 16.20
N PRO ZC 290 -20.26 87.13 16.20
CA PRO ZC 290 -19.72 86.31 15.11
C PRO ZC 290 -20.39 84.96 15.05
N GLY ZC 291 -20.60 84.46 13.83
CA GLY ZC 291 -21.18 83.16 13.61
C GLY ZC 291 -22.67 83.09 13.76
N SER ZC 292 -23.36 84.22 13.95
CA SER ZC 292 -24.80 84.20 14.13
C SER ZC 292 -25.50 84.30 12.78
N ARG ZC 293 -26.83 84.29 12.82
CA ARG ZC 293 -27.65 84.46 11.63
C ARG ZC 293 -28.68 85.54 11.90
N ARG ZC 294 -29.13 86.18 10.82
CA ARG ZC 294 -30.19 87.18 10.95
C ARG ZC 294 -31.51 86.50 11.25
N LEU ZC 295 -32.44 87.29 11.81
CA LEU ZC 295 -33.77 86.83 12.12
C LEU ZC 295 -34.79 87.75 11.45
N VAL ZC 296 -35.88 87.17 10.96
CA VAL ZC 296 -36.93 87.94 10.31
C VAL ZC 296 -37.83 88.52 11.39
N VAL ZC 297 -37.73 89.83 11.61
CA VAL ZC 297 -38.47 90.52 12.65
C VAL ZC 297 -39.44 91.49 11.98
N SER ZC 298 -40.70 91.44 12.38
CA SER ZC 298 -41.71 92.30 11.79
C SER ZC 298 -42.69 92.76 12.85
N GLY ZC 299 -43.29 93.93 12.61
CA GLY ZC 299 -44.33 94.48 13.45
C GLY ZC 299 -43.94 95.74 14.20
N GLY ZC 300 -42.65 95.91 14.49
CA GLY ZC 300 -42.22 97.06 15.27
C GLY ZC 300 -40.95 97.70 14.78
N ASP ZC 301 -39.97 97.87 15.68
CA ASP ZC 301 -38.68 98.45 15.33
C ASP ZC 301 -37.63 97.82 16.24
N ALA ZC 302 -36.93 96.81 15.73
CA ALA ZC 302 -35.92 96.09 16.50
C ALA ZC 302 -35.12 95.24 15.55
N ARG ZC 303 -34.03 94.68 16.06
CA ARG ZC 303 -33.23 93.73 15.33
C ARG ZC 303 -32.90 92.56 16.25
N ALA ZC 304 -32.59 91.42 15.66
CA ALA ZC 304 -32.42 90.22 16.47
C ALA ZC 304 -31.47 89.26 15.78
N TRP ZC 305 -30.92 88.35 16.59
CA TRP ZC 305 -29.98 87.35 16.11
C TRP ZC 305 -30.09 86.10 16.95
N LEU ZC 306 -29.64 84.99 16.37
CA LEU ZC 306 -29.51 83.71 17.05
C LEU ZC 306 -28.11 83.19 16.78
N SER ZC 307 -27.30 83.08 17.83
CA SER ZC 307 -25.91 82.67 17.71
C SER ZC 307 -25.61 81.39 18.46
N ASN ZC 308 -26.05 81.30 19.72
CA ASN ZC 308 -25.76 80.18 20.60
C ASN ZC 308 -27.04 79.61 21.14
N GLU ZC 309 -27.96 79.27 20.21
CA GLU ZC 309 -29.29 78.76 20.50
C GLU ZC 309 -29.99 79.60 21.58
N LYS ZC 310 -29.70 80.90 21.58
CA LYS ZC 310 -30.39 81.86 22.42
C LYS ZC 310 -30.70 83.09 21.59
N MET ZC 311 -31.81 83.74 21.90
CA MET ZC 311 -32.27 84.89 21.14
C MET ZC 311 -31.66 86.15 21.72
N TYR ZC 312 -31.15 87.02 20.84
CA TYR ZC 312 -30.60 88.31 21.26
C TYR ZC 312 -31.29 89.39 20.46
N VAL ZC 313 -31.74 90.44 21.15
CA VAL ZC 313 -32.57 91.46 20.51
C VAL ZC 313 -32.09 92.84 20.94
N ARG ZC 314 -31.97 93.74 19.98
CA ARG ZC 314 -31.68 95.15 20.21
C ARG ZC 314 -32.89 95.97 19.81
N THR ZC 315 -33.35 96.84 20.71
CA THR ZC 315 -34.50 97.68 20.42
C THR ZC 315 -34.45 98.89 21.34
N ASN ZC 316 -35.57 99.60 21.42
CA ASN ZC 316 -35.73 100.71 22.36
C ASN ZC 316 -37.06 100.64 23.10
N LEU ZC 317 -37.78 99.53 23.00
CA LEU ZC 317 -39.05 99.32 23.67
C LEU ZC 317 -38.83 98.43 24.90
N THR ZC 318 -39.93 98.00 25.50
CA THR ZC 318 -39.88 97.15 26.69
C THR ZC 318 -40.40 95.76 26.36
N ILE ZC 319 -39.87 94.76 27.05
CA ILE ZC 319 -40.23 93.37 26.80
C ILE ZC 319 -41.11 92.87 27.94
N LEU ZC 320 -42.27 92.31 27.61
CA LEU ZC 320 -43.22 91.85 28.60
C LEU ZC 320 -43.23 90.33 28.76
N SER ZC 321 -43.56 89.60 27.69
CA SER ZC 321 -44.00 88.22 27.83
C SER ZC 321 -42.93 87.22 28.25
N PRO ZC 322 -41.89 86.97 27.45
CA PRO ZC 322 -41.16 85.71 27.60
C PRO ZC 322 -40.20 85.69 28.78
N GLY ZC 323 -39.67 86.83 29.20
CA GLY ZC 323 -38.73 86.85 30.31
C GLY ZC 323 -37.30 86.83 29.82
N TRP ZC 324 -36.64 87.97 29.87
CA TRP ZC 324 -35.27 88.06 29.38
C TRP ZC 324 -34.28 87.64 30.44
N LEU ZC 325 -33.14 87.14 30.00
CA LEU ZC 325 -32.10 86.63 30.89
C LEU ZC 325 -31.00 87.64 31.16
N ALA ZC 326 -30.55 88.36 30.14
CA ALA ZC 326 -29.53 89.38 30.31
C ALA ZC 326 -30.03 90.71 29.77
N SER ZC 327 -29.74 91.79 30.50
CA SER ZC 327 -30.26 93.11 30.17
C SER ZC 327 -29.11 94.11 30.04
N MET ZC 328 -29.21 94.99 29.05
CA MET ZC 328 -28.26 96.08 28.94
C MET ZC 328 -28.97 97.30 28.38
N THR ZC 329 -28.45 98.48 28.73
CA THR ZC 329 -29.02 99.74 28.26
C THR ZC 329 -27.91 100.71 27.92
N SER ZC 330 -28.06 101.38 26.77
CA SER ZC 330 -27.09 102.35 26.30
C SER ZC 330 -27.32 103.71 26.97
N ALA ZC 331 -26.35 104.61 26.79
CA ALA ZC 331 -26.52 105.98 27.24
C ALA ZC 331 -27.67 106.67 26.53
N ASP ZC 332 -28.06 106.18 25.35
CA ASP ZC 332 -29.21 106.69 24.62
C ASP ZC 332 -30.51 106.01 25.03
N GLY ZC 333 -30.46 105.08 25.98
CA GLY ZC 333 -31.65 104.41 26.44
C GLY ZC 333 -32.05 103.19 25.63
N THR ZC 334 -31.36 102.89 24.54
CA THR ZC 334 -31.66 101.71 23.77
C THR ZC 334 -31.33 100.46 24.58
N HIS ZC 335 -32.23 99.49 24.55
CA HIS ZC 335 -32.12 98.29 25.34
C HIS ZC 335 -31.69 97.10 24.50
N ALA ZC 336 -30.99 96.17 25.16
CA ALA ZC 336 -30.55 94.92 24.56
C ALA ZC 336 -30.88 93.78 25.51
N TYR ZC 337 -31.53 92.75 24.98
CA TYR ZC 337 -32.02 91.64 25.77
C TYR ZC 337 -31.48 90.32 25.24
N GLU ZC 338 -31.07 89.46 26.17
CA GLU ZC 338 -30.73 88.07 25.88
C GLU ZC 338 -31.75 87.18 26.56
N MET ZC 339 -32.37 86.30 25.78
CA MET ZC 339 -33.44 85.45 26.29
C MET ZC 339 -33.47 84.17 25.46
N GLN ZC 340 -34.54 83.39 25.62
CA GLN ZC 340 -34.70 82.14 24.92
C GLN ZC 340 -35.40 82.35 23.58
N LYS ZC 341 -35.55 81.28 22.82
CA LYS ZC 341 -36.25 81.34 21.55
C LYS ZC 341 -37.75 81.34 21.76
N SER ZC 342 -38.44 82.24 21.08
CA SER ZC 342 -39.88 82.36 21.21
C SER ZC 342 -40.44 83.08 20.00
N PRO ZC 343 -41.41 82.48 19.30
CA PRO ZC 343 -41.92 83.12 18.07
C PRO ZC 343 -42.63 84.44 18.32
N VAL ZC 344 -43.13 84.69 19.53
CA VAL ZC 344 -43.93 85.88 19.80
C VAL ZC 344 -43.23 86.72 20.85
N LEU ZC 345 -43.52 88.02 20.83
CA LEU ZC 345 -42.95 88.94 21.79
C LEU ZC 345 -43.98 89.99 22.17
N LEU ZC 346 -44.01 90.36 23.46
CA LEU ZC 346 -44.92 91.37 23.96
C LEU ZC 346 -44.14 92.64 24.31
N VAL ZC 347 -44.64 93.78 23.86
CA VAL ZC 347 -43.97 95.06 24.09
C VAL ZC 347 -44.97 96.08 24.57
N SER ZC 348 -44.45 97.09 25.27
CA SER ZC 348 -45.21 98.28 25.65
C SER ZC 348 -44.65 99.46 24.85
N TRP ZC 349 -45.52 100.11 24.08
CA TRP ZC 349 -45.05 101.15 23.18
C TRP ZC 349 -45.15 102.54 23.81
N HIS ZC 350 -46.36 102.98 24.10
CA HIS ZC 350 -46.58 104.23 24.81
C HIS ZC 350 -47.72 104.04 25.81
N GLY ZC 351 -47.65 102.95 26.57
CA GLY ZC 351 -48.79 102.51 27.35
C GLY ZC 351 -49.73 101.62 26.58
N LYS ZC 352 -49.44 101.34 25.31
CA LYS ZC 352 -50.22 100.42 24.50
C LYS ZC 352 -49.46 99.10 24.41
N VAL ZC 353 -50.18 98.01 24.65
CA VAL ZC 353 -49.60 96.67 24.62
C VAL ZC 353 -49.66 96.14 23.20
N MET ZC 354 -48.52 95.64 22.71
CA MET ZC 354 -48.41 95.25 21.32
C MET ZC 354 -47.71 93.90 21.21
N GLN ZC 355 -48.00 93.22 20.11
CA GLN ZC 355 -47.43 91.92 19.81
C GLN ZC 355 -46.50 92.01 18.61
N LEU ZC 356 -45.41 91.26 18.66
CA LEU ZC 356 -44.42 91.22 17.59
C LEU ZC 356 -44.17 89.77 17.21
N LYS ZC 357 -44.21 89.49 15.91
CA LYS ZC 357 -44.05 88.15 15.40
C LYS ZC 357 -42.61 87.97 14.94
N VAL ZC 358 -41.95 86.94 15.47
CA VAL ZC 358 -40.56 86.66 15.15
C VAL ZC 358 -40.53 85.48 14.21
N GLU ZC 359 -40.13 85.72 12.97
CA GLU ZC 359 -40.14 84.70 11.92
C GLU ZC 359 -38.75 84.13 11.74
N GLY ZC 360 -38.67 82.81 11.59
CA GLY ZC 360 -37.41 82.16 11.31
C GLY ZC 360 -36.70 81.64 12.54
N LEU ZC 361 -37.42 80.89 13.37
CA LEU ZC 361 -36.79 80.22 14.52
C LEU ZC 361 -36.19 78.90 14.09
N VAL AD 38 -12.21 99.08 -24.00
CA VAL AD 38 -12.90 100.33 -24.32
C VAL AD 38 -14.22 100.47 -23.53
N PRO AD 39 -15.05 99.42 -23.47
CA PRO AD 39 -16.20 99.50 -22.54
C PRO AD 39 -15.77 99.67 -21.10
N LYS AD 40 -14.62 99.14 -20.71
CA LYS AD 40 -14.09 99.31 -19.36
C LYS AD 40 -13.14 100.52 -19.31
N LEU AD 41 -12.11 100.50 -20.14
CA LEU AD 41 -11.14 101.57 -20.16
C LEU AD 41 -11.76 102.81 -20.80
N PRO AD 42 -11.82 103.94 -20.11
CA PRO AD 42 -12.38 105.15 -20.73
C PRO AD 42 -11.59 105.58 -21.95
N CYS AD 43 -12.31 106.11 -22.94
CA CYS AD 43 -11.67 106.56 -24.17
C CYS AD 43 -11.11 107.96 -24.00
N ARG AD 44 -11.94 108.90 -23.57
CA ARG AD 44 -11.54 110.28 -23.36
C ARG AD 44 -12.22 110.79 -22.10
N VAL AD 45 -11.83 112.01 -21.69
CA VAL AD 45 -12.47 112.60 -20.52
C VAL AD 45 -13.92 112.93 -20.84
N ASP AD 46 -14.70 113.17 -19.79
CA ASP AD 46 -16.13 113.38 -19.94
C ASP AD 46 -16.42 114.60 -20.81
N GLY AD 47 -17.32 114.42 -21.77
CA GLY AD 47 -17.74 115.51 -22.63
C GLY AD 47 -16.61 116.16 -23.41
N ALA AD 48 -15.69 115.35 -23.93
CA ALA AD 48 -14.50 115.87 -24.59
C ALA AD 48 -14.76 115.94 -26.09
N CYS AD 49 -15.13 117.13 -26.56
CA CYS AD 49 -15.32 117.40 -27.98
C CYS AD 49 -14.48 118.63 -28.30
N ASP AD 50 -13.21 118.40 -28.62
CA ASP AD 50 -12.29 119.50 -28.84
C ASP AD 50 -12.71 120.36 -30.02
N ALA AD 51 -13.40 119.78 -31.00
CA ALA AD 51 -13.95 120.58 -32.08
C ALA AD 51 -14.95 121.59 -31.55
N THR AD 52 -15.85 121.15 -30.67
CA THR AD 52 -16.78 122.07 -30.05
C THR AD 52 -16.07 123.07 -29.15
N ILE AD 53 -14.96 122.66 -28.54
CA ILE AD 53 -14.18 123.59 -27.71
C ILE AD 53 -13.65 124.73 -28.57
N ILE AD 54 -13.08 124.39 -29.73
CA ILE AD 54 -12.60 125.41 -30.64
C ILE AD 54 -13.75 126.27 -31.13
N LYS AD 55 -14.89 125.64 -31.43
CA LYS AD 55 -16.05 126.40 -31.90
C LYS AD 55 -16.49 127.44 -30.88
N MET AD 56 -16.64 127.02 -29.63
CA MET AD 56 -17.10 127.96 -28.61
C MET AD 56 -16.05 129.01 -28.30
N MET AD 57 -14.77 128.65 -28.36
CA MET AD 57 -13.72 129.66 -28.20
C MET AD 57 -13.81 130.71 -29.29
N THR AD 58 -14.03 130.26 -30.53
CA THR AD 58 -14.20 131.19 -31.64
C THR AD 58 -15.40 132.08 -31.42
N ASP AD 59 -16.50 131.50 -30.92
CA ASP AD 59 -17.69 132.30 -30.65
C ASP AD 59 -17.42 133.36 -29.58
N LEU AD 60 -16.71 132.97 -28.52
CA LEU AD 60 -16.37 133.92 -27.48
C LEU AD 60 -15.55 135.08 -28.03
N ASN AD 61 -14.50 134.76 -28.80
CA ASN AD 61 -13.65 135.81 -29.34
C ASN AD 61 -14.43 136.69 -30.30
N LYS AD 62 -15.30 136.09 -31.13
CA LYS AD 62 -16.10 136.87 -32.06
C LYS AD 62 -17.05 137.80 -31.33
N LYS AD 63 -17.63 137.32 -30.22
CA LYS AD 63 -18.46 138.20 -29.41
C LYS AD 63 -17.64 139.35 -28.84
N GLY AD 64 -16.40 139.09 -28.44
CA GLY AD 64 -15.52 140.16 -28.05
C GLY AD 64 -14.66 139.84 -26.84
N ILE AD 65 -15.00 138.77 -26.13
CA ILE AD 65 -14.23 138.37 -24.97
C ILE AD 65 -12.86 137.89 -25.42
N LYS AD 66 -11.80 138.43 -24.81
CA LYS AD 66 -10.46 138.12 -25.24
C LYS AD 66 -10.06 136.74 -24.74
N VAL AD 67 -9.55 135.90 -25.63
CA VAL AD 67 -9.00 134.60 -25.28
C VAL AD 67 -7.56 134.56 -25.73
N ALA AD 68 -6.66 134.20 -24.81
CA ALA AD 68 -5.24 134.16 -25.08
C ALA AD 68 -4.72 132.77 -24.76
N SER AD 69 -4.06 132.15 -25.74
CA SER AD 69 -3.53 130.80 -25.60
C SER AD 69 -2.05 130.83 -25.94
N VAL AD 70 -1.22 130.36 -25.01
CA VAL AD 70 0.22 130.32 -25.23
C VAL AD 70 0.82 129.30 -24.27
N GLY AD 71 1.68 128.42 -24.79
CA GLY AD 71 2.21 127.35 -23.97
C GLY AD 71 1.09 126.48 -23.43
N GLN AD 72 1.23 126.08 -22.17
CA GLN AD 72 0.17 125.37 -21.46
C GLN AD 72 -0.72 126.30 -20.66
N ASN AD 73 -0.51 127.61 -20.78
CA ASN AD 73 -1.27 128.59 -20.01
C ASN AD 73 -2.33 129.24 -20.89
N TYR AD 74 -3.42 129.66 -20.24
CA TYR AD 74 -4.51 130.31 -20.95
C TYR AD 74 -5.06 131.44 -20.09
N LEU AD 75 -5.55 132.48 -20.77
CA LEU AD 75 -6.14 133.64 -20.14
C LEU AD 75 -7.43 134.03 -20.85
N ILE AD 76 -8.40 134.49 -20.07
CA ILE AD 76 -9.65 135.02 -20.60
C ILE AD 76 -9.87 136.41 -20.00
N SER AD 77 -10.16 137.38 -20.85
CA SER AD 77 -10.33 138.77 -20.45
C SER AD 77 -11.73 139.23 -20.80
N ILE AD 78 -12.40 139.82 -19.82
CA ILE AD 78 -13.77 140.31 -19.99
C ILE AD 78 -13.84 141.77 -19.59
N PRO AD 79 -14.30 142.66 -20.47
CA PRO AD 79 -14.46 144.07 -20.09
C PRO AD 79 -15.47 144.22 -18.97
N ALA AD 80 -15.18 145.17 -18.07
CA ALA AD 80 -16.04 145.37 -16.91
C ALA AD 80 -17.43 145.84 -17.30
N SER AD 81 -17.53 146.76 -18.27
CA SER AD 81 -18.81 147.38 -18.59
C SER AD 81 -19.85 146.35 -19.00
N ALA AD 82 -19.45 145.37 -19.80
CA ALA AD 82 -20.40 144.36 -20.24
C ALA AD 82 -20.87 143.44 -19.13
N LEU AD 83 -20.22 143.48 -17.97
CA LEU AD 83 -20.53 142.56 -16.87
C LEU AD 83 -21.19 143.23 -15.68
N PHE AD 84 -20.55 144.25 -15.11
CA PHE AD 84 -21.07 144.93 -13.94
C PHE AD 84 -21.80 146.21 -14.34
N ALA AD 85 -22.44 146.83 -13.35
CA ALA AD 85 -23.00 148.15 -13.51
C ALA AD 85 -21.91 149.19 -13.29
N ASP AD 86 -22.28 150.46 -13.43
CA ASP AD 86 -21.31 151.55 -13.35
C ASP AD 86 -20.71 151.64 -11.95
N GLN AD 87 -19.44 151.27 -11.82
CA GLN AD 87 -18.69 151.46 -10.58
C GLN AD 87 -19.41 150.89 -9.38
N SER AD 88 -20.03 149.73 -9.55
CA SER AD 88 -20.82 149.12 -8.50
C SER AD 88 -20.66 147.62 -8.52
N PRO AD 89 -20.70 146.97 -7.36
CA PRO AD 89 -20.55 145.51 -7.28
C PRO AD 89 -21.88 144.77 -7.47
N ARG AD 90 -22.55 145.03 -8.59
CA ARG AD 90 -23.82 144.38 -8.89
C ARG AD 90 -23.79 143.91 -10.33
N LEU AD 91 -24.64 142.93 -10.63
CA LEU AD 91 -24.63 142.24 -11.91
C LEU AD 91 -25.89 142.56 -12.69
N ASN AD 92 -25.72 142.82 -13.98
CA ASN AD 92 -26.86 142.80 -14.90
C ASN AD 92 -27.39 141.38 -14.97
N TRP AD 93 -28.71 141.24 -15.11
CA TRP AD 93 -29.32 139.92 -15.09
C TRP AD 93 -28.83 139.07 -16.26
N ALA AD 94 -28.71 139.67 -17.44
CA ALA AD 94 -28.29 138.92 -18.62
C ALA AD 94 -26.85 138.40 -18.49
N SER AD 95 -26.05 138.98 -17.60
CA SER AD 95 -24.67 138.54 -17.46
C SER AD 95 -24.58 137.07 -17.06
N TYR AD 96 -25.62 136.54 -16.41
CA TYR AD 96 -25.57 135.15 -15.98
C TYR AD 96 -25.54 134.19 -17.16
N SER AD 97 -26.14 134.56 -18.29
CA SER AD 97 -26.05 133.70 -19.48
C SER AD 97 -24.61 133.57 -19.93
N LEU AD 98 -23.90 134.69 -20.03
CA LEU AD 98 -22.49 134.65 -20.40
C LEU AD 98 -21.67 133.89 -19.37
N LEU AD 99 -22.02 134.04 -18.09
CA LEU AD 99 -21.35 133.28 -17.05
C LEU AD 99 -21.56 131.78 -17.24
N ASN AD 100 -22.77 131.37 -17.58
CA ASN AD 100 -23.03 129.95 -17.82
C ASN AD 100 -22.26 129.45 -19.03
N GLU AD 101 -22.17 130.26 -20.07
CA GLU AD 101 -21.34 129.88 -21.22
C GLU AD 101 -19.89 129.69 -20.80
N ILE AD 102 -19.38 130.60 -19.97
CA ILE AD 102 -18.01 130.49 -19.49
C ILE AD 102 -17.82 129.21 -18.69
N ALA AD 103 -18.77 128.91 -17.81
CA ALA AD 103 -18.67 127.70 -17.00
C ALA AD 103 -18.70 126.45 -17.88
N ALA AD 104 -19.57 126.43 -18.88
CA ALA AD 104 -19.64 125.29 -19.78
C ALA AD 104 -18.32 125.10 -20.52
N PHE AD 105 -17.72 126.20 -20.99
CA PHE AD 105 -16.41 126.10 -21.62
C PHE AD 105 -15.39 125.55 -20.63
N LEU AD 106 -15.37 126.09 -19.41
CA LEU AD 106 -14.34 125.74 -18.45
C LEU AD 106 -14.46 124.30 -17.98
N LYS AD 107 -15.67 123.73 -18.07
CA LYS AD 107 -15.86 122.36 -17.63
C LYS AD 107 -15.00 121.37 -18.39
N GLN AD 108 -14.58 121.71 -19.61
CA GLN AD 108 -13.86 120.75 -20.44
C GLN AD 108 -12.45 120.50 -19.94
N PHE AD 109 -11.73 121.56 -19.59
CA PHE AD 109 -10.30 121.44 -19.32
C PHE AD 109 -10.06 120.78 -17.96
N ARG AD 110 -8.83 120.31 -17.77
CA ARG AD 110 -8.36 119.79 -16.49
C ARG AD 110 -7.31 120.74 -15.94
N LYS AD 111 -7.47 121.15 -14.68
CA LYS AD 111 -6.66 122.20 -14.10
C LYS AD 111 -6.39 121.89 -12.64
N ILE AD 112 -5.61 122.77 -12.01
CA ILE AD 112 -5.23 122.63 -10.61
C ILE AD 112 -5.60 123.89 -9.84
N ALA AD 113 -5.14 125.04 -10.34
CA ALA AD 113 -5.34 126.32 -9.68
C ALA AD 113 -5.68 127.37 -10.72
N ILE AD 114 -6.62 128.25 -10.36
CA ILE AD 114 -7.06 129.33 -11.22
C ILE AD 114 -6.80 130.65 -10.50
N THR AD 115 -6.63 131.71 -11.28
CA THR AD 115 -6.44 133.04 -10.72
C THR AD 115 -7.39 134.01 -11.41
N VAL AD 116 -8.07 134.82 -10.63
CA VAL AD 116 -8.92 135.88 -11.15
C VAL AD 116 -8.46 137.20 -10.56
N THR AD 117 -8.15 138.16 -11.43
CA THR AD 117 -7.71 139.47 -11.00
C THR AD 117 -8.54 140.54 -11.68
N SER AD 118 -8.92 141.54 -10.90
CA SER AD 118 -9.75 142.65 -11.37
C SER AD 118 -8.92 143.92 -11.47
N TYR AD 119 -9.05 144.64 -12.59
CA TYR AD 119 -8.38 145.90 -12.80
C TYR AD 119 -9.42 146.98 -13.07
N SER AD 120 -9.26 148.14 -12.43
CA SER AD 120 -10.20 149.23 -12.59
C SER AD 120 -9.49 150.52 -12.97
N SER AD 121 -10.22 151.64 -12.95
CA SER AD 121 -9.67 152.96 -13.21
C SER AD 121 -9.61 153.74 -11.89
N LYS AD 122 -9.20 155.00 -11.98
CA LYS AD 122 -9.15 155.90 -10.83
C LYS AD 122 -10.42 156.73 -10.80
N TYR AD 123 -11.20 156.60 -9.73
CA TYR AD 123 -12.49 157.28 -9.63
C TYR AD 123 -12.54 158.31 -8.51
N VAL AD 124 -12.29 157.91 -7.26
CA VAL AD 124 -12.34 158.85 -6.16
C VAL AD 124 -11.06 158.77 -5.34
N SER AD 125 -10.70 157.56 -4.93
CA SER AD 125 -9.58 157.34 -4.02
C SER AD 125 -8.82 156.13 -4.53
N VAL AD 126 -8.03 155.51 -3.66
CA VAL AD 126 -7.41 154.23 -3.95
C VAL AD 126 -8.19 153.08 -3.31
N LYS AD 127 -8.58 153.25 -2.04
CA LYS AD 127 -9.30 152.21 -1.34
C LYS AD 127 -10.64 151.91 -1.99
N ARG AD 128 -11.30 152.93 -2.55
CA ARG AD 128 -12.62 152.73 -3.13
C ARG AD 128 -12.57 151.70 -4.24
N GLU AD 129 -11.69 151.90 -5.22
CA GLU AD 129 -11.64 150.95 -6.31
C GLU AD 129 -10.96 149.66 -5.91
N ARG AD 130 -10.05 149.69 -4.94
CA ARG AD 130 -9.50 148.42 -4.46
C ARG AD 130 -10.59 147.55 -3.89
N ALA AD 131 -11.46 148.13 -3.06
CA ALA AD 131 -12.58 147.38 -2.51
C ALA AD 131 -13.55 146.95 -3.60
N LEU AD 132 -13.81 147.82 -4.58
CA LEU AD 132 -14.73 147.45 -5.65
C LEU AD 132 -14.20 146.25 -6.43
N THR AD 133 -12.92 146.27 -6.78
CA THR AD 133 -12.31 145.15 -7.47
C THR AD 133 -12.36 143.89 -6.62
N LEU AD 134 -12.09 144.03 -5.32
CA LEU AD 134 -12.13 142.86 -4.44
C LEU AD 134 -13.53 142.26 -4.41
N ALA AD 135 -14.55 143.10 -4.30
CA ALA AD 135 -15.92 142.61 -4.26
C ALA AD 135 -16.29 141.92 -5.57
N ARG AD 136 -15.90 142.52 -6.71
CA ARG AD 136 -16.20 141.91 -7.99
C ARG AD 136 -15.54 140.54 -8.10
N SER AD 137 -14.29 140.44 -7.67
CA SER AD 137 -13.59 139.15 -7.68
C SER AD 137 -14.30 138.15 -6.78
N ARG AD 138 -14.74 138.59 -5.59
CA ARG AD 138 -15.46 137.70 -4.70
C ARG AD 138 -16.71 137.16 -5.37
N VAL AD 139 -17.47 138.04 -6.02
CA VAL AD 139 -18.73 137.63 -6.63
C VAL AD 139 -18.49 136.62 -7.75
N VAL AD 140 -17.55 136.94 -8.65
CA VAL AD 140 -17.32 136.05 -9.77
C VAL AD 140 -16.78 134.71 -9.28
N SER AD 141 -15.86 134.73 -8.31
CA SER AD 141 -15.33 133.49 -7.77
C SER AD 141 -16.41 132.66 -7.11
N GLU AD 142 -17.30 133.32 -6.36
CA GLU AD 142 -18.39 132.61 -5.70
C GLU AD 142 -19.26 131.90 -6.73
N TYR AD 143 -19.67 132.62 -7.77
CA TYR AD 143 -20.52 131.99 -8.77
C TYR AD 143 -19.81 130.86 -9.48
N LEU AD 144 -18.53 131.06 -9.81
CA LEU AD 144 -17.79 130.00 -10.49
C LEU AD 144 -17.69 128.76 -9.62
N TRP AD 145 -17.35 128.93 -8.35
CA TRP AD 145 -17.24 127.78 -7.46
C TRP AD 145 -18.58 127.09 -7.31
N SER AD 146 -19.67 127.85 -7.23
CA SER AD 146 -20.98 127.25 -7.20
C SER AD 146 -21.24 126.44 -8.46
N GLN AD 147 -20.72 126.90 -9.59
CA GLN AD 147 -20.85 126.13 -10.82
C GLN AD 147 -19.87 124.96 -10.81
N GLY AD 148 -20.16 123.98 -11.65
CA GLY AD 148 -19.44 122.72 -11.62
C GLY AD 148 -18.08 122.73 -12.28
N VAL AD 149 -17.10 123.36 -11.63
CA VAL AD 149 -15.72 123.31 -12.08
C VAL AD 149 -14.88 122.70 -10.98
N ASP AD 150 -14.29 121.55 -11.27
CA ASP AD 150 -13.56 120.79 -10.26
C ASP AD 150 -12.14 121.31 -10.08
N SER AD 151 -12.01 122.61 -9.86
CA SER AD 151 -10.69 123.15 -9.54
C SER AD 151 -10.27 122.68 -8.15
N ARG AD 152 -8.96 122.64 -7.94
CA ARG AD 152 -8.47 122.40 -6.60
C ARG AD 152 -8.33 123.71 -5.83
N ILE AD 153 -7.88 124.77 -6.51
CA ILE AD 153 -7.67 126.07 -5.89
C ILE AD 153 -8.16 127.17 -6.82
N ILE AD 154 -8.84 128.16 -6.27
CA ILE AD 154 -9.09 129.41 -6.99
C ILE AD 154 -8.66 130.57 -6.10
N PHE AD 155 -7.80 131.43 -6.64
CA PHE AD 155 -7.32 132.64 -6.00
C PHE AD 155 -7.97 133.84 -6.66
N THR AD 156 -8.37 134.82 -5.84
CA THR AD 156 -9.05 136.01 -6.33
C THR AD 156 -8.43 137.25 -5.72
N GLN AD 157 -8.21 138.26 -6.56
CA GLN AD 157 -7.71 139.53 -6.07
C GLN AD 157 -8.04 140.65 -7.05
N GLY AD 158 -8.02 141.86 -6.53
CA GLY AD 158 -8.24 143.04 -7.35
C GLY AD 158 -7.21 144.09 -7.03
N LEU AD 159 -6.75 144.79 -8.07
CA LEU AD 159 -5.71 145.78 -7.91
C LEU AD 159 -6.15 147.19 -8.30
N GLY AD 160 -7.36 147.35 -8.82
CA GLY AD 160 -7.83 148.67 -9.17
C GLY AD 160 -7.13 149.26 -10.36
N SER AD 161 -6.36 150.33 -10.14
CA SER AD 161 -5.72 151.05 -11.24
C SER AD 161 -4.21 151.05 -11.09
N ASP AD 162 -3.63 149.89 -10.80
CA ASP AD 162 -2.19 149.79 -10.59
C ASP AD 162 -1.42 149.36 -11.84
N LYS AD 163 -2.04 148.60 -12.74
CA LYS AD 163 -1.39 148.14 -13.96
C LYS AD 163 -2.29 148.38 -15.16
N PRO AD 164 -2.49 149.63 -15.54
CA PRO AD 164 -3.29 149.92 -16.74
C PRO AD 164 -2.57 149.45 -18.00
N ILE AD 165 -3.34 149.23 -19.06
CA ILE AD 165 -2.80 148.69 -20.29
C ILE AD 165 -3.16 149.56 -21.48
N THR AD 166 -3.46 150.83 -21.22
CA THR AD 166 -3.82 151.74 -22.31
C THR AD 166 -3.55 153.17 -21.86
N SER AD 167 -2.68 153.87 -22.59
CA SER AD 167 -2.42 155.27 -22.28
C SER AD 167 -3.66 156.13 -22.48
N TYR AD 168 -4.59 155.71 -23.33
CA TYR AD 168 -5.82 156.45 -23.55
C TYR AD 168 -6.69 156.34 -22.30
N THR AD 169 -6.74 157.43 -21.52
CA THR AD 169 -7.43 157.43 -20.24
C THR AD 169 -8.66 158.33 -20.23
N LEU AD 170 -9.44 158.30 -21.32
CA LEU AD 170 -10.65 159.14 -21.38
C LEU AD 170 -11.80 158.52 -20.59
N GLY AD 171 -12.18 157.29 -20.95
CA GLY AD 171 -13.33 156.68 -20.33
C GLY AD 171 -13.03 156.16 -18.93
N GLY AD 172 -14.11 155.88 -18.20
CA GLY AD 172 -14.01 155.28 -16.89
C GLY AD 172 -14.24 153.78 -16.94
N ASP AD 173 -15.44 153.36 -16.53
CA ASP AD 173 -15.82 151.97 -16.75
C ASP AD 173 -15.87 151.64 -18.24
N ARG AD 174 -16.18 152.63 -19.07
CA ARG AD 174 -16.16 152.43 -20.51
C ARG AD 174 -14.75 152.19 -21.03
N SER AD 175 -13.73 152.62 -20.31
CA SER AD 175 -12.37 152.46 -20.77
C SER AD 175 -12.01 150.97 -20.83
N PRO AD 176 -11.47 150.48 -21.96
CA PRO AD 176 -11.12 149.06 -22.03
C PRO AD 176 -10.03 148.65 -21.07
N ASN AD 177 -9.22 149.59 -20.57
CA ASN AD 177 -8.12 149.22 -19.68
C ASN AD 177 -8.61 148.68 -18.34
N ALA AD 178 -9.89 148.87 -18.01
CA ALA AD 178 -10.47 148.32 -16.79
C ALA AD 178 -11.34 147.12 -17.16
N ARG AD 179 -11.05 145.99 -16.55
CA ARG AD 179 -11.70 144.72 -16.93
C ARG AD 179 -11.38 143.70 -15.84
N VAL AD 180 -11.68 142.43 -16.13
CA VAL AD 180 -11.26 141.33 -15.29
C VAL AD 180 -10.59 140.29 -16.16
N GLU AD 181 -9.67 139.53 -15.56
CA GLU AD 181 -9.00 138.46 -16.30
C GLU AD 181 -8.85 137.24 -15.42
N ILE AD 182 -8.94 136.07 -16.05
CA ILE AD 182 -8.79 134.78 -15.40
C ILE AD 182 -7.69 134.02 -16.10
N THR AD 183 -6.72 133.54 -15.34
CA THR AD 183 -5.55 132.85 -15.87
C THR AD 183 -5.40 131.48 -15.23
N PHE AD 184 -4.84 130.56 -16.00
CA PHE AD 184 -4.54 129.23 -15.47
C PHE AD 184 -3.53 128.56 -16.40
N ARG AD 185 -3.11 127.35 -16.00
CA ARG AD 185 -2.24 126.52 -16.81
C ARG AD 185 -2.78 125.10 -16.81
N ARG AD 186 -3.16 124.62 -17.99
CA ARG AD 186 -3.59 123.23 -18.12
C ARG AD 186 -2.42 122.30 -17.85
N ALA AD 187 -2.71 121.19 -17.17
CA ALA AD 187 -1.67 120.27 -16.72
C ALA AD 187 -1.92 118.88 -17.30
N VAL AD 188 -0.97 118.40 -18.11
CA VAL AD 188 -0.97 117.04 -18.63
C VAL AD 188 -2.29 116.68 -19.32
N CYS BD 42 -39.59 145.92 -19.15
CA CYS BD 42 -40.79 146.27 -18.40
C CYS BD 42 -40.68 145.79 -16.95
N PHE BD 43 -39.64 145.02 -16.66
CA PHE BD 43 -39.48 144.44 -15.33
C PHE BD 43 -38.02 144.04 -15.14
N HIS BD 44 -37.61 144.00 -13.88
CA HIS BD 44 -36.26 143.57 -13.53
C HIS BD 44 -36.36 142.41 -12.55
N PRO BD 45 -35.75 141.27 -12.86
CA PRO BD 45 -35.84 140.10 -11.98
C PRO BD 45 -35.37 140.41 -10.57
N PRO BD 46 -34.31 141.22 -10.39
CA PRO BD 46 -33.98 141.55 -8.99
C PRO BD 46 -34.96 142.52 -8.35
N TYR BD 47 -36.12 141.99 -7.96
CA TYR BD 47 -37.15 142.71 -7.22
C TYR BD 47 -37.59 143.98 -7.93
N ASN BD 48 -37.39 144.06 -9.24
CA ASN BD 48 -37.78 145.21 -10.05
C ASN BD 48 -37.19 146.51 -9.51
N ASN BD 49 -35.98 146.42 -8.96
CA ASN BD 49 -35.27 147.58 -8.43
C ASN BD 49 -36.06 148.31 -7.35
N PHE BD 50 -36.92 147.57 -6.64
CA PHE BD 50 -37.72 148.12 -5.56
C PHE BD 50 -38.63 149.25 -6.06
N GLN BD 51 -39.50 148.91 -6.99
CA GLN BD 51 -40.41 149.88 -7.58
C GLN BD 51 -41.83 149.34 -7.59
N PRO BD 52 -42.82 150.21 -7.39
CA PRO BD 52 -44.21 149.78 -7.52
C PRO BD 52 -44.56 149.53 -8.97
N ASP BD 53 -44.69 148.25 -9.35
CA ASP BD 53 -44.85 147.89 -10.74
C ASP BD 53 -46.22 148.32 -11.27
N ARG BD 54 -46.25 148.67 -12.55
CA ARG BD 54 -47.50 148.89 -13.27
C ARG BD 54 -47.88 147.57 -13.91
N ARG BD 55 -48.76 146.83 -13.25
CA ARG BD 55 -49.13 145.49 -13.68
C ARG BD 55 -50.39 145.46 -14.52
N ALA BD 56 -51.42 146.21 -14.11
CA ALA BD 56 -52.68 146.21 -14.84
C ALA BD 56 -52.52 146.77 -16.25
N VAL BD 57 -51.50 147.61 -16.46
CA VAL BD 57 -51.28 148.15 -17.79
C VAL BD 57 -50.87 147.04 -18.75
N LYS BD 58 -50.12 146.05 -18.26
CA LYS BD 58 -49.76 144.92 -19.10
C LYS BD 58 -51.01 144.14 -19.53
N ARG BD 59 -51.94 143.94 -18.59
CA ARG BD 59 -53.15 143.20 -18.92
C ARG BD 59 -54.02 143.98 -19.90
N VAL BD 60 -54.17 145.29 -19.70
CA VAL BD 60 -54.99 146.06 -20.62
C VAL BD 60 -54.34 146.12 -22.00
N GLY BD 61 -53.01 146.17 -22.05
CA GLY BD 61 -52.33 146.14 -23.34
C GLY BD 61 -52.51 144.81 -24.06
N VAL BD 62 -52.37 143.70 -23.33
CA VAL BD 62 -52.52 142.40 -23.96
C VAL BD 62 -53.97 142.17 -24.39
N ASP BD 63 -54.94 142.74 -23.67
CA ASP BD 63 -56.33 142.59 -24.08
C ASP BD 63 -56.67 143.48 -25.26
N THR BD 64 -56.07 144.67 -25.35
CA THR BD 64 -56.28 145.53 -26.52
C THR BD 64 -55.57 145.02 -27.75
N GLY BD 65 -54.47 144.28 -27.59
CA GLY BD 65 -53.73 143.74 -28.71
C GLY BD 65 -54.47 142.64 -29.46
N GLY BD 88 -60.27 144.54 -25.48
CA GLY BD 88 -61.43 144.70 -24.62
C GLY BD 88 -61.07 145.28 -23.26
N GLY BD 89 -61.45 146.54 -23.05
CA GLY BD 89 -61.11 147.21 -21.80
C GLY BD 89 -61.74 146.55 -20.59
N THR BD 90 -63.03 146.23 -20.68
CA THR BD 90 -63.73 145.64 -19.54
C THR BD 90 -63.18 144.27 -19.20
N VAL BD 91 -62.97 143.42 -20.21
CA VAL BD 91 -62.44 142.09 -19.94
C VAL BD 91 -61.02 142.18 -19.39
N GLY BD 92 -60.21 143.09 -19.93
CA GLY BD 92 -58.89 143.28 -19.38
C GLY BD 92 -58.91 143.72 -17.93
N LEU BD 93 -59.80 144.65 -17.59
CA LEU BD 93 -59.89 145.14 -16.23
C LEU BD 93 -60.37 144.05 -15.27
N VAL BD 94 -61.37 143.27 -15.67
CA VAL BD 94 -61.85 142.22 -14.78
C VAL BD 94 -60.80 141.12 -14.64
N ALA BD 95 -60.07 140.82 -15.71
CA ALA BD 95 -58.98 139.87 -15.59
C ALA BD 95 -57.92 140.37 -14.61
N SER BD 96 -57.57 141.65 -14.70
CA SER BD 96 -56.57 142.21 -13.79
C SER BD 96 -57.04 142.16 -12.34
N ILE BD 97 -58.31 142.51 -12.09
CA ILE BD 97 -58.79 142.54 -10.72
C ILE BD 97 -58.90 141.11 -10.17
N TYR BD 98 -59.30 140.15 -10.99
CA TYR BD 98 -59.34 138.77 -10.51
C TYR BD 98 -57.94 138.19 -10.33
N ARG BD 99 -56.96 138.70 -11.09
CA ARG BD 99 -55.58 138.26 -10.92
C ARG BD 99 -54.98 138.80 -9.63
N ASP BD 100 -55.21 140.08 -9.33
CA ASP BD 100 -54.63 140.70 -8.14
C ASP BD 100 -55.54 140.60 -6.93
N SER BD 101 -56.67 139.92 -7.05
CA SER BD 101 -57.55 139.74 -5.90
C SER BD 101 -56.82 138.98 -4.80
N LYS BD 102 -57.14 139.33 -3.55
CA LYS BD 102 -56.47 138.71 -2.41
C LYS BD 102 -56.60 137.19 -2.46
N ARG BD 103 -57.77 136.69 -2.85
CA ARG BD 103 -57.94 135.24 -2.96
C ARG BD 103 -56.99 134.65 -3.98
N LYS BD 104 -56.83 135.30 -5.13
CA LYS BD 104 -55.90 134.80 -6.14
C LYS BD 104 -54.47 134.83 -5.62
N ILE BD 105 -54.13 135.86 -4.84
CA ILE BD 105 -52.79 135.94 -4.26
C ILE BD 105 -52.56 134.77 -3.31
N ILE BD 106 -53.54 134.48 -2.46
CA ILE BD 106 -53.39 133.38 -1.51
C ILE BD 106 -53.28 132.06 -2.26
N ARG BD 107 -54.07 131.89 -3.32
CA ARG BD 107 -53.96 130.65 -4.10
C ARG BD 107 -52.61 130.55 -4.79
N ASP BD 108 -52.06 131.67 -5.24
CA ASP BD 108 -50.71 131.66 -5.80
C ASP BD 108 -49.68 131.25 -4.75
N LEU BD 109 -49.83 131.75 -3.53
CA LEU BD 109 -48.96 131.31 -2.45
C LEU BD 109 -49.10 129.82 -2.19
N GLN BD 110 -50.33 129.31 -2.25
CA GLN BD 110 -50.56 127.89 -2.08
C GLN BD 110 -49.88 127.10 -3.19
N LYS BD 111 -49.93 127.60 -4.42
CA LYS BD 111 -49.18 126.99 -5.51
C LYS BD 111 -47.69 126.99 -5.20
N GLN BD 112 -47.18 128.09 -4.67
CA GLN BD 112 -45.82 128.12 -4.16
C GLN BD 112 -45.73 127.30 -2.88
N ASP BD 113 -44.51 127.17 -2.39
CA ASP BD 113 -44.24 126.35 -1.21
C ASP BD 113 -44.28 127.16 0.07
N ILE BD 114 -45.36 127.90 0.29
CA ILE BD 114 -45.49 128.78 1.44
C ILE BD 114 -46.86 128.57 2.08
N GLN BD 115 -46.90 128.49 3.40
CA GLN BD 115 -48.14 128.23 4.12
C GLN BD 115 -48.71 129.54 4.66
N TYR BD 116 -50.04 129.66 4.61
CA TYR BD 116 -50.74 130.83 5.11
C TYR BD 116 -51.81 130.40 6.10
N VAL BD 117 -51.94 131.15 7.20
CA VAL BD 117 -52.95 130.87 8.21
C VAL BD 117 -53.61 132.18 8.63
N GLU BD 118 -54.94 132.18 8.64
CA GLU BD 118 -55.72 133.30 9.17
C GLU BD 118 -56.67 132.78 10.23
N TYR BD 119 -56.59 133.34 11.43
CA TYR BD 119 -57.44 132.92 12.54
C TYR BD 119 -57.78 134.13 13.37
N GLY BD 120 -59.06 134.44 13.47
CA GLY BD 120 -59.48 135.60 14.25
C GLY BD 120 -58.90 136.87 13.68
N ASP BD 121 -58.28 137.65 14.55
CA ASP BD 121 -57.66 138.91 14.18
C ASP BD 121 -56.17 138.80 13.87
N THR BD 122 -55.62 137.59 13.91
CA THR BD 122 -54.20 137.37 13.70
C THR BD 122 -53.97 136.64 12.39
N ARG BD 123 -52.88 136.98 11.70
CA ARG BD 123 -52.54 136.29 10.46
C ARG BD 123 -51.05 135.97 10.44
N THR BD 124 -50.74 134.74 10.00
CA THR BD 124 -49.38 134.23 10.03
C THR BD 124 -49.01 133.59 8.70
N LEU BD 125 -47.72 133.62 8.40
CA LEU BD 125 -47.14 133.02 7.20
C LEU BD 125 -45.98 132.12 7.62
N ILE BD 126 -45.79 131.05 6.86
CA ILE BD 126 -44.74 130.08 7.10
C ILE BD 126 -43.94 129.91 5.82
N ILE BD 127 -42.62 130.08 5.93
CA ILE BD 127 -41.72 130.09 4.79
C ILE BD 127 -40.70 128.96 4.95
N PRO BD 128 -40.40 128.22 3.89
CA PRO BD 128 -39.42 127.12 3.97
C PRO BD 128 -38.00 127.64 3.89
N THR BD 129 -37.27 127.54 5.00
CA THR BD 129 -35.89 128.01 5.04
C THR BD 129 -35.03 127.27 4.02
N ASP BD 130 -35.20 125.95 3.91
CA ASP BD 130 -34.37 125.17 3.01
C ASP BD 130 -34.58 125.60 1.56
N LYS BD 131 -35.83 125.81 1.16
CA LYS BD 131 -36.08 126.19 -0.22
C LYS BD 131 -35.64 127.62 -0.50
N TYR BD 132 -35.81 128.53 0.46
CA TYR BD 132 -35.59 129.94 0.20
C TYR BD 132 -34.22 130.43 0.68
N PHE BD 133 -33.35 129.52 1.10
CA PHE BD 133 -31.97 129.88 1.40
C PHE BD 133 -31.05 128.75 0.96
N MET BD 134 -29.83 129.12 0.60
CA MET BD 134 -28.82 128.10 0.35
C MET BD 134 -28.44 127.43 1.66
N PHE BD 135 -27.80 126.27 1.55
CA PHE BD 135 -27.47 125.49 2.72
C PHE BD 135 -26.59 126.29 3.68
N SER BD 136 -27.09 126.47 4.90
CA SER BD 136 -26.37 127.17 5.97
C SER BD 136 -25.92 128.55 5.51
N SER BD 137 -26.76 129.21 4.72
CA SER BD 137 -26.40 130.49 4.13
C SER BD 137 -27.19 131.61 4.79
N PRO BD 138 -26.53 132.54 5.50
CA PRO BD 138 -27.23 133.76 5.91
C PRO BD 138 -27.69 134.60 4.73
N ARG BD 139 -27.11 134.40 3.56
CA ARG BD 139 -27.57 135.10 2.35
C ARG BD 139 -28.91 134.53 1.90
N LEU BD 140 -29.37 135.00 0.75
CA LEU BD 140 -30.72 134.72 0.29
C LEU BD 140 -30.71 134.30 -1.18
N ASN BD 141 -31.46 133.24 -1.48
CA ASN BD 141 -31.68 132.87 -2.87
C ASN BD 141 -32.47 133.94 -3.60
N GLU BD 142 -32.21 134.09 -4.89
CA GLU BD 142 -32.89 135.07 -5.70
C GLU BD 142 -33.97 134.49 -6.61
N ILE BD 143 -33.97 133.18 -6.82
CA ILE BD 143 -34.94 132.56 -7.71
C ILE BD 143 -36.36 132.70 -7.18
N CYS BD 144 -36.52 132.85 -5.87
CA CYS BD 144 -37.82 132.96 -5.24
C CYS BD 144 -38.43 134.36 -5.36
N TYR BD 145 -37.91 135.18 -6.27
CA TYR BD 145 -38.44 136.54 -6.44
C TYR BD 145 -39.94 136.59 -6.74
N PRO BD 146 -40.53 135.71 -7.56
CA PRO BD 146 -41.99 135.78 -7.70
C PRO BD 146 -42.70 135.61 -6.37
N GLY BD 147 -42.22 134.67 -5.56
CA GLY BD 147 -42.80 134.50 -4.23
C GLY BD 147 -42.64 135.73 -3.37
N LEU BD 148 -41.46 136.37 -3.44
CA LEU BD 148 -41.24 137.56 -2.65
C LEU BD 148 -42.17 138.68 -3.06
N ASN BD 149 -42.37 138.86 -4.37
CA ASN BD 149 -43.29 139.88 -4.86
C ASN BD 149 -44.72 139.59 -4.42
N ASN BD 150 -45.11 138.32 -4.49
CA ASN BD 150 -46.44 137.94 -3.99
C ASN BD 150 -46.57 138.26 -2.52
N VAL BD 151 -45.54 137.97 -1.74
CA VAL BD 151 -45.56 138.25 -0.30
C VAL BD 151 -45.74 139.74 -0.06
N ILE BD 152 -45.00 140.57 -0.78
CA ILE BD 152 -45.09 142.01 -0.58
C ILE BD 152 -46.46 142.52 -0.96
N ARG BD 153 -46.98 142.06 -2.11
CA ARG BD 153 -48.30 142.48 -2.54
C ARG BD 153 -49.36 142.13 -1.51
N LEU BD 154 -49.32 140.89 -1.00
CA LEU BD 154 -50.30 140.47 -0.01
C LEU BD 154 -50.15 141.26 1.28
N LEU BD 155 -48.92 141.46 1.74
CA LEU BD 155 -48.68 142.14 3.01
C LEU BD 155 -49.04 143.62 2.95
N ASN BD 156 -49.05 144.21 1.76
CA ASN BD 156 -49.38 145.63 1.64
C ASN BD 156 -50.76 145.95 2.19
N PHE BD 157 -51.69 144.99 2.18
CA PHE BD 157 -53.08 145.27 2.52
C PHE BD 157 -53.29 145.64 3.99
N TYR BD 158 -52.29 145.49 4.85
CA TYR BD 158 -52.45 145.72 6.27
C TYR BD 158 -51.40 146.72 6.73
N PRO BD 159 -51.58 147.99 6.39
CA PRO BD 159 -50.54 148.99 6.68
C PRO BD 159 -50.54 149.44 8.13
N GLN BD 160 -51.26 148.74 9.00
CA GLN BD 160 -51.40 149.14 10.39
C GLN BD 160 -50.93 148.09 11.39
N SER BD 161 -50.84 146.84 11.00
CA SER BD 161 -50.51 145.77 11.94
C SER BD 161 -49.03 145.78 12.29
N THR BD 162 -48.73 145.52 13.56
CA THR BD 162 -47.37 145.27 14.00
C THR BD 162 -46.90 143.92 13.48
N ILE BD 163 -45.61 143.81 13.21
CA ILE BD 163 -45.05 142.64 12.55
C ILE BD 163 -44.05 141.97 13.47
N TYR BD 164 -44.13 140.64 13.56
CA TYR BD 164 -43.14 139.85 14.28
C TYR BD 164 -42.60 138.77 13.36
N VAL BD 165 -41.28 138.64 13.31
CA VAL BD 165 -40.62 137.64 12.49
C VAL BD 165 -39.82 136.72 13.39
N ALA BD 166 -39.85 135.42 13.08
CA ALA BD 166 -39.22 134.42 13.93
C ALA BD 166 -38.60 133.34 13.06
N GLY BD 167 -37.48 132.82 13.52
CA GLY BD 167 -36.75 131.78 12.82
C GLY BD 167 -36.66 130.52 13.64
N PHE BD 168 -36.74 129.37 12.96
CA PHE BD 168 -36.70 128.08 13.65
C PHE BD 168 -35.87 127.09 12.85
N THR BD 169 -35.07 126.31 13.56
CA THR BD 169 -34.18 125.31 12.96
C THR BD 169 -34.49 123.94 13.55
N ASP BD 170 -33.67 122.96 13.19
CA ASP BD 170 -33.80 121.60 13.69
C ASP BD 170 -32.96 121.44 14.95
N ASN BD 171 -32.79 120.21 15.41
CA ASN BD 171 -32.20 119.92 16.71
C ASN BD 171 -30.83 119.25 16.60
N VAL BD 172 -29.98 119.77 15.72
CA VAL BD 172 -28.65 119.22 15.50
C VAL BD 172 -27.64 120.35 15.50
N GLY BD 173 -26.55 120.17 16.24
CA GLY BD 173 -25.48 121.15 16.29
C GLY BD 173 -25.48 121.92 17.60
N SER BD 174 -24.58 122.90 17.65
CA SER BD 174 -24.43 123.71 18.86
C SER BD 174 -25.65 124.59 19.10
N ARG BD 175 -26.03 124.70 20.37
CA ARG BD 175 -27.16 125.56 20.74
C ARG BD 175 -26.87 127.01 20.37
N SER BD 176 -25.67 127.49 20.71
CA SER BD 176 -25.30 128.86 20.34
C SER BD 176 -25.28 129.02 18.83
N HIS BD 177 -24.82 127.99 18.11
CA HIS BD 177 -24.82 128.05 16.66
C HIS BD 177 -26.23 128.19 16.11
N LYS BD 178 -27.17 127.40 16.63
CA LYS BD 178 -28.55 127.52 16.20
C LYS BD 178 -29.08 128.91 16.48
N ARG BD 179 -28.80 129.43 17.67
CA ARG BD 179 -29.27 130.75 18.04
C ARG BD 179 -28.76 131.80 17.06
N LYS BD 180 -27.46 131.80 16.81
CA LYS BD 180 -26.88 132.81 15.94
C LYS BD 180 -27.42 132.69 14.52
N LEU BD 181 -27.53 131.46 14.00
CA LEU BD 181 -28.02 131.28 12.64
C LEU BD 181 -29.45 131.77 12.50
N SER BD 182 -30.31 131.41 13.45
CA SER BD 182 -31.70 131.85 13.40
C SER BD 182 -31.79 133.37 13.50
N GLN BD 183 -31.00 133.97 14.39
CA GLN BD 183 -31.00 135.41 14.53
C GLN BD 183 -30.61 136.08 13.22
N ALA BD 184 -29.56 135.57 12.58
CA ALA BD 184 -29.11 136.16 11.32
C ALA BD 184 -30.17 136.03 10.24
N GLN BD 185 -30.80 134.85 10.16
CA GLN BD 185 -31.83 134.65 9.14
C GLN BD 185 -32.99 135.62 9.34
N ALA BD 186 -33.45 135.74 10.59
CA ALA BD 186 -34.55 136.65 10.87
C ALA BD 186 -34.15 138.10 10.59
N GLU BD 187 -32.91 138.46 10.93
CA GLU BD 187 -32.44 139.80 10.64
C GLU BD 187 -32.46 140.08 9.15
N THR BD 188 -32.03 139.11 8.35
CA THR BD 188 -32.05 139.29 6.91
C THR BD 188 -33.47 139.50 6.40
N MET BD 189 -34.40 138.66 6.85
CA MET BD 189 -35.78 138.79 6.40
C MET BD 189 -36.36 140.15 6.79
N MET BD 190 -36.13 140.55 8.04
CA MET BD 190 -36.66 141.82 8.53
C MET BD 190 -36.04 142.99 7.78
N THR BD 191 -34.75 142.91 7.49
CA THR BD 191 -34.09 143.96 6.73
C THR BD 191 -34.67 144.07 5.33
N PHE BD 192 -34.91 142.93 4.68
CA PHE BD 192 -35.54 142.97 3.36
C PHE BD 192 -36.90 143.64 3.43
N LEU BD 193 -37.71 143.26 4.43
CA LEU BD 193 -39.02 143.86 4.57
C LEU BD 193 -38.91 145.37 4.80
N TRP BD 194 -37.96 145.79 5.64
CA TRP BD 194 -37.77 147.21 5.92
C TRP BD 194 -37.41 147.96 4.64
N ALA BD 195 -36.46 147.43 3.89
CA ALA BD 195 -36.09 148.05 2.62
C ALA BD 195 -37.25 148.07 1.64
N ASN BD 196 -38.20 147.15 1.79
CA ASN BD 196 -39.38 147.19 0.93
C ASN BD 196 -40.24 148.43 1.17
N GLY BD 197 -40.00 149.18 2.23
CA GLY BD 197 -40.73 150.42 2.43
C GLY BD 197 -41.60 150.46 3.66
N ILE BD 198 -41.17 149.78 4.73
CA ILE BD 198 -41.92 149.72 5.98
C ILE BD 198 -41.08 150.33 7.08
N ALA BD 199 -41.66 151.28 7.81
CA ALA BD 199 -40.94 151.93 8.90
C ALA BD 199 -40.59 150.92 9.98
N ALA BD 200 -39.35 150.99 10.46
CA ALA BD 200 -38.81 150.00 11.38
C ALA BD 200 -39.56 149.91 12.69
N LYS BD 201 -40.33 150.94 13.06
CA LYS BD 201 -41.07 150.90 14.31
C LYS BD 201 -42.09 149.77 14.34
N ARG BD 202 -42.46 149.22 13.19
CA ARG BD 202 -43.47 148.18 13.11
C ARG BD 202 -42.89 146.78 13.02
N LEU BD 203 -41.59 146.63 13.24
CA LEU BD 203 -40.92 145.35 12.99
C LEU BD 203 -40.15 144.89 14.21
N LYS BD 204 -40.10 143.57 14.39
CA LYS BD 204 -39.38 142.94 15.48
C LYS BD 204 -38.85 141.59 15.00
N ALA BD 205 -37.74 141.16 15.57
CA ALA BD 205 -37.04 139.96 15.13
C ALA BD 205 -36.79 139.02 16.30
N GLU BD 206 -36.89 137.72 16.03
CA GLU BD 206 -36.51 136.72 17.02
C GLU BD 206 -36.18 135.42 16.32
N GLY BD 207 -35.02 134.86 16.62
CA GLY BD 207 -34.67 133.56 16.08
C GLY BD 207 -34.39 132.55 17.16
N TYR BD 208 -35.27 131.56 17.30
CA TYR BD 208 -35.08 130.52 18.29
C TYR BD 208 -34.32 129.36 17.66
N GLY BD 209 -33.98 128.37 18.48
CA GLY BD 209 -33.31 127.20 17.96
C GLY BD 209 -34.30 126.08 17.71
N ASP BD 210 -34.31 125.10 18.60
CA ASP BD 210 -35.29 124.01 18.59
C ASP BD 210 -36.18 124.08 19.82
N LYS BD 211 -36.51 125.30 20.26
CA LYS BD 211 -37.24 125.47 21.50
C LYS BD 211 -38.63 124.88 21.42
N ASN BD 212 -39.31 125.05 20.28
CA ASN BD 212 -40.69 124.59 20.15
C ASN BD 212 -40.90 124.16 18.69
N ALA BD 213 -40.74 122.87 18.45
CA ALA BD 213 -40.99 122.34 17.12
C ALA BD 213 -42.49 122.26 16.86
N ILE BD 214 -42.83 121.97 15.62
CA ILE BD 214 -44.21 121.72 15.22
C ILE BD 214 -44.42 120.27 14.81
N SER BD 215 -43.38 119.44 14.92
CA SER BD 215 -43.48 118.03 14.58
C SER BD 215 -42.34 117.30 15.26
N ASP BD 216 -42.22 116.01 15.00
CA ASP BD 216 -41.15 115.21 15.58
C ASP BD 216 -39.81 115.57 14.96
N ASN BD 217 -38.74 115.27 15.70
CA ASN BD 217 -37.39 115.50 15.23
C ASN BD 217 -36.64 114.23 14.89
N ALA BD 218 -37.02 113.10 15.48
CA ALA BD 218 -36.33 111.84 15.21
C ALA BD 218 -36.62 111.29 13.82
N ILE BD 219 -37.66 111.78 13.15
CA ILE BD 219 -38.03 111.31 11.82
C ILE BD 219 -37.52 112.33 10.80
N ILE BD 220 -37.10 111.81 9.65
CA ILE BD 220 -36.41 112.65 8.66
C ILE BD 220 -37.34 113.74 8.14
N HIS BD 221 -38.47 113.33 7.59
CA HIS BD 221 -39.35 114.31 6.96
C HIS BD 221 -39.90 115.30 7.97
N GLY BD 222 -40.30 114.82 9.15
CA GLY BD 222 -40.79 115.72 10.17
C GLY BD 222 -39.74 116.72 10.61
N SER BD 223 -38.50 116.25 10.82
CA SER BD 223 -37.43 117.15 11.22
C SER BD 223 -37.18 118.19 10.13
N ALA BD 224 -37.21 117.77 8.87
CA ALA BD 224 -37.03 118.74 7.79
C ALA BD 224 -38.15 119.76 7.78
N GLN BD 225 -39.39 119.32 7.97
CA GLN BD 225 -40.52 120.24 8.02
C GLN BD 225 -40.41 121.20 9.19
N ASN BD 226 -39.73 120.78 10.26
CA ASN BD 226 -39.72 121.56 11.49
C ASN BD 226 -39.18 122.97 11.28
N ARG BD 227 -37.99 123.08 10.67
CA ARG BD 227 -37.39 124.39 10.51
C ARG BD 227 -38.24 125.27 9.61
N ARG BD 228 -38.31 126.56 9.93
CA ARG BD 228 -39.31 127.41 9.30
C ARG BD 228 -39.01 128.87 9.56
N ILE BD 229 -39.68 129.73 8.78
CA ILE BD 229 -39.73 131.17 9.03
C ILE BD 229 -41.18 131.51 9.33
N GLU BD 230 -41.41 132.11 10.50
CA GLU BD 230 -42.75 132.42 10.99
C GLU BD 230 -42.95 133.92 10.97
N ILE BD 231 -44.07 134.36 10.39
CA ILE BD 231 -44.43 135.77 10.31
C ILE BD 231 -45.79 135.93 10.96
N GLN BD 232 -45.86 136.68 12.04
CA GLN BD 232 -47.11 136.96 12.73
C GLN BD 232 -47.46 138.44 12.62
N TRP BD 233 -48.75 138.74 12.46
CA TRP BD 233 -49.19 140.10 12.67
C TRP BD 233 -50.60 140.12 13.24
N PHE BD 234 -50.81 141.01 14.19
CA PHE BD 234 -52.10 141.22 14.83
C PHE BD 234 -52.97 142.09 13.93
N THR BD 235 -54.05 142.62 14.48
CA THR BD 235 -54.91 143.57 13.77
C THR BD 235 -54.80 144.97 14.33
N SER BD 236 -55.02 145.14 15.63
CA SER BD 236 -54.96 146.45 16.26
C SER BD 236 -54.72 146.33 17.75
N LEU CD 113 -32.06 182.76 34.11
CA LEU CD 113 -31.78 182.79 32.68
C LEU CD 113 -32.68 181.80 31.95
N ASN CD 114 -33.62 182.32 31.16
CA ASN CD 114 -34.63 181.50 30.51
C ASN CD 114 -34.62 181.62 29.00
N ARG CD 115 -34.46 182.81 28.45
CA ARG CD 115 -34.51 183.02 27.01
C ARG CD 115 -33.39 183.94 26.59
N PHE CD 116 -32.78 183.64 25.44
CA PHE CD 116 -31.77 184.52 24.86
C PHE CD 116 -31.92 184.48 23.34
N ARG CD 117 -32.40 185.56 22.76
CA ARG CD 117 -32.51 185.72 21.31
C ARG CD 117 -31.55 186.83 20.88
N TYR CD 118 -30.66 186.51 19.95
CA TYR CD 118 -29.63 187.45 19.50
C TYR CD 118 -29.70 187.56 17.98
N GLU CD 119 -29.84 188.79 17.49
CA GLU CD 119 -30.01 189.05 16.07
C GLU CD 119 -29.25 190.31 15.69
N GLY CD 120 -29.07 190.51 14.38
CA GLY CD 120 -28.59 191.76 13.85
C GLY CD 120 -27.09 191.99 13.89
N ALA CD 121 -26.33 191.09 13.28
CA ALA CD 121 -24.89 191.26 13.08
C ALA CD 121 -24.18 191.60 14.39
N GLY CD 122 -24.31 190.70 15.37
CA GLY CD 122 -23.80 190.94 16.69
C GLY CD 122 -22.84 189.85 17.13
N VAL CD 123 -22.07 190.17 18.17
CA VAL CD 123 -21.15 189.25 18.81
C VAL CD 123 -21.46 189.24 20.31
N VAL CD 124 -21.68 188.05 20.85
CA VAL CD 124 -21.91 187.87 22.28
C VAL CD 124 -20.89 186.84 22.79
N THR CD 125 -20.21 187.18 23.88
CA THR CD 125 -19.26 186.28 24.53
C THR CD 125 -19.62 186.18 26.00
N GLY CD 126 -19.73 184.96 26.50
CA GLY CD 126 -20.07 184.75 27.90
C GLY CD 126 -19.28 183.59 28.47
N ASN CD 127 -19.00 183.66 29.77
CA ASN CD 127 -18.17 182.66 30.41
C ASN CD 127 -18.80 182.26 31.74
N ASN CD 128 -18.71 180.96 32.04
CA ASN CD 128 -19.13 180.42 33.34
C ASN CD 128 -20.60 180.72 33.62
N LEU CD 129 -21.47 180.14 32.79
CA LEU CD 129 -22.91 180.28 32.94
C LEU CD 129 -23.50 178.94 33.36
N ARG CD 130 -24.35 178.96 34.38
CA ARG CD 130 -24.96 177.75 34.91
C ARG CD 130 -26.48 177.86 34.77
N THR CD 131 -27.09 176.80 34.25
CA THR CD 131 -28.53 176.78 34.04
C THR CD 131 -29.01 175.34 33.92
N SER CD 132 -30.30 175.15 34.16
CA SER CD 132 -30.93 173.87 33.94
C SER CD 132 -31.50 173.76 32.53
N TYR CD 133 -32.36 174.69 32.14
CA TYR CD 133 -32.85 174.75 30.77
C TYR CD 133 -33.07 176.20 30.39
N LEU CD 134 -32.76 176.51 29.12
CA LEU CD 134 -33.09 177.81 28.55
C LEU CD 134 -33.18 177.66 27.04
N ASP CD 135 -33.81 178.63 26.40
CA ASP CD 135 -34.04 178.62 24.96
C ASP CD 135 -33.18 179.67 24.29
N LEU CD 136 -32.44 179.27 23.26
CA LEU CD 136 -31.51 180.12 22.56
C LEU CD 136 -31.90 180.27 21.10
N TYR CD 137 -31.78 181.50 20.59
CA TYR CD 137 -32.04 181.75 19.18
C TYR CD 137 -30.98 182.69 18.64
N LEU CD 138 -30.49 182.38 17.43
CA LEU CD 138 -29.47 183.17 16.76
C LEU CD 138 -29.96 183.54 15.36
N ALA CD 139 -29.65 184.77 14.94
CA ALA CD 139 -30.00 185.19 13.59
C ALA CD 139 -29.05 186.29 13.13
N ASN CD 140 -28.89 186.38 11.81
CA ASN CD 140 -28.19 187.48 11.15
C ASN CD 140 -26.75 187.60 11.67
N GLU CD 141 -25.99 186.53 11.47
CA GLU CD 141 -24.59 186.46 11.86
C GLU CD 141 -24.42 186.80 13.35
N GLY CD 142 -24.96 185.92 14.18
CA GLY CD 142 -24.75 186.04 15.61
C GLY CD 142 -23.56 185.23 16.07
N THR CD 143 -22.41 185.87 16.22
CA THR CD 143 -21.20 185.17 16.64
C THR CD 143 -21.23 185.01 18.16
N THR CD 144 -21.41 183.79 18.63
CA THR CD 144 -21.65 183.51 20.04
C THR CD 144 -20.54 182.63 20.59
N ARG CD 145 -20.01 183.01 21.76
CA ARG CD 145 -18.96 182.28 22.43
C ARG CD 145 -19.44 181.91 23.83
N LEU CD 146 -19.32 180.63 24.16
CA LEU CD 146 -19.72 180.10 25.47
C LEU CD 146 -18.51 179.50 26.17
N ALA CD 147 -18.35 179.81 27.45
CA ALA CD 147 -17.31 179.22 28.27
C ALA CD 147 -17.90 178.79 29.62
N GLY CD 148 -19.02 178.09 29.58
CA GLY CD 148 -19.67 177.63 30.80
C GLY CD 148 -20.34 176.27 30.65
N ASN CD 149 -21.04 175.86 31.70
CA ASN CD 149 -21.77 174.59 31.71
C ASN CD 149 -23.26 174.89 31.60
N ILE CD 150 -23.79 174.73 30.40
CA ILE CD 150 -25.13 175.18 30.06
C ILE CD 150 -26.04 173.98 29.84
N GLY CD 151 -27.25 174.05 30.39
CA GLY CD 151 -28.29 173.09 30.12
C GLY CD 151 -29.40 173.74 29.31
N LEU CD 152 -29.82 173.06 28.26
CA LEU CD 152 -30.82 173.61 27.35
C LEU CD 152 -31.46 172.48 26.55
N GLN CD 153 -32.56 172.80 25.90
CA GLN CD 153 -33.23 171.86 25.00
C GLN CD 153 -33.60 172.47 23.66
N LYS CD 154 -33.72 173.78 23.55
CA LYS CD 154 -34.10 174.43 22.30
C LYS CD 154 -33.06 175.47 21.92
N LEU CD 155 -32.43 175.27 20.76
CA LEU CD 155 -31.45 176.19 20.22
C LEU CD 155 -31.64 176.26 18.72
N GLU CD 156 -32.10 177.41 18.23
CA GLU CD 156 -32.46 177.56 16.82
C GLU CD 156 -31.68 178.70 16.20
N ALA CD 157 -31.09 178.45 15.04
CA ALA CD 157 -30.31 179.43 14.31
C ALA CD 157 -30.90 179.61 12.92
N VAL CD 158 -30.97 180.87 12.47
CA VAL CD 158 -31.45 181.18 11.13
C VAL CD 158 -30.51 180.57 10.08
N GLY CD 159 -29.20 180.72 10.30
CA GLY CD 159 -28.20 180.21 9.40
C GLY CD 159 -27.24 181.30 8.97
N ASN CD 160 -26.34 180.91 8.06
CA ASN CD 160 -25.33 181.81 7.52
C ASN CD 160 -24.49 182.43 8.64
N GLY CD 161 -24.18 181.64 9.65
CA GLY CD 161 -23.40 182.10 10.77
C GLY CD 161 -22.69 180.95 11.45
N VAL CD 162 -21.65 181.30 12.21
CA VAL CD 162 -20.84 180.32 12.93
C VAL CD 162 -21.28 180.30 14.38
N THR CD 163 -21.13 179.14 15.03
CA THR CD 163 -21.50 178.99 16.43
C THR CD 163 -20.58 177.99 17.10
N GLN CD 164 -20.04 178.38 18.24
CA GLN CD 164 -19.17 177.55 19.06
C GLN CD 164 -19.80 177.36 20.42
N ILE CD 165 -19.92 176.11 20.86
CA ILE CD 165 -20.43 175.80 22.19
C ILE CD 165 -19.46 174.82 22.85
N ASN CD 166 -18.87 175.24 23.96
CA ASN CD 166 -17.89 174.44 24.68
C ASN CD 166 -18.51 174.00 26.00
N GLY CD 167 -19.22 172.87 25.97
CA GLY CD 167 -19.73 172.28 27.18
C GLY CD 167 -21.21 172.54 27.42
N VAL CD 168 -22.04 171.55 27.10
CA VAL CD 168 -23.48 171.60 27.39
C VAL CD 168 -23.94 170.21 27.77
N SER CD 169 -24.75 170.12 28.82
CA SER CD 169 -25.30 168.84 29.25
C SER CD 169 -26.79 168.98 29.46
N SER CD 170 -27.55 168.05 28.90
CA SER CD 170 -29.00 168.04 29.06
C SER CD 170 -29.53 166.65 28.71
N ARG CD 171 -30.73 166.36 29.20
CA ARG CD 171 -31.39 165.09 28.93
C ARG CD 171 -32.25 165.13 27.67
N ASN CD 172 -32.32 166.26 27.00
CA ASN CD 172 -33.15 166.38 25.81
C ASN CD 172 -32.65 167.55 24.97
N LEU CD 173 -32.99 167.52 23.69
CA LEU CD 173 -32.58 168.55 22.76
C LEU CD 173 -33.38 168.40 21.47
N GLN CD 174 -33.62 169.52 20.80
CA GLN CD 174 -34.35 169.51 19.53
C GLN CD 174 -33.87 170.70 18.71
N ILE CD 175 -33.18 170.43 17.61
CA ILE CD 175 -32.56 171.46 16.79
C ILE CD 175 -33.05 171.30 15.35
N VAL CD 176 -33.37 172.43 14.72
CA VAL CD 176 -33.71 172.47 13.30
C VAL CD 176 -33.17 173.76 12.71
N LEU CD 177 -32.58 173.65 11.53
CA LEU CD 177 -31.96 174.79 10.86
C LEU CD 177 -32.51 174.95 9.46
N LYS CD 178 -32.40 176.15 8.93
CA LYS CD 178 -32.96 176.44 7.61
C LYS CD 178 -31.96 177.06 6.65
N GLY CD 179 -31.05 177.91 7.13
CA GLY CD 179 -30.12 178.58 6.24
C GLY CD 179 -28.87 177.77 5.96
N ASP CD 180 -27.71 178.38 6.18
CA ASP CD 180 -26.42 177.73 5.98
C ASP CD 180 -25.58 177.94 7.24
N PRO CD 181 -25.96 177.32 8.35
CA PRO CD 181 -25.22 177.51 9.59
C PRO CD 181 -24.01 176.58 9.69
N LYS CD 182 -23.08 176.98 10.56
CA LYS CD 182 -21.88 176.20 10.83
C LYS CD 182 -21.74 176.11 12.35
N VAL CD 183 -22.05 174.95 12.93
CA VAL CD 183 -22.16 174.83 14.37
C VAL CD 183 -21.25 173.72 14.87
N LEU CD 184 -20.54 174.02 15.96
CA LEU CD 184 -19.75 173.03 16.67
C LEU CD 184 -20.17 173.04 18.14
N ILE CD 185 -20.42 171.85 18.68
CA ILE CD 185 -20.94 171.73 20.04
C ILE CD 185 -20.16 170.64 20.77
N SER CD 186 -19.90 170.88 22.06
CA SER CD 186 -19.26 169.91 22.93
C SER CD 186 -20.15 169.65 24.15
N GLY CD 187 -20.19 168.40 24.59
CA GLY CD 187 -20.93 168.01 25.77
C GLY CD 187 -21.65 166.69 25.55
N PHE CD 188 -22.45 166.31 26.54
CA PHE CD 188 -23.23 165.08 26.49
C PHE CD 188 -24.70 165.44 26.34
N VAL CD 189 -25.35 164.91 25.31
CA VAL CD 189 -26.72 165.26 24.97
C VAL CD 189 -27.48 164.02 24.57
N ASN CD 190 -28.71 163.90 25.08
CA ASN CD 190 -29.65 162.85 24.67
C ASN CD 190 -30.61 163.45 23.67
N LEU CD 191 -30.32 163.26 22.38
CA LEU CD 191 -31.14 163.79 21.30
C LEU CD 191 -31.81 162.65 20.56
N ARG CD 192 -32.94 162.96 19.92
CA ARG CD 192 -33.71 161.93 19.24
C ARG CD 192 -33.97 162.22 17.77
N GLN CD 193 -34.24 163.47 17.42
CA GLN CD 193 -34.68 163.82 16.07
C GLN CD 193 -33.81 164.93 15.50
N LEU CD 194 -33.47 164.81 14.21
CA LEU CD 194 -32.70 165.85 13.55
C LEU CD 194 -33.02 165.85 12.06
N ASP CD 195 -33.29 167.04 11.52
CA ASP CD 195 -33.62 167.20 10.11
C ASP CD 195 -32.83 168.39 9.55
N MET CD 196 -32.42 168.26 8.29
CA MET CD 196 -31.67 169.31 7.63
C MET CD 196 -32.14 169.47 6.20
N TYR CD 197 -32.41 170.72 5.80
CA TYR CD 197 -32.92 171.04 4.48
C TYR CD 197 -32.13 172.13 3.75
N GLY CD 198 -31.20 172.80 4.43
CA GLY CD 198 -30.49 173.91 3.80
C GLY CD 198 -29.07 173.57 3.39
N LYS CD 199 -28.10 174.32 3.93
CA LYS CD 199 -26.68 174.09 3.68
C LYS CD 199 -25.94 173.98 5.00
N GLY CD 200 -26.46 173.14 5.90
CA GLY CD 200 -25.98 173.11 7.27
C GLY CD 200 -24.73 172.26 7.45
N THR CD 201 -23.86 172.70 8.35
CA THR CD 201 -22.71 171.92 8.79
C THR CD 201 -22.75 171.81 10.31
N LEU CD 202 -22.75 170.58 10.81
CA LEU CD 202 -22.94 170.31 12.22
C LEU CD 202 -21.85 169.37 12.70
N SER CD 203 -21.23 169.73 13.83
CA SER CD 203 -20.24 168.87 14.47
C SER CD 203 -20.58 168.76 15.95
N LEU CD 204 -20.64 167.53 16.44
CA LEU CD 204 -20.92 167.23 17.84
C LEU CD 204 -19.78 166.43 18.43
N TYR CD 205 -19.38 166.79 19.66
CA TYR CD 205 -18.28 166.08 20.30
C TYR CD 205 -18.73 164.70 20.77
N TRP CD 206 -19.80 164.64 21.56
CA TRP CD 206 -20.27 163.37 22.10
C TRP CD 206 -21.79 163.34 22.08
N ILE CD 207 -22.34 162.14 21.92
CA ILE CD 207 -23.79 161.93 21.92
C ILE CD 207 -24.09 160.63 22.65
N LYS CD 208 -24.96 160.71 23.67
CA LYS CD 208 -25.39 159.55 24.44
C LYS CD 208 -26.92 159.50 24.38
N SER CD 209 -27.45 158.58 23.59
CA SER CD 209 -28.90 158.46 23.43
C SER CD 209 -29.22 157.00 23.13
N ASP CD 210 -30.44 156.76 22.68
CA ASP CD 210 -30.89 155.41 22.34
C ASP CD 210 -31.50 155.32 20.96
N THR CD 211 -32.24 156.34 20.53
CA THR CD 211 -32.99 156.28 19.28
C THR CD 211 -32.81 157.61 18.55
N LEU CD 212 -32.23 157.55 17.36
CA LEU CD 212 -31.96 158.73 16.56
C LEU CD 212 -32.62 158.58 15.19
N THR CD 213 -33.23 159.66 14.72
CA THR CD 213 -33.80 159.72 13.38
C THR CD 213 -33.25 160.97 12.70
N ILE CD 214 -32.49 160.76 11.63
CA ILE CD 214 -31.80 161.86 10.95
C ILE CD 214 -32.28 161.91 9.51
N ARG CD 215 -32.65 163.10 9.05
CA ARG CD 215 -33.08 163.33 7.67
C ARG CD 215 -32.23 164.42 7.04
N ALA CD 216 -31.77 164.20 5.82
CA ALA CD 216 -30.98 165.19 5.10
C ALA CD 216 -31.50 165.34 3.69
N LYS CD 217 -31.74 166.59 3.28
CA LYS CD 217 -32.39 166.87 2.00
C LYS CD 217 -31.46 167.51 0.96
N LYS CD 218 -30.89 168.68 1.25
CA LYS CD 218 -30.19 169.45 0.22
C LYS CD 218 -28.68 169.51 0.46
N ALA CD 219 -28.24 169.98 1.62
CA ALA CD 219 -26.81 170.01 1.90
C ALA CD 219 -26.66 169.88 3.42
N ALA CD 220 -26.32 168.68 3.87
CA ALA CD 220 -26.10 168.43 5.29
C ALA CD 220 -24.75 167.77 5.44
N LYS CD 221 -23.83 168.46 6.11
CA LYS CD 221 -22.55 167.91 6.51
C LYS CD 221 -22.62 167.61 7.99
N ILE CD 222 -22.47 166.33 8.35
CA ILE CD 222 -22.71 165.89 9.72
C ILE CD 222 -21.48 165.14 10.21
N GLN CD 223 -20.93 165.58 11.33
CA GLN CD 223 -19.79 164.93 11.97
C GLN CD 223 -20.10 164.73 13.45
N LEU CD 224 -20.40 163.48 13.82
CA LEU CD 224 -20.78 163.14 15.18
C LEU CD 224 -19.95 161.96 15.66
N ALA CD 225 -20.01 161.72 16.96
CA ALA CD 225 -19.35 160.57 17.56
C ALA CD 225 -19.99 160.29 18.92
N GLY CD 226 -20.29 159.02 19.18
CA GLY CD 226 -20.91 158.67 20.44
C GLY CD 226 -21.47 157.26 20.40
N ILE CD 227 -22.33 156.96 21.36
CA ILE CD 227 -22.91 155.63 21.53
C ILE CD 227 -24.43 155.77 21.46
N VAL CD 228 -25.05 155.03 20.55
CA VAL CD 228 -26.50 155.03 20.38
C VAL CD 228 -26.94 153.61 20.03
N ASN CD 229 -28.01 153.15 20.68
CA ASN CD 229 -28.48 151.80 20.44
C ASN CD 229 -29.19 151.66 19.10
N ARG CD 230 -30.01 152.65 18.73
CA ARG CD 230 -30.84 152.55 17.54
C ARG CD 230 -30.70 153.82 16.72
N LEU CD 231 -30.30 153.67 15.46
CA LEU CD 231 -30.07 154.81 14.58
C LEU CD 231 -30.74 154.57 13.23
N ASP CD 232 -31.42 155.60 12.73
CA ASP CD 232 -32.03 155.58 11.41
C ASP CD 232 -31.61 156.85 10.67
N VAL CD 233 -31.12 156.67 9.45
CA VAL CD 233 -30.59 157.77 8.65
C VAL CD 233 -31.23 157.72 7.27
N GLU CD 234 -31.70 158.88 6.81
CA GLU CD 234 -32.22 159.05 5.46
C GLU CD 234 -31.47 160.19 4.79
N LEU CD 235 -30.85 159.90 3.65
CA LEU CD 235 -30.17 160.91 2.86
C LEU CD 235 -30.80 160.97 1.48
N TRP CD 236 -31.13 162.18 1.04
CA TRP CD 236 -31.78 162.32 -0.26
C TRP CD 236 -30.80 162.62 -1.39
N ASP CD 237 -30.06 163.72 -1.29
CA ASP CD 237 -29.11 164.06 -2.33
C ASP CD 237 -28.08 165.04 -1.79
N PHE CD 238 -26.81 164.81 -2.13
CA PHE CD 238 -25.71 165.68 -1.73
C PHE CD 238 -25.64 165.82 -0.22
N ALA CD 239 -25.90 164.73 0.48
CA ALA CD 239 -25.75 164.67 1.93
C ALA CD 239 -24.47 163.91 2.25
N GLN CD 240 -23.74 164.40 3.27
CA GLN CD 240 -22.47 163.84 3.68
C GLN CD 240 -22.52 163.63 5.19
N PHE CD 241 -22.82 162.39 5.59
CA PHE CD 241 -22.88 162.04 6.99
C PHE CD 241 -21.70 161.15 7.35
N LYS CD 242 -21.04 161.44 8.48
CA LYS CD 242 -19.89 160.68 8.92
C LYS CD 242 -20.10 160.29 10.38
N GLY CD 243 -20.62 159.10 10.61
CA GLY CD 243 -20.69 158.57 11.96
C GLY CD 243 -19.39 157.91 12.36
N LYS CD 244 -18.28 158.53 11.99
CA LYS CD 244 -16.98 158.07 12.44
C LYS CD 244 -16.90 158.15 13.95
N TYR CD 245 -16.29 157.14 14.56
CA TYR CD 245 -16.18 157.04 16.02
C TYR CD 245 -17.56 157.12 16.67
N LEU CD 246 -18.59 156.67 15.97
CA LEU CD 246 -19.97 156.70 16.45
C LEU CD 246 -20.48 155.26 16.38
N ARG CD 247 -20.22 154.49 17.44
CA ARG CD 247 -20.60 153.09 17.44
C ARG CD 247 -22.10 152.94 17.68
N ALA CD 248 -22.74 152.09 16.90
CA ALA CD 248 -24.17 151.86 17.00
C ALA CD 248 -24.45 150.36 16.95
N GLN CD 249 -25.56 149.96 17.56
CA GLN CD 249 -25.96 148.56 17.63
C GLN CD 249 -26.95 148.20 16.55
N ARG CD 250 -28.07 148.93 16.46
CA ARG CD 250 -29.05 148.76 15.41
C ARG CD 250 -28.94 149.94 14.47
N SER CD 251 -28.66 149.68 13.20
CA SER CD 251 -28.49 150.75 12.23
C SER CD 251 -29.35 150.49 11.01
N PHE CD 252 -30.12 151.50 10.61
CA PHE CD 252 -30.91 151.47 9.38
C PHE CD 252 -30.52 152.68 8.56
N VAL CD 253 -30.07 152.47 7.33
CA VAL CD 253 -29.61 153.56 6.47
C VAL CD 253 -30.29 153.46 5.13
N LYS CD 254 -30.87 154.57 4.67
CA LYS CD 254 -31.47 154.67 3.34
C LYS CD 254 -30.85 155.85 2.62
N THR CD 255 -30.27 155.59 1.45
CA THR CD 255 -29.55 156.59 0.69
C THR CD 255 -30.13 156.65 -0.71
N HIS CD 256 -30.54 157.85 -1.13
CA HIS CD 256 -31.00 158.07 -2.49
C HIS CD 256 -29.83 158.57 -3.35
N ASP CD 257 -30.16 159.10 -4.51
CA ASP CD 257 -29.14 159.51 -5.48
C ASP CD 257 -28.18 160.54 -4.88
N LYS CD 258 -26.88 160.30 -5.08
CA LYS CD 258 -25.82 161.22 -4.68
C LYS CD 258 -25.86 161.48 -3.18
N SER CD 259 -25.61 160.43 -2.41
CA SER CD 259 -25.55 160.48 -0.96
C SER CD 259 -24.33 159.72 -0.48
N VAL CD 260 -23.75 160.19 0.63
CA VAL CD 260 -22.54 159.59 1.18
C VAL CD 260 -22.72 159.39 2.67
N ALA CD 261 -22.56 158.15 3.13
CA ALA CD 261 -22.66 157.81 4.53
C ALA CD 261 -21.44 157.02 4.96
N GLU CD 262 -20.82 157.46 6.06
CA GLU CD 262 -19.77 156.71 6.74
C GLU CD 262 -20.38 156.14 8.02
N ILE CD 263 -20.23 154.84 8.22
CA ILE CD 263 -20.96 154.10 9.24
C ILE CD 263 -19.96 153.38 10.15
N SER CD 264 -20.36 153.23 11.41
CA SER CD 264 -19.57 152.57 12.44
C SER CD 264 -20.43 151.58 13.22
N ALA CD 265 -21.19 150.76 12.50
CA ALA CD 265 -22.09 149.80 13.14
C ALA CD 265 -21.30 148.72 13.87
N VAL CD 266 -21.98 148.07 14.81
CA VAL CD 266 -21.32 147.08 15.67
C VAL CD 266 -22.04 145.74 15.60
N ASN CD 267 -23.36 145.75 15.78
CA ASN CD 267 -24.13 144.52 15.94
C ASN CD 267 -25.02 144.22 14.74
N HIS CD 268 -25.91 145.14 14.36
CA HIS CD 268 -26.89 144.87 13.32
C HIS CD 268 -26.96 146.04 12.36
N GLN CD 269 -26.80 145.75 11.07
CA GLN CD 269 -26.72 146.78 10.05
C GLN CD 269 -27.63 146.45 8.87
N SER CD 270 -28.47 147.41 8.50
CA SER CD 270 -29.34 147.31 7.34
C SER CD 270 -29.10 148.53 6.46
N SER CD 271 -28.77 148.30 5.19
CA SER CD 271 -28.37 149.39 4.32
C SER CD 271 -29.07 149.27 2.96
N LEU CD 272 -29.62 150.39 2.50
CA LEU CD 272 -30.27 150.45 1.19
C LEU CD 272 -29.74 151.65 0.43
N ALA CD 273 -29.35 151.43 -0.82
CA ALA CD 273 -28.87 152.49 -1.69
C ALA CD 273 -29.62 152.43 -3.01
N THR CD 274 -30.03 153.59 -3.51
CA THR CD 274 -30.77 153.63 -4.77
C THR CD 274 -29.82 153.65 -5.97
N ASP CD 275 -29.01 154.70 -6.07
CA ASP CD 275 -28.09 154.89 -7.19
C ASP CD 275 -27.15 156.01 -6.84
N ALA CD 276 -25.90 155.91 -7.29
CA ALA CD 276 -24.87 156.91 -6.99
C ALA CD 276 -24.79 157.18 -5.49
N SER CD 277 -25.05 156.15 -4.69
CA SER CD 277 -25.09 156.25 -3.24
C SER CD 277 -23.95 155.41 -2.67
N ASP CD 278 -23.23 155.96 -1.69
CA ASP CD 278 -22.07 155.29 -1.11
C ASP CD 278 -22.29 155.10 0.37
N ILE CD 279 -22.06 153.86 0.83
CA ILE CD 279 -22.15 153.52 2.24
C ILE CD 279 -20.86 152.82 2.62
N TYR CD 280 -20.07 153.47 3.47
CA TYR CD 280 -18.74 152.99 3.83
C TYR CD 280 -18.76 152.62 5.30
N TYR CD 281 -18.83 151.33 5.60
CA TYR CD 281 -18.87 150.86 6.97
C TYR CD 281 -17.46 150.48 7.41
N TYR CD 282 -16.99 151.11 8.49
CA TYR CD 282 -15.63 150.91 8.95
C TYR CD 282 -15.51 149.81 9.99
N ASN CD 283 -16.61 149.11 10.29
CA ASN CD 283 -16.58 148.00 11.21
C ASN CD 283 -17.41 146.86 10.65
N LEU CD 284 -17.00 145.64 10.95
CA LEU CD 284 -17.72 144.45 10.51
C LEU CD 284 -18.71 144.07 11.61
N SER CD 285 -19.99 144.32 11.37
CA SER CD 285 -21.01 144.00 12.35
C SER CD 285 -21.23 142.50 12.43
N LYS CD 286 -21.92 142.07 13.48
CA LYS CD 286 -22.25 140.66 13.62
C LYS CD 286 -23.35 140.24 12.67
N THR CD 287 -24.15 141.19 12.18
CA THR CD 287 -25.18 140.92 11.19
C THR CD 287 -25.23 142.10 10.22
N ARG CD 288 -25.09 141.80 8.93
CA ARG CD 288 -25.04 142.82 7.89
C ARG CD 288 -25.96 142.43 6.76
N ALA CD 289 -26.75 143.40 6.28
CA ALA CD 289 -27.59 143.17 5.11
C ALA CD 289 -27.64 144.44 4.28
N ASP CD 290 -27.43 144.30 2.97
CA ASP CD 290 -27.26 145.43 2.08
C ASP CD 290 -28.06 145.23 0.81
N PHE CD 291 -28.44 146.34 0.19
CA PHE CD 291 -29.12 146.27 -1.10
C PHE CD 291 -28.79 147.50 -1.93
N MET CD 292 -28.55 147.27 -3.23
CA MET CD 292 -28.31 148.32 -4.20
C MET CD 292 -29.38 148.23 -5.27
N ALA CD 293 -29.93 149.39 -5.66
CA ALA CD 293 -31.00 149.40 -6.65
C ALA CD 293 -30.48 149.61 -8.07
N PHE CD 294 -29.82 150.74 -8.31
CA PHE CD 294 -29.31 151.04 -9.65
C PHE CD 294 -27.80 151.24 -9.68
N ASN CD 295 -27.26 152.06 -8.79
CA ASN CD 295 -25.83 152.30 -8.78
C ASN CD 295 -25.29 152.39 -7.34
N GLY CD 296 -25.95 151.72 -6.41
CA GLY CD 296 -25.53 151.76 -5.03
C GLY CD 296 -24.17 151.11 -4.83
N SER CD 297 -23.57 151.43 -3.69
CA SER CD 297 -22.26 150.89 -3.37
C SER CD 297 -22.13 150.78 -1.85
N VAL CD 298 -21.78 149.58 -1.38
CA VAL CD 298 -21.57 149.32 0.04
C VAL CD 298 -20.19 148.71 0.19
N LEU CD 299 -19.31 149.39 0.91
CA LEU CD 299 -17.91 148.98 0.99
C LEU CD 299 -17.43 149.07 2.42
N ASP CD 300 -16.45 148.22 2.75
CA ASP CD 300 -15.85 148.15 4.08
C ASP CD 300 -14.65 149.08 4.21
N MET CD 301 -13.77 149.07 3.20
CA MET CD 301 -12.51 149.83 3.18
C MET CD 301 -11.84 149.88 4.55
N ARG CD 302 -11.53 148.69 5.06
CA ARG CD 302 -10.62 148.61 6.19
C ARG CD 302 -9.18 148.74 5.70
N GLU CD 303 -8.27 148.98 6.64
CA GLU CD 303 -6.90 149.31 6.28
C GLU CD 303 -6.17 148.16 5.60
N TRP CD 304 -6.59 146.91 5.87
CA TRP CD 304 -5.87 145.72 5.42
C TRP CD 304 -4.45 145.67 5.99
N GLY CD 305 -4.23 146.35 7.11
CA GLY CD 305 -2.90 146.43 7.67
C GLY CD 305 -2.88 146.33 9.18
N GLN CD 306 -4.04 146.08 9.78
CA GLN CD 306 -4.11 145.94 11.22
C GLN CD 306 -3.36 144.69 11.66
N SER CD 307 -2.63 144.82 12.77
CA SER CD 307 -1.91 143.68 13.32
C SER CD 307 -2.83 142.61 13.87
N ASP CD 308 -4.08 142.96 14.19
CA ASP CD 308 -5.02 142.01 14.77
C ASP CD 308 -6.41 142.19 14.15
N LEU CD 309 -6.44 142.34 12.83
CA LEU CD 309 -7.71 142.44 12.13
C LEU CD 309 -8.43 141.08 12.10
N LYS CD 310 -9.75 141.13 12.08
CA LYS CD 310 -10.59 139.95 11.99
C LYS CD 310 -11.48 140.03 10.76
N ASP CD 311 -11.63 138.92 10.06
CA ASP CD 311 -12.34 138.87 8.79
C ASP CD 311 -13.77 138.41 9.01
N PHE CD 312 -14.46 138.09 7.91
CA PHE CD 312 -15.83 137.62 7.96
C PHE CD 312 -15.94 136.32 8.76
N ASP CD 313 -17.17 135.96 9.09
CA ASP CD 313 -17.47 134.76 9.85
C ASP CD 313 -18.64 134.04 9.18
N ARG CD 314 -18.95 132.84 9.70
CA ARG CD 314 -20.03 132.03 9.14
C ARG CD 314 -21.34 132.80 9.11
N TYR CD 315 -21.54 133.73 10.03
CA TYR CD 315 -22.76 134.50 10.11
C TYR CD 315 -22.64 135.87 9.47
N ASN CD 316 -21.56 136.12 8.73
CA ASN CD 316 -21.41 137.41 8.06
C ASN CD 316 -20.85 137.30 6.65
N LYS CD 317 -20.65 136.09 6.13
CA LYS CD 317 -20.12 135.92 4.77
C LYS CD 317 -21.22 136.26 3.77
N GLN CD 318 -21.48 137.55 3.63
CA GLN CD 318 -22.51 138.05 2.71
C GLN CD 318 -21.83 138.68 1.51
N PHE CD 319 -22.24 138.24 0.32
CA PHE CD 319 -21.64 138.72 -0.92
C PHE CD 319 -22.55 139.76 -1.54
N PRO CD 320 -22.15 141.03 -1.62
CA PRO CD 320 -22.94 142.11 -2.21
C PRO CD 320 -23.27 141.88 -3.68
N ASP DD 39 -15.69 110.26 -33.50
CA ASP DD 39 -14.60 109.46 -32.95
C ASP DD 39 -13.25 110.12 -33.18
N GLY DD 40 -13.14 110.86 -34.28
CA GLY DD 40 -11.91 111.56 -34.60
C GLY DD 40 -11.54 112.59 -33.54
N CYS DD 41 -10.49 112.31 -32.78
CA CYS DD 41 -10.15 113.14 -31.63
C CYS DD 41 -9.65 114.52 -32.07
N CYS DD 42 -8.83 114.57 -33.10
CA CYS DD 42 -8.36 115.87 -33.61
C CYS DD 42 -9.26 116.39 -34.72
N SER DD 43 -10.57 116.42 -34.46
CA SER DD 43 -11.53 116.93 -35.42
C SER DD 43 -11.53 118.45 -35.41
N LYS DD 44 -11.80 119.03 -36.58
CA LYS DD 44 -11.74 120.47 -36.77
C LYS DD 44 -10.40 121.02 -36.31
N MET DD 45 -9.34 120.27 -36.60
CA MET DD 45 -7.99 120.61 -36.20
C MET DD 45 -7.04 120.19 -37.31
N GLY DD 46 -5.74 120.27 -37.01
CA GLY DD 46 -4.74 119.83 -37.98
C GLY DD 46 -4.76 118.34 -38.23
N GLY DD 47 -5.40 117.57 -37.36
CA GLY DD 47 -5.40 116.14 -37.45
C GLY DD 47 -4.40 115.50 -36.50
N ILE DD 48 -4.55 114.19 -36.30
CA ILE DD 48 -3.72 113.48 -35.34
C ILE DD 48 -2.31 113.34 -35.91
N ASN DD 49 -1.32 113.78 -35.12
CA ASN DD 49 0.08 113.66 -35.51
C ASN DD 49 0.73 112.42 -34.92
N TYR DD 50 0.81 112.33 -33.59
CA TYR DD 50 1.35 111.17 -32.92
C TYR DD 50 1.03 111.29 -31.43
N CYS DD 51 1.52 110.32 -30.66
CA CYS DD 51 1.18 110.17 -29.25
C CYS DD 51 2.38 110.52 -28.39
N ASP DD 52 2.16 111.37 -27.38
CA ASP DD 52 3.17 111.68 -26.38
C ASP DD 52 3.00 110.69 -25.22
N SER DD 53 3.62 109.52 -25.38
CA SER DD 53 3.50 108.47 -24.38
C SER DD 53 4.02 108.90 -23.01
N SER DD 54 4.93 109.87 -22.97
CA SER DD 54 5.35 110.41 -21.68
C SER DD 54 4.20 111.05 -20.94
N ALA DD 55 3.23 111.60 -21.67
CA ALA DD 55 2.05 112.19 -21.06
C ALA DD 55 0.78 111.39 -21.34
N GLY DD 56 0.83 110.42 -22.25
CA GLY DD 56 -0.34 109.63 -22.55
C GLY DD 56 -1.46 110.38 -23.21
N ARG DD 57 -1.14 111.35 -24.05
CA ARG DD 57 -2.13 112.09 -24.81
C ARG DD 57 -1.73 112.12 -26.28
N LEU DD 58 -2.73 112.07 -27.15
CA LEU DD 58 -2.47 112.28 -28.57
C LEU DD 58 -2.11 113.74 -28.81
N VAL DD 59 -1.22 113.95 -29.77
CA VAL DD 59 -0.79 115.29 -30.18
C VAL DD 59 -1.35 115.56 -31.56
N CYS DD 60 -2.23 116.56 -31.66
CA CYS DD 60 -2.79 116.92 -32.94
C CYS DD 60 -1.75 117.66 -33.77
N ASN DD 61 -2.02 117.75 -35.08
CA ASN DD 61 -1.08 118.45 -35.96
C ASN DD 61 -0.96 119.93 -35.59
N ASN DD 62 -2.08 120.55 -35.26
CA ASN DD 62 -2.01 121.83 -34.57
C ASN DD 62 -1.51 121.62 -33.16
N GLY DD 63 -0.69 122.55 -32.68
CA GLY DD 63 0.04 122.34 -31.44
C GLY DD 63 -0.81 122.42 -30.19
N PHE DD 64 -1.70 121.46 -30.01
CA PHE DD 64 -2.57 121.42 -28.85
C PHE DD 64 -2.76 119.99 -28.39
N TYR DD 65 -2.73 119.78 -27.09
CA TYR DD 65 -2.95 118.44 -26.54
C TYR DD 65 -4.39 118.02 -26.75
N SER DD 66 -4.58 116.88 -27.43
CA SER DD 66 -5.92 116.33 -27.55
C SER DD 66 -6.36 115.73 -26.22
N THR DD 67 -7.68 115.63 -26.05
CA THR DD 67 -8.22 115.06 -24.82
C THR DD 67 -8.02 113.56 -24.78
N CYS DD 68 -8.14 112.88 -25.92
CA CYS DD 68 -8.04 111.44 -25.97
C CYS DD 68 -6.65 110.98 -25.53
N TYR DD 69 -6.59 109.80 -24.91
CA TYR DD 69 -5.35 109.21 -24.46
C TYR DD 69 -4.95 108.06 -25.38
N CYS DD 70 -3.66 107.78 -25.42
CA CYS DD 70 -3.13 106.70 -26.24
C CYS DD 70 -2.64 105.52 -25.41
N THR DD 71 -1.73 105.74 -24.48
CA THR DD 71 -1.26 104.66 -23.64
C THR DD 71 -2.07 104.61 -22.35
N ARG DD 72 -2.30 103.39 -21.87
CA ARG DD 72 -3.11 103.21 -20.67
C ARG DD 72 -2.40 103.68 -19.41
N HIS DD 73 -1.12 104.02 -19.48
CA HIS DD 73 -0.40 104.56 -18.34
C HIS DD 73 -0.55 106.08 -18.29
N ALA DD 74 -1.81 106.51 -18.21
CA ALA DD 74 -2.15 107.92 -18.16
C ALA DD 74 -2.85 108.22 -16.83
N VAL DD 75 -3.36 109.45 -16.71
CA VAL DD 75 -3.98 109.91 -15.47
C VAL DD 75 -5.49 109.77 -15.68
N MET DD 76 -6.02 108.62 -15.29
CA MET DD 76 -7.46 108.34 -15.38
C MET DD 76 -8.07 108.54 -14.00
N ASP DD 77 -9.05 109.43 -13.91
CA ASP DD 77 -9.73 109.70 -12.65
C ASP DD 77 -10.96 108.82 -12.46
N LEU DD 78 -10.77 107.52 -12.62
CA LEU DD 78 -11.88 106.58 -12.52
C LEU DD 78 -12.30 106.42 -11.06
N GLN DD 79 -13.60 106.50 -10.81
CA GLN DD 79 -14.13 106.43 -9.46
C GLN DD 79 -15.03 105.22 -9.22
N PHE DD 80 -15.17 104.35 -10.21
CA PHE DD 80 -16.05 103.18 -10.11
C PHE DD 80 -15.23 101.95 -10.47
N LEU DD 81 -15.29 100.92 -9.63
CA LEU DD 81 -14.57 99.68 -9.87
C LEU DD 81 -15.49 98.51 -9.59
N MET DD 82 -15.38 97.48 -10.43
CA MET DD 82 -16.22 96.30 -10.35
C MET DD 82 -15.42 95.12 -9.82
N GLY DD 83 -16.05 93.95 -9.77
CA GLY DD 83 -15.38 92.75 -9.29
C GLY DD 83 -15.51 92.57 -7.79
N CYS DD 84 -15.90 91.37 -7.36
CA CYS DD 84 -16.11 91.13 -5.94
C CYS DD 84 -14.79 90.83 -5.25
N CYS DD 85 -14.85 90.72 -3.93
CA CYS DD 85 -13.69 90.70 -3.04
C CYS DD 85 -12.81 91.93 -3.23
N LEU DD 86 -13.37 92.98 -3.82
CA LEU DD 86 -12.64 94.24 -3.99
C LEU DD 86 -12.43 94.89 -2.64
N TRP DD 87 -11.33 95.65 -2.54
CA TRP DD 87 -10.95 96.32 -1.30
C TRP DD 87 -10.82 95.33 -0.15
N HIS DD 88 -10.35 94.13 -0.47
CA HIS DD 88 -10.07 93.09 0.49
C HIS DD 88 -8.91 92.26 -0.07
N GLY DD 89 -8.72 91.06 0.49
CA GLY DD 89 -7.65 90.21 0.00
C GLY DD 89 -7.82 89.76 -1.43
N GLY DD 90 -9.00 89.91 -2.01
CA GLY DD 90 -9.26 89.44 -3.35
C GLY DD 90 -9.74 88.00 -3.38
N VAL DD 91 -10.29 87.62 -4.54
CA VAL DD 91 -10.89 86.30 -4.69
C VAL DD 91 -9.84 85.23 -4.46
N TYR DD 92 -10.17 84.25 -3.63
CA TYR DD 92 -9.24 83.17 -3.34
C TYR DD 92 -9.03 82.31 -4.57
N PRO DD 93 -7.79 81.86 -4.84
CA PRO DD 93 -7.54 81.05 -6.03
C PRO DD 93 -8.32 79.74 -6.05
N GLN DD 94 -8.51 79.11 -4.89
CA GLN DD 94 -9.15 77.81 -4.84
C GLN DD 94 -10.64 77.92 -5.18
N LEU DD 95 -11.15 76.92 -5.88
CA LEU DD 95 -12.56 76.82 -6.22
C LEU DD 95 -13.23 75.82 -5.29
N ASN DD 96 -14.29 76.25 -4.63
CA ASN DD 96 -15.02 75.40 -3.69
C ASN DD 96 -16.14 74.67 -4.40
N SER DD 97 -16.55 73.54 -3.82
CA SER DD 97 -17.69 72.81 -4.36
C SER DD 97 -18.96 73.64 -4.30
N SER DD 98 -19.19 74.31 -3.17
CA SER DD 98 -20.34 75.19 -3.05
C SER DD 98 -20.07 76.52 -3.75
N GLY DD 99 -21.11 77.33 -3.86
CA GLY DD 99 -20.97 78.64 -4.46
C GLY DD 99 -20.35 79.68 -3.57
N LEU DD 100 -20.07 79.33 -2.32
CA LEU DD 100 -19.45 80.27 -1.39
C LEU DD 100 -18.05 80.62 -1.87
N VAL DD 101 -17.69 81.90 -1.74
CA VAL DD 101 -16.36 82.38 -2.09
C VAL DD 101 -15.88 83.28 -0.97
N VAL DD 102 -14.61 83.12 -0.58
CA VAL DD 102 -14.02 83.86 0.52
C VAL DD 102 -12.78 84.59 0.02
N CYS DD 103 -12.64 85.85 0.40
CA CYS DD 103 -11.50 86.64 -0.06
C CYS DD 103 -10.23 86.17 0.65
N ASN DD 104 -9.09 86.59 0.09
CA ASN DD 104 -7.79 86.16 0.59
C ASN DD 104 -7.51 86.64 2.00
N ASP DD 105 -8.25 87.62 2.50
CA ASP DD 105 -8.10 88.06 3.88
C ASP DD 105 -8.75 87.12 4.88
N GLY DD 106 -9.36 86.04 4.42
CA GLY DD 106 -10.12 85.16 5.29
C GLY DD 106 -11.55 85.59 5.53
N TYR DD 107 -12.02 86.60 4.81
CA TYR DD 107 -13.36 87.14 4.98
C TYR DD 107 -14.21 86.74 3.77
N VAL DD 108 -15.41 86.23 4.04
CA VAL DD 108 -16.27 85.71 3.00
C VAL DD 108 -17.07 86.87 2.40
N SER DD 109 -17.58 86.65 1.18
CA SER DD 109 -18.32 87.67 0.44
C SER DD 109 -19.61 87.05 -0.08
N GLU DD 110 -20.72 87.31 0.63
CA GLU DD 110 -22.00 86.77 0.23
C GLU DD 110 -22.51 87.36 -1.09
N GLU DD 111 -22.01 88.53 -1.48
CA GLU DD 111 -22.45 89.13 -2.73
C GLU DD 111 -22.13 88.21 -3.91
N CYS DD 112 -20.87 87.78 -4.00
CA CYS DD 112 -20.49 86.83 -5.04
C CYS DD 112 -20.92 85.41 -4.68
N SER DD 113 -20.92 85.07 -3.39
CA SER DD 113 -21.33 83.74 -2.98
C SER DD 113 -22.79 83.50 -3.30
N LEU DD 114 -23.10 82.30 -3.78
CA LEU DD 114 -24.47 81.97 -4.12
C LEU DD 114 -25.34 81.93 -2.87
N GLN DD 115 -26.64 82.18 -3.07
CA GLN DD 115 -27.58 82.29 -1.97
C GLN DD 115 -28.76 81.35 -2.20
N LYS DD 116 -29.09 80.57 -1.19
CA LYS DD 116 -30.27 79.71 -1.22
C LYS DD 116 -30.57 79.15 0.16
N ILE ED 862 -53.59 -40.95 13.05
CA ILE ED 862 -52.86 -41.56 11.95
C ILE ED 862 -53.83 -41.97 10.84
N ILE ED 863 -53.52 -41.55 9.62
CA ILE ED 863 -54.33 -41.86 8.46
C ILE ED 863 -53.41 -42.39 7.35
N LYS ED 864 -53.81 -43.51 6.76
CA LYS ED 864 -53.00 -44.16 5.74
C LYS ED 864 -52.92 -43.30 4.48
N THR ED 865 -51.85 -43.51 3.71
CA THR ED 865 -51.58 -42.69 2.53
C THR ED 865 -52.52 -43.07 1.40
N GLY ED 866 -53.55 -42.25 1.18
CA GLY ED 866 -54.41 -42.40 0.02
C GLY ED 866 -55.68 -43.17 0.25
N ASP ED 867 -56.26 -43.04 1.44
CA ASP ED 867 -57.50 -43.72 1.77
C ASP ED 867 -58.69 -42.84 1.36
N ILE ED 868 -59.89 -43.39 1.51
CA ILE ED 868 -61.12 -42.77 1.04
C ILE ED 868 -61.96 -42.36 2.24
N MET ED 869 -62.51 -41.15 2.19
CA MET ED 869 -63.45 -40.65 3.19
C MET ED 869 -64.65 -40.04 2.47
N PHE ED 870 -65.78 -39.96 3.15
CA PHE ED 870 -66.97 -39.31 2.61
C PHE ED 870 -67.13 -37.94 3.23
N ALA ED 871 -67.77 -37.03 2.51
CA ALA ED 871 -68.04 -35.70 3.01
C ALA ED 871 -69.23 -35.12 2.27
N VAL ED 872 -69.80 -34.07 2.84
CA VAL ED 872 -70.99 -33.42 2.29
C VAL ED 872 -70.67 -31.96 2.04
N LEU ED 873 -70.99 -31.48 0.84
CA LEU ED 873 -70.83 -30.09 0.47
C LEU ED 873 -72.17 -29.37 0.58
N ASP ED 874 -72.15 -28.19 1.19
CA ASP ED 874 -73.39 -27.49 1.54
C ASP ED 874 -73.49 -26.15 0.83
N THR ED 875 -72.37 -25.63 0.34
CA THR ED 875 -72.35 -24.30 -0.28
C THR ED 875 -72.02 -24.44 -1.75
N SER ED 876 -72.80 -23.76 -2.61
CA SER ED 876 -72.59 -23.80 -4.05
C SER ED 876 -71.87 -22.54 -4.52
N VAL ED 877 -71.14 -22.68 -5.63
CA VAL ED 877 -70.43 -21.56 -6.24
C VAL ED 877 -70.11 -21.91 -7.68
N ASN ED 878 -70.15 -20.89 -8.54
CA ASN ED 878 -69.77 -21.02 -9.94
C ASN ED 878 -68.25 -20.98 -10.06
N SER ED 879 -67.75 -21.56 -11.15
CA SER ED 879 -66.32 -21.53 -11.44
C SER ED 879 -65.93 -20.15 -11.96
N ASP ED 880 -66.18 -19.12 -11.17
CA ASP ED 880 -65.92 -17.75 -11.59
C ASP ED 880 -64.86 -17.06 -10.75
N GLU ED 881 -65.02 -17.05 -9.43
CA GLU ED 881 -64.07 -16.40 -8.54
C GLU ED 881 -63.72 -17.38 -7.43
N PRO ED 882 -62.45 -17.72 -7.25
CA PRO ED 882 -62.08 -18.66 -6.17
C PRO ED 882 -62.40 -18.10 -4.81
N GLY ED 883 -62.73 -18.99 -3.88
CA GLY ED 883 -63.02 -18.62 -2.53
C GLY ED 883 -62.99 -19.81 -1.59
N PRO ED 884 -63.02 -19.54 -0.29
CA PRO ED 884 -63.08 -20.62 0.69
C PRO ED 884 -64.38 -21.41 0.58
N ILE ED 885 -64.26 -22.71 0.32
CA ILE ED 885 -65.40 -23.61 0.26
C ILE ED 885 -65.16 -24.74 1.27
N LEU ED 886 -66.17 -25.03 2.07
CA LEU ED 886 -66.06 -25.97 3.18
C LEU ED 886 -66.93 -27.20 2.93
N ALA ED 887 -66.44 -28.35 3.37
CA ALA ED 887 -67.17 -29.60 3.40
C ALA ED 887 -67.11 -30.20 4.80
N THR ED 888 -68.07 -31.07 5.10
CA THR ED 888 -68.21 -31.63 6.44
C THR ED 888 -68.13 -33.15 6.35
N ILE ED 889 -67.24 -33.73 7.15
CA ILE ED 889 -67.12 -35.18 7.20
C ILE ED 889 -68.26 -35.75 8.04
N VAL ED 890 -68.95 -36.75 7.50
CA VAL ED 890 -70.12 -37.31 8.14
C VAL ED 890 -69.92 -38.74 8.64
N THR ED 891 -68.93 -39.47 8.10
CA THR ED 891 -68.75 -40.85 8.49
C THR ED 891 -67.29 -41.15 8.84
N GLY ED 892 -66.99 -42.43 9.08
CA GLY ED 892 -65.64 -42.81 9.42
C GLY ED 892 -65.26 -42.43 10.84
N LYS ED 893 -63.95 -42.47 11.11
CA LYS ED 893 -63.45 -42.10 12.43
C LYS ED 893 -63.72 -40.63 12.74
N LEU ED 894 -63.54 -39.76 11.77
CA LEU ED 894 -63.75 -38.33 11.95
C LEU ED 894 -65.23 -38.01 11.86
N LYS ED 895 -65.77 -37.41 12.92
CA LYS ED 895 -67.16 -36.98 12.97
C LYS ED 895 -67.21 -35.52 13.39
N GLY ED 896 -68.00 -34.72 12.67
CA GLY ED 896 -68.08 -33.31 12.97
C GLY ED 896 -66.91 -32.48 12.49
N SER ED 897 -66.00 -33.10 11.74
CA SER ED 897 -64.84 -32.37 11.22
C SER ED 897 -65.21 -31.62 9.95
N LYS ED 898 -64.48 -30.55 9.66
CA LYS ED 898 -64.72 -29.72 8.50
C LYS ED 898 -63.43 -29.47 7.75
N LEU ED 899 -63.56 -29.10 6.48
CA LEU ED 899 -62.39 -28.92 5.61
C LEU ED 899 -62.68 -27.81 4.62
N ILE ED 900 -61.85 -26.76 4.64
CA ILE ED 900 -61.99 -25.64 3.72
C ILE ED 900 -60.85 -25.66 2.73
N GLY ED 901 -61.16 -25.24 1.50
CA GLY ED 901 -60.20 -25.15 0.42
C GLY ED 901 -60.71 -24.26 -0.70
N SER ED 902 -60.22 -24.48 -1.91
CA SER ED 902 -60.61 -23.67 -3.06
C SER ED 902 -60.62 -24.57 -4.29
N PHE ED 903 -61.05 -24.03 -5.42
CA PHE ED 903 -61.12 -24.77 -6.68
C PHE ED 903 -60.06 -24.26 -7.64
N ASN ED 904 -60.03 -24.89 -8.82
CA ASN ED 904 -59.16 -24.47 -9.90
C ASN ED 904 -59.97 -24.41 -11.19
N LEU ED 905 -59.53 -23.56 -12.10
CA LEU ED 905 -60.20 -23.45 -13.39
C LEU ED 905 -59.37 -24.16 -14.46
N PRO ED 906 -59.88 -25.25 -15.01
CA PRO ED 906 -59.17 -25.96 -16.08
C PRO ED 906 -59.24 -25.20 -17.39
N SER ED 907 -58.29 -25.53 -18.28
CA SER ED 907 -58.30 -24.95 -19.62
C SER ED 907 -59.56 -25.29 -20.39
N ASN ED 908 -60.02 -26.53 -20.28
CA ASN ED 908 -61.30 -26.95 -20.83
C ASN ED 908 -62.17 -27.49 -19.70
N ALA ED 909 -63.46 -27.20 -19.77
CA ALA ED 909 -64.37 -27.43 -18.67
C ALA ED 909 -65.03 -28.82 -18.72
N ASP ED 910 -64.34 -29.80 -19.29
CA ASP ED 910 -64.84 -31.16 -19.31
C ASP ED 910 -64.85 -31.82 -17.94
N LYS ED 911 -64.21 -31.21 -16.95
CA LYS ED 911 -64.24 -31.71 -15.59
C LYS ED 911 -63.94 -30.56 -14.64
N MET ED 912 -64.28 -30.76 -13.37
CA MET ED 912 -64.08 -29.74 -12.36
C MET ED 912 -63.71 -30.42 -11.05
N VAL ED 913 -62.65 -29.92 -10.39
CA VAL ED 913 -62.15 -30.50 -9.15
C VAL ED 913 -61.92 -29.37 -8.15
N ILE ED 914 -61.83 -29.76 -6.88
CA ILE ED 914 -61.69 -28.82 -5.77
C ILE ED 914 -60.45 -29.21 -4.97
N THR ED 915 -59.67 -28.21 -4.58
CA THR ED 915 -58.52 -28.42 -3.72
C THR ED 915 -58.94 -28.16 -2.28
N PHE ED 916 -58.68 -29.13 -1.40
CA PHE ED 916 -59.11 -29.07 -0.02
C PHE ED 916 -57.91 -29.33 0.89
N ASN ED 917 -57.51 -28.32 1.65
CA ASN ED 917 -56.27 -28.45 2.40
C ASN ED 917 -56.41 -28.14 3.89
N THR ED 918 -57.24 -27.16 4.26
CA THR ED 918 -57.26 -26.72 5.65
C THR ED 918 -58.34 -27.49 6.40
N MET ED 919 -57.92 -28.45 7.22
CA MET ED 919 -58.82 -29.35 7.93
C MET ED 919 -58.87 -28.98 9.41
N SER ED 920 -60.07 -28.90 9.96
CA SER ED 920 -60.29 -28.64 11.37
C SER ED 920 -61.13 -29.76 11.97
N ILE ED 921 -60.61 -30.39 13.01
CA ILE ED 921 -61.28 -31.50 13.69
C ILE ED 921 -61.77 -30.99 15.05
N PRO ED 922 -63.00 -31.33 15.47
CA PRO ED 922 -63.48 -30.86 16.77
C PRO ED 922 -62.75 -31.50 17.93
N GLY ED 923 -63.18 -31.19 19.15
CA GLY ED 923 -62.53 -31.72 20.33
C GLY ED 923 -61.42 -30.83 20.86
N ALA ED 924 -60.36 -30.66 20.09
CA ALA ED 924 -59.21 -29.89 20.51
C ALA ED 924 -58.93 -28.75 19.53
N GLU ED 925 -58.28 -27.70 20.03
CA GLU ED 925 -57.94 -26.52 19.25
C GLU ED 925 -56.68 -26.82 18.43
N LYS ED 926 -56.91 -27.25 17.19
CA LYS ED 926 -55.83 -27.59 16.27
C LYS ED 926 -56.30 -27.36 14.84
N THR ED 927 -55.34 -27.31 13.92
CA THR ED 927 -55.66 -27.12 12.51
C THR ED 927 -54.59 -27.85 11.70
N ILE ED 928 -54.91 -29.06 11.24
CA ILE ED 928 -53.99 -29.85 10.43
C ILE ED 928 -54.07 -29.37 8.98
N SER ED 929 -53.11 -29.79 8.16
CA SER ED 929 -53.01 -29.28 6.80
C SER ED 929 -52.98 -30.41 5.77
N ILE ED 930 -53.89 -31.36 5.88
CA ILE ED 930 -53.99 -32.44 4.90
C ILE ED 930 -54.62 -31.88 3.64
N SER ED 931 -53.93 -32.04 2.51
CA SER ED 931 -54.41 -31.59 1.21
C SER ED 931 -54.87 -32.80 0.41
N ALA ED 932 -56.06 -32.70 -0.18
CA ALA ED 932 -56.66 -33.82 -0.87
C ALA ED 932 -57.64 -33.30 -1.91
N TYR ED 933 -58.09 -34.20 -2.80
CA TYR ED 933 -59.03 -33.88 -3.87
C TYR ED 933 -60.32 -34.67 -3.68
N ALA ED 934 -61.20 -34.58 -4.68
CA ALA ED 934 -62.53 -35.16 -4.60
C ALA ED 934 -62.87 -35.93 -5.87
N ILE ED 935 -63.77 -36.90 -5.72
CA ILE ED 935 -64.32 -37.66 -6.83
C ILE ED 935 -65.83 -37.72 -6.68
N ASP ED 936 -66.54 -37.85 -7.80
CA ASP ED 936 -67.99 -37.89 -7.77
C ASP ED 936 -68.47 -39.15 -7.04
N PRO ED 937 -69.27 -39.01 -5.99
CA PRO ED 937 -69.69 -40.21 -5.24
C PRO ED 937 -70.51 -41.16 -6.10
N ASN ED 938 -70.27 -42.45 -5.89
CA ASN ED 938 -70.88 -43.56 -6.60
C ASN ED 938 -70.73 -43.44 -8.12
N THR ED 939 -69.78 -42.63 -8.59
CA THR ED 939 -69.50 -42.51 -10.02
C THR ED 939 -68.02 -42.76 -10.28
N ALA ED 940 -67.19 -42.43 -9.29
CA ALA ED 940 -65.75 -42.66 -9.35
C ALA ED 940 -65.13 -41.97 -10.57
N ARG ED 941 -65.56 -40.73 -10.79
CA ARG ED 941 -65.04 -39.93 -11.89
C ARG ED 941 -64.73 -38.53 -11.36
N THR ED 942 -63.80 -37.87 -12.02
CA THR ED 942 -63.30 -36.57 -11.58
C THR ED 942 -64.10 -35.39 -12.10
N ALA ED 943 -65.13 -35.63 -12.92
CA ALA ED 943 -65.91 -34.54 -13.47
C ALA ED 943 -66.93 -34.04 -12.44
N LEU ED 944 -67.52 -32.88 -12.74
CA LEU ED 944 -68.53 -32.27 -11.89
C LEU ED 944 -69.85 -32.21 -12.63
N ALA ED 945 -70.95 -32.43 -11.90
CA ALA ED 945 -72.30 -32.41 -12.48
C ALA ED 945 -72.79 -30.96 -12.54
N SER ED 946 -72.77 -30.41 -13.75
CA SER ED 946 -73.21 -29.05 -13.98
C SER ED 946 -73.55 -28.90 -15.46
N ARG ED 947 -73.74 -27.66 -15.89
CA ARG ED 947 -74.03 -27.34 -17.28
C ARG ED 947 -72.85 -26.59 -17.91
N THR ED 948 -72.59 -26.89 -19.17
CA THR ED 948 -71.43 -26.33 -19.85
C THR ED 948 -71.78 -25.56 -21.12
N ASN ED 949 -73.04 -25.49 -21.52
CA ASN ED 949 -73.45 -24.79 -22.75
C ASN ED 949 -73.90 -23.37 -22.46
N HIS ED 950 -73.26 -22.73 -21.48
CA HIS ED 950 -73.75 -21.46 -20.96
C HIS ED 950 -73.66 -20.33 -22.00
N HIS ED 951 -72.52 -20.20 -22.67
CA HIS ED 951 -72.25 -19.03 -23.50
C HIS ED 951 -71.62 -19.42 -24.83
N TYR ED 952 -72.24 -20.38 -25.53
CA TYR ED 952 -71.93 -20.63 -26.93
C TYR ED 952 -72.91 -19.95 -27.86
N LEU ED 953 -74.20 -20.18 -27.62
CA LEU ED 953 -75.25 -19.72 -28.53
C LEU ED 953 -75.28 -18.20 -28.64
N MET ED 954 -75.12 -17.49 -27.51
CA MET ED 954 -75.23 -16.04 -27.54
C MET ED 954 -74.19 -15.42 -28.46
N ARG ED 955 -72.92 -15.77 -28.26
CA ARG ED 955 -71.87 -15.21 -29.11
C ARG ED 955 -71.99 -15.69 -30.54
N TYR ED 956 -72.30 -16.97 -30.77
CA TYR ED 956 -72.46 -17.44 -32.13
C TYR ED 956 -73.54 -16.66 -32.86
N GLY ED 957 -74.70 -16.48 -32.22
CA GLY ED 957 -75.80 -15.76 -32.86
C GLY ED 957 -75.48 -14.30 -33.08
N SER ED 958 -74.84 -13.65 -32.09
CA SER ED 958 -74.50 -12.24 -32.26
C SER ED 958 -73.56 -12.05 -33.44
N LEU ED 959 -72.51 -12.88 -33.54
CA LEU ED 959 -71.58 -12.76 -34.66
C LEU ED 959 -72.28 -13.01 -35.98
N PHE ED 960 -73.09 -14.06 -36.05
CA PHE ED 960 -73.76 -14.39 -37.30
C PHE ED 960 -74.72 -13.29 -37.72
N ALA ED 961 -75.46 -12.71 -36.76
CA ALA ED 961 -76.36 -11.62 -37.09
C ALA ED 961 -75.61 -10.39 -37.59
N SER ED 962 -74.51 -10.04 -36.93
CA SER ED 962 -73.73 -8.89 -37.39
C SER ED 962 -73.21 -9.11 -38.81
N SER ED 963 -72.69 -10.32 -39.07
CA SER ED 963 -72.24 -10.63 -40.42
C SER ED 963 -73.38 -10.54 -41.42
N PHE ED 964 -74.54 -11.10 -41.09
CA PHE ED 964 -75.68 -11.05 -42.00
C PHE ED 964 -76.08 -9.62 -42.30
N LEU ED 965 -76.05 -8.75 -41.29
CA LEU ED 965 -76.35 -7.34 -41.52
C LEU ED 965 -75.36 -6.73 -42.51
N GLN ED 966 -74.07 -6.91 -42.25
CA GLN ED 966 -73.05 -6.39 -43.17
C GLN ED 966 -73.32 -6.87 -44.59
N GLY ED 967 -73.51 -8.18 -44.75
CA GLY ED 967 -73.71 -8.73 -46.07
C GLY ED 967 -74.95 -8.19 -46.75
N PHE ED 968 -76.04 -8.06 -45.99
CA PHE ED 968 -77.28 -7.62 -46.61
C PHE ED 968 -77.15 -6.21 -47.12
N GLY ED 969 -76.67 -5.31 -46.26
CA GLY ED 969 -76.48 -3.94 -46.71
C GLY ED 969 -75.58 -3.88 -47.94
N ASN ED 970 -74.40 -4.49 -47.86
CA ASN ED 970 -73.44 -4.31 -48.95
C ASN ED 970 -73.93 -4.95 -50.25
N ALA ED 971 -74.42 -6.18 -50.20
CA ALA ED 971 -74.81 -6.86 -51.43
C ALA ED 971 -76.06 -6.24 -52.05
N PHE ED 972 -77.05 -5.87 -51.23
CA PHE ED 972 -78.24 -5.26 -51.78
C PHE ED 972 -78.02 -3.83 -52.22
N GLN ED 973 -76.97 -3.15 -51.73
CA GLN ED 973 -76.60 -1.88 -52.34
C GLN ED 973 -75.84 -2.10 -53.64
N SER ED 974 -75.00 -3.12 -53.70
CA SER ED 974 -74.25 -3.40 -54.91
C SER ED 974 -75.15 -3.78 -56.07
N ALA ED 975 -76.17 -4.61 -55.81
CA ALA ED 975 -77.04 -5.11 -56.85
C ALA ED 975 -78.09 -4.09 -57.30
N ASN ED 976 -77.97 -2.83 -56.85
CA ASN ED 976 -78.94 -1.82 -57.24
C ASN ED 976 -78.90 -1.54 -58.74
N THR ED 977 -77.74 -1.62 -59.36
CA THR ED 977 -77.65 -1.37 -60.80
C THR ED 977 -78.21 -2.54 -61.60
N THR ED 978 -77.93 -3.76 -61.16
CA THR ED 978 -78.39 -4.95 -61.88
C THR ED 978 -79.80 -5.36 -61.44
N SER ED 999 -87.02 2.77 -51.91
CA SER ED 999 -86.57 3.60 -50.80
C SER ED 999 -86.40 2.77 -49.54
N THR ED 1000 -87.43 2.02 -49.18
CA THR ED 1000 -87.37 1.17 -48.00
C THR ED 1000 -86.28 0.11 -48.12
N LEU ED 1001 -86.10 -0.45 -49.31
CA LEU ED 1001 -85.01 -1.40 -49.52
C LEU ED 1001 -83.66 -0.72 -49.29
N GLU ED 1002 -83.52 0.52 -49.75
CA GLU ED 1002 -82.29 1.27 -49.51
C GLU ED 1002 -82.07 1.51 -48.03
N ASN ED 1003 -83.15 1.78 -47.29
CA ASN ED 1003 -83.02 2.02 -45.85
C ASN ED 1003 -82.64 0.74 -45.12
N ALA ED 1004 -83.17 -0.40 -45.55
CA ALA ED 1004 -82.73 -1.67 -45.00
C ALA ED 1004 -81.25 -1.90 -45.28
N VAL ED 1005 -80.82 -1.62 -46.52
CA VAL ED 1005 -79.40 -1.67 -46.84
C VAL ED 1005 -78.62 -0.80 -45.88
N ILE ED 1006 -79.11 0.41 -45.66
CA ILE ED 1006 -78.48 1.35 -44.73
C ILE ED 1006 -78.26 0.70 -43.38
N GLY ED 1007 -79.34 0.28 -42.74
CA GLY ED 1007 -79.24 -0.21 -41.38
C GLY ED 1007 -78.33 -1.41 -41.28
N LEU ED 1008 -78.54 -2.39 -42.16
CA LEU ED 1008 -77.75 -3.61 -42.07
C LEU ED 1008 -76.28 -3.34 -42.34
N ALA ED 1009 -75.97 -2.67 -43.46
CA ALA ED 1009 -74.58 -2.44 -43.85
C ALA ED 1009 -73.84 -1.60 -42.82
N THR ED 1010 -74.52 -0.69 -42.13
CA THR ED 1010 -73.78 0.17 -41.24
C THR ED 1010 -73.73 -0.31 -39.80
N VAL ED 1011 -74.73 -1.06 -39.33
CA VAL ED 1011 -74.67 -1.57 -37.96
C VAL ED 1011 -74.08 -2.96 -37.88
N GLY ED 1012 -73.86 -3.63 -39.01
CA GLY ED 1012 -73.22 -4.93 -38.94
C GLY ED 1012 -71.78 -4.88 -38.47
N LYS ED 1013 -71.03 -3.87 -38.91
CA LYS ED 1013 -69.58 -3.89 -38.74
C LYS ED 1013 -69.17 -3.66 -37.28
N ALA ED 1014 -69.74 -2.64 -36.64
CA ALA ED 1014 -69.39 -2.39 -35.24
C ALA ED 1014 -69.80 -3.57 -34.37
N TRP ED 1015 -70.99 -4.11 -34.60
CA TRP ED 1015 -71.43 -5.29 -33.87
C TRP ED 1015 -70.49 -6.46 -34.10
N SER ED 1016 -70.03 -6.67 -35.34
CA SER ED 1016 -69.16 -7.79 -35.64
C SER ED 1016 -67.82 -7.65 -34.95
N GLN ED 1017 -67.23 -6.46 -34.99
CA GLN ED 1017 -65.93 -6.29 -34.33
C GLN ED 1017 -66.07 -6.42 -32.81
N GLN ED 1018 -67.15 -5.89 -32.23
CA GLN ED 1018 -67.34 -6.09 -30.79
C GLN ED 1018 -67.56 -7.55 -30.46
N ALA ED 1019 -68.28 -8.28 -31.31
CA ALA ED 1019 -68.49 -9.70 -31.08
C ALA ED 1019 -67.18 -10.47 -31.16
N GLN ED 1020 -66.31 -10.11 -32.09
CA GLN ED 1020 -64.97 -10.70 -32.12
C GLN ED 1020 -64.21 -10.37 -30.85
N GLN ED 1021 -64.38 -9.14 -30.35
CA GLN ED 1021 -63.68 -8.74 -29.13
C GLN ED 1021 -64.14 -9.55 -27.93
N LEU ED 1022 -65.43 -9.84 -27.83
CA LEU ED 1022 -65.98 -10.48 -26.64
C LEU ED 1022 -66.26 -11.96 -26.82
N PHE ED 1023 -65.87 -12.54 -27.97
CA PHE ED 1023 -66.22 -13.93 -28.24
C PHE ED 1023 -65.46 -14.90 -27.34
N ASN ED 1024 -64.32 -14.49 -26.81
CA ASN ED 1024 -63.42 -15.39 -26.11
C ASN ED 1024 -63.85 -15.69 -24.67
N THR ED 1025 -65.04 -15.27 -24.26
CA THR ED 1025 -65.48 -15.53 -22.89
C THR ED 1025 -65.76 -17.03 -22.71
N PRO ED 1026 -65.17 -17.67 -21.71
CA PRO ED 1026 -65.37 -19.10 -21.51
C PRO ED 1026 -66.76 -19.39 -20.94
N THR ED 1027 -67.21 -20.63 -21.13
CA THR ED 1027 -68.45 -21.11 -20.55
C THR ED 1027 -68.14 -21.71 -19.18
N THR ED 1028 -68.82 -21.21 -18.15
CA THR ED 1028 -68.50 -21.57 -16.78
C THR ED 1028 -69.25 -22.83 -16.36
N VAL ED 1029 -68.92 -23.32 -15.16
CA VAL ED 1029 -69.62 -24.41 -14.49
C VAL ED 1029 -69.87 -23.99 -13.05
N GLU ED 1030 -70.83 -24.67 -12.42
CA GLU ED 1030 -71.21 -24.33 -11.06
C GLU ED 1030 -71.62 -25.58 -10.30
N VAL ED 1031 -70.97 -25.81 -9.15
CA VAL ED 1031 -71.36 -26.91 -8.29
C VAL ED 1031 -72.69 -26.58 -7.61
N TYR ED 1032 -73.28 -27.59 -6.98
CA TYR ED 1032 -74.54 -27.43 -6.29
C TYR ED 1032 -74.35 -27.49 -4.79
N SER ED 1033 -75.25 -26.82 -4.06
CA SER ED 1033 -75.14 -26.69 -2.61
C SER ED 1033 -75.66 -27.90 -1.85
N GLY ED 1034 -76.05 -28.96 -2.54
CA GLY ED 1034 -76.56 -30.15 -1.87
C GLY ED 1034 -75.98 -31.43 -2.42
N THR ED 1035 -74.72 -31.37 -2.85
CA THR ED 1035 -74.06 -32.52 -3.48
C THR ED 1035 -72.98 -33.05 -2.54
N GLY ED 1036 -73.03 -34.35 -2.27
CA GLY ED 1036 -71.99 -35.01 -1.51
C GLY ED 1036 -70.79 -35.34 -2.37
N LEU ED 1037 -69.74 -35.83 -1.72
CA LEU ED 1037 -68.50 -36.11 -2.43
C LEU ED 1037 -67.64 -37.07 -1.60
N GLY ED 1038 -66.65 -37.66 -2.29
CA GLY ED 1038 -65.66 -38.51 -1.66
C GLY ED 1038 -64.27 -37.94 -1.86
N ILE ED 1039 -63.45 -38.08 -0.82
CA ILE ED 1039 -62.13 -37.47 -0.78
C ILE ED 1039 -61.08 -38.58 -0.64
N LEU ED 1040 -60.14 -38.62 -1.57
CA LEU ED 1040 -58.98 -39.49 -1.46
C LEU ED 1040 -57.80 -38.70 -0.90
N PHE ED 1041 -57.11 -39.29 0.06
CA PHE ED 1041 -56.03 -38.62 0.77
C PHE ED 1041 -54.75 -38.61 -0.05
N THR ED 1042 -53.85 -37.72 0.34
CA THR ED 1042 -52.55 -37.59 -0.32
C THR ED 1042 -51.40 -37.72 0.67
N GLN ED 1043 -51.53 -37.17 1.88
CA GLN ED 1043 -50.51 -37.25 2.90
C GLN ED 1043 -51.13 -37.80 4.19
N ASP ED 1044 -50.27 -38.13 5.14
CA ASP ED 1044 -50.69 -38.71 6.40
C ASP ED 1044 -50.79 -37.63 7.48
N VAL ED 1045 -51.46 -37.96 8.58
CA VAL ED 1045 -51.66 -37.05 9.70
C VAL ED 1045 -51.31 -37.77 10.99
N THR ED 1046 -51.33 -37.02 12.09
CA THR ED 1046 -51.04 -37.58 13.40
C THR ED 1046 -51.79 -36.83 14.50
N UNK FD 1 0.81 131.23 -11.80
CA UNK FD 1 0.60 131.93 -13.07
C UNK FD 1 0.43 133.43 -12.86
N UNK FD 2 -0.83 133.88 -12.89
CA UNK FD 2 -1.21 135.27 -12.63
C UNK FD 2 -0.58 136.25 -13.62
N UNK FD 3 -0.14 135.76 -14.78
CA UNK FD 3 0.43 136.64 -15.80
C UNK FD 3 0.40 135.91 -17.13
N UNK FD 4 -0.44 136.40 -18.05
CA UNK FD 4 -0.52 135.77 -19.36
C UNK FD 4 0.69 136.10 -20.22
N UNK FD 5 1.20 137.33 -20.12
CA UNK FD 5 2.35 137.76 -20.90
C UNK FD 5 3.30 138.52 -19.98
N UNK FD 6 4.45 137.91 -19.69
CA UNK FD 6 5.44 138.55 -18.83
C UNK FD 6 6.13 139.68 -19.57
N UNK FD 7 6.05 140.88 -19.01
CA UNK FD 7 6.63 142.06 -19.63
C UNK FD 7 8.15 141.97 -19.55
N UNK FD 8 8.77 141.58 -20.66
CA UNK FD 8 10.22 141.42 -20.71
C UNK FD 8 10.86 142.81 -20.74
N UNK FD 9 11.00 143.38 -19.54
CA UNK FD 9 11.60 144.70 -19.35
C UNK FD 9 10.92 145.78 -20.18
N UNK GD 1 -6.91 39.18 109.49
CA UNK GD 1 -6.73 39.86 108.22
C UNK GD 1 -5.93 41.14 108.38
N UNK GD 2 -6.25 42.15 107.58
CA UNK GD 2 -5.54 43.42 107.62
C UNK GD 2 -6.54 44.57 107.44
N UNK GD 3 -6.09 45.78 107.76
CA UNK GD 3 -6.91 46.97 107.68
C UNK GD 3 -6.23 48.02 106.82
N UNK GD 4 -7.04 48.93 106.28
CA UNK GD 4 -6.52 50.00 105.43
C UNK GD 4 -5.83 51.10 106.22
N UNK GD 5 -6.04 51.15 107.54
CA UNK GD 5 -5.37 52.15 108.35
C UNK GD 5 -3.86 51.95 108.33
N UNK GD 6 -3.41 50.69 108.38
CA UNK GD 6 -1.98 50.42 108.30
C UNK GD 6 -1.41 50.86 106.95
N UNK GD 7 -2.14 50.61 105.87
CA UNK GD 7 -1.67 51.04 104.56
C UNK GD 7 -1.60 52.56 104.47
N UNK GD 8 -2.60 53.25 105.03
CA UNK GD 8 -2.59 54.71 105.01
C UNK GD 8 -1.41 55.25 105.84
N UNK GD 9 -1.15 54.65 106.99
CA UNK GD 9 -0.02 55.06 107.80
C UNK GD 9 1.31 54.82 107.09
N UNK GD 10 1.42 53.69 106.39
CA UNK GD 10 2.61 53.41 105.60
C UNK GD 10 2.79 54.43 104.49
N UNK GD 11 1.68 54.80 103.83
CA UNK GD 11 1.75 55.83 102.79
C UNK GD 11 2.20 57.17 103.35
N UNK GD 12 1.68 57.54 104.53
CA UNK GD 12 2.11 58.78 105.16
C UNK GD 12 3.59 58.73 105.53
N UNK GD 13 4.06 57.59 106.04
CA UNK GD 13 5.48 57.45 106.37
C UNK GD 13 6.35 57.55 105.12
N UNK GD 14 5.90 56.94 104.01
CA UNK GD 14 6.64 57.04 102.76
C UNK GD 14 6.68 58.48 102.24
N UNK GD 15 5.56 59.20 102.34
CA UNK GD 15 5.56 60.61 101.94
C UNK GD 15 6.43 61.46 102.86
N UNK GD 16 6.58 61.07 104.12
CA UNK GD 16 7.47 61.75 105.06
C UNK GD 16 8.83 61.06 104.98
N UNK GD 17 9.51 61.24 103.84
CA UNK GD 17 10.81 60.60 103.63
C UNK GD 17 11.92 61.30 104.41
N UNK GD 18 11.84 62.63 104.54
CA UNK GD 18 12.79 63.42 105.32
C UNK GD 18 14.21 63.36 104.79
N UNK GD 19 14.39 62.74 103.62
CA UNK GD 19 15.71 62.65 102.99
C UNK GD 19 15.51 62.45 101.50
N UNK GD 20 15.70 63.52 100.72
CA UNK GD 20 15.54 63.46 99.28
C UNK GD 20 16.51 64.44 98.63
N UNK GD 21 17.24 63.97 97.62
CA UNK GD 21 18.19 64.82 96.92
C UNK GD 21 18.49 64.19 95.56
N UNK GD 22 18.90 65.04 94.62
CA UNK GD 22 19.28 64.62 93.27
C UNK GD 22 20.67 65.16 92.96
N UNK GD 23 21.54 64.29 92.47
CA UNK GD 23 22.91 64.67 92.12
C UNK GD 23 22.93 65.10 90.66
N UNK GD 24 23.06 66.41 90.43
CA UNK GD 24 23.11 66.92 89.07
C UNK GD 24 24.44 66.56 88.42
N UNK GD 25 24.42 66.52 87.08
CA UNK GD 25 25.58 66.12 86.30
C UNK GD 25 25.97 67.23 85.33
N UNK GD 26 27.22 67.15 84.89
CA UNK GD 26 27.75 68.06 83.87
C UNK GD 26 28.30 67.24 82.71
N UNK GD 27 28.46 67.91 81.56
CA UNK GD 27 28.93 67.24 80.36
C UNK GD 27 30.35 66.71 80.52
N UNK GD 28 31.12 67.22 81.48
CA UNK GD 28 32.49 66.76 81.73
C UNK GD 28 32.55 65.71 82.84
N UNK GD 29 31.51 64.91 83.00
CA UNK GD 29 31.45 63.84 84.00
C UNK GD 29 31.68 64.38 85.41
N UNK GD 30 31.10 65.55 85.69
CA UNK GD 30 31.19 66.17 87.00
C UNK GD 30 29.86 66.03 87.71
N UNK GD 31 29.90 65.55 88.95
CA UNK GD 31 28.70 65.35 89.75
C UNK GD 31 28.65 66.39 90.86
N UNK GD 32 27.55 67.14 90.93
CA UNK GD 32 27.32 68.13 91.97
C UNK GD 32 26.10 67.73 92.76
N UNK GD 33 26.28 67.47 94.06
CA UNK GD 33 25.20 67.06 94.93
C UNK GD 33 25.27 67.86 96.24
N UNK GD 34 24.10 68.13 96.80
CA UNK GD 34 23.98 68.85 98.05
C UNK GD 34 23.24 68.00 99.08
N UNK GD 35 22.92 68.60 100.22
CA UNK GD 35 22.22 67.89 101.28
C UNK GD 35 20.78 67.60 100.86
N UNK GD 36 20.14 66.70 101.62
CA UNK GD 36 18.79 66.28 101.30
C UNK GD 36 17.80 67.40 101.57
N UNK GD 37 16.62 67.30 100.94
CA UNK GD 37 15.56 68.27 101.09
C UNK GD 37 14.23 67.53 101.08
N UNK GD 38 13.14 68.31 100.98
CA UNK GD 38 11.79 67.76 100.96
C UNK GD 38 11.50 66.89 102.17
N UNK GD 39 22.30 64.48 81.12
CA UNK GD 39 23.57 65.20 81.03
C UNK GD 39 23.66 66.27 82.10
N UNK GD 40 22.51 66.83 82.50
CA UNK GD 40 22.45 67.86 83.52
C UNK GD 40 21.80 67.36 84.80
N UNK GD 41 20.58 66.83 84.72
CA UNK GD 41 19.90 66.29 85.91
C UNK GD 41 18.89 65.27 85.41
N UNK GD 42 19.26 63.99 85.53
CA UNK GD 42 18.38 62.92 85.07
C UNK GD 42 17.25 62.68 86.06
N UNK GD 43 16.17 62.08 85.55
CA UNK GD 43 15.03 61.75 86.40
C UNK GD 43 15.43 60.76 87.48
N UNK GD 44 16.26 59.77 87.15
CA UNK GD 44 16.78 58.84 88.14
C UNK GD 44 17.79 59.49 89.07
N UNK GD 45 18.21 60.73 88.79
CA UNK GD 45 19.14 61.41 89.68
C UNK GD 45 18.56 61.58 91.07
N UNK GD 46 17.24 61.70 91.18
CA UNK GD 46 16.60 61.81 92.48
C UNK GD 46 16.80 60.52 93.28
N UNK GD 47 16.92 60.68 94.60
CA UNK GD 47 17.11 59.54 95.49
C UNK GD 47 16.51 59.88 96.85
N UNK GD 48 16.19 58.83 97.59
CA UNK GD 48 15.60 59.00 98.92
C UNK GD 48 15.89 57.78 99.80
N LYS HD 24 -31.02 136.01 -18.73
CA LYS HD 24 -32.25 135.25 -18.55
C LYS HD 24 -32.19 134.35 -17.32
N PHE HD 25 -31.37 133.31 -17.40
CA PHE HD 25 -31.34 132.25 -16.41
C PHE HD 25 -30.13 132.40 -15.49
N LYS HD 26 -30.36 132.16 -14.21
CA LYS HD 26 -29.30 132.00 -13.22
C LYS HD 26 -29.36 130.58 -12.69
N LYS HD 27 -28.20 129.97 -12.50
CA LYS HD 27 -28.40 128.56 -12.22
C LYS HD 27 -28.12 128.24 -10.76
N PRO HD 28 -28.84 127.26 -10.21
CA PRO HD 28 -28.57 126.82 -8.84
C PRO HD 28 -27.27 126.06 -8.77
N PRO HD 29 -26.71 125.86 -7.57
CA PRO HD 29 -25.48 125.10 -7.45
C PRO HD 29 -25.65 123.68 -7.99
N ILE HD 30 -24.59 123.18 -8.64
CA ILE HD 30 -24.68 121.86 -9.26
C ILE HD 30 -24.86 120.78 -8.21
N ASN HD 31 -24.02 120.79 -7.18
CA ASN HD 31 -24.20 119.87 -6.07
C ASN HD 31 -25.02 120.50 -4.95
N ASN HD 32 -26.17 121.05 -5.32
CA ASN HD 32 -27.05 121.63 -4.33
C ASN HD 32 -27.74 120.52 -3.54
N PRO HD 33 -27.72 120.57 -2.22
CA PRO HD 33 -28.43 119.55 -1.44
C PRO HD 33 -29.93 119.74 -1.53
N SER HD 34 -30.55 119.28 -2.61
CA SER HD 34 -31.98 119.42 -2.81
C SER HD 34 -32.79 118.34 -2.13
N ASP HD 35 -32.21 117.64 -1.17
CA ASP HD 35 -32.90 116.57 -0.45
C ASP HD 35 -32.69 116.74 1.04
N ASP HD 36 -33.70 116.30 1.81
CA ASP HD 36 -33.63 116.42 3.26
C ASP HD 36 -32.46 115.62 3.83
N ALA HD 37 -32.25 114.40 3.32
CA ALA HD 37 -31.11 113.62 3.76
C ALA HD 37 -29.81 114.33 3.45
N THR HD 38 -29.71 114.91 2.25
CA THR HD 38 -28.50 115.62 1.86
C THR HD 38 -28.23 116.80 2.79
N ILE HD 39 -29.26 117.59 3.08
CA ILE HD 39 -29.05 118.75 3.93
C ILE HD 39 -28.70 118.34 5.35
N LYS HD 40 -29.32 117.27 5.84
CA LYS HD 40 -28.98 116.79 7.18
C LYS HD 40 -27.53 116.30 7.23
N LEU HD 41 -27.10 115.58 6.19
CA LEU HD 41 -25.71 115.13 6.14
C LEU HD 41 -24.75 116.30 6.12
N ALA HD 42 -25.08 117.33 5.32
CA ALA HD 42 -24.20 118.49 5.24
C ALA HD 42 -24.12 119.22 6.57
N GLU HD 43 -25.27 119.36 7.25
CA GLU HD 43 -25.27 120.00 8.56
C GLU HD 43 -24.42 119.20 9.53
N ALA HD 44 -24.55 117.87 9.52
CA ALA HD 44 -23.74 117.04 10.39
C ALA HD 44 -22.26 117.21 10.08
N ALA HD 45 -21.92 117.30 8.79
CA ALA HD 45 -20.53 117.49 8.41
C ALA HD 45 -20.00 118.81 8.96
N VAL HD 46 -20.78 119.87 8.83
CA VAL HD 46 -20.37 121.17 9.36
C VAL HD 46 -20.15 121.07 10.87
N SER HD 47 -21.08 120.43 11.56
CA SER HD 47 -20.98 120.32 13.01
C SER HD 47 -19.74 119.57 13.43
N VAL HD 48 -19.48 118.41 12.82
CA VAL HD 48 -18.35 117.60 13.22
C VAL HD 48 -17.05 118.29 12.87
N SER HD 49 -17.01 118.98 11.73
CA SER HD 49 -15.81 119.74 11.37
C SER HD 49 -15.52 120.81 12.42
N ASP HD 50 -16.54 121.57 12.80
CA ASP HD 50 -16.34 122.61 13.80
C ASP HD 50 -15.89 122.03 15.13
N SER HD 51 -16.51 120.92 15.54
CA SER HD 51 -16.14 120.29 16.81
C SER HD 51 -14.70 119.81 16.78
N MET HD 52 -14.28 119.19 15.67
CA MET HD 52 -12.91 118.74 15.56
C MET HD 52 -11.95 119.92 15.59
N LEU HD 53 -12.31 121.02 14.94
CA LEU HD 53 -11.45 122.19 14.96
C LEU HD 53 -11.32 122.73 16.38
N GLU HD 54 -12.42 122.76 17.12
CA GLU HD 54 -12.35 123.21 18.52
C GLU HD 54 -11.46 122.29 19.35
N MET HD 55 -11.58 120.98 19.14
CA MET HD 55 -10.73 120.05 19.87
C MET HD 55 -9.26 120.28 19.54
N ALA HD 56 -8.96 120.53 18.26
CA ALA HD 56 -7.59 120.83 17.86
C ALA HD 56 -7.10 122.11 18.52
N LYS HD 57 -7.96 123.13 18.57
CA LYS HD 57 -7.60 124.38 19.24
C LYS HD 57 -7.24 124.13 20.69
N VAL HD 58 -8.05 123.34 21.39
CA VAL HD 58 -7.76 123.05 22.79
C VAL HD 58 -6.45 122.29 22.92
N GLU HD 59 -6.24 121.29 22.06
CA GLU HD 59 -5.06 120.44 22.17
C GLU HD 59 -3.77 121.15 21.76
N LYS HD 60 -3.88 122.20 20.95
CA LYS HD 60 -2.70 122.82 20.36
C LYS HD 60 -1.82 123.47 21.42
N VAL HD 61 -0.50 123.41 21.18
CA VAL HD 61 0.49 124.04 22.04
C VAL HD 61 1.45 124.82 21.15
N ILE HD 62 1.71 126.08 21.51
CA ILE HD 62 2.56 126.96 20.74
C ILE HD 62 3.53 127.67 21.68
N THR HD 63 4.44 128.43 21.08
CA THR HD 63 5.40 129.23 21.83
C THR HD 63 5.44 130.64 21.26
N PRO HD 64 5.56 131.66 22.13
CA PRO HD 64 5.65 133.02 21.64
C PRO HD 64 7.04 133.29 21.09
N PRO HD 65 7.17 134.25 20.16
CA PRO HD 65 8.50 134.66 19.70
C PRO HD 65 9.28 135.45 20.72
N SER HD 66 8.70 135.72 21.89
CA SER HD 66 9.42 136.43 22.94
C SER HD 66 10.60 135.61 23.46
N LYS HD 67 10.40 134.31 23.62
CA LYS HD 67 11.41 133.45 24.24
C LYS HD 67 11.82 132.27 23.36
N ASP HD 68 11.37 132.20 22.12
CA ASP HD 68 11.78 131.12 21.24
C ASP HD 68 13.28 131.19 21.01
N ASN HD 69 13.95 130.05 21.13
CA ASN HD 69 15.41 129.99 21.04
C ASN HD 69 15.78 129.43 19.67
N THR HD 70 15.89 130.32 18.69
CA THR HD 70 16.34 129.97 17.35
C THR HD 70 17.39 130.97 16.90
N LEU HD 71 18.29 130.51 16.03
CA LEU HD 71 19.33 131.38 15.51
C LEU HD 71 18.72 132.49 14.67
N THR HD 72 19.25 133.70 14.84
CA THR HD 72 18.80 134.84 14.07
C THR HD 72 19.60 134.96 12.78
N ILE HD 73 19.34 136.02 12.03
CA ILE HD 73 20.06 136.29 10.79
C ILE HD 73 21.34 137.06 11.10
N PRO HD 74 22.51 136.48 10.82
CA PRO HD 74 23.76 137.22 11.06
C PRO HD 74 23.91 138.49 10.23
N ASN HD 75 23.19 138.59 9.11
CA ASN HD 75 23.18 139.77 8.24
C ASN HD 75 24.57 140.30 7.92
N ALA HD 76 25.55 139.40 7.88
CA ALA HD 76 26.89 139.76 7.44
C ALA HD 76 26.95 139.69 5.92
N TYR HD 77 27.65 140.66 5.32
CA TYR HD 77 27.65 140.79 3.87
C TYR HD 77 28.18 139.54 3.19
N ASN HD 78 29.30 139.00 3.68
CA ASN HD 78 29.91 137.84 3.06
C ASN HD 78 29.10 136.56 3.29
N LEU HD 79 28.12 136.59 4.17
CA LEU HD 79 27.35 135.41 4.52
C LEU HD 79 26.06 135.28 3.73
N GLN HD 80 25.85 136.15 2.74
CA GLN HD 80 24.66 136.12 1.91
C GLN HD 80 24.85 135.32 0.64
N ALA HD 81 26.01 134.71 0.44
CA ALA HD 81 26.28 133.97 -0.78
C ALA HD 81 25.37 132.76 -0.89
N ARG HD 82 25.03 132.42 -2.14
CA ARG HD 82 24.18 131.28 -2.44
C ARG HD 82 25.01 130.11 -2.92
N ALA HD 83 24.60 128.91 -2.54
CA ALA HD 83 25.33 127.69 -2.88
C ALA HD 83 24.40 126.50 -2.74
N SER HD 84 24.94 125.33 -3.05
CA SER HD 84 24.23 124.07 -2.92
C SER HD 84 25.06 123.09 -2.12
N VAL HD 85 24.41 122.25 -1.33
CA VAL HD 85 25.11 121.31 -0.45
C VAL HD 85 24.24 120.09 -0.22
N ASP HD 86 24.83 118.91 -0.38
CA ASP HD 86 24.19 117.65 -0.05
C ASP HD 86 25.12 116.87 0.88
N TRP HD 87 24.60 116.47 2.03
CA TRP HD 87 25.43 115.83 3.04
C TRP HD 87 24.53 115.15 4.06
N SER HD 88 25.06 114.10 4.70
CA SER HD 88 24.36 113.41 5.77
C SER HD 88 25.42 112.75 6.65
N GLY HD 89 25.71 113.38 7.78
CA GLY HD 89 26.68 112.85 8.70
C GLY HD 89 26.94 113.74 9.89
N PRO HD 90 28.14 113.70 10.43
CA PRO HD 90 28.47 114.51 11.61
C PRO HD 90 28.41 116.01 11.33
N ILE HD 91 28.68 116.80 12.36
CA ILE HD 91 28.43 118.23 12.34
C ILE HD 91 29.72 119.03 12.25
N GLU HD 92 30.78 118.58 12.93
CA GLU HD 92 32.00 119.37 13.03
C GLU HD 92 32.63 119.59 11.66
N GLU HD 93 32.76 118.52 10.87
CA GLU HD 93 33.37 118.65 9.55
C GLU HD 93 32.58 119.58 8.66
N LEU HD 94 31.25 119.42 8.65
CA LEU HD 94 30.40 120.25 7.80
C LEU HD 94 30.49 121.71 8.20
N THR HD 95 30.42 122.00 9.51
CA THR HD 95 30.45 123.39 9.93
C THR HD 95 31.83 124.00 9.71
N ALA HD 96 32.90 123.21 9.85
CA ALA HD 96 34.23 123.73 9.55
C ALA HD 96 34.37 124.07 8.08
N ARG HD 97 33.82 123.22 7.21
CA ARG HD 97 33.85 123.53 5.78
C ARG HD 97 33.04 124.79 5.47
N ILE HD 98 31.90 124.94 6.14
CA ILE HD 98 31.07 126.13 5.93
C ILE HD 98 31.84 127.38 6.38
N ALA HD 99 32.48 127.30 7.54
CA ALA HD 99 33.25 128.44 8.04
C ALA HD 99 34.40 128.78 7.10
N LYS HD 100 35.08 127.76 6.57
CA LYS HD 100 36.13 128.01 5.60
C LYS HD 100 35.58 128.71 4.36
N ALA HD 101 34.43 128.25 3.87
CA ALA HD 101 33.81 128.92 2.74
C ALA HD 101 33.46 130.37 3.08
N ALA HD 102 33.06 130.62 4.32
CA ALA HD 102 32.75 131.98 4.76
C ALA HD 102 33.98 132.80 5.09
N HIS HD 103 35.17 132.19 5.08
CA HIS HD 103 36.41 132.85 5.46
C HIS HD 103 36.36 133.35 6.91
N PHE HD 104 35.58 132.68 7.75
CA PHE HD 104 35.44 133.02 9.15
C PHE HD 104 36.10 131.95 10.01
N ARG HD 105 36.79 132.40 11.06
CA ARG HD 105 37.42 131.45 11.96
C ARG HD 105 36.36 130.63 12.70
N PHE HD 106 36.76 129.43 13.11
CA PHE HD 106 35.85 128.53 13.80
C PHE HD 106 36.50 128.03 15.08
N ARG HD 107 35.70 127.92 16.14
CA ARG HD 107 36.15 127.30 17.37
C ARG HD 107 35.02 126.49 17.99
N VAL HD 108 35.39 125.52 18.79
CA VAL HD 108 34.44 124.62 19.45
C VAL HD 108 34.72 124.64 20.94
N LEU HD 109 33.69 124.93 21.73
CA LEU HD 109 33.74 124.85 23.18
C LEU HD 109 32.91 123.65 23.60
N GLY HD 110 33.58 122.63 24.12
CA GLY HD 110 32.95 121.40 24.52
C GLY HD 110 33.67 120.22 23.90
N LYS HD 111 33.09 119.04 24.07
CA LYS HD 111 33.69 117.82 23.55
C LYS HD 111 32.59 116.94 22.95
N SER HD 112 32.96 116.19 21.92
CA SER HD 112 32.01 115.29 21.30
C SER HD 112 31.76 114.09 22.21
N PRO HD 113 30.51 113.68 22.38
CA PRO HD 113 30.22 112.46 23.15
C PRO HD 113 30.74 111.24 22.42
N SER HD 114 30.63 110.09 23.10
CA SER HD 114 31.07 108.83 22.52
C SER HD 114 30.33 108.56 21.20
N VAL HD 115 29.01 108.61 21.23
CA VAL HD 115 28.20 108.45 20.03
C VAL HD 115 28.09 109.82 19.35
N PRO HD 116 28.56 109.97 18.13
CA PRO HD 116 28.53 111.28 17.48
C PRO HD 116 27.11 111.70 17.13
N VAL HD 117 26.94 113.01 17.01
CA VAL HD 117 25.66 113.60 16.62
C VAL HD 117 25.66 113.80 15.11
N LEU HD 118 24.58 113.38 14.46
CA LEU HD 118 24.51 113.36 13.02
C LEU HD 118 23.40 114.28 12.52
N ILE HD 119 23.63 114.87 11.35
CA ILE HD 119 22.67 115.74 10.68
C ILE HD 119 22.66 115.39 9.20
N SER HD 120 21.74 116.01 8.47
CA SER HD 120 21.59 115.71 7.04
C SER HD 120 20.83 116.84 6.38
N ILE HD 121 21.43 117.42 5.34
CA ILE HD 121 20.81 118.49 4.57
C ILE HD 121 21.13 118.29 3.10
N SER HD 122 20.11 118.38 2.25
CA SER HD 122 20.28 118.34 0.80
C SER HD 122 19.50 119.51 0.21
N THR HD 123 20.21 120.44 -0.42
CA THR HD 123 19.60 121.62 -1.00
C THR HD 123 20.39 122.05 -2.22
N LYS HD 124 19.68 122.44 -3.27
CA LYS HD 124 20.31 122.87 -4.51
C LYS HD 124 20.53 124.38 -4.57
N ASP HD 125 19.95 125.14 -3.66
CA ASP HD 125 20.16 126.59 -3.63
C ASP HD 125 19.80 127.10 -2.26
N GLU HD 126 20.75 127.71 -1.57
CA GLU HD 126 20.54 128.21 -0.21
C GLU HD 126 21.71 129.11 0.14
N SER HD 127 21.53 129.89 1.20
CA SER HD 127 22.59 130.77 1.68
C SER HD 127 23.04 130.35 3.07
N LEU HD 128 24.24 130.81 3.43
CA LEU HD 128 24.94 130.28 4.60
C LEU HD 128 24.16 130.54 5.87
N ALA HD 129 23.52 131.71 5.99
CA ALA HD 129 22.81 132.04 7.22
C ALA HD 129 21.70 131.04 7.49
N GLU HD 130 20.83 130.82 6.52
CA GLU HD 130 19.74 129.87 6.73
C GLU HD 130 20.24 128.44 6.78
N ILE HD 131 21.37 128.15 6.13
CA ILE HD 131 21.98 126.83 6.27
C ILE HD 131 22.34 126.58 7.72
N LEU HD 132 23.00 127.56 8.35
CA LEU HD 132 23.37 127.43 9.75
C LEU HD 132 22.14 127.40 10.64
N ARG HD 133 21.10 128.15 10.27
CA ARG HD 133 19.87 128.12 11.04
C ARG HD 133 19.26 126.73 11.04
N ASP HD 134 19.22 126.10 9.86
CA ASP HD 134 18.71 124.73 9.76
C ASP HD 134 19.59 123.77 10.53
N ILE HD 135 20.91 123.98 10.49
CA ILE HD 135 21.81 123.13 11.25
C ILE HD 135 21.49 123.21 12.74
N ASP HD 136 21.30 124.43 13.24
CA ASP HD 136 20.99 124.60 14.65
C ASP HD 136 19.67 123.94 14.99
N TYR HD 137 18.66 124.11 14.13
CA TYR HD 137 17.36 123.50 14.40
C TYR HD 137 17.46 121.98 14.44
N GLN HD 138 18.19 121.39 13.50
CA GLN HD 138 18.37 119.95 13.51
C GLN HD 138 19.12 119.49 14.77
N ALA HD 139 20.15 120.25 15.16
CA ALA HD 139 20.89 119.89 16.37
C ALA HD 139 19.98 119.93 17.59
N GLY HD 140 19.12 120.94 17.66
CA GLY HD 140 18.18 121.03 18.76
C GLY HD 140 18.81 121.48 20.07
N LYS HD 141 18.92 120.55 21.01
CA LYS HD 141 19.32 120.88 22.38
C LYS HD 141 20.81 120.72 22.62
N LYS HD 142 21.36 119.54 22.34
CA LYS HD 142 22.72 119.19 22.75
C LYS HD 142 23.79 120.07 22.11
N ALA HD 143 23.49 120.74 21.00
CA ALA HD 143 24.46 121.57 20.31
C ALA HD 143 23.90 122.96 20.08
N SER HD 144 24.80 123.94 20.05
CA SER HD 144 24.42 125.32 19.79
C SER HD 144 25.50 125.96 18.92
N ILE HD 145 25.11 127.02 18.23
CA ILE HD 145 26.02 127.72 17.32
C ILE HD 145 25.83 129.23 17.51
N HIS HD 146 26.94 129.95 17.61
CA HIS HD 146 26.89 131.41 17.67
C HIS HD 146 27.81 132.00 16.63
N VAL HD 147 27.41 133.14 16.09
CA VAL HD 147 28.15 133.85 15.05
C VAL HD 147 28.50 135.22 15.57
N TYR HD 148 29.76 135.61 15.43
CA TYR HD 148 30.22 136.92 15.84
C TYR HD 148 30.80 137.65 14.64
N PRO HD 149 30.22 138.76 14.23
CA PRO HD 149 30.69 139.48 13.04
C PRO HD 149 31.78 140.50 13.33
N ASN HD 150 31.84 140.99 14.57
CA ASN HD 150 32.89 141.95 14.93
C ASN HD 150 34.26 141.30 14.81
N SER HD 151 34.43 140.14 15.44
CA SER HD 151 35.55 139.25 15.17
C SER HD 151 34.98 138.06 14.39
N GLN HD 152 35.41 137.92 13.14
CA GLN HD 152 34.67 137.11 12.16
C GLN HD 152 34.82 135.64 12.54
N VAL HD 153 34.00 135.21 13.50
CA VAL HD 153 34.17 133.90 14.09
C VAL HD 153 32.82 133.21 14.26
N VAL HD 154 32.87 131.88 14.35
CA VAL HD 154 31.72 131.05 14.68
C VAL HD 154 32.14 130.06 15.76
N GLU HD 155 31.32 129.94 16.80
CA GLU HD 155 31.59 129.02 17.89
C GLU HD 155 30.51 127.95 17.95
N LEU HD 156 30.95 126.71 18.14
CA LEU HD 156 30.07 125.58 18.36
C LEU HD 156 30.14 125.18 19.82
N ARG HD 157 28.99 125.22 20.49
CA ARG HD 157 28.91 124.97 21.93
C ARG HD 157 28.25 123.63 22.17
N TYR HD 158 28.96 122.75 22.89
CA TYR HD 158 28.39 121.48 23.29
C TYR HD 158 27.56 121.64 24.57
N ALA HD 159 26.74 120.63 24.85
CA ALA HD 159 26.04 120.53 26.11
C ALA HD 159 26.76 119.57 27.04
N LYS HD 160 26.21 119.40 28.24
CA LYS HD 160 26.79 118.52 29.24
C LYS HD 160 26.23 117.11 29.15
N ILE ID 208 -7.78 147.96 38.23
CA ILE ID 208 -8.79 147.21 37.51
C ILE ID 208 -8.49 147.20 36.02
N ILE ID 209 -9.49 146.87 35.22
CA ILE ID 209 -9.35 146.78 33.77
C ILE ID 209 -10.35 147.73 33.14
N TYR ID 210 -9.89 148.52 32.18
CA TYR ID 210 -10.71 149.51 31.49
C TYR ID 210 -10.99 149.06 30.06
N TYR ID 211 -11.91 149.77 29.41
CA TYR ID 211 -12.27 149.47 28.03
C TYR ID 211 -12.63 150.76 27.33
N ILE ID 212 -12.12 150.93 26.10
CA ILE ID 212 -12.39 152.14 25.34
C ILE ID 212 -13.81 152.09 24.81
N GLN ID 213 -14.49 153.24 24.84
CA GLN ID 213 -15.86 153.34 24.36
C GLN ID 213 -15.98 154.18 23.10
N ALA ID 214 -15.51 155.42 23.13
CA ALA ID 214 -15.59 156.31 21.98
C ALA ID 214 -14.35 157.18 21.94
N VAL ID 215 -13.83 157.40 20.72
CA VAL ID 215 -12.58 158.10 20.52
C VAL ID 215 -12.80 159.27 19.57
N ILE ID 216 -11.74 160.04 19.37
CA ILE ID 216 -11.71 161.16 18.43
C ILE ID 216 -10.24 161.50 18.26
N PRO ID 217 -9.80 162.03 17.12
CA PRO ID 217 -8.43 162.56 17.05
C PRO ID 217 -8.19 163.57 18.16
N GLY ID 218 -7.34 163.21 19.12
CA GLY ID 218 -7.02 164.10 20.22
C GLY ID 218 -7.43 163.58 21.59
N ARG ID 219 -8.62 162.99 21.70
CA ARG ID 219 -9.14 162.57 22.98
C ARG ID 219 -9.92 161.27 22.81
N ALA ID 220 -10.41 160.73 23.94
CA ALA ID 220 -11.19 159.51 23.91
C ALA ID 220 -12.01 159.42 25.19
N TRP ID 221 -12.95 158.49 25.21
CA TRP ID 221 -13.85 158.27 26.34
C TRP ID 221 -13.64 156.86 26.86
N LEU ID 222 -13.17 156.75 28.10
CA LEU ID 222 -12.83 155.48 28.70
C LEU ID 222 -13.81 155.15 29.82
N ILE ID 223 -14.03 153.85 30.04
CA ILE ID 223 -14.87 153.37 31.11
C ILE ID 223 -14.06 152.40 31.97
N GLY ID 224 -14.43 152.31 33.25
CA GLY ID 224 -13.78 151.42 34.18
C GLY ID 224 -14.61 150.19 34.49
N SER ID 225 -13.97 149.25 35.19
CA SER ID 225 -14.68 148.04 35.60
C SER ID 225 -15.83 148.37 36.53
N ASN ID 226 -15.62 149.31 37.45
CA ASN ID 226 -16.70 149.78 38.32
C ASN ID 226 -17.79 150.48 37.53
N GLY ID 227 -17.46 151.04 36.36
CA GLY ID 227 -18.42 151.79 35.59
C GLY ID 227 -18.30 153.29 35.69
N SER ID 228 -17.20 153.81 36.22
CA SER ID 228 -16.98 155.25 36.30
C SER ID 228 -16.35 155.74 34.99
N THR ID 229 -16.95 156.77 34.41
CA THR ID 229 -16.50 157.27 33.12
C THR ID 229 -15.26 158.14 33.27
N LEU ID 230 -14.60 158.41 32.16
CA LEU ID 230 -13.45 159.30 32.15
C LEU ID 230 -13.24 159.79 30.72
N THR ID 231 -12.77 161.04 30.61
CA THR ID 231 -12.36 161.61 29.34
C THR ID 231 -10.86 161.78 29.34
N VAL ID 232 -10.19 161.24 28.33
CA VAL ID 232 -8.74 161.12 28.32
C VAL ID 232 -8.18 161.89 27.14
N ARG ID 233 -7.19 162.74 27.41
CA ARG ID 233 -6.41 163.42 26.39
C ARG ID 233 -5.04 162.74 26.30
N GLU ID 234 -4.20 163.25 25.41
CA GLU ID 234 -2.85 162.70 25.30
C GLU ID 234 -2.08 162.87 26.60
N GLY ID 235 -2.16 164.05 27.21
CA GLY ID 235 -1.53 164.27 28.50
C GLY ID 235 -2.46 163.95 29.65
N SER ID 236 -2.34 162.76 30.22
CA SER ID 236 -3.20 162.36 31.31
C SER ID 236 -2.59 161.15 32.02
N LYS ID 237 -2.90 161.03 33.30
CA LYS ID 237 -2.40 159.95 34.15
C LYS ID 237 -3.53 159.01 34.50
N ILE ID 238 -3.29 157.71 34.29
CA ILE ID 238 -4.29 156.69 34.57
C ILE ID 238 -3.73 155.68 35.56
N PRO ID 239 -4.42 155.40 36.66
CA PRO ID 239 -3.92 154.40 37.61
C PRO ID 239 -3.82 153.02 36.97
N GLY ID 240 -2.79 152.27 37.37
CA GLY ID 240 -2.58 150.95 36.83
C GLY ID 240 -1.93 150.96 35.46
N TYR ID 241 -2.07 152.09 34.75
CA TYR ID 241 -1.50 152.24 33.43
C TYR ID 241 -0.45 153.34 33.33
N GLY ID 242 -0.44 154.29 34.26
CA GLY ID 242 0.53 155.36 34.20
C GLY ID 242 0.18 156.41 33.18
N MET ID 243 1.21 157.07 32.66
CA MET ID 243 1.02 158.17 31.72
C MET ID 243 0.45 157.66 30.40
N VAL ID 244 -0.45 158.45 29.81
CA VAL ID 244 -0.97 158.13 28.49
C VAL ID 244 0.14 158.38 27.47
N LYS ID 245 0.39 157.39 26.62
CA LYS ID 245 1.51 157.50 25.69
C LYS ID 245 1.07 157.94 24.30
N LEU ID 246 0.10 157.27 23.70
CA LEU ID 246 -0.36 157.64 22.37
C LEU ID 246 -1.74 157.05 22.12
N ILE ID 247 -2.58 157.81 21.43
CA ILE ID 247 -3.88 157.34 21.02
C ILE ID 247 -3.87 157.08 19.52
N ASP ID 248 -4.92 156.43 19.03
CA ASP ID 248 -5.07 156.18 17.61
C ASP ID 248 -6.50 156.53 17.20
N SER ID 249 -6.64 157.11 16.02
CA SER ID 249 -7.94 157.42 15.43
C SER ID 249 -8.34 156.41 14.36
N LEU ID 250 -7.40 156.03 13.49
CA LEU ID 250 -7.69 155.00 12.50
C LEU ID 250 -7.89 153.64 13.16
N GLN ID 251 -7.33 153.45 14.35
CA GLN ID 251 -7.46 152.21 15.09
C GLN ID 251 -7.94 152.50 16.51
N GLY ID 252 -8.52 151.48 17.14
CA GLY ID 252 -9.03 151.63 18.48
C GLY ID 252 -8.00 151.28 19.54
N ARG ID 253 -6.74 151.25 19.14
CA ARG ID 253 -5.65 150.87 20.04
C ARG ID 253 -5.03 152.11 20.66
N ILE ID 254 -4.73 152.02 21.96
CA ILE ID 254 -4.06 153.09 22.67
C ILE ID 254 -2.97 152.48 23.55
N LEU ID 255 -1.98 153.28 23.89
CA LEU ID 255 -0.82 152.82 24.64
C LEU ID 255 -0.49 153.80 25.75
N THR ID 256 0.13 153.27 26.79
CA THR ID 256 0.50 154.03 27.99
C THR ID 256 1.98 153.86 28.26
N SER ID 257 2.46 154.58 29.28
CA SER ID 257 3.86 154.49 29.67
C SER ID 257 4.21 153.10 30.15
N SER ID 258 3.32 152.48 30.94
CA SER ID 258 3.58 151.14 31.47
C SER ID 258 3.50 150.06 30.40
N GLY ID 259 3.03 150.38 29.20
CA GLY ID 259 2.98 149.43 28.12
C GLY ID 259 1.65 148.75 27.93
N GLN ID 260 0.67 148.98 28.81
CA GLN ID 260 -0.65 148.41 28.62
C GLN ID 260 -1.29 148.97 27.35
N VAL ID 261 -2.04 148.12 26.65
CA VAL ID 261 -2.76 148.50 25.45
C VAL ID 261 -4.24 148.23 25.68
N ILE ID 262 -5.07 149.24 25.43
CA ILE ID 262 -6.50 149.16 25.66
C ILE ID 262 -7.20 149.17 24.31
N LYS ID 263 -8.03 148.16 24.08
CA LYS ID 263 -8.85 148.04 22.89
C LYS ID 263 -10.31 147.96 23.30
N PHE ID 264 -11.20 147.87 22.32
CA PHE ID 264 -12.62 147.79 22.60
C PHE ID 264 -12.97 146.44 23.23
N SER ID 265 -14.00 146.45 24.06
CA SER ID 265 -14.45 145.23 24.70
C SER ID 265 -15.19 144.34 23.71
N GLN ID 266 -15.61 143.17 24.18
CA GLN ID 266 -16.34 142.23 23.34
C GLN ID 266 -17.70 141.88 23.93
N ARG JD 207 107.59 34.98 -10.08
CA ARG JD 207 107.23 33.60 -9.76
C ARG JD 207 105.84 33.53 -9.14
N ILE JD 208 105.33 32.31 -8.98
CA ILE JD 208 104.05 32.11 -8.30
C ILE JD 208 104.30 32.11 -6.80
N ILE JD 209 103.61 33.01 -6.09
CA ILE JD 209 103.78 33.17 -4.66
C ILE JD 209 102.69 32.38 -3.96
N TYR JD 210 103.09 31.35 -3.23
CA TYR JD 210 102.14 30.55 -2.47
C TYR JD 210 101.95 31.14 -1.08
N TYR JD 211 100.77 30.90 -0.53
CA TYR JD 211 100.46 31.26 0.84
C TYR JD 211 99.76 30.10 1.51
N ILE JD 212 99.87 30.04 2.84
CA ILE JD 212 99.19 28.99 3.58
C ILE JD 212 97.70 29.27 3.58
N GLN JD 213 96.92 28.29 3.12
CA GLN JD 213 95.46 28.37 3.16
C GLN JD 213 94.88 27.77 4.43
N ALA JD 214 95.51 26.71 4.94
CA ALA JD 214 95.15 26.13 6.23
C ALA JD 214 96.41 25.51 6.83
N VAL JD 215 96.58 25.66 8.14
CA VAL JD 215 97.76 25.15 8.83
C VAL JD 215 97.33 24.31 10.01
N ILE JD 216 97.83 23.08 10.07
CA ILE JD 216 97.70 22.21 11.24
C ILE JD 216 99.02 21.52 11.49
N PRO JD 217 99.24 21.02 12.71
CA PRO JD 217 100.40 20.17 12.93
C PRO JD 217 100.30 18.91 12.08
N GLY JD 218 101.31 18.68 11.26
CA GLY JD 218 101.34 17.54 10.37
C GLY JD 218 100.97 17.77 8.91
N ARG JD 219 99.98 18.63 8.65
CA ARG JD 219 99.53 18.92 7.31
C ARG JD 219 99.57 20.42 7.05
N ALA JD 220 99.89 20.80 5.81
CA ALA JD 220 99.95 22.20 5.43
C ALA JD 220 99.22 22.39 4.10
N TRP JD 221 98.30 23.34 4.07
CA TRP JD 221 97.56 23.69 2.86
C TRP JD 221 98.11 25.00 2.32
N LEU JD 222 98.46 25.02 1.04
CA LEU JD 222 99.13 26.15 0.41
C LEU JD 222 98.34 26.57 -0.83
N ILE JD 223 98.09 27.87 -0.95
CA ILE JD 223 97.40 28.44 -2.10
C ILE JD 223 98.37 29.35 -2.82
N GLY JD 224 98.57 29.10 -4.12
CA GLY JD 224 99.52 29.86 -4.89
C GLY JD 224 99.00 31.23 -5.28
N SER JD 225 99.84 31.96 -6.04
CA SER JD 225 99.43 33.28 -6.53
C SER JD 225 98.22 33.18 -7.44
N ASN JD 226 98.21 32.20 -8.34
CA ASN JD 226 97.05 31.96 -9.19
C ASN JD 226 95.93 31.25 -8.45
N GLY JD 227 96.18 30.77 -7.24
CA GLY JD 227 95.22 29.98 -6.50
C GLY JD 227 95.51 28.50 -6.44
N SER JD 228 96.73 28.08 -6.76
CA SER JD 228 97.09 26.67 -6.78
C SER JD 228 97.01 26.10 -5.37
N THR JD 229 96.01 25.26 -5.12
CA THR JD 229 95.85 24.62 -3.82
C THR JD 229 96.62 23.31 -3.80
N LEU JD 230 97.35 23.09 -2.70
CA LEU JD 230 98.13 21.87 -2.55
C LEU JD 230 98.30 21.57 -1.08
N THR JD 231 98.64 20.33 -0.78
CA THR JD 231 98.86 19.87 0.59
C THR JD 231 100.23 19.24 0.70
N VAL JD 232 100.99 19.65 1.73
CA VAL JD 232 102.34 19.16 1.95
C VAL JD 232 102.48 18.72 3.40
N ARG JD 233 103.52 17.94 3.64
CA ARG JD 233 103.85 17.41 4.95
C ARG JD 233 105.22 17.95 5.38
N GLU JD 234 105.74 17.41 6.48
CA GLU JD 234 107.00 17.91 7.04
C GLU JD 234 108.15 17.76 6.06
N GLY JD 235 108.34 16.56 5.54
CA GLY JD 235 109.35 16.34 4.52
C GLY JD 235 108.75 16.20 3.14
N SER JD 236 108.86 17.25 2.32
CA SER JD 236 108.27 17.22 0.99
C SER JD 236 108.96 18.25 0.11
N LYS JD 237 108.74 18.11 -1.20
CA LYS JD 237 109.32 19.00 -2.20
C LYS JD 237 108.25 20.00 -2.64
N ILE JD 238 108.53 21.28 -2.43
CA ILE JD 238 107.63 22.35 -2.85
C ILE JD 238 108.21 22.98 -4.11
N PRO JD 239 107.51 22.92 -5.24
CA PRO JD 239 108.05 23.47 -6.49
C PRO JD 239 108.31 24.97 -6.37
N GLY JD 240 109.42 25.40 -6.96
CA GLY JD 240 109.81 26.80 -6.94
C GLY JD 240 110.44 27.27 -5.66
N TYR JD 241 110.46 26.44 -4.62
CA TYR JD 241 111.07 26.82 -3.34
C TYR JD 241 112.10 25.81 -2.86
N GLY JD 242 111.84 24.52 -3.02
CA GLY JD 242 112.77 23.50 -2.58
C GLY JD 242 112.14 22.43 -1.74
N MET JD 243 112.79 22.05 -0.64
CA MET JD 243 112.29 21.04 0.28
C MET JD 243 111.79 21.71 1.55
N VAL JD 244 110.78 21.10 2.16
CA VAL JD 244 110.18 21.63 3.38
C VAL JD 244 111.04 21.22 4.56
N LYS JD 245 111.36 22.19 5.42
CA LYS JD 245 112.23 21.95 6.57
C LYS JD 245 111.46 21.89 7.88
N LEU JD 246 110.69 22.92 8.21
CA LEU JD 246 109.91 22.95 9.44
C LEU JD 246 108.57 23.64 9.18
N ILE JD 247 107.51 23.08 9.75
CA ILE JD 247 106.18 23.66 9.69
C ILE JD 247 105.61 23.68 11.09
N ASP JD 248 105.12 24.86 11.52
CA ASP JD 248 104.56 25.02 12.85
C ASP JD 248 103.21 25.72 12.73
N SER JD 249 102.21 25.18 13.43
CA SER JD 249 100.93 25.86 13.51
C SER JD 249 101.06 27.20 14.22
N LEU JD 250 101.93 27.27 15.21
CA LEU JD 250 102.22 28.53 15.88
C LEU JD 250 103.00 29.45 14.93
N GLN JD 251 102.53 30.69 14.81
CA GLN JD 251 103.17 31.74 14.03
C GLN JD 251 103.10 31.49 12.52
N GLY JD 252 102.62 30.32 12.13
CA GLY JD 252 102.33 30.05 10.72
C GLY JD 252 103.47 30.28 9.78
N ARG JD 253 104.67 29.83 10.13
CA ARG JD 253 105.86 30.05 9.32
C ARG JD 253 106.42 28.71 8.85
N ILE JD 254 106.76 28.64 7.56
CA ILE JD 254 107.29 27.43 6.94
C ILE JD 254 108.73 27.69 6.54
N LEU JD 255 109.62 26.78 6.90
CA LEU JD 255 111.03 26.87 6.55
C LEU JD 255 111.31 26.02 5.31
N THR JD 256 111.98 26.63 4.34
CA THR JD 256 112.30 25.97 3.08
C THR JD 256 113.76 25.51 3.09
N SER JD 257 114.04 24.46 2.32
CA SER JD 257 115.41 24.02 2.16
C SER JD 257 116.29 25.12 1.58
N SER JD 258 115.74 25.94 0.69
CA SER JD 258 116.49 27.06 0.13
C SER JD 258 116.67 28.19 1.13
N GLY JD 259 115.78 28.27 2.13
CA GLY JD 259 115.86 29.36 3.08
C GLY JD 259 114.78 30.41 2.86
N GLN JD 260 113.56 29.95 2.58
CA GLN JD 260 112.44 30.84 2.31
C GLN JD 260 111.31 30.56 3.31
N VAL JD 261 110.52 31.59 3.57
CA VAL JD 261 109.43 31.53 4.55
C VAL JD 261 108.11 31.70 3.82
N ILE JD 262 107.19 30.76 4.03
CA ILE JD 262 105.86 30.81 3.46
C ILE JD 262 104.85 30.82 4.59
N LYS JD 263 103.96 31.80 4.59
CA LYS JD 263 102.97 31.95 5.65
C LYS JD 263 101.56 32.09 5.08
N PHE JD 264 100.59 32.39 5.94
CA PHE JD 264 99.29 32.80 5.47
C PHE JD 264 99.41 34.13 4.73
N SER JD 265 98.52 34.33 3.76
CA SER JD 265 98.55 35.56 2.98
C SER JD 265 98.26 36.77 3.87
N GLN JD 266 98.72 37.94 3.43
CA GLN JD 266 98.50 39.16 4.20
C GLN JD 266 97.01 39.45 4.34
N GLU JD 267 96.25 39.29 3.26
CA GLU JD 267 94.81 39.47 3.31
C GLU JD 267 94.06 38.20 3.68
N ASP JD 268 94.73 37.05 3.71
CA ASP JD 268 94.15 35.80 4.20
C ASP JD 268 94.86 35.49 5.51
N SER JD 269 94.36 36.08 6.59
CA SER JD 269 94.98 35.94 7.90
C SER JD 269 94.07 36.50 9.00
N GLN KD 791 99.45 29.20 58.05
CA GLN KD 791 99.52 29.28 56.61
C GLN KD 791 98.19 28.87 55.99
N GLN KD 792 97.19 28.64 56.86
CA GLN KD 792 95.88 28.16 56.42
C GLN KD 792 95.20 29.11 55.45
N GLU KD 793 95.60 30.37 55.44
CA GLU KD 793 95.09 31.29 54.43
C GLU KD 793 95.39 30.78 53.03
N ILE KD 794 96.54 30.11 52.87
CA ILE KD 794 96.88 29.54 51.57
C ILE KD 794 95.85 28.51 51.15
N GLN KD 795 95.51 27.60 52.06
CA GLN KD 795 94.52 26.57 51.73
C GLN KD 795 93.16 27.19 51.45
N GLN KD 796 92.76 28.17 52.26
CA GLN KD 796 91.46 28.81 52.06
C GLN KD 796 91.38 29.49 50.70
N ARG KD 797 92.39 30.31 50.37
CA ARG KD 797 92.40 31.01 49.10
C ARG KD 797 92.47 30.03 47.95
N THR KD 798 93.29 28.98 48.07
CA THR KD 798 93.37 27.98 47.02
C THR KD 798 92.01 27.33 46.79
N SER KD 799 91.31 26.97 47.86
CA SER KD 799 90.01 26.33 47.71
C SER KD 799 89.02 27.25 47.02
N ASP KD 800 88.89 28.49 47.50
CA ASP KD 800 87.88 29.38 46.93
C ASP KD 800 88.20 29.74 45.49
N MET KD 801 89.46 30.01 45.18
CA MET KD 801 89.83 30.34 43.81
C MET KD 801 89.69 29.13 42.90
N LEU KD 802 89.94 27.92 43.42
CA LEU KD 802 89.70 26.73 42.62
C LEU KD 802 88.22 26.57 42.28
N THR KD 803 87.35 26.81 43.26
CA THR KD 803 85.92 26.75 42.99
C THR KD 803 85.53 27.78 41.94
N ALA KD 804 86.07 29.00 42.07
CA ALA KD 804 85.77 30.04 41.11
C ALA KD 804 86.22 29.65 39.71
N ALA KD 805 87.43 29.11 39.59
CA ALA KD 805 87.95 28.70 38.29
C ALA KD 805 87.10 27.58 37.70
N THR KD 806 86.69 26.63 38.53
CA THR KD 806 85.87 25.52 38.05
C THR KD 806 84.54 26.03 37.50
N GLN KD 807 83.87 26.91 38.24
CA GLN KD 807 82.59 27.41 37.75
C GLN KD 807 82.78 28.26 36.50
N LEU KD 808 83.86 29.05 36.45
CA LEU KD 808 84.11 29.84 35.25
C LEU KD 808 84.33 28.95 34.03
N VAL KD 809 85.13 27.89 34.18
CA VAL KD 809 85.44 27.05 33.04
C VAL KD 809 84.22 26.26 32.60
N GLN KD 810 83.39 25.80 33.54
CA GLN KD 810 82.18 25.10 33.12
C GLN KD 810 81.21 26.07 32.43
N ASP KD 811 81.18 27.33 32.85
CA ASP KD 811 80.42 28.33 32.10
C ASP KD 811 80.99 28.52 30.71
N TRP KD 812 82.32 28.50 30.59
CA TRP KD 812 82.95 28.66 29.29
C TRP KD 812 82.58 27.52 28.35
N LYS KD 813 82.57 26.29 28.87
CA LYS KD 813 82.58 25.11 27.99
C LYS KD 813 81.36 25.05 27.09
N GLN KD 814 80.16 25.18 27.66
CA GLN KD 814 78.95 24.96 26.86
C GLN KD 814 78.75 26.10 25.87
N VAL KD 815 78.16 25.76 24.72
CA VAL KD 815 77.80 26.73 23.70
C VAL KD 815 76.45 26.32 23.12
N GLU KD 816 75.46 27.19 23.25
CA GLU KD 816 74.15 26.90 22.68
C GLU KD 816 74.21 26.91 21.16
N THR KD 817 73.30 26.18 20.54
CA THR KD 817 73.31 26.04 19.09
C THR KD 817 72.67 27.24 18.41
N GLN KD 818 72.70 27.22 17.09
CA GLN KD 818 72.14 28.29 16.28
C GLN KD 818 70.61 28.19 16.25
N VAL KD 819 69.99 29.19 15.63
CA VAL KD 819 68.56 29.17 15.35
C VAL KD 819 68.36 29.45 13.87
N TYR KD 820 67.62 28.58 13.20
CA TYR KD 820 67.46 28.61 11.74
C TYR KD 820 65.98 28.77 11.43
N THR KD 821 65.53 30.02 11.33
CA THR KD 821 64.12 30.34 11.23
C THR KD 821 63.76 30.64 9.78
N GLU KD 822 62.67 30.05 9.30
CA GLU KD 822 62.17 30.26 7.96
C GLU KD 822 60.92 31.14 8.01
N GLY KD 823 60.60 31.74 6.86
CA GLY KD 823 59.50 32.68 6.78
C GLY KD 823 58.55 32.35 5.64
N THR KD 824 57.39 32.98 5.69
CA THR KD 824 56.38 32.83 4.65
C THR KD 824 55.35 33.96 4.74
N ALA LD 104 69.23 61.65 77.04
CA ALA LD 104 67.91 61.91 76.48
C ALA LD 104 67.93 61.78 74.96
N GLU LD 105 67.94 62.91 74.26
CA GLU LD 105 67.97 62.90 72.81
C GLU LD 105 69.28 62.33 72.27
N VAL LD 106 70.32 62.24 73.11
CA VAL LD 106 71.55 61.58 72.69
C VAL LD 106 71.27 60.11 72.37
N ILE LD 107 70.41 59.48 73.17
CA ILE LD 107 70.01 58.10 72.89
C ILE LD 107 69.29 58.02 71.55
N ASP LD 108 68.39 58.97 71.28
CA ASP LD 108 67.66 58.98 70.01
C ASP LD 108 68.62 59.11 68.84
N LYS LD 109 69.57 60.04 68.93
CA LYS LD 109 70.53 60.25 67.85
C LYS LD 109 71.39 59.01 67.63
N LYS LD 110 71.89 58.43 68.72
CA LYS LD 110 72.74 57.25 68.61
C LYS LD 110 72.00 56.09 67.99
N ALA LD 111 70.76 55.85 68.45
CA ALA LD 111 69.98 54.74 67.92
C ALA LD 111 69.60 54.96 66.46
N PHE LD 112 69.27 56.19 66.09
CA PHE LD 112 68.96 56.48 64.70
C PHE LD 112 70.17 56.25 63.82
N LYS LD 113 71.35 56.69 64.27
CA LYS LD 113 72.57 56.48 63.50
C LYS LD 113 72.85 54.99 63.35
N ASP LD 114 72.72 54.23 64.43
CA ASP LD 114 73.00 52.80 64.36
C ASP LD 114 72.00 52.07 63.48
N MET LD 115 70.72 52.45 63.54
CA MET LD 115 69.72 51.86 62.66
C MET LD 115 70.04 52.15 61.20
N THR LD 116 70.43 53.39 60.91
CA THR LD 116 70.80 53.74 59.55
C THR LD 116 71.99 52.91 59.08
N ARG LD 117 73.01 52.76 59.92
CA ARG LD 117 74.18 51.98 59.55
C ARG LD 117 73.82 50.52 59.32
N ASN LD 118 72.99 49.94 60.19
CA ASN LD 118 72.56 48.55 60.01
C ASN LD 118 71.79 48.39 58.71
N LEU LD 119 70.89 49.32 58.41
CA LEU LD 119 70.12 49.23 57.18
C LEU LD 119 71.04 49.33 55.96
N TYR LD 120 72.02 50.21 56.00
CA TYR LD 120 72.90 50.46 54.86
C TYR LD 120 74.35 50.30 55.27
N PRO LD 121 74.83 49.06 55.37
CA PRO LD 121 76.27 48.85 55.60
C PRO LD 121 77.14 49.19 54.41
N LEU LD 122 76.56 49.49 53.25
CA LEU LD 122 77.31 49.78 52.03
C LEU LD 122 77.05 51.23 51.62
N ASN LD 123 78.13 51.96 51.42
CA ASN LD 123 78.04 53.34 50.96
C ASN LD 123 77.66 53.38 49.49
N PRO LD 124 76.98 54.45 49.05
CA PRO LD 124 76.70 54.57 47.61
C PRO LD 124 77.95 54.57 46.76
N GLU LD 125 79.02 55.21 47.24
CA GLU LD 125 80.29 55.17 46.52
C GLU LD 125 80.84 53.74 46.47
N GLN LD 126 80.69 52.99 47.56
CA GLN LD 126 81.07 51.58 47.54
C GLN LD 126 80.26 50.82 46.50
N VAL LD 127 78.97 51.14 46.39
CA VAL LD 127 78.11 50.49 45.40
C VAL LD 127 78.63 50.77 44.00
N VAL LD 128 78.95 52.04 43.73
CA VAL LD 128 79.45 52.40 42.40
C VAL LD 128 80.76 51.69 42.11
N LYS LD 129 81.66 51.65 43.10
CA LYS LD 129 82.96 51.00 42.89
C LYS LD 129 82.80 49.51 42.63
N LEU LD 130 81.92 48.84 43.38
CA LEU LD 130 81.74 47.42 43.18
C LEU LD 130 81.05 47.15 41.84
N LYS LD 131 80.16 48.02 41.41
CA LYS LD 131 79.60 47.87 40.06
C LYS LD 131 80.69 48.02 39.02
N GLN LD 132 81.61 48.97 39.22
CA GLN LD 132 82.71 49.15 38.29
C GLN LD 132 83.57 47.90 38.22
N ILE LD 133 83.93 47.34 39.37
CA ILE LD 133 84.78 46.15 39.36
C ILE LD 133 84.03 44.97 38.76
N TYR LD 134 82.72 44.88 39.00
CA TYR LD 134 81.92 43.80 38.42
C TYR LD 134 81.92 43.87 36.91
N GLU LD 135 81.71 45.06 36.35
CA GLU LD 135 81.68 45.16 34.89
C GLU LD 135 83.07 45.00 34.29
N THR LD 136 84.12 45.41 35.01
CA THR LD 136 85.46 45.13 34.53
C THR LD 136 85.73 43.64 34.50
N SER LD 137 85.28 42.91 35.53
CA SER LD 137 85.43 41.46 35.53
C SER LD 137 84.69 40.83 34.36
N GLU LD 138 83.48 41.31 34.08
CA GLU LD 138 82.73 40.79 32.94
C GLU LD 138 83.46 41.05 31.63
N TYR LD 139 83.99 42.27 31.47
CA TYR LD 139 84.74 42.58 30.25
C TYR LD 139 85.98 41.70 30.12
N ALA LD 140 86.70 41.49 31.22
CA ALA LD 140 87.89 40.67 31.19
C ALA LD 140 87.55 39.23 30.82
N LYS LD 141 86.46 38.70 31.36
CA LYS LD 141 86.03 37.36 30.99
C LYS LD 141 85.66 37.31 29.51
N ALA LD 142 84.88 38.29 29.05
CA ALA LD 142 84.45 38.29 27.65
C ALA LD 142 85.63 38.48 26.69
N ALA LD 143 86.76 38.99 27.18
CA ALA LD 143 87.93 39.15 26.33
C ALA LD 143 88.44 37.80 25.86
N THR LD 144 88.83 37.73 24.58
CA THR LD 144 89.35 36.51 23.99
C THR LD 144 90.86 36.65 23.79
N PRO LD 145 91.68 35.83 24.47
CA PRO LD 145 93.12 35.94 24.29
C PRO LD 145 93.54 35.63 22.86
N GLY LD 146 94.63 36.26 22.44
CA GLY LD 146 95.10 36.14 21.07
C GLY LD 146 94.41 37.12 20.15
N THR LD 147 93.98 36.66 18.98
CA THR LD 147 93.26 37.51 18.06
C THR LD 147 92.12 36.74 17.42
N PRO LD 148 90.95 37.36 17.27
CA PRO LD 148 89.87 36.70 16.56
C PRO LD 148 90.21 36.53 15.10
N PRO LD 149 89.67 35.49 14.45
CA PRO LD 149 89.97 35.29 13.02
C PRO LD 149 89.35 36.37 12.17
N LYS LD 150 89.96 36.56 11.00
CA LYS LD 150 89.50 37.58 10.07
C LYS LD 150 88.24 37.12 9.36
N PRO LD 151 87.13 37.87 9.44
CA PRO LD 151 85.93 37.53 8.66
C PRO LD 151 86.20 37.69 7.18
N THR LD 152 85.94 36.62 6.42
CA THR LD 152 86.27 36.60 5.00
C THR LD 152 85.16 35.91 4.21
N ALA LD 153 85.00 36.32 2.96
CA ALA LD 153 84.10 35.69 2.01
C ALA LD 153 84.85 35.45 0.70
N THR LD 154 84.65 34.29 0.10
CA THR LD 154 85.46 33.86 -1.03
C THR LD 154 84.61 33.13 -2.06
N SER LD 155 85.13 33.12 -3.29
CA SER LD 155 84.57 32.36 -4.39
C SER LD 155 85.68 31.51 -5.00
N GLN LD 156 85.37 30.24 -5.26
CA GLN LD 156 86.36 29.30 -5.77
C GLN LD 156 85.71 28.40 -6.81
N PHE LD 157 86.55 27.69 -7.55
CA PHE LD 157 86.11 26.70 -8.52
C PHE LD 157 86.61 25.33 -8.07
N VAL LD 158 85.69 24.40 -7.83
CA VAL LD 158 86.08 23.07 -7.39
C VAL LD 158 86.68 22.30 -8.58
N ASN LD 159 87.52 21.32 -8.24
CA ASN LD 159 88.12 20.45 -9.25
C ASN LD 159 88.04 19.01 -8.75
N LEU LD 160 87.22 18.21 -9.42
CA LEU LD 160 87.01 16.81 -9.04
C LEU LD 160 87.93 15.86 -9.80
N SER LD 161 89.10 16.33 -10.19
CA SER LD 161 90.05 15.48 -10.90
C SER LD 161 90.58 14.40 -9.97
N PRO LD 162 91.01 13.26 -10.52
CA PRO LD 162 91.60 12.21 -9.68
C PRO LD 162 93.02 12.54 -9.27
N GLY LD 163 93.44 13.78 -9.48
CA GLY LD 163 94.70 14.26 -8.97
C GLY LD 163 94.55 15.52 -8.15
N SER LD 164 93.40 16.19 -8.31
CA SER LD 164 93.16 17.43 -7.61
C SER LD 164 92.91 17.20 -6.13
N THR LD 165 93.18 18.22 -5.34
CA THR LD 165 92.98 18.27 -3.90
C THR LD 165 91.61 18.82 -3.56
N PRO LD 166 90.88 18.16 -2.66
CA PRO LD 166 89.52 18.61 -2.32
C PRO LD 166 89.54 20.00 -1.71
N PRO LD 167 88.54 20.82 -2.02
CA PRO LD 167 88.45 22.16 -1.41
C PRO LD 167 88.26 22.08 0.10
N VAL LD 168 88.85 23.06 0.78
CA VAL LD 168 88.87 23.13 2.23
C VAL LD 168 88.24 24.44 2.67
N ILE LD 169 87.49 24.39 3.77
CA ILE LD 169 86.78 25.55 4.31
C ILE LD 169 87.25 25.78 5.74
N ARG LD 170 87.63 27.01 6.05
CA ARG LD 170 88.00 27.38 7.41
C ARG LD 170 86.78 27.84 8.19
N LEU LD 171 86.63 27.30 9.40
CA LEU LD 171 85.47 27.55 10.25
C LEU LD 171 85.95 28.00 11.63
N SER LD 172 84.97 28.29 12.50
CA SER LD 172 85.28 28.67 13.87
C SER LD 172 84.09 28.31 14.75
N GLN LD 173 84.38 28.07 16.02
CA GLN LD 173 83.34 27.69 16.97
C GLN LD 173 82.43 28.88 17.27
N GLY LD 174 81.12 28.64 17.24
CA GLY LD 174 80.15 29.67 17.53
C GLY LD 174 79.79 30.57 16.37
N PHE LD 175 80.22 30.24 15.16
CA PHE LD 175 79.97 31.09 14.00
C PHE LD 175 79.49 30.24 12.85
N VAL LD 176 78.67 30.83 11.99
CA VAL LD 176 78.01 30.12 10.90
C VAL LD 176 78.57 30.61 9.58
N SER LD 177 78.87 29.64 8.70
CA SER LD 177 79.35 29.92 7.35
C SER LD 177 78.29 29.51 6.34
N SER LD 178 78.19 30.28 5.26
CA SER LD 178 77.18 30.06 4.24
C SER LD 178 77.84 29.54 2.97
N LEU LD 179 77.47 28.33 2.57
CA LEU LD 179 78.00 27.68 1.38
C LEU LD 179 76.95 27.69 0.29
N VAL LD 180 77.33 28.19 -0.89
CA VAL LD 180 76.44 28.21 -2.05
C VAL LD 180 77.15 27.52 -3.21
N PHE LD 181 76.41 26.67 -3.92
CA PHE LD 181 76.95 25.86 -5.01
C PHE LD 181 76.38 26.39 -6.32
N LEU LD 182 77.22 27.09 -7.08
CA LEU LD 182 76.87 27.58 -8.41
C LEU LD 182 77.61 26.76 -9.46
N ASP LD 183 77.13 26.83 -10.69
CA ASP LD 183 77.78 26.13 -11.79
C ASP LD 183 79.04 26.91 -12.19
N SER LD 184 79.65 26.52 -13.31
CA SER LD 184 80.82 27.26 -13.79
C SER LD 184 80.46 28.71 -14.11
N THR LD 185 79.31 28.93 -14.75
CA THR LD 185 78.90 30.29 -15.08
C THR LD 185 78.47 31.06 -13.85
N GLY LD 186 78.06 30.37 -12.80
CA GLY LD 186 77.52 31.01 -11.60
C GLY LD 186 76.06 30.72 -11.34
N ALA LD 187 75.38 30.03 -12.25
CA ALA LD 187 74.00 29.65 -11.99
C ALA LD 187 73.95 28.60 -10.89
N PRO LD 188 73.03 28.73 -9.94
CA PRO LD 188 72.97 27.78 -8.83
C PRO LD 188 72.55 26.39 -9.31
N TRP LD 189 73.03 25.38 -8.59
CA TRP LD 189 72.67 23.99 -8.84
C TRP LD 189 72.00 23.43 -7.59
N PRO LD 190 70.74 23.03 -7.65
CA PRO LD 190 70.07 22.52 -6.46
C PRO LD 190 70.74 21.26 -5.92
N ILE LD 191 70.70 21.12 -4.60
CA ILE LD 191 71.32 19.99 -3.92
C ILE LD 191 70.30 18.87 -3.80
N ALA LD 192 70.62 17.70 -4.37
CA ALA LD 192 69.75 16.55 -4.22
C ALA LD 192 69.77 16.02 -2.80
N ALA LD 193 70.96 15.86 -2.22
CA ALA LD 193 71.09 15.32 -0.87
C ALA LD 193 72.45 15.69 -0.32
N TYR LD 194 72.63 15.45 0.98
CA TYR LD 194 73.90 15.72 1.62
C TYR LD 194 74.15 14.67 2.69
N ASP LD 195 75.43 14.50 3.02
CA ASP LD 195 75.88 13.66 4.12
C ASP LD 195 76.84 14.44 4.97
N LEU LD 196 76.58 14.49 6.27
CA LEU LD 196 77.39 15.24 7.21
C LEU LD 196 78.17 14.28 8.10
N GLY LD 197 79.47 14.52 8.24
CA GLY LD 197 80.30 13.74 9.13
C GLY LD 197 80.42 14.40 10.50
N ASP LD 198 80.44 13.55 11.53
CA ASP LD 198 80.55 13.96 12.92
C ASP LD 198 79.51 15.01 13.27
N PRO LD 199 78.23 14.64 13.38
CA PRO LD 199 77.22 15.61 13.85
C PRO LD 199 77.48 16.09 15.28
N SER LD 200 78.28 15.38 16.06
CA SER LD 200 78.49 15.75 17.46
C SER LD 200 79.18 17.10 17.63
N SER LD 201 79.84 17.61 16.60
CA SER LD 201 80.56 18.87 16.71
C SER LD 201 80.14 19.91 15.68
N PHE LD 202 79.16 19.62 14.84
CA PHE LD 202 78.75 20.55 13.79
C PHE LD 202 77.26 20.42 13.55
N ASN LD 203 76.68 21.52 13.06
CA ASN LD 203 75.26 21.57 12.74
C ASN LD 203 75.07 22.20 11.38
N ILE LD 204 74.12 21.66 10.62
CA ILE LD 204 73.87 22.07 9.24
C ILE LD 204 72.41 22.49 9.11
N GLN LD 205 72.20 23.64 8.48
CA GLN LD 205 70.86 24.13 8.17
C GLN LD 205 70.71 24.17 6.66
N TRP LD 206 69.67 23.51 6.16
CA TRP LD 206 69.44 23.41 4.73
C TRP LD 206 67.95 23.15 4.52
N ASP LD 207 67.25 24.10 3.93
CA ASP LD 207 65.85 23.86 3.56
C ASP LD 207 65.78 22.75 2.53
N LYS LD 208 64.67 22.02 2.53
CA LYS LD 208 64.52 20.87 1.65
C LYS LD 208 64.65 21.23 0.18
N THR LD 209 64.40 22.50 -0.18
CA THR LD 209 64.34 22.91 -1.58
C THR LD 209 65.66 23.44 -2.09
N SER LD 210 66.18 24.52 -1.48
CA SER LD 210 67.29 25.25 -2.07
C SER LD 210 68.61 24.50 -1.87
N ASN LD 211 69.70 25.15 -2.26
CA ASN LD 211 71.03 24.56 -2.26
C ASN LD 211 72.01 25.46 -1.51
N THR LD 212 71.56 26.08 -0.43
CA THR LD 212 72.39 26.95 0.39
C THR LD 212 72.50 26.35 1.78
N LEU LD 213 73.71 26.23 2.29
CA LEU LD 213 73.98 25.57 3.56
C LEU LD 213 74.48 26.56 4.59
N MET LD 214 73.94 26.48 5.80
CA MET LD 214 74.43 27.26 6.93
C MET LD 214 75.06 26.31 7.94
N ILE LD 215 76.37 26.40 8.11
CA ILE LD 215 77.13 25.42 8.87
C ILE LD 215 77.72 26.10 10.10
N GLN LD 216 77.45 25.51 11.27
CA GLN LD 216 78.01 26.01 12.52
C GLN LD 216 78.86 24.92 13.16
N ALA LD 217 79.91 25.34 13.86
CA ALA LD 217 80.85 24.44 14.49
C ALA LD 217 80.89 24.69 15.99
N THR LD 218 81.17 23.63 16.74
CA THR LD 218 81.27 23.72 18.19
C THR LD 218 82.63 23.28 18.71
N LYS LD 219 83.21 22.22 18.14
CA LYS LD 219 84.54 21.80 18.55
C LYS LD 219 85.59 22.79 18.07
N LEU LD 220 86.55 23.09 18.96
CA LEU LD 220 87.56 24.10 18.65
C LEU LD 220 88.57 23.58 17.63
N TYR LD 221 89.05 22.36 17.81
CA TYR LD 221 90.18 21.85 17.02
C TYR LD 221 89.89 20.45 16.50
N ASN LD 222 88.71 20.26 15.90
CA ASN LD 222 88.36 19.01 15.25
C ASN LD 222 87.91 19.29 13.82
N TYR LD 223 88.64 18.74 12.87
CA TYR LD 223 88.39 18.96 11.46
C TYR LD 223 87.67 17.75 10.87
N GLY LD 224 86.83 18.02 9.86
CA GLY LD 224 86.04 16.96 9.26
C GLY LD 224 85.79 17.14 7.78
N ASN LD 225 84.79 16.44 7.26
CA ASN LD 225 84.45 16.55 5.85
C ASN LD 225 82.93 16.49 5.72
N LEU LD 226 82.45 16.71 4.50
CA LEU LD 226 81.04 16.56 4.18
C LEU LD 226 80.90 16.23 2.70
N ALA LD 227 79.75 15.68 2.34
CA ALA LD 227 79.51 15.29 0.96
C ALA LD 227 78.15 15.82 0.50
N VAL LD 228 78.07 16.17 -0.79
CA VAL LD 228 76.86 16.70 -1.39
C VAL LD 228 76.63 16.00 -2.72
N ARG LD 229 75.38 15.65 -2.99
CA ARG LD 229 74.96 15.11 -4.28
C ARG LD 229 73.96 16.07 -4.91
N LEU LD 230 74.21 16.42 -6.17
CA LEU LD 230 73.44 17.42 -6.89
C LEU LD 230 72.35 16.76 -7.73
N ARG LD 231 71.62 17.59 -8.47
CA ARG LD 231 70.50 17.10 -9.28
C ARG LD 231 70.98 16.15 -10.37
N GLY LD 232 71.95 16.58 -11.17
CA GLY LD 232 72.38 15.79 -12.31
C GLY LD 232 73.74 15.14 -12.13
N LEU LD 233 74.45 15.51 -11.08
CA LEU LD 233 75.81 15.01 -10.88
C LEU LD 233 75.75 13.63 -10.25
N ASN LD 234 76.28 12.63 -10.96
CA ASN LD 234 76.37 11.29 -10.40
C ASN LD 234 77.43 11.20 -9.32
N THR LD 235 78.60 11.77 -9.58
CA THR LD 235 79.70 11.69 -8.62
C THR LD 235 79.50 12.74 -7.52
N PRO LD 236 79.46 12.35 -6.26
CA PRO LD 236 79.29 13.33 -5.19
C PRO LD 236 80.53 14.19 -5.02
N VAL LD 237 80.31 15.37 -4.46
CA VAL LD 237 81.40 16.32 -4.20
C VAL LD 237 81.61 16.41 -2.70
N MET LD 238 82.83 16.16 -2.26
CA MET LD 238 83.16 16.15 -0.84
C MET LD 238 84.13 17.28 -0.53
N LEU LD 239 83.85 18.01 0.54
CA LEU LD 239 84.62 19.17 0.94
C LEU LD 239 85.12 18.98 2.37
N THR LD 240 86.35 19.38 2.63
CA THR LD 240 86.92 19.27 3.96
C THR LD 240 86.77 20.61 4.69
N LEU LD 241 86.81 20.54 6.02
CA LEU LD 241 86.58 21.71 6.86
C LEU LD 241 87.48 21.64 8.08
N ILE LD 242 88.17 22.74 8.35
CA ILE LD 242 89.12 22.84 9.45
C ILE LD 242 88.67 23.98 10.36
N PRO LD 243 88.56 23.77 11.66
CA PRO LD 243 88.20 24.85 12.57
C PRO LD 243 89.44 25.53 13.16
N GLY LD 244 89.19 26.62 13.88
CA GLY LD 244 90.22 27.27 14.66
C GLY LD 244 91.38 27.84 13.87
N GLN LD 245 91.10 28.54 12.79
CA GLN LD 245 92.12 29.23 12.02
C GLN LD 245 92.08 30.73 12.30
N LYS LD 246 93.16 31.42 11.91
CA LYS LD 246 93.28 32.85 12.15
C LYS LD 246 92.46 33.68 11.18
N ALA LD 247 91.69 33.05 10.29
CA ALA LD 247 90.75 33.74 9.42
C ALA LD 247 89.52 32.88 9.28
N VAL LD 248 88.34 33.50 9.45
CA VAL LD 248 87.08 32.78 9.44
C VAL LD 248 86.36 33.07 8.13
N ASP LD 249 85.99 32.00 7.43
CA ASP LD 249 85.26 32.13 6.17
C ASP LD 249 83.78 32.33 6.48
N TYR LD 250 83.20 33.39 5.94
CA TYR LD 250 81.78 33.67 6.15
C TYR LD 250 80.93 33.06 5.04
N ARG LD 251 81.17 33.48 3.80
CA ARG LD 251 80.45 32.94 2.66
C ARG LD 251 81.45 32.32 1.68
N VAL LD 252 81.09 31.16 1.14
CA VAL LD 252 81.92 30.47 0.16
C VAL LD 252 81.02 30.11 -1.02
N ASP LD 253 81.36 30.65 -2.19
CA ASP LD 253 80.71 30.27 -3.44
C ASP LD 253 81.60 29.26 -4.15
N LEU LD 254 81.00 28.17 -4.64
CA LEU LD 254 81.76 27.11 -5.27
C LEU LD 254 81.21 26.83 -6.66
N ARG LD 255 82.09 26.91 -7.66
CA ARG LD 255 81.72 26.64 -9.05
C ARG LD 255 81.70 25.14 -9.30
N VAL LD 256 80.85 24.73 -10.22
CA VAL LD 256 80.83 23.35 -10.71
C VAL LD 256 81.61 23.30 -12.01
N GLN LD 257 82.28 22.18 -12.25
CA GLN LD 257 83.02 22.01 -13.51
C GLN LD 257 82.07 22.07 -14.70
N GLY LD 258 80.92 21.41 -14.60
CA GLY LD 258 79.92 21.40 -15.65
C GLY LD 258 78.80 22.40 -15.40
N TYR LD 259 77.70 22.18 -16.10
CA TYR LD 259 76.53 23.03 -15.99
C TYR LD 259 75.36 22.22 -15.44
N GLY LD 260 74.61 22.82 -14.51
CA GLY LD 260 73.44 22.19 -13.96
C GLY LD 260 72.20 22.52 -14.76
N PRO LD 261 71.03 22.27 -14.18
CA PRO LD 261 69.77 22.63 -14.87
C PRO LD 261 69.63 24.12 -15.10
N ASN LD 262 70.35 24.96 -14.34
CA ASN LD 262 70.32 26.39 -14.51
C ASN LD 262 71.50 26.84 -15.37
N ALA LD 263 71.22 27.63 -16.39
CA ALA LD 263 72.27 28.11 -17.29
C ALA LD 263 72.20 29.62 -17.45
N ASP LD 278 75.67 42.06 -16.93
CA ASP LD 278 77.05 41.63 -16.79
C ASP LD 278 77.86 42.64 -15.98
N LEU LD 279 79.15 42.78 -16.34
CA LEU LD 279 80.03 43.69 -15.63
C LEU LD 279 79.54 45.13 -15.71
N LEU LD 280 78.80 45.47 -16.78
CA LEU LD 280 78.32 46.83 -16.95
C LEU LD 280 77.36 47.22 -15.84
N LEU LD 281 76.50 46.30 -15.41
CA LEU LD 281 75.57 46.61 -14.33
C LEU LD 281 76.31 46.87 -13.03
N HIS LD 282 77.33 46.08 -12.72
CA HIS LD 282 78.13 46.32 -11.51
C HIS LD 282 78.85 47.65 -11.60
N VAL LD 283 79.38 47.99 -12.79
CA VAL LD 283 80.04 49.27 -12.97
C VAL LD 283 79.06 50.41 -12.73
N LEU LD 284 77.84 50.28 -13.25
CA LEU LD 284 76.83 51.31 -13.03
C LEU LD 284 76.49 51.42 -11.55
N GLU LD 285 76.42 50.28 -10.85
CA GLU LD 285 76.18 50.33 -9.40
C GLU LD 285 77.28 51.10 -8.70
N GLY LD 286 78.54 50.79 -9.01
CA GLY LD 286 79.64 51.52 -8.42
C GLY LD 286 80.84 50.67 -8.04
N VAL LD 287 80.66 49.36 -7.95
CA VAL LD 287 81.79 48.48 -7.63
C VAL LD 287 82.74 48.43 -8.83
N PRO LD 288 84.03 48.71 -8.64
CA PRO LD 288 84.94 48.73 -9.78
C PRO LD 288 85.10 47.34 -10.37
N PRO LD 289 85.37 47.24 -11.67
CA PRO LD 289 85.62 45.93 -12.26
C PRO LD 289 86.92 45.35 -11.75
N PRO LD 290 87.05 44.02 -11.71
CA PRO LD 290 88.29 43.41 -11.21
C PRO LD 290 89.48 43.79 -12.07
N GLY LD 291 90.64 43.91 -11.42
CA GLY LD 291 91.86 44.28 -12.09
C GLY LD 291 91.97 45.74 -12.47
N SER LD 292 90.87 46.49 -12.47
CA SER LD 292 90.92 47.89 -12.83
C SER LD 292 91.64 48.69 -11.76
N ARG LD 293 92.57 49.54 -12.19
CA ARG LD 293 93.29 50.43 -11.29
C ARG LD 293 92.60 51.79 -11.27
N ARG LD 294 92.36 52.31 -10.07
CA ARG LD 294 91.69 53.60 -9.95
C ARG LD 294 92.59 54.70 -10.52
N LEU LD 295 92.00 55.57 -11.33
CA LEU LD 295 92.74 56.62 -12.02
C LEU LD 295 92.29 57.98 -11.54
N VAL LD 296 93.23 58.92 -11.49
CA VAL LD 296 92.95 60.25 -10.98
C VAL LD 296 92.36 61.11 -12.09
N VAL LD 297 91.29 61.84 -11.76
CA VAL LD 297 90.63 62.75 -12.70
C VAL LD 297 90.63 64.15 -12.07
N SER LD 298 91.00 65.14 -12.86
CA SER LD 298 91.06 66.53 -12.41
C SER LD 298 90.02 67.36 -13.15
N GLY LD 299 89.30 68.19 -12.39
CA GLY LD 299 88.28 69.05 -12.96
C GLY LD 299 86.85 68.65 -12.65
N GLY LD 300 86.63 67.73 -11.72
CA GLY LD 300 85.29 67.29 -11.41
C GLY LD 300 85.32 66.09 -10.50
N ASP LD 301 84.17 65.41 -10.41
CA ASP LD 301 84.02 64.22 -9.59
C ASP LD 301 83.57 63.07 -10.49
N ALA LD 302 84.45 62.10 -10.68
CA ALA LD 302 84.13 60.91 -11.46
C ALA LD 302 85.07 59.80 -11.06
N ARG LD 303 84.66 58.56 -11.33
CA ARG LD 303 85.46 57.38 -11.05
C ARG LD 303 85.94 56.81 -12.38
N ALA LD 304 87.26 56.77 -12.56
CA ALA LD 304 87.87 56.33 -13.80
C ALA LD 304 88.64 55.04 -13.58
N TRP LD 305 88.57 54.14 -14.56
CA TRP LD 305 89.26 52.86 -14.46
C TRP LD 305 89.72 52.42 -15.83
N LEU LD 306 90.79 51.61 -15.84
CA LEU LD 306 91.32 50.98 -17.04
C LEU LD 306 91.54 49.51 -16.71
N SER LD 307 90.54 48.69 -17.04
CA SER LD 307 90.59 47.26 -16.79
C SER LD 307 90.91 46.43 -18.02
N ASN LD 308 90.42 46.85 -19.18
CA ASN LD 308 90.64 46.18 -20.45
C ASN LD 308 91.20 47.17 -21.46
N GLU LD 309 92.24 47.90 -21.04
CA GLU LD 309 92.84 49.03 -21.76
C GLU LD 309 91.77 49.91 -22.40
N LYS LD 310 90.71 50.17 -21.65
CA LYS LD 310 89.63 51.06 -22.07
C LYS LD 310 89.24 51.94 -20.89
N MET LD 311 88.79 53.15 -21.21
CA MET LD 311 88.39 54.10 -20.18
C MET LD 311 86.96 53.81 -19.77
N TYR LD 312 86.78 53.35 -18.52
CA TYR LD 312 85.46 53.12 -17.94
C TYR LD 312 85.25 54.14 -16.85
N VAL LD 313 84.20 54.95 -16.97
CA VAL LD 313 83.98 56.06 -16.06
C VAL LD 313 82.58 56.00 -15.49
N ARG LD 314 82.44 56.49 -14.27
CA ARG LD 314 81.16 56.55 -13.56
C ARG LD 314 81.03 57.93 -12.94
N THR LD 315 79.96 58.64 -13.29
CA THR LD 315 79.80 60.01 -12.81
C THR LD 315 78.31 60.38 -12.91
N ASN LD 316 78.03 61.67 -12.80
CA ASN LD 316 76.69 62.19 -13.01
C ASN LD 316 76.64 63.27 -14.09
N LEU LD 317 77.74 63.48 -14.81
CA LEU LD 317 77.81 64.52 -15.82
C LEU LD 317 77.43 63.95 -17.19
N THR LD 318 77.64 64.72 -18.24
CA THR LD 318 77.36 64.29 -19.61
C THR LD 318 78.59 64.53 -20.47
N ILE LD 319 79.14 63.44 -21.00
CA ILE LD 319 80.35 63.51 -21.83
C ILE LD 319 79.96 63.88 -23.25
N LEU LD 320 80.79 64.71 -23.89
CA LEU LD 320 80.50 65.17 -25.24
C LEU LD 320 81.64 65.00 -26.24
N SER LD 321 82.90 64.94 -25.80
CA SER LD 321 84.00 65.01 -26.75
C SER LD 321 84.19 63.73 -27.56
N PRO LD 322 84.48 62.58 -26.95
CA PRO LD 322 84.91 61.42 -27.74
C PRO LD 322 83.83 60.42 -28.11
N GLY LD 323 82.57 60.67 -27.77
CA GLY LD 323 81.56 59.63 -27.92
C GLY LD 323 81.70 58.58 -26.84
N TRP LD 324 81.23 57.38 -27.15
CA TRP LD 324 81.35 56.28 -26.21
C TRP LD 324 81.27 54.95 -26.95
N LEU LD 325 81.92 53.94 -26.39
CA LEU LD 325 81.65 52.58 -26.82
C LEU LD 325 80.30 52.10 -26.30
N ALA LD 326 80.01 52.37 -25.02
CA ALA LD 326 78.71 52.04 -24.46
C ALA LD 326 78.45 52.95 -23.26
N SER LD 327 77.18 53.00 -22.86
CA SER LD 327 76.77 53.86 -21.76
C SER LD 327 75.52 53.30 -21.11
N MET LD 328 75.43 53.49 -19.79
CA MET LD 328 74.27 53.13 -19.00
C MET LD 328 73.88 54.32 -18.13
N THR LD 329 72.58 54.41 -17.83
CA THR LD 329 72.08 55.46 -16.95
C THR LD 329 71.12 54.85 -15.94
N SER LD 330 71.17 55.35 -14.71
CA SER LD 330 70.31 54.86 -13.65
C SER LD 330 69.04 55.70 -13.56
N ALA LD 331 68.15 55.28 -12.66
CA ALA LD 331 66.88 55.99 -12.48
C ALA LD 331 67.12 57.41 -12.01
N ASP LD 332 68.00 57.60 -11.03
CA ASP LD 332 68.31 58.94 -10.55
C ASP LD 332 69.15 59.74 -11.54
N GLY LD 333 69.63 59.10 -12.60
CA GLY LD 333 70.37 59.79 -13.65
C GLY LD 333 71.87 59.63 -13.62
N THR LD 334 72.42 58.86 -12.67
CA THR LD 334 73.85 58.62 -12.65
C THR LD 334 74.26 57.82 -13.88
N HIS LD 335 75.33 58.26 -14.53
CA HIS LD 335 75.77 57.68 -15.79
C HIS LD 335 77.04 56.88 -15.60
N ALA LD 336 77.17 55.84 -16.42
CA ALA LD 336 78.37 54.99 -16.47
C ALA LD 336 78.73 54.79 -17.93
N TYR LD 337 79.82 55.40 -18.36
CA TYR LD 337 80.28 55.33 -19.74
C TYR LD 337 81.48 54.39 -19.84
N GLU LD 338 81.73 53.93 -21.06
CA GLU LD 338 82.96 53.20 -21.37
C GLU LD 338 83.31 53.44 -22.83
N MET LD 339 84.59 53.71 -23.08
CA MET LD 339 85.03 54.02 -24.43
C MET LD 339 86.54 53.84 -24.51
N GLN LD 340 87.12 54.32 -25.61
CA GLN LD 340 88.57 54.34 -25.77
C GLN LD 340 89.20 55.29 -24.76
N LYS LD 341 90.42 54.97 -24.32
CA LYS LD 341 91.15 55.84 -23.43
C LYS LD 341 91.47 57.16 -24.11
N SER LD 342 91.46 58.24 -23.33
CA SER LD 342 91.79 59.57 -23.85
C SER LD 342 92.13 60.46 -22.66
N PRO LD 343 93.04 61.42 -22.83
CA PRO LD 343 93.47 62.24 -21.70
C PRO LD 343 92.59 63.46 -21.45
N VAL LD 344 91.86 63.91 -22.47
CA VAL LD 344 91.08 65.14 -22.41
C VAL LD 344 89.63 64.81 -22.76
N LEU LD 345 88.71 65.33 -21.95
CA LEU LD 345 87.28 65.11 -22.17
C LEU LD 345 86.54 66.44 -22.13
N LEU LD 346 85.37 66.45 -22.77
CA LEU LD 346 84.46 67.59 -22.72
C LEU LD 346 83.17 67.17 -22.04
N VAL LD 347 82.80 67.88 -20.99
CA VAL LD 347 81.60 67.58 -20.23
C VAL LD 347 80.61 68.73 -20.39
N SER LD 348 79.33 68.42 -20.26
CA SER LD 348 78.26 69.41 -20.34
C SER LD 348 77.43 69.32 -19.07
N TRP LD 349 77.09 70.46 -18.49
CA TRP LD 349 76.37 70.50 -17.22
C TRP LD 349 75.60 71.79 -17.15
N HIS LD 350 74.26 71.68 -17.07
CA HIS LD 350 73.38 72.84 -16.86
C HIS LD 350 73.66 73.95 -17.86
N GLY LD 351 73.95 73.57 -19.10
CA GLY LD 351 74.14 74.52 -20.17
C GLY LD 351 75.55 75.05 -20.34
N LYS LD 352 76.51 74.64 -19.51
CA LYS LD 352 77.89 75.07 -19.67
C LYS LD 352 78.79 73.88 -19.92
N VAL LD 353 79.77 74.08 -20.80
CA VAL LD 353 80.68 73.02 -21.24
C VAL LD 353 82.04 73.24 -20.60
N MET LD 354 82.56 72.21 -19.94
CA MET LD 354 83.83 72.28 -19.24
C MET LD 354 84.80 71.25 -19.79
N GLN LD 355 86.09 71.53 -19.57
CA GLN LD 355 87.17 70.64 -19.96
C GLN LD 355 87.59 69.79 -18.77
N LEU LD 356 87.79 68.50 -19.01
CA LEU LD 356 88.17 67.56 -17.97
C LEU LD 356 89.51 66.93 -18.33
N LYS LD 357 90.41 66.89 -17.35
CA LYS LD 357 91.77 66.38 -17.52
C LYS LD 357 91.92 65.10 -16.70
N VAL LD 358 92.35 64.03 -17.38
CA VAL LD 358 92.59 62.75 -16.74
C VAL LD 358 93.98 62.26 -17.15
N GLU LD 359 94.70 61.69 -16.20
CA GLU LD 359 96.08 61.26 -16.41
C GLU LD 359 96.19 59.75 -16.27
N GLY LD 360 96.85 59.12 -17.23
CA GLY LD 360 97.03 57.68 -17.23
C GLY LD 360 97.82 57.18 -18.41
N ARG MD 207 94.14 63.04 0.96
CA ARG MD 207 94.26 61.67 1.43
C ARG MD 207 92.92 61.17 1.97
N ILE MD 208 92.97 60.21 2.89
CA ILE MD 208 91.77 59.63 3.48
C ILE MD 208 91.92 59.67 4.99
N ILE MD 209 90.88 60.16 5.67
CA ILE MD 209 90.88 60.28 7.13
C ILE MD 209 90.20 59.06 7.71
N TYR MD 210 90.91 58.33 8.56
CA TYR MD 210 90.43 57.08 9.12
C TYR MD 210 89.81 57.30 10.50
N TYR MD 211 88.72 56.60 10.76
CA TYR MD 211 88.05 56.64 12.06
C TYR MD 211 87.79 55.21 12.52
N ILE MD 212 87.78 55.02 13.84
CA ILE MD 212 87.50 53.71 14.38
C ILE MD 212 86.01 53.42 14.24
N GLN MD 213 85.68 52.15 13.99
CA GLN MD 213 84.29 51.73 13.86
C GLN MD 213 83.89 50.74 14.94
N ALA MD 214 84.60 49.62 15.07
CA ALA MD 214 84.34 48.63 16.11
C ALA MD 214 85.66 48.30 16.79
N VAL MD 215 85.64 48.24 18.12
CA VAL MD 215 86.86 48.12 18.91
C VAL MD 215 86.72 46.92 19.84
N ILE MD 216 87.59 45.94 19.66
CA ILE MD 216 87.71 44.77 20.54
C ILE MD 216 89.19 44.45 20.64
N PRO MD 217 89.65 43.76 21.68
CA PRO MD 217 91.05 43.31 21.69
C PRO MD 217 91.33 42.41 20.50
N GLY MD 218 92.49 42.62 19.89
CA GLY MD 218 92.85 41.86 18.70
C GLY MD 218 92.45 42.54 17.40
N ARG MD 219 91.16 42.76 17.19
CA ARG MD 219 90.65 43.33 15.96
C ARG MD 219 90.24 44.78 16.19
N ALA MD 220 90.78 45.67 15.35
CA ALA MD 220 90.41 47.08 15.37
C ALA MD 220 89.76 47.42 14.04
N TRP MD 221 88.52 47.90 14.09
CA TRP MD 221 87.75 48.16 12.88
C TRP MD 221 87.82 49.64 12.54
N LEU MD 222 88.29 49.94 11.33
CA LEU MD 222 88.54 51.29 10.88
C LEU MD 222 87.68 51.60 9.67
N ILE MD 223 87.09 52.80 9.68
CA ILE MD 223 86.34 53.34 8.55
C ILE MD 223 87.03 54.63 8.10
N GLY MD 224 87.32 54.73 6.81
CA GLY MD 224 87.97 55.91 6.29
C GLY MD 224 87.01 57.03 5.95
N SER MD 225 87.59 58.15 5.53
CA SER MD 225 86.77 59.29 5.09
C SER MD 225 86.01 58.97 3.82
N ASN MD 226 86.63 58.24 2.89
CA ASN MD 226 85.94 57.82 1.68
C ASN MD 226 84.75 56.92 2.01
N GLY MD 227 84.81 56.20 3.13
CA GLY MD 227 83.79 55.25 3.50
C GLY MD 227 84.25 53.81 3.53
N SER MD 228 85.51 53.55 3.23
CA SER MD 228 86.02 52.18 3.26
C SER MD 228 86.12 51.72 4.71
N THR MD 229 85.50 50.57 4.99
CA THR MD 229 85.50 50.00 6.34
C THR MD 229 86.13 48.61 6.30
N LEU MD 230 86.97 48.33 7.28
CA LEU MD 230 87.61 47.03 7.36
C LEU MD 230 88.12 46.83 8.79
N THR MD 231 88.84 45.73 9.00
CA THR MD 231 89.40 45.41 10.31
C THR MD 231 90.87 45.06 10.17
N VAL MD 232 91.63 45.39 11.21
CA VAL MD 232 93.07 45.15 11.23
C VAL MD 232 93.44 44.44 12.52
N ARG MD 233 94.57 43.75 12.47
CA ARG MD 233 95.16 43.07 13.61
C ARG MD 233 96.42 43.81 14.05
N GLU MD 234 97.14 43.23 15.01
CA GLU MD 234 98.37 43.84 15.46
C GLU MD 234 99.38 43.94 14.32
N GLY MD 235 99.54 42.88 13.54
CA GLY MD 235 100.35 42.95 12.36
C GLY MD 235 99.52 43.26 11.13
N SER MD 236 99.47 44.53 10.74
CA SER MD 236 98.64 44.94 9.62
C SER MD 236 99.21 46.20 8.99
N LYS MD 237 98.90 46.38 7.71
CA LYS MD 237 99.36 47.53 6.92
C LYS MD 237 98.20 48.48 6.71
N ILE MD 238 98.36 49.73 7.13
CA ILE MD 238 97.36 50.76 6.94
C ILE MD 238 97.88 51.73 5.88
N PRO MD 239 97.25 51.79 4.71
CA PRO MD 239 97.70 52.75 3.69
C PRO MD 239 97.54 54.18 4.19
N GLY MD 240 98.52 55.02 3.84
CA GLY MD 240 98.52 56.41 4.25
C GLY MD 240 99.01 56.65 5.67
N TYR MD 241 99.20 55.60 6.47
CA TYR MD 241 99.66 55.74 7.83
C TYR MD 241 100.80 54.81 8.20
N GLY MD 242 101.00 53.71 7.49
CA GLY MD 242 102.09 52.80 7.78
C GLY MD 242 101.61 51.44 8.25
N MET MD 243 102.01 51.06 9.47
CA MET MD 243 101.63 49.79 10.05
C MET MD 243 100.97 50.02 11.40
N VAL MD 244 100.23 49.01 11.86
CA VAL MD 244 99.55 49.08 13.14
C VAL MD 244 100.56 48.75 14.24
N LYS MD 245 101.21 49.78 14.79
CA LYS MD 245 102.23 49.53 15.80
C LYS MD 245 101.66 49.14 17.15
N LEU MD 246 100.43 49.55 17.47
CA LEU MD 246 99.85 49.21 18.76
C LEU MD 246 98.34 49.36 18.70
N ILE MD 247 97.64 48.25 18.94
CA ILE MD 247 96.19 48.25 19.07
C ILE MD 247 95.85 48.40 20.55
N ASP MD 248 95.07 49.44 20.86
CA ASP MD 248 94.63 49.71 22.23
C ASP MD 248 93.11 49.71 22.24
N SER MD 249 92.52 48.58 22.61
CA SER MD 249 91.06 48.49 22.66
C SER MD 249 90.48 49.45 23.70
N LEU MD 250 91.10 49.55 24.87
CA LEU MD 250 90.65 50.48 25.88
C LEU MD 250 90.97 51.91 25.48
N GLN MD 251 90.09 52.84 25.87
CA GLN MD 251 90.20 54.27 25.64
C GLN MD 251 90.04 54.66 24.18
N GLY MD 252 89.84 53.70 23.27
CA GLY MD 252 89.52 53.99 21.89
C GLY MD 252 90.58 54.72 21.09
N ARG MD 253 91.84 54.27 21.18
CA ARG MD 253 92.91 54.87 20.39
C ARG MD 253 93.83 53.78 19.86
N ILE MD 254 94.48 54.09 18.74
CA ILE MD 254 95.41 53.18 18.07
C ILE MD 254 96.67 53.95 17.74
N LEU MD 255 97.83 53.33 17.94
CA LEU MD 255 99.10 53.95 17.61
C LEU MD 255 99.66 53.32 16.34
N THR MD 256 99.99 54.17 15.37
CA THR MD 256 100.46 53.71 14.08
C THR MD 256 101.99 53.57 14.09
N SER MD 257 102.49 52.81 13.12
CA SER MD 257 103.94 52.66 12.98
C SER MD 257 104.62 54.00 12.74
N SER MD 258 103.94 54.92 12.07
CA SER MD 258 104.47 56.27 11.87
C SER MD 258 104.34 57.14 13.12
N GLY MD 259 103.91 56.57 14.24
CA GLY MD 259 103.75 57.32 15.46
C GLY MD 259 102.45 58.10 15.57
N GLN MD 260 101.60 58.04 14.55
CA GLN MD 260 100.36 58.79 14.57
C GLN MD 260 99.35 58.14 15.52
N VAL MD 261 98.31 58.91 15.85
CA VAL MD 261 97.26 58.47 16.74
C VAL MD 261 95.95 58.43 15.97
N ILE MD 262 95.23 57.32 16.07
CA ILE MD 262 93.93 57.14 15.44
C ILE MD 262 92.88 57.03 16.54
N LYS MD 263 91.81 57.81 16.42
CA LYS MD 263 90.76 57.84 17.42
C LYS MD 263 89.41 58.01 16.71
N PHE MD 264 88.34 57.67 17.42
CA PHE MD 264 86.98 57.78 16.91
C PHE MD 264 86.65 59.20 16.47
N SER MD 265 85.53 59.38 15.79
CA SER MD 265 85.08 60.72 15.43
C SER MD 265 84.68 61.50 16.68
N GLN MD 266 84.64 62.82 16.54
CA GLN MD 266 84.29 63.66 17.68
C GLN MD 266 82.84 63.44 18.11
N GLU MD 267 81.90 63.49 17.16
CA GLU MD 267 80.51 63.24 17.48
C GLU MD 267 80.17 61.76 17.57
N ASP MD 268 81.05 60.89 17.09
CA ASP MD 268 80.85 59.44 17.10
C ASP MD 268 82.02 58.81 17.84
N SER MD 269 81.85 58.59 19.14
CA SER MD 269 82.88 58.00 19.97
C SER MD 269 82.30 57.36 21.23
N UNK ND 1 97.75 55.30 36.05
CA UNK ND 1 96.73 54.72 35.18
C UNK ND 1 97.34 53.74 34.19
N UNK ND 2 96.92 53.83 32.94
CA UNK ND 2 97.40 52.96 31.88
C UNK ND 2 98.12 53.78 30.82
N UNK ND 3 99.30 53.33 30.42
CA UNK ND 3 100.11 54.00 29.42
C UNK ND 3 100.69 52.98 28.46
N UNK ND 4 101.04 53.46 27.25
CA UNK ND 4 101.59 52.58 26.22
C UNK ND 4 103.00 52.09 26.55
N UNK ND 5 103.67 52.68 27.53
CA UNK ND 5 105.01 52.23 27.89
C UNK ND 5 104.99 50.81 28.42
N UNK ND 6 104.02 50.50 29.29
CA UNK ND 6 103.90 49.14 29.80
C UNK ND 6 103.63 48.15 28.68
N UNK ND 7 102.74 48.51 27.75
CA UNK ND 7 102.43 47.62 26.63
C UNK ND 7 103.64 47.38 25.75
N UNK ND 8 104.40 48.44 25.45
CA UNK ND 8 105.60 48.28 24.64
C UNK ND 8 106.63 47.40 25.33
N UNK ND 9 106.83 47.61 26.64
CA UNK ND 9 107.77 46.78 27.39
C UNK ND 9 107.32 45.32 27.41
N UNK ND 10 106.02 45.10 27.58
CA UNK ND 10 105.49 43.73 27.59
C UNK ND 10 105.69 43.06 26.24
N UNK ND 11 105.42 43.78 25.15
CA UNK ND 11 105.63 43.22 23.83
C UNK ND 11 107.11 42.90 23.58
N UNK ND 12 107.99 43.81 24.01
CA UNK ND 12 109.42 43.57 23.83
C UNK ND 12 109.87 42.34 24.61
N UNK ND 13 109.39 42.19 25.85
CA UNK ND 13 109.75 41.02 26.64
C UNK ND 13 109.18 39.74 26.03
N UNK ND 14 107.94 39.81 25.53
CA UNK ND 14 107.35 38.64 24.88
C UNK ND 14 108.15 38.22 23.66
N UNK ND 15 108.63 39.19 22.89
CA UNK ND 15 109.51 38.88 21.77
C UNK ND 15 110.81 38.26 22.27
N UNK ND 16 111.49 38.91 23.21
CA UNK ND 16 112.75 38.40 23.76
C UNK ND 16 112.47 37.60 25.03
N UNK ND 17 111.54 36.65 24.89
CA UNK ND 17 111.23 35.75 26.00
C UNK ND 17 112.45 34.93 26.41
N UNK ND 18 113.21 34.44 25.43
CA UNK ND 18 114.40 33.63 25.68
C UNK ND 18 114.09 32.41 26.55
N UNK ND 19 112.96 31.76 26.29
CA UNK ND 19 112.55 30.60 27.05
C UNK ND 19 111.98 29.55 26.10
N UNK ND 20 112.57 28.36 26.11
CA UNK ND 20 112.14 27.28 25.24
C UNK ND 20 112.71 25.94 25.71
N UNK ND 21 111.86 24.92 25.79
CA UNK ND 21 112.28 23.57 26.18
C UNK ND 21 111.47 22.58 25.32
N UNK ND 22 112.05 22.16 24.21
CA UNK ND 22 111.41 21.24 23.28
C UNK ND 22 112.21 19.95 23.20
N UNK ND 23 111.49 18.82 23.16
CA UNK ND 23 112.11 17.51 23.05
C UNK ND 23 111.43 16.73 21.93
N UNK ND 24 112.16 15.75 21.40
CA UNK ND 24 111.66 14.94 20.31
C UNK ND 24 111.17 13.59 20.82
N UNK ND 25 110.26 12.99 20.06
CA UNK ND 25 109.75 11.66 20.35
C UNK ND 25 109.98 10.77 19.14
N UNK ND 26 110.51 9.57 19.38
CA UNK ND 26 110.78 8.64 18.30
C UNK ND 26 109.49 7.93 17.88
N UNK ND 27 109.62 6.97 16.97
CA UNK ND 27 108.47 6.20 16.52
C UNK ND 27 107.84 5.42 17.67
N UNK ND 28 108.67 4.79 18.50
CA UNK ND 28 108.21 4.05 19.67
C UNK ND 28 107.99 4.95 20.88
N UNK ND 29 107.80 6.25 20.66
CA UNK ND 29 107.57 7.23 21.72
C UNK ND 29 108.75 7.31 22.68
N UNK ND 30 109.96 7.03 22.19
CA UNK ND 30 111.16 7.19 22.99
C UNK ND 30 111.52 8.68 23.08
N UNK ND 31 111.72 9.16 24.30
CA UNK ND 31 112.00 10.57 24.53
C UNK ND 31 113.44 10.91 24.15
N UNK ND 32 113.64 12.15 23.70
CA UNK ND 32 114.98 12.65 23.39
C UNK ND 32 114.99 14.14 23.74
N UNK ND 33 115.59 14.46 24.88
CA UNK ND 33 115.69 15.85 25.30
C UNK ND 33 116.69 16.60 24.43
N UNK ND 34 116.54 17.92 24.39
CA UNK ND 34 117.40 18.78 23.59
C UNK ND 34 118.27 19.65 24.47
N UNK ND 35 119.32 20.20 23.87
CA UNK ND 35 120.20 21.13 24.58
C UNK ND 35 119.49 22.45 24.82
N UNK ND 36 119.96 23.18 25.82
CA UNK ND 36 119.36 24.46 26.18
C UNK ND 36 119.53 25.47 25.04
N UNK ND 37 118.49 26.25 24.81
CA UNK ND 37 118.51 27.26 23.77
C UNK ND 37 117.55 28.39 24.14
N UNK ND 38 117.77 29.55 23.53
CA UNK ND 38 116.95 30.73 23.76
C UNK ND 38 116.87 31.08 25.24
N UNK ND 39 104.99 12.35 14.79
CA UNK ND 39 104.95 12.80 16.18
C UNK ND 39 106.31 13.29 16.62
N UNK ND 40 107.27 13.28 15.69
CA UNK ND 40 108.62 13.73 16.00
C UNK ND 40 108.67 15.21 16.38
N UNK ND 41 107.75 16.02 15.87
CA UNK ND 41 107.73 17.46 16.11
C UNK ND 41 106.34 17.86 16.58
N UNK ND 42 106.25 18.31 17.83
CA UNK ND 42 105.00 18.80 18.40
C UNK ND 42 105.11 20.29 18.65
N UNK ND 43 104.09 21.04 18.22
CA UNK ND 43 104.11 22.49 18.40
C UNK ND 43 104.14 22.86 19.87
N UNK ND 44 103.42 22.11 20.71
CA UNK ND 44 103.45 22.32 22.14
C UNK ND 44 104.65 21.66 22.81
N UNK ND 45 105.48 20.94 22.04
CA UNK ND 45 106.67 20.31 22.60
C UNK ND 45 107.58 21.32 23.27
N UNK ND 46 107.64 22.53 22.73
CA UNK ND 46 108.45 23.58 23.34
C UNK ND 46 107.75 24.15 24.56
N UNK ND 47 108.47 24.24 25.67
CA UNK ND 47 107.96 24.79 26.91
C UNK ND 47 108.81 25.98 27.31
N UNK ND 48 108.17 27.12 27.56
CA UNK ND 48 108.89 28.34 27.90
C UNK ND 48 108.83 28.61 29.40
N ARG OD 207 71.59 -87.89 5.85
CA ARG OD 207 70.39 -87.83 6.67
C ARG OD 207 69.92 -86.39 6.87
N ILE OD 208 69.28 -86.12 8.00
CA ILE OD 208 68.79 -84.80 8.34
C ILE OD 208 69.54 -84.32 9.57
N ILE OD 209 70.04 -83.09 9.52
CA ILE OD 209 70.80 -82.49 10.61
C ILE OD 209 70.00 -81.31 11.15
N TYR OD 210 69.76 -81.30 12.46
CA TYR OD 210 69.05 -80.21 13.10
C TYR OD 210 70.03 -79.11 13.49
N TYR OD 211 69.64 -77.87 13.17
CA TYR OD 211 70.46 -76.70 13.47
C TYR OD 211 69.72 -75.81 14.46
N ILE OD 212 70.47 -75.25 15.40
CA ILE OD 212 69.88 -74.37 16.39
C ILE OD 212 69.49 -73.05 15.72
N GLN OD 213 68.25 -72.61 15.95
CA GLN OD 213 67.80 -71.31 15.48
C GLN OD 213 67.47 -70.38 16.64
N ALA OD 214 66.64 -70.83 17.58
CA ALA OD 214 66.31 -70.07 18.77
C ALA OD 214 66.54 -70.95 19.99
N VAL OD 215 67.24 -70.42 20.99
CA VAL OD 215 67.55 -71.21 22.18
C VAL OD 215 67.69 -70.28 23.37
N ILE OD 216 67.08 -70.67 24.48
CA ILE OD 216 67.19 -69.99 25.76
C ILE OD 216 67.16 -71.08 26.83
N PRO OD 217 67.46 -70.79 28.10
CA PRO OD 217 67.26 -71.81 29.13
C PRO OD 217 65.80 -72.25 29.18
N GLY OD 218 65.62 -73.56 29.37
CA GLY OD 218 64.28 -74.12 29.39
C GLY OD 218 63.81 -74.69 28.06
N ARG OD 219 63.67 -73.86 27.03
CA ARG OD 219 63.16 -74.28 25.74
C ARG OD 219 64.20 -74.03 24.66
N ALA OD 220 64.23 -74.91 23.66
CA ALA OD 220 65.15 -74.81 22.55
C ALA OD 220 64.43 -75.09 21.25
N TRP OD 221 64.55 -74.19 20.29
CA TRP OD 221 63.94 -74.33 18.97
C TRP OD 221 65.02 -74.61 17.95
N LEU OD 222 64.92 -75.76 17.30
CA LEU OD 222 65.95 -76.23 16.38
C LEU OD 222 65.35 -76.40 14.99
N ILE OD 223 66.05 -75.91 13.98
CA ILE OD 223 65.62 -76.06 12.59
C ILE OD 223 66.47 -77.12 11.93
N GLY OD 224 65.82 -78.15 11.38
CA GLY OD 224 66.54 -79.22 10.73
C GLY OD 224 67.11 -78.80 9.40
N SER OD 225 67.96 -79.67 8.85
CA SER OD 225 68.50 -79.43 7.51
C SER OD 225 67.38 -79.33 6.48
N ASN OD 226 66.32 -80.11 6.65
CA ASN OD 226 65.13 -79.96 5.82
C ASN OD 226 64.43 -78.62 6.04
N GLY OD 227 64.70 -77.96 7.16
CA GLY OD 227 64.07 -76.70 7.49
C GLY OD 227 62.95 -76.80 8.52
N SER OD 228 62.59 -78.01 8.95
CA SER OD 228 61.51 -78.16 9.91
C SER OD 228 61.90 -77.61 11.27
N THR OD 229 60.96 -76.96 11.94
CA THR OD 229 61.17 -76.38 13.25
C THR OD 229 60.66 -77.31 14.32
N LEU OD 230 61.49 -77.58 15.33
CA LEU OD 230 61.15 -78.47 16.43
C LEU OD 230 61.44 -77.76 17.74
N THR OD 231 60.43 -77.62 18.58
CA THR OD 231 60.58 -77.05 19.91
C THR OD 231 60.71 -78.18 20.91
N VAL OD 232 61.84 -78.21 21.63
CA VAL OD 232 62.15 -79.30 22.54
C VAL OD 232 62.65 -78.72 23.86
N ARG OD 233 62.61 -79.55 24.89
CA ARG OD 233 63.16 -79.24 26.19
C ARG OD 233 64.27 -80.22 26.52
N GLU OD 234 64.76 -80.14 27.76
CA GLU OD 234 65.80 -81.07 28.21
C GLU OD 234 65.31 -82.51 28.12
N GLY OD 235 64.11 -82.77 28.65
CA GLY OD 235 63.55 -84.11 28.56
C GLY OD 235 62.74 -84.30 27.30
N SER OD 236 63.37 -84.87 26.28
CA SER OD 236 62.73 -85.12 25.00
C SER OD 236 63.67 -85.97 24.15
N LYS OD 237 63.08 -86.92 23.42
CA LYS OD 237 63.86 -87.82 22.58
C LYS OD 237 63.99 -87.22 21.19
N ILE OD 238 65.22 -86.87 20.82
CA ILE OD 238 65.50 -86.28 19.51
C ILE OD 238 65.46 -87.38 18.46
N PRO OD 239 64.62 -87.24 17.42
CA PRO OD 239 64.48 -88.33 16.44
C PRO OD 239 65.74 -88.53 15.64
N GLY OD 240 66.22 -89.77 15.60
CA GLY OD 240 67.41 -90.13 14.87
C GLY OD 240 68.72 -89.84 15.56
N TYR OD 241 68.68 -89.36 16.81
CA TYR OD 241 69.91 -89.06 17.54
C TYR OD 241 69.86 -89.66 18.93
N GLY OD 242 68.66 -89.87 19.46
CA GLY OD 242 68.51 -90.46 20.78
C GLY OD 242 67.82 -89.55 21.77
N MET OD 243 68.45 -89.31 22.90
CA MET OD 243 67.90 -88.47 23.96
C MET OD 243 68.76 -87.23 24.15
N VAL OD 244 68.11 -86.08 24.30
CA VAL OD 244 68.82 -84.82 24.54
C VAL OD 244 69.42 -84.87 25.93
N LYS OD 245 70.74 -85.05 26.01
CA LYS OD 245 71.40 -85.19 27.30
C LYS OD 245 71.49 -83.86 28.05
N LEU OD 246 71.82 -82.78 27.35
CA LEU OD 246 71.97 -81.49 28.02
C LEU OD 246 71.71 -80.37 27.02
N ILE OD 247 71.08 -79.30 27.51
CA ILE OD 247 70.79 -78.11 26.72
C ILE OD 247 71.46 -76.92 27.38
N ASP OD 248 72.23 -76.16 26.59
CA ASP OD 248 72.89 -74.96 27.07
C ASP OD 248 72.66 -73.85 26.07
N SER OD 249 71.96 -72.79 26.50
CA SER OD 249 71.68 -71.67 25.62
C SER OD 249 72.97 -70.98 25.18
N LEU OD 250 73.88 -70.74 26.12
CA LEU OD 250 75.17 -70.17 25.78
C LEU OD 250 76.15 -71.28 25.40
N GLN OD 251 77.30 -70.86 24.88
CA GLN OD 251 78.41 -71.72 24.44
C GLN OD 251 78.04 -72.58 23.24
N GLY OD 252 76.80 -72.53 22.75
CA GLY OD 252 76.41 -73.26 21.57
C GLY OD 252 76.60 -74.76 21.66
N ARG OD 253 76.18 -75.36 22.78
CA ARG OD 253 76.40 -76.78 23.03
C ARG OD 253 75.08 -77.47 23.36
N ILE OD 254 74.80 -78.56 22.64
CA ILE OD 254 73.68 -79.44 22.95
C ILE OD 254 74.21 -80.86 22.98
N LEU OD 255 73.87 -81.60 24.04
CA LEU OD 255 74.37 -82.95 24.25
C LEU OD 255 73.30 -83.96 23.91
N THR OD 256 73.67 -84.99 23.15
CA THR OD 256 72.77 -86.09 22.82
C THR OD 256 73.15 -87.32 23.63
N SER OD 257 72.16 -88.21 23.81
CA SER OD 257 72.41 -89.45 24.53
C SER OD 257 73.52 -90.27 23.88
N SER OD 258 73.62 -90.21 22.56
CA SER OD 258 74.72 -90.84 21.84
C SER OD 258 76.03 -90.06 21.96
N GLY OD 259 76.07 -89.03 22.80
CA GLY OD 259 77.26 -88.22 22.95
C GLY OD 259 77.46 -87.18 21.86
N GLN OD 260 76.51 -87.02 20.96
CA GLN OD 260 76.66 -86.07 19.87
C GLN OD 260 76.60 -84.63 20.41
N VAL OD 261 77.44 -83.77 19.84
CA VAL OD 261 77.45 -82.35 20.15
C VAL OD 261 76.77 -81.61 19.01
N ILE OD 262 75.81 -80.75 19.35
CA ILE OD 262 75.03 -80.01 18.38
C ILE OD 262 75.17 -78.52 18.66
N LYS OD 263 75.37 -77.73 17.60
CA LYS OD 263 75.57 -76.30 17.74
C LYS OD 263 74.65 -75.56 16.77
N PHE OD 264 74.81 -74.25 16.73
CA PHE OD 264 74.02 -73.39 15.85
C PHE OD 264 74.42 -73.63 14.39
N SER OD 265 73.53 -73.22 13.49
CA SER OD 265 73.83 -73.32 12.06
C SER OD 265 74.99 -72.41 11.70
N GLN OD 266 75.87 -72.90 10.83
CA GLN OD 266 77.10 -72.19 10.51
C GLN OD 266 76.84 -70.97 9.62
N GLU OD 267 76.12 -71.18 8.52
CA GLU OD 267 75.91 -70.08 7.57
C GLU OD 267 75.07 -68.97 8.16
N ASP OD 268 74.33 -69.24 9.23
CA ASP OD 268 73.51 -68.23 9.90
C ASP OD 268 74.09 -68.05 11.31
N SER OD 269 75.04 -67.13 11.43
CA SER OD 269 75.67 -66.86 12.71
C SER OD 269 75.61 -65.38 13.05
N GLN PD 791 95.71 -46.09 53.22
CA GLN PD 791 94.57 -46.71 53.87
C GLN PD 791 93.27 -46.05 53.44
N GLN PD 792 93.10 -44.78 53.82
CA GLN PD 792 91.88 -44.05 53.48
C GLN PD 792 91.72 -43.85 51.99
N GLU PD 793 92.82 -43.92 51.23
CA GLU PD 793 92.73 -43.79 49.78
C GLU PD 793 91.86 -44.89 49.19
N ILE PD 794 91.93 -46.09 49.77
CA ILE PD 794 91.14 -47.21 49.28
C ILE PD 794 89.66 -46.85 49.30
N GLN PD 795 89.18 -46.37 50.44
CA GLN PD 795 87.76 -46.06 50.56
C GLN PD 795 87.38 -44.80 49.79
N GLN PD 796 88.27 -43.82 49.74
CA GLN PD 796 87.98 -42.62 48.95
C GLN PD 796 87.79 -42.95 47.48
N ARG PD 797 88.72 -43.70 46.91
CA ARG PD 797 88.58 -44.07 45.51
C ARG PD 797 87.44 -45.05 45.32
N THR PD 798 87.16 -45.89 46.32
CA THR PD 798 85.97 -46.71 46.27
C THR PD 798 84.73 -45.85 46.08
N SER PD 799 84.61 -44.79 46.87
CA SER PD 799 83.44 -43.92 46.80
C SER PD 799 83.35 -43.24 45.44
N ASP PD 800 84.43 -42.62 44.99
CA ASP PD 800 84.33 -41.87 43.74
C ASP PD 800 84.13 -42.80 42.55
N MET PD 801 84.81 -43.95 42.53
CA MET PD 801 84.59 -44.93 41.48
C MET PD 801 83.15 -45.43 41.51
N LEU PD 802 82.58 -45.64 42.69
CA LEU PD 802 81.20 -46.08 42.79
C LEU PD 802 80.27 -45.03 42.20
N THR PD 803 80.51 -43.75 42.51
CA THR PD 803 79.68 -42.70 41.94
C THR PD 803 79.76 -42.68 40.42
N ALA PD 804 80.99 -42.76 39.89
CA ALA PD 804 81.16 -42.74 38.44
C ALA PD 804 80.48 -43.94 37.79
N ALA PD 805 80.63 -45.12 38.40
CA ALA PD 805 80.04 -46.33 37.83
C ALA PD 805 78.52 -46.27 37.89
N THR PD 806 77.96 -45.75 38.97
CA THR PD 806 76.51 -45.60 39.05
C THR PD 806 76.01 -44.67 37.96
N GLN PD 807 76.71 -43.55 37.74
CA GLN PD 807 76.31 -42.65 36.68
C GLN PD 807 76.40 -43.34 35.32
N LEU PD 808 77.46 -44.10 35.09
CA LEU PD 808 77.63 -44.76 33.80
C LEU PD 808 76.55 -45.81 33.56
N VAL PD 809 76.25 -46.62 34.58
CA VAL PD 809 75.22 -47.64 34.39
C VAL PD 809 73.86 -47.00 34.22
N GLN PD 810 73.61 -45.88 34.90
CA GLN PD 810 72.37 -45.14 34.67
C GLN PD 810 72.29 -44.68 33.22
N ASP PD 811 73.40 -44.15 32.69
CA ASP PD 811 73.42 -43.72 31.30
C ASP PD 811 73.21 -44.89 30.35
N TRP PD 812 73.72 -46.07 30.71
CA TRP PD 812 73.49 -47.25 29.91
C TRP PD 812 72.04 -47.70 29.95
N LYS PD 813 71.35 -47.47 31.08
CA LYS PD 813 70.03 -48.05 31.27
C LYS PD 813 69.02 -47.55 30.24
N GLN PD 814 68.89 -46.24 30.10
CA GLN PD 814 67.81 -45.71 29.28
C GLN PD 814 68.12 -45.90 27.80
N VAL PD 815 67.07 -46.21 27.03
CA VAL PD 815 67.14 -46.34 25.58
C VAL PD 815 65.86 -45.76 25.00
N GLU PD 816 65.98 -44.89 24.01
CA GLU PD 816 64.80 -44.26 23.42
C GLU PD 816 64.17 -45.18 22.39
N THR PD 817 63.10 -44.69 21.76
CA THR PD 817 62.28 -45.47 20.85
C THR PD 817 62.49 -45.02 19.41
N GLN PD 818 61.94 -45.80 18.48
CA GLN PD 818 61.99 -45.47 17.08
C GLN PD 818 60.91 -44.44 16.74
N VAL PD 819 61.00 -43.88 15.53
CA VAL PD 819 60.06 -42.89 15.06
C VAL PD 819 59.68 -43.20 13.62
N TYR PD 820 58.37 -43.19 13.34
CA TYR PD 820 57.85 -43.29 11.99
C TYR PD 820 57.86 -41.90 11.36
N THR PD 821 58.01 -41.86 10.03
CA THR PD 821 57.95 -40.61 9.28
C THR PD 821 57.30 -40.89 7.95
N GLU PD 822 56.05 -40.44 7.79
CA GLU PD 822 55.29 -40.65 6.58
C GLU PD 822 55.55 -39.53 5.57
N GLY PD 823 54.81 -39.57 4.47
CA GLY PD 823 54.90 -38.55 3.45
C GLY PD 823 53.83 -38.68 2.40
N THR PD 824 53.51 -37.58 1.72
CA THR PD 824 52.50 -37.60 0.67
C THR PD 824 52.98 -36.82 -0.56
N ALA QD 104 115.34 -5.50 39.60
CA ALA QD 104 114.14 -4.68 39.58
C ALA QD 104 113.60 -4.55 38.16
N GLU QD 105 114.12 -5.37 37.25
CA GLU QD 105 113.73 -5.33 35.85
C GLU QD 105 113.07 -6.61 35.38
N VAL QD 106 113.56 -7.76 35.84
CA VAL QD 106 113.00 -9.05 35.45
C VAL QD 106 111.71 -9.30 36.23
N ILE QD 107 111.33 -8.33 37.07
CA ILE QD 107 110.07 -8.42 37.80
C ILE QD 107 108.90 -8.55 36.83
N ASP QD 108 108.93 -7.76 35.75
CA ASP QD 108 107.86 -7.80 34.77
C ASP QD 108 107.78 -9.16 34.10
N LYS QD 109 108.93 -9.74 33.76
CA LYS QD 109 108.94 -11.05 33.11
C LYS QD 109 108.44 -12.13 34.06
N LYS QD 110 108.85 -12.07 35.33
CA LYS QD 110 108.37 -13.05 36.30
C LYS QD 110 106.85 -12.94 36.46
N ALA QD 111 106.34 -11.71 36.57
CA ALA QD 111 104.90 -11.53 36.70
C ALA QD 111 104.18 -12.06 35.46
N PHE QD 112 104.74 -11.79 34.28
CA PHE QD 112 104.10 -12.26 33.05
C PHE QD 112 104.07 -13.78 33.00
N LYS QD 113 105.17 -14.42 33.40
CA LYS QD 113 105.20 -15.88 33.30
C LYS QD 113 104.26 -16.52 34.31
N ASP QD 114 104.21 -16.01 35.54
CA ASP QD 114 103.28 -16.60 36.51
C ASP QD 114 101.83 -16.32 36.12
N MET QD 115 101.57 -15.14 35.55
CA MET QD 115 100.23 -14.85 35.05
C MET QD 115 99.85 -15.80 33.93
N THR QD 116 100.79 -16.09 33.03
CA THR QD 116 100.53 -17.04 31.95
C THR QD 116 100.24 -18.43 32.50
N ARG QD 117 101.01 -18.84 33.52
CA ARG QD 117 100.77 -20.14 34.14
C ARG QD 117 99.37 -20.20 34.75
N ASN QD 118 98.95 -19.12 35.41
CA ASN QD 118 97.60 -19.09 35.98
C ASN QD 118 96.54 -19.12 34.88
N LEU QD 119 96.76 -18.37 33.80
CA LEU QD 119 95.77 -18.30 32.73
C LEU QD 119 95.60 -19.63 32.02
N TYR QD 120 96.71 -20.30 31.73
CA TYR QD 120 96.69 -21.55 30.97
C TYR QD 120 97.43 -22.62 31.76
N PRO QD 121 96.74 -23.27 32.70
CA PRO QD 121 97.39 -24.35 33.49
C PRO QD 121 97.69 -25.59 32.68
N LEU QD 122 97.30 -25.66 31.41
CA LEU QD 122 97.48 -26.85 30.59
C LEU QD 122 98.27 -26.50 29.34
N ASN QD 123 99.28 -27.31 29.06
CA ASN QD 123 100.06 -27.17 27.83
C ASN QD 123 99.27 -27.73 26.65
N PRO QD 124 99.56 -27.25 25.44
CA PRO QD 124 98.85 -27.81 24.26
C PRO QD 124 99.05 -29.30 24.10
N GLU QD 125 100.24 -29.80 24.44
CA GLU QD 125 100.47 -31.25 24.40
C GLU QD 125 99.55 -31.96 25.39
N GLN QD 126 99.41 -31.40 26.59
CA GLN QD 126 98.48 -31.96 27.57
C GLN QD 126 97.06 -31.93 27.04
N VAL QD 127 96.68 -30.83 26.36
CA VAL QD 127 95.35 -30.72 25.78
C VAL QD 127 95.10 -31.85 24.79
N VAL QD 128 96.06 -32.05 23.88
CA VAL QD 128 95.91 -33.10 22.87
C VAL QD 128 95.82 -34.47 23.53
N LYS QD 129 96.69 -34.72 24.51
CA LYS QD 129 96.71 -36.03 25.17
C LYS QD 129 95.40 -36.30 25.90
N LEU QD 130 94.88 -35.31 26.62
CA LEU QD 130 93.64 -35.52 27.35
C LEU QD 130 92.46 -35.66 26.40
N LYS QD 131 92.47 -34.94 25.27
CA LYS QD 131 91.44 -35.12 24.27
C LYS QD 131 91.47 -36.54 23.73
N GLN QD 132 92.67 -37.07 23.47
CA GLN QD 132 92.80 -38.45 23.03
C GLN QD 132 92.29 -39.42 24.09
N ILE QD 133 92.60 -39.15 25.35
CA ILE QD 133 92.12 -40.00 26.44
C ILE QD 133 90.60 -39.99 26.49
N TYR QD 134 89.99 -38.81 26.33
CA TYR QD 134 88.54 -38.72 26.31
C TYR QD 134 87.95 -39.50 25.14
N GLU QD 135 88.58 -39.41 23.97
CA GLU QD 135 88.09 -40.15 22.81
C GLU QD 135 88.17 -41.65 23.05
N THR QD 136 89.26 -42.12 23.63
CA THR QD 136 89.38 -43.54 23.95
C THR QD 136 88.36 -43.96 24.98
N SER QD 137 88.08 -43.11 25.96
CA SER QD 137 87.04 -43.40 26.94
C SER QD 137 85.69 -43.52 26.27
N GLU QD 138 85.41 -42.63 25.31
CA GLU QD 138 84.17 -42.73 24.54
C GLU QD 138 84.11 -44.04 23.78
N TYR QD 139 85.22 -44.45 23.18
CA TYR QD 139 85.26 -45.73 22.47
C TYR QD 139 84.97 -46.88 23.43
N ALA QD 140 85.57 -46.86 24.61
CA ALA QD 140 85.33 -47.90 25.60
C ALA QD 140 83.87 -47.93 26.01
N LYS QD 141 83.27 -46.75 26.21
CA LYS QD 141 81.86 -46.69 26.57
C LYS QD 141 80.99 -47.28 25.47
N ALA QD 142 81.26 -46.92 24.22
CA ALA QD 142 80.48 -47.43 23.10
C ALA QD 142 80.75 -48.90 22.81
N ALA QD 143 81.82 -49.46 23.35
CA ALA QD 143 82.15 -50.86 23.08
C ALA QD 143 81.07 -51.79 23.63
N THR QD 144 80.76 -52.83 22.85
CA THR QD 144 79.74 -53.79 23.21
C THR QD 144 80.37 -55.16 23.44
N PRO QD 145 80.11 -55.79 24.59
CA PRO QD 145 80.70 -57.11 24.86
C PRO QD 145 80.17 -58.17 23.91
N GLY QD 146 80.87 -59.31 23.89
CA GLY QD 146 80.48 -60.38 23.00
C GLY QD 146 80.71 -60.01 21.55
N THR QD 147 79.81 -60.47 20.69
CA THR QD 147 79.87 -60.11 19.28
C THR QD 147 78.49 -59.68 18.82
N PRO QD 148 78.41 -58.67 17.96
CA PRO QD 148 77.10 -58.24 17.45
C PRO QD 148 76.47 -59.35 16.63
N PRO QD 149 75.15 -59.48 16.69
CA PRO QD 149 74.46 -60.48 15.87
C PRO QD 149 74.55 -60.14 14.39
N LYS QD 150 74.51 -61.18 13.57
CA LYS QD 150 74.62 -61.01 12.13
C LYS QD 150 73.33 -60.44 11.57
N PRO QD 151 73.36 -59.32 10.84
CA PRO QD 151 72.15 -58.84 10.15
C PRO QD 151 71.75 -59.82 9.07
N THR QD 152 70.51 -60.30 9.15
CA THR QD 152 70.02 -61.33 8.26
C THR QD 152 68.63 -60.98 7.77
N ALA QD 153 68.28 -61.53 6.60
CA ALA QD 153 66.92 -61.49 6.08
C ALA QD 153 66.44 -62.92 5.88
N THR QD 154 65.17 -63.16 6.19
CA THR QD 154 64.63 -64.51 6.16
C THR QD 154 63.28 -64.52 5.46
N SER QD 155 62.95 -65.66 4.87
CA SER QD 155 61.64 -65.90 4.28
C SER QD 155 61.20 -67.30 4.66
N GLN QD 156 59.91 -67.45 4.99
CA GLN QD 156 59.42 -68.72 5.49
C GLN QD 156 57.92 -68.78 5.28
N PHE QD 157 57.42 -70.00 5.11
CA PHE QD 157 55.99 -70.25 4.89
C PHE QD 157 55.37 -70.73 6.21
N VAL QD 158 54.37 -70.00 6.68
CA VAL QD 158 53.71 -70.33 7.94
C VAL QD 158 52.71 -71.44 7.70
N ASN QD 159 52.85 -72.55 8.43
CA ASN QD 159 51.93 -73.66 8.35
C ASN QD 159 50.79 -73.44 9.33
N LEU QD 160 49.55 -73.41 8.83
CA LEU QD 160 48.38 -73.17 9.64
C LEU QD 160 47.78 -74.45 10.19
N SER QD 161 48.57 -75.52 10.27
CA SER QD 161 48.06 -76.78 10.79
C SER QD 161 47.81 -76.67 12.29
N PRO QD 162 46.82 -77.40 12.81
CA PRO QD 162 46.58 -77.37 14.26
C PRO QD 162 47.77 -77.88 15.06
N GLY QD 163 48.49 -78.87 14.56
CA GLY QD 163 49.68 -79.36 15.19
C GLY QD 163 50.96 -78.70 14.74
N SER QD 164 50.88 -77.69 13.87
CA SER QD 164 52.06 -77.03 13.35
C SER QD 164 52.79 -76.28 14.46
N THR QD 165 54.12 -76.27 14.36
CA THR QD 165 54.92 -75.52 15.30
C THR QD 165 54.77 -74.02 15.03
N PRO QD 166 54.42 -73.22 16.03
CA PRO QD 166 54.23 -71.78 15.81
C PRO QD 166 55.52 -71.12 15.36
N PRO QD 167 55.44 -70.18 14.42
CA PRO QD 167 56.65 -69.49 13.96
C PRO QD 167 57.29 -68.67 15.07
N VAL QD 168 58.63 -68.64 15.04
CA VAL QD 168 59.45 -67.93 16.01
C VAL QD 168 60.27 -66.89 15.28
N ILE QD 169 60.35 -65.68 15.84
CA ILE QD 169 61.05 -64.57 15.21
C ILE QD 169 62.16 -64.09 16.13
N ARG QD 170 63.38 -64.03 15.61
CA ARG QD 170 64.51 -63.52 16.35
C ARG QD 170 64.47 -62.00 16.40
N LEU QD 171 64.90 -61.43 17.53
CA LEU QD 171 64.88 -59.99 17.74
C LEU QD 171 66.11 -59.57 18.51
N SER QD 172 66.30 -58.25 18.63
CA SER QD 172 67.36 -57.68 19.43
C SER QD 172 66.88 -56.33 19.98
N GLN QD 173 67.42 -55.96 21.13
CA GLN QD 173 66.97 -54.75 21.81
C GLN QD 173 67.45 -53.51 21.08
N GLY QD 174 66.56 -52.54 20.94
CA GLY QD 174 66.93 -51.27 20.33
C GLY QD 174 67.19 -51.32 18.85
N PHE QD 175 66.59 -52.27 18.13
CA PHE QD 175 66.76 -52.38 16.70
C PHE QD 175 65.41 -52.54 16.02
N VAL QD 176 65.35 -52.12 14.76
CA VAL QD 176 64.12 -52.08 13.99
C VAL QD 176 64.09 -53.31 13.08
N SER QD 177 62.95 -54.00 13.07
CA SER QD 177 62.76 -55.16 12.22
C SER QD 177 61.49 -54.97 11.39
N SER QD 178 61.56 -55.43 10.14
CA SER QD 178 60.45 -55.33 9.20
C SER QD 178 59.84 -56.71 8.99
N LEU QD 179 58.51 -56.79 9.05
CA LEU QD 179 57.77 -58.03 8.91
C LEU QD 179 56.78 -57.86 7.77
N VAL QD 180 56.99 -58.59 6.68
CA VAL QD 180 56.14 -58.51 5.50
C VAL QD 180 55.46 -59.86 5.31
N PHE QD 181 54.18 -59.82 4.93
CA PHE QD 181 53.34 -61.01 4.88
C PHE QD 181 52.66 -61.09 3.52
N LEU QD 182 52.95 -62.15 2.78
CA LEU QD 182 52.34 -62.41 1.49
C LEU QD 182 51.62 -63.75 1.55
N ASP QD 183 50.84 -64.04 0.51
CA ASP QD 183 50.10 -65.29 0.48
C ASP QD 183 51.05 -66.41 0.03
N SER QD 184 50.48 -67.59 -0.24
CA SER QD 184 51.30 -68.69 -0.76
C SER QD 184 51.91 -68.33 -2.10
N THR QD 185 51.13 -67.72 -2.98
CA THR QD 185 51.61 -67.28 -4.29
C THR QD 185 52.52 -66.07 -4.19
N GLY QD 186 52.66 -65.46 -3.03
CA GLY QD 186 53.48 -64.28 -2.87
C GLY QD 186 52.79 -62.96 -3.13
N ALA QD 187 51.50 -62.97 -3.41
CA ALA QD 187 50.78 -61.71 -3.55
C ALA QD 187 50.72 -60.99 -2.21
N PRO QD 188 50.83 -59.67 -2.19
CA PRO QD 188 50.77 -58.93 -0.93
C PRO QD 188 49.43 -59.12 -0.24
N TRP QD 189 49.47 -59.20 1.09
CA TRP QD 189 48.26 -59.43 1.89
C TRP QD 189 48.14 -58.34 2.95
N PRO QD 190 47.35 -57.29 2.69
CA PRO QD 190 47.18 -56.22 3.68
C PRO QD 190 46.60 -56.75 4.98
N ILE QD 191 47.04 -56.17 6.07
CA ILE QD 191 46.68 -56.60 7.42
C ILE QD 191 45.40 -55.90 7.84
N ALA QD 192 44.53 -56.64 8.55
CA ALA QD 192 43.31 -56.05 9.10
C ALA QD 192 43.54 -55.49 10.50
N ALA QD 193 44.02 -56.34 11.42
CA ALA QD 193 44.23 -55.90 12.78
C ALA QD 193 45.36 -56.72 13.40
N TYR QD 194 45.84 -56.25 14.56
CA TYR QD 194 46.88 -56.98 15.27
C TYR QD 194 46.72 -56.75 16.77
N ASP QD 195 47.32 -57.64 17.54
CA ASP QD 195 47.22 -57.63 18.99
C ASP QD 195 48.60 -57.94 19.57
N LEU QD 196 48.99 -57.14 20.56
CA LEU QD 196 50.31 -57.22 21.16
C LEU QD 196 50.19 -57.49 22.66
N GLY QD 197 51.08 -58.31 23.18
CA GLY QD 197 51.20 -58.50 24.61
C GLY QD 197 52.49 -57.95 25.13
N ASP QD 198 52.55 -57.63 26.42
CA ASP QD 198 53.73 -57.06 27.05
C ASP QD 198 54.23 -55.82 26.29
N PRO QD 199 53.41 -54.77 26.22
CA PRO QD 199 53.76 -53.63 25.35
C PRO QD 199 55.03 -52.91 25.74
N SER QD 200 55.47 -52.99 27.00
CA SER QD 200 56.65 -52.25 27.41
C SER QD 200 57.89 -52.71 26.65
N SER QD 201 58.05 -54.01 26.47
CA SER QD 201 59.27 -54.53 25.87
C SER QD 201 59.32 -54.32 24.36
N PHE QD 202 58.19 -54.04 23.72
CA PHE QD 202 58.12 -54.00 22.27
C PHE QD 202 57.21 -52.87 21.81
N ASN QD 203 57.72 -52.03 20.92
CA ASN QD 203 56.96 -50.92 20.35
C ASN QD 203 56.66 -51.22 18.89
N ILE QD 204 55.41 -50.99 18.49
CA ILE QD 204 54.91 -51.38 17.18
C ILE QD 204 54.65 -50.13 16.36
N GLN QD 205 55.23 -50.08 15.16
CA GLN QD 205 54.93 -49.05 14.18
C GLN QD 205 54.22 -49.71 13.00
N TRP QD 206 53.06 -49.18 12.64
CA TRP QD 206 52.19 -49.86 11.68
C TRP QD 206 51.35 -48.84 10.94
N ASP QD 207 51.48 -48.81 9.62
CA ASP QD 207 50.62 -47.99 8.79
C ASP QD 207 49.28 -48.67 8.60
N LYS QD 208 48.25 -47.86 8.30
CA LYS QD 208 46.88 -48.35 8.31
C LYS QD 208 46.67 -49.45 7.27
N THR QD 209 47.23 -49.28 6.07
CA THR QD 209 46.92 -50.16 4.96
C THR QD 209 48.07 -51.05 4.54
N SER QD 210 49.27 -50.82 5.05
CA SER QD 210 50.42 -51.61 4.61
C SER QD 210 50.30 -53.05 5.05
N ASN QD 211 50.87 -53.94 4.24
CA ASN QD 211 51.00 -55.35 4.58
C ASN QD 211 52.30 -55.63 5.34
N THR QD 212 53.09 -54.61 5.61
CA THR QD 212 54.38 -54.74 6.28
C THR QD 212 54.40 -53.87 7.52
N LEU QD 213 55.05 -54.35 8.57
CA LEU QD 213 55.08 -53.69 9.87
C LEU QD 213 56.51 -53.52 10.34
N MET QD 214 56.74 -52.47 11.12
CA MET QD 214 58.03 -52.19 11.72
C MET QD 214 57.90 -52.31 13.23
N ILE QD 215 58.84 -53.03 13.85
CA ILE QD 215 58.78 -53.32 15.28
C ILE QD 215 60.17 -53.17 15.88
N GLN QD 216 60.23 -52.53 17.05
CA GLN QD 216 61.47 -52.42 17.81
C GLN QD 216 61.24 -52.91 19.24
N ALA QD 217 62.21 -53.65 19.75
CA ALA QD 217 62.16 -54.14 21.12
C ALA QD 217 62.67 -53.07 22.08
N THR QD 218 62.45 -53.31 23.36
CA THR QD 218 62.87 -52.36 24.38
C THR QD 218 63.72 -52.99 25.48
N LYS QD 219 63.43 -54.24 25.84
CA LYS QD 219 64.20 -54.95 26.84
C LYS QD 219 65.09 -55.99 26.16
N LEU QD 220 65.90 -56.69 26.96
CA LEU QD 220 66.93 -57.55 26.41
C LEU QD 220 66.46 -59.00 26.23
N TYR QD 221 66.05 -59.65 27.32
CA TYR QD 221 65.82 -61.09 27.27
C TYR QD 221 64.41 -61.45 27.72
N ASN QD 222 63.41 -60.74 27.20
CA ASN QD 222 62.02 -61.00 27.54
C ASN QD 222 61.27 -61.34 26.25
N TYR QD 223 60.96 -62.61 26.06
CA TYR QD 223 60.24 -63.07 24.89
C TYR QD 223 58.75 -62.72 24.99
N GLY QD 224 58.09 -62.69 23.84
CA GLY QD 224 56.69 -62.30 23.78
C GLY QD 224 55.95 -63.06 22.70
N ASN QD 225 54.67 -62.72 22.58
CA ASN QD 225 53.78 -63.33 21.59
C ASN QD 225 53.02 -62.22 20.87
N LEU QD 226 52.64 -62.49 19.62
CA LEU QD 226 51.95 -61.51 18.80
C LEU QD 226 50.84 -62.18 18.02
N ALA QD 227 49.78 -61.43 17.74
CA ALA QD 227 48.64 -61.95 16.98
C ALA QD 227 48.32 -61.02 15.82
N VAL QD 228 47.96 -61.59 14.68
CA VAL QD 228 47.68 -60.86 13.46
C VAL QD 228 46.39 -61.40 12.85
N ARG QD 229 45.65 -60.53 12.17
CA ARG QD 229 44.48 -60.93 11.41
C ARG QD 229 44.45 -60.13 10.12
N LEU QD 230 44.24 -60.82 9.00
CA LEU QD 230 44.30 -60.22 7.68
C LEU QD 230 42.91 -59.83 7.20
N ARG QD 231 42.86 -59.20 6.04
CA ARG QD 231 41.60 -58.64 5.54
C ARG QD 231 40.56 -59.74 5.29
N GLY QD 232 40.94 -60.76 4.53
CA GLY QD 232 40.00 -61.82 4.21
C GLY QD 232 40.20 -63.04 5.08
N LEU QD 233 41.41 -63.20 5.62
CA LEU QD 233 41.74 -64.36 6.42
C LEU QD 233 40.97 -64.34 7.73
N ASN QD 234 40.07 -65.30 7.91
CA ASN QD 234 39.29 -65.37 9.14
C ASN QD 234 40.14 -65.84 10.32
N THR QD 235 40.93 -66.88 10.12
CA THR QD 235 41.67 -67.47 11.22
C THR QD 235 42.82 -66.56 11.64
N PRO QD 236 42.91 -66.19 12.92
CA PRO QD 236 44.05 -65.38 13.37
C PRO QD 236 45.33 -66.16 13.35
N VAL QD 237 46.44 -65.44 13.17
CA VAL QD 237 47.78 -66.02 13.09
C VAL QD 237 48.54 -65.56 14.32
N MET QD 238 49.10 -66.52 15.06
CA MET QD 238 49.82 -66.22 16.28
C MET QD 238 51.28 -66.64 16.15
N LEU QD 239 52.18 -65.76 16.55
CA LEU QD 239 53.62 -65.98 16.43
C LEU QD 239 54.28 -65.70 17.77
N THR QD 240 55.48 -66.26 17.95
CA THR QD 240 56.27 -65.98 19.12
C THR QD 240 57.56 -65.27 18.72
N LEU QD 241 58.05 -64.41 19.60
CA LEU QD 241 59.21 -63.58 19.32
C LEU QD 241 60.19 -63.70 20.49
N ILE QD 242 61.45 -63.95 20.17
CA ILE QD 242 62.51 -64.13 21.15
C ILE QD 242 63.61 -63.12 20.85
N PRO QD 243 63.94 -62.23 21.79
CA PRO QD 243 64.97 -61.23 21.52
C PRO QD 243 66.37 -61.70 21.86
N GLY QD 244 67.35 -61.04 21.24
CA GLY QD 244 68.74 -61.25 21.57
C GLY QD 244 69.30 -62.61 21.23
N GLN QD 245 69.00 -63.14 20.05
CA GLN QD 245 69.58 -64.41 19.62
C GLN QD 245 70.97 -64.16 19.04
N LYS QD 246 71.56 -65.19 18.43
CA LYS QD 246 72.89 -65.04 17.84
C LYS QD 246 72.87 -64.17 16.59
N ALA QD 247 71.70 -64.02 15.96
CA ALA QD 247 71.58 -63.24 14.74
C ALA QD 247 70.39 -62.30 14.85
N VAL QD 248 70.46 -61.20 14.10
CA VAL QD 248 69.39 -60.20 14.05
C VAL QD 248 68.74 -60.27 12.68
N ASP QD 249 67.42 -60.50 12.67
CA ASP QD 249 66.66 -60.64 11.44
C ASP QD 249 66.00 -59.29 11.12
N TYR QD 250 66.59 -58.54 10.19
CA TYR QD 250 66.04 -57.24 9.84
C TYR QD 250 64.71 -57.38 9.11
N ARG QD 251 64.64 -58.28 8.13
CA ARG QD 251 63.45 -58.46 7.31
C ARG QD 251 63.00 -59.90 7.40
N VAL QD 252 61.71 -60.10 7.65
CA VAL QD 252 61.12 -61.43 7.71
C VAL QD 252 59.91 -61.46 6.79
N ASP QD 253 59.95 -62.32 5.79
CA ASP QD 253 58.85 -62.52 4.86
C ASP QD 253 58.12 -63.80 5.23
N LEU QD 254 56.79 -63.73 5.29
CA LEU QD 254 56.00 -64.89 5.72
C LEU QD 254 54.91 -65.19 4.70
N ARG QD 255 54.85 -66.45 4.28
CA ARG QD 255 53.83 -66.91 3.34
C ARG QD 255 52.64 -67.46 4.11
N VAL QD 256 51.45 -67.14 3.62
CA VAL QD 256 50.21 -67.61 4.21
C VAL QD 256 49.69 -68.77 3.37
N GLN QD 257 49.08 -69.75 4.05
CA GLN QD 257 48.61 -70.95 3.35
C GLN QD 257 47.55 -70.62 2.30
N GLY QD 258 46.59 -69.78 2.65
CA GLY QD 258 45.48 -69.51 1.77
C GLY QD 258 45.80 -68.51 0.67
N TYR QD 259 44.86 -68.40 -0.27
CA TYR QD 259 44.98 -67.42 -1.34
C TYR QD 259 44.78 -66.01 -0.78
N GLY QD 260 45.67 -65.10 -1.16
CA GLY QD 260 45.58 -63.73 -0.70
C GLY QD 260 44.55 -62.94 -1.50
N PRO QD 261 44.49 -61.64 -1.26
CA PRO QD 261 43.57 -60.79 -2.04
C PRO QD 261 43.90 -60.75 -3.52
N ASN QD 262 45.14 -61.08 -3.89
CA ASN QD 262 45.58 -61.08 -5.28
C ASN QD 262 46.29 -62.38 -5.57
N ALA QD 263 46.76 -62.53 -6.81
CA ALA QD 263 47.49 -63.72 -7.23
C ALA QD 263 48.36 -63.44 -8.45
N ASP QD 278 57.49 -64.92 -10.76
CA ASP QD 278 57.47 -66.35 -11.00
C ASP QD 278 58.84 -66.95 -10.71
N LEU QD 279 58.90 -68.28 -10.65
CA LEU QD 279 60.16 -68.96 -10.32
C LEU QD 279 61.21 -68.70 -11.40
N LEU QD 280 60.81 -68.73 -12.67
CA LEU QD 280 61.76 -68.42 -13.73
C LEU QD 280 62.18 -66.95 -13.69
N LEU QD 281 61.27 -66.06 -13.29
CA LEU QD 281 61.63 -64.66 -13.13
C LEU QD 281 62.67 -64.48 -12.04
N HIS QD 282 62.52 -65.20 -10.92
CA HIS QD 282 63.51 -65.13 -9.86
C HIS QD 282 64.83 -65.78 -10.28
N VAL QD 283 64.75 -66.81 -11.13
CA VAL QD 283 65.97 -67.39 -11.70
C VAL QD 283 66.70 -66.36 -12.54
N LEU QD 284 65.96 -65.62 -13.37
CA LEU QD 284 66.56 -64.55 -14.16
C LEU QD 284 67.17 -63.48 -13.26
N GLU QD 285 66.47 -63.12 -12.18
CA GLU QD 285 67.00 -62.12 -11.26
C GLU QD 285 68.28 -62.59 -10.60
N GLY QD 286 68.34 -63.86 -10.20
CA GLY QD 286 69.54 -64.41 -9.58
C GLY QD 286 69.27 -65.30 -8.39
N VAL QD 287 68.01 -65.35 -7.95
CA VAL QD 287 67.63 -66.16 -6.80
C VAL QD 287 67.43 -67.61 -7.25
N PRO QD 288 68.14 -68.57 -6.69
CA PRO QD 288 68.01 -69.95 -7.13
C PRO QD 288 66.68 -70.55 -6.68
N PRO QD 289 66.10 -71.43 -7.49
CA PRO QD 289 64.94 -72.19 -7.02
C PRO QD 289 65.34 -73.15 -5.93
N PRO QD 290 64.43 -73.49 -5.01
CA PRO QD 290 64.79 -74.41 -3.93
C PRO QD 290 65.15 -75.79 -4.46
N GLY QD 291 66.10 -76.43 -3.77
CA GLY QD 291 66.59 -77.74 -4.17
C GLY QD 291 67.70 -77.72 -5.20
N SER QD 292 68.26 -76.56 -5.51
CA SER QD 292 69.30 -76.49 -6.53
C SER QD 292 70.60 -77.10 -6.04
N ARG QD 293 71.28 -77.83 -6.92
CA ARG QD 293 72.58 -78.41 -6.65
C ARG QD 293 73.57 -77.92 -7.71
N ARG QD 294 74.77 -77.54 -7.26
CA ARG QD 294 75.74 -76.93 -8.15
C ARG QD 294 76.29 -77.94 -9.15
N LEU QD 295 76.69 -77.45 -10.31
CA LEU QD 295 77.35 -78.22 -11.35
C LEU QD 295 78.74 -77.65 -11.60
N VAL QD 296 79.40 -78.16 -12.64
CA VAL QD 296 80.72 -77.69 -13.05
C VAL QD 296 80.66 -77.34 -14.53
N VAL QD 297 80.93 -76.08 -14.86
CA VAL QD 297 80.98 -75.61 -16.23
C VAL QD 297 82.39 -75.12 -16.51
N SER QD 298 82.98 -75.60 -17.61
CA SER QD 298 84.36 -75.29 -17.95
C SER QD 298 84.42 -74.62 -19.32
N GLY QD 299 85.30 -73.64 -19.44
CA GLY QD 299 85.54 -72.96 -20.70
C GLY QD 299 84.61 -71.81 -21.02
N GLY QD 300 83.62 -71.54 -20.17
CA GLY QD 300 82.67 -70.48 -20.45
C GLY QD 300 82.18 -69.82 -19.19
N ASP QD 301 81.82 -68.55 -19.32
CA ASP QD 301 81.32 -67.74 -18.20
C ASP QD 301 79.79 -67.70 -18.27
N ALA QD 302 79.17 -68.80 -17.85
CA ALA QD 302 77.72 -68.91 -17.79
C ALA QD 302 77.32 -69.58 -16.49
N ARG QD 303 76.10 -69.29 -16.04
CA ARG QD 303 75.58 -69.85 -14.80
C ARG QD 303 74.73 -71.07 -15.14
N ALA QD 304 75.01 -72.19 -14.50
CA ALA QD 304 74.27 -73.44 -14.73
C ALA QD 304 73.84 -74.01 -13.39
N TRP QD 305 72.54 -74.27 -13.24
CA TRP QD 305 72.00 -74.82 -12.00
C TRP QD 305 71.05 -75.97 -12.29
N LEU QD 306 70.99 -76.90 -11.33
CA LEU QD 306 70.14 -78.08 -11.41
C LEU QD 306 69.36 -78.18 -10.10
N SER QD 307 68.04 -78.06 -10.17
CA SER QD 307 67.20 -78.15 -8.99
C SER QD 307 66.21 -79.30 -9.04
N ASN QD 308 65.56 -79.52 -10.19
CA ASN QD 308 64.58 -80.58 -10.36
C ASN QD 308 64.84 -81.32 -11.68
N GLU QD 309 66.10 -81.69 -11.89
CA GLU QD 309 66.54 -82.34 -13.13
C GLU QD 309 66.22 -81.51 -14.36
N LYS QD 310 66.25 -80.19 -14.21
CA LYS QD 310 66.08 -79.25 -15.30
C LYS QD 310 67.26 -78.29 -15.29
N MET QD 311 67.94 -78.17 -16.42
CA MET QD 311 69.09 -77.29 -16.52
C MET QD 311 68.61 -75.85 -16.66
N TYR QD 312 68.93 -75.01 -15.68
CA TYR QD 312 68.65 -73.58 -15.74
C TYR QD 312 69.95 -72.86 -16.04
N VAL QD 313 70.03 -72.22 -17.20
CA VAL QD 313 71.26 -71.61 -17.69
C VAL QD 313 71.03 -70.12 -17.88
N ARG QD 314 71.85 -69.31 -17.21
CA ARG QD 314 71.74 -67.85 -17.24
C ARG QD 314 73.02 -67.26 -17.82
N THR QD 315 72.87 -66.38 -18.79
CA THR QD 315 74.00 -65.71 -19.41
C THR QD 315 73.50 -64.40 -20.03
N ASN QD 316 74.33 -63.79 -20.88
CA ASN QD 316 73.93 -62.67 -21.70
C ASN QD 316 74.06 -62.97 -23.19
N LEU QD 317 74.60 -64.13 -23.55
CA LEU QD 317 74.78 -64.52 -24.94
C LEU QD 317 73.59 -65.38 -25.40
N THR QD 318 73.73 -65.98 -26.57
CA THR QD 318 72.68 -66.77 -27.17
C THR QD 318 73.16 -68.20 -27.42
N ILE QD 319 72.27 -69.16 -27.21
CA ILE QD 319 72.55 -70.57 -27.46
C ILE QD 319 71.96 -70.95 -28.81
N LEU QD 320 72.69 -71.75 -29.59
CA LEU QD 320 72.32 -71.99 -30.98
C LEU QD 320 71.89 -73.43 -31.25
N SER QD 321 72.75 -74.41 -30.96
CA SER QD 321 72.49 -75.76 -31.41
C SER QD 321 71.48 -76.53 -30.55
N PRO QD 322 71.56 -76.50 -29.22
CA PRO QD 322 70.64 -77.33 -28.44
C PRO QD 322 69.18 -76.92 -28.58
N GLY QD 323 68.89 -75.62 -28.50
CA GLY QD 323 67.53 -75.16 -28.63
C GLY QD 323 66.74 -75.26 -27.33
N TRP QD 324 66.05 -74.19 -26.96
CA TRP QD 324 65.32 -74.11 -25.70
C TRP QD 324 63.83 -74.37 -25.93
N LEU QD 325 63.17 -74.79 -24.85
CA LEU QD 325 61.72 -74.88 -24.83
C LEU QD 325 61.07 -73.72 -24.10
N ALA QD 326 61.80 -73.05 -23.21
CA ALA QD 326 61.31 -71.87 -22.52
C ALA QD 326 62.48 -71.01 -22.09
N SER QD 327 62.36 -69.70 -22.30
CA SER QD 327 63.40 -68.76 -21.97
C SER QD 327 62.78 -67.46 -21.49
N MET QD 328 63.55 -66.72 -20.68
CA MET QD 328 63.14 -65.43 -20.17
C MET QD 328 64.27 -64.42 -20.35
N THR QD 329 63.89 -63.14 -20.44
CA THR QD 329 64.85 -62.08 -20.64
C THR QD 329 64.55 -60.93 -19.67
N SER QD 330 65.58 -60.19 -19.32
CA SER QD 330 65.46 -59.03 -18.46
C SER QD 330 65.53 -57.74 -19.29
N ALA QD 331 65.13 -56.64 -18.66
CA ALA QD 331 65.22 -55.33 -19.32
C ALA QD 331 66.66 -54.94 -19.58
N ASP QD 332 67.57 -55.26 -18.64
CA ASP QD 332 68.98 -54.95 -18.80
C ASP QD 332 69.67 -55.82 -19.84
N GLY QD 333 69.07 -56.94 -20.24
CA GLY QD 333 69.64 -57.77 -21.29
C GLY QD 333 70.26 -59.06 -20.84
N THR QD 334 69.65 -59.72 -19.86
CA THR QD 334 70.10 -61.02 -19.37
C THR QD 334 69.12 -62.10 -19.81
N HIS QD 335 69.64 -63.21 -20.30
CA HIS QD 335 68.84 -64.33 -20.77
C HIS QD 335 68.96 -65.50 -19.81
N ALA QD 336 67.86 -66.22 -19.61
CA ALA QD 336 67.83 -67.41 -18.76
C ALA QD 336 66.94 -68.44 -19.43
N TYR QD 337 67.53 -69.56 -19.84
CA TYR QD 337 66.80 -70.64 -20.50
C TYR QD 337 66.65 -71.82 -19.55
N GLU QD 338 65.55 -72.57 -19.74
CA GLU QD 338 65.36 -73.84 -19.05
C GLU QD 338 65.31 -74.95 -20.08
N MET QD 339 66.07 -76.02 -19.84
CA MET QD 339 66.20 -77.08 -20.83
C MET QD 339 66.41 -78.42 -20.14
N GLN QD 340 66.52 -79.46 -20.94
CA GLN QD 340 66.85 -80.80 -20.48
C GLN QD 340 68.37 -80.94 -20.40
N LYS QD 341 68.81 -82.09 -19.88
CA LYS QD 341 70.23 -82.31 -19.64
C LYS QD 341 70.98 -82.59 -20.93
N SER QD 342 72.02 -81.79 -21.20
CA SER QD 342 72.85 -81.93 -22.39
C SER QD 342 74.29 -81.59 -22.04
N PRO QD 343 75.23 -82.53 -22.15
CA PRO QD 343 76.62 -82.27 -21.74
C PRO QD 343 77.34 -81.24 -22.60
N VAL QD 344 76.86 -80.92 -23.80
CA VAL QD 344 77.57 -80.03 -24.72
C VAL QD 344 76.64 -78.90 -25.13
N LEU QD 345 77.20 -77.69 -25.25
CA LEU QD 345 76.45 -76.49 -25.59
C LEU QD 345 77.17 -75.73 -26.70
N LEU QD 346 76.38 -75.07 -27.55
CA LEU QD 346 76.89 -74.22 -28.62
C LEU QD 346 76.42 -72.80 -28.39
N VAL QD 347 77.37 -71.87 -28.28
CA VAL QD 347 77.09 -70.48 -27.95
C VAL QD 347 77.53 -69.59 -29.10
N SER QD 348 76.66 -68.68 -29.51
CA SER QD 348 76.94 -67.73 -30.58
C SER QD 348 76.99 -66.32 -30.00
N TRP QD 349 78.07 -65.61 -30.28
CA TRP QD 349 78.21 -64.22 -29.86
C TRP QD 349 79.18 -63.52 -30.79
N HIS QD 350 78.96 -62.21 -30.97
CA HIS QD 350 79.78 -61.38 -31.85
C HIS QD 350 79.86 -61.95 -33.27
N GLY QD 351 78.80 -62.65 -33.69
CA GLY QD 351 78.75 -63.22 -35.01
C GLY QD 351 79.51 -64.52 -35.19
N LYS QD 352 80.14 -65.04 -34.14
CA LYS QD 352 80.88 -66.29 -34.22
C LYS QD 352 80.31 -67.28 -33.22
N VAL QD 353 80.34 -68.56 -33.60
CA VAL QD 353 79.75 -69.64 -32.81
C VAL QD 353 80.86 -70.57 -32.37
N MET QD 354 80.88 -70.88 -31.08
CA MET QD 354 81.85 -71.82 -30.51
C MET QD 354 81.11 -72.85 -29.66
N GLN QD 355 81.88 -73.85 -29.21
CA GLN QD 355 81.34 -74.99 -28.49
C GLN QD 355 82.00 -75.09 -27.11
N LEU QD 356 81.22 -75.51 -26.12
CA LEU QD 356 81.74 -75.75 -24.78
C LEU QD 356 81.03 -76.97 -24.20
N LYS QD 357 81.54 -77.43 -23.06
CA LYS QD 357 81.04 -78.64 -22.42
C LYS QD 357 80.87 -78.39 -20.93
N VAL QD 358 79.99 -79.18 -20.30
CA VAL QD 358 79.64 -79.04 -18.91
C VAL QD 358 79.87 -80.38 -18.22
N GLU QD 359 79.58 -80.42 -16.91
CA GLU QD 359 79.71 -81.62 -16.10
C GLU QD 359 78.36 -81.92 -15.45
N GLY QD 360 77.87 -83.14 -15.66
CA GLY QD 360 76.61 -83.57 -15.08
C GLY QD 360 75.41 -82.77 -15.56
N UNK RD 1 103.45 -50.94 21.25
CA UNK RD 1 102.04 -50.75 20.91
C UNK RD 1 101.20 -51.94 21.36
N UNK RD 2 100.90 -52.83 20.41
CA UNK RD 2 100.09 -54.01 20.69
C UNK RD 2 100.73 -55.22 20.02
N UNK RD 3 100.50 -56.39 20.62
CA UNK RD 3 101.01 -57.67 20.11
C UNK RD 3 99.89 -58.70 20.16
N UNK RD 4 100.18 -59.88 19.62
CA UNK RD 4 99.19 -60.96 19.55
C UNK RD 4 99.52 -62.13 20.44
N UNK RD 5 100.79 -62.30 20.84
CA UNK RD 5 101.16 -63.43 21.70
C UNK RD 5 100.48 -63.32 23.06
N UNK RD 6 100.46 -62.12 23.65
CA UNK RD 6 99.78 -61.93 24.92
C UNK RD 6 98.28 -62.18 24.78
N UNK RD 7 97.68 -61.75 23.67
CA UNK RD 7 96.27 -62.00 23.45
C UNK RD 7 95.99 -63.49 23.36
N UNK RD 8 96.85 -64.23 22.63
CA UNK RD 8 96.67 -65.67 22.51
C UNK RD 8 96.82 -66.36 23.86
N UNK RD 9 97.82 -65.95 24.65
CA UNK RD 9 98.00 -66.54 25.97
C UNK RD 9 96.83 -66.26 26.89
N UNK RD 10 96.30 -65.03 26.85
CA UNK RD 10 95.15 -64.69 27.66
C UNK RD 10 93.91 -65.49 27.24
N UNK RD 11 93.73 -65.66 25.92
CA UNK RD 11 92.62 -66.48 25.45
C UNK RD 11 92.76 -67.92 25.90
N UNK RD 12 93.97 -68.46 25.83
CA UNK RD 12 94.19 -69.83 26.28
C UNK RD 12 93.91 -69.97 27.77
N UNK RD 13 94.35 -69.00 28.58
CA UNK RD 13 94.08 -69.04 30.01
C UNK RD 13 92.59 -68.94 30.30
N UNK RD 14 91.89 -68.05 29.60
CA UNK RD 14 90.45 -67.90 29.79
C UNK RD 14 89.71 -69.18 29.42
N UNK RD 15 90.13 -69.83 28.33
CA UNK RD 15 89.51 -71.10 27.96
C UNK RD 15 89.79 -72.17 29.00
N UNK RD 16 91.06 -72.35 29.38
CA UNK RD 16 91.44 -73.32 30.40
C UNK RD 16 91.55 -72.59 31.74
N UNK RD 17 90.48 -71.89 32.09
CA UNK RD 17 90.40 -71.24 33.39
C UNK RD 17 90.41 -72.22 34.54
N UNK RD 18 89.77 -73.38 34.37
CA UNK RD 18 89.78 -74.45 35.37
C UNK RD 18 89.25 -73.98 36.73
N UNK RD 19 88.31 -73.04 36.72
CA UNK RD 19 87.70 -72.52 37.95
C UNK RD 19 86.20 -72.48 37.72
N UNK RD 20 85.52 -73.56 38.08
CA UNK RD 20 84.08 -73.68 37.90
C UNK RD 20 83.40 -73.93 39.24
N UNK RD 21 82.41 -73.11 39.56
CA UNK RD 21 81.62 -73.26 40.79
C UNK RD 21 80.16 -73.33 40.37
N UNK RD 22 79.70 -74.55 40.06
CA UNK RD 22 78.33 -74.79 39.64
C UNK RD 22 77.71 -75.84 40.55
N UNK RD 23 76.53 -75.52 41.09
CA UNK RD 23 75.82 -76.44 41.97
C UNK RD 23 74.35 -76.51 41.54
N UNK RD 24 73.77 -77.68 41.71
CA UNK RD 24 72.37 -77.91 41.39
C UNK RD 24 71.52 -77.88 42.65
N UNK RD 25 70.27 -77.47 42.49
CA UNK RD 25 69.34 -77.37 43.60
C UNK RD 25 68.02 -78.03 43.23
N UNK RD 26 67.28 -78.45 44.25
CA UNK RD 26 65.98 -79.06 44.06
C UNK RD 26 64.94 -77.97 43.78
N UNK RD 27 63.66 -78.34 43.77
CA UNK RD 27 62.60 -77.37 43.55
C UNK RD 27 62.59 -76.30 44.64
N UNK RD 28 62.78 -76.71 45.89
CA UNK RD 28 62.84 -75.80 47.02
C UNK RD 28 64.26 -75.30 47.30
N UNK RD 29 65.15 -75.39 46.30
CA UNK RD 29 66.54 -74.91 46.43
C UNK RD 29 67.28 -75.61 47.56
N UNK RD 30 67.38 -76.94 47.47
CA UNK RD 30 68.09 -77.71 48.48
C UNK RD 30 69.60 -77.55 48.32
N UNK RD 31 70.33 -78.06 49.31
CA UNK RD 31 71.79 -77.99 49.31
C UNK RD 31 72.35 -79.31 48.82
N UNK RD 32 72.67 -79.35 47.52
CA UNK RD 32 73.31 -80.51 46.90
C UNK RD 32 74.45 -79.99 46.03
N UNK RD 33 75.66 -79.97 46.58
CA UNK RD 33 76.82 -79.39 45.92
C UNK RD 33 77.64 -80.48 45.22
N UNK RD 34 78.59 -80.04 44.41
CA UNK RD 34 79.45 -80.91 43.63
C UNK RD 34 80.92 -80.54 43.86
N UNK RD 35 81.79 -81.51 43.62
CA UNK RD 35 83.21 -81.29 43.76
C UNK RD 35 83.73 -80.38 42.65
N UNK RD 36 84.85 -79.72 42.93
CA UNK RD 36 85.45 -78.81 41.96
C UNK RD 36 86.02 -79.59 40.79
N UNK RD 37 85.69 -79.17 39.58
CA UNK RD 37 86.13 -79.81 38.35
C UNK RD 37 86.91 -78.81 37.49
N UNK RD 38 87.17 -79.19 36.25
CA UNK RD 38 87.92 -78.36 35.29
C UNK RD 38 89.29 -77.98 35.84
N UNK RD 39 65.94 -75.71 35.95
CA UNK RD 39 65.77 -75.22 37.31
C UNK RD 39 66.92 -75.64 38.20
N UNK RD 40 67.26 -76.93 38.16
CA UNK RD 40 68.35 -77.44 39.00
C UNK RD 40 69.69 -76.87 38.56
N UNK RD 41 70.00 -76.94 37.28
CA UNK RD 41 71.27 -76.47 36.73
C UNK RD 41 70.99 -75.17 35.98
N UNK RD 42 71.18 -74.04 36.67
CA UNK RD 42 70.95 -72.75 36.06
C UNK RD 42 72.08 -72.39 35.12
N UNK RD 43 71.75 -71.59 34.10
CA UNK RD 43 72.77 -71.11 33.16
C UNK RD 43 73.81 -70.27 33.87
N UNK RD 44 73.38 -69.42 34.80
CA UNK RD 44 74.29 -68.65 35.63
C UNK RD 44 74.86 -69.47 36.78
N UNK RD 45 74.46 -70.74 36.91
CA UNK RD 45 74.99 -71.57 37.99
C UNK RD 45 76.49 -71.74 37.87
N UNK RD 46 76.99 -71.93 36.65
CA UNK RD 46 78.43 -72.06 36.42
C UNK RD 46 79.11 -70.74 36.76
N UNK RD 47 79.85 -70.72 37.87
CA UNK RD 47 80.51 -69.51 38.35
C UNK RD 47 82.02 -69.70 38.28
N UNK RD 48 82.71 -68.67 37.79
CA UNK RD 48 84.16 -68.70 37.68
C UNK RD 48 84.80 -67.60 38.51
N ARG SD 207 -9.04 -92.78 65.83
CA ARG SD 207 -9.57 -91.44 66.02
C ARG SD 207 -8.85 -90.44 65.13
N ILE SD 208 -9.25 -89.17 65.20
CA ILE SD 208 -8.66 -88.12 64.40
C ILE SD 208 -7.54 -87.45 65.18
N ILE SD 209 -6.34 -87.46 64.61
CA ILE SD 209 -5.14 -86.95 65.29
C ILE SD 209 -4.90 -85.52 64.87
N TYR SD 210 -4.55 -84.68 65.85
CA TYR SD 210 -4.26 -83.27 65.61
C TYR SD 210 -2.79 -83.00 65.85
N TYR SD 211 -2.18 -82.24 64.94
CA TYR SD 211 -0.76 -81.94 64.97
C TYR SD 211 -0.55 -80.46 65.23
N ILE SD 212 0.50 -80.14 65.98
CA ILE SD 212 0.84 -78.74 66.20
C ILE SD 212 1.23 -78.09 64.88
N GLN SD 213 0.87 -76.83 64.72
CA GLN SD 213 1.26 -76.05 63.56
C GLN SD 213 2.11 -74.84 63.90
N ALA SD 214 1.86 -74.20 65.03
CA ALA SD 214 2.69 -73.11 65.53
C ALA SD 214 2.77 -73.22 67.04
N VAL SD 215 4.00 -73.22 67.57
CA VAL SD 215 4.24 -73.39 69.00
C VAL SD 215 5.03 -72.20 69.51
N ILE SD 216 4.48 -71.52 70.51
CA ILE SD 216 5.17 -70.43 71.20
C ILE SD 216 4.94 -70.59 72.69
N PRO SD 217 5.75 -69.94 73.51
CA PRO SD 217 5.44 -69.88 74.95
C PRO SD 217 4.06 -69.30 75.17
N GLY SD 218 3.22 -70.06 75.88
CA GLY SD 218 1.86 -69.65 76.12
C GLY SD 218 0.84 -70.21 75.15
N ARG SD 219 0.95 -69.87 73.87
CA ARG SD 219 -0.02 -70.27 72.87
C ARG SD 219 0.51 -71.41 72.01
N ALA SD 220 -0.42 -72.23 71.51
CA ALA SD 220 -0.05 -73.35 70.65
C ALA SD 220 -1.12 -73.52 69.58
N TRP SD 221 -0.69 -73.59 68.33
CA TRP SD 221 -1.60 -73.74 67.21
C TRP SD 221 -1.59 -75.19 66.72
N LEU SD 222 -2.77 -75.79 66.66
CA LEU SD 222 -2.93 -77.19 66.33
C LEU SD 222 -3.71 -77.33 65.02
N ILE SD 223 -3.30 -78.29 64.19
CA ILE SD 223 -3.98 -78.63 62.96
C ILE SD 223 -4.20 -80.14 62.93
N GLY SD 224 -5.42 -80.56 62.63
CA GLY SD 224 -5.74 -81.97 62.64
C GLY SD 224 -5.42 -82.68 61.35
N SER SD 225 -5.65 -84.00 61.37
CA SER SD 225 -5.50 -84.78 60.15
C SER SD 225 -6.45 -84.30 59.06
N ASN SD 226 -7.69 -83.98 59.45
CA ASN SD 226 -8.61 -83.33 58.52
C ASN SD 226 -8.14 -81.93 58.13
N GLY SD 227 -7.27 -81.32 58.94
CA GLY SD 227 -6.74 -80.01 58.65
C GLY SD 227 -7.38 -78.87 59.42
N SER SD 228 -8.32 -79.16 60.31
CA SER SD 228 -8.99 -78.10 61.05
C SER SD 228 -7.99 -77.39 61.97
N THR SD 229 -8.11 -76.07 62.02
CA THR SD 229 -7.19 -75.24 62.80
C THR SD 229 -7.80 -74.86 64.14
N LEU SD 230 -6.95 -74.81 65.17
CA LEU SD 230 -7.39 -74.40 66.50
C LEU SD 230 -6.18 -73.90 67.27
N THR SD 231 -6.45 -73.31 68.43
CA THR SD 231 -5.39 -72.83 69.30
C THR SD 231 -5.71 -73.19 70.75
N VAL SD 232 -4.66 -73.44 71.52
CA VAL SD 232 -4.79 -73.83 72.92
C VAL SD 232 -3.74 -73.11 73.76
N ARG SD 233 -4.01 -73.05 75.05
CA ARG SD 233 -3.12 -72.50 76.07
C ARG SD 233 -2.69 -73.60 77.03
N GLU SD 234 -1.96 -73.21 78.07
CA GLU SD 234 -1.51 -74.18 79.08
C GLU SD 234 -2.70 -74.81 79.79
N GLY SD 235 -3.59 -73.98 80.33
CA GLY SD 235 -4.81 -74.49 80.91
C GLY SD 235 -5.97 -74.41 79.95
N SER SD 236 -6.27 -75.52 79.27
CA SER SD 236 -7.35 -75.52 78.29
C SER SD 236 -7.79 -76.96 78.03
N LYS SD 237 -8.97 -77.09 77.47
CA LYS SD 237 -9.55 -78.38 77.12
C LYS SD 237 -9.35 -78.65 75.63
N ILE SD 238 -9.04 -79.89 75.31
CA ILE SD 238 -8.83 -80.32 73.93
C ILE SD 238 -9.72 -81.53 73.65
N PRO SD 239 -10.62 -81.46 72.68
CA PRO SD 239 -11.49 -82.61 72.40
C PRO SD 239 -10.70 -83.81 71.91
N GLY SD 240 -11.18 -85.00 72.26
CA GLY SD 240 -10.50 -86.23 71.92
C GLY SD 240 -9.23 -86.50 72.68
N TYR SD 241 -8.72 -85.53 73.41
CA TYR SD 241 -7.50 -85.68 74.20
C TYR SD 241 -7.71 -85.33 75.67
N GLY SD 242 -8.57 -84.37 75.97
CA GLY SD 242 -8.85 -84.02 77.35
C GLY SD 242 -8.52 -82.57 77.68
N MET SD 243 -7.65 -82.38 78.66
CA MET SD 243 -7.25 -81.06 79.12
C MET SD 243 -5.75 -80.86 78.87
N VAL SD 244 -5.36 -79.63 78.55
CA VAL SD 244 -3.94 -79.36 78.31
C VAL SD 244 -3.21 -79.38 79.64
N LYS SD 245 -2.17 -80.22 79.74
CA LYS SD 245 -1.47 -80.44 80.99
C LYS SD 245 -0.21 -79.62 81.11
N LEU SD 246 0.60 -79.55 80.04
CA LEU SD 246 1.83 -78.78 80.08
C LEU SD 246 2.24 -78.42 78.66
N ILE SD 247 2.88 -77.27 78.51
CA ILE SD 247 3.33 -76.76 77.22
C ILE SD 247 4.83 -76.57 77.27
N ASP SD 248 5.53 -77.07 76.25
CA ASP SD 248 6.97 -76.88 76.09
C ASP SD 248 7.24 -76.28 74.72
N SER SD 249 7.72 -75.05 74.70
CA SER SD 249 8.07 -74.42 73.42
C SER SD 249 9.23 -75.15 72.75
N LEU SD 250 10.18 -75.64 73.55
CA LEU SD 250 11.30 -76.39 72.99
C LEU SD 250 10.82 -77.77 72.52
N GLN SD 251 11.33 -78.19 71.37
CA GLN SD 251 11.06 -79.51 70.79
C GLN SD 251 9.59 -79.68 70.42
N GLY SD 252 8.78 -78.65 70.64
CA GLY SD 252 7.37 -78.71 70.27
C GLY SD 252 6.59 -79.82 70.94
N ARG SD 253 6.75 -79.98 72.24
CA ARG SD 253 6.08 -81.03 73.00
C ARG SD 253 4.93 -80.44 73.80
N ILE SD 254 3.75 -81.03 73.66
CA ILE SD 254 2.56 -80.62 74.39
C ILE SD 254 2.05 -81.81 75.18
N LEU SD 255 1.76 -81.58 76.45
CA LEU SD 255 1.31 -82.64 77.37
C LEU SD 255 -0.17 -82.46 77.67
N THR SD 256 -0.92 -83.54 77.56
CA THR SD 256 -2.36 -83.55 77.78
C THR SD 256 -2.68 -84.13 79.15
N SER SD 257 -3.89 -83.83 79.63
CA SER SD 257 -4.36 -84.42 80.88
C SER SD 257 -4.48 -85.93 80.78
N SER SD 258 -4.56 -86.47 79.56
CA SER SD 258 -4.57 -87.91 79.35
C SER SD 258 -3.16 -88.50 79.31
N GLY SD 259 -2.14 -87.68 79.53
CA GLY SD 259 -0.77 -88.13 79.45
C GLY SD 259 -0.21 -88.21 78.04
N GLN SD 260 -1.00 -87.84 77.03
CA GLN SD 260 -0.53 -87.92 75.66
C GLN SD 260 0.47 -86.80 75.37
N VAL SD 261 1.36 -87.08 74.43
CA VAL SD 261 2.38 -86.12 73.98
C VAL SD 261 1.98 -85.67 72.59
N ILE SD 262 1.66 -84.39 72.44
CA ILE SD 262 1.22 -83.82 71.18
C ILE SD 262 2.40 -83.14 70.51
N LYS SD 263 2.60 -83.44 69.22
CA LYS SD 263 3.73 -82.91 68.49
C LYS SD 263 3.36 -82.81 67.02
N PHE SD 264 4.14 -82.04 66.27
CA PHE SD 264 4.00 -81.98 64.83
C PHE SD 264 4.02 -83.38 64.24
N SER SD 265 3.38 -83.53 63.08
CA SER SD 265 3.37 -84.81 62.40
C SER SD 265 4.77 -85.19 61.92
N GLN SD 266 4.95 -86.47 61.64
CA GLN SD 266 6.25 -86.94 61.15
C GLN SD 266 6.59 -86.30 59.82
N GLU SD 267 5.61 -86.19 58.92
CA GLU SD 267 5.86 -85.56 57.63
C GLU SD 267 6.29 -84.11 57.82
N ASP SD 268 5.61 -83.38 58.70
CA ASP SD 268 5.97 -82.01 59.01
C ASP SD 268 6.84 -81.99 60.27
N SER SD 269 8.04 -82.53 60.13
CA SER SD 269 8.99 -82.59 61.24
C SER SD 269 10.41 -82.41 60.76
N GLN TD 791 48.63 -65.86 85.66
CA GLN TD 791 47.56 -65.19 86.39
C GLN TD 791 47.02 -64.01 85.58
N GLN TD 792 47.84 -62.96 85.45
CA GLN TD 792 47.46 -61.83 84.60
C GLN TD 792 47.26 -62.25 83.16
N GLU TD 793 47.93 -63.33 82.75
CA GLU TD 793 47.71 -63.89 81.43
C GLU TD 793 46.24 -64.27 81.25
N ILE TD 794 45.61 -64.76 82.31
CA ILE TD 794 44.21 -65.16 82.24
C ILE TD 794 43.34 -63.95 81.90
N GLN TD 795 43.57 -62.83 82.58
CA GLN TD 795 42.71 -61.67 82.36
C GLN TD 795 42.97 -61.03 81.00
N GLN TD 796 44.23 -60.98 80.55
CA GLN TD 796 44.49 -60.40 79.23
C GLN TD 796 43.94 -61.31 78.13
N ARG TD 797 44.03 -62.63 78.33
CA ARG TD 797 43.38 -63.56 77.41
C ARG TD 797 41.88 -63.33 77.40
N THR TD 798 41.29 -63.10 78.57
CA THR TD 798 39.87 -62.79 78.65
C THR TD 798 39.55 -61.53 77.85
N SER TD 799 40.40 -60.51 77.96
CA SER TD 799 40.15 -59.25 77.27
C SER TD 799 40.16 -59.43 75.76
N ASP TD 800 41.19 -60.10 75.24
CA ASP TD 800 41.25 -60.29 73.79
C ASP TD 800 40.12 -61.19 73.31
N MET TD 801 39.78 -62.22 74.08
CA MET TD 801 38.64 -63.06 73.73
C MET TD 801 37.36 -62.24 73.70
N LEU TD 802 37.19 -61.32 74.65
CA LEU TD 802 36.02 -60.47 74.68
C LEU TD 802 35.96 -59.59 73.44
N THR TD 803 37.09 -59.03 73.03
CA THR TD 803 37.11 -58.20 71.83
C THR TD 803 36.71 -59.01 70.61
N ALA TD 804 37.27 -60.22 70.47
CA ALA TD 804 36.94 -61.07 69.35
C ALA TD 804 35.46 -61.44 69.35
N ALA TD 805 34.93 -61.78 70.53
CA ALA TD 805 33.52 -62.13 70.62
C ALA TD 805 32.62 -60.95 70.26
N THR TD 806 32.99 -59.75 70.72
CA THR TD 806 32.18 -58.58 70.42
C THR TD 806 32.15 -58.30 68.93
N GLN TD 807 33.30 -58.36 68.26
CA GLN TD 807 33.30 -58.13 66.82
C GLN TD 807 32.52 -59.22 66.10
N LEU TD 808 32.66 -60.47 66.53
CA LEU TD 808 31.93 -61.55 65.87
C LEU TD 808 30.43 -61.38 66.03
N VAL TD 809 29.96 -61.03 67.23
CA VAL TD 809 28.52 -60.89 67.43
C VAL TD 809 28.01 -59.67 66.67
N GLN TD 810 28.81 -58.60 66.60
CA GLN TD 810 28.38 -57.46 65.78
C GLN TD 810 28.26 -57.87 64.32
N ASP TD 811 29.15 -58.75 63.85
CA ASP TD 811 29.02 -59.28 62.50
C ASP TD 811 27.74 -60.08 62.35
N TRP TD 812 27.38 -60.85 63.38
CA TRP TD 812 26.13 -61.59 63.35
C TRP TD 812 24.92 -60.66 63.35
N LYS TD 813 25.06 -59.45 63.90
CA LYS TD 813 23.89 -58.60 64.13
C LYS TD 813 23.21 -58.21 62.82
N GLN TD 814 23.97 -57.68 61.87
CA GLN TD 814 23.34 -57.02 60.74
C GLN TD 814 22.72 -58.03 59.77
N VAL TD 815 21.74 -57.55 59.01
CA VAL TD 815 21.10 -58.31 57.96
C VAL TD 815 20.53 -57.33 56.94
N GLU TD 816 20.78 -57.59 55.66
CA GLU TD 816 20.40 -56.66 54.61
C GLU TD 816 19.24 -57.20 53.80
N THR TD 817 18.39 -56.30 53.31
CA THR TD 817 17.13 -56.66 52.69
C THR TD 817 17.35 -57.36 51.35
N GLN TD 818 16.43 -58.27 51.03
CA GLN TD 818 16.45 -58.97 49.76
C GLN TD 818 16.20 -58.00 48.60
N VAL TD 819 16.32 -58.52 47.38
CA VAL TD 819 16.27 -57.71 46.17
C VAL TD 819 15.15 -58.19 45.27
N TYR TD 820 14.43 -57.22 44.68
CA TYR TD 820 13.42 -57.45 43.66
C TYR TD 820 13.93 -56.89 42.33
N THR TD 821 13.59 -57.58 41.24
CA THR TD 821 13.90 -57.09 39.91
C THR TD 821 12.81 -57.50 38.94
N GLU TD 822 12.32 -56.54 38.16
CA GLU TD 822 11.28 -56.79 37.17
C GLU TD 822 11.93 -57.12 35.82
N GLY TD 823 11.14 -57.14 34.76
CA GLY TD 823 11.65 -57.38 33.43
C GLY TD 823 10.65 -56.97 32.38
N THR TD 824 11.11 -56.92 31.13
CA THR TD 824 10.27 -56.58 29.99
C THR TD 824 10.84 -57.13 28.69
N ALA UD 104 85.40 -66.33 56.01
CA ALA UD 104 85.46 -65.09 55.25
C ALA UD 104 84.43 -65.08 54.14
N GLU UD 105 83.69 -66.18 54.02
CA GLU UD 105 82.69 -66.31 52.96
C GLU UD 105 81.35 -66.74 53.53
N VAL UD 106 81.37 -67.40 54.69
CA VAL UD 106 80.14 -67.88 55.33
C VAL UD 106 79.21 -66.76 55.71
N ILE UD 107 79.72 -65.52 55.78
CA ILE UD 107 78.86 -64.37 56.07
C ILE UD 107 77.80 -64.24 55.00
N ASP UD 108 78.15 -64.52 53.75
CA ASP UD 108 77.19 -64.43 52.66
C ASP UD 108 76.03 -65.40 52.88
N LYS UD 109 76.34 -66.65 53.24
CA LYS UD 109 75.30 -67.63 53.49
C LYS UD 109 74.47 -67.27 54.71
N LYS UD 110 75.13 -66.78 55.77
CA LYS UD 110 74.40 -66.33 56.95
C LYS UD 110 73.39 -65.25 56.60
N ALA UD 111 73.84 -64.22 55.89
CA ALA UD 111 72.94 -63.14 55.50
C ALA UD 111 71.86 -63.63 54.53
N PHE UD 112 72.19 -64.60 53.68
CA PHE UD 112 71.18 -65.15 52.77
C PHE UD 112 70.07 -65.82 53.55
N LYS UD 113 70.42 -66.64 54.55
CA LYS UD 113 69.40 -67.26 55.39
C LYS UD 113 68.63 -66.21 56.16
N ASP UD 114 69.33 -65.19 56.66
CA ASP UD 114 68.65 -64.14 57.42
C ASP UD 114 67.63 -63.41 56.56
N MET UD 115 68.00 -63.03 55.34
CA MET UD 115 67.06 -62.33 54.47
C MET UD 115 65.94 -63.26 54.01
N THR UD 116 66.22 -64.55 53.86
CA THR UD 116 65.16 -65.48 53.52
C THR UD 116 64.11 -65.52 54.63
N ARG UD 117 64.56 -65.66 55.87
CA ARG UD 117 63.64 -65.67 57.00
C ARG UD 117 62.93 -64.32 57.14
N ASN UD 118 63.62 -63.23 56.83
CA ASN UD 118 63.01 -61.91 56.90
C ASN UD 118 61.91 -61.75 55.85
N LEU UD 119 62.20 -62.08 54.60
CA LEU UD 119 61.23 -61.89 53.53
C LEU UD 119 60.05 -62.83 53.68
N TYR UD 120 60.32 -64.11 53.94
CA TYR UD 120 59.27 -65.13 54.04
C TYR UD 120 59.39 -65.85 55.38
N PRO UD 121 58.96 -65.21 56.46
CA PRO UD 121 59.02 -65.89 57.77
C PRO UD 121 58.15 -67.12 57.86
N LEU UD 122 57.14 -67.24 56.99
CA LEU UD 122 56.20 -68.35 57.06
C LEU UD 122 56.60 -69.45 56.09
N ASN UD 123 56.60 -70.69 56.56
CA ASN UD 123 56.81 -71.82 55.69
C ASN UD 123 55.60 -71.98 54.77
N PRO UD 124 55.79 -72.46 53.54
CA PRO UD 124 54.63 -72.71 52.67
C PRO UD 124 53.62 -73.66 53.29
N GLU UD 125 54.09 -74.68 53.98
CA GLU UD 125 53.18 -75.57 54.70
C GLU UD 125 52.43 -74.82 55.78
N GLN UD 126 53.11 -73.91 56.47
CA GLN UD 126 52.44 -73.08 57.47
C GLN UD 126 51.36 -72.24 56.82
N VAL UD 127 51.63 -71.68 55.64
CA VAL UD 127 50.63 -70.89 54.93
C VAL UD 127 49.42 -71.76 54.59
N VAL UD 128 49.68 -72.97 54.10
CA VAL UD 128 48.58 -73.85 53.69
C VAL UD 128 47.71 -74.20 54.89
N LYS UD 129 48.34 -74.64 55.98
CA LYS UD 129 47.54 -75.04 57.13
C LYS UD 129 46.88 -73.85 57.80
N LEU UD 130 47.49 -72.66 57.71
CA LEU UD 130 46.84 -71.46 58.22
C LEU UD 130 45.59 -71.14 57.43
N LYS UD 131 45.65 -71.28 56.10
CA LYS UD 131 44.46 -71.06 55.29
C LYS UD 131 43.40 -72.10 55.61
N GLN UD 132 43.83 -73.34 55.87
CA GLN UD 132 42.88 -74.36 56.29
C GLN UD 132 42.19 -73.98 57.60
N ILE UD 133 42.97 -73.49 58.56
CA ILE UD 133 42.40 -73.05 59.84
C ILE UD 133 41.44 -71.89 59.62
N TYR UD 134 41.78 -70.98 58.72
CA TYR UD 134 40.90 -69.86 58.41
C TYR UD 134 39.58 -70.36 57.83
N GLU UD 135 39.64 -71.32 56.90
CA GLU UD 135 38.42 -71.88 56.34
C GLU UD 135 37.60 -72.57 57.41
N THR UD 136 38.26 -73.29 58.32
CA THR UD 136 37.56 -73.94 59.42
C THR UD 136 36.87 -72.91 60.31
N SER UD 137 37.55 -71.80 60.58
CA SER UD 137 36.95 -70.74 61.38
C SER UD 137 35.73 -70.16 60.69
N GLU UD 138 35.82 -69.95 59.38
CA GLU UD 138 34.66 -69.42 58.64
C GLU UD 138 33.49 -70.40 58.71
N TYR UD 139 33.77 -71.70 58.54
CA TYR UD 139 32.71 -72.69 58.61
C TYR UD 139 32.08 -72.73 60.00
N ALA UD 140 32.91 -72.66 61.04
CA ALA UD 140 32.38 -72.66 62.41
C ALA UD 140 31.53 -71.42 62.66
N LYS UD 141 31.97 -70.27 62.15
CA LYS UD 141 31.15 -69.06 62.24
C LYS UD 141 29.81 -69.25 61.57
N ALA UD 142 29.81 -69.85 60.38
CA ALA UD 142 28.58 -70.07 59.64
C ALA UD 142 27.74 -71.21 60.20
N ALA UD 143 28.27 -71.99 61.14
CA ALA UD 143 27.53 -73.13 61.67
C ALA UD 143 26.23 -72.70 62.33
N THR UD 144 25.16 -73.45 62.06
CA THR UD 144 23.84 -73.14 62.59
C THR UD 144 23.56 -74.00 63.81
N PRO UD 145 23.27 -73.42 64.97
CA PRO UD 145 22.92 -74.22 66.13
C PRO UD 145 21.61 -74.97 65.93
N GLY UD 146 21.50 -76.11 66.59
CA GLY UD 146 20.32 -76.95 66.40
C GLY UD 146 20.26 -77.46 64.98
N THR UD 147 19.08 -77.34 64.37
CA THR UD 147 18.90 -77.73 62.98
C THR UD 147 18.04 -76.69 62.27
N PRO UD 148 18.29 -76.44 61.00
CA PRO UD 148 17.45 -75.52 60.23
C PRO UD 148 16.07 -76.12 60.02
N PRO UD 149 15.06 -75.28 59.72
CA PRO UD 149 13.71 -75.80 59.53
C PRO UD 149 13.57 -76.62 58.26
N LYS UD 150 12.36 -77.09 57.98
CA LYS UD 150 12.10 -77.94 56.82
C LYS UD 150 11.46 -77.10 55.73
N PRO UD 151 12.14 -76.86 54.60
CA PRO UD 151 11.54 -76.11 53.50
C PRO UD 151 10.40 -76.89 52.86
N THR UD 152 9.21 -76.29 52.83
CA THR UD 152 8.02 -76.95 52.32
C THR UD 152 7.16 -75.93 51.59
N ALA UD 153 6.08 -76.43 51.00
CA ALA UD 153 5.01 -75.62 50.43
C ALA UD 153 3.70 -75.97 51.10
N THR UD 154 2.68 -75.13 50.88
CA THR UD 154 1.39 -75.33 51.51
C THR UD 154 0.29 -74.75 50.63
N SER UD 155 -0.90 -75.33 50.75
CA SER UD 155 -2.08 -74.82 50.06
C SER UD 155 -3.30 -75.16 50.87
N GLN UD 156 -4.00 -74.14 51.36
CA GLN UD 156 -5.17 -74.33 52.21
C GLN UD 156 -6.25 -73.34 51.83
N PHE UD 157 -7.39 -73.49 52.47
CA PHE UD 157 -8.52 -72.58 52.31
C PHE UD 157 -8.77 -71.86 53.63
N VAL UD 158 -9.17 -70.60 53.56
CA VAL UD 158 -9.41 -69.77 54.73
C VAL UD 158 -10.91 -69.59 54.89
N ASN UD 159 -11.44 -70.07 56.01
CA ASN UD 159 -12.85 -69.91 56.32
C ASN UD 159 -13.06 -68.59 57.04
N LEU UD 160 -13.98 -67.78 56.52
CA LEU UD 160 -14.23 -66.43 57.01
C LEU UD 160 -15.43 -66.37 57.96
N SER UD 161 -15.71 -67.45 58.66
CA SER UD 161 -16.83 -67.44 59.60
C SER UD 161 -16.50 -66.51 60.78
N PRO UD 162 -17.51 -65.99 61.47
CA PRO UD 162 -17.26 -65.10 62.61
C PRO UD 162 -16.74 -65.83 63.83
N GLY UD 163 -16.32 -67.08 63.66
CA GLY UD 163 -15.73 -67.83 64.75
C GLY UD 163 -14.44 -68.52 64.38
N SER UD 164 -14.10 -68.50 63.10
CA SER UD 164 -12.93 -69.22 62.62
C SER UD 164 -11.64 -68.62 63.17
N THR UD 165 -10.63 -69.47 63.32
CA THR UD 165 -9.29 -69.18 63.77
C THR UD 165 -8.45 -68.61 62.62
N PRO UD 166 -7.83 -67.46 62.82
CA PRO UD 166 -7.05 -66.83 61.75
C PRO UD 166 -5.87 -67.70 61.35
N PRO UD 167 -5.54 -67.74 60.06
CA PRO UD 167 -4.40 -68.53 59.60
C PRO UD 167 -3.08 -67.97 60.09
N VAL UD 168 -2.11 -68.87 60.19
CA VAL UD 168 -0.76 -68.57 60.69
C VAL UD 168 0.24 -68.83 59.58
N ILE UD 169 1.23 -67.95 59.46
CA ILE UD 169 2.25 -68.03 58.43
C ILE UD 169 3.61 -68.21 59.12
N ARG UD 170 4.27 -69.32 58.80
CA ARG UD 170 5.58 -69.63 59.39
C ARG UD 170 6.68 -68.95 58.57
N LEU UD 171 7.62 -68.34 59.27
CA LEU UD 171 8.66 -67.53 58.64
C LEU UD 171 10.02 -67.85 59.23
N SER UD 172 11.06 -67.34 58.58
CA SER UD 172 12.42 -67.40 59.07
C SER UD 172 13.19 -66.21 58.54
N GLN UD 173 14.15 -65.73 59.34
CA GLN UD 173 14.87 -64.53 58.98
C GLN UD 173 15.83 -64.79 57.82
N GLY UD 174 15.83 -63.87 56.87
CA GLY UD 174 16.71 -63.98 55.72
C GLY UD 174 16.18 -64.85 54.59
N PHE UD 175 14.94 -65.31 54.68
CA PHE UD 175 14.33 -66.14 53.64
C PHE UD 175 13.02 -65.53 53.21
N VAL UD 176 12.75 -65.54 51.91
CA VAL UD 176 11.61 -64.86 51.33
C VAL UD 176 10.46 -65.85 51.19
N SER UD 177 9.32 -65.50 51.78
CA SER UD 177 8.10 -66.28 51.66
C SER UD 177 7.22 -65.70 50.56
N SER UD 178 6.43 -66.57 49.94
CA SER UD 178 5.52 -66.18 48.88
C SER UD 178 4.11 -66.65 49.24
N LEU UD 179 3.16 -65.72 49.18
CA LEU UD 179 1.76 -66.04 49.47
C LEU UD 179 0.91 -65.68 48.25
N VAL UD 180 0.20 -66.66 47.72
CA VAL UD 180 -0.62 -66.48 46.53
C VAL UD 180 -2.09 -66.64 46.89
N PHE UD 181 -2.90 -65.65 46.54
CA PHE UD 181 -4.30 -65.60 46.91
C PHE UD 181 -5.14 -66.07 45.73
N LEU UD 182 -6.04 -67.01 46.00
CA LEU UD 182 -6.89 -67.61 44.98
C LEU UD 182 -8.33 -67.60 45.47
N ASP UD 183 -9.26 -67.71 44.52
CA ASP UD 183 -10.68 -67.74 44.84
C ASP UD 183 -11.04 -69.12 45.38
N SER UD 184 -12.34 -69.39 45.51
CA SER UD 184 -12.78 -70.72 45.94
C SER UD 184 -12.31 -71.78 44.96
N THR UD 185 -12.45 -71.52 43.65
CA THR UD 185 -12.01 -72.48 42.65
C THR UD 185 -10.50 -72.49 42.45
N GLY UD 186 -9.78 -71.55 43.03
CA GLY UD 186 -8.34 -71.46 42.87
C GLY UD 186 -7.85 -70.45 41.86
N ALA UD 187 -8.74 -69.63 41.31
CA ALA UD 187 -8.34 -68.61 40.35
C ALA UD 187 -7.69 -67.42 41.08
N PRO UD 188 -6.62 -66.85 40.52
CA PRO UD 188 -5.90 -65.79 41.22
C PRO UD 188 -6.76 -64.56 41.46
N TRP UD 189 -6.55 -63.93 42.60
CA TRP UD 189 -7.25 -62.70 42.97
C TRP UD 189 -6.22 -61.60 43.22
N PRO UD 190 -6.07 -60.64 42.32
CA PRO UD 190 -5.05 -59.60 42.50
C PRO UD 190 -5.29 -58.79 43.77
N ILE UD 191 -4.19 -58.40 44.41
CA ILE UD 191 -4.25 -57.68 45.67
C ILE UD 191 -4.63 -56.22 45.41
N ALA UD 192 -5.59 -55.72 46.18
CA ALA UD 192 -6.01 -54.33 46.09
C ALA UD 192 -5.26 -53.43 47.07
N ALA UD 193 -5.22 -53.80 48.35
CA ALA UD 193 -4.51 -53.01 49.34
C ALA UD 193 -4.14 -53.90 50.52
N TYR UD 194 -3.25 -53.39 51.37
CA TYR UD 194 -2.88 -54.13 52.57
C TYR UD 194 -2.30 -53.18 53.60
N ASP UD 195 -2.26 -53.65 54.83
CA ASP UD 195 -1.52 -53.02 55.91
C ASP UD 195 -0.79 -54.09 56.70
N LEU UD 196 0.39 -53.74 57.21
CA LEU UD 196 1.26 -54.66 57.92
C LEU UD 196 1.51 -54.12 59.32
N GLY UD 197 1.20 -54.93 60.34
CA GLY UD 197 1.52 -54.54 61.70
C GLY UD 197 3.00 -54.73 61.97
N ASP UD 198 3.58 -53.74 62.65
CA ASP UD 198 5.01 -53.71 62.95
C ASP UD 198 5.83 -53.89 61.68
N PRO UD 199 5.83 -52.91 60.78
CA PRO UD 199 6.58 -53.07 59.51
C PRO UD 199 8.08 -53.24 59.71
N SER UD 200 8.64 -52.80 60.83
CA SER UD 200 10.08 -52.92 61.02
C SER UD 200 10.54 -54.37 61.07
N SER UD 201 9.65 -55.30 61.40
CA SER UD 201 10.00 -56.71 61.50
C SER UD 201 9.79 -57.47 60.20
N PHE UD 202 9.32 -56.80 59.15
CA PHE UD 202 8.99 -57.49 57.92
C PHE UD 202 9.39 -56.65 56.71
N ASN UD 203 9.56 -57.33 55.58
CA ASN UD 203 9.72 -56.69 54.28
C ASN UD 203 8.64 -57.22 53.36
N ILE UD 204 8.09 -56.34 52.53
CA ILE UD 204 7.04 -56.71 51.59
C ILE UD 204 7.40 -56.19 50.21
N GLN UD 205 7.37 -57.08 49.22
CA GLN UD 205 7.56 -56.73 47.82
C GLN UD 205 6.27 -57.07 47.07
N TRP UD 206 5.79 -56.14 46.27
CA TRP UD 206 4.51 -56.35 45.60
C TRP UD 206 4.35 -55.38 44.45
N ASP UD 207 4.05 -55.90 43.27
CA ASP UD 207 3.62 -55.08 42.16
C ASP UD 207 2.11 -54.87 42.25
N LYS UD 208 1.66 -53.66 41.89
CA LYS UD 208 0.31 -53.24 42.25
C LYS UD 208 -0.78 -54.12 41.64
N THR UD 209 -0.47 -54.88 40.59
CA THR UD 209 -1.46 -55.76 39.98
C THR UD 209 -1.28 -57.23 40.36
N SER UD 210 -0.31 -57.54 41.23
CA SER UD 210 -0.04 -58.93 41.56
C SER UD 210 -1.12 -59.51 42.47
N ASN UD 211 -1.33 -60.82 42.33
CA ASN UD 211 -2.12 -61.59 43.28
C ASN UD 211 -1.25 -62.32 44.28
N THR UD 212 0.08 -62.19 44.17
CA THR UD 212 1.01 -62.87 45.05
C THR UD 212 1.89 -61.84 45.74
N LEU UD 213 2.13 -62.05 47.03
CA LEU UD 213 2.92 -61.17 47.86
C LEU UD 213 4.22 -61.86 48.26
N MET UD 214 5.30 -61.08 48.30
CA MET UD 214 6.61 -61.56 48.69
C MET UD 214 6.99 -60.89 50.00
N ILE UD 215 7.31 -61.69 51.01
CA ILE UD 215 7.55 -61.20 52.36
C ILE UD 215 8.92 -61.66 52.82
N GLN UD 216 9.55 -60.86 53.69
CA GLN UD 216 10.83 -61.21 54.30
C GLN UD 216 10.74 -60.98 55.80
N ALA UD 217 11.17 -61.96 56.57
CA ALA UD 217 11.20 -61.83 58.03
C ALA UD 217 12.45 -61.06 58.41
N THR UD 218 12.28 -59.77 58.72
CA THR UD 218 13.43 -58.92 59.00
C THR UD 218 14.17 -59.38 60.26
N LYS UD 219 13.44 -59.74 61.29
CA LYS UD 219 14.01 -60.08 62.58
C LYS UD 219 13.91 -61.59 62.81
N LEU UD 220 14.29 -62.02 64.01
CA LEU UD 220 14.43 -63.46 64.31
C LEU UD 220 13.26 -64.02 65.11
N TYR UD 221 12.94 -63.40 66.25
CA TYR UD 221 11.91 -63.92 67.14
C TYR UD 221 10.78 -62.92 67.35
N ASN UD 222 10.36 -62.24 66.29
CA ASN UD 222 9.33 -61.23 66.38
C ASN UD 222 8.19 -61.58 65.45
N TYR UD 223 6.96 -61.61 65.98
CA TYR UD 223 5.79 -62.01 65.23
C TYR UD 223 4.82 -60.84 65.14
N GLY UD 224 4.01 -60.85 64.09
CA GLY UD 224 3.07 -59.77 63.83
C GLY UD 224 1.88 -60.25 63.05
N ASN UD 225 1.28 -59.33 62.28
CA ASN UD 225 0.08 -59.65 61.52
C ASN UD 225 0.04 -58.84 60.24
N LEU UD 226 -0.77 -59.32 59.29
CA LEU UD 226 -0.89 -58.68 57.99
C LEU UD 226 -2.34 -58.75 57.54
N ALA UD 227 -2.93 -57.61 57.20
CA ALA UD 227 -4.30 -57.53 56.71
C ALA UD 227 -4.30 -57.11 55.26
N VAL UD 228 -5.13 -57.77 54.45
CA VAL UD 228 -5.20 -57.52 53.02
C VAL UD 228 -6.65 -57.32 52.61
N ARG UD 229 -6.91 -56.26 51.87
CA ARG UD 229 -8.22 -55.98 51.28
C ARG UD 229 -8.14 -56.30 49.80
N LEU UD 230 -9.04 -57.17 49.34
CA LEU UD 230 -9.04 -57.64 47.97
C LEU UD 230 -9.86 -56.69 47.09
N ARG UD 231 -10.10 -57.09 45.85
CA ARG UD 231 -10.84 -56.24 44.92
C ARG UD 231 -12.33 -56.26 45.22
N GLY UD 232 -12.95 -57.43 45.13
CA GLY UD 232 -14.37 -57.56 45.42
C GLY UD 232 -14.72 -57.91 46.84
N LEU UD 233 -13.74 -58.22 47.67
CA LEU UD 233 -13.98 -58.61 49.05
C LEU UD 233 -14.01 -57.37 49.92
N ASN UD 234 -15.22 -56.96 50.32
CA ASN UD 234 -15.36 -55.85 51.26
C ASN UD 234 -14.78 -56.20 52.63
N THR UD 235 -14.69 -57.48 52.96
CA THR UD 235 -14.15 -57.91 54.24
C THR UD 235 -12.66 -58.22 54.10
N PRO UD 236 -11.80 -57.57 54.90
CA PRO UD 236 -10.37 -57.86 54.82
C PRO UD 236 -10.04 -59.23 55.38
N VAL UD 237 -8.90 -59.75 54.95
CA VAL UD 237 -8.38 -61.03 55.41
C VAL UD 237 -7.08 -60.78 56.13
N MET UD 238 -7.00 -61.20 57.39
CA MET UD 238 -5.85 -60.93 58.24
C MET UD 238 -5.24 -62.24 58.70
N LEU UD 239 -3.92 -62.34 58.56
CA LEU UD 239 -3.16 -63.54 58.89
C LEU UD 239 -2.05 -63.18 59.86
N THR UD 240 -1.81 -64.06 60.84
CA THR UD 240 -0.79 -63.81 61.84
C THR UD 240 0.50 -64.51 61.43
N LEU UD 241 1.62 -63.77 61.51
CA LEU UD 241 2.90 -64.23 61.01
C LEU UD 241 3.85 -64.46 62.18
N ILE UD 242 4.43 -65.66 62.23
CA ILE UD 242 5.32 -66.05 63.31
C ILE UD 242 6.63 -66.59 62.73
N PRO UD 243 7.78 -66.13 63.22
CA PRO UD 243 9.06 -66.63 62.72
C PRO UD 243 9.59 -67.78 63.56
N GLY UD 244 10.70 -68.36 63.09
CA GLY UD 244 11.47 -69.30 63.88
C GLY UD 244 10.77 -70.59 64.27
N GLN UD 245 10.03 -71.19 63.34
CA GLN UD 245 9.39 -72.47 63.60
C GLN UD 245 10.23 -73.59 63.00
N LYS UD 246 9.75 -74.84 63.15
CA LYS UD 246 10.43 -75.97 62.55
C LYS UD 246 10.10 -76.13 61.07
N ALA UD 247 9.07 -75.46 60.58
CA ALA UD 247 8.64 -75.56 59.20
C ALA UD 247 8.67 -74.19 58.55
N VAL UD 248 9.24 -74.11 57.36
CA VAL UD 248 9.26 -72.90 56.57
C VAL UD 248 8.51 -73.18 55.27
N ASP UD 249 7.44 -72.43 55.03
CA ASP UD 249 6.57 -72.63 53.89
C ASP UD 249 7.02 -71.69 52.77
N TYR UD 250 7.66 -72.26 51.75
CA TYR UD 250 8.22 -71.44 50.68
C TYR UD 250 7.11 -70.74 49.89
N ARG UD 251 6.04 -71.47 49.58
CA ARG UD 251 4.89 -70.88 48.89
C ARG UD 251 3.61 -71.39 49.54
N VAL UD 252 2.73 -70.45 49.89
CA VAL UD 252 1.46 -70.76 50.55
C VAL UD 252 0.34 -70.28 49.65
N ASP UD 253 -0.57 -71.18 49.30
CA ASP UD 253 -1.74 -70.87 48.50
C ASP UD 253 -2.94 -70.72 49.43
N LEU UD 254 -3.70 -69.65 49.25
CA LEU UD 254 -4.80 -69.32 50.16
C LEU UD 254 -6.10 -69.19 49.36
N ARG UD 255 -7.03 -70.11 49.59
CA ARG UD 255 -8.34 -70.06 48.95
C ARG UD 255 -9.28 -69.19 49.75
N VAL UD 256 -10.02 -68.32 49.07
CA VAL UD 256 -11.02 -67.49 49.73
C VAL UD 256 -12.37 -68.19 49.65
N GLN UD 257 -13.28 -67.80 50.54
CA GLN UD 257 -14.62 -68.40 50.54
C GLN UD 257 -15.37 -68.06 49.25
N GLY UD 258 -15.29 -66.82 48.81
CA GLY UD 258 -16.05 -66.36 47.67
C GLY UD 258 -15.38 -66.66 46.33
N TYR UD 259 -15.95 -66.07 45.29
CA TYR UD 259 -15.44 -66.18 43.94
C TYR UD 259 -14.85 -64.83 43.53
N GLY UD 260 -13.57 -64.83 43.18
CA GLY UD 260 -12.87 -63.60 42.88
C GLY UD 260 -13.09 -63.13 41.45
N PRO UD 261 -12.07 -62.51 40.86
CA PRO UD 261 -12.19 -62.03 39.49
C PRO UD 261 -12.44 -63.15 38.48
N ASN UD 262 -11.93 -64.35 38.73
CA ASN UD 262 -12.06 -65.46 37.80
C ASN UD 262 -12.52 -66.70 38.55
N ALA UD 263 -13.03 -67.67 37.79
CA ALA UD 263 -13.51 -68.91 38.36
C ALA UD 263 -12.73 -70.10 37.81
N ASP UD 278 -4.99 -82.74 32.46
CA ASP UD 278 -5.52 -83.09 33.77
C ASP UD 278 -4.65 -84.14 34.44
N LEU UD 279 -5.29 -85.12 35.09
CA LEU UD 279 -4.56 -86.19 35.75
C LEU UD 279 -3.73 -86.98 34.73
N LEU UD 280 -4.33 -87.33 33.60
CA LEU UD 280 -3.61 -88.10 32.59
C LEU UD 280 -2.47 -87.29 31.99
N LEU UD 281 -2.68 -85.99 31.79
CA LEU UD 281 -1.60 -85.14 31.29
C LEU UD 281 -0.45 -85.05 32.29
N HIS UD 282 -0.78 -84.95 33.58
CA HIS UD 282 0.27 -84.92 34.61
C HIS UD 282 1.03 -86.24 34.64
N VAL UD 283 0.32 -87.36 34.47
CA VAL UD 283 0.99 -88.65 34.42
C VAL UD 283 1.90 -88.73 33.20
N LEU UD 284 1.41 -88.26 32.05
CA LEU UD 284 2.25 -88.21 30.85
C LEU UD 284 3.50 -87.38 31.08
N GLU UD 285 3.37 -86.29 31.83
CA GLU UD 285 4.54 -85.54 32.26
C GLU UD 285 5.45 -86.41 33.13
N GLY UD 286 4.86 -87.17 34.04
CA GLY UD 286 5.64 -88.00 34.95
C GLY UD 286 5.11 -87.91 36.36
N VAL UD 287 4.14 -87.04 36.58
CA VAL UD 287 3.56 -86.85 37.90
C VAL UD 287 2.68 -88.05 38.24
N PRO UD 288 2.98 -88.77 39.33
CA PRO UD 288 2.11 -89.87 39.73
C PRO UD 288 0.75 -89.34 40.17
N PRO UD 289 -0.30 -90.15 40.04
CA PRO UD 289 -1.60 -89.70 40.52
C PRO UD 289 -1.58 -89.48 42.01
N PRO UD 290 -2.40 -88.55 42.51
CA PRO UD 290 -2.32 -88.17 43.93
C PRO UD 290 -2.68 -89.33 44.85
N GLY UD 291 -1.79 -89.57 45.82
CA GLY UD 291 -2.06 -90.55 46.87
C GLY UD 291 -2.25 -91.96 46.40
N SER UD 292 -1.71 -92.32 45.24
CA SER UD 292 -1.93 -93.64 44.69
C SER UD 292 -0.78 -94.59 45.07
N ARG UD 293 -0.95 -95.86 44.69
CA ARG UD 293 0.05 -96.89 44.92
C ARG UD 293 0.46 -97.50 43.58
N ARG UD 294 1.76 -97.73 43.42
CA ARG UD 294 2.29 -98.27 42.18
C ARG UD 294 2.13 -99.79 42.12
N LEU UD 295 2.43 -100.34 40.96
CA LEU UD 295 2.39 -101.78 40.75
C LEU UD 295 3.73 -102.26 40.22
N VAL UD 296 3.91 -103.57 40.19
CA VAL UD 296 5.14 -104.18 39.70
C VAL UD 296 4.91 -104.68 38.28
N VAL UD 297 5.81 -104.32 37.38
CA VAL UD 297 5.75 -104.71 35.97
C VAL UD 297 6.97 -105.56 35.67
N SER UD 298 6.74 -106.73 35.07
CA SER UD 298 7.80 -107.67 34.74
C SER UD 298 7.94 -107.78 33.23
N GLY UD 299 9.17 -107.99 32.77
CA GLY UD 299 9.45 -108.21 31.37
C GLY UD 299 9.60 -106.97 30.53
N GLY UD 300 9.53 -105.78 31.14
CA GLY UD 300 9.66 -104.57 30.36
C GLY UD 300 9.77 -103.36 31.27
N ASP UD 301 10.10 -102.23 30.66
CA ASP UD 301 10.28 -100.96 31.37
C ASP UD 301 9.02 -100.12 31.20
N ALA UD 302 8.24 -100.02 32.28
CA ALA UD 302 7.03 -99.20 32.28
C ALA UD 302 6.71 -98.85 33.72
N ARG UD 303 5.83 -97.87 33.90
CA ARG UD 303 5.43 -97.43 35.23
C ARG UD 303 3.94 -97.65 35.39
N ALA UD 304 3.52 -98.01 36.60
CA ALA UD 304 2.12 -98.33 36.88
C ALA UD 304 1.67 -97.66 38.16
N TRP UD 305 0.36 -97.40 38.25
CA TRP UD 305 -0.24 -96.82 39.43
C TRP UD 305 -1.68 -97.31 39.54
N LEU UD 306 -2.15 -97.47 40.77
CA LEU UD 306 -3.51 -97.90 41.06
C LEU UD 306 -4.09 -97.01 42.14
N SER UD 307 -5.17 -96.30 41.81
CA SER UD 307 -5.80 -95.39 42.76
C SER UD 307 -7.22 -95.79 43.12
N ASN UD 308 -8.11 -95.93 42.14
CA ASN UD 308 -9.55 -96.08 42.39
C ASN UD 308 -10.11 -97.20 41.52
N GLU UD 309 -9.44 -98.36 41.55
CA GLU UD 309 -9.78 -99.49 40.69
C GLU UD 309 -9.67 -99.12 39.21
N LYS UD 310 -8.74 -98.23 38.90
CA LYS UD 310 -8.46 -97.82 37.53
C LYS UD 310 -6.95 -97.67 37.40
N MET UD 311 -6.33 -98.57 36.65
CA MET UD 311 -4.88 -98.59 36.53
C MET UD 311 -4.41 -97.56 35.52
N TYR UD 312 -3.27 -96.93 35.84
CA TYR UD 312 -2.61 -95.98 34.98
C TYR UD 312 -1.21 -96.49 34.66
N VAL UD 313 -0.79 -96.34 33.41
CA VAL UD 313 0.49 -96.86 32.96
C VAL UD 313 1.19 -95.82 32.10
N ARG UD 314 2.51 -95.71 32.28
CA ARG UD 314 3.36 -94.85 31.49
C ARG UD 314 4.39 -95.70 30.78
N THR UD 315 4.48 -95.56 29.46
CA THR UD 315 5.36 -96.40 28.67
C THR UD 315 5.65 -95.70 27.35
N ASN UD 316 6.18 -96.43 26.37
CA ASN UD 316 6.42 -95.90 25.04
C ASN UD 316 5.95 -96.82 23.93
N LEU UD 317 5.54 -98.05 24.23
CA LEU UD 317 5.13 -99.02 23.22
C LEU UD 317 3.61 -98.90 23.03
N THR UD 318 3.01 -99.86 22.33
CA THR UD 318 1.58 -99.80 22.03
C THR UD 318 0.86 -100.95 22.72
N ILE UD 319 -0.36 -100.68 23.18
CA ILE UD 319 -1.18 -101.66 23.88
C ILE UD 319 -2.20 -102.24 22.91
N LEU UD 320 -2.37 -103.56 22.93
CA LEU UD 320 -3.15 -104.25 21.91
C LEU UD 320 -4.40 -104.90 22.46
N SER UD 321 -4.30 -105.80 23.43
CA SER UD 321 -5.42 -106.66 23.76
C SER UD 321 -6.49 -106.01 24.64
N PRO UD 322 -6.17 -105.47 25.82
CA PRO UD 322 -7.21 -105.17 26.80
C PRO UD 322 -7.96 -103.87 26.56
N GLY UD 323 -7.57 -103.10 25.55
CA GLY UD 323 -8.19 -101.81 25.34
C GLY UD 323 -7.76 -100.82 26.40
N TRP UD 324 -8.45 -99.69 26.43
CA TRP UD 324 -8.13 -98.63 27.36
C TRP UD 324 -9.30 -97.66 27.44
N LEU UD 325 -9.26 -96.79 28.45
CA LEU UD 325 -10.26 -95.75 28.61
C LEU UD 325 -9.82 -94.46 27.94
N ALA UD 326 -8.67 -93.92 28.34
CA ALA UD 326 -8.14 -92.70 27.76
C ALA UD 326 -6.62 -92.79 27.70
N SER UD 327 -6.04 -92.00 26.81
CA SER UD 327 -4.59 -91.98 26.64
C SER UD 327 -4.18 -90.69 25.95
N MET UD 328 -2.99 -90.21 26.29
CA MET UD 328 -2.41 -89.03 25.67
C MET UD 328 -1.06 -89.41 25.07
N THR UD 329 -0.80 -88.95 23.85
CA THR UD 329 0.46 -89.21 23.17
C THR UD 329 1.28 -87.94 23.11
N SER UD 330 2.55 -88.05 23.47
CA SER UD 330 3.45 -86.91 23.54
C SER UD 330 4.32 -86.85 22.28
N ALA UD 331 5.09 -85.77 22.16
CA ALA UD 331 5.97 -85.59 21.01
C ALA UD 331 7.21 -86.48 21.09
N ASP UD 332 7.63 -86.86 22.29
CA ASP UD 332 8.85 -87.63 22.49
C ASP UD 332 8.64 -89.13 22.34
N GLY UD 333 7.41 -89.58 22.07
CA GLY UD 333 7.13 -90.98 21.93
C GLY UD 333 6.65 -91.66 23.20
N THR UD 334 6.33 -90.90 24.24
CA THR UD 334 5.84 -91.47 25.49
C THR UD 334 4.31 -91.43 25.52
N HIS UD 335 3.72 -92.52 26.00
CA HIS UD 335 2.29 -92.68 26.07
C HIS UD 335 1.87 -92.96 27.51
N ALA UD 336 0.82 -92.27 27.95
CA ALA UD 336 0.22 -92.48 29.26
C ALA UD 336 -1.18 -93.03 29.07
N TYR UD 337 -1.33 -94.33 29.27
CA TYR UD 337 -2.62 -94.99 29.13
C TYR UD 337 -3.28 -95.16 30.50
N GLU UD 338 -4.60 -95.31 30.48
CA GLU UD 338 -5.37 -95.54 31.69
C GLU UD 338 -6.57 -96.40 31.33
N MET UD 339 -6.80 -97.45 32.12
CA MET UD 339 -7.87 -98.39 31.83
C MET UD 339 -8.31 -99.06 33.12
N GLN UD 340 -9.24 -100.00 32.99
CA GLN UD 340 -9.67 -100.80 34.13
C GLN UD 340 -8.65 -101.90 34.41
N LYS UD 341 -8.90 -102.65 35.48
CA LYS UD 341 -7.93 -103.60 35.99
C LYS UD 341 -7.87 -104.85 35.11
N SER UD 342 -6.67 -105.21 34.69
CA SER UD 342 -6.41 -106.46 33.98
C SER UD 342 -4.93 -106.82 34.16
N PRO UD 343 -4.62 -107.98 34.75
CA PRO UD 343 -3.22 -108.29 35.07
C PRO UD 343 -2.36 -108.58 33.85
N VAL UD 344 -2.93 -108.81 32.68
CA VAL UD 344 -2.17 -109.20 31.51
C VAL UD 344 -2.22 -108.10 30.47
N LEU UD 345 -1.11 -107.91 29.76
CA LEU UD 345 -1.01 -106.91 28.71
C LEU UD 345 -0.42 -107.54 27.47
N LEU UD 346 -0.92 -107.13 26.31
CA LEU UD 346 -0.32 -107.46 25.02
C LEU UD 346 0.26 -106.19 24.45
N VAL UD 347 1.55 -106.23 24.10
CA VAL UD 347 2.30 -105.03 23.77
C VAL UD 347 2.95 -105.21 22.40
N SER UD 348 2.76 -104.23 21.54
CA SER UD 348 3.44 -104.14 20.26
C SER UD 348 4.56 -103.11 20.35
N TRP UD 349 5.65 -103.40 19.64
CA TRP UD 349 6.81 -102.52 19.61
C TRP UD 349 7.64 -102.87 18.39
N HIS UD 350 7.85 -101.89 17.51
CA HIS UD 350 8.68 -102.06 16.32
C HIS UD 350 8.28 -103.29 15.52
N GLY UD 351 6.97 -103.50 15.40
CA GLY UD 351 6.46 -104.60 14.60
C GLY UD 351 6.57 -105.96 15.24
N LYS UD 352 6.88 -106.05 16.53
CA LYS UD 352 6.89 -107.32 17.23
C LYS UD 352 5.93 -107.27 18.40
N VAL UD 353 5.31 -108.40 18.68
CA VAL UD 353 4.24 -108.51 19.68
C VAL UD 353 4.69 -109.44 20.79
N MET UD 354 4.53 -108.99 22.04
CA MET UD 354 4.86 -109.80 23.20
C MET UD 354 3.77 -109.63 24.25
N GLN UD 355 3.87 -110.42 25.32
CA GLN UD 355 2.93 -110.39 26.42
C GLN UD 355 3.68 -110.04 27.71
N LEU UD 356 3.08 -109.17 28.50
CA LEU UD 356 3.64 -108.73 29.76
C LEU UD 356 2.67 -109.00 30.90
N LYS UD 357 3.23 -109.30 32.07
CA LYS UD 357 2.43 -109.61 33.25
C LYS UD 357 2.72 -108.56 34.32
N VAL UD 358 1.66 -107.93 34.81
CA VAL UD 358 1.76 -106.93 35.87
C VAL UD 358 0.76 -107.29 36.95
N GLU UD 359 1.22 -107.38 38.20
CA GLU UD 359 0.39 -107.80 39.32
C GLU UD 359 0.33 -106.68 40.35
N GLY UD 360 -0.81 -106.63 41.06
CA GLY UD 360 -1.01 -105.62 42.09
C GLY UD 360 -0.42 -106.00 43.42
N UNK VD 1 38.55 -89.09 60.46
CA UNK VD 1 39.66 -88.70 61.31
C UNK VD 1 39.18 -88.41 62.73
N UNK VD 2 38.24 -89.22 63.21
CA UNK VD 2 37.66 -89.06 64.54
C UNK VD 2 36.94 -90.35 64.90
N UNK VD 3 36.19 -90.32 66.00
CA UNK VD 3 35.41 -91.46 66.46
C UNK VD 3 34.00 -91.02 66.82
N UNK VD 4 33.07 -91.96 66.79
CA UNK VD 4 31.67 -91.67 67.07
C UNK VD 4 31.24 -92.10 68.46
N UNK VD 5 32.00 -92.96 69.14
CA UNK VD 5 31.63 -93.40 70.47
C UNK VD 5 31.66 -92.24 71.47
N UNK VD 6 32.68 -91.38 71.38
CA UNK VD 6 32.73 -90.22 72.26
C UNK VD 6 31.56 -89.28 71.99
N UNK VD 7 31.21 -89.10 70.72
CA UNK VD 7 30.06 -88.26 70.38
C UNK VD 7 28.78 -88.84 70.96
N UNK VD 8 28.59 -90.15 70.84
CA UNK VD 8 27.39 -90.78 71.38
C UNK VD 8 27.33 -90.64 72.89
N UNK VD 9 28.45 -90.87 73.58
CA UNK VD 9 28.48 -90.75 75.02
C UNK VD 9 28.21 -89.31 75.46
N UNK VD 10 28.78 -88.34 74.75
CA UNK VD 10 28.53 -86.94 75.07
C UNK VD 10 27.07 -86.57 74.84
N UNK VD 11 26.47 -87.08 73.77
CA UNK VD 11 25.05 -86.83 73.52
C UNK VD 11 24.20 -87.43 74.63
N UNK VD 12 24.54 -88.65 75.07
CA UNK VD 12 23.81 -89.26 76.18
C UNK VD 12 23.93 -88.45 77.46
N UNK VD 13 25.14 -87.96 77.75
CA UNK VD 13 25.35 -87.14 78.95
C UNK VD 13 24.56 -85.84 78.86
N UNK VD 14 24.55 -85.21 77.68
CA UNK VD 14 23.78 -83.98 77.51
C UNK VD 14 22.29 -84.24 77.67
N UNK VD 15 21.79 -85.35 77.12
CA UNK VD 15 20.37 -85.67 77.25
C UNK VD 15 20.01 -85.93 78.71
N UNK VD 16 20.85 -86.67 79.43
CA UNK VD 16 20.63 -86.95 80.85
C UNK VD 16 21.89 -86.55 81.60
N UNK VD 17 21.99 -85.26 81.94
CA UNK VD 17 23.05 -84.75 82.79
C UNK VD 17 22.72 -84.87 84.28
N UNK VD 18 21.55 -85.39 84.63
CA UNK VD 18 21.11 -85.54 86.01
C UNK VD 18 21.09 -84.19 86.74
N UNK VD 19 20.79 -83.13 86.01
CA UNK VD 19 20.74 -81.79 86.60
C UNK VD 19 19.74 -80.96 85.80
N UNK VD 20 18.54 -80.78 86.34
CA UNK VD 20 17.50 -79.97 85.69
C UNK VD 20 16.75 -79.21 86.78
N UNK VD 21 17.22 -78.00 87.05
CA UNK VD 21 16.61 -77.11 88.04
C UNK VD 21 15.90 -75.98 87.31
N UNK VD 22 14.65 -75.73 87.68
CA UNK VD 22 13.84 -74.70 87.03
C UNK VD 22 13.13 -73.87 88.09
N UNK VD 23 12.94 -72.59 87.78
CA UNK VD 23 12.26 -71.65 88.66
C UNK VD 23 11.06 -71.07 87.94
N UNK VD 24 9.89 -71.17 88.57
CA UNK VD 24 8.68 -70.56 88.04
C UNK VD 24 8.49 -69.17 88.65
N UNK VD 25 7.74 -68.34 87.93
CA UNK VD 25 7.48 -66.97 88.33
C UNK VD 25 5.99 -66.75 88.51
N UNK VD 26 5.63 -66.09 89.62
CA UNK VD 26 4.24 -65.78 89.90
C UNK VD 26 3.86 -64.47 89.21
N UNK VD 27 2.68 -63.94 89.53
CA UNK VD 27 2.25 -62.67 88.95
C UNK VD 27 3.11 -61.51 89.41
N UNK VD 28 3.58 -61.55 90.66
CA UNK VD 28 4.43 -60.51 91.22
C UNK VD 28 5.91 -60.82 91.06
N UNK VD 29 6.27 -61.61 90.04
CA UNK VD 29 7.65 -61.98 89.74
C UNK VD 29 8.30 -62.78 90.89
N UNK VD 30 7.51 -63.29 91.81
CA UNK VD 30 8.05 -64.14 92.87
C UNK VD 30 8.55 -65.44 92.26
N UNK VD 31 9.77 -65.83 92.62
CA UNK VD 31 10.44 -66.98 92.03
C UNK VD 31 10.33 -68.17 92.98
N UNK VD 32 9.83 -69.29 92.46
CA UNK VD 32 9.79 -70.56 93.19
C UNK VD 32 10.64 -71.55 92.41
N UNK VD 33 11.78 -71.92 92.97
CA UNK VD 33 12.72 -72.80 92.29
C UNK VD 33 12.58 -74.23 92.84
N UNK VD 34 12.66 -75.20 91.94
CA UNK VD 34 12.54 -76.60 92.30
C UNK VD 34 13.91 -77.28 92.25
N UNK VD 35 14.08 -78.29 93.09
CA UNK VD 35 15.31 -79.07 93.08
C UNK VD 35 15.43 -79.86 91.78
N UNK VD 36 16.67 -80.16 91.41
CA UNK VD 36 16.93 -80.86 90.16
C UNK VD 36 16.29 -82.23 90.15
N UNK VD 37 15.62 -82.56 89.05
CA UNK VD 37 14.95 -83.84 88.88
C UNK VD 37 15.43 -84.49 87.60
N UNK VD 38 15.31 -85.82 87.56
CA UNK VD 38 15.71 -86.63 86.41
C UNK VD 38 17.17 -86.36 86.02
N UNK VD 39 4.58 -66.92 82.76
CA UNK VD 39 5.41 -66.60 83.92
C UNK VD 39 5.69 -67.85 84.75
N UNK VD 40 4.63 -68.59 85.09
CA UNK VD 40 4.78 -69.81 85.86
C UNK VD 40 5.36 -70.96 85.06
N UNK VD 41 5.43 -70.83 83.74
CA UNK VD 41 6.01 -71.86 82.86
C UNK VD 41 7.14 -71.19 82.08
N UNK VD 42 8.33 -71.17 82.67
CA UNK VD 42 9.50 -70.54 82.07
C UNK VD 42 10.30 -71.59 81.33
N UNK VD 43 10.35 -71.48 79.99
CA UNK VD 43 11.11 -72.42 79.19
C UNK VD 43 12.59 -72.35 79.49
N UNK VD 44 13.14 -71.16 79.70
CA UNK VD 44 14.55 -70.98 79.99
C UNK VD 44 14.92 -71.30 81.43
N UNK VD 45 13.93 -71.59 82.29
CA UNK VD 45 14.23 -71.86 83.68
C UNK VD 45 15.07 -73.11 83.86
N UNK VD 46 14.95 -74.08 82.95
CA UNK VD 46 15.68 -75.33 83.08
C UNK VD 46 17.18 -75.09 82.92
N UNK VD 47 17.95 -75.48 83.93
CA UNK VD 47 19.40 -75.32 83.91
C UNK VD 47 20.05 -76.55 84.54
N UNK VD 48 21.30 -76.76 84.17
CA UNK VD 48 22.05 -77.90 84.69
C UNK VD 48 23.19 -77.44 85.60
N ARG WD 207 -44.52 27.36 102.29
CA ARG WD 207 -43.30 27.90 101.70
C ARG WD 207 -42.77 26.97 100.62
N ILE WD 208 -41.56 27.24 100.15
CA ILE WD 208 -40.89 26.43 99.13
C ILE WD 208 -39.62 25.85 99.75
N ILE WD 209 -39.44 24.54 99.58
CA ILE WD 209 -38.31 23.82 100.15
C ILE WD 209 -37.26 23.64 99.07
N TYR WD 210 -36.00 23.87 99.43
CA TYR WD 210 -34.88 23.78 98.50
C TYR WD 210 -33.98 22.61 98.89
N TYR WD 211 -33.58 21.83 97.89
CA TYR WD 211 -32.69 20.70 98.09
C TYR WD 211 -31.36 20.98 97.39
N ILE WD 212 -30.29 20.38 97.94
CA ILE WD 212 -28.99 20.53 97.32
C ILE WD 212 -28.95 19.75 96.01
N GLN WD 213 -28.18 20.27 95.05
CA GLN WD 213 -27.93 19.57 93.80
C GLN WD 213 -26.45 19.24 93.60
N ALA WD 214 -25.58 20.24 93.69
CA ALA WD 214 -24.15 20.06 93.53
C ALA WD 214 -23.45 20.65 94.74
N VAL WD 215 -22.63 19.85 95.40
CA VAL WD 215 -21.93 20.28 96.61
C VAL WD 215 -20.43 20.25 96.33
N ILE WD 216 -19.78 21.39 96.51
CA ILE WD 216 -18.33 21.51 96.40
C ILE WD 216 -17.83 22.41 97.53
N PRO WD 217 -16.55 22.36 97.82
CA PRO WD 217 -15.97 23.37 98.72
C PRO WD 217 -16.17 24.77 98.14
N GLY WD 218 -16.56 25.70 99.00
CA GLY WD 218 -16.80 27.06 98.59
C GLY WD 218 -18.22 27.35 98.12
N ARG WD 219 -18.59 26.81 96.97
CA ARG WD 219 -19.90 27.06 96.37
C ARG WD 219 -20.86 25.92 96.65
N ALA WD 220 -22.14 26.17 96.41
CA ALA WD 220 -23.17 25.16 96.59
C ALA WD 220 -24.30 25.42 95.61
N TRP WD 221 -25.02 24.35 95.27
CA TRP WD 221 -26.15 24.42 94.37
C TRP WD 221 -27.40 23.93 95.07
N LEU WD 222 -28.47 24.71 95.00
CA LEU WD 222 -29.73 24.40 95.68
C LEU WD 222 -30.86 24.42 94.66
N ILE WD 223 -31.67 23.36 94.66
CA ILE WD 223 -32.83 23.26 93.79
C ILE WD 223 -34.08 23.22 94.65
N GLY WD 224 -35.05 24.09 94.34
CA GLY WD 224 -36.26 24.19 95.11
C GLY WD 224 -37.27 23.10 94.79
N SER WD 225 -38.38 23.14 95.52
CA SER WD 225 -39.43 22.14 95.34
C SER WD 225 -40.15 22.32 94.00
N ASN WD 226 -40.33 23.55 93.56
CA ASN WD 226 -41.03 23.81 92.30
C ASN WD 226 -40.14 23.71 91.08
N GLY WD 227 -38.87 23.37 91.26
CA GLY WD 227 -37.91 23.30 90.17
C GLY WD 227 -36.96 24.47 90.09
N SER WD 228 -37.18 25.52 90.88
CA SER WD 228 -36.26 26.65 90.91
C SER WD 228 -34.90 26.20 91.44
N THR WD 229 -33.84 26.62 90.75
CA THR WD 229 -32.49 26.22 91.12
C THR WD 229 -31.57 27.42 91.06
N LEU WD 230 -30.56 27.42 91.93
CA LEU WD 230 -29.59 28.51 92.00
C LEU WD 230 -28.31 27.96 92.59
N THR WD 231 -27.28 28.80 92.58
CA THR WD 231 -26.00 28.49 93.20
C THR WD 231 -25.54 29.68 94.03
N VAL WD 232 -25.02 29.39 95.22
CA VAL WD 232 -24.62 30.43 96.16
C VAL WD 232 -23.20 30.15 96.65
N ARG WD 233 -22.57 31.20 97.18
CA ARG WD 233 -21.27 31.08 97.79
C ARG WD 233 -21.43 30.74 99.27
N GLU WD 234 -20.32 30.78 100.01
CA GLU WD 234 -20.36 30.49 101.44
C GLU WD 234 -21.25 31.50 102.17
N GLY WD 235 -20.98 32.79 101.99
CA GLY WD 235 -21.81 33.81 102.59
C GLY WD 235 -22.72 34.50 101.60
N SER WD 236 -24.00 34.15 101.62
CA SER WD 236 -24.94 34.75 100.69
C SER WD 236 -26.35 34.64 101.25
N LYS WD 237 -27.24 35.49 100.73
CA LYS WD 237 -28.63 35.50 101.13
C LYS WD 237 -29.46 34.59 100.22
N ILE WD 238 -30.43 33.91 100.83
CA ILE WD 238 -31.38 33.08 100.11
C ILE WD 238 -32.76 33.33 100.71
N PRO WD 239 -33.76 33.65 99.88
CA PRO WD 239 -35.09 33.94 100.41
C PRO WD 239 -35.68 32.73 101.12
N GLY WD 240 -36.39 33.00 102.21
CA GLY WD 240 -36.99 31.96 103.02
C GLY WD 240 -36.04 31.15 103.85
N TYR WD 241 -34.74 31.46 103.81
CA TYR WD 241 -33.76 30.74 104.61
C TYR WD 241 -32.84 31.73 105.33
N GLY WD 242 -32.75 32.94 104.81
CA GLY WD 242 -31.98 34.00 105.47
C GLY WD 242 -30.58 34.11 104.89
N MET WD 243 -29.58 34.03 105.75
CA MET WD 243 -28.19 34.17 105.37
C MET WD 243 -27.46 32.86 105.63
N VAL WD 244 -26.67 32.40 104.66
CA VAL WD 244 -25.91 31.18 104.80
C VAL WD 244 -24.58 31.53 105.47
N LYS WD 245 -24.42 31.12 106.73
CA LYS WD 245 -23.20 31.40 107.48
C LYS WD 245 -22.24 30.21 107.51
N LEU WD 246 -22.64 29.06 106.98
CA LEU WD 246 -21.78 27.88 107.01
C LEU WD 246 -22.21 26.84 105.99
N ILE WD 247 -21.28 26.41 105.14
CA ILE WD 247 -21.51 25.35 104.17
C ILE WD 247 -20.41 24.31 104.35
N ASP WD 248 -20.80 23.05 104.46
CA ASP WD 248 -19.85 21.94 104.54
C ASP WD 248 -19.86 21.20 103.21
N SER WD 249 -18.68 21.03 102.62
CA SER WD 249 -18.57 20.33 101.35
C SER WD 249 -18.80 18.83 101.47
N LEU WD 250 -18.90 18.30 102.69
CA LEU WD 250 -19.18 16.89 102.92
C LEU WD 250 -20.40 16.75 103.82
N GLN WD 251 -21.01 15.57 103.75
CA GLN WD 251 -22.17 15.16 104.55
C GLN WD 251 -23.44 15.90 104.18
N GLY WD 252 -23.39 16.85 103.25
CA GLY WD 252 -24.59 17.54 102.80
C GLY WD 252 -25.29 18.35 103.86
N ARG WD 253 -24.53 19.14 104.63
CA ARG WD 253 -25.09 19.97 105.69
C ARG WD 253 -24.85 21.43 105.32
N ILE WD 254 -25.93 22.22 105.29
CA ILE WD 254 -25.82 23.65 105.07
C ILE WD 254 -26.54 24.37 106.19
N LEU WD 255 -25.91 25.40 106.75
CA LEU WD 255 -26.48 26.16 107.85
C LEU WD 255 -26.89 27.55 107.37
N THR WD 256 -28.12 27.95 107.67
CA THR WD 256 -28.60 29.28 107.34
C THR WD 256 -28.85 30.08 108.61
N SER WD 257 -28.93 31.41 108.44
CA SER WD 257 -29.12 32.31 109.58
C SER WD 257 -30.46 32.10 110.27
N SER WD 258 -31.44 31.50 109.60
CA SER WD 258 -32.75 31.24 110.18
C SER WD 258 -32.81 29.90 110.90
N GLY WD 259 -31.66 29.38 111.34
CA GLY WD 259 -31.65 28.11 112.03
C GLY WD 259 -32.05 26.93 111.18
N GLN WD 260 -31.94 27.05 109.85
CA GLN WD 260 -32.39 26.00 108.94
C GLN WD 260 -31.19 25.27 108.36
N VAL WD 261 -31.27 23.94 108.34
CA VAL WD 261 -30.24 23.09 107.78
C VAL WD 261 -30.75 22.61 106.41
N ILE WD 262 -30.06 23.02 105.37
CA ILE WD 262 -30.34 22.54 104.02
C ILE WD 262 -29.61 21.23 103.81
N LYS WD 263 -30.35 20.23 103.33
CA LYS WD 263 -29.83 18.91 103.02
C LYS WD 263 -30.28 18.53 101.62
N PHE WD 264 -29.60 17.55 101.04
CA PHE WD 264 -30.01 17.03 99.75
C PHE WD 264 -31.44 16.47 99.82
N SER WD 265 -32.02 16.24 98.65
CA SER WD 265 -33.28 15.52 98.60
C SER WD 265 -33.09 14.11 99.12
N GLN WD 266 -34.05 13.61 99.90
CA GLN WD 266 -33.90 12.31 100.51
C GLN WD 266 -33.80 11.20 99.47
N GLU WD 267 -34.62 11.29 98.41
CA GLU WD 267 -34.51 10.34 97.32
C GLU WD 267 -33.29 10.59 96.44
N ASP WD 268 -32.62 11.72 96.59
CA ASP WD 268 -31.44 12.07 95.79
C ASP WD 268 -30.28 12.31 96.76
N SER WD 269 -29.65 11.22 97.20
CA SER WD 269 -28.56 11.29 98.16
C SER WD 269 -27.83 9.96 98.26
N CYS XD 42 15.20 140.26 -60.37
CA CYS XD 42 13.90 140.34 -59.70
C CYS XD 42 14.05 140.16 -58.19
N PHE XD 43 14.44 138.94 -57.77
CA PHE XD 43 14.56 138.62 -56.37
C PHE XD 43 15.84 137.84 -56.14
N HIS XD 44 16.38 137.95 -54.93
CA HIS XD 44 17.56 137.20 -54.53
C HIS XD 44 17.26 136.49 -53.21
N PRO XD 45 17.48 135.18 -53.13
CA PRO XD 45 17.21 134.45 -51.88
C PRO XD 45 17.98 135.02 -50.70
N PRO XD 46 19.25 135.47 -50.88
CA PRO XD 46 19.91 136.11 -49.73
C PRO XD 46 19.29 137.44 -49.38
N TYR XD 47 18.04 137.40 -48.91
CA TYR XD 47 17.35 138.55 -48.34
C TYR XD 47 17.30 139.74 -49.28
N ASN XD 48 17.42 139.49 -50.59
CA ASN XD 48 17.46 140.56 -51.59
C ASN XD 48 18.50 141.62 -51.23
N ASN XD 49 19.63 141.17 -50.68
CA ASN XD 49 20.72 142.06 -50.29
C ASN XD 49 20.24 143.17 -49.37
N PHE XD 50 19.23 142.88 -48.54
CA PHE XD 50 18.64 143.84 -47.63
C PHE XD 50 18.15 145.08 -48.37
N GLN XD 51 17.46 144.85 -49.49
CA GLN XD 51 16.94 145.96 -50.28
C GLN XD 51 15.42 145.86 -50.43
N PRO XD 52 14.70 146.97 -50.28
CA PRO XD 52 13.25 146.93 -50.46
C PRO XD 52 12.87 146.70 -51.91
N ASP XD 53 12.32 145.53 -52.21
CA ASP XD 53 12.00 145.17 -53.59
C ASP XD 53 10.64 145.72 -53.98
N ARG XD 54 10.51 146.07 -55.27
CA ARG XD 54 9.23 146.50 -55.82
C ARG XD 54 8.40 145.26 -56.20
N ARG XD 55 7.99 144.55 -55.15
CA ARG XD 55 7.12 143.40 -55.33
C ARG XD 55 5.82 143.81 -56.00
N ALA XD 56 5.28 144.98 -55.64
CA ALA XD 56 4.07 145.47 -56.27
C ALA XD 56 4.27 145.72 -57.76
N VAL XD 57 5.42 146.29 -58.12
CA VAL XD 57 5.71 146.53 -59.54
C VAL XD 57 5.82 145.21 -60.28
N LYS XD 58 6.50 144.23 -59.68
CA LYS XD 58 6.61 142.93 -60.32
C LYS XD 58 5.25 142.28 -60.49
N ARG XD 59 4.39 142.39 -59.47
CA ARG XD 59 3.07 141.78 -59.54
C ARG XD 59 2.21 142.44 -60.62
N VAL XD 60 2.22 143.77 -60.67
CA VAL XD 60 1.41 144.43 -61.69
C VAL XD 60 1.95 144.16 -63.08
N GLY XD 61 3.28 144.04 -63.22
CA GLY XD 61 3.83 143.65 -64.51
C GLY XD 61 3.40 142.26 -64.92
N VAL XD 62 3.39 141.33 -63.96
CA VAL XD 62 2.93 139.97 -64.24
C VAL XD 62 1.47 139.99 -64.67
N ASP XD 63 0.64 140.75 -63.95
CA ASP XD 63 -0.78 140.80 -64.25
C ASP XD 63 -1.03 141.41 -65.63
N THR XD 64 -0.35 142.50 -65.97
CA THR XD 64 -0.50 143.10 -67.29
C THR XD 64 -0.01 142.17 -68.38
N GLY XD 65 1.12 141.50 -68.16
CA GLY XD 65 1.64 140.56 -69.13
C GLY XD 65 0.93 139.23 -69.09
N GLY XD 88 -4.31 145.75 -67.65
CA GLY XD 88 -4.61 145.03 -66.42
C GLY XD 88 -4.37 145.86 -65.18
N GLY XD 89 -4.66 147.16 -65.30
CA GLY XD 89 -4.42 148.05 -64.17
C GLY XD 89 -5.27 147.74 -62.97
N THR XD 90 -6.56 147.48 -63.19
CA THR XD 90 -7.47 147.22 -62.07
C THR XD 90 -7.08 145.95 -61.33
N VAL XD 91 -6.84 144.86 -62.07
CA VAL XD 91 -6.46 143.60 -61.45
C VAL XD 91 -5.12 143.75 -60.74
N GLY XD 92 -4.17 144.44 -61.37
CA GLY XD 92 -2.88 144.65 -60.73
C GLY XD 92 -3.00 145.40 -59.43
N LEU XD 93 -3.76 146.49 -59.43
CA LEU XD 93 -3.91 147.30 -58.23
C LEU XD 93 -4.64 146.55 -57.13
N VAL XD 94 -5.70 145.81 -57.48
CA VAL XD 94 -6.43 145.08 -56.44
C VAL XD 94 -5.56 143.97 -55.87
N ALA XD 95 -4.77 143.31 -56.71
CA ALA XD 95 -3.84 142.30 -56.20
C ALA XD 95 -2.81 142.93 -55.27
N SER XD 96 -2.29 144.09 -55.65
CA SER XD 96 -1.29 144.75 -54.80
C SER XD 96 -1.88 145.14 -53.45
N ILE XD 97 -3.09 145.69 -53.45
CA ILE XD 97 -3.69 146.14 -52.20
C ILE XD 97 -4.18 144.96 -51.37
N TYR XD 98 -4.45 143.82 -51.99
CA TYR XD 98 -4.74 142.64 -51.20
C TYR XD 98 -3.49 142.02 -50.61
N ARG XD 99 -2.37 142.10 -51.34
CA ARG XD 99 -1.11 141.55 -50.84
C ARG XD 99 -0.57 142.39 -49.68
N ASP XD 100 -0.53 143.71 -49.85
CA ASP XD 100 0.15 144.56 -48.89
C ASP XD 100 -0.61 144.75 -47.58
N SER XD 101 -1.85 144.28 -47.50
CA SER XD 101 -2.65 144.46 -46.30
C SER XD 101 -1.99 143.76 -45.12
N LYS XD 102 -2.09 144.40 -43.94
CA LYS XD 102 -1.49 143.83 -42.74
C LYS XD 102 -2.12 142.50 -42.37
N ARG XD 103 -3.44 142.38 -42.53
CA ARG XD 103 -4.13 141.15 -42.18
C ARG XD 103 -3.62 139.97 -42.99
N LYS XD 104 -3.37 140.19 -44.29
CA LYS XD 104 -2.81 139.13 -45.12
C LYS XD 104 -1.44 138.71 -44.60
N ILE XD 105 -0.62 139.68 -44.19
CA ILE XD 105 0.68 139.37 -43.62
C ILE XD 105 0.53 138.52 -42.38
N ILE XD 106 -0.42 138.88 -41.52
CA ILE XD 106 -0.63 138.12 -40.30
C ILE XD 106 -1.09 136.71 -40.61
N ARG XD 107 -2.01 136.56 -41.57
CA ARG XD 107 -2.49 135.23 -41.92
C ARG XD 107 -1.37 134.37 -42.47
N ASP XD 108 -0.53 134.92 -43.34
CA ASP XD 108 0.59 134.15 -43.87
C ASP XD 108 1.58 133.79 -42.78
N LEU XD 109 1.83 134.73 -41.86
CA LEU XD 109 2.73 134.45 -40.75
C LEU XD 109 2.20 133.31 -39.89
N GLN XD 110 0.90 133.32 -39.63
CA GLN XD 110 0.29 132.26 -38.83
C GLN XD 110 0.31 130.93 -39.58
N LYS XD 111 0.16 130.97 -40.91
CA LYS XD 111 0.31 129.75 -41.69
C LYS XD 111 1.72 129.20 -41.54
N GLN XD 112 2.71 130.07 -41.58
CA GLN XD 112 4.05 129.67 -41.20
C GLN XD 112 4.13 129.49 -39.68
N ASP XD 113 5.22 128.90 -39.22
CA ASP XD 113 5.34 128.54 -37.80
C ASP XD 113 5.93 129.70 -37.01
N ILE XD 114 5.11 130.73 -36.86
CA ILE XD 114 5.45 131.89 -36.03
C ILE XD 114 4.18 132.33 -35.30
N GLN XD 115 4.27 132.48 -33.98
CA GLN XD 115 3.12 132.87 -33.19
C GLN XD 115 3.07 134.38 -33.05
N TYR XD 116 1.87 134.94 -33.10
CA TYR XD 116 1.67 136.37 -32.99
C TYR XD 116 0.56 136.67 -32.00
N VAL XD 117 0.76 137.70 -31.18
CA VAL XD 117 -0.20 138.07 -30.14
C VAL XD 117 -0.41 139.57 -30.16
N GLU XD 118 -1.67 139.99 -30.24
CA GLU XD 118 -2.06 141.38 -30.12
C GLU XD 118 -3.02 141.49 -28.94
N TYR XD 119 -2.73 142.42 -28.03
CA TYR XD 119 -3.54 142.56 -26.82
C TYR XD 119 -3.33 143.94 -26.24
N GLY XD 120 -4.42 144.63 -25.91
CA GLY XD 120 -4.34 145.96 -25.36
C GLY XD 120 -3.67 146.93 -26.31
N ASP XD 121 -2.45 147.34 -25.97
CA ASP XD 121 -1.66 148.21 -26.81
C ASP XD 121 -0.35 147.59 -27.25
N THR XD 122 0.32 146.86 -26.36
CA THR XD 122 1.56 146.18 -26.71
C THR XD 122 1.28 144.99 -27.61
N ARG XD 123 2.29 144.59 -28.38
CA ARG XD 123 2.15 143.45 -29.27
C ARG XD 123 3.41 142.60 -29.18
N THR XD 124 3.25 141.31 -29.45
CA THR XD 124 4.32 140.34 -29.23
C THR XD 124 4.38 139.31 -30.34
N LEU XD 125 5.58 138.79 -30.55
CA LEU XD 125 5.87 137.74 -31.52
C LEU XD 125 6.64 136.62 -30.84
N ILE XD 126 6.43 135.40 -31.31
CA ILE XD 126 7.05 134.21 -30.74
C ILE XD 126 7.61 133.37 -31.89
N ILE XD 127 8.88 132.96 -31.75
CA ILE XD 127 9.62 132.30 -32.82
C ILE XD 127 10.18 130.97 -32.31
N PRO XD 128 9.98 129.87 -33.04
CA PRO XD 128 10.49 128.56 -32.59
C PRO XD 128 11.97 128.42 -32.92
N THR XD 129 12.77 128.24 -31.87
CA THR XD 129 14.22 128.14 -32.04
C THR XD 129 14.59 126.97 -32.94
N ASP XD 130 13.90 125.84 -32.77
CA ASP XD 130 14.27 124.63 -33.51
C ASP XD 130 14.18 124.86 -35.01
N LYS XD 131 13.03 125.34 -35.48
CA LYS XD 131 12.85 125.51 -36.92
C LYS XD 131 13.47 126.78 -37.47
N TYR XD 132 13.73 127.79 -36.63
CA TYR XD 132 14.29 129.04 -37.13
C TYR XD 132 15.67 129.31 -36.55
N PHE XD 133 16.41 128.25 -36.26
CA PHE XD 133 17.75 128.40 -35.70
C PHE XD 133 18.50 127.10 -35.92
N MET XD 134 19.78 127.21 -36.27
CA MET XD 134 20.61 126.03 -36.36
C MET XD 134 20.80 125.42 -34.98
N PHE XD 135 20.75 124.09 -34.92
CA PHE XD 135 20.75 123.40 -33.64
C PHE XD 135 22.04 123.67 -32.86
N SER XD 136 21.88 123.99 -31.58
CA SER XD 136 23.01 124.11 -30.65
C SER XD 136 24.07 125.08 -31.16
N SER XD 137 23.62 126.18 -31.78
CA SER XD 137 24.55 127.13 -32.35
C SER XD 137 23.84 128.43 -32.60
N PRO XD 138 24.52 129.58 -32.43
CA PRO XD 138 23.89 130.86 -32.77
C PRO XD 138 23.62 131.03 -34.25
N ARG XD 139 24.02 130.08 -35.08
CA ARG XD 139 23.79 130.17 -36.51
C ARG XD 139 22.29 130.15 -36.82
N LEU XD 140 21.93 130.80 -37.92
CA LEU XD 140 20.55 130.98 -38.31
C LEU XD 140 20.27 130.23 -39.60
N ASN XD 141 19.16 129.51 -39.65
CA ASN XD 141 18.75 128.84 -40.87
C ASN XD 141 18.42 129.87 -41.96
N GLU XD 142 18.67 129.48 -43.21
CA GLU XD 142 18.34 130.31 -44.35
C GLU XD 142 17.16 129.80 -45.15
N ILE XD 143 16.72 128.56 -44.93
CA ILE XD 143 15.58 128.02 -45.67
C ILE XD 143 14.32 128.80 -45.32
N CYS XD 144 14.17 129.18 -44.07
CA CYS XD 144 12.99 129.89 -43.60
C CYS XD 144 13.02 131.38 -43.91
N TYR XD 145 13.82 131.79 -44.89
CA TYR XD 145 13.95 133.21 -45.21
C TYR XD 145 12.64 133.92 -45.52
N PRO XD 146 11.61 133.31 -46.13
CA PRO XD 146 10.35 134.05 -46.29
C PRO XD 146 9.77 134.50 -44.97
N GLY XD 147 9.94 133.70 -43.91
CA GLY XD 147 9.49 134.13 -42.60
C GLY XD 147 10.16 135.41 -42.15
N LEU XD 148 11.49 135.48 -42.31
CA LEU XD 148 12.21 136.69 -41.92
C LEU XD 148 11.77 137.88 -42.77
N ASN XD 149 11.59 137.65 -44.07
CA ASN XD 149 11.14 138.73 -44.95
C ASN XD 149 9.79 139.27 -44.50
N ASN XD 150 8.86 138.37 -44.19
CA ASN XD 150 7.54 138.80 -43.72
C ASN XD 150 7.64 139.50 -42.38
N VAL XD 151 8.55 139.04 -41.51
CA VAL XD 151 8.72 139.68 -40.22
C VAL XD 151 9.16 141.12 -40.39
N ILE XD 152 10.17 141.34 -41.25
CA ILE XD 152 10.64 142.71 -41.49
C ILE XD 152 9.53 143.54 -42.12
N ARG XD 153 8.81 142.96 -43.07
CA ARG XD 153 7.74 143.68 -43.75
C ARG XD 153 6.68 144.14 -42.76
N LEU XD 154 6.29 143.25 -41.85
CA LEU XD 154 5.28 143.60 -40.85
C LEU XD 154 5.81 144.65 -39.88
N LEU XD 155 7.05 144.47 -39.41
CA LEU XD 155 7.63 145.43 -38.49
C LEU XD 155 7.75 146.81 -39.12
N ASN XD 156 7.83 146.89 -40.44
CA ASN XD 156 7.88 148.18 -41.11
C ASN XD 156 6.71 149.08 -40.72
N PHE XD 157 5.53 148.49 -40.48
CA PHE XD 157 4.34 149.29 -40.21
C PHE XD 157 4.40 150.03 -38.87
N TYR XD 158 5.34 149.72 -38.00
CA TYR XD 158 5.40 150.30 -36.65
C TYR XD 158 6.78 150.90 -36.42
N PRO XD 159 7.07 152.02 -37.07
CA PRO XD 159 8.44 152.56 -37.01
C PRO XD 159 8.69 153.51 -35.84
N GLN XD 160 7.81 153.51 -34.84
CA GLN XD 160 7.96 154.42 -33.72
C GLN XD 160 8.08 153.73 -32.36
N SER XD 161 7.82 152.44 -32.27
CA SER XD 161 7.86 151.77 -30.98
C SER XD 161 9.29 151.44 -30.57
N THR XD 162 9.45 151.10 -29.30
CA THR XD 162 10.67 150.50 -28.81
C THR XD 162 10.51 148.99 -28.82
N ILE XD 163 11.63 148.28 -28.98
CA ILE XD 163 11.61 146.85 -29.23
C ILE XD 163 12.41 146.14 -28.13
N TYR XD 164 11.81 145.11 -27.55
CA TYR XD 164 12.50 144.19 -26.65
C TYR XD 164 12.55 142.82 -27.30
N VAL XD 165 13.72 142.18 -27.24
CA VAL XD 165 13.89 140.83 -27.74
C VAL XD 165 14.52 139.98 -26.66
N ALA XD 166 14.05 138.74 -26.52
CA ALA XD 166 14.48 137.86 -25.45
C ALA XD 166 14.56 136.43 -25.95
N GLY XD 167 15.40 135.65 -25.30
CA GLY XD 167 15.59 134.25 -25.64
C GLY XD 167 15.29 133.36 -24.45
N PHE XD 168 14.74 132.18 -24.72
CA PHE XD 168 14.38 131.25 -23.68
C PHE XD 168 14.77 129.83 -24.08
N THR XD 169 15.41 129.12 -23.16
CA THR XD 169 15.88 127.76 -23.34
C THR XD 169 15.06 126.80 -22.49
N ASP XD 170 15.49 125.54 -22.44
CA ASP XD 170 14.82 124.52 -21.65
C ASP XD 170 15.57 124.29 -20.34
N ASN XD 171 15.16 123.27 -19.60
CA ASN XD 171 15.66 123.04 -18.25
C ASN XD 171 17.00 122.30 -18.21
N VAL XD 172 17.43 121.72 -19.32
CA VAL XD 172 18.55 120.78 -19.32
C VAL XD 172 19.83 121.54 -19.66
N GLY XD 173 20.88 121.29 -18.88
CA GLY XD 173 22.19 121.86 -19.13
C GLY XD 173 22.67 122.71 -17.98
N SER XD 174 23.89 123.21 -18.14
CA SER XD 174 24.47 124.13 -17.16
C SER XD 174 23.77 125.47 -17.22
N ARG XD 175 23.62 126.11 -16.06
CA ARG XD 175 23.01 127.43 -16.00
C ARG XD 175 23.79 128.42 -16.85
N SER XD 176 25.11 128.42 -16.70
CA SER XD 176 25.95 129.31 -17.50
C SER XD 176 25.81 129.00 -18.98
N HIS XD 177 25.75 127.71 -19.32
CA HIS XD 177 25.59 127.32 -20.72
C HIS XD 177 24.30 127.87 -21.30
N LYS XD 178 23.20 127.72 -20.56
CA LYS XD 178 21.91 128.22 -21.01
C LYS XD 178 21.95 129.74 -21.19
N ARG XD 179 22.53 130.43 -20.21
CA ARG XD 179 22.58 131.88 -20.30
C ARG XD 179 23.39 132.32 -21.51
N LYS XD 180 24.53 131.68 -21.74
CA LYS XD 180 25.36 132.06 -22.88
C LYS XD 180 24.61 131.83 -24.20
N LEU XD 181 23.98 130.67 -24.35
CA LEU XD 181 23.29 130.39 -25.59
C LEU XD 181 22.14 131.37 -25.82
N SER XD 182 21.37 131.64 -24.77
CA SER XD 182 20.24 132.55 -24.92
C SER XD 182 20.70 133.95 -25.29
N GLN XD 183 21.73 134.44 -24.61
CA GLN XD 183 22.24 135.77 -24.92
C GLN XD 183 22.80 135.83 -26.34
N ALA XD 184 23.46 134.76 -26.77
CA ALA XD 184 24.00 134.74 -28.13
C ALA XD 184 22.89 134.81 -29.16
N GLN XD 185 21.80 134.04 -28.95
CA GLN XD 185 20.70 134.08 -29.90
C GLN XD 185 20.03 135.44 -29.90
N ALA XD 186 19.85 136.04 -28.73
CA ALA XD 186 19.26 137.38 -28.67
C ALA XD 186 20.13 138.38 -29.41
N GLU XD 187 21.45 138.29 -29.23
CA GLU XD 187 22.36 139.17 -29.96
C GLU XD 187 22.23 138.97 -31.46
N THR XD 188 22.09 137.71 -31.89
CA THR XD 188 21.93 137.43 -33.31
C THR XD 188 20.68 138.12 -33.85
N MET XD 189 19.56 137.99 -33.13
CA MET XD 189 18.31 138.56 -33.61
C MET XD 189 18.40 140.09 -33.66
N MET XD 190 18.92 140.71 -32.61
CA MET XD 190 19.01 142.17 -32.61
C MET XD 190 19.96 142.66 -33.69
N THR XD 191 21.05 141.91 -33.93
CA THR XD 191 21.96 142.27 -35.01
C THR XD 191 21.26 142.22 -36.35
N PHE XD 192 20.45 141.18 -36.58
CA PHE XD 192 19.73 141.08 -37.83
C PHE XD 192 18.78 142.26 -38.00
N LEU XD 193 18.06 142.61 -36.93
CA LEU XD 193 17.15 143.75 -37.01
C LEU XD 193 17.89 145.04 -37.28
N TRP XD 194 19.04 145.23 -36.61
CA TRP XD 194 19.83 146.44 -36.83
C TRP XD 194 20.32 146.53 -38.26
N ALA XD 195 20.81 145.42 -38.81
CA ALA XD 195 21.19 145.39 -40.21
C ALA XD 195 20.01 145.66 -41.12
N ASN XD 196 18.80 145.34 -40.69
CA ASN XD 196 17.62 145.67 -41.47
C ASN XD 196 17.32 147.16 -41.52
N GLY XD 197 18.04 147.97 -40.75
CA GLY XD 197 17.89 149.41 -40.88
C GLY XD 197 17.20 150.13 -39.74
N ILE XD 198 17.50 149.75 -38.50
CA ILE XD 198 16.95 150.41 -37.32
C ILE XD 198 18.11 150.87 -36.44
N ALA XD 199 18.06 152.12 -35.99
CA ALA XD 199 19.12 152.66 -35.16
C ALA XD 199 19.22 151.92 -33.84
N ALA XD 200 20.44 151.83 -33.32
CA ALA XD 200 20.72 150.98 -32.16
C ALA XD 200 19.94 151.40 -30.92
N LYS XD 201 19.54 152.67 -30.81
CA LYS XD 201 18.88 153.13 -29.60
C LYS XD 201 17.51 152.49 -29.40
N ARG XD 202 16.94 151.86 -30.43
CA ARG XD 202 15.60 151.32 -30.35
C ARG XD 202 15.55 149.85 -29.95
N LEU XD 203 16.69 149.24 -29.62
CA LEU XD 203 16.75 147.80 -29.43
C LEU XD 203 17.29 147.45 -28.05
N LYS XD 204 16.69 146.42 -27.45
CA LYS XD 204 17.15 145.85 -26.19
C LYS XD 204 17.08 144.34 -26.28
N ALA XD 205 18.17 143.67 -25.93
CA ALA XD 205 18.29 142.24 -26.09
C ALA XD 205 18.59 141.58 -24.75
N GLU XD 206 17.95 140.44 -24.50
CA GLU XD 206 18.22 139.68 -23.27
C GLU XD 206 17.90 138.21 -23.50
N GLY XD 207 18.82 137.35 -23.09
CA GLY XD 207 18.54 135.94 -23.13
C GLY XD 207 18.46 135.34 -21.75
N TYR XD 208 17.25 135.01 -21.30
CA TYR XD 208 17.11 134.38 -20.01
C TYR XD 208 17.38 132.89 -20.13
N GLY XD 209 17.50 132.23 -18.99
CA GLY XD 209 17.68 130.80 -18.99
C GLY XD 209 16.35 130.10 -18.99
N ASP XD 210 16.08 129.34 -17.93
CA ASP XD 210 14.82 128.64 -17.75
C ASP XD 210 14.05 129.19 -16.55
N LYS XD 211 14.25 130.46 -16.23
CA LYS XD 211 13.64 131.03 -15.02
C LYS XD 211 12.13 131.04 -15.10
N ASN XD 212 11.57 131.43 -16.24
CA ASN XD 212 10.12 131.59 -16.40
C ASN XD 212 9.69 130.88 -17.68
N ALA XD 213 9.29 129.63 -17.54
CA ALA XD 213 8.83 128.83 -18.67
C ALA XD 213 7.32 128.95 -18.82
N ILE XD 214 6.87 128.98 -20.06
CA ILE XD 214 5.44 129.00 -20.36
C ILE XD 214 4.99 127.57 -20.59
N SER XD 215 5.84 126.62 -20.24
CA SER XD 215 5.57 125.21 -20.49
C SER XD 215 6.27 124.37 -19.44
N ASP XD 216 5.86 123.11 -19.35
CA ASP XD 216 6.48 122.16 -18.44
C ASP XD 216 7.63 121.45 -19.14
N ASN XD 217 8.68 121.16 -18.36
CA ASN XD 217 9.86 120.47 -18.87
C ASN XD 217 9.86 118.98 -18.55
N ALA XD 218 8.77 118.46 -18.00
CA ALA XD 218 8.67 117.04 -17.71
C ALA XD 218 8.01 116.24 -18.84
N ILE XD 219 7.57 116.92 -19.89
CA ILE XD 219 6.93 116.26 -21.03
C ILE XD 219 7.61 116.74 -22.30
N ILE XD 220 7.70 115.85 -23.29
CA ILE XD 220 8.45 116.14 -24.50
C ILE XD 220 7.87 117.34 -25.23
N HIS XD 221 6.56 117.32 -25.46
CA HIS XD 221 5.93 118.40 -26.22
C HIS XD 221 6.00 119.71 -25.45
N GLY XD 222 5.81 119.66 -24.13
CA GLY XD 222 5.94 120.87 -23.33
C GLY XD 222 7.34 121.45 -23.41
N SER XD 223 8.35 120.59 -23.29
CA SER XD 223 9.72 121.07 -23.39
C SER XD 223 9.99 121.68 -24.76
N ALA XD 224 9.48 121.05 -25.82
CA ALA XD 224 9.65 121.62 -27.15
C ALA XD 224 8.99 122.98 -27.24
N GLN XD 225 7.79 123.12 -26.68
CA GLN XD 225 7.12 124.41 -26.69
C GLN XD 225 7.87 125.45 -25.85
N ASN XD 226 8.62 124.98 -24.85
CA ASN XD 226 9.21 125.90 -23.87
C ASN XD 226 10.16 126.90 -24.54
N ARG XD 227 11.26 126.41 -25.12
CA ARG XD 227 12.26 127.32 -25.67
C ARG XD 227 11.66 128.16 -26.78
N ARG XD 228 12.09 129.41 -26.87
CA ARG XD 228 11.40 130.35 -27.73
C ARG XD 228 12.25 131.61 -27.92
N ILE XD 229 11.86 132.40 -28.92
CA ILE XD 229 12.33 133.76 -29.09
C ILE XD 229 11.14 134.69 -28.95
N GLU XD 230 11.24 135.67 -28.05
CA GLU XD 230 10.13 136.53 -27.68
C GLU XD 230 10.42 137.96 -28.11
N ILE XD 231 9.44 138.59 -28.77
CA ILE XD 231 9.56 139.96 -29.24
C ILE XD 231 8.40 140.76 -28.69
N GLN XD 232 8.69 141.91 -28.09
CA GLN XD 232 7.68 142.81 -27.55
C GLN XD 232 7.88 144.20 -28.12
N TRP XD 233 6.79 144.90 -28.39
CA TRP XD 233 6.90 146.32 -28.69
C TRP XD 233 5.63 147.06 -28.35
N PHE XD 234 5.80 148.33 -27.98
CA PHE XD 234 4.74 149.23 -27.56
C PHE XD 234 4.13 149.92 -28.78
N THR XD 235 3.37 150.98 -28.55
CA THR XD 235 2.91 151.87 -29.61
C THR XD 235 3.50 153.27 -29.47
N SER XD 236 3.46 153.84 -28.27
CA SER XD 236 4.01 155.17 -28.04
C SER XD 236 5.36 155.07 -27.31
N GLN YD 791 11.93 -4.53 117.68
CA GLN YD 791 12.39 -3.24 117.17
C GLN YD 791 12.73 -3.34 115.70
N GLN YD 792 13.88 -3.93 115.38
CA GLN YD 792 14.25 -4.14 113.98
C GLN YD 792 13.28 -5.10 113.30
N GLU YD 793 12.68 -6.02 114.05
CA GLU YD 793 11.59 -6.83 113.50
C GLU YD 793 10.42 -5.95 113.10
N ILE YD 794 10.08 -4.98 113.95
CA ILE YD 794 9.04 -4.02 113.61
C ILE YD 794 9.41 -3.24 112.37
N GLN YD 795 10.70 -2.88 112.24
CA GLN YD 795 11.14 -2.10 111.08
C GLN YD 795 11.02 -2.91 109.79
N GLN YD 796 11.42 -4.18 109.82
CA GLN YD 796 11.33 -4.98 108.60
C GLN YD 796 9.88 -5.30 108.26
N ARG YD 797 9.05 -5.51 109.28
CA ARG YD 797 7.61 -5.66 109.04
C ARG YD 797 7.06 -4.40 108.38
N THR YD 798 7.47 -3.24 108.89
CA THR YD 798 7.11 -1.97 108.29
C THR YD 798 7.52 -1.91 106.83
N SER YD 799 8.75 -2.35 106.55
CA SER YD 799 9.25 -2.30 105.18
C SER YD 799 8.39 -3.14 104.24
N ASP YD 800 8.10 -4.38 104.64
CA ASP YD 800 7.36 -5.25 103.72
C ASP YD 800 5.92 -4.78 103.55
N MET YD 801 5.26 -4.37 104.63
CA MET YD 801 3.90 -3.87 104.46
C MET YD 801 3.87 -2.55 103.70
N LEU YD 802 4.94 -1.76 103.81
CA LEU YD 802 5.07 -0.56 102.99
C LEU YD 802 5.15 -0.90 101.52
N THR YD 803 5.95 -1.93 101.18
CA THR YD 803 6.03 -2.36 99.79
C THR YD 803 4.66 -2.81 99.30
N ALA YD 804 3.94 -3.58 100.11
CA ALA YD 804 2.61 -4.03 99.73
C ALA YD 804 1.67 -2.85 99.52
N ALA YD 805 1.71 -1.86 100.41
CA ALA YD 805 0.84 -0.70 100.28
C ALA YD 805 1.17 0.11 99.05
N THR YD 806 2.46 0.24 98.73
CA THR YD 806 2.85 0.92 97.50
C THR YD 806 2.31 0.20 96.27
N GLN YD 807 2.40 -1.14 96.28
CA GLN YD 807 1.83 -1.89 95.17
C GLN YD 807 0.33 -1.65 95.06
N LEU YD 808 -0.37 -1.65 96.20
CA LEU YD 808 -1.81 -1.43 96.17
C LEU YD 808 -2.15 -0.05 95.64
N VAL YD 809 -1.41 0.97 96.06
CA VAL YD 809 -1.75 2.33 95.65
C VAL YD 809 -1.44 2.53 94.16
N GLN YD 810 -0.34 1.94 93.67
CA GLN YD 810 -0.09 2.06 92.24
C GLN YD 810 -1.10 1.27 91.42
N ASP YD 811 -1.61 0.16 91.97
CA ASP YD 811 -2.68 -0.56 91.30
C ASP YD 811 -3.96 0.26 91.25
N TRP YD 812 -4.27 0.99 92.32
CA TRP YD 812 -5.48 1.79 92.36
C TRP YD 812 -5.34 3.09 91.58
N LYS YD 813 -4.12 3.54 91.31
CA LYS YD 813 -3.93 4.85 90.69
C LYS YD 813 -4.54 4.91 89.30
N GLN YD 814 -4.22 3.96 88.44
CA GLN YD 814 -4.67 4.04 87.06
C GLN YD 814 -6.13 3.60 86.93
N VAL YD 815 -6.76 4.02 85.84
CA VAL YD 815 -8.11 3.62 85.49
C VAL YD 815 -8.16 3.50 83.97
N GLU YD 816 -8.37 2.29 83.48
CA GLU YD 816 -8.36 2.07 82.05
C GLU YD 816 -9.55 2.75 81.39
N THR YD 817 -9.42 3.01 80.09
CA THR YD 817 -10.40 3.79 79.35
C THR YD 817 -11.60 2.92 79.01
N GLN YD 818 -12.52 3.47 78.23
CA GLN YD 818 -13.75 2.82 77.83
C GLN YD 818 -13.60 2.18 76.45
N VAL YD 819 -14.71 1.72 75.89
CA VAL YD 819 -14.72 1.18 74.53
C VAL YD 819 -16.08 1.45 73.90
N TYR YD 820 -16.08 2.12 72.76
CA TYR YD 820 -17.30 2.46 72.03
C TYR YD 820 -17.37 1.59 70.78
N THR YD 821 -18.08 0.47 70.88
CA THR YD 821 -18.20 -0.47 69.78
C THR YD 821 -19.38 -0.04 68.91
N GLU YD 822 -19.07 0.50 67.74
CA GLU YD 822 -20.10 0.98 66.83
C GLU YD 822 -20.72 -0.18 66.05
N GLY YD 823 -21.69 0.15 65.20
CA GLY YD 823 -22.37 -0.83 64.40
C GLY YD 823 -22.55 -0.39 62.96
N THR YD 824 -23.56 -0.92 62.28
CA THR YD 824 -23.84 -0.53 60.91
C THR YD 824 -25.34 -0.67 60.60
N ALA ZD 104 15.09 -51.30 107.61
CA ALA ZD 104 15.05 -51.95 106.30
C ALA ZD 104 14.06 -51.25 105.39
N GLU ZD 105 13.00 -51.97 105.00
CA GLU ZD 105 11.95 -51.39 104.18
C GLU ZD 105 11.18 -50.30 104.92
N VAL ZD 106 11.23 -50.30 106.26
CA VAL ZD 106 10.64 -49.19 107.01
C VAL ZD 106 11.33 -47.88 106.66
N ILE ZD 107 12.64 -47.94 106.41
CA ILE ZD 107 13.38 -46.78 105.95
C ILE ZD 107 12.83 -46.32 104.60
N ASP ZD 108 12.55 -47.27 103.71
CA ASP ZD 108 11.97 -46.93 102.42
C ASP ZD 108 10.61 -46.25 102.59
N LYS ZD 109 9.77 -46.79 103.48
CA LYS ZD 109 8.45 -46.22 103.69
C LYS ZD 109 8.54 -44.81 104.26
N LYS ZD 110 9.43 -44.60 105.24
CA LYS ZD 110 9.54 -43.28 105.83
C LYS ZD 110 10.13 -42.27 104.85
N ALA ZD 111 11.07 -42.71 104.01
CA ALA ZD 111 11.57 -41.83 102.96
C ALA ZD 111 10.47 -41.49 101.96
N PHE ZD 112 9.62 -42.47 101.65
CA PHE ZD 112 8.47 -42.20 100.78
C PHE ZD 112 7.54 -41.17 101.39
N LYS ZD 113 7.28 -41.28 102.68
CA LYS ZD 113 6.44 -40.29 103.35
C LYS ZD 113 7.09 -38.91 103.33
N ASP ZD 114 8.41 -38.85 103.59
CA ASP ZD 114 9.11 -37.57 103.58
C ASP ZD 114 9.06 -36.93 102.21
N MET ZD 115 9.28 -37.73 101.16
CA MET ZD 115 9.27 -37.17 99.81
C MET ZD 115 7.87 -36.77 99.38
N THR ZD 116 6.85 -37.49 99.83
CA THR ZD 116 5.48 -37.07 99.55
C THR ZD 116 5.16 -35.76 100.22
N ARG ZD 117 5.61 -35.59 101.47
CA ARG ZD 117 5.44 -34.30 102.15
C ARG ZD 117 6.17 -33.20 101.41
N ASN ZD 118 7.38 -33.49 100.92
CA ASN ZD 118 8.12 -32.51 100.14
C ASN ZD 118 7.36 -32.12 98.88
N LEU ZD 119 6.77 -33.11 98.20
CA LEU ZD 119 6.01 -32.84 96.99
C LEU ZD 119 4.81 -31.96 97.29
N TYR ZD 120 4.07 -32.29 98.34
CA TYR ZD 120 2.84 -31.57 98.70
C TYR ZD 120 2.97 -31.10 100.14
N PRO ZD 121 3.71 -30.03 100.38
CA PRO ZD 121 3.88 -29.54 101.76
C PRO ZD 121 2.58 -29.06 102.39
N LEU ZD 122 1.56 -28.76 101.60
CA LEU ZD 122 0.29 -28.26 102.11
C LEU ZD 122 -0.81 -29.27 101.86
N ASN ZD 123 -1.60 -29.53 102.88
CA ASN ZD 123 -2.77 -30.37 102.76
C ASN ZD 123 -3.91 -29.61 102.09
N PRO ZD 124 -4.92 -30.32 101.58
CA PRO ZD 124 -6.07 -29.62 100.98
C PRO ZD 124 -6.74 -28.66 101.95
N GLU ZD 125 -6.67 -28.94 103.25
CA GLU ZD 125 -7.22 -28.00 104.23
C GLU ZD 125 -6.51 -26.65 104.13
N GLN ZD 126 -5.18 -26.65 104.17
CA GLN ZD 126 -4.44 -25.41 104.02
C GLN ZD 126 -4.66 -24.79 102.65
N VAL ZD 127 -4.80 -25.62 101.62
CA VAL ZD 127 -5.05 -25.10 100.27
C VAL ZD 127 -6.36 -24.30 100.26
N VAL ZD 128 -7.43 -24.88 100.80
CA VAL ZD 128 -8.71 -24.20 100.80
C VAL ZD 128 -8.66 -22.97 101.70
N LYS ZD 129 -7.95 -23.06 102.82
CA LYS ZD 129 -7.86 -21.91 103.72
C LYS ZD 129 -7.14 -20.75 103.04
N LEU ZD 130 -6.03 -21.02 102.37
CA LEU ZD 130 -5.33 -19.95 101.68
C LEU ZD 130 -6.13 -19.41 100.52
N LYS ZD 131 -6.88 -20.27 99.83
CA LYS ZD 131 -7.78 -19.78 98.78
C LYS ZD 131 -8.82 -18.83 99.35
N GLN ZD 132 -9.40 -19.19 100.50
CA GLN ZD 132 -10.37 -18.33 101.16
C GLN ZD 132 -9.74 -16.99 101.54
N ILE ZD 133 -8.54 -17.02 102.10
CA ILE ZD 133 -7.85 -15.79 102.49
C ILE ZD 133 -7.59 -14.92 101.27
N TYR ZD 134 -7.14 -15.54 100.17
CA TYR ZD 134 -6.90 -14.80 98.94
C TYR ZD 134 -8.17 -14.16 98.42
N GLU ZD 135 -9.28 -14.90 98.44
CA GLU ZD 135 -10.55 -14.35 97.99
C GLU ZD 135 -10.97 -13.16 98.85
N THR ZD 136 -10.81 -13.30 100.17
CA THR ZD 136 -11.15 -12.20 101.07
C THR ZD 136 -10.29 -10.98 100.79
N SER ZD 137 -8.99 -11.20 100.53
CA SER ZD 137 -8.10 -10.10 100.19
C SER ZD 137 -8.54 -9.41 98.90
N GLU ZD 138 -8.95 -10.21 97.90
CA GLU ZD 138 -9.45 -9.63 96.66
C GLU ZD 138 -10.68 -8.79 96.92
N TYR ZD 139 -11.59 -9.27 97.75
CA TYR ZD 139 -12.81 -8.52 98.04
C TYR ZD 139 -12.48 -7.23 98.77
N ALA ZD 140 -11.54 -7.28 99.71
CA ALA ZD 140 -11.12 -6.08 100.42
C ALA ZD 140 -10.49 -5.08 99.47
N LYS ZD 141 -9.69 -5.56 98.53
CA LYS ZD 141 -9.10 -4.67 97.52
C LYS ZD 141 -10.18 -4.03 96.67
N ALA ZD 142 -11.16 -4.81 96.23
CA ALA ZD 142 -12.23 -4.30 95.38
C ALA ZD 142 -13.23 -3.45 96.14
N ALA ZD 143 -13.20 -3.48 97.47
CA ALA ZD 143 -14.15 -2.71 98.27
C ALA ZD 143 -13.90 -1.22 98.13
N THR ZD 144 -14.97 -0.45 98.24
CA THR ZD 144 -14.89 1.01 98.11
C THR ZD 144 -15.34 1.66 99.42
N PRO ZD 145 -14.43 2.22 100.21
CA PRO ZD 145 -14.86 2.99 101.39
C PRO ZD 145 -15.73 4.15 100.97
N GLY ZD 146 -16.76 4.41 101.77
CA GLY ZD 146 -17.74 5.42 101.40
C GLY ZD 146 -18.87 4.83 100.58
N THR ZD 147 -20.10 5.24 100.93
CA THR ZD 147 -21.26 4.69 100.27
C THR ZD 147 -21.26 5.07 98.78
N PRO ZD 148 -21.54 4.11 97.89
CA PRO ZD 148 -21.54 4.42 96.47
C PRO ZD 148 -22.66 5.38 96.12
N PRO ZD 149 -22.47 6.23 95.11
CA PRO ZD 149 -23.53 7.13 94.70
C PRO ZD 149 -24.73 6.39 94.14
N LYS ZD 150 -25.90 6.99 94.31
CA LYS ZD 150 -27.14 6.38 93.86
C LYS ZD 150 -27.29 6.52 92.36
N PRO ZD 151 -27.58 5.42 91.64
CA PRO ZD 151 -27.83 5.53 90.19
C PRO ZD 151 -29.21 6.12 89.92
N THR ZD 152 -29.25 7.25 89.22
CA THR ZD 152 -30.50 7.95 88.94
C THR ZD 152 -30.52 8.44 87.51
N ALA ZD 153 -31.72 8.62 86.98
CA ALA ZD 153 -31.95 9.23 85.69
C ALA ZD 153 -32.69 10.54 85.88
N THR ZD 154 -32.26 11.59 85.17
CA THR ZD 154 -32.81 12.92 85.35
C THR ZD 154 -33.13 13.52 83.99
N SER ZD 155 -34.09 14.45 84.00
CA SER ZD 155 -34.48 15.17 82.80
C SER ZD 155 -34.87 16.59 83.20
N GLN ZD 156 -34.24 17.57 82.57
CA GLN ZD 156 -34.45 18.98 82.93
C GLN ZD 156 -34.53 19.83 81.68
N PHE ZD 157 -34.81 21.11 81.89
CA PHE ZD 157 -34.89 22.09 80.82
C PHE ZD 157 -33.66 23.00 80.88
N VAL ZD 158 -33.14 23.34 79.71
CA VAL ZD 158 -31.96 24.20 79.60
C VAL ZD 158 -32.45 25.61 79.30
N ASN ZD 159 -32.17 26.53 80.21
CA ASN ZD 159 -32.54 27.93 80.07
C ASN ZD 159 -31.34 28.70 79.54
N LEU ZD 160 -31.50 29.34 78.39
CA LEU ZD 160 -30.45 30.18 77.80
C LEU ZD 160 -30.72 31.66 78.01
N SER ZD 161 -31.39 32.01 79.09
CA SER ZD 161 -31.65 33.41 79.38
C SER ZD 161 -30.34 34.15 79.62
N PRO ZD 162 -30.29 35.45 79.34
CA PRO ZD 162 -29.05 36.21 79.59
C PRO ZD 162 -28.60 36.15 81.04
N GLY ZD 163 -29.53 36.04 81.99
CA GLY ZD 163 -29.21 35.82 83.39
C GLY ZD 163 -29.41 34.40 83.87
N SER ZD 164 -29.57 33.44 82.95
CA SER ZD 164 -29.90 32.07 83.34
C SER ZD 164 -28.71 31.40 84.04
N THR ZD 165 -29.02 30.31 84.73
CA THR ZD 165 -28.01 29.54 85.45
C THR ZD 165 -27.64 28.31 84.63
N PRO ZD 166 -26.37 28.14 84.25
CA PRO ZD 166 -26.01 26.98 83.44
C PRO ZD 166 -26.20 25.69 84.21
N PRO ZD 167 -26.57 24.61 83.53
CA PRO ZD 167 -26.84 23.35 84.24
C PRO ZD 167 -25.58 22.64 84.70
N VAL ZD 168 -25.80 21.74 85.66
CA VAL ZD 168 -24.75 20.96 86.30
C VAL ZD 168 -25.06 19.47 86.10
N ILE ZD 169 -24.03 18.69 85.80
CA ILE ZD 169 -24.17 17.26 85.57
C ILE ZD 169 -23.29 16.51 86.57
N ARG ZD 170 -23.89 15.58 87.29
CA ARG ZD 170 -23.15 14.74 88.21
C ARG ZD 170 -22.47 13.61 87.47
N LEU ZD 171 -21.27 13.26 87.93
CA LEU ZD 171 -20.42 12.27 87.27
C LEU ZD 171 -19.86 11.30 88.31
N SER ZD 172 -19.48 10.13 87.84
CA SER ZD 172 -18.81 9.13 88.66
C SER ZD 172 -17.47 8.78 88.02
N GLN ZD 173 -16.44 8.67 88.86
CA GLN ZD 173 -15.10 8.43 88.37
C GLN ZD 173 -15.04 7.11 87.62
N GLY ZD 174 -14.50 7.15 86.40
CA GLY ZD 174 -14.42 5.95 85.58
C GLY ZD 174 -15.77 5.34 85.28
N PHE ZD 175 -16.77 6.16 85.01
CA PHE ZD 175 -18.11 5.68 84.73
C PHE ZD 175 -18.72 6.42 83.55
N VAL ZD 176 -19.57 5.72 82.82
CA VAL ZD 176 -20.21 6.27 81.64
C VAL ZD 176 -21.47 7.02 82.06
N SER ZD 177 -21.60 8.26 81.59
CA SER ZD 177 -22.80 9.05 81.78
C SER ZD 177 -23.34 9.44 80.41
N SER ZD 178 -24.65 9.27 80.24
CA SER ZD 178 -25.32 9.48 78.96
C SER ZD 178 -26.09 10.78 79.00
N LEU ZD 179 -25.94 11.58 77.94
CA LEU ZD 179 -26.63 12.85 77.79
C LEU ZD 179 -27.43 12.84 76.50
N VAL ZD 180 -28.70 13.24 76.59
CA VAL ZD 180 -29.61 13.28 75.45
C VAL ZD 180 -30.15 14.68 75.29
N PHE ZD 181 -30.19 15.16 74.06
CA PHE ZD 181 -30.61 16.51 73.72
C PHE ZD 181 -31.95 16.46 73.00
N LEU ZD 182 -32.92 17.23 73.50
CA LEU ZD 182 -34.24 17.29 72.88
C LEU ZD 182 -34.68 18.74 72.77
N ASP ZD 183 -35.47 19.04 71.75
CA ASP ZD 183 -35.95 20.39 71.52
C ASP ZD 183 -37.09 20.71 72.48
N SER ZD 184 -37.79 21.81 72.22
CA SER ZD 184 -38.94 22.17 73.06
C SER ZD 184 -40.01 21.08 73.02
N THR ZD 185 -40.30 20.56 71.82
CA THR ZD 185 -41.30 19.51 71.69
C THR ZD 185 -40.78 18.16 72.17
N GLY ZD 186 -39.47 18.04 72.43
CA GLY ZD 186 -38.89 16.79 72.85
C GLY ZD 186 -38.24 15.98 71.76
N ALA ZD 187 -38.26 16.47 70.51
CA ALA ZD 187 -37.58 15.78 69.44
C ALA ZD 187 -36.07 15.97 69.55
N PRO ZD 188 -35.28 14.95 69.19
CA PRO ZD 188 -33.83 15.08 69.27
C PRO ZD 188 -33.31 16.19 68.36
N TRP ZD 189 -32.30 16.90 68.83
CA TRP ZD 189 -31.67 17.96 68.05
C TRP ZD 189 -30.24 17.57 67.72
N PRO ZD 190 -29.91 17.30 66.46
CA PRO ZD 190 -28.55 16.90 66.11
C PRO ZD 190 -27.53 17.97 66.48
N ILE ZD 191 -26.35 17.52 66.90
CA ILE ZD 191 -25.30 18.40 67.39
C ILE ZD 191 -24.51 18.96 66.22
N ALA ZD 192 -24.00 20.18 66.39
CA ALA ZD 192 -23.06 20.76 65.43
C ALA ZD 192 -21.62 20.47 65.83
N ALA ZD 193 -21.23 20.88 67.03
CA ALA ZD 193 -19.87 20.67 67.50
C ALA ZD 193 -19.85 20.80 69.02
N TYR ZD 194 -18.69 20.56 69.61
CA TYR ZD 194 -18.54 20.67 71.06
C TYR ZD 194 -17.08 20.91 71.39
N ASP ZD 195 -16.86 21.36 72.62
CA ASP ZD 195 -15.51 21.63 73.11
C ASP ZD 195 -15.46 21.37 74.61
N LEU ZD 196 -14.42 20.68 75.04
CA LEU ZD 196 -14.21 20.28 76.43
C LEU ZD 196 -12.88 20.82 76.92
N GLY ZD 197 -12.88 21.38 78.13
CA GLY ZD 197 -11.66 21.80 78.76
C GLY ZD 197 -10.94 20.63 79.43
N ASP ZD 198 -9.61 20.70 79.43
CA ASP ZD 198 -8.69 19.67 79.94
C ASP ZD 198 -9.22 18.27 79.64
N PRO ZD 199 -9.20 17.85 78.37
CA PRO ZD 199 -9.84 16.59 77.99
C PRO ZD 199 -9.25 15.36 78.64
N SER ZD 200 -8.14 15.51 79.37
CA SER ZD 200 -7.59 14.36 80.08
C SER ZD 200 -8.50 13.89 81.21
N SER ZD 201 -9.44 14.73 81.67
CA SER ZD 201 -10.33 14.36 82.75
C SER ZD 201 -11.59 13.65 82.28
N PHE ZD 202 -11.83 13.58 80.97
CA PHE ZD 202 -13.05 12.97 80.48
C PHE ZD 202 -12.76 12.28 79.15
N ASN ZD 203 -13.49 11.20 78.90
CA ASN ZD 203 -13.46 10.52 77.62
C ASN ZD 203 -14.81 10.70 76.94
N ILE ZD 204 -14.76 10.91 75.63
CA ILE ZD 204 -15.94 11.24 74.83
C ILE ZD 204 -15.89 10.47 73.52
N GLN ZD 205 -17.01 9.84 73.16
CA GLN ZD 205 -17.19 9.22 71.86
C GLN ZD 205 -18.42 9.84 71.21
N TRP ZD 206 -18.34 10.12 69.91
CA TRP ZD 206 -19.44 10.80 69.24
C TRP ZD 206 -19.41 10.51 67.75
N ASP ZD 207 -20.42 9.82 67.24
CA ASP ZD 207 -20.65 9.81 65.81
C ASP ZD 207 -21.10 11.18 65.37
N LYS ZD 208 -20.69 11.59 64.18
CA LYS ZD 208 -20.84 12.97 63.74
C LYS ZD 208 -22.26 13.31 63.29
N THR ZD 209 -23.27 12.51 63.64
CA THR ZD 209 -24.63 12.77 63.19
C THR ZD 209 -25.69 12.70 64.27
N SER ZD 210 -25.40 12.11 65.43
CA SER ZD 210 -26.43 11.87 66.43
C SER ZD 210 -26.51 13.05 67.40
N ASN ZD 211 -27.26 12.87 68.49
CA ASN ZD 211 -27.43 13.90 69.49
C ASN ZD 211 -27.22 13.38 70.91
N THR ZD 212 -26.79 12.13 71.06
CA THR ZD 212 -26.60 11.52 72.37
C THR ZD 212 -25.11 11.28 72.60
N LEU ZD 213 -24.66 11.56 73.82
CA LEU ZD 213 -23.24 11.52 74.13
C LEU ZD 213 -22.97 10.67 75.36
N MET ZD 214 -21.80 10.05 75.37
CA MET ZD 214 -21.30 9.29 76.51
C MET ZD 214 -20.03 9.97 77.01
N ILE ZD 215 -20.02 10.33 78.29
CA ILE ZD 215 -18.88 11.01 78.91
C ILE ZD 215 -18.39 10.16 80.08
N GLN ZD 216 -17.09 9.95 80.15
CA GLN ZD 216 -16.49 9.09 81.17
C GLN ZD 216 -15.51 9.91 82.00
N ALA ZD 217 -15.83 10.09 83.28
CA ALA ZD 217 -14.94 10.83 84.18
C ALA ZD 217 -13.67 10.05 84.43
N THR ZD 218 -12.59 10.77 84.71
CA THR ZD 218 -11.28 10.17 84.94
C THR ZD 218 -10.77 10.42 86.35
N LYS ZD 219 -10.68 11.68 86.76
CA LYS ZD 219 -10.15 12.02 88.07
C LYS ZD 219 -11.18 11.72 89.15
N LEU ZD 220 -10.75 11.82 90.41
CA LEU ZD 220 -11.62 11.45 91.52
C LEU ZD 220 -12.61 12.56 91.86
N TYR ZD 221 -12.16 13.81 91.87
CA TYR ZD 221 -13.01 14.91 92.27
C TYR ZD 221 -12.93 16.13 91.37
N ASN ZD 222 -11.94 16.20 90.47
CA ASN ZD 222 -11.73 17.41 89.69
C ASN ZD 222 -12.89 17.63 88.73
N TYR ZD 223 -13.43 18.85 88.73
CA TYR ZD 223 -14.60 19.19 87.95
C TYR ZD 223 -14.20 19.71 86.57
N GLY ZD 224 -15.19 20.16 85.81
CA GLY ZD 224 -14.91 20.70 84.50
C GLY ZD 224 -16.13 21.37 83.90
N ASN ZD 225 -15.97 21.80 82.64
CA ASN ZD 225 -17.04 22.45 81.91
C ASN ZD 225 -17.04 21.98 80.47
N LEU ZD 226 -18.07 22.37 79.73
CA LEU ZD 226 -18.23 21.92 78.36
C LEU ZD 226 -19.12 22.90 77.61
N ALA ZD 227 -18.84 23.07 76.33
CA ALA ZD 227 -19.65 23.91 75.44
C ALA ZD 227 -20.11 23.08 74.25
N VAL ZD 228 -21.34 23.32 73.80
CA VAL ZD 228 -21.94 22.55 72.72
C VAL ZD 228 -22.70 23.49 71.79
N ARG ZD 229 -22.54 23.29 70.49
CA ARG ZD 229 -23.31 23.98 69.48
C ARG ZD 229 -24.15 22.97 68.71
N LEU ZD 230 -25.40 23.31 68.46
CA LEU ZD 230 -26.34 22.44 67.76
C LEU ZD 230 -26.50 22.88 66.31
N ARG ZD 231 -27.17 22.03 65.54
CA ARG ZD 231 -27.31 22.25 64.10
C ARG ZD 231 -27.97 23.60 63.81
N GLY ZD 232 -29.12 23.85 64.41
CA GLY ZD 232 -29.83 25.09 64.20
C GLY ZD 232 -29.69 26.12 65.29
N LEU ZD 233 -29.00 25.79 66.38
CA LEU ZD 233 -28.88 26.69 67.53
C LEU ZD 233 -27.57 27.47 67.40
N ASN ZD 234 -27.68 28.75 67.05
CA ASN ZD 234 -26.51 29.61 67.02
C ASN ZD 234 -25.90 29.81 68.40
N THR ZD 235 -26.75 30.04 69.39
CA THR ZD 235 -26.25 30.33 70.73
C THR ZD 235 -25.73 29.06 71.39
N PRO ZD 236 -24.49 29.06 71.87
CA PRO ZD 236 -23.93 27.84 72.47
C PRO ZD 236 -24.57 27.52 73.82
N VAL ZD 237 -24.58 26.23 74.14
CA VAL ZD 237 -25.07 25.73 75.43
C VAL ZD 237 -23.87 25.34 76.26
N MET ZD 238 -23.79 25.85 77.48
CA MET ZD 238 -22.63 25.66 78.34
C MET ZD 238 -23.05 24.95 79.61
N LEU ZD 239 -22.39 23.84 79.91
CA LEU ZD 239 -22.71 23.00 81.04
C LEU ZD 239 -21.47 22.84 81.92
N THR ZD 240 -21.69 22.54 83.19
CA THR ZD 240 -20.60 22.20 84.09
C THR ZD 240 -20.78 20.78 84.59
N LEU ZD 241 -19.67 20.13 84.91
CA LEU ZD 241 -19.64 18.70 85.23
C LEU ZD 241 -18.88 18.50 86.53
N ILE ZD 242 -19.52 17.88 87.50
CA ILE ZD 242 -18.95 17.68 88.83
C ILE ZD 242 -18.93 16.18 89.11
N PRO ZD 243 -17.77 15.57 89.33
CA PRO ZD 243 -17.72 14.15 89.65
C PRO ZD 243 -17.75 13.89 91.15
N GLY ZD 244 -17.88 12.60 91.50
CA GLY ZD 244 -17.76 12.16 92.88
C GLY ZD 244 -18.80 12.71 93.83
N GLN ZD 245 -20.07 12.68 93.44
CA GLN ZD 245 -21.15 13.18 94.27
C GLN ZD 245 -21.92 12.01 94.89
N LYS ZD 246 -22.95 12.35 95.67
CA LYS ZD 246 -23.72 11.34 96.39
C LYS ZD 246 -24.64 10.53 95.47
N ALA ZD 247 -24.79 10.93 94.21
CA ALA ZD 247 -25.64 10.19 93.29
C ALA ZD 247 -25.08 10.34 91.89
N VAL ZD 248 -25.03 9.23 91.16
CA VAL ZD 248 -24.54 9.23 89.78
C VAL ZD 248 -25.73 9.37 88.83
N ASP ZD 249 -25.68 10.36 87.97
CA ASP ZD 249 -26.74 10.61 87.00
C ASP ZD 249 -26.54 9.66 85.83
N TYR ZD 250 -27.32 8.58 85.81
CA TYR ZD 250 -27.13 7.55 84.79
C TYR ZD 250 -27.46 8.07 83.40
N ARG ZD 251 -28.56 8.81 83.26
CA ARG ZD 251 -28.94 9.37 81.97
C ARG ZD 251 -29.64 10.71 82.20
N VAL ZD 252 -29.11 11.76 81.58
CA VAL ZD 252 -29.63 13.11 81.74
C VAL ZD 252 -30.19 13.58 80.41
N ASP ZD 253 -31.46 13.96 80.42
CA ASP ZD 253 -32.14 14.50 79.25
C ASP ZD 253 -32.26 16.01 79.41
N LEU ZD 254 -32.08 16.75 78.33
CA LEU ZD 254 -32.13 18.20 78.38
C LEU ZD 254 -33.10 18.74 77.33
N ARG ZD 255 -33.80 19.80 77.71
CA ARG ZD 255 -34.74 20.49 76.83
C ARG ZD 255 -34.06 21.67 76.14
N VAL ZD 256 -34.69 22.16 75.09
CA VAL ZD 256 -34.23 23.34 74.35
C VAL ZD 256 -35.37 24.33 74.24
N GLN ZD 257 -35.06 25.61 74.47
CA GLN ZD 257 -36.08 26.65 74.34
C GLN ZD 257 -36.63 26.71 72.92
N GLY ZD 258 -35.76 26.60 71.93
CA GLY ZD 258 -36.17 26.61 70.54
C GLY ZD 258 -36.60 25.25 70.05
N TYR ZD 259 -36.70 25.12 68.74
CA TYR ZD 259 -37.12 23.89 68.09
C TYR ZD 259 -36.05 23.43 67.11
N GLY ZD 260 -35.80 22.12 67.11
CA GLY ZD 260 -34.82 21.55 66.21
C GLY ZD 260 -35.40 21.30 64.83
N PRO ZD 261 -34.69 20.52 64.01
CA PRO ZD 261 -35.21 20.17 62.68
C PRO ZD 261 -36.47 19.33 62.73
N ASN ZD 262 -36.75 18.67 63.85
CA ASN ZD 262 -37.94 17.86 64.01
C ASN ZD 262 -38.75 18.34 65.21
N ALA ZD 263 -40.05 18.08 65.16
CA ALA ZD 263 -40.95 18.51 66.22
C ALA ZD 263 -42.00 17.44 66.53
N ASP ZD 278 -49.65 11.48 71.79
CA ASP ZD 278 -49.16 12.36 72.86
C ASP ZD 278 -49.21 11.65 74.21
N LEU ZD 279 -49.73 12.36 75.22
CA LEU ZD 279 -49.85 11.78 76.55
C LEU ZD 279 -50.75 10.55 76.59
N LEU ZD 280 -51.66 10.42 75.62
CA LEU ZD 280 -52.58 9.28 75.61
C LEU ZD 280 -51.82 7.97 75.44
N LEU ZD 281 -50.85 7.95 74.53
CA LEU ZD 281 -50.05 6.73 74.35
C LEU ZD 281 -49.24 6.41 75.59
N HIS ZD 282 -48.66 7.43 76.23
CA HIS ZD 282 -47.88 7.19 77.43
C HIS ZD 282 -48.74 6.65 78.56
N VAL ZD 283 -49.93 7.22 78.75
CA VAL ZD 283 -50.80 6.76 79.82
C VAL ZD 283 -51.34 5.37 79.51
N LEU ZD 284 -51.51 5.04 78.23
CA LEU ZD 284 -51.83 3.66 77.86
C LEU ZD 284 -50.68 2.72 78.20
N GLU ZD 285 -49.44 3.17 77.97
CA GLU ZD 285 -48.28 2.37 78.33
C GLU ZD 285 -48.23 2.12 79.83
N GLY ZD 286 -48.49 3.14 80.64
CA GLY ZD 286 -48.55 2.95 82.06
C GLY ZD 286 -47.85 4.01 82.89
N VAL ZD 287 -47.11 4.91 82.25
CA VAL ZD 287 -46.45 5.99 82.97
C VAL ZD 287 -47.48 7.06 83.32
N PRO ZD 288 -47.62 7.44 84.60
CA PRO ZD 288 -48.66 8.39 84.96
C PRO ZD 288 -48.38 9.76 84.36
N PRO ZD 289 -49.42 10.54 84.07
CA PRO ZD 289 -49.22 11.91 83.59
C PRO ZD 289 -48.67 12.79 84.70
N PRO ZD 290 -48.01 13.89 84.35
CA PRO ZD 290 -47.44 14.76 85.39
C PRO ZD 290 -48.52 15.31 86.31
N GLY ZD 291 -48.18 15.40 87.60
CA GLY ZD 291 -49.09 15.92 88.60
C GLY ZD 291 -50.20 15.00 89.03
N SER ZD 292 -50.13 13.72 88.66
CA SER ZD 292 -51.19 12.79 89.01
C SER ZD 292 -51.16 12.47 90.51
N ARG ZD 293 -52.31 12.06 91.03
CA ARG ZD 293 -52.47 11.68 92.43
C ARG ZD 293 -52.58 10.16 92.53
N ARG ZD 294 -51.73 9.57 93.37
CA ARG ZD 294 -51.81 8.14 93.61
C ARG ZD 294 -53.11 7.82 94.34
N LEU ZD 295 -53.85 6.83 93.85
CA LEU ZD 295 -55.12 6.48 94.44
C LEU ZD 295 -55.34 4.98 94.30
N VAL ZD 296 -56.19 4.43 95.17
CA VAL ZD 296 -56.51 3.01 95.20
C VAL ZD 296 -58.01 2.86 95.00
N VAL ZD 297 -58.40 1.92 94.14
CA VAL ZD 297 -59.79 1.65 93.85
C VAL ZD 297 -60.21 0.37 94.55
N SER ZD 298 -61.53 0.21 94.73
CA SER ZD 298 -62.11 -0.97 95.33
C SER ZD 298 -63.17 -1.54 94.40
N GLY ZD 299 -63.20 -2.85 94.28
CA GLY ZD 299 -64.12 -3.52 93.39
C GLY ZD 299 -63.57 -3.88 92.03
N GLY ZD 300 -62.27 -3.77 91.83
CA GLY ZD 300 -61.66 -4.11 90.55
C GLY ZD 300 -60.16 -4.01 90.64
N ASP ZD 301 -59.51 -4.43 89.55
CA ASP ZD 301 -58.05 -4.43 89.43
C ASP ZD 301 -57.68 -3.62 88.20
N ALA ZD 302 -57.48 -2.33 88.38
CA ALA ZD 302 -57.15 -1.43 87.29
C ALA ZD 302 -56.30 -0.28 87.82
N ARG ZD 303 -55.55 0.34 86.92
CA ARG ZD 303 -54.74 1.51 87.25
C ARG ZD 303 -55.55 2.76 87.03
N ALA ZD 304 -55.37 3.75 87.91
CA ALA ZD 304 -56.13 4.99 87.82
C ALA ZD 304 -55.30 6.15 88.36
N TRP ZD 305 -55.55 7.33 87.80
CA TRP ZD 305 -54.86 8.55 88.22
C TRP ZD 305 -55.77 9.74 88.07
N LEU ZD 306 -55.49 10.78 88.86
CA LEU ZD 306 -56.24 12.02 88.86
C LEU ZD 306 -55.29 13.17 89.14
N SER ZD 307 -55.23 14.13 88.21
CA SER ZD 307 -54.38 15.31 88.37
C SER ZD 307 -55.16 16.60 88.33
N ASN ZD 308 -56.05 16.75 87.35
CA ASN ZD 308 -56.82 17.98 87.12
C ASN ZD 308 -58.29 17.66 87.03
N GLU ZD 309 -58.79 16.92 88.03
CA GLU ZD 309 -60.13 16.33 88.07
C GLU ZD 309 -60.49 15.60 86.78
N LYS ZD 310 -59.48 15.21 86.01
CA LYS ZD 310 -59.65 14.37 84.83
C LYS ZD 310 -59.09 12.99 85.16
N MET ZD 311 -59.94 11.98 85.10
CA MET ZD 311 -59.58 10.64 85.52
C MET ZD 311 -59.01 9.86 84.35
N TYR ZD 312 -57.84 9.25 84.58
CA TYR ZD 312 -57.24 8.29 83.66
C TYR ZD 312 -57.44 6.91 84.26
N VAL ZD 313 -58.04 6.01 83.47
CA VAL ZD 313 -58.32 4.64 83.92
C VAL ZD 313 -57.80 3.67 82.88
N ARG ZD 314 -56.80 2.87 83.26
CA ARG ZD 314 -56.25 1.83 82.40
C ARG ZD 314 -56.63 0.47 82.95
N THR ZD 315 -57.13 -0.40 82.08
CA THR ZD 315 -57.60 -1.70 82.52
C THR ZD 315 -57.60 -2.65 81.32
N ASN ZD 316 -58.27 -3.79 81.47
CA ASN ZD 316 -58.52 -4.72 80.39
C ASN ZD 316 -60.00 -4.95 80.16
N LEU ZD 317 -60.87 -4.27 80.91
CA LEU ZD 317 -62.32 -4.39 80.75
C LEU ZD 317 -62.82 -3.30 79.80
N THR ZD 318 -64.13 -3.08 79.81
CA THR ZD 318 -64.75 -2.05 78.99
C THR ZD 318 -65.63 -1.13 79.86
N ILE ZD 319 -65.70 0.13 79.46
CA ILE ZD 319 -66.50 1.14 80.15
C ILE ZD 319 -67.84 1.27 79.43
N LEU ZD 320 -68.93 1.21 80.18
CA LEU ZD 320 -70.26 1.24 79.60
C LEU ZD 320 -71.04 2.50 79.95
N SER ZD 321 -71.35 2.73 81.22
CA SER ZD 321 -72.25 3.80 81.59
C SER ZD 321 -71.63 5.20 81.54
N PRO ZD 322 -70.55 5.48 82.28
CA PRO ZD 322 -70.18 6.88 82.50
C PRO ZD 322 -69.54 7.55 81.30
N GLY ZD 323 -69.14 6.80 80.29
CA GLY ZD 323 -68.51 7.39 79.12
C GLY ZD 323 -67.07 7.78 79.37
N TRP ZD 324 -66.49 8.39 78.34
CA TRP ZD 324 -65.09 8.76 78.37
C TRP ZD 324 -64.85 9.90 77.41
N LEU ZD 325 -63.86 10.74 77.73
CA LEU ZD 325 -63.47 11.81 76.81
C LEU ZD 325 -62.63 11.28 75.65
N ALA ZD 326 -61.78 10.28 75.90
CA ALA ZD 326 -61.00 9.68 74.82
C ALA ZD 326 -60.65 8.25 75.20
N SER ZD 327 -60.39 7.43 74.18
CA SER ZD 327 -60.12 6.02 74.37
C SER ZD 327 -58.87 5.60 73.61
N MET ZD 328 -58.11 4.71 74.22
CA MET ZD 328 -56.92 4.09 73.64
C MET ZD 328 -57.03 2.59 73.82
N THR ZD 329 -56.57 1.84 72.83
CA THR ZD 329 -56.54 0.39 72.93
C THR ZD 329 -55.25 -0.12 72.32
N SER ZD 330 -54.75 -1.24 72.86
CA SER ZD 330 -53.50 -1.83 72.42
C SER ZD 330 -53.77 -3.18 71.76
N ALA ZD 331 -52.72 -3.71 71.12
CA ALA ZD 331 -52.85 -4.98 70.41
C ALA ZD 331 -53.01 -6.16 71.35
N ASP ZD 332 -52.73 -5.99 72.64
CA ASP ZD 332 -52.85 -7.07 73.61
C ASP ZD 332 -54.21 -7.09 74.29
N GLY ZD 333 -55.14 -6.23 73.88
CA GLY ZD 333 -56.45 -6.16 74.49
C GLY ZD 333 -56.55 -5.21 75.65
N THR ZD 334 -55.46 -4.57 76.06
CA THR ZD 334 -55.49 -3.63 77.17
C THR ZD 334 -55.94 -2.26 76.69
N HIS ZD 335 -56.80 -1.61 77.48
CA HIS ZD 335 -57.41 -0.36 77.10
C HIS ZD 335 -57.13 0.70 78.15
N ALA ZD 336 -57.20 1.96 77.72
CA ALA ZD 336 -57.10 3.11 78.59
C ALA ZD 336 -58.17 4.12 78.20
N TYR ZD 337 -58.67 4.85 79.19
CA TYR ZD 337 -59.73 5.81 78.99
C TYR ZD 337 -59.41 7.07 79.76
N GLU ZD 338 -59.70 8.22 79.15
CA GLU ZD 338 -59.64 9.51 79.83
C GLU ZD 338 -61.04 10.08 79.88
N MET ZD 339 -61.53 10.34 81.09
CA MET ZD 339 -62.87 10.88 81.28
C MET ZD 339 -62.84 11.88 82.42
N GLN ZD 340 -64.01 12.36 82.82
CA GLN ZD 340 -64.12 13.30 83.93
C GLN ZD 340 -64.33 12.53 85.23
N LYS ZD 341 -64.71 13.23 86.29
CA LYS ZD 341 -64.90 12.61 87.59
C LYS ZD 341 -66.28 11.96 87.67
N SER ZD 342 -66.30 10.70 88.10
CA SER ZD 342 -67.54 9.97 88.34
C SER ZD 342 -67.35 9.17 89.63
N PRO ZD 343 -68.26 9.30 90.60
CA PRO ZD 343 -68.07 8.60 91.88
C PRO ZD 343 -68.02 7.08 91.74
N VAL ZD 344 -68.79 6.50 90.83
CA VAL ZD 344 -68.85 5.06 90.67
C VAL ZD 344 -68.59 4.71 89.21
N LEU ZD 345 -68.18 3.47 88.99
CA LEU ZD 345 -67.93 2.97 87.63
C LEU ZD 345 -68.68 1.66 87.45
N LEU ZD 346 -69.20 1.46 86.23
CA LEU ZD 346 -69.95 0.26 85.90
C LEU ZD 346 -69.33 -0.35 84.64
N VAL ZD 347 -68.66 -1.49 84.81
CA VAL ZD 347 -67.96 -2.13 83.70
C VAL ZD 347 -68.56 -3.50 83.44
N SER ZD 348 -68.09 -4.18 82.41
CA SER ZD 348 -68.57 -5.51 82.08
C SER ZD 348 -67.42 -6.37 81.59
N TRP ZD 349 -67.45 -7.65 81.94
CA TRP ZD 349 -66.49 -8.64 81.47
C TRP ZD 349 -67.24 -9.86 80.99
N HIS ZD 350 -66.95 -10.28 79.74
CA HIS ZD 350 -67.53 -11.48 79.13
C HIS ZD 350 -69.04 -11.59 79.37
N GLY ZD 351 -69.73 -10.46 79.41
CA GLY ZD 351 -71.16 -10.42 79.49
C GLY ZD 351 -71.73 -10.13 80.88
N LYS ZD 352 -70.95 -10.33 81.93
CA LYS ZD 352 -71.42 -10.03 83.28
C LYS ZD 352 -71.05 -8.59 83.65
N VAL ZD 353 -71.97 -7.92 84.32
CA VAL ZD 353 -71.83 -6.51 84.66
C VAL ZD 353 -71.38 -6.38 86.11
N MET ZD 354 -70.27 -5.68 86.33
CA MET ZD 354 -69.77 -5.42 87.66
C MET ZD 354 -69.74 -3.91 87.90
N GLN ZD 355 -69.72 -3.54 89.19
CA GLN ZD 355 -69.66 -2.15 89.60
C GLN ZD 355 -68.53 -1.97 90.59
N LEU ZD 356 -67.85 -0.83 90.51
CA LEU ZD 356 -66.74 -0.52 91.40
C LEU ZD 356 -66.87 0.91 91.91
N LYS ZD 357 -66.29 1.14 93.09
CA LYS ZD 357 -66.27 2.43 93.75
C LYS ZD 357 -64.82 2.86 93.96
N VAL ZD 358 -64.53 4.12 93.72
CA VAL ZD 358 -63.18 4.67 93.85
C VAL ZD 358 -63.10 5.48 95.13
N GLU ZD 359 -62.10 5.19 95.95
CA GLU ZD 359 -61.86 5.91 97.19
C GLU ZD 359 -60.55 6.69 97.07
N GLY ZD 360 -60.56 7.91 97.61
CA GLY ZD 360 -59.41 8.78 97.52
C GLY ZD 360 -59.20 9.33 96.12
N LYS AE 60 -73.72 -46.60 2.79
CA LYS AE 60 -73.34 -47.98 3.10
C LYS AE 60 -73.62 -48.31 4.56
N GLU AE 61 -72.71 -47.88 5.44
CA GLU AE 61 -72.84 -48.15 6.86
C GLU AE 61 -73.63 -47.07 7.60
N THR AE 62 -74.04 -46.00 6.92
CA THR AE 62 -74.88 -45.00 7.56
C THR AE 62 -76.20 -45.61 8.00
N ALA AE 63 -76.78 -46.48 7.16
CA ALA AE 63 -77.98 -47.20 7.55
C ALA AE 63 -77.72 -48.08 8.76
N LEU AE 64 -76.56 -48.74 8.79
CA LEU AE 64 -76.19 -49.54 9.96
C LEU AE 64 -76.19 -48.69 11.22
N SER AE 65 -75.55 -47.52 11.15
CA SER AE 65 -75.44 -46.66 12.33
C SER AE 65 -76.81 -46.19 12.79
N VAL AE 66 -77.62 -45.70 11.87
CA VAL AE 66 -78.93 -45.17 12.26
C VAL AE 66 -79.83 -46.29 12.77
N GLY AE 67 -79.72 -47.49 12.19
CA GLY AE 67 -80.50 -48.61 12.70
C GLY AE 67 -80.08 -49.02 14.09
N ALA AE 68 -78.79 -49.02 14.36
CA ALA AE 68 -78.31 -49.32 15.71
C ALA AE 68 -78.84 -48.29 16.70
N GLN AE 69 -78.78 -47.01 16.33
CA GLN AE 69 -79.31 -45.96 17.21
C GLN AE 69 -80.80 -46.16 17.46
N ALA AE 70 -81.56 -46.44 16.40
CA ALA AE 70 -83.00 -46.62 16.54
C ALA AE 70 -83.33 -47.80 17.43
N GLY AE 71 -82.63 -48.92 17.23
CA GLY AE 71 -82.85 -50.09 18.07
C GLY AE 71 -82.55 -49.80 19.52
N LEU AE 72 -81.41 -49.14 19.77
CA LEU AE 72 -81.06 -48.81 21.14
C LEU AE 72 -82.14 -47.96 21.79
N ALA AE 73 -82.57 -46.90 21.10
CA ALA AE 73 -83.56 -46.00 21.67
C ALA AE 73 -84.88 -46.70 21.93
N TRP AE 74 -85.35 -47.49 20.96
CA TRP AE 74 -86.65 -48.12 21.09
C TRP AE 74 -86.65 -49.17 22.20
N ARG AE 75 -85.60 -50.00 22.25
CA ARG AE 75 -85.51 -50.99 23.31
C ARG AE 75 -85.40 -50.32 24.67
N ALA AE 76 -84.66 -49.20 24.74
CA ALA AE 76 -84.56 -48.46 25.99
C ALA AE 76 -85.91 -47.96 26.45
N LYS AE 77 -86.69 -47.41 25.52
CA LYS AE 77 -88.01 -46.93 25.89
C LYS AE 77 -88.89 -48.07 26.39
N ILE AE 78 -88.84 -49.21 25.69
CA ILE AE 78 -89.68 -50.34 26.09
C ILE AE 78 -89.31 -50.82 27.47
N ILE AE 79 -88.01 -50.99 27.74
CA ILE AE 79 -87.60 -51.54 29.02
C ILE AE 79 -87.88 -50.55 30.14
N ASP AE 80 -87.71 -49.25 29.88
CA ASP AE 80 -88.06 -48.25 30.87
C ASP AE 80 -89.56 -48.29 31.18
N GLU AE 81 -90.38 -48.45 30.14
CA GLU AE 81 -91.81 -48.56 30.37
C GLU AE 81 -92.14 -49.78 31.21
N GLN AE 82 -91.48 -50.91 30.94
CA GLN AE 82 -91.72 -52.12 31.73
C GLN AE 82 -91.33 -51.89 33.19
N LEU AE 83 -90.18 -51.28 33.42
CA LEU AE 83 -89.72 -51.04 34.78
C LEU AE 83 -90.69 -50.12 35.52
N ASN AE 84 -91.12 -49.05 34.87
CA ASN AE 84 -92.06 -48.15 35.52
C ASN AE 84 -93.40 -48.82 35.75
N LYS AE 85 -93.81 -49.72 34.86
CA LYS AE 85 -95.04 -50.47 35.06
C LYS AE 85 -94.96 -51.34 36.30
N GLN AE 86 -93.83 -52.03 36.48
CA GLN AE 86 -93.66 -52.91 37.64
C GLN AE 86 -92.79 -52.18 38.64
N ALA AE 87 -93.42 -51.44 39.56
CA ALA AE 87 -92.70 -50.67 40.56
C ALA AE 87 -92.70 -51.34 41.94
N ARG AE 88 -93.88 -51.58 42.49
CA ARG AE 88 -93.97 -51.89 43.92
C ARG AE 88 -93.31 -53.21 44.26
N ASN AE 89 -93.53 -54.24 43.43
CA ASN AE 89 -92.90 -55.53 43.70
C ASN AE 89 -91.38 -55.42 43.63
N LEU AE 90 -90.89 -54.59 42.71
CA LEU AE 90 -89.45 -54.33 42.66
C LEU AE 90 -88.94 -53.74 43.97
N ASP AE 91 -89.71 -52.83 44.54
CA ASP AE 91 -89.31 -52.23 45.82
C ASP AE 91 -89.35 -53.27 46.94
N ALA AE 92 -90.39 -54.10 46.95
CA ALA AE 92 -90.45 -55.18 47.94
C ALA AE 92 -89.25 -56.11 47.78
N ILE AE 93 -88.77 -56.30 46.56
CA ILE AE 93 -87.59 -57.13 46.36
C ILE AE 93 -86.35 -56.44 46.92
N TYR AE 94 -86.02 -55.28 46.37
CA TYR AE 94 -84.79 -54.58 46.75
C TYR AE 94 -85.04 -53.50 47.81
N ASP AE 95 -85.80 -53.86 48.85
CA ASP AE 95 -85.78 -53.08 50.07
C ASP AE 95 -84.35 -52.90 50.56
N PHE AE 96 -84.09 -51.74 51.15
CA PHE AE 96 -82.77 -51.46 51.73
C PHE AE 96 -82.84 -50.94 53.15
N ASN AE 97 -83.87 -50.15 53.48
CA ASN AE 97 -83.95 -49.58 54.82
C ASN AE 97 -84.05 -50.67 55.89
N SER AE 98 -84.70 -51.78 55.56
CA SER AE 98 -84.74 -52.90 56.51
C SER AE 98 -83.34 -53.41 56.79
N LEU AE 99 -82.52 -53.57 55.75
CA LEU AE 99 -81.15 -54.04 55.95
C LEU AE 99 -80.30 -53.00 56.65
N VAL AE 100 -80.66 -51.72 56.53
CA VAL AE 100 -79.89 -50.67 57.16
C VAL AE 100 -79.79 -50.93 58.66
N LEU AE 101 -78.61 -50.68 59.22
CA LEU AE 101 -78.33 -50.99 60.62
C LEU AE 101 -78.93 -49.90 61.51
N GLU AE 102 -78.54 -49.91 62.78
CA GLU AE 102 -79.19 -49.09 63.79
C GLU AE 102 -78.66 -47.66 63.87
N HIS AE 103 -77.61 -47.31 63.15
CA HIS AE 103 -77.03 -45.98 63.19
C HIS AE 103 -76.92 -45.36 61.81
N ASN AE 104 -77.91 -45.61 60.96
CA ASN AE 104 -77.94 -45.09 59.59
C ASN AE 104 -76.65 -45.43 58.86
N ILE AE 105 -76.15 -46.63 59.10
CA ILE AE 105 -74.86 -47.08 58.59
C ILE AE 105 -75.10 -48.22 57.63
N LEU AE 106 -74.61 -48.08 56.42
CA LEU AE 106 -74.73 -49.13 55.43
C LEU AE 106 -73.79 -50.27 55.78
N PRO AE 107 -74.28 -51.51 55.91
CA PRO AE 107 -73.40 -52.63 56.19
C PRO AE 107 -72.46 -52.87 55.02
N PRO AE 108 -71.30 -53.49 55.27
CA PRO AE 108 -70.31 -53.65 54.20
C PRO AE 108 -70.71 -54.69 53.17
N VAL AE 109 -69.81 -54.99 52.23
CA VAL AE 109 -70.06 -55.93 51.15
C VAL AE 109 -69.11 -57.10 51.29
N LEU AE 110 -69.65 -58.31 51.32
CA LEU AE 110 -68.88 -59.52 51.52
C LEU AE 110 -69.05 -60.47 50.34
N LEU AE 111 -67.95 -61.12 49.95
CA LEU AE 111 -67.97 -62.12 48.89
C LEU AE 111 -67.25 -63.36 49.38
N GLU AE 112 -67.62 -64.51 48.82
CA GLU AE 112 -67.08 -65.77 49.28
C GLU AE 112 -67.04 -66.77 48.14
N GLY AE 113 -65.95 -67.52 48.09
CA GLY AE 113 -65.79 -68.55 47.07
C GLY AE 113 -65.45 -69.89 47.70
N ARG AE 114 -65.89 -70.96 47.05
CA ARG AE 114 -65.73 -72.31 47.56
C ARG AE 114 -64.93 -73.17 46.59
N ASN AE 115 -64.10 -74.05 47.16
CA ASN AE 115 -63.34 -75.04 46.39
C ASN AE 115 -62.46 -74.35 45.34
N THR AE 116 -61.51 -73.57 45.84
CA THR AE 116 -60.64 -72.77 44.99
C THR AE 116 -59.30 -73.47 44.77
N LEU AE 117 -58.88 -73.53 43.51
CA LEU AE 117 -57.62 -74.14 43.13
C LEU AE 117 -56.82 -73.15 42.30
N ASN AE 118 -55.54 -72.97 42.64
CA ASN AE 118 -54.63 -72.18 41.83
C ASN AE 118 -53.39 -73.01 41.52
N LEU AE 119 -52.87 -72.82 40.31
CA LEU AE 119 -51.70 -73.55 39.85
C LEU AE 119 -50.66 -72.53 39.40
N ALA AE 120 -49.54 -72.47 40.11
CA ALA AE 120 -48.51 -71.51 39.73
C ALA AE 120 -47.77 -71.99 38.49
N ASP AE 121 -47.20 -73.18 38.56
CA ASP AE 121 -46.54 -73.83 37.43
C ASP AE 121 -46.51 -75.32 37.75
N ALA AE 122 -45.68 -76.07 37.01
CA ALA AE 122 -45.44 -77.45 37.38
C ALA AE 122 -44.92 -77.52 38.80
N GLN AE 123 -45.40 -78.52 39.53
CA GLN AE 123 -44.98 -78.79 40.92
C GLN AE 123 -45.31 -77.61 41.84
N SER AE 124 -46.42 -76.94 41.58
CA SER AE 124 -46.82 -75.81 42.43
C SER AE 124 -48.33 -75.63 42.33
N ILE AE 125 -49.06 -76.13 43.32
CA ILE AE 125 -50.51 -76.01 43.37
C ILE AE 125 -50.94 -75.68 44.79
N ARG AE 126 -51.89 -74.75 44.90
CA ARG AE 126 -52.44 -74.31 46.17
C ARG AE 126 -53.95 -74.45 46.12
N ILE AE 127 -54.52 -75.18 47.08
CA ILE AE 127 -55.95 -75.45 47.11
C ILE AE 127 -56.49 -75.02 48.46
N SER AE 128 -57.62 -74.32 48.43
CA SER AE 128 -58.35 -73.97 49.64
C SER AE 128 -59.82 -74.32 49.45
N ASP AE 129 -60.52 -74.52 50.57
CA ASP AE 129 -61.92 -74.88 50.50
C ASP AE 129 -62.83 -73.65 50.40
N ARG AE 130 -62.70 -72.72 51.33
CA ARG AE 130 -63.50 -71.51 51.31
C ARG AE 130 -62.60 -70.29 51.50
N THR AE 131 -62.98 -69.20 50.84
CA THR AE 131 -62.29 -67.93 50.99
C THR AE 131 -63.33 -66.83 51.10
N TYR AE 132 -63.05 -65.87 51.97
CA TYR AE 132 -63.94 -64.73 52.18
C TYR AE 132 -63.16 -63.44 51.98
N LYS AE 133 -63.80 -62.50 51.29
CA LYS AE 133 -63.22 -61.23 50.88
C LYS AE 133 -64.19 -60.10 51.18
N VAL AE 134 -63.64 -58.94 51.51
CA VAL AE 134 -64.44 -57.75 51.77
C VAL AE 134 -64.32 -56.83 50.56
N ALA AE 135 -65.42 -56.62 49.85
CA ALA AE 135 -65.37 -55.81 48.64
C ALA AE 135 -65.45 -54.33 48.96
N LYS AE 136 -66.57 -53.90 49.57
CA LYS AE 136 -66.79 -52.50 49.89
C LYS AE 136 -66.98 -52.35 51.39
N GLN AE 137 -66.13 -51.53 52.00
CA GLN AE 137 -66.20 -51.30 53.44
C GLN AE 137 -67.46 -50.54 53.81
N ALA AE 138 -68.00 -50.87 54.98
CA ALA AE 138 -69.16 -50.17 55.50
C ALA AE 138 -68.84 -48.72 55.80
N HIS AE 139 -69.87 -47.89 55.83
CA HIS AE 139 -69.71 -46.45 56.06
C HIS AE 139 -71.04 -45.87 56.50
N PHE AE 140 -71.05 -44.56 56.74
CA PHE AE 140 -72.26 -43.85 57.06
C PHE AE 140 -73.11 -43.67 55.82
N ILE AE 141 -74.33 -43.17 56.02
CA ILE AE 141 -75.23 -42.83 54.92
C ILE AE 141 -76.33 -41.94 55.47
N THR AE 142 -76.96 -41.17 54.58
CA THR AE 142 -78.11 -40.36 54.96
C THR AE 142 -79.42 -40.92 54.46
N THR AE 143 -79.42 -41.63 53.34
CA THR AE 143 -80.61 -42.24 52.81
C THR AE 143 -80.27 -43.64 52.31
N PRO AE 144 -81.22 -44.56 52.33
CA PRO AE 144 -80.98 -45.87 51.73
C PRO AE 144 -80.90 -45.77 50.22
N PRO AE 145 -80.19 -46.67 49.56
CA PRO AE 145 -80.17 -46.68 48.10
C PRO AE 145 -81.48 -47.18 47.52
N THR AE 146 -81.55 -47.31 46.21
CA THR AE 146 -82.76 -47.80 45.55
C THR AE 146 -82.35 -48.53 44.29
N TRP AE 147 -83.32 -48.75 43.39
CA TRP AE 147 -83.10 -49.49 42.16
C TRP AE 147 -82.84 -48.60 40.96
N ARG AE 148 -83.06 -47.28 41.09
CA ARG AE 148 -82.94 -46.40 39.93
C ARG AE 148 -81.53 -46.39 39.37
N GLN AE 149 -80.53 -46.32 40.24
CA GLN AE 149 -79.13 -46.25 39.83
C GLN AE 149 -78.59 -47.59 39.39
N TYR AE 150 -79.34 -48.66 39.58
CA TYR AE 150 -78.89 -49.98 39.20
C TYR AE 150 -79.66 -50.60 38.05
N LEU AE 151 -80.85 -50.13 37.76
CA LEU AE 151 -81.65 -50.74 36.70
C LEU AE 151 -82.07 -49.74 35.63
N TRP AE 152 -82.46 -48.53 36.03
CA TRP AE 152 -82.89 -47.56 35.04
C TRP AE 152 -81.74 -47.16 34.15
N MET AE 153 -82.05 -46.87 32.89
CA MET AE 153 -81.05 -46.44 31.93
C MET AE 153 -81.64 -45.33 31.08
N ASP AE 154 -80.75 -44.54 30.49
CA ASP AE 154 -81.12 -43.29 29.85
C ASP AE 154 -81.91 -43.54 28.57
N TYR AE 155 -82.33 -42.45 27.92
CA TYR AE 155 -83.01 -42.52 26.64
C TYR AE 155 -82.96 -41.17 25.97
N VAL AE 156 -82.78 -41.19 24.64
CA VAL AE 156 -82.86 -40.01 23.79
C VAL AE 156 -83.28 -40.45 22.41
N LYS AE 157 -84.25 -39.77 21.84
CA LYS AE 157 -84.67 -40.06 20.47
C LYS AE 157 -83.64 -39.52 19.50
N PRO AE 158 -83.00 -40.35 18.69
CA PRO AE 158 -82.04 -39.85 17.69
C PRO AE 158 -82.78 -39.16 16.56
N GLU AE 159 -82.57 -37.86 16.44
CA GLU AE 159 -83.25 -37.04 15.44
C GLU AE 159 -82.26 -36.32 14.53
N ALA AE 160 -81.25 -37.03 14.07
CA ALA AE 160 -80.25 -36.47 13.15
C ALA AE 160 -80.03 -37.40 11.96
N PRO AE 161 -81.04 -37.60 11.12
CA PRO AE 161 -80.79 -38.27 9.84
C PRO AE 161 -80.38 -37.26 8.78
N ASN AE 162 -79.15 -37.37 8.27
CA ASN AE 162 -78.67 -36.40 7.30
C ASN AE 162 -79.30 -36.70 5.94
N VAL AE 163 -79.84 -35.67 5.30
CA VAL AE 163 -80.51 -35.88 4.02
C VAL AE 163 -79.45 -35.78 2.94
N THR AE 164 -78.67 -36.82 2.78
CA THR AE 164 -77.71 -36.93 1.68
C THR AE 164 -77.74 -38.28 1.00
N LEU AE 165 -77.87 -39.37 1.76
CA LEU AE 165 -77.84 -40.72 1.20
C LEU AE 165 -79.27 -41.25 1.17
N LEU AE 166 -80.03 -40.77 0.19
CA LEU AE 166 -81.40 -41.24 -0.01
C LEU AE 166 -81.40 -42.32 -1.07
N PRO AE 167 -81.94 -43.49 -0.80
CA PRO AE 167 -81.92 -44.56 -1.81
C PRO AE 167 -82.79 -44.24 -3.00
N LYS AE 168 -82.15 -43.94 -4.14
CA LYS AE 168 -82.87 -43.55 -5.34
C LYS AE 168 -83.19 -44.74 -6.25
N THR AE 169 -82.37 -45.78 -6.22
CA THR AE 169 -82.59 -46.96 -7.04
C THR AE 169 -83.04 -48.13 -6.17
N LYS AE 170 -83.48 -49.19 -6.85
CA LYS AE 170 -84.04 -50.35 -6.16
C LYS AE 170 -83.01 -51.03 -5.28
N ALA AE 171 -81.77 -51.18 -5.79
CA ALA AE 171 -80.71 -51.78 -4.99
C ALA AE 171 -80.38 -50.92 -3.79
N GLU AE 172 -80.37 -49.60 -3.97
CA GLU AE 172 -80.14 -48.70 -2.85
C GLU AE 172 -81.20 -48.89 -1.78
N LYS AE 173 -82.47 -48.97 -2.21
CA LYS AE 173 -83.55 -49.18 -1.24
C LYS AE 173 -83.41 -50.53 -0.54
N GLU AE 174 -83.03 -51.57 -1.29
CA GLU AE 174 -82.88 -52.89 -0.71
C GLU AE 174 -81.80 -52.90 0.37
N ILE AE 175 -80.62 -52.36 0.04
CA ILE AE 175 -79.53 -52.36 1.01
C ILE AE 175 -79.87 -51.46 2.18
N TRP AE 176 -80.53 -50.33 1.93
CA TRP AE 176 -80.96 -49.44 3.00
C TRP AE 176 -81.86 -50.18 3.98
N CYS AE 177 -82.86 -50.90 3.46
CA CYS AE 177 -83.79 -51.61 4.33
C CYS AE 177 -83.08 -52.70 5.11
N ILE AE 178 -82.28 -53.52 4.44
CA ILE AE 178 -81.66 -54.65 5.13
C ILE AE 178 -80.68 -54.15 6.19
N TYR AE 179 -79.92 -53.10 5.88
CA TYR AE 179 -78.97 -52.56 6.84
C TYR AE 179 -79.68 -51.93 8.02
N THR AE 180 -80.80 -51.24 7.77
CA THR AE 180 -81.56 -50.69 8.88
C THR AE 180 -82.09 -51.79 9.78
N GLU AE 181 -82.60 -52.87 9.20
CA GLU AE 181 -83.11 -53.97 10.01
C GLU AE 181 -82.02 -54.59 10.87
N ARG AE 182 -80.86 -54.86 10.28
CA ARG AE 182 -79.80 -55.51 11.05
C ARG AE 182 -79.27 -54.56 12.13
N GLY AE 183 -79.22 -53.26 11.84
CA GLY AE 183 -78.86 -52.31 12.88
C GLY AE 183 -79.85 -52.30 14.02
N TRP AE 184 -81.15 -52.35 13.69
CA TRP AE 184 -82.19 -52.48 14.71
C TRP AE 184 -81.91 -53.68 15.62
N LYS AE 185 -81.66 -54.83 15.00
CA LYS AE 185 -81.44 -56.05 15.78
C LYS AE 185 -80.22 -55.93 16.67
N ASN AE 186 -79.11 -55.40 16.12
CA ASN AE 186 -77.89 -55.27 16.89
C ASN AE 186 -78.08 -54.34 18.07
N GLY AE 187 -78.76 -53.20 17.86
CA GLY AE 187 -79.02 -52.29 18.95
C GLY AE 187 -79.86 -52.93 20.04
N ILE AE 188 -80.87 -53.69 19.64
CA ILE AE 188 -81.71 -54.37 20.63
C ILE AE 188 -80.86 -55.32 21.47
N ASP AE 189 -80.01 -56.10 20.81
CA ASP AE 189 -79.17 -57.04 21.55
C ASP AE 189 -78.23 -56.31 22.51
N GLN AE 190 -77.65 -55.21 22.06
CA GLN AE 190 -76.75 -54.45 22.93
C GLN AE 190 -77.48 -53.93 24.16
N ALA AE 191 -78.71 -53.43 23.97
CA ALA AE 191 -79.50 -52.99 25.10
C ALA AE 191 -79.75 -54.13 26.07
N ASN AE 192 -80.06 -55.32 25.54
CA ASN AE 192 -80.27 -56.46 26.41
C ASN AE 192 -79.02 -56.77 27.22
N THR AE 193 -77.85 -56.67 26.59
CA THR AE 193 -76.60 -56.91 27.30
C THR AE 193 -76.42 -55.89 28.43
N ILE AE 194 -76.72 -54.62 28.16
CA ILE AE 194 -76.59 -53.61 29.20
C ILE AE 194 -77.50 -53.93 30.37
N LEU AE 195 -78.74 -54.34 30.07
CA LEU AE 195 -79.68 -54.66 31.13
C LEU AE 195 -79.19 -55.83 31.96
N GLU AE 196 -78.67 -56.86 31.31
CA GLU AE 196 -78.23 -58.04 32.07
C GLU AE 196 -77.03 -57.71 32.94
N GLU AE 197 -76.09 -56.90 32.44
CA GLU AE 197 -74.97 -56.56 33.31
C GLU AE 197 -75.42 -55.71 34.48
N ASN AE 198 -76.37 -54.80 34.26
CA ASN AE 198 -76.87 -53.99 35.37
C ASN AE 198 -77.54 -54.85 36.43
N ILE AE 199 -78.37 -55.81 36.00
CA ILE AE 199 -79.07 -56.64 36.98
C ILE AE 199 -78.08 -57.52 37.71
N ALA AE 200 -77.03 -57.98 37.02
CA ALA AE 200 -75.97 -58.71 37.71
C ALA AE 200 -75.33 -57.86 38.78
N ARG AE 201 -75.08 -56.60 38.48
CA ARG AE 201 -74.45 -55.71 39.46
C ARG AE 201 -75.31 -55.56 40.70
N ILE AE 202 -76.59 -55.26 40.51
CA ILE AE 202 -77.45 -55.02 41.68
C ILE AE 202 -77.63 -56.31 42.47
N LYS AE 203 -77.73 -57.45 41.79
CA LYS AE 203 -77.84 -58.72 42.50
C LYS AE 203 -76.59 -58.98 43.32
N GLU AE 204 -75.42 -58.66 42.78
CA GLU AE 204 -74.19 -58.83 43.55
C GLU AE 204 -74.21 -57.96 44.79
N ASP AE 205 -74.69 -56.72 44.67
CA ASP AE 205 -74.73 -55.84 45.83
C ASP AE 205 -75.62 -56.41 46.92
N PHE AE 206 -76.84 -56.80 46.54
CA PHE AE 206 -77.79 -57.32 47.53
C PHE AE 206 -77.26 -58.61 48.15
N GLY AE 207 -76.66 -59.48 47.33
CA GLY AE 207 -76.09 -60.70 47.85
C GLY AE 207 -74.99 -60.44 48.86
N GLY AE 208 -74.13 -59.47 48.57
CA GLY AE 208 -73.11 -59.10 49.53
C GLY AE 208 -73.69 -58.65 50.85
N MET AE 209 -74.73 -57.81 50.79
CA MET AE 209 -75.36 -57.34 52.01
C MET AE 209 -75.93 -58.50 52.82
N ILE AE 210 -76.74 -59.35 52.18
CA ILE AE 210 -77.40 -60.41 52.92
C ILE AE 210 -76.37 -61.40 53.46
N LEU AE 211 -75.30 -61.63 52.70
CA LEU AE 211 -74.26 -62.54 53.17
C LEU AE 211 -73.54 -61.97 54.38
N TYR AE 212 -73.32 -60.65 54.40
CA TYR AE 212 -72.76 -60.05 55.60
C TYR AE 212 -73.66 -60.26 56.79
N ARG AE 213 -74.97 -60.07 56.59
CA ARG AE 213 -75.91 -60.33 57.68
C ARG AE 213 -75.79 -61.76 58.18
N LYS AE 214 -75.75 -62.72 57.24
CA LYS AE 214 -75.65 -64.12 57.63
C LYS AE 214 -74.36 -64.41 58.38
N LEU AE 215 -73.25 -63.83 57.93
CA LEU AE 215 -71.98 -64.06 58.63
C LEU AE 215 -72.00 -63.47 60.02
N LEU AE 216 -72.58 -62.27 60.17
CA LEU AE 216 -72.70 -61.68 61.50
C LEU AE 216 -73.52 -62.58 62.41
N ALA AE 217 -74.58 -63.18 61.86
CA ALA AE 217 -75.31 -64.18 62.63
C ALA AE 217 -74.40 -65.34 62.99
N MET AE 218 -73.58 -65.79 62.04
CA MET AE 218 -72.66 -66.90 62.26
C MET AE 218 -71.58 -66.57 63.28
N ASN AE 219 -71.42 -65.29 63.63
CA ASN AE 219 -70.37 -64.84 64.56
C ASN AE 219 -68.98 -65.14 63.99
N MET AE 220 -68.72 -64.52 62.85
CA MET AE 220 -67.41 -64.57 62.22
C MET AE 220 -66.83 -63.19 61.99
N VAL AE 221 -67.57 -62.13 62.28
CA VAL AE 221 -67.12 -60.76 62.07
C VAL AE 221 -67.57 -59.91 63.25
N SER AE 222 -66.67 -59.04 63.71
CA SER AE 222 -67.03 -58.12 64.76
C SER AE 222 -67.98 -57.05 64.21
N PRO AE 223 -68.92 -56.57 65.03
CA PRO AE 223 -69.82 -55.52 64.57
C PRO AE 223 -69.06 -54.20 64.45
N PRO AE 224 -69.60 -53.25 63.69
CA PRO AE 224 -69.01 -51.90 63.70
C PRO AE 224 -69.24 -51.23 65.04
N TYR AE 225 -68.35 -50.30 65.37
CA TYR AE 225 -68.41 -49.63 66.67
C TYR AE 225 -68.47 -48.12 66.50
N VAL AE 226 -69.39 -47.50 67.24
CA VAL AE 226 -69.70 -46.09 67.13
C VAL AE 226 -69.58 -45.46 68.51
N SER AE 227 -68.90 -44.32 68.58
CA SER AE 227 -68.78 -43.54 69.80
C SER AE 227 -69.56 -42.24 69.65
N HIS AE 228 -70.46 -41.98 70.60
CA HIS AE 228 -71.21 -40.74 70.65
C HIS AE 228 -70.63 -39.85 71.74
N THR AE 229 -70.37 -38.60 71.39
CA THR AE 229 -69.91 -37.60 72.34
C THR AE 229 -70.90 -36.44 72.35
N ASP AE 230 -71.42 -36.12 73.53
CA ASP AE 230 -72.42 -35.07 73.69
C ASP AE 230 -71.83 -33.96 74.55
N LEU AE 231 -71.90 -32.74 74.03
CA LEU AE 231 -71.37 -31.56 74.69
C LEU AE 231 -72.46 -30.50 74.78
N GLY AE 232 -72.44 -29.74 75.88
CA GLY AE 232 -73.44 -28.73 76.13
C GLY AE 232 -73.37 -27.55 75.18
N VAL AE 233 -74.06 -26.46 75.52
CA VAL AE 233 -74.07 -25.29 74.66
C VAL AE 233 -72.66 -24.78 74.45
N THR AE 234 -72.40 -24.22 73.28
CA THR AE 234 -71.07 -23.76 72.91
C THR AE 234 -71.19 -22.53 72.02
N GLY AE 235 -70.08 -21.85 71.83
CA GLY AE 235 -69.98 -20.74 70.91
C GLY AE 235 -69.76 -19.42 71.61
N ASP AE 236 -69.62 -18.38 70.79
CA ASP AE 236 -69.43 -17.02 71.27
C ASP AE 236 -70.78 -16.43 71.66
N GLY AE 237 -70.82 -15.12 71.88
CA GLY AE 237 -72.07 -14.43 72.15
C GLY AE 237 -72.92 -14.19 70.93
N SER AE 238 -72.41 -14.46 69.73
CA SER AE 238 -73.14 -14.26 68.49
C SER AE 238 -73.61 -15.57 67.85
N GLU AE 239 -72.90 -16.66 68.09
CA GLU AE 239 -73.24 -17.95 67.51
C GLU AE 239 -73.39 -18.97 68.62
N ILE AE 240 -74.51 -19.70 68.62
CA ILE AE 240 -74.73 -20.70 69.66
C ILE AE 240 -75.33 -21.95 69.05
N HIS AE 241 -74.81 -23.10 69.48
CA HIS AE 241 -75.43 -24.41 69.25
C HIS AE 241 -75.77 -25.00 70.60
N ILE AE 242 -77.00 -25.49 70.74
CA ILE AE 242 -77.47 -25.98 72.03
C ILE AE 242 -76.74 -27.26 72.42
N ASP AE 243 -76.67 -28.23 71.50
CA ASP AE 243 -76.23 -29.57 71.83
C ASP AE 243 -75.31 -30.10 70.75
N ASP AE 244 -74.02 -30.20 71.05
CA ASP AE 244 -73.07 -30.77 70.10
C ASP AE 244 -73.11 -32.28 70.25
N ARG AE 245 -73.57 -32.99 69.22
CA ARG AE 245 -73.58 -34.44 69.21
C ARG AE 245 -72.68 -34.89 68.08
N VAL AE 246 -71.54 -35.50 68.43
CA VAL AE 246 -70.57 -35.96 67.45
C VAL AE 246 -70.55 -37.48 67.48
N LEU AE 247 -70.84 -38.10 66.34
CA LEU AE 247 -70.80 -39.54 66.20
C LEU AE 247 -69.60 -39.90 65.36
N ARG AE 248 -68.66 -40.63 65.95
CA ARG AE 248 -67.49 -41.14 65.27
C ARG AE 248 -67.58 -42.66 65.18
N ILE AE 249 -66.92 -43.21 64.17
CA ILE AE 249 -66.84 -44.66 64.00
C ILE AE 249 -65.42 -45.09 64.33
N THR AE 250 -65.30 -45.94 65.34
CA THR AE 250 -63.99 -46.36 65.83
C THR AE 250 -63.51 -47.63 65.13
N ALA AE 251 -64.28 -48.71 65.26
CA ALA AE 251 -63.89 -50.02 64.77
C ALA AE 251 -64.75 -50.40 63.58
N LEU AE 252 -64.11 -50.62 62.43
CA LEU AE 252 -64.78 -51.15 61.25
C LEU AE 252 -64.89 -52.67 61.35
N PRO AE 253 -65.99 -53.25 60.85
CA PRO AE 253 -66.14 -54.71 60.91
C PRO AE 253 -65.04 -55.41 60.13
N GLU AE 254 -64.63 -56.57 60.63
CA GLU AE 254 -63.57 -57.36 60.00
C GLU AE 254 -63.73 -58.80 60.45
N LEU AE 255 -63.02 -59.69 59.75
CA LEU AE 255 -63.10 -61.11 60.03
C LEU AE 255 -62.17 -61.49 61.18
N ASN AE 256 -62.57 -62.53 61.91
CA ASN AE 256 -61.77 -63.07 63.00
C ASN AE 256 -60.90 -64.20 62.50
N VAL AE 257 -59.93 -64.60 63.33
CA VAL AE 257 -58.98 -65.63 62.94
C VAL AE 257 -59.12 -66.85 63.84
N ASN AE 258 -59.52 -66.63 65.09
CA ASN AE 258 -59.65 -67.74 66.02
C ASN AE 258 -60.89 -68.55 65.69
N SER AE 259 -60.68 -69.84 65.40
CA SER AE 259 -61.80 -70.71 65.05
C SER AE 259 -62.51 -71.27 66.28
N ALA AE 260 -61.92 -71.13 67.46
CA ALA AE 260 -62.45 -71.81 68.64
C ALA AE 260 -63.85 -71.35 68.99
N GLU AE 261 -64.10 -70.04 68.92
CA GLU AE 261 -65.36 -69.49 69.40
C GLU AE 261 -66.43 -69.42 68.32
N TRP AE 262 -66.15 -69.89 67.10
CA TRP AE 262 -67.15 -69.86 66.05
C TRP AE 262 -68.32 -70.76 66.42
N ARG AE 263 -69.54 -70.23 66.27
CA ARG AE 263 -70.75 -70.95 66.62
C ARG AE 263 -71.47 -71.40 65.36
N ALA AE 264 -71.82 -72.69 65.32
CA ALA AE 264 -72.52 -73.28 64.18
C ALA AE 264 -74.03 -73.22 64.41
N ALA AE 265 -74.77 -73.85 63.50
CA ALA AE 265 -76.23 -73.84 63.55
C ALA AE 265 -76.75 -75.16 63.03
N VAL AE 266 -78.03 -75.42 63.32
CA VAL AE 266 -78.67 -76.65 62.88
C VAL AE 266 -80.18 -76.44 62.85
N ALA AE 267 -80.82 -76.90 61.77
CA ALA AE 267 -82.25 -76.74 61.60
C ALA AE 267 -82.99 -77.93 62.21
N LYS AE 268 -84.29 -78.03 61.95
CA LYS AE 268 -85.10 -79.11 62.46
C LYS AE 268 -86.14 -79.55 61.42
N UNK BE 1 -19.13 -17.68 114.01
CA UNK BE 1 -19.57 -16.64 113.09
C UNK BE 1 -19.40 -15.25 113.71
N UNK BE 2 -20.17 -14.29 113.21
CA UNK BE 2 -20.11 -12.92 113.69
C UNK BE 2 -21.53 -12.42 113.97
N UNK BE 3 -21.67 -11.61 115.01
CA UNK BE 3 -22.94 -11.05 115.44
C UNK BE 3 -22.98 -9.55 115.16
N UNK BE 4 -24.05 -8.91 115.63
CA UNK BE 4 -24.24 -7.47 115.41
C UNK BE 4 -23.99 -6.63 116.65
N UNK BE 5 -23.73 -7.26 117.80
CA UNK BE 5 -23.45 -6.49 119.02
C UNK BE 5 -22.17 -5.68 118.86
N UNK BE 6 -21.13 -6.28 118.29
CA UNK BE 6 -19.88 -5.57 118.07
C UNK BE 6 -20.08 -4.41 117.11
N UNK BE 7 -20.86 -4.63 116.04
CA UNK BE 7 -21.12 -3.56 115.07
C UNK BE 7 -21.88 -2.41 115.73
N UNK BE 8 -22.89 -2.73 116.53
CA UNK BE 8 -23.65 -1.69 117.21
C UNK BE 8 -22.77 -0.90 118.18
N UNK BE 9 -21.92 -1.60 118.93
CA UNK BE 9 -21.02 -0.91 119.86
C UNK BE 9 -20.03 -0.03 119.11
N UNK BE 10 -19.49 -0.51 117.98
CA UNK BE 10 -18.57 0.29 117.19
C UNK BE 10 -19.26 1.52 116.62
N UNK BE 11 -20.50 1.36 116.15
CA UNK BE 11 -21.25 2.51 115.65
C UNK BE 11 -21.50 3.52 116.77
N UNK BE 12 -21.84 3.05 117.96
CA UNK BE 12 -22.03 3.94 119.09
C UNK BE 12 -20.74 4.68 119.43
N UNK BE 13 -19.61 3.97 119.41
CA UNK BE 13 -18.32 4.62 119.68
C UNK BE 13 -17.99 5.66 118.63
N UNK BE 14 -18.24 5.35 117.36
CA UNK BE 14 -18.01 6.31 116.28
C UNK BE 14 -18.95 7.51 116.34
N UNK BE 15 -20.14 7.32 116.92
CA UNK BE 15 -21.06 8.44 117.08
C UNK BE 15 -20.54 9.49 118.05
N UNK BE 16 -19.54 9.15 118.86
CA UNK BE 16 -18.94 10.07 119.83
C UNK BE 16 -17.48 10.29 119.44
N UNK BE 17 -17.24 11.29 118.61
CA UNK BE 17 -15.86 11.61 118.22
C UNK BE 17 -15.04 12.05 119.42
N UNK BE 18 -15.62 12.90 120.27
CA UNK BE 18 -14.98 13.37 121.51
C UNK BE 18 -13.64 14.03 121.24
N UNK BE 19 -13.47 14.58 120.04
CA UNK BE 19 -12.21 15.23 119.67
C UNK BE 19 -12.50 16.25 118.58
N UNK BE 20 -11.79 17.38 118.63
CA UNK BE 20 -11.96 18.44 117.65
C UNK BE 20 -10.64 19.19 117.49
N UNK BE 21 -10.10 19.18 116.28
CA UNK BE 21 -8.91 19.96 115.93
C UNK BE 21 -9.21 20.66 114.61
N UNK BE 22 -9.81 21.85 114.71
CA UNK BE 22 -10.21 22.62 113.55
C UNK BE 22 -9.40 23.91 113.49
N UNK BE 23 -8.74 24.13 112.35
CA UNK BE 23 -7.94 25.31 112.14
C UNK BE 23 -8.51 26.11 110.98
N UNK BE 24 -8.85 27.37 111.24
CA UNK BE 24 -9.29 28.27 110.18
C UNK BE 24 -8.09 28.92 109.52
N UNK BE 25 -7.98 28.78 108.21
CA UNK BE 25 -6.91 29.38 107.44
C UNK BE 25 -7.42 30.60 106.69
N UNK BE 26 -6.50 31.50 106.37
CA UNK BE 26 -6.82 32.71 105.62
C UNK BE 26 -5.89 32.81 104.42
N UNK BE 27 -6.22 33.75 103.53
CA UNK BE 27 -5.41 33.98 102.33
C UNK BE 27 -4.01 34.45 102.65
N UNK BE 28 -3.77 34.96 103.86
CA UNK BE 28 -2.45 35.42 104.28
C UNK BE 28 -1.55 34.28 104.74
N UNK BE 29 -1.89 33.04 104.39
CA UNK BE 29 -1.12 31.86 104.80
C UNK BE 29 -1.01 31.76 106.31
N UNK BE 30 -2.06 32.20 107.01
CA UNK BE 30 -2.14 32.14 108.46
C UNK BE 30 -3.29 31.22 108.84
N UNK BE 31 -2.98 30.21 109.66
CA UNK BE 31 -3.97 29.24 110.12
C UNK BE 31 -3.98 29.26 111.63
N UNK BE 32 -5.14 29.54 112.21
CA UNK BE 32 -5.34 29.53 113.65
C UNK BE 32 -6.21 28.34 114.03
N UNK BE 33 -5.68 27.46 114.88
CA UNK BE 33 -6.41 26.28 115.31
C UNK BE 33 -7.08 26.52 116.65
N UNK BE 34 -8.35 26.15 116.73
CA UNK BE 34 -9.13 26.33 117.95
C UNK BE 34 -8.90 25.18 118.92
N UNK BE 35 -9.38 25.36 120.15
CA UNK BE 35 -9.25 24.34 121.17
C UNK BE 35 -10.23 23.20 120.92
N UNK BE 36 -10.08 22.13 121.70
CA UNK BE 36 -10.97 20.98 121.59
C UNK BE 36 -12.40 21.38 121.91
N UNK BE 37 -13.34 20.92 121.08
CA UNK BE 37 -14.74 21.25 121.24
C UNK BE 37 -15.58 19.98 121.09
N UNK BE 38 -16.69 19.95 121.83
CA UNK BE 38 -17.63 18.84 121.79
C UNK BE 38 -16.94 17.50 122.07
N UNK BE 39 -12.14 30.10 101.48
CA UNK BE 39 -10.81 29.94 102.07
C UNK BE 39 -10.80 30.31 103.55
N UNK BE 40 -11.75 29.76 104.31
CA UNK BE 40 -11.80 29.98 105.75
C UNK BE 40 -11.53 28.71 106.54
N UNK BE 41 -12.36 27.68 106.35
CA UNK BE 41 -12.17 26.41 107.07
C UNK BE 41 -12.93 25.33 106.32
N UNK BE 42 -12.21 24.33 105.83
CA UNK BE 42 -12.83 23.20 105.15
C UNK BE 42 -12.99 22.02 106.10
N UNK BE 43 -13.61 20.96 105.59
CA UNK BE 43 -13.78 19.76 106.40
C UNK BE 43 -12.44 19.13 106.76
N UNK BE 44 -11.51 19.10 105.80
CA UNK BE 44 -10.19 18.55 106.08
C UNK BE 44 -9.42 19.36 107.10
N UNK BE 45 -9.69 20.66 107.20
CA UNK BE 45 -9.05 21.48 108.24
C UNK BE 45 -9.45 21.00 109.63
N UNK BE 46 -10.71 20.67 109.82
CA UNK BE 46 -11.18 20.14 111.10
C UNK BE 46 -10.75 18.70 111.25
N UNK BE 47 -10.16 18.37 112.40
CA UNK BE 47 -9.72 17.01 112.70
C UNK BE 47 -10.42 16.54 113.96
N UNK BE 48 -11.29 15.54 113.81
CA UNK BE 48 -12.04 15.02 114.95
C UNK BE 48 -11.29 13.85 115.58
N ARG CE 207 17.90 94.39 60.75
CA ARG CE 207 18.95 93.60 60.12
C ARG CE 207 18.59 92.13 60.13
N ILE CE 208 19.15 91.38 59.18
CA ILE CE 208 18.85 89.95 59.07
C ILE CE 208 19.47 89.20 60.23
N ILE CE 209 18.67 88.37 60.89
CA ILE CE 209 19.15 87.58 62.01
C ILE CE 209 19.71 86.26 61.48
N TYR CE 210 20.50 85.58 62.31
CA TYR CE 210 21.11 84.32 61.94
C TYR CE 210 21.11 83.38 63.13
N TYR CE 211 21.19 82.09 62.82
CA TYR CE 211 21.21 81.05 63.84
C TYR CE 211 22.09 79.91 63.38
N ILE CE 212 22.45 79.05 64.33
CA ILE CE 212 23.29 77.88 64.05
C ILE CE 212 22.39 76.77 63.57
N GLN CE 213 22.49 76.42 62.28
CA GLN CE 213 21.72 75.32 61.75
C GLN CE 213 22.40 73.98 62.03
N ALA CE 214 23.68 73.87 61.70
CA ALA CE 214 24.49 72.71 62.04
C ALA CE 214 25.86 73.21 62.45
N VAL CE 215 26.52 72.47 63.33
CA VAL CE 215 27.84 72.87 63.82
C VAL CE 215 28.63 71.64 64.26
N ILE CE 216 29.88 71.56 63.81
CA ILE CE 216 30.87 70.64 64.35
C ILE CE 216 32.17 71.41 64.54
N PRO CE 217 33.08 70.88 65.36
CA PRO CE 217 34.38 71.55 65.51
C PRO CE 217 35.04 71.79 64.16
N GLY CE 218 35.54 73.00 63.98
CA GLY CE 218 36.04 73.43 62.68
C GLY CE 218 35.03 74.21 61.87
N ARG CE 219 33.91 73.58 61.52
CA ARG CE 219 32.92 74.23 60.66
C ARG CE 219 31.84 74.92 61.48
N ALA CE 220 30.97 75.65 60.78
CA ALA CE 220 29.83 76.31 61.40
C ALA CE 220 28.85 76.68 60.30
N TRP CE 221 27.62 76.17 60.39
CA TRP CE 221 26.59 76.46 59.41
C TRP CE 221 25.59 77.45 59.97
N LEU CE 222 25.39 78.55 59.25
CA LEU CE 222 24.56 79.66 59.69
C LEU CE 222 23.38 79.79 58.74
N ILE CE 223 22.18 79.90 59.31
CA ILE CE 223 20.93 80.08 58.57
C ILE CE 223 20.38 81.46 58.90
N GLY CE 224 20.06 82.23 57.87
CA GLY CE 224 19.54 83.57 58.05
C GLY CE 224 18.03 83.61 58.13
N SER CE 225 17.52 84.81 58.45
CA SER CE 225 16.08 85.01 58.47
C SER CE 225 15.47 84.83 57.08
N ASN CE 226 16.24 85.13 56.04
CA ASN CE 226 15.78 84.92 54.67
C ASN CE 226 15.90 83.47 54.23
N GLY CE 227 16.47 82.60 55.08
CA GLY CE 227 16.74 81.24 54.69
C GLY CE 227 18.07 81.03 53.99
N SER CE 228 18.88 82.08 53.85
CA SER CE 228 20.20 81.94 53.26
C SER CE 228 21.07 81.06 54.15
N THR CE 229 21.86 80.20 53.50
CA THR CE 229 22.72 79.26 54.20
C THR CE 229 24.17 79.58 53.90
N LEU CE 230 25.01 79.59 54.94
CA LEU CE 230 26.44 79.79 54.76
C LEU CE 230 27.20 78.82 55.64
N THR CE 231 28.41 78.46 55.21
CA THR CE 231 29.29 77.59 55.97
C THR CE 231 30.63 78.29 56.14
N VAL CE 232 31.04 78.45 57.41
CA VAL CE 232 32.23 79.24 57.73
C VAL CE 232 33.12 78.42 58.67
N ARG CE 233 34.35 78.90 58.82
CA ARG CE 233 35.32 78.37 59.76
C ARG CE 233 35.52 79.39 60.90
N GLU CE 234 36.48 79.10 61.77
CA GLU CE 234 36.80 80.02 62.83
C GLU CE 234 37.28 81.36 62.28
N GLY CE 235 38.15 81.33 61.28
CA GLY CE 235 38.58 82.56 60.66
C GLY CE 235 37.65 82.96 59.53
N SER CE 236 36.69 83.83 59.84
CA SER CE 236 35.71 84.27 58.85
C SER CE 236 35.09 85.58 59.31
N LYS CE 237 34.49 86.28 58.37
CA LYS CE 237 33.87 87.57 58.63
C LYS CE 237 32.38 87.46 58.39
N ILE CE 238 31.59 87.80 59.41
CA ILE CE 238 30.14 87.70 59.36
C ILE CE 238 29.57 89.13 59.31
N PRO CE 239 28.95 89.54 58.22
CA PRO CE 239 28.32 90.87 58.19
C PRO CE 239 27.24 90.99 59.25
N GLY CE 240 27.18 92.15 59.88
CA GLY CE 240 26.26 92.39 60.97
C GLY CE 240 26.73 91.87 62.31
N TYR CE 241 27.83 91.12 62.35
CA TYR CE 241 28.40 90.62 63.59
C TYR CE 241 29.90 90.78 63.66
N GLY CE 242 30.54 91.31 62.64
CA GLY CE 242 31.98 91.47 62.63
C GLY CE 242 32.68 90.23 62.08
N MET CE 243 33.46 89.57 62.91
CA MET CE 243 34.17 88.36 62.52
C MET CE 243 34.05 87.30 63.60
N VAL CE 244 34.18 86.05 63.19
CA VAL CE 244 34.06 84.93 64.12
C VAL CE 244 35.33 84.85 64.95
N LYS CE 245 35.18 84.91 66.27
CA LYS CE 245 36.32 84.80 67.17
C LYS CE 245 36.34 83.53 67.99
N LEU CE 246 35.25 82.75 67.98
CA LEU CE 246 35.20 81.50 68.72
C LEU CE 246 34.09 80.63 68.16
N ILE CE 247 34.39 79.36 67.94
CA ILE CE 247 33.41 78.37 67.49
C ILE CE 247 33.20 77.38 68.63
N ASP CE 248 31.93 77.18 69.01
CA ASP CE 248 31.58 76.30 70.12
C ASP CE 248 30.31 75.54 69.74
N SER CE 249 30.49 74.28 69.31
CA SER CE 249 29.33 73.46 68.97
C SER CE 249 28.48 73.18 70.20
N LEU CE 250 29.11 72.89 71.33
CA LEU CE 250 28.37 72.64 72.55
C LEU CE 250 27.79 73.94 73.11
N GLN CE 251 26.67 73.82 73.82
CA GLN CE 251 26.01 74.94 74.48
C GLN CE 251 25.51 75.99 73.48
N GLY CE 252 25.69 75.73 72.19
CA GLY CE 252 25.12 76.58 71.15
C GLY CE 252 25.56 78.02 71.19
N ARG CE 253 26.84 78.29 71.42
CA ARG CE 253 27.36 79.65 71.50
C ARG CE 253 28.35 79.88 70.37
N ILE CE 254 28.18 81.00 69.67
CA ILE CE 254 29.16 81.47 68.69
C ILE CE 254 29.47 82.93 69.00
N LEU CE 255 30.73 83.21 69.29
CA LEU CE 255 31.15 84.54 69.72
C LEU CE 255 31.64 85.34 68.52
N THR CE 256 31.09 86.53 68.33
CA THR CE 256 31.48 87.40 67.24
C THR CE 256 32.23 88.61 67.77
N SER CE 257 33.08 89.17 66.91
CA SER CE 257 33.89 90.33 67.31
C SER CE 257 33.02 91.51 67.73
N SER CE 258 31.77 91.56 67.28
CA SER CE 258 30.84 92.60 67.70
C SER CE 258 30.30 92.38 69.11
N GLY CE 259 30.89 91.46 69.87
CA GLY CE 259 30.36 91.17 71.20
C GLY CE 259 29.01 90.50 71.19
N GLN CE 260 28.67 89.79 70.13
CA GLN CE 260 27.38 89.14 70.01
C GLN CE 260 27.53 87.63 70.09
N VAL CE 261 26.51 86.97 70.64
CA VAL CE 261 26.52 85.54 70.87
C VAL CE 261 25.40 84.93 70.02
N ILE CE 262 25.77 84.36 68.88
CA ILE CE 262 24.82 83.64 68.05
C ILE CE 262 24.48 82.32 68.72
N LYS CE 263 23.19 82.03 68.85
CA LYS CE 263 22.70 80.85 69.52
C LYS CE 263 21.84 80.04 68.54
N PHE CE 264 21.49 78.83 68.96
CA PHE CE 264 20.54 78.03 68.20
C PHE CE 264 19.17 78.68 68.25
N SER CE 265 18.38 78.45 67.21
CA SER CE 265 17.02 78.96 67.17
C SER CE 265 16.21 78.38 68.33
N GLN CE 266 15.60 79.25 69.12
CA GLN CE 266 14.90 78.79 70.32
C GLN CE 266 13.69 77.94 69.97
N GLU CE 267 12.83 78.44 69.08
CA GLU CE 267 11.65 77.67 68.69
C GLU CE 267 12.00 76.48 67.83
N ASP CE 268 13.16 76.49 67.16
CA ASP CE 268 13.62 75.37 66.34
C ASP CE 268 14.83 74.76 67.06
N SER CE 269 14.55 73.86 67.99
CA SER CE 269 15.60 73.25 68.80
C SER CE 269 15.04 72.07 69.60
N GLN DE 791 40.83 45.35 102.14
CA GLN DE 791 40.77 46.15 100.91
C GLN DE 791 40.35 45.28 99.72
N GLN DE 792 40.45 43.96 99.87
CA GLN DE 792 40.06 43.04 98.82
C GLN DE 792 38.60 43.17 98.44
N GLU DE 793 37.77 43.73 99.32
CA GLU DE 793 36.39 44.02 98.96
C GLU DE 793 36.34 44.98 97.78
N ILE DE 794 37.28 45.92 97.72
CA ILE DE 794 37.35 46.82 96.58
C ILE DE 794 37.68 46.04 95.32
N GLN DE 795 38.52 45.00 95.43
CA GLN DE 795 38.83 44.18 94.27
C GLN DE 795 37.61 43.41 93.79
N GLN DE 796 36.85 42.83 94.73
CA GLN DE 796 35.65 42.10 94.35
C GLN DE 796 34.63 43.03 93.68
N ARG DE 797 34.41 44.20 94.28
CA ARG DE 797 33.51 45.18 93.71
C ARG DE 797 34.00 45.60 92.32
N THR DE 798 35.31 45.80 92.18
CA THR DE 798 35.87 46.19 90.89
C THR DE 798 35.58 45.13 89.84
N SER DE 799 35.81 43.86 90.18
CA SER DE 799 35.58 42.79 89.22
C SER DE 799 34.11 42.74 88.80
N ASP DE 800 33.19 42.71 89.76
CA ASP DE 800 31.78 42.55 89.40
C ASP DE 800 31.28 43.76 88.63
N MET DE 801 31.63 44.98 89.06
CA MET DE 801 31.17 46.16 88.35
C MET DE 801 31.80 46.26 86.97
N LEU DE 802 33.04 45.81 86.80
CA LEU DE 802 33.64 45.78 85.48
C LEU DE 802 32.88 44.83 84.56
N THR DE 803 32.53 43.64 85.06
CA THR DE 803 31.76 42.71 84.25
C THR DE 803 30.42 43.33 83.84
N ALA DE 804 29.73 43.94 84.81
CA ALA DE 804 28.43 44.54 84.52
C ALA DE 804 28.57 45.68 83.52
N ALA DE 805 29.59 46.52 83.68
CA ALA DE 805 29.78 47.65 82.77
C ALA DE 805 30.10 47.17 81.36
N THR DE 806 30.92 46.12 81.25
CA THR DE 806 31.20 45.55 79.93
C THR DE 806 29.93 45.03 79.28
N GLN DE 807 29.10 44.34 80.06
CA GLN DE 807 27.83 43.85 79.53
C GLN DE 807 26.96 45.00 79.05
N LEU DE 808 26.86 46.06 79.84
CA LEU DE 808 26.00 47.18 79.48
C LEU DE 808 26.52 47.90 78.24
N VAL DE 809 27.83 48.10 78.15
CA VAL DE 809 28.38 48.83 77.02
C VAL DE 809 28.24 48.00 75.75
N GLN DE 810 28.42 46.69 75.84
CA GLN DE 810 28.24 45.86 74.66
C GLN DE 810 26.77 45.81 74.25
N ASP DE 811 25.85 45.90 75.22
CA ASP DE 811 24.43 46.02 74.89
C ASP DE 811 24.16 47.33 74.17
N TRP DE 812 24.78 48.42 74.61
CA TRP DE 812 24.55 49.71 73.99
C TRP DE 812 25.22 49.86 72.65
N LYS DE 813 26.25 49.04 72.37
CA LYS DE 813 27.02 49.21 71.14
C LYS DE 813 26.16 49.00 69.89
N GLN DE 814 25.43 47.88 69.84
CA GLN DE 814 24.83 47.44 68.60
C GLN DE 814 23.48 48.09 68.34
N VAL DE 815 23.17 48.25 67.06
CA VAL DE 815 21.90 48.81 66.60
C VAL DE 815 21.54 48.14 65.28
N GLU DE 816 20.29 47.70 65.15
CA GLU DE 816 19.88 46.98 63.95
C GLU DE 816 19.38 47.97 62.89
N THR DE 817 18.85 47.45 61.80
CA THR DE 817 18.46 48.25 60.65
C THR DE 817 16.95 48.44 60.61
N GLN DE 818 16.47 49.04 59.53
CA GLN DE 818 15.06 49.29 59.29
C GLN DE 818 14.45 48.16 58.47
N VAL DE 819 13.12 48.12 58.45
CA VAL DE 819 12.38 47.10 57.71
C VAL DE 819 11.33 47.81 56.84
N TYR DE 820 11.35 47.48 55.54
CA TYR DE 820 10.49 48.11 54.55
C TYR DE 820 9.59 47.05 53.93
N THR DE 821 8.29 47.33 53.86
CA THR DE 821 7.31 46.39 53.35
C THR DE 821 6.39 47.08 52.36
N GLU DE 822 5.93 46.31 51.37
CA GLU DE 822 5.08 46.79 50.28
C GLU DE 822 3.84 45.91 50.17
N GLY DE 823 2.85 46.40 49.42
CA GLY DE 823 1.70 45.60 49.09
C GLY DE 823 0.85 46.20 47.99
N THR DE 824 0.47 45.38 47.00
CA THR DE 824 -0.34 45.86 45.89
C THR DE 824 -1.58 44.99 45.68
N ALA EE 104 5.53 15.41 119.79
CA ALA EE 104 5.41 14.36 118.79
C ALA EE 104 5.30 14.96 117.39
N GLU EE 105 4.40 15.92 117.23
CA GLU EE 105 4.18 16.59 115.95
C GLU EE 105 4.86 17.94 115.85
N VAL EE 106 5.51 18.41 116.92
CA VAL EE 106 6.26 19.66 116.84
C VAL EE 106 7.41 19.52 115.85
N ILE EE 107 8.03 18.35 115.80
CA ILE EE 107 9.08 18.09 114.81
C ILE EE 107 8.52 18.21 113.40
N ASP EE 108 7.34 17.63 113.17
CA ASP EE 108 6.72 17.71 111.85
C ASP EE 108 6.37 19.15 111.49
N LYS EE 109 5.87 19.92 112.45
CA LYS EE 109 5.53 21.31 112.19
C LYS EE 109 6.77 22.11 111.84
N LYS EE 110 7.85 21.93 112.60
CA LYS EE 110 9.10 22.64 112.31
C LYS EE 110 9.62 22.25 110.94
N ALA EE 111 9.58 20.96 110.61
CA ALA EE 111 10.04 20.51 109.31
C ALA EE 111 9.22 21.12 108.18
N PHE EE 112 7.89 21.16 108.36
CA PHE EE 112 7.04 21.79 107.35
C PHE EE 112 7.39 23.25 107.17
N LYS EE 113 7.59 23.98 108.28
CA LYS EE 113 7.90 25.40 108.18
C LYS EE 113 9.23 25.63 107.47
N ASP EE 114 10.28 24.91 107.89
CA ASP EE 114 11.59 25.15 107.29
C ASP EE 114 11.62 24.71 105.82
N MET EE 115 10.91 23.62 105.50
CA MET EE 115 10.87 23.20 104.11
C MET EE 115 10.07 24.17 103.25
N THR EE 116 9.03 24.80 103.81
CA THR EE 116 8.34 25.86 103.10
C THR EE 116 9.27 27.04 102.83
N ARG EE 117 10.06 27.41 103.85
CA ARG EE 117 11.03 28.48 103.68
C ARG EE 117 12.04 28.15 102.59
N ASN EE 118 12.54 26.91 102.59
CA ASN EE 118 13.50 26.50 101.58
C ASN EE 118 12.86 26.50 100.20
N LEU EE 119 11.63 26.03 100.09
CA LEU EE 119 10.95 26.00 98.80
C LEU EE 119 10.74 27.40 98.26
N TYR EE 120 10.44 28.37 99.13
CA TYR EE 120 10.25 29.75 98.73
C TYR EE 120 11.10 30.64 99.63
N PRO EE 121 12.38 30.82 99.27
CA PRO EE 121 13.28 31.61 100.11
C PRO EE 121 13.06 33.11 99.99
N LEU EE 122 11.98 33.52 99.34
CA LEU EE 122 11.67 34.92 99.15
C LEU EE 122 10.23 35.20 99.53
N ASN EE 123 10.00 36.39 100.06
CA ASN EE 123 8.66 36.83 100.42
C ASN EE 123 7.98 37.49 99.22
N PRO EE 124 6.65 37.49 99.16
CA PRO EE 124 5.97 38.21 98.08
C PRO EE 124 6.33 39.69 98.04
N GLU EE 125 6.48 40.31 99.21
CA GLU EE 125 6.91 41.70 99.26
C GLU EE 125 8.31 41.85 98.70
N GLN EE 126 9.20 40.91 99.01
CA GLN EE 126 10.53 40.94 98.42
C GLN EE 126 10.46 40.81 96.91
N VAL EE 127 9.56 39.97 96.42
CA VAL EE 127 9.36 39.81 94.97
C VAL EE 127 8.94 41.13 94.36
N VAL EE 128 7.97 41.81 94.98
CA VAL EE 128 7.49 43.08 94.45
C VAL EE 128 8.61 44.11 94.45
N LYS EE 129 9.37 44.17 95.54
CA LYS EE 129 10.46 45.15 95.64
C LYS EE 129 11.52 44.89 94.58
N LEU EE 130 11.88 43.62 94.38
CA LEU EE 130 12.87 43.29 93.37
C LEU EE 130 12.34 43.62 91.98
N LYS EE 131 11.06 43.37 91.74
CA LYS EE 131 10.46 43.73 90.46
C LYS EE 131 10.58 45.23 90.22
N GLN EE 132 10.25 46.03 91.23
CA GLN EE 132 10.34 47.48 91.08
C GLN EE 132 11.78 47.94 90.87
N ILE EE 133 12.72 47.32 91.58
CA ILE EE 133 14.13 47.70 91.44
C ILE EE 133 14.61 47.37 90.03
N TYR EE 134 14.27 46.19 89.52
CA TYR EE 134 14.64 45.83 88.16
C TYR EE 134 14.03 46.80 87.15
N GLU EE 135 12.76 47.16 87.35
CA GLU EE 135 12.11 48.10 86.45
C GLU EE 135 12.81 49.44 86.47
N THR EE 136 13.20 49.91 87.66
CA THR EE 136 13.94 51.16 87.76
C THR EE 136 15.26 51.08 87.02
N SER EE 137 15.98 49.97 87.20
CA SER EE 137 17.28 49.81 86.56
C SER EE 137 17.14 49.82 85.04
N GLU EE 138 16.20 49.04 84.50
CA GLU EE 138 16.05 49.00 83.06
C GLU EE 138 15.51 50.30 82.50
N TYR EE 139 14.66 51.00 83.25
CA TYR EE 139 14.19 52.31 82.83
C TYR EE 139 15.36 53.29 82.73
N ALA EE 140 16.25 53.26 83.71
CA ALA EE 140 17.43 54.13 83.65
C ALA EE 140 18.32 53.76 82.48
N LYS EE 141 18.49 52.45 82.23
CA LYS EE 141 19.32 52.03 81.11
C LYS EE 141 18.73 52.50 79.79
N ALA EE 142 17.42 52.40 79.64
CA ALA EE 142 16.77 52.90 78.43
C ALA EE 142 16.81 54.42 78.35
N ALA EE 143 16.90 55.10 79.47
CA ALA EE 143 17.05 56.56 79.46
C ALA EE 143 18.43 56.94 78.95
N THR EE 144 18.51 58.12 78.33
CA THR EE 144 19.75 58.60 77.76
C THR EE 144 20.09 59.98 78.28
N PRO EE 145 21.36 60.31 78.39
CA PRO EE 145 21.75 61.66 78.84
C PRO EE 145 21.36 62.72 77.82
N GLY EE 146 21.19 63.94 78.31
CA GLY EE 146 20.86 65.04 77.43
C GLY EE 146 19.40 65.01 76.98
N THR EE 147 19.16 65.60 75.81
CA THR EE 147 17.82 65.69 75.28
C THR EE 147 17.79 65.24 73.83
N PRO EE 148 16.77 64.48 73.44
CA PRO EE 148 16.62 64.08 72.03
C PRO EE 148 16.33 65.29 71.16
N PRO EE 149 16.66 65.20 69.87
CA PRO EE 149 16.41 66.33 68.96
C PRO EE 149 14.92 66.56 68.74
N LYS EE 150 14.61 67.76 68.30
CA LYS EE 150 13.22 68.16 68.12
C LYS EE 150 12.65 67.54 66.85
N PRO EE 151 11.60 66.73 66.94
CA PRO EE 151 11.01 66.15 65.72
C PRO EE 151 10.25 67.21 64.94
N THR EE 152 10.72 67.52 63.74
CA THR EE 152 10.07 68.51 62.91
C THR EE 152 10.39 68.22 61.45
N ALA EE 153 9.52 68.68 60.56
CA ALA EE 153 9.74 68.61 59.13
C ALA EE 153 10.10 69.99 58.60
N THR EE 154 10.83 70.00 57.49
CA THR EE 154 11.35 71.24 56.94
C THR EE 154 11.33 71.20 55.42
N SER EE 155 11.45 72.38 54.82
CA SER EE 155 11.53 72.51 53.38
C SER EE 155 12.67 73.45 53.00
N GLN EE 156 13.31 73.17 51.88
CA GLN EE 156 14.42 73.96 51.39
C GLN EE 156 14.40 73.98 49.87
N PHE EE 157 15.04 75.01 49.31
CA PHE EE 157 15.19 75.14 47.86
C PHE EE 157 16.63 74.86 47.50
N VAL EE 158 16.85 73.83 46.70
CA VAL EE 158 18.21 73.49 46.29
C VAL EE 158 18.65 74.44 45.18
N ASN EE 159 19.93 74.76 45.18
CA ASN EE 159 20.49 75.73 44.24
C ASN EE 159 21.58 75.07 43.42
N LEU EE 160 21.59 75.37 42.12
CA LEU EE 160 22.57 74.83 41.20
C LEU EE 160 23.69 75.81 40.90
N SER EE 161 23.81 76.87 41.69
CA SER EE 161 24.86 77.85 41.49
C SER EE 161 26.23 77.20 41.72
N PRO EE 162 27.26 77.62 40.97
CA PRO EE 162 28.58 77.02 41.13
C PRO EE 162 29.28 77.37 42.44
N GLY EE 163 28.75 78.29 43.22
CA GLY EE 163 29.41 78.68 44.45
C GLY EE 163 28.49 78.69 45.67
N SER EE 164 27.22 78.40 45.46
CA SER EE 164 26.26 78.38 46.56
C SER EE 164 26.60 77.26 47.54
N THR EE 165 26.31 77.51 48.81
CA THR EE 165 26.58 76.52 49.85
C THR EE 165 25.70 75.29 49.65
N PRO EE 166 26.23 74.09 49.86
CA PRO EE 166 25.43 72.88 49.66
C PRO EE 166 24.46 72.66 50.79
N PRO EE 167 23.33 71.99 50.54
CA PRO EE 167 22.38 71.72 51.61
C PRO EE 167 22.86 70.65 52.59
N VAL EE 168 22.50 70.86 53.85
CA VAL EE 168 22.88 70.00 54.96
C VAL EE 168 21.63 69.39 55.54
N ILE EE 169 21.73 68.12 55.96
CA ILE EE 169 20.59 67.38 56.50
C ILE EE 169 20.98 66.83 57.87
N ARG EE 170 20.29 67.30 58.91
CA ARG EE 170 20.45 66.72 60.24
C ARG EE 170 19.77 65.35 60.29
N LEU EE 171 20.44 64.39 60.92
CA LEU EE 171 20.03 63.00 60.88
C LEU EE 171 19.62 62.52 62.27
N SER EE 172 19.18 61.26 62.32
CA SER EE 172 18.82 60.61 63.57
C SER EE 172 19.38 59.19 63.58
N GLN EE 173 19.88 58.77 64.74
CA GLN EE 173 20.50 57.45 64.87
C GLN EE 173 19.42 56.38 64.87
N GLY EE 174 19.31 55.66 63.77
CA GLY EE 174 18.37 54.55 63.66
C GLY EE 174 16.95 54.93 63.33
N PHE EE 175 16.61 56.22 63.40
CA PHE EE 175 15.27 56.68 63.08
C PHE EE 175 15.24 57.17 61.65
N VAL EE 176 14.30 56.63 60.87
CA VAL EE 176 14.29 56.86 59.43
C VAL EE 176 13.93 58.31 59.14
N SER EE 177 14.72 58.95 58.29
CA SER EE 177 14.44 60.28 57.78
C SER EE 177 13.96 60.16 56.33
N SER EE 178 12.95 60.96 55.98
CA SER EE 178 12.31 60.91 54.68
C SER EE 178 12.67 62.16 53.89
N LEU EE 179 13.01 61.96 52.62
CA LEU EE 179 13.37 63.04 51.72
C LEU EE 179 12.48 62.98 50.49
N VAL EE 180 11.82 64.09 50.17
CA VAL EE 180 10.96 64.19 49.00
C VAL EE 180 11.39 65.39 48.18
N PHE EE 181 11.50 65.17 46.86
CA PHE EE 181 12.00 66.19 45.94
C PHE EE 181 10.91 66.53 44.93
N LEU EE 182 10.65 67.82 44.77
CA LEU EE 182 9.67 68.32 43.82
C LEU EE 182 10.31 69.42 42.99
N ASP EE 183 9.83 69.59 41.77
CA ASP EE 183 10.42 70.56 40.85
C ASP EE 183 9.99 71.97 41.24
N SER EE 184 10.25 72.93 40.36
CA SER EE 184 9.89 74.31 40.64
C SER EE 184 8.39 74.46 40.85
N THR EE 185 7.60 73.70 40.08
CA THR EE 185 6.15 73.70 40.21
C THR EE 185 5.65 72.76 41.30
N GLY EE 186 6.55 72.04 41.98
CA GLY EE 186 6.17 71.18 43.07
C GLY EE 186 5.73 69.79 42.69
N ALA EE 187 5.83 69.41 41.42
CA ALA EE 187 5.43 68.08 41.00
C ALA EE 187 6.48 67.04 41.42
N PRO EE 188 6.05 65.80 41.68
CA PRO EE 188 7.00 64.79 42.19
C PRO EE 188 8.00 64.39 41.12
N TRP EE 189 9.29 64.47 41.47
CA TRP EE 189 10.36 64.18 40.52
C TRP EE 189 11.03 62.86 40.89
N PRO EE 190 10.78 61.79 40.14
CA PRO EE 190 11.41 60.50 40.48
C PRO EE 190 12.92 60.55 40.29
N ILE EE 191 13.60 59.66 41.02
CA ILE EE 191 15.06 59.62 41.07
C ILE EE 191 15.56 58.51 40.16
N ALA EE 192 16.46 58.85 39.25
CA ALA EE 192 17.06 57.83 38.38
C ALA EE 192 17.99 56.92 39.18
N ALA EE 193 18.87 57.50 39.98
CA ALA EE 193 19.84 56.70 40.73
C ALA EE 193 20.42 57.54 41.86
N TYR EE 194 21.10 56.85 42.78
CA TYR EE 194 21.73 57.49 43.93
C TYR EE 194 23.14 56.93 44.12
N ASP EE 195 23.92 57.63 44.93
CA ASP EE 195 25.26 57.19 45.28
C ASP EE 195 25.62 57.85 46.61
N LEU EE 196 25.72 57.05 47.67
CA LEU EE 196 26.01 57.54 49.01
C LEU EE 196 27.41 57.15 49.42
N GLY EE 197 28.16 58.12 49.96
CA GLY EE 197 29.44 57.80 50.54
C GLY EE 197 29.28 57.14 51.91
N ASP EE 198 30.21 56.24 52.22
CA ASP EE 198 30.20 55.48 53.46
C ASP EE 198 28.85 54.79 53.67
N PRO EE 199 28.57 53.73 52.90
CA PRO EE 199 27.27 53.04 53.06
C PRO EE 199 27.07 52.43 54.43
N SER EE 200 28.13 52.09 55.15
CA SER EE 200 27.95 51.44 56.45
C SER EE 200 27.25 52.36 57.45
N SER EE 201 27.58 53.65 57.42
CA SER EE 201 27.08 54.57 58.44
C SER EE 201 25.57 54.78 58.37
N PHE EE 202 24.95 54.57 57.22
CA PHE EE 202 23.54 54.88 57.06
C PHE EE 202 22.86 53.85 56.17
N ASN EE 203 21.65 53.46 56.57
CA ASN EE 203 20.83 52.55 55.78
C ASN EE 203 20.02 53.34 54.76
N ILE EE 204 19.75 52.71 53.62
CA ILE EE 204 18.99 53.32 52.54
C ILE EE 204 17.97 52.33 52.03
N GLN EE 205 16.73 52.79 51.87
CA GLN EE 205 15.67 52.02 51.24
C GLN EE 205 15.06 52.85 50.12
N TRP EE 206 14.98 52.28 48.92
CA TRP EE 206 14.43 53.02 47.78
C TRP EE 206 13.93 52.02 46.74
N ASP EE 207 12.62 51.94 46.58
CA ASP EE 207 12.05 51.26 45.43
C ASP EE 207 12.38 52.04 44.17
N LYS EE 208 12.55 51.31 43.05
CA LYS EE 208 13.09 51.91 41.84
C LYS EE 208 12.20 52.97 41.24
N THR EE 209 10.93 53.06 41.63
CA THR EE 209 10.00 54.02 41.06
C THR EE 209 9.57 55.09 42.04
N SER EE 210 10.28 55.24 43.15
CA SER EE 210 9.89 56.17 44.20
C SER EE 210 10.80 57.40 44.21
N ASN EE 211 10.19 58.58 44.05
CA ASN EE 211 10.91 59.82 44.28
C ASN EE 211 11.36 59.97 45.73
N THR EE 212 10.58 59.47 46.67
CA THR EE 212 10.90 59.58 48.08
C THR EE 212 12.08 58.68 48.42
N LEU EE 213 12.81 59.08 49.46
CA LEU EE 213 13.97 58.34 49.94
C LEU EE 213 13.88 58.19 51.45
N MET EE 214 14.21 56.99 51.94
CA MET EE 214 14.23 56.69 53.36
C MET EE 214 15.64 56.36 53.78
N ILE EE 215 16.17 57.09 54.76
CA ILE EE 215 17.57 56.94 55.18
C ILE EE 215 17.60 56.68 56.67
N GLN EE 216 18.34 55.65 57.08
CA GLN EE 216 18.47 55.27 58.48
C GLN EE 216 19.93 55.36 58.88
N ALA EE 217 20.30 56.45 59.55
CA ALA EE 217 21.65 56.61 60.05
C ALA EE 217 21.91 55.60 61.17
N THR EE 218 23.16 55.14 61.28
CA THR EE 218 23.52 54.11 62.23
C THR EE 218 24.45 54.61 63.33
N LYS EE 219 25.56 55.25 62.97
CA LYS EE 219 26.56 55.65 63.94
C LYS EE 219 26.13 56.94 64.65
N LEU EE 220 27.02 57.52 65.44
CA LEU EE 220 26.70 58.64 66.30
C LEU EE 220 27.13 59.98 65.71
N TYR EE 221 28.41 60.14 65.40
CA TYR EE 221 28.95 61.42 64.95
C TYR EE 221 29.79 61.24 63.69
N ASN EE 222 29.27 60.50 62.72
CA ASN EE 222 29.95 60.30 61.45
C ASN EE 222 29.05 60.80 60.34
N TYR EE 223 29.57 61.74 59.55
CA TYR EE 223 28.77 62.44 58.54
C TYR EE 223 29.26 62.09 57.14
N GLY EE 224 28.35 62.21 56.18
CA GLY EE 224 28.66 61.83 54.82
C GLY EE 224 27.98 62.66 53.75
N ASN EE 225 28.02 62.18 52.51
CA ASN EE 225 27.44 62.90 51.38
C ASN EE 225 26.64 61.93 50.51
N LEU EE 226 25.67 62.48 49.79
CA LEU EE 226 24.85 61.68 48.89
C LEU EE 226 24.62 62.45 47.60
N ALA EE 227 24.82 61.78 46.48
CA ALA EE 227 24.57 62.34 45.16
C ALA EE 227 23.37 61.64 44.53
N VAL EE 228 22.49 62.43 43.93
CA VAL EE 228 21.24 61.95 43.36
C VAL EE 228 21.18 62.40 41.90
N ARG EE 229 20.83 61.48 41.02
CA ARG EE 229 20.56 61.77 39.62
C ARG EE 229 19.09 61.48 39.34
N LEU EE 230 18.40 62.47 38.77
CA LEU EE 230 16.98 62.35 38.50
C LEU EE 230 16.76 61.81 37.10
N ARG EE 231 15.50 61.41 36.83
CA ARG EE 231 15.18 60.85 35.53
C ARG EE 231 15.27 61.91 34.43
N GLY EE 232 14.86 63.13 34.73
CA GLY EE 232 14.88 64.20 33.74
C GLY EE 232 15.92 65.28 33.95
N LEU EE 233 16.88 65.09 34.86
CA LEU EE 233 17.89 66.09 35.16
C LEU EE 233 19.27 65.54 34.85
N ASN EE 234 20.04 66.29 34.05
CA ASN EE 234 21.42 65.91 33.78
C ASN EE 234 22.32 66.21 34.97
N THR EE 235 22.08 67.31 35.66
CA THR EE 235 22.96 67.73 36.74
C THR EE 235 22.70 66.90 37.99
N PRO EE 236 23.70 66.20 38.52
CA PRO EE 236 23.53 65.53 39.82
C PRO EE 236 23.49 66.53 40.96
N VAL EE 237 22.85 66.13 42.04
CA VAL EE 237 22.67 66.98 43.22
C VAL EE 237 23.31 66.28 44.41
N MET EE 238 24.20 66.99 45.10
CA MET EE 238 24.90 66.45 46.25
C MET EE 238 24.44 67.15 47.52
N LEU EE 239 24.06 66.38 48.52
CA LEU EE 239 23.61 66.89 49.81
C LEU EE 239 24.43 66.24 50.91
N THR EE 240 24.83 67.03 51.89
CA THR EE 240 25.59 66.46 53.00
C THR EE 240 24.66 66.12 54.14
N LEU EE 241 25.07 65.13 54.95
CA LEU EE 241 24.23 64.58 55.99
C LEU EE 241 25.07 64.40 57.25
N ILE EE 242 24.53 64.86 58.38
CA ILE EE 242 25.27 64.86 59.65
C ILE EE 242 24.37 64.39 60.78
N PRO EE 243 24.79 63.41 61.57
CA PRO EE 243 23.97 62.97 62.70
C PRO EE 243 24.29 63.74 63.98
N GLY EE 244 23.57 63.44 65.06
CA GLY EE 244 23.89 63.97 66.37
C GLY EE 244 23.74 65.47 66.51
N GLN EE 245 22.67 66.03 65.95
CA GLN EE 245 22.39 67.45 66.09
C GLN EE 245 21.21 67.65 67.05
N LYS EE 246 21.10 68.88 67.56
CA LYS EE 246 20.02 69.20 68.50
C LYS EE 246 18.65 69.18 67.85
N ALA EE 247 18.58 69.12 66.53
CA ALA EE 247 17.33 69.00 65.80
C ALA EE 247 17.46 67.92 64.75
N VAL EE 248 16.33 67.29 64.42
CA VAL EE 248 16.29 66.23 63.43
C VAL EE 248 15.31 66.62 62.34
N ASP EE 249 15.79 66.69 61.10
CA ASP EE 249 14.94 66.95 59.94
C ASP EE 249 14.25 65.65 59.57
N TYR EE 250 13.13 65.38 60.24
CA TYR EE 250 12.44 64.11 60.06
C TYR EE 250 11.97 63.95 58.61
N ARG EE 251 11.37 64.98 58.06
CA ARG EE 251 10.83 64.95 56.71
C ARG EE 251 11.23 66.22 55.98
N VAL EE 252 12.01 66.07 54.91
CA VAL EE 252 12.61 67.20 54.21
C VAL EE 252 12.03 67.26 52.81
N ASP EE 253 11.42 68.40 52.48
CA ASP EE 253 10.89 68.68 51.16
C ASP EE 253 11.85 69.61 50.44
N LEU EE 254 12.15 69.29 49.17
CA LEU EE 254 13.13 70.05 48.41
C LEU EE 254 12.51 70.59 47.13
N ARG EE 255 12.81 71.84 46.83
CA ARG EE 255 12.38 72.51 45.61
C ARG EE 255 13.55 72.57 44.64
N VAL EE 256 13.34 72.05 43.44
CA VAL EE 256 14.37 72.02 42.41
C VAL EE 256 14.29 73.28 41.57
N GLN EE 257 15.44 73.79 41.14
CA GLN EE 257 15.47 74.98 40.30
C GLN EE 257 14.74 74.74 38.98
N GLY EE 258 14.96 73.58 38.37
CA GLY EE 258 14.37 73.25 37.09
C GLY EE 258 12.99 72.63 37.22
N TYR EE 259 12.50 72.14 36.08
CA TYR EE 259 11.22 71.47 36.00
C TYR EE 259 11.42 70.03 35.55
N GLY EE 260 10.81 69.10 36.25
CA GLY EE 260 10.90 67.70 35.88
C GLY EE 260 9.94 67.35 34.76
N PRO EE 261 9.75 66.05 34.52
CA PRO EE 261 8.77 65.64 33.51
C PRO EE 261 7.35 66.01 33.86
N ASN EE 262 7.08 66.31 35.12
CA ASN EE 262 5.75 66.64 35.59
C ASN EE 262 5.73 68.08 36.11
N ALA EE 263 4.58 68.72 36.00
CA ALA EE 263 4.40 70.09 36.46
C ALA EE 263 2.95 70.38 36.79
N ASP EE 278 -8.33 75.10 47.36
CA ASP EE 278 -7.52 76.16 47.94
C ASP EE 278 -7.71 76.24 49.46
N LEU EE 279 -7.69 77.46 49.99
CA LEU EE 279 -7.86 77.65 51.44
C LEU EE 279 -9.26 77.25 51.90
N LEU EE 280 -10.21 77.12 50.98
CA LEU EE 280 -11.57 76.75 51.37
C LEU EE 280 -11.60 75.37 52.01
N LEU EE 281 -10.87 74.41 51.43
CA LEU EE 281 -10.82 73.07 52.00
C LEU EE 281 -10.24 73.09 53.40
N HIS EE 282 -9.14 73.83 53.59
CA HIS EE 282 -8.49 73.89 54.89
C HIS EE 282 -9.40 74.52 55.94
N VAL EE 283 -10.03 75.64 55.58
CA VAL EE 283 -10.91 76.30 56.56
C VAL EE 283 -12.13 75.44 56.84
N LEU EE 284 -12.63 74.72 55.84
CA LEU EE 284 -13.74 73.81 56.08
C LEU EE 284 -13.34 72.70 57.04
N GLU EE 285 -12.16 72.12 56.85
CA GLU EE 285 -11.72 71.05 57.74
C GLU EE 285 -11.40 71.56 59.14
N GLY EE 286 -11.03 72.84 59.27
CA GLY EE 286 -10.81 73.43 60.58
C GLY EE 286 -9.40 73.89 60.87
N VAL EE 287 -8.44 73.74 59.96
CA VAL EE 287 -7.10 74.27 60.19
C VAL EE 287 -7.10 75.76 59.86
N PRO EE 288 -6.76 76.63 60.81
CA PRO EE 288 -6.76 78.06 60.52
C PRO EE 288 -5.72 78.39 59.47
N PRO EE 289 -5.98 79.40 58.63
CA PRO EE 289 -4.98 79.80 57.64
C PRO EE 289 -3.78 80.41 58.32
N PRO EE 290 -2.60 80.31 57.71
CA PRO EE 290 -1.41 80.92 58.31
C PRO EE 290 -1.56 82.43 58.39
N GLY EE 291 -0.98 83.01 59.44
CA GLY EE 291 -1.08 84.44 59.66
C GLY EE 291 -2.39 84.89 60.27
N SER EE 292 -3.29 83.98 60.58
CA SER EE 292 -4.58 84.32 61.18
C SER EE 292 -4.47 84.27 62.71
N ARG EE 293 -5.58 84.55 63.37
CA ARG EE 293 -5.63 84.53 64.82
C ARG EE 293 -7.06 84.27 65.26
N ARG EE 294 -7.21 83.68 66.44
CA ARG EE 294 -8.52 83.42 66.99
C ARG EE 294 -9.24 84.72 67.33
N LEU EE 295 -10.56 84.69 67.21
CA LEU EE 295 -11.39 85.87 67.45
C LEU EE 295 -12.27 85.63 68.67
N VAL EE 296 -12.67 86.73 69.31
CA VAL EE 296 -13.51 86.69 70.49
C VAL EE 296 -14.96 86.61 70.02
N VAL EE 297 -15.51 85.41 70.01
CA VAL EE 297 -16.88 85.16 69.58
C VAL EE 297 -17.63 84.50 70.72
N SER EE 298 -18.83 85.01 71.00
CA SER EE 298 -19.63 84.51 72.11
C SER EE 298 -21.10 84.46 71.70
N GLY EE 299 -21.85 83.59 72.37
CA GLY EE 299 -23.26 83.44 72.12
C GLY EE 299 -23.64 82.34 71.15
N GLY EE 300 -22.66 81.63 70.59
CA GLY EE 300 -22.97 80.58 69.64
C GLY EE 300 -21.77 79.68 69.42
N ASP EE 301 -21.98 78.67 68.58
CA ASP EE 301 -20.96 77.68 68.26
C ASP EE 301 -20.41 78.02 66.88
N ALA EE 302 -19.33 78.79 66.85
CA ALA EE 302 -18.70 79.17 65.60
C ALA EE 302 -17.24 79.54 65.86
N ARG EE 303 -16.42 79.34 64.84
CA ARG EE 303 -15.02 79.71 64.87
C ARG EE 303 -14.79 80.84 63.89
N ALA EE 304 -14.06 81.87 64.32
CA ALA EE 304 -13.83 83.05 63.50
C ALA EE 304 -12.34 83.37 63.43
N TRP EE 305 -11.87 83.71 62.24
CA TRP EE 305 -10.48 84.12 62.05
C TRP EE 305 -10.42 85.23 61.01
N LEU EE 306 -9.31 85.96 61.03
CA LEU EE 306 -9.07 86.99 60.04
C LEU EE 306 -7.56 87.15 59.87
N SER EE 307 -7.10 87.06 58.61
CA SER EE 307 -5.68 87.18 58.33
C SER EE 307 -5.44 88.17 57.21
N ASN EE 308 -6.46 88.37 56.36
CA ASN EE 308 -6.37 89.19 55.16
C ASN EE 308 -7.56 90.13 55.09
N GLU EE 309 -7.82 90.83 56.20
CA GLU EE 309 -8.95 91.75 56.36
C GLU EE 309 -10.27 91.15 55.85
N LYS EE 310 -10.37 89.83 55.92
CA LYS EE 310 -11.59 89.11 55.57
C LYS EE 310 -11.86 88.06 56.63
N MET EE 311 -13.13 87.89 56.99
CA MET EE 311 -13.49 87.01 58.09
C MET EE 311 -13.82 85.62 57.57
N TYR EE 312 -13.18 84.62 58.15
CA TYR EE 312 -13.45 83.21 57.89
C TYR EE 312 -14.21 82.66 59.07
N VAL EE 313 -15.40 82.11 58.81
CA VAL EE 313 -16.28 81.60 59.85
C VAL EE 313 -16.59 80.13 59.55
N ARG EE 314 -16.38 79.28 60.54
CA ARG EE 314 -16.65 77.85 60.44
C ARG EE 314 -17.67 77.46 61.50
N THR EE 315 -18.80 76.92 61.08
CA THR EE 315 -19.86 76.54 62.00
C THR EE 315 -20.84 75.64 61.26
N ASN EE 316 -21.85 75.14 61.99
CA ASN EE 316 -22.94 74.37 61.41
C ASN EE 316 -24.20 75.21 61.27
N LEU EE 317 -24.07 76.52 61.31
CA LEU EE 317 -25.20 77.42 61.25
C LEU EE 317 -25.48 77.80 59.79
N THR EE 318 -26.33 78.82 59.60
CA THR EE 318 -26.65 79.33 58.27
C THR EE 318 -26.80 80.84 58.37
N ILE EE 319 -25.79 81.57 57.88
CA ILE EE 319 -25.79 83.02 57.99
C ILE EE 319 -26.61 83.62 56.86
N LEU EE 320 -27.35 84.68 57.16
CA LEU EE 320 -28.19 85.31 56.15
C LEU EE 320 -28.10 86.83 56.08
N SER EE 321 -27.68 87.52 57.15
CA SER EE 321 -27.86 88.97 57.19
C SER EE 321 -26.82 89.73 56.37
N PRO EE 322 -25.51 89.66 56.66
CA PRO EE 322 -24.58 90.51 55.93
C PRO EE 322 -24.34 90.04 54.51
N GLY EE 323 -24.17 88.72 54.34
CA GLY EE 323 -23.98 88.15 53.02
C GLY EE 323 -22.59 87.59 52.78
N TRP EE 324 -22.49 86.26 52.80
CA TRP EE 324 -21.21 85.59 52.62
C TRP EE 324 -20.67 85.81 51.21
N LEU EE 325 -19.34 85.74 51.09
CA LEU EE 325 -18.66 85.88 49.82
C LEU EE 325 -18.44 84.55 49.12
N ALA EE 326 -18.09 83.50 49.86
CA ALA EE 326 -17.93 82.17 49.29
C ALA EE 326 -18.42 81.13 50.28
N SER EE 327 -19.14 80.13 49.81
CA SER EE 327 -19.77 79.14 50.68
C SER EE 327 -19.24 77.75 50.35
N MET EE 328 -18.71 77.07 51.36
CA MET EE 328 -18.23 75.71 51.22
C MET EE 328 -19.05 74.80 52.12
N THR EE 329 -19.62 73.75 51.55
CA THR EE 329 -20.39 72.77 52.31
C THR EE 329 -19.67 71.42 52.28
N SER EE 330 -19.50 70.83 53.45
CA SER EE 330 -18.75 69.59 53.59
C SER EE 330 -19.65 68.38 53.35
N ALA EE 331 -19.02 67.21 53.34
CA ALA EE 331 -19.76 65.96 53.14
C ALA EE 331 -20.74 65.71 54.28
N ASP EE 332 -20.27 65.81 55.52
CA ASP EE 332 -21.16 65.64 56.66
C ASP EE 332 -22.16 66.77 56.78
N GLY EE 333 -21.86 67.94 56.23
CA GLY EE 333 -22.79 69.06 56.23
C GLY EE 333 -22.31 70.32 56.93
N THR EE 334 -21.05 70.41 57.37
CA THR EE 334 -20.61 71.63 58.00
C THR EE 334 -20.42 72.73 56.96
N HIS EE 335 -20.48 73.97 57.44
CA HIS EE 335 -20.47 75.15 56.58
C HIS EE 335 -19.24 76.00 56.87
N ALA EE 336 -18.57 76.42 55.80
CA ALA EE 336 -17.46 77.35 55.87
C ALA EE 336 -17.78 78.56 54.99
N TYR EE 337 -17.44 79.75 55.48
CA TYR EE 337 -17.76 80.98 54.78
C TYR EE 337 -16.51 81.83 54.63
N GLU EE 338 -16.17 82.18 53.40
CA GLU EE 338 -15.31 83.32 53.14
C GLU EE 338 -16.19 84.57 53.14
N MET EE 339 -15.81 85.55 53.95
CA MET EE 339 -16.68 86.68 54.24
C MET EE 339 -15.84 87.90 54.58
N GLN EE 340 -16.33 89.07 54.15
CA GLN EE 340 -15.69 90.32 54.53
C GLN EE 340 -16.05 90.69 55.96
N LYS EE 341 -15.26 91.60 56.53
CA LYS EE 341 -15.35 91.89 57.96
C LYS EE 341 -16.68 92.55 58.31
N SER EE 342 -17.20 92.19 59.49
CA SER EE 342 -18.43 92.77 60.03
C SER EE 342 -18.43 92.59 61.53
N PRO EE 343 -18.85 93.60 62.30
CA PRO EE 343 -18.75 93.50 63.76
C PRO EE 343 -19.85 92.67 64.40
N VAL EE 344 -21.06 92.74 63.86
CA VAL EE 344 -22.23 92.06 64.44
C VAL EE 344 -22.95 91.32 63.33
N LEU EE 345 -23.32 90.07 63.59
CA LEU EE 345 -24.00 89.23 62.62
C LEU EE 345 -25.33 88.76 63.18
N LEU EE 346 -26.21 88.31 62.29
CA LEU EE 346 -27.47 87.69 62.67
C LEU EE 346 -27.63 86.40 61.89
N VAL EE 347 -27.89 85.32 62.61
CA VAL EE 347 -27.89 83.97 62.05
C VAL EE 347 -29.21 83.29 62.38
N SER EE 348 -29.75 82.55 61.42
CA SER EE 348 -30.98 81.80 61.60
C SER EE 348 -30.68 80.38 62.08
N TRP EE 349 -31.70 79.76 62.68
CA TRP EE 349 -31.59 78.40 63.19
C TRP EE 349 -33.01 77.86 63.35
N HIS EE 350 -33.38 76.89 62.51
CA HIS EE 350 -34.65 76.17 62.63
C HIS EE 350 -35.85 77.12 62.65
N GLY EE 351 -35.71 78.29 62.03
CA GLY EE 351 -36.79 79.24 61.92
C GLY EE 351 -36.69 80.43 62.85
N LYS EE 352 -35.85 80.37 63.87
CA LYS EE 352 -35.66 81.50 64.78
C LYS EE 352 -34.32 82.17 64.45
N VAL EE 353 -34.34 83.50 64.36
CA VAL EE 353 -33.15 84.26 63.99
C VAL EE 353 -32.60 84.92 65.25
N MET EE 354 -31.38 84.53 65.63
CA MET EE 354 -30.69 85.14 66.76
C MET EE 354 -29.54 85.99 66.22
N GLN EE 355 -28.81 86.62 67.13
CA GLN EE 355 -27.73 87.51 66.75
C GLN EE 355 -26.46 87.11 67.49
N LEU EE 356 -25.32 87.47 66.90
CA LEU EE 356 -24.01 87.25 67.48
C LEU EE 356 -23.19 88.54 67.38
N LYS EE 357 -22.38 88.78 68.40
CA LYS EE 357 -21.48 89.93 68.42
C LYS EE 357 -20.07 89.44 68.69
N VAL EE 358 -19.13 89.85 67.84
CA VAL EE 358 -17.73 89.48 67.96
C VAL EE 358 -16.90 90.74 68.09
N GLU EE 359 -15.69 90.57 68.61
CA GLU EE 359 -14.80 91.69 68.85
C GLU EE 359 -13.36 91.22 68.73
N GLY EE 360 -12.47 92.19 68.51
CA GLY EE 360 -11.05 91.90 68.38
C GLY EE 360 -10.20 92.56 69.45
N ILE FE 862 -61.41 -18.55 21.53
CA ILE FE 862 -61.10 -19.59 20.56
C ILE FE 862 -62.27 -19.81 19.61
N ILE FE 863 -62.01 -19.70 18.32
CA ILE FE 863 -63.02 -19.88 17.29
C ILE FE 863 -62.52 -20.93 16.30
N LYS FE 864 -63.41 -21.85 15.94
CA LYS FE 864 -63.04 -22.97 15.08
C LYS FE 864 -62.49 -22.49 13.75
N THR FE 865 -61.62 -23.30 13.16
CA THR FE 865 -60.98 -22.94 11.90
C THR FE 865 -61.99 -23.05 10.77
N GLY FE 866 -62.63 -21.94 10.43
CA GLY FE 866 -63.54 -21.89 9.31
C GLY FE 866 -64.99 -22.21 9.63
N ASP FE 867 -65.40 -21.99 10.87
CA ASP FE 867 -66.78 -22.21 11.29
C ASP FE 867 -67.65 -21.07 10.78
N ILE FE 868 -68.96 -21.24 10.87
CA ILE FE 868 -69.94 -20.37 10.23
C ILE FE 868 -70.73 -19.64 11.31
N MET FE 869 -71.06 -18.38 11.03
CA MET FE 869 -71.88 -17.56 11.92
C MET FE 869 -72.82 -16.72 11.07
N PHE FE 870 -73.89 -16.21 11.70
CA PHE FE 870 -74.85 -15.36 11.01
C PHE FE 870 -74.48 -13.90 11.25
N ALA FE 871 -74.97 -13.03 10.37
CA ALA FE 871 -74.76 -11.60 10.51
C ALA FE 871 -75.84 -10.86 9.73
N VAL FE 872 -76.03 -9.59 10.07
CA VAL FE 872 -77.05 -8.76 9.44
C VAL FE 872 -76.35 -7.60 8.75
N LEU FE 873 -76.66 -7.39 7.48
CA LEU FE 873 -76.12 -6.29 6.70
C LEU FE 873 -77.11 -5.14 6.70
N ASP FE 874 -76.63 -3.96 7.10
CA ASP FE 874 -77.51 -2.83 7.36
C ASP FE 874 -77.28 -1.69 6.38
N THR FE 875 -76.07 -1.57 5.87
CA THR FE 875 -75.73 -0.47 4.96
C THR FE 875 -75.42 -1.03 3.58
N SER FE 876 -76.11 -0.50 2.57
CA SER FE 876 -75.92 -0.92 1.19
C SER FE 876 -74.86 -0.07 0.51
N VAL FE 877 -74.33 -0.56 -0.60
CA VAL FE 877 -73.33 0.15 -1.39
C VAL FE 877 -73.33 -0.41 -2.81
N ASN FE 878 -73.07 0.47 -3.77
CA ASN FE 878 -72.88 0.08 -5.16
C ASN FE 878 -71.44 -0.36 -5.39
N SER FE 879 -71.26 -1.29 -6.32
CA SER FE 879 -69.93 -1.75 -6.68
C SER FE 879 -69.26 -0.75 -7.61
N ASP FE 880 -69.20 0.50 -7.19
CA ASP FE 880 -68.68 1.58 -8.02
C ASP FE 880 -67.48 2.28 -7.42
N GLU FE 881 -67.51 2.58 -6.12
CA GLU FE 881 -66.44 3.34 -5.47
C GLU FE 881 -66.05 2.61 -4.20
N PRO FE 882 -64.75 2.51 -3.90
CA PRO FE 882 -64.34 1.82 -2.67
C PRO FE 882 -64.91 2.50 -1.44
N GLY FE 883 -65.33 1.68 -0.48
CA GLY FE 883 -65.87 2.18 0.75
C GLY FE 883 -65.96 1.13 1.83
N PRO FE 884 -65.73 1.55 3.08
CA PRO FE 884 -65.88 0.62 4.20
C PRO FE 884 -67.33 0.20 4.38
N ILE FE 885 -67.55 -1.06 4.76
CA ILE FE 885 -68.89 -1.59 4.99
C ILE FE 885 -68.87 -2.34 6.31
N LEU FE 886 -69.87 -2.09 7.15
CA LEU FE 886 -69.96 -2.68 8.48
C LEU FE 886 -71.15 -3.62 8.54
N ALA FE 887 -70.96 -4.74 9.22
CA ALA FE 887 -72.00 -5.73 9.47
C ALA FE 887 -72.07 -6.03 10.97
N THR FE 888 -73.21 -6.56 11.40
CA THR FE 888 -73.47 -6.78 12.83
C THR FE 888 -73.80 -8.23 13.06
N ILE FE 889 -73.03 -8.90 13.93
CA ILE FE 889 -73.37 -10.25 14.34
C ILE FE 889 -74.56 -10.20 15.27
N VAL FE 890 -75.57 -11.03 15.00
CA VAL FE 890 -76.82 -10.99 15.73
C VAL FE 890 -77.06 -12.24 16.56
N THR FE 891 -76.17 -13.23 16.52
CA THR FE 891 -76.36 -14.43 17.33
C THR FE 891 -75.02 -15.01 17.78
N GLY FE 892 -75.06 -16.24 18.31
CA GLY FE 892 -73.84 -16.89 18.73
C GLY FE 892 -73.29 -16.31 20.02
N LYS FE 893 -72.05 -16.72 20.33
CA LYS FE 893 -71.39 -16.24 21.53
C LYS FE 893 -71.14 -14.73 21.48
N LEU FE 894 -70.56 -14.26 20.38
CA LEU FE 894 -70.36 -12.82 20.20
C LEU FE 894 -71.66 -12.20 19.73
N LYS FE 895 -72.27 -11.38 20.58
CA LYS FE 895 -73.56 -10.78 20.32
C LYS FE 895 -73.40 -9.27 20.26
N GLY FE 896 -73.94 -8.65 19.21
CA GLY FE 896 -73.80 -7.22 19.04
C GLY FE 896 -72.46 -6.77 18.53
N SER FE 897 -71.56 -7.72 18.23
CA SER FE 897 -70.27 -7.37 17.67
C SER FE 897 -70.44 -6.83 16.25
N LYS FE 898 -69.49 -6.01 15.81
CA LYS FE 898 -69.55 -5.45 14.48
C LYS FE 898 -68.27 -5.74 13.71
N LEU FE 899 -68.30 -5.51 12.40
CA LEU FE 899 -67.18 -5.89 11.54
C LEU FE 899 -67.16 -4.97 10.32
N ILE FE 900 -66.07 -4.23 10.16
CA ILE FE 900 -65.82 -3.39 8.99
C ILE FE 900 -64.96 -4.16 8.02
N GLY FE 901 -65.21 -3.94 6.73
CA GLY FE 901 -64.41 -4.53 5.67
C GLY FE 901 -64.64 -3.80 4.36
N SER FE 902 -64.22 -4.39 3.26
CA SER FE 902 -64.34 -3.73 1.97
C SER FE 902 -64.85 -4.75 0.96
N PHE FE 903 -65.01 -4.31 -0.28
CA PHE FE 903 -65.49 -5.15 -1.37
C PHE FE 903 -64.43 -5.23 -2.46
N ASN FE 904 -64.70 -6.07 -3.45
CA ASN FE 904 -63.83 -6.20 -4.62
C ASN FE 904 -64.70 -6.22 -5.86
N LEU FE 905 -64.06 -5.93 -6.99
CA LEU FE 905 -64.76 -5.96 -8.26
C LEU FE 905 -64.31 -7.18 -9.06
N PRO FE 906 -65.22 -8.07 -9.43
CA PRO FE 906 -64.86 -9.22 -10.24
C PRO FE 906 -64.83 -8.88 -11.73
N SER FE 907 -64.18 -9.74 -12.50
CA SER FE 907 -64.07 -9.54 -13.94
C SER FE 907 -65.45 -9.51 -14.61
N ASN FE 908 -66.34 -10.42 -14.22
CA ASN FE 908 -67.71 -10.43 -14.68
C ASN FE 908 -68.64 -10.30 -13.48
N ALA FE 909 -69.91 -9.98 -13.74
CA ALA FE 909 -70.87 -9.69 -12.68
C ALA FE 909 -71.57 -10.95 -12.17
N ASP FE 910 -70.91 -12.10 -12.25
CA ASP FE 910 -71.46 -13.38 -11.83
C ASP FE 910 -71.64 -13.49 -10.32
N LYS FE 911 -70.99 -12.63 -9.54
CA LYS FE 911 -71.09 -12.71 -8.09
C LYS FE 911 -70.53 -11.44 -7.48
N MET FE 912 -70.68 -11.33 -6.17
CA MET FE 912 -70.06 -10.26 -5.41
C MET FE 912 -69.67 -10.82 -4.04
N VAL FE 913 -68.39 -10.66 -3.69
CA VAL FE 913 -67.87 -11.13 -2.42
C VAL FE 913 -67.36 -9.92 -1.64
N ILE FE 914 -67.29 -10.08 -0.32
CA ILE FE 914 -66.98 -8.98 0.58
C ILE FE 914 -65.80 -9.37 1.46
N THR FE 915 -64.82 -8.48 1.56
CA THR FE 915 -63.73 -8.62 2.51
C THR FE 915 -64.22 -8.11 3.86
N PHE FE 916 -63.98 -8.88 4.92
CA PHE FE 916 -64.42 -8.54 6.26
C PHE FE 916 -63.34 -8.94 7.25
N ASN FE 917 -62.56 -7.96 7.69
CA ASN FE 917 -61.41 -8.25 8.54
C ASN FE 917 -61.39 -7.45 9.84
N THR FE 918 -61.82 -6.19 9.81
CA THR FE 918 -61.69 -5.31 10.98
C THR FE 918 -62.85 -5.58 11.91
N MET FE 919 -62.68 -6.56 12.79
CA MET FE 919 -63.77 -7.04 13.66
C MET FE 919 -63.64 -6.37 15.03
N SER FE 920 -64.70 -5.70 15.46
CA SER FE 920 -64.75 -5.03 16.75
C SER FE 920 -65.75 -5.76 17.65
N ILE FE 921 -65.27 -6.18 18.82
CA ILE FE 921 -66.07 -6.89 19.81
C ILE FE 921 -66.48 -5.90 20.88
N PRO FE 922 -67.76 -5.91 21.33
CA PRO FE 922 -68.19 -4.95 22.35
C PRO FE 922 -67.58 -5.24 23.71
N GLY FE 923 -67.82 -4.34 24.66
CA GLY FE 923 -67.30 -4.52 26.00
C GLY FE 923 -65.87 -4.03 26.17
N ALA FE 924 -64.91 -4.78 25.65
CA ALA FE 924 -63.50 -4.45 25.78
C ALA FE 924 -63.02 -3.68 24.56
N GLU FE 925 -62.22 -2.65 24.81
CA GLU FE 925 -61.71 -1.78 23.76
C GLU FE 925 -60.51 -2.45 23.09
N LYS FE 926 -60.80 -3.52 22.36
CA LYS FE 926 -59.79 -4.27 21.61
C LYS FE 926 -60.32 -4.51 20.21
N THR FE 927 -59.40 -4.78 19.29
CA THR FE 927 -59.77 -4.96 17.88
C THR FE 927 -58.88 -6.06 17.30
N ILE FE 928 -59.44 -7.26 17.15
CA ILE FE 928 -58.77 -8.33 16.42
C ILE FE 928 -59.04 -8.11 14.93
N SER FE 929 -58.30 -8.81 14.07
CA SER FE 929 -58.42 -8.60 12.64
C SER FE 929 -58.71 -9.90 11.90
N ILE FE 930 -59.66 -10.68 12.39
CA ILE FE 930 -60.07 -11.92 11.72
C ILE FE 930 -60.69 -11.55 10.38
N SER FE 931 -60.15 -12.12 9.31
CA SER FE 931 -60.61 -11.86 7.95
C SER FE 931 -61.51 -13.01 7.50
N ALA FE 932 -62.64 -12.67 6.88
CA ALA FE 932 -63.63 -13.68 6.53
C ALA FE 932 -64.46 -13.17 5.36
N TYR FE 933 -65.16 -14.09 4.71
CA TYR FE 933 -66.02 -13.81 3.56
C TYR FE 933 -67.47 -14.14 3.90
N ALA FE 934 -68.36 -13.91 2.94
CA ALA FE 934 -69.80 -14.06 3.14
C ALA FE 934 -70.41 -14.92 2.06
N ILE FE 935 -71.50 -15.60 2.42
CA ILE FE 935 -72.30 -16.40 1.49
C ILE FE 935 -73.75 -16.03 1.67
N ASP FE 936 -74.56 -16.30 0.64
CA ASP FE 936 -75.98 -15.95 0.70
C ASP FE 936 -76.70 -16.90 1.67
N PRO FE 937 -77.29 -16.38 2.74
CA PRO FE 937 -77.98 -17.27 3.70
C PRO FE 937 -79.17 -17.97 3.06
N ASN FE 938 -79.35 -19.23 3.44
CA ASN FE 938 -80.38 -20.14 2.94
C ASN FE 938 -80.25 -20.38 1.43
N THR FE 939 -79.23 -19.82 0.79
CA THR FE 939 -78.98 -20.04 -0.63
C THR FE 939 -77.64 -20.76 -0.80
N ALA FE 940 -76.70 -20.43 0.09
CA ALA FE 940 -75.37 -21.04 0.11
C ALA FE 940 -74.66 -20.86 -1.22
N ARG FE 941 -74.79 -19.66 -1.77
CA ARG FE 941 -74.17 -19.32 -3.04
C ARG FE 941 -73.48 -17.97 -2.90
N THR FE 942 -72.53 -17.72 -3.79
CA THR FE 942 -71.75 -16.49 -3.78
C THR FE 942 -72.38 -15.37 -4.61
N ALA FE 943 -73.49 -15.64 -5.27
CA ALA FE 943 -74.15 -14.60 -6.06
C ALA FE 943 -74.77 -13.55 -5.15
N LEU FE 944 -74.82 -12.32 -5.66
CA LEU FE 944 -75.37 -11.19 -4.92
C LEU FE 944 -76.72 -10.79 -5.51
N ALA FE 945 -77.67 -10.46 -4.62
CA ALA FE 945 -78.99 -10.02 -5.03
C ALA FE 945 -78.88 -8.60 -5.60
N SER FE 946 -78.74 -8.55 -6.92
CA SER FE 946 -78.62 -7.28 -7.63
C SER FE 946 -79.00 -7.52 -9.09
N ARG FE 947 -79.06 -6.44 -9.86
CA ARG FE 947 -79.35 -6.51 -11.28
C ARG FE 947 -78.08 -6.25 -12.08
N THR FE 948 -77.96 -6.96 -13.21
CA THR FE 948 -76.74 -6.95 -13.99
C THR FE 948 -76.92 -6.52 -15.44
N ASN FE 949 -78.14 -6.25 -15.89
CA ASN FE 949 -78.40 -5.79 -17.25
C ASN FE 949 -78.49 -4.28 -17.31
N HIS FE 950 -77.71 -3.58 -16.48
CA HIS FE 950 -77.85 -2.15 -16.31
C HIS FE 950 -77.57 -1.37 -17.57
N HIS FE 951 -76.42 -1.61 -18.21
CA HIS FE 951 -75.94 -0.75 -19.29
C HIS FE 951 -75.43 -1.58 -20.46
N TYR FE 952 -76.21 -2.57 -20.89
CA TYR FE 952 -75.98 -3.22 -22.17
C TYR FE 952 -76.74 -2.55 -23.29
N LEU FE 953 -78.06 -2.49 -23.16
CA LEU FE 953 -78.91 -1.95 -24.22
C LEU FE 953 -78.67 -0.46 -24.43
N MET FE 954 -78.23 0.25 -23.40
CA MET FE 954 -77.90 1.66 -23.56
C MET FE 954 -76.86 1.87 -24.66
N ARG FE 955 -75.67 1.30 -24.45
CA ARG FE 955 -74.61 1.44 -25.45
C ARG FE 955 -74.97 0.74 -26.76
N TYR FE 956 -75.65 -0.41 -26.68
CA TYR FE 956 -76.09 -1.08 -27.91
C TYR FE 956 -76.92 -0.15 -28.78
N GLY FE 957 -77.95 0.46 -28.20
CA GLY FE 957 -78.81 1.32 -28.97
C GLY FE 957 -78.11 2.58 -29.44
N SER FE 958 -77.27 3.16 -28.59
CA SER FE 958 -76.53 4.35 -29.02
C SER FE 958 -75.67 4.06 -30.25
N LEU FE 959 -74.89 2.97 -30.19
CA LEU FE 959 -74.03 2.61 -31.31
C LEU FE 959 -74.85 2.27 -32.54
N PHE FE 960 -75.93 1.52 -32.35
CA PHE FE 960 -76.76 1.13 -33.49
C PHE FE 960 -77.37 2.35 -34.16
N ALA FE 961 -77.88 3.30 -33.38
CA ALA FE 961 -78.44 4.51 -33.97
C ALA FE 961 -77.38 5.32 -34.68
N SER FE 962 -76.18 5.42 -34.11
CA SER FE 962 -75.10 6.14 -34.78
C SER FE 962 -74.79 5.53 -36.13
N SER FE 963 -74.63 4.20 -36.16
CA SER FE 963 -74.34 3.52 -37.43
C SER FE 963 -75.48 3.69 -38.42
N PHE FE 964 -76.72 3.57 -37.95
CA PHE FE 964 -77.86 3.72 -38.85
C PHE FE 964 -77.89 5.13 -39.46
N LEU FE 965 -77.56 6.14 -38.66
CA LEU FE 965 -77.49 7.50 -39.18
C LEU FE 965 -76.43 7.61 -40.27
N GLN FE 966 -75.21 7.12 -39.99
CA GLN FE 966 -74.15 7.16 -40.99
C GLN FE 966 -74.61 6.52 -42.28
N GLY FE 967 -75.13 5.30 -42.19
CA GLY FE 967 -75.55 4.59 -43.38
C GLY FE 967 -76.66 5.30 -44.11
N PHE FE 968 -77.62 5.85 -43.38
CA PHE FE 968 -78.76 6.49 -44.03
C PHE FE 968 -78.31 7.68 -44.84
N GLY FE 969 -77.55 8.58 -44.22
CA GLY FE 969 -77.05 9.72 -44.95
C GLY FE 969 -76.24 9.31 -46.17
N ASN FE 970 -75.22 8.47 -45.97
CA ASN FE 970 -74.31 8.18 -47.07
C ASN FE 970 -75.00 7.43 -48.20
N ALA FE 971 -75.82 6.43 -47.89
CA ALA FE 971 -76.42 5.62 -48.95
C ALA FE 971 -77.53 6.36 -49.66
N PHE FE 972 -78.36 7.12 -48.94
CA PHE FE 972 -79.36 7.89 -49.64
C PHE FE 972 -78.77 9.04 -50.43
N GLN FE 973 -77.56 9.49 -50.10
CA GLN FE 973 -76.88 10.41 -51.01
C GLN FE 973 -76.33 9.68 -52.23
N SER FE 974 -75.75 8.49 -52.02
CA SER FE 974 -75.17 7.75 -53.13
C SER FE 974 -76.23 7.34 -54.14
N ALA FE 975 -77.43 7.02 -53.67
CA ALA FE 975 -78.50 6.55 -54.54
C ALA FE 975 -79.24 7.69 -55.25
N ASN FE 976 -78.76 8.92 -55.13
CA ASN FE 976 -79.41 10.04 -55.79
C ASN FE 976 -79.37 9.91 -57.31
N THR FE 977 -78.27 9.44 -57.86
CA THR FE 977 -78.16 9.34 -59.32
C THR FE 977 -79.09 8.28 -59.87
N THR FE 978 -79.09 7.08 -59.29
CA THR FE 978 -79.90 5.98 -59.79
C THR FE 978 -81.30 5.98 -59.16
N SER FE 999 -85.23 18.80 -51.40
CA SER FE 999 -84.31 19.37 -50.43
C SER FE 999 -84.44 18.67 -49.09
N THR FE 1000 -85.65 18.20 -48.78
CA THR FE 1000 -85.87 17.50 -47.53
C THR FE 1000 -85.04 16.21 -47.45
N LEU FE 1001 -85.03 15.43 -48.54
CA LEU FE 1001 -84.18 14.25 -48.58
C LEU FE 1001 -82.71 14.64 -48.50
N GLU FE 1002 -82.34 15.74 -49.14
CA GLU FE 1002 -80.97 16.24 -49.05
C GLU FE 1002 -80.57 16.49 -47.60
N ASN FE 1003 -81.43 17.17 -46.85
CA ASN FE 1003 -81.08 17.53 -45.48
C ASN FE 1003 -81.15 16.34 -44.54
N ALA FE 1004 -82.03 15.38 -44.82
CA ALA FE 1004 -82.00 14.12 -44.09
C ALA FE 1004 -80.68 13.41 -44.28
N VAL FE 1005 -80.24 13.29 -45.53
CA VAL FE 1005 -78.91 12.73 -45.82
C VAL FE 1005 -77.85 13.50 -45.08
N ILE FE 1006 -77.93 14.82 -45.11
CA ILE FE 1006 -76.99 15.69 -44.43
C ILE FE 1006 -76.85 15.30 -42.98
N GLY FE 1007 -77.95 15.41 -42.23
CA GLY FE 1007 -77.89 15.17 -40.80
C GLY FE 1007 -77.44 13.76 -40.48
N LEU FE 1008 -78.01 12.77 -41.16
CA LEU FE 1008 -77.66 11.39 -40.85
C LEU FE 1008 -76.18 11.13 -41.12
N ALA FE 1009 -75.72 11.43 -42.34
CA ALA FE 1009 -74.36 11.10 -42.73
C ALA FE 1009 -73.32 11.89 -41.95
N THR FE 1010 -73.69 13.03 -41.38
CA THR FE 1010 -72.68 13.77 -40.64
C THR FE 1010 -72.71 13.50 -39.14
N VAL FE 1011 -73.89 13.34 -38.53
CA VAL FE 1011 -73.94 13.12 -37.10
C VAL FE 1011 -73.83 11.65 -36.72
N GLY FE 1012 -73.88 10.74 -37.69
CA GLY FE 1012 -73.67 9.34 -37.36
C GLY FE 1012 -72.25 9.05 -36.93
N LYS FE 1013 -71.27 9.70 -37.57
CA LYS FE 1013 -69.88 9.29 -37.39
C LYS FE 1013 -69.33 9.67 -36.03
N ALA FE 1014 -69.56 10.92 -35.60
CA ALA FE 1014 -69.09 11.33 -34.27
C ALA FE 1014 -69.77 10.51 -33.19
N TRP FE 1015 -71.07 10.26 -33.34
CA TRP FE 1015 -71.77 9.41 -32.39
C TRP FE 1015 -71.21 8.00 -32.41
N SER FE 1016 -70.84 7.48 -33.57
CA SER FE 1016 -70.29 6.14 -33.65
C SER FE 1016 -68.95 6.04 -32.94
N GLN FE 1017 -68.08 7.02 -33.15
CA GLN FE 1017 -66.80 6.97 -32.46
C GLN FE 1017 -66.96 7.16 -30.96
N GLN FE 1018 -67.89 8.03 -30.52
CA GLN FE 1018 -68.13 8.16 -29.10
C GLN FE 1018 -68.72 6.88 -28.51
N ALA FE 1019 -69.58 6.20 -29.26
CA ALA FE 1019 -70.14 4.94 -28.79
C ALA FE 1019 -69.07 3.87 -28.66
N GLN FE 1020 -68.14 3.81 -29.61
CA GLN FE 1020 -66.99 2.93 -29.45
C GLN FE 1020 -66.17 3.33 -28.24
N GLN FE 1021 -66.09 4.63 -27.97
CA GLN FE 1021 -65.36 5.11 -26.79
C GLN FE 1021 -66.02 4.66 -25.49
N LEU FE 1022 -67.35 4.66 -25.44
CA LEU FE 1022 -68.08 4.40 -24.20
C LEU FE 1022 -68.64 2.99 -24.10
N PHE FE 1023 -68.35 2.13 -25.08
CA PHE FE 1023 -68.93 0.78 -25.07
C PHE FE 1023 -68.39 -0.06 -23.91
N ASN FE 1024 -67.28 0.34 -23.32
CA ASN FE 1024 -66.55 -0.50 -22.37
C ASN FE 1024 -66.97 -0.30 -20.92
N THR FE 1025 -67.91 0.60 -20.63
CA THR FE 1025 -68.33 0.77 -19.24
C THR FE 1025 -69.14 -0.45 -18.80
N PRO FE 1026 -68.72 -1.15 -17.76
CA PRO FE 1026 -69.41 -2.38 -17.34
C PRO FE 1026 -70.73 -2.05 -16.66
N THR FE 1027 -71.60 -3.04 -16.62
CA THR FE 1027 -72.85 -2.98 -15.86
C THR FE 1027 -72.53 -3.20 -14.39
N THR FE 1028 -73.11 -2.39 -13.53
CA THR FE 1028 -72.79 -2.44 -12.11
C THR FE 1028 -73.72 -3.39 -11.37
N VAL FE 1029 -73.28 -3.78 -10.17
CA VAL FE 1029 -74.10 -4.51 -9.21
C VAL FE 1029 -74.08 -3.73 -7.90
N GLU FE 1030 -75.16 -3.86 -7.14
CA GLU FE 1030 -75.28 -3.11 -5.90
C GLU FE 1030 -75.95 -3.96 -4.84
N VAL FE 1031 -75.32 -4.05 -3.67
CA VAL FE 1031 -75.92 -4.79 -2.56
C VAL FE 1031 -77.09 -3.98 -1.98
N TYR FE 1032 -77.86 -4.66 -1.13
CA TYR FE 1032 -78.99 -4.02 -0.48
C TYR FE 1032 -78.79 -3.94 1.03
N SER FE 1033 -79.47 -2.99 1.65
CA SER FE 1033 -79.21 -2.63 3.04
C SER FE 1033 -80.00 -3.48 4.03
N GLY FE 1034 -80.81 -4.43 3.57
CA GLY FE 1034 -81.64 -5.18 4.48
C GLY FE 1034 -81.62 -6.68 4.25
N THR FE 1035 -80.48 -7.21 3.82
CA THR FE 1035 -80.34 -8.64 3.58
C THR FE 1035 -79.39 -9.23 4.61
N GLY FE 1036 -79.75 -10.40 5.14
CA GLY FE 1036 -78.87 -11.12 6.03
C GLY FE 1036 -77.72 -11.77 5.28
N LEU FE 1037 -76.76 -12.28 6.05
CA LEU FE 1037 -75.59 -12.89 5.45
C LEU FE 1037 -75.01 -13.90 6.43
N GLY FE 1038 -74.18 -14.80 5.88
CA GLY FE 1038 -73.45 -15.76 6.67
C GLY FE 1038 -71.95 -15.63 6.42
N ILE FE 1039 -71.19 -15.69 7.52
CA ILE FE 1039 -69.76 -15.46 7.49
C ILE FE 1039 -69.06 -16.71 7.97
N LEU FE 1040 -68.20 -17.27 7.11
CA LEU FE 1040 -67.34 -18.38 7.49
C LEU FE 1040 -65.94 -17.84 7.78
N PHE FE 1041 -65.27 -18.44 8.74
CA PHE FE 1041 -63.96 -17.98 9.17
C PHE FE 1041 -62.86 -18.50 8.25
N THR FE 1042 -61.70 -17.87 8.35
CA THR FE 1042 -60.51 -18.29 7.62
C THR FE 1042 -59.37 -18.69 8.53
N GLN FE 1043 -59.06 -17.86 9.54
CA GLN FE 1043 -58.06 -18.17 10.55
C GLN FE 1043 -58.72 -18.11 11.92
N ASP FE 1044 -58.02 -18.60 12.92
CA ASP FE 1044 -58.57 -18.68 14.26
C ASP FE 1044 -58.11 -17.50 15.11
N VAL FE 1045 -58.81 -17.26 16.21
CA VAL FE 1045 -58.47 -16.24 17.18
C VAL FE 1045 -58.60 -16.85 18.58
N THR FE 1046 -58.44 -16.01 19.60
CA THR FE 1046 -58.55 -16.46 20.98
C THR FE 1046 -59.65 -15.72 21.73
N UNK GE 1 7.76 61.84 96.24
CA UNK GE 1 8.98 61.93 97.02
C UNK GE 1 10.13 62.52 96.19
N UNK GE 2 10.06 63.82 95.95
CA UNK GE 2 11.09 64.52 95.18
C UNK GE 2 11.45 65.82 95.89
N UNK GE 3 12.67 66.29 95.65
CA UNK GE 3 13.21 67.47 96.31
C UNK GE 3 13.61 68.49 95.25
N UNK GE 4 12.67 69.39 94.91
CA UNK GE 4 12.97 70.45 93.96
C UNK GE 4 14.05 71.38 94.50
N UNK GE 5 14.03 71.67 95.80
CA UNK GE 5 15.05 72.53 96.38
C UNK GE 5 16.43 71.89 96.27
N UNK GE 6 16.53 70.60 96.58
CA UNK GE 6 17.82 69.93 96.46
C UNK GE 6 18.27 69.88 95.00
N UNK GE 7 17.35 69.65 94.08
CA UNK GE 7 17.71 69.64 92.66
C UNK GE 7 18.23 71.01 92.23
N UNK GE 8 17.56 72.08 92.66
CA UNK GE 8 18.02 73.42 92.32
C UNK GE 8 19.38 73.71 92.93
N UNK GE 9 19.60 73.28 94.17
CA UNK GE 9 20.90 73.48 94.82
C UNK GE 9 22.01 72.74 94.07
N UNK GE 10 21.74 71.51 93.66
CA UNK GE 10 22.74 70.75 92.90
C UNK GE 10 23.03 71.42 91.56
N UNK GE 11 21.98 71.89 90.88
CA UNK GE 11 22.18 72.56 89.60
C UNK GE 11 23.00 73.84 89.78
N UNK GE 12 22.71 74.60 90.83
CA UNK GE 12 23.47 75.82 91.09
C UNK GE 12 24.93 75.51 91.42
N UNK GE 13 25.16 74.46 92.21
CA UNK GE 13 26.53 74.07 92.52
C UNK GE 13 27.29 73.65 91.27
N UNK GE 14 26.63 72.91 90.38
CA UNK GE 14 27.27 72.51 89.13
C UNK GE 14 27.56 73.72 88.25
N UNK GE 15 26.62 74.66 88.16
CA UNK GE 15 26.80 75.80 87.28
C UNK GE 15 27.88 76.75 87.79
N UNK GE 16 27.82 77.09 89.08
CA UNK GE 16 28.76 78.04 89.67
C UNK GE 16 29.99 77.29 90.18
N UNK GE 17 30.79 76.83 89.22
CA UNK GE 17 32.06 76.16 89.53
C UNK GE 17 33.26 77.05 89.28
N UNK GE 18 33.30 77.77 88.15
CA UNK GE 18 34.36 78.71 87.82
C UNK GE 18 35.74 78.05 87.82
N UNK GE 19 35.77 76.73 87.65
CA UNK GE 19 37.02 75.97 87.67
C UNK GE 19 37.11 75.15 86.40
N UNK GE 20 38.22 75.30 85.68
CA UNK GE 20 38.44 74.56 84.45
C UNK GE 20 39.94 74.43 84.21
N UNK GE 21 40.29 73.43 83.40
CA UNK GE 21 41.67 73.18 82.98
C UNK GE 21 41.65 73.14 81.46
N UNK GE 22 41.80 74.31 80.83
CA UNK GE 22 41.73 74.44 79.38
C UNK GE 22 43.14 74.63 78.83
N UNK GE 23 43.49 73.81 77.84
CA UNK GE 23 44.79 73.87 77.20
C UNK GE 23 44.61 73.96 75.70
N UNK GE 24 45.44 74.77 75.05
CA UNK GE 24 45.43 74.89 73.60
C UNK GE 24 46.53 74.03 73.02
N UNK GE 25 46.19 73.27 71.98
CA UNK GE 25 47.11 72.35 71.35
C UNK GE 25 47.51 72.87 69.97
N UNK GE 26 48.74 72.55 69.58
CA UNK GE 26 49.26 72.92 68.28
C UNK GE 26 49.25 71.70 67.35
N UNK GE 27 49.63 71.93 66.09
CA UNK GE 27 49.72 70.83 65.14
C UNK GE 27 50.85 69.87 65.49
N UNK GE 28 51.85 70.36 66.24
CA UNK GE 28 52.98 69.54 66.66
C UNK GE 28 52.69 68.75 67.93
N UNK GE 29 51.43 68.56 68.27
CA UNK GE 29 51.00 67.80 69.44
C UNK GE 29 51.56 68.38 70.74
N UNK GE 30 51.77 69.70 70.77
CA UNK GE 30 52.21 70.39 71.96
C UNK GE 30 51.03 71.13 72.57
N UNK GE 31 50.75 70.87 73.84
CA UNK GE 31 49.62 71.46 74.55
C UNK GE 31 50.13 72.40 75.63
N UNK GE 32 49.65 73.64 75.60
CA UNK GE 32 50.01 74.65 76.58
C UNK GE 32 48.76 75.07 77.34
N UNK GE 33 48.87 75.12 78.66
CA UNK GE 33 47.74 75.43 79.53
C UNK GE 33 48.08 76.62 80.42
N UNK GE 34 47.05 77.34 80.83
CA UNK GE 34 47.16 78.49 81.72
C UNK GE 34 46.40 78.21 83.01
N UNK GE 35 46.36 79.21 83.89
CA UNK GE 35 45.68 79.08 85.16
C UNK GE 35 44.17 79.04 84.95
N UNK GE 36 43.44 78.73 86.03
CA UNK GE 36 41.99 78.68 85.96
C UNK GE 36 41.43 80.09 85.75
N UNK GE 37 40.54 80.22 84.77
CA UNK GE 37 39.93 81.50 84.44
C UNK GE 37 38.44 81.31 84.24
N UNK GE 38 37.69 82.39 84.44
CA UNK GE 38 36.24 82.39 84.33
C UNK GE 38 35.60 81.33 85.23
N UNK GE 39 42.24 70.67 66.19
CA UNK GE 39 43.59 70.37 66.70
C UNK GE 39 44.20 71.61 67.36
N UNK GE 40 43.43 72.70 67.39
CA UNK GE 40 43.86 73.94 68.00
C UNK GE 40 43.32 74.14 69.41
N UNK GE 41 42.01 73.98 69.59
CA UNK GE 41 41.40 74.09 70.91
C UNK GE 41 40.16 73.20 70.90
N UNK GE 42 40.29 72.00 71.48
CA UNK GE 42 39.18 71.06 71.50
C UNK GE 42 38.05 71.57 72.37
N UNK GE 43 36.82 71.21 71.97
CA UNK GE 43 35.67 71.53 72.81
C UNK GE 43 35.74 70.82 74.15
N UNK GE 44 36.38 69.65 74.20
CA UNK GE 44 36.59 68.92 75.43
C UNK GE 44 37.95 69.22 76.05
N UNK GE 45 38.72 70.15 75.49
CA UNK GE 45 40.04 70.46 76.04
C UNK GE 45 39.93 70.99 77.46
N UNK GE 46 38.95 71.85 77.73
CA UNK GE 46 38.74 72.34 79.08
C UNK GE 46 38.29 71.21 79.99
N UNK GE 47 38.88 71.14 81.18
CA UNK GE 47 38.58 70.09 82.14
C UNK GE 47 38.22 70.74 83.49
N UNK GE 48 36.96 70.62 83.87
CA UNK GE 48 36.49 71.20 85.13
C UNK GE 48 37.02 70.39 86.31
N LEU HE 113 40.82 184.06 -20.43
CA LEU HE 113 41.49 183.23 -21.43
C LEU HE 113 40.65 182.00 -21.74
N ASN HE 114 39.47 182.22 -22.33
CA ASN HE 114 38.53 181.14 -22.60
C ASN HE 114 38.08 181.08 -24.06
N ARG HE 115 38.49 182.02 -24.91
CA ARG HE 115 38.04 182.05 -26.29
C ARG HE 115 39.22 182.39 -27.19
N PHE HE 116 39.31 181.69 -28.32
CA PHE HE 116 40.34 182.03 -29.30
C PHE HE 116 39.84 181.66 -30.69
N ARG HE 117 39.82 182.65 -31.58
CA ARG HE 117 39.53 182.45 -32.99
C ARG HE 117 40.64 183.12 -33.79
N TYR HE 118 41.25 182.38 -34.71
CA TYR HE 118 42.33 182.93 -35.51
C TYR HE 118 42.16 182.59 -36.98
N GLU HE 119 42.48 183.57 -37.82
CA GLU HE 119 42.68 183.38 -39.25
C GLU HE 119 43.90 184.21 -39.66
N GLY HE 120 44.52 183.81 -40.77
CA GLY HE 120 45.58 184.62 -41.35
C GLY HE 120 47.01 184.19 -41.09
N ALA HE 121 47.30 182.90 -41.27
CA ALA HE 121 48.67 182.39 -41.35
C ALA HE 121 49.46 182.73 -40.08
N GLY HE 122 49.05 182.10 -39.00
CA GLY HE 122 49.63 182.35 -37.69
C GLY HE 122 50.37 181.14 -37.16
N VAL HE 123 51.65 181.33 -36.84
CA VAL HE 123 52.47 180.30 -36.22
C VAL HE 123 52.53 180.61 -34.74
N VAL HE 124 51.83 179.81 -33.94
CA VAL HE 124 51.68 180.04 -32.50
C VAL HE 124 52.33 178.88 -31.77
N THR HE 125 53.13 179.19 -30.76
CA THR HE 125 53.79 178.19 -29.93
C THR HE 125 53.63 178.60 -28.47
N GLY HE 126 53.03 177.71 -27.68
CA GLY HE 126 52.76 178.04 -26.29
C GLY HE 126 52.75 176.80 -25.41
N ASN HE 127 52.94 177.03 -24.11
CA ASN HE 127 52.96 175.95 -23.14
C ASN HE 127 52.53 176.49 -21.79
N ASN HE 128 52.15 175.55 -20.91
CA ASN HE 128 51.75 175.86 -19.54
C ASN HE 128 50.53 176.78 -19.48
N LEU HE 129 49.64 176.66 -20.46
CA LEU HE 129 48.38 177.39 -20.42
C LEU HE 129 47.32 176.53 -19.74
N ARG HE 130 46.48 177.17 -18.93
CA ARG HE 130 45.48 176.47 -18.14
C ARG HE 130 44.16 177.20 -18.19
N THR HE 131 43.10 176.46 -18.51
CA THR HE 131 41.74 176.98 -18.47
C THR HE 131 40.78 175.81 -18.27
N SER HE 132 39.73 176.04 -17.48
CA SER HE 132 38.74 175.00 -17.28
C SER HE 132 38.02 174.67 -18.58
N TYR HE 133 37.88 175.64 -19.47
CA TYR HE 133 37.25 175.41 -20.77
C TYR HE 133 37.59 176.57 -21.68
N LEU HE 134 37.89 176.26 -22.94
CA LEU HE 134 38.06 177.27 -23.97
C LEU HE 134 37.38 176.81 -25.24
N ASP HE 135 37.01 177.78 -26.07
CA ASP HE 135 36.46 177.53 -27.40
C ASP HE 135 37.49 177.96 -28.44
N LEU HE 136 37.89 177.00 -29.28
CA LEU HE 136 38.97 177.19 -30.24
C LEU HE 136 38.39 177.14 -31.65
N TYR HE 137 38.70 178.15 -32.46
CA TYR HE 137 38.30 178.21 -33.86
C TYR HE 137 39.51 178.61 -34.70
N LEU HE 138 40.12 177.63 -35.35
CA LEU HE 138 41.33 177.85 -36.12
C LEU HE 138 41.02 177.85 -37.62
N ALA HE 139 41.71 178.74 -38.35
CA ALA HE 139 41.58 178.78 -39.80
C ALA HE 139 42.82 179.43 -40.39
N ASN HE 140 43.01 179.20 -41.69
CA ASN HE 140 44.01 179.90 -42.50
C ASN HE 140 45.41 179.72 -41.92
N GLU HE 141 45.86 178.46 -41.97
CA GLU HE 141 47.24 178.09 -41.62
C GLU HE 141 47.55 178.48 -40.17
N GLY HE 142 46.88 177.77 -39.26
CA GLY HE 142 47.26 177.84 -37.87
C GLY HE 142 48.31 176.81 -37.53
N THR HE 143 49.58 177.23 -37.55
CA THR HE 143 50.70 176.37 -37.18
C THR HE 143 50.80 176.42 -35.66
N THR HE 144 49.99 175.60 -35.00
CA THR HE 144 49.79 175.70 -33.56
C THR HE 144 50.54 174.57 -32.85
N ARG HE 145 51.37 174.93 -31.89
CA ARG HE 145 52.03 173.99 -30.99
C ARG HE 145 51.61 174.33 -29.57
N LEU HE 146 50.98 173.37 -28.89
CA LEU HE 146 50.48 173.59 -27.55
C LEU HE 146 51.06 172.53 -26.63
N ALA HE 147 51.62 172.96 -25.51
CA ALA HE 147 52.18 172.04 -24.53
C ALA HE 147 51.73 172.42 -23.13
N GLY HE 148 50.48 172.86 -23.00
CA GLY HE 148 49.91 173.18 -21.71
C GLY HE 148 48.74 172.28 -21.39
N ASN HE 149 48.59 171.92 -20.13
CA ASN HE 149 47.49 171.07 -19.68
C ASN HE 149 46.21 171.89 -19.75
N ILE HE 150 45.48 171.77 -20.86
CA ILE HE 150 44.34 172.63 -21.15
C ILE HE 150 43.06 171.82 -21.10
N GLY HE 151 42.10 172.31 -20.33
CA GLY HE 151 40.74 171.77 -20.36
C GLY HE 151 39.91 172.55 -21.36
N LEU HE 152 39.15 171.84 -22.18
CA LEU HE 152 38.35 172.47 -23.22
C LEU HE 152 37.22 171.53 -23.60
N GLN HE 153 36.25 172.08 -24.35
CA GLN HE 153 35.14 171.30 -24.86
C GLN HE 153 34.86 171.51 -26.34
N LYS HE 154 35.17 172.68 -26.90
CA LYS HE 154 34.83 172.95 -28.29
C LYS HE 154 36.07 173.37 -29.07
N LEU HE 155 36.38 172.58 -30.10
CA LEU HE 155 37.46 172.89 -31.03
C LEU HE 155 36.93 172.71 -32.45
N GLU HE 156 37.28 173.64 -33.32
CA GLU HE 156 36.84 173.61 -34.71
C GLU HE 156 37.93 174.19 -35.59
N ALA HE 157 38.42 173.40 -36.54
CA ALA HE 157 39.40 173.83 -37.51
C ALA HE 157 38.77 173.84 -38.90
N VAL HE 158 39.04 174.90 -39.66
CA VAL HE 158 38.46 175.01 -41.00
C VAL HE 158 39.03 173.94 -41.91
N GLY HE 159 40.35 173.78 -41.93
CA GLY HE 159 40.97 172.76 -42.74
C GLY HE 159 42.29 173.17 -43.37
N ASN HE 160 43.04 172.18 -43.87
CA ASN HE 160 44.30 172.41 -44.57
C ASN HE 160 45.32 173.11 -43.66
N GLY HE 161 45.66 172.43 -42.57
CA GLY HE 161 46.64 172.95 -41.63
C GLY HE 161 47.19 171.84 -40.77
N VAL HE 162 48.15 172.21 -39.92
CA VAL HE 162 48.81 171.26 -39.03
C VAL HE 162 48.84 171.87 -37.63
N THR HE 163 48.62 171.02 -36.62
CA THR HE 163 48.58 171.47 -35.24
C THR HE 163 48.90 170.29 -34.32
N GLN HE 164 49.76 170.54 -33.32
CA GLN HE 164 50.15 169.52 -32.37
C GLN HE 164 49.91 170.04 -30.96
N ILE HE 165 48.98 169.41 -30.25
CA ILE HE 165 48.59 169.81 -28.90
C ILE HE 165 48.80 168.62 -27.97
N ASN HE 166 49.50 168.86 -26.87
CA ASN HE 166 49.79 167.83 -25.88
C ASN HE 166 49.29 168.28 -24.52
N GLY HE 167 48.42 167.46 -23.91
CA GLY HE 167 47.97 167.67 -22.56
C GLY HE 167 46.58 168.27 -22.47
N VAL HE 168 45.58 167.41 -22.32
CA VAL HE 168 44.18 167.82 -22.27
C VAL HE 168 43.42 166.81 -21.44
N SER HE 169 42.64 167.30 -20.48
CA SER HE 169 41.70 166.48 -19.71
C SER HE 169 40.32 167.07 -19.95
N SER HE 170 39.71 166.68 -21.07
CA SER HE 170 38.45 167.25 -21.51
C SER HE 170 37.30 166.37 -21.04
N ARG HE 171 36.46 166.92 -20.16
CA ARG HE 171 35.27 166.21 -19.72
C ARG HE 171 34.28 165.99 -20.86
N ASN HE 172 34.33 166.82 -21.89
CA ASN HE 172 33.45 166.67 -23.04
C ASN HE 172 34.12 167.30 -24.25
N LEU HE 173 33.65 166.90 -25.44
CA LEU HE 173 34.20 167.41 -26.69
C LEU HE 173 33.25 167.07 -27.82
N GLN HE 174 33.11 167.99 -28.77
CA GLN HE 174 32.34 167.76 -29.99
C GLN HE 174 33.04 168.51 -31.12
N ILE HE 175 33.62 167.77 -32.05
CA ILE HE 175 34.48 168.33 -33.09
C ILE HE 175 34.03 167.80 -34.44
N VAL HE 176 33.91 168.71 -35.42
CA VAL HE 176 33.61 168.36 -36.80
C VAL HE 176 34.56 169.14 -37.70
N LEU HE 177 34.68 168.69 -38.95
CA LEU HE 177 35.60 169.32 -39.89
C LEU HE 177 34.92 169.46 -41.24
N LYS HE 178 35.44 170.39 -42.05
CA LYS HE 178 34.93 170.63 -43.40
C LYS HE 178 36.07 170.60 -44.40
N GLY HE 179 37.26 170.98 -43.98
CA GLY HE 179 38.45 170.97 -44.82
C GLY HE 179 39.20 169.68 -44.73
N ASP HE 180 40.50 169.75 -44.96
CA ASP HE 180 41.39 168.59 -44.91
C ASP HE 180 42.59 168.91 -44.04
N PRO HE 181 42.39 169.03 -42.73
CA PRO HE 181 43.49 169.39 -41.84
C PRO HE 181 44.26 168.17 -41.36
N LYS HE 182 45.26 168.41 -40.52
CA LYS HE 182 46.09 167.33 -39.95
C LYS HE 182 46.25 167.65 -38.47
N VAL HE 183 45.57 166.87 -37.62
CA VAL HE 183 45.54 167.17 -36.19
C VAL HE 183 45.90 165.93 -35.39
N LEU HE 184 46.49 166.17 -34.22
CA LEU HE 184 46.89 165.10 -33.32
C LEU HE 184 46.87 165.65 -31.90
N ILE HE 185 46.14 165.00 -31.02
CA ILE HE 185 45.90 165.50 -29.67
C ILE HE 185 46.21 164.41 -28.65
N SER HE 186 46.95 164.78 -27.60
CA SER HE 186 47.33 163.88 -26.54
C SER HE 186 46.58 164.22 -25.26
N GLY HE 187 46.13 163.20 -24.56
CA GLY HE 187 45.45 163.36 -23.30
C GLY HE 187 44.26 162.42 -23.20
N PHE HE 188 43.36 162.74 -22.29
CA PHE HE 188 42.15 161.96 -22.06
C PHE HE 188 40.95 162.77 -22.52
N VAL HE 189 40.14 162.19 -23.40
CA VAL HE 189 39.05 162.90 -24.04
C VAL HE 189 37.77 162.08 -23.90
N ASN HE 190 36.72 162.72 -23.40
CA ASN HE 190 35.39 162.13 -23.37
C ASN HE 190 34.59 162.65 -24.57
N LEU HE 191 35.01 162.21 -25.75
CA LEU HE 191 34.39 162.67 -26.98
C LEU HE 191 32.97 162.13 -27.11
N ARG HE 192 32.15 162.84 -27.89
CA ARG HE 192 30.75 162.52 -28.03
C ARG HE 192 30.38 162.02 -29.43
N GLN HE 193 30.71 162.78 -30.47
CA GLN HE 193 30.29 162.43 -31.81
C GLN HE 193 31.27 163.04 -32.80
N LEU HE 194 31.32 162.47 -34.00
CA LEU HE 194 32.22 163.01 -35.02
C LEU HE 194 31.71 162.67 -36.42
N ASP HE 195 31.76 163.66 -37.31
CA ASP HE 195 31.44 163.50 -38.72
C ASP HE 195 32.60 164.02 -39.57
N MET HE 196 32.78 163.39 -40.72
CA MET HE 196 33.84 163.75 -41.64
C MET HE 196 33.28 163.80 -43.06
N TYR HE 197 33.61 164.87 -43.78
CA TYR HE 197 33.11 165.10 -45.13
C TYR HE 197 34.19 165.12 -46.20
N GLY HE 198 35.44 165.42 -45.86
CA GLY HE 198 36.48 165.53 -46.86
C GLY HE 198 37.60 164.52 -46.71
N LYS HE 199 38.77 164.98 -46.31
CA LYS HE 199 39.99 164.17 -46.18
C LYS HE 199 40.56 164.33 -44.79
N GLY HE 200 39.71 164.15 -43.79
CA GLY HE 200 40.13 164.43 -42.42
C GLY HE 200 41.25 163.50 -41.96
N THR HE 201 42.15 164.05 -41.16
CA THR HE 201 43.28 163.30 -40.61
C THR HE 201 43.46 163.70 -39.15
N LEU HE 202 43.15 162.77 -38.24
CA LEU HE 202 43.16 163.05 -36.82
C LEU HE 202 43.78 161.88 -36.07
N SER HE 203 44.53 162.21 -35.03
CA SER HE 203 45.07 161.22 -34.11
C SER HE 203 44.72 161.63 -32.68
N LEU HE 204 44.31 160.65 -31.88
CA LEU HE 204 43.97 160.88 -30.48
C LEU HE 204 44.74 159.89 -29.62
N TYR HE 205 45.25 160.38 -28.48
CA TYR HE 205 46.05 159.51 -27.63
C TYR HE 205 45.18 158.56 -26.81
N TRP HE 206 44.31 159.11 -25.96
CA TRP HE 206 43.49 158.29 -25.09
C TRP HE 206 42.09 158.85 -25.01
N ILE HE 207 41.10 157.96 -25.00
CA ILE HE 207 39.70 158.34 -24.93
C ILE HE 207 38.98 157.43 -23.96
N LYS HE 208 38.12 158.01 -23.12
CA LYS HE 208 37.31 157.25 -22.16
C LYS HE 208 35.89 157.81 -22.21
N SER HE 209 35.02 157.12 -22.95
CA SER HE 209 33.64 157.52 -23.12
C SER HE 209 32.78 156.28 -23.21
N ASP HE 210 31.47 156.49 -23.33
CA ASP HE 210 30.50 155.39 -23.37
C ASP HE 210 29.86 155.21 -24.72
N THR HE 211 29.32 156.28 -25.31
CA THR HE 211 28.62 156.21 -26.59
C THR HE 211 29.35 157.08 -27.61
N LEU HE 212 29.80 156.46 -28.69
CA LEU HE 212 30.51 157.15 -29.76
C LEU HE 212 29.81 156.92 -31.08
N THR HE 213 29.60 157.99 -31.83
CA THR HE 213 28.91 157.96 -33.11
C THR HE 213 29.81 158.59 -34.16
N ILE HE 214 30.24 157.79 -35.14
CA ILE HE 214 31.16 158.25 -36.16
C ILE HE 214 30.47 158.12 -37.52
N ARG HE 215 30.51 159.20 -38.30
CA ARG HE 215 29.92 159.22 -39.64
C ARG HE 215 30.94 159.78 -40.62
N ALA HE 216 31.52 158.92 -41.45
CA ALA HE 216 32.57 159.32 -42.39
C ALA HE 216 32.07 159.16 -43.81
N LYS HE 217 32.24 160.20 -44.62
CA LYS HE 217 31.70 160.24 -45.97
C LYS HE 217 32.75 159.96 -47.03
N LYS HE 218 33.82 160.75 -47.07
CA LYS HE 218 34.73 160.77 -48.22
C LYS HE 218 36.10 160.16 -47.91
N ALA HE 219 36.79 160.67 -46.89
CA ALA HE 219 38.13 160.17 -46.59
C ALA HE 219 38.46 160.53 -45.15
N ALA HE 220 38.70 159.52 -44.33
CA ALA HE 220 39.03 159.71 -42.92
C ALA HE 220 40.26 158.89 -42.58
N LYS HE 221 41.14 159.49 -41.78
CA LYS HE 221 42.34 158.81 -41.29
C LYS HE 221 42.44 159.16 -39.81
N ILE HE 222 41.81 158.35 -38.96
CA ILE HE 222 41.71 158.63 -37.54
C ILE HE 222 42.38 157.49 -36.78
N GLN HE 223 43.37 157.84 -35.97
CA GLN HE 223 44.11 156.88 -35.16
C GLN HE 223 43.67 157.05 -33.72
N LEU HE 224 42.89 156.10 -33.22
CA LEU HE 224 42.24 156.20 -31.92
C LEU HE 224 42.66 155.05 -31.02
N ALA HE 225 42.47 155.25 -29.71
CA ALA HE 225 42.78 154.24 -28.72
C ALA HE 225 42.12 154.57 -27.39
N GLY HE 226 41.36 153.63 -26.83
CA GLY HE 226 40.70 153.87 -25.57
C GLY HE 226 39.70 152.78 -25.25
N ILE HE 227 38.76 153.11 -24.36
CA ILE HE 227 37.72 152.18 -23.91
C ILE HE 227 36.36 152.83 -24.16
N VAL HE 228 35.48 152.12 -24.86
CA VAL HE 228 34.16 152.61 -25.20
C VAL HE 228 33.15 151.52 -24.89
N ASN HE 229 32.05 151.89 -24.24
CA ASN HE 229 31.02 150.92 -23.92
C ASN HE 229 30.02 150.73 -25.06
N ARG HE 230 30.00 151.63 -26.03
CA ARG HE 230 29.06 151.52 -27.14
C ARG HE 230 29.57 152.39 -28.29
N LEU HE 231 29.87 151.77 -29.41
CA LEU HE 231 30.43 152.47 -30.56
C LEU HE 231 29.66 152.10 -31.81
N ASP HE 232 29.27 153.10 -32.60
CA ASP HE 232 28.65 152.86 -33.89
C ASP HE 232 29.33 153.71 -34.95
N VAL HE 233 29.60 153.09 -36.10
CA VAL HE 233 30.35 153.74 -37.18
C VAL HE 233 29.61 153.52 -38.48
N GLU HE 234 29.49 154.59 -39.27
CA GLU HE 234 28.96 154.56 -40.62
C GLU HE 234 30.04 155.05 -41.57
N LEU HE 235 30.33 154.25 -42.59
CA LEU HE 235 31.35 154.58 -43.58
C LEU HE 235 30.72 154.58 -44.96
N TRP HE 236 30.92 155.67 -45.70
CA TRP HE 236 30.30 155.79 -47.01
C TRP HE 236 31.22 155.34 -48.15
N ASP HE 237 32.37 155.97 -48.29
CA ASP HE 237 33.30 155.59 -49.34
C ASP HE 237 34.70 156.04 -48.97
N PHE HE 238 35.69 155.23 -49.33
CA PHE HE 238 37.11 155.56 -49.14
C PHE HE 238 37.41 156.01 -47.72
N ALA HE 239 36.61 155.54 -46.77
CA ALA HE 239 36.75 155.92 -45.37
C ALA HE 239 37.56 154.86 -44.66
N GLN HE 240 38.67 155.27 -44.04
CA GLN HE 240 39.54 154.38 -43.29
C GLN HE 240 39.34 154.62 -41.80
N PHE HE 241 39.00 153.56 -41.07
CA PHE HE 241 38.75 153.65 -39.64
C PHE HE 241 39.61 152.59 -38.94
N LYS HE 242 40.70 153.04 -38.31
CA LYS HE 242 41.64 152.14 -37.65
C LYS HE 242 41.35 152.05 -36.16
N GLY HE 243 40.18 151.52 -35.83
CA GLY HE 243 39.80 151.40 -34.44
C GLY HE 243 40.59 150.33 -33.70
N LYS HE 244 41.59 149.77 -34.35
CA LYS HE 244 42.52 148.89 -33.66
C LYS HE 244 43.25 149.68 -32.57
N TYR HE 245 43.76 148.94 -31.58
CA TYR HE 245 44.30 149.49 -30.34
C TYR HE 245 43.24 150.24 -29.53
N LEU HE 246 41.96 150.10 -29.89
CA LEU HE 246 40.86 150.72 -29.19
C LEU HE 246 39.80 149.66 -28.93
N ARG HE 247 39.50 149.41 -27.66
CA ARG HE 247 38.61 148.33 -27.27
C ARG HE 247 37.21 148.88 -27.03
N ALA HE 248 36.21 148.22 -27.63
CA ALA HE 248 34.81 148.60 -27.46
C ALA HE 248 34.00 147.39 -27.04
N GLN HE 249 33.03 147.61 -26.15
CA GLN HE 249 32.19 146.51 -25.68
C GLN HE 249 31.10 146.19 -26.67
N ARG HE 250 30.24 147.16 -26.96
CA ARG HE 250 29.24 147.04 -28.01
C ARG HE 250 29.80 147.73 -29.26
N SER HE 251 29.89 146.99 -30.35
CA SER HE 251 30.44 147.54 -31.58
C SER HE 251 29.45 147.33 -32.71
N PHE HE 252 29.18 148.40 -33.46
CA PHE HE 252 28.24 148.37 -34.58
C PHE HE 252 28.91 149.02 -35.78
N VAL HE 253 29.08 148.27 -36.85
CA VAL HE 253 29.78 148.74 -38.03
C VAL HE 253 28.85 148.66 -39.23
N LYS HE 254 28.72 149.76 -39.97
CA LYS HE 254 28.02 149.77 -41.24
C LYS HE 254 28.94 150.38 -42.29
N THR HE 255 29.23 149.62 -43.35
CA THR HE 255 30.18 150.05 -44.36
C THR HE 255 29.57 149.92 -45.74
N HIS HE 256 29.70 150.97 -46.54
CA HIS HE 256 29.33 150.96 -47.94
C HIS HE 256 30.55 150.64 -48.80
N ASP HE 257 30.43 150.87 -50.11
CA ASP HE 257 31.47 150.48 -51.05
C ASP HE 257 32.81 151.11 -50.72
N LYS HE 258 33.87 150.32 -50.85
CA LYS HE 258 35.25 150.78 -50.76
C LYS HE 258 35.51 151.53 -49.45
N SER HE 259 35.09 150.92 -48.35
CA SER HE 259 35.32 151.46 -47.02
C SER HE 259 36.11 150.43 -46.21
N VAL HE 260 37.15 150.90 -45.53
CA VAL HE 260 38.07 150.03 -44.82
C VAL HE 260 38.00 150.35 -43.33
N ALA HE 261 37.84 149.32 -42.51
CA ALA HE 261 37.76 149.52 -41.07
C ALA HE 261 38.31 148.30 -40.37
N GLU HE 262 39.22 148.53 -39.42
CA GLU HE 262 39.71 147.49 -38.55
C GLU HE 262 39.23 147.77 -37.14
N ILE HE 263 38.73 146.73 -36.47
CA ILE HE 263 38.06 146.85 -35.19
C ILE HE 263 38.70 145.90 -34.19
N SER HE 264 38.45 146.18 -32.91
CA SER HE 264 39.01 145.41 -31.81
C SER HE 264 37.93 145.13 -30.78
N ALA HE 265 36.78 144.63 -31.25
CA ALA HE 265 35.68 144.29 -30.35
C ALA HE 265 36.10 143.21 -29.36
N VAL HE 266 35.57 143.31 -28.15
CA VAL HE 266 35.94 142.42 -27.06
C VAL HE 266 34.77 141.54 -26.63
N ASN HE 267 33.56 142.10 -26.57
CA ASN HE 267 32.42 141.38 -26.03
C ASN HE 267 31.33 141.14 -27.05
N HIS HE 268 30.83 142.18 -27.72
CA HIS HE 268 29.65 142.09 -28.55
C HIS HE 268 29.86 142.89 -29.82
N GLN HE 269 29.77 142.23 -30.97
CA GLN HE 269 30.17 142.84 -32.24
C GLN HE 269 29.16 142.53 -33.33
N SER HE 270 28.78 143.56 -34.09
CA SER HE 270 27.89 143.40 -35.23
C SER HE 270 28.42 144.21 -36.40
N SER HE 271 28.53 143.57 -37.56
CA SER HE 271 29.12 144.20 -38.74
C SER HE 271 28.26 143.94 -39.97
N LEU HE 272 28.04 145.00 -40.74
CA LEU HE 272 27.31 144.92 -42.01
C LEU HE 272 28.10 145.65 -43.08
N ALA HE 273 28.32 144.97 -44.21
CA ALA HE 273 29.07 145.54 -45.32
C ALA HE 273 28.27 145.38 -46.60
N THR HE 274 28.29 146.40 -47.44
CA THR HE 274 27.59 146.33 -48.72
C THR HE 274 28.43 145.61 -49.77
N ASP HE 275 29.58 146.19 -50.12
CA ASP HE 275 30.44 145.64 -51.16
C ASP HE 275 31.80 146.33 -51.06
N ALA HE 276 32.83 145.62 -51.54
CA ALA HE 276 34.19 146.15 -51.58
C ALA HE 276 34.62 146.74 -50.24
N SER HE 277 34.02 146.25 -49.16
CA SER HE 277 34.24 146.78 -47.83
C SER HE 277 35.10 145.81 -47.03
N ASP HE 278 36.06 146.37 -46.29
CA ASP HE 278 36.97 145.58 -45.47
C ASP HE 278 36.61 145.77 -44.00
N ILE HE 279 36.35 144.67 -43.31
CA ILE HE 279 36.08 144.68 -41.88
C ILE HE 279 37.07 143.72 -41.24
N TYR HE 280 38.10 144.25 -40.61
CA TYR HE 280 39.21 143.45 -40.10
C TYR HE 280 39.13 143.41 -38.58
N TYR HE 281 38.64 142.31 -38.03
CA TYR HE 281 38.52 142.18 -36.59
C TYR HE 281 39.79 141.58 -36.01
N TYR HE 282 40.32 142.21 -34.97
CA TYR HE 282 41.58 141.77 -34.38
C TYR HE 282 41.39 141.16 -32.99
N ASN HE 283 40.18 140.75 -32.66
CA ASN HE 283 39.94 140.08 -31.39
C ASN HE 283 38.66 139.27 -31.50
N LEU HE 284 38.66 138.12 -30.84
CA LEU HE 284 37.49 137.25 -30.83
C LEU HE 284 36.56 137.70 -29.71
N SER HE 285 35.39 138.20 -30.08
CA SER HE 285 34.41 138.65 -29.11
C SER HE 285 33.61 137.48 -28.57
N LYS HE 286 32.92 137.72 -27.45
CA LYS HE 286 32.03 136.71 -26.92
C LYS HE 286 30.89 136.41 -27.88
N THR HE 287 30.35 137.44 -28.52
CA THR HE 287 29.36 137.28 -29.57
C THR HE 287 29.73 138.14 -30.76
N ARG HE 288 29.72 137.55 -31.95
CA ARG HE 288 30.10 138.22 -33.18
C ARG HE 288 29.11 137.87 -34.27
N ALA HE 289 28.66 138.87 -35.01
CA ALA HE 289 27.80 138.63 -36.17
C ALA HE 289 28.23 139.51 -37.32
N ASP HE 290 28.25 138.93 -38.53
CA ASP HE 290 28.74 139.62 -39.71
C ASP HE 290 27.81 139.35 -40.88
N PHE HE 291 27.69 140.33 -41.77
CA PHE HE 291 26.86 140.17 -42.95
C PHE HE 291 27.44 140.95 -44.13
N MET HE 292 27.40 140.34 -45.31
CA MET HE 292 27.88 140.93 -46.54
C MET HE 292 26.76 140.97 -47.57
N ALA HE 293 26.67 142.08 -48.31
CA ALA HE 293 25.60 142.24 -49.29
C ALA HE 293 26.05 141.80 -50.68
N PHE HE 294 27.03 142.50 -51.26
CA PHE HE 294 27.53 142.15 -52.58
C PHE HE 294 28.97 141.67 -52.52
N ASN HE 295 29.88 142.48 -51.97
CA ASN HE 295 31.29 142.14 -51.95
C ASN HE 295 31.95 142.48 -50.63
N GLY HE 296 31.19 142.79 -49.59
CA GLY HE 296 31.78 143.06 -48.30
C GLY HE 296 32.48 141.84 -47.74
N SER HE 297 33.50 142.08 -46.91
CA SER HE 297 34.32 141.00 -46.41
C SER HE 297 34.70 141.29 -44.97
N VAL HE 298 34.70 140.24 -44.16
CA VAL HE 298 35.08 140.32 -42.75
C VAL HE 298 36.18 139.29 -42.52
N LEU HE 299 37.34 139.77 -42.08
CA LEU HE 299 38.52 138.91 -41.97
C LEU HE 299 39.22 139.16 -40.64
N ASP HE 300 39.96 138.14 -40.21
CA ASP HE 300 40.57 138.09 -38.90
C ASP HE 300 41.96 138.74 -38.88
N MET HE 301 42.83 138.36 -39.81
CA MET HE 301 44.24 138.75 -39.85
C MET HE 301 44.84 138.85 -38.46
N ARG HE 302 44.64 137.81 -37.65
CA ARG HE 302 45.27 137.75 -36.34
C ARG HE 302 46.72 137.29 -36.50
N GLU HE 303 47.35 136.93 -35.39
CA GLU HE 303 48.77 136.61 -35.41
C GLU HE 303 49.06 135.39 -36.27
N TRP HE 304 48.16 134.39 -36.25
CA TRP HE 304 48.29 133.15 -37.00
C TRP HE 304 49.42 132.28 -36.43
N GLY HE 305 50.18 132.81 -35.50
CA GLY HE 305 51.23 132.07 -34.85
C GLY HE 305 51.35 132.45 -33.39
N GLN HE 306 50.31 133.08 -32.85
CA GLN HE 306 50.33 133.54 -31.47
C GLN HE 306 50.47 132.37 -30.51
N SER HE 307 51.39 132.49 -29.56
CA SER HE 307 51.62 131.44 -28.58
C SER HE 307 50.46 131.26 -27.62
N ASP HE 308 49.60 132.26 -27.48
CA ASP HE 308 48.52 132.24 -26.50
C ASP HE 308 47.23 132.77 -27.12
N LEU HE 309 46.92 132.33 -28.33
CA LEU HE 309 45.72 132.77 -29.01
C LEU HE 309 44.55 131.86 -28.67
N LYS HE 310 43.44 132.45 -28.23
CA LYS HE 310 42.23 131.70 -27.96
C LYS HE 310 41.61 131.20 -29.25
N ASP HE 311 40.86 130.11 -29.15
CA ASP HE 311 40.19 129.50 -30.29
C ASP HE 311 38.68 129.70 -30.18
N PHE HE 312 37.96 129.23 -31.20
CA PHE HE 312 36.51 129.34 -31.21
C PHE HE 312 35.89 128.51 -30.10
N ASP HE 313 34.63 128.80 -29.81
CA ASP HE 313 33.82 128.02 -28.89
C ASP HE 313 32.43 127.85 -29.47
N ARG HE 314 31.60 127.07 -28.76
CA ARG HE 314 30.29 126.72 -29.28
C ARG HE 314 29.44 127.96 -29.57
N TYR HE 315 29.55 128.98 -28.74
CA TYR HE 315 28.70 130.15 -28.86
C TYR HE 315 29.26 131.21 -29.80
N ASN HE 316 30.46 130.99 -30.34
CA ASN HE 316 31.08 131.98 -31.22
C ASN HE 316 31.66 131.39 -32.49
N LYS HE 317 31.49 130.08 -32.72
CA LYS HE 317 32.04 129.45 -33.92
C LYS HE 317 31.13 129.70 -35.12
N GLN HE 318 30.87 130.98 -35.41
CA GLN HE 318 29.93 131.34 -36.46
C GLN HE 318 30.63 131.30 -37.81
N PHE HE 319 30.11 130.48 -38.72
CA PHE HE 319 30.68 130.40 -40.06
C PHE HE 319 30.32 131.65 -40.84
N PRO HE 320 31.32 132.40 -41.34
CA PRO HE 320 31.07 133.61 -42.14
C PRO HE 320 30.64 133.27 -43.56
N LEU IE 113 103.81 142.73 -72.22
CA LEU IE 113 104.22 141.38 -71.85
C LEU IE 113 103.01 140.48 -71.63
N ASN IE 114 101.91 140.79 -72.34
CA ASN IE 114 100.67 140.04 -72.17
C ASN IE 114 99.99 139.65 -73.48
N ARG IE 115 100.49 140.07 -74.63
CA ARG IE 115 99.85 139.77 -75.90
C ARG IE 115 100.92 139.54 -76.95
N PHE IE 116 101.00 138.33 -77.46
CA PHE IE 116 102.04 137.98 -78.44
C PHE IE 116 101.39 137.41 -79.68
N ARG IE 117 101.79 137.93 -80.84
CA ARG IE 117 101.33 137.43 -82.13
C ARG IE 117 102.52 137.28 -83.06
N TYR IE 118 102.71 136.09 -83.61
CA TYR IE 118 103.85 135.84 -84.49
C TYR IE 118 103.45 135.04 -85.71
N GLU IE 119 104.04 135.40 -86.85
CA GLU IE 119 103.85 134.71 -88.11
C GLU IE 119 105.17 134.69 -88.87
N GLY IE 120 105.27 133.77 -89.83
CA GLY IE 120 106.35 133.82 -90.79
C GLY IE 120 107.58 132.98 -90.52
N ALA IE 121 107.39 131.69 -90.25
CA ALA IE 121 108.49 130.73 -90.16
C ALA IE 121 109.56 131.17 -89.17
N GLY IE 122 109.17 131.24 -87.91
CA GLY IE 122 110.04 131.75 -86.87
C GLY IE 122 110.10 130.82 -85.67
N VAL IE 123 111.26 130.82 -85.01
CA VAL IE 123 111.49 130.00 -83.83
C VAL IE 123 111.59 130.93 -82.63
N VAL IE 124 110.73 130.70 -81.65
CA VAL IE 124 110.71 131.48 -80.41
C VAL IE 124 110.74 130.49 -79.25
N THR IE 125 111.64 130.71 -78.30
CA THR IE 125 111.76 129.86 -77.12
C THR IE 125 111.87 130.73 -75.89
N GLY IE 126 111.08 130.42 -74.87
CA GLY IE 126 111.09 131.18 -73.64
C GLY IE 126 111.08 130.24 -72.44
N ASN IE 127 111.78 130.66 -71.40
CA ASN IE 127 111.92 129.82 -70.21
C ASN IE 127 111.66 130.66 -68.97
N ASN IE 128 111.12 130.00 -67.95
CA ASN IE 128 110.89 130.61 -66.63
C ASN IE 128 110.04 131.87 -66.73
N LEU IE 129 108.93 131.78 -67.45
CA LEU IE 129 108.00 132.90 -67.58
C LEU IE 129 106.96 132.85 -66.46
N ARG IE 130 106.55 134.04 -66.00
CA ARG IE 130 105.54 134.18 -64.97
C ARG IE 130 104.49 135.17 -65.43
N THR IE 131 103.22 134.78 -65.32
CA THR IE 131 102.14 135.62 -65.81
C THR IE 131 100.83 135.19 -65.18
N SER IE 132 99.92 136.16 -65.04
CA SER IE 132 98.56 135.87 -64.64
C SER IE 132 97.70 135.44 -65.83
N TYR IE 133 97.72 136.23 -66.90
CA TYR IE 133 97.07 135.86 -68.14
C TYR IE 133 97.79 136.55 -69.30
N LEU IE 134 97.91 135.83 -70.41
CA LEU IE 134 98.39 136.40 -71.66
C LEU IE 134 97.70 135.71 -72.82
N ASP IE 135 97.67 136.40 -73.95
CA ASP IE 135 97.04 135.91 -75.16
C ASP IE 135 98.08 135.64 -76.24
N LEU IE 136 97.93 134.52 -76.93
CA LEU IE 136 98.88 134.06 -77.93
C LEU IE 136 98.17 133.86 -79.27
N TYR IE 137 98.81 134.32 -80.34
CA TYR IE 137 98.34 134.09 -81.71
C TYR IE 137 99.54 133.67 -82.55
N LEU IE 138 99.45 132.51 -83.16
CA LEU IE 138 100.57 131.93 -83.91
C LEU IE 138 100.14 131.54 -85.31
N ALA IE 139 101.05 131.72 -86.26
CA ALA IE 139 100.79 131.32 -87.63
C ALA IE 139 102.10 131.08 -88.36
N ASN IE 140 102.00 130.32 -89.46
CA ASN IE 140 103.04 130.25 -90.48
C ASN IE 140 104.38 129.77 -89.90
N GLU IE 141 104.35 128.51 -89.45
CA GLU IE 141 105.55 127.82 -88.99
C GLU IE 141 106.15 128.50 -87.76
N GLY IE 142 105.36 128.52 -86.68
CA GLY IE 142 105.84 129.03 -85.42
C GLY IE 142 106.38 127.94 -84.53
N THR IE 143 107.70 127.76 -84.52
CA THR IE 143 108.35 126.80 -83.63
C THR IE 143 108.43 127.44 -82.26
N THR IE 144 107.41 127.22 -81.44
CA THR IE 144 107.24 127.91 -80.17
C THR IE 144 107.51 126.94 -79.03
N ARG IE 145 108.42 127.32 -78.13
CA ARG IE 145 108.81 126.50 -77.01
C ARG IE 145 108.65 127.30 -75.72
N LEU IE 146 108.04 126.70 -74.71
CA LEU IE 146 107.86 127.32 -73.41
C LEU IE 146 108.31 126.37 -72.32
N ALA IE 147 109.02 126.90 -71.32
CA ALA IE 147 109.53 126.09 -70.21
C ALA IE 147 109.34 126.82 -68.89
N GLY IE 148 108.16 127.39 -68.68
CA GLY IE 148 107.86 128.10 -67.45
C GLY IE 148 106.40 127.96 -67.06
N ASN IE 149 106.13 128.32 -65.81
CA ASN IE 149 104.76 128.28 -65.28
C ASN IE 149 104.01 129.49 -65.82
N ILE IE 150 103.21 129.28 -66.86
CA ILE IE 150 102.55 130.35 -67.60
C ILE IE 150 101.04 130.23 -67.40
N GLY IE 151 100.41 131.35 -67.06
CA GLY IE 151 98.96 131.41 -66.98
C GLY IE 151 98.39 132.08 -68.22
N LEU IE 152 97.43 131.40 -68.84
CA LEU IE 152 96.77 131.94 -70.03
C LEU IE 152 95.32 131.47 -70.03
N GLN IE 153 94.51 132.13 -70.86
CA GLN IE 153 93.11 131.78 -70.95
C GLN IE 153 92.67 131.72 -72.42
N LYS IE 154 93.41 132.40 -73.29
CA LYS IE 154 93.09 132.44 -74.70
C LYS IE 154 94.31 132.08 -75.53
N LEU IE 155 94.07 131.39 -76.65
CA LEU IE 155 95.14 131.02 -77.57
C LEU IE 155 94.51 130.76 -78.93
N GLU IE 156 95.25 131.11 -79.98
CA GLU IE 156 94.78 130.87 -81.34
C GLU IE 156 95.98 130.61 -82.24
N ALA IE 157 96.01 129.45 -82.88
CA ALA IE 157 97.05 129.09 -83.82
C ALA IE 157 96.42 128.66 -85.14
N VAL IE 158 97.04 129.05 -86.25
CA VAL IE 158 96.50 128.72 -87.56
C VAL IE 158 96.71 127.24 -87.84
N GLY IE 159 97.96 126.81 -87.89
CA GLY IE 159 98.27 125.42 -88.14
C GLY IE 159 99.56 125.30 -88.93
N ASN IE 160 99.82 124.06 -89.37
CA ASN IE 160 100.99 123.73 -90.19
C ASN IE 160 102.29 124.03 -89.44
N GLY IE 161 102.40 123.48 -88.23
CA GLY IE 161 103.59 123.66 -87.42
C GLY IE 161 103.42 122.94 -86.10
N VAL IE 162 104.55 122.79 -85.41
CA VAL IE 162 104.60 122.07 -84.14
C VAL IE 162 104.72 123.07 -83.01
N THR IE 163 104.24 122.68 -81.83
CA THR IE 163 104.29 123.53 -80.65
C THR IE 163 104.46 122.66 -79.42
N GLN IE 164 105.37 123.04 -78.54
CA GLN IE 164 105.63 122.31 -77.30
C GLN IE 164 105.52 123.29 -76.14
N ILE IE 165 104.66 122.98 -75.18
CA ILE IE 165 104.49 123.78 -73.98
C ILE IE 165 104.49 122.85 -72.78
N ASN IE 166 105.27 123.19 -71.75
CA ASN IE 166 105.38 122.38 -70.54
C ASN IE 166 104.93 123.22 -69.36
N GLY IE 167 103.70 122.99 -68.90
CA GLY IE 167 103.21 123.66 -67.71
C GLY IE 167 102.36 124.88 -67.99
N VAL IE 168 101.04 124.73 -67.90
CA VAL IE 168 100.11 125.83 -68.07
C VAL IE 168 99.14 125.83 -66.90
N SER IE 169 99.03 126.98 -66.23
CA SER IE 169 98.13 127.15 -65.10
C SER IE 169 96.96 128.00 -65.59
N SER IE 170 95.93 127.34 -66.11
CA SER IE 170 94.79 128.02 -66.69
C SER IE 170 93.53 127.70 -65.89
N ARG IE 171 92.84 128.76 -65.45
CA ARG IE 171 91.51 128.62 -64.86
C ARG IE 171 90.44 128.36 -65.91
N ASN IE 172 90.63 128.89 -67.12
CA ASN IE 172 89.67 128.72 -68.21
C ASN IE 172 90.46 128.79 -69.51
N LEU IE 173 89.85 128.26 -70.57
CA LEU IE 173 90.53 128.24 -71.86
C LEU IE 173 89.51 128.25 -72.98
N GLN IE 174 89.78 129.06 -74.01
CA GLN IE 174 89.03 129.05 -75.24
C GLN IE 174 90.02 128.96 -76.40
N ILE IE 175 89.80 128.01 -77.30
CA ILE IE 175 90.76 127.73 -78.37
C ILE IE 175 90.03 127.05 -79.51
N VAL IE 176 90.29 127.54 -80.73
CA VAL IE 176 89.81 126.91 -81.96
C VAL IE 176 90.96 126.83 -82.93
N LEU IE 177 90.84 125.93 -83.90
CA LEU IE 177 91.88 125.72 -84.90
C LEU IE 177 91.24 125.63 -86.28
N LYS IE 178 91.99 126.02 -87.30
CA LYS IE 178 91.48 126.01 -88.66
C LYS IE 178 92.41 125.29 -89.62
N GLY IE 179 93.71 125.33 -89.33
CA GLY IE 179 94.69 124.68 -90.20
C GLY IE 179 95.04 123.27 -89.75
N ASP IE 180 96.33 122.93 -89.80
CA ASP IE 180 96.80 121.60 -89.43
C ASP IE 180 97.94 121.73 -88.43
N PRO IE 181 97.62 122.09 -87.18
CA PRO IE 181 98.67 122.19 -86.16
C PRO IE 181 98.92 120.87 -85.46
N LYS IE 182 99.94 120.83 -84.62
CA LYS IE 182 100.25 119.66 -83.80
C LYS IE 182 100.52 120.19 -82.39
N VAL IE 183 99.51 120.14 -81.54
CA VAL IE 183 99.57 120.84 -80.26
C VAL IE 183 99.57 119.83 -79.12
N LEU IE 184 100.43 120.08 -78.15
CA LEU IE 184 100.54 119.23 -76.97
C LEU IE 184 100.70 120.13 -75.76
N ILE IE 185 99.81 119.97 -74.78
CA ILE IE 185 99.74 120.85 -73.63
C ILE IE 185 99.81 120.02 -72.36
N SER IE 186 100.52 120.52 -71.36
CA SER IE 186 100.65 119.88 -70.06
C SER IE 186 100.38 120.88 -68.95
N GLY IE 187 99.80 120.41 -67.86
CA GLY IE 187 99.49 121.27 -66.73
C GLY IE 187 98.12 121.00 -66.12
N PHE IE 188 97.39 122.05 -65.82
CA PHE IE 188 96.03 121.95 -65.28
C PHE IE 188 95.19 123.03 -65.93
N VAL IE 189 94.38 122.65 -66.91
CA VAL IE 189 93.63 123.59 -67.73
C VAL IE 189 92.18 123.15 -67.79
N ASN IE 190 91.27 124.11 -67.66
CA ASN IE 190 89.83 123.88 -67.76
C ASN IE 190 89.35 124.34 -69.12
N LEU IE 191 88.92 123.40 -69.95
CA LEU IE 191 88.36 123.74 -71.26
C LEU IE 191 86.87 123.96 -71.16
N ARG IE 192 86.33 124.69 -72.14
CA ARG IE 192 84.91 124.99 -72.18
C ARG IE 192 84.22 124.43 -73.42
N GLN IE 193 84.86 124.52 -74.57
CA GLN IE 193 84.27 124.02 -75.82
C GLN IE 193 85.40 123.74 -76.79
N LEU IE 194 85.14 122.83 -77.73
CA LEU IE 194 86.16 122.53 -78.74
C LEU IE 194 85.50 122.19 -80.06
N ASP IE 195 86.04 122.77 -81.14
CA ASP IE 195 85.56 122.56 -82.50
C ASP IE 195 86.74 122.25 -83.40
N MET IE 196 86.59 121.23 -84.25
CA MET IE 196 87.63 120.83 -85.18
C MET IE 196 87.04 120.67 -86.57
N TYR IE 197 87.69 121.28 -87.56
CA TYR IE 197 87.19 121.30 -88.92
C TYR IE 197 88.22 120.93 -89.98
N GLY IE 198 89.49 120.79 -89.63
CA GLY IE 198 90.49 120.44 -90.62
C GLY IE 198 91.19 119.13 -90.35
N LYS IE 199 92.46 119.19 -90.01
CA LYS IE 199 93.31 118.04 -89.72
C LYS IE 199 93.95 118.19 -88.34
N GLY IE 200 93.10 118.48 -87.36
CA GLY IE 200 93.62 118.82 -86.04
C GLY IE 200 94.27 117.65 -85.35
N THR IE 201 95.34 117.96 -84.61
CA THR IE 201 96.07 116.98 -83.82
C THR IE 201 96.40 117.60 -82.47
N LEU IE 202 95.76 117.10 -81.41
CA LEU IE 202 95.85 117.74 -80.11
C LEU IE 202 96.03 116.69 -79.02
N SER IE 203 96.84 117.04 -78.03
CA SER IE 203 97.04 116.16 -76.88
C SER IE 203 97.12 117.00 -75.61
N LEU IE 204 96.50 116.48 -74.54
CA LEU IE 204 96.43 117.17 -73.26
C LEU IE 204 96.81 116.23 -72.12
N TYR IE 205 97.69 116.71 -71.25
CA TYR IE 205 98.29 115.87 -70.22
C TYR IE 205 97.35 115.69 -69.03
N TRP IE 206 96.99 116.78 -68.37
CA TRP IE 206 96.10 116.72 -67.21
C TRP IE 206 95.10 117.86 -67.29
N ILE IE 207 93.81 117.52 -67.24
CA ILE IE 207 92.75 118.51 -67.33
C ILE IE 207 91.69 118.18 -66.29
N LYS IE 208 91.28 119.19 -65.52
CA LYS IE 208 90.26 119.04 -64.47
C LYS IE 208 89.13 120.01 -64.79
N SER IE 209 88.02 119.48 -65.27
CA SER IE 209 86.89 120.31 -65.68
C SER IE 209 85.62 119.49 -65.52
N ASP IE 210 84.48 120.19 -65.58
CA ASP IE 210 83.18 119.56 -65.37
C ASP IE 210 82.39 119.37 -66.65
N THR IE 211 82.30 120.40 -67.48
CA THR IE 211 81.51 120.36 -68.71
C THR IE 211 82.45 120.43 -69.90
N LEU IE 212 82.42 119.40 -70.75
CA LEU IE 212 83.23 119.39 -71.96
C LEU IE 212 82.36 119.05 -73.15
N THR IE 213 82.44 119.87 -74.19
CA THR IE 213 81.65 119.69 -75.41
C THR IE 213 82.61 119.74 -76.60
N ILE IE 214 82.70 118.63 -77.32
CA ILE IE 214 83.66 118.48 -78.40
C ILE IE 214 82.90 118.16 -79.68
N ARG IE 215 83.19 118.90 -80.75
CA ARG IE 215 82.60 118.63 -82.06
C ARG IE 215 83.71 118.53 -83.09
N ALA IE 216 83.70 117.43 -83.87
CA ALA IE 216 84.69 117.19 -84.89
C ALA IE 216 84.00 116.90 -86.21
N LYS IE 217 84.45 117.60 -87.27
CA LYS IE 217 83.79 117.54 -88.57
C LYS IE 217 84.57 116.73 -89.59
N LYS IE 218 85.83 117.08 -89.84
CA LYS IE 218 86.56 116.56 -90.99
C LYS IE 218 87.67 115.59 -90.60
N ALA IE 219 88.61 116.02 -89.77
CA ALA IE 219 89.75 115.18 -89.42
C ALA IE 219 90.29 115.64 -88.08
N ALA IE 220 90.14 114.81 -87.06
CA ALA IE 220 90.51 115.22 -85.71
C ALA IE 220 91.10 114.04 -84.95
N LYS IE 221 92.31 114.23 -84.46
CA LYS IE 221 92.99 113.27 -83.59
C LYS IE 221 93.23 113.97 -82.26
N ILE IE 222 92.35 113.71 -81.29
CA ILE IE 222 92.38 114.38 -80.01
C ILE IE 222 92.60 113.33 -78.92
N GLN IE 223 93.66 113.52 -78.14
CA GLN IE 223 94.04 112.60 -77.08
C GLN IE 223 94.17 113.40 -75.79
N LEU IE 224 93.35 113.06 -74.79
CA LEU IE 224 93.30 113.82 -73.55
C LEU IE 224 93.45 112.89 -72.36
N ALA IE 225 94.00 113.45 -71.28
CA ALA IE 225 94.01 112.75 -70.00
C ALA IE 225 93.68 113.74 -68.91
N GLY IE 226 92.82 113.32 -67.98
CA GLY IE 226 92.40 114.20 -66.90
C GLY IE 226 91.11 113.71 -66.26
N ILE IE 227 90.37 114.64 -65.68
CA ILE IE 227 89.14 114.35 -64.96
C ILE IE 227 88.02 115.20 -65.56
N VAL IE 228 86.89 114.56 -65.83
CA VAL IE 228 85.72 115.22 -66.42
C VAL IE 228 84.49 114.80 -65.63
N ASN IE 229 83.56 115.74 -65.44
CA ASN IE 229 82.31 115.39 -64.77
C ASN IE 229 81.20 115.09 -65.76
N ARG IE 230 81.16 115.83 -66.88
CA ARG IE 230 80.11 115.65 -67.87
C ARG IE 230 80.70 115.97 -69.24
N LEU IE 231 80.52 115.07 -70.20
CA LEU IE 231 81.17 115.19 -71.48
C LEU IE 231 80.22 114.77 -72.59
N ASP IE 232 80.17 115.58 -73.65
CA ASP IE 232 79.43 115.24 -74.85
C ASP IE 232 80.32 115.46 -76.08
N VAL IE 233 80.25 114.50 -77.00
CA VAL IE 233 81.09 114.51 -78.19
C VAL IE 233 80.24 114.20 -79.40
N GLU IE 234 80.45 114.97 -80.46
CA GLU IE 234 79.82 114.75 -81.76
C GLU IE 234 80.92 114.56 -82.79
N LEU IE 235 80.81 113.47 -83.56
CA LEU IE 235 81.78 113.13 -84.59
C LEU IE 235 81.07 112.98 -85.92
N TRP IE 236 81.61 113.62 -86.96
CA TRP IE 236 80.97 113.58 -88.28
C TRP IE 236 81.60 112.54 -89.19
N ASP IE 237 82.91 112.63 -89.44
CA ASP IE 237 83.55 111.70 -90.36
C ASP IE 237 85.06 111.73 -90.15
N PHE IE 238 85.67 110.54 -90.17
CA PHE IE 238 87.11 110.39 -90.13
C PHE IE 238 87.71 111.03 -88.88
N ALA IE 239 86.95 111.07 -87.80
CA ALA IE 239 87.41 111.61 -86.53
C ALA IE 239 87.79 110.45 -85.62
N GLN IE 240 89.04 110.44 -85.16
CA GLN IE 240 89.55 109.38 -84.30
C GLN IE 240 89.85 110.00 -82.94
N PHE IE 241 88.90 109.90 -82.02
CA PHE IE 241 89.00 110.52 -80.71
C PHE IE 241 89.46 109.48 -79.71
N LYS IE 242 90.62 109.72 -79.10
CA LYS IE 242 91.23 108.77 -78.17
C LYS IE 242 90.95 109.16 -76.72
N GLY IE 243 89.67 109.26 -76.37
CA GLY IE 243 89.34 109.69 -75.04
C GLY IE 243 89.71 108.73 -73.93
N LYS IE 244 90.43 107.65 -74.23
CA LYS IE 244 90.93 106.77 -73.20
C LYS IE 244 91.87 107.53 -72.28
N TYR IE 245 92.08 107.00 -71.08
CA TYR IE 245 92.83 107.66 -70.03
C TYR IE 245 92.20 108.99 -69.63
N LEU IE 246 90.87 109.09 -69.77
CA LEU IE 246 90.14 110.31 -69.44
C LEU IE 246 88.77 109.87 -68.92
N ARG IE 247 88.67 109.80 -67.60
CA ARG IE 247 87.47 109.27 -66.96
C ARG IE 247 86.44 110.38 -66.75
N ALA IE 248 85.18 110.09 -67.09
CA ALA IE 248 84.10 111.06 -66.98
C ALA IE 248 82.88 110.41 -66.36
N GLN IE 249 82.23 111.12 -65.45
CA GLN IE 249 81.05 110.58 -64.79
C GLN IE 249 79.90 110.39 -65.76
N ARG IE 250 79.71 111.33 -66.69
CA ARG IE 250 78.64 111.28 -67.67
C ARG IE 250 79.26 111.36 -69.06
N SER IE 251 78.96 110.38 -69.90
CA SER IE 251 79.46 110.36 -71.27
C SER IE 251 78.30 110.30 -72.24
N PHE IE 252 78.30 111.19 -73.23
CA PHE IE 252 77.29 111.20 -74.29
C PHE IE 252 78.00 111.33 -75.63
N VAL IE 253 77.93 110.27 -76.43
CA VAL IE 253 78.67 110.17 -77.69
C VAL IE 253 77.67 110.03 -78.83
N LYS IE 254 77.83 110.86 -79.86
CA LYS IE 254 77.03 110.75 -81.07
C LYS IE 254 77.98 110.72 -82.27
N THR IE 255 77.91 109.65 -83.05
CA THR IE 255 78.85 109.43 -84.14
C THR IE 255 78.10 109.19 -85.44
N HIS IE 256 78.51 109.88 -86.49
CA HIS IE 256 78.00 109.65 -87.83
C HIS IE 256 78.94 108.66 -88.55
N ASP IE 257 78.77 108.54 -89.87
CA ASP IE 257 79.50 107.55 -90.63
C ASP IE 257 81.02 107.77 -90.52
N LYS IE 258 81.74 106.66 -90.37
CA LYS IE 258 83.21 106.65 -90.35
C LYS IE 258 83.75 107.57 -89.26
N SER IE 259 83.46 107.21 -88.02
CA SER IE 259 83.94 107.93 -86.86
C SER IE 259 84.31 106.92 -85.78
N VAL IE 260 85.51 107.06 -85.22
CA VAL IE 260 86.03 106.12 -84.24
C VAL IE 260 86.32 106.87 -82.95
N ALA IE 261 85.83 106.35 -81.82
CA ALA IE 261 86.06 106.98 -80.54
C ALA IE 261 86.25 105.93 -79.48
N GLU IE 262 87.33 106.05 -78.72
CA GLU IE 262 87.56 105.20 -77.55
C GLU IE 262 87.25 106.01 -76.31
N ILE IE 263 86.46 105.42 -75.40
CA ILE IE 263 85.85 106.13 -74.29
C ILE IE 263 86.22 105.44 -72.99
N SER IE 264 86.16 106.21 -71.91
CA SER IE 264 86.48 105.75 -70.55
C SER IE 264 85.42 106.23 -69.57
N ALA IE 265 84.16 105.96 -69.89
CA ALA IE 265 83.06 106.36 -69.02
C ALA IE 265 83.18 105.69 -67.65
N VAL IE 266 82.80 106.43 -66.61
CA VAL IE 266 82.94 105.95 -65.24
C VAL IE 266 81.68 105.23 -64.78
N ASN IE 267 80.55 105.94 -64.79
CA ASN IE 267 79.34 105.38 -64.21
C ASN IE 267 78.15 105.45 -65.14
N HIS IE 268 78.15 106.40 -66.07
CA HIS IE 268 76.98 106.67 -66.89
C HIS IE 268 77.40 106.86 -68.34
N GLN IE 269 76.95 105.94 -69.20
CA GLN IE 269 77.39 105.92 -70.59
C GLN IE 269 76.19 105.95 -71.52
N SER IE 270 76.25 106.81 -72.53
CA SER IE 270 75.22 106.86 -73.58
C SER IE 270 75.90 107.03 -74.93
N SER IE 271 75.64 106.10 -75.84
CA SER IE 271 76.35 106.07 -77.12
C SER IE 271 75.39 105.81 -78.26
N LEU IE 272 75.50 106.62 -79.31
CA LEU IE 272 74.71 106.45 -80.52
C LEU IE 272 75.62 106.51 -81.74
N ALA IE 273 75.45 105.56 -82.64
CA ALA IE 273 76.22 105.51 -83.88
C ALA IE 273 75.27 105.31 -85.06
N THR IE 274 75.57 106.01 -86.17
CA THR IE 274 74.72 105.87 -87.35
C THR IE 274 75.09 104.63 -88.15
N ASP IE 275 76.31 104.59 -88.67
CA ASP IE 275 76.76 103.50 -89.52
C ASP IE 275 78.27 103.57 -89.65
N ALA IE 276 78.91 102.41 -89.72
CA ALA IE 276 80.37 102.33 -89.87
C ALA IE 276 81.09 103.16 -88.82
N SER IE 277 80.47 103.31 -87.66
CA SER IE 277 81.03 104.05 -86.55
C SER IE 277 81.43 103.06 -85.45
N ASP IE 278 82.51 103.38 -84.75
CA ASP IE 278 83.06 102.48 -83.76
C ASP IE 278 83.22 103.20 -82.43
N ILE IE 279 82.62 102.62 -81.39
CA ILE IE 279 82.70 103.15 -80.03
C ILE IE 279 83.33 102.07 -79.16
N TYR IE 280 84.53 102.34 -78.67
CA TYR IE 280 85.31 101.35 -77.93
C TYR IE 280 85.40 101.81 -76.48
N TYR IE 281 84.59 101.22 -75.62
CA TYR IE 281 84.58 101.59 -74.22
C TYR IE 281 85.53 100.71 -73.44
N TYR IE 282 86.46 101.33 -72.71
CA TYR IE 282 87.51 100.59 -72.02
C TYR IE 282 87.26 100.51 -70.51
N ASN IE 283 86.01 100.70 -70.09
CA ASN IE 283 85.66 100.58 -68.68
C ASN IE 283 84.25 100.03 -68.58
N LEU IE 284 83.94 99.42 -67.45
CA LEU IE 284 82.64 98.81 -67.21
C LEU IE 284 81.84 99.75 -66.32
N SER IE 285 81.11 100.66 -66.96
CA SER IE 285 80.36 101.68 -66.24
C SER IE 285 79.22 101.05 -65.44
N LYS IE 286 78.76 101.77 -64.42
CA LYS IE 286 77.67 101.29 -63.60
C LYS IE 286 76.38 101.16 -64.41
N THR IE 287 76.21 101.98 -65.44
CA THR IE 287 75.05 101.86 -66.31
C THR IE 287 75.38 102.47 -67.66
N ARG IE 288 74.88 101.83 -68.71
CA ARG IE 288 75.25 102.15 -70.07
C ARG IE 288 74.07 101.94 -70.99
N ALA IE 289 74.10 102.60 -72.13
CA ALA IE 289 73.13 102.36 -73.20
C ALA IE 289 73.78 102.67 -74.54
N ASP IE 290 73.57 101.76 -75.50
CA ASP IE 290 74.24 101.82 -76.79
C ASP IE 290 73.24 101.57 -77.89
N PHE IE 291 73.35 102.33 -78.97
CA PHE IE 291 72.45 102.17 -80.10
C PHE IE 291 73.19 102.35 -81.42
N MET IE 292 72.91 101.46 -82.37
CA MET IE 292 73.44 101.53 -83.72
C MET IE 292 72.29 101.62 -84.70
N ALA IE 293 72.45 102.46 -85.72
CA ALA IE 293 71.37 102.71 -86.67
C ALA IE 293 71.45 101.79 -87.87
N PHE IE 294 72.55 101.85 -88.62
CA PHE IE 294 72.73 101.04 -89.80
C PHE IE 294 73.83 99.99 -89.64
N ASN IE 295 75.05 100.42 -89.32
CA ASN IE 295 76.16 99.48 -89.18
C ASN IE 295 77.08 99.85 -88.02
N GLY IE 296 76.66 100.74 -87.12
CA GLY IE 296 77.51 101.13 -86.02
C GLY IE 296 77.80 99.97 -85.09
N SER IE 297 78.81 100.15 -84.24
CA SER IE 297 79.23 99.08 -83.35
C SER IE 297 79.84 99.69 -82.09
N VAL IE 298 79.56 99.03 -80.97
CA VAL IE 298 80.15 99.38 -79.68
C VAL IE 298 80.77 98.13 -79.10
N LEU IE 299 82.05 98.22 -78.74
CA LEU IE 299 82.80 97.06 -78.27
C LEU IE 299 83.63 97.45 -77.04
N ASP IE 300 83.97 96.43 -76.26
CA ASP IE 300 84.63 96.60 -74.98
C ASP IE 300 86.15 96.56 -75.08
N MET IE 301 86.68 95.53 -75.74
CA MET IE 301 88.11 95.27 -75.87
C MET IE 301 88.86 95.61 -74.58
N ARG IE 302 88.45 94.97 -73.50
CA ARG IE 302 89.13 95.12 -72.21
C ARG IE 302 90.38 94.25 -72.19
N GLU IE 303 90.96 94.09 -71.00
CA GLU IE 303 92.18 93.31 -70.86
C GLU IE 303 91.97 91.88 -71.32
N TRP IE 304 90.81 91.29 -70.98
CA TRP IE 304 90.36 89.97 -71.38
C TRP IE 304 91.12 88.84 -70.69
N GLY IE 305 92.12 89.15 -69.88
CA GLY IE 305 92.79 88.15 -69.09
C GLY IE 305 93.13 88.72 -67.73
N GLN IE 306 92.44 89.80 -67.37
CA GLN IE 306 92.72 90.51 -66.13
C GLN IE 306 92.46 89.63 -64.92
N SER IE 307 93.36 89.71 -63.94
CA SER IE 307 93.19 88.93 -62.72
C SER IE 307 92.08 89.48 -61.84
N ASP IE 308 91.73 90.75 -61.97
CA ASP IE 308 90.77 91.38 -61.09
C ASP IE 308 89.78 92.26 -61.87
N LEU IE 309 89.29 91.74 -62.98
CA LEU IE 309 88.27 92.45 -63.75
C LEU IE 309 86.89 92.05 -63.25
N LYS IE 310 86.08 93.04 -62.90
CA LYS IE 310 84.73 92.76 -62.45
C LYS IE 310 83.85 92.30 -63.61
N ASP IE 311 82.75 91.64 -63.26
CA ASP IE 311 81.84 91.07 -64.24
C ASP IE 311 80.59 91.94 -64.35
N PHE IE 312 79.69 91.54 -65.23
CA PHE IE 312 78.41 92.21 -65.38
C PHE IE 312 77.54 92.00 -64.15
N ASP IE 313 76.62 92.92 -63.92
CA ASP IE 313 75.64 92.82 -62.85
C ASP IE 313 74.25 93.02 -63.44
N ARG IE 314 73.23 92.73 -62.63
CA ARG IE 314 71.85 92.73 -63.09
C ARG IE 314 71.40 94.09 -63.60
N TYR IE 315 72.11 95.17 -63.25
CA TYR IE 315 71.75 96.51 -63.68
C TYR IE 315 72.45 96.93 -64.96
N ASN IE 316 73.74 96.70 -65.07
CA ASN IE 316 74.49 97.07 -66.27
C ASN IE 316 74.38 96.03 -67.38
N LYS IE 317 73.59 94.98 -67.17
CA LYS IE 317 73.52 93.88 -68.12
C LYS IE 317 72.73 94.29 -69.36
N GLN IE 318 73.42 94.84 -70.35
CA GLN IE 318 72.81 95.30 -71.58
C GLN IE 318 73.30 94.46 -72.75
N PHE IE 319 72.37 93.99 -73.58
CA PHE IE 319 72.71 93.16 -74.71
C PHE IE 319 72.70 93.98 -75.99
N PRO IE 320 73.85 94.13 -76.67
CA PRO IE 320 73.93 94.80 -77.97
C PRO IE 320 73.23 94.00 -79.06
N LEU JE 113 118.49 -107.48 -101.82
CA LEU JE 113 117.07 -107.55 -101.45
C LEU JE 113 116.36 -106.24 -101.79
N ASN JE 114 116.08 -106.03 -103.07
CA ASN JE 114 115.49 -104.77 -103.51
C ASN JE 114 114.12 -104.99 -104.15
N ARG JE 115 114.03 -105.94 -105.08
CA ARG JE 115 112.79 -106.20 -105.78
C ARG JE 115 112.66 -107.69 -106.02
N PHE JE 116 111.53 -108.27 -105.64
CA PHE JE 116 111.29 -109.69 -105.83
C PHE JE 116 109.89 -109.91 -106.38
N ARG JE 117 109.79 -110.72 -107.42
CA ARG JE 117 108.51 -111.18 -107.97
C ARG JE 117 108.53 -112.69 -108.02
N TYR JE 118 107.54 -113.32 -107.39
CA TYR JE 118 107.47 -114.77 -107.35
C TYR JE 118 106.19 -115.24 -108.02
N GLU JE 119 106.32 -116.27 -108.86
CA GLU JE 119 105.20 -116.88 -109.56
C GLU JE 119 105.43 -118.38 -109.66
N GLY JE 120 104.36 -119.11 -109.90
CA GLY JE 120 104.47 -120.51 -110.26
C GLY JE 120 104.47 -121.52 -109.12
N ALA JE 121 103.44 -121.48 -108.28
CA ALA JE 121 103.16 -122.55 -107.31
C ALA JE 121 104.36 -122.84 -106.42
N GLY JE 122 104.72 -121.82 -105.64
CA GLY JE 122 105.88 -121.91 -104.79
C GLY JE 122 105.54 -121.65 -103.33
N VAL JE 123 106.18 -122.41 -102.45
CA VAL JE 123 106.01 -122.29 -101.01
C VAL JE 123 107.31 -121.76 -100.44
N VAL JE 124 107.25 -120.54 -99.88
CA VAL JE 124 108.43 -119.87 -99.36
C VAL JE 124 108.21 -119.54 -97.89
N THR JE 125 109.18 -119.89 -97.05
CA THR JE 125 109.17 -119.56 -95.63
C THR JE 125 110.49 -118.89 -95.28
N GLY JE 126 110.42 -117.74 -94.61
CA GLY JE 126 111.62 -117.00 -94.26
C GLY JE 126 111.44 -116.21 -93.00
N ASN JE 127 112.55 -115.97 -92.30
CA ASN JE 127 112.53 -115.21 -91.06
C ASN JE 127 113.82 -114.42 -90.92
N ASN JE 128 113.75 -113.35 -90.14
CA ASN JE 128 114.89 -112.50 -89.83
C ASN JE 128 115.46 -111.84 -91.09
N LEU JE 129 114.57 -111.31 -91.93
CA LEU JE 129 114.99 -110.53 -93.09
C LEU JE 129 114.98 -109.05 -92.74
N ARG JE 130 116.01 -108.35 -93.18
CA ARG JE 130 116.22 -106.94 -92.82
C ARG JE 130 116.44 -106.11 -94.07
N THR JE 131 115.65 -105.05 -94.23
CA THR JE 131 115.81 -104.13 -95.34
C THR JE 131 115.11 -102.82 -95.00
N SER JE 132 115.58 -101.75 -95.64
CA SER JE 132 114.88 -100.48 -95.53
C SER JE 132 113.62 -100.47 -96.37
N TYR JE 133 113.67 -101.08 -97.56
CA TYR JE 133 112.52 -101.16 -98.44
C TYR JE 133 112.77 -102.23 -99.48
N LEU JE 134 111.72 -102.95 -99.86
CA LEU JE 134 111.75 -103.85 -101.00
C LEU JE 134 110.37 -103.85 -101.65
N ASP JE 135 110.37 -104.14 -102.95
CA ASP JE 135 109.14 -104.17 -103.74
C ASP JE 135 108.78 -105.63 -104.01
N LEU JE 136 107.61 -106.05 -103.56
CA LEU JE 136 107.22 -107.46 -103.58
C LEU JE 136 106.04 -107.67 -104.53
N TYR JE 137 106.12 -108.75 -105.30
CA TYR JE 137 105.02 -109.16 -106.18
C TYR JE 137 104.81 -110.66 -106.03
N LEU JE 138 103.54 -111.06 -105.94
CA LEU JE 138 103.18 -112.46 -105.76
C LEU JE 138 102.13 -112.89 -106.78
N ALA JE 139 102.29 -114.10 -107.30
CA ALA JE 139 101.32 -114.64 -108.24
C ALA JE 139 101.39 -116.16 -108.23
N ASN JE 140 100.31 -116.78 -108.69
CA ASN JE 140 100.28 -118.20 -109.04
C ASN JE 140 100.67 -119.08 -107.86
N GLU JE 141 99.83 -119.02 -106.83
CA GLU JE 141 99.95 -119.87 -105.65
C GLU JE 141 101.31 -119.67 -104.96
N GLY JE 142 101.49 -118.46 -104.44
CA GLY JE 142 102.64 -118.20 -103.59
C GLY JE 142 102.29 -118.34 -102.13
N THR JE 143 102.59 -119.51 -101.56
CA THR JE 143 102.39 -119.74 -100.13
C THR JE 143 103.54 -119.08 -99.40
N THR JE 144 103.35 -117.81 -99.06
CA THR JE 144 104.44 -116.95 -98.59
C THR JE 144 104.32 -116.73 -97.09
N ARG JE 145 105.41 -117.01 -96.38
CA ARG JE 145 105.49 -116.79 -94.94
C ARG JE 145 106.74 -115.96 -94.65
N LEU JE 146 106.55 -114.77 -94.10
CA LEU JE 146 107.66 -113.91 -93.72
C LEU JE 146 107.53 -113.58 -92.23
N ALA JE 147 108.61 -113.75 -91.49
CA ALA JE 147 108.64 -113.47 -90.05
C ALA JE 147 109.88 -112.66 -89.68
N GLY JE 148 110.20 -111.62 -90.46
CA GLY JE 148 111.36 -110.80 -90.20
C GLY JE 148 110.99 -109.33 -90.16
N ASN JE 149 111.91 -108.55 -89.59
CA ASN JE 149 111.75 -107.09 -89.51
C ASN JE 149 112.03 -106.51 -90.89
N ILE JE 150 110.99 -106.50 -91.73
CA ILE JE 150 111.12 -106.17 -93.13
C ILE JE 150 110.36 -104.88 -93.40
N GLY JE 151 111.02 -103.93 -94.07
CA GLY JE 151 110.36 -102.73 -94.55
C GLY JE 151 110.03 -102.88 -96.02
N LEU JE 152 108.81 -102.54 -96.38
CA LEU JE 152 108.36 -102.62 -97.76
C LEU JE 152 107.27 -101.60 -98.01
N GLN JE 153 107.40 -100.85 -99.09
CA GLN JE 153 106.46 -99.81 -99.44
C GLN JE 153 105.52 -100.19 -100.57
N LYS JE 154 105.97 -101.05 -101.49
CA LYS JE 154 105.13 -101.49 -102.60
C LYS JE 154 105.01 -103.00 -102.59
N LEU JE 155 103.77 -103.47 -102.42
CA LEU JE 155 103.45 -104.89 -102.51
C LEU JE 155 102.28 -105.05 -103.46
N GLU JE 156 102.31 -106.14 -104.22
CA GLU JE 156 101.27 -106.45 -105.18
C GLU JE 156 101.09 -107.96 -105.25
N ALA JE 157 99.84 -108.38 -105.44
CA ALA JE 157 99.54 -109.80 -105.58
C ALA JE 157 98.45 -109.96 -106.64
N VAL JE 158 98.45 -111.13 -107.27
CA VAL JE 158 97.43 -111.43 -108.28
C VAL JE 158 96.18 -111.99 -107.62
N GLY JE 159 96.32 -113.12 -106.95
CA GLY JE 159 95.19 -113.75 -106.30
C GLY JE 159 95.36 -115.24 -106.20
N ASN JE 160 94.37 -115.88 -105.58
CA ASN JE 160 94.32 -117.34 -105.44
C ASN JE 160 95.51 -117.86 -104.63
N GLY JE 161 95.73 -117.25 -103.48
CA GLY JE 161 96.81 -117.66 -102.61
C GLY JE 161 96.77 -116.91 -101.31
N VAL JE 162 97.46 -117.47 -100.31
CA VAL JE 162 97.47 -116.96 -98.94
C VAL JE 162 98.87 -116.44 -98.63
N THR JE 163 98.93 -115.34 -97.88
CA THR JE 163 100.20 -114.74 -97.48
C THR JE 163 100.14 -114.35 -96.01
N GLN JE 164 101.22 -114.67 -95.28
CA GLN JE 164 101.33 -114.35 -93.86
C GLN JE 164 102.64 -113.62 -93.63
N ILE JE 165 102.57 -112.32 -93.38
CA ILE JE 165 103.74 -111.50 -93.10
C ILE JE 165 103.59 -110.92 -91.70
N ASN JE 166 104.58 -111.18 -90.85
CA ASN JE 166 104.54 -110.77 -89.45
C ASN JE 166 105.63 -109.73 -89.23
N GLY JE 167 105.23 -108.47 -89.19
CA GLY JE 167 106.15 -107.37 -88.92
C GLY JE 167 106.57 -106.63 -90.16
N VAL JE 168 105.93 -105.50 -90.43
CA VAL JE 168 106.26 -104.64 -91.56
C VAL JE 168 106.21 -103.19 -91.10
N SER JE 169 107.23 -102.42 -91.46
CA SER JE 169 107.31 -101.01 -91.08
C SER JE 169 107.77 -100.21 -92.29
N SER JE 170 106.91 -99.35 -92.81
CA SER JE 170 107.23 -98.51 -93.94
C SER JE 170 106.59 -97.14 -93.76
N ARG JE 171 107.28 -96.11 -94.26
CA ARG JE 171 106.71 -94.77 -94.23
C ARG JE 171 105.46 -94.69 -95.08
N ASN JE 172 105.47 -95.31 -96.25
CA ASN JE 172 104.33 -95.33 -97.15
C ASN JE 172 104.06 -96.75 -97.56
N LEU JE 173 102.81 -97.02 -97.94
CA LEU JE 173 102.42 -98.34 -98.41
C LEU JE 173 101.25 -98.20 -99.37
N GLN JE 174 101.28 -99.00 -100.44
CA GLN JE 174 100.19 -99.04 -101.41
C GLN JE 174 100.12 -100.43 -102.00
N ILE JE 175 98.89 -100.91 -102.21
CA ILE JE 175 98.66 -102.28 -102.67
C ILE JE 175 97.29 -102.33 -103.34
N VAL JE 176 97.24 -102.95 -104.51
CA VAL JE 176 95.99 -103.18 -105.22
C VAL JE 176 95.93 -104.65 -105.61
N LEU JE 177 94.70 -105.14 -105.80
CA LEU JE 177 94.47 -106.54 -106.11
C LEU JE 177 93.37 -106.65 -107.16
N LYS JE 178 93.40 -107.75 -107.91
CA LYS JE 178 92.41 -107.97 -108.96
C LYS JE 178 91.80 -109.36 -108.87
N GLY JE 179 92.52 -110.30 -108.26
CA GLY JE 179 92.05 -111.67 -108.18
C GLY JE 179 91.42 -112.03 -106.86
N ASP JE 180 91.87 -113.13 -106.26
CA ASP JE 180 91.31 -113.63 -105.00
C ASP JE 180 92.44 -113.92 -104.03
N PRO JE 181 93.04 -112.88 -103.45
CA PRO JE 181 94.11 -113.09 -102.46
C PRO JE 181 93.55 -113.22 -101.05
N LYS JE 182 94.39 -113.77 -100.19
CA LYS JE 182 94.08 -113.95 -98.77
C LYS JE 182 95.32 -113.54 -97.99
N VAL JE 183 95.36 -112.28 -97.58
CA VAL JE 183 96.58 -111.70 -97.00
C VAL JE 183 96.33 -111.31 -95.56
N LEU JE 184 97.27 -111.66 -94.69
CA LEU JE 184 97.22 -111.25 -93.29
C LEU JE 184 98.57 -110.65 -92.94
N ILE JE 185 98.58 -109.38 -92.52
CA ILE JE 185 99.82 -108.64 -92.33
C ILE JE 185 99.82 -108.02 -90.94
N SER JE 186 100.98 -108.08 -90.30
CA SER JE 186 101.20 -107.45 -89.00
C SER JE 186 102.30 -106.40 -89.12
N GLY JE 187 102.17 -105.34 -88.34
CA GLY JE 187 103.18 -104.31 -88.31
C GLY JE 187 102.57 -102.95 -88.03
N PHE JE 188 103.30 -101.91 -88.42
CA PHE JE 188 102.88 -100.52 -88.25
C PHE JE 188 102.87 -99.88 -89.63
N VAL JE 189 101.67 -99.59 -90.13
CA VAL JE 189 101.44 -99.26 -91.52
C VAL JE 189 100.82 -97.88 -91.64
N ASN JE 190 101.39 -97.05 -92.51
CA ASN JE 190 100.78 -95.77 -92.89
C ASN JE 190 100.07 -96.00 -94.22
N LEU JE 191 98.91 -96.65 -94.16
CA LEU JE 191 98.17 -96.99 -95.35
C LEU JE 191 97.64 -95.74 -96.03
N ARG JE 192 97.50 -95.82 -97.35
CA ARG JE 192 97.06 -94.68 -98.15
C ARG JE 192 95.73 -94.92 -98.85
N GLN JE 193 95.60 -96.00 -99.61
CA GLN JE 193 94.43 -96.20 -100.45
C GLN JE 193 94.28 -97.67 -100.78
N LEU JE 194 93.03 -98.13 -100.92
CA LEU JE 194 92.77 -99.52 -101.26
C LEU JE 194 91.57 -99.61 -102.19
N ASP JE 195 91.69 -100.47 -103.20
CA ASP JE 195 90.62 -100.75 -104.16
C ASP JE 195 90.48 -102.26 -104.32
N MET JE 196 89.25 -102.75 -104.29
CA MET JE 196 88.97 -104.16 -104.43
C MET JE 196 87.90 -104.39 -105.48
N TYR JE 197 88.10 -105.40 -106.32
CA TYR JE 197 87.20 -105.70 -107.41
C TYR JE 197 86.90 -107.19 -107.59
N GLY JE 198 87.48 -108.08 -106.78
CA GLY JE 198 87.29 -109.49 -106.96
C GLY JE 198 86.69 -110.20 -105.76
N LYS JE 199 87.42 -111.17 -105.21
CA LYS JE 199 87.02 -111.94 -104.04
C LYS JE 199 88.11 -111.88 -102.99
N GLY JE 200 88.58 -110.67 -102.70
CA GLY JE 200 89.76 -110.51 -101.87
C GLY JE 200 89.46 -110.51 -100.38
N THR JE 201 90.42 -111.04 -99.61
CA THR JE 201 90.36 -111.00 -98.16
C THR JE 201 91.67 -110.45 -97.63
N LEU JE 202 91.60 -109.38 -96.86
CA LEU JE 202 92.78 -108.71 -96.35
C LEU JE 202 92.59 -108.46 -94.86
N SER JE 203 93.69 -108.53 -94.11
CA SER JE 203 93.66 -108.20 -92.70
C SER JE 203 94.96 -107.52 -92.31
N LEU JE 204 94.83 -106.45 -91.54
CA LEU JE 204 95.97 -105.69 -91.03
C LEU JE 204 95.89 -105.63 -89.51
N TYR JE 205 97.03 -105.81 -88.85
CA TYR JE 205 97.04 -105.82 -87.39
C TYR JE 205 96.87 -104.42 -86.83
N TRP JE 206 97.80 -103.52 -87.14
CA TRP JE 206 97.74 -102.16 -86.62
C TRP JE 206 98.06 -101.17 -87.73
N ILE JE 207 97.34 -100.05 -87.74
CA ILE JE 207 97.55 -98.99 -88.72
C ILE JE 207 97.44 -97.66 -88.00
N LYS JE 208 98.33 -96.73 -88.35
CA LYS JE 208 98.33 -95.36 -87.81
C LYS JE 208 98.49 -94.40 -88.98
N SER JE 209 97.37 -93.98 -89.55
CA SER JE 209 97.37 -93.07 -90.70
C SER JE 209 96.30 -92.01 -90.49
N ASP JE 210 96.25 -91.07 -91.42
CA ASP JE 210 95.28 -89.97 -91.38
C ASP JE 210 94.28 -90.06 -92.53
N THR JE 211 94.76 -90.19 -93.77
CA THR JE 211 93.92 -90.24 -94.94
C THR JE 211 93.70 -91.69 -95.34
N LEU JE 212 92.44 -92.11 -95.40
CA LEU JE 212 92.09 -93.47 -95.79
C LEU JE 212 90.98 -93.43 -96.84
N THR JE 213 91.20 -94.14 -97.95
CA THR JE 213 90.29 -94.14 -99.09
C THR JE 213 90.06 -95.59 -99.49
N ILE JE 214 88.83 -96.07 -99.32
CA ILE JE 214 88.48 -97.45 -99.61
C ILE JE 214 87.43 -97.49 -100.71
N ARG JE 215 87.69 -98.30 -101.74
CA ARG JE 215 86.72 -98.57 -102.80
C ARG JE 215 86.51 -100.07 -102.91
N ALA JE 216 85.25 -100.50 -102.86
CA ALA JE 216 84.92 -101.91 -102.97
C ALA JE 216 83.83 -102.10 -104.02
N LYS JE 217 84.11 -102.95 -105.00
CA LYS JE 217 83.22 -103.16 -106.14
C LYS JE 217 82.44 -104.47 -106.03
N LYS JE 218 83.12 -105.61 -105.93
CA LYS JE 218 82.48 -106.91 -106.06
C LYS JE 218 82.50 -107.72 -104.78
N ALA JE 219 83.69 -107.99 -104.22
CA ALA JE 219 83.79 -108.93 -103.11
C ALA JE 219 85.06 -108.65 -102.32
N ALA JE 220 84.91 -108.02 -101.16
CA ALA JE 220 86.06 -107.70 -100.32
C ALA JE 220 85.70 -107.97 -98.87
N LYS JE 221 86.65 -108.55 -98.13
CA LYS JE 221 86.51 -108.77 -96.70
C LYS JE 221 87.78 -108.26 -96.04
N ILE JE 222 87.68 -107.13 -95.36
CA ILE JE 222 88.84 -106.42 -94.85
C ILE JE 222 88.70 -106.28 -93.34
N GLN JE 223 89.68 -106.80 -92.61
CA GLN JE 223 89.73 -106.74 -91.16
C GLN JE 223 90.84 -105.76 -90.77
N LEU JE 224 90.44 -104.55 -90.38
CA LEU JE 224 91.38 -103.49 -90.04
C LEU JE 224 91.10 -102.98 -88.63
N ALA JE 225 92.11 -102.33 -88.06
CA ALA JE 225 92.01 -101.75 -86.73
C ALA JE 225 93.14 -100.76 -86.54
N GLY JE 226 92.81 -99.56 -86.08
CA GLY JE 226 93.84 -98.55 -85.85
C GLY JE 226 93.22 -97.18 -85.68
N ILE JE 227 94.01 -96.17 -86.02
CA ILE JE 227 93.60 -94.77 -85.91
C ILE JE 227 93.65 -94.15 -87.29
N VAL JE 228 92.56 -93.50 -87.69
CA VAL JE 228 92.48 -92.78 -88.96
C VAL JE 228 91.88 -91.41 -88.69
N ASN JE 229 92.59 -90.36 -89.09
CA ASN JE 229 92.06 -89.01 -88.92
C ASN JE 229 90.88 -88.76 -89.83
N ARG JE 230 90.92 -89.28 -91.05
CA ARG JE 230 89.89 -88.99 -92.05
C ARG JE 230 89.76 -90.18 -92.97
N LEU JE 231 88.60 -90.84 -92.94
CA LEU JE 231 88.37 -92.05 -93.71
C LEU JE 231 87.11 -91.91 -94.54
N ASP JE 232 87.18 -92.34 -95.80
CA ASP JE 232 86.01 -92.44 -96.66
C ASP JE 232 85.97 -93.81 -97.32
N VAL JE 233 84.77 -94.36 -97.43
CA VAL JE 233 84.56 -95.69 -97.98
C VAL JE 233 83.41 -95.64 -98.98
N GLU JE 234 83.60 -96.28 -100.12
CA GLU JE 234 82.58 -96.47 -101.13
C GLU JE 234 82.37 -97.96 -101.33
N LEU JE 235 81.11 -98.40 -101.23
CA LEU JE 235 80.77 -99.81 -101.38
C LEU JE 235 79.68 -99.93 -102.44
N TRP JE 236 79.91 -100.80 -103.43
CA TRP JE 236 78.94 -100.94 -104.51
C TRP JE 236 77.93 -102.05 -104.26
N ASP JE 237 78.40 -103.29 -104.13
CA ASP JE 237 77.49 -104.41 -103.93
C ASP JE 237 78.28 -105.60 -103.39
N PHE JE 238 77.64 -106.35 -102.49
CA PHE JE 238 78.25 -107.54 -101.90
C PHE JE 238 79.59 -107.22 -101.29
N ALA JE 239 79.70 -106.04 -100.70
CA ALA JE 239 80.91 -105.56 -100.06
C ALA JE 239 80.66 -105.39 -98.58
N GLN JE 240 81.56 -105.91 -97.76
CA GLN JE 240 81.46 -105.86 -96.32
C GLN JE 240 82.71 -105.21 -95.74
N PHE JE 241 82.51 -104.23 -94.86
CA PHE JE 241 83.61 -103.54 -94.20
C PHE JE 241 83.50 -103.76 -92.69
N LYS JE 242 84.51 -104.39 -92.11
CA LYS JE 242 84.55 -104.64 -90.68
C LYS JE 242 85.48 -103.64 -89.97
N GLY JE 243 85.14 -102.35 -90.03
CA GLY JE 243 86.01 -101.35 -89.46
C GLY JE 243 85.92 -101.24 -87.94
N LYS JE 244 85.59 -102.34 -87.28
CA LYS JE 244 85.61 -102.36 -85.83
C LYS JE 244 87.04 -102.26 -85.32
N TYR JE 245 87.18 -101.81 -84.08
CA TYR JE 245 88.48 -101.59 -83.44
C TYR JE 245 89.33 -100.59 -84.20
N LEU JE 246 88.70 -99.81 -85.08
CA LEU JE 246 89.37 -98.77 -85.86
C LEU JE 246 88.77 -97.44 -85.44
N ARG JE 247 89.46 -96.73 -84.56
CA ARG JE 247 88.94 -95.49 -83.99
C ARG JE 247 89.32 -94.33 -84.90
N ALA JE 248 88.33 -93.60 -85.37
CA ALA JE 248 88.53 -92.54 -86.35
C ALA JE 248 87.79 -91.28 -85.94
N GLN JE 249 88.22 -90.16 -86.49
CA GLN JE 249 87.65 -88.85 -86.18
C GLN JE 249 86.61 -88.42 -87.21
N ARG JE 250 86.96 -88.46 -88.49
CA ARG JE 250 86.03 -88.13 -89.57
C ARG JE 250 85.75 -89.41 -90.34
N SER JE 251 84.48 -89.80 -90.40
CA SER JE 251 84.08 -90.98 -91.14
C SER JE 251 83.06 -90.60 -92.21
N PHE JE 252 83.26 -91.11 -93.41
CA PHE JE 252 82.35 -90.89 -94.52
C PHE JE 252 82.06 -92.24 -95.17
N VAL JE 253 80.80 -92.62 -95.24
CA VAL JE 253 80.41 -93.92 -95.75
C VAL JE 253 79.37 -93.73 -96.85
N LYS JE 254 79.60 -94.35 -98.00
CA LYS JE 254 78.60 -94.42 -99.06
C LYS JE 254 78.39 -95.88 -99.41
N THR JE 255 77.14 -96.35 -99.29
CA THR JE 255 76.81 -97.75 -99.50
C THR JE 255 75.68 -97.85 -100.51
N HIS JE 256 75.90 -98.62 -101.57
CA HIS JE 256 74.90 -98.91 -102.57
C HIS JE 256 74.24 -100.25 -102.28
N ASP JE 257 73.48 -100.75 -103.25
CA ASP JE 257 72.67 -101.94 -103.06
C ASP JE 257 73.51 -103.13 -102.59
N LYS JE 258 73.00 -103.83 -101.58
CA LYS JE 258 73.60 -105.05 -101.05
C LYS JE 258 75.02 -104.78 -100.55
N SER JE 259 75.11 -103.95 -99.51
CA SER JE 259 76.38 -103.58 -98.90
C SER JE 259 76.24 -103.54 -97.39
N VAL JE 260 77.29 -103.96 -96.70
CA VAL JE 260 77.29 -104.03 -95.24
C VAL JE 260 78.59 -103.41 -94.71
N ALA JE 261 78.47 -102.60 -93.67
CA ALA JE 261 79.65 -102.00 -93.06
C ALA JE 261 79.38 -101.70 -91.61
N GLU JE 262 80.39 -101.90 -90.78
CA GLU JE 262 80.35 -101.57 -89.36
C GLU JE 262 81.52 -100.67 -89.03
N ILE JE 263 81.23 -99.56 -88.34
CA ILE JE 263 82.18 -98.49 -88.10
C ILE JE 263 82.27 -98.22 -86.61
N SER JE 264 83.33 -97.53 -86.22
CA SER JE 264 83.61 -97.19 -84.82
C SER JE 264 84.06 -95.74 -84.70
N ALA JE 265 83.29 -94.83 -85.32
CA ALA JE 265 83.65 -93.41 -85.31
C ALA JE 265 83.72 -92.87 -83.89
N VAL JE 266 84.39 -91.72 -83.75
CA VAL JE 266 84.62 -91.10 -82.46
C VAL JE 266 84.04 -89.70 -82.39
N ASN JE 267 84.25 -88.89 -83.42
CA ASN JE 267 83.85 -87.48 -83.36
C ASN JE 267 82.78 -87.12 -84.38
N HIS JE 268 82.99 -87.43 -85.66
CA HIS JE 268 82.10 -86.95 -86.70
C HIS JE 268 81.84 -88.06 -87.70
N GLN JE 269 80.55 -88.34 -87.93
CA GLN JE 269 80.15 -89.45 -88.78
C GLN JE 269 79.15 -89.00 -89.84
N SER JE 270 79.35 -89.47 -91.07
CA SER JE 270 78.46 -89.20 -92.18
C SER JE 270 78.19 -90.49 -92.94
N SER JE 271 76.91 -90.77 -93.20
CA SER JE 271 76.56 -92.05 -93.80
C SER JE 271 75.41 -91.91 -94.77
N LEU JE 272 75.59 -92.44 -95.98
CA LEU JE 272 74.55 -92.49 -97.00
C LEU JE 272 74.36 -93.94 -97.41
N ALA JE 273 73.10 -94.40 -97.40
CA ALA JE 273 72.76 -95.77 -97.73
C ALA JE 273 71.62 -95.78 -98.72
N THR JE 274 71.86 -96.32 -99.92
CA THR JE 274 70.84 -96.29 -100.96
C THR JE 274 69.71 -97.26 -100.65
N ASP JE 275 70.02 -98.55 -100.60
CA ASP JE 275 69.05 -99.61 -100.35
C ASP JE 275 69.84 -100.90 -100.17
N ALA JE 276 69.26 -101.83 -99.41
CA ALA JE 276 69.96 -103.05 -99.03
C ALA JE 276 71.35 -102.73 -98.48
N SER JE 277 71.43 -101.63 -97.76
CA SER JE 277 72.68 -101.12 -97.21
C SER JE 277 72.57 -101.04 -95.70
N ASP JE 278 73.57 -101.57 -95.01
CA ASP JE 278 73.56 -101.64 -93.56
C ASP JE 278 74.80 -100.96 -93.01
N ILE JE 279 74.60 -100.05 -92.06
CA ILE JE 279 75.67 -99.35 -91.38
C ILE JE 279 75.49 -99.55 -89.88
N TYR JE 280 76.47 -100.18 -89.25
CA TYR JE 280 76.37 -100.54 -87.84
C TYR JE 280 77.43 -99.75 -87.07
N TYR JE 281 76.99 -98.79 -86.26
CA TYR JE 281 77.92 -97.96 -85.51
C TYR JE 281 78.11 -98.53 -84.12
N TYR JE 282 79.36 -98.91 -83.81
CA TYR JE 282 79.68 -99.53 -82.53
C TYR JE 282 80.33 -98.54 -81.57
N ASN JE 283 80.21 -97.25 -81.83
CA ASN JE 283 80.70 -96.23 -80.91
C ASN JE 283 79.93 -94.95 -81.17
N LEU JE 284 79.30 -94.41 -80.12
CA LEU JE 284 78.46 -93.23 -80.27
C LEU JE 284 79.35 -92.00 -80.36
N SER JE 285 79.59 -91.53 -81.59
CA SER JE 285 80.47 -90.40 -81.81
C SER JE 285 79.84 -89.13 -81.24
N LYS JE 286 80.62 -88.04 -81.30
CA LYS JE 286 80.11 -86.76 -80.82
C LYS JE 286 78.96 -86.27 -81.69
N THR JE 287 79.05 -86.44 -83.00
CA THR JE 287 77.96 -86.06 -83.88
C THR JE 287 77.94 -86.97 -85.10
N ARG JE 288 76.71 -87.25 -85.56
CA ARG JE 288 76.49 -88.18 -86.64
C ARG JE 288 75.40 -87.65 -87.55
N ALA JE 289 75.39 -88.14 -88.78
CA ALA JE 289 74.31 -87.84 -89.71
C ALA JE 289 74.17 -89.00 -90.68
N ASP JE 290 72.95 -89.48 -90.84
CA ASP JE 290 72.68 -90.67 -91.63
C ASP JE 290 71.52 -90.39 -92.58
N PHE JE 291 71.53 -91.07 -93.72
CA PHE JE 291 70.43 -90.93 -94.66
C PHE JE 291 70.18 -92.25 -95.38
N MET JE 292 68.90 -92.59 -95.52
CA MET JE 292 68.46 -93.78 -96.22
C MET JE 292 67.66 -93.36 -97.44
N ALA JE 293 67.98 -93.96 -98.60
CA ALA JE 293 67.32 -93.59 -99.85
C ALA JE 293 66.09 -94.44 -100.12
N PHE JE 294 66.27 -95.75 -100.25
CA PHE JE 294 65.16 -96.64 -100.51
C PHE JE 294 64.92 -97.64 -99.39
N ASN JE 295 65.95 -98.38 -98.99
CA ASN JE 295 65.83 -99.36 -97.91
C ASN JE 295 67.08 -99.37 -97.03
N GLY JE 296 67.72 -98.22 -96.89
CA GLY JE 296 68.91 -98.16 -96.07
C GLY JE 296 68.61 -98.38 -94.60
N SER JE 297 69.63 -98.77 -93.85
CA SER JE 297 69.46 -99.08 -92.44
C SER JE 297 70.74 -98.75 -91.70
N VAL JE 298 70.63 -97.96 -90.64
CA VAL JE 298 71.74 -97.63 -89.77
C VAL JE 298 71.33 -97.98 -88.35
N LEU JE 299 72.10 -98.85 -87.71
CA LEU JE 299 71.75 -99.38 -86.40
C LEU JE 299 72.96 -99.38 -85.50
N ASP JE 300 72.70 -99.49 -84.20
CA ASP JE 300 73.72 -99.36 -83.17
C ASP JE 300 74.42 -100.68 -82.89
N MET JE 301 73.66 -101.72 -82.55
CA MET JE 301 74.17 -102.99 -82.02
C MET JE 301 75.37 -102.75 -81.10
N ARG JE 302 75.17 -101.87 -80.13
CA ARG JE 302 76.18 -101.59 -79.12
C ARG JE 302 76.10 -102.65 -78.03
N GLU JE 303 76.75 -102.39 -76.90
CA GLU JE 303 76.64 -103.30 -75.76
C GLU JE 303 75.18 -103.43 -75.31
N TRP JE 304 74.51 -102.29 -75.14
CA TRP JE 304 73.09 -102.23 -74.80
C TRP JE 304 72.80 -102.85 -73.44
N GLY JE 305 73.84 -103.29 -72.74
CA GLY JE 305 73.73 -103.79 -71.39
C GLY JE 305 74.97 -103.42 -70.59
N GLN JE 306 75.74 -102.48 -71.11
CA GLN JE 306 76.98 -102.08 -70.49
C GLN JE 306 76.75 -101.42 -69.14
N SER JE 307 77.61 -101.73 -68.17
CA SER JE 307 77.52 -101.10 -66.87
C SER JE 307 77.98 -99.65 -66.89
N ASP JE 308 78.69 -99.23 -67.94
CA ASP JE 308 79.17 -97.86 -68.04
C ASP JE 308 78.96 -97.31 -69.45
N LEU JE 309 77.79 -97.60 -70.03
CA LEU JE 309 77.47 -97.11 -71.35
C LEU JE 309 77.07 -95.63 -71.28
N LYS JE 310 77.64 -94.83 -72.17
CA LYS JE 310 77.30 -93.42 -72.24
C LYS JE 310 75.90 -93.25 -72.85
N ASP JE 311 75.44 -92.00 -72.87
CA ASP JE 311 74.10 -91.68 -73.34
C ASP JE 311 74.16 -90.52 -74.33
N PHE JE 312 73.01 -90.28 -74.98
CA PHE JE 312 72.90 -89.20 -75.93
C PHE JE 312 72.87 -87.85 -75.23
N ASP JE 313 73.00 -86.78 -76.03
CA ASP JE 313 72.83 -85.42 -75.56
C ASP JE 313 72.10 -84.63 -76.63
N ARG JE 314 71.59 -83.46 -76.23
CA ARG JE 314 70.86 -82.61 -77.15
C ARG JE 314 71.67 -82.30 -78.40
N TYR JE 315 72.99 -82.18 -78.26
CA TYR JE 315 73.84 -81.91 -79.42
C TYR JE 315 73.91 -83.10 -80.37
N ASN JE 316 73.46 -84.28 -79.95
CA ASN JE 316 73.54 -85.45 -80.82
C ASN JE 316 72.27 -86.28 -80.82
N LYS JE 317 71.20 -85.86 -80.15
CA LYS JE 317 69.96 -86.62 -80.12
C LYS JE 317 69.29 -86.46 -81.49
N GLN JE 318 69.72 -87.29 -82.43
CA GLN JE 318 69.23 -87.25 -83.79
C GLN JE 318 68.37 -88.49 -84.02
N PHE JE 319 67.11 -88.29 -84.37
CA PHE JE 319 66.21 -89.40 -84.64
C PHE JE 319 66.50 -89.97 -86.02
N PRO JE 320 66.88 -91.25 -86.13
CA PRO JE 320 67.16 -91.88 -87.42
C PRO JE 320 65.88 -92.06 -88.25
N LEU KE 113 59.73 -168.01 -65.65
CA LEU KE 113 59.19 -167.02 -64.74
C LEU KE 113 59.00 -165.69 -65.46
N ASN KE 114 58.61 -165.75 -66.73
CA ASN KE 114 58.47 -164.56 -67.55
C ASN KE 114 57.05 -164.43 -68.10
N ARG KE 115 56.49 -165.55 -68.57
CA ARG KE 115 55.14 -165.54 -69.12
C ARG KE 115 54.50 -166.89 -68.85
N PHE KE 116 53.29 -166.88 -68.31
CA PHE KE 116 52.54 -168.10 -68.10
C PHE KE 116 51.14 -167.94 -68.67
N ARG KE 117 50.74 -168.90 -69.49
CA ARG KE 117 49.40 -168.94 -70.07
C ARG KE 117 48.82 -170.32 -69.83
N TYR KE 118 47.63 -170.37 -69.23
CA TYR KE 118 46.97 -171.64 -68.99
C TYR KE 118 45.49 -171.56 -69.35
N GLU KE 119 44.98 -172.67 -69.89
CA GLU KE 119 43.55 -172.86 -70.13
C GLU KE 119 43.17 -174.27 -69.71
N GLY KE 120 41.90 -174.45 -69.36
CA GLY KE 120 41.37 -175.79 -69.18
C GLY KE 120 41.31 -176.35 -67.77
N ALA KE 121 40.68 -175.62 -66.84
CA ALA KE 121 40.27 -176.15 -65.54
C ALA KE 121 41.48 -176.71 -64.77
N GLY KE 122 42.38 -175.81 -64.44
CA GLY KE 122 43.61 -176.19 -63.78
C GLY KE 122 43.86 -175.36 -62.53
N VAL KE 123 44.42 -176.01 -61.52
CA VAL KE 123 44.69 -175.40 -60.23
C VAL KE 123 46.20 -175.22 -60.09
N VAL KE 124 46.63 -173.98 -59.90
CA VAL KE 124 48.03 -173.64 -59.72
C VAL KE 124 48.16 -172.78 -58.46
N THR KE 125 49.20 -173.04 -57.67
CA THR KE 125 49.45 -172.28 -56.46
C THR KE 125 50.94 -171.93 -56.39
N GLY KE 126 51.24 -170.72 -55.94
CA GLY KE 126 52.61 -170.27 -55.86
C GLY KE 126 52.78 -169.19 -54.83
N ASN KE 127 54.00 -169.07 -54.30
CA ASN KE 127 54.33 -168.03 -53.34
C ASN KE 127 55.83 -167.77 -53.36
N ASN KE 128 56.21 -166.59 -52.88
CA ASN KE 128 57.60 -166.18 -52.76
C ASN KE 128 58.33 -166.18 -54.11
N LEU KE 129 57.61 -165.89 -55.18
CA LEU KE 129 58.22 -165.72 -56.50
C LEU KE 129 58.48 -164.24 -56.74
N ARG KE 130 59.67 -163.94 -57.23
CA ARG KE 130 60.10 -162.57 -57.44
C ARG KE 130 60.43 -162.34 -58.92
N THR KE 131 59.96 -161.21 -59.45
CA THR KE 131 60.14 -160.92 -60.87
C THR KE 131 59.99 -159.42 -61.08
N SER KE 132 60.53 -158.95 -62.20
CA SER KE 132 60.33 -157.56 -62.60
C SER KE 132 59.00 -157.40 -63.32
N TYR KE 133 58.82 -158.11 -64.42
CA TYR KE 133 57.56 -158.12 -65.14
C TYR KE 133 57.29 -159.52 -65.66
N LEU KE 134 56.06 -159.97 -65.51
CA LEU KE 134 55.62 -161.22 -66.12
C LEU KE 134 54.26 -161.02 -66.77
N ASP KE 135 53.99 -161.82 -67.79
CA ASP KE 135 52.72 -161.77 -68.50
C ASP KE 135 51.88 -162.98 -68.10
N LEU KE 136 50.71 -162.71 -67.51
CA LEU KE 136 49.80 -163.76 -67.08
C LEU KE 136 48.61 -163.82 -68.03
N TYR KE 137 48.28 -165.03 -68.48
CA TYR KE 137 47.14 -165.22 -69.38
C TYR KE 137 46.39 -166.47 -68.91
N LEU KE 138 45.28 -166.25 -68.20
CA LEU KE 138 44.53 -167.33 -67.58
C LEU KE 138 43.17 -167.49 -68.25
N ALA KE 139 42.70 -168.73 -68.32
CA ALA KE 139 41.40 -169.00 -68.92
C ALA KE 139 40.85 -170.32 -68.41
N ASN KE 140 39.53 -170.48 -68.58
CA ASN KE 140 38.84 -171.75 -68.41
C ASN KE 140 39.14 -172.39 -67.05
N GLU KE 141 38.64 -171.71 -66.01
CA GLU KE 141 38.76 -172.17 -64.62
C GLU KE 141 40.23 -172.32 -64.24
N GLY KE 142 40.90 -171.19 -64.21
CA GLY KE 142 42.23 -171.14 -63.65
C GLY KE 142 42.18 -170.84 -62.17
N THR KE 143 42.21 -171.89 -61.36
CA THR KE 143 42.20 -171.76 -59.91
C THR KE 143 43.61 -171.40 -59.48
N THR KE 144 43.91 -170.10 -59.51
CA THR KE 144 45.26 -169.60 -59.30
C THR KE 144 45.36 -168.93 -57.94
N ARG KE 145 46.28 -169.42 -57.12
CA ARG KE 145 46.53 -168.88 -55.80
C ARG KE 145 47.94 -168.33 -55.73
N LEU KE 146 48.08 -167.11 -55.26
CA LEU KE 146 49.39 -166.46 -55.10
C LEU KE 146 49.52 -165.94 -53.69
N ALA KE 147 50.68 -166.20 -53.08
CA ALA KE 147 50.98 -165.75 -51.72
C ALA KE 147 52.36 -165.11 -51.68
N GLY KE 148 52.65 -164.24 -52.64
CA GLY KE 148 53.91 -163.55 -52.69
C GLY KE 148 53.80 -162.25 -53.44
N ASN KE 149 54.89 -161.49 -53.44
CA ASN KE 149 54.97 -160.21 -54.14
C ASN KE 149 55.53 -160.47 -55.53
N ILE KE 150 54.71 -160.21 -56.56
CA ILE KE 150 55.06 -160.50 -57.94
C ILE KE 150 55.05 -159.20 -58.72
N GLY KE 151 56.16 -158.92 -59.42
CA GLY KE 151 56.24 -157.77 -60.29
C GLY KE 151 55.73 -158.14 -61.68
N LEU KE 152 54.68 -157.45 -62.11
CA LEU KE 152 54.08 -157.73 -63.41
C LEU KE 152 53.30 -156.52 -63.86
N GLN KE 153 53.00 -156.50 -65.16
CA GLN KE 153 52.21 -155.42 -65.75
C GLN KE 153 51.05 -155.90 -66.61
N LYS KE 154 51.13 -157.06 -67.24
CA LYS KE 154 50.09 -157.52 -68.16
C LYS KE 154 49.46 -158.81 -67.63
N LEU KE 155 48.18 -158.72 -67.29
CA LEU KE 155 47.38 -159.85 -66.91
C LEU KE 155 46.13 -159.87 -67.79
N GLU KE 156 45.70 -161.08 -68.17
CA GLU KE 156 44.53 -161.22 -69.03
C GLU KE 156 43.79 -162.50 -68.63
N ALA KE 157 42.61 -162.35 -68.06
CA ALA KE 157 41.73 -163.47 -67.77
C ALA KE 157 40.62 -163.51 -68.81
N VAL KE 158 40.45 -164.66 -69.46
CA VAL KE 158 39.44 -164.78 -70.49
C VAL KE 158 38.05 -164.59 -69.91
N GLY KE 159 37.78 -165.21 -68.76
CA GLY KE 159 36.51 -165.05 -68.09
C GLY KE 159 35.99 -166.32 -67.46
N ASN KE 160 34.90 -166.20 -66.71
CA ASN KE 160 34.22 -167.33 -66.09
C ASN KE 160 35.17 -168.14 -65.21
N GLY KE 161 35.93 -167.45 -64.38
CA GLY KE 161 36.85 -168.13 -63.48
C GLY KE 161 37.16 -167.28 -62.27
N VAL KE 162 37.76 -167.92 -61.27
CA VAL KE 162 38.13 -167.28 -60.01
C VAL KE 162 39.64 -167.12 -59.98
N THR KE 163 40.11 -165.96 -59.54
CA THR KE 163 41.53 -165.68 -59.49
C THR KE 163 41.80 -164.69 -58.36
N GLN KE 164 42.84 -164.99 -57.57
CA GLN KE 164 43.22 -164.14 -56.46
C GLN KE 164 44.74 -163.97 -56.44
N ILE KE 165 45.18 -162.74 -56.18
CA ILE KE 165 46.59 -162.43 -56.04
C ILE KE 165 46.79 -161.66 -54.75
N ASN KE 166 47.75 -162.11 -53.94
CA ASN KE 166 48.03 -161.50 -52.64
C ASN KE 166 49.37 -160.78 -52.73
N GLY KE 167 49.34 -159.52 -53.14
CA GLY KE 167 50.52 -158.68 -53.11
C GLY KE 167 51.20 -158.47 -54.45
N VAL KE 168 50.95 -157.33 -55.08
CA VAL KE 168 51.67 -156.90 -56.27
C VAL KE 168 52.02 -155.42 -56.09
N SER KE 169 53.30 -155.10 -56.25
CA SER KE 169 53.79 -153.72 -56.13
C SER KE 169 54.51 -153.39 -57.42
N SER KE 170 53.75 -152.92 -58.41
CA SER KE 170 54.28 -152.63 -59.74
C SER KE 170 54.11 -151.16 -60.06
N ARG KE 171 55.03 -150.63 -60.86
CA ARG KE 171 54.94 -149.25 -61.30
C ARG KE 171 53.73 -149.03 -62.20
N ASN KE 172 53.35 -150.04 -62.98
CA ASN KE 172 52.23 -149.90 -63.89
C ASN KE 172 51.59 -151.27 -64.11
N LEU KE 173 50.36 -151.25 -64.60
CA LEU KE 173 49.63 -152.47 -64.94
C LEU KE 173 48.44 -152.08 -65.80
N GLN KE 174 48.12 -152.93 -66.78
CA GLN KE 174 46.96 -152.73 -67.63
C GLN KE 174 46.22 -154.04 -67.78
N ILE KE 175 44.90 -153.99 -67.71
CA ILE KE 175 44.06 -155.19 -67.72
C ILE KE 175 42.77 -154.88 -68.46
N VAL KE 176 42.34 -155.81 -69.31
CA VAL KE 176 41.05 -155.77 -69.97
C VAL KE 176 40.42 -157.15 -69.86
N LEU KE 177 39.10 -157.20 -70.01
CA LEU KE 177 38.37 -158.45 -69.87
C LEU KE 177 37.38 -158.60 -71.01
N LYS KE 178 37.04 -159.85 -71.30
CA LYS KE 178 36.09 -160.22 -72.34
C LYS KE 178 34.99 -161.13 -71.85
N GLY KE 179 35.29 -162.03 -70.92
CA GLY KE 179 34.30 -162.90 -70.30
C GLY KE 179 33.78 -162.32 -69.01
N ASP KE 180 33.39 -163.21 -68.10
CA ASP KE 180 32.79 -162.82 -66.83
C ASP KE 180 33.55 -163.49 -65.69
N PRO KE 181 34.75 -163.01 -65.39
CA PRO KE 181 35.53 -163.58 -64.28
C PRO KE 181 35.18 -162.89 -62.97
N LYS KE 182 35.71 -163.46 -61.90
CA LYS KE 182 35.58 -162.89 -60.56
C LYS KE 182 36.99 -162.69 -60.03
N VAL KE 183 37.43 -161.44 -59.96
CA VAL KE 183 38.84 -161.15 -59.71
C VAL KE 183 38.98 -160.32 -58.44
N LEU KE 184 39.92 -160.74 -57.60
CA LEU KE 184 40.23 -160.03 -56.37
C LEU KE 184 41.74 -159.91 -56.28
N ILE KE 185 42.22 -158.69 -56.08
CA ILE KE 185 43.65 -158.40 -56.11
C ILE KE 185 44.02 -157.54 -54.92
N SER KE 186 45.16 -157.86 -54.30
CA SER KE 186 45.72 -157.09 -53.20
C SER KE 186 47.12 -156.62 -53.57
N GLY KE 187 47.47 -155.43 -53.11
CA GLY KE 187 48.76 -154.84 -53.36
C GLY KE 187 48.61 -153.37 -53.72
N PHE KE 188 49.67 -152.81 -54.30
CA PHE KE 188 49.68 -151.41 -54.72
C PHE KE 188 50.02 -151.34 -56.20
N VAL KE 189 49.13 -150.75 -56.98
CA VAL KE 189 49.27 -150.70 -58.43
C VAL KE 189 48.89 -149.31 -58.93
N ASN KE 190 49.71 -148.78 -59.84
CA ASN KE 190 49.44 -147.50 -60.47
C ASN KE 190 48.84 -147.78 -61.85
N LEU KE 191 47.54 -148.05 -61.85
CA LEU KE 191 46.83 -148.32 -63.10
C LEU KE 191 46.27 -147.02 -63.68
N ARG KE 192 46.09 -147.01 -65.00
CA ARG KE 192 45.66 -145.82 -65.70
C ARG KE 192 44.31 -145.97 -66.37
N GLN KE 193 44.13 -146.98 -67.20
CA GLN KE 193 42.96 -147.08 -68.06
C GLN KE 193 42.29 -148.44 -67.88
N LEU KE 194 40.96 -148.47 -67.96
CA LEU KE 194 40.24 -149.74 -67.85
C LEU KE 194 38.87 -149.63 -68.49
N ASP KE 195 38.53 -150.63 -69.28
CA ASP KE 195 37.23 -150.75 -69.92
C ASP KE 195 36.64 -152.13 -69.63
N MET KE 196 35.32 -152.18 -69.51
CA MET KE 196 34.60 -153.41 -69.25
C MET KE 196 33.40 -153.51 -70.18
N TYR KE 197 33.17 -154.71 -70.72
CA TYR KE 197 32.08 -154.91 -71.66
C TYR KE 197 31.28 -156.18 -71.41
N GLY KE 198 31.63 -156.99 -70.42
CA GLY KE 198 30.89 -158.20 -70.14
C GLY KE 198 30.09 -158.12 -68.85
N LYS KE 199 30.42 -158.99 -67.90
CA LYS KE 199 29.80 -159.03 -66.57
C LYS KE 199 30.88 -159.00 -65.50
N GLY KE 200 31.78 -158.03 -65.64
CA GLY KE 200 32.95 -157.94 -64.78
C GLY KE 200 32.66 -157.79 -63.30
N THR KE 201 33.40 -158.51 -62.47
CA THR KE 201 33.32 -158.40 -61.02
C THR KE 201 34.74 -158.34 -60.49
N LEU KE 202 35.16 -157.16 -60.03
CA LEU KE 202 36.53 -156.92 -59.65
C LEU KE 202 36.61 -156.20 -58.32
N SER KE 203 37.59 -156.59 -57.51
CA SER KE 203 37.93 -155.90 -56.29
C SER KE 203 39.44 -155.66 -56.25
N LEU KE 204 39.82 -154.41 -56.01
CA LEU KE 204 41.22 -154.03 -55.88
C LEU KE 204 41.45 -153.44 -54.50
N TYR KE 205 42.46 -153.94 -53.80
CA TYR KE 205 42.65 -153.55 -52.41
C TYR KE 205 43.20 -152.14 -52.29
N TRP KE 206 44.21 -151.80 -53.09
CA TRP KE 206 44.84 -150.49 -52.98
C TRP KE 206 45.40 -150.08 -54.33
N ILE KE 207 45.33 -148.77 -54.61
CA ILE KE 207 45.91 -148.20 -55.81
C ILE KE 207 46.41 -146.80 -55.49
N LYS KE 208 47.56 -146.44 -56.04
CA LYS KE 208 48.13 -145.10 -55.92
C LYS KE 208 48.38 -144.60 -57.34
N SER KE 209 47.37 -144.00 -57.94
CA SER KE 209 47.42 -143.57 -59.33
C SER KE 209 46.91 -142.14 -59.44
N ASP KE 210 47.43 -141.42 -60.43
CA ASP KE 210 47.07 -140.03 -60.63
C ASP KE 210 45.93 -139.86 -61.62
N THR KE 211 45.92 -140.65 -62.69
CA THR KE 211 44.91 -140.55 -63.74
C THR KE 211 44.18 -141.88 -63.85
N LEU KE 212 42.85 -141.84 -63.75
CA LEU KE 212 42.02 -143.02 -63.92
C LEU KE 212 40.95 -142.74 -64.96
N THR KE 213 40.85 -143.62 -65.95
CA THR KE 213 39.87 -143.51 -67.02
C THR KE 213 39.13 -144.83 -67.11
N ILE KE 214 37.87 -144.85 -66.69
CA ILE KE 214 37.11 -146.09 -66.59
C ILE KE 214 35.88 -146.00 -67.48
N ARG KE 215 35.68 -147.03 -68.30
CA ARG KE 215 34.49 -147.16 -69.13
C ARG KE 215 33.83 -148.50 -68.83
N ALA KE 216 32.51 -148.48 -68.67
CA ALA KE 216 31.75 -149.70 -68.44
C ALA KE 216 30.52 -149.74 -69.33
N LYS KE 217 30.31 -150.87 -69.98
CA LYS KE 217 29.30 -151.01 -71.02
C LYS KE 217 28.11 -151.87 -70.62
N LYS KE 218 28.34 -153.11 -70.18
CA LYS KE 218 27.26 -154.06 -69.99
C LYS KE 218 26.96 -154.37 -68.54
N ALA KE 219 27.95 -154.85 -67.78
CA ALA KE 219 27.73 -155.12 -66.37
C ALA KE 219 29.07 -155.07 -65.65
N ALA KE 220 29.14 -154.23 -64.62
CA ALA KE 220 30.38 -154.07 -63.87
C ALA KE 220 30.04 -153.98 -62.38
N LYS KE 221 30.88 -154.63 -61.58
CA LYS KE 221 30.77 -154.59 -60.12
C LYS KE 221 32.20 -154.39 -59.61
N ILE KE 222 32.57 -153.13 -59.37
CA ILE KE 222 33.95 -152.76 -59.10
C ILE KE 222 34.03 -152.16 -57.70
N GLN KE 223 34.86 -152.77 -56.86
CA GLN KE 223 35.13 -152.30 -55.50
C GLN KE 223 36.59 -151.93 -55.41
N LEU KE 224 36.88 -150.64 -55.29
CA LEU KE 224 38.24 -150.12 -55.29
C LEU KE 224 38.43 -149.14 -54.15
N ALA KE 225 39.70 -148.91 -53.81
CA ALA KE 225 40.07 -147.94 -52.78
C ALA KE 225 41.52 -147.52 -53.00
N GLY KE 226 41.85 -146.34 -52.48
CA GLY KE 226 43.20 -145.82 -52.61
C GLY KE 226 43.17 -144.31 -52.66
N ILE KE 227 44.20 -143.74 -53.28
CA ILE KE 227 44.35 -142.30 -53.45
C ILE KE 227 44.43 -142.00 -54.94
N VAL KE 228 43.58 -141.09 -55.40
CA VAL KE 228 43.50 -140.73 -56.82
C VAL KE 228 43.61 -139.23 -56.96
N ASN KE 229 44.39 -138.77 -57.93
CA ASN KE 229 44.46 -137.33 -58.20
C ASN KE 229 43.37 -136.89 -59.17
N ARG KE 230 43.08 -137.71 -60.18
CA ARG KE 230 42.09 -137.36 -61.19
C ARG KE 230 41.43 -138.63 -61.69
N LEU KE 231 40.10 -138.63 -61.74
CA LEU KE 231 39.36 -139.82 -62.11
C LEU KE 231 38.15 -139.43 -62.96
N ASP KE 232 37.93 -140.16 -64.04
CA ASP KE 232 36.73 -139.99 -64.84
C ASP KE 232 36.15 -141.36 -65.19
N VAL KE 233 34.82 -141.42 -65.18
CA VAL KE 233 34.10 -142.68 -65.37
C VAL KE 233 32.93 -142.44 -66.31
N GLU KE 234 32.77 -143.38 -67.25
CA GLU KE 234 31.63 -143.42 -68.16
C GLU KE 234 30.89 -144.73 -67.97
N LEU KE 235 29.59 -144.65 -67.74
CA LEU KE 235 28.76 -145.82 -67.51
C LEU KE 235 27.63 -145.84 -68.54
N TRP KE 236 27.42 -146.99 -69.17
CA TRP KE 236 26.38 -147.09 -70.19
C TRP KE 236 25.10 -147.73 -69.69
N ASP KE 237 25.18 -148.92 -69.07
CA ASP KE 237 23.98 -149.56 -68.56
C ASP KE 237 24.37 -150.69 -67.61
N PHE KE 238 23.57 -150.83 -66.54
CA PHE KE 238 23.67 -151.97 -65.62
C PHE KE 238 25.07 -152.10 -65.03
N ALA KE 239 25.64 -150.99 -64.59
CA ALA KE 239 26.96 -150.97 -63.98
C ALA KE 239 26.86 -150.35 -62.59
N GLN KE 240 27.34 -151.07 -61.58
CA GLN KE 240 27.42 -150.59 -60.22
C GLN KE 240 28.88 -150.39 -59.86
N PHE KE 241 29.22 -149.19 -59.40
CA PHE KE 241 30.61 -148.85 -59.08
C PHE KE 241 30.68 -148.36 -57.64
N LYS KE 242 31.27 -149.18 -56.77
CA LYS KE 242 31.33 -148.86 -55.34
C LYS KE 242 32.62 -148.13 -55.00
N GLY KE 243 32.84 -146.98 -55.63
CA GLY KE 243 34.07 -146.25 -55.43
C GLY KE 243 34.20 -145.61 -54.06
N LYS KE 244 33.32 -145.99 -53.13
CA LYS KE 244 33.49 -145.56 -51.76
C LYS KE 244 34.80 -146.13 -51.20
N TYR KE 245 35.25 -145.53 -50.11
CA TYR KE 245 36.57 -145.78 -49.52
C TYR KE 245 37.71 -145.40 -50.46
N LEU KE 246 37.41 -144.74 -51.57
CA LEU KE 246 38.41 -144.29 -52.53
C LEU KE 246 38.30 -142.78 -52.66
N ARG KE 247 39.35 -142.07 -52.25
CA ARG KE 247 39.34 -140.62 -52.21
C ARG KE 247 40.07 -140.05 -53.43
N ALA KE 248 39.50 -138.99 -54.00
CA ALA KE 248 40.07 -138.37 -55.18
C ALA KE 248 39.94 -136.86 -55.09
N GLN KE 249 40.75 -136.17 -55.90
CA GLN KE 249 40.72 -134.72 -55.94
C GLN KE 249 39.76 -134.20 -57.01
N ARG KE 250 39.88 -134.71 -58.24
CA ARG KE 250 39.02 -134.33 -59.35
C ARG KE 250 38.21 -135.54 -59.77
N SER KE 251 36.89 -135.39 -59.81
CA SER KE 251 36.01 -136.49 -60.19
C SER KE 251 35.10 -136.05 -61.33
N PHE KE 252 35.03 -136.87 -62.38
CA PHE KE 252 34.13 -136.66 -63.50
C PHE KE 252 33.30 -137.91 -63.70
N VAL KE 253 31.97 -137.76 -63.64
CA VAL KE 253 31.07 -138.90 -63.75
C VAL KE 253 30.09 -138.63 -64.88
N LYS KE 254 29.96 -139.59 -65.80
CA LYS KE 254 29.00 -139.51 -66.89
C LYS KE 254 28.25 -140.82 -66.98
N THR KE 255 26.96 -140.80 -66.65
CA THR KE 255 26.16 -142.02 -66.55
C THR KE 255 24.96 -141.94 -67.46
N HIS KE 256 24.76 -142.99 -68.25
CA HIS KE 256 23.55 -143.16 -69.05
C HIS KE 256 22.55 -144.01 -68.27
N ASP KE 257 21.53 -144.52 -68.96
CA ASP KE 257 20.42 -145.20 -68.31
C ASP KE 257 20.88 -146.39 -67.47
N LYS KE 258 20.28 -146.53 -66.29
CA LYS KE 258 20.45 -147.70 -65.44
C LYS KE 258 21.91 -147.92 -65.07
N SER KE 259 22.47 -146.96 -64.35
CA SER KE 259 23.84 -147.02 -63.88
C SER KE 259 23.90 -146.46 -62.47
N VAL KE 260 24.44 -147.24 -61.54
CA VAL KE 260 24.52 -146.86 -60.14
C VAL KE 260 25.99 -146.73 -59.77
N ALA KE 261 26.38 -145.55 -59.30
CA ALA KE 261 27.77 -145.32 -58.93
C ALA KE 261 27.80 -144.51 -57.64
N GLU KE 262 28.48 -145.04 -56.63
CA GLU KE 262 28.74 -144.29 -55.41
C GLU KE 262 30.20 -143.86 -55.41
N ILE KE 263 30.43 -142.59 -55.08
CA ILE KE 263 31.73 -141.94 -55.19
C ILE KE 263 32.04 -141.25 -53.88
N SER KE 264 33.32 -140.94 -53.70
CA SER KE 264 33.81 -140.30 -52.48
C SER KE 264 34.78 -139.17 -52.83
N ALA KE 265 34.35 -138.29 -53.75
CA ALA KE 265 35.17 -137.15 -54.13
C ALA KE 265 35.40 -136.22 -52.93
N VAL KE 266 36.53 -135.52 -52.95
CA VAL KE 266 36.97 -134.73 -51.81
C VAL KE 266 36.97 -133.24 -52.13
N ASN KE 267 37.47 -132.85 -53.31
CA ASN KE 267 37.68 -131.44 -53.61
C ASN KE 267 36.81 -130.92 -54.74
N HIS KE 268 36.80 -131.58 -55.90
CA HIS KE 268 36.11 -131.06 -57.07
C HIS KE 268 35.30 -132.18 -57.72
N GLN KE 269 34.00 -131.96 -57.86
CA GLN KE 269 33.09 -132.99 -58.37
C GLN KE 269 32.30 -132.45 -59.54
N SER KE 270 32.28 -133.21 -60.64
CA SER KE 270 31.41 -132.94 -61.78
C SER KE 270 30.64 -134.21 -62.11
N SER KE 271 29.32 -134.12 -62.16
CA SER KE 271 28.49 -135.31 -62.35
C SER KE 271 27.35 -135.03 -63.32
N LEU KE 272 27.10 -135.98 -64.22
CA LEU KE 272 25.99 -135.89 -65.15
C LEU KE 272 25.31 -137.25 -65.27
N ALA KE 273 23.99 -137.26 -65.18
CA ALA KE 273 23.19 -138.48 -65.32
C ALA KE 273 22.08 -138.24 -66.32
N THR KE 274 21.86 -139.22 -67.19
CA THR KE 274 20.84 -139.06 -68.23
C THR KE 274 19.44 -139.37 -67.68
N ASP KE 275 19.21 -140.61 -67.26
CA ASP KE 275 17.91 -141.04 -66.79
C ASP KE 275 18.06 -142.38 -66.09
N ALA KE 276 17.28 -142.58 -65.03
CA ALA KE 276 17.32 -143.81 -64.25
C ALA KE 276 18.75 -144.12 -63.79
N SER KE 277 19.49 -143.06 -63.49
CA SER KE 277 20.90 -143.16 -63.11
C SER KE 277 21.07 -142.58 -61.72
N ASP KE 278 21.88 -143.25 -60.91
CA ASP KE 278 22.06 -142.91 -59.51
C ASP KE 278 23.52 -142.57 -59.25
N ILE KE 279 23.75 -141.37 -58.73
CA ILE KE 279 25.09 -140.90 -58.34
C ILE KE 279 25.04 -140.63 -56.85
N TYR KE 280 25.74 -141.42 -56.08
CA TYR KE 280 25.66 -141.37 -54.62
C TYR KE 280 27.00 -140.85 -54.08
N TYR KE 281 27.03 -139.59 -53.68
CA TYR KE 281 28.26 -139.00 -53.17
C TYR KE 281 28.30 -139.12 -51.66
N TYR KE 282 29.35 -139.76 -51.14
CA TYR KE 282 29.47 -140.05 -49.72
C TYR KE 282 30.54 -139.20 -49.07
N ASN KE 283 30.62 -137.94 -49.47
CA ASN KE 283 31.57 -137.01 -48.90
C ASN KE 283 31.09 -135.60 -49.22
N LEU KE 284 31.60 -134.64 -48.45
CA LEU KE 284 31.26 -133.23 -48.66
C LEU KE 284 32.40 -132.57 -49.41
N SER KE 285 32.24 -132.45 -50.72
CA SER KE 285 33.28 -131.85 -51.54
C SER KE 285 33.35 -130.35 -51.31
N LYS KE 286 34.52 -129.78 -51.58
CA LYS KE 286 34.67 -128.33 -51.53
C LYS KE 286 33.86 -127.67 -52.63
N THR KE 287 33.85 -128.26 -53.82
CA THR KE 287 33.02 -127.76 -54.91
C THR KE 287 32.41 -128.93 -55.66
N ARG KE 288 31.14 -128.79 -56.01
CA ARG KE 288 30.38 -129.87 -56.61
C ARG KE 288 29.40 -129.29 -57.62
N ALA KE 289 29.22 -129.97 -58.74
CA ALA KE 289 28.23 -129.58 -59.73
C ALA KE 289 27.61 -130.84 -60.34
N ASP KE 290 26.29 -130.83 -60.48
CA ASP KE 290 25.55 -132.02 -60.87
C ASP KE 290 24.48 -131.64 -61.87
N PHE KE 291 24.16 -132.58 -62.78
CA PHE KE 291 23.13 -132.34 -63.78
C PHE KE 291 22.38 -133.63 -64.08
N MET KE 292 21.07 -133.48 -64.27
CA MET KE 292 20.18 -134.57 -64.63
C MET KE 292 19.47 -134.24 -65.93
N ALA KE 293 19.36 -135.22 -66.82
CA ALA KE 293 18.73 -134.99 -68.12
C ALA KE 293 17.25 -135.36 -68.11
N PHE KE 294 16.92 -136.62 -67.88
CA PHE KE 294 15.54 -137.07 -67.84
C PHE KE 294 15.14 -137.55 -66.46
N ASN KE 295 15.87 -138.51 -65.89
CA ASN KE 295 15.54 -139.02 -64.56
C ASN KE 295 16.79 -139.28 -63.73
N GLY KE 296 17.90 -138.64 -64.05
CA GLY KE 296 19.10 -138.81 -63.25
C GLY KE 296 18.92 -138.24 -61.85
N SER KE 297 19.64 -138.81 -60.90
CA SER KE 297 19.50 -138.39 -59.52
C SER KE 297 20.86 -138.45 -58.84
N VAL KE 298 21.17 -137.40 -58.08
CA VAL KE 298 22.40 -137.30 -57.32
C VAL KE 298 22.03 -137.11 -55.86
N LEU KE 299 22.49 -138.02 -55.00
CA LEU KE 299 22.05 -138.09 -53.62
C LEU KE 299 23.24 -138.19 -52.68
N ASP KE 300 23.08 -137.58 -51.50
CA ASP KE 300 24.14 -137.57 -50.50
C ASP KE 300 24.18 -138.86 -49.72
N MET KE 301 23.06 -139.23 -49.09
CA MET KE 301 22.95 -140.38 -48.19
C MET KE 301 24.19 -140.53 -47.32
N ARG KE 302 24.54 -139.46 -46.62
CA ARG KE 302 25.64 -139.50 -45.67
C ARG KE 302 25.18 -140.19 -44.39
N GLU KE 303 25.98 -140.05 -43.33
CA GLU KE 303 25.60 -140.68 -42.06
C GLU KE 303 24.22 -140.20 -41.61
N TRP KE 304 23.93 -138.91 -41.79
CA TRP KE 304 22.64 -138.28 -41.53
C TRP KE 304 22.29 -138.24 -40.06
N GLY KE 305 23.12 -138.82 -39.19
CA GLY KE 305 22.95 -138.73 -37.75
C GLY KE 305 24.31 -138.64 -37.11
N GLN KE 306 25.30 -138.26 -37.92
CA GLN KE 306 26.68 -138.21 -37.47
C GLN KE 306 26.84 -137.20 -36.35
N SER KE 307 27.73 -137.52 -35.41
CA SER KE 307 27.97 -136.65 -34.26
C SER KE 307 28.56 -135.31 -34.68
N ASP KE 308 29.47 -135.29 -35.65
CA ASP KE 308 30.22 -134.08 -35.97
C ASP KE 308 30.34 -133.90 -37.48
N LEU KE 309 29.25 -134.10 -38.21
CA LEU KE 309 29.27 -133.93 -39.65
C LEU KE 309 29.13 -132.47 -40.01
N LYS KE 310 30.09 -131.94 -40.76
CA LYS KE 310 30.01 -130.57 -41.23
C LYS KE 310 28.91 -130.42 -42.27
N ASP KE 311 28.34 -129.23 -42.35
CA ASP KE 311 27.24 -128.95 -43.28
C ASP KE 311 27.73 -128.03 -44.40
N PHE KE 312 26.81 -127.61 -45.26
CA PHE KE 312 27.14 -126.78 -46.40
C PHE KE 312 27.62 -125.41 -45.95
N ASP KE 313 28.40 -124.78 -46.82
CA ASP KE 313 28.89 -123.43 -46.65
C ASP KE 313 28.61 -122.63 -47.91
N ARG KE 314 29.00 -121.36 -47.89
CA ARG KE 314 28.68 -120.47 -49.01
C ARG KE 314 29.32 -120.96 -50.30
N TYR KE 315 30.57 -121.43 -50.24
CA TYR KE 315 31.26 -121.84 -51.45
C TYR KE 315 30.66 -123.08 -52.07
N ASN KE 316 29.95 -123.90 -51.29
CA ASN KE 316 29.55 -125.22 -51.74
C ASN KE 316 28.05 -125.48 -51.69
N LYS KE 317 27.25 -124.55 -51.18
CA LYS KE 317 25.82 -124.76 -51.06
C LYS KE 317 25.20 -124.68 -52.45
N GLN KE 318 25.33 -125.77 -53.19
CA GLN KE 318 24.80 -125.86 -54.55
C GLN KE 318 23.49 -126.64 -54.50
N PHE KE 319 22.39 -125.94 -54.72
CA PHE KE 319 21.08 -126.58 -54.68
C PHE KE 319 20.87 -127.42 -55.93
N PRO KE 320 20.54 -128.71 -55.80
CA PRO KE 320 20.21 -129.57 -56.94
C PRO KE 320 18.88 -129.18 -57.57
N LEU LE 113 -11.17 -189.20 -15.38
CA LEU LE 113 -12.15 -188.47 -14.59
C LEU LE 113 -12.27 -187.03 -15.07
N ASN LE 114 -12.08 -186.83 -16.38
CA ASN LE 114 -12.07 -185.50 -16.97
C ASN LE 114 -13.38 -185.13 -17.67
N ARG LE 115 -14.27 -186.08 -17.89
CA ARG LE 115 -15.52 -185.81 -18.60
C ARG LE 115 -16.65 -186.55 -17.92
N PHE LE 116 -17.76 -185.86 -17.70
CA PHE LE 116 -18.97 -186.48 -17.18
C PHE LE 116 -20.16 -186.03 -18.02
N ARG LE 117 -20.99 -186.99 -18.42
CA ARG LE 117 -22.20 -186.71 -19.19
C ARG LE 117 -23.29 -187.66 -18.74
N TYR LE 118 -24.40 -187.10 -18.26
CA TYR LE 118 -25.49 -187.94 -17.79
C TYR LE 118 -26.84 -187.41 -18.27
N GLU LE 119 -27.73 -188.34 -18.59
CA GLU LE 119 -29.12 -188.06 -18.88
C GLU LE 119 -29.98 -189.13 -18.22
N GLY LE 120 -31.23 -188.78 -17.93
CA GLY LE 120 -32.18 -189.77 -17.49
C GLY LE 120 -32.38 -189.96 -16.00
N ALA LE 121 -32.70 -188.88 -15.28
CA ALA LE 121 -33.23 -188.94 -13.92
C ALA LE 121 -32.25 -189.65 -12.96
N GLY LE 122 -31.11 -189.00 -12.76
CA GLY LE 122 -30.13 -189.52 -11.83
C GLY LE 122 -29.81 -188.57 -10.68
N VAL LE 123 -29.26 -189.13 -9.60
CA VAL LE 123 -28.85 -188.35 -8.44
C VAL LE 123 -27.36 -188.61 -8.24
N VAL LE 124 -26.55 -187.57 -8.44
CA VAL LE 124 -25.11 -187.65 -8.32
C VAL LE 124 -24.66 -186.73 -7.20
N THR LE 125 -23.87 -187.25 -6.27
CA THR LE 125 -23.36 -186.48 -5.15
C THR LE 125 -21.89 -186.79 -4.95
N GLY LE 126 -21.07 -185.75 -4.82
CA GLY LE 126 -19.65 -185.93 -4.62
C GLY LE 126 -19.04 -184.73 -3.93
N ASN LE 127 -18.06 -185.01 -3.08
CA ASN LE 127 -17.42 -183.97 -2.30
C ASN LE 127 -15.91 -184.15 -2.35
N ASN LE 128 -15.20 -183.02 -2.28
CA ASN LE 128 -13.74 -183.01 -2.15
C ASN LE 128 -13.06 -183.69 -3.33
N LEU LE 129 -13.31 -183.19 -4.54
CA LEU LE 129 -12.64 -183.67 -5.74
C LEU LE 129 -11.77 -182.57 -6.34
N ARG LE 130 -10.74 -182.98 -7.07
CA ARG LE 130 -9.80 -182.05 -7.68
C ARG LE 130 -9.46 -182.49 -9.10
N THR LE 131 -9.36 -181.52 -9.99
CA THR LE 131 -8.94 -181.77 -11.37
C THR LE 131 -8.47 -180.47 -11.99
N SER LE 132 -7.63 -180.59 -13.02
CA SER LE 132 -7.22 -179.42 -13.77
C SER LE 132 -8.41 -178.82 -14.52
N TYR LE 133 -9.17 -179.67 -15.21
CA TYR LE 133 -10.34 -179.23 -15.94
C TYR LE 133 -11.19 -180.44 -16.27
N LEU LE 134 -12.51 -180.30 -16.12
CA LEU LE 134 -13.44 -181.34 -16.51
C LEU LE 134 -14.59 -180.72 -17.31
N ASP LE 135 -15.17 -181.54 -18.17
CA ASP LE 135 -16.29 -181.13 -19.01
C ASP LE 135 -17.56 -181.81 -18.51
N LEU LE 136 -18.57 -181.02 -18.18
CA LEU LE 136 -19.79 -181.51 -17.57
C LEU LE 136 -20.96 -181.35 -18.53
N TYR LE 137 -21.80 -182.38 -18.63
CA TYR LE 137 -23.03 -182.31 -19.40
C TYR LE 137 -24.12 -183.06 -18.66
N LEU LE 138 -25.27 -182.42 -18.50
CA LEU LE 138 -26.35 -182.98 -17.71
C LEU LE 138 -27.69 -182.77 -18.42
N ALA LE 139 -28.61 -183.72 -18.21
CA ALA LE 139 -29.96 -183.58 -18.73
C ALA LE 139 -30.92 -184.41 -17.89
N ASN LE 140 -32.20 -184.07 -18.01
CA ASN LE 140 -33.32 -184.88 -17.52
C ASN LE 140 -33.22 -185.10 -15.99
N GLU LE 141 -33.32 -183.99 -15.27
CA GLU LE 141 -33.41 -183.99 -13.81
C GLU LE 141 -32.19 -184.71 -13.19
N GLY LE 142 -31.04 -184.06 -13.38
CA GLY LE 142 -29.84 -184.53 -12.73
C GLY LE 142 -29.62 -183.83 -11.41
N THR LE 143 -29.98 -184.49 -10.31
CA THR LE 143 -29.80 -183.93 -8.97
C THR LE 143 -28.32 -183.98 -8.64
N THR LE 144 -27.61 -182.89 -8.92
CA THR LE 144 -26.15 -182.85 -8.83
C THR LE 144 -25.72 -182.04 -7.62
N ARG LE 145 -24.93 -182.66 -6.75
CA ARG LE 145 -24.32 -182.00 -5.60
C ARG LE 145 -22.81 -182.18 -5.68
N LEU LE 146 -22.10 -181.07 -5.69
CA LEU LE 146 -20.63 -181.08 -5.74
C LEU LE 146 -20.09 -180.18 -4.64
N ALA LE 147 -19.15 -180.71 -3.87
CA ALA LE 147 -18.55 -180.02 -2.74
C ALA LE 147 -17.02 -180.16 -2.76
N GLY LE 148 -16.43 -179.93 -3.93
CA GLY LE 148 -14.99 -180.02 -4.07
C GLY LE 148 -14.44 -178.87 -4.90
N ASN LE 149 -13.21 -178.49 -4.57
CA ASN LE 149 -12.50 -177.45 -5.32
C ASN LE 149 -12.08 -178.03 -6.66
N ILE LE 150 -12.90 -177.81 -7.68
CA ILE LE 150 -12.74 -178.45 -8.98
C ILE LE 150 -12.49 -177.38 -10.04
N GLY LE 151 -11.43 -177.58 -10.83
CA GLY LE 151 -11.21 -176.77 -12.00
C GLY LE 151 -12.06 -177.26 -13.16
N LEU LE 152 -12.66 -176.31 -13.88
CA LEU LE 152 -13.54 -176.65 -14.98
C LEU LE 152 -13.70 -175.43 -15.87
N GLN LE 153 -14.05 -175.69 -17.13
CA GLN LE 153 -14.25 -174.61 -18.09
C GLN LE 153 -15.54 -174.77 -18.86
N LYS LE 154 -15.99 -176.01 -19.07
CA LYS LE 154 -17.15 -176.30 -19.90
C LYS LE 154 -18.19 -177.07 -19.09
N LEU LE 155 -19.37 -176.47 -18.94
CA LEU LE 155 -20.53 -177.13 -18.38
C LEU LE 155 -21.72 -176.84 -19.29
N GLU LE 156 -22.59 -177.84 -19.43
CA GLU LE 156 -23.76 -177.72 -20.30
C GLU LE 156 -24.88 -178.56 -19.72
N ALA LE 157 -25.96 -177.91 -19.31
CA ALA LE 157 -27.16 -178.59 -18.86
C ALA LE 157 -28.29 -178.30 -19.84
N VAL LE 158 -29.12 -179.31 -20.07
CA VAL LE 158 -30.23 -179.15 -21.00
C VAL LE 158 -31.27 -178.23 -20.36
N GLY LE 159 -31.83 -178.65 -19.25
CA GLY LE 159 -32.84 -177.87 -18.56
C GLY LE 159 -33.72 -178.73 -17.70
N ASN LE 160 -34.57 -178.06 -16.93
CA ASN LE 160 -35.53 -178.71 -16.04
C ASN LE 160 -34.83 -179.63 -15.05
N GLY LE 161 -34.00 -179.02 -14.20
CA GLY LE 161 -33.28 -179.78 -13.20
C GLY LE 161 -32.68 -178.86 -12.16
N VAL LE 162 -32.28 -179.46 -11.04
CA VAL LE 162 -31.68 -178.75 -9.93
C VAL LE 162 -30.25 -179.24 -9.76
N THR LE 163 -29.32 -178.30 -9.59
CA THR LE 163 -27.91 -178.63 -9.44
C THR LE 163 -27.24 -177.56 -8.61
N GLN LE 164 -26.48 -177.97 -7.59
CA GLN LE 164 -25.76 -177.05 -6.73
C GLN LE 164 -24.31 -177.48 -6.64
N ILE LE 165 -23.41 -176.52 -6.83
CA ILE LE 165 -21.96 -176.75 -6.75
C ILE LE 165 -21.37 -175.71 -5.82
N ASN LE 166 -20.55 -176.16 -4.87
CA ASN LE 166 -19.85 -175.28 -3.94
C ASN LE 166 -18.36 -175.43 -4.16
N GLY LE 167 -17.68 -174.33 -4.43
CA GLY LE 167 -16.25 -174.35 -4.60
C GLY LE 167 -15.86 -174.49 -6.06
N VAL LE 168 -15.42 -173.40 -6.69
CA VAL LE 168 -15.09 -173.41 -8.11
C VAL LE 168 -13.81 -172.62 -8.30
N SER LE 169 -12.88 -173.21 -9.06
CA SER LE 169 -11.64 -172.55 -9.47
C SER LE 169 -11.58 -172.65 -10.99
N SER LE 170 -12.17 -171.68 -11.67
CA SER LE 170 -12.33 -171.73 -13.13
C SER LE 170 -11.68 -170.49 -13.74
N ARG LE 171 -10.51 -170.68 -14.35
CA ARG LE 171 -9.86 -169.58 -15.06
C ARG LE 171 -10.63 -169.18 -16.31
N ASN LE 172 -11.40 -170.09 -16.88
CA ASN LE 172 -12.20 -169.79 -18.06
C ASN LE 172 -13.54 -170.50 -17.93
N LEU LE 173 -14.55 -169.95 -18.59
CA LEU LE 173 -15.88 -170.54 -18.57
C LEU LE 173 -16.76 -169.96 -19.68
N GLN LE 174 -17.43 -170.83 -20.41
CA GLN LE 174 -18.48 -170.44 -21.35
C GLN LE 174 -19.64 -171.41 -21.19
N ILE LE 175 -20.69 -170.98 -20.50
CA ILE LE 175 -21.82 -171.82 -20.17
C ILE LE 175 -23.05 -171.26 -20.89
N VAL LE 176 -23.78 -172.13 -21.58
CA VAL LE 176 -25.03 -171.76 -22.21
C VAL LE 176 -26.08 -172.79 -21.79
N LEU LE 177 -27.34 -172.37 -21.86
CA LEU LE 177 -28.46 -173.23 -21.49
C LEU LE 177 -29.60 -173.04 -22.48
N LYS LE 178 -30.38 -174.10 -22.65
CA LYS LE 178 -31.49 -174.10 -23.60
C LYS LE 178 -32.83 -174.38 -22.96
N GLY LE 179 -32.91 -175.32 -22.03
CA GLY LE 179 -34.14 -175.62 -21.34
C GLY LE 179 -34.43 -174.62 -20.24
N ASP LE 180 -34.92 -175.13 -19.11
CA ASP LE 180 -35.28 -174.29 -17.97
C ASP LE 180 -34.60 -174.86 -16.72
N PRO LE 181 -33.28 -174.70 -16.61
CA PRO LE 181 -32.58 -175.26 -15.44
C PRO LE 181 -32.50 -174.27 -14.29
N LYS LE 182 -32.05 -174.76 -13.14
CA LYS LE 182 -31.91 -173.95 -11.93
C LYS LE 182 -30.57 -174.31 -11.30
N VAL LE 183 -29.63 -173.38 -11.29
CA VAL LE 183 -28.27 -173.66 -10.84
C VAL LE 183 -27.79 -172.55 -9.92
N LEU LE 184 -26.66 -172.82 -9.28
CA LEU LE 184 -26.00 -171.86 -8.41
C LEU LE 184 -24.54 -172.29 -8.25
N ILE LE 185 -23.63 -171.31 -8.28
CA ILE LE 185 -22.21 -171.59 -8.32
C ILE LE 185 -21.49 -170.75 -7.27
N SER LE 186 -20.61 -171.39 -6.51
CA SER LE 186 -19.82 -170.77 -5.45
C SER LE 186 -18.34 -170.84 -5.83
N GLY LE 187 -17.66 -169.69 -5.77
CA GLY LE 187 -16.24 -169.64 -6.10
C GLY LE 187 -15.86 -168.44 -6.95
N PHE LE 188 -14.85 -168.63 -7.81
CA PHE LE 188 -14.35 -167.57 -8.67
C PHE LE 188 -14.50 -167.99 -10.12
N VAL LE 189 -14.95 -167.06 -10.96
CA VAL LE 189 -15.25 -167.35 -12.36
C VAL LE 189 -14.77 -166.20 -13.23
N ASN LE 190 -14.11 -166.54 -14.34
CA ASN LE 190 -13.78 -165.60 -15.39
C ASN LE 190 -14.65 -165.94 -16.60
N LEU LE 191 -15.85 -165.37 -16.62
CA LEU LE 191 -16.83 -165.70 -17.64
C LEU LE 191 -16.54 -164.95 -18.94
N ARG LE 192 -17.13 -165.44 -20.03
CA ARG LE 192 -16.94 -164.84 -21.34
C ARG LE 192 -18.24 -164.32 -21.95
N GLN LE 193 -19.29 -165.14 -22.03
CA GLN LE 193 -20.54 -164.71 -22.63
C GLN LE 193 -21.68 -165.52 -22.02
N LEU LE 194 -22.88 -164.92 -21.99
CA LEU LE 194 -24.06 -165.60 -21.47
C LEU LE 194 -25.25 -165.41 -22.39
N ASP LE 195 -25.97 -166.50 -22.63
CA ASP LE 195 -27.19 -166.49 -23.42
C ASP LE 195 -28.27 -167.27 -22.68
N MET LE 196 -29.50 -166.79 -22.79
CA MET LE 196 -30.65 -167.45 -22.16
C MET LE 196 -31.84 -167.36 -23.10
N TYR LE 197 -32.52 -168.48 -23.31
CA TYR LE 197 -33.66 -168.53 -24.21
C TYR LE 197 -34.87 -169.26 -23.65
N GLY LE 198 -34.76 -169.91 -22.50
CA GLY LE 198 -35.90 -170.60 -21.92
C GLY LE 198 -36.40 -169.93 -20.65
N LYS LE 199 -36.28 -170.63 -19.53
CA LYS LE 199 -36.65 -170.14 -18.21
C LYS LE 199 -35.53 -170.41 -17.22
N GLY LE 200 -34.32 -170.03 -17.59
CA GLY LE 200 -33.15 -170.41 -16.82
C GLY LE 200 -32.98 -169.57 -15.57
N THR LE 201 -32.44 -170.19 -14.52
CA THR LE 201 -32.11 -169.51 -13.27
C THR LE 201 -30.65 -169.80 -12.94
N LEU LE 202 -29.86 -168.74 -12.80
CA LEU LE 202 -28.44 -168.85 -12.54
C LEU LE 202 -28.02 -167.85 -11.47
N SER LE 203 -27.10 -168.25 -10.62
CA SER LE 203 -26.57 -167.37 -9.58
C SER LE 203 -25.10 -167.70 -9.36
N LEU LE 204 -24.32 -166.65 -9.10
CA LEU LE 204 -22.87 -166.77 -8.94
C LEU LE 204 -22.44 -166.07 -7.67
N TYR LE 205 -21.40 -166.61 -7.02
CA TYR LE 205 -20.87 -165.96 -5.83
C TYR LE 205 -19.92 -164.82 -6.19
N TRP LE 206 -18.81 -165.13 -6.85
CA TRP LE 206 -17.83 -164.12 -7.23
C TRP LE 206 -17.40 -164.36 -8.66
N ILE LE 207 -17.15 -163.27 -9.39
CA ILE LE 207 -16.77 -163.33 -10.80
C ILE LE 207 -15.66 -162.33 -11.05
N LYS LE 208 -14.66 -162.75 -11.84
CA LYS LE 208 -13.52 -161.90 -12.23
C LYS LE 208 -13.39 -161.98 -13.75
N SER LE 209 -14.11 -161.12 -14.45
CA SER LE 209 -14.07 -161.08 -15.90
C SER LE 209 -14.16 -159.64 -16.36
N ASP LE 210 -13.69 -159.39 -17.58
CA ASP LE 210 -13.56 -158.04 -18.10
C ASP LE 210 -14.80 -157.61 -18.88
N THR LE 211 -15.12 -158.34 -19.94
CA THR LE 211 -16.24 -158.01 -20.82
C THR LE 211 -17.22 -159.16 -20.83
N LEU LE 212 -18.48 -158.86 -20.52
CA LEU LE 212 -19.55 -159.86 -20.51
C LEU LE 212 -20.67 -159.39 -21.41
N THR LE 213 -20.99 -160.18 -22.41
CA THR LE 213 -22.15 -159.97 -23.26
C THR LE 213 -23.27 -160.90 -22.80
N ILE LE 214 -24.40 -160.32 -22.42
CA ILE LE 214 -25.55 -161.07 -21.95
C ILE LE 214 -26.68 -160.88 -22.93
N ARG LE 215 -27.27 -161.99 -23.38
CA ARG LE 215 -28.40 -161.98 -24.31
C ARG LE 215 -29.54 -162.78 -23.71
N ALA LE 216 -30.61 -162.10 -23.31
CA ALA LE 216 -31.76 -162.74 -22.70
C ALA LE 216 -32.97 -162.64 -23.61
N LYS LE 217 -33.61 -163.78 -23.88
CA LYS LE 217 -34.72 -163.85 -24.82
C LYS LE 217 -36.07 -164.04 -24.12
N LYS LE 218 -36.22 -165.09 -23.30
CA LYS LE 218 -37.52 -165.45 -22.76
C LYS LE 218 -37.61 -165.27 -21.25
N ALA LE 219 -36.73 -165.91 -20.48
CA ALA LE 219 -36.78 -165.78 -19.03
C ALA LE 219 -35.43 -166.18 -18.47
N ALA LE 220 -34.71 -165.20 -17.92
CA ALA LE 220 -33.44 -165.43 -17.25
C ALA LE 220 -33.47 -164.78 -15.88
N LYS LE 221 -33.20 -165.58 -14.86
CA LYS LE 221 -33.17 -165.10 -13.48
C LYS LE 221 -31.72 -165.18 -13.03
N ILE LE 222 -31.01 -164.06 -13.13
CA ILE LE 222 -29.56 -164.02 -12.95
C ILE LE 222 -29.26 -163.25 -11.68
N GLN LE 223 -28.50 -163.88 -10.79
CA GLN LE 223 -28.06 -163.26 -9.53
C GLN LE 223 -26.54 -163.23 -9.52
N LEU LE 224 -25.95 -162.08 -9.81
CA LEU LE 224 -24.52 -161.95 -10.02
C LEU LE 224 -23.89 -161.02 -9.00
N ALA LE 225 -22.60 -161.25 -8.74
CA ALA LE 225 -21.84 -160.43 -7.81
C ALA LE 225 -20.36 -160.64 -8.09
N GLY LE 226 -19.62 -159.55 -8.22
CA GLY LE 226 -18.19 -159.67 -8.49
C GLY LE 226 -17.65 -158.37 -9.05
N ILE LE 227 -16.60 -158.50 -9.87
CA ILE LE 227 -15.92 -157.38 -10.47
C ILE LE 227 -15.96 -157.55 -11.98
N VAL LE 228 -16.51 -156.56 -12.67
CA VAL LE 228 -16.62 -156.58 -14.13
C VAL LE 228 -16.14 -155.23 -14.66
N ASN LE 229 -15.26 -155.27 -15.67
CA ASN LE 229 -14.77 -154.03 -16.26
C ASN LE 229 -15.63 -153.56 -17.42
N ARG LE 230 -16.49 -154.41 -17.96
CA ARG LE 230 -17.30 -154.03 -19.12
C ARG LE 230 -18.47 -154.99 -19.23
N LEU LE 231 -19.69 -154.46 -19.18
CA LEU LE 231 -20.88 -155.28 -19.25
C LEU LE 231 -21.84 -154.71 -20.28
N ASP LE 232 -22.23 -155.53 -21.26
CA ASP LE 232 -23.25 -155.16 -22.23
C ASP LE 232 -24.37 -156.19 -22.19
N VAL LE 233 -25.60 -155.70 -22.18
CA VAL LE 233 -26.77 -156.57 -22.03
C VAL LE 233 -27.81 -156.20 -23.09
N GLU LE 234 -28.34 -157.23 -23.75
CA GLU LE 234 -29.48 -157.12 -24.65
C GLU LE 234 -30.60 -158.00 -24.08
N LEU LE 235 -31.76 -157.38 -23.84
CA LEU LE 235 -32.90 -158.06 -23.24
C LEU LE 235 -34.09 -157.89 -24.17
N TRP LE 236 -34.77 -159.00 -24.47
CA TRP LE 236 -35.87 -158.95 -25.42
C TRP LE 236 -37.24 -158.80 -24.76
N ASP LE 237 -37.61 -159.75 -23.91
CA ASP LE 237 -38.94 -159.72 -23.32
C ASP LE 237 -38.98 -160.65 -22.11
N PHE LE 238 -39.63 -160.18 -21.04
CA PHE LE 238 -39.80 -160.95 -19.82
C PHE LE 238 -38.46 -161.42 -19.28
N ALA LE 239 -37.46 -160.57 -19.40
CA ALA LE 239 -36.11 -160.83 -18.90
C ALA LE 239 -35.89 -160.03 -17.64
N GLN LE 240 -35.51 -160.71 -16.56
CA GLN LE 240 -35.28 -160.10 -15.27
C GLN LE 240 -33.80 -160.19 -14.95
N PHE LE 241 -33.08 -159.10 -15.16
CA PHE LE 241 -31.65 -159.03 -14.91
C PHE LE 241 -31.44 -158.39 -13.54
N LYS LE 242 -30.74 -159.10 -12.66
CA LYS LE 242 -30.45 -158.59 -11.32
C LYS LE 242 -28.94 -158.50 -11.11
N GLY LE 243 -28.40 -157.32 -11.38
CA GLY LE 243 -26.97 -157.10 -11.24
C GLY LE 243 -26.57 -156.34 -10.00
N LYS LE 244 -27.45 -156.28 -9.00
CA LYS LE 244 -27.10 -155.61 -7.77
C LYS LE 244 -25.97 -156.36 -7.07
N TYR LE 245 -25.26 -155.64 -6.20
CA TYR LE 245 -24.09 -156.17 -5.51
C TYR LE 245 -23.01 -156.60 -6.51
N LEU LE 246 -22.93 -155.87 -7.62
CA LEU LE 246 -21.95 -156.13 -8.67
C LEU LE 246 -21.50 -154.80 -9.24
N ARG LE 247 -20.21 -154.51 -9.13
CA ARG LE 247 -19.67 -153.23 -9.55
C ARG LE 247 -19.10 -153.33 -10.96
N ALA LE 248 -19.50 -152.41 -11.83
CA ALA LE 248 -19.07 -152.41 -13.22
C ALA LE 248 -18.51 -151.04 -13.59
N GLN LE 249 -17.53 -151.05 -14.48
CA GLN LE 249 -16.90 -149.81 -14.93
C GLN LE 249 -17.63 -149.20 -16.11
N ARG LE 250 -17.91 -150.00 -17.14
CA ARG LE 250 -18.65 -149.57 -18.31
C ARG LE 250 -19.91 -150.42 -18.41
N SER LE 251 -21.05 -149.78 -18.58
CA SER LE 251 -22.32 -150.48 -18.67
C SER LE 251 -23.09 -150.03 -19.91
N PHE LE 252 -23.53 -151.00 -20.71
CA PHE LE 252 -24.37 -150.76 -21.87
C PHE LE 252 -25.61 -151.62 -21.75
N VAL LE 253 -26.78 -151.00 -21.80
CA VAL LE 253 -28.04 -151.70 -21.58
C VAL LE 253 -28.99 -151.39 -22.73
N LYS LE 254 -29.51 -152.45 -23.36
CA LYS LE 254 -30.59 -152.30 -24.34
C LYS LE 254 -31.72 -153.22 -23.94
N THR LE 255 -32.92 -152.66 -23.76
CA THR LE 255 -34.08 -153.42 -23.35
C THR LE 255 -35.25 -153.16 -24.28
N HIS LE 256 -35.81 -154.23 -24.81
CA HIS LE 256 -37.04 -154.16 -25.58
C HIS LE 256 -38.22 -154.42 -24.66
N ASP LE 257 -39.40 -154.68 -25.23
CA ASP LE 257 -40.65 -154.66 -24.49
C ASP LE 257 -40.63 -155.57 -23.28
N LYS LE 258 -41.14 -155.04 -22.16
CA LYS LE 258 -41.38 -155.80 -20.94
C LYS LE 258 -40.13 -156.54 -20.48
N SER LE 259 -39.12 -155.75 -20.12
CA SER LE 259 -37.87 -156.27 -19.59
C SER LE 259 -37.47 -155.45 -18.38
N VAL LE 260 -37.14 -156.13 -17.28
CA VAL LE 260 -36.75 -155.48 -16.05
C VAL LE 260 -35.26 -155.74 -15.84
N ALA LE 261 -34.50 -154.67 -15.62
CA ALA LE 261 -33.06 -154.79 -15.41
C ALA LE 261 -32.65 -153.84 -14.29
N GLU LE 262 -32.10 -154.38 -13.22
CA GLU LE 262 -31.55 -153.57 -12.14
C GLU LE 262 -30.03 -153.67 -12.20
N ILE LE 263 -29.37 -152.51 -12.13
CA ILE LE 263 -27.93 -152.40 -12.31
C ILE LE 263 -27.36 -151.59 -11.16
N SER LE 264 -26.05 -151.73 -10.96
CA SER LE 264 -25.29 -151.02 -9.92
C SER LE 264 -24.01 -150.44 -10.50
N ALA LE 265 -24.14 -149.76 -11.64
CA ALA LE 265 -22.98 -149.19 -12.34
C ALA LE 265 -22.22 -148.22 -11.44
N VAL LE 266 -20.97 -147.95 -11.79
CA VAL LE 266 -20.05 -147.18 -10.97
C VAL LE 266 -19.51 -145.96 -11.72
N ASN LE 267 -19.03 -146.16 -12.93
CA ASN LE 267 -18.27 -145.11 -13.63
C ASN LE 267 -18.97 -144.59 -14.87
N HIS LE 268 -19.30 -145.44 -15.84
CA HIS LE 268 -19.87 -145.01 -17.11
C HIS LE 268 -21.09 -145.84 -17.42
N GLN LE 269 -22.22 -145.18 -17.69
CA GLN LE 269 -23.50 -145.85 -17.85
C GLN LE 269 -24.22 -145.36 -19.09
N SER LE 270 -24.72 -146.29 -19.89
CA SER LE 270 -25.55 -145.96 -21.04
C SER LE 270 -26.68 -146.97 -21.14
N SER LE 271 -27.91 -146.47 -21.29
CA SER LE 271 -29.07 -147.35 -21.27
C SER LE 271 -30.15 -146.85 -22.21
N LEU LE 272 -30.84 -147.80 -22.82
CA LEU LE 272 -31.97 -147.50 -23.70
C LEU LE 272 -33.08 -148.51 -23.45
N ALA LE 273 -34.30 -148.01 -23.28
CA ALA LE 273 -35.47 -148.85 -23.06
C ALA LE 273 -36.55 -148.48 -24.07
N THR LE 274 -37.12 -149.48 -24.73
CA THR LE 274 -38.09 -149.20 -25.78
C THR LE 274 -39.45 -148.83 -25.22
N ASP LE 275 -40.09 -149.78 -24.52
CA ASP LE 275 -41.45 -149.61 -24.04
C ASP LE 275 -41.74 -150.69 -23.02
N ALA LE 276 -42.44 -150.31 -21.95
CA ALA LE 276 -42.82 -151.22 -20.87
C ALA LE 276 -41.62 -151.88 -20.22
N SER LE 277 -40.44 -151.28 -20.36
CA SER LE 277 -39.22 -151.82 -19.79
C SER LE 277 -38.68 -150.87 -18.74
N ASP LE 278 -38.04 -151.43 -17.72
CA ASP LE 278 -37.58 -150.67 -16.57
C ASP LE 278 -36.10 -150.92 -16.34
N ILE LE 279 -35.36 -149.83 -16.08
CA ILE LE 279 -33.95 -149.86 -15.75
C ILE LE 279 -33.79 -149.20 -14.40
N TYR LE 280 -33.38 -149.98 -13.41
CA TYR LE 280 -33.28 -149.49 -12.04
C TYR LE 280 -31.81 -149.38 -11.65
N TYR LE 281 -31.31 -148.15 -11.57
CA TYR LE 281 -29.92 -147.93 -11.21
C TYR LE 281 -29.80 -147.70 -9.71
N TYR LE 282 -28.85 -148.39 -9.08
CA TYR LE 282 -28.72 -148.32 -7.63
C TYR LE 282 -27.40 -147.68 -7.20
N ASN LE 283 -26.76 -146.95 -8.10
CA ASN LE 283 -25.58 -146.17 -7.75
C ASN LE 283 -25.38 -145.11 -8.83
N LEU LE 284 -24.97 -143.92 -8.41
CA LEU LE 284 -24.79 -142.81 -9.35
C LEU LE 284 -23.44 -142.93 -10.02
N SER LE 285 -23.44 -143.30 -11.30
CA SER LE 285 -22.21 -143.35 -12.06
C SER LE 285 -21.65 -141.95 -12.28
N LYS LE 286 -20.33 -141.88 -12.45
CA LYS LE 286 -19.70 -140.59 -12.70
C LYS LE 286 -20.18 -139.98 -14.02
N THR LE 287 -20.61 -140.82 -14.96
CA THR LE 287 -21.25 -140.35 -16.18
C THR LE 287 -22.38 -141.29 -16.55
N ARG LE 288 -23.51 -140.71 -16.93
CA ARG LE 288 -24.74 -141.47 -17.12
C ARG LE 288 -25.52 -140.92 -18.30
N ALA LE 289 -26.10 -141.82 -19.09
CA ALA LE 289 -26.98 -141.44 -20.19
C ALA LE 289 -28.08 -142.47 -20.35
N ASP LE 290 -29.33 -142.00 -20.44
CA ASP LE 290 -30.49 -142.87 -20.51
C ASP LE 290 -31.43 -142.39 -21.61
N PHE LE 291 -32.16 -143.33 -22.20
CA PHE LE 291 -33.11 -142.97 -23.24
C PHE LE 291 -34.33 -143.88 -23.20
N MET LE 292 -35.50 -143.28 -23.41
CA MET LE 292 -36.78 -143.99 -23.43
C MET LE 292 -37.45 -143.78 -24.78
N ALA LE 293 -37.96 -144.86 -25.37
CA ALA LE 293 -38.54 -144.77 -26.70
C ALA LE 293 -40.06 -144.56 -26.67
N PHE LE 294 -40.80 -145.55 -26.17
CA PHE LE 294 -42.25 -145.45 -26.12
C PHE LE 294 -42.75 -145.40 -24.69
N ASN LE 295 -42.39 -146.39 -23.86
CA ASN LE 295 -42.83 -146.42 -22.48
C ASN LE 295 -41.71 -146.90 -21.56
N GLY LE 296 -40.47 -146.93 -22.04
CA GLY LE 296 -39.37 -147.29 -21.17
C GLY LE 296 -39.16 -146.28 -20.07
N SER LE 297 -38.56 -146.74 -18.99
CA SER LE 297 -38.34 -145.88 -17.83
C SER LE 297 -37.06 -146.27 -17.13
N VAL LE 298 -36.37 -145.29 -16.57
CA VAL LE 298 -35.15 -145.50 -15.81
C VAL LE 298 -35.29 -144.78 -14.49
N LEU LE 299 -35.20 -145.52 -13.39
CA LEU LE 299 -35.45 -144.98 -12.06
C LEU LE 299 -34.36 -145.42 -11.10
N ASP LE 300 -34.27 -144.70 -9.98
CA ASP LE 300 -33.20 -144.87 -9.01
C ASP LE 300 -33.54 -145.89 -7.94
N MET LE 301 -34.62 -145.64 -7.19
CA MET LE 301 -34.99 -146.38 -5.99
C MET LE 301 -33.76 -146.77 -5.17
N ARG LE 302 -32.99 -145.76 -4.81
CA ARG LE 302 -31.86 -145.94 -3.91
C ARG LE 302 -32.37 -146.05 -2.48
N GLU LE 303 -31.45 -145.95 -1.51
CA GLU LE 303 -31.86 -145.99 -0.12
C GLU LE 303 -32.80 -144.83 0.21
N TRP LE 304 -32.53 -143.65 -0.35
CA TRP LE 304 -33.35 -142.45 -0.25
C TRP LE 304 -33.34 -141.84 1.14
N GLY LE 305 -32.68 -142.47 2.10
CA GLY LE 305 -32.54 -141.92 3.44
C GLY LE 305 -31.15 -142.22 3.96
N GLN LE 306 -30.21 -142.42 3.04
CA GLN LE 306 -28.86 -142.80 3.39
C GLN LE 306 -28.21 -141.75 4.28
N SER LE 307 -27.46 -142.21 5.28
CA SER LE 307 -26.80 -141.30 6.21
C SER LE 307 -25.75 -140.46 5.52
N ASP LE 308 -25.02 -141.03 4.56
CA ASP LE 308 -23.90 -140.36 3.91
C ASP LE 308 -24.00 -140.50 2.40
N LEU LE 309 -25.18 -140.21 1.86
CA LEU LE 309 -25.42 -140.30 0.43
C LEU LE 309 -24.68 -139.20 -0.30
N LYS LE 310 -23.94 -139.57 -1.34
CA LYS LE 310 -23.33 -138.57 -2.21
C LYS LE 310 -24.40 -137.93 -3.09
N ASP LE 311 -24.10 -136.73 -3.57
CA ASP LE 311 -25.02 -136.00 -4.42
C ASP LE 311 -24.42 -135.83 -5.81
N PHE LE 312 -25.28 -135.49 -6.78
CA PHE LE 312 -24.85 -135.34 -8.15
C PHE LE 312 -24.16 -133.99 -8.34
N ASP LE 313 -23.42 -133.88 -9.45
CA ASP LE 313 -22.62 -132.71 -9.74
C ASP LE 313 -22.92 -132.19 -11.14
N ARG LE 314 -22.33 -131.04 -11.44
CA ARG LE 314 -22.54 -130.39 -12.73
C ARG LE 314 -22.14 -131.28 -13.90
N TYR LE 315 -21.15 -132.15 -13.71
CA TYR LE 315 -20.71 -133.02 -14.77
C TYR LE 315 -21.64 -134.20 -15.02
N ASN LE 316 -22.53 -134.50 -14.06
CA ASN LE 316 -23.37 -135.68 -14.16
C ASN LE 316 -24.83 -135.37 -13.82
N LYS LE 317 -25.23 -134.11 -13.92
CA LYS LE 317 -26.62 -133.72 -13.61
C LYS LE 317 -27.53 -133.89 -14.82
N GLN LE 318 -27.53 -135.09 -15.39
CA GLN LE 318 -28.26 -135.36 -16.62
C GLN LE 318 -29.75 -135.45 -16.30
N PHE LE 319 -30.52 -134.48 -16.77
CA PHE LE 319 -31.95 -134.46 -16.54
C PHE LE 319 -32.63 -135.43 -17.49
N PRO LE 320 -33.44 -136.38 -16.99
CA PRO LE 320 -34.18 -137.31 -17.84
C PRO LE 320 -35.28 -136.61 -18.62
N LEU ME 113 -156.90 -23.61 105.86
CA LEU ME 113 -156.50 -22.20 105.96
C LEU ME 113 -155.51 -21.85 104.86
N ASN ME 114 -155.70 -22.44 103.68
CA ASN ME 114 -154.78 -22.25 102.57
C ASN ME 114 -155.35 -21.39 101.44
N ARG ME 115 -156.66 -21.26 101.34
CA ARG ME 115 -157.30 -20.41 100.35
C ARG ME 115 -157.99 -19.26 101.06
N PHE ME 116 -157.77 -18.04 100.58
CA PHE ME 116 -158.40 -16.86 101.15
C PHE ME 116 -159.05 -16.07 100.02
N ARG ME 117 -160.37 -15.93 100.08
CA ARG ME 117 -161.12 -15.11 99.15
C ARG ME 117 -161.79 -13.99 99.93
N TYR ME 118 -161.50 -12.75 99.55
CA TYR ME 118 -162.04 -11.59 100.24
C TYR ME 118 -162.71 -10.66 99.25
N GLU ME 119 -163.94 -10.24 99.57
CA GLU ME 119 -164.71 -9.32 98.74
C GLU ME 119 -165.54 -8.42 99.64
N GLY ME 120 -165.87 -7.24 99.13
CA GLY ME 120 -166.82 -6.37 99.82
C GLY ME 120 -166.26 -5.21 100.61
N ALA ME 121 -165.35 -4.44 100.01
CA ALA ME 121 -164.90 -3.15 100.54
C ALA ME 121 -164.34 -3.29 101.97
N GLY ME 122 -163.25 -4.05 102.06
CA GLY ME 122 -162.68 -4.37 103.35
C GLY ME 122 -161.21 -4.04 103.41
N VAL ME 123 -160.76 -3.77 104.63
CA VAL ME 123 -159.36 -3.45 104.94
C VAL ME 123 -158.88 -4.39 106.03
N VAL ME 124 -157.76 -5.07 105.78
CA VAL ME 124 -157.20 -6.05 106.71
C VAL ME 124 -155.70 -5.81 106.80
N THR ME 125 -155.16 -5.91 108.02
CA THR ME 125 -153.73 -5.80 108.26
C THR ME 125 -153.28 -6.95 109.15
N GLY ME 126 -152.13 -7.52 108.81
CA GLY ME 126 -151.63 -8.65 109.58
C GLY ME 126 -150.16 -8.91 109.32
N ASN ME 127 -149.60 -9.84 110.08
CA ASN ME 127 -148.19 -10.18 109.96
C ASN ME 127 -147.97 -11.57 110.53
N ASN ME 128 -146.77 -12.11 110.24
CA ASN ME 128 -146.31 -13.38 110.79
C ASN ME 128 -147.20 -14.55 110.34
N LEU ME 129 -147.45 -14.65 109.04
CA LEU ME 129 -148.21 -15.74 108.46
C LEU ME 129 -147.28 -16.59 107.59
N ARG ME 130 -147.34 -17.90 107.77
CA ARG ME 130 -146.54 -18.84 107.00
C ARG ME 130 -147.45 -19.92 106.42
N THR ME 131 -147.05 -20.44 105.25
CA THR ME 131 -147.82 -21.49 104.61
C THR ME 131 -146.92 -22.22 103.61
N SER ME 132 -147.24 -23.48 103.36
CA SER ME 132 -146.63 -24.19 102.24
C SER ME 132 -147.04 -23.56 100.93
N TYR ME 133 -148.31 -23.18 100.81
CA TYR ME 133 -148.82 -22.45 99.66
C TYR ME 133 -150.19 -21.90 100.01
N LEU ME 134 -150.48 -20.69 99.56
CA LEU ME 134 -151.80 -20.09 99.74
C LEU ME 134 -152.27 -19.53 98.41
N ASP ME 135 -153.58 -19.61 98.21
CA ASP ME 135 -154.22 -19.08 97.01
C ASP ME 135 -155.11 -17.90 97.42
N LEU ME 136 -154.85 -16.75 96.83
CA LEU ME 136 -155.53 -15.51 97.18
C LEU ME 136 -156.45 -15.08 96.06
N TYR ME 137 -157.66 -14.65 96.43
CA TYR ME 137 -158.62 -14.12 95.46
C TYR ME 137 -159.28 -12.90 96.09
N LEU ME 138 -158.90 -11.72 95.62
CA LEU ME 138 -159.33 -10.46 96.20
C LEU ME 138 -160.22 -9.70 95.21
N ALA ME 139 -161.24 -9.04 95.73
CA ALA ME 139 -162.14 -8.25 94.91
C ALA ME 139 -162.84 -7.22 95.78
N ASN ME 140 -163.40 -6.20 95.12
CA ASN ME 140 -164.26 -5.21 95.75
C ASN ME 140 -163.54 -4.49 96.89
N GLU ME 141 -162.51 -3.73 96.49
CA GLU ME 141 -161.79 -2.83 97.39
C GLU ME 141 -161.20 -3.59 98.58
N GLY ME 142 -160.25 -4.46 98.25
CA GLY ME 142 -159.50 -5.17 99.26
C GLY ME 142 -158.18 -4.51 99.60
N THR ME 143 -158.14 -3.76 100.70
CA THR ME 143 -156.91 -3.11 101.15
C THR ME 143 -156.27 -4.03 102.19
N THR ME 144 -155.37 -4.90 101.73
CA THR ME 144 -154.80 -5.94 102.55
C THR ME 144 -153.30 -5.72 102.68
N ARG ME 145 -152.83 -5.58 103.91
CA ARG ME 145 -151.41 -5.41 104.21
C ARG ME 145 -150.92 -6.61 104.99
N LEU ME 146 -149.85 -7.23 104.51
CA LEU ME 146 -149.29 -8.42 105.12
C LEU ME 146 -147.80 -8.21 105.36
N ALA ME 147 -147.34 -8.52 106.56
CA ALA ME 147 -145.94 -8.36 106.93
C ALA ME 147 -145.34 -9.67 107.41
N GLY ME 148 -145.61 -10.75 106.67
CA GLY ME 148 -145.03 -12.04 106.97
C GLY ME 148 -144.62 -12.74 105.68
N ASN ME 149 -143.69 -13.69 105.84
CA ASN ME 149 -143.18 -14.44 104.69
C ASN ME 149 -144.30 -15.30 104.12
N ILE ME 150 -144.81 -14.91 102.96
CA ILE ME 150 -145.95 -15.58 102.33
C ILE ME 150 -145.45 -16.45 101.19
N GLY ME 151 -145.91 -17.69 101.16
CA GLY ME 151 -145.65 -18.56 100.03
C GLY ME 151 -146.90 -18.77 99.20
N LEU ME 152 -146.90 -18.24 97.98
CA LEU ME 152 -148.08 -18.30 97.13
C LEU ME 152 -147.65 -18.57 95.69
N GLN ME 153 -148.61 -19.05 94.91
CA GLN ME 153 -148.38 -19.28 93.48
C GLN ME 153 -149.54 -18.68 92.69
N LYS ME 154 -150.71 -18.57 93.32
CA LYS ME 154 -151.90 -18.07 92.64
C LYS ME 154 -152.52 -16.93 93.45
N LEU ME 155 -152.44 -15.73 92.91
CA LEU ME 155 -153.13 -14.56 93.45
C LEU ME 155 -153.92 -13.93 92.31
N GLU ME 156 -155.20 -13.67 92.56
CA GLU ME 156 -156.08 -13.09 91.55
C GLU ME 156 -156.84 -11.93 92.16
N ALA ME 157 -156.47 -10.72 91.77
CA ALA ME 157 -157.18 -9.52 92.18
C ALA ME 157 -158.05 -9.04 91.03
N VAL ME 158 -159.31 -8.76 91.33
CA VAL ME 158 -160.23 -8.31 90.29
C VAL ME 158 -159.76 -6.99 89.70
N GLY ME 159 -159.37 -6.05 90.55
CA GLY ME 159 -158.85 -4.76 90.13
C GLY ME 159 -159.56 -3.64 90.83
N ASN ME 160 -159.39 -2.44 90.28
CA ASN ME 160 -159.98 -1.21 90.83
C ASN ME 160 -159.57 -1.00 92.29
N GLY ME 161 -158.32 -1.32 92.61
CA GLY ME 161 -157.88 -1.22 93.99
C GLY ME 161 -156.39 -1.38 94.13
N VAL ME 162 -155.93 -1.14 95.36
CA VAL ME 162 -154.52 -1.19 95.72
C VAL ME 162 -154.22 -2.52 96.38
N THR ME 163 -152.95 -2.91 96.32
CA THR ME 163 -152.49 -4.13 96.98
C THR ME 163 -150.99 -3.99 97.24
N GLN ME 164 -150.61 -4.10 98.52
CA GLN ME 164 -149.23 -3.98 98.94
C GLN ME 164 -148.87 -5.22 99.75
N ILE ME 165 -147.87 -5.96 99.31
CA ILE ME 165 -147.45 -7.19 99.97
C ILE ME 165 -145.95 -7.10 100.25
N ASN ME 166 -145.57 -7.39 101.49
CA ASN ME 166 -144.18 -7.29 101.93
C ASN ME 166 -143.74 -8.64 102.48
N GLY ME 167 -142.84 -9.31 101.77
CA GLY ME 167 -142.23 -10.55 102.22
C GLY ME 167 -142.84 -11.78 101.59
N VAL ME 168 -142.22 -12.27 100.53
CA VAL ME 168 -142.75 -13.40 99.77
C VAL ME 168 -141.60 -14.34 99.42
N SER ME 169 -141.87 -15.64 99.50
CA SER ME 169 -140.94 -16.68 99.06
C SER ME 169 -141.76 -17.65 98.20
N SER ME 170 -141.86 -17.35 96.91
CA SER ME 170 -142.67 -18.13 96.00
C SER ME 170 -141.77 -18.97 95.11
N ARG ME 171 -141.82 -20.29 95.30
CA ARG ME 171 -141.09 -21.19 94.41
C ARG ME 171 -141.66 -21.14 93.00
N ASN ME 172 -142.93 -20.81 92.87
CA ASN ME 172 -143.58 -20.66 91.57
C ASN ME 172 -144.71 -19.66 91.73
N LEU ME 173 -145.11 -19.06 90.61
CA LEU ME 173 -146.16 -18.06 90.64
C LEU ME 173 -146.77 -17.91 89.26
N GLN ME 174 -148.10 -17.87 89.22
CA GLN ME 174 -148.85 -17.50 88.02
C GLN ME 174 -149.87 -16.46 88.40
N ILE ME 175 -149.90 -15.36 87.66
CA ILE ME 175 -150.72 -14.20 88.02
C ILE ME 175 -151.16 -13.50 86.75
N VAL ME 176 -152.46 -13.15 86.70
CA VAL ME 176 -153.01 -12.28 85.68
C VAL ME 176 -153.95 -11.29 86.37
N LEU ME 177 -154.16 -10.16 85.72
CA LEU ME 177 -155.01 -9.11 86.27
C LEU ME 177 -155.89 -8.55 85.16
N LYS ME 178 -157.06 -8.05 85.54
CA LYS ME 178 -158.04 -7.60 84.57
C LYS ME 178 -158.55 -6.19 84.82
N GLY ME 179 -158.73 -5.79 86.07
CA GLY ME 179 -159.33 -4.50 86.37
C GLY ME 179 -158.32 -3.36 86.42
N ASP ME 180 -158.30 -2.65 87.54
CA ASP ME 180 -157.36 -1.54 87.76
C ASP ME 180 -156.58 -1.82 89.04
N PRO ME 181 -155.59 -2.70 88.97
CA PRO ME 181 -154.77 -2.98 90.14
C PRO ME 181 -153.57 -2.04 90.23
N LYS ME 182 -153.30 -1.62 91.46
CA LYS ME 182 -152.06 -0.93 91.80
C LYS ME 182 -151.35 -1.83 92.79
N VAL ME 183 -150.42 -2.64 92.30
CA VAL ME 183 -149.86 -3.73 93.08
C VAL ME 183 -148.36 -3.48 93.28
N LEU ME 184 -147.92 -3.63 94.52
CA LEU ME 184 -146.51 -3.47 94.88
C LEU ME 184 -146.14 -4.64 95.78
N ILE ME 185 -145.23 -5.49 95.30
CA ILE ME 185 -144.92 -6.75 95.96
C ILE ME 185 -143.42 -6.86 96.19
N SER ME 186 -143.04 -7.25 97.40
CA SER ME 186 -141.67 -7.47 97.79
C SER ME 186 -141.46 -8.93 98.13
N GLY ME 187 -140.31 -9.46 97.71
CA GLY ME 187 -139.98 -10.85 97.99
C GLY ME 187 -139.16 -11.43 96.85
N PHE ME 188 -138.98 -12.75 96.92
CA PHE ME 188 -138.23 -13.50 95.92
C PHE ME 188 -139.23 -14.35 95.14
N VAL ME 189 -139.29 -14.14 93.83
CA VAL ME 189 -140.34 -14.72 93.00
C VAL ME 189 -139.71 -15.43 91.80
N ASN ME 190 -140.11 -16.68 91.60
CA ASN ME 190 -139.78 -17.43 90.38
C ASN ME 190 -140.99 -17.34 89.44
N LEU ME 191 -141.06 -16.23 88.72
CA LEU ME 191 -142.19 -15.98 87.84
C LEU ME 191 -141.99 -16.64 86.48
N ARG ME 192 -143.10 -16.92 85.81
CA ARG ME 192 -143.09 -17.58 84.52
C ARG ME 192 -143.68 -16.72 83.41
N GLN ME 193 -144.90 -16.23 83.58
CA GLN ME 193 -145.61 -15.52 82.52
C GLN ME 193 -146.35 -14.33 83.09
N LEU ME 194 -146.51 -13.28 82.28
CA LEU ME 194 -147.33 -12.15 82.67
C LEU ME 194 -148.16 -11.66 81.48
N ASP ME 195 -149.42 -11.38 81.75
CA ASP ME 195 -150.37 -10.89 80.75
C ASP ME 195 -151.09 -9.67 81.30
N MET ME 196 -151.12 -8.59 80.51
CA MET ME 196 -151.75 -7.34 80.91
C MET ME 196 -152.70 -6.89 79.81
N TYR ME 197 -153.96 -6.63 80.19
CA TYR ME 197 -154.96 -6.18 79.23
C TYR ME 197 -155.82 -5.02 79.72
N GLY ME 198 -155.68 -4.58 80.96
CA GLY ME 198 -156.51 -3.50 81.47
C GLY ME 198 -155.76 -2.20 81.64
N LYS ME 199 -155.72 -1.71 82.88
CA LYS ME 199 -155.03 -0.47 83.26
C LYS ME 199 -154.15 -0.72 84.47
N GLY ME 200 -153.33 -1.77 84.39
CA GLY ME 200 -152.61 -2.26 85.55
C GLY ME 200 -151.29 -1.54 85.79
N THR ME 201 -150.97 -1.36 87.08
CA THR ME 201 -149.67 -0.84 87.49
C THR ME 201 -149.07 -1.83 88.48
N LEU ME 202 -147.87 -2.32 88.17
CA LEU ME 202 -147.24 -3.34 88.98
C LEU ME 202 -145.80 -2.97 89.28
N SER ME 203 -145.38 -3.25 90.51
CA SER ME 203 -143.99 -3.07 90.92
C SER ME 203 -143.54 -4.29 91.69
N LEU ME 204 -142.40 -4.84 91.29
CA LEU ME 204 -141.84 -6.04 91.90
C LEU ME 204 -140.46 -5.73 92.48
N TYR ME 205 -140.19 -6.24 93.67
CA TYR ME 205 -138.90 -5.97 94.29
C TYR ME 205 -137.80 -6.85 93.72
N TRP ME 206 -137.93 -8.16 93.86
CA TRP ME 206 -136.89 -9.08 93.41
C TRP ME 206 -137.51 -10.28 92.70
N ILE ME 207 -136.87 -10.71 91.62
CA ILE ME 207 -137.29 -11.89 90.87
C ILE ME 207 -136.07 -12.72 90.53
N LYS ME 208 -136.19 -14.03 90.75
CA LYS ME 208 -135.13 -14.99 90.42
C LYS ME 208 -135.76 -16.10 89.59
N SER ME 209 -135.48 -16.11 88.29
CA SER ME 209 -136.04 -17.10 87.39
C SER ME 209 -135.14 -17.22 86.18
N ASP ME 210 -135.58 -18.04 85.21
CA ASP ME 210 -134.83 -18.31 84.00
C ASP ME 210 -135.50 -17.73 82.77
N THR ME 211 -136.75 -18.07 82.52
CA THR ME 211 -137.49 -17.64 81.33
C THR ME 211 -138.72 -16.85 81.76
N LEU ME 212 -138.83 -15.64 81.24
CA LEU ME 212 -139.98 -14.78 81.49
C LEU ME 212 -140.57 -14.32 80.17
N THR ME 213 -141.89 -14.43 80.05
CA THR ME 213 -142.62 -14.02 78.86
C THR ME 213 -143.66 -13.00 79.27
N ILE ME 214 -143.59 -11.81 78.68
CA ILE ME 214 -144.46 -10.70 79.03
C ILE ME 214 -145.27 -10.32 77.81
N ARG ME 215 -146.59 -10.19 77.99
CA ARG ME 215 -147.49 -9.70 76.95
C ARG ME 215 -148.31 -8.57 77.53
N ALA ME 216 -148.27 -7.40 76.89
CA ALA ME 216 -149.06 -6.26 77.32
C ALA ME 216 -149.83 -5.68 76.15
N LYS ME 217 -151.12 -5.43 76.36
CA LYS ME 217 -152.02 -5.05 75.28
C LYS ME 217 -152.54 -3.62 75.40
N LYS ME 218 -153.18 -3.26 76.51
CA LYS ME 218 -153.97 -2.04 76.57
C LYS ME 218 -153.34 -0.97 77.45
N ALA ME 219 -153.09 -1.26 78.73
CA ALA ME 219 -152.46 -0.28 79.60
C ALA ME 219 -151.73 -1.03 80.71
N ALA ME 220 -150.41 -1.12 80.57
CA ALA ME 220 -149.56 -1.76 81.56
C ALA ME 220 -148.43 -0.82 81.93
N LYS ME 221 -148.17 -0.70 83.23
CA LYS ME 221 -147.03 0.06 83.73
C LYS ME 221 -146.31 -0.87 84.71
N ILE ME 222 -145.26 -1.53 84.23
CA ILE ME 222 -144.62 -2.59 85.00
C ILE ME 222 -143.19 -2.17 85.32
N GLN ME 223 -142.81 -2.28 86.59
CA GLN ME 223 -141.47 -2.03 87.06
C GLN ME 223 -140.91 -3.27 87.73
N LEU ME 224 -139.73 -3.72 87.28
CA LEU ME 224 -139.16 -4.97 87.76
C LEU ME 224 -137.72 -4.78 88.18
N ALA ME 225 -137.22 -5.77 88.91
CA ALA ME 225 -135.83 -5.80 89.36
C ALA ME 225 -135.50 -7.22 89.80
N GLY ME 226 -134.45 -7.79 89.23
CA GLY ME 226 -134.05 -9.14 89.60
C GLY ME 226 -133.08 -9.72 88.59
N ILE ME 227 -132.97 -11.04 88.60
CA ILE ME 227 -132.08 -11.78 87.71
C ILE ME 227 -132.92 -12.78 86.94
N VAL ME 228 -132.81 -12.74 85.61
CA VAL ME 228 -133.54 -13.64 84.73
C VAL ME 228 -132.60 -14.10 83.61
N ASN ME 229 -132.61 -15.40 83.32
CA ASN ME 229 -131.73 -15.91 82.28
C ASN ME 229 -132.19 -15.47 80.89
N ARG ME 230 -133.48 -15.63 80.61
CA ARG ME 230 -134.02 -15.38 79.28
C ARG ME 230 -135.33 -14.62 79.41
N LEU ME 231 -135.49 -13.56 78.63
CA LEU ME 231 -136.66 -12.69 78.76
C LEU ME 231 -137.14 -12.28 77.38
N ASP ME 232 -138.44 -12.40 77.15
CA ASP ME 232 -139.05 -11.90 75.92
C ASP ME 232 -140.31 -11.13 76.24
N VAL ME 233 -140.48 -10.00 75.56
CA VAL ME 233 -141.55 -9.06 75.85
C VAL ME 233 -142.22 -8.64 74.55
N GLU ME 234 -143.55 -8.57 74.59
CA GLU ME 234 -144.36 -8.06 73.49
C GLU ME 234 -145.28 -6.98 74.00
N LEU ME 235 -145.22 -5.81 73.37
CA LEU ME 235 -146.07 -4.68 73.72
C LEU ME 235 -146.88 -4.28 72.50
N TRP ME 236 -148.19 -4.11 72.69
CA TRP ME 236 -149.07 -3.77 71.59
C TRP ME 236 -149.35 -2.27 71.48
N ASP ME 237 -149.77 -1.64 72.58
CA ASP ME 237 -150.03 -0.21 72.55
C ASP ME 237 -150.13 0.30 73.98
N PHE ME 238 -149.48 1.44 74.23
CA PHE ME 238 -149.55 2.14 75.51
C PHE ME 238 -149.08 1.24 76.65
N ALA ME 239 -147.82 0.80 76.56
CA ALA ME 239 -147.23 -0.09 77.55
C ALA ME 239 -145.88 0.45 77.97
N GLN ME 240 -145.67 0.55 79.28
CA GLN ME 240 -144.43 1.04 79.86
C GLN ME 240 -143.74 -0.11 80.59
N PHE ME 241 -142.53 -0.44 80.14
CA PHE ME 241 -141.74 -1.50 80.77
C PHE ME 241 -140.49 -0.87 81.37
N LYS ME 242 -140.26 -1.14 82.65
CA LYS ME 242 -139.09 -0.65 83.37
C LYS ME 242 -138.30 -1.84 83.86
N GLY ME 243 -137.41 -2.35 82.99
CA GLY ME 243 -136.50 -3.41 83.35
C GLY ME 243 -135.18 -2.91 83.91
N LYS ME 244 -135.06 -1.62 84.17
CA LYS ME 244 -133.85 -1.13 84.82
C LYS ME 244 -133.72 -1.76 86.20
N TYR ME 245 -132.49 -1.96 86.63
CA TYR ME 245 -132.16 -2.71 87.84
C TYR ME 245 -132.64 -4.15 87.76
N LEU ME 246 -132.82 -4.64 86.53
CA LEU ME 246 -133.17 -6.04 86.28
C LEU ME 246 -132.34 -6.50 85.09
N ARG ME 247 -131.54 -7.55 85.29
CA ARG ME 247 -130.55 -7.95 84.32
C ARG ME 247 -130.93 -9.29 83.70
N ALA ME 248 -130.69 -9.41 82.39
CA ALA ME 248 -131.00 -10.63 81.66
C ALA ME 248 -129.85 -10.96 80.73
N GLN ME 249 -129.71 -12.26 80.43
CA GLN ME 249 -128.68 -12.74 79.53
C GLN ME 249 -129.13 -12.74 78.08
N ARG ME 250 -130.37 -13.14 77.84
CA ARG ME 250 -130.98 -13.09 76.51
C ARG ME 250 -132.21 -12.22 76.58
N SER ME 251 -132.28 -11.21 75.71
CA SER ME 251 -133.41 -10.30 75.70
C SER ME 251 -134.02 -10.25 74.31
N PHE ME 252 -135.34 -10.41 74.23
CA PHE ME 252 -136.09 -10.26 72.99
C PHE ME 252 -137.19 -9.23 73.22
N VAL ME 253 -137.21 -8.19 72.40
CA VAL ME 253 -138.18 -7.11 72.54
C VAL ME 253 -138.95 -6.98 71.23
N LYS ME 254 -140.28 -6.98 71.31
CA LYS ME 254 -141.13 -6.73 70.15
C LYS ME 254 -142.16 -5.68 70.53
N THR ME 255 -142.03 -4.49 69.95
CA THR ME 255 -142.87 -3.35 70.30
C THR ME 255 -143.67 -2.88 69.10
N HIS ME 256 -144.97 -2.72 69.27
CA HIS ME 256 -145.83 -2.10 68.29
C HIS ME 256 -145.99 -0.61 68.62
N ASP ME 257 -146.97 0.02 67.99
CA ASP ME 257 -147.16 1.46 68.09
C ASP ME 257 -147.33 1.90 69.53
N LYS ME 258 -146.66 3.00 69.89
CA LYS ME 258 -146.83 3.68 71.17
C LYS ME 258 -146.54 2.75 72.34
N SER ME 259 -145.33 2.22 72.37
CA SER ME 259 -144.87 1.39 73.46
C SER ME 259 -143.45 1.81 73.84
N VAL ME 260 -143.19 1.89 75.15
CA VAL ME 260 -141.91 2.34 75.67
C VAL ME 260 -141.36 1.28 76.60
N ALA ME 261 -140.13 0.86 76.36
CA ALA ME 261 -139.49 -0.12 77.20
C ALA ME 261 -138.04 0.28 77.44
N GLU ME 262 -137.65 0.32 78.70
CA GLU ME 262 -136.25 0.50 79.08
C GLU ME 262 -135.71 -0.83 79.58
N ILE ME 263 -134.56 -1.24 79.05
CA ILE ME 263 -133.99 -2.56 79.27
C ILE ME 263 -132.57 -2.41 79.77
N SER ME 264 -132.08 -3.47 80.41
CA SER ME 264 -130.73 -3.52 80.97
C SER ME 264 -130.06 -4.84 80.62
N ALA ME 265 -130.09 -5.20 79.34
CA ALA ME 265 -129.50 -6.45 78.88
C ALA ME 265 -128.01 -6.51 79.23
N VAL ME 266 -127.49 -7.73 79.31
CA VAL ME 266 -126.13 -7.98 79.76
C VAL ME 266 -125.27 -8.57 78.65
N ASN ME 267 -125.75 -9.62 77.99
CA ASN ME 267 -124.91 -10.36 77.05
C ASN ME 267 -125.47 -10.37 75.63
N HIS ME 268 -126.74 -10.72 75.46
CA HIS ME 268 -127.33 -10.90 74.13
C HIS ME 268 -128.65 -10.15 74.07
N GLN ME 269 -128.74 -9.17 73.17
CA GLN ME 269 -129.89 -8.29 73.11
C GLN ME 269 -130.42 -8.23 71.68
N SER ME 270 -131.74 -8.36 71.54
CA SER ME 270 -132.39 -8.29 70.25
C SER ME 270 -133.70 -7.52 70.37
N SER ME 271 -133.90 -6.54 69.50
CA SER ME 271 -135.04 -5.64 69.62
C SER ME 271 -135.62 -5.32 68.25
N LEU ME 272 -136.95 -5.25 68.19
CA LEU ME 272 -137.67 -4.87 66.99
C LEU ME 272 -138.83 -3.95 67.35
N ALA ME 273 -138.95 -2.86 66.61
CA ALA ME 273 -140.01 -1.88 66.84
C ALA ME 273 -140.72 -1.58 65.52
N THR ME 274 -142.05 -1.43 65.59
CA THR ME 274 -142.81 -1.15 64.39
C THR ME 274 -142.78 0.33 64.03
N ASP ME 275 -143.33 1.17 64.90
CA ASP ME 275 -143.42 2.60 64.65
C ASP ME 275 -143.81 3.29 65.94
N ALA ME 276 -143.22 4.47 66.18
CA ALA ME 276 -143.48 5.24 67.39
C ALA ME 276 -143.27 4.40 68.63
N SER ME 277 -142.21 3.59 68.61
CA SER ME 277 -141.86 2.72 69.72
C SER ME 277 -140.46 3.09 70.20
N ASP ME 278 -140.25 2.97 71.51
CA ASP ME 278 -139.00 3.38 72.14
C ASP ME 278 -138.37 2.21 72.87
N ILE ME 279 -137.12 1.91 72.53
CA ILE ME 279 -136.34 0.88 73.20
C ILE ME 279 -135.10 1.57 73.75
N TYR ME 280 -134.96 1.60 75.07
CA TYR ME 280 -133.89 2.35 75.72
C TYR ME 280 -132.99 1.37 76.45
N TYR ME 281 -131.81 1.12 75.90
CA TYR ME 281 -130.86 0.21 76.53
C TYR ME 281 -129.96 0.97 77.48
N TYR ME 282 -129.82 0.45 78.71
CA TYR ME 282 -129.02 1.13 79.73
C TYR ME 282 -127.76 0.37 80.09
N ASN ME 283 -127.43 -0.69 79.35
CA ASN ME 283 -126.20 -1.43 79.57
C ASN ME 283 -125.71 -1.94 78.23
N LEU ME 284 -124.41 -1.80 77.99
CA LEU ME 284 -123.82 -2.24 76.73
C LEU ME 284 -123.57 -3.74 76.81
N SER ME 285 -124.34 -4.51 76.05
CA SER ME 285 -124.23 -5.96 76.09
C SER ME 285 -123.02 -6.43 75.28
N LYS ME 286 -122.75 -7.73 75.35
CA LYS ME 286 -121.68 -8.29 74.54
C LYS ME 286 -122.07 -8.34 73.07
N THR ME 287 -123.36 -8.37 72.77
CA THR ME 287 -123.83 -8.32 71.39
C THR ME 287 -125.26 -7.81 71.35
N ARG ME 288 -125.53 -6.92 70.39
CA ARG ME 288 -126.78 -6.21 70.29
C ARG ME 288 -127.24 -6.18 68.84
N ALA ME 289 -128.55 -6.35 68.63
CA ALA ME 289 -129.14 -6.26 67.30
C ALA ME 289 -130.50 -5.61 67.40
N ASP ME 290 -130.76 -4.63 66.53
CA ASP ME 290 -131.96 -3.82 66.60
C ASP ME 290 -132.53 -3.60 65.22
N PHE ME 291 -133.85 -3.38 65.15
CA PHE ME 291 -134.49 -3.06 63.89
C PHE ME 291 -135.73 -2.19 64.13
N MET ME 292 -135.90 -1.19 63.26
CA MET ME 292 -137.07 -0.32 63.26
C MET ME 292 -137.78 -0.43 61.92
N ALA ME 293 -139.12 -0.47 61.97
CA ALA ME 293 -139.89 -0.66 60.74
C ALA ME 293 -140.32 0.67 60.13
N PHE ME 294 -141.17 1.43 60.82
CA PHE ME 294 -141.59 2.74 60.34
C PHE ME 294 -140.95 3.87 61.11
N ASN ME 295 -141.10 3.87 62.44
CA ASN ME 295 -140.59 4.96 63.26
C ASN ME 295 -139.98 4.46 64.57
N GLY ME 296 -139.59 3.20 64.64
CA GLY ME 296 -139.02 2.68 65.86
C GLY ME 296 -137.70 3.35 66.21
N SER ME 297 -137.42 3.39 67.50
CA SER ME 297 -136.22 4.04 67.99
C SER ME 297 -135.53 3.15 69.01
N VAL ME 298 -134.21 3.05 68.90
CA VAL ME 298 -133.39 2.35 69.88
C VAL ME 298 -132.28 3.29 70.30
N LEU ME 299 -132.26 3.66 71.57
CA LEU ME 299 -131.35 4.67 72.07
C LEU ME 299 -130.76 4.27 73.40
N ASP ME 300 -129.67 4.96 73.76
CA ASP ME 300 -128.86 4.63 74.91
C ASP ME 300 -129.30 5.35 76.17
N MET ME 301 -129.48 6.67 76.10
CA MET ME 301 -129.69 7.55 77.26
C MET ME 301 -128.86 7.09 78.45
N ARG ME 302 -127.58 6.88 78.20
CA ARG ME 302 -126.67 6.39 79.21
C ARG ME 302 -126.18 7.55 80.07
N GLU ME 303 -125.13 7.30 80.85
CA GLU ME 303 -124.55 8.36 81.67
C GLU ME 303 -124.08 9.52 80.81
N TRP ME 304 -123.31 9.22 79.77
CA TRP ME 304 -122.77 10.22 78.85
C TRP ME 304 -121.81 11.18 79.56
N GLY ME 305 -121.59 10.93 80.85
CA GLY ME 305 -120.60 11.66 81.62
C GLY ME 305 -119.94 10.73 82.61
N GLN ME 306 -120.04 9.43 82.34
CA GLN ME 306 -119.49 8.43 83.22
C GLN ME 306 -117.98 8.53 83.31
N SER ME 307 -117.44 8.36 84.51
CA SER ME 307 -116.01 8.41 84.71
C SER ME 307 -115.28 7.23 84.09
N ASP ME 308 -115.90 6.06 84.05
CA ASP ME 308 -115.23 4.84 83.62
C ASP ME 308 -116.11 4.03 82.67
N LEU ME 309 -116.74 4.71 81.73
CA LEU ME 309 -117.57 4.03 80.73
C LEU ME 309 -116.68 3.38 79.67
N LYS ME 310 -117.20 2.33 79.05
CA LYS ME 310 -116.52 1.63 77.97
C LYS ME 310 -117.24 1.88 76.64
N ASP ME 311 -116.47 1.92 75.56
CA ASP ME 311 -116.98 2.25 74.25
C ASP ME 311 -117.20 0.97 73.43
N PHE ME 312 -117.54 1.14 72.15
CA PHE ME 312 -117.81 0.02 71.27
C PHE ME 312 -116.54 -0.77 70.97
N ASP ME 313 -116.74 -1.98 70.46
CA ASP ME 313 -115.68 -2.81 69.92
C ASP ME 313 -116.10 -3.26 68.52
N ARG ME 314 -115.18 -3.95 67.85
CA ARG ME 314 -115.50 -4.50 66.53
C ARG ME 314 -116.64 -5.49 66.60
N TYR ME 315 -116.81 -6.13 67.75
CA TYR ME 315 -117.80 -7.19 67.92
C TYR ME 315 -119.18 -6.66 68.30
N ASN ME 316 -119.31 -5.36 68.57
CA ASN ME 316 -120.61 -4.82 68.95
C ASN ME 316 -120.94 -3.49 68.29
N LYS ME 317 -120.04 -2.93 67.47
CA LYS ME 317 -120.28 -1.64 66.84
C LYS ME 317 -121.29 -1.83 65.72
N GLN ME 318 -122.55 -1.94 66.11
CA GLN ME 318 -123.66 -2.07 65.17
C GLN ME 318 -124.32 -0.71 65.00
N PHE ME 319 -124.37 -0.23 63.77
CA PHE ME 319 -124.96 1.07 63.48
C PHE ME 319 -126.46 0.93 63.28
N PRO ME 320 -127.28 1.68 64.03
CA PRO ME 320 -128.74 1.66 63.89
C PRO ME 320 -129.20 2.12 62.53
N ASP NE 39 23.23 94.02 -62.25
CA ASP NE 39 23.61 92.82 -62.98
C ASP NE 39 25.04 92.93 -63.50
N GLY NE 40 25.31 93.95 -64.28
CA GLY NE 40 26.65 94.17 -64.82
C GLY NE 40 27.52 94.98 -63.87
N CYS NE 41 28.42 94.30 -63.17
CA CYS NE 41 29.28 94.99 -62.21
C CYS NE 41 30.17 96.00 -62.91
N CYS NE 42 30.79 95.60 -64.02
CA CYS NE 42 31.59 96.51 -64.83
C CYS NE 42 30.76 97.08 -65.99
N SER NE 43 29.60 97.65 -65.67
CA SER NE 43 28.77 98.25 -66.70
C SER NE 43 29.32 99.62 -67.09
N LYS NE 44 29.13 99.97 -68.36
CA LYS NE 44 29.65 101.22 -68.92
C LYS NE 44 31.16 101.34 -68.72
N MET NE 45 31.82 100.20 -68.58
CA MET NE 45 33.28 100.16 -68.49
C MET NE 45 33.82 99.16 -69.50
N GLY NE 46 35.10 98.84 -69.41
CA GLY NE 46 35.67 97.86 -70.33
C GLY NE 46 35.03 96.50 -70.19
N GLY NE 47 34.73 96.09 -68.97
CA GLY NE 47 34.14 94.79 -68.72
C GLY NE 47 34.86 94.03 -67.62
N ILE NE 48 34.25 92.95 -67.14
CA ILE NE 48 34.81 92.22 -66.01
C ILE NE 48 35.99 91.39 -66.47
N ASN NE 49 37.12 91.52 -65.78
CA ASN NE 49 38.30 90.70 -66.04
C ASN NE 49 38.38 89.52 -65.08
N TYR NE 50 38.54 89.79 -63.80
CA TYR NE 50 38.64 88.75 -62.77
C TYR NE 50 38.48 89.43 -61.41
N CYS NE 51 38.74 88.70 -60.34
CA CYS NE 51 38.69 89.24 -58.99
C CYS NE 51 40.04 89.10 -58.31
N ASP NE 52 40.46 90.16 -57.63
CA ASP NE 52 41.56 90.09 -56.69
C ASP NE 52 40.98 89.61 -55.36
N SER NE 53 41.34 88.39 -54.97
CA SER NE 53 40.87 87.82 -53.72
C SER NE 53 41.46 88.55 -52.53
N SER NE 54 42.74 88.94 -52.63
CA SER NE 54 43.37 89.64 -51.52
C SER NE 54 42.62 90.92 -51.19
N ALA NE 55 42.23 91.68 -52.22
CA ALA NE 55 41.34 92.81 -52.00
C ALA NE 55 39.89 92.40 -51.91
N GLY NE 56 39.56 91.19 -52.34
CA GLY NE 56 38.17 90.76 -52.36
C GLY NE 56 37.29 91.59 -53.27
N ARG NE 57 37.87 92.10 -54.37
CA ARG NE 57 37.14 93.01 -55.25
C ARG NE 57 37.40 92.62 -56.71
N LEU NE 58 36.42 92.93 -57.55
CA LEU NE 58 36.58 92.65 -58.98
C LEU NE 58 37.32 93.80 -59.66
N VAL NE 59 37.96 93.47 -60.78
CA VAL NE 59 38.68 94.46 -61.59
C VAL NE 59 38.06 94.49 -62.97
N CYS NE 60 37.69 95.68 -63.42
CA CYS NE 60 37.19 95.87 -64.77
C CYS NE 60 38.36 95.98 -65.74
N ASN NE 61 38.06 96.00 -67.04
CA ASN NE 61 39.11 96.15 -68.03
C ASN NE 61 39.83 97.49 -67.85
N ASN NE 62 39.07 98.56 -67.71
CA ASN NE 62 39.65 99.79 -67.18
C ASN NE 62 40.08 99.56 -65.74
N GLY NE 63 41.26 100.06 -65.39
CA GLY NE 63 41.88 99.68 -64.14
C GLY NE 63 41.22 100.27 -62.90
N PHE NE 64 39.91 100.13 -62.79
CA PHE NE 64 39.16 100.67 -61.67
C PHE NE 64 38.42 99.54 -60.98
N TYR NE 65 38.49 99.53 -59.65
CA TYR NE 65 37.79 98.52 -58.88
C TYR NE 65 36.29 98.71 -59.01
N SER NE 66 35.58 97.63 -59.35
CA SER NE 66 34.13 97.71 -59.44
C SER NE 66 33.52 97.76 -58.04
N THR NE 67 32.23 98.10 -58.00
CA THR NE 67 31.52 98.22 -56.74
C THR NE 67 31.15 96.88 -56.15
N CYS NE 68 31.18 95.81 -56.93
CA CYS NE 68 30.70 94.52 -56.47
C CYS NE 68 31.73 93.87 -55.53
N TYR NE 69 31.41 92.65 -55.10
CA TYR NE 69 32.22 91.90 -54.16
C TYR NE 69 32.50 90.51 -54.73
N CYS NE 70 33.46 89.81 -54.11
CA CYS NE 70 33.79 88.45 -54.49
C CYS NE 70 33.45 87.44 -53.40
N THR NE 71 33.99 87.64 -52.20
CA THR NE 71 33.87 86.65 -51.14
C THR NE 71 33.60 87.33 -49.81
N ARG NE 72 33.20 86.51 -48.83
CA ARG NE 72 32.98 87.01 -47.47
C ARG NE 72 34.24 87.62 -46.87
N HIS NE 73 35.41 87.19 -47.32
CA HIS NE 73 36.67 87.68 -46.77
C HIS NE 73 37.03 89.03 -47.38
N ALA NE 74 36.09 89.96 -47.27
CA ALA NE 74 36.26 91.32 -47.79
C ALA NE 74 35.62 92.31 -46.83
N VAL NE 75 36.03 93.56 -46.96
CA VAL NE 75 35.59 94.63 -46.05
C VAL NE 75 34.18 95.05 -46.45
N MET NE 76 33.19 94.50 -45.77
CA MET NE 76 31.81 94.95 -45.92
C MET NE 76 31.54 96.03 -44.87
N ASP NE 77 30.28 96.40 -44.70
CA ASP NE 77 29.86 97.24 -43.58
C ASP NE 77 28.58 96.65 -43.03
N LEU NE 78 28.63 96.17 -41.79
CA LEU NE 78 27.52 95.48 -41.16
C LEU NE 78 27.01 96.32 -40.00
N GLN NE 79 25.72 96.66 -40.04
CA GLN NE 79 25.08 97.41 -38.98
C GLN NE 79 23.82 96.75 -38.43
N PHE NE 80 23.28 95.75 -39.11
CA PHE NE 80 22.09 95.06 -38.64
C PHE NE 80 22.18 93.60 -39.05
N LEU NE 81 21.59 92.73 -38.24
CA LEU NE 81 21.68 91.30 -38.50
C LEU NE 81 20.52 90.60 -37.81
N MET NE 82 20.27 89.37 -38.24
CA MET NE 82 19.18 88.55 -37.75
C MET NE 82 19.67 87.62 -36.64
N GLY NE 83 18.84 86.67 -36.25
CA GLY NE 83 19.18 85.70 -35.22
C GLY NE 83 18.83 86.18 -33.83
N CYS NE 84 18.73 85.23 -32.92
CA CYS NE 84 18.39 85.52 -31.53
C CYS NE 84 19.47 84.95 -30.61
N CYS NE 85 19.31 85.22 -29.31
CA CYS NE 85 20.36 84.98 -28.33
C CYS NE 85 21.67 85.64 -28.74
N LEU NE 86 21.56 86.85 -29.27
CA LEU NE 86 22.74 87.62 -29.65
C LEU NE 86 23.33 88.31 -28.43
N TRP NE 87 24.64 88.60 -28.51
CA TRP NE 87 25.39 89.16 -27.38
C TRP NE 87 25.26 88.28 -26.15
N HIS NE 88 25.17 86.97 -26.37
CA HIS NE 88 25.06 86.01 -25.28
C HIS NE 88 25.73 84.72 -25.74
N GLY NE 89 25.55 83.67 -24.94
CA GLY NE 89 26.13 82.38 -25.26
C GLY NE 89 25.52 81.72 -26.48
N GLY NE 90 24.63 82.42 -27.16
CA GLY NE 90 23.92 81.87 -28.28
C GLY NE 90 22.84 80.90 -27.84
N VAL NE 91 22.05 80.45 -28.81
CA VAL NE 91 20.98 79.51 -28.51
C VAL NE 91 21.56 78.23 -27.93
N TYR NE 92 21.06 77.84 -26.76
CA TYR NE 92 21.52 76.61 -26.14
C TYR NE 92 21.07 75.43 -26.98
N PRO NE 93 21.99 74.51 -27.34
CA PRO NE 93 21.62 73.40 -28.23
C PRO NE 93 20.59 72.45 -27.65
N GLN NE 94 20.37 72.45 -26.33
CA GLN NE 94 19.40 71.52 -25.75
C GLN NE 94 18.00 71.86 -26.22
N LEU NE 95 17.13 70.87 -26.16
CA LEU NE 95 15.75 70.99 -26.62
C LEU NE 95 14.83 71.20 -25.43
N ASN NE 96 14.12 72.32 -25.41
CA ASN NE 96 13.11 72.61 -24.40
C ASN NE 96 11.73 72.37 -25.00
N SER NE 97 10.98 71.45 -24.38
CA SER NE 97 9.66 71.13 -24.88
C SER NE 97 8.73 72.35 -24.79
N SER NE 98 8.85 73.12 -23.72
CA SER NE 98 8.09 74.34 -23.58
C SER NE 98 8.63 75.40 -24.54
N GLY NE 99 7.89 76.49 -24.68
CA GLY NE 99 8.29 77.54 -25.58
C GLY NE 99 9.53 78.30 -25.19
N LEU NE 100 10.02 78.12 -23.96
CA LEU NE 100 11.18 78.85 -23.49
C LEU NE 100 12.43 78.42 -24.24
N VAL NE 101 13.25 79.39 -24.62
CA VAL NE 101 14.57 79.14 -25.18
C VAL NE 101 15.57 79.97 -24.39
N VAL NE 102 16.66 79.35 -23.98
CA VAL NE 102 17.62 79.96 -23.09
C VAL NE 102 18.97 80.06 -23.79
N CYS NE 103 19.60 81.22 -23.69
CA CYS NE 103 20.94 81.37 -24.23
C CYS NE 103 21.96 80.67 -23.33
N ASN NE 104 23.08 80.27 -23.94
CA ASN NE 104 24.06 79.46 -23.22
C ASN NE 104 24.64 80.16 -22.01
N ASP NE 105 24.54 81.48 -21.92
CA ASP NE 105 24.96 82.18 -20.71
C ASP NE 105 23.98 81.97 -19.57
N GLY NE 106 22.82 81.37 -19.82
CA GLY NE 106 21.82 81.12 -18.81
C GLY NE 106 20.63 82.05 -18.86
N TYR NE 107 20.76 83.20 -19.52
CA TYR NE 107 19.63 84.13 -19.64
C TYR NE 107 18.57 83.55 -20.57
N VAL NE 108 17.32 83.86 -20.27
CA VAL NE 108 16.18 83.38 -21.04
C VAL NE 108 15.60 84.55 -21.82
N SER NE 109 15.40 84.35 -23.12
CA SER NE 109 14.87 85.40 -24.00
C SER NE 109 13.46 85.00 -24.44
N GLU NE 110 12.46 85.60 -23.79
CA GLU NE 110 11.08 85.38 -24.19
C GLU NE 110 10.85 85.86 -25.62
N GLU NE 111 11.61 86.85 -26.06
CA GLU NE 111 11.44 87.38 -27.41
C GLU NE 111 11.71 86.30 -28.45
N CYS NE 112 12.76 85.52 -28.25
CA CYS NE 112 12.97 84.35 -29.11
C CYS NE 112 12.01 83.23 -28.75
N SER NE 113 11.59 83.17 -27.49
CA SER NE 113 10.62 82.17 -27.07
C SER NE 113 9.24 82.49 -27.61
N LEU NE 114 8.34 81.52 -27.49
CA LEU NE 114 6.92 81.73 -27.76
C LEU NE 114 6.14 81.66 -26.45
N GLN NE 115 5.25 82.62 -26.26
CA GLN NE 115 4.54 82.77 -25.00
C GLN NE 115 3.04 82.84 -25.25
N LYS NE 116 2.27 82.20 -24.39
CA LYS NE 116 0.82 82.26 -24.44
C LYS NE 116 0.36 83.69 -24.14
N GLN OE 791 88.83 45.98 66.33
CA GLN OE 791 89.59 44.94 65.65
C GLN OE 791 88.70 43.75 65.34
N GLN OE 792 87.78 43.46 66.25
CA GLN OE 792 86.83 42.38 66.10
C GLN OE 792 85.55 42.80 65.40
N GLU OE 793 85.48 44.05 64.95
CA GLU OE 793 84.29 44.55 64.28
C GLU OE 793 84.29 44.27 62.78
N ILE OE 794 85.39 43.76 62.24
CA ILE OE 794 85.46 43.50 60.82
C ILE OE 794 84.52 42.36 60.43
N GLN OE 795 84.51 41.28 61.21
CA GLN OE 795 83.77 40.09 60.86
C GLN OE 795 82.27 40.36 60.76
N GLN OE 796 81.72 41.06 61.75
CA GLN OE 796 80.32 41.46 61.65
C GLN OE 796 80.11 42.42 60.47
N ARG OE 797 81.06 43.33 60.26
CA ARG OE 797 81.03 44.17 59.08
C ARG OE 797 81.33 43.39 57.80
N THR OE 798 81.96 42.22 57.93
CA THR OE 798 82.21 41.41 56.75
C THR OE 798 80.93 40.77 56.22
N SER OE 799 80.12 40.21 57.11
CA SER OE 799 78.96 39.44 56.68
C SER OE 799 77.90 40.33 56.04
N ASP OE 800 77.52 41.41 56.72
CA ASP OE 800 76.39 42.21 56.28
C ASP OE 800 76.65 42.85 54.92
N MET OE 801 77.84 43.42 54.73
CA MET OE 801 78.17 44.01 53.44
C MET OE 801 78.15 42.95 52.34
N LEU OE 802 78.64 41.76 52.65
CA LEU OE 802 78.60 40.67 51.68
C LEU OE 802 77.18 40.30 51.31
N THR OE 803 76.28 40.28 52.29
CA THR OE 803 74.89 39.92 52.01
C THR OE 803 74.29 40.86 50.98
N ALA OE 804 74.43 42.16 51.19
CA ALA OE 804 73.96 43.12 50.19
C ALA OE 804 74.76 43.00 48.90
N ALA OE 805 76.07 42.76 49.02
CA ALA OE 805 76.88 42.56 47.83
C ALA OE 805 76.41 41.36 47.03
N THR OE 806 76.20 40.23 47.69
CA THR OE 806 75.61 39.08 47.01
C THR OE 806 74.23 39.41 46.49
N GLN OE 807 73.47 40.21 47.24
CA GLN OE 807 72.17 40.67 46.75
C GLN OE 807 72.33 41.52 45.50
N LEU OE 808 73.33 42.40 45.49
CA LEU OE 808 73.46 43.37 44.41
C LEU OE 808 73.81 42.70 43.08
N VAL OE 809 74.75 41.75 43.10
CA VAL OE 809 75.27 41.20 41.85
C VAL OE 809 74.17 40.49 41.08
N GLN OE 810 73.44 39.60 41.74
CA GLN OE 810 72.33 38.92 41.07
C GLN OE 810 71.20 39.88 40.72
N ASP OE 811 71.17 41.05 41.34
CA ASP OE 811 70.18 42.07 40.99
C ASP OE 811 70.61 42.91 39.79
N TRP OE 812 71.78 42.66 39.22
CA TRP OE 812 72.21 43.32 38.00
C TRP OE 812 72.32 42.37 36.82
N LYS OE 813 72.63 41.10 37.07
CA LYS OE 813 72.80 40.15 35.96
C LYS OE 813 71.49 39.95 35.21
N GLN OE 814 70.38 39.84 35.94
CA GLN OE 814 69.10 39.54 35.33
C GLN OE 814 68.69 40.65 34.36
N VAL OE 815 67.99 40.23 33.30
CA VAL OE 815 67.50 41.16 32.29
C VAL OE 815 66.34 40.51 31.55
N GLU OE 816 65.24 41.25 31.39
CA GLU OE 816 64.08 40.73 30.70
C GLU OE 816 64.16 41.05 29.21
N THR OE 817 63.34 40.35 28.44
CA THR OE 817 63.28 40.57 27.00
C THR OE 817 62.43 41.78 26.66
N GLN OE 818 62.10 41.95 25.38
CA GLN OE 818 61.22 43.00 24.93
C GLN OE 818 59.80 42.47 24.79
N VAL OE 819 58.87 43.35 24.43
CA VAL OE 819 57.48 42.98 24.22
C VAL OE 819 57.02 43.59 22.90
N TYR OE 820 56.60 42.73 21.97
CA TYR OE 820 56.11 43.15 20.66
C TYR OE 820 54.62 42.83 20.58
N THR OE 821 53.80 43.85 20.38
CA THR OE 821 52.36 43.70 20.33
C THR OE 821 51.83 44.32 19.04
N GLU OE 822 51.00 43.57 18.33
CA GLU OE 822 50.34 44.03 17.13
C GLU OE 822 48.83 43.94 17.33
N GLY OE 823 48.12 45.02 17.00
CA GLY OE 823 46.68 45.02 17.11
C GLY OE 823 46.00 45.60 15.90
N THR OE 824 45.18 44.80 15.23
CA THR OE 824 44.46 45.25 14.05
C THR OE 824 42.94 45.14 14.26
N UNK PE 1 47.19 112.36 -48.42
CA UNK PE 1 47.38 112.70 -49.82
C UNK PE 1 48.00 114.08 -49.98
N UNK PE 2 47.16 115.11 -49.90
CA UNK PE 2 47.53 116.52 -49.92
C UNK PE 2 48.13 116.97 -51.24
N UNK PE 3 48.19 116.10 -52.24
CA UNK PE 3 48.74 116.46 -53.54
C UNK PE 3 48.37 115.38 -54.55
N UNK PE 4 48.16 115.81 -55.79
CA UNK PE 4 47.80 114.90 -56.87
C UNK PE 4 49.02 114.46 -57.68
N UNK PE 5 49.74 115.41 -58.28
CA UNK PE 5 50.89 115.12 -59.13
C UNK PE 5 52.14 115.66 -58.46
N UNK PE 6 52.85 114.80 -57.74
CA UNK PE 6 54.06 115.22 -57.06
C UNK PE 6 55.11 115.68 -58.07
N UNK PE 7 55.72 116.83 -57.78
CA UNK PE 7 56.72 117.39 -58.68
C UNK PE 7 57.96 116.52 -58.71
N UNK PE 8 58.70 116.61 -59.81
CA UNK PE 8 59.95 115.91 -59.98
C UNK PE 8 61.00 116.92 -60.44
N UNK PE 9 61.66 117.55 -59.48
CA UNK PE 9 62.71 118.53 -59.74
C UNK PE 9 62.23 119.65 -60.65
N UNK QE 1 33.03 73.99 84.68
CA UNK QE 1 32.47 73.42 83.46
C UNK QE 1 33.16 74.00 82.23
N UNK QE 2 32.50 74.95 81.58
CA UNK QE 2 33.02 75.60 80.39
C UNK QE 2 33.50 77.00 80.74
N UNK QE 3 34.71 77.34 80.28
CA UNK QE 3 35.34 78.63 80.59
C UNK QE 3 35.95 79.21 79.33
N UNK QE 4 35.22 80.11 78.67
CA UNK QE 4 35.71 80.72 77.43
C UNK QE 4 36.95 81.57 77.70
N UNK QE 5 36.97 82.28 78.84
CA UNK QE 5 38.16 83.06 79.18
C UNK QE 5 39.36 82.15 79.39
N UNK QE 6 39.16 81.00 80.04
CA UNK QE 6 40.25 80.06 80.20
C UNK QE 6 40.72 79.52 78.85
N UNK QE 7 39.78 79.26 77.94
CA UNK QE 7 40.16 78.80 76.60
C UNK QE 7 40.98 79.86 75.88
N UNK QE 8 40.58 81.13 75.98
CA UNK QE 8 41.33 82.21 75.36
C UNK QE 8 42.72 82.34 75.97
N UNK QE 9 42.82 82.21 77.29
CA UNK QE 9 44.11 82.26 77.95
C UNK QE 9 45.00 81.11 77.51
N UNK QE 10 44.43 79.92 77.34
CA UNK QE 10 45.20 78.79 76.83
C UNK QE 10 45.69 79.06 75.40
N UNK QE 11 44.82 79.64 74.57
CA UNK QE 11 45.23 79.97 73.20
C UNK QE 11 46.37 80.97 73.20
N UNK QE 12 46.29 81.98 74.08
CA UNK QE 12 47.36 82.97 74.16
C UNK QE 12 48.66 82.33 74.66
N UNK QE 13 48.57 81.44 75.65
CA UNK QE 13 49.77 80.82 76.19
C UNK QE 13 50.40 79.85 75.20
N UNK QE 14 49.59 79.27 74.31
CA UNK QE 14 50.13 78.36 73.30
C UNK QE 14 50.62 79.09 72.05
N UNK QE 15 50.11 80.30 71.78
CA UNK QE 15 50.54 81.04 70.60
C UNK QE 15 52.01 81.42 70.66
N UNK QE 16 52.54 81.71 71.85
CA UNK QE 16 53.95 82.07 72.01
C UNK QE 16 54.76 80.77 72.07
N UNK QE 17 54.93 80.16 70.89
CA UNK QE 17 55.67 78.90 70.81
C UNK QE 17 57.11 79.08 71.28
N UNK QE 18 57.81 80.06 70.71
CA UNK QE 18 59.17 80.41 71.12
C UNK QE 18 60.10 79.18 71.12
N UNK QE 19 59.92 78.33 70.11
CA UNK QE 19 60.72 77.11 70.01
C UNK QE 19 60.84 76.73 68.55
N UNK QE 20 62.07 76.52 68.09
CA UNK QE 20 62.33 76.12 66.71
C UNK QE 20 63.55 75.20 66.69
N UNK QE 21 63.38 74.02 66.09
CA UNK QE 21 64.49 73.06 65.97
C UNK QE 21 64.28 72.31 64.67
N UNK QE 22 64.92 72.78 63.60
CA UNK QE 22 64.84 72.15 62.30
C UNK QE 22 66.24 71.90 61.76
N UNK QE 23 66.44 70.72 61.18
CA UNK QE 23 67.71 70.35 60.57
C UNK QE 23 67.49 70.20 59.07
N UNK QE 24 67.91 71.19 58.30
CA UNK QE 24 67.83 71.11 56.85
C UNK QE 24 68.62 69.91 56.35
N UNK QE 25 68.01 69.12 55.48
CA UNK QE 25 68.63 67.92 54.93
C UNK QE 25 69.01 68.19 53.48
N UNK QE 26 70.30 68.03 53.17
CA UNK QE 26 70.78 68.18 51.81
C UNK QE 26 70.55 66.89 51.02
N UNK QE 27 70.89 66.93 49.73
CA UNK QE 27 70.77 65.73 48.91
C UNK QE 27 71.79 64.67 49.34
N UNK QE 28 72.94 65.09 49.87
CA UNK QE 28 73.97 64.17 50.35
C UNK QE 28 73.78 63.80 51.81
N UNK QE 29 72.55 63.86 52.31
CA UNK QE 29 72.21 63.53 53.70
C UNK QE 29 72.91 64.43 54.71
N UNK QE 30 73.46 65.55 54.25
CA UNK QE 30 74.09 66.49 55.16
C UNK QE 30 73.03 67.20 56.00
N UNK QE 31 73.31 67.36 57.28
CA UNK QE 31 72.37 67.97 58.22
C UNK QE 31 72.88 69.35 58.62
N UNK QE 32 72.02 70.35 58.49
CA UNK QE 32 72.31 71.73 58.90
C UNK QE 32 71.23 72.11 59.90
N UNK QE 33 71.54 71.97 61.19
CA UNK QE 33 70.56 72.20 62.25
C UNK QE 33 70.58 73.64 62.70
N UNK QE 34 69.41 74.18 63.01
CA UNK QE 34 69.27 75.54 63.50
C UNK QE 34 68.94 75.54 64.99
N UNK QE 35 69.44 76.56 65.69
CA UNK QE 35 69.21 76.68 67.12
C UNK QE 35 67.77 77.13 67.38
N UNK QE 36 67.46 77.35 68.66
CA UNK QE 36 66.12 77.77 69.04
C UNK QE 36 65.83 79.17 68.51
N UNK QE 37 64.60 79.36 68.03
CA UNK QE 37 64.18 80.64 67.46
C UNK QE 37 62.74 80.91 67.89
N UNK QE 38 62.11 81.88 67.24
CA UNK QE 38 60.74 82.31 67.54
C UNK QE 38 60.60 82.73 69.00
N UNK QE 39 63.51 69.00 49.55
CA UNK QE 39 64.10 68.35 50.71
C UNK QE 39 64.95 69.33 51.51
N UNK QE 40 65.15 70.53 50.96
CA UNK QE 40 65.99 71.51 51.62
C UNK QE 40 65.40 71.92 52.96
N UNK QE 41 64.09 72.10 53.03
CA UNK QE 41 63.44 72.50 54.28
C UNK QE 41 61.97 72.13 54.21
N UNK QE 42 61.45 71.57 55.31
CA UNK QE 42 60.05 71.23 55.44
C UNK QE 42 59.51 71.77 56.75
N UNK QE 43 58.21 72.10 56.75
CA UNK QE 43 57.60 72.62 57.97
C UNK QE 43 57.64 71.60 59.11
N UNK QE 44 57.40 70.33 58.80
CA UNK QE 44 57.55 69.28 59.80
C UNK QE 44 58.96 69.20 60.36
N UNK QE 45 59.96 69.71 59.63
CA UNK QE 45 61.30 69.80 60.19
C UNK QE 45 61.33 70.71 61.41
N UNK QE 46 60.61 71.83 61.35
CA UNK QE 46 60.52 72.72 62.50
C UNK QE 46 59.66 72.09 63.59
N UNK QE 47 60.06 72.33 64.84
CA UNK QE 47 59.36 71.79 66.00
C UNK QE 47 59.19 72.89 67.04
N UNK QE 48 58.15 72.73 67.87
CA UNK QE 48 57.87 73.70 68.93
C UNK QE 48 57.16 73.03 70.10
N LYS RE 24 20.02 127.76 -56.72
CA LYS RE 24 18.61 127.45 -56.89
C LYS RE 24 18.08 126.68 -55.69
N PHE RE 25 18.44 125.40 -55.60
CA PHE RE 25 18.04 124.55 -54.49
C PHE RE 25 19.17 124.44 -53.48
N LYS RE 26 18.83 124.54 -52.20
CA LYS RE 26 19.76 124.38 -51.11
C LYS RE 26 19.22 123.32 -50.16
N LYS RE 27 20.03 122.38 -49.81
CA LYS RE 27 19.39 121.37 -48.99
C LYS RE 27 19.84 121.48 -47.53
N PRO RE 28 18.96 121.14 -46.59
CA PRO RE 28 19.36 121.10 -45.19
C PRO RE 28 20.30 119.94 -44.94
N PRO RE 29 21.07 119.97 -43.85
CA PRO RE 29 21.96 118.84 -43.55
C PRO RE 29 21.18 117.55 -43.44
N ILE RE 30 21.84 116.45 -43.84
CA ILE RE 30 21.15 115.18 -44.03
C ILE RE 30 20.54 114.70 -42.72
N ASN RE 31 21.37 114.47 -41.70
CA ASN RE 31 20.89 113.92 -40.44
C ASN RE 31 20.59 115.04 -39.44
N ASN RE 32 19.71 115.93 -39.87
CA ASN RE 32 19.26 117.00 -39.00
C ASN RE 32 18.43 116.43 -37.86
N PRO RE 33 18.78 116.74 -36.62
CA PRO RE 33 17.89 116.35 -35.50
C PRO RE 33 16.59 117.12 -35.57
N SER RE 34 15.69 116.70 -36.46
CA SER RE 34 14.45 117.42 -36.71
C SER RE 34 13.31 116.96 -35.82
N ASP RE 35 13.61 116.38 -34.67
CA ASP RE 35 12.58 115.92 -33.75
C ASP RE 35 12.92 116.35 -32.34
N ASP RE 36 11.88 116.50 -31.52
CA ASP RE 36 12.06 116.87 -30.13
C ASP RE 36 12.94 115.87 -29.39
N ALA RE 37 12.67 114.58 -29.57
CA ALA RE 37 13.50 113.56 -28.93
C ALA RE 37 14.94 113.67 -29.41
N THR RE 38 15.13 113.87 -30.72
CA THR RE 38 16.48 113.96 -31.26
C THR RE 38 17.23 115.13 -30.64
N ILE RE 39 16.59 116.29 -30.57
CA ILE RE 39 17.28 117.47 -30.05
C ILE RE 39 17.57 117.30 -28.57
N LYS RE 40 16.65 116.70 -27.81
CA LYS RE 40 16.90 116.47 -26.41
C LYS RE 40 18.09 115.53 -26.22
N LEU RE 41 18.12 114.45 -27.00
CA LEU RE 41 19.23 113.50 -26.90
C LEU RE 41 20.56 114.17 -27.24
N ALA RE 42 20.57 114.97 -28.31
CA ALA RE 42 21.81 115.62 -28.71
C ALA RE 42 22.27 116.63 -27.66
N GLU RE 43 21.34 117.37 -27.08
CA GLU RE 43 21.69 118.31 -26.02
C GLU RE 43 22.28 117.57 -24.84
N ALA RE 44 21.67 116.46 -24.44
CA ALA RE 44 22.20 115.67 -23.34
C ALA RE 44 23.60 115.17 -23.65
N ALA RE 45 23.81 114.74 -24.90
CA ALA RE 45 25.13 114.25 -25.29
C ALA RE 45 26.17 115.35 -25.18
N VAL RE 46 25.83 116.55 -25.66
CA VAL RE 46 26.75 117.67 -25.57
C VAL RE 46 27.09 117.96 -24.11
N SER RE 47 26.05 117.98 -23.27
CA SER RE 47 26.27 118.28 -21.86
C SER RE 47 27.19 117.27 -21.21
N VAL RE 48 26.92 115.98 -21.39
CA VAL RE 48 27.74 114.97 -20.74
C VAL RE 48 29.15 114.97 -21.30
N SER RE 49 29.30 115.25 -22.60
CA SER RE 49 30.62 115.31 -23.19
C SER RE 49 31.46 116.41 -22.56
N ASP RE 50 30.89 117.62 -22.45
CA ASP RE 50 31.66 118.70 -21.86
C ASP RE 50 31.91 118.45 -20.38
N SER RE 51 30.96 117.84 -19.68
CA SER RE 51 31.17 117.54 -18.27
C SER RE 51 32.32 116.56 -18.08
N MET RE 52 32.35 115.51 -18.91
CA MET RE 52 33.43 114.54 -18.82
C MET RE 52 34.77 115.17 -19.19
N LEU RE 53 34.75 116.08 -20.17
CA LEU RE 53 35.97 116.80 -20.51
C LEU RE 53 36.47 117.60 -19.33
N GLU RE 54 35.56 118.29 -18.64
CA GLU RE 54 35.94 119.03 -17.44
C GLU RE 54 36.53 118.12 -16.40
N MET RE 55 35.87 116.97 -16.17
CA MET RE 55 36.35 116.02 -15.18
C MET RE 55 37.77 115.56 -15.51
N ALA RE 56 38.00 115.16 -16.76
CA ALA RE 56 39.32 114.68 -17.14
C ALA RE 56 40.36 115.77 -17.03
N LYS RE 57 40.03 116.99 -17.48
CA LYS RE 57 40.99 118.08 -17.47
C LYS RE 57 41.41 118.42 -16.04
N VAL RE 58 40.44 118.49 -15.13
CA VAL RE 58 40.80 118.77 -13.74
C VAL RE 58 41.53 117.59 -13.14
N GLU RE 59 41.24 116.36 -13.60
CA GLU RE 59 41.84 115.19 -13.00
C GLU RE 59 43.31 115.04 -13.36
N LYS RE 60 43.65 115.22 -14.63
CA LYS RE 60 44.98 114.85 -15.10
C LYS RE 60 46.06 115.65 -14.38
N VAL RE 61 47.17 114.98 -14.10
CA VAL RE 61 48.34 115.58 -13.46
C VAL RE 61 49.45 115.65 -14.50
N ILE RE 62 50.02 116.84 -14.67
CA ILE RE 62 51.06 117.08 -15.67
C ILE RE 62 52.25 117.72 -14.99
N THR RE 63 53.40 117.61 -15.65
CA THR RE 63 54.63 118.21 -15.15
C THR RE 63 55.20 119.18 -16.19
N PRO RE 64 55.75 120.31 -15.76
CA PRO RE 64 56.29 121.27 -16.71
C PRO RE 64 57.55 120.72 -17.36
N PRO RE 65 57.85 121.13 -18.59
CA PRO RE 65 59.11 120.72 -19.22
C PRO RE 65 60.34 121.25 -18.50
N SER RE 66 60.18 122.29 -17.67
CA SER RE 66 61.31 122.87 -16.98
C SER RE 66 61.97 121.90 -16.01
N LYS RE 67 61.24 120.89 -15.53
CA LYS RE 67 61.79 120.02 -14.49
C LYS RE 67 61.47 118.55 -14.75
N ASP RE 68 61.30 118.16 -16.01
CA ASP RE 68 61.12 116.75 -16.32
C ASP RE 68 62.48 116.06 -16.41
N ASN RE 69 62.54 114.84 -15.91
CA ASN RE 69 63.78 114.07 -15.90
C ASN RE 69 63.88 113.18 -17.15
N THR RE 70 63.95 113.84 -18.31
CA THR RE 70 64.10 113.17 -19.59
C THR RE 70 65.35 113.70 -20.29
N LEU RE 71 66.09 112.80 -20.91
CA LEU RE 71 67.30 113.20 -21.62
C LEU RE 71 66.95 113.92 -22.92
N THR RE 72 67.60 115.04 -23.15
CA THR RE 72 67.46 115.76 -24.41
C THR RE 72 68.52 115.28 -25.40
N ILE RE 73 68.34 115.65 -26.67
CA ILE RE 73 69.28 115.26 -27.71
C ILE RE 73 70.63 115.93 -27.44
N PRO RE 74 71.71 115.14 -27.32
CA PRO RE 74 73.02 115.75 -27.06
C PRO RE 74 73.59 116.54 -28.21
N ASN RE 75 73.01 116.43 -29.41
CA ASN RE 75 73.50 117.13 -30.60
C ASN RE 75 74.95 116.73 -30.89
N ALA RE 76 75.11 115.45 -31.23
CA ALA RE 76 76.39 114.89 -31.59
C ALA RE 76 76.37 114.43 -33.06
N TYR RE 77 77.45 114.74 -33.77
CA TYR RE 77 77.50 114.42 -35.19
C TYR RE 77 77.46 112.92 -35.43
N ASN RE 78 78.18 112.15 -34.63
CA ASN RE 78 78.05 110.69 -34.72
C ASN RE 78 76.65 110.24 -34.34
N LEU RE 79 76.09 110.82 -33.28
CA LEU RE 79 74.80 110.37 -32.78
C LEU RE 79 73.66 110.60 -33.76
N GLN RE 80 73.75 111.64 -34.59
CA GLN RE 80 72.67 111.93 -35.51
C GLN RE 80 72.54 110.91 -36.64
N ALA RE 81 73.33 109.84 -36.62
CA ALA RE 81 73.29 108.85 -37.68
C ALA RE 81 72.00 108.02 -37.59
N ARG RE 82 71.89 107.03 -38.47
CA ARG RE 82 70.70 106.19 -38.58
C ARG RE 82 71.09 104.73 -38.43
N ALA RE 83 70.14 103.93 -37.97
CA ALA RE 83 70.35 102.51 -37.74
C ALA RE 83 68.99 101.82 -37.67
N SER RE 84 69.01 100.54 -37.30
CA SER RE 84 67.78 99.76 -37.13
C SER RE 84 68.10 98.61 -36.18
N VAL RE 85 67.32 98.50 -35.11
CA VAL RE 85 67.62 97.54 -34.05
C VAL RE 85 66.33 96.87 -33.58
N ASP RE 86 66.36 95.55 -33.48
CA ASP RE 86 65.35 94.78 -32.77
C ASP RE 86 66.06 94.04 -31.64
N TRP RE 87 65.67 94.35 -30.40
CA TRP RE 87 66.41 93.83 -29.26
C TRP RE 87 65.52 93.78 -28.03
N SER RE 88 65.81 92.83 -27.15
CA SER RE 88 65.25 92.79 -25.82
C SER RE 88 66.28 92.15 -24.89
N GLY RE 89 66.22 92.54 -23.62
CA GLY RE 89 67.09 91.96 -22.62
C GLY RE 89 67.82 92.99 -21.79
N PRO RE 90 69.07 92.71 -21.46
CA PRO RE 90 69.85 93.65 -20.64
C PRO RE 90 70.09 94.96 -21.35
N ILE RE 91 70.29 96.01 -20.56
CA ILE RE 91 70.41 97.36 -21.06
C ILE RE 91 71.86 97.77 -21.25
N GLU RE 92 72.74 97.36 -20.34
CA GLU RE 92 74.14 97.78 -20.41
C GLU RE 92 74.82 97.21 -21.66
N GLU RE 93 74.50 95.96 -22.01
CA GLU RE 93 75.09 95.38 -23.21
C GLU RE 93 74.66 96.14 -24.46
N LEU RE 94 73.36 96.46 -24.55
CA LEU RE 94 72.86 97.19 -25.71
C LEU RE 94 73.49 98.58 -25.78
N THR RE 95 73.59 99.27 -24.65
CA THR RE 95 74.17 100.60 -24.69
C THR RE 95 75.66 100.56 -24.99
N ALA RE 96 76.35 99.50 -24.57
CA ALA RE 96 77.75 99.35 -24.95
C ALA RE 96 77.88 99.14 -26.45
N ARG RE 97 76.98 98.35 -27.03
CA ARG RE 97 76.98 98.19 -28.48
C ARG RE 97 76.74 99.53 -29.18
N ILE RE 98 75.79 100.32 -28.67
CA ILE RE 98 75.52 101.62 -29.26
C ILE RE 98 76.74 102.53 -29.14
N ALA RE 99 77.42 102.47 -28.00
CA ALA RE 99 78.64 103.25 -27.82
C ALA RE 99 79.71 102.85 -28.81
N LYS RE 100 79.85 101.54 -29.04
CA LYS RE 100 80.79 101.08 -30.06
C LYS RE 100 80.41 101.62 -31.43
N ALA RE 101 79.12 101.65 -31.73
CA ALA RE 101 78.68 102.23 -33.00
C ALA RE 101 79.04 103.70 -33.08
N ALA RE 102 78.87 104.43 -31.99
CA ALA RE 102 79.07 105.87 -31.98
C ALA RE 102 80.52 106.29 -31.75
N HIS RE 103 81.42 105.33 -31.53
CA HIS RE 103 82.83 105.60 -31.28
C HIS RE 103 83.01 106.46 -30.01
N PHE RE 104 82.29 106.11 -28.96
CA PHE RE 104 82.40 106.78 -27.67
C PHE RE 104 82.75 105.76 -26.59
N ARG RE 105 83.67 106.13 -25.71
CA ARG RE 105 84.03 105.25 -24.62
C ARG RE 105 82.85 105.13 -23.66
N PHE RE 106 82.58 103.90 -23.22
CA PHE RE 106 81.41 103.60 -22.41
C PHE RE 106 81.85 103.20 -21.01
N ARG RE 107 81.22 103.79 -20.01
CA ARG RE 107 81.56 103.50 -18.62
C ARG RE 107 80.29 103.36 -17.81
N VAL RE 108 80.40 102.69 -16.66
CA VAL RE 108 79.28 102.44 -15.77
C VAL RE 108 79.68 102.81 -14.35
N LEU RE 109 78.83 103.58 -13.68
CA LEU RE 109 78.96 103.86 -12.26
C LEU RE 109 77.82 103.19 -11.52
N GLY RE 110 78.17 102.45 -10.48
CA GLY RE 110 77.21 101.66 -9.72
C GLY RE 110 77.38 100.18 -9.97
N LYS RE 111 76.57 99.40 -9.27
CA LYS RE 111 76.59 97.95 -9.36
C LYS RE 111 75.30 97.45 -9.98
N SER RE 112 75.41 96.44 -10.83
CA SER RE 112 74.22 95.85 -11.41
C SER RE 112 73.40 95.14 -10.33
N PRO RE 113 72.08 95.21 -10.39
CA PRO RE 113 71.27 94.53 -9.37
C PRO RE 113 71.22 93.04 -9.58
N SER RE 114 70.44 92.35 -8.75
CA SER RE 114 70.26 90.91 -8.92
C SER RE 114 69.46 90.64 -10.19
N VAL RE 115 68.23 91.13 -10.23
CA VAL RE 115 67.42 91.05 -11.44
C VAL RE 115 67.85 92.20 -12.35
N PRO RE 116 68.28 91.92 -13.57
CA PRO RE 116 68.74 92.99 -14.46
C PRO RE 116 67.58 93.86 -14.93
N VAL RE 117 67.90 94.94 -15.64
CA VAL RE 117 66.90 95.82 -16.22
C VAL RE 117 66.56 95.34 -17.61
N LEU RE 118 65.27 95.18 -17.89
CA LEU RE 118 64.81 94.62 -19.15
C LEU RE 118 64.11 95.68 -19.98
N ILE RE 119 64.57 95.86 -21.22
CA ILE RE 119 63.94 96.75 -22.18
C ILE RE 119 63.87 96.06 -23.53
N SER RE 120 62.97 96.53 -24.37
CA SER RE 120 62.77 95.94 -25.69
C SER RE 120 62.44 97.04 -26.67
N ILE RE 121 63.18 97.10 -27.78
CA ILE RE 121 62.96 98.09 -28.82
C ILE RE 121 63.06 97.41 -30.17
N SER RE 122 62.05 97.62 -31.02
CA SER RE 122 62.05 97.11 -32.39
C SER RE 122 61.76 98.29 -33.30
N THR RE 123 62.82 98.89 -33.85
CA THR RE 123 62.69 100.06 -34.69
C THR RE 123 63.54 99.89 -35.93
N LYS RE 124 63.05 100.45 -37.04
CA LYS RE 124 63.70 100.30 -38.33
C LYS RE 124 64.52 101.51 -38.74
N ASP RE 125 64.29 102.67 -38.13
CA ASP RE 125 65.08 103.85 -38.42
C ASP RE 125 64.84 104.90 -37.33
N GLU RE 126 65.93 105.46 -36.82
CA GLU RE 126 65.88 106.51 -35.82
C GLU RE 126 67.27 107.03 -35.57
N SER RE 127 67.36 108.32 -35.27
CA SER RE 127 68.62 108.90 -34.83
C SER RE 127 69.01 108.32 -33.48
N LEU RE 128 70.30 108.02 -33.33
CA LEU RE 128 70.77 107.39 -32.11
C LEU RE 128 70.54 108.26 -30.89
N ALA RE 129 70.51 109.59 -31.07
CA ALA RE 129 70.22 110.46 -29.94
C ALA RE 129 68.82 110.18 -29.39
N GLU RE 130 67.82 110.15 -30.26
CA GLU RE 130 66.47 109.83 -29.80
C GLU RE 130 66.38 108.38 -29.33
N ILE RE 131 67.17 107.49 -29.92
CA ILE RE 131 67.22 106.11 -29.41
C ILE RE 131 67.64 106.11 -27.95
N LEU RE 132 68.71 106.85 -27.63
CA LEU RE 132 69.18 106.95 -26.25
C LEU RE 132 68.15 107.63 -25.37
N ARG RE 133 67.45 108.62 -25.91
CA ARG RE 133 66.40 109.29 -25.14
C ARG RE 133 65.31 108.31 -24.74
N ASP RE 134 64.85 107.51 -25.70
CA ASP RE 134 63.84 106.50 -25.40
C ASP RE 134 64.39 105.47 -24.43
N ILE RE 135 65.67 105.12 -24.57
CA ILE RE 135 66.31 104.20 -23.64
C ILE RE 135 66.23 104.76 -22.22
N ASP RE 136 66.56 106.03 -22.06
CA ASP RE 136 66.50 106.66 -20.75
C ASP RE 136 65.08 106.67 -20.19
N TYR RE 137 64.12 107.01 -21.05
CA TYR RE 137 62.73 107.06 -20.57
C TYR RE 137 62.26 105.69 -20.12
N GLN RE 138 62.59 104.64 -20.87
CA GLN RE 138 62.19 103.30 -20.48
C GLN RE 138 63.01 102.78 -19.31
N ALA RE 139 64.17 103.38 -19.03
CA ALA RE 139 64.94 103.00 -17.87
C ALA RE 139 64.26 103.36 -16.57
N GLY RE 140 63.21 104.18 -16.60
CA GLY RE 140 62.50 104.56 -15.40
C GLY RE 140 63.33 105.43 -14.48
N LYS RE 141 63.62 104.92 -13.28
CA LYS RE 141 64.37 105.68 -12.28
C LYS RE 141 65.65 105.02 -11.84
N LYS RE 142 65.71 103.68 -11.82
CA LYS RE 142 66.87 103.00 -11.28
C LYS RE 142 68.13 103.26 -12.09
N ALA RE 143 68.01 103.71 -13.33
CA ALA RE 143 69.16 103.94 -14.18
C ALA RE 143 69.04 105.27 -14.89
N SER RE 144 70.19 105.83 -15.26
CA SER RE 144 70.25 107.05 -16.06
C SER RE 144 71.45 106.98 -16.97
N ILE RE 145 71.47 107.82 -17.97
CA ILE RE 145 72.55 107.84 -18.95
C ILE RE 145 72.97 109.28 -19.23
N HIS RE 146 74.26 109.50 -19.34
CA HIS RE 146 74.81 110.82 -19.61
C HIS RE 146 75.78 110.75 -20.79
N VAL RE 147 75.74 111.80 -21.61
CA VAL RE 147 76.56 111.90 -22.82
C VAL RE 147 77.43 113.14 -22.70
N TYR RE 148 78.72 112.99 -22.97
CA TYR RE 148 79.64 114.12 -22.97
C TYR RE 148 80.45 114.10 -24.25
N PRO RE 149 80.36 115.14 -25.08
CA PRO RE 149 81.08 115.14 -26.36
C PRO RE 149 82.42 115.86 -26.30
N ASN RE 150 82.68 116.60 -25.22
CA ASN RE 150 84.01 117.19 -25.06
C ASN RE 150 85.05 116.11 -24.81
N SER RE 151 84.77 115.20 -23.90
CA SER RE 151 85.48 113.94 -23.77
C SER RE 151 84.50 112.84 -24.14
N GLN RE 152 84.79 112.12 -25.22
CA GLN RE 152 83.77 111.34 -25.93
C GLN RE 152 83.35 110.16 -25.07
N VAL RE 153 82.46 110.44 -24.12
CA VAL RE 153 82.11 109.44 -23.12
C VAL RE 153 80.60 109.31 -22.99
N VAL RE 154 80.16 108.08 -22.76
CA VAL RE 154 78.78 107.77 -22.40
C VAL RE 154 78.80 106.99 -21.10
N GLU RE 155 78.00 107.43 -20.14
CA GLU RE 155 78.05 106.89 -18.78
C GLU RE 155 76.68 106.38 -18.39
N LEU RE 156 76.65 105.17 -17.83
CA LEU RE 156 75.45 104.58 -17.26
C LEU RE 156 75.52 104.68 -15.74
N ARG RE 157 74.60 105.43 -15.15
CA ARG RE 157 74.59 105.73 -13.73
C ARG RE 157 73.50 104.92 -13.05
N TYR RE 158 73.86 104.20 -11.99
CA TYR RE 158 72.89 103.43 -11.22
C TYR RE 158 72.34 104.27 -10.07
N ALA RE 159 71.19 103.82 -9.56
CA ALA RE 159 70.59 104.44 -8.39
C ALA RE 159 71.16 103.81 -7.12
N LYS RE 160 70.55 104.13 -5.98
CA LYS RE 160 71.02 103.60 -4.71
C LYS RE 160 69.87 103.00 -3.91
N ILE SE 208 51.28 144.42 -6.23
CA ILE SE 208 49.92 143.97 -6.46
C ILE SE 208 49.76 143.44 -7.88
N ILE SE 209 48.53 143.51 -8.41
CA ILE SE 209 48.20 142.97 -9.72
C ILE SE 209 47.81 144.12 -10.63
N TYR SE 210 48.29 144.08 -11.87
CA TYR SE 210 48.01 145.11 -12.85
C TYR SE 210 47.55 144.49 -14.16
N TYR SE 211 46.55 145.12 -14.78
CA TYR SE 211 46.13 144.82 -16.13
C TYR SE 211 46.34 146.06 -16.99
N ILE SE 212 46.35 145.86 -18.31
CA ILE SE 212 46.57 146.94 -19.27
C ILE SE 212 45.26 147.25 -19.96
N GLN SE 213 44.87 148.53 -19.94
CA GLN SE 213 43.65 148.93 -20.63
C GLN SE 213 43.85 148.96 -22.14
N ALA SE 214 44.75 149.82 -22.61
CA ALA SE 214 44.99 150.00 -24.02
C ALA SE 214 46.49 150.04 -24.28
N VAL SE 215 46.87 149.72 -25.52
CA VAL SE 215 48.27 149.60 -25.90
C VAL SE 215 48.51 150.47 -27.13
N ILE SE 216 49.59 151.24 -27.10
CA ILE SE 216 50.03 152.03 -28.26
C ILE SE 216 51.53 151.85 -28.37
N PRO SE 217 52.12 151.97 -29.57
CA PRO SE 217 53.58 151.84 -29.68
C PRO SE 217 54.29 152.92 -28.85
N GLY SE 218 55.13 152.47 -27.93
CA GLY SE 218 55.95 153.39 -27.16
C GLY SE 218 55.52 153.56 -25.72
N ARG SE 219 54.20 153.69 -25.49
CA ARG SE 219 53.68 153.86 -24.15
C ARG SE 219 52.36 153.12 -24.02
N ALA SE 220 52.02 152.77 -22.79
CA ALA SE 220 50.80 152.02 -22.52
C ALA SE 220 50.07 152.66 -21.35
N TRP SE 221 48.84 152.20 -21.14
CA TRP SE 221 47.99 152.68 -20.06
C TRP SE 221 47.48 151.47 -19.30
N LEU SE 222 47.61 151.48 -17.97
CA LEU SE 222 47.30 150.31 -17.18
C LEU SE 222 46.59 150.71 -15.88
N ILE SE 223 45.90 149.74 -15.32
CA ILE SE 223 45.17 149.87 -14.07
C ILE SE 223 45.63 148.75 -13.14
N GLY SE 224 45.46 148.97 -11.83
CA GLY SE 224 45.84 148.02 -10.82
C GLY SE 224 44.64 147.38 -10.15
N SER SE 225 44.93 146.32 -9.38
CA SER SE 225 43.89 145.62 -8.63
C SER SE 225 43.29 146.47 -7.52
N ASN SE 226 43.91 147.59 -7.17
CA ASN SE 226 43.44 148.47 -6.12
C ASN SE 226 42.79 149.73 -6.67
N GLY SE 227 42.40 149.74 -7.94
CA GLY SE 227 41.86 150.94 -8.54
C GLY SE 227 42.86 152.06 -8.67
N SER SE 228 44.09 151.75 -9.07
CA SER SE 228 45.14 152.73 -9.27
C SER SE 228 45.49 152.82 -10.75
N THR SE 229 45.56 154.05 -11.25
CA THR SE 229 45.77 154.32 -12.67
C THR SE 229 47.24 154.67 -12.92
N LEU SE 230 47.74 154.28 -14.10
CA LEU SE 230 49.10 154.65 -14.45
C LEU SE 230 49.26 154.65 -15.97
N THR SE 231 50.16 155.50 -16.45
CA THR SE 231 50.59 155.51 -17.84
C THR SE 231 52.09 155.26 -17.87
N VAL SE 232 52.52 154.27 -18.65
CA VAL SE 232 53.85 153.70 -18.55
C VAL SE 232 54.61 153.94 -19.84
N ARG SE 233 55.83 154.47 -19.70
CA ARG SE 233 56.78 154.57 -20.80
C ARG SE 233 57.56 153.26 -20.90
N GLU SE 234 58.08 152.99 -22.11
CA GLU SE 234 58.82 151.74 -22.34
C GLU SE 234 59.97 151.59 -21.34
N GLY SE 235 60.77 152.65 -21.17
CA GLY SE 235 61.79 152.64 -20.15
C GLY SE 235 61.32 153.36 -18.90
N SER SE 236 60.90 152.61 -17.89
CA SER SE 236 60.32 153.21 -16.70
C SER SE 236 60.40 152.22 -15.55
N LYS SE 237 60.02 152.70 -14.36
CA LYS SE 237 60.03 151.89 -13.16
C LYS SE 237 58.59 151.63 -12.73
N ILE SE 238 58.28 150.37 -12.46
CA ILE SE 238 56.96 149.94 -12.01
C ILE SE 238 57.10 149.43 -10.58
N PRO SE 239 56.41 150.02 -9.61
CA PRO SE 239 56.46 149.48 -8.24
C PRO SE 239 55.92 148.05 -8.20
N GLY SE 240 56.58 147.22 -7.41
CA GLY SE 240 56.20 145.83 -7.26
C GLY SE 240 56.63 144.92 -8.38
N TYR SE 241 57.19 145.47 -9.47
CA TYR SE 241 57.63 144.66 -10.60
C TYR SE 241 59.02 145.00 -11.11
N GLY SE 242 59.57 146.18 -10.78
CA GLY SE 242 60.93 146.51 -11.15
C GLY SE 242 61.05 147.46 -12.31
N MET SE 243 61.73 147.03 -13.36
CA MET SE 243 62.03 147.87 -14.52
C MET SE 243 61.26 147.36 -15.73
N VAL SE 244 60.56 148.27 -16.41
CA VAL SE 244 59.89 147.95 -17.66
C VAL SE 244 60.96 147.85 -18.74
N LYS SE 245 61.14 146.65 -19.29
CA LYS SE 245 62.20 146.41 -20.25
C LYS SE 245 61.74 146.46 -21.69
N LEU SE 246 60.59 145.87 -22.01
CA LEU SE 246 60.15 145.79 -23.40
C LEU SE 246 58.64 145.98 -23.46
N ILE SE 247 58.19 146.89 -24.31
CA ILE SE 247 56.77 147.10 -24.59
C ILE SE 247 56.45 146.47 -25.92
N ASP SE 248 55.28 145.85 -26.00
CA ASP SE 248 54.81 145.20 -27.23
C ASP SE 248 53.62 145.98 -27.76
N SER SE 249 53.70 146.37 -29.04
CA SER SE 249 52.59 147.04 -29.68
C SER SE 249 51.65 146.07 -30.37
N LEU SE 250 52.18 145.00 -30.95
CA LEU SE 250 51.33 144.06 -31.67
C LEU SE 250 50.46 143.26 -30.72
N GLN SE 251 50.99 142.87 -29.56
CA GLN SE 251 50.23 142.16 -28.55
C GLN SE 251 50.53 142.79 -27.19
N GLY SE 252 49.98 142.16 -26.14
CA GLY SE 252 50.18 142.67 -24.79
C GLY SE 252 51.33 142.02 -24.06
N ARG SE 253 52.54 142.15 -24.58
CA ARG SE 253 53.72 141.61 -23.93
C ARG SE 253 54.49 142.74 -23.27
N ILE SE 254 54.36 142.85 -21.95
CA ILE SE 254 55.09 143.83 -21.16
C ILE SE 254 56.13 143.08 -20.33
N LEU SE 255 57.39 143.44 -20.49
CA LEU SE 255 58.50 142.70 -19.92
C LEU SE 255 59.05 143.45 -18.71
N THR SE 256 58.55 143.11 -17.52
CA THR SE 256 59.12 143.65 -16.31
C THR SE 256 60.50 143.05 -16.07
N SER SE 257 61.32 143.78 -15.30
CA SER SE 257 62.63 143.25 -14.94
C SER SE 257 62.51 141.97 -14.13
N SER SE 258 61.48 141.88 -13.29
CA SER SE 258 61.26 140.68 -12.49
C SER SE 258 60.84 139.49 -13.34
N GLY SE 259 60.28 139.73 -14.53
CA GLY SE 259 60.02 138.63 -15.44
C GLY SE 259 58.58 138.15 -15.52
N GLN SE 260 57.63 139.08 -15.59
CA GLN SE 260 56.23 138.72 -15.79
C GLN SE 260 55.63 139.63 -16.86
N VAL SE 261 54.56 139.15 -17.48
CA VAL SE 261 53.91 139.81 -18.59
C VAL SE 261 52.54 140.29 -18.16
N ILE SE 262 52.24 141.55 -18.44
CA ILE SE 262 50.96 142.16 -18.10
C ILE SE 262 50.05 142.12 -19.33
N LYS SE 263 48.83 141.63 -19.15
CA LYS SE 263 47.86 141.55 -20.24
C LYS SE 263 46.49 142.03 -19.79
N PHE SE 264 45.47 141.79 -20.60
CA PHE SE 264 44.12 142.19 -20.26
C PHE SE 264 43.53 141.26 -19.22
N SER SE 265 42.35 141.62 -18.73
CA SER SE 265 41.64 140.83 -17.74
C SER SE 265 40.60 139.93 -18.41
N GLN SE 266 40.34 138.80 -17.77
CA GLN SE 266 39.39 137.83 -18.31
C GLN SE 266 38.29 137.52 -17.30
N MET TE 23 37.80 110.50 -74.40
CA MET TE 23 37.47 110.98 -73.06
C MET TE 23 37.33 109.81 -72.09
N LYS TE 24 37.25 108.60 -72.63
CA LYS TE 24 37.15 107.42 -71.80
C LYS TE 24 38.45 107.21 -71.01
N PHE TE 25 38.31 106.64 -69.82
CA PHE TE 25 39.40 106.55 -68.87
C PHE TE 25 39.80 105.10 -68.64
N LYS TE 26 41.10 104.86 -68.64
CA LYS TE 26 41.64 103.53 -68.36
C LYS TE 26 42.97 103.69 -67.63
N LYS TE 27 43.11 102.99 -66.51
CA LYS TE 27 44.39 102.98 -65.82
C LYS TE 27 45.41 102.20 -66.64
N PRO TE 28 46.69 102.55 -66.53
CA PRO TE 28 47.69 102.00 -67.45
C PRO TE 28 47.83 100.50 -67.32
N PRO TE 29 48.20 99.94 -66.14
CA PRO TE 29 48.58 98.53 -66.11
C PRO TE 29 47.41 97.60 -66.37
N ILE TE 30 47.40 96.96 -67.54
CA ILE TE 30 46.32 96.06 -67.92
C ILE TE 30 46.92 94.80 -68.53
N ASN TE 31 46.98 93.72 -67.78
CA ASN TE 31 47.53 92.46 -68.26
C ASN TE 31 46.46 91.36 -68.17
N ASN TE 32 46.89 90.13 -68.43
CA ASN TE 32 45.99 88.99 -68.42
C ASN TE 32 45.53 88.69 -67.00
N PRO TE 33 44.41 88.00 -66.84
CA PRO TE 33 43.89 87.71 -65.50
C PRO TE 33 44.86 86.86 -64.68
N SER TE 34 44.53 86.71 -63.40
CA SER TE 34 45.38 86.06 -62.43
C SER TE 34 44.62 84.94 -61.73
N ASP TE 35 45.21 84.39 -60.67
CA ASP TE 35 44.57 83.33 -59.90
C ASP TE 35 44.88 83.51 -58.42
N ASP TE 36 43.87 83.17 -57.60
CA ASP TE 36 43.98 83.36 -56.16
C ASP TE 36 45.11 82.54 -55.57
N ALA TE 37 45.36 81.35 -56.11
CA ALA TE 37 46.45 80.53 -55.60
C ALA TE 37 47.79 81.24 -55.79
N THR TE 38 48.02 81.80 -56.98
CA THR TE 38 49.22 82.57 -57.22
C THR TE 38 49.26 83.80 -56.30
N ILE TE 39 48.10 84.41 -56.07
CA ILE TE 39 48.04 85.56 -55.17
C ILE TE 39 48.55 85.19 -53.79
N LYS TE 40 48.05 84.09 -53.25
CA LYS TE 40 48.45 83.66 -51.91
C LYS TE 40 49.92 83.24 -51.89
N LEU TE 41 50.39 82.64 -52.99
CA LEU TE 41 51.82 82.33 -53.09
C LEU TE 41 52.65 83.60 -52.93
N ALA TE 42 52.27 84.65 -53.64
CA ALA TE 42 52.97 85.92 -53.50
C ALA TE 42 52.86 86.47 -52.08
N GLU TE 43 51.68 86.31 -51.48
CA GLU TE 43 51.47 86.79 -50.11
C GLU TE 43 52.46 86.16 -49.16
N ALA TE 44 52.63 84.84 -49.26
CA ALA TE 44 53.63 84.17 -48.43
C ALA TE 44 55.03 84.61 -48.81
N ALA TE 45 55.28 84.75 -50.11
CA ALA TE 45 56.64 84.97 -50.60
C ALA TE 45 57.20 86.31 -50.10
N VAL TE 46 56.37 87.35 -50.09
CA VAL TE 46 56.87 88.65 -49.68
C VAL TE 46 57.31 88.61 -48.22
N SER TE 47 56.53 87.94 -47.36
CA SER TE 47 56.89 87.82 -45.96
C SER TE 47 58.17 87.02 -45.79
N VAL TE 48 58.29 85.91 -46.53
CA VAL TE 48 59.51 85.10 -46.44
C VAL TE 48 60.72 85.93 -46.86
N SER TE 49 60.57 86.71 -47.93
CA SER TE 49 61.67 87.55 -48.41
C SER TE 49 62.05 88.58 -47.36
N ASP TE 50 61.06 89.19 -46.72
CA ASP TE 50 61.36 90.16 -45.67
C ASP TE 50 62.15 89.53 -44.54
N SER TE 51 61.71 88.35 -44.09
CA SER TE 51 62.38 87.69 -42.99
C SER TE 51 63.82 87.35 -43.36
N MET TE 52 64.01 86.79 -44.56
CA MET TE 52 65.36 86.46 -45.00
C MET TE 52 66.23 87.70 -45.09
N LEU TE 53 65.66 88.80 -45.61
CA LEU TE 53 66.42 90.03 -45.76
C LEU TE 53 66.89 90.55 -44.41
N GLU TE 54 65.99 90.62 -43.43
CA GLU TE 54 66.38 91.14 -42.13
C GLU TE 54 67.39 90.23 -41.46
N MET TE 55 67.21 88.91 -41.59
CA MET TE 55 68.15 87.98 -40.97
C MET TE 55 69.54 88.14 -41.57
N ALA TE 56 69.61 88.22 -42.90
CA ALA TE 56 70.89 88.39 -43.56
C ALA TE 56 71.54 89.71 -43.15
N LYS TE 57 70.73 90.78 -43.05
CA LYS TE 57 71.26 92.05 -42.60
C LYS TE 57 71.90 91.94 -41.22
N VAL TE 58 71.18 91.34 -40.28
CA VAL TE 58 71.69 91.21 -38.92
C VAL TE 58 72.95 90.37 -38.90
N GLU TE 59 72.94 89.24 -39.62
CA GLU TE 59 74.10 88.37 -39.63
C GLU TE 59 75.32 89.07 -40.23
N LYS TE 60 75.11 89.80 -41.33
CA LYS TE 60 76.20 90.52 -41.96
C LYS TE 60 76.78 91.57 -41.04
N VAL TE 61 75.92 92.26 -40.29
CA VAL TE 61 76.41 93.25 -39.35
C VAL TE 61 77.23 92.58 -38.25
N ILE TE 62 76.68 91.53 -37.65
CA ILE TE 62 77.32 90.99 -36.45
C ILE TE 62 78.62 90.28 -36.80
N THR TE 63 78.65 89.51 -37.88
CA THR TE 63 79.85 88.80 -38.24
C THR TE 63 80.60 89.56 -39.32
N PRO TE 64 81.83 89.99 -39.06
CA PRO TE 64 82.58 90.77 -40.06
C PRO TE 64 83.15 89.86 -41.13
N PRO TE 65 82.77 90.05 -42.38
CA PRO TE 65 83.41 89.30 -43.47
C PRO TE 65 84.89 89.64 -43.56
N SER TE 66 85.69 88.63 -43.89
CA SER TE 66 87.15 88.77 -43.90
C SER TE 66 87.75 88.72 -45.29
N LYS TE 67 87.50 87.65 -46.04
CA LYS TE 67 88.16 87.43 -47.31
C LYS TE 67 87.14 87.19 -48.40
N ASP TE 68 87.65 87.00 -49.62
CA ASP TE 68 86.84 86.76 -50.80
C ASP TE 68 87.38 85.56 -51.56
N ASN TE 69 86.47 84.78 -52.15
CA ASN TE 69 86.87 83.55 -52.82
C ASN TE 69 87.71 83.81 -54.07
N THR TE 70 87.59 84.99 -54.68
CA THR TE 70 88.43 85.29 -55.84
C THR TE 70 89.91 85.27 -55.49
N LEU TE 71 90.25 85.45 -54.21
CA LEU TE 71 91.64 85.35 -53.79
C LEU TE 71 92.21 83.98 -54.13
N THR TE 72 91.50 82.92 -53.77
CA THR TE 72 91.94 81.57 -54.13
C THR TE 72 91.50 81.17 -55.52
N ILE TE 73 90.61 81.93 -56.15
CA ILE TE 73 90.16 81.61 -57.51
C ILE TE 73 90.42 82.81 -58.42
N PRO TE 74 91.65 83.00 -58.88
CA PRO TE 74 91.90 84.04 -59.87
C PRO TE 74 91.54 83.57 -61.26
N ASN TE 75 90.91 84.47 -62.01
CA ASN TE 75 90.52 84.16 -63.38
C ASN TE 75 91.70 84.34 -64.32
N ALA TE 76 91.65 83.63 -65.45
CA ALA TE 76 92.69 83.67 -66.46
C ALA TE 76 92.04 83.79 -67.83
N TYR TE 77 92.88 83.74 -68.87
CA TYR TE 77 92.38 83.77 -70.23
C TYR TE 77 91.58 82.49 -70.52
N ASN TE 78 90.99 82.45 -71.72
CA ASN TE 78 90.13 81.34 -72.17
C ASN TE 78 89.18 80.91 -71.07
N LEU TE 79 88.66 81.89 -70.34
CA LEU TE 79 87.74 81.65 -69.23
C LEU TE 79 86.55 82.60 -69.27
N GLN TE 80 86.36 83.30 -70.38
CA GLN TE 80 85.30 84.30 -70.50
C GLN TE 80 84.16 83.84 -71.39
N ALA TE 81 84.18 82.57 -71.82
CA ALA TE 81 83.08 82.06 -72.63
C ALA TE 81 81.76 82.16 -71.86
N ARG TE 82 80.71 82.56 -72.56
CA ARG TE 82 79.47 82.87 -71.86
C ARG TE 82 78.63 81.62 -71.71
N ALA TE 83 77.90 81.55 -70.59
CA ALA TE 83 77.17 80.35 -70.25
C ALA TE 83 75.86 80.68 -69.58
N SER TE 84 74.81 79.97 -69.98
CA SER TE 84 73.52 80.03 -69.31
C SER TE 84 73.15 78.62 -68.88
N VAL TE 85 72.81 78.47 -67.60
CA VAL TE 85 72.75 77.14 -66.99
C VAL TE 85 71.51 77.04 -66.11
N ASP TE 86 70.83 75.90 -66.22
CA ASP TE 86 69.82 75.48 -65.26
C ASP TE 86 70.17 74.08 -64.79
N TRP TE 87 70.28 73.89 -63.48
CA TRP TE 87 70.76 72.63 -62.93
C TRP TE 87 70.41 72.56 -61.46
N SER TE 88 69.87 71.42 -61.04
CA SER TE 88 69.52 71.21 -59.64
C SER TE 88 69.86 69.81 -59.18
N GLY TE 89 71.00 69.28 -59.62
CA GLY TE 89 71.39 67.93 -59.28
C GLY TE 89 72.71 67.87 -58.55
N PRO TE 90 73.42 66.74 -58.70
CA PRO TE 90 74.77 66.63 -58.12
C PRO TE 90 75.76 67.56 -58.78
N ILE TE 91 77.02 67.52 -58.35
CA ILE TE 91 77.98 68.53 -58.74
C ILE TE 91 79.09 67.98 -59.64
N GLU TE 92 79.40 66.68 -59.55
CA GLU TE 92 80.54 66.16 -60.29
C GLU TE 92 80.35 66.30 -61.79
N GLU TE 93 79.16 65.95 -62.30
CA GLU TE 93 78.91 66.02 -63.72
C GLU TE 93 78.99 67.47 -64.22
N LEU TE 94 78.41 68.39 -63.47
CA LEU TE 94 78.44 69.80 -63.85
C LEU TE 94 79.87 70.31 -63.89
N THR TE 95 80.66 69.98 -62.88
CA THR TE 95 82.06 70.41 -62.86
C THR TE 95 82.84 69.81 -64.01
N ALA TE 96 82.58 68.54 -64.33
CA ALA TE 96 83.27 67.92 -65.46
C ALA TE 96 82.91 68.62 -66.77
N ARG TE 97 81.63 68.96 -66.94
CA ARG TE 97 81.23 69.69 -68.14
C ARG TE 97 81.96 71.02 -68.22
N ILE TE 98 82.03 71.73 -67.09
CA ILE TE 98 82.68 73.04 -67.09
C ILE TE 98 84.16 72.90 -67.43
N ALA TE 99 84.83 71.90 -66.85
CA ALA TE 99 86.24 71.70 -67.13
C ALA TE 99 86.46 71.34 -68.59
N LYS TE 100 85.59 70.50 -69.15
CA LYS TE 100 85.71 70.16 -70.56
C LYS TE 100 85.55 71.39 -71.43
N ALA TE 101 84.61 72.27 -71.10
CA ALA TE 101 84.46 73.51 -71.85
C ALA TE 101 85.72 74.37 -71.73
N ALA TE 102 86.27 74.47 -70.52
CA ALA TE 102 87.46 75.29 -70.29
C ALA TE 102 88.73 74.67 -70.83
N HIS TE 103 88.67 73.41 -71.29
CA HIS TE 103 89.85 72.69 -71.75
C HIS TE 103 90.89 72.58 -70.64
N PHE TE 104 90.42 72.38 -69.41
CA PHE TE 104 91.28 72.21 -68.25
C PHE TE 104 91.10 70.81 -67.70
N ARG TE 105 92.19 70.24 -67.19
CA ARG TE 105 92.10 68.94 -66.53
C ARG TE 105 91.28 69.05 -65.26
N PHE TE 106 90.70 67.93 -64.86
CA PHE TE 106 89.77 67.88 -63.74
C PHE TE 106 90.31 66.88 -62.73
N ARG TE 107 90.49 67.32 -61.48
CA ARG TE 107 90.94 66.44 -60.42
C ARG TE 107 90.05 66.60 -59.20
N VAL TE 108 89.79 65.48 -58.53
CA VAL TE 108 88.99 65.46 -57.31
C VAL TE 108 89.83 64.82 -56.21
N LEU TE 109 89.88 65.49 -55.06
CA LEU TE 109 90.61 65.00 -53.91
C LEU TE 109 89.64 64.74 -52.76
N GLY TE 110 89.91 63.70 -52.00
CA GLY TE 110 89.02 63.29 -50.94
C GLY TE 110 88.03 62.26 -51.41
N LYS TE 111 87.11 61.92 -50.51
CA LYS TE 111 86.07 60.94 -50.77
C LYS TE 111 84.71 61.61 -50.64
N SER TE 112 83.88 61.43 -51.65
CA SER TE 112 82.51 61.93 -51.58
C SER TE 112 81.76 61.16 -50.49
N PRO TE 113 81.10 61.85 -49.58
CA PRO TE 113 80.43 61.15 -48.48
C PRO TE 113 79.24 60.33 -48.97
N SER TE 114 78.64 59.56 -48.07
CA SER TE 114 77.48 58.76 -48.44
C SER TE 114 76.33 59.65 -48.88
N VAL TE 115 76.05 60.69 -48.12
CA VAL TE 115 75.02 61.65 -48.54
C VAL TE 115 75.55 62.44 -49.73
N PRO TE 116 74.85 62.45 -50.86
CA PRO TE 116 75.32 63.24 -52.00
C PRO TE 116 75.21 64.72 -51.71
N VAL TE 117 76.06 65.50 -52.37
CA VAL TE 117 76.03 66.94 -52.27
C VAL TE 117 75.14 67.48 -53.38
N LEU TE 118 74.06 68.16 -53.00
CA LEU TE 118 73.07 68.64 -53.94
C LEU TE 118 73.16 70.15 -54.07
N ILE TE 119 73.25 70.62 -55.31
CA ILE TE 119 73.38 72.05 -55.60
C ILE TE 119 72.41 72.41 -56.71
N SER TE 120 71.69 73.51 -56.54
CA SER TE 120 70.75 74.00 -57.54
C SER TE 120 71.18 75.38 -58.00
N ILE TE 121 70.98 75.65 -59.29
CA ILE TE 121 71.43 76.89 -59.90
C ILE TE 121 70.42 77.33 -60.96
N SER TE 122 70.10 78.62 -60.96
CA SER TE 122 69.25 79.23 -61.99
C SER TE 122 69.86 80.60 -62.30
N THR TE 123 70.73 80.65 -63.30
CA THR TE 123 71.45 81.87 -63.65
C THR TE 123 71.46 82.01 -65.16
N LYS TE 124 71.86 83.18 -65.65
CA LYS TE 124 71.88 83.43 -67.08
C LYS TE 124 73.02 84.39 -67.43
N ASP TE 125 73.94 83.91 -68.28
CA ASP TE 125 74.97 84.73 -68.91
C ASP TE 125 75.86 85.42 -67.87
N GLU TE 126 76.61 84.59 -67.15
CA GLU TE 126 77.74 85.08 -66.36
C GLU TE 126 78.98 84.28 -66.75
N SER TE 127 80.13 84.77 -66.29
CA SER TE 127 81.40 84.16 -66.67
C SER TE 127 81.54 82.77 -66.05
N LEU TE 128 82.47 82.01 -66.61
CA LEU TE 128 82.80 80.72 -66.00
C LEU TE 128 83.36 80.92 -64.59
N ALA TE 129 84.19 81.94 -64.41
CA ALA TE 129 84.70 82.25 -63.08
C ALA TE 129 83.56 82.59 -62.13
N GLU TE 130 82.60 83.39 -62.59
CA GLU TE 130 81.45 83.72 -61.77
C GLU TE 130 80.66 82.46 -61.41
N ILE TE 131 80.47 81.58 -62.39
CA ILE TE 131 79.74 80.34 -62.14
C ILE TE 131 80.45 79.51 -61.08
N LEU TE 132 81.76 79.38 -61.20
CA LEU TE 132 82.52 78.60 -60.23
C LEU TE 132 82.45 79.23 -58.85
N ARG TE 133 82.56 80.56 -58.78
CA ARG TE 133 82.48 81.22 -57.48
C ARG TE 133 81.11 81.00 -56.83
N ASP TE 134 80.04 81.10 -57.62
CA ASP TE 134 78.71 80.88 -57.08
C ASP TE 134 78.53 79.44 -56.63
N ILE TE 135 79.05 78.49 -57.41
CA ILE TE 135 78.97 77.08 -57.03
C ILE TE 135 79.70 76.86 -55.71
N ASP TE 136 80.89 77.42 -55.59
CA ASP TE 136 81.66 77.27 -54.35
C ASP TE 136 80.90 77.87 -53.17
N TYR TE 137 80.32 79.06 -53.35
CA TYR TE 137 79.59 79.68 -52.27
C TYR TE 137 78.38 78.85 -51.86
N GLN TE 138 77.64 78.32 -52.83
CA GLN TE 138 76.51 77.47 -52.49
C GLN TE 138 76.95 76.15 -51.88
N ALA TE 139 78.20 75.73 -52.13
CA ALA TE 139 78.66 74.46 -51.57
C ALA TE 139 78.66 74.49 -50.05
N GLY TE 140 79.06 75.61 -49.46
CA GLY TE 140 79.03 75.73 -48.02
C GLY TE 140 80.17 75.04 -47.32
N LYS TE 141 79.87 73.94 -46.64
CA LYS TE 141 80.85 73.23 -45.82
C LYS TE 141 80.91 71.76 -46.19
N LYS TE 142 80.90 71.46 -47.47
CA LYS TE 142 81.06 70.09 -47.94
C LYS TE 142 82.18 69.93 -48.95
N ALA TE 143 82.36 70.91 -49.83
CA ALA TE 143 83.39 70.84 -50.84
C ALA TE 143 84.00 72.22 -51.05
N SER TE 144 85.18 72.23 -51.66
CA SER TE 144 85.86 73.46 -51.98
C SER TE 144 86.44 73.35 -53.38
N ILE TE 145 86.60 74.50 -54.03
CA ILE TE 145 87.00 74.59 -55.43
C ILE TE 145 88.30 75.37 -55.50
N HIS TE 146 89.25 74.86 -56.28
CA HIS TE 146 90.52 75.54 -56.50
C HIS TE 146 90.85 75.51 -57.98
N VAL TE 147 91.48 76.59 -58.44
CA VAL TE 147 91.83 76.74 -59.86
C VAL TE 147 93.33 76.99 -59.95
N TYR TE 148 94.01 76.20 -60.77
CA TYR TE 148 95.42 76.43 -61.06
C TYR TE 148 95.54 76.82 -62.52
N PRO TE 149 95.69 78.11 -62.83
CA PRO TE 149 95.73 78.53 -64.23
C PRO TE 149 97.04 78.18 -64.91
N ASN TE 150 98.14 78.33 -64.17
CA ASN TE 150 99.45 77.96 -64.68
C ASN TE 150 99.56 76.48 -64.97
N SER TE 151 98.65 75.67 -64.47
CA SER TE 151 98.62 74.24 -64.76
C SER TE 151 97.33 73.81 -65.44
N GLN TE 152 96.38 74.72 -65.67
CA GLN TE 152 95.10 74.41 -66.29
C GLN TE 152 94.40 73.27 -65.57
N VAL TE 153 94.25 73.42 -64.26
CA VAL TE 153 93.73 72.37 -63.38
C VAL TE 153 92.53 72.92 -62.62
N VAL TE 154 91.44 72.15 -62.60
CA VAL TE 154 90.27 72.44 -61.78
C VAL TE 154 90.22 71.36 -60.72
N GLU TE 155 90.46 71.75 -59.46
CA GLU TE 155 90.53 70.82 -58.35
C GLU TE 155 89.29 70.99 -57.48
N LEU TE 156 88.65 69.87 -57.14
CA LEU TE 156 87.53 69.86 -56.21
C LEU TE 156 87.93 69.00 -55.02
N ARG TE 157 87.94 69.58 -53.83
CA ARG TE 157 88.38 68.89 -52.63
C ARG TE 157 87.20 68.71 -51.68
N TYR TE 158 86.94 67.46 -51.30
CA TYR TE 158 85.90 67.18 -50.32
C TYR TE 158 86.40 67.47 -48.92
N ALA TE 159 85.51 67.96 -48.07
CA ALA TE 159 85.89 68.33 -46.72
C ALA TE 159 86.31 67.11 -45.91
N LYS TE 160 87.27 67.31 -45.01
CA LYS TE 160 87.75 66.24 -44.14
C LYS TE 160 86.93 66.25 -42.87
N ILE TE 161 85.92 65.37 -42.82
CA ILE TE 161 85.07 65.18 -41.67
C ILE TE 161 84.39 63.83 -41.83
N TYR TE 162 83.88 63.30 -40.72
CA TYR TE 162 83.28 61.97 -40.68
C TYR TE 162 84.33 60.92 -41.00
N ARG UE 207 72.71 84.97 21.52
CA ARG UE 207 72.86 83.72 20.78
C ARG UE 207 71.67 82.80 21.06
N ILE UE 208 71.60 81.68 20.33
CA ILE UE 208 70.56 80.69 20.58
C ILE UE 208 70.74 80.13 21.98
N ILE UE 209 69.70 80.25 22.80
CA ILE UE 209 69.78 79.89 24.21
C ILE UE 209 69.41 78.42 24.33
N TYR UE 210 70.39 77.58 24.63
CA TYR UE 210 70.16 76.16 24.81
C TYR UE 210 69.71 75.87 26.24
N TYR UE 211 68.93 74.80 26.38
CA TYR UE 211 68.42 74.37 27.67
C TYR UE 211 68.58 72.86 27.80
N ILE UE 212 68.90 72.42 29.01
CA ILE UE 212 69.01 70.99 29.27
C ILE UE 212 67.64 70.36 29.19
N GLN UE 213 67.55 69.24 28.48
CA GLN UE 213 66.30 68.50 28.34
C GLN UE 213 66.33 67.15 29.04
N ALA UE 214 67.50 66.58 29.24
CA ALA UE 214 67.66 65.33 29.97
C ALA UE 214 69.09 65.25 30.48
N VAL UE 215 69.24 65.16 31.80
CA VAL UE 215 70.56 65.18 32.44
C VAL UE 215 70.76 63.85 33.17
N ILE UE 216 71.83 63.15 32.82
CA ILE UE 216 72.22 61.90 33.48
C ILE UE 216 73.73 61.92 33.67
N PRO UE 217 74.24 61.09 34.56
CA PRO UE 217 75.68 60.85 34.58
C PRO UE 217 76.13 60.27 33.25
N GLY UE 218 77.27 60.74 32.76
CA GLY UE 218 77.81 60.27 31.51
C GLY UE 218 77.34 61.04 30.28
N ARG UE 219 76.06 60.95 29.95
CA ARG UE 219 75.50 61.62 28.79
C ARG UE 219 74.65 62.81 29.21
N ALA UE 220 74.19 63.56 28.22
CA ALA UE 220 73.34 64.72 28.48
C ALA UE 220 72.61 65.08 27.19
N TRP UE 221 71.41 65.62 27.33
CA TRP UE 221 70.58 66.03 26.20
C TRP UE 221 70.26 67.51 26.30
N LEU UE 222 70.35 68.21 25.18
CA LEU UE 222 70.12 69.64 25.12
C LEU UE 222 69.19 69.97 23.97
N ILE UE 223 68.48 71.09 24.10
CA ILE UE 223 67.59 71.60 23.06
C ILE UE 223 67.80 73.10 22.95
N GLY UE 224 68.01 73.57 21.72
CA GLY UE 224 68.27 74.98 21.51
C GLY UE 224 67.02 75.83 21.61
N SER UE 225 67.23 77.14 21.54
CA SER UE 225 66.09 78.07 21.56
C SER UE 225 65.19 77.84 20.36
N ASN UE 226 65.78 77.60 19.19
CA ASN UE 226 65.01 77.25 18.00
C ASN UE 226 64.32 75.90 18.15
N GLY UE 227 64.73 75.08 19.11
CA GLY UE 227 64.19 73.75 19.27
C GLY UE 227 65.02 72.64 18.68
N SER UE 228 66.23 72.95 18.19
CA SER UE 228 67.10 71.90 17.67
C SER UE 228 67.54 70.97 18.78
N THR UE 229 67.40 69.67 18.54
CA THR UE 229 67.74 68.65 19.53
C THR UE 229 69.19 68.21 19.37
N LEU UE 230 69.83 67.89 20.49
CA LEU UE 230 71.22 67.44 20.45
C LEU UE 230 71.52 66.68 21.72
N THR UE 231 72.61 65.91 21.68
CA THR UE 231 73.13 65.23 22.86
C THR UE 231 74.64 65.44 22.92
N VAL UE 232 75.14 65.61 24.14
CA VAL UE 232 76.55 65.84 24.38
C VAL UE 232 77.00 64.97 25.55
N ARG UE 233 78.32 64.80 25.65
CA ARG UE 233 78.94 64.08 26.74
C ARG UE 233 79.96 65.00 27.42
N GLU UE 234 80.75 64.44 28.34
CA GLU UE 234 81.79 65.21 29.00
C GLU UE 234 82.77 65.79 27.99
N GLY UE 235 83.23 64.97 27.05
CA GLY UE 235 84.04 65.47 25.96
C GLY UE 235 83.21 65.77 24.73
N SER UE 236 82.83 67.03 24.56
CA SER UE 236 81.97 67.43 23.46
C SER UE 236 82.19 68.90 23.15
N LYS UE 237 82.03 69.25 21.88
CA LYS UE 237 82.22 70.62 21.41
C LYS UE 237 80.85 71.29 21.27
N ILE UE 238 80.72 72.48 21.83
CA ILE UE 238 79.50 73.26 21.77
C ILE UE 238 79.83 74.61 21.14
N PRO UE 239 79.28 74.93 19.97
CA PRO UE 239 79.53 76.24 19.37
C PRO UE 239 78.96 77.36 20.24
N GLY UE 240 79.66 78.50 20.22
CA GLY UE 240 79.25 79.65 20.98
C GLY UE 240 79.47 79.53 22.47
N TYR UE 241 80.02 78.41 22.94
CA TYR UE 241 80.30 78.23 24.36
C TYR UE 241 81.65 77.58 24.62
N GLY UE 242 82.39 77.21 23.57
CA GLY UE 242 83.71 76.64 23.75
C GLY UE 242 83.65 75.14 23.95
N MET UE 243 84.36 74.65 24.95
CA MET UE 243 84.44 73.23 25.25
C MET UE 243 83.62 72.93 26.51
N VAL UE 244 82.99 71.75 26.51
CA VAL UE 244 82.22 71.33 27.68
C VAL UE 244 83.21 70.98 28.80
N LYS UE 245 83.32 71.88 29.78
CA LYS UE 245 84.33 71.72 30.81
C LYS UE 245 83.98 70.60 31.77
N LEU UE 246 82.73 70.55 32.21
CA LEU UE 246 82.32 69.57 33.22
C LEU UE 246 80.81 69.41 33.16
N ILE UE 247 80.33 68.24 33.60
CA ILE UE 247 78.91 67.92 33.62
C ILE UE 247 78.53 67.52 35.04
N ASP UE 248 77.43 68.09 35.53
CA ASP UE 248 76.91 67.81 36.86
C ASP UE 248 75.62 67.02 36.72
N SER UE 249 75.55 65.87 37.40
CA SER UE 249 74.36 65.03 37.29
C SER UE 249 73.14 65.72 37.88
N LEU UE 250 73.30 66.41 39.01
CA LEU UE 250 72.23 67.17 39.62
C LEU UE 250 72.55 68.66 39.55
N GLN UE 251 71.71 69.47 40.18
CA GLN UE 251 71.83 70.93 40.28
C GLN UE 251 71.70 71.63 38.94
N GLY UE 252 71.52 70.91 37.84
CA GLY UE 252 71.29 71.54 36.55
C GLY UE 252 72.41 72.44 36.08
N ARG UE 253 73.66 72.03 36.27
CA ARG UE 253 74.80 72.86 35.93
C ARG UE 253 75.58 72.21 34.79
N ILE UE 254 75.88 72.98 33.75
CA ILE UE 254 76.72 72.55 32.65
C ILE UE 254 77.83 73.58 32.50
N LEU UE 255 79.05 73.19 32.84
CA LEU UE 255 80.19 74.11 32.84
C LEU UE 255 80.92 74.04 31.52
N THR UE 256 81.13 75.19 30.89
CA THR UE 256 81.81 75.26 29.61
C THR UE 256 83.23 75.80 29.79
N SER UE 257 84.02 75.69 28.73
CA SER UE 257 85.36 76.26 28.74
C SER UE 257 85.33 77.78 28.69
N SER UE 258 84.23 78.37 28.23
CA SER UE 258 84.10 79.82 28.10
C SER UE 258 83.55 80.47 29.36
N GLY UE 259 83.72 79.84 30.52
CA GLY UE 259 83.20 80.39 31.75
C GLY UE 259 81.70 80.59 31.75
N GLN UE 260 80.97 79.66 31.14
CA GLN UE 260 79.51 79.75 31.04
C GLN UE 260 78.87 78.54 31.69
N VAL UE 261 77.85 78.79 32.51
CA VAL UE 261 77.16 77.74 33.25
C VAL UE 261 75.75 77.64 32.68
N ILE UE 262 75.57 76.72 31.74
CA ILE UE 262 74.24 76.46 31.20
C ILE UE 262 73.38 75.78 32.24
N LYS UE 263 72.11 76.15 32.30
CA LYS UE 263 71.20 75.67 33.32
C LYS UE 263 69.83 75.41 32.69
N PHE UE 264 69.04 74.58 33.36
CA PHE UE 264 67.65 74.40 32.94
C PHE UE 264 66.93 75.74 32.92
N SER UE 265 66.08 75.92 31.92
CA SER UE 265 65.35 77.17 31.78
C SER UE 265 64.50 77.43 33.03
N GLN UE 266 64.34 78.72 33.35
CA GLN UE 266 63.55 79.10 34.51
C GLN UE 266 62.12 78.58 34.41
N GLU UE 267 61.58 78.50 33.20
CA GLU UE 267 60.26 77.93 32.98
C GLU UE 267 60.30 76.48 32.50
N ASP UE 268 61.15 76.18 31.53
CA ASP UE 268 61.32 74.81 31.04
C ASP UE 268 62.14 74.04 32.06
N SER UE 269 61.47 73.53 33.08
CA SER UE 269 62.12 72.79 34.15
C SER UE 269 61.11 71.95 34.93
N ALA VE 104 32.54 51.52 104.15
CA ALA VE 104 31.57 50.76 103.37
C ALA VE 104 30.80 51.65 102.41
N GLU VE 105 31.21 52.92 102.36
CA GLU VE 105 30.57 53.90 101.49
C GLU VE 105 31.53 54.46 100.45
N VAL VE 106 32.72 54.89 100.86
CA VAL VE 106 33.71 55.39 99.91
C VAL VE 106 34.21 54.30 98.98
N ILE VE 107 34.03 53.04 99.36
CA ILE VE 107 34.53 51.93 98.56
C ILE VE 107 33.83 51.88 97.21
N ASP VE 108 32.51 52.10 97.20
CA ASP VE 108 31.78 52.06 95.93
C ASP VE 108 32.23 53.17 95.00
N LYS VE 109 32.43 54.38 95.54
CA LYS VE 109 32.87 55.49 94.70
C LYS VE 109 34.27 55.27 94.14
N LYS VE 110 35.20 54.81 94.99
CA LYS VE 110 36.54 54.54 94.47
C LYS VE 110 36.52 53.39 93.48
N ALA VE 111 35.64 52.41 93.69
CA ALA VE 111 35.49 51.34 92.73
C ALA VE 111 35.01 51.87 91.39
N PHE VE 112 34.02 52.77 91.40
CA PHE VE 112 33.54 53.33 90.15
C PHE VE 112 34.62 54.13 89.43
N LYS VE 113 35.40 54.92 90.18
CA LYS VE 113 36.42 55.72 89.53
C LYS VE 113 37.53 54.85 88.95
N ASP VE 114 37.97 53.82 89.69
CA ASP VE 114 38.99 52.94 89.10
C ASP VE 114 38.40 52.10 87.98
N MET VE 115 37.09 51.85 88.00
CA MET VE 115 36.43 51.18 86.89
C MET VE 115 36.52 52.01 85.63
N THR VE 116 36.21 53.30 85.75
CA THR VE 116 36.37 54.18 84.60
C THR VE 116 37.82 54.22 84.14
N ARG VE 117 38.75 54.28 85.10
CA ARG VE 117 40.18 54.29 84.77
C ARG VE 117 40.56 53.05 83.96
N ASN VE 118 40.09 51.88 84.38
CA ASN VE 118 40.48 50.64 83.71
C ASN VE 118 39.78 50.49 82.37
N LEU VE 119 38.49 50.83 82.30
CA LEU VE 119 37.74 50.66 81.07
C LEU VE 119 38.21 51.63 80.01
N TYR VE 120 38.13 52.93 80.30
CA TYR VE 120 38.59 53.92 79.34
C TYR VE 120 39.83 54.61 79.90
N PRO VE 121 41.02 54.03 79.70
CA PRO VE 121 42.23 54.57 80.31
C PRO VE 121 42.89 55.68 79.52
N LEU VE 122 42.25 56.17 78.46
CA LEU VE 122 42.82 57.20 77.60
C LEU VE 122 41.95 58.46 77.72
N ASN VE 123 42.58 59.56 78.11
CA ASN VE 123 41.85 60.82 78.18
C ASN VE 123 41.47 61.28 76.77
N PRO VE 124 40.33 61.95 76.63
CA PRO VE 124 39.95 62.44 75.28
C PRO VE 124 40.99 63.37 74.69
N GLU VE 125 41.62 64.21 75.51
CA GLU VE 125 42.66 65.09 75.00
C GLU VE 125 43.86 64.28 74.49
N GLN VE 126 44.24 63.23 75.22
CA GLN VE 126 45.30 62.36 74.74
C GLN VE 126 44.90 61.65 73.46
N VAL VE 127 43.62 61.30 73.33
CA VAL VE 127 43.12 60.71 72.09
C VAL VE 127 43.32 61.69 70.94
N VAL VE 128 42.96 62.96 71.15
CA VAL VE 128 43.13 63.96 70.12
C VAL VE 128 44.60 64.13 69.77
N LYS VE 129 45.47 64.16 70.78
CA LYS VE 129 46.89 64.34 70.53
C LYS VE 129 47.47 63.17 69.74
N LEU VE 130 47.09 61.94 70.09
CA LEU VE 130 47.60 60.79 69.34
C LEU VE 130 47.05 60.75 67.93
N LYS VE 131 45.79 61.18 67.74
CA LYS VE 131 45.28 61.31 66.38
C LYS VE 131 46.09 62.32 65.59
N GLN VE 132 46.43 63.45 66.23
CA GLN VE 132 47.22 64.47 65.57
C GLN VE 132 48.59 63.93 65.18
N ILE VE 133 49.24 63.20 66.08
CA ILE VE 133 50.57 62.70 65.77
C ILE VE 133 50.49 61.61 64.70
N TYR VE 134 49.42 60.83 64.68
CA TYR VE 134 49.23 59.86 63.61
C TYR VE 134 49.09 60.56 62.26
N GLU VE 135 48.30 61.63 62.22
CA GLU VE 135 48.16 62.38 60.98
C GLU VE 135 49.50 62.99 60.57
N THR VE 136 50.28 63.47 61.54
CA THR VE 136 51.60 64.02 61.24
C THR VE 136 52.52 62.95 60.65
N SER VE 137 52.50 61.75 61.22
CA SER VE 137 53.29 60.66 60.68
C SER VE 137 52.84 60.31 59.26
N GLU VE 138 51.53 60.34 59.01
CA GLU VE 138 51.05 60.11 57.66
C GLU VE 138 51.55 61.19 56.70
N TYR VE 139 51.58 62.45 57.15
CA TYR VE 139 52.10 63.52 56.32
C TYR VE 139 53.56 63.29 56.00
N ALA VE 140 54.35 62.90 57.00
CA ALA VE 140 55.77 62.64 56.79
C ALA VE 140 55.97 61.49 55.81
N LYS VE 141 55.16 60.43 55.95
CA LYS VE 141 55.27 59.31 55.03
C LYS VE 141 54.91 59.71 53.61
N ALA VE 142 53.86 60.52 53.45
CA ALA VE 142 53.44 60.95 52.12
C ALA VE 142 54.31 62.06 51.55
N ALA VE 143 55.20 62.64 52.35
CA ALA VE 143 56.04 63.73 51.87
C ALA VE 143 57.01 63.24 50.80
N THR VE 144 57.17 64.05 49.75
CA THR VE 144 58.05 63.71 48.65
C THR VE 144 59.35 64.47 48.80
N PRO VE 145 60.47 63.79 49.02
CA PRO VE 145 61.75 64.51 49.15
C PRO VE 145 62.12 65.22 47.85
N GLY VE 146 62.79 66.36 48.00
CA GLY VE 146 63.16 67.17 46.87
C GLY VE 146 62.00 68.00 46.35
N THR VE 147 62.29 68.78 45.33
CA THR VE 147 61.14 69.51 44.83
C THR VE 147 60.29 68.61 43.93
N PRO VE 148 58.97 68.63 44.09
CA PRO VE 148 58.13 67.85 43.21
C PRO VE 148 58.26 68.33 41.78
N PRO VE 149 58.06 67.44 40.81
CA PRO VE 149 58.33 67.81 39.41
C PRO VE 149 57.32 68.82 38.88
N LYS VE 150 57.60 69.28 37.66
CA LYS VE 150 56.78 70.27 37.00
C LYS VE 150 55.93 69.57 35.94
N PRO VE 151 54.62 69.46 36.12
CA PRO VE 151 53.77 68.86 35.08
C PRO VE 151 53.48 69.87 33.98
N THR VE 152 53.54 69.39 32.75
CA THR VE 152 53.34 70.25 31.59
C THR VE 152 52.99 69.37 30.39
N ALA VE 153 52.99 69.98 29.20
CA ALA VE 153 52.81 69.25 27.95
C ALA VE 153 53.62 69.96 26.88
N THR VE 154 54.21 69.18 25.97
CA THR VE 154 55.12 69.73 24.99
C THR VE 154 54.79 69.19 23.60
N SER VE 155 55.13 69.96 22.59
CA SER VE 155 55.01 69.56 21.19
C SER VE 155 56.39 69.51 20.56
N GLN VE 156 56.54 68.64 19.56
CA GLN VE 156 57.85 68.46 18.95
C GLN VE 156 57.68 67.81 17.59
N PHE VE 157 58.55 68.17 16.66
CA PHE VE 157 58.60 67.57 15.34
C PHE VE 157 59.70 66.53 15.33
N VAL VE 158 59.32 65.27 15.09
CA VAL VE 158 60.29 64.19 14.99
C VAL VE 158 60.98 64.28 13.63
N ASN VE 159 62.28 64.55 13.64
CA ASN VE 159 63.07 64.62 12.42
C ASN VE 159 63.60 63.23 12.11
N LEU VE 160 63.13 62.66 10.99
CA LEU VE 160 63.44 61.28 10.63
C LEU VE 160 64.67 61.16 9.75
N SER VE 161 65.59 62.10 9.83
CA SER VE 161 66.82 62.00 9.06
C SER VE 161 67.66 60.83 9.55
N PRO VE 162 68.43 60.20 8.66
CA PRO VE 162 69.28 59.09 9.09
C PRO VE 162 70.57 59.56 9.74
N GLY VE 163 70.62 60.82 10.17
CA GLY VE 163 71.77 61.33 10.87
C GLY VE 163 71.42 62.18 12.08
N SER VE 164 70.14 62.49 12.24
CA SER VE 164 69.71 63.41 13.29
C SER VE 164 69.68 62.73 14.64
N THR VE 165 69.52 63.54 15.69
CA THR VE 165 69.44 63.07 17.06
C THR VE 165 68.08 62.41 17.32
N PRO VE 166 68.01 61.40 18.18
CA PRO VE 166 66.75 60.68 18.39
C PRO VE 166 65.86 61.38 19.39
N PRO VE 167 64.54 61.28 19.23
CA PRO VE 167 63.63 61.91 20.20
C PRO VE 167 63.67 61.24 21.56
N VAL VE 168 63.46 62.07 22.59
CA VAL VE 168 63.52 61.66 23.98
C VAL VE 168 62.23 62.05 24.67
N ILE VE 169 61.76 61.19 25.57
CA ILE VE 169 60.57 61.46 26.38
C ILE VE 169 60.94 61.27 27.84
N ARG VE 170 60.82 62.34 28.64
CA ARG VE 170 61.09 62.27 30.06
C ARG VE 170 59.84 61.80 30.79
N LEU VE 171 60.04 61.12 31.92
CA LEU VE 171 58.93 60.54 32.67
C LEU VE 171 59.21 60.64 34.16
N SER VE 172 58.15 60.48 34.94
CA SER VE 172 58.22 60.43 36.40
C SER VE 172 57.47 59.19 36.88
N GLN VE 173 58.03 58.56 37.92
CA GLN VE 173 57.48 57.29 38.39
C GLN VE 173 56.10 57.48 39.02
N GLY VE 174 55.22 56.51 38.79
CA GLY VE 174 53.90 56.54 39.38
C GLY VE 174 52.93 57.49 38.74
N PHE VE 175 53.16 57.90 37.49
CA PHE VE 175 52.26 58.79 36.79
C PHE VE 175 52.17 58.37 35.34
N VAL VE 176 51.12 58.85 34.67
CA VAL VE 176 50.84 58.46 33.30
C VAL VE 176 51.01 59.66 32.39
N SER VE 177 51.50 59.39 31.18
CA SER VE 177 51.66 60.39 30.15
C SER VE 177 50.99 59.91 28.87
N SER VE 178 50.59 60.86 28.03
CA SER VE 178 49.82 60.59 26.83
C SER VE 178 50.66 60.90 25.60
N LEU VE 179 50.59 60.02 24.61
CA LEU VE 179 51.28 60.18 23.34
C LEU VE 179 50.27 60.10 22.21
N VAL VE 180 50.29 61.07 21.31
CA VAL VE 180 49.38 61.12 20.17
C VAL VE 180 50.23 61.22 18.90
N PHE VE 181 49.89 60.42 17.90
CA PHE VE 181 50.66 60.34 16.65
C PHE VE 181 50.00 61.20 15.60
N LEU VE 182 50.67 62.31 15.26
CA LEU VE 182 50.22 63.22 14.22
C LEU VE 182 51.36 63.49 13.26
N ASP VE 183 51.02 63.86 12.03
CA ASP VE 183 52.01 64.23 11.06
C ASP VE 183 52.30 65.73 11.18
N SER VE 184 53.04 66.29 10.22
CA SER VE 184 53.33 67.72 10.25
C SER VE 184 52.06 68.55 10.14
N THR VE 185 51.14 68.14 9.27
CA THR VE 185 49.86 68.84 9.18
C THR VE 185 49.03 68.64 10.44
N GLY VE 186 49.10 67.46 11.04
CA GLY VE 186 48.35 67.17 12.25
C GLY VE 186 47.37 66.04 12.08
N ALA VE 187 47.40 65.38 10.94
CA ALA VE 187 46.48 64.28 10.67
C ALA VE 187 46.76 63.13 11.62
N PRO VE 188 45.73 62.54 12.24
CA PRO VE 188 45.97 61.41 13.15
C PRO VE 188 46.55 60.23 12.40
N TRP VE 189 47.47 59.52 13.07
CA TRP VE 189 48.13 58.36 12.48
C TRP VE 189 47.89 57.15 13.37
N PRO VE 190 46.87 56.33 13.09
CA PRO VE 190 46.59 55.17 13.94
C PRO VE 190 47.79 54.24 14.03
N ILE VE 191 48.02 53.71 15.23
CA ILE VE 191 49.19 52.90 15.51
C ILE VE 191 49.01 51.50 14.94
N ALA VE 192 50.00 51.04 14.19
CA ALA VE 192 49.97 49.66 13.70
C ALA VE 192 50.50 48.70 14.76
N ALA VE 193 51.76 48.86 15.17
CA ALA VE 193 52.34 47.95 16.13
C ALA VE 193 53.50 48.66 16.84
N TYR VE 194 53.99 48.01 17.91
CA TYR VE 194 55.08 48.58 18.69
C TYR VE 194 55.90 47.47 19.31
N ASP VE 195 57.10 47.84 19.77
CA ASP VE 195 57.96 46.96 20.53
C ASP VE 195 58.73 47.81 21.54
N LEU VE 196 58.66 47.42 22.81
CA LEU VE 196 59.19 48.22 23.90
C LEU VE 196 60.26 47.44 24.66
N GLY VE 197 61.26 48.15 25.16
CA GLY VE 197 62.28 47.56 26.00
C GLY VE 197 61.94 47.70 27.47
N ASP VE 198 62.42 46.73 28.26
CA ASP VE 198 62.22 46.69 29.70
C ASP VE 198 60.75 46.82 30.07
N PRO VE 199 59.94 45.78 29.85
CA PRO VE 199 58.53 45.86 30.24
C PRO VE 199 58.32 46.10 31.72
N SER VE 200 59.24 45.65 32.58
CA SER VE 200 59.04 45.80 34.02
C SER VE 200 59.01 47.26 34.43
N SER VE 201 59.91 48.07 33.88
CA SER VE 201 60.07 49.44 34.35
C SER VE 201 59.01 50.40 33.80
N PHE VE 202 58.14 49.94 32.91
CA PHE VE 202 57.16 50.82 32.29
C PHE VE 202 55.84 50.09 32.16
N ASN VE 203 54.77 50.87 31.96
CA ASN VE 203 53.45 50.32 31.70
C ASN VE 203 52.88 50.99 30.47
N ILE VE 204 52.31 50.20 29.57
CA ILE VE 204 51.76 50.70 28.31
C ILE VE 204 50.37 50.12 28.11
N GLN VE 205 49.42 50.98 27.75
CA GLN VE 205 48.07 50.57 27.40
C GLN VE 205 47.78 51.07 25.99
N TRP VE 206 47.19 50.20 25.16
CA TRP VE 206 46.89 50.58 23.79
C TRP VE 206 45.76 49.70 23.26
N ASP VE 207 44.59 50.28 23.08
CA ASP VE 207 43.56 49.61 22.30
C ASP VE 207 44.05 49.46 20.86
N LYS VE 208 43.62 48.39 20.22
CA LYS VE 208 44.19 48.00 18.94
C LYS VE 208 43.79 48.92 17.81
N THR VE 209 43.16 50.07 18.05
CA THR VE 209 42.70 50.93 16.96
C THR VE 209 43.09 52.39 17.11
N SER VE 210 43.41 52.87 18.30
CA SER VE 210 43.63 54.30 18.48
C SER VE 210 45.07 54.68 18.19
N ASN VE 211 45.26 55.97 17.88
CA ASN VE 211 46.58 56.56 17.70
C ASN VE 211 47.16 57.12 18.99
N THR VE 212 46.70 56.63 20.13
CA THR VE 212 47.06 57.21 21.42
C THR VE 212 47.67 56.15 22.32
N LEU VE 213 48.58 56.58 23.18
CA LEU VE 213 49.24 55.70 24.15
C LEU VE 213 49.21 56.36 25.52
N MET VE 214 48.85 55.59 26.53
CA MET VE 214 48.97 56.00 27.92
C MET VE 214 50.07 55.18 28.56
N ILE VE 215 51.10 55.85 29.06
CA ILE VE 215 52.30 55.18 29.56
C ILE VE 215 52.47 55.52 31.03
N GLN VE 216 52.60 54.49 31.85
CA GLN VE 216 52.81 54.64 33.29
C GLN VE 216 54.21 54.16 33.63
N ALA VE 217 55.00 55.04 34.23
CA ALA VE 217 56.32 54.64 34.70
C ALA VE 217 56.18 53.72 35.91
N THR VE 218 57.12 52.78 36.03
CA THR VE 218 57.10 51.82 37.13
C THR VE 218 58.31 51.95 38.04
N LYS VE 219 59.52 51.96 37.49
CA LYS VE 219 60.72 52.10 38.29
C LYS VE 219 61.15 53.57 38.35
N LEU VE 220 62.28 53.82 38.99
CA LEU VE 220 62.70 55.20 39.25
C LEU VE 220 63.41 55.82 38.04
N TYR VE 221 64.56 55.27 37.67
CA TYR VE 221 65.46 55.93 36.73
C TYR VE 221 65.88 55.06 35.56
N ASN VE 222 65.42 53.82 35.51
CA ASN VE 222 65.81 52.93 34.42
C ASN VE 222 65.12 53.36 33.13
N TYR VE 223 65.91 53.59 32.09
CA TYR VE 223 65.43 54.09 30.82
C TYR VE 223 65.44 52.98 29.77
N GLY VE 224 64.69 53.21 28.70
CA GLY VE 224 64.57 52.20 27.66
C GLY VE 224 64.28 52.84 26.32
N ASN VE 225 63.99 51.98 25.35
CA ASN VE 225 63.70 52.43 23.99
C ASN VE 225 62.41 51.78 23.50
N LEU VE 226 61.63 52.56 22.75
CA LEU VE 226 60.37 52.10 22.19
C LEU VE 226 60.37 52.36 20.68
N ALA VE 227 60.11 51.32 19.91
CA ALA VE 227 59.98 51.43 18.46
C ALA VE 227 58.51 51.25 18.09
N VAL VE 228 58.02 52.12 17.22
CA VAL VE 228 56.62 52.09 16.81
C VAL VE 228 56.56 52.09 15.28
N ARG VE 229 55.77 51.17 14.73
CA ARG VE 229 55.43 51.20 13.32
C ARG VE 229 53.99 51.67 13.20
N LEU VE 230 53.77 52.69 12.39
CA LEU VE 230 52.43 53.23 12.18
C LEU VE 230 51.78 52.58 10.97
N ARG VE 231 50.46 52.80 10.85
CA ARG VE 231 49.68 52.11 9.83
C ARG VE 231 50.22 52.40 8.43
N GLY VE 232 50.46 53.67 8.13
CA GLY VE 232 51.02 54.07 6.86
C GLY VE 232 52.50 54.34 6.87
N LEU VE 233 53.22 53.94 7.90
CA LEU VE 233 54.63 54.26 8.05
C LEU VE 233 55.48 53.08 7.59
N ASN VE 234 56.30 53.32 6.56
CA ASN VE 234 57.27 52.32 6.15
C ASN VE 234 58.48 52.30 7.08
N THR VE 235 58.85 53.44 7.64
CA THR VE 235 60.03 53.56 8.47
C THR VE 235 59.62 53.60 9.94
N PRO VE 236 59.93 52.59 10.74
CA PRO VE 236 59.58 52.64 12.16
C PRO VE 236 60.31 53.77 12.87
N VAL VE 237 59.64 54.34 13.86
CA VAL VE 237 60.17 55.46 14.64
C VAL VE 237 60.55 54.92 16.02
N MET VE 238 61.82 55.05 16.38
CA MET VE 238 62.31 54.59 17.67
C MET VE 238 62.72 55.79 18.51
N LEU VE 239 62.24 55.81 19.75
CA LEU VE 239 62.44 56.93 20.66
C LEU VE 239 62.95 56.39 21.99
N THR VE 240 63.60 57.26 22.76
CA THR VE 240 64.17 56.87 24.04
C THR VE 240 63.33 57.44 25.17
N LEU VE 241 62.88 56.56 26.06
CA LEU VE 241 62.05 56.93 27.20
C LEU VE 241 62.92 56.88 28.45
N ILE VE 242 63.13 58.04 29.06
CA ILE VE 242 63.99 58.20 30.23
C ILE VE 242 63.14 58.72 31.38
N PRO VE 243 63.06 58.02 32.50
CA PRO VE 243 62.26 58.50 33.63
C PRO VE 243 63.09 59.36 34.58
N GLY VE 244 62.40 59.88 35.59
CA GLY VE 244 63.06 60.57 36.69
C GLY VE 244 63.78 61.84 36.34
N GLN VE 245 63.03 62.88 35.95
CA GLN VE 245 63.59 64.20 35.75
C GLN VE 245 62.69 65.23 36.41
N LYS VE 246 63.18 66.46 36.52
CA LYS VE 246 62.46 67.52 37.22
C LYS VE 246 61.18 67.94 36.51
N ALA VE 247 60.99 67.55 35.26
CA ALA VE 247 59.79 67.89 34.51
C ALA VE 247 59.08 66.63 34.07
N VAL VE 248 57.78 66.78 33.76
CA VAL VE 248 56.99 65.65 33.29
C VAL VE 248 55.98 66.13 32.26
N ASP VE 249 56.11 65.64 31.03
CA ASP VE 249 55.23 66.01 29.93
C ASP VE 249 54.13 64.97 29.82
N TYR VE 250 52.93 65.33 30.28
CA TYR VE 250 51.78 64.46 30.10
C TYR VE 250 51.52 64.20 28.63
N ARG VE 251 51.53 65.26 27.82
CA ARG VE 251 51.27 65.15 26.39
C ARG VE 251 52.54 65.46 25.62
N VAL VE 252 52.82 64.63 24.62
CA VAL VE 252 53.96 64.81 23.73
C VAL VE 252 53.39 64.83 22.31
N ASP VE 253 53.10 66.03 21.80
CA ASP VE 253 52.57 66.16 20.46
C ASP VE 253 53.65 65.83 19.44
N LEU VE 254 53.33 64.95 18.50
CA LEU VE 254 54.28 64.49 17.50
C LEU VE 254 53.95 65.12 16.16
N ARG VE 255 54.96 65.69 15.50
CA ARG VE 255 54.84 66.21 14.15
C ARG VE 255 55.72 65.38 13.23
N VAL VE 256 55.14 64.87 12.16
CA VAL VE 256 55.84 64.00 11.22
C VAL VE 256 55.72 64.60 9.83
N GLN VE 257 56.86 64.75 9.14
CA GLN VE 257 56.85 65.35 7.82
C GLN VE 257 55.99 64.58 6.83
N GLY VE 258 55.75 63.29 7.07
CA GLY VE 258 54.93 62.48 6.19
C GLY VE 258 53.45 62.67 6.44
N TYR VE 259 52.69 61.62 6.20
CA TYR VE 259 51.24 61.64 6.35
C TYR VE 259 50.75 60.27 6.80
N GLY VE 260 49.73 60.26 7.64
CA GLY VE 260 49.06 59.03 8.00
C GLY VE 260 47.99 58.67 7.00
N PRO VE 261 47.17 57.68 7.31
CA PRO VE 261 46.04 57.35 6.42
C PRO VE 261 45.06 58.49 6.28
N ASN VE 262 45.02 59.42 7.23
CA ASN VE 262 44.19 60.62 7.11
C ASN VE 262 44.87 61.60 6.16
N ALA VE 263 44.31 61.75 4.96
CA ALA VE 263 44.79 62.75 4.01
C ALA VE 263 44.20 64.08 4.43
N LYS VE 264 44.98 64.86 5.18
CA LYS VE 264 44.44 66.09 5.76
C LYS VE 264 44.11 67.13 4.70
N SER VE 265 44.82 67.12 3.57
CA SER VE 265 44.55 68.00 2.43
C SER VE 265 44.57 69.47 2.82
N MET VE 266 45.28 69.83 3.87
CA MET VE 266 45.38 71.22 4.32
C MET VE 266 46.36 72.03 3.49
N PRO VE 267 47.56 71.51 3.12
CA PRO VE 267 48.47 72.31 2.31
C PRO VE 267 47.97 72.56 0.89
N THR VE 268 47.00 73.48 0.77
CA THR VE 268 46.45 73.90 -0.53
C THR VE 268 46.67 75.41 -0.63
N GLU VE 269 47.79 75.80 -1.24
CA GLU VE 269 48.14 77.20 -1.39
C GLU VE 269 48.10 77.60 -2.86
N GLU VE 270 47.71 78.84 -3.11
CA GLU VE 270 47.60 79.34 -4.48
C GLU VE 270 49.00 79.48 -5.09
N GLY VE 271 49.04 79.51 -6.42
CA GLY VE 271 50.28 79.60 -7.14
C GLY VE 271 50.21 80.67 -8.21
N ILE VE 272 51.33 80.86 -8.90
CA ILE VE 272 51.39 81.85 -9.97
C ILE VE 272 50.38 81.48 -11.06
N PRO VE 273 49.59 82.42 -11.56
CA PRO VE 273 48.62 82.10 -12.60
C PRO VE 273 49.29 81.55 -13.83
N PRO VE 274 48.68 80.57 -14.49
CA PRO VE 274 49.30 79.98 -15.68
C PRO VE 274 49.45 80.99 -16.80
N SER VE 275 50.47 80.77 -17.62
CA SER VE 275 50.78 81.69 -18.72
C SER VE 275 49.78 81.47 -19.86
N ALA VE 276 50.01 82.17 -20.97
CA ALA VE 276 49.13 82.06 -22.12
C ALA VE 276 49.25 80.68 -22.77
N ASN VE 277 48.17 80.27 -23.43
CA ASN VE 277 48.14 78.96 -24.07
C ASN VE 277 49.14 78.91 -25.22
N ASP VE 278 49.71 77.72 -25.42
CA ASP VE 278 50.71 77.53 -26.47
C ASP VE 278 50.10 77.53 -27.85
N LEU VE 279 48.85 77.09 -27.98
CA LEU VE 279 48.20 77.06 -29.29
C LEU VE 279 48.08 78.44 -29.90
N LEU VE 280 48.23 79.49 -29.09
CA LEU VE 280 48.22 80.84 -29.63
C LEU VE 280 49.28 81.01 -30.70
N LEU VE 281 50.44 80.38 -30.53
CA LEU VE 281 51.50 80.50 -31.52
C LEU VE 281 51.08 79.87 -32.84
N HIS VE 282 50.56 78.65 -32.79
CA HIS VE 282 50.14 77.98 -34.02
C HIS VE 282 49.03 78.75 -34.71
N VAL VE 283 48.06 79.26 -33.96
CA VAL VE 283 46.98 79.99 -34.59
C VAL VE 283 47.47 81.32 -35.13
N LEU VE 284 48.45 81.94 -34.47
CA LEU VE 284 49.03 83.18 -34.97
C LEU VE 284 49.72 82.93 -36.30
N GLU VE 285 50.49 81.86 -36.39
CA GLU VE 285 51.15 81.53 -37.65
C GLU VE 285 50.13 81.24 -38.73
N GLY VE 286 49.09 80.48 -38.39
CA GLY VE 286 48.04 80.17 -39.35
C GLY VE 286 47.52 78.75 -39.26
N VAL VE 287 48.33 77.84 -38.75
CA VAL VE 287 47.94 76.44 -38.65
C VAL VE 287 46.90 76.29 -37.54
N PRO VE 288 45.72 75.75 -37.85
CA PRO VE 288 44.75 75.50 -36.79
C PRO VE 288 45.24 74.41 -35.85
N PRO VE 289 44.90 74.49 -34.57
CA PRO VE 289 45.34 73.47 -33.62
C PRO VE 289 44.72 72.13 -33.95
N PRO VE 290 45.38 71.03 -33.60
CA PRO VE 290 44.86 69.71 -33.95
C PRO VE 290 43.53 69.43 -33.25
N GLY VE 291 42.68 68.66 -33.92
CA GLY VE 291 41.40 68.28 -33.37
C GLY VE 291 40.32 69.34 -33.46
N SER VE 292 40.59 70.45 -34.14
CA SER VE 292 39.62 71.52 -34.28
C SER VE 292 38.80 71.29 -35.55
N ARG VE 293 38.03 72.30 -35.95
CA ARG VE 293 37.25 72.20 -37.18
C ARG VE 293 37.01 73.60 -37.72
N ARG VE 294 36.62 73.65 -38.99
CA ARG VE 294 36.52 74.92 -39.69
C ARG VE 294 35.36 75.77 -39.18
N LEU VE 295 35.38 77.03 -39.57
CA LEU VE 295 34.34 77.99 -39.21
C LEU VE 295 34.19 78.99 -40.35
N VAL VE 296 33.03 79.63 -40.39
CA VAL VE 296 32.69 80.58 -41.46
C VAL VE 296 32.63 81.97 -40.85
N VAL VE 297 33.43 82.88 -41.41
CA VAL VE 297 33.47 84.28 -40.99
C VAL VE 297 33.10 85.14 -42.18
N SER VE 298 32.20 86.10 -41.97
CA SER VE 298 31.73 86.95 -43.05
C SER VE 298 31.60 88.39 -42.57
N GLY VE 299 32.02 89.33 -43.41
CA GLY VE 299 31.88 90.75 -43.15
C GLY VE 299 33.20 91.51 -43.28
N GLY VE 300 34.30 90.90 -42.86
CA GLY VE 300 35.60 91.55 -42.96
C GLY VE 300 36.65 90.61 -43.51
N ASP VE 301 37.73 90.43 -42.76
CA ASP VE 301 38.77 89.46 -43.14
C ASP VE 301 39.37 88.90 -41.86
N ALA VE 302 39.06 87.64 -41.57
CA ALA VE 302 39.59 86.97 -40.38
C ALA VE 302 39.33 85.48 -40.53
N ARG VE 303 39.95 84.70 -39.64
CA ARG VE 303 39.79 83.26 -39.64
C ARG VE 303 39.46 82.78 -38.24
N ALA VE 304 38.71 81.67 -38.16
CA ALA VE 304 38.19 81.21 -36.89
C ALA VE 304 38.31 79.69 -36.79
N TRP VE 305 38.43 79.20 -35.56
CA TRP VE 305 38.49 77.78 -35.29
C TRP VE 305 37.92 77.50 -33.90
N LEU VE 306 37.52 76.24 -33.70
CA LEU VE 306 36.92 75.80 -32.44
C LEU VE 306 37.45 74.42 -32.10
N SER VE 307 38.01 74.29 -30.89
CA SER VE 307 38.51 73.01 -30.42
C SER VE 307 37.87 72.57 -29.11
N ASN VE 308 37.79 73.44 -28.13
CA ASN VE 308 37.40 73.12 -26.76
C ASN VE 308 36.38 74.11 -26.25
N GLU VE 309 35.32 74.30 -27.04
CA GLU VE 309 34.28 75.32 -26.83
C GLU VE 309 34.91 76.65 -26.45
N LYS VE 310 36.04 76.97 -27.07
CA LYS VE 310 36.66 78.27 -26.97
C LYS VE 310 37.07 78.70 -28.37
N MET VE 311 36.49 79.80 -28.84
CA MET VE 311 36.79 80.26 -30.19
C MET VE 311 38.20 80.83 -30.25
N TYR VE 312 38.89 80.51 -31.34
CA TYR VE 312 40.16 81.14 -31.69
C TYR VE 312 39.96 81.91 -32.98
N VAL VE 313 40.44 83.15 -32.99
CA VAL VE 313 40.27 84.02 -34.15
C VAL VE 313 41.60 84.68 -34.48
N ARG VE 314 41.95 84.69 -35.76
CA ARG VE 314 43.13 85.36 -36.26
C ARG VE 314 42.70 86.50 -37.17
N THR VE 315 43.23 87.70 -36.93
CA THR VE 315 42.90 88.86 -37.73
C THR VE 315 43.95 89.93 -37.50
N ASN VE 316 43.64 91.16 -37.93
CA ASN VE 316 44.49 92.30 -37.61
C ASN VE 316 43.68 93.54 -37.26
N LEU VE 317 42.38 93.41 -37.08
CA LEU VE 317 41.52 94.52 -36.68
C LEU VE 317 41.50 94.59 -35.15
N THR VE 318 40.59 95.37 -34.57
CA THR VE 318 40.51 95.48 -33.12
C THR VE 318 39.20 94.88 -32.63
N ILE VE 319 39.29 94.01 -31.63
CA ILE VE 319 38.13 93.33 -31.07
C ILE VE 319 37.53 94.18 -29.96
N LEU VE 320 36.21 94.35 -29.97
CA LEU VE 320 35.57 95.20 -28.98
C LEU VE 320 34.60 94.47 -28.08
N SER VE 321 33.58 93.81 -28.62
CA SER VE 321 32.43 93.44 -27.80
C SER VE 321 32.70 92.32 -26.80
N PRO VE 322 32.94 91.08 -27.25
CA PRO VE 322 32.78 89.94 -26.33
C PRO VE 322 33.73 89.96 -25.15
N GLY VE 323 34.93 90.50 -25.30
CA GLY VE 323 35.92 90.37 -24.25
C GLY VE 323 36.70 89.08 -24.43
N TRP VE 324 38.02 89.16 -24.51
CA TRP VE 324 38.84 88.03 -24.88
C TRP VE 324 39.62 87.51 -23.69
N LEU VE 325 39.61 86.18 -23.53
CA LEU VE 325 40.32 85.56 -22.42
C LEU VE 325 41.83 85.65 -22.61
N ALA VE 326 42.30 85.60 -23.85
CA ALA VE 326 43.72 85.78 -24.10
C ALA VE 326 43.93 86.36 -25.49
N SER VE 327 45.06 87.03 -25.68
CA SER VE 327 45.35 87.66 -26.97
C SER VE 327 46.86 87.73 -27.16
N MET VE 328 47.29 87.55 -28.41
CA MET VE 328 48.70 87.58 -28.75
C MET VE 328 48.90 88.41 -30.01
N THR VE 329 50.07 89.04 -30.08
CA THR VE 329 50.43 89.93 -31.18
C THR VE 329 51.69 89.41 -31.85
N SER VE 330 51.67 89.35 -33.17
CA SER VE 330 52.82 88.90 -33.95
C SER VE 330 53.82 90.04 -34.11
N ALA VE 331 54.81 89.83 -34.99
CA ALA VE 331 55.74 90.91 -35.30
C ALA VE 331 55.10 91.97 -36.17
N ASP VE 332 54.08 91.60 -36.95
CA ASP VE 332 53.44 92.50 -37.90
C ASP VE 332 52.10 93.02 -37.41
N GLY VE 333 51.90 93.04 -36.09
CA GLY VE 333 50.64 93.50 -35.53
C GLY VE 333 49.46 92.58 -35.73
N THR VE 334 49.67 91.39 -36.30
CA THR VE 334 48.60 90.43 -36.45
C THR VE 334 48.17 89.95 -35.08
N HIS VE 335 46.87 90.04 -34.79
CA HIS VE 335 46.33 89.74 -33.48
C HIS VE 335 45.55 88.43 -33.53
N ALA VE 336 45.82 87.57 -32.56
CA ALA VE 336 45.09 86.32 -32.39
C ALA VE 336 44.45 86.30 -31.02
N TYR VE 337 43.14 86.05 -30.97
CA TYR VE 337 42.39 86.08 -29.73
C TYR VE 337 41.77 84.71 -29.45
N GLU VE 338 41.87 84.30 -28.18
CA GLU VE 338 41.15 83.14 -27.68
C GLU VE 338 40.09 83.64 -26.71
N MET VE 339 38.83 83.39 -27.05
CA MET VE 339 37.71 83.91 -26.26
C MET VE 339 36.58 82.89 -26.30
N GLN VE 340 35.42 83.28 -25.79
CA GLN VE 340 34.26 82.41 -25.81
C GLN VE 340 33.63 82.38 -27.19
N LYS VE 341 32.48 81.72 -27.29
CA LYS VE 341 31.79 81.57 -28.55
C LYS VE 341 30.81 82.72 -28.75
N SER VE 342 30.83 83.31 -29.95
CA SER VE 342 29.92 84.40 -30.24
C SER VE 342 29.56 84.42 -31.71
N PRO VE 343 28.28 84.36 -32.05
CA PRO VE 343 27.88 84.51 -33.46
C PRO VE 343 28.19 85.89 -34.02
N VAL VE 344 28.34 86.89 -33.16
CA VAL VE 344 28.54 88.27 -33.59
C VAL VE 344 29.84 88.78 -33.02
N LEU VE 345 30.56 89.55 -33.82
CA LEU VE 345 31.78 90.19 -33.37
C LEU VE 345 31.70 91.69 -33.63
N LEU VE 346 32.34 92.47 -32.77
CA LEU VE 346 32.41 93.92 -32.91
C LEU VE 346 33.85 94.29 -33.23
N VAL VE 347 34.05 95.01 -34.34
CA VAL VE 347 35.38 95.25 -34.86
C VAL VE 347 35.59 96.74 -35.07
N SER VE 348 36.77 97.21 -34.69
CA SER VE 348 37.29 98.50 -35.11
C SER VE 348 38.26 98.25 -36.25
N TRP VE 349 37.96 98.82 -37.42
CA TRP VE 349 38.72 98.49 -38.63
C TRP VE 349 39.81 99.51 -38.92
N HIS VE 350 39.44 100.74 -39.24
CA HIS VE 350 40.42 101.81 -39.42
C HIS VE 350 39.87 103.10 -38.83
N GLY VE 351 39.30 103.01 -37.63
CA GLY VE 351 38.60 104.12 -37.04
C GLY VE 351 37.10 104.07 -37.21
N LYS VE 352 36.56 102.97 -37.69
CA LYS VE 352 35.12 102.79 -37.80
C LYS VE 352 34.74 101.43 -37.21
N VAL VE 353 33.52 101.36 -36.70
CA VAL VE 353 33.03 100.20 -35.97
C VAL VE 353 32.06 99.43 -36.84
N MET VE 354 32.25 98.11 -36.91
CA MET VE 354 31.44 97.26 -37.76
C MET VE 354 31.14 95.95 -37.05
N GLN VE 355 30.23 95.19 -37.63
CA GLN VE 355 29.83 93.88 -37.13
C GLN VE 355 30.42 92.78 -38.01
N LEU VE 356 30.70 91.65 -37.38
CA LEU VE 356 31.26 90.49 -38.07
C LEU VE 356 30.39 89.28 -37.80
N LYS VE 357 30.13 88.50 -38.85
CA LYS VE 357 29.21 87.38 -38.83
C LYS VE 357 29.96 86.07 -38.63
N VAL VE 358 29.42 85.21 -37.77
CA VAL VE 358 29.94 83.87 -37.57
C VAL VE 358 28.78 82.90 -37.57
N GLU VE 359 28.88 81.84 -38.35
CA GLU VE 359 27.89 80.78 -38.38
C GLU VE 359 28.56 79.44 -38.07
N GLY VE 360 27.79 78.37 -38.15
CA GLY VE 360 28.29 77.06 -37.81
C GLY VE 360 28.68 76.90 -36.36
N LEU VE 361 28.18 77.78 -35.49
CA LEU VE 361 28.52 77.74 -34.07
C LEU VE 361 27.30 77.38 -33.22
N VAL WE 38 48.99 52.34 -67.63
CA VAL WE 38 49.41 52.18 -69.02
C VAL WE 38 48.75 53.21 -69.95
N PRO WE 39 47.42 53.36 -69.92
CA PRO WE 39 46.79 54.35 -70.82
C PRO WE 39 47.26 55.77 -70.60
N LYS WE 40 47.70 56.11 -69.37
CA LYS WE 40 48.23 57.43 -69.10
C LYS WE 40 49.66 57.62 -69.58
N LEU WE 41 50.31 56.57 -70.08
CA LEU WE 41 51.68 56.67 -70.55
C LEU WE 41 51.69 57.13 -71.99
N PRO WE 42 52.28 58.29 -72.30
CA PRO WE 42 52.35 58.72 -73.71
C PRO WE 42 53.24 57.80 -74.52
N CYS WE 43 52.81 57.51 -75.75
CA CYS WE 43 53.61 56.68 -76.63
C CYS WE 43 54.78 57.44 -77.24
N ARG WE 44 54.74 58.77 -77.23
CA ARG WE 44 55.82 59.58 -77.78
C ARG WE 44 55.84 60.92 -77.04
N VAL WE 45 56.96 61.64 -77.18
CA VAL WE 45 57.02 62.97 -76.60
C VAL WE 45 56.10 63.92 -77.36
N ASP WE 46 55.73 65.01 -76.69
CA ASP WE 46 54.78 65.94 -77.27
C ASP WE 46 55.38 66.64 -78.49
N GLY WE 47 54.55 66.80 -79.52
CA GLY WE 47 54.99 67.47 -80.74
C GLY WE 47 56.13 66.78 -81.45
N ALA WE 48 56.07 65.45 -81.56
CA ALA WE 48 57.14 64.67 -82.15
C ALA WE 48 56.68 64.04 -83.45
N CYS WE 49 57.45 64.25 -84.52
CA CYS WE 49 57.16 63.60 -85.79
C CYS WE 49 58.44 63.64 -86.62
N ASP WE 50 58.99 62.46 -86.91
CA ASP WE 50 60.18 62.38 -87.74
C ASP WE 50 59.93 62.96 -89.13
N ALA WE 51 58.70 62.85 -89.63
CA ALA WE 51 58.38 63.49 -90.91
C ALA WE 51 58.56 65.00 -90.82
N THR WE 52 58.06 65.60 -89.73
CA THR WE 52 58.28 67.03 -89.53
C THR WE 52 59.77 67.34 -89.43
N ILE WE 53 60.51 66.49 -88.72
CA ILE WE 53 61.95 66.71 -88.57
C ILE WE 53 62.63 66.75 -89.93
N ILE WE 54 62.36 65.74 -90.76
CA ILE WE 54 63.08 65.62 -92.02
C ILE WE 54 62.64 66.71 -92.99
N LYS WE 55 61.35 67.03 -93.03
CA LYS WE 55 60.91 68.09 -93.94
C LYS WE 55 61.46 69.44 -93.49
N MET WE 56 61.56 69.67 -92.17
CA MET WE 56 62.10 70.93 -91.69
C MET WE 56 63.57 71.07 -92.06
N MET WE 57 64.36 70.01 -91.84
CA MET WE 57 65.77 70.10 -92.22
C MET WE 57 65.94 70.20 -93.73
N THR WE 58 65.06 69.54 -94.49
CA THR WE 58 65.10 69.67 -95.94
C THR WE 58 64.85 71.12 -96.36
N ASP WE 59 63.88 71.77 -95.74
CA ASP WE 59 63.60 73.16 -96.04
C ASP WE 59 64.78 74.05 -95.66
N LEU WE 60 65.41 73.77 -94.52
CA LEU WE 60 66.56 74.56 -94.11
C LEU WE 60 67.70 74.44 -95.12
N ASN WE 61 68.01 73.21 -95.53
CA ASN WE 61 69.08 73.03 -96.50
C ASN WE 61 68.70 73.61 -97.86
N LYS WE 62 67.40 73.61 -98.19
CA LYS WE 62 66.95 74.29 -99.41
C LYS WE 62 67.20 75.79 -99.31
N LYS WE 63 66.93 76.37 -98.13
CA LYS WE 63 67.22 77.78 -97.92
C LYS WE 63 68.70 78.06 -98.06
N GLY WE 64 69.54 77.18 -97.54
CA GLY WE 64 70.96 77.32 -97.76
C GLY WE 64 71.81 77.12 -96.52
N ILE WE 65 71.19 77.24 -95.35
CA ILE WE 65 71.92 77.00 -94.12
C ILE WE 65 72.30 75.52 -94.04
N LYS WE 66 73.50 75.26 -93.54
CA LYS WE 66 74.06 73.91 -93.59
C LYS WE 66 73.60 73.10 -92.40
N VAL WE 67 73.08 71.91 -92.67
CA VAL WE 67 72.61 70.98 -91.65
C VAL WE 67 73.42 69.70 -91.77
N ALA WE 68 73.94 69.21 -90.65
CA ALA WE 68 74.76 68.00 -90.66
C ALA WE 68 74.39 67.11 -89.48
N SER WE 69 74.32 65.81 -89.72
CA SER WE 69 73.96 64.83 -88.69
C SER WE 69 74.86 63.61 -88.85
N VAL WE 70 75.76 63.42 -87.90
CA VAL WE 70 76.66 62.27 -87.88
C VAL WE 70 76.68 61.70 -86.48
N GLY WE 71 76.42 60.40 -86.37
CA GLY WE 71 76.41 59.78 -85.06
C GLY WE 71 75.37 60.41 -84.16
N GLN WE 72 75.78 60.77 -82.94
CA GLN WE 72 74.92 61.47 -82.02
C GLN WE 72 75.12 62.97 -82.04
N ASN WE 73 75.99 63.47 -82.92
CA ASN WE 73 76.30 64.89 -83.00
C ASN WE 73 75.53 65.52 -84.15
N TYR WE 74 75.00 66.72 -83.90
CA TYR WE 74 74.28 67.48 -84.90
C TYR WE 74 74.84 68.89 -84.97
N LEU WE 75 74.97 69.38 -86.20
CA LEU WE 75 75.60 70.67 -86.48
C LEU WE 75 74.70 71.51 -87.37
N ILE WE 76 74.55 72.78 -87.02
CA ILE WE 76 73.82 73.74 -87.84
C ILE WE 76 74.70 74.95 -88.04
N SER WE 77 74.96 75.30 -89.30
CA SER WE 77 75.84 76.41 -89.64
C SER WE 77 75.11 77.44 -90.48
N ILE WE 78 75.33 78.71 -90.16
CA ILE WE 78 74.64 79.82 -90.83
C ILE WE 78 75.67 80.82 -91.32
N PRO WE 79 75.55 81.32 -92.55
CA PRO WE 79 76.46 82.38 -93.00
C PRO WE 79 76.29 83.63 -92.15
N ALA WE 80 77.41 84.30 -91.89
CA ALA WE 80 77.37 85.48 -91.03
C ALA WE 80 76.61 86.63 -91.69
N SER WE 81 76.84 86.87 -92.98
CA SER WE 81 76.20 88.01 -93.64
C SER WE 81 74.70 87.82 -93.75
N ALA WE 82 74.27 86.59 -94.05
CA ALA WE 82 72.85 86.32 -94.26
C ALA WE 82 72.01 86.59 -93.03
N LEU WE 83 72.62 86.69 -91.85
CA LEU WE 83 71.92 86.95 -90.62
C LEU WE 83 72.26 88.30 -90.01
N PHE WE 84 73.54 88.56 -89.74
CA PHE WE 84 73.96 89.77 -89.08
C PHE WE 84 74.13 90.90 -90.10
N ALA WE 85 74.74 92.00 -89.67
CA ALA WE 85 75.10 93.11 -90.53
C ALA WE 85 76.62 93.23 -90.59
N ASP WE 86 77.09 94.04 -91.54
CA ASP WE 86 78.51 94.11 -91.83
C ASP WE 86 79.27 94.71 -90.65
N GLN WE 87 80.12 93.89 -90.03
CA GLN WE 87 81.01 94.34 -88.96
C GLN WE 87 80.23 95.06 -87.85
N SER WE 88 79.07 94.50 -87.50
CA SER WE 88 78.19 95.20 -86.58
C SER WE 88 77.29 94.24 -85.83
N PRO WE 89 77.33 94.27 -84.50
CA PRO WE 89 76.45 93.44 -83.68
C PRO WE 89 75.01 93.93 -83.63
N ARG WE 90 74.42 94.17 -84.79
CA ARG WE 90 73.01 94.48 -84.92
C ARG WE 90 72.38 93.48 -85.87
N LEU WE 91 71.11 93.16 -85.62
CA LEU WE 91 70.42 92.11 -86.35
C LEU WE 91 69.35 92.71 -87.26
N ASN WE 92 69.35 92.29 -88.51
CA ASN WE 92 68.28 92.67 -89.42
C ASN WE 92 66.97 92.05 -88.95
N TRP WE 93 65.90 92.82 -89.04
CA TRP WE 93 64.63 92.39 -88.46
C TRP WE 93 64.11 91.13 -89.12
N ALA WE 94 64.20 91.05 -90.45
CA ALA WE 94 63.68 89.89 -91.17
C ALA WE 94 64.38 88.59 -90.79
N SER WE 95 65.58 88.66 -90.20
CA SER WE 95 66.29 87.46 -89.79
C SER WE 95 65.54 86.69 -88.72
N TYR WE 96 64.66 87.38 -87.98
CA TYR WE 96 63.94 86.73 -86.90
C TYR WE 96 63.09 85.57 -87.38
N SER WE 97 62.63 85.58 -88.64
CA SER WE 97 61.87 84.45 -89.16
C SER WE 97 62.72 83.18 -89.13
N LEU WE 98 63.92 83.24 -89.71
CA LEU WE 98 64.79 82.08 -89.70
C LEU WE 98 65.25 81.75 -88.28
N LEU WE 99 65.43 82.76 -87.44
CA LEU WE 99 65.83 82.50 -86.06
C LEU WE 99 64.76 81.68 -85.35
N ASN WE 100 63.50 82.08 -85.51
CA ASN WE 100 62.40 81.33 -84.90
C ASN WE 100 62.27 79.95 -85.51
N GLU WE 101 62.56 79.82 -86.81
CA GLU WE 101 62.55 78.51 -87.44
C GLU WE 101 63.58 77.59 -86.79
N ILE WE 102 64.79 78.12 -86.57
CA ILE WE 102 65.83 77.36 -85.89
C ILE WE 102 65.38 76.98 -84.48
N ALA WE 103 64.75 77.92 -83.77
CA ALA WE 103 64.29 77.64 -82.42
C ALA WE 103 63.26 76.53 -82.40
N ALA WE 104 62.30 76.58 -83.34
CA ALA WE 104 61.30 75.53 -83.42
C ALA WE 104 61.93 74.19 -83.72
N PHE WE 105 62.91 74.17 -84.61
CA PHE WE 105 63.60 72.92 -84.92
C PHE WE 105 64.31 72.37 -83.69
N LEU WE 106 64.99 73.26 -82.95
CA LEU WE 106 65.72 72.82 -81.76
C LEU WE 106 64.77 72.29 -80.71
N LYS WE 107 63.61 72.93 -80.55
CA LYS WE 107 62.66 72.51 -79.54
C LYS WE 107 62.15 71.09 -79.77
N GLN WE 108 62.28 70.59 -81.00
CA GLN WE 108 61.81 69.24 -81.29
C GLN WE 108 62.58 68.19 -80.50
N PHE WE 109 63.90 68.35 -80.40
CA PHE WE 109 64.73 67.32 -79.80
C PHE WE 109 64.93 67.55 -78.31
N ARG WE 110 65.55 66.58 -77.68
CA ARG WE 110 65.94 66.66 -76.27
C ARG WE 110 67.46 66.71 -76.19
N LYS WE 111 67.98 67.59 -75.35
CA LYS WE 111 69.41 67.89 -75.37
C LYS WE 111 69.87 68.23 -73.96
N ILE WE 112 71.19 68.35 -73.83
CA ILE WE 112 71.81 68.69 -72.54
C ILE WE 112 72.62 69.96 -72.69
N ALA WE 113 73.64 69.92 -73.55
CA ALA WE 113 74.57 71.03 -73.70
C ALA WE 113 74.61 71.46 -75.16
N ILE WE 114 74.49 72.75 -75.38
CA ILE WE 114 74.57 73.34 -76.72
C ILE WE 114 75.82 74.21 -76.78
N THR WE 115 76.56 74.11 -77.89
CA THR WE 115 77.76 74.90 -78.10
C THR WE 115 77.55 75.82 -79.29
N VAL WE 116 77.86 77.09 -79.11
CA VAL WE 116 77.70 78.10 -80.15
C VAL WE 116 79.05 78.76 -80.39
N THR WE 117 79.45 78.82 -81.64
CA THR WE 117 80.73 79.43 -82.01
C THR WE 117 80.51 80.43 -83.14
N SER WE 118 81.21 81.56 -83.02
CA SER WE 118 81.12 82.64 -84.00
C SER WE 118 82.45 82.85 -84.68
N TYR WE 119 82.43 82.98 -86.02
CA TYR WE 119 83.63 83.15 -86.82
C TYR WE 119 83.41 84.30 -87.80
N SER WE 120 84.49 85.06 -88.05
CA SER WE 120 84.42 86.21 -88.94
C SER WE 120 85.68 86.22 -89.81
N SER WE 121 85.94 87.36 -90.44
CA SER WE 121 87.12 87.57 -91.25
C SER WE 121 87.99 88.64 -90.61
N LYS WE 122 89.17 88.86 -91.20
CA LYS WE 122 90.05 89.92 -90.74
C LYS WE 122 89.53 91.26 -91.23
N TYR WE 123 89.22 92.14 -90.29
CA TYR WE 123 88.68 93.45 -90.66
C TYR WE 123 89.57 94.60 -90.21
N VAL WE 124 89.90 94.68 -88.93
CA VAL WE 124 90.80 95.72 -88.43
C VAL WE 124 91.95 95.11 -87.67
N SER WE 125 91.64 94.28 -86.68
CA SER WE 125 92.61 93.78 -85.72
C SER WE 125 92.18 92.37 -85.32
N VAL WE 126 92.67 91.92 -84.16
CA VAL WE 126 92.24 90.66 -83.59
C VAL WE 126 91.23 90.88 -82.46
N LYS WE 127 91.50 91.84 -81.58
CA LYS WE 127 90.67 92.03 -80.40
C LYS WE 127 89.25 92.45 -80.80
N ARG WE 128 89.15 93.37 -81.76
CA ARG WE 128 87.84 93.85 -82.18
C ARG WE 128 87.01 92.71 -82.76
N GLU WE 129 87.63 91.87 -83.59
CA GLU WE 129 86.91 90.76 -84.20
C GLU WE 129 86.49 89.74 -83.15
N ARG WE 130 87.37 89.46 -82.18
CA ARG WE 130 86.99 88.56 -81.10
C ARG WE 130 85.79 89.11 -80.33
N ALA WE 131 85.82 90.41 -80.02
CA ALA WE 131 84.71 91.00 -79.29
C ALA WE 131 83.42 90.92 -80.09
N LEU WE 132 83.49 91.19 -81.39
CA LEU WE 132 82.29 91.12 -82.23
C LEU WE 132 81.72 89.71 -82.25
N THR WE 133 82.58 88.71 -82.42
CA THR WE 133 82.10 87.34 -82.43
C THR WE 133 81.47 86.96 -81.10
N LEU WE 134 82.11 87.37 -80.00
CA LEU WE 134 81.56 87.06 -78.69
C LEU WE 134 80.19 87.71 -78.51
N ALA WE 135 80.04 88.96 -78.94
CA ALA WE 135 78.75 89.62 -78.82
C ALA WE 135 77.69 88.93 -79.65
N ARG WE 136 78.03 88.50 -80.86
CA ARG WE 136 77.07 87.78 -81.69
C ARG WE 136 76.63 86.49 -81.01
N SER WE 137 77.59 85.75 -80.45
CA SER WE 137 77.25 84.53 -79.73
C SER WE 137 76.35 84.85 -78.55
N ARG WE 138 76.65 85.92 -77.82
CA ARG WE 138 75.84 86.29 -76.67
C ARG WE 138 74.40 86.58 -77.08
N VAL WE 139 74.22 87.37 -78.14
CA VAL WE 139 72.87 87.78 -78.50
C VAL WE 139 72.07 86.59 -79.03
N VAL WE 140 72.70 85.73 -79.84
CA VAL WE 140 71.95 84.59 -80.34
C VAL WE 140 71.59 83.65 -79.19
N SER WE 141 72.51 83.45 -78.24
CA SER WE 141 72.20 82.62 -77.09
C SER WE 141 71.07 83.23 -76.27
N GLU WE 142 71.09 84.54 -76.09
CA GLU WE 142 70.06 85.20 -75.32
C GLU WE 142 68.69 84.97 -75.95
N TYR WE 143 68.58 85.19 -77.26
CA TYR WE 143 67.29 85.00 -77.89
C TYR WE 143 66.85 83.55 -77.80
N LEU WE 144 67.80 82.61 -77.99
CA LEU WE 144 67.44 81.20 -77.90
C LEU WE 144 66.91 80.86 -76.50
N TRP WE 145 67.65 81.26 -75.47
CA TRP WE 145 67.23 80.96 -74.11
C TRP WE 145 65.89 81.60 -73.80
N SER WE 146 65.64 82.80 -74.33
CA SER WE 146 64.33 83.41 -74.18
C SER WE 146 63.26 82.56 -74.86
N GLN WE 147 63.60 81.96 -75.98
CA GLN WE 147 62.67 81.05 -76.63
C GLN WE 147 62.50 79.80 -75.79
N GLY WE 148 61.40 79.09 -76.04
CA GLY WE 148 61.06 77.92 -75.25
C GLY WE 148 61.82 76.67 -75.64
N VAL WE 149 63.13 76.77 -75.80
CA VAL WE 149 63.97 75.59 -76.04
C VAL WE 149 64.49 75.10 -74.71
N ASP WE 150 64.36 73.81 -74.46
CA ASP WE 150 64.78 73.21 -73.20
C ASP WE 150 66.24 72.80 -73.31
N SER WE 151 67.05 73.27 -72.37
CA SER WE 151 68.43 72.82 -72.28
C SER WE 151 68.92 73.06 -70.86
N ARG WE 152 70.00 72.37 -70.52
CA ARG WE 152 70.63 72.54 -69.23
C ARG WE 152 71.84 73.46 -69.31
N ILE WE 153 72.55 73.43 -70.43
CA ILE WE 153 73.80 74.17 -70.59
C ILE WE 153 73.82 74.83 -71.96
N ILE WE 154 74.07 76.13 -71.99
CA ILE WE 154 74.32 76.86 -73.22
C ILE WE 154 75.69 77.51 -73.09
N PHE WE 155 76.62 77.11 -73.96
CA PHE WE 155 77.96 77.66 -74.00
C PHE WE 155 78.14 78.44 -75.29
N THR WE 156 78.75 79.61 -75.19
CA THR WE 156 78.90 80.49 -76.34
C THR WE 156 80.28 81.10 -76.36
N GLN WE 157 80.88 81.13 -77.55
CA GLN WE 157 82.16 81.80 -77.74
C GLN WE 157 82.35 82.13 -79.21
N GLY WE 158 83.29 83.03 -79.46
CA GLY WE 158 83.63 83.41 -80.81
C GLY WE 158 85.11 83.72 -80.92
N LEU WE 159 85.62 83.61 -82.13
CA LEU WE 159 87.04 83.84 -82.38
C LEU WE 159 87.34 84.76 -83.55
N GLY WE 160 86.42 84.92 -84.50
CA GLY WE 160 86.68 85.78 -85.63
C GLY WE 160 87.28 85.02 -86.81
N SER WE 161 88.56 85.27 -87.07
CA SER WE 161 89.26 84.66 -88.20
C SER WE 161 90.40 83.79 -87.69
N ASP WE 162 90.11 82.98 -86.68
CA ASP WE 162 91.11 82.13 -86.06
C ASP WE 162 91.06 80.69 -86.53
N LYS WE 163 89.92 80.22 -87.03
CA LYS WE 163 89.78 78.87 -87.57
C LYS WE 163 89.10 78.96 -88.93
N PRO WE 164 89.84 79.38 -89.96
CA PRO WE 164 89.24 79.45 -91.30
C PRO WE 164 89.04 78.07 -91.87
N ILE WE 165 88.17 78.00 -92.88
CA ILE WE 165 87.88 76.76 -93.58
C ILE WE 165 88.11 76.85 -95.07
N THR WE 166 88.57 77.99 -95.58
CA THR WE 166 88.84 78.15 -97.00
C THR WE 166 89.94 79.18 -97.18
N SER WE 167 90.98 78.82 -97.93
CA SER WE 167 92.06 79.75 -98.21
C SER WE 167 91.55 80.98 -98.94
N TYR WE 168 90.50 80.82 -99.76
CA TYR WE 168 89.91 81.96 -100.45
C TYR WE 168 89.32 82.94 -99.43
N THR WE 169 89.76 84.20 -99.51
CA THR WE 169 89.28 85.23 -98.60
C THR WE 169 89.05 86.55 -99.33
N LEU WE 170 88.89 86.50 -100.66
CA LEU WE 170 88.72 87.72 -101.44
C LEU WE 170 87.44 88.45 -101.05
N GLY WE 171 86.35 87.70 -100.86
CA GLY WE 171 85.14 88.31 -100.39
C GLY WE 171 85.25 88.79 -98.95
N GLY WE 172 84.39 89.73 -98.61
CA GLY WE 172 84.40 90.28 -97.26
C GLY WE 172 83.50 89.49 -96.33
N ASP WE 173 82.47 90.13 -95.78
CA ASP WE 173 81.52 89.38 -94.96
C ASP WE 173 80.71 88.40 -95.79
N ARG WE 174 80.73 88.51 -97.13
CA ARG WE 174 80.14 87.50 -97.99
C ARG WE 174 80.95 86.21 -98.00
N SER WE 175 82.15 86.21 -97.45
CA SER WE 175 82.97 85.01 -97.44
C SER WE 175 82.30 83.91 -96.62
N PRO WE 176 82.32 82.67 -97.07
CA PRO WE 176 81.78 81.58 -96.25
C PRO WE 176 82.50 81.43 -94.92
N ASN WE 177 83.77 81.83 -94.83
CA ASN WE 177 84.51 81.69 -93.58
C ASN WE 177 83.90 82.51 -92.46
N ALA WE 178 83.12 83.54 -92.77
CA ALA WE 178 82.35 84.25 -91.75
C ALA WE 178 81.03 83.53 -91.56
N ARG WE 179 80.75 83.11 -90.33
CA ARG WE 179 79.63 82.21 -90.08
C ARG WE 179 79.39 82.14 -88.58
N VAL WE 180 78.30 81.44 -88.21
CA VAL WE 180 78.03 81.07 -86.83
C VAL WE 180 77.45 79.67 -86.84
N GLU WE 181 77.93 78.82 -85.93
CA GLU WE 181 77.47 77.45 -85.91
C GLU WE 181 77.09 77.04 -84.50
N ILE WE 182 76.20 76.05 -84.44
CA ILE WE 182 75.72 75.48 -83.19
C ILE WE 182 75.82 73.97 -83.30
N THR WE 183 76.45 73.35 -82.31
CA THR WE 183 76.58 71.91 -82.24
C THR WE 183 75.95 71.39 -80.97
N PHE WE 184 75.41 70.17 -81.05
CA PHE WE 184 74.89 69.52 -79.86
C PHE WE 184 74.99 68.01 -80.02
N ARG WE 185 74.77 67.32 -78.91
CA ARG WE 185 74.86 65.87 -78.83
C ARG WE 185 73.52 65.34 -78.30
N ARG WE 186 72.70 64.81 -79.19
CA ARG WE 186 71.42 64.25 -78.79
C ARG WE 186 71.63 63.11 -77.79
N ALA WE 187 70.85 63.14 -76.71
CA ALA WE 187 71.02 62.19 -75.61
C ALA WE 187 69.74 61.37 -75.48
N VAL WE 188 69.73 60.19 -76.12
CA VAL WE 188 68.62 59.27 -76.05
C VAL WE 188 67.32 59.94 -76.47
N CYS XE 42 59.20 104.60 -96.76
CA CYS XE 42 58.60 103.42 -96.15
C CYS XE 42 58.82 103.41 -94.64
N PHE XE 43 58.98 102.22 -94.06
CA PHE XE 43 59.15 102.11 -92.62
C PHE XE 43 59.90 100.83 -92.30
N HIS XE 44 60.63 100.85 -91.20
CA HIS XE 44 61.32 99.68 -90.68
C HIS XE 44 61.02 99.52 -89.19
N PRO XE 45 60.82 98.29 -88.73
CA PRO XE 45 60.52 98.06 -87.31
C PRO XE 45 61.58 98.65 -86.39
N PRO XE 46 62.87 98.58 -86.74
CA PRO XE 46 63.83 99.24 -85.82
C PRO XE 46 63.79 100.77 -85.93
N TYR XE 47 62.61 101.33 -85.69
CA TYR XE 47 62.42 102.78 -85.55
C TYR XE 47 63.00 103.57 -86.71
N ASN XE 48 63.03 102.97 -87.90
CA ASN XE 48 63.58 103.60 -89.10
C ASN XE 48 64.95 104.22 -88.83
N ASN XE 49 65.72 103.58 -87.95
CA ASN XE 49 67.07 104.02 -87.62
C ASN XE 49 67.08 105.48 -87.19
N PHE XE 50 66.10 105.87 -86.39
CA PHE XE 50 65.99 107.25 -85.89
C PHE XE 50 65.88 108.24 -87.04
N GLN XE 51 65.16 107.87 -88.08
CA GLN XE 51 64.97 108.79 -89.19
C GLN XE 51 63.55 109.34 -89.16
N PRO XE 52 63.34 110.56 -89.65
CA PRO XE 52 62.00 111.16 -89.61
C PRO XE 52 60.98 110.39 -90.43
N ASP XE 53 59.99 109.82 -89.76
CA ASP XE 53 58.95 109.07 -90.44
C ASP XE 53 58.10 110.00 -91.30
N ARG XE 54 57.63 109.50 -92.44
CA ARG XE 54 56.80 110.27 -93.36
C ARG XE 54 55.55 109.46 -93.68
N ARG XE 55 54.56 109.56 -92.80
CA ARG XE 55 53.27 108.90 -93.03
C ARG XE 55 52.42 109.68 -94.03
N ALA XE 56 52.53 111.01 -94.01
CA ALA XE 56 51.67 111.84 -94.84
C ALA XE 56 51.94 111.64 -96.33
N VAL XE 57 53.21 111.53 -96.72
CA VAL XE 57 53.52 111.36 -98.13
C VAL XE 57 52.98 110.02 -98.63
N LYS XE 58 53.13 108.96 -97.83
CA LYS XE 58 52.60 107.67 -98.23
C LYS XE 58 51.08 107.72 -98.34
N ARG XE 59 50.42 108.40 -97.39
CA ARG XE 59 48.97 108.49 -97.44
C ARG XE 59 48.49 109.26 -98.66
N VAL XE 60 49.13 110.40 -98.97
CA VAL XE 60 48.69 111.17 -100.12
C VAL XE 60 48.99 110.41 -101.41
N GLY XE 61 50.09 109.67 -101.45
CA GLY XE 61 50.38 108.86 -102.63
C GLY XE 61 49.34 107.77 -102.85
N VAL XE 62 48.99 107.05 -101.80
CA VAL XE 62 47.99 105.99 -101.94
C VAL XE 62 46.60 106.57 -102.17
N ASP XE 63 46.36 107.82 -101.75
CA ASP XE 63 45.09 108.46 -102.04
C ASP XE 63 45.01 108.87 -103.51
N THR XE 64 46.11 109.42 -104.04
CA THR XE 64 46.15 109.73 -105.47
C THR XE 64 46.00 108.48 -106.31
N GLY XE 65 46.66 107.40 -105.90
CA GLY XE 65 46.54 106.13 -106.60
C GLY XE 65 45.22 105.44 -106.33
N GLY XE 88 42.52 111.26 -103.81
CA GLY XE 88 42.69 112.66 -104.19
C GLY XE 88 43.59 113.43 -103.25
N GLY XE 89 44.17 114.53 -103.74
CA GLY XE 89 45.05 115.33 -102.91
C GLY XE 89 44.33 115.94 -101.72
N THR XE 90 43.11 116.44 -101.94
CA THR XE 90 42.37 117.07 -100.85
C THR XE 90 42.05 116.08 -99.74
N VAL XE 91 41.52 114.91 -100.12
CA VAL XE 91 41.16 113.92 -99.11
C VAL XE 91 42.42 113.38 -98.43
N GLY XE 92 43.51 113.22 -99.18
CA GLY XE 92 44.77 112.84 -98.56
C GLY XE 92 45.23 113.85 -97.53
N LEU XE 93 45.15 115.14 -97.87
CA LEU XE 93 45.57 116.18 -96.94
C LEU XE 93 44.70 116.21 -95.70
N VAL XE 94 43.38 116.08 -95.87
CA VAL XE 94 42.50 116.14 -94.71
C VAL XE 94 42.71 114.91 -93.82
N ALA XE 95 42.95 113.75 -94.43
CA ALA XE 95 43.25 112.57 -93.63
C ALA XE 95 44.57 112.75 -92.89
N SER XE 96 45.57 113.33 -93.54
CA SER XE 96 46.86 113.54 -92.89
C SER XE 96 46.73 114.49 -91.71
N ILE XE 97 45.99 115.59 -91.88
CA ILE XE 97 45.84 116.53 -90.78
C ILE XE 97 44.97 115.94 -89.68
N TYR XE 98 44.01 115.10 -90.04
CA TYR XE 98 43.24 114.39 -89.02
C TYR XE 98 44.13 113.48 -88.19
N ARG XE 99 45.05 112.77 -88.84
CA ARG XE 99 46.01 111.94 -88.11
C ARG XE 99 46.91 112.80 -87.24
N ASP XE 100 47.39 113.91 -87.77
CA ASP XE 100 48.32 114.77 -87.06
C ASP XE 100 47.67 115.59 -85.97
N SER XE 101 46.34 115.65 -85.93
CA SER XE 101 45.65 116.36 -84.87
C SER XE 101 46.03 115.79 -83.52
N LYS XE 102 46.48 116.66 -82.61
CA LYS XE 102 47.04 116.20 -81.34
C LYS XE 102 46.02 115.41 -80.54
N ARG XE 103 44.75 115.80 -80.60
CA ARG XE 103 43.72 115.10 -79.83
C ARG XE 103 43.60 113.64 -80.28
N LYS XE 104 43.61 113.40 -81.58
CA LYS XE 104 43.56 112.02 -82.07
C LYS XE 104 44.81 111.25 -81.67
N ILE XE 105 45.96 111.94 -81.63
CA ILE XE 105 47.18 111.31 -81.18
C ILE XE 105 47.04 110.84 -79.74
N ILE XE 106 46.48 111.70 -78.88
CA ILE XE 106 46.28 111.31 -77.49
C ILE XE 106 45.25 110.19 -77.38
N ARG XE 107 44.24 110.20 -78.25
CA ARG XE 107 43.27 109.11 -78.25
C ARG XE 107 43.95 107.78 -78.59
N ASP XE 108 44.84 107.79 -79.58
CA ASP XE 108 45.60 106.59 -79.91
C ASP XE 108 46.51 106.19 -78.75
N LEU XE 109 47.07 107.17 -78.05
CA LEU XE 109 47.87 106.85 -76.87
C LEU XE 109 47.03 106.15 -75.82
N GLN XE 110 45.80 106.63 -75.62
CA GLN XE 110 44.90 106.01 -74.66
C GLN XE 110 44.54 104.59 -75.11
N LYS XE 111 44.37 104.40 -76.41
CA LYS XE 111 44.23 103.05 -76.93
C LYS XE 111 45.42 102.19 -76.56
N GLN XE 112 46.62 102.75 -76.68
CA GLN XE 112 47.82 102.10 -76.17
C GLN XE 112 47.85 102.18 -74.65
N ASP XE 113 48.93 101.66 -74.06
CA ASP XE 113 49.07 101.64 -72.61
C ASP XE 113 49.88 102.85 -72.15
N ILE XE 114 49.31 104.04 -72.40
CA ILE XE 114 49.95 105.31 -72.10
C ILE XE 114 48.94 106.17 -71.35
N GLN XE 115 49.38 106.83 -70.28
CA GLN XE 115 48.49 107.72 -69.55
C GLN XE 115 48.98 109.15 -69.67
N TYR XE 116 48.11 110.03 -70.18
CA TYR XE 116 48.46 111.43 -70.41
C TYR XE 116 47.64 112.30 -69.49
N VAL XE 117 48.30 113.27 -68.86
CA VAL XE 117 47.61 114.22 -67.99
C VAL XE 117 48.12 115.62 -68.31
N GLU XE 118 47.19 116.56 -68.45
CA GLU XE 118 47.50 117.96 -68.65
C GLU XE 118 46.83 118.78 -67.56
N TYR XE 119 47.62 119.66 -66.93
CA TYR XE 119 47.10 120.46 -65.82
C TYR XE 119 47.96 121.70 -65.69
N GLY XE 120 47.32 122.86 -65.72
CA GLY XE 120 48.05 124.12 -65.64
C GLY XE 120 49.01 124.25 -66.82
N ASP XE 121 50.26 124.55 -66.51
CA ASP XE 121 51.29 124.69 -67.53
C ASP XE 121 52.22 123.48 -67.61
N THR XE 122 52.00 122.46 -66.77
CA THR XE 122 52.85 121.28 -66.72
C THR XE 122 52.07 120.07 -67.21
N ARG XE 123 52.71 119.24 -68.04
CA ARG XE 123 52.07 118.06 -68.58
C ARG XE 123 52.88 116.82 -68.22
N THR XE 124 52.17 115.73 -67.90
CA THR XE 124 52.80 114.53 -67.38
C THR XE 124 52.34 113.31 -68.16
N LEU XE 125 53.25 112.33 -68.25
CA LEU XE 125 53.01 111.06 -68.90
C LEU XE 125 53.35 109.94 -67.93
N ILE XE 126 52.55 108.88 -67.96
CA ILE XE 126 52.72 107.70 -67.12
C ILE XE 126 52.84 106.49 -68.01
N ILE XE 127 53.90 105.71 -67.80
CA ILE XE 127 54.17 104.53 -68.62
C ILE XE 127 54.35 103.30 -67.74
N PRO XE 128 53.64 102.21 -68.01
CA PRO XE 128 53.81 100.99 -67.21
C PRO XE 128 55.03 100.19 -67.65
N THR XE 129 55.89 99.88 -66.69
CA THR XE 129 57.08 99.09 -66.97
C THR XE 129 56.71 97.70 -67.49
N ASP XE 130 55.66 97.10 -66.91
CA ASP XE 130 55.33 95.71 -67.24
C ASP XE 130 55.09 95.53 -68.73
N LYS XE 131 54.55 96.54 -69.41
CA LYS XE 131 54.32 96.43 -70.84
C LYS XE 131 55.36 97.14 -71.68
N TYR XE 132 55.98 98.21 -71.19
CA TYR XE 132 56.96 98.95 -71.98
C TYR XE 132 58.36 98.82 -71.38
N PHE XE 133 58.70 97.62 -70.92
CA PHE XE 133 60.03 97.37 -70.37
C PHE XE 133 60.28 95.87 -70.40
N MET XE 134 61.55 95.50 -70.54
CA MET XE 134 61.95 94.11 -70.34
C MET XE 134 62.03 93.82 -68.85
N PHE XE 135 61.54 92.65 -68.46
CA PHE XE 135 61.35 92.36 -67.05
C PHE XE 135 62.68 92.34 -66.29
N SER XE 136 62.69 93.01 -65.13
CA SER XE 136 63.82 93.00 -64.21
C SER XE 136 65.12 93.39 -64.90
N SER XE 137 65.03 94.25 -65.91
CA SER XE 137 66.20 94.61 -66.71
C SER XE 137 65.97 95.98 -67.31
N PRO XE 138 67.02 96.75 -67.52
CA PRO XE 138 66.85 98.07 -68.13
C PRO XE 138 66.61 98.00 -69.64
N ARG XE 139 66.38 96.80 -70.16
CA ARG XE 139 66.05 96.65 -71.57
C ARG XE 139 64.57 96.92 -71.81
N LEU XE 140 64.21 97.05 -73.08
CA LEU XE 140 62.86 97.42 -73.47
C LEU XE 140 62.20 96.29 -74.26
N ASN XE 141 60.88 96.32 -74.30
CA ASN XE 141 60.12 95.46 -75.19
C ASN XE 141 60.02 96.16 -76.54
N GLU XE 142 60.80 95.68 -77.51
CA GLU XE 142 60.80 96.32 -78.81
C GLU XE 142 59.54 96.04 -79.61
N ILE XE 143 58.68 95.13 -79.14
CA ILE XE 143 57.44 94.86 -79.84
C ILE XE 143 56.52 96.08 -79.79
N CYS XE 144 56.55 96.81 -78.68
CA CYS XE 144 55.68 97.97 -78.48
C CYS XE 144 56.26 99.25 -79.05
N TYR XE 145 57.11 99.16 -80.06
CA TYR XE 145 57.74 100.35 -80.63
C TYR XE 145 56.77 101.39 -81.20
N PRO XE 146 55.56 101.06 -81.66
CA PRO XE 146 54.64 102.13 -82.06
C PRO XE 146 54.38 103.13 -80.95
N GLY XE 147 54.29 102.68 -79.70
CA GLY XE 147 54.11 103.60 -78.59
C GLY XE 147 55.25 104.58 -78.48
N LEU XE 148 56.49 104.09 -78.60
CA LEU XE 148 57.64 104.99 -78.54
C LEU XE 148 57.66 105.95 -79.70
N ASN XE 149 57.29 105.48 -80.89
CA ASN XE 149 57.23 106.36 -82.06
C ASN XE 149 56.23 107.48 -81.82
N ASN XE 150 55.05 107.15 -81.31
CA ASN XE 150 54.05 108.17 -81.01
C ASN XE 150 54.54 109.11 -79.92
N VAL XE 151 55.27 108.58 -78.93
CA VAL XE 151 55.82 109.43 -77.88
C VAL XE 151 56.75 110.48 -78.47
N ILE XE 152 57.64 110.04 -79.35
CA ILE XE 152 58.56 110.98 -79.98
C ILE XE 152 57.82 111.99 -80.83
N ARG XE 153 56.83 111.52 -81.59
CA ARG XE 153 56.06 112.42 -82.45
C ARG XE 153 55.37 113.50 -81.62
N LEU XE 154 54.77 113.11 -80.49
CA LEU XE 154 54.13 114.10 -79.63
C LEU XE 154 55.15 115.04 -79.02
N LEU XE 155 56.23 114.50 -78.44
CA LEU XE 155 57.19 115.34 -77.75
C LEU XE 155 57.91 116.29 -78.69
N ASN XE 156 57.88 116.03 -80.00
CA ASN XE 156 58.45 117.00 -80.93
C ASN XE 156 57.66 118.30 -80.96
N PHE XE 157 56.45 118.35 -80.40
CA PHE XE 157 55.64 119.55 -80.48
C PHE XE 157 56.14 120.68 -79.58
N TYR XE 158 56.91 120.38 -78.55
CA TYR XE 158 57.33 121.37 -77.56
C TYR XE 158 58.85 121.41 -77.50
N PRO XE 159 59.49 122.08 -78.46
CA PRO XE 159 60.95 122.08 -78.50
C PRO XE 159 61.59 123.12 -77.58
N GLN XE 160 60.81 123.69 -76.66
CA GLN XE 160 61.34 124.68 -75.73
C GLN XE 160 61.18 124.30 -74.27
N SER XE 161 60.26 123.41 -73.93
CA SER XE 161 59.99 123.10 -72.54
C SER XE 161 61.14 122.32 -71.91
N THR XE 162 61.13 122.28 -70.58
CA THR XE 162 62.10 121.50 -69.82
C THR XE 162 61.44 120.21 -69.34
N ILE XE 163 62.18 119.11 -69.42
CA ILE XE 163 61.63 117.78 -69.21
C ILE XE 163 62.36 117.11 -68.05
N TYR XE 164 61.59 116.38 -67.23
CA TYR XE 164 62.12 115.58 -66.16
C TYR XE 164 61.49 114.19 -66.23
N VAL XE 165 62.26 113.17 -65.87
CA VAL XE 165 61.80 111.80 -65.91
C VAL XE 165 62.27 111.08 -64.66
N ALA XE 166 61.36 110.30 -64.07
CA ALA XE 166 61.63 109.56 -62.85
C ALA XE 166 61.14 108.14 -62.99
N GLY XE 167 61.81 107.24 -62.27
CA GLY XE 167 61.44 105.83 -62.26
C GLY XE 167 60.95 105.41 -60.89
N PHE XE 168 59.78 104.76 -60.87
CA PHE XE 168 59.15 104.33 -59.63
C PHE XE 168 58.97 102.82 -59.62
N THR XE 169 59.16 102.21 -58.45
CA THR XE 169 59.02 100.77 -58.31
C THR XE 169 58.05 100.40 -57.19
N ASP XE 170 58.00 99.12 -56.86
CA ASP XE 170 57.17 98.61 -55.77
C ASP XE 170 58.01 98.48 -54.50
N ASN XE 171 57.45 97.83 -53.48
CA ASN XE 171 58.08 97.74 -52.17
C ASN XE 171 58.84 96.46 -51.95
N VAL XE 172 58.93 95.59 -52.94
CA VAL XE 172 59.59 94.30 -52.73
C VAL XE 172 61.09 94.45 -52.92
N GLY XE 173 61.85 93.91 -51.98
CA GLY XE 173 63.29 93.81 -52.12
C GLY XE 173 64.04 94.83 -51.27
N SER XE 174 65.36 94.83 -51.44
CA SER XE 174 66.21 95.75 -50.70
C SER XE 174 66.05 97.18 -51.19
N ARG XE 175 66.17 98.13 -50.26
CA ARG XE 175 66.08 99.54 -50.60
C ARG XE 175 67.14 99.91 -51.63
N SER XE 176 68.37 99.44 -51.42
CA SER XE 176 69.44 99.72 -52.37
C SER XE 176 69.13 99.12 -53.73
N HIS XE 177 68.57 97.90 -53.74
CA HIS XE 177 68.22 97.27 -55.01
C HIS XE 177 67.17 98.08 -55.76
N LYS XE 178 66.14 98.55 -55.05
CA LYS XE 178 65.13 99.37 -55.70
C LYS XE 178 65.74 100.65 -56.24
N ARG XE 179 66.61 101.28 -55.45
CA ARG XE 179 67.24 102.52 -55.88
C ARG XE 179 68.04 102.31 -57.17
N LYS XE 180 68.86 101.27 -57.19
CA LYS XE 180 69.68 101.01 -58.37
C LYS XE 180 68.83 100.69 -59.59
N LEU XE 181 67.79 99.87 -59.41
CA LEU XE 181 66.93 99.53 -60.54
C LEU XE 181 66.24 100.76 -61.10
N SER XE 182 65.72 101.61 -60.23
CA SER XE 182 65.09 102.83 -60.68
C SER XE 182 66.08 103.71 -61.42
N GLN XE 183 67.29 103.85 -60.89
CA GLN XE 183 68.32 104.63 -61.56
C GLN XE 183 68.57 104.10 -62.96
N ALA XE 184 68.73 102.79 -63.10
CA ALA XE 184 69.02 102.20 -64.38
C ALA XE 184 67.90 102.47 -65.37
N GLN XE 185 66.66 102.21 -64.96
CA GLN XE 185 65.54 102.40 -65.89
C GLN XE 185 65.41 103.85 -66.31
N ALA XE 186 65.53 104.77 -65.36
CA ALA XE 186 65.39 106.19 -65.67
C ALA XE 186 66.50 106.64 -66.61
N GLU XE 187 67.73 106.19 -66.37
CA GLU XE 187 68.84 106.60 -67.23
C GLU XE 187 68.68 106.02 -68.63
N THR XE 188 68.16 104.80 -68.74
CA THR XE 188 67.90 104.22 -70.06
C THR XE 188 66.87 105.04 -70.82
N MET XE 189 65.78 105.43 -70.14
CA MET XE 189 64.79 106.26 -70.79
C MET XE 189 65.39 107.59 -71.22
N MET XE 190 66.21 108.18 -70.36
CA MET XE 190 66.91 109.42 -70.69
C MET XE 190 67.73 109.26 -71.95
N THR XE 191 68.47 108.16 -72.04
CA THR XE 191 69.30 107.91 -73.21
C THR XE 191 68.45 107.77 -74.47
N PHE XE 192 67.35 107.04 -74.38
CA PHE XE 192 66.49 106.88 -75.55
C PHE XE 192 65.96 108.22 -76.01
N LEU XE 193 65.59 109.09 -75.06
CA LEU XE 193 65.13 110.42 -75.44
C LEU XE 193 66.24 111.22 -76.09
N TRP XE 194 67.45 111.16 -75.54
CA TRP XE 194 68.58 111.87 -76.13
C TRP XE 194 68.92 111.34 -77.51
N ALA XE 195 68.52 110.11 -77.81
CA ALA XE 195 68.79 109.54 -79.12
C ALA XE 195 68.01 110.23 -80.23
N ASN XE 196 67.06 111.11 -79.90
CA ASN XE 196 66.23 111.70 -80.95
C ASN XE 196 66.27 113.22 -80.93
N GLY XE 197 67.47 113.78 -80.84
CA GLY XE 197 67.72 115.17 -81.18
C GLY XE 197 67.75 116.14 -80.02
N ILE XE 198 67.17 115.78 -78.87
CA ILE XE 198 67.08 116.71 -77.76
C ILE XE 198 68.42 116.76 -77.03
N ALA XE 199 68.98 117.96 -76.91
CA ALA XE 199 70.27 118.13 -76.26
C ALA XE 199 70.17 117.81 -74.78
N ALA XE 200 71.29 117.35 -74.21
CA ALA XE 200 71.32 116.92 -72.82
C ALA XE 200 71.06 118.06 -71.84
N LYS XE 201 71.35 119.30 -72.24
CA LYS XE 201 71.12 120.43 -71.35
C LYS XE 201 69.64 120.65 -71.06
N ARG XE 202 68.75 120.05 -71.84
CA ARG XE 202 67.31 120.20 -71.62
C ARG XE 202 66.74 119.12 -70.71
N LEU XE 203 67.53 118.15 -70.27
CA LEU XE 203 67.00 116.96 -69.63
C LEU XE 203 67.74 116.62 -68.34
N LYS XE 204 67.03 115.94 -67.45
CA LYS XE 204 67.58 115.43 -66.21
C LYS XE 204 66.66 114.32 -65.72
N ALA XE 205 67.26 113.23 -65.22
CA ALA XE 205 66.53 112.03 -64.89
C ALA XE 205 66.88 111.56 -63.48
N GLU XE 206 65.97 110.80 -62.89
CA GLU XE 206 66.23 110.21 -61.58
C GLU XE 206 65.31 109.03 -61.34
N GLY XE 207 65.72 108.19 -60.40
CA GLY XE 207 64.92 107.04 -60.03
C GLY XE 207 64.76 106.90 -58.54
N TYR XE 208 63.52 106.87 -58.06
CA TYR XE 208 63.23 106.73 -56.64
C TYR XE 208 62.78 105.30 -56.35
N GLY XE 209 62.64 105.02 -55.06
CA GLY XE 209 62.24 103.69 -54.66
C GLY XE 209 60.74 103.60 -54.46
N ASP XE 210 60.31 103.56 -53.21
CA ASP XE 210 58.90 103.47 -52.86
C ASP XE 210 58.51 104.60 -51.91
N LYS XE 211 59.07 105.79 -52.15
CA LYS XE 211 58.82 106.92 -51.25
C LYS XE 211 57.50 107.61 -51.51
N ASN XE 212 56.84 107.33 -52.63
CA ASN XE 212 55.53 107.91 -52.90
C ASN XE 212 54.84 107.06 -53.95
N ALA XE 213 53.78 106.37 -53.54
CA ALA XE 213 53.01 105.50 -54.42
C ALA XE 213 51.58 106.00 -54.50
N ILE XE 214 50.96 105.80 -55.66
CA ILE XE 214 49.59 106.26 -55.87
C ILE XE 214 48.64 105.13 -55.50
N SER XE 215 49.15 104.12 -54.81
CA SER XE 215 48.32 103.05 -54.27
C SER XE 215 49.11 102.37 -53.15
N ASP XE 216 48.55 101.29 -52.62
CA ASP XE 216 49.18 100.55 -51.53
C ASP XE 216 50.16 99.53 -52.10
N ASN XE 217 50.71 98.71 -51.21
CA ASN XE 217 51.54 97.58 -51.61
C ASN XE 217 51.03 96.24 -51.11
N ALA XE 218 50.01 96.22 -50.26
CA ALA XE 218 49.42 94.98 -49.79
C ALA XE 218 48.36 94.43 -50.73
N ILE XE 219 47.96 95.19 -51.73
CA ILE XE 219 47.01 94.74 -52.74
C ILE XE 219 47.76 94.53 -54.05
N ILE XE 220 47.51 93.39 -54.69
CA ILE XE 220 48.27 93.01 -55.87
C ILE XE 220 48.07 94.04 -56.98
N HIS XE 221 46.82 94.46 -57.20
CA HIS XE 221 46.54 95.41 -58.28
C HIS XE 221 47.19 96.76 -57.99
N GLY XE 222 47.09 97.24 -56.75
CA GLY XE 222 47.74 98.49 -56.41
C GLY XE 222 49.24 98.42 -56.56
N SER XE 223 49.84 97.30 -56.14
CA SER XE 223 51.27 97.14 -56.30
C SER XE 223 51.68 97.17 -57.77
N ALA XE 224 50.90 96.50 -58.62
CA ALA XE 224 51.17 96.53 -60.04
C ALA XE 224 51.07 97.94 -60.59
N GLN XE 225 50.08 98.70 -60.12
CA GLN XE 225 49.94 100.08 -60.57
C GLN XE 225 51.11 100.95 -60.11
N ASN XE 226 51.66 100.67 -58.93
CA ASN XE 226 52.64 101.57 -58.34
C ASN XE 226 53.89 101.71 -59.21
N ARG XE 227 54.45 100.60 -59.68
CA ARG XE 227 55.67 100.66 -60.48
C ARG XE 227 55.38 101.30 -61.83
N ARG XE 228 56.19 102.28 -62.23
CA ARG XE 228 55.87 103.09 -63.39
C ARG XE 228 57.06 103.94 -63.79
N ILE XE 229 56.90 104.66 -64.90
CA ILE XE 229 57.81 105.71 -65.33
C ILE XE 229 57.01 107.00 -65.44
N GLU XE 230 57.46 108.03 -64.75
CA GLU XE 230 56.81 109.33 -64.71
C GLU XE 230 57.61 110.31 -65.56
N ILE XE 231 56.91 111.07 -66.39
CA ILE XE 231 57.54 112.00 -67.34
C ILE XE 231 56.84 113.33 -67.18
N GLN XE 232 57.41 114.22 -66.38
CA GLN XE 232 56.87 115.57 -66.22
C GLN XE 232 57.58 116.50 -67.18
N TRP XE 233 56.87 117.55 -67.61
CA TRP XE 233 57.58 118.59 -68.34
C TRP XE 233 56.82 119.90 -68.27
N PHE XE 234 57.57 120.99 -68.12
CA PHE XE 234 57.07 122.34 -67.94
C PHE XE 234 56.64 122.97 -69.26
N THR XE 235 56.44 124.28 -69.26
CA THR XE 235 56.20 125.02 -70.49
C THR XE 235 57.30 126.02 -70.78
N SER XE 236 57.66 126.86 -69.81
CA SER XE 236 58.71 127.85 -69.99
C SER XE 236 59.49 128.06 -68.70
N ASP YE 39 51.61 54.90 -83.53
CA ASP YE 39 51.26 54.26 -84.80
C ASP YE 39 52.40 54.42 -85.81
N GLY YE 40 52.35 55.50 -86.60
CA GLY YE 40 53.38 55.74 -87.58
C GLY YE 40 54.58 56.44 -86.98
N CYS YE 41 55.62 55.67 -86.65
CA CYS YE 41 56.81 56.20 -86.00
C CYS YE 41 57.90 56.59 -87.00
N CYS YE 42 58.26 55.69 -87.89
CA CYS YE 42 59.23 56.00 -88.95
C CYS YE 42 58.54 56.45 -90.23
N SER YE 43 57.65 57.43 -90.08
CA SER YE 43 56.92 57.97 -91.22
C SER YE 43 57.87 58.72 -92.15
N LYS YE 44 57.63 58.60 -93.45
CA LYS YE 44 58.50 59.18 -94.48
C LYS YE 44 59.95 58.74 -94.30
N MET YE 45 60.16 57.59 -93.66
CA MET YE 45 61.47 57.00 -93.47
C MET YE 45 61.41 55.53 -93.88
N GLY YE 46 62.49 54.81 -93.61
CA GLY YE 46 62.58 53.42 -94.03
C GLY YE 46 61.52 52.53 -93.40
N GLY YE 47 61.13 52.81 -92.17
CA GLY YE 47 60.18 51.99 -91.44
C GLY YE 47 60.79 51.44 -90.17
N ILE YE 48 59.96 50.71 -89.42
CA ILE YE 48 60.37 50.22 -88.11
C ILE YE 48 61.35 49.07 -88.28
N ASN YE 49 62.49 49.17 -87.60
CA ASN YE 49 63.49 48.11 -87.64
C ASN YE 49 63.37 47.16 -86.46
N TYR YE 50 63.54 47.66 -85.25
CA TYR YE 50 63.32 46.89 -84.03
C TYR YE 50 63.30 47.87 -82.85
N CYS YE 51 63.31 47.33 -81.64
CA CYS YE 51 63.28 48.13 -80.42
C CYS YE 51 64.52 47.83 -79.59
N ASP YE 52 65.30 48.85 -79.30
CA ASP YE 52 66.39 48.74 -78.33
C ASP YE 52 65.78 48.92 -76.94
N SER YE 53 65.73 47.83 -76.18
CA SER YE 53 65.22 47.90 -74.82
C SER YE 53 66.14 48.70 -73.92
N SER YE 54 67.46 48.53 -74.09
CA SER YE 54 68.40 49.29 -73.28
C SER YE 54 68.21 50.77 -73.49
N ALA YE 55 68.03 51.19 -74.73
CA ALA YE 55 67.62 52.56 -75.01
C ALA YE 55 66.13 52.77 -74.77
N GLY YE 56 65.34 51.69 -74.78
CA GLY YE 56 63.90 51.83 -74.64
C GLY YE 56 63.26 52.60 -75.76
N ARG YE 57 63.81 52.50 -76.97
CA ARG YE 57 63.34 53.28 -78.10
C ARG YE 57 63.34 52.44 -79.36
N LEU YE 58 62.53 52.83 -80.33
CA LEU YE 58 62.53 52.17 -81.62
C LEU YE 58 63.68 52.68 -82.48
N VAL YE 59 64.09 51.85 -83.44
CA VAL YE 59 65.05 52.25 -84.46
C VAL YE 59 64.39 52.08 -85.82
N CYS YE 60 64.60 53.07 -86.69
CA CYS YE 60 64.02 53.01 -88.02
C CYS YE 60 64.87 52.15 -88.94
N ASN YE 61 64.30 51.79 -90.09
CA ASN YE 61 65.08 51.10 -91.10
C ASN YE 61 66.22 51.99 -91.59
N ASN YE 62 65.94 53.28 -91.75
CA ASN YE 62 67.02 54.23 -91.89
C ASN YE 62 67.70 54.43 -90.54
N GLY YE 63 68.99 54.72 -90.57
CA GLY YE 63 69.78 54.79 -89.36
C GLY YE 63 69.51 56.00 -88.50
N PHE YE 64 68.33 56.05 -87.89
CA PHE YE 64 67.98 57.14 -86.99
C PHE YE 64 67.19 56.60 -85.81
N TYR YE 65 67.28 57.29 -84.69
CA TYR YE 65 66.54 56.95 -83.49
C TYR YE 65 65.20 57.65 -83.52
N SER YE 66 64.14 56.88 -83.78
CA SER YE 66 62.80 57.44 -83.84
C SER YE 66 62.39 57.95 -82.47
N THR YE 67 61.42 58.88 -82.47
CA THR YE 67 60.98 59.49 -81.23
C THR YE 67 59.96 58.63 -80.47
N CYS YE 68 59.54 57.51 -81.03
CA CYS YE 68 58.58 56.65 -80.35
C CYS YE 68 59.26 55.91 -79.20
N TYR YE 69 58.43 55.30 -78.36
CA TYR YE 69 58.88 54.48 -77.24
C TYR YE 69 58.39 53.05 -77.44
N CYS YE 70 59.12 52.10 -76.87
CA CYS YE 70 58.69 50.71 -76.95
C CYS YE 70 58.68 50.02 -75.59
N THR YE 71 59.49 50.50 -74.66
CA THR YE 71 59.56 49.91 -73.34
C THR YE 71 59.18 50.95 -72.29
N ARG YE 72 58.56 50.48 -71.21
CA ARG YE 72 58.25 51.37 -70.10
C ARG YE 72 59.48 51.83 -69.35
N HIS YE 73 60.64 51.21 -69.58
CA HIS YE 73 61.87 51.57 -68.89
C HIS YE 73 62.70 52.53 -69.74
N ALA YE 74 62.10 53.66 -70.07
CA ALA YE 74 62.76 54.71 -70.83
C ALA YE 74 62.65 56.04 -70.07
N VAL YE 75 63.31 57.06 -70.61
CA VAL YE 75 63.34 58.36 -69.95
C VAL YE 75 62.07 59.13 -70.29
N MET YE 76 61.06 59.00 -69.44
CA MET YE 76 59.79 59.69 -69.61
C MET YE 76 59.75 60.91 -68.70
N ASP YE 77 59.49 62.08 -69.26
CA ASP YE 77 59.50 63.32 -68.50
C ASP YE 77 58.09 63.66 -68.04
N LEU YE 78 57.54 62.78 -67.21
CA LEU YE 78 56.20 62.94 -66.67
C LEU YE 78 56.25 63.82 -65.43
N GLN YE 79 55.41 64.85 -65.42
CA GLN YE 79 55.40 65.81 -64.32
C GLN YE 79 54.12 65.80 -63.52
N PHE YE 80 52.97 65.58 -64.15
CA PHE YE 80 51.69 65.50 -63.47
C PHE YE 80 51.19 64.06 -63.51
N LEU YE 81 50.59 63.61 -62.41
CA LEU YE 81 50.19 62.22 -62.28
C LEU YE 81 48.98 62.11 -61.37
N MET YE 82 48.31 60.97 -61.45
CA MET YE 82 47.10 60.71 -60.69
C MET YE 82 47.45 60.11 -59.33
N GLY YE 83 46.46 59.57 -58.63
CA GLY YE 83 46.68 58.86 -57.39
C GLY YE 83 46.23 59.65 -56.18
N CYS YE 84 45.94 58.91 -55.10
CA CYS YE 84 45.54 59.49 -53.84
C CYS YE 84 46.56 59.15 -52.77
N CYS YE 85 46.59 59.96 -51.71
CA CYS YE 85 47.55 59.83 -50.63
C CYS YE 85 48.99 59.92 -51.12
N LEU YE 86 49.24 60.77 -52.11
CA LEU YE 86 50.58 60.94 -52.63
C LEU YE 86 51.46 61.62 -51.59
N TRP YE 87 52.77 61.39 -51.72
CA TRP YE 87 53.75 61.86 -50.75
C TRP YE 87 53.39 61.38 -49.35
N HIS YE 88 52.80 60.19 -49.27
CA HIS YE 88 52.42 59.58 -48.01
C HIS YE 88 52.58 58.07 -48.16
N GLY YE 89 52.11 57.34 -47.15
CA GLY YE 89 52.18 55.90 -47.18
C GLY YE 89 51.22 55.26 -48.17
N GLY YE 90 50.63 56.07 -49.05
CA GLY YE 90 49.64 55.58 -49.97
C GLY YE 90 48.31 55.35 -49.30
N VAL YE 91 47.37 54.81 -50.08
CA VAL YE 91 46.04 54.55 -49.58
C VAL YE 91 46.09 53.39 -48.60
N TYR YE 92 45.55 53.60 -47.41
CA TYR YE 92 45.50 52.52 -46.43
C TYR YE 92 44.48 51.48 -46.88
N PRO YE 93 44.84 50.19 -46.91
CA PRO YE 93 43.98 49.20 -47.54
C PRO YE 93 42.73 48.84 -46.76
N GLN YE 94 42.60 49.26 -45.51
CA GLN YE 94 41.49 48.82 -44.69
C GLN YE 94 40.17 49.41 -45.20
N LEU YE 95 39.07 48.79 -44.78
CA LEU YE 95 37.75 49.24 -45.17
C LEU YE 95 37.17 50.11 -44.05
N ASN YE 96 36.92 51.38 -44.37
CA ASN YE 96 36.35 52.31 -43.42
C ASN YE 96 34.84 52.31 -43.54
N SER YE 97 34.15 52.22 -42.41
CA SER YE 97 32.69 52.23 -42.42
C SER YE 97 32.15 53.51 -43.04
N SER YE 98 32.73 54.65 -42.67
CA SER YE 98 32.35 55.93 -43.24
C SER YE 98 33.15 56.17 -44.51
N GLY YE 99 33.03 57.37 -45.07
CA GLY YE 99 33.86 57.77 -46.18
C GLY YE 99 35.20 58.35 -45.77
N LEU YE 100 35.53 58.27 -44.48
CA LEU YE 100 36.77 58.83 -43.98
C LEU YE 100 37.95 57.97 -44.43
N VAL YE 101 38.84 58.55 -45.22
CA VAL YE 101 40.02 57.85 -45.70
C VAL YE 101 41.25 58.45 -45.03
N VAL YE 102 42.31 57.65 -44.97
CA VAL YE 102 43.54 58.06 -44.31
C VAL YE 102 44.69 57.27 -44.92
N CYS YE 103 45.86 57.90 -44.96
CA CYS YE 103 47.04 57.27 -45.52
C CYS YE 103 47.79 56.48 -44.45
N ASN YE 104 48.67 55.59 -44.90
CA ASN YE 104 49.50 54.84 -43.98
C ASN YE 104 50.40 55.75 -43.16
N ASP YE 105 50.68 56.96 -43.65
CA ASP YE 105 51.37 57.96 -42.85
C ASP YE 105 50.58 58.32 -41.60
N GLY YE 106 49.27 58.12 -41.62
CA GLY YE 106 48.40 58.50 -40.53
C GLY YE 106 47.67 59.81 -40.73
N TYR YE 107 48.16 60.65 -41.64
CA TYR YE 107 47.45 61.88 -41.98
C TYR YE 107 46.21 61.56 -42.80
N VAL YE 108 45.11 62.27 -42.52
CA VAL YE 108 43.82 62.00 -43.13
C VAL YE 108 43.59 62.99 -44.26
N SER YE 109 43.25 62.47 -45.44
CA SER YE 109 43.07 63.27 -46.65
C SER YE 109 41.58 63.38 -46.94
N GLU YE 110 40.98 64.47 -46.47
CA GLU YE 110 39.55 64.68 -46.66
C GLU YE 110 39.22 64.90 -48.13
N GLU YE 111 40.12 65.55 -48.88
CA GLU YE 111 39.88 65.75 -50.30
C GLU YE 111 39.79 64.43 -51.05
N CYS YE 112 40.69 63.51 -50.74
CA CYS YE 112 40.57 62.16 -51.30
C CYS YE 112 39.35 61.46 -50.74
N SER YE 113 38.93 61.81 -49.53
CA SER YE 113 37.68 61.29 -48.97
C SER YE 113 36.49 62.03 -49.55
N LEU YE 114 35.30 61.68 -49.08
CA LEU YE 114 34.06 62.32 -49.50
C LEU YE 114 33.64 63.36 -48.47
N GLN YE 115 32.44 63.92 -48.66
CA GLN YE 115 31.94 64.97 -47.78
C GLN YE 115 30.43 64.80 -47.64
N LYS YE 116 29.80 65.74 -46.95
CA LYS YE 116 28.35 65.72 -46.77
C LYS YE 116 27.68 66.81 -47.61
N UNK ZE 1 80.65 68.85 -76.90
CA UNK ZE 1 80.78 68.76 -78.35
C UNK ZE 1 81.85 69.71 -78.87
N UNK ZE 2 81.43 70.95 -79.16
CA UNK ZE 2 82.29 72.05 -79.62
C UNK ZE 2 82.87 71.82 -81.01
N UNK ZE 3 82.56 70.70 -81.66
CA UNK ZE 3 83.04 70.41 -82.99
C UNK ZE 3 82.25 69.23 -83.54
N UNK ZE 4 81.88 69.31 -84.82
CA UNK ZE 4 81.09 68.27 -85.46
C UNK ZE 4 81.94 67.30 -86.28
N UNK ZE 5 82.95 67.80 -87.00
CA UNK ZE 5 83.84 66.96 -87.80
C UNK ZE 5 85.27 67.33 -87.45
N UNK ZE 6 85.79 66.72 -86.38
CA UNK ZE 6 87.14 67.01 -85.94
C UNK ZE 6 88.15 66.47 -86.94
N UNK ZE 7 89.12 67.30 -87.30
CA UNK ZE 7 90.13 66.89 -88.24
C UNK ZE 7 91.02 65.80 -87.65
N UNK ZE 8 91.57 64.97 -88.52
CA UNK ZE 8 92.50 63.91 -88.14
C UNK ZE 8 93.83 64.25 -88.79
N UNK ZE 9 94.63 65.06 -88.10
CA UNK ZE 9 95.93 65.50 -88.58
C UNK ZE 9 95.86 66.11 -89.97
N UNK AF 1 54.34 79.00 66.21
CA UNK AF 1 54.68 77.62 65.84
C UNK AF 1 56.10 77.55 65.29
N UNK AF 2 56.48 78.55 64.50
CA UNK AF 2 57.80 78.57 63.89
C UNK AF 2 58.15 80.00 63.51
N UNK AF 3 59.43 80.21 63.24
CA UNK AF 3 59.95 81.50 62.79
C UNK AF 3 60.81 81.29 61.56
N UNK AF 4 60.84 82.32 60.70
CA UNK AF 4 61.58 82.22 59.45
C UNK AF 4 63.08 82.32 59.64
N UNK AF 5 63.53 82.87 60.77
CA UNK AF 5 64.97 83.06 60.97
C UNK AF 5 65.71 81.73 61.05
N UNK AF 6 65.16 80.77 61.82
CA UNK AF 6 65.81 79.47 61.94
C UNK AF 6 65.83 78.75 60.59
N UNK AF 7 64.73 78.83 59.85
CA UNK AF 7 64.67 78.20 58.54
C UNK AF 7 65.69 78.81 57.59
N UNK AF 8 65.82 80.14 57.61
CA UNK AF 8 66.80 80.80 56.75
C UNK AF 8 68.22 80.42 57.13
N UNK AF 9 68.51 80.36 58.44
CA UNK AF 9 69.84 79.95 58.89
C UNK AF 9 70.16 78.53 58.46
N UNK AF 10 69.20 77.62 58.62
CA UNK AF 10 69.41 76.24 58.20
C UNK AF 10 69.63 76.15 56.69
N UNK AF 11 68.85 76.91 55.92
CA UNK AF 11 69.01 76.91 54.47
C UNK AF 11 70.38 77.43 54.07
N UNK AF 12 70.84 78.51 54.72
CA UNK AF 12 72.15 79.07 54.41
C UNK AF 12 73.26 78.09 54.76
N UNK AF 13 73.15 77.42 55.91
CA UNK AF 13 74.15 76.43 56.29
C UNK AF 13 74.17 75.26 55.32
N UNK AF 14 72.99 74.80 54.90
CA UNK AF 14 72.93 73.70 53.93
C UNK AF 14 73.52 74.13 52.59
N UNK AF 15 73.26 75.37 52.17
CA UNK AF 15 73.79 75.85 50.90
C UNK AF 15 75.31 75.95 50.96
N UNK AF 16 75.85 76.57 52.01
CA UNK AF 16 77.30 76.72 52.17
C UNK AF 16 77.68 76.26 53.57
N UNK AF 17 77.86 74.95 53.73
CA UNK AF 17 78.43 74.40 54.95
C UNK AF 17 79.95 74.42 54.95
N UNK AF 18 80.58 74.68 53.80
CA UNK AF 18 82.04 74.72 53.67
C UNK AF 18 82.67 73.41 54.13
N UNK AF 19 82.04 72.29 53.77
CA UNK AF 19 82.54 70.98 54.17
C UNK AF 19 82.25 70.00 53.05
N UNK AF 20 83.30 69.52 52.39
CA UNK AF 20 83.15 68.56 51.30
C UNK AF 20 84.46 67.81 51.10
N UNK AF 21 84.35 66.67 50.43
CA UNK AF 21 85.52 65.86 50.08
C UNK AF 21 85.13 64.97 48.91
N UNK AF 22 85.78 65.16 47.76
CA UNK AF 22 85.45 64.45 46.54
C UNK AF 22 86.50 63.38 46.27
N UNK AF 23 86.03 62.15 46.05
CA UNK AF 23 86.90 61.02 45.72
C UNK AF 23 86.73 60.68 44.26
N UNK AF 24 87.84 60.57 43.55
CA UNK AF 24 87.84 60.25 42.13
C UNK AF 24 88.18 58.77 41.93
N UNK AF 25 87.44 58.13 41.03
CA UNK AF 25 87.63 56.73 40.71
C UNK AF 25 87.95 56.58 39.23
N UNK AF 26 88.77 55.58 38.93
CA UNK AF 26 89.09 55.23 37.55
C UNK AF 26 88.33 53.97 37.15
N UNK AF 27 88.34 53.69 35.84
CA UNK AF 27 87.71 52.47 35.36
C UNK AF 27 88.43 51.23 35.87
N UNK AF 28 89.70 51.38 36.24
CA UNK AF 28 90.51 50.28 36.78
C UNK AF 28 90.41 50.18 38.30
N UNK AF 29 89.33 50.70 38.90
CA UNK AF 29 89.11 50.64 40.34
C UNK AF 29 90.22 51.32 41.12
N UNK AF 30 90.83 52.36 40.54
CA UNK AF 30 91.86 53.13 41.21
C UNK AF 30 91.24 54.38 41.82
N UNK AF 31 91.40 54.53 43.13
CA UNK AF 31 90.83 55.68 43.85
C UNK AF 31 91.95 56.69 44.10
N UNK AF 32 91.80 57.88 43.54
CA UNK AF 32 92.75 58.98 43.74
C UNK AF 32 91.94 60.22 44.10
N UNK AF 33 91.67 60.39 45.40
CA UNK AF 33 90.89 61.51 45.87
C UNK AF 33 91.76 62.77 45.96
N UNK AF 34 91.15 63.86 46.40
CA UNK AF 34 91.83 65.14 46.55
C UNK AF 34 92.10 65.45 48.02
N UNK AF 35 92.75 66.58 48.26
CA UNK AF 35 93.00 67.05 49.62
C UNK AF 35 91.77 67.78 50.13
N UNK AF 36 91.90 68.46 51.26
CA UNK AF 36 90.76 69.17 51.85
C UNK AF 36 90.36 70.34 50.97
N UNK AF 37 89.07 70.42 50.64
CA UNK AF 37 88.55 71.51 49.83
C UNK AF 37 87.09 71.74 50.19
N UNK AF 38 86.61 72.95 49.88
CA UNK AF 38 85.24 73.35 50.16
C UNK AF 38 84.88 73.19 51.63
N UNK AF 39 83.06 55.73 36.54
CA UNK AF 39 82.86 57.17 36.66
C UNK AF 39 84.12 57.84 37.19
N UNK AF 40 84.47 58.98 36.59
CA UNK AF 40 85.69 59.69 36.98
C UNK AF 40 85.60 60.18 38.42
N UNK AF 41 84.61 61.03 38.70
CA UNK AF 41 84.41 61.56 40.05
C UNK AF 41 82.95 61.93 40.19
N UNK AF 42 82.20 61.14 40.94
CA UNK AF 42 80.76 61.35 41.08
C UNK AF 42 80.45 62.30 42.22
N UNK AF 43 79.35 63.03 42.08
CA UNK AF 43 78.86 63.84 43.19
C UNK AF 43 78.49 62.97 44.38
N UNK AF 44 78.01 61.75 44.12
CA UNK AF 44 77.79 60.81 45.20
C UNK AF 44 79.10 60.46 45.91
N UNK AF 45 80.17 60.26 45.14
CA UNK AF 45 81.47 60.03 45.75
C UNK AF 45 81.96 61.25 46.51
N UNK AF 46 81.56 62.45 46.08
CA UNK AF 46 81.89 63.67 46.80
C UNK AF 46 81.19 63.67 48.14
N UNK AF 47 81.95 63.49 49.22
CA UNK AF 47 81.41 63.40 50.56
C UNK AF 47 81.48 64.77 51.23
N UNK AF 48 80.33 65.28 51.63
CA UNK AF 48 80.25 66.59 52.29
C UNK AF 48 80.91 66.54 53.66
N LYS BF 24 60.77 90.00 -89.37
CA LYS BF 24 59.34 90.21 -89.48
C LYS BF 24 58.65 90.13 -88.12
N PHE BF 25 58.56 88.91 -87.59
CA PHE BF 25 57.90 88.67 -86.31
C PHE BF 25 58.93 88.20 -85.28
N LYS BF 26 58.81 88.74 -84.07
CA LYS BF 26 59.57 88.25 -82.92
C LYS BF 26 58.59 87.92 -81.81
N LYS BF 27 58.72 86.75 -81.27
CA LYS BF 27 57.77 86.41 -80.23
C LYS BF 27 58.33 86.76 -78.86
N PRO BF 28 57.46 87.07 -77.89
CA PRO BF 28 57.94 87.37 -76.54
C PRO BF 28 58.42 86.10 -75.85
N PRO BF 29 59.15 86.24 -74.74
CA PRO BF 29 59.54 85.05 -73.97
C PRO BF 29 58.32 84.26 -73.52
N ILE BF 30 58.44 82.94 -73.56
CA ILE BF 30 57.31 82.07 -73.27
C ILE BF 30 56.89 82.20 -71.81
N ASN BF 31 57.85 82.01 -70.90
CA ASN BF 31 57.54 82.09 -69.48
C ASN BF 31 57.79 83.48 -68.92
N ASN BF 32 57.23 84.47 -69.59
CA ASN BF 32 57.38 85.84 -69.13
C ASN BF 32 56.44 86.08 -67.94
N PRO BF 33 56.82 86.96 -67.04
CA PRO BF 33 55.88 87.36 -65.98
C PRO BF 33 54.78 88.26 -66.51
N SER BF 34 53.93 87.74 -67.39
CA SER BF 34 52.85 88.53 -67.96
C SER BF 34 51.74 88.80 -66.95
N ASP BF 35 51.77 88.17 -65.78
CA ASP BF 35 50.79 88.38 -64.75
C ASP BF 35 51.44 89.01 -63.53
N ASP BF 36 50.65 89.82 -62.80
CA ASP BF 36 51.18 90.52 -61.64
C ASP BF 36 51.65 89.55 -60.56
N ALA BF 37 50.91 88.47 -60.34
CA ALA BF 37 51.34 87.48 -59.36
C ALA BF 37 52.66 86.85 -59.76
N THR BF 38 52.82 86.53 -61.04
CA THR BF 38 54.10 86.01 -61.51
C THR BF 38 55.21 87.02 -61.34
N ILE BF 39 54.90 88.30 -61.56
CA ILE BF 39 55.88 89.36 -61.36
C ILE BF 39 56.35 89.37 -59.91
N LYS BF 40 55.40 89.35 -58.99
CA LYS BF 40 55.75 89.36 -57.57
C LYS BF 40 56.55 88.13 -57.19
N LEU BF 41 56.16 86.98 -57.74
CA LEU BF 41 56.90 85.75 -57.46
C LEU BF 41 58.34 85.84 -57.93
N ALA BF 42 58.55 86.38 -59.13
CA ALA BF 42 59.91 86.54 -59.64
C ALA BF 42 60.71 87.50 -58.79
N GLU BF 43 60.08 88.60 -58.37
CA GLU BF 43 60.74 89.54 -57.47
C GLU BF 43 61.19 88.83 -56.20
N ALA BF 44 60.29 88.04 -55.61
CA ALA BF 44 60.61 87.33 -54.38
C ALA BF 44 61.75 86.35 -54.60
N ALA BF 45 61.73 85.65 -55.73
CA ALA BF 45 62.77 84.68 -56.02
C ALA BF 45 64.12 85.37 -56.10
N VAL BF 46 64.19 86.49 -56.81
CA VAL BF 46 65.44 87.23 -56.93
C VAL BF 46 65.92 87.68 -55.56
N SER BF 47 65.01 88.23 -54.76
CA SER BF 47 65.38 88.73 -53.45
C SER BF 47 65.95 87.61 -52.58
N VAL BF 48 65.23 86.48 -52.51
CA VAL BF 48 65.67 85.38 -51.67
C VAL BF 48 66.99 84.82 -52.15
N SER BF 49 67.15 84.70 -53.48
CA SER BF 49 68.40 84.19 -54.03
C SER BF 49 69.56 85.06 -53.61
N ASP BF 50 69.43 86.37 -53.79
CA ASP BF 50 70.53 87.27 -53.43
C ASP BF 50 70.81 87.22 -51.94
N SER BF 51 69.75 87.19 -51.12
CA SER BF 51 69.95 87.16 -49.68
C SER BF 51 70.69 85.91 -49.24
N MET BF 52 70.27 84.75 -49.74
CA MET BF 52 70.94 83.51 -49.37
C MET BF 52 72.37 83.48 -49.90
N LEU BF 53 72.60 84.03 -51.09
CA LEU BF 53 73.96 84.08 -51.61
C LEU BF 53 74.85 84.90 -50.70
N GLU BF 54 74.36 86.05 -50.25
CA GLU BF 54 75.14 86.88 -49.34
C GLU BF 54 75.37 86.16 -48.02
N MET BF 55 74.35 85.46 -47.51
CA MET BF 55 74.52 84.72 -46.27
C MET BF 55 75.61 83.66 -46.40
N ALA BF 56 75.58 82.88 -47.47
CA ALA BF 56 76.58 81.85 -47.67
C ALA BF 56 77.96 82.45 -47.86
N LYS BF 57 78.04 83.57 -48.59
CA LYS BF 57 79.31 84.25 -48.80
C LYS BF 57 79.91 84.70 -47.48
N VAL BF 58 79.08 85.26 -46.60
CA VAL BF 58 79.56 85.66 -45.29
C VAL BF 58 80.01 84.45 -44.50
N GLU BF 59 79.22 83.38 -44.53
CA GLU BF 59 79.52 82.21 -43.71
C GLU BF 59 80.83 81.56 -44.12
N LYS BF 60 81.05 81.41 -45.43
CA LYS BF 60 82.14 80.54 -45.90
C LYS BF 60 83.49 81.06 -45.46
N VAL BF 61 84.36 80.13 -45.09
CA VAL BF 61 85.71 80.42 -44.62
C VAL BF 61 86.70 79.81 -45.59
N ILE BF 62 87.69 80.60 -46.00
CA ILE BF 62 88.70 80.16 -46.96
C ILE BF 62 90.07 80.27 -46.30
N THR BF 63 91.08 79.78 -47.01
CA THR BF 63 92.46 79.90 -46.59
C THR BF 63 93.31 80.41 -47.74
N PRO BF 64 94.22 81.34 -47.48
CA PRO BF 64 95.08 81.87 -48.55
C PRO BF 64 95.94 80.77 -49.15
N PRO BF 65 96.23 80.84 -50.45
CA PRO BF 65 96.96 79.75 -51.11
C PRO BF 65 98.38 79.59 -50.61
N SER BF 66 98.93 80.56 -49.90
CA SER BF 66 100.28 80.47 -49.37
C SER BF 66 100.33 79.76 -48.02
N LYS BF 67 99.19 79.37 -47.47
CA LYS BF 67 99.14 78.76 -46.15
C LYS BF 67 98.49 77.38 -46.12
N ASP BF 68 97.97 76.90 -47.25
CA ASP BF 68 97.27 75.62 -47.27
C ASP BF 68 98.26 74.48 -47.05
N ASN BF 69 98.05 73.71 -45.99
CA ASN BF 69 98.95 72.60 -45.65
C ASN BF 69 98.67 71.43 -46.59
N THR BF 70 99.09 71.59 -47.84
CA THR BF 70 98.94 70.57 -48.85
C THR BF 70 100.28 70.36 -49.55
N LEU BF 71 100.45 69.17 -50.11
CA LEU BF 71 101.72 68.77 -50.70
C LEU BF 71 101.81 69.25 -52.14
N THR BF 72 102.87 69.99 -52.44
CA THR BF 72 103.09 70.51 -53.78
C THR BF 72 103.66 69.42 -54.69
N ILE BF 73 103.77 69.75 -55.98
CA ILE BF 73 104.29 68.80 -56.96
C ILE BF 73 105.80 68.72 -56.83
N PRO BF 74 106.36 67.52 -56.63
CA PRO BF 74 107.82 67.40 -56.58
C PRO BF 74 108.51 67.82 -57.86
N ASN BF 75 107.84 67.68 -59.00
CA ASN BF 75 108.37 68.09 -60.31
C ASN BF 75 109.65 67.33 -60.63
N ALA BF 76 109.52 66.02 -60.76
CA ALA BF 76 110.60 65.15 -61.23
C ALA BF 76 110.04 64.20 -62.26
N TYR BF 77 110.89 63.84 -63.22
CA TYR BF 77 110.43 63.03 -64.35
C TYR BF 77 109.95 61.65 -63.91
N ASN BF 78 110.66 61.04 -62.96
CA ASN BF 78 110.36 59.66 -62.58
C ASN BF 78 108.98 59.50 -61.99
N LEU BF 79 108.33 60.59 -61.56
CA LEU BF 79 106.99 60.52 -60.99
C LEU BF 79 105.92 60.94 -61.98
N GLN BF 80 106.26 61.06 -63.26
CA GLN BF 80 105.32 61.51 -64.29
C GLN BF 80 104.67 60.36 -65.04
N ALA BF 81 104.92 59.13 -64.61
CA ALA BF 81 104.28 57.99 -65.25
C ALA BF 81 102.81 57.92 -64.86
N ARG BF 82 102.07 57.05 -65.57
CA ARG BF 82 100.64 56.89 -65.35
C ARG BF 82 100.37 55.55 -64.71
N ALA BF 83 99.41 55.51 -63.79
CA ALA BF 83 99.14 54.33 -63.00
C ALA BF 83 97.65 54.21 -62.74
N SER BF 84 97.23 53.00 -62.36
CA SER BF 84 95.86 52.73 -61.97
C SER BF 84 95.88 51.73 -60.82
N VAL BF 85 95.29 52.13 -59.68
CA VAL BF 85 95.21 51.27 -58.52
C VAL BF 85 93.81 51.37 -57.92
N ASP BF 86 93.45 50.38 -57.11
CA ASP BF 86 92.20 50.39 -56.37
C ASP BF 86 92.48 49.76 -55.01
N TRP BF 87 92.79 50.60 -54.03
CA TRP BF 87 93.22 50.12 -52.72
C TRP BF 87 92.51 50.91 -51.63
N SER BF 88 92.39 50.27 -50.47
CA SER BF 88 91.95 50.95 -49.26
C SER BF 88 92.57 50.24 -48.06
N GLY BF 89 92.95 51.01 -47.04
CA GLY BF 89 93.45 50.43 -45.82
C GLY BF 89 94.68 51.14 -45.29
N PRO BF 90 95.62 50.37 -44.76
CA PRO BF 90 96.85 50.96 -44.22
C PRO BF 90 97.62 51.73 -45.28
N ILE BF 91 98.28 52.79 -44.84
CA ILE BF 91 98.94 53.71 -45.76
C ILE BF 91 100.42 53.36 -45.96
N GLU BF 92 101.04 52.72 -44.98
CA GLU BF 92 102.48 52.46 -45.04
C GLU BF 92 102.83 51.52 -46.18
N GLU BF 93 102.08 50.42 -46.33
CA GLU BF 93 102.34 49.50 -47.41
C GLU BF 93 102.12 50.18 -48.77
N LEU BF 94 101.06 50.98 -48.86
CA LEU BF 94 100.78 51.66 -50.12
C LEU BF 94 101.93 52.58 -50.52
N THR BF 95 102.40 53.40 -49.58
CA THR BF 95 103.46 54.34 -49.92
C THR BF 95 104.77 53.61 -50.19
N ALA BF 96 105.04 52.53 -49.47
CA ALA BF 96 106.24 51.75 -49.73
C ALA BF 96 106.20 51.15 -51.14
N ARG BF 97 105.04 50.61 -51.53
CA ARG BF 97 104.91 50.06 -52.87
C ARG BF 97 105.06 51.14 -53.93
N ILE BF 98 104.49 52.31 -53.68
CA ILE BF 98 104.62 53.41 -54.65
C ILE BF 98 106.09 53.79 -54.80
N ALA BF 99 106.81 53.88 -53.68
CA ALA BF 99 108.23 54.21 -53.74
C ALA BF 99 109.00 53.13 -54.50
N LYS BF 100 108.67 51.86 -54.26
CA LYS BF 100 109.34 50.78 -54.97
C LYS BF 100 109.09 50.88 -56.47
N ALA BF 101 107.85 51.16 -56.87
CA ALA BF 101 107.55 51.32 -58.28
C ALA BF 101 108.29 52.52 -58.87
N ALA BF 102 108.43 53.58 -58.10
CA ALA BF 102 109.13 54.77 -58.56
C ALA BF 102 110.64 54.65 -58.47
N HIS BF 103 111.16 53.55 -57.92
CA HIS BF 103 112.59 53.35 -57.72
C HIS BF 103 113.17 54.44 -56.80
N PHE BF 104 112.43 54.75 -55.74
CA PHE BF 104 112.83 55.74 -54.75
C PHE BF 104 112.89 55.09 -53.38
N ARG BF 105 113.83 55.55 -52.56
CA ARG BF 105 113.96 55.05 -51.21
C ARG BF 105 112.80 55.56 -50.35
N PHE BF 106 112.51 54.82 -49.29
CA PHE BF 106 111.40 55.15 -48.40
C PHE BF 106 111.87 55.13 -46.95
N ARG BF 107 111.36 56.08 -46.16
CA ARG BF 107 111.72 56.15 -44.75
C ARG BF 107 110.53 56.65 -43.95
N VAL BF 108 110.57 56.36 -42.65
CA VAL BF 108 109.52 56.74 -41.72
C VAL BF 108 110.13 57.44 -40.52
N LEU BF 109 109.52 58.55 -40.12
CA LEU BF 109 109.88 59.27 -38.91
C LEU BF 109 108.64 59.39 -38.04
N GLY BF 110 108.63 58.68 -36.91
CA GLY BF 110 107.50 58.63 -36.02
C GLY BF 110 107.20 57.20 -35.65
N LYS BF 111 105.97 56.96 -35.19
CA LYS BF 111 105.57 55.63 -34.78
C LYS BF 111 104.12 55.39 -35.19
N SER BF 112 103.81 54.13 -35.49
CA SER BF 112 102.45 53.75 -35.81
C SER BF 112 101.61 53.75 -34.54
N PRO BF 113 100.54 54.53 -34.48
CA PRO BF 113 99.67 54.49 -33.29
C PRO BF 113 98.93 53.17 -33.17
N SER BF 114 98.17 53.01 -32.09
CA SER BF 114 97.43 51.78 -31.89
C SER BF 114 96.40 51.55 -33.00
N VAL BF 115 95.44 52.45 -33.11
CA VAL BF 115 94.47 52.38 -34.19
C VAL BF 115 95.20 52.74 -35.48
N PRO BF 116 95.17 51.87 -36.49
CA PRO BF 116 95.89 52.15 -37.74
C PRO BF 116 95.23 53.28 -38.52
N VAL BF 117 95.96 53.75 -39.52
CA VAL BF 117 95.49 54.82 -40.40
C VAL BF 117 94.94 54.20 -41.67
N LEU BF 118 93.74 54.61 -42.06
CA LEU BF 118 93.03 54.02 -43.17
C LEU BF 118 92.78 55.06 -44.25
N ILE BF 119 92.80 54.62 -45.51
CA ILE BF 119 92.55 55.48 -46.65
C ILE BF 119 91.75 54.72 -47.70
N SER BF 120 91.45 55.37 -48.81
CA SER BF 120 90.75 54.72 -49.93
C SER BF 120 91.03 55.50 -51.19
N ILE BF 121 91.44 54.81 -52.25
CA ILE BF 121 91.84 55.45 -53.50
C ILE BF 121 91.54 54.49 -54.64
N SER BF 122 91.01 55.04 -55.75
CA SER BF 122 90.79 54.28 -56.96
C SER BF 122 90.87 55.22 -58.15
N THR BF 123 91.63 54.82 -59.18
CA THR BF 123 91.84 55.68 -60.34
C THR BF 123 92.13 54.83 -61.55
N LYS BF 124 92.03 55.45 -62.73
CA LYS BF 124 92.28 54.79 -64.00
C LYS BF 124 93.51 55.34 -64.71
N ASP BF 125 93.56 56.64 -64.95
CA ASP BF 125 94.73 57.30 -65.54
C ASP BF 125 95.12 58.44 -64.62
N GLU BF 126 96.33 58.39 -64.08
CA GLU BF 126 96.74 59.31 -63.02
C GLU BF 126 98.22 59.10 -62.74
N SER BF 127 98.86 60.10 -62.17
CA SER BF 127 100.30 60.08 -61.99
C SER BF 127 100.70 60.11 -60.51
N LEU BF 128 101.95 59.73 -60.29
CA LEU BF 128 102.44 59.49 -58.93
C LEU BF 128 102.37 60.76 -58.08
N ALA BF 129 102.64 61.92 -58.69
CA ALA BF 129 102.64 63.16 -57.91
C ALA BF 129 101.26 63.44 -57.33
N GLU BF 130 100.22 63.35 -58.15
CA GLU BF 130 98.88 63.59 -57.64
C GLU BF 130 98.43 62.44 -56.74
N ILE BF 131 98.96 61.23 -56.95
CA ILE BF 131 98.69 60.15 -56.00
C ILE BF 131 99.20 60.56 -54.62
N LEU BF 132 100.43 61.07 -54.56
CA LEU BF 132 101.00 61.47 -53.28
C LEU BF 132 100.23 62.62 -52.67
N ARG BF 133 99.85 63.60 -53.50
CA ARG BF 133 99.11 64.75 -53.00
C ARG BF 133 97.77 64.32 -52.40
N ASP BF 134 97.04 63.47 -53.12
CA ASP BF 134 95.75 63.01 -52.61
C ASP BF 134 95.92 62.13 -51.38
N ILE BF 135 96.98 61.32 -51.33
CA ILE BF 135 97.24 60.51 -50.15
C ILE BF 135 97.46 61.40 -48.94
N ASP BF 136 98.28 62.44 -49.09
CA ASP BF 136 98.52 63.35 -47.98
C ASP BF 136 97.24 64.06 -47.57
N TYR BF 137 96.43 64.47 -48.54
CA TYR BF 137 95.19 65.15 -48.21
C TYR BF 137 94.25 64.24 -47.44
N GLN BF 138 94.12 62.98 -47.87
CA GLN BF 138 93.30 62.03 -47.13
C GLN BF 138 93.87 61.77 -45.74
N ALA BF 139 95.18 61.84 -45.59
CA ALA BF 139 95.80 61.53 -44.31
C ALA BF 139 95.35 62.46 -43.20
N GLY BF 140 94.81 63.62 -43.54
CA GLY BF 140 94.41 64.54 -42.51
C GLY BF 140 95.63 65.19 -41.87
N LYS BF 141 95.57 65.37 -40.55
CA LYS BF 141 96.64 66.05 -39.83
C LYS BF 141 97.35 65.13 -38.84
N LYS BF 142 97.22 63.81 -39.02
CA LYS BF 142 97.95 62.87 -38.20
C LYS BF 142 99.22 62.36 -38.86
N ALA BF 143 99.40 62.62 -40.16
CA ALA BF 143 100.59 62.20 -40.87
C ALA BF 143 100.86 63.14 -42.02
N SER BF 144 102.08 63.09 -42.53
CA SER BF 144 102.49 63.95 -43.64
C SER BF 144 103.54 63.23 -44.46
N ILE BF 145 103.77 63.72 -45.67
CA ILE BF 145 104.70 63.12 -46.61
C ILE BF 145 105.67 64.18 -47.09
N HIS BF 146 106.96 63.85 -47.10
CA HIS BF 146 107.98 64.72 -47.66
C HIS BF 146 108.68 64.00 -48.80
N VAL BF 147 109.07 64.76 -49.81
CA VAL BF 147 109.73 64.24 -51.00
C VAL BF 147 111.06 64.96 -51.16
N TYR BF 148 112.13 64.19 -51.37
CA TYR BF 148 113.45 64.76 -51.63
C TYR BF 148 113.95 64.25 -52.98
N PRO BF 149 114.15 65.13 -53.95
CA PRO BF 149 114.63 64.69 -55.27
C PRO BF 149 116.14 64.68 -55.37
N ASN BF 150 116.83 65.39 -54.48
CA ASN BF 150 118.28 65.36 -54.45
C ASN BF 150 118.77 63.93 -54.19
N SER BF 151 118.44 63.38 -53.04
CA SER BF 151 118.52 61.95 -52.80
C SER BF 151 117.10 61.40 -52.95
N GLN BF 152 116.92 60.50 -53.90
CA GLN BF 152 115.58 60.16 -54.37
C GLN BF 152 114.82 59.41 -53.30
N VAL BF 153 114.19 60.13 -52.37
CA VAL BF 153 113.61 59.51 -51.20
C VAL BF 153 112.26 60.14 -50.86
N VAL BF 154 111.42 59.35 -50.20
CA VAL BF 154 110.15 59.80 -49.65
C VAL BF 154 110.12 59.45 -48.17
N GLU BF 155 109.49 60.31 -47.38
CA GLU BF 155 109.47 60.19 -45.94
C GLU BF 155 108.05 60.34 -45.42
N LEU BF 156 107.62 59.40 -44.59
CA LEU BF 156 106.34 59.47 -43.91
C LEU BF 156 106.57 59.93 -42.47
N ARG BF 157 106.01 61.08 -42.13
CA ARG BF 157 106.20 61.70 -40.83
C ARG BF 157 104.90 61.60 -40.05
N TYR BF 158 104.94 60.90 -38.93
CA TYR BF 158 103.77 60.74 -38.07
C TYR BF 158 103.53 62.03 -37.28
N ALA BF 159 102.44 62.05 -36.53
CA ALA BF 159 102.15 63.11 -35.59
C ALA BF 159 102.25 62.59 -34.16
N LYS BF 160 102.76 63.43 -33.26
CA LYS BF 160 102.96 63.04 -31.88
C LYS BF 160 101.64 62.99 -31.10
N ILE CF 208 98.17 106.50 -43.75
CA ILE CF 208 97.25 107.07 -44.73
C ILE CF 208 97.52 106.49 -46.12
N ILE CF 209 96.46 106.02 -46.77
CA ILE CF 209 96.56 105.40 -48.08
C ILE CF 209 96.23 106.44 -49.14
N TYR CF 210 96.76 106.21 -50.35
CA TYR CF 210 96.51 107.09 -51.48
C TYR CF 210 95.76 106.32 -52.55
N TYR CF 211 95.31 107.05 -53.57
CA TYR CF 211 94.57 106.45 -54.68
C TYR CF 211 94.95 107.16 -55.97
N ILE CF 212 94.80 106.44 -57.08
CA ILE CF 212 95.14 106.96 -58.40
C ILE CF 212 93.91 107.54 -59.05
N GLN CF 213 94.10 108.59 -59.85
CA GLN CF 213 93.01 109.22 -60.59
C GLN CF 213 93.17 109.06 -62.10
N ALA CF 214 94.29 109.50 -62.66
CA ALA CF 214 94.57 109.36 -64.07
C ALA CF 214 96.00 108.91 -64.26
N VAL CF 215 96.25 108.16 -65.33
CA VAL CF 215 97.54 107.52 -65.55
C VAL CF 215 98.02 107.76 -66.97
N ILE CF 216 99.33 107.70 -67.14
CA ILE CF 216 99.96 107.78 -68.46
C ILE CF 216 101.30 107.07 -68.42
N PRO CF 217 101.77 106.58 -69.57
CA PRO CF 217 103.12 106.03 -69.60
C PRO CF 217 104.15 107.07 -69.17
N GLY CF 218 104.78 106.84 -68.02
CA GLY CF 218 105.80 107.75 -67.52
C GLY CF 218 105.40 108.51 -66.27
N ARG CF 219 104.16 108.97 -66.20
CA ARG CF 219 103.71 109.78 -65.07
C ARG CF 219 102.29 109.36 -64.69
N ALA CF 220 101.97 109.57 -63.41
CA ALA CF 220 100.65 109.25 -62.88
C ALA CF 220 100.12 110.43 -62.08
N TRP CF 221 98.79 110.50 -61.98
CA TRP CF 221 98.10 111.60 -61.30
C TRP CF 221 97.26 110.98 -60.19
N LEU CF 222 97.83 110.82 -59.00
CA LEU CF 222 97.15 110.13 -57.91
C LEU CF 222 96.66 111.12 -56.87
N ILE CF 223 95.86 110.62 -55.94
CA ILE CF 223 95.23 111.41 -54.90
C ILE CF 223 95.47 110.75 -53.55
N GLY CF 224 95.49 111.55 -52.50
CA GLY CF 224 95.65 111.07 -51.14
C GLY CF 224 94.33 111.07 -50.38
N SER CF 225 94.32 110.30 -49.29
CA SER CF 225 93.14 110.24 -48.43
C SER CF 225 92.85 111.60 -47.80
N ASN CF 226 93.89 112.35 -47.43
CA ASN CF 226 93.71 113.68 -46.90
C ASN CF 226 93.23 114.68 -47.95
N GLY CF 227 93.23 114.29 -49.23
CA GLY CF 227 92.85 115.20 -50.29
C GLY CF 227 94.00 115.82 -51.04
N SER CF 228 95.23 115.43 -50.75
CA SER CF 228 96.41 115.96 -51.43
C SER CF 228 96.74 115.09 -52.63
N THR CF 229 96.78 115.69 -53.82
CA THR CF 229 97.11 114.95 -55.02
C THR CF 229 98.62 114.96 -55.24
N LEU CF 230 99.06 114.24 -56.28
CA LEU CF 230 100.48 114.15 -56.58
C LEU CF 230 100.69 113.66 -57.99
N THR CF 231 101.70 114.21 -58.65
CA THR CF 231 102.20 113.72 -59.92
C THR CF 231 103.40 112.81 -59.67
N VAL CF 232 103.44 111.69 -60.36
CA VAL CF 232 104.38 110.61 -60.08
C VAL CF 232 105.19 110.29 -61.33
N ARG CF 233 106.50 110.19 -61.17
CA ARG CF 233 107.41 109.79 -62.23
C ARG CF 233 107.70 108.30 -62.13
N GLU CF 234 108.23 107.75 -63.22
CA GLU CF 234 108.60 106.33 -63.22
C GLU CF 234 109.60 106.02 -62.11
N GLY CF 235 110.69 106.76 -62.06
CA GLY CF 235 111.59 106.68 -60.92
C GLY CF 235 111.25 107.77 -59.93
N SER CF 236 110.51 107.44 -58.88
CA SER CF 236 110.03 108.44 -57.96
C SER CF 236 109.84 107.82 -56.59
N LYS CF 237 109.82 108.67 -55.56
CA LYS CF 237 109.73 108.25 -54.18
C LYS CF 237 108.46 108.80 -53.56
N ILE CF 238 107.74 107.95 -52.84
CA ILE CF 238 106.55 108.36 -52.09
C ILE CF 238 106.64 107.79 -50.68
N PRO CF 239 106.37 108.60 -49.65
CA PRO CF 239 106.46 108.11 -48.28
C PRO CF 239 105.43 107.03 -48.00
N GLY CF 240 105.83 106.09 -47.14
CA GLY CF 240 104.96 104.98 -46.80
C GLY CF 240 105.00 103.87 -47.82
N TYR CF 241 105.38 104.20 -49.05
CA TYR CF 241 105.47 103.24 -50.14
C TYR CF 241 106.88 103.10 -50.71
N GLY CF 242 107.73 104.09 -50.53
CA GLY CF 242 109.12 103.98 -50.93
C GLY CF 242 109.33 104.47 -52.37
N MET CF 243 110.16 103.76 -53.12
CA MET CF 243 110.57 104.17 -54.45
C MET CF 243 109.73 103.47 -55.50
N VAL CF 244 109.12 104.24 -56.39
CA VAL CF 244 108.34 103.67 -57.47
C VAL CF 244 109.27 102.97 -58.45
N LYS CF 245 108.92 101.74 -58.81
CA LYS CF 245 109.74 100.95 -59.74
C LYS CF 245 109.05 100.66 -61.07
N LEU CF 246 107.73 100.61 -61.12
CA LEU CF 246 107.04 100.38 -62.38
C LEU CF 246 105.66 101.01 -62.33
N ILE CF 247 105.18 101.40 -63.50
CA ILE CF 247 103.83 101.92 -63.68
C ILE CF 247 103.23 101.30 -64.94
N ASP CF 248 102.04 100.74 -64.80
CA ASP CF 248 101.35 100.10 -65.92
C ASP CF 248 100.33 101.07 -66.49
N SER CF 249 100.36 101.25 -67.81
CA SER CF 249 99.50 102.24 -68.46
C SER CF 249 98.10 101.68 -68.68
N LEU CF 250 97.97 100.63 -69.48
CA LEU CF 250 96.65 100.09 -69.79
C LEU CF 250 96.02 99.42 -68.58
N GLN CF 251 96.84 98.89 -67.68
CA GLN CF 251 96.34 98.17 -66.50
C GLN CF 251 96.59 99.01 -65.26
N GLY CF 252 95.57 99.11 -64.42
CA GLY CF 252 95.67 99.95 -63.25
C GLY CF 252 96.50 99.35 -62.12
N ARG CF 253 97.80 99.22 -62.34
CA ARG CF 253 98.71 98.72 -61.32
C ARG CF 253 99.96 99.59 -61.29
N ILE CF 254 100.37 100.00 -60.10
CA ILE CF 254 101.60 100.76 -59.89
C ILE CF 254 102.34 100.15 -58.72
N LEU CF 255 103.59 99.73 -58.95
CA LEU CF 255 104.39 99.06 -57.94
C LEU CF 255 105.53 99.96 -57.48
N THR CF 256 105.67 100.07 -56.16
CA THR CF 256 106.75 100.81 -55.53
C THR CF 256 107.80 99.84 -54.99
N SER CF 257 108.77 100.37 -54.25
CA SER CF 257 109.78 99.54 -53.61
C SER CF 257 109.23 98.74 -52.44
N SER CF 258 108.01 99.00 -52.01
CA SER CF 258 107.42 98.31 -50.86
C SER CF 258 106.63 97.08 -51.26
N GLY CF 259 106.70 96.66 -52.53
CA GLY CF 259 106.12 95.41 -52.96
C GLY CF 259 104.61 95.39 -53.11
N GLN CF 260 103.90 96.26 -52.42
CA GLN CF 260 102.45 96.32 -52.55
C GLN CF 260 102.06 97.19 -53.74
N VAL CF 261 100.79 97.10 -54.12
CA VAL CF 261 100.29 97.77 -55.31
C VAL CF 261 99.13 98.68 -54.93
N ILE CF 262 98.82 99.63 -55.81
CA ILE CF 262 97.80 100.65 -55.56
C ILE CF 262 96.82 100.63 -56.73
N LYS CF 263 95.54 100.73 -56.41
CA LYS CF 263 94.46 100.68 -57.37
C LYS CF 263 93.69 102.00 -57.36
N PHE CF 264 92.58 102.04 -58.10
CA PHE CF 264 91.68 103.18 -58.10
C PHE CF 264 90.82 103.15 -56.85
N SER CF 265 89.91 104.12 -56.75
CA SER CF 265 88.98 104.22 -55.64
C SER CF 265 87.61 103.69 -56.04
N GLN CF 266 86.87 103.21 -55.05
CA GLN CF 266 85.53 102.67 -55.28
C GLN CF 266 84.53 103.22 -54.27
N LYS DF 60 -85.87 -13.67 13.95
CA LYS DF 60 -85.53 -14.91 14.63
C LYS DF 60 -85.56 -14.73 16.14
N GLU DF 61 -84.43 -15.03 16.79
CA GLU DF 61 -84.37 -14.93 18.25
C GLU DF 61 -84.51 -13.50 18.74
N THR DF 62 -84.38 -12.52 17.84
CA THR DF 62 -84.72 -11.16 18.20
C THR DF 62 -86.15 -11.04 18.66
N ALA DF 63 -87.05 -11.86 18.09
CA ALA DF 63 -88.42 -11.90 18.58
C ALA DF 63 -88.46 -12.35 20.03
N LEU DF 64 -87.70 -13.38 20.38
CA LEU DF 64 -87.65 -13.82 21.77
C LEU DF 64 -87.14 -12.71 22.67
N SER DF 65 -86.09 -12.01 22.24
CA SER DF 65 -85.52 -10.95 23.05
C SER DF 65 -86.52 -9.83 23.29
N VAL DF 66 -87.14 -9.33 22.22
CA VAL DF 66 -88.05 -8.21 22.38
C VAL DF 66 -89.30 -8.63 23.15
N GLY DF 67 -89.77 -9.86 22.95
CA GLY DF 67 -90.90 -10.33 23.71
C GLY DF 67 -90.59 -10.41 25.19
N ALA DF 68 -89.41 -10.94 25.54
CA ALA DF 68 -89.01 -10.99 26.93
C ALA DF 68 -88.96 -9.59 27.53
N GLN DF 69 -88.35 -8.65 26.81
CA GLN DF 69 -88.26 -7.29 27.32
C GLN DF 69 -89.64 -6.68 27.55
N ALA DF 70 -90.50 -6.75 26.53
CA ALA DF 70 -91.82 -6.13 26.65
C ALA DF 70 -92.65 -6.78 27.73
N GLY DF 71 -92.64 -8.11 27.80
CA GLY DF 71 -93.40 -8.79 28.82
C GLY DF 71 -92.91 -8.46 30.23
N LEU DF 72 -91.59 -8.43 30.40
CA LEU DF 72 -91.04 -8.06 31.70
C LEU DF 72 -91.49 -6.67 32.11
N ALA DF 73 -91.38 -5.71 31.20
CA ALA DF 73 -91.77 -4.33 31.53
C ALA DF 73 -93.25 -4.23 31.84
N TRP DF 74 -94.09 -4.88 31.03
CA TRP DF 74 -95.53 -4.78 31.23
C TRP DF 74 -95.94 -5.42 32.54
N ARG DF 75 -95.41 -6.61 32.83
CA ARG DF 75 -95.74 -7.28 34.08
C ARG DF 75 -95.26 -6.46 35.28
N ALA DF 76 -94.07 -5.88 35.19
CA ALA DF 76 -93.58 -5.05 36.28
C ALA DF 76 -94.49 -3.86 36.52
N LYS DF 77 -94.92 -3.19 35.44
CA LYS DF 77 -95.80 -2.05 35.61
C LYS DF 77 -97.13 -2.44 36.24
N ILE DF 78 -97.70 -3.56 35.79
CA ILE DF 78 -98.96 -4.02 36.37
C ILE DF 78 -98.76 -4.36 37.85
N ILE DF 79 -97.63 -4.98 38.17
CA ILE DF 79 -97.34 -5.34 39.55
C ILE DF 79 -97.25 -4.09 40.41
N ASP DF 80 -96.56 -3.06 39.91
CA ASP DF 80 -96.46 -1.82 40.67
C ASP DF 80 -97.82 -1.19 40.89
N GLU DF 81 -98.66 -1.18 39.85
CA GLU DF 81 -99.99 -0.60 40.00
C GLU DF 81 -100.80 -1.34 41.05
N GLN DF 82 -100.82 -2.67 40.97
CA GLN DF 82 -101.58 -3.44 41.94
C GLN DF 82 -101.03 -3.25 43.34
N LEU DF 83 -99.71 -3.18 43.48
CA LEU DF 83 -99.10 -2.96 44.78
C LEU DF 83 -99.52 -1.63 45.37
N ASN DF 84 -99.38 -0.55 44.61
CA ASN DF 84 -99.72 0.76 45.14
C ASN DF 84 -101.22 0.90 45.37
N LYS DF 85 -102.04 0.07 44.72
CA LYS DF 85 -103.47 0.06 45.02
C LYS DF 85 -103.70 -0.18 46.51
N GLN DF 86 -103.11 -1.23 47.05
CA GLN DF 86 -103.19 -1.52 48.48
C GLN DF 86 -101.98 -0.88 49.16
N ALA DF 87 -102.20 0.19 49.91
CA ALA DF 87 -101.12 0.91 50.56
C ALA DF 87 -101.20 0.83 52.08
N ARG DF 88 -102.32 1.23 52.66
CA ARG DF 88 -102.38 1.43 54.10
C ARG DF 88 -102.15 0.13 54.86
N ASN DF 89 -102.78 -0.96 54.42
CA ASN DF 89 -102.57 -2.22 55.12
C ASN DF 89 -101.14 -2.69 55.01
N LEU DF 90 -100.48 -2.40 53.89
CA LEU DF 90 -99.11 -2.84 53.68
C LEU DF 90 -98.19 -2.32 54.78
N ASP DF 91 -98.04 -1.00 54.87
CA ASP DF 91 -97.19 -0.46 55.92
C ASP DF 91 -97.79 -0.67 57.29
N ALA DF 92 -99.12 -0.76 57.38
CA ALA DF 92 -99.74 -1.05 58.67
C ALA DF 92 -99.21 -2.35 59.25
N ILE DF 93 -99.08 -3.38 58.43
CA ILE DF 93 -98.55 -4.63 58.93
C ILE DF 93 -97.03 -4.59 59.01
N TYR DF 94 -96.35 -4.05 58.00
CA TYR DF 94 -94.90 -3.97 58.07
C TYR DF 94 -94.41 -2.65 58.64
N ASP DF 95 -95.00 -2.18 59.74
CA ASP DF 95 -94.41 -1.07 60.47
C ASP DF 95 -93.17 -1.53 61.23
N PHE DF 96 -92.30 -0.58 61.53
CA PHE DF 96 -91.11 -0.84 62.32
C PHE DF 96 -90.93 0.12 63.49
N ASN DF 97 -91.45 1.34 63.38
CA ASN DF 97 -91.26 2.33 64.44
C ASN DF 97 -91.81 1.84 65.77
N SER DF 98 -92.90 1.08 65.75
CA SER DF 98 -93.43 0.48 66.96
C SER DF 98 -92.52 -0.61 67.50
N LEU DF 99 -91.52 -1.04 66.73
CA LEU DF 99 -90.57 -2.05 67.17
C LEU DF 99 -89.22 -1.46 67.54
N VAL DF 100 -88.88 -0.28 67.03
CA VAL DF 100 -87.56 0.30 67.26
C VAL DF 100 -87.32 0.46 68.76
N LEU DF 101 -86.07 0.25 69.16
CA LEU DF 101 -85.68 0.44 70.55
C LEU DF 101 -85.76 1.92 70.93
N GLU DF 102 -85.64 2.18 72.23
CA GLU DF 102 -85.83 3.52 72.75
C GLU DF 102 -84.79 4.49 72.19
N HIS DF 103 -83.54 4.05 72.08
CA HIS DF 103 -82.43 4.94 71.76
C HIS DF 103 -82.25 5.14 70.26
N ASN DF 104 -83.31 4.97 69.48
CA ASN DF 104 -83.26 5.15 68.03
C ASN DF 104 -82.20 4.23 67.41
N ILE DF 105 -82.12 3.02 67.93
CA ILE DF 105 -81.19 2.00 67.45
C ILE DF 105 -82.02 0.85 66.94
N LEU DF 106 -81.79 0.46 65.69
CA LEU DF 106 -82.54 -0.64 65.11
C LEU DF 106 -82.18 -1.93 65.82
N PRO DF 107 -83.15 -2.68 66.35
CA PRO DF 107 -82.83 -3.96 66.94
C PRO DF 107 -82.21 -4.88 65.92
N PRO DF 108 -81.26 -5.72 66.33
CA PRO DF 108 -80.49 -6.51 65.36
C PRO DF 108 -81.30 -7.65 64.75
N VAL DF 109 -80.65 -8.46 63.94
CA VAL DF 109 -81.30 -9.53 63.19
C VAL DF 109 -80.82 -10.87 63.72
N LEU DF 110 -81.76 -11.77 63.98
CA LEU DF 110 -81.45 -13.09 64.53
C LEU DF 110 -81.97 -14.17 63.60
N LEU DF 111 -81.21 -15.24 63.46
CA LEU DF 111 -81.58 -16.38 62.62
C LEU DF 111 -81.58 -17.65 63.45
N GLU DF 112 -82.62 -18.47 63.25
CA GLU DF 112 -82.87 -19.67 64.03
C GLU DF 112 -82.80 -20.90 63.14
N GLY DF 113 -82.23 -21.97 63.66
CA GLY DF 113 -82.19 -23.24 62.96
C GLY DF 113 -82.52 -24.41 63.87
N ARG DF 114 -83.39 -25.30 63.39
CA ARG DF 114 -83.87 -26.43 64.17
C ARG DF 114 -83.31 -27.72 63.61
N ASN DF 115 -82.76 -28.56 64.49
CA ASN DF 115 -82.36 -29.92 64.17
C ASN DF 115 -81.42 -29.96 62.97
N THR DF 116 -80.25 -29.37 63.18
CA THR DF 116 -79.22 -29.35 62.15
C THR DF 116 -78.49 -30.68 62.11
N LEU DF 117 -78.31 -31.23 60.90
CA LEU DF 117 -77.54 -32.45 60.74
C LEU DF 117 -76.54 -32.28 59.61
N ASN DF 118 -75.31 -32.77 59.83
CA ASN DF 118 -74.30 -32.71 58.79
C ASN DF 118 -73.35 -33.88 58.96
N LEU DF 119 -72.69 -34.23 57.85
CA LEU DF 119 -71.72 -35.31 57.81
C LEU DF 119 -70.41 -34.76 57.28
N ALA DF 120 -69.32 -34.94 58.02
CA ALA DF 120 -68.02 -34.54 57.47
C ALA DF 120 -67.60 -35.50 56.37
N ASP DF 121 -67.62 -36.78 56.68
CA ASP DF 121 -67.40 -37.86 55.73
C ASP DF 121 -67.91 -39.13 56.39
N ALA DF 122 -67.54 -40.28 55.84
CA ALA DF 122 -67.78 -41.53 56.55
C ALA DF 122 -67.14 -41.47 57.92
N GLN DF 123 -67.76 -42.17 58.87
CA GLN DF 123 -67.25 -42.33 60.23
C GLN DF 123 -67.31 -41.06 61.07
N SER DF 124 -67.86 -39.97 60.54
CA SER DF 124 -67.80 -38.68 61.24
C SER DF 124 -69.03 -37.84 60.90
N ILE DF 125 -69.96 -37.73 61.84
CA ILE DF 125 -71.15 -36.91 61.65
C ILE DF 125 -71.40 -36.05 62.88
N ARG DF 126 -72.08 -34.93 62.67
CA ARG DF 126 -72.39 -33.98 63.72
C ARG DF 126 -73.85 -33.55 63.64
N ILE DF 127 -74.44 -33.32 64.81
CA ILE DF 127 -75.86 -33.01 64.89
C ILE DF 127 -76.10 -32.08 66.07
N SER DF 128 -77.02 -31.12 65.87
CA SER DF 128 -77.53 -30.29 66.95
C SER DF 128 -79.02 -30.11 66.75
N ASP DF 129 -79.69 -29.54 67.77
CA ASP DF 129 -81.12 -29.34 67.68
C ASP DF 129 -81.51 -27.87 67.54
N ARG DF 130 -80.74 -26.95 68.13
CA ARG DF 130 -81.05 -25.53 68.05
C ARG DF 130 -79.76 -24.77 67.78
N THR DF 131 -79.83 -23.87 66.80
CA THR DF 131 -78.71 -23.01 66.46
C THR DF 131 -79.21 -21.59 66.27
N TYR DF 132 -78.43 -20.62 66.76
CA TYR DF 132 -78.82 -19.23 66.63
C TYR DF 132 -77.63 -18.40 66.18
N LYS DF 133 -77.88 -17.51 65.22
CA LYS DF 133 -76.87 -16.67 64.59
C LYS DF 133 -77.34 -15.23 64.57
N VAL DF 134 -76.39 -14.30 64.70
CA VAL DF 134 -76.69 -12.88 64.59
C VAL DF 134 -76.29 -12.42 63.20
N ALA DF 135 -77.26 -11.92 62.43
CA ALA DF 135 -77.01 -11.53 61.05
C ALA DF 135 -76.42 -10.13 60.96
N LYS DF 136 -77.17 -9.13 61.40
CA LYS DF 136 -76.78 -7.73 61.29
C LYS DF 136 -76.73 -7.12 62.67
N GLN DF 137 -75.57 -6.60 63.05
CA GLN DF 137 -75.42 -5.99 64.36
C GLN DF 137 -76.29 -4.75 64.48
N ALA DF 138 -76.89 -4.58 65.65
CA ALA DF 138 -77.75 -3.41 65.90
C ALA DF 138 -76.94 -2.14 65.76
N HIS DF 139 -77.51 -1.15 65.06
CA HIS DF 139 -76.85 0.13 64.87
C HIS DF 139 -77.88 1.24 64.97
N PHE DF 140 -77.38 2.47 65.10
CA PHE DF 140 -78.23 3.64 65.19
C PHE DF 140 -79.03 3.83 63.91
N ILE DF 141 -80.01 4.74 63.97
CA ILE DF 141 -80.89 4.99 62.84
C ILE DF 141 -81.52 6.36 63.03
N THR DF 142 -81.90 7.00 61.93
CA THR DF 142 -82.56 8.29 61.97
C THR DF 142 -84.03 8.23 61.59
N THR DF 143 -84.48 7.16 60.94
CA THR DF 143 -85.86 7.05 60.50
C THR DF 143 -86.17 5.59 60.21
N PRO DF 144 -87.35 5.11 60.57
CA PRO DF 144 -87.68 3.71 60.30
C PRO DF 144 -87.77 3.44 58.81
N PRO DF 145 -87.15 2.38 58.33
CA PRO DF 145 -87.28 2.02 56.92
C PRO DF 145 -88.68 1.50 56.62
N THR DF 146 -89.02 1.50 55.35
CA THR DF 146 -90.31 1.02 54.88
C THR DF 146 -90.11 -0.12 53.90
N TRP DF 147 -91.21 -0.53 53.27
CA TRP DF 147 -91.16 -1.52 52.20
C TRP DF 147 -90.53 -0.94 50.95
N ARG DF 148 -90.20 0.36 50.99
CA ARG DF 148 -89.66 1.04 49.82
C ARG DF 148 -88.43 0.32 49.29
N GLN DF 149 -87.46 0.04 50.16
CA GLN DF 149 -86.21 -0.57 49.75
C GLN DF 149 -86.27 -2.09 49.73
N TYR DF 150 -87.48 -2.67 49.70
CA TYR DF 150 -87.60 -4.12 49.76
C TYR DF 150 -88.56 -4.66 48.71
N LEU DF 151 -89.53 -3.85 48.28
CA LEU DF 151 -90.61 -4.37 47.45
C LEU DF 151 -90.65 -3.78 46.05
N TRP DF 152 -90.62 -2.46 45.93
CA TRP DF 152 -90.81 -1.82 44.64
C TRP DF 152 -89.74 -2.26 43.65
N MET DF 153 -90.16 -2.53 42.42
CA MET DF 153 -89.26 -2.79 41.31
C MET DF 153 -89.42 -1.64 40.32
N ASP DF 154 -88.31 -0.94 40.05
CA ASP DF 154 -88.36 0.25 39.20
C ASP DF 154 -88.82 -0.13 37.80
N TYR DF 155 -89.59 0.77 37.19
CA TYR DF 155 -90.17 0.54 35.88
C TYR DF 155 -89.71 1.60 34.91
N VAL DF 156 -89.27 1.17 33.73
CA VAL DF 156 -88.93 2.06 32.64
C VAL DF 156 -89.61 1.56 31.38
N LYS DF 157 -90.39 2.42 30.75
CA LYS DF 157 -91.04 2.05 29.50
C LYS DF 157 -89.99 1.97 28.40
N PRO DF 158 -89.88 0.84 27.70
CA PRO DF 158 -88.95 0.77 26.57
C PRO DF 158 -89.61 1.27 25.29
N GLU DF 159 -89.08 2.35 24.72
CA GLU DF 159 -89.61 2.93 23.49
C GLU DF 159 -88.73 2.64 22.29
N ALA DF 160 -87.96 1.55 22.32
CA ALA DF 160 -86.98 1.24 21.27
C ALA DF 160 -87.26 -0.13 20.70
N PRO DF 161 -88.25 -0.27 19.81
CA PRO DF 161 -88.41 -1.53 19.08
C PRO DF 161 -87.31 -1.68 18.05
N ASN DF 162 -86.43 -2.67 18.25
CA ASN DF 162 -85.27 -2.83 17.37
C ASN DF 162 -85.67 -3.36 16.01
N VAL DF 163 -85.87 -2.46 15.05
CA VAL DF 163 -86.26 -2.85 13.70
C VAL DF 163 -84.99 -3.34 13.00
N THR DF 164 -84.69 -4.63 13.14
CA THR DF 164 -83.54 -5.23 12.48
C THR DF 164 -83.96 -6.34 11.52
N LEU DF 165 -84.75 -7.31 11.98
CA LEU DF 165 -85.21 -8.41 11.15
C LEU DF 165 -86.72 -8.40 11.10
N LEU DF 166 -87.27 -8.67 9.93
CA LEU DF 166 -88.71 -8.75 9.72
C LEU DF 166 -89.04 -10.03 8.97
N PRO DF 167 -90.23 -10.58 9.18
CA PRO DF 167 -90.63 -11.77 8.43
C PRO DF 167 -90.86 -11.46 6.96
N LYS DF 168 -90.72 -12.49 6.14
CA LYS DF 168 -90.93 -12.40 4.71
C LYS DF 168 -92.20 -13.13 4.26
N THR DF 169 -92.39 -14.36 4.70
CA THR DF 169 -93.52 -15.17 4.30
C THR DF 169 -94.44 -15.44 5.49
N LYS DF 170 -95.55 -16.11 5.20
CA LYS DF 170 -96.58 -16.37 6.21
C LYS DF 170 -96.05 -17.22 7.34
N ALA DF 171 -95.26 -18.27 7.02
CA ALA DF 171 -94.67 -19.09 8.07
C ALA DF 171 -93.74 -18.28 8.94
N GLU DF 172 -92.96 -17.38 8.33
CA GLU DF 172 -92.09 -16.51 9.10
C GLU DF 172 -92.90 -15.62 10.04
N LYS DF 173 -94.00 -15.04 9.53
CA LYS DF 173 -94.85 -14.21 10.38
C LYS DF 173 -95.40 -15.00 11.55
N GLU DF 174 -95.87 -16.23 11.28
CA GLU DF 174 -96.46 -17.04 12.33
C GLU DF 174 -95.43 -17.41 13.40
N ILE DF 175 -94.25 -17.85 12.98
CA ILE DF 175 -93.23 -18.23 13.95
C ILE DF 175 -92.77 -17.01 14.73
N TRP DF 176 -92.69 -15.86 14.06
CA TRP DF 176 -92.32 -14.63 14.73
C TRP DF 176 -93.34 -14.27 15.82
N CYS DF 177 -94.62 -14.37 15.48
CA CYS DF 177 -95.67 -14.07 16.45
C CYS DF 177 -95.61 -15.02 17.64
N ILE DF 178 -95.49 -16.31 17.39
CA ILE DF 178 -95.53 -17.27 18.49
C ILE DF 178 -94.27 -17.14 19.36
N TYR DF 179 -93.12 -16.89 18.74
CA TYR DF 179 -91.91 -16.70 19.52
C TYR DF 179 -91.99 -15.44 20.37
N THR DF 180 -92.55 -14.37 19.82
CA THR DF 180 -92.74 -13.17 20.62
C THR DF 180 -93.65 -13.45 21.80
N GLU DF 181 -94.74 -14.21 21.57
CA GLU DF 181 -95.66 -14.54 22.65
C GLU DF 181 -94.97 -15.32 23.76
N ARG DF 182 -94.21 -16.35 23.39
CA ARG DF 182 -93.57 -17.16 24.43
C ARG DF 182 -92.50 -16.37 25.16
N GLY DF 183 -91.77 -15.50 24.46
CA GLY DF 183 -90.82 -14.64 25.15
C GLY DF 183 -91.51 -13.71 26.13
N TRP DF 184 -92.67 -13.17 25.75
CA TRP DF 184 -93.43 -12.32 26.66
C TRP DF 184 -93.88 -13.08 27.89
N LYS DF 185 -94.31 -14.34 27.70
CA LYS DF 185 -94.66 -15.18 28.85
C LYS DF 185 -93.46 -15.38 29.76
N ASN DF 186 -92.30 -15.65 29.17
CA ASN DF 186 -91.09 -15.85 29.97
C ASN DF 186 -90.75 -14.60 30.76
N GLY DF 187 -90.89 -13.43 30.15
CA GLY DF 187 -90.66 -12.20 30.88
C GLY DF 187 -91.60 -12.04 32.06
N ILE DF 188 -92.87 -12.39 31.86
CA ILE DF 188 -93.83 -12.33 32.96
C ILE DF 188 -93.37 -13.23 34.10
N ASP DF 189 -92.96 -14.45 33.77
CA ASP DF 189 -92.51 -15.39 34.80
C ASP DF 189 -91.30 -14.85 35.54
N GLN DF 190 -90.37 -14.25 34.80
CA GLN DF 190 -89.17 -13.70 35.42
C GLN DF 190 -89.53 -12.60 36.40
N ALA DF 191 -90.46 -11.71 36.01
CA ALA DF 191 -90.89 -10.66 36.91
C ALA DF 191 -91.51 -11.24 38.17
N ASN DF 192 -92.34 -12.27 38.02
CA ASN DF 192 -92.96 -12.88 39.19
C ASN DF 192 -91.91 -13.46 40.13
N THR DF 193 -90.90 -14.13 39.57
CA THR DF 193 -89.84 -14.68 40.41
C THR DF 193 -89.08 -13.59 41.15
N ILE DF 194 -88.81 -12.48 40.47
CA ILE DF 194 -88.10 -11.37 41.11
C ILE DF 194 -88.93 -10.86 42.28
N LEU DF 195 -90.23 -10.68 42.07
CA LEU DF 195 -91.10 -10.22 43.14
C LEU DF 195 -91.08 -11.20 44.31
N GLU DF 196 -91.09 -12.49 44.01
CA GLU DF 196 -91.05 -13.50 45.07
C GLU DF 196 -89.77 -13.37 45.88
N GLU DF 197 -88.63 -13.17 45.22
CA GLU DF 197 -87.38 -13.04 45.95
C GLU DF 197 -87.40 -11.80 46.84
N ASN DF 198 -87.94 -10.69 46.33
CA ASN DF 198 -88.03 -9.49 47.17
C ASN DF 198 -88.91 -9.74 48.41
N ILE DF 199 -90.02 -10.45 48.21
CA ILE DF 199 -90.88 -10.79 49.34
C ILE DF 199 -90.13 -11.62 50.36
N ALA DF 200 -89.36 -12.60 49.87
CA ALA DF 200 -88.55 -13.41 50.77
C ALA DF 200 -87.59 -12.54 51.57
N ARG DF 201 -86.96 -11.58 50.91
CA ARG DF 201 -85.98 -10.73 51.59
C ARG DF 201 -86.64 -9.93 52.72
N ILE DF 202 -87.78 -9.30 52.41
CA ILE DF 202 -88.39 -8.45 53.43
C ILE DF 202 -88.94 -9.29 54.58
N LYS DF 203 -89.51 -10.45 54.27
CA LYS DF 203 -89.94 -11.34 55.34
C LYS DF 203 -88.77 -11.75 56.20
N GLU DF 204 -87.62 -12.03 55.57
CA GLU DF 204 -86.42 -12.36 56.32
C GLU DF 204 -86.06 -11.27 57.31
N ASP DF 205 -86.06 -10.02 56.84
CA ASP DF 205 -85.67 -8.92 57.72
C ASP DF 205 -86.62 -8.79 58.91
N PHE DF 206 -87.93 -8.79 58.62
CA PHE DF 206 -88.89 -8.62 59.70
C PHE DF 206 -88.84 -9.79 60.67
N GLY DF 207 -88.69 -11.01 60.17
CA GLY DF 207 -88.57 -12.15 61.04
C GLY DF 207 -87.35 -12.07 61.92
N GLY DF 208 -86.23 -11.58 61.37
CA GLY DF 208 -85.03 -11.45 62.18
C GLY DF 208 -85.22 -10.49 63.34
N MET DF 209 -85.81 -9.32 63.07
CA MET DF 209 -86.00 -8.37 64.17
C MET DF 209 -87.01 -8.90 65.19
N ILE DF 210 -88.08 -9.55 64.72
CA ILE DF 210 -89.05 -10.12 65.65
C ILE DF 210 -88.40 -11.18 66.52
N LEU DF 211 -87.53 -12.00 65.92
CA LEU DF 211 -86.84 -13.03 66.68
C LEU DF 211 -85.95 -12.42 67.73
N TYR DF 212 -85.25 -11.33 67.40
CA TYR DF 212 -84.45 -10.65 68.40
C TYR DF 212 -85.33 -10.19 69.56
N ARG DF 213 -86.47 -9.61 69.24
CA ARG DF 213 -87.39 -9.17 70.30
C ARG DF 213 -87.78 -10.35 71.18
N LYS DF 214 -88.13 -11.47 70.57
CA LYS DF 214 -88.57 -12.63 71.33
C LYS DF 214 -87.48 -13.14 72.27
N LEU DF 215 -86.26 -13.31 71.76
CA LEU DF 215 -85.18 -13.80 72.60
C LEU DF 215 -84.86 -12.82 73.72
N LEU DF 216 -84.82 -11.53 73.40
CA LEU DF 216 -84.54 -10.53 74.42
C LEU DF 216 -85.60 -10.55 75.51
N ALA DF 217 -86.86 -10.72 75.13
CA ALA DF 217 -87.91 -10.88 76.13
C ALA DF 217 -87.66 -12.12 76.97
N MET DF 218 -87.30 -13.24 76.33
CA MET DF 218 -87.06 -14.47 77.06
C MET DF 218 -85.75 -14.46 77.82
N ASN DF 219 -85.02 -13.34 77.79
CA ASN DF 219 -83.74 -13.20 78.51
C ASN DF 219 -82.69 -14.15 77.95
N MET DF 220 -82.44 -14.00 76.66
CA MET DF 220 -81.36 -14.71 75.99
C MET DF 220 -80.33 -13.81 75.35
N VAL DF 221 -80.62 -12.52 75.18
CA VAL DF 221 -79.70 -11.58 74.59
C VAL DF 221 -79.44 -10.46 75.59
N SER DF 222 -78.17 -10.12 75.76
CA SER DF 222 -77.83 -8.96 76.58
C SER DF 222 -78.27 -7.70 75.85
N PRO DF 223 -79.09 -6.84 76.47
CA PRO DF 223 -79.54 -5.65 75.77
C PRO DF 223 -78.38 -4.73 75.47
N PRO DF 224 -78.45 -3.98 74.38
CA PRO DF 224 -77.39 -3.02 74.08
C PRO DF 224 -77.30 -1.96 75.17
N TYR DF 225 -76.08 -1.49 75.42
CA TYR DF 225 -75.83 -0.54 76.47
C TYR DF 225 -75.34 0.78 75.89
N VAL DF 226 -75.88 1.88 76.42
CA VAL DF 226 -75.65 3.21 75.89
C VAL DF 226 -74.87 4.02 76.91
N SER DF 227 -74.29 5.12 76.44
CA SER DF 227 -73.60 6.05 77.31
C SER DF 227 -73.76 7.46 76.76
N HIS DF 228 -73.86 8.43 77.67
CA HIS DF 228 -73.98 9.82 77.30
C HIS DF 228 -73.04 10.65 78.16
N THR DF 229 -72.41 11.64 77.53
CA THR DF 229 -71.54 12.58 78.21
C THR DF 229 -72.04 13.99 77.90
N ASP DF 230 -72.17 14.81 78.95
CA ASP DF 230 -72.75 16.14 78.83
C ASP DF 230 -71.69 17.19 79.10
N LEU DF 231 -71.62 18.19 78.24
CA LEU DF 231 -70.70 19.31 78.36
C LEU DF 231 -71.47 20.60 78.16
N GLY DF 232 -71.11 21.63 78.92
CA GLY DF 232 -71.80 22.89 78.85
C GLY DF 232 -71.42 23.72 77.64
N VAL DF 233 -71.46 25.05 77.78
CA VAL DF 233 -71.08 25.92 76.69
C VAL DF 233 -69.61 25.69 76.33
N THR DF 234 -69.33 25.64 75.02
CA THR DF 234 -67.98 25.40 74.54
C THR DF 234 -67.75 26.21 73.28
N GLY DF 235 -66.48 26.39 72.96
CA GLY DF 235 -66.07 27.11 71.76
C GLY DF 235 -65.34 28.40 72.09
N ASP DF 236 -65.09 29.16 71.03
CA ASP DF 236 -64.42 30.44 71.14
C ASP DF 236 -65.47 31.56 71.07
N GLY DF 237 -65.00 32.80 70.99
CA GLY DF 237 -65.91 33.93 70.82
C GLY DF 237 -66.57 34.00 69.47
N SER DF 238 -66.17 33.16 68.52
CA SER DF 238 -66.76 33.13 67.18
C SER DF 238 -67.74 31.99 66.99
N GLU DF 239 -67.41 30.79 67.49
CA GLU DF 239 -68.29 29.64 67.40
C GLU DF 239 -68.65 29.18 68.80
N ILE DF 240 -69.95 28.99 69.05
CA ILE DF 240 -70.40 28.53 70.36
C ILE DF 240 -71.45 27.44 70.16
N HIS DF 241 -71.31 26.35 70.89
CA HIS DF 241 -72.35 25.34 71.06
C HIS DF 241 -72.73 25.36 72.54
N ILE DF 242 -73.95 25.80 72.85
CA ILE DF 242 -74.28 26.02 74.26
C ILE DF 242 -74.28 24.72 75.06
N ASP DF 243 -74.71 23.61 74.46
CA ASP DF 243 -74.73 22.34 75.18
C ASP DF 243 -74.37 21.23 74.20
N ASP DF 244 -73.49 20.32 74.63
CA ASP DF 244 -73.11 19.19 73.81
C ASP DF 244 -73.41 17.91 74.58
N ARG DF 245 -74.19 17.04 73.98
CA ARG DF 245 -74.45 15.72 74.54
C ARG DF 245 -73.95 14.68 73.54
N VAL DF 246 -73.05 13.81 74.00
CA VAL DF 246 -72.40 12.81 73.16
C VAL DF 246 -72.95 11.46 73.56
N LEU DF 247 -73.55 10.75 72.60
CA LEU DF 247 -74.18 9.46 72.83
C LEU DF 247 -73.41 8.39 72.06
N ARG DF 248 -72.93 7.37 72.77
CA ARG DF 248 -72.29 6.23 72.16
C ARG DF 248 -72.96 4.96 72.67
N ILE DF 249 -72.67 3.85 71.99
CA ILE DF 249 -73.13 2.54 72.41
C ILE DF 249 -71.91 1.67 72.67
N THR DF 250 -71.81 1.15 73.89
CA THR DF 250 -70.63 0.40 74.31
C THR DF 250 -70.82 -1.10 74.14
N ALA DF 251 -71.82 -1.67 74.81
CA ALA DF 251 -72.02 -3.11 74.82
C ALA DF 251 -72.96 -3.49 73.68
N LEU DF 252 -72.41 -4.08 72.62
CA LEU DF 252 -73.24 -4.58 71.55
C LEU DF 252 -74.04 -5.78 72.03
N PRO DF 253 -75.25 -5.95 71.51
CA PRO DF 253 -76.07 -7.10 71.92
C PRO DF 253 -75.41 -8.41 71.49
N GLU DF 254 -75.56 -9.42 72.34
CA GLU DF 254 -75.07 -10.76 72.02
C GLU DF 254 -75.79 -11.76 72.91
N LEU DF 255 -75.79 -13.01 72.49
CA LEU DF 255 -76.47 -14.06 73.23
C LEU DF 255 -75.69 -14.41 74.50
N ASN DF 256 -76.43 -14.74 75.54
CA ASN DF 256 -75.84 -15.22 76.79
C ASN DF 256 -75.60 -16.71 76.71
N VAL DF 257 -74.55 -17.16 77.41
CA VAL DF 257 -74.17 -18.57 77.39
C VAL DF 257 -74.30 -19.24 78.74
N ASN DF 258 -74.36 -18.50 79.83
CA ASN DF 258 -74.56 -19.10 81.14
C ASN DF 258 -75.93 -19.78 81.19
N SER DF 259 -75.92 -21.11 81.24
CA SER DF 259 -77.16 -21.88 81.12
C SER DF 259 -78.10 -21.65 82.29
N ALA DF 260 -77.59 -21.27 83.46
CA ALA DF 260 -78.44 -21.15 84.63
C ALA DF 260 -79.39 -19.96 84.53
N GLU DF 261 -79.03 -18.94 83.75
CA GLU DF 261 -79.81 -17.72 83.66
C GLU DF 261 -80.99 -17.82 82.71
N TRP DF 262 -81.14 -18.94 82.01
CA TRP DF 262 -82.25 -19.09 81.10
C TRP DF 262 -83.58 -19.12 81.86
N ARG DF 263 -84.57 -18.42 81.33
CA ARG DF 263 -85.89 -18.36 81.94
C ARG DF 263 -86.93 -18.79 80.91
N ALA DF 264 -87.82 -19.69 81.31
CA ALA DF 264 -88.84 -20.22 80.42
C ALA DF 264 -90.19 -19.58 80.73
N ALA DF 265 -91.21 -20.02 80.01
CA ALA DF 265 -92.57 -19.53 80.19
C ALA DF 265 -93.55 -20.60 79.75
N VAL DF 266 -94.78 -20.47 80.22
CA VAL DF 266 -95.83 -21.44 79.92
C VAL DF 266 -97.15 -20.68 79.74
N ALA DF 267 -97.85 -20.97 78.64
CA ALA DF 267 -99.08 -20.28 78.31
C ALA DF 267 -100.23 -20.88 79.13
N LYS DF 268 -101.46 -20.53 78.76
CA LYS DF 268 -102.65 -21.07 79.41
C LYS DF 268 -103.74 -21.36 78.40
N GLY EF 26 -98.71 0.81 19.35
CA GLY EF 26 -98.10 0.91 20.67
C GLY EF 26 -97.25 -0.29 21.02
N ASP EF 27 -96.56 -0.20 22.16
CA ASP EF 27 -95.71 -1.28 22.64
C ASP EF 27 -96.09 -1.79 24.02
N THR EF 28 -96.74 -0.96 24.84
CA THR EF 28 -97.17 -1.43 26.16
C THR EF 28 -98.18 -2.56 26.03
N GLY EF 29 -99.12 -2.43 25.08
CA GLY EF 29 -99.99 -3.54 24.72
C GLY EF 29 -99.20 -4.52 23.88
N SER EF 30 -98.27 -5.21 24.53
CA SER EF 30 -97.17 -5.86 23.81
C SER EF 30 -97.67 -6.84 22.77
N LEU EF 31 -98.66 -7.67 23.12
CA LEU EF 31 -99.14 -8.68 22.18
C LEU EF 31 -99.71 -8.02 20.92
N ALA EF 32 -100.59 -7.03 21.11
CA ALA EF 32 -101.19 -6.36 19.96
C ALA EF 32 -100.14 -5.63 19.14
N GLY EF 33 -99.23 -4.91 19.81
CA GLY EF 33 -98.23 -4.14 19.08
C GLY EF 33 -97.30 -5.03 18.28
N LEU EF 34 -96.80 -6.09 18.91
CA LEU EF 34 -95.84 -6.97 18.26
C LEU EF 34 -96.52 -8.03 17.39
N GLN EF 35 -97.85 -8.04 17.33
CA GLN EF 35 -98.52 -8.73 16.24
C GLN EF 35 -98.78 -7.80 15.06
N ALA EF 36 -99.01 -6.51 15.32
CA ALA EF 36 -99.19 -5.56 14.24
C ALA EF 36 -97.88 -5.24 13.55
N MET EF 37 -96.76 -5.35 14.26
CA MET EF 37 -95.46 -5.00 13.68
C MET EF 37 -95.05 -5.91 12.52
N ALA EF 38 -95.73 -7.04 12.33
CA ALA EF 38 -95.32 -7.97 11.28
C ALA EF 38 -95.48 -7.36 9.90
N ASP EF 39 -96.55 -6.60 9.68
CA ASP EF 39 -96.86 -6.10 8.35
C ASP EF 39 -95.86 -5.03 7.91
N SER EF 40 -95.76 -4.85 6.59
CA SER EF 40 -94.84 -3.88 6.01
C SER EF 40 -95.25 -2.44 6.24
N LYS EF 41 -96.45 -2.20 6.77
CA LYS EF 41 -96.89 -0.83 7.03
C LYS EF 41 -95.95 -0.14 8.02
N TYR EF 42 -95.61 -0.84 9.11
CA TYR EF 42 -94.66 -0.28 10.06
C TYR EF 42 -93.28 -0.13 9.44
N THR EF 43 -92.90 -1.05 8.55
CA THR EF 43 -91.60 -0.94 7.90
C THR EF 43 -91.52 0.34 7.07
N ARG EF 44 -92.54 0.62 6.26
CA ARG EF 44 -92.51 1.83 5.46
C ARG EF 44 -92.70 3.07 6.31
N ALA EF 45 -93.42 2.96 7.43
CA ALA EF 45 -93.49 4.08 8.36
C ALA EF 45 -92.10 4.43 8.91
N GLN EF 46 -91.33 3.41 9.27
CA GLN EF 46 -89.95 3.65 9.68
C GLN EF 46 -89.12 4.22 8.54
N LYS EF 47 -89.33 3.73 7.32
CA LYS EF 47 -88.63 4.26 6.15
C LYS EF 47 -88.87 5.75 6.00
N LYS EF 48 -90.12 6.19 6.13
CA LYS EF 48 -90.42 7.60 5.96
C LYS EF 48 -90.02 8.44 7.17
N GLN EF 49 -89.95 7.84 8.37
CA GLN EF 49 -89.66 8.63 9.56
C GLN EF 49 -88.18 8.74 9.88
N LYS EF 50 -87.35 7.81 9.40
CA LYS EF 50 -85.94 7.79 9.80
C LYS EF 50 -85.22 9.06 9.34
N MET EF 51 -85.47 9.48 8.09
CA MET EF 51 -84.82 10.67 7.57
C MET EF 51 -85.16 11.90 8.40
N GLY EF 52 -86.44 12.06 8.75
CA GLY EF 52 -86.82 13.15 9.63
C GLY EF 52 -86.16 13.07 10.99
N LYS EF 53 -86.11 11.87 11.56
CA LYS EF 53 -85.53 11.71 12.89
C LYS EF 53 -84.05 12.09 12.91
N ILE EF 54 -83.32 11.74 11.86
CA ILE EF 54 -81.88 11.95 11.86
C ILE EF 54 -81.55 13.44 11.94
N ARG EF 55 -82.24 14.26 11.15
CA ARG EF 55 -81.82 15.63 10.91
C ARG EF 55 -82.63 16.67 11.67
N GLU EF 56 -83.95 16.49 11.76
CA GLU EF 56 -84.82 17.57 12.23
C GLU EF 56 -84.47 18.01 13.66
N MET EF 57 -83.87 17.12 14.45
CA MET EF 57 -83.62 17.44 15.85
C MET EF 57 -82.63 18.58 16.03
N ALA EF 58 -81.87 18.93 14.99
CA ALA EF 58 -80.86 19.97 15.13
C ALA EF 58 -81.48 21.31 15.48
N LEU EF 59 -82.49 21.74 14.72
CA LEU EF 59 -83.06 23.06 14.93
C LEU EF 59 -83.75 23.19 16.28
N LYS EF 60 -84.13 22.07 16.89
CA LYS EF 60 -84.82 22.13 18.18
C LYS EF 60 -83.92 22.74 19.25
N GLU EF 61 -82.64 22.35 19.27
CA GLU EF 61 -81.73 22.88 20.26
C GLU EF 61 -81.54 24.38 20.08
N THR EF 62 -81.40 24.82 18.82
CA THR EF 62 -81.25 26.25 18.55
C THR EF 62 -82.50 27.01 18.97
N ALA EF 63 -83.68 26.45 18.71
CA ALA EF 63 -84.91 27.10 19.14
C ALA EF 63 -84.96 27.22 20.65
N LEU EF 64 -84.56 26.17 21.35
CA LEU EF 64 -84.51 26.22 22.81
C LEU EF 64 -83.57 27.32 23.28
N SER EF 65 -82.39 27.41 22.66
CA SER EF 65 -81.40 28.40 23.06
C SER EF 65 -81.92 29.81 22.86
N VAL EF 66 -82.48 30.09 21.69
CA VAL EF 66 -82.93 31.45 21.41
C VAL EF 66 -84.13 31.80 22.30
N GLY EF 67 -85.03 30.84 22.53
CA GLY EF 67 -86.14 31.09 23.43
C GLY EF 67 -85.66 31.41 24.84
N ALA EF 68 -84.66 30.66 25.32
CA ALA EF 68 -84.11 30.93 26.63
C ALA EF 68 -83.51 32.32 26.69
N GLN EF 69 -82.75 32.70 25.66
CA GLN EF 69 -82.16 34.03 25.64
C GLN EF 69 -83.23 35.11 25.73
N ALA EF 70 -84.22 35.03 24.84
CA ALA EF 70 -85.25 36.07 24.80
C ALA EF 70 -86.03 36.12 26.10
N GLY EF 71 -86.43 34.97 26.63
CA GLY EF 71 -87.18 34.96 27.86
C GLY EF 71 -86.39 35.52 29.02
N LEU EF 72 -85.12 35.14 29.13
CA LEU EF 72 -84.30 35.63 30.23
C LEU EF 72 -84.16 37.13 30.17
N ALA EF 73 -83.83 37.66 28.99
CA ALA EF 73 -83.65 39.11 28.87
C ALA EF 73 -84.94 39.86 29.17
N TRP EF 74 -86.04 39.39 28.60
CA TRP EF 74 -87.32 40.07 28.79
C TRP EF 74 -87.73 40.07 30.24
N ARG EF 75 -87.63 38.91 30.90
CA ARG EF 75 -88.01 38.82 32.30
C ARG EF 75 -87.07 39.66 33.17
N ALA EF 76 -85.79 39.74 32.81
CA ALA EF 76 -84.88 40.59 33.56
C ALA EF 76 -85.31 42.05 33.49
N LYS EF 77 -85.67 42.51 32.29
CA LYS EF 77 -86.13 43.88 32.16
C LYS EF 77 -87.39 44.11 32.99
N ILE EF 78 -88.33 43.15 32.93
CA ILE EF 78 -89.59 43.31 33.63
C ILE EF 78 -89.37 43.38 35.13
N ILE EF 79 -88.54 42.48 35.66
CA ILE EF 79 -88.30 42.46 37.10
C ILE EF 79 -87.56 43.72 37.52
N ASP EF 80 -86.64 44.21 36.67
CA ASP EF 80 -85.93 45.43 37.00
C ASP EF 80 -86.88 46.60 37.15
N GLU EF 81 -87.76 46.79 36.18
CA GLU EF 81 -88.68 47.93 36.27
C GLU EF 81 -89.66 47.76 37.43
N GLN EF 82 -90.14 46.54 37.65
CA GLN EF 82 -91.04 46.32 38.78
C GLN EF 82 -90.37 46.63 40.10
N LEU EF 83 -89.12 46.19 40.27
CA LEU EF 83 -88.38 46.51 41.48
C LEU EF 83 -88.18 48.01 41.62
N ASN EF 84 -87.87 48.69 40.51
CA ASN EF 84 -87.71 50.14 40.57
C ASN EF 84 -88.99 50.83 40.98
N LYS EF 85 -90.15 50.25 40.66
CA LYS EF 85 -91.41 50.91 40.92
C LYS EF 85 -91.60 51.26 42.40
N GLN EF 86 -91.09 50.43 43.31
CA GLN EF 86 -91.32 50.62 44.74
C GLN EF 86 -90.07 51.09 45.47
N ALA EF 87 -89.33 52.01 44.86
CA ALA EF 87 -88.03 52.41 45.37
C ALA EF 87 -88.11 52.88 46.82
N ARG EF 88 -89.08 53.73 47.14
CA ARG EF 88 -89.15 54.31 48.47
C ARG EF 88 -89.33 53.23 49.53
N ASN EF 89 -90.17 52.23 49.25
CA ASN EF 89 -90.45 51.20 50.24
C ASN EF 89 -89.20 50.40 50.57
N LEU EF 90 -88.38 50.10 49.56
CA LEU EF 90 -87.16 49.33 49.80
C LEU EF 90 -86.23 50.06 50.77
N ASP EF 91 -85.96 51.33 50.49
CA ASP EF 91 -85.08 52.11 51.35
C ASP EF 91 -85.69 52.28 52.74
N ALA EF 92 -87.01 52.46 52.80
CA ALA EF 92 -87.66 52.60 54.09
C ALA EF 92 -87.48 51.34 54.94
N ILE EF 93 -87.72 50.18 54.35
CA ILE EF 93 -87.63 48.94 55.12
C ILE EF 93 -86.20 48.61 55.48
N TYR EF 94 -85.26 48.83 54.57
CA TYR EF 94 -83.87 48.47 54.80
C TYR EF 94 -83.04 49.67 55.24
N ASP EF 95 -83.39 50.18 56.43
CA ASP EF 95 -82.68 51.31 57.02
C ASP EF 95 -81.41 50.78 57.68
N PHE EF 96 -80.40 50.53 56.84
CA PHE EF 96 -79.08 50.23 57.38
C PHE EF 96 -78.54 51.40 58.19
N ASN EF 97 -78.90 52.62 57.80
CA ASN EF 97 -78.37 53.80 58.45
C ASN EF 97 -78.70 53.82 59.93
N SER EF 98 -79.95 53.52 60.27
CA SER EF 98 -80.33 53.44 61.69
C SER EF 98 -79.60 52.31 62.39
N LEU EF 99 -79.25 51.26 61.65
CA LEU EF 99 -78.53 50.13 62.23
C LEU EF 99 -77.07 50.46 62.50
N VAL EF 100 -76.50 51.41 61.77
CA VAL EF 100 -75.10 51.76 61.96
C VAL EF 100 -74.87 52.19 63.40
N LEU EF 101 -73.72 51.82 63.94
CA LEU EF 101 -73.37 52.20 65.31
C LEU EF 101 -72.78 53.60 65.35
N GLU EF 102 -72.44 54.05 66.56
CA GLU EF 102 -72.04 55.43 66.76
C GLU EF 102 -70.67 55.75 66.17
N HIS EF 103 -69.84 54.74 65.92
CA HIS EF 103 -68.50 54.95 65.40
C HIS EF 103 -68.35 54.45 63.97
N ASN EF 104 -69.42 54.58 63.17
CA ASN EF 104 -69.39 54.26 61.75
C ASN EF 104 -68.89 52.83 61.52
N ILE EF 105 -69.35 51.92 62.35
CA ILE EF 105 -68.91 50.53 62.31
C ILE EF 105 -70.11 49.65 61.96
N LEU EF 106 -70.00 48.92 60.87
CA LEU EF 106 -71.04 47.99 60.49
C LEU EF 106 -71.06 46.84 61.50
N PRO EF 107 -72.23 46.49 62.04
CA PRO EF 107 -72.27 45.38 62.99
C PRO EF 107 -71.90 44.08 62.32
N PRO EF 108 -71.35 43.13 63.06
CA PRO EF 108 -71.02 41.84 62.46
C PRO EF 108 -72.25 41.03 62.09
N VAL EF 109 -72.04 39.82 61.59
CA VAL EF 109 -73.12 38.97 61.12
C VAL EF 109 -73.13 37.70 61.95
N LEU EF 110 -74.32 37.24 62.33
CA LEU EF 110 -74.47 36.06 63.15
C LEU EF 110 -75.44 35.08 62.51
N LEU EF 111 -75.19 33.80 62.74
CA LEU EF 111 -76.10 32.73 62.34
C LEU EF 111 -76.42 31.86 63.53
N GLU EF 112 -77.67 31.42 63.61
CA GLU EF 112 -78.18 30.65 64.75
C GLU EF 112 -78.48 29.23 64.33
N GLY EF 113 -78.58 28.36 65.33
CA GLY EF 113 -79.02 26.99 65.11
C GLY EF 113 -79.71 26.43 66.32
N ARG EF 114 -80.92 25.89 66.13
CA ARG EF 114 -81.75 25.37 67.21
C ARG EF 114 -81.94 23.87 67.01
N ASN EF 115 -81.56 23.08 68.02
CA ASN EF 115 -81.83 21.65 68.07
C ASN EF 115 -81.21 20.93 66.86
N THR EF 116 -79.88 20.94 66.85
CA THR EF 116 -79.13 20.28 65.81
C THR EF 116 -78.68 18.89 66.26
N LEU EF 117 -78.52 18.00 65.29
CA LEU EF 117 -78.04 16.65 65.56
C LEU EF 117 -77.37 16.12 64.31
N ASN EF 118 -76.23 15.46 64.51
CA ASN EF 118 -75.49 14.84 63.42
C ASN EF 118 -75.13 13.41 63.78
N LEU EF 119 -75.39 12.49 62.85
CA LEU EF 119 -74.93 11.12 62.96
C LEU EF 119 -73.55 11.04 62.32
N ALA EF 120 -72.50 10.98 63.14
CA ALA EF 120 -71.16 10.90 62.58
C ALA EF 120 -70.94 9.57 61.88
N ASP EF 121 -71.19 8.48 62.58
CA ASP EF 121 -71.17 7.13 62.04
C ASP EF 121 -71.79 6.21 63.08
N ALA EF 122 -71.62 4.91 62.91
CA ALA EF 122 -72.06 3.98 63.93
C ALA EF 122 -71.42 4.34 65.26
N GLN EF 123 -72.18 4.14 66.34
CA GLN EF 123 -71.75 4.44 67.70
C GLN EF 123 -71.36 5.90 67.89
N SER EF 124 -71.91 6.81 67.08
CA SER EF 124 -71.50 8.21 67.15
C SER EF 124 -72.65 9.09 66.68
N ILE EF 125 -73.36 9.68 67.64
CA ILE EF 125 -74.43 10.65 67.38
C ILE EF 125 -74.20 11.84 68.31
N ARG EF 126 -74.21 13.04 67.76
CA ARG EF 126 -73.97 14.25 68.53
C ARG EF 126 -75.17 15.18 68.44
N ILE EF 127 -75.65 15.63 69.59
CA ILE EF 127 -76.86 16.44 69.68
C ILE EF 127 -76.54 17.71 70.46
N SER EF 128 -76.97 18.85 69.92
CA SER EF 128 -76.85 20.12 70.61
C SER EF 128 -78.17 20.86 70.51
N ASP EF 129 -78.47 21.65 71.55
CA ASP EF 129 -79.74 22.37 71.56
C ASP EF 129 -79.64 23.67 70.75
N ARG EF 130 -78.69 24.51 71.09
CA ARG EF 130 -78.49 25.76 70.36
C ARG EF 130 -77.01 26.02 70.11
N THR EF 131 -76.75 26.70 69.01
CA THR EF 131 -75.40 27.08 68.65
C THR EF 131 -75.45 28.37 67.85
N TYR EF 132 -74.33 29.08 67.84
CA TYR EF 132 -74.22 30.34 67.12
C TYR EF 132 -72.85 30.46 66.48
N LYS EF 133 -72.82 31.14 65.33
CA LYS EF 133 -71.60 31.33 64.56
C LYS EF 133 -71.49 32.77 64.11
N VAL EF 134 -70.27 33.29 64.15
CA VAL EF 134 -69.96 34.59 63.57
C VAL EF 134 -69.60 34.39 62.11
N ALA EF 135 -70.25 35.14 61.23
CA ALA EF 135 -70.00 35.01 59.79
C ALA EF 135 -68.96 36.01 59.32
N LYS EF 136 -69.23 37.31 59.50
CA LYS EF 136 -68.36 38.36 59.01
C LYS EF 136 -68.01 39.31 60.16
N GLN EF 137 -66.71 39.57 60.32
CA GLN EF 137 -66.26 40.48 61.35
C GLN EF 137 -66.68 41.91 61.03
N ALA EF 138 -66.96 42.68 62.08
CA ALA EF 138 -67.29 44.08 61.92
C ALA EF 138 -66.09 44.85 61.38
N HIS EF 139 -66.37 45.96 60.68
CA HIS EF 139 -65.32 46.71 60.02
C HIS EF 139 -65.79 48.14 59.78
N PHE EF 140 -64.81 49.03 59.60
CA PHE EF 140 -65.11 50.41 59.27
C PHE EF 140 -65.73 50.50 57.89
N ILE EF 141 -66.66 51.44 57.72
CA ILE EF 141 -67.31 51.68 56.44
C ILE EF 141 -67.34 53.18 56.17
N THR EF 142 -67.60 53.52 54.91
CA THR EF 142 -67.78 54.91 54.50
C THR EF 142 -69.25 55.26 54.36
N THR EF 143 -69.98 54.54 53.52
CA THR EF 143 -71.40 54.75 53.33
C THR EF 143 -72.16 53.45 53.60
N PRO EF 144 -73.38 53.53 54.13
CA PRO EF 144 -74.15 52.33 54.40
C PRO EF 144 -74.49 51.60 53.11
N PRO EF 145 -74.41 50.27 53.11
CA PRO EF 145 -74.83 49.51 51.94
C PRO EF 145 -76.32 49.66 51.70
N THR EF 146 -76.71 49.56 50.44
CA THR EF 146 -78.11 49.68 50.04
C THR EF 146 -78.53 48.47 49.23
N TRP EF 147 -79.83 48.40 48.96
CA TRP EF 147 -80.42 47.20 48.36
C TRP EF 147 -79.97 47.01 46.92
N ARG EF 148 -79.71 48.11 46.19
CA ARG EF 148 -79.36 48.01 44.79
C ARG EF 148 -78.16 47.10 44.56
N GLN EF 149 -77.24 47.06 45.51
CA GLN EF 149 -76.08 46.18 45.39
C GLN EF 149 -76.45 44.71 45.48
N TYR EF 150 -77.62 44.40 46.06
CA TYR EF 150 -78.00 43.02 46.30
C TYR EF 150 -79.12 42.52 45.41
N LEU EF 151 -79.97 43.40 44.91
CA LEU EF 151 -81.18 42.96 44.22
C LEU EF 151 -81.27 43.39 42.76
N TRP EF 152 -80.60 44.48 42.38
CA TRP EF 152 -80.74 44.96 41.01
C TRP EF 152 -80.26 43.92 40.01
N MET EF 153 -80.98 43.78 38.92
CA MET EF 153 -80.64 42.84 37.86
C MET EF 153 -80.03 43.57 36.69
N ASP EF 154 -79.08 42.91 36.02
CA ASP EF 154 -78.50 43.47 34.82
C ASP EF 154 -79.44 43.29 33.64
N TYR EF 155 -79.29 44.17 32.65
CA TYR EF 155 -80.15 44.11 31.47
C TYR EF 155 -79.37 44.69 30.30
N VAL EF 156 -78.90 43.83 29.40
CA VAL EF 156 -78.25 44.24 28.17
C VAL EF 156 -79.12 43.78 27.02
N LYS EF 157 -79.56 44.70 26.18
CA LYS EF 157 -80.37 44.33 25.05
C LYS EF 157 -79.54 43.52 24.08
N PRO EF 158 -79.95 42.30 23.73
CA PRO EF 158 -79.19 41.52 22.74
C PRO EF 158 -79.72 41.76 21.34
N GLU EF 159 -78.79 41.88 20.40
CA GLU EF 159 -79.11 42.12 19.00
C GLU EF 159 -78.31 41.18 18.11
N ALA EF 160 -78.18 39.93 18.53
CA ALA EF 160 -77.39 38.93 17.81
C ALA EF 160 -78.22 37.69 17.57
N PRO EF 161 -79.21 37.74 16.67
CA PRO EF 161 -79.87 36.51 16.25
C PRO EF 161 -79.00 35.75 15.26
N ASN EF 162 -78.39 34.66 15.71
CA ASN EF 162 -77.50 33.87 14.88
C ASN EF 162 -78.29 32.70 14.30
N VAL EF 163 -78.95 32.95 13.16
CA VAL EF 163 -79.83 31.99 12.52
C VAL EF 163 -79.04 31.24 11.47
N THR EF 164 -78.88 29.94 11.65
CA THR EF 164 -78.11 29.10 10.73
C THR EF 164 -79.03 28.22 9.88
N LEU EF 165 -79.89 27.44 10.52
CA LEU EF 165 -80.82 26.56 9.82
C LEU EF 165 -82.24 27.05 10.06
N LEU EF 166 -83.03 27.09 8.98
CA LEU EF 166 -84.38 27.61 9.07
C LEU EF 166 -85.39 26.52 8.74
N PRO EF 167 -86.56 26.56 9.39
CA PRO EF 167 -87.62 25.61 9.02
C PRO EF 167 -88.15 25.90 7.64
N LYS EF 168 -88.53 24.84 6.93
CA LYS EF 168 -89.05 24.96 5.58
C LYS EF 168 -90.37 24.22 5.44
N THR EF 169 -90.62 23.26 6.33
CA THR EF 169 -91.85 22.50 6.33
C THR EF 169 -92.71 22.86 7.53
N LYS EF 170 -93.98 22.46 7.45
CA LYS EF 170 -94.93 22.80 8.51
C LYS EF 170 -94.51 22.18 9.84
N ALA EF 171 -94.03 20.94 9.81
CA ALA EF 171 -93.64 20.26 11.04
C ALA EF 171 -92.50 21.00 11.74
N GLU EF 172 -91.44 21.33 10.99
CA GLU EF 172 -90.31 22.01 11.60
C GLU EF 172 -90.69 23.42 12.04
N LYS EF 173 -91.55 24.09 11.28
CA LYS EF 173 -92.02 25.41 11.71
C LYS EF 173 -92.76 25.32 13.05
N GLU EF 174 -93.65 24.33 13.19
CA GLU EF 174 -94.41 24.18 14.41
C GLU EF 174 -93.51 23.82 15.60
N ILE EF 175 -92.56 22.89 15.39
CA ILE EF 175 -91.68 22.54 16.49
C ILE EF 175 -90.80 23.72 16.87
N TRP EF 176 -90.38 24.51 15.87
CA TRP EF 176 -89.63 25.73 16.16
C TRP EF 176 -90.44 26.66 17.05
N CYS EF 177 -91.71 26.87 16.71
CA CYS EF 177 -92.56 27.74 17.52
C CYS EF 177 -92.67 27.23 18.95
N ILE EF 178 -93.02 25.95 19.10
CA ILE EF 178 -93.30 25.43 20.44
C ILE EF 178 -92.03 25.41 21.28
N TYR EF 179 -90.89 25.08 20.68
CA TYR EF 179 -89.67 25.03 21.47
C TYR EF 179 -89.15 26.43 21.78
N THR EF 180 -89.41 27.40 20.92
CA THR EF 180 -89.12 28.78 21.28
C THR EF 180 -89.94 29.20 22.49
N GLU EF 181 -91.22 28.82 22.52
CA GLU EF 181 -92.05 29.11 23.68
C GLU EF 181 -91.48 28.44 24.94
N ARG EF 182 -91.07 27.18 24.81
CA ARG EF 182 -90.51 26.47 25.96
C ARG EF 182 -89.27 27.17 26.48
N GLY EF 183 -88.39 27.60 25.57
CA GLY EF 183 -87.22 28.35 25.98
C GLY EF 183 -87.58 29.65 26.68
N TRP EF 184 -88.61 30.33 26.18
CA TRP EF 184 -89.08 31.54 26.84
C TRP EF 184 -89.44 31.25 28.29
N LYS EF 185 -90.21 30.17 28.50
CA LYS EF 185 -90.59 29.79 29.86
C LYS EF 185 -89.37 29.46 30.70
N ASN EF 186 -88.41 28.74 30.13
CA ASN EF 186 -87.23 28.35 30.88
C ASN EF 186 -86.42 29.58 31.31
N GLY EF 187 -86.29 30.56 30.41
CA GLY EF 187 -85.62 31.79 30.78
C GLY EF 187 -86.34 32.52 31.90
N ILE EF 188 -87.68 32.52 31.85
CA ILE EF 188 -88.45 33.11 32.94
C ILE EF 188 -88.11 32.43 34.25
N ASP EF 189 -88.08 31.11 34.24
CA ASP EF 189 -87.74 30.37 35.46
C ASP EF 189 -86.36 30.71 35.95
N GLN EF 190 -85.39 30.82 35.04
CA GLN EF 190 -84.03 31.15 35.41
C GLN EF 190 -83.96 32.50 36.11
N ALA EF 191 -84.65 33.50 35.53
CA ALA EF 191 -84.63 34.83 36.13
C ALA EF 191 -85.28 34.81 37.51
N ASN EF 192 -86.40 34.10 37.65
CA ASN EF 192 -87.05 34.02 38.96
C ASN EF 192 -86.12 33.39 39.98
N THR EF 193 -85.41 32.34 39.58
CA THR EF 193 -84.47 31.69 40.48
C THR EF 193 -83.37 32.65 40.90
N ILE EF 194 -82.85 33.43 39.96
CA ILE EF 194 -81.80 34.39 40.30
C ILE EF 194 -82.30 35.40 41.31
N LEU EF 195 -83.50 35.93 41.08
CA LEU EF 195 -84.08 36.88 42.02
C LEU EF 195 -84.23 36.25 43.40
N GLU EF 196 -84.68 35.00 43.44
CA GLU EF 196 -84.83 34.31 44.72
C GLU EF 196 -83.49 34.22 45.44
N GLU EF 197 -82.43 33.87 44.70
CA GLU EF 197 -81.11 33.79 45.31
C GLU EF 197 -80.71 35.13 45.92
N ASN EF 198 -80.88 36.21 45.16
CA ASN EF 198 -80.45 37.52 45.65
C ASN EF 198 -81.24 37.94 46.88
N ILE EF 199 -82.56 37.76 46.84
CA ILE EF 199 -83.39 38.20 47.96
C ILE EF 199 -83.08 37.37 49.20
N ALA EF 200 -82.79 36.07 49.01
CA ALA EF 200 -82.37 35.25 50.14
C ALA EF 200 -81.08 35.78 50.75
N ARG EF 201 -80.13 36.15 49.90
CA ARG EF 201 -78.86 36.67 50.40
C ARG EF 201 -79.07 37.92 51.24
N ILE EF 202 -79.87 38.86 50.72
CA ILE EF 202 -80.03 40.12 51.44
C ILE EF 202 -80.80 39.91 52.74
N LYS EF 203 -81.79 39.02 52.72
CA LYS EF 203 -82.50 38.69 53.95
C LYS EF 203 -81.54 38.08 54.97
N GLU EF 204 -80.65 37.21 54.51
CA GLU EF 204 -79.66 36.62 55.41
C GLU EF 204 -78.84 37.70 56.09
N ASP EF 205 -78.32 38.65 55.30
CA ASP EF 205 -77.48 39.69 55.88
C ASP EF 205 -78.26 40.52 56.89
N PHE EF 206 -79.46 40.95 56.52
CA PHE EF 206 -80.25 41.79 57.41
C PHE EF 206 -80.58 41.07 58.71
N GLY EF 207 -80.96 39.80 58.60
CA GLY EF 207 -81.27 39.02 59.78
C GLY EF 207 -80.07 38.84 60.67
N GLY EF 208 -78.90 38.59 60.08
CA GLY EF 208 -77.70 38.48 60.88
C GLY EF 208 -77.43 39.74 61.67
N MET EF 209 -77.55 40.90 61.02
CA MET EF 209 -77.29 42.15 61.73
C MET EF 209 -78.30 42.39 62.85
N ILE EF 210 -79.59 42.16 62.58
CA ILE EF 210 -80.58 42.44 63.61
C ILE EF 210 -80.44 41.47 64.77
N LEU EF 211 -80.09 40.21 64.48
CA LEU EF 211 -79.86 39.25 65.54
C LEU EF 211 -78.66 39.64 66.38
N TYR EF 212 -77.62 40.18 65.74
CA TYR EF 212 -76.50 40.69 66.52
C TYR EF 212 -76.95 41.81 67.44
N ARG EF 213 -77.80 42.71 66.93
CA ARG EF 213 -78.32 43.77 67.78
C ARG EF 213 -79.03 43.20 69.01
N LYS EF 214 -79.91 42.23 68.78
CA LYS EF 214 -80.67 41.66 69.89
C LYS EF 214 -79.74 40.95 70.87
N LEU EF 215 -78.73 40.25 70.37
CA LEU EF 215 -77.81 39.56 71.26
C LEU EF 215 -76.99 40.54 72.08
N LEU EF 216 -76.56 41.64 71.46
CA LEU EF 216 -75.83 42.68 72.19
C LEU EF 216 -76.70 43.24 73.30
N ALA EF 217 -77.98 43.45 73.01
CA ALA EF 217 -78.91 43.84 74.07
C ALA EF 217 -78.95 42.76 75.16
N MET EF 218 -78.95 41.49 74.75
CA MET EF 218 -78.97 40.37 75.67
C MET EF 218 -77.69 40.25 76.47
N ASN EF 219 -76.65 41.01 76.12
CA ASN EF 219 -75.34 40.96 76.79
C ASN EF 219 -74.72 39.58 76.63
N MET EF 220 -74.42 39.26 75.36
CA MET EF 220 -73.74 38.02 75.02
C MET EF 220 -72.55 38.26 74.10
N VAL EF 221 -72.28 39.49 73.70
CA VAL EF 221 -71.15 39.82 72.84
C VAL EF 221 -70.50 41.09 73.33
N SER EF 222 -69.18 41.10 73.41
CA SER EF 222 -68.46 42.28 73.84
C SER EF 222 -68.53 43.35 72.76
N PRO EF 223 -69.01 44.55 73.07
CA PRO EF 223 -69.00 45.61 72.07
C PRO EF 223 -67.57 45.98 71.72
N PRO EF 224 -67.33 46.42 70.48
CA PRO EF 224 -65.97 46.77 70.08
C PRO EF 224 -65.44 47.95 70.89
N TYR EF 225 -64.13 47.91 71.13
CA TYR EF 225 -63.44 48.96 71.88
C TYR EF 225 -62.61 49.79 70.92
N VAL EF 226 -62.75 51.11 71.01
CA VAL EF 226 -62.09 52.04 70.11
C VAL EF 226 -61.25 52.99 70.95
N SER EF 227 -59.95 53.04 70.65
CA SER EF 227 -59.05 54.03 71.20
C SER EF 227 -58.72 55.07 70.13
N HIS EF 228 -58.16 56.19 70.59
CA HIS EF 228 -57.81 57.25 69.66
C HIS EF 228 -56.67 58.07 70.23
N THR EF 229 -55.88 58.64 69.33
CA THR EF 229 -54.74 59.47 69.70
C THR EF 229 -54.81 60.78 68.93
N ASP EF 230 -54.63 61.89 69.65
CA ASP EF 230 -54.70 63.23 69.09
C ASP EF 230 -53.30 63.80 68.97
N LEU EF 231 -52.97 64.32 67.80
CA LEU EF 231 -51.71 65.00 67.56
C LEU EF 231 -51.99 66.44 67.19
N GLY EF 232 -51.21 67.36 67.74
CA GLY EF 232 -51.40 68.77 67.45
C GLY EF 232 -50.80 69.16 66.13
N VAL EF 233 -50.02 70.24 66.11
CA VAL EF 233 -49.32 70.60 64.89
C VAL EF 233 -48.37 69.47 64.49
N THR EF 234 -48.24 69.24 63.20
CA THR EF 234 -47.40 68.18 62.69
C THR EF 234 -46.96 68.50 61.27
N GLY EF 235 -45.90 67.83 60.84
CA GLY EF 235 -45.36 68.00 59.51
C GLY EF 235 -44.12 68.87 59.51
N ASP EF 236 -43.51 68.97 58.33
CA ASP EF 236 -42.28 69.71 58.15
C ASP EF 236 -42.59 71.19 57.95
N GLY EF 237 -41.58 71.96 57.54
CA GLY EF 237 -41.79 73.36 57.22
C GLY EF 237 -42.55 73.61 55.94
N SER EF 238 -42.86 72.55 55.18
CA SER EF 238 -43.62 72.67 53.94
C SER EF 238 -44.98 71.99 53.97
N GLU EF 239 -45.19 71.06 54.88
CA GLU EF 239 -46.45 70.33 55.00
C GLU EF 239 -46.95 70.42 56.43
N ILE EF 240 -48.23 70.74 56.61
CA ILE EF 240 -48.78 70.84 57.95
C ILE EF 240 -50.17 70.23 57.98
N HIS EF 241 -50.49 69.56 59.08
CA HIS EF 241 -51.84 69.13 59.39
C HIS EF 241 -52.25 69.73 60.73
N ILE EF 242 -53.48 70.21 60.81
CA ILE EF 242 -53.91 71.01 61.96
C ILE EF 242 -54.08 70.13 63.19
N ASP EF 243 -55.02 69.19 63.13
CA ASP EF 243 -55.38 68.36 64.27
C ASP EF 243 -55.43 66.91 63.81
N ASP EF 244 -54.30 66.22 63.91
CA ASP EF 244 -54.26 64.82 63.51
C ASP EF 244 -55.02 63.98 64.52
N ARG EF 245 -55.77 63.01 64.03
CA ARG EF 245 -56.51 62.09 64.88
C ARG EF 245 -56.35 60.69 64.30
N VAL EF 246 -55.84 59.77 65.10
CA VAL EF 246 -55.71 58.37 64.72
C VAL EF 246 -56.74 57.58 65.51
N LEU EF 247 -57.62 56.86 64.83
CA LEU EF 247 -58.65 56.09 65.50
C LEU EF 247 -58.44 54.61 65.22
N ARG EF 248 -58.54 53.79 66.26
CA ARG EF 248 -58.25 52.37 66.12
C ARG EF 248 -59.17 51.56 67.03
N ILE EF 249 -59.97 50.67 66.43
CA ILE EF 249 -60.72 49.70 67.20
C ILE EF 249 -59.81 48.50 67.46
N THR EF 250 -59.51 48.27 68.73
CA THR EF 250 -58.56 47.22 69.12
C THR EF 250 -59.22 45.98 69.67
N ALA EF 251 -60.55 45.89 69.61
CA ALA EF 251 -61.27 44.75 70.16
C ALA EF 251 -62.35 44.34 69.17
N LEU EF 252 -62.12 43.23 68.48
CA LEU EF 252 -63.15 42.68 67.60
C LEU EF 252 -64.23 42.02 68.44
N PRO EF 253 -65.50 42.36 68.24
CA PRO EF 253 -66.57 41.76 69.04
C PRO EF 253 -66.60 40.25 68.88
N GLU EF 254 -66.94 39.56 69.97
CA GLU EF 254 -66.99 38.11 69.97
C GLU EF 254 -67.90 37.66 71.09
N LEU EF 255 -68.23 36.36 71.07
CA LEU EF 255 -69.11 35.79 72.07
C LEU EF 255 -68.36 35.60 73.39
N ASN EF 256 -69.13 35.62 74.49
CA ASN EF 256 -68.59 35.40 75.83
C ASN EF 256 -69.01 34.01 76.30
N VAL EF 257 -68.04 33.10 76.38
CA VAL EF 257 -68.32 31.71 76.74
C VAL EF 257 -68.71 31.62 78.22
N ASN EF 258 -68.66 32.74 78.93
CA ASN EF 258 -68.98 32.77 80.34
C ASN EF 258 -70.50 32.85 80.49
N SER EF 259 -71.12 31.72 80.86
CA SER EF 259 -72.57 31.66 80.91
C SER EF 259 -73.14 32.46 82.08
N ALA EF 260 -72.41 32.54 83.20
CA ALA EF 260 -72.95 33.12 84.42
C ALA EF 260 -73.34 34.58 84.25
N GLU EF 261 -72.81 35.27 83.23
CA GLU EF 261 -73.04 36.70 83.05
C GLU EF 261 -74.12 36.98 82.03
N TRP EF 262 -75.08 36.09 81.87
CA TRP EF 262 -76.10 36.22 80.83
C TRP EF 262 -77.37 36.84 81.40
N ARG EF 263 -77.98 37.73 80.63
CA ARG EF 263 -79.14 38.48 81.05
C ARG EF 263 -80.41 37.82 80.55
N ALA EF 264 -81.37 37.61 81.45
CA ALA EF 264 -82.65 37.03 81.07
C ALA EF 264 -83.60 38.12 80.56
N ALA EF 265 -84.84 37.72 80.29
CA ALA EF 265 -85.84 38.65 79.79
C ALA EF 265 -87.22 38.16 80.18
N VAL EF 266 -88.21 39.05 80.06
CA VAL EF 266 -89.59 38.76 80.39
C VAL EF 266 -90.47 39.59 79.47
N ALA EF 267 -91.78 39.35 79.54
CA ALA EF 267 -92.73 40.12 78.73
C ALA EF 267 -94.06 40.19 79.47
N LYS EF 268 -94.92 41.08 79.00
CA LYS EF 268 -96.24 41.26 79.59
C LYS EF 268 -97.32 41.22 78.52
N LYS FF 60 -66.27 57.00 6.27
CA LYS FF 60 -67.10 57.25 7.43
C LYS FF 60 -66.28 57.83 8.57
N GLU FF 61 -65.43 57.00 9.17
CA GLU FF 61 -64.59 57.46 10.27
C GLU FF 61 -63.62 58.54 9.81
N THR FF 62 -63.20 58.49 8.55
CA THR FF 62 -62.38 59.57 8.00
C THR FF 62 -63.14 60.89 8.01
N ALA FF 63 -64.41 60.87 7.60
CA ALA FF 63 -65.24 62.06 7.68
C ALA FF 63 -65.40 62.53 9.12
N LEU FF 64 -65.58 61.58 10.04
CA LEU FF 64 -65.66 61.92 11.45
C LEU FF 64 -64.41 62.66 11.90
N SER FF 65 -63.24 62.14 11.55
CA SER FF 65 -62.00 62.74 11.99
C SER FF 65 -61.79 64.11 11.40
N VAL FF 66 -62.07 64.27 10.10
CA VAL FF 66 -61.85 65.58 9.48
C VAL FF 66 -62.84 66.60 10.03
N GLY FF 67 -64.09 66.18 10.28
CA GLY FF 67 -65.04 67.08 10.90
C GLY FF 67 -64.62 67.48 12.30
N ALA FF 68 -64.09 66.54 13.07
CA ALA FF 68 -63.61 66.87 14.41
C ALA FF 68 -62.47 67.86 14.35
N GLN FF 69 -61.53 67.65 13.42
CA GLN FF 69 -60.41 68.59 13.26
C GLN FF 69 -60.92 69.98 12.93
N ALA FF 70 -61.80 70.07 11.93
CA ALA FF 70 -62.32 71.38 11.52
C ALA FF 70 -63.07 72.05 12.67
N GLY FF 71 -63.89 71.29 13.39
CA GLY FF 71 -64.65 71.87 14.48
C GLY FF 71 -63.75 72.39 15.60
N LEU FF 72 -62.75 71.58 15.98
CA LEU FF 72 -61.83 72.02 17.02
C LEU FF 72 -61.10 73.29 16.62
N ALA FF 73 -60.58 73.32 15.39
CA ALA FF 73 -59.87 74.51 14.93
C ALA FF 73 -60.77 75.73 14.90
N TRP FF 74 -61.99 75.57 14.37
CA TRP FF 74 -62.91 76.70 14.26
C TRP FF 74 -63.28 77.23 15.63
N ARG FF 75 -63.62 76.33 16.56
CA ARG FF 75 -63.99 76.78 17.90
C ARG FF 75 -62.82 77.46 18.60
N ALA FF 76 -61.61 76.94 18.41
CA ALA FF 76 -60.45 77.58 18.99
C ALA FF 76 -60.26 78.98 18.44
N LYS FF 77 -60.40 79.14 17.13
CA LYS FF 77 -60.26 80.47 16.54
C LYS FF 77 -61.31 81.43 17.11
N ILE FF 78 -62.55 80.96 17.23
CA ILE FF 78 -63.62 81.83 17.73
C ILE FF 78 -63.35 82.23 19.17
N ILE FF 79 -62.95 81.29 20.01
CA ILE FF 79 -62.73 81.62 21.41
C ILE FF 79 -61.53 82.55 21.56
N ASP FF 80 -60.48 82.34 20.75
CA ASP FF 80 -59.34 83.23 20.80
C ASP FF 80 -59.73 84.65 20.40
N GLU FF 81 -60.51 84.79 19.33
CA GLU FF 81 -60.87 86.14 18.91
C GLU FF 81 -61.80 86.81 19.90
N GLN FF 82 -62.70 86.06 20.54
CA GLN FF 82 -63.53 86.68 21.56
C GLN FF 82 -62.72 87.06 22.79
N LEU FF 83 -61.72 86.25 23.13
CA LEU FF 83 -60.84 86.61 24.24
C LEU FF 83 -60.06 87.88 23.93
N ASN FF 84 -59.61 88.03 22.69
CA ASN FF 84 -58.97 89.29 22.32
C ASN FF 84 -59.96 90.43 22.32
N LYS FF 85 -61.22 90.15 21.98
CA LYS FF 85 -62.26 91.17 22.04
C LYS FF 85 -62.41 91.71 23.46
N GLN FF 86 -62.44 90.81 24.43
CA GLN FF 86 -62.51 91.20 25.84
C GLN FF 86 -61.10 91.08 26.42
N ALA FF 87 -60.34 92.17 26.37
CA ALA FF 87 -58.93 92.15 26.71
C ALA FF 87 -58.60 92.88 28.01
N ARG FF 88 -58.99 94.15 28.13
CA ARG FF 88 -58.48 94.97 29.23
C ARG FF 88 -58.91 94.43 30.58
N ASN FF 89 -60.19 94.09 30.73
CA ASN FF 89 -60.66 93.58 32.01
C ASN FF 89 -59.93 92.32 32.41
N LEU FF 90 -59.43 91.55 31.44
CA LEU FF 90 -58.73 90.31 31.73
C LEU FF 90 -57.49 90.57 32.58
N ASP FF 91 -56.54 91.35 32.06
CA ASP FF 91 -55.35 91.66 32.84
C ASP FF 91 -55.70 92.54 34.04
N ALA FF 92 -56.74 93.35 33.92
CA ALA FF 92 -57.20 94.11 35.08
C ALA FF 92 -57.47 93.20 36.25
N ILE FF 93 -58.16 92.09 36.01
CA ILE FF 93 -58.41 91.11 37.06
C ILE FF 93 -57.13 90.37 37.41
N TYR FF 94 -56.42 89.84 36.41
CA TYR FF 94 -55.25 89.03 36.68
C TYR FF 94 -53.96 89.84 36.65
N ASP FF 95 -53.97 90.99 37.33
CA ASP FF 95 -52.74 91.68 37.68
C ASP FF 95 -51.78 90.72 38.38
N PHE FF 96 -50.50 90.99 38.22
CA PHE FF 96 -49.48 90.21 38.92
C PHE FF 96 -48.48 91.08 39.66
N ASN FF 97 -48.12 92.24 39.11
CA ASN FF 97 -47.13 93.09 39.74
C ASN FF 97 -47.55 93.51 41.13
N SER FF 98 -48.86 93.71 41.35
CA SER FF 98 -49.33 94.05 42.69
C SER FF 98 -48.98 92.95 43.68
N LEU FF 99 -49.17 91.69 43.29
CA LEU FF 99 -48.81 90.58 44.17
C LEU FF 99 -47.30 90.44 44.28
N VAL FF 100 -46.57 90.87 43.26
CA VAL FF 100 -45.11 90.73 43.28
C VAL FF 100 -44.55 91.41 44.51
N LEU FF 101 -43.52 90.79 45.08
CA LEU FF 101 -42.89 91.29 46.30
C LEU FF 101 -41.99 92.48 45.96
N GLU FF 102 -41.23 92.93 46.96
CA GLU FF 102 -40.44 94.14 46.81
C GLU FF 102 -39.06 93.90 46.21
N HIS FF 103 -38.65 92.65 46.02
CA HIS FF 103 -37.37 92.33 45.41
C HIS FF 103 -37.52 91.52 44.14
N ASN FF 104 -38.62 91.75 43.41
CA ASN FF 104 -38.91 91.02 42.19
C ASN FF 104 -38.88 89.52 42.43
N ILE FF 105 -39.55 89.11 43.49
CA ILE FF 105 -39.62 87.71 43.91
C ILE FF 105 -41.05 87.24 43.71
N LEU FF 106 -41.21 86.16 42.97
CA LEU FF 106 -42.53 85.57 42.83
C LEU FF 106 -42.87 84.84 44.13
N PRO FF 107 -43.93 85.24 44.83
CA PRO FF 107 -44.28 84.56 46.07
C PRO FF 107 -44.68 83.12 45.79
N PRO FF 108 -44.46 82.21 46.74
CA PRO FF 108 -44.77 80.79 46.48
C PRO FF 108 -46.26 80.53 46.43
N VAL FF 109 -46.63 79.29 46.11
CA VAL FF 109 -48.02 78.90 45.94
C VAL FF 109 -48.40 77.95 47.07
N LEU FF 110 -49.51 78.25 47.73
CA LEU FF 110 -49.97 77.48 48.88
C LEU FF 110 -51.35 76.89 48.59
N LEU FF 111 -51.53 75.63 48.98
CA LEU FF 111 -52.81 74.96 48.83
C LEU FF 111 -53.26 74.45 50.19
N GLU FF 112 -54.57 74.27 50.34
CA GLU FF 112 -55.15 73.85 51.60
C GLU FF 112 -56.26 72.85 51.35
N GLY FF 113 -56.70 72.22 52.43
CA GLY FF 113 -57.83 71.31 52.40
C GLY FF 113 -58.50 71.22 53.76
N ARG FF 114 -59.82 71.06 53.79
CA ARG FF 114 -60.57 71.08 55.04
C ARG FF 114 -61.28 69.76 55.25
N ASN FF 115 -61.38 69.35 56.52
CA ASN FF 115 -62.09 68.15 56.93
C ASN FF 115 -61.50 66.91 56.25
N THR FF 116 -60.22 66.69 56.52
CA THR FF 116 -59.49 65.62 55.88
C THR FF 116 -59.80 64.28 56.54
N LEU FF 117 -59.93 63.24 55.73
CA LEU FF 117 -60.20 61.91 56.22
C LEU FF 117 -59.57 60.88 55.28
N ASN FF 118 -58.81 59.95 55.85
CA ASN FF 118 -58.20 58.87 55.09
C ASN FF 118 -58.45 57.57 55.81
N LEU FF 119 -59.15 56.65 55.15
CA LEU FF 119 -59.25 55.27 55.62
C LEU FF 119 -58.17 54.47 54.92
N ALA FF 120 -57.13 54.11 55.68
CA ALA FF 120 -56.01 53.40 55.07
C ALA FF 120 -56.43 52.01 54.61
N ASP FF 121 -57.15 51.29 55.45
CA ASP FF 121 -57.69 49.98 55.14
C ASP FF 121 -58.68 49.64 56.25
N ALA FF 122 -59.16 48.40 56.26
CA ALA FF 122 -59.93 47.93 57.41
C ALA FF 122 -59.07 48.07 58.66
N GLN FF 123 -59.68 48.62 59.71
CA GLN FF 123 -59.01 48.86 60.99
C GLN FF 123 -57.93 49.94 60.89
N SER FF 124 -58.17 51.01 60.12
CA SER FF 124 -57.21 52.11 60.05
C SER FF 124 -57.90 53.36 59.53
N ILE FF 125 -58.14 54.33 60.42
CA ILE FF 125 -58.77 55.58 60.02
C ILE FF 125 -58.04 56.75 60.65
N ARG FF 126 -57.84 57.80 59.84
CA ARG FF 126 -57.11 58.98 60.24
C ARG FF 126 -57.89 60.21 59.79
N ILE FF 127 -57.98 61.21 60.66
CA ILE FF 127 -58.75 62.42 60.36
C ILE FF 127 -57.89 63.63 60.69
N SER FF 128 -58.25 64.77 60.10
CA SER FF 128 -57.59 66.02 60.41
C SER FF 128 -58.54 67.17 60.13
N ASP FF 129 -58.36 68.27 60.86
CA ASP FF 129 -59.18 69.45 60.62
C ASP FF 129 -58.89 70.03 59.25
N ARG FF 130 -57.65 70.47 59.03
CA ARG FF 130 -57.22 71.01 57.76
C ARG FF 130 -55.78 70.58 57.49
N THR FF 131 -55.39 70.71 56.23
CA THR FF 131 -54.01 70.46 55.84
C THR FF 131 -53.57 71.57 54.88
N TYR FF 132 -52.27 71.86 54.91
CA TYR FF 132 -51.69 72.87 54.04
C TYR FF 132 -50.40 72.36 53.43
N LYS FF 133 -50.22 72.67 52.14
CA LYS FF 133 -49.15 72.15 51.31
C LYS FF 133 -48.57 73.30 50.50
N VAL FF 134 -47.28 73.20 50.19
CA VAL FF 134 -46.58 74.18 49.37
C VAL FF 134 -46.37 73.58 47.99
N ALA FF 135 -46.95 74.20 46.97
CA ALA FF 135 -46.85 73.66 45.62
C ALA FF 135 -45.47 73.90 45.03
N LYS FF 136 -45.09 75.16 44.87
CA LYS FF 136 -43.81 75.52 44.28
C LYS FF 136 -43.11 76.55 45.15
N GLN FF 137 -41.84 76.31 45.43
CA GLN FF 137 -41.06 77.26 46.21
C GLN FF 137 -40.90 78.57 45.46
N ALA FF 138 -40.85 79.66 46.21
CA ALA FF 138 -40.68 80.98 45.62
C ALA FF 138 -39.37 81.06 44.84
N HIS FF 139 -39.33 81.99 43.89
CA HIS FF 139 -38.14 82.17 43.07
C HIS FF 139 -38.10 83.59 42.55
N PHE FF 140 -36.92 84.00 42.08
CA PHE FF 140 -36.76 85.29 41.46
C PHE FF 140 -37.48 85.34 40.12
N ILE FF 141 -37.71 86.57 39.64
CA ILE FF 141 -38.45 86.77 38.40
C ILE FF 141 -38.13 88.17 37.89
N THR FF 142 -37.89 88.26 36.58
CA THR FF 142 -37.62 89.54 35.93
C THR FF 142 -38.90 90.28 35.55
N THR FF 143 -39.73 89.68 34.70
CA THR FF 143 -40.97 90.32 34.31
C THR FF 143 -42.16 89.52 34.82
N PRO FF 144 -43.19 90.19 35.33
CA PRO FF 144 -44.33 89.46 35.89
C PRO FF 144 -45.03 88.66 34.80
N PRO FF 145 -45.62 87.52 35.16
CA PRO FF 145 -46.32 86.71 34.16
C PRO FF 145 -47.61 87.39 33.71
N THR FF 146 -48.36 86.69 32.85
CA THR FF 146 -49.65 87.20 32.42
C THR FF 146 -50.50 86.03 31.94
N TRP FF 147 -51.78 86.31 31.70
CA TRP FF 147 -52.70 85.30 31.23
C TRP FF 147 -52.39 84.82 29.82
N ARG FF 148 -51.49 85.51 29.11
CA ARG FF 148 -51.18 85.13 27.74
C ARG FF 148 -50.69 83.69 27.66
N GLN FF 149 -49.80 83.29 28.56
CA GLN FF 149 -49.29 81.93 28.61
C GLN FF 149 -50.15 81.02 29.48
N TYR FF 150 -51.38 81.40 29.75
CA TYR FF 150 -52.27 80.54 30.49
C TYR FF 150 -53.57 80.22 29.76
N LEU FF 151 -54.16 81.20 29.09
CA LEU FF 151 -55.49 81.04 28.53
C LEU FF 151 -55.51 80.96 27.01
N TRP FF 152 -54.41 81.25 26.33
CA TRP FF 152 -54.41 81.22 24.89
C TRP FF 152 -54.33 79.79 24.38
N MET FF 153 -55.10 79.49 23.35
CA MET FF 153 -54.98 78.23 22.63
C MET FF 153 -54.53 78.49 21.20
N ASP FF 154 -53.75 77.55 20.68
CA ASP FF 154 -53.16 77.71 19.37
C ASP FF 154 -54.21 77.62 18.28
N TYR FF 155 -53.84 78.00 17.06
CA TYR FF 155 -54.74 77.90 15.92
C TYR FF 155 -53.93 77.89 14.64
N VAL FF 156 -53.99 76.78 13.90
CA VAL FF 156 -53.48 76.70 12.54
C VAL FF 156 -54.60 76.16 11.68
N LYS FF 157 -54.99 76.90 10.65
CA LYS FF 157 -56.11 76.49 9.82
C LYS FF 157 -55.72 75.27 9.00
N PRO FF 158 -56.40 74.14 9.17
CA PRO FF 158 -56.09 72.96 8.35
C PRO FF 158 -56.62 73.15 6.95
N GLU FF 159 -55.75 72.97 5.96
CA GLU FF 159 -56.12 73.16 4.56
C GLU FF 159 -55.57 72.01 3.71
N ALA FF 160 -55.79 70.78 4.18
CA ALA FF 160 -55.37 69.57 3.46
C ALA FF 160 -56.55 68.62 3.35
N PRO FF 161 -57.54 68.95 2.53
CA PRO FF 161 -58.72 68.08 2.39
C PRO FF 161 -58.40 66.89 1.49
N ASN FF 162 -58.34 65.70 2.08
CA ASN FF 162 -58.12 64.48 1.32
C ASN FF 162 -58.63 63.31 2.16
N VAL FF 163 -59.64 62.60 1.64
CA VAL FF 163 -60.31 61.53 2.37
C VAL FF 163 -60.32 60.28 1.50
N THR FF 164 -60.15 59.13 2.15
CA THR FF 164 -60.10 57.86 1.42
C THR FF 164 -61.40 57.60 0.66
N LEU FF 165 -62.51 57.44 1.39
CA LEU FF 165 -63.78 57.04 0.80
C LEU FF 165 -64.63 58.29 0.58
N LEU FF 166 -64.47 58.90 -0.59
CA LEU FF 166 -65.34 60.01 -0.97
C LEU FF 166 -66.76 59.50 -1.14
N PRO FF 167 -67.77 60.21 -0.62
CA PRO FF 167 -69.15 59.74 -0.79
C PRO FF 167 -69.56 59.74 -2.25
N LYS FF 168 -70.24 58.67 -2.65
CA LYS FF 168 -70.71 58.52 -4.03
C LYS FF 168 -72.22 58.41 -4.12
N THR FF 169 -72.84 57.53 -3.34
CA THR FF 169 -74.28 57.40 -3.35
C THR FF 169 -74.91 58.49 -2.48
N LYS FF 170 -76.25 58.58 -2.56
CA LYS FF 170 -76.97 59.54 -1.73
C LYS FF 170 -76.78 59.23 -0.24
N ALA FF 171 -76.82 57.95 0.11
CA ALA FF 171 -76.57 57.56 1.50
C ALA FF 171 -75.17 57.94 1.93
N GLU FF 172 -74.18 57.73 1.05
CA GLU FF 172 -72.82 58.12 1.37
C GLU FF 172 -72.72 59.63 1.58
N LYS FF 173 -73.37 60.41 0.73
CA LYS FF 173 -73.31 61.86 0.87
C LYS FF 173 -73.96 62.32 2.17
N GLU FF 174 -75.11 61.76 2.52
CA GLU FF 174 -75.78 62.21 3.74
C GLU FF 174 -75.03 61.77 4.99
N ILE FF 175 -74.44 60.56 4.98
CA ILE FF 175 -73.64 60.18 6.13
C ILE FF 175 -72.38 61.04 6.21
N TRP FF 176 -71.81 61.41 5.07
CA TRP FF 176 -70.69 62.35 5.08
C TRP FF 176 -71.10 63.68 5.73
N CYS FF 177 -72.28 64.19 5.37
CA CYS FF 177 -72.75 65.45 5.94
C CYS FF 177 -72.95 65.33 7.44
N ILE FF 178 -73.63 64.27 7.89
CA ILE FF 178 -73.91 64.14 9.31
C ILE FF 178 -72.63 63.90 10.09
N TYR FF 179 -71.65 63.20 9.50
CA TYR FF 179 -70.39 62.99 10.19
C TYR FF 179 -69.61 64.29 10.30
N THR FF 180 -69.65 65.12 9.26
CA THR FF 180 -69.05 66.44 9.36
C THR FF 180 -69.70 67.24 10.49
N GLU FF 181 -71.04 67.16 10.59
CA GLU FF 181 -71.75 67.88 11.63
C GLU FF 181 -71.32 67.42 13.02
N ARG FF 182 -71.32 66.11 13.26
CA ARG FF 182 -70.97 65.62 14.58
C ARG FF 182 -69.51 65.87 14.90
N GLY FF 183 -68.64 65.84 13.89
CA GLY FF 183 -67.26 66.22 14.12
C GLY FF 183 -67.13 67.68 14.52
N TRP FF 184 -67.90 68.56 13.87
CA TRP FF 184 -67.95 69.95 14.29
C TRP FF 184 -68.31 70.05 15.77
N LYS FF 185 -69.36 69.34 16.17
CA LYS FF 185 -69.81 69.39 17.56
C LYS FF 185 -68.74 68.87 18.51
N ASN FF 186 -68.11 67.75 18.15
CA ASN FF 186 -67.09 67.15 19.02
C ASN FF 186 -65.90 68.08 19.19
N GLY FF 187 -65.45 68.69 18.09
CA GLY FF 187 -64.37 69.64 18.20
C GLY FF 187 -64.73 70.81 19.08
N ILE FF 188 -65.95 71.32 18.94
CA ILE FF 188 -66.36 72.47 19.74
C ILE FF 188 -66.33 72.12 21.23
N ASP FF 189 -66.92 70.98 21.59
CA ASP FF 189 -66.97 70.64 23.01
C ASP FF 189 -65.58 70.35 23.56
N GLN FF 190 -64.72 69.71 22.76
CA GLN FF 190 -63.36 69.45 23.22
C GLN FF 190 -62.61 70.74 23.45
N ALA FF 191 -62.78 71.72 22.56
CA ALA FF 191 -62.16 73.02 22.76
C ALA FF 191 -62.66 73.67 24.03
N ASN FF 192 -63.96 73.57 24.29
CA ASN FF 192 -64.50 74.09 25.55
C ASN FF 192 -63.84 73.42 26.74
N THR FF 193 -63.63 72.11 26.66
CA THR FF 193 -62.97 71.39 27.73
C THR FF 193 -61.57 71.92 27.96
N ILE FF 194 -60.83 72.16 26.87
CA ILE FF 194 -59.47 72.67 26.98
C ILE FF 194 -59.47 74.03 27.66
N LEU FF 195 -60.37 74.90 27.24
CA LEU FF 195 -60.47 76.22 27.84
C LEU FF 195 -60.76 76.11 29.34
N GLU FF 196 -61.68 75.21 29.70
CA GLU FF 196 -62.03 75.05 31.10
C GLU FF 196 -60.83 74.59 31.91
N GLU FF 197 -60.05 73.64 31.38
CA GLU FF 197 -58.87 73.19 32.10
C GLU FF 197 -57.89 74.34 32.30
N ASN FF 198 -57.65 75.12 31.25
CA ASN FF 198 -56.69 76.21 31.36
C ASN FF 198 -57.14 77.25 32.38
N ILE FF 199 -58.42 77.62 32.33
CA ILE FF 199 -58.90 78.65 33.24
C ILE FF 199 -58.85 78.16 34.67
N ALA FF 200 -59.16 76.87 34.89
CA ALA FF 200 -59.04 76.34 36.24
C ALA FF 200 -57.60 76.40 36.73
N ARG FF 201 -56.65 76.07 35.86
CA ARG FF 201 -55.24 76.08 36.26
C ARG FF 201 -54.81 77.48 36.67
N ILE FF 202 -55.10 78.47 35.83
CA ILE FF 202 -54.64 79.82 36.15
C ILE FF 202 -55.36 80.35 37.39
N LYS FF 203 -56.65 80.02 37.53
CA LYS FF 203 -57.38 80.48 38.71
C LYS FF 203 -56.80 79.90 39.98
N GLU FF 204 -56.45 78.62 39.98
CA GLU FF 204 -55.91 78.03 41.19
C GLU FF 204 -54.53 78.61 41.50
N ASP FF 205 -53.72 78.88 40.48
CA ASP FF 205 -52.43 79.50 40.76
C ASP FF 205 -52.60 80.90 41.37
N PHE FF 206 -53.52 81.69 40.83
CA PHE FF 206 -53.79 83.01 41.38
C PHE FF 206 -54.27 82.90 42.82
N GLY FF 207 -55.17 81.96 43.08
CA GLY FF 207 -55.68 81.78 44.43
C GLY FF 207 -54.58 81.37 45.40
N GLY FF 208 -53.67 80.50 44.94
CA GLY FF 208 -52.54 80.12 45.78
C GLY FF 208 -51.67 81.31 46.14
N MET FF 209 -51.41 82.18 45.16
CA MET FF 209 -50.64 83.38 45.45
C MET FF 209 -51.33 84.25 46.49
N ILE FF 210 -52.64 84.47 46.31
CA ILE FF 210 -53.39 85.29 47.26
C ILE FF 210 -53.35 84.67 48.65
N LEU FF 211 -53.52 83.35 48.70
CA LEU FF 211 -53.49 82.65 49.97
C LEU FF 211 -52.16 82.81 50.66
N TYR FF 212 -51.06 82.69 49.91
CA TYR FF 212 -49.75 82.87 50.52
C TYR FF 212 -49.61 84.27 51.10
N ARG FF 213 -50.00 85.29 50.33
CA ARG FF 213 -49.86 86.65 50.83
C ARG FF 213 -50.65 86.84 52.12
N LYS FF 214 -51.89 86.37 52.14
CA LYS FF 214 -52.72 86.64 53.31
C LYS FF 214 -52.32 85.77 54.51
N LEU FF 215 -51.82 84.56 54.28
CA LEU FF 215 -51.31 83.78 55.39
C LEU FF 215 -50.05 84.41 55.97
N LEU FF 216 -49.19 84.95 55.11
CA LEU FF 216 -48.02 85.67 55.61
C LEU FF 216 -48.44 86.87 56.43
N ALA FF 217 -49.48 87.58 55.99
CA ALA FF 217 -50.04 88.65 56.81
C ALA FF 217 -50.53 88.11 58.15
N MET FF 218 -51.16 86.94 58.13
CA MET FF 218 -51.59 86.26 59.35
C MET FF 218 -50.42 85.82 60.20
N ASN FF 219 -49.20 85.85 59.66
CA ASN FF 219 -47.99 85.51 60.39
C ASN FF 219 -47.97 84.06 60.81
N MET FF 220 -48.10 83.16 59.83
CA MET FF 220 -47.96 81.74 60.05
C MET FF 220 -46.89 81.11 59.19
N VAL FF 221 -46.26 81.89 58.30
CA VAL FF 221 -45.19 81.39 57.43
C VAL FF 221 -43.99 82.32 57.56
N SER FF 222 -42.84 81.78 57.23
CA SER FF 222 -41.61 82.58 57.28
C SER FF 222 -41.54 83.48 56.06
N PRO FF 223 -41.33 84.79 56.24
CA PRO FF 223 -41.10 85.64 55.07
C PRO FF 223 -39.75 85.33 54.44
N PRO FF 224 -39.62 85.53 53.13
CA PRO FF 224 -38.33 85.26 52.47
C PRO FF 224 -37.24 86.18 53.00
N TYR FF 225 -36.01 85.68 53.00
CA TYR FF 225 -34.86 86.45 53.46
C TYR FF 225 -33.91 86.70 52.30
N VAL FF 226 -33.56 87.97 52.10
CA VAL FF 226 -32.75 88.40 50.97
C VAL FF 226 -31.47 89.04 51.50
N SER FF 227 -30.34 88.63 50.95
CA SER FF 227 -29.04 89.19 51.30
C SER FF 227 -28.46 89.92 50.08
N HIS FF 228 -27.77 91.03 50.36
CA HIS FF 228 -27.10 91.81 49.33
C HIS FF 228 -25.69 92.15 49.77
N THR FF 229 -24.74 92.00 48.86
CA THR FF 229 -23.34 92.30 49.12
C THR FF 229 -22.83 93.25 48.05
N ASP FF 230 -22.02 94.23 48.47
CA ASP FF 230 -21.52 95.26 47.59
C ASP FF 230 -20.00 95.19 47.51
N LEU FF 231 -19.47 95.37 46.30
CA LEU FF 231 -18.04 95.44 46.04
C LEU FF 231 -17.76 96.66 45.19
N GLY FF 232 -16.61 97.28 45.44
CA GLY FF 232 -16.22 98.46 44.68
C GLY FF 232 -15.89 98.15 43.23
N VAL FF 233 -15.13 99.03 42.59
CA VAL FF 233 -14.71 98.78 41.22
C VAL FF 233 -14.01 97.43 41.12
N THR FF 234 -14.32 96.70 40.06
CA THR FF 234 -13.78 95.36 39.86
C THR FF 234 -13.36 95.18 38.41
N GLY FF 235 -12.38 94.30 38.20
CA GLY FF 235 -11.88 93.97 36.89
C GLY FF 235 -10.39 94.18 36.79
N ASP FF 236 -9.86 93.86 35.61
CA ASP FF 236 -8.44 94.00 35.33
C ASP FF 236 -8.18 95.36 34.66
N GLY FF 237 -6.96 95.54 34.16
CA GLY FF 237 -6.65 96.76 33.44
C GLY FF 237 -7.30 96.87 32.08
N SER FF 238 -7.91 95.80 31.58
CA SER FF 238 -8.61 95.81 30.31
C SER FF 238 -10.13 95.77 30.44
N GLU FF 239 -10.64 95.22 31.53
CA GLU FF 239 -12.08 95.13 31.77
C GLU FF 239 -12.36 95.71 33.15
N ILE FF 240 -13.36 96.57 33.25
CA ILE FF 240 -13.68 97.18 34.54
C ILE FF 240 -15.19 97.21 34.75
N HIS FF 241 -15.60 96.87 35.97
CA HIS FF 241 -16.97 97.06 36.43
C HIS FF 241 -16.94 98.10 37.54
N ILE FF 242 -17.87 99.05 37.50
CA ILE FF 242 -17.86 100.13 38.48
C ILE FF 242 -18.16 99.59 39.88
N ASP FF 243 -19.35 99.03 40.05
CA ASP FF 243 -19.83 98.64 41.38
C ASP FF 243 -20.47 97.27 41.29
N ASP FF 244 -19.79 96.26 41.82
CA ASP FF 244 -20.35 94.92 41.84
C ASP FF 244 -21.43 94.83 42.92
N ARG FF 245 -22.54 94.18 42.61
CA ARG FF 245 -23.64 94.05 43.56
C ARG FF 245 -24.24 92.66 43.40
N VAL FF 246 -24.11 91.83 44.43
CA VAL FF 246 -24.61 90.47 44.42
C VAL FF 246 -25.85 90.42 45.29
N LEU FF 247 -26.96 90.01 44.70
CA LEU FF 247 -28.23 89.82 45.41
C LEU FF 247 -28.57 88.35 45.40
N ARG FF 248 -28.86 87.79 46.58
CA ARG FF 248 -29.21 86.38 46.68
C ARG FF 248 -30.29 86.20 47.73
N ILE FF 249 -30.89 85.02 47.73
CA ILE FF 249 -31.92 84.65 48.69
C ILE FF 249 -31.35 83.58 49.60
N THR FF 250 -31.51 83.77 50.90
CA THR FF 250 -30.88 82.90 51.89
C THR FF 250 -31.87 81.95 52.56
N ALA FF 251 -32.96 82.48 53.11
CA ALA FF 251 -33.97 81.69 53.80
C ALA FF 251 -35.25 81.72 52.97
N LEU FF 252 -35.59 80.58 52.38
CA LEU FF 252 -36.82 80.47 51.62
C LEU FF 252 -38.02 80.52 52.55
N PRO FF 253 -39.15 81.04 52.08
CA PRO FF 253 -40.37 81.01 52.89
C PRO FF 253 -40.79 79.59 53.20
N GLU FF 254 -41.29 79.39 54.42
CA GLU FF 254 -41.75 78.08 54.84
C GLU FF 254 -42.68 78.25 56.04
N LEU FF 255 -43.41 77.18 56.34
CA LEU FF 255 -44.35 77.18 57.44
C LEU FF 255 -43.62 77.05 58.78
N ASN FF 256 -44.30 77.47 59.84
CA ASN FF 256 -43.81 77.31 61.20
C ASN FF 256 -44.87 76.61 62.04
N VAL FF 257 -44.41 75.82 63.00
CA VAL FF 257 -45.30 74.99 63.81
C VAL FF 257 -45.45 75.50 65.24
N ASN FF 258 -44.67 76.48 65.65
CA ASN FF 258 -44.77 77.00 67.00
C ASN FF 258 -46.12 77.70 67.17
N SER FF 259 -47.03 77.07 67.92
CA SER FF 259 -48.38 77.59 68.06
C SER FF 259 -48.43 78.96 68.70
N ALA FF 260 -47.40 79.33 69.47
CA ALA FF 260 -47.45 80.60 70.20
C ALA FF 260 -47.50 81.80 69.26
N GLU FF 261 -46.77 81.75 68.15
CA GLU FF 261 -46.67 82.88 67.24
C GLU FF 261 -47.89 83.04 66.34
N TRP FF 262 -49.00 82.38 66.67
CA TRP FF 262 -50.19 82.44 65.85
C TRP FF 262 -51.08 83.58 66.34
N ARG FF 263 -51.27 84.58 65.49
CA ARG FF 263 -52.19 85.68 65.77
C ARG FF 263 -53.37 85.58 64.82
N ALA FF 264 -54.57 85.59 65.38
CA ALA FF 264 -55.78 85.54 64.58
C ALA FF 264 -56.26 86.95 64.25
N ALA FF 265 -57.41 87.02 63.60
CA ALA FF 265 -58.02 88.29 63.24
C ALA FF 265 -59.52 88.22 63.52
N VAL FF 266 -60.12 89.38 63.79
CA VAL FF 266 -61.54 89.50 64.00
C VAL FF 266 -62.04 90.70 63.22
N ALA FF 267 -63.09 90.51 62.41
CA ALA FF 267 -63.65 91.58 61.61
C ALA FF 267 -64.68 92.35 62.43
N LYS FF 268 -65.45 93.19 61.76
CA LYS FF 268 -66.54 93.92 62.42
C LYS FF 268 -67.67 94.18 61.42
N ILE GF 862 -63.08 7.85 23.95
CA ILE GF 862 -63.15 6.44 23.57
C ILE GF 862 -64.43 6.18 22.76
N ILE GF 863 -64.26 5.65 21.57
CA ILE GF 863 -65.38 5.29 20.70
C ILE GF 863 -65.10 3.91 20.12
N LYS GF 864 -66.15 3.07 20.11
CA LYS GF 864 -66.01 1.71 19.61
C LYS GF 864 -65.61 1.71 18.14
N THR GF 865 -64.85 0.70 17.75
CA THR GF 865 -64.25 0.68 16.42
C THR GF 865 -65.34 0.45 15.36
N GLY GF 866 -65.89 1.54 14.85
CA GLY GF 866 -66.76 1.49 13.69
C GLY GF 866 -68.26 1.52 13.93
N ASP GF 867 -68.71 2.33 14.88
CA ASP GF 867 -70.14 2.51 15.12
C ASP GF 867 -70.64 3.71 14.31
N ILE GF 868 -71.89 4.09 14.55
CA ILE GF 868 -72.56 5.12 13.77
C ILE GF 868 -72.86 6.31 14.67
N MET GF 869 -72.51 7.51 14.20
CA MET GF 869 -72.87 8.77 14.84
C MET GF 869 -73.62 9.62 13.82
N PHE GF 870 -74.19 10.73 14.27
CA PHE GF 870 -74.97 11.60 13.40
C PHE GF 870 -74.35 12.99 13.38
N ALA GF 871 -74.58 13.70 12.27
CA ALA GF 871 -74.19 15.10 12.15
C ALA GF 871 -75.04 15.72 11.05
N VAL GF 872 -75.04 17.05 11.01
CA VAL GF 872 -75.81 17.81 10.02
C VAL GF 872 -74.84 18.60 9.16
N LEU GF 873 -75.01 18.53 7.85
CA LEU GF 873 -74.21 19.31 6.92
C LEU GF 873 -74.87 20.66 6.69
N ASP GF 874 -74.06 21.71 6.77
CA ASP GF 874 -74.58 23.08 6.75
C ASP GF 874 -74.04 23.87 5.57
N THR GF 875 -72.99 23.38 4.94
CA THR GF 875 -72.36 24.07 3.83
C THR GF 875 -72.38 23.20 2.58
N SER GF 876 -72.72 23.78 1.44
CA SER GF 876 -72.74 23.07 0.17
C SER GF 876 -71.59 23.52 -0.73
N VAL GF 877 -71.25 22.67 -1.70
CA VAL GF 877 -70.23 22.99 -2.70
C VAL GF 877 -70.36 21.99 -3.84
N ASN GF 878 -70.03 22.42 -5.04
CA ASN GF 878 -70.00 21.56 -6.20
C ASN GF 878 -68.73 20.71 -6.18
N SER GF 879 -68.84 19.51 -6.75
CA SER GF 879 -67.70 18.60 -6.82
C SER GF 879 -66.74 19.03 -7.91
N ASP GF 880 -66.11 20.19 -7.74
CA ASP GF 880 -65.15 20.66 -8.71
C ASP GF 880 -63.81 21.04 -8.09
N GLU GF 881 -63.82 21.57 -6.87
CA GLU GF 881 -62.60 22.00 -6.19
C GLU GF 881 -62.61 21.47 -4.77
N PRO GF 882 -61.77 20.49 -4.44
CA PRO GF 882 -61.70 20.02 -3.06
C PRO GF 882 -61.18 21.11 -2.12
N GLY GF 883 -61.65 21.05 -0.88
CA GLY GF 883 -61.28 22.03 0.11
C GLY GF 883 -61.81 21.70 1.49
N PRO GF 884 -61.45 22.51 2.48
CA PRO GF 884 -61.92 22.28 3.84
C PRO GF 884 -63.43 22.48 3.99
N ILE GF 885 -64.10 21.46 4.51
CA ILE GF 885 -65.53 21.50 4.80
C ILE GF 885 -65.75 20.93 6.18
N LEU GF 886 -66.64 21.55 6.96
CA LEU GF 886 -66.85 21.19 8.35
C LEU GF 886 -68.32 20.83 8.58
N ALA GF 887 -68.53 19.91 9.50
CA ALA GF 887 -69.85 19.53 10.01
C ALA GF 887 -69.80 19.49 11.53
N THR GF 888 -70.97 19.45 12.15
CA THR GF 888 -71.07 19.48 13.60
C THR GF 888 -71.86 18.26 14.08
N ILE GF 889 -71.28 17.53 15.02
CA ILE GF 889 -71.99 16.40 15.62
C ILE GF 889 -73.17 16.94 16.43
N VAL GF 890 -74.33 16.33 16.24
CA VAL GF 890 -75.57 16.85 16.82
C VAL GF 890 -76.06 16.03 18.01
N THR GF 891 -75.74 14.74 18.08
CA THR GF 891 -76.22 13.92 19.18
C THR GF 891 -75.11 13.01 19.71
N GLY GF 892 -75.48 12.06 20.56
CA GLY GF 892 -74.50 11.13 21.09
C GLY GF 892 -73.70 11.70 22.24
N LYS GF 893 -72.66 10.97 22.64
CA LYS GF 893 -71.80 11.41 23.73
C LYS GF 893 -71.08 12.70 23.41
N LEU GF 894 -70.55 12.83 22.20
CA LEU GF 894 -69.86 14.04 21.78
C LEU GF 894 -70.86 15.02 21.19
N LYS GF 895 -71.03 16.16 21.84
CA LYS GF 895 -71.92 17.21 21.36
C LYS GF 895 -71.12 18.51 21.28
N GLY GF 896 -71.43 19.32 20.27
CA GLY GF 896 -70.66 20.53 20.04
C GLY GF 896 -69.34 20.29 19.36
N SER GF 897 -69.07 19.06 18.94
CA SER GF 897 -67.83 18.74 18.27
C SER GF 897 -67.92 19.07 16.78
N LYS GF 898 -66.81 19.49 16.20
CA LYS GF 898 -66.73 19.87 14.80
C LYS GF 898 -65.78 18.93 14.07
N LEU GF 899 -65.95 18.83 12.76
CA LEU GF 899 -65.15 17.90 11.96
C LEU GF 899 -64.91 18.51 10.59
N ILE GF 900 -63.64 18.63 10.21
CA ILE GF 900 -63.23 19.18 8.91
C ILE GF 900 -62.59 18.09 8.07
N GLY GF 901 -62.84 18.18 6.77
CA GLY GF 901 -62.28 17.26 5.78
C GLY GF 901 -62.53 17.76 4.38
N SER GF 902 -62.63 16.87 3.41
CA SER GF 902 -62.83 17.26 2.02
C SER GF 902 -63.55 16.13 1.29
N PHE GF 903 -63.60 16.22 -0.03
CA PHE GF 903 -64.25 15.22 -0.88
C PHE GF 903 -63.28 14.74 -1.95
N ASN GF 904 -63.81 13.92 -2.86
CA ASN GF 904 -63.06 13.40 -3.99
C ASN GF 904 -63.93 13.48 -5.24
N LEU GF 905 -63.31 13.19 -6.38
CA LEU GF 905 -64.04 13.13 -7.64
C LEU GF 905 -64.01 11.72 -8.19
N PRO GF 906 -65.16 11.06 -8.31
CA PRO GF 906 -65.18 9.67 -8.78
C PRO GF 906 -65.09 9.58 -10.29
N SER GF 907 -64.76 8.36 -10.75
CA SER GF 907 -64.69 8.09 -12.18
C SER GF 907 -66.04 8.24 -12.85
N ASN GF 908 -67.11 7.73 -12.23
CA ASN GF 908 -68.45 7.85 -12.74
C ASN GF 908 -69.28 8.67 -11.76
N ALA GF 909 -70.41 9.20 -12.24
CA ALA GF 909 -71.26 10.09 -11.47
C ALA GF 909 -72.31 9.34 -10.65
N ASP GF 910 -72.02 8.09 -10.28
CA ASP GF 910 -72.97 7.25 -9.55
C ASP GF 910 -73.04 7.58 -8.06
N LYS GF 911 -72.09 8.37 -7.55
CA LYS GF 911 -72.14 8.78 -6.15
C LYS GF 911 -71.18 9.94 -5.94
N MET GF 912 -71.12 10.40 -4.68
CA MET GF 912 -70.22 11.45 -4.26
C MET GF 912 -70.13 11.41 -2.74
N VAL GF 913 -68.91 11.31 -2.23
CA VAL GF 913 -68.69 11.03 -0.81
C VAL GF 913 -67.71 12.05 -0.24
N ILE GF 914 -67.69 12.15 1.08
CA ILE GF 914 -66.91 13.14 1.81
C ILE GF 914 -65.93 12.43 2.73
N THR GF 915 -64.66 12.84 2.67
CA THR GF 915 -63.64 12.32 3.56
C THR GF 915 -63.44 13.31 4.70
N PHE GF 916 -63.51 12.83 5.94
CA PHE GF 916 -63.43 13.66 7.12
C PHE GF 916 -62.34 13.13 8.03
N ASN GF 917 -61.38 13.98 8.38
CA ASN GF 917 -60.19 13.51 9.08
C ASN GF 917 -59.88 14.31 10.34
N THR GF 918 -60.20 15.60 10.38
CA THR GF 918 -59.74 16.45 11.49
C THR GF 918 -60.91 16.73 12.42
N MET GF 919 -60.91 16.09 13.59
CA MET GF 919 -61.99 16.19 14.57
C MET GF 919 -61.53 17.10 15.70
N SER GF 920 -62.38 18.05 16.08
CA SER GF 920 -62.15 18.93 17.22
C SER GF 920 -63.32 18.77 18.19
N ILE GF 921 -63.00 18.68 19.48
CA ILE GF 921 -63.97 18.48 20.54
C ILE GF 921 -64.03 19.75 21.38
N PRO GF 922 -65.22 20.23 21.77
CA PRO GF 922 -65.31 21.46 22.56
C PRO GF 922 -64.75 21.30 23.97
N GLY GF 923 -64.78 22.37 24.75
CA GLY GF 923 -64.25 22.34 26.10
C GLY GF 923 -62.76 22.57 26.15
N ALA GF 924 -62.00 21.68 25.52
CA ALA GF 924 -60.55 21.77 25.48
C ALA GF 924 -60.07 22.01 24.06
N GLU GF 925 -58.91 22.67 23.96
CA GLU GF 925 -58.31 22.99 22.67
C GLU GF 925 -57.56 21.75 22.16
N LYS GF 926 -58.34 20.74 21.77
CA LYS GF 926 -57.78 19.48 21.29
C LYS GF 926 -58.17 19.28 19.83
N THR GF 927 -57.29 18.61 19.09
CA THR GF 927 -57.52 18.35 17.68
C THR GF 927 -57.03 16.93 17.37
N ILE GF 928 -57.94 15.97 17.45
CA ILE GF 928 -57.64 14.59 17.10
C ILE GF 928 -57.75 14.41 15.60
N SER GF 929 -57.25 13.30 15.07
CA SER GF 929 -57.19 13.11 13.63
C SER GF 929 -57.89 11.83 13.19
N ILE GF 930 -59.05 11.54 13.76
CA ILE GF 930 -59.82 10.36 13.36
C ILE GF 930 -60.36 10.59 11.95
N SER GF 931 -60.12 9.64 11.07
CA SER GF 931 -60.63 9.68 9.70
C SER GF 931 -61.93 8.91 9.64
N ALA GF 932 -62.95 9.50 9.02
CA ALA GF 932 -64.27 8.87 8.98
C ALA GF 932 -64.96 9.25 7.68
N TYR GF 933 -65.99 8.49 7.33
CA TYR GF 933 -66.79 8.68 6.13
C TYR GF 933 -68.25 8.89 6.50
N ALA GF 934 -69.09 9.10 5.50
CA ALA GF 934 -70.51 9.35 5.70
C ALA GF 934 -71.34 8.45 4.80
N ILE GF 935 -72.54 8.12 5.26
CA ILE GF 935 -73.49 7.31 4.51
C ILE GF 935 -74.78 8.10 4.34
N ASP GF 936 -75.43 7.92 3.20
CA ASP GF 936 -76.64 8.67 2.90
C ASP GF 936 -77.76 8.28 3.86
N PRO GF 937 -78.33 9.24 4.60
CA PRO GF 937 -79.47 8.91 5.45
C PRO GF 937 -80.68 8.49 4.64
N ASN GF 938 -81.48 7.61 5.23
CA ASN GF 938 -82.68 7.01 4.65
C ASN GF 938 -82.40 6.25 3.37
N THR GF 939 -81.14 5.96 3.06
CA THR GF 939 -80.79 5.19 1.88
C THR GF 939 -79.82 4.08 2.26
N ALA GF 940 -79.11 4.29 3.37
CA ALA GF 940 -78.08 3.37 3.86
C ALA GF 940 -77.08 3.06 2.75
N ARG GF 941 -76.69 4.12 2.04
CA ARG GF 941 -75.80 4.01 0.90
C ARG GF 941 -74.82 5.17 0.91
N THR GF 942 -73.99 5.21 -0.13
CA THR GF 942 -72.94 6.21 -0.24
C THR GF 942 -73.17 7.22 -1.37
N ALA GF 943 -74.38 7.25 -1.93
CA ALA GF 943 -74.65 8.17 -3.03
C ALA GF 943 -74.88 9.59 -2.52
N LEU GF 944 -74.91 10.53 -3.45
CA LEU GF 944 -75.16 11.93 -3.15
C LEU GF 944 -76.49 12.35 -3.73
N ALA GF 945 -77.27 13.11 -2.95
CA ALA GF 945 -78.58 13.57 -3.37
C ALA GF 945 -78.44 14.88 -4.14
N SER GF 946 -78.30 14.76 -5.46
CA SER GF 946 -78.17 15.91 -6.34
C SER GF 946 -78.48 15.47 -7.76
N ARG GF 947 -78.17 16.35 -8.71
CA ARG GF 947 -78.40 16.09 -10.13
C ARG GF 947 -77.10 15.70 -10.82
N THR GF 948 -77.24 14.88 -11.86
CA THR GF 948 -76.08 14.39 -12.60
C THR GF 948 -76.18 14.62 -14.10
N ASN GF 949 -77.24 15.26 -14.60
CA ASN GF 949 -77.43 15.50 -16.02
C ASN GF 949 -76.96 16.88 -16.44
N HIS GF 950 -75.85 17.35 -15.84
CA HIS GF 950 -75.43 18.72 -16.01
C HIS GF 950 -75.02 19.05 -17.44
N HIS GF 951 -74.20 18.22 -18.06
CA HIS GF 951 -73.58 18.55 -19.34
C HIS GF 951 -73.58 17.37 -20.29
N TYR GF 952 -74.73 16.73 -20.45
CA TYR GF 952 -74.92 15.76 -21.52
C TYR GF 952 -75.50 16.39 -22.78
N LEU GF 953 -76.69 16.98 -22.66
CA LEU GF 953 -77.41 17.46 -23.83
C LEU GF 953 -76.73 18.68 -24.44
N MET GF 954 -76.05 19.50 -23.63
CA MET GF 954 -75.37 20.66 -24.17
C MET GF 954 -74.33 20.25 -25.22
N ARG GF 955 -73.43 19.34 -24.84
CA ARG GF 955 -72.41 18.89 -25.78
C ARG GF 955 -73.00 18.03 -26.89
N TYR GF 956 -74.01 17.20 -26.58
CA TYR GF 956 -74.67 16.46 -27.65
C TYR GF 956 -75.20 17.39 -28.73
N GLY GF 957 -75.94 18.42 -28.33
CA GLY GF 957 -76.49 19.35 -29.30
C GLY GF 957 -75.43 20.14 -30.04
N SER GF 958 -74.39 20.58 -29.33
CA SER GF 958 -73.32 21.33 -30.00
C SER GF 958 -72.67 20.47 -31.08
N LEU GF 959 -72.27 19.25 -30.74
CA LEU GF 959 -71.63 18.38 -31.71
C LEU GF 959 -72.55 18.06 -32.88
N PHE GF 960 -73.81 17.72 -32.57
CA PHE GF 960 -74.75 17.37 -33.64
C PHE GF 960 -75.00 18.54 -34.57
N ALA GF 961 -75.14 19.76 -34.03
CA ALA GF 961 -75.36 20.92 -34.87
C ALA GF 961 -74.15 21.22 -35.73
N SER GF 962 -72.94 21.12 -35.17
CA SER GF 962 -71.75 21.36 -35.98
C SER GF 962 -71.65 20.36 -37.12
N SER GF 963 -71.88 19.08 -36.84
CA SER GF 963 -71.84 18.07 -37.89
C SER GF 963 -72.92 18.33 -38.93
N PHE GF 964 -74.12 18.70 -38.51
CA PHE GF 964 -75.19 18.99 -39.45
C PHE GF 964 -74.83 20.17 -40.35
N LEU GF 965 -74.17 21.19 -39.79
CA LEU GF 965 -73.69 22.29 -40.61
C LEU GF 965 -72.73 21.80 -41.70
N GLN GF 966 -71.74 20.99 -41.28
CA GLN GF 966 -70.82 20.40 -42.25
C GLN GF 966 -71.58 19.69 -43.36
N GLY GF 967 -72.51 18.82 -42.97
CA GLY GF 967 -73.24 18.03 -43.94
C GLY GF 967 -74.05 18.89 -44.88
N PHE GF 968 -74.75 19.90 -44.34
CA PHE GF 968 -75.61 20.70 -45.18
C PHE GF 968 -74.80 21.44 -46.23
N GLY GF 969 -73.73 22.09 -45.79
CA GLY GF 969 -72.89 22.78 -46.75
C GLY GF 969 -72.37 21.85 -47.83
N ASN GF 970 -71.72 20.75 -47.43
CA ASN GF 970 -71.09 19.92 -48.44
C ASN GF 970 -72.12 19.27 -49.38
N ALA GF 971 -73.22 18.75 -48.83
CA ALA GF 971 -74.17 18.03 -49.66
C ALA GF 971 -74.92 18.97 -50.60
N PHE GF 972 -75.35 20.13 -50.11
CA PHE GF 972 -76.03 21.02 -51.02
C PHE GF 972 -75.08 21.72 -51.97
N GLN GF 973 -73.77 21.75 -51.68
CA GLN GF 973 -72.82 22.14 -52.71
C GLN GF 973 -72.72 21.07 -53.79
N SER GF 974 -72.66 19.80 -53.38
CA SER GF 974 -72.58 18.71 -54.35
C SER GF 974 -73.85 18.62 -55.19
N ALA GF 975 -74.99 19.05 -54.63
CA ALA GF 975 -76.27 18.95 -55.30
C ALA GF 975 -76.46 19.98 -56.40
N ASN GF 976 -75.39 20.68 -56.79
CA ASN GF 976 -75.51 21.70 -57.83
C ASN GF 976 -75.69 21.11 -59.22
N THR GF 977 -75.00 20.01 -59.52
CA THR GF 977 -75.06 19.45 -60.87
C THR GF 977 -76.41 18.80 -61.15
N THR GF 978 -76.91 17.99 -60.22
CA THR GF 978 -78.17 17.29 -60.42
C THR GF 978 -79.23 17.75 -59.42
N SER GF 999 -79.01 32.38 -55.53
CA SER GF 999 -77.67 32.45 -54.97
C SER GF 999 -77.71 32.35 -53.45
N THR GF 1000 -78.87 32.67 -52.89
CA THR GF 1000 -79.02 32.61 -51.43
C THR GF 1000 -78.85 31.20 -50.90
N LEU GF 1001 -79.35 30.20 -51.62
CA LEU GF 1001 -79.12 28.82 -51.22
C LEU GF 1001 -77.64 28.48 -51.25
N GLU GF 1002 -76.91 29.01 -52.23
CA GLU GF 1002 -75.47 28.84 -52.26
C GLU GF 1002 -74.81 29.52 -51.08
N ASN GF 1003 -75.33 30.67 -50.65
CA ASN GF 1003 -74.79 31.33 -49.47
C ASN GF 1003 -75.02 30.50 -48.21
N ALA GF 1004 -76.20 29.89 -48.10
CA ALA GF 1004 -76.46 28.98 -46.99
C ALA GF 1004 -75.50 27.80 -47.01
N VAL GF 1005 -75.27 27.24 -48.20
CA VAL GF 1005 -74.26 26.19 -48.37
C VAL GF 1005 -72.92 26.67 -47.85
N ILE GF 1006 -72.53 27.88 -48.28
CA ILE GF 1006 -71.30 28.51 -47.82
C ILE GF 1006 -71.20 28.46 -46.30
N GLY GF 1007 -72.18 29.07 -45.63
CA GLY GF 1007 -72.07 29.21 -44.19
C GLY GF 1007 -72.02 27.86 -43.50
N LEU GF 1008 -72.94 26.96 -43.86
CA LEU GF 1008 -73.00 25.67 -43.19
C LEU GF 1008 -71.71 24.89 -43.40
N ALA GF 1009 -71.29 24.73 -44.66
CA ALA GF 1009 -70.09 23.96 -44.95
C ALA GF 1009 -68.89 24.50 -44.21
N THR GF 1010 -68.62 25.80 -44.33
CA THR GF 1010 -67.37 26.29 -43.78
C THR GF 1010 -67.37 26.41 -42.27
N VAL GF 1011 -68.46 26.83 -41.64
CA VAL GF 1011 -68.46 26.97 -40.19
C VAL GF 1011 -68.72 25.66 -39.47
N GLY GF 1012 -69.13 24.60 -40.19
CA GLY GF 1012 -69.30 23.32 -39.53
C GLY GF 1012 -68.01 22.75 -38.99
N LYS GF 1013 -66.90 22.88 -39.74
CA LYS GF 1013 -65.69 22.14 -39.43
C LYS GF 1013 -65.04 22.63 -38.13
N ALA GF 1014 -64.85 23.94 -38.00
CA ALA GF 1014 -64.22 24.48 -36.80
C ALA GF 1014 -65.06 24.20 -35.58
N TRP GF 1015 -66.37 24.38 -35.69
CA TRP GF 1015 -67.25 24.09 -34.57
C TRP GF 1015 -67.20 22.61 -34.20
N SER GF 1016 -67.14 21.72 -35.19
CA SER GF 1016 -67.12 20.29 -34.91
C SER GF 1016 -65.83 19.90 -34.21
N GLN GF 1017 -64.68 20.42 -34.67
CA GLN GF 1017 -63.44 20.07 -34.00
C GLN GF 1017 -63.39 20.65 -32.59
N GLN GF 1018 -63.90 21.86 -32.39
CA GLN GF 1018 -63.95 22.40 -31.03
C GLN GF 1018 -64.89 21.60 -30.14
N ALA GF 1019 -66.00 21.12 -30.70
CA ALA GF 1019 -66.92 20.29 -29.92
C ALA GF 1019 -66.27 18.97 -29.54
N GLN GF 1020 -65.53 18.35 -30.46
CA GLN GF 1020 -64.76 17.17 -30.09
C GLN GF 1020 -63.73 17.50 -29.02
N GLN GF 1021 -63.16 18.69 -29.07
CA GLN GF 1021 -62.20 19.12 -28.06
C GLN GF 1021 -62.85 19.19 -26.68
N LEU GF 1022 -64.04 19.78 -26.58
CA LEU GF 1022 -64.67 20.05 -25.29
C LEU GF 1022 -65.72 19.00 -24.90
N PHE GF 1023 -65.84 17.92 -25.66
CA PHE GF 1023 -66.93 16.97 -25.41
C PHE GF 1023 -66.66 16.11 -24.18
N ASN GF 1024 -65.43 16.06 -23.71
CA ASN GF 1024 -65.02 15.10 -22.69
C ASN GF 1024 -65.21 15.59 -21.27
N THR GF 1025 -65.76 16.78 -21.06
CA THR GF 1025 -65.94 17.29 -19.71
C THR GF 1025 -67.05 16.51 -19.01
N PRO GF 1026 -66.79 15.96 -17.83
CA PRO GF 1026 -67.80 15.16 -17.11
C PRO GF 1026 -68.88 16.05 -16.51
N THR GF 1027 -70.03 15.45 -16.25
CA THR GF 1027 -71.14 16.13 -15.58
C THR GF 1027 -70.87 16.12 -14.08
N THR GF 1028 -70.84 17.30 -13.48
CA THR GF 1028 -70.50 17.43 -12.08
C THR GF 1028 -71.70 17.17 -11.18
N VAL GF 1029 -71.41 17.00 -9.89
CA VAL GF 1029 -72.43 16.89 -8.85
C VAL GF 1029 -72.11 17.91 -7.78
N GLU GF 1030 -73.13 18.25 -6.99
CA GLU GF 1030 -72.96 19.24 -5.93
C GLU GF 1030 -73.68 18.79 -4.67
N VAL GF 1031 -72.95 18.78 -3.55
CA VAL GF 1031 -73.58 18.45 -2.28
C VAL GF 1031 -74.51 19.59 -1.86
N TYR GF 1032 -75.38 19.29 -0.89
CA TYR GF 1032 -76.32 20.28 -0.39
C TYR GF 1032 -75.95 20.71 1.03
N SER GF 1033 -76.34 21.94 1.36
CA SER GF 1033 -76.03 22.53 2.65
C SER GF 1033 -77.12 22.31 3.69
N GLY GF 1034 -78.13 21.49 3.40
CA GLY GF 1034 -79.20 21.27 4.34
C GLY GF 1034 -79.59 19.81 4.47
N THR GF 1035 -78.65 18.91 4.23
CA THR GF 1035 -78.89 17.48 4.32
C THR GF 1035 -78.12 16.91 5.49
N GLY GF 1036 -78.78 16.06 6.28
CA GLY GF 1036 -78.13 15.37 7.36
C GLY GF 1036 -77.23 14.27 6.84
N LEU GF 1037 -76.39 13.75 7.75
CA LEU GF 1037 -75.47 12.68 7.39
C LEU GF 1037 -75.18 11.83 8.61
N GLY GF 1038 -74.86 10.56 8.35
CA GLY GF 1038 -74.41 9.64 9.36
C GLY GF 1038 -72.96 9.24 9.11
N ILE GF 1039 -72.19 9.22 10.19
CA ILE GF 1039 -70.76 8.99 10.14
C ILE GF 1039 -70.47 7.63 10.76
N LEU GF 1040 -69.98 6.70 9.94
CA LEU GF 1040 -69.51 5.42 10.43
C LEU GF 1040 -68.01 5.51 10.69
N PHE GF 1041 -67.61 5.19 11.91
CA PHE GF 1041 -66.24 5.38 12.35
C PHE GF 1041 -65.30 4.37 11.70
N THR GF 1042 -64.02 4.74 11.63
CA THR GF 1042 -62.97 3.89 11.09
C THR GF 1042 -61.95 3.51 12.15
N GLN GF 1043 -61.46 4.48 12.93
CA GLN GF 1043 -60.57 4.23 14.04
C GLN GF 1043 -61.19 4.81 15.31
N ASP GF 1044 -60.58 4.49 16.45
CA ASP GF 1044 -61.15 4.88 17.74
C ASP GF 1044 -60.65 6.26 18.15
N VAL GF 1045 -61.17 6.75 19.27
CA VAL GF 1045 -60.76 8.01 19.87
C VAL GF 1045 -60.42 7.75 21.34
N THR GF 1046 -60.08 8.81 22.05
CA THR GF 1046 -59.78 8.71 23.48
C THR GF 1046 -60.24 9.94 24.23
N LYS HF 60 -38.83 77.85 -12.87
CA LYS HF 60 -39.56 78.48 -11.77
C LYS HF 60 -38.59 79.00 -10.71
N GLU HF 61 -38.11 78.07 -9.88
CA GLU HF 61 -37.09 78.40 -8.89
C GLU HF 61 -35.85 78.99 -9.53
N THR HF 62 -35.52 78.56 -10.76
CA THR HF 62 -34.41 79.15 -11.48
C THR HF 62 -34.67 80.62 -11.76
N ALA HF 63 -35.89 80.94 -12.21
CA ALA HF 63 -36.24 82.34 -12.43
C ALA HF 63 -36.18 83.13 -11.12
N LEU HF 64 -36.65 82.54 -10.04
CA LEU HF 64 -36.60 83.22 -8.74
C LEU HF 64 -35.16 83.53 -8.34
N SER HF 65 -34.27 82.54 -8.46
CA SER HF 65 -32.89 82.73 -8.05
C SER HF 65 -32.18 83.75 -8.93
N VAL HF 66 -32.38 83.68 -10.25
CA VAL HF 66 -31.72 84.63 -11.13
C VAL HF 66 -32.25 86.04 -10.89
N GLY HF 67 -33.55 86.15 -10.61
CA GLY HF 67 -34.09 87.46 -10.27
C GLY HF 67 -33.51 88.00 -8.98
N ALA HF 68 -33.33 87.13 -7.98
CA ALA HF 68 -32.68 87.56 -6.75
C ALA HF 68 -31.28 88.07 -7.02
N GLN HF 69 -30.51 87.34 -7.82
CA GLN HF 69 -29.15 87.76 -8.14
C GLN HF 69 -29.15 89.11 -8.85
N ALA HF 70 -30.01 89.24 -9.86
CA ALA HF 70 -30.06 90.49 -10.63
C ALA HF 70 -30.46 91.66 -9.75
N GLY HF 71 -31.45 91.46 -8.89
CA GLY HF 71 -31.87 92.53 -8.00
C GLY HF 71 -30.78 92.94 -7.04
N LEU HF 72 -30.09 91.96 -6.47
CA LEU HF 72 -29.00 92.27 -5.56
C LEU HF 72 -27.91 93.08 -6.28
N ALA HF 73 -27.53 92.63 -7.48
CA ALA HF 73 -26.49 93.33 -8.22
C ALA HF 73 -26.91 94.76 -8.56
N TRP HF 74 -28.15 94.92 -9.01
CA TRP HF 74 -28.61 96.24 -9.41
C TRP HF 74 -28.69 97.18 -8.21
N ARG HF 75 -29.23 96.70 -7.09
CA ARG HF 75 -29.31 97.52 -5.90
C ARG HF 75 -27.92 97.89 -5.40
N ALA HF 76 -26.98 96.94 -5.43
CA ALA HF 76 -25.63 97.22 -5.01
C ALA HF 76 -24.99 98.28 -5.90
N LYS HF 77 -25.18 98.17 -7.21
CA LYS HF 77 -24.61 99.17 -8.10
C LYS HF 77 -25.21 100.54 -7.82
N ILE HF 78 -26.52 100.59 -7.62
CA ILE HF 78 -27.17 101.88 -7.36
C ILE HF 78 -26.65 102.50 -6.07
N ILE HF 79 -26.53 101.70 -5.02
CA ILE HF 79 -26.14 102.25 -3.74
C ILE HF 79 -24.67 102.70 -3.77
N ASP HF 80 -23.81 101.92 -4.43
CA ASP HF 80 -22.42 102.33 -4.54
C ASP HF 80 -22.29 103.60 -5.38
N GLU HF 81 -23.08 103.70 -6.45
CA GLU HF 81 -23.05 104.91 -7.27
C GLU HF 81 -23.47 106.12 -6.45
N GLN HF 82 -24.53 105.97 -5.64
CA GLN HF 82 -24.97 107.10 -4.82
C GLN HF 82 -23.92 107.45 -3.77
N LEU HF 83 -23.27 106.44 -3.20
CA LEU HF 83 -22.22 106.68 -2.22
C LEU HF 83 -21.06 107.44 -2.85
N ASN HF 84 -20.71 107.11 -4.08
CA ASN HF 84 -19.67 107.87 -4.76
C ASN HF 84 -20.17 109.28 -5.08
N LYS HF 85 -21.43 109.41 -5.47
CA LYS HF 85 -21.98 110.70 -5.85
C LYS HF 85 -21.90 111.68 -4.70
N GLN HF 86 -22.33 111.26 -3.52
CA GLN HF 86 -22.14 112.04 -2.30
C GLN HF 86 -20.96 111.44 -1.56
N ALA HF 87 -19.79 112.04 -1.72
CA ALA HF 87 -18.56 111.47 -1.20
C ALA HF 87 -17.88 112.32 -0.15
N ARG HF 88 -17.63 113.61 -0.46
CA ARG HF 88 -16.69 114.39 0.35
C ARG HF 88 -17.17 114.53 1.80
N ASN HF 89 -18.47 114.70 2.00
CA ASN HF 89 -18.98 114.82 3.37
C ASN HF 89 -18.63 113.61 4.20
N LEU HF 90 -18.52 112.44 3.58
CA LEU HF 90 -18.22 111.23 4.33
C LEU HF 90 -16.84 111.30 4.96
N ASP HF 91 -15.82 111.59 4.16
CA ASP HF 91 -14.48 111.74 4.71
C ASP HF 91 -14.38 112.96 5.61
N ALA HF 92 -15.20 113.98 5.35
CA ALA HF 92 -15.22 115.14 6.25
C ALA HF 92 -15.66 114.72 7.64
N ILE HF 93 -16.70 113.89 7.71
CA ILE HF 93 -17.19 113.43 9.01
C ILE HF 93 -16.21 112.45 9.63
N TYR HF 94 -15.67 111.53 8.83
CA TYR HF 94 -14.79 110.48 9.33
C TYR HF 94 -13.35 110.87 9.05
N ASP HF 95 -12.63 111.30 10.09
CA ASP HF 95 -11.22 111.67 9.96
C ASP HF 95 -10.46 110.95 11.07
N PHE HF 96 -10.01 109.74 10.77
CA PHE HF 96 -9.14 109.03 11.71
C PHE HF 96 -7.83 109.78 11.89
N ASN HF 97 -7.33 110.38 10.81
CA ASN HF 97 -6.04 111.07 10.87
C ASN HF 97 -6.04 112.15 11.95
N SER HF 98 -7.14 112.90 12.06
CA SER HF 98 -7.24 113.88 13.13
C SER HF 98 -7.13 113.23 14.50
N LEU HF 99 -7.48 111.96 14.62
CA LEU HF 99 -7.40 111.26 15.90
C LEU HF 99 -6.09 110.53 16.10
N VAL HF 100 -5.30 110.33 15.04
CA VAL HF 100 -4.07 109.56 15.16
C VAL HF 100 -3.13 110.26 16.13
N LEU HF 101 -2.57 109.49 17.05
CA LEU HF 101 -1.73 110.06 18.09
C LEU HF 101 -0.39 110.50 17.52
N GLU HF 102 0.45 111.06 18.39
CA GLU HF 102 1.67 111.73 17.97
C GLU HF 102 2.72 110.78 17.41
N HIS HF 103 2.57 109.48 17.61
CA HIS HF 103 3.54 108.51 17.11
C HIS HF 103 2.88 107.49 16.20
N ASN HF 104 1.92 107.95 15.39
CA ASN HF 104 1.30 107.12 14.35
C ASN HF 104 0.72 105.84 14.93
N ILE HF 105 0.11 105.96 16.12
CA ILE HF 105 -0.51 104.83 16.79
C ILE HF 105 -2.02 104.98 16.67
N LEU HF 106 -2.67 103.93 16.19
CA LEU HF 106 -4.12 103.93 16.18
C LEU HF 106 -4.62 103.78 17.61
N PRO HF 107 -5.37 104.74 18.14
CA PRO HF 107 -5.85 104.61 19.51
C PRO HF 107 -6.78 103.42 19.64
N PRO HF 108 -6.75 102.73 20.78
CA PRO HF 108 -7.60 101.54 20.93
C PRO HF 108 -9.07 101.92 21.00
N VAL HF 109 -9.92 100.90 21.06
CA VAL HF 109 -11.36 101.08 21.04
C VAL HF 109 -11.94 100.56 22.34
N LEU HF 110 -12.89 101.30 22.89
CA LEU HF 110 -13.51 101.00 24.17
C LEU HF 110 -15.01 100.88 24.00
N LEU HF 111 -15.62 100.04 24.82
CA LEU HF 111 -17.07 99.85 24.84
C LEU HF 111 -17.58 100.03 26.26
N GLU HF 112 -18.63 100.83 26.40
CA GLU HF 112 -19.22 101.14 27.71
C GLU HF 112 -20.66 100.65 27.76
N GLY HF 113 -20.98 99.92 28.81
CA GLY HF 113 -22.34 99.48 29.06
C GLY HF 113 -22.85 100.07 30.36
N ARG HF 114 -24.16 100.30 30.43
CA ARG HF 114 -24.78 100.93 31.58
C ARG HF 114 -25.95 100.10 32.07
N ASN HF 115 -26.14 100.08 33.39
CA ASN HF 115 -27.26 99.40 34.05
C ASN HF 115 -27.26 97.90 33.70
N THR HF 116 -26.19 97.23 34.15
CA THR HF 116 -25.97 95.84 33.85
C THR HF 116 -26.62 94.96 34.92
N LEU HF 117 -27.28 93.90 34.50
CA LEU HF 117 -27.80 92.88 35.40
C LEU HF 117 -27.98 91.57 34.66
N ASN HF 118 -27.46 90.49 35.23
CA ASN HF 118 -27.67 89.16 34.69
C ASN HF 118 -28.02 88.20 35.82
N LEU HF 119 -28.93 87.29 35.53
CA LEU HF 119 -29.37 86.28 36.49
C LEU HF 119 -28.73 84.94 36.16
N ALA HF 120 -28.13 84.31 37.17
CA ALA HF 120 -27.66 82.94 36.98
C ALA HF 120 -28.80 81.95 37.17
N ASP HF 121 -29.50 82.06 38.29
CA ASP HF 121 -30.71 81.30 38.58
C ASP HF 121 -31.43 82.01 39.70
N ALA HF 122 -32.40 81.34 40.31
CA ALA HF 122 -33.00 81.87 41.52
C ALA HF 122 -31.93 82.09 42.58
N GLN HF 123 -32.12 83.14 43.38
CA GLN HF 123 -31.18 83.52 44.44
C GLN HF 123 -29.80 83.85 43.88
N SER HF 124 -29.73 84.30 42.63
CA SER HF 124 -28.42 84.61 42.02
C SER HF 124 -28.63 85.63 40.91
N ILE HF 125 -28.36 86.90 41.23
CA ILE HF 125 -28.39 87.99 40.26
C ILE HF 125 -27.20 88.90 40.53
N ARG HF 126 -26.50 89.28 39.47
CA ARG HF 126 -25.35 90.18 39.58
C ARG HF 126 -25.62 91.44 38.80
N ILE HF 127 -25.44 92.58 39.45
CA ILE HF 127 -25.82 93.89 38.93
C ILE HF 127 -24.65 94.84 39.09
N SER HF 128 -24.48 95.74 38.12
CA SER HF 128 -23.48 96.79 38.19
C SER HF 128 -23.98 98.02 37.45
N ASP HF 129 -23.34 99.15 37.74
CA ASP HF 129 -23.76 100.40 37.13
C ASP HF 129 -23.21 100.53 35.70
N ARG HF 130 -21.90 100.54 35.56
CA ARG HF 130 -21.27 100.66 34.24
C ARG HF 130 -20.14 99.64 34.13
N THR HF 131 -19.87 99.26 32.89
CA THR HF 131 -18.76 98.38 32.57
C THR HF 131 -18.04 98.92 31.34
N TYR HF 132 -16.74 98.68 31.29
CA TYR HF 132 -15.91 99.11 30.17
C TYR HF 132 -15.01 97.97 29.72
N LYS HF 133 -14.94 97.81 28.40
CA LYS HF 133 -14.29 96.68 27.74
C LYS HF 133 -13.36 97.21 26.65
N VAL HF 134 -12.17 96.63 26.56
CA VAL HF 134 -11.21 96.97 25.52
C VAL HF 134 -11.44 96.05 24.33
N ALA HF 135 -11.73 96.64 23.16
CA ALA HF 135 -12.01 95.81 22.00
C ALA HF 135 -10.72 95.39 21.29
N LYS HF 136 -9.94 96.36 20.81
CA LYS HF 136 -8.71 96.08 20.07
C LYS HF 136 -7.59 96.92 20.64
N GLN HF 137 -6.48 96.27 20.98
CA GLN HF 137 -5.32 96.96 21.51
C GLN HF 137 -4.71 97.88 20.46
N ALA HF 138 -4.13 98.97 20.91
CA ALA HF 138 -3.51 99.93 20.00
C ALA HF 138 -2.31 99.32 19.29
N HIS HF 139 -2.11 99.73 18.04
CA HIS HF 139 -0.98 99.26 17.24
C HIS HF 139 -0.60 100.34 16.24
N PHE HF 140 0.63 100.26 15.76
CA PHE HF 140 1.10 101.22 14.77
C PHE HF 140 0.44 100.96 13.43
N ILE HF 141 0.47 101.99 12.58
CA ILE HF 141 -0.13 101.89 11.25
C ILE HF 141 0.47 102.98 10.38
N THR HF 142 0.77 102.63 9.14
CA THR HF 142 1.37 103.60 8.23
C THR HF 142 0.38 104.68 7.81
N THR HF 143 -0.82 104.27 7.41
CA THR HF 143 -1.81 105.20 6.91
C THR HF 143 -3.14 105.00 7.59
N PRO HF 144 -3.83 106.07 7.97
CA PRO HF 144 -5.10 105.92 8.67
C PRO HF 144 -6.15 105.30 7.77
N PRO HF 145 -7.08 104.54 8.33
CA PRO HF 145 -8.12 103.92 7.49
C PRO HF 145 -9.13 104.94 7.00
N THR HF 146 -10.10 104.48 6.21
CA THR HF 146 -11.11 105.37 5.65
C THR HF 146 -12.50 104.77 5.79
N TRP HF 147 -13.49 105.40 5.14
CA TRP HF 147 -14.80 104.78 5.01
C TRP HF 147 -14.83 103.71 3.94
N ARG HF 148 -13.76 103.59 3.15
CA ARG HF 148 -13.74 102.62 2.06
C ARG HF 148 -13.85 101.20 2.60
N GLN HF 149 -13.11 100.89 3.66
CA GLN HF 149 -13.05 99.52 4.17
C GLN HF 149 -14.27 99.14 4.97
N TYR HF 150 -15.23 100.04 5.14
CA TYR HF 150 -16.44 99.73 5.89
C TYR HF 150 -17.70 99.87 5.05
N LEU HF 151 -17.86 100.99 4.36
CA LEU HF 151 -19.15 101.28 3.72
C LEU HF 151 -19.27 100.65 2.35
N TRP HF 152 -18.24 100.76 1.52
CA TRP HF 152 -18.31 100.19 0.18
C TRP HF 152 -18.47 98.68 0.26
N MET HF 153 -19.23 98.14 -0.69
CA MET HF 153 -19.46 96.70 -0.78
C MET HF 153 -19.26 96.25 -2.21
N ASP HF 154 -18.93 94.97 -2.37
CA ASP HF 154 -18.52 94.44 -3.67
C ASP HF 154 -19.65 94.55 -4.69
N TYR HF 155 -19.26 94.71 -5.95
CA TYR HF 155 -20.20 94.77 -7.06
C TYR HF 155 -19.80 93.78 -8.13
N VAL HF 156 -20.76 92.98 -8.59
CA VAL HF 156 -20.63 92.15 -9.78
C VAL HF 156 -21.93 92.24 -10.55
N LYS HF 157 -21.89 91.80 -11.80
CA LYS HF 157 -23.10 91.74 -12.63
C LYS HF 157 -23.25 90.36 -13.23
N PRO HF 158 -24.17 89.54 -12.73
CA PRO HF 158 -24.39 88.22 -13.32
C PRO HF 158 -25.23 88.35 -14.59
N GLU HF 159 -24.59 88.18 -15.74
CA GLU HF 159 -25.25 88.29 -17.02
C GLU HF 159 -25.18 86.99 -17.82
N ALA HF 160 -25.24 85.85 -17.13
CA ALA HF 160 -25.19 84.54 -17.77
C ALA HF 160 -26.34 83.68 -17.25
N PRO HF 161 -27.56 83.97 -17.69
CA PRO HF 161 -28.71 83.11 -17.34
C PRO HF 161 -28.75 81.89 -18.26
N ASN HF 162 -28.42 80.73 -17.70
CA ASN HF 162 -28.45 79.48 -18.46
C ASN HF 162 -29.90 79.04 -18.62
N VAL HF 163 -30.64 79.82 -19.40
CA VAL HF 163 -32.07 79.60 -19.54
C VAL HF 163 -32.38 79.05 -20.93
N THR HF 164 -32.41 77.72 -21.04
CA THR HF 164 -33.08 77.07 -22.14
C THR HF 164 -34.55 76.82 -21.83
N LEU HF 165 -34.97 77.12 -20.61
CA LEU HF 165 -36.37 76.98 -20.19
C LEU HF 165 -37.08 78.31 -20.32
N LEU HF 166 -37.18 78.77 -21.56
CA LEU HF 166 -37.93 79.99 -21.83
C LEU HF 166 -39.42 79.74 -21.58
N PRO HF 167 -40.09 80.66 -20.87
CA PRO HF 167 -41.53 80.48 -20.62
C PRO HF 167 -42.33 80.59 -21.92
N LYS HF 168 -42.92 79.47 -22.33
CA LYS HF 168 -43.63 79.41 -23.59
C LYS HF 168 -45.11 79.77 -23.45
N THR HF 169 -45.77 79.23 -22.43
CA THR HF 169 -47.18 79.55 -22.22
C THR HF 169 -47.31 80.94 -21.61
N LYS HF 170 -48.51 81.50 -21.75
CA LYS HF 170 -48.79 82.83 -21.19
C LYS HF 170 -48.71 82.80 -19.67
N ALA HF 171 -49.34 81.80 -19.04
CA ALA HF 171 -49.25 81.67 -17.60
C ALA HF 171 -47.82 81.40 -17.16
N GLU HF 172 -47.07 80.65 -17.97
CA GLU HF 172 -45.66 80.42 -17.67
C GLU HF 172 -44.89 81.73 -17.66
N LYS HF 173 -45.14 82.59 -18.65
CA LYS HF 173 -44.49 83.89 -18.67
C LYS HF 173 -44.90 84.73 -17.47
N GLU HF 174 -46.18 84.68 -17.10
CA GLU HF 174 -46.66 85.47 -15.96
C GLU HF 174 -45.98 85.03 -14.66
N ILE HF 175 -45.92 83.72 -14.42
CA ILE HF 175 -45.31 83.24 -13.20
C ILE HF 175 -43.81 83.50 -13.21
N TRP HF 176 -43.18 83.38 -14.38
CA TRP HF 176 -41.78 83.77 -14.55
C TRP HF 176 -41.59 85.22 -14.11
N CYS HF 177 -42.47 86.10 -14.57
CA CYS HF 177 -42.37 87.52 -14.23
C CYS HF 177 -42.52 87.74 -12.73
N ILE HF 178 -43.54 87.11 -12.12
CA ILE HF 178 -43.80 87.39 -10.70
C ILE HF 178 -42.67 86.85 -9.84
N TYR HF 179 -42.12 85.69 -10.20
CA TYR HF 179 -40.98 85.16 -9.45
C TYR HF 179 -39.76 86.04 -9.63
N THR HF 180 -39.56 86.58 -10.83
CA THR HF 180 -38.50 87.55 -11.03
C THR HF 180 -38.68 88.77 -10.14
N GLU HF 181 -39.93 89.23 -10.01
CA GLU HF 181 -40.20 90.41 -9.19
C GLU HF 181 -39.86 90.15 -7.73
N ARG HF 182 -40.31 89.01 -7.19
CA ARG HF 182 -40.03 88.73 -5.80
C ARG HF 182 -38.53 88.53 -5.58
N GLY HF 183 -37.83 87.91 -6.53
CA GLY HF 183 -36.38 87.85 -6.44
C GLY HF 183 -35.75 89.23 -6.42
N TRP HF 184 -36.26 90.14 -7.27
CA TRP HF 184 -35.76 91.51 -7.31
C TRP HF 184 -35.85 92.15 -5.93
N LYS HF 185 -37.03 92.09 -5.33
CA LYS HF 185 -37.20 92.74 -4.03
C LYS HF 185 -36.40 92.04 -2.94
N ASN HF 186 -36.23 90.72 -3.03
CA ASN HF 186 -35.43 89.99 -2.06
C ASN HF 186 -33.99 90.46 -2.10
N GLY HF 187 -33.42 90.55 -3.31
CA GLY HF 187 -32.07 91.08 -3.43
C GLY HF 187 -31.96 92.49 -2.89
N ILE HF 188 -32.98 93.32 -3.15
CA ILE HF 188 -32.96 94.69 -2.66
C ILE HF 188 -32.86 94.73 -1.14
N ASP HF 189 -33.73 93.99 -0.47
CA ASP HF 189 -33.72 94.04 0.99
C ASP HF 189 -32.45 93.42 1.55
N GLN HF 190 -31.93 92.38 0.89
CA GLN HF 190 -30.65 91.81 1.31
C GLN HF 190 -29.55 92.87 1.29
N ALA HF 191 -29.47 93.63 0.19
CA ALA HF 191 -28.46 94.67 0.09
C ALA HF 191 -28.66 95.72 1.18
N ASN HF 192 -29.91 96.09 1.45
CA ASN HF 192 -30.18 97.07 2.49
C ASN HF 192 -29.66 96.57 3.84
N THR HF 193 -29.93 95.30 4.16
CA THR HF 193 -29.45 94.74 5.42
C THR HF 193 -27.93 94.75 5.48
N ILE HF 194 -27.28 94.41 4.37
CA ILE HF 194 -25.82 94.39 4.36
C ILE HF 194 -25.28 95.78 4.65
N LEU HF 195 -25.84 96.80 3.99
CA LEU HF 195 -25.40 98.16 4.23
C LEU HF 195 -25.61 98.56 5.67
N GLU HF 196 -26.76 98.17 6.24
CA GLU HF 196 -27.04 98.49 7.63
C GLU HF 196 -25.99 97.90 8.56
N GLU HF 197 -25.64 96.65 8.32
CA GLU HF 197 -24.61 96.02 9.16
C GLU HF 197 -23.28 96.76 9.03
N ASN HF 198 -22.90 97.12 7.81
CA ASN HF 198 -21.63 97.81 7.60
C ASN HF 198 -21.60 99.14 8.32
N ILE HF 199 -22.67 99.93 8.17
CA ILE HF 199 -22.69 101.25 8.80
C ILE HF 199 -22.69 101.11 10.32
N ALA HF 200 -23.35 100.08 10.85
CA ALA HF 200 -23.27 99.83 12.28
C ALA HF 200 -21.83 99.55 12.70
N ARG HF 201 -21.12 98.75 11.92
CA ARG HF 201 -19.73 98.42 12.26
C ARG HF 201 -18.86 99.68 12.29
N ILE HF 202 -18.97 100.52 11.27
CA ILE HF 202 -18.12 101.70 11.25
C ILE HF 202 -18.50 102.65 12.38
N LYS HF 203 -19.79 102.75 12.67
CA LYS HF 203 -20.22 103.62 13.77
C LYS HF 203 -19.63 103.16 15.09
N GLU HF 204 -19.68 101.84 15.35
CA GLU HF 204 -19.17 101.36 16.63
C GLU HF 204 -17.67 101.59 16.73
N ASP HF 205 -16.93 101.39 15.64
CA ASP HF 205 -15.50 101.65 15.70
C ASP HF 205 -15.22 103.12 16.01
N PHE HF 206 -15.91 104.03 15.32
CA PHE HF 206 -15.69 105.45 15.56
C PHE HF 206 -16.03 105.83 16.99
N GLY HF 207 -17.17 105.31 17.48
CA GLY HF 207 -17.56 105.61 18.84
C GLY HF 207 -16.57 105.09 19.86
N GLY HF 208 -16.03 103.90 19.63
CA GLY HF 208 -15.01 103.38 20.52
C GLY HF 208 -13.79 104.26 20.58
N MET HF 209 -13.33 104.72 19.42
CA MET HF 209 -12.16 105.61 19.42
C MET HF 209 -12.46 106.91 20.17
N ILE HF 210 -13.65 107.49 19.93
CA ILE HF 210 -14.00 108.74 20.60
C ILE HF 210 -14.06 108.53 22.10
N LEU HF 211 -14.64 107.42 22.54
CA LEU HF 211 -14.74 107.15 23.97
C LEU HF 211 -13.37 106.95 24.59
N TYR HF 212 -12.45 106.33 23.85
CA TYR HF 212 -11.09 106.20 24.35
C TYR HF 212 -10.46 107.58 24.57
N ARG HF 213 -10.66 108.48 23.61
CA ARG HF 213 -10.15 109.84 23.78
C ARG HF 213 -10.77 110.49 25.01
N LYS HF 214 -12.08 110.33 25.18
CA LYS HF 214 -12.77 110.92 26.32
C LYS HF 214 -12.17 110.41 27.63
N LEU HF 215 -11.97 109.11 27.74
CA LEU HF 215 -11.46 108.55 28.99
C LEU HF 215 -10.02 108.96 29.23
N LEU HF 216 -9.22 109.05 28.17
CA LEU HF 216 -7.85 109.51 28.34
C LEU HF 216 -7.83 110.94 28.85
N ALA HF 217 -8.74 111.78 28.37
CA ALA HF 217 -8.87 113.12 28.93
C ALA HF 217 -9.30 113.05 30.40
N MET HF 218 -10.27 112.19 30.70
CA MET HF 218 -10.80 112.07 32.06
C MET HF 218 -9.78 111.50 33.04
N ASN HF 219 -8.69 110.93 32.54
CA ASN HF 219 -7.74 110.17 33.35
C ASN HF 219 -8.42 108.95 33.96
N MET HF 220 -8.89 108.08 33.06
CA MET HF 220 -9.37 106.76 33.41
C MET HF 220 -8.54 105.65 32.77
N VAL HF 221 -7.69 105.98 31.81
CA VAL HF 221 -6.87 105.01 31.11
C VAL HF 221 -5.43 105.47 31.16
N SER HF 222 -4.55 104.69 30.54
CA SER HF 222 -3.11 104.94 30.56
C SER HF 222 -2.64 105.27 29.15
N PRO HF 223 -2.02 106.42 28.91
CA PRO HF 223 -1.45 106.70 27.60
C PRO HF 223 -0.34 105.72 27.27
N PRO HF 224 -0.20 105.34 26.01
CA PRO HF 224 0.84 104.38 25.65
C PRO HF 224 2.24 104.94 25.80
N TYR HF 225 3.03 104.40 26.73
CA TYR HF 225 4.39 104.84 26.92
C TYR HF 225 5.27 104.32 25.80
N VAL HF 226 6.05 105.21 25.19
CA VAL HF 226 6.87 104.87 24.04
C VAL HF 226 8.32 105.25 24.33
N SER HF 227 9.23 104.66 23.56
CA SER HF 227 10.64 104.94 23.68
C SER HF 227 11.31 104.67 22.34
N HIS HF 228 12.47 105.28 22.15
CA HIS HF 228 13.24 105.09 20.94
C HIS HF 228 14.71 104.91 21.29
N THR HF 229 15.37 104.00 20.59
CA THR HF 229 16.78 103.73 20.79
C THR HF 229 17.53 104.08 19.50
N ASP HF 230 18.61 104.83 19.65
CA ASP HF 230 19.33 105.39 18.51
C ASP HF 230 20.74 104.77 18.44
N LEU HF 231 21.16 104.48 17.22
CA LEU HF 231 22.49 103.96 16.93
C LEU HF 231 23.10 104.80 15.82
N GLY HF 232 24.40 105.02 15.89
CA GLY HF 232 25.07 105.87 14.93
C GLY HF 232 25.33 105.16 13.61
N VAL HF 233 26.53 105.33 13.05
CA VAL HF 233 26.86 104.66 11.80
C VAL HF 233 26.83 103.16 12.02
N THR HF 234 26.13 102.45 11.14
CA THR HF 234 25.90 101.03 11.30
C THR HF 234 26.13 100.31 9.99
N GLY HF 235 26.50 99.04 10.09
CA GLY HF 235 26.67 98.18 8.94
C GLY HF 235 28.10 97.69 8.80
N ASP HF 236 28.29 96.84 7.80
CA ASP HF 236 29.60 96.29 7.48
C ASP HF 236 30.29 97.19 6.45
N GLY HF 237 31.37 96.70 5.87
CA GLY HF 237 32.04 97.43 4.81
C GLY HF 237 31.35 97.38 3.47
N SER HF 238 30.28 96.59 3.35
CA SER HF 238 29.51 96.49 2.11
C SER HF 238 28.14 97.13 2.20
N GLU HF 239 27.51 97.07 3.37
CA GLU HF 239 26.20 97.67 3.59
C GLU HF 239 26.31 98.62 4.77
N ILE HF 240 25.78 99.84 4.61
CA ILE HF 240 25.87 100.84 5.67
C ILE HF 240 24.54 101.56 5.80
N HIS HF 241 24.06 101.68 7.03
CA HIS HF 241 22.93 102.53 7.36
C HIS HF 241 23.44 103.73 8.16
N ILE HF 242 22.79 104.87 7.98
CA ILE HF 242 23.30 106.11 8.55
C ILE HF 242 22.99 106.20 10.04
N ASP HF 243 21.71 106.23 10.40
CA ASP HF 243 21.28 106.52 11.77
C ASP HF 243 20.16 105.56 12.15
N ASP HF 244 20.53 104.45 12.77
CA ASP HF 244 19.55 103.45 13.16
C ASP HF 244 18.66 104.00 14.27
N ARG HF 245 17.36 103.72 14.17
CA ARG HF 245 16.44 104.06 15.24
C ARG HF 245 15.42 102.95 15.35
N VAL HF 246 15.19 102.49 16.58
CA VAL HF 246 14.23 101.42 16.86
C VAL HF 246 13.18 101.98 17.81
N LEU HF 247 11.91 101.72 17.50
CA LEU HF 247 10.81 102.25 18.28
C LEU HF 247 10.17 101.12 19.11
N ARG HF 248 10.01 101.37 20.41
CA ARG HF 248 9.44 100.37 21.32
C ARG HF 248 8.31 101.00 22.12
N ILE HF 249 7.30 100.19 22.43
CA ILE HF 249 6.23 100.58 23.34
C ILE HF 249 6.30 99.69 24.57
N THR HF 250 6.14 100.31 25.74
CA THR HF 250 6.23 99.59 27.00
C THR HF 250 4.87 99.46 27.67
N ALA HF 251 4.20 100.58 27.94
CA ALA HF 251 2.92 100.57 28.62
C ALA HF 251 1.81 100.53 27.58
N LEU HF 252 1.22 99.35 27.41
CA LEU HF 252 0.04 99.25 26.56
C LEU HF 252 -1.12 99.99 27.20
N PRO HF 253 -1.87 100.76 26.43
CA PRO HF 253 -2.99 101.53 27.01
C PRO HF 253 -3.99 100.64 27.72
N GLU HF 254 -4.12 100.82 29.04
CA GLU HF 254 -5.02 100.02 29.83
C GLU HF 254 -5.72 100.90 30.86
N LEU HF 255 -6.84 100.41 31.37
CA LEU HF 255 -7.66 101.16 32.30
C LEU HF 255 -7.04 101.15 33.70
N ASN HF 256 -7.22 102.27 34.42
CA ASN HF 256 -6.78 102.33 35.80
C ASN HF 256 -7.86 101.81 36.72
N VAL HF 257 -7.44 101.39 37.91
CA VAL HF 257 -8.38 100.87 38.90
C VAL HF 257 -8.45 101.74 40.15
N ASN HF 258 -7.43 102.53 40.44
CA ASN HF 258 -7.42 103.37 41.63
C ASN HF 258 -8.36 104.54 41.37
N SER HF 259 -9.62 104.39 41.78
CA SER HF 259 -10.63 105.40 41.48
C SER HF 259 -10.32 106.75 42.12
N ALA HF 260 -9.51 106.77 43.17
CA ALA HF 260 -9.19 108.03 43.84
C ALA HF 260 -8.54 109.02 42.89
N GLU HF 261 -7.71 108.55 41.96
CA GLU HF 261 -7.05 109.42 41.02
C GLU HF 261 -7.99 110.02 39.99
N TRP HF 262 -9.22 109.54 39.90
CA TRP HF 262 -10.15 110.03 38.90
C TRP HF 262 -10.51 111.48 39.20
N ARG HF 263 -10.44 112.31 38.16
CA ARG HF 263 -10.76 113.73 38.27
C ARG HF 263 -12.02 114.00 37.47
N ALA HF 264 -13.05 114.51 38.14
CA ALA HF 264 -14.34 114.74 37.50
C ALA HF 264 -14.31 116.02 36.67
N ALA HF 265 -15.41 116.30 36.00
CA ALA HF 265 -15.52 117.49 35.18
C ALA HF 265 -16.96 117.99 35.20
N VAL HF 266 -17.11 119.29 35.42
CA VAL HF 266 -18.42 119.94 35.46
C VAL HF 266 -18.42 121.09 34.46
N ALA HF 267 -19.38 121.08 33.55
CA ALA HF 267 -19.49 122.11 32.53
C ALA HF 267 -20.15 123.35 33.12
N LYS HF 268 -20.52 124.29 32.26
CA LYS HF 268 -21.21 125.50 32.70
C LYS HF 268 -22.37 125.84 31.77
N LYS IF 60 -9.71 80.62 -33.83
CA LYS IF 60 -10.06 81.21 -32.54
C LYS IF 60 -8.83 81.84 -31.89
N GLU IF 61 -8.26 81.15 -30.90
CA GLU IF 61 -7.07 81.63 -30.24
C GLU IF 61 -5.84 81.60 -31.14
N THR IF 62 -5.91 80.85 -32.24
CA THR IF 62 -4.81 80.86 -33.19
C THR IF 62 -4.61 82.25 -33.79
N ALA IF 63 -5.70 82.95 -34.08
CA ALA IF 63 -5.60 84.32 -34.58
C ALA IF 63 -4.91 85.22 -33.57
N LEU IF 64 -5.29 85.10 -32.30
CA LEU IF 64 -4.62 85.88 -31.26
C LEU IF 64 -3.13 85.57 -31.22
N SER IF 65 -2.78 84.29 -31.26
CA SER IF 65 -1.38 83.89 -31.19
C SER IF 65 -0.58 84.47 -32.35
N VAL IF 66 -1.09 84.31 -33.56
CA VAL IF 66 -0.34 84.75 -34.73
C VAL IF 66 -0.25 86.26 -34.79
N GLY IF 67 -1.34 86.96 -34.43
CA GLY IF 67 -1.28 88.40 -34.38
C GLY IF 67 -0.27 88.89 -33.36
N ALA IF 68 -0.24 88.27 -32.18
CA ALA IF 68 0.72 88.66 -31.16
C ALA IF 68 2.14 88.44 -31.65
N GLN IF 69 2.42 87.27 -32.22
CA GLN IF 69 3.77 86.98 -32.68
C GLN IF 69 4.21 87.97 -33.76
N ALA IF 70 3.33 88.19 -34.75
CA ALA IF 70 3.69 89.07 -35.85
C ALA IF 70 3.88 90.51 -35.38
N GLY IF 71 2.99 91.00 -34.51
CA GLY IF 71 3.14 92.34 -34.00
C GLY IF 71 4.40 92.51 -33.17
N LEU IF 72 4.71 91.52 -32.34
CA LEU IF 72 5.93 91.58 -31.54
C LEU IF 72 7.15 91.64 -32.45
N ALA IF 73 7.21 90.77 -33.46
CA ALA IF 73 8.35 90.78 -34.36
C ALA IF 73 8.47 92.09 -35.12
N TRP IF 74 7.34 92.60 -35.61
CA TRP IF 74 7.37 93.85 -36.38
C TRP IF 74 7.84 95.00 -35.52
N ARG IF 75 7.31 95.11 -34.30
CA ARG IF 75 7.73 96.18 -33.40
C ARG IF 75 9.20 96.03 -33.03
N ALA IF 76 9.65 94.79 -32.84
CA ALA IF 76 11.06 94.57 -32.51
C ALA IF 76 11.95 95.06 -33.64
N LYS IF 77 11.60 94.75 -34.89
CA LYS IF 77 12.39 95.24 -36.00
C LYS IF 77 12.37 96.76 -36.05
N ILE IF 78 11.20 97.36 -35.83
CA ILE IF 78 11.10 98.82 -35.89
C ILE IF 78 12.00 99.45 -34.83
N ILE IF 79 11.93 98.95 -33.60
CA ILE IF 79 12.69 99.56 -32.52
C ILE IF 79 14.18 99.32 -32.71
N ASP IF 80 14.56 98.15 -33.23
CA ASP IF 80 15.97 97.90 -33.48
C ASP IF 80 16.51 98.87 -34.52
N GLU IF 81 15.79 99.07 -35.61
CA GLU IF 81 16.26 100.01 -36.63
C GLU IF 81 16.31 101.43 -36.09
N GLN IF 82 15.33 101.81 -35.26
CA GLN IF 82 15.34 103.14 -34.68
C GLN IF 82 16.55 103.32 -33.77
N LEU IF 83 16.86 102.29 -32.97
CA LEU IF 83 18.03 102.35 -32.10
C LEU IF 83 19.31 102.50 -32.92
N ASN IF 84 19.43 101.70 -33.98
CA ASN IF 84 20.60 101.80 -34.83
C ASN IF 84 20.72 103.15 -35.52
N LYS IF 85 19.58 103.82 -35.74
CA LYS IF 85 19.62 105.14 -36.37
C LYS IF 85 20.52 106.10 -35.60
N GLN IF 86 20.54 106.01 -34.27
CA GLN IF 86 21.35 106.87 -33.43
C GLN IF 86 22.45 106.03 -32.78
N ALA IF 87 23.66 106.17 -33.30
CA ALA IF 87 24.80 105.42 -32.79
C ALA IF 87 25.76 106.28 -31.98
N ARG IF 88 26.24 107.37 -32.57
CA ARG IF 88 27.28 108.16 -31.92
C ARG IF 88 26.79 108.77 -30.61
N ASN IF 89 25.55 109.25 -30.60
CA ASN IF 89 25.00 109.81 -29.37
C ASN IF 89 24.97 108.76 -28.27
N LEU IF 90 24.60 107.54 -28.62
CA LEU IF 90 24.45 106.46 -27.65
C LEU IF 90 25.73 106.22 -26.86
N ASP IF 91 26.81 105.83 -27.53
CA ASP IF 91 28.04 105.56 -26.82
C ASP IF 91 28.69 106.83 -26.31
N ALA IF 92 28.53 107.95 -27.02
CA ALA IF 92 29.00 109.22 -26.48
C ALA IF 92 28.38 109.50 -25.12
N ILE IF 93 27.15 109.05 -24.90
CA ILE IF 93 26.54 109.13 -23.59
C ILE IF 93 27.12 108.08 -22.66
N TYR IF 94 26.96 106.80 -23.02
CA TYR IF 94 27.32 105.71 -22.13
C TYR IF 94 28.75 105.22 -22.34
N ASP IF 95 29.69 106.15 -22.43
CA ASP IF 95 31.10 105.78 -22.31
C ASP IF 95 31.35 105.07 -20.99
N PHE IF 96 32.22 104.07 -21.02
CA PHE IF 96 32.67 103.38 -19.82
C PHE IF 96 34.15 103.53 -19.56
N ASN IF 97 34.97 103.71 -20.60
CA ASN IF 97 36.41 103.80 -20.42
C ASN IF 97 36.77 104.98 -19.51
N SER IF 98 36.05 106.09 -19.66
CA SER IF 98 36.30 107.25 -18.80
C SER IF 98 36.17 106.88 -17.34
N LEU IF 99 35.21 106.02 -17.00
CA LEU IF 99 35.08 105.56 -15.62
C LEU IF 99 36.15 104.53 -15.28
N VAL IF 100 36.56 103.73 -16.27
CA VAL IF 100 37.52 102.66 -16.03
C VAL IF 100 38.78 103.23 -15.41
N LEU IF 101 39.26 102.59 -14.35
CA LEU IF 101 40.39 103.10 -13.59
C LEU IF 101 41.70 102.85 -14.32
N GLU IF 102 42.81 103.17 -13.65
CA GLU IF 102 44.10 103.19 -14.31
C GLU IF 102 44.66 101.80 -14.58
N HIS IF 103 44.28 100.80 -13.79
CA HIS IF 103 44.76 99.44 -13.99
C HIS IF 103 43.77 98.59 -14.79
N ASN IF 104 42.98 99.22 -15.66
CA ASN IF 104 42.00 98.52 -16.47
C ASN IF 104 41.05 97.70 -15.60
N ILE IF 105 40.62 98.30 -14.50
CA ILE IF 105 39.75 97.64 -13.54
C ILE IF 105 38.41 98.35 -13.54
N LEU IF 106 37.34 97.59 -13.72
CA LEU IF 106 36.00 98.16 -13.69
C LEU IF 106 35.63 98.56 -12.28
N PRO IF 107 35.28 99.82 -12.03
CA PRO IF 107 34.90 100.21 -10.68
C PRO IF 107 33.63 99.53 -10.26
N PRO IF 108 33.43 99.30 -8.95
CA PRO IF 108 32.26 98.56 -8.50
C PRO IF 108 30.98 99.39 -8.57
N VAL IF 109 29.88 98.83 -8.06
CA VAL IF 109 28.55 99.42 -8.21
C VAL IF 109 28.00 99.75 -6.83
N LEU IF 110 27.45 100.95 -6.68
CA LEU IF 110 26.90 101.41 -5.41
C LEU IF 110 25.44 101.81 -5.59
N LEU IF 111 24.62 101.51 -4.58
CA LEU IF 111 23.21 101.85 -4.59
C LEU IF 111 22.87 102.64 -3.34
N GLU IF 112 22.10 103.71 -3.52
CA GLU IF 112 21.77 104.65 -2.45
C GLU IF 112 20.26 104.69 -2.24
N GLY IF 113 19.85 104.62 -0.98
CA GLY IF 113 18.46 104.82 -0.62
C GLY IF 113 18.36 105.80 0.52
N ARG IF 114 17.26 106.56 0.53
CA ARG IF 114 17.06 107.61 1.50
C ARG IF 114 15.72 107.45 2.20
N ASN IF 115 15.67 107.92 3.45
CA ASN IF 115 14.45 107.94 4.26
C ASN IF 115 13.88 106.53 4.41
N THR IF 116 14.65 105.68 5.08
CA THR IF 116 14.30 104.28 5.23
C THR IF 116 13.41 104.09 6.44
N LEU IF 117 12.23 103.50 6.23
CA LEU IF 117 11.35 103.12 7.32
C LEU IF 117 10.81 101.73 7.06
N ASN IF 118 10.92 100.86 8.05
CA ASN IF 118 10.44 99.49 7.92
C ASN IF 118 9.61 99.11 9.14
N LEU IF 119 8.48 98.48 8.86
CA LEU IF 119 7.61 97.90 9.88
C LEU IF 119 7.68 96.39 9.77
N ALA IF 120 7.90 95.71 10.89
CA ALA IF 120 7.96 94.26 10.91
C ALA IF 120 6.69 93.63 11.47
N ASP IF 121 6.11 94.21 12.51
CA ASP IF 121 4.91 93.68 13.16
C ASP IF 121 4.47 94.70 14.19
N ALA IF 122 3.37 94.39 14.89
CA ALA IF 122 2.91 95.23 15.97
C ALA IF 122 4.04 95.49 16.95
N GLN IF 123 4.37 96.77 17.13
CA GLN IF 123 5.55 97.19 17.88
C GLN IF 123 6.83 96.62 17.26
N SER IF 124 7.11 97.08 16.03
CA SER IF 124 8.43 96.86 15.43
C SER IF 124 8.60 97.89 14.32
N ILE IF 125 9.32 98.97 14.61
CA ILE IF 125 9.57 100.03 13.65
C ILE IF 125 11.05 100.38 13.67
N ARG IF 126 11.68 100.34 12.50
CA ARG IF 126 13.08 100.72 12.34
C ARG IF 126 13.17 101.82 11.30
N ILE IF 127 13.95 102.86 11.61
CA ILE IF 127 13.99 104.06 10.78
C ILE IF 127 15.43 104.55 10.69
N SER IF 128 15.85 104.96 9.50
CA SER IF 128 17.17 105.51 9.27
C SER IF 128 17.11 106.51 8.13
N ASP IF 129 18.18 107.31 7.99
CA ASP IF 129 18.19 108.35 6.98
C ASP IF 129 18.57 107.79 5.61
N ARG IF 130 19.77 107.25 5.48
CA ARG IF 130 20.26 106.73 4.21
C ARG IF 130 20.87 105.35 4.41
N THR IF 131 20.91 104.60 3.32
CA THR IF 131 21.55 103.30 3.26
C THR IF 131 22.32 103.19 1.96
N TYR IF 132 23.52 102.62 2.02
CA TYR IF 132 24.37 102.41 0.86
C TYR IF 132 24.73 100.95 0.77
N LYS IF 133 24.56 100.38 -0.43
CA LYS IF 133 24.77 98.97 -0.69
C LYS IF 133 25.81 98.79 -1.79
N VAL IF 134 26.77 97.90 -1.55
CA VAL IF 134 27.69 97.48 -2.60
C VAL IF 134 27.04 96.36 -3.40
N ALA IF 135 26.82 96.59 -4.68
CA ALA IF 135 26.13 95.61 -5.51
C ALA IF 135 27.09 94.52 -6.00
N LYS IF 136 28.09 94.92 -6.79
CA LYS IF 136 29.03 93.97 -7.37
C LYS IF 136 30.44 94.47 -7.16
N GLN IF 137 31.31 93.56 -6.73
CA GLN IF 137 32.69 93.93 -6.46
C GLN IF 137 33.43 94.25 -7.75
N ALA IF 138 34.44 95.10 -7.64
CA ALA IF 138 35.27 95.43 -8.80
C ALA IF 138 36.02 94.19 -9.27
N HIS IF 139 36.23 94.11 -10.58
CA HIS IF 139 36.93 92.97 -11.15
C HIS IF 139 37.70 93.41 -12.38
N PHE IF 140 38.66 92.58 -12.78
CA PHE IF 140 39.46 92.87 -13.95
C PHE IF 140 38.63 92.79 -15.21
N ILE IF 141 39.07 93.53 -16.23
CA ILE IF 141 38.36 93.60 -17.50
C ILE IF 141 39.31 94.00 -18.61
N THR IF 142 39.28 93.27 -19.72
CA THR IF 142 40.18 93.57 -20.83
C THR IF 142 39.64 94.72 -21.68
N THR IF 143 38.48 94.54 -22.28
CA THR IF 143 37.88 95.59 -23.09
C THR IF 143 36.63 96.11 -22.42
N PRO IF 144 36.39 97.42 -22.48
CA PRO IF 144 35.23 97.99 -21.80
C PRO IF 144 33.95 97.49 -22.43
N PRO IF 145 32.86 97.44 -21.66
CA PRO IF 145 31.59 96.96 -22.21
C PRO IF 145 30.97 97.94 -23.19
N THR IF 146 29.74 97.66 -23.60
CA THR IF 146 29.03 98.52 -24.54
C THR IF 146 27.56 98.50 -24.20
N TRP IF 147 26.72 98.97 -25.12
CA TRP IF 147 25.30 99.07 -24.88
C TRP IF 147 24.45 98.09 -25.69
N ARG IF 148 25.04 97.45 -26.70
CA ARG IF 148 24.25 96.54 -27.54
C ARG IF 148 23.68 95.40 -26.72
N GLN IF 149 24.52 94.78 -25.88
CA GLN IF 149 24.09 93.67 -25.05
C GLN IF 149 23.05 94.07 -24.02
N TYR IF 150 22.92 95.36 -23.72
CA TYR IF 150 21.92 95.82 -22.78
C TYR IF 150 20.63 96.29 -23.45
N LEU IF 151 20.71 96.81 -24.66
CA LEU IF 151 19.54 97.39 -25.31
C LEU IF 151 19.11 96.68 -26.57
N TRP IF 152 20.05 96.21 -27.38
CA TRP IF 152 19.69 95.58 -28.65
C TRP IF 152 19.02 94.25 -28.36
N MET IF 153 17.69 94.23 -28.44
CA MET IF 153 16.98 92.99 -28.21
C MET IF 153 17.14 92.06 -29.40
N ASP IF 154 16.98 90.76 -29.13
CA ASP IF 154 17.06 89.76 -30.18
C ASP IF 154 15.90 89.93 -31.16
N TYR IF 155 15.99 89.23 -32.27
CA TYR IF 155 14.96 89.29 -33.29
C TYR IF 155 14.94 88.00 -34.08
N VAL IF 156 13.74 87.53 -34.39
CA VAL IF 156 13.54 86.43 -35.32
C VAL IF 156 12.38 86.80 -36.23
N LYS IF 157 12.29 86.13 -37.37
CA LYS IF 157 11.23 86.38 -38.33
C LYS IF 157 10.28 85.19 -38.35
N PRO IF 158 9.16 85.25 -37.63
CA PRO IF 158 8.18 84.16 -37.70
C PRO IF 158 7.59 84.07 -39.09
N GLU IF 159 7.85 82.94 -39.75
CA GLU IF 159 7.44 82.74 -41.13
C GLU IF 159 6.59 81.49 -41.30
N ALA IF 160 5.99 80.99 -40.23
CA ALA IF 160 5.27 79.71 -40.25
C ALA IF 160 3.86 79.89 -39.69
N PRO IF 161 2.98 80.56 -40.43
CA PRO IF 161 1.57 80.54 -40.06
C PRO IF 161 0.89 79.31 -40.63
N ASN IF 162 0.55 78.35 -39.78
CA ASN IF 162 -0.05 77.11 -40.28
C ASN IF 162 -1.55 77.30 -40.48
N VAL IF 163 -2.08 76.68 -41.53
CA VAL IF 163 -3.50 76.79 -41.86
C VAL IF 163 -4.20 75.67 -41.09
N THR IF 164 -4.44 75.93 -39.81
CA THR IF 164 -5.18 74.98 -38.98
C THR IF 164 -6.65 75.35 -38.92
N LEU IF 165 -6.94 76.56 -38.45
CA LEU IF 165 -8.29 77.08 -38.36
C LEU IF 165 -8.41 78.21 -39.37
N LEU IF 166 -9.16 77.97 -40.43
CA LEU IF 166 -9.32 78.97 -41.48
C LEU IF 166 -10.75 79.48 -41.52
N PRO IF 167 -10.94 80.77 -41.72
CA PRO IF 167 -12.30 81.34 -41.65
C PRO IF 167 -13.09 81.01 -42.92
N LYS IF 168 -14.29 80.47 -42.73
CA LYS IF 168 -15.23 80.23 -43.80
C LYS IF 168 -16.47 81.12 -43.69
N THR IF 169 -17.03 81.27 -42.49
CA THR IF 169 -18.13 82.19 -42.29
C THR IF 169 -17.62 83.63 -42.29
N LYS IF 170 -18.49 84.54 -42.74
CA LYS IF 170 -18.13 85.95 -42.75
C LYS IF 170 -17.95 86.48 -41.34
N ALA IF 171 -18.80 86.06 -40.41
CA ALA IF 171 -18.61 86.42 -39.00
C ALA IF 171 -17.29 85.86 -38.49
N GLU IF 172 -16.92 84.65 -38.93
CA GLU IF 172 -15.64 84.07 -38.55
C GLU IF 172 -14.50 84.93 -39.07
N LYS IF 173 -14.59 85.41 -40.31
CA LYS IF 173 -13.56 86.29 -40.84
C LYS IF 173 -13.48 87.59 -40.06
N GLU IF 174 -14.64 88.15 -39.70
CA GLU IF 174 -14.66 89.39 -38.94
C GLU IF 174 -13.99 89.22 -37.58
N ILE IF 175 -14.37 88.18 -36.84
CA ILE IF 175 -13.76 87.96 -35.54
C ILE IF 175 -12.29 87.62 -35.70
N TRP IF 176 -11.93 86.95 -36.79
CA TRP IF 176 -10.52 86.70 -37.09
C TRP IF 176 -9.75 88.01 -37.23
N CYS IF 177 -10.33 88.97 -37.96
CA CYS IF 177 -9.69 90.26 -38.13
C CYS IF 177 -9.53 90.98 -36.79
N ILE IF 178 -10.59 90.99 -35.98
CA ILE IF 178 -10.52 91.74 -34.73
C ILE IF 178 -9.53 91.09 -33.77
N TYR IF 179 -9.50 89.75 -33.74
CA TYR IF 179 -8.54 89.06 -32.87
C TYR IF 179 -7.12 89.29 -33.35
N THR IF 180 -6.91 89.32 -34.66
CA THR IF 180 -5.62 89.69 -35.21
C THR IF 180 -5.21 91.07 -34.72
N GLU IF 181 -6.12 92.03 -34.79
CA GLU IF 181 -5.82 93.40 -34.38
C GLU IF 181 -5.41 93.44 -32.91
N ARG IF 182 -6.19 92.81 -32.04
CA ARG IF 182 -5.89 92.91 -30.61
C ARG IF 182 -4.60 92.17 -30.27
N GLY IF 183 -4.34 91.03 -30.91
CA GLY IF 183 -3.06 90.37 -30.70
C GLY IF 183 -1.90 91.22 -31.15
N TRP IF 184 -2.05 91.90 -32.28
CA TRP IF 184 -1.02 92.81 -32.76
C TRP IF 184 -0.71 93.88 -31.72
N LYS IF 185 -1.76 94.51 -31.19
CA LYS IF 185 -1.56 95.55 -30.19
C LYS IF 185 -0.90 94.99 -28.93
N ASN IF 186 -1.32 93.80 -28.51
CA ASN IF 186 -0.74 93.19 -27.32
C ASN IF 186 0.74 92.93 -27.50
N GLY IF 187 1.12 92.41 -28.67
CA GLY IF 187 2.53 92.18 -28.94
C GLY IF 187 3.34 93.46 -28.94
N ILE IF 188 2.79 94.52 -29.53
CA ILE IF 188 3.48 95.82 -29.50
C ILE IF 188 3.71 96.26 -28.05
N ASP IF 189 2.68 96.12 -27.22
CA ASP IF 189 2.81 96.51 -25.83
C ASP IF 189 3.89 95.71 -25.13
N GLN IF 190 3.93 94.40 -25.38
CA GLN IF 190 4.95 93.56 -24.76
C GLN IF 190 6.34 93.99 -25.16
N ALA IF 191 6.52 94.31 -26.46
CA ALA IF 191 7.82 94.77 -26.91
C ALA IF 191 8.23 96.05 -26.21
N ASN IF 192 7.28 96.98 -26.06
CA ASN IF 192 7.59 98.23 -25.36
C ASN IF 192 8.01 97.96 -23.92
N THR IF 193 7.33 97.03 -23.26
CA THR IF 193 7.69 96.66 -21.90
C THR IF 193 9.11 96.11 -21.84
N ILE IF 194 9.47 95.27 -22.82
CA ILE IF 194 10.81 94.70 -22.86
C ILE IF 194 11.86 95.80 -22.98
N LEU IF 195 11.61 96.76 -23.88
CA LEU IF 195 12.55 97.86 -24.03
C LEU IF 195 12.68 98.64 -22.73
N GLU IF 196 11.56 98.90 -22.06
CA GLU IF 196 11.61 99.62 -20.79
C GLU IF 196 12.46 98.87 -19.79
N GLU IF 197 12.31 97.56 -19.72
CA GLU IF 197 13.11 96.76 -18.80
C GLU IF 197 14.60 96.91 -19.09
N ASN IF 198 14.97 96.81 -20.37
CA ASN IF 198 16.38 96.92 -20.72
C ASN IF 198 16.94 98.28 -20.33
N ILE IF 199 16.17 99.34 -20.63
CA ILE IF 199 16.63 100.70 -20.32
C ILE IF 199 16.80 100.86 -18.81
N ALA IF 200 15.85 100.34 -18.04
CA ALA IF 200 15.96 100.45 -16.59
C ALA IF 200 17.22 99.76 -16.09
N ARG IF 201 17.50 98.56 -16.60
CA ARG IF 201 18.66 97.82 -16.12
C ARG IF 201 19.96 98.57 -16.42
N ILE IF 202 20.10 99.04 -17.67
CA ILE IF 202 21.36 99.69 -18.03
C ILE IF 202 21.51 101.00 -17.28
N LYS IF 203 20.41 101.74 -17.10
CA LYS IF 203 20.48 102.98 -16.32
C LYS IF 203 20.91 102.69 -14.89
N GLU IF 204 20.38 101.62 -14.29
CA GLU IF 204 20.75 101.29 -12.93
C GLU IF 204 22.24 101.01 -12.83
N ASP IF 205 22.77 100.23 -13.77
CA ASP IF 205 24.20 99.91 -13.73
C ASP IF 205 25.03 101.18 -13.86
N PHE IF 206 24.68 102.04 -14.81
CA PHE IF 206 25.45 103.27 -15.02
C PHE IF 206 25.38 104.17 -13.79
N GLY IF 207 24.20 104.30 -13.20
CA GLY IF 207 24.06 105.11 -12.01
C GLY IF 207 24.86 104.58 -10.85
N GLY IF 208 24.92 103.26 -10.71
CA GLY IF 208 25.78 102.69 -9.70
C GLY IF 208 27.24 103.05 -9.91
N MET IF 209 27.69 102.99 -11.17
CA MET IF 209 29.06 103.40 -11.47
C MET IF 209 29.30 104.85 -11.06
N ILE IF 210 28.37 105.73 -11.43
CA ILE IF 210 28.52 107.15 -11.12
C ILE IF 210 28.54 107.36 -9.62
N LEU IF 211 27.68 106.65 -8.89
CA LEU IF 211 27.64 106.78 -7.45
C LEU IF 211 28.95 106.35 -6.82
N TYR IF 212 29.54 105.25 -7.31
CA TYR IF 212 30.83 104.85 -6.79
C TYR IF 212 31.88 105.92 -7.05
N ARG IF 213 31.88 106.50 -8.25
CA ARG IF 213 32.85 107.54 -8.54
C ARG IF 213 32.69 108.71 -7.57
N LYS IF 214 31.44 109.13 -7.34
CA LYS IF 214 31.21 110.28 -6.46
C LYS IF 214 31.60 109.96 -5.03
N LEU IF 215 31.30 108.75 -4.56
CA LEU IF 215 31.67 108.40 -3.19
C LEU IF 215 33.19 108.36 -3.03
N LEU IF 216 33.89 107.77 -4.00
CA LEU IF 216 35.34 107.76 -3.93
C LEU IF 216 35.91 109.17 -3.97
N ALA IF 217 35.30 110.05 -4.76
CA ALA IF 217 35.72 111.45 -4.75
C ALA IF 217 35.50 112.09 -3.39
N MET IF 218 34.35 111.80 -2.77
CA MET IF 218 34.06 112.33 -1.45
C MET IF 218 34.85 111.64 -0.35
N ASN IF 219 35.63 110.62 -0.71
CA ASN IF 219 36.56 109.95 0.21
C ASN IF 219 35.79 109.21 1.31
N MET IF 220 34.87 108.36 0.90
CA MET IF 220 34.14 107.50 1.81
C MET IF 220 34.38 106.02 1.55
N VAL IF 221 35.12 105.68 0.50
CA VAL IF 221 35.43 104.30 0.18
C VAL IF 221 36.92 104.16 -0.07
N SER IF 222 37.40 102.94 0.07
CA SER IF 222 38.82 102.64 -0.09
C SER IF 222 39.08 102.23 -1.54
N PRO IF 223 39.86 103.00 -2.30
CA PRO IF 223 40.24 102.56 -3.63
C PRO IF 223 41.04 101.28 -3.57
N PRO IF 224 40.85 100.38 -4.53
CA PRO IF 224 41.54 99.09 -4.47
C PRO IF 224 43.05 99.24 -4.53
N TYR IF 225 43.74 98.35 -3.82
CA TYR IF 225 45.19 98.33 -3.78
C TYR IF 225 45.69 97.10 -4.50
N VAL IF 226 46.60 97.32 -5.45
CA VAL IF 226 47.02 96.30 -6.42
C VAL IF 226 48.52 96.11 -6.31
N SER IF 227 48.95 94.86 -6.27
CA SER IF 227 50.35 94.51 -6.20
C SER IF 227 50.80 93.81 -7.47
N HIS IF 228 51.97 94.20 -7.98
CA HIS IF 228 52.58 93.56 -9.13
C HIS IF 228 53.93 93.01 -8.73
N THR IF 229 54.16 91.73 -9.04
CA THR IF 229 55.43 91.07 -8.80
C THR IF 229 56.12 90.86 -10.13
N ASP IF 230 57.38 91.30 -10.22
CA ASP IF 230 58.13 91.27 -11.46
C ASP IF 230 59.26 90.26 -11.38
N LEU IF 231 59.44 89.47 -12.43
CA LEU IF 231 60.48 88.46 -12.51
C LEU IF 231 61.16 88.57 -13.87
N GLY IF 232 62.42 88.15 -13.93
CA GLY IF 232 63.17 88.20 -15.17
C GLY IF 232 62.81 87.08 -16.11
N VAL IF 233 63.81 86.52 -16.79
CA VAL IF 233 63.53 85.41 -17.69
C VAL IF 233 63.15 84.17 -16.88
N THR IF 234 62.35 83.30 -17.49
CA THR IF 234 61.87 82.11 -16.84
C THR IF 234 61.86 80.95 -17.83
N GLY IF 235 61.56 79.76 -17.32
CA GLY IF 235 61.43 78.59 -18.14
C GLY IF 235 62.75 77.89 -18.39
N ASP IF 236 62.64 76.71 -19.02
CA ASP IF 236 63.81 75.90 -19.34
C ASP IF 236 64.47 76.43 -20.59
N GLY IF 237 65.40 75.65 -21.15
CA GLY IF 237 66.03 75.98 -22.40
C GLY IF 237 65.16 75.77 -23.63
N SER IF 238 63.93 75.34 -23.44
CA SER IF 238 62.98 75.15 -24.53
C SER IF 238 61.87 76.17 -24.55
N GLU IF 239 61.33 76.55 -23.39
CA GLU IF 239 60.28 77.54 -23.27
C GLU IF 239 60.79 78.69 -22.41
N ILE IF 240 60.65 79.92 -22.90
CA ILE IF 240 61.15 81.08 -22.17
C ILE IF 240 60.17 82.23 -22.28
N HIS IF 241 60.10 83.01 -21.20
CA HIS IF 241 59.38 84.28 -21.15
C HIS IF 241 60.35 85.36 -20.70
N ILE IF 242 60.49 86.42 -21.48
CA ILE IF 242 61.56 87.38 -21.27
C ILE IF 242 61.39 88.10 -19.93
N ASP IF 243 60.20 88.64 -19.67
CA ASP IF 243 59.98 89.51 -18.52
C ASP IF 243 58.63 89.17 -17.89
N ASP IF 244 58.65 88.24 -16.95
CA ASP IF 244 57.40 87.81 -16.33
C ASP IF 244 56.89 88.89 -15.38
N ARG IF 245 55.57 89.05 -15.35
CA ARG IF 245 54.98 90.01 -14.42
C ARG IF 245 53.59 89.52 -14.04
N VAL IF 246 53.30 89.57 -12.75
CA VAL IF 246 52.04 89.09 -12.21
C VAL IF 246 51.33 90.26 -11.54
N LEU IF 247 50.08 90.47 -11.91
CA LEU IF 247 49.25 91.53 -11.37
C LEU IF 247 48.12 90.91 -10.55
N ARG IF 248 48.03 91.32 -9.29
CA ARG IF 248 46.99 90.86 -8.39
C ARG IF 248 46.34 92.06 -7.72
N ILE IF 249 45.05 91.94 -7.43
CA ILE IF 249 44.34 92.96 -6.67
C ILE IF 249 43.82 92.31 -5.39
N THR IF 250 44.14 92.91 -4.26
CA THR IF 250 43.82 92.34 -2.96
C THR IF 250 42.80 93.17 -2.19
N ALA IF 251 43.03 94.47 -2.07
CA ALA IF 251 42.11 95.31 -1.33
C ALA IF 251 40.83 95.54 -2.11
N LEU IF 252 39.83 94.70 -1.90
CA LEU IF 252 38.54 94.91 -2.54
C LEU IF 252 37.93 96.20 -2.03
N PRO IF 253 37.51 97.10 -2.92
CA PRO IF 253 36.96 98.39 -2.46
C PRO IF 253 35.76 98.21 -1.55
N GLU IF 254 35.70 99.02 -0.51
CA GLU IF 254 34.60 98.97 0.44
C GLU IF 254 34.51 100.31 1.15
N LEU IF 255 33.36 100.56 1.78
CA LEU IF 255 33.07 101.84 2.40
C LEU IF 255 33.58 101.87 3.83
N ASN IF 256 34.18 103.00 4.20
CA ASN IF 256 34.67 103.17 5.56
C ASN IF 256 33.51 103.27 6.54
N VAL IF 257 33.76 102.82 7.77
CA VAL IF 257 32.73 102.80 8.81
C VAL IF 257 32.95 103.85 9.85
N ASN IF 258 33.98 104.68 9.73
CA ASN IF 258 34.25 105.75 10.68
C ASN IF 258 34.07 107.09 9.98
N SER IF 259 33.26 107.95 10.59
CA SER IF 259 32.94 109.23 9.98
C SER IF 259 33.98 110.30 10.26
N ALA IF 260 34.93 110.04 11.16
CA ALA IF 260 35.94 111.04 11.49
C ALA IF 260 36.75 111.43 10.25
N GLU IF 261 36.97 110.50 9.34
CA GLU IF 261 37.71 110.77 8.12
C GLU IF 261 36.86 111.38 7.03
N TRP IF 262 35.54 111.43 7.21
CA TRP IF 262 34.65 111.89 6.17
C TRP IF 262 34.80 113.39 5.95
N ARG IF 263 34.95 113.79 4.70
CA ARG IF 263 35.07 115.19 4.32
C ARG IF 263 33.97 115.57 3.35
N ALA IF 264 33.40 116.76 3.54
CA ALA IF 264 32.26 117.22 2.78
C ALA IF 264 32.72 118.19 1.68
N ALA IF 265 31.74 118.76 0.98
CA ALA IF 265 31.99 119.74 -0.07
C ALA IF 265 30.90 120.80 -0.02
N VAL IF 266 31.16 121.92 -0.70
CA VAL IF 266 30.21 123.03 -0.71
C VAL IF 266 30.35 123.77 -2.03
N ALA IF 267 29.23 123.91 -2.73
CA ALA IF 267 29.22 124.56 -4.04
C ALA IF 267 29.29 126.08 -3.86
N LYS IF 268 29.10 126.80 -4.96
CA LYS IF 268 29.08 128.27 -4.93
C LYS IF 268 28.09 128.82 -5.95
N GLY JF 26 1.16 88.40 -46.69
CA GLY JF 26 2.50 88.19 -46.15
C GLY JF 26 2.63 88.63 -44.71
N ASP JF 27 3.86 88.95 -44.31
CA ASP JF 27 4.14 89.40 -42.96
C ASP JF 27 4.65 90.84 -42.90
N THR JF 28 4.74 91.53 -44.05
CA THR JF 28 5.24 92.91 -44.04
C THR JF 28 4.19 93.85 -43.44
N GLY JF 29 3.06 94.00 -44.11
CA GLY JF 29 1.89 94.60 -43.49
C GLY JF 29 1.08 93.46 -42.93
N SER JF 30 1.66 92.76 -41.96
CA SER JF 30 1.19 91.42 -41.59
C SER JF 30 -0.29 91.42 -41.24
N LEU JF 31 -0.80 92.53 -40.70
CA LEU JF 31 -2.24 92.64 -40.47
C LEU JF 31 -3.00 92.48 -41.78
N ALA JF 32 -2.62 93.26 -42.79
CA ALA JF 32 -3.26 93.14 -44.10
C ALA JF 32 -2.98 91.79 -44.72
N GLY JF 33 -1.80 91.24 -44.48
CA GLY JF 33 -1.48 89.93 -45.01
C GLY JF 33 -2.42 88.85 -44.48
N LEU JF 34 -2.66 88.86 -43.18
CA LEU JF 34 -3.59 87.92 -42.58
C LEU JF 34 -5.02 88.19 -43.02
N GLN JF 35 -5.38 89.46 -43.20
CA GLN JF 35 -6.71 89.78 -43.71
C GLN JF 35 -6.92 89.19 -45.10
N ALA JF 36 -5.90 89.29 -45.96
CA ALA JF 36 -5.98 88.65 -47.27
C ALA JF 36 -6.02 87.12 -47.14
N MET JF 37 -5.18 86.57 -46.27
CA MET JF 37 -5.14 85.12 -46.08
C MET JF 37 -6.44 84.57 -45.52
N ALA JF 38 -7.27 85.42 -44.92
CA ALA JF 38 -8.57 84.98 -44.42
C ALA JF 38 -9.39 84.30 -45.51
N ASP JF 39 -9.33 84.81 -46.74
CA ASP JF 39 -10.00 84.15 -47.85
C ASP JF 39 -9.34 82.81 -48.13
N SER JF 40 -10.14 81.82 -48.49
CA SER JF 40 -9.68 80.45 -48.60
C SER JF 40 -9.12 80.09 -49.97
N LYS JF 41 -9.15 81.02 -50.93
CA LYS JF 41 -8.51 80.73 -52.22
C LYS JF 41 -7.00 80.60 -52.07
N TYR JF 42 -6.41 81.32 -51.11
CA TYR JF 42 -5.00 81.17 -50.84
C TYR JF 42 -4.70 79.83 -50.18
N THR JF 43 -5.64 79.34 -49.34
CA THR JF 43 -5.52 77.97 -48.84
C THR JF 43 -5.59 76.97 -49.98
N ARG JF 44 -6.47 77.22 -50.95
CA ARG JF 44 -6.54 76.38 -52.14
C ARG JF 44 -5.21 76.37 -52.87
N ALA JF 45 -4.59 77.56 -53.03
CA ALA JF 45 -3.28 77.64 -53.65
C ALA JF 45 -2.24 76.86 -52.85
N GLN JF 46 -2.31 76.92 -51.52
CA GLN JF 46 -1.40 76.15 -50.68
C GLN JF 46 -1.62 74.65 -50.81
N LYS JF 47 -2.85 74.24 -51.15
CA LYS JF 47 -3.15 72.80 -51.24
C LYS JF 47 -2.25 72.08 -52.24
N LYS JF 48 -1.83 72.77 -53.30
CA LYS JF 48 -0.99 72.10 -54.30
C LYS JF 48 0.49 72.22 -53.96
N GLN JF 49 0.91 73.35 -53.41
CA GLN JF 49 2.32 73.55 -53.08
C GLN JF 49 2.70 72.90 -51.76
N LYS JF 50 1.75 72.31 -51.04
CA LYS JF 50 2.08 71.52 -49.87
C LYS JF 50 2.98 70.34 -50.23
N MET JF 51 2.93 69.89 -51.49
CA MET JF 51 3.69 68.72 -51.91
C MET JF 51 5.19 68.97 -51.85
N GLY JF 52 5.63 70.16 -52.28
CA GLY JF 52 7.05 70.43 -52.37
C GLY JF 52 7.74 70.36 -51.02
N LYS JF 53 7.09 70.86 -49.97
CA LYS JF 53 7.66 70.81 -48.63
C LYS JF 53 7.82 69.37 -48.17
N ILE JF 54 7.01 68.46 -48.69
CA ILE JF 54 7.06 67.06 -48.25
C ILE JF 54 8.02 66.28 -49.14
N ARG JF 55 7.84 66.35 -50.46
CA ARG JF 55 8.58 65.50 -51.39
C ARG JF 55 9.84 66.16 -51.92
N GLU JF 56 9.74 67.42 -52.37
CA GLU JF 56 10.83 68.00 -53.13
C GLU JF 56 12.00 68.44 -52.27
N MET JF 57 11.81 68.52 -50.96
CA MET JF 57 12.86 69.02 -50.07
C MET JF 57 14.08 68.11 -50.01
N ALA JF 58 14.15 66.99 -50.72
CA ALA JF 58 15.30 66.09 -50.66
C ALA JF 58 16.24 66.24 -51.84
N LEU JF 59 15.72 66.63 -53.01
CA LEU JF 59 16.55 66.77 -54.19
C LEU JF 59 17.68 67.77 -54.00
N LYS JF 60 17.48 68.76 -53.12
CA LYS JF 60 18.51 69.77 -52.88
C LYS JF 60 19.77 69.14 -52.30
N GLU JF 61 19.62 68.17 -51.39
CA GLU JF 61 20.80 67.52 -50.83
C GLU JF 61 21.59 66.81 -51.92
N THR JF 62 20.89 66.10 -52.81
CA THR JF 62 21.58 65.43 -53.91
C THR JF 62 22.31 66.43 -54.80
N ALA JF 63 21.63 67.52 -55.14
CA ALA JF 63 22.26 68.53 -56.00
C ALA JF 63 23.48 69.12 -55.33
N LEU JF 64 23.37 69.44 -54.04
CA LEU JF 64 24.50 69.99 -53.30
C LEU JF 64 25.67 69.02 -53.28
N SER JF 65 25.39 67.73 -53.05
CA SER JF 65 26.47 66.75 -52.96
C SER JF 65 27.18 66.61 -54.29
N VAL JF 66 26.42 66.46 -55.38
CA VAL JF 66 27.07 66.26 -56.68
C VAL JF 66 27.83 67.52 -57.08
N GLY JF 67 27.26 68.70 -56.84
CA GLY JF 67 27.96 69.93 -57.15
C GLY JF 67 29.24 70.08 -56.36
N ALA JF 68 29.19 69.76 -55.06
CA ALA JF 68 30.39 69.84 -54.24
C ALA JF 68 31.47 68.92 -54.75
N GLN JF 69 31.10 67.66 -55.05
CA GLN JF 69 32.10 66.71 -55.54
C GLN JF 69 32.74 67.21 -56.83
N ALA JF 70 31.90 67.56 -57.81
CA ALA JF 70 32.42 67.94 -59.12
C ALA JF 70 33.28 69.20 -59.01
N GLY JF 71 32.80 70.21 -58.28
CA GLY JF 71 33.56 71.42 -58.14
C GLY JF 71 34.89 71.21 -57.44
N LEU JF 72 34.88 70.44 -56.36
CA LEU JF 72 36.12 70.17 -55.64
C LEU JF 72 37.13 69.48 -56.55
N ALA JF 73 36.69 68.45 -57.28
CA ALA JF 73 37.63 67.73 -58.15
C ALA JF 73 38.18 68.64 -59.23
N TRP JF 74 37.30 69.41 -59.89
CA TRP JF 74 37.74 70.25 -60.99
C TRP JF 74 38.70 71.33 -60.50
N ARG JF 75 38.37 71.97 -59.38
CA ARG JF 75 39.25 72.98 -58.81
C ARG JF 75 40.59 72.37 -58.43
N ALA JF 76 40.58 71.15 -57.89
CA ALA JF 76 41.82 70.50 -57.52
C ALA JF 76 42.70 70.26 -58.73
N LYS JF 77 42.11 69.79 -59.82
CA LYS JF 77 42.90 69.57 -61.02
C LYS JF 77 43.49 70.88 -61.53
N ILE JF 78 42.67 71.94 -61.54
CA ILE JF 78 43.15 73.23 -62.06
C ILE JF 78 44.28 73.76 -61.20
N ILE JF 79 44.13 73.69 -59.88
CA ILE JF 79 45.15 74.24 -59.00
C ILE JF 79 46.43 73.41 -59.09
N ASP JF 80 46.30 72.10 -59.27
CA ASP JF 80 47.50 71.28 -59.45
C ASP JF 80 48.25 71.68 -60.71
N GLU JF 81 47.50 71.88 -61.81
CA GLU JF 81 48.16 72.31 -63.05
C GLU JF 81 48.85 73.66 -62.87
N GLN JF 82 48.16 74.60 -62.23
CA GLN JF 82 48.74 75.92 -62.01
C GLN JF 82 50.00 75.83 -61.15
N LEU JF 83 49.96 75.02 -60.10
CA LEU JF 83 51.12 74.85 -59.24
C LEU JF 83 52.28 74.25 -60.02
N ASN JF 84 52.01 73.25 -60.85
CA ASN JF 84 53.06 72.67 -61.68
C ASN JF 84 53.64 73.69 -62.64
N LYS JF 85 52.82 74.66 -63.07
CA LYS JF 85 53.30 75.67 -64.00
C LYS JF 85 54.45 76.50 -63.43
N GLN JF 86 54.59 76.56 -62.11
CA GLN JF 86 55.58 77.43 -61.47
C GLN JF 86 56.62 76.63 -60.68
N ALA JF 87 57.12 75.55 -61.29
CA ALA JF 87 57.99 74.64 -60.57
C ALA JF 87 59.26 75.32 -60.08
N ARG JF 88 59.90 76.12 -60.94
CA ARG JF 88 61.23 76.64 -60.62
C ARG JF 88 61.20 77.53 -59.38
N ASN JF 89 60.24 78.45 -59.32
CA ASN JF 89 60.22 79.40 -58.22
C ASN JF 89 59.99 78.70 -56.88
N LEU JF 90 59.28 77.58 -56.89
CA LEU JF 90 58.96 76.85 -55.67
C LEU JF 90 60.22 76.44 -54.91
N ASP JF 91 61.04 75.59 -55.52
CA ASP JF 91 62.30 75.24 -54.88
C ASP JF 91 63.24 76.42 -54.79
N ALA JF 92 63.21 77.31 -55.80
CA ALA JF 92 64.08 78.47 -55.79
C ALA JF 92 63.91 79.27 -54.51
N ILE JF 93 62.69 79.31 -53.97
CA ILE JF 93 62.50 80.02 -52.72
C ILE JF 93 62.60 79.10 -51.50
N TYR JF 94 61.99 77.91 -51.54
CA TYR JF 94 62.04 77.02 -50.38
C TYR JF 94 63.16 75.99 -50.55
N ASP JF 95 64.34 76.46 -50.92
CA ASP JF 95 65.54 75.64 -50.89
C ASP JF 95 65.89 75.36 -49.43
N PHE JF 96 65.41 74.21 -48.93
CA PHE JF 96 65.82 73.78 -47.60
C PHE JF 96 67.28 73.39 -47.56
N ASN JF 97 67.79 72.86 -48.67
CA ASN JF 97 69.17 72.39 -48.72
C ASN JF 97 70.17 73.51 -48.42
N SER JF 98 69.79 74.76 -48.66
CA SER JF 98 70.64 75.89 -48.32
C SER JF 98 70.59 76.21 -46.83
N LEU JF 99 69.91 75.41 -46.03
CA LEU JF 99 69.81 75.66 -44.60
C LEU JF 99 70.27 74.48 -43.75
N VAL JF 100 70.83 73.45 -44.35
CA VAL JF 100 71.25 72.28 -43.60
C VAL JF 100 72.56 72.56 -42.89
N LEU JF 101 72.76 71.92 -41.74
CA LEU JF 101 73.97 72.11 -40.97
C LEU JF 101 75.08 71.21 -41.49
N GLU JF 102 76.27 71.35 -40.92
CA GLU JF 102 77.47 70.72 -41.46
C GLU JF 102 77.51 69.21 -41.28
N HIS JF 103 76.60 68.64 -40.49
CA HIS JF 103 76.52 67.20 -40.33
C HIS JF 103 75.20 66.64 -40.83
N ASN JF 104 74.62 67.28 -41.85
CA ASN JF 104 73.31 66.91 -42.40
C ASN JF 104 72.27 66.89 -41.29
N ILE JF 105 72.12 68.04 -40.64
CA ILE JF 105 71.24 68.20 -39.48
C ILE JF 105 70.13 69.15 -39.86
N LEU JF 106 68.89 68.73 -39.66
CA LEU JF 106 67.76 69.62 -39.84
C LEU JF 106 67.65 70.54 -38.64
N PRO JF 107 67.73 71.86 -38.82
CA PRO JF 107 67.66 72.76 -37.67
C PRO JF 107 66.27 72.70 -37.04
N PRO JF 108 66.17 72.96 -35.75
CA PRO JF 108 64.86 72.85 -35.09
C PRO JF 108 63.94 74.01 -35.45
N VAL JF 109 62.76 74.06 -34.83
CA VAL JF 109 61.75 75.06 -35.16
C VAL JF 109 61.47 75.89 -33.92
N LEU JF 110 61.42 77.21 -34.10
CA LEU JF 110 61.20 78.13 -33.00
C LEU JF 110 59.99 79.01 -33.28
N LEU JF 111 59.22 79.27 -32.23
CA LEU JF 111 58.05 80.14 -32.28
C LEU JF 111 58.22 81.27 -31.29
N GLU JF 112 57.86 82.48 -31.72
CA GLU JF 112 58.05 83.67 -30.92
C GLU JF 112 56.74 84.43 -30.79
N GLY JF 113 56.45 84.90 -29.59
CA GLY JF 113 55.27 85.71 -29.35
C GLY JF 113 55.65 87.02 -28.71
N ARG JF 114 54.87 88.05 -29.04
CA ARG JF 114 55.14 89.41 -28.60
C ARG JF 114 53.97 89.92 -27.76
N ASN JF 115 54.31 90.59 -26.65
CA ASN JF 115 53.34 91.22 -25.76
C ASN JF 115 52.32 90.19 -25.26
N THR JF 116 52.85 89.19 -24.56
CA THR JF 116 52.01 88.13 -24.02
C THR JF 116 51.22 88.64 -22.83
N LEU JF 117 49.93 88.37 -22.82
CA LEU JF 117 49.06 88.71 -21.71
C LEU JF 117 47.99 87.64 -21.55
N ASN JF 118 47.82 87.17 -20.32
CA ASN JF 118 46.79 86.19 -20.00
C ASN JF 118 46.04 86.64 -18.76
N LEU JF 119 44.72 86.52 -18.81
CA LEU JF 119 43.84 86.76 -17.69
C LEU JF 119 43.43 85.40 -17.15
N ALA JF 120 44.05 84.98 -16.05
CA ALA JF 120 43.77 83.64 -15.54
C ALA JF 120 42.37 83.55 -14.97
N ASP JF 121 42.01 84.50 -14.12
CA ASP JF 121 40.69 84.63 -13.52
C ASP JF 121 40.66 86.00 -12.86
N ALA JF 122 39.62 86.25 -12.07
CA ALA JF 122 39.59 87.49 -11.31
C ALA JF 122 40.85 87.61 -10.46
N GLN JF 123 41.38 88.84 -10.38
CA GLN JF 123 42.60 89.14 -9.63
C GLN JF 123 43.77 88.27 -10.06
N SER JF 124 43.96 88.09 -11.37
CA SER JF 124 45.08 87.29 -11.85
C SER JF 124 45.42 87.68 -13.28
N ILE JF 125 46.45 88.52 -13.45
CA ILE JF 125 46.96 88.91 -14.75
C ILE JF 125 48.40 88.47 -14.84
N ARG JF 126 48.79 87.89 -15.99
CA ARG JF 126 50.18 87.51 -16.22
C ARG JF 126 50.63 88.06 -17.57
N ILE JF 127 51.70 88.86 -17.57
CA ILE JF 127 52.16 89.50 -18.79
C ILE JF 127 53.66 89.30 -18.96
N SER JF 128 54.11 89.47 -20.20
CA SER JF 128 55.51 89.46 -20.57
C SER JF 128 55.64 90.13 -21.92
N ASP JF 129 56.87 90.54 -22.25
CA ASP JF 129 57.09 91.22 -23.52
C ASP JF 129 57.22 90.20 -24.66
N ARG JF 130 58.24 89.35 -24.60
CA ARG JF 130 58.48 88.36 -25.62
C ARG JF 130 58.53 86.98 -24.99
N THR JF 131 58.25 85.96 -25.81
CA THR JF 131 58.33 84.59 -25.35
C THR JF 131 58.71 83.70 -26.52
N TYR JF 132 59.35 82.57 -26.21
CA TYR JF 132 59.84 81.66 -27.23
C TYR JF 132 59.55 80.22 -26.83
N LYS JF 133 59.28 79.41 -27.85
CA LYS JF 133 58.95 78.00 -27.70
C LYS JF 133 59.68 77.19 -28.76
N VAL JF 134 60.17 76.02 -28.36
CA VAL JF 134 60.72 75.05 -29.31
C VAL JF 134 59.58 74.15 -29.77
N ALA JF 135 59.32 74.13 -31.07
CA ALA JF 135 58.21 73.35 -31.61
C ALA JF 135 58.65 71.95 -32.00
N LYS JF 136 59.61 71.84 -32.92
CA LYS JF 136 60.10 70.55 -33.40
C LYS JF 136 61.58 70.46 -33.12
N GLN JF 137 61.97 69.49 -32.30
CA GLN JF 137 63.38 69.30 -31.96
C GLN JF 137 64.18 68.90 -33.19
N ALA JF 138 65.39 69.43 -33.28
CA ALA JF 138 66.28 69.11 -34.39
C ALA JF 138 66.59 67.62 -34.41
N HIS JF 139 66.50 67.02 -35.59
CA HIS JF 139 66.82 65.62 -35.78
C HIS JF 139 67.65 65.46 -37.04
N PHE JF 140 68.10 64.24 -37.30
CA PHE JF 140 68.91 64.00 -38.48
C PHE JF 140 68.04 63.99 -39.73
N ILE JF 141 68.70 63.97 -40.88
CA ILE JF 141 68.01 63.96 -42.17
C ILE JF 141 68.79 63.09 -43.14
N THR JF 142 68.09 62.61 -44.16
CA THR JF 142 68.70 61.84 -45.24
C THR JF 142 68.72 62.62 -46.55
N THR JF 143 67.59 63.18 -46.95
CA THR JF 143 67.51 64.11 -48.06
C THR JF 143 66.71 65.33 -47.62
N PRO JF 144 67.05 66.50 -48.12
CA PRO JF 144 66.31 67.70 -47.73
C PRO JF 144 64.86 67.60 -48.14
N PRO JF 145 63.95 68.18 -47.36
CA PRO JF 145 62.54 68.11 -47.71
C PRO JF 145 62.23 68.96 -48.92
N THR JF 146 61.03 68.76 -49.47
CA THR JF 146 60.60 69.50 -50.65
C THR JF 146 59.18 69.98 -50.45
N TRP JF 147 58.85 71.07 -51.15
CA TRP JF 147 57.52 71.63 -51.07
C TRP JF 147 56.46 70.64 -51.55
N ARG JF 148 56.81 69.79 -52.51
CA ARG JF 148 55.83 68.85 -53.05
C ARG JF 148 55.25 67.95 -51.97
N GLN JF 149 55.97 67.73 -50.87
CA GLN JF 149 55.38 67.02 -49.75
C GLN JF 149 54.21 67.79 -49.16
N TYR JF 150 54.26 69.11 -49.20
CA TYR JF 150 53.27 69.94 -48.50
C TYR JF 150 52.17 70.44 -49.41
N LEU JF 151 52.53 71.07 -50.52
CA LEU JF 151 51.58 71.88 -51.29
C LEU JF 151 51.02 71.15 -52.51
N TRP JF 152 51.24 69.84 -52.61
CA TRP JF 152 50.71 69.09 -53.75
C TRP JF 152 49.31 68.62 -53.40
N MET JF 153 48.31 69.31 -53.93
CA MET JF 153 46.93 68.91 -53.72
C MET JF 153 46.70 67.52 -54.30
N ASP JF 154 45.93 66.71 -53.59
CA ASP JF 154 45.63 65.36 -54.04
C ASP JF 154 44.52 65.39 -55.08
N TYR JF 155 44.69 64.61 -56.14
CA TYR JF 155 43.72 64.57 -57.22
C TYR JF 155 43.45 63.13 -57.62
N VAL JF 156 42.17 62.75 -57.59
CA VAL JF 156 41.69 61.52 -58.22
C VAL JF 156 40.40 61.87 -58.93
N LYS JF 157 40.32 61.58 -60.22
CA LYS JF 157 39.13 61.92 -60.98
C LYS JF 157 37.99 60.99 -60.60
N PRO JF 158 36.87 61.51 -60.11
CA PRO JF 158 35.69 60.65 -59.90
C PRO JF 158 34.82 60.60 -61.13
N GLU JF 159 34.48 59.40 -61.61
CA GLU JF 159 33.68 59.25 -62.82
C GLU JF 159 32.46 58.38 -62.57
N ALA JF 160 31.83 58.52 -61.40
CA ALA JF 160 30.67 57.72 -61.03
C ALA JF 160 29.54 58.63 -60.56
N PRO JF 161 28.88 59.33 -61.48
CA PRO JF 161 27.68 60.09 -61.11
C PRO JF 161 26.48 59.17 -60.97
N ASN JF 162 26.06 58.94 -59.74
CA ASN JF 162 24.92 58.08 -59.44
C ASN JF 162 23.82 58.91 -58.82
N VAL JF 163 22.64 58.89 -59.44
CA VAL JF 163 21.49 59.67 -58.99
C VAL JF 163 20.31 58.74 -58.80
N THR JF 164 19.64 58.87 -57.66
CA THR JF 164 18.47 58.05 -57.38
C THR JF 164 17.20 58.70 -57.90
N LEU JF 165 16.93 59.93 -57.46
CA LEU JF 165 15.74 60.66 -57.87
C LEU JF 165 16.11 61.71 -58.91
N LEU JF 166 15.36 61.77 -59.99
CA LEU JF 166 15.62 62.74 -61.04
C LEU JF 166 14.45 63.72 -61.15
N PRO JF 167 14.73 64.98 -61.49
CA PRO JF 167 13.65 65.96 -61.65
C PRO JF 167 12.73 65.57 -62.80
N LYS JF 168 11.44 65.85 -62.62
CA LYS JF 168 10.43 65.60 -63.64
C LYS JF 168 9.72 66.86 -64.11
N THR JF 169 9.81 67.96 -63.38
CA THR JF 169 9.25 69.23 -63.78
C THR JF 169 10.37 70.25 -64.00
N LYS JF 170 10.11 71.21 -64.88
CA LYS JF 170 11.12 72.21 -65.18
C LYS JF 170 11.51 73.02 -63.96
N ALA JF 171 10.56 73.28 -63.05
CA ALA JF 171 10.87 74.05 -61.86
C ALA JF 171 11.87 73.33 -60.98
N GLU JF 172 11.61 72.05 -60.68
CA GLU JF 172 12.56 71.30 -59.88
C GLU JF 172 13.87 71.08 -60.62
N LYS JF 173 13.82 71.02 -61.95
CA LYS JF 173 15.07 70.99 -62.72
C LYS JF 173 15.89 72.25 -62.48
N GLU JF 174 15.23 73.41 -62.52
CA GLU JF 174 15.93 74.67 -62.29
C GLU JF 174 16.51 74.74 -60.89
N ILE JF 175 15.74 74.33 -59.88
CA ILE JF 175 16.26 74.38 -58.53
C ILE JF 175 17.42 73.40 -58.37
N TRP JF 176 17.34 72.25 -59.05
CA TRP JF 176 18.46 71.32 -59.06
C TRP JF 176 19.70 71.96 -59.66
N CYS JF 177 19.53 72.70 -60.76
CA CYS JF 177 20.66 73.36 -61.40
C CYS JF 177 21.28 74.40 -60.48
N ILE JF 178 20.45 75.23 -59.84
CA ILE JF 178 20.99 76.30 -59.02
C ILE JF 178 21.68 75.72 -57.79
N TYR JF 179 21.10 74.67 -57.19
CA TYR JF 179 21.76 74.04 -56.06
C TYR JF 179 23.04 73.34 -56.49
N THR JF 180 23.09 72.82 -57.71
CA THR JF 180 24.34 72.29 -58.24
C THR JF 180 25.40 73.38 -58.32
N GLU JF 181 25.01 74.56 -58.78
CA GLU JF 181 25.95 75.67 -58.80
C GLU JF 181 26.42 76.03 -57.40
N ARG JF 182 25.51 76.00 -56.44
CA ARG JF 182 25.90 76.28 -55.06
C ARG JF 182 26.94 75.27 -54.57
N GLY JF 183 26.72 73.99 -54.87
CA GLY JF 183 27.70 72.99 -54.51
C GLY JF 183 29.03 73.21 -55.18
N TRP JF 184 29.00 73.63 -56.45
CA TRP JF 184 30.22 73.96 -57.17
C TRP JF 184 31.00 75.06 -56.44
N LYS JF 185 30.29 76.12 -56.05
CA LYS JF 185 30.93 77.21 -55.32
C LYS JF 185 31.52 76.72 -54.01
N ASN JF 186 30.77 75.90 -53.28
CA ASN JF 186 31.25 75.41 -51.99
C ASN JF 186 32.50 74.55 -52.15
N GLY JF 187 32.52 73.71 -53.18
CA GLY JF 187 33.72 72.91 -53.42
C GLY JF 187 34.92 73.76 -53.75
N ILE JF 188 34.73 74.80 -54.57
CA ILE JF 188 35.83 75.69 -54.88
C ILE JF 188 36.36 76.34 -53.62
N ASP JF 189 35.44 76.82 -52.77
CA ASP JF 189 35.86 77.46 -51.52
C ASP JF 189 36.61 76.49 -50.62
N GLN JF 190 36.13 75.25 -50.53
CA GLN JF 190 36.79 74.27 -49.69
C GLN JF 190 38.20 73.98 -50.18
N ALA JF 191 38.36 73.83 -51.49
CA ALA JF 191 39.70 73.61 -52.03
C ALA JF 191 40.62 74.79 -51.72
N ASN JF 192 40.12 76.01 -51.90
CA ASN JF 192 40.92 77.18 -51.57
C ASN JF 192 41.31 77.19 -50.11
N THR JF 193 40.39 76.80 -49.23
CA THR JF 193 40.69 76.75 -47.81
C THR JF 193 41.80 75.75 -47.51
N ILE JF 194 41.74 74.58 -48.14
CA ILE JF 194 42.76 73.57 -47.91
C ILE JF 194 44.12 74.07 -48.38
N LEU JF 195 44.16 74.70 -49.55
CA LEU JF 195 45.41 75.27 -50.03
C LEU JF 195 45.95 76.31 -49.04
N GLU JF 196 45.05 77.15 -48.52
CA GLU JF 196 45.45 78.17 -47.57
C GLU JF 196 46.07 77.54 -46.32
N GLU JF 197 45.45 76.48 -45.82
CA GLU JF 197 45.98 75.82 -44.64
C GLU JF 197 47.38 75.24 -44.92
N ASN JF 198 47.55 74.59 -46.07
CA ASN JF 198 48.85 74.03 -46.38
C ASN JF 198 49.92 75.11 -46.49
N ILE JF 199 49.59 76.20 -47.18
CA ILE JF 199 50.59 77.25 -47.37
C ILE JF 199 50.94 77.89 -46.03
N ALA JF 200 49.95 78.01 -45.14
CA ALA JF 200 50.25 78.50 -43.80
C ALA JF 200 51.20 77.55 -43.08
N ARG JF 201 50.99 76.24 -43.23
CA ARG JF 201 51.85 75.27 -42.56
C ARG JF 201 53.29 75.40 -43.02
N ILE JF 202 53.50 75.45 -44.33
CA ILE JF 202 54.88 75.53 -44.83
C ILE JF 202 55.51 76.86 -44.43
N LYS JF 203 54.73 77.94 -44.45
CA LYS JF 203 55.23 79.22 -43.96
C LYS JF 203 55.70 79.09 -42.52
N GLU JF 204 54.91 78.42 -41.69
CA GLU JF 204 55.27 78.23 -40.29
C GLU JF 204 56.61 77.51 -40.17
N ASP JF 205 56.76 76.41 -40.90
CA ASP JF 205 57.99 75.62 -40.79
C ASP JF 205 59.20 76.44 -41.22
N PHE JF 206 59.10 77.10 -42.36
CA PHE JF 206 60.24 77.86 -42.87
C PHE JF 206 60.60 79.02 -41.95
N GLY JF 207 59.58 79.72 -41.44
CA GLY JF 207 59.83 80.79 -40.50
C GLY JF 207 60.51 80.30 -39.25
N GLY JF 208 60.08 79.14 -38.74
CA GLY JF 208 60.73 78.58 -37.57
C GLY JF 208 62.20 78.31 -37.82
N MET JF 209 62.52 77.70 -38.97
CA MET JF 209 63.91 77.38 -39.24
C MET JF 209 64.76 78.64 -39.37
N ILE JF 210 64.26 79.65 -40.12
CA ILE JF 210 65.06 80.85 -40.30
C ILE JF 210 65.20 81.59 -38.98
N LEU JF 211 64.17 81.56 -38.14
CA LEU JF 211 64.26 82.18 -36.83
C LEU JF 211 65.29 81.47 -35.97
N TYR JF 212 65.37 80.14 -36.07
CA TYR JF 212 66.41 79.43 -35.34
C TYR JF 212 67.79 79.87 -35.79
N ARG JF 213 67.99 79.99 -37.11
CA ARG JF 213 69.29 80.46 -37.59
C ARG JF 213 69.61 81.84 -37.02
N LYS JF 214 68.66 82.75 -37.08
CA LYS JF 214 68.89 84.10 -36.59
C LYS JF 214 69.20 84.10 -35.10
N LEU JF 215 68.46 83.33 -34.32
CA LEU JF 215 68.68 83.29 -32.88
C LEU JF 215 70.04 82.70 -32.54
N LEU JF 216 70.42 81.63 -33.24
CA LEU JF 216 71.72 81.02 -32.98
C LEU JF 216 72.84 82.00 -33.30
N ALA JF 217 72.67 82.80 -34.35
CA ALA JF 217 73.61 83.89 -34.60
C ALA JF 217 73.59 84.89 -33.44
N MET JF 218 72.40 85.22 -32.95
CA MET JF 218 72.25 86.17 -31.86
C MET JF 218 72.82 85.66 -30.55
N ASN JF 219 73.13 84.36 -30.46
CA ASN JF 219 73.65 83.73 -29.26
C ASN JF 219 72.61 83.81 -28.12
N MET JF 220 71.46 83.19 -28.39
CA MET JF 220 70.47 82.92 -27.37
C MET JF 220 70.22 81.43 -27.19
N VAL JF 221 70.68 80.61 -28.12
CA VAL JF 221 70.54 79.16 -28.07
C VAL JF 221 71.92 78.52 -28.25
N SER JF 222 72.02 77.30 -27.78
CA SER JF 222 73.26 76.55 -27.87
C SER JF 222 73.28 75.74 -29.15
N PRO JF 223 74.31 75.87 -29.99
CA PRO JF 223 74.36 75.08 -31.22
C PRO JF 223 74.48 73.60 -30.89
N PRO JF 224 73.92 72.73 -31.73
CA PRO JF 224 73.94 71.30 -31.44
C PRO JF 224 75.36 70.75 -31.42
N TYR JF 225 75.55 69.71 -30.63
CA TYR JF 225 76.86 69.09 -30.46
C TYR JF 225 76.82 67.63 -30.88
N VAL JF 226 77.79 67.23 -31.68
CA VAL JF 226 77.87 65.89 -32.24
C VAL JF 226 79.23 65.29 -31.91
N SER JF 227 79.23 64.06 -31.42
CA SER JF 227 80.47 63.31 -31.21
C SER JF 227 80.47 62.09 -32.11
N HIS JF 228 81.63 61.45 -32.19
CA HIS JF 228 81.81 60.29 -33.04
C HIS JF 228 82.82 59.35 -32.43
N THR JF 229 82.73 58.08 -32.84
CA THR JF 229 83.65 57.04 -32.42
C THR JF 229 84.07 56.27 -33.66
N ASP JF 230 85.27 55.70 -33.62
CA ASP JF 230 85.86 55.03 -34.77
C ASP JF 230 86.36 53.66 -34.39
N LEU JF 231 86.16 52.70 -35.29
CA LEU JF 231 86.67 51.34 -35.15
C LEU JF 231 87.35 50.97 -36.46
N GLY JF 232 88.49 50.29 -36.35
CA GLY JF 232 89.22 49.89 -37.53
C GLY JF 232 88.57 48.71 -38.22
N VAL JF 233 89.39 47.85 -38.84
CA VAL JF 233 88.86 46.64 -39.44
C VAL JF 233 88.20 45.78 -38.38
N THR JF 234 87.06 45.21 -38.73
CA THR JF 234 86.27 44.46 -37.76
C THR JF 234 85.46 43.39 -38.47
N GLY JF 235 85.02 42.41 -37.70
CA GLY JF 235 84.22 41.31 -38.20
C GLY JF 235 84.95 39.99 -38.11
N ASP JF 236 84.20 38.93 -38.42
CA ASP JF 236 84.70 37.58 -38.36
C ASP JF 236 85.42 37.23 -39.67
N GLY JF 237 85.74 35.96 -39.86
CA GLY JF 237 86.34 35.51 -41.09
C GLY JF 237 85.39 35.36 -42.26
N SER JF 238 84.12 35.72 -42.07
CA SER JF 238 83.13 35.67 -43.14
C SER JF 238 82.50 37.02 -43.44
N GLU JF 239 82.33 37.86 -42.43
CA GLU JF 239 81.78 39.19 -42.59
C GLU JF 239 82.79 40.20 -42.07
N ILE JF 240 83.15 41.19 -42.88
CA ILE JF 240 84.14 42.18 -42.48
C ILE JF 240 83.72 43.56 -42.95
N HIS JF 241 84.14 44.56 -42.18
CA HIS JF 241 84.03 45.96 -42.55
C HIS JF 241 85.39 46.62 -42.37
N ILE JF 242 85.75 47.50 -43.30
CA ILE JF 242 87.07 48.12 -43.25
C ILE JF 242 87.15 49.09 -42.07
N ASP JF 243 86.33 50.13 -42.10
CA ASP JF 243 86.25 51.12 -41.04
C ASP JF 243 84.80 51.27 -40.63
N ASP JF 244 84.55 51.36 -39.33
CA ASP JF 244 83.20 51.49 -38.80
C ASP JF 244 83.16 52.74 -37.93
N ARG JF 245 82.51 53.79 -38.41
CA ARG JF 245 82.41 55.03 -37.67
C ARG JF 245 80.98 55.27 -37.25
N VAL JF 246 80.80 55.76 -36.03
CA VAL JF 246 79.48 55.99 -35.44
C VAL JF 246 79.40 57.46 -35.04
N LEU JF 247 78.34 58.13 -35.50
CA LEU JF 247 78.10 59.52 -35.18
C LEU JF 247 76.82 59.64 -34.37
N ARG JF 248 76.91 60.30 -33.22
CA ARG JF 248 75.78 60.52 -32.34
C ARG JF 248 75.80 61.96 -31.86
N ILE JF 249 74.69 62.65 -31.98
CA ILE JF 249 74.57 63.98 -31.41
C ILE JF 249 74.05 63.85 -29.99
N THR JF 250 74.52 64.72 -29.12
CA THR JF 250 74.15 64.65 -27.72
C THR JF 250 73.46 65.89 -27.20
N ALA JF 251 73.95 67.07 -27.55
CA ALA JF 251 73.42 68.33 -27.01
C ALA JF 251 72.36 68.84 -27.97
N LEU JF 252 71.11 68.50 -27.70
CA LEU JF 252 70.01 69.09 -28.44
C LEU JF 252 69.98 70.58 -28.19
N PRO JF 253 69.86 71.40 -29.24
CA PRO JF 253 69.90 72.86 -29.04
C PRO JF 253 68.81 73.32 -28.08
N GLU JF 254 69.16 74.29 -27.25
CA GLU JF 254 68.23 74.80 -26.26
C GLU JF 254 68.62 76.23 -25.92
N LEU JF 255 67.67 76.96 -25.35
CA LEU JF 255 67.90 78.34 -24.95
C LEU JF 255 68.92 78.39 -23.79
N ASN JF 256 69.55 79.54 -23.64
CA ASN JF 256 70.44 79.79 -22.50
C ASN JF 256 69.79 80.83 -21.61
N VAL JF 257 69.27 80.39 -20.45
CA VAL JF 257 68.59 81.29 -19.55
C VAL JF 257 69.51 82.38 -19.03
N ASN JF 258 70.79 82.07 -18.84
CA ASN JF 258 71.76 83.10 -18.50
C ASN JF 258 71.77 84.18 -19.57
N SER JF 259 71.73 85.44 -19.14
CA SER JF 259 71.42 86.54 -20.04
C SER JF 259 72.58 87.49 -20.28
N ALA JF 260 73.51 87.60 -19.34
CA ALA JF 260 74.54 88.63 -19.45
C ALA JF 260 75.38 88.47 -20.71
N GLU JF 261 75.51 87.25 -21.21
CA GLU JF 261 76.35 86.99 -22.39
C GLU JF 261 75.62 87.18 -23.70
N TRP JF 262 74.32 87.47 -23.67
CA TRP JF 262 73.58 87.69 -24.90
C TRP JF 262 74.12 88.91 -25.64
N ARG JF 263 74.14 88.82 -26.96
CA ARG JF 263 74.70 89.86 -27.80
C ARG JF 263 73.63 90.44 -28.71
N ALA JF 264 73.57 91.77 -28.76
CA ALA JF 264 72.63 92.49 -29.61
C ALA JF 264 73.30 92.87 -30.92
N ALA JF 265 72.62 93.68 -31.72
CA ALA JF 265 73.13 94.08 -33.03
C ALA JF 265 72.68 95.50 -33.32
N VAL JF 266 73.11 96.01 -34.47
CA VAL JF 266 72.80 97.37 -34.90
C VAL JF 266 72.79 97.39 -36.43
N ALA JF 267 72.35 98.49 -37.00
CA ALA JF 267 72.32 98.64 -38.45
C ALA JF 267 72.85 100.03 -38.80
N LYS JF 268 72.65 100.42 -40.06
CA LYS JF 268 73.06 101.74 -40.52
C LYS JF 268 72.03 102.32 -41.48
N GLY KF 26 30.98 64.90 -70.90
CA GLY KF 26 29.91 64.94 -69.94
C GLY KF 26 30.38 65.27 -68.54
N ASP KF 27 31.18 64.37 -67.96
CA ASP KF 27 31.71 64.58 -66.62
C ASP KF 27 32.89 65.54 -66.60
N THR KF 28 33.42 65.93 -67.76
CA THR KF 28 34.55 66.85 -67.80
C THR KF 28 34.08 68.29 -67.56
N GLY KF 29 33.24 68.81 -68.45
CA GLY KF 29 32.59 70.08 -68.21
C GLY KF 29 31.41 69.86 -67.29
N SER KF 30 31.70 69.63 -66.01
CA SER KF 30 30.74 68.99 -65.12
C SER KF 30 29.43 69.77 -65.02
N LEU KF 31 29.51 71.10 -64.99
CA LEU KF 31 28.28 71.89 -64.89
C LEU KF 31 27.38 71.65 -66.10
N ALA KF 32 27.95 71.71 -67.30
CA ALA KF 32 27.17 71.44 -68.51
C ALA KF 32 26.69 69.99 -68.54
N GLY KF 33 27.55 69.06 -68.11
CA GLY KF 33 27.16 67.67 -68.09
C GLY KF 33 25.96 67.41 -67.19
N LEU KF 34 25.93 68.05 -66.03
CA LEU KF 34 24.80 67.89 -65.13
C LEU KF 34 23.56 68.58 -65.67
N GLN KF 35 23.74 69.78 -66.25
CA GLN KF 35 22.62 70.44 -66.91
C GLN KF 35 21.99 69.53 -67.97
N ALA KF 36 22.83 68.79 -68.70
CA ALA KF 36 22.31 67.88 -69.72
C ALA KF 36 21.67 66.66 -69.08
N MET KF 37 22.32 66.08 -68.08
CA MET KF 37 21.82 64.86 -67.43
C MET KF 37 20.54 65.12 -66.65
N ALA KF 38 20.18 66.37 -66.43
CA ALA KF 38 18.85 66.68 -65.91
C ALA KF 38 17.76 66.00 -66.73
N ASP KF 39 17.94 65.95 -68.04
CA ASP KF 39 17.02 65.24 -68.91
C ASP KF 39 17.24 63.73 -68.79
N SER KF 40 16.23 62.97 -69.20
CA SER KF 40 16.24 61.51 -69.07
C SER KF 40 16.88 60.81 -70.26
N LYS KF 41 17.41 61.55 -71.22
CA LYS KF 41 18.06 60.92 -72.37
C LYS KF 41 19.28 60.12 -71.93
N TYR KF 42 20.06 60.65 -70.98
CA TYR KF 42 21.16 59.87 -70.43
C TYR KF 42 20.67 58.63 -69.70
N THR KF 43 19.51 58.73 -69.03
CA THR KF 43 18.94 57.56 -68.38
C THR KF 43 18.59 56.47 -69.39
N ARG KF 44 17.92 56.85 -70.48
CA ARG KF 44 17.61 55.86 -71.50
C ARG KF 44 18.86 55.36 -72.21
N ALA KF 45 19.93 56.16 -72.23
CA ALA KF 45 21.19 55.70 -72.81
C ALA KF 45 21.83 54.64 -71.92
N GLN KF 46 21.91 54.89 -70.62
CA GLN KF 46 22.52 53.92 -69.73
C GLN KF 46 21.65 52.69 -69.53
N LYS KF 47 20.34 52.81 -69.77
CA LYS KF 47 19.45 51.65 -69.64
C LYS KF 47 19.96 50.47 -70.46
N LYS KF 48 20.30 50.71 -71.72
CA LYS KF 48 20.80 49.62 -72.56
C LYS KF 48 22.25 49.30 -72.25
N GLN KF 49 23.04 50.29 -71.83
CA GLN KF 49 24.48 50.08 -71.67
C GLN KF 49 24.80 49.24 -70.43
N LYS KF 50 23.97 49.31 -69.39
CA LYS KF 50 24.23 48.51 -68.19
C LYS KF 50 24.15 47.02 -68.51
N MET KF 51 23.29 46.65 -69.46
CA MET KF 51 23.20 45.25 -69.89
C MET KF 51 24.56 44.75 -70.34
N GLY KF 52 25.21 45.46 -71.27
CA GLY KF 52 26.51 45.03 -71.74
C GLY KF 52 27.57 45.13 -70.67
N LYS KF 53 27.50 46.19 -69.84
CA LYS KF 53 28.52 46.39 -68.81
C LYS KF 53 28.52 45.24 -67.82
N ILE KF 54 27.35 44.68 -67.53
CA ILE KF 54 27.31 43.52 -66.63
C ILE KF 54 27.52 42.21 -67.39
N ARG KF 55 27.22 42.19 -68.68
CA ARG KF 55 27.33 40.99 -69.50
C ARG KF 55 28.76 40.61 -69.84
N GLU KF 56 29.58 41.59 -70.23
CA GLU KF 56 30.86 41.27 -70.87
C GLU KF 56 32.02 41.11 -69.89
N MET KF 57 31.78 41.25 -68.59
CA MET KF 57 32.87 41.38 -67.62
C MET KF 57 33.82 40.19 -67.67
N ALA KF 58 33.28 38.98 -67.54
CA ALA KF 58 34.13 37.79 -67.41
C ALA KF 58 34.95 37.54 -68.68
N LEU KF 59 34.42 37.94 -69.83
CA LEU KF 59 35.13 37.75 -71.09
C LEU KF 59 36.53 38.37 -71.02
N LYS KF 60 36.64 39.52 -70.37
CA LYS KF 60 37.94 40.18 -70.25
C LYS KF 60 38.95 39.30 -69.52
N GLU KF 61 38.55 38.77 -68.35
CA GLU KF 61 39.48 37.93 -67.59
C GLU KF 61 39.83 36.65 -68.36
N THR KF 62 38.84 36.04 -69.02
CA THR KF 62 39.12 34.83 -69.78
C THR KF 62 40.12 35.10 -70.89
N ALA KF 63 39.91 36.18 -71.64
CA ALA KF 63 40.84 36.54 -72.70
C ALA KF 63 42.22 36.83 -72.15
N LEU KF 64 42.29 37.53 -71.01
CA LEU KF 64 43.58 37.81 -70.39
C LEU KF 64 44.31 36.51 -70.05
N SER KF 65 43.60 35.57 -69.45
CA SER KF 65 44.24 34.31 -69.04
C SER KF 65 44.76 33.55 -70.25
N VAL KF 66 43.90 33.37 -71.27
CA VAL KF 66 44.32 32.55 -72.41
C VAL KF 66 45.47 33.23 -73.15
N GLY KF 67 45.39 34.56 -73.33
CA GLY KF 67 46.48 35.26 -73.98
C GLY KF 67 47.78 35.16 -73.22
N ALA KF 68 47.71 35.32 -71.89
CA ALA KF 68 48.91 35.21 -71.07
C ALA KF 68 49.54 33.83 -71.25
N GLN KF 69 48.75 32.78 -71.15
CA GLN KF 69 49.29 31.43 -71.29
C GLN KF 69 49.95 31.23 -72.64
N ALA KF 70 49.22 31.54 -73.72
CA ALA KF 70 49.74 31.28 -75.05
C ALA KF 70 50.99 32.10 -75.33
N GLY KF 71 50.95 33.39 -74.99
CA GLY KF 71 52.10 34.24 -75.24
C GLY KF 71 53.32 33.81 -74.45
N LEU KF 72 53.12 33.44 -73.18
CA LEU KF 72 54.23 32.97 -72.37
C LEU KF 72 54.86 31.73 -72.98
N ALA KF 73 54.02 30.78 -73.40
CA ALA KF 73 54.57 29.55 -73.99
C ALA KF 73 55.35 29.85 -75.26
N TRP KF 74 54.77 30.66 -76.14
CA TRP KF 74 55.41 30.96 -77.42
C TRP KF 74 56.72 31.70 -77.22
N ARG KF 75 56.72 32.70 -76.33
CA ARG KF 75 57.94 33.44 -76.05
C ARG KF 75 59.00 32.54 -75.42
N ALA KF 76 58.58 31.61 -74.57
CA ALA KF 76 59.53 30.68 -73.97
C ALA KF 76 60.19 29.82 -75.02
N LYS KF 77 59.40 29.29 -75.95
CA LYS KF 77 59.98 28.50 -77.03
C LYS KF 77 60.97 29.34 -77.84
N ILE KF 78 60.58 30.57 -78.18
CA ILE KF 78 61.44 31.42 -79.00
C ILE KF 78 62.74 31.71 -78.27
N ILE KF 79 62.67 32.06 -77.00
CA ILE KF 79 63.90 32.41 -76.27
C ILE KF 79 64.77 31.17 -76.11
N ASP KF 80 64.16 29.99 -75.90
CA ASP KF 80 64.95 28.78 -75.80
C ASP KF 80 65.75 28.54 -77.06
N GLU KF 81 65.08 28.57 -78.22
CA GLU KF 81 65.82 28.31 -79.45
C GLU KF 81 66.84 29.41 -79.73
N GLN KF 82 66.50 30.66 -79.42
CA GLN KF 82 67.45 31.75 -79.63
C GLN KF 82 68.69 31.58 -78.78
N LEU KF 83 68.51 31.18 -77.52
CA LEU KF 83 69.66 30.92 -76.66
C LEU KF 83 70.48 29.77 -77.19
N ASN KF 84 69.81 28.71 -77.64
CA ASN KF 84 70.53 27.58 -78.22
C ASN KF 84 71.35 28.00 -79.44
N LYS KF 85 70.88 29.00 -80.16
CA LYS KF 85 71.60 29.46 -81.35
C LYS KF 85 73.03 29.87 -81.04
N GLN KF 86 73.27 30.44 -79.86
CA GLN KF 86 74.57 31.05 -79.54
C GLN KF 86 75.32 30.26 -78.47
N ALA KF 87 75.32 28.93 -78.60
CA ALA KF 87 75.92 28.09 -77.58
C ALA KF 87 77.42 28.35 -77.43
N ARG KF 88 78.14 28.40 -78.55
CA ARG KF 88 79.60 28.38 -78.49
C ARG KF 88 80.16 29.57 -77.74
N ASN KF 89 79.75 30.78 -78.13
CA ASN KF 89 80.30 31.98 -77.49
C ASN KF 89 79.92 32.03 -76.02
N LEU KF 90 78.68 31.70 -75.71
CA LEU KF 90 78.24 31.69 -74.32
C LEU KF 90 79.02 30.67 -73.51
N ASP KF 91 79.21 29.48 -74.06
CA ASP KF 91 79.98 28.46 -73.35
C ASP KF 91 81.41 28.92 -73.12
N ALA KF 92 81.99 29.59 -74.12
CA ALA KF 92 83.35 30.11 -73.96
C ALA KF 92 83.40 31.15 -72.84
N ILE KF 93 82.49 32.12 -72.87
CA ILE KF 93 82.57 33.21 -71.90
C ILE KF 93 82.29 32.68 -70.50
N TYR KF 94 81.53 31.60 -70.36
CA TYR KF 94 81.22 31.06 -69.05
C TYR KF 94 81.91 29.70 -68.92
N ASP KF 95 83.09 29.71 -68.31
CA ASP KF 95 83.78 28.50 -67.91
C ASP KF 95 84.15 28.59 -66.45
N PHE KF 96 84.11 27.45 -65.76
CA PHE KF 96 84.56 27.38 -64.39
C PHE KF 96 85.86 26.61 -64.22
N ASN KF 97 86.23 25.77 -65.19
CA ASN KF 97 87.48 25.04 -65.11
C ASN KF 97 88.66 25.99 -64.97
N SER KF 98 88.55 27.19 -65.52
CA SER KF 98 89.59 28.19 -65.33
C SER KF 98 89.66 28.67 -63.88
N LEU KF 99 88.67 28.33 -63.06
CA LEU KF 99 88.64 28.77 -61.67
C LEU KF 99 88.72 27.64 -60.66
N VAL KF 100 88.47 26.40 -61.07
CA VAL KF 100 88.51 25.29 -60.13
C VAL KF 100 89.92 25.15 -59.56
N LEU KF 101 90.01 24.97 -58.25
CA LEU KF 101 91.31 24.84 -57.60
C LEU KF 101 91.93 23.48 -57.88
N GLU KF 102 93.22 23.37 -57.57
CA GLU KF 102 93.99 22.19 -57.94
C GLU KF 102 93.47 20.91 -57.28
N HIS KF 103 92.77 21.01 -56.15
CA HIS KF 103 92.22 19.84 -55.49
C HIS KF 103 90.76 19.60 -55.87
N ASN KF 104 90.35 20.04 -57.06
CA ASN KF 104 88.99 19.83 -57.54
C ASN KF 104 87.97 20.35 -56.54
N ILE KF 105 88.20 21.57 -56.08
CA ILE KF 105 87.36 22.20 -55.07
C ILE KF 105 86.89 23.54 -55.60
N LEU KF 106 85.59 23.78 -55.55
CA LEU KF 106 85.03 25.02 -56.04
C LEU KF 106 85.39 26.16 -55.11
N PRO KF 107 85.95 27.26 -55.61
CA PRO KF 107 86.27 28.40 -54.75
C PRO KF 107 85.01 29.03 -54.21
N PRO KF 108 85.10 29.76 -53.10
CA PRO KF 108 83.90 30.34 -52.49
C PRO KF 108 83.36 31.53 -53.26
N VAL KF 109 82.35 32.19 -52.70
CA VAL KF 109 81.69 33.33 -53.34
C VAL KF 109 81.75 34.50 -52.37
N LEU KF 110 82.20 35.66 -52.86
CA LEU KF 110 82.34 36.84 -52.04
C LEU KF 110 81.57 38.00 -52.67
N LEU KF 111 81.05 38.88 -51.80
CA LEU KF 111 80.35 40.08 -52.21
C LEU KF 111 80.97 41.27 -51.51
N GLU KF 112 81.02 42.40 -52.22
CA GLU KF 112 81.63 43.61 -51.71
C GLU KF 112 80.68 44.79 -51.86
N GLY KF 113 80.72 45.69 -50.89
CA GLY KF 113 79.98 46.93 -50.97
C GLY KF 113 80.87 48.09 -50.57
N ARG KF 114 80.62 49.23 -51.19
CA ARG KF 114 81.38 50.45 -50.92
C ARG KF 114 80.43 51.56 -50.46
N ASN KF 115 80.96 52.44 -49.61
CA ASN KF 115 80.22 53.59 -49.10
C ASN KF 115 78.96 53.16 -48.36
N THR KF 116 79.18 52.42 -47.27
CA THR KF 116 78.08 51.92 -46.46
C THR KF 116 77.61 52.99 -45.50
N LEU KF 117 76.29 53.19 -45.43
CA LEU KF 117 75.70 54.12 -44.49
C LEU KF 117 74.33 53.61 -44.05
N ASN KF 118 74.09 53.66 -42.75
CA ASN KF 118 72.76 53.39 -42.21
C ASN KF 118 72.42 54.45 -41.18
N LEU KF 119 71.13 54.75 -41.10
CA LEU KF 119 70.56 55.63 -40.09
C LEU KF 119 69.75 54.73 -39.16
N ALA KF 120 70.28 54.49 -37.95
CA ALA KF 120 69.54 53.64 -37.02
C ALA KF 120 68.28 54.34 -36.53
N ASP KF 121 68.43 55.56 -36.06
CA ASP KF 121 67.35 56.43 -35.61
C ASP KF 121 67.99 57.79 -35.32
N ALA KF 122 67.21 58.69 -34.73
CA ALA KF 122 67.76 59.99 -34.35
C ALA KF 122 68.99 59.80 -33.48
N GLN KF 123 70.00 60.63 -33.74
CA GLN KF 123 71.27 60.60 -33.01
C GLN KF 123 72.00 59.26 -33.17
N SER KF 124 71.86 58.61 -34.32
CA SER KF 124 72.53 57.32 -34.53
C SER KF 124 72.77 57.12 -36.02
N ILE KF 125 73.99 57.42 -36.46
CA ILE KF 125 74.40 57.22 -37.85
C ILE KF 125 75.62 56.31 -37.85
N ARG KF 126 75.59 55.28 -38.70
CA ARG KF 126 76.72 54.38 -38.85
C ARG KF 126 77.22 54.43 -40.28
N ILE KF 127 78.54 54.56 -40.45
CA ILE KF 127 79.14 54.62 -41.77
C ILE KF 127 80.32 53.67 -41.83
N SER KF 128 80.65 53.29 -43.06
CA SER KF 128 81.75 52.39 -43.35
C SER KF 128 82.25 52.65 -44.76
N ASP KF 129 83.55 52.45 -44.96
CA ASP KF 129 84.11 52.65 -46.28
C ASP KF 129 83.77 51.49 -47.20
N ARG KF 130 84.24 50.29 -46.86
CA ARG KF 130 83.95 49.09 -47.64
C ARG KF 130 83.58 47.96 -46.69
N THR KF 131 82.86 46.98 -47.23
CA THR KF 131 82.46 45.81 -46.48
C THR KF 131 82.44 44.60 -47.39
N TYR KF 132 82.67 43.43 -46.81
CA TYR KF 132 82.75 42.19 -47.57
C TYR KF 132 81.99 41.09 -46.83
N LYS KF 133 81.32 40.24 -47.61
CA LYS KF 133 80.46 39.19 -47.09
C LYS KF 133 80.68 37.91 -47.87
N VAL KF 134 80.82 36.80 -47.15
CA VAL KF 134 80.86 35.48 -47.78
C VAL KF 134 79.43 35.07 -48.10
N ALA KF 135 79.16 34.79 -49.37
CA ALA KF 135 77.81 34.43 -49.78
C ALA KF 135 77.60 32.92 -49.82
N LYS KF 136 78.38 32.22 -50.65
CA LYS KF 136 78.31 30.78 -50.76
C LYS KF 136 79.64 30.19 -50.35
N GLN KF 137 79.62 29.29 -49.37
CA GLN KF 137 80.84 28.70 -48.86
C GLN KF 137 81.45 27.76 -49.89
N ALA KF 138 82.77 27.76 -49.97
CA ALA KF 138 83.47 26.86 -50.88
C ALA KF 138 83.22 25.40 -50.51
N HIS KF 139 83.17 24.55 -51.52
CA HIS KF 139 82.93 23.13 -51.30
C HIS KF 139 83.49 22.34 -52.48
N PHE KF 140 83.39 21.02 -52.38
CA PHE KF 140 83.90 20.13 -53.40
C PHE KF 140 83.05 20.22 -54.66
N ILE KF 141 83.53 19.58 -55.72
CA ILE KF 141 82.85 19.56 -57.00
C ILE KF 141 83.15 18.24 -57.70
N THR KF 142 82.10 17.60 -58.22
CA THR KF 142 82.29 16.45 -59.09
C THR KF 142 82.62 16.90 -60.50
N THR KF 143 81.75 17.68 -61.11
CA THR KF 143 81.96 18.24 -62.43
C THR KF 143 81.67 19.73 -62.39
N PRO KF 144 82.39 20.53 -63.18
CA PRO KF 144 82.13 21.96 -63.22
C PRO KF 144 80.71 22.24 -63.69
N PRO KF 145 80.05 23.23 -63.10
CA PRO KF 145 78.69 23.55 -63.51
C PRO KF 145 78.62 24.09 -64.93
N THR KF 146 77.42 24.41 -65.40
CA THR KF 146 77.27 24.96 -66.74
C THR KF 146 76.10 25.94 -66.76
N TRP KF 147 76.14 26.83 -67.74
CA TRP KF 147 75.13 27.88 -67.85
C TRP KF 147 73.73 27.33 -68.00
N ARG KF 148 73.58 26.15 -68.62
CA ARG KF 148 72.24 25.61 -68.84
C ARG KF 148 71.50 25.43 -67.52
N GLN KF 149 72.21 25.13 -66.44
CA GLN KF 149 71.56 24.98 -65.14
C GLN KF 149 71.01 26.30 -64.61
N TYR KF 150 71.38 27.43 -65.22
CA TYR KF 150 70.99 28.73 -64.71
C TYR KF 150 70.16 29.55 -65.69
N LEU KF 151 70.24 29.27 -66.99
CA LEU KF 151 69.61 30.12 -67.98
C LEU KF 151 68.54 29.45 -68.82
N TRP KF 152 68.53 28.12 -68.88
CA TRP KF 152 67.58 27.43 -69.76
C TRP KF 152 66.15 27.67 -69.29
N MET KF 153 65.25 27.81 -70.26
CA MET KF 153 63.84 28.03 -70.00
C MET KF 153 63.09 26.71 -70.06
N ASP KF 154 62.15 26.53 -69.13
CA ASP KF 154 61.36 25.31 -69.02
C ASP KF 154 60.04 25.52 -69.74
N TYR KF 155 59.94 25.04 -70.98
CA TYR KF 155 58.78 25.27 -71.81
C TYR KF 155 58.04 23.96 -72.06
N VAL KF 156 56.74 23.98 -71.80
CA VAL KF 156 55.82 22.94 -72.23
C VAL KF 156 54.63 23.62 -72.88
N LYS KF 157 54.27 23.19 -74.07
CA LYS KF 157 53.15 23.80 -74.77
C LYS KF 157 51.84 23.34 -74.18
N PRO KF 158 50.97 24.23 -73.73
CA PRO KF 158 49.61 23.83 -73.37
C PRO KF 158 48.73 23.75 -74.60
N GLU KF 159 47.76 22.85 -74.56
CA GLU KF 159 46.83 22.65 -75.66
C GLU KF 159 45.41 22.49 -75.15
N ALA KF 160 45.01 23.34 -74.21
CA ALA KF 160 43.69 23.23 -73.57
C ALA KF 160 42.98 24.58 -73.67
N PRO KF 161 42.51 24.96 -74.85
CA PRO KF 161 41.69 26.16 -74.99
C PRO KF 161 40.24 25.84 -74.67
N ASN KF 162 39.76 26.33 -73.54
CA ASN KF 162 38.38 26.08 -73.13
C ASN KF 162 37.95 27.15 -72.16
N VAL KF 163 36.87 27.86 -72.49
CA VAL KF 163 36.35 28.95 -71.67
C VAL KF 163 34.85 28.75 -71.49
N THR KF 164 34.38 28.91 -70.26
CA THR KF 164 32.96 28.74 -69.98
C THR KF 164 32.11 29.76 -70.75
N LEU KF 165 32.56 31.02 -70.80
CA LEU KF 165 31.80 32.11 -71.41
C LEU KF 165 32.28 32.31 -72.84
N LEU KF 166 31.41 32.02 -73.79
CA LEU KF 166 31.80 32.24 -75.17
C LEU KF 166 31.20 33.53 -75.70
N PRO KF 167 31.93 34.25 -76.55
CA PRO KF 167 31.40 35.52 -77.07
C PRO KF 167 30.19 35.29 -77.98
N LYS KF 168 29.30 36.28 -77.98
CA LYS KF 168 28.06 36.21 -78.74
C LYS KF 168 28.19 36.83 -80.13
N THR KF 169 28.54 38.12 -80.18
CA THR KF 169 28.52 38.88 -81.43
C THR KF 169 29.88 39.53 -81.69
N LYS KF 170 29.89 40.43 -82.67
CA LYS KF 170 31.12 41.00 -83.19
C LYS KF 170 31.87 41.79 -82.12
N ALA KF 171 31.16 42.58 -81.33
CA ALA KF 171 31.83 43.44 -80.35
C ALA KF 171 32.56 42.62 -79.31
N GLU KF 172 31.89 41.62 -78.73
CA GLU KF 172 32.53 40.78 -77.74
C GLU KF 172 33.65 39.95 -78.36
N LYS KF 173 33.48 39.45 -79.58
CA LYS KF 173 34.55 38.71 -80.22
C LYS KF 173 35.79 39.58 -80.43
N GLU KF 174 35.59 40.82 -80.87
CA GLU KF 174 36.72 41.71 -81.12
C GLU KF 174 37.43 42.10 -79.84
N ILE KF 175 36.67 42.44 -78.80
CA ILE KF 175 37.32 42.79 -77.54
C ILE KF 175 38.00 41.56 -76.95
N TRP KF 176 37.44 40.37 -77.18
CA TRP KF 176 38.11 39.13 -76.78
C TRP KF 176 39.46 39.01 -77.49
N CYS KF 177 39.49 39.28 -78.79
CA CYS KF 177 40.74 39.23 -79.54
C CYS KF 177 41.76 40.22 -78.97
N ILE KF 178 41.33 41.47 -78.74
CA ILE KF 178 42.28 42.49 -78.32
C ILE KF 178 42.82 42.19 -76.93
N TYR KF 179 41.96 41.72 -76.03
CA TYR KF 179 42.46 41.38 -74.69
C TYR KF 179 43.32 40.13 -74.72
N THR KF 180 43.04 39.20 -75.63
CA THR KF 180 43.93 38.05 -75.79
C THR KF 180 45.30 38.49 -76.23
N GLU KF 181 45.38 39.42 -77.17
CA GLU KF 181 46.68 39.95 -77.59
C GLU KF 181 47.36 40.70 -76.45
N ARG KF 182 46.60 41.42 -75.65
CA ARG KF 182 47.16 42.09 -74.49
C ARG KF 182 47.81 41.08 -73.56
N GLY KF 183 47.09 39.98 -73.25
CA GLY KF 183 47.66 38.94 -72.44
C GLY KF 183 48.88 38.29 -73.08
N TRP KF 184 48.88 38.16 -74.40
CA TRP KF 184 50.05 37.69 -75.12
C TRP KF 184 51.26 38.56 -74.79
N LYS KF 185 51.08 39.88 -74.90
CA LYS KF 185 52.17 40.80 -74.58
C LYS KF 185 52.60 40.66 -73.13
N ASN KF 186 51.64 40.51 -72.23
CA ASN KF 186 51.98 40.38 -70.81
C ASN KF 186 52.80 39.14 -70.55
N GLY KF 187 52.43 38.02 -71.16
CA GLY KF 187 53.22 36.80 -71.00
C GLY KF 187 54.62 36.95 -71.56
N ILE KF 188 54.74 37.63 -72.70
CA ILE KF 188 56.07 37.91 -73.25
C ILE KF 188 56.90 38.70 -72.24
N ASP KF 189 56.29 39.73 -71.64
CA ASP KF 189 57.01 40.54 -70.67
C ASP KF 189 57.44 39.71 -69.46
N GLN KF 190 56.55 38.84 -68.98
CA GLN KF 190 56.91 37.99 -67.84
C GLN KF 190 58.07 37.07 -68.18
N ALA KF 191 58.06 36.50 -69.38
CA ALA KF 191 59.18 35.65 -69.79
C ALA KF 191 60.47 36.44 -69.81
N ASN KF 192 60.43 37.65 -70.33
CA ASN KF 192 61.62 38.49 -70.35
C ASN KF 192 62.11 38.76 -68.93
N THR KF 193 61.18 39.03 -68.02
CA THR KF 193 61.56 39.28 -66.63
C THR KF 193 62.23 38.06 -66.01
N ILE KF 194 61.68 36.87 -66.28
CA ILE KF 194 62.27 35.65 -65.74
C ILE KF 194 63.68 35.46 -66.27
N LEU KF 195 63.87 35.68 -67.58
CA LEU KF 195 65.20 35.57 -68.15
C LEU KF 195 66.16 36.55 -67.49
N GLU KF 196 65.71 37.78 -67.28
CA GLU KF 196 66.56 38.78 -66.64
C GLU KF 196 66.97 38.33 -65.24
N GLU KF 197 66.03 37.78 -64.48
CA GLU KF 197 66.36 37.31 -63.14
C GLU KF 197 67.40 36.20 -63.19
N ASN KF 198 67.24 35.25 -64.12
CA ASN KF 198 68.22 34.18 -64.23
C ASN KF 198 69.60 34.72 -64.57
N ILE KF 199 69.65 35.67 -65.51
CA ILE KF 199 70.93 36.28 -65.88
C ILE KF 199 71.57 36.93 -64.67
N ALA KF 200 70.76 37.65 -63.89
CA ALA KF 200 71.29 38.29 -62.69
C ALA KF 200 71.89 37.26 -61.74
N ARG KF 201 71.19 36.15 -61.53
CA ARG KF 201 71.68 35.14 -60.60
C ARG KF 201 73.01 34.55 -61.06
N ILE KF 202 73.08 34.15 -62.33
CA ILE KF 202 74.31 33.52 -62.81
C ILE KF 202 75.46 34.51 -62.79
N LYS KF 203 75.20 35.77 -63.17
CA LYS KF 203 76.25 36.79 -63.11
C LYS KF 203 76.69 37.02 -61.68
N GLU KF 204 75.76 36.91 -60.73
CA GLU KF 204 76.12 37.07 -59.33
C GLU KF 204 77.10 35.99 -58.90
N ASP KF 205 76.83 34.74 -59.27
CA ASP KF 205 77.75 33.66 -58.91
C ASP KF 205 79.12 33.87 -59.55
N PHE KF 206 79.14 34.23 -60.84
CA PHE KF 206 80.41 34.42 -61.50
C PHE KF 206 81.20 35.57 -60.89
N GLY KF 207 80.50 36.67 -60.55
CA GLY KF 207 81.16 37.79 -59.92
C GLY KF 207 81.72 37.42 -58.57
N GLY KF 208 80.99 36.60 -57.80
CA GLY KF 208 81.53 36.13 -56.53
C GLY KF 208 82.81 35.34 -56.72
N MET KF 209 82.83 34.45 -57.72
CA MET KF 209 84.04 33.68 -57.97
C MET KF 209 85.22 34.58 -58.31
N ILE KF 210 85.01 35.50 -59.26
CA ILE KF 210 86.12 36.34 -59.70
C ILE KF 210 86.57 37.25 -58.56
N LEU KF 211 85.63 37.71 -57.74
CA LEU KF 211 86.00 38.54 -56.59
C LEU KF 211 86.85 37.75 -55.60
N TYR KF 212 86.49 36.48 -55.36
CA TYR KF 212 87.33 35.67 -54.49
C TYR KF 212 88.73 35.51 -55.06
N ARG KF 213 88.82 35.29 -56.37
CA ARG KF 213 90.14 35.20 -56.99
C ARG KF 213 90.93 36.47 -56.76
N LYS KF 214 90.30 37.63 -56.97
CA LYS KF 214 90.98 38.90 -56.80
C LYS KF 214 91.47 39.07 -55.38
N LEU KF 215 90.62 38.75 -54.40
CA LEU KF 215 91.01 38.94 -53.01
C LEU KF 215 92.14 38.00 -52.63
N LEU KF 216 92.09 36.75 -53.10
CA LEU KF 216 93.16 35.81 -52.81
C LEU KF 216 94.48 36.31 -53.37
N ALA KF 217 94.45 36.87 -54.58
CA ALA KF 217 95.66 37.49 -55.12
C ALA KF 217 96.10 38.65 -54.26
N MET KF 218 95.15 39.47 -53.81
CA MET KF 218 95.45 40.61 -52.94
C MET KF 218 96.02 40.17 -51.61
N ASN KF 219 95.85 38.90 -51.25
CA ASN KF 219 96.24 38.37 -49.95
C ASN KF 219 95.43 39.03 -48.83
N MET KF 220 94.11 38.87 -48.93
CA MET KF 220 93.19 39.24 -47.87
C MET KF 220 92.56 38.04 -47.20
N VAL KF 221 92.59 36.87 -47.82
CA VAL KF 221 91.93 35.69 -47.27
C VAL KF 221 92.93 34.54 -47.24
N SER KF 222 92.81 33.73 -46.20
CA SER KF 222 93.51 32.47 -46.13
C SER KF 222 92.76 31.45 -46.95
N PRO KF 223 93.41 30.80 -47.90
CA PRO KF 223 92.75 29.82 -48.75
C PRO KF 223 92.50 28.53 -48.00
N PRO KF 224 91.67 27.64 -48.54
CA PRO KF 224 91.38 26.38 -47.84
C PRO KF 224 92.62 25.52 -47.70
N TYR KF 225 92.63 24.69 -46.68
CA TYR KF 225 93.72 23.74 -46.43
C TYR KF 225 93.17 22.33 -46.41
N VAL KF 226 93.89 21.41 -47.05
CA VAL KF 226 93.46 20.03 -47.18
C VAL KF 226 94.57 19.11 -46.73
N SER KF 227 94.20 17.93 -46.24
CA SER KF 227 95.13 16.89 -45.86
C SER KF 227 94.77 15.58 -46.55
N HIS KF 228 95.78 14.76 -46.80
CA HIS KF 228 95.60 13.46 -47.40
C HIS KF 228 96.37 12.41 -46.60
N THR KF 229 95.64 11.41 -46.12
CA THR KF 229 96.21 10.31 -45.36
C THR KF 229 96.01 9.03 -46.15
N ASP KF 230 97.09 8.26 -46.31
CA ASP KF 230 97.07 7.10 -47.20
C ASP KF 230 97.26 5.81 -46.41
N LEU KF 231 96.60 4.76 -46.88
CA LEU KF 231 96.73 3.42 -46.32
C LEU KF 231 96.91 2.43 -47.47
N GLY KF 232 97.66 1.37 -47.19
CA GLY KF 232 97.92 0.37 -48.21
C GLY KF 232 96.76 -0.58 -48.36
N VAL KF 233 97.05 -1.87 -48.47
CA VAL KF 233 95.99 -2.85 -48.65
C VAL KF 233 95.08 -2.85 -47.43
N THR KF 234 93.82 -3.21 -47.66
CA THR KF 234 92.84 -3.21 -46.58
C THR KF 234 91.70 -4.16 -46.96
N GLY KF 235 90.95 -4.54 -45.94
CA GLY KF 235 89.83 -5.45 -46.10
C GLY KF 235 90.15 -6.84 -45.59
N ASP KF 236 89.13 -7.68 -45.60
CA ASP KF 236 89.25 -9.05 -45.13
C ASP KF 236 89.63 -9.96 -46.30
N GLY KF 237 89.57 -11.27 -46.08
CA GLY KF 237 89.83 -12.22 -47.14
C GLY KF 237 88.75 -12.31 -48.19
N SER KF 238 87.65 -11.59 -48.01
CA SER KF 238 86.54 -11.58 -48.96
C SER KF 238 86.40 -10.28 -49.72
N GLU KF 239 86.88 -9.18 -49.16
CA GLU KF 239 86.86 -7.87 -49.82
C GLU KF 239 88.22 -7.24 -49.65
N ILE KF 240 88.79 -6.71 -50.73
CA ILE KF 240 90.09 -6.05 -50.63
C ILE KF 240 90.11 -4.77 -51.45
N HIS KF 241 90.80 -3.77 -50.92
CA HIS KF 241 91.12 -2.54 -51.63
C HIS KF 241 92.63 -2.38 -51.62
N ILE KF 242 93.19 -2.01 -52.77
CA ILE KF 242 94.64 -1.95 -52.91
C ILE KF 242 95.19 -0.71 -52.21
N ASP KF 243 94.77 0.47 -52.65
CA ASP KF 243 95.12 1.72 -52.01
C ASP KF 243 93.88 2.29 -51.31
N ASP KF 244 94.12 3.16 -50.34
CA ASP KF 244 93.01 3.81 -49.65
C ASP KF 244 93.49 5.20 -49.23
N ARG KF 245 93.20 6.20 -50.04
CA ARG KF 245 93.61 7.57 -49.78
C ARG KF 245 92.41 8.37 -49.32
N VAL KF 246 92.57 9.10 -48.21
CA VAL KF 246 91.51 9.89 -47.61
C VAL KF 246 91.93 11.35 -47.71
N LEU KF 247 91.13 12.14 -48.42
CA LEU KF 247 91.40 13.56 -48.58
C LEU KF 247 90.29 14.34 -47.91
N ARG KF 248 90.66 15.21 -46.96
CA ARG KF 248 89.69 16.01 -46.25
C ARG KF 248 90.26 17.40 -46.03
N ILE KF 249 89.45 18.41 -46.28
CA ILE KF 249 89.87 19.77 -45.99
C ILE KF 249 89.50 20.07 -44.54
N THR KF 250 90.38 20.82 -43.88
CA THR KF 250 90.17 21.16 -42.47
C THR KF 250 89.95 22.65 -42.28
N ALA KF 251 90.85 23.50 -42.76
CA ALA KF 251 90.73 24.93 -42.63
C ALA KF 251 89.93 25.46 -43.81
N LEU KF 252 88.69 25.86 -43.56
CA LEU KF 252 87.90 26.50 -44.59
C LEU KF 252 88.52 27.84 -44.97
N PRO KF 253 88.35 28.28 -46.21
CA PRO KF 253 88.88 29.59 -46.59
C PRO KF 253 88.12 30.69 -45.88
N GLU KF 254 88.83 31.74 -45.51
CA GLU KF 254 88.18 32.86 -44.80
C GLU KF 254 89.12 34.05 -44.78
N LEU KF 255 88.53 35.23 -44.64
CA LEU KF 255 89.26 36.50 -44.70
C LEU KF 255 89.91 36.79 -43.36
N ASN KF 256 91.13 37.33 -43.42
CA ASN KF 256 91.82 37.69 -42.19
C ASN KF 256 91.20 38.95 -41.59
N VAL KF 257 91.66 39.29 -40.38
CA VAL KF 257 91.22 40.50 -39.72
C VAL KF 257 92.36 41.48 -39.50
N ASN KF 258 93.59 41.02 -39.33
CA ASN KF 258 94.73 41.91 -39.18
C ASN KF 258 95.16 42.41 -40.55
N SER KF 259 95.53 43.69 -40.62
CA SER KF 259 95.86 44.31 -41.89
C SER KF 259 97.33 44.22 -42.25
N ALA KF 260 98.17 43.67 -41.36
CA ALA KF 260 99.61 43.67 -41.61
C ALA KF 260 99.98 42.90 -42.87
N GLU KF 261 99.26 41.83 -43.16
CA GLU KF 261 99.59 40.93 -44.26
C GLU KF 261 98.97 41.36 -45.57
N TRP KF 262 98.69 42.64 -45.75
CA TRP KF 262 98.01 43.15 -46.93
C TRP KF 262 99.03 43.74 -47.89
N ARG KF 263 98.94 43.36 -49.15
CA ARG KF 263 99.81 43.86 -50.21
C ARG KF 263 98.95 44.45 -51.33
N ALA KF 264 99.21 45.70 -51.67
CA ALA KF 264 98.49 46.37 -52.73
C ALA KF 264 99.22 46.15 -54.06
N ALA KF 265 98.74 46.79 -55.13
CA ALA KF 265 99.31 46.62 -56.45
C ALA KF 265 99.52 47.99 -57.08
N VAL KF 266 99.96 47.99 -58.34
CA VAL KF 266 100.25 49.21 -59.09
C VAL KF 266 100.05 48.91 -60.57
N ALA KF 267 99.98 49.97 -61.38
CA ALA KF 267 99.88 49.84 -62.82
C ALA KF 267 100.86 50.82 -63.47
N LYS KF 268 101.27 50.49 -64.69
CA LYS KF 268 102.23 51.33 -65.40
C LYS KF 268 101.70 51.73 -66.77
N LYS LF 60 39.90 -1.87 -77.34
CA LYS LF 60 40.85 -0.77 -77.19
C LYS LF 60 42.22 -1.29 -76.81
N GLU LF 61 42.51 -1.26 -75.51
CA GLU LF 61 43.76 -1.80 -74.99
C GLU LF 61 43.86 -3.30 -75.10
N THR LF 62 42.75 -3.98 -75.42
CA THR LF 62 42.80 -5.42 -75.66
C THR LF 62 43.71 -5.75 -76.84
N ALA LF 63 43.60 -4.96 -77.90
CA ALA LF 63 44.50 -5.13 -79.04
C ALA LF 63 45.94 -4.88 -78.62
N LEU LF 64 46.18 -3.87 -77.79
CA LEU LF 64 47.52 -3.63 -77.26
C LEU LF 64 48.05 -4.87 -76.56
N SER LF 65 47.25 -5.43 -75.66
CA SER LF 65 47.70 -6.57 -74.86
C SER LF 65 47.99 -7.77 -75.75
N VAL LF 66 47.08 -8.07 -76.68
CA VAL LF 66 47.27 -9.26 -77.51
C VAL LF 66 48.44 -9.08 -78.45
N GLY LF 67 48.65 -7.86 -78.96
CA GLY LF 67 49.80 -7.61 -79.80
C GLY LF 67 51.10 -7.74 -79.06
N ALA LF 68 51.15 -7.23 -77.83
CA ALA LF 68 52.34 -7.41 -77.00
C ALA LF 68 52.60 -8.89 -76.74
N GLN LF 69 51.55 -9.65 -76.42
CA GLN LF 69 51.71 -11.07 -76.19
C GLN LF 69 52.26 -11.76 -77.43
N ALA LF 70 51.67 -11.49 -78.58
CA ALA LF 70 52.09 -12.14 -79.82
C ALA LF 70 53.54 -11.79 -80.14
N GLY LF 71 53.89 -10.51 -80.00
CA GLY LF 71 55.26 -10.11 -80.30
C GLY LF 71 56.27 -10.79 -79.38
N LEU LF 72 55.99 -10.78 -78.09
CA LEU LF 72 56.90 -11.42 -77.15
C LEU LF 72 57.08 -12.90 -77.48
N ALA LF 73 55.97 -13.62 -77.62
CA ALA LF 73 56.05 -15.05 -77.87
C ALA LF 73 56.76 -15.35 -79.18
N TRP LF 74 56.40 -14.63 -80.24
CA TRP LF 74 56.98 -14.89 -81.55
C TRP LF 74 58.48 -14.62 -81.55
N ARG LF 75 58.89 -13.48 -81.00
CA ARG LF 75 60.30 -13.15 -80.98
C ARG LF 75 61.08 -14.16 -80.13
N ALA LF 76 60.49 -14.58 -79.00
CA ALA LF 76 61.15 -15.58 -78.16
C ALA LF 76 61.35 -16.88 -78.93
N LYS LF 77 60.31 -17.32 -79.63
CA LYS LF 77 60.44 -18.57 -80.38
C LYS LF 77 61.49 -18.44 -81.47
N ILE LF 78 61.51 -17.30 -82.16
CA ILE LF 78 62.46 -17.10 -83.25
C ILE LF 78 63.89 -17.15 -82.71
N ILE LF 79 64.14 -16.42 -81.62
CA ILE LF 79 65.50 -16.38 -81.11
C ILE LF 79 65.92 -17.73 -80.54
N ASP LF 80 64.99 -18.44 -79.90
CA ASP LF 80 65.33 -19.75 -79.37
C ASP LF 80 65.67 -20.72 -80.48
N GLU LF 81 64.88 -20.74 -81.57
CA GLU LF 81 65.21 -21.66 -82.65
C GLU LF 81 66.49 -21.25 -83.37
N GLN LF 82 66.75 -19.95 -83.48
CA GLN LF 82 68.02 -19.53 -84.06
C GLN LF 82 69.19 -19.99 -83.21
N LEU LF 83 69.07 -19.86 -81.89
CA LEU LF 83 70.11 -20.33 -80.99
C LEU LF 83 70.30 -21.83 -81.12
N ASN LF 84 69.19 -22.57 -81.22
CA ASN LF 84 69.29 -24.02 -81.37
C ASN LF 84 69.99 -24.38 -82.68
N LYS LF 85 69.70 -23.65 -83.74
CA LYS LF 85 70.40 -23.88 -85.01
C LYS LF 85 71.89 -23.62 -84.85
N GLN LF 86 72.26 -22.53 -84.20
CA GLN LF 86 73.66 -22.22 -83.93
C GLN LF 86 74.02 -22.75 -82.54
N ALA LF 87 74.20 -24.06 -82.48
CA ALA LF 87 74.34 -24.75 -81.20
C ALA LF 87 75.80 -24.97 -80.80
N ARG LF 88 76.54 -25.69 -81.64
CA ARG LF 88 77.80 -26.29 -81.20
C ARG LF 88 78.79 -25.23 -80.72
N ASN LF 89 78.90 -24.12 -81.44
CA ASN LF 89 79.86 -23.10 -81.04
C ASN LF 89 79.54 -22.53 -79.68
N LEU LF 90 78.27 -22.47 -79.31
CA LEU LF 90 77.89 -21.90 -78.02
C LEU LF 90 78.50 -22.69 -76.87
N ASP LF 91 78.29 -24.01 -76.86
CA ASP LF 91 78.93 -24.82 -75.84
C ASP LF 91 80.43 -24.82 -75.99
N ALA LF 92 80.91 -24.84 -77.24
CA ALA LF 92 82.36 -24.85 -77.48
C ALA LF 92 83.03 -23.66 -76.83
N ILE LF 93 82.34 -22.53 -76.77
CA ILE LF 93 82.95 -21.35 -76.17
C ILE LF 93 82.61 -21.21 -74.69
N TYR LF 94 81.49 -21.78 -74.24
CA TYR LF 94 81.04 -21.56 -72.87
C TYR LF 94 81.14 -22.82 -72.01
N ASP LF 95 81.98 -23.77 -72.41
CA ASP LF 95 82.24 -24.92 -71.54
C ASP LF 95 82.79 -24.45 -70.20
N PHE LF 96 82.46 -25.21 -69.15
CA PHE LF 96 82.94 -24.94 -67.80
C PHE LF 96 83.83 -26.04 -67.26
N ASN LF 97 83.61 -27.29 -67.69
CA ASN LF 97 84.36 -28.41 -67.12
C ASN LF 97 85.85 -28.26 -67.35
N SER LF 98 86.24 -27.62 -68.45
CA SER LF 98 87.65 -27.34 -68.66
C SER LF 98 88.21 -26.39 -67.60
N LEU LF 99 87.35 -25.59 -66.98
CA LEU LF 99 87.78 -24.68 -65.91
C LEU LF 99 87.56 -25.26 -64.53
N VAL LF 100 86.72 -26.28 -64.40
CA VAL LF 100 86.40 -26.84 -63.09
C VAL LF 100 87.67 -27.37 -62.43
N LEU LF 101 87.77 -27.15 -61.13
CA LEU LF 101 88.92 -27.59 -60.37
C LEU LF 101 88.96 -29.12 -60.29
N GLU LF 102 90.10 -29.63 -59.81
CA GLU LF 102 90.33 -31.08 -59.79
C GLU LF 102 89.34 -31.78 -58.87
N HIS LF 103 88.98 -31.15 -57.75
CA HIS LF 103 88.21 -31.83 -56.72
C HIS LF 103 86.72 -31.78 -57.02
N ASN LF 104 86.35 -31.61 -58.29
CA ASN LF 104 84.95 -31.53 -58.71
C ASN LF 104 84.23 -30.40 -57.98
N ILE LF 105 84.94 -29.31 -57.77
CA ILE LF 105 84.44 -28.16 -57.03
C ILE LF 105 84.47 -26.95 -57.95
N LEU LF 106 83.35 -26.26 -58.05
CA LEU LF 106 83.29 -25.06 -58.86
C LEU LF 106 84.11 -23.97 -58.18
N PRO LF 107 85.15 -23.44 -58.83
CA PRO LF 107 85.90 -22.36 -58.23
C PRO LF 107 85.04 -21.12 -58.09
N PRO LF 108 85.33 -20.26 -57.13
CA PRO LF 108 84.45 -19.11 -56.88
C PRO LF 108 84.51 -18.06 -57.97
N VAL LF 109 83.75 -16.98 -57.79
CA VAL LF 109 83.64 -15.92 -58.79
C VAL LF 109 84.10 -14.62 -58.16
N LEU LF 110 84.95 -13.90 -58.88
CA LEU LF 110 85.56 -12.67 -58.40
C LEU LF 110 85.13 -11.50 -59.27
N LEU LF 111 85.02 -10.33 -58.64
CA LEU LF 111 84.68 -9.09 -59.33
C LEU LF 111 85.77 -8.07 -59.05
N GLU LF 112 86.23 -7.40 -60.11
CA GLU LF 112 87.33 -6.46 -60.03
C GLU LF 112 86.90 -5.09 -60.53
N GLY LF 113 87.33 -4.05 -59.84
CA GLY LF 113 87.15 -2.69 -60.30
C GLY LF 113 88.41 -1.90 -60.08
N ARG LF 114 88.55 -0.81 -60.84
CA ARG LF 114 89.74 0.01 -60.76
C ARG LF 114 89.37 1.48 -60.74
N ASN LF 115 90.22 2.27 -60.09
CA ASN LF 115 90.13 3.73 -60.08
C ASN LF 115 88.78 4.19 -59.55
N THR LF 116 88.55 3.89 -58.27
CA THR LF 116 87.28 4.21 -57.64
C THR LF 116 87.41 5.48 -56.81
N LEU LF 117 86.40 6.34 -56.92
CA LEU LF 117 86.36 7.59 -56.18
C LEU LF 117 84.94 7.84 -55.72
N ASN LF 118 84.81 8.24 -54.46
CA ASN LF 118 83.52 8.53 -53.88
C ASN LF 118 83.61 9.80 -53.06
N LEU LF 119 82.48 10.49 -52.95
CA LEU LF 119 82.34 11.66 -52.09
C LEU LF 119 81.14 11.45 -51.18
N ALA LF 120 81.37 11.53 -49.88
CA ALA LF 120 80.26 11.41 -48.95
C ALA LF 120 79.54 12.73 -48.78
N ASP LF 121 80.30 13.79 -48.56
CA ASP LF 121 79.79 15.15 -48.42
C ASP LF 121 80.98 16.10 -48.55
N ALA LF 122 80.76 17.36 -48.18
CA ALA LF 122 81.88 18.29 -48.13
C ALA LF 122 82.94 17.78 -47.18
N GLN LF 123 84.20 18.01 -47.55
CA GLN LF 123 85.36 17.62 -46.76
C GLN LF 123 85.42 16.11 -46.52
N SER LF 124 84.86 15.32 -47.44
CA SER LF 124 84.84 13.87 -47.27
C SER LF 124 84.84 13.22 -48.65
N ILE LF 125 86.04 12.83 -49.12
CA ILE LF 125 86.18 12.06 -50.33
C ILE LF 125 87.14 10.90 -50.07
N ARG LF 126 86.97 9.84 -50.84
CA ARG LF 126 87.80 8.65 -50.71
C ARG LF 126 88.18 8.16 -52.10
N ILE LF 127 89.44 7.76 -52.24
CA ILE LF 127 89.99 7.33 -53.51
C ILE LF 127 90.73 6.02 -53.31
N SER LF 128 90.51 5.06 -54.20
CA SER LF 128 91.20 3.78 -54.15
C SER LF 128 91.57 3.36 -55.56
N ASP LF 129 92.64 2.58 -55.66
CA ASP LF 129 93.16 2.17 -56.96
C ASP LF 129 92.36 1.02 -57.53
N ARG LF 130 92.37 -0.12 -56.86
CA ARG LF 130 91.63 -1.29 -57.31
C ARG LF 130 90.90 -1.92 -56.14
N THR LF 131 89.80 -2.58 -56.46
CA THR LF 131 88.99 -3.28 -55.48
C THR LF 131 88.64 -4.66 -56.03
N TYR LF 132 88.61 -5.64 -55.13
CA TYR LF 132 88.24 -7.00 -55.48
C TYR LF 132 87.23 -7.54 -54.48
N LYS LF 133 86.20 -8.18 -55.02
CA LYS LF 133 85.09 -8.71 -54.23
C LYS LF 133 84.86 -10.16 -54.62
N VAL LF 134 84.39 -10.95 -53.65
CA VAL LF 134 84.03 -12.33 -53.89
C VAL LF 134 82.51 -12.41 -53.98
N ALA LF 135 82.01 -12.90 -55.11
CA ALA LF 135 80.56 -12.97 -55.28
C ALA LF 135 79.98 -14.21 -54.63
N LYS LF 136 80.40 -15.39 -55.07
CA LYS LF 136 79.85 -16.66 -54.60
C LYS LF 136 81.01 -17.56 -54.18
N GLN LF 137 80.96 -18.03 -52.94
CA GLN LF 137 81.99 -18.93 -52.46
C GLN LF 137 81.96 -20.25 -53.23
N ALA LF 138 83.14 -20.85 -53.37
CA ALA LF 138 83.24 -22.12 -54.09
C ALA LF 138 82.47 -23.22 -53.37
N HIS LF 139 82.02 -24.20 -54.14
CA HIS LF 139 81.28 -25.32 -53.58
C HIS LF 139 81.33 -26.48 -54.57
N PHE LF 140 80.98 -27.67 -54.07
CA PHE LF 140 80.95 -28.87 -54.89
C PHE LF 140 79.83 -28.80 -55.92
N ILE LF 141 79.92 -29.68 -56.90
CA ILE LF 141 78.86 -29.85 -57.89
C ILE LF 141 79.05 -31.20 -58.57
N THR LF 142 77.97 -31.75 -59.11
CA THR LF 142 78.06 -33.04 -59.79
C THR LF 142 78.36 -32.88 -61.28
N THR LF 143 77.77 -31.87 -61.92
CA THR LF 143 77.93 -31.68 -63.34
C THR LF 143 78.25 -30.23 -63.65
N PRO LF 144 79.03 -29.98 -64.69
CA PRO LF 144 79.28 -28.60 -65.11
C PRO LF 144 78.03 -27.99 -65.68
N PRO LF 145 77.75 -26.72 -65.38
CA PRO LF 145 76.58 -26.06 -65.95
C PRO LF 145 76.75 -25.84 -67.46
N THR LF 146 75.76 -25.19 -68.07
CA THR LF 146 75.81 -24.91 -69.49
C THR LF 146 75.10 -23.60 -69.77
N TRP LF 147 75.05 -23.23 -71.05
CA TRP LF 147 74.31 -22.05 -71.49
C TRP LF 147 72.81 -22.22 -71.30
N ARG LF 148 72.35 -23.44 -71.05
CA ARG LF 148 70.92 -23.71 -70.92
C ARG LF 148 70.30 -22.82 -69.84
N GLN LF 149 70.86 -22.85 -68.64
CA GLN LF 149 70.30 -22.11 -67.53
C GLN LF 149 70.65 -20.63 -67.56
N TYR LF 150 71.08 -20.13 -68.72
CA TYR LF 150 71.41 -18.72 -68.84
C TYR LF 150 70.85 -18.01 -70.07
N LEU LF 151 70.59 -18.72 -71.16
CA LEU LF 151 70.23 -18.04 -72.40
C LEU LF 151 68.80 -18.32 -72.85
N TRP LF 152 68.43 -19.58 -73.03
CA TRP LF 152 67.12 -19.90 -73.55
C TRP LF 152 66.02 -19.38 -72.64
N MET LF 153 64.95 -18.88 -73.24
CA MET LF 153 63.86 -18.28 -72.50
C MET LF 153 62.58 -19.07 -72.70
N ASP LF 154 61.69 -18.96 -71.73
CA ASP LF 154 60.43 -19.70 -71.77
C ASP LF 154 59.61 -19.29 -73.00
N TYR LF 155 59.01 -20.28 -73.64
CA TYR LF 155 58.15 -20.03 -74.79
C TYR LF 155 56.87 -20.85 -74.67
N VAL LF 156 55.73 -20.18 -74.82
CA VAL LF 156 54.44 -20.83 -74.93
C VAL LF 156 53.69 -20.17 -76.08
N LYS LF 157 52.70 -20.89 -76.59
CA LYS LF 157 51.82 -20.33 -77.60
C LYS LF 157 50.65 -19.64 -76.90
N PRO LF 158 50.45 -18.35 -77.07
CA PRO LF 158 49.25 -17.71 -76.51
C PRO LF 158 48.00 -18.27 -77.15
N GLU LF 159 47.19 -18.97 -76.35
CA GLU LF 159 46.03 -19.69 -76.84
C GLU LF 159 44.76 -19.16 -76.20
N ALA LF 160 44.64 -17.84 -76.07
CA ALA LF 160 43.43 -17.21 -75.55
C ALA LF 160 43.01 -16.03 -76.42
N PRO LF 161 42.67 -16.28 -77.69
CA PRO LF 161 42.06 -15.22 -78.50
C PRO LF 161 40.56 -15.16 -78.26
N ASN LF 162 40.13 -14.10 -77.58
CA ASN LF 162 38.73 -13.96 -77.17
C ASN LF 162 38.11 -12.80 -77.95
N VAL LF 163 37.01 -13.09 -78.64
CA VAL LF 163 36.35 -12.11 -79.50
C VAL LF 163 35.17 -11.50 -78.75
N THR LF 164 35.39 -10.28 -78.25
CA THR LF 164 34.32 -9.52 -77.62
C THR LF 164 34.09 -8.15 -78.25
N LEU LF 165 35.16 -7.36 -78.42
CA LEU LF 165 35.05 -6.06 -79.08
C LEU LF 165 35.38 -6.24 -80.57
N LEU LF 166 34.47 -6.94 -81.25
CA LEU LF 166 34.69 -7.28 -82.65
C LEU LF 166 34.72 -6.02 -83.51
N PRO LF 167 35.68 -5.92 -84.42
CA PRO LF 167 35.70 -4.81 -85.38
C PRO LF 167 34.74 -5.08 -86.53
N LYS LF 168 33.65 -4.34 -86.57
CA LYS LF 168 32.67 -4.48 -87.64
C LYS LF 168 32.81 -3.40 -88.70
N THR LF 169 33.14 -2.18 -88.31
CA THR LF 169 33.34 -1.12 -89.28
C THR LF 169 34.82 -0.98 -89.60
N LYS LF 170 35.09 -0.26 -90.70
CA LYS LF 170 36.44 -0.12 -91.19
C LYS LF 170 37.33 0.61 -90.18
N ALA LF 171 36.77 1.62 -89.51
CA ALA LF 171 37.55 2.32 -88.48
C ALA LF 171 37.95 1.38 -87.36
N GLU LF 172 37.01 0.54 -86.90
CA GLU LF 172 37.33 -0.44 -85.87
C GLU LF 172 38.42 -1.39 -86.33
N LYS LF 173 38.30 -1.88 -87.57
CA LYS LF 173 39.30 -2.81 -88.08
C LYS LF 173 40.68 -2.17 -88.14
N GLU LF 174 40.75 -0.93 -88.63
CA GLU LF 174 42.06 -0.31 -88.78
C GLU LF 174 42.68 0.07 -87.44
N ILE LF 175 41.87 0.52 -86.48
CA ILE LF 175 42.43 0.82 -85.16
C ILE LF 175 42.88 -0.45 -84.48
N TRP LF 176 42.12 -1.54 -84.64
CA TRP LF 176 42.56 -2.83 -84.14
C TRP LF 176 43.90 -3.23 -84.74
N CYS LF 177 44.04 -3.04 -86.06
CA CYS LF 177 45.29 -3.39 -86.73
C CYS LF 177 46.45 -2.57 -86.19
N ILE LF 178 46.27 -1.25 -86.06
CA ILE LF 178 47.39 -0.41 -85.66
C ILE LF 178 47.80 -0.68 -84.22
N TYR LF 179 46.81 -0.89 -83.34
CA TYR LF 179 47.13 -1.26 -81.97
C TYR LF 179 47.85 -2.60 -81.92
N THR LF 180 47.43 -3.55 -82.76
CA THR LF 180 48.12 -4.83 -82.83
C THR LF 180 49.57 -4.65 -83.25
N GLU LF 181 49.81 -3.77 -84.23
CA GLU LF 181 51.18 -3.57 -84.71
C GLU LF 181 52.06 -2.97 -83.63
N ARG LF 182 51.55 -1.95 -82.94
CA ARG LF 182 52.38 -1.34 -81.90
C ARG LF 182 52.63 -2.31 -80.75
N GLY LF 183 51.64 -3.14 -80.43
CA GLY LF 183 51.88 -4.18 -79.45
C GLY LF 183 52.92 -5.18 -79.89
N TRP LF 184 52.88 -5.58 -81.16
CA TRP LF 184 53.92 -6.44 -81.74
C TRP LF 184 55.29 -5.83 -81.50
N LYS LF 185 55.43 -4.55 -81.80
CA LYS LF 185 56.71 -3.87 -81.62
C LYS LF 185 57.15 -3.88 -80.17
N ASN LF 186 56.23 -3.60 -79.25
CA ASN LF 186 56.59 -3.56 -77.84
C ASN LF 186 57.03 -4.93 -77.34
N GLY LF 187 56.34 -5.99 -77.78
CA GLY LF 187 56.75 -7.33 -77.41
C GLY LF 187 58.13 -7.67 -77.93
N ILE LF 188 58.43 -7.25 -79.16
CA ILE LF 188 59.75 -7.44 -79.71
C ILE LF 188 60.80 -6.77 -78.84
N ASP LF 189 60.53 -5.53 -78.44
CA ASP LF 189 61.47 -4.79 -77.60
C ASP LF 189 61.69 -5.51 -76.27
N GLN LF 190 60.62 -6.00 -75.66
CA GLN LF 190 60.75 -6.69 -74.39
C GLN LF 190 61.61 -7.95 -74.55
N ALA LF 191 61.38 -8.70 -75.62
CA ALA LF 191 62.18 -9.92 -75.84
C ALA LF 191 63.66 -9.57 -76.00
N ASN LF 192 63.95 -8.53 -76.77
CA ASN LF 192 65.35 -8.13 -76.96
C ASN LF 192 65.98 -7.75 -75.62
N THR LF 193 65.25 -7.00 -74.80
CA THR LF 193 65.79 -6.61 -73.50
C THR LF 193 66.07 -7.83 -72.64
N ILE LF 194 65.15 -8.80 -72.63
CA ILE LF 194 65.35 -9.99 -71.83
C ILE LF 194 66.59 -10.74 -72.27
N LEU LF 195 66.75 -10.91 -73.58
CA LEU LF 195 67.92 -11.62 -74.08
C LEU LF 195 69.21 -10.90 -73.69
N GLU LF 196 69.20 -9.56 -73.79
CA GLU LF 196 70.38 -8.79 -73.43
C GLU LF 196 70.74 -8.99 -71.97
N GLU LF 197 69.73 -8.95 -71.10
CA GLU LF 197 70.00 -9.16 -69.67
C GLU LF 197 70.58 -10.54 -69.43
N ASN LF 198 70.02 -11.56 -70.07
CA ASN LF 198 70.51 -12.92 -69.87
C ASN LF 198 71.96 -13.06 -70.30
N ILE LF 199 72.29 -12.54 -71.50
CA ILE LF 199 73.65 -12.71 -71.98
C ILE LF 199 74.62 -11.94 -71.11
N ALA LF 200 74.21 -10.76 -70.62
CA ALA LF 200 75.06 -10.04 -69.70
C ALA LF 200 75.33 -10.85 -68.45
N ARG LF 201 74.30 -11.50 -67.91
CA ARG LF 201 74.47 -12.28 -66.68
C ARG LF 201 75.47 -13.42 -66.88
N ILE LF 202 75.30 -14.17 -67.97
CA ILE LF 202 76.18 -15.33 -68.16
C ILE LF 202 77.60 -14.86 -68.44
N LYS LF 203 77.76 -13.78 -69.19
CA LYS LF 203 79.09 -13.25 -69.42
C LYS LF 203 79.74 -12.82 -68.11
N GLU LF 204 78.96 -12.23 -67.21
CA GLU LF 204 79.50 -11.83 -65.92
C GLU LF 204 80.00 -13.04 -65.14
N ASP LF 205 79.22 -14.12 -65.13
CA ASP LF 205 79.65 -15.32 -64.42
C ASP LF 205 80.94 -15.87 -65.00
N PHE LF 206 81.02 -15.97 -66.33
CA PHE LF 206 82.22 -16.51 -66.96
C PHE LF 206 83.42 -15.62 -66.66
N GLY LF 207 83.23 -14.31 -66.73
CA GLY LF 207 84.32 -13.40 -66.42
C GLY LF 207 84.81 -13.55 -65.00
N GLY LF 208 83.88 -13.73 -64.05
CA GLY LF 208 84.28 -13.97 -62.68
C GLY LF 208 85.11 -15.23 -62.54
N MET LF 209 84.71 -16.29 -63.22
CA MET LF 209 85.49 -17.53 -63.18
C MET LF 209 86.91 -17.31 -63.73
N ILE LF 210 87.01 -16.62 -64.87
CA ILE LF 210 88.30 -16.37 -65.47
C ILE LF 210 89.16 -15.53 -64.52
N LEU LF 211 88.54 -14.54 -63.88
CA LEU LF 211 89.27 -13.69 -62.96
C LEU LF 211 89.81 -14.49 -61.79
N TYR LF 212 89.00 -15.42 -61.26
CA TYR LF 212 89.50 -16.25 -60.17
C TYR LF 212 90.69 -17.08 -60.64
N ARG LF 213 90.61 -17.66 -61.83
CA ARG LF 213 91.74 -18.44 -62.33
C ARG LF 213 92.99 -17.58 -62.41
N LYS LF 214 92.86 -16.38 -62.98
CA LYS LF 214 94.02 -15.50 -63.12
C LYS LF 214 94.63 -15.17 -61.76
N LEU LF 215 93.79 -14.79 -60.80
CA LEU LF 215 94.32 -14.38 -59.50
C LEU LF 215 94.94 -15.55 -58.75
N LEU LF 216 94.31 -16.72 -58.84
CA LEU LF 216 94.89 -17.90 -58.20
C LEU LF 216 96.25 -18.23 -58.79
N ALA LF 217 96.38 -18.12 -60.12
CA ALA LF 217 97.69 -18.30 -60.73
C ALA LF 217 98.67 -17.26 -60.22
N MET LF 218 98.25 -16.00 -60.15
CA MET LF 218 99.12 -14.92 -59.71
C MET LF 218 99.41 -14.97 -58.23
N ASN LF 219 98.79 -15.90 -57.50
CA ASN LF 219 98.96 -16.05 -56.06
C ASN LF 219 98.48 -14.79 -55.33
N MET LF 220 97.19 -14.51 -55.51
CA MET LF 220 96.51 -13.47 -54.76
C MET LF 220 95.43 -14.02 -53.84
N VAL LF 221 95.10 -15.31 -53.96
CA VAL LF 221 94.06 -15.93 -53.15
C VAL LF 221 94.57 -17.26 -52.62
N SER LF 222 93.94 -17.72 -51.55
CA SER LF 222 94.31 -19.00 -50.97
C SER LF 222 93.72 -20.13 -51.80
N PRO LF 223 94.52 -21.12 -52.18
CA PRO LF 223 93.96 -22.24 -52.94
C PRO LF 223 93.01 -23.06 -52.11
N PRO LF 224 92.03 -23.69 -52.72
CA PRO LF 224 91.09 -24.51 -51.94
C PRO LF 224 91.76 -25.74 -51.34
N TYR LF 225 91.89 -25.77 -50.02
CA TYR LF 225 92.48 -26.90 -49.32
C TYR LF 225 91.38 -27.82 -48.82
N VAL LF 226 91.51 -29.12 -49.11
CA VAL LF 226 90.46 -30.10 -48.87
C VAL LF 226 91.07 -31.29 -48.14
N SER LF 227 90.38 -31.76 -47.10
CA SER LF 227 90.82 -32.90 -46.31
C SER LF 227 89.82 -34.04 -46.42
N HIS LF 228 90.34 -35.27 -46.45
CA HIS LF 228 89.51 -36.45 -46.57
C HIS LF 228 89.92 -37.48 -45.54
N THR LF 229 88.96 -38.30 -45.13
CA THR LF 229 89.19 -39.41 -44.22
C THR LF 229 88.55 -40.67 -44.78
N ASP LF 230 89.11 -41.81 -44.41
CA ASP LF 230 88.67 -43.08 -44.98
C ASP LF 230 88.57 -44.13 -43.87
N LEU LF 231 87.51 -44.92 -43.94
CA LEU LF 231 87.29 -46.03 -43.03
C LEU LF 231 86.93 -47.27 -43.82
N GLY LF 232 87.23 -48.43 -43.25
CA GLY LF 232 86.98 -49.68 -43.95
C GLY LF 232 85.53 -50.07 -43.93
N VAL LF 233 85.26 -51.37 -43.86
CA VAL LF 233 83.88 -51.84 -43.82
C VAL LF 233 83.19 -51.31 -42.56
N THR LF 234 81.88 -51.14 -42.66
CA THR LF 234 81.12 -50.63 -41.53
C THR LF 234 79.67 -51.06 -41.68
N GLY LF 235 78.95 -51.02 -40.56
CA GLY LF 235 77.56 -51.39 -40.52
C GLY LF 235 77.33 -52.66 -39.72
N ASP LF 236 76.05 -53.01 -39.61
CA ASP LF 236 75.63 -54.19 -38.88
C ASP LF 236 75.55 -55.38 -39.83
N GLY LF 237 74.94 -56.47 -39.37
CA GLY LF 237 74.70 -57.61 -40.23
C GLY LF 237 73.57 -57.43 -41.23
N SER LF 238 72.94 -56.26 -41.24
CA SER LF 238 71.90 -55.94 -42.22
C SER LF 238 72.35 -54.90 -43.23
N GLU LF 239 73.09 -53.89 -42.81
CA GLU LF 239 73.62 -52.87 -43.70
C GLU LF 239 75.14 -52.91 -43.66
N ILE LF 240 75.77 -52.82 -44.83
CA ILE LF 240 77.21 -52.81 -44.94
C ILE LF 240 77.64 -51.74 -45.93
N HIS LF 241 78.88 -51.27 -45.75
CA HIS LF 241 79.51 -50.35 -46.67
C HIS LF 241 80.99 -50.70 -46.73
N ILE LF 242 81.47 -51.05 -47.92
CA ILE LF 242 82.80 -51.63 -48.05
C ILE LF 242 83.87 -50.65 -47.60
N ASP LF 243 83.79 -49.41 -48.06
CA ASP LF 243 84.73 -48.37 -47.64
C ASP LF 243 84.00 -47.04 -47.61
N ASP LF 244 84.03 -46.39 -46.45
CA ASP LF 244 83.35 -45.12 -46.26
C ASP LF 244 84.38 -44.00 -46.34
N ARG LF 245 84.19 -43.09 -47.30
CA ARG LF 245 85.14 -42.02 -47.54
C ARG LF 245 84.42 -40.68 -47.37
N VAL LF 246 84.97 -39.83 -46.51
CA VAL LF 246 84.36 -38.55 -46.17
C VAL LF 246 85.27 -37.44 -46.69
N LEU LF 247 84.68 -36.50 -47.42
CA LEU LF 247 85.39 -35.39 -48.01
C LEU LF 247 84.88 -34.09 -47.43
N ARG LF 248 85.79 -33.20 -47.02
CA ARG LF 248 85.40 -31.88 -46.57
C ARG LF 248 86.41 -30.87 -47.10
N ILE LF 249 85.98 -29.63 -47.23
CA ILE LF 249 86.85 -28.53 -47.60
C ILE LF 249 86.94 -27.62 -46.39
N THR LF 250 87.96 -27.83 -45.56
CA THR LF 250 88.06 -27.10 -44.31
C THR LF 250 88.43 -25.65 -44.52
N ALA LF 251 89.17 -25.34 -45.59
CA ALA LF 251 89.64 -23.98 -45.85
C ALA LF 251 89.04 -23.51 -47.18
N LEU LF 252 88.11 -22.57 -47.10
CA LEU LF 252 87.54 -21.99 -48.31
C LEU LF 252 88.53 -21.01 -48.92
N PRO LF 253 88.61 -20.93 -50.25
CA PRO LF 253 89.49 -19.95 -50.88
C PRO LF 253 89.09 -18.53 -50.50
N GLU LF 254 90.09 -17.68 -50.29
CA GLU LF 254 89.85 -16.29 -49.94
C GLU LF 254 91.08 -15.47 -50.28
N LEU LF 255 90.92 -14.16 -50.24
CA LEU LF 255 91.99 -13.23 -50.59
C LEU LF 255 93.05 -13.17 -49.49
N ASN LF 256 94.26 -12.81 -49.88
CA ASN LF 256 95.36 -12.59 -48.95
C ASN LF 256 95.62 -11.10 -48.79
N VAL LF 257 96.38 -10.76 -47.75
CA VAL LF 257 96.68 -9.36 -47.46
C VAL LF 257 98.16 -9.07 -47.41
N ASN LF 258 99.02 -10.05 -47.17
CA ASN LF 258 100.47 -9.81 -47.15
C ASN LF 258 100.94 -9.65 -48.58
N SER LF 259 101.12 -8.41 -49.02
CA SER LF 259 101.47 -8.14 -50.40
C SER LF 259 102.91 -8.51 -50.74
N ALA LF 260 103.78 -8.61 -49.75
CA ALA LF 260 105.18 -8.91 -50.03
C ALA LF 260 105.37 -10.28 -50.65
N GLU LF 261 104.37 -11.14 -50.57
CA GLU LF 261 104.43 -12.46 -51.19
C GLU LF 261 103.83 -12.49 -52.57
N TRP LF 262 103.34 -11.36 -53.07
CA TRP LF 262 102.69 -11.34 -54.37
C TRP LF 262 103.70 -11.54 -55.48
N ARG LF 263 103.27 -12.26 -56.53
CA ARG LF 263 104.12 -12.61 -57.65
C ARG LF 263 103.63 -11.90 -58.91
N ALA LF 264 104.58 -11.47 -59.75
CA ALA LF 264 104.28 -10.75 -60.97
C ALA LF 264 104.74 -11.55 -62.18
N ALA LF 265 104.28 -11.11 -63.35
CA ALA LF 265 104.62 -11.75 -64.61
C ALA LF 265 104.88 -10.68 -65.66
N VAL LF 266 105.75 -11.01 -66.62
CA VAL LF 266 106.09 -10.10 -67.72
C VAL LF 266 105.98 -10.86 -69.02
N ALA LF 267 105.26 -10.29 -69.99
CA ALA LF 267 105.04 -10.92 -71.27
C ALA LF 267 106.20 -10.67 -72.24
N LYS LF 268 105.99 -10.97 -73.51
CA LYS LF 268 106.97 -10.68 -74.54
C LYS LF 268 106.31 -10.25 -75.84
N LYS MF 60 30.41 -36.88 -73.62
CA LYS MF 60 31.55 -36.01 -73.86
C LYS MF 60 32.81 -36.56 -73.18
N GLU MF 61 32.67 -36.96 -71.93
CA GLU MF 61 33.75 -37.64 -71.21
C GLU MF 61 33.38 -39.05 -70.78
N THR MF 62 32.10 -39.40 -70.74
CA THR MF 62 31.71 -40.80 -70.60
C THR MF 62 32.33 -41.63 -71.71
N ALA MF 63 32.50 -41.04 -72.89
CA ALA MF 63 33.21 -41.70 -73.97
C ALA MF 63 34.59 -42.12 -73.52
N LEU MF 64 35.36 -41.19 -72.96
CA LEU MF 64 36.71 -41.49 -72.50
C LEU MF 64 36.68 -42.57 -71.42
N SER MF 65 35.76 -42.43 -70.47
CA SER MF 65 35.70 -43.38 -69.35
C SER MF 65 35.44 -44.80 -69.85
N VAL MF 66 34.40 -44.97 -70.67
CA VAL MF 66 34.05 -46.31 -71.14
C VAL MF 66 35.13 -46.85 -72.06
N GLY MF 67 35.74 -45.99 -72.89
CA GLY MF 67 36.81 -46.46 -73.73
C GLY MF 67 37.98 -46.98 -72.94
N ALA MF 68 38.38 -46.24 -71.91
CA ALA MF 68 39.48 -46.70 -71.07
C ALA MF 68 39.14 -48.01 -70.38
N GLN MF 69 37.92 -48.12 -69.86
CA GLN MF 69 37.54 -49.35 -69.17
C GLN MF 69 37.57 -50.54 -70.11
N ALA MF 70 36.96 -50.41 -71.29
CA ALA MF 70 36.91 -51.51 -72.24
C ALA MF 70 38.32 -51.88 -72.71
N GLY MF 71 39.15 -50.87 -72.98
CA GLY MF 71 40.51 -51.17 -73.42
C GLY MF 71 41.31 -51.89 -72.36
N LEU MF 72 41.23 -51.41 -71.11
CA LEU MF 72 41.91 -52.08 -70.02
C LEU MF 72 41.46 -53.53 -69.93
N ALA MF 73 40.15 -53.77 -69.93
CA ALA MF 73 39.64 -55.12 -69.77
C ALA MF 73 40.11 -56.02 -70.91
N TRP MF 74 39.98 -55.56 -72.15
CA TRP MF 74 40.34 -56.38 -73.30
C TRP MF 74 41.82 -56.70 -73.31
N ARG MF 75 42.66 -55.68 -73.12
CA ARG MF 75 44.10 -55.91 -73.13
C ARG MF 75 44.50 -56.84 -71.99
N ALA MF 76 43.91 -56.66 -70.81
CA ALA MF 76 44.23 -57.50 -69.68
C ALA MF 76 43.86 -58.96 -69.96
N LYS MF 77 42.67 -59.19 -70.50
CA LYS MF 77 42.28 -60.56 -70.78
C LYS MF 77 43.21 -61.19 -71.82
N ILE MF 78 43.55 -60.44 -72.87
CA ILE MF 78 44.41 -60.98 -73.91
C ILE MF 78 45.78 -61.34 -73.35
N ILE MF 79 46.36 -60.43 -72.56
CA ILE MF 79 47.70 -60.68 -72.05
C ILE MF 79 47.68 -61.85 -71.08
N ASP MF 80 46.65 -61.93 -70.23
CA ASP MF 80 46.59 -63.02 -69.27
C ASP MF 80 46.45 -64.37 -69.97
N GLU MF 81 45.59 -64.44 -70.99
CA GLU MF 81 45.41 -65.72 -71.67
C GLU MF 81 46.66 -66.09 -72.45
N GLN MF 82 47.36 -65.11 -73.03
CA GLN MF 82 48.61 -65.42 -73.70
C GLN MF 82 49.65 -65.94 -72.71
N LEU MF 83 49.74 -65.32 -71.53
CA LEU MF 83 50.64 -65.81 -70.50
C LEU MF 83 50.31 -67.25 -70.14
N ASN MF 84 49.04 -67.53 -69.90
CA ASN MF 84 48.64 -68.88 -69.53
C ASN MF 84 48.96 -69.87 -70.64
N LYS MF 85 48.76 -69.47 -71.89
CA LYS MF 85 49.11 -70.34 -73.00
C LYS MF 85 50.60 -70.67 -72.98
N GLN MF 86 51.43 -69.67 -72.76
CA GLN MF 86 52.87 -69.90 -72.65
C GLN MF 86 53.20 -70.18 -71.19
N ALA MF 87 52.90 -71.40 -70.76
CA ALA MF 87 52.94 -71.74 -69.33
C ALA MF 87 54.27 -72.37 -68.92
N ARG MF 88 54.60 -73.53 -69.49
CA ARG MF 88 55.56 -74.43 -68.86
C ARG MF 88 56.93 -73.77 -68.71
N ASN MF 89 57.38 -73.03 -69.71
CA ASN MF 89 58.69 -72.41 -69.62
C ASN MF 89 58.74 -71.40 -68.49
N LEU MF 90 57.63 -70.77 -68.17
CA LEU MF 90 57.61 -69.79 -67.09
C LEU MF 90 57.93 -70.44 -65.75
N ASP MF 91 57.20 -71.51 -65.41
CA ASP MF 91 57.50 -72.22 -64.17
C ASP MF 91 58.87 -72.87 -64.22
N ALA MF 92 59.30 -73.28 -65.42
CA ALA MF 92 60.64 -73.85 -65.55
C ALA MF 92 61.70 -72.84 -65.13
N ILE MF 93 61.63 -71.62 -65.66
CA ILE MF 93 62.64 -70.63 -65.32
C ILE MF 93 62.49 -70.17 -63.88
N TYR MF 94 61.28 -70.02 -63.39
CA TYR MF 94 61.06 -69.53 -62.03
C TYR MF 94 60.86 -70.70 -61.07
N ASP MF 95 61.87 -71.55 -61.01
CA ASP MF 95 61.83 -72.75 -60.17
C ASP MF 95 62.24 -72.35 -58.76
N PHE MF 96 61.24 -72.13 -57.91
CA PHE MF 96 61.51 -71.72 -56.54
C PHE MF 96 62.09 -72.85 -55.71
N ASN MF 97 61.51 -74.06 -55.85
CA ASN MF 97 61.70 -75.09 -54.84
C ASN MF 97 63.16 -75.51 -54.73
N SER MF 98 63.86 -75.64 -55.86
CA SER MF 98 65.24 -76.10 -55.81
C SER MF 98 66.15 -75.12 -55.06
N LEU MF 99 65.71 -73.90 -54.85
CA LEU MF 99 66.46 -72.94 -54.06
C LEU MF 99 66.08 -72.95 -52.59
N VAL MF 100 65.09 -73.75 -52.21
CA VAL MF 100 64.74 -73.87 -50.80
C VAL MF 100 65.86 -74.60 -50.07
N LEU MF 101 66.22 -74.10 -48.90
CA LEU MF 101 67.30 -74.68 -48.11
C LEU MF 101 66.84 -76.01 -47.52
N GLU MF 102 67.71 -76.63 -46.72
CA GLU MF 102 67.45 -77.98 -46.24
C GLU MF 102 66.22 -78.03 -45.32
N HIS MF 103 66.08 -77.07 -44.43
CA HIS MF 103 65.06 -77.13 -43.40
C HIS MF 103 63.75 -76.48 -43.82
N ASN MF 104 63.43 -76.49 -45.12
CA ASN MF 104 62.22 -75.88 -45.64
C ASN MF 104 62.13 -74.42 -45.23
N ILE MF 105 63.26 -73.73 -45.27
CA ILE MF 105 63.37 -72.34 -44.88
C ILE MF 105 63.58 -71.51 -46.13
N LEU MF 106 62.70 -70.53 -46.34
CA LEU MF 106 62.85 -69.64 -47.48
C LEU MF 106 64.07 -68.77 -47.27
N PRO MF 107 65.07 -68.81 -48.15
CA PRO MF 107 66.24 -67.97 -47.99
C PRO MF 107 65.88 -66.50 -48.14
N PRO MF 108 66.64 -65.61 -47.52
CA PRO MF 108 66.31 -64.19 -47.61
C PRO MF 108 66.64 -63.61 -48.96
N VAL MF 109 66.51 -62.29 -49.10
CA VAL MF 109 66.70 -61.60 -50.37
C VAL MF 109 67.71 -60.49 -50.16
N LEU MF 110 68.65 -60.37 -51.09
CA LEU MF 110 69.75 -59.42 -50.99
C LEU MF 110 69.62 -58.35 -52.06
N LEU MF 111 69.97 -57.12 -51.69
CA LEU MF 111 69.95 -55.98 -52.59
C LEU MF 111 71.38 -55.47 -52.75
N GLU MF 112 71.81 -55.29 -53.99
CA GLU MF 112 73.19 -54.95 -54.27
C GLU MF 112 73.27 -53.64 -55.04
N GLY MF 113 74.31 -52.86 -54.75
CA GLY MF 113 74.54 -51.62 -55.45
C GLY MF 113 76.03 -51.34 -55.53
N ARG MF 114 76.43 -50.59 -56.55
CA ARG MF 114 77.84 -50.36 -56.81
C ARG MF 114 78.11 -48.89 -57.12
N ASN MF 115 79.23 -48.39 -56.60
CA ASN MF 115 79.74 -47.06 -56.90
C ASN MF 115 78.70 -45.98 -56.60
N THR MF 116 78.38 -45.86 -55.32
CA THR MF 116 77.40 -44.90 -54.87
C THR MF 116 78.07 -43.64 -54.34
N LEU MF 117 77.34 -42.54 -54.41
CA LEU MF 117 77.81 -41.26 -53.88
C LEU MF 117 76.60 -40.40 -53.55
N ASN MF 118 76.67 -39.71 -52.42
CA ASN MF 118 75.61 -38.81 -51.98
C ASN MF 118 76.24 -37.49 -51.54
N LEU MF 119 75.72 -36.38 -52.06
CA LEU MF 119 76.14 -35.06 -51.64
C LEU MF 119 75.11 -34.52 -50.65
N ALA MF 120 75.57 -34.09 -49.48
CA ALA MF 120 74.66 -33.52 -48.49
C ALA MF 120 74.60 -32.00 -48.64
N ASP MF 121 75.75 -31.34 -48.63
CA ASP MF 121 75.84 -29.90 -48.78
C ASP MF 121 77.30 -29.57 -49.08
N ALA MF 122 77.64 -28.29 -49.00
CA ALA MF 122 79.02 -27.88 -49.23
C ALA MF 122 79.95 -28.62 -48.28
N GLN MF 123 81.09 -29.07 -48.82
CA GLN MF 123 82.11 -29.79 -48.07
C GLN MF 123 81.55 -31.05 -47.42
N SER MF 124 80.57 -31.70 -48.05
CA SER MF 124 79.96 -32.89 -47.48
C SER MF 124 79.53 -33.81 -48.62
N ILE MF 125 80.38 -34.77 -48.96
CA ILE MF 125 80.05 -35.79 -49.95
C ILE MF 125 80.55 -37.13 -49.43
N ARG MF 126 79.70 -38.14 -49.48
CA ARG MF 126 80.02 -39.47 -48.99
C ARG MF 126 79.96 -40.45 -50.14
N ILE MF 127 81.05 -41.19 -50.35
CA ILE MF 127 81.19 -42.06 -51.50
C ILE MF 127 81.52 -43.46 -51.02
N SER MF 128 80.90 -44.47 -51.63
CA SER MF 128 81.18 -45.86 -51.33
C SER MF 128 81.25 -46.64 -52.62
N ASP MF 129 81.94 -47.78 -52.58
CA ASP MF 129 82.11 -48.61 -53.76
C ASP MF 129 80.96 -49.59 -53.96
N ARG MF 130 80.67 -50.40 -52.94
CA ARG MF 130 79.61 -51.39 -53.05
C ARG MF 130 78.81 -51.43 -51.75
N THR MF 131 77.55 -51.85 -51.89
CA THR MF 131 76.63 -51.93 -50.77
C THR MF 131 75.71 -53.12 -50.96
N TYR MF 132 75.38 -53.78 -49.85
CA TYR MF 132 74.42 -54.88 -49.86
C TYR MF 132 73.47 -54.72 -48.68
N LYS MF 133 72.24 -55.15 -48.88
CA LYS MF 133 71.17 -54.94 -47.91
C LYS MF 133 70.31 -56.19 -47.83
N VAL MF 134 69.73 -56.42 -46.66
CA VAL MF 134 68.83 -57.55 -46.44
C VAL MF 134 67.40 -57.02 -46.60
N ALA MF 135 66.76 -57.37 -47.72
CA ALA MF 135 65.43 -56.84 -47.99
C ALA MF 135 64.37 -57.45 -47.09
N LYS MF 136 64.20 -58.77 -47.17
CA LYS MF 136 63.20 -59.47 -46.37
C LYS MF 136 63.89 -60.60 -45.62
N GLN MF 137 63.70 -60.64 -44.31
CA GLN MF 137 64.34 -61.66 -43.49
C GLN MF 137 63.78 -63.03 -43.81
N ALA MF 138 64.63 -64.04 -43.74
CA ALA MF 138 64.22 -65.40 -44.03
C ALA MF 138 63.17 -65.88 -43.03
N HIS MF 139 62.34 -66.80 -43.48
CA HIS MF 139 61.26 -67.32 -42.64
C HIS MF 139 60.77 -68.64 -43.20
N PHE MF 140 59.96 -69.33 -42.41
CA PHE MF 140 59.47 -70.64 -42.79
C PHE MF 140 58.53 -70.55 -44.00
N ILE MF 141 58.19 -71.71 -44.52
CA ILE MF 141 57.35 -71.82 -45.72
C ILE MF 141 56.84 -73.24 -45.84
N THR MF 142 55.59 -73.40 -46.29
CA THR MF 142 55.03 -74.72 -46.50
C THR MF 142 54.91 -75.10 -47.97
N THR MF 143 55.09 -74.16 -48.88
CA THR MF 143 55.01 -74.43 -50.32
C THR MF 143 55.63 -73.27 -51.09
N PRO MF 144 56.48 -73.55 -52.06
CA PRO MF 144 57.14 -72.48 -52.80
C PRO MF 144 56.15 -71.62 -53.55
N PRO MF 145 56.37 -70.31 -53.60
CA PRO MF 145 55.54 -69.46 -54.46
C PRO MF 145 55.84 -69.71 -55.93
N THR MF 146 54.90 -69.33 -56.77
CA THR MF 146 54.99 -69.52 -58.21
C THR MF 146 55.02 -68.17 -58.92
N TRP MF 147 55.15 -68.24 -60.24
CA TRP MF 147 55.08 -67.05 -61.08
C TRP MF 147 53.73 -66.36 -60.98
N ARG MF 148 52.69 -67.10 -60.59
CA ARG MF 148 51.34 -66.58 -60.67
C ARG MF 148 51.13 -65.42 -59.70
N GLN MF 149 51.67 -65.54 -58.49
CA GLN MF 149 51.45 -64.50 -57.48
C GLN MF 149 52.20 -63.24 -57.76
N TYR MF 150 52.85 -63.14 -58.92
CA TYR MF 150 53.54 -61.92 -59.28
C TYR MF 150 53.10 -61.45 -60.65
N LEU MF 151 52.84 -62.39 -61.56
CA LEU MF 151 52.57 -62.06 -62.96
C LEU MF 151 51.10 -62.02 -63.31
N TRP MF 152 50.30 -62.92 -62.75
CA TRP MF 152 48.88 -62.93 -63.07
C TRP MF 152 48.24 -61.64 -62.56
N MET MF 153 47.36 -61.08 -63.37
CA MET MF 153 46.61 -59.89 -62.98
C MET MF 153 45.13 -60.13 -63.24
N ASP MF 154 44.30 -59.53 -62.39
CA ASP MF 154 42.88 -59.83 -62.39
C ASP MF 154 42.18 -59.27 -63.63
N TYR MF 155 40.97 -59.75 -63.85
CA TYR MF 155 40.18 -59.32 -65.00
C TYR MF 155 38.70 -59.55 -64.69
N VAL MF 156 37.94 -58.47 -64.56
CA VAL MF 156 36.49 -58.53 -64.46
C VAL MF 156 35.92 -57.68 -65.59
N LYS MF 157 35.18 -58.31 -66.47
CA LYS MF 157 34.71 -57.64 -67.67
C LYS MF 157 33.58 -56.68 -67.32
N PRO MF 158 33.67 -55.40 -67.68
CA PRO MF 158 32.50 -54.53 -67.57
C PRO MF 158 31.53 -54.78 -68.72
N GLU MF 159 30.24 -54.63 -68.42
CA GLU MF 159 29.21 -54.82 -69.44
C GLU MF 159 28.11 -53.77 -69.40
N ALA MF 160 28.26 -52.70 -68.62
CA ALA MF 160 27.17 -51.74 -68.40
C ALA MF 160 27.65 -50.33 -68.73
N PRO MF 161 27.76 -49.99 -70.00
CA PRO MF 161 27.95 -48.58 -70.37
C PRO MF 161 26.66 -47.82 -70.13
N ASN MF 162 26.62 -47.00 -69.09
CA ASN MF 162 25.38 -46.34 -68.71
C ASN MF 162 24.88 -45.47 -69.86
N VAL MF 163 23.73 -45.85 -70.42
CA VAL MF 163 23.22 -45.22 -71.64
C VAL MF 163 22.42 -44.00 -71.20
N THR MF 164 23.13 -42.91 -70.94
CA THR MF 164 22.52 -41.63 -70.64
C THR MF 164 22.87 -40.58 -71.69
N LEU MF 165 24.16 -40.35 -71.93
CA LEU MF 165 24.62 -39.46 -72.99
C LEU MF 165 24.89 -40.33 -74.20
N LEU MF 166 24.03 -40.23 -75.20
CA LEU MF 166 24.12 -41.04 -76.40
C LEU MF 166 24.41 -40.18 -77.61
N PRO MF 167 24.99 -40.75 -78.66
CA PRO MF 167 25.24 -39.97 -79.87
C PRO MF 167 23.93 -39.57 -80.55
N LYS MF 168 23.79 -38.28 -80.83
CA LYS MF 168 22.59 -37.74 -81.46
C LYS MF 168 22.85 -37.16 -82.83
N THR MF 169 23.82 -36.24 -82.94
CA THR MF 169 24.20 -35.64 -84.20
C THR MF 169 25.56 -36.18 -84.65
N LYS MF 170 25.85 -35.96 -85.93
CA LYS MF 170 26.98 -36.64 -86.57
C LYS MF 170 28.30 -36.24 -85.96
N ALA MF 171 28.53 -34.95 -85.77
CA ALA MF 171 29.77 -34.50 -85.14
C ALA MF 171 29.90 -35.04 -83.73
N GLU MF 172 28.78 -35.13 -83.00
CA GLU MF 172 28.79 -35.73 -81.68
C GLU MF 172 29.23 -37.19 -81.77
N LYS MF 173 28.70 -37.92 -82.74
CA LYS MF 173 29.09 -39.32 -82.90
C LYS MF 173 30.57 -39.44 -83.20
N GLU MF 174 31.08 -38.57 -84.07
CA GLU MF 174 32.50 -38.65 -84.46
C GLU MF 174 33.42 -38.35 -83.28
N ILE MF 175 33.14 -37.26 -82.55
CA ILE MF 175 33.98 -36.94 -81.41
C ILE MF 175 33.87 -38.01 -80.34
N TRP MF 176 32.68 -38.58 -80.16
CA TRP MF 176 32.50 -39.67 -79.23
C TRP MF 176 33.37 -40.87 -79.61
N CYS MF 177 33.35 -41.23 -80.90
CA CYS MF 177 34.14 -42.36 -81.37
C CYS MF 177 35.63 -42.13 -81.14
N ILE MF 178 36.12 -40.94 -81.50
CA ILE MF 178 37.56 -40.70 -81.39
C ILE MF 178 37.99 -40.65 -79.94
N TYR MF 179 37.16 -40.05 -79.07
CA TYR MF 179 37.50 -40.02 -77.65
C TYR MF 179 37.50 -41.42 -77.06
N THR MF 180 36.53 -42.25 -77.44
CA THR MF 180 36.54 -43.63 -76.98
C THR MF 180 37.81 -44.34 -77.43
N GLU MF 181 38.23 -44.12 -78.68
CA GLU MF 181 39.43 -44.76 -79.20
C GLU MF 181 40.65 -44.37 -78.39
N ARG MF 182 40.84 -43.07 -78.16
CA ARG MF 182 42.03 -42.64 -77.42
C ARG MF 182 41.99 -43.15 -75.99
N GLY MF 183 40.81 -43.14 -75.36
CA GLY MF 183 40.71 -43.68 -74.02
C GLY MF 183 41.06 -45.16 -73.96
N TRP MF 184 40.62 -45.93 -74.96
CA TRP MF 184 40.93 -47.34 -74.99
C TRP MF 184 42.43 -47.57 -75.18
N LYS MF 185 43.08 -46.74 -75.99
CA LYS MF 185 44.54 -46.80 -76.09
C LYS MF 185 45.19 -46.52 -74.75
N ASN MF 186 44.67 -45.52 -74.02
CA ASN MF 186 45.21 -45.21 -72.70
C ASN MF 186 45.08 -46.40 -71.76
N GLY MF 187 43.92 -47.06 -71.77
CA GLY MF 187 43.75 -48.25 -70.95
C GLY MF 187 44.75 -49.33 -71.29
N ILE MF 188 44.97 -49.55 -72.60
CA ILE MF 188 45.92 -50.57 -73.03
C ILE MF 188 47.31 -50.28 -72.47
N ASP MF 189 47.78 -49.05 -72.64
CA ASP MF 189 49.15 -48.75 -72.21
C ASP MF 189 49.26 -48.79 -70.69
N GLN MF 190 48.20 -48.39 -69.98
CA GLN MF 190 48.23 -48.46 -68.53
C GLN MF 190 48.36 -49.91 -68.06
N ALA MF 191 47.59 -50.81 -68.69
CA ALA MF 191 47.73 -52.23 -68.35
C ALA MF 191 49.14 -52.72 -68.63
N ASN MF 192 49.71 -52.28 -69.75
CA ASN MF 192 51.09 -52.66 -70.07
C ASN MF 192 52.05 -52.20 -68.98
N THR MF 193 51.88 -50.98 -68.50
CA THR MF 193 52.75 -50.45 -67.44
C THR MF 193 52.61 -51.27 -66.16
N ILE MF 194 51.38 -51.67 -65.83
CA ILE MF 194 51.17 -52.50 -64.64
C ILE MF 194 51.92 -53.83 -64.80
N LEU MF 195 51.83 -54.43 -66.00
CA LEU MF 195 52.60 -55.63 -66.27
C LEU MF 195 54.09 -55.38 -66.05
N GLU MF 196 54.59 -54.24 -66.52
CA GLU MF 196 55.99 -53.89 -66.33
C GLU MF 196 56.36 -53.90 -64.85
N GLU MF 197 55.51 -53.27 -64.02
CA GLU MF 197 55.79 -53.24 -62.60
C GLU MF 197 55.83 -54.63 -61.99
N ASN MF 198 54.87 -55.48 -62.39
CA ASN MF 198 54.85 -56.84 -61.87
C ASN MF 198 56.14 -57.58 -62.23
N ILE MF 199 56.57 -57.46 -63.48
CA ILE MF 199 57.78 -58.12 -63.93
C ILE MF 199 58.98 -57.62 -63.12
N ALA MF 200 59.04 -56.31 -62.89
CA ALA MF 200 60.12 -55.75 -62.09
C ALA MF 200 60.13 -56.36 -60.70
N ARG MF 201 58.96 -56.46 -60.08
CA ARG MF 201 58.89 -56.97 -58.71
C ARG MF 201 59.38 -58.42 -58.63
N ILE MF 202 58.91 -59.26 -59.55
CA ILE MF 202 59.28 -60.67 -59.47
C ILE MF 202 60.76 -60.85 -59.77
N LYS MF 203 61.28 -60.10 -60.75
CA LYS MF 203 62.71 -60.14 -61.01
C LYS MF 203 63.49 -59.71 -59.78
N GLU MF 204 62.99 -58.69 -59.08
CA GLU MF 204 63.63 -58.25 -57.84
C GLU MF 204 63.77 -59.39 -56.86
N ASP MF 205 62.67 -60.09 -56.60
CA ASP MF 205 62.70 -61.15 -55.60
C ASP MF 205 63.65 -62.28 -56.02
N PHE MF 206 63.57 -62.70 -57.29
CA PHE MF 206 64.42 -63.80 -57.73
C PHE MF 206 65.90 -63.41 -57.67
N GLY MF 207 66.23 -62.20 -58.11
CA GLY MF 207 67.61 -61.75 -58.05
C GLY MF 207 68.11 -61.66 -56.63
N GLY MF 208 67.26 -61.22 -55.70
CA GLY MF 208 67.65 -61.19 -54.31
C GLY MF 208 67.98 -62.56 -53.77
N MET MF 209 67.16 -63.56 -54.12
CA MET MF 209 67.46 -64.92 -53.71
C MET MF 209 68.80 -65.38 -54.26
N ILE MF 210 69.04 -65.10 -55.55
CA ILE MF 210 70.29 -65.50 -56.18
C ILE MF 210 71.48 -64.85 -55.47
N LEU MF 211 71.34 -63.56 -55.17
CA LEU MF 211 72.44 -62.84 -54.51
C LEU MF 211 72.70 -63.40 -53.12
N TYR MF 212 71.64 -63.80 -52.40
CA TYR MF 212 71.86 -64.47 -51.13
C TYR MF 212 72.69 -65.72 -51.32
N ARG MF 213 72.33 -66.53 -52.31
CA ARG MF 213 73.09 -67.75 -52.57
C ARG MF 213 74.56 -67.42 -52.83
N LYS MF 214 74.82 -66.39 -53.63
CA LYS MF 214 76.19 -66.10 -54.01
C LYS MF 214 76.99 -65.55 -52.83
N LEU MF 215 76.38 -64.72 -52.00
CA LEU MF 215 77.10 -64.24 -50.83
C LEU MF 215 77.38 -65.38 -49.85
N LEU MF 216 76.43 -66.30 -49.68
CA LEU MF 216 76.69 -67.46 -48.85
C LEU MF 216 77.84 -68.27 -49.39
N ALA MF 217 77.89 -68.43 -50.72
CA ALA MF 217 79.02 -69.13 -51.34
C ALA MF 217 80.33 -68.41 -51.07
N MET MF 218 80.33 -67.09 -51.19
CA MET MF 218 81.53 -66.30 -50.96
C MET MF 218 81.86 -66.15 -49.49
N ASN MF 219 81.03 -66.70 -48.61
CA ASN MF 219 81.25 -66.65 -47.16
C ASN MF 219 81.18 -65.21 -46.66
N MET MF 220 80.03 -64.59 -46.93
CA MET MF 220 79.75 -63.24 -46.47
C MET MF 220 78.53 -63.16 -45.56
N VAL MF 221 77.70 -64.20 -45.51
CA VAL MF 221 76.51 -64.21 -44.67
C VAL MF 221 76.46 -65.54 -43.93
N SER MF 222 76.25 -65.47 -42.62
CA SER MF 222 76.13 -66.69 -41.84
C SER MF 222 74.89 -67.46 -42.28
N PRO MF 223 74.99 -68.77 -42.46
CA PRO MF 223 73.81 -69.55 -42.82
C PRO MF 223 72.82 -69.59 -41.67
N PRO MF 224 71.53 -69.79 -41.97
CA PRO MF 224 70.55 -69.90 -40.89
C PRO MF 224 70.81 -71.13 -40.04
N TYR MF 225 70.37 -71.05 -38.78
CA TYR MF 225 70.58 -72.14 -37.83
C TYR MF 225 69.28 -72.46 -37.11
N VAL MF 226 69.05 -73.75 -36.91
CA VAL MF 226 67.81 -74.25 -36.32
C VAL MF 226 68.13 -75.36 -35.34
N SER MF 227 67.22 -75.58 -34.39
CA SER MF 227 67.31 -76.67 -33.44
C SER MF 227 65.99 -77.41 -33.35
N HIS MF 228 66.06 -78.73 -33.27
CA HIS MF 228 64.89 -79.57 -33.12
C HIS MF 228 64.94 -80.26 -31.76
N THR MF 229 63.86 -80.11 -31.00
CA THR MF 229 63.70 -80.76 -29.71
C THR MF 229 62.58 -81.78 -29.82
N ASP MF 230 62.85 -83.01 -29.41
CA ASP MF 230 61.89 -84.10 -29.52
C ASP MF 230 61.46 -84.55 -28.13
N LEU MF 231 60.15 -84.80 -28.00
CA LEU MF 231 59.56 -85.32 -26.78
C LEU MF 231 58.78 -86.57 -27.12
N GLY MF 232 58.76 -87.52 -26.19
CA GLY MF 232 58.10 -88.78 -26.43
C GLY MF 232 56.60 -88.67 -26.28
N VAL MF 233 55.99 -89.63 -25.59
CA VAL MF 233 54.56 -89.57 -25.33
C VAL MF 233 54.23 -88.28 -24.58
N THR MF 234 53.09 -87.69 -24.93
CA THR MF 234 52.71 -86.43 -24.32
C THR MF 234 51.20 -86.24 -24.44
N GLY MF 235 50.60 -85.69 -23.39
CA GLY MF 235 49.19 -85.41 -23.32
C GLY MF 235 48.60 -85.90 -22.02
N ASP MF 236 47.27 -85.92 -21.97
CA ASP MF 236 46.54 -86.38 -20.80
C ASP MF 236 45.93 -87.75 -21.10
N GLY MF 237 45.09 -88.24 -20.19
CA GLY MF 237 44.38 -89.48 -20.42
C GLY MF 237 43.39 -89.41 -21.56
N SER MF 238 42.99 -88.21 -21.97
CA SER MF 238 42.06 -88.03 -23.08
C SER MF 238 42.74 -87.69 -24.39
N GLU MF 239 43.88 -87.00 -24.34
CA GLU MF 239 44.62 -86.60 -25.53
C GLU MF 239 46.04 -87.11 -25.42
N ILE MF 240 46.53 -87.75 -26.48
CA ILE MF 240 47.88 -88.26 -26.48
C ILE MF 240 48.54 -87.98 -27.83
N HIS MF 241 49.86 -87.84 -27.80
CA HIS MF 241 50.67 -87.68 -29.01
C HIS MF 241 51.86 -88.61 -28.91
N ILE MF 242 52.21 -89.23 -30.03
CA ILE MF 242 53.27 -90.25 -30.01
C ILE MF 242 54.64 -89.59 -29.80
N ASP MF 243 55.05 -88.76 -30.74
CA ASP MF 243 56.33 -88.07 -30.66
C ASP MF 243 56.13 -86.63 -31.13
N ASP MF 244 56.39 -85.67 -30.24
CA ASP MF 244 56.22 -84.27 -30.57
C ASP MF 244 57.57 -83.67 -30.93
N ARG MF 245 57.67 -83.06 -32.11
CA ARG MF 245 58.89 -82.46 -32.59
C ARG MF 245 58.68 -80.95 -32.69
N VAL MF 246 59.55 -80.19 -32.04
CA VAL MF 246 59.48 -78.74 -32.02
C VAL MF 246 60.72 -78.22 -32.74
N LEU MF 247 60.51 -77.55 -33.87
CA LEU MF 247 61.59 -76.96 -34.64
C LEU MF 247 61.60 -75.45 -34.39
N ARG MF 248 62.75 -74.92 -34.01
CA ARG MF 248 62.86 -73.50 -33.71
C ARG MF 248 64.18 -72.97 -34.26
N ILE MF 249 64.11 -71.88 -35.02
CA ILE MF 249 65.29 -71.29 -35.62
C ILE MF 249 65.82 -70.20 -34.71
N THR MF 250 67.14 -70.06 -34.67
CA THR MF 250 67.79 -69.07 -33.82
C THR MF 250 68.60 -68.04 -34.61
N ALA MF 251 69.49 -68.49 -35.47
CA ALA MF 251 70.42 -67.59 -36.17
C ALA MF 251 69.79 -67.14 -37.48
N LEU MF 252 69.23 -65.95 -37.48
CA LEU MF 252 68.79 -65.33 -38.72
C LEU MF 252 70.01 -64.97 -39.55
N PRO MF 253 70.06 -65.34 -40.83
CA PRO MF 253 71.24 -65.04 -41.64
C PRO MF 253 71.51 -63.53 -41.69
N GLU MF 254 72.79 -63.18 -41.65
CA GLU MF 254 73.18 -61.78 -41.65
C GLU MF 254 74.61 -61.66 -42.18
N LEU MF 255 74.96 -60.44 -42.59
CA LEU MF 255 76.28 -60.18 -43.13
C LEU MF 255 77.32 -60.21 -42.02
N ASN MF 256 78.54 -60.60 -42.39
CA ASN MF 256 79.68 -60.61 -41.47
C ASN MF 256 80.67 -59.53 -41.88
N VAL MF 257 80.98 -58.64 -40.94
CA VAL MF 257 81.90 -57.54 -41.23
C VAL MF 257 83.36 -57.95 -41.16
N ASN MF 258 83.67 -59.09 -40.56
CA ASN MF 258 85.05 -59.54 -40.42
C ASN MF 258 85.56 -59.99 -41.78
N SER MF 259 86.31 -59.11 -42.44
CA SER MF 259 86.85 -59.42 -43.75
C SER MF 259 87.97 -60.44 -43.68
N ALA MF 260 88.53 -60.70 -42.50
CA ALA MF 260 89.68 -61.59 -42.39
C ALA MF 260 89.39 -63.01 -42.84
N GLU MF 261 88.13 -63.42 -42.80
CA GLU MF 261 87.74 -64.77 -43.22
C GLU MF 261 87.11 -64.78 -44.61
N TRP MF 262 87.18 -63.66 -45.33
CA TRP MF 262 86.57 -63.59 -46.65
C TRP MF 262 87.37 -64.43 -47.65
N ARG MF 263 86.66 -65.08 -48.55
CA ARG MF 263 87.25 -66.03 -49.49
C ARG MF 263 86.96 -65.57 -50.91
N ALA MF 264 87.98 -65.62 -51.77
CA ALA MF 264 87.84 -65.26 -53.17
C ALA MF 264 88.07 -66.48 -54.05
N ALA MF 265 87.52 -66.45 -55.25
CA ALA MF 265 87.63 -67.56 -56.18
C ALA MF 265 88.00 -67.04 -57.56
N VAL MF 266 88.65 -67.90 -58.34
CA VAL MF 266 89.12 -67.57 -59.67
C VAL MF 266 88.80 -68.72 -60.61
N ALA MF 267 88.23 -68.39 -61.77
CA ALA MF 267 87.82 -69.40 -62.74
C ALA MF 267 88.97 -69.66 -63.71
N LYS MF 268 88.66 -70.35 -64.81
CA LYS MF 268 89.65 -70.64 -65.84
C LYS MF 268 89.02 -70.55 -67.23
N ALA NF 104 50.51 61.30 91.60
CA ALA NF 104 49.47 60.31 91.42
C ALA NF 104 48.65 60.60 90.17
N GLU NF 105 48.80 61.80 89.63
CA GLU NF 105 48.10 62.22 88.43
C GLU NF 105 49.02 62.39 87.23
N VAL NF 106 50.17 63.05 87.41
CA VAL NF 106 51.15 63.16 86.34
C VAL NF 106 51.73 61.82 85.95
N ILE NF 107 51.52 60.78 86.77
CA ILE NF 107 51.87 59.42 86.40
C ILE NF 107 51.19 59.05 85.09
N ASP NF 108 49.92 59.41 84.97
CA ASP NF 108 49.17 59.11 83.76
C ASP NF 108 49.76 59.82 82.55
N LYS NF 109 50.12 61.10 82.70
CA LYS NF 109 50.71 61.84 81.60
C LYS NF 109 52.05 61.25 81.18
N LYS NF 110 52.89 60.87 82.16
CA LYS NF 110 54.18 60.28 81.83
C LYS NF 110 54.01 58.93 81.13
N ALA NF 111 53.06 58.12 81.61
CA ALA NF 111 52.80 56.84 80.95
C ALA NF 111 52.29 57.05 79.53
N PHE NF 112 51.44 58.06 79.34
CA PHE NF 112 50.98 58.38 77.99
C PHE NF 112 52.13 58.80 77.09
N LYS NF 113 53.04 59.61 77.62
CA LYS NF 113 54.21 60.02 76.85
C LYS NF 113 55.07 58.82 76.46
N ASP NF 114 55.29 57.91 77.41
CA ASP NF 114 56.09 56.72 77.12
C ASP NF 114 55.40 55.83 76.11
N MET NF 115 54.07 55.69 76.20
CA MET NF 115 53.33 54.91 75.23
C MET NF 115 53.43 55.51 73.84
N THR NF 116 53.33 56.85 73.76
CA THR NF 116 53.47 57.51 72.47
C THR NF 116 54.85 57.27 71.88
N ARG NF 117 55.89 57.37 72.72
CA ARG NF 117 57.24 57.11 72.26
C ARG NF 117 57.39 55.68 71.76
N ASN NF 118 56.82 54.72 72.49
CA ASN NF 118 56.89 53.32 72.06
C ASN NF 118 56.16 53.11 70.74
N LEU NF 119 54.98 53.72 70.60
CA LEU NF 119 54.22 53.57 69.37
C LEU NF 119 54.96 54.14 68.17
N TYR NF 120 55.57 55.30 68.34
CA TYR NF 120 56.26 55.99 67.25
C TYR NF 120 57.69 56.29 67.68
N PRO NF 121 58.57 55.29 67.62
CA PRO NF 121 59.97 55.53 68.01
C PRO NF 121 60.76 56.22 66.90
N LEU NF 122 60.07 56.69 65.88
CA LEU NF 122 60.70 57.37 64.76
C LEU NF 122 60.14 58.78 64.63
N ASN NF 123 61.02 59.75 64.46
CA ASN NF 123 60.58 61.12 64.26
C ASN NF 123 60.30 61.37 62.78
N PRO NF 124 59.36 62.27 62.47
CA PRO NF 124 59.04 62.53 61.06
C PRO NF 124 60.23 62.98 60.24
N GLU NF 125 61.09 63.84 60.78
CA GLU NF 125 62.26 64.27 60.03
C GLU NF 125 63.26 63.14 59.86
N GLN NF 126 63.36 62.25 60.85
CA GLN NF 126 64.19 61.06 60.70
C GLN NF 126 63.66 60.17 59.57
N VAL NF 127 62.35 60.02 59.49
CA VAL NF 127 61.74 59.25 58.42
C VAL NF 127 62.04 59.88 57.07
N VAL NF 128 61.92 61.20 56.98
CA VAL NF 128 62.18 61.89 55.72
C VAL NF 128 63.65 61.72 55.33
N LYS NF 129 64.56 61.85 56.29
CA LYS NF 129 65.98 61.66 56.00
C LYS NF 129 66.26 60.24 55.53
N LEU NF 130 65.64 59.25 56.17
CA LEU NF 130 65.82 57.88 55.74
C LEU NF 130 65.29 57.66 54.33
N LYS NF 131 64.15 58.27 54.01
CA LYS NF 131 63.61 58.20 52.66
C LYS NF 131 64.56 58.82 51.65
N GLN NF 132 65.15 59.96 52.00
CA GLN NF 132 66.12 60.60 51.11
C GLN NF 132 67.34 59.73 50.90
N ILE NF 133 67.83 59.11 51.98
CA ILE NF 133 69.00 58.23 51.88
C ILE NF 133 68.68 57.04 50.99
N TYR NF 134 67.49 56.46 51.16
CA TYR NF 134 67.08 55.34 50.31
C TYR NF 134 67.02 55.77 48.85
N GLU NF 135 66.46 56.95 48.59
CA GLU NF 135 66.36 57.43 47.21
C GLU NF 135 67.74 57.65 46.61
N THR NF 136 68.66 58.22 47.39
CA THR NF 136 70.02 58.41 46.90
C THR NF 136 70.70 57.08 46.61
N SER NF 137 70.51 56.10 47.50
CA SER NF 137 71.13 54.80 47.30
C SER NF 137 70.59 54.11 46.04
N GLU NF 138 69.27 54.18 45.83
CA GLU NF 138 68.72 53.54 44.65
C GLU NF 138 69.09 54.31 43.38
N TYR NF 139 69.25 55.63 43.48
CA TYR NF 139 69.76 56.39 42.34
C TYR NF 139 71.17 55.95 41.98
N ALA NF 140 72.02 55.76 43.00
CA ALA NF 140 73.36 55.26 42.75
C ALA NF 140 73.32 53.86 42.13
N LYS NF 141 72.42 53.01 42.62
CA LYS NF 141 72.28 51.67 42.05
C LYS NF 141 71.88 51.73 40.58
N ALA NF 142 70.94 52.61 40.24
CA ALA NF 142 70.49 52.74 38.87
C ALA NF 142 71.56 53.35 37.96
N ALA NF 143 72.35 54.28 38.49
CA ALA NF 143 73.40 54.92 37.69
C ALA NF 143 74.57 53.97 37.51
N THR NF 144 75.22 54.08 36.35
CA THR NF 144 76.34 53.22 36.03
C THR NF 144 77.63 54.02 35.96
N PRO NF 145 78.76 53.42 36.33
CA PRO NF 145 80.05 54.09 36.13
C PRO NF 145 80.33 54.31 34.66
N GLY NF 146 81.06 55.38 34.36
CA GLY NF 146 81.38 55.71 32.98
C GLY NF 146 80.31 56.53 32.30
N THR NF 147 80.09 56.28 31.01
CA THR NF 147 79.10 57.03 30.27
C THR NF 147 78.22 56.08 29.45
N PRO NF 148 76.93 56.38 29.34
CA PRO NF 148 76.05 55.58 28.51
C PRO NF 148 76.40 55.74 27.04
N PRO NF 149 76.10 54.74 26.21
CA PRO NF 149 76.35 54.88 24.78
C PRO NF 149 75.52 55.99 24.17
N LYS NF 150 76.05 56.60 23.13
CA LYS NF 150 75.32 57.63 22.41
C LYS NF 150 74.39 57.00 21.39
N PRO NF 151 73.09 57.26 21.45
CA PRO NF 151 72.20 56.81 20.37
C PRO NF 151 72.55 57.52 19.08
N THR NF 152 72.60 56.75 17.99
CA THR NF 152 73.04 57.28 16.71
C THR NF 152 72.16 56.75 15.58
N ALA NF 153 72.15 57.48 14.48
CA ALA NF 153 71.46 57.09 13.26
C ALA NF 153 72.45 57.11 12.10
N THR NF 154 72.46 56.04 11.32
CA THR NF 154 73.38 55.90 10.19
C THR NF 154 72.70 55.11 9.08
N SER NF 155 73.47 54.81 8.03
CA SER NF 155 72.99 54.02 6.91
C SER NF 155 74.21 53.47 6.18
N GLN NF 156 73.95 52.52 5.27
CA GLN NF 156 75.03 51.86 4.55
C GLN NF 156 74.44 51.05 3.40
N PHE NF 157 75.21 50.94 2.33
CA PHE NF 157 74.85 50.14 1.16
C PHE NF 157 75.69 48.87 1.15
N VAL NF 158 75.05 47.74 0.89
CA VAL NF 158 75.69 46.42 1.01
C VAL NF 158 76.14 45.96 -0.36
N ASN NF 159 77.39 45.50 -0.44
CA ASN NF 159 77.93 44.81 -1.60
C ASN NF 159 78.33 43.40 -1.21
N LEU NF 160 77.95 42.43 -2.05
CA LEU NF 160 78.19 41.02 -1.75
C LEU NF 160 79.40 40.47 -2.50
N SER NF 161 80.23 41.32 -3.08
CA SER NF 161 81.45 40.84 -3.72
C SER NF 161 82.36 40.21 -2.66
N PRO NF 162 83.04 39.11 -2.99
CA PRO NF 162 83.88 38.45 -1.99
C PRO NF 162 84.98 39.35 -1.44
N GLY NF 163 85.45 40.32 -2.23
CA GLY NF 163 86.47 41.22 -1.74
C GLY NF 163 85.97 42.28 -0.78
N SER NF 164 84.65 42.43 -0.65
CA SER NF 164 84.11 43.42 0.25
C SER NF 164 84.33 43.00 1.71
N THR NF 165 83.91 43.87 2.62
CA THR NF 165 84.07 43.60 4.05
C THR NF 165 82.71 43.38 4.70
N PRO NF 166 82.64 42.53 5.73
CA PRO NF 166 81.35 42.23 6.36
C PRO NF 166 80.85 43.40 7.18
N PRO NF 167 79.58 43.76 7.02
CA PRO NF 167 79.02 44.84 7.85
C PRO NF 167 78.93 44.43 9.32
N VAL NF 168 79.13 45.43 10.18
CA VAL NF 168 79.10 45.24 11.63
C VAL NF 168 77.95 46.07 12.20
N ILE NF 169 77.42 45.60 13.33
CA ILE NF 169 76.30 46.24 13.99
C ILE NF 169 76.69 46.43 15.46
N ARG NF 170 76.90 47.68 15.85
CA ARG NF 170 77.22 48.02 17.24
C ARG NF 170 75.93 48.20 18.02
N LEU NF 171 75.82 47.49 19.15
CA LEU NF 171 74.62 47.51 19.97
C LEU NF 171 75.02 47.67 21.43
N SER NF 172 74.02 47.85 22.29
CA SER NF 172 74.23 48.00 23.72
C SER NF 172 73.25 47.11 24.47
N GLN NF 173 73.70 46.63 25.63
CA GLN NF 173 72.90 45.68 26.41
C GLN NF 173 71.60 46.33 26.88
N GLY NF 174 70.53 45.55 26.85
CA GLY NF 174 69.25 46.01 27.34
C GLY NF 174 68.54 46.99 26.46
N PHE NF 175 68.79 46.98 25.16
CA PHE NF 175 68.12 47.88 24.25
C PHE NF 175 67.87 47.18 22.92
N VAL NF 176 66.93 47.72 22.16
CA VAL NF 176 66.50 47.13 20.90
C VAL NF 176 66.87 48.07 19.76
N SER NF 177 67.12 47.49 18.60
CA SER NF 177 67.38 48.24 17.37
C SER NF 177 66.57 47.64 16.23
N SER NF 178 66.13 48.51 15.33
CA SER NF 178 65.33 48.12 14.17
C SER NF 178 66.21 48.18 12.93
N LEU NF 179 66.21 47.10 12.17
CA LEU NF 179 67.04 46.96 10.96
C LEU NF 179 66.10 46.84 9.77
N VAL NF 180 66.12 47.84 8.90
CA VAL NF 180 65.30 47.87 7.69
C VAL NF 180 66.22 47.84 6.48
N PHE NF 181 65.82 47.07 5.46
CA PHE NF 181 66.65 46.81 4.30
C PHE NF 181 65.90 47.19 3.04
N LEU NF 182 66.64 47.77 2.08
CA LEU NF 182 66.08 48.26 0.85
C LEU NF 182 66.96 47.82 -0.31
N ASP NF 183 66.41 47.91 -1.52
CA ASP NF 183 67.20 47.70 -2.72
C ASP NF 183 68.10 48.90 -2.94
N SER NF 184 68.81 48.92 -4.07
CA SER NF 184 69.71 50.04 -4.34
C SER NF 184 68.95 51.33 -4.57
N THR NF 185 67.71 51.26 -5.05
CA THR NF 185 66.93 52.47 -5.26
C THR NF 185 66.45 53.06 -3.94
N GLY NF 186 66.32 52.24 -2.91
CA GLY NF 186 65.79 52.67 -1.62
C GLY NF 186 64.46 52.05 -1.25
N ALA NF 187 63.82 51.34 -2.17
CA ALA NF 187 62.59 50.66 -1.85
C ALA NF 187 62.87 49.42 -1.01
N PRO NF 188 62.04 49.12 -0.02
CA PRO NF 188 62.33 48.00 0.89
C PRO NF 188 62.26 46.66 0.18
N TRP NF 189 62.88 45.66 0.82
CA TRP NF 189 62.92 44.30 0.29
C TRP NF 189 62.61 43.33 1.43
N PRO NF 190 61.57 42.52 1.33
CA PRO NF 190 61.24 41.58 2.40
C PRO NF 190 62.30 40.49 2.53
N ILE NF 191 62.16 39.70 3.59
CA ILE NF 191 63.15 38.70 3.98
C ILE NF 191 62.53 37.32 3.88
N ALA NF 192 63.20 36.42 3.16
CA ALA NF 192 62.72 35.05 3.06
C ALA NF 192 62.89 34.30 4.38
N ALA NF 193 64.08 34.38 4.98
CA ALA NF 193 64.35 33.62 6.20
C ALA NF 193 65.62 34.19 6.84
N TYR NF 194 65.96 33.66 8.01
CA TYR NF 194 67.17 34.13 8.69
C TYR NF 194 67.72 33.02 9.59
N ASP NF 195 68.93 33.27 10.08
CA ASP NF 195 69.62 32.35 10.96
C ASP NF 195 70.53 33.16 11.88
N LEU NF 196 70.48 32.87 13.17
CA LEU NF 196 71.21 33.62 14.17
C LEU NF 196 72.07 32.68 14.99
N GLY NF 197 73.33 33.05 15.18
CA GLY NF 197 74.20 32.27 16.05
C GLY NF 197 74.09 32.73 17.50
N ASP NF 198 74.03 31.77 18.42
CA ASP NF 198 74.00 32.02 19.86
C ASP NF 198 72.90 33.01 20.24
N PRO NF 199 71.64 32.58 20.23
CA PRO NF 199 70.54 33.50 20.61
C PRO NF 199 70.62 34.06 22.02
N SER NF 200 71.62 33.64 22.80
CA SER NF 200 71.69 34.06 24.19
C SER NF 200 71.82 35.56 24.35
N SER NF 201 72.63 36.21 23.52
CA SER NF 201 72.89 37.63 23.63
C SER NF 201 71.96 38.47 22.78
N PHE NF 202 70.92 37.86 22.19
CA PHE NF 202 70.05 38.55 21.26
C PHE NF 202 68.60 38.21 21.57
N ASN NF 203 67.69 38.91 20.90
CA ASN NF 203 66.26 38.64 21.04
C ASN NF 203 65.57 39.15 19.79
N ILE NF 204 65.13 38.23 18.94
CA ILE NF 204 64.57 38.57 17.64
C ILE NF 204 63.06 38.69 17.75
N GLN NF 205 62.51 39.81 17.31
CA GLN NF 205 61.08 40.01 17.17
C GLN NF 205 60.80 40.42 15.73
N TRP NF 206 59.95 39.66 15.04
CA TRP NF 206 59.70 39.91 13.63
C TRP NF 206 58.46 39.21 13.12
N ASP NF 207 57.63 39.91 12.37
CA ASP NF 207 56.47 39.30 11.73
C ASP NF 207 56.84 38.81 10.34
N LYS NF 208 56.31 37.63 9.99
CA LYS NF 208 56.78 36.91 8.81
C LYS NF 208 56.60 37.71 7.52
N THR NF 209 55.71 38.70 7.50
CA THR NF 209 55.40 39.44 6.29
C THR NF 209 56.07 40.81 6.23
N SER NF 210 57.03 41.08 7.11
CA SER NF 210 57.70 42.37 7.12
C SER NF 210 59.16 42.22 6.70
N ASN NF 211 59.82 43.36 6.51
CA ASN NF 211 61.23 43.39 6.13
C ASN NF 211 62.11 43.99 7.20
N THR NF 212 61.53 44.56 8.26
CA THR NF 212 62.30 45.23 9.31
C THR NF 212 62.33 44.35 10.54
N LEU NF 213 63.53 44.10 11.05
CA LEU NF 213 63.74 43.19 12.17
C LEU NF 213 64.06 43.99 13.43
N MET NF 214 63.33 43.75 14.49
CA MET NF 214 63.60 44.34 15.80
C MET NF 214 64.41 43.33 16.60
N ILE NF 215 65.65 43.69 16.93
CA ILE NF 215 66.56 42.80 17.63
C ILE NF 215 66.99 43.46 18.92
N GLN NF 216 66.91 42.73 20.03
CA GLN NF 216 67.21 43.24 21.35
C GLN NF 216 68.50 42.60 21.85
N ALA NF 217 69.46 43.45 22.25
CA ALA NF 217 70.70 42.94 22.81
C ALA NF 217 70.47 42.47 24.24
N THR NF 218 70.92 41.26 24.56
CA THR NF 218 70.68 40.64 25.86
C THR NF 218 71.89 40.74 26.78
N LYS NF 219 73.04 40.23 26.34
CA LYS NF 219 74.22 40.18 27.19
C LYS NF 219 75.07 41.43 26.96
N LEU NF 220 76.29 41.44 27.49
CA LEU NF 220 77.12 42.63 27.50
C LEU NF 220 78.06 42.72 26.29
N TYR NF 221 78.95 41.73 26.14
CA TYR NF 221 80.02 41.83 25.17
C TYR NF 221 80.09 40.65 24.20
N ASN NF 222 79.19 39.68 24.31
CA ASN NF 222 79.26 38.49 23.46
C ASN NF 222 78.78 38.85 22.06
N TYR NF 223 79.67 38.73 21.08
CA TYR NF 223 79.36 39.05 19.70
C TYR NF 223 78.94 37.79 18.94
N GLY NF 224 78.21 38.01 17.85
CA GLY NF 224 77.64 36.91 17.10
C GLY NF 224 77.45 37.17 15.62
N ASN NF 225 76.81 36.23 14.93
CA ASN NF 225 76.69 36.24 13.49
C ASN NF 225 75.23 36.11 13.08
N LEU NF 226 74.86 36.81 12.01
CA LEU NF 226 73.51 36.78 11.46
C LEU NF 226 73.56 36.55 9.96
N ALA NF 227 72.67 35.68 9.47
CA ALA NF 227 72.52 35.41 8.05
C ALA NF 227 71.07 35.61 7.65
N VAL NF 228 70.87 36.15 6.44
CA VAL NF 228 69.54 36.55 5.98
C VAL NF 228 69.38 36.14 4.52
N ARG NF 229 68.20 35.61 4.21
CA ARG NF 229 67.81 35.28 2.83
C ARG NF 229 66.62 36.15 2.45
N LEU NF 230 66.76 36.88 1.35
CA LEU NF 230 65.73 37.79 0.87
C LEU NF 230 64.83 37.07 -0.14
N ARG NF 231 63.92 37.82 -0.76
CA ARG NF 231 62.90 37.19 -1.60
C ARG NF 231 63.46 36.83 -2.98
N GLY NF 232 63.88 37.81 -3.74
CA GLY NF 232 64.46 37.57 -5.05
C GLY NF 232 65.95 37.35 -5.06
N LEU NF 233 66.58 37.31 -3.90
CA LEU NF 233 68.03 37.19 -3.81
C LEU NF 233 68.45 35.72 -3.90
N ASN NF 234 69.38 35.43 -4.79
CA ASN NF 234 69.95 34.09 -4.87
C ASN NF 234 71.13 33.91 -3.93
N THR NF 235 71.54 34.95 -3.22
CA THR NF 235 72.72 34.92 -2.38
C THR NF 235 72.39 35.34 -0.95
N PRO NF 236 72.92 34.65 0.05
CA PRO NF 236 72.69 35.06 1.44
C PRO NF 236 73.45 36.33 1.76
N VAL NF 237 72.98 37.01 2.80
CA VAL NF 237 73.61 38.22 3.32
C VAL NF 237 74.05 37.94 4.75
N MET NF 238 75.28 38.33 5.08
CA MET NF 238 75.86 38.02 6.38
C MET NF 238 76.30 39.29 7.08
N LEU NF 239 76.07 39.35 8.39
CA LEU NF 239 76.43 40.50 9.20
C LEU NF 239 76.96 40.02 10.54
N THR NF 240 77.78 40.88 11.17
CA THR NF 240 78.31 40.62 12.49
C THR NF 240 77.67 41.56 13.48
N LEU NF 241 77.43 41.07 14.70
CA LEU NF 241 76.77 41.84 15.75
C LEU NF 241 77.69 41.90 16.95
N ILE NF 242 77.99 43.11 17.42
CA ILE NF 242 78.85 43.32 18.57
C ILE NF 242 78.13 44.21 19.57
N PRO NF 243 77.89 43.75 20.79
CA PRO NF 243 77.24 44.60 21.79
C PRO NF 243 78.24 45.40 22.61
N GLY NF 244 77.72 46.39 23.32
CA GLY NF 244 78.50 47.16 24.27
C GLY NF 244 79.60 48.02 23.68
N GLN NF 245 79.33 48.71 22.57
CA GLN NF 245 80.28 49.66 22.03
C GLN NF 245 80.16 51.00 22.77
N LYS NF 246 81.05 51.94 22.42
CA LYS NF 246 80.98 53.26 23.03
C LYS NF 246 79.70 54.00 22.67
N ALA NF 247 79.07 53.65 21.56
CA ALA NF 247 77.81 54.25 21.14
C ALA NF 247 76.90 53.13 20.62
N VAL NF 248 75.68 53.51 20.26
CA VAL NF 248 74.69 52.56 19.74
C VAL NF 248 74.13 53.12 18.45
N ASP NF 249 74.14 52.30 17.38
CA ASP NF 249 73.50 52.66 16.12
C ASP NF 249 72.00 52.49 16.30
N TYR NF 250 71.40 53.45 17.01
CA TYR NF 250 70.00 53.36 17.39
C TYR NF 250 69.06 53.37 16.19
N ARG NF 251 69.52 53.86 15.04
CA ARG NF 251 68.72 53.88 13.83
C ARG NF 251 69.59 53.45 12.67
N VAL NF 252 69.24 52.34 12.03
CA VAL NF 252 70.05 51.77 10.95
C VAL NF 252 69.15 51.45 9.76
N ASP NF 253 69.57 51.87 8.58
CA ASP NF 253 68.94 51.50 7.32
C ASP NF 253 70.00 50.92 6.41
N LEU NF 254 69.61 49.98 5.55
CA LEU NF 254 70.57 49.30 4.70
C LEU NF 254 70.11 49.32 3.25
N ARG NF 255 71.09 49.37 2.34
CA ARG NF 255 70.86 49.28 0.90
C ARG NF 255 71.59 48.05 0.37
N VAL NF 256 70.97 47.35 -0.58
CA VAL NF 256 71.59 46.17 -1.17
C VAL NF 256 71.79 46.42 -2.67
N GLN NF 257 72.67 45.60 -3.25
CA GLN NF 257 73.02 45.76 -4.65
C GLN NF 257 71.81 45.55 -5.56
N GLY NF 258 71.06 44.48 -5.33
CA GLY NF 258 70.01 44.10 -6.23
C GLY NF 258 68.79 45.00 -6.14
N TYR NF 259 67.87 44.78 -7.07
CA TYR NF 259 66.60 45.49 -7.12
C TYR NF 259 65.49 44.54 -6.69
N GLY NF 260 64.90 44.80 -5.53
CA GLY NF 260 63.86 43.96 -5.01
C GLY NF 260 62.56 44.14 -5.77
N PRO NF 261 61.52 43.46 -5.30
CA PRO NF 261 60.21 43.59 -5.96
C PRO NF 261 59.64 44.99 -5.87
N ASN NF 262 60.09 45.80 -4.93
CA ASN NF 262 59.57 47.14 -4.75
C ASN NF 262 60.31 48.19 -5.58
N ALA NF 263 61.40 47.81 -6.23
CA ALA NF 263 62.16 48.75 -7.08
C ALA NF 263 61.53 48.74 -8.46
N LYS NF 264 60.56 49.64 -8.67
CA LYS NF 264 59.89 49.72 -9.96
C LYS NF 264 60.83 50.21 -11.06
N SER NF 265 61.65 51.21 -10.75
CA SER NF 265 62.54 51.79 -11.75
C SER NF 265 63.60 50.78 -12.18
N MET NF 266 63.93 50.79 -13.47
CA MET NF 266 64.94 49.91 -14.02
C MET NF 266 65.84 50.70 -14.95
N PRO NF 267 67.16 50.54 -14.86
CA PRO NF 267 68.07 51.30 -15.74
C PRO NF 267 67.87 50.93 -17.20
N THR NF 268 68.12 51.89 -18.07
CA THR NF 268 67.99 51.71 -19.51
C THR NF 268 69.35 51.41 -20.13
N GLU NF 269 69.34 50.62 -21.20
CA GLU NF 269 70.55 50.16 -21.86
C GLU NF 269 70.53 50.53 -23.33
N GLU NF 270 71.69 50.92 -23.85
CA GLU NF 270 71.87 51.22 -25.26
C GLU NF 270 73.12 50.51 -25.77
N GLY NF 271 73.13 50.19 -27.05
CA GLY NF 271 74.26 49.52 -27.65
C GLY NF 271 74.72 50.14 -28.95
N ILE NF 272 75.68 49.51 -29.61
CA ILE NF 272 76.15 50.01 -30.90
C ILE NF 272 75.06 49.79 -31.95
N PRO NF 273 74.67 50.80 -32.71
CA PRO NF 273 73.63 50.63 -33.73
C PRO NF 273 74.02 49.59 -34.75
N PRO NF 274 73.06 48.81 -35.24
CA PRO NF 274 73.39 47.78 -36.24
C PRO NF 274 73.91 48.40 -37.52
N SER NF 275 74.77 47.64 -38.20
CA SER NF 275 75.53 48.20 -39.33
C SER NF 275 74.63 48.47 -40.52
N ALA NF 276 74.09 47.41 -41.13
CA ALA NF 276 73.25 47.51 -42.32
C ALA NF 276 72.80 46.10 -42.68
N ASN NF 277 71.71 46.03 -43.46
CA ASN NF 277 71.20 44.74 -43.88
C ASN NF 277 72.05 44.19 -45.02
N ASP NF 278 72.47 42.93 -44.87
CA ASP NF 278 73.25 42.28 -45.91
C ASP NF 278 72.43 41.99 -47.16
N LEU NF 279 71.11 42.06 -47.07
CA LEU NF 279 70.26 41.91 -48.24
C LEU NF 279 70.58 42.96 -49.30
N LEU NF 280 71.11 44.11 -48.87
CA LEU NF 280 71.44 45.17 -49.81
C LEU NF 280 72.47 44.72 -50.83
N LEU NF 281 73.35 43.82 -50.47
CA LEU NF 281 74.33 43.32 -51.44
C LEU NF 281 73.64 42.58 -52.57
N HIS NF 282 72.71 41.70 -52.23
CA HIS NF 282 71.94 41.00 -53.26
C HIS NF 282 71.14 41.99 -54.09
N VAL NF 283 70.54 42.99 -53.44
CA VAL NF 283 69.78 43.99 -54.18
C VAL NF 283 70.67 44.73 -55.16
N LEU NF 284 71.87 45.11 -54.72
CA LEU NF 284 72.81 45.79 -55.60
C LEU NF 284 73.19 44.92 -56.78
N GLU NF 285 73.51 43.66 -56.52
CA GLU NF 285 73.93 42.78 -57.60
C GLU NF 285 72.77 42.43 -58.52
N GLY NF 286 71.53 42.65 -58.09
CA GLY NF 286 70.38 42.43 -58.93
C GLY NF 286 69.59 41.18 -58.63
N VAL NF 287 70.13 40.28 -57.83
CA VAL NF 287 69.34 39.11 -57.43
C VAL NF 287 68.27 39.54 -56.44
N PRO NF 288 67.00 39.23 -56.68
CA PRO NF 288 65.95 39.70 -55.79
C PRO NF 288 66.04 39.00 -54.44
N PRO NF 289 65.55 39.63 -53.38
CA PRO NF 289 65.57 38.98 -52.07
C PRO NF 289 64.69 37.75 -52.07
N PRO NF 290 65.03 36.73 -51.29
CA PRO NF 290 64.20 35.53 -51.23
C PRO NF 290 62.82 35.86 -50.67
N GLY NF 291 61.80 35.20 -51.23
CA GLY NF 291 60.45 35.36 -50.76
C GLY NF 291 59.89 36.76 -50.90
N SER NF 292 60.25 37.48 -51.94
CA SER NF 292 59.75 38.82 -52.16
C SER NF 292 58.60 38.80 -53.16
N ARG NF 293 58.16 40.00 -53.56
CA ARG NF 293 57.12 40.14 -54.56
C ARG NF 293 57.54 41.18 -55.59
N ARG NF 294 57.34 40.86 -56.85
CA ARG NF 294 57.71 41.77 -57.92
C ARG NF 294 56.84 43.02 -57.89
N LEU NF 295 57.41 44.12 -58.35
CA LEU NF 295 56.71 45.41 -58.37
C LEU NF 295 56.63 45.92 -59.81
N VAL NF 296 56.02 47.09 -59.96
CA VAL NF 296 55.85 47.73 -61.26
C VAL NF 296 56.53 49.09 -61.21
N VAL NF 297 57.51 49.30 -62.07
CA VAL NF 297 58.22 50.56 -62.18
C VAL NF 297 58.07 51.08 -63.61
N SER NF 298 57.78 52.37 -63.75
CA SER NF 298 57.60 52.94 -65.07
C SER NF 298 58.01 54.40 -65.07
N GLY NF 299 58.36 54.91 -66.25
CA GLY NF 299 58.73 56.29 -66.44
C GLY NF 299 60.22 56.56 -66.41
N GLY NF 300 61.03 55.60 -65.96
CA GLY NF 300 62.45 55.82 -65.85
C GLY NF 300 63.28 54.59 -66.15
N ASP NF 301 64.24 54.28 -65.29
CA ASP NF 301 65.06 53.08 -65.46
C ASP NF 301 65.56 52.66 -64.08
N ALA NF 302 64.92 51.63 -63.51
CA ALA NF 302 65.30 51.11 -62.21
C ALA NF 302 64.52 49.83 -61.98
N ARG NF 303 64.82 49.17 -60.86
CA ARG NF 303 64.09 47.98 -60.43
C ARG NF 303 63.75 48.12 -58.96
N ALA NF 304 62.71 47.41 -58.53
CA ALA NF 304 62.27 47.53 -57.14
C ALA NF 304 61.63 46.24 -56.69
N TRP NF 305 61.62 46.06 -55.37
CA TRP NF 305 61.05 44.88 -54.75
C TRP NF 305 60.54 45.21 -53.36
N LEU NF 306 59.62 44.38 -52.88
CA LEU NF 306 59.03 44.50 -51.56
C LEU NF 306 59.03 43.13 -50.89
N SER NF 307 59.60 43.07 -49.69
CA SER NF 307 59.63 41.83 -48.92
C SER NF 307 58.88 41.93 -47.61
N ASN NF 308 59.21 42.92 -46.79
CA ASN NF 308 58.67 43.08 -45.45
C ASN NF 308 58.09 44.48 -45.30
N GLU NF 309 57.24 44.85 -46.24
CA GLU NF 309 56.73 46.21 -46.44
C GLU NF 309 57.85 47.23 -46.31
N LYS NF 310 59.02 46.88 -46.85
CA LYS NF 310 60.12 47.82 -47.00
C LYS NF 310 60.52 47.81 -48.48
N MET NF 311 60.53 48.98 -49.09
CA MET NF 311 60.84 49.06 -50.52
C MET NF 311 62.34 49.06 -50.73
N TYR NF 312 62.80 48.18 -51.62
CA TYR NF 312 64.19 48.13 -52.02
C TYR NF 312 64.27 48.50 -53.49
N VAL NF 313 65.19 49.38 -53.83
CA VAL NF 313 65.28 49.93 -55.18
C VAL NF 313 66.72 49.86 -55.67
N ARG NF 314 66.90 49.42 -56.91
CA ARG NF 314 68.21 49.36 -57.54
C ARG NF 314 68.19 50.25 -58.78
N THR NF 315 69.19 51.12 -58.89
CA THR NF 315 69.30 52.02 -60.05
C THR NF 315 70.72 52.53 -60.11
N ASN NF 316 70.93 53.56 -60.93
CA ASN NF 316 72.17 54.30 -60.97
C ASN NF 316 71.95 55.80 -60.87
N LEU NF 317 70.72 56.22 -60.62
CA LEU NF 317 70.38 57.63 -60.49
C LEU NF 317 70.47 58.05 -59.03
N THR NF 318 69.95 59.23 -58.71
CA THR NF 318 69.93 59.71 -57.34
C THR NF 318 68.50 60.12 -56.98
N ILE NF 319 68.02 59.64 -55.84
CA ILE NF 319 66.63 59.82 -55.43
C ILE NF 319 66.56 60.96 -54.42
N LEU NF 320 65.42 61.63 -54.39
CA LEU NF 320 65.25 62.85 -53.59
C LEU NF 320 64.15 62.76 -52.56
N SER NF 321 62.93 62.41 -52.96
CA SER NF 321 61.74 62.75 -52.18
C SER NF 321 61.68 62.12 -50.79
N PRO NF 322 61.56 60.80 -50.66
CA PRO NF 322 61.12 60.26 -49.37
C PRO NF 322 62.21 60.18 -48.31
N GLY NF 323 63.47 60.11 -48.71
CA GLY NF 323 64.53 59.83 -47.75
C GLY NF 323 64.59 58.34 -47.49
N TRP NF 324 65.79 57.77 -47.55
CA TRP NF 324 65.93 56.32 -47.49
C TRP NF 324 66.57 55.89 -46.18
N LEU NF 325 66.27 54.65 -45.79
CA LEU NF 325 66.81 54.11 -44.54
C LEU NF 325 68.27 53.71 -44.69
N ALA NF 326 68.64 53.15 -45.85
CA ALA NF 326 70.03 52.76 -46.04
C ALA NF 326 70.36 52.77 -47.53
N SER NF 327 71.65 52.87 -47.82
CA SER NF 327 72.12 52.91 -49.21
C SER NF 327 73.43 52.16 -49.35
N MET NF 328 73.62 51.57 -50.52
CA MET NF 328 74.88 50.93 -50.90
C MET NF 328 75.23 51.31 -52.32
N THR NF 329 76.51 51.30 -52.63
CA THR NF 329 76.98 51.66 -53.96
C THR NF 329 78.09 50.69 -54.37
N SER NF 330 77.99 50.21 -55.61
CA SER NF 330 78.97 49.29 -56.16
C SER NF 330 80.22 50.06 -56.58
N ALA NF 331 81.12 49.37 -57.28
CA ALA NF 331 82.32 50.02 -57.79
C ALA NF 331 82.04 50.85 -59.05
N ASP NF 332 80.92 50.62 -59.71
CA ASP NF 332 80.58 51.32 -60.94
C ASP NF 332 79.63 52.49 -60.72
N GLY NF 333 79.35 52.83 -59.47
CA GLY NF 333 78.42 53.88 -59.15
C GLY NF 333 76.98 53.44 -59.03
N THR NF 334 76.67 52.19 -59.32
CA THR NF 334 75.32 51.68 -59.20
C THR NF 334 74.87 51.72 -57.74
N HIS NF 335 73.69 52.27 -57.50
CA HIS NF 335 73.18 52.46 -56.15
C HIS NF 335 72.00 51.55 -55.86
N ALA NF 336 71.85 51.22 -54.58
CA ALA NF 336 70.71 50.48 -54.09
C ALA NF 336 70.27 51.09 -52.77
N TYR NF 337 68.96 51.20 -52.57
CA TYR NF 337 68.39 51.89 -51.43
C TYR NF 337 67.32 51.04 -50.77
N GLU NF 338 67.30 51.09 -49.44
CA GLU NF 338 66.21 50.53 -48.65
C GLU NF 338 65.48 51.66 -47.95
N MET NF 339 64.17 51.73 -48.15
CA MET NF 339 63.37 52.83 -47.64
C MET NF 339 61.96 52.32 -47.34
N GLN NF 340 61.12 53.23 -46.86
CA GLN NF 340 59.71 52.93 -46.65
C GLN NF 340 58.96 52.97 -47.98
N LYS NF 341 57.85 52.25 -48.05
CA LYS NF 341 57.08 52.16 -49.28
C LYS NF 341 56.53 53.52 -49.67
N SER NF 342 56.26 53.67 -50.96
CA SER NF 342 55.71 54.89 -51.53
C SER NF 342 55.30 54.59 -52.97
N PRO NF 343 54.28 55.30 -53.47
CA PRO NF 343 53.90 55.14 -54.88
C PRO NF 343 54.66 56.04 -55.83
N VAL NF 344 55.40 57.02 -55.33
CA VAL NF 344 56.03 58.02 -56.18
C VAL NF 344 57.41 58.35 -55.63
N LEU NF 345 58.35 58.61 -56.54
CA LEU NF 345 59.72 58.92 -56.19
C LEU NF 345 60.19 60.14 -56.95
N LEU NF 346 61.21 60.82 -56.41
CA LEU NF 346 61.82 61.97 -57.06
C LEU NF 346 63.29 61.69 -57.30
N VAL NF 347 63.75 61.95 -58.53
CA VAL NF 347 65.14 61.76 -58.92
C VAL NF 347 65.59 62.98 -59.70
N SER NF 348 66.89 63.05 -59.93
CA SER NF 348 67.50 64.11 -60.74
C SER NF 348 68.30 63.45 -61.85
N TRP NF 349 68.00 63.82 -63.10
CA TRP NF 349 68.64 63.15 -64.23
C TRP NF 349 70.02 63.72 -64.51
N HIS NF 350 70.08 64.98 -64.90
CA HIS NF 350 71.34 65.68 -65.17
C HIS NF 350 71.27 67.08 -64.60
N GLY NF 351 70.78 67.19 -63.37
CA GLY NF 351 70.41 68.47 -62.82
C GLY NF 351 69.00 68.91 -63.16
N LYS NF 352 68.26 68.09 -63.88
CA LYS NF 352 66.85 68.33 -64.20
C LYS NF 352 66.00 67.36 -63.39
N VAL NF 353 64.95 67.89 -62.77
CA VAL NF 353 64.14 67.08 -61.86
C VAL NF 353 63.36 66.02 -62.63
N MET NF 354 62.87 65.03 -61.90
CA MET NF 354 62.11 63.95 -62.50
C MET NF 354 61.35 63.23 -61.39
N GLN NF 355 60.19 62.67 -61.74
CA GLN NF 355 59.42 61.86 -60.80
C GLN NF 355 59.04 60.54 -61.45
N LEU NF 356 58.90 59.52 -60.61
CA LEU NF 356 58.65 58.15 -61.04
C LEU NF 356 57.42 57.61 -60.32
N LYS NF 357 56.60 56.87 -61.07
CA LYS NF 357 55.38 56.25 -60.56
C LYS NF 357 55.58 54.76 -60.46
N VAL NF 358 55.06 54.16 -59.38
CA VAL NF 358 55.18 52.74 -59.13
C VAL NF 358 53.80 52.15 -58.91
N GLU NF 359 53.47 51.11 -59.65
CA GLU NF 359 52.23 50.37 -59.47
C GLU NF 359 52.50 49.07 -58.74
N GLY NF 360 51.43 48.36 -58.41
CA GLY NF 360 51.52 47.10 -57.70
C GLY NF 360 51.56 47.22 -56.19
N LEU NF 361 51.65 48.44 -55.66
CA LEU NF 361 51.66 48.62 -54.22
C LEU NF 361 50.23 48.58 -53.69
N VAL OF 38 59.29 7.86 -79.97
CA VAL OF 38 59.61 7.75 -81.38
C VAL OF 38 59.32 9.04 -82.19
N PRO OF 39 58.12 9.62 -82.04
CA PRO OF 39 57.86 10.88 -82.77
C PRO OF 39 58.82 11.99 -82.40
N LYS OF 40 59.25 12.07 -81.14
CA LYS OF 40 60.25 13.05 -80.75
C LYS OF 40 61.58 12.79 -81.46
N LEU OF 41 61.97 11.54 -81.56
CA LEU OF 41 63.24 11.19 -82.18
C LEU OF 41 63.15 11.35 -83.69
N PRO OF 42 64.05 12.12 -84.30
CA PRO OF 42 64.03 12.24 -85.76
C PRO OF 42 64.22 10.89 -86.44
N CYS OF 43 63.50 10.69 -87.54
CA CYS OF 43 63.60 9.43 -88.27
C CYS OF 43 64.99 9.24 -88.85
N ARG OF 44 65.67 10.33 -89.18
CA ARG OF 44 67.00 10.28 -89.75
C ARG OF 44 67.74 11.55 -89.37
N VAL OF 45 69.07 11.53 -89.52
CA VAL OF 45 69.83 12.75 -89.40
C VAL OF 45 69.36 13.72 -90.48
N ASP OF 46 69.03 14.94 -90.06
CA ASP OF 46 68.34 15.86 -90.95
C ASP OF 46 69.21 16.26 -92.14
N GLY OF 47 68.56 16.55 -93.26
CA GLY OF 47 69.26 16.95 -94.45
C GLY OF 47 70.04 15.84 -95.12
N ALA OF 48 69.67 14.59 -94.89
CA ALA OF 48 70.37 13.45 -95.44
C ALA OF 48 69.46 12.68 -96.37
N CYS OF 49 69.98 12.34 -97.55
CA CYS OF 49 69.24 11.52 -98.52
C CYS OF 49 70.27 10.78 -99.36
N ASP OF 50 70.27 9.44 -99.23
CA ASP OF 50 71.26 8.62 -99.91
C ASP OF 50 71.19 8.80 -101.42
N ALA OF 51 69.97 8.94 -101.95
CA ALA OF 51 69.82 9.18 -103.37
C ALA OF 51 70.52 10.47 -103.79
N THR OF 52 70.33 11.53 -103.00
CA THR OF 52 71.00 12.79 -103.31
C THR OF 52 72.52 12.64 -103.23
N ILE OF 53 73.00 11.90 -102.22
CA ILE OF 53 74.44 11.68 -102.10
C ILE OF 53 74.98 11.01 -103.36
N ILE OF 54 74.31 9.93 -103.79
CA ILE OF 54 74.77 9.20 -104.96
C ILE OF 54 74.72 10.08 -106.19
N LYS OF 55 73.63 10.83 -106.35
CA LYS OF 55 73.46 11.68 -107.52
C LYS OF 55 74.57 12.72 -107.60
N MET OF 56 74.84 13.40 -106.48
CA MET OF 56 75.85 14.45 -106.52
C MET OF 56 77.25 13.88 -106.70
N MET OF 57 77.54 12.71 -106.10
CA MET OF 57 78.84 12.12 -106.31
C MET OF 57 79.04 11.72 -107.77
N THR OF 58 78.00 11.15 -108.38
CA THR OF 58 78.08 10.81 -109.79
C THR OF 58 78.28 12.05 -110.64
N ASP OF 59 77.56 13.13 -110.32
CA ASP OF 59 77.72 14.37 -111.07
C ASP OF 59 79.14 14.92 -110.94
N LEU OF 60 79.71 14.85 -109.73
CA LEU OF 60 81.06 15.36 -109.53
C LEU OF 60 82.08 14.55 -110.34
N ASN OF 61 81.99 13.22 -110.27
CA ASN OF 61 82.91 12.41 -111.05
C ASN OF 61 82.69 12.61 -112.54
N LYS OF 62 81.46 12.89 -112.95
CA LYS OF 62 81.20 13.26 -114.35
C LYS OF 62 81.92 14.55 -114.71
N LYS OF 63 81.88 15.53 -113.82
CA LYS OF 63 82.62 16.77 -114.05
C LYS OF 63 84.11 16.49 -114.19
N GLY OF 64 84.64 15.57 -113.38
CA GLY OF 64 86.01 15.15 -113.58
C GLY OF 64 86.88 15.26 -112.35
N ILE OF 65 86.27 15.41 -111.18
CA ILE OF 65 86.99 15.45 -109.92
C ILE OF 65 87.07 14.04 -109.38
N LYS OF 66 88.28 13.58 -109.08
CA LYS OF 66 88.46 12.19 -108.67
C LYS OF 66 87.82 11.96 -107.32
N VAL OF 67 86.94 10.95 -107.24
CA VAL OF 67 86.27 10.59 -106.01
C VAL OF 67 86.44 9.08 -105.82
N ALA OF 68 86.87 8.68 -104.62
CA ALA OF 68 87.08 7.28 -104.32
C ALA OF 68 86.56 6.97 -102.93
N SER OF 69 85.91 5.81 -102.81
CA SER OF 69 85.35 5.35 -101.54
C SER OF 69 85.89 3.96 -101.23
N VAL OF 70 86.39 3.78 -100.01
CA VAL OF 70 86.86 2.49 -99.53
C VAL OF 70 86.50 2.39 -98.06
N GLY OF 71 85.64 1.44 -97.72
CA GLY OF 71 85.19 1.31 -96.34
C GLY OF 71 84.55 2.61 -95.88
N GLN OF 72 85.04 3.13 -94.76
CA GLN OF 72 84.66 4.46 -94.29
C GLN OF 72 85.63 5.54 -94.72
N ASN OF 73 86.69 5.18 -95.44
CA ASN OF 73 87.70 6.13 -95.87
C ASN OF 73 87.35 6.67 -97.24
N TYR OF 74 87.30 7.99 -97.37
CA TYR OF 74 86.92 8.63 -98.62
C TYR OF 74 87.98 9.63 -99.03
N LEU OF 75 88.27 9.67 -100.33
CA LEU OF 75 89.28 10.54 -100.88
C LEU OF 75 88.72 11.26 -102.10
N ILE OF 76 89.16 12.50 -102.30
CA ILE OF 76 88.79 13.29 -103.46
C ILE OF 76 90.02 14.08 -103.90
N SER OF 77 90.08 14.38 -105.19
CA SER OF 77 91.24 15.04 -105.76
C SER OF 77 90.82 15.94 -106.90
N ILE OF 78 91.44 17.12 -106.97
CA ILE OF 78 91.14 18.11 -107.99
C ILE OF 78 92.44 18.68 -108.55
N PRO OF 79 92.60 18.73 -109.87
CA PRO OF 79 93.73 19.44 -110.45
C PRO OF 79 93.63 20.93 -110.19
N ALA OF 80 94.80 21.57 -110.10
CA ALA OF 80 94.86 23.00 -109.79
C ALA OF 80 94.30 23.87 -110.90
N SER OF 81 94.09 23.32 -112.10
CA SER OF 81 93.61 24.12 -113.22
C SER OF 81 92.25 24.74 -112.96
N ALA OF 82 91.46 24.17 -112.06
CA ALA OF 82 90.16 24.73 -111.74
C ALA OF 82 90.19 25.67 -110.56
N LEU OF 83 91.34 25.86 -109.92
CA LEU OF 83 91.41 26.69 -108.72
C LEU OF 83 92.39 27.84 -108.84
N PHE OF 84 93.60 27.61 -109.30
CA PHE OF 84 94.65 28.60 -109.26
C PHE OF 84 95.13 28.96 -110.65
N ALA OF 85 95.85 30.07 -110.75
CA ALA OF 85 96.52 30.48 -111.97
C ALA OF 85 97.86 29.75 -112.07
N ASP OF 86 98.69 30.12 -113.04
CA ASP OF 86 99.94 29.42 -113.28
C ASP OF 86 100.87 29.52 -112.08
N GLN OF 87 100.89 28.47 -111.25
CA GLN OF 87 101.69 28.42 -110.03
C GLN OF 87 101.43 29.64 -109.16
N SER OF 88 100.15 29.85 -108.85
CA SER OF 88 99.71 31.02 -108.14
C SER OF 88 98.96 30.65 -106.87
N PRO OF 89 99.23 31.34 -105.77
CA PRO OF 89 98.43 31.18 -104.55
C PRO OF 89 97.22 32.11 -104.52
N ARG OF 90 96.46 32.12 -105.62
CA ARG OF 90 95.26 32.93 -105.72
C ARG OF 90 94.13 32.09 -106.30
N LEU OF 91 92.90 32.42 -105.91
CA LEU OF 91 91.74 31.64 -106.26
C LEU OF 91 90.91 32.35 -107.32
N ASN OF 92 90.63 31.66 -108.41
CA ASN OF 92 89.82 32.22 -109.48
C ASN OF 92 88.39 32.40 -109.01
N TRP OF 93 87.76 33.49 -109.44
CA TRP OF 93 86.41 33.80 -108.97
C TRP OF 93 85.42 32.73 -109.38
N ALA OF 94 85.51 32.25 -110.62
CA ALA OF 94 84.56 31.27 -111.11
C ALA OF 94 84.63 29.96 -110.33
N SER OF 95 85.76 29.67 -109.69
CA SER OF 95 85.91 28.43 -108.95
C SER OF 95 85.00 28.36 -107.72
N TYR OF 96 84.42 29.48 -107.31
CA TYR OF 96 83.60 29.49 -106.10
C TYR OF 96 82.37 28.60 -106.24
N SER OF 97 81.83 28.45 -107.45
CA SER OF 97 80.69 27.58 -107.64
C SER OF 97 81.05 26.13 -107.32
N LEU OF 98 82.17 25.66 -107.87
CA LEU OF 98 82.62 24.30 -107.58
C LEU OF 98 82.97 24.15 -106.11
N LEU OF 99 83.56 25.20 -105.51
CA LEU OF 99 83.84 25.16 -104.08
C LEU OF 99 82.57 24.98 -103.28
N ASN OF 100 81.52 25.73 -103.62
CA ASN OF 100 80.25 25.61 -102.92
C ASN OF 100 79.67 24.22 -103.10
N GLU OF 101 79.74 23.68 -104.32
CA GLU OF 101 79.20 22.34 -104.58
C GLU OF 101 79.91 21.29 -103.74
N ILE OF 102 81.25 21.32 -103.74
CA ILE OF 102 81.98 20.30 -103.01
C ILE OF 102 81.77 20.47 -101.51
N ALA OF 103 81.64 21.71 -101.03
CA ALA OF 103 81.35 21.92 -99.61
C ALA OF 103 79.98 21.37 -99.26
N ALA OF 104 79.00 21.56 -100.13
CA ALA OF 104 77.66 21.03 -99.88
C ALA OF 104 77.69 19.52 -99.81
N PHE OF 105 78.45 18.88 -100.70
CA PHE OF 105 78.58 17.44 -100.63
C PHE OF 105 79.28 17.01 -99.35
N LEU OF 106 80.33 17.74 -98.96
CA LEU OF 106 81.10 17.37 -97.78
C LEU OF 106 80.26 17.44 -96.52
N LYS OF 107 79.48 18.51 -96.36
CA LYS OF 107 78.70 18.68 -95.15
C LYS OF 107 77.62 17.62 -94.98
N GLN OF 108 77.31 16.87 -96.04
CA GLN OF 108 76.25 15.87 -95.95
C GLN OF 108 76.60 14.77 -94.95
N PHE OF 109 77.84 14.32 -94.94
CA PHE OF 109 78.27 13.27 -94.05
C PHE OF 109 78.60 13.84 -92.67
N ARG OF 110 79.03 12.96 -91.76
CA ARG OF 110 79.46 13.34 -90.43
C ARG OF 110 80.88 12.84 -90.22
N LYS OF 111 81.71 13.66 -89.59
CA LYS OF 111 83.14 13.39 -89.54
C LYS OF 111 83.74 13.66 -88.18
N ILE OF 112 85.06 13.57 -88.08
CA ILE OF 112 85.81 14.04 -86.92
C ILE OF 112 86.89 14.99 -87.39
N ALA OF 113 87.75 14.52 -88.28
CA ALA OF 113 88.85 15.32 -88.80
C ALA OF 113 88.95 15.13 -90.30
N ILE OF 114 89.36 16.19 -90.98
CA ILE OF 114 89.53 16.18 -92.43
C ILE OF 114 90.94 16.61 -92.76
N THR OF 115 91.58 15.91 -93.68
CA THR OF 115 92.93 16.24 -94.11
C THR OF 115 92.90 16.77 -95.53
N VAL OF 116 93.63 17.87 -95.76
CA VAL OF 116 93.80 18.42 -97.09
C VAL OF 116 95.29 18.53 -97.36
N THR OF 117 95.73 17.99 -98.49
CA THR OF 117 97.12 18.02 -98.87
C THR OF 117 97.25 18.52 -100.30
N SER OF 118 98.43 19.06 -100.60
CA SER OF 118 98.70 19.62 -101.90
C SER OF 118 99.97 19.01 -102.50
N TYR OF 119 99.96 18.84 -103.82
CA TYR OF 119 101.11 18.37 -104.58
C TYR OF 119 101.29 19.29 -105.78
N SER OF 120 102.55 19.62 -106.08
CA SER OF 120 102.84 20.56 -107.15
C SER OF 120 103.96 19.99 -108.02
N SER OF 121 104.24 20.69 -109.12
CA SER OF 121 105.35 20.32 -109.98
C SER OF 121 106.67 20.83 -109.39
N LYS OF 122 107.76 20.48 -110.03
CA LYS OF 122 109.09 20.98 -109.67
C LYS OF 122 109.39 22.18 -110.56
N TYR OF 123 109.40 23.38 -109.97
CA TYR OF 123 109.54 24.60 -110.74
C TYR OF 123 110.80 25.38 -110.43
N VAL OF 124 111.07 25.68 -109.16
CA VAL OF 124 112.21 26.49 -108.76
C VAL OF 124 113.11 25.76 -107.75
N SER OF 125 112.53 25.33 -106.63
CA SER OF 125 113.30 24.80 -105.54
C SER OF 125 112.46 23.76 -104.82
N VAL OF 126 112.83 23.45 -103.57
CA VAL OF 126 111.92 22.74 -102.69
C VAL OF 126 111.14 23.71 -101.82
N LYS OF 127 111.81 24.77 -101.35
CA LYS OF 127 111.18 25.70 -100.42
C LYS OF 127 110.02 26.43 -101.09
N ARG OF 128 110.22 26.91 -102.32
CA ARG OF 128 109.18 27.65 -103.01
C ARG OF 128 107.95 26.78 -103.22
N GLU OF 129 108.15 25.54 -103.68
CA GLU OF 129 107.03 24.63 -103.91
C GLU OF 129 106.31 24.30 -102.61
N ARG OF 130 107.07 24.05 -101.55
CA ARG OF 130 106.45 23.74 -100.27
C ARG OF 130 105.62 24.90 -99.78
N ALA OF 131 106.15 26.11 -99.87
CA ALA OF 131 105.42 27.29 -99.41
C ALA OF 131 104.15 27.49 -100.23
N LEU OF 132 104.25 27.33 -101.56
CA LEU OF 132 103.07 27.52 -102.40
C LEU OF 132 101.99 26.51 -102.05
N THR OF 133 102.37 25.23 -101.93
CA THR OF 133 101.39 24.20 -101.59
C THR OF 133 100.76 24.48 -100.23
N LEU OF 134 101.58 24.87 -99.25
CA LEU OF 134 101.06 25.15 -97.92
C LEU OF 134 100.07 26.31 -97.96
N ALA OF 135 100.39 27.36 -98.71
CA ALA OF 135 99.50 28.50 -98.80
C ALA OF 135 98.17 28.11 -99.44
N ARG OF 136 98.23 27.34 -100.52
CA ARG OF 136 97.00 26.90 -101.18
C ARG OF 136 96.13 26.10 -100.22
N SER OF 137 96.74 25.13 -99.54
CA SER OF 137 95.99 24.30 -98.60
C SER OF 137 95.41 25.15 -97.48
N ARG OF 138 96.20 26.10 -96.97
CA ARG OF 138 95.72 26.96 -95.89
C ARG OF 138 94.51 27.76 -96.33
N VAL OF 139 94.56 28.34 -97.53
CA VAL OF 139 93.46 29.18 -97.99
C VAL OF 139 92.20 28.35 -98.20
N VAL OF 140 92.33 27.20 -98.86
CA VAL OF 140 91.14 26.40 -99.11
C VAL OF 140 90.56 25.88 -97.81
N SER OF 141 91.42 25.50 -96.86
CA SER OF 141 90.94 25.05 -95.56
C SER OF 141 90.21 26.16 -94.82
N GLU OF 142 90.75 27.39 -94.88
CA GLU OF 142 90.10 28.51 -94.23
C GLU OF 142 88.72 28.75 -94.81
N TYR OF 143 88.61 28.75 -96.13
CA TYR OF 143 87.31 28.97 -96.74
C TYR OF 143 86.34 27.85 -96.39
N LEU OF 144 86.81 26.61 -96.42
CA LEU OF 144 85.93 25.49 -96.06
C LEU OF 144 85.43 25.63 -94.63
N TRP OF 145 86.33 25.94 -93.70
CA TRP OF 145 85.93 26.10 -92.31
C TRP OF 145 84.95 27.24 -92.15
N SER OF 146 85.15 28.32 -92.89
CA SER OF 146 84.18 29.41 -92.90
C SER OF 146 82.82 28.90 -93.35
N GLN OF 147 82.81 28.06 -94.38
CA GLN OF 147 81.57 27.45 -94.80
C GLN OF 147 81.06 26.49 -93.74
N GLY OF 148 79.78 26.14 -93.86
CA GLY OF 148 79.12 25.36 -92.83
C GLY OF 148 79.46 23.89 -92.82
N VAL OF 149 80.68 23.55 -92.43
CA VAL OF 149 81.13 22.17 -92.33
C VAL OF 149 81.38 21.86 -90.86
N ASP OF 150 80.83 20.75 -90.39
CA ASP OF 150 80.93 20.37 -88.98
C ASP OF 150 82.05 19.35 -88.80
N SER OF 151 83.28 19.82 -88.97
CA SER OF 151 84.46 19.01 -88.73
C SER OF 151 85.15 19.49 -87.46
N ARG OF 152 85.40 18.56 -86.54
CA ARG OF 152 86.06 18.93 -85.30
C ARG OF 152 87.48 19.43 -85.57
N ILE OF 153 88.21 18.75 -86.46
CA ILE OF 153 89.59 19.08 -86.74
C ILE OF 153 89.82 19.16 -88.24
N ILE OF 154 90.63 20.14 -88.65
CA ILE OF 154 91.05 20.30 -90.03
C ILE OF 154 92.56 20.36 -90.06
N PHE OF 155 93.19 19.43 -90.76
CA PHE OF 155 94.63 19.40 -90.96
C PHE OF 155 94.94 19.74 -92.41
N THR OF 156 96.01 20.51 -92.61
CA THR OF 156 96.40 20.96 -93.94
C THR OF 156 97.91 20.88 -94.09
N GLN OF 157 98.34 20.43 -95.27
CA GLN OF 157 99.76 20.41 -95.58
C GLN OF 157 99.96 20.27 -97.08
N GLY OF 158 101.18 20.60 -97.52
CA GLY OF 158 101.53 20.50 -98.92
C GLY OF 158 102.96 20.03 -99.11
N LEU OF 159 103.14 18.96 -99.89
CA LEU OF 159 104.46 18.37 -100.06
C LEU OF 159 105.16 18.81 -101.33
N GLY OF 160 104.55 19.70 -102.12
CA GLY OF 160 105.18 20.19 -103.31
C GLY OF 160 105.34 19.13 -104.39
N SER OF 161 106.58 18.76 -104.68
CA SER OF 161 106.90 17.80 -105.73
C SER OF 161 107.79 16.70 -105.19
N ASP OF 162 107.39 16.13 -104.05
CA ASP OF 162 108.19 15.11 -103.39
C ASP OF 162 107.68 13.69 -103.59
N LYS OF 163 106.37 13.51 -103.77
CA LYS OF 163 105.78 12.18 -103.99
C LYS OF 163 104.90 12.24 -105.23
N PRO OF 164 105.51 12.22 -106.42
CA PRO OF 164 104.72 12.30 -107.64
C PRO OF 164 103.79 11.09 -107.78
N ILE OF 165 102.60 11.36 -108.32
CA ILE OF 165 101.63 10.29 -108.54
C ILE OF 165 101.85 9.59 -109.88
N THR OF 166 102.49 10.26 -110.85
CA THR OF 166 102.72 9.66 -112.15
C THR OF 166 104.09 10.07 -112.66
N SER OF 167 104.66 9.21 -113.50
CA SER OF 167 105.95 9.51 -114.10
C SER OF 167 105.82 10.45 -115.29
N TYR OF 168 104.61 10.64 -115.80
CA TYR OF 168 104.40 11.53 -116.96
C TYR OF 168 104.44 12.97 -116.47
N THR OF 169 105.52 13.68 -116.81
CA THR OF 169 105.73 15.04 -116.34
C THR OF 169 105.96 16.01 -117.50
N LEU OF 170 105.28 15.79 -118.62
CA LEU OF 170 105.43 16.68 -119.77
C LEU OF 170 104.82 18.04 -119.49
N GLY OF 171 103.59 18.07 -118.97
CA GLY OF 171 102.94 19.32 -118.66
C GLY OF 171 103.42 19.92 -117.36
N GLY OF 172 103.07 21.19 -117.17
CA GLY OF 172 103.42 21.88 -115.94
C GLY OF 172 102.27 21.85 -114.96
N ASP OF 173 101.59 22.98 -114.78
CA ASP OF 173 100.39 22.99 -113.96
C ASP OF 173 99.27 22.18 -114.59
N ARG OF 174 99.34 21.92 -115.89
CA ARG OF 174 98.38 21.05 -116.54
C ARG OF 174 98.60 19.58 -116.20
N SER OF 175 99.74 19.23 -115.62
CA SER OF 175 100.01 17.84 -115.31
C SER OF 175 99.05 17.33 -114.25
N PRO OF 176 98.52 16.12 -114.41
CA PRO OF 176 97.69 15.54 -113.35
C PRO OF 176 98.46 15.30 -112.07
N ASN OF 177 99.79 15.27 -112.12
CA ASN OF 177 100.57 15.09 -110.91
C ASN OF 177 100.33 16.22 -109.92
N ALA OF 178 100.33 17.46 -110.41
CA ALA OF 178 99.97 18.60 -109.57
C ALA OF 178 98.48 18.57 -109.29
N ARG OF 179 98.10 18.77 -108.03
CA ARG OF 179 96.75 18.54 -107.59
C ARG OF 179 96.59 19.00 -106.14
N VAL OF 180 95.35 19.03 -105.69
CA VAL OF 180 95.02 19.18 -104.28
C VAL OF 180 93.98 18.13 -103.93
N GLU OF 181 94.19 17.44 -102.81
CA GLU OF 181 93.33 16.33 -102.46
C GLU OF 181 92.87 16.45 -101.01
N ILE OF 182 91.72 15.84 -100.75
CA ILE OF 182 91.09 15.81 -99.45
C ILE OF 182 90.83 14.35 -99.08
N THR OF 183 91.01 14.04 -97.80
CA THR OF 183 90.78 12.71 -97.28
C THR OF 183 90.04 12.81 -95.96
N PHE OF 184 89.20 11.82 -95.69
CA PHE OF 184 88.54 11.78 -94.39
C PHE OF 184 88.06 10.37 -94.09
N ARG OF 185 87.74 10.16 -92.81
CA ARG OF 185 87.21 8.91 -92.30
C ARG OF 185 85.78 9.13 -91.84
N ARG OF 186 84.86 8.31 -92.34
CA ARG OF 186 83.46 8.46 -91.98
C ARG OF 186 83.27 8.19 -90.49
N ALA OF 187 82.48 9.04 -89.84
CA ALA OF 187 82.27 8.96 -88.40
C ALA OF 187 81.00 8.15 -88.14
N VAL OF 188 81.16 6.82 -88.11
CA VAL OF 188 80.08 5.88 -87.81
C VAL OF 188 78.87 6.11 -88.71
N CYS PF 42 84.49 40.76 -120.53
CA CYS PF 42 83.88 42.08 -120.44
C CYS PF 42 84.30 42.79 -119.16
N PHE PF 43 84.27 42.05 -118.05
CA PHE PF 43 84.61 42.63 -116.75
C PHE PF 43 84.98 41.51 -115.78
N HIS PF 44 85.95 41.80 -114.91
CA HIS PF 44 86.37 40.85 -113.89
C HIS PF 44 85.89 41.29 -112.53
N PRO PF 45 85.09 40.48 -111.82
CA PRO PF 45 84.69 40.83 -110.46
C PRO PF 45 85.87 41.09 -109.54
N PRO PF 46 87.02 40.39 -109.71
CA PRO PF 46 88.20 40.79 -108.92
C PRO PF 46 88.79 42.10 -109.38
N TYR PF 47 87.97 43.16 -109.37
CA TYR PF 47 88.42 44.54 -109.59
C TYR PF 47 89.22 44.70 -110.87
N ASN PF 48 89.01 43.83 -111.85
CA ASN PF 48 89.75 43.86 -113.11
C ASN PF 48 91.26 43.89 -112.87
N ASN PF 49 91.70 43.23 -111.80
CA ASN PF 49 93.11 43.16 -111.44
C ASN PF 49 93.73 44.54 -111.32
N PHE PF 50 92.95 45.48 -110.76
CA PHE PF 50 93.43 46.83 -110.45
C PHE PF 50 93.92 47.55 -111.70
N GLN PF 51 93.01 47.73 -112.66
CA GLN PF 51 93.29 48.53 -113.83
C GLN PF 51 92.08 49.41 -114.13
N PRO PF 52 92.29 50.53 -114.83
CA PRO PF 52 91.15 51.37 -115.19
C PRO PF 52 90.19 50.62 -116.13
N ASP PF 53 88.92 50.97 -116.03
CA ASP PF 53 87.87 50.34 -116.82
C ASP PF 53 87.09 51.40 -117.58
N ARG PF 54 86.64 51.03 -118.77
CA ARG PF 54 85.78 51.87 -119.61
C ARG PF 54 84.41 51.23 -119.67
N ARG PF 55 83.56 51.59 -118.69
CA ARG PF 55 82.16 51.16 -118.75
C ARG PF 55 81.41 51.87 -119.87
N ALA PF 56 81.84 53.08 -120.22
CA ALA PF 56 81.16 53.85 -121.24
C ALA PF 56 81.21 53.16 -122.60
N VAL PF 57 82.37 52.58 -122.95
CA VAL PF 57 82.48 51.92 -124.25
C VAL PF 57 81.56 50.70 -124.29
N LYS PF 58 81.46 49.96 -123.19
CA LYS PF 58 80.56 48.82 -123.14
C LYS PF 58 79.11 49.27 -123.29
N ARG PF 59 78.75 50.36 -122.61
CA ARG PF 59 77.37 50.87 -122.69
C ARG PF 59 77.04 51.31 -124.11
N VAL PF 60 77.93 52.09 -124.72
CA VAL PF 60 77.63 52.58 -126.07
C VAL PF 60 77.61 51.43 -127.07
N GLY PF 61 78.45 50.41 -126.87
CA GLY PF 61 78.42 49.26 -127.75
C GLY PF 61 77.12 48.50 -127.65
N VAL PF 62 76.67 48.23 -126.43
CA VAL PF 62 75.43 47.48 -126.27
C VAL PF 62 74.23 48.31 -126.72
N ASP PF 63 74.33 49.64 -126.64
CA ASP PF 63 73.25 50.49 -127.13
C ASP PF 63 73.20 50.51 -128.65
N THR PF 64 74.35 50.60 -129.30
CA THR PF 64 74.40 50.61 -130.76
C THR PF 64 74.14 49.23 -131.36
N GLY PF 65 74.32 48.17 -130.59
CA GLY PF 65 74.07 46.83 -131.09
C GLY PF 65 72.59 46.55 -131.31
N GLY PF 88 71.81 53.38 -129.85
CA GLY PF 88 72.39 54.44 -130.65
C GLY PF 88 73.58 55.11 -129.98
N GLY PF 89 74.44 55.72 -130.80
CA GLY PF 89 75.59 56.41 -130.24
C GLY PF 89 75.21 57.57 -129.34
N THR PF 90 74.20 58.35 -129.75
CA THR PF 90 73.75 59.48 -128.95
C THR PF 90 73.19 59.00 -127.61
N VAL PF 91 72.36 57.95 -127.64
CA VAL PF 91 71.78 57.46 -126.40
C VAL PF 91 72.84 56.86 -125.51
N GLY PF 92 73.84 56.21 -126.10
CA GLY PF 92 74.95 55.69 -125.30
C GLY PF 92 75.74 56.81 -124.64
N LEU PF 93 76.01 57.87 -125.38
CA LEU PF 93 76.76 59.00 -124.82
C LEU PF 93 75.99 59.67 -123.70
N VAL PF 94 74.69 59.88 -123.89
CA VAL PF 94 73.90 60.55 -122.86
C VAL PF 94 73.77 59.65 -121.63
N ALA PF 95 73.63 58.35 -121.83
CA ALA PF 95 73.60 57.43 -120.70
C ALA PF 95 74.92 57.45 -119.94
N SER PF 96 76.03 57.47 -120.67
CA SER PF 96 77.34 57.50 -120.02
C SER PF 96 77.52 58.78 -119.21
N ILE PF 97 77.18 59.93 -119.79
CA ILE PF 97 77.38 61.18 -119.07
C ILE PF 97 76.41 61.29 -117.90
N TYR PF 98 75.24 60.68 -118.00
CA TYR PF 98 74.32 60.66 -116.86
C TYR PF 98 74.87 59.78 -115.74
N ARG PF 99 75.31 58.56 -116.08
CA ARG PF 99 75.78 57.61 -115.08
C ARG PF 99 77.14 57.97 -114.49
N ASP PF 100 77.91 58.84 -115.14
CA ASP PF 100 79.22 59.23 -114.65
C ASP PF 100 79.22 60.54 -113.88
N SER PF 101 78.03 61.09 -113.61
CA SER PF 101 77.95 62.30 -112.81
C SER PF 101 78.39 62.03 -111.38
N LYS PF 102 79.02 63.04 -110.77
CA LYS PF 102 79.42 62.93 -109.38
C LYS PF 102 78.22 62.72 -108.48
N ARG PF 103 77.14 63.46 -108.74
CA ARG PF 103 75.93 63.31 -107.93
C ARG PF 103 75.37 61.90 -108.03
N LYS PF 104 75.38 61.31 -109.22
CA LYS PF 104 74.92 59.94 -109.38
C LYS PF 104 75.77 58.98 -108.56
N ILE PF 105 77.09 59.17 -108.57
CA ILE PF 105 77.96 58.30 -107.80
C ILE PF 105 77.68 58.44 -106.32
N ILE PF 106 77.49 59.67 -105.84
CA ILE PF 106 77.21 59.87 -104.43
C ILE PF 106 75.88 59.24 -104.04
N ARG PF 107 74.89 59.34 -104.93
CA ARG PF 107 73.60 58.70 -104.67
C ARG PF 107 73.75 57.18 -104.60
N ASP PF 108 74.57 56.62 -105.49
CA ASP PF 108 74.84 55.18 -105.43
C ASP PF 108 75.53 54.81 -104.14
N LEU PF 109 76.46 55.65 -103.67
CA LEU PF 109 77.10 55.39 -102.38
C LEU PF 109 76.09 55.44 -101.26
N GLN PF 110 75.13 56.37 -101.34
CA GLN PF 110 74.09 56.45 -100.31
C GLN PF 110 73.21 55.21 -100.31
N LYS PF 111 72.87 54.71 -101.49
CA LYS PF 111 72.18 53.42 -101.56
C LYS PF 111 73.05 52.31 -100.99
N GLN PF 112 74.36 52.39 -101.21
CA GLN PF 112 75.31 51.54 -100.51
C GLN PF 112 75.42 51.99 -99.06
N ASP PF 113 76.23 51.26 -98.31
CA ASP PF 113 76.40 51.53 -96.87
C ASP PF 113 77.66 52.35 -96.61
N ILE PF 114 77.68 53.58 -97.14
CA ILE PF 114 78.81 54.49 -96.99
C ILE PF 114 78.26 55.90 -96.78
N GLN PF 115 78.93 56.68 -95.93
CA GLN PF 115 78.49 58.04 -95.63
C GLN PF 115 79.46 59.05 -96.24
N TYR PF 116 78.92 60.11 -96.84
CA TYR PF 116 79.73 61.19 -97.41
C TYR PF 116 79.39 62.51 -96.75
N VAL PF 117 80.41 63.32 -96.47
CA VAL PF 117 80.23 64.63 -95.87
C VAL PF 117 81.11 65.63 -96.60
N GLU PF 118 80.52 66.75 -96.98
CA GLU PF 118 81.24 67.84 -97.64
C GLU PF 118 80.99 69.13 -96.87
N TYR PF 119 82.06 69.86 -96.57
CA TYR PF 119 81.94 71.11 -95.84
C TYR PF 119 83.13 71.99 -96.18
N GLY PF 120 82.86 73.22 -96.60
CA GLY PF 120 83.93 74.08 -97.07
C GLY PF 120 84.61 73.45 -98.28
N ASP PF 121 85.91 73.22 -98.16
CA ASP PF 121 86.67 72.52 -99.18
C ASP PF 121 87.18 71.17 -98.69
N THR PF 122 87.04 70.87 -97.41
CA THR PF 122 87.46 69.58 -96.85
C THR PF 122 86.35 68.56 -97.06
N ARG PF 123 86.72 67.37 -97.55
CA ARG PF 123 85.72 66.34 -97.83
C ARG PF 123 86.07 65.07 -97.09
N THR PF 124 85.04 64.42 -96.53
CA THR PF 124 85.23 63.27 -95.65
C THR PF 124 84.28 62.14 -96.04
N LEU PF 125 84.73 60.93 -95.75
CA LEU PF 125 83.98 59.70 -95.99
C LEU PF 125 83.99 58.85 -94.73
N ILE PF 126 82.89 58.14 -94.51
CA ILE PF 126 82.68 57.30 -93.35
C ILE PF 126 82.35 55.89 -93.82
N ILE PF 127 83.09 54.91 -93.31
CA ILE PF 127 82.99 53.52 -93.73
C ILE PF 127 82.62 52.67 -92.53
N PRO PF 128 81.52 51.94 -92.55
CA PRO PF 128 81.17 51.03 -91.46
C PRO PF 128 81.95 49.72 -91.54
N THR PF 129 82.87 49.54 -90.60
CA THR PF 129 83.74 48.37 -90.62
C THR PF 129 82.95 47.08 -90.47
N ASP PF 130 81.91 47.10 -89.64
CA ASP PF 130 81.16 45.89 -89.33
C ASP PF 130 80.64 45.21 -90.59
N LYS PF 131 80.25 46.01 -91.59
CA LYS PF 131 79.78 45.44 -92.84
C LYS PF 131 80.86 45.39 -93.92
N TYR PF 132 81.79 46.35 -93.95
CA TYR PF 132 82.80 46.38 -94.99
C TYR PF 132 84.14 45.84 -94.50
N PHE PF 133 84.11 44.86 -93.61
CA PHE PF 133 85.33 44.21 -93.15
C PHE PF 133 85.03 42.77 -92.81
N MET PF 134 85.97 41.89 -93.10
CA MET PF 134 85.91 40.54 -92.54
C MET PF 134 85.96 40.64 -91.03
N PHE PF 135 85.07 39.93 -90.36
CA PHE PF 135 84.83 40.16 -88.94
C PHE PF 135 86.08 39.97 -88.11
N SER PF 136 86.36 40.97 -87.26
CA SER PF 136 87.45 40.90 -86.28
C SER PF 136 88.79 40.59 -86.93
N SER PF 137 89.01 41.10 -88.13
CA SER PF 137 90.25 40.86 -88.85
C SER PF 137 90.47 41.99 -89.83
N PRO PF 138 91.74 42.31 -90.14
CA PRO PF 138 92.01 43.31 -91.18
C PRO PF 138 91.68 42.85 -92.59
N ARG PF 139 91.33 41.58 -92.78
CA ARG PF 139 90.94 41.11 -94.09
C ARG PF 139 89.65 41.80 -94.54
N LEU PF 140 89.47 41.89 -95.85
CA LEU PF 140 88.38 42.64 -96.44
C LEU PF 140 87.39 41.70 -97.11
N ASN PF 141 86.11 41.84 -96.78
CA ASN PF 141 85.08 41.05 -97.44
C ASN PF 141 85.01 41.40 -98.92
N GLU PF 142 84.93 40.36 -99.75
CA GLU PF 142 84.88 40.58 -101.19
C GLU PF 142 83.50 40.99 -101.69
N ILE PF 143 82.46 40.74 -100.91
CA ILE PF 143 81.10 40.97 -101.39
C ILE PF 143 80.87 42.44 -101.70
N CYS PF 144 81.36 43.32 -100.83
CA CYS PF 144 81.05 44.74 -100.95
C CYS PF 144 82.02 45.43 -101.91
N TYR PF 145 82.59 44.65 -102.83
CA TYR PF 145 83.51 45.23 -103.80
C TYR PF 145 82.91 46.36 -104.66
N PRO PF 146 81.62 46.35 -105.05
CA PRO PF 146 81.12 47.49 -105.83
C PRO PF 146 81.27 48.82 -105.09
N GLY PF 147 81.07 48.82 -103.78
CA GLY PF 147 81.27 50.03 -103.02
C GLY PF 147 82.70 50.52 -103.10
N LEU PF 148 83.67 49.60 -103.00
CA LEU PF 148 85.07 49.97 -103.11
C LEU PF 148 85.37 50.53 -104.49
N ASN PF 149 84.82 49.90 -105.53
CA ASN PF 149 85.04 50.39 -106.88
C ASN PF 149 84.48 51.80 -107.06
N ASN PF 150 83.29 52.05 -106.51
CA ASN PF 150 82.71 53.38 -106.59
C ASN PF 150 83.55 54.38 -105.80
N VAL PF 151 84.08 53.96 -104.65
CA VAL PF 151 84.93 54.85 -103.86
C VAL PF 151 86.16 55.25 -104.66
N ILE PF 152 86.80 54.28 -105.31
CA ILE PF 152 87.96 54.58 -106.13
C ILE PF 152 87.58 55.51 -107.27
N ARG PF 153 86.47 55.23 -107.93
CA ARG PF 153 86.03 56.04 -109.07
C ARG PF 153 85.79 57.49 -108.65
N LEU PF 154 85.15 57.68 -107.50
CA LEU PF 154 84.89 59.03 -107.01
C LEU PF 154 86.17 59.73 -106.58
N LEU PF 155 87.02 59.02 -105.83
CA LEU PF 155 88.26 59.60 -105.34
C LEU PF 155 89.21 59.97 -106.47
N ASN PF 156 89.06 59.34 -107.63
CA ASN PF 156 89.89 59.70 -108.78
C ASN PF 156 89.66 61.14 -109.21
N PHE PF 157 88.56 61.77 -108.77
CA PHE PF 157 88.25 63.14 -109.17
C PHE PF 157 89.17 64.18 -108.56
N TYR PF 158 90.00 63.81 -107.60
CA TYR PF 158 90.82 64.77 -106.85
C TYR PF 158 92.29 64.37 -106.95
N PRO PF 159 92.92 64.60 -108.09
CA PRO PF 159 94.31 64.18 -108.27
C PRO PF 159 95.32 64.97 -107.46
N GLN PF 160 94.97 66.17 -106.99
CA GLN PF 160 95.93 67.03 -106.32
C GLN PF 160 95.72 67.13 -104.82
N SER PF 161 94.92 66.26 -104.23
CA SER PF 161 94.66 66.35 -102.80
C SER PF 161 95.47 65.31 -102.03
N THR PF 162 95.81 65.66 -100.80
CA THR PF 162 96.40 64.72 -99.86
C THR PF 162 95.31 64.13 -98.97
N ILE PF 163 95.46 62.86 -98.63
CA ILE PF 163 94.39 62.09 -98.00
C ILE PF 163 94.86 61.60 -96.64
N TYR PF 164 94.04 61.81 -95.62
CA TYR PF 164 94.24 61.22 -94.30
C TYR PF 164 93.22 60.11 -94.10
N VAL PF 165 93.68 59.00 -93.51
CA VAL PF 165 92.82 57.86 -93.22
C VAL PF 165 93.06 57.44 -91.78
N ALA PF 166 91.96 57.11 -91.08
CA ALA PF 166 92.03 56.76 -89.67
C ALA PF 166 91.01 55.67 -89.37
N GLY PF 167 91.28 54.93 -88.30
CA GLY PF 167 90.42 53.85 -87.88
C GLY PF 167 90.01 54.00 -86.44
N PHE PF 168 88.81 53.51 -86.12
CA PHE PF 168 88.25 53.67 -84.79
C PHE PF 168 87.50 52.42 -84.36
N THR PF 169 87.52 52.15 -83.06
CA THR PF 169 86.83 51.01 -82.47
C THR PF 169 86.19 51.45 -81.16
N ASP PF 170 85.51 50.51 -80.50
CA ASP PF 170 84.76 50.79 -79.29
C ASP PF 170 85.60 50.49 -78.06
N ASN PF 171 84.94 50.49 -76.90
CA ASN PF 171 85.61 50.47 -75.60
C ASN PF 171 85.81 49.09 -75.01
N VAL PF 172 85.37 48.04 -75.68
CA VAL PF 172 85.52 46.69 -75.14
C VAL PF 172 86.96 46.22 -75.32
N GLY PF 173 87.50 45.58 -74.30
CA GLY PF 173 88.79 44.91 -74.41
C GLY PF 173 89.96 45.77 -73.94
N SER PF 174 91.15 45.21 -74.12
CA SER PF 174 92.38 45.91 -73.76
C SER PF 174 92.65 47.04 -74.76
N ARG PF 175 93.06 48.19 -74.24
CA ARG PF 175 93.36 49.33 -75.10
C ARG PF 175 94.45 48.99 -76.12
N SER PF 176 95.43 48.19 -75.71
CA SER PF 176 96.46 47.76 -76.65
C SER PF 176 95.85 46.96 -77.79
N HIS PF 177 94.94 46.04 -77.46
CA HIS PF 177 94.27 45.27 -78.49
C HIS PF 177 93.47 46.17 -79.43
N LYS PF 178 92.77 47.15 -78.86
CA LYS PF 178 92.00 48.08 -79.68
C LYS PF 178 92.91 48.80 -80.67
N ARG PF 179 94.01 49.35 -80.17
CA ARG PF 179 94.88 50.13 -81.03
C ARG PF 179 95.55 49.26 -82.08
N LYS PF 180 95.90 48.03 -81.72
CA LYS PF 180 96.47 47.12 -82.71
C LYS PF 180 95.48 46.85 -83.84
N LEU PF 181 94.23 46.55 -83.49
CA LEU PF 181 93.24 46.26 -84.51
C LEU PF 181 93.00 47.49 -85.39
N SER PF 182 92.92 48.67 -84.77
CA SER PF 182 92.70 49.89 -85.54
C SER PF 182 93.86 50.13 -86.51
N GLN PF 183 95.09 49.95 -86.03
CA GLN PF 183 96.25 50.13 -86.90
C GLN PF 183 96.21 49.15 -88.05
N ALA PF 184 95.84 47.90 -87.78
CA ALA PF 184 95.76 46.90 -88.85
C ALA PF 184 94.76 47.32 -89.92
N GLN PF 185 93.57 47.74 -89.49
CA GLN PF 185 92.55 48.10 -90.48
C GLN PF 185 92.96 49.36 -91.26
N ALA PF 186 93.56 50.33 -90.58
CA ALA PF 186 94.03 51.52 -91.26
C ALA PF 186 95.09 51.18 -92.30
N GLU PF 187 96.03 50.31 -91.93
CA GLU PF 187 97.04 49.87 -92.89
C GLU PF 187 96.41 49.18 -94.08
N THR PF 188 95.39 48.34 -93.82
CA THR PF 188 94.73 47.65 -94.91
C THR PF 188 94.08 48.63 -95.88
N MET PF 189 93.37 49.63 -95.35
CA MET PF 189 92.75 50.62 -96.23
C MET PF 189 93.80 51.40 -97.01
N MET PF 190 94.87 51.80 -96.34
CA MET PF 190 95.93 52.53 -97.03
C MET PF 190 96.52 51.71 -98.16
N THR PF 191 96.78 50.43 -97.91
CA THR PF 191 97.32 49.56 -98.94
C THR PF 191 96.35 49.41 -100.10
N PHE PF 192 95.07 49.26 -99.81
CA PHE PF 192 94.08 49.15 -100.88
C PHE PF 192 94.09 50.39 -101.75
N LEU PF 193 94.16 51.56 -101.12
CA LEU PF 193 94.23 52.79 -101.90
C LEU PF 193 95.50 52.84 -102.74
N TRP PF 194 96.64 52.46 -102.15
CA TRP PF 194 97.90 52.48 -102.89
C TRP PF 194 97.86 51.53 -104.07
N ALA PF 195 97.08 50.47 -103.97
CA ALA PF 195 96.96 49.51 -105.06
C ALA PF 195 96.29 50.10 -106.29
N ASN PF 196 95.71 51.29 -106.19
CA ASN PF 196 94.96 51.89 -107.29
C ASN PF 196 95.69 53.08 -107.89
N GLY PF 197 97.01 52.97 -108.02
CA GLY PF 197 97.80 53.97 -108.71
C GLY PF 197 97.88 55.33 -108.06
N ILE PF 198 98.06 55.40 -106.75
CA ILE PF 198 98.27 56.65 -106.04
C ILE PF 198 99.61 56.56 -105.31
N ALA PF 199 100.46 57.56 -105.51
CA ALA PF 199 101.78 57.55 -104.90
C ALA PF 199 101.66 57.65 -103.39
N ALA PF 200 102.37 56.77 -102.68
CA ALA PF 200 102.26 56.69 -101.23
C ALA PF 200 102.73 57.95 -100.53
N LYS PF 201 103.50 58.80 -101.20
CA LYS PF 201 103.89 60.07 -100.61
C LYS PF 201 102.70 60.94 -100.25
N ARG PF 202 101.54 60.70 -100.88
CA ARG PF 202 100.34 61.46 -100.62
C ARG PF 202 99.54 60.92 -99.45
N LEU PF 203 99.90 59.76 -98.90
CA LEU PF 203 99.05 59.06 -97.95
C LEU PF 203 99.72 58.92 -96.59
N LYS PF 204 98.89 58.88 -95.56
CA LYS PF 204 99.33 58.59 -94.20
C LYS PF 204 98.15 57.97 -93.45
N ALA PF 205 98.43 56.93 -92.67
CA ALA PF 205 97.39 56.18 -91.99
C ALA PF 205 97.54 56.31 -90.49
N GLU PF 206 96.40 56.27 -89.78
CA GLU PF 206 96.42 56.37 -88.33
C GLU PF 206 95.23 55.60 -87.76
N GLY PF 207 95.49 54.83 -86.70
CA GLY PF 207 94.42 54.10 -86.05
C GLY PF 207 94.30 54.41 -84.57
N TYR PF 208 93.22 55.09 -84.18
CA TYR PF 208 92.96 55.30 -82.77
C TYR PF 208 92.02 54.22 -82.25
N GLY PF 209 91.91 54.16 -80.93
CA GLY PF 209 91.00 53.21 -80.32
C GLY PF 209 89.67 53.86 -80.02
N ASP PF 210 89.45 54.18 -78.76
CA ASP PF 210 88.28 54.95 -78.33
C ASP PF 210 88.69 56.31 -77.82
N LYS PF 211 89.69 56.92 -78.45
CA LYS PF 211 90.20 58.20 -77.97
C LYS PF 211 89.14 59.29 -78.06
N ASN PF 212 88.41 59.34 -79.18
CA ASN PF 212 87.35 60.34 -79.34
C ASN PF 212 86.28 59.73 -80.25
N ALA PF 213 85.27 59.14 -79.63
CA ALA PF 213 84.15 58.58 -80.36
C ALA PF 213 83.11 59.65 -80.64
N ILE PF 214 82.16 59.32 -81.51
CA ILE PF 214 81.07 60.23 -81.83
C ILE PF 214 79.76 59.80 -81.17
N SER PF 215 79.69 58.59 -80.64
CA SER PF 215 78.46 58.07 -80.04
C SER PF 215 78.80 57.39 -78.73
N ASP PF 216 77.79 57.32 -77.85
CA ASP PF 216 77.97 56.65 -76.57
C ASP PF 216 78.23 55.17 -76.78
N ASN PF 217 79.09 54.60 -75.93
CA ASN PF 217 79.43 53.20 -76.00
C ASN PF 217 78.60 52.32 -75.09
N ALA PF 218 77.64 52.90 -74.35
CA ALA PF 218 76.78 52.12 -73.48
C ALA PF 218 75.49 51.67 -74.14
N ILE PF 219 75.12 52.27 -75.27
CA ILE PF 219 73.93 51.89 -76.01
C ILE PF 219 74.36 51.01 -77.19
N ILE PF 220 73.52 50.03 -77.51
CA ILE PF 220 73.88 49.04 -78.52
C ILE PF 220 74.08 49.70 -79.88
N HIS PF 221 73.11 50.52 -80.30
CA HIS PF 221 73.19 51.14 -81.61
C HIS PF 221 74.37 52.09 -81.71
N GLY PF 222 74.60 52.89 -80.67
CA GLY PF 222 75.74 53.78 -80.68
C GLY PF 222 77.06 53.05 -80.68
N SER PF 223 77.14 51.93 -79.94
CA SER PF 223 78.36 51.13 -79.95
C SER PF 223 78.62 50.57 -81.33
N ALA PF 224 77.58 50.12 -82.02
CA ALA PF 224 77.74 49.69 -83.40
C ALA PF 224 78.19 50.84 -84.29
N GLN PF 225 77.67 52.05 -84.03
CA GLN PF 225 78.05 53.22 -84.80
C GLN PF 225 79.53 53.55 -84.62
N ASN PF 226 80.04 53.39 -83.39
CA ASN PF 226 81.35 53.92 -83.04
C ASN PF 226 82.44 53.42 -83.98
N ARG PF 227 82.70 52.11 -83.98
CA ARG PF 227 83.78 51.57 -84.79
C ARG PF 227 83.58 51.93 -86.25
N ARG PF 228 84.62 52.45 -86.89
CA ARG PF 228 84.42 53.08 -88.18
C ARG PF 228 85.77 53.30 -88.85
N ILE PF 229 85.69 53.69 -90.13
CA ILE PF 229 86.85 54.13 -90.90
C ILE PF 229 86.58 55.55 -91.38
N GLU PF 230 87.49 56.46 -91.07
CA GLU PF 230 87.36 57.87 -91.37
C GLU PF 230 88.34 58.23 -92.48
N ILE PF 231 87.85 58.94 -93.48
CA ILE PF 231 88.68 59.45 -94.56
C ILE PF 231 88.46 60.96 -94.67
N GLN PF 232 89.55 61.71 -94.72
CA GLN PF 232 89.46 63.15 -94.91
C GLN PF 232 90.44 63.57 -95.99
N TRP PF 233 90.12 64.68 -96.66
CA TRP PF 233 91.12 65.28 -97.53
C TRP PF 233 90.84 66.76 -97.73
N PHE PF 234 91.92 67.54 -97.75
CA PHE PF 234 91.91 68.95 -98.10
C PHE PF 234 91.94 69.09 -99.62
N THR PF 235 92.21 70.29 -100.11
CA THR PF 235 92.40 70.53 -101.53
C THR PF 235 93.83 70.96 -101.84
N SER PF 236 94.34 72.01 -101.18
CA SER PF 236 95.68 72.49 -101.44
C SER PF 236 96.49 72.58 -100.15
N LEU QF 113 141.86 69.15 -106.07
CA LEU QF 113 141.86 67.76 -106.55
C LEU QF 113 140.57 67.06 -106.15
N ASN QF 114 139.47 67.41 -106.83
CA ASN QF 114 138.15 66.91 -106.48
C ASN QF 114 137.33 66.39 -107.66
N ARG QF 115 137.84 66.46 -108.88
CA ARG QF 115 137.12 65.98 -110.05
C ARG QF 115 138.01 65.04 -110.85
N PHE QF 116 137.43 63.92 -111.30
CA PHE QF 116 138.18 62.97 -112.10
C PHE QF 116 137.28 62.41 -113.20
N ARG QF 117 137.85 62.26 -114.40
CA ARG QF 117 137.15 61.70 -115.55
C ARG QF 117 138.13 60.82 -116.31
N TYR QF 118 137.92 59.51 -116.30
CA TYR QF 118 138.83 58.57 -116.92
C TYR QF 118 138.13 57.80 -118.03
N GLU QF 119 138.79 57.72 -119.18
CA GLU QF 119 138.35 56.90 -120.30
C GLU QF 119 139.58 56.28 -120.95
N GLY QF 120 139.47 55.00 -121.31
CA GLY QF 120 140.53 54.36 -122.05
C GLY QF 120 141.09 53.08 -121.46
N ALA QF 121 140.29 52.42 -120.61
CA ALA QF 121 140.62 51.09 -120.08
C ALA QF 121 141.99 51.07 -119.42
N GLY QF 122 142.26 52.11 -118.63
CA GLY QF 122 143.49 52.21 -117.89
C GLY QF 122 143.39 51.53 -116.53
N VAL QF 123 144.51 51.56 -115.81
CA VAL QF 123 144.61 50.97 -114.47
C VAL QF 123 144.86 52.10 -113.48
N VAL QF 124 143.94 52.28 -112.54
CA VAL QF 124 144.04 53.30 -111.51
C VAL QF 124 143.99 52.61 -110.16
N THR QF 125 145.05 52.80 -109.36
CA THR QF 125 145.14 52.19 -108.04
C THR QF 125 145.57 53.25 -107.04
N GLY QF 126 144.84 53.37 -105.95
CA GLY QF 126 145.14 54.35 -104.92
C GLY QF 126 144.45 54.00 -103.62
N ASN QF 127 145.01 54.50 -102.52
CA ASN QF 127 144.46 54.23 -101.20
C ASN QF 127 144.88 55.36 -100.27
N ASN QF 128 144.18 55.43 -99.13
CA ASN QF 128 144.47 56.42 -98.09
C ASN QF 128 144.29 57.85 -98.60
N LEU QF 129 143.10 58.13 -99.11
CA LEU QF 129 142.73 59.46 -99.58
C LEU QF 129 141.67 60.05 -98.66
N ARG QF 130 141.89 61.29 -98.22
CA ARG QF 130 140.97 61.97 -97.32
C ARG QF 130 140.50 63.25 -97.97
N THR QF 131 139.19 63.35 -98.21
CA THR QF 131 138.61 64.53 -98.83
C THR QF 131 137.16 64.63 -98.42
N SER QF 132 136.62 65.85 -98.52
CA SER QF 132 135.22 66.07 -98.19
C SER QF 132 134.30 65.47 -99.24
N TYR QF 133 134.61 65.71 -100.52
CA TYR QF 133 133.78 65.22 -101.61
C TYR QF 133 134.59 65.23 -102.88
N LEU QF 134 134.24 64.31 -103.78
CA LEU QF 134 134.83 64.28 -105.11
C LEU QF 134 133.83 63.69 -106.10
N ASP QF 135 134.04 63.98 -107.37
CA ASP QF 135 133.14 63.55 -108.43
C ASP QF 135 133.91 62.72 -109.45
N LEU QF 136 133.44 61.49 -109.68
CA LEU QF 136 134.11 60.53 -110.54
C LEU QF 136 133.27 60.25 -111.78
N TYR QF 137 133.93 60.20 -112.94
CA TYR QF 137 133.30 59.82 -114.19
C TYR QF 137 134.18 58.74 -114.84
N LEU QF 138 133.81 57.48 -114.63
CA LEU QF 138 134.54 56.36 -115.19
C LEU QF 138 133.89 55.91 -116.50
N ALA QF 139 134.72 55.52 -117.46
CA ALA QF 139 134.19 55.02 -118.72
C ALA QF 139 135.22 54.13 -119.38
N ASN QF 140 134.75 53.38 -120.39
CA ASN QF 140 135.59 52.53 -121.22
C ASN QF 140 136.33 51.50 -120.38
N GLU QF 141 135.56 50.75 -119.60
CA GLU QF 141 136.03 49.63 -118.76
C GLU QF 141 137.39 49.93 -118.14
N GLY QF 142 137.50 51.10 -117.52
CA GLY QF 142 138.73 51.44 -116.82
C GLY QF 142 138.73 50.83 -115.44
N THR QF 143 139.45 49.73 -115.28
CA THR QF 143 139.49 49.02 -114.01
C THR QF 143 140.09 49.92 -112.94
N THR QF 144 139.44 50.02 -111.79
CA THR QF 144 139.84 50.92 -110.73
C THR QF 144 139.65 50.25 -109.37
N ARG QF 145 140.49 50.62 -108.42
CA ARG QF 145 140.44 50.08 -107.06
C ARG QF 145 140.79 51.19 -106.08
N LEU QF 146 139.88 51.48 -105.16
CA LEU QF 146 140.09 52.50 -104.13
C LEU QF 146 139.90 51.88 -102.76
N ALA QF 147 140.80 52.19 -101.84
CA ALA QF 147 140.80 51.63 -100.49
C ALA QF 147 141.04 52.72 -99.45
N GLY QF 148 140.30 53.83 -99.57
CA GLY QF 148 140.42 54.92 -98.64
C GLY QF 148 139.06 55.41 -98.19
N ASN QF 149 139.05 55.99 -96.99
CA ASN QF 149 137.84 56.59 -96.43
C ASN QF 149 137.58 57.90 -97.15
N ILE QF 150 136.63 57.89 -98.08
CA ILE QF 150 136.40 59.01 -98.98
C ILE QF 150 134.97 59.50 -98.83
N GLY QF 151 134.80 60.81 -98.91
CA GLY QF 151 133.48 61.41 -99.03
C GLY QF 151 133.26 61.84 -100.48
N LEU QF 152 131.99 61.85 -100.89
CA LEU QF 152 131.65 62.24 -102.25
C LEU QF 152 130.15 62.53 -102.31
N GLN QF 153 129.72 63.04 -103.46
CA GLN QF 153 128.31 63.37 -103.66
C GLN QF 153 127.80 62.74 -104.96
N LYS QF 154 128.67 62.59 -105.94
CA LYS QF 154 128.27 62.09 -107.25
C LYS QF 154 129.29 61.08 -107.76
N LEU QF 155 128.80 60.19 -108.63
CA LEU QF 155 129.62 59.19 -109.31
C LEU QF 155 128.87 58.70 -110.53
N GLU QF 156 129.56 58.58 -111.66
CA GLU QF 156 128.93 58.15 -112.90
C GLU QF 156 129.88 57.22 -113.64
N ALA QF 157 129.46 55.97 -113.82
CA ALA QF 157 130.18 55.01 -114.64
C ALA QF 157 129.35 54.74 -115.89
N VAL QF 158 130.00 54.86 -117.05
CA VAL QF 158 129.30 54.64 -118.32
C VAL QF 158 128.78 53.21 -118.40
N GLY QF 159 129.61 52.24 -118.05
CA GLY QF 159 129.19 50.86 -118.02
C GLY QF 159 130.30 49.94 -118.48
N ASN QF 160 130.02 48.64 -118.39
CA ASN QF 160 130.90 47.60 -118.87
C ASN QF 160 132.26 47.64 -118.18
N GLY QF 161 132.28 48.13 -116.92
CA GLY QF 161 133.49 48.24 -116.16
C GLY QF 161 133.33 47.64 -114.78
N VAL QF 162 134.48 47.50 -114.10
CA VAL QF 162 134.53 46.95 -112.75
C VAL QF 162 135.04 48.04 -111.82
N THR QF 163 134.24 48.38 -110.81
CA THR QF 163 134.58 49.41 -109.85
C THR QF 163 134.37 48.87 -108.44
N GLN QF 164 135.38 49.02 -107.60
CA GLN QF 164 135.35 48.53 -106.23
C GLN QF 164 135.82 49.64 -105.31
N ILE QF 165 134.94 50.08 -104.41
CA ILE QF 165 135.23 51.20 -103.52
C ILE QF 165 135.09 50.73 -102.08
N ASN QF 166 136.09 51.03 -101.26
CA ASN QF 166 136.13 50.59 -99.88
C ASN QF 166 136.26 51.81 -98.98
N GLY QF 167 135.19 52.15 -98.27
CA GLY QF 167 135.19 53.21 -97.28
C GLY QF 167 134.60 54.50 -97.79
N VAL QF 168 133.33 54.72 -97.49
CA VAL QF 168 132.60 55.88 -97.99
C VAL QF 168 131.88 56.55 -96.82
N SER QF 169 132.03 57.86 -96.70
CA SER QF 169 131.37 58.66 -95.67
C SER QF 169 130.71 59.85 -96.36
N SER QF 170 129.49 59.65 -96.85
CA SER QF 170 128.76 60.67 -97.58
C SER QF 170 127.45 60.96 -96.88
N ARG QF 171 127.20 62.24 -96.60
CA ARG QF 171 125.93 62.64 -96.01
C ARG QF 171 124.79 62.65 -97.01
N ASN QF 172 125.08 62.54 -98.29
CA ASN QF 172 124.05 62.44 -99.31
C ASN QF 172 124.68 61.86 -100.57
N LEU QF 173 123.88 61.11 -101.32
CA LEU QF 173 124.33 60.53 -102.57
C LEU QF 173 123.15 60.45 -103.53
N GLN QF 174 123.48 60.46 -104.82
CA GLN QF 174 122.48 60.26 -105.87
C GLN QF 174 123.22 59.73 -107.09
N ILE QF 175 123.12 58.43 -107.31
CA ILE QF 175 123.90 57.74 -108.34
C ILE QF 175 122.94 57.05 -109.30
N VAL QF 176 123.25 57.16 -110.59
CA VAL QF 176 122.49 56.49 -111.63
C VAL QF 176 123.47 55.84 -112.59
N LEU QF 177 123.16 54.64 -113.05
CA LEU QF 177 124.01 53.89 -113.96
C LEU QF 177 123.32 53.73 -115.30
N LYS QF 178 124.11 53.76 -116.38
CA LYS QF 178 123.59 53.89 -117.72
C LYS QF 178 123.78 52.65 -118.57
N GLY QF 179 125.00 52.13 -118.67
CA GLY QF 179 125.25 51.01 -119.56
C GLY QF 179 125.07 49.66 -118.90
N ASP QF 180 126.16 48.88 -118.84
CA ASP QF 180 126.13 47.55 -118.22
C ASP QF 180 127.28 47.43 -117.23
N PRO QF 181 127.25 48.20 -116.15
CA PRO QF 181 128.38 48.25 -115.22
C PRO QF 181 128.24 47.24 -114.08
N LYS QF 182 129.36 47.04 -113.39
CA LYS QF 182 129.45 46.16 -112.23
C LYS QF 182 130.11 46.93 -111.10
N VAL QF 183 129.45 47.01 -109.96
CA VAL QF 183 129.94 47.82 -108.85
C VAL QF 183 129.71 47.10 -107.53
N LEU QF 184 130.69 47.22 -106.63
CA LEU QF 184 130.61 46.64 -105.30
C LEU QF 184 131.30 47.60 -104.35
N ILE QF 185 130.53 48.21 -103.43
CA ILE QF 185 131.02 49.31 -102.62
C ILE QF 185 130.67 49.07 -101.16
N SER QF 186 131.62 49.38 -100.28
CA SER QF 186 131.42 49.34 -98.84
C SER QF 186 131.62 50.72 -98.26
N GLY QF 187 130.93 51.01 -97.18
CA GLY QF 187 131.05 52.29 -96.50
C GLY QF 187 129.78 52.62 -95.75
N PHE QF 188 129.59 53.92 -95.51
CA PHE QF 188 128.43 54.45 -94.81
C PHE QF 188 127.85 55.58 -95.67
N VAL QF 189 126.65 55.36 -96.19
CA VAL QF 189 126.05 56.27 -97.16
C VAL QF 189 124.65 56.64 -96.70
N ASN QF 190 124.38 57.95 -96.66
CA ASN QF 190 123.02 58.44 -96.47
C ASN QF 190 122.36 58.51 -97.84
N LEU QF 191 121.99 57.35 -98.35
CA LEU QF 191 121.52 57.22 -99.72
C LEU QF 191 120.12 57.82 -99.86
N ARG QF 192 119.82 58.31 -101.06
CA ARG QF 192 118.54 58.94 -101.32
C ARG QF 192 117.73 58.22 -102.38
N GLN QF 193 118.28 58.01 -103.56
CA GLN QF 193 117.49 57.50 -104.68
C GLN QF 193 118.42 56.96 -105.76
N LEU QF 194 117.97 55.88 -106.41
CA LEU QF 194 118.70 55.25 -107.49
C LEU QF 194 117.75 54.91 -108.63
N ASP QF 195 118.32 54.72 -109.82
CA ASP QF 195 117.56 54.27 -110.97
C ASP QF 195 118.51 53.54 -111.91
N MET QF 196 117.99 52.50 -112.57
CA MET QF 196 118.77 51.67 -113.48
C MET QF 196 117.96 51.44 -114.74
N TYR QF 197 118.64 51.46 -115.89
CA TYR QF 197 117.98 51.27 -117.18
C TYR QF 197 118.72 50.34 -118.13
N GLY QF 198 119.91 49.87 -117.77
CA GLY QF 198 120.65 49.01 -118.67
C GLY QF 198 120.80 47.58 -118.17
N LYS QF 199 122.04 47.18 -117.90
CA LYS QF 199 122.38 45.85 -117.41
C LYS QF 199 123.24 45.96 -116.16
N GLY QF 200 122.77 46.75 -115.20
CA GLY QF 200 123.60 47.07 -114.04
C GLY QF 200 123.59 45.97 -112.99
N THR QF 201 124.76 45.73 -112.41
CA THR QF 201 124.90 44.85 -111.26
C THR QF 201 125.58 45.63 -110.15
N LEU QF 202 124.93 45.72 -109.00
CA LEU QF 202 125.39 46.57 -107.91
C LEU QF 202 125.25 45.86 -106.58
N SER QF 203 126.26 46.03 -105.73
CA SER QF 203 126.22 45.52 -104.36
C SER QF 203 126.76 46.57 -103.41
N LEU QF 204 126.06 46.75 -102.29
CA LEU QF 204 126.47 47.72 -101.28
C LEU QF 204 126.51 47.05 -99.92
N TYR QF 205 127.53 47.39 -99.13
CA TYR QF 205 127.70 46.77 -97.83
C TYR QF 205 126.72 47.33 -96.80
N TRP QF 206 126.76 48.64 -96.58
CA TRP QF 206 125.94 49.26 -95.55
C TRP QF 206 125.25 50.50 -96.10
N ILE QF 207 124.06 50.77 -95.56
CA ILE QF 207 123.27 51.92 -95.97
C ILE QF 207 122.56 52.50 -94.76
N LYS QF 208 122.98 53.70 -94.34
CA LYS QF 208 122.35 54.41 -93.23
C LYS QF 208 121.59 55.59 -93.81
N SER QF 209 120.36 55.33 -94.21
CA SER QF 209 119.52 56.32 -94.87
C SER QF 209 118.13 56.30 -94.25
N ASP QF 210 117.28 57.21 -94.71
CA ASP QF 210 115.94 57.37 -94.19
C ASP QF 210 114.88 57.00 -95.22
N THR QF 211 114.90 57.62 -96.38
CA THR QF 211 113.92 57.37 -97.43
C THR QF 211 114.64 56.93 -98.71
N LEU QF 212 114.21 55.81 -99.27
CA LEU QF 212 114.78 55.29 -100.51
C LEU QF 212 113.66 55.03 -101.51
N THR QF 213 113.94 55.33 -102.77
CA THR QF 213 112.97 55.13 -103.85
C THR QF 213 113.73 54.60 -105.06
N ILE QF 214 113.40 53.38 -105.48
CA ILE QF 214 114.16 52.70 -106.52
C ILE QF 214 113.21 52.18 -107.58
N ARG QF 215 113.53 52.44 -108.85
CA ARG QF 215 112.79 51.93 -109.99
C ARG QF 215 113.74 51.19 -110.91
N ALA QF 216 113.42 49.93 -111.21
CA ALA QF 216 114.24 49.09 -112.08
C ALA QF 216 113.45 48.69 -113.31
N LYS QF 217 114.09 48.81 -114.48
CA LYS QF 217 113.41 48.69 -115.76
C LYS QF 217 113.88 47.50 -116.59
N LYS QF 218 115.18 47.43 -116.90
CA LYS QF 218 115.65 46.53 -117.95
C LYS QF 218 116.46 45.35 -117.39
N ALA QF 219 117.54 45.62 -116.67
CA ALA QF 219 118.32 44.53 -116.06
C ALA QF 219 119.03 45.13 -114.84
N ALA QF 220 118.51 44.81 -113.66
CA ALA QF 220 119.11 45.27 -112.42
C ALA QF 220 119.34 44.06 -111.53
N LYS QF 221 120.58 43.91 -111.06
CA LYS QF 221 120.92 42.88 -110.08
C LYS QF 221 121.45 43.62 -108.85
N ILE QF 222 120.58 43.89 -107.88
CA ILE QF 222 120.89 44.80 -106.79
C ILE QF 222 120.94 44.00 -105.49
N GLN QF 223 122.03 44.18 -104.74
CA GLN QF 223 122.21 43.57 -103.43
C GLN QF 223 122.52 44.66 -102.41
N LEU QF 224 121.72 44.73 -101.35
CA LEU QF 224 121.86 45.78 -100.35
C LEU QF 224 121.61 45.18 -98.97
N ALA QF 225 122.12 45.87 -97.95
CA ALA QF 225 121.91 45.46 -96.56
C ALA QF 225 122.17 46.66 -95.67
N GLY QF 226 121.30 46.86 -94.68
CA GLY QF 226 121.48 47.97 -93.76
C GLY QF 226 120.18 48.29 -93.04
N ILE QF 227 120.08 49.55 -92.60
CA ILE QF 227 118.93 50.04 -91.85
C ILE QF 227 118.28 51.15 -92.67
N VAL QF 228 116.99 51.01 -92.94
CA VAL QF 228 116.24 51.96 -93.75
C VAL QF 228 114.96 52.33 -93.03
N ASN QF 229 114.67 53.62 -92.93
CA ASN QF 229 113.42 54.05 -92.32
C ASN QF 229 112.23 53.79 -93.23
N ARG QF 230 112.36 54.10 -94.52
CA ARG QF 230 111.25 53.98 -95.44
C ARG QF 230 111.78 53.61 -96.82
N LEU QF 231 111.13 52.65 -97.48
CA LEU QF 231 111.59 52.15 -98.75
C LEU QF 231 110.43 51.97 -99.72
N ASP QF 232 110.65 52.41 -100.96
CA ASP QF 232 109.69 52.20 -102.04
C ASP QF 232 110.43 51.60 -103.23
N VAL QF 233 109.89 50.50 -103.76
CA VAL QF 233 110.52 49.76 -104.85
C VAL QF 233 109.49 49.52 -105.93
N GLU QF 234 109.87 49.83 -107.17
CA GLU QF 234 109.09 49.51 -108.36
C GLU QF 234 109.99 48.72 -109.30
N LEU QF 235 109.54 47.53 -109.67
CA LEU QF 235 110.28 46.67 -110.58
C LEU QF 235 109.40 46.35 -111.77
N TRP QF 236 109.94 46.51 -112.98
CA TRP QF 236 109.16 46.27 -114.20
C TRP QF 236 109.39 44.87 -114.77
N ASP QF 237 110.64 44.54 -115.10
CA ASP QF 237 110.92 43.23 -115.65
C ASP QF 237 112.40 42.91 -115.50
N PHE QF 238 112.70 41.64 -115.26
CA PHE QF 238 114.08 41.15 -115.16
C PHE QF 238 114.86 41.87 -114.07
N ALA QF 239 114.16 42.28 -113.02
CA ALA QF 239 114.78 42.93 -111.87
C ALA QF 239 114.97 41.91 -110.76
N GLN QF 240 116.10 42.00 -110.06
CA GLN QF 240 116.44 41.07 -108.98
C GLN QF 240 116.90 41.92 -107.80
N PHE QF 241 115.98 42.15 -106.85
CA PHE QF 241 116.27 42.93 -105.65
C PHE QF 241 116.47 41.97 -104.49
N LYS QF 242 117.70 41.89 -104.00
CA LYS QF 242 118.03 41.02 -102.87
C LYS QF 242 118.11 41.84 -101.59
N GLY QF 243 117.00 42.44 -101.17
CA GLY QF 243 117.04 43.28 -100.00
C GLY QF 243 117.06 42.50 -98.71
N LYS QF 244 117.70 41.32 -98.73
CA LYS QF 244 117.92 40.58 -97.50
C LYS QF 244 118.90 41.32 -96.61
N TYR QF 245 118.82 41.03 -95.31
CA TYR QF 245 119.66 41.70 -94.31
C TYR QF 245 119.46 43.21 -94.35
N LEU QF 246 118.28 43.63 -94.80
CA LEU QF 246 117.91 45.04 -94.89
C LEU QF 246 116.56 45.20 -94.21
N ARG QF 247 116.57 45.76 -92.99
CA ARG QF 247 115.35 45.89 -92.21
C ARG QF 247 114.81 47.30 -92.35
N ALA QF 248 113.54 47.40 -92.73
CA ALA QF 248 112.89 48.69 -92.95
C ALA QF 248 111.54 48.72 -92.25
N GLN QF 249 111.19 49.89 -91.73
CA GLN QF 249 109.91 50.04 -91.05
C GLN QF 249 108.75 50.03 -92.04
N ARG QF 250 108.77 50.97 -92.98
CA ARG QF 250 107.72 51.10 -93.99
C ARG QF 250 108.27 50.62 -95.32
N SER QF 251 107.57 49.66 -95.93
CA SER QF 251 108.01 49.09 -97.20
C SER QF 251 106.85 49.07 -98.18
N PHE QF 252 107.07 49.61 -99.37
CA PHE QF 252 106.12 49.55 -100.47
C PHE QF 252 106.77 48.86 -101.64
N VAL QF 253 106.12 47.82 -102.16
CA VAL QF 253 106.68 47.00 -103.23
C VAL QF 253 105.65 46.90 -104.34
N LYS QF 254 106.06 47.27 -105.56
CA LYS QF 254 105.25 47.06 -106.75
C LYS QF 254 106.09 46.29 -107.76
N THR QF 255 105.58 45.13 -108.20
CA THR QF 255 106.32 44.25 -109.08
C THR QF 255 105.48 43.90 -110.30
N HIS QF 256 106.08 44.02 -111.48
CA HIS QF 256 105.45 43.66 -112.73
C HIS QF 256 106.03 42.35 -113.24
N ASP QF 257 105.70 42.01 -114.48
CA ASP QF 257 106.03 40.71 -115.06
C ASP QF 257 107.53 40.43 -115.00
N LYS QF 258 107.88 39.21 -114.57
CA LYS QF 258 109.25 38.73 -114.54
C LYS QF 258 110.14 39.64 -113.68
N SER QF 259 109.82 39.69 -112.40
CA SER QF 259 110.58 40.49 -111.45
C SER QF 259 110.56 39.78 -110.10
N VAL QF 260 111.72 39.74 -109.45
CA VAL QF 260 111.86 39.08 -108.16
C VAL QF 260 112.41 40.07 -107.16
N ALA QF 261 111.68 40.24 -106.05
CA ALA QF 261 112.11 41.10 -104.96
C ALA QF 261 111.98 40.33 -103.65
N GLU QF 262 113.04 40.32 -102.86
CA GLU QF 262 113.00 39.72 -101.53
C GLU QF 262 113.28 40.78 -100.50
N ILE QF 263 112.37 40.91 -99.53
CA ILE QF 263 112.34 42.00 -98.57
C ILE QF 263 112.39 41.43 -97.16
N SER QF 264 112.78 42.28 -96.22
CA SER QF 264 112.87 41.94 -94.80
C SER QF 264 112.17 43.00 -93.96
N ALA QF 265 110.95 43.34 -94.34
CA ALA QF 265 110.19 44.36 -93.62
C ALA QF 265 109.90 43.89 -92.19
N VAL QF 266 109.99 44.82 -91.25
CA VAL QF 266 109.84 44.50 -89.84
C VAL QF 266 108.54 45.04 -89.25
N ASN QF 267 108.07 46.20 -89.67
CA ASN QF 267 106.90 46.83 -89.05
C ASN QF 267 105.71 46.89 -89.99
N HIS QF 268 105.86 47.49 -91.17
CA HIS QF 268 104.73 47.68 -92.08
C HIS QF 268 105.17 47.37 -93.50
N GLN QF 269 104.47 46.43 -94.13
CA GLN QF 269 104.82 45.96 -95.46
C GLN QF 269 103.57 45.96 -96.34
N SER QF 270 103.68 46.56 -97.52
CA SER QF 270 102.63 46.52 -98.52
C SER QF 270 103.22 46.04 -99.84
N SER QF 271 102.59 45.04 -100.44
CA SER QF 271 103.15 44.40 -101.63
C SER QF 271 102.05 44.17 -102.67
N LEU QF 272 102.33 44.58 -103.90
CA LEU QF 272 101.42 44.35 -105.02
C LEU QF 272 102.22 43.76 -106.19
N ALA QF 273 101.75 42.62 -106.68
CA ALA QF 273 102.37 41.95 -107.82
C ALA QF 273 101.35 41.80 -108.94
N THR QF 274 101.78 42.06 -110.17
CA THR QF 274 100.85 41.99 -111.29
C THR QF 274 100.70 40.56 -111.80
N ASP QF 275 101.79 39.98 -112.27
CA ASP QF 275 101.79 38.65 -112.88
C ASP QF 275 103.23 38.23 -113.08
N ALA QF 276 103.48 36.93 -112.95
CA ALA QF 276 104.82 36.36 -113.11
C ALA QF 276 105.83 37.13 -112.26
N SER QF 277 105.40 37.53 -111.07
CA SER QF 277 106.19 38.35 -110.17
C SER QF 277 106.31 37.65 -108.84
N ASP QF 278 107.50 37.72 -108.25
CA ASP QF 278 107.79 37.03 -106.99
C ASP QF 278 108.19 38.06 -105.93
N ILE QF 279 107.47 38.03 -104.80
CA ILE QF 279 107.80 38.86 -103.65
C ILE QF 279 107.98 37.93 -102.46
N TYR QF 280 109.18 37.93 -101.90
CA TYR QF 280 109.53 37.00 -100.82
C TYR QF 280 109.79 37.80 -99.56
N TYR QF 281 108.92 37.66 -98.57
CA TYR QF 281 109.11 38.33 -97.28
C TYR QF 281 109.82 37.38 -96.34
N TYR QF 282 110.91 37.85 -95.73
CA TYR QF 282 111.74 37.00 -94.89
C TYR QF 282 111.55 37.26 -93.41
N ASN QF 283 110.50 37.99 -93.03
CA ASN QF 283 110.23 38.21 -91.62
C ASN QF 283 108.73 38.41 -91.44
N LEU QF 284 108.26 38.14 -90.22
CA LEU QF 284 106.85 38.29 -89.88
C LEU QF 284 106.63 39.71 -89.38
N SER QF 285 106.27 40.61 -90.29
CA SER QF 285 106.05 42.00 -89.94
C SER QF 285 104.79 42.13 -89.08
N LYS QF 286 104.78 43.16 -88.23
CA LYS QF 286 103.60 43.41 -87.41
C LYS QF 286 102.42 43.86 -88.24
N THR QF 287 102.64 44.30 -89.48
CA THR QF 287 101.56 44.63 -90.38
C THR QF 287 101.98 44.27 -91.79
N ARG QF 288 101.18 43.45 -92.47
CA ARG QF 288 101.51 42.99 -93.80
C ARG QF 288 100.25 42.94 -94.65
N ALA QF 289 100.35 43.46 -95.87
CA ALA QF 289 99.27 43.37 -96.84
C ALA QF 289 99.84 42.96 -98.19
N ASP QF 290 99.19 42.00 -98.83
CA ASP QF 290 99.69 41.40 -100.06
C ASP QF 290 98.58 41.33 -101.09
N PHE QF 291 98.92 41.56 -102.35
CA PHE QF 291 97.93 41.51 -103.42
C PHE QF 291 98.54 40.97 -104.70
N MET QF 292 97.78 40.10 -105.37
CA MET QF 292 98.14 39.55 -106.68
C MET QF 292 97.09 39.96 -107.69
N ALA QF 293 97.52 40.34 -108.90
CA ALA QF 293 96.60 40.80 -109.93
C ALA QF 293 96.28 39.70 -110.94
N PHE QF 294 97.29 39.16 -111.63
CA PHE QF 294 97.07 38.06 -112.55
C PHE QF 294 97.81 36.80 -112.13
N ASN QF 295 99.14 36.87 -112.00
CA ASN QF 295 99.93 35.69 -111.65
C ASN QF 295 100.93 36.02 -110.54
N GLY QF 296 100.74 37.12 -109.83
CA GLY QF 296 101.70 37.50 -108.81
C GLY QF 296 101.75 36.49 -107.67
N SER QF 297 102.88 36.50 -106.96
CA SER QF 297 103.11 35.55 -105.89
C SER QF 297 103.80 36.25 -104.73
N VAL QF 298 103.29 35.98 -103.53
CA VAL QF 298 103.88 36.49 -102.29
C VAL QF 298 104.13 35.29 -101.39
N LEU QF 299 105.39 35.06 -101.02
CA LEU QF 299 105.74 33.88 -100.27
C LEU QF 299 106.76 34.22 -99.19
N ASP QF 300 106.81 33.36 -98.18
CA ASP QF 300 107.64 33.55 -96.99
C ASP QF 300 108.99 32.88 -97.12
N MET QF 301 109.01 31.60 -97.52
CA MET QF 301 110.19 30.75 -97.56
C MET QF 301 111.11 31.01 -96.37
N ARG QF 302 110.53 30.87 -95.17
CA ARG QF 302 111.34 30.94 -93.96
C ARG QF 302 112.02 29.60 -93.70
N GLU QF 303 112.84 29.57 -92.65
CA GLU QF 303 113.67 28.41 -92.39
C GLU QF 303 112.88 27.17 -91.97
N TRP QF 304 111.78 27.36 -91.23
CA TRP QF 304 110.97 26.27 -90.68
C TRP QF 304 111.78 25.38 -89.74
N GLY QF 305 112.98 25.79 -89.37
CA GLY QF 305 113.82 24.96 -88.53
C GLY QF 305 114.38 25.68 -87.32
N GLN QF 306 114.30 27.01 -87.32
CA GLN QF 306 114.82 27.77 -86.20
C GLN QF 306 113.99 27.49 -84.95
N SER QF 307 114.68 27.32 -83.83
CA SER QF 307 114.03 26.97 -82.58
C SER QF 307 113.40 28.15 -81.86
N ASP QF 308 113.24 29.29 -82.54
CA ASP QF 308 112.62 30.44 -81.90
C ASP QF 308 111.68 31.21 -82.82
N LEU QF 309 111.31 30.65 -83.97
CA LEU QF 309 110.45 31.37 -84.90
C LEU QF 309 109.04 31.52 -84.33
N LYS QF 310 108.42 32.65 -84.60
CA LYS QF 310 107.06 32.94 -84.16
C LYS QF 310 106.06 32.68 -85.28
N ASP QF 311 104.81 32.50 -84.88
CA ASP QF 311 103.73 32.14 -85.80
C ASP QF 311 102.84 33.34 -86.08
N PHE QF 312 101.84 33.12 -86.92
CA PHE QF 312 100.86 34.16 -87.23
C PHE QF 312 100.13 34.61 -85.98
N ASP QF 313 99.82 35.91 -85.92
CA ASP QF 313 99.01 36.48 -84.87
C ASP QF 313 97.72 37.05 -85.45
N ARG QF 314 96.76 37.30 -84.57
CA ARG QF 314 95.45 37.76 -85.02
C ARG QF 314 95.56 39.06 -85.79
N TYR QF 315 96.50 39.93 -85.41
CA TYR QF 315 96.72 41.15 -86.15
C TYR QF 315 97.66 40.95 -87.33
N ASN QF 316 98.25 39.77 -87.47
CA ASN QF 316 99.15 39.48 -88.57
C ASN QF 316 98.71 38.32 -89.43
N LYS QF 317 97.60 37.66 -89.11
CA LYS QF 317 97.16 36.51 -89.88
C LYS QF 317 96.41 36.94 -91.13
N GLN QF 318 97.05 37.77 -91.95
CA GLN QF 318 96.47 38.20 -93.21
C GLN QF 318 96.50 37.03 -94.19
N PHE QF 319 95.37 36.78 -94.82
CA PHE QF 319 95.44 35.62 -95.69
C PHE QF 319 95.56 36.02 -97.14
N PRO QF 320 96.39 35.29 -97.90
CA PRO QF 320 96.52 35.48 -99.34
C PRO QF 320 95.30 34.95 -100.09
N ASP RF 39 60.77 8.43 -96.44
CA ASP RF 39 60.81 7.23 -95.63
C ASP RF 39 61.70 6.17 -96.26
N GLY RF 40 61.80 6.19 -97.59
CA GLY RF 40 62.64 5.23 -98.28
C GLY RF 40 64.09 5.62 -98.17
N CYS RF 41 64.79 5.02 -97.22
CA CYS RF 41 66.16 5.45 -96.91
C CYS RF 41 67.13 5.05 -98.00
N CYS RF 42 67.05 3.81 -98.46
CA CYS RF 42 67.98 3.31 -99.47
C CYS RF 42 67.46 3.56 -100.88
N SER RF 43 67.10 4.80 -101.16
CA SER RF 43 66.63 5.17 -102.48
C SER RF 43 67.80 5.27 -103.44
N LYS RF 44 67.51 5.05 -104.73
CA LYS RF 44 68.51 5.06 -105.79
C LYS RF 44 69.64 4.07 -105.54
N MET RF 45 69.43 3.12 -104.63
CA MET RF 45 70.42 2.10 -104.35
C MET RF 45 69.81 0.73 -104.58
N GLY RF 46 70.53 -0.33 -104.20
CA GLY RF 46 69.97 -1.67 -104.27
C GLY RF 46 68.77 -1.87 -103.37
N GLY RF 47 68.57 -0.98 -102.41
CA GLY RF 47 67.50 -1.10 -101.44
C GLY RF 47 68.01 -1.51 -100.08
N ILE RF 48 67.09 -1.43 -99.10
CA ILE RF 48 67.45 -1.77 -97.73
C ILE RF 48 67.74 -3.26 -97.65
N ASN RF 49 68.89 -3.59 -97.04
CA ASN RF 49 69.21 -4.99 -96.81
C ASN RF 49 68.77 -5.44 -95.42
N TYR RF 50 69.30 -4.82 -94.37
CA TYR RF 50 68.90 -5.17 -93.01
C TYR RF 50 69.39 -4.06 -92.07
N CYS RF 51 69.29 -4.32 -90.77
CA CYS RF 51 69.63 -3.35 -89.74
C CYS RF 51 70.77 -3.86 -88.88
N ASP RF 52 71.72 -2.98 -88.58
CA ASP RF 52 72.79 -3.25 -87.64
C ASP RF 52 72.47 -2.53 -86.33
N SER RF 53 72.29 -3.32 -85.27
CA SER RF 53 71.96 -2.78 -83.96
C SER RF 53 73.16 -2.16 -83.26
N SER RF 54 74.37 -2.68 -83.51
CA SER RF 54 75.56 -2.13 -82.86
C SER RF 54 75.76 -0.67 -83.26
N ALA RF 55 75.55 -0.36 -84.53
CA ALA RF 55 75.63 1.01 -85.01
C ALA RF 55 74.28 1.70 -85.03
N GLY RF 56 73.20 0.97 -84.76
CA GLY RF 56 71.88 1.57 -84.81
C GLY RF 56 71.53 2.14 -86.17
N ARG RF 57 71.94 1.46 -87.24
CA ARG RF 57 71.80 1.99 -88.58
C ARG RF 57 71.22 0.93 -89.51
N LEU RF 58 70.88 1.37 -90.72
CA LEU RF 58 70.42 0.45 -91.75
C LEU RF 58 71.51 0.25 -92.79
N VAL RF 59 71.80 -1.01 -93.09
CA VAL RF 59 72.71 -1.38 -94.17
C VAL RF 59 71.86 -1.71 -95.39
N CYS RF 60 72.06 -0.94 -96.45
CA CYS RF 60 71.36 -1.16 -97.70
C CYS RF 60 71.98 -2.34 -98.44
N ASN RF 61 71.39 -2.69 -99.59
CA ASN RF 61 71.91 -3.81 -100.37
C ASN RF 61 73.31 -3.50 -100.88
N ASN RF 62 73.55 -2.29 -101.34
CA ASN RF 62 74.91 -1.88 -101.67
C ASN RF 62 75.71 -1.68 -100.38
N GLY RF 63 77.02 -1.90 -100.49
CA GLY RF 63 77.87 -1.92 -99.31
C GLY RF 63 78.11 -0.56 -98.71
N PHE RF 64 77.04 0.13 -98.31
CA PHE RF 64 77.16 1.45 -97.73
C PHE RF 64 76.17 1.59 -96.58
N TYR RF 65 76.46 2.54 -95.70
CA TYR RF 65 75.62 2.80 -94.54
C TYR RF 65 74.60 3.89 -94.86
N SER RF 66 73.33 3.60 -94.58
CA SER RF 66 72.30 4.61 -94.74
C SER RF 66 72.29 5.55 -93.54
N THR RF 67 71.60 6.67 -93.70
CA THR RF 67 71.53 7.69 -92.66
C THR RF 67 70.36 7.49 -91.71
N CYS RF 68 69.48 6.53 -91.96
CA CYS RF 68 68.35 6.29 -91.08
C CYS RF 68 68.79 5.48 -89.86
N TYR RF 69 67.83 5.12 -89.02
CA TYR RF 69 68.11 4.36 -87.81
C TYR RF 69 67.02 3.32 -87.61
N CYS RF 70 67.39 2.21 -86.97
CA CYS RF 70 66.42 1.18 -86.61
C CYS RF 70 66.19 1.05 -85.13
N THR RF 71 67.15 1.44 -84.30
CA THR RF 71 67.00 1.35 -82.85
C THR RF 71 67.20 2.73 -82.23
N ARG RF 72 66.47 2.98 -81.14
CA ARG RF 72 66.62 4.24 -80.44
C ARG RF 72 68.05 4.43 -79.94
N HIS RF 73 68.73 3.32 -79.63
CA HIS RF 73 70.13 3.41 -79.26
C HIS RF 73 70.95 3.75 -80.50
N ALA RF 74 71.41 5.00 -80.59
CA ALA RF 74 72.18 5.44 -81.74
C ALA RF 74 72.89 6.75 -81.36
N VAL RF 75 73.46 7.41 -82.37
CA VAL RF 75 74.12 8.69 -82.20
C VAL RF 75 73.24 9.75 -82.84
N MET RF 76 72.77 10.70 -82.05
CA MET RF 76 71.88 11.75 -82.52
C MET RF 76 72.45 13.11 -82.17
N ASP RF 77 72.39 14.02 -83.14
CA ASP RF 77 72.82 15.40 -82.92
C ASP RF 77 71.58 16.20 -82.53
N LEU RF 78 71.29 16.25 -81.24
CA LEU RF 78 70.11 16.91 -80.72
C LEU RF 78 70.50 17.88 -79.61
N GLN RF 79 69.79 19.01 -79.56
CA GLN RF 79 70.06 20.04 -78.56
C GLN RF 79 68.83 20.60 -77.88
N PHE RF 80 67.64 20.49 -78.46
CA PHE RF 80 66.44 21.11 -77.92
C PHE RF 80 65.47 20.04 -77.45
N LEU RF 81 64.85 20.26 -76.30
CA LEU RF 81 63.97 19.27 -75.68
C LEU RF 81 62.69 19.89 -75.15
N MET RF 82 61.94 19.11 -74.40
CA MET RF 82 60.64 19.49 -73.85
C MET RF 82 60.69 19.35 -72.33
N GLY RF 83 59.53 19.54 -71.69
CA GLY RF 83 59.40 19.33 -70.26
C GLY RF 83 59.85 20.53 -69.46
N CYS RF 84 59.39 20.57 -68.20
CA CYS RF 84 59.79 21.59 -67.26
C CYS RF 84 60.32 20.92 -65.99
N CYS RF 85 60.75 21.74 -65.04
CA CYS RF 85 61.51 21.27 -63.87
C CYS RF 85 62.77 20.53 -64.32
N LEU RF 86 63.34 20.96 -65.44
CA LEU RF 86 64.55 20.35 -65.97
C LEU RF 86 65.77 20.86 -65.21
N TRP RF 87 66.85 20.08 -65.29
CA TRP RF 87 68.02 20.28 -64.44
C TRP RF 87 67.61 20.31 -62.97
N HIS RF 88 66.58 19.54 -62.63
CA HIS RF 88 66.09 19.42 -61.28
C HIS RF 88 65.51 18.02 -61.12
N GLY RF 89 64.88 17.77 -59.98
CA GLY RF 89 64.35 16.46 -59.68
C GLY RF 89 63.12 16.11 -60.49
N GLY RF 90 62.87 16.85 -61.58
CA GLY RF 90 61.68 16.63 -62.37
C GLY RF 90 60.45 17.19 -61.69
N VAL RF 91 59.30 16.82 -62.23
CA VAL RF 91 58.03 17.26 -61.68
C VAL RF 91 57.70 16.42 -60.46
N TYR RF 92 57.37 17.10 -59.36
CA TYR RF 92 57.03 16.39 -58.15
C TYR RF 92 55.68 15.71 -58.31
N PRO RF 93 55.57 14.41 -58.01
CA PRO RF 93 54.32 13.68 -58.28
C PRO RF 93 53.16 14.08 -57.38
N GLN RF 94 53.38 14.90 -56.36
CA GLN RF 94 52.29 15.27 -55.45
C GLN RF 94 51.23 16.06 -56.19
N LEU RF 95 49.96 15.85 -55.81
CA LEU RF 95 48.83 16.52 -56.44
C LEU RF 95 48.57 17.82 -55.69
N ASN RF 96 49.24 18.89 -56.13
CA ASN RF 96 49.03 20.21 -55.57
C ASN RF 96 47.73 20.79 -56.11
N SER RF 97 46.79 21.08 -55.21
CA SER RF 97 45.47 21.54 -55.62
C SER RF 97 45.56 22.84 -56.42
N SER RF 98 46.44 23.74 -56.03
CA SER RF 98 46.62 25.00 -56.74
C SER RF 98 47.32 24.75 -58.08
N GLY RF 99 47.51 25.82 -58.84
CA GLY RF 99 48.27 25.75 -60.06
C GLY RF 99 49.76 25.71 -59.85
N LEU RF 100 50.21 25.81 -58.60
CA LEU RF 100 51.62 25.71 -58.29
C LEU RF 100 52.14 24.32 -58.65
N VAL RF 101 53.31 24.28 -59.28
CA VAL RF 101 54.03 23.05 -59.55
C VAL RF 101 55.45 23.21 -59.06
N VAL RF 102 55.90 22.28 -58.23
CA VAL RF 102 57.23 22.34 -57.63
C VAL RF 102 58.07 21.22 -58.19
N CYS RF 103 59.38 21.42 -58.17
CA CYS RF 103 60.33 20.40 -58.61
C CYS RF 103 60.86 19.64 -57.39
N ASN RF 104 61.20 18.38 -57.62
CA ASN RF 104 61.60 17.49 -56.52
C ASN RF 104 62.87 17.94 -55.82
N ASP RF 105 63.64 18.84 -56.42
CA ASP RF 105 64.81 19.41 -55.75
C ASP RF 105 64.48 20.62 -54.91
N GLY RF 106 63.19 20.96 -54.79
CA GLY RF 106 62.76 22.08 -53.99
C GLY RF 106 62.56 23.38 -54.75
N TYR RF 107 62.97 23.44 -56.01
CA TYR RF 107 62.78 24.64 -56.81
C TYR RF 107 61.35 24.70 -57.34
N VAL RF 108 60.84 25.91 -57.52
CA VAL RF 108 59.49 26.13 -58.01
C VAL RF 108 59.56 26.52 -59.49
N SER RF 109 58.78 25.84 -60.32
CA SER RF 109 58.74 26.12 -61.76
C SER RF 109 57.62 27.11 -62.01
N GLU RF 110 57.93 28.39 -61.84
CA GLU RF 110 56.92 29.43 -62.03
C GLU RF 110 56.39 29.45 -63.45
N GLU RF 111 57.27 29.29 -64.44
CA GLU RF 111 56.84 29.32 -65.83
C GLU RF 111 55.88 28.18 -66.15
N CYS RF 112 56.14 26.99 -65.58
CA CYS RF 112 55.23 25.88 -65.78
C CYS RF 112 53.98 26.01 -64.93
N SER RF 113 54.02 26.82 -63.88
CA SER RF 113 52.85 27.03 -63.04
C SER RF 113 51.80 27.86 -63.78
N LEU RF 114 50.60 27.88 -63.22
CA LEU RF 114 49.50 28.64 -63.80
C LEU RF 114 49.63 30.12 -63.44
N GLN RF 115 48.65 30.91 -63.84
CA GLN RF 115 48.64 32.35 -63.60
C GLN RF 115 47.35 32.74 -62.89
N LYS RF 116 47.46 33.71 -62.00
CA LYS RF 116 46.30 34.17 -61.22
C LYS RF 116 46.18 35.69 -61.26
N UNK SF 1 94.01 9.21 -91.42
CA UNK SF 1 93.92 8.70 -92.78
C UNK SF 1 95.10 9.17 -93.62
N UNK SF 2 94.85 10.21 -94.41
CA UNK SF 2 95.82 10.90 -95.26
C UNK SF 2 96.32 10.06 -96.43
N UNK SF 3 95.89 8.80 -96.56
CA UNK SF 3 96.27 7.99 -97.71
C UNK SF 3 95.21 6.90 -97.88
N UNK SF 4 94.32 7.09 -98.84
CA UNK SF 4 93.28 6.10 -99.07
C UNK SF 4 93.84 4.84 -99.70
N UNK SF 5 94.68 4.98 -100.72
CA UNK SF 5 95.28 3.84 -101.40
C UNK SF 5 96.68 3.64 -100.83
N UNK SF 6 96.74 2.97 -99.68
CA UNK SF 6 98.00 2.75 -98.99
C UNK SF 6 98.89 1.82 -99.80
N UNK SF 7 100.02 2.32 -100.25
CA UNK SF 7 100.95 1.52 -101.04
C UNK SF 7 101.47 0.34 -100.23
N UNK SF 8 101.45 -0.84 -100.82
CA UNK SF 8 101.96 -2.05 -100.18
C UNK SF 8 103.32 -2.35 -100.79
N UNK SF 9 104.36 -1.75 -100.22
CA UNK SF 9 105.74 -1.94 -100.66
C UNK SF 9 105.92 -1.61 -102.13
N UNK TF 1 76.51 73.17 50.14
CA UNK TF 1 76.41 71.90 49.42
C UNK TF 1 77.78 71.35 49.11
N UNK TF 2 78.13 71.32 47.84
CA UNK TF 2 79.42 70.81 47.39
C UNK TF 2 80.02 71.77 46.37
N UNK TF 3 81.34 71.72 46.25
CA UNK TF 3 82.08 72.54 45.30
C UNK TF 3 82.93 71.66 44.41
N UNK TF 4 83.17 72.13 43.19
CA UNK TF 4 83.88 71.34 42.19
C UNK TF 4 85.40 71.45 42.29
N UNK TF 5 85.92 72.25 43.23
CA UNK TF 5 87.37 72.35 43.38
C UNK TF 5 87.97 71.02 43.80
N UNK TF 6 87.35 70.35 44.76
CA UNK TF 6 87.83 69.03 45.18
C UNK TF 6 87.74 68.03 44.04
N UNK TF 7 86.65 68.08 43.27
CA UNK TF 7 86.52 67.18 42.14
C UNK TF 7 87.61 67.42 41.10
N UNK TF 8 87.90 68.68 40.80
CA UNK TF 8 88.96 68.99 39.85
C UNK TF 8 90.31 68.51 40.34
N UNK TF 9 90.61 68.76 41.62
CA UNK TF 9 91.90 68.31 42.17
C UNK TF 9 92.00 66.78 42.15
N UNK TF 10 90.92 66.10 42.48
CA UNK TF 10 90.93 64.63 42.48
C UNK TF 10 91.08 64.10 41.06
N UNK TF 11 90.44 64.73 40.08
CA UNK TF 11 90.62 64.32 38.70
C UNK TF 11 92.07 64.53 38.24
N UNK TF 12 92.67 65.65 38.64
CA UNK TF 12 94.07 65.89 38.31
C UNK TF 12 94.98 64.83 38.94
N UNK TF 13 94.72 64.48 40.20
CA UNK TF 13 95.52 63.44 40.85
C UNK TF 13 95.33 62.09 40.18
N UNK TF 14 94.09 61.76 39.80
CA UNK TF 14 93.85 60.50 39.11
C UNK TF 14 94.57 60.46 37.77
N UNK TF 15 94.59 61.59 37.05
CA UNK TF 15 95.36 61.66 35.82
C UNK TF 15 96.84 61.46 36.10
N UNK TF 16 97.38 62.13 37.11
CA UNK TF 16 98.77 61.95 37.52
C UNK TF 16 98.88 60.93 38.66
N UNK TF 17 98.21 59.78 38.45
CA UNK TF 17 98.31 58.68 39.39
C UNK TF 17 99.73 58.13 39.46
N UNK TF 18 100.39 57.99 38.31
CA UNK TF 18 101.76 57.50 38.23
C UNK TF 18 101.90 56.10 38.80
N UNK TF 19 101.08 55.17 38.28
CA UNK TF 19 101.13 53.78 38.69
C UNK TF 19 100.96 52.90 37.46
N UNK TF 20 101.90 51.98 37.24
CA UNK TF 20 101.86 51.07 36.10
C UNK TF 20 102.24 49.67 36.55
N UNK TF 21 101.39 48.70 36.22
CA UNK TF 21 101.64 47.30 36.56
C UNK TF 21 100.94 46.44 35.53
N UNK TF 22 101.71 45.83 34.62
CA UNK TF 22 101.14 45.04 33.55
C UNK TF 22 102.15 43.97 33.14
N UNK TF 23 101.66 43.01 32.34
CA UNK TF 23 102.49 41.92 31.86
C UNK TF 23 101.88 41.35 30.59
N UNK TF 24 102.71 40.60 29.85
CA UNK TF 24 102.30 39.91 28.65
C UNK TF 24 102.39 38.41 28.87
N UNK TF 25 101.42 37.69 28.29
CA UNK TF 25 101.38 36.24 28.37
C UNK TF 25 101.86 35.65 27.06
N UNK TF 26 102.94 34.88 27.11
CA UNK TF 26 103.45 34.20 25.93
C UNK TF 26 102.55 33.03 25.55
N UNK TF 27 102.78 32.49 24.36
CA UNK TF 27 101.99 31.36 23.90
C UNK TF 27 102.11 30.15 24.82
N UNK TF 28 103.22 30.02 25.54
CA UNK TF 28 103.41 28.95 26.50
C UNK TF 28 103.02 29.34 27.91
N UNK TF 29 102.12 30.32 28.06
CA UNK TF 29 101.64 30.79 29.36
C UNK TF 29 102.78 31.29 30.25
N UNK TF 30 103.76 31.96 29.66
CA UNK TF 30 104.85 32.55 30.41
C UNK TF 30 104.58 34.02 30.63
N UNK TF 31 104.74 34.48 31.87
CA UNK TF 31 104.47 35.86 32.24
C UNK TF 31 105.72 36.70 32.06
N UNK TF 32 105.59 37.80 31.33
CA UNK TF 32 106.68 38.76 31.13
C UNK TF 32 106.17 40.13 31.59
N UNK TF 33 106.63 40.56 32.76
CA UNK TF 33 106.11 41.78 33.38
C UNK TF 33 106.76 43.02 32.77
N UNK TF 34 106.18 44.17 33.10
CA UNK TF 34 106.71 45.47 32.71
C UNK TF 34 107.01 46.29 33.95
N UNK TF 35 108.12 47.02 33.92
CA UNK TF 35 108.54 47.81 35.08
C UNK TF 35 107.59 48.98 35.28
N UNK TF 36 107.83 49.73 36.36
CA UNK TF 36 107.00 50.87 36.67
C UNK TF 36 107.18 51.97 35.62
N UNK TF 37 106.06 52.61 35.26
CA UNK TF 37 106.07 53.69 34.28
C UNK TF 37 105.24 54.84 34.81
N UNK TF 38 105.65 56.05 34.45
CA UNK TF 38 104.98 57.28 34.87
C UNK TF 38 104.84 57.36 36.38
N UNK TF 39 95.83 37.64 24.94
CA UNK TF 39 97.03 36.94 25.34
C UNK TF 39 98.26 37.81 25.06
N UNK TF 40 98.38 38.27 23.82
CA UNK TF 40 99.52 39.11 23.45
C UNK TF 40 99.49 40.43 24.21
N UNK TF 41 98.33 41.07 24.30
CA UNK TF 41 98.23 42.36 24.97
C UNK TF 41 96.77 42.62 25.32
N UNK TF 42 96.47 42.72 26.61
CA UNK TF 42 95.14 43.10 27.09
C UNK TF 42 95.26 44.26 28.05
N UNK TF 43 94.36 45.25 27.89
CA UNK TF 43 94.39 46.41 28.76
C UNK TF 43 94.16 46.04 30.22
N UNK TF 44 93.41 44.97 30.46
CA UNK TF 44 93.19 44.48 31.83
C UNK TF 44 94.49 44.07 32.50
N UNK TF 45 95.54 43.78 31.74
CA UNK TF 45 96.84 43.53 32.34
C UNK TF 45 97.34 44.74 33.11
N UNK TF 46 97.06 45.94 32.59
CA UNK TF 46 97.42 47.17 33.28
C UNK TF 46 96.59 47.34 34.54
N UNK TF 47 97.23 47.79 35.62
CA UNK TF 47 96.55 48.04 36.87
C UNK TF 47 97.35 49.07 37.66
N UNK TF 48 96.64 50.01 38.28
CA UNK TF 48 97.28 51.06 39.06
C UNK TF 48 97.30 50.69 40.55
N LYS UF 24 81.45 32.98 -109.84
CA LYS UF 24 80.13 33.53 -110.11
C LYS UF 24 79.40 33.90 -108.82
N PHE UF 25 79.19 32.92 -107.95
CA PHE UF 25 78.54 33.14 -106.68
C PHE UF 25 79.52 32.81 -105.56
N LYS UF 26 79.72 33.74 -104.64
CA LYS UF 26 80.57 33.55 -103.48
C LYS UF 26 79.70 33.65 -102.23
N LYS UF 27 79.47 32.53 -101.59
CA LYS UF 27 78.53 32.48 -100.47
C LYS UF 27 79.18 33.09 -99.22
N PRO UF 28 78.51 34.01 -98.54
CA PRO UF 28 79.06 34.58 -97.31
C PRO UF 28 79.03 33.54 -96.20
N PRO UF 29 79.80 33.76 -95.13
CA PRO UF 29 79.83 32.78 -94.02
C PRO UF 29 78.46 32.63 -93.40
N ILE UF 30 77.96 31.40 -93.38
CA ILE UF 30 76.67 31.11 -92.77
C ILE UF 30 76.72 31.42 -91.27
N ASN UF 31 77.74 30.89 -90.60
CA ASN UF 31 77.93 31.16 -89.17
C ASN UF 31 78.68 32.49 -89.05
N ASN UF 32 77.92 33.57 -89.19
CA ASN UF 32 78.49 34.90 -89.13
C ASN UF 32 77.73 35.77 -88.13
N PRO UF 33 78.43 36.58 -87.35
CA PRO UF 33 77.76 37.55 -86.46
C PRO UF 33 77.20 38.72 -87.25
N SER UF 34 76.05 38.50 -87.87
CA SER UF 34 75.42 39.53 -88.69
C SER UF 34 74.74 40.62 -87.87
N ASP UF 35 74.63 40.46 -86.57
CA ASP UF 35 73.91 41.40 -85.72
C ASP UF 35 74.87 42.08 -84.74
N ASP UF 36 74.50 43.29 -84.32
CA ASP UF 36 75.33 44.04 -83.39
C ASP UF 36 75.48 43.30 -82.07
N ALA UF 37 74.38 42.73 -81.56
CA ALA UF 37 74.48 41.96 -80.34
C ALA UF 37 75.41 40.76 -80.53
N THR UF 38 75.32 40.11 -81.69
CA THR UF 38 76.18 38.97 -81.96
C THR UF 38 77.65 39.37 -81.98
N ILE UF 39 77.97 40.49 -82.64
CA ILE UF 39 79.37 40.91 -82.71
C ILE UF 39 79.86 41.33 -81.33
N LYS UF 40 79.00 41.95 -80.53
CA LYS UF 40 79.38 42.30 -79.18
C LYS UF 40 79.68 41.05 -78.35
N LEU UF 41 78.84 40.03 -78.49
CA LEU UF 41 79.11 38.77 -77.80
C LEU UF 41 80.42 38.16 -78.24
N ALA UF 42 80.68 38.18 -79.56
CA ALA UF 42 81.91 37.57 -80.08
C ALA UF 42 83.14 38.30 -79.56
N GLU UF 43 83.12 39.64 -79.57
CA GLU UF 43 84.28 40.37 -79.09
C GLU UF 43 84.47 40.19 -77.60
N ALA UF 44 83.37 40.11 -76.84
CA ALA UF 44 83.48 39.81 -75.42
C ALA UF 44 84.11 38.45 -75.21
N ALA UF 45 83.72 37.47 -76.04
CA ALA UF 45 84.31 36.14 -75.94
C ALA UF 45 85.80 36.18 -76.22
N VAL UF 46 86.21 36.93 -77.24
CA VAL UF 46 87.63 37.04 -77.55
C VAL UF 46 88.37 37.64 -76.37
N SER UF 47 87.82 38.70 -75.79
CA SER UF 47 88.47 39.36 -74.66
C SER UF 47 88.63 38.40 -73.49
N VAL UF 48 87.55 37.71 -73.12
CA VAL UF 48 87.60 36.86 -71.93
C VAL UF 48 88.52 35.67 -72.17
N SER UF 49 88.53 35.13 -73.39
CA SER UF 49 89.46 34.05 -73.70
C SER UF 49 90.90 34.51 -73.57
N ASP UF 50 91.20 35.70 -74.10
CA ASP UF 50 92.56 36.22 -73.97
C ASP UF 50 92.93 36.42 -72.52
N SER UF 51 92.01 36.96 -71.72
CA SER UF 51 92.28 37.19 -70.31
C SER UF 51 92.56 35.88 -69.59
N MET UF 52 91.75 34.85 -69.85
CA MET UF 52 91.95 33.56 -69.21
C MET UF 52 93.28 32.94 -69.62
N LEU UF 53 93.63 33.06 -70.90
CA LEU UF 53 94.91 32.53 -71.35
C LEU UF 53 96.06 33.23 -70.65
N GLU UF 54 95.99 34.55 -70.53
CA GLU UF 54 97.05 35.28 -69.85
C GLU UF 54 97.13 34.89 -68.38
N MET UF 55 95.98 34.72 -67.74
CA MET UF 55 95.97 34.30 -66.34
C MET UF 55 96.62 32.94 -66.18
N ALA UF 56 96.27 31.99 -67.04
CA ALA UF 56 96.86 30.67 -66.96
C ALA UF 56 98.36 30.72 -67.22
N LYS UF 57 98.78 31.53 -68.19
CA LYS UF 57 100.20 31.64 -68.51
C LYS UF 57 100.98 32.19 -67.32
N VAL UF 58 100.47 33.25 -66.69
CA VAL UF 58 101.18 33.80 -65.54
C VAL UF 58 101.13 32.85 -64.35
N GLU UF 59 100.08 32.03 -64.25
CA GLU UF 59 99.96 31.11 -63.12
C GLU UF 59 100.87 29.89 -63.25
N LYS UF 60 101.08 29.42 -64.48
CA LYS UF 60 101.77 28.16 -64.70
C LYS UF 60 103.18 28.20 -64.12
N VAL UF 61 103.61 27.07 -63.55
CA VAL UF 61 104.95 26.90 -63.03
C VAL UF 61 105.60 25.73 -63.76
N ILE UF 62 106.84 25.92 -64.20
CA ILE UF 62 107.53 24.96 -65.04
C ILE UF 62 108.87 24.61 -64.42
N THR UF 63 109.42 23.48 -64.86
CA THR UF 63 110.74 23.03 -64.46
C THR UF 63 111.65 22.98 -65.67
N PRO UF 64 112.83 23.58 -65.62
CA PRO UF 64 113.70 23.59 -66.79
C PRO UF 64 114.16 22.18 -67.11
N PRO UF 65 114.37 21.86 -68.39
CA PRO UF 65 114.89 20.54 -68.76
C PRO UF 65 116.31 20.30 -68.30
N SER UF 66 116.98 21.31 -67.74
CA SER UF 66 118.34 21.12 -67.27
C SER UF 66 118.38 20.19 -66.05
N LYS UF 67 117.49 20.42 -65.09
CA LYS UF 67 117.54 19.70 -63.82
C LYS UF 67 116.21 19.04 -63.45
N ASP UF 68 115.33 18.83 -64.42
CA ASP UF 68 114.12 18.06 -64.18
C ASP UF 68 114.50 16.62 -63.86
N ASN UF 69 114.34 16.22 -62.60
CA ASN UF 69 114.83 14.93 -62.13
C ASN UF 69 113.94 13.82 -62.68
N THR UF 70 114.23 13.40 -63.90
CA THR UF 70 113.57 12.27 -64.54
C THR UF 70 114.63 11.40 -65.20
N LEU UF 71 114.46 10.09 -65.07
CA LEU UF 71 115.45 9.16 -65.62
C LEU UF 71 115.21 8.96 -67.11
N THR UF 72 116.27 9.11 -67.89
CA THR UF 72 116.19 8.99 -69.33
C THR UF 72 116.42 7.53 -69.73
N ILE UF 73 116.57 7.29 -71.03
CA ILE UF 73 116.79 5.96 -71.57
C ILE UF 73 118.24 5.56 -71.32
N PRO UF 74 118.49 4.45 -70.63
CA PRO UF 74 119.89 3.98 -70.47
C PRO UF 74 120.54 3.62 -71.79
N ASN UF 75 119.75 3.35 -72.84
CA ASN UF 75 120.25 3.02 -74.17
C ASN UF 75 121.15 1.77 -74.13
N ALA UF 76 120.53 0.65 -73.77
CA ALA UF 76 121.18 -0.65 -73.80
C ALA UF 76 120.46 -1.53 -74.81
N TYR UF 77 121.22 -2.42 -75.46
CA TYR UF 77 120.64 -3.25 -76.52
C TYR UF 77 119.55 -4.16 -75.98
N ASN UF 78 119.75 -4.74 -74.80
CA ASN UF 78 118.75 -5.62 -74.22
C ASN UF 78 117.50 -4.88 -73.78
N LEU UF 79 117.52 -3.55 -73.75
CA LEU UF 79 116.40 -2.77 -73.24
C LEU UF 79 115.35 -2.48 -74.31
N GLN UF 80 115.53 -2.97 -75.52
CA GLN UF 80 114.61 -2.69 -76.60
C GLN UF 80 113.49 -3.71 -76.72
N ALA UF 81 113.51 -4.77 -75.91
CA ALA UF 81 112.48 -5.78 -75.98
C ALA UF 81 111.12 -5.22 -75.57
N ARG UF 82 110.07 -5.86 -76.08
CA ARG UF 82 108.70 -5.42 -75.84
C ARG UF 82 107.94 -6.49 -75.10
N ALA UF 83 106.93 -6.08 -74.34
CA ALA UF 83 106.21 -6.98 -73.45
C ALA UF 83 104.80 -6.43 -73.21
N SER UF 84 104.10 -7.03 -72.25
CA SER UF 84 102.78 -6.59 -71.84
C SER UF 84 102.62 -6.95 -70.38
N VAL UF 85 102.46 -5.95 -69.51
CA VAL UF 85 102.50 -6.18 -68.08
C VAL UF 85 101.41 -5.37 -67.39
N ASP UF 86 100.74 -5.99 -66.43
CA ASP UF 86 99.81 -5.32 -65.55
C ASP UF 86 100.17 -5.62 -64.10
N TRP UF 87 100.12 -4.59 -63.26
CA TRP UF 87 100.45 -4.71 -61.85
C TRP UF 87 99.97 -3.46 -61.13
N SER UF 88 99.66 -3.60 -59.85
CA SER UF 88 99.33 -2.45 -59.02
C SER UF 88 99.61 -2.81 -57.57
N GLY UF 89 100.75 -2.38 -57.05
CA GLY UF 89 101.11 -2.66 -55.68
C GLY UF 89 102.58 -2.44 -55.38
N PRO UF 90 103.20 -3.42 -54.72
CA PRO UF 90 104.62 -3.28 -54.37
C PRO UF 90 105.49 -3.10 -55.59
N ILE UF 91 106.57 -2.36 -55.42
CA ILE UF 91 107.41 -1.93 -56.53
C ILE UF 91 108.66 -2.80 -56.66
N GLU UF 92 109.26 -3.16 -55.52
CA GLU UF 92 110.54 -3.84 -55.52
C GLU UF 92 110.45 -5.19 -56.22
N GLU UF 93 109.40 -5.97 -55.95
CA GLU UF 93 109.27 -7.27 -56.57
C GLU UF 93 109.12 -7.14 -58.08
N LEU UF 94 108.28 -6.21 -58.52
CA LEU UF 94 108.07 -6.02 -59.95
C LEU UF 94 109.36 -5.61 -60.64
N THR UF 95 110.10 -4.66 -60.06
CA THR UF 95 111.30 -4.19 -60.74
C THR UF 95 112.39 -5.25 -60.71
N ALA UF 96 112.49 -6.02 -59.64
CA ALA UF 96 113.46 -7.12 -59.60
C ALA UF 96 113.13 -8.15 -60.66
N ARG UF 97 111.85 -8.48 -60.84
CA ARG UF 97 111.47 -9.42 -61.88
C ARG UF 97 111.78 -8.87 -63.27
N ILE UF 98 111.56 -7.57 -63.47
CA ILE UF 98 111.91 -6.96 -64.75
C ILE UF 98 113.40 -7.08 -65.01
N ALA UF 99 114.20 -6.81 -63.98
CA ALA UF 99 115.65 -6.91 -64.13
C ALA UF 99 116.07 -8.34 -64.45
N LYS UF 100 115.46 -9.33 -63.78
CA LYS UF 100 115.79 -10.71 -64.06
C LYS UF 100 115.42 -11.09 -65.49
N ALA UF 101 114.25 -10.62 -65.96
CA ALA UF 101 113.87 -10.86 -67.34
C ALA UF 101 114.85 -10.22 -68.31
N ALA UF 102 115.41 -9.06 -67.94
CA ALA UF 102 116.39 -8.38 -68.76
C ALA UF 102 117.80 -8.93 -68.59
N HIS UF 103 118.00 -9.87 -67.66
CA HIS UF 103 119.32 -10.44 -67.37
C HIS UF 103 120.25 -9.38 -66.79
N PHE UF 104 119.77 -8.70 -65.75
CA PHE UF 104 120.54 -7.68 -65.05
C PHE UF 104 120.48 -7.96 -63.56
N ARG UF 105 121.56 -7.60 -62.86
CA ARG UF 105 121.57 -7.76 -61.42
C ARG UF 105 120.70 -6.69 -60.76
N PHE UF 106 120.30 -6.97 -59.52
CA PHE UF 106 119.35 -6.14 -58.81
C PHE UF 106 119.87 -5.83 -57.42
N ARG UF 107 119.86 -4.56 -57.03
CA ARG UF 107 120.31 -4.17 -55.70
C ARG UF 107 119.38 -3.10 -55.14
N VAL UF 108 119.38 -2.98 -53.81
CA VAL UF 108 118.56 -2.01 -53.11
C VAL UF 108 119.39 -1.37 -52.01
N LEU UF 109 119.30 -0.04 -51.92
CA LEU UF 109 119.95 0.74 -50.87
C LEU UF 109 118.87 1.46 -50.07
N GLY UF 110 118.66 1.02 -48.83
CA GLY UF 110 117.68 1.61 -47.95
C GLY UF 110 116.82 0.54 -47.32
N LYS UF 111 115.79 0.98 -46.61
CA LYS UF 111 114.87 0.09 -45.92
C LYS UF 111 113.46 0.36 -46.41
N SER UF 112 112.74 -0.70 -46.72
CA SER UF 112 111.35 -0.56 -47.12
C SER UF 112 110.51 -0.12 -45.92
N PRO UF 113 109.76 0.97 -46.01
CA PRO UF 113 108.96 1.41 -44.87
C PRO UF 113 107.84 0.45 -44.54
N SER UF 114 107.07 0.75 -43.49
CA SER UF 114 105.98 -0.12 -43.09
C SER UF 114 104.97 -0.28 -44.20
N VAL UF 115 104.50 0.82 -44.76
CA VAL UF 115 103.60 0.78 -45.91
C VAL UF 115 104.44 0.70 -47.17
N PRO UF 116 104.34 -0.37 -47.94
CA PRO UF 116 105.06 -0.43 -49.21
C PRO UF 116 104.57 0.64 -50.17
N VAL UF 117 105.48 1.08 -51.04
CA VAL UF 117 105.16 2.13 -52.00
C VAL UF 117 104.39 1.51 -53.15
N LEU UF 118 103.09 1.77 -53.21
CA LEU UF 118 102.26 1.23 -54.26
C LEU UF 118 102.56 1.93 -55.59
N ILE UF 119 102.28 1.22 -56.68
CA ILE UF 119 102.36 1.75 -58.03
C ILE UF 119 101.16 1.20 -58.81
N SER UF 120 101.07 1.59 -60.08
CA SER UF 120 99.97 1.14 -60.92
C SER UF 120 100.40 1.24 -62.37
N ILE UF 121 100.54 0.10 -63.04
CA ILE UF 121 100.94 0.04 -64.44
C ILE UF 121 100.06 -0.99 -65.13
N SER UF 122 99.64 -0.66 -66.36
CA SER UF 122 98.88 -1.61 -67.18
C SER UF 122 99.18 -1.25 -68.64
N THR UF 123 100.09 -2.00 -69.26
CA THR UF 123 100.53 -1.71 -70.61
C THR UF 123 100.49 -2.97 -71.45
N LYS UF 124 100.22 -2.77 -72.74
CA LYS UF 124 100.10 -3.84 -73.71
C LYS UF 124 101.35 -4.03 -74.55
N ASP UF 125 102.05 -2.94 -74.90
CA ASP UF 125 103.26 -3.05 -75.72
C ASP UF 125 104.14 -1.86 -75.42
N GLU UF 126 105.13 -2.05 -74.56
CA GLU UF 126 106.14 -1.05 -74.29
C GLU UF 126 107.44 -1.75 -73.92
N SER UF 127 108.54 -1.01 -74.05
CA SER UF 127 109.84 -1.56 -73.72
C SER UF 127 110.22 -1.26 -72.28
N LEU UF 128 111.14 -2.06 -71.76
CA LEU UF 128 111.53 -1.95 -70.37
C LEU UF 128 112.13 -0.58 -70.06
N ALA UF 129 112.69 0.09 -71.07
CA ALA UF 129 113.22 1.44 -70.85
C ALA UF 129 112.13 2.38 -70.35
N GLU UF 130 111.10 2.59 -71.17
CA GLU UF 130 110.02 3.46 -70.74
C GLU UF 130 109.26 2.87 -69.56
N ILE UF 131 109.29 1.55 -69.41
CA ILE UF 131 108.69 0.96 -68.22
C ILE UF 131 109.38 1.49 -66.97
N LEU UF 132 110.72 1.44 -66.96
CA LEU UF 132 111.46 1.95 -65.82
C LEU UF 132 111.28 3.45 -65.67
N ARG UF 133 111.17 4.16 -66.79
CA ARG UF 133 110.93 5.59 -66.73
C ARG UF 133 109.63 5.90 -66.00
N ASP UF 134 108.56 5.20 -66.37
CA ASP UF 134 107.27 5.40 -65.72
C ASP UF 134 107.35 4.99 -64.26
N ILE UF 135 108.07 3.91 -63.96
CA ILE UF 135 108.22 3.49 -62.56
C ILE UF 135 108.90 4.58 -61.75
N ASP UF 136 109.96 5.18 -62.31
CA ASP UF 136 110.65 6.24 -61.60
C ASP UF 136 109.74 7.45 -61.40
N TYR UF 137 108.95 7.78 -62.41
CA TYR UF 137 108.02 8.91 -62.27
C TYR UF 137 107.02 8.63 -61.15
N GLN UF 138 106.46 7.42 -61.12
CA GLN UF 138 105.51 7.07 -60.08
C GLN UF 138 106.16 6.97 -58.71
N ALA UF 139 107.48 6.72 -58.67
CA ALA UF 139 108.15 6.54 -57.38
C ALA UF 139 108.09 7.80 -56.53
N GLY UF 140 108.29 8.96 -57.14
CA GLY UF 140 108.25 10.17 -56.34
C GLY UF 140 109.48 10.32 -55.46
N LYS UF 141 109.34 11.19 -54.46
CA LYS UF 141 110.46 11.55 -53.61
C LYS UF 141 110.89 10.43 -52.67
N LYS UF 142 109.99 9.50 -52.36
CA LYS UF 142 110.29 8.48 -51.36
C LYS UF 142 111.44 7.58 -51.78
N ALA UF 143 111.55 7.28 -53.07
CA ALA UF 143 112.64 6.44 -53.55
C ALA UF 143 112.92 6.77 -55.01
N SER UF 144 114.11 6.42 -55.44
CA SER UF 144 114.55 6.63 -56.82
C SER UF 144 115.19 5.34 -57.33
N ILE UF 145 115.71 5.40 -58.55
CA ILE UF 145 116.25 4.22 -59.21
C ILE UF 145 117.43 4.63 -60.07
N HIS UF 146 118.43 3.77 -60.13
CA HIS UF 146 119.61 4.00 -60.94
C HIS UF 146 119.93 2.74 -61.75
N VAL UF 147 120.60 2.94 -62.88
CA VAL UF 147 120.93 1.86 -63.79
C VAL UF 147 122.38 2.00 -64.21
N TYR UF 148 123.16 0.94 -64.05
CA TYR UF 148 124.52 0.91 -64.57
C TYR UF 148 124.56 -0.04 -65.76
N PRO UF 149 124.80 0.48 -66.97
CA PRO UF 149 124.87 -0.38 -68.15
C PRO UF 149 126.29 -0.89 -68.39
N ASN UF 150 127.28 -0.20 -67.82
CA ASN UF 150 128.65 -0.68 -67.92
C ASN UF 150 128.79 -2.05 -67.27
N SER UF 151 128.32 -2.18 -66.03
CA SER UF 151 128.13 -3.46 -65.38
C SER UF 151 126.63 -3.62 -65.18
N GLN UF 152 126.07 -4.67 -65.76
CA GLN UF 152 124.64 -4.71 -66.03
C GLN UF 152 123.83 -4.84 -64.76
N VAL UF 153 123.54 -3.71 -64.11
CA VAL UF 153 122.86 -3.76 -62.81
C VAL UF 153 121.85 -2.63 -62.71
N VAL UF 154 120.83 -2.85 -61.87
CA VAL UF 154 119.85 -1.83 -61.52
C VAL UF 154 119.77 -1.76 -60.01
N GLU UF 155 119.32 -0.60 -59.51
CA GLU UF 155 119.30 -0.36 -58.08
C GLU UF 155 118.11 0.51 -57.72
N LEU UF 156 117.42 0.12 -56.65
CA LEU UF 156 116.35 0.89 -56.05
C LEU UF 156 116.86 1.52 -54.76
N ARG UF 157 116.67 2.82 -54.62
CA ARG UF 157 117.27 3.58 -53.52
C ARG UF 157 116.17 4.30 -52.75
N TYR UF 158 115.92 3.87 -51.52
CA TYR UF 158 114.99 4.61 -50.67
C TYR UF 158 115.63 5.91 -50.20
N ALA UF 159 114.81 6.78 -49.61
CA ALA UF 159 115.29 8.02 -49.03
C ALA UF 159 115.65 7.80 -47.56
N LYS UF 160 115.91 8.88 -46.85
CA LYS UF 160 116.24 8.79 -45.43
C LYS UF 160 114.99 8.94 -44.56
N ILE VF 208 125.38 46.47 -69.36
CA ILE VF 208 125.63 46.70 -70.78
C ILE VF 208 125.11 45.53 -71.61
N ILE VF 209 124.22 45.84 -72.56
CA ILE VF 209 123.64 44.85 -73.44
C ILE VF 209 123.80 45.33 -74.88
N TYR VF 210 123.80 44.38 -75.80
CA TYR VF 210 124.03 44.67 -77.21
C TYR VF 210 123.04 43.89 -78.06
N TYR VF 211 122.80 44.39 -79.26
CA TYR VF 211 121.78 43.82 -80.14
C TYR VF 211 122.27 43.83 -81.58
N ILE VF 212 121.60 43.03 -82.40
CA ILE VF 212 121.98 42.87 -83.80
C ILE VF 212 121.35 43.98 -84.63
N GLN VF 213 122.16 44.61 -85.48
CA GLN VF 213 121.68 45.62 -86.42
C GLN VF 213 121.48 45.03 -87.81
N ALA VF 214 122.55 44.47 -88.39
CA ALA VF 214 122.49 43.83 -89.69
C ALA VF 214 123.63 42.83 -89.77
N VAL VF 215 123.40 41.74 -90.50
CA VAL VF 215 124.33 40.63 -90.55
C VAL VF 215 124.62 40.26 -91.99
N ILE VF 216 125.90 40.02 -92.29
CA ILE VF 216 126.32 39.51 -93.58
C ILE VF 216 127.25 38.33 -93.31
N PRO VF 217 127.41 37.42 -94.27
CA PRO VF 217 128.41 36.36 -94.09
C PRO VF 217 129.79 36.95 -93.83
N GLY VF 218 130.31 36.73 -92.63
CA GLY VF 218 131.63 37.21 -92.28
C GLY VF 218 131.65 38.47 -91.45
N ARG VF 219 130.76 39.41 -91.76
CA ARG VF 219 130.73 40.72 -91.12
C ARG VF 219 129.34 41.00 -90.57
N ALA VF 220 129.30 41.72 -89.45
CA ALA VF 220 128.02 42.05 -88.84
C ALA VF 220 128.16 43.36 -88.06
N TRP VF 221 127.01 43.92 -87.70
CA TRP VF 221 126.93 45.21 -87.03
C TRP VF 221 126.25 45.03 -85.68
N LEU VF 222 126.84 45.62 -84.64
CA LEU VF 222 126.36 45.49 -83.27
C LEU VF 222 126.10 46.88 -82.71
N ILE VF 223 124.99 47.01 -82.00
CA ILE VF 223 124.59 48.28 -81.38
C ILE VF 223 124.70 48.15 -79.88
N GLY VF 224 125.36 49.12 -79.24
CA GLY VF 224 125.54 49.10 -77.81
C GLY VF 224 124.32 49.59 -77.04
N SER VF 225 124.38 49.43 -75.73
CA SER VF 225 123.31 49.91 -74.87
C SER VF 225 123.17 51.42 -74.94
N ASN VF 226 124.30 52.13 -74.93
CA ASN VF 226 124.30 53.59 -75.00
C ASN VF 226 124.26 54.10 -76.42
N GLY VF 227 124.22 53.22 -77.42
CA GLY VF 227 124.22 53.63 -78.81
C GLY VF 227 125.55 53.50 -79.52
N SER VF 228 126.57 52.96 -78.87
CA SER VF 228 127.86 52.77 -79.52
C SER VF 228 127.77 51.69 -80.59
N THR VF 229 128.35 51.95 -81.75
CA THR VF 229 128.35 51.00 -82.84
C THR VF 229 129.59 50.12 -82.80
N LEU VF 230 129.51 48.98 -83.48
CA LEU VF 230 130.64 48.07 -83.54
C LEU VF 230 130.52 47.21 -84.78
N THR VF 231 131.62 47.05 -85.50
CA THR VF 231 131.68 46.16 -86.65
C THR VF 231 132.47 44.92 -86.26
N VAL VF 232 131.87 43.75 -86.46
CA VAL VF 232 132.43 42.49 -85.98
C VAL VF 232 132.68 41.57 -87.16
N ARG VF 233 133.89 41.00 -87.21
CA ARG VF 233 134.27 40.04 -88.22
C ARG VF 233 133.94 38.63 -87.74
N GLU VF 234 134.46 37.62 -88.44
CA GLU VF 234 134.32 36.25 -87.97
C GLU VF 234 134.99 36.07 -86.60
N GLY VF 235 136.20 36.61 -86.45
CA GLY VF 235 136.88 36.56 -85.17
C GLY VF 235 137.22 37.93 -84.66
N SER VF 236 136.63 38.33 -83.54
CA SER VF 236 136.91 39.65 -82.97
C SER VF 236 136.53 39.63 -81.50
N LYS VF 237 137.13 40.56 -80.77
CA LYS VF 237 136.83 40.72 -79.35
C LYS VF 237 135.53 41.49 -79.16
N ILE VF 238 134.87 41.23 -78.04
CA ILE VF 238 133.60 41.91 -77.74
C ILE VF 238 133.48 42.10 -76.23
N PRO VF 239 133.19 43.32 -75.77
CA PRO VF 239 133.08 43.56 -74.33
C PRO VF 239 131.95 42.75 -73.71
N GLY VF 240 132.21 42.20 -72.54
CA GLY VF 240 131.21 41.45 -71.81
C GLY VF 240 130.87 40.08 -72.39
N TYR VF 241 131.51 39.70 -73.49
CA TYR VF 241 131.25 38.40 -74.11
C TYR VF 241 132.56 37.68 -74.37
N GLY VF 242 133.64 38.44 -74.52
CA GLY VF 242 134.93 37.85 -74.79
C GLY VF 242 135.33 37.95 -76.25
N MET VF 243 135.50 36.80 -76.90
CA MET VF 243 135.93 36.74 -78.28
C MET VF 243 134.89 36.01 -79.10
N VAL VF 244 134.63 36.52 -80.30
CA VAL VF 244 133.62 35.92 -81.17
C VAL VF 244 134.14 34.61 -81.71
N LYS VF 245 133.36 33.54 -81.54
CA LYS VF 245 133.75 32.23 -82.04
C LYS VF 245 133.03 31.85 -83.33
N LEU VF 246 131.84 32.38 -83.58
CA LEU VF 246 131.11 32.04 -84.79
C LEU VF 246 130.06 33.10 -85.06
N ILE VF 247 129.88 33.42 -86.34
CA ILE VF 247 128.91 34.40 -86.80
C ILE VF 247 127.94 33.71 -87.74
N ASP VF 248 126.64 33.90 -87.50
CA ASP VF 248 125.59 33.36 -88.35
C ASP VF 248 125.08 34.42 -89.30
N SER VF 249 124.64 33.98 -90.47
CA SER VF 249 124.04 34.86 -91.47
C SER VF 249 122.58 34.56 -91.73
N LEU VF 250 122.21 33.29 -91.81
CA LEU VF 250 120.80 32.94 -92.00
C LEU VF 250 119.99 33.15 -90.74
N GLN VF 251 120.61 33.01 -89.57
CA GLN VF 251 119.92 33.11 -88.30
C GLN VF 251 120.47 34.29 -87.51
N GLY VF 252 119.58 34.98 -86.81
CA GLY VF 252 119.97 36.13 -86.01
C GLY VF 252 120.57 35.73 -84.67
N ARG VF 253 121.59 34.89 -84.70
CA ARG VF 253 122.29 34.46 -83.49
C ARG VF 253 123.77 34.73 -83.64
N ILE VF 254 124.38 35.19 -82.55
CA ILE VF 254 125.81 35.49 -82.51
C ILE VF 254 126.45 34.64 -81.43
N LEU VF 255 127.53 33.95 -81.77
CA LEU VF 255 128.18 33.00 -80.88
C LEU VF 255 129.48 33.60 -80.36
N THR VF 256 129.64 33.58 -79.03
CA THR VF 256 130.75 34.22 -78.35
C THR VF 256 131.58 33.19 -77.59
N SER VF 257 132.72 33.65 -77.09
CA SER VF 257 133.55 32.80 -76.24
C SER VF 257 132.84 32.44 -74.95
N SER VF 258 132.11 33.39 -74.35
CA SER VF 258 131.42 33.15 -73.10
C SER VF 258 130.25 32.18 -73.24
N GLY VF 259 129.85 31.84 -74.46
CA GLY VF 259 128.75 30.92 -74.67
C GLY VF 259 127.37 31.54 -74.68
N GLN VF 260 127.27 32.85 -74.43
CA GLN VF 260 126.00 33.54 -74.52
C GLN VF 260 125.79 34.07 -75.93
N VAL VF 261 124.52 34.23 -76.32
CA VAL VF 261 124.14 34.51 -77.69
C VAL VF 261 123.44 35.86 -77.75
N ILE VF 262 123.71 36.61 -78.81
CA ILE VF 262 123.08 37.90 -79.06
C ILE VF 262 122.06 37.72 -80.18
N LYS VF 263 120.86 38.24 -79.97
CA LYS VF 263 119.77 38.16 -80.91
C LYS VF 263 119.37 39.56 -81.37
N PHE VF 264 118.29 39.66 -82.13
CA PHE VF 264 117.74 40.94 -82.51
C PHE VF 264 116.96 41.55 -81.36
N SER VF 265 116.95 42.87 -81.30
CA SER VF 265 116.16 43.57 -80.29
C SER VF 265 114.69 43.54 -80.66
N GLN VF 266 113.85 43.72 -79.64
CA GLN VF 266 112.39 43.66 -79.84
C GLN VF 266 111.73 44.97 -79.43
N MET WF 23 76.81 4.26 -113.80
CA MET WF 23 77.94 3.63 -113.13
C MET WF 23 77.56 3.20 -111.72
N LYS WF 24 77.16 1.93 -111.58
CA LYS WF 24 76.76 1.41 -110.29
C LYS WF 24 77.95 1.35 -109.34
N PHE WF 25 77.73 1.73 -108.09
CA PHE WF 25 78.78 1.80 -107.09
C PHE WF 25 78.41 0.94 -105.90
N LYS WF 26 79.35 0.11 -105.45
CA LYS WF 26 79.10 -0.80 -104.34
C LYS WF 26 80.40 -1.02 -103.59
N LYS WF 27 80.38 -1.96 -102.65
CA LYS WF 27 81.53 -2.43 -101.91
C LYS WF 27 81.56 -3.95 -101.94
N PRO WF 28 82.74 -4.56 -101.80
CA PRO WF 28 82.87 -6.00 -102.05
C PRO WF 28 81.95 -6.83 -101.18
N PRO WF 29 82.03 -6.74 -99.84
CA PRO WF 29 81.36 -7.75 -99.01
C PRO WF 29 79.86 -7.47 -98.91
N ILE WF 30 79.07 -8.33 -99.53
CA ILE WF 30 77.62 -8.30 -99.42
C ILE WF 30 77.15 -9.71 -99.11
N ASN WF 31 76.43 -9.88 -97.99
CA ASN WF 31 76.06 -11.19 -97.50
C ASN WF 31 74.58 -11.20 -97.14
N ASN WF 32 74.11 -12.36 -96.68
CA ASN WF 32 72.74 -12.47 -96.20
C ASN WF 32 72.59 -11.65 -94.92
N PRO WF 33 71.38 -11.16 -94.65
CA PRO WF 33 71.16 -10.34 -93.45
C PRO WF 33 71.48 -11.12 -92.17
N SER WF 34 72.03 -10.40 -91.21
CA SER WF 34 72.46 -10.99 -89.94
C SER WF 34 71.32 -10.93 -88.93
N ASP WF 35 71.62 -11.22 -87.67
CA ASP WF 35 70.64 -11.16 -86.60
C ASP WF 35 71.21 -10.39 -85.42
N ASP WF 36 70.38 -9.54 -84.83
CA ASP WF 36 70.83 -8.69 -83.73
C ASP WF 36 71.28 -9.51 -82.53
N ALA WF 37 70.53 -10.56 -82.18
CA ALA WF 37 70.91 -11.40 -81.07
C ALA WF 37 72.25 -12.07 -81.32
N THR WF 38 72.47 -12.56 -82.54
CA THR WF 38 73.77 -13.10 -82.90
C THR WF 38 74.87 -12.04 -82.77
N ILE WF 39 74.54 -10.79 -83.13
CA ILE WF 39 75.50 -9.71 -82.99
C ILE WF 39 75.91 -9.54 -81.53
N LYS WF 40 74.92 -9.53 -80.64
CA LYS WF 40 75.20 -9.39 -79.22
C LYS WF 40 76.01 -10.57 -78.71
N LEU WF 41 75.69 -11.77 -79.18
CA LEU WF 41 76.47 -12.95 -78.81
C LEU WF 41 77.92 -12.78 -79.22
N ALA WF 42 78.15 -12.30 -80.45
CA ALA WF 42 79.51 -12.07 -80.90
C ALA WF 42 80.21 -11.02 -80.06
N GLU WF 43 79.47 -9.97 -79.67
CA GLU WF 43 80.06 -8.91 -78.86
C GLU WF 43 80.53 -9.45 -77.52
N ALA WF 44 79.76 -10.34 -76.91
CA ALA WF 44 80.22 -10.98 -75.70
C ALA WF 44 81.41 -11.91 -75.99
N ALA WF 45 81.31 -12.68 -77.07
CA ALA WF 45 82.28 -13.74 -77.33
C ALA WF 45 83.66 -13.18 -77.61
N VAL WF 46 83.74 -12.06 -78.31
CA VAL WF 46 85.06 -11.50 -78.63
C VAL WF 46 85.79 -11.11 -77.35
N SER WF 47 85.07 -10.46 -76.44
CA SER WF 47 85.68 -10.10 -75.16
C SER WF 47 86.09 -11.35 -74.38
N VAL WF 48 85.23 -12.36 -74.37
CA VAL WF 48 85.58 -13.58 -73.64
C VAL WF 48 86.84 -14.21 -74.23
N SER WF 49 86.91 -14.26 -75.56
CA SER WF 49 88.06 -14.86 -76.22
C SER WF 49 89.34 -14.08 -75.94
N ASP WF 50 89.26 -12.75 -75.98
CA ASP WF 50 90.44 -11.95 -75.69
C ASP WF 50 90.89 -12.17 -74.25
N SER WF 51 89.94 -12.26 -73.33
CA SER WF 51 90.29 -12.50 -71.93
C SER WF 51 90.98 -13.85 -71.79
N MET WF 52 90.44 -14.88 -72.46
CA MET WF 52 91.07 -16.19 -72.39
C MET WF 52 92.46 -16.18 -72.99
N LEU WF 53 92.65 -15.45 -74.09
CA LEU WF 53 93.97 -15.37 -74.70
C LEU WF 53 94.97 -14.71 -73.75
N GLU WF 54 94.56 -13.62 -73.11
CA GLU WF 54 95.45 -12.96 -72.16
C GLU WF 54 95.76 -13.86 -70.98
N MET WF 55 94.76 -14.58 -70.49
CA MET WF 55 94.97 -15.49 -69.37
C MET WF 55 95.94 -16.61 -69.74
N ALA WF 56 95.79 -17.16 -70.95
CA ALA WF 56 96.71 -18.19 -71.40
C ALA WF 56 98.12 -17.64 -71.51
N LYS WF 57 98.25 -16.42 -72.03
CA LYS WF 57 99.57 -15.81 -72.16
C LYS WF 57 100.23 -15.65 -70.79
N VAL WF 58 99.49 -15.11 -69.82
CA VAL WF 58 100.09 -14.87 -68.51
C VAL WF 58 100.41 -16.19 -67.82
N GLU WF 59 99.56 -17.21 -68.00
CA GLU WF 59 99.83 -18.51 -67.41
C GLU WF 59 101.10 -19.12 -68.00
N LYS WF 60 101.25 -19.04 -69.32
CA LYS WF 60 102.45 -19.53 -69.96
C LYS WF 60 103.68 -18.78 -69.45
N VAL WF 61 103.54 -17.47 -69.25
CA VAL WF 61 104.66 -16.69 -68.73
C VAL WF 61 105.05 -17.18 -67.35
N ILE WF 62 104.08 -17.31 -66.45
CA ILE WF 62 104.40 -17.60 -65.06
C ILE WF 62 104.93 -19.03 -64.92
N THR WF 63 104.35 -19.97 -65.64
CA THR WF 63 104.79 -21.37 -65.50
C THR WF 63 105.46 -21.83 -66.78
N PRO WF 64 106.76 -22.12 -66.76
CA PRO WF 64 107.41 -22.65 -67.96
C PRO WF 64 107.17 -24.14 -68.10
N PRO WF 65 106.67 -24.59 -69.25
CA PRO WF 65 106.49 -26.03 -69.46
C PRO WF 65 107.83 -26.74 -69.53
N SER WF 66 107.79 -28.05 -69.24
CA SER WF 66 108.99 -28.85 -69.16
C SER WF 66 109.12 -29.86 -70.30
N LYS WF 67 108.13 -30.74 -70.46
CA LYS WF 67 108.20 -31.80 -71.45
C LYS WF 67 106.84 -31.94 -72.12
N ASP WF 68 106.70 -32.99 -72.94
CA ASP WF 68 105.49 -33.23 -73.71
C ASP WF 68 105.10 -34.69 -73.61
N ASN WF 69 103.79 -34.94 -73.77
CA ASN WF 69 103.27 -36.30 -73.65
C ASN WF 69 103.77 -37.22 -74.74
N THR WF 70 104.28 -36.68 -75.86
CA THR WF 70 104.68 -37.53 -76.98
C THR WF 70 105.75 -38.54 -76.57
N LEU WF 71 106.47 -38.27 -75.48
CA LEU WF 71 107.37 -39.27 -74.93
C LEU WF 71 106.63 -40.55 -74.57
N THR WF 72 105.51 -40.41 -73.84
CA THR WF 72 104.76 -41.60 -73.45
C THR WF 72 103.74 -42.02 -74.50
N ILE WF 73 103.50 -41.20 -75.52
CA ILE WF 73 102.60 -41.61 -76.60
C ILE WF 73 103.32 -41.41 -77.94
N PRO WF 74 104.27 -42.29 -78.28
CA PRO WF 74 104.94 -42.17 -79.57
C PRO WF 74 104.14 -42.81 -80.69
N ASN WF 75 104.06 -42.09 -81.80
CA ASN WF 75 103.37 -42.62 -82.96
C ASN WF 75 104.16 -43.77 -83.59
N ALA WF 76 103.47 -44.57 -84.38
CA ALA WF 76 104.08 -45.70 -85.06
C ALA WF 76 103.29 -45.97 -86.35
N TYR WF 77 103.61 -47.07 -87.02
CA TYR WF 77 102.93 -47.38 -88.26
C TYR WF 77 101.47 -47.74 -87.96
N ASN WF 78 100.68 -47.80 -89.04
CA ASN WF 78 99.24 -48.06 -89.01
C ASN WF 78 98.52 -47.16 -88.02
N LEU WF 79 99.15 -46.07 -87.60
CA LEU WF 79 98.51 -45.03 -86.82
C LEU WF 79 98.17 -43.82 -87.66
N GLN WF 80 98.36 -43.91 -88.98
CA GLN WF 80 98.12 -42.80 -89.88
C GLN WF 80 96.78 -42.88 -90.57
N ALA WF 81 96.03 -43.97 -90.37
CA ALA WF 81 94.65 -43.99 -90.83
C ALA WF 81 93.90 -42.83 -90.20
N ARG WF 82 93.23 -42.04 -91.03
CA ARG WF 82 92.81 -40.73 -90.56
C ARG WF 82 91.36 -40.76 -90.07
N ALA WF 83 91.00 -39.71 -89.32
CA ALA WF 83 89.71 -39.68 -88.67
C ALA WF 83 89.20 -38.25 -88.58
N SER WF 84 87.88 -38.12 -88.48
CA SER WF 84 87.23 -36.84 -88.21
C SER WF 84 86.01 -37.12 -87.36
N VAL WF 85 85.91 -36.47 -86.20
CA VAL WF 85 84.90 -36.80 -85.20
C VAL WF 85 84.23 -35.53 -84.72
N ASP WF 86 83.10 -35.72 -84.04
CA ASP WF 86 82.41 -34.63 -83.35
C ASP WF 86 81.69 -35.25 -82.16
N TRP WF 87 82.31 -35.18 -80.99
CA TRP WF 87 81.83 -35.88 -79.81
C TRP WF 87 81.98 -34.99 -78.59
N SER WF 88 80.93 -34.95 -77.77
CA SER WF 88 80.90 -34.10 -76.57
C SER WF 88 80.28 -34.86 -75.40
N GLY WF 89 80.65 -36.13 -75.24
CA GLY WF 89 80.08 -36.97 -74.22
C GLY WF 89 81.13 -37.62 -73.34
N PRO WF 90 80.86 -38.85 -72.92
CA PRO WF 90 81.83 -39.58 -72.10
C PRO WF 90 83.04 -40.03 -72.90
N ILE WF 91 83.93 -40.80 -72.28
CA ILE WF 91 85.22 -41.11 -72.85
C ILE WF 91 85.35 -42.58 -73.23
N GLU WF 92 84.89 -43.48 -72.36
CA GLU WF 92 85.26 -44.89 -72.45
C GLU WF 92 84.87 -45.49 -73.79
N GLU WF 93 83.62 -45.31 -74.22
CA GLU WF 93 83.20 -45.92 -75.47
C GLU WF 93 83.91 -45.28 -76.66
N LEU WF 94 84.20 -43.98 -76.59
CA LEU WF 94 84.93 -43.32 -77.66
C LEU WF 94 86.31 -43.93 -77.84
N THR WF 95 87.07 -44.01 -76.75
CA THR WF 95 88.42 -44.57 -76.86
C THR WF 95 88.37 -46.04 -77.20
N ALA WF 96 87.33 -46.76 -76.76
CA ALA WF 96 87.20 -48.16 -77.13
C ALA WF 96 86.98 -48.32 -78.63
N ARG WF 97 86.13 -47.48 -79.23
CA ARG WF 97 85.94 -47.52 -80.67
C ARG WF 97 87.23 -47.17 -81.40
N ILE WF 98 87.97 -46.18 -80.89
CA ILE WF 98 89.25 -45.83 -81.50
C ILE WF 98 90.18 -47.03 -81.48
N ALA WF 99 90.27 -47.72 -80.35
CA ALA WF 99 91.15 -48.87 -80.24
C ALA WF 99 90.70 -49.99 -81.17
N LYS WF 100 89.39 -50.22 -81.26
CA LYS WF 100 88.89 -51.26 -82.14
C LYS WF 100 89.23 -50.96 -83.60
N ALA WF 101 89.11 -49.70 -84.00
CA ALA WF 101 89.52 -49.33 -85.35
C ALA WF 101 91.02 -49.55 -85.54
N ALA WF 102 91.81 -49.21 -84.53
CA ALA WF 102 93.26 -49.33 -84.65
C ALA WF 102 93.75 -50.76 -84.56
N HIS WF 103 92.89 -51.69 -84.12
CA HIS WF 103 93.28 -53.07 -83.84
C HIS WF 103 94.32 -53.12 -82.72
N PHE WF 104 93.97 -52.55 -81.58
CA PHE WF 104 94.84 -52.51 -80.41
C PHE WF 104 94.10 -53.05 -79.20
N ARG WF 105 94.82 -53.80 -78.37
CA ARG WF 105 94.21 -54.36 -77.17
C ARG WF 105 94.00 -53.27 -76.13
N PHE WF 106 92.78 -53.19 -75.61
CA PHE WF 106 92.36 -52.12 -74.72
C PHE WF 106 92.50 -52.59 -73.27
N ARG WF 107 93.12 -51.77 -72.43
CA ARG WF 107 93.21 -52.06 -71.00
C ARG WF 107 92.85 -50.82 -70.22
N VAL WF 108 92.18 -51.04 -69.08
CA VAL WF 108 91.78 -49.98 -68.17
C VAL WF 108 92.36 -50.27 -66.79
N LEU WF 109 92.99 -49.26 -66.20
CA LEU WF 109 93.59 -49.38 -64.89
C LEU WF 109 93.04 -48.28 -63.99
N GLY WF 110 92.91 -48.61 -62.71
CA GLY WF 110 92.27 -47.71 -61.77
C GLY WF 110 90.81 -48.07 -61.61
N LYS WF 111 89.93 -47.06 -61.58
CA LYS WF 111 88.50 -47.31 -61.50
C LYS WF 111 87.76 -46.06 -61.92
N SER WF 112 86.63 -46.25 -62.58
CA SER WF 112 85.79 -45.13 -62.97
C SER WF 112 85.11 -44.56 -61.73
N PRO WF 113 85.30 -43.29 -61.40
CA PRO WF 113 84.65 -42.72 -60.24
C PRO WF 113 83.16 -42.51 -60.49
N SER WF 114 82.44 -42.21 -59.40
CA SER WF 114 81.01 -41.97 -59.51
C SER WF 114 80.72 -40.80 -60.42
N VAL WF 115 81.48 -39.72 -60.29
CA VAL WF 115 81.31 -38.59 -61.21
C VAL WF 115 81.86 -38.97 -62.57
N PRO WF 116 81.09 -38.85 -63.64
CA PRO WF 116 81.61 -39.20 -64.96
C PRO WF 116 82.63 -38.18 -65.44
N VAL WF 117 83.52 -38.64 -66.32
CA VAL WF 117 84.52 -37.79 -66.96
C VAL WF 117 84.03 -37.48 -68.35
N LEU WF 118 83.80 -36.20 -68.63
CA LEU WF 118 83.18 -35.76 -69.87
C LEU WF 118 84.22 -35.12 -70.77
N ILE WF 119 84.12 -35.42 -72.06
CA ILE WF 119 85.06 -34.92 -73.06
C ILE WF 119 84.27 -34.30 -74.21
N SER WF 120 84.65 -33.09 -74.60
CA SER WF 120 84.07 -32.42 -75.74
C SER WF 120 85.15 -32.24 -76.79
N ILE WF 121 84.89 -32.74 -78.01
CA ILE WF 121 85.87 -32.72 -79.09
C ILE WF 121 85.15 -32.43 -80.39
N SER WF 122 85.73 -31.55 -81.20
CA SER WF 122 85.18 -31.24 -82.52
C SER WF 122 86.32 -30.77 -83.40
N THR WF 123 86.60 -31.50 -84.47
CA THR WF 123 87.67 -31.15 -85.39
C THR WF 123 87.40 -31.83 -86.73
N LYS WF 124 88.40 -31.82 -87.60
CA LYS WF 124 88.25 -32.43 -88.92
C LYS WF 124 89.63 -32.79 -89.46
N ASP WF 125 89.77 -34.04 -89.91
CA ASP WF 125 90.98 -34.55 -90.52
C ASP WF 125 92.19 -34.39 -89.59
N GLU WF 126 92.11 -35.09 -88.47
CA GLU WF 126 93.24 -35.22 -87.56
C GLU WF 126 93.53 -36.71 -87.37
N SER WF 127 94.82 -37.05 -87.35
CA SER WF 127 95.19 -38.45 -87.28
C SER WF 127 95.17 -38.94 -85.83
N LEU WF 128 95.41 -40.24 -85.69
CA LEU WF 128 95.21 -40.92 -84.41
C LEU WF 128 96.13 -40.38 -83.33
N ALA WF 129 97.40 -40.16 -83.67
CA ALA WF 129 98.37 -39.78 -82.64
C ALA WF 129 98.00 -38.44 -82.00
N GLU WF 130 97.79 -37.41 -82.82
CA GLU WF 130 97.45 -36.11 -82.27
C GLU WF 130 96.06 -36.11 -81.66
N ILE WF 131 95.13 -36.90 -82.20
CA ILE WF 131 93.81 -36.99 -81.59
C ILE WF 131 93.92 -37.53 -80.17
N LEU WF 132 94.69 -38.60 -80.00
CA LEU WF 132 94.88 -39.18 -78.68
C LEU WF 132 95.61 -38.21 -77.76
N ARG WF 133 96.60 -37.50 -78.28
CA ARG WF 133 97.29 -36.51 -77.46
C ARG WF 133 96.34 -35.43 -76.97
N ASP WF 134 95.48 -34.94 -77.87
CA ASP WF 134 94.49 -33.94 -77.47
C ASP WF 134 93.55 -34.48 -76.42
N ILE WF 135 93.12 -35.73 -76.58
CA ILE WF 135 92.25 -36.35 -75.58
C ILE WF 135 92.95 -36.39 -74.23
N ASP WF 136 94.22 -36.79 -74.23
CA ASP WF 136 94.97 -36.88 -72.98
C ASP WF 136 95.11 -35.51 -72.34
N TYR WF 137 95.41 -34.48 -73.14
CA TYR WF 137 95.55 -33.14 -72.59
C TYR WF 137 94.24 -32.65 -72.01
N GLN WF 138 93.13 -32.87 -72.73
CA GLN WF 138 91.84 -32.43 -72.21
C GLN WF 138 91.47 -33.18 -70.94
N ALA WF 139 91.82 -34.45 -70.85
CA ALA WF 139 91.61 -35.19 -69.61
C ALA WF 139 92.42 -34.56 -68.48
N GLY WF 140 93.66 -34.17 -68.77
CA GLY WF 140 94.46 -33.46 -67.80
C GLY WF 140 94.73 -34.25 -66.54
N LYS WF 141 94.05 -33.87 -65.45
CA LYS WF 141 94.30 -34.48 -64.15
C LYS WF 141 93.45 -35.71 -63.88
N LYS WF 142 92.33 -35.88 -64.59
CA LYS WF 142 91.41 -36.96 -64.26
C LYS WF 142 91.91 -38.32 -64.74
N ALA WF 143 92.55 -38.36 -65.90
CA ALA WF 143 92.96 -39.64 -66.48
C ALA WF 143 94.17 -39.44 -67.38
N SER WF 144 94.74 -40.56 -67.81
CA SER WF 144 95.91 -40.52 -68.68
C SER WF 144 95.85 -41.68 -69.66
N ILE WF 145 96.55 -41.49 -70.79
CA ILE WF 145 96.56 -42.44 -71.89
C ILE WF 145 98.00 -42.85 -72.16
N HIS WF 146 98.21 -44.12 -72.48
CA HIS WF 146 99.52 -44.60 -72.86
C HIS WF 146 99.37 -45.62 -73.98
N VAL WF 147 100.40 -45.72 -74.81
CA VAL WF 147 100.41 -46.61 -75.95
C VAL WF 147 101.67 -47.44 -75.92
N TYR WF 148 101.57 -48.65 -76.46
CA TYR WF 148 102.71 -49.57 -76.54
C TYR WF 148 102.65 -50.25 -77.90
N PRO WF 149 103.37 -49.72 -78.90
CA PRO WF 149 103.35 -50.33 -80.23
C PRO WF 149 104.01 -51.69 -80.28
N ASN WF 150 104.84 -52.03 -79.30
CA ASN WF 150 105.50 -53.33 -79.31
C ASN WF 150 104.49 -54.47 -79.27
N SER WF 151 103.47 -54.32 -78.44
CA SER WF 151 102.41 -55.32 -78.33
C SER WF 151 101.05 -54.76 -78.71
N GLN WF 152 101.00 -53.57 -79.31
CA GLN WF 152 99.76 -52.95 -79.76
C GLN WF 152 98.76 -52.84 -78.61
N VAL WF 153 99.16 -52.09 -77.59
CA VAL WF 153 98.39 -51.98 -76.35
C VAL WF 153 98.03 -50.52 -76.12
N VAL WF 154 96.75 -50.26 -75.84
CA VAL WF 154 96.27 -48.94 -75.44
C VAL WF 154 95.80 -49.04 -74.00
N GLU WF 155 96.46 -48.31 -73.11
CA GLU WF 155 96.22 -48.37 -71.68
C GLU WF 155 95.67 -47.05 -71.20
N LEU WF 156 94.50 -47.09 -70.56
CA LEU WF 156 93.86 -45.91 -70.01
C LEU WF 156 93.87 -46.03 -68.49
N ARG WF 157 94.48 -45.07 -67.82
CA ARG WF 157 94.62 -45.11 -66.37
C ARG WF 157 93.85 -43.96 -65.74
N TYR WF 158 92.98 -44.29 -64.79
CA TYR WF 158 92.25 -43.27 -64.07
C TYR WF 158 93.15 -42.57 -63.06
N ALA WF 159 92.61 -41.55 -62.41
CA ALA WF 159 93.31 -40.85 -61.36
C ALA WF 159 92.89 -41.42 -60.01
N LYS WF 160 93.76 -42.24 -59.42
CA LYS WF 160 93.50 -42.81 -58.10
C LYS WF 160 94.13 -41.90 -57.06
N ILE WF 161 93.29 -41.22 -56.29
CA ILE WF 161 93.73 -40.31 -55.24
C ILE WF 161 92.84 -40.53 -54.02
N TYR WF 162 93.03 -39.68 -53.01
CA TYR WF 162 92.31 -39.75 -51.74
C TYR WF 162 92.60 -41.07 -51.02
N ARG XF 207 113.66 0.37 -16.74
CA ARG XF 207 113.11 -0.52 -15.73
C ARG XF 207 111.67 -0.15 -15.37
N ILE XF 208 111.12 -0.83 -14.37
CA ILE XF 208 109.79 -0.59 -13.87
C ILE XF 208 109.89 -0.30 -12.37
N ILE XF 209 109.23 0.76 -11.92
CA ILE XF 209 109.31 1.21 -10.54
C ILE XF 209 107.96 0.98 -9.89
N TYR XF 210 107.98 0.38 -8.70
CA TYR XF 210 106.78 0.02 -7.97
C TYR XF 210 106.61 0.95 -6.77
N TYR XF 211 105.36 1.30 -6.47
CA TYR XF 211 105.04 2.14 -5.33
C TYR XF 211 104.07 1.38 -4.44
N ILE XF 212 104.34 1.38 -3.13
CA ILE XF 212 103.50 0.64 -2.19
C ILE XF 212 102.14 1.32 -2.06
N GLN XF 213 101.12 0.52 -1.74
CA GLN XF 213 99.77 1.02 -1.58
C GLN XF 213 99.23 0.80 -0.17
N ALA XF 214 99.27 -0.43 0.33
CA ALA XF 214 98.78 -0.76 1.67
C ALA XF 214 99.92 -1.27 2.51
N VAL XF 215 100.13 -0.65 3.67
CA VAL XF 215 101.20 -1.02 4.58
C VAL XF 215 100.58 -1.68 5.80
N ILE XF 216 100.78 -2.99 5.92
CA ILE XF 216 100.35 -3.74 7.11
C ILE XF 216 101.39 -4.82 7.38
N PRO XF 217 101.45 -5.29 8.62
CA PRO XF 217 102.24 -6.50 8.89
C PRO XF 217 101.68 -7.68 8.10
N GLY XF 218 102.59 -8.51 7.59
CA GLY XF 218 102.17 -9.67 6.84
C GLY XF 218 102.05 -9.43 5.35
N ARG XF 219 101.14 -8.53 4.95
CA ARG XF 219 100.87 -8.26 3.54
C ARG XF 219 101.33 -6.86 3.19
N ALA XF 220 101.42 -6.60 1.88
CA ALA XF 220 101.80 -5.27 1.40
C ALA XF 220 101.30 -5.13 -0.02
N TRP XF 221 100.33 -4.26 -0.24
CA TRP XF 221 99.84 -3.96 -1.58
C TRP XF 221 100.66 -2.85 -2.19
N LEU XF 222 100.90 -2.96 -3.49
CA LEU XF 222 101.76 -2.02 -4.19
C LEU XF 222 101.34 -1.96 -5.66
N ILE XF 223 101.69 -0.86 -6.31
CA ILE XF 223 101.44 -0.67 -7.73
C ILE XF 223 102.75 -0.23 -8.38
N GLY XF 224 102.88 -0.55 -9.66
CA GLY XF 224 104.07 -0.17 -10.42
C GLY XF 224 103.89 1.14 -11.16
N SER XF 225 104.97 1.56 -11.81
CA SER XF 225 104.91 2.77 -12.63
C SER XF 225 103.94 2.61 -13.78
N ASN XF 226 103.95 1.44 -14.43
CA ASN XF 226 103.01 1.16 -15.51
C ASN XF 226 101.58 0.94 -15.02
N GLY XF 227 101.38 0.85 -13.70
CA GLY XF 227 100.07 0.57 -13.15
C GLY XF 227 99.85 -0.87 -12.74
N SER XF 228 100.83 -1.75 -12.94
CA SER XF 228 100.71 -3.13 -12.49
C SER XF 228 100.60 -3.15 -10.96
N THR XF 229 99.64 -3.92 -10.46
CA THR XF 229 99.33 -3.97 -9.04
C THR XF 229 99.51 -5.38 -8.51
N LEU XF 230 100.03 -5.48 -7.29
CA LEU XF 230 100.26 -6.77 -6.66
C LEU XF 230 100.21 -6.61 -5.15
N THR XF 231 100.21 -7.75 -4.46
CA THR XF 231 100.35 -7.78 -3.01
C THR XF 231 101.34 -8.88 -2.64
N VAL XF 232 102.24 -8.56 -1.72
CA VAL XF 232 103.36 -9.43 -1.40
C VAL XF 232 103.41 -9.68 0.09
N ARG XF 233 103.97 -10.82 0.46
CA ARG XF 233 104.22 -11.18 1.85
C ARG XF 233 105.70 -10.99 2.16
N GLU XF 234 106.11 -11.42 3.35
CA GLU XF 234 107.53 -11.32 3.72
C GLU XF 234 108.40 -12.17 2.80
N GLY XF 235 108.06 -13.44 2.64
CA GLY XF 235 108.75 -14.28 1.69
C GLY XF 235 108.07 -14.24 0.34
N SER XF 236 108.55 -13.40 -0.55
CA SER XF 236 107.88 -13.17 -1.82
C SER XF 236 108.91 -12.77 -2.87
N LYS XF 237 108.53 -12.93 -4.13
CA LYS XF 237 109.41 -12.66 -5.26
C LYS XF 237 108.91 -11.43 -6.00
N ILE XF 238 109.82 -10.49 -6.25
CA ILE XF 238 109.51 -9.25 -6.95
C ILE XF 238 110.42 -9.16 -8.17
N PRO XF 239 109.88 -9.17 -9.39
CA PRO XF 239 110.73 -9.06 -10.58
C PRO XF 239 111.50 -7.75 -10.60
N GLY XF 240 112.75 -7.83 -11.05
CA GLY XF 240 113.61 -6.67 -11.14
C GLY XF 240 114.17 -6.17 -9.83
N TYR XF 241 113.62 -6.61 -8.70
CA TYR XF 241 114.14 -6.22 -7.40
C TYR XF 241 114.56 -7.41 -6.56
N GLY XF 242 114.68 -8.59 -7.13
CA GLY XF 242 115.04 -9.79 -6.38
C GLY XF 242 113.87 -10.30 -5.55
N MET XF 243 114.04 -10.30 -4.23
CA MET XF 243 112.98 -10.71 -3.32
C MET XF 243 112.97 -9.77 -2.14
N VAL XF 244 111.82 -9.68 -1.49
CA VAL XF 244 111.66 -8.79 -0.34
C VAL XF 244 112.33 -9.45 0.86
N LYS XF 245 113.52 -8.96 1.21
CA LYS XF 245 114.26 -9.54 2.32
C LYS XF 245 113.70 -9.15 3.69
N LEU XF 246 113.05 -8.00 3.80
CA LEU XF 246 112.50 -7.56 5.07
C LEU XF 246 111.39 -6.56 4.82
N ILE XF 247 110.32 -6.66 5.61
CA ILE XF 247 109.16 -5.79 5.52
C ILE XF 247 109.06 -4.96 6.79
N ASP XF 248 108.98 -3.65 6.64
CA ASP XF 248 108.83 -2.73 7.77
C ASP XF 248 107.52 -1.97 7.61
N SER XF 249 106.68 -2.02 8.64
CA SER XF 249 105.46 -1.21 8.64
C SER XF 249 105.75 0.26 8.89
N LEU XF 250 106.94 0.56 9.41
CA LEU XF 250 107.30 1.95 9.72
C LEU XF 250 107.76 2.66 8.46
N GLN XF 251 107.22 3.86 8.23
CA GLN XF 251 107.56 4.73 7.11
C GLN XF 251 107.18 4.14 5.75
N GLY XF 252 106.49 3.01 5.71
CA GLY XF 252 106.09 2.42 4.45
C GLY XF 252 107.26 2.03 3.56
N ARG XF 253 108.23 1.31 4.12
CA ARG XF 253 109.42 0.91 3.39
C ARG XF 253 109.44 -0.60 3.21
N ILE XF 254 109.80 -1.04 2.02
CA ILE XF 254 109.96 -2.46 1.69
C ILE XF 254 111.41 -2.68 1.27
N LEU XF 255 112.07 -3.62 1.93
CA LEU XF 255 113.49 -3.89 1.69
C LEU XF 255 113.63 -5.09 0.78
N THR XF 256 114.26 -4.91 -0.37
CA THR XF 256 114.41 -5.97 -1.36
C THR XF 256 115.80 -6.57 -1.29
N SER XF 257 115.90 -7.82 -1.76
CA SER XF 257 117.21 -8.47 -1.85
C SER XF 257 118.14 -7.77 -2.81
N SER XF 258 117.60 -6.95 -3.72
CA SER XF 258 118.41 -6.13 -4.60
C SER XF 258 119.02 -4.92 -3.89
N GLY XF 259 118.83 -4.81 -2.57
CA GLY XF 259 119.31 -3.67 -1.83
C GLY XF 259 118.47 -2.42 -1.95
N GLN XF 260 117.33 -2.50 -2.62
CA GLN XF 260 116.51 -1.33 -2.85
C GLN XF 260 115.43 -1.20 -1.77
N VAL XF 261 115.00 0.03 -1.54
CA VAL XF 261 114.01 0.35 -0.52
C VAL XF 261 112.81 0.96 -1.24
N ILE XF 262 111.82 0.13 -1.55
CA ILE XF 262 110.60 0.61 -2.19
C ILE XF 262 109.80 1.44 -1.20
N LYS XF 263 109.36 2.61 -1.63
CA LYS XF 263 108.65 3.56 -0.79
C LYS XF 263 107.39 4.05 -1.51
N PHE XF 264 106.58 4.82 -0.79
CA PHE XF 264 105.46 5.50 -1.42
C PHE XF 264 105.95 6.68 -2.25
N SER XF 265 105.26 6.92 -3.36
CA SER XF 265 105.57 8.09 -4.18
C SER XF 265 105.31 9.37 -3.38
N GLN XF 266 106.14 10.39 -3.63
CA GLN XF 266 106.01 11.63 -2.89
C GLN XF 266 104.65 12.28 -3.13
N GLU XF 267 104.28 12.46 -4.40
CA GLU XF 267 102.97 13.03 -4.69
C GLU XF 267 101.86 12.03 -4.41
N ASP XF 268 102.06 10.77 -4.80
CA ASP XF 268 101.06 9.73 -4.59
C ASP XF 268 101.20 9.18 -3.17
N SER XF 269 100.85 10.04 -2.21
CA SER XF 269 100.98 9.72 -0.80
C SER XF 269 99.83 10.27 0.02
N GLN YF 791 109.20 14.03 49.11
CA GLN YF 791 109.62 12.64 49.25
C GLN YF 791 108.44 11.70 49.05
N GLN YF 792 107.54 11.69 50.04
CA GLN YF 792 106.35 10.85 49.97
C GLN YF 792 105.17 11.55 49.32
N GLU YF 793 105.35 12.77 48.82
CA GLU YF 793 104.26 13.49 48.18
C GLU YF 793 103.87 12.88 46.84
N ILE YF 794 104.66 11.93 46.33
CA ILE YF 794 104.31 11.26 45.08
C ILE YF 794 103.00 10.51 45.25
N GLN YF 795 102.80 9.89 46.41
CA GLN YF 795 101.65 9.00 46.61
C GLN YF 795 100.34 9.75 46.45
N GLN YF 796 100.22 10.92 47.09
CA GLN YF 796 99.03 11.73 46.88
C GLN YF 796 98.97 12.27 45.46
N ARG YF 797 100.12 12.59 44.87
CA ARG YF 797 100.17 12.98 43.47
C ARG YF 797 99.77 11.82 42.56
N THR YF 798 100.00 10.58 43.00
CA THR YF 798 99.65 9.41 42.20
C THR YF 798 98.16 9.22 42.04
N SER YF 799 97.33 9.96 42.79
CA SER YF 799 95.88 9.76 42.72
C SER YF 799 95.30 10.47 41.51
N ASP YF 800 95.53 11.78 41.39
CA ASP YF 800 94.84 12.58 40.40
C ASP YF 800 95.17 12.15 38.98
N MET YF 801 96.31 11.50 38.76
CA MET YF 801 96.72 11.15 37.41
C MET YF 801 95.73 10.20 36.76
N LEU YF 802 95.28 9.19 37.48
CA LEU YF 802 94.28 8.28 36.92
C LEU YF 802 92.98 9.00 36.62
N THR YF 803 92.55 9.88 37.53
CA THR YF 803 91.34 10.64 37.33
C THR YF 803 91.39 11.40 36.01
N ALA YF 804 92.49 12.11 35.77
CA ALA YF 804 92.69 12.74 34.48
C ALA YF 804 92.78 11.70 33.38
N ALA YF 805 93.57 10.64 33.59
CA ALA YF 805 93.76 9.63 32.56
C ALA YF 805 92.44 8.95 32.21
N THR YF 806 91.69 8.51 33.22
CA THR YF 806 90.41 7.87 32.97
C THR YF 806 89.48 8.77 32.19
N GLN YF 807 89.44 10.05 32.55
CA GLN YF 807 88.65 11.00 31.77
C GLN YF 807 89.21 11.13 30.36
N LEU YF 808 90.53 11.12 30.22
CA LEU YF 808 91.13 11.28 28.89
C LEU YF 808 90.87 10.06 28.01
N VAL YF 809 91.05 8.86 28.56
CA VAL YF 809 91.04 7.66 27.73
C VAL YF 809 89.65 7.42 27.13
N GLN YF 810 88.60 7.67 27.91
CA GLN YF 810 87.26 7.43 27.41
C GLN YF 810 86.92 8.34 26.23
N ASP YF 811 87.56 9.50 26.16
CA ASP YF 811 87.25 10.44 25.09
C ASP YF 811 87.55 9.86 23.71
N TRP YF 812 88.70 9.20 23.57
CA TRP YF 812 89.06 8.64 22.28
C TRP YF 812 88.17 7.47 21.88
N LYS YF 813 87.37 6.95 22.82
CA LYS YF 813 86.63 5.73 22.55
C LYS YF 813 85.40 6.00 21.70
N GLN YF 814 84.56 6.96 22.12
CA GLN YF 814 83.28 7.14 21.45
C GLN YF 814 83.46 7.90 20.15
N VAL YF 815 82.91 7.35 19.08
CA VAL YF 815 82.89 8.01 17.77
C VAL YF 815 81.51 7.80 17.17
N GLU YF 816 80.65 8.80 17.29
CA GLU YF 816 79.31 8.71 16.72
C GLU YF 816 79.38 8.82 15.21
N THR YF 817 78.53 8.05 14.53
CA THR YF 817 78.65 7.85 13.09
C THR YF 817 78.13 9.06 12.32
N GLN YF 818 78.03 8.90 11.00
CA GLN YF 818 77.56 9.93 10.09
C GLN YF 818 76.04 9.91 9.99
N VAL YF 819 75.50 10.90 9.26
CA VAL YF 819 74.07 11.03 9.05
C VAL YF 819 73.81 11.09 7.55
N TYR YF 820 72.92 10.23 7.07
CA TYR YF 820 72.52 10.19 5.66
C TYR YF 820 71.20 10.93 5.54
N THR YF 821 71.27 12.21 5.15
CA THR YF 821 70.09 13.02 4.99
C THR YF 821 69.67 13.02 3.53
N GLU YF 822 68.38 12.80 3.28
CA GLU YF 822 67.84 12.77 1.93
C GLU YF 822 67.04 14.04 1.67
N GLY YF 823 67.00 14.44 0.40
CA GLY YF 823 66.33 15.66 0.01
C GLY YF 823 65.52 15.47 -1.25
N THR YF 824 64.33 16.06 -1.25
CA THR YF 824 63.44 16.05 -2.41
C THR YF 824 62.35 17.10 -2.28
N ALA ZF 104 87.55 53.00 62.63
CA ALA ZF 104 86.18 53.28 62.23
C ALA ZF 104 86.09 53.37 60.71
N GLU ZF 105 86.46 54.53 60.16
CA GLU ZF 105 86.46 54.70 58.72
C GLU ZF 105 87.43 53.74 58.04
N VAL ZF 106 88.64 53.60 58.60
CA VAL ZF 106 89.58 52.63 58.06
C VAL ZF 106 89.07 51.21 58.27
N ILE ZF 107 88.31 50.98 59.34
CA ILE ZF 107 87.69 49.68 59.54
C ILE ZF 107 86.72 49.37 58.41
N ASP ZF 108 85.90 50.35 58.03
CA ASP ZF 108 84.99 50.16 56.91
C ASP ZF 108 85.75 49.98 55.61
N LYS ZF 109 86.86 50.71 55.45
CA LYS ZF 109 87.67 50.58 54.24
C LYS ZF 109 88.21 49.16 54.10
N LYS ZF 110 88.87 48.65 55.15
CA LYS ZF 110 89.39 47.29 55.08
C LYS ZF 110 88.26 46.27 55.01
N ALA ZF 111 87.09 46.61 55.54
CA ALA ZF 111 85.92 45.74 55.36
C ALA ZF 111 85.58 45.62 53.88
N PHE ZF 112 85.55 46.75 53.18
CA PHE ZF 112 85.32 46.70 51.74
C PHE ZF 112 86.44 45.96 51.02
N LYS ZF 113 87.67 46.09 51.52
CA LYS ZF 113 88.79 45.37 50.94
C LYS ZF 113 88.57 43.87 51.00
N ASP ZF 114 88.26 43.35 52.20
CA ASP ZF 114 88.02 41.91 52.31
C ASP ZF 114 86.75 41.50 51.59
N MET ZF 115 85.78 42.41 51.48
CA MET ZF 115 84.58 42.14 50.69
C MET ZF 115 84.95 41.87 49.24
N THR ZF 116 85.79 42.73 48.67
CA THR ZF 116 86.26 42.52 47.31
C THR ZF 116 87.08 41.24 47.21
N ARG ZF 117 87.91 40.97 48.22
CA ARG ZF 117 88.73 39.76 48.22
C ARG ZF 117 87.86 38.51 48.16
N ASN ZF 118 86.79 38.49 48.95
CA ASN ZF 118 85.88 37.34 48.94
C ASN ZF 118 85.07 37.29 47.65
N LEU ZF 119 84.66 38.44 47.13
CA LEU ZF 119 83.87 38.47 45.92
C LEU ZF 119 84.64 37.92 44.73
N TYR ZF 120 85.85 38.43 44.51
CA TYR ZF 120 86.68 38.05 43.36
C TYR ZF 120 88.06 37.63 43.85
N PRO ZF 121 88.19 36.41 44.38
CA PRO ZF 121 89.53 35.92 44.75
C PRO ZF 121 90.47 35.78 43.57
N LEU ZF 122 89.96 35.72 42.35
CA LEU ZF 122 90.76 35.55 41.15
C LEU ZF 122 90.86 36.87 40.41
N ASN ZF 123 92.09 37.26 40.07
CA ASN ZF 123 92.30 38.49 39.32
C ASN ZF 123 91.77 38.33 37.91
N PRO ZF 124 91.29 39.42 37.30
CA PRO ZF 124 90.84 39.31 35.89
C PRO ZF 124 91.94 38.83 34.96
N GLU ZF 125 93.18 39.29 35.19
CA GLU ZF 125 94.31 38.78 34.42
C GLU ZF 125 94.51 37.30 34.65
N GLN ZF 126 94.31 36.85 35.90
CA GLN ZF 126 94.39 35.43 36.18
C GLN ZF 126 93.31 34.66 35.43
N VAL ZF 127 92.12 35.26 35.30
CA VAL ZF 127 91.04 34.62 34.55
C VAL ZF 127 91.42 34.48 33.09
N VAL ZF 128 91.99 35.55 32.52
CA VAL ZF 128 92.41 35.49 31.12
C VAL ZF 128 93.48 34.42 30.94
N LYS ZF 129 94.43 34.34 31.88
CA LYS ZF 129 95.46 33.30 31.80
C LYS ZF 129 94.86 31.92 31.95
N LEU ZF 130 93.83 31.79 32.78
CA LEU ZF 130 93.14 30.51 32.92
C LEU ZF 130 92.50 30.10 31.60
N LYS ZF 131 91.85 31.06 30.93
CA LYS ZF 131 91.26 30.75 29.63
C LYS ZF 131 92.34 30.36 28.63
N GLN ZF 132 93.47 31.07 28.67
CA GLN ZF 132 94.57 30.77 27.76
C GLN ZF 132 95.09 29.35 27.97
N ILE ZF 133 95.35 28.98 29.22
CA ILE ZF 133 95.86 27.65 29.49
C ILE ZF 133 94.81 26.60 29.16
N TYR ZF 134 93.53 26.91 29.39
CA TYR ZF 134 92.46 25.98 29.05
C TYR ZF 134 92.42 25.72 27.55
N GLU ZF 135 92.51 26.77 26.74
CA GLU ZF 135 92.43 26.58 25.30
C GLU ZF 135 93.69 25.91 24.77
N THR ZF 136 94.85 26.19 25.36
CA THR ZF 136 96.05 25.45 24.97
C THR ZF 136 95.93 23.98 25.30
N SER ZF 137 95.37 23.66 26.47
CA SER ZF 137 95.17 22.27 26.84
C SER ZF 137 94.18 21.60 25.88
N GLU ZF 138 93.13 22.31 25.49
CA GLU ZF 138 92.18 21.77 24.52
C GLU ZF 138 92.86 21.51 23.18
N TYR ZF 139 93.74 22.44 22.76
CA TYR ZF 139 94.48 22.24 21.53
C TYR ZF 139 95.36 21.00 21.62
N ALA ZF 140 96.04 20.81 22.74
CA ALA ZF 140 96.85 19.62 22.92
C ALA ZF 140 96.00 18.36 22.90
N LYS ZF 141 94.85 18.39 23.56
CA LYS ZF 141 93.97 17.23 23.61
C LYS ZF 141 93.48 16.85 22.22
N ALA ZF 142 93.06 17.84 21.44
CA ALA ZF 142 92.56 17.55 20.10
C ALA ZF 142 93.68 17.29 19.11
N ALA ZF 143 94.91 17.67 19.44
CA ALA ZF 143 96.03 17.40 18.56
C ALA ZF 143 96.30 15.91 18.46
N THR ZF 144 96.81 15.49 17.30
CA THR ZF 144 97.06 14.09 17.04
C THR ZF 144 98.56 13.86 16.80
N PRO ZF 145 99.17 12.88 17.46
CA PRO ZF 145 100.56 12.54 17.14
C PRO ZF 145 100.65 12.01 15.71
N GLY ZF 146 101.83 12.20 15.11
CA GLY ZF 146 101.99 11.87 13.70
C GLY ZF 146 101.39 12.94 12.81
N THR ZF 147 101.05 12.55 11.60
CA THR ZF 147 100.43 13.48 10.67
C THR ZF 147 99.18 12.86 10.07
N PRO ZF 148 98.16 13.67 9.80
CA PRO ZF 148 96.98 13.14 9.15
C PRO ZF 148 97.31 12.62 7.77
N PRO ZF 149 96.61 11.59 7.31
CA PRO ZF 149 96.85 11.08 5.96
C PRO ZF 149 96.44 12.08 4.90
N LYS ZF 150 97.12 11.99 3.76
CA LYS ZF 150 96.83 12.91 2.67
C LYS ZF 150 95.50 12.57 2.03
N PRO ZF 151 94.60 13.53 1.86
CA PRO ZF 151 93.34 13.28 1.17
C PRO ZF 151 93.54 13.25 -0.35
N THR ZF 152 93.31 12.09 -0.94
CA THR ZF 152 93.44 11.89 -2.37
C THR ZF 152 92.09 11.50 -2.96
N ALA ZF 153 92.07 11.19 -4.25
CA ALA ZF 153 90.88 10.73 -4.93
C ALA ZF 153 91.30 10.01 -6.20
N THR ZF 154 90.72 8.85 -6.45
CA THR ZF 154 91.19 8.01 -7.55
C THR ZF 154 90.02 7.34 -8.25
N SER ZF 155 90.30 6.87 -9.47
CA SER ZF 155 89.35 6.09 -10.25
C SER ZF 155 90.11 4.92 -10.85
N GLN ZF 156 89.86 3.72 -10.33
CA GLN ZF 156 90.57 2.52 -10.73
C GLN ZF 156 89.65 1.58 -11.51
N PHE ZF 157 90.26 0.70 -12.28
CA PHE ZF 157 89.53 -0.32 -13.02
C PHE ZF 157 89.53 -1.63 -12.25
N VAL ZF 158 88.40 -2.33 -12.30
CA VAL ZF 158 88.22 -3.60 -11.59
C VAL ZF 158 88.18 -4.72 -12.62
N ASN ZF 159 88.98 -5.75 -12.40
CA ASN ZF 159 89.04 -6.90 -13.28
C ASN ZF 159 88.22 -8.04 -12.70
N LEU ZF 160 87.56 -8.79 -13.58
CA LEU ZF 160 86.65 -9.85 -13.17
C LEU ZF 160 87.19 -11.25 -13.43
N SER ZF 161 88.44 -11.38 -13.84
CA SER ZF 161 89.02 -12.70 -14.04
C SER ZF 161 89.20 -13.40 -12.70
N PRO ZF 162 89.22 -14.74 -12.68
CA PRO ZF 162 89.40 -15.46 -11.42
C PRO ZF 162 90.84 -15.47 -10.95
N GLY ZF 163 91.68 -14.61 -11.53
CA GLY ZF 163 93.07 -14.54 -11.14
C GLY ZF 163 93.54 -13.15 -10.77
N SER ZF 164 92.74 -12.13 -11.07
CA SER ZF 164 93.14 -10.77 -10.84
C SER ZF 164 93.22 -10.47 -9.34
N THR ZF 165 93.92 -9.40 -9.01
CA THR ZF 165 94.11 -8.96 -7.62
C THR ZF 165 92.95 -8.07 -7.20
N PRO ZF 166 92.26 -8.38 -6.11
CA PRO ZF 166 91.11 -7.57 -5.68
C PRO ZF 166 91.53 -6.16 -5.35
N PRO ZF 167 90.71 -5.18 -5.70
CA PRO ZF 167 91.02 -3.78 -5.34
C PRO ZF 167 91.01 -3.56 -3.84
N VAL ZF 168 91.92 -2.70 -3.39
CA VAL ZF 168 92.12 -2.37 -1.99
C VAL ZF 168 92.01 -0.87 -1.82
N ILE ZF 169 91.25 -0.43 -0.82
CA ILE ZF 169 90.99 0.98 -0.58
C ILE ZF 169 91.47 1.35 0.83
N ARG ZF 170 92.27 2.41 0.91
CA ARG ZF 170 92.74 2.93 2.18
C ARG ZF 170 91.75 3.94 2.73
N LEU ZF 171 91.34 3.75 3.98
CA LEU ZF 171 90.36 4.59 4.65
C LEU ZF 171 90.89 4.96 6.02
N SER ZF 172 90.06 5.64 6.80
CA SER ZF 172 90.44 6.06 8.14
C SER ZF 172 89.18 6.22 9.00
N GLN ZF 173 89.41 6.42 10.29
CA GLN ZF 173 88.33 6.55 11.25
C GLN ZF 173 87.84 7.99 11.31
N GLY ZF 174 86.51 8.15 11.37
CA GLY ZF 174 85.95 9.47 11.57
C GLY ZF 174 85.91 10.35 10.34
N PHE ZF 175 86.11 9.78 9.15
CA PHE ZF 175 85.98 10.55 7.92
C PHE ZF 175 85.21 9.73 6.89
N VAL ZF 176 84.41 10.43 6.10
CA VAL ZF 176 83.49 9.80 5.17
C VAL ZF 176 84.24 9.45 3.89
N SER ZF 177 83.94 8.28 3.35
CA SER ZF 177 84.49 7.82 2.08
C SER ZF 177 83.35 7.70 1.07
N SER ZF 178 83.52 8.33 -0.08
CA SER ZF 178 82.54 8.27 -1.16
C SER ZF 178 83.02 7.29 -2.21
N LEU ZF 179 82.18 6.32 -2.55
CA LEU ZF 179 82.48 5.27 -3.51
C LEU ZF 179 81.42 5.27 -4.61
N VAL ZF 180 81.87 5.26 -5.87
CA VAL ZF 180 80.95 5.20 -6.99
C VAL ZF 180 81.40 4.14 -7.96
N PHE ZF 181 80.45 3.65 -8.75
CA PHE ZF 181 80.66 2.52 -9.64
C PHE ZF 181 80.18 2.86 -11.04
N LEU ZF 182 81.13 3.02 -11.96
CA LEU ZF 182 80.86 3.19 -13.38
C LEU ZF 182 81.31 1.95 -14.13
N ASP ZF 183 80.84 1.82 -15.36
CA ASP ZF 183 81.26 0.69 -16.18
C ASP ZF 183 82.59 1.04 -16.88
N SER ZF 184 82.99 0.21 -17.84
CA SER ZF 184 84.20 0.53 -18.60
C SER ZF 184 84.04 1.83 -19.36
N THR ZF 185 82.88 2.04 -19.98
CA THR ZF 185 82.61 3.29 -20.69
C THR ZF 185 82.45 4.47 -19.74
N GLY ZF 186 82.18 4.22 -18.47
CA GLY ZF 186 81.98 5.27 -17.50
C GLY ZF 186 80.55 5.50 -17.08
N ALA ZF 187 79.60 4.74 -17.61
CA ALA ZF 187 78.21 4.87 -17.19
C ALA ZF 187 78.03 4.33 -15.78
N PRO ZF 188 77.41 5.07 -14.87
CA PRO ZF 188 77.23 4.58 -13.51
C PRO ZF 188 76.29 3.38 -13.48
N TRP ZF 189 76.84 2.23 -13.12
CA TRP ZF 189 76.04 1.01 -13.00
C TRP ZF 189 75.28 1.04 -11.69
N PRO ZF 190 73.95 0.95 -11.70
CA PRO ZF 190 73.18 1.02 -10.45
C PRO ZF 190 73.50 -0.13 -9.51
N ILE ZF 191 73.36 0.13 -8.21
CA ILE ZF 191 73.68 -0.82 -7.16
C ILE ZF 191 72.40 -1.49 -6.70
N ALA ZF 192 72.43 -2.82 -6.58
CA ALA ZF 192 71.28 -3.58 -6.12
C ALA ZF 192 71.40 -3.94 -4.64
N ALA ZF 193 72.49 -4.61 -4.25
CA ALA ZF 193 72.61 -5.10 -2.88
C ALA ZF 193 74.08 -5.22 -2.52
N TYR ZF 194 74.34 -5.39 -1.22
CA TYR ZF 194 75.70 -5.53 -0.73
C TYR ZF 194 75.70 -6.25 0.60
N ASP ZF 195 76.89 -6.74 0.96
CA ASP ZF 195 77.12 -7.38 2.25
C ASP ZF 195 78.46 -6.92 2.79
N LEU ZF 196 78.48 -6.47 4.04
CA LEU ZF 196 79.66 -5.94 4.69
C LEU ZF 196 80.19 -6.94 5.70
N GLY ZF 197 81.50 -7.16 5.69
CA GLY ZF 197 82.11 -7.99 6.72
C GLY ZF 197 82.35 -7.17 7.98
N ASP ZF 198 81.91 -7.71 9.12
CA ASP ZF 198 82.05 -7.07 10.43
C ASP ZF 198 81.55 -5.63 10.40
N PRO ZF 199 80.24 -5.42 10.35
CA PRO ZF 199 79.72 -4.04 10.32
C PRO ZF 199 80.05 -3.22 11.56
N SER ZF 200 80.42 -3.87 12.67
CA SER ZF 200 80.70 -3.13 13.90
C SER ZF 200 81.85 -2.14 13.69
N SER ZF 201 82.91 -2.58 13.03
CA SER ZF 201 84.08 -1.75 12.83
C SER ZF 201 83.90 -0.69 11.76
N PHE ZF 202 82.76 -0.65 11.10
CA PHE ZF 202 82.56 0.26 9.99
C PHE ZF 202 81.14 0.80 10.04
N ASN ZF 203 80.69 1.44 8.96
CA ASN ZF 203 79.36 2.00 8.87
C ASN ZF 203 79.03 2.24 7.42
N ILE ZF 204 77.78 1.99 7.04
CA ILE ZF 204 77.35 2.04 5.65
C ILE ZF 204 76.09 2.90 5.55
N GLN ZF 205 76.08 3.83 4.59
CA GLN ZF 205 74.89 4.61 4.25
C GLN ZF 205 74.64 4.48 2.76
N TRP ZF 206 73.45 4.00 2.41
CA TRP ZF 206 73.14 3.69 1.01
C TRP ZF 206 71.66 3.91 0.75
N ASP ZF 207 71.34 4.84 -0.15
CA ASP ZF 207 69.98 4.93 -0.65
C ASP ZF 207 69.70 3.73 -1.54
N LYS ZF 208 68.47 3.22 -1.48
CA LYS ZF 208 68.13 2.01 -2.21
C LYS ZF 208 68.28 2.18 -3.72
N THR ZF 209 68.29 3.41 -4.22
CA THR ZF 209 68.20 3.65 -5.66
C THR ZF 209 69.56 3.87 -6.31
N SER ZF 210 70.32 4.86 -5.85
CA SER ZF 210 71.52 5.27 -6.57
C SER ZF 210 72.63 4.23 -6.40
N ASN ZF 211 73.78 4.52 -7.01
CA ASN ZF 211 74.92 3.61 -6.99
C ASN ZF 211 76.12 4.19 -6.25
N THR ZF 212 75.89 5.06 -5.28
CA THR ZF 212 76.95 5.71 -4.52
C THR ZF 212 76.86 5.28 -3.06
N LEU ZF 213 78.02 5.08 -2.44
CA LEU ZF 213 78.10 4.62 -1.06
C LEU ZF 213 78.93 5.60 -0.23
N MET ZF 214 78.39 5.99 0.92
CA MET ZF 214 79.12 6.73 1.93
C MET ZF 214 79.48 5.77 3.04
N ILE ZF 215 80.77 5.70 3.37
CA ILE ZF 215 81.30 4.69 4.27
C ILE ZF 215 82.07 5.36 5.40
N GLN ZF 216 81.92 4.82 6.60
CA GLN ZF 216 82.69 5.24 7.76
C GLN ZF 216 83.28 4.02 8.42
N ALA ZF 217 84.51 4.14 8.94
CA ALA ZF 217 85.17 3.06 9.65
C ALA ZF 217 85.19 3.38 11.14
N THR ZF 218 84.58 2.49 11.94
CA THR ZF 218 84.46 2.76 13.36
C THR ZF 218 85.78 2.56 14.10
N LYS ZF 219 86.51 1.51 13.77
CA LYS ZF 219 87.77 1.20 14.44
C LYS ZF 219 88.92 1.97 13.76
N LEU ZF 220 90.15 1.59 14.10
CA LEU ZF 220 91.33 2.28 13.59
C LEU ZF 220 92.22 1.41 12.72
N TYR ZF 221 92.48 0.17 13.11
CA TYR ZF 221 93.36 -0.70 12.34
C TYR ZF 221 92.75 -2.09 12.12
N ASN ZF 222 91.43 -2.14 11.93
CA ASN ZF 222 90.75 -3.38 11.61
C ASN ZF 222 90.25 -3.32 10.18
N TYR ZF 223 90.78 -4.20 9.33
CA TYR ZF 223 90.46 -4.19 7.92
C TYR ZF 223 89.32 -5.16 7.61
N GLY ZF 224 88.58 -4.87 6.55
CA GLY ZF 224 87.43 -5.68 6.19
C GLY ZF 224 87.19 -5.80 4.70
N ASN ZF 225 86.06 -6.41 4.34
CA ASN ZF 225 85.73 -6.60 2.93
C ASN ZF 225 84.26 -6.27 2.69
N LEU ZF 226 83.96 -5.95 1.43
CA LEU ZF 226 82.61 -5.62 1.01
C LEU ZF 226 82.30 -6.37 -0.27
N ALA ZF 227 81.13 -6.98 -0.33
CA ALA ZF 227 80.65 -7.67 -1.51
C ALA ZF 227 79.46 -6.92 -2.09
N VAL ZF 228 79.44 -6.78 -3.41
CA VAL ZF 228 78.46 -5.95 -4.10
C VAL ZF 228 77.79 -6.77 -5.20
N ARG ZF 229 76.48 -6.63 -5.32
CA ARG ZF 229 75.70 -7.17 -6.43
C ARG ZF 229 75.02 -6.01 -7.13
N LEU ZF 230 75.36 -5.81 -8.40
CA LEU ZF 230 74.90 -4.66 -9.15
C LEU ZF 230 73.55 -4.97 -9.81
N ARG ZF 231 73.12 -4.09 -10.72
CA ARG ZF 231 71.80 -4.23 -11.30
C ARG ZF 231 71.74 -5.40 -12.27
N GLY ZF 232 72.53 -5.34 -13.34
CA GLY ZF 232 72.53 -6.38 -14.35
C GLY ZF 232 73.66 -7.37 -14.23
N LEU ZF 233 74.54 -7.22 -13.26
CA LEU ZF 233 75.73 -8.06 -13.14
C LEU ZF 233 75.46 -9.20 -12.18
N ASN ZF 234 75.41 -10.42 -12.71
CA ASN ZF 234 75.26 -11.60 -11.86
C ASN ZF 234 76.53 -11.90 -11.08
N THR ZF 235 77.67 -11.47 -11.59
CA THR ZF 235 78.94 -11.76 -10.93
C THR ZF 235 79.14 -10.83 -9.74
N PRO ZF 236 79.46 -11.36 -8.56
CA PRO ZF 236 79.67 -10.50 -7.40
C PRO ZF 236 80.94 -9.67 -7.53
N VAL ZF 237 81.04 -8.64 -6.70
CA VAL ZF 237 82.15 -7.70 -6.70
C VAL ZF 237 82.77 -7.68 -5.32
N MET ZF 238 84.11 -7.72 -5.26
CA MET ZF 238 84.83 -7.68 -4.00
C MET ZF 238 85.57 -6.36 -3.88
N LEU ZF 239 85.61 -5.83 -2.65
CA LEU ZF 239 86.44 -4.68 -2.34
C LEU ZF 239 87.07 -4.90 -0.98
N THR ZF 240 88.35 -4.62 -0.85
CA THR ZF 240 89.02 -4.68 0.45
C THR ZF 240 89.17 -3.26 0.99
N LEU ZF 241 89.01 -3.11 2.30
CA LEU ZF 241 89.14 -1.81 2.95
C LEU ZF 241 90.09 -1.94 4.12
N ILE ZF 242 91.09 -1.06 4.16
CA ILE ZF 242 92.09 -1.06 5.23
C ILE ZF 242 92.10 0.32 5.86
N PRO ZF 243 91.85 0.45 7.17
CA PRO ZF 243 91.86 1.76 7.81
C PRO ZF 243 93.24 2.14 8.32
N GLY ZF 244 93.36 3.42 8.67
CA GLY ZF 244 94.59 3.93 9.27
C GLY ZF 244 95.81 3.88 8.37
N GLN ZF 245 95.66 4.30 7.13
CA GLN ZF 245 96.76 4.35 6.18
C GLN ZF 245 97.34 5.77 6.10
N LYS ZF 246 98.52 5.87 5.50
CA LYS ZF 246 99.17 7.17 5.32
C LYS ZF 246 98.46 8.07 4.34
N ALA ZF 247 97.49 7.54 3.58
CA ALA ZF 247 96.68 8.33 2.68
C ALA ZF 247 95.23 7.88 2.80
N VAL ZF 248 94.31 8.79 2.51
CA VAL ZF 248 92.88 8.51 2.59
C VAL ZF 248 92.23 8.93 1.28
N ASP ZF 249 91.54 8.01 0.63
CA ASP ZF 249 90.90 8.29 -0.65
C ASP ZF 249 89.49 8.80 -0.37
N TYR ZF 250 89.32 10.13 -0.45
CA TYR ZF 250 88.00 10.73 -0.32
C TYR ZF 250 87.04 10.13 -1.34
N ARG ZF 251 87.33 10.33 -2.62
CA ARG ZF 251 86.50 9.82 -3.70
C ARG ZF 251 87.18 8.64 -4.37
N VAL ZF 252 86.46 7.53 -4.50
CA VAL ZF 252 86.95 6.36 -5.21
C VAL ZF 252 85.90 5.96 -6.24
N ASP ZF 253 86.31 5.96 -7.51
CA ASP ZF 253 85.47 5.48 -8.60
C ASP ZF 253 86.01 4.15 -9.09
N LEU ZF 254 85.12 3.22 -9.39
CA LEU ZF 254 85.53 1.92 -9.91
C LEU ZF 254 84.87 1.66 -11.25
N ARG ZF 255 85.68 1.34 -12.25
CA ARG ZF 255 85.21 1.08 -13.60
C ARG ZF 255 85.19 -0.42 -13.82
N VAL ZF 256 84.02 -0.96 -14.15
CA VAL ZF 256 83.85 -2.39 -14.29
C VAL ZF 256 84.12 -2.79 -15.73
N GLN ZF 257 84.43 -4.08 -15.92
CA GLN ZF 257 84.66 -4.60 -17.27
C GLN ZF 257 83.41 -4.47 -18.12
N GLY ZF 258 82.25 -4.80 -17.56
CA GLY ZF 258 81.01 -4.79 -18.30
C GLY ZF 258 80.50 -3.39 -18.57
N TYR ZF 259 79.20 -3.31 -18.84
CA TYR ZF 259 78.56 -2.05 -19.18
C TYR ZF 259 77.22 -1.96 -18.47
N GLY ZF 260 76.99 -0.84 -17.79
CA GLY ZF 260 75.80 -0.66 -16.99
C GLY ZF 260 74.54 -0.61 -17.82
N PRO ZF 261 73.38 -0.73 -17.15
CA PRO ZF 261 72.11 -0.62 -17.87
C PRO ZF 261 71.95 0.69 -18.61
N ASN ZF 262 72.52 1.78 -18.10
CA ASN ZF 262 72.60 3.02 -18.85
C ASN ZF 262 73.54 2.80 -20.02
N ALA ZF 263 72.98 2.67 -21.22
CA ALA ZF 263 73.74 2.26 -22.40
C ALA ZF 263 74.68 3.39 -22.80
N LYS ZF 264 75.95 3.26 -22.44
CA LYS ZF 264 76.98 4.19 -22.86
C LYS ZF 264 77.83 3.64 -24.00
N SER ZF 265 77.45 2.50 -24.56
CA SER ZF 265 78.19 1.85 -25.65
C SER ZF 265 77.69 2.40 -26.97
N MET ZF 266 78.26 3.53 -27.39
CA MET ZF 266 77.92 4.13 -28.67
C MET ZF 266 79.19 4.34 -29.49
N PRO ZF 267 79.22 3.86 -30.74
CA PRO ZF 267 80.39 4.03 -31.59
C PRO ZF 267 80.57 5.49 -32.01
N THR ZF 268 81.59 6.14 -31.45
CA THR ZF 268 81.92 7.53 -31.77
C THR ZF 268 83.30 7.61 -32.42
N GLU ZF 269 83.57 6.68 -33.34
CA GLU ZF 269 84.90 6.55 -33.91
C GLU ZF 269 85.24 7.65 -34.93
N GLU ZF 270 84.24 8.31 -35.50
CA GLU ZF 270 84.44 9.21 -36.64
C GLU ZF 270 85.20 8.48 -37.75
N GLY ZF 271 84.56 7.42 -38.25
CA GLY ZF 271 85.20 6.56 -39.21
C GLY ZF 271 85.31 7.19 -40.57
N ILE ZF 272 86.08 6.51 -41.43
CA ILE ZF 272 86.21 6.91 -42.83
C ILE ZF 272 84.86 6.75 -43.52
N PRO ZF 273 84.44 7.71 -44.36
CA PRO ZF 273 83.19 7.52 -45.09
C PRO ZF 273 83.27 6.29 -45.97
N PRO ZF 274 82.14 5.68 -46.28
CA PRO ZF 274 82.15 4.41 -47.03
C PRO ZF 274 82.86 4.55 -48.36
N SER ZF 275 83.62 3.51 -48.72
CA SER ZF 275 84.46 3.57 -49.90
C SER ZF 275 83.64 3.72 -51.17
N ALA ZF 276 82.67 2.83 -51.36
CA ALA ZF 276 81.87 2.82 -52.58
C ALA ZF 276 80.74 1.81 -52.42
N ASN ZF 277 79.64 2.07 -53.10
CA ASN ZF 277 78.53 1.12 -53.10
C ASN ZF 277 78.95 -0.14 -53.86
N ASP ZF 278 78.78 -1.29 -53.20
CA ASP ZF 278 79.16 -2.56 -53.80
C ASP ZF 278 78.32 -2.87 -55.03
N LEU ZF 279 77.15 -2.24 -55.16
CA LEU ZF 279 76.31 -2.42 -56.33
C LEU ZF 279 77.01 -1.96 -57.60
N LEU ZF 280 78.04 -1.14 -57.48
CA LEU ZF 280 78.71 -0.57 -58.64
C LEU ZF 280 79.30 -1.66 -59.53
N LEU ZF 281 79.91 -2.68 -58.93
CA LEU ZF 281 80.54 -3.72 -59.74
C LEU ZF 281 79.50 -4.47 -60.56
N HIS ZF 282 78.38 -4.82 -59.95
CA HIS ZF 282 77.32 -5.49 -60.70
C HIS ZF 282 76.77 -4.60 -61.79
N VAL ZF 283 76.61 -3.30 -61.49
CA VAL ZF 283 76.11 -2.37 -62.50
C VAL ZF 283 77.07 -2.32 -63.68
N LEU ZF 284 78.37 -2.22 -63.39
CA LEU ZF 284 79.38 -2.19 -64.43
C LEU ZF 284 79.37 -3.47 -65.26
N GLU ZF 285 79.15 -4.61 -64.60
CA GLU ZF 285 79.00 -5.85 -65.34
C GLU ZF 285 77.81 -5.79 -66.28
N GLY ZF 286 76.69 -5.26 -65.80
CA GLY ZF 286 75.48 -5.18 -66.58
C GLY ZF 286 74.27 -5.82 -65.92
N VAL ZF 287 74.46 -6.60 -64.86
CA VAL ZF 287 73.34 -7.18 -64.14
C VAL ZF 287 72.68 -6.09 -63.31
N PRO ZF 288 71.38 -5.84 -63.50
CA PRO ZF 288 70.71 -4.82 -62.70
C PRO ZF 288 70.61 -5.26 -61.24
N PRO ZF 289 70.54 -4.30 -60.32
CA PRO ZF 289 70.39 -4.67 -58.92
C PRO ZF 289 69.06 -5.37 -58.70
N PRO ZF 290 69.01 -6.31 -57.76
CA PRO ZF 290 67.73 -6.98 -57.48
C PRO ZF 290 66.68 -5.99 -57.02
N GLY ZF 291 65.44 -6.24 -57.44
CA GLY ZF 291 64.34 -5.36 -57.07
C GLY ZF 291 64.32 -4.03 -57.76
N SER ZF 292 65.13 -3.85 -58.80
CA SER ZF 292 65.19 -2.58 -59.52
C SER ZF 292 64.27 -2.60 -60.73
N ARG ZF 293 64.01 -1.41 -61.25
CA ARG ZF 293 63.18 -1.22 -62.43
C ARG ZF 293 64.02 -0.58 -63.53
N ARG ZF 294 64.02 -1.19 -64.70
CA ARG ZF 294 64.83 -0.71 -65.80
C ARG ZF 294 64.29 0.60 -66.34
N LEU ZF 295 65.15 1.32 -67.05
CA LEU ZF 295 64.84 2.63 -67.60
C LEU ZF 295 65.14 2.64 -69.10
N VAL ZF 296 64.42 3.49 -69.82
CA VAL ZF 296 64.56 3.60 -71.27
C VAL ZF 296 65.33 4.87 -71.59
N VAL ZF 297 66.40 4.73 -72.35
CA VAL ZF 297 67.26 5.85 -72.73
C VAL ZF 297 67.32 5.93 -74.24
N SER ZF 298 67.10 7.13 -74.78
CA SER ZF 298 67.04 7.34 -76.21
C SER ZF 298 68.12 8.33 -76.64
N GLY ZF 299 68.61 8.16 -77.86
CA GLY ZF 299 69.57 9.05 -78.44
C GLY ZF 299 71.03 8.72 -78.18
N GLY ZF 300 71.31 7.72 -77.36
CA GLY ZF 300 72.69 7.41 -77.03
C GLY ZF 300 72.99 5.92 -77.00
N ASP ZF 301 74.08 5.55 -76.36
CA ASP ZF 301 74.50 4.15 -76.21
C ASP ZF 301 74.84 3.93 -74.74
N ALA ZF 302 73.82 3.59 -73.95
CA ALA ZF 302 73.98 3.43 -72.51
C ALA ZF 302 72.75 2.72 -71.97
N ARG ZF 303 72.84 2.33 -70.70
CA ARG ZF 303 71.72 1.72 -70.01
C ARG ZF 303 71.60 2.34 -68.62
N ALA ZF 304 70.43 2.18 -68.01
CA ALA ZF 304 70.18 2.83 -66.74
C ALA ZF 304 69.20 2.02 -65.92
N TRP ZF 305 69.24 2.24 -64.61
CA TRP ZF 305 68.40 1.55 -63.67
C TRP ZF 305 68.11 2.44 -62.47
N LEU ZF 306 67.02 2.12 -61.77
CA LEU ZF 306 66.61 2.87 -60.60
C LEU ZF 306 65.98 1.92 -59.59
N SER ZF 307 66.61 1.78 -58.43
CA SER ZF 307 66.09 0.93 -57.36
C SER ZF 307 65.84 1.68 -56.06
N ASN ZF 308 66.77 2.55 -55.66
CA ASN ZF 308 66.77 3.18 -54.36
C ASN ZF 308 66.83 4.68 -54.51
N GLU ZF 309 65.93 5.22 -55.33
CA GLU ZF 309 65.86 6.65 -55.68
C GLU ZF 309 67.23 7.22 -56.01
N LYS ZF 310 68.11 6.38 -56.53
CA LYS ZF 310 69.41 6.78 -57.05
C LYS ZF 310 69.58 6.16 -58.42
N MET ZF 311 69.94 6.97 -59.40
CA MET ZF 311 70.07 6.47 -60.76
C MET ZF 311 71.42 5.79 -60.94
N TYR ZF 312 71.42 4.69 -61.70
CA TYR ZF 312 72.64 4.00 -62.08
C TYR ZF 312 72.72 3.99 -63.61
N VAL ZF 313 73.87 4.41 -64.13
CA VAL ZF 313 74.05 4.50 -65.58
C VAL ZF 313 75.32 3.74 -65.95
N ARG ZF 314 75.21 2.91 -66.98
CA ARG ZF 314 76.33 2.17 -67.54
C ARG ZF 314 76.54 2.63 -68.97
N THR ZF 315 77.76 3.07 -69.28
CA THR ZF 315 78.05 3.60 -70.60
C THR ZF 315 79.54 3.51 -70.85
N ASN ZF 316 80.02 4.22 -71.87
CA ASN ZF 316 81.46 4.39 -72.07
C ASN ZF 316 81.81 5.82 -72.41
N LEU ZF 317 80.85 6.74 -72.35
CA LEU ZF 317 81.09 8.14 -72.64
C LEU ZF 317 81.46 8.88 -71.36
N THR ZF 318 81.46 10.21 -71.40
CA THR ZF 318 81.79 11.02 -70.25
C THR ZF 318 80.59 11.89 -69.89
N ILE ZF 319 80.24 11.90 -68.61
CA ILE ZF 319 79.03 12.56 -68.11
C ILE ZF 319 79.41 13.90 -67.51
N LEU ZF 320 78.63 14.94 -67.85
CA LEU ZF 320 78.98 16.31 -67.51
C LEU ZF 320 78.01 17.00 -66.57
N SER ZF 321 76.71 17.05 -66.90
CA SER ZF 321 75.85 18.06 -66.31
C SER ZF 321 75.62 17.90 -64.81
N PRO ZF 322 74.97 16.84 -64.33
CA PRO ZF 322 74.53 16.84 -62.93
C PRO ZF 322 75.52 16.23 -61.95
N GLY ZF 323 76.73 15.90 -62.39
CA GLY ZF 323 77.69 15.28 -61.49
C GLY ZF 323 77.21 13.89 -61.07
N TRP ZF 324 77.90 13.36 -60.08
CA TRP ZF 324 77.56 12.05 -59.53
C TRP ZF 324 78.25 11.87 -58.20
N LEU ZF 325 77.87 10.79 -57.51
CA LEU ZF 325 78.45 10.45 -56.22
C LEU ZF 325 79.37 9.25 -56.27
N ALA ZF 326 79.07 8.26 -57.11
CA ALA ZF 326 79.92 7.08 -57.23
C ALA ZF 326 80.31 6.88 -58.68
N SER ZF 327 81.60 6.72 -58.93
CA SER ZF 327 82.12 6.52 -60.27
C SER ZF 327 83.03 5.30 -60.30
N MET ZF 328 82.94 4.53 -61.38
CA MET ZF 328 83.80 3.36 -61.54
C MET ZF 328 84.07 3.15 -63.01
N THR ZF 329 85.22 2.56 -63.31
CA THR ZF 329 85.61 2.27 -64.68
C THR ZF 329 86.28 0.92 -64.74
N SER ZF 330 85.94 0.13 -65.75
CA SER ZF 330 86.52 -1.18 -65.96
C SER ZF 330 87.86 -1.05 -66.68
N ALA ZF 331 88.64 -2.13 -66.62
CA ALA ZF 331 89.87 -2.19 -67.39
C ALA ZF 331 89.57 -2.15 -68.89
N ASP ZF 332 88.40 -2.64 -69.30
CA ASP ZF 332 88.04 -2.62 -70.71
C ASP ZF 332 87.86 -1.20 -71.21
N GLY ZF 333 87.30 -0.32 -70.39
CA GLY ZF 333 87.00 1.02 -70.82
C GLY ZF 333 85.52 1.33 -70.78
N THR ZF 334 84.83 0.73 -69.83
CA THR ZF 334 83.40 0.93 -69.63
C THR ZF 334 83.19 1.62 -68.30
N HIS ZF 335 82.40 2.70 -68.30
CA HIS ZF 335 82.16 3.50 -67.11
C HIS ZF 335 80.80 3.19 -66.52
N ALA ZF 336 80.70 3.33 -65.19
CA ALA ZF 336 79.47 3.17 -64.45
C ALA ZF 336 79.38 4.26 -63.40
N TYR ZF 337 78.17 4.81 -63.23
CA TYR ZF 337 77.98 5.90 -62.31
C TYR ZF 337 76.70 5.69 -61.50
N GLU ZF 338 76.78 6.01 -60.22
CA GLU ZF 338 75.61 6.13 -59.35
C GLU ZF 338 75.48 7.59 -58.96
N MET ZF 339 74.30 8.15 -59.19
CA MET ZF 339 74.10 9.59 -59.08
C MET ZF 339 72.66 9.89 -58.71
N GLN ZF 340 72.35 11.18 -58.63
CA GLN ZF 340 71.00 11.64 -58.38
C GLN ZF 340 70.13 11.39 -59.61
N LYS ZF 341 68.82 11.47 -59.40
CA LYS ZF 341 67.87 11.32 -60.48
C LYS ZF 341 67.80 12.61 -61.29
N SER ZF 342 67.50 12.48 -62.58
CA SER ZF 342 67.42 13.61 -63.48
C SER ZF 342 66.59 13.22 -64.69
N PRO ZF 343 66.01 14.19 -65.39
CA PRO ZF 343 65.34 13.90 -66.67
C PRO ZF 343 66.25 14.00 -67.88
N VAL ZF 344 67.44 14.57 -67.75
CA VAL ZF 344 68.32 14.81 -68.88
C VAL ZF 344 69.76 14.60 -68.43
N LEU ZF 345 70.64 14.37 -69.40
CA LEU ZF 345 72.07 14.27 -69.13
C LEU ZF 345 72.82 15.01 -70.23
N LEU ZF 346 73.99 15.52 -69.89
CA LEU ZF 346 74.87 16.18 -70.85
C LEU ZF 346 76.19 15.42 -70.88
N VAL ZF 347 76.64 15.07 -72.09
CA VAL ZF 347 77.82 14.24 -72.26
C VAL ZF 347 78.72 14.83 -73.33
N SER ZF 348 79.98 14.44 -73.27
CA SER ZF 348 80.98 14.78 -74.29
C SER ZF 348 81.26 13.54 -75.11
N TRP ZF 349 81.08 13.64 -76.42
CA TRP ZF 349 81.19 12.48 -77.30
C TRP ZF 349 82.59 12.35 -77.92
N HIS ZF 350 82.96 13.32 -78.76
CA HIS ZF 350 84.30 13.35 -79.32
C HIS ZF 350 84.80 14.79 -79.33
N GLY ZF 351 84.62 15.48 -78.22
CA GLY ZF 351 84.77 16.93 -78.20
C GLY ZF 351 83.50 17.66 -78.57
N LYS ZF 352 82.42 16.94 -78.86
CA LYS ZF 352 81.12 17.52 -79.19
C LYS ZF 352 80.16 17.28 -78.04
N VAL ZF 353 79.36 18.28 -77.72
CA VAL ZF 353 78.39 18.15 -76.64
C VAL ZF 353 77.21 17.31 -77.13
N MET ZF 354 76.49 16.71 -76.17
CA MET ZF 354 75.35 15.89 -76.53
C MET ZF 354 74.39 15.83 -75.35
N GLN ZF 355 73.10 15.81 -75.66
CA GLN ZF 355 72.04 15.72 -74.67
C GLN ZF 355 71.35 14.36 -74.76
N LEU ZF 356 71.05 13.79 -73.60
CA LEU ZF 356 70.39 12.49 -73.51
C LEU ZF 356 69.13 12.63 -72.69
N LYS ZF 357 68.00 12.25 -73.26
CA LYS ZF 357 66.70 12.34 -72.60
C LYS ZF 357 66.41 11.04 -71.86
N VAL ZF 358 65.95 11.16 -70.61
CA VAL ZF 358 65.66 10.01 -69.77
C VAL ZF 358 64.16 9.76 -69.80
N GLU ZF 359 63.78 8.51 -70.01
CA GLU ZF 359 62.37 8.14 -70.12
C GLU ZF 359 62.02 7.09 -69.08
N GLY ZF 360 60.85 7.26 -68.46
CA GLY ZF 360 60.36 6.28 -67.52
C GLY ZF 360 60.85 6.52 -66.10
N LEU ZF 361 60.86 7.78 -65.69
CA LEU ZF 361 61.32 8.14 -64.36
C LEU ZF 361 60.37 7.61 -63.29
N VAL AG 38 49.52 -35.86 -81.19
CA VAL AG 38 50.18 -36.44 -82.37
C VAL AG 38 51.10 -35.43 -83.08
N PRO AG 39 50.60 -34.23 -83.41
CA PRO AG 39 51.48 -33.26 -84.09
C PRO AG 39 52.69 -32.83 -83.25
N LYS AG 40 52.61 -32.92 -81.93
CA LYS AG 40 53.74 -32.50 -81.10
C LYS AG 40 54.91 -33.49 -81.24
N LEU AG 41 54.68 -34.75 -80.89
CA LEU AG 41 55.71 -35.75 -80.99
C LEU AG 41 55.73 -36.33 -82.40
N PRO AG 42 56.82 -36.16 -83.16
CA PRO AG 42 56.84 -36.64 -84.54
C PRO AG 42 56.63 -38.14 -84.63
N CYS AG 43 55.91 -38.56 -85.67
CA CYS AG 43 55.63 -39.97 -85.87
C CYS AG 43 56.90 -40.73 -86.23
N ARG AG 44 57.80 -40.11 -86.98
CA ARG AG 44 59.01 -40.75 -87.45
C ARG AG 44 60.17 -39.78 -87.29
N VAL AG 45 61.38 -40.27 -87.54
CA VAL AG 45 62.52 -39.37 -87.66
C VAL AG 45 62.31 -38.48 -88.88
N ASP AG 46 62.66 -37.20 -88.74
CA ASP AG 46 62.39 -36.23 -89.80
C ASP AG 46 63.08 -36.63 -91.10
N GLY AG 47 62.41 -36.33 -92.21
CA GLY AG 47 62.94 -36.64 -93.52
C GLY AG 47 63.08 -38.12 -93.78
N ALA AG 48 62.03 -38.89 -93.47
CA ALA AG 48 62.04 -40.34 -93.65
C ALA AG 48 61.00 -40.73 -94.68
N CYS AG 49 61.45 -41.34 -95.78
CA CYS AG 49 60.57 -41.84 -96.84
C CYS AG 49 61.19 -43.14 -97.37
N ASP AG 50 60.74 -44.25 -96.81
CA ASP AG 50 61.33 -45.54 -97.14
C ASP AG 50 61.12 -45.90 -98.61
N ALA AG 51 60.00 -45.48 -99.18
CA ALA AG 51 59.77 -45.69 -100.61
C ALA AG 51 60.85 -44.99 -101.43
N THR AG 52 61.14 -43.73 -101.10
CA THR AG 52 62.20 -43.02 -101.80
C THR AG 52 63.54 -43.71 -101.59
N ILE AG 53 63.77 -44.21 -100.38
CA ILE AG 53 65.07 -44.83 -100.08
C ILE AG 53 65.27 -46.07 -100.93
N ILE AG 54 64.27 -46.95 -100.98
CA ILE AG 54 64.40 -48.17 -101.76
C ILE AG 54 64.45 -47.85 -103.25
N LYS AG 55 63.70 -46.84 -103.68
CA LYS AG 55 63.75 -46.45 -105.09
C LYS AG 55 65.15 -45.98 -105.47
N MET AG 56 65.76 -45.14 -104.63
CA MET AG 56 67.09 -44.65 -104.94
C MET AG 56 68.13 -45.75 -104.85
N MET AG 57 67.95 -46.71 -103.94
CA MET AG 57 68.84 -47.85 -103.91
C MET AG 57 68.76 -48.64 -105.20
N THR AG 58 67.54 -48.86 -105.70
CA THR AG 58 67.36 -49.53 -106.98
C THR AG 58 68.03 -48.75 -108.10
N ASP AG 59 67.88 -47.43 -108.09
CA ASP AG 59 68.50 -46.61 -109.13
C ASP AG 59 70.01 -46.71 -109.08
N LEU AG 60 70.60 -46.71 -107.88
CA LEU AG 60 72.05 -46.82 -107.76
C LEU AG 60 72.54 -48.17 -108.25
N ASN AG 61 71.86 -49.24 -107.86
CA ASN AG 61 72.25 -50.56 -108.35
C ASN AG 61 72.09 -50.66 -109.86
N LYS AG 62 71.07 -49.98 -110.41
CA LYS AG 62 70.91 -49.95 -111.86
C LYS AG 62 72.07 -49.24 -112.52
N LYS AG 63 72.48 -48.11 -111.95
CA LYS AG 63 73.65 -47.40 -112.45
C LYS AG 63 74.94 -48.16 -112.21
N GLY AG 64 74.92 -49.20 -111.38
CA GLY AG 64 76.08 -50.04 -111.18
C GLY AG 64 76.84 -49.82 -109.90
N ILE AG 65 76.46 -48.83 -109.09
CA ILE AG 65 77.07 -48.67 -107.77
C ILE AG 65 76.62 -49.81 -106.89
N LYS AG 66 77.59 -50.52 -106.29
CA LYS AG 66 77.26 -51.72 -105.54
C LYS AG 66 76.63 -51.33 -104.21
N VAL AG 67 75.43 -51.80 -103.95
CA VAL AG 67 74.72 -51.56 -102.70
C VAL AG 67 74.36 -52.91 -102.09
N ALA AG 68 74.69 -53.08 -100.81
CA ALA AG 68 74.42 -54.36 -100.16
C ALA AG 68 74.06 -54.14 -98.71
N SER AG 69 73.14 -54.98 -98.22
CA SER AG 69 72.70 -54.96 -96.84
C SER AG 69 72.75 -56.36 -96.26
N VAL AG 70 73.42 -56.50 -95.12
CA VAL AG 70 73.47 -57.74 -94.37
C VAL AG 70 73.26 -57.39 -92.91
N GLY AG 71 72.15 -57.84 -92.34
CA GLY AG 71 71.84 -57.44 -90.98
C GLY AG 71 71.65 -55.94 -90.90
N GLN AG 72 72.06 -55.36 -89.78
CA GLN AG 72 71.98 -53.92 -89.58
C GLN AG 72 73.18 -53.18 -90.13
N ASN AG 73 73.94 -53.79 -91.05
CA ASN AG 73 75.14 -53.19 -91.60
C ASN AG 73 75.00 -53.05 -93.11
N TYR AG 74 75.23 -51.85 -93.60
CA TYR AG 74 75.11 -51.53 -95.02
C TYR AG 74 76.47 -51.19 -95.59
N LEU AG 75 76.70 -51.60 -96.84
CA LEU AG 75 77.94 -51.37 -97.54
C LEU AG 75 77.65 -50.87 -98.96
N ILE AG 76 78.46 -49.92 -99.41
CA ILE AG 76 78.33 -49.40 -100.78
C ILE AG 76 79.72 -49.28 -101.39
N SER AG 77 79.87 -49.82 -102.60
CA SER AG 77 81.12 -49.80 -103.34
C SER AG 77 80.95 -48.99 -104.62
N ILE AG 78 81.98 -48.24 -104.96
CA ILE AG 78 81.97 -47.36 -106.13
C ILE AG 78 83.24 -47.61 -106.93
N PRO AG 79 83.14 -47.96 -108.21
CA PRO AG 79 84.35 -48.10 -109.04
C PRO AG 79 85.06 -46.77 -109.19
N ALA AG 80 86.38 -46.79 -108.99
CA ALA AG 80 87.16 -45.56 -109.05
C ALA AG 80 87.19 -44.95 -110.44
N SER AG 81 86.89 -45.73 -111.48
CA SER AG 81 86.95 -45.21 -112.84
C SER AG 81 85.91 -44.13 -113.07
N ALA AG 82 84.72 -44.27 -112.50
CA ALA AG 82 83.67 -43.31 -112.72
C ALA AG 82 83.88 -42.00 -111.96
N LEU AG 83 84.88 -41.93 -111.07
CA LEU AG 83 85.11 -40.73 -110.29
C LEU AG 83 86.46 -40.10 -110.60
N PHE AG 84 87.55 -40.84 -110.46
CA PHE AG 84 88.87 -40.24 -110.60
C PHE AG 84 89.40 -40.43 -112.02
N ALA AG 85 90.47 -39.69 -112.32
CA ALA AG 85 91.21 -39.88 -113.56
C ALA AG 85 92.25 -40.97 -113.34
N ASP AG 86 93.11 -41.18 -114.32
CA ASP AG 86 94.06 -42.28 -114.29
C ASP AG 86 95.06 -42.07 -113.16
N GLN AG 87 94.91 -42.83 -112.09
CA GLN AG 87 95.83 -42.81 -110.95
C GLN AG 87 96.03 -41.39 -110.43
N SER AG 88 94.93 -40.67 -110.26
CA SER AG 88 94.99 -39.27 -109.93
C SER AG 88 94.21 -38.98 -108.65
N PRO AG 89 94.68 -38.05 -107.84
CA PRO AG 89 93.89 -37.55 -106.71
C PRO AG 89 93.04 -36.34 -107.11
N ARG AG 90 92.17 -36.54 -108.09
CA ARG AG 90 91.34 -35.47 -108.60
C ARG AG 90 90.05 -36.07 -109.13
N LEU AG 91 89.02 -35.23 -109.23
CA LEU AG 91 87.70 -35.67 -109.66
C LEU AG 91 87.20 -34.77 -110.78
N ASN AG 92 86.48 -35.36 -111.74
CA ASN AG 92 85.81 -34.57 -112.75
C ASN AG 92 84.64 -33.82 -112.13
N TRP AG 93 84.20 -32.78 -112.83
CA TRP AG 93 83.11 -31.95 -112.32
C TRP AG 93 81.81 -32.74 -112.21
N ALA AG 94 81.52 -33.59 -113.19
CA ALA AG 94 80.27 -34.32 -113.19
C ALA AG 94 80.17 -35.31 -112.04
N SER AG 95 81.30 -35.74 -111.48
CA SER AG 95 81.27 -36.67 -110.36
C SER AG 95 80.56 -36.09 -109.14
N TYR AG 96 80.45 -34.77 -109.06
CA TYR AG 96 79.75 -34.16 -107.94
C TYR AG 96 78.28 -34.55 -107.89
N SER AG 97 77.69 -34.88 -109.05
CA SER AG 97 76.31 -35.37 -109.05
C SER AG 97 76.19 -36.68 -108.29
N LEU AG 98 77.08 -37.62 -108.59
CA LEU AG 98 77.08 -38.89 -107.87
C LEU AG 98 77.38 -38.68 -106.40
N LEU AG 99 78.33 -37.79 -106.10
CA LEU AG 99 78.64 -37.48 -104.71
C LEU AG 99 77.41 -36.94 -103.99
N ASN AG 100 76.67 -36.05 -104.64
CA ASN AG 100 75.46 -35.50 -104.05
C ASN AG 100 74.41 -36.58 -103.83
N GLU AG 101 74.28 -37.51 -104.77
CA GLU AG 101 73.34 -38.62 -104.58
C GLU AG 101 73.73 -39.45 -103.36
N ILE AG 102 75.01 -39.76 -103.23
CA ILE AG 102 75.47 -40.55 -102.08
C ILE AG 102 75.21 -39.80 -100.79
N ALA AG 103 75.48 -38.50 -100.77
CA ALA AG 103 75.23 -37.70 -99.57
C ALA AG 103 73.76 -37.68 -99.22
N ALA AG 104 72.89 -37.53 -100.23
CA ALA AG 104 71.46 -37.54 -99.98
C ALA AG 104 71.02 -38.87 -99.39
N PHE AG 105 71.54 -39.98 -99.91
CA PHE AG 105 71.23 -41.28 -99.34
C PHE AG 105 71.66 -41.35 -97.88
N LEU AG 106 72.92 -41.01 -97.60
CA LEU AG 106 73.46 -41.11 -96.25
C LEU AG 106 72.75 -40.16 -95.29
N LYS AG 107 72.13 -39.10 -95.81
CA LYS AG 107 71.36 -38.20 -94.95
C LYS AG 107 70.24 -38.94 -94.26
N GLN AG 108 69.56 -39.83 -94.98
CA GLN AG 108 68.34 -40.43 -94.46
C GLN AG 108 68.59 -41.23 -93.19
N PHE AG 109 69.60 -42.08 -93.20
CA PHE AG 109 69.77 -43.03 -92.12
C PHE AG 109 70.31 -42.36 -90.86
N ARG AG 110 70.16 -43.04 -89.74
CA ARG AG 110 70.68 -42.60 -88.45
C ARG AG 110 71.85 -43.51 -88.10
N LYS AG 111 73.02 -42.92 -87.86
CA LYS AG 111 74.24 -43.70 -87.68
C LYS AG 111 75.15 -43.00 -86.68
N ILE AG 112 76.29 -43.63 -86.41
CA ILE AG 112 77.29 -43.08 -85.51
C ILE AG 112 78.65 -43.05 -86.22
N ALA AG 113 79.06 -44.21 -86.73
CA ALA AG 113 80.39 -44.40 -87.29
C ALA AG 113 80.31 -44.74 -88.78
N ILE AG 114 81.24 -44.16 -89.54
CA ILE AG 114 81.37 -44.43 -90.96
C ILE AG 114 82.81 -44.86 -91.23
N THR AG 115 82.99 -45.87 -92.08
CA THR AG 115 84.34 -46.27 -92.47
C THR AG 115 84.45 -46.26 -93.98
N VAL AG 116 85.44 -45.54 -94.50
CA VAL AG 116 85.68 -45.47 -95.94
C VAL AG 116 87.09 -45.97 -96.20
N THR AG 117 87.22 -46.76 -97.27
CA THR AG 117 88.49 -47.35 -97.65
C THR AG 117 88.65 -47.24 -99.16
N SER AG 118 89.89 -47.12 -99.60
CA SER AG 118 90.21 -46.95 -101.01
C SER AG 118 91.15 -48.06 -101.47
N TYR AG 119 90.75 -48.79 -102.50
CA TYR AG 119 91.57 -49.85 -103.10
C TYR AG 119 91.96 -49.43 -104.51
N SER AG 120 93.15 -49.84 -104.93
CA SER AG 120 93.65 -49.50 -106.25
C SER AG 120 94.45 -50.67 -106.80
N SER AG 121 94.95 -50.51 -108.02
CA SER AG 121 95.80 -51.50 -108.65
C SER AG 121 97.25 -51.24 -108.24
N LYS AG 122 98.18 -51.99 -108.82
CA LYS AG 122 99.61 -51.83 -108.55
C LYS AG 122 100.27 -51.18 -109.76
N TYR AG 123 100.90 -50.04 -109.54
CA TYR AG 123 101.47 -49.27 -110.64
C TYR AG 123 102.99 -49.16 -110.58
N VAL AG 124 103.54 -48.61 -109.50
CA VAL AG 124 104.98 -48.38 -109.43
C VAL AG 124 105.55 -49.04 -108.18
N SER AG 125 104.89 -48.85 -107.06
CA SER AG 125 105.42 -49.26 -105.76
C SER AG 125 104.24 -49.64 -104.89
N VAL AG 126 104.46 -49.67 -103.58
CA VAL AG 126 103.38 -49.82 -102.62
C VAL AG 126 103.06 -48.49 -101.95
N LYS AG 127 104.09 -47.73 -101.57
CA LYS AG 127 103.88 -46.48 -100.87
C LYS AG 127 103.13 -45.47 -101.72
N ARG AG 128 103.46 -45.38 -103.01
CA ARG AG 128 102.78 -44.43 -103.88
C ARG AG 128 101.29 -44.76 -103.99
N GLU AG 129 100.97 -46.03 -104.17
CA GLU AG 129 99.57 -46.43 -104.27
C GLU AG 129 98.82 -46.18 -102.97
N ARG AG 130 99.47 -46.48 -101.84
CA ARG AG 130 98.84 -46.22 -100.55
C ARG AG 130 98.58 -44.73 -100.36
N ALA AG 131 99.55 -43.89 -100.74
CA ALA AG 131 99.37 -42.45 -100.61
C ALA AG 131 98.23 -41.96 -101.48
N LEU AG 132 98.17 -42.46 -102.72
CA LEU AG 132 97.09 -42.05 -103.62
C LEU AG 132 95.73 -42.43 -103.04
N THR AG 133 95.60 -43.67 -102.57
CA THR AG 133 94.34 -44.11 -102.00
C THR AG 133 93.96 -43.26 -100.79
N LEU AG 134 94.93 -43.00 -99.91
CA LEU AG 134 94.64 -42.24 -98.71
C LEU AG 134 94.23 -40.81 -99.05
N ALA AG 135 94.88 -40.21 -100.02
CA ALA AG 135 94.50 -38.86 -100.44
C ALA AG 135 93.09 -38.83 -101.00
N ARG AG 136 92.76 -39.82 -101.84
CA ARG AG 136 91.41 -39.88 -102.40
C ARG AG 136 90.38 -40.04 -101.29
N SER AG 137 90.68 -40.90 -100.32
CA SER AG 137 89.78 -41.08 -99.19
C SER AG 137 89.61 -39.80 -98.41
N ARG AG 138 90.70 -39.06 -98.19
CA ARG AG 138 90.62 -37.79 -97.50
C ARG AG 138 89.72 -36.82 -98.24
N VAL AG 139 89.87 -36.76 -99.56
CA VAL AG 139 89.08 -35.81 -100.35
C VAL AG 139 87.60 -36.15 -100.26
N VAL AG 140 87.25 -37.42 -100.47
CA VAL AG 140 85.83 -37.79 -100.45
C VAL AG 140 85.26 -37.59 -99.05
N SER AG 141 86.03 -37.93 -98.02
CA SER AG 141 85.56 -37.73 -96.66
C SER AG 141 85.34 -36.26 -96.37
N GLU AG 142 86.25 -35.40 -96.84
CA GLU AG 142 86.11 -33.97 -96.60
C GLU AG 142 84.86 -33.43 -97.26
N TYR AG 143 84.62 -33.80 -98.51
CA TYR AG 143 83.40 -33.31 -99.15
C TYR AG 143 82.16 -33.85 -98.47
N LEU AG 144 82.20 -35.11 -98.04
CA LEU AG 144 81.04 -35.67 -97.34
C LEU AG 144 80.77 -34.91 -96.04
N TRP AG 145 81.81 -34.65 -95.26
CA TRP AG 145 81.63 -33.91 -94.01
C TRP AG 145 81.12 -32.50 -94.28
N SER AG 146 81.60 -31.87 -95.35
CA SER AG 146 81.03 -30.59 -95.76
C SER AG 146 79.54 -30.74 -96.02
N GLN AG 147 79.14 -31.83 -96.66
CA GLN AG 147 77.73 -32.13 -96.78
C GLN AG 147 77.16 -32.54 -95.43
N GLY AG 148 75.82 -32.50 -95.34
CA GLY AG 148 75.16 -32.71 -94.08
C GLY AG 148 75.01 -34.14 -93.63
N VAL AG 149 76.12 -34.88 -93.58
CA VAL AG 149 76.09 -36.25 -93.06
C VAL AG 149 76.02 -36.15 -91.53
N ASP AG 150 74.90 -36.60 -90.97
CA ASP AG 150 74.70 -36.54 -89.52
C ASP AG 150 75.37 -37.75 -88.87
N SER AG 151 76.69 -37.70 -88.86
CA SER AG 151 77.50 -38.76 -88.27
C SER AG 151 78.05 -38.31 -86.92
N ARG AG 152 78.87 -39.17 -86.34
CA ARG AG 152 79.66 -38.83 -85.16
C ARG AG 152 81.14 -39.05 -85.40
N ILE AG 153 81.52 -40.11 -86.10
CA ILE AG 153 82.91 -40.43 -86.38
C ILE AG 153 83.02 -40.94 -87.81
N ILE AG 154 84.06 -40.50 -88.52
CA ILE AG 154 84.36 -40.98 -89.86
C ILE AG 154 85.82 -41.38 -89.91
N PHE AG 155 86.09 -42.59 -90.37
CA PHE AG 155 87.44 -43.12 -90.53
C PHE AG 155 87.75 -43.27 -92.01
N THR AG 156 88.98 -42.93 -92.38
CA THR AG 156 89.44 -43.01 -93.75
C THR AG 156 90.72 -43.83 -93.82
N GLN AG 157 90.73 -44.82 -94.72
CA GLN AG 157 91.87 -45.71 -94.92
C GLN AG 157 92.11 -45.94 -96.41
N GLY AG 158 93.38 -46.04 -96.78
CA GLY AG 158 93.74 -46.43 -98.12
C GLY AG 158 94.63 -47.65 -98.11
N LEU AG 159 94.35 -48.64 -98.95
CA LEU AG 159 95.15 -49.86 -98.97
C LEU AG 159 95.82 -50.12 -100.31
N GLY AG 160 95.65 -49.25 -101.30
CA GLY AG 160 96.31 -49.44 -102.58
C GLY AG 160 95.89 -50.75 -103.20
N SER AG 161 96.88 -51.60 -103.45
CA SER AG 161 96.65 -52.94 -103.98
C SER AG 161 97.11 -54.01 -102.98
N ASP AG 162 97.07 -53.69 -101.70
CA ASP AG 162 97.53 -54.60 -100.66
C ASP AG 162 96.55 -55.71 -100.38
N LYS AG 163 95.35 -55.67 -100.96
CA LYS AG 163 94.41 -56.77 -100.87
C LYS AG 163 93.49 -56.77 -102.09
N PRO AG 164 93.76 -57.59 -103.09
CA PRO AG 164 92.91 -57.60 -104.29
C PRO AG 164 91.53 -58.13 -103.98
N ILE AG 165 90.62 -57.89 -104.91
CA ILE AG 165 89.27 -58.40 -104.81
C ILE AG 165 88.94 -59.42 -105.89
N THR AG 166 89.63 -59.41 -107.02
CA THR AG 166 89.35 -60.31 -108.13
C THR AG 166 90.65 -60.86 -108.68
N SER AG 167 90.57 -62.07 -109.22
CA SER AG 167 91.73 -62.68 -109.85
C SER AG 167 92.07 -62.02 -111.18
N TYR AG 168 91.10 -61.44 -111.86
CA TYR AG 168 91.33 -60.75 -113.12
C TYR AG 168 91.91 -59.37 -112.83
N THR AG 169 93.12 -59.11 -113.33
CA THR AG 169 93.80 -57.84 -113.08
C THR AG 169 94.44 -57.32 -114.36
N LEU AG 170 93.78 -57.54 -115.50
CA LEU AG 170 94.34 -57.07 -116.76
C LEU AG 170 94.26 -55.56 -116.88
N GLY AG 171 93.12 -54.98 -116.52
CA GLY AG 171 92.97 -53.55 -116.60
C GLY AG 171 93.74 -52.82 -115.52
N GLY AG 172 93.93 -51.53 -115.74
CA GLY AG 172 94.57 -50.67 -114.75
C GLY AG 172 93.53 -50.07 -113.83
N ASP AG 173 93.41 -48.74 -113.84
CA ASP AG 173 92.28 -48.12 -113.15
C ASP AG 173 90.95 -48.55 -113.74
N ARG AG 174 90.96 -49.01 -115.00
CA ARG AG 174 89.74 -49.55 -115.60
C ARG AG 174 89.33 -50.86 -114.93
N SER AG 175 90.26 -51.55 -114.30
CA SER AG 175 89.94 -52.83 -113.67
C SER AG 175 88.97 -52.62 -112.52
N PRO AG 176 87.97 -53.49 -112.36
CA PRO AG 176 86.98 -53.29 -111.28
C PRO AG 176 87.58 -53.33 -109.90
N ASN AG 177 88.76 -53.93 -109.74
CA ASN AG 177 89.36 -54.05 -108.41
C ASN AG 177 89.59 -52.69 -107.78
N ALA AG 178 90.07 -51.71 -108.54
CA ALA AG 178 90.28 -50.37 -108.02
C ALA AG 178 88.94 -49.70 -107.81
N ARG AG 179 88.70 -49.22 -106.60
CA ARG AG 179 87.39 -48.72 -106.20
C ARG AG 179 87.50 -48.05 -104.83
N VAL AG 180 86.36 -47.61 -104.33
CA VAL AG 180 86.23 -47.13 -102.95
C VAL AG 180 85.04 -47.83 -102.33
N GLU AG 181 85.07 -47.93 -101.00
CA GLU AG 181 84.04 -48.66 -100.27
C GLU AG 181 83.69 -47.92 -98.99
N ILE AG 182 82.41 -47.91 -98.65
CA ILE AG 182 81.92 -47.29 -97.43
C ILE AG 182 81.07 -48.31 -96.68
N THR AG 183 81.29 -48.39 -95.37
CA THR AG 183 80.60 -49.34 -94.50
C THR AG 183 80.06 -48.61 -93.29
N PHE AG 184 78.87 -49.01 -92.85
CA PHE AG 184 78.33 -48.48 -91.60
C PHE AG 184 77.29 -49.44 -91.07
N ARG AG 185 76.87 -49.22 -89.83
CA ARG AG 185 75.84 -50.01 -89.18
C ARG AG 185 74.65 -49.12 -88.85
N ARG AG 186 73.45 -49.59 -89.18
CA ARG AG 186 72.22 -48.88 -88.86
C ARG AG 186 71.91 -49.11 -87.38
N ALA AG 187 72.13 -48.08 -86.56
CA ALA AG 187 72.04 -48.21 -85.11
C ALA AG 187 70.68 -47.69 -84.66
N VAL AG 188 69.80 -48.61 -84.27
CA VAL AG 188 68.49 -48.28 -83.72
C VAL AG 188 67.73 -47.34 -84.64
N CYS BG 42 84.66 -27.00 -125.95
CA CYS BG 42 83.84 -25.95 -125.35
C CYS BG 42 84.54 -25.30 -124.17
N PHE BG 43 84.24 -25.78 -122.97
CA PHE BG 43 84.85 -25.24 -121.76
C PHE BG 43 84.74 -26.28 -120.66
N HIS BG 44 85.62 -26.15 -119.66
CA HIS BG 44 85.61 -27.03 -118.51
C HIS BG 44 85.56 -26.19 -117.22
N PRO BG 45 84.64 -26.50 -116.31
CA PRO BG 45 84.49 -25.69 -115.10
C PRO BG 45 85.78 -25.56 -114.30
N PRO BG 46 86.62 -26.62 -114.18
CA PRO BG 46 87.87 -26.44 -113.43
C PRO BG 46 88.88 -25.59 -114.19
N TYR BG 47 88.53 -24.32 -114.43
CA TYR BG 47 89.40 -23.37 -115.10
C TYR BG 47 89.82 -23.85 -116.49
N ASN BG 48 88.99 -24.70 -117.09
CA ASN BG 48 89.28 -25.27 -118.41
C ASN BG 48 90.64 -25.93 -118.43
N ASN BG 49 91.02 -26.56 -117.31
CA ASN BG 49 92.26 -27.30 -117.18
C ASN BG 49 93.48 -26.43 -117.51
N PHE BG 50 93.41 -25.14 -117.16
CA PHE BG 50 94.53 -24.22 -117.30
C PHE BG 50 94.99 -24.09 -118.75
N GLN BG 51 94.08 -23.64 -119.59
CA GLN BG 51 94.39 -23.33 -120.98
C GLN BG 51 93.60 -22.10 -121.41
N PRO BG 52 94.09 -21.36 -122.40
CA PRO BG 52 93.33 -20.20 -122.89
C PRO BG 52 92.00 -20.62 -123.48
N ASP BG 53 91.02 -19.73 -123.36
CA ASP BG 53 89.66 -20.03 -123.82
C ASP BG 53 89.51 -19.66 -125.28
N ARG BG 54 88.92 -20.57 -126.06
CA ARG BG 54 88.54 -20.29 -127.44
C ARG BG 54 87.09 -19.83 -127.44
N ARG BG 55 86.89 -18.63 -126.89
CA ARG BG 55 85.55 -18.12 -126.63
C ARG BG 55 84.99 -17.32 -127.79
N ALA BG 56 85.79 -16.45 -128.40
CA ALA BG 56 85.31 -15.62 -129.49
C ALA BG 56 84.91 -16.47 -130.70
N VAL BG 57 85.69 -17.51 -130.99
CA VAL BG 57 85.35 -18.40 -132.09
C VAL BG 57 84.04 -19.12 -131.81
N LYS BG 58 83.83 -19.55 -130.56
CA LYS BG 58 82.56 -20.17 -130.19
C LYS BG 58 81.41 -19.19 -130.37
N ARG BG 59 81.60 -17.94 -129.96
CA ARG BG 59 80.54 -16.94 -130.08
C ARG BG 59 80.19 -16.68 -131.54
N VAL BG 60 81.20 -16.52 -132.40
CA VAL BG 60 80.91 -16.24 -133.80
C VAL BG 60 80.29 -17.46 -134.47
N GLY BG 61 80.71 -18.67 -134.07
CA GLY BG 61 80.11 -19.87 -134.62
C GLY BG 61 78.65 -19.99 -134.26
N VAL BG 62 78.32 -19.78 -132.98
CA VAL BG 62 76.93 -19.87 -132.57
C VAL BG 62 76.11 -18.73 -133.18
N ASP BG 63 76.75 -17.60 -133.47
CA ASP BG 63 76.05 -16.52 -134.17
C ASP BG 63 75.71 -16.93 -135.59
N THR BG 64 76.68 -17.49 -136.32
CA THR BG 64 76.44 -17.95 -137.68
C THR BG 64 75.49 -19.13 -137.72
N GLY BG 65 75.35 -19.87 -136.62
CA GLY BG 65 74.43 -20.99 -136.56
C GLY BG 65 72.98 -20.56 -136.64
N GLY BG 88 75.74 -14.11 -138.26
CA GLY BG 88 76.50 -13.32 -139.21
C GLY BG 88 77.88 -12.94 -138.71
N GLY BG 89 78.81 -12.73 -139.63
CA GLY BG 89 80.17 -12.40 -139.24
C GLY BG 89 80.25 -11.08 -138.51
N THR BG 90 79.57 -10.05 -139.02
CA THR BG 90 79.65 -8.73 -138.40
C THR BG 90 79.04 -8.74 -137.00
N VAL BG 91 77.88 -9.38 -136.84
CA VAL BG 91 77.24 -9.40 -135.53
C VAL BG 91 78.06 -10.26 -134.57
N GLY BG 92 78.66 -11.35 -135.06
CA GLY BG 92 79.57 -12.10 -134.22
C GLY BG 92 80.74 -11.29 -133.75
N LEU BG 93 81.34 -10.51 -134.66
CA LEU BG 93 82.49 -9.69 -134.29
C LEU BG 93 82.11 -8.61 -133.28
N VAL BG 94 80.97 -7.95 -133.48
CA VAL BG 94 80.57 -6.92 -132.53
C VAL BG 94 80.20 -7.54 -131.19
N ALA BG 95 79.63 -8.74 -131.19
CA ALA BG 95 79.39 -9.43 -129.93
C ALA BG 95 80.69 -9.74 -129.22
N SER BG 96 81.70 -10.19 -129.98
CA SER BG 96 83.00 -10.49 -129.37
C SER BG 96 83.64 -9.24 -128.77
N ILE BG 97 83.60 -8.12 -129.50
CA ILE BG 97 84.22 -6.91 -128.98
C ILE BG 97 83.43 -6.40 -127.78
N TYR BG 98 82.10 -6.51 -127.81
CA TYR BG 98 81.28 -6.12 -126.67
C TYR BG 98 81.61 -6.96 -125.45
N ARG BG 99 81.83 -8.25 -125.64
CA ARG BG 99 82.15 -9.14 -124.53
C ARG BG 99 83.53 -8.84 -123.96
N ASP BG 100 84.54 -8.70 -124.83
CA ASP BG 100 85.92 -8.60 -124.36
C ASP BG 100 86.37 -7.16 -124.15
N SER BG 101 85.47 -6.18 -124.28
CA SER BG 101 85.80 -4.81 -123.96
C SER BG 101 86.25 -4.70 -122.50
N LYS BG 102 87.32 -3.95 -122.28
CA LYS BG 102 87.86 -3.81 -120.94
C LYS BG 102 86.83 -3.23 -119.98
N ARG BG 103 86.12 -2.19 -120.42
CA ARG BG 103 85.09 -1.62 -119.56
C ARG BG 103 83.97 -2.61 -119.30
N LYS BG 104 83.64 -3.45 -120.28
CA LYS BG 104 82.67 -4.51 -120.04
C LYS BG 104 83.16 -5.47 -118.95
N ILE BG 105 84.46 -5.80 -118.99
CA ILE BG 105 85.02 -6.67 -117.97
C ILE BG 105 84.91 -6.02 -116.59
N ILE BG 106 85.22 -4.72 -116.52
CA ILE BG 106 85.13 -4.02 -115.25
C ILE BG 106 83.70 -3.99 -114.75
N ARG BG 107 82.74 -3.79 -115.67
CA ARG BG 107 81.34 -3.82 -115.28
C ARG BG 107 80.96 -5.19 -114.75
N ASP BG 108 81.48 -6.25 -115.37
CA ASP BG 108 81.21 -7.60 -114.86
C ASP BG 108 81.78 -7.79 -113.47
N LEU BG 109 82.99 -7.27 -113.22
CA LEU BG 109 83.55 -7.37 -111.88
C LEU BG 109 82.69 -6.61 -110.87
N GLN BG 110 82.18 -5.45 -111.26
CA GLN BG 110 81.26 -4.71 -110.41
C GLN BG 110 79.99 -5.53 -110.16
N LYS BG 111 79.51 -6.22 -111.19
CA LYS BG 111 78.38 -7.13 -111.03
C LYS BG 111 78.67 -8.19 -109.99
N GLN BG 112 79.88 -8.73 -110.02
CA GLN BG 112 80.34 -9.62 -108.97
C GLN BG 112 80.78 -8.80 -107.75
N ASP BG 113 81.22 -9.49 -106.71
CA ASP BG 113 81.64 -8.84 -105.48
C ASP BG 113 83.13 -8.53 -105.47
N ILE BG 114 83.61 -7.87 -106.51
CA ILE BG 114 85.01 -7.54 -106.68
C ILE BG 114 85.10 -6.05 -107.00
N GLN BG 115 86.08 -5.36 -106.41
CA GLN BG 115 86.23 -3.93 -106.64
C GLN BG 115 87.53 -3.65 -107.40
N TYR BG 116 87.48 -2.62 -108.24
CA TYR BG 116 88.64 -2.20 -109.03
C TYR BG 116 88.80 -0.70 -108.88
N VAL BG 117 90.04 -0.25 -108.67
CA VAL BG 117 90.33 1.15 -108.45
C VAL BG 117 91.49 1.56 -109.32
N GLU BG 118 91.31 2.65 -110.06
CA GLU BG 118 92.37 3.22 -110.90
C GLU BG 118 92.66 4.63 -110.45
N TYR BG 119 93.94 4.97 -110.34
CA TYR BG 119 94.33 6.30 -109.90
C TYR BG 119 95.71 6.59 -110.48
N GLY BG 120 95.76 7.41 -111.53
CA GLY BG 120 97.00 7.73 -112.20
C GLY BG 120 97.54 6.56 -113.01
N ASP BG 121 98.64 5.97 -112.53
CA ASP BG 121 99.26 4.84 -113.20
C ASP BG 121 99.36 3.62 -112.30
N THR BG 122 98.91 3.72 -111.06
CA THR BG 122 98.90 2.60 -110.12
C THR BG 122 97.47 2.14 -109.92
N ARG BG 123 97.23 0.83 -110.04
CA ARG BG 123 95.87 0.32 -109.98
C ARG BG 123 95.77 -0.81 -108.97
N THR BG 124 94.58 -0.98 -108.41
CA THR BG 124 94.36 -1.92 -107.32
C THR BG 124 93.07 -2.69 -107.51
N LEU BG 125 93.05 -3.89 -106.95
CA LEU BG 125 91.92 -4.80 -107.00
C LEU BG 125 91.60 -5.29 -105.60
N ILE BG 126 90.31 -5.39 -105.29
CA ILE BG 126 89.83 -5.69 -103.94
C ILE BG 126 88.96 -6.94 -104.01
N ILE BG 127 89.30 -7.92 -103.18
CA ILE BG 127 88.68 -9.24 -103.18
C ILE BG 127 88.17 -9.57 -101.77
N PRO BG 128 86.96 -10.12 -101.64
CA PRO BG 128 86.44 -10.48 -100.33
C PRO BG 128 86.87 -11.86 -99.87
N THR BG 129 87.54 -11.90 -98.71
CA THR BG 129 88.11 -13.14 -98.22
C THR BG 129 87.03 -14.19 -97.97
N ASP BG 130 85.92 -13.78 -97.38
CA ASP BG 130 84.87 -14.74 -97.05
C ASP BG 130 84.20 -15.27 -98.31
N LYS BG 131 83.86 -14.39 -99.25
CA LYS BG 131 83.17 -14.81 -100.45
C LYS BG 131 84.06 -15.66 -101.35
N TYR BG 132 85.38 -15.47 -101.31
CA TYR BG 132 86.25 -16.21 -102.22
C TYR BG 132 87.16 -17.21 -101.50
N PHE BG 133 86.91 -17.50 -100.23
CA PHE BG 133 87.70 -18.46 -99.49
C PHE BG 133 86.79 -19.30 -98.61
N MET BG 134 87.20 -20.54 -98.38
CA MET BG 134 86.58 -21.32 -97.32
C MET BG 134 86.95 -20.72 -95.98
N PHE BG 135 85.98 -20.65 -95.08
CA PHE BG 135 86.20 -19.98 -93.80
C PHE BG 135 87.36 -20.61 -93.05
N SER BG 136 88.28 -19.78 -92.58
CA SER BG 136 89.43 -20.21 -91.80
C SER BG 136 90.21 -21.29 -92.53
N SER BG 137 90.32 -21.15 -93.85
CA SER BG 137 90.97 -22.16 -94.66
C SER BG 137 91.77 -21.48 -95.77
N PRO BG 138 93.03 -21.85 -95.94
CA PRO BG 138 93.80 -21.33 -97.07
C PRO BG 138 93.31 -21.84 -98.41
N ARG BG 139 92.31 -22.72 -98.39
CA ARG BG 139 91.68 -23.17 -99.61
C ARG BG 139 90.80 -22.08 -100.19
N LEU BG 140 90.52 -22.19 -101.49
CA LEU BG 140 89.73 -21.21 -102.22
C LEU BG 140 88.46 -21.85 -102.74
N ASN BG 141 87.32 -21.23 -102.45
CA ASN BG 141 86.06 -21.73 -102.97
C ASN BG 141 86.05 -21.65 -104.49
N GLU BG 142 85.62 -22.72 -105.13
CA GLU BG 142 85.62 -22.80 -106.59
C GLU BG 142 84.34 -22.27 -107.21
N ILE BG 143 83.35 -21.90 -106.40
CA ILE BG 143 82.07 -21.45 -106.95
C ILE BG 143 82.26 -20.17 -107.75
N CYS BG 144 83.06 -19.24 -107.24
CA CYS BG 144 83.21 -17.92 -107.85
C CYS BG 144 84.29 -17.88 -108.91
N TYR BG 145 84.56 -19.01 -109.56
CA TYR BG 145 85.61 -19.04 -110.58
C TYR BG 145 85.41 -18.08 -111.75
N PRO BG 146 84.20 -17.65 -112.13
CA PRO BG 146 84.11 -16.63 -113.18
C PRO BG 146 84.87 -15.35 -112.83
N GLY BG 147 84.82 -14.95 -111.56
CA GLY BG 147 85.59 -13.78 -111.15
C GLY BG 147 87.08 -13.95 -111.38
N LEU BG 148 87.61 -15.13 -111.05
CA LEU BG 148 89.03 -15.37 -111.25
C LEU BG 148 89.38 -15.41 -112.73
N ASN BG 149 88.50 -15.99 -113.54
CA ASN BG 149 88.72 -15.99 -114.99
C ASN BG 149 88.77 -14.56 -115.52
N ASN BG 150 87.85 -13.72 -115.03
CA ASN BG 150 87.86 -12.32 -115.41
C ASN BG 150 89.15 -11.64 -114.96
N VAL BG 151 89.63 -12.00 -113.77
CA VAL BG 151 90.87 -11.44 -113.26
C VAL BG 151 92.02 -11.76 -114.19
N ILE BG 152 92.11 -13.01 -114.61
CA ILE BG 152 93.18 -13.43 -115.51
C ILE BG 152 93.07 -12.69 -116.84
N ARG BG 153 91.86 -12.61 -117.39
CA ARG BG 153 91.67 -11.94 -118.66
C ARG BG 153 92.06 -10.47 -118.57
N LEU BG 154 91.69 -9.82 -117.47
CA LEU BG 154 92.02 -8.40 -117.31
C LEU BG 154 93.51 -8.19 -117.13
N LEU BG 155 94.16 -9.01 -116.30
CA LEU BG 155 95.60 -8.89 -116.12
C LEU BG 155 96.37 -9.28 -117.37
N ASN BG 156 95.72 -9.93 -118.34
CA ASN BG 156 96.36 -10.14 -119.63
C ASN BG 156 96.63 -8.82 -120.34
N PHE BG 157 95.99 -7.74 -119.93
CA PHE BG 157 96.16 -6.44 -120.57
C PHE BG 157 97.38 -5.68 -120.08
N TYR BG 158 98.05 -6.16 -119.03
CA TYR BG 158 99.21 -5.49 -118.45
C TYR BG 158 100.37 -6.47 -118.39
N PRO BG 159 100.95 -6.81 -119.54
CA PRO BG 159 101.94 -7.89 -119.58
C PRO BG 159 103.33 -7.53 -119.07
N GLN BG 160 103.53 -6.32 -118.56
CA GLN BG 160 104.84 -5.93 -118.04
C GLN BG 160 104.81 -5.34 -116.65
N SER BG 161 103.63 -5.12 -116.08
CA SER BG 161 103.54 -4.49 -114.77
C SER BG 161 104.05 -5.41 -113.67
N THR BG 162 104.76 -4.84 -112.70
CA THR BG 162 105.12 -5.57 -111.51
C THR BG 162 103.90 -5.74 -110.61
N ILE BG 163 103.97 -6.70 -109.70
CA ILE BG 163 102.81 -7.15 -108.94
C ILE BG 163 103.13 -7.12 -107.46
N TYR BG 164 102.19 -6.59 -106.67
CA TYR BG 164 102.17 -6.77 -105.23
C TYR BG 164 100.80 -7.30 -104.84
N VAL BG 165 100.76 -8.26 -103.92
CA VAL BG 165 99.52 -8.77 -103.38
C VAL BG 165 99.63 -8.79 -101.86
N ALA BG 166 98.56 -8.41 -101.18
CA ALA BG 166 98.59 -8.34 -99.73
C ALA BG 166 97.24 -8.73 -99.16
N GLY BG 167 97.28 -9.16 -97.91
CA GLY BG 167 96.09 -9.64 -97.23
C GLY BG 167 95.89 -8.98 -95.89
N PHE BG 168 94.62 -8.77 -95.54
CA PHE BG 168 94.24 -8.13 -94.30
C PHE BG 168 93.16 -8.93 -93.59
N THR BG 169 93.32 -9.11 -92.29
CA THR BG 169 92.39 -9.87 -91.45
C THR BG 169 91.79 -8.95 -90.39
N ASP BG 170 91.06 -9.55 -89.45
CA ASP BG 170 90.35 -8.80 -88.44
C ASP BG 170 91.23 -8.59 -87.20
N ASN BG 171 90.62 -8.12 -86.11
CA ASN BG 171 91.34 -7.69 -84.93
C ASN BG 171 91.23 -8.66 -83.76
N VAL BG 172 90.70 -9.86 -83.99
CA VAL BG 172 90.38 -10.78 -82.92
C VAL BG 172 91.24 -12.03 -83.05
N GLY BG 173 91.82 -12.47 -81.95
CA GLY BG 173 92.58 -13.70 -81.90
C GLY BG 173 94.06 -13.44 -81.70
N SER BG 174 94.84 -14.52 -81.80
CA SER BG 174 96.29 -14.41 -81.71
C SER BG 174 96.83 -13.63 -82.90
N ARG BG 175 97.67 -12.63 -82.61
CA ARG BG 175 98.27 -11.85 -83.67
C ARG BG 175 99.16 -12.71 -84.57
N SER BG 176 99.92 -13.62 -83.95
CA SER BG 176 100.73 -14.54 -84.74
C SER BG 176 99.87 -15.40 -85.64
N HIS BG 177 98.73 -15.88 -85.12
CA HIS BG 177 97.81 -16.66 -85.93
C HIS BG 177 97.26 -15.84 -87.09
N LYS BG 178 96.93 -14.57 -86.83
CA LYS BG 178 96.47 -13.70 -87.91
C LYS BG 178 97.53 -13.57 -88.98
N ARG BG 179 98.78 -13.35 -88.57
CA ARG BG 179 99.86 -13.20 -89.54
C ARG BG 179 100.02 -14.46 -90.37
N LYS BG 180 99.97 -15.63 -89.71
CA LYS BG 180 100.12 -16.88 -90.44
C LYS BG 180 99.00 -17.07 -91.44
N LEU BG 181 97.76 -16.76 -91.04
CA LEU BG 181 96.64 -16.91 -91.96
C LEU BG 181 96.76 -15.97 -93.14
N SER BG 182 97.16 -14.72 -92.89
CA SER BG 182 97.32 -13.78 -93.98
C SER BG 182 98.40 -14.24 -94.95
N GLN BG 183 99.53 -14.73 -94.41
CA GLN BG 183 100.58 -15.25 -95.27
C GLN BG 183 100.08 -16.41 -96.11
N ALA BG 184 99.31 -17.30 -95.50
CA ALA BG 184 98.78 -18.44 -96.24
C ALA BG 184 97.90 -17.97 -97.39
N GLN BG 185 96.99 -17.04 -97.11
CA GLN BG 185 96.10 -16.56 -98.17
C GLN BG 185 96.89 -15.91 -99.30
N ALA BG 186 97.84 -15.05 -98.94
CA ALA BG 186 98.61 -14.34 -99.95
C ALA BG 186 99.42 -15.31 -100.82
N GLU BG 187 100.08 -16.28 -100.17
CA GLU BG 187 100.87 -17.23 -100.94
C GLU BG 187 99.99 -18.08 -101.84
N THR BG 188 98.81 -18.48 -101.35
CA THR BG 188 97.91 -19.25 -102.19
C THR BG 188 97.52 -18.46 -103.43
N MET BG 189 97.17 -17.18 -103.25
CA MET BG 189 96.80 -16.37 -104.40
C MET BG 189 97.95 -16.22 -105.38
N MET BG 190 99.15 -15.96 -104.85
CA MET BG 190 100.31 -15.76 -105.73
C MET BG 190 100.63 -17.03 -106.51
N THR BG 191 100.58 -18.18 -105.83
CA THR BG 191 100.83 -19.44 -106.51
C THR BG 191 99.75 -19.73 -107.55
N PHE BG 192 98.50 -19.37 -107.25
CA PHE BG 192 97.44 -19.51 -108.23
C PHE BG 192 97.76 -18.72 -109.49
N LEU BG 193 98.19 -17.47 -109.32
CA LEU BG 193 98.55 -16.67 -110.49
C LEU BG 193 99.75 -17.28 -111.22
N TRP BG 194 100.72 -17.78 -110.47
CA TRP BG 194 101.89 -18.40 -111.08
C TRP BG 194 101.50 -19.58 -111.94
N ALA BG 195 100.56 -20.39 -111.47
CA ALA BG 195 100.00 -21.45 -112.29
C ALA BG 195 99.23 -20.89 -113.48
N ASN BG 196 98.56 -19.75 -113.28
CA ASN BG 196 97.86 -19.11 -114.39
C ASN BG 196 98.80 -18.62 -115.46
N GLY BG 197 100.09 -18.48 -115.17
CA GLY BG 197 101.04 -18.29 -116.25
C GLY BG 197 101.85 -17.02 -116.30
N ILE BG 198 102.24 -16.49 -115.14
CA ILE BG 198 103.13 -15.35 -115.08
C ILE BG 198 104.39 -15.76 -114.33
N ALA BG 199 105.54 -15.39 -114.86
CA ALA BG 199 106.81 -15.79 -114.26
C ALA BG 199 106.94 -15.23 -112.85
N ALA BG 200 107.51 -16.03 -111.95
CA ALA BG 200 107.50 -15.70 -110.54
C ALA BG 200 108.27 -14.42 -110.24
N LYS BG 201 109.24 -14.06 -111.07
CA LYS BG 201 110.07 -12.90 -110.80
C LYS BG 201 109.29 -11.59 -110.81
N ARG BG 202 108.07 -11.58 -111.33
CA ARG BG 202 107.27 -10.37 -111.42
C ARG BG 202 106.34 -10.17 -110.24
N LEU BG 203 106.40 -11.04 -109.23
CA LEU BG 203 105.39 -11.01 -108.17
C LEU BG 203 106.05 -11.16 -106.81
N LYS BG 204 105.33 -10.70 -105.79
CA LYS BG 204 105.74 -10.87 -104.40
C LYS BG 204 104.52 -10.74 -103.51
N ALA BG 205 104.42 -11.58 -102.49
CA ALA BG 205 103.25 -11.68 -101.64
C ALA BG 205 103.50 -11.09 -100.26
N GLU BG 206 102.42 -10.69 -99.61
CA GLU BG 206 102.51 -10.13 -98.26
C GLU BG 206 101.16 -10.22 -97.57
N GLY BG 207 101.15 -10.76 -96.36
CA GLY BG 207 99.95 -10.74 -95.56
C GLY BG 207 100.17 -10.02 -94.25
N TYR BG 208 99.56 -8.86 -94.07
CA TYR BG 208 99.76 -8.10 -92.86
C TYR BG 208 98.86 -8.65 -91.76
N GLY BG 209 98.75 -7.90 -90.67
CA GLY BG 209 97.82 -8.28 -89.62
C GLY BG 209 96.55 -7.48 -89.73
N ASP BG 210 96.41 -6.47 -88.87
CA ASP BG 210 95.23 -5.63 -88.83
C ASP BG 210 95.67 -4.18 -88.67
N LYS BG 211 96.69 -3.78 -89.43
CA LYS BG 211 97.32 -2.48 -89.19
C LYS BG 211 96.51 -1.35 -89.79
N ASN BG 212 96.40 -1.30 -91.11
CA ASN BG 212 95.75 -0.17 -91.79
C ASN BG 212 94.33 -0.58 -92.13
N ALA BG 213 93.46 -0.49 -91.13
CA ALA BG 213 92.06 -0.82 -91.34
C ALA BG 213 91.39 0.25 -92.17
N ILE BG 214 90.47 -0.18 -93.03
CA ILE BG 214 89.64 0.74 -93.81
C ILE BG 214 88.28 0.94 -93.17
N SER BG 215 88.03 0.31 -92.03
CA SER BG 215 86.76 0.45 -91.32
C SER BG 215 86.95 0.02 -89.88
N ASP BG 216 85.99 0.40 -89.04
CA ASP BG 216 86.08 0.07 -87.63
C ASP BG 216 85.91 -1.43 -87.40
N ASN BG 217 86.63 -1.94 -86.41
CA ASN BG 217 86.54 -3.33 -86.02
C ASN BG 217 85.54 -3.59 -84.91
N ALA BG 218 85.10 -2.55 -84.20
CA ALA BG 218 84.07 -2.71 -83.19
C ALA BG 218 82.67 -2.82 -83.79
N ILE BG 219 82.53 -2.59 -85.10
CA ILE BG 219 81.28 -2.78 -85.81
C ILE BG 219 81.39 -4.05 -86.63
N ILE BG 220 80.34 -4.88 -86.58
CA ILE BG 220 80.36 -6.16 -87.27
C ILE BG 220 80.55 -5.97 -88.76
N HIS BG 221 79.71 -5.12 -89.36
CA HIS BG 221 79.81 -4.88 -90.79
C HIS BG 221 81.12 -4.19 -91.14
N GLY BG 222 81.59 -3.32 -90.25
CA GLY BG 222 82.88 -2.68 -90.48
C GLY BG 222 84.01 -3.68 -90.56
N SER BG 223 84.05 -4.64 -89.62
CA SER BG 223 85.09 -5.66 -89.67
C SER BG 223 84.94 -6.55 -90.90
N ALA BG 224 83.70 -6.88 -91.25
CA ALA BG 224 83.47 -7.70 -92.44
C ALA BG 224 84.02 -7.01 -93.68
N GLN BG 225 83.79 -5.71 -93.80
CA GLN BG 225 84.41 -4.95 -94.88
C GLN BG 225 85.92 -4.90 -94.73
N ASN BG 226 86.39 -4.89 -93.48
CA ASN BG 226 87.82 -4.72 -93.22
C ASN BG 226 88.62 -5.90 -93.75
N ARG BG 227 88.21 -7.12 -93.42
CA ARG BG 227 88.93 -8.30 -93.90
C ARG BG 227 88.90 -8.32 -95.42
N ARG BG 228 90.08 -8.43 -96.05
CA ARG BG 228 90.14 -8.15 -97.48
C ARG BG 228 91.42 -8.70 -98.09
N ILE BG 229 91.43 -8.72 -99.43
CA ILE BG 229 92.61 -9.05 -100.22
C ILE BG 229 92.83 -7.92 -101.22
N GLU BG 230 94.03 -7.37 -101.26
CA GLU BG 230 94.37 -6.28 -102.16
C GLU BG 230 95.44 -6.71 -103.16
N ILE BG 231 95.34 -6.20 -104.37
CA ILE BG 231 96.32 -6.44 -105.41
C ILE BG 231 96.69 -5.09 -106.03
N GLN BG 232 97.97 -4.72 -105.94
CA GLN BG 232 98.46 -3.47 -106.49
C GLN BG 232 99.39 -3.77 -107.66
N TRP BG 233 99.31 -2.93 -108.70
CA TRP BG 233 100.29 -3.02 -109.77
C TRP BG 233 100.52 -1.65 -110.40
N PHE BG 234 101.78 -1.37 -110.68
CA PHE BG 234 102.21 -0.17 -111.38
C PHE BG 234 102.04 -0.38 -112.88
N THR BG 235 102.61 0.53 -113.68
CA THR BG 235 102.62 0.38 -115.13
C THR BG 235 104.02 0.21 -115.67
N SER BG 236 104.95 1.11 -115.31
CA SER BG 236 106.31 1.04 -115.82
C SER BG 236 107.30 0.69 -114.72
N LEU CG 113 147.85 -21.24 -115.63
CA LEU CG 113 146.99 -22.08 -116.46
C LEU CG 113 145.52 -21.71 -116.24
N ASN CG 114 144.85 -21.29 -117.32
CA ASN CG 114 143.49 -20.79 -117.24
C ASN CG 114 142.51 -21.43 -118.22
N ARG CG 115 142.99 -22.12 -119.25
CA ARG CG 115 142.09 -22.67 -120.25
C ARG CG 115 142.59 -24.03 -120.70
N PHE CG 116 141.67 -24.95 -120.93
CA PHE CG 116 142.00 -26.26 -121.48
C PHE CG 116 140.87 -26.72 -122.39
N ARG CG 117 141.19 -26.94 -123.66
CA ARG CG 117 140.25 -27.47 -124.64
C ARG CG 117 140.83 -28.75 -125.19
N TYR CG 118 140.14 -29.87 -124.97
CA TYR CG 118 140.63 -31.17 -125.38
C TYR CG 118 139.77 -31.73 -126.51
N GLU CG 119 140.42 -32.01 -127.64
CA GLU CG 119 139.83 -32.76 -128.74
C GLU CG 119 140.88 -33.74 -129.24
N GLY CG 120 140.50 -35.00 -129.40
CA GLY CG 120 141.46 -36.01 -129.79
C GLY CG 120 141.21 -37.38 -129.19
N ALA CG 121 140.17 -37.47 -128.36
CA ALA CG 121 139.68 -38.74 -127.81
C ALA CG 121 140.78 -39.48 -127.04
N GLY CG 122 141.23 -38.83 -125.98
CA GLY CG 122 142.26 -39.37 -125.13
C GLY CG 122 141.84 -39.48 -123.68
N VAL CG 123 142.77 -39.95 -122.86
CA VAL CG 123 142.56 -40.15 -121.43
C VAL CG 123 143.37 -39.10 -120.68
N VAL CG 124 142.72 -38.39 -119.77
CA VAL CG 124 143.35 -37.32 -119.00
C VAL CG 124 143.16 -37.62 -117.52
N THR CG 125 144.24 -37.59 -116.76
CA THR CG 125 144.18 -37.84 -115.32
C THR CG 125 145.16 -36.92 -114.61
N GLY CG 126 144.70 -36.25 -113.57
CA GLY CG 126 145.54 -35.34 -112.82
C GLY CG 126 145.04 -35.14 -111.41
N ASN CG 127 145.96 -34.82 -110.51
CA ASN CG 127 145.61 -34.64 -109.11
C ASN CG 127 146.48 -33.54 -108.51
N ASN CG 128 145.98 -32.95 -107.43
CA ASN CG 128 146.70 -31.93 -106.67
C ASN CG 128 147.02 -30.71 -107.54
N LEU CG 129 146.00 -30.21 -108.23
CA LEU CG 129 146.12 -28.99 -109.02
C LEU CG 129 145.48 -27.83 -108.26
N ARG CG 130 146.12 -26.67 -108.33
CA ARG CG 130 145.62 -25.46 -107.70
C ARG CG 130 145.56 -24.34 -108.73
N THR CG 131 144.48 -23.57 -108.69
CA THR CG 131 144.28 -22.45 -109.61
C THR CG 131 143.25 -21.51 -109.01
N SER CG 132 143.05 -20.37 -109.67
CA SER CG 132 141.99 -19.46 -109.31
C SER CG 132 140.73 -19.72 -110.13
N TYR CG 133 140.85 -19.62 -111.46
CA TYR CG 133 139.75 -19.92 -112.35
C TYR CG 133 140.31 -20.54 -113.62
N LEU CG 134 139.55 -21.46 -114.20
CA LEU CG 134 139.89 -22.02 -115.50
C LEU CG 134 138.61 -22.40 -116.23
N ASP CG 135 138.73 -22.55 -117.54
CA ASP CG 135 137.62 -22.93 -118.41
C ASP CG 135 137.99 -24.18 -119.19
N LEU CG 136 137.09 -25.15 -119.19
CA LEU CG 136 137.33 -26.46 -119.81
C LEU CG 136 136.34 -26.71 -120.93
N TYR CG 137 136.84 -27.27 -122.04
CA TYR CG 137 136.03 -27.63 -123.20
C TYR CG 137 136.45 -29.04 -123.61
N LEU CG 138 135.77 -30.05 -123.06
CA LEU CG 138 136.10 -31.45 -123.31
C LEU CG 138 135.34 -31.97 -124.52
N ALA CG 139 136.00 -32.82 -125.30
CA ALA CG 139 135.36 -33.43 -126.45
C ALA CG 139 135.84 -34.86 -126.61
N ASN CG 140 135.07 -35.64 -127.38
CA ASN CG 140 135.46 -36.96 -127.85
C ASN CG 140 135.68 -37.93 -126.68
N GLU CG 141 134.64 -38.03 -125.84
CA GLU CG 141 134.58 -38.97 -124.70
C GLU CG 141 135.93 -39.11 -124.00
N GLY CG 142 136.51 -37.96 -123.66
CA GLY CG 142 137.79 -37.98 -122.98
C GLY CG 142 137.63 -38.37 -121.53
N THR CG 143 138.07 -39.59 -121.19
CA THR CG 143 137.97 -40.08 -119.82
C THR CG 143 138.84 -39.23 -118.92
N THR CG 144 138.21 -38.42 -118.07
CA THR CG 144 138.89 -37.36 -117.34
C THR CG 144 138.75 -37.58 -115.84
N ARG CG 145 139.89 -37.60 -115.14
CA ARG CG 145 139.96 -37.67 -113.70
C ARG CG 145 140.66 -36.41 -113.19
N LEU CG 146 140.01 -35.68 -112.30
CA LEU CG 146 140.59 -34.48 -111.70
C LEU CG 146 140.45 -34.58 -110.19
N ALA CG 147 141.58 -34.43 -109.50
CA ALA CG 147 141.62 -34.54 -108.03
C ALA CG 147 142.40 -33.38 -107.42
N GLY CG 148 142.07 -32.16 -107.85
CA GLY CG 148 142.69 -30.96 -107.33
C GLY CG 148 141.66 -29.94 -106.87
N ASN CG 149 142.14 -28.93 -106.16
CA ASN CG 149 141.32 -27.82 -105.68
C ASN CG 149 141.33 -26.73 -106.75
N ILE CG 150 140.20 -26.59 -107.44
CA ILE CG 150 140.11 -25.70 -108.59
C ILE CG 150 138.81 -24.91 -108.50
N GLY CG 151 138.89 -23.60 -108.74
CA GLY CG 151 137.73 -22.77 -108.96
C GLY CG 151 137.51 -22.55 -110.44
N LEU CG 152 136.25 -22.31 -110.82
CA LEU CG 152 135.91 -22.16 -112.22
C LEU CG 152 134.46 -21.67 -112.32
N GLN CG 153 134.20 -20.87 -113.36
CA GLN CG 153 132.85 -20.38 -113.62
C GLN CG 153 132.28 -20.88 -114.94
N LYS CG 154 133.03 -21.68 -115.70
CA LYS CG 154 132.53 -22.21 -116.95
C LYS CG 154 133.07 -23.61 -117.18
N LEU CG 155 132.28 -24.42 -117.90
CA LEU CG 155 132.66 -25.79 -118.21
C LEU CG 155 131.74 -26.34 -119.29
N GLU CG 156 132.31 -26.98 -120.31
CA GLU CG 156 131.52 -27.57 -121.38
C GLU CG 156 132.12 -28.91 -121.80
N ALA CG 157 131.25 -29.87 -122.08
CA ALA CG 157 131.67 -31.19 -122.54
C ALA CG 157 130.76 -31.63 -123.67
N VAL CG 158 131.35 -32.29 -124.66
CA VAL CG 158 130.60 -32.73 -125.83
C VAL CG 158 129.57 -33.79 -125.45
N GLY CG 159 130.01 -34.84 -124.77
CA GLY CG 159 129.10 -35.89 -124.36
C GLY CG 159 129.58 -37.29 -124.65
N ASN CG 160 128.81 -38.29 -124.22
CA ASN CG 160 129.10 -39.71 -124.44
C ASN CG 160 130.42 -40.11 -123.78
N GLY CG 161 130.82 -39.39 -122.74
CA GLY CG 161 132.02 -39.71 -122.00
C GLY CG 161 131.83 -39.40 -120.54
N VAL CG 162 132.69 -40.00 -119.72
CA VAL CG 162 132.61 -39.84 -118.27
C VAL CG 162 133.58 -38.76 -117.83
N THR CG 163 133.34 -38.23 -116.64
CA THR CG 163 134.19 -37.17 -116.10
C THR CG 163 134.02 -37.10 -114.60
N GLN CG 164 135.15 -37.14 -113.87
CA GLN CG 164 135.14 -37.05 -112.42
C GLN CG 164 135.98 -35.87 -111.99
N ILE CG 165 135.44 -35.02 -111.12
CA ILE CG 165 136.15 -33.88 -110.58
C ILE CG 165 135.90 -33.83 -109.08
N ASN CG 166 136.98 -33.82 -108.30
CA ASN CG 166 136.90 -33.76 -106.85
C ASN CG 166 137.48 -32.43 -106.39
N GLY CG 167 136.64 -31.57 -105.83
CA GLY CG 167 137.08 -30.30 -105.29
C GLY CG 167 136.82 -29.14 -106.22
N VAL CG 168 135.74 -28.41 -105.97
CA VAL CG 168 135.40 -27.22 -106.74
C VAL CG 168 134.93 -26.14 -105.78
N SER CG 169 135.47 -24.93 -105.93
CA SER CG 169 135.14 -23.81 -105.06
C SER CG 169 135.25 -22.52 -105.87
N SER CG 170 134.12 -22.00 -106.31
CA SER CG 170 134.09 -20.75 -107.07
C SER CG 170 132.90 -19.92 -106.63
N ARG CG 171 133.02 -18.61 -106.85
CA ARG CG 171 131.92 -17.70 -106.49
C ARG CG 171 130.75 -17.85 -107.46
N ASN CG 172 131.02 -18.25 -108.69
CA ASN CG 172 129.97 -18.37 -109.70
C ASN CG 172 130.34 -19.49 -110.66
N LEU CG 173 129.31 -19.98 -111.36
CA LEU CG 173 129.48 -21.04 -112.35
C LEU CG 173 128.20 -21.15 -113.16
N GLN CG 174 128.35 -21.31 -114.48
CA GLN CG 174 127.22 -21.53 -115.36
C GLN CG 174 127.57 -22.66 -116.32
N ILE CG 175 126.66 -23.61 -116.50
CA ILE CG 175 126.89 -24.78 -117.33
C ILE CG 175 125.59 -25.16 -118.02
N VAL CG 176 125.68 -25.40 -119.33
CA VAL CG 176 124.58 -25.95 -120.11
C VAL CG 176 125.13 -27.05 -120.98
N LEU CG 177 124.55 -28.24 -120.86
CA LEU CG 177 125.05 -29.40 -121.59
C LEU CG 177 124.43 -29.50 -122.97
N LYS CG 178 125.13 -30.18 -123.87
CA LYS CG 178 124.70 -30.37 -125.25
C LYS CG 178 124.52 -31.82 -125.63
N GLY CG 179 125.47 -32.68 -125.30
CA GLY CG 179 125.37 -34.11 -125.56
C GLY CG 179 124.87 -34.87 -124.36
N ASP CG 180 125.41 -36.07 -124.16
CA ASP CG 180 125.01 -36.94 -123.06
C ASP CG 180 126.25 -37.41 -122.31
N PRO CG 181 126.83 -36.55 -121.48
CA PRO CG 181 127.98 -36.95 -120.67
C PRO CG 181 127.54 -37.60 -119.36
N LYS CG 182 128.53 -38.11 -118.64
CA LYS CG 182 128.33 -38.74 -117.33
C LYS CG 182 129.30 -38.06 -116.38
N VAL CG 183 128.82 -37.03 -115.70
CA VAL CG 183 129.67 -36.13 -114.93
C VAL CG 183 129.43 -36.33 -113.44
N LEU CG 184 130.49 -36.20 -112.67
CA LEU CG 184 130.39 -36.20 -111.21
C LEU CG 184 131.35 -35.15 -110.68
N ILE CG 185 130.84 -34.30 -109.79
CA ILE CG 185 131.58 -33.15 -109.28
C ILE CG 185 131.40 -33.07 -107.78
N SER CG 186 132.50 -32.83 -107.07
CA SER CG 186 132.50 -32.69 -105.63
C SER CG 186 133.02 -31.31 -105.23
N GLY CG 187 132.38 -30.70 -104.24
CA GLY CG 187 132.82 -29.40 -103.74
C GLY CG 187 131.70 -28.48 -103.34
N PHE CG 188 131.96 -27.17 -103.35
CA PHE CG 188 130.99 -26.14 -103.00
C PHE CG 188 130.83 -25.20 -104.18
N VAL CG 189 129.61 -25.07 -104.68
CA VAL CG 189 129.33 -24.29 -105.88
C VAL CG 189 128.13 -23.39 -105.63
N ASN CG 190 128.19 -22.18 -106.16
CA ASN CG 190 127.08 -21.24 -106.15
C ASN CG 190 126.56 -21.15 -107.59
N LEU CG 191 125.56 -21.97 -107.90
CA LEU CG 191 125.06 -22.08 -109.26
C LEU CG 191 123.97 -21.04 -109.53
N ARG CG 192 123.72 -20.79 -110.80
CA ARG CG 192 122.71 -19.83 -111.23
C ARG CG 192 121.61 -20.45 -112.08
N GLN CG 193 121.97 -21.16 -113.15
CA GLN CG 193 120.98 -21.62 -114.11
C GLN CG 193 121.48 -22.89 -114.79
N LEU CG 194 120.56 -23.84 -115.01
CA LEU CG 194 120.90 -25.09 -115.66
C LEU CG 194 119.86 -25.44 -116.72
N ASP CG 195 120.32 -25.95 -117.86
CA ASP CG 195 119.46 -26.35 -118.95
C ASP CG 195 119.88 -27.73 -119.45
N MET CG 196 118.92 -28.52 -119.90
CA MET CG 196 119.20 -29.86 -120.39
C MET CG 196 118.33 -30.20 -121.59
N TYR CG 197 118.95 -30.83 -122.59
CA TYR CG 197 118.27 -31.14 -123.84
C TYR CG 197 118.55 -32.54 -124.37
N GLY CG 198 119.41 -33.32 -123.71
CA GLY CG 198 119.76 -34.63 -124.23
C GLY CG 198 119.41 -35.78 -123.31
N LYS CG 199 120.41 -36.53 -122.88
CA LYS CG 199 120.27 -37.68 -121.99
C LYS CG 199 121.30 -37.60 -120.87
N GLY CG 200 121.37 -36.43 -120.23
CA GLY CG 200 122.45 -36.17 -119.32
C GLY CG 200 122.21 -36.67 -117.90
N THR CG 201 123.32 -36.86 -117.19
CA THR CG 201 123.30 -37.23 -115.78
C THR CG 201 124.32 -36.36 -115.05
N LEU CG 202 123.91 -35.79 -113.93
CA LEU CG 202 124.76 -34.89 -113.15
C LEU CG 202 124.52 -35.14 -111.67
N SER CG 203 125.54 -34.84 -110.87
CA SER CG 203 125.42 -35.00 -109.42
C SER CG 203 126.39 -34.05 -108.74
N LEU CG 204 125.97 -33.52 -107.59
CA LEU CG 204 126.80 -32.61 -106.81
C LEU CG 204 126.84 -33.10 -105.36
N TYR CG 205 127.53 -32.34 -104.51
CA TYR CG 205 127.61 -32.63 -103.08
C TYR CG 205 126.95 -31.57 -102.23
N TRP CG 206 127.37 -30.31 -102.35
CA TRP CG 206 126.80 -29.24 -101.57
C TRP CG 206 126.75 -27.99 -102.44
N ILE CG 207 125.69 -27.19 -102.27
CA ILE CG 207 125.55 -25.94 -102.99
C ILE CG 207 124.99 -24.90 -102.03
N LYS CG 208 125.75 -23.82 -101.83
CA LYS CG 208 125.31 -22.69 -101.02
C LYS CG 208 124.91 -21.57 -101.98
N SER CG 209 123.68 -21.65 -102.47
CA SER CG 209 123.16 -20.69 -103.44
C SER CG 209 121.76 -20.26 -103.01
N ASP CG 210 121.24 -19.28 -103.72
CA ASP CG 210 119.95 -18.71 -103.37
C ASP CG 210 118.96 -18.73 -104.52
N THR CG 211 119.42 -18.54 -105.76
CA THR CG 211 118.54 -18.48 -106.93
C THR CG 211 118.98 -19.54 -107.93
N LEU CG 212 118.06 -20.43 -108.29
CA LEU CG 212 118.32 -21.45 -109.30
C LEU CG 212 117.14 -21.55 -110.25
N THR CG 213 117.44 -21.70 -111.53
CA THR CG 213 116.44 -21.91 -112.56
C THR CG 213 116.85 -23.09 -113.41
N ILE CG 214 116.00 -24.11 -113.47
CA ILE CG 214 116.32 -25.37 -114.15
C ILE CG 214 115.30 -25.60 -115.24
N ARG CG 215 115.79 -25.88 -116.45
CA ARG CG 215 114.95 -26.22 -117.59
C ARG CG 215 115.37 -27.58 -118.12
N ALA CG 216 114.40 -28.48 -118.29
CA ALA CG 216 114.68 -29.83 -118.76
C ALA CG 216 113.76 -30.16 -119.93
N LYS CG 217 114.35 -30.68 -121.01
CA LYS CG 217 113.63 -30.97 -122.23
C LYS CG 217 113.48 -32.46 -122.51
N LYS CG 218 114.58 -33.21 -122.55
CA LYS CG 218 114.53 -34.59 -123.03
C LYS CG 218 114.81 -35.61 -121.93
N ALA CG 219 115.96 -35.55 -121.28
CA ALA CG 219 116.27 -36.49 -120.21
C ALA CG 219 117.44 -36.00 -119.36
N ALA CG 220 117.20 -35.83 -118.06
CA ALA CG 220 118.24 -35.40 -117.14
C ALA CG 220 118.05 -36.09 -115.80
N LYS CG 221 119.12 -36.71 -115.32
CA LYS CG 221 119.12 -37.39 -114.03
C LYS CG 221 120.06 -36.61 -113.13
N ILE CG 222 119.50 -35.77 -112.25
CA ILE CG 222 120.25 -34.78 -111.50
C ILE CG 222 120.13 -35.11 -110.02
N GLN CG 223 121.27 -35.27 -109.36
CA GLN CG 223 121.33 -35.58 -107.93
C GLN CG 223 121.96 -34.39 -107.20
N LEU CG 224 121.11 -33.56 -106.60
CA LEU CG 224 121.55 -32.31 -105.99
C LEU CG 224 121.23 -32.31 -104.51
N ALA CG 225 122.06 -31.60 -103.74
CA ALA CG 225 121.86 -31.45 -102.32
C ALA CG 225 122.57 -30.18 -101.85
N GLY CG 226 121.92 -29.42 -101.00
CA GLY CG 226 122.48 -28.18 -100.52
C GLY CG 226 121.39 -27.25 -100.04
N ILE CG 227 121.70 -25.95 -100.05
CA ILE CG 227 120.81 -24.92 -99.56
C ILE CG 227 120.37 -24.06 -100.74
N VAL CG 228 119.07 -23.87 -100.89
CA VAL CG 228 118.50 -23.02 -101.94
C VAL CG 228 117.52 -22.06 -101.29
N ASN CG 229 117.62 -20.78 -101.64
CA ASN CG 229 116.67 -19.80 -101.15
C ASN CG 229 115.54 -19.55 -102.13
N ARG CG 230 115.71 -19.92 -103.40
CA ARG CG 230 114.67 -19.72 -104.40
C ARG CG 230 114.97 -20.63 -105.58
N LEU CG 231 114.02 -21.50 -105.92
CA LEU CG 231 114.22 -22.44 -107.01
C LEU CG 231 113.02 -22.45 -107.95
N ASP CG 232 113.30 -22.46 -109.24
CA ASP CG 232 112.30 -22.60 -110.30
C ASP CG 232 112.67 -23.81 -111.13
N VAL CG 233 111.69 -24.67 -111.40
CA VAL CG 233 111.90 -25.90 -112.14
C VAL CG 233 110.87 -25.99 -113.26
N GLU CG 234 111.35 -26.27 -114.47
CA GLU CG 234 110.50 -26.55 -115.63
C GLU CG 234 110.90 -27.90 -116.21
N LEU CG 235 109.94 -28.81 -116.31
CA LEU CG 235 110.17 -30.13 -116.89
C LEU CG 235 109.22 -30.31 -118.07
N TRP CG 236 109.76 -30.75 -119.20
CA TRP CG 236 108.95 -30.98 -120.39
C TRP CG 236 108.53 -32.43 -120.55
N ASP CG 237 109.48 -33.35 -120.65
CA ASP CG 237 109.13 -34.74 -120.88
C ASP CG 237 110.32 -35.63 -120.51
N PHE CG 238 110.01 -36.78 -119.91
CA PHE CG 238 111.01 -37.78 -119.56
C PHE CG 238 112.12 -37.18 -118.69
N ALA CG 239 111.74 -36.20 -117.88
CA ALA CG 239 112.67 -35.55 -116.96
C ALA CG 239 112.39 -36.07 -115.56
N GLN CG 240 113.38 -36.72 -114.96
CA GLN CG 240 113.29 -37.25 -113.61
C GLN CG 240 114.32 -36.52 -112.77
N PHE CG 241 113.86 -35.60 -111.92
CA PHE CG 241 114.75 -34.78 -111.11
C PHE CG 241 114.59 -35.16 -109.65
N LYS CG 242 115.64 -35.74 -109.08
CA LYS CG 242 115.62 -36.21 -107.69
C LYS CG 242 116.30 -35.21 -106.76
N GLY CG 243 115.66 -34.05 -106.57
CA GLY CG 243 116.23 -33.04 -105.72
C GLY CG 243 116.05 -33.34 -104.25
N LYS CG 244 116.02 -34.62 -103.90
CA LYS CG 244 116.03 -35.01 -102.50
C LYS CG 244 117.31 -34.55 -101.84
N TYR CG 245 117.22 -34.23 -100.55
CA TYR CG 245 118.31 -33.67 -99.75
C TYR CG 245 118.71 -32.28 -100.22
N LEU CG 246 117.88 -31.64 -101.04
CA LEU CG 246 118.11 -30.27 -101.50
C LEU CG 246 117.01 -29.40 -100.91
N ARG CG 247 117.27 -28.87 -99.72
CA ARG CG 247 116.26 -28.06 -99.04
C ARG CG 247 116.16 -26.69 -99.71
N ALA CG 248 114.93 -26.27 -100.01
CA ALA CG 248 114.66 -25.01 -100.68
C ALA CG 248 113.59 -24.24 -99.92
N GLN CG 249 113.87 -22.98 -99.61
CA GLN CG 249 112.90 -22.16 -98.90
C GLN CG 249 111.70 -21.86 -99.79
N ARG CG 250 111.95 -21.41 -101.01
CA ARG CG 250 110.92 -21.09 -101.98
C ARG CG 250 111.04 -22.03 -103.16
N SER CG 251 109.97 -22.74 -103.48
CA SER CG 251 110.00 -23.71 -104.57
C SER CG 251 108.87 -23.43 -105.55
N PHE CG 252 109.20 -23.42 -106.84
CA PHE CG 252 108.22 -23.36 -107.91
C PHE CG 252 108.49 -24.48 -108.89
N VAL CG 253 107.46 -25.27 -109.19
CA VAL CG 253 107.59 -26.43 -110.06
C VAL CG 253 106.53 -26.36 -111.14
N LYS CG 254 106.95 -26.52 -112.39
CA LYS CG 254 106.04 -26.61 -113.53
C LYS CG 254 106.41 -27.86 -114.32
N THR CG 255 105.46 -28.77 -114.47
CA THR CG 255 105.72 -30.06 -115.10
C THR CG 255 104.71 -30.32 -116.20
N HIS CG 256 105.21 -30.65 -117.39
CA HIS CG 256 104.37 -31.06 -118.51
C HIS CG 256 104.23 -32.59 -118.48
N ASP CG 257 103.76 -33.16 -119.58
CA ASP CG 257 103.52 -34.59 -119.65
C ASP CG 257 104.79 -35.40 -119.39
N LYS CG 258 104.64 -36.49 -118.63
CA LYS CG 258 105.70 -37.46 -118.39
C LYS CG 258 106.92 -36.81 -117.74
N SER CG 259 106.70 -36.36 -116.51
CA SER CG 259 107.73 -35.78 -115.68
C SER CG 259 107.66 -36.34 -114.27
N VAL CG 260 108.80 -36.53 -113.64
CA VAL CG 260 108.89 -37.00 -112.27
C VAL CG 260 109.81 -36.06 -111.50
N ALA CG 261 109.33 -35.55 -110.38
CA ALA CG 261 110.09 -34.59 -109.58
C ALA CG 261 109.98 -34.97 -108.11
N GLU CG 262 111.13 -35.32 -107.51
CA GLU CG 262 111.23 -35.52 -106.08
C GLU CG 262 111.78 -34.24 -105.48
N ILE CG 263 111.03 -33.61 -104.58
CA ILE CG 263 111.33 -32.28 -104.09
C ILE CG 263 111.49 -32.31 -102.57
N SER CG 264 112.18 -31.30 -102.05
CA SER CG 264 112.52 -31.18 -100.65
C SER CG 264 112.22 -29.77 -100.15
N ALA CG 265 111.02 -29.29 -100.46
CA ALA CG 265 110.61 -27.94 -100.05
C ALA CG 265 110.68 -27.78 -98.53
N VAL CG 266 110.79 -26.53 -98.09
CA VAL CG 266 110.99 -26.25 -96.67
C VAL CG 266 109.84 -25.41 -96.11
N ASN CG 267 109.61 -24.24 -96.70
CA ASN CG 267 108.63 -23.31 -96.16
C ASN CG 267 107.49 -23.01 -97.12
N HIS CG 268 107.78 -22.78 -98.40
CA HIS CG 268 106.77 -22.31 -99.34
C HIS CG 268 106.91 -23.09 -100.65
N GLN CG 269 105.85 -23.80 -101.02
CA GLN CG 269 105.87 -24.71 -102.15
C GLN CG 269 104.75 -24.38 -103.12
N SER CG 270 105.10 -24.25 -104.40
CA SER CG 270 104.14 -24.07 -105.49
C SER CG 270 104.43 -25.12 -106.55
N SER CG 271 103.40 -25.82 -107.00
CA SER CG 271 103.60 -26.90 -107.96
C SER CG 271 102.41 -27.01 -108.88
N LEU CG 272 102.68 -27.12 -110.18
CA LEU CG 272 101.65 -27.32 -111.18
C LEU CG 272 102.06 -28.46 -112.10
N ALA CG 273 101.13 -29.37 -112.34
CA ALA CG 273 101.34 -30.50 -113.23
C ALA CG 273 100.24 -30.50 -114.29
N THR CG 274 100.63 -30.78 -115.54
CA THR CG 274 99.65 -30.80 -116.62
C THR CG 274 98.92 -32.13 -116.68
N ASP CG 275 99.65 -33.22 -116.93
CA ASP CG 275 99.05 -34.54 -117.08
C ASP CG 275 100.12 -35.60 -117.01
N ALA CG 276 99.87 -36.67 -116.25
CA ALA CG 276 100.83 -37.75 -116.05
C ALA CG 276 102.17 -37.18 -115.56
N SER CG 277 102.09 -36.23 -114.63
CA SER CG 277 103.26 -35.61 -114.04
C SER CG 277 103.21 -35.86 -112.53
N ASP CG 278 104.23 -36.52 -112.01
CA ASP CG 278 104.28 -36.93 -110.62
C ASP CG 278 105.30 -36.08 -109.87
N ILE CG 279 104.86 -35.52 -108.74
CA ILE CG 279 105.72 -34.72 -107.88
C ILE CG 279 105.56 -35.24 -106.46
N TYR CG 280 106.65 -35.74 -105.88
CA TYR CG 280 106.64 -36.29 -104.53
C TYR CG 280 107.50 -35.37 -103.66
N TYR CG 281 106.92 -34.88 -102.57
CA TYR CG 281 107.63 -33.96 -101.69
C TYR CG 281 107.98 -34.65 -100.38
N TYR CG 282 109.26 -34.64 -100.03
CA TYR CG 282 109.74 -35.36 -98.86
C TYR CG 282 109.84 -34.47 -97.63
N ASN CG 283 109.01 -33.42 -97.57
CA ASN CG 283 108.98 -32.55 -96.41
C ASN CG 283 107.68 -31.77 -96.43
N LEU CG 284 107.18 -31.45 -95.24
CA LEU CG 284 105.97 -30.65 -95.10
C LEU CG 284 106.35 -29.18 -95.01
N SER CG 285 106.04 -28.42 -96.06
CA SER CG 285 106.27 -26.99 -96.03
C SER CG 285 105.16 -26.30 -95.24
N LYS CG 286 105.49 -25.14 -94.68
CA LYS CG 286 104.51 -24.36 -93.94
C LYS CG 286 103.39 -23.84 -94.84
N THR CG 287 103.62 -23.78 -96.15
CA THR CG 287 102.60 -23.38 -97.10
C THR CG 287 102.74 -24.22 -98.35
N ARG CG 288 101.66 -24.88 -98.74
CA ARG CG 288 101.65 -25.80 -99.86
C ARG CG 288 100.59 -25.37 -100.86
N ALA CG 289 100.94 -25.39 -102.15
CA ALA CG 289 99.98 -25.13 -103.21
C ALA CG 289 100.29 -26.08 -104.35
N ASP CG 290 99.34 -26.96 -104.68
CA ASP CG 290 99.52 -27.94 -105.73
C ASP CG 290 98.31 -27.93 -106.65
N PHE CG 291 98.56 -28.06 -107.95
CA PHE CG 291 97.48 -28.05 -108.92
C PHE CG 291 97.75 -29.08 -110.02
N MET CG 292 96.69 -29.78 -110.41
CA MET CG 292 96.74 -30.78 -111.47
C MET CG 292 95.76 -30.38 -112.57
N ALA CG 293 96.20 -30.48 -113.82
CA ALA CG 293 95.36 -30.06 -114.94
C ALA CG 293 94.55 -31.21 -115.50
N PHE CG 294 95.21 -32.27 -115.96
CA PHE CG 294 94.53 -33.46 -116.46
C PHE CG 294 94.80 -34.69 -115.63
N ASN CG 295 96.06 -35.09 -115.52
CA ASN CG 295 96.40 -36.28 -114.75
C ASN CG 295 97.65 -36.03 -113.91
N GLY CG 296 97.73 -34.85 -113.30
CA GLY CG 296 98.83 -34.56 -112.40
C GLY CG 296 98.69 -35.26 -111.07
N SER CG 297 99.79 -35.30 -110.33
CA SER CG 297 99.76 -35.95 -109.03
C SER CG 297 100.87 -35.37 -108.16
N VAL CG 298 100.53 -35.05 -106.91
CA VAL CG 298 101.51 -34.58 -105.93
C VAL CG 298 101.26 -35.35 -104.64
N LEU CG 299 102.29 -35.99 -104.13
CA LEU CG 299 102.15 -36.92 -103.00
C LEU CG 299 103.22 -36.66 -101.95
N ASP CG 300 102.83 -36.86 -100.70
CA ASP CG 300 103.76 -36.69 -99.59
C ASP CG 300 104.83 -37.79 -99.60
N MET CG 301 104.40 -39.05 -99.74
CA MET CG 301 105.32 -40.17 -99.92
C MET CG 301 106.37 -40.21 -98.81
N ARG CG 302 105.92 -40.02 -97.57
CA ARG CG 302 106.84 -39.97 -96.45
C ARG CG 302 107.00 -41.37 -95.84
N GLU CG 303 107.64 -41.42 -94.67
CA GLU CG 303 108.07 -42.70 -94.11
C GLU CG 303 106.99 -43.36 -93.26
N TRP CG 304 106.25 -42.58 -92.47
CA TRP CG 304 105.29 -43.06 -91.49
C TRP CG 304 105.94 -43.89 -90.39
N GLY CG 305 107.27 -43.96 -90.35
CA GLY CG 305 107.94 -44.82 -89.42
C GLY CG 305 108.65 -44.09 -88.30
N GLN CG 306 109.02 -42.84 -88.54
CA GLN CG 306 109.71 -42.07 -87.53
C GLN CG 306 108.83 -41.83 -86.32
N SER CG 307 109.46 -41.69 -85.16
CA SER CG 307 108.74 -41.47 -83.92
C SER CG 307 108.37 -40.01 -83.70
N ASP CG 308 108.89 -39.09 -84.50
CA ASP CG 308 108.67 -37.66 -84.30
C ASP CG 308 108.16 -37.02 -85.58
N LEU CG 309 107.16 -37.64 -86.19
CA LEU CG 309 106.53 -37.09 -87.37
C LEU CG 309 105.46 -36.08 -86.97
N LYS CG 310 105.31 -35.04 -87.79
CA LYS CG 310 104.35 -33.98 -87.55
C LYS CG 310 103.28 -34.00 -88.63
N ASP CG 311 102.05 -33.72 -88.23
CA ASP CG 311 100.89 -33.79 -89.11
C ASP CG 311 100.45 -32.40 -89.52
N PHE CG 312 99.37 -32.33 -90.28
CA PHE CG 312 98.86 -31.07 -90.80
C PHE CG 312 98.37 -30.17 -89.67
N ASP CG 313 98.41 -28.87 -89.93
CA ASP CG 313 97.89 -27.86 -89.03
C ASP CG 313 96.92 -26.97 -89.82
N ARG CG 314 96.54 -25.86 -89.21
CA ARG CG 314 95.58 -24.96 -89.85
C ARG CG 314 96.09 -24.47 -91.20
N TYR CG 315 97.39 -24.22 -91.30
CA TYR CG 315 97.99 -23.66 -92.51
C TYR CG 315 98.61 -24.72 -93.40
N ASN CG 316 98.08 -25.95 -93.35
CA ASN CG 316 98.63 -27.02 -94.18
C ASN CG 316 97.58 -27.88 -94.85
N LYS CG 317 96.33 -27.92 -94.37
CA LYS CG 317 95.36 -28.88 -94.87
C LYS CG 317 94.84 -28.51 -96.25
N GLN CG 318 95.71 -28.53 -97.24
CA GLN CG 318 95.31 -28.32 -98.63
C GLN CG 318 95.06 -29.67 -99.28
N PHE CG 319 93.93 -29.81 -99.91
CA PHE CG 319 93.56 -31.13 -100.38
C PHE CG 319 93.72 -31.24 -101.89
N PRO CG 320 94.34 -32.33 -102.37
CA PRO CG 320 94.52 -32.61 -103.80
C PRO CG 320 93.19 -32.83 -104.51
N ASP DG 39 51.11 -41.88 -94.49
CA ASP DG 39 50.76 -42.50 -93.22
C ASP DG 39 51.31 -43.92 -93.14
N GLY DG 40 51.44 -44.56 -94.30
CA GLY DG 40 51.93 -45.92 -94.34
C GLY DG 40 53.43 -45.98 -94.12
N CYS DG 41 53.83 -46.41 -92.93
CA CYS DG 41 55.25 -46.46 -92.61
C CYS DG 41 55.98 -47.47 -93.48
N CYS DG 42 55.42 -48.66 -93.64
CA CYS DG 42 56.00 -49.68 -94.52
C CYS DG 42 55.39 -49.62 -95.91
N SER DG 43 55.36 -48.42 -96.49
CA SER DG 43 54.88 -48.28 -97.85
C SER DG 43 55.92 -48.80 -98.83
N LYS DG 44 55.43 -49.32 -99.97
CA LYS DG 44 56.29 -49.88 -101.02
C LYS DG 44 57.16 -51.00 -100.48
N MET DG 45 56.75 -51.61 -99.38
CA MET DG 45 57.46 -52.73 -98.78
C MET DG 45 56.46 -53.84 -98.54
N GLY DG 46 56.89 -54.87 -97.80
CA GLY DG 46 55.99 -55.98 -97.52
C GLY DG 46 54.75 -55.57 -96.74
N GLY DG 47 54.85 -54.51 -95.97
CA GLY DG 47 53.76 -54.05 -95.14
C GLY DG 47 54.09 -54.13 -93.65
N ILE DG 48 53.31 -53.41 -92.87
CA ILE DG 48 53.57 -53.31 -91.44
C ILE DG 48 53.33 -54.67 -90.80
N ASN DG 49 54.34 -55.19 -90.08
CA ASN DG 49 54.21 -56.48 -89.42
C ASN DG 49 53.80 -56.32 -87.95
N TYR DG 50 54.61 -55.64 -87.16
CA TYR DG 50 54.33 -55.45 -85.74
C TYR DG 50 55.26 -54.40 -85.18
N CYS DG 51 54.96 -53.95 -83.96
CA CYS DG 51 55.74 -52.93 -83.28
C CYS DG 51 56.59 -53.60 -82.19
N ASP DG 52 57.90 -53.60 -82.38
CA ASP DG 52 58.82 -54.10 -81.37
C ASP DG 52 59.14 -52.98 -80.40
N SER DG 53 58.79 -53.18 -79.13
CA SER DG 53 59.01 -52.17 -78.10
C SER DG 53 60.42 -52.18 -77.55
N SER DG 54 61.22 -53.19 -77.87
CA SER DG 54 62.62 -53.17 -77.42
C SER DG 54 63.37 -52.01 -78.03
N ALA DG 55 62.90 -51.50 -79.17
CA ALA DG 55 63.43 -50.28 -79.76
C ALA DG 55 62.35 -49.29 -80.14
N GLY DG 56 61.08 -49.59 -79.85
CA GLY DG 56 59.99 -48.70 -80.22
C GLY DG 56 59.87 -48.51 -81.71
N ARG DG 57 60.06 -49.57 -82.48
CA ARG DG 57 60.12 -49.47 -83.93
C ARG DG 57 59.12 -50.40 -84.58
N LEU DG 58 58.49 -49.92 -85.64
CA LEU DG 58 57.69 -50.78 -86.49
C LEU DG 58 58.60 -51.64 -87.35
N VAL DG 59 58.13 -52.83 -87.70
CA VAL DG 59 58.87 -53.75 -88.53
C VAL DG 59 58.02 -54.08 -89.76
N CYS DG 60 58.61 -53.92 -90.93
CA CYS DG 60 57.91 -54.26 -92.15
C CYS DG 60 57.92 -55.78 -92.37
N ASN DG 61 57.07 -56.23 -93.28
CA ASN DG 61 57.03 -57.66 -93.59
C ASN DG 61 58.37 -58.12 -94.18
N ASN DG 62 58.96 -57.31 -95.06
CA ASN DG 62 60.36 -57.51 -95.37
C ASN DG 62 61.20 -57.22 -94.13
N GLY DG 63 62.25 -58.02 -93.94
CA GLY DG 63 62.98 -58.04 -92.68
C GLY DG 63 63.54 -56.70 -92.23
N PHE DG 64 63.53 -55.69 -93.10
CA PHE DG 64 64.14 -54.41 -92.75
C PHE DG 64 63.28 -53.63 -91.75
N TYR DG 65 63.95 -52.88 -90.89
CA TYR DG 65 63.26 -52.02 -89.95
C TYR DG 65 62.56 -50.88 -90.69
N SER DG 66 61.44 -50.44 -90.13
CA SER DG 66 60.75 -49.26 -90.63
C SER DG 66 61.40 -48.02 -90.07
N THR DG 67 60.73 -46.88 -90.20
CA THR DG 67 61.28 -45.61 -89.74
C THR DG 67 60.38 -44.87 -88.77
N CYS DG 68 59.15 -45.31 -88.56
CA CYS DG 68 58.24 -44.60 -87.68
C CYS DG 68 58.55 -44.89 -86.21
N TYR DG 69 57.84 -44.19 -85.34
CA TYR DG 69 57.88 -44.43 -83.90
C TYR DG 69 56.57 -45.06 -83.48
N CYS DG 70 56.64 -46.17 -82.75
CA CYS DG 70 55.44 -46.88 -82.32
C CYS DG 70 55.34 -47.02 -80.81
N THR DG 71 56.14 -46.28 -80.06
CA THR DG 71 56.01 -46.23 -78.60
C THR DG 71 56.71 -44.97 -78.12
N ARG DG 72 56.16 -44.37 -77.06
CA ARG DG 72 56.79 -43.18 -76.49
C ARG DG 72 58.20 -43.48 -76.00
N HIS DG 73 58.44 -44.71 -75.54
CA HIS DG 73 59.79 -45.12 -75.14
C HIS DG 73 60.61 -45.44 -76.39
N ALA DG 74 60.88 -44.38 -77.15
CA ALA DG 74 61.68 -44.48 -78.37
C ALA DG 74 62.72 -43.38 -78.38
N VAL DG 75 63.85 -43.65 -79.04
CA VAL DG 75 64.95 -42.69 -79.14
C VAL DG 75 64.55 -41.65 -80.18
N MET DG 76 64.05 -40.51 -79.72
CA MET DG 76 63.69 -39.41 -80.59
C MET DG 76 64.61 -38.23 -80.28
N ASP DG 77 65.26 -37.71 -81.31
CA ASP DG 77 66.27 -36.66 -81.13
C ASP DG 77 65.66 -35.27 -81.24
N LEU DG 78 64.59 -35.03 -80.48
CA LEU DG 78 63.96 -33.72 -80.49
C LEU DG 78 64.83 -32.72 -79.74
N GLN DG 79 65.03 -31.55 -80.34
CA GLN DG 79 65.87 -30.51 -79.76
C GLN DG 79 65.10 -29.21 -79.56
N PHE DG 80 63.82 -29.31 -79.20
CA PHE DG 80 63.00 -28.14 -78.92
C PHE DG 80 61.93 -28.53 -77.92
N LEU DG 81 61.53 -27.57 -77.10
CA LEU DG 81 60.47 -27.80 -76.12
C LEU DG 81 59.68 -26.51 -75.93
N MET DG 82 58.50 -26.66 -75.35
CA MET DG 82 57.58 -25.56 -75.07
C MET DG 82 57.35 -25.47 -73.58
N GLY DG 83 56.37 -24.66 -73.19
CA GLY DG 83 56.08 -24.53 -71.77
C GLY DG 83 56.94 -23.50 -71.09
N CYS DG 84 56.35 -22.82 -70.12
CA CYS DG 84 57.03 -21.74 -69.42
C CYS DG 84 57.48 -22.19 -68.04
N CYS DG 85 58.24 -21.31 -67.39
CA CYS DG 85 58.96 -21.66 -66.16
C CYS DG 85 59.83 -22.88 -66.32
N LEU DG 86 60.31 -23.11 -67.55
CA LEU DG 86 61.22 -24.20 -67.82
C LEU DG 86 62.58 -23.90 -67.21
N TRP DG 87 63.32 -24.97 -66.89
CA TRP DG 87 64.69 -24.87 -66.42
C TRP DG 87 64.76 -24.11 -65.10
N HIS DG 88 63.75 -24.32 -64.26
CA HIS DG 88 63.69 -23.78 -62.92
C HIS DG 88 62.91 -24.77 -62.07
N GLY DG 89 62.42 -24.31 -60.92
CA GLY DG 89 61.61 -25.17 -60.07
C GLY DG 89 60.34 -25.68 -60.73
N GLY DG 90 60.00 -25.19 -61.92
CA GLY DG 90 58.78 -25.56 -62.58
C GLY DG 90 57.64 -24.63 -62.21
N VAL DG 91 56.56 -24.73 -62.97
CA VAL DG 91 55.39 -23.90 -62.72
C VAL DG 91 54.87 -24.16 -61.32
N TYR DG 92 54.73 -23.11 -60.53
CA TYR DG 92 54.26 -23.27 -59.17
C TYR DG 92 52.82 -23.77 -59.17
N PRO DG 93 52.50 -24.80 -58.39
CA PRO DG 93 51.13 -25.35 -58.44
C PRO DG 93 50.05 -24.36 -58.07
N GLN DG 94 50.31 -23.45 -57.13
CA GLN DG 94 49.29 -22.52 -56.70
C GLN DG 94 49.04 -21.46 -57.77
N LEU DG 95 47.85 -20.90 -57.75
CA LEU DG 95 47.45 -19.85 -58.69
C LEU DG 95 47.23 -18.55 -57.94
N ASN DG 96 47.84 -17.48 -58.44
CA ASN DG 96 47.75 -16.18 -57.80
C ASN DG 96 46.66 -15.34 -58.46
N SER DG 97 46.13 -14.39 -57.69
CA SER DG 97 45.17 -13.44 -58.26
C SER DG 97 45.81 -12.59 -59.34
N SER DG 98 47.01 -12.08 -59.08
CA SER DG 98 47.73 -11.31 -60.08
C SER DG 98 48.25 -12.23 -61.17
N GLY DG 99 48.48 -11.67 -62.35
CA GLY DG 99 48.98 -12.43 -63.47
C GLY DG 99 50.43 -12.84 -63.38
N LEU DG 100 51.13 -12.37 -62.35
CA LEU DG 100 52.52 -12.76 -62.16
C LEU DG 100 52.62 -14.25 -61.86
N VAL DG 101 53.54 -14.92 -62.54
CA VAL DG 101 53.75 -16.36 -62.36
C VAL DG 101 55.21 -16.58 -61.98
N VAL DG 102 55.43 -17.36 -60.93
CA VAL DG 102 56.75 -17.62 -60.40
C VAL DG 102 57.02 -19.12 -60.43
N CYS DG 103 58.22 -19.48 -60.86
CA CYS DG 103 58.61 -20.89 -60.83
C CYS DG 103 58.94 -21.31 -59.40
N ASN DG 104 58.85 -22.62 -59.16
CA ASN DG 104 59.01 -23.14 -57.81
C ASN DG 104 60.38 -22.85 -57.21
N ASP DG 105 61.38 -22.53 -58.02
CA ASP DG 105 62.68 -22.14 -57.49
C ASP DG 105 62.67 -20.74 -56.92
N GLY DG 106 61.59 -19.98 -57.11
CA GLY DG 106 61.53 -18.59 -56.72
C GLY DG 106 61.76 -17.62 -57.85
N TYR DG 107 62.36 -18.07 -58.95
CA TYR DG 107 62.52 -17.22 -60.12
C TYR DG 107 61.18 -16.97 -60.78
N VAL DG 108 60.99 -15.76 -61.30
CA VAL DG 108 59.72 -15.34 -61.90
C VAL DG 108 59.89 -15.33 -63.41
N SER DG 109 58.95 -15.97 -64.11
CA SER DG 109 58.97 -16.02 -65.57
C SER DG 109 58.21 -14.81 -66.10
N GLU DG 110 58.96 -13.77 -66.46
CA GLU DG 110 58.33 -12.53 -66.92
C GLU DG 110 57.54 -12.77 -68.20
N GLU DG 111 58.13 -13.47 -69.17
CA GLU DG 111 57.45 -13.71 -70.43
C GLU DG 111 56.18 -14.52 -70.24
N CYS DG 112 56.14 -15.39 -69.24
CA CYS DG 112 54.91 -16.12 -68.94
C CYS DG 112 53.89 -15.24 -68.22
N SER DG 113 54.36 -14.32 -67.39
CA SER DG 113 53.45 -13.39 -66.74
C SER DG 113 52.85 -12.44 -67.76
N LEU DG 114 51.56 -12.16 -67.63
CA LEU DG 114 50.89 -11.26 -68.55
C LEU DG 114 51.40 -9.84 -68.35
N GLN DG 115 51.45 -9.09 -69.45
CA GLN DG 115 51.99 -7.74 -69.46
C GLN DG 115 50.86 -6.72 -69.29
N LYS DG 116 51.26 -5.48 -69.04
CA LYS DG 116 50.31 -4.39 -68.85
C LYS DG 116 50.94 -3.05 -69.23
N ILE EG 862 -56.81 31.18 21.58
CA ILE EG 862 -57.27 29.82 21.32
C ILE EG 862 -58.57 29.84 20.51
N ILE EG 863 -58.53 29.19 19.35
CA ILE EG 863 -59.69 29.06 18.48
C ILE EG 863 -59.90 27.57 18.18
N LYS EG 864 -61.13 27.10 18.37
CA LYS EG 864 -61.43 25.70 18.10
C LYS EG 864 -61.17 25.37 16.64
N THR EG 865 -60.69 24.15 16.41
CA THR EG 865 -60.26 23.73 15.07
C THR EG 865 -61.48 23.60 14.16
N GLY EG 866 -61.67 24.56 13.28
CA GLY EG 866 -62.72 24.50 12.28
C GLY EG 866 -64.05 25.07 12.71
N ASP EG 867 -64.05 26.31 13.17
CA ASP EG 867 -65.27 27.01 13.56
C ASP EG 867 -65.59 28.09 12.52
N ILE EG 868 -66.66 28.83 12.77
CA ILE EG 868 -67.21 29.79 11.82
C ILE EG 868 -66.98 31.20 12.34
N MET EG 869 -66.56 32.09 11.45
CA MET EG 869 -66.42 33.52 11.75
C MET EG 869 -66.87 34.30 10.51
N PHE EG 870 -67.02 35.62 10.65
CA PHE EG 870 -67.49 36.46 9.56
C PHE EG 870 -66.52 37.61 9.34
N ALA EG 871 -66.47 38.09 8.09
CA ALA EG 871 -65.64 39.23 7.72
C ALA EG 871 -66.28 39.93 6.53
N VAL EG 872 -65.76 41.11 6.21
CA VAL EG 872 -66.24 41.89 5.08
C VAL EG 872 -65.10 42.08 4.10
N LEU EG 873 -65.35 41.81 2.83
CA LEU EG 873 -64.40 42.05 1.76
C LEU EG 873 -64.71 43.37 1.08
N ASP EG 874 -63.69 44.21 0.95
CA ASP EG 874 -63.90 45.59 0.53
C ASP EG 874 -63.26 45.87 -0.82
N THR EG 875 -62.35 45.00 -1.25
CA THR EG 875 -61.64 45.18 -2.51
C THR EG 875 -62.09 44.13 -3.52
N SER EG 876 -62.43 44.57 -4.74
CA SER EG 876 -62.80 43.65 -5.80
C SER EG 876 -61.61 43.39 -6.70
N VAL EG 877 -61.68 42.28 -7.46
CA VAL EG 877 -60.60 41.88 -8.36
C VAL EG 877 -61.15 40.85 -9.33
N ASN EG 878 -60.61 40.87 -10.54
CA ASN EG 878 -60.91 39.87 -11.56
C ASN EG 878 -59.96 38.68 -11.39
N SER EG 879 -60.46 37.50 -11.74
CA SER EG 879 -59.67 36.28 -11.62
C SER EG 879 -58.64 36.19 -12.74
N ASP EG 880 -57.73 37.15 -12.79
CA ASP EG 880 -56.70 37.19 -13.82
C ASP EG 880 -55.30 37.22 -13.23
N GLU EG 881 -55.07 38.00 -12.17
CA GLU EG 881 -53.75 38.19 -11.60
C GLU EG 881 -53.85 38.02 -10.10
N PRO EG 882 -53.51 36.84 -9.56
CA PRO EG 882 -53.55 36.67 -8.10
C PRO EG 882 -52.57 37.60 -7.41
N GLY EG 883 -52.96 38.03 -6.20
CA GLY EG 883 -52.15 38.94 -5.43
C GLY EG 883 -52.75 39.21 -4.07
N PRO EG 884 -52.09 40.05 -3.27
CA PRO EG 884 -52.60 40.37 -1.94
C PRO EG 884 -53.95 41.06 -1.99
N ILE EG 885 -54.94 40.47 -1.35
CA ILE EG 885 -56.27 41.05 -1.19
C ILE EG 885 -56.71 40.87 0.26
N LEU EG 886 -57.33 41.89 0.83
CA LEU EG 886 -57.58 41.96 2.26
C LEU EG 886 -59.08 42.05 2.55
N ALA EG 887 -59.49 41.40 3.63
CA ALA EG 887 -60.81 41.54 4.23
C ALA EG 887 -60.64 41.93 5.70
N THR EG 888 -61.75 42.32 6.33
CA THR EG 888 -61.71 42.79 7.71
C THR EG 888 -62.75 42.02 8.51
N ILE EG 889 -62.33 41.44 9.63
CA ILE EG 889 -63.26 40.72 10.50
C ILE EG 889 -64.23 41.71 11.13
N VAL EG 890 -65.52 41.39 11.08
CA VAL EG 890 -66.56 42.34 11.45
C VAL EG 890 -67.16 42.04 12.82
N THR EG 891 -67.29 40.78 13.21
CA THR EG 891 -67.94 40.48 14.48
C THR EG 891 -67.18 39.39 15.25
N GLY EG 892 -67.46 39.27 16.55
CA GLY EG 892 -66.81 38.26 17.35
C GLY EG 892 -65.58 38.76 18.07
N LYS EG 893 -64.72 37.82 18.46
CA LYS EG 893 -63.51 38.15 19.21
C LYS EG 893 -62.60 39.08 18.44
N LEU EG 894 -62.37 38.79 17.15
CA LEU EG 894 -61.49 39.61 16.34
C LEU EG 894 -62.24 40.82 15.80
N LYS EG 895 -61.88 42.00 16.30
CA LYS EG 895 -62.44 43.25 15.80
C LYS EG 895 -61.28 44.18 15.46
N GLY EG 896 -61.39 44.87 14.33
CA GLY EG 896 -60.24 45.60 13.82
C GLY EG 896 -59.21 44.70 13.19
N SER EG 897 -59.50 43.40 13.06
CA SER EG 897 -58.54 42.45 12.55
C SER EG 897 -58.60 42.39 11.03
N LYS EG 898 -57.44 42.27 10.40
CA LYS EG 898 -57.34 42.27 8.94
C LYS EG 898 -56.75 40.96 8.46
N LEU EG 899 -57.15 40.56 7.26
CA LEU EG 899 -56.77 39.25 6.72
C LEU EG 899 -56.42 39.40 5.25
N ILE EG 900 -55.16 39.17 4.91
CA ILE EG 900 -54.67 39.25 3.55
C ILE EG 900 -54.41 37.85 3.02
N GLY EG 901 -54.73 37.64 1.74
CA GLY EG 901 -54.47 36.40 1.05
C GLY EG 901 -54.46 36.58 -0.45
N SER EG 902 -54.71 35.51 -1.19
CA SER EG 902 -54.75 35.56 -2.65
C SER EG 902 -55.67 34.46 -3.14
N PHE EG 903 -55.94 34.42 -4.44
CA PHE EG 903 -56.85 33.44 -5.01
C PHE EG 903 -56.10 32.51 -5.95
N ASN EG 904 -56.84 31.53 -6.47
CA ASN EG 904 -56.34 30.60 -7.47
C ASN EG 904 -57.33 30.54 -8.61
N LEU EG 905 -56.85 30.14 -9.78
CA LEU EG 905 -57.72 30.02 -10.93
C LEU EG 905 -58.18 28.58 -11.11
N PRO EG 906 -59.47 28.30 -10.96
CA PRO EG 906 -59.99 26.96 -11.22
C PRO EG 906 -60.08 26.69 -12.72
N SER EG 907 -59.99 25.41 -13.05
CA SER EG 907 -60.11 25.00 -14.45
C SER EG 907 -61.48 25.31 -15.03
N ASN EG 908 -62.50 25.38 -14.18
CA ASN EG 908 -63.86 25.69 -14.59
C ASN EG 908 -64.32 26.99 -13.93
N ALA EG 909 -65.30 27.64 -14.54
CA ALA EG 909 -65.83 28.90 -14.06
C ALA EG 909 -67.06 28.74 -13.17
N ASP EG 910 -67.24 27.56 -12.58
CA ASP EG 910 -68.39 27.31 -11.73
C ASP EG 910 -68.19 27.78 -10.30
N LYS EG 911 -66.96 28.16 -9.93
CA LYS EG 911 -66.68 28.60 -8.56
C LYS EG 911 -65.43 29.45 -8.55
N MET EG 912 -65.24 30.18 -7.46
CA MET EG 912 -64.07 31.01 -7.25
C MET EG 912 -63.99 31.38 -5.78
N VAL EG 913 -62.88 31.02 -5.15
CA VAL EG 913 -62.67 31.28 -3.73
C VAL EG 913 -61.28 31.89 -3.55
N ILE EG 914 -61.05 32.44 -2.35
CA ILE EG 914 -59.82 33.13 -2.02
C ILE EG 914 -59.12 32.38 -0.91
N THR EG 915 -57.82 32.19 -1.05
CA THR EG 915 -56.99 31.59 -0.01
C THR EG 915 -56.49 32.71 0.90
N PHE EG 916 -56.77 32.58 2.20
CA PHE EG 916 -56.40 33.59 3.18
C PHE EG 916 -55.37 33.00 4.13
N ASN EG 917 -54.25 33.67 4.28
CA ASN EG 917 -53.16 33.13 5.07
C ASN EG 917 -52.65 34.08 6.14
N THR EG 918 -52.61 35.38 5.87
CA THR EG 918 -51.90 36.31 6.75
C THR EG 918 -52.91 37.12 7.56
N MET EG 919 -52.92 36.87 8.87
CA MET EG 919 -53.88 37.50 9.79
C MET EG 919 -53.12 38.49 10.68
N SER EG 920 -53.68 39.69 10.84
CA SER EG 920 -53.14 40.69 11.74
C SER EG 920 -54.23 41.14 12.70
N ILE EG 921 -53.96 41.02 14.00
CA ILE EG 921 -54.87 41.43 15.06
C ILE EG 921 -54.41 42.79 15.58
N PRO EG 922 -55.31 43.76 15.77
CA PRO EG 922 -54.87 45.07 16.25
C PRO EG 922 -54.41 45.04 17.70
N GLY EG 923 -53.95 46.19 18.20
CA GLY EG 923 -53.45 46.25 19.57
C GLY EG 923 -51.97 45.97 19.67
N ALA EG 924 -51.54 44.81 19.19
CA ALA EG 924 -50.15 44.39 19.25
C ALA EG 924 -49.57 44.26 17.84
N GLU EG 925 -48.24 44.41 17.77
CA GLU EG 925 -47.53 44.29 16.50
C GLU EG 925 -47.19 42.82 16.26
N LYS EG 926 -48.24 42.03 16.03
CA LYS EG 926 -48.09 40.61 15.79
C LYS EG 926 -48.74 40.25 14.47
N THR EG 927 -48.23 39.18 13.84
CA THR EG 927 -48.75 38.74 12.55
C THR EG 927 -48.77 37.22 12.57
N ILE EG 928 -49.89 36.64 13.01
CA ILE EG 928 -50.07 35.19 12.99
C ILE EG 928 -50.43 34.77 11.58
N SER EG 929 -50.34 33.48 11.29
CA SER EG 929 -50.60 32.99 9.94
C SER EG 929 -51.67 31.91 9.93
N ILE EG 930 -52.76 32.15 10.63
CA ILE EG 930 -53.90 31.25 10.56
C ILE EG 930 -54.49 31.31 9.15
N SER EG 931 -54.63 30.14 8.53
CA SER EG 931 -55.09 30.04 7.15
C SER EG 931 -56.44 29.34 7.11
N ALA EG 932 -57.37 29.92 6.35
CA ALA EG 932 -58.71 29.37 6.21
C ALA EG 932 -59.29 29.86 4.89
N TYR EG 933 -60.43 29.30 4.51
CA TYR EG 933 -61.09 29.63 3.26
C TYR EG 933 -62.42 30.33 3.54
N ALA EG 934 -63.19 30.54 2.47
CA ALA EG 934 -64.40 31.33 2.54
C ALA EG 934 -65.59 30.59 1.94
N ILE EG 935 -66.78 30.89 2.46
CA ILE EG 935 -68.04 30.42 1.90
C ILE EG 935 -68.91 31.64 1.63
N ASP EG 936 -69.62 31.62 0.51
CA ASP EG 936 -70.44 32.75 0.10
C ASP EG 936 -71.59 32.94 1.09
N PRO EG 937 -71.72 34.09 1.72
CA PRO EG 937 -72.83 34.30 2.66
C PRO EG 937 -74.16 34.30 1.95
N ASN EG 938 -75.19 33.89 2.69
CA ASN EG 938 -76.56 33.73 2.22
C ASN EG 938 -76.67 32.71 1.10
N THR EG 939 -75.63 31.92 0.85
CA THR EG 939 -75.65 30.91 -0.20
C THR EG 939 -75.24 29.56 0.38
N ALA EG 940 -74.51 29.58 1.49
CA ALA EG 940 -73.97 28.38 2.12
C ALA EG 940 -73.17 27.57 1.11
N ARG EG 941 -72.38 28.29 0.33
CA ARG EG 941 -71.57 27.69 -0.74
C ARG EG 941 -70.29 28.48 -0.89
N THR EG 942 -69.37 27.94 -1.70
CA THR EG 942 -68.04 28.51 -1.85
C THR EG 942 -67.81 29.18 -3.20
N ALA EG 943 -68.80 29.16 -4.10
CA ALA EG 943 -68.62 29.71 -5.43
C ALA EG 943 -68.62 31.23 -5.41
N LEU EG 944 -68.55 31.82 -6.60
CA LEU EG 944 -68.52 33.27 -6.78
C LEU EG 944 -69.76 33.74 -7.53
N ALA EG 945 -70.31 34.87 -7.11
CA ALA EG 945 -71.48 35.46 -7.77
C ALA EG 945 -71.01 36.61 -8.67
N SER EG 946 -70.84 36.30 -9.95
CA SER EG 946 -70.42 37.28 -10.94
C SER EG 946 -70.84 36.80 -12.31
N ARG EG 947 -70.30 37.44 -13.34
CA ARG EG 947 -70.55 37.07 -14.72
C ARG EG 947 -69.50 36.09 -15.19
N THR EG 948 -69.93 35.18 -16.08
CA THR EG 948 -69.03 34.17 -16.61
C THR EG 948 -69.10 34.01 -18.12
N ASN EG 949 -70.01 34.72 -18.80
CA ASN EG 949 -70.17 34.62 -20.25
C ASN EG 949 -69.49 35.77 -20.98
N HIS EG 950 -68.34 36.21 -20.49
CA HIS EG 950 -67.69 37.41 -21.05
C HIS EG 950 -67.05 37.15 -22.40
N HIS EG 951 -66.40 35.99 -22.57
CA HIS EG 951 -65.57 35.77 -23.76
C HIS EG 951 -65.88 34.42 -24.39
N TYR EG 952 -67.17 34.09 -24.52
CA TYR EG 952 -67.61 33.01 -25.38
C TYR EG 952 -68.07 33.52 -26.73
N LEU EG 953 -69.02 34.45 -26.72
CA LEU EG 953 -69.65 34.92 -27.96
C LEU EG 953 -68.67 35.65 -28.85
N MET EG 954 -67.73 36.41 -28.27
CA MET EG 954 -66.78 37.17 -29.09
C MET EG 954 -65.96 36.24 -29.98
N ARG EG 955 -65.32 35.23 -29.39
CA ARG EG 955 -64.51 34.33 -30.18
C ARG EG 955 -65.36 33.42 -31.05
N TYR EG 956 -66.53 33.00 -30.55
CA TYR EG 956 -67.45 32.24 -31.39
C TYR EG 956 -67.77 32.99 -32.68
N GLY EG 957 -68.17 34.25 -32.55
CA GLY EG 957 -68.51 35.03 -33.72
C GLY EG 957 -67.32 35.29 -34.62
N SER EG 958 -66.15 35.57 -34.03
CA SER EG 958 -64.98 35.79 -34.86
C SER EG 958 -64.65 34.57 -35.71
N LEU EG 959 -64.61 33.39 -35.08
CA LEU EG 959 -64.31 32.17 -35.83
C LEU EG 959 -65.37 31.88 -36.88
N PHE EG 960 -66.65 32.00 -36.51
CA PHE EG 960 -67.71 31.70 -37.45
C PHE EG 960 -67.71 32.65 -38.63
N ALA EG 961 -67.45 33.94 -38.38
CA ALA EG 961 -67.39 34.91 -39.47
C ALA EG 961 -66.20 34.63 -40.39
N SER EG 962 -65.04 34.29 -39.82
CA SER EG 962 -63.90 33.96 -40.67
C SER EG 962 -64.20 32.76 -41.55
N SER EG 963 -64.80 31.72 -40.97
CA SER EG 963 -65.15 30.54 -41.75
C SER EG 963 -66.16 30.88 -42.84
N PHE EG 964 -67.17 31.68 -42.51
CA PHE EG 964 -68.16 32.08 -43.51
C PHE EG 964 -67.51 32.85 -44.64
N LEU EG 965 -66.54 33.71 -44.32
CA LEU EG 965 -65.79 34.41 -45.36
C LEU EG 965 -65.11 33.42 -46.30
N GLN EG 966 -64.36 32.47 -45.72
CA GLN EG 966 -63.70 31.46 -46.55
C GLN EG 966 -64.70 30.77 -47.46
N GLY EG 967 -65.82 30.31 -46.88
CA GLY EG 967 -66.79 29.58 -47.65
C GLY EG 967 -67.41 30.40 -48.75
N PHE EG 968 -67.74 31.66 -48.47
CA PHE EG 968 -68.40 32.47 -49.48
C PHE EG 968 -67.48 32.70 -50.65
N GLY EG 969 -66.23 33.11 -50.37
CA GLY EG 969 -65.30 33.31 -51.46
C GLY EG 969 -65.10 32.05 -52.29
N ASN EG 970 -64.78 30.93 -51.62
CA ASN EG 970 -64.44 29.73 -52.39
C ASN EG 970 -65.64 29.18 -53.15
N ALA EG 971 -66.82 29.16 -52.54
CA ALA EG 971 -67.97 28.55 -53.20
C ALA EG 971 -68.48 29.42 -54.33
N PHE EG 972 -68.53 30.74 -54.14
CA PHE EG 972 -68.93 31.58 -55.26
C PHE EG 972 -67.86 31.65 -56.34
N GLN EG 973 -66.61 31.32 -56.02
CA GLN EG 973 -65.63 31.11 -57.09
C GLN EG 973 -65.91 29.82 -57.84
N SER EG 974 -66.25 28.75 -57.12
CA SER EG 974 -66.51 27.47 -57.75
C SER EG 974 -67.75 27.53 -58.64
N ALA EG 975 -68.79 28.24 -58.20
CA ALA EG 975 -70.05 28.31 -58.92
C ALA EG 975 -70.01 29.24 -60.12
N ASN EG 976 -68.83 29.75 -60.48
CA ASN EG 976 -68.73 30.67 -61.61
C ASN EG 976 -69.13 30.00 -62.92
N THR EG 977 -68.70 28.76 -63.16
CA THR EG 977 -69.08 28.08 -64.39
C THR EG 977 -70.55 27.73 -64.41
N THR EG 978 -71.08 27.21 -63.31
CA THR EG 978 -72.48 26.84 -63.23
C THR EG 978 -73.34 27.96 -62.68
N SER EG 999 -68.37 41.76 -62.20
CA SER EG 999 -67.07 42.01 -61.59
C SER EG 999 -67.18 42.08 -60.08
N THR EG 1000 -68.27 42.70 -59.60
CA THR EG 1000 -68.47 42.87 -58.17
C THR EG 1000 -68.59 41.52 -57.46
N LEU EG 1001 -69.26 40.55 -58.09
CA LEU EG 1001 -69.34 39.21 -57.51
C LEU EG 1001 -67.94 38.60 -57.38
N GLU EG 1002 -67.11 38.79 -58.40
CA GLU EG 1002 -65.74 38.29 -58.34
C GLU EG 1002 -64.97 38.97 -57.22
N ASN EG 1003 -65.17 40.27 -57.04
CA ASN EG 1003 -64.46 40.98 -55.97
C ASN EG 1003 -64.91 40.49 -54.60
N ALA EG 1004 -66.21 40.22 -54.44
CA ALA EG 1004 -66.68 39.62 -53.20
C ALA EG 1004 -66.05 38.26 -52.96
N VAL EG 1005 -65.97 37.44 -54.01
CA VAL EG 1005 -65.27 36.15 -53.93
C VAL EG 1005 -63.86 36.38 -53.42
N ILE EG 1006 -63.17 37.34 -54.02
CA ILE EG 1006 -61.80 37.68 -53.65
C ILE EG 1006 -61.71 37.95 -52.16
N GLY EG 1007 -62.43 38.98 -51.70
CA GLY EG 1007 -62.30 39.42 -50.33
C GLY EG 1007 -62.61 38.32 -49.36
N LEU EG 1008 -63.71 37.59 -49.59
CA LEU EG 1008 -64.12 36.57 -48.64
C LEU EG 1008 -63.14 35.39 -48.64
N ALA EG 1009 -62.88 34.79 -49.81
CA ALA EG 1009 -62.00 33.63 -49.89
C ALA EG 1009 -60.60 33.95 -49.41
N THR EG 1010 -60.22 35.21 -49.38
CA THR EG 1010 -58.87 35.52 -48.92
C THR EG 1010 -58.80 35.92 -47.46
N VAL EG 1011 -59.65 36.83 -46.99
CA VAL EG 1011 -59.57 37.26 -45.60
C VAL EG 1011 -60.18 36.25 -44.65
N GLY EG 1012 -60.89 35.24 -45.15
CA GLY EG 1012 -61.40 34.21 -44.26
C GLY EG 1012 -60.30 33.37 -43.64
N LYS EG 1013 -59.30 32.99 -44.43
CA LYS EG 1013 -58.34 31.99 -44.00
C LYS EG 1013 -57.44 32.49 -42.88
N ALA EG 1014 -56.84 33.67 -43.06
CA ALA EG 1014 -55.96 34.22 -42.04
C ALA EG 1014 -56.71 34.50 -40.75
N TRP EG 1015 -57.91 35.08 -40.88
CA TRP EG 1015 -58.73 35.32 -39.71
C TRP EG 1015 -59.11 34.01 -39.02
N SER EG 1016 -59.35 32.95 -39.80
CA SER EG 1016 -59.73 31.67 -39.22
C SER EG 1016 -58.57 31.06 -38.43
N GLN EG 1017 -57.37 31.11 -39.00
CA GLN EG 1017 -56.23 30.56 -38.26
C GLN EG 1017 -55.92 31.40 -37.03
N GLN EG 1018 -56.06 32.72 -37.11
CA GLN EG 1018 -55.86 33.54 -35.91
C GLN EG 1018 -56.94 33.24 -34.87
N ALA EG 1019 -58.17 33.01 -35.30
CA ALA EG 1019 -59.25 32.66 -34.39
C ALA EG 1019 -58.98 31.33 -33.71
N GLN EG 1020 -58.48 30.34 -34.46
CA GLN EG 1020 -58.07 29.09 -33.83
C GLN EG 1020 -56.94 29.31 -32.85
N GLN EG 1021 -56.03 30.24 -33.16
CA GLN EG 1021 -54.96 30.57 -32.24
C GLN EG 1021 -55.49 31.12 -30.92
N LEU EG 1022 -56.40 32.09 -30.97
CA LEU EG 1022 -56.83 32.82 -29.79
C LEU EG 1022 -58.13 32.27 -29.18
N PHE EG 1023 -58.68 31.19 -29.74
CA PHE EG 1023 -60.00 30.73 -29.31
C PHE EG 1023 -59.96 30.07 -27.94
N ASN EG 1024 -58.77 29.76 -27.44
CA ASN EG 1024 -58.63 28.95 -26.24
C ASN EG 1024 -58.68 29.76 -24.95
N THR EG 1025 -58.81 31.08 -25.03
CA THR EG 1025 -58.83 31.89 -23.81
C THR EG 1025 -60.14 31.68 -23.07
N PRO EG 1026 -60.11 31.30 -21.80
CA PRO EG 1026 -61.35 31.10 -21.04
C PRO EG 1026 -61.94 32.43 -20.59
N THR EG 1027 -63.16 32.35 -20.05
CA THR EG 1027 -63.84 33.51 -19.50
C THR EG 1027 -63.51 33.62 -18.02
N THR EG 1028 -63.04 34.79 -17.61
CA THR EG 1028 -62.65 35.02 -16.22
C THR EG 1028 -63.83 35.53 -15.41
N VAL EG 1029 -63.68 35.47 -14.08
CA VAL EG 1029 -64.69 35.97 -13.16
C VAL EG 1029 -64.08 37.11 -12.35
N GLU EG 1030 -64.94 38.03 -11.90
CA GLU EG 1030 -64.49 39.17 -11.13
C GLU EG 1030 -65.37 39.34 -9.90
N VAL EG 1031 -64.75 39.27 -8.72
CA VAL EG 1031 -65.48 39.45 -7.48
C VAL EG 1031 -65.91 40.91 -7.33
N TYR EG 1032 -66.76 41.16 -6.35
CA TYR EG 1032 -67.26 42.49 -6.07
C TYR EG 1032 -66.72 43.02 -4.75
N SER EG 1033 -66.64 44.34 -4.65
CA SER EG 1033 -65.95 45.01 -3.54
C SER EG 1033 -66.84 45.36 -2.37
N GLY EG 1034 -68.09 44.92 -2.37
CA GLY EG 1034 -68.99 45.29 -1.28
C GLY EG 1034 -69.82 44.15 -0.73
N THR EG 1035 -69.29 42.93 -0.79
CA THR EG 1035 -69.99 41.75 -0.29
C THR EG 1035 -69.17 41.12 0.83
N GLY EG 1036 -69.85 40.77 1.92
CA GLY EG 1036 -69.23 40.09 3.03
C GLY EG 1036 -68.93 38.65 2.71
N LEU EG 1037 -68.33 37.97 3.68
CA LEU EG 1037 -67.97 36.57 3.51
C LEU EG 1037 -67.83 35.91 4.87
N GLY EG 1038 -67.85 34.58 4.87
CA GLY EG 1038 -67.66 33.79 6.05
C GLY EG 1038 -66.36 32.99 5.95
N ILE EG 1039 -65.76 32.73 7.11
CA ILE EG 1039 -64.46 32.07 7.21
C ILE EG 1039 -64.61 30.87 8.13
N LEU EG 1040 -64.39 29.68 7.58
CA LEU EG 1040 -64.34 28.47 8.37
C LEU EG 1040 -62.89 28.05 8.59
N PHE EG 1041 -62.53 27.85 9.85
CA PHE EG 1041 -61.14 27.68 10.25
C PHE EG 1041 -60.61 26.31 9.85
N THR EG 1042 -59.29 26.22 9.82
CA THR EG 1042 -58.58 24.98 9.52
C THR EG 1042 -57.67 24.53 10.65
N GLN EG 1043 -56.87 25.44 11.20
CA GLN EG 1043 -55.96 25.11 12.29
C GLN EG 1043 -56.25 26.04 13.47
N ASP EG 1044 -55.47 25.86 14.54
CA ASP EG 1044 -55.68 26.57 15.79
C ASP EG 1044 -54.80 27.83 15.86
N VAL EG 1045 -55.11 28.70 16.81
CA VAL EG 1045 -54.36 29.93 17.04
C VAL EG 1045 -54.08 30.03 18.55
N THR EG 1046 -53.21 30.98 18.91
CA THR EG 1046 -52.91 31.25 20.31
C THR EG 1046 -52.75 32.74 20.57
N ILE FG 862 -44.31 51.25 12.90
CA ILE FG 862 -45.04 49.98 12.92
C ILE FG 862 -46.27 50.06 12.02
N ILE FG 863 -46.39 49.10 11.12
CA ILE FG 863 -47.53 49.03 10.21
C ILE FG 863 -48.19 47.67 10.35
N LYS FG 864 -49.50 47.68 10.61
CA LYS FG 864 -50.25 46.44 10.74
C LYS FG 864 -50.29 45.70 9.41
N THR FG 865 -50.25 44.37 9.50
CA THR FG 865 -50.15 43.53 8.31
C THR FG 865 -51.47 43.55 7.55
N GLY FG 866 -51.46 44.18 6.38
CA GLY FG 866 -52.61 44.18 5.49
C GLY FG 866 -53.59 45.31 5.71
N ASP FG 867 -53.10 46.54 5.77
CA ASP FG 867 -53.94 47.73 5.88
C ASP FG 867 -53.78 48.56 4.60
N ILE FG 868 -54.44 49.72 4.57
CA ILE FG 868 -54.55 50.52 3.35
C ILE FG 868 -53.96 51.90 3.60
N MET FG 869 -53.09 52.34 2.69
CA MET FG 869 -52.53 53.69 2.66
C MET FG 869 -52.86 54.30 1.30
N PHE FG 870 -52.63 55.60 1.16
CA PHE FG 870 -52.93 56.29 -0.08
C PHE FG 870 -51.74 57.14 -0.52
N ALA FG 871 -51.57 57.23 -1.85
CA ALA FG 871 -50.50 58.02 -2.42
C ALA FG 871 -50.99 58.61 -3.73
N VAL FG 872 -50.24 59.57 -4.26
CA VAL FG 872 -50.58 60.23 -5.51
C VAL FG 872 -49.51 59.92 -6.53
N LEU FG 873 -49.92 59.49 -7.71
CA LEU FG 873 -49.02 59.31 -8.83
C LEU FG 873 -49.01 60.59 -9.67
N ASP FG 874 -47.79 61.11 -9.90
CA ASP FG 874 -47.65 62.41 -10.53
C ASP FG 874 -46.97 62.29 -11.89
N THR FG 875 -46.52 61.09 -12.24
CA THR FG 875 -45.83 60.86 -13.50
C THR FG 875 -46.51 59.74 -14.28
N SER FG 876 -46.55 59.87 -15.60
CA SER FG 876 -47.18 58.89 -16.46
C SER FG 876 -46.14 58.13 -17.28
N VAL FG 877 -46.51 56.94 -17.73
CA VAL FG 877 -45.66 56.10 -18.57
C VAL FG 877 -46.51 55.01 -19.19
N ASN FG 878 -46.12 54.59 -20.38
CA ASN FG 878 -46.78 53.50 -21.08
C ASN FG 878 -46.15 52.16 -20.69
N SER FG 879 -46.97 51.11 -20.75
CA SER FG 879 -46.51 49.78 -20.39
C SER FG 879 -45.73 49.14 -21.53
N ASP FG 880 -44.67 49.79 -21.98
CA ASP FG 880 -43.84 49.24 -23.02
C ASP FG 880 -42.45 48.85 -22.53
N GLU FG 881 -41.85 49.65 -21.66
CA GLU FG 881 -40.48 49.43 -21.20
C GLU FG 881 -40.42 49.65 -19.71
N PRO FG 882 -39.78 48.78 -18.94
CA PRO FG 882 -39.71 48.98 -17.48
C PRO FG 882 -38.86 50.17 -17.12
N GLY FG 883 -39.12 50.71 -15.93
CA GLY FG 883 -38.37 51.83 -15.42
C GLY FG 883 -38.74 52.15 -13.98
N PRO FG 884 -38.06 53.14 -13.41
CA PRO FG 884 -38.42 53.58 -12.06
C PRO FG 884 -39.62 54.48 -12.07
N ILE FG 885 -40.61 54.20 -11.23
CA ILE FG 885 -41.82 55.00 -11.13
C ILE FG 885 -41.98 55.44 -9.68
N LEU FG 886 -42.25 56.72 -9.47
CA LEU FG 886 -42.29 57.34 -8.16
C LEU FG 886 -43.70 57.82 -7.84
N ALA FG 887 -44.11 57.64 -6.59
CA ALA FG 887 -45.33 58.19 -6.03
C ALA FG 887 -45.02 58.81 -4.67
N THR FG 888 -46.00 59.53 -4.11
CA THR FG 888 -45.81 60.21 -2.84
C THR FG 888 -47.02 59.94 -1.95
N ILE FG 889 -46.76 59.38 -0.76
CA ILE FG 889 -47.82 59.23 0.23
C ILE FG 889 -48.34 60.60 0.62
N VAL FG 890 -49.66 60.76 0.63
CA VAL FG 890 -50.27 62.06 0.78
C VAL FG 890 -50.65 62.40 2.21
N THR FG 891 -51.08 61.42 3.01
CA THR FG 891 -51.52 61.71 4.38
C THR FG 891 -51.23 60.55 5.31
N GLY FG 892 -51.82 60.58 6.51
CA GLY FG 892 -51.61 59.53 7.47
C GLY FG 892 -50.41 59.81 8.36
N LYS FG 893 -49.97 58.75 9.06
CA LYS FG 893 -48.83 58.89 9.96
C LYS FG 893 -47.57 59.32 9.22
N LEU FG 894 -47.31 58.73 8.06
CA LEU FG 894 -46.17 59.11 7.25
C LEU FG 894 -46.61 60.14 6.21
N LYS FG 895 -46.02 61.32 6.26
CA LYS FG 895 -46.41 62.44 5.40
C LYS FG 895 -45.26 62.79 4.47
N GLY FG 896 -45.56 62.98 3.19
CA GLY FG 896 -44.55 63.38 2.23
C GLY FG 896 -43.55 62.31 1.88
N SER FG 897 -43.80 61.07 2.28
CA SER FG 897 -42.89 59.98 1.96
C SER FG 897 -42.90 59.70 0.46
N LYS FG 898 -41.74 59.34 -0.08
CA LYS FG 898 -41.63 59.02 -1.50
C LYS FG 898 -41.55 57.51 -1.66
N LEU FG 899 -41.88 57.02 -2.85
CA LEU FG 899 -41.95 55.58 -3.06
C LEU FG 899 -41.66 55.30 -4.53
N ILE FG 900 -40.49 54.74 -4.82
CA ILE FG 900 -40.12 54.35 -6.16
C ILE FG 900 -40.17 52.83 -6.27
N GLY FG 901 -40.63 52.36 -7.42
CA GLY FG 901 -40.71 50.95 -7.73
C GLY FG 901 -40.82 50.72 -9.22
N SER FG 902 -41.45 49.61 -9.60
CA SER FG 902 -41.57 49.25 -11.01
C SER FG 902 -42.91 48.57 -11.22
N PHE FG 903 -43.20 48.21 -12.46
CA PHE FG 903 -44.45 47.56 -12.82
C PHE FG 903 -44.18 46.15 -13.34
N ASN FG 904 -45.26 45.49 -13.76
CA ASN FG 904 -45.17 44.18 -14.41
C ASN FG 904 -46.06 44.20 -15.63
N LEU FG 905 -45.73 43.32 -16.58
CA LEU FG 905 -46.54 43.19 -17.78
C LEU FG 905 -47.32 41.89 -17.74
N PRO FG 906 -48.64 41.93 -17.60
CA PRO FG 906 -49.43 40.71 -17.58
C PRO FG 906 -49.64 40.13 -18.98
N SER FG 907 -50.14 38.90 -19.00
CA SER FG 907 -50.41 38.22 -20.26
C SER FG 907 -51.47 38.95 -21.08
N ASN FG 908 -52.53 39.44 -20.43
CA ASN FG 908 -53.59 40.16 -21.10
C ASN FG 908 -53.75 41.53 -20.47
N ALA FG 909 -54.35 42.46 -21.23
CA ALA FG 909 -54.47 43.85 -20.83
C ALA FG 909 -55.73 44.13 -20.02
N ASP FG 910 -56.26 43.13 -19.33
CA ASP FG 910 -57.44 43.29 -18.50
C ASP FG 910 -57.17 44.07 -17.21
N LYS FG 911 -55.89 44.28 -16.87
CA LYS FG 911 -55.54 45.06 -15.69
C LYS FG 911 -54.06 45.43 -15.79
N MET FG 912 -53.63 46.25 -14.84
CA MET FG 912 -52.22 46.64 -14.73
C MET FG 912 -51.96 47.00 -13.28
N VAL FG 913 -50.89 46.46 -12.72
CA VAL FG 913 -50.57 46.65 -11.32
C VAL FG 913 -49.12 47.13 -11.20
N ILE FG 914 -48.83 47.76 -10.06
CA ILE FG 914 -47.53 48.37 -9.80
C ILE FG 914 -46.95 47.75 -8.55
N THR FG 915 -45.69 47.32 -8.63
CA THR FG 915 -44.96 46.84 -7.46
C THR FG 915 -44.17 48.02 -6.90
N PHE FG 916 -44.45 48.38 -5.65
CA PHE FG 916 -43.82 49.52 -5.01
C PHE FG 916 -43.09 49.04 -3.77
N ASN FG 917 -41.77 49.10 -3.81
CA ASN FG 917 -40.92 48.52 -2.78
C ASN FG 917 -39.97 49.51 -2.13
N THR FG 918 -39.39 50.42 -2.91
CA THR FG 918 -38.36 51.30 -2.37
C THR FG 918 -39.04 52.55 -1.83
N MET FG 919 -39.44 52.50 -0.56
CA MET FG 919 -40.19 53.58 0.08
C MET FG 919 -39.27 54.30 1.05
N SER FG 920 -39.13 55.61 0.89
CA SER FG 920 -38.28 56.43 1.73
C SER FG 920 -39.16 57.40 2.53
N ILE FG 921 -39.00 57.38 3.84
CA ILE FG 921 -39.70 58.26 4.76
C ILE FG 921 -38.84 59.50 4.95
N PRO FG 922 -39.43 60.71 4.99
CA PRO FG 922 -38.63 61.90 5.28
C PRO FG 922 -38.25 61.98 6.75
N GLY FG 923 -37.61 63.08 7.14
CA GLY FG 923 -37.19 63.26 8.51
C GLY FG 923 -35.77 62.83 8.78
N ALA FG 924 -35.47 61.54 8.57
CA ALA FG 924 -34.15 60.99 8.83
C ALA FG 924 -33.58 60.34 7.58
N GLU FG 925 -32.30 60.01 7.66
CA GLU FG 925 -31.59 59.30 6.58
C GLU FG 925 -31.87 57.81 6.71
N LYS FG 926 -33.08 57.43 6.32
CA LYS FG 926 -33.53 56.04 6.41
C LYS FG 926 -34.28 55.67 5.13
N THR FG 927 -34.24 54.38 4.80
CA THR FG 927 -34.91 53.88 3.61
C THR FG 927 -35.31 52.42 3.87
N ILE FG 928 -36.56 52.22 4.31
CA ILE FG 928 -37.07 50.87 4.51
C ILE FG 928 -37.49 50.31 3.16
N SER FG 929 -37.72 49.00 3.08
CA SER FG 929 -38.02 48.36 1.82
C SER FG 929 -39.32 47.55 1.88
N ILE FG 930 -40.36 48.14 2.44
CA ILE FG 930 -41.69 47.52 2.43
C ILE FG 930 -42.17 47.45 0.99
N SER FG 931 -42.64 46.28 0.58
CA SER FG 931 -43.13 46.05 -0.78
C SER FG 931 -44.64 45.92 -0.74
N ALA FG 932 -45.31 46.62 -1.66
CA ALA FG 932 -46.77 46.62 -1.70
C ALA FG 932 -47.22 46.98 -3.11
N TYR FG 933 -48.49 46.73 -3.40
CA TYR FG 933 -49.07 46.95 -4.72
C TYR FG 933 -50.12 48.06 -4.64
N ALA FG 934 -50.86 48.23 -5.73
CA ALA FG 934 -51.82 49.33 -5.87
C ALA FG 934 -53.21 48.79 -6.17
N ILE FG 935 -54.22 49.58 -5.82
CA ILE FG 935 -55.62 49.30 -6.15
C ILE FG 935 -56.20 50.53 -6.83
N ASP FG 936 -57.25 50.31 -7.62
CA ASP FG 936 -57.89 51.41 -8.33
C ASP FG 936 -58.64 52.31 -7.34
N PRO FG 937 -58.29 53.59 -7.25
CA PRO FG 937 -59.02 54.48 -6.36
C PRO FG 937 -60.49 54.62 -6.75
N ASN FG 938 -61.33 54.71 -5.74
CA ASN FG 938 -62.79 54.82 -5.84
C ASN FG 938 -63.41 53.69 -6.66
N THR FG 939 -62.69 52.60 -6.88
CA THR FG 939 -63.22 51.46 -7.62
C THR FG 939 -63.02 50.19 -6.78
N ALA FG 940 -62.04 50.23 -5.88
CA ALA FG 940 -61.67 49.09 -5.04
C ALA FG 940 -61.37 47.86 -5.90
N ARG FG 941 -60.67 48.11 -7.00
CA ARG FG 941 -60.33 47.06 -7.95
C ARG FG 941 -58.87 47.18 -8.34
N THR FG 942 -58.40 46.22 -9.13
CA THR FG 942 -57.01 46.12 -9.51
C THR FG 942 -56.75 46.55 -10.96
N ALA FG 943 -57.73 47.14 -11.63
CA ALA FG 943 -57.56 47.51 -13.03
C ALA FG 943 -56.80 48.82 -13.17
N LEU FG 944 -56.46 49.16 -14.41
CA LEU FG 944 -55.78 50.40 -14.72
C LEU FG 944 -56.63 51.22 -15.69
N ALA FG 945 -56.65 52.53 -15.49
CA ALA FG 945 -57.40 53.45 -16.35
C ALA FG 945 -56.54 53.80 -17.56
N SER FG 946 -56.86 53.19 -18.69
CA SER FG 946 -56.19 53.45 -19.96
C SER FG 946 -57.03 52.86 -21.08
N ARG FG 947 -56.47 52.88 -22.29
CA ARG FG 947 -57.11 52.32 -23.46
C ARG FG 947 -56.41 51.03 -23.87
N THR FG 948 -57.15 50.14 -24.51
CA THR FG 948 -56.63 48.82 -24.85
C THR FG 948 -56.77 48.44 -26.32
N ASN FG 949 -57.39 49.28 -27.16
CA ASN FG 949 -57.55 48.99 -28.58
C ASN FG 949 -56.51 49.71 -29.41
N HIS FG 950 -55.28 49.81 -28.91
CA HIS FG 950 -54.26 50.65 -29.52
C HIS FG 950 -53.88 50.19 -30.93
N HIS FG 951 -53.65 48.89 -31.12
CA HIS FG 951 -53.16 48.38 -32.40
C HIS FG 951 -53.87 47.09 -32.77
N TYR FG 952 -55.18 47.07 -32.62
CA TYR FG 952 -55.98 45.94 -33.09
C TYR FG 952 -56.38 46.11 -34.55
N LEU FG 953 -57.11 47.18 -34.86
CA LEU FG 953 -57.65 47.35 -36.20
C LEU FG 953 -56.56 47.63 -37.22
N MET FG 954 -55.44 48.22 -36.81
CA MET FG 954 -54.36 48.48 -37.75
C MET FG 954 -53.83 47.18 -38.36
N ARG FG 955 -53.44 46.22 -37.50
CA ARG FG 955 -52.95 44.95 -38.01
C ARG FG 955 -54.06 44.14 -38.65
N TYR FG 956 -55.28 44.18 -38.10
CA TYR FG 956 -56.39 43.50 -38.73
C TYR FG 956 -56.57 43.96 -40.18
N GLY FG 957 -56.65 45.27 -40.38
CA GLY FG 957 -56.82 45.80 -41.72
C GLY FG 957 -55.64 45.53 -42.62
N SER FG 958 -54.42 45.61 -42.09
CA SER FG 958 -53.25 45.32 -42.91
C SER FG 958 -53.30 43.90 -43.44
N LEU FG 959 -53.56 42.94 -42.57
CA LEU FG 959 -53.63 41.54 -43.00
C LEU FG 959 -54.78 41.32 -43.98
N PHE FG 960 -55.95 41.87 -43.66
CA PHE FG 960 -57.10 41.67 -44.54
C PHE FG 960 -56.86 42.29 -45.92
N ALA FG 961 -56.24 43.46 -45.97
CA ALA FG 961 -55.96 44.10 -47.25
C ALA FG 961 -54.92 43.33 -48.04
N SER FG 962 -53.89 42.80 -47.37
CA SER FG 962 -52.92 41.98 -48.08
C SER FG 962 -53.58 40.76 -48.72
N SER FG 963 -54.41 40.07 -47.94
CA SER FG 963 -55.11 38.91 -48.49
C SER FG 963 -56.03 39.32 -49.63
N PHE FG 964 -56.73 40.44 -49.48
CA PHE FG 964 -57.62 40.93 -50.53
C PHE FG 964 -56.86 41.23 -51.81
N LEU FG 965 -55.67 41.82 -51.69
CA LEU FG 965 -54.83 42.05 -52.85
C LEU FG 965 -54.50 40.73 -53.55
N GLN FG 966 -54.00 39.76 -52.78
CA GLN FG 966 -53.70 38.46 -53.36
C GLN FG 966 -54.89 37.91 -54.13
N GLY FG 967 -56.04 37.89 -53.48
CA GLY FG 967 -57.23 37.32 -54.09
C GLY FG 967 -57.67 38.07 -55.33
N PHE FG 968 -57.61 39.40 -55.28
CA PHE FG 968 -58.08 40.17 -56.42
C PHE FG 968 -57.24 39.87 -57.64
N GLY FG 969 -55.91 39.93 -57.48
CA GLY FG 969 -55.06 39.61 -58.60
C GLY FG 969 -55.32 38.22 -59.14
N ASN FG 970 -55.28 37.20 -58.27
CA ASN FG 970 -55.36 35.84 -58.79
C ASN FG 970 -56.73 35.53 -59.38
N ALA FG 971 -57.81 35.94 -58.71
CA ALA FG 971 -59.15 35.60 -59.18
C ALA FG 971 -59.48 36.36 -60.46
N PHE FG 972 -59.10 37.63 -60.56
CA PHE FG 972 -59.38 38.34 -61.79
C PHE FG 972 -58.44 37.92 -62.92
N GLN FG 973 -57.31 37.29 -62.61
CA GLN FG 973 -56.56 36.63 -63.67
C GLN FG 973 -57.25 35.34 -64.12
N SER FG 974 -57.79 34.58 -63.18
CA SER FG 974 -58.42 33.31 -63.50
C SER FG 974 -59.70 33.50 -64.30
N ALA FG 975 -60.51 34.49 -63.94
CA ALA FG 975 -61.81 34.70 -64.56
C ALA FG 975 -61.72 35.32 -65.95
N ASN FG 976 -60.51 35.49 -66.48
CA ASN FG 976 -60.36 36.12 -67.78
C ASN FG 976 -60.92 35.27 -68.91
N THR FG 977 -60.63 33.97 -68.92
CA THR FG 977 -61.05 33.12 -70.03
C THR FG 977 -62.57 32.99 -70.10
N THR FG 978 -63.22 32.84 -68.95
CA THR FG 978 -64.67 32.66 -68.92
C THR FG 978 -65.39 33.99 -68.69
N SER FG 999 -56.11 46.27 -71.08
CA SER FG 999 -54.81 46.02 -70.46
C SER FG 999 -54.79 46.48 -69.01
N THR FG 1000 -55.59 47.50 -68.72
CA THR FG 1000 -55.62 48.07 -67.37
C THR FG 1000 -56.10 47.05 -66.34
N LEU FG 1001 -57.10 46.24 -66.69
CA LEU FG 1001 -57.55 45.20 -65.78
C LEU FG 1001 -56.44 44.18 -65.53
N GLU FG 1002 -55.68 43.85 -66.57
CA GLU FG 1002 -54.52 42.98 -66.40
C GLU FG 1002 -53.50 43.62 -65.46
N ASN FG 1003 -53.31 44.93 -65.57
CA ASN FG 1003 -52.37 45.61 -64.69
C ASN FG 1003 -52.83 45.59 -63.24
N ALA FG 1004 -54.13 45.75 -63.02
CA ALA FG 1004 -54.68 45.62 -61.67
C ALA FG 1004 -54.46 44.21 -61.13
N VAL FG 1005 -54.71 43.20 -61.96
CA VAL FG 1005 -54.41 41.81 -61.60
C VAL FG 1005 -52.96 41.67 -61.21
N ILE FG 1006 -52.07 42.22 -62.03
CA ILE FG 1006 -50.64 42.22 -61.77
C ILE FG 1006 -50.36 42.72 -60.37
N GLY FG 1007 -50.73 43.97 -60.09
CA GLY FG 1007 -50.36 44.59 -58.84
C GLY FG 1007 -50.90 43.84 -57.66
N LEU FG 1008 -52.19 43.51 -57.69
CA LEU FG 1008 -52.81 42.87 -56.55
C LEU FG 1008 -52.22 41.47 -56.32
N ALA FG 1009 -52.19 40.64 -57.37
CA ALA FG 1009 -51.74 39.26 -57.22
C ALA FG 1009 -50.28 39.18 -56.80
N THR FG 1010 -49.47 40.18 -57.15
CA THR FG 1010 -48.07 40.04 -56.81
C THR FG 1010 -47.66 40.76 -55.54
N VAL FG 1011 -48.35 41.84 -55.15
CA VAL FG 1011 -47.99 42.52 -53.91
C VAL FG 1011 -48.80 42.02 -52.72
N GLY FG 1012 -49.84 41.21 -52.93
CA GLY FG 1012 -50.59 40.70 -51.80
C GLY FG 1012 -49.79 39.73 -50.94
N LYS FG 1013 -48.97 38.88 -51.56
CA LYS FG 1013 -48.36 37.77 -50.84
C LYS FG 1013 -47.30 38.25 -49.86
N ALA FG 1014 -46.41 39.13 -50.31
CA ALA FG 1014 -45.37 39.63 -49.41
C ALA FG 1014 -45.98 40.39 -48.23
N TRP FG 1015 -46.97 41.23 -48.51
CA TRP FG 1015 -47.65 41.93 -47.42
C TRP FG 1015 -48.35 40.95 -46.49
N SER FG 1016 -48.94 39.88 -47.02
CA SER FG 1016 -49.61 38.90 -46.18
C SER FG 1016 -48.61 38.23 -45.23
N GLN FG 1017 -47.47 37.79 -45.76
CA GLN FG 1017 -46.50 37.13 -44.88
C GLN FG 1017 -45.91 38.11 -43.87
N GLN FG 1018 -45.64 39.36 -44.28
CA GLN FG 1018 -45.13 40.33 -43.32
C GLN FG 1018 -46.16 40.62 -42.23
N ALA FG 1019 -47.43 40.74 -42.61
CA ALA FG 1019 -48.48 41.01 -41.63
C ALA FG 1019 -48.64 39.84 -40.67
N GLN FG 1020 -48.56 38.60 -41.17
CA GLN FG 1020 -48.59 37.46 -40.27
C GLN FG 1020 -47.36 37.47 -39.37
N GLN FG 1021 -46.24 37.98 -39.87
CA GLN FG 1021 -45.04 38.08 -39.04
C GLN FG 1021 -45.23 39.07 -37.90
N LEU FG 1022 -45.77 40.24 -38.20
CA LEU FG 1022 -45.82 41.33 -37.23
C LEU FG 1022 -47.17 41.45 -36.52
N PHE FG 1023 -48.09 40.52 -36.75
CA PHE FG 1023 -49.43 40.62 -36.17
C PHE FG 1023 -49.40 40.41 -34.65
N ASN FG 1024 -48.31 39.87 -34.12
CA ASN FG 1024 -48.26 39.41 -32.75
C ASN FG 1024 -47.94 40.51 -31.73
N THR FG 1025 -47.70 41.74 -32.17
CA THR FG 1025 -47.36 42.80 -31.21
C THR FG 1025 -48.61 43.17 -30.41
N PRO FG 1026 -48.54 43.13 -29.08
CA PRO FG 1026 -49.72 43.36 -28.24
C PRO FG 1026 -50.04 44.84 -28.11
N THR FG 1027 -51.27 45.11 -27.68
CA THR FG 1027 -51.70 46.46 -27.32
C THR FG 1027 -51.15 46.80 -25.95
N THR FG 1028 -50.48 47.94 -25.86
CA THR FG 1028 -49.93 48.39 -24.59
C THR FG 1028 -50.94 49.25 -23.84
N VAL FG 1029 -50.64 49.50 -22.55
CA VAL FG 1029 -51.44 50.38 -21.72
C VAL FG 1029 -50.53 51.46 -21.17
N GLU FG 1030 -51.13 52.54 -20.68
CA GLU FG 1030 -50.36 53.68 -20.19
C GLU FG 1030 -51.02 54.28 -18.96
N VAL FG 1031 -50.28 54.31 -17.85
CA VAL FG 1031 -50.77 54.97 -16.65
C VAL FG 1031 -50.74 56.49 -16.84
N TYR FG 1032 -51.39 57.20 -15.94
CA TYR FG 1032 -51.54 58.64 -16.06
C TYR FG 1032 -50.76 59.37 -14.96
N SER FG 1033 -50.45 60.64 -15.23
CA SER FG 1033 -49.58 61.43 -14.36
C SER FG 1033 -50.35 62.33 -13.40
N GLY FG 1034 -51.66 62.15 -13.27
CA GLY FG 1034 -52.42 62.99 -12.37
C GLY FG 1034 -53.48 62.23 -11.60
N THR FG 1035 -53.32 60.92 -11.50
CA THR FG 1035 -54.30 60.05 -10.85
C THR FG 1035 -53.70 59.52 -9.56
N GLY FG 1036 -54.47 59.60 -8.47
CA GLY FG 1036 -54.08 59.03 -7.21
C GLY FG 1036 -54.24 57.52 -7.22
N LEU FG 1037 -53.84 56.90 -6.12
CA LEU FG 1037 -53.94 55.46 -5.99
C LEU FG 1037 -53.89 55.07 -4.52
N GLY FG 1038 -54.41 53.87 -4.24
CA GLY FG 1038 -54.36 53.28 -2.93
C GLY FG 1038 -53.46 52.06 -2.93
N ILE FG 1039 -52.74 51.88 -1.83
CA ILE FG 1039 -51.72 50.85 -1.70
C ILE FG 1039 -52.00 50.04 -0.45
N LEU FG 1040 -52.18 48.73 -0.62
CA LEU FG 1040 -52.37 47.85 0.52
C LEU FG 1040 -51.03 47.23 0.91
N PHE FG 1041 -50.75 47.27 2.21
CA PHE FG 1041 -49.48 46.76 2.75
C PHE FG 1041 -49.47 45.24 2.77
N THR FG 1042 -48.27 44.68 2.81
CA THR FG 1042 -48.07 43.24 2.84
C THR FG 1042 -47.31 42.79 4.08
N GLN FG 1043 -46.27 43.53 4.47
CA GLN FG 1043 -45.48 43.19 5.65
C GLN FG 1043 -45.38 44.40 6.56
N ASP FG 1044 -44.85 44.17 7.76
CA ASP FG 1044 -44.71 45.21 8.76
C ASP FG 1044 -43.31 45.83 8.67
N VAL FG 1045 -43.17 47.03 9.25
CA VAL FG 1045 -41.90 47.73 9.34
C VAL FG 1045 -41.77 48.29 10.75
N THR FG 1046 -40.67 49.01 10.99
CA THR FG 1046 -40.43 49.60 12.31
C THR FG 1046 -40.24 51.11 12.21
N ILE GG 862 -25.48 63.43 0.55
CA ILE GG 862 -26.74 62.77 0.86
C ILE GG 862 -27.83 63.24 -0.10
N ILE GG 863 -28.51 62.28 -0.73
CA ILE GG 863 -29.58 62.56 -1.68
C ILE GG 863 -30.76 61.66 -1.34
N LYS GG 864 -31.96 62.24 -1.35
CA LYS GG 864 -33.17 61.51 -1.00
C LYS GG 864 -33.35 60.29 -1.90
N THR GG 865 -33.88 59.22 -1.33
CA THR GG 865 -34.12 58.00 -2.09
C THR GG 865 -35.32 58.19 -2.99
N GLY GG 866 -35.07 58.49 -4.27
CA GLY GG 866 -36.13 58.63 -5.24
C GLY GG 866 -36.78 59.99 -5.26
N ASP GG 867 -36.02 61.04 -5.53
CA ASP GG 867 -36.53 62.39 -5.71
C ASP GG 867 -36.24 62.86 -7.13
N ILE GG 868 -36.56 64.12 -7.40
CA ILE GG 868 -36.57 64.68 -8.75
C ILE GG 868 -35.49 65.76 -8.84
N MET GG 869 -34.77 65.78 -9.96
CA MET GG 869 -33.78 66.81 -10.27
C MET GG 869 -33.89 67.16 -11.74
N PHE GG 870 -33.42 68.36 -12.09
CA PHE GG 870 -33.41 68.82 -13.47
C PHE GG 870 -32.01 68.69 -14.03
N ALA GG 871 -31.92 68.53 -15.35
CA ALA GG 871 -30.63 68.41 -16.01
C ALA GG 871 -30.76 68.95 -17.43
N VAL GG 872 -29.62 69.30 -18.02
CA VAL GG 872 -29.58 69.86 -19.36
C VAL GG 872 -28.85 68.89 -20.27
N LEU GG 873 -29.50 68.52 -21.37
CA LEU GG 873 -28.89 67.71 -22.41
C LEU GG 873 -28.52 68.59 -23.59
N ASP GG 874 -27.26 68.48 -24.02
CA ASP GG 874 -26.69 69.46 -24.93
C ASP GG 874 -26.15 68.83 -26.20
N THR GG 875 -25.88 67.53 -26.17
CA THR GG 875 -25.29 66.84 -27.32
C THR GG 875 -26.32 65.91 -27.95
N SER GG 876 -26.30 65.81 -29.28
CA SER GG 876 -27.25 64.97 -30.02
C SER GG 876 -26.54 63.75 -30.60
N VAL GG 877 -27.32 62.68 -30.81
CA VAL GG 877 -26.82 61.42 -31.35
C VAL GG 877 -28.01 60.56 -31.74
N ASN GG 878 -27.82 59.75 -32.78
CA ASN GG 878 -28.81 58.78 -33.19
C ASN GG 878 -28.75 57.55 -32.28
N SER GG 879 -29.89 56.87 -32.16
CA SER GG 879 -29.94 55.63 -31.39
C SER GG 879 -29.46 54.47 -32.25
N ASP GG 880 -28.26 54.59 -32.80
CA ASP GG 880 -27.70 53.58 -33.67
C ASP GG 880 -26.43 52.96 -33.12
N GLU GG 881 -25.55 53.77 -32.53
CA GLU GG 881 -24.28 53.30 -32.00
C GLU GG 881 -24.12 53.80 -30.58
N PRO GG 882 -24.27 52.94 -29.57
CA PRO GG 882 -24.14 53.40 -28.18
C PRO GG 882 -22.74 53.92 -27.90
N GLY GG 883 -22.67 54.90 -27.01
CA GLY GG 883 -21.42 55.52 -26.66
C GLY GG 883 -21.54 56.51 -25.53
N PRO GG 884 -20.45 57.23 -25.25
CA PRO GG 884 -20.46 58.22 -24.17
C PRO GG 884 -21.32 59.43 -24.49
N ILE GG 885 -22.28 59.71 -23.62
CA ILE GG 885 -23.14 60.89 -23.74
C ILE GG 885 -23.13 61.62 -22.41
N LEU GG 886 -23.09 62.96 -22.47
CA LEU GG 886 -22.93 63.80 -21.29
C LEU GG 886 -24.06 64.81 -21.21
N ALA GG 887 -24.57 65.00 -19.99
CA ALA GG 887 -25.56 66.01 -19.66
C ALA GG 887 -25.08 66.80 -18.45
N THR GG 888 -25.78 67.88 -18.13
CA THR GG 888 -25.35 68.80 -17.07
C THR GG 888 -26.51 69.09 -16.14
N ILE GG 889 -26.34 68.77 -14.85
CA ILE GG 889 -27.28 69.22 -13.84
C ILE GG 889 -27.11 70.72 -13.64
N VAL GG 890 -28.21 71.46 -13.69
CA VAL GG 890 -28.12 72.91 -13.70
C VAL GG 890 -28.79 73.56 -12.49
N THR GG 891 -29.49 72.81 -11.66
CA THR GG 891 -30.11 73.40 -10.48
C THR GG 891 -29.97 72.50 -9.26
N GLY GG 892 -30.60 72.90 -8.15
CA GLY GG 892 -30.53 72.11 -6.93
C GLY GG 892 -29.24 72.37 -6.17
N LYS GG 893 -29.02 71.54 -5.14
CA LYS GG 893 -27.78 71.64 -4.36
C LYS GG 893 -26.55 71.40 -5.23
N LEU GG 894 -26.61 70.40 -6.11
CA LEU GG 894 -25.53 70.15 -7.05
C LEU GG 894 -25.51 71.25 -8.10
N LYS GG 895 -24.36 71.90 -8.25
CA LYS GG 895 -24.22 73.01 -9.18
C LYS GG 895 -23.09 72.73 -10.16
N GLY GG 896 -23.40 72.80 -11.45
CA GLY GG 896 -22.39 72.64 -12.48
C GLY GG 896 -21.91 71.22 -12.70
N SER GG 897 -22.58 70.24 -12.10
CA SER GG 897 -22.13 68.86 -12.20
C SER GG 897 -22.49 68.27 -13.55
N LYS GG 898 -21.68 67.31 -14.02
CA LYS GG 898 -21.91 66.64 -15.28
C LYS GG 898 -22.20 65.17 -15.04
N LEU GG 899 -22.80 64.53 -16.05
CA LEU GG 899 -23.28 63.16 -15.91
C LEU GG 899 -23.14 62.47 -17.26
N ILE GG 900 -22.27 61.46 -17.31
CA ILE GG 900 -22.00 60.70 -18.52
C ILE GG 900 -22.59 59.30 -18.39
N GLY GG 901 -22.96 58.73 -19.53
CA GLY GG 901 -23.54 57.41 -19.62
C GLY GG 901 -23.77 57.02 -21.06
N SER GG 902 -24.80 56.20 -21.31
CA SER GG 902 -25.11 55.77 -22.66
C SER GG 902 -26.63 55.57 -22.75
N PHE GG 903 -27.08 54.94 -23.83
CA PHE GG 903 -28.50 54.70 -24.06
C PHE GG 903 -28.76 53.23 -24.33
N ASN GG 904 -30.03 52.90 -24.49
CA ASN GG 904 -30.47 51.55 -24.81
C ASN GG 904 -31.44 51.60 -25.97
N LEU GG 905 -31.59 50.47 -26.66
CA LEU GG 905 -32.51 50.39 -27.77
C LEU GG 905 -33.61 49.37 -27.47
N PRO GG 906 -34.84 49.82 -27.24
CA PRO GG 906 -35.96 48.90 -27.06
C PRO GG 906 -36.38 48.28 -28.39
N SER GG 907 -37.18 47.21 -28.26
CA SER GG 907 -37.67 46.51 -29.45
C SER GG 907 -38.52 47.40 -30.34
N ASN GG 908 -39.38 48.22 -29.75
CA ASN GG 908 -40.23 49.14 -30.49
C ASN GG 908 -39.77 50.56 -30.22
N ALA GG 909 -39.98 51.44 -31.21
CA ALA GG 909 -39.48 52.81 -31.16
C ALA GG 909 -40.48 53.77 -30.53
N ASP GG 910 -41.33 53.28 -29.63
CA ASP GG 910 -42.33 54.10 -28.98
C ASP GG 910 -41.78 54.93 -27.83
N LYS GG 911 -40.51 54.75 -27.47
CA LYS GG 911 -39.92 55.48 -26.37
C LYS GG 911 -38.41 55.49 -26.55
N MET GG 912 -37.75 56.30 -25.73
CA MET GG 912 -36.30 56.35 -25.69
C MET GG 912 -35.86 56.92 -24.35
N VAL GG 913 -34.90 56.25 -23.71
CA VAL GG 913 -34.44 56.64 -22.39
C VAL GG 913 -32.92 56.57 -22.36
N ILE GG 914 -32.34 57.18 -21.33
CA ILE GG 914 -30.90 57.27 -21.16
C ILE GG 914 -30.52 56.65 -19.83
N THR GG 915 -29.55 55.74 -19.84
CA THR GG 915 -28.95 55.23 -18.62
C THR GG 915 -27.78 56.14 -18.26
N PHE GG 916 -27.80 56.69 -17.04
CA PHE GG 916 -26.84 57.68 -16.62
C PHE GG 916 -26.32 57.32 -15.23
N ASN GG 917 -25.04 57.06 -15.14
CA ASN GG 917 -24.43 56.65 -13.87
C ASN GG 917 -23.20 57.46 -13.52
N THR GG 918 -22.37 57.83 -14.49
CA THR GG 918 -21.06 58.41 -14.19
C THR GG 918 -21.24 59.88 -13.86
N MET GG 919 -21.34 60.18 -12.56
CA MET GG 919 -21.60 61.54 -12.09
C MET GG 919 -20.28 62.18 -11.64
N SER GG 920 -19.94 63.32 -12.22
CA SER GG 920 -18.76 64.08 -11.83
C SER GG 920 -19.20 65.46 -11.35
N ILE GG 921 -18.92 65.75 -10.08
CA ILE GG 921 -19.33 67.00 -9.44
C ILE GG 921 -18.07 67.87 -9.29
N PRO GG 922 -18.15 69.17 -9.61
CA PRO GG 922 -16.94 70.01 -9.48
C PRO GG 922 -16.59 70.30 -8.04
N GLY GG 923 -15.56 71.10 -7.83
CA GLY GG 923 -15.10 71.40 -6.48
C GLY GG 923 -14.02 70.43 -6.00
N ALA GG 924 -14.37 69.16 -5.90
CA ALA GG 924 -13.42 68.13 -5.51
C ALA GG 924 -13.34 67.04 -6.59
N GLU GG 925 -12.23 66.33 -6.60
CA GLU GG 925 -11.99 65.27 -7.58
C GLU GG 925 -12.52 63.94 -7.03
N LYS GG 926 -13.83 63.75 -7.17
CA LYS GG 926 -14.48 62.50 -6.81
C LYS GG 926 -15.46 62.12 -7.92
N THR GG 927 -15.73 60.82 -8.03
CA THR GG 927 -16.55 60.31 -9.13
C THR GG 927 -17.53 59.29 -8.55
N ILE GG 928 -18.73 59.76 -8.23
CA ILE GG 928 -19.79 58.88 -7.72
C ILE GG 928 -20.47 58.20 -8.90
N SER GG 929 -21.26 57.17 -8.63
CA SER GG 929 -21.91 56.41 -9.69
C SER GG 929 -23.39 56.20 -9.42
N ILE GG 930 -24.10 57.25 -9.03
CA ILE GG 930 -25.54 57.18 -8.86
C ILE GG 930 -26.18 56.94 -10.22
N SER GG 931 -27.07 55.95 -10.29
CA SER GG 931 -27.72 55.56 -11.53
C SER GG 931 -29.15 56.11 -11.56
N ALA GG 932 -29.53 56.69 -12.69
CA ALA GG 932 -30.86 57.26 -12.85
C ALA GG 932 -31.17 57.36 -14.33
N TYR GG 933 -32.45 57.56 -14.65
CA TYR GG 933 -32.94 57.68 -16.01
C TYR GG 933 -33.53 59.09 -16.22
N ALA GG 934 -34.12 59.31 -17.39
CA ALA GG 934 -34.58 60.62 -17.79
C ALA GG 934 -36.06 60.60 -18.14
N ILE GG 935 -36.76 61.68 -17.79
CA ILE GG 935 -38.14 61.91 -18.17
C ILE GG 935 -38.26 63.31 -18.74
N ASP GG 936 -39.31 63.55 -19.51
CA ASP GG 936 -39.53 64.86 -20.13
C ASP GG 936 -39.97 65.86 -19.06
N PRO GG 937 -39.22 66.93 -18.84
CA PRO GG 937 -39.60 67.90 -17.81
C PRO GG 937 -40.96 68.53 -18.09
N ASN GG 938 -41.70 68.79 -17.01
CA ASN GG 938 -43.06 69.31 -17.03
C ASN GG 938 -44.00 68.48 -17.89
N THR GG 939 -43.66 67.23 -18.18
CA THR GG 939 -44.51 66.34 -18.96
C THR GG 939 -44.87 65.12 -18.13
N ALA GG 940 -43.99 64.77 -17.19
CA ALA GG 940 -44.18 63.62 -16.30
C ALA GG 940 -44.38 62.34 -17.10
N ARG GG 941 -43.62 62.23 -18.19
CA ARG GG 941 -43.65 61.06 -19.05
C ARG GG 941 -42.24 60.74 -19.49
N THR GG 942 -42.08 59.56 -20.07
CA THR GG 942 -40.76 59.03 -20.44
C THR GG 942 -40.48 59.09 -21.93
N ALA GG 943 -41.42 59.59 -22.74
CA ALA GG 943 -41.24 59.59 -24.18
C ALA GG 943 -40.15 60.57 -24.60
N LEU GG 944 -39.56 60.31 -25.76
CA LEU GG 944 -38.52 61.15 -26.33
C LEU GG 944 -39.05 61.86 -27.56
N ALA GG 945 -38.85 63.17 -27.61
CA ALA GG 945 -39.31 64.00 -28.73
C ALA GG 945 -38.36 63.83 -29.91
N SER GG 946 -38.72 62.89 -30.79
CA SER GG 946 -37.97 62.64 -32.00
C SER GG 946 -38.89 61.91 -32.98
N ARG GG 947 -38.31 61.42 -34.07
CA ARG GG 947 -39.07 60.76 -35.11
C ARG GG 947 -39.16 59.25 -34.85
N THR GG 948 -40.31 58.69 -35.22
CA THR GG 948 -40.58 57.28 -35.00
C THR GG 948 -41.03 56.54 -36.25
N ASN GG 949 -41.35 57.25 -37.33
CA ASN GG 949 -41.83 56.67 -38.58
C ASN GG 949 -40.76 56.69 -39.67
N HIS GG 950 -39.50 56.43 -39.29
CA HIS GG 950 -38.38 56.72 -40.18
C HIS GG 950 -38.32 55.80 -41.40
N HIS GG 951 -38.55 54.51 -41.22
CA HIS GG 951 -38.16 53.53 -42.24
C HIS GG 951 -39.28 52.55 -42.52
N TYR GG 952 -40.49 53.04 -42.74
CA TYR GG 952 -41.59 52.22 -43.24
C TYR GG 952 -41.77 52.32 -44.74
N LEU GG 953 -41.95 53.54 -45.23
CA LEU GG 953 -42.35 53.76 -46.62
C LEU GG 953 -41.29 53.30 -47.60
N MET GG 954 -40.01 53.51 -47.30
CA MET GG 954 -38.96 53.15 -48.24
C MET GG 954 -38.99 51.66 -48.55
N ARG GG 955 -38.96 50.82 -47.51
CA ARG GG 955 -38.98 49.38 -47.74
C ARG GG 955 -40.33 48.92 -48.28
N TYR GG 956 -41.44 49.51 -47.81
CA TYR GG 956 -42.75 49.15 -48.36
C TYR GG 956 -42.77 49.36 -49.86
N GLY GG 957 -42.33 50.54 -50.31
CA GLY GG 957 -42.36 50.84 -51.73
C GLY GG 957 -41.41 49.99 -52.52
N SER GG 958 -40.21 49.74 -52.00
CA SER GG 958 -39.27 48.89 -52.73
C SER GG 958 -39.86 47.49 -52.95
N LEU GG 959 -40.37 46.88 -51.87
CA LEU GG 959 -40.95 45.55 -51.98
C LEU GG 959 -42.13 45.53 -52.95
N PHE GG 960 -43.03 46.51 -52.79
CA PHE GG 960 -44.23 46.51 -53.61
C PHE GG 960 -43.91 46.76 -55.08
N ALA GG 961 -42.94 47.61 -55.38
CA ALA GG 961 -42.54 47.83 -56.76
C ALA GG 961 -41.90 46.58 -57.35
N SER GG 962 -41.06 45.88 -56.58
CA SER GG 962 -40.49 44.64 -57.08
C SER GG 962 -41.58 43.62 -57.40
N SER GG 963 -42.54 43.48 -56.49
CA SER GG 963 -43.65 42.56 -56.73
C SER GG 963 -44.45 42.96 -57.95
N PHE GG 964 -44.76 44.25 -58.09
CA PHE GG 964 -45.53 44.71 -59.24
C PHE GG 964 -44.78 44.44 -60.54
N LEU GG 965 -43.46 44.58 -60.53
CA LEU GG 965 -42.67 44.25 -61.71
C LEU GG 965 -42.80 42.78 -62.06
N GLN GG 966 -42.61 41.90 -61.08
CA GLN GG 966 -42.76 40.47 -61.33
C GLN GG 966 -44.13 40.17 -61.93
N GLY GG 967 -45.17 40.70 -61.30
CA GLY GG 967 -46.53 40.43 -61.76
C GLY GG 967 -46.76 40.94 -63.17
N PHE GG 968 -46.26 42.13 -63.49
CA PHE GG 968 -46.52 42.68 -64.80
C PHE GG 968 -45.84 41.84 -65.87
N GLY GG 969 -44.58 41.50 -65.66
CA GLY GG 969 -43.91 40.66 -66.62
C GLY GG 969 -44.64 39.34 -66.83
N ASN GG 970 -44.93 38.62 -65.74
CA ASN GG 970 -45.52 37.30 -65.92
C ASN GG 970 -46.92 37.37 -66.50
N ALA GG 971 -47.74 38.32 -66.09
CA ALA GG 971 -49.12 38.36 -66.57
C ALA GG 971 -49.19 38.80 -68.02
N PHE GG 972 -48.38 39.80 -68.40
CA PHE GG 972 -48.38 40.18 -69.81
C PHE GG 972 -47.72 39.13 -70.69
N GLN GG 973 -46.87 38.26 -70.12
CA GLN GG 973 -46.43 37.09 -70.87
C GLN GG 973 -47.57 36.08 -71.03
N SER GG 974 -48.35 35.89 -69.95
CA SER GG 974 -49.46 34.95 -69.99
C SER GG 974 -50.51 35.35 -71.01
N ALA GG 975 -50.79 36.65 -71.11
CA ALA GG 975 -51.86 37.15 -71.97
C ALA GG 975 -51.47 37.12 -73.45
N ASN GG 976 -50.36 36.49 -73.81
CA ASN GG 976 -49.96 36.43 -75.21
C ASN GG 976 -50.91 35.58 -76.05
N THR GG 977 -51.38 34.45 -75.52
CA THR GG 977 -52.26 33.59 -76.29
C THR GG 977 -53.63 34.22 -76.49
N THR GG 978 -54.16 34.86 -75.46
CA THR GG 978 -55.48 35.48 -75.54
C THR GG 978 -55.38 37.00 -75.56
N SER GG 999 -43.51 43.93 -80.16
CA SER GG 999 -42.14 43.85 -79.67
C SER GG 999 -41.97 44.67 -78.39
N THR GG 1000 -42.54 45.87 -78.37
CA THR GG 1000 -42.45 46.72 -77.19
C THR GG 1000 -43.15 46.09 -75.99
N LEU GG 1001 -44.32 45.50 -76.21
CA LEU GG 1001 -45.00 44.79 -75.13
C LEU GG 1001 -44.15 43.65 -74.62
N GLU GG 1002 -43.49 42.92 -75.53
CA GLU GG 1002 -42.62 41.84 -75.12
C GLU GG 1002 -41.45 42.36 -74.28
N ASN GG 1003 -40.90 43.51 -74.66
CA ASN GG 1003 -39.79 44.07 -73.90
C ASN GG 1003 -40.25 44.53 -72.52
N ALA GG 1004 -41.47 45.06 -72.41
CA ALA GG 1004 -42.02 45.36 -71.11
C ALA GG 1004 -42.15 44.09 -70.26
N VAL GG 1005 -42.67 43.01 -70.86
CA VAL GG 1005 -42.71 41.73 -70.18
C VAL GG 1005 -41.33 41.34 -69.70
N ILE GG 1006 -40.35 41.48 -70.58
CA ILE GG 1006 -38.96 41.16 -70.27
C ILE GG 1006 -38.52 41.88 -69.01
N GLY GG 1007 -38.52 43.21 -69.06
CA GLY GG 1007 -37.98 43.99 -67.97
C GLY GG 1007 -38.69 43.70 -66.66
N LEU GG 1008 -40.04 43.74 -66.69
CA LEU GG 1008 -40.78 43.55 -65.45
C LEU GG 1008 -40.56 42.15 -64.89
N ALA GG 1009 -40.79 41.11 -65.71
CA ALA GG 1009 -40.71 39.74 -65.23
C ALA GG 1009 -39.32 39.37 -64.76
N THR GG 1010 -38.27 40.03 -65.25
CA THR GG 1010 -36.96 39.61 -64.81
C THR GG 1010 -36.36 40.49 -63.72
N VAL GG 1011 -36.60 41.80 -63.73
CA VAL GG 1011 -36.06 42.65 -62.69
C VAL GG 1011 -36.93 42.67 -61.44
N GLY GG 1012 -38.16 42.16 -61.50
CA GLY GG 1012 -38.95 42.09 -60.29
C GLY GG 1012 -38.40 41.12 -59.27
N LYS GG 1013 -37.89 39.97 -59.73
CA LYS GG 1013 -37.60 38.87 -58.82
C LYS GG 1013 -36.39 39.16 -57.94
N ALA GG 1014 -35.29 39.63 -58.53
CA ALA GG 1014 -34.10 39.93 -57.75
C ALA GG 1014 -34.38 41.05 -56.76
N TRP GG 1015 -35.08 42.09 -57.19
CA TRP GG 1015 -35.47 43.15 -56.28
C TRP GG 1015 -36.38 42.63 -55.18
N SER GG 1016 -37.29 41.71 -55.49
CA SER GG 1016 -38.18 41.16 -54.48
C SER GG 1016 -37.41 40.39 -53.43
N GLN GG 1017 -36.47 39.54 -53.85
CA GLN GG 1017 -35.71 38.79 -52.86
C GLN GG 1017 -34.80 39.70 -52.03
N GLN GG 1018 -34.18 40.70 -52.65
CA GLN GG 1018 -33.36 41.62 -51.88
C GLN GG 1018 -34.20 42.43 -50.89
N ALA GG 1019 -35.40 42.84 -51.31
CA ALA GG 1019 -36.28 43.57 -50.42
C ALA GG 1019 -36.74 42.71 -49.25
N GLN GG 1020 -37.06 41.44 -49.51
CA GLN GG 1020 -37.39 40.53 -48.42
C GLN GG 1020 -36.21 40.37 -47.48
N GLN GG 1021 -34.99 40.40 -48.03
CA GLN GG 1021 -33.80 40.33 -47.19
C GLN GG 1021 -33.68 41.56 -46.29
N LEU GG 1022 -33.79 42.75 -46.85
CA LEU GG 1022 -33.49 43.98 -46.13
C LEU GG 1022 -34.71 44.59 -45.46
N PHE GG 1023 -35.86 43.93 -45.53
CA PHE GG 1023 -37.10 44.51 -45.03
C PHE GG 1023 -37.13 44.57 -43.50
N ASN GG 1024 -36.15 43.95 -42.85
CA ASN GG 1024 -36.18 43.73 -41.40
C ASN GG 1024 -35.54 44.86 -40.59
N THR GG 1025 -35.04 45.91 -41.23
CA THR GG 1025 -34.41 46.99 -40.46
C THR GG 1025 -35.47 47.82 -39.75
N PRO GG 1026 -35.37 48.01 -38.44
CA PRO GG 1026 -36.40 48.75 -37.70
C PRO GG 1026 -36.24 50.26 -37.89
N THR GG 1027 -37.23 50.99 -37.39
CA THR GG 1027 -37.24 52.45 -37.44
C THR GG 1027 -36.49 52.99 -36.22
N THR GG 1028 -35.45 53.78 -36.47
CA THR GG 1028 -34.61 54.29 -35.41
C THR GG 1028 -35.16 55.60 -34.87
N VAL GG 1029 -34.59 56.05 -33.74
CA VAL GG 1029 -34.89 57.34 -33.16
C VAL GG 1029 -33.57 58.07 -32.94
N GLU GG 1030 -33.65 59.39 -32.83
CA GLU GG 1030 -32.46 60.23 -32.70
C GLU GG 1030 -32.75 61.40 -31.79
N VAL GG 1031 -32.05 61.44 -30.65
CA VAL GG 1031 -32.21 62.57 -29.74
C VAL GG 1031 -31.57 63.82 -30.33
N TYR GG 1032 -31.97 64.97 -29.81
CA TYR GG 1032 -31.50 66.25 -30.31
C TYR GG 1032 -30.67 66.97 -29.24
N SER GG 1033 -29.94 67.99 -29.68
CA SER GG 1033 -28.94 68.63 -28.84
C SER GG 1033 -29.44 69.85 -28.09
N GLY GG 1034 -30.75 70.07 -28.03
CA GLY GG 1034 -31.25 71.29 -27.44
C GLY GG 1034 -32.45 71.14 -26.53
N THR GG 1035 -32.55 70.00 -25.83
CA THR GG 1035 -33.64 69.75 -24.90
C THR GG 1035 -33.08 69.22 -23.60
N GLY GG 1036 -33.69 69.63 -22.48
CA GLY GG 1036 -33.28 69.16 -21.17
C GLY GG 1036 -33.90 67.83 -20.81
N LEU GG 1037 -33.76 67.47 -19.55
CA LEU GG 1037 -34.27 66.19 -19.06
C LEU GG 1037 -34.56 66.28 -17.58
N GLY GG 1038 -35.45 65.38 -17.12
CA GLY GG 1038 -35.75 65.25 -15.71
C GLY GG 1038 -35.27 63.90 -15.20
N ILE GG 1039 -34.52 63.96 -14.10
CA ILE GG 1039 -33.80 62.80 -13.56
C ILE GG 1039 -34.39 62.44 -12.20
N LEU GG 1040 -34.98 61.27 -12.10
CA LEU GG 1040 -35.43 60.74 -10.81
C LEU GG 1040 -34.39 59.79 -10.26
N PHE GG 1041 -34.01 60.00 -9.01
CA PHE GG 1041 -32.94 59.24 -8.37
C PHE GG 1041 -33.43 57.82 -8.05
N THR GG 1042 -32.47 56.90 -7.97
CA THR GG 1042 -32.74 55.51 -7.66
C THR GG 1042 -31.99 55.05 -6.41
N GLN GG 1043 -30.79 55.55 -6.17
CA GLN GG 1043 -29.99 55.17 -5.01
C GLN GG 1043 -29.49 56.43 -4.31
N ASP GG 1044 -29.02 56.24 -3.08
CA ASP GG 1044 -28.51 57.34 -2.27
C ASP GG 1044 -27.02 57.55 -2.56
N VAL GG 1045 -26.50 58.70 -2.12
CA VAL GG 1045 -25.10 59.04 -2.26
C VAL GG 1045 -24.61 59.63 -0.93
N THR GG 1046 -23.36 60.07 -0.92
CA THR GG 1046 -22.77 60.67 0.27
C THR GG 1046 -22.14 62.02 -0.04
N ILE HG 862 -4.76 66.62 -13.60
CA ILE HG 862 -6.11 66.36 -13.13
C ILE HG 862 -7.13 66.86 -14.15
N ILE HG 863 -7.96 65.94 -14.63
CA ILE HG 863 -8.96 66.24 -15.67
C ILE HG 863 -10.31 65.70 -15.20
N LYS HG 864 -11.36 66.46 -15.45
CA LYS HG 864 -12.71 66.09 -15.05
C LYS HG 864 -13.12 64.75 -15.67
N THR HG 865 -14.13 64.12 -15.07
CA THR HG 865 -14.64 62.86 -15.59
C THR HG 865 -15.67 63.15 -16.67
N GLY HG 866 -15.23 63.08 -17.93
CA GLY HG 866 -16.12 63.27 -19.06
C GLY HG 866 -16.36 64.72 -19.43
N ASP HG 867 -15.29 65.45 -19.71
CA ASP HG 867 -15.37 66.86 -20.06
C ASP HG 867 -15.08 67.03 -21.55
N ILE HG 868 -15.05 68.29 -22.00
CA ILE HG 868 -15.00 68.64 -23.41
C ILE HG 868 -13.61 69.18 -23.73
N MET HG 869 -13.13 68.90 -24.94
CA MET HG 869 -11.90 69.46 -25.44
C MET HG 869 -11.98 69.54 -26.97
N PHE HG 870 -11.12 70.36 -27.57
CA PHE HG 870 -11.07 70.52 -29.01
C PHE HG 870 -9.72 70.03 -29.53
N ALA HG 871 -9.72 69.51 -30.75
CA ALA HG 871 -8.50 69.03 -31.39
C ALA HG 871 -8.59 69.33 -32.88
N VAL HG 872 -7.44 69.32 -33.54
CA VAL HG 872 -7.35 69.58 -34.98
C VAL HG 872 -6.97 68.28 -35.67
N LEU HG 873 -7.77 67.88 -36.65
CA LEU HG 873 -7.50 66.69 -37.44
C LEU HG 873 -6.81 67.08 -38.74
N ASP HG 874 -5.75 66.35 -39.07
CA ASP HG 874 -4.90 66.72 -40.20
C ASP HG 874 -4.88 65.64 -41.27
N THR HG 875 -5.18 64.40 -40.89
CA THR HG 875 -5.10 63.29 -41.83
C THR HG 875 -6.47 62.63 -41.98
N SER HG 876 -6.73 62.06 -43.16
CA SER HG 876 -7.98 61.37 -43.44
C SER HG 876 -7.74 59.93 -43.86
N VAL HG 877 -8.83 59.14 -43.92
CA VAL HG 877 -8.78 57.78 -44.43
C VAL HG 877 -10.21 57.31 -44.70
N ASN HG 878 -10.34 56.32 -45.57
CA ASN HG 878 -11.62 55.69 -45.85
C ASN HG 878 -11.92 54.63 -44.79
N SER HG 879 -13.21 54.37 -44.59
CA SER HG 879 -13.62 53.32 -43.66
C SER HG 879 -13.50 51.96 -44.34
N ASP HG 880 -12.32 51.64 -44.82
CA ASP HG 880 -12.06 50.39 -45.54
C ASP HG 880 -10.97 49.56 -44.89
N GLU HG 881 -9.89 50.18 -44.41
CA GLU HG 881 -8.77 49.47 -43.81
C GLU HG 881 -8.40 50.16 -42.51
N PRO HG 882 -8.57 49.50 -41.36
CA PRO HG 882 -8.11 50.09 -40.11
C PRO HG 882 -6.60 50.30 -40.10
N GLY HG 883 -6.18 51.38 -39.48
CA GLY HG 883 -4.78 51.73 -39.42
C GLY HG 883 -4.53 52.85 -38.43
N PRO HG 884 -3.25 53.11 -38.15
CA PRO HG 884 -2.91 54.19 -37.22
C PRO HG 884 -3.28 55.56 -37.78
N ILE HG 885 -3.90 56.40 -36.95
CA ILE HG 885 -4.28 57.76 -37.33
C ILE HG 885 -3.93 58.69 -36.18
N LEU HG 886 -3.68 59.96 -36.50
CA LEU HG 886 -3.15 60.94 -35.55
C LEU HG 886 -3.90 62.26 -35.66
N ALA HG 887 -4.09 62.93 -34.53
CA ALA HG 887 -4.68 64.27 -34.45
C ALA HG 887 -3.91 65.09 -33.44
N THR HG 888 -4.21 66.40 -33.39
CA THR HG 888 -3.46 67.34 -32.56
C THR HG 888 -4.41 68.15 -31.70
N ILE HG 889 -4.25 68.07 -30.38
CA ILE HG 889 -4.96 68.96 -29.48
C ILE HG 889 -4.29 70.33 -29.51
N VAL HG 890 -5.08 71.37 -29.79
CA VAL HG 890 -4.53 72.70 -29.99
C VAL HG 890 -4.84 73.65 -28.82
N THR HG 891 -5.84 73.34 -28.00
CA THR HG 891 -6.20 74.24 -26.91
C THR HG 891 -6.21 73.51 -25.57
N GLY HG 892 -6.67 74.18 -24.53
CA GLY HG 892 -6.72 73.59 -23.21
C GLY HG 892 -5.37 73.65 -22.52
N LYS HG 893 -5.30 73.02 -21.34
CA LYS HG 893 -4.05 72.96 -20.59
C LYS HG 893 -2.97 72.20 -21.34
N LEU HG 894 -3.34 71.07 -21.96
CA LEU HG 894 -2.40 70.28 -22.72
C LEU HG 894 -2.19 70.90 -24.09
N LYS HG 895 -1.02 71.49 -24.30
CA LYS HG 895 -0.72 72.25 -25.51
C LYS HG 895 0.36 71.54 -26.30
N GLY HG 896 0.20 71.48 -27.61
CA GLY HG 896 1.16 70.78 -28.45
C GLY HG 896 1.07 69.28 -28.36
N SER HG 897 0.00 68.75 -27.77
CA SER HG 897 -0.15 67.32 -27.58
C SER HG 897 -0.79 66.68 -28.81
N LYS HG 898 -0.44 65.42 -29.07
CA LYS HG 898 -1.02 64.66 -30.17
C LYS HG 898 -1.68 63.39 -29.64
N LEU HG 899 -2.52 62.78 -30.48
CA LEU HG 899 -3.31 61.63 -30.06
C LEU HG 899 -3.45 60.68 -31.23
N ILE HG 900 -3.03 59.44 -31.06
CA ILE HG 900 -3.07 58.43 -32.10
C ILE HG 900 -4.01 57.31 -31.70
N GLY HG 901 -4.61 56.68 -32.71
CA GLY HG 901 -5.57 55.61 -32.51
C GLY HG 901 -6.03 55.02 -33.83
N SER HG 902 -7.28 54.56 -33.88
CA SER HG 902 -7.84 53.92 -35.07
C SER HG 902 -9.31 54.31 -35.17
N PHE HG 903 -10.06 53.58 -35.98
CA PHE HG 903 -11.48 53.82 -36.18
C PHE HG 903 -12.26 52.51 -36.10
N ASN HG 904 -13.56 52.59 -36.40
CA ASN HG 904 -14.44 51.44 -36.36
C ASN HG 904 -15.26 51.39 -37.64
N LEU HG 905 -15.78 50.21 -37.95
CA LEU HG 905 -16.63 50.02 -39.11
C LEU HG 905 -18.05 49.68 -38.68
N PRO HG 906 -19.02 50.56 -38.93
CA PRO HG 906 -20.40 50.27 -38.53
C PRO HG 906 -21.17 49.49 -39.58
N SER HG 907 -22.18 48.76 -39.11
CA SER HG 907 -23.06 48.03 -40.01
C SER HG 907 -23.97 48.96 -40.80
N ASN HG 908 -24.35 50.09 -40.21
CA ASN HG 908 -25.18 51.09 -40.87
C ASN HG 908 -24.35 52.34 -41.12
N ALA HG 909 -24.60 52.97 -42.26
CA ALA HG 909 -23.80 54.11 -42.71
C ALA HG 909 -24.36 55.44 -42.20
N ASP HG 910 -25.05 55.45 -41.07
CA ASP HG 910 -25.63 56.66 -40.52
C ASP HG 910 -24.65 57.47 -39.68
N LYS HG 911 -23.47 56.93 -39.37
CA LYS HG 911 -22.48 57.66 -38.60
C LYS HG 911 -21.12 57.03 -38.82
N MET HG 912 -20.08 57.72 -38.35
CA MET HG 912 -18.72 57.22 -38.37
C MET HG 912 -17.93 57.91 -37.27
N VAL HG 913 -17.18 57.12 -36.50
CA VAL HG 913 -16.47 57.62 -35.34
C VAL HG 913 -15.03 57.13 -35.38
N ILE HG 914 -14.20 57.75 -34.54
CA ILE HG 914 -12.76 57.49 -34.50
C ILE HG 914 -12.38 57.12 -33.07
N THR HG 915 -11.60 56.06 -32.91
CA THR HG 915 -11.12 55.63 -31.61
C THR HG 915 -9.73 56.24 -31.39
N PHE HG 916 -9.60 57.03 -30.33
CA PHE HG 916 -8.36 57.74 -30.05
C PHE HG 916 -7.97 57.52 -28.60
N ASN HG 917 -6.92 56.74 -28.39
CA ASN HG 917 -6.49 56.38 -27.05
C ASN HG 917 -5.07 56.80 -26.73
N THR HG 918 -4.10 56.50 -27.60
CA THR HG 918 -2.69 56.64 -27.25
C THR HG 918 -2.31 58.11 -27.36
N MET HG 919 -2.23 58.77 -26.20
CA MET HG 919 -1.97 60.22 -26.12
C MET HG 919 -0.48 60.45 -25.93
N SER HG 920 0.13 61.15 -26.89
CA SER HG 920 1.54 61.53 -26.81
C SER HG 920 1.61 63.02 -26.45
N ILE HG 921 2.04 63.32 -25.24
CA ILE HG 921 2.12 64.68 -24.74
C ILE HG 921 3.59 65.04 -24.56
N PRO HG 922 4.06 66.15 -25.12
CA PRO HG 922 5.46 66.55 -24.88
C PRO HG 922 5.67 67.07 -23.47
N GLY HG 923 6.86 67.60 -23.20
CA GLY HG 923 7.23 67.96 -21.85
C GLY HG 923 8.02 66.84 -21.20
N ALA HG 924 7.39 65.69 -21.06
CA ALA HG 924 8.06 64.46 -20.66
C ALA HG 924 7.70 63.36 -21.66
N GLU HG 925 8.66 62.45 -21.89
CA GLU HG 925 8.45 61.35 -22.82
C GLU HG 925 7.56 60.31 -22.15
N LYS HG 926 6.32 60.72 -21.90
CA LYS HG 926 5.30 59.86 -21.32
C LYS HG 926 4.19 59.68 -22.34
N THR HG 927 3.52 58.53 -22.26
CA THR HG 927 2.48 58.21 -23.23
C THR HG 927 1.27 57.69 -22.47
N ILE HG 928 0.39 58.60 -22.07
CA ILE HG 928 -0.87 58.22 -21.44
C ILE HG 928 -1.78 57.67 -22.53
N SER HG 929 -2.71 56.80 -22.15
CA SER HG 929 -3.56 56.15 -23.13
C SER HG 929 -5.04 56.41 -22.86
N ILE HG 930 -5.39 57.65 -22.56
CA ILE HG 930 -6.78 58.04 -22.35
C ILE HG 930 -7.52 57.86 -23.67
N SER HG 931 -8.57 57.06 -23.65
CA SER HG 931 -9.33 56.72 -24.85
C SER HG 931 -10.45 57.75 -25.03
N ALA HG 932 -10.63 58.19 -26.28
CA ALA HG 932 -11.61 59.22 -26.57
C ALA HG 932 -12.02 59.09 -28.05
N TYR HG 933 -13.12 59.75 -28.40
CA TYR HG 933 -13.70 59.69 -29.73
C TYR HG 933 -13.85 61.11 -30.28
N ALA HG 934 -14.57 61.23 -31.39
CA ALA HG 934 -14.78 62.51 -32.06
C ALA HG 934 -16.26 62.76 -32.30
N ILE HG 935 -16.62 64.03 -32.36
CA ILE HG 935 -17.99 64.47 -32.65
C ILE HG 935 -17.94 65.51 -33.76
N ASP HG 936 -19.10 65.76 -34.38
CA ASP HG 936 -19.19 66.74 -35.45
C ASP HG 936 -18.96 68.14 -34.90
N PRO HG 937 -17.97 68.87 -35.38
CA PRO HG 937 -17.71 70.22 -34.86
C PRO HG 937 -18.90 71.15 -35.06
N ASN HG 938 -19.18 71.94 -34.03
CA ASN HG 938 -20.25 72.95 -33.98
C ASN HG 938 -21.63 72.36 -34.25
N THR HG 939 -21.78 71.04 -34.25
CA THR HG 939 -23.06 70.41 -34.54
C THR HG 939 -23.56 69.64 -33.32
N ALA HG 940 -22.64 69.24 -32.45
CA ALA HG 940 -22.94 68.46 -31.25
C ALA HG 940 -23.64 67.15 -31.62
N ARG HG 941 -23.18 66.55 -32.72
CA ARG HG 941 -23.71 65.30 -33.20
C ARG HG 941 -22.56 64.37 -33.53
N THR HG 942 -22.87 63.09 -33.71
CA THR HG 942 -21.87 62.05 -33.88
C THR HG 942 -21.66 61.64 -35.32
N ALA HG 943 -22.53 62.06 -36.24
CA ALA HG 943 -22.43 61.62 -37.62
C ALA HG 943 -21.20 62.22 -38.30
N LEU HG 944 -20.79 61.58 -39.39
CA LEU HG 944 -19.63 62.01 -40.15
C LEU HG 944 -20.07 62.88 -41.33
N ALA HG 945 -19.33 63.97 -41.54
CA ALA HG 945 -19.59 64.87 -42.67
C ALA HG 945 -18.91 64.30 -43.91
N SER HG 946 -19.61 63.40 -44.60
CA SER HG 946 -19.09 62.75 -45.78
C SER HG 946 -20.26 62.22 -46.60
N ARG HG 947 -19.94 61.40 -47.59
CA ARG HG 947 -20.92 60.82 -48.50
C ARG HG 947 -21.17 59.36 -48.15
N THR HG 948 -22.39 58.90 -48.43
CA THR HG 948 -22.80 57.54 -48.12
C THR HG 948 -23.50 56.83 -49.26
N ASN HG 949 -23.60 57.44 -50.45
CA ASN HG 949 -24.27 56.84 -51.60
C ASN HG 949 -23.29 56.33 -52.63
N HIS HG 950 -22.18 55.74 -52.19
CA HIS HG 950 -21.09 55.41 -53.11
C HIS HG 950 -21.43 54.27 -54.05
N HIS HG 951 -22.01 53.18 -53.53
CA HIS HG 951 -22.18 51.97 -54.32
C HIS HG 951 -23.57 51.38 -54.13
N TYR HG 952 -24.59 52.21 -54.24
CA TYR HG 952 -25.96 51.74 -54.41
C TYR HG 952 -26.33 51.59 -55.89
N LEU HG 953 -26.12 52.67 -56.65
CA LEU HG 953 -26.56 52.71 -58.04
C LEU HG 953 -25.82 51.70 -58.91
N MET HG 954 -24.51 51.52 -58.67
CA MET HG 954 -23.74 50.59 -59.50
C MET HG 954 -24.30 49.17 -59.40
N ARG HG 955 -24.47 48.67 -58.18
CA ARG HG 955 -25.01 47.32 -58.03
C ARG HG 955 -26.46 47.22 -58.48
N TYR HG 956 -27.27 48.24 -58.17
CA TYR HG 956 -28.65 48.22 -58.66
C TYR HG 956 -28.70 48.09 -60.18
N GLY HG 957 -27.93 48.92 -60.88
CA GLY HG 957 -27.96 48.89 -62.33
C GLY HG 957 -27.40 47.61 -62.91
N SER HG 958 -26.30 47.10 -62.34
CA SER HG 958 -25.75 45.84 -62.81
C SER HG 958 -26.77 44.72 -62.68
N LEU HG 959 -27.39 44.60 -61.51
CA LEU HG 959 -28.37 43.54 -61.29
C LEU HG 959 -29.54 43.67 -62.25
N PHE HG 960 -30.11 44.87 -62.36
CA PHE HG 960 -31.28 45.06 -63.20
C PHE HG 960 -30.96 44.83 -64.67
N ALA HG 961 -29.77 45.25 -65.12
CA ALA HG 961 -29.40 45.01 -66.51
C ALA HG 961 -29.20 43.53 -66.79
N SER HG 962 -28.57 42.81 -65.87
CA SER HG 962 -28.41 41.36 -66.06
C SER HG 962 -29.77 40.68 -66.15
N SER HG 963 -30.69 41.06 -65.26
CA SER HG 963 -32.03 40.51 -65.32
C SER HG 963 -32.70 40.85 -66.63
N PHE HG 964 -32.57 42.09 -67.09
CA PHE HG 964 -33.20 42.48 -68.34
C PHE HG 964 -32.66 41.67 -69.51
N LEU HG 965 -31.36 41.38 -69.51
CA LEU HG 965 -30.79 40.52 -70.55
C LEU HG 965 -31.40 39.14 -70.52
N GLN HG 966 -31.44 38.53 -69.33
CA GLN HG 966 -32.07 37.22 -69.21
C GLN HG 966 -33.49 37.23 -69.76
N GLY HG 967 -34.29 38.19 -69.31
CA GLY HG 967 -35.67 38.26 -69.73
C GLY HG 967 -35.81 38.48 -71.22
N PHE HG 968 -34.94 39.33 -71.79
CA PHE HG 968 -35.09 39.64 -73.20
C PHE HG 968 -34.82 38.42 -74.05
N GLY HG 969 -33.70 37.74 -73.80
CA GLY HG 969 -33.42 36.54 -74.55
C GLY HG 969 -34.53 35.51 -74.41
N ASN HG 970 -34.90 35.18 -73.16
CA ASN HG 970 -35.86 34.09 -72.99
C ASN HG 970 -37.23 34.44 -73.55
N ALA HG 971 -37.72 35.65 -73.33
CA ALA HG 971 -39.07 36.00 -73.78
C ALA HG 971 -39.13 36.13 -75.29
N PHE HG 972 -38.11 36.75 -75.90
CA PHE HG 972 -38.14 36.85 -77.35
C PHE HG 972 -37.91 35.51 -78.03
N GLN HG 973 -37.29 34.54 -77.34
CA GLN HG 973 -37.28 33.18 -77.87
C GLN HG 973 -38.65 32.52 -77.71
N SER HG 974 -39.29 32.71 -76.56
CA SER HG 974 -40.58 32.08 -76.31
C SER HG 974 -41.65 32.56 -77.28
N ALA HG 975 -41.64 33.84 -77.60
CA ALA HG 975 -42.68 34.40 -78.47
C ALA HG 975 -42.37 34.23 -79.95
N ASN HG 976 -41.44 33.34 -80.30
CA ASN HG 976 -41.09 33.15 -81.71
C ASN HG 976 -42.24 32.57 -82.52
N THR HG 977 -43.00 31.63 -81.96
CA THR HG 977 -44.06 30.99 -82.74
C THR HG 977 -45.19 31.96 -83.05
N THR HG 978 -45.68 32.67 -82.05
CA THR HG 978 -46.81 33.58 -82.25
C THR HG 978 -46.33 35.02 -82.47
N SER HG 999 -32.73 37.21 -88.87
CA SER HG 999 -31.80 36.46 -88.04
C SER HG 999 -31.20 37.34 -86.96
N THR HG 1000 -31.23 38.65 -87.19
CA THR HG 1000 -30.67 39.59 -86.22
C THR HG 1000 -31.42 39.54 -84.90
N LEU HG 1001 -32.75 39.45 -84.94
CA LEU HG 1001 -33.51 39.33 -83.70
C LEU HG 1001 -33.18 38.03 -82.98
N GLU HG 1002 -32.95 36.95 -83.74
CA GLU HG 1002 -32.51 35.70 -83.13
C GLU HG 1002 -31.16 35.85 -82.46
N ASN HG 1003 -30.24 36.59 -83.10
CA ASN HG 1003 -28.94 36.83 -82.47
C ASN HG 1003 -29.08 37.64 -81.19
N ALA HG 1004 -29.98 38.62 -81.18
CA ALA HG 1004 -30.26 39.35 -79.97
C ALA HG 1004 -30.79 38.44 -78.87
N VAL HG 1005 -31.73 37.55 -79.24
CA VAL HG 1005 -32.23 36.55 -78.30
C VAL HG 1005 -31.07 35.74 -77.74
N ILE HG 1006 -30.20 35.28 -78.62
CA ILE HG 1006 -29.02 34.51 -78.24
C ILE HG 1006 -28.24 35.25 -77.17
N GLY HG 1007 -27.77 36.45 -77.49
CA GLY HG 1007 -26.90 37.16 -76.59
C GLY HG 1007 -27.56 37.44 -75.25
N LEU HG 1008 -28.77 37.98 -75.28
CA LEU HG 1008 -29.44 38.34 -74.04
C LEU HG 1008 -29.69 37.10 -73.18
N ALA HG 1009 -30.33 36.08 -73.75
CA ALA HG 1009 -30.69 34.89 -72.99
C ALA HG 1009 -29.48 34.20 -72.40
N THR HG 1010 -28.37 34.16 -73.12
CA THR HG 1010 -27.27 33.36 -72.63
C THR HG 1010 -26.28 34.13 -71.76
N VAL HG 1011 -26.07 35.43 -72.01
CA VAL HG 1011 -25.15 36.19 -71.18
C VAL HG 1011 -25.84 36.85 -70.00
N GLY HG 1012 -27.17 36.81 -69.93
CA GLY HG 1012 -27.84 37.37 -68.76
C GLY HG 1012 -27.57 36.57 -67.50
N LYS HG 1013 -27.52 35.24 -67.61
CA LYS HG 1013 -27.50 34.39 -66.42
C LYS HG 1013 -26.21 34.52 -65.63
N ALA HG 1014 -25.06 34.42 -66.31
CA ALA HG 1014 -23.79 34.53 -65.61
C ALA HG 1014 -23.63 35.92 -65.00
N TRP HG 1015 -23.99 36.96 -65.75
CA TRP HG 1015 -23.95 38.31 -65.20
C TRP HG 1015 -24.85 38.43 -63.99
N SER HG 1016 -26.04 37.85 -64.04
CA SER HG 1016 -26.98 37.96 -62.92
C SER HG 1016 -26.44 37.26 -61.68
N GLN HG 1017 -25.89 36.05 -61.84
CA GLN HG 1017 -25.38 35.35 -60.68
C GLN HG 1017 -24.16 36.05 -60.09
N GLN HG 1018 -23.25 36.56 -60.94
CA GLN HG 1018 -22.11 37.29 -60.41
C GLN HG 1018 -22.55 38.58 -59.72
N ALA HG 1019 -23.53 39.27 -60.29
CA ALA HG 1019 -24.03 40.50 -59.68
C ALA HG 1019 -24.69 40.22 -58.34
N GLN HG 1020 -25.44 39.13 -58.24
CA GLN HG 1020 -26.00 38.74 -56.94
C GLN HG 1020 -24.88 38.40 -55.96
N GLN HG 1021 -23.81 37.78 -56.46
CA GLN HG 1021 -22.68 37.47 -55.61
C GLN HG 1021 -22.05 38.73 -55.03
N LEU HG 1022 -21.85 39.75 -55.87
CA LEU HG 1022 -21.16 40.97 -55.45
C LEU HG 1022 -22.11 42.04 -54.94
N PHE HG 1023 -23.41 41.76 -54.90
CA PHE HG 1023 -24.39 42.79 -54.56
C PHE HG 1023 -24.30 43.19 -53.10
N ASN HG 1024 -23.69 42.36 -52.27
CA ASN HG 1024 -23.63 42.58 -50.83
C ASN HG 1024 -22.59 43.63 -50.42
N THR HG 1025 -22.03 44.36 -51.37
CA THR HG 1025 -21.02 45.36 -51.04
C THR HG 1025 -21.66 46.57 -50.36
N PRO HG 1026 -21.22 46.94 -49.17
CA PRO HG 1026 -21.77 48.11 -48.49
C PRO HG 1026 -21.17 49.40 -49.05
N THR HG 1027 -21.88 50.50 -48.81
CA THR HG 1027 -21.42 51.83 -49.18
C THR HG 1027 -20.53 52.36 -48.06
N THR HG 1028 -19.34 52.81 -48.42
CA THR HG 1028 -18.35 53.20 -47.43
C THR HG 1028 -18.49 54.69 -47.07
N VAL HG 1029 -17.80 55.09 -46.00
CA VAL HG 1029 -17.69 56.48 -45.59
C VAL HG 1029 -16.21 56.81 -45.43
N GLU HG 1030 -15.89 58.09 -45.51
CA GLU HG 1030 -14.50 58.53 -45.45
C GLU HG 1030 -14.42 59.93 -44.87
N VAL HG 1031 -13.58 60.09 -43.84
CA VAL HG 1031 -13.37 61.41 -43.26
C VAL HG 1031 -12.50 62.26 -44.18
N TYR HG 1032 -12.43 63.54 -43.87
CA TYR HG 1032 -11.60 64.48 -44.61
C TYR HG 1032 -10.46 65.00 -43.74
N SER HG 1033 -9.34 65.34 -44.37
CA SER HG 1033 -8.11 65.66 -43.66
C SER HG 1033 -7.97 67.13 -43.32
N GLY HG 1034 -9.06 67.90 -43.32
CA GLY HG 1034 -8.96 69.32 -43.05
C GLY HG 1034 -10.06 69.89 -42.17
N THR HG 1035 -10.58 69.08 -41.24
CA THR HG 1035 -11.66 69.52 -40.37
C THR HG 1035 -11.28 69.24 -38.92
N GLY HG 1036 -11.56 70.20 -38.04
CA GLY HG 1036 -11.34 70.02 -36.62
C GLY HG 1036 -12.37 69.11 -36.01
N LEU HG 1037 -12.13 68.75 -34.74
CA LEU HG 1037 -12.96 67.76 -34.08
C LEU HG 1037 -13.08 68.10 -32.60
N GLY HG 1038 -14.12 67.55 -31.98
CA GLY HG 1038 -14.34 67.67 -30.56
C GLY HG 1038 -14.20 66.32 -29.87
N ILE HG 1039 -13.60 66.35 -28.69
CA ILE HG 1039 -13.20 65.15 -27.97
C ILE HG 1039 -13.79 65.20 -26.56
N LEU HG 1040 -14.58 64.19 -26.21
CA LEU HG 1040 -15.10 64.07 -24.86
C LEU HG 1040 -14.27 63.04 -24.09
N PHE HG 1041 -13.95 63.36 -22.84
CA PHE HG 1041 -13.11 62.52 -22.00
C PHE HG 1041 -13.88 61.30 -21.52
N THR HG 1042 -13.12 60.24 -21.22
CA THR HG 1042 -13.68 58.99 -20.71
C THR HG 1042 -13.11 58.61 -19.36
N GLN HG 1043 -11.82 58.80 -19.13
CA GLN HG 1043 -11.20 58.56 -17.84
C GLN HG 1043 -10.27 59.72 -17.49
N ASP HG 1044 -10.01 59.86 -16.19
CA ASP HG 1044 -9.19 60.95 -15.70
C ASP HG 1044 -7.70 60.59 -15.80
N VAL HG 1045 -6.86 61.60 -16.01
CA VAL HG 1045 -5.42 61.44 -16.10
C VAL HG 1045 -4.77 62.57 -15.29
N THR HG 1046 -3.44 62.60 -15.33
CA THR HG 1046 -2.69 63.63 -14.61
C THR HG 1046 -1.48 64.09 -15.43
N ILE IG 862 15.46 59.66 -29.30
CA ILE IG 862 14.11 59.75 -28.76
C ILE IG 862 13.13 60.15 -29.86
N ILE IG 863 12.28 59.22 -30.27
CA ILE IG 863 11.29 59.43 -31.31
C ILE IG 863 9.92 59.50 -30.66
N LYS IG 864 9.16 60.55 -30.98
CA LYS IG 864 7.85 60.76 -30.40
C LYS IG 864 6.94 59.56 -30.64
N THR IG 865 5.91 59.44 -29.81
CA THR IG 865 5.00 58.31 -29.90
C THR IG 865 4.12 58.46 -31.13
N GLY IG 866 4.54 57.85 -32.24
CA GLY IG 866 3.76 57.88 -33.47
C GLY IG 866 3.89 59.18 -34.24
N ASP IG 867 5.12 59.55 -34.60
CA ASP IG 867 5.39 60.81 -35.29
C ASP IG 867 5.55 60.56 -36.79
N ILE IG 868 5.72 61.65 -37.53
CA ILE IG 868 5.72 61.63 -38.99
C ILE IG 868 7.11 61.98 -39.49
N MET IG 869 7.65 61.13 -40.36
CA MET IG 869 8.93 61.34 -41.03
C MET IG 869 8.73 61.18 -42.52
N PHE IG 870 9.79 61.43 -43.29
CA PHE IG 870 9.73 61.37 -44.74
C PHE IG 870 10.84 60.47 -45.27
N ALA IG 871 10.50 59.65 -46.26
CA ALA IG 871 11.45 58.72 -46.85
C ALA IG 871 11.26 58.71 -48.36
N VAL IG 872 12.10 57.93 -49.05
CA VAL IG 872 12.04 57.80 -50.49
C VAL IG 872 12.13 56.33 -50.86
N LEU IG 873 11.26 55.89 -51.75
CA LEU IG 873 11.20 54.51 -52.21
C LEU IG 873 11.71 54.41 -53.64
N ASP IG 874 12.46 53.35 -53.92
CA ASP IG 874 13.15 53.24 -55.19
C ASP IG 874 12.86 51.94 -55.94
N THR IG 875 12.72 50.83 -55.22
CA THR IG 875 12.51 49.54 -55.87
C THR IG 875 11.02 49.19 -55.86
N SER IG 876 10.48 48.85 -57.02
CA SER IG 876 9.05 48.61 -57.15
C SER IG 876 8.74 47.14 -57.42
N VAL IG 877 7.48 46.77 -57.21
CA VAL IG 877 7.00 45.41 -57.45
C VAL IG 877 5.48 45.46 -57.52
N ASN IG 878 4.90 44.42 -58.12
CA ASN IG 878 3.45 44.29 -58.19
C ASN IG 878 2.93 43.61 -56.92
N SER IG 879 1.65 43.84 -56.64
CA SER IG 879 1.01 43.23 -55.48
C SER IG 879 0.65 41.79 -55.76
N ASP IG 880 1.62 40.99 -56.15
CA ASP IG 880 1.35 39.59 -56.50
C ASP IG 880 2.24 38.61 -55.77
N GLU IG 881 3.51 38.94 -55.53
CA GLU IG 881 4.47 38.02 -54.96
C GLU IG 881 5.25 38.71 -53.86
N PRO IG 882 5.20 38.20 -52.62
CA PRO IG 882 5.96 38.84 -51.53
C PRO IG 882 7.46 38.78 -51.79
N GLY IG 883 8.14 39.80 -51.30
CA GLY IG 883 9.58 39.89 -51.43
C GLY IG 883 10.15 41.04 -50.63
N PRO IG 884 11.47 41.05 -50.45
CA PRO IG 884 12.10 42.16 -49.71
C PRO IG 884 12.09 43.45 -50.51
N ILE IG 885 11.59 44.53 -49.92
CA ILE IG 885 11.58 45.85 -50.54
C ILE IG 885 12.27 46.82 -49.60
N LEU IG 886 13.15 47.66 -50.15
CA LEU IG 886 13.99 48.56 -49.36
C LEU IG 886 13.79 50.00 -49.78
N ALA IG 887 13.79 50.90 -48.79
CA ALA IG 887 13.68 52.34 -48.98
C ALA IG 887 14.68 53.05 -48.08
N THR IG 888 14.72 54.38 -48.17
CA THR IG 888 15.68 55.18 -47.41
C THR IG 888 15.01 56.44 -46.89
N ILE IG 889 15.17 56.70 -45.59
CA ILE IG 889 14.73 57.97 -45.00
C ILE IG 889 15.59 59.10 -45.55
N VAL IG 890 14.96 60.22 -45.89
CA VAL IG 890 15.66 61.31 -46.53
C VAL IG 890 15.87 62.52 -45.63
N THR IG 891 15.01 62.73 -44.64
CA THR IG 891 15.15 63.90 -43.78
C THR IG 891 14.94 63.56 -42.31
N GLY IG 892 14.85 64.59 -41.47
CA GLY IG 892 14.63 64.41 -40.04
C GLY IG 892 15.92 64.14 -39.30
N LYS IG 893 15.78 63.70 -38.05
CA LYS IG 893 16.95 63.38 -37.23
C LYS IG 893 17.76 62.25 -37.82
N LEU IG 894 17.10 61.16 -38.22
CA LEU IG 894 17.79 60.03 -38.83
C LEU IG 894 18.11 60.35 -40.29
N LYS IG 895 19.37 60.15 -40.67
CA LYS IG 895 19.83 60.43 -42.02
C LYS IG 895 20.58 59.23 -42.55
N GLY IG 896 20.37 58.91 -43.84
CA GLY IG 896 21.02 57.78 -44.44
C GLY IG 896 20.47 56.43 -44.03
N SER IG 897 19.38 56.43 -43.26
CA SER IG 897 18.84 55.17 -42.74
C SER IG 897 18.08 54.44 -43.83
N LYS IG 898 18.25 53.13 -43.89
CA LYS IG 898 17.55 52.28 -44.84
C LYS IG 898 16.55 51.40 -44.11
N LEU IG 899 15.56 50.90 -44.84
CA LEU IG 899 14.44 50.19 -44.24
C LEU IG 899 13.98 49.10 -45.18
N ILE IG 900 13.92 47.87 -44.67
CA ILE IG 900 13.52 46.69 -45.44
C ILE IG 900 12.21 46.16 -44.88
N GLY IG 901 11.34 45.71 -45.79
CA GLY IG 901 10.08 45.10 -45.41
C GLY IG 901 9.38 44.41 -46.56
N SER IG 902 8.06 44.31 -46.49
CA SER IG 902 7.27 43.67 -47.53
C SER IG 902 5.94 44.42 -47.65
N PHE IG 903 4.98 43.82 -48.34
CA PHE IG 903 3.68 44.43 -48.57
C PHE IG 903 2.56 43.54 -48.03
N ASN IG 904 1.34 44.05 -48.12
CA ASN IG 904 0.15 43.32 -47.72
C ASN IG 904 -0.94 43.55 -48.77
N LEU IG 905 -1.87 42.59 -48.86
CA LEU IG 905 -2.92 42.67 -49.86
C LEU IG 905 -4.28 42.82 -49.18
N PRO IG 906 -5.03 43.86 -49.52
CA PRO IG 906 -6.38 44.01 -48.98
C PRO IG 906 -7.43 43.35 -49.86
N SER IG 907 -8.56 42.99 -49.24
CA SER IG 907 -9.66 42.40 -49.97
C SER IG 907 -10.24 43.36 -51.00
N ASN IG 908 -10.35 44.64 -50.67
CA ASN IG 908 -10.76 45.67 -51.60
C ASN IG 908 -9.53 46.43 -52.05
N ALA IG 909 -9.46 46.72 -53.36
CA ALA IG 909 -8.29 47.33 -53.96
C ALA IG 909 -8.30 48.84 -53.86
N ASP IG 910 -9.04 49.41 -52.91
CA ASP IG 910 -9.15 50.85 -52.75
C ASP IG 910 -7.92 51.47 -52.09
N LYS IG 911 -6.98 50.65 -51.61
CA LYS IG 911 -5.75 51.17 -51.02
C LYS IG 911 -4.68 50.10 -51.12
N MET IG 912 -3.45 50.52 -50.85
CA MET IG 912 -2.31 49.60 -50.82
C MET IG 912 -1.23 50.21 -49.94
N VAL IG 913 -0.71 49.41 -49.00
CA VAL IG 913 0.28 49.88 -48.06
C VAL IG 913 1.42 48.87 -47.99
N ILE IG 914 2.50 49.27 -47.33
CA ILE IG 914 3.75 48.51 -47.29
C ILE IG 914 4.08 48.21 -45.83
N THR IG 915 4.50 46.98 -45.56
CA THR IG 915 4.98 46.60 -44.24
C THR IG 915 6.49 46.83 -44.19
N PHE IG 916 6.92 47.75 -43.34
CA PHE IG 916 8.33 48.12 -43.23
C PHE IG 916 8.75 47.97 -41.79
N ASN IG 917 9.67 47.05 -41.53
CA ASN IG 917 10.01 46.69 -40.17
C ASN IG 917 11.49 46.81 -39.84
N THR IG 918 12.37 46.42 -40.75
CA THR IG 918 13.80 46.33 -40.43
C THR IG 918 14.48 47.64 -40.78
N MET IG 919 14.71 48.48 -39.77
CA MET IG 919 15.33 49.79 -39.92
C MET IG 919 16.80 49.68 -39.53
N SER IG 920 17.69 49.90 -40.49
CA SER IG 920 19.12 49.91 -40.24
C SER IG 920 19.67 51.29 -40.51
N ILE IG 921 20.28 51.90 -39.51
CA ILE IG 921 20.95 53.19 -39.63
C ILE IG 921 22.45 52.94 -39.69
N PRO IG 922 23.13 53.31 -40.78
CA PRO IG 922 24.56 53.02 -40.88
C PRO IG 922 25.39 53.82 -39.90
N GLY IG 923 26.70 53.63 -39.93
CA GLY IG 923 27.58 54.24 -38.94
C GLY IG 923 27.84 53.32 -37.76
N ALA IG 924 26.80 53.05 -36.97
CA ALA IG 924 26.88 52.13 -35.85
C ALA IG 924 26.04 50.89 -36.15
N GLU IG 925 26.57 49.73 -35.76
CA GLU IG 925 25.96 48.44 -36.06
C GLU IG 925 24.75 48.24 -35.14
N LYS IG 926 23.66 48.90 -35.49
CA LYS IG 926 22.41 48.76 -34.76
C LYS IG 926 21.28 48.51 -35.76
N THR IG 927 20.28 47.74 -35.32
CA THR IG 927 19.12 47.44 -36.15
C THR IG 927 17.91 47.43 -35.23
N ILE IG 928 17.26 48.59 -35.11
CA ILE IG 928 16.06 48.69 -34.28
C ILE IG 928 14.91 48.01 -35.01
N SER IG 929 13.83 47.73 -34.28
CA SER IG 929 12.72 46.99 -34.86
C SER IG 929 11.47 47.87 -34.95
N ILE IG 930 11.64 49.12 -35.35
CA ILE IG 930 10.50 50.00 -35.57
C ILE IG 930 9.81 49.58 -36.85
N SER IG 931 8.56 49.17 -36.73
CA SER IG 931 7.74 48.80 -37.88
C SER IG 931 6.87 49.99 -38.27
N ALA IG 932 6.88 50.33 -39.55
CA ALA IG 932 6.17 51.52 -40.01
C ALA IG 932 5.56 51.21 -41.38
N TYR IG 933 4.73 52.14 -41.86
CA TYR IG 933 4.04 52.03 -43.13
C TYR IG 933 4.34 53.25 -43.97
N ALA IG 934 3.59 53.41 -45.05
CA ALA IG 934 3.67 54.58 -45.92
C ALA IG 934 2.29 55.22 -46.07
N ILE IG 935 2.26 56.55 -46.01
CA ILE IG 935 1.07 57.33 -46.27
C ILE IG 935 1.30 58.18 -47.50
N ASP IG 936 0.31 58.23 -48.38
CA ASP IG 936 0.49 58.88 -49.68
C ASP IG 936 0.72 60.37 -49.50
N PRO IG 937 1.74 60.92 -50.14
CA PRO IG 937 2.04 62.35 -49.96
C PRO IG 937 0.91 63.25 -50.45
N ASN IG 938 0.74 64.38 -49.77
CA ASN IG 938 -0.22 65.44 -50.05
C ASN IG 938 -1.65 64.93 -50.14
N THR IG 939 -1.94 63.73 -49.66
CA THR IG 939 -3.31 63.22 -49.64
C THR IG 939 -3.71 62.95 -48.21
N ALA IG 940 -2.71 62.73 -47.35
CA ALA IG 940 -2.90 62.39 -45.95
C ALA IG 940 -3.83 61.18 -45.82
N ARG IG 941 -3.70 60.27 -46.79
CA ARG IG 941 -4.57 59.12 -46.92
C ARG IG 941 -3.74 57.93 -47.39
N THR IG 942 -4.33 56.74 -47.29
CA THR IG 942 -3.62 55.49 -47.53
C THR IG 942 -3.70 55.02 -48.97
N ALA IG 943 -4.37 55.76 -49.85
CA ALA IG 943 -4.44 55.36 -51.24
C ALA IG 943 -3.04 55.31 -51.86
N LEU IG 944 -2.80 54.30 -52.69
CA LEU IG 944 -1.48 54.06 -53.25
C LEU IG 944 -1.48 54.37 -54.74
N ALA IG 945 -0.30 54.76 -55.25
CA ALA IG 945 -0.13 55.07 -56.66
C ALA IG 945 -0.12 53.77 -57.46
N SER IG 946 -1.31 53.34 -57.85
CA SER IG 946 -1.50 52.11 -58.61
C SER IG 946 -2.87 52.16 -59.27
N ARG IG 947 -3.17 51.14 -60.06
CA ARG IG 947 -4.44 51.03 -60.77
C ARG IG 947 -5.24 49.84 -60.22
N THR IG 948 -6.57 49.92 -60.42
CA THR IG 948 -7.47 48.95 -59.83
C THR IG 948 -8.40 48.27 -60.82
N ASN IG 949 -8.45 48.70 -62.08
CA ASN IG 949 -9.34 48.14 -63.09
C ASN IG 949 -8.61 47.27 -64.09
N HIS IG 950 -7.60 46.53 -63.64
CA HIS IG 950 -6.73 45.82 -64.58
C HIS IG 950 -7.41 44.61 -65.21
N HIS IG 951 -8.24 43.88 -64.46
CA HIS IG 951 -8.75 42.59 -64.93
C HIS IG 951 -10.24 42.48 -64.69
N TYR IG 952 -11.00 43.49 -65.12
CA TYR IG 952 -12.45 43.39 -65.20
C TYR IG 952 -12.92 43.05 -66.61
N LEU IG 953 -12.51 43.86 -67.59
CA LEU IG 953 -13.04 43.73 -68.94
C LEU IG 953 -12.64 42.41 -69.58
N MET IG 954 -11.43 41.92 -69.32
CA MET IG 954 -10.99 40.68 -69.92
C MET IG 954 -11.92 39.54 -69.56
N ARG IG 955 -12.16 39.33 -68.26
CA ARG IG 955 -13.03 38.23 -67.84
C ARG IG 955 -14.48 38.49 -68.22
N TYR IG 956 -14.95 39.74 -68.13
CA TYR IG 956 -16.32 40.03 -68.54
C TYR IG 956 -16.55 39.66 -69.99
N GLY IG 957 -15.65 40.10 -70.88
CA GLY IG 957 -15.79 39.79 -72.28
C GLY IG 957 -15.68 38.31 -72.58
N SER IG 958 -14.72 37.63 -71.94
CA SER IG 958 -14.58 36.19 -72.19
C SER IG 958 -15.83 35.43 -71.79
N LEU IG 959 -16.36 35.72 -70.59
CA LEU IG 959 -17.56 35.05 -70.12
C LEU IG 959 -18.75 35.33 -71.03
N PHE IG 960 -18.96 36.61 -71.35
CA PHE IG 960 -20.10 36.96 -72.18
C PHE IG 960 -19.99 36.35 -73.57
N ALA IG 961 -18.78 36.29 -74.14
CA ALA IG 961 -18.63 35.69 -75.45
C ALA IG 961 -18.87 34.18 -75.42
N SER IG 962 -18.39 33.51 -74.38
CA SER IG 962 -18.68 32.08 -74.26
C SER IG 962 -20.18 31.82 -74.16
N SER IG 963 -20.86 32.63 -73.35
CA SER IG 963 -22.31 32.52 -73.27
C SER IG 963 -22.97 32.78 -74.62
N PHE IG 964 -22.50 33.79 -75.34
CA PHE IG 964 -23.08 34.12 -76.63
C PHE IG 964 -22.92 32.96 -77.60
N LEU IG 965 -21.77 32.30 -77.57
CA LEU IG 965 -21.57 31.14 -78.42
C LEU IG 965 -22.56 30.03 -78.09
N GLN IG 966 -22.71 29.73 -76.80
CA GLN IG 966 -23.71 28.74 -76.38
C GLN IG 966 -25.08 29.10 -76.94
N GLY IG 967 -25.50 30.35 -76.70
CA GLY IG 967 -26.82 30.77 -77.12
C GLY IG 967 -27.00 30.70 -78.62
N PHE IG 968 -25.97 31.08 -79.37
CA PHE IG 968 -26.11 31.10 -80.82
C PHE IG 968 -26.28 29.70 -81.36
N GLY IG 969 -25.42 28.79 -80.92
CA GLY IG 969 -25.56 27.42 -81.37
C GLY IG 969 -26.93 26.85 -81.04
N ASN IG 970 -27.34 26.93 -79.78
CA ASN IG 970 -28.61 26.30 -79.41
C ASN IG 970 -29.80 26.97 -80.09
N ALA IG 971 -29.82 28.30 -80.17
CA ALA IG 971 -30.99 28.97 -80.72
C ALA IG 971 -31.09 28.77 -82.23
N PHE IG 972 -29.97 28.82 -82.94
CA PHE IG 972 -30.05 28.58 -84.37
C PHE IG 972 -30.25 27.10 -84.70
N GLN IG 973 -29.96 26.20 -83.76
CA GLN IG 973 -30.43 24.83 -83.94
C GLN IG 973 -31.93 24.72 -83.73
N SER IG 974 -32.45 25.41 -82.71
CA SER IG 974 -33.88 25.33 -82.42
C SER IG 974 -34.72 25.94 -83.54
N ALA IG 975 -34.27 27.05 -84.11
CA ALA IG 975 -35.04 27.78 -85.10
C ALA IG 975 -35.04 27.10 -86.47
N ASN IG 976 -34.46 25.91 -86.59
CA ASN IG 976 -34.42 25.23 -87.88
C ASN IG 976 -35.82 24.83 -88.35
N THR IG 977 -36.66 24.32 -87.45
CA THR IG 977 -38.01 23.91 -87.85
C THR IG 977 -38.91 25.10 -88.13
N THR IG 978 -38.87 26.11 -87.25
CA THR IG 978 -39.74 27.27 -87.40
C THR IG 978 -39.02 28.44 -88.05
N SER IG 999 -26.60 24.58 -94.60
CA SER IG 999 -25.39 23.79 -94.35
C SER IG 999 -24.40 24.59 -93.50
N THR IG 1000 -23.91 25.70 -94.04
CA THR IG 1000 -22.98 26.54 -93.30
C THR IG 1000 -23.66 27.14 -92.07
N LEU IG 1001 -24.96 27.40 -92.13
CA LEU IG 1001 -25.69 27.83 -90.95
C LEU IG 1001 -25.64 26.76 -89.87
N GLU IG 1002 -25.85 25.50 -90.26
CA GLU IG 1002 -25.75 24.41 -89.30
C GLU IG 1002 -24.33 24.28 -88.77
N ASN IG 1003 -23.34 24.59 -89.60
CA ASN IG 1003 -21.95 24.55 -89.13
C ASN IG 1003 -21.69 25.65 -88.11
N ALA IG 1004 -22.26 26.83 -88.31
CA ALA IG 1004 -22.19 27.87 -87.30
C ALA IG 1004 -22.84 27.42 -86.00
N VAL IG 1005 -24.03 26.79 -86.12
CA VAL IG 1005 -24.67 26.19 -84.96
C VAL IG 1005 -23.70 25.25 -84.25
N ILE IG 1006 -23.08 24.37 -85.03
CA ILE IG 1006 -22.10 23.42 -84.52
C ILE IG 1006 -21.05 24.14 -83.67
N GLY IG 1007 -20.32 25.04 -84.30
CA GLY IG 1007 -19.18 25.64 -83.62
C GLY IG 1007 -19.58 26.38 -82.37
N LEU IG 1008 -20.58 27.26 -82.49
CA LEU IG 1008 -20.95 28.08 -81.35
C LEU IG 1008 -21.54 27.22 -80.22
N ALA IG 1009 -22.49 26.35 -80.56
CA ALA IG 1009 -23.14 25.52 -79.55
C ALA IG 1009 -22.14 24.66 -78.78
N THR IG 1010 -21.15 24.10 -79.47
CA THR IG 1010 -20.28 23.18 -78.77
C THR IG 1010 -19.07 23.82 -78.12
N VAL IG 1011 -18.56 24.94 -78.64
CA VAL IG 1011 -17.42 25.58 -78.01
C VAL IG 1011 -17.83 26.62 -76.98
N GLY IG 1012 -19.11 26.99 -76.90
CA GLY IG 1012 -19.54 27.89 -75.85
C GLY IG 1012 -19.43 27.28 -74.47
N LYS IG 1013 -19.71 25.97 -74.35
CA LYS IG 1013 -19.89 25.36 -73.04
C LYS IG 1013 -18.59 25.24 -72.27
N ALA IG 1014 -17.56 24.66 -72.88
CA ALA IG 1014 -16.28 24.52 -72.20
C ALA IG 1014 -15.69 25.88 -71.88
N TRP IG 1015 -15.80 26.81 -72.82
CA TRP IG 1015 -15.32 28.17 -72.56
C TRP IG 1015 -16.05 28.81 -71.39
N SER IG 1016 -17.37 28.64 -71.31
CA SER IG 1016 -18.14 29.23 -70.23
C SER IG 1016 -17.76 28.64 -68.88
N GLN IG 1017 -17.60 27.31 -68.82
CA GLN IG 1017 -17.24 26.72 -67.54
C GLN IG 1017 -15.82 27.11 -67.13
N GLN IG 1018 -14.89 27.19 -68.08
CA GLN IG 1018 -13.55 27.66 -67.72
C GLN IG 1018 -13.55 29.12 -67.30
N ALA IG 1019 -14.42 29.94 -67.92
CA ALA IG 1019 -14.54 31.32 -67.51
C ALA IG 1019 -15.07 31.44 -66.09
N GLN IG 1020 -16.07 30.63 -65.75
CA GLN IG 1020 -16.53 30.59 -64.36
C GLN IG 1020 -15.41 30.12 -63.43
N GLN IG 1021 -14.58 29.20 -63.91
CA GLN IG 1021 -13.44 28.74 -63.12
C GLN IG 1021 -12.45 29.87 -62.84
N LEU IG 1022 -12.16 30.69 -63.84
CA LEU IG 1022 -11.11 31.70 -63.73
C LEU IG 1022 -11.64 33.08 -63.39
N PHE IG 1023 -12.94 33.23 -63.16
CA PHE IG 1023 -13.53 34.56 -63.04
C PHE IG 1023 -13.05 35.30 -61.78
N ASN IG 1024 -12.45 34.59 -60.84
CA ASN IG 1024 -12.10 35.17 -59.55
C ASN IG 1024 -10.68 35.70 -59.48
N THR IG 1025 -10.03 35.93 -60.62
CA THR IG 1025 -8.66 36.46 -60.59
C THR IG 1025 -8.68 37.91 -60.11
N PRO IG 1026 -7.96 38.24 -59.05
CA PRO IG 1026 -7.97 39.61 -58.52
C PRO IG 1026 -7.32 40.59 -59.48
N THR IG 1027 -7.81 41.82 -59.44
CA THR IG 1027 -7.21 42.92 -60.20
C THR IG 1027 -6.04 43.46 -59.38
N THR IG 1028 -4.84 43.05 -59.75
CA THR IG 1028 -3.65 43.36 -58.96
C THR IG 1028 -3.23 44.81 -59.16
N VAL IG 1029 -2.45 45.30 -58.19
CA VAL IG 1029 -1.91 46.64 -58.23
C VAL IG 1029 -0.39 46.54 -58.18
N GLU IG 1030 0.27 47.63 -58.55
CA GLU IG 1030 1.73 47.65 -58.59
C GLU IG 1030 2.23 49.00 -58.08
N VAL IG 1031 3.17 48.97 -57.13
CA VAL IG 1031 3.79 50.20 -56.67
C VAL IG 1031 4.73 50.73 -57.74
N TYR IG 1032 5.14 51.99 -57.58
CA TYR IG 1032 6.02 52.63 -58.54
C TYR IG 1032 7.41 52.81 -57.95
N SER IG 1033 8.40 52.94 -58.84
CA SER IG 1033 9.80 52.87 -58.45
C SER IG 1033 10.46 54.22 -58.25
N GLY IG 1034 9.71 55.31 -58.21
CA GLY IG 1034 10.32 56.61 -58.05
C GLY IG 1034 9.55 57.56 -57.14
N THR IG 1035 8.77 57.01 -56.22
CA THR IG 1035 7.90 57.80 -55.37
C THR IG 1035 8.44 57.77 -53.94
N GLY IG 1036 8.52 58.95 -53.32
CA GLY IG 1036 8.79 59.04 -51.91
C GLY IG 1036 7.59 58.60 -51.09
N LEU IG 1037 7.68 58.81 -49.79
CA LEU IG 1037 6.61 58.37 -48.90
C LEU IG 1037 6.69 59.12 -47.58
N GLY IG 1038 5.53 59.20 -46.91
CA GLY IG 1038 5.45 59.66 -45.55
C GLY IG 1038 5.28 58.46 -44.62
N ILE IG 1039 5.98 58.51 -43.49
CA ILE IG 1039 6.06 57.39 -42.57
C ILE IG 1039 5.51 57.83 -41.22
N LEU IG 1040 4.54 57.08 -40.71
CA LEU IG 1040 4.08 57.27 -39.34
C LEU IG 1040 4.61 56.14 -38.47
N PHE IG 1041 5.29 56.51 -37.39
CA PHE IG 1041 5.95 55.54 -36.54
C PHE IG 1041 4.96 54.85 -35.62
N THR IG 1042 5.38 53.71 -35.08
CA THR IG 1042 4.52 52.91 -34.22
C THR IG 1042 5.04 52.82 -32.80
N GLN IG 1043 6.35 52.72 -32.62
CA GLN IG 1043 6.95 52.62 -31.29
C GLN IG 1043 8.00 53.70 -31.13
N ASP IG 1044 8.48 53.86 -29.90
CA ASP IG 1044 9.50 54.84 -29.58
C ASP IG 1044 10.88 54.20 -29.60
N VAL IG 1045 11.91 55.03 -29.80
CA VAL IG 1045 13.30 54.61 -29.75
C VAL IG 1045 14.08 55.64 -28.92
N THR IG 1046 15.39 55.44 -28.84
CA THR IG 1046 16.23 56.34 -28.06
C THR IG 1046 17.32 56.96 -28.92
N ILE JG 862 32.41 41.49 -42.91
CA ILE JG 862 31.19 42.17 -42.51
C ILE JG 862 30.44 42.68 -43.74
N ILE JG 863 29.17 42.28 -43.86
CA ILE JG 863 28.30 42.71 -44.95
C ILE JG 863 27.16 43.52 -44.36
N LYS JG 864 26.95 44.71 -44.90
CA LYS JG 864 25.92 45.61 -44.41
C LYS JG 864 24.54 44.96 -44.53
N THR JG 865 23.69 45.20 -43.54
CA THR JG 865 22.35 44.65 -43.52
C THR JG 865 21.55 45.22 -44.69
N GLY JG 866 21.30 44.39 -45.70
CA GLY JG 866 20.53 44.80 -46.85
C GLY JG 866 21.27 45.69 -47.82
N ASP JG 867 22.36 45.18 -48.40
CA ASP JG 867 23.12 45.88 -49.43
C ASP JG 867 23.02 45.09 -50.74
N ILE JG 868 23.59 45.65 -51.80
CA ILE JG 868 23.44 45.13 -53.14
C ILE JG 868 24.81 44.90 -53.76
N MET JG 869 24.97 43.73 -54.38
CA MET JG 869 26.16 43.38 -55.15
C MET JG 869 25.71 42.80 -56.49
N PHE JG 870 26.68 42.36 -57.29
CA PHE JG 870 26.39 41.84 -58.62
C PHE JG 870 27.10 40.52 -58.85
N ALA JG 871 26.51 39.71 -59.73
CA ALA JG 871 27.07 38.42 -60.11
C ALA JG 871 26.59 38.09 -61.51
N VAL JG 872 27.04 36.94 -62.02
CA VAL JG 872 26.79 36.53 -63.40
C VAL JG 872 26.20 35.13 -63.40
N LEU JG 873 25.15 34.93 -64.19
CA LEU JG 873 24.51 33.63 -64.34
C LEU JG 873 24.88 33.03 -65.69
N ASP JG 874 25.28 31.75 -65.66
CA ASP JG 874 25.75 31.08 -66.86
C ASP JG 874 24.98 29.80 -67.14
N THR JG 875 24.60 29.07 -66.10
CA THR JG 875 23.86 27.83 -66.27
C THR JG 875 22.38 28.12 -66.41
N SER JG 876 21.80 27.77 -67.56
CA SER JG 876 20.39 28.00 -67.82
C SER JG 876 19.58 26.76 -67.47
N VAL JG 877 18.30 26.97 -67.13
CA VAL JG 877 17.39 25.90 -66.75
C VAL JG 877 15.97 26.44 -66.78
N ASN JG 878 15.01 25.55 -67.03
CA ASN JG 878 13.60 25.88 -67.00
C ASN JG 878 13.07 25.79 -65.58
N SER JG 879 11.97 26.51 -65.33
CA SER JG 879 11.29 26.43 -64.05
C SER JG 879 10.41 25.19 -64.01
N ASP JG 880 11.01 24.03 -64.20
CA ASP JG 880 10.25 22.79 -64.25
C ASP JG 880 10.67 21.79 -63.17
N GLU JG 881 11.96 21.68 -62.89
CA GLU JG 881 12.46 20.73 -61.90
C GLU JG 881 13.53 21.41 -61.06
N PRO JG 882 13.52 21.25 -59.74
CA PRO JG 882 14.57 21.85 -58.93
C PRO JG 882 15.95 21.33 -59.32
N GLY JG 883 16.92 22.23 -59.27
CA GLY JG 883 18.28 21.89 -59.60
C GLY JG 883 19.26 22.94 -59.12
N PRO JG 884 20.49 22.54 -58.88
CA PRO JG 884 21.50 23.51 -58.45
C PRO JG 884 21.83 24.52 -59.54
N ILE JG 885 21.61 25.79 -59.25
CA ILE JG 885 21.93 26.88 -60.16
C ILE JG 885 22.98 27.76 -59.48
N LEU JG 886 24.07 28.04 -60.19
CA LEU JG 886 25.22 28.73 -59.62
C LEU JG 886 25.48 30.04 -60.33
N ALA JG 887 25.84 31.05 -59.56
CA ALA JG 887 26.32 32.33 -60.05
C ALA JG 887 27.70 32.61 -59.45
N THR JG 888 28.38 33.63 -59.96
CA THR JG 888 29.71 33.98 -59.49
C THR JG 888 29.78 35.48 -59.25
N ILE JG 889 30.10 35.86 -58.01
CA ILE JG 889 30.23 37.28 -57.69
C ILE JG 889 31.40 37.86 -58.45
N VAL JG 890 31.15 38.96 -59.17
CA VAL JG 890 32.18 39.57 -60.01
C VAL JG 890 32.51 41.00 -59.57
N THR JG 891 31.86 41.52 -58.54
CA THR JG 891 32.17 42.88 -58.08
C THR JG 891 32.32 42.93 -56.57
N GLY JG 892 32.73 44.07 -56.05
CA GLY JG 892 32.80 44.26 -54.62
C GLY JG 892 33.96 43.51 -53.96
N LYS JG 893 33.86 43.37 -52.64
CA LYS JG 893 34.92 42.72 -51.87
C LYS JG 893 35.08 41.26 -52.27
N LEU JG 894 33.99 40.52 -52.37
CA LEU JG 894 34.06 39.11 -52.73
C LEU JG 894 34.32 38.97 -54.22
N LYS JG 895 35.49 38.46 -54.57
CA LYS JG 895 35.87 38.22 -55.96
C LYS JG 895 36.26 36.76 -56.10
N GLY JG 896 35.80 36.13 -57.19
CA GLY JG 896 36.05 34.73 -57.38
C GLY JG 896 35.19 33.82 -56.54
N SER JG 897 34.31 34.38 -55.72
CA SER JG 897 33.39 33.58 -54.93
C SER JG 897 32.18 33.19 -55.78
N LYS JG 898 31.61 32.02 -55.48
CA LYS JG 898 30.46 31.52 -56.22
C LYS JG 898 29.33 31.16 -55.27
N LEU JG 899 28.15 30.92 -55.83
CA LEU JG 899 26.94 30.80 -55.04
C LEU JG 899 25.99 29.82 -55.71
N ILE JG 900 25.62 28.77 -54.99
CA ILE JG 900 24.67 27.76 -55.45
C ILE JG 900 23.33 27.97 -54.77
N GLY JG 901 22.26 27.70 -55.50
CA GLY JG 901 20.91 27.80 -54.98
C GLY JG 901 19.90 27.10 -55.86
N SER JG 902 18.62 27.41 -55.64
CA SER JG 902 17.53 26.81 -56.40
C SER JG 902 16.53 27.91 -56.74
N PHE JG 903 15.44 27.53 -57.37
CA PHE JG 903 14.41 28.48 -57.80
C PHE JG 903 13.09 28.17 -57.08
N ASN JG 904 12.05 28.90 -57.48
CA ASN JG 904 10.71 28.67 -56.98
C ASN JG 904 9.72 28.96 -58.09
N LEU JG 905 8.45 28.64 -57.84
CA LEU JG 905 7.40 28.96 -58.78
C LEU JG 905 6.28 29.71 -58.09
N PRO JG 906 5.91 30.89 -58.56
CA PRO JG 906 4.76 31.60 -58.01
C PRO JG 906 3.45 31.06 -58.57
N SER JG 907 2.35 31.57 -58.01
CA SER JG 907 1.02 31.12 -58.42
C SER JG 907 0.73 31.41 -59.88
N ASN JG 908 1.29 32.49 -60.42
CA ASN JG 908 1.08 32.88 -61.81
C ASN JG 908 2.43 33.06 -62.49
N ALA JG 909 2.40 33.29 -63.80
CA ALA JG 909 3.61 33.51 -64.58
C ALA JG 909 4.01 34.98 -64.63
N ASP JG 910 3.57 35.78 -63.67
CA ASP JG 910 3.84 37.21 -63.66
C ASP JG 910 5.27 37.55 -63.28
N LYS JG 911 6.04 36.59 -62.77
CA LYS JG 911 7.44 36.84 -62.43
C LYS JG 911 8.13 35.50 -62.22
N MET JG 912 9.39 35.58 -61.80
CA MET JG 912 10.19 34.41 -61.49
C MET JG 912 11.40 34.87 -60.68
N VAL JG 913 11.57 34.30 -59.49
CA VAL JG 913 12.62 34.72 -58.56
C VAL JG 913 13.46 33.51 -58.18
N ILE JG 914 14.67 33.78 -57.73
CA ILE JG 914 15.68 32.76 -57.47
C ILE JG 914 16.14 32.87 -56.01
N THR JG 915 16.22 31.72 -55.34
CA THR JG 915 16.70 31.67 -53.97
C THR JG 915 18.13 31.13 -53.97
N PHE JG 916 19.06 31.92 -53.41
CA PHE JG 916 20.47 31.55 -53.37
C PHE JG 916 20.90 31.43 -51.92
N ASN JG 917 21.47 30.28 -51.55
CA ASN JG 917 21.74 30.00 -50.15
C ASN JG 917 23.18 29.61 -49.86
N THR JG 918 23.82 28.82 -50.72
CA THR JG 918 25.12 28.24 -50.37
C THR JG 918 26.23 29.02 -51.07
N MET JG 919 26.96 29.82 -50.30
CA MET JG 919 28.03 30.67 -50.81
C MET JG 919 29.37 30.01 -50.51
N SER JG 920 30.18 29.83 -51.55
CA SER JG 920 31.54 29.30 -51.41
C SER JG 920 32.53 30.39 -51.79
N ILE JG 921 33.43 30.71 -50.88
CA ILE JG 921 34.42 31.76 -51.06
C ILE JG 921 35.80 31.10 -51.15
N PRO JG 922 36.63 31.47 -52.13
CA PRO JG 922 37.98 30.90 -52.20
C PRO JG 922 38.92 31.47 -51.14
N GLY JG 923 40.20 31.13 -51.24
CA GLY JG 923 41.17 31.58 -50.27
C GLY JG 923 41.35 30.60 -49.13
N ALA JG 924 40.34 30.48 -48.29
CA ALA JG 924 40.33 29.50 -47.21
C ALA JG 924 39.24 28.46 -47.46
N GLU JG 925 39.42 27.30 -46.84
CA GLU JG 925 38.45 26.20 -46.95
C GLU JG 925 37.22 26.56 -46.11
N LYS JG 926 36.31 27.31 -46.73
CA LYS JG 926 35.13 27.81 -46.06
C LYS JG 926 33.92 27.59 -46.95
N THR JG 927 32.75 27.50 -46.32
CA THR JG 927 31.48 27.39 -47.06
C THR JG 927 30.40 28.01 -46.18
N ILE JG 928 30.06 29.26 -46.46
CA ILE JG 928 29.05 29.99 -45.71
C ILE JG 928 27.67 29.73 -46.30
N SER JG 929 26.62 30.07 -45.55
CA SER JG 929 25.26 29.78 -45.98
C SER JG 929 24.38 31.02 -45.96
N ILE JG 930 24.88 32.12 -46.54
CA ILE JG 930 24.10 33.35 -46.63
C ILE JG 930 22.99 33.16 -47.66
N SER JG 931 21.76 33.46 -47.27
CA SER JG 931 20.61 33.34 -48.14
C SER JG 931 20.20 34.71 -48.65
N ALA JG 932 20.08 34.85 -49.96
CA ALA JG 932 19.70 36.11 -50.58
C ALA JG 932 18.96 35.80 -51.88
N TYR JG 933 18.38 36.83 -52.47
CA TYR JG 933 17.65 36.72 -53.74
C TYR JG 933 18.35 37.56 -54.79
N ALA JG 934 17.79 37.57 -56.01
CA ALA JG 934 18.36 38.28 -57.13
C ALA JG 934 17.34 39.25 -57.73
N ILE JG 935 17.83 40.42 -58.12
CA ILE JG 935 17.03 41.43 -58.80
C ILE JG 935 17.62 41.67 -60.18
N ASP JG 936 16.74 41.74 -61.18
CA ASP JG 936 17.19 41.82 -62.57
C ASP JG 936 17.86 43.17 -62.83
N PRO JG 937 19.10 43.19 -63.30
CA PRO JG 937 19.70 44.45 -63.75
C PRO JG 937 18.93 45.04 -64.92
N ASN JG 938 18.91 46.36 -64.97
CA ASN JG 938 18.18 47.17 -65.96
C ASN JG 938 16.69 46.93 -65.90
N THR JG 939 16.17 46.35 -64.82
CA THR JG 939 14.74 46.13 -64.69
C THR JG 939 14.25 46.69 -63.36
N ALA JG 940 15.08 46.55 -62.32
CA ALA JG 940 14.72 46.93 -60.95
C ALA JG 940 13.46 46.19 -60.51
N ARG JG 941 13.29 44.99 -61.06
CA ARG JG 941 12.17 44.13 -60.72
C ARG JG 941 12.68 42.69 -60.61
N THR JG 942 11.97 41.90 -59.81
CA THR JG 942 12.34 40.52 -59.56
C THR JG 942 12.01 39.59 -60.71
N ALA JG 943 11.31 40.08 -61.73
CA ALA JG 943 10.89 39.23 -62.84
C ALA JG 943 12.11 38.71 -63.61
N LEU JG 944 11.93 37.54 -64.23
CA LEU JG 944 12.99 36.88 -64.97
C LEU JG 944 12.71 36.99 -66.47
N ALA JG 945 13.77 37.17 -67.24
CA ALA JG 945 13.67 37.29 -68.70
C ALA JG 945 13.32 35.91 -69.28
N SER JG 946 12.04 35.72 -69.54
CA SER JG 946 11.53 34.48 -70.11
C SER JG 946 10.22 34.78 -70.83
N ARG JG 947 9.51 33.72 -71.20
CA ARG JG 947 8.25 33.83 -71.91
C ARG JG 947 7.14 33.14 -71.12
N THR JG 948 5.95 33.74 -71.17
CA THR JG 948 4.83 33.27 -70.37
C THR JG 948 3.63 32.81 -71.17
N ASN JG 949 3.66 32.93 -72.50
CA ASN JG 949 2.57 32.45 -73.36
C ASN JG 949 2.85 31.06 -73.89
N HIS JG 950 3.50 30.23 -73.08
CA HIS JG 950 4.01 28.94 -73.56
C HIS JG 950 2.89 27.99 -73.99
N HIS JG 951 1.83 27.87 -73.21
CA HIS JG 951 0.82 26.84 -73.42
C HIS JG 951 -0.58 27.40 -73.28
N TYR JG 952 -0.86 28.52 -73.94
CA TYR JG 952 -2.22 29.03 -74.03
C TYR JG 952 -2.94 28.52 -75.26
N LEU JG 953 -2.43 28.85 -76.44
CA LEU JG 953 -3.11 28.52 -77.68
C LEU JG 953 -3.14 27.01 -77.92
N MET JG 954 -2.15 26.27 -77.43
CA MET JG 954 -2.16 24.82 -77.58
C MET JG 954 -3.44 24.23 -77.01
N ARG JG 955 -3.66 24.39 -75.70
CA ARG JG 955 -4.86 23.84 -75.08
C ARG JG 955 -6.11 24.51 -75.58
N TYR JG 956 -6.07 25.83 -75.85
CA TYR JG 956 -7.24 26.51 -76.39
C TYR JG 956 -7.70 25.84 -77.68
N GLY JG 957 -6.79 25.67 -78.63
CA GLY JG 957 -7.15 25.07 -79.91
C GLY JG 957 -7.57 23.62 -79.77
N SER JG 958 -6.87 22.86 -78.92
CA SER JG 958 -7.26 21.46 -78.73
C SER JG 958 -8.69 21.35 -78.23
N LEU JG 959 -9.02 22.09 -77.16
CA LEU JG 959 -10.37 22.03 -76.60
C LEU JG 959 -11.40 22.51 -77.61
N PHE JG 960 -11.12 23.63 -78.28
CA PHE JG 960 -12.09 24.17 -79.22
C PHE JG 960 -12.32 23.23 -80.40
N ALA JG 961 -11.25 22.59 -80.89
CA ALA JG 961 -11.41 21.64 -81.99
C ALA JG 961 -12.19 20.41 -81.54
N SER JG 962 -11.95 19.92 -80.33
CA SER JG 962 -12.73 18.79 -79.84
C SER JG 962 -14.21 19.13 -79.75
N SER JG 963 -14.51 20.31 -79.21
CA SER JG 963 -15.90 20.75 -79.16
C SER JG 963 -16.49 20.87 -80.56
N PHE JG 964 -15.75 21.44 -81.49
CA PHE JG 964 -16.24 21.61 -82.85
C PHE JG 964 -16.56 20.26 -83.48
N LEU JG 965 -15.70 19.26 -83.24
CA LEU JG 965 -15.97 17.91 -83.73
C LEU JG 965 -17.28 17.38 -83.16
N GLN JG 966 -17.43 17.47 -81.83
CA GLN JG 966 -18.68 17.04 -81.20
C GLN JG 966 -19.88 17.69 -81.85
N GLY JG 967 -19.81 19.02 -82.01
CA GLY JG 967 -20.93 19.75 -82.57
C GLY JG 967 -21.26 19.33 -83.98
N PHE JG 968 -20.22 19.18 -84.82
CA PHE JG 968 -20.48 18.84 -86.21
C PHE JG 968 -21.14 17.49 -86.31
N GLY JG 969 -20.60 16.50 -85.61
CA GLY JG 969 -21.21 15.19 -85.64
C GLY JG 969 -22.66 15.22 -85.19
N ASN JG 970 -22.92 15.77 -83.99
CA ASN JG 970 -24.28 15.71 -83.47
C ASN JG 970 -25.25 16.50 -84.33
N ALA JG 971 -24.89 17.70 -84.79
CA ALA JG 971 -25.84 18.52 -85.52
C ALA JG 971 -26.12 17.96 -86.89
N PHE JG 972 -25.08 17.51 -87.62
CA PHE JG 972 -25.36 16.94 -88.93
C PHE JG 972 -25.96 15.55 -88.84
N GLN JG 973 -25.89 14.87 -87.69
CA GLN JG 973 -26.68 13.67 -87.51
C GLN JG 973 -28.14 14.01 -87.24
N SER JG 974 -28.38 15.07 -86.46
CA SER JG 974 -29.75 15.45 -86.14
C SER JG 974 -30.48 15.99 -87.36
N ALA JG 975 -29.80 16.75 -88.21
CA ALA JG 975 -30.44 17.42 -89.34
C ALA JG 975 -30.68 16.49 -90.53
N ASN JG 976 -30.59 15.18 -90.32
CA ASN JG 976 -30.76 14.26 -91.44
C ASN JG 976 -32.21 14.16 -91.90
N THR JG 977 -33.17 14.16 -90.97
CA THR JG 977 -34.57 13.95 -91.36
C THR JG 977 -35.13 15.14 -92.12
N THR JG 978 -34.87 16.35 -91.65
CA THR JG 978 -35.42 17.55 -92.29
C THR JG 978 -34.42 18.17 -93.26
N SER JG 999 -23.27 9.50 -98.57
CA SER JG 999 -22.61 8.64 -97.60
C SER JG 999 -21.47 9.37 -96.91
N THR JG 1000 -20.67 10.08 -97.71
CA THR JG 1000 -19.52 10.79 -97.17
C THR JG 1000 -19.93 11.82 -96.12
N LEU JG 1001 -21.09 12.44 -96.28
CA LEU JG 1001 -21.61 13.32 -95.24
C LEU JG 1001 -21.82 12.57 -93.94
N GLU JG 1002 -22.41 11.37 -94.03
CA GLU JG 1002 -22.60 10.55 -92.85
C GLU JG 1002 -21.27 10.18 -92.23
N ASN JG 1003 -20.26 9.91 -93.05
CA ASN JG 1003 -18.95 9.55 -92.53
C ASN JG 1003 -18.30 10.74 -91.81
N ALA JG 1004 -18.48 11.94 -92.34
CA ALA JG 1004 -18.02 13.13 -91.63
C ALA JG 1004 -18.72 13.27 -90.28
N VAL JG 1005 -20.04 13.08 -90.27
CA VAL JG 1005 -20.78 13.06 -89.02
C VAL JG 1005 -20.17 12.06 -88.06
N ILE JG 1006 -19.90 10.86 -88.56
CA ILE JG 1006 -19.30 9.78 -87.78
C ILE JG 1006 -18.03 10.26 -87.10
N GLY JG 1007 -17.05 10.68 -87.92
CA GLY JG 1007 -15.76 11.02 -87.36
C GLY JG 1007 -15.86 12.14 -86.36
N LEU JG 1008 -16.51 13.25 -86.74
CA LEU JG 1008 -16.57 14.40 -85.85
C LEU JG 1008 -17.27 14.05 -84.54
N ALA JG 1009 -18.47 13.47 -84.62
CA ALA JG 1009 -19.22 13.16 -83.42
C ALA JG 1009 -18.45 12.24 -82.50
N THR JG 1010 -17.96 11.11 -83.01
CA THR JG 1010 -17.40 10.12 -82.11
C THR JG 1010 -16.02 10.47 -81.60
N VAL JG 1011 -15.19 11.17 -82.38
CA VAL JG 1011 -13.88 11.54 -81.86
C VAL JG 1011 -13.92 12.86 -81.09
N GLY JG 1012 -15.05 13.56 -81.08
CA GLY JG 1012 -15.13 14.75 -80.25
C GLY JG 1012 -15.02 14.47 -78.76
N LYS JG 1013 -15.68 13.41 -78.28
CA LYS JG 1013 -15.92 13.27 -76.84
C LYS JG 1013 -14.65 12.90 -76.08
N ALA JG 1014 -14.00 11.81 -76.47
CA ALA JG 1014 -12.80 11.38 -75.75
C ALA JG 1014 -11.71 12.44 -75.83
N TRP JG 1015 -11.55 13.04 -77.00
CA TRP JG 1015 -10.58 14.12 -77.14
C TRP JG 1015 -10.93 15.29 -76.24
N SER JG 1016 -12.22 15.64 -76.14
CA SER JG 1016 -12.62 16.76 -75.30
C SER JG 1016 -12.34 16.49 -73.84
N GLN JG 1017 -12.66 15.29 -73.37
CA GLN JG 1017 -12.40 15.00 -71.95
C GLN JG 1017 -10.91 14.94 -71.66
N GLN JG 1018 -10.11 14.38 -72.56
CA GLN JG 1018 -8.66 14.39 -72.36
C GLN JG 1018 -8.11 15.80 -72.36
N ALA JG 1019 -8.61 16.65 -73.25
CA ALA JG 1019 -8.19 18.05 -73.28
C ALA JG 1019 -8.56 18.76 -71.99
N GLN JG 1020 -9.76 18.49 -71.47
CA GLN JG 1020 -10.14 19.06 -70.18
C GLN JG 1020 -9.20 18.60 -69.08
N GLN JG 1021 -8.81 17.32 -69.12
CA GLN JG 1021 -7.86 16.81 -68.13
C GLN JG 1021 -6.53 17.53 -68.21
N LEU JG 1022 -6.00 17.72 -69.41
CA LEU JG 1022 -4.68 18.31 -69.60
C LEU JG 1022 -4.71 19.83 -69.59
N PHE JG 1023 -5.88 20.44 -69.50
CA PHE JG 1023 -5.98 21.90 -69.63
C PHE JG 1023 -5.31 22.63 -68.47
N ASN JG 1024 -5.08 21.94 -67.36
CA ASN JG 1024 -4.56 22.58 -66.16
C ASN JG 1024 -3.03 22.70 -66.17
N THR JG 1025 -2.37 22.35 -67.26
CA THR JG 1025 -0.91 22.45 -67.31
C THR JG 1025 -0.48 23.91 -67.27
N PRO JG 1026 0.38 24.30 -66.35
CA PRO JG 1026 0.78 25.71 -66.23
C PRO JG 1026 1.82 26.07 -67.29
N THR JG 1027 1.93 27.37 -67.54
CA THR JG 1027 2.96 27.91 -68.42
C THR JG 1027 4.23 28.12 -67.61
N THR JG 1028 5.32 27.49 -68.05
CA THR JG 1028 6.58 27.59 -67.35
C THR JG 1028 7.41 28.74 -67.87
N VAL JG 1029 8.51 29.03 -67.16
CA VAL JG 1029 9.50 29.99 -67.58
C VAL JG 1029 10.87 29.32 -67.53
N GLU JG 1030 11.83 29.90 -68.24
CA GLU JG 1030 13.18 29.35 -68.28
C GLU JG 1030 14.18 30.48 -68.21
N VAL JG 1031 15.19 30.31 -67.34
CA VAL JG 1031 16.24 31.31 -67.24
C VAL JG 1031 17.21 31.18 -68.42
N TYR JG 1032 17.96 32.24 -68.66
CA TYR JG 1032 18.91 32.27 -69.76
C TYR JG 1032 20.31 31.92 -69.26
N SER JG 1033 21.20 31.63 -70.22
CA SER JG 1033 22.53 31.14 -69.90
C SER JG 1033 23.60 32.23 -69.91
N GLY JG 1034 23.24 33.48 -70.14
CA GLY JG 1034 24.24 34.53 -70.20
C GLY JG 1034 23.80 35.86 -69.61
N THR JG 1035 22.87 35.84 -68.67
CA THR JG 1035 22.30 37.05 -68.12
C THR JG 1035 22.90 37.31 -66.75
N GLY JG 1036 23.33 38.55 -66.51
CA GLY JG 1036 23.84 38.95 -65.22
C GLY JG 1036 22.72 39.12 -64.22
N LEU JG 1037 23.12 39.46 -63.00
CA LEU JG 1037 22.15 39.60 -61.92
C LEU JG 1037 22.70 40.50 -60.83
N GLY JG 1038 21.78 41.16 -60.12
CA GLY JG 1038 22.09 41.87 -58.91
C GLY JG 1038 21.41 41.20 -57.72
N ILE JG 1039 22.09 41.24 -56.59
CA ILE JG 1039 21.65 40.50 -55.40
C ILE JG 1039 21.62 41.46 -54.21
N LEU JG 1040 20.46 41.54 -53.57
CA LEU JG 1040 20.34 42.22 -52.28
C LEU JG 1040 20.42 41.18 -51.18
N PHE JG 1041 21.05 41.55 -50.07
CA PHE JG 1041 21.32 40.62 -49.00
C PHE JG 1041 20.25 40.68 -47.92
N THR JG 1042 20.11 39.57 -47.19
CA THR JG 1042 19.11 39.42 -46.15
C THR JG 1042 19.71 39.41 -44.75
N GLN JG 1043 20.68 38.53 -44.49
CA GLN JG 1043 21.36 38.48 -43.21
C GLN JG 1043 22.85 38.76 -43.44
N ASP JG 1044 23.49 39.30 -42.42
CA ASP JG 1044 24.88 39.72 -42.53
C ASP JG 1044 25.82 38.52 -42.28
N VAL JG 1045 27.09 38.73 -42.57
CA VAL JG 1045 28.15 37.76 -42.27
C VAL JG 1045 29.26 38.50 -41.53
N THR JG 1046 30.12 37.74 -40.86
CA THR JG 1046 31.19 38.32 -40.07
C THR JG 1046 32.29 38.89 -40.96
N ILE KG 862 40.63 18.00 -51.02
CA ILE KG 862 40.09 19.35 -50.89
C ILE KG 862 39.59 19.84 -52.24
N ILE KG 863 38.27 19.97 -52.37
CA ILE KG 863 37.64 20.50 -53.58
C ILE KG 863 36.72 21.64 -53.17
N LYS KG 864 36.88 22.78 -53.85
CA LYS KG 864 36.06 23.94 -53.55
C LYS KG 864 34.59 23.65 -53.87
N THR KG 865 33.71 24.17 -53.04
CA THR KG 865 32.27 23.88 -53.16
C THR KG 865 31.75 24.42 -54.48
N GLY KG 866 31.00 23.60 -55.20
CA GLY KG 866 30.30 24.01 -56.40
C GLY KG 866 31.18 24.40 -57.57
N ASP KG 867 32.34 23.77 -57.70
CA ASP KG 867 33.21 24.01 -58.84
C ASP KG 867 32.73 23.17 -60.01
N ILE KG 868 33.26 23.46 -61.20
CA ILE KG 868 32.87 22.81 -62.44
C ILE KG 868 34.02 21.95 -62.92
N MET KG 869 33.73 20.68 -63.20
CA MET KG 869 34.70 19.74 -63.74
C MET KG 869 34.09 19.08 -64.97
N PHE KG 870 34.86 18.21 -65.61
CA PHE KG 870 34.44 17.59 -66.85
C PHE KG 870 34.53 16.07 -66.73
N ALA KG 871 33.65 15.38 -67.47
CA ALA KG 871 33.62 13.93 -67.47
C ALA KG 871 32.99 13.48 -68.77
N VAL KG 872 33.08 12.17 -69.05
CA VAL KG 872 32.46 11.58 -70.22
C VAL KG 872 31.77 10.29 -69.79
N LEU KG 873 30.51 10.13 -70.22
CA LEU KG 873 29.75 8.92 -69.96
C LEU KG 873 29.55 8.16 -71.26
N ASP KG 874 29.53 6.84 -71.17
CA ASP KG 874 29.42 6.00 -72.36
C ASP KG 874 28.28 5.01 -72.26
N THR KG 875 27.89 4.66 -71.03
CA THR KG 875 26.80 3.70 -70.84
C THR KG 875 25.46 4.42 -71.02
N SER KG 876 24.84 4.23 -72.18
CA SER KG 876 23.53 4.81 -72.46
C SER KG 876 22.46 4.05 -71.69
N VAL KG 877 21.35 4.73 -71.41
CA VAL KG 877 20.27 4.16 -70.61
C VAL KG 877 19.01 4.96 -70.86
N ASN KG 878 17.86 4.30 -70.75
CA ASN KG 878 16.56 4.92 -70.86
C ASN KG 878 16.04 5.32 -69.48
N SER KG 879 15.25 6.39 -69.46
CA SER KG 879 14.66 6.85 -68.20
C SER KG 879 13.44 6.01 -67.87
N ASP KG 880 13.63 4.70 -67.81
CA ASP KG 880 12.54 3.76 -67.55
C ASP KG 880 12.81 2.84 -66.38
N GLU KG 881 14.03 2.34 -66.23
CA GLU KG 881 14.39 1.43 -65.16
C GLU KG 881 15.63 1.97 -64.46
N PRO KG 882 15.54 2.40 -63.20
CA PRO KG 882 16.71 2.94 -62.52
C PRO KG 882 17.85 1.93 -62.42
N GLY KG 883 19.07 2.45 -62.56
CA GLY KG 883 20.25 1.62 -62.48
C GLY KG 883 21.51 2.46 -62.38
N PRO KG 884 22.63 1.83 -62.05
CA PRO KG 884 23.89 2.56 -61.96
C PRO KG 884 24.39 3.03 -63.31
N ILE KG 885 24.82 4.29 -63.39
CA ILE KG 885 25.37 4.88 -64.59
C ILE KG 885 26.72 5.48 -64.25
N LEU KG 886 27.71 5.27 -65.11
CA LEU KG 886 29.10 5.62 -64.85
C LEU KG 886 29.58 6.66 -65.85
N ALA KG 887 30.42 7.57 -65.37
CA ALA KG 887 31.11 8.55 -66.19
C ALA KG 887 32.58 8.59 -65.78
N THR KG 888 33.41 9.18 -66.63
CA THR KG 888 34.85 9.20 -66.42
C THR KG 888 35.36 10.62 -66.45
N ILE KG 889 35.86 11.11 -65.30
CA ILE KG 889 36.49 12.41 -65.24
C ILE KG 889 37.69 12.42 -66.17
N VAL KG 890 37.81 13.47 -66.99
CA VAL KG 890 38.80 13.50 -68.05
C VAL KG 890 40.03 14.32 -67.71
N THR KG 891 39.88 15.43 -66.97
CA THR KG 891 41.01 16.31 -66.72
C THR KG 891 41.02 16.82 -65.29
N GLY KG 892 41.84 17.84 -65.03
CA GLY KG 892 41.91 18.42 -63.71
C GLY KG 892 42.81 17.61 -62.79
N LYS KG 893 42.71 17.92 -61.50
CA LYS KG 893 43.51 17.22 -60.50
C LYS KG 893 43.25 15.72 -60.51
N LEU KG 894 41.99 15.33 -60.55
CA LEU KG 894 41.64 13.93 -60.66
C LEU KG 894 41.51 13.54 -62.12
N LYS KG 895 42.44 12.69 -62.57
CA LYS KG 895 42.46 12.21 -63.95
C LYS KG 895 42.28 10.70 -63.92
N GLY KG 896 41.39 10.19 -64.77
CA GLY KG 896 41.08 8.77 -64.74
C GLY KG 896 40.15 8.37 -63.62
N SER KG 897 39.65 9.33 -62.85
CA SER KG 897 38.66 9.03 -61.83
C SER KG 897 37.32 8.68 -62.47
N LYS KG 898 36.50 7.91 -61.77
CA LYS KG 898 35.21 7.52 -62.29
C LYS KG 898 34.11 7.86 -61.29
N LEU KG 899 32.90 8.01 -61.81
CA LEU KG 899 31.77 8.47 -60.99
C LEU KG 899 30.53 7.67 -61.38
N ILE KG 900 30.01 6.89 -60.44
CA ILE KG 900 28.79 6.12 -60.64
C ILE KG 900 27.67 6.77 -59.84
N GLY KG 901 26.47 6.78 -60.41
CA GLY KG 901 25.30 7.36 -59.80
C GLY KG 901 24.03 6.85 -60.44
N SER KG 902 22.94 7.61 -60.36
CA SER KG 902 21.65 7.17 -60.86
C SER KG 902 20.98 8.34 -61.57
N PHE KG 903 19.79 8.10 -62.11
CA PHE KG 903 19.00 9.15 -62.72
C PHE KG 903 17.70 9.32 -61.95
N ASN KG 904 17.06 10.46 -62.16
CA ASN KG 904 15.79 10.76 -61.53
C ASN KG 904 14.80 11.22 -62.61
N LEU KG 905 13.55 10.80 -62.44
CA LEU KG 905 12.52 11.11 -63.42
C LEU KG 905 11.88 12.44 -63.10
N PRO KG 906 11.98 13.41 -64.00
CA PRO KG 906 11.25 14.67 -63.84
C PRO KG 906 9.75 14.46 -64.03
N SER KG 907 8.98 15.40 -63.47
CA SER KG 907 7.53 15.35 -63.63
C SER KG 907 7.11 15.48 -65.09
N ASN KG 908 7.77 16.35 -65.84
CA ASN KG 908 7.51 16.53 -67.26
C ASN KG 908 8.80 16.31 -68.05
N ALA KG 909 8.64 16.04 -69.35
CA ALA KG 909 9.76 15.66 -70.21
C ALA KG 909 10.50 16.88 -70.76
N ASP KG 910 10.36 18.03 -70.14
CA ASP KG 910 11.03 19.25 -70.59
C ASP KG 910 12.50 19.29 -70.21
N LYS KG 911 12.97 18.35 -69.40
CA LYS KG 911 14.38 18.25 -69.06
C LYS KG 911 14.66 16.84 -68.57
N MET KG 912 15.94 16.55 -68.36
CA MET KG 912 16.35 15.28 -67.78
C MET KG 912 17.71 15.49 -67.14
N VAL KG 913 17.82 15.11 -65.86
CA VAL KG 913 19.02 15.34 -65.08
C VAL KG 913 19.47 14.03 -64.43
N ILE KG 914 20.72 14.01 -63.99
CA ILE KG 914 21.39 12.81 -63.53
C ILE KG 914 21.92 13.06 -62.12
N THR KG 915 21.81 12.06 -61.25
CA THR KG 915 22.34 12.13 -59.90
C THR KG 915 23.62 11.32 -59.83
N PHE KG 916 24.71 11.98 -59.41
CA PHE KG 916 26.02 11.35 -59.36
C PHE KG 916 26.61 11.56 -57.97
N ASN KG 917 26.82 10.47 -57.24
CA ASN KG 917 27.33 10.59 -55.88
C ASN KG 917 28.56 9.75 -55.59
N THR KG 918 28.67 8.56 -56.17
CA THR KG 918 29.73 7.65 -55.76
C THR KG 918 30.95 7.84 -56.66
N MET KG 919 31.97 8.52 -56.14
CA MET KG 919 33.18 8.84 -56.88
C MET KG 919 34.31 7.92 -56.41
N SER KG 920 34.98 7.28 -57.37
CA SER KG 920 36.15 6.46 -57.09
C SER KG 920 37.35 7.10 -57.78
N ILE KG 921 38.37 7.43 -57.00
CA ILE KG 921 39.60 8.05 -57.49
C ILE KG 921 40.67 6.98 -57.61
N PRO KG 922 41.45 6.94 -58.69
CA PRO KG 922 42.47 5.91 -58.81
C PRO KG 922 43.58 6.05 -57.79
N GLY KG 923 44.54 5.12 -57.81
CA GLY KG 923 45.64 5.14 -56.88
C GLY KG 923 45.41 4.34 -55.62
N ALA KG 924 44.49 4.78 -54.77
CA ALA KG 924 44.25 4.14 -53.48
C ALA KG 924 42.92 3.40 -53.50
N GLU KG 925 42.76 2.53 -52.49
CA GLU KG 925 41.54 1.73 -52.33
C GLU KG 925 40.58 2.47 -51.40
N LYS KG 926 40.02 3.57 -51.92
CA LYS KG 926 39.09 4.40 -51.19
C LYS KG 926 37.94 4.78 -52.12
N THR KG 927 36.80 5.12 -51.52
CA THR KG 927 35.60 5.41 -52.30
C THR KG 927 34.87 6.57 -51.63
N ILE KG 928 35.08 7.79 -52.13
CA ILE KG 928 34.42 8.97 -51.60
C ILE KG 928 33.00 9.04 -52.15
N SER KG 929 32.18 9.90 -51.58
CA SER KG 929 30.77 9.98 -51.96
C SER KG 929 30.32 11.40 -52.24
N ILE KG 930 31.07 12.13 -53.05
CA ILE KG 930 30.70 13.49 -53.42
C ILE KG 930 29.48 13.44 -54.34
N SER KG 931 28.38 14.03 -53.90
CA SER KG 931 27.14 14.06 -54.66
C SER KG 931 27.11 15.31 -55.53
N ALA KG 932 27.08 15.12 -56.84
CA ALA KG 932 27.10 16.24 -57.77
C ALA KG 932 26.20 15.91 -58.96
N TYR KG 933 25.77 16.94 -59.68
CA TYR KG 933 24.90 16.78 -60.83
C TYR KG 933 25.65 17.20 -62.10
N ALA KG 934 24.94 17.18 -63.22
CA ALA KG 934 25.54 17.39 -64.53
C ALA KG 934 24.86 18.55 -65.25
N ILE KG 935 25.64 19.27 -66.05
CA ILE KG 935 25.15 20.31 -66.94
C ILE KG 935 25.70 20.06 -68.32
N ASP KG 936 24.87 20.24 -69.34
CA ASP KG 936 25.27 19.93 -70.71
C ASP KG 936 26.37 20.90 -71.16
N PRO KG 937 27.53 20.38 -71.54
CA PRO KG 937 28.57 21.27 -72.09
C PRO KG 937 28.12 21.87 -73.41
N ASN KG 938 28.63 23.08 -73.68
CA ASN KG 938 28.31 23.88 -74.86
C ASN KG 938 26.83 24.25 -74.92
N THR KG 939 26.07 24.02 -73.85
CA THR KG 939 24.66 24.41 -73.81
C THR KG 939 24.37 25.17 -72.52
N ALA KG 940 25.14 24.88 -71.48
CA ALA KG 940 24.99 25.49 -70.16
C ALA KG 940 23.58 25.29 -69.63
N ARG KG 941 23.07 24.07 -69.84
CA ARG KG 941 21.73 23.71 -69.42
C ARG KG 941 21.75 22.30 -68.84
N THR KG 942 20.75 22.02 -68.00
CA THR KG 942 20.65 20.74 -67.32
C THR KG 942 19.78 19.74 -68.06
N ALA KG 943 19.26 20.10 -69.24
CA ALA KG 943 18.49 19.16 -70.02
C ALA KG 943 19.38 18.09 -70.63
N LEU KG 944 18.77 17.04 -71.16
CA LEU KG 944 19.49 15.93 -71.74
C LEU KG 944 19.27 15.87 -73.24
N ALA KG 945 20.33 15.54 -73.98
CA ALA KG 945 20.24 15.35 -75.43
C ALA KG 945 19.54 14.04 -75.71
N SER KG 946 18.24 14.13 -76.00
CA SER KG 946 17.41 12.98 -76.26
C SER KG 946 16.22 13.44 -77.10
N ARG KG 947 15.22 12.56 -77.21
CA ARG KG 947 13.99 12.89 -77.91
C ARG KG 947 12.78 12.71 -76.99
N THR KG 948 11.73 13.47 -77.26
CA THR KG 948 10.54 13.46 -76.42
C THR KG 948 9.25 13.29 -77.18
N ASN KG 949 9.28 13.13 -78.50
CA ASN KG 949 8.08 13.05 -79.34
C ASN KG 949 7.72 11.61 -79.65
N HIS KG 950 7.90 10.71 -78.69
CA HIS KG 950 7.75 9.28 -78.97
C HIS KG 950 6.30 8.84 -79.01
N HIS KG 951 5.53 9.12 -77.96
CA HIS KG 951 4.25 8.48 -77.73
C HIS KG 951 3.12 9.49 -77.66
N TYR KG 952 3.11 10.43 -78.60
CA TYR KG 952 1.96 11.32 -78.77
C TYR KG 952 1.05 10.84 -79.90
N LEU KG 953 1.60 10.74 -81.11
CA LEU KG 953 0.79 10.39 -82.27
C LEU KG 953 0.25 8.98 -82.18
N MET KG 954 1.00 8.05 -81.58
CA MET KG 954 0.53 6.67 -81.48
C MET KG 954 -0.80 6.60 -80.73
N ARG KG 955 -0.84 7.15 -79.52
CA ARG KG 955 -2.07 7.08 -78.75
C ARG KG 955 -3.15 7.99 -79.32
N TYR KG 956 -2.77 9.16 -79.86
CA TYR KG 956 -3.77 10.01 -80.49
C TYR KG 956 -4.49 9.27 -81.62
N GLY KG 957 -3.73 8.66 -82.52
CA GLY KG 957 -4.33 7.95 -83.63
C GLY KG 957 -5.12 6.73 -83.19
N SER KG 958 -4.61 6.00 -82.19
CA SER KG 958 -5.35 4.85 -81.69
C SER KG 958 -6.72 5.27 -81.18
N LEU KG 959 -6.77 6.28 -80.31
CA LEU KG 959 -8.05 6.74 -79.78
C LEU KG 959 -8.96 7.25 -80.89
N PHE KG 960 -8.41 8.06 -81.80
CA PHE KG 960 -9.23 8.63 -82.85
C PHE KG 960 -9.82 7.54 -83.76
N ALA KG 961 -9.01 6.54 -84.11
CA ALA KG 961 -9.51 5.46 -84.95
C ALA KG 961 -10.57 4.63 -84.23
N SER KG 962 -10.36 4.35 -82.94
CA SER KG 962 -11.37 3.60 -82.20
C SER KG 962 -12.70 4.35 -82.18
N SER KG 963 -12.65 5.65 -81.88
CA SER KG 963 -13.87 6.46 -81.88
C SER KG 963 -14.51 6.48 -83.27
N PHE KG 964 -13.70 6.64 -84.31
CA PHE KG 964 -14.23 6.69 -85.66
C PHE KG 964 -14.94 5.39 -86.02
N LEU KG 965 -14.37 4.26 -85.61
CA LEU KG 965 -15.03 2.98 -85.84
C LEU KG 965 -16.37 2.91 -85.14
N GLN KG 966 -16.39 3.30 -83.86
CA GLN KG 966 -17.65 3.35 -83.12
C GLN KG 966 -18.69 4.15 -83.88
N GLY KG 967 -18.32 5.37 -84.27
CA GLY KG 967 -19.26 6.25 -84.95
C GLY KG 967 -19.73 5.69 -86.27
N PHE KG 968 -18.82 5.10 -87.04
CA PHE KG 968 -19.22 4.63 -88.35
C PHE KG 968 -20.22 3.51 -88.24
N GLY KG 969 -19.91 2.52 -87.39
CA GLY KG 969 -20.87 1.44 -87.20
C GLY KG 969 -22.23 1.96 -86.75
N ASN KG 970 -22.24 2.77 -85.67
CA ASN KG 970 -23.54 3.16 -85.12
C ASN KG 970 -24.32 4.04 -86.07
N ALA KG 971 -23.69 5.04 -86.69
CA ALA KG 971 -24.42 5.98 -87.53
C ALA KG 971 -24.88 5.33 -88.82
N PHE KG 972 -24.02 4.52 -89.45
CA PHE KG 972 -24.46 3.86 -90.67
C PHE KG 972 -25.48 2.75 -90.39
N GLN KG 973 -25.56 2.26 -89.16
CA GLN KG 973 -26.70 1.42 -88.80
C GLN KG 973 -27.95 2.27 -88.64
N SER KG 974 -27.85 3.41 -87.97
CA SER KG 974 -29.01 4.24 -87.68
C SER KG 974 -29.64 4.78 -88.95
N ALA KG 975 -28.83 5.17 -89.94
CA ALA KG 975 -29.32 5.80 -91.15
C ALA KG 975 -29.95 4.82 -92.13
N ASN KG 976 -30.24 3.59 -91.69
CA ASN KG 976 -30.86 2.62 -92.59
C ASN KG 976 -32.29 2.99 -92.96
N THR KG 977 -33.03 3.63 -92.04
CA THR KG 977 -34.43 3.97 -92.30
C THR KG 977 -34.55 4.95 -93.46
N THR KG 978 -33.68 5.95 -93.51
CA THR KG 978 -33.75 6.97 -94.54
C THR KG 978 -32.64 6.80 -95.57
N SER KG 999 -25.85 -5.58 -97.99
CA SER KG 999 -25.30 -6.57 -97.06
C SER KG 999 -23.91 -6.17 -96.58
N THR KG 1000 -23.02 -5.88 -97.53
CA THR KG 1000 -21.66 -5.50 -97.18
C THR KG 1000 -21.63 -4.20 -96.39
N LEU KG 1001 -22.55 -3.28 -96.68
CA LEU KG 1001 -22.66 -2.08 -95.85
C LEU KG 1001 -23.02 -2.44 -94.42
N GLU KG 1002 -23.92 -3.40 -94.25
CA GLU KG 1002 -24.27 -3.87 -92.91
C GLU KG 1002 -23.06 -4.50 -92.24
N ASN KG 1003 -22.24 -5.22 -93.00
CA ASN KG 1003 -21.04 -5.83 -92.43
C ASN KG 1003 -20.04 -4.78 -91.99
N ALA KG 1004 -19.89 -3.71 -92.78
CA ALA KG 1004 -19.04 -2.60 -92.35
C ALA KG 1004 -19.57 -1.97 -91.07
N VAL KG 1005 -20.89 -1.75 -91.00
CA VAL KG 1005 -21.51 -1.29 -89.76
C VAL KG 1005 -21.14 -2.21 -88.61
N ILE KG 1006 -21.27 -3.51 -88.84
CA ILE KG 1006 -20.93 -4.52 -87.84
C ILE KG 1006 -19.53 -4.29 -87.31
N GLY KG 1007 -18.54 -4.36 -88.20
CA GLY KG 1007 -17.16 -4.32 -87.75
C GLY KG 1007 -16.85 -3.01 -87.04
N LEU KG 1008 -17.19 -1.89 -87.66
CA LEU KG 1008 -16.86 -0.61 -87.06
C LEU KG 1008 -17.52 -0.46 -85.69
N ALA KG 1009 -18.84 -0.65 -85.63
CA ALA KG 1009 -19.56 -0.43 -84.38
C ALA KG 1009 -19.05 -1.33 -83.27
N THR KG 1010 -18.83 -2.61 -83.55
CA THR KG 1010 -18.56 -3.51 -82.44
C THR KG 1010 -17.09 -3.55 -82.04
N VAL KG 1011 -16.15 -3.34 -82.97
CA VAL KG 1011 -14.75 -3.27 -82.57
C VAL KG 1011 -14.36 -1.88 -82.11
N GLY KG 1012 -15.21 -0.86 -82.31
CA GLY KG 1012 -14.87 0.45 -81.80
C GLY KG 1012 -14.84 0.53 -80.29
N LYS KG 1013 -15.81 -0.11 -79.63
CA LYS KG 1013 -15.99 0.13 -78.19
C LYS KG 1013 -14.85 -0.46 -77.37
N ALA KG 1014 -14.49 -1.71 -77.63
CA ALA KG 1014 -13.41 -2.33 -76.87
C ALA KG 1014 -12.10 -1.60 -77.10
N TRP KG 1015 -11.82 -1.24 -78.35
CA TRP KG 1015 -10.60 -0.49 -78.64
C TRP KG 1015 -10.63 0.88 -77.98
N SER KG 1016 -11.80 1.52 -77.92
CA SER KG 1016 -11.89 2.83 -77.30
C SER KG 1016 -11.63 2.76 -75.80
N GLN KG 1017 -12.22 1.78 -75.12
CA GLN KG 1017 -11.96 1.66 -73.70
C GLN KG 1017 -10.51 1.28 -73.43
N GLN KG 1018 -9.92 0.42 -74.26
CA GLN KG 1018 -8.51 0.10 -74.07
C GLN KG 1018 -7.63 1.32 -74.34
N ALA KG 1019 -7.99 2.14 -75.32
CA ALA KG 1019 -7.23 3.36 -75.58
C ALA KG 1019 -7.31 4.33 -74.42
N GLN KG 1020 -8.50 4.46 -73.82
CA GLN KG 1020 -8.61 5.25 -72.60
C GLN KG 1020 -7.75 4.65 -71.50
N GLN KG 1021 -7.66 3.32 -71.45
CA GLN KG 1021 -6.83 2.66 -70.45
C GLN KG 1021 -5.35 3.00 -70.65
N LEU KG 1022 -4.88 3.00 -71.89
CA LEU KG 1022 -3.44 3.08 -72.17
C LEU KG 1022 -2.96 4.49 -72.50
N PHE KG 1023 -3.87 5.46 -72.61
CA PHE KG 1023 -3.48 6.78 -73.12
C PHE KG 1023 -2.55 7.51 -72.17
N ASN KG 1024 -2.44 7.05 -70.92
CA ASN KG 1024 -1.77 7.78 -69.86
C ASN KG 1024 -0.26 7.56 -69.82
N THR KG 1025 0.30 6.76 -70.72
CA THR KG 1025 1.73 6.50 -70.67
C THR KG 1025 2.51 7.73 -71.11
N PRO KG 1026 3.42 8.24 -70.29
CA PRO KG 1026 4.18 9.45 -70.63
C PRO KG 1026 5.27 9.13 -71.65
N THR KG 1027 5.73 10.19 -72.33
CA THR KG 1027 6.84 10.10 -73.26
C THR KG 1027 8.14 9.96 -72.47
N THR KG 1028 9.00 9.04 -72.89
CA THR KG 1028 10.24 8.78 -72.18
C THR KG 1028 11.41 9.50 -72.85
N VAL KG 1029 12.54 9.53 -72.15
CA VAL KG 1029 13.78 10.07 -72.67
C VAL KG 1029 14.87 9.02 -72.46
N GLU KG 1030 15.92 9.12 -73.28
CA GLU KG 1030 17.01 8.15 -73.22
C GLU KG 1030 18.33 8.84 -73.51
N VAL KG 1031 19.30 8.66 -72.63
CA VAL KG 1031 20.59 9.31 -72.79
C VAL KG 1031 21.39 8.62 -73.90
N TYR KG 1032 22.42 9.32 -74.37
CA TYR KG 1032 23.26 8.82 -75.44
C TYR KG 1032 24.48 8.09 -74.87
N SER KG 1033 25.09 7.25 -75.71
CA SER KG 1033 26.22 6.44 -75.30
C SER KG 1033 27.57 7.06 -75.62
N GLY KG 1034 27.60 8.23 -76.22
CA GLY KG 1034 28.86 8.83 -76.62
C GLY KG 1034 28.95 10.33 -76.42
N THR KG 1035 28.27 10.86 -75.40
CA THR KG 1035 28.22 12.29 -75.17
C THR KG 1035 28.92 12.63 -73.86
N GLY KG 1036 29.81 13.62 -73.91
CA GLY KG 1036 30.47 14.11 -72.73
C GLY KG 1036 29.56 14.98 -71.90
N LEU KG 1037 30.06 15.41 -70.74
CA LEU KG 1037 29.25 16.17 -69.82
C LEU KG 1037 30.14 16.98 -68.88
N GLY KG 1038 29.54 18.02 -68.29
CA GLY KG 1038 30.17 18.80 -67.26
C GLY KG 1038 29.42 18.63 -65.94
N ILE KG 1039 30.17 18.65 -64.85
CA ILE KG 1039 29.66 18.33 -63.53
C ILE KG 1039 29.91 19.49 -62.59
N LEU KG 1040 28.83 20.02 -62.03
CA LEU KG 1040 28.92 21.04 -60.98
C LEU KG 1040 28.81 20.37 -59.61
N PHE KG 1041 29.67 20.79 -58.69
CA PHE KG 1041 29.74 20.18 -57.38
C PHE KG 1041 28.70 20.78 -56.43
N THR KG 1042 28.50 20.08 -55.31
CA THR KG 1042 27.59 20.52 -54.27
C THR KG 1042 28.26 20.64 -52.91
N GLN KG 1043 29.15 19.70 -52.58
CA GLN KG 1043 29.89 19.74 -51.33
C GLN KG 1043 31.37 19.49 -51.60
N ASP KG 1044 32.16 19.50 -50.54
CA ASP KG 1044 33.61 19.38 -50.62
C ASP KG 1044 34.04 17.94 -50.36
N VAL KG 1045 35.32 17.66 -50.61
CA VAL KG 1045 35.94 16.36 -50.34
C VAL KG 1045 37.28 16.60 -49.66
N THR KG 1046 38.00 15.51 -49.42
CA THR KG 1046 39.32 15.58 -48.80
C THR KG 1046 40.21 14.44 -49.27
N ILE LG 862 41.72 -6.94 -54.04
CA ILE LG 862 41.28 -5.56 -54.07
C ILE LG 862 40.83 -5.17 -55.47
N ILE LG 863 39.60 -4.68 -55.56
CA ILE LG 863 39.04 -4.21 -56.82
C ILE LG 863 38.50 -2.80 -56.61
N LYS LG 864 38.87 -1.89 -57.50
CA LYS LG 864 38.41 -0.51 -57.39
C LYS LG 864 36.90 -0.45 -57.60
N THR LG 865 36.26 0.52 -56.94
CA THR LG 865 34.81 0.66 -56.99
C THR LG 865 34.38 1.04 -58.41
N GLY LG 866 33.39 0.33 -58.94
CA GLY LG 866 32.72 0.74 -60.16
C GLY LG 866 33.52 0.61 -61.44
N ASP LG 867 34.45 -0.32 -61.50
CA ASP LG 867 35.26 -0.52 -62.69
C ASP LG 867 34.56 -1.52 -63.63
N ILE LG 868 35.21 -1.79 -64.75
CA ILE LG 868 34.60 -2.51 -65.87
C ILE LG 868 35.30 -3.84 -66.06
N MET LG 869 34.52 -4.89 -66.32
CA MET LG 869 35.04 -6.21 -66.67
C MET LG 869 34.09 -6.83 -67.68
N PHE LG 870 34.42 -8.04 -68.14
CA PHE LG 870 33.62 -8.71 -69.15
C PHE LG 870 33.41 -10.17 -68.77
N ALA LG 871 32.26 -10.71 -69.16
CA ALA LG 871 31.89 -12.08 -68.83
C ALA LG 871 31.08 -12.66 -69.98
N VAL LG 872 30.94 -13.98 -69.97
CA VAL LG 872 30.25 -14.72 -71.01
C VAL LG 872 29.07 -15.45 -70.39
N LEU LG 873 27.90 -15.32 -70.99
CA LEU LG 873 26.70 -16.02 -70.56
C LEU LG 873 26.53 -17.30 -71.38
N ASP LG 874 26.34 -18.41 -70.68
CA ASP LG 874 26.29 -19.71 -71.33
C ASP LG 874 24.94 -20.39 -71.11
N THR LG 875 24.16 -19.87 -70.17
CA THR LG 875 22.83 -20.42 -69.88
C THR LG 875 21.75 -19.43 -70.32
N SER LG 876 20.77 -19.92 -71.08
CA SER LG 876 19.65 -19.10 -71.51
C SER LG 876 18.50 -19.24 -70.52
N VAL LG 877 17.68 -18.19 -70.43
CA VAL LG 877 16.54 -18.15 -69.51
C VAL LG 877 15.59 -17.05 -69.95
N ASN LG 878 14.32 -17.23 -69.61
CA ASN LG 878 13.26 -16.30 -69.97
C ASN LG 878 12.91 -15.42 -68.78
N SER LG 879 12.33 -14.25 -69.08
CA SER LG 879 11.84 -13.35 -68.05
C SER LG 879 10.44 -13.75 -67.61
N ASP LG 880 10.29 -15.00 -67.20
CA ASP LG 880 9.00 -15.52 -66.79
C ASP LG 880 8.98 -16.02 -65.36
N GLU LG 881 9.95 -16.87 -64.97
CA GLU LG 881 10.05 -17.38 -63.62
C GLU LG 881 11.50 -17.22 -63.17
N PRO LG 882 11.75 -16.55 -62.05
CA PRO LG 882 13.14 -16.32 -61.63
C PRO LG 882 13.89 -17.60 -61.38
N GLY LG 883 15.18 -17.58 -61.68
CA GLY LG 883 16.06 -18.71 -61.46
C GLY LG 883 17.51 -18.28 -61.45
N PRO LG 884 18.37 -19.12 -60.87
CA PRO LG 884 19.80 -18.80 -60.83
C PRO LG 884 20.41 -18.78 -62.22
N ILE LG 885 21.16 -17.73 -62.54
CA ILE LG 885 21.82 -17.58 -63.83
C ILE LG 885 23.30 -17.37 -63.59
N LEU LG 886 24.13 -18.11 -64.32
CA LEU LG 886 25.57 -18.09 -64.13
C LEU LG 886 26.27 -17.57 -65.38
N ALA LG 887 27.30 -16.76 -65.16
CA ALA LG 887 28.21 -16.30 -66.20
C ALA LG 887 29.65 -16.49 -65.71
N THR LG 888 30.61 -16.19 -66.57
CA THR LG 888 32.01 -16.43 -66.25
C THR LG 888 32.87 -15.30 -66.82
N ILE LG 889 33.62 -14.64 -65.95
CA ILE LG 889 34.61 -13.66 -66.38
C ILE LG 889 35.68 -14.38 -67.20
N VAL LG 890 36.04 -13.80 -68.34
CA VAL LG 890 36.96 -14.44 -69.27
C VAL LG 890 38.35 -13.81 -69.23
N THR LG 891 38.47 -12.54 -68.86
CA THR LG 891 39.76 -11.86 -68.91
C THR LG 891 40.08 -11.14 -67.61
N GLY LG 892 41.13 -10.32 -67.62
CA GLY LG 892 41.47 -9.52 -66.47
C GLY LG 892 42.26 -10.30 -65.44
N LYS LG 893 42.42 -9.67 -64.26
CA LYS LG 893 43.21 -10.27 -63.19
C LYS LG 893 42.66 -11.62 -62.77
N LEU LG 894 41.37 -11.68 -62.48
CA LEU LG 894 40.72 -12.96 -62.19
C LEU LG 894 40.42 -13.68 -63.49
N LYS LG 895 40.79 -14.96 -63.54
CA LYS LG 895 40.60 -15.78 -64.73
C LYS LG 895 39.70 -16.95 -64.39
N GLY LG 896 38.68 -17.18 -65.22
CA GLY LG 896 37.78 -18.29 -65.00
C GLY LG 896 36.89 -18.15 -63.79
N SER LG 897 36.82 -16.97 -63.18
CA SER LG 897 35.89 -16.75 -62.08
C SER LG 897 34.47 -16.80 -62.59
N LYS LG 898 33.57 -17.36 -61.78
CA LYS LG 898 32.18 -17.50 -62.19
C LYS LG 898 31.28 -16.68 -61.27
N LEU LG 899 30.05 -16.44 -61.71
CA LEU LG 899 29.17 -15.49 -61.05
C LEU LG 899 27.72 -15.91 -61.26
N ILE LG 900 27.03 -16.23 -60.17
CA ILE LG 900 25.61 -16.58 -60.21
C ILE LG 900 24.81 -15.42 -59.63
N GLY LG 901 23.62 -15.21 -60.19
CA GLY LG 901 22.72 -14.16 -59.79
C GLY LG 901 21.31 -14.40 -60.28
N SER LG 902 20.50 -13.35 -60.31
CA SER LG 902 19.11 -13.46 -60.72
C SER LG 902 18.75 -12.21 -61.54
N PHE LG 903 17.48 -12.07 -61.87
CA PHE LG 903 17.01 -10.94 -62.66
C PHE LG 903 15.83 -10.26 -61.95
N ASN LG 904 15.36 -9.18 -62.56
CA ASN LG 904 14.17 -8.48 -62.13
C ASN LG 904 13.28 -8.25 -63.35
N LEU LG 905 12.05 -7.83 -63.10
CA LEU LG 905 11.12 -7.61 -64.20
C LEU LG 905 10.76 -6.14 -64.29
N PRO LG 906 10.95 -5.52 -65.45
CA PRO LG 906 10.48 -4.15 -65.66
C PRO LG 906 9.01 -4.11 -66.04
N SER LG 907 8.36 -3.02 -65.68
CA SER LG 907 6.94 -2.84 -65.99
C SER LG 907 6.70 -2.77 -67.50
N ASN LG 908 7.68 -2.31 -68.26
CA ASN LG 908 7.58 -2.24 -69.70
C ASN LG 908 8.73 -2.99 -70.35
N ALA LG 909 8.56 -3.36 -71.61
CA ALA LG 909 9.52 -4.19 -72.33
C ALA LG 909 10.55 -3.37 -73.10
N ASP LG 910 10.86 -2.16 -72.64
CA ASP LG 910 11.82 -1.29 -73.30
C ASP LG 910 13.26 -1.69 -73.02
N LYS LG 911 13.50 -2.53 -72.01
CA LYS LG 911 14.84 -3.01 -71.71
C LYS LG 911 14.72 -4.15 -70.71
N MET LG 912 15.88 -4.62 -70.24
CA MET LG 912 15.93 -5.70 -69.26
C MET LG 912 17.32 -5.75 -68.64
N VAL LG 913 17.37 -5.83 -67.32
CA VAL LG 913 18.62 -5.76 -66.58
C VAL LG 913 18.72 -6.99 -65.67
N ILE LG 914 19.97 -7.33 -65.32
CA ILE LG 914 20.30 -8.56 -64.60
C ILE LG 914 21.07 -8.19 -63.35
N THR LG 915 20.74 -8.84 -62.24
CA THR LG 915 21.43 -8.62 -60.97
C THR LG 915 22.35 -9.79 -60.68
N PHE LG 916 23.64 -9.50 -60.50
CA PHE LG 916 24.64 -10.52 -60.20
C PHE LG 916 25.21 -10.24 -58.81
N ASN LG 917 25.16 -11.23 -57.93
CA ASN LG 917 25.57 -11.00 -56.56
C ASN LG 917 26.59 -12.01 -56.04
N THR LG 918 26.47 -13.28 -56.42
CA THR LG 918 27.30 -14.32 -55.81
C THR LG 918 28.46 -14.68 -56.74
N MET LG 919 29.65 -14.21 -56.38
CA MET LG 919 30.85 -14.42 -57.19
C MET LG 919 31.70 -15.50 -56.54
N SER LG 920 32.16 -16.46 -57.35
CA SER LG 920 33.07 -17.49 -56.89
C SER LG 920 34.35 -17.43 -57.71
N ILE LG 921 35.47 -17.20 -57.04
CA ILE LG 921 36.79 -17.12 -57.65
C ILE LG 921 37.44 -18.49 -57.52
N PRO LG 922 38.03 -19.04 -58.58
CA PRO LG 922 38.72 -20.33 -58.46
C PRO LG 922 39.98 -20.23 -57.60
N GLY LG 923 40.60 -21.37 -57.32
CA GLY LG 923 41.77 -21.40 -56.46
C GLY LG 923 41.46 -21.75 -55.01
N ALA LG 924 40.66 -20.94 -54.34
CA ALA LG 924 40.32 -21.17 -52.94
C ALA LG 924 38.82 -21.35 -52.77
N GLU LG 925 38.45 -22.13 -51.75
CA GLU LG 925 37.06 -22.39 -51.42
C GLU LG 925 36.49 -21.18 -50.68
N LYS LG 926 36.09 -20.18 -51.46
CA LYS LG 926 35.51 -18.96 -50.92
C LYS LG 926 34.31 -18.58 -51.77
N THR LG 927 33.45 -17.73 -51.20
CA THR LG 927 32.25 -17.28 -51.90
C THR LG 927 31.99 -15.83 -51.49
N ILE LG 928 32.47 -14.90 -52.30
CA ILE LG 928 32.27 -13.48 -52.05
C ILE LG 928 30.90 -13.07 -52.59
N SER LG 929 30.44 -11.88 -52.19
CA SER LG 929 29.09 -11.45 -52.54
C SER LG 929 29.06 -10.07 -53.16
N ILE LG 930 29.92 -9.82 -54.15
CA ILE LG 930 29.94 -8.54 -54.85
C ILE LG 930 28.70 -8.44 -55.72
N SER LG 931 27.95 -7.35 -55.56
CA SER LG 931 26.74 -7.11 -56.34
C SER LG 931 27.09 -6.20 -57.52
N ALA LG 932 26.64 -6.59 -58.70
CA ALA LG 932 26.91 -5.81 -59.91
C ALA LG 932 25.86 -6.15 -60.94
N TYR LG 933 25.77 -5.32 -61.97
CA TYR LG 933 24.82 -5.50 -63.07
C TYR LG 933 25.59 -5.69 -64.37
N ALA LG 934 24.86 -5.71 -65.48
CA ALA LG 934 25.41 -6.00 -66.78
C ALA LG 934 25.10 -4.90 -67.78
N ILE LG 935 25.96 -4.77 -68.78
CA ILE LG 935 25.77 -3.82 -69.88
C ILE LG 935 25.92 -4.58 -71.20
N ASP LG 936 25.15 -4.19 -72.19
CA ASP LG 936 25.19 -4.84 -73.49
C ASP LG 936 26.55 -4.62 -74.14
N PRO LG 937 27.28 -5.68 -74.49
CA PRO LG 937 28.59 -5.49 -75.11
C PRO LG 937 28.52 -4.68 -76.38
N ASN LG 938 29.45 -3.73 -76.50
CA ASN LG 938 29.60 -2.79 -77.62
C ASN LG 938 28.35 -1.96 -77.85
N THR LG 939 27.38 -1.99 -76.94
CA THR LG 939 26.17 -1.18 -77.08
C THR LG 939 26.08 -0.21 -75.91
N ALA LG 940 26.64 -0.61 -74.77
CA ALA LG 940 26.70 0.22 -73.57
C ALA LG 940 25.30 0.72 -73.18
N ARG LG 941 24.33 -0.18 -73.29
CA ARG LG 941 22.96 0.11 -72.91
C ARG LG 941 22.45 -1.00 -72.02
N THR LG 942 21.39 -0.70 -71.28
CA THR LG 942 20.79 -1.64 -70.35
C THR LG 942 19.75 -2.53 -71.01
N ALA LG 943 19.57 -2.42 -72.33
CA ALA LG 943 18.58 -3.23 -73.02
C ALA LG 943 19.05 -4.67 -73.16
N LEU LG 944 18.11 -5.56 -73.47
CA LEU LG 944 18.39 -6.98 -73.66
C LEU LG 944 18.19 -7.35 -75.13
N ALA LG 945 19.06 -8.23 -75.62
CA ALA LG 945 19.04 -8.65 -77.02
C ALA LG 945 17.99 -9.73 -77.22
N SER LG 946 16.76 -9.28 -77.50
CA SER LG 946 15.66 -10.19 -77.78
C SER LG 946 14.52 -9.39 -78.42
N ARG LG 947 13.37 -10.03 -78.55
CA ARG LG 947 12.20 -9.42 -79.16
C ARG LG 947 11.18 -9.05 -78.10
N THR LG 948 10.44 -7.96 -78.38
CA THR LG 948 9.43 -7.48 -77.45
C THR LG 948 8.04 -7.36 -78.06
N ASN LG 949 7.85 -7.77 -79.32
CA ASN LG 949 6.55 -7.75 -79.98
C ASN LG 949 5.83 -9.10 -79.82
N HIS LG 950 6.00 -9.72 -78.65
CA HIS LG 950 5.63 -11.12 -78.49
C HIS LG 950 4.12 -11.35 -78.53
N HIS LG 951 3.35 -10.56 -77.79
CA HIS LG 951 1.94 -10.85 -77.61
C HIS LG 951 1.09 -9.61 -77.75
N TYR LG 952 1.29 -8.85 -78.82
CA TYR LG 952 0.39 -7.76 -79.18
C TYR LG 952 -0.72 -8.21 -80.11
N LEU LG 953 -0.35 -8.73 -81.29
CA LEU LG 953 -1.33 -9.08 -82.30
C LEU LG 953 -2.23 -10.22 -81.85
N MET LG 954 -1.73 -11.10 -80.98
CA MET LG 954 -2.56 -12.19 -80.48
C MET LG 954 -3.83 -11.65 -79.82
N ARG LG 955 -3.68 -10.88 -78.75
CA ARG LG 955 -4.83 -10.33 -78.05
C ARG LG 955 -5.59 -9.34 -78.92
N TYR LG 956 -4.88 -8.53 -79.72
CA TYR LG 956 -5.58 -7.59 -80.60
C TYR LG 956 -6.55 -8.32 -81.51
N GLY LG 957 -6.08 -9.35 -82.21
CA GLY LG 957 -6.94 -10.08 -83.13
C GLY LG 957 -8.04 -10.83 -82.42
N SER LG 958 -7.73 -11.44 -81.26
CA SER LG 958 -8.77 -12.15 -80.53
C SER LG 958 -9.91 -11.22 -80.16
N LEU LG 959 -9.59 -10.07 -79.57
CA LEU LG 959 -10.62 -9.13 -79.15
C LEU LG 959 -11.39 -8.58 -80.35
N PHE LG 960 -10.67 -8.20 -81.41
CA PHE LG 960 -11.34 -7.64 -82.57
C PHE LG 960 -12.29 -8.66 -83.20
N ALA LG 961 -11.86 -9.91 -83.32
CA ALA LG 961 -12.72 -10.95 -83.89
C ALA LG 961 -13.94 -11.19 -83.01
N SER LG 962 -13.76 -11.23 -81.68
CA SER LG 962 -14.89 -11.43 -80.81
C SER LG 962 -15.92 -10.31 -80.96
N SER LG 963 -15.46 -9.06 -80.94
CA SER LG 963 -16.37 -7.94 -81.13
C SER LG 963 -17.06 -8.02 -82.49
N PHE LG 964 -16.29 -8.32 -83.55
CA PHE LG 964 -16.86 -8.39 -84.89
C PHE LG 964 -17.93 -9.45 -84.97
N LEU LG 965 -17.72 -10.59 -84.31
CA LEU LG 965 -18.73 -11.64 -84.29
C LEU LG 965 -20.01 -11.16 -83.60
N GLN LG 966 -19.86 -10.56 -82.42
CA GLN LG 966 -21.03 -10.03 -81.73
C GLN LG 966 -21.81 -9.08 -82.63
N GLY LG 967 -21.10 -8.14 -83.24
CA GLY LG 967 -21.75 -7.17 -84.09
C GLY LG 967 -22.41 -7.78 -85.30
N PHE LG 968 -21.75 -8.77 -85.91
CA PHE LG 968 -22.33 -9.37 -87.10
C PHE LG 968 -23.64 -10.05 -86.77
N GLY LG 969 -23.64 -10.86 -85.71
CA GLY LG 969 -24.87 -11.51 -85.32
C GLY LG 969 -25.97 -10.53 -85.01
N ASN LG 970 -25.70 -9.56 -84.13
CA ASN LG 970 -26.77 -8.68 -83.70
C ASN LG 970 -27.28 -7.80 -84.83
N ALA LG 971 -26.38 -7.23 -85.65
CA ALA LG 971 -26.82 -6.34 -86.71
C ALA LG 971 -27.52 -7.09 -87.82
N PHE LG 972 -27.04 -8.29 -88.18
CA PHE LG 972 -27.74 -9.05 -89.20
C PHE LG 972 -29.06 -9.61 -88.69
N GLN LG 973 -29.23 -9.78 -87.38
CA GLN LG 973 -30.56 -10.09 -86.87
C GLN LG 973 -31.47 -8.88 -86.92
N SER LG 974 -30.94 -7.71 -86.56
CA SER LG 974 -31.75 -6.49 -86.59
C SER LG 974 -32.21 -6.16 -88.00
N ALA LG 975 -31.33 -6.33 -88.98
CA ALA LG 975 -31.62 -5.95 -90.36
C ALA LG 975 -32.52 -6.95 -91.07
N ASN LG 976 -33.09 -7.91 -90.35
CA ASN LG 976 -33.99 -8.88 -90.98
C ASN LG 976 -35.28 -8.21 -91.47
N THR LG 977 -35.73 -7.15 -90.80
CA THR LG 977 -36.97 -6.50 -91.18
C THR LG 977 -36.82 -5.73 -92.49
N THR LG 978 -35.76 -4.95 -92.62
CA THR LG 978 -35.55 -4.14 -93.83
C THR LG 978 -34.37 -4.65 -94.65
N SER LG 999 -32.26 -19.26 -94.36
CA SER LG 999 -32.06 -20.08 -93.17
C SER LG 999 -30.61 -20.06 -92.73
N THR LG 1000 -29.71 -20.37 -93.67
CA THR LG 1000 -28.28 -20.37 -93.37
C THR LG 1000 -27.79 -18.98 -92.98
N LEU LG 1001 -28.38 -17.94 -93.57
CA LEU LG 1001 -28.06 -16.58 -93.14
C LEU LG 1001 -28.43 -16.38 -91.69
N GLU LG 1002 -29.61 -16.88 -91.28
CA GLU LG 1002 -30.01 -16.78 -89.89
C GLU LG 1002 -29.08 -17.58 -88.99
N ASN LG 1003 -28.58 -18.72 -89.49
CA ASN LG 1003 -27.65 -19.52 -88.70
C ASN LG 1003 -26.33 -18.80 -88.49
N ALA LG 1004 -25.85 -18.11 -89.53
CA ALA LG 1004 -24.65 -17.28 -89.36
C ALA LG 1004 -24.89 -16.16 -88.36
N VAL LG 1005 -26.04 -15.49 -88.47
CA VAL LG 1005 -26.47 -14.53 -87.46
C VAL LG 1005 -26.35 -15.14 -86.08
N ILE LG 1006 -26.89 -16.33 -85.93
CA ILE LG 1006 -26.87 -17.06 -84.67
C ILE LG 1006 -25.45 -17.19 -84.14
N GLY LG 1007 -24.58 -17.80 -84.95
CA GLY LG 1007 -23.25 -18.11 -84.47
C GLY LG 1007 -22.50 -16.86 -84.07
N LEU LG 1008 -22.54 -15.83 -84.91
CA LEU LG 1008 -21.85 -14.60 -84.59
C LEU LG 1008 -22.41 -13.96 -83.32
N ALA LG 1009 -23.73 -13.77 -83.27
CA ALA LG 1009 -24.36 -13.05 -82.17
C ALA LG 1009 -24.17 -13.76 -80.84
N THR LG 1010 -23.95 -15.07 -80.85
CA THR LG 1010 -23.82 -15.73 -79.56
C THR LG 1010 -22.40 -16.08 -79.16
N VAL LG 1011 -21.50 -16.36 -80.12
CA VAL LG 1011 -20.13 -16.66 -79.76
C VAL LG 1011 -19.26 -15.41 -79.68
N GLY LG 1012 -19.75 -14.25 -80.14
CA GLY LG 1012 -18.96 -13.05 -79.97
C GLY LG 1012 -18.80 -12.65 -78.51
N LYS LG 1013 -19.86 -12.77 -77.71
CA LYS LG 1013 -19.87 -12.15 -76.39
C LYS LG 1013 -18.94 -12.87 -75.41
N ALA LG 1014 -19.02 -14.20 -75.35
CA ALA LG 1014 -18.16 -14.94 -74.43
C ALA LG 1014 -16.69 -14.75 -74.81
N TRP LG 1015 -16.38 -14.81 -76.10
CA TRP LG 1015 -15.02 -14.55 -76.53
C TRP LG 1015 -14.61 -13.12 -76.18
N SER LG 1016 -15.53 -12.16 -76.29
CA SER LG 1016 -15.19 -10.77 -75.97
C SER LG 1016 -14.85 -10.61 -74.50
N GLN LG 1017 -15.64 -11.23 -73.61
CA GLN LG 1017 -15.33 -11.09 -72.20
C GLN LG 1017 -14.05 -11.83 -71.82
N GLN LG 1018 -13.80 -12.99 -72.43
CA GLN LG 1018 -12.54 -13.68 -72.18
C GLN LG 1018 -11.36 -12.85 -72.65
N ALA LG 1019 -11.47 -12.24 -73.83
CA ALA LG 1019 -10.40 -11.40 -74.35
C ALA LG 1019 -10.19 -10.18 -73.48
N GLN LG 1020 -11.26 -9.59 -72.96
CA GLN LG 1020 -11.13 -8.48 -72.02
C GLN LG 1020 -10.38 -8.94 -70.77
N GLN LG 1021 -10.68 -10.14 -70.29
CA GLN LG 1021 -9.98 -10.67 -69.13
C GLN LG 1021 -8.49 -10.87 -69.40
N LEU LG 1022 -8.14 -11.46 -70.54
CA LEU LG 1022 -6.77 -11.86 -70.81
C LEU LG 1022 -5.96 -10.81 -71.56
N PHE LG 1023 -6.55 -9.64 -71.84
CA PHE LG 1023 -5.88 -8.65 -72.67
C PHE LG 1023 -4.68 -8.03 -71.96
N ASN LG 1024 -4.55 -8.24 -70.66
CA ASN LG 1024 -3.57 -7.53 -69.86
C ASN LG 1024 -2.21 -8.22 -69.78
N THR LG 1025 -2.07 -9.42 -70.34
CA THR LG 1025 -0.79 -10.11 -70.25
C THR LG 1025 0.25 -9.43 -71.14
N PRO LG 1026 1.40 -9.04 -70.60
CA PRO LG 1026 2.39 -8.30 -71.37
C PRO LG 1026 3.18 -9.23 -72.28
N THR LG 1027 3.90 -8.62 -73.22
CA THR LG 1027 4.81 -9.34 -74.11
C THR LG 1027 6.10 -9.63 -73.34
N THR LG 1028 6.65 -10.82 -73.54
CA THR LG 1028 7.79 -11.27 -72.75
C THR LG 1028 9.11 -10.95 -73.45
N VAL LG 1029 10.20 -11.02 -72.69
CA VAL LG 1029 11.55 -10.95 -73.20
C VAL LG 1029 12.33 -12.14 -72.64
N GLU LG 1030 13.45 -12.46 -73.27
CA GLU LG 1030 14.21 -13.64 -72.90
C GLU LG 1030 15.67 -13.51 -73.33
N VAL LG 1031 16.58 -13.74 -72.39
CA VAL LG 1031 18.00 -13.73 -72.73
C VAL LG 1031 18.38 -15.04 -73.40
N TYR LG 1032 19.53 -15.03 -74.06
CA TYR LG 1032 20.03 -16.21 -74.75
C TYR LG 1032 21.26 -16.77 -74.04
N SER LG 1033 21.67 -17.96 -74.46
CA SER LG 1033 22.82 -18.64 -73.88
C SER LG 1033 24.12 -18.40 -74.64
N GLY LG 1034 24.09 -17.61 -75.70
CA GLY LG 1034 25.28 -17.38 -76.49
C GLY LG 1034 25.61 -15.92 -76.72
N THR LG 1035 25.30 -15.08 -75.73
CA THR LG 1035 25.56 -13.65 -75.81
C THR LG 1035 26.52 -13.25 -74.70
N GLY LG 1036 27.56 -12.50 -75.06
CA GLY LG 1036 28.48 -11.97 -74.08
C GLY LG 1036 27.89 -10.81 -73.32
N LEU LG 1037 28.66 -10.32 -72.34
CA LEU LG 1037 28.18 -9.25 -71.50
C LEU LG 1037 29.36 -8.52 -70.87
N GLY LG 1038 29.11 -7.26 -70.50
CA GLY LG 1038 30.04 -6.47 -69.72
C GLY LG 1038 29.43 -6.17 -68.36
N ILE LG 1039 30.30 -6.07 -67.35
CA ILE LG 1039 29.89 -5.93 -65.97
C ILE LG 1039 30.54 -4.68 -65.39
N LEU LG 1040 29.71 -3.82 -64.79
CA LEU LG 1040 30.21 -2.67 -64.04
C LEU LG 1040 30.04 -2.93 -62.55
N PHE LG 1041 31.09 -2.64 -61.79
CA PHE LG 1041 31.09 -2.87 -60.36
C PHE LG 1041 30.26 -1.83 -59.63
N THR LG 1042 29.88 -2.16 -58.40
CA THR LG 1042 29.10 -1.25 -57.55
C THR LG 1042 29.82 -0.92 -56.26
N GLN LG 1043 30.38 -1.90 -55.57
CA GLN LG 1043 31.15 -1.68 -54.35
C GLN LG 1043 32.50 -2.38 -54.47
N ASP LG 1044 33.28 -2.29 -53.40
CA ASP LG 1044 34.62 -2.85 -53.39
C ASP LG 1044 34.63 -4.25 -52.77
N VAL LG 1045 35.71 -4.99 -53.02
CA VAL LG 1045 35.92 -6.32 -52.47
C VAL LG 1045 37.41 -6.45 -52.12
N THR LG 1046 37.73 -7.56 -51.44
CA THR LG 1046 39.10 -7.83 -51.05
C THR LG 1046 39.42 -9.31 -51.14
N ILE MG 862 33.85 -30.48 -50.63
CA ILE MG 862 34.16 -29.11 -51.01
C ILE MG 862 33.88 -28.91 -52.50
N ILE MG 863 32.82 -28.19 -52.81
CA ILE MG 863 32.38 -27.94 -54.18
C ILE MG 863 32.28 -26.44 -54.40
N LYS MG 864 32.81 -25.98 -55.53
CA LYS MG 864 32.81 -24.55 -55.83
C LYS MG 864 31.38 -24.03 -55.95
N THR MG 865 31.21 -22.77 -55.58
CA THR MG 865 29.89 -22.15 -55.55
C THR MG 865 29.30 -22.11 -56.96
N GLY MG 866 28.19 -22.80 -57.15
CA GLY MG 866 27.45 -22.74 -58.40
C GLY MG 866 28.13 -23.34 -59.62
N ASP MG 867 28.81 -24.46 -59.45
CA ASP MG 867 29.47 -25.13 -60.56
C ASP MG 867 28.47 -26.05 -61.27
N ILE MG 868 28.97 -26.82 -62.23
CA ILE MG 868 28.15 -27.54 -63.20
C ILE MG 868 28.35 -29.04 -63.01
N MET MG 869 27.25 -29.79 -63.08
CA MET MG 869 27.27 -31.24 -62.99
C MET MG 869 26.24 -31.80 -63.97
N PHE MG 870 26.33 -33.09 -64.26
CA PHE MG 870 25.35 -33.77 -65.08
C PHE MG 870 24.62 -34.81 -64.23
N ALA MG 871 23.37 -35.09 -64.60
CA ALA MG 871 22.56 -36.05 -63.88
C ALA MG 871 21.54 -36.64 -64.84
N VAL MG 872 20.81 -37.65 -64.37
CA VAL MG 872 19.83 -38.36 -65.19
C VAL MG 872 18.54 -38.49 -64.41
N LEU MG 873 17.42 -38.19 -65.05
CA LEU MG 873 16.11 -38.35 -64.46
C LEU MG 873 15.43 -39.59 -65.02
N ASP MG 874 14.95 -40.44 -64.11
CA ASP MG 874 14.42 -41.74 -64.50
C ASP MG 874 12.94 -41.87 -64.16
N THR MG 875 12.49 -41.11 -63.15
CA THR MG 875 11.10 -41.16 -62.73
C THR MG 875 10.37 -39.93 -63.27
N SER MG 876 9.33 -40.16 -64.07
CA SER MG 876 8.54 -39.07 -64.63
C SER MG 876 7.48 -38.62 -63.63
N VAL MG 877 6.97 -37.41 -63.83
CA VAL MG 877 5.96 -36.83 -62.96
C VAL MG 877 5.20 -35.77 -63.73
N ASN MG 878 3.91 -35.63 -63.43
CA ASN MG 878 3.07 -34.57 -63.97
C ASN MG 878 3.14 -33.35 -63.06
N SER MG 879 3.02 -32.17 -63.69
CA SER MG 879 3.01 -30.93 -62.92
C SER MG 879 1.64 -30.69 -62.34
N ASP MG 880 1.11 -31.67 -61.64
CA ASP MG 880 -0.21 -31.59 -61.00
C ASP MG 880 -0.14 -31.76 -59.50
N GLU MG 881 0.70 -32.66 -59.00
CA GLU MG 881 0.82 -32.91 -57.57
C GLU MG 881 2.30 -32.94 -57.22
N PRO MG 882 2.82 -31.90 -56.57
CA PRO MG 882 4.23 -31.93 -56.14
C PRO MG 882 4.49 -33.09 -55.20
N GLY MG 883 5.65 -33.70 -55.38
CA GLY MG 883 6.03 -34.85 -54.61
C GLY MG 883 7.49 -35.21 -54.78
N PRO MG 884 7.94 -36.23 -54.05
CA PRO MG 884 9.33 -36.66 -54.18
C PRO MG 884 9.66 -37.17 -55.58
N ILE MG 885 10.67 -36.58 -56.21
CA ILE MG 885 11.21 -37.06 -57.47
C ILE MG 885 12.72 -37.16 -57.32
N LEU MG 886 13.28 -38.28 -57.78
CA LEU MG 886 14.69 -38.59 -57.56
C LEU MG 886 15.42 -38.70 -58.89
N ALA MG 887 16.68 -38.28 -58.89
CA ALA MG 887 17.59 -38.38 -60.02
C ALA MG 887 18.93 -38.92 -59.53
N THR MG 888 19.81 -39.27 -60.47
CA THR MG 888 21.09 -39.89 -60.13
C THR MG 888 22.21 -39.20 -60.89
N ILE MG 889 23.22 -38.73 -60.16
CA ILE MG 889 24.43 -38.21 -60.79
C ILE MG 889 25.21 -39.36 -61.39
N VAL MG 890 25.66 -39.19 -62.63
CA VAL MG 890 26.34 -40.26 -63.34
C VAL MG 890 27.81 -39.93 -63.62
N THR MG 891 28.20 -38.66 -63.65
CA THR MG 891 29.59 -38.31 -63.93
C THR MG 891 30.13 -37.34 -62.90
N GLY MG 892 31.36 -36.87 -63.11
CA GLY MG 892 31.97 -35.97 -62.17
C GLY MG 892 32.45 -36.69 -60.92
N LYS MG 893 32.75 -35.90 -59.89
CA LYS MG 893 33.23 -36.47 -58.64
C LYS MG 893 32.18 -37.39 -58.01
N LEU MG 894 30.92 -36.98 -58.01
CA LEU MG 894 29.85 -37.81 -57.47
C LEU MG 894 29.47 -38.87 -58.50
N LYS MG 895 29.59 -40.13 -58.10
CA LYS MG 895 29.19 -41.25 -58.95
C LYS MG 895 28.12 -42.03 -58.22
N GLY MG 896 26.97 -42.22 -58.87
CA GLY MG 896 25.89 -42.96 -58.25
C GLY MG 896 25.19 -42.24 -57.11
N SER MG 897 25.56 -40.98 -56.85
CA SER MG 897 24.87 -40.20 -55.84
C SER MG 897 23.44 -39.94 -56.29
N LYS MG 898 22.52 -39.80 -55.34
CA LYS MG 898 21.12 -39.63 -55.68
C LYS MG 898 20.58 -38.33 -55.09
N LEU MG 899 19.48 -37.86 -55.68
CA LEU MG 899 19.00 -36.51 -55.39
C LEU MG 899 17.48 -36.50 -55.42
N ILE MG 900 16.88 -36.22 -54.27
CA ILE MG 900 15.44 -36.08 -54.11
C ILE MG 900 15.09 -34.60 -54.15
N GLY MG 901 13.94 -34.29 -54.75
CA GLY MG 901 13.44 -32.94 -54.78
C GLY MG 901 11.99 -32.88 -55.23
N SER MG 902 11.55 -31.69 -55.60
CA SER MG 902 10.19 -31.50 -56.10
C SER MG 902 10.22 -30.37 -57.12
N PHE MG 903 9.08 -30.12 -57.76
CA PHE MG 903 8.98 -29.07 -58.77
C PHE MG 903 8.15 -27.92 -58.22
N ASN MG 904 8.00 -26.89 -59.05
CA ASN MG 904 7.11 -25.78 -58.75
C ASN MG 904 6.15 -25.61 -59.91
N LEU MG 905 5.06 -24.89 -59.66
CA LEU MG 905 4.14 -24.55 -60.71
C LEU MG 905 4.34 -23.10 -61.12
N PRO MG 906 4.75 -22.85 -62.36
CA PRO MG 906 4.98 -21.49 -62.81
C PRO MG 906 3.68 -20.75 -63.08
N SER MG 907 3.80 -19.42 -63.18
CA SER MG 907 2.65 -18.59 -63.49
C SER MG 907 2.08 -18.88 -64.87
N ASN MG 908 2.95 -19.12 -65.85
CA ASN MG 908 2.52 -19.44 -67.21
C ASN MG 908 3.20 -20.74 -67.66
N ALA MG 909 2.66 -21.33 -68.72
CA ALA MG 909 3.09 -22.64 -69.19
C ALA MG 909 4.28 -22.57 -70.14
N ASP MG 910 5.07 -21.51 -70.06
CA ASP MG 910 6.22 -21.33 -70.94
C ASP MG 910 7.46 -22.07 -70.47
N LYS MG 911 7.47 -22.60 -69.25
CA LYS MG 911 8.62 -23.31 -68.74
C LYS MG 911 8.21 -24.13 -67.52
N MET MG 912 9.18 -24.81 -66.95
CA MET MG 912 8.99 -25.62 -65.74
C MET MG 912 10.35 -25.92 -65.16
N VAL MG 913 10.49 -25.68 -63.85
CA VAL MG 913 11.76 -25.88 -63.16
C VAL MG 913 11.55 -26.83 -61.99
N ILE MG 914 12.64 -27.45 -61.58
CA ILE MG 914 12.62 -28.51 -60.55
C ILE MG 914 13.56 -28.09 -59.43
N THR MG 915 13.10 -28.24 -58.20
CA THR MG 915 13.91 -27.95 -57.02
C THR MG 915 14.60 -29.23 -56.58
N PHE MG 916 15.91 -29.18 -56.37
CA PHE MG 916 16.70 -30.32 -55.94
C PHE MG 916 17.46 -29.94 -54.69
N ASN MG 917 17.09 -30.54 -53.57
CA ASN MG 917 17.66 -30.19 -52.27
C ASN MG 917 18.21 -31.38 -51.50
N THR MG 918 17.58 -32.55 -51.60
CA THR MG 918 17.96 -33.69 -50.78
C THR MG 918 19.04 -34.49 -51.50
N MET MG 919 20.29 -34.24 -51.15
CA MET MG 919 21.43 -34.91 -51.81
C MET MG 919 21.93 -36.02 -50.90
N SER MG 920 22.03 -37.23 -51.44
CA SER MG 920 22.53 -38.38 -50.71
C SER MG 920 23.73 -38.95 -51.45
N ILE MG 921 24.88 -38.95 -50.79
CA ILE MG 921 26.13 -39.47 -51.32
C ILE MG 921 26.26 -40.93 -50.87
N PRO MG 922 26.61 -41.85 -51.76
CA PRO MG 922 26.76 -43.25 -51.34
C PRO MG 922 27.96 -43.45 -50.42
N GLY MG 923 28.08 -44.65 -49.86
CA GLY MG 923 29.18 -44.96 -48.99
C GLY MG 923 28.95 -44.54 -47.56
N ALA MG 924 28.83 -43.23 -47.33
CA ALA MG 924 28.70 -42.68 -45.99
C ALA MG 924 27.23 -42.55 -45.61
N GLU MG 925 26.97 -42.64 -44.31
CA GLU MG 925 25.61 -42.60 -43.77
C GLU MG 925 25.28 -41.18 -43.34
N LYS MG 926 24.97 -40.33 -44.31
CA LYS MG 926 24.56 -38.96 -44.06
C LYS MG 926 23.71 -38.48 -45.24
N THR MG 927 23.03 -37.35 -45.03
CA THR MG 927 22.17 -36.78 -46.06
C THR MG 927 22.32 -35.26 -46.01
N ILE MG 928 23.17 -34.72 -46.88
CA ILE MG 928 23.42 -33.29 -46.93
C ILE MG 928 22.20 -32.59 -47.51
N SER MG 929 22.15 -31.26 -47.35
CA SER MG 929 20.98 -30.50 -47.77
C SER MG 929 21.35 -29.40 -48.77
N ILE MG 930 22.24 -29.70 -49.70
CA ILE MG 930 22.59 -28.75 -50.75
C ILE MG 930 21.40 -28.63 -51.70
N SER MG 931 20.95 -27.40 -51.91
CA SER MG 931 19.81 -27.11 -52.78
C SER MG 931 20.31 -26.60 -54.12
N ALA MG 932 19.78 -27.15 -55.20
CA ALA MG 932 20.24 -26.80 -56.54
C ALA MG 932 19.08 -26.97 -57.51
N TYR MG 933 19.24 -26.41 -58.71
CA TYR MG 933 18.27 -26.50 -59.78
C TYR MG 933 18.91 -27.18 -60.99
N ALA MG 934 18.18 -27.23 -62.10
CA ALA MG 934 18.59 -27.96 -63.28
C ALA MG 934 18.40 -27.11 -64.54
N ILE MG 935 19.15 -27.47 -65.58
CA ILE MG 935 19.05 -26.83 -66.89
C ILE MG 935 18.95 -27.91 -67.94
N ASP MG 936 18.39 -27.56 -69.11
CA ASP MG 936 18.18 -28.54 -70.16
C ASP MG 936 19.50 -28.83 -70.87
N PRO MG 937 19.98 -30.08 -70.83
CA PRO MG 937 21.22 -30.41 -71.55
C PRO MG 937 21.02 -30.30 -73.05
N ASN MG 938 22.11 -29.93 -73.73
CA ASN MG 938 22.15 -29.70 -75.17
C ASN MG 938 21.21 -28.59 -75.61
N THR MG 939 20.60 -27.86 -74.68
CA THR MG 939 19.73 -26.73 -75.00
C THR MG 939 20.10 -25.53 -74.14
N ALA MG 940 20.60 -25.80 -72.95
CA ALA MG 940 21.05 -24.78 -72.00
C ALA MG 940 19.91 -23.82 -71.65
N ARG MG 941 18.78 -24.42 -71.25
CA ARG MG 941 17.59 -23.67 -70.87
C ARG MG 941 17.01 -24.25 -69.59
N THR MG 942 16.21 -23.43 -68.92
CA THR MG 942 15.55 -23.83 -67.68
C THR MG 942 14.14 -24.35 -67.90
N ALA MG 943 13.67 -24.40 -69.14
CA ALA MG 943 12.31 -24.87 -69.41
C ALA MG 943 12.24 -26.39 -69.32
N LEU MG 944 11.06 -26.92 -69.67
CA LEU MG 944 10.83 -28.36 -69.65
C LEU MG 944 10.50 -28.84 -71.06
N ALA MG 945 10.97 -30.04 -71.39
CA ALA MG 945 10.69 -30.67 -72.68
C ALA MG 945 9.44 -31.54 -72.56
N SER MG 946 8.30 -30.95 -72.91
CA SER MG 946 7.02 -31.64 -72.87
C SER MG 946 6.03 -30.88 -73.74
N ARG MG 947 4.76 -31.23 -73.62
CA ARG MG 947 3.69 -30.63 -74.39
C ARG MG 947 2.95 -29.59 -73.56
N THR MG 948 2.59 -28.49 -74.22
CA THR MG 948 1.93 -27.38 -73.53
C THR MG 948 0.63 -26.94 -74.18
N ASN MG 949 0.15 -27.64 -75.21
CA ASN MG 949 -1.09 -27.30 -75.90
C ASN MG 949 -2.23 -28.23 -75.52
N HIS MG 950 -2.30 -28.63 -74.26
CA HIS MG 950 -3.22 -29.69 -73.86
C HIS MG 950 -4.68 -29.26 -73.93
N HIS MG 951 -5.01 -28.10 -73.38
CA HIS MG 951 -6.42 -27.77 -73.12
C HIS MG 951 -6.74 -26.36 -73.55
N TYR MG 952 -6.37 -26.00 -74.78
CA TYR MG 952 -6.87 -24.78 -75.39
C TYR MG 952 -8.13 -25.03 -76.20
N LEU MG 953 -8.03 -25.90 -77.21
CA LEU MG 953 -9.12 -26.11 -78.16
C LEU MG 953 -10.30 -26.81 -77.49
N MET MG 954 -10.07 -27.62 -76.47
CA MET MG 954 -11.17 -28.30 -75.80
C MET MG 954 -12.13 -27.29 -75.18
N ARG MG 955 -11.61 -26.38 -74.36
CA ARG MG 955 -12.47 -25.38 -73.74
C ARG MG 955 -12.99 -24.38 -74.77
N TYR MG 956 -12.17 -23.99 -75.75
CA TYR MG 956 -12.66 -23.11 -76.79
C TYR MG 956 -13.88 -23.72 -77.49
N GLY MG 957 -13.78 -24.98 -77.90
CA GLY MG 957 -14.88 -25.63 -78.60
C GLY MG 957 -16.10 -25.80 -77.72
N SER MG 958 -15.90 -26.16 -76.44
CA SER MG 958 -17.04 -26.28 -75.55
C SER MG 958 -17.81 -24.96 -75.46
N LEU MG 959 -17.08 -23.87 -75.20
CA LEU MG 959 -17.73 -22.56 -75.07
C LEU MG 959 -18.43 -22.17 -76.37
N PHE MG 960 -17.73 -22.33 -77.50
CA PHE MG 960 -18.30 -21.90 -78.77
C PHE MG 960 -19.53 -22.71 -79.14
N ALA MG 961 -19.50 -24.02 -78.91
CA ALA MG 961 -20.67 -24.85 -79.19
C ALA MG 961 -21.85 -24.46 -78.31
N SER MG 962 -21.60 -24.23 -77.02
CA SER MG 962 -22.70 -23.83 -76.15
C SER MG 962 -23.33 -22.52 -76.61
N SER MG 963 -22.48 -21.54 -76.94
CA SER MG 963 -22.99 -20.26 -77.44
C SER MG 963 -23.78 -20.45 -78.72
N PHE MG 964 -23.26 -21.23 -79.66
CA PHE MG 964 -23.95 -21.44 -80.92
C PHE MG 964 -25.30 -22.08 -80.70
N LEU MG 965 -25.39 -23.03 -79.77
CA LEU MG 965 -26.67 -23.65 -79.44
C LEU MG 965 -27.66 -22.61 -78.93
N GLN MG 966 -27.24 -21.82 -77.93
CA GLN MG 966 -28.11 -20.78 -77.40
C GLN MG 966 -28.62 -19.88 -78.52
N GLY MG 967 -27.71 -19.39 -79.34
CA GLY MG 967 -28.10 -18.48 -80.41
C GLY MG 967 -29.05 -19.12 -81.39
N PHE MG 968 -28.78 -20.37 -81.77
CA PHE MG 968 -29.62 -20.99 -82.78
C PHE MG 968 -31.03 -21.14 -82.26
N GLY MG 969 -31.18 -21.69 -81.06
CA GLY MG 969 -32.51 -21.82 -80.51
C GLY MG 969 -33.24 -20.49 -80.42
N ASN MG 970 -32.62 -19.50 -79.77
CA ASN MG 970 -33.35 -18.26 -79.55
C ASN MG 970 -33.66 -17.53 -80.85
N ALA MG 971 -32.69 -17.41 -81.76
CA ALA MG 971 -32.92 -16.62 -82.96
C ALA MG 971 -33.86 -17.33 -83.93
N PHE MG 972 -33.74 -18.64 -84.08
CA PHE MG 972 -34.65 -19.34 -84.97
C PHE MG 972 -36.04 -19.52 -84.37
N GLN MG 973 -36.18 -19.35 -83.05
CA GLN MG 973 -37.52 -19.20 -82.50
C GLN MG 973 -38.06 -17.81 -82.75
N SER MG 974 -37.20 -16.79 -82.67
CA SER MG 974 -37.63 -15.41 -82.86
C SER MG 974 -38.07 -15.14 -84.30
N ALA MG 975 -37.38 -15.72 -85.28
CA ALA MG 975 -37.59 -15.37 -86.68
C ALA MG 975 -38.86 -15.99 -87.26
N ASN MG 976 -39.75 -16.52 -86.41
CA ASN MG 976 -40.98 -17.14 -86.90
C ASN MG 976 -41.90 -16.14 -87.59
N THR MG 977 -42.05 -14.94 -87.04
CA THR MG 977 -43.01 -13.99 -87.60
C THR MG 977 -42.57 -13.49 -88.97
N THR MG 978 -41.31 -13.09 -89.09
CA THR MG 978 -40.81 -12.54 -90.35
C THR MG 978 -40.20 -13.62 -91.24
N SER MG 999 -42.21 -28.89 -87.93
CA SER MG 999 -42.16 -29.36 -86.55
C SER MG 999 -40.71 -29.68 -86.15
N THR MG 1000 -40.01 -30.41 -87.01
CA THR MG 1000 -38.62 -30.77 -86.72
C THR MG 1000 -37.75 -29.53 -86.57
N LEU MG 1001 -38.02 -28.49 -87.36
CA LEU MG 1001 -37.29 -27.23 -87.18
C LEU MG 1001 -37.54 -26.67 -85.78
N GLU MG 1002 -38.78 -26.71 -85.32
CA GLU MG 1002 -39.09 -26.26 -83.96
C GLU MG 1002 -38.34 -27.11 -82.93
N ASN MG 1003 -38.25 -28.40 -83.17
CA ASN MG 1003 -37.55 -29.28 -82.22
C ASN MG 1003 -36.06 -28.97 -82.18
N ALA MG 1004 -35.45 -28.70 -83.33
CA ALA MG 1004 -34.05 -28.27 -83.33
C ALA MG 1004 -33.88 -26.96 -82.57
N VAL MG 1005 -34.77 -26.00 -82.82
CA VAL MG 1005 -34.77 -24.76 -82.05
C VAL MG 1005 -34.84 -25.05 -80.57
N ILE MG 1006 -35.72 -25.96 -80.20
CA ILE MG 1006 -35.89 -26.40 -78.81
C ILE MG 1006 -34.55 -26.84 -78.23
N GLY MG 1007 -33.94 -27.84 -78.87
CA GLY MG 1007 -32.73 -28.42 -78.33
C GLY MG 1007 -31.64 -27.38 -78.19
N LEU MG 1008 -31.41 -26.59 -79.23
CA LEU MG 1008 -30.36 -25.57 -79.19
C LEU MG 1008 -30.63 -24.56 -78.08
N ALA MG 1009 -31.83 -23.96 -78.08
CA ALA MG 1009 -32.14 -22.90 -77.13
C ALA MG 1009 -32.05 -23.37 -75.69
N THR MG 1010 -32.39 -24.62 -75.42
CA THR MG 1010 -32.43 -25.01 -74.02
C THR MG 1010 -31.17 -25.69 -73.53
N VAL MG 1011 -30.41 -26.37 -74.39
CA VAL MG 1011 -29.17 -26.99 -73.94
C VAL MG 1011 -27.97 -26.08 -74.10
N GLY MG 1012 -28.10 -24.94 -74.79
CA GLY MG 1012 -26.99 -24.03 -74.88
C GLY MG 1012 -26.61 -23.41 -73.55
N LYS MG 1013 -27.61 -23.00 -72.76
CA LYS MG 1013 -27.36 -22.10 -71.64
C LYS MG 1013 -26.61 -22.78 -70.49
N ALA MG 1014 -27.10 -23.96 -70.07
CA ALA MG 1014 -26.44 -24.66 -68.98
C ALA MG 1014 -25.02 -25.06 -69.37
N TRP MG 1015 -24.85 -25.55 -70.59
CA TRP MG 1015 -23.53 -25.88 -71.08
C TRP MG 1015 -22.64 -24.64 -71.12
N SER MG 1016 -23.19 -23.49 -71.47
CA SER MG 1016 -22.39 -22.27 -71.55
C SER MG 1016 -21.92 -21.82 -70.18
N GLN MG 1017 -22.82 -21.84 -69.19
CA GLN MG 1017 -22.38 -21.44 -67.86
C GLN MG 1017 -21.39 -22.44 -67.28
N GLN MG 1018 -21.58 -23.74 -67.54
CA GLN MG 1018 -20.60 -24.71 -67.08
C GLN MG 1018 -19.25 -24.51 -67.77
N ALA MG 1019 -19.26 -24.20 -69.06
CA ALA MG 1019 -18.03 -23.94 -69.78
C ALA MG 1019 -17.32 -22.70 -69.25
N GLN MG 1020 -18.08 -21.64 -68.94
CA GLN MG 1020 -17.47 -20.48 -68.30
C GLN MG 1020 -16.87 -20.85 -66.95
N GLN MG 1021 -17.54 -21.72 -66.21
CA GLN MG 1021 -16.98 -22.19 -64.94
C GLN MG 1021 -15.66 -22.93 -65.14
N LEU MG 1022 -15.59 -23.80 -66.14
CA LEU MG 1022 -14.45 -24.69 -66.32
C LEU MG 1022 -13.37 -24.10 -67.21
N PHE MG 1023 -13.59 -22.91 -67.76
CA PHE MG 1023 -12.63 -22.36 -68.72
C PHE MG 1023 -11.33 -21.96 -68.06
N ASN MG 1024 -11.29 -21.94 -66.73
CA ASN MG 1024 -10.12 -21.49 -66.00
C ASN MG 1024 -9.00 -22.52 -65.93
N THR MG 1025 -9.24 -23.74 -66.39
CA THR MG 1025 -8.23 -24.79 -66.27
C THR MG 1025 -7.10 -24.53 -67.25
N PRO MG 1026 -5.86 -24.40 -66.79
CA PRO MG 1026 -4.73 -24.12 -67.69
C PRO MG 1026 -4.24 -25.41 -68.34
N THR MG 1027 -3.24 -25.26 -69.20
CA THR MG 1027 -2.57 -26.39 -69.84
C THR MG 1027 -1.38 -26.80 -68.97
N THR MG 1028 -1.32 -28.09 -68.66
CA THR MG 1028 -0.30 -28.60 -67.77
C THR MG 1028 0.90 -29.14 -68.56
N VAL MG 1029 2.01 -29.33 -67.84
CA VAL MG 1029 3.21 -29.94 -68.40
C VAL MG 1029 3.51 -31.20 -67.61
N GLU MG 1030 4.24 -32.12 -68.23
CA GLU MG 1030 4.58 -33.39 -67.61
C GLU MG 1030 5.94 -33.86 -68.10
N VAL MG 1031 6.88 -34.02 -67.16
CA VAL MG 1031 8.21 -34.47 -67.53
C VAL MG 1031 8.17 -35.93 -67.95
N TYR MG 1032 9.25 -36.37 -68.58
CA TYR MG 1032 9.38 -37.75 -69.03
C TYR MG 1032 10.27 -38.54 -68.08
N SER MG 1033 10.24 -39.86 -68.23
CA SER MG 1033 10.98 -40.76 -67.35
C SER MG 1033 12.33 -41.17 -67.93
N GLY MG 1034 12.75 -40.59 -69.05
CA GLY MG 1034 14.00 -41.00 -69.67
C GLY MG 1034 14.85 -39.85 -70.15
N THR MG 1035 14.81 -38.73 -69.43
CA THR MG 1035 15.51 -37.52 -69.84
C THR MG 1035 16.66 -37.23 -68.90
N GLY MG 1036 17.82 -36.91 -69.46
CA GLY MG 1036 18.95 -36.43 -68.69
C GLY MG 1036 18.84 -34.95 -68.41
N LEU MG 1037 19.77 -34.45 -67.60
CA LEU MG 1037 19.70 -33.06 -67.18
C LEU MG 1037 21.09 -32.57 -66.78
N GLY MG 1038 21.24 -31.25 -66.77
CA GLY MG 1038 22.40 -30.59 -66.21
C GLY MG 1038 21.98 -29.78 -64.99
N ILE MG 1039 22.85 -29.77 -63.99
CA ILE MG 1039 22.55 -29.20 -62.68
C ILE MG 1039 23.59 -28.15 -62.36
N LEU MG 1040 23.12 -26.94 -62.04
CA LEU MG 1040 23.98 -25.89 -61.51
C LEU MG 1040 23.80 -25.84 -60.00
N PHE MG 1041 24.90 -25.60 -59.29
CA PHE MG 1041 24.88 -25.55 -57.84
C PHE MG 1041 24.50 -24.16 -57.35
N THR MG 1042 24.22 -24.06 -56.05
CA THR MG 1042 23.91 -22.79 -55.41
C THR MG 1042 24.84 -22.48 -54.27
N GLN MG 1043 25.06 -23.42 -53.35
CA GLN MG 1043 25.95 -23.22 -52.22
C GLN MG 1043 26.98 -24.34 -52.17
N ASP MG 1044 27.92 -24.22 -51.25
CA ASP MG 1044 29.03 -25.15 -51.13
C ASP MG 1044 28.63 -26.34 -50.25
N VAL MG 1045 29.52 -27.35 -50.23
CA VAL MG 1045 29.37 -28.52 -49.38
C VAL MG 1045 30.72 -28.85 -48.76
N THR MG 1046 30.76 -29.93 -48.00
CA THR MG 1046 32.00 -30.35 -47.34
C THR MG 1046 32.48 -31.69 -47.89
N GLY NG 26 28.09 -53.35 -78.07
CA GLY NG 26 28.93 -54.37 -77.47
C GLY NG 26 30.00 -53.81 -76.57
N ASP NG 27 30.63 -54.70 -75.79
CA ASP NG 27 31.69 -54.31 -74.86
C ASP NG 27 33.00 -55.04 -75.11
N THR NG 28 32.94 -56.33 -75.43
CA THR NG 28 34.17 -57.11 -75.61
C THR NG 28 34.98 -56.62 -76.80
N GLY NG 29 34.40 -56.70 -78.00
CA GLY NG 29 35.06 -56.21 -79.18
C GLY NG 29 35.00 -54.70 -79.22
N SER NG 30 35.81 -54.06 -78.37
CA SER NG 30 35.62 -52.66 -77.99
C SER NG 30 35.20 -51.79 -79.18
N LEU NG 31 36.03 -51.76 -80.22
CA LEU NG 31 35.75 -50.85 -81.33
C LEU NG 31 34.47 -51.23 -82.07
N ALA NG 32 34.24 -52.54 -82.27
CA ALA NG 32 33.02 -52.97 -82.93
C ALA NG 32 31.79 -52.60 -82.13
N GLY NG 33 31.84 -52.81 -80.81
CA GLY NG 33 30.72 -52.45 -79.97
C GLY NG 33 30.47 -50.96 -79.95
N LEU NG 34 31.53 -50.17 -79.91
CA LEU NG 34 31.38 -48.72 -79.96
C LEU NG 34 30.79 -48.26 -81.29
N GLN NG 35 31.24 -48.82 -82.40
CA GLN NG 35 30.66 -48.44 -83.69
C GLN NG 35 29.23 -48.93 -83.84
N ALA NG 36 28.87 -49.99 -83.12
CA ALA NG 36 27.47 -50.43 -83.09
C ALA NG 36 26.62 -49.46 -82.28
N MET NG 37 27.10 -49.06 -81.11
CA MET NG 37 26.42 -48.05 -80.31
C MET NG 37 26.38 -46.70 -80.99
N ALA NG 38 27.26 -46.46 -81.97
CA ALA NG 38 27.23 -45.21 -82.72
C ALA NG 38 25.90 -44.99 -83.43
N ASP NG 39 25.17 -46.06 -83.70
CA ASP NG 39 23.83 -45.92 -84.26
C ASP NG 39 22.80 -45.76 -83.16
N SER NG 40 21.69 -45.11 -83.49
CA SER NG 40 20.68 -44.77 -82.51
C SER NG 40 19.72 -45.92 -82.21
N LYS NG 41 19.87 -47.06 -82.88
CA LYS NG 41 19.00 -48.20 -82.59
C LYS NG 41 19.22 -48.69 -81.15
N TYR NG 42 20.47 -48.73 -80.71
CA TYR NG 42 20.71 -49.02 -79.30
C TYR NG 42 20.22 -47.91 -78.40
N THR NG 43 20.30 -46.65 -78.85
CA THR NG 43 19.85 -45.53 -78.02
C THR NG 43 18.33 -45.52 -77.86
N ARG NG 44 17.60 -46.20 -78.74
CA ARG NG 44 16.16 -46.35 -78.53
C ARG NG 44 15.80 -47.68 -77.88
N ALA NG 45 16.62 -48.71 -78.06
CA ALA NG 45 16.38 -49.98 -77.38
C ALA NG 45 16.74 -49.93 -75.92
N GLN NG 46 17.61 -49.00 -75.51
CA GLN NG 46 18.01 -48.93 -74.11
C GLN NG 46 16.85 -48.59 -73.19
N LYS NG 47 15.96 -47.69 -73.62
CA LYS NG 47 14.82 -47.36 -72.79
C LYS NG 47 13.85 -48.53 -72.70
N LYS NG 48 13.57 -49.17 -73.83
CA LYS NG 48 12.64 -50.29 -73.85
C LYS NG 48 13.16 -51.50 -73.09
N GLN NG 49 14.48 -51.61 -72.93
CA GLN NG 49 15.03 -52.67 -72.09
C GLN NG 49 15.18 -52.26 -70.64
N LYS NG 50 15.42 -50.97 -70.36
CA LYS NG 50 15.48 -50.49 -68.99
C LYS NG 50 14.13 -50.63 -68.30
N MET NG 51 13.05 -50.29 -69.02
CA MET NG 51 11.71 -50.40 -68.44
C MET NG 51 11.38 -51.83 -68.03
N GLY NG 52 11.97 -52.83 -68.68
CA GLY NG 52 11.80 -54.21 -68.28
C GLY NG 52 12.78 -54.62 -67.20
N LYS NG 53 13.99 -54.05 -67.23
CA LYS NG 53 14.99 -54.37 -66.22
C LYS NG 53 14.64 -53.79 -64.86
N ILE NG 54 13.73 -52.82 -64.80
CA ILE NG 54 13.34 -52.27 -63.51
C ILE NG 54 12.57 -53.30 -62.68
N ARG NG 55 11.73 -54.11 -63.34
CA ARG NG 55 10.67 -54.86 -62.66
C ARG NG 55 10.92 -56.36 -62.55
N GLU NG 56 11.64 -56.96 -63.50
CA GLU NG 56 11.57 -58.41 -63.70
C GLU NG 56 12.04 -59.23 -62.51
N MET NG 57 12.85 -58.66 -61.62
CA MET NG 57 13.48 -59.48 -60.58
C MET NG 57 12.48 -60.04 -59.57
N ALA NG 58 11.35 -59.36 -59.37
CA ALA NG 58 10.37 -59.83 -58.39
C ALA NG 58 9.84 -61.19 -58.77
N LEU NG 59 9.51 -61.39 -60.05
CA LEU NG 59 9.03 -62.68 -60.50
C LEU NG 59 10.09 -63.75 -60.33
N LYS NG 60 11.34 -63.43 -60.68
CA LYS NG 60 12.37 -64.46 -60.71
C LYS NG 60 12.76 -64.89 -59.31
N GLU NG 61 12.77 -63.97 -58.34
CA GLU NG 61 13.08 -64.37 -56.97
C GLU NG 61 12.04 -65.35 -56.44
N THR NG 62 10.76 -65.05 -56.67
CA THR NG 62 9.71 -65.96 -56.24
C THR NG 62 9.80 -67.29 -56.96
N ALA NG 63 10.12 -67.27 -58.26
CA ALA NG 63 10.26 -68.52 -59.01
C ALA NG 63 11.37 -69.37 -58.42
N LEU NG 64 12.51 -68.75 -58.12
CA LEU NG 64 13.61 -69.50 -57.52
C LEU NG 64 13.21 -70.08 -56.17
N SER NG 65 12.53 -69.29 -55.35
CA SER NG 65 12.14 -69.75 -54.02
C SER NG 65 11.20 -70.96 -54.12
N VAL NG 66 10.17 -70.86 -54.96
CA VAL NG 66 9.21 -71.95 -55.04
C VAL NG 66 9.86 -73.18 -55.68
N GLY NG 67 10.73 -72.98 -56.66
CA GLY NG 67 11.43 -74.11 -57.23
C GLY NG 67 12.30 -74.82 -56.22
N ALA NG 68 13.01 -74.06 -55.39
CA ALA NG 68 13.82 -74.65 -54.35
C ALA NG 68 12.95 -75.44 -53.38
N GLN NG 69 11.82 -74.87 -52.98
CA GLN NG 69 10.92 -75.57 -52.05
C GLN NG 69 10.47 -76.90 -52.64
N ALA NG 70 9.94 -76.86 -53.86
CA ALA NG 70 9.40 -78.07 -54.46
C ALA NG 70 10.49 -79.11 -54.66
N GLY NG 71 11.65 -78.68 -55.15
CA GLY NG 71 12.72 -79.63 -55.37
C GLY NG 71 13.21 -80.28 -54.09
N LEU NG 72 13.40 -79.46 -53.06
CA LEU NG 72 13.82 -80.01 -51.77
C LEU NG 72 12.84 -81.05 -51.27
N ALA NG 73 11.55 -80.70 -51.24
CA ALA NG 73 10.55 -81.61 -50.70
C ALA NG 73 10.50 -82.90 -51.51
N TRP NG 74 10.44 -82.78 -52.84
CA TRP NG 74 10.26 -83.95 -53.68
C TRP NG 74 11.48 -84.88 -53.60
N ARG NG 75 12.68 -84.30 -53.71
CA ARG NG 75 13.88 -85.11 -53.63
C ARG NG 75 13.99 -85.79 -52.27
N ALA NG 76 13.64 -85.08 -51.20
CA ALA NG 76 13.69 -85.68 -49.88
C ALA NG 76 12.72 -86.86 -49.78
N LYS NG 77 11.51 -86.71 -50.30
CA LYS NG 77 10.55 -87.81 -50.24
C LYS NG 77 11.06 -89.01 -51.02
N ILE NG 78 11.56 -88.78 -52.23
CA ILE NG 78 12.02 -89.89 -53.06
C ILE NG 78 13.18 -90.60 -52.39
N ILE NG 79 14.15 -89.84 -51.86
CA ILE NG 79 15.32 -90.45 -51.26
C ILE NG 79 14.93 -91.20 -49.99
N ASP NG 80 13.94 -90.68 -49.24
CA ASP NG 80 13.49 -91.39 -48.07
C ASP NG 80 12.85 -92.73 -48.45
N GLU NG 81 12.04 -92.74 -49.51
CA GLU NG 81 11.46 -93.99 -49.97
C GLU NG 81 12.54 -94.98 -50.38
N GLN NG 82 13.53 -94.50 -51.13
CA GLN NG 82 14.60 -95.39 -51.56
C GLN NG 82 15.40 -95.91 -50.38
N LEU NG 83 15.62 -95.07 -49.37
CA LEU NG 83 16.31 -95.50 -48.16
C LEU NG 83 15.53 -96.61 -47.47
N ASN NG 84 14.24 -96.40 -47.27
CA ASN NG 84 13.42 -97.41 -46.61
C ASN NG 84 13.39 -98.71 -47.43
N LYS NG 85 13.56 -98.60 -48.75
CA LYS NG 85 13.56 -99.79 -49.59
C LYS NG 85 14.59 -100.82 -49.12
N GLN NG 86 15.80 -100.36 -48.79
CA GLN NG 86 16.90 -101.27 -48.50
C GLN NG 86 17.37 -101.15 -47.06
N ALA NG 87 16.41 -101.11 -46.13
CA ALA NG 87 16.77 -101.00 -44.72
C ALA NG 87 17.52 -102.23 -44.24
N ARG NG 88 17.08 -103.42 -44.66
CA ARG NG 88 17.55 -104.66 -44.05
C ARG NG 88 19.06 -104.78 -44.11
N ASN NG 89 19.65 -104.52 -45.28
CA ASN NG 89 21.10 -104.59 -45.40
C ASN NG 89 21.77 -103.56 -44.51
N LEU NG 90 21.21 -102.36 -44.45
CA LEU NG 90 21.75 -101.34 -43.57
C LEU NG 90 21.66 -101.78 -42.11
N ASP NG 91 20.54 -102.39 -41.72
CA ASP NG 91 20.40 -102.87 -40.36
C ASP NG 91 21.46 -103.94 -40.06
N ALA NG 92 21.69 -104.85 -41.00
CA ALA NG 92 22.69 -105.89 -40.80
C ALA NG 92 24.08 -105.29 -40.66
N ILE NG 93 24.42 -104.33 -41.52
CA ILE NG 93 25.79 -103.82 -41.50
C ILE NG 93 26.04 -102.98 -40.25
N TYR NG 94 25.07 -102.19 -39.81
CA TYR NG 94 25.26 -101.31 -38.65
C TYR NG 94 24.73 -101.97 -37.39
N ASP NG 95 25.44 -102.99 -36.93
CA ASP NG 95 25.06 -103.74 -35.74
C ASP NG 95 25.73 -103.12 -34.54
N PHE NG 96 25.05 -102.15 -33.91
CA PHE NG 96 25.56 -101.60 -32.66
C PHE NG 96 25.44 -102.60 -31.53
N ASN NG 97 24.48 -103.52 -31.62
CA ASN NG 97 24.27 -104.49 -30.56
C ASN NG 97 25.51 -105.36 -30.37
N SER NG 98 26.11 -105.81 -31.46
CA SER NG 98 27.35 -106.57 -31.36
C SER NG 98 28.46 -105.75 -30.73
N LEU NG 99 28.42 -104.42 -30.83
CA LEU NG 99 29.43 -103.58 -30.24
C LEU NG 99 29.13 -103.20 -28.79
N VAL NG 100 27.90 -103.40 -28.33
CA VAL NG 100 27.59 -103.09 -26.93
C VAL NG 100 28.48 -103.93 -26.02
N LEU NG 101 28.91 -103.32 -24.93
CA LEU NG 101 29.82 -103.98 -23.99
C LEU NG 101 29.04 -104.92 -23.08
N GLU NG 102 29.70 -105.44 -22.05
CA GLU NG 102 29.11 -106.48 -21.23
C GLU NG 102 27.98 -105.95 -20.34
N HIS NG 103 28.18 -104.77 -19.75
CA HIS NG 103 27.24 -104.24 -18.76
C HIS NG 103 26.28 -103.23 -19.37
N ASN NG 104 25.86 -103.45 -20.62
CA ASN NG 104 24.91 -102.59 -21.31
C ASN NG 104 25.42 -101.14 -21.32
N ILE NG 105 26.64 -100.99 -21.79
CA ILE NG 105 27.31 -99.70 -21.82
C ILE NG 105 27.83 -99.46 -23.24
N LEU NG 106 27.50 -98.32 -23.80
CA LEU NG 106 28.06 -97.93 -25.08
C LEU NG 106 29.55 -97.66 -24.91
N PRO NG 107 30.41 -98.30 -25.69
CA PRO NG 107 31.84 -98.03 -25.59
C PRO NG 107 32.15 -96.61 -26.02
N PRO NG 108 33.27 -96.06 -25.57
CA PRO NG 108 33.58 -94.65 -25.90
C PRO NG 108 33.91 -94.48 -27.37
N VAL NG 109 34.26 -93.25 -27.76
CA VAL NG 109 34.56 -92.92 -29.14
C VAL NG 109 35.96 -92.32 -29.20
N LEU NG 110 36.77 -92.82 -30.13
CA LEU NG 110 38.15 -92.38 -30.27
C LEU NG 110 38.40 -91.87 -31.67
N LEU NG 111 39.26 -90.86 -31.76
CA LEU NG 111 39.68 -90.29 -33.03
C LEU NG 111 41.20 -90.29 -33.10
N GLU NG 112 41.73 -90.58 -34.28
CA GLU NG 112 43.17 -90.70 -34.44
C GLU NG 112 43.61 -90.00 -35.72
N GLY NG 113 44.68 -89.23 -35.63
CA GLY NG 113 45.24 -88.52 -36.77
C GLY NG 113 46.71 -88.85 -36.94
N ARG NG 114 47.15 -88.86 -38.20
CA ARG NG 114 48.51 -89.24 -38.54
C ARG NG 114 49.18 -88.12 -39.33
N ASN NG 115 50.49 -87.96 -39.09
CA ASN NG 115 51.32 -86.98 -39.79
C ASN NG 115 50.77 -85.56 -39.59
N THR NG 116 50.74 -85.13 -38.33
CA THR NG 116 50.22 -83.82 -37.99
C THR NG 116 51.31 -82.78 -38.11
N LEU NG 117 51.00 -81.66 -38.74
CA LEU NG 117 51.95 -80.55 -38.81
C LEU NG 117 51.23 -79.24 -38.58
N ASN NG 118 51.90 -78.32 -37.88
CA ASN NG 118 51.34 -77.00 -37.62
C ASN NG 118 52.45 -75.96 -37.63
N LEU NG 119 52.25 -74.90 -38.41
CA LEU NG 119 53.07 -73.70 -38.34
C LEU NG 119 52.34 -72.72 -37.45
N ALA NG 120 52.71 -72.70 -36.17
CA ALA NG 120 52.09 -71.77 -35.24
C ALA NG 120 52.39 -70.33 -35.64
N ASP NG 121 53.60 -70.07 -36.10
CA ASP NG 121 54.06 -68.74 -36.49
C ASP NG 121 55.42 -68.92 -37.15
N ALA NG 122 56.08 -67.79 -37.45
CA ALA NG 122 57.42 -67.86 -38.01
C ALA NG 122 58.40 -68.42 -36.98
N GLN NG 123 59.51 -68.95 -37.50
CA GLN NG 123 60.66 -69.37 -36.70
C GLN NG 123 60.38 -70.59 -35.84
N SER NG 124 59.15 -71.08 -35.83
CA SER NG 124 58.78 -72.18 -34.95
C SER NG 124 57.69 -73.01 -35.60
N ILE NG 125 57.89 -74.33 -35.62
CA ILE NG 125 56.91 -75.29 -36.13
C ILE NG 125 56.81 -76.46 -35.17
N ARG NG 126 55.66 -77.13 -35.21
CA ARG NG 126 55.41 -78.26 -34.34
C ARG NG 126 54.76 -79.38 -35.14
N ILE NG 127 55.37 -80.56 -35.09
CA ILE NG 127 54.87 -81.71 -35.84
C ILE NG 127 54.77 -82.91 -34.91
N SER NG 128 54.04 -83.91 -35.37
CA SER NG 128 53.91 -85.16 -34.64
C SER NG 128 53.49 -86.25 -35.60
N ASP NG 129 53.75 -87.50 -35.20
CA ASP NG 129 53.40 -88.62 -36.06
C ASP NG 129 51.93 -88.99 -35.91
N ARG NG 130 51.52 -89.35 -34.70
CA ARG NG 130 50.13 -89.73 -34.45
C ARG NG 130 49.62 -89.06 -33.20
N THR NG 131 48.33 -88.74 -33.22
CA THR NG 131 47.64 -88.17 -32.07
C THR NG 131 46.30 -88.86 -31.90
N TYR NG 132 45.87 -88.99 -30.64
CA TYR NG 132 44.63 -89.66 -30.29
C TYR NG 132 43.82 -88.79 -29.36
N LYS NG 133 42.52 -88.70 -29.61
CA LYS NG 133 41.59 -87.86 -28.87
C LYS NG 133 40.35 -88.65 -28.51
N VAL NG 134 39.79 -88.36 -27.34
CA VAL NG 134 38.54 -88.98 -26.90
C VAL NG 134 37.40 -88.05 -27.28
N ALA NG 135 36.48 -88.55 -28.11
CA ALA NG 135 35.37 -87.73 -28.56
C ALA NG 135 34.23 -87.72 -27.53
N LYS NG 136 33.66 -88.88 -27.25
CA LYS NG 136 32.54 -89.00 -26.34
C LYS NG 136 32.86 -90.03 -25.27
N GLN NG 137 32.86 -89.60 -24.01
CA GLN NG 137 33.09 -90.51 -22.90
C GLN NG 137 31.98 -91.56 -22.83
N ALA NG 138 32.35 -92.80 -22.58
CA ALA NG 138 31.39 -93.89 -22.51
C ALA NG 138 30.47 -93.71 -21.31
N HIS NG 139 29.28 -94.30 -21.42
CA HIS NG 139 28.28 -94.21 -20.36
C HIS NG 139 27.34 -95.40 -20.49
N PHE NG 140 26.35 -95.46 -19.59
CA PHE NG 140 25.36 -96.53 -19.64
C PHE NG 140 24.50 -96.41 -20.88
N ILE NG 141 23.93 -97.55 -21.29
CA ILE NG 141 23.00 -97.58 -22.41
C ILE NG 141 21.81 -98.44 -22.02
N THR NG 142 20.70 -98.23 -22.72
CA THR NG 142 19.51 -99.03 -22.56
C THR NG 142 19.11 -99.76 -23.82
N THR NG 143 19.19 -99.10 -24.98
CA THR NG 143 18.91 -99.74 -26.25
C THR NG 143 20.01 -99.39 -27.24
N PRO NG 144 20.34 -100.31 -28.14
CA PRO NG 144 21.32 -100.00 -29.17
C PRO NG 144 20.76 -98.99 -30.16
N PRO NG 145 21.42 -97.85 -30.31
CA PRO NG 145 20.89 -96.81 -31.20
C PRO NG 145 20.84 -97.29 -32.65
N THR NG 146 19.72 -97.03 -33.31
CA THR NG 146 19.57 -97.44 -34.69
C THR NG 146 20.12 -96.38 -35.63
N TRP NG 147 20.39 -96.81 -36.86
CA TRP NG 147 20.87 -95.90 -37.89
C TRP NG 147 19.86 -94.79 -38.16
N ARG NG 148 18.58 -95.04 -37.89
CA ARG NG 148 17.56 -94.07 -38.22
C ARG NG 148 17.76 -92.76 -37.50
N GLN NG 149 18.33 -92.80 -36.28
CA GLN NG 149 18.61 -91.59 -35.55
C GLN NG 149 19.66 -90.73 -36.21
N TYR NG 150 20.39 -91.27 -37.19
CA TYR NG 150 21.40 -90.51 -37.92
C TYR NG 150 21.06 -90.31 -39.38
N LEU NG 151 20.19 -91.13 -39.95
CA LEU NG 151 19.95 -91.12 -41.39
C LEU NG 151 18.55 -90.72 -41.79
N TRP NG 152 17.54 -91.01 -40.97
CA TRP NG 152 16.17 -90.82 -41.43
C TRP NG 152 15.89 -89.36 -41.71
N MET NG 153 15.77 -89.02 -42.99
CA MET NG 153 15.39 -87.67 -43.37
C MET NG 153 13.96 -87.40 -42.90
N ASP NG 154 13.72 -86.16 -42.47
CA ASP NG 154 12.36 -85.76 -42.18
C ASP NG 154 11.60 -85.53 -43.49
N TYR NG 155 10.28 -85.36 -43.38
CA TYR NG 155 9.48 -85.08 -44.57
C TYR NG 155 8.15 -84.50 -44.15
N VAL NG 156 7.92 -83.24 -44.50
CA VAL NG 156 6.62 -82.59 -44.37
C VAL NG 156 6.19 -82.15 -45.75
N LYS NG 157 5.13 -82.73 -46.26
CA LYS NG 157 4.62 -82.34 -47.56
C LYS NG 157 4.16 -80.89 -47.50
N PRO NG 158 4.63 -80.02 -48.39
CA PRO NG 158 4.14 -78.64 -48.41
C PRO NG 158 2.98 -78.48 -49.39
N GLU NG 159 1.97 -77.74 -48.94
CA GLU NG 159 0.75 -77.55 -49.72
C GLU NG 159 0.35 -76.08 -49.73
N ALA NG 160 1.32 -75.18 -49.78
CA ALA NG 160 1.06 -73.74 -49.74
C ALA NG 160 1.79 -73.04 -50.87
N PRO NG 161 1.30 -73.16 -52.12
CA PRO NG 161 1.82 -72.30 -53.18
C PRO NG 161 1.20 -70.91 -53.06
N ASN NG 162 1.97 -69.95 -52.56
CA ASN NG 162 1.49 -68.59 -52.33
C ASN NG 162 1.93 -67.75 -53.51
N VAL NG 163 1.27 -67.94 -54.64
CA VAL NG 163 1.61 -67.26 -55.89
C VAL NG 163 0.87 -65.93 -55.90
N THR NG 164 1.62 -64.83 -55.72
CA THR NG 164 1.03 -63.50 -55.71
C THR NG 164 1.08 -62.86 -57.09
N LEU NG 165 2.29 -62.71 -57.64
CA LEU NG 165 2.47 -62.12 -58.95
C LEU NG 165 2.74 -63.21 -59.99
N LEU NG 166 2.36 -62.93 -61.22
CA LEU NG 166 2.47 -63.87 -62.33
C LEU NG 166 3.09 -63.19 -63.53
N PRO NG 167 3.73 -63.94 -64.40
CA PRO NG 167 4.18 -63.38 -65.68
C PRO NG 167 3.00 -63.02 -66.56
N LYS NG 168 3.22 -62.05 -67.44
CA LYS NG 168 2.17 -61.55 -68.32
C LYS NG 168 2.31 -62.01 -69.76
N THR NG 169 3.52 -61.99 -70.32
CA THR NG 169 3.74 -62.39 -71.70
C THR NG 169 4.63 -63.63 -71.76
N LYS NG 170 4.89 -64.06 -72.99
CA LYS NG 170 5.61 -65.31 -73.21
C LYS NG 170 7.02 -65.25 -72.63
N ALA NG 171 7.69 -64.10 -72.77
CA ALA NG 171 9.07 -63.99 -72.30
C ALA NG 171 9.15 -64.19 -70.79
N GLU NG 172 8.32 -63.47 -70.04
CA GLU NG 172 8.34 -63.62 -68.59
C GLU NG 172 7.85 -65.00 -68.18
N LYS NG 173 6.90 -65.58 -68.91
CA LYS NG 173 6.48 -66.94 -68.60
C LYS NG 173 7.64 -67.92 -68.76
N GLU NG 174 8.40 -67.79 -69.85
CA GLU NG 174 9.51 -68.69 -70.09
C GLU NG 174 10.61 -68.51 -69.04
N ILE NG 175 10.95 -67.26 -68.70
CA ILE NG 175 11.98 -67.06 -67.69
C ILE NG 175 11.51 -67.58 -66.34
N TRP NG 176 10.21 -67.45 -66.06
CA TRP NG 176 9.63 -68.01 -64.86
C TRP NG 176 9.82 -69.52 -64.83
N CYS NG 177 9.52 -70.18 -65.94
CA CYS NG 177 9.67 -71.63 -66.03
C CYS NG 177 11.12 -72.05 -65.79
N ILE NG 178 12.04 -71.39 -66.47
CA ILE NG 178 13.44 -71.81 -66.39
C ILE NG 178 14.00 -71.55 -64.99
N TYR NG 179 13.58 -70.45 -64.35
CA TYR NG 179 14.04 -70.17 -63.00
C TYR NG 179 13.46 -71.17 -62.01
N THR NG 180 12.21 -71.57 -62.21
CA THR NG 180 11.67 -72.63 -61.36
C THR NG 180 12.45 -73.92 -61.52
N GLU NG 181 12.84 -74.25 -62.76
CA GLU NG 181 13.64 -75.44 -62.98
C GLU NG 181 14.98 -75.34 -62.26
N ARG NG 182 15.63 -74.18 -62.33
CA ARG NG 182 16.90 -73.99 -61.64
C ARG NG 182 16.73 -74.14 -60.14
N GLY NG 183 15.63 -73.59 -59.60
CA GLY NG 183 15.37 -73.76 -58.18
C GLY NG 183 15.18 -75.21 -57.79
N TRP NG 184 14.49 -75.97 -58.63
CA TRP NG 184 14.35 -77.40 -58.39
C TRP NG 184 15.71 -78.08 -58.34
N LYS NG 185 16.58 -77.74 -59.30
CA LYS NG 185 17.92 -78.29 -59.30
C LYS NG 185 18.64 -77.98 -57.98
N ASN NG 186 18.60 -76.73 -57.56
CA ASN NG 186 19.32 -76.34 -56.35
C ASN NG 186 18.77 -77.04 -55.12
N GLY NG 187 17.45 -77.20 -55.05
CA GLY NG 187 16.86 -77.93 -53.93
C GLY NG 187 17.32 -79.38 -53.90
N ILE NG 188 17.36 -80.03 -55.07
CA ILE NG 188 17.87 -81.39 -55.13
C ILE NG 188 19.28 -81.45 -54.59
N ASP NG 189 20.11 -80.49 -55.01
CA ASP NG 189 21.50 -80.47 -54.57
C ASP NG 189 21.58 -80.33 -53.06
N GLN NG 190 20.79 -79.42 -52.49
CA GLN NG 190 20.83 -79.19 -51.06
C GLN NG 190 20.42 -80.44 -50.29
N ALA NG 191 19.35 -81.10 -50.74
CA ALA NG 191 18.91 -82.32 -50.08
C ALA NG 191 19.98 -83.39 -50.12
N ASN NG 192 20.59 -83.58 -51.30
CA ASN NG 192 21.64 -84.58 -51.42
C ASN NG 192 22.80 -84.26 -50.49
N THR NG 193 23.17 -82.99 -50.40
CA THR NG 193 24.27 -82.60 -49.51
C THR NG 193 23.94 -82.92 -48.06
N ILE NG 194 22.71 -82.64 -47.63
CA ILE NG 194 22.33 -82.93 -46.25
C ILE NG 194 22.41 -84.41 -45.98
N LEU NG 195 21.92 -85.22 -46.91
CA LEU NG 195 22.01 -86.67 -46.75
C LEU NG 195 23.46 -87.10 -46.62
N GLU NG 196 24.32 -86.55 -47.46
CA GLU NG 196 25.74 -86.90 -47.41
C GLU NG 196 26.34 -86.54 -46.05
N GLU NG 197 25.97 -85.38 -45.51
CA GLU NG 197 26.49 -84.97 -44.21
C GLU NG 197 26.07 -85.94 -43.12
N ASN NG 198 24.79 -86.35 -43.13
CA ASN NG 198 24.34 -87.32 -42.14
C ASN NG 198 25.10 -88.64 -42.27
N ILE NG 199 25.34 -89.06 -43.51
CA ILE NG 199 26.10 -90.28 -43.75
C ILE NG 199 27.50 -90.15 -43.15
N ALA NG 200 28.12 -88.99 -43.36
CA ALA NG 200 29.45 -88.78 -42.79
C ALA NG 200 29.43 -88.88 -41.28
N ARG NG 201 28.41 -88.29 -40.65
CA ARG NG 201 28.32 -88.32 -39.20
C ARG NG 201 28.23 -89.75 -38.68
N ILE NG 202 27.32 -90.54 -39.26
CA ILE NG 202 27.19 -91.91 -38.75
C ILE NG 202 28.44 -92.70 -39.04
N LYS NG 203 29.09 -92.45 -40.18
CA LYS NG 203 30.32 -93.13 -40.52
C LYS NG 203 31.39 -92.87 -39.48
N GLU NG 204 31.57 -91.60 -39.09
CA GLU NG 204 32.62 -91.29 -38.13
C GLU NG 204 32.28 -91.84 -36.76
N ASP NG 205 31.00 -91.89 -36.38
CA ASP NG 205 30.65 -92.50 -35.11
C ASP NG 205 31.04 -93.98 -35.09
N PHE NG 206 30.66 -94.71 -36.14
CA PHE NG 206 31.00 -96.13 -36.20
C PHE NG 206 32.51 -96.32 -36.22
N GLY NG 207 33.22 -95.47 -36.96
CA GLY NG 207 34.67 -95.55 -36.98
C GLY NG 207 35.28 -95.33 -35.62
N GLY NG 208 34.76 -94.38 -34.86
CA GLY NG 208 35.26 -94.16 -33.52
C GLY NG 208 35.07 -95.37 -32.63
N MET NG 209 33.90 -95.99 -32.71
CA MET NG 209 33.66 -97.17 -31.88
C MET NG 209 34.60 -98.32 -32.26
N ILE NG 210 34.74 -98.57 -33.56
CA ILE NG 210 35.61 -99.68 -33.96
C ILE NG 210 37.05 -99.37 -33.62
N LEU NG 211 37.45 -98.10 -33.68
CA LEU NG 211 38.79 -97.71 -33.27
C LEU NG 211 39.01 -97.99 -31.80
N TYR NG 212 38.01 -97.70 -30.96
CA TYR NG 212 38.15 -98.03 -29.55
C TYR NG 212 38.32 -99.52 -29.35
N ARG NG 213 37.54 -100.32 -30.05
CA ARG NG 213 37.68 -101.77 -29.93
C ARG NG 213 39.09 -102.21 -30.33
N LYS NG 214 39.59 -101.67 -31.44
CA LYS NG 214 40.92 -102.02 -31.92
C LYS NG 214 41.98 -101.66 -30.90
N LEU NG 215 41.90 -100.47 -30.33
CA LEU NG 215 42.91 -100.05 -29.37
C LEU NG 215 42.84 -100.87 -28.09
N LEU NG 216 41.63 -101.19 -27.64
CA LEU NG 216 41.50 -102.03 -26.46
C LEU NG 216 42.11 -103.39 -26.70
N ALA NG 217 41.97 -103.92 -27.92
CA ALA NG 217 42.70 -105.13 -28.28
C ALA NG 217 44.21 -104.88 -28.23
N MET NG 218 44.65 -103.73 -28.71
CA MET NG 218 46.06 -103.38 -28.71
C MET NG 218 46.64 -103.19 -27.32
N ASN NG 219 45.78 -103.08 -26.29
CA ASN NG 219 46.20 -102.89 -24.91
C ASN NG 219 46.94 -101.57 -24.74
N MET NG 220 46.24 -100.50 -25.14
CA MET NG 220 46.75 -99.15 -24.96
C MET NG 220 45.75 -98.24 -24.28
N VAL NG 221 44.58 -98.74 -23.90
CA VAL NG 221 43.57 -97.96 -23.20
C VAL NG 221 42.99 -98.80 -22.08
N SER NG 222 42.87 -98.21 -20.90
CA SER NG 222 42.32 -98.94 -19.77
C SER NG 222 40.85 -99.26 -20.01
N PRO NG 223 40.42 -100.49 -19.75
CA PRO NG 223 39.01 -100.82 -19.90
C PRO NG 223 38.18 -100.11 -18.84
N PRO NG 224 36.92 -99.81 -19.13
CA PRO NG 224 36.06 -99.22 -18.10
C PRO NG 224 35.89 -100.18 -16.93
N TYR NG 225 35.82 -99.62 -15.73
CA TYR NG 225 35.74 -100.41 -14.51
C TYR NG 225 34.46 -100.07 -13.76
N VAL NG 226 33.79 -101.12 -13.26
CA VAL NG 226 32.47 -101.02 -12.65
C VAL NG 226 32.48 -101.78 -11.34
N SER NG 227 31.81 -101.23 -10.33
CA SER NG 227 31.59 -101.89 -9.07
C SER NG 227 30.09 -102.10 -8.85
N HIS NG 228 29.78 -103.09 -8.03
CA HIS NG 228 28.39 -103.40 -7.71
C HIS NG 228 28.25 -103.62 -6.21
N THR NG 229 27.14 -103.12 -5.67
CA THR NG 229 26.79 -103.31 -4.27
C THR NG 229 25.39 -103.88 -4.20
N ASP NG 230 25.10 -104.57 -3.10
CA ASP NG 230 23.82 -105.25 -2.95
C ASP NG 230 23.30 -105.11 -1.53
N LEU NG 231 21.99 -105.00 -1.42
CA LEU NG 231 21.29 -105.06 -0.15
C LEU NG 231 20.11 -106.01 -0.32
N GLY NG 232 19.72 -106.66 0.77
CA GLY NG 232 18.63 -107.61 0.70
C GLY NG 232 17.28 -106.93 0.70
N VAL NG 233 16.37 -107.41 1.55
CA VAL NG 233 15.10 -106.71 1.71
C VAL NG 233 15.36 -105.30 2.23
N THR NG 234 14.40 -104.42 1.98
CA THR NG 234 14.53 -103.04 2.42
C THR NG 234 13.18 -102.36 2.32
N GLY NG 235 13.03 -101.26 3.06
CA GLY NG 235 11.82 -100.46 3.04
C GLY NG 235 11.11 -100.48 4.38
N ASP NG 236 10.00 -99.75 4.41
CA ASP NG 236 9.18 -99.63 5.59
C ASP NG 236 8.11 -100.74 5.59
N GLY NG 237 7.14 -100.62 6.48
CA GLY NG 237 6.02 -101.55 6.50
C GLY NG 237 5.01 -101.34 5.40
N SER NG 238 5.11 -100.23 4.66
CA SER NG 238 4.21 -99.97 3.55
C SER NG 238 4.85 -100.22 2.18
N GLU NG 239 6.15 -99.99 2.06
CA GLU NG 239 6.87 -100.21 0.82
C GLU NG 239 8.04 -101.14 1.10
N ILE NG 240 8.20 -102.17 0.28
CA ILE NG 240 9.31 -103.10 0.43
C ILE NG 240 9.89 -103.46 -0.93
N HIS NG 241 11.17 -103.81 -0.93
CA HIS NG 241 11.86 -104.30 -2.11
C HIS NG 241 12.65 -105.54 -1.73
N ILE NG 242 12.91 -106.39 -2.71
CA ILE NG 242 13.57 -107.66 -2.43
C ILE NG 242 15.08 -107.49 -2.35
N ASP NG 243 15.69 -107.11 -3.46
CA ASP NG 243 17.15 -107.09 -3.58
C ASP NG 243 17.56 -105.79 -4.28
N ASP NG 244 18.00 -104.83 -3.48
CA ASP NG 244 18.42 -103.53 -4.03
C ASP NG 244 19.86 -103.66 -4.51
N ARG NG 245 20.03 -103.72 -5.82
CA ARG NG 245 21.36 -103.85 -6.43
C ARG NG 245 21.73 -102.54 -7.10
N VAL NG 246 22.92 -102.04 -6.80
CA VAL NG 246 23.42 -100.78 -7.33
C VAL NG 246 24.67 -101.06 -8.15
N LEU NG 247 24.66 -100.64 -9.41
CA LEU NG 247 25.80 -100.77 -10.30
C LEU NG 247 26.33 -99.38 -10.61
N ARG NG 248 27.60 -99.15 -10.31
CA ARG NG 248 28.20 -97.84 -10.54
C ARG NG 248 29.54 -98.00 -11.25
N ILE NG 249 29.71 -97.30 -12.36
CA ILE NG 249 30.95 -97.32 -13.12
C ILE NG 249 31.80 -96.15 -12.67
N THR NG 250 33.07 -96.43 -12.37
CA THR NG 250 33.94 -95.39 -11.84
C THR NG 250 35.10 -95.07 -12.77
N ALA NG 251 35.92 -96.05 -13.13
CA ALA NG 251 37.11 -95.80 -13.93
C ALA NG 251 36.70 -95.67 -15.39
N LEU NG 252 36.57 -94.43 -15.85
CA LEU NG 252 36.28 -94.19 -17.25
C LEU NG 252 37.45 -94.64 -18.11
N PRO NG 253 37.18 -95.16 -19.31
CA PRO NG 253 38.28 -95.51 -20.21
C PRO NG 253 39.09 -94.27 -20.58
N GLU NG 254 40.39 -94.48 -20.78
CA GLU NG 254 41.27 -93.38 -21.15
C GLU NG 254 42.55 -93.95 -21.74
N LEU NG 255 43.34 -93.07 -22.34
CA LEU NG 255 44.61 -93.46 -22.92
C LEU NG 255 45.69 -93.55 -21.85
N ASN NG 256 46.58 -94.53 -22.00
CA ASN NG 256 47.71 -94.65 -21.10
C ASN NG 256 48.87 -93.78 -21.57
N VAL NG 257 49.83 -93.58 -20.68
CA VAL NG 257 51.02 -92.80 -21.00
C VAL NG 257 52.30 -93.62 -20.97
N ASN NG 258 52.27 -94.82 -20.37
CA ASN NG 258 53.44 -95.69 -20.34
C ASN NG 258 53.39 -96.57 -21.58
N SER NG 259 54.00 -96.08 -22.66
CA SER NG 259 53.99 -96.81 -23.93
C SER NG 259 54.75 -98.12 -23.85
N ALA NG 260 55.67 -98.26 -22.88
CA ALA NG 260 56.48 -99.47 -22.79
C ALA NG 260 55.63 -100.72 -22.58
N GLU NG 261 54.42 -100.58 -22.06
CA GLU NG 261 53.55 -101.72 -21.82
C GLU NG 261 52.78 -102.14 -23.06
N TRP NG 262 52.89 -101.40 -24.16
CA TRP NG 262 52.09 -101.69 -25.34
C TRP NG 262 52.55 -103.01 -25.97
N ARG NG 263 51.60 -103.89 -26.23
CA ARG NG 263 51.87 -105.17 -26.87
C ARG NG 263 51.69 -105.01 -28.38
N ALA NG 264 52.74 -105.34 -29.14
CA ALA NG 264 52.70 -105.16 -30.58
C ALA NG 264 51.86 -106.26 -31.24
N ALA NG 265 51.67 -106.13 -32.55
CA ALA NG 265 50.88 -107.08 -33.32
C ALA NG 265 51.55 -107.33 -34.65
N VAL NG 266 51.19 -108.45 -35.27
CA VAL NG 266 51.80 -108.91 -36.51
C VAL NG 266 50.71 -109.57 -37.35
N ALA NG 267 51.09 -110.03 -38.55
CA ALA NG 267 50.17 -110.81 -39.37
C ALA NG 267 50.88 -112.04 -39.92
N LYS NG 268 50.21 -112.76 -40.83
CA LYS NG 268 50.82 -113.89 -41.50
C LYS NG 268 50.33 -114.00 -42.94
N UNK OG 1 83.19 -52.01 -87.96
CA UNK OG 1 82.72 -52.64 -89.19
C UNK OG 1 83.90 -52.98 -90.11
N UNK OG 2 84.11 -52.15 -91.12
CA UNK OG 2 85.23 -52.25 -92.06
C UNK OG 2 85.18 -53.49 -92.93
N UNK OG 3 84.14 -54.31 -92.81
CA UNK OG 3 84.03 -55.51 -93.63
C UNK OG 3 82.57 -55.96 -93.64
N UNK OG 4 81.91 -55.85 -94.78
CA UNK OG 4 80.55 -56.35 -94.89
C UNK OG 4 80.51 -57.87 -95.02
N UNK OG 5 81.52 -58.47 -95.64
CA UNK OG 5 81.56 -59.90 -95.88
C UNK OG 5 82.82 -60.46 -95.24
N UNK OG 6 82.70 -60.92 -94.00
CA UNK OG 6 83.82 -61.53 -93.29
C UNK OG 6 83.98 -62.96 -93.79
N UNK OG 7 84.91 -63.16 -94.70
CA UNK OG 7 85.16 -64.50 -95.25
C UNK OG 7 85.69 -65.43 -94.16
N UNK OG 8 85.30 -66.69 -94.26
CA UNK OG 8 85.72 -67.71 -93.30
C UNK OG 8 86.85 -68.52 -93.92
N UNK OG 9 88.08 -68.23 -93.48
CA UNK OG 9 89.27 -68.95 -93.93
C UNK OG 9 89.42 -68.94 -95.45
N UNK PG 1 109.57 34.22 22.31
CA UNK PG 1 108.87 32.98 21.96
C UNK PG 1 109.78 31.77 22.16
N UNK PG 2 110.12 31.11 21.07
CA UNK PG 2 110.97 29.93 21.11
C UNK PG 2 111.92 29.95 19.93
N UNK PG 3 112.88 29.02 19.94
CA UNK PG 3 113.91 28.94 18.92
C UNK PG 3 113.94 27.55 18.30
N UNK PG 4 114.36 27.49 17.04
CA UNK PG 4 114.48 26.23 16.33
C UNK PG 4 115.73 25.44 16.73
N UNK PG 5 116.64 26.05 17.51
CA UNK PG 5 117.81 25.32 17.98
C UNK PG 5 117.39 24.15 18.87
N UNK PG 6 116.38 24.36 19.70
CA UNK PG 6 115.87 23.26 20.53
C UNK PG 6 115.33 22.12 19.67
N UNK PG 7 114.58 22.46 18.61
CA UNK PG 7 114.06 21.43 17.72
C UNK PG 7 115.19 20.68 17.03
N UNK PG 8 116.22 21.39 16.57
CA UNK PG 8 117.36 20.75 15.92
C UNK PG 8 118.08 19.82 16.89
N UNK PG 9 118.29 20.28 18.13
CA UNK PG 9 118.98 19.45 19.11
C UNK PG 9 118.15 18.22 19.47
N UNK PG 10 116.83 18.38 19.58
CA UNK PG 10 115.97 17.24 19.86
C UNK PG 10 115.99 16.24 18.72
N UNK PG 11 115.98 16.71 17.48
CA UNK PG 11 116.10 15.80 16.34
C UNK PG 11 117.43 15.07 16.36
N UNK PG 12 118.51 15.78 16.67
CA UNK PG 12 119.83 15.14 16.75
C UNK PG 12 119.86 14.08 17.85
N UNK PG 13 119.28 14.38 19.01
CA UNK PG 13 119.26 13.41 20.10
C UNK PG 13 118.43 12.19 19.74
N UNK PG 14 117.28 12.41 19.09
CA UNK PG 14 116.46 11.29 18.65
C UNK PG 14 117.20 10.42 17.63
N UNK PG 15 117.91 11.06 16.70
CA UNK PG 15 118.70 10.29 15.73
C UNK PG 15 119.80 9.50 16.42
N UNK PG 16 120.45 10.10 17.42
CA UNK PG 16 121.51 9.44 18.15
C UNK PG 16 120.96 8.53 19.26
N UNK PG 17 120.05 7.63 18.89
CA UNK PG 17 119.49 6.72 19.86
C UNK PG 17 120.55 5.76 20.39
N UNK PG 18 121.41 5.26 19.50
CA UNK PG 18 122.49 4.35 19.86
C UNK PG 18 121.99 3.10 20.57
N UNK PG 19 120.81 2.62 20.19
CA UNK PG 19 120.24 1.42 20.79
C UNK PG 19 119.20 0.84 19.87
N UNK PG 20 118.96 -0.47 20.00
CA UNK PG 20 117.94 -1.16 19.22
C UNK PG 20 117.44 -2.33 20.04
N UNK PG 21 116.15 -2.33 20.35
CA UNK PG 21 115.52 -3.38 21.15
C UNK PG 21 114.39 -3.99 20.33
N UNK PG 22 114.62 -5.18 19.76
CA UNK PG 22 113.63 -5.87 18.96
C UNK PG 22 113.66 -7.35 19.30
N UNK PG 23 112.51 -8.00 19.10
CA UNK PG 23 112.38 -9.43 19.36
C UNK PG 23 111.47 -10.05 18.32
N UNK PG 24 111.62 -11.35 18.13
CA UNK PG 24 110.83 -12.11 17.18
C UNK PG 24 110.13 -13.26 17.90
N UNK PG 25 108.97 -13.64 17.37
CA UNK PG 25 108.19 -14.74 17.91
C UNK PG 25 108.16 -15.88 16.89
N UNK PG 26 108.54 -17.07 17.34
CA UNK PG 26 108.56 -18.24 16.47
C UNK PG 26 107.14 -18.79 16.30
N UNK PG 27 107.04 -19.86 15.50
CA UNK PG 27 105.76 -20.52 15.32
C UNK PG 27 105.22 -21.08 16.64
N UNK PG 28 106.09 -21.60 17.49
CA UNK PG 28 105.72 -22.09 18.81
C UNK PG 28 105.58 -20.97 19.83
N UNK PG 29 105.48 -19.72 19.37
CA UNK PG 29 105.33 -18.55 20.23
C UNK PG 29 106.49 -18.40 21.19
N UNK PG 30 107.69 -18.83 20.78
CA UNK PG 30 108.89 -18.64 21.57
C UNK PG 30 109.53 -17.30 21.20
N UNK PG 31 109.96 -16.57 22.23
CA UNK PG 31 110.51 -15.23 22.04
C UNK PG 31 112.02 -15.29 21.94
N UNK PG 32 112.57 -14.72 20.87
CA UNK PG 32 114.01 -14.63 20.67
C UNK PG 32 114.37 -13.18 20.39
N UNK PG 33 115.20 -12.60 21.25
CA UNK PG 33 115.59 -11.20 21.13
C UNK PG 33 117.06 -11.10 20.75
N UNK PG 34 117.35 -10.26 19.77
CA UNK PG 34 118.72 -10.02 19.36
C UNK PG 34 119.36 -8.95 20.22
N UNK PG 35 120.69 -8.93 20.22
CA UNK PG 35 121.43 -7.89 20.89
C UNK PG 35 121.23 -6.55 20.17
N UNK PG 36 121.54 -5.47 20.89
CA UNK PG 36 121.38 -4.13 20.32
C UNK PG 36 122.26 -3.95 19.10
N UNK PG 37 121.64 -3.84 17.92
CA UNK PG 37 122.34 -3.72 16.65
C UNK PG 37 121.87 -2.43 15.97
N UNK PG 38 122.68 -1.38 16.10
CA UNK PG 38 122.40 -0.08 15.50
C UNK PG 38 121.03 0.45 15.92
N UNK PG 39 104.33 -12.68 12.74
CA UNK PG 39 104.71 -13.36 13.97
C UNK PG 39 106.22 -13.33 14.16
N UNK PG 40 106.95 -13.72 13.11
CA UNK PG 40 108.40 -13.72 13.16
C UNK PG 40 109.00 -12.32 13.10
N UNK PG 41 108.20 -11.29 12.82
CA UNK PG 41 108.71 -9.93 12.74
C UNK PG 41 107.57 -8.96 12.92
N UNK PG 42 107.61 -8.16 13.98
CA UNK PG 42 106.66 -7.08 14.21
C UNK PG 42 107.43 -5.79 14.45
N UNK PG 43 107.13 -4.76 13.66
CA UNK PG 43 107.84 -3.50 13.80
C UNK PG 43 107.59 -2.86 15.16
N UNK PG 44 106.46 -3.16 15.79
CA UNK PG 44 106.20 -2.63 17.12
C UNK PG 44 107.21 -3.16 18.14
N UNK PG 45 107.63 -4.42 17.99
CA UNK PG 45 108.62 -4.99 18.88
C UNK PG 45 109.96 -4.26 18.79
N UNK PG 46 110.24 -3.60 17.67
CA UNK PG 46 111.47 -2.84 17.53
C UNK PG 46 111.42 -1.58 18.37
N UNK PG 47 112.58 -1.13 18.84
CA UNK PG 47 112.67 0.05 19.69
C UNK PG 47 114.03 0.69 19.51
N UNK PG 48 114.13 1.93 20.00
CA UNK PG 48 115.40 2.68 19.95
C UNK PG 48 116.36 2.17 21.00
N LYS QG 24 79.13 -31.16 -112.39
CA LYS QG 24 78.30 -30.14 -112.99
C LYS QG 24 77.48 -29.41 -111.93
N PHE QG 25 77.50 -29.94 -110.70
CA PHE QG 25 76.77 -29.32 -109.59
C PHE QG 25 77.52 -29.66 -108.31
N LYS QG 26 78.31 -28.71 -107.82
CA LYS QG 26 79.02 -28.82 -106.55
C LYS QG 26 78.35 -27.86 -105.58
N LYS QG 27 77.40 -28.36 -104.81
CA LYS QG 27 76.67 -27.52 -103.90
C LYS QG 27 77.56 -27.03 -102.75
N PRO QG 28 77.32 -25.83 -102.24
CA PRO QG 28 78.09 -25.33 -101.11
C PRO QG 28 77.77 -26.11 -99.85
N PRO QG 29 78.66 -26.11 -98.86
CA PRO QG 29 78.37 -26.82 -97.61
C PRO QG 29 77.08 -26.32 -96.98
N ILE QG 30 76.28 -27.28 -96.50
CA ILE QG 30 74.95 -26.94 -96.00
C ILE QG 30 75.05 -26.09 -94.73
N ASN QG 31 75.84 -26.55 -93.76
CA ASN QG 31 76.00 -25.82 -92.51
C ASN QG 31 77.27 -24.97 -92.56
N ASN QG 32 77.20 -23.93 -93.36
CA ASN QG 32 78.34 -23.05 -93.52
C ASN QG 32 78.04 -21.67 -92.96
N PRO QG 33 79.02 -21.00 -92.35
CA PRO QG 33 78.80 -19.64 -91.84
C PRO QG 33 78.77 -18.60 -92.96
N SER QG 34 77.60 -18.48 -93.58
CA SER QG 34 77.41 -17.56 -94.69
C SER QG 34 77.01 -16.16 -94.22
N ASP QG 35 77.30 -15.82 -92.97
CA ASP QG 35 76.95 -14.51 -92.43
C ASP QG 35 78.12 -13.97 -91.64
N ASP QG 36 78.22 -12.65 -91.58
CA ASP QG 36 79.32 -12.01 -90.85
C ASP QG 36 79.30 -12.38 -89.38
N ALA QG 37 78.12 -12.33 -88.75
CA ALA QG 37 78.02 -12.70 -87.35
C ALA QG 37 78.43 -14.15 -87.14
N THR QG 38 77.97 -15.05 -88.00
CA THR QG 38 78.30 -16.46 -87.86
C THR QG 38 79.80 -16.68 -88.00
N ILE QG 39 80.42 -16.04 -89.00
CA ILE QG 39 81.83 -16.27 -89.24
C ILE QG 39 82.67 -15.69 -88.11
N LYS QG 40 82.25 -14.54 -87.57
CA LYS QG 40 82.96 -13.99 -86.42
C LYS QG 40 82.82 -14.91 -85.21
N LEU QG 41 81.62 -15.46 -85.00
CA LEU QG 41 81.43 -16.39 -83.90
C LEU QG 41 82.32 -17.62 -84.04
N ALA QG 42 82.41 -18.16 -85.24
CA ALA QG 42 83.23 -19.34 -85.47
C ALA QG 42 84.71 -19.01 -85.27
N GLU QG 43 85.15 -17.84 -85.72
CA GLU QG 43 86.53 -17.44 -85.47
C GLU QG 43 86.80 -17.32 -83.98
N ALA QG 44 85.86 -16.73 -83.24
CA ALA QG 44 86.02 -16.62 -81.80
C ALA QG 44 86.09 -18.00 -81.16
N ALA QG 45 85.29 -18.93 -81.66
CA ALA QG 45 85.33 -20.30 -81.14
C ALA QG 45 86.70 -20.93 -81.38
N VAL QG 46 87.26 -20.72 -82.57
CA VAL QG 46 88.60 -21.23 -82.86
C VAL QG 46 89.61 -20.65 -81.89
N SER QG 47 89.52 -19.33 -81.67
CA SER QG 47 90.47 -18.66 -80.79
C SER QG 47 90.38 -19.20 -79.37
N VAL QG 48 89.16 -19.34 -78.84
CA VAL QG 48 89.01 -19.79 -77.47
C VAL QG 48 89.43 -21.26 -77.34
N SER QG 49 89.15 -22.06 -78.36
CA SER QG 49 89.61 -23.45 -78.34
C SER QG 49 91.13 -23.51 -78.29
N ASP QG 50 91.79 -22.67 -79.08
CA ASP QG 50 93.24 -22.63 -79.06
C ASP QG 50 93.76 -22.20 -77.69
N SER QG 51 93.12 -21.19 -77.11
CA SER QG 51 93.56 -20.70 -75.80
C SER QG 51 93.42 -21.78 -74.74
N MET QG 52 92.28 -22.48 -74.75
CA MET QG 52 92.07 -23.55 -73.79
C MET QG 52 93.07 -24.68 -74.00
N LEU QG 53 93.39 -24.98 -75.27
CA LEU QG 53 94.39 -25.99 -75.55
C LEU QG 53 95.74 -25.60 -74.97
N GLU QG 54 96.13 -24.33 -75.14
CA GLU QG 54 97.39 -23.87 -74.56
C GLU QG 54 97.37 -23.98 -73.04
N MET QG 55 96.24 -23.61 -72.43
CA MET QG 55 96.11 -23.72 -70.98
C MET QG 55 96.32 -25.15 -70.52
N ALA QG 56 95.62 -26.09 -71.16
CA ALA QG 56 95.77 -27.50 -70.78
C ALA QG 56 97.21 -27.97 -71.02
N LYS QG 57 97.81 -27.55 -72.12
CA LYS QG 57 99.16 -27.97 -72.46
C LYS QG 57 100.14 -27.56 -71.38
N VAL QG 58 100.08 -26.30 -70.96
CA VAL QG 58 101.03 -25.83 -69.96
C VAL QG 58 100.74 -26.45 -68.60
N GLU QG 59 99.46 -26.62 -68.26
CA GLU QG 59 99.14 -27.05 -66.90
C GLU QG 59 99.31 -28.56 -66.69
N LYS QG 60 99.18 -29.37 -67.74
CA LYS QG 60 99.18 -30.81 -67.54
C LYS QG 60 100.57 -31.32 -67.22
N VAL QG 61 100.65 -32.21 -66.24
CA VAL QG 61 101.90 -32.84 -65.83
C VAL QG 61 101.96 -34.23 -66.45
N ILE QG 62 103.14 -34.61 -66.92
CA ILE QG 62 103.37 -35.93 -67.48
C ILE QG 62 104.27 -36.71 -66.54
N THR QG 63 104.46 -38.00 -66.85
CA THR QG 63 105.32 -38.88 -66.09
C THR QG 63 106.31 -39.56 -67.02
N PRO QG 64 107.50 -39.85 -66.53
CA PRO QG 64 108.52 -40.47 -67.39
C PRO QG 64 108.32 -41.97 -67.48
N PRO QG 65 108.20 -42.51 -68.70
CA PRO QG 65 108.14 -43.97 -68.87
C PRO QG 65 109.40 -44.68 -68.41
N SER QG 66 110.53 -43.97 -68.33
CA SER QG 66 111.75 -44.53 -67.78
C SER QG 66 111.70 -44.69 -66.27
N LYS QG 67 110.68 -44.14 -65.61
CA LYS QG 67 110.65 -44.15 -64.16
C LYS QG 67 109.28 -44.52 -63.59
N ASP QG 68 108.32 -44.87 -64.42
CA ASP QG 68 107.00 -45.23 -63.92
C ASP QG 68 107.06 -46.49 -63.08
N ASN QG 69 106.32 -46.49 -61.97
CA ASN QG 69 106.33 -47.60 -61.03
C ASN QG 69 105.12 -48.49 -61.31
N THR QG 70 105.20 -49.25 -62.39
CA THR QG 70 104.21 -50.27 -62.73
C THR QG 70 104.95 -51.56 -63.04
N LEU QG 71 104.64 -52.61 -62.27
CA LEU QG 71 105.29 -53.90 -62.51
C LEU QG 71 104.95 -54.41 -63.89
N THR QG 72 105.97 -54.83 -64.63
CA THR QG 72 105.80 -55.25 -66.01
C THR QG 72 105.23 -56.67 -66.07
N ILE QG 73 105.00 -57.15 -67.29
CA ILE QG 73 104.46 -58.48 -67.51
C ILE QG 73 105.53 -59.51 -67.17
N PRO QG 74 105.23 -60.49 -66.31
CA PRO QG 74 106.23 -61.52 -65.98
C PRO QG 74 106.57 -62.44 -67.13
N ASN QG 75 105.83 -62.38 -68.24
CA ASN QG 75 106.12 -63.12 -69.47
C ASN QG 75 106.40 -64.60 -69.19
N ALA QG 76 105.55 -65.20 -68.36
CA ALA QG 76 105.62 -66.63 -68.08
C ALA QG 76 104.39 -67.32 -68.65
N TYR QG 77 104.58 -68.55 -69.11
CA TYR QG 77 103.52 -69.26 -69.81
C TYR QG 77 102.30 -69.47 -68.91
N ASN QG 78 102.52 -69.84 -67.65
CA ASN QG 78 101.41 -70.05 -66.74
C ASN QG 78 100.68 -68.75 -66.41
N LEU QG 79 101.23 -67.60 -66.77
CA LEU QG 79 100.56 -66.32 -66.55
C LEU QG 79 99.73 -65.89 -67.75
N GLN QG 80 99.60 -66.74 -68.77
CA GLN QG 80 98.89 -66.41 -69.98
C GLN QG 80 97.50 -67.00 -70.05
N ALA QG 81 96.99 -67.53 -68.93
CA ALA QG 81 95.65 -68.11 -68.93
C ALA QG 81 94.60 -67.01 -68.96
N ARG QG 82 93.36 -67.43 -69.20
CA ARG QG 82 92.21 -66.53 -69.26
C ARG QG 82 91.20 -66.93 -68.21
N ALA QG 83 90.58 -65.93 -67.58
CA ALA QG 83 89.59 -66.18 -66.53
C ALA QG 83 88.75 -64.94 -66.35
N SER QG 84 87.66 -65.11 -65.59
CA SER QG 84 86.78 -64.02 -65.19
C SER QG 84 86.77 -63.95 -63.67
N VAL QG 85 86.81 -62.73 -63.14
CA VAL QG 85 86.91 -62.55 -61.69
C VAL QG 85 86.19 -61.27 -61.30
N ASP QG 86 85.38 -61.37 -60.24
CA ASP QG 86 84.79 -60.22 -59.58
C ASP QG 86 85.18 -60.26 -58.11
N TRP QG 87 85.68 -59.14 -57.61
CA TRP QG 87 86.10 -59.09 -56.21
C TRP QG 87 86.07 -57.64 -55.73
N SER QG 88 85.79 -57.47 -54.44
CA SER QG 88 85.88 -56.17 -53.81
C SER QG 88 86.14 -56.41 -52.32
N GLY QG 89 87.39 -56.26 -51.90
CA GLY QG 89 87.75 -56.49 -50.52
C GLY QG 89 89.25 -56.58 -50.31
N PRO QG 90 89.65 -57.28 -49.25
CA PRO QG 90 91.08 -57.40 -48.94
C PRO QG 90 91.85 -58.08 -50.06
N ILE QG 91 93.08 -57.62 -50.26
CA ILE QG 91 93.89 -58.09 -51.38
C ILE QG 91 94.72 -59.33 -51.06
N GLU QG 92 94.97 -59.60 -49.77
CA GLU QG 92 95.89 -60.66 -49.40
C GLU QG 92 95.38 -62.03 -49.86
N GLU QG 93 94.14 -62.36 -49.48
CA GLU QG 93 93.59 -63.65 -49.90
C GLU QG 93 93.40 -63.71 -51.40
N LEU QG 94 93.08 -62.59 -52.03
CA LEU QG 94 92.93 -62.57 -53.49
C LEU QG 94 94.24 -62.95 -54.17
N THR QG 95 95.34 -62.30 -53.79
CA THR QG 95 96.61 -62.61 -54.42
C THR QG 95 97.08 -64.00 -54.06
N ALA QG 96 96.77 -64.48 -52.85
CA ALA QG 96 97.10 -65.85 -52.51
C ALA QG 96 96.37 -66.83 -53.44
N ARG QG 97 95.08 -66.59 -53.68
CA ARG QG 97 94.32 -67.45 -54.58
C ARG QG 97 94.87 -67.38 -55.99
N ILE QG 98 95.25 -66.19 -56.45
CA ILE QG 98 95.79 -66.04 -57.79
C ILE QG 98 97.10 -66.82 -57.92
N ALA QG 99 97.96 -66.73 -56.90
CA ALA QG 99 99.20 -67.49 -56.92
C ALA QG 99 98.93 -68.99 -56.92
N LYS QG 100 97.95 -69.43 -56.15
CA LYS QG 100 97.59 -70.85 -56.17
C LYS QG 100 97.12 -71.27 -57.55
N ALA QG 101 96.33 -70.43 -58.21
CA ALA QG 101 95.88 -70.73 -59.56
C ALA QG 101 97.06 -70.82 -60.52
N ALA QG 102 98.04 -69.94 -60.35
CA ALA QG 102 99.22 -69.96 -61.20
C ALA QG 102 100.24 -71.02 -60.78
N HIS QG 103 99.97 -71.75 -59.69
CA HIS QG 103 100.87 -72.79 -59.19
C HIS QG 103 102.22 -72.20 -58.79
N PHE QG 104 102.19 -71.06 -58.09
CA PHE QG 104 103.39 -70.39 -57.61
C PHE QG 104 103.32 -70.24 -56.11
N ARG QG 105 104.46 -70.37 -55.45
CA ARG QG 105 104.52 -70.08 -54.03
C ARG QG 105 104.30 -68.60 -53.80
N PHE QG 106 103.72 -68.27 -52.64
CA PHE QG 106 103.30 -66.91 -52.35
C PHE QG 106 103.67 -66.55 -50.92
N ARG QG 107 104.16 -65.33 -50.72
CA ARG QG 107 104.48 -64.89 -49.37
C ARG QG 107 104.41 -63.37 -49.31
N VAL QG 108 104.42 -62.86 -48.07
CA VAL QG 108 104.30 -61.44 -47.80
C VAL QG 108 105.41 -61.03 -46.84
N LEU QG 109 105.76 -59.75 -46.89
CA LEU QG 109 106.72 -59.16 -45.98
C LEU QG 109 106.25 -57.78 -45.57
N GLY QG 110 106.47 -57.44 -44.30
CA GLY QG 110 106.00 -56.21 -43.71
C GLY QG 110 105.05 -56.49 -42.57
N LYS QG 111 104.42 -55.42 -42.09
CA LYS QG 111 103.43 -55.51 -41.02
C LYS QG 111 102.05 -55.20 -41.59
N SER QG 112 101.09 -56.06 -41.30
CA SER QG 112 99.75 -55.91 -41.85
C SER QG 112 99.10 -54.64 -41.31
N PRO QG 113 98.66 -53.72 -42.17
CA PRO QG 113 98.02 -52.50 -41.67
C PRO QG 113 96.73 -52.82 -40.92
N SER QG 114 96.41 -51.94 -39.97
CA SER QG 114 95.18 -52.12 -39.19
C SER QG 114 93.96 -52.09 -40.10
N VAL QG 115 93.94 -51.19 -41.07
CA VAL QG 115 92.88 -51.16 -42.07
C VAL QG 115 93.46 -51.71 -43.38
N PRO QG 116 93.16 -52.95 -43.74
CA PRO QG 116 93.83 -53.58 -44.87
C PRO QG 116 93.49 -52.89 -46.19
N VAL QG 117 94.43 -53.00 -47.12
CA VAL QG 117 94.24 -52.42 -48.44
C VAL QG 117 93.13 -53.14 -49.16
N LEU QG 118 92.26 -52.38 -49.84
CA LEU QG 118 91.11 -52.93 -50.53
C LEU QG 118 91.14 -52.53 -51.99
N ILE QG 119 90.70 -53.45 -52.84
CA ILE QG 119 90.56 -53.21 -54.27
C ILE QG 119 89.23 -53.78 -54.72
N SER QG 120 88.88 -53.49 -55.97
CA SER QG 120 87.61 -53.95 -56.53
C SER QG 120 87.81 -54.12 -58.03
N ILE QG 121 87.94 -55.37 -58.47
CA ILE QG 121 88.20 -55.69 -59.87
C ILE QG 121 87.05 -56.53 -60.39
N SER QG 122 86.46 -56.12 -61.50
CA SER QG 122 85.42 -56.87 -62.18
C SER QG 122 85.84 -57.04 -63.64
N THR QG 123 86.06 -58.28 -64.05
CA THR QG 123 86.58 -58.53 -65.39
C THR QG 123 86.14 -59.89 -65.87
N LYS QG 124 86.15 -60.05 -67.20
CA LYS QG 124 85.60 -61.21 -67.88
C LYS QG 124 86.64 -62.07 -68.57
N ASP QG 125 87.49 -61.49 -69.42
CA ASP QG 125 88.40 -62.31 -70.23
C ASP QG 125 89.70 -61.54 -70.43
N GLU QG 126 90.68 -61.82 -69.58
CA GLU QG 126 92.04 -61.32 -69.75
C GLU QG 126 92.96 -62.24 -68.94
N SER QG 127 94.19 -61.80 -68.68
CA SER QG 127 95.16 -62.66 -68.04
C SER QG 127 95.58 -62.13 -66.67
N LEU QG 128 96.08 -63.07 -65.87
CA LEU QG 128 96.49 -62.76 -64.52
C LEU QG 128 97.65 -61.77 -64.50
N ALA QG 129 98.41 -61.68 -65.59
CA ALA QG 129 99.45 -60.67 -65.67
C ALA QG 129 98.86 -59.27 -65.55
N GLU QG 130 97.86 -58.97 -66.38
CA GLU QG 130 97.17 -57.69 -66.27
C GLU QG 130 96.46 -57.56 -64.95
N ILE QG 131 95.94 -58.66 -64.42
CA ILE QG 131 95.29 -58.61 -63.11
C ILE QG 131 96.26 -58.10 -62.05
N LEU QG 132 97.45 -58.71 -61.98
CA LEU QG 132 98.45 -58.29 -61.01
C LEU QG 132 98.93 -56.88 -61.28
N ARG QG 133 99.05 -56.52 -62.57
CA ARG QG 133 99.45 -55.17 -62.91
C ARG QG 133 98.50 -54.14 -62.31
N ASP QG 134 97.21 -54.31 -62.56
CA ASP QG 134 96.22 -53.38 -62.01
C ASP QG 134 96.18 -53.45 -60.50
N ILE QG 135 96.38 -54.63 -59.91
CA ILE QG 135 96.39 -54.75 -58.46
C ILE QG 135 97.49 -53.90 -57.87
N ASP QG 136 98.71 -54.02 -58.39
CA ASP QG 136 99.81 -53.24 -57.85
C ASP QG 136 99.60 -51.76 -58.14
N TYR QG 137 99.01 -51.41 -59.27
CA TYR QG 137 98.73 -50.01 -59.56
C TYR QG 137 97.79 -49.43 -58.52
N GLN QG 138 96.70 -50.13 -58.22
CA GLN QG 138 95.77 -49.62 -57.21
C GLN QG 138 96.39 -49.62 -55.83
N ALA QG 139 97.30 -50.54 -55.55
CA ALA QG 139 97.97 -50.56 -54.26
C ALA QG 139 98.86 -49.32 -54.09
N GLY QG 140 99.71 -49.05 -55.09
CA GLY QG 140 100.56 -47.88 -55.05
C GLY QG 140 101.47 -47.79 -53.85
N LYS QG 141 101.22 -46.81 -52.99
CA LYS QG 141 102.14 -46.50 -51.89
C LYS QG 141 102.10 -47.56 -50.80
N LYS QG 142 100.91 -48.03 -50.44
CA LYS QG 142 100.78 -48.89 -49.27
C LYS QG 142 101.54 -50.21 -49.45
N ALA QG 143 101.49 -50.79 -50.64
CA ALA QG 143 102.18 -52.05 -50.87
C ALA QG 143 102.43 -52.21 -52.36
N SER QG 144 103.29 -53.17 -52.68
CA SER QG 144 103.59 -53.52 -54.06
C SER QG 144 103.82 -55.03 -54.13
N ILE QG 145 103.99 -55.54 -55.35
CA ILE QG 145 104.21 -56.96 -55.55
C ILE QG 145 105.43 -57.16 -56.43
N HIS QG 146 106.08 -58.31 -56.24
CA HIS QG 146 107.22 -58.70 -57.05
C HIS QG 146 107.05 -60.17 -57.44
N VAL QG 147 107.58 -60.52 -58.61
CA VAL QG 147 107.41 -61.84 -59.18
C VAL QG 147 108.78 -62.38 -59.55
N TYR QG 148 109.03 -63.64 -59.18
CA TYR QG 148 110.25 -64.34 -59.58
C TYR QG 148 109.88 -65.58 -60.36
N PRO QG 149 110.24 -65.66 -61.64
CA PRO QG 149 109.94 -66.87 -62.43
C PRO QG 149 111.05 -67.90 -62.35
N ASN QG 150 112.25 -67.46 -61.96
CA ASN QG 150 113.34 -68.43 -61.76
C ASN QG 150 113.00 -69.39 -60.63
N SER QG 151 112.61 -68.85 -59.48
CA SER QG 151 111.98 -69.60 -58.41
C SER QG 151 110.54 -69.11 -58.33
N GLN QG 152 109.59 -70.00 -58.62
CA GLN QG 152 108.23 -69.60 -58.99
C GLN QG 152 107.54 -69.02 -57.76
N VAL QG 153 107.82 -67.75 -57.49
CA VAL QG 153 107.36 -67.13 -56.26
C VAL QG 153 106.80 -65.75 -56.51
N VAL QG 154 105.89 -65.34 -55.64
CA VAL QG 154 105.34 -63.98 -55.63
C VAL QG 154 105.45 -63.43 -54.22
N GLU QG 155 105.88 -62.17 -54.12
CA GLU QG 155 106.10 -61.50 -52.85
C GLU QG 155 105.23 -60.26 -52.79
N LEU QG 156 104.52 -60.09 -51.68
CA LEU QG 156 103.76 -58.88 -51.41
C LEU QG 156 104.52 -58.07 -50.36
N ARG QG 157 105.05 -56.92 -50.77
CA ARG QG 157 105.89 -56.10 -49.92
C ARG QG 157 105.10 -54.91 -49.41
N TYR QG 158 105.07 -54.73 -48.10
CA TYR QG 158 104.34 -53.61 -47.50
C TYR QG 158 105.21 -52.36 -47.48
N ALA QG 159 104.62 -51.25 -47.05
CA ALA QG 159 105.33 -50.00 -46.87
C ALA QG 159 105.77 -49.86 -45.42
N LYS QG 160 106.27 -48.68 -45.06
CA LYS QG 160 106.76 -48.43 -43.73
C LYS QG 160 106.06 -47.23 -43.09
N GLN RG 791 57.14 53.12 92.11
CA GLN RG 791 57.69 53.67 90.87
C GLN RG 791 57.36 52.79 89.68
N GLN RG 792 57.02 51.53 89.95
CA GLN RG 792 56.65 50.58 88.91
C GLN RG 792 55.21 50.75 88.44
N GLU RG 793 54.43 51.60 89.12
CA GLU RG 793 53.02 51.77 88.77
C GLU RG 793 52.83 52.26 87.35
N ILE RG 794 53.85 52.86 86.75
CA ILE RG 794 53.75 53.32 85.38
C ILE RG 794 53.51 52.15 84.44
N GLN RG 795 54.26 51.05 84.63
CA GLN RG 795 54.25 49.95 83.68
C GLN RG 795 52.86 49.33 83.57
N GLN RG 796 52.23 49.04 84.71
CA GLN RG 796 50.87 48.51 84.68
C GLN RG 796 49.93 49.49 84.02
N ARG RG 797 50.08 50.78 84.32
CA ARG RG 797 49.33 51.80 83.61
C ARG RG 797 49.75 51.87 82.14
N THR RG 798 51.05 51.74 81.87
CA THR RG 798 51.53 51.86 80.49
C THR RG 798 51.17 50.64 79.67
N SER RG 799 51.02 49.48 80.31
CA SER RG 799 50.78 48.24 79.57
C SER RG 799 49.52 48.32 78.73
N ASP RG 800 48.40 48.69 79.35
CA ASP RG 800 47.15 48.78 78.60
C ASP RG 800 47.12 49.98 77.65
N MET RG 801 48.03 50.94 77.84
CA MET RG 801 48.08 52.07 76.92
C MET RG 801 48.29 51.59 75.48
N LEU RG 802 49.31 50.75 75.27
CA LEU RG 802 49.58 50.25 73.93
C LEU RG 802 48.42 49.41 73.42
N THR RG 803 47.84 48.57 74.28
CA THR RG 803 46.73 47.73 73.87
C THR RG 803 45.58 48.57 73.34
N ALA RG 804 45.15 49.57 74.10
CA ALA RG 804 44.10 50.47 73.63
C ALA RG 804 44.56 51.24 72.40
N ALA RG 805 45.82 51.70 72.40
CA ALA RG 805 46.33 52.46 71.26
C ALA RG 805 46.31 51.62 69.99
N THR RG 806 46.71 50.35 70.09
CA THR RG 806 46.66 49.48 68.92
C THR RG 806 45.25 49.36 68.38
N GLN RG 807 44.26 49.36 69.27
CA GLN RG 807 42.87 49.32 68.82
C GLN RG 807 42.49 50.58 68.07
N LEU RG 808 42.92 51.74 68.55
CA LEU RG 808 42.45 53.01 67.98
C LEU RG 808 42.92 53.21 66.55
N VAL RG 809 44.19 52.90 66.28
CA VAL RG 809 44.80 53.29 65.00
C VAL RG 809 44.08 52.61 63.84
N GLN RG 810 43.85 51.30 63.96
CA GLN RG 810 43.20 50.58 62.88
C GLN RG 810 41.77 51.06 62.63
N ASP RG 811 41.13 51.64 63.65
CA ASP RG 811 39.80 52.20 63.46
C ASP RG 811 39.82 53.31 62.43
N TRP RG 812 40.81 54.20 62.51
CA TRP RG 812 41.00 55.21 61.49
C TRP RG 812 41.58 54.65 60.20
N LYS RG 813 42.17 53.46 60.24
CA LYS RG 813 42.87 52.93 59.08
C LYS RG 813 41.89 52.59 57.96
N GLN RG 814 40.82 51.86 58.27
CA GLN RG 814 39.96 51.35 57.23
C GLN RG 814 38.96 52.42 56.77
N VAL RG 815 38.52 52.26 55.52
CA VAL RG 815 37.49 53.11 54.95
C VAL RG 815 36.88 52.38 53.76
N GLU RG 816 35.55 52.34 53.70
CA GLU RG 816 34.85 51.65 52.64
C GLU RG 816 34.64 52.57 51.44
N THR RG 817 34.18 51.97 50.34
CA THR RG 817 33.86 52.73 49.15
C THR RG 817 32.34 52.90 49.03
N GLN RG 818 31.94 53.78 48.12
CA GLN RG 818 30.55 54.10 47.93
C GLN RG 818 29.86 53.03 47.11
N VAL RG 819 28.61 53.29 46.70
CA VAL RG 819 27.87 52.43 45.79
C VAL RG 819 27.03 53.32 44.89
N TYR RG 820 27.42 53.41 43.62
CA TYR RG 820 26.62 54.12 42.62
C TYR RG 820 25.52 53.17 42.17
N THR RG 821 24.50 53.03 43.00
CA THR RG 821 23.44 52.07 42.78
C THR RG 821 22.51 52.56 41.68
N GLU RG 822 22.28 51.70 40.69
CA GLU RG 822 21.41 52.04 39.58
C GLU RG 822 19.95 51.95 39.99
N GLY RG 823 19.08 52.46 39.12
CA GLY RG 823 17.65 52.37 39.32
C GLY RG 823 16.88 52.44 38.02
N THR RG 824 16.01 51.47 37.78
CA THR RG 824 15.23 51.42 36.56
C THR RG 824 13.76 51.09 36.86
N ILE SG 208 127.71 -25.43 -76.15
CA ILE SG 208 127.81 -25.27 -77.59
C ILE SG 208 126.95 -26.34 -78.27
N ILE SG 209 126.16 -25.93 -79.26
CA ILE SG 209 125.16 -26.79 -79.88
C ILE SG 209 125.39 -26.79 -81.40
N TYR SG 210 125.36 -27.99 -81.98
CA TYR SG 210 125.55 -28.18 -83.42
C TYR SG 210 124.24 -28.55 -84.08
N TYR SG 211 124.24 -28.47 -85.41
CA TYR SG 211 123.07 -28.81 -86.21
C TYR SG 211 123.52 -29.37 -87.55
N ILE SG 212 122.61 -30.11 -88.19
CA ILE SG 212 122.83 -30.64 -89.52
C ILE SG 212 122.12 -29.76 -90.53
N GLN SG 213 122.76 -29.50 -91.66
CA GLN SG 213 122.15 -28.68 -92.70
C GLN SG 213 121.84 -29.47 -93.95
N ALA SG 214 122.85 -30.12 -94.54
CA ALA SG 214 122.67 -30.95 -95.73
C ALA SG 214 123.17 -32.35 -95.41
N VAL SG 215 122.38 -33.36 -95.74
CA VAL SG 215 122.66 -34.74 -95.40
C VAL SG 215 122.70 -35.57 -96.67
N ILE SG 216 123.77 -36.35 -96.84
CA ILE SG 216 123.90 -37.27 -97.96
C ILE SG 216 124.35 -38.62 -97.41
N PRO SG 217 124.04 -39.71 -98.12
CA PRO SG 217 124.57 -41.01 -97.69
C PRO SG 217 126.08 -40.98 -97.55
N GLY SG 218 126.57 -41.12 -96.32
CA GLY SG 218 128.00 -41.13 -96.06
C GLY SG 218 128.56 -39.81 -95.60
N ARG SG 219 128.12 -38.72 -96.21
CA ARG SG 219 128.66 -37.39 -95.94
C ARG SG 219 127.56 -36.47 -95.44
N ALA SG 220 127.92 -35.64 -94.45
CA ALA SG 220 126.96 -34.72 -93.85
C ALA SG 220 127.57 -33.34 -93.72
N TRP SG 221 126.71 -32.33 -93.65
CA TRP SG 221 127.10 -30.95 -93.51
C TRP SG 221 126.67 -30.46 -92.13
N LEU SG 222 127.63 -29.94 -91.37
CA LEU SG 222 127.43 -29.60 -89.97
C LEU SG 222 127.68 -28.12 -89.75
N ILE SG 223 126.83 -27.49 -88.94
CA ILE SG 223 126.97 -26.10 -88.54
C ILE SG 223 127.06 -26.04 -87.03
N GLY SG 224 127.86 -25.09 -86.54
CA GLY SG 224 128.02 -24.86 -85.12
C GLY SG 224 127.21 -23.66 -84.64
N SER SG 225 127.12 -23.56 -83.32
CA SER SG 225 126.42 -22.42 -82.72
C SER SG 225 127.14 -21.12 -83.03
N ASN SG 226 128.43 -21.18 -83.31
CA ASN SG 226 129.22 -20.01 -83.68
C ASN SG 226 129.41 -19.88 -85.19
N GLY SG 227 128.75 -20.72 -85.97
CA GLY SG 227 128.88 -20.67 -87.41
C GLY SG 227 130.03 -21.49 -87.97
N SER SG 228 130.61 -22.37 -87.14
CA SER SG 228 131.69 -23.24 -87.59
C SER SG 228 131.13 -24.25 -88.59
N THR SG 229 131.76 -24.36 -89.75
CA THR SG 229 131.32 -25.31 -90.76
C THR SG 229 132.05 -26.64 -90.61
N LEU SG 230 131.44 -27.70 -91.12
CA LEU SG 230 132.08 -29.01 -91.05
C LEU SG 230 131.54 -29.91 -92.16
N THR SG 231 132.44 -30.56 -92.88
CA THR SG 231 132.09 -31.64 -93.80
C THR SG 231 132.44 -32.95 -93.11
N VAL SG 232 131.44 -33.60 -92.53
CA VAL SG 232 131.67 -34.68 -91.58
C VAL SG 232 131.38 -36.01 -92.26
N ARG SG 233 132.32 -36.94 -92.15
CA ARG SG 233 132.18 -38.30 -92.61
C ARG SG 233 131.77 -39.19 -91.43
N GLU SG 234 131.54 -40.48 -91.71
CA GLU SG 234 131.18 -41.39 -90.64
C GLU SG 234 132.28 -41.52 -89.60
N GLY SG 235 133.53 -41.60 -90.05
CA GLY SG 235 134.64 -41.67 -89.13
C GLY SG 235 135.26 -40.31 -88.84
N SER SG 236 134.87 -39.70 -87.73
CA SER SG 236 135.38 -38.38 -87.35
C SER SG 236 134.92 -38.06 -85.94
N LYS SG 237 135.81 -37.43 -85.18
CA LYS SG 237 135.49 -36.95 -83.85
C LYS SG 237 134.87 -35.57 -83.94
N ILE SG 238 133.72 -35.39 -83.30
CA ILE SG 238 133.01 -34.13 -83.26
C ILE SG 238 133.01 -33.63 -81.83
N PRO SG 239 133.39 -32.39 -81.57
CA PRO SG 239 133.49 -31.91 -80.18
C PRO SG 239 132.12 -31.85 -79.52
N GLY SG 240 132.12 -32.03 -78.20
CA GLY SG 240 130.91 -32.00 -77.42
C GLY SG 240 129.96 -33.16 -77.64
N TYR SG 241 130.23 -34.02 -78.63
CA TYR SG 241 129.39 -35.17 -78.88
C TYR SG 241 130.18 -36.45 -79.10
N GLY SG 242 131.49 -36.39 -79.21
CA GLY SG 242 132.31 -37.58 -79.30
C GLY SG 242 132.52 -38.01 -80.76
N MET SG 243 132.36 -39.30 -81.01
CA MET SG 243 132.67 -39.90 -82.29
C MET SG 243 131.40 -40.20 -83.07
N VAL SG 244 131.44 -39.93 -84.38
CA VAL SG 244 130.34 -40.27 -85.26
C VAL SG 244 130.42 -41.75 -85.60
N LYS SG 245 129.27 -42.43 -85.60
CA LYS SG 245 129.21 -43.83 -85.99
C LYS SG 245 128.35 -44.04 -87.23
N LEU SG 246 127.11 -43.57 -87.23
CA LEU SG 246 126.16 -43.88 -88.29
C LEU SG 246 125.28 -42.68 -88.58
N ILE SG 247 124.92 -42.51 -89.84
CA ILE SG 247 124.02 -41.46 -90.29
C ILE SG 247 122.91 -42.10 -91.10
N ASP SG 248 121.75 -41.44 -91.15
CA ASP SG 248 120.61 -41.93 -91.91
C ASP SG 248 120.15 -40.84 -92.87
N SER SG 249 119.95 -41.22 -94.13
CA SER SG 249 119.32 -40.31 -95.08
C SER SG 249 117.82 -40.22 -94.87
N LEU SG 250 117.18 -41.33 -94.51
CA LEU SG 250 115.74 -41.32 -94.30
C LEU SG 250 115.35 -40.42 -93.13
N GLN SG 251 116.08 -40.52 -92.02
CA GLN SG 251 115.79 -39.74 -90.82
C GLN SG 251 117.00 -38.88 -90.50
N GLY SG 252 116.77 -37.60 -90.25
CA GLY SG 252 117.86 -36.70 -89.93
C GLY SG 252 118.39 -36.89 -88.53
N ARG SG 253 118.62 -38.13 -88.15
CA ARG SG 253 119.10 -38.49 -86.82
C ARG SG 253 120.49 -39.08 -86.92
N ILE SG 254 121.42 -38.51 -86.16
CA ILE SG 254 122.79 -38.98 -86.08
C ILE SG 254 123.10 -39.31 -84.64
N LEU SG 255 123.45 -40.56 -84.36
CA LEU SG 255 123.79 -40.95 -83.01
C LEU SG 255 125.23 -40.53 -82.69
N THR SG 256 125.47 -40.27 -81.41
CA THR SG 256 126.76 -39.80 -80.94
C THR SG 256 127.39 -40.85 -80.04
N SER SG 257 128.71 -40.98 -80.14
CA SER SG 257 129.42 -41.88 -79.24
C SER SG 257 129.23 -41.47 -77.79
N SER SG 258 129.13 -40.16 -77.53
CA SER SG 258 128.78 -39.70 -76.18
C SER SG 258 127.39 -40.18 -75.78
N GLY SG 259 126.45 -40.19 -76.72
CA GLY SG 259 125.17 -40.82 -76.46
C GLY SG 259 123.94 -39.99 -76.77
N GLN SG 260 124.11 -38.77 -77.24
CA GLN SG 260 122.98 -37.91 -77.57
C GLN SG 260 122.68 -38.01 -79.06
N VAL SG 261 121.69 -37.24 -79.50
CA VAL SG 261 121.23 -37.26 -80.88
C VAL SG 261 121.19 -35.84 -81.42
N ILE SG 262 121.66 -35.64 -82.64
CA ILE SG 262 121.64 -34.35 -83.30
C ILE SG 262 120.69 -34.42 -84.49
N LYS SG 263 119.80 -33.44 -84.58
CA LYS SG 263 118.78 -33.37 -85.62
C LYS SG 263 118.95 -32.07 -86.40
N PHE SG 264 118.00 -31.80 -87.28
CA PHE SG 264 117.97 -30.53 -87.99
C PHE SG 264 117.61 -29.39 -87.04
N SER SG 265 118.06 -28.19 -87.39
CA SER SG 265 117.73 -27.02 -86.61
C SER SG 265 116.29 -26.58 -86.90
N GLN SG 266 115.79 -25.68 -86.05
CA GLN SG 266 114.43 -25.19 -86.19
C GLN SG 266 114.39 -23.66 -86.22
N MET TG 23 -8.42 133.32 -38.06
CA MET TG 23 -9.22 132.78 -36.98
C MET TG 23 -8.69 131.42 -36.54
N LYS TG 24 -7.83 130.83 -37.36
CA LYS TG 24 -7.22 129.55 -37.03
C LYS TG 24 -6.30 129.70 -35.83
N PHE TG 25 -6.23 128.64 -35.02
CA PHE TG 25 -5.39 128.62 -33.83
C PHE TG 25 -4.27 127.62 -34.02
N LYS TG 26 -3.03 128.07 -33.85
CA LYS TG 26 -1.86 127.23 -34.03
C LYS TG 26 -0.85 127.54 -32.92
N LYS TG 27 0.10 126.63 -32.76
CA LYS TG 27 1.21 126.81 -31.83
C LYS TG 27 2.52 126.57 -32.58
N PRO TG 28 3.60 127.22 -32.15
CA PRO TG 28 4.83 127.26 -32.96
C PRO TG 28 5.38 125.87 -33.27
N PRO TG 29 5.73 125.07 -32.25
CA PRO TG 29 6.60 123.91 -32.53
C PRO TG 29 5.79 122.73 -33.06
N ILE TG 30 6.12 122.32 -34.28
CA ILE TG 30 5.55 121.12 -34.90
C ILE TG 30 6.64 120.47 -35.73
N ASN TG 31 7.08 119.29 -35.31
CA ASN TG 31 8.15 118.57 -35.99
C ASN TG 31 7.59 117.29 -36.60
N ASN TG 32 8.48 116.48 -37.14
CA ASN TG 32 8.08 115.16 -37.61
C ASN TG 32 7.69 114.30 -36.42
N PRO TG 33 6.82 113.32 -36.61
CA PRO TG 33 6.36 112.49 -35.49
C PRO TG 33 7.52 111.80 -34.80
N SER TG 34 7.44 111.73 -33.48
CA SER TG 34 8.52 111.22 -32.65
C SER TG 34 8.39 109.71 -32.48
N ASP TG 35 9.16 109.15 -31.56
CA ASP TG 35 9.11 107.72 -31.25
C ASP TG 35 9.18 107.51 -29.75
N ASP TG 36 8.35 106.60 -29.25
CA ASP TG 36 8.30 106.35 -27.82
C ASP TG 36 9.62 105.82 -27.28
N ALA TG 37 10.31 105.00 -28.07
CA ALA TG 37 11.61 104.50 -27.64
C ALA TG 37 12.59 105.65 -27.43
N THR TG 38 12.64 106.58 -28.38
CA THR TG 38 13.47 107.76 -28.22
C THR TG 38 13.03 108.58 -27.02
N ILE TG 39 11.72 108.60 -26.74
CA ILE TG 39 11.23 109.30 -25.56
C ILE TG 39 11.82 108.70 -24.30
N LYS TG 40 11.78 107.37 -24.21
CA LYS TG 40 12.38 106.69 -23.07
C LYS TG 40 13.86 107.00 -22.97
N LEU TG 41 14.54 107.01 -24.11
CA LEU TG 41 15.97 107.31 -24.12
C LEU TG 41 16.24 108.70 -23.57
N ALA TG 42 15.44 109.68 -23.99
CA ALA TG 42 15.61 111.04 -23.49
C ALA TG 42 15.34 111.11 -22.00
N GLU TG 43 14.31 110.40 -21.54
CA GLU TG 43 13.99 110.39 -20.12
C GLU TG 43 15.15 109.85 -19.30
N ALA TG 44 15.83 108.82 -19.82
CA ALA TG 44 17.03 108.34 -19.14
C ALA TG 44 18.15 109.37 -19.21
N ALA TG 45 18.33 109.97 -20.39
CA ALA TG 45 19.50 110.79 -20.64
C ALA TG 45 19.48 112.05 -19.79
N VAL TG 46 18.30 112.62 -19.55
CA VAL TG 46 18.24 113.84 -18.76
C VAL TG 46 18.74 113.58 -17.35
N SER TG 47 18.28 112.48 -16.74
CA SER TG 47 18.72 112.14 -15.39
C SER TG 47 20.22 111.85 -15.37
N VAL TG 48 20.70 111.10 -16.36
CA VAL TG 48 22.13 110.80 -16.40
C VAL TG 48 22.94 112.07 -16.53
N SER TG 49 22.48 113.00 -17.36
CA SER TG 49 23.18 114.26 -17.54
C SER TG 49 23.20 115.07 -16.26
N ASP TG 50 22.07 115.09 -15.53
CA ASP TG 50 22.04 115.83 -14.27
C ASP TG 50 23.02 115.23 -13.27
N SER TG 51 23.06 113.90 -13.19
CA SER TG 51 24.01 113.26 -12.27
C SER TG 51 25.44 113.59 -12.67
N MET TG 52 25.75 113.54 -13.96
CA MET TG 52 27.09 113.87 -14.41
C MET TG 52 27.45 115.31 -14.09
N LEU TG 53 26.50 116.22 -14.28
CA LEU TG 53 26.74 117.63 -14.01
C LEU TG 53 27.05 117.86 -12.53
N GLU TG 54 26.23 117.29 -11.65
CA GLU TG 54 26.52 117.46 -10.23
C GLU TG 54 27.82 116.78 -9.84
N MET TG 55 28.14 115.66 -10.48
CA MET TG 55 29.43 115.02 -10.22
C MET TG 55 30.58 115.95 -10.53
N ALA TG 56 30.56 116.56 -11.71
CA ALA TG 56 31.63 117.46 -12.10
C ALA TG 56 31.70 118.66 -11.16
N LYS TG 57 30.53 119.20 -10.79
CA LYS TG 57 30.51 120.33 -9.88
C LYS TG 57 31.17 119.99 -8.55
N VAL TG 58 30.79 118.85 -7.97
CA VAL TG 58 31.35 118.45 -6.68
C VAL TG 58 32.85 118.19 -6.82
N GLU TG 59 33.26 117.57 -7.93
CA GLU TG 59 34.67 117.30 -8.13
C GLU TG 59 35.48 118.59 -8.18
N LYS TG 60 35.00 119.57 -8.94
CA LYS TG 60 35.70 120.84 -9.03
C LYS TG 60 35.75 121.52 -7.67
N VAL TG 61 34.68 121.42 -6.90
CA VAL TG 61 34.67 122.02 -5.57
C VAL TG 61 35.73 121.37 -4.70
N ILE TG 62 35.76 120.05 -4.66
CA ILE TG 62 36.61 119.36 -3.69
C ILE TG 62 38.08 119.50 -4.08
N THR TG 63 38.40 119.46 -5.36
CA THR TG 63 39.82 119.54 -5.67
C THR TG 63 40.11 120.73 -6.59
N PRO TG 64 41.21 121.43 -6.36
CA PRO TG 64 41.55 122.57 -7.20
C PRO TG 64 42.49 122.18 -8.31
N PRO TG 65 42.32 122.77 -9.50
CA PRO TG 65 43.25 122.49 -10.60
C PRO TG 65 44.61 123.12 -10.33
N SER TG 66 45.63 122.60 -11.02
CA SER TG 66 47.00 123.03 -10.84
C SER TG 66 47.54 123.78 -12.05
N LYS TG 67 47.46 123.20 -13.23
CA LYS TG 67 48.06 123.80 -14.41
C LYS TG 67 47.32 123.33 -15.66
N ASP TG 68 47.47 124.10 -16.72
CA ASP TG 68 46.90 123.79 -18.02
C ASP TG 68 47.94 123.12 -18.91
N ASN TG 69 47.46 122.33 -19.87
CA ASN TG 69 48.34 121.61 -20.78
C ASN TG 69 48.86 122.47 -21.92
N THR TG 70 48.44 123.74 -21.99
CA THR TG 70 48.98 124.63 -23.01
C THR TG 70 50.50 124.78 -22.87
N LEU TG 71 51.01 124.66 -21.64
CA LEU TG 71 52.46 124.74 -21.44
C LEU TG 71 53.17 123.62 -22.19
N THR TG 72 52.75 122.38 -21.98
CA THR TG 72 53.39 121.25 -22.66
C THR TG 72 52.94 121.12 -24.11
N ILE TG 73 51.91 121.85 -24.54
CA ILE TG 73 51.49 121.80 -25.93
C ILE TG 73 51.39 123.23 -26.48
N PRO TG 74 52.50 123.97 -26.57
CA PRO TG 74 52.43 125.28 -27.21
C PRO TG 74 52.14 125.13 -28.69
N ASN TG 75 51.41 126.11 -29.23
CA ASN TG 75 51.09 126.12 -30.65
C ASN TG 75 52.15 126.92 -31.41
N ALA TG 76 52.05 126.86 -32.73
CA ALA TG 76 52.94 127.60 -33.61
C ALA TG 76 52.21 127.89 -34.90
N TYR TG 77 52.90 128.58 -35.81
CA TYR TG 77 52.33 128.80 -37.13
C TYR TG 77 52.15 127.47 -37.85
N ASN TG 78 51.32 127.49 -38.90
CA ASN TG 78 50.95 126.32 -39.69
C ASN TG 78 50.36 125.20 -38.83
N LEU TG 79 49.99 125.52 -37.59
CA LEU TG 79 49.21 124.63 -36.75
C LEU TG 79 47.73 124.95 -36.82
N GLN TG 80 47.33 125.93 -37.62
CA GLN TG 80 45.98 126.44 -37.62
C GLN TG 80 45.12 125.83 -38.73
N ALA TG 81 45.66 124.88 -39.50
CA ALA TG 81 44.82 124.12 -40.40
C ALA TG 81 43.73 123.44 -39.59
N ARG TG 82 42.52 123.45 -40.11
CA ARG TG 82 41.38 123.03 -39.31
C ARG TG 82 40.94 121.63 -39.71
N ALA TG 83 40.17 120.99 -38.85
CA ALA TG 83 39.81 119.60 -39.09
C ALA TG 83 38.51 119.26 -38.39
N SER TG 84 37.88 118.20 -38.89
CA SER TG 84 36.74 117.56 -38.25
C SER TG 84 36.97 116.06 -38.28
N VAL TG 85 36.62 115.38 -37.19
CA VAL TG 85 36.99 113.98 -37.02
C VAL TG 85 35.85 113.22 -36.37
N ASP TG 86 35.51 112.08 -36.94
CA ASP TG 86 34.67 111.07 -36.30
C ASP TG 86 35.51 109.80 -36.22
N TRP TG 87 35.94 109.45 -35.02
CA TRP TG 87 36.84 108.32 -34.82
C TRP TG 87 36.50 107.59 -33.54
N SER TG 88 36.47 106.27 -33.60
CA SER TG 88 36.12 105.44 -32.45
C SER TG 88 37.05 104.24 -32.37
N GLY TG 89 38.35 104.48 -32.55
CA GLY TG 89 39.32 103.43 -32.51
C GLY TG 89 40.53 103.78 -31.68
N PRO TG 90 41.68 103.18 -32.00
CA PRO TG 90 42.90 103.47 -31.25
C PRO TG 90 43.44 104.86 -31.57
N ILE TG 91 44.60 105.19 -31.01
CA ILE TG 91 45.10 106.55 -31.05
C ILE TG 91 46.29 106.72 -32.00
N GLU TG 92 47.08 105.66 -32.22
CA GLU TG 92 48.33 105.81 -32.97
C GLU TG 92 48.06 106.26 -34.40
N GLU TG 93 47.06 105.66 -35.04
CA GLU TG 93 46.74 106.03 -36.42
C GLU TG 93 46.30 107.49 -36.50
N LEU TG 94 45.48 107.92 -35.56
CA LEU TG 94 45.02 109.30 -35.55
C LEU TG 94 46.20 110.25 -35.39
N THR TG 95 47.11 109.94 -34.45
CA THR TG 95 48.27 110.78 -34.24
C THR TG 95 49.16 110.83 -35.48
N ALA TG 96 49.35 109.68 -36.14
CA ALA TG 96 50.16 109.66 -37.34
C ALA TG 96 49.54 110.49 -38.45
N ARG TG 97 48.22 110.38 -38.62
CA ARG TG 97 47.54 111.19 -39.62
C ARG TG 97 47.71 112.67 -39.32
N ILE TG 98 47.57 113.05 -38.06
CA ILE TG 98 47.70 114.45 -37.69
C ILE TG 98 49.12 114.94 -37.94
N ALA TG 99 50.11 114.13 -37.60
CA ALA TG 99 51.49 114.51 -37.86
C ALA TG 99 51.75 114.69 -39.35
N LYS TG 100 51.23 113.78 -40.17
CA LYS TG 100 51.39 113.92 -41.61
C LYS TG 100 50.75 115.19 -42.12
N ALA TG 101 49.56 115.52 -41.59
CA ALA TG 101 48.91 116.77 -42.00
C ALA TG 101 49.71 117.98 -41.57
N ALA TG 102 50.31 117.94 -40.39
CA ALA TG 102 51.05 119.06 -39.85
C ALA TG 102 52.49 119.12 -40.32
N HIS TG 103 52.92 118.15 -41.15
CA HIS TG 103 54.29 118.12 -41.67
C HIS TG 103 55.30 118.04 -40.54
N PHE TG 104 54.98 117.28 -39.49
CA PHE TG 104 55.85 117.14 -38.34
C PHE TG 104 56.30 115.69 -38.20
N ARG TG 105 57.47 115.52 -37.59
CA ARG TG 105 57.94 114.18 -37.26
C ARG TG 105 57.11 113.60 -36.14
N PHE TG 106 57.03 112.27 -36.11
CA PHE TG 106 56.21 111.55 -35.14
C PHE TG 106 57.07 110.58 -34.37
N ARG TG 107 56.91 110.57 -33.05
CA ARG TG 107 57.74 109.73 -32.19
C ARG TG 107 56.91 109.06 -31.10
N VAL TG 108 57.31 107.85 -30.74
CA VAL TG 108 56.63 107.06 -29.73
C VAL TG 108 57.64 106.57 -28.71
N LEU TG 109 57.27 106.64 -27.43
CA LEU TG 109 58.14 106.21 -26.35
C LEU TG 109 57.32 105.37 -25.37
N GLY TG 110 57.96 104.34 -24.84
CA GLY TG 110 57.27 103.44 -23.95
C GLY TG 110 56.67 102.25 -24.68
N LYS TG 111 56.60 101.13 -23.99
CA LYS TG 111 56.01 99.94 -24.57
C LYS TG 111 54.50 100.12 -24.76
N SER TG 112 54.00 99.67 -25.89
CA SER TG 112 52.57 99.73 -26.12
C SER TG 112 51.88 98.67 -25.25
N PRO TG 113 50.94 99.04 -24.40
CA PRO TG 113 50.33 98.05 -23.51
C PRO TG 113 49.52 97.03 -24.28
N SER TG 114 49.43 95.83 -23.68
CA SER TG 114 48.64 94.76 -24.30
C SER TG 114 47.21 95.21 -24.55
N VAL TG 115 46.56 95.72 -23.52
CA VAL TG 115 45.23 96.31 -23.69
C VAL TG 115 45.42 97.65 -24.40
N PRO TG 116 44.79 97.84 -25.55
CA PRO TG 116 44.95 99.12 -26.26
C PRO TG 116 44.19 100.24 -25.58
N VAL TG 117 44.60 101.46 -25.90
CA VAL TG 117 43.92 102.67 -25.47
C VAL TG 117 43.00 103.13 -26.59
N LEU TG 118 41.74 103.38 -26.26
CA LEU TG 118 40.73 103.67 -27.26
C LEU TG 118 40.11 105.04 -26.97
N ILE TG 119 39.92 105.83 -28.03
CA ILE TG 119 39.40 107.17 -27.92
C ILE TG 119 38.26 107.36 -28.91
N SER TG 120 37.26 108.12 -28.49
CA SER TG 120 36.14 108.50 -29.34
C SER TG 120 36.04 110.02 -29.36
N ILE TG 121 35.94 110.60 -30.55
CA ILE TG 121 35.88 112.03 -30.72
C ILE TG 121 34.73 112.37 -31.67
N SER TG 122 33.86 113.27 -31.23
CA SER TG 122 32.75 113.77 -32.05
C SER TG 122 32.73 115.28 -31.90
N THR TG 123 33.50 115.97 -32.72
CA THR TG 123 33.58 117.43 -32.67
C THR TG 123 33.43 118.00 -34.06
N LYS TG 124 33.66 119.30 -34.22
CA LYS TG 124 33.52 119.93 -35.54
C LYS TG 124 34.35 121.20 -35.59
N ASP TG 125 35.29 121.25 -36.53
CA ASP TG 125 36.04 122.47 -36.87
C ASP TG 125 36.78 123.04 -35.66
N GLU TG 126 37.73 122.25 -35.17
CA GLU TG 126 38.63 122.69 -34.13
C GLU TG 126 40.05 122.83 -34.68
N SER TG 127 40.82 123.70 -34.05
CA SER TG 127 42.22 123.85 -34.42
C SER TG 127 43.00 122.61 -34.03
N LEU TG 128 44.16 122.43 -34.67
CA LEU TG 128 44.99 121.26 -34.39
C LEU TG 128 45.46 121.24 -32.95
N ALA TG 129 45.85 122.40 -32.42
CA ALA TG 129 46.31 122.44 -31.03
C ALA TG 129 45.20 122.03 -30.08
N GLU TG 130 43.98 122.53 -30.30
CA GLU TG 130 42.87 122.16 -29.45
C GLU TG 130 42.53 120.68 -29.60
N ILE TG 131 42.64 120.16 -30.82
CA ILE TG 131 42.40 118.74 -31.02
C ILE TG 131 43.40 117.91 -30.23
N LEU TG 132 44.67 118.29 -30.29
CA LEU TG 132 45.70 117.56 -29.54
C LEU TG 132 45.46 117.64 -28.04
N ARG TG 133 45.10 118.84 -27.54
CA ARG TG 133 44.82 118.98 -26.12
C ARG TG 133 43.64 118.12 -25.70
N ASP TG 134 42.58 118.11 -26.52
CA ASP TG 134 41.42 117.29 -26.20
C ASP TG 134 41.77 115.81 -26.22
N ILE TG 135 42.61 115.41 -27.17
CA ILE TG 135 43.06 114.02 -27.23
C ILE TG 135 43.84 113.66 -25.97
N ASP TG 136 44.71 114.58 -25.53
CA ASP TG 136 45.46 114.34 -24.30
C ASP TG 136 44.53 114.17 -23.11
N TYR TG 137 43.55 115.06 -22.99
CA TYR TG 137 42.62 114.98 -21.88
C TYR TG 137 41.82 113.68 -21.93
N GLN TG 138 41.42 113.26 -23.13
CA GLN TG 138 40.72 112.00 -23.29
C GLN TG 138 41.61 110.84 -22.85
N ALA TG 139 42.89 110.89 -23.21
CA ALA TG 139 43.82 109.83 -22.82
C ALA TG 139 43.97 109.77 -21.31
N GLY TG 140 44.07 110.92 -20.66
CA GLY TG 140 44.16 110.93 -19.22
C GLY TG 140 45.47 110.32 -18.74
N LYS TG 141 45.36 109.33 -17.86
CA LYS TG 141 46.53 108.74 -17.23
C LYS TG 141 47.28 107.76 -18.12
N LYS TG 142 46.66 107.33 -19.23
CA LYS TG 142 47.25 106.25 -20.02
C LYS TG 142 48.47 106.72 -20.80
N ALA TG 143 48.40 107.90 -21.40
CA ALA TG 143 49.49 108.36 -22.25
C ALA TG 143 49.56 109.88 -22.21
N SER TG 144 50.68 110.40 -22.66
CA SER TG 144 50.90 111.84 -22.73
C SER TG 144 51.49 112.20 -24.07
N ILE TG 145 51.31 113.47 -24.46
CA ILE TG 145 51.74 113.96 -25.76
C ILE TG 145 52.44 115.29 -25.55
N HIS TG 146 53.60 115.45 -26.17
CA HIS TG 146 54.33 116.72 -26.15
C HIS TG 146 54.71 117.09 -27.58
N VAL TG 147 54.89 118.40 -27.78
CA VAL TG 147 55.21 118.94 -29.09
C VAL TG 147 56.46 119.81 -28.95
N TYR TG 148 57.41 119.63 -29.84
CA TYR TG 148 58.59 120.49 -29.92
C TYR TG 148 58.52 121.22 -31.26
N PRO TG 149 58.04 122.47 -31.28
CA PRO TG 149 57.94 123.18 -32.57
C PRO TG 149 59.28 123.52 -33.17
N ASN TG 150 60.26 123.87 -32.33
CA ASN TG 150 61.61 124.15 -32.84
C ASN TG 150 62.17 122.96 -33.60
N SER TG 151 61.88 121.76 -33.12
CA SER TG 151 62.27 120.54 -33.82
C SER TG 151 61.18 120.02 -34.75
N GLN TG 152 60.00 120.64 -34.73
CA GLN TG 152 58.87 120.23 -35.58
C GLN TG 152 58.54 118.76 -35.38
N VAL TG 153 58.48 118.34 -34.12
CA VAL TG 153 58.21 116.95 -33.78
C VAL TG 153 57.06 116.87 -32.79
N VAL TG 154 56.35 115.76 -32.82
CA VAL TG 154 55.34 115.43 -31.81
C VAL TG 154 55.64 114.04 -31.30
N GLU TG 155 55.75 113.91 -29.97
CA GLU TG 155 56.07 112.64 -29.37
C GLU TG 155 54.97 112.26 -28.37
N LEU TG 156 54.67 110.98 -28.32
CA LEU TG 156 53.73 110.45 -27.36
C LEU TG 156 54.42 109.38 -26.52
N ARG TG 157 54.15 109.41 -25.23
CA ARG TG 157 54.76 108.48 -24.28
C ARG TG 157 53.67 107.72 -23.54
N TYR TG 158 53.85 106.41 -23.44
CA TYR TG 158 52.94 105.59 -22.66
C TYR TG 158 53.22 105.77 -21.17
N ALA TG 159 52.27 105.37 -20.35
CA ALA TG 159 52.47 105.40 -18.91
C ALA TG 159 53.49 104.37 -18.49
N LYS TG 160 54.32 104.71 -17.52
CA LYS TG 160 55.29 103.79 -16.94
C LYS TG 160 54.63 103.12 -15.75
N ILE TG 161 54.48 101.79 -15.82
CA ILE TG 161 53.86 101.02 -14.76
C ILE TG 161 54.20 99.56 -15.00
N TYR TG 162 54.20 98.78 -13.91
CA TYR TG 162 54.53 97.35 -13.94
C TYR TG 162 55.97 97.14 -14.39
N MET UG 23 62.76 -57.23 -108.41
CA MET UG 23 64.06 -57.09 -107.77
C MET UG 23 63.90 -56.58 -106.34
N LYS UG 24 62.86 -57.04 -105.67
CA LYS UG 24 62.60 -56.64 -104.30
C LYS UG 24 63.64 -57.26 -103.37
N PHE UG 25 63.74 -56.68 -102.17
CA PHE UG 25 64.73 -57.09 -101.19
C PHE UG 25 64.07 -57.55 -99.91
N LYS UG 26 64.68 -58.55 -99.28
CA LYS UG 26 64.16 -59.11 -98.05
C LYS UG 26 65.32 -59.60 -97.19
N LYS UG 27 65.04 -59.79 -95.90
CA LYS UG 27 65.97 -60.39 -94.98
C LYS UG 27 65.46 -61.76 -94.54
N PRO UG 28 66.35 -62.68 -94.21
CA PRO UG 28 65.97 -64.09 -94.06
C PRO UG 28 64.86 -64.30 -93.04
N PRO UG 29 65.02 -63.91 -91.78
CA PRO UG 29 64.10 -64.41 -90.74
C PRO UG 29 62.79 -63.64 -90.75
N ILE UG 30 61.73 -64.29 -91.23
CA ILE UG 30 60.39 -63.74 -91.24
C ILE UG 30 59.49 -64.71 -90.49
N ASN UG 31 58.76 -64.20 -89.50
CA ASN UG 31 57.98 -65.06 -88.61
C ASN UG 31 56.65 -64.38 -88.31
N ASN UG 32 55.83 -65.08 -87.52
CA ASN UG 32 54.58 -64.50 -87.07
C ASN UG 32 54.87 -63.31 -86.16
N PRO UG 33 53.99 -62.32 -86.12
CA PRO UG 33 54.22 -61.15 -85.27
C PRO UG 33 54.32 -61.56 -83.80
N SER UG 34 55.22 -60.88 -83.09
CA SER UG 34 55.47 -61.17 -81.68
C SER UG 34 54.47 -60.40 -80.83
N ASP UG 35 54.71 -60.33 -79.52
CA ASP UG 35 53.88 -59.52 -78.65
C ASP UG 35 54.73 -58.94 -77.52
N ASP UG 36 54.32 -57.76 -77.07
CA ASP UG 36 55.12 -57.00 -76.12
C ASP UG 36 55.30 -57.75 -74.80
N ALA UG 37 54.26 -58.45 -74.35
CA ALA UG 37 54.36 -59.19 -73.10
C ALA UG 37 55.45 -60.25 -73.20
N THR UG 38 55.44 -61.02 -74.28
CA THR UG 38 56.48 -62.01 -74.50
C THR UG 38 57.85 -61.35 -74.63
N ILE UG 39 57.89 -60.17 -75.26
CA ILE UG 39 59.15 -59.45 -75.40
C ILE UG 39 59.74 -59.14 -74.03
N LYS UG 40 58.92 -58.58 -73.14
CA LYS UG 40 59.40 -58.25 -71.81
C LYS UG 40 59.75 -59.49 -71.01
N LEU UG 41 58.98 -60.56 -71.19
CA LEU UG 41 59.32 -61.83 -70.55
C LEU UG 41 60.73 -62.26 -70.94
N ALA UG 42 61.02 -62.24 -72.23
CA ALA UG 42 62.36 -62.60 -72.69
C ALA UG 42 63.41 -61.65 -72.14
N GLU UG 43 63.07 -60.36 -72.08
CA GLU UG 43 64.02 -59.37 -71.56
C GLU UG 43 64.42 -59.70 -70.13
N ALA UG 44 63.44 -60.06 -69.30
CA ALA UG 44 63.76 -60.47 -67.93
C ALA UG 44 64.55 -61.78 -67.94
N ALA UG 45 64.10 -62.74 -68.75
CA ALA UG 45 64.61 -64.10 -68.66
C ALA UG 45 66.07 -64.18 -69.08
N VAL UG 46 66.49 -63.38 -70.07
CA VAL UG 46 67.88 -63.44 -70.50
C VAL UG 46 68.81 -63.04 -69.37
N SER UG 47 68.48 -61.96 -68.67
CA SER UG 47 69.29 -61.53 -67.55
C SER UG 47 69.25 -62.56 -66.43
N VAL UG 48 68.08 -63.14 -66.18
CA VAL UG 48 67.98 -64.17 -65.14
C VAL UG 48 68.90 -65.34 -65.49
N SER UG 49 68.88 -65.75 -66.76
CA SER UG 49 69.70 -66.87 -67.20
C SER UG 49 71.18 -66.55 -67.06
N ASP UG 50 71.58 -65.34 -67.43
CA ASP UG 50 72.99 -64.98 -67.31
C ASP UG 50 73.42 -65.00 -65.85
N SER UG 51 72.58 -64.49 -64.96
CA SER UG 51 72.91 -64.49 -63.54
C SER UG 51 73.03 -65.91 -63.02
N MET UG 52 72.12 -66.79 -63.43
CA MET UG 52 72.18 -68.18 -63.00
C MET UG 52 73.45 -68.85 -63.51
N LEU UG 53 73.82 -68.57 -64.76
CA LEU UG 53 75.05 -69.14 -65.32
C LEU UG 53 76.26 -68.70 -64.51
N GLU UG 54 76.34 -67.40 -64.20
CA GLU UG 54 77.47 -66.91 -63.41
C GLU UG 54 77.48 -67.56 -62.04
N MET UG 55 76.29 -67.71 -61.43
CA MET UG 55 76.18 -68.35 -60.13
C MET UG 55 76.76 -69.77 -60.18
N ALA UG 56 76.32 -70.56 -61.15
CA ALA UG 56 76.81 -71.93 -61.25
C ALA UG 56 78.31 -71.96 -61.50
N LYS UG 57 78.80 -71.07 -62.37
CA LYS UG 57 80.23 -71.04 -62.68
C LYS UG 57 81.05 -70.79 -61.43
N VAL UG 58 80.71 -69.75 -60.68
CA VAL UG 58 81.50 -69.41 -59.50
C VAL UG 58 81.35 -70.48 -58.43
N GLU UG 59 80.14 -71.04 -58.29
CA GLU UG 59 79.95 -72.11 -57.31
C GLU UG 59 80.84 -73.30 -57.63
N LYS UG 60 80.89 -73.69 -58.90
CA LYS UG 60 81.70 -74.83 -59.29
C LYS UG 60 83.19 -74.55 -59.09
N VAL UG 61 83.64 -73.35 -59.46
CA VAL UG 61 85.07 -73.09 -59.33
C VAL UG 61 85.47 -73.00 -57.86
N ILE UG 62 84.58 -72.56 -56.98
CA ILE UG 62 84.94 -72.48 -55.58
C ILE UG 62 84.82 -73.84 -54.89
N THR UG 63 83.93 -74.73 -55.38
CA THR UG 63 83.89 -75.94 -54.58
C THR UG 63 84.58 -77.09 -55.31
N PRO UG 64 85.20 -78.00 -54.57
CA PRO UG 64 85.81 -79.18 -55.20
C PRO UG 64 84.79 -80.28 -55.42
N PRO UG 65 84.56 -80.69 -56.66
CA PRO UG 65 83.69 -81.83 -56.91
C PRO UG 65 84.31 -83.13 -56.41
N SER UG 66 83.45 -84.08 -56.09
CA SER UG 66 83.96 -85.29 -55.44
C SER UG 66 83.72 -86.56 -56.24
N LYS UG 67 82.49 -86.83 -56.67
CA LYS UG 67 82.16 -88.13 -57.23
C LYS UG 67 80.88 -88.02 -58.05
N ASP UG 68 80.37 -89.17 -58.47
CA ASP UG 68 79.20 -89.26 -59.32
C ASP UG 68 78.22 -90.27 -58.74
N ASN UG 69 76.93 -90.03 -59.00
CA ASN UG 69 75.88 -90.94 -58.53
C ASN UG 69 75.71 -92.15 -59.42
N THR UG 70 76.42 -92.21 -60.56
CA THR UG 70 76.40 -93.42 -61.37
C THR UG 70 76.87 -94.63 -60.57
N LEU UG 71 77.83 -94.42 -59.68
CA LEU UG 71 78.32 -95.51 -58.84
C LEU UG 71 77.21 -96.08 -57.97
N THR UG 72 76.44 -95.21 -57.32
CA THR UG 72 75.39 -95.69 -56.43
C THR UG 72 74.17 -96.20 -57.19
N ILE UG 73 73.93 -95.75 -58.40
CA ILE UG 73 72.85 -96.33 -59.21
C ILE UG 73 73.37 -96.64 -60.60
N PRO UG 74 74.18 -97.68 -60.76
CA PRO UG 74 74.66 -98.06 -62.10
C PRO UG 74 73.51 -98.59 -62.95
N ASN UG 75 73.66 -98.42 -64.26
CA ASN UG 75 72.67 -98.94 -65.19
C ASN UG 75 72.83 -100.45 -65.33
N ALA UG 76 71.86 -101.06 -66.01
CA ALA UG 76 71.86 -102.50 -66.21
C ALA UG 76 70.99 -102.81 -67.42
N TYR UG 77 70.97 -104.08 -67.80
CA TYR UG 77 70.14 -104.52 -68.90
C TYR UG 77 68.66 -104.35 -68.56
N ASN UG 78 67.80 -104.56 -69.56
CA ASN UG 78 66.36 -104.39 -69.47
C ASN UG 78 65.99 -103.08 -68.76
N LEU UG 79 66.80 -102.05 -69.00
CA LEU UG 79 66.56 -100.72 -68.43
C LEU UG 79 66.80 -99.64 -69.47
N GLN UG 80 66.80 -99.99 -70.75
CA GLN UG 80 67.09 -99.05 -71.81
C GLN UG 80 65.84 -98.63 -72.59
N ALA UG 81 64.69 -99.18 -72.25
CA ALA UG 81 63.45 -98.75 -72.91
C ALA UG 81 63.27 -97.25 -72.72
N ARG UG 82 62.85 -96.57 -73.78
CA ARG UG 82 62.89 -95.13 -73.80
C ARG UG 82 61.67 -94.53 -73.15
N ALA UG 83 61.85 -93.38 -72.50
CA ALA UG 83 60.77 -92.71 -71.81
C ALA UG 83 60.82 -91.23 -72.10
N SER UG 84 59.65 -90.60 -72.17
CA SER UG 84 59.53 -89.16 -72.26
C SER UG 84 58.45 -88.71 -71.29
N VAL UG 85 58.78 -87.73 -70.45
CA VAL UG 85 57.95 -87.41 -69.30
C VAL UG 85 57.63 -85.92 -69.29
N ASP UG 86 56.54 -85.60 -68.60
CA ASP UG 86 56.19 -84.21 -68.28
C ASP UG 86 55.42 -84.25 -66.97
N TRP UG 87 56.13 -84.03 -65.86
CA TRP UG 87 55.58 -84.19 -64.53
C TRP UG 87 55.96 -82.99 -63.68
N SER UG 88 54.99 -82.49 -62.92
CA SER UG 88 55.23 -81.34 -62.05
C SER UG 88 54.52 -81.52 -60.72
N GLY UG 89 54.57 -82.73 -60.16
CA GLY UG 89 53.92 -83.02 -58.90
C GLY UG 89 54.84 -83.71 -57.92
N PRO UG 90 54.27 -84.53 -57.05
CA PRO UG 90 55.08 -85.31 -56.11
C PRO UG 90 55.82 -86.44 -56.81
N ILE UG 91 56.49 -87.29 -56.06
CA ILE UG 91 57.38 -88.29 -56.65
C ILE UG 91 56.84 -89.71 -56.54
N GLU UG 92 55.84 -89.95 -55.69
CA GLU UG 92 55.45 -91.33 -55.42
C GLU UG 92 54.79 -91.99 -56.62
N GLU UG 93 53.83 -91.30 -57.25
CA GLU UG 93 53.22 -91.85 -58.46
C GLU UG 93 54.25 -92.04 -59.55
N LEU UG 94 55.16 -91.09 -59.69
CA LEU UG 94 56.18 -91.17 -60.73
C LEU UG 94 57.05 -92.40 -60.55
N THR UG 95 57.60 -92.58 -59.34
CA THR UG 95 58.47 -93.72 -59.11
C THR UG 95 57.71 -95.03 -59.17
N ALA UG 96 56.44 -95.04 -58.76
CA ALA UG 96 55.65 -96.25 -58.86
C ALA UG 96 55.47 -96.66 -60.32
N ARG UG 97 55.14 -95.70 -61.18
CA ARG UG 97 54.97 -96.01 -62.59
C ARG UG 97 56.28 -96.47 -63.19
N ILE UG 98 57.39 -95.84 -62.82
CA ILE UG 98 58.69 -96.23 -63.35
C ILE UG 98 59.02 -97.66 -62.93
N ALA UG 99 58.79 -97.99 -61.66
CA ALA UG 99 59.06 -99.34 -61.20
C ALA UG 99 58.16 -100.36 -61.89
N LYS UG 100 56.89 -100.00 -62.11
CA LYS UG 100 55.99 -100.91 -62.82
C LYS UG 100 56.48 -101.17 -64.23
N ALA UG 101 56.96 -100.13 -64.91
CA ALA UG 101 57.54 -100.32 -66.23
C ALA UG 101 58.81 -101.15 -66.17
N ALA UG 102 59.61 -100.98 -65.12
CA ALA UG 102 60.89 -101.67 -65.01
C ALA UG 102 60.76 -103.10 -64.51
N HIS UG 103 59.58 -103.50 -64.05
CA HIS UG 103 59.36 -104.86 -63.55
C HIS UG 103 60.26 -105.17 -62.36
N PHE UG 104 60.45 -104.18 -61.49
CA PHE UG 104 61.34 -104.31 -60.36
C PHE UG 104 60.58 -104.17 -59.05
N ARG UG 105 61.20 -104.68 -57.99
CA ARG UG 105 60.62 -104.56 -56.66
C ARG UG 105 60.67 -103.10 -56.20
N PHE UG 106 59.57 -102.64 -55.61
CA PHE UG 106 59.49 -101.28 -55.11
C PHE UG 106 59.74 -101.28 -53.62
N ARG UG 107 60.64 -100.41 -53.15
CA ARG UG 107 60.92 -100.37 -51.73
C ARG UG 107 61.08 -98.94 -51.24
N VAL UG 108 60.54 -98.68 -50.05
CA VAL UG 108 60.54 -97.35 -49.45
C VAL UG 108 61.21 -97.43 -48.08
N LEU UG 109 62.04 -96.45 -47.78
CA LEU UG 109 62.71 -96.35 -46.49
C LEU UG 109 62.48 -94.98 -45.89
N GLY UG 110 62.31 -94.94 -44.58
CA GLY UG 110 62.04 -93.70 -43.89
C GLY UG 110 60.56 -93.37 -43.85
N LYS UG 111 60.23 -92.32 -43.11
CA LYS UG 111 58.87 -91.84 -42.96
C LYS UG 111 58.72 -90.55 -43.76
N SER UG 112 57.69 -90.51 -44.59
CA SER UG 112 57.47 -89.34 -45.45
C SER UG 112 57.19 -88.12 -44.58
N PRO UG 113 57.96 -87.04 -44.73
CA PRO UG 113 57.67 -85.83 -43.98
C PRO UG 113 56.36 -85.21 -44.42
N SER UG 114 55.78 -84.41 -43.52
CA SER UG 114 54.49 -83.79 -43.81
C SER UG 114 54.58 -82.91 -45.04
N VAL UG 115 55.65 -82.12 -45.15
CA VAL UG 115 55.84 -81.30 -46.34
C VAL UG 115 56.13 -82.23 -47.51
N PRO UG 116 55.34 -82.19 -48.57
CA PRO UG 116 55.61 -83.04 -49.73
C PRO UG 116 56.88 -82.60 -50.45
N VAL UG 117 57.52 -83.57 -51.09
CA VAL UG 117 58.71 -83.32 -51.90
C VAL UG 117 58.28 -83.31 -53.35
N LEU UG 118 58.45 -82.17 -54.01
CA LEU UG 118 57.91 -81.95 -55.34
C LEU UG 118 59.04 -81.83 -56.36
N ILE UG 119 58.88 -82.52 -57.47
CA ILE UG 119 59.87 -82.53 -58.55
C ILE UG 119 59.17 -82.22 -59.86
N SER UG 120 59.75 -81.30 -60.63
CA SER UG 120 59.26 -80.97 -61.96
C SER UG 120 60.33 -81.36 -62.97
N ILE UG 121 59.95 -82.17 -63.96
CA ILE UG 121 60.87 -82.64 -64.99
C ILE UG 121 60.20 -82.49 -66.34
N SER UG 122 60.93 -81.92 -67.30
CA SER UG 122 60.43 -81.74 -68.67
C SER UG 122 61.57 -82.10 -69.62
N THR UG 123 61.64 -83.37 -69.99
CA THR UG 123 62.69 -83.87 -70.87
C THR UG 123 62.06 -84.59 -72.05
N LYS UG 124 62.90 -85.27 -72.84
CA LYS UG 124 62.41 -86.00 -74.00
C LYS UG 124 63.42 -87.07 -74.39
N ASP UG 125 62.99 -88.33 -74.37
CA ASP UG 125 63.76 -89.45 -74.90
C ASP UG 125 65.11 -89.58 -74.20
N GLU UG 126 65.05 -89.86 -72.91
CA GLU UG 126 66.23 -90.16 -72.12
C GLU UG 126 66.16 -91.60 -71.63
N SER UG 127 67.22 -92.02 -70.95
CA SER UG 127 67.31 -93.36 -70.42
C SER UG 127 66.63 -93.45 -69.06
N LEU UG 128 66.31 -94.68 -68.66
CA LEU UG 128 65.75 -94.90 -67.33
C LEU UG 128 66.76 -94.58 -66.25
N ALA UG 129 68.02 -94.97 -66.46
CA ALA UG 129 69.06 -94.65 -65.49
C ALA UG 129 69.25 -93.15 -65.35
N GLU UG 130 69.23 -92.43 -66.47
CA GLU UG 130 69.34 -90.99 -66.40
C GLU UG 130 68.11 -90.36 -65.77
N ILE UG 131 66.93 -90.95 -66.01
CA ILE UG 131 65.73 -90.48 -65.32
C ILE UG 131 65.91 -90.57 -63.82
N LEU UG 132 66.38 -91.73 -63.34
CA LEU UG 132 66.56 -91.91 -61.90
C LEU UG 132 67.62 -90.97 -61.36
N ARG UG 133 68.73 -90.81 -62.10
CA ARG UG 133 69.81 -89.95 -61.64
C ARG UG 133 69.34 -88.50 -61.55
N ASP UG 134 68.62 -88.03 -62.57
CA ASP UG 134 68.11 -86.66 -62.54
C ASP UG 134 67.12 -86.48 -61.40
N ILE UG 135 66.25 -87.46 -61.18
CA ILE UG 135 65.29 -87.36 -60.09
C ILE UG 135 65.99 -87.24 -58.76
N ASP UG 136 67.00 -88.10 -58.53
CA ASP UG 136 67.71 -88.06 -57.26
C ASP UG 136 68.47 -86.75 -57.10
N TYR UG 137 69.09 -86.27 -58.18
CA TYR UG 137 69.81 -85.00 -58.12
C TYR UG 137 68.88 -83.87 -57.76
N GLN UG 138 67.70 -83.81 -58.40
CA GLN UG 138 66.77 -82.73 -58.13
C GLN UG 138 66.18 -82.84 -56.74
N ALA UG 139 66.01 -84.06 -56.23
CA ALA UG 139 65.60 -84.22 -54.84
C ALA UG 139 66.69 -83.69 -53.91
N GLY UG 140 67.94 -83.91 -54.25
CA GLY UG 140 69.03 -83.37 -53.47
C GLY UG 140 69.08 -83.98 -52.08
N LYS UG 141 69.03 -83.12 -51.06
CA LYS UG 141 69.26 -83.54 -49.69
C LYS UG 141 68.02 -84.11 -49.01
N LYS UG 142 66.89 -84.16 -49.71
CA LYS UG 142 65.66 -84.64 -49.09
C LYS UG 142 65.40 -86.12 -49.36
N ALA UG 143 65.93 -86.68 -50.44
CA ALA UG 143 65.68 -88.06 -50.78
C ALA UG 143 66.94 -88.69 -51.38
N SER UG 144 66.92 -90.01 -51.48
CA SER UG 144 68.02 -90.72 -52.14
C SER UG 144 67.48 -91.97 -52.80
N ILE UG 145 68.18 -92.40 -53.85
CA ILE UG 145 67.75 -93.50 -54.71
C ILE UG 145 68.85 -94.54 -54.76
N HIS UG 146 68.47 -95.81 -54.64
CA HIS UG 146 69.40 -96.92 -54.78
C HIS UG 146 68.77 -97.97 -55.69
N VAL UG 147 69.63 -98.64 -56.45
CA VAL UG 147 69.20 -99.71 -57.36
C VAL UG 147 70.05 -100.94 -57.08
N TYR UG 148 69.39 -102.07 -56.90
CA TYR UG 148 70.07 -103.35 -56.74
C TYR UG 148 69.72 -104.22 -57.94
N PRO UG 149 70.57 -104.27 -58.95
CA PRO UG 149 70.21 -104.96 -60.19
C PRO UG 149 70.15 -106.47 -60.02
N ASN UG 150 71.06 -107.00 -59.20
CA ASN UG 150 71.08 -108.45 -58.96
C ASN UG 150 69.76 -108.93 -58.39
N SER UG 151 69.21 -108.18 -57.43
CA SER UG 151 67.90 -108.49 -56.89
C SER UG 151 66.77 -107.79 -57.63
N GLN UG 152 67.09 -106.92 -58.59
CA GLN UG 152 66.08 -106.23 -59.41
C GLN UG 152 65.14 -105.40 -58.53
N VAL UG 153 65.72 -104.56 -57.70
CA VAL UG 153 64.97 -103.76 -56.73
C VAL UG 153 65.35 -102.30 -56.88
N VAL UG 154 64.35 -101.42 -56.76
CA VAL UG 154 64.55 -99.98 -56.69
C VAL UG 154 64.07 -99.50 -55.34
N GLU UG 155 64.92 -98.75 -54.65
CA GLU UG 155 64.66 -98.32 -53.28
C GLU UG 155 64.77 -96.81 -53.21
N LEU UG 156 63.78 -96.17 -52.61
CA LEU UG 156 63.79 -94.74 -52.37
C LEU UG 156 63.74 -94.49 -50.88
N ARG UG 157 64.66 -93.65 -50.39
CA ARG UG 157 64.77 -93.39 -48.97
C ARG UG 157 64.60 -91.90 -48.70
N TYR UG 158 63.68 -91.58 -47.78
CA TYR UG 158 63.55 -90.22 -47.30
C TYR UG 158 64.74 -89.84 -46.43
N ALA UG 159 64.96 -88.54 -46.27
CA ALA UG 159 66.05 -88.06 -45.45
C ALA UG 159 65.73 -88.24 -43.98
N LYS UG 160 66.72 -88.72 -43.23
CA LYS UG 160 66.60 -88.82 -41.78
C LYS UG 160 66.94 -87.45 -41.20
N ILE UG 161 65.89 -86.67 -40.91
CA ILE UG 161 66.04 -85.35 -40.35
C ILE UG 161 64.78 -85.06 -39.53
N TYR UG 162 64.82 -83.98 -38.76
CA TYR UG 162 63.69 -83.55 -37.92
C TYR UG 162 63.40 -84.59 -36.85
N ARG VG 207 108.24 -33.37 -14.51
CA ARG VG 207 106.88 -33.75 -14.89
C ARG VG 207 105.83 -32.94 -14.15
N ILE VG 208 104.69 -33.56 -13.86
CA ILE VG 208 103.60 -32.87 -13.18
C ILE VG 208 104.04 -32.50 -11.77
N ILE VG 209 103.83 -31.24 -11.40
CA ILE VG 209 104.22 -30.72 -10.09
C ILE VG 209 102.97 -30.54 -9.25
N TYR VG 210 103.03 -30.99 -8.00
CA TYR VG 210 101.92 -30.86 -7.06
C TYR VG 210 102.20 -29.75 -6.06
N TYR VG 211 101.12 -29.14 -5.56
CA TYR VG 211 101.21 -28.04 -4.61
C TYR VG 211 100.17 -28.26 -3.53
N ILE VG 212 100.42 -27.67 -2.37
CA ILE VG 212 99.50 -27.78 -1.24
C ILE VG 212 98.32 -26.85 -1.47
N GLN VG 213 97.12 -27.36 -1.23
CA GLN VG 213 95.90 -26.55 -1.36
C GLN VG 213 95.13 -26.45 -0.06
N ALA VG 214 94.91 -27.57 0.62
CA ALA VG 214 94.25 -27.59 1.92
C ALA VG 214 95.04 -28.53 2.82
N VAL VG 215 95.69 -27.98 3.84
CA VAL VG 215 96.59 -28.75 4.69
C VAL VG 215 96.07 -28.72 6.12
N ILE VG 216 95.80 -29.90 6.66
CA ILE VG 216 95.49 -30.07 8.08
C ILE VG 216 96.29 -31.24 8.61
N PRO VG 217 96.44 -31.35 9.93
CA PRO VG 217 97.06 -32.55 10.49
C PRO VG 217 96.35 -33.81 10.03
N GLY VG 218 97.13 -34.81 9.65
CA GLY VG 218 96.61 -36.05 9.13
C GLY VG 218 96.38 -36.08 7.63
N ARG VG 219 95.36 -35.38 7.15
CA ARG VG 219 95.03 -35.38 5.73
C ARG VG 219 95.51 -34.08 5.08
N ALA VG 220 96.07 -34.22 3.88
CA ALA VG 220 96.61 -33.08 3.16
C ALA VG 220 96.12 -33.10 1.72
N TRP VG 221 95.74 -31.93 1.22
CA TRP VG 221 95.18 -31.80 -0.12
C TRP VG 221 96.24 -31.28 -1.08
N LEU VG 222 96.43 -32.01 -2.17
CA LEU VG 222 97.44 -31.71 -3.18
C LEU VG 222 96.75 -31.48 -4.52
N ILE VG 223 97.16 -30.42 -5.21
CA ILE VG 223 96.66 -30.09 -6.54
C ILE VG 223 97.84 -30.12 -7.49
N GLY VG 224 97.75 -30.94 -8.53
CA GLY VG 224 98.83 -31.06 -9.49
C GLY VG 224 98.83 -29.93 -10.50
N SER VG 225 99.88 -29.91 -11.32
CA SER VG 225 99.97 -28.91 -12.38
C SER VG 225 98.89 -29.09 -13.44
N ASN VG 226 98.30 -30.28 -13.53
CA ASN VG 226 97.24 -30.55 -14.50
C ASN VG 226 95.86 -30.14 -14.01
N GLY VG 227 95.76 -29.62 -12.80
CA GLY VG 227 94.48 -29.28 -12.22
C GLY VG 227 93.81 -30.39 -11.44
N SER VG 228 94.39 -31.58 -11.41
CA SER VG 228 93.83 -32.68 -10.64
C SER VG 228 94.07 -32.43 -9.16
N THR VG 229 93.00 -32.38 -8.38
CA THR VG 229 93.08 -32.13 -6.95
C THR VG 229 92.59 -33.35 -6.19
N LEU VG 230 93.37 -33.76 -5.18
CA LEU VG 230 93.01 -34.90 -4.35
C LEU VG 230 93.58 -34.66 -2.96
N THR VG 231 93.47 -35.67 -2.10
CA THR VG 231 94.02 -35.61 -0.76
C THR VG 231 94.58 -36.96 -0.37
N VAL VG 232 95.60 -36.94 0.49
CA VAL VG 232 96.27 -38.14 0.95
C VAL VG 232 96.52 -38.02 2.45
N ARG VG 233 97.10 -39.08 3.01
CA ARG VG 233 97.46 -39.18 4.41
C ARG VG 233 98.97 -39.37 4.52
N GLU VG 234 99.43 -39.64 5.75
CA GLU VG 234 100.84 -39.94 5.95
C GLU VG 234 101.27 -41.19 5.20
N GLY VG 235 100.50 -42.27 5.35
CA GLY VG 235 100.82 -43.50 4.64
C GLY VG 235 100.06 -43.62 3.35
N SER VG 236 100.69 -43.26 2.23
CA SER VG 236 100.09 -43.35 0.92
C SER VG 236 101.15 -43.12 -0.15
N LYS VG 237 101.10 -43.93 -1.20
CA LYS VG 237 102.06 -43.82 -2.29
C LYS VG 237 101.63 -42.69 -3.22
N ILE VG 238 102.36 -41.59 -3.18
CA ILE VG 238 102.04 -40.43 -4.02
C ILE VG 238 102.56 -40.69 -5.43
N PRO VG 239 101.68 -40.70 -6.43
CA PRO VG 239 102.15 -40.94 -7.81
C PRO VG 239 103.09 -39.84 -8.26
N GLY VG 240 104.10 -40.23 -9.04
CA GLY VG 240 105.08 -39.30 -9.54
C GLY VG 240 106.18 -39.00 -8.54
N TYR VG 241 105.82 -38.80 -7.28
CA TYR VG 241 106.79 -38.49 -6.24
C TYR VG 241 107.29 -39.69 -5.48
N GLY VG 242 106.43 -40.68 -5.21
CA GLY VG 242 106.86 -41.86 -4.48
C GLY VG 242 105.99 -42.18 -3.28
N MET VG 243 106.57 -42.10 -2.08
CA MET VG 243 105.86 -42.41 -0.84
C MET VG 243 105.97 -41.22 0.10
N VAL VG 244 104.84 -40.82 0.68
CA VAL VG 244 104.83 -39.73 1.65
C VAL VG 244 105.45 -40.24 2.95
N LYS VG 245 106.44 -39.50 3.46
CA LYS VG 245 107.11 -39.90 4.69
C LYS VG 245 106.83 -38.98 5.86
N LEU VG 246 106.47 -37.72 5.61
CA LEU VG 246 106.18 -36.79 6.70
C LEU VG 246 105.29 -35.68 6.19
N ILE VG 247 104.23 -35.40 6.94
CA ILE VG 247 103.32 -34.29 6.66
C ILE VG 247 103.34 -33.34 7.86
N ASP VG 248 103.57 -32.06 7.59
CA ASP VG 248 103.60 -31.04 8.62
C ASP VG 248 102.63 -29.94 8.24
N SER VG 249 101.56 -29.79 9.04
CA SER VG 249 100.63 -28.69 8.80
C SER VG 249 101.30 -27.34 9.00
N LEU VG 250 102.34 -27.29 9.84
CA LEU VG 250 103.10 -26.07 10.04
C LEU VG 250 104.13 -25.90 8.93
N GLN VG 251 104.38 -24.63 8.59
CA GLN VG 251 105.43 -24.24 7.66
C GLN VG 251 105.20 -24.77 6.25
N GLY VG 252 104.07 -25.44 6.02
CA GLY VG 252 103.68 -25.85 4.69
C GLY VG 252 104.66 -26.76 3.97
N ARG VG 253 105.13 -27.80 4.64
CA ARG VG 253 106.11 -28.72 4.09
C ARG VG 253 105.49 -30.10 3.93
N ILE VG 254 105.68 -30.72 2.77
CA ILE VG 254 105.29 -32.11 2.56
C ILE VG 254 106.51 -32.85 2.02
N LEU VG 255 106.83 -33.97 2.66
CA LEU VG 255 108.05 -34.72 2.36
C LEU VG 255 107.70 -36.04 1.70
N THR VG 256 108.49 -36.42 0.69
CA THR VG 256 108.33 -37.68 0.00
C THR VG 256 109.54 -38.58 0.28
N SER VG 257 109.31 -39.90 0.23
CA SER VG 257 110.40 -40.85 0.39
C SER VG 257 111.50 -40.64 -0.64
N SER VG 258 111.16 -40.06 -1.79
CA SER VG 258 112.14 -39.77 -2.83
C SER VG 258 112.87 -38.46 -2.59
N GLY VG 259 112.85 -37.94 -1.36
CA GLY VG 259 113.54 -36.70 -1.07
C GLY VG 259 112.97 -35.48 -1.74
N GLN VG 260 111.70 -35.53 -2.13
CA GLN VG 260 111.05 -34.42 -2.81
C GLN VG 260 110.19 -33.66 -1.81
N VAL VG 261 110.28 -32.33 -1.83
CA VAL VG 261 109.60 -31.47 -0.87
C VAL VG 261 108.61 -30.60 -1.63
N ILE VG 262 107.38 -30.56 -1.15
CA ILE VG 262 106.31 -29.76 -1.74
C ILE VG 262 105.90 -28.69 -0.74
N LYS VG 263 105.87 -27.44 -1.21
CA LYS VG 263 105.36 -26.30 -0.46
C LYS VG 263 104.20 -25.68 -1.24
N PHE VG 264 103.60 -24.65 -0.65
CA PHE VG 264 102.58 -23.90 -1.36
C PHE VG 264 103.20 -23.16 -2.54
N SER VG 265 102.37 -22.87 -3.53
CA SER VG 265 102.80 -22.07 -4.67
C SER VG 265 103.15 -20.66 -4.22
N GLN VG 266 104.11 -20.04 -4.91
CA GLN VG 266 104.54 -18.71 -4.53
C GLN VG 266 103.40 -17.70 -4.66
N GLU VG 267 102.62 -17.80 -5.73
CA GLU VG 267 101.45 -16.95 -5.89
C GLU VG 267 100.23 -17.50 -5.16
N ASP VG 268 100.30 -18.71 -4.63
CA ASP VG 268 99.17 -19.37 -3.97
C ASP VG 268 99.65 -19.88 -2.60
N SER VG 269 99.59 -19.00 -1.61
CA SER VG 269 100.02 -19.35 -0.26
C SER VG 269 99.45 -18.38 0.77
N GLN WG 791 109.58 -8.01 46.04
CA GLN WG 791 109.09 -9.32 45.65
C GLN WG 791 107.65 -9.50 46.10
N GLN WG 792 107.27 -8.77 47.15
CA GLN WG 792 105.88 -8.76 47.60
C GLN WG 792 104.96 -8.07 46.61
N GLU WG 793 105.52 -7.26 45.71
CA GLU WG 793 104.74 -6.55 44.71
C GLU WG 793 104.40 -7.41 43.49
N ILE WG 794 105.02 -8.60 43.38
CA ILE WG 794 104.78 -9.46 42.23
C ILE WG 794 103.32 -9.87 42.16
N GLN WG 795 102.73 -10.22 43.29
CA GLN WG 795 101.34 -10.66 43.30
C GLN WG 795 100.41 -9.56 42.78
N GLN WG 796 100.62 -8.32 43.26
CA GLN WG 796 99.92 -7.20 42.66
C GLN WG 796 100.31 -7.04 41.19
N ARG WG 797 101.61 -7.17 40.90
CA ARG WG 797 102.08 -7.09 39.53
C ARG WG 797 101.54 -8.24 38.69
N THR WG 798 101.03 -9.29 39.33
CA THR WG 798 100.39 -10.40 38.62
C THR WG 798 98.89 -10.20 38.47
N SER WG 799 98.22 -9.72 39.52
CA SER WG 799 96.77 -9.59 39.48
C SER WG 799 96.33 -8.60 38.43
N ASP WG 800 97.01 -7.46 38.33
CA ASP WG 800 96.60 -6.41 37.40
C ASP WG 800 96.68 -6.89 35.96
N MET WG 801 97.79 -7.53 35.58
CA MET WG 801 97.90 -8.05 34.24
C MET WG 801 96.92 -9.18 33.98
N LEU WG 802 96.60 -9.97 35.01
CA LEU WG 802 95.58 -10.99 34.87
C LEU WG 802 94.23 -10.37 34.52
N THR WG 803 93.87 -9.28 35.21
CA THR WG 803 92.69 -8.52 34.81
C THR WG 803 92.85 -7.96 33.42
N ALA WG 804 94.04 -7.45 33.10
CA ALA WG 804 94.31 -7.00 31.74
C ALA WG 804 94.23 -8.15 30.76
N ALA WG 805 94.76 -9.31 31.14
CA ALA WG 805 94.75 -10.46 30.24
C ALA WG 805 93.32 -10.88 29.90
N THR WG 806 92.48 -11.08 30.92
CA THR WG 806 91.10 -11.47 30.65
C THR WG 806 90.34 -10.36 29.94
N GLN WG 807 90.78 -9.11 30.11
CA GLN WG 807 90.16 -8.00 29.42
C GLN WG 807 90.32 -8.14 27.91
N LEU WG 808 91.52 -8.53 27.47
CA LEU WG 808 91.77 -8.61 26.03
C LEU WG 808 91.12 -9.83 25.40
N VAL WG 809 91.12 -10.96 26.12
CA VAL WG 809 90.62 -12.20 25.52
C VAL WG 809 89.13 -12.08 25.21
N GLN WG 810 88.36 -11.49 26.12
CA GLN WG 810 86.95 -11.24 25.81
C GLN WG 810 86.80 -10.31 24.62
N ASP WG 811 87.78 -9.43 24.40
CA ASP WG 811 87.82 -8.66 23.17
C ASP WG 811 88.32 -9.49 22.00
N TRP WG 812 89.23 -10.45 22.26
CA TRP WG 812 89.70 -11.32 21.20
C TRP WG 812 88.58 -12.23 20.69
N LYS WG 813 87.90 -12.91 21.60
CA LYS WG 813 86.92 -13.93 21.18
C LYS WG 813 85.69 -13.29 20.55
N GLN WG 814 85.12 -12.28 21.20
CA GLN WG 814 83.84 -11.76 20.77
C GLN WG 814 83.96 -11.01 19.45
N VAL WG 815 83.01 -11.28 18.55
CA VAL WG 815 82.93 -10.61 17.26
C VAL WG 815 81.53 -10.83 16.68
N GLU WG 816 80.95 -9.79 16.11
CA GLU WG 816 79.61 -9.88 15.55
C GLU WG 816 79.68 -10.27 14.08
N THR WG 817 78.61 -10.93 13.62
CA THR WG 817 78.56 -11.45 12.26
C THR WG 817 78.23 -10.33 11.28
N GLN WG 818 77.96 -10.70 10.03
CA GLN WG 818 77.68 -9.72 8.99
C GLN WG 818 76.22 -9.29 9.02
N VAL WG 819 75.92 -8.21 8.32
CA VAL WG 819 74.57 -7.79 8.01
C VAL WG 819 74.49 -7.61 6.49
N TYR WG 820 73.38 -8.07 5.90
CA TYR WG 820 73.19 -8.03 4.47
C TYR WG 820 72.07 -7.06 4.13
N THR WG 821 72.32 -6.20 3.15
CA THR WG 821 71.33 -5.24 2.68
C THR WG 821 70.91 -5.62 1.27
N GLU WG 822 69.64 -5.42 0.96
CA GLU WG 822 69.09 -5.74 -0.35
C GLU WG 822 68.24 -4.58 -0.85
N GLY WG 823 68.22 -4.39 -2.16
CA GLY WG 823 67.41 -3.37 -2.77
C GLY WG 823 66.67 -3.91 -3.98
N THR WG 824 65.58 -3.23 -4.31
CA THR WG 824 64.77 -3.62 -5.46
C THR WG 824 64.84 -2.56 -6.56
#